data_8V7X
#
_entry.id   8V7X
#
_entity_poly.entity_id   1
_entity_poly.type   'polypeptide(L)'
_entity_poly.pdbx_seq_one_letter_code
;MPWWYRRRSYNPWRRRNWFRRPRKTIYRRYRRRRRWVRRKPFYKRKIKRLNIVEWQPKSIRKCRIKGMLCLFQTTEDRLS
YNFDMYEESIIPEKLPGGGGFSIKNISLYALYQEHIHAHNIFTHTNTDRPLARYTGCSLKFYQSKDIDYVVTYSTSLPLR
SSMGMYNSMQPSIHLMQQNKLIVPSKQTQKRRKPYIKKHISPPTQMKSQWYFQHNIANIPLLMIRTTALTLDNYYIGSRQ
LSTNVTIHTLNTTYIQNRDWGDRNKTYYCQTLGTQRYFLYGTHSTAQNINDIKLQELIPLTNTQDYVQGFDWTEKDKHNI
TTYKEFLTKGAGNPFHAEWITAQNPVIHTANSPTQIEQIYTASTTTFQNKKLTDLPTPGYIFITPTVSLRYNPYKDLAER
NKCYFVRSKINAHGWDPEQHQELINSDLPQWLLLFGYPDYIKRTQNFALVDTNYILVDHCPYTNPEKTPFIPLSTSFIEG
RSPYSPSDTHEPDEEDQNRWYPCYQYQQESINSICLSGPGTPKIPKGITAEAKVKYSFNFKWGGDLPPMSTITNPTDQPT
YVVPNNFNETTSLQNPTTRPEHFLYSFDERRGQLTEKATKRLLKDWETK
;
_entity_poly.pdbx_strand_id   0,1,2,3,4,5,6,7,A,B,C,D,E,F,G,H,I,J,K,L,M,N,O,P,Q,R,S,T,U,V,W,X,Y,Z,a,b,c,d,e,f,g,h,i,j,k,l,m,n,o,p,q,r,s,t,u,v,w,x,y,z
#
# COMPACT_ATOMS: atom_id res chain seq x y z
N LYS A 48 -15.61 -68.68 23.50
CA LYS A 48 -14.47 -69.64 23.46
C LYS A 48 -14.02 -70.03 24.87
N ARG A 49 -13.44 -69.11 25.64
CA ARG A 49 -13.09 -69.32 27.06
C ARG A 49 -13.43 -68.08 27.89
N LEU A 50 -13.86 -68.29 29.12
CA LEU A 50 -14.31 -67.24 30.03
C LEU A 50 -13.51 -67.27 31.33
N ASN A 51 -13.32 -66.11 31.95
CA ASN A 51 -12.84 -66.02 33.32
C ASN A 51 -13.86 -66.64 34.28
N ILE A 52 -13.40 -67.44 35.24
CA ILE A 52 -14.24 -67.87 36.36
C ILE A 52 -14.43 -66.66 37.30
N VAL A 53 -15.66 -66.44 37.73
CA VAL A 53 -16.09 -65.31 38.55
C VAL A 53 -16.81 -65.83 39.78
N GLU A 54 -16.62 -65.16 40.90
CA GLU A 54 -17.31 -65.45 42.16
C GLU A 54 -18.10 -64.22 42.61
N TRP A 55 -19.25 -64.42 43.26
CA TRP A 55 -20.04 -63.33 43.82
C TRP A 55 -19.66 -63.13 45.28
N GLN A 56 -19.24 -61.89 45.58
CA GLN A 56 -18.71 -61.54 46.92
C GLN A 56 -19.78 -61.71 47.98
N PRO A 57 -19.42 -62.20 49.17
CA PRO A 57 -20.38 -62.44 50.26
C PRO A 57 -20.91 -61.13 50.86
N LYS A 58 -22.05 -61.21 51.54
CA LYS A 58 -22.85 -60.06 51.98
C LYS A 58 -22.11 -59.13 52.95
N SER A 59 -21.36 -59.69 53.89
CA SER A 59 -20.50 -58.93 54.82
C SER A 59 -19.10 -59.52 54.88
N ILE A 60 -18.08 -58.65 54.91
CA ILE A 60 -16.66 -59.01 54.86
C ILE A 60 -15.91 -58.25 55.96
N ARG A 61 -14.98 -58.93 56.66
CA ARG A 61 -14.17 -58.32 57.74
C ARG A 61 -12.68 -58.73 57.69
N LYS A 62 -11.78 -57.83 57.30
CA LYS A 62 -10.33 -58.10 57.27
C LYS A 62 -9.82 -58.45 58.66
N CYS A 63 -8.94 -59.44 58.76
CA CYS A 63 -8.27 -59.84 60.00
C CYS A 63 -6.82 -60.19 59.74
N ARG A 64 -5.90 -59.47 60.42
CA ARG A 64 -4.46 -59.79 60.38
C ARG A 64 -4.08 -60.58 61.64
N ILE A 65 -3.84 -61.88 61.51
CA ILE A 65 -3.40 -62.70 62.64
C ILE A 65 -1.92 -62.40 62.87
N LYS A 66 -1.60 -61.60 63.89
CA LYS A 66 -0.27 -61.07 64.18
C LYS A 66 0.32 -61.74 65.40
N GLY A 67 1.59 -62.14 65.35
CA GLY A 67 2.22 -62.79 66.49
C GLY A 67 3.71 -63.04 66.29
N MET A 68 4.30 -63.76 67.23
CA MET A 68 5.73 -64.05 67.29
C MET A 68 5.95 -65.57 67.31
N LEU A 69 6.86 -66.09 66.48
CA LEU A 69 7.17 -67.53 66.39
C LEU A 69 8.65 -67.77 66.70
N CYS A 70 8.94 -68.69 67.61
CA CYS A 70 10.30 -69.14 67.88
C CYS A 70 10.79 -70.08 66.77
N LEU A 71 11.88 -69.74 66.09
CA LEU A 71 12.43 -70.56 65.00
C LEU A 71 13.29 -71.70 65.54
N PHE A 72 14.13 -71.43 66.53
CA PHE A 72 14.85 -72.45 67.29
C PHE A 72 15.23 -71.86 68.64
N GLN A 73 15.51 -72.71 69.61
CA GLN A 73 16.27 -72.35 70.79
C GLN A 73 17.19 -73.51 71.14
N THR A 74 18.49 -73.26 71.15
CA THR A 74 19.52 -74.30 71.08
C THR A 74 20.69 -74.05 72.02
N THR A 75 21.23 -75.12 72.56
CA THR A 75 22.61 -75.20 73.10
C THR A 75 23.52 -75.86 72.05
N GLU A 76 24.82 -75.89 72.29
CA GLU A 76 25.79 -76.53 71.38
C GLU A 76 25.55 -78.05 71.21
N ASP A 77 25.15 -78.73 72.27
CA ASP A 77 24.89 -80.18 72.30
C ASP A 77 23.55 -80.59 71.67
N ARG A 78 22.77 -79.63 71.17
CA ARG A 78 21.51 -79.87 70.45
C ARG A 78 21.48 -79.29 69.04
N LEU A 79 22.59 -78.78 68.52
CA LEU A 79 22.61 -78.10 67.21
C LEU A 79 22.16 -78.96 66.04
N SER A 80 22.48 -80.25 66.04
CA SER A 80 22.13 -81.15 64.94
C SER A 80 20.70 -81.72 65.00
N TYR A 81 19.87 -81.30 65.97
CA TYR A 81 18.52 -81.81 66.19
C TYR A 81 17.43 -80.79 65.86
N ASN A 82 16.27 -81.27 65.46
CA ASN A 82 15.09 -80.47 65.16
C ASN A 82 14.45 -79.93 66.44
N PHE A 83 14.26 -78.61 66.53
CA PHE A 83 13.52 -77.94 67.59
C PHE A 83 12.01 -78.07 67.38
N ASP A 84 11.35 -78.78 68.28
CA ASP A 84 9.91 -78.70 68.49
C ASP A 84 9.63 -77.97 69.80
N MET A 85 8.78 -76.95 69.76
CA MET A 85 8.41 -76.18 70.96
C MET A 85 7.47 -76.97 71.87
N TYR A 86 6.69 -77.88 71.29
CA TYR A 86 5.78 -78.78 71.98
C TYR A 86 6.36 -80.20 71.91
N GLU A 87 6.84 -80.67 73.05
CA GLU A 87 7.92 -81.64 73.17
C GLU A 87 7.54 -83.12 73.21
N GLU A 88 8.51 -83.98 72.91
CA GLU A 88 8.54 -85.34 73.49
C GLU A 88 8.99 -85.15 74.94
N SER A 89 8.14 -85.47 75.93
CA SER A 89 8.16 -84.92 77.30
C SER A 89 9.49 -85.05 78.08
N ILE A 90 10.39 -85.93 77.66
CA ILE A 90 11.73 -86.07 78.23
C ILE A 90 12.70 -84.98 77.75
N ILE A 91 12.56 -84.47 76.51
CA ILE A 91 13.52 -83.53 75.90
C ILE A 91 13.75 -82.28 76.75
N PRO A 92 12.73 -81.52 77.20
CA PRO A 92 12.99 -80.32 77.99
C PRO A 92 13.46 -80.59 79.43
N GLU A 93 13.42 -81.84 79.92
CA GLU A 93 13.93 -82.15 81.26
C GLU A 93 15.46 -82.01 81.29
N LYS A 94 15.94 -80.95 81.95
CA LYS A 94 17.36 -80.57 82.04
C LYS A 94 18.02 -80.25 80.68
N LEU A 95 17.25 -79.84 79.67
CA LEU A 95 17.78 -79.11 78.50
C LEU A 95 17.07 -77.76 78.30
N PRO A 96 17.81 -76.63 78.28
CA PRO A 96 17.21 -75.31 78.09
C PRO A 96 16.87 -74.98 76.63
N GLY A 97 17.41 -75.72 75.66
CA GLY A 97 17.07 -75.61 74.24
C GLY A 97 17.12 -76.96 73.54
N GLY A 98 16.08 -77.29 72.76
CA GLY A 98 15.86 -78.64 72.25
C GLY A 98 16.49 -78.93 70.88
N GLY A 99 16.85 -77.93 70.08
CA GLY A 99 17.33 -78.16 68.72
C GLY A 99 17.81 -76.91 68.01
N GLY A 100 18.77 -77.05 67.10
CA GLY A 100 19.41 -75.95 66.38
C GLY A 100 18.88 -75.69 64.97
N PHE A 101 17.92 -76.48 64.51
CA PHE A 101 17.19 -76.23 63.28
C PHE A 101 15.72 -76.53 63.50
N SER A 102 14.81 -76.00 62.70
CA SER A 102 13.43 -76.47 62.70
C SER A 102 12.83 -76.45 61.31
N ILE A 103 11.81 -77.30 61.12
CA ILE A 103 10.85 -77.14 60.04
C ILE A 103 9.49 -76.84 60.69
N LYS A 104 8.93 -75.67 60.38
CA LYS A 104 7.62 -75.22 60.85
C LYS A 104 6.62 -75.31 59.71
N ASN A 105 5.46 -75.92 59.92
CA ASN A 105 4.31 -75.78 59.04
C ASN A 105 3.25 -74.92 59.75
N ILE A 106 2.76 -73.88 59.07
CA ILE A 106 1.74 -72.99 59.61
C ILE A 106 0.41 -73.22 58.89
N SER A 107 -0.66 -73.41 59.64
CA SER A 107 -2.03 -73.53 59.16
C SER A 107 -2.93 -72.67 60.02
N LEU A 108 -4.12 -72.32 59.54
CA LEU A 108 -5.09 -71.53 60.30
C LEU A 108 -5.47 -72.20 61.63
N TYR A 109 -5.49 -73.53 61.69
CA TYR A 109 -5.67 -74.24 62.95
C TYR A 109 -4.46 -74.13 63.89
N ALA A 110 -3.23 -74.20 63.37
CA ALA A 110 -2.04 -73.93 64.17
C ALA A 110 -2.00 -72.47 64.66
N LEU A 111 -2.44 -71.50 63.87
CA LEU A 111 -2.61 -70.12 64.32
C LEU A 111 -3.64 -69.98 65.44
N TYR A 112 -4.77 -70.70 65.37
CA TYR A 112 -5.71 -70.78 66.47
C TYR A 112 -5.11 -71.43 67.71
N GLN A 113 -4.32 -72.50 67.59
CA GLN A 113 -3.62 -73.11 68.72
C GLN A 113 -2.61 -72.15 69.35
N GLU A 114 -1.88 -71.37 68.57
CA GLU A 114 -1.00 -70.32 69.09
C GLU A 114 -1.78 -69.21 69.80
N HIS A 115 -3.05 -68.98 69.45
CA HIS A 115 -3.93 -67.99 70.16
C HIS A 115 -4.32 -68.55 71.53
N ILE A 116 -4.45 -69.88 71.67
CA ILE A 116 -4.71 -70.50 72.98
C ILE A 116 -3.49 -70.39 73.91
N HIS A 117 -2.28 -70.39 73.37
CA HIS A 117 -1.05 -70.07 74.12
C HIS A 117 -0.82 -68.57 74.32
N ALA A 118 -1.73 -67.71 73.86
CA ALA A 118 -1.61 -66.25 73.86
C ALA A 118 -0.39 -65.72 73.07
N HIS A 119 0.11 -66.49 72.10
CA HIS A 119 1.26 -66.09 71.28
C HIS A 119 0.91 -65.18 70.10
N ASN A 120 -0.38 -65.00 69.79
CA ASN A 120 -0.83 -64.10 68.74
C ASN A 120 -2.14 -63.40 69.11
N ILE A 121 -2.47 -62.37 68.34
CA ILE A 121 -3.76 -61.70 68.34
C ILE A 121 -4.44 -61.94 66.98
N PHE A 122 -5.78 -62.01 66.99
CA PHE A 122 -6.59 -61.90 65.79
C PHE A 122 -7.17 -60.48 65.77
N THR A 123 -6.87 -59.70 64.73
CA THR A 123 -7.32 -58.30 64.64
C THR A 123 -8.85 -58.17 64.56
N HIS A 124 -9.50 -59.23 64.08
CA HIS A 124 -10.98 -59.29 64.07
C HIS A 124 -11.36 -60.75 64.36
N THR A 125 -12.36 -60.98 65.20
CA THR A 125 -12.90 -62.33 65.44
C THR A 125 -13.57 -62.91 64.21
N ASN A 126 -13.71 -64.23 64.19
CA ASN A 126 -14.28 -65.02 63.11
C ASN A 126 -15.56 -65.77 63.52
N THR A 127 -16.16 -65.45 64.67
CA THR A 127 -17.15 -66.33 65.33
C THR A 127 -18.40 -66.59 64.51
N ASP A 128 -18.87 -65.61 63.74
CA ASP A 128 -20.14 -65.66 63.02
C ASP A 128 -20.02 -65.41 61.52
N ARG A 129 -18.78 -65.53 61.00
CA ARG A 129 -18.49 -65.41 59.54
C ARG A 129 -17.73 -66.68 59.18
N PRO A 130 -18.35 -67.72 58.56
CA PRO A 130 -17.73 -69.03 58.38
C PRO A 130 -16.80 -69.14 57.16
N LEU A 131 -16.88 -68.21 56.21
CA LEU A 131 -16.00 -68.17 55.05
C LEU A 131 -14.67 -67.49 55.39
N ALA A 132 -13.61 -67.89 54.71
CA ALA A 132 -12.28 -67.30 54.78
C ALA A 132 -11.70 -67.07 53.40
N ARG A 133 -10.93 -65.98 53.25
CA ARG A 133 -10.23 -65.64 51.99
C ARG A 133 -8.79 -65.24 52.34
N TYR A 134 -7.85 -66.19 52.36
CA TYR A 134 -6.44 -65.98 52.67
C TYR A 134 -5.73 -65.20 51.56
N THR A 135 -4.99 -64.15 51.92
CA THR A 135 -4.38 -63.22 50.95
C THR A 135 -2.85 -63.27 50.94
N GLY A 136 -2.23 -63.96 51.89
CA GLY A 136 -0.78 -64.07 52.01
C GLY A 136 -0.27 -63.67 53.39
N CYS A 137 1.04 -63.67 53.54
CA CYS A 137 1.73 -63.47 54.81
C CYS A 137 2.82 -62.40 54.70
N SER A 138 3.06 -61.64 55.76
CA SER A 138 4.29 -60.88 55.96
C SER A 138 5.09 -61.49 57.10
N LEU A 139 6.38 -61.74 56.88
CA LEU A 139 7.31 -62.15 57.93
C LEU A 139 8.35 -61.05 58.17
N LYS A 140 8.67 -60.77 59.43
CA LYS A 140 9.84 -59.99 59.86
C LYS A 140 10.76 -60.89 60.65
N PHE A 141 11.94 -61.20 60.11
CA PHE A 141 12.95 -62.02 60.75
C PHE A 141 13.90 -61.11 61.51
N TYR A 142 14.06 -61.31 62.82
CA TYR A 142 14.91 -60.44 63.64
C TYR A 142 16.33 -60.98 63.74
N GLN A 143 17.32 -60.08 63.70
CA GLN A 143 18.68 -60.43 64.10
C GLN A 143 18.69 -60.88 65.56
N SER A 144 19.20 -62.08 65.82
CA SER A 144 19.51 -62.48 67.19
C SER A 144 20.73 -61.72 67.71
N LYS A 145 20.90 -61.67 69.03
CA LYS A 145 22.07 -61.04 69.64
C LYS A 145 23.36 -61.80 69.31
N ASP A 146 23.36 -63.11 69.57
CA ASP A 146 24.58 -63.93 69.61
C ASP A 146 24.78 -64.91 68.45
N ILE A 147 23.73 -65.23 67.68
CA ILE A 147 23.81 -66.30 66.64
C ILE A 147 23.26 -65.85 65.29
N ASP A 148 23.89 -66.27 64.20
CA ASP A 148 23.40 -65.96 62.83
C ASP A 148 22.42 -67.08 62.49
N TYR A 149 21.68 -67.01 61.39
CA TYR A 149 20.82 -68.15 61.01
C TYR A 149 20.31 -68.03 59.59
N VAL A 150 20.20 -69.14 58.87
CA VAL A 150 19.69 -69.21 57.51
C VAL A 150 18.22 -69.59 57.59
N VAL A 151 17.37 -68.93 56.81
CA VAL A 151 15.98 -69.31 56.60
C VAL A 151 15.76 -69.64 55.13
N THR A 152 14.93 -70.63 54.85
CA THR A 152 14.26 -70.72 53.56
C THR A 152 12.83 -71.19 53.78
N TYR A 153 11.90 -70.80 52.92
CA TYR A 153 10.50 -71.08 53.09
C TYR A 153 9.91 -71.59 51.77
N SER A 154 8.79 -72.30 51.87
CA SER A 154 8.08 -72.85 50.73
C SER A 154 6.59 -72.72 50.92
N THR A 155 5.82 -72.75 49.83
CA THR A 155 4.34 -72.74 49.90
C THR A 155 3.75 -73.74 48.92
N SER A 156 4.53 -74.75 48.51
CA SER A 156 3.95 -75.84 47.68
C SER A 156 2.87 -76.51 48.53
N LEU A 157 1.59 -76.35 48.18
CA LEU A 157 0.49 -76.89 49.03
C LEU A 157 0.81 -78.34 49.44
N PRO A 158 1.28 -79.23 48.54
CA PRO A 158 1.65 -80.57 48.94
C PRO A 158 2.71 -80.49 50.04
N LEU A 159 2.41 -80.99 51.23
CA LEU A 159 3.35 -80.95 52.38
C LEU A 159 3.89 -82.35 52.65
N ARG A 160 5.22 -82.51 52.68
CA ARG A 160 5.86 -83.82 52.97
C ARG A 160 7.29 -83.60 53.47
N SER A 161 7.89 -84.60 54.13
CA SER A 161 9.29 -84.52 54.63
C SER A 161 10.16 -85.45 53.78
N SER A 162 11.46 -85.19 53.70
CA SER A 162 12.39 -86.03 52.89
C SER A 162 13.74 -86.15 53.60
N MET A 163 14.47 -87.23 53.35
CA MET A 163 15.81 -87.44 53.91
C MET A 163 16.80 -86.38 53.40
N GLY A 164 16.70 -86.02 52.12
CA GLY A 164 17.49 -84.94 51.53
C GLY A 164 17.16 -83.57 52.10
N MET A 165 15.90 -83.29 52.44
CA MET A 165 15.52 -82.07 53.15
C MET A 165 16.24 -81.98 54.50
N TYR A 166 16.16 -83.02 55.33
CA TYR A 166 16.77 -82.99 56.66
C TYR A 166 18.30 -82.90 56.60
N ASN A 167 18.96 -83.59 55.67
CA ASN A 167 20.40 -83.40 55.48
C ASN A 167 20.71 -81.98 55.00
N SER A 168 19.93 -81.43 54.07
CA SER A 168 20.14 -80.08 53.55
C SER A 168 19.92 -78.98 54.59
N MET A 169 19.35 -79.28 55.76
CA MET A 169 19.32 -78.36 56.90
C MET A 169 20.69 -78.10 57.51
N GLN A 170 21.72 -78.88 57.18
CA GLN A 170 23.07 -78.66 57.67
C GLN A 170 23.49 -77.22 57.31
N PRO A 171 24.05 -76.43 58.24
CA PRO A 171 24.17 -74.99 58.04
C PRO A 171 24.93 -74.57 56.78
N SER A 172 26.01 -75.26 56.43
CA SER A 172 26.78 -74.99 55.21
C SER A 172 25.98 -75.32 53.95
N ILE A 173 25.24 -76.43 53.95
CA ILE A 173 24.42 -76.84 52.81
C ILE A 173 23.22 -75.92 52.63
N HIS A 174 22.51 -75.58 53.72
CA HIS A 174 21.41 -74.64 53.69
C HIS A 174 21.89 -73.26 53.21
N LEU A 175 23.03 -72.77 53.70
CA LEU A 175 23.62 -71.53 53.24
C LEU A 175 24.00 -71.53 51.75
N MET A 176 24.23 -72.67 51.11
CA MET A 176 24.45 -72.72 49.66
C MET A 176 23.18 -72.69 48.83
N GLN A 177 22.01 -73.02 49.38
CA GLN A 177 20.77 -73.12 48.61
C GLN A 177 20.31 -71.79 48.01
N GLN A 178 19.59 -71.86 46.89
CA GLN A 178 18.94 -70.71 46.28
C GLN A 178 17.71 -70.28 47.08
N ASN A 179 17.38 -68.98 47.03
CA ASN A 179 16.27 -68.38 47.78
C ASN A 179 16.36 -68.63 49.29
N LYS A 180 17.58 -68.73 49.80
CA LYS A 180 17.90 -68.57 51.22
C LYS A 180 17.71 -67.11 51.64
N LEU A 181 17.55 -66.90 52.94
CA LEU A 181 17.72 -65.63 53.62
C LEU A 181 18.73 -65.84 54.74
N ILE A 182 19.82 -65.08 54.76
CA ILE A 182 20.79 -65.11 55.86
C ILE A 182 20.47 -63.94 56.78
N VAL A 183 20.35 -64.20 58.07
CA VAL A 183 20.18 -63.18 59.09
C VAL A 183 21.42 -63.17 59.97
N PRO A 184 22.36 -62.21 59.77
CA PRO A 184 23.50 -62.05 60.65
C PRO A 184 23.03 -61.67 62.05
N SER A 185 23.73 -62.10 63.08
CA SER A 185 23.53 -61.58 64.42
C SER A 185 23.85 -60.08 64.49
N LYS A 186 23.38 -59.41 65.54
CA LYS A 186 23.73 -58.00 65.80
C LYS A 186 25.23 -57.82 66.02
N GLN A 187 25.92 -58.84 66.53
CA GLN A 187 27.37 -58.88 66.65
C GLN A 187 28.08 -58.96 65.30
N THR A 188 27.66 -59.82 64.37
CA THR A 188 28.33 -59.97 63.08
C THR A 188 28.01 -58.85 62.09
N GLN A 189 26.83 -58.21 62.17
CA GLN A 189 26.53 -57.03 61.37
C GLN A 189 25.51 -56.11 62.05
N LYS A 190 25.90 -54.87 62.36
CA LYS A 190 24.96 -53.79 62.71
C LYS A 190 24.26 -53.29 61.44
N ARG A 191 22.94 -53.10 61.51
CA ARG A 191 22.08 -52.76 60.36
C ARG A 191 21.20 -51.55 60.68
N ARG A 192 20.74 -50.84 59.63
CA ARG A 192 19.76 -49.74 59.75
C ARG A 192 18.45 -50.25 60.35
N LYS A 193 17.86 -51.28 59.73
CA LYS A 193 16.68 -51.97 60.25
C LYS A 193 17.13 -53.26 60.94
N PRO A 194 16.69 -53.54 62.18
CA PRO A 194 17.14 -54.70 62.95
C PRO A 194 16.49 -56.03 62.53
N TYR A 195 15.80 -56.05 61.40
CA TYR A 195 15.03 -57.17 60.88
C TYR A 195 15.09 -57.21 59.35
N ILE A 196 14.80 -58.37 58.77
CA ILE A 196 14.58 -58.51 57.32
C ILE A 196 13.12 -58.88 57.09
N LYS A 197 12.42 -58.11 56.25
CA LYS A 197 10.99 -58.22 56.00
C LYS A 197 10.72 -58.74 54.61
N LYS A 198 9.87 -59.75 54.46
CA LYS A 198 9.38 -60.16 53.14
C LYS A 198 7.97 -60.74 53.14
N HIS A 199 7.28 -60.52 52.03
CA HIS A 199 5.90 -60.91 51.79
C HIS A 199 5.87 -62.24 51.03
N ILE A 200 5.01 -63.15 51.48
CA ILE A 200 4.88 -64.50 50.94
C ILE A 200 3.45 -64.69 50.44
N SER A 201 3.32 -65.07 49.17
CA SER A 201 2.03 -65.28 48.52
C SER A 201 1.36 -66.59 48.98
N PRO A 202 0.05 -66.78 48.88
CA PRO A 202 -0.58 -68.07 49.19
C PRO A 202 -0.01 -69.24 48.39
N PRO A 203 -0.15 -70.48 48.88
CA PRO A 203 0.09 -71.67 48.07
C PRO A 203 -0.60 -71.59 46.72
N THR A 204 0.01 -72.09 45.65
CA THR A 204 -0.60 -72.01 44.30
C THR A 204 -1.95 -72.73 44.22
N GLN A 205 -2.18 -73.71 45.11
CA GLN A 205 -3.46 -74.48 45.19
C GLN A 205 -4.52 -73.68 45.95
N MET A 206 -4.13 -72.75 46.82
CA MET A 206 -5.05 -71.82 47.47
C MET A 206 -5.32 -70.64 46.53
N LYS A 207 -6.44 -70.68 45.83
CA LYS A 207 -6.84 -69.62 44.88
C LYS A 207 -7.43 -68.43 45.65
N SER A 208 -7.66 -67.30 45.00
CA SER A 208 -8.22 -66.10 45.64
C SER A 208 -9.69 -66.25 46.08
N GLN A 209 -10.36 -67.33 45.71
CA GLN A 209 -11.75 -67.60 46.09
C GLN A 209 -11.97 -67.67 47.61
N TRP A 210 -13.23 -67.55 48.04
CA TRP A 210 -13.64 -67.87 49.41
C TRP A 210 -13.66 -69.38 49.64
N TYR A 211 -13.31 -69.80 50.86
CA TYR A 211 -13.37 -71.18 51.32
C TYR A 211 -14.00 -71.24 52.69
N PHE A 212 -14.79 -72.26 53.00
CA PHE A 212 -15.20 -72.49 54.38
C PHE A 212 -13.98 -72.68 55.29
N GLN A 213 -13.98 -72.03 56.46
CA GLN A 213 -12.85 -72.11 57.41
C GLN A 213 -12.66 -73.56 57.88
N HIS A 214 -13.71 -74.39 57.91
CA HIS A 214 -13.61 -75.82 58.29
C HIS A 214 -12.77 -76.59 57.27
N ASN A 215 -12.86 -76.23 55.99
CA ASN A 215 -12.11 -76.92 54.93
C ASN A 215 -10.63 -76.55 54.94
N ILE A 216 -10.32 -75.25 55.00
CA ILE A 216 -8.93 -74.76 54.95
C ILE A 216 -8.20 -74.80 56.31
N ALA A 217 -8.88 -75.09 57.42
CA ALA A 217 -8.29 -75.05 58.75
C ALA A 217 -6.93 -75.76 58.86
N ASN A 218 -6.83 -76.98 58.33
CA ASN A 218 -5.64 -77.83 58.45
C ASN A 218 -4.69 -77.76 57.24
N ILE A 219 -5.04 -77.07 56.16
CA ILE A 219 -4.18 -76.92 54.98
C ILE A 219 -2.94 -76.11 55.35
N PRO A 220 -1.70 -76.63 55.19
CA PRO A 220 -0.50 -75.91 55.57
C PRO A 220 -0.20 -74.81 54.55
N LEU A 221 -0.34 -73.53 54.95
CA LEU A 221 -0.23 -72.37 54.02
C LEU A 221 1.20 -71.81 53.95
N LEU A 222 2.09 -72.25 54.82
CA LEU A 222 3.49 -71.85 54.81
C LEU A 222 4.36 -72.93 55.46
N MET A 223 5.51 -73.23 54.88
CA MET A 223 6.61 -73.94 55.56
C MET A 223 7.80 -73.01 55.76
N ILE A 224 8.33 -72.90 56.97
CA ILE A 224 9.58 -72.19 57.27
C ILE A 224 10.62 -73.22 57.69
N ARG A 225 11.79 -73.22 57.06
CA ARG A 225 12.97 -74.02 57.44
C ARG A 225 14.04 -73.09 57.96
N THR A 226 14.56 -73.32 59.16
CA THR A 226 15.60 -72.47 59.76
C THR A 226 16.72 -73.31 60.33
N THR A 227 17.97 -72.89 60.19
CA THR A 227 19.13 -73.54 60.82
C THR A 227 20.06 -72.49 61.44
N ALA A 228 20.59 -72.78 62.63
CA ALA A 228 21.56 -71.96 63.33
C ALA A 228 22.97 -72.07 62.72
N LEU A 229 23.70 -70.96 62.68
CA LEU A 229 24.85 -70.76 61.82
C LEU A 229 25.92 -69.92 62.54
N THR A 230 27.18 -70.02 62.14
CA THR A 230 28.10 -68.90 62.33
C THR A 230 28.84 -68.58 61.05
N LEU A 231 28.88 -67.31 60.69
CA LEU A 231 29.61 -66.78 59.53
C LEU A 231 31.10 -66.53 59.86
N ASP A 232 31.41 -66.00 61.04
CA ASP A 232 32.77 -65.66 61.47
C ASP A 232 33.61 -66.84 61.97
N ASN A 233 32.98 -67.94 62.36
CA ASN A 233 33.62 -69.17 62.83
C ASN A 233 33.28 -70.35 61.93
N TYR A 234 33.03 -70.10 60.64
CA TYR A 234 32.46 -71.07 59.71
C TYR A 234 33.25 -72.38 59.64
N TYR A 235 34.59 -72.34 59.59
CA TYR A 235 35.42 -73.53 59.53
C TYR A 235 35.79 -74.08 60.91
N ILE A 236 36.29 -73.23 61.79
CA ILE A 236 36.74 -73.65 63.13
C ILE A 236 35.57 -74.12 63.99
N GLY A 237 34.44 -73.42 63.92
CA GLY A 237 33.23 -73.74 64.68
C GLY A 237 33.51 -73.70 66.16
N SER A 238 33.37 -74.84 66.83
CA SER A 238 33.74 -75.03 68.23
C SER A 238 34.89 -76.03 68.45
N ARG A 239 35.72 -76.26 67.42
CA ARG A 239 36.94 -77.08 67.49
C ARG A 239 37.85 -76.63 68.63
N GLN A 240 38.42 -77.60 69.35
CA GLN A 240 39.45 -77.41 70.37
C GLN A 240 40.65 -78.29 70.04
N LEU A 241 41.88 -77.79 70.21
CA LEU A 241 43.12 -78.51 69.87
C LEU A 241 43.13 -78.98 68.41
N SER A 242 43.31 -80.27 68.14
CA SER A 242 43.39 -80.87 66.80
C SER A 242 42.09 -80.73 66.00
N THR A 243 42.19 -80.79 64.67
CA THR A 243 41.01 -80.91 63.79
C THR A 243 40.28 -82.23 63.96
N ASN A 244 40.99 -83.29 64.37
CA ASN A 244 40.42 -84.61 64.63
C ASN A 244 39.48 -84.58 65.84
N VAL A 245 38.31 -85.21 65.70
CA VAL A 245 37.38 -85.50 66.80
C VAL A 245 37.48 -86.98 67.17
N THR A 246 37.39 -87.29 68.46
CA THR A 246 37.41 -88.69 68.95
C THR A 246 36.00 -89.22 69.09
N ILE A 247 35.73 -90.36 68.46
CA ILE A 247 34.46 -91.09 68.54
C ILE A 247 34.68 -92.34 69.38
N HIS A 248 33.83 -92.60 70.37
CA HIS A 248 33.87 -93.89 71.11
C HIS A 248 32.94 -94.83 70.36
N THR A 249 33.21 -96.13 70.33
CA THR A 249 32.32 -97.13 69.72
C THR A 249 32.36 -98.47 70.44
N LEU A 250 31.31 -99.28 70.26
CA LEU A 250 31.31 -100.66 70.80
C LEU A 250 32.18 -101.50 69.85
N ASN A 251 33.21 -102.19 70.36
CA ASN A 251 34.00 -103.12 69.51
C ASN A 251 32.99 -103.96 68.73
N THR A 252 33.05 -103.94 67.38
CA THR A 252 32.11 -104.70 66.53
C THR A 252 32.57 -106.13 66.47
N THR A 253 33.88 -106.38 66.56
CA THR A 253 34.47 -107.72 66.39
C THR A 253 34.25 -108.65 67.60
N TYR A 254 33.61 -108.17 68.68
CA TYR A 254 33.34 -108.97 69.88
C TYR A 254 31.93 -108.76 70.45
N ILE A 255 31.42 -107.52 70.46
CA ILE A 255 30.08 -107.19 70.98
C ILE A 255 29.07 -107.21 69.80
N GLN A 256 28.32 -108.30 69.60
CA GLN A 256 27.41 -108.35 68.43
C GLN A 256 26.05 -108.95 68.75
N ASN A 257 25.87 -109.58 69.90
CA ASN A 257 24.63 -110.33 70.12
C ASN A 257 23.38 -109.49 70.30
N ARG A 258 23.51 -108.21 70.71
CA ARG A 258 22.36 -107.26 70.86
C ARG A 258 21.25 -107.84 71.75
N ASP A 259 21.58 -108.69 72.72
CA ASP A 259 20.58 -109.26 73.66
C ASP A 259 20.49 -108.45 74.96
N TRP A 260 20.18 -107.16 74.85
CA TRP A 260 20.32 -106.21 75.96
C TRP A 260 19.06 -105.98 76.81
N GLY A 261 19.29 -105.52 78.04
CA GLY A 261 18.24 -104.94 78.88
C GLY A 261 17.36 -105.95 79.63
N ASP A 262 17.91 -107.10 80.03
CA ASP A 262 17.27 -108.04 80.96
C ASP A 262 18.21 -108.42 82.11
N ARG A 263 17.68 -108.58 83.33
CA ARG A 263 18.45 -109.15 84.46
C ARG A 263 18.08 -110.65 84.50
N ASN A 264 17.20 -111.09 83.59
CA ASN A 264 16.71 -112.47 83.49
C ASN A 264 17.51 -113.35 82.50
N LYS A 265 18.67 -112.88 82.04
CA LYS A 265 19.48 -113.51 80.98
C LYS A 265 20.97 -113.31 81.24
N THR A 266 21.75 -114.39 81.31
CA THR A 266 23.22 -114.29 81.36
C THR A 266 23.73 -113.76 80.01
N TYR A 267 24.47 -112.65 80.02
CA TYR A 267 24.90 -112.02 78.76
C TYR A 267 26.10 -112.74 78.13
N TYR A 268 26.04 -112.88 76.81
CA TYR A 268 27.09 -113.45 75.98
C TYR A 268 27.30 -112.49 74.81
N CYS A 269 28.55 -112.17 74.47
CA CYS A 269 28.86 -111.05 73.60
C CYS A 269 28.79 -111.38 72.10
N GLN A 270 29.19 -112.59 71.70
CA GLN A 270 29.08 -113.06 70.32
C GLN A 270 28.80 -114.57 70.22
N THR A 271 28.26 -114.99 69.09
CA THR A 271 28.22 -116.39 68.67
C THR A 271 29.12 -116.57 67.43
N LEU A 272 29.91 -117.65 67.41
CA LEU A 272 30.66 -118.06 66.21
C LEU A 272 30.45 -119.56 66.01
N GLY A 273 30.11 -119.99 64.79
CA GLY A 273 29.66 -121.37 64.56
C GLY A 273 28.46 -121.72 65.45
N THR A 274 28.62 -122.73 66.30
CA THR A 274 27.65 -123.09 67.36
C THR A 274 27.97 -122.47 68.74
N GLN A 275 29.15 -121.88 68.92
CA GLN A 275 29.63 -121.41 70.22
C GLN A 275 28.92 -120.13 70.70
N ARG A 276 29.03 -119.88 72.00
CA ARG A 276 28.77 -118.57 72.65
C ARG A 276 30.04 -118.11 73.36
N TYR A 277 30.29 -116.81 73.36
CA TYR A 277 31.46 -116.20 74.01
C TYR A 277 31.03 -115.24 75.10
N PHE A 278 31.82 -115.17 76.17
CA PHE A 278 31.48 -114.59 77.45
C PHE A 278 32.60 -113.69 77.94
N LEU A 279 32.24 -112.70 78.73
CA LEU A 279 33.13 -111.68 79.27
C LEU A 279 33.19 -111.82 80.80
N TYR A 280 34.35 -111.57 81.39
CA TYR A 280 34.55 -111.57 82.83
C TYR A 280 35.42 -110.39 83.25
N GLY A 281 35.05 -109.68 84.30
CA GLY A 281 35.89 -108.63 84.88
C GLY A 281 36.82 -109.19 85.96
N THR A 282 37.95 -108.55 86.21
CA THR A 282 38.75 -108.87 87.40
C THR A 282 39.46 -107.63 87.94
N HIS A 283 39.73 -107.62 89.25
CA HIS A 283 40.53 -106.55 89.88
C HIS A 283 41.95 -107.09 90.07
N SER A 284 42.22 -108.32 89.59
CA SER A 284 43.53 -108.96 89.77
C SER A 284 44.67 -108.15 89.17
N THR A 285 45.78 -108.09 89.90
CA THR A 285 47.06 -107.53 89.43
C THR A 285 47.88 -108.53 88.61
N ALA A 286 47.40 -109.76 88.41
CA ALA A 286 48.11 -110.80 87.66
C ALA A 286 48.43 -110.34 86.23
N GLN A 287 49.69 -110.49 85.84
CA GLN A 287 50.18 -110.07 84.52
C GLN A 287 49.87 -111.08 83.42
N ASN A 288 49.73 -112.36 83.76
CA ASN A 288 49.58 -113.45 82.79
C ASN A 288 48.15 -113.99 82.78
N ILE A 289 47.50 -113.96 81.62
CA ILE A 289 46.12 -114.43 81.43
C ILE A 289 45.93 -115.90 81.80
N ASN A 290 46.99 -116.72 81.73
CA ASN A 290 46.91 -118.14 82.07
C ASN A 290 46.73 -118.41 83.57
N ASP A 291 47.41 -117.66 84.45
CA ASP A 291 47.46 -117.97 85.92
C ASP A 291 46.35 -117.34 86.77
N ILE A 292 45.53 -116.46 86.23
CA ILE A 292 44.36 -115.93 86.95
C ILE A 292 43.51 -117.11 87.45
N LYS A 293 42.97 -117.01 88.68
CA LYS A 293 42.14 -118.07 89.27
C LYS A 293 40.78 -118.18 88.58
N LEU A 294 39.97 -119.18 88.96
CA LEU A 294 38.57 -119.26 88.48
C LEU A 294 37.78 -118.29 89.39
N GLN A 295 38.32 -117.98 90.57
CA GLN A 295 37.67 -117.07 91.56
C GLN A 295 37.79 -115.60 91.15
N GLU A 296 38.96 -115.17 90.68
CA GLU A 296 39.21 -113.74 90.36
C GLU A 296 38.12 -113.19 89.42
N LEU A 297 37.69 -113.98 88.43
CA LEU A 297 36.72 -113.50 87.41
C LEU A 297 35.39 -113.07 88.04
N ILE A 298 34.83 -111.94 87.60
CA ILE A 298 33.50 -111.43 88.05
C ILE A 298 32.58 -111.63 86.84
N PRO A 299 31.80 -112.72 86.76
CA PRO A 299 31.05 -113.05 85.56
C PRO A 299 29.93 -112.04 85.38
N LEU A 300 29.51 -111.80 84.13
CA LEU A 300 28.44 -110.81 83.83
C LEU A 300 27.13 -111.54 83.53
N THR A 301 26.13 -111.43 84.42
CA THR A 301 24.82 -112.11 84.27
C THR A 301 23.74 -111.06 84.07
N ASN A 302 24.12 -109.77 84.03
CA ASN A 302 23.16 -108.68 83.79
C ASN A 302 23.77 -107.71 82.77
N THR A 303 22.97 -107.17 81.85
CA THR A 303 23.35 -105.94 81.12
C THR A 303 22.50 -104.73 81.47
N GLN A 304 21.30 -104.96 82.03
CA GLN A 304 20.28 -103.90 82.30
C GLN A 304 20.63 -102.91 83.41
N ASP A 305 21.66 -103.16 84.22
CA ASP A 305 21.97 -102.26 85.36
C ASP A 305 23.32 -101.57 85.26
N TYR A 306 23.49 -100.47 86.00
CA TYR A 306 24.79 -99.79 86.13
C TYR A 306 25.78 -100.53 87.04
N VAL A 307 25.34 -101.59 87.74
CA VAL A 307 26.09 -102.24 88.82
C VAL A 307 27.45 -102.78 88.33
N GLN A 308 28.50 -102.55 89.13
CA GLN A 308 29.87 -103.03 88.87
C GLN A 308 30.05 -104.52 89.14
N GLY A 309 29.23 -105.08 90.04
CA GLY A 309 29.49 -106.36 90.67
C GLY A 309 30.57 -106.25 91.75
N PHE A 310 31.05 -107.38 92.23
CA PHE A 310 32.15 -107.46 93.19
C PHE A 310 32.86 -108.81 93.10
N ASP A 311 34.08 -108.87 93.65
CA ASP A 311 34.93 -110.06 93.64
C ASP A 311 34.51 -111.11 94.69
N TRP A 312 34.84 -112.38 94.47
CA TRP A 312 34.57 -113.50 95.38
C TRP A 312 35.21 -113.31 96.76
N THR A 313 36.26 -112.49 96.88
CA THR A 313 36.83 -112.09 98.17
C THR A 313 35.84 -111.33 99.07
N GLU A 314 34.74 -110.81 98.52
CA GLU A 314 33.65 -110.17 99.29
C GLU A 314 32.48 -111.13 99.59
N LYS A 315 32.66 -112.45 99.40
CA LYS A 315 31.69 -113.50 99.78
C LYS A 315 31.06 -113.26 101.15
N ASP A 316 31.90 -112.99 102.16
CA ASP A 316 31.47 -112.78 103.54
C ASP A 316 30.81 -111.41 103.80
N LYS A 317 30.94 -110.43 102.88
CA LYS A 317 30.25 -109.13 103.01
C LYS A 317 28.79 -109.19 102.56
N HIS A 318 28.47 -110.13 101.64
CA HIS A 318 27.10 -110.33 101.08
C HIS A 318 26.56 -111.70 101.46
N ASN A 319 27.04 -112.31 102.54
CA ASN A 319 26.57 -113.59 103.10
C ASN A 319 26.41 -114.68 102.02
N ILE A 320 27.28 -114.66 101.01
CA ILE A 320 27.23 -115.59 99.88
C ILE A 320 27.63 -117.00 100.34
N THR A 321 26.81 -117.99 99.98
CA THR A 321 27.06 -119.41 100.30
C THR A 321 27.57 -120.21 99.11
N THR A 322 27.29 -119.80 97.88
CA THR A 322 27.62 -120.54 96.66
C THR A 322 27.98 -119.62 95.50
N TYR A 323 28.63 -120.15 94.47
CA TYR A 323 28.86 -119.42 93.23
C TYR A 323 27.54 -118.98 92.56
N LYS A 324 26.42 -119.71 92.76
CA LYS A 324 25.08 -119.27 92.35
C LYS A 324 24.68 -117.94 92.99
N GLU A 325 24.92 -117.75 94.29
CA GLU A 325 24.71 -116.46 94.95
C GLU A 325 25.77 -115.41 94.58
N PHE A 326 27.00 -115.81 94.25
CA PHE A 326 27.98 -114.90 93.68
C PHE A 326 27.56 -114.37 92.30
N LEU A 327 27.04 -115.23 91.42
CA LEU A 327 26.45 -114.87 90.13
C LEU A 327 25.29 -113.86 90.28
N THR A 328 24.38 -114.07 91.23
CA THR A 328 23.21 -113.20 91.36
C THR A 328 23.52 -111.90 92.10
N LYS A 329 24.28 -111.94 93.19
CA LYS A 329 24.62 -110.72 93.95
C LYS A 329 25.79 -109.93 93.34
N GLY A 330 26.81 -110.61 92.84
CA GLY A 330 28.13 -110.03 92.57
C GLY A 330 28.51 -109.88 91.10
N ALA A 331 27.68 -110.32 90.14
CA ALA A 331 27.98 -110.12 88.72
C ALA A 331 27.99 -108.65 88.31
N GLY A 332 28.88 -108.29 87.37
CA GLY A 332 29.09 -106.92 86.91
C GLY A 332 28.48 -106.65 85.54
N ASN A 333 27.94 -105.46 85.31
CA ASN A 333 27.44 -105.11 83.97
C ASN A 333 28.64 -104.64 83.12
N PRO A 334 28.81 -105.13 81.87
CA PRO A 334 30.01 -104.86 81.08
C PRO A 334 30.18 -103.39 80.72
N PHE A 335 29.08 -102.63 80.75
CA PHE A 335 29.02 -101.21 80.46
C PHE A 335 29.18 -100.31 81.71
N HIS A 336 29.51 -100.86 82.87
CA HIS A 336 29.90 -100.04 84.03
C HIS A 336 31.18 -99.23 83.71
N ALA A 337 31.37 -98.08 84.34
CA ALA A 337 32.41 -97.10 83.99
C ALA A 337 33.85 -97.63 84.00
N GLU A 338 34.15 -98.71 84.74
CA GLU A 338 35.46 -99.37 84.68
C GLU A 338 35.53 -100.53 83.67
N TRP A 339 34.46 -101.28 83.46
CA TRP A 339 34.44 -102.39 82.50
C TRP A 339 34.25 -101.93 81.04
N ILE A 340 33.54 -100.82 80.80
CA ILE A 340 33.22 -100.27 79.47
C ILE A 340 34.47 -100.01 78.62
N THR A 341 35.54 -99.52 79.23
CA THR A 341 36.86 -99.27 78.61
C THR A 341 37.96 -100.14 79.23
N ALA A 342 37.59 -101.16 80.02
CA ALA A 342 38.50 -102.05 80.73
C ALA A 342 39.59 -101.30 81.53
N GLN A 343 39.20 -100.25 82.26
CA GLN A 343 40.11 -99.54 83.18
C GLN A 343 40.74 -100.52 84.18
N ASN A 344 39.92 -101.44 84.70
CA ASN A 344 40.36 -102.67 85.34
C ASN A 344 40.17 -103.81 84.33
N PRO A 345 41.10 -104.77 84.21
CA PRO A 345 41.10 -105.75 83.12
C PRO A 345 39.78 -106.52 82.96
N VAL A 346 39.43 -106.78 81.71
CA VAL A 346 38.25 -107.54 81.28
C VAL A 346 38.70 -108.66 80.35
N ILE A 347 38.19 -109.85 80.57
CA ILE A 347 38.63 -111.09 79.95
C ILE A 347 37.51 -111.65 79.07
N HIS A 348 37.79 -111.92 77.80
CA HIS A 348 36.87 -112.52 76.83
C HIS A 348 37.22 -113.99 76.63
N THR A 349 36.24 -114.90 76.65
CA THR A 349 36.48 -116.35 76.53
C THR A 349 35.30 -117.09 75.92
N ALA A 350 35.56 -118.26 75.34
CA ALA A 350 34.51 -119.21 74.96
C ALA A 350 33.93 -119.96 76.17
N ASN A 351 34.63 -119.99 77.31
CA ASN A 351 34.22 -120.78 78.45
C ASN A 351 33.00 -120.18 79.16
N SER A 352 31.85 -120.84 79.04
CA SER A 352 30.60 -120.39 79.63
C SER A 352 30.67 -120.38 81.16
N PRO A 353 30.04 -119.40 81.84
CA PRO A 353 29.93 -119.38 83.29
C PRO A 353 29.37 -120.68 83.84
N THR A 354 28.49 -121.38 83.13
CA THR A 354 27.93 -122.67 83.58
C THR A 354 28.97 -123.79 83.60
N GLN A 355 29.99 -123.76 82.74
CA GLN A 355 31.12 -124.68 82.92
C GLN A 355 31.91 -124.32 84.19
N ILE A 356 32.10 -123.02 84.47
CA ILE A 356 32.68 -122.57 85.74
C ILE A 356 31.77 -122.94 86.94
N GLU A 357 30.44 -122.88 86.80
CA GLU A 357 29.49 -123.36 87.82
C GLU A 357 29.74 -124.84 88.10
N GLN A 358 29.85 -125.66 87.06
CA GLN A 358 30.13 -127.09 87.22
C GLN A 358 31.47 -127.30 87.96
N ILE A 359 32.53 -126.53 87.65
CA ILE A 359 33.81 -126.65 88.37
C ILE A 359 33.67 -126.22 89.84
N TYR A 360 33.01 -125.10 90.14
CA TYR A 360 32.75 -124.67 91.52
C TYR A 360 31.88 -125.67 92.29
N THR A 361 30.71 -126.01 91.74
CA THR A 361 29.71 -126.84 92.42
C THR A 361 30.21 -128.28 92.59
N ALA A 362 30.97 -128.82 91.63
CA ALA A 362 31.58 -130.13 91.78
C ALA A 362 32.52 -130.18 92.99
N SER A 363 33.36 -129.16 93.19
CA SER A 363 34.05 -128.94 94.47
C SER A 363 34.53 -127.49 94.65
N THR A 364 34.01 -126.83 95.69
CA THR A 364 34.37 -125.46 96.08
C THR A 364 35.83 -125.35 96.53
N THR A 365 36.37 -126.42 97.13
CA THR A 365 37.78 -126.50 97.54
C THR A 365 38.73 -126.53 96.33
N THR A 366 38.34 -127.15 95.21
CA THR A 366 39.16 -127.11 93.97
C THR A 366 38.94 -125.85 93.14
N PHE A 367 37.91 -125.05 93.42
CA PHE A 367 37.76 -123.70 92.82
C PHE A 367 38.89 -122.75 93.26
N GLN A 368 39.40 -122.91 94.48
CA GLN A 368 40.62 -122.25 94.96
C GLN A 368 41.85 -122.69 94.14
N ASN A 369 41.96 -123.98 93.85
CA ASN A 369 43.12 -124.55 93.16
C ASN A 369 43.12 -124.24 91.66
N LYS A 370 41.97 -124.33 90.99
CA LYS A 370 41.86 -124.16 89.52
C LYS A 370 42.17 -122.72 89.10
N LYS A 371 42.97 -122.61 88.03
CA LYS A 371 43.31 -121.36 87.33
C LYS A 371 42.72 -121.36 85.91
N LEU A 372 42.98 -120.32 85.13
CA LEU A 372 42.57 -120.22 83.73
C LEU A 372 43.28 -121.24 82.82
N THR A 373 44.42 -121.80 83.24
CA THR A 373 44.98 -123.02 82.65
C THR A 373 44.07 -124.24 82.83
N ASP A 374 44.08 -125.16 81.88
CA ASP A 374 43.35 -126.44 81.93
C ASP A 374 41.84 -126.31 82.18
N LEU A 375 41.23 -125.18 81.82
CA LEU A 375 39.77 -125.01 81.82
C LEU A 375 39.15 -125.52 80.52
N PRO A 376 37.85 -125.86 80.52
CA PRO A 376 37.13 -126.18 79.29
C PRO A 376 37.07 -124.96 78.36
N THR A 377 37.19 -125.20 77.05
CA THR A 377 37.20 -124.15 75.99
C THR A 377 37.88 -122.85 76.43
N PRO A 378 39.17 -122.85 76.83
CA PRO A 378 39.79 -121.66 77.41
C PRO A 378 40.38 -120.65 76.46
N GLY A 379 39.54 -119.86 75.78
CA GLY A 379 40.00 -118.78 74.88
C GLY A 379 40.14 -117.51 75.67
N TYR A 380 40.72 -117.56 76.87
CA TYR A 380 40.86 -116.37 77.75
C TYR A 380 41.79 -115.35 77.09
N ILE A 381 41.29 -114.16 76.75
CA ILE A 381 42.08 -113.08 76.07
C ILE A 381 41.83 -111.79 76.85
N PHE A 382 42.50 -110.67 76.52
CA PHE A 382 42.21 -109.35 77.15
C PHE A 382 41.55 -108.47 76.09
N ILE A 383 40.23 -108.25 76.18
CA ILE A 383 39.47 -107.50 75.16
C ILE A 383 38.74 -106.32 75.82
N THR A 384 38.69 -105.16 75.16
CA THR A 384 38.01 -103.97 75.67
C THR A 384 36.66 -103.81 74.95
N PRO A 385 35.52 -103.66 75.68
CA PRO A 385 34.20 -103.48 75.03
C PRO A 385 34.13 -102.22 74.17
N THR A 386 34.85 -101.16 74.55
CA THR A 386 34.97 -99.90 73.81
C THR A 386 36.31 -99.77 73.10
N VAL A 387 36.29 -99.19 71.91
CA VAL A 387 37.48 -98.60 71.25
C VAL A 387 37.20 -97.14 70.92
N SER A 388 38.23 -96.30 70.96
CA SER A 388 38.15 -94.89 70.53
C SER A 388 38.76 -94.74 69.14
N LEU A 389 38.00 -94.20 68.19
CA LEU A 389 38.44 -93.85 66.84
C LEU A 389 38.74 -92.35 66.75
N ARG A 390 39.59 -91.95 65.81
CA ARG A 390 39.78 -90.55 65.40
C ARG A 390 39.16 -90.33 64.03
N TYR A 391 38.31 -89.31 63.91
CA TYR A 391 37.69 -88.89 62.66
C TYR A 391 38.18 -87.50 62.28
N ASN A 392 38.55 -87.32 61.02
CA ASN A 392 38.91 -86.02 60.47
C ASN A 392 37.96 -85.68 59.31
N PRO A 393 37.18 -84.59 59.38
CA PRO A 393 36.19 -84.28 58.35
C PRO A 393 36.83 -83.94 57.00
N TYR A 394 38.05 -83.39 57.02
CA TYR A 394 38.75 -82.97 55.77
C TYR A 394 39.34 -84.20 55.08
N LYS A 395 39.48 -85.31 55.81
CA LYS A 395 40.04 -86.57 55.25
C LYS A 395 38.88 -87.47 54.79
N ASP A 396 37.64 -86.99 54.86
CA ASP A 396 36.45 -87.82 54.51
C ASP A 396 36.03 -87.59 53.06
N LEU A 397 35.95 -88.67 52.25
CA LEU A 397 35.64 -88.56 50.83
C LEU A 397 34.25 -89.12 50.48
N ALA A 398 33.51 -89.65 51.46
CA ALA A 398 32.14 -90.11 51.27
C ALA A 398 31.93 -91.18 50.18
N GLU A 399 32.92 -92.01 49.86
CA GLU A 399 32.80 -92.99 48.77
C GLU A 399 32.03 -94.25 49.19
N ARG A 400 32.11 -94.63 50.47
CA ARG A 400 31.44 -95.84 51.03
C ARG A 400 30.81 -95.56 52.40
N ASN A 401 30.48 -94.31 52.66
CA ASN A 401 29.77 -93.89 53.87
C ASN A 401 28.33 -94.39 53.86
N LYS A 402 27.79 -94.74 55.03
CA LYS A 402 26.47 -95.36 55.17
C LYS A 402 25.95 -95.18 56.61
N CYS A 403 24.65 -95.20 56.82
CA CYS A 403 24.04 -94.92 58.12
C CYS A 403 22.62 -95.51 58.21
N TYR A 404 22.27 -96.19 59.31
CA TYR A 404 20.96 -96.79 59.52
C TYR A 404 20.71 -97.15 60.99
N PHE A 405 19.45 -97.43 61.34
CA PHE A 405 19.06 -97.89 62.68
C PHE A 405 18.75 -99.39 62.70
N VAL A 406 19.23 -100.09 63.73
CA VAL A 406 18.94 -101.50 64.01
C VAL A 406 18.22 -101.63 65.34
N ARG A 407 17.43 -102.68 65.53
CA ARG A 407 16.63 -102.92 66.75
C ARG A 407 17.54 -103.35 67.91
N SER A 408 17.54 -102.62 69.02
CA SER A 408 18.41 -102.91 70.17
C SER A 408 17.86 -104.03 71.05
N LYS A 409 16.61 -103.93 71.51
CA LYS A 409 15.91 -105.00 72.25
C LYS A 409 15.25 -106.03 71.32
N ILE A 410 16.06 -106.81 70.60
CA ILE A 410 15.61 -108.06 69.95
C ILE A 410 16.69 -109.13 70.01
N ASN A 411 16.28 -110.38 69.89
CA ASN A 411 17.17 -111.54 69.89
C ASN A 411 17.71 -111.82 68.46
N ALA A 412 18.44 -110.87 67.87
CA ALA A 412 19.03 -111.01 66.54
C ALA A 412 20.53 -110.64 66.52
N HIS A 413 21.32 -111.49 65.88
CA HIS A 413 22.78 -111.34 65.82
C HIS A 413 23.21 -110.33 64.76
N GLY A 414 24.37 -109.69 64.98
CA GLY A 414 25.07 -108.92 63.96
C GLY A 414 24.48 -107.53 63.72
N TRP A 415 25.19 -106.78 62.87
CA TRP A 415 25.00 -105.34 62.68
C TRP A 415 24.60 -104.95 61.25
N ASP A 416 24.35 -105.93 60.38
CA ASP A 416 24.04 -105.64 58.95
C ASP A 416 22.83 -104.71 58.84
N PRO A 417 22.71 -103.86 57.78
CA PRO A 417 21.53 -103.03 57.60
C PRO A 417 20.34 -103.97 57.56
N GLU A 418 19.31 -103.69 58.35
CA GLU A 418 18.13 -104.59 58.44
C GLU A 418 16.83 -103.76 58.45
N GLN A 419 15.67 -104.44 58.44
CA GLN A 419 14.36 -103.75 58.46
C GLN A 419 14.26 -102.83 57.23
N HIS A 420 14.04 -101.52 57.40
CA HIS A 420 13.84 -100.58 56.27
C HIS A 420 15.15 -100.39 55.49
N GLN A 421 15.18 -100.84 54.24
CA GLN A 421 16.38 -100.66 53.36
C GLN A 421 16.21 -99.32 52.61
N GLU A 422 15.00 -98.76 52.57
CA GLU A 422 14.79 -97.44 51.98
C GLU A 422 15.21 -96.30 52.94
N LEU A 423 15.33 -96.58 54.24
CA LEU A 423 15.78 -95.62 55.25
C LEU A 423 17.30 -95.54 55.37
N ILE A 424 18.06 -96.46 54.75
CA ILE A 424 19.52 -96.38 54.72
C ILE A 424 19.94 -95.08 54.03
N ASN A 425 20.83 -94.31 54.69
CA ASN A 425 21.36 -93.02 54.16
C ASN A 425 22.83 -93.24 53.76
N SER A 426 23.23 -92.95 52.52
CA SER A 426 24.54 -93.32 51.97
C SER A 426 25.21 -92.17 51.22
N ASP A 427 26.53 -92.27 51.05
CA ASP A 427 27.33 -91.49 50.10
C ASP A 427 27.35 -89.96 50.33
N LEU A 428 27.36 -89.52 51.59
CA LEU A 428 27.66 -88.14 52.00
C LEU A 428 28.71 -88.18 53.12
N PRO A 429 29.52 -87.13 53.31
CA PRO A 429 30.48 -87.11 54.41
C PRO A 429 29.75 -87.19 55.76
N GLN A 430 30.28 -87.93 56.74
CA GLN A 430 29.59 -88.24 58.03
C GLN A 430 28.97 -87.03 58.76
N TRP A 431 29.56 -85.84 58.69
CA TRP A 431 28.99 -84.63 59.28
C TRP A 431 27.74 -84.14 58.53
N LEU A 432 27.60 -84.44 57.24
CA LEU A 432 26.39 -84.18 56.47
C LEU A 432 25.43 -85.36 56.52
N LEU A 433 25.93 -86.59 56.50
CA LEU A 433 25.12 -87.80 56.50
C LEU A 433 24.31 -87.96 57.80
N LEU A 434 24.89 -87.62 58.95
CA LEU A 434 24.23 -87.76 60.24
C LEU A 434 23.29 -86.57 60.55
N PHE A 435 23.47 -85.40 59.93
CA PHE A 435 22.75 -84.19 60.33
C PHE A 435 21.24 -84.33 60.12
N GLY A 436 20.45 -84.27 61.20
CA GLY A 436 19.00 -84.40 61.14
C GLY A 436 18.48 -85.79 60.75
N TYR A 437 19.34 -86.78 60.52
CA TYR A 437 18.91 -88.13 60.12
C TYR A 437 18.07 -88.83 61.20
N PRO A 438 18.45 -88.83 62.49
CA PRO A 438 17.58 -89.36 63.54
C PRO A 438 16.20 -88.71 63.61
N ASP A 439 16.10 -87.40 63.39
CA ASP A 439 14.81 -86.71 63.38
C ASP A 439 13.98 -87.03 62.15
N TYR A 440 14.60 -87.18 60.98
CA TYR A 440 13.87 -87.70 59.81
C TYR A 440 13.28 -89.08 60.11
N ILE A 441 14.05 -89.95 60.75
CA ILE A 441 13.59 -91.30 61.12
C ILE A 441 12.45 -91.24 62.14
N LYS A 442 12.58 -90.43 63.21
CA LYS A 442 11.49 -90.22 64.17
C LYS A 442 10.22 -89.69 63.52
N ARG A 443 10.33 -88.66 62.67
CA ARG A 443 9.16 -88.04 62.00
C ARG A 443 8.54 -89.04 61.00
N THR A 444 9.37 -89.90 60.40
CA THR A 444 8.88 -90.96 59.49
C THR A 444 8.02 -92.00 60.22
N GLN A 445 8.28 -92.25 61.51
CA GLN A 445 7.42 -93.14 62.36
C GLN A 445 7.39 -94.60 61.85
N ASN A 446 8.34 -95.02 61.02
CA ASN A 446 8.45 -96.41 60.55
C ASN A 446 9.13 -97.35 61.57
N PHE A 447 9.59 -96.82 62.70
CA PHE A 447 10.18 -97.58 63.81
C PHE A 447 9.43 -97.30 65.12
N ALA A 448 9.46 -98.26 66.06
CA ALA A 448 8.92 -98.04 67.40
C ALA A 448 9.67 -96.88 68.08
N LEU A 449 8.92 -95.89 68.56
CA LEU A 449 9.41 -94.52 68.68
C LEU A 449 10.53 -94.33 69.72
N VAL A 450 10.62 -95.20 70.72
CA VAL A 450 11.45 -94.95 71.91
C VAL A 450 12.95 -95.15 71.65
N ASP A 451 13.77 -94.19 72.10
CA ASP A 451 15.24 -94.21 71.86
C ASP A 451 15.90 -95.48 72.40
N THR A 452 15.31 -96.11 73.42
CA THR A 452 15.90 -97.30 74.05
C THR A 452 15.82 -98.56 73.20
N ASN A 453 14.98 -98.57 72.16
CA ASN A 453 14.67 -99.79 71.42
C ASN A 453 15.43 -99.89 70.07
N TYR A 454 16.27 -98.91 69.74
CA TYR A 454 17.08 -98.89 68.53
C TYR A 454 18.51 -98.43 68.82
N ILE A 455 19.42 -98.79 67.94
CA ILE A 455 20.80 -98.29 67.88
C ILE A 455 21.03 -97.72 66.49
N LEU A 456 21.76 -96.62 66.41
CA LEU A 456 22.31 -96.06 65.20
C LEU A 456 23.68 -96.68 64.91
N VAL A 457 23.85 -97.13 63.67
CA VAL A 457 25.03 -97.84 63.15
C VAL A 457 25.49 -97.14 61.88
N ASP A 458 26.79 -96.88 61.71
CA ASP A 458 27.30 -96.23 60.50
C ASP A 458 28.62 -96.82 60.02
N HIS A 459 28.83 -96.83 58.71
CA HIS A 459 30.07 -97.24 58.07
C HIS A 459 30.82 -96.01 57.57
N CYS A 460 32.13 -95.95 57.82
CA CYS A 460 32.99 -94.87 57.38
C CYS A 460 34.42 -95.39 57.21
N PRO A 461 34.95 -95.50 55.98
CA PRO A 461 36.33 -95.87 55.70
C PRO A 461 37.39 -94.95 56.31
N TYR A 462 37.02 -93.72 56.70
CA TYR A 462 37.95 -92.60 56.84
C TYR A 462 38.41 -92.29 58.26
N THR A 463 37.97 -93.05 59.27
CA THR A 463 38.66 -93.01 60.56
C THR A 463 40.05 -93.65 60.46
N ASN A 464 41.01 -93.17 61.24
CA ASN A 464 42.40 -93.64 61.13
C ASN A 464 42.58 -95.09 61.61
N PRO A 465 42.17 -95.46 62.85
CA PRO A 465 41.77 -96.83 63.15
C PRO A 465 40.39 -97.09 62.55
N GLU A 466 39.96 -98.34 62.46
CA GLU A 466 38.66 -98.70 61.89
C GLU A 466 37.95 -99.80 62.69
N LYS A 467 36.62 -99.84 62.54
CA LYS A 467 35.75 -100.97 62.85
C LYS A 467 34.71 -101.05 61.71
N THR A 468 34.29 -102.25 61.32
CA THR A 468 33.52 -102.44 60.08
C THR A 468 32.24 -101.59 60.07
N PRO A 469 31.27 -101.78 60.98
CA PRO A 469 30.41 -100.69 61.42
C PRO A 469 30.99 -99.99 62.66
N PHE A 470 30.42 -98.80 62.92
CA PHE A 470 30.70 -98.07 64.17
C PHE A 470 29.42 -98.07 64.98
N ILE A 471 29.48 -98.15 66.30
CA ILE A 471 28.26 -98.01 67.15
C ILE A 471 28.55 -96.80 68.03
N PRO A 472 28.48 -95.54 67.53
CA PRO A 472 28.92 -94.40 68.32
C PRO A 472 28.31 -94.41 69.72
N LEU A 473 29.08 -94.05 70.75
CA LEU A 473 28.61 -93.91 72.12
C LEU A 473 29.07 -92.58 72.70
N SER A 474 28.19 -91.90 73.43
CA SER A 474 28.53 -90.61 74.02
C SER A 474 29.49 -90.76 75.19
N THR A 475 30.33 -89.76 75.39
CA THR A 475 31.27 -89.68 76.52
C THR A 475 30.55 -89.89 77.85
N SER A 476 29.30 -89.44 78.00
CA SER A 476 28.49 -89.70 79.20
C SER A 476 28.25 -91.19 79.47
N PHE A 477 27.93 -92.00 78.46
CA PHE A 477 27.77 -93.45 78.62
C PHE A 477 29.11 -94.17 78.83
N ILE A 478 30.16 -93.70 78.18
CA ILE A 478 31.54 -94.17 78.38
C ILE A 478 32.09 -93.78 79.75
N GLU A 479 31.49 -92.81 80.44
CA GLU A 479 31.84 -92.35 81.78
C GLU A 479 30.79 -92.69 82.85
N GLY A 480 29.76 -93.48 82.53
CA GLY A 480 28.78 -93.90 83.53
C GLY A 480 27.89 -92.77 84.04
N ARG A 481 27.23 -92.04 83.12
CA ARG A 481 26.40 -90.87 83.49
C ARG A 481 25.19 -90.74 82.54
N SER A 482 24.11 -90.10 82.99
CA SER A 482 22.88 -89.94 82.18
C SER A 482 23.12 -89.12 80.90
N PRO A 483 22.32 -89.33 79.83
CA PRO A 483 22.59 -88.79 78.48
C PRO A 483 22.96 -87.31 78.38
N TYR A 484 22.34 -86.45 79.19
CA TYR A 484 22.61 -85.00 79.26
C TYR A 484 22.81 -84.53 80.71
N SER A 485 23.57 -85.29 81.51
CA SER A 485 23.85 -84.97 82.92
C SER A 485 25.25 -84.37 83.10
N PRO A 486 25.43 -83.35 83.97
CA PRO A 486 26.71 -82.67 84.13
C PRO A 486 27.80 -83.59 84.68
N SER A 487 29.03 -83.38 84.21
CA SER A 487 30.20 -84.24 84.46
C SER A 487 30.58 -84.42 85.93
N ASP A 488 30.08 -83.57 86.84
CA ASP A 488 30.34 -83.73 88.30
C ASP A 488 29.69 -85.03 88.79
N THR A 489 28.67 -85.51 88.08
CA THR A 489 27.95 -86.75 88.39
C THR A 489 28.76 -87.97 87.94
N HIS A 490 28.75 -89.06 88.74
CA HIS A 490 29.51 -90.32 88.43
C HIS A 490 28.58 -91.54 88.51
N GLU A 491 27.26 -91.38 88.33
CA GLU A 491 26.27 -92.44 88.28
C GLU A 491 25.09 -92.00 87.38
N PRO A 492 24.40 -92.92 86.69
CA PRO A 492 23.11 -92.61 86.10
C PRO A 492 22.07 -92.23 87.17
N ASP A 493 21.07 -91.42 86.79
CA ASP A 493 19.83 -91.24 87.55
C ASP A 493 18.97 -92.52 87.49
N GLU A 494 18.07 -92.77 88.44
CA GLU A 494 17.42 -94.08 88.63
C GLU A 494 16.82 -94.70 87.35
N GLU A 495 16.15 -93.90 86.52
CA GLU A 495 15.57 -94.37 85.26
C GLU A 495 16.63 -94.75 84.19
N ASP A 496 17.82 -94.15 84.25
CA ASP A 496 19.00 -94.57 83.47
C ASP A 496 19.88 -95.58 84.22
N GLN A 497 19.72 -95.78 85.53
CA GLN A 497 20.33 -96.94 86.21
C GLN A 497 19.68 -98.23 85.74
N ASN A 498 18.36 -98.20 85.54
CA ASN A 498 17.65 -99.15 84.68
C ASN A 498 17.97 -98.88 83.20
N ARG A 499 17.80 -99.93 82.39
CA ARG A 499 18.01 -99.86 80.92
C ARG A 499 19.43 -99.36 80.61
N TRP A 500 20.44 -99.69 81.42
CA TRP A 500 21.86 -99.25 81.22
C TRP A 500 22.53 -100.12 80.17
N TYR A 501 22.14 -99.99 78.90
CA TYR A 501 22.67 -100.77 77.79
C TYR A 501 22.71 -99.94 76.49
N PRO A 502 23.53 -100.31 75.49
CA PRO A 502 23.62 -99.59 74.22
C PRO A 502 22.26 -99.34 73.53
N CYS A 503 21.93 -98.07 73.34
CA CYS A 503 20.75 -97.64 72.58
C CYS A 503 20.92 -96.17 72.18
N TYR A 504 20.12 -95.71 71.21
CA TYR A 504 20.21 -94.38 70.61
C TYR A 504 20.21 -93.24 71.63
N GLN A 505 19.53 -93.41 72.77
CA GLN A 505 19.48 -92.37 73.84
C GLN A 505 20.91 -92.05 74.34
N TYR A 506 21.80 -93.03 74.41
CA TYR A 506 23.18 -92.82 74.80
C TYR A 506 24.11 -92.44 73.64
N GLN A 507 23.67 -92.53 72.40
CA GLN A 507 24.47 -92.17 71.22
C GLN A 507 24.36 -90.69 70.83
N GLN A 508 23.33 -89.98 71.30
CA GLN A 508 22.96 -88.66 70.79
C GLN A 508 24.08 -87.63 70.79
N GLU A 509 24.82 -87.49 71.89
CA GLU A 509 25.88 -86.49 71.98
C GLU A 509 27.06 -86.84 71.05
N SER A 510 27.35 -88.12 70.81
CA SER A 510 28.41 -88.53 69.88
C SER A 510 28.10 -88.14 68.44
N ILE A 511 26.88 -88.37 67.94
CA ILE A 511 26.54 -87.98 66.57
C ILE A 511 26.37 -86.47 66.43
N ASN A 512 25.95 -85.77 67.49
CA ASN A 512 25.99 -84.31 67.48
C ASN A 512 27.45 -83.83 67.37
N SER A 513 28.38 -84.45 68.10
CA SER A 513 29.81 -84.12 68.04
C SER A 513 30.41 -84.35 66.65
N ILE A 514 30.01 -85.42 65.96
CA ILE A 514 30.38 -85.64 64.55
C ILE A 514 29.79 -84.56 63.64
N CYS A 515 28.54 -84.16 63.81
CA CYS A 515 27.94 -83.06 63.05
C CYS A 515 28.63 -81.71 63.31
N LEU A 516 29.02 -81.43 64.55
CA LEU A 516 29.80 -80.26 64.93
C LEU A 516 31.18 -80.22 64.28
N SER A 517 31.73 -81.35 63.84
CA SER A 517 32.96 -81.33 63.05
C SER A 517 32.75 -80.74 61.65
N GLY A 518 31.52 -80.70 61.15
CA GLY A 518 31.20 -80.12 59.85
C GLY A 518 31.18 -78.59 59.83
N PRO A 519 31.34 -77.98 58.65
CA PRO A 519 31.40 -76.53 58.50
C PRO A 519 30.07 -75.82 58.79
N GLY A 520 30.16 -74.54 59.14
CA GLY A 520 29.05 -73.65 59.45
C GLY A 520 28.41 -73.83 60.82
N THR A 521 28.72 -74.90 61.53
CA THR A 521 28.13 -75.18 62.84
C THR A 521 28.60 -74.18 63.91
N PRO A 522 27.70 -73.55 64.66
CA PRO A 522 28.06 -72.44 65.55
C PRO A 522 28.81 -72.85 66.82
N LYS A 523 29.52 -71.89 67.41
CA LYS A 523 30.13 -71.97 68.74
C LYS A 523 29.22 -71.29 69.77
N ILE A 524 28.70 -72.04 70.74
CA ILE A 524 27.84 -71.50 71.79
C ILE A 524 28.46 -71.83 73.15
N PRO A 525 28.81 -70.84 73.99
CA PRO A 525 29.36 -71.11 75.32
C PRO A 525 28.44 -71.99 76.17
N LYS A 526 29.02 -72.89 76.97
CA LYS A 526 28.22 -73.76 77.87
C LYS A 526 27.42 -72.93 78.86
N GLY A 527 26.15 -73.29 79.04
CA GLY A 527 25.19 -72.55 79.85
C GLY A 527 24.48 -71.38 79.14
N ILE A 528 24.81 -71.09 77.89
CA ILE A 528 24.08 -70.10 77.07
C ILE A 528 23.17 -70.84 76.08
N THR A 529 21.93 -70.37 75.96
CA THR A 529 20.99 -70.84 74.93
C THR A 529 20.84 -69.76 73.89
N ALA A 530 21.16 -70.08 72.63
CA ALA A 530 20.90 -69.19 71.51
C ALA A 530 19.45 -69.38 71.03
N GLU A 531 18.83 -68.31 70.54
CA GLU A 531 17.42 -68.29 70.16
C GLU A 531 17.25 -67.48 68.89
N ALA A 532 16.20 -67.75 68.11
CA ALA A 532 15.79 -66.92 67.00
C ALA A 532 14.28 -66.81 66.93
N LYS A 533 13.76 -65.69 66.46
CA LYS A 533 12.32 -65.45 66.34
C LYS A 533 11.97 -64.72 65.04
N VAL A 534 10.77 -64.95 64.57
CA VAL A 534 10.13 -64.21 63.48
C VAL A 534 8.85 -63.58 64.02
N LYS A 535 8.49 -62.38 63.56
CA LYS A 535 7.15 -61.83 63.73
C LYS A 535 6.38 -62.04 62.44
N TYR A 536 5.21 -62.65 62.54
CA TYR A 536 4.35 -62.95 61.40
C TYR A 536 3.10 -62.08 61.40
N SER A 537 2.54 -61.87 60.22
CA SER A 537 1.23 -61.30 60.02
C SER A 537 0.55 -62.00 58.84
N PHE A 538 -0.36 -62.92 59.12
CA PHE A 538 -1.17 -63.59 58.09
C PHE A 538 -2.41 -62.78 57.79
N ASN A 539 -2.69 -62.53 56.52
CA ASN A 539 -3.80 -61.69 56.10
C ASN A 539 -4.98 -62.55 55.65
N PHE A 540 -6.11 -62.39 56.31
CA PHE A 540 -7.36 -63.08 56.02
C PHE A 540 -8.49 -62.07 55.87
N LYS A 541 -9.56 -62.49 55.21
CA LYS A 541 -10.88 -61.88 55.34
C LYS A 541 -11.84 -62.95 55.82
N TRP A 542 -12.80 -62.57 56.64
CA TRP A 542 -13.90 -63.42 57.07
C TRP A 542 -15.17 -62.97 56.37
N GLY A 543 -15.97 -63.90 55.87
CA GLY A 543 -17.16 -63.62 55.08
C GLY A 543 -18.40 -64.29 55.62
N GLY A 544 -19.54 -63.64 55.51
CA GLY A 544 -20.82 -64.23 55.92
C GLY A 544 -22.00 -63.29 55.72
N ASP A 545 -23.18 -63.80 56.04
CA ASP A 545 -24.36 -62.98 56.31
C ASP A 545 -24.22 -62.22 57.64
N LEU A 546 -24.94 -61.12 57.80
CA LEU A 546 -24.80 -60.23 58.95
C LEU A 546 -25.09 -60.97 60.28
N PRO A 547 -24.21 -60.86 61.30
CA PRO A 547 -24.38 -61.54 62.57
C PRO A 547 -25.30 -60.75 63.54
N PRO A 548 -25.79 -61.41 64.62
CA PRO A 548 -26.48 -60.75 65.73
C PRO A 548 -25.52 -60.00 66.68
N MET A 549 -26.07 -59.18 67.59
CA MET A 549 -25.31 -58.34 68.54
C MET A 549 -26.12 -58.04 69.82
N SER A 550 -25.49 -57.63 70.91
CA SER A 550 -26.14 -57.29 72.19
C SER A 550 -25.60 -56.00 72.84
N THR A 551 -26.33 -55.46 73.82
CA THR A 551 -26.13 -54.11 74.39
C THR A 551 -26.20 -54.10 75.92
N ILE A 552 -25.69 -53.02 76.52
CA ILE A 552 -25.51 -52.84 77.97
C ILE A 552 -26.36 -51.66 78.47
N THR A 553 -26.90 -51.74 79.69
CA THR A 553 -27.70 -50.64 80.28
C THR A 553 -26.88 -49.35 80.37
N ASN A 554 -27.49 -48.19 80.12
CA ASN A 554 -26.81 -46.91 80.30
C ASN A 554 -26.50 -46.55 81.77
N PRO A 555 -27.41 -46.72 82.76
CA PRO A 555 -27.15 -46.29 84.12
C PRO A 555 -26.01 -47.05 84.78
N THR A 556 -25.95 -48.38 84.61
CA THR A 556 -24.83 -49.20 85.16
C THR A 556 -23.79 -49.37 84.07
N ASP A 557 -22.97 -48.34 83.83
CA ASP A 557 -21.96 -48.37 82.74
C ASP A 557 -20.72 -47.60 83.20
N GLN A 558 -19.66 -47.55 82.38
CA GLN A 558 -18.41 -46.83 82.73
C GLN A 558 -18.80 -45.47 83.35
N PRO A 559 -18.54 -45.23 84.65
CA PRO A 559 -18.97 -43.99 85.29
C PRO A 559 -17.98 -42.85 85.07
N THR A 560 -18.49 -41.63 84.88
CA THR A 560 -17.62 -40.46 84.73
C THR A 560 -16.82 -40.21 86.01
N TYR A 561 -15.64 -39.60 85.93
CA TYR A 561 -14.79 -39.33 87.10
C TYR A 561 -15.53 -38.56 88.21
N VAL A 562 -16.51 -37.73 87.83
CA VAL A 562 -17.39 -36.99 88.75
C VAL A 562 -18.16 -37.94 89.67
N LYS B 48 -67.93 17.23 -24.53
CA LYS B 48 -68.26 18.69 -24.49
C LYS B 48 -68.39 19.28 -25.89
N ARG B 49 -67.30 19.39 -26.65
CA ARG B 49 -67.30 19.82 -28.05
C ARG B 49 -66.33 18.97 -28.88
N LEU B 50 -66.69 18.69 -30.12
CA LEU B 50 -65.94 17.82 -31.03
C LEU B 50 -65.58 18.57 -32.31
N ASN B 51 -64.45 18.21 -32.91
CA ASN B 51 -64.13 18.63 -34.27
C ASN B 51 -65.13 18.00 -35.26
N ILE B 52 -65.60 18.78 -36.22
CA ILE B 52 -66.35 18.24 -37.36
C ILE B 52 -65.35 17.53 -38.29
N VAL B 53 -65.69 16.34 -38.73
CA VAL B 53 -64.86 15.46 -39.54
C VAL B 53 -65.63 15.06 -40.80
N GLU B 54 -64.92 14.94 -41.92
CA GLU B 54 -65.47 14.47 -43.19
C GLU B 54 -64.72 13.21 -43.64
N TRP B 55 -65.40 12.29 -44.30
CA TRP B 55 -64.78 11.10 -44.88
C TRP B 55 -64.40 11.37 -46.33
N GLN B 56 -63.10 11.19 -46.60
CA GLN B 56 -62.52 11.52 -47.92
C GLN B 56 -63.14 10.65 -49.01
N PRO B 57 -63.39 11.20 -50.20
CA PRO B 57 -64.01 10.46 -51.30
C PRO B 57 -63.07 9.41 -51.91
N LYS B 58 -63.65 8.44 -52.60
CA LYS B 58 -62.97 7.21 -53.04
C LYS B 58 -61.80 7.46 -53.99
N SER B 59 -61.94 8.39 -54.93
CA SER B 59 -60.85 8.83 -55.82
C SER B 59 -60.75 10.35 -55.87
N ILE B 60 -59.52 10.86 -55.88
CA ILE B 60 -59.20 12.29 -55.81
C ILE B 60 -58.16 12.63 -56.88
N ARG B 61 -58.34 13.77 -57.57
CA ARG B 61 -57.40 14.23 -58.63
C ARG B 61 -57.11 15.74 -58.56
N LYS B 62 -55.91 16.15 -58.14
CA LYS B 62 -55.49 17.56 -58.08
C LYS B 62 -55.55 18.19 -59.47
N CYS B 63 -56.04 19.42 -59.57
CA CYS B 63 -56.08 20.20 -60.79
C CYS B 63 -55.74 21.67 -60.50
N ARG B 64 -54.68 22.17 -61.17
CA ARG B 64 -54.31 23.61 -61.11
C ARG B 64 -54.81 24.32 -62.37
N ILE B 65 -55.88 25.11 -62.26
CA ILE B 65 -56.39 25.89 -63.39
C ILE B 65 -55.44 27.07 -63.58
N LYS B 66 -54.57 27.00 -64.59
CA LYS B 66 -53.50 27.95 -64.85
C LYS B 66 -53.81 28.80 -66.06
N GLY B 67 -53.59 30.11 -65.99
CA GLY B 67 -53.86 30.99 -67.13
C GLY B 67 -53.43 32.42 -66.91
N MET B 68 -53.79 33.29 -67.84
CA MET B 68 -53.41 34.69 -67.88
C MET B 68 -54.66 35.57 -67.91
N LEU B 69 -54.74 36.61 -67.08
CA LEU B 69 -55.87 37.53 -66.99
C LEU B 69 -55.42 38.96 -67.29
N CYS B 70 -56.09 39.65 -68.20
CA CYS B 70 -55.88 41.07 -68.44
C CYS B 70 -56.52 41.92 -67.34
N LEU B 71 -55.74 42.74 -66.63
CA LEU B 71 -56.24 43.58 -65.55
C LEU B 71 -56.86 44.87 -66.07
N PHE B 72 -56.23 45.51 -67.05
CA PHE B 72 -56.80 46.62 -67.80
C PHE B 72 -56.08 46.69 -69.15
N GLN B 73 -56.70 47.35 -70.13
CA GLN B 73 -56.00 47.88 -71.28
C GLN B 73 -56.62 49.22 -71.63
N THR B 74 -55.82 50.28 -71.61
CA THR B 74 -56.28 51.66 -71.54
C THR B 74 -55.52 52.60 -72.45
N THR B 75 -56.21 53.58 -72.99
CA THR B 75 -55.66 54.84 -73.51
C THR B 75 -55.86 55.94 -72.46
N GLU B 76 -55.30 57.13 -72.67
CA GLU B 76 -55.46 58.26 -71.75
C GLU B 76 -56.92 58.73 -71.60
N ASP B 77 -57.69 58.70 -72.68
CA ASP B 77 -59.10 59.12 -72.73
C ASP B 77 -60.08 58.10 -72.12
N ARG B 78 -59.58 56.97 -71.63
CA ARG B 78 -60.37 55.94 -70.94
C ARG B 78 -59.89 55.63 -69.52
N LEU B 79 -58.94 56.39 -68.97
CA LEU B 79 -58.35 56.08 -67.66
C LEU B 79 -59.35 56.06 -66.49
N SER B 80 -60.35 56.92 -66.50
CA SER B 80 -61.35 57.00 -65.42
C SER B 80 -62.49 55.99 -65.52
N TYR B 81 -62.46 55.07 -66.50
CA TYR B 81 -63.53 54.10 -66.74
C TYR B 81 -63.11 52.66 -66.43
N ASN B 82 -64.07 51.83 -66.06
CA ASN B 82 -63.88 50.43 -65.76
C ASN B 82 -63.67 49.61 -67.06
N PHE B 83 -62.58 48.86 -67.13
CA PHE B 83 -62.30 47.90 -68.20
C PHE B 83 -63.09 46.61 -68.01
N ASP B 84 -64.01 46.36 -68.94
CA ASP B 84 -64.59 45.03 -69.16
C ASP B 84 -64.03 44.47 -70.48
N MET B 85 -63.49 43.25 -70.44
CA MET B 85 -62.96 42.60 -71.64
C MET B 85 -64.07 42.11 -72.58
N TYR B 86 -65.24 41.82 -72.02
CA TYR B 86 -66.45 41.41 -72.73
C TYR B 86 -67.45 42.57 -72.67
N GLU B 87 -67.65 43.22 -73.80
CA GLU B 87 -68.02 44.63 -73.91
C GLU B 87 -69.52 44.95 -73.99
N GLU B 88 -69.85 46.20 -73.68
CA GLU B 88 -71.04 46.85 -74.27
C GLU B 88 -70.63 47.18 -75.71
N SER B 89 -71.29 46.58 -76.71
CA SER B 89 -70.77 46.37 -78.07
C SER B 89 -70.27 47.62 -78.83
N ILE B 90 -70.66 48.82 -78.41
CA ILE B 90 -70.16 50.09 -78.96
C ILE B 90 -68.76 50.46 -78.43
N ILE B 91 -68.39 50.08 -77.20
CA ILE B 91 -67.14 50.52 -76.56
C ILE B 91 -65.90 50.16 -77.39
N PRO B 92 -65.68 48.91 -77.87
CA PRO B 92 -64.47 48.61 -78.64
C PRO B 92 -64.49 49.18 -80.06
N GLU B 93 -65.60 49.70 -80.57
CA GLU B 93 -65.62 50.32 -81.90
C GLU B 93 -64.81 51.62 -81.90
N LYS B 94 -63.64 51.58 -82.54
CA LYS B 94 -62.67 52.67 -82.60
C LYS B 94 -62.11 53.11 -81.23
N LEU B 95 -62.09 52.22 -80.23
CA LEU B 95 -61.23 52.35 -79.04
C LEU B 95 -60.34 51.11 -78.84
N PRO B 96 -59.00 51.26 -78.79
CA PRO B 96 -58.10 50.13 -78.60
C PRO B 96 -57.99 49.66 -77.13
N GLY B 97 -58.42 50.48 -76.17
CA GLY B 97 -58.50 50.10 -74.75
C GLY B 97 -59.70 50.75 -74.06
N GLY B 98 -60.47 49.95 -73.32
CA GLY B 98 -61.78 50.37 -72.81
C GLY B 98 -61.78 51.03 -71.44
N GLY B 99 -60.74 50.89 -70.63
CA GLY B 99 -60.75 51.41 -69.27
C GLY B 99 -59.44 51.28 -68.53
N GLY B 100 -59.15 52.19 -67.60
CA GLY B 100 -57.88 52.25 -66.85
C GLY B 100 -57.92 51.65 -65.46
N PHE B 101 -59.07 51.14 -65.02
CA PHE B 101 -59.19 50.35 -63.80
C PHE B 101 -60.12 49.19 -64.06
N SER B 102 -60.07 48.12 -63.26
CA SER B 102 -61.11 47.10 -63.29
C SER B 102 -61.40 46.55 -61.91
N ILE B 103 -62.60 46.02 -61.75
CA ILE B 103 -62.93 45.07 -60.68
C ILE B 103 -63.24 43.74 -61.36
N LYS B 104 -62.48 42.70 -61.05
CA LYS B 104 -62.64 41.32 -61.53
C LYS B 104 -63.19 40.47 -60.41
N ASN B 105 -64.26 39.72 -60.65
CA ASN B 105 -64.66 38.60 -59.79
C ASN B 105 -64.36 37.29 -60.50
N ILE B 106 -63.66 36.38 -59.83
CA ILE B 106 -63.31 35.06 -60.37
C ILE B 106 -64.14 33.98 -59.68
N SER B 107 -64.77 33.12 -60.45
CA SER B 107 -65.50 31.95 -59.99
C SER B 107 -65.13 30.76 -60.87
N LEU B 108 -65.36 29.53 -60.40
CA LEU B 108 -65.08 28.32 -61.17
C LEU B 108 -65.82 28.30 -62.51
N TYR B 109 -67.02 28.87 -62.60
CA TYR B 109 -67.71 29.04 -63.87
C TYR B 109 -67.05 30.09 -64.78
N ALA B 110 -66.56 31.21 -64.24
CA ALA B 110 -65.78 32.16 -65.01
C ALA B 110 -64.44 31.55 -65.49
N LEU B 111 -63.79 30.70 -64.70
CA LEU B 111 -62.62 29.95 -65.13
C LEU B 111 -62.94 28.97 -66.26
N TYR B 112 -64.09 28.29 -66.22
CA TYR B 112 -64.58 27.49 -67.34
C TYR B 112 -64.86 28.34 -68.58
N GLN B 113 -65.46 29.52 -68.45
CA GLN B 113 -65.67 30.43 -69.58
C GLN B 113 -64.35 30.91 -70.18
N GLU B 114 -63.33 31.20 -69.38
CA GLU B 114 -61.99 31.53 -69.88
C GLU B 114 -61.34 30.33 -70.58
N HIS B 115 -61.71 29.10 -70.25
CA HIS B 115 -61.22 27.88 -70.96
C HIS B 115 -61.87 27.79 -72.36
N ILE B 116 -63.11 28.27 -72.51
CA ILE B 116 -63.76 28.33 -73.83
C ILE B 116 -63.09 29.38 -74.73
N HIS B 117 -62.55 30.46 -74.17
CA HIS B 117 -61.71 31.42 -74.89
C HIS B 117 -60.26 30.95 -75.08
N ALA B 118 -59.91 29.75 -74.62
CA ALA B 118 -58.55 29.21 -74.60
C ALA B 118 -57.56 30.04 -73.79
N HIS B 119 -58.02 30.82 -72.80
CA HIS B 119 -57.17 31.67 -71.97
C HIS B 119 -56.53 30.92 -70.79
N ASN B 120 -56.96 29.70 -70.50
CA ASN B 120 -56.38 28.87 -69.46
C ASN B 120 -56.33 27.38 -69.83
N ILE B 121 -55.57 26.63 -69.06
CA ILE B 121 -55.55 25.16 -69.07
C ILE B 121 -56.09 24.64 -67.74
N PHE B 122 -56.76 23.50 -67.77
CA PHE B 122 -57.05 22.70 -66.57
C PHE B 122 -56.05 21.55 -66.55
N THR B 123 -55.23 21.46 -65.50
CA THR B 123 -54.19 20.42 -65.40
C THR B 123 -54.76 19.00 -65.34
N HIS B 124 -56.01 18.89 -64.90
CA HIS B 124 -56.74 17.60 -64.90
C HIS B 124 -58.20 17.92 -65.22
N THR B 125 -58.84 17.14 -66.08
CA THR B 125 -60.28 17.27 -66.35
C THR B 125 -61.12 16.91 -65.13
N ASN B 126 -62.36 17.38 -65.13
CA ASN B 126 -63.34 17.20 -64.06
C ASN B 126 -64.58 16.42 -64.51
N THR B 127 -64.55 15.74 -65.67
CA THR B 127 -65.76 15.27 -66.36
C THR B 127 -66.58 14.26 -65.56
N ASP B 128 -65.92 13.39 -64.79
CA ASP B 128 -66.56 12.27 -64.11
C ASP B 128 -66.31 12.26 -62.59
N ARG B 129 -65.86 13.40 -62.04
CA ARG B 129 -65.65 13.59 -60.58
C ARG B 129 -66.45 14.84 -60.22
N PRO B 130 -67.66 14.74 -59.62
CA PRO B 130 -68.57 15.89 -59.45
C PRO B 130 -68.27 16.75 -58.22
N LEU B 131 -67.48 16.25 -57.25
CA LEU B 131 -67.08 17.01 -56.08
C LEU B 131 -65.87 17.89 -56.38
N ALA B 132 -65.75 19.01 -55.69
CA ALA B 132 -64.63 19.92 -55.74
C ALA B 132 -64.20 20.33 -54.34
N ARG B 133 -62.88 20.53 -54.17
CA ARG B 133 -62.28 20.99 -52.89
C ARG B 133 -61.26 22.11 -53.21
N TYR B 134 -61.69 23.37 -53.21
CA TYR B 134 -60.86 24.52 -53.50
C TYR B 134 -59.87 24.81 -52.37
N THR B 135 -58.59 25.00 -52.71
CA THR B 135 -57.50 25.11 -51.72
C THR B 135 -56.87 26.50 -51.67
N GLY B 136 -57.18 27.38 -52.63
CA GLY B 136 -56.63 28.72 -52.72
C GLY B 136 -56.01 29.01 -54.08
N CYS B 137 -55.42 30.18 -54.21
CA CYS B 137 -54.90 30.72 -55.47
C CYS B 137 -53.47 31.21 -55.32
N SER B 138 -52.67 31.09 -56.38
CA SER B 138 -51.42 31.86 -56.55
C SER B 138 -51.60 32.86 -57.67
N LEU B 139 -51.23 34.11 -57.44
CA LEU B 139 -51.16 35.15 -58.47
C LEU B 139 -49.71 35.58 -58.68
N LYS B 140 -49.29 35.75 -59.94
CA LYS B 140 -48.06 36.45 -60.34
C LYS B 140 -48.45 37.69 -61.11
N PHE B 141 -48.19 38.86 -60.56
CA PHE B 141 -48.45 40.15 -61.19
C PHE B 141 -47.21 40.60 -61.93
N TYR B 142 -47.29 40.84 -63.23
CA TYR B 142 -46.11 41.23 -64.02
C TYR B 142 -45.95 42.73 -64.11
N GLN B 143 -44.72 43.21 -64.04
CA GLN B 143 -44.41 44.58 -64.42
C GLN B 143 -44.78 44.82 -65.87
N SER B 144 -45.60 45.81 -66.15
CA SER B 144 -45.81 46.28 -67.52
C SER B 144 -44.57 47.04 -68.01
N LYS B 145 -44.42 47.17 -69.32
CA LYS B 145 -43.33 47.95 -69.90
C LYS B 145 -43.43 49.44 -69.56
N ASP B 146 -44.60 50.04 -69.83
CA ASP B 146 -44.77 51.50 -69.86
C ASP B 146 -45.58 52.11 -68.71
N ILE B 147 -46.36 51.29 -67.96
CA ILE B 147 -47.30 51.84 -66.93
C ILE B 147 -47.15 51.13 -65.59
N ASP B 148 -47.26 51.87 -64.48
CA ASP B 148 -47.24 51.28 -63.12
C ASP B 148 -48.69 50.90 -62.82
N TYR B 149 -48.97 50.21 -61.72
CA TYR B 149 -50.39 49.94 -61.37
C TYR B 149 -50.53 49.41 -59.96
N VAL B 150 -51.58 49.82 -59.27
CA VAL B 150 -51.91 49.37 -57.91
C VAL B 150 -52.90 48.23 -58.02
N VAL B 151 -52.71 47.17 -57.25
CA VAL B 151 -53.68 46.09 -57.07
C VAL B 151 -54.10 46.03 -55.61
N THR B 152 -55.37 45.74 -55.35
CA THR B 152 -55.77 45.16 -54.08
C THR B 152 -56.83 44.10 -54.33
N TYR B 153 -56.91 43.08 -53.49
CA TYR B 153 -57.80 41.95 -53.67
C TYR B 153 -58.54 41.65 -52.38
N SER B 154 -59.67 40.97 -52.51
CA SER B 154 -60.50 40.57 -51.38
C SER B 154 -61.06 39.18 -51.60
N THR B 155 -61.45 38.49 -50.52
CA THR B 155 -62.10 37.16 -50.61
C THR B 155 -63.28 37.09 -49.66
N SER B 156 -63.84 38.23 -49.25
CA SER B 156 -65.08 38.20 -48.43
C SER B 156 -66.15 37.54 -49.32
N LEU B 157 -66.59 36.32 -48.98
CA LEU B 157 -67.56 35.59 -49.86
C LEU B 157 -68.70 36.53 -50.27
N PRO B 158 -69.30 37.34 -49.37
CA PRO B 158 -70.32 38.28 -49.80
C PRO B 158 -69.75 39.21 -50.86
N LEU B 159 -70.31 39.17 -52.08
CA LEU B 159 -69.82 40.00 -53.21
C LEU B 159 -70.84 41.13 -53.48
N ARG B 160 -70.38 42.39 -53.49
CA ARG B 160 -71.26 43.55 -53.78
C ARG B 160 -70.40 44.74 -54.25
N SER B 161 -71.02 45.72 -54.91
CA SER B 161 -70.31 46.95 -55.38
C SER B 161 -70.77 48.13 -54.53
N SER B 162 -69.94 49.17 -54.42
CA SER B 162 -70.28 50.37 -53.61
C SER B 162 -69.78 51.64 -54.30
N MET B 163 -70.42 52.77 -54.04
CA MET B 163 -69.99 54.07 -54.58
C MET B 163 -68.62 54.47 -54.05
N GLY B 164 -68.35 54.21 -52.77
CA GLY B 164 -67.05 54.42 -52.14
C GLY B 164 -65.96 53.52 -52.71
N MET B 165 -66.27 52.27 -53.06
CA MET B 165 -65.33 51.40 -53.77
C MET B 165 -64.92 52.01 -55.10
N TYR B 166 -65.86 52.41 -55.95
CA TYR B 166 -65.54 52.96 -57.27
C TYR B 166 -64.77 54.28 -57.18
N ASN B 167 -65.11 55.18 -56.24
CA ASN B 167 -64.29 56.38 -56.02
C ASN B 167 -62.88 56.00 -55.51
N SER B 168 -62.77 55.04 -54.60
CA SER B 168 -61.48 54.62 -54.07
C SER B 168 -60.57 53.93 -55.09
N MET B 169 -61.08 53.58 -56.27
CA MET B 169 -60.26 53.14 -57.40
C MET B 169 -59.40 54.26 -57.99
N GLN B 170 -59.64 55.53 -57.65
CA GLN B 170 -58.82 56.64 -58.12
C GLN B 170 -57.36 56.37 -57.73
N PRO B 171 -56.37 56.52 -58.64
CA PRO B 171 -55.04 55.99 -58.42
C PRO B 171 -54.34 56.46 -57.15
N SER B 172 -54.48 57.73 -56.78
CA SER B 172 -53.92 58.29 -55.54
C SER B 172 -54.59 57.70 -54.30
N ILE B 173 -55.92 57.53 -54.33
CA ILE B 173 -56.68 56.97 -53.21
C ILE B 173 -56.40 55.48 -53.04
N HIS B 174 -56.40 54.72 -54.13
CA HIS B 174 -56.05 53.31 -54.11
C HIS B 174 -54.62 53.11 -53.62
N LEU B 175 -53.65 53.91 -54.08
CA LEU B 175 -52.28 53.87 -53.59
C LEU B 175 -52.14 54.19 -52.10
N MET B 176 -53.06 54.92 -51.47
CA MET B 176 -53.04 55.12 -50.01
C MET B 176 -53.60 53.95 -49.21
N GLN B 177 -54.42 53.07 -49.79
CA GLN B 177 -55.08 51.99 -49.04
C GLN B 177 -54.10 50.98 -48.43
N GLN B 178 -54.52 50.35 -47.32
CA GLN B 178 -53.78 49.25 -46.71
C GLN B 178 -53.94 47.96 -47.53
N ASN B 179 -52.93 47.09 -47.46
CA ASN B 179 -52.88 45.84 -48.23
C ASN B 179 -53.02 46.04 -49.74
N LYS B 180 -52.57 47.19 -50.24
CA LYS B 180 -52.26 47.41 -51.65
C LYS B 180 -51.03 46.60 -52.06
N LEU B 181 -50.89 46.38 -53.34
CA LEU B 181 -49.66 45.96 -54.01
C LEU B 181 -49.38 46.97 -55.12
N ILE B 182 -48.21 47.59 -55.12
CA ILE B 182 -47.78 48.48 -56.20
C ILE B 182 -46.86 47.69 -57.11
N VAL B 183 -47.13 47.71 -58.40
CA VAL B 183 -46.27 47.11 -59.42
C VAL B 183 -45.68 48.23 -60.26
N PRO B 184 -44.42 48.63 -60.04
CA PRO B 184 -43.75 49.59 -60.90
C PRO B 184 -43.59 49.01 -62.30
N SER B 185 -43.63 49.84 -63.33
CA SER B 185 -43.23 49.44 -64.67
C SER B 185 -41.76 49.06 -64.72
N LYS B 186 -41.35 48.34 -65.76
CA LYS B 186 -39.93 48.02 -66.00
C LYS B 186 -39.09 49.29 -66.19
N GLN B 187 -39.69 50.36 -66.70
CA GLN B 187 -39.06 51.68 -66.80
C GLN B 187 -38.84 52.33 -65.43
N THR B 188 -39.82 52.33 -64.52
CA THR B 188 -39.66 52.99 -63.22
C THR B 188 -38.84 52.18 -62.22
N GLN B 189 -38.79 50.85 -62.32
CA GLN B 189 -37.88 50.04 -61.52
C GLN B 189 -37.52 48.72 -62.20
N LYS B 190 -36.23 48.51 -62.49
CA LYS B 190 -35.67 47.19 -62.84
C LYS B 190 -35.56 46.33 -61.59
N ARG B 191 -35.98 45.06 -61.67
CA ARG B 191 -36.09 44.13 -60.54
C ARG B 191 -35.40 42.81 -60.85
N ARG B 192 -35.00 42.07 -59.81
CA ARG B 192 -34.46 40.70 -59.94
C ARG B 192 -35.48 39.76 -60.56
N LYS B 193 -36.67 39.69 -59.97
CA LYS B 193 -37.81 38.95 -60.51
C LYS B 193 -38.75 39.95 -61.21
N PRO B 194 -39.19 39.69 -62.45
CA PRO B 194 -40.00 40.63 -63.23
C PRO B 194 -41.48 40.63 -62.84
N TYR B 195 -41.83 40.01 -61.72
CA TYR B 195 -43.19 39.83 -61.24
C TYR B 195 -43.23 39.88 -59.71
N ILE B 196 -44.39 40.14 -59.13
CA ILE B 196 -44.65 39.99 -57.70
C ILE B 196 -45.65 38.85 -57.49
N LYS B 197 -45.29 37.87 -56.66
CA LYS B 197 -46.04 36.64 -56.43
C LYS B 197 -46.65 36.63 -55.05
N LYS B 198 -47.94 36.32 -54.93
CA LYS B 198 -48.55 36.04 -53.62
C LYS B 198 -49.69 35.04 -53.66
N HIS B 199 -49.83 34.33 -52.55
CA HIS B 199 -50.80 33.26 -52.35
C HIS B 199 -52.02 33.82 -51.61
N ILE B 200 -53.20 33.47 -52.08
CA ILE B 200 -54.48 33.96 -51.57
C ILE B 200 -55.30 32.76 -51.09
N SER B 201 -55.73 32.80 -49.82
CA SER B 201 -56.50 31.73 -49.19
C SER B 201 -57.96 31.74 -49.69
N PRO B 202 -58.74 30.64 -49.60
CA PRO B 202 -60.15 30.67 -49.95
C PRO B 202 -60.96 31.70 -49.15
N PRO B 203 -62.13 32.13 -49.65
CA PRO B 203 -63.10 32.88 -48.86
C PRO B 203 -63.36 32.20 -47.51
N THR B 204 -63.55 32.97 -46.44
CA THR B 204 -63.77 32.37 -45.10
C THR B 204 -65.01 31.48 -45.06
N GLN B 205 -65.99 31.74 -45.95
CA GLN B 205 -67.25 30.94 -46.06
C GLN B 205 -66.99 29.64 -46.84
N MET B 206 -65.96 29.58 -47.68
CA MET B 206 -65.54 28.34 -48.36
C MET B 206 -64.63 27.56 -47.40
N LYS B 207 -65.18 26.56 -46.71
CA LYS B 207 -64.43 25.72 -45.77
C LYS B 207 -63.63 24.67 -46.53
N SER B 208 -62.73 23.95 -45.87
CA SER B 208 -61.90 22.93 -46.51
C SER B 208 -62.68 21.68 -46.98
N GLN B 209 -63.96 21.56 -46.64
CA GLN B 209 -64.82 20.45 -47.04
C GLN B 209 -64.94 20.30 -48.57
N TRP B 210 -65.40 19.13 -49.01
CA TRP B 210 -65.86 18.92 -50.39
C TRP B 210 -67.20 19.58 -50.65
N TYR B 211 -67.40 20.08 -51.86
CA TYR B 211 -68.65 20.67 -52.33
C TYR B 211 -68.96 20.15 -53.72
N PHE B 212 -70.22 19.90 -54.06
CA PHE B 212 -70.59 19.66 -55.45
C PHE B 212 -70.19 20.84 -56.33
N GLN B 213 -69.59 20.56 -57.49
CA GLN B 213 -69.13 21.62 -58.42
C GLN B 213 -70.34 22.45 -58.91
N HIS B 214 -71.55 21.89 -58.97
CA HIS B 214 -72.78 22.62 -59.36
C HIS B 214 -73.10 23.71 -58.33
N ASN B 215 -72.84 23.45 -57.05
CA ASN B 215 -73.14 24.40 -55.99
C ASN B 215 -72.14 25.57 -55.97
N ILE B 216 -70.84 25.26 -56.02
CA ILE B 216 -69.78 26.28 -55.94
C ILE B 216 -69.47 26.97 -57.27
N ALA B 217 -70.00 26.52 -58.40
CA ALA B 217 -69.68 27.04 -59.73
C ALA B 217 -69.71 28.56 -59.80
N ASN B 218 -70.76 29.19 -59.30
CA ASN B 218 -70.97 30.64 -59.40
C ASN B 218 -70.52 31.45 -58.18
N ILE B 219 -70.07 30.81 -57.09
CA ILE B 219 -69.57 31.49 -55.89
C ILE B 219 -68.28 32.25 -56.23
N PRO B 220 -68.20 33.58 -56.06
CA PRO B 220 -67.00 34.33 -56.41
C PRO B 220 -65.91 34.09 -55.36
N LEU B 221 -64.81 33.41 -55.76
CA LEU B 221 -63.74 32.97 -54.81
C LEU B 221 -62.61 33.98 -54.71
N LEU B 222 -62.59 34.99 -55.57
CA LEU B 222 -61.61 36.07 -55.53
C LEU B 222 -62.16 37.33 -56.17
N MET B 223 -61.92 38.50 -55.57
CA MET B 223 -62.05 39.79 -56.25
C MET B 223 -60.68 40.44 -56.41
N ILE B 224 -60.32 40.88 -57.62
CA ILE B 224 -59.13 41.68 -57.87
C ILE B 224 -59.56 43.08 -58.30
N ARG B 225 -59.04 44.12 -57.65
CA ARG B 225 -59.23 45.54 -58.01
C ARG B 225 -57.89 46.08 -58.50
N THR B 226 -57.85 46.66 -59.70
CA THR B 226 -56.62 47.21 -60.27
C THR B 226 -56.86 48.60 -60.83
N THR B 227 -55.92 49.52 -60.67
CA THR B 227 -55.96 50.86 -61.28
C THR B 227 -54.61 51.22 -61.87
N ALA B 228 -54.59 51.83 -63.05
CA ALA B 228 -53.41 52.34 -63.73
C ALA B 228 -52.89 53.64 -63.09
N LEU B 229 -51.57 53.79 -63.03
CA LEU B 229 -50.90 54.72 -62.14
C LEU B 229 -49.65 55.30 -62.83
N THR B 230 -49.17 56.48 -62.42
CA THR B 230 -47.75 56.80 -62.57
C THR B 230 -47.17 57.29 -61.28
N LEU B 231 -46.01 56.75 -60.90
CA LEU B 231 -45.24 57.16 -59.73
C LEU B 231 -44.35 58.38 -60.03
N ASP B 232 -43.71 58.42 -61.19
CA ASP B 232 -42.77 59.49 -61.59
C ASP B 232 -43.45 60.79 -62.09
N ASN B 233 -44.71 60.71 -62.51
CA ASN B 233 -45.50 61.85 -62.98
C ASN B 233 -46.73 62.06 -62.09
N TYR B 234 -46.65 61.71 -60.81
CA TYR B 234 -47.78 61.64 -59.90
C TYR B 234 -48.60 62.93 -59.84
N TYR B 235 -47.96 64.10 -59.76
CA TYR B 235 -48.65 65.39 -59.69
C TYR B 235 -48.95 65.98 -61.06
N ILE B 236 -47.95 66.06 -61.94
CA ILE B 236 -48.09 66.66 -63.27
C ILE B 236 -49.02 65.83 -64.16
N GLY B 237 -48.92 64.50 -64.10
CA GLY B 237 -49.72 63.57 -64.88
C GLY B 237 -49.54 63.82 -66.36
N SER B 238 -50.61 64.23 -67.05
CA SER B 238 -50.59 64.65 -68.44
C SER B 238 -50.96 66.13 -68.65
N ARG B 239 -50.82 66.97 -67.61
CA ARG B 239 -51.00 68.43 -67.66
C ARG B 239 -50.17 69.05 -68.79
N GLN B 240 -50.76 70.00 -69.50
CA GLN B 240 -50.11 70.84 -70.50
C GLN B 240 -50.36 72.31 -70.16
N LEU B 241 -49.35 73.18 -70.30
CA LEU B 241 -49.44 74.60 -69.95
C LEU B 241 -49.89 74.81 -68.48
N SER B 242 -50.97 75.56 -68.24
CA SER B 242 -51.49 75.88 -66.91
C SER B 242 -51.97 74.66 -66.12
N THR B 243 -51.99 74.76 -64.79
CA THR B 243 -52.64 73.74 -63.93
C THR B 243 -54.15 73.69 -64.13
N ASN B 244 -54.78 74.80 -64.54
CA ASN B 244 -56.21 74.89 -64.82
C ASN B 244 -56.59 74.04 -66.05
N VAL B 245 -57.67 73.29 -65.94
CA VAL B 245 -58.33 72.60 -67.07
C VAL B 245 -59.60 73.36 -67.45
N THR B 246 -59.89 73.44 -68.74
CA THR B 246 -61.11 74.09 -69.24
C THR B 246 -62.23 73.07 -69.42
N ILE B 247 -63.38 73.33 -68.80
CA ILE B 247 -64.60 72.53 -68.92
C ILE B 247 -65.60 73.30 -69.77
N HIS B 248 -66.20 72.66 -70.77
CA HIS B 248 -67.31 73.30 -71.53
C HIS B 248 -68.59 72.87 -70.80
N THR B 249 -69.63 73.70 -70.78
CA THR B 249 -70.93 73.35 -70.19
C THR B 249 -72.10 73.99 -70.93
N LEU B 250 -73.29 73.43 -70.78
CA LEU B 250 -74.52 74.05 -71.33
C LEU B 250 -74.89 75.20 -70.38
N ASN B 251 -75.04 76.43 -70.88
CA ASN B 251 -75.53 77.54 -70.03
C ASN B 251 -76.75 77.01 -69.26
N THR B 252 -76.73 77.04 -67.93
CA THR B 252 -77.84 76.53 -67.10
C THR B 252 -78.92 77.59 -67.04
N THR B 253 -78.54 78.87 -67.12
CA THR B 253 -79.48 80.00 -66.95
C THR B 253 -80.38 80.24 -68.17
N TYR B 254 -80.23 79.46 -69.26
CA TYR B 254 -81.05 79.59 -70.47
C TYR B 254 -81.48 78.25 -71.06
N ILE B 255 -80.61 77.23 -71.07
CA ILE B 255 -80.90 75.89 -71.60
C ILE B 255 -81.39 74.99 -70.46
N GLN B 256 -82.70 74.81 -70.28
CA GLN B 256 -83.18 74.00 -69.12
C GLN B 256 -84.33 73.06 -69.47
N ASN B 257 -84.96 73.20 -70.64
CA ASN B 257 -86.17 72.43 -70.89
C ASN B 257 -85.98 70.93 -71.07
N ARG B 258 -84.78 70.48 -71.47
CA ARG B 258 -84.44 69.04 -71.63
C ARG B 258 -85.44 68.30 -72.54
N ASP B 259 -86.04 69.00 -73.53
CA ASP B 259 -86.98 68.38 -74.48
C ASP B 259 -86.27 67.93 -75.78
N TRP B 260 -85.25 67.08 -75.66
CA TRP B 260 -84.33 66.79 -76.75
C TRP B 260 -84.67 65.57 -77.62
N GLY B 261 -84.14 65.58 -78.84
CA GLY B 261 -84.08 64.39 -79.70
C GLY B 261 -85.36 64.07 -80.48
N ASP B 262 -86.13 65.07 -80.87
CA ASP B 262 -87.25 64.95 -81.82
C ASP B 262 -87.14 65.97 -82.97
N ARG B 263 -87.50 65.58 -84.19
CA ARG B 263 -87.65 66.54 -85.33
C ARG B 263 -89.15 66.88 -85.37
N ASN B 264 -89.96 66.29 -84.48
CA ASN B 264 -91.41 66.46 -84.42
C ASN B 264 -91.85 67.57 -83.43
N LYS B 265 -90.91 68.39 -82.92
CA LYS B 265 -91.14 69.38 -81.86
C LYS B 265 -90.28 70.63 -82.10
N THR B 266 -90.89 71.81 -82.17
CA THR B 266 -90.14 73.07 -82.19
C THR B 266 -89.47 73.29 -80.83
N TYR B 267 -88.14 73.44 -80.81
CA TYR B 267 -87.41 73.53 -79.54
C TYR B 267 -87.52 74.92 -78.89
N TYR B 268 -87.69 74.92 -77.58
CA TYR B 268 -87.74 76.10 -76.73
C TYR B 268 -86.82 75.84 -75.55
N CYS B 269 -85.98 76.81 -75.18
CA CYS B 269 -84.85 76.56 -74.29
C CYS B 269 -85.20 76.63 -72.79
N GLN B 270 -86.11 77.53 -72.40
CA GLN B 270 -86.60 77.63 -71.03
C GLN B 270 -88.07 78.06 -70.96
N THR B 271 -88.72 77.75 -69.84
CA THR B 271 -89.99 78.35 -69.42
C THR B 271 -89.77 79.22 -68.19
N LEU B 272 -90.37 80.41 -68.16
CA LEU B 272 -90.43 81.25 -66.95
C LEU B 272 -91.87 81.74 -66.77
N GLY B 273 -92.43 81.60 -65.57
CA GLY B 273 -93.87 81.82 -65.35
C GLY B 273 -94.71 80.92 -66.27
N THR B 274 -95.52 81.53 -67.14
CA THR B 274 -96.26 80.85 -68.22
C THR B 274 -95.53 80.86 -69.57
N GLN B 275 -94.47 81.65 -69.73
CA GLN B 275 -93.81 81.88 -71.02
C GLN B 275 -92.99 80.69 -71.50
N ARG B 276 -92.68 80.68 -72.80
CA ARG B 276 -91.62 79.86 -73.42
C ARG B 276 -90.63 80.79 -74.11
N TYR B 277 -89.35 80.44 -74.10
CA TYR B 277 -88.27 81.21 -74.71
C TYR B 277 -87.58 80.40 -75.81
N PHE B 278 -87.15 81.10 -76.85
CA PHE B 278 -86.76 80.53 -78.13
C PHE B 278 -85.45 81.15 -78.60
N LEU B 279 -84.71 80.37 -79.38
CA LEU B 279 -83.39 80.73 -79.90
C LEU B 279 -83.46 80.85 -81.42
N TYR B 280 -82.71 81.79 -81.99
CA TYR B 280 -82.59 81.99 -83.43
C TYR B 280 -81.15 82.24 -83.82
N GLY B 281 -80.65 81.60 -84.87
CA GLY B 281 -79.32 81.88 -85.42
C GLY B 281 -79.39 82.97 -86.48
N THR B 282 -78.31 83.70 -86.72
CA THR B 282 -78.21 84.58 -87.89
C THR B 282 -76.78 84.65 -88.40
N HIS B 283 -76.62 84.90 -89.71
CA HIS B 283 -75.28 85.14 -90.31
C HIS B 283 -75.13 86.66 -90.48
N SER B 284 -76.11 87.45 -90.01
CA SER B 284 -76.10 88.90 -90.18
C SER B 284 -74.86 89.55 -89.54
N THR B 285 -74.31 90.52 -90.25
CA THR B 285 -73.24 91.41 -89.76
C THR B 285 -73.77 92.59 -88.93
N ALA B 286 -75.10 92.70 -88.76
CA ALA B 286 -75.71 93.79 -88.01
C ALA B 286 -75.19 93.86 -86.56
N GLN B 287 -74.76 95.06 -86.14
CA GLN B 287 -74.17 95.28 -84.83
C GLN B 287 -75.24 95.45 -83.73
N ASN B 288 -76.45 95.91 -84.09
CA ASN B 288 -77.50 96.26 -83.13
C ASN B 288 -78.64 95.21 -83.16
N ILE B 289 -78.92 94.61 -82.00
CA ILE B 289 -79.96 93.58 -81.85
C ILE B 289 -81.36 94.09 -82.24
N ASN B 290 -81.61 95.39 -82.17
CA ASN B 290 -82.91 95.97 -82.51
C ASN B 290 -83.20 95.94 -84.02
N ASP B 291 -82.20 96.22 -84.89
CA ASP B 291 -82.43 96.43 -86.36
C ASP B 291 -82.37 95.17 -87.22
N ILE B 292 -81.95 94.02 -86.68
CA ILE B 292 -81.99 92.76 -87.43
C ILE B 292 -83.42 92.52 -87.94
N LYS B 293 -83.56 92.01 -89.17
CA LYS B 293 -84.86 91.76 -89.80
C LYS B 293 -85.58 90.58 -89.13
N LEU B 294 -86.83 90.33 -89.54
CA LEU B 294 -87.54 89.10 -89.09
C LEU B 294 -87.03 87.97 -90.00
N GLN B 295 -86.47 88.32 -91.18
CA GLN B 295 -85.94 87.34 -92.16
C GLN B 295 -84.58 86.78 -91.74
N GLU B 296 -83.67 87.63 -91.23
CA GLU B 296 -82.30 87.20 -90.89
C GLU B 296 -82.31 85.97 -89.97
N LEU B 297 -83.22 85.94 -88.99
CA LEU B 297 -83.25 84.85 -87.98
C LEU B 297 -83.45 83.47 -88.64
N ILE B 298 -82.70 82.46 -88.19
CA ILE B 298 -82.84 81.05 -88.66
C ILE B 298 -83.46 80.30 -87.48
N PRO B 299 -84.78 80.10 -87.42
CA PRO B 299 -85.43 79.55 -86.24
C PRO B 299 -85.04 78.10 -86.05
N LEU B 300 -85.04 77.60 -84.82
CA LEU B 300 -84.63 76.20 -84.52
C LEU B 300 -85.88 75.35 -84.26
N THR B 301 -86.22 74.43 -85.16
CA THR B 301 -87.42 73.55 -85.05
C THR B 301 -86.97 72.12 -84.86
N ASN B 302 -85.65 71.87 -84.80
CA ASN B 302 -85.12 70.53 -84.56
C ASN B 302 -83.99 70.62 -83.51
N THR B 303 -83.89 69.65 -82.61
CA THR B 303 -82.63 69.43 -81.85
C THR B 303 -81.92 68.13 -82.21
N GLN B 304 -82.66 67.17 -82.79
CA GLN B 304 -82.17 65.79 -83.07
C GLN B 304 -81.11 65.67 -84.16
N ASP B 305 -80.85 66.71 -84.95
CA ASP B 305 -79.88 66.58 -86.08
C ASP B 305 -78.66 67.48 -85.94
N TYR B 306 -77.60 67.15 -86.68
CA TYR B 306 -76.40 68.01 -86.77
C TYR B 306 -76.60 69.24 -87.67
N VAL B 307 -77.73 69.31 -88.39
CA VAL B 307 -77.95 70.30 -89.47
C VAL B 307 -77.84 71.75 -88.96
N GLN B 308 -77.14 72.60 -89.73
CA GLN B 308 -76.96 74.03 -89.45
C GLN B 308 -78.21 74.87 -89.74
N GLY B 309 -79.05 74.39 -90.66
CA GLY B 309 -80.07 75.21 -91.29
C GLY B 309 -79.47 76.14 -92.35
N PHE B 310 -80.25 77.09 -92.84
CA PHE B 310 -79.81 78.12 -93.78
C PHE B 310 -80.70 79.35 -93.69
N ASP B 311 -80.20 80.46 -94.22
CA ASP B 311 -80.88 81.77 -94.21
C ASP B 311 -81.99 81.87 -95.28
N TRP B 312 -82.97 82.74 -95.06
CA TRP B 312 -84.08 83.02 -95.99
C TRP B 312 -83.59 83.51 -97.36
N THR B 313 -82.39 84.08 -97.45
CA THR B 313 -81.75 84.43 -98.73
C THR B 313 -81.50 83.21 -99.64
N GLU B 314 -81.55 81.99 -99.11
CA GLU B 314 -81.45 80.74 -99.89
C GLU B 314 -82.83 80.13 -100.22
N LYS B 315 -83.93 80.87 -100.04
CA LYS B 315 -85.29 80.48 -100.44
C LYS B 315 -85.34 79.84 -101.84
N ASP B 316 -84.70 80.47 -102.81
CA ASP B 316 -84.68 80.01 -104.20
C ASP B 316 -83.74 78.81 -104.45
N LYS B 317 -82.84 78.46 -103.53
CA LYS B 317 -81.98 77.27 -103.65
C LYS B 317 -82.70 75.99 -103.22
N HIS B 318 -83.69 76.12 -102.32
CA HIS B 318 -84.50 74.97 -101.79
C HIS B 318 -85.97 75.13 -102.20
N ASN B 319 -86.27 75.83 -103.28
CA ASN B 319 -87.61 76.00 -103.85
C ASN B 319 -88.68 76.33 -102.79
N ILE B 320 -88.29 77.09 -101.76
CA ILE B 320 -89.17 77.45 -100.65
C ILE B 320 -90.24 78.44 -101.10
N THR B 321 -91.50 78.16 -100.78
CA THR B 321 -92.64 79.02 -101.12
C THR B 321 -93.15 79.83 -99.93
N THR B 322 -92.92 79.37 -98.70
CA THR B 322 -93.48 79.99 -97.47
C THR B 322 -92.50 79.88 -96.30
N TYR B 323 -92.71 80.70 -95.26
CA TYR B 323 -91.97 80.55 -94.00
C TYR B 323 -92.19 79.17 -93.37
N LYS B 324 -93.34 78.51 -93.59
CA LYS B 324 -93.56 77.10 -93.19
C LYS B 324 -92.53 76.15 -93.83
N GLU B 325 -92.24 76.30 -95.12
CA GLU B 325 -91.17 75.53 -95.78
C GLU B 325 -89.76 76.00 -95.38
N PHE B 326 -89.57 77.28 -95.03
CA PHE B 326 -88.32 77.75 -94.43
C PHE B 326 -88.06 77.11 -93.05
N LEU B 327 -89.08 77.03 -92.19
CA LEU B 327 -89.04 76.31 -90.91
C LEU B 327 -88.67 74.83 -91.07
N THR B 328 -89.25 74.13 -92.04
CA THR B 328 -89.00 72.68 -92.17
C THR B 328 -87.68 72.39 -92.90
N LYS B 329 -87.35 73.10 -93.98
CA LYS B 329 -86.09 72.86 -94.71
C LYS B 329 -84.88 73.54 -94.08
N GLY B 330 -85.03 74.76 -93.57
CA GLY B 330 -83.92 75.67 -93.26
C GLY B 330 -83.65 75.92 -91.78
N ALA B 331 -84.43 75.38 -90.84
CA ALA B 331 -84.15 75.53 -89.43
C ALA B 331 -82.83 74.87 -88.99
N GLY B 332 -82.13 75.50 -88.04
CA GLY B 332 -80.82 75.06 -87.54
C GLY B 332 -80.87 74.37 -86.19
N ASN B 333 -80.06 73.35 -85.95
CA ASN B 333 -79.99 72.74 -84.62
C ASN B 333 -79.06 73.59 -83.74
N PRO B 334 -79.44 73.94 -82.50
CA PRO B 334 -78.68 74.89 -81.68
C PRO B 334 -77.29 74.37 -81.30
N PHE B 335 -77.10 73.05 -81.35
CA PHE B 335 -75.86 72.36 -81.04
C PHE B 335 -74.97 72.11 -82.28
N HIS B 336 -75.29 72.67 -83.45
CA HIS B 336 -74.37 72.66 -84.58
C HIS B 336 -73.07 73.43 -84.22
N ALA B 337 -71.95 73.09 -84.84
CA ALA B 337 -70.62 73.57 -84.46
C ALA B 337 -70.44 75.10 -84.45
N GLU B 338 -71.25 75.85 -85.20
CA GLU B 338 -71.25 77.33 -85.12
C GLU B 338 -72.27 77.90 -84.13
N TRP B 339 -73.44 77.28 -83.95
CA TRP B 339 -74.45 77.75 -83.00
C TRP B 339 -74.15 77.36 -81.54
N ILE B 340 -73.48 76.22 -81.29
CA ILE B 340 -73.17 75.68 -79.96
C ILE B 340 -72.39 76.66 -79.08
N THR B 341 -71.44 77.40 -79.68
CA THR B 341 -70.64 78.47 -79.03
C THR B 341 -70.92 79.85 -79.63
N ALA B 342 -71.98 79.98 -80.44
CA ALA B 342 -72.35 81.21 -81.15
C ALA B 342 -71.17 81.85 -81.92
N GLN B 343 -70.39 81.05 -82.65
CA GLN B 343 -69.34 81.53 -83.55
C GLN B 343 -69.91 82.55 -84.54
N ASN B 344 -71.09 82.24 -85.09
CA ASN B 344 -71.98 83.19 -85.73
C ASN B 344 -73.11 83.53 -84.73
N PRO B 345 -73.54 84.80 -84.61
CA PRO B 345 -74.44 85.22 -83.54
C PRO B 345 -75.72 84.38 -83.41
N VAL B 346 -76.14 84.19 -82.16
CA VAL B 346 -77.36 83.45 -81.76
C VAL B 346 -78.16 84.35 -80.84
N ILE B 347 -79.46 84.44 -81.09
CA ILE B 347 -80.37 85.38 -80.46
C ILE B 347 -81.40 84.63 -79.62
N HIS B 348 -81.53 84.98 -78.35
CA HIS B 348 -82.50 84.42 -77.40
C HIS B 348 -83.66 85.40 -77.21
N THR B 349 -84.91 84.93 -77.25
CA THR B 349 -86.09 85.79 -77.15
C THR B 349 -87.30 85.06 -76.56
N ALA B 350 -88.25 85.81 -75.99
CA ALA B 350 -89.57 85.30 -75.64
C ALA B 350 -90.48 85.14 -76.87
N ASN B 351 -90.16 85.79 -78.00
CA ASN B 351 -91.04 85.79 -79.16
C ASN B 351 -91.04 84.44 -79.89
N SER B 352 -92.15 83.71 -79.78
CA SER B 352 -92.30 82.39 -80.39
C SER B 352 -92.23 82.47 -81.92
N PRO B 353 -91.62 81.47 -82.61
CA PRO B 353 -91.63 81.39 -84.05
C PRO B 353 -93.04 81.47 -84.63
N THR B 354 -94.07 80.99 -83.94
CA THR B 354 -95.47 81.08 -84.42
C THR B 354 -96.00 82.51 -84.43
N GLN B 355 -95.53 83.40 -83.56
CA GLN B 355 -95.83 84.82 -83.73
C GLN B 355 -95.13 85.38 -84.97
N ILE B 356 -93.88 84.97 -85.24
CA ILE B 356 -93.20 85.30 -86.49
C ILE B 356 -93.92 84.67 -87.70
N GLU B 357 -94.46 83.46 -87.60
CA GLU B 357 -95.30 82.83 -88.63
C GLU B 357 -96.50 83.72 -88.93
N GLN B 358 -97.22 84.18 -87.90
CA GLN B 358 -98.35 85.08 -88.07
C GLN B 358 -97.92 86.37 -88.78
N ILE B 359 -96.77 86.97 -88.45
CA ILE B 359 -96.29 88.16 -89.14
C ILE B 359 -95.94 87.87 -90.61
N TYR B 360 -95.23 86.78 -90.91
CA TYR B 360 -94.94 86.37 -92.29
C TYR B 360 -96.21 86.06 -93.08
N THR B 361 -97.05 85.16 -92.56
CA THR B 361 -98.23 84.64 -93.27
C THR B 361 -99.29 85.74 -93.44
N ALA B 362 -99.44 86.65 -92.48
CA ALA B 362 -100.34 87.79 -92.63
C ALA B 362 -99.94 88.67 -93.82
N SER B 363 -98.64 88.95 -94.01
CA SER B 363 -98.12 89.49 -95.26
C SER B 363 -96.60 89.27 -95.43
N THR B 364 -96.23 88.52 -96.46
CA THR B 364 -94.82 88.23 -96.83
C THR B 364 -94.07 89.49 -97.26
N THR B 365 -94.78 90.45 -97.85
CA THR B 365 -94.20 91.75 -98.23
C THR B 365 -93.83 92.60 -97.02
N THR B 366 -94.57 92.52 -95.90
CA THR B 366 -94.19 93.23 -94.65
C THR B 366 -93.18 92.44 -93.81
N PHE B 367 -92.92 91.16 -94.09
CA PHE B 367 -91.80 90.42 -93.50
C PHE B 367 -90.44 91.01 -93.90
N GLN B 368 -90.33 91.55 -95.12
CA GLN B 368 -89.18 92.34 -95.57
C GLN B 368 -89.02 93.63 -94.72
N ASN B 369 -90.14 94.32 -94.45
CA ASN B 369 -90.13 95.60 -93.75
C ASN B 369 -89.89 95.44 -92.24
N LYS B 370 -90.50 94.44 -91.59
CA LYS B 370 -90.42 94.25 -90.13
C LYS B 370 -89.00 93.89 -89.68
N LYS B 371 -88.56 94.53 -88.60
CA LYS B 371 -87.31 94.26 -87.88
C LYS B 371 -87.60 93.72 -86.47
N LEU B 372 -86.57 93.47 -85.67
CA LEU B 372 -86.69 93.04 -84.28
C LEU B 372 -87.29 94.13 -83.36
N THR B 373 -87.28 95.40 -83.77
CA THR B 373 -88.13 96.46 -83.18
C THR B 373 -89.62 96.18 -83.40
N ASP B 374 -90.45 96.60 -82.45
CA ASP B 374 -91.93 96.53 -82.53
C ASP B 374 -92.49 95.12 -82.82
N LEU B 375 -91.76 94.07 -82.45
CA LEU B 375 -92.26 92.69 -82.47
C LEU B 375 -93.02 92.34 -81.19
N PRO B 376 -93.91 91.34 -81.21
CA PRO B 376 -94.53 90.83 -80.00
C PRO B 376 -93.49 90.21 -79.06
N THR B 377 -93.67 90.41 -77.74
CA THR B 377 -92.76 89.94 -76.68
C THR B 377 -91.28 89.97 -77.10
N PRO B 378 -90.70 91.13 -77.47
CA PRO B 378 -89.34 91.14 -78.03
C PRO B 378 -88.18 91.20 -77.05
N GLY B 379 -87.87 90.09 -76.38
CA GLY B 379 -86.72 90.02 -75.46
C GLY B 379 -85.50 89.56 -76.23
N TYR B 380 -85.26 90.13 -77.43
CA TYR B 380 -84.12 89.72 -78.29
C TYR B 380 -82.80 90.09 -77.60
N ILE B 381 -81.97 89.10 -77.26
CA ILE B 381 -80.67 89.31 -76.55
C ILE B 381 -79.61 88.52 -77.32
N PHE B 382 -78.32 88.62 -76.96
CA PHE B 382 -77.26 87.76 -77.58
C PHE B 382 -76.79 86.76 -76.53
N ILE B 383 -77.19 85.49 -76.63
CA ILE B 383 -76.87 84.46 -75.62
C ILE B 383 -76.15 83.29 -76.28
N THR B 384 -75.14 82.72 -75.61
CA THR B 384 -74.37 81.57 -76.11
C THR B 384 -74.85 80.28 -75.43
N PRO B 385 -75.22 79.21 -76.16
CA PRO B 385 -75.66 77.95 -75.55
C PRO B 385 -74.57 77.31 -74.67
N THR B 386 -73.30 77.48 -75.03
CA THR B 386 -72.15 77.00 -74.27
C THR B 386 -71.43 78.14 -73.54
N VAL B 387 -70.95 77.85 -72.34
CA VAL B 387 -69.91 78.64 -71.65
C VAL B 387 -68.72 77.72 -71.32
N SER B 388 -67.51 78.27 -71.32
CA SER B 388 -66.30 77.56 -70.88
C SER B 388 -65.90 78.02 -69.48
N LEU B 389 -65.79 77.08 -68.54
CA LEU B 389 -65.30 77.30 -67.18
C LEU B 389 -63.83 76.90 -67.06
N ARG B 390 -63.10 77.48 -66.10
CA ARG B 390 -61.79 77.00 -65.67
C ARG B 390 -61.89 76.34 -64.31
N TYR B 391 -61.36 75.12 -64.20
CA TYR B 391 -61.29 74.36 -62.95
C TYR B 391 -59.84 74.17 -62.55
N ASN B 392 -59.52 74.40 -61.28
CA ASN B 392 -58.21 74.12 -60.71
C ASN B 392 -58.36 73.12 -59.56
N PRO B 393 -57.74 71.93 -59.63
CA PRO B 393 -57.92 70.90 -58.63
C PRO B 393 -57.35 71.30 -57.25
N TYR B 394 -56.32 72.15 -57.25
CA TYR B 394 -55.65 72.56 -55.98
C TYR B 394 -56.49 73.63 -55.29
N LYS B 395 -57.40 74.27 -56.04
CA LYS B 395 -58.30 75.33 -55.47
C LYS B 395 -59.63 74.70 -55.04
N ASP B 396 -59.76 73.37 -55.13
CA ASP B 396 -61.03 72.67 -54.82
C ASP B 396 -61.04 72.18 -53.36
N LEU B 397 -62.06 72.59 -52.58
CA LEU B 397 -62.12 72.25 -51.16
C LEU B 397 -63.25 71.26 -50.84
N ALA B 398 -64.04 70.85 -51.84
CA ALA B 398 -65.08 69.84 -51.69
C ALA B 398 -66.14 70.11 -50.61
N GLU B 399 -66.46 71.37 -50.28
CA GLU B 399 -67.40 71.69 -49.20
C GLU B 399 -68.86 71.57 -49.65
N ARG B 400 -69.15 71.82 -50.93
CA ARG B 400 -70.51 71.77 -51.51
C ARG B 400 -70.53 71.11 -52.89
N ASN B 401 -69.55 70.25 -53.15
CA ASN B 401 -69.47 69.45 -54.36
C ASN B 401 -70.56 68.37 -54.38
N LYS B 402 -71.10 68.07 -55.57
CA LYS B 402 -72.24 67.16 -55.73
C LYS B 402 -72.29 66.64 -57.18
N CYS B 403 -72.89 65.48 -57.42
CA CYS B 403 -72.90 64.84 -58.73
C CYS B 403 -74.06 63.83 -58.84
N TYR B 404 -74.80 63.85 -59.96
CA TYR B 404 -75.92 62.94 -60.21
C TYR B 404 -76.34 62.90 -61.68
N PHE B 405 -77.14 61.89 -62.06
CA PHE B 405 -77.70 61.77 -63.40
C PHE B 405 -79.18 62.18 -63.44
N VAL B 406 -79.57 62.93 -64.48
CA VAL B 406 -80.96 63.31 -64.78
C VAL B 406 -81.37 62.73 -66.13
N ARG B 407 -82.67 62.50 -66.34
CA ARG B 407 -83.22 61.92 -67.57
C ARG B 407 -83.17 62.93 -68.72
N SER B 408 -82.50 62.61 -69.83
CA SER B 408 -82.35 63.54 -70.96
C SER B 408 -83.58 63.56 -71.86
N LYS B 409 -84.04 62.40 -72.35
CA LYS B 409 -85.30 62.27 -73.11
C LYS B 409 -86.53 62.14 -72.21
N ILE B 410 -86.87 63.20 -71.48
CA ILE B 410 -88.20 63.36 -70.86
C ILE B 410 -88.67 64.80 -70.90
N ASN B 411 -89.98 65.00 -70.81
CA ASN B 411 -90.61 66.31 -70.79
C ASN B 411 -90.64 66.90 -69.36
N ALA B 412 -89.48 67.12 -68.76
CA ALA B 412 -89.36 67.70 -67.41
C ALA B 412 -88.37 68.86 -67.37
N HIS B 413 -88.76 69.95 -66.72
CA HIS B 413 -87.99 71.18 -66.63
C HIS B 413 -86.90 71.10 -65.54
N GLY B 414 -85.82 71.85 -65.74
CA GLY B 414 -84.83 72.11 -64.69
C GLY B 414 -83.85 70.97 -64.45
N TRP B 415 -82.89 71.25 -63.59
CA TRP B 415 -81.68 70.43 -63.38
C TRP B 415 -81.54 69.89 -61.95
N ASP B 416 -82.55 70.09 -61.10
CA ASP B 416 -82.45 69.67 -59.67
C ASP B 416 -82.17 68.17 -59.57
N PRO B 417 -81.49 67.68 -58.51
CA PRO B 417 -81.28 66.24 -58.35
C PRO B 417 -82.65 65.60 -58.33
N GLU B 418 -82.85 64.55 -59.13
CA GLU B 418 -84.19 63.91 -59.26
C GLU B 418 -84.03 62.38 -59.28
N GLN B 419 -85.14 61.65 -59.31
CA GLN B 419 -85.13 60.17 -59.34
C GLN B 419 -84.37 59.65 -58.10
N HIS B 420 -83.31 58.86 -58.26
CA HIS B 420 -82.57 58.26 -57.12
C HIS B 420 -81.83 59.32 -56.32
N GLN B 421 -82.23 59.54 -55.06
CA GLN B 421 -81.55 60.52 -54.17
C GLN B 421 -80.44 59.77 -53.41
N GLU B 422 -80.49 58.43 -53.39
CA GLU B 422 -79.41 57.64 -52.79
C GLU B 422 -78.20 57.51 -53.72
N LEU B 423 -78.36 57.76 -55.02
CA LEU B 423 -77.28 57.74 -56.00
C LEU B 423 -76.53 59.07 -56.10
N ILE B 424 -77.01 60.14 -55.48
CA ILE B 424 -76.29 61.41 -55.42
C ILE B 424 -74.95 61.19 -54.72
N ASN B 425 -73.86 61.65 -55.34
CA ASN B 425 -72.47 61.55 -54.80
C ASN B 425 -72.02 62.95 -54.37
N SER B 426 -71.60 63.16 -53.13
CA SER B 426 -71.36 64.49 -52.55
C SER B 426 -70.03 64.57 -51.77
N ASP B 427 -69.53 65.79 -51.58
CA ASP B 427 -68.49 66.13 -50.60
C ASP B 427 -67.11 65.47 -50.82
N LEU B 428 -66.70 65.29 -52.08
CA LEU B 428 -65.33 64.94 -52.47
C LEU B 428 -64.86 65.91 -53.57
N PRO B 429 -63.55 66.16 -53.74
CA PRO B 429 -63.09 67.02 -54.82
C PRO B 429 -63.47 66.42 -56.17
N GLN B 430 -63.87 67.24 -57.16
CA GLN B 430 -64.44 66.78 -58.47
C GLN B 430 -63.62 65.68 -59.18
N TRP B 431 -62.29 65.68 -59.10
CA TRP B 431 -61.46 64.63 -59.68
C TRP B 431 -61.60 63.29 -58.95
N LEU B 432 -61.95 63.29 -57.66
CA LEU B 432 -62.28 62.08 -56.92
C LEU B 432 -63.77 61.75 -57.00
N LEU B 433 -64.64 62.76 -56.97
CA LEU B 433 -66.09 62.58 -57.01
C LEU B 433 -66.57 61.94 -58.32
N LEU B 434 -65.99 62.32 -59.46
CA LEU B 434 -66.38 61.79 -60.76
C LEU B 434 -65.74 60.43 -61.08
N PHE B 435 -64.62 60.06 -60.45
CA PHE B 435 -63.85 58.88 -60.85
C PHE B 435 -64.67 57.59 -60.67
N GLY B 436 -64.94 56.88 -61.75
CA GLY B 436 -65.72 55.63 -61.72
C GLY B 436 -67.20 55.79 -61.36
N TYR B 437 -67.70 57.01 -61.13
CA TYR B 437 -69.10 57.22 -60.74
C TYR B 437 -70.09 56.81 -61.84
N PRO B 438 -69.90 57.15 -63.12
CA PRO B 438 -70.74 56.63 -64.20
C PRO B 438 -70.78 55.10 -64.29
N ASP B 439 -69.65 54.42 -64.06
CA ASP B 439 -69.62 52.96 -64.07
C ASP B 439 -70.31 52.34 -62.85
N TYR B 440 -70.18 52.94 -61.66
CA TYR B 440 -70.99 52.52 -60.52
C TYR B 440 -72.48 52.62 -60.85
N ILE B 441 -72.91 53.70 -61.49
CA ILE B 441 -74.30 53.90 -61.87
C ILE B 441 -74.75 52.88 -62.92
N LYS B 442 -73.95 52.64 -63.97
CA LYS B 442 -74.24 51.59 -64.96
C LYS B 442 -74.34 50.20 -64.32
N ARG B 443 -73.38 49.83 -63.46
CA ARG B 443 -73.38 48.49 -62.80
C ARG B 443 -74.56 48.39 -61.82
N THR B 444 -74.98 49.50 -61.21
CA THR B 444 -76.15 49.52 -60.33
C THR B 444 -77.46 49.23 -61.08
N GLN B 445 -77.54 49.59 -62.37
CA GLN B 445 -78.71 49.24 -63.24
C GLN B 445 -80.04 49.87 -62.75
N ASN B 446 -80.00 50.90 -61.91
CA ASN B 446 -81.19 51.61 -61.45
C ASN B 446 -81.71 52.65 -62.47
N PHE B 447 -81.01 52.84 -63.59
CA PHE B 447 -81.40 53.71 -64.70
C PHE B 447 -81.47 52.94 -66.01
N ALA B 448 -82.29 53.41 -66.96
CA ALA B 448 -82.32 52.84 -68.31
C ALA B 448 -80.93 52.99 -68.96
N LEU B 449 -80.38 51.89 -69.45
CA LEU B 449 -78.92 51.71 -69.55
C LEU B 449 -78.23 52.63 -70.56
N VAL B 450 -78.96 53.11 -71.58
CA VAL B 450 -78.34 53.75 -72.73
C VAL B 450 -77.84 55.18 -72.45
N ASP B 451 -76.61 55.49 -72.88
CA ASP B 451 -75.98 56.82 -72.62
C ASP B 451 -76.80 57.97 -73.16
N THR B 452 -77.61 57.75 -74.19
CA THR B 452 -78.39 58.81 -74.82
C THR B 452 -79.58 59.29 -73.99
N ASN B 453 -79.98 58.55 -72.97
CA ASN B 453 -81.22 58.81 -72.23
C ASN B 453 -80.99 59.52 -70.89
N TYR B 454 -79.74 59.81 -70.53
CA TYR B 454 -79.38 60.52 -69.30
C TYR B 454 -78.33 61.59 -69.57
N ILE B 455 -78.24 62.56 -68.67
CA ILE B 455 -77.18 63.57 -68.58
C ILE B 455 -76.60 63.50 -67.18
N LEU B 456 -75.29 63.65 -67.08
CA LEU B 456 -74.56 63.89 -65.85
C LEU B 456 -74.51 65.39 -65.54
N VAL B 457 -74.86 65.73 -64.31
CA VAL B 457 -74.97 67.09 -63.78
C VAL B 457 -74.15 67.17 -62.49
N ASP B 458 -73.35 68.21 -62.29
CA ASP B 458 -72.56 68.35 -61.06
C ASP B 458 -72.50 69.80 -60.56
N HIS B 459 -72.44 69.96 -59.25
CA HIS B 459 -72.26 71.26 -58.58
C HIS B 459 -70.82 71.38 -58.07
N CYS B 460 -70.19 72.52 -58.30
CA CYS B 460 -68.84 72.80 -57.83
C CYS B 460 -68.66 74.31 -57.63
N PRO B 461 -68.55 74.80 -56.39
CA PRO B 461 -68.25 76.21 -56.10
C PRO B 461 -66.94 76.75 -56.68
N TYR B 462 -66.01 75.86 -57.06
CA TYR B 462 -64.59 76.19 -57.16
C TYR B 462 -64.08 76.47 -58.57
N THR B 463 -64.92 76.45 -59.60
CA THR B 463 -64.57 77.05 -60.89
C THR B 463 -64.52 78.58 -60.76
N ASN B 464 -63.64 79.24 -61.53
CA ASN B 464 -63.44 80.69 -61.39
C ASN B 464 -64.65 81.50 -61.89
N PRO B 465 -65.13 81.32 -63.13
CA PRO B 465 -66.53 81.58 -63.46
C PRO B 465 -67.39 80.45 -62.89
N GLU B 466 -68.71 80.63 -62.81
CA GLU B 466 -69.62 79.62 -62.28
C GLU B 466 -70.90 79.50 -63.10
N LYS B 467 -71.54 78.34 -62.98
CA LYS B 467 -72.94 78.06 -63.30
C LYS B 467 -73.50 77.16 -62.20
N THR B 468 -74.78 77.32 -61.83
CA THR B 468 -75.31 76.71 -60.60
C THR B 468 -75.12 75.18 -60.60
N PRO B 469 -75.70 74.42 -61.53
CA PRO B 469 -75.12 73.15 -61.97
C PRO B 469 -74.21 73.36 -63.19
N PHE B 470 -73.41 72.32 -63.46
CA PHE B 470 -72.60 72.27 -64.69
C PHE B 470 -73.16 71.13 -65.52
N ILE B 471 -73.18 71.23 -66.84
CA ILE B 471 -73.59 70.09 -67.71
C ILE B 471 -72.36 69.83 -68.57
N PRO B 472 -71.27 69.19 -68.06
CA PRO B 472 -70.05 69.08 -68.83
C PRO B 472 -70.30 68.55 -70.24
N LEU B 473 -69.63 69.08 -71.25
CA LEU B 473 -69.69 68.62 -72.63
C LEU B 473 -68.28 68.43 -73.19
N SER B 474 -68.06 67.36 -73.92
CA SER B 474 -66.74 67.07 -74.49
C SER B 474 -66.42 68.02 -75.64
N THR B 475 -65.14 68.32 -75.83
CA THR B 475 -64.64 69.13 -76.94
C THR B 475 -65.11 68.60 -78.29
N SER B 476 -65.28 67.29 -78.45
CA SER B 476 -65.85 66.69 -79.66
C SER B 476 -67.29 67.15 -79.95
N PHE B 477 -68.17 67.22 -78.96
CA PHE B 477 -69.53 67.73 -79.14
C PHE B 477 -69.57 69.24 -79.33
N ILE B 478 -68.69 69.97 -78.65
CA ILE B 478 -68.48 71.42 -78.83
C ILE B 478 -67.86 71.75 -80.20
N GLU B 479 -67.26 70.78 -80.87
CA GLU B 479 -66.66 70.90 -82.22
C GLU B 479 -67.42 70.13 -83.30
N GLY B 480 -68.60 69.57 -83.02
CA GLY B 480 -69.40 68.89 -84.03
C GLY B 480 -68.77 67.59 -84.55
N ARG B 481 -68.44 66.66 -83.64
CA ARG B 481 -67.76 65.39 -84.01
C ARG B 481 -68.21 64.26 -83.08
N SER B 482 -68.11 63.00 -83.54
CA SER B 482 -68.54 61.83 -82.75
C SER B 482 -67.72 61.64 -81.45
N PRO B 483 -68.28 61.02 -80.40
CA PRO B 483 -67.71 61.01 -79.04
C PRO B 483 -66.23 60.67 -78.92
N TYR B 484 -65.71 59.72 -79.73
CA TYR B 484 -64.30 59.32 -79.78
C TYR B 484 -63.76 59.31 -81.22
N SER B 485 -64.09 60.33 -82.02
CA SER B 485 -63.65 60.45 -83.42
C SER B 485 -62.48 61.44 -83.57
N PRO B 486 -61.48 61.16 -84.41
CA PRO B 486 -60.29 61.99 -84.54
C PRO B 486 -60.60 63.39 -85.08
N SER B 487 -59.87 64.38 -84.59
CA SER B 487 -60.11 65.82 -84.82
C SER B 487 -60.07 66.25 -86.29
N ASP B 488 -59.52 65.44 -87.21
CA ASP B 488 -59.53 65.75 -88.66
C ASP B 488 -60.97 65.77 -89.18
N THR B 489 -61.87 65.06 -88.50
CA THR B 489 -63.29 64.98 -88.82
C THR B 489 -64.03 66.25 -88.38
N HIS B 490 -64.99 66.74 -89.19
CA HIS B 490 -65.78 67.98 -88.88
C HIS B 490 -67.29 67.70 -88.98
N GLU B 491 -67.74 66.45 -88.84
CA GLU B 491 -69.13 66.03 -88.80
C GLU B 491 -69.29 64.78 -87.93
N PRO B 492 -70.43 64.57 -87.26
CA PRO B 492 -70.76 63.27 -86.69
C PRO B 492 -70.86 62.18 -87.78
N ASP B 493 -70.58 60.93 -87.40
CA ASP B 493 -70.97 59.74 -88.18
C ASP B 493 -72.50 59.54 -88.15
N GLU B 494 -73.12 58.87 -89.13
CA GLU B 494 -74.57 58.89 -89.34
C GLU B 494 -75.43 58.60 -88.08
N GLU B 495 -75.02 57.65 -87.26
CA GLU B 495 -75.73 57.33 -86.01
C GLU B 495 -75.61 58.43 -84.93
N ASP B 496 -74.54 59.23 -84.95
CA ASP B 496 -74.39 60.45 -84.16
C ASP B 496 -74.88 61.71 -84.90
N GLN B 497 -75.12 61.67 -86.22
CA GLN B 497 -75.86 62.74 -86.91
C GLN B 497 -77.31 62.74 -86.46
N ASN B 498 -77.89 61.54 -86.28
CA ASN B 498 -79.06 61.33 -85.44
C ASN B 498 -78.71 61.48 -83.94
N ARG B 499 -79.74 61.79 -83.15
CA ARG B 499 -79.61 61.93 -81.68
C ARG B 499 -78.52 62.96 -81.34
N TRP B 500 -78.36 64.03 -82.14
CA TRP B 500 -77.33 65.09 -81.90
C TRP B 500 -77.82 66.08 -80.85
N TYR B 501 -77.90 65.65 -79.60
CA TYR B 501 -78.38 66.47 -78.47
C TYR B 501 -77.65 66.11 -77.17
N PRO B 502 -77.63 67.00 -76.16
CA PRO B 502 -76.97 66.73 -74.89
C PRO B 502 -77.37 65.41 -74.22
N CYS B 503 -76.39 64.54 -74.01
CA CYS B 503 -76.54 63.29 -73.27
C CYS B 503 -75.16 62.76 -72.85
N TYR B 504 -75.12 61.83 -71.90
CA TYR B 504 -73.91 61.31 -71.27
C TYR B 504 -72.88 60.80 -72.28
N GLN B 505 -73.31 60.28 -73.44
CA GLN B 505 -72.38 59.80 -74.50
C GLN B 505 -71.45 60.92 -74.97
N TYR B 506 -71.92 62.16 -75.03
CA TYR B 506 -71.10 63.30 -75.41
C TYR B 506 -70.37 63.95 -74.23
N GLN B 507 -70.67 63.58 -72.98
CA GLN B 507 -70.01 64.12 -71.79
C GLN B 507 -68.74 63.35 -71.38
N GLN B 508 -68.56 62.13 -71.86
CA GLN B 508 -67.57 61.18 -71.34
C GLN B 508 -66.14 61.73 -71.31
N GLU B 509 -65.66 62.33 -72.39
CA GLU B 509 -64.29 62.84 -72.46
C GLU B 509 -64.08 64.04 -71.51
N SER B 510 -65.11 64.87 -71.28
CA SER B 510 -65.00 65.99 -70.34
C SER B 510 -64.83 65.53 -68.88
N ILE B 511 -65.59 64.53 -68.42
CA ILE B 511 -65.42 64.03 -67.05
C ILE B 511 -64.16 63.20 -66.90
N ASN B 512 -63.70 62.52 -67.95
CA ASN B 512 -62.38 61.92 -67.94
C ASN B 512 -61.29 62.99 -67.80
N SER B 513 -61.42 64.10 -68.50
CA SER B 513 -60.48 65.23 -68.42
C SER B 513 -60.44 65.86 -67.02
N ILE B 514 -61.59 65.97 -66.34
CA ILE B 514 -61.64 66.39 -64.94
C ILE B 514 -60.95 65.36 -64.03
N CYS B 515 -61.16 64.07 -64.21
CA CYS B 515 -60.46 63.04 -63.46
C CYS B 515 -58.95 63.04 -63.69
N LEU B 516 -58.50 63.27 -64.93
CA LEU B 516 -57.09 63.45 -65.27
C LEU B 516 -56.45 64.67 -64.59
N SER B 517 -57.22 65.66 -64.16
CA SER B 517 -56.66 66.73 -63.35
C SER B 517 -56.25 66.27 -61.95
N GLY B 518 -56.78 65.15 -61.46
CA GLY B 518 -56.43 64.58 -60.15
C GLY B 518 -55.07 63.88 -60.13
N PRO B 519 -54.47 63.73 -58.93
CA PRO B 519 -53.15 63.13 -58.77
C PRO B 519 -53.12 61.63 -59.08
N GLY B 520 -51.93 61.14 -59.41
CA GLY B 520 -51.62 59.75 -59.72
C GLY B 520 -52.04 59.28 -61.11
N THR B 521 -52.85 60.04 -61.84
CA THR B 521 -53.35 59.65 -63.15
C THR B 521 -52.22 59.64 -64.20
N PRO B 522 -52.04 58.56 -64.97
CA PRO B 522 -50.88 58.38 -65.84
C PRO B 522 -50.89 59.25 -67.10
N LYS B 523 -49.70 59.46 -67.67
CA LYS B 523 -49.47 60.06 -68.99
C LYS B 523 -49.26 58.95 -70.02
N ILE B 524 -50.14 58.83 -71.00
CA ILE B 524 -50.02 57.83 -72.07
C ILE B 524 -50.01 58.55 -73.42
N PRO B 525 -48.96 58.43 -74.25
CA PRO B 525 -48.93 59.06 -75.55
C PRO B 525 -50.11 58.65 -76.45
N LYS B 526 -50.65 59.57 -77.24
CA LYS B 526 -51.76 59.26 -78.15
C LYS B 526 -51.36 58.18 -79.15
N GLY B 527 -52.26 57.22 -79.36
CA GLY B 527 -52.01 56.03 -80.18
C GLY B 527 -51.30 54.86 -79.47
N ILE B 528 -50.91 55.01 -78.21
CA ILE B 528 -50.37 53.92 -77.39
C ILE B 528 -51.46 53.42 -76.43
N THR B 529 -51.60 52.10 -76.32
CA THR B 529 -52.47 51.45 -75.33
C THR B 529 -51.58 50.83 -74.27
N ALA B 530 -51.75 51.24 -73.02
CA ALA B 530 -51.10 50.60 -71.88
C ALA B 530 -51.92 49.38 -71.44
N GLU B 531 -51.26 48.35 -70.94
CA GLU B 531 -51.88 47.07 -70.60
C GLU B 531 -51.26 46.54 -69.30
N ALA B 532 -51.99 45.72 -68.56
CA ALA B 532 -51.44 44.96 -67.44
C ALA B 532 -52.04 43.56 -67.41
N LYS B 533 -51.27 42.58 -66.93
CA LYS B 533 -51.70 41.20 -66.82
C LYS B 533 -51.23 40.54 -65.53
N VAL B 534 -51.99 39.56 -65.08
CA VAL B 534 -51.63 38.65 -64.00
C VAL B 534 -51.64 37.22 -64.56
N LYS B 535 -50.74 36.37 -64.08
CA LYS B 535 -50.85 34.92 -64.27
C LYS B 535 -51.40 34.31 -63.00
N TYR B 536 -52.47 33.55 -63.13
CA TYR B 536 -53.14 32.91 -62.00
C TYR B 536 -52.94 31.40 -62.02
N SER B 537 -53.03 30.80 -60.84
CA SER B 537 -53.10 29.36 -60.66
C SER B 537 -54.05 29.05 -59.51
N PHE B 538 -55.29 28.66 -59.82
CA PHE B 538 -56.26 28.22 -58.80
C PHE B 538 -56.09 26.75 -58.52
N ASN B 539 -56.02 26.37 -57.25
CA ASN B 539 -55.78 25.00 -56.84
C ASN B 539 -57.09 24.33 -56.43
N PHE B 540 -57.44 23.25 -57.10
CA PHE B 540 -58.63 22.45 -56.85
C PHE B 540 -58.24 20.98 -56.70
N LYS B 541 -59.11 20.20 -56.05
CA LYS B 541 -59.15 18.76 -56.20
C LYS B 541 -60.52 18.38 -56.71
N TRP B 542 -60.61 17.36 -57.56
CA TRP B 542 -61.85 16.77 -58.02
C TRP B 542 -62.04 15.42 -57.33
N GLY B 543 -63.25 15.13 -56.85
CA GLY B 543 -63.54 13.92 -56.07
C GLY B 543 -64.68 13.12 -56.66
N GLY B 544 -64.62 11.81 -56.55
CA GLY B 544 -65.70 10.94 -57.00
C GLY B 544 -65.41 9.47 -56.81
N ASP B 545 -66.39 8.64 -57.15
CA ASP B 545 -66.18 7.22 -57.44
C ASP B 545 -65.41 7.03 -58.76
N LEU B 546 -64.75 5.89 -58.91
CA LEU B 546 -63.88 5.62 -60.05
C LEU B 546 -64.64 5.70 -61.40
N PRO B 547 -64.13 6.45 -62.39
CA PRO B 547 -64.79 6.61 -63.68
C PRO B 547 -64.49 5.46 -64.66
N PRO B 548 -65.27 5.33 -65.75
CA PRO B 548 -64.98 4.43 -66.86
C PRO B 548 -63.85 4.95 -67.78
N MET B 549 -63.36 4.10 -68.69
CA MET B 549 -62.24 4.41 -69.62
C MET B 549 -62.32 3.57 -70.91
N SER B 550 -61.64 3.97 -71.99
CA SER B 550 -61.62 3.24 -73.28
C SER B 550 -60.21 3.16 -73.91
N THR B 551 -60.04 2.27 -74.89
CA THR B 551 -58.73 1.85 -75.44
C THR B 551 -58.73 1.80 -76.97
N ILE B 552 -57.52 1.77 -77.56
CA ILE B 552 -57.26 1.88 -79.00
C ILE B 552 -56.58 0.60 -79.50
N THR B 553 -56.88 0.15 -80.74
CA THR B 553 -56.23 -1.05 -81.32
C THR B 553 -54.72 -0.90 -81.38
N ASN B 554 -53.96 -1.97 -81.14
CA ASN B 554 -52.51 -1.94 -81.28
C ASN B 554 -52.01 -1.81 -82.75
N PRO B 555 -52.56 -2.53 -83.75
CA PRO B 555 -52.04 -2.47 -85.10
C PRO B 555 -52.20 -1.10 -85.76
N THR B 556 -53.35 -0.46 -85.60
CA THR B 556 -53.57 0.92 -86.14
C THR B 556 -53.27 1.91 -85.02
N ASP B 557 -51.99 2.17 -84.76
CA ASP B 557 -51.58 3.08 -83.66
C ASP B 557 -50.32 3.85 -84.08
N GLN B 558 -49.83 4.76 -83.24
CA GLN B 558 -48.60 5.55 -83.56
C GLN B 558 -47.57 4.60 -84.17
N PRO B 559 -47.21 4.74 -85.47
CA PRO B 559 -46.27 3.82 -86.10
C PRO B 559 -44.82 4.17 -85.85
N THR B 560 -43.96 3.17 -85.66
CA THR B 560 -42.53 3.43 -85.47
C THR B 560 -41.92 4.03 -86.74
N TYR B 561 -40.85 4.82 -86.63
CA TYR B 561 -40.21 5.46 -87.78
C TYR B 561 -39.84 4.46 -88.90
N VAL B 562 -39.54 3.21 -88.53
CA VAL B 562 -39.25 2.10 -89.45
C VAL B 562 -40.44 1.86 -90.40
N LYS C 48 -54.31 -49.75 -9.47
CA LYS C 48 -54.29 -50.46 -10.77
C LYS C 48 -53.94 -51.93 -10.60
N ARG C 49 -52.71 -52.27 -10.22
CA ARG C 49 -52.28 -53.64 -9.88
C ARG C 49 -51.39 -53.65 -8.65
N LEU C 50 -51.51 -54.67 -7.81
CA LEU C 50 -50.81 -54.81 -6.54
C LEU C 50 -49.99 -56.10 -6.51
N ASN C 51 -48.87 -56.09 -5.80
CA ASN C 51 -48.16 -57.32 -5.45
C ASN C 51 -49.03 -58.18 -4.52
N ILE C 52 -49.08 -59.48 -4.75
CA ILE C 52 -49.64 -60.42 -3.80
C ILE C 52 -48.66 -60.57 -2.63
N VAL C 53 -49.18 -60.53 -1.41
CA VAL C 53 -48.42 -60.54 -0.16
C VAL C 53 -48.95 -61.66 0.72
N GLU C 54 -48.06 -62.32 1.46
CA GLU C 54 -48.39 -63.34 2.44
C GLU C 54 -47.88 -62.93 3.82
N TRP C 55 -48.61 -63.29 4.87
CA TRP C 55 -48.17 -63.04 6.24
C TRP C 55 -47.42 -64.25 6.77
N GLN C 56 -46.17 -63.99 7.20
CA GLN C 56 -45.25 -65.06 7.63
C GLN C 56 -45.79 -65.77 8.86
N PRO C 57 -45.62 -67.10 8.95
CA PRO C 57 -46.14 -67.89 10.07
C PRO C 57 -45.36 -67.63 11.37
N LYS C 58 -45.99 -67.95 12.50
CA LYS C 58 -45.54 -67.56 13.84
C LYS C 58 -44.15 -68.10 14.22
N SER C 59 -43.85 -69.35 13.86
CA SER C 59 -42.52 -69.95 14.04
C SER C 59 -42.04 -70.63 12.76
N ILE C 60 -40.76 -70.48 12.45
CA ILE C 60 -40.13 -70.95 11.22
C ILE C 60 -38.81 -71.67 11.56
N ARG C 61 -38.56 -72.82 10.90
CA ARG C 61 -37.32 -73.62 11.12
C ARG C 61 -36.69 -74.14 9.81
N LYS C 62 -35.56 -73.58 9.38
CA LYS C 62 -34.84 -74.04 8.18
C LYS C 62 -34.42 -75.50 8.32
N CYS C 63 -34.56 -76.28 7.26
CA CYS C 63 -34.13 -77.67 7.19
C CYS C 63 -33.53 -77.98 5.82
N ARG C 64 -32.24 -78.41 5.83
CA ARG C 64 -31.56 -78.89 4.59
C ARG C 64 -31.59 -80.42 4.56
N ILE C 65 -32.43 -81.01 3.71
CA ILE C 65 -32.47 -82.47 3.55
C ILE C 65 -31.25 -82.86 2.72
N LYS C 66 -30.21 -83.40 3.37
CA LYS C 66 -28.90 -83.69 2.78
C LYS C 66 -28.72 -85.19 2.63
N GLY C 67 -28.21 -85.65 1.49
CA GLY C 67 -27.99 -87.08 1.27
C GLY C 67 -27.30 -87.39 -0.04
N MET C 68 -27.21 -88.68 -0.35
CA MET C 68 -26.49 -89.21 -1.51
C MET C 68 -27.46 -90.03 -2.38
N LEU C 69 -27.48 -89.82 -3.69
CA LEU C 69 -28.33 -90.52 -4.64
C LEU C 69 -27.50 -91.26 -5.69
N CYS C 70 -27.75 -92.54 -5.89
CA CYS C 70 -27.16 -93.31 -6.97
C CYS C 70 -27.81 -92.98 -8.32
N LEU C 71 -27.04 -92.49 -9.29
CA LEU C 71 -27.56 -92.12 -10.62
C LEU C 71 -27.71 -93.34 -11.53
N PHE C 72 -26.74 -94.23 -11.53
CA PHE C 72 -26.83 -95.54 -12.16
C PHE C 72 -25.83 -96.48 -11.49
N GLN C 73 -26.03 -97.78 -11.63
CA GLN C 73 -24.99 -98.77 -11.44
C GLN C 73 -25.17 -99.85 -12.49
N THR C 74 -24.16 -100.06 -13.32
CA THR C 74 -24.28 -100.75 -14.60
C THR C 74 -23.12 -101.70 -14.88
N THR C 75 -23.42 -102.81 -15.53
CA THR C 75 -22.47 -103.62 -16.30
C THR C 75 -22.63 -103.31 -17.79
N GLU C 76 -21.77 -103.83 -18.65
CA GLU C 76 -21.85 -103.61 -20.11
C GLU C 76 -23.16 -104.16 -20.73
N ASP C 77 -23.64 -105.30 -20.24
CA ASP C 77 -24.85 -105.97 -20.72
C ASP C 77 -26.17 -105.33 -20.24
N ARG C 78 -26.08 -104.24 -19.46
CA ARG C 78 -27.23 -103.45 -19.00
C ARG C 78 -27.19 -101.98 -19.39
N LEU C 79 -26.24 -101.56 -20.22
CA LEU C 79 -26.05 -100.13 -20.55
C LEU C 79 -27.26 -99.47 -21.20
N SER C 80 -28.00 -100.18 -22.05
CA SER C 80 -29.16 -99.62 -22.76
C SER C 80 -30.46 -99.61 -21.94
N TYR C 81 -30.44 -100.01 -20.66
CA TYR C 81 -31.62 -100.12 -19.81
C TYR C 81 -31.64 -99.09 -18.69
N ASN C 82 -32.83 -98.71 -18.26
CA ASN C 82 -33.07 -97.78 -17.17
C ASN C 82 -32.76 -98.43 -15.81
N PHE C 83 -31.90 -97.81 -15.01
CA PHE C 83 -31.62 -98.19 -13.63
C PHE C 83 -32.72 -97.71 -12.69
N ASP C 84 -33.44 -98.66 -12.09
CA ASP C 84 -34.25 -98.44 -10.90
C ASP C 84 -33.56 -99.12 -9.71
N MET C 85 -33.37 -98.37 -8.62
CA MET C 85 -32.75 -98.91 -7.41
C MET C 85 -33.70 -99.83 -6.64
N TYR C 86 -35.00 -99.60 -6.77
CA TYR C 86 -36.07 -100.40 -6.19
C TYR C 86 -36.75 -101.18 -7.33
N GLU C 87 -36.52 -102.48 -7.35
CA GLU C 87 -36.50 -103.32 -8.54
C GLU C 87 -37.82 -104.00 -8.94
N GLU C 88 -37.90 -104.41 -10.20
CA GLU C 88 -38.72 -105.57 -10.58
C GLU C 88 -37.94 -106.80 -10.11
N SER C 89 -38.48 -107.57 -9.16
CA SER C 89 -37.72 -108.45 -8.25
C SER C 89 -36.79 -109.49 -8.89
N ILE C 90 -36.96 -109.79 -10.18
CA ILE C 90 -36.06 -110.66 -10.95
C ILE C 90 -34.77 -109.94 -11.38
N ILE C 91 -34.78 -108.63 -11.64
CA ILE C 91 -33.64 -107.90 -12.21
C ILE C 91 -32.37 -108.04 -11.36
N PRO C 92 -32.35 -107.80 -10.03
CA PRO C 92 -31.12 -107.93 -9.27
C PRO C 92 -30.67 -109.38 -9.05
N GLU C 93 -31.48 -110.39 -9.36
CA GLU C 93 -31.05 -111.79 -9.24
C GLU C 93 -29.97 -112.10 -10.27
N LYS C 94 -28.72 -112.26 -9.79
CA LYS C 94 -27.52 -112.49 -10.61
C LYS C 94 -27.20 -111.35 -11.62
N LEU C 95 -27.64 -110.11 -11.34
CA LEU C 95 -27.07 -108.90 -11.97
C LEU C 95 -26.57 -107.91 -10.91
N PRO C 96 -25.29 -107.51 -10.92
CA PRO C 96 -24.75 -106.56 -9.95
C PRO C 96 -25.09 -105.09 -10.27
N GLY C 97 -25.52 -104.78 -11.50
CA GLY C 97 -26.00 -103.45 -11.88
C GLY C 97 -27.14 -103.54 -12.89
N GLY C 98 -28.23 -102.81 -12.66
CA GLY C 98 -29.49 -102.98 -13.41
C GLY C 98 -29.64 -102.14 -14.66
N GLY C 99 -28.87 -101.06 -14.84
CA GLY C 99 -29.07 -100.16 -15.96
C GLY C 99 -28.03 -99.06 -16.08
N GLY C 100 -27.75 -98.60 -17.30
CA GLY C 100 -26.72 -97.60 -17.60
C GLY C 100 -27.22 -96.17 -17.77
N PHE C 101 -28.52 -95.95 -17.68
CA PHE C 101 -29.10 -94.61 -17.62
C PHE C 101 -30.20 -94.60 -16.58
N SER C 102 -30.59 -93.44 -16.05
CA SER C 102 -31.82 -93.35 -15.26
C SER C 102 -32.52 -92.03 -15.49
N ILE C 103 -33.83 -92.05 -15.24
CA ILE C 103 -34.61 -90.85 -14.99
C ILE C 103 -35.08 -90.91 -13.54
N LYS C 104 -34.67 -89.94 -12.72
CA LYS C 104 -35.05 -89.78 -11.31
C LYS C 104 -36.04 -88.64 -11.19
N ASN C 105 -37.18 -88.84 -10.52
CA ASN C 105 -38.01 -87.75 -10.03
C ASN C 105 -37.88 -87.66 -8.52
N ILE C 106 -37.60 -86.47 -7.99
CA ILE C 106 -37.47 -86.23 -6.55
C ILE C 106 -38.66 -85.43 -6.04
N SER C 107 -39.29 -85.89 -4.98
CA SER C 107 -40.37 -85.21 -4.27
C SER C 107 -40.11 -85.31 -2.77
N LEU C 108 -40.72 -84.43 -1.98
CA LEU C 108 -40.57 -84.46 -0.52
C LEU C 108 -40.98 -85.80 0.08
N TYR C 109 -41.95 -86.50 -0.49
CA TYR C 109 -42.26 -87.86 -0.07
C TYR C 109 -41.18 -88.88 -0.45
N ALA C 110 -40.58 -88.77 -1.63
CA ALA C 110 -39.43 -89.60 -2.00
C ALA C 110 -38.21 -89.31 -1.10
N LEU C 111 -37.98 -88.06 -0.70
CA LEU C 111 -36.96 -87.71 0.29
C LEU C 111 -37.25 -88.33 1.66
N TYR C 112 -38.49 -88.36 2.12
CA TYR C 112 -38.89 -89.09 3.31
C TYR C 112 -38.67 -90.60 3.16
N GLN C 113 -38.99 -91.20 2.02
CA GLN C 113 -38.70 -92.62 1.78
C GLN C 113 -37.21 -92.92 1.80
N GLU C 114 -36.36 -92.05 1.25
CA GLU C 114 -34.91 -92.19 1.35
C GLU C 114 -34.42 -92.05 2.80
N HIS C 115 -35.14 -91.33 3.66
CA HIS C 115 -34.81 -91.23 5.11
C HIS C 115 -35.12 -92.56 5.82
N ILE C 116 -36.14 -93.30 5.35
CA ILE C 116 -36.43 -94.64 5.89
C ILE C 116 -35.35 -95.65 5.51
N HIS C 117 -34.71 -95.50 4.34
CA HIS C 117 -33.51 -96.25 3.97
C HIS C 117 -32.22 -95.74 4.61
N ALA C 118 -32.29 -94.72 5.46
CA ALA C 118 -31.14 -94.02 6.05
C ALA C 118 -30.19 -93.39 5.02
N HIS C 119 -30.65 -93.07 3.82
CA HIS C 119 -29.84 -92.48 2.75
C HIS C 119 -29.69 -90.96 2.87
N ASN C 120 -30.45 -90.31 3.74
CA ASN C 120 -30.34 -88.87 3.99
C ASN C 120 -30.58 -88.52 5.47
N ILE C 121 -30.22 -87.29 5.82
CA ILE C 121 -30.55 -86.64 7.08
C ILE C 121 -31.49 -85.47 6.81
N PHE C 122 -32.39 -85.19 7.75
CA PHE C 122 -33.13 -83.92 7.81
C PHE C 122 -32.46 -83.08 8.89
N THR C 123 -31.96 -81.91 8.54
CA THR C 123 -31.25 -81.03 9.49
C THR C 123 -32.14 -80.51 10.62
N HIS C 124 -33.45 -80.48 10.37
CA HIS C 124 -34.45 -80.15 11.42
C HIS C 124 -35.67 -81.02 11.15
N THR C 125 -36.27 -81.60 12.18
CA THR C 125 -37.54 -82.34 12.07
C THR C 125 -38.69 -81.42 11.68
N ASN C 126 -39.75 -82.03 11.14
CA ASN C 126 -40.96 -81.37 10.66
C ASN C 126 -42.22 -81.79 11.45
N THR C 127 -42.08 -82.44 12.61
CA THR C 127 -43.19 -83.20 13.23
C THR C 127 -44.38 -82.34 13.63
N ASP C 128 -44.15 -81.09 14.06
CA ASP C 128 -45.19 -80.21 14.62
C ASP C 128 -45.28 -78.86 13.90
N ARG C 129 -44.72 -78.78 12.69
CA ARG C 129 -44.81 -77.57 11.83
C ARG C 129 -45.34 -78.09 10.49
N PRO C 130 -46.65 -77.92 10.15
CA PRO C 130 -47.26 -78.58 8.99
C PRO C 130 -47.05 -77.83 7.67
N LEU C 131 -46.65 -76.55 7.70
CA LEU C 131 -46.35 -75.78 6.49
C LEU C 131 -44.93 -76.04 6.01
N ALA C 132 -44.71 -75.93 4.70
CA ALA C 132 -43.42 -76.02 4.06
C ALA C 132 -43.23 -74.89 3.06
N ARG C 133 -41.98 -74.41 2.93
CA ARG C 133 -41.59 -73.36 1.96
C ARG C 133 -40.29 -73.81 1.26
N TYR C 134 -40.40 -74.51 0.14
CA TYR C 134 -39.26 -75.01 -0.64
C TYR C 134 -38.52 -73.88 -1.35
N THR C 135 -37.20 -73.83 -1.22
CA THR C 135 -36.36 -72.71 -1.69
C THR C 135 -35.44 -73.10 -2.85
N GLY C 136 -35.31 -74.38 -3.17
CA GLY C 136 -34.44 -74.89 -4.22
C GLY C 136 -33.48 -75.96 -3.73
N CYS C 137 -32.61 -76.40 -4.62
CA CYS C 137 -31.71 -77.53 -4.40
C CYS C 137 -30.26 -77.17 -4.76
N SER C 138 -29.29 -77.75 -4.05
CA SER C 138 -27.90 -77.84 -4.50
C SER C 138 -27.57 -79.28 -4.83
N LEU C 139 -26.97 -79.53 -5.99
CA LEU C 139 -26.41 -80.82 -6.36
C LEU C 139 -24.90 -80.74 -6.47
N LYS C 140 -24.17 -81.74 -5.96
CA LYS C 140 -22.75 -81.98 -6.24
C LYS C 140 -22.63 -83.32 -6.96
N PHE C 141 -22.24 -83.30 -8.22
CA PHE C 141 -22.04 -84.48 -9.04
C PHE C 141 -20.59 -84.90 -8.94
N TYR C 142 -20.30 -86.12 -8.51
CA TYR C 142 -18.92 -86.59 -8.33
C TYR C 142 -18.39 -87.28 -9.56
N GLN C 143 -17.12 -87.05 -9.88
CA GLN C 143 -16.41 -87.88 -10.84
C GLN C 143 -16.36 -89.32 -10.37
N SER C 144 -16.85 -90.26 -11.17
CA SER C 144 -16.61 -91.68 -10.91
C SER C 144 -15.15 -92.02 -11.20
N LYS C 145 -14.67 -93.14 -10.65
CA LYS C 145 -13.32 -93.62 -10.91
C LYS C 145 -13.15 -94.04 -12.38
N ASP C 146 -14.03 -94.90 -12.88
CA ASP C 146 -13.84 -95.64 -14.14
C ASP C 146 -14.73 -95.19 -15.31
N ILE C 147 -15.81 -94.45 -15.07
CA ILE C 147 -16.81 -94.14 -16.15
C ILE C 147 -17.16 -92.64 -16.19
N ASP C 148 -17.34 -92.09 -17.38
CA ASP C 148 -17.76 -90.67 -17.55
C ASP C 148 -19.29 -90.71 -17.53
N TYR C 149 -19.97 -89.58 -17.49
CA TYR C 149 -21.45 -89.61 -17.59
C TYR C 149 -22.04 -88.24 -17.84
N VAL C 150 -23.09 -88.17 -18.64
CA VAL C 150 -23.82 -86.94 -18.97
C VAL C 150 -25.00 -86.84 -18.03
N VAL C 151 -25.26 -85.66 -17.48
CA VAL C 151 -26.47 -85.34 -16.74
C VAL C 151 -27.21 -84.22 -17.45
N THR C 152 -28.54 -84.27 -17.45
CA THR C 152 -29.34 -83.07 -17.63
C THR C 152 -30.55 -83.15 -16.69
N TYR C 153 -31.06 -82.02 -16.25
CA TYR C 153 -32.13 -81.95 -15.27
C TYR C 153 -33.20 -80.97 -15.72
N SER C 154 -34.39 -81.13 -15.19
CA SER C 154 -35.54 -80.28 -15.49
C SER C 154 -36.35 -80.02 -14.24
N THR C 155 -37.13 -78.93 -14.22
CA THR C 155 -38.04 -78.62 -13.09
C THR C 155 -39.39 -78.16 -13.62
N SER C 156 -39.74 -78.49 -14.87
CA SER C 156 -41.11 -78.20 -15.36
C SER C 156 -42.07 -78.98 -14.48
N LEU C 157 -42.85 -78.31 -13.63
CA LEU C 157 -43.74 -79.01 -12.66
C LEU C 157 -44.49 -80.14 -13.37
N PRO C 158 -45.08 -79.93 -14.58
CA PRO C 158 -45.71 -81.04 -15.29
C PRO C 158 -44.70 -82.17 -15.50
N LEU C 159 -44.97 -83.34 -14.93
CA LEU C 159 -44.05 -84.51 -15.03
C LEU C 159 -44.67 -85.55 -15.97
N ARG C 160 -43.93 -85.98 -16.99
CA ARG C 160 -44.41 -87.02 -17.95
C ARG C 160 -43.22 -87.67 -18.64
N SER C 161 -43.41 -88.86 -19.23
CA SER C 161 -42.33 -89.57 -19.98
C SER C 161 -42.67 -89.53 -21.47
N SER C 162 -41.67 -89.64 -22.33
CA SER C 162 -41.89 -89.61 -23.80
C SER C 162 -40.95 -90.58 -24.51
N MET C 163 -41.34 -91.09 -25.67
CA MET C 163 -40.50 -91.98 -26.49
C MET C 163 -39.22 -91.27 -26.96
N GLY C 164 -39.32 -90.00 -27.34
CA GLY C 164 -38.19 -89.16 -27.71
C GLY C 164 -37.25 -88.88 -26.54
N MET C 165 -37.77 -88.72 -25.31
CA MET C 165 -36.94 -88.63 -24.11
C MET C 165 -36.09 -89.88 -23.93
N TYR C 166 -36.70 -91.08 -23.96
CA TYR C 166 -35.96 -92.32 -23.75
C TYR C 166 -34.93 -92.60 -24.85
N ASN C 167 -35.24 -92.31 -26.12
CA ASN C 167 -34.23 -92.41 -27.17
C ASN C 167 -33.11 -91.37 -26.97
N SER C 168 -33.45 -90.13 -26.59
CA SER C 168 -32.45 -89.09 -26.36
C SER C 168 -31.53 -89.37 -25.17
N MET C 169 -31.83 -90.35 -24.32
CA MET C 169 -30.89 -90.84 -23.31
C MET C 169 -29.68 -91.56 -23.89
N GLN C 170 -29.68 -91.92 -25.17
CA GLN C 170 -28.53 -92.54 -25.82
C GLN C 170 -27.30 -91.64 -25.64
N PRO C 171 -26.14 -92.15 -25.21
CA PRO C 171 -25.05 -91.31 -24.73
C PRO C 171 -24.58 -90.24 -25.70
N SER C 172 -24.48 -90.54 -26.99
CA SER C 172 -24.11 -89.58 -28.02
C SER C 172 -25.16 -88.49 -28.20
N ILE C 173 -26.44 -88.85 -28.18
CA ILE C 173 -27.55 -87.90 -28.33
C ILE C 173 -27.68 -87.01 -27.11
N HIS C 174 -27.61 -87.58 -25.90
CA HIS C 174 -27.64 -86.83 -24.66
C HIS C 174 -26.45 -85.87 -24.59
N LEU C 175 -25.25 -86.32 -24.96
CA LEU C 175 -24.07 -85.46 -25.03
C LEU C 175 -24.19 -84.30 -26.04
N MET C 176 -25.04 -84.39 -27.06
CA MET C 176 -25.30 -83.26 -27.95
C MET C 176 -26.30 -82.23 -27.41
N GLN C 177 -27.14 -82.58 -26.44
CA GLN C 177 -28.20 -81.69 -25.96
C GLN C 177 -27.66 -80.41 -25.29
N GLN C 178 -28.45 -79.35 -25.33
CA GLN C 178 -28.17 -78.10 -24.62
C GLN C 178 -28.44 -78.26 -23.12
N ASN C 179 -27.71 -77.50 -22.30
CA ASN C 179 -27.79 -77.57 -20.83
C ASN C 179 -27.54 -78.98 -20.27
N LYS C 180 -26.71 -79.75 -20.97
CA LYS C 180 -26.05 -80.93 -20.43
C LYS C 180 -24.99 -80.52 -19.40
N LEU C 181 -24.62 -81.46 -18.55
CA LEU C 181 -23.42 -81.45 -17.74
C LEU C 181 -22.65 -82.73 -18.03
N ILE C 182 -21.39 -82.64 -18.44
CA ILE C 182 -20.53 -83.80 -18.64
C ILE C 182 -19.64 -83.92 -17.41
N VAL C 183 -19.59 -85.09 -16.81
CA VAL C 183 -18.70 -85.41 -15.70
C VAL C 183 -17.68 -86.44 -16.19
N PRO C 184 -16.44 -86.02 -16.52
CA PRO C 184 -15.39 -86.96 -16.85
C PRO C 184 -15.05 -87.82 -15.63
N SER C 185 -14.66 -89.06 -15.85
CA SER C 185 -14.08 -89.88 -14.80
C SER C 185 -12.76 -89.28 -14.30
N LYS C 186 -12.31 -89.71 -13.12
CA LYS C 186 -11.00 -89.32 -12.58
C LYS C 186 -9.85 -89.77 -13.49
N GLN C 187 -10.05 -90.86 -14.22
CA GLN C 187 -9.11 -91.34 -15.25
C GLN C 187 -9.06 -90.42 -16.46
N THR C 188 -10.19 -89.98 -17.02
CA THR C 188 -10.18 -89.12 -18.22
C THR C 188 -9.82 -87.66 -17.93
N GLN C 189 -10.08 -87.13 -16.73
CA GLN C 189 -9.60 -85.81 -16.34
C GLN C 189 -9.42 -85.67 -14.82
N LYS C 190 -8.19 -85.42 -14.37
CA LYS C 190 -7.90 -84.96 -13.01
C LYS C 190 -8.30 -83.49 -12.87
N ARG C 191 -8.98 -83.13 -11.79
CA ARG C 191 -9.57 -81.79 -11.55
C ARG C 191 -9.15 -81.23 -10.19
N ARG C 192 -9.20 -79.91 -10.03
CA ARG C 192 -8.98 -79.24 -8.74
C ARG C 192 -10.04 -79.67 -7.72
N LYS C 193 -11.31 -79.52 -8.08
CA LYS C 193 -12.45 -80.01 -7.28
C LYS C 193 -12.93 -81.33 -7.89
N PRO C 194 -13.12 -82.39 -7.09
CA PRO C 194 -13.48 -83.72 -7.59
C PRO C 194 -14.96 -83.87 -7.94
N TYR C 195 -15.71 -82.76 -8.00
CA TYR C 195 -17.15 -82.70 -8.22
C TYR C 195 -17.51 -81.46 -9.02
N ILE C 196 -18.67 -81.46 -9.65
CA ILE C 196 -19.28 -80.28 -10.26
C ILE C 196 -20.54 -79.92 -9.47
N LYS C 197 -20.64 -78.67 -9.01
CA LYS C 197 -21.69 -78.17 -8.14
C LYS C 197 -22.58 -77.19 -8.88
N LYS C 198 -23.90 -77.37 -8.79
CA LYS C 198 -24.84 -76.34 -9.27
C LYS C 198 -26.16 -76.29 -8.51
N HIS C 199 -26.71 -75.08 -8.45
CA HIS C 199 -27.93 -74.75 -7.74
C HIS C 199 -29.11 -74.77 -8.70
N ILE C 200 -30.21 -75.37 -8.29
CA ILE C 200 -31.41 -75.57 -9.09
C ILE C 200 -32.58 -74.89 -8.39
N SER C 201 -33.27 -74.00 -9.08
CA SER C 201 -34.40 -73.23 -8.56
C SER C 201 -35.66 -74.11 -8.46
N PRO C 202 -36.67 -73.80 -7.63
CA PRO C 202 -37.92 -74.55 -7.63
C PRO C 202 -38.62 -74.60 -9.00
N PRO C 203 -39.50 -75.58 -9.24
CA PRO C 203 -40.42 -75.55 -10.37
C PRO C 203 -41.12 -74.21 -10.49
N THR C 204 -41.38 -73.71 -11.70
CA THR C 204 -42.03 -72.40 -11.87
C THR C 204 -43.44 -72.35 -11.24
N GLN C 205 -44.09 -73.52 -11.12
CA GLN C 205 -45.44 -73.66 -10.51
C GLN C 205 -45.33 -73.65 -8.97
N MET C 206 -44.19 -74.01 -8.40
CA MET C 206 -43.93 -73.88 -6.96
C MET C 206 -43.49 -72.45 -6.67
N LYS C 207 -44.40 -71.60 -6.21
CA LYS C 207 -44.11 -70.20 -5.87
C LYS C 207 -43.43 -70.11 -4.50
N SER C 208 -42.91 -68.95 -4.13
CA SER C 208 -42.23 -68.76 -2.84
C SER C 208 -43.15 -68.85 -1.62
N GLN C 209 -44.47 -68.92 -1.82
CA GLN C 209 -45.46 -69.03 -0.74
C GLN C 209 -45.27 -70.28 0.14
N TRP C 210 -45.88 -70.28 1.32
CA TRP C 210 -46.04 -71.48 2.15
C TRP C 210 -47.09 -72.42 1.57
N TYR C 211 -46.88 -73.73 1.71
CA TYR C 211 -47.81 -74.78 1.31
C TYR C 211 -47.92 -75.80 2.43
N PHE C 212 -49.08 -76.37 2.68
CA PHE C 212 -49.17 -77.54 3.55
C PHE C 212 -48.30 -78.69 3.00
N GLN C 213 -47.54 -79.34 3.88
CA GLN C 213 -46.65 -80.46 3.48
C GLN C 213 -47.47 -81.61 2.89
N HIS C 214 -48.74 -81.79 3.27
CA HIS C 214 -49.63 -82.84 2.72
C HIS C 214 -49.90 -82.57 1.23
N ASN C 215 -50.01 -81.29 0.84
CA ASN C 215 -50.31 -80.92 -0.54
C ASN C 215 -49.10 -81.11 -1.45
N ILE C 216 -47.93 -80.60 -1.03
CA ILE C 216 -46.71 -80.66 -1.84
C ILE C 216 -45.94 -81.97 -1.74
N ALA C 217 -46.30 -82.89 -0.84
CA ALA C 217 -45.56 -84.12 -0.60
C ALA C 217 -45.19 -84.88 -1.87
N ASN C 218 -46.15 -85.07 -2.78
CA ASN C 218 -45.98 -85.87 -3.99
C ASN C 218 -45.64 -85.06 -5.26
N ILE C 219 -45.61 -83.73 -5.20
CA ILE C 219 -45.25 -82.87 -6.33
C ILE C 219 -43.78 -83.09 -6.69
N PRO C 220 -43.42 -83.51 -7.91
CA PRO C 220 -42.03 -83.76 -8.27
C PRO C 220 -41.29 -82.43 -8.46
N LEU C 221 -40.34 -82.11 -7.57
CA LEU C 221 -39.65 -80.78 -7.56
C LEU C 221 -38.35 -80.79 -8.37
N LEU C 222 -37.90 -81.95 -8.81
CA LEU C 222 -36.71 -82.09 -9.65
C LEU C 222 -36.79 -83.37 -10.48
N MET C 223 -36.42 -83.31 -11.76
CA MET C 223 -36.06 -84.50 -12.55
C MET C 223 -34.58 -84.49 -12.89
N ILE C 224 -33.87 -85.57 -12.64
CA ILE C 224 -32.48 -85.77 -13.08
C ILE C 224 -32.47 -86.89 -14.12
N ARG C 225 -31.88 -86.64 -15.29
CA ARG C 225 -31.62 -87.63 -16.34
C ARG C 225 -30.13 -87.86 -16.44
N THR C 226 -29.67 -89.11 -16.34
CA THR C 226 -28.24 -89.44 -16.40
C THR C 226 -28.00 -90.61 -17.34
N THR C 227 -26.93 -90.58 -18.13
CA THR C 227 -26.52 -91.71 -18.98
C THR C 227 -25.01 -91.93 -18.86
N ALA C 228 -24.59 -93.19 -18.81
CA ALA C 228 -23.19 -93.61 -18.78
C ALA C 228 -22.53 -93.49 -20.16
N LEU C 229 -21.27 -93.10 -20.20
CA LEU C 229 -20.60 -92.55 -21.37
C LEU C 229 -19.12 -92.99 -21.40
N THR C 230 -18.49 -93.03 -22.57
CA THR C 230 -17.04 -92.84 -22.62
C THR C 230 -16.66 -91.79 -23.64
N LEU C 231 -15.79 -90.86 -23.25
CA LEU C 231 -15.24 -89.82 -24.10
C LEU C 231 -14.03 -90.33 -24.91
N ASP C 232 -13.14 -91.13 -24.31
CA ASP C 232 -11.91 -91.64 -24.94
C ASP C 232 -12.12 -92.85 -25.87
N ASN C 233 -13.24 -93.57 -25.74
CA ASN C 233 -13.60 -94.73 -26.56
C ASN C 233 -14.92 -94.46 -27.31
N TYR C 234 -15.20 -93.20 -27.63
CA TYR C 234 -16.51 -92.77 -28.14
C TYR C 234 -16.98 -93.56 -29.37
N TYR C 235 -16.11 -93.81 -30.35
CA TYR C 235 -16.47 -94.55 -31.55
C TYR C 235 -16.29 -96.05 -31.42
N ILE C 236 -15.13 -96.50 -30.94
CA ILE C 236 -14.82 -97.93 -30.82
C ILE C 236 -15.70 -98.60 -29.76
N GLY C 237 -15.93 -97.92 -28.63
CA GLY C 237 -16.74 -98.42 -27.51
C GLY C 237 -16.17 -99.72 -26.98
N SER C 238 -16.92 -100.81 -27.09
CA SER C 238 -16.47 -102.16 -26.77
C SER C 238 -16.42 -103.11 -27.98
N ARG C 239 -16.33 -102.56 -29.20
CA ARG C 239 -16.13 -103.31 -30.45
C ARG C 239 -14.94 -104.27 -30.34
N GLN C 240 -15.10 -105.48 -30.87
CA GLN C 240 -14.05 -106.49 -31.03
C GLN C 240 -14.02 -106.94 -32.50
N LEU C 241 -12.83 -107.13 -33.07
CA LEU C 241 -12.64 -107.50 -34.48
C LEU C 241 -13.35 -106.50 -35.43
N SER C 242 -14.24 -106.97 -36.31
CA SER C 242 -14.96 -106.16 -37.30
C SER C 242 -15.88 -105.11 -36.68
N THR C 243 -16.19 -104.05 -37.43
CA THR C 243 -17.24 -103.08 -37.05
C THR C 243 -18.65 -103.71 -37.06
N ASN C 244 -18.86 -104.74 -37.87
CA ASN C 244 -20.13 -105.48 -37.95
C ASN C 244 -20.41 -106.24 -36.65
N VAL C 245 -21.64 -106.15 -36.16
CA VAL C 245 -22.17 -106.99 -35.08
C VAL C 245 -23.09 -108.06 -35.67
N THR C 246 -23.06 -109.27 -35.12
CA THR C 246 -23.94 -110.37 -35.56
C THR C 246 -25.20 -110.41 -34.71
N ILE C 247 -26.37 -110.38 -35.36
CA ILE C 247 -27.68 -110.50 -34.72
C ILE C 247 -28.24 -111.88 -35.07
N HIS C 248 -28.74 -112.63 -34.08
CA HIS C 248 -29.46 -113.90 -34.36
C HIS C 248 -30.93 -113.50 -34.49
N THR C 249 -31.71 -114.18 -35.32
CA THR C 249 -33.16 -113.95 -35.43
C THR C 249 -33.94 -115.23 -35.73
N LEU C 250 -35.24 -115.22 -35.44
CA LEU C 250 -36.12 -116.35 -35.84
C LEU C 250 -36.40 -116.18 -37.33
N ASN C 251 -36.14 -117.20 -38.16
CA ASN C 251 -36.52 -117.13 -39.60
C ASN C 251 -37.98 -116.64 -39.64
N THR C 252 -38.26 -115.53 -40.32
CA THR C 252 -39.62 -114.96 -40.41
C THR C 252 -40.39 -115.73 -41.45
N THR C 253 -39.72 -116.25 -42.48
CA THR C 253 -40.36 -116.91 -43.63
C THR C 253 -40.88 -118.32 -43.32
N TYR C 254 -40.68 -118.83 -42.10
CA TYR C 254 -41.13 -120.16 -41.69
C TYR C 254 -41.73 -120.20 -40.28
N ILE C 255 -41.15 -119.47 -39.31
CA ILE C 255 -41.63 -119.42 -37.93
C ILE C 255 -42.58 -118.21 -37.77
N GLN C 256 -43.90 -118.39 -37.83
CA GLN C 256 -44.80 -117.22 -37.77
C GLN C 256 -46.03 -117.45 -36.88
N ASN C 257 -46.32 -118.69 -36.50
CA ASN C 257 -47.60 -118.94 -35.82
C ASN C 257 -47.74 -118.37 -34.42
N ARG C 258 -46.63 -118.12 -33.71
CA ARG C 258 -46.62 -117.50 -32.35
C ARG C 258 -47.53 -118.26 -31.37
N ASP C 259 -47.71 -119.58 -31.54
CA ASP C 259 -48.52 -120.40 -30.62
C ASP C 259 -47.67 -121.06 -29.53
N TRP C 260 -46.94 -120.26 -28.75
CA TRP C 260 -45.88 -120.75 -27.86
C TRP C 260 -46.30 -121.05 -26.42
N GLY C 261 -45.52 -121.91 -25.76
CA GLY C 261 -45.56 -122.08 -24.31
C GLY C 261 -46.65 -122.99 -23.77
N ASP C 262 -47.07 -124.01 -24.51
CA ASP C 262 -47.92 -125.11 -24.04
C ASP C 262 -47.31 -126.48 -24.35
N ARG C 263 -47.47 -127.45 -23.43
CA ARG C 263 -47.12 -128.86 -23.72
C ARG C 263 -48.44 -129.54 -24.14
N ASN C 264 -49.55 -128.78 -24.15
CA ASN C 264 -50.90 -129.27 -24.48
C ASN C 264 -51.27 -129.07 -25.96
N LYS C 265 -50.30 -128.72 -26.82
CA LYS C 265 -50.52 -128.34 -28.23
C LYS C 265 -49.35 -128.82 -29.10
N THR C 266 -49.63 -129.60 -30.15
CA THR C 266 -48.61 -129.95 -31.16
C THR C 266 -48.23 -128.69 -31.94
N TYR C 267 -46.95 -128.31 -31.96
CA TYR C 267 -46.52 -127.07 -32.59
C TYR C 267 -46.45 -127.18 -34.11
N TYR C 268 -46.91 -126.14 -34.80
CA TYR C 268 -46.86 -125.97 -36.24
C TYR C 268 -46.32 -124.57 -36.52
N CYS C 269 -45.38 -124.43 -37.44
CA CYS C 269 -44.57 -123.21 -37.56
C CYS C 269 -45.24 -122.11 -38.40
N GLN C 270 -45.97 -122.47 -39.46
CA GLN C 270 -46.72 -121.52 -40.28
C GLN C 270 -48.02 -122.12 -40.82
N THR C 271 -48.95 -121.25 -41.19
CA THR C 271 -50.12 -121.57 -42.03
C THR C 271 -49.97 -120.86 -43.37
N LEU C 272 -50.26 -121.54 -44.48
CA LEU C 272 -50.39 -120.93 -45.81
C LEU C 272 -51.67 -121.45 -46.47
N GLY C 273 -52.51 -120.56 -47.01
CA GLY C 273 -53.86 -120.94 -47.44
C GLY C 273 -54.65 -121.56 -46.30
N THR C 274 -55.07 -122.82 -46.47
CA THR C 274 -55.69 -123.66 -45.41
C THR C 274 -54.70 -124.57 -44.67
N GLN C 275 -53.47 -124.72 -45.17
CA GLN C 275 -52.50 -125.70 -44.67
C GLN C 275 -51.90 -125.29 -43.31
N ARG C 276 -51.31 -126.28 -42.63
CA ARG C 276 -50.37 -126.12 -41.51
C ARG C 276 -49.04 -126.79 -41.89
N TYR C 277 -47.94 -126.21 -41.45
CA TYR C 277 -46.59 -126.73 -41.70
C TYR C 277 -45.89 -127.07 -40.39
N PHE C 278 -45.07 -128.11 -40.43
CA PHE C 278 -44.54 -128.81 -39.28
C PHE C 278 -43.05 -129.05 -39.43
N LEU C 279 -42.36 -129.13 -38.30
CA LEU C 279 -40.92 -129.30 -38.22
C LEU C 279 -40.60 -130.65 -37.58
N TYR C 280 -39.55 -131.32 -38.03
CA TYR C 280 -39.05 -132.57 -37.46
C TYR C 280 -37.53 -132.55 -37.34
N GLY C 281 -36.98 -132.99 -36.22
CA GLY C 281 -35.54 -133.15 -36.05
C GLY C 281 -35.10 -134.55 -36.47
N THR C 282 -33.84 -134.73 -36.88
CA THR C 282 -33.27 -136.07 -37.04
C THR C 282 -31.78 -136.08 -36.70
N HIS C 283 -31.28 -137.23 -36.26
CA HIS C 283 -29.83 -137.42 -36.04
C HIS C 283 -29.28 -138.19 -37.24
N SER C 284 -30.12 -138.46 -38.25
CA SER C 284 -29.71 -139.25 -39.42
C SER C 284 -28.54 -138.61 -40.17
N THR C 285 -27.61 -139.46 -40.60
CA THR C 285 -26.51 -139.11 -41.50
C THR C 285 -26.92 -139.12 -42.98
N ALA C 286 -28.18 -139.43 -43.30
CA ALA C 286 -28.67 -139.48 -44.67
C ALA C 286 -28.49 -138.14 -45.40
N GLN C 287 -27.88 -138.19 -46.59
CA GLN C 287 -27.59 -136.99 -47.39
C GLN C 287 -28.81 -136.50 -48.18
N ASN C 288 -29.74 -137.38 -48.52
CA ASN C 288 -30.87 -137.08 -49.40
C ASN C 288 -32.19 -137.00 -48.60
N ILE C 289 -32.87 -135.85 -48.68
CA ILE C 289 -34.13 -135.59 -47.98
C ILE C 289 -35.25 -136.58 -48.36
N ASN C 290 -35.18 -137.18 -49.55
CA ASN C 290 -36.19 -138.14 -50.01
C ASN C 290 -36.13 -139.48 -49.26
N ASP C 291 -34.92 -140.01 -48.98
CA ASP C 291 -34.75 -141.41 -48.44
C ASP C 291 -34.79 -141.55 -46.92
N ILE C 292 -34.81 -140.46 -46.16
CA ILE C 292 -34.97 -140.53 -44.70
C ILE C 292 -36.26 -141.31 -44.38
N LYS C 293 -36.23 -142.16 -43.34
CA LYS C 293 -37.38 -142.99 -42.95
C LYS C 293 -38.50 -142.13 -42.33
N LEU C 294 -39.65 -142.75 -42.04
CA LEU C 294 -40.71 -142.05 -41.28
C LEU C 294 -40.28 -142.14 -39.80
N GLN C 295 -39.41 -143.11 -39.46
CA GLN C 295 -38.93 -143.33 -38.07
C GLN C 295 -37.87 -142.30 -37.67
N GLU C 296 -36.94 -141.97 -38.56
CA GLU C 296 -35.81 -141.05 -38.22
C GLU C 296 -36.34 -139.74 -37.63
N LEU C 297 -37.43 -139.19 -38.16
CA LEU C 297 -37.95 -137.87 -37.73
C LEU C 297 -38.32 -137.86 -36.24
N ILE C 298 -37.96 -136.79 -35.51
CA ILE C 298 -38.32 -136.61 -34.08
C ILE C 298 -39.35 -135.47 -34.09
N PRO C 299 -40.67 -135.75 -34.07
CA PRO C 299 -41.69 -134.74 -34.26
C PRO C 299 -41.71 -133.81 -33.06
N LEU C 300 -42.11 -132.55 -33.24
CA LEU C 300 -42.12 -131.56 -32.14
C LEU C 300 -43.57 -131.35 -31.66
N THR C 301 -43.91 -131.80 -30.45
CA THR C 301 -45.27 -131.69 -29.88
C THR C 301 -45.24 -130.76 -28.69
N ASN C 302 -44.08 -130.17 -28.37
CA ASN C 302 -43.95 -129.21 -27.28
C ASN C 302 -43.10 -128.02 -27.77
N THR C 303 -43.44 -126.79 -27.37
CA THR C 303 -42.48 -125.66 -27.44
C THR C 303 -42.04 -125.16 -26.06
N GLN C 304 -42.84 -125.44 -25.02
CA GLN C 304 -42.66 -124.90 -23.64
C GLN C 304 -41.43 -125.43 -22.88
N ASP C 305 -40.76 -126.48 -23.36
CA ASP C 305 -39.62 -127.05 -22.60
C ASP C 305 -38.28 -126.96 -23.31
N TYR C 306 -37.18 -127.09 -22.56
CA TYR C 306 -35.83 -127.16 -23.13
C TYR C 306 -35.51 -128.54 -23.76
N VAL C 307 -36.39 -129.53 -23.60
CA VAL C 307 -36.12 -130.94 -23.93
C VAL C 307 -35.78 -131.13 -25.41
N GLN C 308 -34.74 -131.93 -25.69
CA GLN C 308 -34.29 -132.27 -27.05
C GLN C 308 -35.20 -133.28 -27.75
N GLY C 309 -35.89 -134.11 -26.97
CA GLY C 309 -36.52 -135.33 -27.46
C GLY C 309 -35.48 -136.43 -27.67
N PHE C 310 -35.88 -137.52 -28.32
CA PHE C 310 -35.00 -138.63 -28.70
C PHE C 310 -35.56 -139.39 -29.90
N ASP C 311 -34.70 -140.17 -30.55
CA ASP C 311 -35.03 -140.95 -31.74
C ASP C 311 -35.80 -142.24 -31.41
N TRP C 312 -36.57 -142.77 -32.37
CA TRP C 312 -37.33 -144.01 -32.26
C TRP C 312 -36.45 -145.23 -31.95
N THR C 313 -35.15 -145.18 -32.28
CA THR C 313 -34.18 -146.20 -31.88
C THR C 313 -34.03 -146.34 -30.35
N GLU C 314 -34.49 -145.35 -29.57
CA GLU C 314 -34.52 -145.43 -28.10
C GLU C 314 -35.89 -145.87 -27.54
N LYS C 315 -36.79 -146.41 -28.39
CA LYS C 315 -38.09 -146.99 -27.99
C LYS C 315 -37.96 -147.89 -26.74
N ASP C 316 -36.98 -148.79 -26.74
CA ASP C 316 -36.76 -149.74 -25.65
C ASP C 316 -36.11 -149.11 -24.39
N LYS C 317 -35.54 -147.90 -24.46
CA LYS C 317 -35.00 -147.20 -23.29
C LYS C 317 -36.09 -146.50 -22.46
N HIS C 318 -37.20 -146.12 -23.12
CA HIS C 318 -38.36 -145.42 -22.48
C HIS C 318 -39.61 -146.29 -22.56
N ASN C 319 -39.47 -147.61 -22.66
CA ASN C 319 -40.57 -148.59 -22.64
C ASN C 319 -41.74 -148.18 -23.57
N ILE C 320 -41.42 -147.54 -24.70
CA ILE C 320 -42.42 -147.05 -25.65
C ILE C 320 -43.08 -148.21 -26.39
N THR C 321 -44.41 -148.21 -26.43
CA THR C 321 -45.21 -149.23 -27.12
C THR C 321 -45.76 -148.76 -28.46
N THR C 322 -45.95 -147.45 -28.66
CA THR C 322 -46.59 -146.89 -29.85
C THR C 322 -45.98 -145.54 -30.25
N TYR C 323 -46.20 -145.10 -31.48
CA TYR C 323 -45.83 -143.76 -31.91
C TYR C 323 -46.52 -142.67 -31.07
N LYS C 324 -47.71 -142.93 -30.49
CA LYS C 324 -48.35 -142.04 -29.51
C LYS C 324 -47.47 -141.83 -28.26
N GLU C 325 -46.86 -142.87 -27.72
CA GLU C 325 -45.88 -142.75 -26.63
C GLU C 325 -44.53 -142.17 -27.09
N PHE C 326 -44.12 -142.39 -28.34
CA PHE C 326 -42.96 -141.70 -28.92
C PHE C 326 -43.19 -140.18 -29.02
N LEU C 327 -44.37 -139.75 -29.48
CA LEU C 327 -44.80 -138.34 -29.50
C LEU C 327 -44.76 -137.70 -28.11
N THR C 328 -45.27 -138.38 -27.08
CA THR C 328 -45.34 -137.77 -25.74
C THR C 328 -44.02 -137.82 -25.00
N LYS C 329 -43.28 -138.94 -25.04
CA LYS C 329 -41.99 -139.05 -24.34
C LYS C 329 -40.82 -138.43 -25.12
N GLY C 330 -40.78 -138.60 -26.44
CA GLY C 330 -39.59 -138.40 -27.27
C GLY C 330 -39.60 -137.19 -28.20
N ALA C 331 -40.69 -136.41 -28.26
CA ALA C 331 -40.71 -135.21 -29.08
C ALA C 331 -39.73 -134.13 -28.59
N GLY C 332 -39.14 -133.39 -29.54
CA GLY C 332 -38.11 -132.37 -29.27
C GLY C 332 -38.63 -130.94 -29.36
N ASN C 333 -38.18 -130.03 -28.52
CA ASN C 333 -38.57 -128.62 -28.64
C ASN C 333 -37.68 -127.97 -29.72
N PRO C 334 -38.23 -127.20 -30.68
CA PRO C 334 -37.48 -126.70 -31.83
C PRO C 334 -36.37 -125.71 -31.43
N PHE C 335 -36.51 -125.10 -30.25
CA PHE C 335 -35.57 -124.14 -29.68
C PHE C 335 -34.51 -124.78 -28.77
N HIS C 336 -34.42 -126.12 -28.70
CA HIS C 336 -33.29 -126.76 -28.03
C HIS C 336 -31.96 -126.41 -28.74
N ALA C 337 -30.83 -126.42 -28.02
CA ALA C 337 -29.55 -125.89 -28.50
C ALA C 337 -29.02 -126.50 -29.80
N GLU C 338 -29.44 -127.72 -30.17
CA GLU C 338 -29.09 -128.32 -31.47
C GLU C 338 -30.14 -128.06 -32.56
N TRP C 339 -31.44 -127.99 -32.23
CA TRP C 339 -32.49 -127.74 -33.21
C TRP C 339 -32.64 -126.24 -33.57
N ILE C 340 -32.34 -125.33 -32.65
CA ILE C 340 -32.47 -123.87 -32.80
C ILE C 340 -31.70 -123.33 -34.01
N THR C 341 -30.50 -123.85 -34.26
CA THR C 341 -29.64 -123.53 -35.42
C THR C 341 -29.42 -124.74 -36.34
N ALA C 342 -30.21 -125.81 -36.16
CA ALA C 342 -30.10 -127.07 -36.90
C ALA C 342 -28.66 -127.63 -36.96
N GLN C 343 -27.95 -127.63 -35.81
CA GLN C 343 -26.64 -128.26 -35.68
C GLN C 343 -26.71 -129.73 -36.13
N ASN C 344 -27.77 -130.43 -35.71
CA ASN C 344 -28.22 -131.68 -36.30
C ASN C 344 -29.44 -131.35 -37.19
N PRO C 345 -29.57 -131.95 -38.40
CA PRO C 345 -30.55 -131.52 -39.37
C PRO C 345 -32.00 -131.45 -38.85
N VAL C 346 -32.73 -130.45 -39.35
CA VAL C 346 -34.14 -130.17 -39.03
C VAL C 346 -34.90 -130.05 -40.35
N ILE C 347 -36.05 -130.71 -40.43
CA ILE C 347 -36.82 -130.89 -41.64
C ILE C 347 -38.16 -130.18 -41.51
N HIS C 348 -38.50 -129.32 -42.46
CA HIS C 348 -39.76 -128.57 -42.55
C HIS C 348 -40.66 -129.21 -43.60
N THR C 349 -41.95 -129.43 -43.30
CA THR C 349 -42.87 -130.12 -44.22
C THR C 349 -44.33 -129.69 -44.00
N ALA C 350 -45.16 -129.83 -45.03
CA ALA C 350 -46.61 -129.73 -44.89
C ALA C 350 -47.22 -130.99 -44.23
N ASN C 351 -46.52 -132.12 -44.19
CA ASN C 351 -47.08 -133.37 -43.71
C ASN C 351 -47.24 -133.38 -42.19
N SER C 352 -48.49 -133.31 -41.71
CA SER C 352 -48.80 -133.29 -40.29
C SER C 352 -48.37 -134.58 -39.59
N PRO C 353 -47.89 -134.51 -38.34
CA PRO C 353 -47.58 -135.69 -37.54
C PRO C 353 -48.76 -136.66 -37.47
N THR C 354 -50.01 -136.19 -37.51
CA THR C 354 -51.18 -137.07 -37.48
C THR C 354 -51.34 -137.89 -38.76
N GLN C 355 -50.88 -137.41 -39.92
CA GLN C 355 -50.79 -138.28 -41.09
C GLN C 355 -49.71 -139.35 -40.88
N ILE C 356 -48.57 -138.99 -40.27
CA ILE C 356 -47.56 -139.97 -39.85
C ILE C 356 -48.11 -140.93 -38.79
N GLU C 357 -48.95 -140.47 -37.84
CA GLU C 357 -49.65 -141.34 -36.88
C GLU C 357 -50.50 -142.35 -37.62
N GLN C 358 -51.30 -141.93 -38.60
CA GLN C 358 -52.11 -142.83 -39.40
C GLN C 358 -51.23 -143.86 -40.12
N ILE C 359 -50.09 -143.49 -40.69
CA ILE C 359 -49.16 -144.44 -41.32
C ILE C 359 -48.58 -145.44 -40.31
N TYR C 360 -48.10 -144.97 -39.14
CA TYR C 360 -47.61 -145.85 -38.08
C TYR C 360 -48.71 -146.78 -37.54
N THR C 361 -49.83 -146.21 -37.10
CA THR C 361 -50.91 -146.95 -36.43
C THR C 361 -51.60 -147.91 -37.39
N ALA C 362 -51.76 -147.56 -38.68
CA ALA C 362 -52.29 -148.48 -39.67
C ALA C 362 -51.42 -149.74 -39.79
N SER C 363 -50.09 -149.61 -39.82
CA SER C 363 -49.17 -150.74 -39.60
C SER C 363 -47.77 -150.30 -39.19
N THR C 364 -47.36 -150.71 -37.98
CA THR C 364 -46.03 -150.45 -37.40
C THR C 364 -44.92 -151.12 -38.21
N THR C 365 -45.21 -152.28 -38.81
CA THR C 365 -44.27 -153.00 -39.69
C THR C 365 -43.98 -152.24 -40.99
N THR C 366 -44.96 -151.50 -41.54
CA THR C 366 -44.72 -150.65 -42.73
C THR C 366 -44.14 -149.29 -42.38
N PHE C 367 -44.14 -148.87 -41.10
CA PHE C 367 -43.40 -147.67 -40.66
C PHE C 367 -41.89 -147.84 -40.82
N GLN C 368 -41.37 -149.07 -40.68
CA GLN C 368 -39.99 -149.43 -41.02
C GLN C 368 -39.73 -149.26 -42.53
N ASN C 369 -40.68 -149.69 -43.37
CA ASN C 369 -40.53 -149.67 -44.82
C ASN C 369 -40.68 -148.25 -45.41
N LYS C 370 -41.64 -147.46 -44.94
CA LYS C 370 -41.94 -146.13 -45.49
C LYS C 370 -40.79 -145.14 -45.25
N LYS C 371 -40.48 -144.38 -46.30
CA LYS C 371 -39.53 -143.26 -46.30
C LYS C 371 -40.25 -141.94 -46.57
N LEU C 372 -39.52 -140.83 -46.65
CA LEU C 372 -40.06 -139.51 -46.99
C LEU C 372 -40.57 -139.42 -48.44
N THR C 373 -40.16 -140.32 -49.33
CA THR C 373 -40.83 -140.57 -50.61
C THR C 373 -42.25 -141.10 -50.42
N ASP C 374 -43.17 -140.76 -51.34
CA ASP C 374 -44.55 -141.26 -51.38
C ASP C 374 -45.35 -141.04 -50.08
N LEU C 375 -45.01 -140.04 -49.28
CA LEU C 375 -45.80 -139.61 -48.13
C LEU C 375 -46.90 -138.61 -48.56
N PRO C 376 -47.98 -138.47 -47.76
CA PRO C 376 -48.97 -137.43 -47.98
C PRO C 376 -48.35 -136.03 -47.82
N THR C 377 -48.76 -135.08 -48.67
CA THR C 377 -48.26 -133.69 -48.70
C THR C 377 -46.76 -133.58 -48.36
N PRO C 378 -45.85 -134.22 -49.12
CA PRO C 378 -44.44 -134.28 -48.72
C PRO C 378 -43.55 -133.11 -49.14
N GLY C 379 -43.69 -131.96 -48.48
CA GLY C 379 -42.83 -130.79 -48.76
C GLY C 379 -41.61 -130.85 -47.86
N TYR C 380 -40.98 -132.02 -47.73
CA TYR C 380 -39.80 -132.20 -46.84
C TYR C 380 -38.63 -131.37 -47.37
N ILE C 381 -38.17 -130.38 -46.60
CA ILE C 381 -37.05 -129.48 -47.01
C ILE C 381 -36.06 -129.43 -45.83
N PHE C 382 -34.90 -128.76 -45.96
CA PHE C 382 -33.97 -128.57 -44.82
C PHE C 382 -34.00 -127.09 -44.43
N ILE C 383 -34.66 -126.73 -43.32
CA ILE C 383 -34.85 -125.33 -42.91
C ILE C 383 -34.29 -125.13 -41.49
N THR C 384 -33.63 -123.99 -41.23
CA THR C 384 -33.07 -123.66 -39.92
C THR C 384 -33.99 -122.66 -39.20
N PRO C 385 -34.43 -122.91 -37.95
CA PRO C 385 -35.29 -121.98 -37.21
C PRO C 385 -34.63 -120.61 -36.98
N THR C 386 -33.30 -120.59 -36.82
CA THR C 386 -32.50 -119.37 -36.68
C THR C 386 -31.72 -119.05 -37.95
N VAL C 387 -31.61 -117.75 -38.25
CA VAL C 387 -30.59 -117.20 -39.16
C VAL C 387 -29.77 -116.13 -38.42
N SER C 388 -28.49 -115.99 -38.76
CA SER C 388 -27.63 -114.92 -38.26
C SER C 388 -27.46 -113.83 -39.31
N LEU C 389 -27.78 -112.60 -38.96
CA LEU C 389 -27.60 -111.40 -39.77
C LEU C 389 -26.32 -110.65 -39.34
N ARG C 390 -25.72 -109.88 -40.24
CA ARG C 390 -24.69 -108.89 -39.91
C ARG C 390 -25.26 -107.48 -40.03
N TYR C 391 -25.08 -106.68 -38.98
CA TYR C 391 -25.48 -105.28 -38.93
C TYR C 391 -24.24 -104.39 -38.83
N ASN C 392 -24.19 -103.34 -39.62
CA ASN C 392 -23.14 -102.33 -39.54
C ASN C 392 -23.79 -100.96 -39.25
N PRO C 393 -23.47 -100.29 -38.13
CA PRO C 393 -24.13 -99.04 -37.77
C PRO C 393 -23.81 -97.90 -38.74
N TYR C 394 -22.63 -97.94 -39.37
CA TYR C 394 -22.18 -96.85 -40.29
C TYR C 394 -22.87 -97.03 -41.64
N LYS C 395 -23.42 -98.21 -41.91
CA LYS C 395 -24.13 -98.51 -43.18
C LYS C 395 -25.63 -98.28 -42.99
N ASP C 396 -26.05 -97.81 -41.82
CA ASP C 396 -27.50 -97.64 -41.50
C ASP C 396 -27.97 -96.20 -41.81
N LEU C 397 -29.00 -96.04 -42.64
CA LEU C 397 -29.47 -94.72 -43.07
C LEU C 397 -30.85 -94.38 -42.48
N ALA C 398 -31.47 -95.28 -41.71
CA ALA C 398 -32.72 -95.03 -41.01
C ALA C 398 -33.91 -94.58 -41.90
N GLU C 399 -33.97 -94.97 -43.18
CA GLU C 399 -35.03 -94.51 -44.08
C GLU C 399 -36.34 -95.30 -43.91
N ARG C 400 -36.25 -96.57 -43.52
CA ARG C 400 -37.41 -97.46 -43.32
C ARG C 400 -37.27 -98.33 -42.06
N ASN C 401 -36.50 -97.85 -41.10
CA ASN C 401 -36.35 -98.49 -39.79
C ASN C 401 -37.63 -98.37 -38.97
N LYS C 402 -37.94 -99.40 -38.17
CA LYS C 402 -39.19 -99.50 -37.41
C LYS C 402 -39.04 -100.49 -36.26
N CYS C 403 -39.83 -100.36 -35.20
CA CYS C 403 -39.69 -101.17 -33.99
C CYS C 403 -41.00 -101.19 -33.19
N TYR C 404 -41.44 -102.36 -32.72
CA TYR C 404 -42.67 -102.53 -31.92
C TYR C 404 -42.73 -103.87 -31.20
N PHE C 405 -43.64 -104.00 -30.23
CA PHE C 405 -43.90 -105.25 -29.50
C PHE C 405 -45.18 -105.93 -29.99
N VAL C 406 -45.13 -107.25 -30.15
CA VAL C 406 -46.28 -108.11 -30.47
C VAL C 406 -46.51 -109.11 -29.35
N ARG C 407 -47.73 -109.61 -29.17
CA ARG C 407 -48.11 -110.54 -28.11
C ARG C 407 -47.56 -111.94 -28.41
N SER C 408 -46.75 -112.51 -27.52
CA SER C 408 -46.12 -113.83 -27.74
C SER C 408 -47.08 -114.99 -27.43
N LYS C 409 -47.68 -115.02 -26.24
CA LYS C 409 -48.73 -116.00 -25.87
C LYS C 409 -50.12 -115.57 -26.33
N ILE C 410 -50.36 -115.54 -27.65
CA ILE C 410 -51.71 -115.51 -28.23
C ILE C 410 -51.79 -116.34 -29.49
N ASN C 411 -53.01 -116.77 -29.84
CA ASN C 411 -53.29 -117.54 -31.05
C ASN C 411 -53.50 -116.62 -32.26
N ALA C 412 -52.48 -115.84 -32.64
CA ALA C 412 -52.55 -114.94 -33.79
C ALA C 412 -51.34 -115.10 -34.72
N HIS C 413 -51.60 -115.17 -36.02
CA HIS C 413 -50.58 -115.40 -37.05
C HIS C 413 -49.83 -114.12 -37.40
N GLY C 414 -48.59 -114.27 -37.85
CA GLY C 414 -47.83 -113.19 -38.49
C GLY C 414 -47.24 -112.17 -37.53
N TRP C 415 -46.45 -111.26 -38.11
CA TRP C 415 -45.56 -110.35 -37.38
C TRP C 415 -45.89 -108.87 -37.60
N ASP C 416 -46.98 -108.56 -38.31
CA ASP C 416 -47.32 -107.14 -38.65
C ASP C 416 -47.43 -106.30 -37.37
N PRO C 417 -47.16 -104.97 -37.41
CA PRO C 417 -47.34 -104.14 -36.24
C PRO C 417 -48.80 -104.27 -35.82
N GLU C 418 -49.06 -104.54 -34.55
CA GLU C 418 -50.44 -104.79 -34.06
C GLU C 418 -50.66 -104.07 -32.72
N GLN C 419 -51.88 -104.11 -32.19
CA GLN C 419 -52.21 -103.48 -30.89
C GLN C 419 -51.91 -101.97 -30.99
N HIS C 420 -51.06 -101.42 -30.12
CA HIS C 420 -50.77 -99.95 -30.09
C HIS C 420 -50.00 -99.53 -31.33
N GLN C 421 -50.61 -98.70 -32.19
CA GLN C 421 -49.93 -98.17 -33.40
C GLN C 421 -49.25 -96.85 -33.02
N GLU C 422 -49.62 -96.25 -31.89
CA GLU C 422 -48.93 -95.06 -31.40
C GLU C 422 -47.60 -95.39 -30.70
N LEU C 423 -47.41 -96.65 -30.29
CA LEU C 423 -46.16 -97.11 -29.67
C LEU C 423 -45.11 -97.55 -30.69
N ILE C 424 -45.45 -97.67 -31.97
CA ILE C 424 -44.47 -97.95 -33.02
C ILE C 424 -43.43 -96.84 -33.06
N ASN C 425 -42.14 -97.22 -33.03
CA ASN C 425 -40.98 -96.28 -33.07
C ASN C 425 -40.32 -96.40 -34.44
N SER C 426 -40.15 -95.32 -35.21
CA SER C 426 -39.73 -95.35 -36.61
C SER C 426 -38.65 -94.32 -36.93
N ASP C 427 -37.92 -94.55 -38.03
CA ASP C 427 -37.08 -93.56 -38.71
C ASP C 427 -35.89 -93.00 -37.89
N LEU C 428 -35.25 -93.85 -37.07
CA LEU C 428 -33.95 -93.58 -36.44
C LEU C 428 -33.03 -94.78 -36.68
N PRO C 429 -31.70 -94.63 -36.68
CA PRO C 429 -30.81 -95.77 -36.84
C PRO C 429 -31.00 -96.75 -35.69
N GLN C 430 -30.95 -98.08 -35.94
CA GLN C 430 -31.30 -99.14 -34.94
C GLN C 430 -30.63 -99.00 -33.57
N TRP C 431 -29.40 -98.50 -33.48
CA TRP C 431 -28.74 -98.25 -32.19
C TRP C 431 -29.35 -97.08 -31.41
N LEU C 432 -29.98 -96.12 -32.08
CA LEU C 432 -30.75 -95.05 -31.45
C LEU C 432 -32.23 -95.46 -31.28
N LEU C 433 -32.80 -96.16 -32.24
CA LEU C 433 -34.20 -96.57 -32.22
C LEU C 433 -34.51 -97.54 -31.07
N LEU C 434 -33.61 -98.47 -30.76
CA LEU C 434 -33.81 -99.45 -29.71
C LEU C 434 -33.46 -98.91 -28.32
N PHE C 435 -32.65 -97.86 -28.19
CA PHE C 435 -32.11 -97.42 -26.90
C PHE C 435 -33.24 -96.95 -25.96
N GLY C 436 -33.42 -97.63 -24.83
CA GLY C 436 -34.46 -97.30 -23.85
C GLY C 436 -35.90 -97.53 -24.32
N TYR C 437 -36.14 -98.04 -25.53
CA TYR C 437 -37.49 -98.26 -26.05
C TYR C 437 -38.28 -99.31 -25.24
N PRO C 438 -37.71 -100.48 -24.88
CA PRO C 438 -38.39 -101.40 -23.99
C PRO C 438 -38.77 -100.81 -22.63
N ASP C 439 -37.93 -99.97 -22.04
CA ASP C 439 -38.25 -99.31 -20.77
C ASP C 439 -39.32 -98.23 -20.92
N TYR C 440 -39.33 -97.47 -22.01
CA TYR C 440 -40.46 -96.58 -22.30
C TYR C 440 -41.76 -97.37 -22.37
N ILE C 441 -41.75 -98.52 -23.03
CA ILE C 441 -42.94 -99.38 -23.15
C ILE C 441 -43.37 -99.93 -21.79
N LYS C 442 -42.44 -100.45 -20.98
CA LYS C 442 -42.73 -100.89 -19.61
C LYS C 442 -43.31 -99.78 -18.75
N ARG C 443 -42.69 -98.60 -18.75
CA ARG C 443 -43.16 -97.45 -17.92
C ARG C 443 -44.52 -96.95 -18.45
N THR C 444 -44.78 -97.07 -19.75
CA THR C 444 -46.09 -96.71 -20.32
C THR C 444 -47.22 -97.63 -19.84
N GLN C 445 -46.92 -98.90 -19.51
CA GLN C 445 -47.91 -99.84 -18.90
C GLN C 445 -49.12 -100.12 -19.81
N ASN C 446 -49.02 -99.86 -21.11
CA ASN C 446 -50.09 -100.19 -22.08
C ASN C 446 -50.08 -101.66 -22.52
N PHE C 447 -49.13 -102.47 -22.04
CA PHE C 447 -49.03 -103.90 -22.30
C PHE C 447 -48.98 -104.68 -20.97
N ALA C 448 -49.43 -105.94 -20.99
CA ALA C 448 -49.29 -106.83 -19.84
C ALA C 448 -47.80 -107.00 -19.50
N LEU C 449 -47.42 -106.73 -18.25
CA LEU C 449 -46.08 -106.29 -17.91
C LEU C 449 -44.96 -107.32 -18.13
N VAL C 450 -45.30 -108.62 -18.11
CA VAL C 450 -44.30 -109.68 -18.03
C VAL C 450 -43.56 -109.92 -19.34
N ASP C 451 -42.22 -110.02 -19.27
CA ASP C 451 -41.36 -110.19 -20.49
C ASP C 451 -41.74 -111.43 -21.30
N THR C 452 -42.31 -112.44 -20.66
CA THR C 452 -42.65 -113.70 -21.35
C THR C 452 -43.84 -113.59 -22.30
N ASN C 453 -44.64 -112.53 -22.20
CA ASN C 453 -45.91 -112.43 -22.92
C ASN C 453 -45.84 -111.55 -24.17
N TYR C 454 -44.67 -110.98 -24.48
CA TYR C 454 -44.43 -110.15 -25.67
C TYR C 454 -43.12 -110.52 -26.35
N ILE C 455 -43.02 -110.17 -27.62
CA ILE C 455 -41.80 -110.21 -28.43
C ILE C 455 -41.58 -108.82 -29.01
N LEU C 456 -40.32 -108.39 -29.06
CA LEU C 456 -39.87 -107.23 -29.80
C LEU C 456 -39.52 -107.63 -31.24
N VAL C 457 -40.05 -106.86 -32.19
CA VAL C 457 -39.95 -107.06 -33.63
C VAL C 457 -39.45 -105.76 -34.26
N ASP C 458 -38.49 -105.80 -35.17
CA ASP C 458 -37.99 -104.59 -35.83
C ASP C 458 -37.70 -104.80 -37.32
N HIS C 459 -37.90 -103.75 -38.11
CA HIS C 459 -37.56 -103.72 -39.53
C HIS C 459 -36.31 -102.88 -39.74
N CYS C 460 -35.38 -103.38 -40.56
CA CYS C 460 -34.15 -102.68 -40.89
C CYS C 460 -33.65 -103.14 -42.27
N PRO C 461 -33.71 -102.29 -43.30
CA PRO C 461 -33.16 -102.57 -44.64
C PRO C 461 -31.66 -102.89 -44.68
N TYR C 462 -30.91 -102.52 -43.64
CA TYR C 462 -29.47 -102.30 -43.73
C TYR C 462 -28.60 -103.45 -43.21
N THR C 463 -29.18 -104.56 -42.76
CA THR C 463 -28.39 -105.80 -42.62
C THR C 463 -28.01 -106.34 -43.99
N ASN C 464 -26.85 -107.01 -44.09
CA ASN C 464 -26.33 -107.48 -45.38
C ASN C 464 -27.16 -108.64 -45.96
N PRO C 465 -27.37 -109.75 -45.23
CA PRO C 465 -28.56 -110.58 -45.43
C PRO C 465 -29.79 -109.87 -44.84
N GLU C 466 -30.99 -110.31 -45.16
CA GLU C 466 -32.22 -109.70 -44.65
C GLU C 466 -33.28 -110.74 -44.26
N LYS C 467 -34.18 -110.32 -43.38
CA LYS C 467 -35.50 -110.92 -43.12
C LYS C 467 -36.49 -109.76 -42.96
N THR C 468 -37.73 -109.93 -43.40
CA THR C 468 -38.67 -108.80 -43.53
C THR C 468 -38.87 -108.06 -42.20
N PRO C 469 -39.39 -108.67 -41.13
CA PRO C 469 -39.04 -108.30 -39.77
C PRO C 469 -37.85 -109.14 -39.25
N PHE C 470 -37.28 -108.63 -38.15
CA PHE C 470 -36.25 -109.38 -37.40
C PHE C 470 -36.86 -109.74 -36.06
N ILE C 471 -36.56 -110.90 -35.51
CA ILE C 471 -37.03 -111.25 -34.13
C ILE C 471 -35.73 -111.46 -33.34
N PRO C 472 -34.99 -110.40 -32.94
CA PRO C 472 -33.68 -110.62 -32.33
C PRO C 472 -33.73 -111.65 -31.21
N LEU C 473 -32.72 -112.51 -31.10
CA LEU C 473 -32.58 -113.48 -30.01
C LEU C 473 -31.17 -113.42 -29.44
N SER C 474 -31.05 -113.48 -28.12
CA SER C 474 -29.75 -113.42 -27.47
C SER C 474 -28.95 -114.70 -27.68
N THR C 475 -27.63 -114.58 -27.71
CA THR C 475 -26.70 -115.71 -27.82
C THR C 475 -26.97 -116.76 -26.74
N SER C 476 -27.41 -116.36 -25.53
CA SER C 476 -27.81 -117.29 -24.47
C SER C 476 -29.00 -118.19 -24.88
N PHE C 477 -30.04 -117.67 -25.51
CA PHE C 477 -31.16 -118.49 -26.00
C PHE C 477 -30.79 -119.34 -27.22
N ILE C 478 -29.93 -118.81 -28.10
CA ILE C 478 -29.35 -119.54 -29.23
C ILE C 478 -28.37 -120.63 -28.77
N GLU C 479 -27.88 -120.58 -27.54
CA GLU C 479 -26.98 -121.56 -26.92
C GLU C 479 -27.64 -122.37 -25.78
N GLY C 480 -28.95 -122.26 -25.57
CA GLY C 480 -29.63 -123.05 -24.55
C GLY C 480 -29.24 -122.71 -23.11
N ARG C 481 -29.35 -121.43 -22.74
CA ARG C 481 -28.94 -120.96 -21.39
C ARG C 481 -29.84 -119.80 -20.92
N SER C 482 -29.96 -119.61 -19.59
CA SER C 482 -30.83 -118.56 -19.03
C SER C 482 -30.39 -117.13 -19.43
N PRO C 483 -31.30 -116.14 -19.47
CA PRO C 483 -31.08 -114.83 -20.08
C PRO C 483 -29.79 -114.10 -19.69
N TYR C 484 -29.35 -114.20 -18.43
CA TYR C 484 -28.11 -113.61 -17.91
C TYR C 484 -27.27 -114.64 -17.13
N SER C 485 -27.15 -115.87 -17.65
CA SER C 485 -26.39 -116.96 -17.02
C SER C 485 -25.02 -117.15 -17.67
N PRO C 486 -23.95 -117.41 -16.91
CA PRO C 486 -22.60 -117.51 -17.44
C PRO C 486 -22.43 -118.70 -18.40
N SER C 487 -21.62 -118.50 -19.44
CA SER C 487 -21.44 -119.41 -20.58
C SER C 487 -20.96 -120.81 -20.23
N ASP C 488 -20.43 -121.04 -19.02
CA ASP C 488 -20.03 -122.41 -18.56
C ASP C 488 -21.27 -123.29 -18.46
N THR C 489 -22.45 -122.70 -18.28
CA THR C 489 -23.72 -123.39 -18.19
C THR C 489 -24.22 -123.81 -19.58
N HIS C 490 -24.82 -125.01 -19.70
CA HIS C 490 -25.34 -125.56 -21.00
C HIS C 490 -26.80 -126.00 -20.85
N GLU C 491 -27.55 -125.46 -19.89
CA GLU C 491 -28.98 -125.69 -19.69
C GLU C 491 -29.63 -124.45 -19.06
N PRO C 492 -30.91 -124.15 -19.34
CA PRO C 492 -31.66 -123.21 -18.52
C PRO C 492 -31.78 -123.66 -17.06
N ASP C 493 -31.91 -122.71 -16.14
CA ASP C 493 -32.38 -122.95 -14.76
C ASP C 493 -33.89 -123.31 -14.77
N GLU C 494 -34.39 -124.03 -13.76
CA GLU C 494 -35.72 -124.68 -13.81
C GLU C 494 -36.87 -123.76 -14.28
N GLU C 495 -36.91 -122.51 -13.83
CA GLU C 495 -37.95 -121.55 -14.25
C GLU C 495 -37.81 -121.11 -15.71
N ASP C 496 -36.60 -121.14 -16.28
CA ASP C 496 -36.34 -120.97 -17.72
C ASP C 496 -36.35 -122.31 -18.48
N GLN C 497 -36.27 -123.48 -17.82
CA GLN C 497 -36.55 -124.76 -18.47
C GLN C 497 -38.04 -124.84 -18.85
N ASN C 498 -38.90 -124.34 -17.96
CA ASN C 498 -40.26 -123.92 -18.30
C ASN C 498 -40.22 -122.62 -19.14
N ARG C 499 -41.30 -122.43 -19.90
CA ARG C 499 -41.48 -121.21 -20.75
C ARG C 499 -40.28 -121.05 -21.69
N TRP C 500 -39.69 -122.14 -22.21
CA TRP C 500 -38.51 -122.08 -23.12
C TRP C 500 -38.98 -121.80 -24.56
N TYR C 501 -39.45 -120.58 -24.82
CA TYR C 501 -39.96 -120.17 -26.13
C TYR C 501 -39.65 -118.68 -26.39
N PRO C 502 -39.66 -118.22 -27.66
CA PRO C 502 -39.39 -116.83 -28.01
C PRO C 502 -40.23 -115.81 -27.23
N CYS C 503 -39.57 -114.94 -26.49
CA CYS C 503 -40.17 -113.80 -25.79
C CYS C 503 -39.10 -112.79 -25.41
N TYR C 504 -39.51 -111.56 -25.08
CA TYR C 504 -38.63 -110.42 -24.82
C TYR C 504 -37.55 -110.71 -23.77
N GLN C 505 -37.82 -111.58 -22.79
CA GLN C 505 -36.82 -111.96 -21.75
C GLN C 505 -35.56 -112.56 -22.40
N TYR C 506 -35.69 -113.32 -23.49
CA TYR C 506 -34.56 -113.88 -24.21
C TYR C 506 -33.98 -112.94 -25.27
N GLN C 507 -34.64 -111.83 -25.61
CA GLN C 507 -34.16 -110.87 -26.60
C GLN C 507 -33.24 -109.79 -26.01
N GLN C 508 -33.26 -109.58 -24.69
CA GLN C 508 -32.66 -108.41 -24.04
C GLN C 508 -31.19 -108.17 -24.38
N GLU C 509 -30.35 -109.20 -24.32
CA GLU C 509 -28.92 -109.05 -24.59
C GLU C 509 -28.66 -108.72 -26.07
N SER C 510 -29.47 -109.22 -27.00
CA SER C 510 -29.31 -108.90 -28.42
C SER C 510 -29.59 -107.43 -28.73
N ILE C 511 -30.66 -106.84 -28.18
CA ILE C 511 -30.93 -105.42 -28.42
C ILE C 511 -29.98 -104.51 -27.64
N ASN C 512 -29.47 -104.95 -26.48
CA ASN C 512 -28.37 -104.25 -25.84
C ASN C 512 -27.12 -104.26 -26.73
N SER C 513 -26.80 -105.39 -27.34
CA SER C 513 -25.67 -105.52 -28.26
C SER C 513 -25.80 -104.62 -29.50
N ILE C 514 -27.01 -104.47 -30.05
CA ILE C 514 -27.29 -103.50 -31.11
C ILE C 514 -27.09 -102.06 -30.62
N CYS C 515 -27.56 -101.71 -29.43
CA CYS C 515 -27.31 -100.38 -28.84
C CYS C 515 -25.83 -100.10 -28.58
N LEU C 516 -25.07 -101.10 -28.13
CA LEU C 516 -23.62 -101.02 -27.96
C LEU C 516 -22.87 -100.80 -29.28
N SER C 517 -23.47 -101.12 -30.43
CA SER C 517 -22.87 -100.74 -31.71
C SER C 517 -22.90 -99.23 -31.96
N GLY C 518 -23.79 -98.48 -31.28
CA GLY C 518 -23.90 -97.04 -31.40
C GLY C 518 -22.78 -96.27 -30.69
N PRO C 519 -22.54 -95.01 -31.08
CA PRO C 519 -21.47 -94.19 -30.53
C PRO C 519 -21.73 -93.77 -29.07
N GLY C 520 -20.65 -93.45 -28.36
CA GLY C 520 -20.62 -92.99 -26.98
C GLY C 520 -20.82 -94.08 -25.93
N THR C 521 -21.23 -95.29 -26.30
CA THR C 521 -21.50 -96.37 -25.37
C THR C 521 -20.20 -96.89 -24.71
N PRO C 522 -20.12 -96.99 -23.39
CA PRO C 522 -18.86 -97.28 -22.69
C PRO C 522 -18.37 -98.72 -22.82
N LYS C 523 -17.07 -98.90 -22.59
CA LYS C 523 -16.40 -100.20 -22.43
C LYS C 523 -16.24 -100.51 -20.94
N ILE C 524 -16.88 -101.56 -20.44
CA ILE C 524 -16.77 -101.96 -19.02
C ILE C 524 -16.27 -103.41 -18.98
N PRO C 525 -15.12 -103.72 -18.36
CA PRO C 525 -14.64 -105.09 -18.24
C PRO C 525 -15.65 -106.02 -17.56
N LYS C 526 -15.75 -107.27 -18.02
CA LYS C 526 -16.67 -108.25 -17.42
C LYS C 526 -16.33 -108.48 -15.94
N GLY C 527 -17.35 -108.50 -15.10
CA GLY C 527 -17.22 -108.59 -13.64
C GLY C 527 -17.00 -107.25 -12.92
N ILE C 528 -16.88 -106.13 -13.63
CA ILE C 528 -16.82 -104.79 -13.04
C ILE C 528 -18.19 -104.10 -13.19
N THR C 529 -18.66 -103.48 -12.13
CA THR C 529 -19.86 -102.63 -12.15
C THR C 529 -19.42 -101.17 -12.05
N ALA C 530 -19.76 -100.36 -13.05
CA ALA C 530 -19.56 -98.93 -12.99
C ALA C 530 -20.73 -98.27 -12.25
N GLU C 531 -20.48 -97.18 -11.54
CA GLU C 531 -21.44 -96.51 -10.67
C GLU C 531 -21.29 -95.00 -10.79
N ALA C 532 -22.34 -94.25 -10.53
CA ALA C 532 -22.26 -92.80 -10.38
C ALA C 532 -23.17 -92.34 -9.25
N LYS C 533 -22.80 -91.26 -8.57
CA LYS C 533 -23.56 -90.69 -7.47
C LYS C 533 -23.57 -89.17 -7.50
N VAL C 534 -24.63 -88.59 -6.96
CA VAL C 534 -24.75 -87.17 -6.67
C VAL C 534 -24.98 -87.00 -5.17
N LYS C 535 -24.44 -85.94 -4.57
CA LYS C 535 -24.85 -85.49 -3.24
C LYS C 535 -25.82 -84.33 -3.41
N TYR C 536 -26.98 -84.43 -2.79
CA TYR C 536 -28.02 -83.42 -2.87
C TYR C 536 -28.19 -82.69 -1.54
N SER C 537 -28.68 -81.46 -1.61
CA SER C 537 -29.15 -80.69 -0.47
C SER C 537 -30.37 -79.89 -0.87
N PHE C 538 -31.56 -80.37 -0.51
CA PHE C 538 -32.82 -79.64 -0.73
C PHE C 538 -33.09 -78.68 0.42
N ASN C 539 -33.41 -77.43 0.12
CA ASN C 539 -33.60 -76.40 1.12
C ASN C 539 -35.09 -76.16 1.36
N PHE C 540 -35.53 -76.37 2.59
CA PHE C 540 -36.90 -76.16 3.04
C PHE C 540 -36.92 -75.27 4.26
N LYS C 541 -38.07 -74.67 4.52
CA LYS C 541 -38.43 -74.15 5.84
C LYS C 541 -39.70 -74.84 6.28
N TRP C 542 -39.84 -75.12 7.57
CA TRP C 542 -41.05 -75.64 8.19
C TRP C 542 -41.71 -74.52 8.99
N GLY C 543 -43.02 -74.38 8.88
CA GLY C 543 -43.75 -73.28 9.51
C GLY C 543 -44.90 -73.78 10.37
N GLY C 544 -45.18 -73.07 11.46
CA GLY C 544 -46.32 -73.41 12.31
C GLY C 544 -46.44 -72.50 13.53
N ASP C 545 -47.48 -72.73 14.31
CA ASP C 545 -47.56 -72.27 15.70
C ASP C 545 -46.59 -73.04 16.59
N LEU C 546 -46.21 -72.45 17.72
CA LEU C 546 -45.18 -73.01 18.60
C LEU C 546 -45.57 -74.41 19.12
N PRO C 547 -44.69 -75.42 19.02
CA PRO C 547 -44.98 -76.78 19.46
C PRO C 547 -44.74 -76.99 20.97
N PRO C 548 -45.26 -78.09 21.55
CA PRO C 548 -44.95 -78.53 22.91
C PRO C 548 -43.55 -79.18 23.03
N MET C 549 -43.08 -79.41 24.26
CA MET C 549 -41.74 -79.97 24.56
C MET C 549 -41.73 -80.70 25.92
N SER C 550 -40.74 -81.56 26.19
CA SER C 550 -40.60 -82.31 27.45
C SER C 550 -39.15 -82.35 27.99
N THR C 551 -38.98 -82.72 29.25
CA THR C 551 -37.72 -82.58 30.02
C THR C 551 -37.38 -83.83 30.83
N ILE C 552 -36.12 -83.94 31.26
CA ILE C 552 -35.51 -85.11 31.92
C ILE C 552 -35.07 -84.74 33.34
N THR C 553 -35.17 -85.66 34.30
CA THR C 553 -34.72 -85.42 35.69
C THR C 553 -33.25 -85.05 35.75
N ASN C 554 -32.85 -84.14 36.62
CA ASN C 554 -31.42 -83.81 36.82
C ASN C 554 -30.60 -84.93 37.47
N PRO C 555 -31.07 -85.63 38.54
CA PRO C 555 -30.25 -86.62 39.22
C PRO C 555 -29.92 -87.83 38.35
N THR C 556 -30.88 -88.35 37.59
CA THR C 556 -30.64 -89.48 36.67
C THR C 556 -30.37 -88.90 35.28
N ASP C 557 -29.15 -88.40 35.05
CA ASP C 557 -28.81 -87.74 33.75
C ASP C 557 -27.33 -88.04 33.44
N GLN C 558 -26.84 -87.59 32.29
CA GLN C 558 -25.43 -87.82 31.88
C GLN C 558 -24.53 -87.58 33.11
N PRO C 559 -23.86 -88.62 33.67
CA PRO C 559 -23.07 -88.43 34.88
C PRO C 559 -21.67 -87.92 34.59
N THR C 560 -21.14 -87.03 35.45
CA THR C 560 -19.78 -86.54 35.28
C THR C 560 -18.77 -87.69 35.45
N TYR C 561 -17.59 -87.61 34.82
CA TYR C 561 -16.56 -88.66 34.90
C TYR C 561 -16.20 -89.02 36.35
N VAL C 562 -16.30 -88.06 37.28
CA VAL C 562 -16.09 -88.26 38.72
C VAL C 562 -17.05 -89.31 39.29
N LYS D 48 48.92 -18.75 -52.63
CA LYS D 48 48.72 -18.06 -53.94
C LYS D 48 49.85 -17.09 -54.25
N ARG D 49 49.96 -15.97 -53.52
CA ARG D 49 51.08 -15.01 -53.61
C ARG D 49 51.53 -14.56 -52.22
N LEU D 50 52.82 -14.34 -52.04
CA LEU D 50 53.44 -13.98 -50.77
C LEU D 50 54.21 -12.66 -50.91
N ASN D 51 54.27 -11.90 -49.82
CA ASN D 51 55.20 -10.77 -49.71
C ASN D 51 56.64 -11.30 -49.72
N ILE D 52 57.52 -10.64 -50.46
CA ILE D 52 58.97 -10.87 -50.36
C ILE D 52 59.45 -10.24 -49.05
N VAL D 53 60.25 -10.98 -48.30
CA VAL D 53 60.76 -10.62 -46.96
C VAL D 53 62.27 -10.73 -46.96
N GLU D 54 62.92 -9.82 -46.25
CA GLU D 54 64.37 -9.82 -46.05
C GLU D 54 64.69 -9.93 -44.55
N TRP D 55 65.78 -10.59 -44.19
CA TRP D 55 66.23 -10.67 -42.80
C TRP D 55 67.24 -9.56 -42.53
N GLN D 56 66.91 -8.75 -41.53
CA GLN D 56 67.71 -7.54 -41.19
C GLN D 56 69.12 -7.93 -40.76
N PRO D 57 70.14 -7.16 -41.16
CA PRO D 57 71.53 -7.45 -40.82
C PRO D 57 71.84 -7.24 -39.34
N LYS D 58 72.92 -7.86 -38.87
CA LYS D 58 73.24 -7.99 -37.43
C LYS D 58 73.46 -6.65 -36.73
N SER D 59 74.13 -5.70 -37.37
CA SER D 59 74.29 -4.33 -36.87
C SER D 59 73.95 -3.29 -37.94
N ILE D 60 73.28 -2.23 -37.53
CA ILE D 60 72.75 -1.17 -38.41
C ILE D 60 73.12 0.20 -37.83
N ARG D 61 73.54 1.14 -38.71
CA ARG D 61 73.91 2.52 -38.29
C ARG D 61 73.39 3.60 -39.25
N LYS D 62 72.38 4.38 -38.84
CA LYS D 62 71.83 5.49 -39.64
C LYS D 62 72.90 6.53 -39.94
N CYS D 63 72.95 7.04 -41.16
CA CYS D 63 73.85 8.11 -41.58
C CYS D 63 73.13 9.07 -42.51
N ARG D 64 73.10 10.37 -42.09
CA ARG D 64 72.56 11.46 -42.95
C ARG D 64 73.72 12.20 -43.61
N ILE D 65 73.94 12.00 -44.91
CA ILE D 65 74.98 12.71 -45.65
C ILE D 65 74.45 14.12 -45.90
N LYS D 66 74.93 15.11 -45.14
CA LYS D 66 74.44 16.48 -45.12
C LYS D 66 75.44 17.42 -45.77
N GLY D 67 75.00 18.33 -46.62
CA GLY D 67 75.91 19.27 -47.28
C GLY D 67 75.20 20.31 -48.11
N MET D 68 75.98 21.09 -48.84
CA MET D 68 75.52 22.22 -49.65
C MET D 68 75.95 22.02 -51.11
N LEU D 69 75.04 22.21 -52.07
CA LEU D 69 75.29 22.05 -53.50
C LEU D 69 75.02 23.36 -54.24
N CYS D 70 75.97 23.83 -55.04
CA CYS D 70 75.77 24.96 -55.94
C CYS D 70 74.94 24.55 -57.16
N LEU D 71 73.79 25.19 -57.39
CA LEU D 71 72.91 24.89 -58.51
C LEU D 71 73.37 25.56 -59.80
N PHE D 72 73.77 26.82 -59.72
CA PHE D 72 74.45 27.54 -60.80
C PHE D 72 75.24 28.68 -60.19
N GLN D 73 76.23 29.19 -60.92
CA GLN D 73 76.78 30.51 -60.69
C GLN D 73 77.07 31.13 -62.04
N THR D 74 76.46 32.27 -62.32
CA THR D 74 76.30 32.81 -63.68
C THR D 74 76.53 34.31 -63.75
N THR D 75 77.11 34.76 -64.85
CA THR D 75 77.01 36.14 -65.36
C THR D 75 75.97 36.19 -66.48
N GLU D 76 75.62 37.37 -66.98
CA GLU D 76 74.66 37.54 -68.07
C GLU D 76 75.12 36.86 -69.38
N ASP D 77 76.40 36.90 -69.69
CA ASP D 77 77.02 36.33 -70.90
C ASP D 77 77.18 34.79 -70.86
N ARG D 78 76.77 34.15 -69.76
CA ARG D 78 76.76 32.69 -69.61
C ARG D 78 75.39 32.09 -69.29
N LEU D 79 74.31 32.87 -69.33
CA LEU D 79 72.98 32.41 -68.93
C LEU D 79 72.46 31.22 -69.73
N SER D 80 72.74 31.14 -71.03
CA SER D 80 72.26 30.05 -71.89
C SER D 80 73.09 28.77 -71.85
N TYR D 81 74.11 28.69 -70.98
CA TYR D 81 75.03 27.56 -70.89
C TYR D 81 74.89 26.77 -69.60
N ASN D 82 75.19 25.48 -69.65
CA ASN D 82 75.17 24.57 -68.52
C ASN D 82 76.35 24.83 -67.57
N PHE D 83 76.07 25.07 -66.29
CA PHE D 83 77.06 25.17 -65.23
C PHE D 83 77.55 23.79 -64.79
N ASP D 84 78.84 23.52 -65.04
CA ASP D 84 79.58 22.46 -64.38
C ASP D 84 80.57 23.09 -63.40
N MET D 85 80.56 22.64 -62.15
CA MET D 85 81.47 23.14 -61.12
C MET D 85 82.90 22.62 -61.32
N TYR D 86 83.04 21.44 -61.94
CA TYR D 86 84.29 20.82 -62.30
C TYR D 86 84.45 20.89 -63.82
N GLU D 87 85.37 21.73 -64.25
CA GLU D 87 85.33 22.43 -65.53
C GLU D 87 86.02 21.77 -66.72
N GLU D 88 85.65 22.19 -67.93
CA GLU D 88 86.56 22.15 -69.08
C GLU D 88 87.54 23.31 -68.85
N SER D 89 88.83 23.02 -68.66
CA SER D 89 89.81 23.88 -67.95
C SER D 89 89.96 25.33 -68.45
N ILE D 90 89.52 25.63 -69.67
CA ILE D 90 89.47 26.99 -70.22
C ILE D 90 88.29 27.83 -69.69
N ILE D 91 87.15 27.21 -69.36
CA ILE D 91 85.93 27.94 -68.99
C ILE D 91 86.14 28.88 -67.79
N PRO D 92 86.70 28.47 -66.64
CA PRO D 92 86.87 29.39 -65.52
C PRO D 92 87.98 30.43 -65.73
N GLU D 93 88.82 30.33 -66.76
CA GLU D 93 89.84 31.35 -67.03
C GLU D 93 89.17 32.65 -67.48
N LYS D 94 89.19 33.67 -66.60
CA LYS D 94 88.55 34.97 -66.79
C LYS D 94 87.02 34.91 -66.97
N LEU D 95 86.35 33.87 -66.45
CA LEU D 95 84.90 33.89 -66.19
C LEU D 95 84.58 33.58 -64.72
N PRO D 96 83.89 34.46 -63.98
CA PRO D 96 83.54 34.22 -62.58
C PRO D 96 82.34 33.28 -62.39
N GLY D 97 81.53 33.04 -63.42
CA GLY D 97 80.43 32.06 -63.42
C GLY D 97 80.27 31.40 -64.78
N GLY D 98 80.16 30.07 -64.80
CA GLY D 98 80.24 29.28 -66.03
C GLY D 98 78.92 29.02 -66.75
N GLY D 99 77.78 29.18 -66.09
CA GLY D 99 76.50 28.81 -66.71
C GLY D 99 75.27 29.18 -65.88
N GLY D 100 74.15 29.46 -66.52
CA GLY D 100 72.91 29.91 -65.88
C GLY D 100 71.86 28.83 -65.66
N PHE D 101 72.12 27.60 -66.09
CA PHE D 101 71.31 26.44 -65.76
C PHE D 101 72.22 25.26 -65.45
N SER D 102 71.74 24.25 -64.74
CA SER D 102 72.47 22.99 -64.64
C SER D 102 71.54 21.80 -64.61
N ILE D 103 72.08 20.66 -65.02
CA ILE D 103 71.54 19.35 -64.68
C ILE D 103 72.55 18.65 -63.78
N LYS D 104 72.15 18.33 -62.55
CA LYS D 104 72.94 17.61 -61.55
C LYS D 104 72.42 16.18 -61.43
N ASN D 105 73.29 15.18 -61.51
CA ASN D 105 72.98 13.82 -61.07
C ASN D 105 73.73 13.54 -59.77
N ILE D 106 73.03 13.06 -58.74
CA ILE D 106 73.63 12.72 -57.45
C ILE D 106 73.65 11.21 -57.28
N SER D 107 74.80 10.67 -56.92
CA SER D 107 74.99 9.27 -56.57
C SER D 107 75.83 9.18 -55.29
N LEU D 108 75.80 8.05 -54.60
CA LEU D 108 76.59 7.85 -53.39
C LEU D 108 78.10 8.03 -53.64
N TYR D 109 78.60 7.70 -54.83
CA TYR D 109 79.97 8.01 -55.19
C TYR D 109 80.22 9.51 -55.42
N ALA D 110 79.29 10.23 -56.03
CA ALA D 110 79.38 11.68 -56.12
C ALA D 110 79.30 12.35 -54.74
N LEU D 111 78.50 11.83 -53.81
CA LEU D 111 78.50 12.29 -52.42
C LEU D 111 79.84 12.05 -51.71
N TYR D 112 80.48 10.90 -51.94
CA TYR D 112 81.83 10.66 -51.48
C TYR D 112 82.85 11.62 -52.11
N GLN D 113 82.76 11.92 -53.40
CA GLN D 113 83.62 12.91 -54.04
C GLN D 113 83.42 14.32 -53.46
N GLU D 114 82.19 14.72 -53.15
CA GLU D 114 81.93 15.98 -52.46
C GLU D 114 82.49 15.99 -51.03
N HIS D 115 82.66 14.82 -50.40
CA HIS D 115 83.30 14.72 -49.05
C HIS D 115 84.81 14.95 -49.18
N ILE D 116 85.41 14.57 -50.30
CA ILE D 116 86.83 14.86 -50.57
C ILE D 116 87.07 16.35 -50.79
N HIS D 117 86.11 17.09 -51.35
CA HIS D 117 86.12 18.55 -51.42
C HIS D 117 85.70 19.24 -50.10
N ALA D 118 85.42 18.48 -49.04
CA ALA D 118 84.89 18.96 -47.77
C ALA D 118 83.54 19.69 -47.88
N HIS D 119 82.75 19.41 -48.92
CA HIS D 119 81.45 20.04 -49.15
C HIS D 119 80.30 19.40 -48.36
N ASN D 120 80.52 18.22 -47.76
CA ASN D 120 79.53 17.55 -46.93
C ASN D 120 80.16 16.84 -45.73
N ILE D 121 79.31 16.46 -44.79
CA ILE D 121 79.62 15.57 -43.67
C ILE D 121 78.85 14.26 -43.85
N PHE D 122 79.44 13.15 -43.40
CA PHE D 122 78.72 11.90 -43.17
C PHE D 122 78.48 11.78 -41.68
N THR D 123 77.22 11.71 -41.25
CA THR D 123 76.88 11.65 -39.81
C THR D 123 77.39 10.39 -39.12
N HIS D 124 77.63 9.33 -39.90
CA HIS D 124 78.26 8.09 -39.40
C HIS D 124 79.14 7.55 -40.52
N THR D 125 80.35 7.10 -40.22
CA THR D 125 81.22 6.43 -41.20
C THR D 125 80.64 5.09 -41.65
N ASN D 126 81.11 4.63 -42.81
CA ASN D 126 80.69 3.40 -43.47
C ASN D 126 81.83 2.37 -43.60
N THR D 127 82.95 2.54 -42.89
CA THR D 127 84.21 1.85 -43.21
C THR D 127 84.13 0.32 -43.09
N ASP D 128 83.35 -0.19 -42.14
CA ASP D 128 83.30 -1.62 -41.81
C ASP D 128 81.89 -2.21 -41.87
N ARG D 129 80.96 -1.50 -42.54
CA ARG D 129 79.57 -1.96 -42.77
C ARG D 129 79.36 -1.85 -44.29
N PRO D 130 79.43 -2.94 -45.08
CA PRO D 130 79.46 -2.87 -46.54
C PRO D 130 78.07 -2.76 -47.20
N LEU D 131 76.99 -3.06 -46.47
CA LEU D 131 75.62 -2.91 -46.97
C LEU D 131 75.13 -1.47 -46.80
N ALA D 132 74.24 -1.04 -47.69
CA ALA D 132 73.56 0.23 -47.64
C ALA D 132 72.07 0.07 -47.89
N ARG D 133 71.26 0.91 -47.21
CA ARG D 133 69.78 0.94 -47.37
C ARG D 133 69.35 2.41 -47.52
N TYR D 134 69.28 2.93 -48.74
CA TYR D 134 68.89 4.31 -49.04
C TYR D 134 67.39 4.53 -48.79
N THR D 135 67.04 5.59 -48.06
CA THR D 135 65.66 5.84 -47.60
C THR D 135 65.03 7.08 -48.25
N GLY D 136 65.80 7.89 -48.96
CA GLY D 136 65.33 9.11 -49.60
C GLY D 136 66.15 10.34 -49.21
N CYS D 137 65.73 11.49 -49.69
CA CYS D 137 66.45 12.75 -49.57
C CYS D 137 65.55 13.87 -49.04
N SER D 138 66.10 14.80 -48.28
CA SER D 138 65.50 16.11 -48.02
C SER D 138 66.33 17.19 -48.72
N LEU D 139 65.68 18.08 -49.46
CA LEU D 139 66.31 19.27 -50.03
C LEU D 139 65.72 20.53 -49.39
N LYS D 140 66.57 21.50 -49.06
CA LYS D 140 66.18 22.88 -48.74
C LYS D 140 66.77 23.81 -49.79
N PHE D 141 65.91 24.42 -50.59
CA PHE D 141 66.30 25.37 -51.64
C PHE D 141 66.24 26.77 -51.05
N TYR D 142 67.34 27.51 -51.08
CA TYR D 142 67.40 28.85 -50.50
C TYR D 142 67.07 29.93 -51.52
N GLN D 143 66.33 30.94 -51.09
CA GLN D 143 66.21 32.18 -51.86
C GLN D 143 67.58 32.82 -52.05
N SER D 144 67.99 33.06 -53.29
CA SER D 144 69.15 33.90 -53.56
C SER D 144 68.83 35.36 -53.25
N LYS D 145 69.85 36.18 -53.05
CA LYS D 145 69.68 37.62 -52.84
C LYS D 145 69.11 38.31 -54.08
N ASP D 146 69.75 38.11 -55.23
CA ASP D 146 69.55 38.93 -56.45
C ASP D 146 68.80 38.24 -57.59
N ILE D 147 68.70 36.90 -57.60
CA ILE D 147 68.13 36.16 -58.77
C ILE D 147 67.07 35.15 -58.36
N ASP D 148 66.02 34.99 -59.17
CA ASP D 148 64.97 33.97 -58.91
C ASP D 148 65.46 32.72 -59.61
N TYR D 149 64.80 31.57 -59.43
CA TYR D 149 65.22 30.36 -60.20
C TYR D 149 64.19 29.26 -60.11
N VAL D 150 63.99 28.53 -61.20
CA VAL D 150 63.07 27.39 -61.28
C VAL D 150 63.89 26.13 -61.05
N VAL D 151 63.37 25.21 -60.25
CA VAL D 151 63.90 23.86 -60.10
C VAL D 151 62.86 22.85 -60.54
N THR D 152 63.29 21.77 -61.16
CA THR D 152 62.51 20.53 -61.20
C THR D 152 63.44 19.35 -61.04
N TYR D 153 62.98 18.26 -60.45
CA TYR D 153 63.81 17.11 -60.15
C TYR D 153 63.11 15.82 -60.59
N SER D 154 63.89 14.77 -60.79
CA SER D 154 63.40 13.47 -61.20
C SER D 154 64.15 12.37 -60.48
N THR D 155 63.56 11.17 -60.38
CA THR D 155 64.23 10.00 -59.78
C THR D 155 63.97 8.76 -60.63
N SER D 156 63.63 8.92 -61.91
CA SER D 156 63.53 7.75 -62.81
C SER D 156 64.91 7.12 -62.87
N LEU D 157 65.11 5.93 -62.29
CA LEU D 157 66.46 5.32 -62.21
C LEU D 157 67.15 5.41 -63.58
N PRO D 158 66.48 5.10 -64.72
CA PRO D 158 67.11 5.28 -66.03
C PRO D 158 67.56 6.72 -66.18
N LEU D 159 68.86 6.95 -66.33
CA LEU D 159 69.43 8.32 -66.46
C LEU D 159 69.89 8.53 -67.91
N ARG D 160 69.41 9.61 -68.56
CA ARG D 160 69.82 9.93 -69.95
C ARG D 160 69.57 11.41 -70.22
N SER D 161 70.20 11.98 -71.26
CA SER D 161 70.01 13.41 -71.64
C SER D 161 69.23 13.45 -72.97
N SER D 162 68.53 14.55 -73.24
CA SER D 162 67.72 14.68 -74.48
C SER D 162 67.81 16.11 -75.01
N MET D 163 67.65 16.31 -76.31
CA MET D 163 67.63 17.64 -76.93
C MET D 163 66.44 18.48 -76.43
N GLY D 164 65.27 17.85 -76.27
CA GLY D 164 64.08 18.46 -75.69
C GLY D 164 64.25 18.84 -74.22
N MET D 165 64.98 18.04 -73.42
CA MET D 165 65.34 18.42 -72.05
C MET D 165 66.16 19.71 -72.04
N TYR D 166 67.23 19.80 -72.81
CA TYR D 166 68.10 20.98 -72.82
C TYR D 166 67.38 22.23 -73.34
N ASN D 167 66.53 22.12 -74.36
CA ASN D 167 65.70 23.27 -74.77
C ASN D 167 64.69 23.64 -73.68
N SER D 168 64.06 22.66 -73.03
CA SER D 168 63.09 22.93 -71.97
C SER D 168 63.71 23.56 -70.71
N MET D 169 65.03 23.60 -70.58
CA MET D 169 65.70 24.39 -69.55
C MET D 169 65.57 25.90 -69.74
N GLN D 170 65.11 26.38 -70.91
CA GLN D 170 64.89 27.80 -71.14
C GLN D 170 63.94 28.33 -70.07
N PRO D 171 64.22 29.46 -69.41
CA PRO D 171 63.53 29.84 -68.18
C PRO D 171 62.02 29.95 -68.29
N SER D 172 61.49 30.47 -69.39
CA SER D 172 60.05 30.55 -69.65
C SER D 172 59.42 29.17 -69.83
N ILE D 173 60.09 28.27 -70.56
CA ILE D 173 59.61 26.91 -70.79
C ILE D 173 59.66 26.07 -69.52
N HIS D 174 60.77 26.13 -68.77
CA HIS D 174 60.89 25.45 -67.49
C HIS D 174 59.84 25.96 -66.50
N LEU D 175 59.63 27.28 -66.42
CA LEU D 175 58.57 27.86 -65.59
C LEU D 175 57.15 27.41 -65.97
N MET D 176 56.89 26.97 -67.20
CA MET D 176 55.59 26.41 -67.57
C MET D 176 55.40 24.94 -67.18
N GLN D 177 56.47 24.18 -66.94
CA GLN D 177 56.38 22.75 -66.68
C GLN D 177 55.62 22.41 -65.39
N GLN D 178 55.00 21.23 -65.36
CA GLN D 178 54.37 20.69 -64.15
C GLN D 178 55.42 20.19 -63.16
N ASN D 179 55.10 20.23 -61.87
CA ASN D 179 56.00 19.86 -60.77
C ASN D 179 57.32 20.64 -60.78
N LYS D 180 57.28 21.87 -61.27
CA LYS D 180 58.29 22.89 -61.02
C LYS D 180 58.26 23.34 -59.56
N LEU D 181 59.35 23.92 -59.10
CA LEU D 181 59.43 24.73 -57.91
C LEU D 181 60.03 26.07 -58.30
N ILE D 182 59.35 27.17 -58.02
CA ILE D 182 59.88 28.53 -58.25
C ILE D 182 60.40 29.03 -56.92
N VAL D 183 61.63 29.52 -56.90
CA VAL D 183 62.24 30.16 -55.74
C VAL D 183 62.46 31.64 -56.07
N PRO D 184 61.59 32.55 -55.60
CA PRO D 184 61.80 33.97 -55.75
C PRO D 184 63.06 34.39 -55.00
N SER D 185 63.77 35.39 -55.49
CA SER D 185 64.82 36.04 -54.73
C SER D 185 64.26 36.73 -53.49
N LYS D 186 65.12 37.04 -52.52
CA LYS D 186 64.74 37.83 -51.34
C LYS D 186 64.23 39.22 -51.72
N GLN D 187 64.71 39.77 -52.83
CA GLN D 187 64.22 41.02 -53.40
C GLN D 187 62.80 40.90 -53.97
N THR D 188 62.48 39.86 -54.74
CA THR D 188 61.15 39.72 -55.33
C THR D 188 60.08 39.23 -54.35
N GLN D 189 60.43 38.48 -53.30
CA GLN D 189 59.50 38.14 -52.24
C GLN D 189 60.20 37.88 -50.90
N LYS D 190 59.89 38.67 -49.88
CA LYS D 190 60.22 38.36 -48.48
C LYS D 190 59.29 37.27 -47.95
N ARG D 191 59.83 36.26 -47.27
CA ARG D 191 59.11 35.07 -46.80
C ARG D 191 59.34 34.82 -45.31
N ARG D 192 58.43 34.10 -44.66
CA ARG D 192 58.59 33.65 -43.27
C ARG D 192 59.80 32.74 -43.13
N LYS D 193 59.86 31.67 -43.94
CA LYS D 193 61.02 30.78 -44.02
C LYS D 193 61.84 31.17 -45.26
N PRO D 194 63.16 31.36 -45.15
CA PRO D 194 64.00 31.83 -46.25
C PRO D 194 64.36 30.73 -47.27
N TYR D 195 63.70 29.58 -47.20
CA TYR D 195 63.96 28.40 -48.01
C TYR D 195 62.64 27.66 -48.31
N ILE D 196 62.65 26.83 -49.35
CA ILE D 196 61.56 25.88 -49.62
C ILE D 196 62.10 24.46 -49.43
N LYS D 197 61.43 23.66 -48.60
CA LYS D 197 61.86 22.32 -48.19
C LYS D 197 60.96 21.27 -48.79
N LYS D 198 61.52 20.23 -49.40
CA LYS D 198 60.75 19.05 -49.79
C LYS D 198 61.53 17.74 -49.76
N HIS D 199 60.79 16.67 -49.48
CA HIS D 199 61.30 15.32 -49.34
C HIS D 199 61.12 14.56 -50.65
N ILE D 200 62.15 13.85 -51.07
CA ILE D 200 62.19 13.12 -52.34
C ILE D 200 62.43 11.63 -52.04
N SER D 201 61.54 10.78 -52.54
CA SER D 201 61.59 9.33 -52.34
C SER D 201 62.69 8.68 -53.20
N PRO D 202 63.22 7.50 -52.88
CA PRO D 202 64.16 6.81 -53.75
C PRO D 202 63.64 6.57 -55.17
N PRO D 203 64.52 6.38 -56.17
CA PRO D 203 64.12 5.86 -57.48
C PRO D 203 63.23 4.62 -57.35
N THR D 204 62.24 4.46 -58.21
CA THR D 204 61.32 3.30 -58.11
C THR D 204 62.06 1.95 -58.25
N GLN D 205 63.23 1.97 -58.93
CA GLN D 205 64.09 0.75 -59.11
C GLN D 205 64.91 0.48 -57.84
N MET D 206 65.17 1.48 -57.02
CA MET D 206 65.81 1.30 -55.71
C MET D 206 64.75 0.90 -54.69
N LYS D 207 64.63 -0.39 -54.40
CA LYS D 207 63.66 -0.92 -53.44
C LYS D 207 64.16 -0.71 -52.00
N SER D 208 63.33 -0.94 -51.00
CA SER D 208 63.72 -0.75 -49.60
C SER D 208 64.75 -1.77 -49.09
N GLN D 209 65.08 -2.80 -49.87
CA GLN D 209 66.07 -3.81 -49.52
C GLN D 209 67.48 -3.24 -49.25
N TRP D 210 68.33 -4.02 -48.59
CA TRP D 210 69.75 -3.76 -48.50
C TRP D 210 70.47 -4.04 -49.82
N TYR D 211 71.48 -3.25 -50.15
CA TYR D 211 72.34 -3.42 -51.31
C TYR D 211 73.79 -3.27 -50.90
N PHE D 212 74.72 -4.02 -51.47
CA PHE D 212 76.14 -3.72 -51.30
C PHE D 212 76.46 -2.30 -51.79
N GLN D 213 77.23 -1.54 -51.02
CA GLN D 213 77.59 -0.15 -51.38
C GLN D 213 78.39 -0.13 -52.70
N HIS D 214 79.12 -1.19 -53.05
CA HIS D 214 79.87 -1.30 -54.32
C HIS D 214 78.90 -1.31 -55.51
N ASN D 215 77.74 -1.95 -55.35
CA ASN D 215 76.76 -2.06 -56.43
C ASN D 215 76.02 -0.73 -56.67
N ILE D 216 75.52 -0.11 -55.60
CA ILE D 216 74.74 1.14 -55.69
C ILE D 216 75.59 2.41 -55.80
N ALA D 217 76.91 2.35 -55.63
CA ALA D 217 77.78 3.52 -55.60
C ALA D 217 77.53 4.50 -56.76
N ASN D 218 77.44 4.00 -57.98
CA ASN D 218 77.32 4.82 -59.19
C ASN D 218 75.88 5.00 -59.70
N ILE D 219 74.88 4.35 -59.10
CA ILE D 219 73.47 4.48 -59.47
C ILE D 219 73.00 5.91 -59.17
N PRO D 220 72.52 6.70 -60.14
CA PRO D 220 72.10 8.08 -59.89
C PRO D 220 70.75 8.08 -59.17
N LEU D 221 70.72 8.52 -57.89
CA LEU D 221 69.51 8.43 -57.03
C LEU D 221 68.67 9.71 -57.08
N LEU D 222 69.19 10.77 -57.69
CA LEU D 222 68.45 12.03 -57.87
C LEU D 222 68.99 12.79 -59.09
N MET D 223 68.11 13.36 -59.90
CA MET D 223 68.47 14.43 -60.85
C MET D 223 67.83 15.75 -60.43
N ILE D 224 68.60 16.83 -60.35
CA ILE D 224 68.09 18.18 -60.13
C ILE D 224 68.35 19.00 -61.40
N ARG D 225 67.32 19.63 -61.95
CA ARG D 225 67.41 20.58 -63.07
C ARG D 225 67.09 21.98 -62.56
N THR D 226 67.96 22.95 -62.77
CA THR D 226 67.76 24.32 -62.31
C THR D 226 68.06 25.31 -63.42
N THR D 227 67.28 26.38 -63.54
CA THR D 227 67.54 27.49 -64.47
C THR D 227 67.33 28.84 -63.78
N ALA D 228 68.20 29.80 -64.06
CA ALA D 228 68.12 31.17 -63.57
C ALA D 228 67.05 31.98 -64.32
N LEU D 229 66.36 32.85 -63.60
CA LEU D 229 65.07 33.42 -64.00
C LEU D 229 64.95 34.88 -63.52
N THR D 230 64.13 35.69 -64.17
CA THR D 230 63.53 36.84 -63.48
C THR D 230 62.02 36.87 -63.68
N LEU D 231 61.29 37.05 -62.59
CA LEU D 231 59.84 37.20 -62.58
C LEU D 231 59.41 38.65 -62.88
N ASP D 232 60.10 39.64 -62.32
CA ASP D 232 59.77 41.07 -62.47
C ASP D 232 60.24 41.71 -63.79
N ASN D 233 61.19 41.09 -64.49
CA ASN D 233 61.73 41.55 -65.77
C ASN D 233 61.49 40.50 -66.86
N TYR D 234 60.42 39.71 -66.74
CA TYR D 234 60.20 38.52 -67.56
C TYR D 234 60.23 38.79 -69.07
N TYR D 235 59.62 39.88 -69.54
CA TYR D 235 59.60 40.22 -70.96
C TYR D 235 60.78 41.08 -71.38
N ILE D 236 61.06 42.17 -70.67
CA ILE D 236 62.13 43.11 -71.00
C ILE D 236 63.50 42.45 -70.83
N GLY D 237 63.69 41.67 -69.77
CA GLY D 237 64.95 40.98 -69.48
C GLY D 237 66.09 41.96 -69.32
N SER D 238 67.07 41.89 -70.20
CA SER D 238 68.18 42.87 -70.29
C SER D 238 68.20 43.66 -71.60
N ARG D 239 67.06 43.75 -72.29
CA ARG D 239 66.87 44.59 -73.50
C ARG D 239 67.31 46.02 -73.26
N GLN D 240 67.98 46.61 -74.25
CA GLN D 240 68.36 48.02 -74.30
C GLN D 240 67.86 48.62 -75.62
N LEU D 241 67.33 49.84 -75.61
CA LEU D 241 66.76 50.50 -76.79
C LEU D 241 65.66 49.64 -77.46
N SER D 242 65.80 49.33 -78.75
CA SER D 242 64.82 48.56 -79.54
C SER D 242 64.63 47.12 -79.04
N THR D 243 63.49 46.51 -79.35
CA THR D 243 63.28 45.07 -79.13
C THR D 243 64.16 44.20 -80.03
N ASN D 244 64.55 44.71 -81.20
CA ASN D 244 65.45 44.04 -82.14
C ASN D 244 66.86 43.88 -81.56
N VAL D 245 67.44 42.69 -81.69
CA VAL D 245 68.85 42.40 -81.43
C VAL D 245 69.61 42.30 -82.75
N THR D 246 70.84 42.80 -82.79
CA THR D 246 71.70 42.70 -83.99
C THR D 246 72.59 41.48 -83.92
N ILE D 247 72.55 40.63 -84.94
CA ILE D 247 73.39 39.44 -85.09
C ILE D 247 74.41 39.72 -86.19
N HIS D 248 75.69 39.46 -85.94
CA HIS D 248 76.72 39.54 -87.01
C HIS D 248 76.79 38.15 -87.63
N THR D 249 77.07 38.01 -88.91
CA THR D 249 77.25 36.71 -89.58
C THR D 249 78.29 36.77 -90.69
N LEU D 250 78.84 35.60 -91.05
CA LEU D 250 79.74 35.52 -92.23
C LEU D 250 78.85 35.54 -93.48
N ASN D 251 79.07 36.46 -94.42
CA ASN D 251 78.33 36.43 -95.70
C ASN D 251 78.36 34.99 -96.19
N THR D 252 77.20 34.36 -96.41
CA THR D 252 77.12 32.96 -96.87
C THR D 252 77.34 32.93 -98.37
N THR D 253 76.96 33.99 -99.09
CA THR D 253 77.00 34.05 -100.56
C THR D 253 78.41 34.24 -101.12
N TYR D 254 79.44 34.37 -100.27
CA TYR D 254 80.83 34.56 -100.70
C TYR D 254 81.84 33.74 -99.87
N ILE D 255 81.66 33.65 -98.55
CA ILE D 255 82.55 32.90 -97.65
C ILE D 255 81.98 31.47 -97.47
N GLN D 256 82.49 30.48 -98.20
CA GLN D 256 81.89 29.11 -98.08
C GLN D 256 82.93 28.00 -98.05
N ASN D 257 84.19 28.27 -98.38
CA ASN D 257 85.14 27.17 -98.54
C ASN D 257 85.54 26.45 -97.26
N ARG D 258 85.42 27.10 -96.08
CA ARG D 258 85.71 26.48 -94.75
C ARG D 258 87.13 25.86 -94.71
N ASP D 259 88.09 26.41 -95.46
CA ASP D 259 89.48 25.92 -95.45
C ASP D 259 90.36 26.71 -94.46
N TRP D 260 89.97 26.75 -93.18
CA TRP D 260 90.54 27.66 -92.20
C TRP D 260 91.71 27.13 -91.36
N GLY D 261 92.51 28.05 -90.84
CA GLY D 261 93.48 27.76 -89.77
C GLY D 261 94.81 27.17 -90.22
N ASP D 262 95.29 27.51 -91.42
CA ASP D 262 96.66 27.21 -91.89
C ASP D 262 97.36 28.48 -92.41
N ARG D 263 98.67 28.61 -92.14
CA ARG D 263 99.49 29.68 -92.79
C ARG D 263 100.16 29.01 -94.00
N ASN D 264 99.91 27.70 -94.21
CA ASN D 264 100.49 26.89 -95.29
C ASN D 264 99.60 26.82 -96.54
N LYS D 265 98.56 27.65 -96.65
CA LYS D 265 97.53 27.61 -97.70
C LYS D 265 97.06 29.03 -98.05
N THR D 266 97.15 29.43 -99.32
CA THR D 266 96.54 30.68 -99.79
C THR D 266 95.02 30.56 -99.73
N TYR D 267 94.34 31.46 -99.01
CA TYR D 267 92.90 31.34 -98.80
C TYR D 267 92.10 31.82 -100.01
N TYR D 268 91.05 31.07 -100.33
CA TYR D 268 90.08 31.36 -101.39
C TYR D 268 88.69 31.19 -100.78
N CYS D 269 87.77 32.12 -101.03
CA CYS D 269 86.54 32.23 -100.26
C CYS D 269 85.41 31.32 -100.78
N GLN D 270 85.30 31.13 -102.09
CA GLN D 270 84.33 30.21 -102.70
C GLN D 270 84.86 29.55 -103.98
N THR D 271 84.27 28.42 -104.33
CA THR D 271 84.38 27.81 -105.66
C THR D 271 83.02 27.88 -106.37
N LEU D 272 83.02 28.24 -107.66
CA LEU D 272 81.83 28.13 -108.52
C LEU D 272 82.24 27.47 -109.83
N GLY D 273 81.49 26.46 -110.28
CA GLY D 273 81.93 25.61 -111.39
C GLY D 273 83.30 24.99 -111.11
N THR D 274 84.29 25.29 -111.95
CA THR D 274 85.71 24.94 -111.74
C THR D 274 86.53 26.06 -111.08
N GLN D 275 86.00 27.28 -110.96
CA GLN D 275 86.75 28.46 -110.52
C GLN D 275 87.04 28.45 -109.01
N ARG D 276 88.01 29.27 -108.61
CA ARG D 276 88.23 29.72 -107.22
C ARG D 276 88.15 31.24 -107.18
N TYR D 277 87.63 31.79 -106.09
CA TYR D 277 87.49 33.24 -105.89
C TYR D 277 88.28 33.68 -104.67
N PHE D 278 88.82 34.90 -104.75
CA PHE D 278 89.86 35.41 -103.87
C PHE D 278 89.51 36.82 -103.42
N LEU D 279 90.01 37.17 -102.24
CA LEU D 279 89.76 38.45 -101.58
C LEU D 279 91.08 39.22 -101.48
N TYR D 280 91.01 40.55 -101.62
CA TYR D 280 92.15 41.45 -101.46
C TYR D 280 91.75 42.68 -100.66
N GLY D 281 92.57 43.10 -99.70
CA GLY D 281 92.37 44.36 -98.97
C GLY D 281 93.06 45.51 -99.68
N THR D 282 92.59 46.75 -99.49
CA THR D 282 93.37 47.92 -99.90
C THR D 282 93.12 49.10 -98.96
N HIS D 283 94.12 49.99 -98.84
CA HIS D 283 93.96 51.26 -98.07
C HIS D 283 93.70 52.37 -99.09
N SER D 284 93.59 52.03 -100.38
CA SER D 284 93.41 53.02 -101.44
C SER D 284 92.14 53.87 -101.24
N THR D 285 92.28 55.17 -101.50
CA THR D 285 91.16 56.13 -101.56
C THR D 285 90.45 56.13 -102.93
N ALA D 286 90.89 55.31 -103.87
CA ALA D 286 90.30 55.24 -105.22
C ALA D 286 88.80 54.89 -105.15
N GLN D 287 87.98 55.70 -105.83
CA GLN D 287 86.53 55.54 -105.84
C GLN D 287 86.04 54.47 -106.83
N ASN D 288 86.82 54.19 -107.89
CA ASN D 288 86.41 53.30 -108.97
C ASN D 288 87.19 51.98 -108.92
N ILE D 289 86.46 50.86 -108.83
CA ILE D 289 87.04 49.51 -108.74
C ILE D 289 87.91 49.14 -109.96
N ASN D 290 87.68 49.78 -111.11
CA ASN D 290 88.46 49.51 -112.33
C ASN D 290 89.90 50.05 -112.25
N ASP D 291 90.12 51.26 -111.69
CA ASP D 291 91.43 51.97 -111.76
C ASP D 291 92.42 51.65 -110.63
N ILE D 292 92.01 50.93 -109.59
CA ILE D 292 92.94 50.48 -108.55
C ILE D 292 94.11 49.71 -109.20
N LYS D 293 95.33 49.92 -108.71
CA LYS D 293 96.55 49.27 -109.26
C LYS D 293 96.56 47.76 -108.94
N LEU D 294 97.55 47.05 -109.48
CA LEU D 294 97.76 45.63 -109.09
C LEU D 294 98.55 45.69 -107.77
N GLN D 295 99.22 46.82 -107.49
CA GLN D 295 100.04 47.02 -106.26
C GLN D 295 99.15 47.29 -105.04
N GLU D 296 98.12 48.12 -105.17
CA GLU D 296 97.27 48.53 -104.02
C GLU D 296 96.76 47.31 -103.25
N LEU D 297 96.36 46.25 -103.96
CA LEU D 297 95.74 45.06 -103.32
C LEU D 297 96.69 44.39 -102.31
N ILE D 298 96.18 44.01 -101.13
CA ILE D 298 96.96 43.28 -100.10
C ILE D 298 96.39 41.85 -100.11
N PRO D 299 97.00 40.89 -100.82
CA PRO D 299 96.41 39.57 -101.02
C PRO D 299 96.39 38.83 -99.70
N LEU D 300 95.43 37.90 -99.52
CA LEU D 300 95.30 37.14 -98.25
C LEU D 300 95.84 35.72 -98.46
N THR D 301 96.97 35.37 -97.84
CA THR D 301 97.61 34.05 -97.96
C THR D 301 97.56 33.34 -96.62
N ASN D 302 96.95 33.96 -95.60
CA ASN D 302 96.79 33.33 -94.29
C ASN D 302 95.35 33.56 -93.80
N THR D 303 94.73 32.58 -93.14
CA THR D 303 93.55 32.84 -92.29
C THR D 303 93.81 32.64 -90.80
N GLN D 304 94.86 31.87 -90.46
CA GLN D 304 95.17 31.44 -89.08
C GLN D 304 95.64 32.55 -88.13
N ASP D 305 95.98 33.75 -88.62
CA ASP D 305 96.52 34.81 -87.72
C ASP D 305 95.64 36.05 -87.65
N TYR D 306 95.84 36.86 -86.60
CA TYR D 306 95.18 38.16 -86.46
C TYR D 306 95.78 39.25 -87.37
N VAL D 307 96.90 38.96 -88.05
CA VAL D 307 97.71 39.96 -88.76
C VAL D 307 96.91 40.69 -89.86
N GLN D 308 97.07 42.01 -89.93
CA GLN D 308 96.42 42.88 -90.93
C GLN D 308 97.07 42.78 -92.31
N GLY D 309 98.35 42.42 -92.35
CA GLY D 309 99.20 42.62 -93.53
C GLY D 309 99.62 44.08 -93.66
N PHE D 310 100.20 44.43 -94.80
CA PHE D 310 100.57 45.80 -95.14
C PHE D 310 100.64 45.99 -96.67
N ASP D 311 100.62 47.25 -97.10
CA ASP D 311 100.65 47.64 -98.50
C ASP D 311 102.05 47.55 -99.12
N TRP D 312 102.13 47.38 -100.45
CA TRP D 312 103.39 47.34 -101.21
C TRP D 312 104.23 48.61 -101.06
N THR D 313 103.62 49.75 -100.71
CA THR D 313 104.34 50.98 -100.36
C THR D 313 105.27 50.81 -99.14
N GLU D 314 105.11 49.76 -98.33
CA GLU D 314 106.00 49.43 -97.22
C GLU D 314 107.06 48.37 -97.58
N LYS D 315 107.26 48.07 -98.87
CA LYS D 315 108.32 47.19 -99.40
C LYS D 315 109.68 47.45 -98.72
N ASP D 316 110.08 48.71 -98.64
CA ASP D 316 111.37 49.11 -98.05
C ASP D 316 111.40 49.06 -96.52
N LYS D 317 110.26 48.95 -95.82
CA LYS D 317 110.23 48.79 -94.36
C LYS D 317 110.48 47.34 -93.92
N HIS D 318 110.15 46.37 -94.80
CA HIS D 318 110.32 44.91 -94.53
C HIS D 318 111.32 44.30 -95.52
N ASN D 319 112.22 45.10 -96.08
CA ASN D 319 113.31 44.66 -96.97
C ASN D 319 112.82 43.69 -98.06
N ILE D 320 111.60 43.89 -98.56
CA ILE D 320 110.97 43.04 -99.56
C ILE D 320 111.65 43.23 -100.92
N THR D 321 112.01 42.12 -101.56
CA THR D 321 112.65 42.13 -102.89
C THR D 321 111.68 41.74 -104.02
N THR D 322 110.62 40.99 -103.73
CA THR D 322 109.69 40.44 -104.73
C THR D 322 108.26 40.39 -104.21
N TYR D 323 107.29 40.27 -105.12
CA TYR D 323 105.90 40.01 -104.74
C TYR D 323 105.75 38.70 -103.93
N LYS D 324 106.62 37.70 -104.13
CA LYS D 324 106.69 36.50 -103.29
C LYS D 324 106.97 36.84 -101.81
N GLU D 325 107.91 37.74 -101.54
CA GLU D 325 108.14 38.25 -100.18
C GLU D 325 107.03 39.20 -99.68
N PHE D 326 106.37 39.94 -100.58
CA PHE D 326 105.18 40.70 -100.22
C PHE D 326 104.01 39.79 -99.79
N LEU D 327 103.77 38.69 -100.51
CA LEU D 327 102.80 37.64 -100.16
C LEU D 327 103.08 37.03 -98.78
N THR D 328 104.35 36.71 -98.47
CA THR D 328 104.66 36.03 -97.21
C THR D 328 104.73 37.00 -96.03
N LYS D 329 105.35 38.18 -96.18
CA LYS D 329 105.44 39.15 -95.07
C LYS D 329 104.18 40.01 -94.90
N GLY D 330 103.55 40.43 -96.00
CA GLY D 330 102.57 41.52 -96.03
C GLY D 330 101.12 41.12 -96.27
N ALA D 331 100.81 39.84 -96.51
CA ALA D 331 99.43 39.42 -96.67
C ALA D 331 98.58 39.60 -95.40
N GLY D 332 97.30 39.94 -95.57
CA GLY D 332 96.36 40.24 -94.48
C GLY D 332 95.37 39.11 -94.20
N ASN D 333 95.01 38.86 -92.95
CA ASN D 333 93.98 37.87 -92.66
C ASN D 333 92.60 38.53 -92.84
N PRO D 334 91.64 37.91 -93.55
CA PRO D 334 90.37 38.57 -93.89
C PRO D 334 89.52 38.91 -92.67
N PHE D 335 89.76 38.22 -91.56
CA PHE D 335 89.06 38.39 -90.29
C PHE D 335 89.76 39.39 -89.33
N HIS D 336 90.79 40.12 -89.78
CA HIS D 336 91.34 41.23 -89.00
C HIS D 336 90.26 42.32 -88.81
N ALA D 337 90.34 43.10 -87.73
CA ALA D 337 89.29 44.03 -87.30
C ALA D 337 88.87 45.09 -88.34
N GLU D 338 89.72 45.42 -89.32
CA GLU D 338 89.34 46.31 -90.43
C GLU D 338 88.83 45.55 -91.67
N TRP D 339 89.35 44.36 -91.97
CA TRP D 339 88.90 43.57 -93.13
C TRP D 339 87.60 42.80 -92.87
N ILE D 340 87.33 42.39 -91.63
CA ILE D 340 86.16 41.59 -91.23
C ILE D 340 84.83 42.24 -91.61
N THR D 341 84.74 43.57 -91.47
CA THR D 341 83.58 44.40 -91.85
C THR D 341 83.92 45.39 -92.96
N ALA D 342 85.08 45.22 -93.62
CA ALA D 342 85.59 46.11 -94.67
C ALA D 342 85.56 47.60 -94.28
N GLN D 343 86.00 47.93 -93.06
CA GLN D 343 86.18 49.31 -92.61
C GLN D 343 87.07 50.09 -93.58
N ASN D 344 88.15 49.44 -94.02
CA ASN D 344 88.92 49.81 -95.22
C ASN D 344 88.51 48.84 -96.34
N PRO D 345 88.33 49.30 -97.59
CA PRO D 345 87.73 48.49 -98.65
C PRO D 345 88.41 47.13 -98.86
N VAL D 346 87.58 46.13 -99.18
CA VAL D 346 87.96 44.75 -99.47
C VAL D 346 87.35 44.35 -100.81
N ILE D 347 88.15 43.75 -101.66
CA ILE D 347 87.83 43.46 -103.05
C ILE D 347 87.75 41.96 -103.28
N HIS D 348 86.64 41.48 -103.83
CA HIS D 348 86.40 40.07 -104.17
C HIS D 348 86.57 39.87 -105.68
N THR D 349 87.28 38.84 -106.12
CA THR D 349 87.57 38.61 -107.55
C THR D 349 87.79 37.12 -107.87
N ALA D 350 87.56 36.73 -109.13
CA ALA D 350 87.99 35.44 -109.65
C ALA D 350 89.51 35.38 -109.91
N ASN D 351 90.19 36.54 -110.02
CA ASN D 351 91.59 36.57 -110.40
C ASN D 351 92.51 36.08 -109.27
N SER D 352 93.10 34.90 -109.45
CA SER D 352 93.98 34.29 -108.46
C SER D 352 95.25 35.12 -108.23
N PRO D 353 95.75 35.22 -106.99
CA PRO D 353 97.02 35.87 -106.71
C PRO D 353 98.16 35.35 -107.58
N THR D 354 98.15 34.07 -107.98
CA THR D 354 99.19 33.52 -108.87
C THR D 354 99.13 34.07 -110.28
N GLN D 355 97.97 34.49 -110.79
CA GLN D 355 97.95 35.28 -112.03
C GLN D 355 98.57 36.66 -111.80
N ILE D 356 98.30 37.29 -110.65
CA ILE D 356 98.99 38.53 -110.26
C ILE D 356 100.50 38.30 -110.07
N GLU D 357 100.93 37.16 -109.52
CA GLU D 357 102.35 36.77 -109.42
C GLU D 357 102.97 36.73 -110.81
N GLN D 358 102.31 36.07 -111.78
CA GLN D 358 102.79 36.03 -113.16
C GLN D 358 102.92 37.44 -113.74
N ILE D 359 101.97 38.35 -113.51
CA ILE D 359 102.08 39.73 -113.99
C ILE D 359 103.24 40.49 -113.31
N TYR D 360 103.40 40.38 -111.98
CA TYR D 360 104.54 40.98 -111.27
C TYR D 360 105.88 40.39 -111.73
N THR D 361 106.03 39.07 -111.67
CA THR D 361 107.29 38.37 -111.93
C THR D 361 107.69 38.49 -113.40
N ALA D 362 106.74 38.49 -114.34
CA ALA D 362 107.04 38.74 -115.75
C ALA D 362 107.69 40.11 -115.96
N SER D 363 107.17 41.16 -115.32
CA SER D 363 107.89 42.44 -115.19
C SER D 363 107.37 43.30 -114.03
N THR D 364 108.25 43.57 -113.06
CA THR D 364 107.98 44.42 -111.89
C THR D 364 107.72 45.88 -112.28
N THR D 365 108.34 46.34 -113.37
CA THR D 365 108.13 47.69 -113.92
C THR D 365 106.72 47.85 -114.51
N THR D 366 106.12 46.80 -115.10
CA THR D 366 104.73 46.87 -115.57
C THR D 366 103.71 46.58 -114.47
N PHE D 367 104.11 46.09 -113.30
CA PHE D 367 103.23 46.00 -112.13
C PHE D 367 102.82 47.40 -111.62
N GLN D 368 103.69 48.41 -111.77
CA GLN D 368 103.36 49.82 -111.56
C GLN D 368 102.30 50.30 -112.57
N ASN D 369 102.42 49.91 -113.84
CA ASN D 369 101.54 50.37 -114.91
C ASN D 369 100.17 49.69 -114.87
N LYS D 370 100.11 48.37 -114.61
CA LYS D 370 98.87 47.59 -114.65
C LYS D 370 97.90 48.01 -113.52
N LYS D 371 96.63 48.14 -113.90
CA LYS D 371 95.48 48.39 -113.01
C LYS D 371 94.54 47.18 -113.02
N LEU D 372 93.42 47.28 -112.29
CA LEU D 372 92.37 46.25 -112.26
C LEU D 372 91.63 46.11 -113.62
N THR D 373 91.70 47.10 -114.49
CA THR D 373 91.35 46.96 -115.92
C THR D 373 92.30 45.98 -116.64
N ASP D 374 91.79 45.26 -117.63
CA ASP D 374 92.56 44.36 -118.51
C ASP D 374 93.37 43.27 -117.77
N LEU D 375 92.94 42.89 -116.57
CA LEU D 375 93.49 41.74 -115.85
C LEU D 375 92.82 40.43 -116.27
N PRO D 376 93.49 39.28 -116.08
CA PRO D 376 92.84 37.98 -116.29
C PRO D 376 91.69 37.78 -115.31
N THR D 377 90.59 37.15 -115.78
CA THR D 377 89.36 36.89 -115.01
C THR D 377 89.03 38.01 -114.01
N PRO D 378 88.82 39.27 -114.46
CA PRO D 378 88.67 40.38 -113.52
C PRO D 378 87.27 40.66 -112.97
N GLY D 379 86.79 39.83 -112.05
CA GLY D 379 85.48 40.02 -111.39
C GLY D 379 85.68 40.87 -110.15
N TYR D 380 86.47 41.95 -110.23
CA TYR D 380 86.77 42.82 -109.06
C TYR D 380 85.48 43.51 -108.60
N ILE D 381 85.01 43.24 -107.39
CA ILE D 381 83.76 43.81 -106.82
C ILE D 381 84.09 44.35 -105.42
N PHE D 382 83.17 45.02 -104.71
CA PHE D 382 83.40 45.44 -103.30
C PHE D 382 82.49 44.60 -102.42
N ILE D 383 83.04 43.61 -101.70
CA ILE D 383 82.25 42.66 -100.88
C ILE D 383 82.73 42.70 -99.42
N THR D 384 81.82 42.63 -98.46
CA THR D 384 82.14 42.62 -97.03
C THR D 384 82.05 41.20 -96.48
N PRO D 385 83.09 40.66 -95.80
CA PRO D 385 83.04 39.32 -95.22
C PRO D 385 81.92 39.14 -94.18
N THR D 386 81.60 40.21 -93.44
CA THR D 386 80.51 40.24 -92.46
C THR D 386 79.31 41.02 -92.97
N VAL D 387 78.11 40.56 -92.64
CA VAL D 387 76.87 41.34 -92.66
C VAL D 387 76.23 41.33 -91.27
N SER D 388 75.54 42.41 -90.90
CA SER D 388 74.76 42.50 -89.67
C SER D 388 73.27 42.34 -89.98
N LEU D 389 72.62 41.37 -89.33
CA LEU D 389 71.18 41.13 -89.42
C LEU D 389 70.48 41.72 -88.18
N ARG D 390 69.20 42.05 -88.31
CA ARG D 390 68.31 42.36 -87.17
C ARG D 390 67.35 41.21 -86.95
N TYR D 391 67.26 40.72 -85.72
CA TYR D 391 66.33 39.68 -85.29
C TYR D 391 65.35 40.25 -84.27
N ASN D 392 64.06 39.96 -84.45
CA ASN D 392 63.02 40.33 -83.50
C ASN D 392 62.33 39.04 -83.01
N PRO D 393 62.35 38.72 -81.70
CA PRO D 393 61.80 37.47 -81.22
C PRO D 393 60.28 37.39 -81.37
N TYR D 394 59.60 38.55 -81.34
CA TYR D 394 58.12 38.60 -81.42
C TYR D 394 57.68 38.42 -82.87
N LYS D 395 58.60 38.61 -83.82
CA LYS D 395 58.30 38.45 -85.27
C LYS D 395 58.70 37.05 -85.72
N ASP D 396 59.12 36.18 -84.79
CA ASP D 396 59.59 34.81 -85.14
C ASP D 396 58.46 33.79 -85.01
N LEU D 397 58.17 33.03 -86.07
CA LEU D 397 57.05 32.08 -86.09
C LEU D 397 57.52 30.62 -86.12
N ALA D 398 58.84 30.37 -86.16
CA ALA D 398 59.41 29.03 -86.08
C ALA D 398 58.92 28.03 -87.15
N GLU D 399 58.51 28.46 -88.34
CA GLU D 399 57.96 27.55 -89.36
C GLU D 399 59.04 26.81 -90.13
N ARG D 400 60.23 27.42 -90.30
CA ARG D 400 61.37 26.84 -91.05
C ARG D 400 62.71 27.09 -90.35
N ASN D 401 62.65 27.28 -89.03
CA ASN D 401 63.84 27.43 -88.18
C ASN D 401 64.59 26.10 -88.07
N LYS D 402 65.92 26.16 -88.00
CA LYS D 402 66.81 24.99 -88.02
C LYS D 402 68.17 25.33 -87.45
N CYS D 403 68.91 24.37 -86.92
CA CYS D 403 70.18 24.60 -86.23
C CYS D 403 71.04 23.33 -86.20
N TYR D 404 72.34 23.43 -86.51
CA TYR D 404 73.28 22.30 -86.51
C TYR D 404 74.74 22.74 -86.51
N PHE D 405 75.66 21.81 -86.22
CA PHE D 405 77.11 22.04 -86.27
C PHE D 405 77.73 21.42 -87.52
N VAL D 406 78.64 22.16 -88.17
CA VAL D 406 79.47 21.69 -89.30
C VAL D 406 80.94 21.73 -88.92
N ARG D 407 81.78 20.91 -89.55
CA ARG D 407 83.21 20.81 -89.26
C ARG D 407 83.95 22.04 -89.81
N SER D 408 84.66 22.79 -88.97
CA SER D 408 85.36 24.01 -89.39
C SER D 408 86.71 23.72 -90.06
N LYS D 409 87.59 22.95 -89.41
CA LYS D 409 88.86 22.47 -90.00
C LYS D 409 88.68 21.20 -90.82
N ILE D 410 87.99 21.29 -91.96
CA ILE D 410 88.03 20.27 -93.02
C ILE D 410 87.97 20.91 -94.40
N ASN D 411 88.47 20.19 -95.40
CA ASN D 411 88.46 20.61 -96.80
C ASN D 411 87.13 20.26 -97.48
N ALA D 412 86.01 20.81 -97.00
CA ALA D 412 84.68 20.58 -97.57
C ALA D 412 83.92 21.90 -97.81
N HIS D 413 83.32 22.01 -98.99
CA HIS D 413 82.61 23.20 -99.44
C HIS D 413 81.19 23.29 -98.85
N GLY D 414 80.69 24.51 -98.69
CA GLY D 414 79.28 24.77 -98.41
C GLY D 414 78.86 24.53 -96.96
N TRP D 415 77.60 24.87 -96.68
CA TRP D 415 77.04 25.01 -95.33
C TRP D 415 75.88 24.04 -95.06
N ASP D 416 75.56 23.14 -95.99
CA ASP D 416 74.39 22.24 -95.84
C ASP D 416 74.50 21.43 -94.53
N PRO D 417 73.37 21.02 -93.90
CA PRO D 417 73.46 20.17 -92.72
C PRO D 417 74.22 18.92 -93.11
N GLU D 418 75.23 18.55 -92.33
CA GLU D 418 76.10 17.39 -92.68
C GLU D 418 76.38 16.54 -91.43
N GLN D 419 77.08 15.42 -91.60
CA GLN D 419 77.42 14.53 -90.46
C GLN D 419 76.11 14.06 -89.78
N HIS D 420 75.93 14.30 -88.48
CA HIS D 420 74.75 13.81 -87.73
C HIS D 420 73.48 14.54 -88.19
N GLN D 421 72.54 13.82 -88.81
CA GLN D 421 71.25 14.40 -89.24
C GLN D 421 70.24 14.23 -88.09
N GLU D 422 70.54 13.35 -87.12
CA GLU D 422 69.70 13.23 -85.92
C GLU D 422 69.95 14.36 -84.90
N LEU D 423 71.09 15.04 -84.99
CA LEU D 423 71.44 16.17 -84.13
C LEU D 423 70.87 17.51 -84.63
N ILE D 424 70.34 17.57 -85.85
CA ILE D 424 69.68 18.78 -86.35
C ILE D 424 68.50 19.11 -85.44
N ASN D 425 68.43 20.37 -84.98
CA ASN D 425 67.33 20.89 -84.10
C ASN D 425 66.45 21.83 -84.94
N SER D 426 65.14 21.61 -85.02
CA SER D 426 64.24 22.30 -85.95
C SER D 426 62.94 22.77 -85.28
N ASP D 427 62.28 23.74 -85.92
CA ASP D 427 60.88 24.12 -85.66
C ASP D 427 60.57 24.66 -84.24
N LEU D 428 61.49 25.42 -83.65
CA LEU D 428 61.27 26.23 -82.45
C LEU D 428 61.77 27.65 -82.71
N PRO D 429 61.27 28.69 -82.02
CA PRO D 429 61.79 30.03 -82.21
C PRO D 429 63.25 30.09 -81.79
N GLN D 430 64.11 30.84 -82.50
CA GLN D 430 65.60 30.85 -82.30
C GLN D 430 66.08 31.02 -80.85
N TRP D 431 65.38 31.78 -80.02
CA TRP D 431 65.71 31.92 -78.60
C TRP D 431 65.45 30.65 -77.79
N LEU D 432 64.51 29.80 -78.21
CA LEU D 432 64.28 28.48 -77.64
C LEU D 432 65.12 27.41 -78.33
N LEU D 433 65.29 27.49 -79.66
CA LEU D 433 66.04 26.52 -80.44
C LEU D 433 67.52 26.46 -80.06
N LEU D 434 68.14 27.61 -79.80
CA LEU D 434 69.56 27.69 -79.45
C LEU D 434 69.82 27.38 -77.97
N PHE D 435 68.85 27.52 -77.07
CA PHE D 435 69.08 27.45 -75.63
C PHE D 435 69.59 26.07 -75.21
N GLY D 436 70.81 25.98 -74.68
CA GLY D 436 71.41 24.72 -74.24
C GLY D 436 71.75 23.73 -75.37
N TYR D 437 71.53 24.07 -76.64
CA TYR D 437 71.80 23.17 -77.76
C TYR D 437 73.30 22.84 -77.90
N PRO D 438 74.24 23.80 -77.84
CA PRO D 438 75.66 23.49 -77.82
C PRO D 438 76.08 22.56 -76.68
N ASP D 439 75.52 22.71 -75.48
CA ASP D 439 75.83 21.82 -74.37
C ASP D 439 75.23 20.43 -74.53
N TYR D 440 74.03 20.30 -75.10
CA TYR D 440 73.52 18.98 -75.47
C TYR D 440 74.47 18.29 -76.45
N ILE D 441 74.98 19.02 -77.44
CA ILE D 441 75.92 18.47 -78.42
C ILE D 441 77.24 18.08 -77.76
N LYS D 442 77.83 18.93 -76.92
CA LYS D 442 79.03 18.58 -76.15
C LYS D 442 78.84 17.35 -75.27
N ARG D 443 77.74 17.28 -74.52
CA ARG D 443 77.46 16.13 -73.61
C ARG D 443 77.19 14.86 -74.44
N THR D 444 76.62 15.00 -75.65
CA THR D 444 76.40 13.86 -76.55
C THR D 444 77.73 13.26 -77.06
N GLN D 445 78.79 14.06 -77.18
CA GLN D 445 80.16 13.56 -77.52
C GLN D 445 80.22 12.90 -78.92
N ASN D 446 79.25 13.15 -79.80
CA ASN D 446 79.28 12.64 -81.18
C ASN D 446 80.15 13.47 -82.13
N PHE D 447 80.75 14.56 -81.65
CA PHE D 447 81.69 15.41 -82.38
C PHE D 447 83.02 15.53 -81.64
N ALA D 448 84.11 15.78 -82.36
CA ALA D 448 85.40 16.08 -81.75
C ALA D 448 85.29 17.33 -80.87
N LEU D 449 85.68 17.22 -79.60
CA LEU D 449 85.13 18.05 -78.53
C LEU D 449 85.48 19.54 -78.61
N VAL D 450 86.58 19.89 -79.28
CA VAL D 450 87.14 21.24 -79.19
C VAL D 450 86.36 22.29 -79.99
N ASP D 451 86.09 23.44 -79.36
CA ASP D 451 85.27 24.53 -79.99
C ASP D 451 85.87 25.01 -81.31
N THR D 452 87.19 24.88 -81.49
CA THR D 452 87.87 25.38 -82.70
C THR D 452 87.60 24.54 -83.95
N ASN D 453 87.07 23.33 -83.81
CA ASN D 453 86.96 22.38 -84.91
C ASN D 453 85.55 22.31 -85.52
N TYR D 454 84.59 23.07 -84.99
CA TYR D 454 83.22 23.13 -85.47
C TYR D 454 82.72 24.57 -85.57
N ILE D 455 81.69 24.79 -86.39
CA ILE D 455 80.91 26.02 -86.48
C ILE D 455 79.44 25.64 -86.27
N LEU D 456 78.72 26.49 -85.56
CA LEU D 456 77.27 26.48 -85.46
C LEU D 456 76.66 27.30 -86.62
N VAL D 457 75.68 26.69 -87.28
CA VAL D 457 74.99 27.21 -88.45
C VAL D 457 73.49 27.13 -88.20
N ASP D 458 72.71 28.17 -88.50
CA ASP D 458 71.27 28.14 -88.29
C ASP D 458 70.49 28.82 -89.42
N HIS D 459 69.30 28.33 -89.71
CA HIS D 459 68.37 28.92 -90.67
C HIS D 459 67.23 29.61 -89.93
N CYS D 460 66.88 30.82 -90.34
CA CYS D 460 65.78 31.59 -89.75
C CYS D 460 65.21 32.56 -90.81
N PRO D 461 63.98 32.32 -91.30
CA PRO D 461 63.29 33.22 -92.22
C PRO D 461 63.06 34.65 -91.69
N TYR D 462 63.14 34.86 -90.37
CA TYR D 462 62.50 35.98 -89.69
C TYR D 462 63.42 37.16 -89.36
N THR D 463 64.70 37.13 -89.72
CA THR D 463 65.50 38.35 -89.75
C THR D 463 65.03 39.27 -90.87
N ASN D 464 65.13 40.59 -90.69
CA ASN D 464 64.61 41.54 -91.67
C ASN D 464 65.42 41.56 -92.98
N PRO D 465 66.74 41.76 -92.96
CA PRO D 465 67.63 41.22 -93.99
C PRO D 465 67.78 39.71 -93.80
N GLU D 466 68.29 38.99 -94.78
CA GLU D 466 68.48 37.54 -94.70
C GLU D 466 69.81 37.08 -95.30
N LYS D 467 70.26 35.90 -94.85
CA LYS D 467 71.25 35.04 -95.49
C LYS D 467 70.75 33.61 -95.34
N THR D 468 70.99 32.74 -96.33
CA THR D 468 70.32 31.43 -96.41
C THR D 468 70.57 30.60 -95.15
N PRO D 469 71.81 30.22 -94.78
CA PRO D 469 72.19 30.01 -93.40
C PRO D 469 72.77 31.29 -92.78
N PHE D 470 72.85 31.27 -91.45
CA PHE D 470 73.54 32.33 -90.69
C PHE D 470 74.75 31.69 -90.06
N ILE D 471 75.88 32.38 -89.95
CA ILE D 471 77.07 31.85 -89.22
C ILE D 471 77.29 32.85 -88.09
N PRO D 472 76.48 32.87 -87.01
CA PRO D 472 76.61 33.93 -86.01
C PRO D 472 78.05 34.13 -85.56
N LEU D 473 78.48 35.38 -85.36
CA LEU D 473 79.79 35.72 -84.84
C LEU D 473 79.66 36.74 -83.71
N SER D 474 80.42 36.56 -82.64
CA SER D 474 80.36 37.47 -81.50
C SER D 474 80.98 38.81 -81.82
N THR D 475 80.48 39.87 -81.20
CA THR D 475 81.02 41.24 -81.32
C THR D 475 82.52 41.27 -81.01
N SER D 476 83.02 40.44 -80.10
CA SER D 476 84.45 40.30 -79.82
C SER D 476 85.26 39.86 -81.05
N PHE D 477 84.82 38.87 -81.82
CA PHE D 477 85.50 38.45 -83.05
C PHE D 477 85.35 39.46 -84.19
N ILE D 478 84.19 40.12 -84.28
CA ILE D 478 83.94 41.23 -85.20
C ILE D 478 84.75 42.49 -84.84
N GLU D 479 85.26 42.59 -83.61
CA GLU D 479 86.10 43.69 -83.12
C GLU D 479 87.56 43.28 -82.84
N GLY D 480 87.98 42.06 -83.23
CA GLY D 480 89.37 41.65 -83.06
C GLY D 480 89.81 41.48 -81.61
N ARG D 481 89.08 40.66 -80.85
CA ARG D 481 89.36 40.46 -79.40
C ARG D 481 89.01 39.03 -78.97
N SER D 482 89.63 38.53 -77.90
CA SER D 482 89.42 37.15 -77.41
C SER D 482 87.96 36.90 -76.95
N PRO D 483 87.45 35.66 -77.01
CA PRO D 483 86.02 35.34 -76.84
C PRO D 483 85.31 35.97 -75.65
N TYR D 484 85.96 36.09 -74.50
CA TYR D 484 85.43 36.73 -73.28
C TYR D 484 86.42 37.76 -72.70
N SER D 485 87.04 38.57 -73.55
CA SER D 485 88.01 39.61 -73.14
C SER D 485 87.38 41.00 -73.12
N PRO D 486 87.70 41.86 -72.13
CA PRO D 486 87.07 43.17 -71.96
C PRO D 486 87.39 44.11 -73.14
N SER D 487 86.40 44.93 -73.50
CA SER D 487 86.39 45.80 -74.69
C SER D 487 87.55 46.81 -74.76
N ASP D 488 88.25 47.09 -73.65
CA ASP D 488 89.44 47.99 -73.67
C ASP D 488 90.54 47.37 -74.51
N THR D 489 90.53 46.05 -74.67
CA THR D 489 91.50 45.29 -75.47
C THR D 489 91.18 45.41 -76.97
N HIS D 490 92.22 45.52 -77.82
CA HIS D 490 92.04 45.66 -79.31
C HIS D 490 92.90 44.63 -80.05
N GLU D 491 93.25 43.51 -79.42
CA GLU D 491 93.96 42.37 -80.00
C GLU D 491 93.56 41.07 -79.30
N PRO D 492 93.56 39.91 -79.98
CA PRO D 492 93.51 38.63 -79.30
C PRO D 492 94.73 38.41 -78.38
N ASP D 493 94.55 37.62 -77.32
CA ASP D 493 95.66 37.02 -76.55
C ASP D 493 96.39 35.95 -77.39
N GLU D 494 97.66 35.64 -77.12
CA GLU D 494 98.52 34.87 -78.03
C GLU D 494 97.90 33.56 -78.57
N GLU D 495 97.21 32.80 -77.72
CA GLU D 495 96.53 31.56 -78.12
C GLU D 495 95.32 31.78 -79.05
N ASP D 496 94.66 32.95 -78.95
CA ASP D 496 93.65 33.41 -79.90
C ASP D 496 94.23 34.26 -81.05
N GLN D 497 95.49 34.73 -80.97
CA GLN D 497 96.19 35.29 -82.14
C GLN D 497 96.48 34.17 -83.14
N ASN D 498 96.85 32.99 -82.63
CA ASN D 498 96.73 31.73 -83.36
C ASN D 498 95.25 31.31 -83.48
N ARG D 499 94.99 30.49 -84.49
CA ARG D 499 93.63 29.94 -84.75
C ARG D 499 92.61 31.07 -84.88
N TRP D 500 92.98 32.22 -85.45
CA TRP D 500 92.07 33.39 -85.62
C TRP D 500 91.18 33.20 -86.85
N TYR D 501 90.24 32.27 -86.77
CA TYR D 501 89.33 31.93 -87.87
C TYR D 501 87.93 31.52 -87.34
N PRO D 502 86.87 31.59 -88.15
CA PRO D 502 85.53 31.21 -87.73
C PRO D 502 85.43 29.81 -87.10
N CYS D 503 84.98 29.77 -85.84
CA CYS D 503 84.69 28.53 -85.11
C CYS D 503 83.80 28.84 -83.91
N TYR D 504 83.17 27.82 -83.34
CA TYR D 504 82.19 27.93 -82.27
C TYR D 504 82.68 28.74 -81.05
N GLN D 505 83.99 28.71 -80.76
CA GLN D 505 84.57 29.49 -79.63
C GLN D 505 84.29 31.00 -79.81
N TYR D 506 84.29 31.51 -81.04
CA TYR D 506 83.98 32.91 -81.32
C TYR D 506 82.49 33.18 -81.52
N GLN D 507 81.64 32.15 -81.63
CA GLN D 507 80.19 32.32 -81.80
C GLN D 507 79.43 32.41 -80.47
N GLN D 508 80.02 31.99 -79.36
CA GLN D 508 79.31 31.76 -78.09
C GLN D 508 78.51 32.96 -77.59
N GLU D 509 79.08 34.16 -77.57
CA GLU D 509 78.39 35.34 -77.06
C GLU D 509 77.21 35.74 -77.98
N SER D 510 77.31 35.52 -79.30
CA SER D 510 76.21 35.83 -80.22
C SER D 510 74.99 34.93 -79.99
N ILE D 511 75.16 33.62 -79.80
CA ILE D 511 74.01 32.74 -79.54
C ILE D 511 73.47 32.92 -78.12
N ASN D 512 74.32 33.30 -77.15
CA ASN D 512 73.82 33.71 -75.85
C ASN D 512 72.96 34.97 -75.99
N SER D 513 73.39 35.94 -76.79
CA SER D 513 72.62 37.17 -77.05
C SER D 513 71.27 36.90 -77.71
N ILE D 514 71.20 35.95 -78.64
CA ILE D 514 69.93 35.48 -79.21
C ILE D 514 69.05 34.81 -78.15
N CYS D 515 69.60 33.98 -77.28
CA CYS D 515 68.84 33.39 -76.17
C CYS D 515 68.33 34.44 -75.17
N LEU D 516 69.13 35.45 -74.86
CA LEU D 516 68.73 36.60 -74.03
C LEU D 516 67.59 37.41 -74.64
N SER D 517 67.36 37.34 -75.96
CA SER D 517 66.17 37.95 -76.53
C SER D 517 64.88 37.24 -76.13
N GLY D 518 64.96 35.98 -75.70
CA GLY D 518 63.80 35.20 -75.27
C GLY D 518 63.28 35.58 -73.88
N PRO D 519 62.02 35.26 -73.56
CA PRO D 519 61.40 35.61 -72.30
C PRO D 519 61.97 34.86 -71.09
N GLY D 520 61.81 35.44 -69.92
CA GLY D 520 62.24 34.91 -68.62
C GLY D 520 63.72 35.04 -68.32
N THR D 521 64.55 35.38 -69.30
CA THR D 521 66.02 35.48 -69.11
C THR D 521 66.38 36.67 -68.23
N PRO D 522 67.20 36.48 -67.17
CA PRO D 522 67.44 37.50 -66.16
C PRO D 522 68.34 38.66 -66.63
N LYS D 523 68.22 39.79 -65.93
CA LYS D 523 69.11 40.96 -66.03
C LYS D 523 70.14 40.90 -64.89
N ILE D 524 71.42 40.77 -65.22
CA ILE D 524 72.50 40.73 -64.22
C ILE D 524 73.49 41.86 -64.54
N PRO D 525 73.74 42.83 -63.65
CA PRO D 525 74.72 43.88 -63.90
C PRO D 525 76.11 43.33 -64.21
N LYS D 526 76.85 43.97 -65.11
CA LYS D 526 78.22 43.55 -65.46
C LYS D 526 79.13 43.61 -64.24
N GLY D 527 79.93 42.56 -64.04
CA GLY D 527 80.78 42.38 -62.87
C GLY D 527 80.10 41.74 -61.65
N ILE D 528 78.80 41.45 -61.71
CA ILE D 528 78.08 40.70 -60.66
C ILE D 528 77.88 39.25 -61.14
N THR D 529 78.13 38.29 -60.26
CA THR D 529 77.82 36.88 -60.48
C THR D 529 76.63 36.51 -59.61
N ALA D 530 75.55 36.05 -60.22
CA ALA D 530 74.42 35.49 -59.50
C ALA D 530 74.69 34.02 -59.18
N GLU D 531 74.18 33.53 -58.06
CA GLU D 531 74.44 32.19 -57.55
C GLU D 531 73.17 31.60 -56.96
N ALA D 532 73.04 30.29 -56.92
CA ALA D 532 71.99 29.59 -56.18
C ALA D 532 72.55 28.34 -55.52
N LYS D 533 71.99 27.97 -54.36
CA LYS D 533 72.41 26.79 -53.61
C LYS D 533 71.23 26.04 -53.03
N VAL D 534 71.40 24.74 -52.85
CA VAL D 534 70.51 23.86 -52.09
C VAL D 534 71.30 23.25 -50.94
N LYS D 535 70.66 23.03 -49.80
CA LYS D 535 71.20 22.16 -48.75
C LYS D 535 70.50 20.82 -48.85
N TYR D 536 71.27 19.75 -48.93
CA TYR D 536 70.75 18.39 -49.05
C TYR D 536 71.00 17.59 -47.79
N SER D 537 70.17 16.58 -47.57
CA SER D 537 70.35 15.54 -46.57
C SER D 537 69.88 14.22 -47.13
N PHE D 538 70.80 13.37 -47.59
CA PHE D 538 70.48 12.02 -48.04
C PHE D 538 70.48 11.05 -46.87
N ASN D 539 69.44 10.23 -46.74
CA ASN D 539 69.28 9.33 -45.62
C ASN D 539 69.68 7.91 -46.02
N PHE D 540 70.66 7.35 -45.33
CA PHE D 540 71.16 6.00 -45.52
C PHE D 540 71.18 5.26 -44.19
N LYS D 541 71.20 3.93 -44.27
CA LYS D 541 71.66 3.08 -43.18
C LYS D 541 72.82 2.25 -43.70
N TRP D 542 73.80 1.98 -42.85
CA TRP D 542 74.91 1.08 -43.13
C TRP D 542 74.70 -0.21 -42.35
N GLY D 543 74.92 -1.37 -42.97
CA GLY D 543 74.65 -2.67 -42.38
C GLY D 543 75.86 -3.58 -42.43
N GLY D 544 76.01 -4.41 -41.41
CA GLY D 544 77.09 -5.41 -41.38
C GLY D 544 77.12 -6.24 -40.11
N ASP D 545 78.06 -7.17 -40.06
CA ASP D 545 78.50 -7.79 -38.81
C ASP D 545 79.32 -6.79 -37.97
N LEU D 546 79.40 -7.03 -36.67
CA LEU D 546 80.02 -6.10 -35.72
C LEU D 546 81.51 -5.86 -36.08
N PRO D 547 81.97 -4.59 -36.16
CA PRO D 547 83.35 -4.26 -36.49
C PRO D 547 84.30 -4.32 -35.28
N PRO D 548 85.62 -4.34 -35.51
CA PRO D 548 86.64 -4.18 -34.47
C PRO D 548 86.79 -2.71 -34.00
N MET D 549 87.53 -2.49 -32.90
CA MET D 549 87.74 -1.17 -32.28
C MET D 549 89.06 -1.11 -31.49
N SER D 550 89.59 0.08 -31.19
CA SER D 550 90.84 0.28 -30.42
C SER D 550 90.74 1.39 -29.36
N THR D 551 91.70 1.43 -28.42
CA THR D 551 91.65 2.23 -27.19
C THR D 551 92.97 2.96 -26.90
N ILE D 552 92.92 3.96 -26.03
CA ILE D 552 94.02 4.90 -25.70
C ILE D 552 94.41 4.75 -24.23
N THR D 553 95.69 4.90 -23.88
CA THR D 553 96.16 4.83 -22.49
C THR D 553 95.48 5.88 -21.62
N ASN D 554 95.15 5.56 -20.37
CA ASN D 554 94.59 6.54 -19.43
C ASN D 554 95.58 7.64 -18.99
N PRO D 555 96.86 7.34 -18.64
CA PRO D 555 97.77 8.36 -18.14
C PRO D 555 98.09 9.43 -19.16
N THR D 556 98.36 9.06 -20.42
CA THR D 556 98.62 10.04 -21.50
C THR D 556 97.32 10.29 -22.23
N ASP D 557 96.44 11.12 -21.66
CA ASP D 557 95.10 11.39 -22.25
C ASP D 557 94.71 12.83 -21.95
N GLN D 558 93.57 13.30 -22.45
CA GLN D 558 93.10 14.70 -22.21
C GLN D 558 93.34 15.04 -20.73
N PRO D 559 94.26 15.98 -20.41
CA PRO D 559 94.57 16.28 -19.01
C PRO D 559 93.59 17.27 -18.40
N THR D 560 93.25 17.07 -17.11
CA THR D 560 92.36 18.01 -16.42
C THR D 560 93.05 19.38 -16.29
N TYR D 561 92.27 20.47 -16.21
CA TYR D 561 92.82 21.83 -16.10
C TYR D 561 93.83 21.98 -14.94
N VAL D 562 93.64 21.21 -13.87
CA VAL D 562 94.55 21.14 -12.71
C VAL D 562 95.96 20.73 -13.14
N LYS E 48 -73.24 -3.53 11.72
CA LYS E 48 -74.06 -2.80 10.73
C LYS E 48 -74.88 -3.76 9.86
N ARG E 49 -74.26 -4.54 8.98
CA ARG E 49 -74.90 -5.60 8.19
C ARG E 49 -74.03 -6.85 8.14
N LEU E 50 -74.65 -8.01 8.14
CA LEU E 50 -73.99 -9.32 8.19
C LEU E 50 -74.41 -10.18 6.99
N ASN E 51 -73.52 -11.04 6.53
CA ASN E 51 -73.87 -12.11 5.60
C ASN E 51 -74.81 -13.10 6.28
N ILE E 52 -75.85 -13.53 5.59
CA ILE E 52 -76.67 -14.66 6.02
C ILE E 52 -75.87 -15.95 5.80
N VAL E 53 -75.85 -16.81 6.81
CA VAL E 53 -75.08 -18.06 6.85
C VAL E 53 -76.01 -19.22 7.15
N GLU E 54 -75.75 -20.36 6.55
CA GLU E 54 -76.47 -21.62 6.79
C GLU E 54 -75.50 -22.68 7.28
N TRP E 55 -75.96 -23.58 8.16
CA TRP E 55 -75.16 -24.70 8.63
C TRP E 55 -75.43 -25.93 7.76
N GLN E 56 -74.35 -26.44 7.18
CA GLN E 56 -74.43 -27.56 6.21
C GLN E 56 -74.99 -28.81 6.88
N PRO E 57 -75.84 -29.58 6.17
CA PRO E 57 -76.47 -30.78 6.72
C PRO E 57 -75.46 -31.92 6.91
N LYS E 58 -75.82 -32.88 7.77
CA LYS E 58 -74.90 -33.91 8.28
C LYS E 58 -74.33 -34.83 7.19
N SER E 59 -75.13 -35.22 6.21
CA SER E 59 -74.68 -35.99 5.04
C SER E 59 -75.19 -35.37 3.74
N ILE E 60 -74.33 -35.34 2.72
CA ILE E 60 -74.59 -34.70 1.43
C ILE E 60 -74.21 -35.65 0.29
N ARG E 61 -75.04 -35.73 -0.75
CA ARG E 61 -74.78 -36.61 -1.94
C ARG E 61 -75.08 -35.92 -3.28
N LYS E 62 -74.07 -35.56 -4.06
CA LYS E 62 -74.23 -34.95 -5.40
C LYS E 62 -75.00 -35.88 -6.32
N CYS E 63 -75.93 -35.34 -7.10
CA CYS E 63 -76.69 -36.08 -8.11
C CYS E 63 -76.87 -35.23 -9.36
N ARG E 64 -76.38 -35.76 -10.51
CA ARG E 64 -76.59 -35.12 -11.84
C ARG E 64 -77.73 -35.85 -12.57
N ILE E 65 -78.92 -35.23 -12.64
CA ILE E 65 -80.04 -35.80 -13.37
C ILE E 65 -79.76 -35.59 -14.86
N LYS E 66 -79.33 -36.65 -15.55
CA LYS E 66 -78.86 -36.63 -16.95
C LYS E 66 -79.88 -37.27 -17.87
N GLY E 67 -80.18 -36.67 -19.00
CA GLY E 67 -81.13 -37.24 -19.94
C GLY E 67 -81.24 -36.48 -21.26
N MET E 68 -82.21 -36.87 -22.07
CA MET E 68 -82.44 -36.34 -23.41
C MET E 68 -83.85 -35.78 -23.52
N LEU E 69 -84.04 -34.57 -24.05
CA LEU E 69 -85.33 -33.91 -24.22
C LEU E 69 -85.60 -33.61 -25.68
N CYS E 70 -86.75 -34.01 -26.21
CA CYS E 70 -87.21 -33.63 -27.53
C CYS E 70 -87.70 -32.17 -27.55
N LEU E 71 -87.10 -31.31 -28.37
CA LEU E 71 -87.49 -29.91 -28.47
C LEU E 71 -88.70 -29.70 -29.37
N PHE E 72 -88.74 -30.38 -30.51
CA PHE E 72 -89.91 -30.47 -31.37
C PHE E 72 -89.79 -31.73 -32.21
N GLN E 73 -90.91 -32.21 -32.75
CA GLN E 73 -90.91 -33.10 -33.89
C GLN E 73 -92.09 -32.72 -34.78
N THR E 74 -91.79 -32.36 -36.03
CA THR E 74 -92.71 -31.61 -36.90
C THR E 74 -92.72 -32.12 -38.32
N THR E 75 -93.89 -32.06 -38.94
CA THR E 75 -94.07 -32.04 -40.40
C THR E 75 -94.31 -30.60 -40.86
N GLU E 76 -94.36 -30.34 -42.16
CA GLU E 76 -94.62 -29.01 -42.72
C GLU E 76 -95.99 -28.43 -42.32
N ASP E 77 -97.02 -29.29 -42.26
CA ASP E 77 -98.40 -28.92 -41.93
C ASP E 77 -98.64 -28.69 -40.42
N ARG E 78 -97.61 -28.84 -39.59
CA ARG E 78 -97.65 -28.56 -38.15
C ARG E 78 -96.63 -27.50 -37.69
N LEU E 79 -95.92 -26.83 -38.59
CA LEU E 79 -94.85 -25.90 -38.22
C LEU E 79 -95.29 -24.74 -37.33
N SER E 80 -96.49 -24.20 -37.54
CA SER E 80 -96.99 -23.06 -36.78
C SER E 80 -97.62 -23.42 -35.41
N TYR E 81 -97.57 -24.69 -34.99
CA TYR E 81 -98.20 -25.17 -33.76
C TYR E 81 -97.18 -25.60 -32.71
N ASN E 82 -97.55 -25.49 -31.44
CA ASN E 82 -96.75 -25.89 -30.30
C ASN E 82 -96.70 -27.42 -30.16
N PHE E 83 -95.50 -27.99 -30.11
CA PHE E 83 -95.25 -29.39 -29.82
C PHE E 83 -95.37 -29.68 -28.33
N ASP E 84 -96.38 -30.46 -27.95
CA ASP E 84 -96.44 -31.17 -26.67
C ASP E 84 -96.19 -32.66 -26.92
N MET E 85 -95.25 -33.24 -26.18
CA MET E 85 -94.95 -34.68 -26.30
C MET E 85 -96.03 -35.55 -25.65
N TYR E 86 -96.74 -35.01 -24.65
CA TYR E 86 -97.86 -35.62 -23.97
C TYR E 86 -99.14 -34.90 -24.40
N GLU E 87 -99.94 -35.59 -25.18
CA GLU E 87 -100.85 -35.01 -26.17
C GLU E 87 -102.28 -34.70 -25.72
N GLU E 88 -102.95 -33.82 -26.47
CA GLU E 88 -104.41 -33.87 -26.60
C GLU E 88 -104.69 -35.06 -27.52
N SER E 89 -105.36 -36.10 -27.03
CA SER E 89 -105.30 -37.48 -27.56
C SER E 89 -105.62 -37.68 -29.05
N ILE E 90 -106.28 -36.71 -29.70
CA ILE E 90 -106.52 -36.71 -31.14
C ILE E 90 -105.29 -36.30 -31.97
N ILE E 91 -104.42 -35.44 -31.46
CA ILE E 91 -103.28 -34.87 -32.22
C ILE E 91 -102.37 -35.96 -32.81
N PRO E 92 -101.86 -36.96 -32.06
CA PRO E 92 -100.98 -37.96 -32.66
C PRO E 92 -101.69 -38.98 -33.56
N GLU E 93 -103.03 -39.02 -33.60
CA GLU E 93 -103.74 -39.92 -34.51
C GLU E 93 -103.55 -39.46 -35.96
N LYS E 94 -102.74 -40.23 -36.71
CA LYS E 94 -102.36 -39.95 -38.09
C LYS E 94 -101.57 -38.63 -38.28
N LEU E 95 -100.87 -38.14 -37.26
CA LEU E 95 -99.78 -37.16 -37.41
C LEU E 95 -98.47 -37.67 -36.78
N PRO E 96 -97.37 -37.77 -37.55
CA PRO E 96 -96.10 -38.25 -37.01
C PRO E 96 -95.31 -37.17 -36.23
N GLY E 97 -95.66 -35.89 -36.36
CA GLY E 97 -95.10 -34.80 -35.57
C GLY E 97 -96.14 -33.72 -35.28
N GLY E 98 -96.24 -33.29 -34.02
CA GLY E 98 -97.35 -32.46 -33.54
C GLY E 98 -97.14 -30.95 -33.64
N GLY E 99 -95.92 -30.46 -33.79
CA GLY E 99 -95.65 -29.02 -33.76
C GLY E 99 -94.22 -28.63 -34.07
N GLY E 100 -94.00 -27.46 -34.65
CA GLY E 100 -92.69 -26.96 -35.08
C GLY E 100 -92.02 -25.99 -34.13
N PHE E 101 -92.65 -25.65 -33.02
CA PHE E 101 -92.03 -24.91 -31.94
C PHE E 101 -92.47 -25.50 -30.61
N SER E 102 -91.74 -25.28 -29.53
CA SER E 102 -92.25 -25.60 -28.20
C SER E 102 -91.80 -24.57 -27.16
N ILE E 103 -92.58 -24.49 -26.09
CA ILE E 103 -92.12 -23.92 -24.82
C ILE E 103 -92.11 -25.05 -23.80
N LYS E 104 -90.94 -25.35 -23.25
CA LYS E 104 -90.72 -26.37 -22.20
C LYS E 104 -90.48 -25.66 -20.88
N ASN E 105 -91.18 -26.05 -19.81
CA ASN E 105 -90.80 -25.72 -18.44
C ASN E 105 -90.27 -26.97 -17.76
N ILE E 106 -89.09 -26.90 -17.15
CA ILE E 106 -88.48 -28.01 -16.44
C ILE E 106 -88.53 -27.75 -14.93
N SER E 107 -89.01 -28.72 -14.17
CA SER E 107 -89.01 -28.72 -12.71
C SER E 107 -88.55 -30.08 -12.21
N LEU E 108 -88.09 -30.17 -10.96
CA LEU E 108 -87.65 -31.43 -10.36
C LEU E 108 -88.75 -32.51 -10.40
N TYR E 109 -90.02 -32.14 -10.31
CA TYR E 109 -91.11 -33.08 -10.51
C TYR E 109 -91.27 -33.53 -11.97
N ALA E 110 -91.10 -32.62 -12.94
CA ALA E 110 -91.06 -33.01 -14.35
C ALA E 110 -89.85 -33.91 -14.67
N LEU E 111 -88.69 -33.68 -14.04
CA LEU E 111 -87.54 -34.58 -14.14
C LEU E 111 -87.83 -35.97 -13.56
N TYR E 112 -88.54 -36.05 -12.44
CA TYR E 112 -89.02 -37.32 -11.91
C TYR E 112 -90.03 -37.99 -12.86
N GLN E 113 -90.96 -37.26 -13.47
CA GLN E 113 -91.87 -37.82 -14.46
C GLN E 113 -91.13 -38.34 -15.69
N GLU E 114 -90.09 -37.66 -16.18
CA GLU E 114 -89.25 -38.17 -17.25
C GLU E 114 -88.47 -39.43 -16.84
N HIS E 115 -88.20 -39.62 -15.54
CA HIS E 115 -87.55 -40.87 -15.04
C HIS E 115 -88.55 -42.03 -15.08
N ILE E 116 -89.84 -41.77 -14.91
CA ILE E 116 -90.89 -42.80 -15.07
C ILE E 116 -91.03 -43.24 -16.53
N HIS E 117 -90.79 -42.35 -17.49
CA HIS E 117 -90.69 -42.70 -18.91
C HIS E 117 -89.33 -43.29 -19.31
N ALA E 118 -88.40 -43.47 -18.36
CA ALA E 118 -87.03 -43.90 -18.58
C ALA E 118 -86.21 -42.97 -19.49
N HIS E 119 -86.58 -41.69 -19.59
CA HIS E 119 -85.89 -40.71 -20.42
C HIS E 119 -84.65 -40.09 -19.75
N ASN E 120 -84.44 -40.31 -18.45
CA ASN E 120 -83.26 -39.84 -17.73
C ASN E 120 -82.79 -40.85 -16.68
N ILE E 121 -81.57 -40.61 -16.20
CA ILE E 121 -80.99 -41.27 -15.03
C ILE E 121 -80.81 -40.25 -13.91
N PHE E 122 -80.94 -40.67 -12.67
CA PHE E 122 -80.47 -39.93 -11.49
C PHE E 122 -79.16 -40.57 -11.05
N THR E 123 -78.06 -39.82 -11.05
CA THR E 123 -76.74 -40.35 -10.69
C THR E 123 -76.65 -40.83 -9.23
N HIS E 124 -77.53 -40.30 -8.39
CA HIS E 124 -77.66 -40.76 -6.98
C HIS E 124 -79.14 -40.68 -6.63
N THR E 125 -79.70 -41.68 -5.95
CA THR E 125 -81.07 -41.64 -5.44
C THR E 125 -81.23 -40.58 -4.34
N ASN E 126 -82.47 -40.18 -4.11
CA ASN E 126 -82.88 -39.17 -3.14
C ASN E 126 -83.79 -39.73 -2.04
N THR E 127 -83.90 -41.05 -1.88
CA THR E 127 -84.99 -41.67 -1.11
C THR E 127 -85.02 -41.30 0.36
N ASP E 128 -83.86 -41.10 0.98
CA ASP E 128 -83.74 -40.89 2.43
C ASP E 128 -82.99 -39.60 2.79
N ARG E 129 -82.86 -38.68 1.83
CA ARG E 129 -82.26 -37.34 2.04
C ARG E 129 -83.31 -36.35 1.53
N PRO E 130 -84.10 -35.66 2.40
CA PRO E 130 -85.25 -34.87 1.97
C PRO E 130 -84.90 -33.45 1.53
N LEU E 131 -83.71 -32.94 1.84
CA LEU E 131 -83.26 -31.63 1.41
C LEU E 131 -82.67 -31.70 0.00
N ALA E 132 -82.77 -30.60 -0.75
CA ALA E 132 -82.17 -30.41 -2.05
C ALA E 132 -81.47 -29.06 -2.15
N ARG E 133 -80.36 -29.03 -2.90
CA ARG E 133 -79.58 -27.79 -3.17
C ARG E 133 -79.26 -27.74 -4.66
N TYR E 134 -80.12 -27.12 -5.48
CA TYR E 134 -79.95 -26.99 -6.93
C TYR E 134 -78.83 -26.01 -7.28
N THR E 135 -77.92 -26.42 -8.16
CA THR E 135 -76.69 -25.67 -8.47
C THR E 135 -76.66 -25.12 -9.90
N GLY E 136 -77.61 -25.51 -10.76
CA GLY E 136 -77.68 -25.09 -12.15
C GLY E 136 -77.73 -26.26 -13.13
N CYS E 137 -77.72 -25.95 -14.41
CA CYS E 137 -77.91 -26.90 -15.49
C CYS E 137 -76.83 -26.78 -16.56
N SER E 138 -76.46 -27.88 -17.20
CA SER E 138 -75.75 -27.89 -18.47
C SER E 138 -76.67 -28.41 -19.56
N LEU E 139 -76.76 -27.70 -20.68
CA LEU E 139 -77.45 -28.17 -21.88
C LEU E 139 -76.45 -28.39 -23.02
N LYS E 140 -76.59 -29.49 -23.76
CA LYS E 140 -75.94 -29.72 -25.06
C LYS E 140 -77.02 -29.80 -26.13
N PHE E 141 -77.06 -28.83 -27.03
CA PHE E 141 -78.01 -28.78 -28.13
C PHE E 141 -77.36 -29.42 -29.34
N TYR E 142 -77.97 -30.45 -29.93
CA TYR E 142 -77.40 -31.16 -31.07
C TYR E 142 -77.86 -30.60 -32.39
N GLN E 143 -76.96 -30.52 -33.37
CA GLN E 143 -77.35 -30.30 -34.75
C GLN E 143 -78.26 -31.42 -35.23
N SER E 144 -79.45 -31.10 -35.70
CA SER E 144 -80.28 -32.06 -36.42
C SER E 144 -79.68 -32.35 -37.80
N LYS E 145 -80.05 -33.47 -38.41
CA LYS E 145 -79.61 -33.82 -39.76
C LYS E 145 -80.16 -32.84 -40.80
N ASP E 146 -81.49 -32.62 -40.80
CA ASP E 146 -82.21 -31.99 -41.91
C ASP E 146 -82.74 -30.57 -41.62
N ILE E 147 -82.83 -30.15 -40.35
CA ILE E 147 -83.49 -28.85 -40.00
C ILE E 147 -82.64 -28.00 -39.06
N ASP E 148 -82.64 -26.68 -39.26
CA ASP E 148 -81.92 -25.74 -38.35
C ASP E 148 -82.92 -25.42 -37.24
N TYR E 149 -82.51 -24.72 -36.18
CA TYR E 149 -83.50 -24.30 -35.16
C TYR E 149 -82.94 -23.27 -34.20
N VAL E 150 -83.75 -22.31 -33.80
CA VAL E 150 -83.40 -21.26 -32.85
C VAL E 150 -83.84 -21.71 -31.48
N VAL E 151 -83.01 -21.54 -30.45
CA VAL E 151 -83.35 -21.70 -29.06
C VAL E 151 -83.19 -20.37 -28.33
N THR E 152 -84.07 -20.08 -27.39
CA THR E 152 -83.76 -19.15 -26.31
C THR E 152 -84.34 -19.67 -25.01
N TYR E 153 -83.72 -19.37 -23.89
CA TYR E 153 -84.11 -19.90 -22.59
C TYR E 153 -84.19 -18.78 -21.56
N SER E 154 -84.94 -19.01 -20.50
CA SER E 154 -85.11 -18.06 -19.41
C SER E 154 -85.13 -18.78 -18.07
N THR E 155 -84.82 -18.08 -16.98
CA THR E 155 -84.90 -18.66 -15.62
C THR E 155 -85.55 -17.66 -14.67
N SER E 156 -86.32 -16.70 -15.17
CA SER E 156 -87.10 -15.81 -14.28
C SER E 156 -88.07 -16.71 -13.51
N LEU E 157 -87.86 -16.89 -12.20
CA LEU E 157 -88.70 -17.83 -11.41
C LEU E 157 -90.19 -17.60 -11.75
N PRO E 158 -90.70 -16.36 -11.80
CA PRO E 158 -92.08 -16.16 -12.21
C PRO E 158 -92.32 -16.78 -13.58
N LEU E 159 -93.20 -17.78 -13.66
CA LEU E 159 -93.50 -18.48 -14.93
C LEU E 159 -94.89 -18.06 -15.43
N ARG E 160 -94.99 -17.60 -16.68
CA ARG E 160 -96.29 -17.20 -17.28
C ARG E 160 -96.18 -17.22 -18.81
N SER E 161 -97.31 -17.28 -19.52
CA SER E 161 -97.34 -17.26 -20.99
C SER E 161 -97.90 -15.91 -21.47
N SER E 162 -97.55 -15.48 -22.67
CA SER E 162 -98.03 -14.18 -23.22
C SER E 162 -98.32 -14.31 -24.72
N MET E 163 -99.23 -13.48 -25.24
CA MET E 163 -99.54 -13.44 -26.66
C MET E 163 -98.33 -13.01 -27.50
N GLY E 164 -97.57 -12.04 -27.01
CA GLY E 164 -96.32 -11.59 -27.63
C GLY E 164 -95.24 -12.66 -27.61
N MET E 165 -95.14 -13.47 -26.56
CA MET E 165 -94.25 -14.63 -26.54
C MET E 165 -94.59 -15.61 -27.67
N TYR E 166 -95.84 -16.03 -27.80
CA TYR E 166 -96.23 -17.00 -28.82
C TYR E 166 -96.05 -16.45 -30.25
N ASN E 167 -96.36 -15.18 -30.50
CA ASN E 167 -96.05 -14.59 -31.80
C ASN E 167 -94.53 -14.52 -32.04
N SER E 168 -93.75 -14.15 -31.02
CA SER E 168 -92.30 -14.06 -31.15
C SER E 168 -91.61 -15.41 -31.38
N MET E 169 -92.31 -16.54 -31.21
CA MET E 169 -91.83 -17.85 -31.62
C MET E 169 -91.71 -18.01 -33.14
N GLN E 170 -92.30 -17.11 -33.94
CA GLN E 170 -92.18 -17.16 -35.39
C GLN E 170 -90.70 -17.17 -35.77
N PRO E 171 -90.22 -18.05 -36.66
CA PRO E 171 -88.80 -18.30 -36.82
C PRO E 171 -87.95 -17.08 -37.15
N SER E 172 -88.44 -16.17 -37.98
CA SER E 172 -87.75 -14.92 -38.31
C SER E 172 -87.67 -13.98 -37.11
N ILE E 173 -88.75 -13.87 -36.33
CA ILE E 173 -88.79 -13.01 -35.15
C ILE E 173 -87.93 -13.57 -34.03
N HIS E 174 -88.00 -14.86 -33.76
CA HIS E 174 -87.15 -15.53 -32.78
C HIS E 174 -85.67 -15.41 -33.17
N LEU E 175 -85.33 -15.61 -34.44
CA LEU E 175 -83.97 -15.40 -34.93
C LEU E 175 -83.46 -13.96 -34.79
N MET E 176 -84.31 -12.94 -34.70
CA MET E 176 -83.87 -11.57 -34.42
C MET E 176 -83.62 -11.29 -32.93
N GLN E 177 -84.17 -12.06 -32.01
CA GLN E 177 -84.07 -11.78 -30.57
C GLN E 177 -82.64 -11.83 -30.04
N GLN E 178 -82.37 -11.07 -28.98
CA GLN E 178 -81.10 -11.14 -28.25
C GLN E 178 -81.02 -12.40 -27.39
N ASN E 179 -79.80 -12.88 -27.16
CA ASN E 179 -79.53 -14.13 -26.42
C ASN E 179 -80.27 -15.36 -26.99
N LYS E 180 -80.48 -15.35 -28.31
CA LYS E 180 -80.78 -16.55 -29.09
C LYS E 180 -79.56 -17.46 -29.17
N LEU E 181 -79.80 -18.72 -29.47
CA LEU E 181 -78.82 -19.67 -29.95
C LEU E 181 -79.35 -20.26 -31.26
N ILE E 182 -78.58 -20.16 -32.34
CA ILE E 182 -78.93 -20.78 -33.62
C ILE E 182 -78.14 -22.08 -33.72
N VAL E 183 -78.83 -23.17 -34.02
CA VAL E 183 -78.21 -24.47 -34.28
C VAL E 183 -78.43 -24.81 -35.74
N PRO E 184 -77.42 -24.64 -36.62
CA PRO E 184 -77.52 -25.08 -38.00
C PRO E 184 -77.64 -26.59 -38.06
N SER E 185 -78.35 -27.13 -39.04
CA SER E 185 -78.31 -28.54 -39.34
C SER E 185 -76.93 -28.99 -39.77
N LYS E 186 -76.65 -30.28 -39.73
CA LYS E 186 -75.40 -30.86 -40.25
C LYS E 186 -75.22 -30.60 -41.75
N GLN E 187 -76.33 -30.48 -42.48
CA GLN E 187 -76.34 -30.09 -43.89
C GLN E 187 -75.94 -28.62 -44.10
N THR E 188 -76.47 -27.67 -43.31
CA THR E 188 -76.13 -26.25 -43.51
C THR E 188 -74.77 -25.85 -42.95
N GLN E 189 -74.25 -26.53 -41.92
CA GLN E 189 -72.88 -26.32 -41.46
C GLN E 189 -72.29 -27.57 -40.79
N LYS E 190 -71.21 -28.12 -41.34
CA LYS E 190 -70.35 -29.10 -40.66
C LYS E 190 -69.49 -28.39 -39.61
N ARG E 191 -69.39 -28.95 -38.42
CA ARG E 191 -68.73 -28.35 -37.25
C ARG E 191 -67.73 -29.32 -36.61
N ARG E 192 -66.74 -28.79 -35.88
CA ARG E 192 -65.80 -29.60 -35.09
C ARG E 192 -66.53 -30.39 -34.02
N LYS E 193 -67.32 -29.72 -33.19
CA LYS E 193 -68.20 -30.35 -32.20
C LYS E 193 -69.62 -30.38 -32.76
N PRO E 194 -70.32 -31.53 -32.73
CA PRO E 194 -71.64 -31.68 -33.35
C PRO E 194 -72.78 -31.10 -32.49
N TYR E 195 -72.47 -30.33 -31.45
CA TYR E 195 -73.39 -29.77 -30.48
C TYR E 195 -72.91 -28.40 -30.02
N ILE E 196 -73.81 -27.59 -29.47
CA ILE E 196 -73.48 -26.36 -28.76
C ILE E 196 -73.83 -26.52 -27.28
N LYS E 197 -72.86 -26.27 -26.41
CA LYS E 197 -72.95 -26.50 -24.96
C LYS E 197 -72.98 -25.19 -24.21
N LYS E 198 -73.93 -25.03 -23.29
CA LYS E 198 -73.90 -23.90 -22.34
C LYS E 198 -74.50 -24.20 -20.99
N HIS E 199 -73.96 -23.51 -19.99
CA HIS E 199 -74.32 -23.65 -18.59
C HIS E 199 -75.31 -22.57 -18.20
N ILE E 200 -76.35 -22.95 -17.47
CA ILE E 200 -77.46 -22.09 -17.08
C ILE E 200 -77.53 -22.07 -15.55
N SER E 201 -77.49 -20.88 -14.97
CA SER E 201 -77.52 -20.66 -13.52
C SER E 201 -78.94 -20.87 -12.97
N PRO E 202 -79.15 -21.16 -11.68
CA PRO E 202 -80.49 -21.23 -11.10
C PRO E 202 -81.31 -19.95 -11.29
N PRO E 203 -82.65 -20.02 -11.22
CA PRO E 203 -83.49 -18.84 -11.09
C PRO E 203 -82.99 -17.91 -9.99
N THR E 204 -83.08 -16.60 -10.17
CA THR E 204 -82.59 -15.65 -9.15
C THR E 204 -83.29 -15.81 -7.80
N GLN E 205 -84.53 -16.33 -7.82
CA GLN E 205 -85.33 -16.59 -6.59
C GLN E 205 -84.88 -17.89 -5.91
N MET E 206 -84.27 -18.82 -6.63
CA MET E 206 -83.66 -20.02 -6.05
C MET E 206 -82.25 -19.67 -5.57
N LYS E 207 -82.10 -19.42 -4.27
CA LYS E 207 -80.81 -19.07 -3.66
C LYS E 207 -79.98 -20.34 -3.45
N SER E 208 -78.71 -20.20 -3.09
CA SER E 208 -77.82 -21.36 -2.87
C SER E 208 -78.16 -22.20 -1.64
N GLN E 209 -79.10 -21.75 -0.80
CA GLN E 209 -79.54 -22.47 0.40
C GLN E 209 -80.12 -23.87 0.10
N TRP E 210 -80.22 -24.70 1.12
CA TRP E 210 -80.98 -25.94 1.08
C TRP E 210 -82.49 -25.67 1.12
N TYR E 211 -83.27 -26.48 0.42
CA TYR E 211 -84.73 -26.45 0.41
C TYR E 211 -85.27 -27.86 0.56
N PHE E 212 -86.37 -28.07 1.26
CA PHE E 212 -87.07 -29.35 1.20
C PHE E 212 -87.49 -29.68 -0.24
N GLN E 213 -87.26 -30.91 -0.69
CA GLN E 213 -87.61 -31.34 -2.06
C GLN E 213 -89.12 -31.22 -2.29
N HIS E 214 -89.96 -31.32 -1.26
CA HIS E 214 -91.44 -31.16 -1.37
C HIS E 214 -91.77 -29.72 -1.76
N ASN E 215 -91.01 -28.73 -1.28
CA ASN E 215 -91.28 -27.33 -1.56
C ASN E 215 -90.86 -26.95 -2.98
N ILE E 216 -89.64 -27.33 -3.40
CA ILE E 216 -89.11 -26.98 -4.72
C ILE E 216 -89.55 -27.90 -5.86
N ALA E 217 -90.23 -29.01 -5.59
CA ALA E 217 -90.61 -30.00 -6.58
C ALA E 217 -91.25 -29.39 -7.84
N ASN E 218 -92.22 -28.50 -7.67
CA ASN E 218 -92.99 -27.92 -8.76
C ASN E 218 -92.50 -26.55 -9.24
N ILE E 219 -91.50 -25.95 -8.61
CA ILE E 219 -90.91 -24.66 -9.02
C ILE E 219 -90.22 -24.82 -10.38
N PRO E 220 -90.61 -24.09 -11.44
CA PRO E 220 -89.99 -24.26 -12.76
C PRO E 220 -88.60 -23.61 -12.76
N LEU E 221 -87.54 -24.43 -12.87
CA LEU E 221 -86.13 -23.96 -12.74
C LEU E 221 -85.52 -23.59 -14.10
N LEU E 222 -86.18 -23.91 -15.20
CA LEU E 222 -85.74 -23.55 -16.54
C LEU E 222 -86.93 -23.48 -17.50
N MET E 223 -86.97 -22.47 -18.37
CA MET E 223 -87.81 -22.46 -19.57
C MET E 223 -86.94 -22.54 -20.82
N ILE E 224 -87.22 -23.46 -21.73
CA ILE E 224 -86.60 -23.52 -23.06
C ILE E 224 -87.65 -23.20 -24.11
N ARG E 225 -87.38 -22.25 -25.00
CA ARG E 225 -88.21 -21.92 -26.16
C ARG E 225 -87.46 -22.31 -27.42
N THR E 226 -88.05 -23.12 -28.29
CA THR E 226 -87.40 -23.57 -29.53
C THR E 226 -88.33 -23.43 -30.71
N THR E 227 -87.83 -23.01 -31.87
CA THR E 227 -88.59 -22.96 -33.13
C THR E 227 -87.77 -23.53 -34.27
N ALA E 228 -88.42 -24.29 -35.16
CA ALA E 228 -87.83 -24.85 -36.37
C ALA E 228 -87.66 -23.80 -37.47
N LEU E 229 -86.58 -23.88 -38.22
CA LEU E 229 -86.04 -22.79 -39.03
C LEU E 229 -85.44 -23.33 -40.34
N THR E 230 -85.35 -22.52 -41.39
CA THR E 230 -84.31 -22.73 -42.39
C THR E 230 -83.54 -21.46 -42.68
N LEU E 231 -82.22 -21.55 -42.68
CA LEU E 231 -81.31 -20.45 -43.02
C LEU E 231 -81.12 -20.32 -44.54
N ASP E 232 -80.99 -21.43 -45.27
CA ASP E 232 -80.74 -21.44 -46.72
C ASP E 232 -81.99 -21.21 -47.59
N ASN E 233 -83.19 -21.41 -47.04
CA ASN E 233 -84.47 -21.21 -47.73
C ASN E 233 -85.30 -20.14 -47.01
N TYR E 234 -84.64 -19.18 -46.36
CA TYR E 234 -85.28 -18.23 -45.45
C TYR E 234 -86.46 -17.47 -46.07
N TYR E 235 -86.33 -16.99 -47.30
CA TYR E 235 -87.41 -16.25 -47.99
C TYR E 235 -88.36 -17.15 -48.76
N ILE E 236 -87.83 -18.05 -49.59
CA ILE E 236 -88.65 -18.94 -50.43
C ILE E 236 -89.42 -19.95 -49.58
N GLY E 237 -88.80 -20.50 -48.54
CA GLY E 237 -89.40 -21.47 -47.64
C GLY E 237 -89.86 -22.70 -48.41
N SER E 238 -91.15 -22.96 -48.42
CA SER E 238 -91.78 -24.01 -49.23
C SER E 238 -92.74 -23.47 -50.31
N ARG E 239 -92.59 -22.21 -50.72
CA ARG E 239 -93.32 -21.59 -51.84
C ARG E 239 -93.24 -22.44 -53.10
N GLN E 240 -94.36 -22.54 -53.81
CA GLN E 240 -94.46 -23.16 -55.14
C GLN E 240 -95.13 -22.16 -56.09
N LEU E 241 -94.66 -22.06 -57.33
CA LEU E 241 -95.16 -21.11 -58.33
C LEU E 241 -95.12 -19.66 -57.81
N SER E 242 -96.25 -18.94 -57.81
CA SER E 242 -96.35 -17.54 -57.38
C SER E 242 -96.02 -17.31 -55.91
N THR E 243 -95.62 -16.09 -55.55
CA THR E 243 -95.49 -15.68 -54.14
C THR E 243 -96.85 -15.65 -53.41
N ASN E 244 -97.95 -15.42 -54.13
CA ASN E 244 -99.30 -15.41 -53.58
C ASN E 244 -99.72 -16.80 -53.11
N VAL E 245 -100.31 -16.88 -51.92
CA VAL E 245 -101.00 -18.07 -51.40
C VAL E 245 -102.51 -17.88 -51.52
N THR E 246 -103.25 -18.94 -51.85
CA THR E 246 -104.71 -18.91 -51.93
C THR E 246 -105.33 -19.34 -50.62
N ILE E 247 -106.21 -18.50 -50.06
CA ILE E 247 -106.98 -18.78 -48.84
C ILE E 247 -108.43 -19.03 -49.25
N HIS E 248 -109.04 -20.10 -48.75
CA HIS E 248 -110.50 -20.32 -48.96
C HIS E 248 -111.18 -19.66 -47.76
N THR E 249 -112.38 -19.12 -47.91
CA THR E 249 -113.16 -18.56 -46.80
C THR E 249 -114.65 -18.75 -46.98
N LEU E 250 -115.41 -18.68 -45.88
CA LEU E 250 -116.89 -18.69 -45.96
C LEU E 250 -117.33 -17.29 -46.39
N ASN E 251 -118.10 -17.16 -47.48
CA ASN E 251 -118.66 -15.84 -47.87
C ASN E 251 -119.23 -15.21 -46.59
N THR E 252 -118.77 -14.02 -46.20
CA THR E 252 -119.23 -13.35 -44.98
C THR E 252 -120.55 -12.66 -45.28
N THR E 253 -120.75 -12.22 -46.53
CA THR E 253 -121.93 -11.42 -46.93
C THR E 253 -123.22 -12.25 -47.06
N TYR E 254 -123.16 -13.59 -46.85
CA TYR E 254 -124.32 -14.48 -46.95
C TYR E 254 -124.38 -15.53 -45.83
N ILE E 255 -123.25 -16.12 -45.45
CA ILE E 255 -123.15 -17.13 -44.39
C ILE E 255 -122.84 -16.45 -43.04
N GLN E 256 -123.83 -16.17 -42.20
CA GLN E 256 -123.53 -15.43 -40.94
C GLN E 256 -124.26 -15.98 -39.72
N ASN E 257 -125.26 -16.85 -39.90
CA ASN E 257 -126.09 -17.21 -38.76
C ASN E 257 -125.41 -18.08 -37.70
N ARG E 258 -124.34 -18.81 -38.05
CA ARG E 258 -123.55 -19.64 -37.10
C ARG E 258 -124.44 -20.62 -36.31
N ASP E 259 -125.56 -21.09 -36.88
CA ASP E 259 -126.45 -22.06 -36.23
C ASP E 259 -126.11 -23.51 -36.63
N TRP E 260 -124.88 -23.94 -36.41
CA TRP E 260 -124.34 -25.19 -36.98
C TRP E 260 -124.46 -26.43 -36.10
N GLY E 261 -124.43 -27.59 -36.76
CA GLY E 261 -124.22 -28.89 -36.10
C GLY E 261 -125.46 -29.52 -35.46
N ASP E 262 -126.65 -29.30 -36.01
CA ASP E 262 -127.87 -30.03 -35.66
C ASP E 262 -128.58 -30.60 -36.91
N ARG E 263 -129.14 -31.81 -36.80
CA ARG E 263 -130.03 -32.34 -37.87
C ARG E 263 -131.47 -32.00 -37.43
N ASN E 264 -131.63 -31.36 -36.26
CA ASN E 264 -132.92 -31.00 -35.67
C ASN E 264 -133.38 -29.57 -36.02
N LYS E 265 -132.72 -28.91 -36.99
CA LYS E 265 -132.93 -27.49 -37.34
C LYS E 265 -132.76 -27.29 -38.85
N THR E 266 -133.76 -26.73 -39.53
CA THR E 266 -133.62 -26.30 -40.92
C THR E 266 -132.65 -25.11 -40.99
N TYR E 267 -131.57 -25.22 -41.77
CA TYR E 267 -130.54 -24.18 -41.80
C TYR E 267 -130.95 -22.99 -42.66
N TYR E 268 -130.65 -21.80 -42.16
CA TYR E 268 -130.86 -20.51 -42.82
C TYR E 268 -129.56 -19.72 -42.68
N CYS E 269 -129.09 -19.10 -43.77
CA CYS E 269 -127.72 -18.60 -43.85
C CYS E 269 -127.53 -17.19 -43.25
N GLN E 270 -128.53 -16.31 -43.40
CA GLN E 270 -128.52 -14.97 -42.80
C GLN E 270 -129.91 -14.50 -42.40
N THR E 271 -129.97 -13.54 -41.48
CA THR E 271 -131.14 -12.72 -41.19
C THR E 271 -130.86 -11.28 -41.62
N LEU E 272 -131.82 -10.63 -42.27
CA LEU E 272 -131.79 -9.18 -42.54
C LEU E 272 -133.15 -8.58 -42.17
N GLY E 273 -133.16 -7.49 -41.40
CA GLY E 273 -134.40 -6.98 -40.79
C GLY E 273 -135.08 -8.06 -39.95
N THR E 274 -136.31 -8.43 -40.32
CA THR E 274 -137.06 -9.57 -39.75
C THR E 274 -136.90 -10.88 -40.54
N GLN E 275 -136.36 -10.84 -41.76
CA GLN E 275 -136.33 -11.97 -42.68
C GLN E 275 -135.31 -13.05 -42.27
N ARG E 276 -135.50 -14.25 -42.83
CA ARG E 276 -134.50 -15.33 -42.90
C ARG E 276 -134.23 -15.67 -44.36
N TYR E 277 -133.00 -16.01 -44.70
CA TYR E 277 -132.59 -16.38 -46.06
C TYR E 277 -132.07 -17.81 -46.08
N PHE E 278 -132.32 -18.49 -47.20
CA PHE E 278 -132.21 -19.94 -47.34
C PHE E 278 -131.47 -20.28 -48.63
N LEU E 279 -130.82 -21.43 -48.62
CA LEU E 279 -130.01 -21.93 -49.72
C LEU E 279 -130.63 -23.21 -50.27
N TYR E 280 -130.56 -23.42 -51.59
CA TYR E 280 -131.02 -24.62 -52.25
C TYR E 280 -130.01 -25.08 -53.31
N GLY E 281 -129.70 -26.37 -53.36
CA GLY E 281 -128.87 -26.93 -54.42
C GLY E 281 -129.71 -27.38 -55.61
N THR E 282 -129.15 -27.42 -56.81
CA THR E 282 -129.80 -28.09 -57.95
C THR E 282 -128.78 -28.74 -58.87
N HIS E 283 -129.19 -29.80 -59.57
CA HIS E 283 -128.34 -30.43 -60.62
C HIS E 283 -128.86 -29.94 -61.97
N SER E 284 -129.84 -29.01 -61.98
CA SER E 284 -130.45 -28.52 -63.21
C SER E 284 -129.42 -27.87 -64.14
N THR E 285 -129.56 -28.14 -65.43
CA THR E 285 -128.82 -27.48 -66.53
C THR E 285 -129.45 -26.15 -66.95
N ALA E 286 -130.56 -25.74 -66.33
CA ALA E 286 -131.27 -24.50 -66.67
C ALA E 286 -130.34 -23.28 -66.52
N GLN E 287 -130.29 -22.45 -67.57
CA GLN E 287 -129.43 -21.26 -67.61
C GLN E 287 -130.03 -20.06 -66.88
N ASN E 288 -131.36 -19.99 -66.77
CA ASN E 288 -132.07 -18.83 -66.23
C ASN E 288 -132.64 -19.14 -64.84
N ILE E 289 -132.26 -18.34 -63.83
CA ILE E 289 -132.70 -18.50 -62.44
C ILE E 289 -134.23 -18.40 -62.27
N ASN E 290 -134.92 -17.72 -63.19
CA ASN E 290 -136.38 -17.56 -63.13
C ASN E 290 -137.13 -18.87 -63.44
N ASP E 291 -136.69 -19.66 -64.44
CA ASP E 291 -137.47 -20.84 -64.96
C ASP E 291 -137.22 -22.17 -64.25
N ILE E 292 -136.24 -22.26 -63.36
CA ILE E 292 -136.04 -23.47 -62.55
C ILE E 292 -137.34 -23.82 -61.82
N LYS E 293 -137.69 -25.11 -61.73
CA LYS E 293 -138.93 -25.58 -61.08
C LYS E 293 -138.86 -25.39 -59.56
N LEU E 294 -139.97 -25.67 -58.87
CA LEU E 294 -139.95 -25.71 -57.39
C LEU E 294 -139.38 -27.09 -57.01
N GLN E 295 -139.45 -28.06 -57.95
CA GLN E 295 -138.95 -29.44 -57.73
C GLN E 295 -137.43 -29.53 -57.81
N GLU E 296 -136.81 -28.85 -58.78
CA GLU E 296 -135.35 -28.95 -59.01
C GLU E 296 -134.57 -28.68 -57.72
N LEU E 297 -135.00 -27.70 -56.93
CA LEU E 297 -134.26 -27.27 -55.71
C LEU E 297 -134.12 -28.43 -54.70
N ILE E 298 -132.93 -28.60 -54.11
CA ILE E 298 -132.66 -29.62 -53.04
C ILE E 298 -132.50 -28.80 -51.75
N PRO E 299 -133.53 -28.64 -50.92
CA PRO E 299 -133.49 -27.74 -49.78
C PRO E 299 -132.53 -28.28 -48.75
N LEU E 300 -131.90 -27.41 -47.95
CA LEU E 300 -130.91 -27.83 -46.93
C LEU E 300 -131.56 -27.78 -45.53
N THR E 301 -131.81 -28.94 -44.90
CA THR E 301 -132.45 -29.04 -43.57
C THR E 301 -131.45 -29.57 -42.58
N ASN E 302 -130.20 -29.84 -43.00
CA ASN E 302 -129.14 -30.30 -42.11
C ASN E 302 -127.86 -29.51 -42.40
N THR E 303 -127.08 -29.15 -41.38
CA THR E 303 -125.66 -28.78 -41.58
C THR E 303 -124.67 -29.78 -40.99
N GLN E 304 -125.13 -30.60 -40.03
CA GLN E 304 -124.28 -31.53 -39.24
C GLN E 304 -123.70 -32.72 -40.01
N ASP E 305 -124.16 -33.00 -41.24
CA ASP E 305 -123.67 -34.20 -41.97
C ASP E 305 -122.92 -33.87 -43.27
N TYR E 306 -122.13 -34.83 -43.76
CA TYR E 306 -121.47 -34.71 -45.06
C TYR E 306 -122.43 -34.94 -46.25
N VAL E 307 -123.67 -35.36 -45.98
CA VAL E 307 -124.61 -35.83 -47.02
C VAL E 307 -124.90 -34.77 -48.09
N GLN E 308 -124.89 -35.18 -49.36
CA GLN E 308 -125.19 -34.32 -50.52
C GLN E 308 -126.68 -34.02 -50.67
N GLY E 309 -127.54 -34.91 -50.17
CA GLY E 309 -128.95 -34.95 -50.53
C GLY E 309 -129.15 -35.58 -51.91
N PHE E 310 -130.36 -35.47 -52.45
CA PHE E 310 -130.70 -35.91 -53.80
C PHE E 310 -131.91 -35.14 -54.34
N ASP E 311 -132.09 -35.19 -55.65
CA ASP E 311 -133.17 -34.51 -56.37
C ASP E 311 -134.53 -35.23 -56.25
N TRP E 312 -135.63 -34.50 -56.40
CA TRP E 312 -137.01 -35.02 -56.37
C TRP E 312 -137.25 -36.10 -57.45
N THR E 313 -136.47 -36.11 -58.53
CA THR E 313 -136.50 -37.19 -59.54
C THR E 313 -136.13 -38.56 -58.96
N GLU E 314 -135.51 -38.62 -57.78
CA GLU E 314 -135.22 -39.88 -57.07
C GLU E 314 -136.27 -40.24 -56.00
N LYS E 315 -137.44 -39.58 -56.01
CA LYS E 315 -138.60 -39.89 -55.14
C LYS E 315 -138.86 -41.40 -55.04
N ASP E 316 -138.90 -42.08 -56.18
CA ASP E 316 -139.18 -43.52 -56.27
C ASP E 316 -138.00 -44.42 -55.83
N LYS E 317 -136.77 -43.89 -55.71
CA LYS E 317 -135.62 -44.66 -55.20
C LYS E 317 -135.60 -44.74 -53.67
N HIS E 318 -136.19 -43.73 -53.00
CA HIS E 318 -136.25 -43.65 -51.50
C HIS E 318 -137.71 -43.71 -51.03
N ASN E 319 -138.61 -44.31 -51.81
CA ASN E 319 -140.02 -44.54 -51.46
C ASN E 319 -140.70 -43.29 -50.86
N ILE E 320 -140.31 -42.10 -51.34
CA ILE E 320 -140.81 -40.82 -50.85
C ILE E 320 -142.27 -40.62 -51.26
N THR E 321 -143.12 -40.26 -50.30
CA THR E 321 -144.55 -40.00 -50.55
C THR E 321 -144.89 -38.51 -50.58
N THR E 322 -144.10 -37.66 -49.92
CA THR E 322 -144.39 -36.23 -49.77
C THR E 322 -143.11 -35.39 -49.78
N TYR E 323 -143.25 -34.08 -50.01
CA TYR E 323 -142.13 -33.15 -49.86
C TYR E 323 -141.56 -33.16 -48.42
N LYS E 324 -142.37 -33.47 -47.39
CA LYS E 324 -141.88 -33.71 -46.02
C LYS E 324 -140.85 -34.85 -45.96
N GLU E 325 -141.10 -35.97 -46.63
CA GLU E 325 -140.11 -37.06 -46.75
C GLU E 325 -138.95 -36.71 -47.70
N PHE E 326 -139.16 -35.87 -48.71
CA PHE E 326 -138.06 -35.33 -49.52
C PHE E 326 -137.12 -34.44 -48.68
N LEU E 327 -137.67 -33.55 -47.84
CA LEU E 327 -136.92 -32.73 -46.88
C LEU E 327 -136.09 -33.60 -45.91
N THR E 328 -136.64 -34.67 -45.37
CA THR E 328 -135.92 -35.47 -44.36
C THR E 328 -134.93 -36.44 -45.00
N LYS E 329 -135.29 -37.13 -46.09
CA LYS E 329 -134.37 -38.08 -46.74
C LYS E 329 -133.37 -37.41 -47.70
N GLY E 330 -133.79 -36.40 -48.45
CA GLY E 330 -133.10 -35.89 -49.63
C GLY E 330 -132.45 -34.51 -49.50
N ALA E 331 -132.59 -33.81 -48.37
CA ALA E 331 -131.92 -32.53 -48.18
C ALA E 331 -130.39 -32.65 -48.16
N GLY E 332 -129.71 -31.63 -48.70
CA GLY E 332 -128.25 -31.59 -48.85
C GLY E 332 -127.56 -30.69 -47.83
N ASN E 333 -126.39 -31.07 -47.33
CA ASN E 333 -125.64 -30.17 -46.44
C ASN E 333 -124.86 -29.16 -47.31
N PRO E 334 -124.89 -27.85 -47.01
CA PRO E 334 -124.33 -26.81 -47.89
C PRO E 334 -122.80 -26.93 -48.03
N PHE E 335 -122.16 -27.58 -47.07
CA PHE E 335 -120.72 -27.82 -47.02
C PHE E 335 -120.28 -29.15 -47.66
N HIS E 336 -121.18 -29.89 -48.32
CA HIS E 336 -120.77 -31.03 -49.14
C HIS E 336 -119.84 -30.59 -50.28
N ALA E 337 -118.96 -31.46 -50.77
CA ALA E 337 -117.88 -31.11 -51.69
C ALA E 337 -118.31 -30.45 -53.01
N GLU E 338 -119.55 -30.65 -53.45
CA GLU E 338 -120.09 -29.93 -54.62
C GLU E 338 -120.85 -28.65 -54.26
N TRP E 339 -121.54 -28.57 -53.12
CA TRP E 339 -122.26 -27.37 -52.71
C TRP E 339 -121.36 -26.30 -52.08
N ILE E 340 -120.26 -26.70 -51.40
CA ILE E 340 -119.32 -25.81 -50.70
C ILE E 340 -118.73 -24.72 -51.60
N THR E 341 -118.42 -25.06 -52.85
CA THR E 341 -117.92 -24.14 -53.90
C THR E 341 -118.90 -24.02 -55.08
N ALA E 342 -120.13 -24.51 -54.92
CA ALA E 342 -121.17 -24.54 -55.96
C ALA E 342 -120.67 -25.11 -57.30
N GLN E 343 -119.95 -26.23 -57.26
CA GLN E 343 -119.54 -26.98 -58.46
C GLN E 343 -120.76 -27.31 -59.32
N ASN E 344 -121.84 -27.74 -58.66
CA ASN E 344 -123.20 -27.76 -59.21
C ASN E 344 -123.95 -26.56 -58.61
N PRO E 345 -124.76 -25.82 -59.38
CA PRO E 345 -125.33 -24.54 -58.93
C PRO E 345 -126.05 -24.60 -57.58
N VAL E 346 -125.90 -23.53 -56.81
CA VAL E 346 -126.53 -23.31 -55.49
C VAL E 346 -127.26 -21.97 -55.53
N ILE E 347 -128.48 -21.95 -55.04
CA ILE E 347 -129.41 -20.84 -55.15
C ILE E 347 -129.70 -20.27 -53.77
N HIS E 348 -129.53 -18.97 -53.58
CA HIS E 348 -129.81 -18.23 -52.35
C HIS E 348 -131.11 -17.46 -52.50
N THR E 349 -132.01 -17.49 -51.52
CA THR E 349 -133.33 -16.85 -51.61
C THR E 349 -133.89 -16.46 -50.24
N ALA E 350 -134.78 -15.48 -50.19
CA ALA E 350 -135.59 -15.19 -49.01
C ALA E 350 -136.74 -16.22 -48.82
N ASN E 351 -137.10 -16.97 -49.87
CA ASN E 351 -138.25 -17.86 -49.81
C ASN E 351 -137.99 -19.10 -48.94
N SER E 352 -138.62 -19.16 -47.78
CA SER E 352 -138.44 -20.26 -46.83
C SER E 352 -138.95 -21.59 -47.42
N PRO E 353 -138.27 -22.72 -47.13
CA PRO E 353 -138.74 -24.04 -47.51
C PRO E 353 -140.18 -24.30 -47.08
N THR E 354 -140.64 -23.74 -45.95
CA THR E 354 -142.02 -23.90 -45.49
C THR E 354 -143.04 -23.19 -46.39
N GLN E 355 -142.69 -22.11 -47.07
CA GLN E 355 -143.56 -21.58 -48.13
C GLN E 355 -143.59 -22.54 -49.32
N ILE E 356 -142.45 -23.15 -49.68
CA ILE E 356 -142.43 -24.22 -50.68
C ILE E 356 -143.23 -25.46 -50.21
N GLU E 357 -143.19 -25.82 -48.93
CA GLU E 357 -144.01 -26.88 -48.34
C GLU E 357 -145.49 -26.56 -48.56
N GLN E 358 -145.92 -25.34 -48.25
CA GLN E 358 -147.30 -24.91 -48.48
C GLN E 358 -147.68 -25.03 -49.96
N ILE E 359 -146.81 -24.65 -50.90
CA ILE E 359 -147.10 -24.81 -52.33
C ILE E 359 -147.19 -26.29 -52.74
N TYR E 360 -146.26 -27.15 -52.30
CA TYR E 360 -146.32 -28.60 -52.56
C TYR E 360 -147.57 -29.24 -51.92
N THR E 361 -147.75 -29.05 -50.61
CA THR E 361 -148.81 -29.72 -49.84
C THR E 361 -150.19 -29.23 -50.26
N ALA E 362 -150.35 -27.94 -50.61
CA ALA E 362 -151.61 -27.43 -51.14
C ALA E 362 -152.02 -28.17 -52.43
N SER E 363 -151.09 -28.39 -53.36
CA SER E 363 -151.26 -29.35 -54.46
C SER E 363 -149.95 -29.82 -55.08
N THR E 364 -149.69 -31.13 -54.98
CA THR E 364 -148.50 -31.80 -55.55
C THR E 364 -148.49 -31.73 -57.08
N THR E 365 -149.67 -31.72 -57.71
CA THR E 365 -149.82 -31.57 -59.16
C THR E 365 -149.40 -30.19 -59.65
N THR E 366 -149.62 -29.12 -58.86
CA THR E 366 -149.14 -27.77 -59.22
C THR E 366 -147.69 -27.53 -58.82
N PHE E 367 -147.07 -28.39 -58.00
CA PHE E 367 -145.62 -28.34 -57.76
C PHE E 367 -144.81 -28.66 -59.04
N GLN E 368 -145.35 -29.52 -59.92
CA GLN E 368 -144.82 -29.73 -61.27
C GLN E 368 -144.90 -28.45 -62.12
N ASN E 369 -146.02 -27.73 -62.04
CA ASN E 369 -146.28 -26.54 -62.85
C ASN E 369 -145.48 -25.32 -62.36
N LYS E 370 -145.40 -25.09 -61.05
CA LYS E 370 -144.76 -23.90 -60.47
C LYS E 370 -143.25 -23.88 -60.72
N LYS E 371 -142.75 -22.71 -61.12
CA LYS E 371 -141.32 -22.38 -61.29
C LYS E 371 -140.88 -21.34 -60.26
N LEU E 372 -139.63 -20.90 -60.31
CA LEU E 372 -139.09 -19.84 -59.47
C LEU E 372 -139.71 -18.46 -59.75
N THR E 373 -140.32 -18.25 -60.91
CA THR E 373 -141.26 -17.13 -61.17
C THR E 373 -142.50 -17.22 -60.28
N ASP E 374 -143.06 -16.08 -59.90
CA ASP E 374 -144.32 -15.95 -59.14
C ASP E 374 -144.35 -16.73 -57.81
N LEU E 375 -143.19 -16.99 -57.21
CA LEU E 375 -143.10 -17.54 -55.86
C LEU E 375 -143.17 -16.45 -54.78
N PRO E 376 -143.55 -16.78 -53.54
CA PRO E 376 -143.48 -15.83 -52.43
C PRO E 376 -142.03 -15.43 -52.15
N THR E 377 -141.81 -14.15 -51.80
CA THR E 377 -140.47 -13.56 -51.52
C THR E 377 -139.36 -14.15 -52.42
N PRO E 378 -139.44 -14.06 -53.76
CA PRO E 378 -138.48 -14.75 -54.61
C PRO E 378 -137.17 -14.04 -54.93
N GLY E 379 -136.25 -13.99 -53.97
CA GLY E 379 -134.92 -13.39 -54.19
C GLY E 379 -133.97 -14.46 -54.66
N TYR E 380 -134.39 -15.30 -55.62
CA TYR E 380 -133.56 -16.42 -56.13
C TYR E 380 -132.33 -15.85 -56.86
N ILE E 381 -131.13 -16.12 -56.36
CA ILE E 381 -129.84 -15.60 -56.94
C ILE E 381 -128.89 -16.79 -57.06
N PHE E 382 -127.70 -16.64 -57.67
CA PHE E 382 -126.68 -17.73 -57.70
C PHE E 382 -125.53 -17.31 -56.79
N ILE E 383 -125.42 -17.91 -55.59
CA ILE E 383 -124.40 -17.51 -54.60
C ILE E 383 -123.55 -18.73 -54.21
N THR E 384 -122.24 -18.54 -54.03
CA THR E 384 -121.31 -19.63 -53.64
C THR E 384 -120.98 -19.51 -52.15
N PRO E 385 -121.14 -20.57 -51.33
CA PRO E 385 -120.82 -20.52 -49.90
C PRO E 385 -119.34 -20.19 -49.63
N THR E 386 -118.44 -20.64 -50.51
CA THR E 386 -117.01 -20.35 -50.45
C THR E 386 -116.59 -19.31 -51.49
N VAL E 387 -115.65 -18.45 -51.11
CA VAL E 387 -114.83 -17.67 -52.04
C VAL E 387 -113.34 -17.95 -51.78
N SER E 388 -112.51 -17.90 -52.82
CA SER E 388 -111.05 -18.01 -52.70
C SER E 388 -110.40 -16.64 -52.83
N LEU E 389 -109.62 -16.24 -51.82
CA LEU E 389 -108.83 -15.02 -51.80
C LEU E 389 -107.37 -15.32 -52.17
N ARG E 390 -106.64 -14.33 -52.68
CA ARG E 390 -105.18 -14.36 -52.82
C ARG E 390 -104.55 -13.43 -51.79
N TYR E 391 -103.59 -13.95 -51.03
CA TYR E 391 -102.80 -13.20 -50.05
C TYR E 391 -101.34 -13.16 -50.49
N ASN E 392 -100.73 -11.98 -50.42
CA ASN E 392 -99.31 -11.81 -50.67
C ASN E 392 -98.65 -11.22 -49.41
N PRO E 393 -97.69 -11.90 -48.78
CA PRO E 393 -97.10 -11.43 -47.53
C PRO E 393 -96.29 -10.14 -47.70
N TYR E 394 -95.74 -9.91 -48.89
CA TYR E 394 -94.88 -8.71 -49.15
C TYR E 394 -95.78 -7.50 -49.39
N LYS E 395 -97.07 -7.73 -49.69
CA LYS E 395 -98.05 -6.64 -49.93
C LYS E 395 -98.80 -6.32 -48.63
N ASP E 396 -98.42 -6.97 -47.52
CA ASP E 396 -99.14 -6.81 -46.22
C ASP E 396 -98.46 -5.73 -45.35
N LEU E 397 -99.21 -4.70 -44.93
CA LEU E 397 -98.65 -3.59 -44.16
C LEU E 397 -99.12 -3.57 -42.70
N ALA E 398 -99.99 -4.52 -42.31
CA ALA E 398 -100.43 -4.66 -40.93
C ALA E 398 -101.08 -3.42 -40.27
N GLU E 399 -101.72 -2.53 -41.04
CA GLU E 399 -102.28 -1.29 -40.49
C GLU E 399 -103.64 -1.51 -39.82
N ARG E 400 -104.42 -2.49 -40.29
CA ARG E 400 -105.77 -2.82 -39.76
C ARG E 400 -106.00 -4.32 -39.66
N ASN E 401 -104.92 -5.08 -39.52
CA ASN E 401 -104.96 -6.53 -39.30
C ASN E 401 -105.49 -6.86 -37.90
N LYS E 402 -106.23 -7.95 -37.77
CA LYS E 402 -106.92 -8.33 -36.53
C LYS E 402 -107.26 -9.82 -36.54
N CYS E 403 -107.41 -10.45 -35.38
CA CYS E 403 -107.61 -11.89 -35.27
C CYS E 403 -108.26 -12.26 -33.93
N TYR E 404 -109.29 -13.13 -33.93
CA TYR E 404 -109.99 -13.58 -32.72
C TYR E 404 -110.83 -14.84 -32.95
N PHE E 405 -111.25 -15.49 -31.86
CA PHE E 405 -112.16 -16.64 -31.91
C PHE E 405 -113.59 -16.27 -31.53
N VAL E 406 -114.56 -16.78 -32.28
CA VAL E 406 -116.01 -16.67 -32.00
C VAL E 406 -116.60 -18.06 -31.76
N ARG E 407 -117.70 -18.14 -31.01
CA ARG E 407 -118.36 -19.41 -30.64
C ARG E 407 -119.10 -19.97 -31.86
N SER E 408 -118.79 -21.19 -32.29
CA SER E 408 -119.40 -21.81 -33.47
C SER E 408 -120.78 -22.41 -33.17
N LYS E 409 -120.89 -23.28 -32.15
CA LYS E 409 -122.19 -23.82 -31.68
C LYS E 409 -122.88 -22.88 -30.68
N ILE E 410 -123.33 -21.72 -31.13
CA ILE E 410 -124.31 -20.89 -30.40
C ILE E 410 -125.29 -20.22 -31.36
N ASN E 411 -126.45 -19.85 -30.84
CA ASN E 411 -127.50 -19.16 -31.58
C ASN E 411 -127.26 -17.63 -31.59
N ALA E 412 -126.14 -17.18 -32.15
CA ALA E 412 -125.80 -15.75 -32.25
C ALA E 412 -125.38 -15.35 -33.66
N HIS E 413 -125.92 -14.23 -34.14
CA HIS E 413 -125.70 -13.73 -35.49
C HIS E 413 -124.36 -12.99 -35.62
N GLY E 414 -123.80 -12.98 -36.82
CA GLY E 414 -122.69 -12.10 -37.18
C GLY E 414 -121.32 -12.54 -36.66
N TRP E 415 -120.31 -11.80 -37.09
CA TRP E 415 -118.89 -12.17 -36.96
C TRP E 415 -118.07 -11.17 -36.13
N ASP E 416 -118.72 -10.17 -35.53
CA ASP E 416 -117.98 -9.11 -34.78
C ASP E 416 -117.12 -9.73 -33.68
N PRO E 417 -115.98 -9.11 -33.27
CA PRO E 417 -115.20 -9.64 -32.15
C PRO E 417 -116.12 -9.70 -30.96
N GLU E 418 -116.17 -10.83 -30.27
CA GLU E 418 -117.10 -11.03 -29.13
C GLU E 418 -116.39 -11.74 -27.98
N GLN E 419 -117.07 -11.92 -26.84
CA GLN E 419 -116.49 -12.61 -25.66
C GLN E 419 -115.21 -11.86 -25.22
N HIS E 420 -114.06 -12.51 -25.16
CA HIS E 420 -112.80 -11.89 -24.67
C HIS E 420 -112.31 -10.82 -25.65
N GLN E 421 -112.30 -9.56 -25.23
CA GLN E 421 -111.79 -8.44 -26.06
C GLN E 421 -110.30 -8.27 -25.75
N GLU E 422 -109.81 -8.84 -24.64
CA GLU E 422 -108.38 -8.82 -24.34
C GLU E 422 -107.60 -9.89 -25.14
N LEU E 423 -108.29 -10.90 -25.67
CA LEU E 423 -107.69 -11.95 -26.50
C LEU E 423 -107.59 -11.57 -27.98
N ILE E 424 -108.21 -10.47 -28.41
CA ILE E 424 -108.06 -9.97 -29.78
C ILE E 424 -106.59 -9.65 -30.03
N ASN E 425 -106.05 -10.17 -31.14
CA ASN E 425 -104.63 -9.95 -31.57
C ASN E 425 -104.64 -9.02 -32.79
N SER E 426 -103.93 -7.88 -32.78
CA SER E 426 -104.04 -6.83 -33.79
C SER E 426 -102.67 -6.31 -34.24
N ASP E 427 -102.65 -5.69 -35.42
CA ASP E 427 -101.55 -4.83 -35.91
C ASP E 427 -100.20 -5.53 -36.12
N LEU E 428 -100.19 -6.77 -36.58
CA LEU E 428 -99.03 -7.48 -37.10
C LEU E 428 -99.38 -8.10 -38.46
N PRO E 429 -98.42 -8.34 -39.37
CA PRO E 429 -98.72 -8.99 -40.63
C PRO E 429 -99.28 -10.39 -40.39
N GLN E 430 -100.27 -10.84 -41.17
CA GLN E 430 -101.03 -12.11 -40.94
C GLN E 430 -100.16 -13.36 -40.68
N TRP E 431 -98.99 -13.48 -41.30
CA TRP E 431 -98.07 -14.59 -41.05
C TRP E 431 -97.42 -14.53 -39.67
N LEU E 432 -97.28 -13.33 -39.08
CA LEU E 432 -96.83 -13.15 -37.70
C LEU E 432 -98.01 -13.15 -36.72
N LEU E 433 -99.14 -12.55 -37.10
CA LEU E 433 -100.32 -12.43 -36.26
C LEU E 433 -100.94 -13.79 -35.92
N LEU E 434 -100.97 -14.73 -36.88
CA LEU E 434 -101.56 -16.05 -36.68
C LEU E 434 -100.60 -17.03 -35.99
N PHE E 435 -99.28 -16.81 -36.04
CA PHE E 435 -98.31 -17.80 -35.59
C PHE E 435 -98.43 -18.08 -34.09
N GLY E 436 -98.76 -19.32 -33.71
CA GLY E 436 -98.94 -19.72 -32.33
C GLY E 436 -100.15 -19.10 -31.60
N TYR E 437 -100.96 -18.28 -32.26
CA TYR E 437 -102.11 -17.64 -31.62
C TYR E 437 -103.18 -18.64 -31.15
N PRO E 438 -103.59 -19.65 -31.93
CA PRO E 438 -104.47 -20.69 -31.44
C PRO E 438 -103.95 -21.44 -30.22
N ASP E 439 -102.64 -21.72 -30.15
CA ASP E 439 -102.06 -22.38 -28.98
C ASP E 439 -101.99 -21.47 -27.76
N TYR E 440 -101.71 -20.17 -27.93
CA TYR E 440 -101.84 -19.22 -26.83
C TYR E 440 -103.27 -19.23 -26.28
N ILE E 441 -104.27 -19.26 -27.14
CA ILE E 441 -105.67 -19.29 -26.74
C ILE E 441 -106.02 -20.60 -26.02
N LYS E 442 -105.61 -21.76 -26.56
CA LYS E 442 -105.78 -23.05 -25.88
C LYS E 442 -105.13 -23.09 -24.51
N ARG E 443 -103.86 -22.65 -24.40
CA ARG E 443 -103.11 -22.65 -23.11
C ARG E 443 -103.74 -21.65 -22.13
N THR E 444 -104.32 -20.56 -22.63
CA THR E 444 -105.03 -19.58 -21.79
C THR E 444 -106.31 -20.18 -21.16
N GLN E 445 -106.96 -21.14 -21.82
CA GLN E 445 -108.12 -21.88 -21.24
C GLN E 445 -109.32 -20.97 -20.93
N ASN E 446 -109.40 -19.77 -21.52
CA ASN E 446 -110.55 -18.88 -21.35
C ASN E 446 -111.74 -19.23 -22.27
N PHE E 447 -111.60 -20.24 -23.12
CA PHE E 447 -112.65 -20.77 -23.99
C PHE E 447 -112.86 -22.27 -23.75
N ALA E 448 -114.07 -22.77 -24.03
CA ALA E 448 -114.34 -24.21 -23.99
C ALA E 448 -113.44 -24.93 -24.99
N LEU E 449 -112.70 -25.94 -24.52
CA LEU E 449 -111.42 -26.33 -25.13
C LEU E 449 -111.54 -26.92 -26.54
N VAL E 450 -112.69 -27.49 -26.90
CA VAL E 450 -112.80 -28.33 -28.10
C VAL E 450 -112.83 -27.52 -29.40
N ASP E 451 -112.04 -27.96 -30.40
CA ASP E 451 -111.92 -27.23 -31.71
C ASP E 451 -113.27 -27.07 -32.41
N THR E 452 -114.22 -27.97 -32.15
CA THR E 452 -115.52 -27.93 -32.83
C THR E 452 -116.43 -26.80 -32.37
N ASN E 453 -116.14 -26.15 -31.24
CA ASN E 453 -117.06 -25.20 -30.61
C ASN E 453 -116.67 -23.74 -30.86
N TYR E 454 -115.58 -23.48 -31.60
CA TYR E 454 -115.12 -22.14 -31.96
C TYR E 454 -114.73 -22.06 -33.43
N ILE E 455 -114.73 -20.85 -33.97
CA ILE E 455 -114.18 -20.49 -35.28
C ILE E 455 -113.17 -19.37 -35.06
N LEU E 456 -112.07 -19.42 -35.81
CA LEU E 456 -111.12 -18.34 -35.95
C LEU E 456 -111.55 -17.41 -37.10
N VAL E 457 -111.55 -16.12 -36.81
CA VAL E 457 -111.99 -15.03 -37.69
C VAL E 457 -110.88 -13.99 -37.74
N ASP E 458 -110.53 -13.47 -38.92
CA ASP E 458 -109.49 -12.45 -39.04
C ASP E 458 -109.82 -11.38 -40.07
N HIS E 459 -109.37 -10.15 -39.82
CA HIS E 459 -109.50 -9.03 -40.75
C HIS E 459 -108.14 -8.73 -41.38
N CYS E 460 -108.11 -8.53 -42.69
CA CYS E 460 -106.90 -8.21 -43.43
C CYS E 460 -107.27 -7.39 -44.69
N PRO E 461 -106.94 -6.09 -44.74
CA PRO E 461 -107.13 -5.26 -45.93
C PRO E 461 -106.41 -5.73 -47.20
N TYR E 462 -105.41 -6.60 -47.07
CA TYR E 462 -104.35 -6.77 -48.06
C TYR E 462 -104.51 -7.97 -48.99
N THR E 463 -105.58 -8.76 -48.88
CA THR E 463 -105.95 -9.69 -49.97
C THR E 463 -106.45 -8.90 -51.18
N ASN E 464 -106.22 -9.42 -52.39
CA ASN E 464 -106.55 -8.69 -53.61
C ASN E 464 -108.07 -8.58 -53.85
N PRO E 465 -108.84 -9.68 -53.85
CA PRO E 465 -110.25 -9.65 -53.47
C PRO E 465 -110.36 -9.51 -51.96
N GLU E 466 -111.53 -9.15 -51.43
CA GLU E 466 -111.74 -8.98 -49.99
C GLU E 466 -113.07 -9.57 -49.52
N LYS E 467 -113.12 -9.88 -48.22
CA LYS E 467 -114.33 -10.07 -47.42
C LYS E 467 -114.08 -9.41 -46.07
N THR E 468 -115.11 -8.81 -45.44
CA THR E 468 -114.91 -7.91 -44.29
C THR E 468 -114.16 -8.63 -43.15
N PRO E 469 -114.68 -9.70 -42.53
CA PRO E 469 -113.84 -10.73 -41.94
C PRO E 469 -113.57 -11.85 -42.96
N PHE E 470 -112.56 -12.67 -42.59
CA PHE E 470 -112.28 -13.92 -43.34
C PHE E 470 -112.60 -15.07 -42.40
N ILE E 471 -113.11 -16.18 -42.90
CA ILE E 471 -113.32 -17.40 -42.05
C ILE E 471 -112.46 -18.46 -42.71
N PRO E 472 -111.11 -18.46 -42.57
CA PRO E 472 -110.29 -19.38 -43.34
C PRO E 472 -110.79 -20.82 -43.23
N LEU E 473 -110.75 -21.57 -44.32
CA LEU E 473 -111.10 -23.00 -44.35
C LEU E 473 -110.02 -23.78 -45.08
N SER E 474 -109.66 -24.96 -44.55
CA SER E 474 -108.62 -25.79 -45.15
C SER E 474 -109.11 -26.43 -46.44
N THR E 475 -108.19 -26.65 -47.37
CA THR E 475 -108.46 -27.35 -48.64
C THR E 475 -109.13 -28.70 -48.41
N SER E 476 -108.81 -29.41 -47.31
CA SER E 476 -109.48 -30.65 -46.94
C SER E 476 -110.99 -30.48 -46.70
N PHE E 477 -111.44 -29.44 -45.99
CA PHE E 477 -112.86 -29.16 -45.79
C PHE E 477 -113.55 -28.65 -47.06
N ILE E 478 -112.84 -27.87 -47.87
CA ILE E 478 -113.28 -27.42 -49.20
C ILE E 478 -113.35 -28.57 -50.21
N GLU E 479 -112.68 -29.69 -49.94
CA GLU E 479 -112.68 -30.92 -50.76
C GLU E 479 -113.41 -32.10 -50.10
N GLY E 480 -114.10 -31.91 -48.98
CA GLY E 480 -114.88 -32.99 -48.35
C GLY E 480 -114.02 -34.13 -47.78
N ARG E 481 -113.06 -33.78 -46.91
CA ARG E 481 -112.11 -34.77 -46.33
C ARG E 481 -111.74 -34.38 -44.89
N SER E 482 -111.33 -35.36 -44.07
CA SER E 482 -110.97 -35.12 -42.66
C SER E 482 -109.76 -34.18 -42.51
N PRO E 483 -109.63 -33.44 -41.38
CA PRO E 483 -108.67 -32.34 -41.22
C PRO E 483 -107.22 -32.61 -41.64
N TYR E 484 -106.70 -33.81 -41.38
CA TYR E 484 -105.35 -34.26 -41.77
C TYR E 484 -105.39 -35.62 -42.49
N SER E 485 -106.33 -35.82 -43.41
CA SER E 485 -106.49 -37.07 -44.17
C SER E 485 -105.92 -36.95 -45.59
N PRO E 486 -105.23 -37.97 -46.12
CA PRO E 486 -104.58 -37.91 -47.43
C PRO E 486 -105.58 -37.72 -48.58
N SER E 487 -105.17 -36.95 -49.58
CA SER E 487 -106.01 -36.48 -50.70
C SER E 487 -106.65 -37.60 -51.54
N ASP E 488 -106.17 -38.85 -51.45
CA ASP E 488 -106.80 -40.00 -52.17
C ASP E 488 -108.22 -40.22 -51.63
N THR E 489 -108.49 -39.79 -50.40
CA THR E 489 -109.79 -39.90 -49.74
C THR E 489 -110.75 -38.83 -50.26
N HIS E 490 -112.05 -39.18 -50.44
CA HIS E 490 -113.09 -38.23 -50.95
C HIS E 490 -114.31 -38.22 -50.01
N GLU E 491 -114.16 -38.57 -48.74
CA GLU E 491 -115.18 -38.51 -47.70
C GLU E 491 -114.54 -38.27 -46.34
N PRO E 492 -115.20 -37.59 -45.39
CA PRO E 492 -114.78 -37.62 -43.99
C PRO E 492 -114.82 -39.04 -43.41
N ASP E 493 -113.98 -39.31 -42.41
CA ASP E 493 -114.12 -40.47 -41.50
C ASP E 493 -115.34 -40.28 -40.57
N GLU E 494 -115.94 -41.35 -40.04
CA GLU E 494 -117.27 -41.31 -39.41
C GLU E 494 -117.45 -40.19 -38.35
N GLU E 495 -116.45 -39.94 -37.51
CA GLU E 495 -116.51 -38.87 -36.51
C GLU E 495 -116.45 -37.45 -37.12
N ASP E 496 -115.86 -37.29 -38.30
CA ASP E 496 -115.93 -36.07 -39.11
C ASP E 496 -117.10 -36.08 -40.12
N GLN E 497 -117.74 -37.23 -40.39
CA GLN E 497 -119.01 -37.25 -41.11
C GLN E 497 -120.11 -36.63 -40.25
N ASN E 498 -120.08 -36.91 -38.95
CA ASN E 498 -120.72 -36.08 -37.93
C ASN E 498 -119.95 -34.76 -37.74
N ARG E 499 -120.69 -33.76 -37.22
CA ARG E 499 -120.12 -32.41 -36.94
C ARG E 499 -119.47 -31.83 -38.20
N TRP E 500 -120.02 -32.08 -39.41
CA TRP E 500 -119.46 -31.57 -40.69
C TRP E 500 -119.90 -30.12 -40.91
N TYR E 501 -119.37 -29.19 -40.12
CA TYR E 501 -119.72 -27.76 -40.19
C TYR E 501 -118.50 -26.88 -39.86
N PRO E 502 -118.49 -25.60 -40.25
CA PRO E 502 -117.38 -24.69 -39.96
C PRO E 502 -116.98 -24.64 -38.48
N CYS E 503 -115.74 -24.98 -38.19
CA CYS E 503 -115.13 -24.86 -36.86
C CYS E 503 -113.60 -24.94 -36.99
N TYR E 504 -112.89 -24.51 -35.94
CA TYR E 504 -111.43 -24.38 -35.92
C TYR E 504 -110.69 -25.66 -36.34
N GLN E 505 -111.26 -26.84 -36.08
CA GLN E 505 -110.64 -28.14 -36.48
C GLN E 505 -110.44 -28.20 -38.01
N TYR E 506 -111.34 -27.62 -38.79
CA TYR E 506 -111.22 -27.57 -40.25
C TYR E 506 -110.42 -26.37 -40.75
N GLN E 507 -110.12 -25.37 -39.90
CA GLN E 507 -109.35 -24.19 -40.29
C GLN E 507 -107.83 -24.37 -40.16
N GLN E 508 -107.37 -25.36 -39.41
CA GLN E 508 -105.97 -25.48 -38.98
C GLN E 508 -104.95 -25.43 -40.11
N GLU E 509 -105.15 -26.20 -41.18
CA GLU E 509 -104.19 -26.23 -42.29
C GLU E 509 -104.15 -24.90 -43.06
N SER E 510 -105.26 -24.17 -43.15
CA SER E 510 -105.28 -22.86 -43.81
C SER E 510 -104.47 -21.81 -43.05
N ILE E 511 -104.57 -21.72 -41.73
CA ILE E 511 -103.77 -20.76 -40.97
C ILE E 511 -102.31 -21.19 -40.86
N ASN E 512 -102.01 -22.48 -40.88
CA ASN E 512 -100.64 -22.95 -41.03
C ASN E 512 -100.08 -22.52 -42.39
N SER E 513 -100.85 -22.63 -43.47
CA SER E 513 -100.46 -22.20 -44.80
C SER E 513 -100.19 -20.69 -44.89
N ILE E 514 -100.99 -19.87 -44.20
CA ILE E 514 -100.71 -18.43 -44.06
C ILE E 514 -99.41 -18.18 -43.29
N CYS E 515 -99.16 -18.89 -42.19
CA CYS E 515 -97.89 -18.79 -41.46
C CYS E 515 -96.68 -19.23 -42.28
N LEU E 516 -96.81 -20.28 -43.09
CA LEU E 516 -95.79 -20.73 -44.04
C LEU E 516 -95.48 -19.69 -45.12
N SER E 517 -96.37 -18.75 -45.40
CA SER E 517 -96.04 -17.64 -46.30
C SER E 517 -95.01 -16.68 -45.67
N GLY E 518 -94.87 -16.66 -44.35
CA GLY E 518 -93.91 -15.82 -43.64
C GLY E 518 -92.47 -16.30 -43.74
N PRO E 519 -91.49 -15.42 -43.53
CA PRO E 519 -90.07 -15.74 -43.65
C PRO E 519 -89.56 -16.68 -42.55
N GLY E 520 -88.48 -17.37 -42.84
CA GLY E 520 -87.78 -18.32 -41.97
C GLY E 520 -88.43 -19.69 -41.82
N THR E 521 -89.67 -19.86 -42.27
CA THR E 521 -90.40 -21.12 -42.13
C THR E 521 -89.79 -22.23 -43.01
N PRO E 522 -89.48 -23.41 -42.46
CA PRO E 522 -88.72 -24.44 -43.18
C PRO E 522 -89.50 -25.16 -44.28
N LYS E 523 -88.74 -25.76 -45.21
CA LYS E 523 -89.24 -26.70 -46.24
C LYS E 523 -88.98 -28.12 -45.77
N ILE E 524 -90.03 -28.91 -45.55
CA ILE E 524 -89.90 -30.32 -45.14
C ILE E 524 -90.64 -31.19 -46.16
N PRO E 525 -89.97 -32.14 -46.85
CA PRO E 525 -90.64 -33.02 -47.80
C PRO E 525 -91.80 -33.80 -47.15
N LYS E 526 -92.89 -34.02 -47.89
CA LYS E 526 -94.04 -34.78 -47.39
C LYS E 526 -93.63 -36.21 -47.03
N GLY E 527 -94.09 -36.68 -45.87
CA GLY E 527 -93.71 -37.98 -45.29
C GLY E 527 -92.41 -37.98 -44.48
N ILE E 528 -91.69 -36.86 -44.38
CA ILE E 528 -90.52 -36.70 -43.50
C ILE E 528 -90.93 -35.91 -42.26
N THR E 529 -90.51 -36.36 -41.08
CA THR E 529 -90.65 -35.64 -39.82
C THR E 529 -89.29 -35.11 -39.40
N ALA E 530 -89.17 -33.81 -39.25
CA ALA E 530 -87.97 -33.19 -38.70
C ALA E 530 -88.05 -33.21 -37.17
N GLU E 531 -86.91 -33.33 -36.50
CA GLU E 531 -86.83 -33.49 -35.05
C GLU E 531 -85.66 -32.68 -34.51
N ALA E 532 -85.70 -32.27 -33.25
CA ALA E 532 -84.56 -31.70 -32.55
C ALA E 532 -84.52 -32.20 -31.11
N LYS E 533 -83.32 -32.33 -30.55
CA LYS E 533 -83.12 -32.78 -29.19
C LYS E 533 -82.02 -32.01 -28.47
N VAL E 534 -82.14 -31.93 -27.15
CA VAL E 534 -81.11 -31.43 -26.25
C VAL E 534 -80.75 -32.55 -25.27
N LYS E 535 -79.49 -32.65 -24.88
CA LYS E 535 -79.09 -33.44 -23.71
C LYS E 535 -78.89 -32.51 -22.54
N TYR E 536 -79.56 -32.79 -21.43
CA TYR E 536 -79.49 -31.98 -20.22
C TYR E 536 -78.74 -32.68 -19.11
N SER E 537 -78.19 -31.91 -18.20
CA SER E 537 -77.63 -32.37 -16.94
C SER E 537 -77.93 -31.34 -15.86
N PHE E 538 -78.94 -31.59 -15.03
CA PHE E 538 -79.26 -30.74 -13.88
C PHE E 538 -78.44 -31.17 -12.67
N ASN E 539 -77.80 -30.22 -11.99
CA ASN E 539 -76.93 -30.51 -10.87
C ASN E 539 -77.66 -30.23 -9.55
N PHE E 540 -77.77 -31.25 -8.72
CA PHE E 540 -78.38 -31.19 -7.40
C PHE E 540 -77.44 -31.78 -6.36
N LYS E 541 -77.66 -31.43 -5.10
CA LYS E 541 -77.19 -32.18 -3.96
C LYS E 541 -78.40 -32.60 -3.14
N TRP E 542 -78.37 -33.77 -2.54
CA TRP E 542 -79.35 -34.25 -1.59
C TRP E 542 -78.76 -34.22 -0.19
N GLY E 543 -79.51 -33.73 0.79
CA GLY E 543 -79.03 -33.53 2.16
C GLY E 543 -79.91 -34.23 3.18
N GLY E 544 -79.31 -34.72 4.25
CA GLY E 544 -80.06 -35.33 5.35
C GLY E 544 -79.16 -35.87 6.46
N ASP E 545 -79.80 -36.39 7.50
CA ASP E 545 -79.17 -37.30 8.45
C ASP E 545 -78.90 -38.66 7.81
N LEU E 546 -77.94 -39.41 8.36
CA LEU E 546 -77.48 -40.67 7.77
C LEU E 546 -78.63 -41.70 7.65
N PRO E 547 -78.83 -42.33 6.49
CA PRO E 547 -79.90 -43.29 6.26
C PRO E 547 -79.52 -44.72 6.73
N PRO E 548 -80.51 -45.61 6.88
CA PRO E 548 -80.30 -47.05 7.11
C PRO E 548 -79.86 -47.80 5.84
N MET E 549 -79.42 -49.06 5.98
CA MET E 549 -78.90 -49.91 4.89
C MET E 549 -79.09 -51.41 5.20
N SER E 550 -79.03 -52.30 4.20
CA SER E 550 -79.18 -53.76 4.36
C SER E 550 -78.15 -54.57 3.54
N THR E 551 -78.00 -55.86 3.86
CA THR E 551 -76.90 -56.73 3.38
C THR E 551 -77.40 -58.11 2.93
N ILE E 552 -76.57 -58.81 2.16
CA ILE E 552 -76.87 -60.09 1.49
C ILE E 552 -75.98 -61.21 2.03
N THR E 553 -76.48 -62.44 2.14
CA THR E 553 -75.67 -63.59 2.62
C THR E 553 -74.45 -63.81 1.73
N ASN E 554 -73.30 -64.19 2.29
CA ASN E 554 -72.11 -64.53 1.51
C ASN E 554 -72.26 -65.83 0.70
N PRO E 555 -72.79 -66.96 1.22
CA PRO E 555 -72.83 -68.21 0.49
C PRO E 555 -73.70 -68.15 -0.75
N THR E 556 -74.90 -67.55 -0.65
CA THR E 556 -75.80 -67.38 -1.83
C THR E 556 -75.54 -66.01 -2.42
N ASP E 557 -74.46 -65.86 -3.19
CA ASP E 557 -74.09 -64.55 -3.77
C ASP E 557 -73.45 -64.78 -5.14
N GLN E 558 -73.09 -63.71 -5.86
CA GLN E 558 -72.46 -63.83 -7.20
C GLN E 558 -71.41 -64.95 -7.15
N PRO E 559 -71.59 -66.10 -7.85
CA PRO E 559 -70.66 -67.20 -7.75
C PRO E 559 -69.46 -67.04 -8.68
N THR E 560 -68.28 -67.45 -8.22
CA THR E 560 -67.08 -67.39 -9.08
C THR E 560 -67.24 -68.35 -10.28
N TYR E 561 -66.58 -68.06 -11.41
CA TYR E 561 -66.68 -68.89 -12.62
C TYR E 561 -66.36 -70.38 -12.35
N VAL E 562 -65.49 -70.65 -11.37
CA VAL E 562 -65.14 -72.01 -10.90
C VAL E 562 -66.38 -72.77 -10.43
N LYS F 48 -36.68 45.36 45.95
CA LYS F 48 -35.82 46.11 46.90
C LYS F 48 -35.81 47.61 46.58
N ARG F 49 -35.21 48.03 45.47
CA ARG F 49 -35.25 49.42 44.97
C ARG F 49 -35.47 49.46 43.47
N LEU F 50 -36.21 50.45 42.99
CA LEU F 50 -36.59 50.59 41.58
C LEU F 50 -36.13 51.95 41.04
N ASN F 51 -35.82 52.01 39.76
CA ASN F 51 -35.65 53.27 39.05
C ASN F 51 -36.98 54.03 39.00
N ILE F 52 -36.97 55.33 39.25
CA ILE F 52 -38.11 56.19 38.98
C ILE F 52 -38.22 56.38 37.46
N VAL F 53 -39.43 56.26 36.94
CA VAL F 53 -39.74 56.29 35.51
C VAL F 53 -40.84 57.33 35.28
N GLU F 54 -40.75 58.03 34.15
CA GLU F 54 -41.75 58.99 33.71
C GLU F 54 -42.31 58.58 32.35
N TRP F 55 -43.59 58.84 32.09
CA TRP F 55 -44.20 58.59 30.79
C TRP F 55 -44.12 59.84 29.93
N GLN F 56 -43.50 59.67 28.75
CA GLN F 56 -43.21 60.79 27.84
C GLN F 56 -44.52 61.42 27.34
N PRO F 57 -44.57 62.75 27.21
CA PRO F 57 -45.77 63.45 26.78
C PRO F 57 -46.09 63.22 25.30
N LYS F 58 -47.35 63.45 24.92
CA LYS F 58 -47.92 63.05 23.63
C LYS F 58 -47.22 63.69 22.42
N SER F 59 -46.86 64.97 22.51
CA SER F 59 -46.08 65.67 21.48
C SER F 59 -44.91 66.44 22.10
N ILE F 60 -43.76 66.40 21.43
CA ILE F 60 -42.49 66.97 21.90
C ILE F 60 -41.85 67.78 20.78
N ARG F 61 -41.30 68.97 21.11
CA ARG F 61 -40.62 69.85 20.12
C ARG F 61 -39.31 70.47 20.67
N LYS F 62 -38.15 70.02 20.18
CA LYS F 62 -36.84 70.58 20.56
C LYS F 62 -36.76 72.06 20.22
N CYS F 63 -36.20 72.86 21.11
CA CYS F 63 -35.96 74.28 20.91
C CYS F 63 -34.60 74.69 21.50
N ARG F 64 -33.73 75.23 20.62
CA ARG F 64 -32.42 75.80 21.06
C ARG F 64 -32.54 77.33 21.15
N ILE F 65 -32.61 77.87 22.36
CA ILE F 65 -32.65 79.33 22.56
C ILE F 65 -31.23 79.84 22.33
N LYS F 66 -30.98 80.45 21.17
CA LYS F 66 -29.66 80.87 20.69
C LYS F 66 -29.53 82.38 20.73
N GLY F 67 -28.43 82.91 21.22
CA GLY F 67 -28.24 84.36 21.28
C GLY F 67 -26.86 84.79 21.75
N MET F 68 -26.69 86.08 21.96
CA MET F 68 -25.42 86.70 22.33
C MET F 68 -25.59 87.47 23.65
N LEU F 69 -24.67 87.30 24.60
CA LEU F 69 -24.69 87.96 25.91
C LEU F 69 -23.43 88.80 26.11
N CYS F 70 -23.59 90.06 26.47
CA CYS F 70 -22.48 90.92 26.87
C CYS F 70 -21.99 90.57 28.29
N LEU F 71 -20.72 90.20 28.44
CA LEU F 71 -20.15 89.83 29.74
C LEU F 71 -19.74 91.06 30.55
N PHE F 72 -19.11 92.02 29.91
CA PHE F 72 -18.85 93.34 30.48
C PHE F 72 -18.67 94.33 29.33
N GLN F 73 -18.82 95.61 29.62
CA GLN F 73 -18.28 96.68 28.79
C GLN F 73 -17.78 97.78 29.71
N THR F 74 -16.49 98.10 29.62
CA THR F 74 -15.76 98.83 30.66
C THR F 74 -14.81 99.86 30.09
N THR F 75 -14.68 100.97 30.80
CA THR F 75 -13.53 101.88 30.73
C THR F 75 -12.59 101.60 31.91
N GLU F 76 -11.42 102.22 31.96
CA GLU F 76 -10.46 102.06 33.06
C GLU F 76 -11.00 102.51 34.42
N ASP F 77 -11.79 103.59 34.45
CA ASP F 77 -12.39 104.17 35.65
C ASP F 77 -13.61 103.41 36.19
N ARG F 78 -14.00 102.31 35.53
CA ARG F 78 -15.08 101.42 35.96
C ARG F 78 -14.65 99.96 36.16
N LEU F 79 -13.36 99.65 36.09
CA LEU F 79 -12.88 98.26 36.15
C LEU F 79 -13.24 97.51 37.44
N SER F 80 -13.26 98.19 38.59
CA SER F 80 -13.56 97.56 39.88
C SER F 80 -15.05 97.41 40.19
N TYR F 81 -15.94 97.77 39.26
CA TYR F 81 -17.40 97.76 39.47
C TYR F 81 -18.11 96.69 38.63
N ASN F 82 -19.23 96.20 39.13
CA ASN F 82 -20.07 95.21 38.47
C ASN F 82 -20.84 95.84 37.30
N PHE F 83 -20.72 95.27 36.11
CA PHE F 83 -21.50 95.63 34.93
C PHE F 83 -22.90 95.02 34.99
N ASP F 84 -23.91 95.90 35.09
CA ASP F 84 -25.30 95.57 34.77
C ASP F 84 -25.68 96.26 33.46
N MET F 85 -26.22 95.50 32.51
CA MET F 85 -26.66 96.04 31.23
C MET F 85 -27.94 96.85 31.35
N TYR F 86 -28.77 96.52 32.34
CA TYR F 86 -30.01 97.21 32.69
C TYR F 86 -29.78 97.97 34.00
N GLU F 87 -29.71 99.29 33.90
CA GLU F 87 -28.95 100.16 34.78
C GLU F 87 -29.68 100.74 36.00
N GLU F 88 -28.90 101.19 36.98
CA GLU F 88 -29.33 102.28 37.86
C GLU F 88 -29.19 103.57 37.02
N SER F 89 -30.29 104.25 36.73
CA SER F 89 -30.45 105.16 35.58
C SER F 89 -29.42 106.29 35.44
N ILE F 90 -28.68 106.62 36.49
CA ILE F 90 -27.58 107.58 36.46
C ILE F 90 -26.28 107.00 35.86
N ILE F 91 -26.01 105.70 36.02
CA ILE F 91 -24.74 105.08 35.62
C ILE F 91 -24.42 105.30 34.13
N PRO F 92 -25.31 105.02 33.16
CA PRO F 92 -24.95 105.23 31.75
C PRO F 92 -24.90 106.70 31.33
N GLU F 93 -25.36 107.66 32.14
CA GLU F 93 -25.24 109.07 31.81
C GLU F 93 -23.78 109.51 31.82
N LYS F 94 -23.23 109.75 30.62
CA LYS F 94 -21.81 110.11 30.40
C LYS F 94 -20.80 109.05 30.86
N LEU F 95 -21.20 107.76 30.92
CA LEU F 95 -20.26 106.62 30.94
C LEU F 95 -20.54 105.63 29.80
N PRO F 96 -19.58 105.35 28.91
CA PRO F 96 -19.78 104.41 27.81
C PRO F 96 -19.69 102.94 28.22
N GLY F 97 -19.13 102.63 29.39
CA GLY F 97 -19.11 101.28 29.96
C GLY F 97 -19.23 101.30 31.49
N GLY F 98 -20.11 100.48 32.05
CA GLY F 98 -20.52 100.57 33.45
C GLY F 98 -19.68 99.76 34.44
N GLY F 99 -18.93 98.76 34.01
CA GLY F 99 -18.22 97.88 34.93
C GLY F 99 -17.30 96.88 34.25
N GLY F 100 -16.23 96.47 34.93
CA GLY F 100 -15.18 95.58 34.40
C GLY F 100 -15.31 94.13 34.83
N PHE F 101 -16.29 93.79 35.65
CA PHE F 101 -16.64 92.42 35.95
C PHE F 101 -18.15 92.27 35.96
N SER F 102 -18.70 91.07 35.81
CA SER F 102 -20.11 90.84 36.08
C SER F 102 -20.36 89.48 36.70
N ILE F 103 -21.48 89.38 37.41
CA ILE F 103 -22.11 88.11 37.72
C ILE F 103 -23.45 88.08 37.01
N LYS F 104 -23.64 87.13 36.10
CA LYS F 104 -24.88 86.90 35.33
C LYS F 104 -25.57 85.67 35.89
N ASN F 105 -26.86 85.75 36.20
CA ASN F 105 -27.72 84.58 36.39
C ASN F 105 -28.65 84.46 35.19
N ILE F 106 -28.72 83.27 34.58
CA ILE F 106 -29.60 83.01 33.44
C ILE F 106 -30.73 82.08 33.87
N SER F 107 -31.96 82.46 33.54
CA SER F 107 -33.17 81.68 33.75
C SER F 107 -34.02 81.73 32.49
N LEU F 108 -34.94 80.79 32.31
CA LEU F 108 -35.84 80.77 31.16
C LEU F 108 -36.66 82.06 31.04
N TYR F 109 -37.02 82.69 32.15
CA TYR F 109 -37.65 84.01 32.11
C TYR F 109 -36.70 85.12 31.68
N ALA F 110 -35.44 85.11 32.12
CA ALA F 110 -34.43 86.04 31.61
C ALA F 110 -34.14 85.82 30.11
N LEU F 111 -34.15 84.58 29.62
CA LEU F 111 -34.07 84.28 28.19
C LEU F 111 -35.27 84.83 27.42
N TYR F 112 -36.49 84.74 27.95
CA TYR F 112 -37.65 85.40 27.38
C TYR F 112 -37.52 86.92 27.39
N GLN F 113 -37.01 87.54 28.46
CA GLN F 113 -36.76 88.98 28.47
C GLN F 113 -35.71 89.40 27.44
N GLU F 114 -34.66 88.63 27.23
CA GLU F 114 -33.70 88.89 26.15
C GLU F 114 -34.32 88.73 24.76
N HIS F 115 -35.39 87.94 24.61
CA HIS F 115 -36.14 87.82 23.33
C HIS F 115 -36.96 89.08 23.08
N ILE F 116 -37.44 89.75 24.14
CA ILE F 116 -38.13 91.04 24.00
C ILE F 116 -37.17 92.15 23.57
N HIS F 117 -35.89 92.09 23.97
CA HIS F 117 -34.83 92.96 23.44
C HIS F 117 -34.29 92.53 22.06
N ALA F 118 -34.84 91.48 21.46
CA ALA F 118 -34.37 90.86 20.22
C ALA F 118 -32.92 90.36 20.28
N HIS F 119 -32.41 90.04 21.46
CA HIS F 119 -31.04 89.55 21.66
C HIS F 119 -30.89 88.04 21.42
N ASN F 120 -31.98 87.29 21.29
CA ASN F 120 -31.96 85.87 20.99
C ASN F 120 -33.11 85.44 20.07
N ILE F 121 -32.98 84.24 19.52
CA ILE F 121 -34.04 83.52 18.82
C ILE F 121 -34.44 82.29 19.63
N PHE F 122 -35.72 81.90 19.56
CA PHE F 122 -36.18 80.59 19.97
C PHE F 122 -36.38 79.76 18.71
N THR F 123 -35.67 78.64 18.58
CA THR F 123 -35.75 77.80 17.37
C THR F 123 -37.13 77.17 17.15
N HIS F 124 -37.90 77.05 18.23
CA HIS F 124 -39.30 76.59 18.15
C HIS F 124 -40.08 77.37 19.22
N THR F 125 -41.27 77.87 18.91
CA THR F 125 -42.16 78.50 19.90
C THR F 125 -42.65 77.50 20.93
N ASN F 126 -43.10 78.03 22.07
CA ASN F 126 -43.58 77.29 23.23
C ASN F 126 -45.06 77.58 23.54
N THR F 127 -45.81 78.20 22.63
CA THR F 127 -47.10 78.84 22.97
C THR F 127 -48.17 77.87 23.47
N ASP F 128 -48.19 76.64 22.96
CA ASP F 128 -49.24 75.66 23.24
C ASP F 128 -48.71 74.33 23.78
N ARG F 129 -47.46 74.33 24.27
CA ARG F 129 -46.83 73.15 24.91
C ARG F 129 -46.33 73.67 26.27
N PRO F 130 -47.02 73.40 27.41
CA PRO F 130 -46.72 74.03 28.69
C PRO F 130 -45.60 73.36 29.48
N LEU F 131 -45.23 72.12 29.14
CA LEU F 131 -44.12 71.42 29.78
C LEU F 131 -42.78 71.81 29.16
N ALA F 132 -41.71 71.76 29.95
CA ALA F 132 -40.34 71.98 29.53
C ALA F 132 -39.42 70.90 30.08
N ARG F 133 -38.40 70.54 29.30
CA ARG F 133 -37.37 69.55 29.69
C ARG F 133 -35.99 70.13 29.32
N TYR F 134 -35.34 70.86 30.23
CA TYR F 134 -34.04 71.47 30.03
C TYR F 134 -32.91 70.43 29.99
N THR F 135 -32.05 70.49 28.98
CA THR F 135 -31.03 69.46 28.71
C THR F 135 -29.59 69.96 28.92
N GLY F 136 -29.40 71.26 29.11
CA GLY F 136 -28.07 71.87 29.29
C GLY F 136 -27.81 73.00 28.31
N CYS F 137 -26.61 73.54 28.36
CA CYS F 137 -26.21 74.73 27.62
C CYS F 137 -24.90 74.51 26.87
N SER F 138 -24.73 75.14 25.72
CA SER F 138 -23.44 75.36 25.08
C SER F 138 -23.08 76.83 25.13
N LEU F 139 -21.87 77.17 25.56
CA LEU F 139 -21.33 78.53 25.50
C LEU F 139 -20.14 78.57 24.53
N LYS F 140 -20.07 79.60 23.70
CA LYS F 140 -18.87 79.98 22.93
C LYS F 140 -18.40 81.33 23.41
N PHE F 141 -17.25 81.39 24.05
CA PHE F 141 -16.64 82.62 24.54
C PHE F 141 -15.68 83.15 23.49
N TYR F 142 -15.88 84.38 23.02
CA TYR F 142 -15.06 84.95 21.95
C TYR F 142 -13.87 85.72 22.50
N GLN F 143 -12.73 85.61 21.85
CA GLN F 143 -11.61 86.52 22.08
C GLN F 143 -12.04 87.96 21.75
N SER F 144 -11.90 88.87 22.70
CA SER F 144 -12.03 90.29 22.40
C SER F 144 -10.82 90.78 21.61
N LYS F 145 -10.94 91.90 20.92
CA LYS F 145 -9.83 92.50 20.20
C LYS F 145 -8.73 92.99 21.14
N ASP F 146 -9.09 93.78 22.15
CA ASP F 146 -8.14 94.57 22.96
C ASP F 146 -7.93 94.10 24.40
N ILE F 147 -8.82 93.26 24.95
CA ILE F 147 -8.77 92.91 26.40
C ILE F 147 -8.87 91.39 26.62
N ASP F 148 -8.12 90.85 27.59
CA ASP F 148 -8.21 89.42 27.96
C ASP F 148 -9.32 89.34 28.99
N TYR F 149 -9.74 88.14 29.41
CA TYR F 149 -10.75 88.05 30.50
C TYR F 149 -10.88 86.65 31.04
N VAL F 150 -11.08 86.52 32.34
CA VAL F 150 -11.27 85.25 33.04
C VAL F 150 -12.76 85.02 33.17
N VAL F 151 -13.22 83.81 32.90
CA VAL F 151 -14.58 83.36 33.20
C VAL F 151 -14.54 82.22 34.19
N THR F 152 -15.49 82.14 35.10
CA THR F 152 -15.86 80.89 35.75
C THR F 152 -17.36 80.84 35.91
N TYR F 153 -17.95 79.65 35.90
CA TYR F 153 -19.39 79.47 35.92
C TYR F 153 -19.76 78.41 36.95
N SER F 154 -21.01 78.46 37.40
CA SER F 154 -21.54 77.52 38.37
C SER F 154 -22.97 77.15 38.02
N THR F 155 -23.46 76.01 38.51
CA THR F 155 -24.87 75.58 38.31
C THR F 155 -25.44 75.03 39.61
N SER F 156 -24.85 75.37 40.76
CA SER F 156 -25.47 74.99 42.05
C SER F 156 -26.85 75.65 42.11
N LEU F 157 -27.94 74.89 42.01
CA LEU F 157 -29.30 75.49 41.94
C LEU F 157 -29.44 76.58 43.01
N PRO F 158 -29.01 76.36 44.28
CA PRO F 158 -29.07 77.43 45.28
C PRO F 158 -28.30 78.64 44.77
N LEU F 159 -28.98 79.77 44.57
CA LEU F 159 -28.34 81.02 44.06
C LEU F 159 -28.23 82.03 45.20
N ARG F 160 -27.02 82.56 45.44
CA ARG F 160 -26.81 83.58 46.50
C ARG F 160 -25.51 84.36 46.20
N SER F 161 -25.35 85.54 46.80
CA SER F 161 -24.12 86.36 46.62
C SER F 161 -23.34 86.35 47.93
N SER F 162 -22.02 86.57 47.87
CA SER F 162 -21.16 86.56 49.08
C SER F 162 -20.08 87.64 48.97
N MET F 163 -19.60 88.15 50.11
CA MET F 163 -18.51 89.13 50.15
C MET F 163 -17.21 88.56 49.58
N GLY F 164 -16.91 87.28 49.89
CA GLY F 164 -15.78 86.56 49.34
C GLY F 164 -15.89 86.33 47.84
N MET F 165 -17.09 86.07 47.31
CA MET F 165 -17.30 86.01 45.86
C MET F 165 -16.92 87.32 45.19
N TYR F 166 -17.44 88.46 45.66
CA TYR F 166 -17.16 89.76 45.05
C TYR F 166 -15.69 90.15 45.14
N ASN F 167 -15.01 89.89 46.26
CA ASN F 167 -13.56 90.10 46.34
C ASN F 167 -12.81 89.16 45.39
N SER F 168 -13.21 87.89 45.30
CA SER F 168 -12.57 86.93 44.41
C SER F 168 -12.75 87.23 42.92
N MET F 169 -13.62 88.16 42.55
CA MET F 169 -13.69 88.69 41.19
C MET F 169 -12.48 89.52 40.80
N GLN F 170 -11.62 89.92 41.73
CA GLN F 170 -10.41 90.67 41.43
C GLN F 170 -9.57 89.87 40.42
N PRO F 171 -9.07 90.46 39.32
CA PRO F 171 -8.56 89.68 38.20
C PRO F 171 -7.45 88.69 38.54
N SER F 172 -6.52 89.04 39.41
CA SER F 172 -5.45 88.15 39.87
C SER F 172 -6.00 86.98 40.69
N ILE F 173 -6.97 87.23 41.58
CA ILE F 173 -7.58 86.21 42.42
C ILE F 173 -8.45 85.27 41.59
N HIS F 174 -9.28 85.80 40.70
CA HIS F 174 -10.09 85.01 39.79
C HIS F 174 -9.19 84.16 38.88
N LEU F 175 -8.11 84.71 38.33
CA LEU F 175 -7.15 83.95 37.55
C LEU F 175 -6.45 82.82 38.33
N MET F 176 -6.36 82.87 39.66
CA MET F 176 -5.83 81.75 40.44
C MET F 176 -6.85 80.63 40.70
N GLN F 177 -8.15 80.88 40.59
CA GLN F 177 -9.17 79.88 40.94
C GLN F 177 -9.14 78.64 40.04
N GLN F 178 -9.58 77.51 40.59
CA GLN F 178 -9.78 76.28 39.84
C GLN F 178 -11.02 76.36 38.94
N ASN F 179 -11.00 75.64 37.81
CA ASN F 179 -12.07 75.65 36.82
C ASN F 179 -12.40 77.05 36.28
N LYS F 180 -11.39 77.92 36.24
CA LYS F 180 -11.37 79.13 35.43
C LYS F 180 -11.29 78.78 33.94
N LEU F 181 -11.68 79.72 33.10
CA LEU F 181 -11.37 79.77 31.69
C LEU F 181 -10.73 81.12 31.41
N ILE F 182 -9.53 81.14 30.84
CA ILE F 182 -8.87 82.39 30.42
C ILE F 182 -9.09 82.53 28.93
N VAL F 183 -9.57 83.69 28.50
CA VAL F 183 -9.72 84.03 27.10
C VAL F 183 -8.73 85.16 26.78
N PRO F 184 -7.58 84.87 26.15
CA PRO F 184 -6.67 85.90 25.69
C PRO F 184 -7.34 86.74 24.61
N SER F 185 -7.01 88.02 24.54
CA SER F 185 -7.37 88.84 23.40
C SER F 185 -6.74 88.34 22.11
N LYS F 186 -7.26 88.77 20.96
CA LYS F 186 -6.65 88.46 19.66
C LYS F 186 -5.23 89.04 19.54
N GLN F 187 -4.96 90.15 20.24
CA GLN F 187 -3.62 90.73 20.35
C GLN F 187 -2.66 89.86 21.16
N THR F 188 -3.06 89.33 22.33
CA THR F 188 -2.16 88.52 23.17
C THR F 188 -1.98 87.09 22.67
N GLN F 189 -2.95 86.51 21.95
CA GLN F 189 -2.76 85.21 21.29
C GLN F 189 -3.66 85.05 20.06
N LYS F 190 -3.06 84.87 18.88
CA LYS F 190 -3.77 84.39 17.69
C LYS F 190 -4.02 82.89 17.81
N ARG F 191 -5.23 82.44 17.49
CA ARG F 191 -5.69 81.05 17.67
C ARG F 191 -6.30 80.49 16.39
N ARG F 192 -6.32 79.17 16.25
CA ARG F 192 -7.01 78.47 15.15
C ARG F 192 -8.50 78.78 15.15
N LYS F 193 -9.17 78.53 16.29
CA LYS F 193 -10.58 78.90 16.51
C LYS F 193 -10.61 80.20 17.33
N PRO F 194 -11.39 81.22 16.91
CA PRO F 194 -11.41 82.52 17.56
C PRO F 194 -12.25 82.55 18.85
N TYR F 195 -12.66 81.40 19.37
CA TYR F 195 -13.54 81.22 20.51
C TYR F 195 -13.14 79.98 21.31
N ILE F 196 -13.55 79.91 22.56
CA ILE F 196 -13.46 78.69 23.38
C ILE F 196 -14.88 78.20 23.68
N LYS F 197 -15.15 76.94 23.36
CA LYS F 197 -16.48 76.33 23.44
C LYS F 197 -16.54 75.31 24.56
N LYS F 198 -17.56 75.36 25.41
CA LYS F 198 -17.82 74.28 26.38
C LYS F 198 -19.28 74.09 26.73
N HIS F 199 -19.62 72.85 27.03
CA HIS F 199 -20.96 72.39 27.34
C HIS F 199 -21.14 72.34 28.85
N ILE F 200 -22.27 72.85 29.33
CA ILE F 200 -22.60 72.96 30.74
C ILE F 200 -23.88 72.16 31.02
N SER F 201 -23.81 71.24 31.96
CA SER F 201 -24.92 70.37 32.35
C SER F 201 -25.97 71.13 33.17
N PRO F 202 -27.25 70.71 33.26
CA PRO F 202 -28.21 71.35 34.15
C PRO F 202 -27.77 71.40 35.61
N PRO F 203 -28.33 72.30 36.43
CA PRO F 203 -28.20 72.24 37.88
C PRO F 203 -28.52 70.85 38.41
N THR F 204 -27.82 70.37 39.45
CA THR F 204 -28.06 69.02 39.97
C THR F 204 -29.50 68.83 40.49
N GLN F 205 -30.15 69.95 40.89
CA GLN F 205 -31.56 69.95 41.38
C GLN F 205 -32.55 69.90 40.19
N MET F 206 -32.14 70.32 39.01
CA MET F 206 -32.93 70.18 37.78
C MET F 206 -32.70 68.77 37.22
N LYS F 207 -33.61 67.84 37.48
CA LYS F 207 -33.51 66.45 37.00
C LYS F 207 -33.96 66.38 35.53
N SER F 208 -33.76 65.25 34.87
CA SER F 208 -34.13 65.08 33.46
C SER F 208 -35.65 65.05 33.21
N GLN F 209 -36.47 65.01 34.27
CA GLN F 209 -37.92 65.01 34.17
C GLN F 209 -38.50 66.24 33.45
N TRP F 210 -39.74 66.15 33.01
CA TRP F 210 -40.53 67.30 32.56
C TRP F 210 -40.97 68.17 33.74
N TYR F 211 -41.02 69.48 33.53
CA TYR F 211 -41.50 70.47 34.50
C TYR F 211 -42.44 71.44 33.80
N PHE F 212 -43.50 71.91 34.44
CA PHE F 212 -44.26 73.04 33.91
C PHE F 212 -43.35 74.26 33.75
N GLN F 213 -43.47 74.95 32.61
CA GLN F 213 -42.64 76.15 32.32
C GLN F 213 -42.91 77.25 33.35
N HIS F 214 -44.11 77.31 33.96
CA HIS F 214 -44.46 78.30 35.00
C HIS F 214 -43.61 78.05 36.26
N ASN F 215 -43.31 76.79 36.58
CA ASN F 215 -42.54 76.44 37.77
C ASN F 215 -41.06 76.76 37.59
N ILE F 216 -40.46 76.33 36.47
CA ILE F 216 -39.02 76.52 36.21
C ILE F 216 -38.65 77.89 35.65
N ALA F 217 -39.60 78.75 35.28
CA ALA F 217 -39.35 80.04 34.64
C ALA F 217 -38.27 80.86 35.34
N ASN F 218 -38.35 81.00 36.66
CA ASN F 218 -37.45 81.85 37.45
C ASN F 218 -36.27 81.11 38.10
N ILE F 219 -36.18 79.78 37.99
CA ILE F 219 -35.07 79.00 38.54
C ILE F 219 -33.79 79.35 37.78
N PRO F 220 -32.72 79.84 38.43
CA PRO F 220 -31.48 80.21 37.74
C PRO F 220 -30.71 78.95 37.33
N LEU F 221 -30.62 78.69 36.02
CA LEU F 221 -30.02 77.43 35.49
C LEU F 221 -28.53 77.56 35.19
N LEU F 222 -27.99 78.78 35.23
CA LEU F 222 -26.57 79.03 35.03
C LEU F 222 -26.16 80.34 35.72
N MET F 223 -25.01 80.35 36.39
CA MET F 223 -24.31 81.58 36.76
C MET F 223 -23.01 81.71 35.98
N ILE F 224 -22.75 82.84 35.35
CA ILE F 224 -21.47 83.17 34.72
C ILE F 224 -20.83 84.32 35.49
N ARG F 225 -19.58 84.15 35.92
CA ARG F 225 -18.75 85.20 36.54
C ARG F 225 -17.63 85.57 35.59
N THR F 226 -17.48 86.83 35.24
CA THR F 226 -16.43 87.29 34.32
C THR F 226 -15.71 88.50 34.87
N THR F 227 -14.39 88.59 34.70
CA THR F 227 -13.60 89.78 35.06
C THR F 227 -12.61 90.12 33.94
N ALA F 228 -12.46 91.41 33.66
CA ALA F 228 -11.50 91.94 32.69
C ALA F 228 -10.06 91.93 33.23
N LEU F 229 -9.10 91.63 32.38
CA LEU F 229 -7.76 91.18 32.75
C LEU F 229 -6.72 91.74 31.76
N THR F 230 -5.46 91.87 32.18
CA THR F 230 -4.36 91.80 31.21
C THR F 230 -3.29 90.82 31.65
N LEU F 231 -2.87 89.96 30.73
CA LEU F 231 -1.79 89.01 30.93
C LEU F 231 -0.40 89.63 30.70
N ASP F 232 -0.26 90.48 29.68
CA ASP F 232 1.02 91.11 29.31
C ASP F 232 1.41 92.33 30.17
N ASN F 233 0.47 92.95 30.86
CA ASN F 233 0.67 94.10 31.75
C ASN F 233 0.27 93.76 33.18
N TYR F 234 0.38 92.49 33.57
CA TYR F 234 -0.17 91.97 34.83
C TYR F 234 0.28 92.75 36.07
N TYR F 235 1.55 93.11 36.19
CA TYR F 235 2.07 93.85 37.33
C TYR F 235 1.97 95.36 37.16
N ILE F 236 2.44 95.89 36.03
CA ILE F 236 2.46 97.34 35.77
C ILE F 236 1.04 97.88 35.64
N GLY F 237 0.15 97.16 34.95
CA GLY F 237 -1.23 97.55 34.72
C GLY F 237 -1.31 98.87 33.99
N SER F 238 -1.86 99.90 34.62
CA SER F 238 -1.87 101.27 34.12
C SER F 238 -1.07 102.26 35.00
N ARG F 239 -0.13 101.77 35.80
CA ARG F 239 0.82 102.58 36.58
C ARG F 239 1.52 103.62 35.72
N GLN F 240 1.67 104.83 36.26
CA GLN F 240 2.45 105.92 35.68
C GLN F 240 3.45 106.43 36.73
N LEU F 241 4.69 106.73 36.34
CA LEU F 241 5.76 107.16 37.25
C LEU F 241 5.98 106.14 38.38
N SER F 242 5.91 106.57 39.65
CA SER F 242 6.15 105.73 40.84
C SER F 242 5.14 104.59 40.99
N THR F 243 5.52 103.54 41.71
CA THR F 243 4.58 102.47 42.12
C THR F 243 3.53 102.98 43.11
N ASN F 244 3.85 104.02 43.89
CA ASN F 244 2.93 104.64 44.85
C ASN F 244 1.78 105.34 44.12
N VAL F 245 0.56 105.14 44.61
CA VAL F 245 -0.64 105.89 44.23
C VAL F 245 -0.99 106.90 45.32
N THR F 246 -1.44 108.09 44.95
CA THR F 246 -1.86 109.12 45.91
C THR F 246 -3.36 109.04 46.16
N ILE F 247 -3.76 108.93 47.42
CA ILE F 247 -5.15 108.92 47.88
C ILE F 247 -5.42 110.25 48.57
N HIS F 248 -6.52 110.93 48.22
CA HIS F 248 -6.95 112.14 48.96
C HIS F 248 -7.89 111.63 50.05
N THR F 249 -7.94 112.27 51.21
CA THR F 249 -8.89 111.92 52.29
C THR F 249 -9.34 113.14 53.08
N LEU F 250 -10.48 113.01 53.77
CA LEU F 250 -10.94 114.08 54.70
C LEU F 250 -10.10 113.94 55.97
N ASN F 251 -9.42 115.00 56.42
CA ASN F 251 -8.70 114.95 57.72
C ASN F 251 -9.67 114.34 58.74
N THR F 252 -9.32 113.23 59.39
CA THR F 252 -10.18 112.56 60.38
C THR F 252 -10.08 113.29 61.69
N THR F 253 -8.93 113.90 61.99
CA THR F 253 -8.66 114.54 63.29
C THR F 253 -9.36 115.90 63.47
N TYR F 254 -10.10 116.38 62.45
CA TYR F 254 -10.82 117.66 62.51
C TYR F 254 -12.23 117.60 61.91
N ILE F 255 -12.42 116.90 60.79
CA ILE F 255 -13.71 116.75 60.12
C ILE F 255 -14.40 115.46 60.61
N GLN F 256 -15.33 115.54 61.57
CA GLN F 256 -15.92 114.30 62.11
C GLN F 256 -17.44 114.40 62.33
N ASN F 257 -18.02 115.59 62.29
CA ASN F 257 -19.42 115.71 62.70
C ASN F 257 -20.44 115.08 61.75
N ARG F 258 -20.11 114.90 60.47
CA ARG F 258 -20.99 114.25 59.45
C ARG F 258 -22.38 114.89 59.40
N ASP F 259 -22.50 116.19 59.69
CA ASP F 259 -23.78 116.91 59.61
C ASP F 259 -23.97 117.60 58.25
N TRP F 260 -23.93 116.85 57.16
CA TRP F 260 -23.82 117.39 55.81
C TRP F 260 -25.14 117.60 55.06
N GLY F 261 -25.11 118.50 54.07
CA GLY F 261 -26.15 118.62 53.06
C GLY F 261 -27.38 119.42 53.45
N ASP F 262 -27.25 120.42 54.31
CA ASP F 262 -28.29 121.43 54.60
C ASP F 262 -27.75 122.87 54.44
N ARG F 263 -28.57 123.78 53.92
CA ARG F 263 -28.24 125.23 53.93
C ARG F 263 -28.95 125.80 55.17
N ASN F 264 -29.68 124.96 55.92
CA ASN F 264 -30.47 125.34 57.10
C ASN F 264 -29.70 125.16 58.42
N LYS F 265 -28.38 124.93 58.37
CA LYS F 265 -27.53 124.58 59.52
C LYS F 265 -26.13 125.18 59.37
N THR F 266 -25.67 125.97 60.34
CA THR F 266 -24.27 126.43 60.39
C THR F 266 -23.36 125.23 60.65
N TYR F 267 -22.39 124.97 59.77
CA TYR F 267 -21.55 123.79 59.88
C TYR F 267 -20.45 123.95 60.94
N TYR F 268 -20.23 122.90 61.72
CA TYR F 268 -19.19 122.79 62.72
C TYR F 268 -18.49 121.44 62.50
N CYS F 269 -17.16 121.41 62.52
CA CYS F 269 -16.39 120.27 62.01
C CYS F 269 -16.20 119.15 63.03
N GLN F 270 -16.03 119.47 64.32
CA GLN F 270 -15.93 118.50 65.40
C GLN F 270 -16.53 119.00 66.71
N THR F 271 -16.89 118.07 67.59
CA THR F 271 -17.16 118.33 69.00
C THR F 271 -16.08 117.67 69.85
N LEU F 272 -15.58 118.37 70.87
CA LEU F 272 -14.71 117.79 71.91
C LEU F 272 -15.21 118.23 73.28
N GLY F 273 -15.38 117.30 74.22
CA GLY F 273 -16.07 117.56 75.47
C GLY F 273 -17.50 118.09 75.22
N THR F 274 -17.78 119.31 75.68
CA THR F 274 -19.02 120.05 75.37
C THR F 274 -18.88 121.02 74.18
N GLN F 275 -17.67 121.29 73.69
CA GLN F 275 -17.40 122.32 72.70
C GLN F 275 -17.87 121.92 71.28
N ARG F 276 -18.00 122.94 70.42
CA ARG F 276 -18.09 122.81 68.96
C ARG F 276 -16.93 123.60 68.33
N TYR F 277 -16.38 123.11 67.23
CA TYR F 277 -15.28 123.75 66.51
C TYR F 277 -15.71 124.09 65.09
N PHE F 278 -15.19 125.20 64.59
CA PHE F 278 -15.66 125.91 63.41
C PHE F 278 -14.50 126.28 62.50
N LEU F 279 -14.78 126.37 61.21
CA LEU F 279 -13.82 126.67 60.16
C LEU F 279 -14.15 128.01 59.53
N TYR F 280 -13.13 128.77 59.14
CA TYR F 280 -13.27 130.04 58.44
C TYR F 280 -12.25 130.15 57.30
N GLY F 281 -12.67 130.59 56.13
CA GLY F 281 -11.76 130.87 55.01
C GLY F 281 -11.27 132.32 55.07
N THR F 282 -10.10 132.61 54.50
CA THR F 282 -9.69 133.99 54.26
C THR F 282 -8.85 134.12 53.00
N HIS F 283 -8.89 135.29 52.37
CA HIS F 283 -8.01 135.60 51.20
C HIS F 283 -6.86 136.45 51.72
N SER F 284 -6.79 136.68 53.05
CA SER F 284 -5.75 137.53 53.64
C SER F 284 -4.34 137.03 53.35
N THR F 285 -3.44 137.96 53.05
CA THR F 285 -2.00 137.73 52.93
C THR F 285 -1.28 137.75 54.28
N ALA F 286 -1.98 137.98 55.39
CA ALA F 286 -1.40 138.04 56.73
C ALA F 286 -0.65 136.73 57.08
N GLN F 287 0.60 136.87 57.53
CA GLN F 287 1.45 135.74 57.86
C GLN F 287 1.17 135.17 59.26
N ASN F 288 0.66 135.99 60.18
CA ASN F 288 0.47 135.61 61.59
C ASN F 288 -1.02 135.39 61.91
N ILE F 289 -1.36 134.20 62.40
CA ILE F 289 -2.73 133.81 62.75
C ILE F 289 -3.35 134.71 63.84
N ASN F 290 -2.53 135.37 64.67
CA ASN F 290 -3.02 136.25 65.73
C ASN F 290 -3.60 137.56 65.19
N ASP F 291 -2.98 138.19 64.17
CA ASP F 291 -3.33 139.57 63.71
C ASP F 291 -4.43 139.66 62.64
N ILE F 292 -4.87 138.54 62.07
CA ILE F 292 -6.00 138.55 61.13
C ILE F 292 -7.22 139.22 61.80
N LYS F 293 -7.97 140.02 61.06
CA LYS F 293 -9.14 140.74 61.60
C LYS F 293 -10.30 139.77 61.90
N LEU F 294 -11.38 140.29 62.50
CA LEU F 294 -12.62 139.48 62.66
C LEU F 294 -13.34 139.55 61.30
N GLN F 295 -13.02 140.58 60.49
CA GLN F 295 -13.65 140.79 59.15
C GLN F 295 -13.08 139.83 58.09
N GLU F 296 -11.77 139.61 58.09
CA GLU F 296 -11.11 138.78 57.04
C GLU F 296 -11.79 137.42 56.93
N LEU F 297 -12.16 136.81 58.04
CA LEU F 297 -12.73 135.42 58.05
C LEU F 297 -14.02 135.34 57.23
N ILE F 298 -14.18 134.29 56.41
CA ILE F 298 -15.41 134.02 55.62
C ILE F 298 -16.05 132.80 56.30
N PRO F 299 -17.03 132.97 57.20
CA PRO F 299 -17.55 131.88 58.01
C PRO F 299 -18.31 130.92 57.13
N LEU F 300 -18.37 129.63 57.49
CA LEU F 300 -19.06 128.61 56.68
C LEU F 300 -20.42 128.26 57.32
N THR F 301 -21.53 128.64 56.69
CA THR F 301 -22.89 128.40 57.21
C THR F 301 -23.61 127.44 56.30
N ASN F 302 -22.95 126.94 55.25
CA ASN F 302 -23.53 125.95 54.34
C ASN F 302 -22.49 124.86 54.06
N THR F 303 -22.90 123.59 53.97
CA THR F 303 -22.08 122.55 53.32
C THR F 303 -22.67 122.04 52.01
N GLN F 304 -23.98 122.23 51.81
CA GLN F 304 -24.76 121.65 50.67
C GLN F 304 -24.43 122.25 49.29
N ASP F 305 -23.71 123.37 49.21
CA ASP F 305 -23.46 124.02 47.89
C ASP F 305 -22.00 124.05 47.48
N TYR F 306 -21.74 124.25 46.18
CA TYR F 306 -20.38 124.45 45.67
C TYR F 306 -19.83 125.87 45.95
N VAL F 307 -20.66 126.78 46.47
CA VAL F 307 -20.35 128.21 46.57
C VAL F 307 -19.10 128.48 47.42
N GLN F 308 -18.23 129.37 46.93
CA GLN F 308 -16.99 129.80 47.61
C GLN F 308 -17.25 130.76 48.78
N GLY F 309 -18.36 131.49 48.72
CA GLY F 309 -18.57 132.68 49.55
C GLY F 309 -17.77 133.87 49.02
N PHE F 310 -17.70 134.94 49.80
CA PHE F 310 -16.89 136.12 49.51
C PHE F 310 -16.54 136.88 50.79
N ASP F 311 -15.53 137.74 50.69
CA ASP F 311 -15.01 138.54 51.80
C ASP F 311 -15.91 139.75 52.14
N TRP F 312 -15.84 140.23 53.38
CA TRP F 312 -16.58 141.41 53.87
C TRP F 312 -16.24 142.69 53.08
N THR F 313 -15.09 142.75 52.42
CA THR F 313 -14.74 143.85 51.49
C THR F 313 -15.70 143.94 50.29
N GLU F 314 -16.49 142.90 50.00
CA GLU F 314 -17.53 142.92 48.96
C GLU F 314 -18.94 143.22 49.52
N LYS F 315 -19.04 143.71 50.77
CA LYS F 315 -20.30 144.18 51.39
C LYS F 315 -21.15 145.03 50.44
N ASP F 316 -20.51 146.02 49.79
CA ASP F 316 -21.18 146.94 48.88
C ASP F 316 -21.53 146.33 47.50
N LYS F 317 -20.97 145.17 47.12
CA LYS F 317 -21.33 144.48 45.87
C LYS F 317 -22.63 143.66 46.01
N HIS F 318 -22.95 143.22 47.23
CA HIS F 318 -24.16 142.40 47.55
C HIS F 318 -25.09 143.17 48.50
N ASN F 319 -25.03 144.50 48.52
CA ASN F 319 -25.90 145.38 49.29
C ASN F 319 -26.07 144.91 50.76
N ILE F 320 -25.02 144.34 51.34
CA ILE F 320 -25.03 143.79 52.70
C ILE F 320 -25.11 144.92 53.73
N THR F 321 -26.03 144.81 54.67
CA THR F 321 -26.21 145.79 55.75
C THR F 321 -25.64 145.32 57.09
N THR F 322 -25.53 144.01 57.31
CA THR F 322 -25.13 143.43 58.61
C THR F 322 -24.30 142.15 58.42
N TYR F 323 -23.57 141.73 59.46
CA TYR F 323 -22.90 140.44 59.47
C TYR F 323 -23.89 139.28 59.29
N LYS F 324 -25.16 139.41 59.71
CA LYS F 324 -26.23 138.44 59.40
C LYS F 324 -26.44 138.26 57.90
N GLU F 325 -26.45 139.34 57.12
CA GLU F 325 -26.49 139.26 55.65
C GLU F 325 -25.15 138.82 55.03
N PHE F 326 -24.02 139.11 55.67
CA PHE F 326 -22.73 138.53 55.26
C PHE F 326 -22.69 137.01 55.44
N LEU F 327 -23.19 136.49 56.57
CA LEU F 327 -23.37 135.06 56.84
C LEU F 327 -24.25 134.37 55.78
N THR F 328 -25.38 134.97 55.41
CA THR F 328 -26.31 134.32 54.47
C THR F 328 -25.87 134.46 53.01
N LYS F 329 -25.40 135.63 52.57
CA LYS F 329 -24.96 135.82 51.19
C LYS F 329 -23.54 135.34 50.92
N GLY F 330 -22.61 135.54 51.86
CA GLY F 330 -21.17 135.47 51.63
C GLY F 330 -20.43 134.29 52.27
N ALA F 331 -21.11 133.43 53.03
CA ALA F 331 -20.46 132.25 53.61
C ALA F 331 -20.00 131.25 52.54
N GLY F 332 -18.86 130.59 52.79
CA GLY F 332 -18.22 129.65 51.86
C GLY F 332 -18.43 128.19 52.24
N ASN F 333 -18.60 127.30 51.28
CA ASN F 333 -18.67 125.87 51.59
C ASN F 333 -17.24 125.32 51.74
N PRO F 334 -16.91 124.54 52.79
CA PRO F 334 -15.53 124.14 53.08
C PRO F 334 -14.93 123.24 52.00
N PHE F 335 -15.79 122.59 51.22
CA PHE F 335 -15.43 121.68 50.13
C PHE F 335 -15.36 122.38 48.76
N HIS F 336 -15.44 123.71 48.69
CA HIS F 336 -15.14 124.43 47.45
C HIS F 336 -13.67 124.20 47.04
N ALA F 337 -13.36 124.28 45.74
CA ALA F 337 -12.06 123.88 45.18
C ALA F 337 -10.82 124.58 45.78
N GLU F 338 -10.98 125.78 46.37
CA GLU F 338 -9.88 126.44 47.09
C GLU F 338 -9.86 126.13 48.60
N TRP F 339 -11.02 125.95 49.25
CA TRP F 339 -11.08 125.63 50.68
C TRP F 339 -10.82 124.15 50.99
N ILE F 340 -11.16 123.24 50.08
CA ILE F 340 -11.02 121.77 50.24
C ILE F 340 -9.59 121.33 50.57
N THR F 341 -8.60 121.96 49.94
CA THR F 341 -7.16 121.76 50.17
C THR F 341 -6.47 123.01 50.72
N ALA F 342 -7.24 124.00 51.18
CA ALA F 342 -6.76 125.30 51.67
C ALA F 342 -5.73 125.97 50.74
N GLN F 343 -6.01 125.99 49.43
CA GLN F 343 -5.21 126.72 48.45
C GLN F 343 -5.07 128.20 48.87
N ASN F 344 -6.18 128.79 49.32
CA ASN F 344 -6.20 130.02 50.10
C ASN F 344 -6.44 129.62 51.57
N PRO F 345 -5.75 130.25 52.56
CA PRO F 345 -5.74 129.77 53.94
C PRO F 345 -7.14 129.56 54.55
N VAL F 346 -7.24 128.52 55.37
CA VAL F 346 -8.45 128.11 56.11
C VAL F 346 -8.08 127.98 57.58
N ILE F 347 -8.90 128.55 58.45
CA ILE F 347 -8.64 128.71 59.86
C ILE F 347 -9.64 127.87 60.68
N HIS F 348 -9.15 127.02 61.57
CA HIS F 348 -9.94 126.18 62.47
C HIS F 348 -9.92 126.78 63.88
N THR F 349 -11.06 126.88 64.55
CA THR F 349 -11.16 127.52 65.87
C THR F 349 -12.32 126.96 66.71
N ALA F 350 -12.21 127.07 68.03
CA ALA F 350 -13.35 126.85 68.93
C ALA F 350 -14.35 128.02 68.92
N ASN F 351 -13.96 129.20 68.44
CA ASN F 351 -14.81 130.38 68.52
C ASN F 351 -15.97 130.32 67.52
N SER F 352 -17.18 130.15 68.06
CA SER F 352 -18.39 130.04 67.24
C SER F 352 -18.67 131.35 66.47
N PRO F 353 -19.18 131.27 65.23
CA PRO F 353 -19.61 132.45 64.48
C PRO F 353 -20.59 133.31 65.27
N THR F 354 -21.43 132.74 66.15
CA THR F 354 -22.36 133.52 66.97
C THR F 354 -21.66 134.36 68.03
N GLN F 355 -20.49 133.97 68.53
CA GLN F 355 -19.69 134.88 69.35
C GLN F 355 -19.14 136.03 68.48
N ILE F 356 -18.72 135.75 67.25
CA ILE F 356 -18.35 136.79 66.28
C ILE F 356 -19.56 137.67 65.93
N GLU F 357 -20.78 137.11 65.80
CA GLU F 357 -22.02 137.88 65.61
C GLU F 357 -22.20 138.84 66.77
N GLN F 358 -22.07 138.39 68.02
CA GLN F 358 -22.17 139.25 69.18
C GLN F 358 -21.14 140.37 69.14
N ILE F 359 -19.89 140.11 68.75
CA ILE F 359 -18.86 141.17 68.61
C ILE F 359 -19.23 142.16 67.50
N TYR F 360 -19.65 141.70 66.31
CA TYR F 360 -20.10 142.58 65.23
C TYR F 360 -21.34 143.40 65.63
N THR F 361 -22.41 142.72 66.06
CA THR F 361 -23.70 143.35 66.34
C THR F 361 -23.62 144.28 67.55
N ALA F 362 -22.82 143.97 68.57
CA ALA F 362 -22.59 144.87 69.69
C ALA F 362 -21.99 146.20 69.23
N SER F 363 -21.00 146.19 68.32
CA SER F 363 -20.59 147.38 67.58
C SER F 363 -19.82 147.04 66.29
N THR F 364 -20.39 147.44 65.14
CA THR F 364 -19.81 147.27 63.80
C THR F 364 -18.51 148.07 63.64
N THR F 365 -18.40 149.21 64.32
CA THR F 365 -17.19 150.03 64.33
C THR F 365 -16.02 149.35 65.04
N THR F 366 -16.28 148.55 66.09
CA THR F 366 -15.21 147.76 66.76
C THR F 366 -14.93 146.44 66.06
N PHE F 367 -15.77 145.98 65.12
CA PHE F 367 -15.45 144.83 64.25
C PHE F 367 -14.26 145.14 63.33
N GLN F 368 -14.09 146.40 62.91
CA GLN F 368 -12.89 146.88 62.22
C GLN F 368 -11.65 146.78 63.13
N ASN F 369 -11.79 147.16 64.41
CA ASN F 369 -10.68 147.19 65.36
C ASN F 369 -10.26 145.79 65.83
N LYS F 370 -11.21 144.91 66.13
CA LYS F 370 -10.93 143.58 66.70
C LYS F 370 -10.19 142.68 65.69
N LYS F 371 -9.18 141.98 66.21
CA LYS F 371 -8.40 140.95 65.52
C LYS F 371 -8.63 139.58 66.16
N LEU F 372 -7.96 138.54 65.69
CA LEU F 372 -8.00 137.19 66.26
C LEU F 372 -7.36 137.11 67.65
N THR F 373 -6.53 138.07 68.05
CA THR F 373 -6.15 138.30 69.45
C THR F 373 -7.34 138.71 70.31
N ASP F 374 -7.34 138.32 71.59
CA ASP F 374 -8.35 138.71 72.59
C ASP F 374 -9.80 138.38 72.21
N LEU F 375 -10.03 137.39 71.34
CA LEU F 375 -11.35 136.85 71.05
C LEU F 375 -11.77 135.79 72.07
N PRO F 376 -13.08 135.52 72.23
CA PRO F 376 -13.55 134.41 73.05
C PRO F 376 -13.10 133.07 72.46
N THR F 377 -12.74 132.11 73.33
CA THR F 377 -12.24 130.77 72.96
C THR F 377 -11.39 130.78 71.67
N PRO F 378 -10.26 131.52 71.61
CA PRO F 378 -9.53 131.67 70.36
C PRO F 378 -8.50 130.60 70.01
N GLY F 379 -8.95 129.42 69.59
CA GLY F 379 -8.05 128.34 69.16
C GLY F 379 -7.80 128.47 67.68
N TYR F 380 -7.53 129.68 67.18
CA TYR F 380 -7.31 129.93 65.73
C TYR F 380 -6.03 129.22 65.28
N ILE F 381 -6.15 128.25 64.37
CA ILE F 381 -4.98 127.45 63.86
C ILE F 381 -5.08 127.44 62.33
N PHE F 382 -4.11 126.88 61.60
CA PHE F 382 -4.21 126.73 60.12
C PHE F 382 -4.37 125.24 59.82
N ILE F 383 -5.59 124.80 59.46
CA ILE F 383 -5.89 123.36 59.24
C ILE F 383 -6.44 123.16 57.82
N THR F 384 -6.05 122.07 57.14
CA THR F 384 -6.53 121.75 55.79
C THR F 384 -7.60 120.66 55.87
N PRO F 385 -8.81 120.83 55.29
CA PRO F 385 -9.85 119.80 55.30
C PRO F 385 -9.41 118.48 54.64
N THR F 386 -8.58 118.56 53.62
CA THR F 386 -8.00 117.42 52.91
C THR F 386 -6.53 117.20 53.29
N VAL F 387 -6.13 115.93 53.38
CA VAL F 387 -4.73 115.49 53.32
C VAL F 387 -4.57 114.48 52.19
N SER F 388 -3.40 114.45 51.55
CA SER F 388 -3.04 113.45 50.55
C SER F 388 -2.09 112.41 51.16
N LEU F 389 -2.47 111.13 51.09
CA LEU F 389 -1.68 109.99 51.51
C LEU F 389 -1.00 109.34 50.29
N ARG F 390 0.12 108.65 50.50
CA ARG F 390 0.72 107.74 49.52
C ARG F 390 0.50 106.29 49.95
N TYR F 391 -0.02 105.47 49.05
CA TYR F 391 -0.23 104.03 49.24
C TYR F 391 0.66 103.26 48.28
N ASN F 392 1.35 102.23 48.78
CA ASN F 392 2.12 101.31 47.97
C ASN F 392 1.56 99.89 48.16
N PRO F 393 1.08 99.21 47.11
CA PRO F 393 0.47 97.90 47.25
C PRO F 393 1.46 96.82 47.70
N TYR F 394 2.74 96.98 47.34
CA TYR F 394 3.78 95.97 47.66
C TYR F 394 4.20 96.12 49.13
N LYS F 395 3.90 97.28 49.74
CA LYS F 395 4.24 97.54 51.16
C LYS F 395 3.05 97.19 52.05
N ASP F 396 1.97 96.64 51.48
CA ASP F 396 0.73 96.35 52.23
C ASP F 396 0.72 94.89 52.72
N LEU F 397 0.56 94.67 54.04
CA LEU F 397 0.63 93.33 54.63
C LEU F 397 -0.74 92.85 55.15
N ALA F 398 -1.78 93.67 55.05
CA ALA F 398 -3.14 93.29 55.39
C ALA F 398 -3.36 92.79 56.84
N GLU F 399 -2.55 93.21 57.82
CA GLU F 399 -2.65 92.69 59.19
C GLU F 399 -3.77 93.36 59.99
N ARG F 400 -4.09 94.62 59.69
CA ARG F 400 -5.13 95.42 60.38
C ARG F 400 -5.98 96.24 59.41
N ASN F 401 -6.05 95.80 58.16
CA ASN F 401 -6.88 96.40 57.12
C ASN F 401 -8.36 96.15 57.40
N LYS F 402 -9.23 97.12 57.08
CA LYS F 402 -10.66 97.10 57.40
C LYS F 402 -11.42 98.05 56.49
N CYS F 403 -12.72 97.83 56.27
CA CYS F 403 -13.51 98.61 55.32
C CYS F 403 -15.01 98.49 55.65
N TYR F 404 -15.76 99.61 55.65
CA TYR F 404 -17.19 99.64 55.92
C TYR F 404 -17.85 100.95 55.49
N PHE F 405 -19.19 100.97 55.42
CA PHE F 405 -19.98 102.16 55.11
C PHE F 405 -20.63 102.75 56.36
N VAL F 406 -20.58 104.08 56.50
CA VAL F 406 -21.26 104.85 57.55
C VAL F 406 -22.28 105.79 56.93
N ARG F 407 -23.32 106.18 57.66
CA ARG F 407 -24.41 107.05 57.19
C ARG F 407 -23.91 108.49 57.06
N SER F 408 -23.99 109.10 55.88
CA SER F 408 -23.51 110.47 55.65
C SER F 408 -24.50 111.53 56.13
N LYS F 409 -25.76 111.48 55.68
CA LYS F 409 -26.84 112.35 56.17
C LYS F 409 -27.50 111.82 57.45
N ILE F 410 -26.76 111.83 58.57
CA ILE F 410 -27.33 111.70 59.92
C ILE F 410 -26.59 112.56 60.92
N ASN F 411 -27.26 112.90 62.02
CA ASN F 411 -26.69 113.68 63.11
C ASN F 411 -25.93 112.79 64.11
N ALA F 412 -24.87 112.11 63.66
CA ALA F 412 -24.04 111.24 64.50
C ALA F 412 -22.55 111.54 64.33
N HIS F 413 -21.85 111.63 65.47
CA HIS F 413 -20.43 111.97 65.52
C HIS F 413 -19.54 110.77 65.21
N GLY F 414 -18.35 111.04 64.68
CA GLY F 414 -17.26 110.06 64.58
C GLY F 414 -17.42 109.05 63.46
N TRP F 415 -16.39 108.24 63.30
CA TRP F 415 -16.16 107.37 62.13
C TRP F 415 -16.12 105.87 62.47
N ASP F 416 -16.40 105.50 63.72
CA ASP F 416 -16.29 104.08 64.15
C ASP F 416 -17.18 103.19 63.28
N PRO F 417 -16.85 101.89 63.07
CA PRO F 417 -17.72 101.00 62.32
C PRO F 417 -19.07 100.99 63.03
N GLU F 418 -20.15 101.21 62.29
CA GLU F 418 -21.51 101.32 62.90
C GLU F 418 -22.52 100.54 62.06
N GLN F 419 -23.77 100.46 62.52
CA GLN F 419 -24.85 99.76 61.79
C GLN F 419 -24.45 98.28 61.60
N HIS F 420 -24.38 97.78 60.36
CA HIS F 420 -24.07 96.34 60.09
C HIS F 420 -22.62 96.03 60.45
N GLN F 421 -22.40 95.18 61.46
CA GLN F 421 -21.04 94.75 61.86
C GLN F 421 -20.71 93.48 61.07
N GLU F 422 -21.71 92.81 60.49
CA GLU F 422 -21.44 91.66 59.62
C GLU F 422 -20.99 92.08 58.20
N LEU F 423 -21.24 93.33 57.81
CA LEU F 423 -20.82 93.89 56.52
C LEU F 423 -19.39 94.44 56.55
N ILE F 424 -18.76 94.57 57.72
CA ILE F 424 -17.36 94.97 57.82
C ILE F 424 -16.49 93.95 57.08
N ASN F 425 -15.62 94.44 56.18
CA ASN F 425 -14.67 93.59 55.38
C ASN F 425 -13.25 93.83 55.93
N SER F 426 -12.52 92.78 56.33
CA SER F 426 -11.25 92.89 57.05
C SER F 426 -10.17 91.96 56.51
N ASP F 427 -8.91 92.28 56.80
CA ASP F 427 -7.74 91.39 56.68
C ASP F 427 -7.41 90.92 55.25
N LEU F 428 -7.58 91.78 54.25
CA LEU F 428 -7.07 91.61 52.88
C LEU F 428 -6.35 92.89 52.46
N PRO F 429 -5.37 92.84 51.54
CA PRO F 429 -4.71 94.05 51.08
C PRO F 429 -5.73 94.99 50.41
N GLN F 430 -5.63 96.31 50.61
CA GLN F 430 -6.65 97.31 50.16
C GLN F 430 -7.12 97.17 48.69
N TRP F 431 -6.25 96.78 47.77
CA TRP F 431 -6.62 96.55 46.38
C TRP F 431 -7.52 95.31 46.20
N LEU F 432 -7.42 94.32 47.08
CA LEU F 432 -8.33 93.18 47.13
C LEU F 432 -9.54 93.44 48.02
N LEU F 433 -9.35 94.12 49.15
CA LEU F 433 -10.41 94.42 50.10
C LEU F 433 -11.51 95.32 49.52
N LEU F 434 -11.14 96.31 48.71
CA LEU F 434 -12.10 97.25 48.11
C LEU F 434 -12.76 96.68 46.85
N PHE F 435 -12.17 95.70 46.16
CA PHE F 435 -12.64 95.26 44.84
C PHE F 435 -14.05 94.67 44.92
N GLY F 436 -15.03 95.29 44.26
CA GLY F 436 -16.42 94.84 44.25
C GLY F 436 -17.15 94.98 45.59
N TYR F 437 -16.53 95.50 46.65
CA TYR F 437 -17.17 95.62 47.96
C TYR F 437 -18.37 96.57 47.95
N PRO F 438 -18.32 97.78 47.34
CA PRO F 438 -19.50 98.62 47.18
C PRO F 438 -20.66 97.94 46.45
N ASP F 439 -20.39 97.15 45.42
CA ASP F 439 -21.44 96.43 44.70
C ASP F 439 -22.02 95.28 45.51
N TYR F 440 -21.21 94.55 46.28
CA TYR F 440 -21.74 93.58 47.24
C TYR F 440 -22.71 94.25 48.21
N ILE F 441 -22.34 95.43 48.73
CA ILE F 441 -23.18 96.18 49.66
C ILE F 441 -24.48 96.66 48.99
N LYS F 442 -24.41 97.23 47.78
CA LYS F 442 -25.60 97.61 47.00
C LYS F 442 -26.52 96.41 46.74
N ARG F 443 -25.97 95.29 46.29
CA ARG F 443 -26.78 94.07 45.96
C ARG F 443 -27.36 93.48 47.27
N THR F 444 -26.66 93.62 48.39
CA THR F 444 -27.17 93.18 49.70
C THR F 444 -28.40 93.98 50.15
N GLN F 445 -28.51 95.26 49.75
CA GLN F 445 -29.72 96.09 50.02
C GLN F 445 -30.00 96.31 51.53
N ASN F 446 -29.00 96.10 52.40
CA ASN F 446 -29.14 96.37 53.84
C ASN F 446 -28.94 97.85 54.21
N PHE F 447 -28.65 98.72 53.23
CA PHE F 447 -28.53 100.16 53.40
C PHE F 447 -29.47 100.90 52.43
N ALA F 448 -29.88 102.12 52.79
CA ALA F 448 -30.65 102.97 51.89
C ALA F 448 -29.82 103.26 50.62
N LEU F 449 -30.40 102.98 49.45
CA LEU F 449 -29.63 102.63 48.26
C LEU F 449 -28.76 103.77 47.68
N VAL F 450 -29.12 105.03 47.95
CA VAL F 450 -28.55 106.17 47.24
C VAL F 450 -27.11 106.51 47.68
N ASP F 451 -26.22 106.73 46.71
CA ASP F 451 -24.78 107.00 47.00
C ASP F 451 -24.59 108.23 47.90
N THR F 452 -25.53 109.17 47.86
CA THR F 452 -25.40 110.41 48.63
C THR F 452 -25.60 110.25 50.14
N ASN F 453 -26.15 109.11 50.58
CA ASN F 453 -26.56 108.93 51.97
C ASN F 453 -25.56 108.10 52.80
N TYR F 454 -24.46 107.64 52.20
CA TYR F 454 -23.41 106.88 52.87
C TYR F 454 -22.02 107.37 52.47
N ILE F 455 -21.05 107.08 53.31
CA ILE F 455 -19.61 107.24 53.05
C ILE F 455 -18.95 105.90 53.27
N LEU F 456 -17.97 105.58 52.43
CA LEU F 456 -17.03 104.48 52.61
C LEU F 456 -15.83 104.96 53.43
N VAL F 457 -15.49 104.19 54.45
CA VAL F 457 -14.44 104.44 55.44
C VAL F 457 -13.54 103.20 55.50
N ASP F 458 -12.22 103.36 55.50
CA ASP F 458 -11.31 102.21 55.60
C ASP F 458 -10.08 102.49 56.48
N HIS F 459 -9.59 101.46 57.15
CA HIS F 459 -8.38 101.50 57.95
C HIS F 459 -7.25 100.78 57.21
N CYS F 460 -6.06 101.38 57.17
CA CYS F 460 -4.89 100.80 56.54
C CYS F 460 -3.63 101.34 57.22
N PRO F 461 -2.89 100.52 57.98
CA PRO F 461 -1.60 100.90 58.57
C PRO F 461 -0.51 101.33 57.58
N TYR F 462 -0.66 101.00 56.30
CA TYR F 462 0.46 100.89 55.36
C TYR F 462 0.64 102.09 54.42
N THR F 463 -0.18 103.14 54.54
CA THR F 463 0.18 104.43 53.93
C THR F 463 1.35 105.06 54.67
N ASN F 464 2.21 105.82 53.97
CA ASN F 464 3.42 106.37 54.57
C ASN F 464 3.13 107.48 55.59
N PRO F 465 2.39 108.54 55.25
CA PRO F 465 1.59 109.28 56.24
C PRO F 465 0.37 108.45 56.62
N GLU F 466 -0.32 108.81 57.71
CA GLU F 466 -1.50 108.07 58.17
C GLU F 466 -2.62 109.01 58.65
N LYS F 467 -3.84 108.49 58.63
CA LYS F 467 -5.01 108.96 59.37
C LYS F 467 -5.75 107.73 59.89
N THR F 468 -6.35 107.80 61.07
CA THR F 468 -6.84 106.60 61.78
C THR F 468 -7.83 105.81 60.92
N PRO F 469 -9.00 106.35 60.53
CA PRO F 469 -9.65 105.95 59.30
C PRO F 469 -9.23 106.86 58.13
N PHE F 470 -9.53 106.37 56.92
CA PHE F 470 -9.38 107.18 55.69
C PHE F 470 -10.77 107.44 55.16
N ILE F 471 -11.03 108.61 54.58
CA ILE F 471 -12.34 108.88 53.92
C ILE F 471 -11.97 109.17 52.46
N PRO F 472 -11.61 108.17 51.63
CA PRO F 472 -11.12 108.45 50.29
C PRO F 472 -12.01 109.44 49.55
N LEU F 473 -11.43 110.38 48.80
CA LEU F 473 -12.16 111.32 47.95
C LEU F 473 -11.53 111.36 46.57
N SER F 474 -12.37 111.39 45.53
CA SER F 474 -11.87 111.42 44.15
C SER F 474 -11.26 112.76 43.80
N THR F 475 -10.27 112.75 42.91
CA THR F 475 -9.63 113.96 42.38
C THR F 475 -10.66 114.94 41.83
N SER F 476 -11.77 114.47 41.24
CA SER F 476 -12.87 115.32 40.78
C SER F 476 -13.51 116.15 41.92
N PHE F 477 -13.79 115.56 43.08
CA PHE F 477 -14.32 116.29 44.23
C PHE F 477 -13.29 117.21 44.90
N ILE F 478 -12.02 116.78 44.92
CA ILE F 478 -10.88 117.60 45.36
C ILE F 478 -10.58 118.75 44.39
N GLU F 479 -11.07 118.71 43.16
CA GLU F 479 -10.93 119.73 42.12
C GLU F 479 -12.26 120.45 41.78
N GLY F 480 -13.34 120.21 42.53
CA GLY F 480 -14.60 120.92 42.28
C GLY F 480 -15.29 120.56 40.96
N ARG F 481 -15.51 119.27 40.73
CA ARG F 481 -16.11 118.78 39.45
C ARG F 481 -16.99 117.55 39.69
N SER F 482 -17.97 117.29 38.81
CA SER F 482 -18.90 116.17 38.96
C SER F 482 -18.19 114.79 38.90
N PRO F 483 -18.74 113.73 39.53
CA PRO F 483 -18.05 112.45 39.78
C PRO F 483 -17.32 111.82 38.58
N TYR F 484 -17.89 111.92 37.37
CA TYR F 484 -17.30 111.42 36.12
C TYR F 484 -17.32 112.49 35.01
N SER F 485 -16.98 113.74 35.34
CA SER F 485 -16.96 114.86 34.40
C SER F 485 -15.54 115.20 33.94
N PRO F 486 -15.32 115.52 32.65
CA PRO F 486 -13.98 115.76 32.10
C PRO F 486 -13.29 116.97 32.73
N SER F 487 -11.98 116.87 32.91
CA SER F 487 -11.14 117.83 33.64
C SER F 487 -11.16 119.27 33.09
N ASP F 488 -11.63 119.49 31.87
CA ASP F 488 -11.77 120.87 31.31
C ASP F 488 -12.81 121.66 32.12
N THR F 489 -13.72 120.95 32.78
CA THR F 489 -14.76 121.54 33.62
C THR F 489 -14.20 121.97 34.98
N HIS F 490 -14.65 123.11 35.53
CA HIS F 490 -14.17 123.65 36.84
C HIS F 490 -15.36 123.96 37.76
N GLU F 491 -16.52 123.33 37.56
CA GLU F 491 -17.70 123.44 38.41
C GLU F 491 -18.50 122.13 38.36
N PRO F 492 -19.21 121.74 39.43
CA PRO F 492 -20.23 120.70 39.33
C PRO F 492 -21.36 121.09 38.37
N ASP F 493 -22.01 120.10 37.76
CA ASP F 493 -23.32 120.26 37.09
C ASP F 493 -24.43 120.51 38.14
N GLU F 494 -25.55 121.14 37.79
CA GLU F 494 -26.52 121.67 38.77
C GLU F 494 -26.95 120.69 39.87
N GLU F 495 -27.19 119.42 39.53
CA GLU F 495 -27.56 118.40 40.51
C GLU F 495 -26.42 118.01 41.46
N ASP F 496 -25.16 118.17 41.04
CA ASP F 496 -23.97 118.06 41.90
C ASP F 496 -23.55 119.42 42.50
N GLN F 497 -24.06 120.56 42.01
CA GLN F 497 -23.91 121.84 42.72
C GLN F 497 -24.73 121.82 44.01
N ASN F 498 -25.92 121.22 43.95
CA ASN F 498 -26.62 120.70 45.12
C ASN F 498 -25.92 119.43 45.65
N ARG F 499 -26.15 119.18 46.95
CA ARG F 499 -25.60 117.98 47.65
C ARG F 499 -24.07 117.94 47.49
N TRP F 500 -23.39 119.10 47.49
CA TRP F 500 -21.90 119.17 47.34
C TRP F 500 -21.22 118.90 48.70
N TYR F 501 -21.28 117.65 49.16
CA TYR F 501 -20.71 117.24 50.45
C TYR F 501 -20.17 115.80 50.38
N PRO F 502 -19.27 115.39 51.28
CA PRO F 502 -18.72 114.03 51.31
C PRO F 502 -19.77 112.92 51.29
N CYS F 503 -19.75 112.08 50.27
CA CYS F 503 -20.57 110.87 50.14
C CYS F 503 -19.97 109.93 49.09
N TYR F 504 -20.40 108.67 49.10
CA TYR F 504 -19.85 107.60 48.27
C TYR F 504 -19.82 107.95 46.77
N GLN F 505 -20.75 108.75 46.28
CA GLN F 505 -20.79 109.18 44.85
C GLN F 505 -19.47 109.91 44.47
N TYR F 506 -18.89 110.68 45.37
CA TYR F 506 -17.63 111.36 45.13
C TYR F 506 -16.40 110.51 45.47
N GLN F 507 -16.55 109.37 46.13
CA GLN F 507 -15.44 108.48 46.48
C GLN F 507 -15.09 107.46 45.39
N GLN F 508 -16.00 107.21 44.44
CA GLN F 508 -15.92 106.07 43.52
C GLN F 508 -14.61 105.97 42.74
N GLU F 509 -14.13 107.05 42.15
CA GLU F 509 -12.89 107.03 41.36
C GLU F 509 -11.67 106.77 42.24
N SER F 510 -11.65 107.24 43.48
CA SER F 510 -10.53 106.98 44.40
C SER F 510 -10.40 105.50 44.76
N ILE F 511 -11.50 104.80 45.08
CA ILE F 511 -11.41 103.37 45.39
C ILE F 511 -11.18 102.53 44.15
N ASN F 512 -11.65 102.96 42.97
CA ASN F 512 -11.25 102.33 41.73
C ASN F 512 -9.74 102.48 41.51
N SER F 513 -9.17 103.66 41.77
CA SER F 513 -7.74 103.92 41.66
C SER F 513 -6.90 103.04 42.61
N ILE F 514 -7.38 102.81 43.84
CA ILE F 514 -6.76 101.85 44.77
C ILE F 514 -6.84 100.43 44.22
N CYS F 515 -7.98 100.00 43.68
CA CYS F 515 -8.10 98.68 43.04
C CYS F 515 -7.19 98.52 41.82
N LEU F 516 -7.04 99.55 41.00
CA LEU F 516 -6.10 99.59 39.88
C LEU F 516 -4.63 99.47 40.31
N SER F 517 -4.29 99.77 41.56
CA SER F 517 -2.95 99.50 42.05
C SER F 517 -2.68 97.99 42.22
N GLY F 518 -3.72 97.16 42.31
CA GLY F 518 -3.58 95.71 42.42
C GLY F 518 -3.22 95.01 41.11
N PRO F 519 -2.66 93.79 41.19
CA PRO F 519 -2.22 93.05 40.02
C PRO F 519 -3.37 92.56 39.13
N GLY F 520 -3.06 92.30 37.87
CA GLY F 520 -3.96 91.80 36.83
C GLY F 520 -4.91 92.83 36.24
N THR F 521 -5.05 94.02 36.84
CA THR F 521 -5.98 95.05 36.38
C THR F 521 -5.52 95.64 35.03
N PRO F 522 -6.40 95.70 34.01
CA PRO F 522 -6.00 96.07 32.66
C PRO F 522 -5.67 97.56 32.46
N LYS F 523 -4.92 97.85 31.40
CA LYS F 523 -4.65 99.19 30.87
C LYS F 523 -5.59 99.45 29.69
N ILE F 524 -6.48 100.43 29.80
CA ILE F 524 -7.41 100.80 28.71
C ILE F 524 -7.20 102.28 28.39
N PRO F 525 -6.83 102.66 27.16
CA PRO F 525 -6.67 104.07 26.78
C PRO F 525 -7.95 104.89 27.02
N LYS F 526 -7.81 106.14 27.46
CA LYS F 526 -8.97 107.02 27.69
C LYS F 526 -9.75 107.22 26.40
N GLY F 527 -11.07 107.13 26.49
CA GLY F 527 -11.99 107.18 25.35
C GLY F 527 -12.22 105.85 24.63
N ILE F 528 -11.55 104.75 25.03
CA ILE F 528 -11.80 103.40 24.51
C ILE F 528 -12.63 102.62 25.54
N THR F 529 -13.65 101.91 25.09
CA THR F 529 -14.42 100.97 25.90
C THR F 529 -14.06 99.56 25.47
N ALA F 530 -13.55 98.77 26.41
CA ALA F 530 -13.32 97.35 26.18
C ALA F 530 -14.61 96.57 26.43
N GLU F 531 -14.83 95.49 25.70
CA GLU F 531 -16.08 94.71 25.71
C GLU F 531 -15.76 93.22 25.64
N ALA F 532 -16.63 92.37 26.16
CA ALA F 532 -16.56 90.93 25.95
C ALA F 532 -17.95 90.36 25.74
N LYS F 533 -18.06 89.29 24.95
CA LYS F 533 -19.32 88.62 24.66
C LYS F 533 -19.19 87.11 24.64
N VAL F 534 -20.27 86.42 24.96
CA VAL F 534 -20.45 84.98 24.79
C VAL F 534 -21.62 84.75 23.85
N LYS F 535 -21.56 83.72 23.02
CA LYS F 535 -22.73 83.19 22.32
C LYS F 535 -23.23 81.97 23.07
N TYR F 536 -24.49 81.95 23.43
CA TYR F 536 -25.11 80.85 24.16
C TYR F 536 -26.07 80.07 23.29
N SER F 537 -26.29 78.81 23.65
CA SER F 537 -27.34 77.96 23.12
C SER F 537 -27.88 77.09 24.23
N PHE F 538 -29.03 77.44 24.81
CA PHE F 538 -29.72 76.63 25.81
C PHE F 538 -30.61 75.61 25.12
N ASN F 539 -30.54 74.35 25.52
CA ASN F 539 -31.28 73.27 24.89
C ASN F 539 -32.51 72.91 25.74
N PHE F 540 -33.69 73.03 25.17
CA PHE F 540 -34.96 72.70 25.77
C PHE F 540 -35.75 71.76 24.87
N LYS F 541 -36.71 71.06 25.46
CA LYS F 541 -37.83 70.47 24.74
C LYS F 541 -39.11 71.04 25.31
N TRP F 542 -40.11 71.27 24.48
CA TRP F 542 -41.45 71.66 24.89
C TRP F 542 -42.39 70.47 24.73
N GLY F 543 -43.25 70.22 25.70
CA GLY F 543 -44.12 69.04 25.73
C GLY F 543 -45.57 69.41 25.91
N GLY F 544 -46.47 68.65 25.30
CA GLY F 544 -47.91 68.86 25.46
C GLY F 544 -48.76 67.91 24.63
N ASP F 545 -50.07 68.02 24.80
CA ASP F 545 -51.04 67.50 23.84
C ASP F 545 -51.02 68.33 22.54
N LEU F 546 -51.47 67.74 21.44
CA LEU F 546 -51.39 68.35 20.11
C LEU F 546 -52.15 69.70 20.06
N PRO F 547 -51.53 70.78 19.56
CA PRO F 547 -52.14 72.09 19.48
C PRO F 547 -53.04 72.27 18.23
N PRO F 548 -53.91 73.30 18.21
CA PRO F 548 -54.65 73.72 17.02
C PRO F 548 -53.78 74.49 16.00
N MET F 549 -54.31 74.71 14.78
CA MET F 549 -53.60 75.37 13.67
C MET F 549 -54.60 76.05 12.69
N SER F 550 -54.14 76.98 11.85
CA SER F 550 -54.97 77.70 10.86
C SER F 550 -54.30 77.84 9.48
N THR F 551 -55.08 78.19 8.46
CA THR F 551 -54.69 78.13 7.03
C THR F 551 -55.10 79.37 6.25
N ILE F 552 -54.50 79.57 5.08
CA ILE F 552 -54.62 80.76 4.22
C ILE F 552 -55.25 80.39 2.87
N THR F 553 -56.06 81.27 2.27
CA THR F 553 -56.67 81.01 0.96
C THR F 553 -55.62 80.76 -0.12
N ASN F 554 -55.86 79.86 -1.06
CA ASN F 554 -54.95 79.64 -2.19
C ASN F 554 -54.90 80.81 -3.19
N PRO F 555 -56.03 81.43 -3.62
CA PRO F 555 -55.99 82.46 -4.65
C PRO F 555 -55.25 83.72 -4.20
N THR F 556 -55.47 84.19 -2.97
CA THR F 556 -54.75 85.36 -2.43
C THR F 556 -53.55 84.85 -1.63
N ASP F 557 -52.48 84.46 -2.32
CA ASP F 557 -51.28 83.88 -1.66
C ASP F 557 -50.02 84.31 -2.42
N GLN F 558 -48.84 83.94 -1.95
CA GLN F 558 -47.56 84.31 -2.62
C GLN F 558 -47.74 84.10 -4.13
N PRO F 559 -47.73 85.16 -4.97
CA PRO F 559 -47.98 85.00 -6.40
C PRO F 559 -46.73 84.62 -7.16
N THR F 560 -46.87 83.76 -8.18
CA THR F 560 -45.73 83.39 -9.02
C THR F 560 -45.22 84.60 -9.79
N TYR F 561 -43.93 84.64 -10.15
CA TYR F 561 -43.33 85.77 -10.88
C TYR F 561 -44.10 86.12 -12.18
N VAL F 562 -44.74 85.12 -12.81
CA VAL F 562 -45.60 85.27 -13.99
C VAL F 562 -46.77 86.24 -13.70
N LYS G 48 -19.62 -57.01 43.34
CA LYS G 48 -20.75 -57.83 42.83
C LYS G 48 -20.30 -59.23 42.43
N ARG G 49 -19.51 -59.37 41.35
CA ARG G 49 -18.90 -60.63 40.93
C ARG G 49 -17.45 -60.42 40.48
N LEU G 50 -16.59 -61.37 40.77
CA LEU G 50 -15.16 -61.31 40.50
C LEU G 50 -14.71 -62.48 39.61
N ASN G 51 -13.69 -62.26 38.79
CA ASN G 51 -13.00 -63.34 38.11
C ASN G 51 -12.28 -64.23 39.14
N ILE G 52 -12.37 -65.54 38.99
CA ILE G 52 -11.52 -66.47 39.74
C ILE G 52 -10.10 -66.39 39.17
N VAL G 53 -9.11 -66.30 40.06
CA VAL G 53 -7.69 -66.12 39.74
C VAL G 53 -6.89 -67.21 40.42
N GLU G 54 -5.84 -67.68 39.76
CA GLU G 54 -4.89 -68.66 40.29
C GLU G 54 -3.49 -68.06 40.29
N TRP G 55 -2.66 -68.41 41.27
CA TRP G 55 -1.27 -68.00 41.32
C TRP G 55 -0.39 -69.05 40.67
N GLN G 56 0.35 -68.59 39.66
CA GLN G 56 1.18 -69.50 38.82
C GLN G 56 2.28 -70.17 39.67
N PRO G 57 2.56 -71.45 39.42
CA PRO G 57 3.56 -72.19 40.18
C PRO G 57 4.99 -71.72 39.89
N LYS G 58 5.91 -72.03 40.81
CA LYS G 58 7.26 -71.47 40.85
C LYS G 58 8.11 -71.79 39.62
N SER G 59 8.02 -73.01 39.10
CA SER G 59 8.67 -73.42 37.85
C SER G 59 7.71 -74.14 36.92
N ILE G 60 7.79 -73.84 35.62
CA ILE G 60 6.88 -74.34 34.58
C ILE G 60 7.69 -74.86 33.39
N ARG G 61 7.29 -76.01 32.83
CA ARG G 61 7.98 -76.61 31.66
C ARG G 61 7.00 -77.15 30.60
N LYS G 62 6.87 -76.49 29.44
CA LYS G 62 6.03 -76.96 28.33
C LYS G 62 6.46 -78.33 27.84
N CYS G 63 5.51 -79.22 27.56
CA CYS G 63 5.74 -80.54 27.00
C CYS G 63 4.68 -80.88 25.96
N ARG G 64 5.14 -81.15 24.72
CA ARG G 64 4.24 -81.63 23.63
C ARG G 64 4.39 -83.15 23.50
N ILE G 65 3.40 -83.92 23.95
CA ILE G 65 3.42 -85.38 23.80
C ILE G 65 3.06 -85.68 22.35
N LYS G 66 4.06 -86.02 21.53
CA LYS G 66 3.95 -86.19 20.08
C LYS G 66 4.05 -87.66 19.70
N GLY G 67 3.18 -88.14 18.83
CA GLY G 67 3.21 -89.55 18.41
C GLY G 67 2.24 -89.88 17.30
N MET G 68 2.13 -91.16 17.00
CA MET G 68 1.32 -91.70 15.91
C MET G 68 0.30 -92.71 16.46
N LEU G 69 -0.96 -92.61 16.06
CA LEU G 69 -2.05 -93.49 16.51
C LEU G 69 -2.67 -94.20 15.31
N CYS G 70 -2.79 -95.52 15.37
CA CYS G 70 -3.53 -96.30 14.38
C CYS G 70 -5.04 -96.17 14.60
N LEU G 71 -5.78 -95.69 13.60
CA LEU G 71 -7.24 -95.49 13.70
C LEU G 71 -7.99 -96.79 13.44
N PHE G 72 -7.59 -97.55 12.43
CA PHE G 72 -8.06 -98.91 12.19
C PHE G 72 -6.99 -99.65 11.37
N GLN G 73 -7.03 -100.96 11.40
CA GLN G 73 -6.40 -101.79 10.37
C GLN G 73 -7.31 -102.97 10.11
N THR G 74 -7.76 -103.12 8.86
CA THR G 74 -8.93 -103.94 8.50
C THR G 74 -8.72 -104.73 7.23
N THR G 75 -9.29 -105.93 7.20
CA THR G 75 -9.62 -106.68 5.98
C THR G 75 -11.11 -106.51 5.68
N GLU G 76 -11.60 -106.99 4.54
CA GLU G 76 -13.02 -106.91 4.17
C GLU G 76 -13.94 -107.68 5.15
N ASP G 77 -13.49 -108.82 5.65
CA ASP G 77 -14.24 -109.69 6.58
C ASP G 77 -14.26 -109.18 8.03
N ARG G 78 -13.64 -108.03 8.31
CA ARG G 78 -13.65 -107.36 9.61
C ARG G 78 -14.19 -105.93 9.58
N LEU G 79 -14.74 -105.46 8.46
CA LEU G 79 -15.16 -104.06 8.31
C LEU G 79 -16.23 -103.62 9.31
N SER G 80 -17.17 -104.48 9.66
CA SER G 80 -18.26 -104.15 10.58
C SER G 80 -17.90 -104.24 12.07
N TYR G 81 -16.64 -104.52 12.42
CA TYR G 81 -16.19 -104.70 13.81
C TYR G 81 -15.26 -103.60 14.28
N ASN G 82 -15.27 -103.34 15.58
CA ASN G 82 -14.43 -102.36 16.25
C ASN G 82 -12.97 -102.84 16.33
N PHE G 83 -12.02 -102.05 15.83
CA PHE G 83 -10.59 -102.27 15.98
C PHE G 83 -10.10 -101.85 17.37
N ASP G 84 -9.65 -102.84 18.14
CA ASP G 84 -8.80 -102.63 19.31
C ASP G 84 -7.38 -103.10 18.98
N MET G 85 -6.39 -102.24 19.21
CA MET G 85 -4.98 -102.59 18.96
C MET G 85 -4.43 -103.56 20.02
N TYR G 86 -5.00 -103.52 21.22
CA TYR G 86 -4.68 -104.40 22.34
C TYR G 86 -5.87 -105.35 22.55
N GLU G 87 -5.65 -106.61 22.19
CA GLU G 87 -6.67 -107.53 21.72
C GLU G 87 -7.36 -108.41 22.76
N GLU G 88 -8.53 -108.95 22.40
CA GLU G 88 -9.01 -110.21 22.94
C GLU G 88 -8.17 -111.29 22.23
N SER G 89 -7.35 -112.04 22.97
CA SER G 89 -6.15 -112.74 22.47
C SER G 89 -6.33 -113.69 21.28
N ILE G 90 -7.56 -114.13 21.00
CA ILE G 90 -7.90 -114.93 19.82
C ILE G 90 -8.01 -114.10 18.52
N ILE G 91 -8.42 -112.83 18.60
CA ILE G 91 -8.69 -112.00 17.41
C ILE G 91 -7.47 -111.90 16.46
N PRO G 92 -6.25 -111.55 16.90
CA PRO G 92 -5.13 -111.45 15.97
C PRO G 92 -4.60 -112.80 15.48
N GLU G 93 -5.02 -113.94 16.04
CA GLU G 93 -4.60 -115.25 15.54
C GLU G 93 -5.20 -115.52 14.16
N LYS G 94 -4.36 -115.46 13.12
CA LYS G 94 -4.73 -115.61 11.72
C LYS G 94 -5.72 -114.53 11.20
N LEU G 95 -5.74 -113.34 11.81
CA LEU G 95 -6.31 -112.12 11.20
C LEU G 95 -5.28 -110.98 11.16
N PRO G 96 -4.94 -110.43 9.99
CA PRO G 96 -3.97 -109.33 9.88
C PRO G 96 -4.56 -107.96 10.24
N GLY G 97 -5.89 -107.81 10.28
CA GLY G 97 -6.56 -106.60 10.74
C GLY G 97 -7.86 -106.91 11.48
N GLY G 98 -8.07 -106.32 12.66
CA GLY G 98 -9.13 -106.71 13.58
C GLY G 98 -10.47 -106.00 13.40
N GLY G 99 -10.53 -104.86 12.72
CA GLY G 99 -11.77 -104.09 12.64
C GLY G 99 -11.69 -102.87 11.72
N GLY G 100 -12.81 -102.49 11.11
CA GLY G 100 -12.89 -101.39 10.14
C GLY G 100 -13.39 -100.07 10.69
N PHE G 101 -13.73 -100.00 11.97
CA PHE G 101 -14.01 -98.75 12.67
C PHE G 101 -13.37 -98.79 14.04
N SER G 102 -13.14 -97.66 14.68
CA SER G 102 -12.78 -97.65 16.10
C SER G 102 -13.39 -96.47 16.82
N ILE G 103 -13.55 -96.63 18.13
CA ILE G 103 -13.69 -95.52 19.07
C ILE G 103 -12.47 -95.52 19.97
N LYS G 104 -11.69 -94.44 19.94
CA LYS G 104 -10.50 -94.22 20.76
C LYS G 104 -10.83 -93.20 21.84
N ASN G 105 -10.52 -93.49 23.10
CA ASN G 105 -10.45 -92.48 24.17
C ASN G 105 -8.99 -92.25 24.53
N ILE G 106 -8.55 -90.99 24.54
CA ILE G 106 -7.19 -90.62 24.90
C ILE G 106 -7.18 -89.93 26.27
N SER G 107 -6.31 -90.39 27.16
CA SER G 107 -6.06 -89.79 28.47
C SER G 107 -4.56 -89.72 28.69
N LEU G 108 -4.10 -88.87 29.61
CA LEU G 108 -2.68 -88.74 29.94
C LEU G 108 -2.07 -90.08 30.39
N TYR G 109 -2.82 -90.95 31.05
CA TYR G 109 -2.36 -92.29 31.35
C TYR G 109 -2.26 -93.19 30.11
N ALA G 110 -3.21 -93.11 29.17
CA ALA G 110 -3.08 -93.80 27.90
C ALA G 110 -1.90 -93.28 27.07
N LEU G 111 -1.60 -91.98 27.10
CA LEU G 111 -0.40 -91.42 26.49
C LEU G 111 0.88 -91.96 27.14
N TYR G 112 0.92 -92.10 28.46
CA TYR G 112 2.02 -92.77 29.14
C TYR G 112 2.13 -94.25 28.75
N GLN G 113 1.03 -94.99 28.62
CA GLN G 113 1.07 -96.36 28.13
C GLN G 113 1.59 -96.47 26.69
N GLU G 114 1.22 -95.55 25.81
CA GLU G 114 1.79 -95.48 24.46
C GLU G 114 3.29 -95.15 24.47
N HIS G 115 3.79 -94.48 25.51
CA HIS G 115 5.24 -94.21 25.67
C HIS G 115 5.97 -95.50 26.06
N ILE G 116 5.32 -96.39 26.80
CA ILE G 116 5.89 -97.71 27.12
C ILE G 116 5.99 -98.60 25.88
N HIS G 117 5.07 -98.47 24.92
CA HIS G 117 5.18 -99.10 23.60
C HIS G 117 6.12 -98.36 22.63
N ALA G 118 6.77 -97.29 23.07
CA ALA G 118 7.60 -96.40 22.24
C ALA G 118 6.85 -95.75 21.07
N HIS G 119 5.53 -95.60 21.16
CA HIS G 119 4.71 -95.00 20.11
C HIS G 119 4.69 -93.46 20.15
N ASN G 120 5.19 -92.84 21.22
CA ASN G 120 5.29 -91.39 21.33
C ASN G 120 6.55 -90.94 22.06
N ILE G 121 6.84 -89.65 21.95
CA ILE G 121 7.85 -88.95 22.72
C ILE G 121 7.17 -87.94 23.64
N PHE G 122 7.73 -87.69 24.81
CA PHE G 122 7.41 -86.54 25.65
C PHE G 122 8.54 -85.52 25.46
N THR G 123 8.21 -84.32 24.98
CA THR G 123 9.21 -83.28 24.70
C THR G 123 9.95 -82.80 25.95
N HIS G 124 9.31 -82.97 27.11
CA HIS G 124 9.94 -82.68 28.42
C HIS G 124 9.43 -83.72 29.40
N THR G 125 10.28 -84.28 30.25
CA THR G 125 9.87 -85.18 31.32
C THR G 125 9.04 -84.46 32.38
N ASN G 126 8.28 -85.24 33.15
CA ASN G 126 7.38 -84.78 34.19
C ASN G 126 7.77 -85.29 35.60
N THR G 127 8.99 -85.82 35.77
CA THR G 127 9.32 -86.66 36.95
C THR G 127 9.23 -85.93 38.28
N ASP G 128 9.55 -84.64 38.32
CA ASP G 128 9.66 -83.86 39.55
C ASP G 128 8.78 -82.60 39.55
N ARG G 129 7.81 -82.54 38.64
CA ARG G 129 6.81 -81.43 38.56
C ARG G 129 5.44 -82.13 38.59
N PRO G 130 4.71 -82.16 39.72
CA PRO G 130 3.50 -82.98 39.87
C PRO G 130 2.23 -82.34 39.32
N LEU G 131 2.23 -81.03 39.07
CA LEU G 131 1.09 -80.32 38.47
C LEU G 131 1.10 -80.44 36.95
N ALA G 132 -0.07 -80.42 36.34
CA ALA G 132 -0.27 -80.39 34.91
C ALA G 132 -1.30 -79.33 34.51
N ARG G 133 -1.09 -78.71 33.34
CA ARG G 133 -2.01 -77.70 32.76
C ARG G 133 -2.22 -78.04 31.28
N TYR G 134 -3.23 -78.85 30.94
CA TYR G 134 -3.54 -79.26 29.58
C TYR G 134 -4.12 -78.10 28.76
N THR G 135 -3.59 -77.87 27.55
CA THR G 135 -3.92 -76.69 26.73
C THR G 135 -4.68 -77.06 25.44
N GLY G 136 -4.78 -78.34 25.11
CA GLY G 136 -5.45 -78.81 23.89
C GLY G 136 -4.56 -79.70 23.03
N CYS G 137 -5.07 -80.10 21.89
CA CYS G 137 -4.45 -81.08 21.01
C CYS G 137 -4.38 -80.57 19.56
N SER G 138 -3.35 -80.95 18.83
CA SER G 138 -3.32 -80.90 17.36
C SER G 138 -3.35 -82.31 16.80
N LEU G 139 -4.23 -82.58 15.84
CA LEU G 139 -4.25 -83.81 15.08
C LEU G 139 -3.91 -83.54 13.62
N LYS G 140 -3.07 -84.39 13.00
CA LYS G 140 -2.87 -84.48 11.56
C LYS G 140 -3.35 -85.84 11.09
N PHE G 141 -4.41 -85.88 10.31
CA PHE G 141 -4.98 -87.09 9.74
C PHE G 141 -4.39 -87.31 8.36
N TYR G 142 -3.74 -88.44 8.12
CA TYR G 142 -3.09 -88.71 6.84
C TYR G 142 -4.00 -89.43 5.87
N GLN G 143 -3.94 -89.06 4.58
CA GLN G 143 -4.53 -89.86 3.53
C GLN G 143 -3.88 -91.25 3.50
N SER G 144 -4.68 -92.30 3.61
CA SER G 144 -4.19 -93.65 3.33
C SER G 144 -3.96 -93.84 1.83
N LYS G 145 -3.16 -94.82 1.46
CA LYS G 145 -2.94 -95.15 0.04
C LYS G 145 -4.22 -95.66 -0.63
N ASP G 146 -4.86 -96.67 -0.04
CA ASP G 146 -5.89 -97.48 -0.69
C ASP G 146 -7.33 -97.26 -0.20
N ILE G 147 -7.52 -96.65 0.99
CA ILE G 147 -8.89 -96.56 1.60
C ILE G 147 -9.21 -95.13 2.06
N ASP G 148 -10.47 -94.71 1.89
CA ASP G 148 -10.93 -93.39 2.39
C ASP G 148 -11.37 -93.62 3.83
N TYR G 149 -11.69 -92.57 4.59
CA TYR G 149 -12.23 -92.81 5.96
C TYR G 149 -12.83 -91.55 6.55
N VAL G 150 -13.91 -91.69 7.29
CA VAL G 150 -14.59 -90.60 7.99
C VAL G 150 -14.09 -90.57 9.42
N VAL G 151 -13.79 -89.40 9.95
CA VAL G 151 -13.50 -89.18 11.36
C VAL G 151 -14.55 -88.23 11.94
N THR G 152 -14.95 -88.44 13.18
CA THR G 152 -15.51 -87.39 14.01
C THR G 152 -14.99 -87.54 15.43
N TYR G 153 -14.87 -86.44 16.16
CA TYR G 153 -14.29 -86.44 17.49
C TYR G 153 -15.16 -85.64 18.44
N SER G 154 -15.01 -85.91 19.73
CA SER G 154 -15.75 -85.24 20.78
C SER G 154 -14.85 -84.99 21.98
N THR G 155 -15.22 -84.01 22.83
CA THR G 155 -14.47 -83.73 24.08
C THR G 155 -15.44 -83.49 25.23
N SER G 156 -16.68 -83.97 25.12
CA SER G 156 -17.61 -83.91 26.27
C SER G 156 -16.96 -84.73 27.39
N LEU G 157 -16.50 -84.09 28.47
CA LEU G 157 -15.77 -84.82 29.55
C LEU G 157 -16.54 -86.09 29.92
N PRO G 158 -17.89 -86.07 30.10
CA PRO G 158 -18.62 -87.31 30.36
C PRO G 158 -18.36 -88.30 29.25
N LEU G 159 -17.76 -89.45 29.55
CA LEU G 159 -17.43 -90.49 28.55
C LEU G 159 -18.38 -91.68 28.73
N ARG G 160 -19.07 -92.10 27.66
CA ARG G 160 -19.98 -93.27 27.72
C ARG G 160 -20.19 -93.82 26.30
N SER G 161 -20.66 -95.07 26.17
CA SER G 161 -20.95 -95.69 24.86
C SER G 161 -22.46 -95.83 24.70
N SER G 162 -22.96 -95.88 23.47
CA SER G 162 -24.41 -96.00 23.21
C SER G 162 -24.66 -96.91 22.01
N MET G 163 -25.83 -97.55 21.95
CA MET G 163 -26.22 -98.39 20.82
C MET G 163 -26.36 -97.57 19.52
N GLY G 164 -26.91 -96.36 19.62
CA GLY G 164 -27.00 -95.41 18.51
C GLY G 164 -25.64 -94.92 18.04
N MET G 165 -24.67 -94.72 18.93
CA MET G 165 -23.30 -94.41 18.53
C MET G 165 -22.71 -95.54 17.68
N TYR G 166 -22.78 -96.79 18.12
CA TYR G 166 -22.19 -97.91 17.38
C TYR G 166 -22.88 -98.14 16.03
N ASN G 167 -24.21 -98.02 15.94
CA ASN G 167 -24.89 -98.06 14.64
C ASN G 167 -24.47 -96.88 13.75
N SER G 168 -24.37 -95.66 14.31
CA SER G 168 -23.98 -94.49 13.54
C SER G 168 -22.53 -94.53 13.03
N MET G 169 -21.70 -95.48 13.49
CA MET G 169 -20.39 -95.75 12.89
C MET G 169 -20.49 -96.35 11.49
N GLN G 170 -21.65 -96.82 11.04
CA GLN G 170 -21.83 -97.34 9.69
C GLN G 170 -21.38 -96.27 8.69
N PRO G 171 -20.56 -96.59 7.66
CA PRO G 171 -19.88 -95.57 6.89
C PRO G 171 -20.77 -94.53 6.23
N SER G 172 -21.93 -94.93 5.69
CA SER G 172 -22.90 -94.02 5.10
C SER G 172 -23.53 -93.09 6.14
N ILE G 173 -23.86 -93.62 7.32
CA ILE G 173 -24.46 -92.84 8.40
C ILE G 173 -23.45 -91.87 9.02
N HIS G 174 -22.23 -92.33 9.28
CA HIS G 174 -21.16 -91.48 9.77
C HIS G 174 -20.84 -90.37 8.77
N LEU G 175 -20.76 -90.69 7.47
CA LEU G 175 -20.57 -89.69 6.42
C LEU G 175 -21.70 -88.65 6.33
N MET G 176 -22.92 -88.94 6.79
CA MET G 176 -23.99 -87.92 6.86
C MET G 176 -23.90 -86.99 8.07
N GLN G 177 -23.21 -87.37 9.14
CA GLN G 177 -23.18 -86.58 10.38
C GLN G 177 -22.55 -85.20 10.21
N GLN G 178 -22.97 -84.25 11.04
CA GLN G 178 -22.35 -82.92 11.13
C GLN G 178 -21.01 -82.98 11.85
N ASN G 179 -20.10 -82.07 11.51
CA ASN G 179 -18.73 -82.02 12.04
C ASN G 179 -17.95 -83.33 11.85
N LYS G 180 -18.25 -84.05 10.76
CA LYS G 180 -17.39 -85.08 10.20
C LYS G 180 -16.15 -84.45 9.58
N LEU G 181 -15.12 -85.26 9.41
CA LEU G 181 -13.99 -85.02 8.53
C LEU G 181 -13.86 -86.21 7.60
N ILE G 182 -13.88 -85.99 6.29
CA ILE G 182 -13.65 -87.05 5.30
C ILE G 182 -12.21 -86.93 4.85
N VAL G 183 -11.49 -88.04 4.88
CA VAL G 183 -10.12 -88.14 4.37
C VAL G 183 -10.13 -89.07 3.15
N PRO G 184 -10.12 -88.53 1.92
CA PRO G 184 -9.98 -89.34 0.73
C PRO G 184 -8.63 -90.05 0.73
N SER G 185 -8.56 -91.24 0.16
CA SER G 185 -7.29 -91.88 -0.13
C SER G 185 -6.49 -91.08 -1.14
N LYS G 186 -5.18 -91.33 -1.23
CA LYS G 186 -4.32 -90.74 -2.27
C LYS G 186 -4.76 -91.11 -3.68
N GLN G 187 -5.38 -92.28 -3.84
CA GLN G 187 -6.00 -92.71 -5.09
C GLN G 187 -7.25 -91.90 -5.45
N THR G 188 -8.18 -91.65 -4.51
CA THR G 188 -9.41 -90.92 -4.83
C THR G 188 -9.20 -89.41 -4.94
N GLN G 189 -8.21 -88.82 -4.26
CA GLN G 189 -7.86 -87.41 -4.45
C GLN G 189 -6.40 -87.13 -4.12
N LYS G 190 -5.62 -86.67 -5.11
CA LYS G 190 -4.30 -86.06 -4.89
C LYS G 190 -4.47 -84.65 -4.34
N ARG G 191 -3.71 -84.29 -3.31
CA ARG G 191 -3.83 -83.02 -2.57
C ARG G 191 -2.49 -82.31 -2.46
N ARG G 192 -2.51 -80.99 -2.24
CA ARG G 192 -1.30 -80.20 -1.96
C ARG G 192 -0.61 -80.66 -0.68
N LYS G 193 -1.36 -80.71 0.43
CA LYS G 193 -0.91 -81.28 1.69
C LYS G 193 -1.46 -82.70 1.84
N PRO G 194 -0.64 -83.70 2.16
CA PRO G 194 -1.06 -85.10 2.21
C PRO G 194 -1.84 -85.47 3.49
N TYR G 195 -2.25 -84.48 4.27
CA TYR G 195 -2.91 -84.62 5.56
C TYR G 195 -3.93 -83.51 5.77
N ILE G 196 -4.89 -83.73 6.67
CA ILE G 196 -5.79 -82.68 7.15
C ILE G 196 -5.49 -82.42 8.63
N LYS G 197 -5.24 -81.17 8.98
CA LYS G 197 -4.80 -80.73 10.32
C LYS G 197 -5.89 -79.95 11.01
N LYS G 198 -6.20 -80.28 12.26
CA LYS G 198 -7.07 -79.44 13.09
C LYS G 198 -6.75 -79.49 14.57
N HIS G 199 -7.03 -78.36 15.23
CA HIS G 199 -6.77 -78.13 16.65
C HIS G 199 -8.04 -78.38 17.44
N ILE G 200 -7.91 -79.09 18.55
CA ILE G 200 -9.02 -79.51 19.41
C ILE G 200 -8.80 -78.93 20.81
N SER G 201 -9.77 -78.20 21.31
CA SER G 201 -9.73 -77.55 22.62
C SER G 201 -9.92 -78.57 23.75
N PRO G 202 -9.49 -78.32 25.01
CA PRO G 202 -9.78 -79.21 26.12
C PRO G 202 -11.28 -79.48 26.32
N PRO G 203 -11.65 -80.59 26.99
CA PRO G 203 -13.01 -80.77 27.48
C PRO G 203 -13.51 -79.55 28.25
N THR G 204 -14.79 -79.19 28.14
CA THR G 204 -15.31 -78.00 28.83
C THR G 204 -15.17 -78.08 30.36
N GLN G 205 -15.11 -79.32 30.89
CA GLN G 205 -14.92 -79.57 32.36
C GLN G 205 -13.44 -79.42 32.76
N MET G 206 -12.51 -79.57 31.82
CA MET G 206 -11.09 -79.28 32.05
C MET G 206 -10.85 -77.79 31.87
N LYS G 207 -10.79 -77.04 32.96
CA LYS G 207 -10.57 -75.58 32.93
C LYS G 207 -9.08 -75.28 32.73
N SER G 208 -8.71 -74.04 32.48
CA SER G 208 -7.31 -73.67 32.27
C SER G 208 -6.42 -73.76 33.52
N GLN G 209 -7.01 -74.01 34.69
CA GLN G 209 -6.28 -74.16 35.95
C GLN G 209 -5.25 -75.30 35.94
N TRP G 210 -4.32 -75.28 36.89
CA TRP G 210 -3.44 -76.40 37.19
C TRP G 210 -4.20 -77.52 37.91
N TYR G 211 -3.84 -78.77 37.63
CA TYR G 211 -4.37 -79.96 38.27
C TYR G 211 -3.23 -80.89 38.64
N PHE G 212 -3.28 -81.59 39.76
CA PHE G 212 -2.34 -82.69 40.01
C PHE G 212 -2.45 -83.74 38.91
N GLN G 213 -1.30 -84.22 38.41
CA GLN G 213 -1.28 -85.24 37.33
C GLN G 213 -1.94 -86.54 37.80
N HIS G 214 -1.95 -86.85 39.11
CA HIS G 214 -2.62 -88.04 39.67
C HIS G 214 -4.14 -87.94 39.48
N ASN G 215 -4.70 -86.73 39.58
CA ASN G 215 -6.14 -86.52 39.45
C ASN G 215 -6.60 -86.62 37.99
N ILE G 216 -5.91 -85.93 37.08
CA ILE G 216 -6.28 -85.90 35.65
C ILE G 216 -5.79 -87.10 34.84
N ALA G 217 -4.94 -87.97 35.38
CA ALA G 217 -4.33 -89.08 34.64
C ALA G 217 -5.33 -89.88 33.82
N ASN G 218 -6.46 -90.27 34.41
CA ASN G 218 -7.46 -91.14 33.79
C ASN G 218 -8.64 -90.41 33.14
N ILE G 219 -8.73 -89.09 33.26
CA ILE G 219 -9.81 -88.28 32.63
C ILE G 219 -9.65 -88.33 31.11
N PRO G 220 -10.65 -88.81 30.33
CA PRO G 220 -10.51 -88.91 28.89
C PRO G 220 -10.64 -87.52 28.26
N LEU G 221 -9.54 -87.00 27.68
CA LEU G 221 -9.48 -85.60 27.16
C LEU G 221 -9.84 -85.51 25.68
N LEU G 222 -9.97 -86.64 24.99
CA LEU G 222 -10.39 -86.68 23.60
C LEU G 222 -11.04 -88.04 23.28
N MET G 223 -12.13 -88.04 22.53
CA MET G 223 -12.63 -89.23 21.83
C MET G 223 -12.50 -89.06 20.32
N ILE G 224 -11.90 -90.02 19.62
CA ILE G 224 -11.87 -90.07 18.16
C ILE G 224 -12.70 -91.26 17.70
N ARG G 225 -13.65 -91.04 16.80
CA ARG G 225 -14.44 -92.07 16.12
C ARG G 225 -14.05 -92.12 14.66
N THR G 226 -13.66 -93.28 14.15
CA THR G 226 -13.23 -93.43 12.73
C THR G 226 -13.91 -94.63 12.10
N THR G 227 -14.32 -94.53 10.85
CA THR G 227 -14.85 -95.66 10.07
C THR G 227 -14.25 -95.68 8.67
N ALA G 228 -13.91 -96.86 8.16
CA ALA G 228 -13.40 -97.09 6.82
C ALA G 228 -14.52 -97.02 5.76
N LEU G 229 -14.21 -96.46 4.60
CA LEU G 229 -15.18 -95.93 3.65
C LEU G 229 -14.70 -96.17 2.21
N THR G 230 -15.61 -96.22 1.23
CA THR G 230 -15.23 -95.86 -0.14
C THR G 230 -16.20 -94.86 -0.72
N LEU G 231 -15.67 -93.80 -1.32
CA LEU G 231 -16.43 -92.77 -2.03
C LEU G 231 -16.77 -93.19 -3.47
N ASP G 232 -15.82 -93.81 -4.18
CA ASP G 232 -15.97 -94.22 -5.60
C ASP G 232 -16.77 -95.52 -5.81
N ASN G 233 -16.90 -96.35 -4.79
CA ASN G 233 -17.64 -97.62 -4.81
C ASN G 233 -18.79 -97.59 -3.80
N TYR G 234 -19.33 -96.42 -3.50
CA TYR G 234 -20.27 -96.20 -2.41
C TYR G 234 -21.48 -97.14 -2.42
N TYR G 235 -22.10 -97.36 -3.59
CA TYR G 235 -23.27 -98.24 -3.70
C TYR G 235 -22.90 -99.69 -3.97
N ILE G 236 -22.03 -99.95 -4.96
CA ILE G 236 -21.65 -101.30 -5.35
C ILE G 236 -20.83 -101.99 -4.24
N GLY G 237 -19.92 -101.26 -3.60
CA GLY G 237 -19.07 -101.75 -2.53
C GLY G 237 -18.22 -102.91 -3.01
N SER G 238 -18.43 -104.09 -2.44
CA SER G 238 -17.82 -105.36 -2.89
C SER G 238 -18.83 -106.38 -3.42
N ARG G 239 -20.01 -105.93 -3.85
CA ARG G 239 -21.04 -106.76 -4.51
C ARG G 239 -20.45 -107.54 -5.70
N GLN G 240 -20.85 -108.80 -5.83
CA GLN G 240 -20.55 -109.68 -6.96
C GLN G 240 -21.88 -110.24 -7.51
N LEU G 241 -22.03 -110.32 -8.83
CA LEU G 241 -23.25 -110.79 -9.50
C LEU G 241 -24.49 -109.98 -9.03
N SER G 242 -25.53 -110.63 -8.52
CA SER G 242 -26.79 -110.02 -8.09
C SER G 242 -26.62 -109.03 -6.92
N THR G 243 -27.55 -108.09 -6.77
CA THR G 243 -27.64 -107.24 -5.56
C THR G 243 -28.00 -108.05 -4.30
N ASN G 244 -28.71 -109.16 -4.46
CA ASN G 244 -29.09 -110.06 -3.36
C ASN G 244 -27.85 -110.74 -2.75
N VAL G 245 -27.78 -110.77 -1.43
CA VAL G 245 -26.82 -111.57 -0.66
C VAL G 245 -27.53 -112.80 -0.09
N THR G 246 -26.86 -113.94 -0.05
CA THR G 246 -27.41 -115.18 0.52
C THR G 246 -26.99 -115.32 1.98
N ILE G 247 -27.96 -115.49 2.88
CA ILE G 247 -27.76 -115.73 4.30
C ILE G 247 -28.09 -117.20 4.59
N HIS G 248 -27.22 -117.91 5.30
CA HIS G 248 -27.55 -119.28 5.77
C HIS G 248 -28.17 -119.10 7.15
N THR G 249 -29.11 -119.94 7.57
CA THR G 249 -29.70 -119.90 8.91
C THR G 249 -30.07 -121.29 9.42
N LEU G 250 -30.20 -121.43 10.75
CA LEU G 250 -30.71 -122.70 11.33
C LEU G 250 -32.22 -122.70 11.14
N ASN G 251 -32.79 -123.74 10.53
CA ASN G 251 -34.27 -123.85 10.43
C ASN G 251 -34.82 -123.55 11.84
N THR G 252 -35.69 -122.56 12.00
CA THR G 252 -36.27 -122.17 13.29
C THR G 252 -37.40 -123.12 13.62
N THR G 253 -38.09 -123.63 12.60
CA THR G 253 -39.30 -124.47 12.77
C THR G 253 -38.99 -125.90 13.23
N TYR G 254 -37.71 -126.28 13.38
CA TYR G 254 -37.30 -127.62 13.81
C TYR G 254 -36.15 -127.61 14.83
N ILE G 255 -35.15 -126.74 14.66
CA ILE G 255 -34.00 -126.62 15.56
C ILE G 255 -34.29 -125.54 16.62
N GLN G 256 -34.74 -125.90 17.82
CA GLN G 256 -35.09 -124.85 18.82
C GLN G 256 -34.62 -125.17 20.23
N ASN G 257 -34.18 -126.39 20.52
CA ASN G 257 -33.92 -126.75 21.91
C ASN G 257 -32.71 -126.08 22.54
N ARG G 258 -31.73 -125.63 21.75
CA ARG G 258 -30.52 -124.91 22.24
C ARG G 258 -29.77 -125.69 23.34
N ASP G 259 -29.84 -127.03 23.32
CA ASP G 259 -29.12 -127.86 24.30
C ASP G 259 -27.75 -128.31 23.78
N TRP G 260 -26.89 -127.36 23.43
CA TRP G 260 -25.66 -127.63 22.67
C TRP G 260 -24.39 -127.85 23.50
N GLY G 261 -23.42 -128.54 22.89
CA GLY G 261 -22.04 -128.59 23.38
C GLY G 261 -21.75 -129.59 24.50
N ASP G 262 -22.47 -130.71 24.55
CA ASP G 262 -22.15 -131.87 25.41
C ASP G 262 -22.08 -133.18 24.60
N ARG G 263 -21.14 -134.07 24.95
CA ARG G 263 -21.14 -135.46 24.39
C ARG G 263 -21.87 -136.33 25.43
N ASN G 264 -22.30 -135.73 26.55
CA ASN G 264 -22.97 -136.41 27.66
C ASN G 264 -24.51 -136.39 27.56
N LYS G 265 -25.07 -135.99 26.40
CA LYS G 265 -26.51 -135.76 26.19
C LYS G 265 -26.91 -136.17 24.77
N THR G 266 -27.88 -137.06 24.62
CA THR G 266 -28.48 -137.35 23.31
C THR G 266 -29.27 -136.12 22.81
N TYR G 267 -28.92 -135.60 21.63
CA TYR G 267 -29.54 -134.36 21.16
C TYR G 267 -30.94 -134.59 20.58
N TYR G 268 -31.86 -133.68 20.90
CA TYR G 268 -33.22 -133.63 20.40
C TYR G 268 -33.49 -132.20 19.94
N CYS G 269 -34.10 -132.03 18.77
CA CYS G 269 -34.10 -130.73 18.09
C CYS G 269 -35.23 -129.80 18.55
N GLN G 270 -36.41 -130.33 18.86
CA GLN G 270 -37.53 -129.57 19.40
C GLN G 270 -38.38 -130.38 20.39
N THR G 271 -39.11 -129.67 21.25
CA THR G 271 -40.23 -130.20 22.03
C THR G 271 -41.54 -129.60 21.53
N LEU G 272 -42.58 -130.41 21.38
CA LEU G 272 -43.95 -129.93 21.14
C LEU G 272 -44.91 -130.67 22.08
N GLY G 273 -45.78 -129.95 22.77
CA GLY G 273 -46.56 -130.53 23.88
C GLY G 273 -45.65 -131.16 24.94
N THR G 274 -45.80 -132.47 25.16
CA THR G 274 -44.89 -133.28 26.00
C THR G 274 -43.78 -133.99 25.21
N GLN G 275 -43.85 -134.02 23.88
CA GLN G 275 -42.95 -134.81 23.03
C GLN G 275 -41.54 -134.22 22.94
N ARG G 276 -40.59 -135.07 22.51
CA ARG G 276 -39.26 -134.69 22.00
C ARG G 276 -39.12 -135.21 20.57
N TYR G 277 -38.44 -134.45 19.72
CA TYR G 277 -38.20 -134.82 18.31
C TYR G 277 -36.70 -134.95 18.05
N PHE G 278 -36.36 -135.88 17.16
CA PHE G 278 -35.01 -136.39 16.98
C PHE G 278 -34.68 -136.45 15.49
N LEU G 279 -33.39 -136.34 15.20
CA LEU G 279 -32.84 -136.33 13.85
C LEU G 279 -31.97 -137.56 13.64
N TYR G 280 -31.99 -138.12 12.42
CA TYR G 280 -31.16 -139.25 12.02
C TYR G 280 -30.57 -139.02 10.63
N GLY G 281 -29.29 -139.28 10.43
CA GLY G 281 -28.67 -139.25 9.11
C GLY G 281 -28.76 -140.60 8.42
N THR G 282 -28.73 -140.64 7.09
CA THR G 282 -28.54 -141.91 6.37
C THR G 282 -27.76 -141.70 5.08
N HIS G 283 -27.04 -142.74 4.64
CA HIS G 283 -26.36 -142.71 3.31
C HIS G 283 -27.23 -143.51 2.34
N SER G 284 -28.41 -143.97 2.78
CA SER G 284 -29.29 -144.79 1.96
C SER G 284 -29.72 -144.08 0.67
N THR G 285 -29.73 -144.83 -0.43
CA THR G 285 -30.28 -144.42 -1.73
C THR G 285 -31.81 -144.60 -1.81
N ALA G 286 -32.46 -145.10 -0.76
CA ALA G 286 -33.90 -145.34 -0.75
C ALA G 286 -34.69 -144.05 -1.02
N GLN G 287 -35.62 -144.13 -1.97
CA GLN G 287 -36.43 -142.98 -2.40
C GLN G 287 -37.62 -142.71 -1.46
N ASN G 288 -38.11 -143.73 -0.76
CA ASN G 288 -39.34 -143.65 0.05
C ASN G 288 -38.99 -143.68 1.54
N ILE G 289 -39.42 -142.63 2.27
CA ILE G 289 -39.18 -142.49 3.71
C ILE G 289 -39.76 -143.64 4.55
N ASN G 290 -40.79 -144.33 4.05
CA ASN G 290 -41.42 -145.45 4.75
C ASN G 290 -40.52 -146.70 4.81
N ASP G 291 -39.82 -147.05 3.71
CA ASP G 291 -39.09 -148.36 3.59
C ASP G 291 -37.65 -148.37 4.10
N ILE G 292 -37.07 -147.23 4.46
CA ILE G 292 -35.74 -147.19 5.09
C ILE G 292 -35.74 -148.10 6.32
N LYS G 293 -34.65 -148.85 6.54
CA LYS G 293 -34.53 -149.78 7.68
C LYS G 293 -34.40 -149.02 9.01
N LEU G 294 -34.41 -149.77 10.13
CA LEU G 294 -34.10 -149.15 11.45
C LEU G 294 -32.56 -149.06 11.51
N GLN G 295 -31.86 -149.87 10.71
CA GLN G 295 -30.38 -149.91 10.67
C GLN G 295 -29.79 -148.71 9.90
N GLU G 296 -30.38 -148.34 8.77
CA GLU G 296 -29.83 -147.26 7.91
C GLU G 296 -29.59 -145.98 8.72
N LEU G 297 -30.51 -145.63 9.62
CA LEU G 297 -30.41 -144.36 10.38
C LEU G 297 -29.13 -144.26 11.21
N ILE G 298 -28.46 -143.11 11.21
CA ILE G 298 -27.24 -142.85 12.03
C ILE G 298 -27.70 -141.86 13.11
N PRO G 299 -28.06 -142.31 14.32
CA PRO G 299 -28.68 -141.45 15.32
C PRO G 299 -27.67 -140.44 15.81
N LEU G 300 -28.12 -139.27 16.26
CA LEU G 300 -27.21 -138.18 16.72
C LEU G 300 -27.23 -138.12 18.25
N THR G 301 -26.14 -138.51 18.92
CA THR G 301 -26.03 -138.54 20.40
C THR G 301 -25.02 -137.50 20.84
N ASN G 302 -24.43 -136.75 19.90
CA ASN G 302 -23.48 -135.68 20.22
C ASN G 302 -23.81 -134.44 19.38
N THR G 303 -23.70 -133.23 19.95
CA THR G 303 -23.60 -132.00 19.14
C THR G 303 -22.24 -131.33 19.21
N GLN G 304 -21.46 -131.63 20.28
CA GLN G 304 -20.17 -130.95 20.59
C GLN G 304 -19.01 -131.25 19.63
N ASP G 305 -19.13 -132.24 18.74
CA ASP G 305 -17.98 -132.60 17.86
C ASP G 305 -18.26 -132.39 16.37
N TYR G 306 -17.19 -132.31 15.57
CA TYR G 306 -17.31 -132.26 14.10
C TYR G 306 -17.64 -133.62 13.47
N VAL G 307 -17.62 -134.70 14.26
CA VAL G 307 -17.68 -136.09 13.76
C VAL G 307 -18.96 -136.36 12.94
N GLN G 308 -18.80 -137.04 11.80
CA GLN G 308 -19.89 -137.43 10.90
C GLN G 308 -20.71 -138.61 11.43
N GLY G 309 -20.09 -139.45 12.26
CA GLY G 309 -20.60 -140.78 12.58
C GLY G 309 -20.34 -141.76 11.43
N PHE G 310 -20.95 -142.94 11.49
CA PHE G 310 -20.89 -143.95 10.44
C PHE G 310 -22.11 -144.87 10.50
N ASP G 311 -22.35 -145.59 9.41
CA ASP G 311 -23.49 -146.51 9.26
C ASP G 311 -23.26 -147.86 9.97
N TRP G 312 -24.34 -148.56 10.34
CA TRP G 312 -24.31 -149.88 10.98
C TRP G 312 -23.59 -150.93 10.11
N THR G 313 -23.52 -150.75 8.80
CA THR G 313 -22.71 -151.60 7.91
C THR G 313 -21.21 -151.58 8.25
N GLU G 314 -20.72 -150.61 9.02
CA GLU G 314 -19.34 -150.55 9.52
C GLU G 314 -19.18 -151.11 10.95
N LYS G 315 -20.19 -151.83 11.47
CA LYS G 315 -20.15 -152.55 12.76
C LYS G 315 -18.83 -153.31 12.96
N ASP G 316 -18.41 -154.07 11.95
CA ASP G 316 -17.19 -154.88 12.00
C ASP G 316 -15.89 -154.08 11.85
N LYS G 317 -15.93 -152.81 11.41
CA LYS G 317 -14.73 -151.95 11.35
C LYS G 317 -14.38 -151.33 12.70
N HIS G 318 -15.40 -151.16 13.58
CA HIS G 318 -15.24 -150.56 14.94
C HIS G 318 -15.59 -151.59 16.02
N ASN G 319 -15.48 -152.89 15.72
CA ASN G 319 -15.68 -153.98 16.67
C ASN G 319 -16.97 -153.83 17.52
N ILE G 320 -18.01 -153.24 16.92
CA ILE G 320 -19.28 -152.96 17.59
C ILE G 320 -20.03 -154.26 17.87
N THR G 321 -20.48 -154.43 19.11
CA THR G 321 -21.26 -155.62 19.54
C THR G 321 -22.76 -155.35 19.68
N THR G 322 -23.16 -154.09 19.91
CA THR G 322 -24.55 -153.71 20.19
C THR G 322 -24.90 -152.34 19.61
N TYR G 323 -26.19 -152.04 19.47
CA TYR G 323 -26.64 -150.70 19.11
C TYR G 323 -26.18 -149.64 20.14
N LYS G 324 -25.99 -150.00 21.41
CA LYS G 324 -25.36 -149.12 22.42
C LYS G 324 -23.95 -148.68 22.01
N GLU G 325 -23.11 -149.60 21.51
CA GLU G 325 -21.80 -149.25 20.95
C GLU G 325 -21.88 -148.55 19.59
N PHE G 326 -22.92 -148.82 18.78
CA PHE G 326 -23.18 -148.04 17.57
C PHE G 326 -23.54 -146.58 17.90
N LEU G 327 -24.39 -146.35 18.90
CA LEU G 327 -24.71 -145.01 19.43
C LEU G 327 -23.47 -144.26 19.91
N THR G 328 -22.57 -144.90 20.65
CA THR G 328 -21.41 -144.19 21.21
C THR G 328 -20.29 -144.01 20.19
N LYS G 329 -19.96 -145.02 19.37
CA LYS G 329 -18.89 -144.90 18.38
C LYS G 329 -19.33 -144.21 17.08
N GLY G 330 -20.55 -144.49 16.61
CA GLY G 330 -20.99 -144.20 15.24
C GLY G 330 -22.02 -143.08 15.07
N ALA G 331 -22.51 -142.46 16.15
CA ALA G 331 -23.43 -141.34 16.02
C ALA G 331 -22.80 -140.11 15.35
N GLY G 332 -23.60 -139.37 14.57
CA GLY G 332 -23.17 -138.23 13.78
C GLY G 332 -23.58 -136.89 14.39
N ASN G 333 -22.76 -135.86 14.31
CA ASN G 333 -23.17 -134.53 14.77
C ASN G 333 -23.99 -133.85 13.66
N PRO G 334 -25.16 -133.26 13.94
CA PRO G 334 -26.08 -132.75 12.91
C PRO G 334 -25.48 -131.60 12.10
N PHE G 335 -24.48 -130.92 12.66
CA PHE G 335 -23.77 -129.79 12.05
C PHE G 335 -22.50 -130.21 11.29
N HIS G 336 -22.24 -131.51 11.08
CA HIS G 336 -21.19 -131.95 10.17
C HIS G 336 -21.49 -131.48 8.74
N ALA G 337 -20.47 -131.28 7.90
CA ALA G 337 -20.58 -130.64 6.60
C ALA G 337 -21.58 -131.29 5.61
N GLU G 338 -21.89 -132.58 5.77
CA GLU G 338 -22.95 -133.23 4.97
C GLU G 338 -24.33 -133.21 5.64
N TRP G 339 -24.42 -133.29 6.97
CA TRP G 339 -25.71 -133.25 7.67
C TRP G 339 -26.28 -131.83 7.84
N ILE G 340 -25.42 -130.81 7.93
CA ILE G 340 -25.80 -129.39 8.15
C ILE G 340 -26.76 -128.86 7.09
N THR G 341 -26.56 -129.24 5.83
CA THR G 341 -27.43 -128.92 4.68
C THR G 341 -28.08 -130.16 4.06
N ALA G 342 -28.01 -131.31 4.75
CA ALA G 342 -28.53 -132.60 4.29
C ALA G 342 -28.07 -132.97 2.87
N GLN G 343 -26.78 -132.78 2.57
CA GLN G 343 -26.16 -133.22 1.31
C GLN G 343 -26.43 -134.72 1.09
N ASN G 344 -26.27 -135.51 2.16
CA ASN G 344 -26.82 -136.85 2.28
C ASN G 344 -28.07 -136.76 3.17
N PRO G 345 -29.18 -137.48 2.85
CA PRO G 345 -30.46 -137.27 3.50
C PRO G 345 -30.42 -137.34 5.04
N VAL G 346 -31.23 -136.48 5.66
CA VAL G 346 -31.41 -136.37 7.12
C VAL G 346 -32.90 -136.46 7.42
N ILE G 347 -33.25 -137.27 8.41
CA ILE G 347 -34.61 -137.66 8.74
C ILE G 347 -34.99 -137.12 10.11
N HIS G 348 -36.10 -136.39 10.20
CA HIS G 348 -36.66 -135.83 11.44
C HIS G 348 -37.85 -136.67 11.88
N THR G 349 -37.94 -137.03 13.16
CA THR G 349 -39.00 -137.91 13.68
C THR G 349 -39.30 -137.64 15.16
N ALA G 350 -40.51 -137.98 15.61
CA ALA G 350 -40.84 -138.07 17.03
C ALA G 350 -40.25 -139.32 17.70
N ASN G 351 -39.87 -140.34 16.93
CA ASN G 351 -39.43 -141.62 17.50
C ASN G 351 -38.04 -141.51 18.14
N SER G 352 -37.99 -141.57 19.47
CA SER G 352 -36.75 -141.46 20.23
C SER G 352 -35.79 -142.62 19.93
N PRO G 353 -34.47 -142.39 19.87
CA PRO G 353 -33.48 -143.44 19.73
C PRO G 353 -33.66 -144.54 20.77
N THR G 354 -34.14 -144.25 21.98
CA THR G 354 -34.37 -145.26 23.01
C THR G 354 -35.52 -146.21 22.67
N GLN G 355 -36.53 -145.77 21.91
CA GLN G 355 -37.50 -146.72 21.37
C GLN G 355 -36.84 -147.61 20.31
N ILE G 356 -35.96 -147.06 19.47
CA ILE G 356 -35.13 -147.87 18.56
C ILE G 356 -34.18 -148.80 19.32
N GLU G 357 -33.60 -148.38 20.46
CA GLU G 357 -32.81 -149.22 21.34
C GLU G 357 -33.64 -150.41 21.81
N GLN G 358 -34.86 -150.17 22.29
CA GLN G 358 -35.76 -151.24 22.71
C GLN G 358 -36.04 -152.21 21.55
N ILE G 359 -36.26 -151.73 20.32
CA ILE G 359 -36.47 -152.62 19.17
C ILE G 359 -35.20 -153.43 18.85
N TYR G 360 -34.01 -152.81 18.81
CA TYR G 360 -32.75 -153.53 18.62
C TYR G 360 -32.47 -154.54 19.73
N THR G 361 -32.48 -154.09 20.98
CA THR G 361 -32.08 -154.89 22.14
C THR G 361 -33.08 -156.02 22.40
N ALA G 362 -34.38 -155.80 22.16
CA ALA G 362 -35.38 -156.88 22.25
C ALA G 362 -35.07 -158.01 21.28
N SER G 363 -34.70 -157.72 20.03
CA SER G 363 -34.07 -158.69 19.12
C SER G 363 -33.30 -158.04 17.98
N THR G 364 -31.99 -158.28 17.94
CA THR G 364 -31.06 -157.80 16.89
C THR G 364 -31.39 -158.39 15.51
N THR G 365 -31.91 -159.62 15.49
CA THR G 365 -32.36 -160.29 14.26
C THR G 365 -33.59 -159.62 13.64
N THR G 366 -34.51 -159.07 14.45
CA THR G 366 -35.66 -158.29 13.92
C THR G 366 -35.32 -156.83 13.63
N PHE G 367 -34.17 -156.32 14.08
CA PHE G 367 -33.66 -155.00 13.64
C PHE G 367 -33.33 -154.98 12.14
N GLN G 368 -32.87 -156.11 11.58
CA GLN G 368 -32.74 -156.32 10.14
C GLN G 368 -34.10 -156.25 9.42
N ASN G 369 -35.13 -156.87 10.01
CA ASN G 369 -36.46 -156.96 9.40
C ASN G 369 -37.23 -155.63 9.48
N LYS G 370 -37.17 -154.93 10.62
CA LYS G 370 -37.96 -153.70 10.86
C LYS G 370 -37.50 -152.55 9.95
N LYS G 371 -38.48 -151.85 9.39
CA LYS G 371 -38.33 -150.62 8.60
C LYS G 371 -38.96 -149.43 9.32
N LEU G 372 -38.95 -148.25 8.72
CA LEU G 372 -39.60 -147.05 9.24
C LEU G 372 -41.13 -147.15 9.27
N THR G 373 -41.74 -148.06 8.51
CA THR G 373 -43.13 -148.51 8.71
C THR G 373 -43.32 -149.20 10.05
N ASP G 374 -44.50 -149.05 10.65
CA ASP G 374 -44.92 -149.73 11.89
C ASP G 374 -43.96 -149.52 13.09
N LEU G 375 -43.22 -148.41 13.11
CA LEU G 375 -42.44 -147.99 14.28
C LEU G 375 -43.30 -147.19 15.27
N PRO G 376 -42.90 -147.11 16.55
CA PRO G 376 -43.55 -146.23 17.51
C PRO G 376 -43.37 -144.76 17.11
N THR G 377 -44.41 -143.95 17.33
CA THR G 377 -44.46 -142.51 16.97
C THR G 377 -43.68 -142.17 15.69
N PRO G 378 -44.04 -142.76 14.52
CA PRO G 378 -43.22 -142.59 13.32
C PRO G 378 -43.49 -141.37 12.45
N GLY G 379 -43.06 -140.18 12.89
CA GLY G 379 -43.19 -138.95 12.11
C GLY G 379 -41.97 -138.77 11.26
N TYR G 380 -41.50 -139.83 10.58
CA TYR G 380 -40.27 -139.78 9.74
C TYR G 380 -40.51 -138.86 8.55
N ILE G 381 -39.76 -137.75 8.46
CA ILE G 381 -39.92 -136.74 7.37
C ILE G 381 -38.51 -136.47 6.81
N PHE G 382 -38.35 -135.66 5.75
CA PHE G 382 -37.01 -135.26 5.25
C PHE G 382 -36.84 -133.77 5.54
N ILE G 383 -36.03 -133.41 6.56
CA ILE G 383 -35.87 -132.01 7.00
C ILE G 383 -34.39 -131.62 6.96
N THR G 384 -34.09 -130.39 6.52
CA THR G 384 -32.71 -129.87 6.45
C THR G 384 -32.44 -128.94 7.64
N PRO G 385 -31.36 -129.15 8.44
CA PRO G 385 -31.05 -128.26 9.57
C PRO G 385 -30.79 -126.81 9.15
N THR G 386 -30.25 -126.60 7.95
CA THR G 386 -30.00 -125.28 7.36
C THR G 386 -31.00 -124.97 6.25
N VAL G 387 -31.40 -123.70 6.17
CA VAL G 387 -32.02 -123.11 4.98
C VAL G 387 -31.19 -121.88 4.54
N SER G 388 -31.15 -121.61 3.24
CA SER G 388 -30.53 -120.39 2.69
C SER G 388 -31.61 -119.38 2.30
N LEU G 389 -31.53 -118.18 2.84
CA LEU G 389 -32.38 -117.04 2.51
C LEU G 389 -31.68 -116.10 1.53
N ARG G 390 -32.43 -115.33 0.75
CA ARG G 390 -31.92 -114.19 -0.03
C ARG G 390 -32.38 -112.89 0.61
N TYR G 391 -31.44 -111.98 0.86
CA TYR G 391 -31.69 -110.64 1.38
C TYR G 391 -31.32 -109.60 0.34
N ASN G 392 -32.18 -108.61 0.13
CA ASN G 392 -31.90 -107.48 -0.74
C ASN G 392 -31.99 -106.19 0.10
N PRO G 393 -30.93 -105.39 0.23
CA PRO G 393 -30.93 -104.21 1.08
C PRO G 393 -31.89 -103.12 0.58
N TYR G 394 -32.11 -103.07 -0.74
CA TYR G 394 -32.98 -102.01 -1.35
C TYR G 394 -34.45 -102.39 -1.15
N LYS G 395 -34.73 -103.66 -0.84
CA LYS G 395 -36.11 -104.14 -0.61
C LYS G 395 -36.43 -104.11 0.89
N ASP G 396 -35.51 -103.59 1.71
CA ASP G 396 -35.67 -103.58 3.19
C ASP G 396 -36.28 -102.25 3.67
N LEU G 397 -37.41 -102.29 4.40
CA LEU G 397 -38.11 -101.10 4.83
C LEU G 397 -38.03 -100.88 6.35
N ALA G 398 -37.39 -101.79 7.09
CA ALA G 398 -37.14 -101.64 8.52
C ALA G 398 -38.40 -101.44 9.39
N GLU G 399 -39.58 -101.93 9.01
CA GLU G 399 -40.82 -101.69 9.76
C GLU G 399 -40.96 -102.62 10.97
N ARG G 400 -40.41 -103.83 10.90
CA ARG G 400 -40.47 -104.86 11.96
C ARG G 400 -39.14 -105.59 12.15
N ASN G 401 -38.05 -104.93 11.78
CA ASN G 401 -36.69 -105.43 11.99
C ASN G 401 -36.32 -105.41 13.48
N LYS G 402 -35.54 -106.39 13.93
CA LYS G 402 -35.20 -106.59 15.35
C LYS G 402 -33.95 -107.44 15.47
N CYS G 403 -33.21 -107.34 16.57
CA CYS G 403 -31.93 -108.01 16.75
C CYS G 403 -31.57 -108.14 18.24
N TYR G 404 -31.12 -109.31 18.70
CA TYR G 404 -30.73 -109.56 20.09
C TYR G 404 -29.90 -110.83 20.25
N PHE G 405 -29.25 -110.99 21.41
CA PHE G 405 -28.49 -112.20 21.76
C PHE G 405 -29.26 -113.09 22.75
N VAL G 406 -29.24 -114.40 22.53
CA VAL G 406 -29.79 -115.42 23.42
C VAL G 406 -28.67 -116.35 23.90
N ARG G 407 -28.84 -116.98 25.06
CA ARG G 407 -27.83 -117.86 25.68
C ARG G 407 -27.77 -119.20 24.92
N SER G 408 -26.62 -119.58 24.39
CA SER G 408 -26.46 -120.82 23.60
C SER G 408 -26.33 -122.06 24.49
N LYS G 409 -25.39 -122.07 25.44
CA LYS G 409 -25.24 -123.13 26.45
C LYS G 409 -26.16 -122.93 27.66
N ILE G 410 -27.47 -123.05 27.46
CA ILE G 410 -28.44 -123.25 28.55
C ILE G 410 -29.57 -124.18 28.14
N ASN G 411 -30.21 -124.80 29.13
CA ASN G 411 -31.34 -125.70 28.94
C ASN G 411 -32.67 -124.92 28.84
N ALA G 412 -32.81 -124.05 27.83
CA ALA G 412 -34.03 -123.26 27.60
C ALA G 412 -34.50 -123.34 26.14
N HIS G 413 -35.80 -123.56 25.98
CA HIS G 413 -36.43 -123.75 24.67
C HIS G 413 -36.69 -122.41 23.96
N GLY G 414 -36.71 -122.43 22.63
CA GLY G 414 -37.21 -121.33 21.81
C GLY G 414 -36.24 -120.16 21.67
N TRP G 415 -36.66 -119.21 20.83
CA TRP G 415 -35.82 -118.13 20.31
C TRP G 415 -36.30 -116.72 20.70
N ASP G 416 -37.34 -116.63 21.52
CA ASP G 416 -37.94 -115.30 21.87
C ASP G 416 -36.88 -114.37 22.47
N PRO G 417 -36.98 -113.04 22.32
CA PRO G 417 -36.04 -112.13 22.95
C PRO G 417 -36.08 -112.41 24.45
N GLU G 418 -34.93 -112.61 25.07
CA GLU G 418 -34.86 -112.98 26.51
C GLU G 418 -33.76 -112.19 27.22
N GLN G 419 -33.63 -112.35 28.53
CA GLN G 419 -32.58 -111.65 29.32
C GLN G 419 -32.76 -110.13 29.15
N HIS G 420 -31.75 -109.40 28.67
CA HIS G 420 -31.81 -107.92 28.56
C HIS G 420 -32.80 -107.50 27.47
N GLN G 421 -33.90 -106.84 27.85
CA GLN G 421 -34.91 -106.33 26.88
C GLN G 421 -34.50 -104.91 26.49
N GLU G 422 -33.61 -104.26 27.26
CA GLU G 422 -33.08 -102.95 26.88
C GLU G 422 -31.98 -103.04 25.81
N LEU G 423 -31.37 -104.22 25.65
CA LEU G 423 -30.34 -104.48 24.63
C LEU G 423 -30.93 -104.86 23.26
N ILE G 424 -32.23 -105.12 23.16
CA ILE G 424 -32.89 -105.37 21.88
C ILE G 424 -32.72 -104.14 20.99
N ASN G 425 -32.25 -104.35 19.74
CA ASN G 425 -32.05 -103.27 18.73
C ASN G 425 -33.14 -103.43 17.66
N SER G 426 -33.93 -102.40 17.36
CA SER G 426 -35.12 -102.50 16.51
C SER G 426 -35.22 -101.36 15.48
N ASP G 427 -36.00 -101.59 14.42
CA ASP G 427 -36.49 -100.55 13.50
C ASP G 427 -35.42 -99.79 12.71
N LEU G 428 -34.36 -100.46 12.28
CA LEU G 428 -33.38 -99.98 11.29
C LEU G 428 -33.18 -101.07 10.23
N PRO G 429 -32.79 -100.74 8.99
CA PRO G 429 -32.53 -101.77 7.99
C PRO G 429 -31.38 -102.66 8.44
N GLN G 430 -31.44 -103.98 8.20
CA GLN G 430 -30.48 -104.99 8.73
C GLN G 430 -28.99 -104.65 8.56
N TRP G 431 -28.58 -103.99 7.48
CA TRP G 431 -27.20 -103.55 7.29
C TRP G 431 -26.80 -102.41 8.24
N LEU G 432 -27.74 -101.60 8.70
CA LEU G 432 -27.52 -100.59 9.74
C LEU G 432 -27.76 -101.16 11.14
N LEU G 433 -28.76 -102.02 11.31
CA LEU G 433 -29.12 -102.61 12.59
C LEU G 433 -28.01 -103.49 13.17
N LEU G 434 -27.34 -104.28 12.32
CA LEU G 434 -26.27 -105.19 12.75
C LEU G 434 -24.92 -104.48 12.93
N PHE G 435 -24.69 -103.33 12.30
CA PHE G 435 -23.35 -102.72 12.26
C PHE G 435 -22.88 -102.32 13.65
N GLY G 436 -21.77 -102.91 14.13
CA GLY G 436 -21.22 -102.63 15.45
C GLY G 436 -22.08 -103.09 16.63
N TYR G 437 -23.23 -103.73 16.42
CA TYR G 437 -24.10 -104.17 17.51
C TYR G 437 -23.46 -105.24 18.41
N PRO G 438 -22.80 -106.29 17.88
CA PRO G 438 -22.05 -107.22 18.71
C PRO G 438 -20.97 -106.56 19.57
N ASP G 439 -20.26 -105.56 19.05
CA ASP G 439 -19.24 -104.85 19.82
C ASP G 439 -19.84 -103.94 20.88
N TYR G 440 -20.97 -103.28 20.61
CA TYR G 440 -21.69 -102.58 21.67
C TYR G 440 -22.07 -103.53 22.81
N ILE G 441 -22.55 -104.73 22.48
CA ILE G 441 -22.92 -105.72 23.47
C ILE G 441 -21.70 -106.22 24.26
N LYS G 442 -20.59 -106.55 23.59
CA LYS G 442 -19.34 -106.91 24.27
C LYS G 442 -18.84 -105.81 25.19
N ARG G 443 -18.80 -104.55 24.72
CA ARG G 443 -18.31 -103.40 25.54
C ARG G 443 -19.28 -103.13 26.70
N THR G 444 -20.57 -103.40 26.52
CA THR G 444 -21.56 -103.27 27.61
C THR G 444 -21.33 -104.28 28.73
N GLN G 445 -20.78 -105.46 28.43
CA GLN G 445 -20.39 -106.47 29.46
C GLN G 445 -21.59 -106.99 30.29
N ASN G 446 -22.83 -106.83 29.81
CA ASN G 446 -24.01 -107.37 30.47
C ASN G 446 -24.25 -108.87 30.19
N PHE G 447 -23.42 -109.49 29.36
CA PHE G 447 -23.44 -110.92 29.05
C PHE G 447 -22.09 -111.57 29.35
N ALA G 448 -22.09 -112.88 29.65
CA ALA G 448 -20.84 -113.63 29.79
C ALA G 448 -20.05 -113.58 28.48
N LEU G 449 -18.79 -113.17 28.57
CA LEU G 449 -18.10 -112.51 27.44
C LEU G 449 -17.84 -113.42 26.23
N VAL G 450 -17.77 -114.74 26.43
CA VAL G 450 -17.24 -115.65 25.41
C VAL G 450 -18.23 -115.90 24.26
N ASP G 451 -17.74 -115.83 23.01
CA ASP G 451 -18.60 -115.99 21.80
C ASP G 451 -19.33 -117.32 21.77
N THR G 452 -18.78 -118.34 22.43
CA THR G 452 -19.38 -119.69 22.40
C THR G 452 -20.65 -119.82 23.23
N ASN G 453 -20.94 -118.86 24.11
CA ASN G 453 -22.03 -118.99 25.08
C ASN G 453 -23.29 -118.22 24.69
N TYR G 454 -23.29 -117.53 23.55
CA TYR G 454 -24.44 -116.78 23.04
C TYR G 454 -24.63 -117.04 21.54
N ILE G 455 -25.84 -116.79 21.06
CA ILE G 455 -26.23 -116.74 19.65
C ILE G 455 -26.87 -115.38 19.40
N LEU G 456 -26.58 -114.80 18.24
CA LEU G 456 -27.28 -113.66 17.68
C LEU G 456 -28.49 -114.14 16.85
N VAL G 457 -29.64 -113.52 17.13
CA VAL G 457 -30.94 -113.82 16.55
C VAL G 457 -31.54 -112.53 16.00
N ASP G 458 -32.10 -112.54 14.79
CA ASP G 458 -32.71 -111.32 14.23
C ASP G 458 -34.00 -111.61 13.46
N HIS G 459 -34.94 -110.68 13.49
CA HIS G 459 -36.18 -110.72 12.73
C HIS G 459 -36.10 -109.75 11.55
N CYS G 460 -36.51 -110.19 10.37
CA CYS G 460 -36.53 -109.38 9.16
C CYS G 460 -37.63 -109.89 8.21
N PRO G 461 -38.73 -109.13 8.02
CA PRO G 461 -39.77 -109.46 7.05
C PRO G 461 -39.31 -109.57 5.59
N TYR G 462 -38.14 -109.03 5.25
CA TYR G 462 -37.81 -108.63 3.89
C TYR G 462 -36.92 -109.61 3.12
N THR G 463 -36.54 -110.74 3.70
CA THR G 463 -36.00 -111.85 2.89
C THR G 463 -37.11 -112.47 2.04
N ASN G 464 -36.76 -112.97 0.85
CA ASN G 464 -37.76 -113.48 -0.10
C ASN G 464 -38.42 -114.78 0.38
N PRO G 465 -37.67 -115.85 0.71
CA PRO G 465 -38.11 -116.83 1.69
C PRO G 465 -38.02 -116.25 3.10
N GLU G 466 -38.65 -116.87 4.09
CA GLU G 466 -38.62 -116.38 5.48
C GLU G 466 -38.45 -117.51 6.49
N LYS G 467 -37.96 -117.14 7.67
CA LYS G 467 -38.04 -117.88 8.93
C LYS G 467 -38.34 -116.85 10.03
N THR G 468 -39.12 -117.22 11.05
CA THR G 468 -39.67 -116.24 12.00
C THR G 468 -38.57 -115.42 12.67
N PRO G 469 -37.64 -116.01 13.45
CA PRO G 469 -36.30 -115.46 13.60
C PRO G 469 -35.35 -116.09 12.56
N PHE G 470 -34.19 -115.43 12.43
CA PHE G 470 -33.07 -115.97 11.63
C PHE G 470 -31.95 -116.30 12.60
N ILE G 471 -31.19 -117.35 12.39
CA ILE G 471 -29.99 -117.64 13.23
C ILE G 471 -28.82 -117.61 12.25
N PRO G 472 -28.35 -116.43 11.76
CA PRO G 472 -27.35 -116.42 10.71
C PRO G 472 -26.17 -117.34 11.02
N LEU G 473 -25.66 -118.06 10.02
CA LEU G 473 -24.46 -118.90 10.15
C LEU G 473 -23.50 -118.61 9.01
N SER G 474 -22.21 -118.54 9.31
CA SER G 474 -21.19 -118.26 8.30
C SER G 474 -20.99 -119.44 7.36
N THR G 475 -20.64 -119.15 6.11
CA THR G 475 -20.31 -120.16 5.11
C THR G 475 -19.24 -121.13 5.61
N SER G 476 -18.29 -120.69 6.43
CA SER G 476 -17.30 -121.57 7.08
C SER G 476 -17.93 -122.66 7.96
N PHE G 477 -18.92 -122.33 8.80
CA PHE G 477 -19.63 -123.32 9.62
C PHE G 477 -20.57 -124.21 8.80
N ILE G 478 -21.18 -123.66 7.76
CA ILE G 478 -21.98 -124.40 6.78
C ILE G 478 -21.12 -125.32 5.89
N GLU G 479 -19.81 -125.09 5.82
CA GLU G 479 -18.82 -125.90 5.08
C GLU G 479 -17.86 -126.68 5.99
N GLY G 480 -18.07 -126.71 7.31
CA GLY G 480 -17.24 -127.50 8.20
C GLY G 480 -15.79 -127.00 8.34
N ARG G 481 -15.63 -125.71 8.69
CA ARG G 481 -14.29 -125.08 8.77
C ARG G 481 -14.26 -124.02 9.88
N SER G 482 -13.08 -123.73 10.43
CA SER G 482 -12.94 -122.75 11.54
C SER G 482 -13.35 -121.32 11.13
N PRO G 483 -13.80 -120.47 12.08
CA PRO G 483 -14.47 -119.19 11.80
C PRO G 483 -13.79 -118.27 10.77
N TYR G 484 -12.45 -118.20 10.76
CA TYR G 484 -11.66 -117.41 9.80
C TYR G 484 -10.53 -118.26 9.17
N SER G 485 -10.84 -119.49 8.78
CA SER G 485 -9.86 -120.42 8.16
C SER G 485 -10.04 -120.49 6.64
N PRO G 486 -8.95 -120.54 5.84
CA PRO G 486 -9.03 -120.51 4.39
C PRO G 486 -9.74 -121.74 3.81
N SER G 487 -10.49 -121.52 2.73
CA SER G 487 -11.40 -122.50 2.11
C SER G 487 -10.74 -123.80 1.63
N ASP G 488 -9.41 -123.85 1.51
CA ASP G 488 -8.69 -125.11 1.14
C ASP G 488 -8.87 -126.14 2.26
N THR G 489 -9.15 -125.68 3.48
CA THR G 489 -9.36 -126.53 4.65
C THR G 489 -10.78 -127.14 4.62
N HIS G 490 -10.93 -128.40 5.05
CA HIS G 490 -12.24 -129.12 5.06
C HIS G 490 -12.51 -129.74 6.44
N GLU G 491 -11.91 -129.22 7.52
CA GLU G 491 -12.12 -129.62 8.90
C GLU G 491 -11.89 -128.42 9.84
N PRO G 492 -12.57 -128.31 10.98
CA PRO G 492 -12.16 -127.40 12.04
C PRO G 492 -10.76 -127.74 12.58
N ASP G 493 -10.04 -126.73 13.09
CA ASP G 493 -8.86 -126.92 13.95
C ASP G 493 -9.28 -127.48 15.33
N GLU G 494 -8.40 -128.17 16.07
CA GLU G 494 -8.78 -128.98 17.24
C GLU G 494 -9.69 -128.27 18.26
N GLU G 495 -9.43 -127.01 18.56
CA GLU G 495 -10.26 -126.22 19.49
C GLU G 495 -11.66 -125.89 18.94
N ASP G 496 -11.82 -125.82 17.61
CA ASP G 496 -13.11 -125.74 16.93
C ASP G 496 -13.67 -127.13 16.54
N GLN G 497 -12.88 -128.21 16.58
CA GLN G 497 -13.43 -129.58 16.51
C GLN G 497 -14.22 -129.89 17.79
N ASN G 498 -13.73 -129.42 18.94
CA ASN G 498 -14.52 -129.21 20.13
C ASN G 498 -15.45 -128.00 19.96
N ARG G 499 -16.54 -128.01 20.75
CA ARG G 499 -17.53 -126.91 20.77
C ARG G 499 -18.07 -126.67 19.35
N TRP G 500 -18.24 -127.72 18.53
CA TRP G 500 -18.75 -127.58 17.13
C TRP G 500 -20.28 -127.49 17.13
N TYR G 501 -20.82 -126.37 17.60
CA TYR G 501 -22.26 -126.14 17.71
C TYR G 501 -22.61 -124.66 17.48
N PRO G 502 -23.85 -124.31 17.11
CA PRO G 502 -24.27 -122.93 16.88
C PRO G 502 -23.92 -121.96 18.02
N CYS G 503 -23.12 -120.96 17.72
CA CYS G 503 -22.79 -119.85 18.64
C CYS G 503 -22.22 -118.67 17.84
N TYR G 504 -22.19 -117.49 18.45
CA TYR G 504 -21.81 -116.23 17.82
C TYR G 504 -20.46 -116.29 17.10
N GLN G 505 -19.51 -117.09 17.59
CA GLN G 505 -18.18 -117.25 16.94
C GLN G 505 -18.31 -117.73 15.49
N TYR G 506 -19.30 -118.59 15.20
CA TYR G 506 -19.56 -119.06 13.85
C TYR G 506 -20.49 -118.15 13.04
N GLN G 507 -21.14 -117.17 13.67
CA GLN G 507 -22.06 -116.24 12.98
C GLN G 507 -21.35 -115.00 12.42
N GLN G 508 -20.13 -114.69 12.87
CA GLN G 508 -19.47 -113.40 12.63
C GLN G 508 -19.37 -113.00 11.16
N GLU G 509 -18.92 -113.90 10.28
CA GLU G 509 -18.76 -113.58 8.87
C GLU G 509 -20.11 -113.36 8.18
N SER G 510 -21.18 -114.04 8.60
CA SER G 510 -22.52 -113.82 8.02
C SER G 510 -23.07 -112.42 8.33
N ILE G 511 -22.95 -111.93 9.57
CA ILE G 511 -23.44 -110.59 9.89
C ILE G 511 -22.52 -109.51 9.32
N ASN G 512 -21.22 -109.77 9.16
CA ASN G 512 -20.36 -108.87 8.40
C ASN G 512 -20.81 -108.81 6.95
N SER G 513 -21.16 -109.94 6.34
CA SER G 513 -21.66 -110.00 4.96
C SER G 513 -22.98 -109.22 4.78
N ILE G 514 -23.89 -109.29 5.75
CA ILE G 514 -25.10 -108.45 5.77
C ILE G 514 -24.74 -106.97 5.87
N CYS G 515 -23.81 -106.57 6.74
CA CYS G 515 -23.34 -105.18 6.83
C CYS G 515 -22.66 -104.70 5.53
N LEU G 516 -21.88 -105.54 4.87
CA LEU G 516 -21.29 -105.26 3.57
C LEU G 516 -22.32 -105.05 2.47
N SER G 517 -23.55 -105.54 2.62
CA SER G 517 -24.63 -105.21 1.67
C SER G 517 -25.06 -103.74 1.78
N GLY G 518 -24.78 -103.06 2.90
CA GLY G 518 -25.11 -101.65 3.10
C GLY G 518 -24.19 -100.68 2.36
N PRO G 519 -24.64 -99.45 2.11
CA PRO G 519 -23.88 -98.45 1.38
C PRO G 519 -22.64 -97.95 2.12
N GLY G 520 -21.69 -97.43 1.37
CA GLY G 520 -20.42 -96.85 1.83
C GLY G 520 -19.35 -97.86 2.24
N THR G 521 -19.69 -99.14 2.40
CA THR G 521 -18.75 -100.17 2.85
C THR G 521 -17.68 -100.45 1.77
N PRO G 522 -16.39 -100.43 2.12
CA PRO G 522 -15.30 -100.48 1.14
C PRO G 522 -15.10 -101.86 0.49
N LYS G 523 -14.45 -101.85 -0.68
CA LYS G 523 -13.94 -103.04 -1.38
C LYS G 523 -12.45 -103.18 -1.08
N ILE G 524 -12.04 -104.27 -0.42
CA ILE G 524 -10.63 -104.53 -0.12
C ILE G 524 -10.26 -105.89 -0.70
N PRO G 525 -9.27 -105.99 -1.63
CA PRO G 525 -8.85 -107.28 -2.17
C PRO G 525 -8.41 -108.27 -1.09
N LYS G 526 -8.72 -109.56 -1.26
CA LYS G 526 -8.31 -110.59 -0.29
C LYS G 526 -6.78 -110.65 -0.17
N GLY G 527 -6.30 -110.72 1.07
CA GLY G 527 -4.88 -110.67 1.40
C GLY G 527 -4.29 -109.27 1.55
N ILE G 528 -5.07 -108.20 1.33
CA ILE G 528 -4.66 -106.81 1.59
C ILE G 528 -5.31 -106.33 2.88
N THR G 529 -4.53 -105.67 3.74
CA THR G 529 -5.03 -104.99 4.94
C THR G 529 -4.97 -103.50 4.70
N ALA G 530 -6.11 -102.83 4.78
CA ALA G 530 -6.19 -101.38 4.75
C ALA G 530 -5.92 -100.82 6.15
N GLU G 531 -5.29 -99.65 6.24
CA GLU G 531 -4.86 -99.04 7.50
C GLU G 531 -5.11 -97.54 7.45
N ALA G 532 -5.29 -96.90 8.60
CA ALA G 532 -5.30 -95.46 8.73
C ALA G 532 -4.56 -95.02 9.99
N LYS G 533 -3.95 -93.85 9.95
CA LYS G 533 -3.20 -93.28 11.08
C LYS G 533 -3.42 -91.79 11.23
N VAL G 534 -3.31 -91.31 12.45
CA VAL G 534 -3.26 -89.89 12.80
C VAL G 534 -1.93 -89.63 13.51
N LYS G 535 -1.33 -88.45 13.30
CA LYS G 535 -0.26 -87.95 14.15
C LYS G 535 -0.85 -86.95 15.12
N TYR G 536 -0.62 -87.15 16.41
CA TYR G 536 -1.14 -86.28 17.46
C TYR G 536 -0.02 -85.47 18.11
N SER G 537 -0.40 -84.34 18.68
CA SER G 537 0.44 -83.53 19.55
C SER G 537 -0.43 -82.95 20.66
N PHE G 538 -0.38 -83.53 21.85
CA PHE G 538 -1.07 -83.00 23.03
C PHE G 538 -0.19 -81.99 23.75
N ASN G 539 -0.72 -80.82 24.07
CA ASN G 539 0.04 -79.74 24.68
C ASN G 539 -0.24 -79.69 26.18
N PHE G 540 0.82 -79.84 26.97
CA PHE G 540 0.80 -79.77 28.42
C PHE G 540 1.84 -78.78 28.92
N LYS G 541 1.66 -78.31 30.15
CA LYS G 541 2.72 -77.74 30.96
C LYS G 541 2.83 -78.56 32.23
N TRP G 542 4.04 -78.74 32.73
CA TRP G 542 4.31 -79.35 34.03
C TRP G 542 4.73 -78.27 35.02
N GLY G 543 4.21 -78.30 36.24
CA GLY G 543 4.43 -77.26 37.24
C GLY G 543 4.95 -77.82 38.54
N GLY G 544 5.80 -77.07 39.22
CA GLY G 544 6.30 -77.47 40.54
C GLY G 544 7.30 -76.49 41.12
N ASP G 545 7.74 -76.79 42.35
CA ASP G 545 8.96 -76.21 42.91
C ASP G 545 10.20 -76.78 42.20
N LEU G 546 11.32 -76.06 42.26
CA LEU G 546 12.53 -76.40 41.52
C LEU G 546 13.07 -77.79 41.92
N PRO G 547 13.38 -78.68 40.96
CA PRO G 547 13.87 -80.02 41.24
C PRO G 547 15.39 -80.07 41.49
N PRO G 548 15.91 -81.18 42.06
CA PRO G 548 17.34 -81.45 42.15
C PRO G 548 17.96 -81.89 40.82
N MET G 549 19.30 -81.96 40.75
CA MET G 549 20.06 -82.31 39.54
C MET G 549 21.44 -82.91 39.89
N SER G 550 22.11 -83.61 38.96
CA SER G 550 23.44 -84.23 39.16
C SER G 550 24.38 -84.04 37.96
N THR G 551 25.68 -84.28 38.17
CA THR G 551 26.77 -83.91 37.24
C THR G 551 27.80 -85.03 37.06
N ILE G 552 28.61 -84.93 36.00
CA ILE G 552 29.56 -85.94 35.53
C ILE G 552 30.99 -85.40 35.60
N THR G 553 31.98 -86.25 35.92
CA THR G 553 33.41 -85.83 35.97
C THR G 553 33.87 -85.27 34.63
N ASN G 554 34.70 -84.24 34.62
CA ASN G 554 35.29 -83.71 33.38
C ASN G 554 36.29 -84.67 32.70
N PRO G 555 37.24 -85.31 33.41
CA PRO G 555 38.26 -86.13 32.77
C PRO G 555 37.69 -87.35 32.06
N THR G 556 36.75 -88.07 32.68
CA THR G 556 36.07 -89.23 32.05
C THR G 556 34.79 -88.74 31.40
N ASP G 557 34.88 -88.10 30.23
CA ASP G 557 33.68 -87.52 29.54
C ASP G 557 33.88 -87.65 28.03
N GLN G 558 32.88 -87.24 27.23
CA GLN G 558 32.97 -87.32 25.76
C GLN G 558 34.38 -86.87 25.32
N PRO G 559 35.24 -87.74 24.78
CA PRO G 559 36.60 -87.36 24.44
C PRO G 559 36.70 -86.70 23.07
N THR G 560 37.57 -85.69 22.94
CA THR G 560 37.77 -85.03 21.64
C THR G 560 38.38 -86.02 20.64
N TYR G 561 38.14 -85.84 19.34
CA TYR G 561 38.66 -86.74 18.29
C TYR G 561 40.19 -86.93 18.38
N VAL G 562 40.92 -85.91 18.87
CA VAL G 562 42.36 -85.95 19.12
C VAL G 562 42.73 -87.07 20.10
N LYS H 48 2.11 69.21 -26.83
CA LYS H 48 3.17 70.06 -26.25
C LYS H 48 4.25 70.41 -27.28
N ARG H 49 5.05 69.44 -27.71
CA ARG H 49 6.05 69.59 -28.80
C ARG H 49 6.04 68.37 -29.71
N LEU H 50 6.24 68.59 -31.00
CA LEU H 50 6.19 67.55 -32.04
C LEU H 50 7.50 67.50 -32.82
N ASN H 51 7.87 66.32 -33.30
CA ASN H 51 8.93 66.17 -34.28
C ASN H 51 8.51 66.85 -35.59
N ILE H 52 9.42 67.59 -36.22
CA ILE H 52 9.24 68.05 -37.59
C ILE H 52 9.41 66.87 -38.54
N VAL H 53 8.51 66.73 -39.49
CA VAL H 53 8.42 65.60 -40.43
C VAL H 53 8.40 66.15 -41.85
N GLU H 54 9.05 65.45 -42.77
CA GLU H 54 9.04 65.77 -44.20
C GLU H 54 8.47 64.59 -44.99
N TRP H 55 7.77 64.86 -46.09
CA TRP H 55 7.25 63.83 -46.98
C TRP H 55 8.25 63.56 -48.09
N GLN H 56 8.67 62.31 -48.18
CA GLN H 56 9.73 61.88 -49.13
C GLN H 56 9.29 62.11 -50.58
N PRO H 57 10.20 62.56 -51.45
CA PRO H 57 9.88 62.84 -52.85
C PRO H 57 9.60 61.56 -53.66
N LYS H 58 8.91 61.72 -54.79
CA LYS H 58 8.33 60.62 -55.56
C LYS H 58 9.36 59.63 -56.10
N SER H 59 10.50 60.10 -56.57
CA SER H 59 11.63 59.27 -57.00
C SER H 59 12.95 59.76 -56.40
N ILE H 60 13.79 58.82 -55.98
CA ILE H 60 15.04 59.06 -55.27
C ILE H 60 16.16 58.24 -55.90
N ARG H 61 17.36 58.84 -56.08
CA ARG H 61 18.54 58.14 -56.67
C ARG H 61 19.85 58.46 -55.93
N LYS H 62 20.40 57.49 -55.17
CA LYS H 62 21.68 57.66 -54.47
C LYS H 62 22.82 57.94 -55.46
N CYS H 63 23.71 58.87 -55.12
CA CYS H 63 24.89 59.19 -55.90
C CYS H 63 26.08 59.45 -54.98
N ARG H 64 27.15 58.66 -55.18
CA ARG H 64 28.44 58.87 -54.46
C ARG H 64 29.42 59.60 -55.39
N ILE H 65 29.66 60.89 -55.14
CA ILE H 65 30.64 61.66 -55.92
C ILE H 65 32.02 61.24 -55.44
N LYS H 66 32.71 60.40 -56.22
CA LYS H 66 33.99 59.77 -55.86
C LYS H 66 35.13 60.37 -56.65
N GLY H 67 36.24 60.68 -56.02
CA GLY H 67 37.39 61.26 -56.72
C GLY H 67 38.62 61.41 -55.85
N MET H 68 39.64 62.07 -56.39
CA MET H 68 40.95 62.26 -55.77
C MET H 68 41.26 63.75 -55.66
N LEU H 69 41.72 64.22 -54.50
CA LEU H 69 42.06 65.63 -54.25
C LEU H 69 43.52 65.75 -53.84
N CYS H 70 44.27 66.64 -54.49
CA CYS H 70 45.62 66.98 -54.08
C CYS H 70 45.61 67.91 -52.86
N LEU H 71 46.24 67.51 -51.76
CA LEU H 71 46.27 68.29 -50.52
C LEU H 71 47.37 69.37 -50.58
N PHE H 72 48.54 69.02 -51.07
CA PHE H 72 49.61 69.97 -51.39
C PHE H 72 50.52 69.33 -52.43
N GLN H 73 51.29 70.14 -53.14
CA GLN H 73 52.48 69.70 -53.83
C GLN H 73 53.53 70.78 -53.70
N THR H 74 54.68 70.44 -53.11
CA THR H 74 55.62 71.41 -52.55
C THR H 74 57.06 71.06 -52.84
N THR H 75 57.88 72.07 -53.05
CA THR H 75 59.35 72.04 -52.89
C THR H 75 59.71 72.65 -51.53
N GLU H 76 60.99 72.58 -51.13
CA GLU H 76 61.46 73.17 -49.87
C GLU H 76 61.28 74.71 -49.80
N ASP H 77 61.47 75.40 -50.91
CA ASP H 77 61.36 76.85 -51.03
C ASP H 77 59.92 77.38 -51.09
N ARG H 78 58.92 76.48 -51.03
CA ARG H 78 57.51 76.82 -50.97
C ARG H 78 56.77 76.27 -49.75
N LEU H 79 57.47 75.69 -48.78
CA LEU H 79 56.83 75.04 -47.62
C LEU H 79 55.95 75.94 -46.78
N SER H 80 56.33 77.22 -46.60
CA SER H 80 55.56 78.16 -45.78
C SER H 80 54.38 78.82 -46.49
N TYR H 81 54.07 78.45 -47.73
CA TYR H 81 53.01 79.06 -48.54
C TYR H 81 51.84 78.12 -48.79
N ASN H 82 50.65 78.70 -48.96
CA ASN H 82 49.41 77.99 -49.25
C ASN H 82 49.40 77.46 -50.70
N PHE H 83 49.18 76.16 -50.88
CA PHE H 83 48.97 75.54 -52.18
C PHE H 83 47.55 75.78 -52.69
N ASP H 84 47.44 76.52 -53.78
CA ASP H 84 46.24 76.55 -54.64
C ASP H 84 46.57 75.81 -55.94
N MET H 85 45.73 74.85 -56.32
CA MET H 85 45.90 74.09 -57.57
C MET H 85 45.55 74.92 -58.80
N TYR H 86 44.65 75.90 -58.63
CA TYR H 86 44.23 76.85 -59.64
C TYR H 86 44.82 78.22 -59.29
N GLU H 87 45.80 78.64 -60.06
CA GLU H 87 46.89 79.53 -59.64
C GLU H 87 46.67 81.03 -59.85
N GLU H 88 47.46 81.83 -59.12
CA GLU H 88 47.85 83.17 -59.58
C GLU H 88 48.91 82.92 -60.66
N SER H 89 48.63 83.28 -61.92
CA SER H 89 49.26 82.71 -63.14
C SER H 89 50.79 82.73 -63.22
N ILE H 90 51.46 83.55 -62.40
CA ILE H 90 52.92 83.57 -62.28
C ILE H 90 53.48 82.43 -61.42
N ILE H 91 52.74 81.95 -60.40
CA ILE H 91 53.24 80.97 -59.43
C ILE H 91 53.74 79.68 -60.11
N PRO H 92 53.00 78.99 -61.00
CA PRO H 92 53.50 77.75 -61.60
C PRO H 92 54.60 77.98 -62.65
N GLU H 93 54.89 79.21 -63.07
CA GLU H 93 55.99 79.46 -64.01
C GLU H 93 57.33 79.20 -63.33
N LYS H 94 57.99 78.10 -63.72
CA LYS H 94 59.26 77.63 -63.14
C LYS H 94 59.19 77.28 -61.64
N LEU H 95 58.01 76.94 -61.11
CA LEU H 95 57.87 76.20 -59.84
C LEU H 95 57.07 74.91 -60.01
N PRO H 96 57.62 73.73 -59.68
CA PRO H 96 56.91 72.46 -59.81
C PRO H 96 55.91 72.18 -58.67
N GLY H 97 56.00 72.90 -57.55
CA GLY H 97 55.02 72.83 -56.46
C GLY H 97 54.84 74.20 -55.79
N GLY H 98 53.59 74.61 -55.59
CA GLY H 98 53.25 75.97 -55.20
C GLY H 98 53.19 76.25 -53.70
N GLY H 99 53.06 75.23 -52.85
CA GLY H 99 52.87 75.45 -51.42
C GLY H 99 52.87 74.19 -50.58
N GLY H 100 53.30 74.27 -49.32
CA GLY H 100 53.46 73.14 -48.41
C GLY H 100 52.32 72.95 -47.42
N PHE H 101 51.31 73.82 -47.43
CA PHE H 101 50.08 73.63 -46.69
C PHE H 101 48.91 74.04 -47.56
N SER H 102 47.70 73.59 -47.28
CA SER H 102 46.51 74.16 -47.91
C SER H 102 45.34 74.21 -46.96
N ILE H 103 44.41 75.13 -47.25
CA ILE H 103 43.05 75.08 -46.75
C ILE H 103 42.13 74.85 -47.96
N LYS H 104 41.41 73.74 -47.97
CA LYS H 104 40.43 73.36 -49.00
C LYS H 104 39.03 73.56 -48.45
N ASN H 105 38.15 74.25 -49.16
CA ASN H 105 36.71 74.20 -48.92
C ASN H 105 36.05 73.41 -50.05
N ILE H 106 35.23 72.41 -49.71
CA ILE H 106 34.51 71.60 -50.67
C ILE H 106 33.02 71.93 -50.64
N SER H 107 32.44 72.18 -51.80
CA SER H 107 31.01 72.41 -52.01
C SER H 107 30.55 71.61 -53.22
N LEU H 108 29.25 71.35 -53.34
CA LEU H 108 28.69 70.62 -54.48
C LEU H 108 29.02 71.30 -55.83
N TYR H 109 29.13 72.62 -55.86
CA TYR H 109 29.61 73.32 -57.05
C TYR H 109 31.10 73.10 -57.31
N ALA H 110 31.95 73.09 -56.29
CA ALA H 110 33.35 72.72 -56.45
C ALA H 110 33.52 71.25 -56.89
N LEU H 111 32.69 70.34 -56.41
CA LEU H 111 32.65 68.96 -56.91
C LEU H 111 32.24 68.88 -58.39
N TYR H 112 31.27 69.67 -58.83
CA TYR H 112 30.95 69.81 -60.24
C TYR H 112 32.12 70.40 -61.05
N GLN H 113 32.82 71.40 -60.55
CA GLN H 113 34.01 71.94 -61.23
C GLN H 113 35.13 70.90 -61.33
N GLU H 114 35.35 70.07 -60.31
CA GLU H 114 36.30 68.95 -60.39
C GLU H 114 35.85 67.89 -61.39
N HIS H 115 34.56 67.76 -61.68
CA HIS H 115 34.04 66.84 -62.73
C HIS H 115 34.38 67.39 -64.12
N ILE H 116 34.42 68.72 -64.29
CA ILE H 116 34.84 69.34 -65.55
C ILE H 116 36.34 69.12 -65.81
N HIS H 117 37.16 69.05 -64.77
CA HIS H 117 38.57 68.63 -64.86
C HIS H 117 38.75 67.11 -64.96
N ALA H 118 37.68 66.32 -65.00
CA ALA H 118 37.68 64.87 -64.96
C ALA H 118 38.35 64.26 -63.71
N HIS H 119 38.39 65.00 -62.59
CA HIS H 119 39.01 64.55 -61.35
C HIS H 119 38.08 63.68 -60.49
N ASN H 120 36.79 63.60 -60.81
CA ASN H 120 35.83 62.75 -60.11
C ASN H 120 34.79 62.15 -61.05
N ILE H 121 34.07 61.15 -60.54
CA ILE H 121 32.89 60.57 -61.15
C ILE H 121 31.67 60.88 -60.28
N PHE H 122 30.51 61.06 -60.89
CA PHE H 122 29.22 61.02 -60.21
C PHE H 122 28.60 59.66 -60.49
N THR H 123 28.33 58.88 -59.44
CA THR H 123 27.78 57.51 -59.60
C THR H 123 26.38 57.49 -60.23
N HIS H 124 25.66 58.61 -60.10
CA HIS H 124 24.35 58.78 -60.77
C HIS H 124 24.26 60.25 -61.18
N THR H 125 23.79 60.55 -62.38
CA THR H 125 23.52 61.93 -62.82
C THR H 125 22.40 62.56 -62.03
N ASN H 126 22.37 63.90 -62.05
CA ASN H 126 21.40 64.73 -61.34
C ASN H 126 20.53 65.58 -62.30
N THR H 127 20.51 65.28 -63.60
CA THR H 127 20.02 66.22 -64.62
C THR H 127 18.54 66.59 -64.48
N ASP H 128 17.70 65.65 -64.03
CA ASP H 128 16.25 65.81 -63.99
C ASP H 128 15.64 65.58 -62.59
N ARG H 129 16.50 65.61 -61.55
CA ARG H 129 16.06 65.50 -60.14
C ARG H 129 16.67 66.73 -59.44
N PRO H 130 15.91 67.81 -59.16
CA PRO H 130 16.45 69.08 -58.69
C PRO H 130 16.72 69.15 -57.18
N LEU H 131 16.14 68.24 -56.39
CA LEU H 131 16.39 68.16 -54.95
C LEU H 131 17.66 67.37 -54.65
N ALA H 132 18.31 67.71 -53.55
CA ALA H 132 19.48 67.01 -53.01
C ALA H 132 19.32 66.78 -51.51
N ARG H 133 19.86 65.64 -51.05
CA ARG H 133 19.87 65.26 -49.61
C ARG H 133 21.28 64.76 -49.26
N TYR H 134 22.18 65.64 -48.82
CA TYR H 134 23.56 65.31 -48.45
C TYR H 134 23.62 64.51 -47.15
N THR H 135 24.36 63.41 -47.14
CA THR H 135 24.38 62.45 -46.02
C THR H 135 25.73 62.39 -45.30
N GLY H 136 26.76 63.03 -45.83
CA GLY H 136 28.11 63.02 -45.27
C GLY H 136 29.17 62.55 -46.25
N CYS H 137 30.40 62.46 -45.78
CA CYS H 137 31.57 62.18 -46.59
C CYS H 137 32.41 61.05 -46.00
N SER H 138 33.06 60.26 -46.85
CA SER H 138 34.19 59.40 -46.47
C SER H 138 35.47 59.94 -47.09
N LEU H 139 36.52 60.08 -46.30
CA LEU H 139 37.86 60.41 -46.79
C LEU H 139 38.81 59.24 -46.54
N LYS H 140 39.66 58.91 -47.52
CA LYS H 140 40.83 58.04 -47.36
C LYS H 140 42.08 58.86 -47.62
N PHE H 141 42.88 59.09 -46.59
CA PHE H 141 44.14 59.82 -46.67
C PHE H 141 45.26 58.83 -46.92
N TYR H 142 46.02 58.99 -47.99
CA TYR H 142 47.09 58.06 -48.34
C TYR H 142 48.43 58.48 -47.77
N GLN H 143 49.22 57.52 -47.29
CA GLN H 143 50.63 57.76 -47.01
C GLN H 143 51.36 58.19 -48.28
N SER H 144 52.01 59.33 -48.27
CA SER H 144 52.95 59.69 -49.32
C SER H 144 54.21 58.83 -49.23
N LYS H 145 54.97 58.75 -50.32
CA LYS H 145 56.24 58.02 -50.33
C LYS H 145 57.28 58.70 -49.43
N ASP H 146 57.50 60.00 -49.62
CA ASP H 146 58.66 60.73 -49.08
C ASP H 146 58.37 61.71 -47.95
N ILE H 147 57.10 62.12 -47.75
CA ILE H 147 56.77 63.20 -46.77
C ILE H 147 55.62 62.80 -45.84
N ASP H 148 55.70 63.20 -44.57
CA ASP H 148 54.61 62.95 -43.59
C ASP H 148 53.67 64.15 -43.73
N TYR H 149 52.50 64.15 -43.09
CA TYR H 149 51.64 65.36 -43.14
C TYR H 149 50.52 65.30 -42.12
N VAL H 150 50.19 66.43 -41.51
CA VAL H 150 49.10 66.56 -40.54
C VAL H 150 47.87 67.04 -41.29
N VAL H 151 46.72 66.46 -41.00
CA VAL H 151 45.41 66.95 -41.46
C VAL H 151 44.57 67.32 -40.26
N THR H 152 43.77 68.37 -40.37
CA THR H 152 42.59 68.53 -39.55
C THR H 152 41.46 69.10 -40.38
N TYR H 153 40.22 68.78 -40.07
CA TYR H 153 39.06 69.17 -40.86
C TYR H 153 37.98 69.75 -39.97
N SER H 154 37.09 70.53 -40.56
CA SER H 154 35.98 71.16 -39.87
C SER H 154 34.74 71.14 -40.73
N THR H 155 33.55 71.24 -40.12
CA THR H 155 32.27 71.33 -40.88
C THR H 155 31.37 72.39 -40.26
N SER H 156 31.94 73.35 -39.51
CA SER H 156 31.13 74.49 -39.03
C SER H 156 30.62 75.22 -40.27
N LEU H 157 29.31 75.17 -40.55
CA LEU H 157 28.77 75.76 -41.81
C LEU H 157 29.35 77.18 -41.99
N PRO H 158 29.40 78.05 -40.97
CA PRO H 158 30.03 79.36 -41.13
C PRO H 158 31.47 79.17 -41.60
N LEU H 159 31.79 79.67 -42.80
CA LEU H 159 33.15 79.54 -43.38
C LEU H 159 33.86 80.90 -43.33
N ARG H 160 35.06 80.96 -42.75
CA ARG H 160 35.85 82.22 -42.68
C ARG H 160 37.33 81.87 -42.46
N SER H 161 38.23 82.83 -42.75
CA SER H 161 39.69 82.63 -42.55
C SER H 161 40.13 83.52 -41.37
N SER H 162 41.22 83.15 -40.70
CA SER H 162 41.73 83.94 -39.54
C SER H 162 43.26 83.96 -39.54
N MET H 163 43.87 84.98 -38.96
CA MET H 163 45.32 85.09 -38.83
C MET H 163 45.90 83.96 -37.94
N GLY H 164 45.19 83.63 -36.86
CA GLY H 164 45.53 82.51 -35.99
C GLY H 164 45.41 81.15 -36.67
N MET H 165 44.42 80.96 -37.55
CA MET H 165 44.34 79.76 -38.38
C MET H 165 45.59 79.60 -39.26
N TYR H 166 45.98 80.62 -40.01
CA TYR H 166 47.14 80.53 -40.91
C TYR H 166 48.45 80.33 -40.14
N ASN H 167 48.66 80.98 -39.00
CA ASN H 167 49.82 80.69 -38.15
C ASN H 167 49.77 79.26 -37.62
N SER H 168 48.60 78.79 -37.17
CA SER H 168 48.46 77.44 -36.63
C SER H 168 48.66 76.33 -37.67
N MET H 169 48.71 76.66 -38.97
CA MET H 169 49.15 75.72 -40.01
C MET H 169 50.63 75.35 -39.92
N GLN H 170 51.44 76.07 -39.13
CA GLN H 170 52.84 75.74 -38.95
C GLN H 170 52.95 74.28 -38.46
N PRO H 171 53.81 73.43 -39.04
CA PRO H 171 53.73 71.99 -38.82
C PRO H 171 53.79 71.54 -37.37
N SER H 172 54.63 72.15 -36.54
CA SER H 172 54.72 71.86 -35.12
C SER H 172 53.44 72.26 -34.36
N ILE H 173 52.86 73.42 -34.68
CA ILE H 173 51.65 73.90 -34.05
C ILE H 173 50.43 73.08 -34.47
N HIS H 174 50.30 72.78 -35.75
CA HIS H 174 49.24 71.92 -36.26
C HIS H 174 49.34 70.52 -35.65
N LEU H 175 50.53 69.94 -35.56
CA LEU H 175 50.76 68.66 -34.90
C LEU H 175 50.39 68.67 -33.40
N MET H 176 50.39 69.80 -32.70
CA MET H 176 49.92 69.86 -31.32
C MET H 176 48.40 69.93 -31.17
N GLN H 177 47.65 70.34 -32.20
CA GLN H 177 46.20 70.54 -32.09
C GLN H 177 45.42 69.26 -31.79
N GLN H 178 44.27 69.40 -31.14
CA GLN H 178 43.34 68.31 -30.92
C GLN H 178 42.58 67.95 -32.20
N ASN H 179 42.18 66.69 -32.33
CA ASN H 179 41.51 66.15 -33.52
C ASN H 179 42.31 66.36 -34.83
N LYS H 180 43.63 66.37 -34.71
CA LYS H 180 44.55 66.17 -35.81
C LYS H 180 44.48 64.72 -36.30
N LEU H 181 44.93 64.50 -37.53
CA LEU H 181 45.30 63.21 -38.07
C LEU H 181 46.72 63.32 -38.59
N ILE H 182 47.64 62.48 -38.13
CA ILE H 182 49.01 62.42 -38.65
C ILE H 182 49.07 61.25 -39.62
N VAL H 183 49.58 61.51 -40.82
CA VAL H 183 49.83 60.48 -41.82
C VAL H 183 51.34 60.36 -42.02
N PRO H 184 52.00 59.35 -41.44
CA PRO H 184 53.41 59.09 -41.69
C PRO H 184 53.61 58.72 -43.15
N SER H 185 54.74 59.07 -43.73
CA SER H 185 55.15 58.55 -45.02
C SER H 185 55.36 57.03 -44.96
N LYS H 186 55.38 56.38 -46.11
CA LYS H 186 55.71 54.95 -46.21
C LYS H 186 57.11 54.65 -45.70
N GLN H 187 58.03 55.61 -45.83
CA GLN H 187 59.37 55.53 -45.26
C GLN H 187 59.38 55.59 -43.73
N THR H 188 58.64 56.50 -43.10
CA THR H 188 58.65 56.62 -41.63
C THR H 188 57.81 55.54 -40.92
N GLN H 189 56.78 54.99 -41.55
CA GLN H 189 56.05 53.84 -41.01
C GLN H 189 55.39 53.00 -42.10
N LYS H 190 55.78 51.72 -42.22
CA LYS H 190 55.04 50.71 -42.98
C LYS H 190 53.80 50.28 -42.20
N ARG H 191 52.66 50.19 -42.86
CA ARG H 191 51.34 49.93 -42.25
C ARG H 191 50.63 48.78 -42.96
N ARG H 192 49.68 48.13 -42.26
CA ARG H 192 48.80 47.10 -42.85
C ARG H 192 47.95 47.69 -43.98
N LYS H 193 47.22 48.77 -43.68
CA LYS H 193 46.47 49.54 -44.67
C LYS H 193 47.28 50.77 -45.05
N PRO H 194 47.48 51.07 -46.35
CA PRO H 194 48.33 52.18 -46.80
C PRO H 194 47.65 53.56 -46.71
N TYR H 195 46.52 53.65 -46.03
CA TYR H 195 45.68 54.84 -45.91
C TYR H 195 45.03 54.89 -44.54
N ILE H 196 44.59 56.08 -44.12
CA ILE H 196 43.74 56.25 -42.94
C ILE H 196 42.36 56.74 -43.41
N LYS H 197 41.31 56.05 -43.00
CA LYS H 197 39.92 56.27 -43.44
C LYS H 197 39.08 56.83 -42.32
N LYS H 198 38.33 57.90 -42.57
CA LYS H 198 37.31 58.37 -41.63
C LYS H 198 36.12 59.04 -42.27
N HIS H 199 34.98 58.90 -41.60
CA HIS H 199 33.68 59.39 -42.02
C HIS H 199 33.40 60.72 -41.35
N ILE H 200 32.91 61.69 -42.13
CA ILE H 200 32.64 63.05 -41.69
C ILE H 200 31.16 63.36 -41.90
N SER H 201 30.48 63.77 -40.84
CA SER H 201 29.06 64.08 -40.85
C SER H 201 28.78 65.43 -41.55
N PRO H 202 27.57 65.73 -42.06
CA PRO H 202 27.27 67.03 -42.61
C PRO H 202 27.49 68.18 -41.62
N PRO H 203 27.67 69.43 -42.10
CA PRO H 203 27.60 70.61 -41.25
C PRO H 203 26.36 70.60 -40.37
N THR H 204 26.43 71.08 -39.13
CA THR H 204 25.27 71.06 -38.22
C THR H 204 24.08 71.87 -38.77
N GLN H 205 24.37 72.86 -39.63
CA GLN H 205 23.34 73.72 -40.29
C GLN H 205 22.69 72.98 -41.47
N MET H 206 23.38 72.00 -42.07
CA MET H 206 22.80 71.13 -43.09
C MET H 206 22.03 70.00 -42.42
N LYS H 207 20.72 70.13 -42.31
CA LYS H 207 19.85 69.11 -41.68
C LYS H 207 19.60 67.96 -42.64
N SER H 208 19.00 66.87 -42.19
CA SER H 208 18.74 65.70 -43.05
C SER H 208 17.65 65.94 -44.12
N GLN H 209 16.96 67.07 -44.08
CA GLN H 209 15.94 67.44 -45.06
C GLN H 209 16.46 67.50 -46.50
N TRP H 210 15.53 67.46 -47.47
CA TRP H 210 15.82 67.79 -48.86
C TRP H 210 16.03 69.28 -49.06
N TYR H 211 16.93 69.65 -49.96
CA TYR H 211 17.19 71.03 -50.37
C TYR H 211 17.27 71.11 -51.89
N PHE H 212 16.79 72.19 -52.51
CA PHE H 212 17.10 72.41 -53.92
C PHE H 212 18.60 72.49 -54.15
N GLN H 213 19.10 71.82 -55.19
CA GLN H 213 20.54 71.81 -55.51
C GLN H 213 21.04 73.24 -55.81
N HIS H 214 20.19 74.14 -56.31
CA HIS H 214 20.55 75.56 -56.58
C HIS H 214 20.88 76.27 -55.27
N ASN H 215 20.18 75.95 -54.18
CA ASN H 215 20.38 76.60 -52.89
C ASN H 215 21.68 76.12 -52.22
N ILE H 216 21.89 74.81 -52.15
CA ILE H 216 23.06 74.22 -51.47
C ILE H 216 24.32 74.18 -52.33
N ALA H 217 24.28 74.50 -53.62
CA ALA H 217 25.41 74.38 -54.53
C ALA H 217 26.71 75.00 -53.98
N ASN H 218 26.64 76.22 -53.44
CA ASN H 218 27.80 76.97 -52.98
C ASN H 218 28.08 76.86 -51.47
N ILE H 219 27.22 76.21 -50.69
CA ILE H 219 27.40 76.02 -49.24
C ILE H 219 28.63 75.12 -49.01
N PRO H 220 29.68 75.56 -48.29
CA PRO H 220 30.86 74.73 -48.08
C PRO H 220 30.57 73.63 -47.06
N LEU H 221 30.55 72.37 -47.50
CA LEU H 221 30.12 71.21 -46.65
C LEU H 221 31.31 70.55 -45.93
N LEU H 222 32.54 70.92 -46.28
CA LEU H 222 33.74 70.42 -45.62
C LEU H 222 34.89 71.43 -45.78
N MET H 223 35.66 71.65 -44.72
CA MET H 223 37.00 72.26 -44.81
C MET H 223 38.07 71.24 -44.45
N ILE H 224 39.09 71.08 -45.28
CA ILE H 224 40.29 70.28 -44.97
C ILE H 224 41.48 71.22 -44.84
N ARG H 225 42.21 71.14 -43.74
CA ARG H 225 43.48 71.84 -43.52
C ARG H 225 44.61 70.83 -43.48
N THR H 226 45.64 71.00 -44.31
CA THR H 226 46.78 70.06 -44.38
C THR H 226 48.09 70.82 -44.35
N THR H 227 49.09 70.31 -43.66
CA THR H 227 50.46 70.86 -43.67
C THR H 227 51.49 69.73 -43.80
N ALA H 228 52.53 69.96 -44.59
CA ALA H 228 53.65 69.06 -44.78
C ALA H 228 54.62 69.08 -43.59
N LEU H 229 55.17 67.92 -43.24
CA LEU H 229 55.78 67.66 -41.94
C LEU H 229 56.98 66.73 -42.09
N THR H 230 57.92 66.75 -41.15
CA THR H 230 58.75 65.55 -40.91
C THR H 230 58.77 65.21 -39.43
N LEU H 231 58.55 63.93 -39.13
CA LEU H 231 58.63 63.39 -37.78
C LEU H 231 60.07 63.03 -37.38
N ASP H 232 60.85 62.45 -38.30
CA ASP H 232 62.23 62.00 -38.03
C ASP H 232 63.29 63.11 -38.07
N ASN H 233 62.99 64.25 -38.69
CA ASN H 233 63.87 65.41 -38.79
C ASN H 233 63.23 66.63 -38.12
N TYR H 234 62.40 66.42 -37.12
CA TYR H 234 61.54 67.45 -36.53
C TYR H 234 62.30 68.71 -36.08
N TYR H 235 63.45 68.56 -35.42
CA TYR H 235 64.24 69.70 -34.94
C TYR H 235 65.25 70.19 -35.98
N ILE H 236 66.04 69.29 -36.56
CA ILE H 236 67.09 69.65 -37.52
C ILE H 236 66.48 70.19 -38.82
N GLY H 237 65.40 69.58 -39.30
CA GLY H 237 64.71 69.96 -40.52
C GLY H 237 65.64 69.88 -41.71
N SER H 238 65.91 71.02 -42.35
CA SER H 238 66.91 71.16 -43.42
C SER H 238 68.09 72.06 -43.05
N ARG H 239 68.36 72.26 -41.76
CA ARG H 239 69.53 72.98 -41.23
C ARG H 239 70.83 72.44 -41.83
N GLN H 240 71.74 73.36 -42.18
CA GLN H 240 73.10 73.07 -42.61
C GLN H 240 74.08 73.88 -41.74
N LEU H 241 75.20 73.28 -41.33
CA LEU H 241 76.19 73.91 -40.45
C LEU H 241 75.55 74.41 -39.14
N SER H 242 75.69 75.69 -38.80
CA SER H 242 75.19 76.31 -37.56
C SER H 242 73.66 76.27 -37.45
N THR H 243 73.13 76.35 -36.23
CA THR H 243 71.69 76.56 -35.99
C THR H 243 71.21 77.93 -36.47
N ASN H 244 72.11 78.93 -36.48
CA ASN H 244 71.82 80.29 -36.95
C ASN H 244 71.54 80.31 -38.46
N VAL H 245 70.50 81.02 -38.87
CA VAL H 245 70.21 81.36 -40.27
C VAL H 245 70.59 82.82 -40.52
N THR H 246 71.13 83.12 -41.70
CA THR H 246 71.48 84.49 -42.10
C THR H 246 70.33 85.13 -42.87
N ILE H 247 69.88 86.30 -42.42
CA ILE H 247 68.85 87.10 -43.07
C ILE H 247 69.53 88.33 -43.69
N HIS H 248 69.25 88.63 -44.95
CA HIS H 248 69.73 89.89 -45.56
C HIS H 248 68.63 90.92 -45.31
N THR H 249 68.94 92.20 -45.14
CA THR H 249 67.94 93.27 -44.99
C THR H 249 68.41 94.58 -45.60
N LEU H 250 67.46 95.47 -45.89
CA LEU H 250 67.82 96.85 -46.35
C LEU H 250 68.21 97.63 -45.09
N ASN H 251 69.39 98.24 -45.06
CA ASN H 251 69.76 99.12 -43.91
C ASN H 251 68.57 100.04 -43.68
N THR H 252 68.00 100.05 -42.47
CA THR H 252 66.82 100.88 -42.13
C THR H 252 67.32 102.29 -41.84
N THR H 253 68.52 102.44 -41.31
CA THR H 253 69.06 103.73 -40.85
C THR H 253 69.51 104.65 -42.01
N TYR H 254 69.40 104.20 -43.27
CA TYR H 254 69.78 105.00 -44.45
C TYR H 254 68.79 104.88 -45.61
N ILE H 255 68.25 103.69 -45.88
CA ILE H 255 67.28 103.44 -46.96
C ILE H 255 65.85 103.56 -46.39
N GLN H 256 65.17 104.69 -46.54
CA GLN H 256 63.83 104.84 -45.92
C GLN H 256 62.82 105.53 -46.83
N ASN H 257 63.24 106.15 -47.93
CA ASN H 257 62.30 106.98 -48.68
C ASN H 257 61.21 106.22 -49.44
N ARG H 258 61.44 104.94 -49.76
CA ARG H 258 60.43 104.07 -50.44
C ARG H 258 59.89 104.72 -51.74
N ASP H 259 60.69 105.53 -52.43
CA ASP H 259 60.29 106.15 -53.71
C ASP H 259 60.76 105.32 -54.92
N TRP H 260 60.34 104.06 -55.00
CA TRP H 260 60.91 103.08 -55.92
C TRP H 260 60.18 102.92 -57.26
N GLY H 261 60.92 102.43 -58.26
CA GLY H 261 60.34 101.91 -59.51
C GLY H 261 59.98 102.96 -60.56
N ASP H 262 60.73 104.07 -60.63
CA ASP H 262 60.67 105.05 -61.74
C ASP H 262 62.06 105.33 -62.32
N ARG H 263 62.16 105.50 -63.64
CA ARG H 263 63.42 106.00 -64.27
C ARG H 263 63.22 107.52 -64.44
N ASN H 264 62.05 108.04 -64.04
CA ASN H 264 61.67 109.45 -64.16
C ASN H 264 61.98 110.28 -62.90
N LYS H 265 62.75 109.74 -61.95
CA LYS H 265 63.02 110.33 -60.63
C LYS H 265 64.44 110.02 -60.18
N THR H 266 65.24 111.04 -59.86
CA THR H 266 66.56 110.83 -59.21
C THR H 266 66.35 110.29 -57.80
N TYR H 267 66.92 109.13 -57.47
CA TYR H 267 66.68 108.49 -56.18
C TYR H 267 67.49 109.13 -55.05
N TYR H 268 66.85 109.31 -53.91
CA TYR H 268 67.42 109.81 -52.67
C TYR H 268 67.00 108.86 -51.56
N CYS H 269 67.92 108.46 -50.68
CA CYS H 269 67.70 107.32 -49.78
C CYS H 269 66.97 107.69 -48.49
N GLN H 270 67.22 108.88 -47.93
CA GLN H 270 66.52 109.37 -46.74
C GLN H 270 66.34 110.90 -46.77
N THR H 271 65.36 111.39 -46.00
CA THR H 271 65.23 112.79 -45.61
C THR H 271 65.47 112.92 -44.11
N LEU H 272 66.24 113.93 -43.70
CA LEU H 272 66.36 114.33 -42.28
C LEU H 272 66.20 115.84 -42.17
N GLY H 273 65.36 116.32 -41.25
CA GLY H 273 64.95 117.71 -41.23
C GLY H 273 64.33 118.14 -42.56
N THR H 274 64.95 119.12 -43.22
CA THR H 274 64.62 119.54 -44.61
C THR H 274 65.48 118.87 -45.69
N GLN H 275 66.57 118.19 -45.31
CA GLN H 275 67.56 117.67 -46.25
C GLN H 275 67.08 116.44 -47.03
N ARG H 276 67.76 116.14 -48.14
CA ARG H 276 67.73 114.85 -48.85
C ARG H 276 69.15 114.29 -48.89
N TYR H 277 69.28 112.97 -48.81
CA TYR H 277 70.56 112.28 -48.85
C TYR H 277 70.62 111.32 -50.04
N PHE H 278 71.81 111.19 -50.60
CA PHE H 278 72.05 110.60 -51.92
C PHE H 278 73.22 109.62 -51.84
N LEU H 279 73.18 108.63 -52.73
CA LEU H 279 74.15 107.55 -52.82
C LEU H 279 74.91 107.65 -54.14
N TYR H 280 76.20 107.31 -54.12
CA TYR H 280 77.05 107.27 -55.32
C TYR H 280 77.93 106.02 -55.30
N GLY H 281 78.04 105.33 -56.41
CA GLY H 281 78.98 104.20 -56.56
C GLY H 281 80.32 104.68 -57.06
N THR H 282 81.40 103.96 -56.78
CA THR H 282 82.68 104.20 -57.45
C THR H 282 83.46 102.89 -57.63
N HIS H 283 84.31 102.85 -58.66
CA HIS H 283 85.24 101.70 -58.86
C HIS H 283 86.62 102.14 -58.37
N SER H 284 86.72 103.35 -57.79
CA SER H 284 88.01 103.89 -57.34
C SER H 284 88.68 103.01 -56.28
N THR H 285 89.99 102.86 -56.41
CA THR H 285 90.86 102.22 -55.42
C THR H 285 91.28 103.17 -54.29
N ALA H 286 90.84 104.44 -54.31
CA ALA H 286 91.20 105.43 -53.31
C ALA H 286 90.79 104.98 -51.90
N GLN H 287 91.74 105.03 -50.96
CA GLN H 287 91.53 104.60 -49.58
C GLN H 287 90.81 105.66 -48.72
N ASN H 288 90.94 106.95 -49.07
CA ASN H 288 90.44 108.05 -48.25
C ASN H 288 89.21 108.70 -48.92
N ILE H 289 88.09 108.74 -48.18
CA ILE H 289 86.82 109.30 -48.65
C ILE H 289 86.93 110.79 -49.04
N ASN H 290 87.89 111.52 -48.48
CA ASN H 290 88.08 112.94 -48.77
C ASN H 290 88.63 113.19 -50.19
N ASP H 291 89.59 112.38 -50.66
CA ASP H 291 90.34 112.66 -51.94
C ASP H 291 89.72 112.10 -53.22
N ILE H 292 88.67 111.29 -53.13
CA ILE H 292 87.94 110.83 -54.32
C ILE H 292 87.50 112.06 -55.15
N LYS H 293 87.59 111.98 -56.48
CA LYS H 293 87.22 113.09 -57.37
C LYS H 293 85.69 113.30 -57.39
N LEU H 294 85.24 114.36 -58.08
CA LEU H 294 83.78 114.54 -58.31
C LEU H 294 83.44 113.63 -59.50
N GLN H 295 84.44 113.24 -60.30
CA GLN H 295 84.25 112.37 -61.49
C GLN H 295 84.07 110.90 -61.11
N GLU H 296 84.84 110.40 -60.15
CA GLU H 296 84.81 108.96 -59.77
C GLU H 296 83.37 108.52 -59.46
N LEU H 297 82.60 109.34 -58.76
CA LEU H 297 81.23 108.96 -58.32
C LEU H 297 80.32 108.60 -59.50
N ILE H 298 79.54 107.53 -59.39
CA ILE H 298 78.54 107.12 -60.42
C ILE H 298 77.18 107.40 -59.77
N PRO H 299 76.53 108.55 -60.04
CA PRO H 299 75.33 108.95 -59.33
C PRO H 299 74.19 108.03 -59.69
N LEU H 300 73.22 107.85 -58.80
CA LEU H 300 72.07 106.94 -59.04
C LEU H 300 70.82 107.76 -59.37
N THR H 301 70.35 107.71 -60.63
CA THR H 301 69.17 108.48 -61.08
C THR H 301 68.05 107.52 -61.44
N ASN H 302 68.26 106.21 -61.25
CA ASN H 302 67.23 105.20 -61.50
C ASN H 302 67.23 104.20 -60.33
N THR H 303 66.04 103.74 -59.90
CA THR H 303 65.95 102.50 -59.09
C THR H 303 65.28 101.34 -59.83
N GLN H 304 64.49 101.65 -60.87
CA GLN H 304 63.65 100.67 -61.60
C GLN H 304 64.41 99.63 -62.43
N ASP H 305 65.70 99.79 -62.67
CA ASP H 305 66.43 98.85 -63.56
C ASP H 305 67.54 98.07 -62.85
N TYR H 306 67.95 96.95 -63.46
CA TYR H 306 69.11 96.17 -62.97
C TYR H 306 70.47 96.83 -63.31
N VAL H 307 70.47 97.89 -64.11
CA VAL H 307 71.69 98.47 -64.70
C VAL H 307 72.69 98.93 -63.63
N GLN H 308 73.98 98.60 -63.86
CA GLN H 308 75.10 98.98 -62.97
C GLN H 308 75.49 100.46 -63.11
N GLY H 309 75.24 101.05 -64.28
CA GLY H 309 75.84 102.30 -64.68
C GLY H 309 77.29 102.09 -65.14
N PHE H 310 78.02 103.18 -65.33
CA PHE H 310 79.45 103.16 -65.67
C PHE H 310 80.13 104.46 -65.24
N ASP H 311 81.46 104.42 -65.15
CA ASP H 311 82.29 105.55 -64.73
C ASP H 311 82.48 106.60 -65.84
N TRP H 312 82.77 107.85 -65.46
CA TRP H 312 83.04 108.97 -66.37
C TRP H 312 84.23 108.70 -67.31
N THR H 313 85.15 107.82 -66.93
CA THR H 313 86.22 107.35 -67.83
C THR H 313 85.72 106.65 -69.09
N GLU H 314 84.45 106.22 -69.13
CA GLU H 314 83.80 105.65 -70.33
C GLU H 314 82.97 106.68 -71.12
N LYS H 315 83.14 107.99 -70.85
CA LYS H 315 82.52 109.09 -71.60
C LYS H 315 82.60 108.88 -73.13
N ASP H 316 83.79 108.54 -73.63
CA ASP H 316 84.03 108.33 -75.05
C ASP H 316 83.48 107.00 -75.61
N LYS H 317 83.09 106.03 -74.76
CA LYS H 317 82.45 104.79 -75.22
C LYS H 317 80.95 104.96 -75.49
N HIS H 318 80.31 105.94 -74.81
CA HIS H 318 78.85 106.24 -74.95
C HIS H 318 78.66 107.65 -75.51
N ASN H 319 79.63 108.20 -76.24
CA ASN H 319 79.56 109.49 -76.93
C ASN H 319 78.99 110.62 -76.03
N ILE H 320 79.30 110.56 -74.73
CA ILE H 320 78.79 111.51 -73.73
C ILE H 320 79.46 112.87 -73.93
N THR H 321 78.64 113.93 -73.97
CA THR H 321 79.11 115.31 -74.12
C THR H 321 79.08 116.10 -72.81
N THR H 322 78.23 115.73 -71.86
CA THR H 322 78.00 116.47 -70.61
C THR H 322 77.71 115.55 -69.44
N TYR H 323 77.85 116.05 -68.21
CA TYR H 323 77.42 115.33 -67.01
C TYR H 323 75.91 115.00 -67.05
N LYS H 324 75.08 115.80 -67.73
CA LYS H 324 73.67 115.47 -67.99
C LYS H 324 73.51 114.16 -68.78
N GLU H 325 74.32 113.93 -69.80
CA GLU H 325 74.35 112.64 -70.53
C GLU H 325 75.04 111.52 -69.72
N PHE H 326 76.00 111.85 -68.86
CA PHE H 326 76.53 110.87 -67.90
C PHE H 326 75.48 110.40 -66.89
N LEU H 327 74.67 111.32 -66.34
CA LEU H 327 73.52 111.01 -65.47
C LEU H 327 72.50 110.09 -66.17
N THR H 328 72.16 110.35 -67.42
CA THR H 328 71.11 109.57 -68.10
C THR H 328 71.63 108.24 -68.63
N LYS H 329 72.83 108.19 -69.24
CA LYS H 329 73.38 106.94 -69.78
C LYS H 329 74.07 106.08 -68.72
N GLY H 330 74.80 106.69 -67.79
CA GLY H 330 75.80 106.03 -66.94
C GLY H 330 75.44 105.87 -65.46
N ALA H 331 74.29 106.39 -64.99
CA ALA H 331 73.89 106.20 -63.61
C ALA H 331 73.59 104.73 -63.26
N GLY H 332 73.91 104.34 -62.03
CA GLY H 332 73.78 102.96 -61.53
C GLY H 332 72.59 102.75 -60.62
N ASN H 333 71.91 101.60 -60.68
CA ASN H 333 70.84 101.32 -59.73
C ASN H 333 71.45 100.78 -58.43
N PRO H 334 71.07 101.29 -57.24
CA PRO H 334 71.74 100.95 -55.98
C PRO H 334 71.61 99.47 -55.62
N PHE H 335 70.61 98.79 -56.16
CA PHE H 335 70.31 97.38 -55.97
C PHE H 335 70.97 96.45 -57.01
N HIS H 336 71.85 96.95 -57.88
CA HIS H 336 72.67 96.09 -58.73
C HIS H 336 73.58 95.20 -57.87
N ALA H 337 73.96 94.02 -58.37
CA ALA H 337 74.64 92.98 -57.58
C ALA H 337 75.97 93.41 -56.92
N GLU H 338 76.65 94.44 -57.41
CA GLU H 338 77.83 95.00 -56.74
C GLU H 338 77.50 96.17 -55.79
N TRP H 339 76.51 97.01 -56.09
CA TRP H 339 76.14 98.13 -55.23
C TRP H 339 75.25 97.71 -54.04
N ILE H 340 74.44 96.66 -54.18
CA ILE H 340 73.50 96.16 -53.15
C ILE H 340 74.18 95.82 -51.82
N THR H 341 75.37 95.24 -51.88
CA THR H 341 76.24 94.91 -50.72
C THR H 341 77.56 95.69 -50.74
N ALA H 342 77.67 96.72 -51.59
CA ALA H 342 78.87 97.52 -51.78
C ALA H 342 80.16 96.69 -51.99
N GLN H 343 80.08 95.65 -52.84
CA GLN H 343 81.24 94.86 -53.25
C GLN H 343 82.33 95.77 -53.83
N ASN H 344 81.92 96.75 -54.65
CA ASN H 344 82.70 97.93 -54.99
C ASN H 344 82.14 99.10 -54.17
N PRO H 345 82.98 99.99 -53.60
CA PRO H 345 82.54 100.98 -52.62
C PRO H 345 81.37 101.85 -53.09
N VAL H 346 80.50 102.17 -52.13
CA VAL H 346 79.30 103.01 -52.29
C VAL H 346 79.35 104.11 -51.24
N ILE H 347 79.09 105.33 -51.65
CA ILE H 347 79.28 106.54 -50.87
C ILE H 347 77.93 107.21 -50.61
N HIS H 348 77.60 107.47 -49.35
CA HIS H 348 76.38 108.16 -48.90
C HIS H 348 76.70 109.61 -48.54
N THR H 349 75.91 110.58 -48.98
CA THR H 349 76.18 112.00 -48.75
C THR H 349 74.90 112.85 -48.74
N ALA H 350 74.94 114.00 -48.07
CA ALA H 350 73.91 115.03 -48.22
C ALA H 350 74.02 115.80 -49.55
N ASN H 351 75.17 115.76 -50.24
CA ASN H 351 75.39 116.56 -51.43
C ASN H 351 74.60 116.03 -52.63
N SER H 352 73.57 116.79 -53.03
CA SER H 352 72.71 116.40 -54.15
C SER H 352 73.49 116.37 -55.48
N PRO H 353 73.18 115.42 -56.38
CA PRO H 353 73.75 115.39 -57.72
C PRO H 353 73.60 116.72 -58.45
N THR H 354 72.54 117.49 -58.22
CA THR H 354 72.36 118.81 -58.85
C THR H 354 73.37 119.85 -58.36
N GLN H 355 73.87 119.76 -57.13
CA GLN H 355 75.01 120.59 -56.75
C GLN H 355 76.27 120.14 -57.51
N ILE H 356 76.48 118.84 -57.69
CA ILE H 356 77.55 118.31 -58.56
C ILE H 356 77.33 118.74 -60.02
N GLU H 357 76.09 118.78 -60.53
CA GLU H 357 75.75 119.31 -61.86
C GLU H 357 76.21 120.75 -61.97
N GLN H 358 75.89 121.60 -60.99
CA GLN H 358 76.32 122.98 -60.97
C GLN H 358 77.85 123.09 -61.00
N ILE H 359 78.58 122.26 -60.24
CA ILE H 359 80.05 122.26 -60.28
C ILE H 359 80.59 121.82 -61.66
N TYR H 360 80.06 120.74 -62.25
CA TYR H 360 80.44 120.31 -63.60
C TYR H 360 80.11 121.37 -64.66
N THR H 361 78.85 121.79 -64.72
CA THR H 361 78.34 122.67 -65.77
C THR H 361 78.95 124.07 -65.66
N ALA H 362 79.22 124.57 -64.46
CA ALA H 362 79.93 125.84 -64.27
C ALA H 362 81.33 125.79 -64.92
N SER H 363 82.08 124.71 -64.72
CA SER H 363 83.27 124.42 -65.53
C SER H 363 83.68 122.94 -65.50
N THR H 364 83.65 122.30 -66.67
CA THR H 364 84.06 120.89 -66.87
C THR H 364 85.53 120.68 -66.60
N THR H 365 86.36 121.70 -66.86
CA THR H 365 87.81 121.67 -66.57
C THR H 365 88.09 121.65 -65.05
N THR H 366 87.27 122.31 -64.22
CA THR H 366 87.42 122.23 -62.76
C THR H 366 86.74 121.01 -62.14
N PHE H 367 85.91 120.28 -62.88
CA PHE H 367 85.40 118.96 -62.45
C PHE H 367 86.53 117.92 -62.33
N GLN H 368 87.56 118.03 -63.17
CA GLN H 368 88.81 117.27 -63.04
C GLN H 368 89.55 117.62 -61.74
N ASN H 369 89.61 118.91 -61.41
CA ASN H 369 90.35 119.41 -60.25
C ASN H 369 89.63 119.13 -58.91
N LYS H 370 88.31 119.31 -58.85
CA LYS H 370 87.52 119.18 -57.62
C LYS H 370 87.50 117.73 -57.12
N LYS H 371 87.69 117.57 -55.81
CA LYS H 371 87.57 116.32 -55.05
C LYS H 371 86.40 116.39 -54.08
N LEU H 372 86.19 115.34 -53.28
CA LEU H 372 85.17 115.30 -52.23
C LEU H 372 85.45 116.28 -51.07
N THR H 373 86.69 116.75 -50.91
CA THR H 373 87.01 117.94 -50.10
C THR H 373 86.36 119.21 -50.67
N ASP H 374 86.00 120.15 -49.79
CA ASP H 374 85.48 121.48 -50.16
C ASP H 374 84.25 121.46 -51.10
N LEU H 375 83.47 120.38 -51.07
CA LEU H 375 82.17 120.31 -51.75
C LEU H 375 81.04 120.89 -50.88
N PRO H 376 79.92 121.33 -51.48
CA PRO H 376 78.74 121.72 -50.71
C PRO H 376 78.17 120.52 -49.94
N THR H 377 77.69 120.77 -48.72
CA THR H 377 77.12 119.75 -47.80
C THR H 377 77.84 118.39 -47.90
N PRO H 378 79.16 118.30 -47.65
CA PRO H 378 79.89 117.05 -47.90
C PRO H 378 79.90 116.01 -46.80
N GLY H 379 78.78 115.30 -46.61
CA GLY H 379 78.70 114.21 -45.61
C GLY H 379 79.09 112.90 -46.27
N TYR H 380 80.16 112.90 -47.06
CA TYR H 380 80.61 111.68 -47.79
C TYR H 380 81.06 110.61 -46.79
N ILE H 381 80.37 109.47 -46.75
CA ILE H 381 80.66 108.36 -45.80
C ILE H 381 80.72 107.05 -46.62
N PHE H 382 81.07 105.91 -46.05
CA PHE H 382 81.02 104.61 -46.77
C PHE H 382 79.88 103.79 -46.15
N ILE H 383 78.74 103.67 -46.83
CA ILE H 383 77.54 102.98 -46.30
C ILE H 383 77.12 101.86 -47.25
N THR H 384 76.69 100.71 -46.70
CA THR H 384 76.22 99.56 -47.50
C THR H 384 74.69 99.52 -47.50
N PRO H 385 74.00 99.45 -48.66
CA PRO H 385 72.54 99.36 -48.71
C PRO H 385 71.98 98.12 -48.00
N THR H 386 72.71 97.01 -48.03
CA THR H 386 72.38 95.76 -47.34
C THR H 386 73.24 95.55 -46.09
N VAL H 387 72.62 94.99 -45.05
CA VAL H 387 73.31 94.34 -43.93
C VAL H 387 72.82 92.89 -43.79
N SER H 388 73.67 91.98 -43.35
CA SER H 388 73.31 90.60 -43.04
C SER H 388 73.19 90.42 -41.52
N LEU H 389 72.04 89.96 -41.06
CA LEU H 389 71.77 89.60 -39.67
C LEU H 389 71.88 88.09 -39.47
N ARG H 390 72.18 87.65 -38.25
CA ARG H 390 72.05 86.24 -37.82
C ARG H 390 70.84 86.10 -36.90
N TYR H 391 69.97 85.15 -37.21
CA TYR H 391 68.81 84.78 -36.39
C TYR H 391 68.96 83.37 -35.86
N ASN H 392 68.69 83.18 -34.57
CA ASN H 392 68.66 81.87 -33.94
C ASN H 392 67.26 81.63 -33.37
N PRO H 393 66.52 80.59 -33.80
CA PRO H 393 65.16 80.37 -33.36
C PRO H 393 65.07 80.01 -31.87
N TYR H 394 66.12 79.38 -31.33
CA TYR H 394 66.12 78.93 -29.91
C TYR H 394 66.41 80.12 -29.00
N LYS H 395 66.95 81.21 -29.56
CA LYS H 395 67.27 82.44 -28.79
C LYS H 395 66.10 83.43 -28.89
N ASP H 396 65.01 83.04 -29.54
CA ASP H 396 63.86 83.94 -29.78
C ASP H 396 62.80 83.78 -28.68
N LEU H 397 62.43 84.88 -27.99
CA LEU H 397 61.48 84.81 -26.88
C LEU H 397 60.14 85.48 -27.20
N ALA H 398 59.97 86.05 -28.40
CA ALA H 398 58.72 86.61 -28.86
C ALA H 398 58.10 87.71 -27.97
N GLU H 399 58.89 88.48 -27.21
CA GLU H 399 58.34 89.48 -26.28
C GLU H 399 57.95 90.78 -26.99
N ARG H 400 58.64 91.14 -28.09
CA ARG H 400 58.40 92.37 -28.87
C ARG H 400 58.45 92.13 -30.38
N ASN H 401 58.20 90.89 -30.79
CA ASN H 401 58.11 90.50 -32.19
C ASN H 401 56.86 91.09 -32.85
N LYS H 402 56.95 91.47 -34.13
CA LYS H 402 55.89 92.18 -34.86
C LYS H 402 56.09 92.02 -36.36
N CYS H 403 55.04 92.13 -37.17
CA CYS H 403 55.09 91.88 -38.60
C CYS H 403 53.93 92.56 -39.33
N TYR H 404 54.18 93.24 -40.45
CA TYR H 404 53.16 93.93 -41.25
C TYR H 404 53.64 94.29 -42.66
N PHE H 405 52.72 94.65 -43.55
CA PHE H 405 53.03 95.11 -44.91
C PHE H 405 52.88 96.63 -45.03
N VAL H 406 53.83 97.27 -45.71
CA VAL H 406 53.80 98.70 -46.07
C VAL H 406 53.79 98.85 -47.59
N ARG H 407 53.26 99.97 -48.10
CA ARG H 407 53.13 100.24 -49.54
C ARG H 407 54.51 100.57 -50.13
N SER H 408 54.97 99.83 -51.14
CA SER H 408 56.30 100.04 -51.75
C SER H 408 56.30 101.18 -52.76
N LYS H 409 55.40 101.16 -53.76
CA LYS H 409 55.21 102.26 -54.71
C LYS H 409 54.27 103.35 -54.17
N ILE H 410 54.71 104.08 -53.14
CA ILE H 410 54.10 105.36 -52.76
C ILE H 410 55.16 106.36 -52.28
N ASN H 411 54.83 107.64 -52.36
CA ASN H 411 55.69 108.73 -51.91
C ASN H 411 55.53 109.00 -50.39
N ALA H 412 55.84 108.01 -49.55
CA ALA H 412 55.75 108.13 -48.09
C ALA H 412 57.03 107.65 -47.40
N HIS H 413 57.50 108.45 -46.45
CA HIS H 413 58.75 108.20 -45.72
C HIS H 413 58.56 107.18 -44.59
N GLY H 414 59.63 106.46 -44.26
CA GLY H 414 59.72 105.66 -43.05
C GLY H 414 59.00 104.32 -43.13
N TRP H 415 59.16 103.53 -42.07
CA TRP H 415 58.81 102.10 -42.01
C TRP H 415 57.76 101.78 -40.93
N ASP H 416 57.21 102.78 -40.26
CA ASP H 416 56.25 102.55 -39.14
C ASP H 416 55.06 101.71 -39.62
N PRO H 417 54.41 100.90 -38.76
CA PRO H 417 53.23 100.15 -39.17
C PRO H 417 52.22 101.18 -39.67
N GLU H 418 51.65 100.96 -40.85
CA GLU H 418 50.72 101.93 -41.47
C GLU H 418 49.52 101.21 -42.08
N GLN H 419 48.55 101.96 -42.61
CA GLN H 419 47.35 101.36 -43.25
C GLN H 419 46.62 100.48 -42.22
N HIS H 420 46.41 99.19 -42.50
CA HIS H 420 45.64 98.28 -41.60
C HIS H 420 46.42 98.02 -40.31
N GLN H 421 45.90 98.48 -39.17
CA GLN H 421 46.54 98.23 -37.85
C GLN H 421 45.94 96.93 -37.28
N GLU H 422 44.81 96.46 -37.82
CA GLU H 422 44.27 95.16 -37.42
C GLU H 422 44.99 93.98 -38.09
N LEU H 423 45.72 94.23 -39.18
CA LEU H 423 46.51 93.22 -39.88
C LEU H 423 47.91 93.03 -39.28
N ILE H 424 48.35 93.89 -38.37
CA ILE H 424 49.62 93.72 -37.67
C ILE H 424 49.58 92.40 -36.88
N ASN H 425 50.61 91.56 -37.06
CA ASN H 425 50.76 90.24 -36.37
C ASN H 425 51.87 90.37 -35.34
N SER H 426 51.63 90.07 -34.06
CA SER H 426 52.56 90.35 -32.96
C SER H 426 52.72 89.17 -32.00
N ASP H 427 53.81 89.17 -31.23
CA ASP H 427 54.02 88.35 -30.03
C ASP H 427 54.03 86.82 -30.26
N LEU H 428 54.60 86.36 -31.38
CA LEU H 428 54.96 84.96 -31.63
C LEU H 428 56.40 84.90 -32.13
N PRO H 429 57.13 83.79 -31.94
CA PRO H 429 58.48 83.69 -32.48
C PRO H 429 58.47 83.80 -34.00
N GLN H 430 59.45 84.48 -34.61
CA GLN H 430 59.47 84.81 -36.07
C GLN H 430 59.16 83.63 -37.03
N TRP H 431 59.57 82.41 -36.70
CA TRP H 431 59.25 81.23 -37.51
C TRP H 431 57.76 80.84 -37.44
N LEU H 432 57.06 81.17 -36.35
CA LEU H 432 55.61 81.02 -36.24
C LEU H 432 54.88 82.28 -36.72
N LEU H 433 55.40 83.46 -36.43
CA LEU H 433 54.78 84.74 -36.80
C LEU H 433 54.68 84.92 -38.32
N LEU H 434 55.70 84.52 -39.08
CA LEU H 434 55.72 84.68 -40.53
C LEU H 434 54.96 83.56 -41.26
N PHE H 435 54.74 82.40 -40.65
CA PHE H 435 54.20 81.23 -41.35
C PHE H 435 52.79 81.49 -41.87
N GLY H 436 52.58 81.45 -43.19
CA GLY H 436 51.28 81.70 -43.80
C GLY H 436 50.74 83.13 -43.67
N TYR H 437 51.47 84.06 -43.05
CA TYR H 437 50.99 85.43 -42.88
C TYR H 437 50.81 86.18 -44.21
N PRO H 438 51.74 86.13 -45.18
CA PRO H 438 51.51 86.70 -46.50
C PRO H 438 50.27 86.15 -47.21
N ASP H 439 49.99 84.85 -47.09
CA ASP H 439 48.80 84.26 -47.69
C ASP H 439 47.51 84.66 -46.99
N TYR H 440 47.52 84.79 -45.66
CA TYR H 440 46.38 85.38 -44.95
C TYR H 440 46.10 86.79 -45.47
N ILE H 441 47.13 87.60 -45.67
CA ILE H 441 46.99 88.96 -46.18
C ILE H 441 46.47 88.97 -47.62
N LYS H 442 47.01 88.14 -48.51
CA LYS H 442 46.49 87.99 -49.87
C LYS H 442 45.03 87.56 -49.90
N ARG H 443 44.65 86.53 -49.12
CA ARG H 443 43.26 86.02 -49.08
C ARG H 443 42.33 87.07 -48.45
N THR H 444 42.83 87.88 -47.53
CA THR H 444 42.05 88.98 -46.93
C THR H 444 41.71 90.08 -47.96
N GLN H 445 42.56 90.30 -48.97
CA GLN H 445 42.27 91.23 -50.10
C GLN H 445 42.10 92.70 -49.64
N ASN H 446 42.59 93.06 -48.45
CA ASN H 446 42.57 94.45 -47.97
C ASN H 446 43.71 95.32 -48.54
N PHE H 447 44.61 94.74 -49.34
CA PHE H 447 45.69 95.42 -50.03
C PHE H 447 45.62 95.19 -51.55
N ALA H 448 46.15 96.12 -52.34
CA ALA H 448 46.28 95.91 -53.78
C ALA H 448 47.17 94.69 -54.06
N LEU H 449 46.66 93.75 -54.86
CA LEU H 449 47.05 92.35 -54.76
C LEU H 449 48.51 92.05 -55.16
N VAL H 450 49.12 92.91 -56.00
CA VAL H 450 50.38 92.57 -56.66
C VAL H 450 51.60 92.66 -55.73
N ASP H 451 52.46 91.64 -55.76
CA ASP H 451 53.66 91.56 -54.87
C ASP H 451 54.58 92.77 -55.02
N THR H 452 54.57 93.42 -56.18
CA THR H 452 55.48 94.55 -56.45
C THR H 452 55.09 95.83 -55.72
N ASN H 453 53.88 95.92 -55.17
CA ASN H 453 53.35 97.17 -54.63
C ASN H 453 53.40 97.24 -53.10
N TYR H 454 53.91 96.20 -52.44
CA TYR H 454 54.07 96.15 -50.98
C TYR H 454 55.43 95.58 -50.59
N ILE H 455 55.86 95.88 -49.37
CA ILE H 455 57.01 95.29 -48.69
C ILE H 455 56.52 94.73 -47.36
N LEU H 456 57.05 93.58 -46.97
CA LEU H 456 56.94 93.00 -45.65
C LEU H 456 58.06 93.54 -44.75
N VAL H 457 57.67 93.99 -43.57
CA VAL H 457 58.51 94.62 -42.55
C VAL H 457 58.28 93.92 -41.22
N ASP H 458 59.33 93.57 -40.48
CA ASP H 458 59.16 92.90 -39.18
C ASP H 458 60.15 93.41 -38.12
N HIS H 459 59.72 93.42 -36.86
CA HIS H 459 60.56 93.75 -35.72
C HIS H 459 60.91 92.48 -34.95
N CYS H 460 62.17 92.32 -34.57
CA CYS H 460 62.65 91.18 -33.80
C CYS H 460 63.87 91.61 -32.96
N PRO H 461 63.76 91.70 -31.63
CA PRO H 461 64.89 91.97 -30.74
C PRO H 461 66.04 90.96 -30.80
N TYR H 462 65.80 89.77 -31.35
CA TYR H 462 66.60 88.57 -31.05
C TYR H 462 67.65 88.20 -32.11
N THR H 463 67.79 88.97 -33.18
CA THR H 463 68.99 88.86 -34.02
C THR H 463 70.21 89.40 -33.26
N ASN H 464 71.39 88.84 -33.52
CA ASN H 464 72.61 89.21 -32.77
C ASN H 464 73.10 90.64 -33.09
N PRO H 465 73.34 91.01 -34.36
CA PRO H 465 73.21 92.39 -34.80
C PRO H 465 71.73 92.77 -34.90
N GLU H 466 71.41 94.05 -34.99
CA GLU H 466 70.02 94.51 -35.09
C GLU H 466 69.85 95.64 -36.10
N LYS H 467 68.61 95.79 -36.59
CA LYS H 467 68.06 96.98 -37.24
C LYS H 467 66.62 97.15 -36.73
N THR H 468 66.15 98.38 -36.55
CA THR H 468 64.92 98.65 -35.80
C THR H 468 63.72 97.89 -36.40
N PRO H 469 63.31 98.13 -37.65
CA PRO H 469 62.66 97.10 -38.46
C PRO H 469 63.70 96.34 -39.30
N PHE H 470 63.23 95.20 -39.83
CA PHE H 470 64.02 94.41 -40.81
C PHE H 470 63.24 94.49 -42.12
N ILE H 471 63.92 94.55 -43.26
CA ILE H 471 63.23 94.48 -44.59
C ILE H 471 63.82 93.24 -45.25
N PRO H 472 63.43 91.99 -44.86
CA PRO H 472 64.10 90.81 -45.37
C PRO H 472 64.21 90.84 -46.90
N LEU H 473 65.34 90.42 -47.46
CA LEU H 473 65.55 90.29 -48.91
C LEU H 473 66.13 88.92 -49.22
N SER H 474 65.64 88.29 -50.30
CA SER H 474 66.13 86.96 -50.68
C SER H 474 67.52 87.02 -51.26
N THR H 475 68.30 85.96 -51.07
CA THR H 475 69.64 85.80 -51.64
C THR H 475 69.64 86.03 -53.14
N SER H 476 68.58 85.67 -53.86
CA SER H 476 68.42 85.96 -55.30
C SER H 476 68.45 87.46 -55.62
N PHE H 477 67.76 88.31 -54.86
CA PHE H 477 67.80 89.77 -55.06
C PHE H 477 69.12 90.39 -54.61
N ILE H 478 69.72 89.86 -53.54
CA ILE H 478 71.06 90.22 -53.07
C ILE H 478 72.16 89.76 -54.04
N GLU H 479 71.88 88.83 -54.94
CA GLU H 479 72.78 88.32 -55.99
C GLU H 479 72.37 88.71 -57.41
N GLY H 480 71.38 89.59 -57.59
CA GLY H 480 71.00 90.06 -58.92
C GLY H 480 70.37 88.99 -59.82
N ARG H 481 69.32 88.32 -59.32
CA ARG H 481 68.65 87.21 -60.05
C ARG H 481 67.15 87.18 -59.77
N SER H 482 66.35 86.62 -60.68
CA SER H 482 64.88 86.57 -60.54
C SER H 482 64.43 85.75 -59.31
N PRO H 483 63.25 86.02 -58.73
CA PRO H 483 62.82 85.51 -57.42
C PRO H 483 62.99 84.00 -57.19
N TYR H 484 62.75 83.17 -58.21
CA TYR H 484 62.92 81.70 -58.17
C TYR H 484 63.74 81.19 -59.36
N SER H 485 64.83 81.89 -59.71
CA SER H 485 65.71 81.52 -60.84
C SER H 485 66.99 80.82 -60.36
N PRO H 486 67.47 79.77 -61.05
CA PRO H 486 68.63 79.00 -60.62
C PRO H 486 69.92 79.82 -60.58
N SER H 487 70.77 79.54 -59.60
CA SER H 487 71.98 80.31 -59.25
C SER H 487 73.01 80.43 -60.38
N ASP H 488 72.93 79.60 -61.43
CA ASP H 488 73.86 79.72 -62.61
C ASP H 488 73.60 81.05 -63.31
N THR H 489 72.40 81.62 -63.15
CA THR H 489 72.00 82.89 -63.74
C THR H 489 72.60 84.07 -62.94
N HIS H 490 73.04 85.14 -63.63
CA HIS H 490 73.66 86.34 -62.99
C HIS H 490 72.96 87.63 -63.47
N GLU H 491 71.71 87.56 -63.93
CA GLU H 491 70.88 88.69 -64.32
C GLU H 491 69.39 88.37 -64.08
N PRO H 492 68.53 89.33 -63.77
CA PRO H 492 67.09 89.15 -63.86
C PRO H 492 66.64 88.81 -65.29
N ASP H 493 65.53 88.09 -65.43
CA ASP H 493 64.76 87.97 -66.69
C ASP H 493 64.07 89.32 -67.01
N GLU H 494 63.75 89.62 -68.27
CA GLU H 494 63.35 90.97 -68.71
C GLU H 494 62.27 91.65 -67.85
N GLU H 495 61.24 90.92 -67.44
CA GLU H 495 60.19 91.46 -66.57
C GLU H 495 60.65 91.77 -65.14
N ASP H 496 61.68 91.09 -64.65
CA ASP H 496 62.38 91.43 -63.41
C ASP H 496 63.59 92.36 -63.62
N GLN H 497 64.06 92.56 -64.86
CA GLN H 497 65.01 93.65 -65.17
C GLN H 497 64.30 94.99 -65.02
N ASN H 498 63.05 95.07 -65.45
CA ASN H 498 62.09 96.08 -65.01
C ASN H 498 61.66 95.80 -63.55
N ARG H 499 61.21 96.89 -62.90
CA ARG H 499 60.72 96.83 -61.50
C ARG H 499 61.79 96.22 -60.58
N TRP H 500 63.08 96.48 -60.82
CA TRP H 500 64.19 95.93 -60.00
C TRP H 500 64.38 96.78 -58.73
N TYR H 501 63.43 96.69 -57.80
CA TYR H 501 63.44 97.46 -56.55
C TYR H 501 62.81 96.65 -55.40
N PRO H 502 63.09 96.97 -54.12
CA PRO H 502 62.54 96.28 -52.98
C PRO H 502 61.00 96.13 -53.01
N CYS H 503 60.52 94.90 -53.00
CA CYS H 503 59.11 94.56 -52.89
C CYS H 503 58.95 93.09 -52.48
N TYR H 504 57.77 92.71 -52.00
CA TYR H 504 57.47 91.38 -51.45
C TYR H 504 57.85 90.23 -52.39
N GLN H 505 57.79 90.42 -53.70
CA GLN H 505 58.18 89.37 -54.69
C GLN H 505 59.64 88.94 -54.48
N TYR H 506 60.54 89.85 -54.10
CA TYR H 506 61.93 89.54 -53.81
C TYR H 506 62.18 89.11 -52.36
N GLN H 507 61.22 89.26 -51.46
CA GLN H 507 61.35 88.86 -50.05
C GLN H 507 60.96 87.40 -49.79
N GLN H 508 60.22 86.76 -50.69
CA GLN H 508 59.55 85.48 -50.44
C GLN H 508 60.48 84.36 -49.93
N GLU H 509 61.63 84.15 -50.57
CA GLU H 509 62.54 83.09 -50.17
C GLU H 509 63.17 83.36 -48.80
N SER H 510 63.41 84.63 -48.43
CA SER H 510 63.95 84.96 -47.11
C SER H 510 62.97 84.64 -45.97
N ILE H 511 61.69 84.96 -46.10
CA ILE H 511 60.72 84.62 -45.05
C ILE H 511 60.39 83.13 -45.03
N ASN H 512 60.46 82.44 -46.18
CA ASN H 512 60.40 80.99 -46.18
C ASN H 512 61.59 80.40 -45.41
N SER H 513 62.80 80.93 -45.62
CA SER H 513 64.00 80.50 -44.90
C SER H 513 63.90 80.71 -43.39
N ILE H 514 63.31 81.82 -42.94
CA ILE H 514 63.00 82.04 -41.52
C ILE H 514 61.98 81.02 -41.00
N CYS H 515 60.92 80.72 -41.75
CA CYS H 515 59.97 79.67 -41.37
C CYS H 515 60.60 78.28 -41.31
N LEU H 516 61.49 77.94 -42.23
CA LEU H 516 62.27 76.71 -42.23
C LEU H 516 63.19 76.59 -41.02
N SER H 517 63.55 77.68 -40.34
CA SER H 517 64.27 77.60 -39.07
C SER H 517 63.40 77.03 -37.94
N GLY H 518 62.06 77.09 -38.06
CA GLY H 518 61.13 76.56 -37.08
C GLY H 518 61.00 75.04 -37.09
N PRO H 519 60.54 74.43 -35.98
CA PRO H 519 60.43 72.99 -35.85
C PRO H 519 59.34 72.37 -36.75
N GLY H 520 59.49 71.09 -37.02
CA GLY H 520 58.58 70.28 -37.82
C GLY H 520 58.68 70.47 -39.34
N THR H 521 59.35 71.51 -39.82
CA THR H 521 59.45 71.81 -41.25
C THR H 521 60.30 70.75 -41.98
N PRO H 522 59.81 70.18 -43.09
CA PRO H 522 60.45 69.03 -43.72
C PRO H 522 61.74 69.36 -44.49
N LYS H 523 62.57 68.34 -44.71
CA LYS H 523 63.74 68.35 -45.60
C LYS H 523 63.36 67.73 -46.94
N ILE H 524 63.40 68.50 -48.02
CA ILE H 524 63.09 67.99 -49.37
C ILE H 524 64.30 68.25 -50.27
N PRO H 525 64.93 67.23 -50.88
CA PRO H 525 66.05 67.44 -51.78
C PRO H 525 65.70 68.36 -52.96
N LYS H 526 66.64 69.21 -53.38
CA LYS H 526 66.41 70.12 -54.52
C LYS H 526 66.11 69.33 -55.79
N GLY H 527 65.10 69.77 -56.53
CA GLY H 527 64.58 69.09 -57.71
C GLY H 527 63.53 67.99 -57.44
N ILE H 528 63.21 67.70 -56.18
CA ILE H 528 62.12 66.78 -55.80
C ILE H 528 60.92 67.60 -55.35
N THR H 529 59.73 67.22 -55.82
CA THR H 529 58.45 67.78 -55.34
C THR H 529 57.76 66.73 -54.50
N ALA H 530 57.48 67.05 -53.24
CA ALA H 530 56.67 66.21 -52.38
C ALA H 530 55.18 66.49 -52.62
N GLU H 531 54.33 65.50 -52.50
CA GLU H 531 52.90 65.58 -52.82
C GLU H 531 52.10 64.81 -51.78
N ALA H 532 50.84 65.18 -51.58
CA ALA H 532 49.90 64.38 -50.79
C ALA H 532 48.53 64.40 -51.45
N LYS H 533 47.77 63.32 -51.29
CA LYS H 533 46.42 63.19 -51.84
C LYS H 533 45.46 62.51 -50.88
N VAL H 534 44.19 62.83 -51.02
CA VAL H 534 43.08 62.16 -50.36
C VAL H 534 42.15 61.62 -51.45
N LYS H 535 41.53 60.46 -51.22
CA LYS H 535 40.39 60.00 -52.00
C LYS H 535 39.12 60.29 -51.22
N TYR H 536 38.19 60.98 -51.84
CA TYR H 536 36.92 61.36 -51.21
C TYR H 536 35.76 60.58 -51.81
N SER H 537 34.69 60.44 -51.03
CA SER H 537 33.40 59.97 -51.48
C SER H 537 32.31 60.73 -50.73
N PHE H 538 31.70 61.72 -51.40
CA PHE H 538 30.56 62.46 -50.85
C PHE H 538 29.26 61.74 -51.16
N ASN H 539 28.40 61.54 -50.18
CA ASN H 539 27.17 60.79 -50.34
C ASN H 539 25.98 61.75 -50.47
N PHE H 540 25.28 61.66 -51.59
CA PHE H 540 24.09 62.44 -51.89
C PHE H 540 22.95 61.51 -52.30
N LYS H 541 21.73 62.02 -52.21
CA LYS H 541 20.58 61.51 -52.94
C LYS H 541 20.03 62.63 -53.79
N TRP H 542 19.54 62.31 -54.98
CA TRP H 542 18.83 63.23 -55.86
C TRP H 542 17.35 62.89 -55.84
N GLY H 543 16.48 63.89 -55.74
CA GLY H 543 15.04 63.70 -55.60
C GLY H 543 14.25 64.45 -56.64
N GLY H 544 13.14 63.89 -57.09
CA GLY H 544 12.25 64.56 -58.03
C GLY H 544 11.05 63.72 -58.43
N ASP H 545 10.18 64.30 -59.25
CA ASP H 545 9.21 63.55 -60.04
C ASP H 545 9.91 62.77 -61.17
N LEU H 546 9.25 61.73 -61.66
CA LEU H 546 9.85 60.81 -62.64
C LEU H 546 10.26 61.53 -63.93
N PRO H 547 11.50 61.35 -64.43
CA PRO H 547 11.99 62.01 -65.63
C PRO H 547 11.58 61.28 -66.93
N PRO H 548 11.69 61.95 -68.09
CA PRO H 548 11.55 61.32 -69.41
C PRO H 548 12.78 60.48 -69.82
N MET H 549 12.66 59.70 -70.90
CA MET H 549 13.71 58.79 -71.39
C MET H 549 13.56 58.53 -72.91
N SER H 550 14.60 58.04 -73.60
CA SER H 550 14.60 57.73 -75.04
C SER H 550 15.29 56.40 -75.38
N THR H 551 15.05 55.90 -76.60
CA THR H 551 15.40 54.52 -77.03
C THR H 551 16.04 54.49 -78.42
N ILE H 552 16.70 53.37 -78.74
CA ILE H 552 17.52 53.15 -79.94
C ILE H 552 16.92 52.03 -80.80
N THR H 553 17.01 52.12 -82.13
CA THR H 553 16.50 51.07 -83.04
C THR H 553 17.16 49.72 -82.76
N ASN H 554 16.43 48.62 -82.85
CA ASN H 554 17.02 47.28 -82.72
C ASN H 554 17.95 46.88 -83.87
N PRO H 555 17.62 47.10 -85.17
CA PRO H 555 18.45 46.62 -86.26
C PRO H 555 19.83 47.29 -86.31
N THR H 556 19.90 48.61 -86.11
CA THR H 556 21.19 49.33 -86.05
C THR H 556 21.61 49.45 -84.60
N ASP H 557 22.15 48.37 -84.03
CA ASP H 557 22.55 48.35 -82.60
C ASP H 557 23.79 47.47 -82.44
N GLN H 558 24.35 47.38 -81.23
CA GLN H 558 25.55 46.55 -80.97
C GLN H 558 25.41 45.22 -81.72
N PRO H 559 26.23 44.93 -82.76
CA PRO H 559 26.06 43.72 -83.55
C PRO H 559 26.74 42.51 -82.91
N THR H 560 26.11 41.33 -83.00
CA THR H 560 26.72 40.11 -82.48
C THR H 560 28.00 39.78 -83.25
N TYR H 561 28.96 39.09 -82.64
CA TYR H 561 30.24 38.73 -83.28
C TYR H 561 30.04 38.01 -84.63
N VAL H 562 28.94 37.25 -84.76
CA VAL H 562 28.54 36.56 -86.00
C VAL H 562 28.36 37.55 -87.16
N LYS I 48 -57.31 20.12 42.71
CA LYS I 48 -58.65 19.69 42.20
C LYS I 48 -59.28 18.63 43.11
N ARG I 49 -58.74 17.41 43.15
CA ARG I 49 -59.15 16.34 44.07
C ARG I 49 -57.94 15.61 44.64
N LEU I 50 -58.01 15.19 45.91
CA LEU I 50 -56.93 14.55 46.63
C LEU I 50 -57.37 13.19 47.16
N ASN I 51 -56.43 12.25 47.27
CA ASN I 51 -56.64 11.01 48.01
C ASN I 51 -56.83 11.33 49.49
N ILE I 52 -57.80 10.68 50.14
CA ILE I 52 -57.91 10.69 51.60
C ILE I 52 -56.80 9.80 52.17
N VAL I 53 -56.11 10.30 53.19
CA VAL I 53 -54.95 9.67 53.82
C VAL I 53 -55.20 9.56 55.31
N GLU I 54 -54.74 8.48 55.93
CA GLU I 54 -54.79 8.25 57.36
C GLU I 54 -53.37 8.07 57.91
N TRP I 55 -53.12 8.52 59.14
CA TRP I 55 -51.84 8.31 59.80
C TRP I 55 -51.90 7.05 60.65
N GLN I 56 -50.97 6.14 60.36
CA GLN I 56 -50.95 4.80 60.99
C GLN I 56 -50.72 4.92 62.49
N PRO I 57 -51.39 4.09 63.31
CA PRO I 57 -51.27 4.14 64.75
C PRO I 57 -49.91 3.65 65.25
N LYS I 58 -49.54 4.04 66.48
CA LYS I 58 -48.19 3.89 67.03
C LYS I 58 -47.71 2.44 67.13
N SER I 59 -48.59 1.51 67.53
CA SER I 59 -48.31 0.07 67.56
C SER I 59 -49.43 -0.72 66.90
N ILE I 60 -49.06 -1.74 66.12
CA ILE I 60 -49.97 -2.55 65.31
C ILE I 60 -49.67 -4.05 65.54
N ARG I 61 -50.71 -4.88 65.67
CA ARG I 61 -50.55 -6.34 65.88
C ARG I 61 -51.54 -7.18 65.04
N LYS I 62 -51.07 -7.87 64.00
CA LYS I 62 -51.92 -8.75 63.16
C LYS I 62 -52.53 -9.87 64.00
N CYS I 63 -53.80 -10.17 63.78
CA CYS I 63 -54.51 -11.27 64.43
C CYS I 63 -55.42 -11.98 63.42
N ARG I 64 -55.19 -13.30 63.25
CA ARG I 64 -56.07 -14.15 62.41
C ARG I 64 -57.03 -14.94 63.33
N ILE I 65 -58.30 -14.55 63.39
CA ILE I 65 -59.30 -15.28 64.17
C ILE I 65 -59.64 -16.55 63.39
N LYS I 66 -59.11 -17.69 63.81
CA LYS I 66 -59.19 -18.99 63.12
C LYS I 66 -60.13 -19.92 63.84
N GLY I 67 -61.01 -20.61 63.15
CA GLY I 67 -61.93 -21.55 63.78
C GLY I 67 -62.76 -22.35 62.80
N MET I 68 -63.72 -23.10 63.32
CA MET I 68 -64.58 -24.01 62.58
C MET I 68 -66.05 -23.64 62.80
N LEU I 69 -66.86 -23.54 61.74
CA LEU I 69 -68.28 -23.21 61.80
C LEU I 69 -69.13 -24.32 61.20
N CYS I 70 -70.14 -24.78 61.93
CA CYS I 70 -71.13 -25.72 61.43
C CYS I 70 -72.12 -25.01 60.49
N LEU I 71 -72.23 -25.45 59.23
CA LEU I 71 -73.13 -24.85 58.25
C LEU I 71 -74.56 -25.37 58.40
N PHE I 72 -74.72 -26.66 58.60
CA PHE I 72 -75.98 -27.28 58.97
C PHE I 72 -75.68 -28.61 59.67
N GLN I 73 -76.64 -29.12 60.43
CA GLN I 73 -76.69 -30.52 60.80
C GLN I 73 -78.15 -30.95 60.78
N THR I 74 -78.47 -31.95 59.96
CA THR I 74 -79.83 -32.23 59.51
C THR I 74 -80.14 -33.72 59.48
N THR I 75 -81.38 -34.07 59.81
CA THR I 75 -82.04 -35.31 59.42
C THR I 75 -82.95 -35.05 58.22
N GLU I 76 -83.54 -36.08 57.62
CA GLU I 76 -84.47 -35.93 56.49
C GLU I 76 -85.74 -35.12 56.83
N ASP I 77 -86.26 -35.29 58.05
CA ASP I 77 -87.47 -34.62 58.54
C ASP I 77 -87.25 -33.15 58.95
N ARG I 78 -86.02 -32.63 58.83
CA ARG I 78 -85.67 -31.23 59.08
C ARG I 78 -85.04 -30.51 57.88
N LEU I 79 -85.02 -31.12 56.70
CA LEU I 79 -84.32 -30.55 55.54
C LEU I 79 -84.85 -29.19 55.09
N SER I 80 -86.16 -28.95 55.18
CA SER I 80 -86.77 -27.68 54.76
C SER I 80 -86.69 -26.54 55.78
N TYR I 81 -86.02 -26.74 56.92
CA TYR I 81 -85.94 -25.77 58.02
C TYR I 81 -84.54 -25.20 58.19
N ASN I 82 -84.48 -23.96 58.69
CA ASN I 82 -83.24 -23.25 58.98
C ASN I 82 -82.56 -23.81 60.24
N PHE I 83 -81.29 -24.22 60.12
CA PHE I 83 -80.44 -24.61 61.23
C PHE I 83 -79.92 -23.41 62.00
N ASP I 84 -80.35 -23.27 63.26
CA ASP I 84 -79.69 -22.44 64.26
C ASP I 84 -78.99 -23.35 65.27
N MET I 85 -77.70 -23.11 65.52
CA MET I 85 -76.93 -23.89 66.49
C MET I 85 -77.31 -23.54 67.94
N TYR I 86 -77.77 -22.30 68.16
CA TYR I 86 -78.25 -21.81 69.44
C TYR I 86 -79.78 -21.66 69.34
N GLU I 87 -80.48 -22.54 70.05
CA GLU I 87 -81.81 -23.01 69.70
C GLU I 87 -83.00 -22.25 70.30
N GLU I 88 -84.17 -22.43 69.68
CA GLU I 88 -85.45 -22.33 70.40
C GLU I 88 -85.55 -23.64 71.20
N SER I 89 -85.54 -23.56 72.54
CA SER I 89 -85.14 -24.64 73.46
C SER I 89 -85.85 -26.00 73.30
N ILE I 90 -87.01 -26.04 72.63
CA ILE I 90 -87.72 -27.28 72.29
C ILE I 90 -87.10 -28.02 71.10
N ILE I 91 -86.50 -27.32 70.12
CA ILE I 91 -86.02 -27.92 68.86
C ILE I 91 -85.02 -29.06 69.11
N PRO I 92 -83.94 -28.93 69.90
CA PRO I 92 -83.00 -30.03 70.09
C PRO I 92 -83.54 -31.16 70.97
N GLU I 93 -84.68 -31.01 71.65
CA GLU I 93 -85.26 -32.10 72.43
C GLU I 93 -85.76 -33.21 71.51
N LYS I 94 -85.04 -34.34 71.50
CA LYS I 94 -85.29 -35.50 70.64
C LYS I 94 -85.19 -35.21 69.12
N LEU I 95 -84.43 -34.19 68.72
CA LEU I 95 -83.92 -34.05 67.33
C LEU I 95 -82.39 -33.93 67.30
N PRO I 96 -81.67 -34.82 66.60
CA PRO I 96 -80.21 -34.75 66.52
C PRO I 96 -79.68 -33.71 65.52
N GLY I 97 -80.53 -33.21 64.61
CA GLY I 97 -80.20 -32.11 63.70
C GLY I 97 -81.39 -31.21 63.43
N GLY I 98 -81.22 -29.90 63.54
CA GLY I 98 -82.33 -28.94 63.56
C GLY I 98 -82.77 -28.39 62.20
N GLY I 99 -81.95 -28.49 61.16
CA GLY I 99 -82.28 -27.87 59.88
C GLY I 99 -81.30 -28.19 58.76
N GLY I 100 -81.78 -28.21 57.51
CA GLY I 100 -80.99 -28.58 56.33
C GLY I 100 -80.46 -27.42 55.51
N PHE I 101 -80.75 -26.19 55.90
CA PHE I 101 -80.14 -25.00 55.34
C PHE I 101 -79.82 -24.02 56.46
N SER I 102 -78.91 -23.08 56.26
CA SER I 102 -78.78 -21.96 57.19
C SER I 102 -78.42 -20.67 56.49
N ILE I 103 -78.76 -19.56 57.13
CA ILE I 103 -78.16 -18.26 56.86
C ILE I 103 -77.36 -17.86 58.10
N LYS I 104 -76.05 -17.68 57.94
CA LYS I 104 -75.11 -17.25 58.99
C LYS I 104 -74.72 -15.81 58.72
N ASN I 105 -74.81 -14.93 59.71
CA ASN I 105 -74.14 -13.63 59.70
C ASN I 105 -72.97 -13.67 60.67
N ILE I 106 -71.78 -13.26 60.23
CA ILE I 106 -70.58 -13.22 61.06
C ILE I 106 -70.20 -11.77 61.34
N SER I 107 -69.98 -11.45 62.60
CA SER I 107 -69.48 -10.17 63.08
C SER I 107 -68.38 -10.41 64.10
N LEU I 108 -67.54 -9.41 64.36
CA LEU I 108 -66.47 -9.51 65.34
C LEU I 108 -67.00 -9.85 66.75
N TYR I 109 -68.20 -9.41 67.11
CA TYR I 109 -68.84 -9.83 68.35
C TYR I 109 -69.30 -11.29 68.31
N ALA I 110 -69.84 -11.78 67.19
CA ALA I 110 -70.14 -13.19 67.03
C ALA I 110 -68.87 -14.06 67.06
N LEU I 111 -67.75 -13.60 66.50
CA LEU I 111 -66.46 -14.26 66.63
C LEU I 111 -65.97 -14.32 68.08
N TYR I 112 -66.15 -13.24 68.86
CA TYR I 112 -65.90 -13.27 70.29
C TYR I 112 -66.82 -14.25 71.04
N GLN I 113 -68.10 -14.32 70.70
CA GLN I 113 -69.01 -15.30 71.30
C GLN I 113 -68.60 -16.74 70.96
N GLU I 114 -68.15 -17.02 69.74
CA GLU I 114 -67.59 -18.33 69.39
C GLU I 114 -66.30 -18.63 70.16
N HIS I 115 -65.55 -17.63 70.59
CA HIS I 115 -64.33 -17.83 71.44
C HIS I 115 -64.76 -18.23 72.86
N ILE I 116 -65.91 -17.76 73.35
CA ILE I 116 -66.45 -18.19 74.64
C ILE I 116 -66.91 -19.66 74.61
N HIS I 117 -67.38 -20.15 73.46
CA HIS I 117 -67.64 -21.58 73.23
C HIS I 117 -66.39 -22.39 72.92
N ALA I 118 -65.20 -21.78 72.91
CA ALA I 118 -63.93 -22.38 72.51
C ALA I 118 -63.91 -22.90 71.06
N HIS I 119 -64.75 -22.36 70.18
CA HIS I 119 -64.82 -22.77 68.77
C HIS I 119 -63.78 -22.10 67.88
N ASN I 120 -63.06 -21.09 68.37
CA ASN I 120 -61.99 -20.42 67.64
C ASN I 120 -60.84 -20.00 68.55
N ILE I 121 -59.72 -19.66 67.92
CA ILE I 121 -58.56 -19.01 68.54
C ILE I 121 -58.42 -17.61 67.98
N PHE I 122 -57.94 -16.67 68.78
CA PHE I 122 -57.43 -15.39 68.32
C PHE I 122 -55.90 -15.47 68.34
N THR I 123 -55.26 -15.31 67.19
CA THR I 123 -53.79 -15.43 67.08
C THR I 123 -53.04 -14.38 67.89
N HIS I 124 -53.69 -13.25 68.17
CA HIS I 124 -53.14 -12.20 69.05
C HIS I 124 -54.32 -11.62 69.83
N THR I 125 -54.17 -11.38 71.13
CA THR I 125 -55.18 -10.69 71.94
C THR I 125 -55.36 -9.23 71.52
N ASN I 126 -56.50 -8.66 71.88
CA ASN I 126 -56.91 -7.30 71.56
C ASN I 126 -57.10 -6.42 72.81
N THR I 127 -56.62 -6.86 73.98
CA THR I 127 -57.05 -6.29 75.28
C THR I 127 -56.72 -4.81 75.46
N ASP I 128 -55.59 -4.35 74.92
CA ASP I 128 -55.06 -3.00 75.16
C ASP I 128 -54.80 -2.23 73.86
N ARG I 129 -55.38 -2.70 72.75
CA ARG I 129 -55.31 -2.01 71.43
C ARG I 129 -56.77 -1.85 70.98
N PRO I 130 -57.41 -0.66 71.10
CA PRO I 130 -58.85 -0.50 70.88
C PRO I 130 -59.25 -0.32 69.42
N LEU I 131 -58.32 -0.01 68.53
CA LEU I 131 -58.58 0.11 67.10
C LEU I 131 -58.53 -1.25 66.41
N ALA I 132 -59.30 -1.40 65.34
CA ALA I 132 -59.31 -2.56 64.47
C ALA I 132 -59.26 -2.16 63.00
N ARG I 133 -58.58 -2.98 62.19
CA ARG I 133 -58.49 -2.78 60.72
C ARG I 133 -58.75 -4.14 60.04
N TYR I 134 -60.00 -4.45 59.70
CA TYR I 134 -60.40 -5.69 59.06
C TYR I 134 -59.94 -5.76 57.60
N THR I 135 -59.30 -6.85 57.20
CA THR I 135 -58.65 -6.99 55.88
C THR I 135 -59.33 -8.01 54.97
N GLY I 136 -60.29 -8.79 55.48
CA GLY I 136 -60.99 -9.83 54.73
C GLY I 136 -60.91 -11.20 55.39
N CYS I 137 -61.46 -12.19 54.72
CA CYS I 137 -61.64 -13.53 55.25
C CYS I 137 -61.12 -14.59 54.27
N SER I 138 -60.60 -15.71 54.78
CA SER I 138 -60.43 -16.94 54.02
C SER I 138 -61.39 -18.00 54.55
N LEU I 139 -62.12 -18.66 53.67
CA LEU I 139 -62.95 -19.82 54.00
C LEU I 139 -62.39 -21.08 53.32
N LYS I 140 -62.34 -22.20 54.04
CA LYS I 140 -62.15 -23.54 53.49
C LYS I 140 -63.40 -24.36 53.75
N PHE I 141 -64.13 -24.71 52.71
CA PHE I 141 -65.33 -25.52 52.77
C PHE I 141 -64.95 -26.98 52.58
N TYR I 142 -65.27 -27.85 53.53
CA TYR I 142 -64.89 -29.26 53.46
C TYR I 142 -65.97 -30.11 52.81
N GLN I 143 -65.56 -31.08 52.00
CA GLN I 143 -66.46 -32.14 51.56
C GLN I 143 -66.97 -32.92 52.77
N SER I 144 -68.28 -33.01 52.95
CA SER I 144 -68.85 -33.95 53.90
C SER I 144 -68.70 -35.38 53.41
N LYS I 145 -68.80 -36.36 54.30
CA LYS I 145 -68.76 -37.77 53.93
C LYS I 145 -69.96 -38.17 53.08
N ASP I 146 -71.17 -37.88 53.56
CA ASP I 146 -72.42 -38.45 53.04
C ASP I 146 -73.32 -37.50 52.26
N ILE I 147 -73.13 -36.17 52.36
CA ILE I 147 -74.08 -35.19 51.75
C ILE I 147 -73.36 -34.11 50.94
N ASP I 148 -73.93 -33.70 49.82
CA ASP I 148 -73.37 -32.60 48.98
C ASP I 148 -73.96 -31.32 49.57
N TYR I 149 -73.52 -30.14 49.14
CA TYR I 149 -74.18 -28.90 49.61
C TYR I 149 -73.76 -27.69 48.81
N VAL I 150 -74.69 -26.78 48.56
CA VAL I 150 -74.46 -25.52 47.84
C VAL I 150 -74.20 -24.44 48.87
N VAL I 151 -73.20 -23.59 48.62
CA VAL I 151 -72.97 -22.38 49.39
C VAL I 151 -73.09 -21.18 48.47
N THR I 152 -73.63 -20.08 48.96
CA THR I 152 -73.35 -18.76 48.39
C THR I 152 -73.20 -17.75 49.52
N TYR I 153 -72.40 -16.72 49.33
CA TYR I 153 -72.08 -15.75 50.37
C TYR I 153 -72.22 -14.34 49.83
N SER I 154 -72.41 -13.38 50.73
CA SER I 154 -72.55 -11.98 50.39
C SER I 154 -71.84 -11.11 51.41
N THR I 155 -71.47 -9.88 51.04
CA THR I 155 -70.84 -8.91 51.97
C THR I 155 -71.47 -7.53 51.80
N SER I 156 -72.67 -7.44 51.23
CA SER I 156 -73.37 -6.14 51.18
C SER I 156 -73.58 -5.70 52.63
N LEU I 157 -72.90 -4.65 53.10
CA LEU I 157 -72.97 -4.25 54.52
C LEU I 157 -74.44 -4.22 54.97
N PRO I 158 -75.39 -3.64 54.20
CA PRO I 158 -76.80 -3.70 54.58
C PRO I 158 -77.22 -5.14 54.76
N LEU I 159 -77.63 -5.52 55.99
CA LEU I 159 -78.04 -6.91 56.30
C LEU I 159 -79.56 -6.95 56.48
N ARG I 160 -80.26 -7.83 55.76
CA ARG I 160 -81.73 -7.98 55.89
C ARG I 160 -82.15 -9.36 55.36
N SER I 161 -83.35 -9.83 55.73
CA SER I 161 -83.88 -11.13 55.26
C SER I 161 -85.04 -10.86 54.30
N SER I 162 -85.33 -11.80 53.39
CA SER I 162 -86.43 -11.63 52.40
C SER I 162 -87.15 -12.95 52.17
N MET I 163 -88.42 -12.91 51.78
CA MET I 163 -89.19 -14.10 51.45
C MET I 163 -88.61 -14.84 50.23
N GLY I 164 -88.16 -14.10 49.22
CA GLY I 164 -87.47 -14.64 48.06
C GLY I 164 -86.12 -15.27 48.39
N MET I 165 -85.37 -14.70 49.34
CA MET I 165 -84.15 -15.34 49.84
C MET I 165 -84.45 -16.72 50.43
N TYR I 166 -85.41 -16.82 51.35
CA TYR I 166 -85.72 -18.10 52.01
C TYR I 166 -86.27 -19.14 51.03
N ASN I 167 -87.11 -18.76 50.06
CA ASN I 167 -87.52 -19.69 49.01
C ASN I 167 -86.33 -20.10 48.13
N SER I 168 -85.45 -19.16 47.76
CA SER I 168 -84.28 -19.47 46.94
C SER I 168 -83.25 -20.36 47.63
N MET I 169 -83.36 -20.60 48.94
CA MET I 169 -82.58 -21.63 49.63
C MET I 169 -82.95 -23.06 49.22
N GLN I 170 -84.06 -23.28 48.53
CA GLN I 170 -84.45 -24.60 48.05
C GLN I 170 -83.31 -25.17 47.20
N PRO I 171 -82.87 -26.41 47.39
CA PRO I 171 -81.60 -26.89 46.84
C PRO I 171 -81.46 -26.76 45.33
N SER I 172 -82.52 -27.03 44.57
CA SER I 172 -82.51 -26.87 43.11
C SER I 172 -82.40 -25.40 42.69
N ILE I 173 -83.10 -24.50 43.38
CA ILE I 173 -83.06 -23.07 43.09
C ILE I 173 -81.72 -22.45 43.47
N HIS I 174 -81.19 -22.79 44.64
CA HIS I 174 -79.87 -22.34 45.08
C HIS I 174 -78.80 -22.86 44.13
N LEU I 175 -78.86 -24.13 43.71
CA LEU I 175 -77.94 -24.68 42.72
C LEU I 175 -78.01 -23.99 41.34
N MET I 176 -79.10 -23.34 40.96
CA MET I 176 -79.16 -22.54 39.73
C MET I 176 -78.54 -21.15 39.85
N GLN I 177 -78.39 -20.59 41.05
CA GLN I 177 -77.92 -19.21 41.22
C GLN I 177 -76.49 -18.99 40.73
N GLN I 178 -76.20 -17.76 40.32
CA GLN I 178 -74.84 -17.33 39.99
C GLN I 178 -73.98 -17.15 41.24
N ASN I 179 -72.67 -17.35 41.11
CA ASN I 179 -71.71 -17.28 42.21
C ASN I 179 -72.06 -18.22 43.39
N LYS I 180 -72.69 -19.35 43.07
CA LYS I 180 -72.76 -20.53 43.93
C LYS I 180 -71.39 -21.18 44.04
N LEU I 181 -71.21 -21.97 45.08
CA LEU I 181 -70.17 -22.97 45.22
C LEU I 181 -70.84 -24.30 45.54
N ILE I 182 -70.59 -25.33 44.74
CA ILE I 182 -71.09 -26.69 45.00
C ILE I 182 -69.96 -27.47 45.63
N VAL I 183 -70.22 -28.11 46.76
CA VAL I 183 -69.28 -29.01 47.42
C VAL I 183 -69.84 -30.42 47.34
N PRO I 184 -69.35 -31.28 46.42
CA PRO I 184 -69.74 -32.67 46.38
C PRO I 184 -69.27 -33.38 47.65
N SER I 185 -70.01 -34.37 48.12
CA SER I 185 -69.54 -35.27 49.15
C SER I 185 -68.32 -36.07 48.68
N LYS I 186 -67.57 -36.64 49.63
CA LYS I 186 -66.46 -37.55 49.30
C LYS I 186 -66.93 -38.78 48.53
N GLN I 187 -68.17 -39.20 48.74
CA GLN I 187 -68.81 -40.27 47.98
C GLN I 187 -69.10 -39.86 46.53
N THR I 188 -69.66 -38.68 46.27
CA THR I 188 -69.99 -38.27 44.89
C THR I 188 -68.78 -37.81 44.08
N GLN I 189 -67.71 -37.29 44.70
CA GLN I 189 -66.46 -37.00 44.00
C GLN I 189 -65.25 -37.05 44.93
N LYS I 190 -64.31 -37.95 44.67
CA LYS I 190 -62.95 -37.91 45.26
C LYS I 190 -62.14 -36.81 44.60
N ARG I 191 -61.42 -36.01 45.38
CA ARG I 191 -60.68 -34.81 44.94
C ARG I 191 -59.24 -34.84 45.44
N ARG I 192 -58.35 -34.11 44.76
CA ARG I 192 -56.96 -33.91 45.19
C ARG I 192 -56.90 -33.22 46.54
N LYS I 193 -57.55 -32.06 46.65
CA LYS I 193 -57.73 -31.32 47.92
C LYS I 193 -59.12 -31.62 48.46
N PRO I 194 -59.27 -32.00 49.75
CA PRO I 194 -60.56 -32.39 50.32
C PRO I 194 -61.47 -31.20 50.68
N TYR I 195 -61.13 -30.00 50.24
CA TYR I 195 -61.80 -28.75 50.55
C TYR I 195 -61.76 -27.80 49.35
N ILE I 196 -62.66 -26.83 49.32
CA ILE I 196 -62.61 -25.71 48.38
C ILE I 196 -62.33 -24.42 49.16
N LYS I 197 -61.31 -23.69 48.76
CA LYS I 197 -60.79 -22.50 49.45
C LYS I 197 -61.07 -21.25 48.64
N LYS I 198 -61.62 -20.21 49.27
CA LYS I 198 -61.72 -18.89 48.65
C LYS I 198 -61.65 -17.72 49.61
N HIS I 199 -61.10 -16.62 49.12
CA HIS I 199 -60.88 -15.38 49.85
C HIS I 199 -62.01 -14.42 49.59
N ILE I 200 -62.51 -13.79 50.64
CA ILE I 200 -63.65 -12.88 50.62
C ILE I 200 -63.20 -11.51 51.12
N SER I 201 -63.42 -10.48 50.32
CA SER I 201 -63.04 -9.10 50.62
C SER I 201 -63.98 -8.48 51.68
N PRO I 202 -63.60 -7.44 52.43
CA PRO I 202 -64.52 -6.76 53.33
C PRO I 202 -65.79 -6.23 52.64
N PRO I 203 -66.88 -5.99 53.38
CA PRO I 203 -68.02 -5.22 52.88
C PRO I 203 -67.56 -3.91 52.23
N THR I 204 -68.22 -3.48 51.16
CA THR I 204 -67.81 -2.23 50.45
C THR I 204 -67.89 -1.00 51.37
N GLN I 205 -68.75 -1.06 52.40
CA GLN I 205 -68.91 0.04 53.40
C GLN I 205 -67.79 -0.01 54.45
N MET I 206 -67.16 -1.15 54.66
CA MET I 206 -65.97 -1.28 55.52
C MET I 206 -64.73 -0.90 54.70
N LYS I 207 -64.26 0.34 54.84
CA LYS I 207 -63.07 0.82 54.12
C LYS I 207 -61.80 0.32 54.79
N SER I 208 -60.64 0.50 54.18
CA SER I 208 -59.36 0.04 54.73
C SER I 208 -58.91 0.81 55.98
N GLN I 209 -59.59 1.90 56.35
CA GLN I 209 -59.29 2.70 57.53
C GLN I 209 -59.35 1.91 58.85
N TRP I 210 -58.74 2.45 59.90
CA TRP I 210 -58.95 1.99 61.27
C TRP I 210 -60.32 2.39 61.80
N TYR I 211 -60.92 1.53 62.63
CA TYR I 211 -62.18 1.76 63.31
C TYR I 211 -62.06 1.35 64.77
N PHE I 212 -62.67 2.05 65.71
CA PHE I 212 -62.80 1.53 67.06
C PHE I 212 -63.52 0.18 67.08
N GLN I 213 -63.00 -0.79 67.82
CA GLN I 213 -63.61 -2.14 67.90
C GLN I 213 -65.03 -2.07 68.47
N HIS I 214 -65.35 -1.06 69.30
CA HIS I 214 -66.71 -0.85 69.86
C HIS I 214 -67.70 -0.52 68.74
N ASN I 215 -67.27 0.23 67.73
CA ASN I 215 -68.13 0.64 66.63
C ASN I 215 -68.40 -0.51 65.66
N ILE I 216 -67.37 -1.23 65.23
CA ILE I 216 -67.48 -2.33 64.26
C ILE I 216 -67.91 -3.67 64.87
N ALA I 217 -67.96 -3.81 66.19
CA ALA I 217 -68.24 -5.09 66.85
C ALA I 217 -69.46 -5.82 66.28
N ASN I 218 -70.58 -5.12 66.09
CA ASN I 218 -71.84 -5.71 65.65
C ASN I 218 -72.11 -5.61 64.14
N ILE I 219 -71.27 -4.94 63.37
CA ILE I 219 -71.41 -4.82 61.91
C ILE I 219 -71.22 -6.20 61.26
N PRO I 220 -72.20 -6.76 60.53
CA PRO I 220 -72.06 -8.08 59.94
C PRO I 220 -71.12 -8.02 58.73
N LEU I 221 -69.93 -8.65 58.83
CA LEU I 221 -68.86 -8.54 57.79
C LEU I 221 -68.94 -9.67 56.76
N LEU I 222 -69.77 -10.68 56.99
CA LEU I 222 -69.99 -11.77 56.05
C LEU I 222 -71.37 -12.40 56.28
N MET I 223 -72.09 -12.71 55.20
CA MET I 223 -73.21 -13.65 55.24
C MET I 223 -72.88 -14.92 54.46
N ILE I 224 -73.08 -16.09 55.06
CA ILE I 224 -72.97 -17.39 54.37
C ILE I 224 -74.36 -18.01 54.30
N ARG I 225 -74.80 -18.42 53.12
CA ARG I 225 -76.04 -19.17 52.88
C ARG I 225 -75.68 -20.57 52.43
N THR I 226 -76.17 -21.60 53.09
CA THR I 226 -75.86 -23.01 52.75
C THR I 226 -77.13 -23.83 52.71
N THR I 227 -77.25 -24.75 51.76
CA THR I 227 -78.37 -25.72 51.69
C THR I 227 -77.83 -27.11 51.38
N ALA I 228 -78.38 -28.13 52.03
CA ALA I 228 -78.08 -29.53 51.81
C ALA I 228 -78.73 -30.07 50.53
N LEU I 229 -78.02 -30.94 49.81
CA LEU I 229 -78.27 -31.26 48.41
C LEU I 229 -77.98 -32.74 48.14
N THR I 230 -78.59 -33.32 47.10
CA THR I 230 -77.96 -34.47 46.43
C THR I 230 -77.90 -34.27 44.94
N LEU I 231 -76.73 -34.52 44.35
CA LEU I 231 -76.50 -34.48 42.92
C LEU I 231 -76.90 -35.78 42.22
N ASP I 232 -76.61 -36.94 42.83
CA ASP I 232 -76.89 -38.27 42.26
C ASP I 232 -78.35 -38.74 42.41
N ASN I 233 -79.11 -38.17 43.33
CA ASN I 233 -80.52 -38.47 43.58
C ASN I 233 -81.39 -37.24 43.35
N TYR I 234 -80.98 -36.34 42.46
CA TYR I 234 -81.59 -35.02 42.29
C TYR I 234 -83.10 -35.05 42.07
N TYR I 235 -83.60 -35.95 41.22
CA TYR I 235 -85.04 -36.06 40.93
C TYR I 235 -85.77 -36.99 41.88
N ILE I 236 -85.25 -38.20 42.08
CA ILE I 236 -85.90 -39.21 42.93
C ILE I 236 -85.89 -38.79 44.40
N GLY I 237 -84.79 -38.22 44.88
CA GLY I 237 -84.61 -37.76 46.25
C GLY I 237 -84.78 -38.90 47.22
N SER I 238 -85.81 -38.83 48.07
CA SER I 238 -86.22 -39.91 48.97
C SER I 238 -87.61 -40.48 48.67
N ARG I 239 -88.10 -40.31 47.43
CA ARG I 239 -89.35 -40.90 46.94
C ARG I 239 -89.39 -42.41 47.17
N GLN I 240 -90.56 -42.91 47.59
CA GLN I 240 -90.87 -44.34 47.73
C GLN I 240 -92.15 -44.64 46.93
N LEU I 241 -92.21 -45.76 46.22
CA LEU I 241 -93.36 -46.15 45.39
C LEU I 241 -93.70 -45.04 44.36
N SER I 242 -94.94 -44.56 44.33
CA SER I 242 -95.44 -43.54 43.39
C SER I 242 -94.72 -42.20 43.51
N THR I 243 -94.73 -41.39 42.44
CA THR I 243 -94.29 -39.99 42.50
C THR I 243 -95.20 -39.12 43.37
N ASN I 244 -96.49 -39.49 43.49
CA ASN I 244 -97.47 -38.79 44.33
C ASN I 244 -97.12 -38.92 45.82
N VAL I 245 -97.19 -37.82 46.55
CA VAL I 245 -97.15 -37.78 48.02
C VAL I 245 -98.56 -37.57 48.57
N THR I 246 -98.89 -38.21 49.68
CA THR I 246 -100.18 -38.04 50.35
C THR I 246 -100.10 -36.97 51.43
N ILE I 247 -100.97 -35.97 51.37
CA ILE I 247 -101.11 -34.91 52.36
C ILE I 247 -102.40 -35.15 53.13
N HIS I 248 -102.34 -35.09 54.47
CA HIS I 248 -103.57 -35.15 55.29
C HIS I 248 -103.99 -33.69 55.49
N THR I 249 -105.28 -33.39 55.59
CA THR I 249 -105.78 -32.04 55.87
C THR I 249 -107.06 -32.06 56.71
N LEU I 250 -107.36 -30.93 57.38
CA LEU I 250 -108.64 -30.79 58.09
C LEU I 250 -109.71 -30.48 57.03
N ASN I 251 -110.79 -31.27 56.97
CA ASN I 251 -111.90 -30.93 56.04
C ASN I 251 -112.20 -29.44 56.23
N THR I 252 -112.13 -28.64 55.17
CA THR I 252 -112.38 -27.19 55.23
C THR I 252 -113.86 -26.96 55.24
N THR I 253 -114.65 -27.82 54.58
CA THR I 253 -116.09 -27.64 54.39
C THR I 253 -116.92 -27.94 55.65
N TYR I 254 -116.28 -28.34 56.76
CA TYR I 254 -116.97 -28.64 58.03
C TYR I 254 -116.23 -28.11 59.26
N ILE I 255 -114.90 -28.21 59.30
CA ILE I 255 -114.06 -27.74 60.42
C ILE I 255 -113.60 -26.30 60.14
N GLN I 256 -114.26 -25.27 60.66
CA GLN I 256 -113.86 -23.89 60.32
C GLN I 256 -113.86 -22.93 61.52
N ASN I 257 -114.44 -23.33 62.66
CA ASN I 257 -114.62 -22.35 63.73
C ASN I 257 -113.33 -21.90 64.43
N ARG I 258 -112.26 -22.70 64.38
CA ARG I 258 -110.93 -22.36 64.97
C ARG I 258 -111.04 -21.95 66.46
N ASP I 259 -112.02 -22.49 67.20
CA ASP I 259 -112.18 -22.21 68.64
C ASP I 259 -111.48 -23.25 69.52
N TRP I 260 -110.17 -23.44 69.34
CA TRP I 260 -109.43 -24.57 69.89
C TRP I 260 -108.75 -24.33 71.23
N GLY I 261 -108.50 -25.44 71.96
CA GLY I 261 -107.59 -25.45 73.10
C GLY I 261 -108.18 -24.98 74.43
N ASP I 262 -109.48 -25.18 74.66
CA ASP I 262 -110.13 -25.01 75.97
C ASP I 262 -110.94 -26.26 76.38
N ARG I 263 -110.93 -26.61 77.67
CA ARG I 263 -111.84 -27.66 78.21
C ARG I 263 -113.04 -26.89 78.78
N ASN I 264 -113.03 -25.55 78.71
CA ASN I 264 -114.07 -24.66 79.24
C ASN I 264 -115.14 -24.28 78.20
N LYS I 265 -115.17 -24.93 77.03
CA LYS I 265 -116.01 -24.60 75.87
C LYS I 265 -116.46 -25.86 75.14
N THR I 266 -117.77 -26.06 74.97
CA THR I 266 -118.30 -27.12 74.10
C THR I 266 -117.95 -26.80 72.64
N TYR I 267 -117.24 -27.70 71.96
CA TYR I 267 -116.78 -27.44 70.59
C TYR I 267 -117.89 -27.60 69.55
N TYR I 268 -117.92 -26.67 68.60
CA TYR I 268 -118.81 -26.66 67.46
C TYR I 268 -117.95 -26.40 66.22
N CYS I 269 -118.17 -27.15 65.14
CA CYS I 269 -117.22 -27.21 64.03
C CYS I 269 -117.41 -26.09 63.00
N GLN I 270 -118.65 -25.67 62.72
CA GLN I 270 -118.94 -24.56 61.82
C GLN I 270 -120.18 -23.77 62.26
N THR I 271 -120.28 -22.52 61.80
CA THR I 271 -121.51 -21.73 61.81
C THR I 271 -121.97 -21.51 60.36
N LEU I 272 -123.28 -21.65 60.10
CA LEU I 272 -123.89 -21.25 58.84
C LEU I 272 -125.16 -20.44 59.13
N GLY I 273 -125.33 -19.28 58.50
CA GLY I 273 -126.38 -18.33 58.89
C GLY I 273 -126.26 -17.95 60.38
N THR I 274 -127.29 -18.26 61.17
CA THR I 274 -127.28 -18.14 62.64
C THR I 274 -126.93 -19.44 63.37
N GLN I 275 -126.89 -20.59 62.67
CA GLN I 275 -126.75 -21.92 63.28
C GLN I 275 -125.33 -22.18 63.79
N ARG I 276 -125.21 -23.18 64.67
CA ARG I 276 -123.96 -23.87 65.04
C ARG I 276 -124.11 -25.35 64.71
N TYR I 277 -123.03 -25.99 64.28
CA TYR I 277 -123.00 -27.41 63.94
C TYR I 277 -122.02 -28.17 64.82
N PHE I 278 -122.35 -29.40 65.15
CA PHE I 278 -121.75 -30.18 66.21
C PHE I 278 -121.43 -31.59 65.72
N LEU I 279 -120.42 -32.20 66.33
CA LEU I 279 -119.90 -33.52 65.98
C LEU I 279 -120.15 -34.47 67.15
N TYR I 280 -120.44 -35.73 66.85
CA TYR I 280 -120.61 -36.79 67.84
C TYR I 280 -119.93 -38.07 67.38
N GLY I 281 -119.19 -38.74 68.26
CA GLY I 281 -118.61 -40.06 67.97
C GLY I 281 -119.58 -41.17 68.36
N THR I 282 -119.48 -42.34 67.74
CA THR I 282 -120.17 -43.54 68.24
C THR I 282 -119.38 -44.80 67.96
N HIS I 283 -119.55 -45.83 68.80
CA HIS I 283 -118.95 -47.16 68.57
C HIS I 283 -120.04 -48.06 67.98
N SER I 284 -121.24 -47.50 67.72
CA SER I 284 -122.37 -48.28 67.22
C SER I 284 -122.08 -48.96 65.89
N THR I 285 -122.53 -50.21 65.77
CA THR I 285 -122.52 -50.99 64.52
C THR I 285 -123.72 -50.69 63.63
N ALA I 286 -124.62 -49.79 64.04
CA ALA I 286 -125.81 -49.43 63.27
C ALA I 286 -125.45 -48.90 61.87
N GLN I 287 -126.09 -49.46 60.84
CA GLN I 287 -125.82 -49.11 59.45
C GLN I 287 -126.54 -47.83 59.00
N ASN I 288 -127.67 -47.50 59.64
CA ASN I 288 -128.54 -46.40 59.21
C ASN I 288 -128.44 -45.22 60.20
N ILE I 289 -128.07 -44.04 59.69
CA ILE I 289 -127.91 -42.81 60.47
C ILE I 289 -129.20 -42.38 61.20
N ASN I 290 -130.38 -42.79 60.70
CA ASN I 290 -131.66 -42.44 61.31
C ASN I 290 -131.91 -43.17 62.64
N ASP I 291 -131.56 -44.47 62.74
CA ASP I 291 -131.95 -45.34 63.91
C ASP I 291 -130.97 -45.34 65.09
N ILE I 292 -129.80 -44.74 64.97
CA ILE I 292 -128.88 -44.59 66.11
C ILE I 292 -129.62 -43.91 67.26
N LYS I 293 -129.38 -44.34 68.50
CA LYS I 293 -130.04 -43.78 69.70
C LYS I 293 -129.54 -42.36 70.00
N LEU I 294 -130.14 -41.71 71.00
CA LEU I 294 -129.59 -40.42 71.49
C LEU I 294 -128.45 -40.79 72.45
N GLN I 295 -128.45 -42.03 72.97
CA GLN I 295 -127.42 -42.53 73.91
C GLN I 295 -126.10 -42.88 73.20
N GLU I 296 -126.17 -43.52 72.04
CA GLU I 296 -124.96 -44.00 71.32
C GLU I 296 -123.96 -42.86 71.14
N LEU I 297 -124.44 -41.66 70.80
CA LEU I 297 -123.54 -40.51 70.49
C LEU I 297 -122.63 -40.15 71.68
N ILE I 298 -121.35 -39.88 71.41
CA ILE I 298 -120.36 -39.44 72.46
C ILE I 298 -120.09 -37.97 72.12
N PRO I 299 -120.75 -37.00 72.77
CA PRO I 299 -120.66 -35.60 72.37
C PRO I 299 -119.28 -35.07 72.67
N LEU I 300 -118.81 -34.08 71.92
CA LEU I 300 -117.45 -33.51 72.09
C LEU I 300 -117.54 -32.16 72.82
N THR I 301 -117.09 -32.08 74.07
CA THR I 301 -117.15 -30.85 74.90
C THR I 301 -115.74 -30.36 75.16
N ASN I 302 -114.72 -31.04 74.61
CA ASN I 302 -113.32 -30.63 74.77
C ASN I 302 -112.63 -30.74 73.40
N THR I 303 -111.75 -29.79 73.05
CA THR I 303 -110.75 -30.03 71.98
C THR I 303 -109.32 -30.10 72.49
N GLN I 304 -109.07 -29.55 73.69
CA GLN I 304 -107.70 -29.39 74.27
C GLN I 304 -107.01 -30.70 74.70
N ASP I 305 -107.71 -31.83 74.76
CA ASP I 305 -107.09 -33.08 75.25
C ASP I 305 -107.02 -34.19 74.22
N TYR I 306 -106.13 -35.17 74.44
CA TYR I 306 -106.07 -36.38 73.61
C TYR I 306 -107.20 -37.38 73.88
N VAL I 307 -108.02 -37.15 74.92
CA VAL I 307 -108.99 -38.12 75.44
C VAL I 307 -110.01 -38.55 74.38
N GLN I 308 -110.29 -39.85 74.30
CA GLN I 308 -111.28 -40.45 73.39
C GLN I 308 -112.72 -40.23 73.82
N GLY I 309 -112.94 -40.04 75.13
CA GLY I 309 -114.25 -40.15 75.74
C GLY I 309 -114.67 -41.62 75.89
N PHE I 310 -115.92 -41.87 76.24
CA PHE I 310 -116.51 -43.20 76.32
C PHE I 310 -118.03 -43.15 76.13
N ASP I 311 -118.61 -44.30 75.85
CA ASP I 311 -120.04 -44.46 75.60
C ASP I 311 -120.88 -44.47 76.89
N TRP I 312 -122.17 -44.10 76.80
CA TRP I 312 -123.12 -44.11 77.91
C TRP I 312 -123.30 -45.49 78.55
N THR I 313 -123.00 -46.58 77.82
CA THR I 313 -122.95 -47.93 78.39
C THR I 313 -121.90 -48.09 79.51
N GLU I 314 -120.94 -47.18 79.63
CA GLU I 314 -119.96 -47.15 80.73
C GLU I 314 -120.36 -46.20 81.88
N LYS I 315 -121.62 -45.73 81.92
CA LYS I 315 -122.19 -44.92 83.02
C LYS I 315 -121.80 -45.46 84.40
N ASP I 316 -121.96 -46.77 84.61
CA ASP I 316 -121.67 -47.43 85.89
C ASP I 316 -120.17 -47.62 86.17
N LYS I 317 -119.28 -47.49 85.18
CA LYS I 317 -117.82 -47.55 85.40
C LYS I 317 -117.25 -46.23 85.94
N HIS I 318 -117.91 -45.10 85.62
CA HIS I 318 -117.49 -43.74 86.07
C HIS I 318 -118.54 -43.12 86.99
N ASN I 319 -119.35 -43.93 87.67
CA ASN I 319 -120.35 -43.51 88.66
C ASN I 319 -121.21 -42.32 88.17
N ILE I 320 -121.49 -42.28 86.87
CA ILE I 320 -122.26 -41.19 86.23
C ILE I 320 -123.72 -41.25 86.66
N THR I 321 -124.26 -40.12 87.10
CA THR I 321 -125.67 -40.00 87.51
C THR I 321 -126.55 -39.31 86.46
N THR I 322 -125.97 -38.48 85.60
CA THR I 322 -126.72 -37.66 84.62
C THR I 322 -125.95 -37.50 83.31
N TYR I 323 -126.65 -37.10 82.25
CA TYR I 323 -126.01 -36.72 80.99
C TYR I 323 -125.02 -35.55 81.18
N LYS I 324 -125.23 -34.66 82.15
CA LYS I 324 -124.25 -33.62 82.55
C LYS I 324 -122.91 -34.23 82.98
N GLU I 325 -122.92 -35.29 83.80
CA GLU I 325 -121.70 -36.03 84.15
C GLU I 325 -121.16 -36.89 82.99
N PHE I 326 -122.02 -37.38 82.10
CA PHE I 326 -121.56 -38.02 80.86
C PHE I 326 -120.82 -37.04 79.94
N LEU I 327 -121.33 -35.81 79.76
CA LEU I 327 -120.68 -34.71 79.04
C LEU I 327 -119.30 -34.38 79.63
N THR I 328 -119.17 -34.29 80.95
CA THR I 328 -117.90 -33.86 81.56
C THR I 328 -116.89 -35.00 81.65
N LYS I 329 -117.32 -36.22 82.04
CA LYS I 329 -116.39 -37.36 82.15
C LYS I 329 -116.11 -38.05 80.81
N GLY I 330 -117.14 -38.21 79.97
CA GLY I 330 -117.14 -39.13 78.83
C GLY I 330 -117.07 -38.51 77.43
N ALA I 331 -117.07 -37.18 77.31
CA ALA I 331 -116.93 -36.56 76.00
C ALA I 331 -115.57 -36.82 75.33
N GLY I 332 -115.55 -36.96 74.00
CA GLY I 332 -114.38 -37.29 73.22
C GLY I 332 -113.78 -36.10 72.47
N ASN I 333 -112.46 -36.01 72.35
CA ASN I 333 -111.86 -34.94 71.55
C ASN I 333 -111.88 -35.37 70.06
N PRO I 334 -112.33 -34.52 69.11
CA PRO I 334 -112.53 -34.94 67.72
C PRO I 334 -111.24 -35.35 67.01
N PHE I 335 -110.09 -34.89 67.53
CA PHE I 335 -108.76 -35.17 67.02
C PHE I 335 -108.10 -36.39 67.68
N HIS I 336 -108.80 -37.17 68.50
CA HIS I 336 -108.28 -38.45 68.98
C HIS I 336 -108.06 -39.41 67.79
N ALA I 337 -107.13 -40.36 67.91
CA ALA I 337 -106.65 -41.19 66.79
C ALA I 337 -107.73 -41.99 66.06
N GLU I 338 -108.88 -42.28 66.69
CA GLU I 338 -110.02 -42.92 66.00
C GLU I 338 -111.03 -41.92 65.45
N TRP I 339 -111.26 -40.78 66.09
CA TRP I 339 -112.20 -39.75 65.61
C TRP I 339 -111.63 -38.86 64.50
N ILE I 340 -110.30 -38.63 64.50
CA ILE I 340 -109.60 -37.75 63.53
C ILE I 340 -109.83 -38.15 62.08
N THR I 341 -109.86 -39.46 61.80
CA THR I 341 -110.15 -40.05 60.48
C THR I 341 -111.42 -40.90 60.48
N ALA I 342 -112.25 -40.77 61.54
CA ALA I 342 -113.47 -41.54 61.74
C ALA I 342 -113.29 -43.06 61.53
N GLN I 343 -112.22 -43.63 62.09
CA GLN I 343 -112.00 -45.09 62.11
C GLN I 343 -113.22 -45.80 62.71
N ASN I 344 -113.74 -45.26 63.81
CA ASN I 344 -115.09 -45.53 64.31
C ASN I 344 -115.99 -44.35 63.91
N PRO I 345 -117.24 -44.58 63.46
CA PRO I 345 -118.06 -43.53 62.84
C PRO I 345 -118.19 -42.25 63.69
N VAL I 346 -118.23 -41.11 62.99
CA VAL I 346 -118.39 -39.77 63.53
C VAL I 346 -119.53 -39.09 62.80
N ILE I 347 -120.43 -38.46 63.55
CA ILE I 347 -121.69 -37.92 63.07
C ILE I 347 -121.68 -36.40 63.20
N HIS I 348 -121.97 -35.68 62.11
CA HIS I 348 -122.07 -34.22 62.05
C HIS I 348 -123.54 -33.81 62.01
N THR I 349 -123.96 -32.83 62.81
CA THR I 349 -125.37 -32.42 62.90
C THR I 349 -125.52 -30.95 63.31
N ALA I 350 -126.65 -30.34 62.95
CA ALA I 350 -127.06 -29.04 63.51
C ALA I 350 -127.58 -29.15 64.96
N ASN I 351 -127.95 -30.35 65.42
CA ASN I 351 -128.57 -30.51 66.73
C ASN I 351 -127.56 -30.34 67.87
N SER I 352 -127.68 -29.23 68.60
CA SER I 352 -126.78 -28.92 69.71
C SER I 352 -126.91 -29.94 70.84
N PRO I 353 -125.79 -30.29 71.52
CA PRO I 353 -125.81 -31.15 72.70
C PRO I 353 -126.79 -30.65 73.76
N THR I 354 -127.02 -29.34 73.88
CA THR I 354 -127.99 -28.80 74.85
C THR I 354 -129.44 -29.12 74.50
N GLN I 355 -129.78 -29.29 73.22
CA GLN I 355 -131.10 -29.85 72.89
C GLN I 355 -131.17 -31.33 73.31
N ILE I 356 -130.09 -32.09 73.12
CA ILE I 356 -129.99 -33.46 73.65
C ILE I 356 -130.03 -33.47 75.20
N GLU I 357 -129.42 -32.49 75.87
CA GLU I 357 -129.52 -32.31 77.33
C GLU I 357 -130.98 -32.14 77.73
N GLN I 358 -131.72 -31.27 77.05
CA GLN I 358 -133.13 -31.06 77.32
C GLN I 358 -133.92 -32.37 77.13
N ILE I 359 -133.65 -33.16 76.08
CA ILE I 359 -134.33 -34.45 75.90
C ILE I 359 -133.97 -35.45 77.02
N TYR I 360 -132.69 -35.59 77.40
CA TYR I 360 -132.28 -36.44 78.51
C TYR I 360 -132.87 -35.97 79.85
N THR I 361 -132.66 -34.71 80.20
CA THR I 361 -133.05 -34.16 81.51
C THR I 361 -134.57 -34.09 81.66
N ALA I 362 -135.31 -33.81 80.59
CA ALA I 362 -136.77 -33.86 80.63
C ALA I 362 -137.27 -35.26 81.01
N SER I 363 -136.71 -36.33 80.44
CA SER I 363 -136.87 -37.69 80.96
C SER I 363 -135.77 -38.65 80.49
N THR I 364 -135.01 -39.18 81.45
CA THR I 364 -133.94 -40.18 81.23
C THR I 364 -134.48 -41.49 80.68
N THR I 365 -135.71 -41.87 81.05
CA THR I 365 -136.40 -43.06 80.54
C THR I 365 -136.74 -42.93 79.05
N THR I 366 -137.07 -41.73 78.56
CA THR I 366 -137.31 -41.53 77.11
C THR I 366 -136.02 -41.29 76.32
N PHE I 367 -134.87 -41.05 76.97
CA PHE I 367 -133.56 -41.05 76.31
C PHE I 367 -133.19 -42.43 75.75
N GLN I 368 -133.61 -43.51 76.42
CA GLN I 368 -133.55 -44.88 75.91
C GLN I 368 -134.41 -45.05 74.64
N ASN I 369 -135.62 -44.48 74.64
CA ASN I 369 -136.57 -44.63 73.54
C ASN I 369 -136.20 -43.78 72.31
N LYS I 370 -135.76 -42.54 72.51
CA LYS I 370 -135.48 -41.59 71.41
C LYS I 370 -134.27 -42.04 70.58
N LYS I 371 -134.43 -41.95 69.26
CA LYS I 371 -133.39 -42.17 68.23
C LYS I 371 -133.07 -40.88 67.50
N LEU I 372 -132.18 -40.93 66.51
CA LEU I 372 -131.84 -39.78 65.65
C LEU I 372 -133.01 -39.33 64.75
N THR I 373 -134.01 -40.18 64.52
CA THR I 373 -135.32 -39.76 64.00
C THR I 373 -136.05 -38.82 64.96
N ASP I 374 -136.84 -37.89 64.43
CA ASP I 374 -137.70 -36.97 65.18
C ASP I 374 -136.98 -36.13 66.26
N LEU I 375 -135.67 -35.90 66.10
CA LEU I 375 -134.92 -34.96 66.93
C LEU I 375 -135.04 -33.53 66.42
N PRO I 376 -134.81 -32.51 67.27
CA PRO I 376 -134.73 -31.13 66.82
C PRO I 376 -133.54 -30.92 65.87
N THR I 377 -133.73 -30.09 64.85
CA THR I 377 -132.73 -29.78 63.79
C THR I 377 -131.85 -31.00 63.44
N PRO I 378 -132.42 -32.14 62.97
CA PRO I 378 -131.61 -33.35 62.78
C PRO I 378 -130.88 -33.52 61.47
N GLY I 379 -129.78 -32.79 61.27
CA GLY I 379 -128.95 -32.92 60.07
C GLY I 379 -127.88 -33.96 60.31
N TYR I 380 -128.24 -35.11 60.90
CA TYR I 380 -127.27 -36.19 61.22
C TYR I 380 -126.70 -36.77 59.93
N ILE I 381 -125.39 -36.63 59.70
CA ILE I 381 -124.70 -37.12 58.47
C ILE I 381 -123.46 -37.90 58.93
N PHE I 382 -122.71 -38.54 58.03
CA PHE I 382 -121.42 -39.22 58.39
C PHE I 382 -120.29 -38.40 57.77
N ILE I 383 -119.55 -37.63 58.58
CA ILE I 383 -118.48 -36.73 58.09
C ILE I 383 -117.16 -37.06 58.77
N THR I 384 -116.04 -37.03 58.03
CA THR I 384 -114.70 -37.30 58.57
C THR I 384 -113.95 -35.98 58.79
N PRO I 385 -113.40 -35.70 59.99
CA PRO I 385 -112.65 -34.47 60.25
C PRO I 385 -111.42 -34.32 59.34
N THR I 386 -110.78 -35.42 58.97
CA THR I 386 -109.64 -35.47 58.06
C THR I 386 -110.03 -36.00 56.68
N VAL I 387 -109.43 -35.43 55.63
CA VAL I 387 -109.36 -36.02 54.30
C VAL I 387 -107.88 -36.15 53.89
N SER I 388 -107.55 -37.18 53.10
CA SER I 388 -106.22 -37.34 52.51
C SER I 388 -106.24 -36.95 51.03
N LEU I 389 -105.38 -36.01 50.65
CA LEU I 389 -105.16 -35.57 49.27
C LEU I 389 -103.93 -36.25 48.68
N ARG I 390 -103.86 -36.38 47.36
CA ARG I 390 -102.64 -36.74 46.62
C ARG I 390 -102.11 -35.52 45.89
N TYR I 391 -100.83 -35.22 46.08
CA TYR I 391 -100.10 -34.15 45.40
C TYR I 391 -99.03 -34.75 44.50
N ASN I 392 -98.93 -34.26 43.28
CA ASN I 392 -97.87 -34.62 42.35
C ASN I 392 -97.10 -33.34 41.95
N PRO I 393 -95.78 -33.24 42.23
CA PRO I 393 -95.04 -32.03 41.95
C PRO I 393 -94.92 -31.73 40.46
N TYR I 394 -94.92 -32.77 39.62
CA TYR I 394 -94.75 -32.59 38.15
C TYR I 394 -96.07 -32.13 37.53
N LYS I 395 -97.18 -32.30 38.26
CA LYS I 395 -98.53 -31.88 37.78
C LYS I 395 -98.84 -30.46 38.30
N ASP I 396 -97.89 -29.83 39.00
CA ASP I 396 -98.12 -28.50 39.64
C ASP I 396 -97.66 -27.36 38.71
N LEU I 397 -98.55 -26.42 38.39
CA LEU I 397 -98.24 -25.34 37.45
C LEU I 397 -98.15 -23.97 38.14
N ALA I 398 -98.39 -23.90 39.45
CA ALA I 398 -98.24 -22.68 40.23
C ALA I 398 -99.05 -21.46 39.75
N GLU I 399 -100.21 -21.64 39.10
CA GLU I 399 -100.97 -20.51 38.55
C GLU I 399 -101.82 -19.80 39.62
N ARG I 400 -102.27 -20.54 40.64
CA ARG I 400 -103.12 -20.01 41.73
C ARG I 400 -102.71 -20.55 43.11
N ASN I 401 -101.43 -20.93 43.23
CA ASN I 401 -100.84 -21.37 44.50
C ASN I 401 -100.68 -20.19 45.46
N LYS I 402 -100.85 -20.44 46.75
CA LYS I 402 -100.87 -19.41 47.81
C LYS I 402 -100.58 -20.03 49.16
N CYS I 403 -100.07 -19.27 50.13
CA CYS I 403 -99.65 -19.78 51.43
C CYS I 403 -99.60 -18.65 52.48
N TYR I 404 -100.15 -18.88 53.68
CA TYR I 404 -100.15 -17.90 54.77
C TYR I 404 -100.47 -18.52 56.13
N PHE I 405 -100.21 -17.80 57.22
CA PHE I 405 -100.55 -18.21 58.58
C PHE I 405 -101.79 -17.49 59.11
N VAL I 406 -102.68 -18.22 59.78
CA VAL I 406 -103.87 -17.69 60.47
C VAL I 406 -103.76 -18.00 61.96
N ARG I 407 -104.40 -17.20 62.82
CA ARG I 407 -104.36 -17.35 64.28
C ARG I 407 -105.19 -18.56 64.72
N SER I 408 -104.60 -19.52 65.42
CA SER I 408 -105.29 -20.75 65.84
C SER I 408 -106.15 -20.53 67.11
N LYS I 409 -105.56 -20.00 68.19
CA LYS I 409 -106.29 -19.63 69.41
C LYS I 409 -106.89 -18.22 69.32
N ILE I 410 -107.89 -18.02 68.45
CA ILE I 410 -108.80 -16.88 68.50
C ILE I 410 -110.22 -17.27 68.13
N ASN I 411 -111.18 -16.47 68.58
CA ASN I 411 -112.60 -16.65 68.29
C ASN I 411 -112.99 -16.02 66.93
N ALA I 412 -112.40 -16.49 65.83
CA ALA I 412 -112.69 -15.99 64.48
C ALA I 412 -112.97 -17.13 63.49
N HIS I 413 -114.03 -16.98 62.71
CA HIS I 413 -114.50 -17.99 61.76
C HIS I 413 -113.69 -17.96 60.46
N GLY I 414 -113.62 -19.12 59.80
CA GLY I 414 -113.13 -19.22 58.42
C GLY I 414 -111.62 -19.17 58.27
N TRP I 415 -111.18 -19.37 57.04
CA TRP I 415 -109.78 -19.64 56.67
C TRP I 415 -109.17 -18.59 55.73
N ASP I 416 -109.91 -17.51 55.43
CA ASP I 416 -109.43 -16.49 54.45
C ASP I 416 -108.08 -15.93 54.88
N PRO I 417 -107.20 -15.48 53.94
CA PRO I 417 -105.95 -14.85 54.34
C PRO I 417 -106.30 -13.67 55.22
N GLU I 418 -105.67 -13.56 56.39
CA GLU I 418 -105.99 -12.50 57.37
C GLU I 418 -104.72 -11.91 57.96
N GLN I 419 -104.84 -10.88 58.80
CA GLN I 419 -103.67 -10.23 59.45
C GLN I 419 -102.72 -9.71 58.36
N HIS I 420 -101.45 -10.12 58.34
CA HIS I 420 -100.45 -9.60 57.37
C HIS I 420 -100.77 -10.07 55.95
N GLN I 421 -101.12 -9.14 55.06
CA GLN I 421 -101.39 -9.47 53.64
C GLN I 421 -100.07 -9.35 52.86
N GLU I 422 -99.07 -8.69 53.43
CA GLU I 422 -97.74 -8.65 52.81
C GLU I 422 -96.93 -9.93 53.04
N LEU I 423 -97.31 -10.75 54.03
CA LEU I 423 -96.68 -12.04 54.31
C LEU I 423 -97.25 -13.19 53.48
N ILE I 424 -98.36 -12.99 52.76
CA ILE I 424 -98.89 -13.99 51.85
C ILE I 424 -97.84 -14.30 50.78
N ASN I 425 -97.56 -15.60 50.58
CA ASN I 425 -96.57 -16.11 49.56
C ASN I 425 -97.37 -16.77 48.43
N SER I 426 -97.18 -16.36 47.16
CA SER I 426 -98.04 -16.77 46.04
C SER I 426 -97.22 -17.16 44.79
N ASP I 427 -97.86 -17.92 43.90
CA ASP I 427 -97.41 -18.15 42.52
C ASP I 427 -96.04 -18.85 42.35
N LEU I 428 -95.73 -19.81 43.21
CA LEU I 428 -94.62 -20.77 43.04
C LEU I 428 -95.16 -22.18 43.28
N PRO I 429 -94.55 -23.24 42.72
CA PRO I 429 -95.00 -24.59 42.98
C PRO I 429 -94.86 -24.92 44.46
N GLN I 430 -95.81 -25.66 45.07
CA GLN I 430 -95.87 -25.90 46.55
C GLN I 430 -94.56 -26.35 47.21
N TRP I 431 -93.73 -27.13 46.53
CA TRP I 431 -92.43 -27.55 47.06
C TRP I 431 -91.42 -26.39 47.13
N LEU I 432 -91.55 -25.38 46.28
CA LEU I 432 -90.77 -24.14 46.36
C LEU I 432 -91.45 -23.09 47.24
N LEU I 433 -92.78 -22.99 47.19
CA LEU I 433 -93.54 -22.02 47.95
C LEU I 433 -93.42 -22.22 49.47
N LEU I 434 -93.42 -23.47 49.93
CA LEU I 434 -93.35 -23.79 51.35
C LEU I 434 -91.91 -23.77 51.89
N PHE I 435 -90.89 -23.91 51.05
CA PHE I 435 -89.51 -24.11 51.52
C PHE I 435 -89.00 -22.89 52.29
N GLY I 436 -88.68 -23.06 53.57
CA GLY I 436 -88.19 -21.98 54.43
C GLY I 436 -89.21 -20.87 54.75
N TYR I 437 -90.46 -20.97 54.28
CA TYR I 437 -91.47 -19.95 54.53
C TYR I 437 -91.84 -19.80 56.02
N PRO I 438 -92.07 -20.88 56.79
CA PRO I 438 -92.25 -20.77 58.22
C PRO I 438 -91.09 -20.10 58.96
N ASP I 439 -89.84 -20.36 58.57
CA ASP I 439 -88.69 -19.72 59.18
C ASP I 439 -88.56 -18.25 58.80
N TYR I 440 -88.88 -17.87 57.56
CA TYR I 440 -88.98 -16.46 57.21
C TYR I 440 -90.00 -15.75 58.11
N ILE I 441 -91.15 -16.37 58.34
CA ILE I 441 -92.21 -15.81 59.18
C ILE I 441 -91.75 -15.71 60.65
N LYS I 442 -91.13 -16.75 61.20
CA LYS I 442 -90.56 -16.71 62.55
C LYS I 442 -89.50 -15.60 62.69
N ARG I 443 -88.55 -15.51 61.74
CA ARG I 443 -87.47 -14.49 61.80
C ARG I 443 -88.06 -13.08 61.61
N THR I 444 -89.14 -12.95 60.85
CA THR I 444 -89.84 -11.66 60.68
C THR I 444 -90.48 -11.17 61.99
N GLN I 445 -90.89 -12.09 62.89
CA GLN I 445 -91.41 -11.72 64.24
C GLN I 445 -92.68 -10.85 64.19
N ASN I 446 -93.41 -10.83 63.08
CA ASN I 446 -94.69 -10.11 62.97
C ASN I 446 -95.88 -10.90 63.55
N PHE I 447 -95.66 -12.12 64.03
CA PHE I 447 -96.66 -12.96 64.70
C PHE I 447 -96.18 -13.37 66.09
N ALA I 448 -97.11 -13.65 67.01
CA ALA I 448 -96.78 -14.21 68.31
C ALA I 448 -96.07 -15.57 68.13
N LEU I 449 -94.89 -15.71 68.73
CA LEU I 449 -93.85 -16.62 68.23
C LEU I 449 -94.21 -18.11 68.32
N VAL I 450 -95.09 -18.50 69.23
CA VAL I 450 -95.29 -19.91 69.57
C VAL I 450 -96.07 -20.70 68.53
N ASP I 451 -95.57 -21.89 68.17
CA ASP I 451 -96.19 -22.74 67.10
C ASP I 451 -97.64 -23.09 67.41
N THR I 452 -98.03 -23.10 68.69
CA THR I 452 -99.39 -23.49 69.09
C THR I 452 -100.45 -22.44 68.76
N ASN I 453 -100.06 -21.20 68.46
CA ASN I 453 -100.99 -20.09 68.34
C ASN I 453 -101.31 -19.72 66.89
N TYR I 454 -100.74 -20.43 65.91
CA TYR I 454 -100.99 -20.23 64.48
C TYR I 454 -101.19 -21.54 63.75
N ILE I 455 -101.84 -21.49 62.60
CA ILE I 455 -101.96 -22.57 61.62
C ILE I 455 -101.44 -22.04 60.29
N LEU I 456 -100.74 -22.89 59.55
CA LEU I 456 -100.40 -22.69 58.15
C LEU I 456 -101.51 -23.23 57.25
N VAL I 457 -101.91 -22.40 56.29
CA VAL I 457 -103.01 -22.62 55.36
C VAL I 457 -102.49 -22.38 53.95
N ASP I 458 -102.79 -23.24 52.98
CA ASP I 458 -102.33 -23.05 51.60
C ASP I 458 -103.39 -23.44 50.57
N HIS I 459 -103.40 -22.75 49.43
CA HIS I 459 -104.25 -23.06 48.29
C HIS I 459 -103.41 -23.69 47.19
N CYS I 460 -103.92 -24.77 46.59
CA CYS I 460 -103.27 -25.45 45.48
C CYS I 460 -104.33 -26.14 44.60
N PRO I 461 -104.57 -25.67 43.37
CA PRO I 461 -105.46 -26.32 42.41
C PRO I 461 -105.09 -27.77 42.04
N TYR I 462 -103.86 -28.18 42.30
CA TYR I 462 -103.23 -29.31 41.58
C TYR I 462 -103.22 -30.64 42.34
N THR I 463 -103.79 -30.72 43.54
CA THR I 463 -104.12 -32.03 44.12
C THR I 463 -105.27 -32.68 43.35
N ASN I 464 -105.29 -34.01 43.28
CA ASN I 464 -106.27 -34.72 42.46
C ASN I 464 -107.71 -34.65 43.04
N PRO I 465 -107.94 -35.02 44.31
CA PRO I 465 -109.02 -34.45 45.10
C PRO I 465 -108.65 -33.02 45.52
N GLU I 466 -109.62 -32.23 45.99
CA GLU I 466 -109.36 -30.85 46.41
C GLU I 466 -110.12 -30.48 47.69
N LYS I 467 -109.60 -29.47 48.38
CA LYS I 467 -110.28 -28.66 49.39
C LYS I 467 -109.86 -27.21 49.16
N THR I 468 -110.74 -26.24 49.38
CA THR I 468 -110.53 -24.85 48.93
C THR I 468 -109.22 -24.27 49.50
N PRO I 469 -109.04 -24.13 50.82
CA PRO I 469 -107.73 -24.19 51.43
C PRO I 469 -107.40 -25.63 51.88
N PHE I 470 -106.11 -25.82 52.17
CA PHE I 470 -105.63 -27.08 52.79
C PHE I 470 -105.15 -26.70 54.17
N ILE I 471 -105.33 -27.56 55.18
CA ILE I 471 -104.74 -27.32 56.53
C ILE I 471 -103.82 -28.51 56.76
N PRO I 472 -102.62 -28.59 56.13
CA PRO I 472 -101.81 -29.80 56.23
C PRO I 472 -101.65 -30.27 57.68
N LEU I 473 -101.71 -31.57 57.92
CA LEU I 473 -101.47 -32.17 59.24
C LEU I 473 -100.49 -33.32 59.11
N SER I 474 -99.55 -33.43 60.04
CA SER I 474 -98.55 -34.49 60.01
C SER I 474 -99.16 -35.84 60.37
N THR I 475 -98.61 -36.90 59.79
CA THR I 475 -98.99 -38.29 60.08
C THR I 475 -98.96 -38.58 61.58
N SER I 476 -98.05 -37.98 62.35
CA SER I 476 -98.01 -38.09 63.81
C SER I 476 -99.29 -37.57 64.49
N PHE I 477 -99.83 -36.41 64.09
CA PHE I 477 -101.09 -35.90 64.64
C PHE I 477 -102.31 -36.68 64.15
N ILE I 478 -102.28 -37.16 62.91
CA ILE I 478 -103.30 -38.07 62.34
C ILE I 478 -103.25 -39.47 62.98
N GLU I 479 -102.16 -39.82 63.66
CA GLU I 479 -101.97 -41.09 64.38
C GLU I 479 -101.90 -40.93 65.91
N GLY I 480 -102.18 -39.75 66.45
CA GLY I 480 -102.21 -39.55 67.90
C GLY I 480 -100.85 -39.67 68.59
N ARG I 481 -99.87 -38.90 68.11
CA ARG I 481 -98.47 -38.97 68.63
C ARG I 481 -97.80 -37.59 68.58
N SER I 482 -96.80 -37.35 69.44
CA SER I 482 -96.10 -36.05 69.52
C SER I 482 -95.36 -35.69 68.21
N PRO I 483 -95.16 -34.39 67.91
CA PRO I 483 -94.71 -33.92 66.59
C PRO I 483 -93.50 -34.63 65.97
N TYR I 484 -92.51 -35.02 66.77
CA TYR I 484 -91.31 -35.76 66.34
C TYR I 484 -91.06 -36.99 67.22
N SER I 485 -92.12 -37.75 67.56
CA SER I 485 -92.02 -38.95 68.41
C SER I 485 -92.07 -40.23 67.57
N PRO I 486 -91.28 -41.27 67.89
CA PRO I 486 -91.19 -42.49 67.10
C PRO I 486 -92.51 -43.28 67.08
N SER I 487 -92.81 -43.89 65.93
CA SER I 487 -94.08 -44.54 65.61
C SER I 487 -94.49 -45.68 66.56
N ASP I 488 -93.57 -46.22 67.37
CA ASP I 488 -93.91 -47.27 68.38
C ASP I 488 -94.85 -46.67 69.43
N THR I 489 -94.83 -45.34 69.61
CA THR I 489 -95.67 -44.61 70.54
C THR I 489 -97.09 -44.45 69.99
N HIS I 490 -98.12 -44.55 70.85
CA HIS I 490 -99.56 -44.43 70.44
C HIS I 490 -100.29 -43.42 71.33
N GLU I 491 -99.58 -42.47 71.95
CA GLU I 491 -100.13 -41.36 72.73
C GLU I 491 -99.19 -40.14 72.66
N PRO I 492 -99.70 -38.91 72.73
CA PRO I 492 -98.85 -37.75 73.00
C PRO I 492 -98.14 -37.86 74.35
N ASP I 493 -96.97 -37.22 74.47
CA ASP I 493 -96.32 -36.91 75.77
C ASP I 493 -97.13 -35.83 76.52
N GLU I 494 -97.04 -35.75 77.84
CA GLU I 494 -97.98 -34.95 78.68
C GLU I 494 -98.21 -33.50 78.19
N GLU I 495 -97.16 -32.80 77.77
CA GLU I 495 -97.27 -31.44 77.25
C GLU I 495 -97.99 -31.35 75.89
N ASP I 496 -97.95 -32.41 75.08
CA ASP I 496 -98.76 -32.58 73.87
C ASP I 496 -100.09 -33.29 74.14
N GLN I 497 -100.29 -33.94 75.29
CA GLN I 497 -101.63 -34.39 75.71
C GLN I 497 -102.51 -33.18 76.02
N ASN I 498 -101.92 -32.16 76.65
CA ASN I 498 -102.44 -30.79 76.62
C ASN I 498 -102.24 -30.17 75.22
N ARG I 499 -103.07 -29.16 74.95
CA ARG I 499 -103.01 -28.40 73.67
C ARG I 499 -103.12 -29.35 72.48
N TRP I 500 -103.90 -30.44 72.56
CA TRP I 500 -104.06 -31.43 71.46
C TRP I 500 -105.08 -30.92 70.44
N TYR I 501 -104.71 -29.90 69.68
CA TYR I 501 -105.57 -29.27 68.68
C TYR I 501 -104.76 -28.76 67.47
N PRO I 502 -105.38 -28.56 66.29
CA PRO I 502 -104.69 -28.07 65.11
C PRO I 502 -103.86 -26.80 65.34
N CYS I 503 -102.55 -26.89 65.10
CA CYS I 503 -101.62 -25.76 65.11
C CYS I 503 -100.33 -26.13 64.39
N TYR I 504 -99.53 -25.14 64.02
CA TYR I 504 -98.33 -25.29 63.21
C TYR I 504 -97.34 -26.35 63.75
N GLN I 505 -97.28 -26.53 65.06
CA GLN I 505 -96.38 -27.56 65.68
C GLN I 505 -96.71 -28.97 65.14
N TYR I 506 -97.98 -29.27 64.87
CA TYR I 506 -98.39 -30.55 64.30
C TYR I 506 -98.35 -30.58 62.78
N GLN I 507 -98.18 -29.45 62.10
CA GLN I 507 -98.11 -29.38 60.63
C GLN I 507 -96.70 -29.58 60.07
N GLN I 508 -95.66 -29.43 60.89
CA GLN I 508 -94.27 -29.31 60.43
C GLN I 508 -93.80 -30.45 59.53
N GLU I 509 -94.05 -31.70 59.90
CA GLU I 509 -93.59 -32.85 59.10
C GLU I 509 -94.34 -32.94 57.76
N SER I 510 -95.60 -32.53 57.69
CA SER I 510 -96.36 -32.53 56.43
C SER I 510 -95.80 -31.53 55.41
N ILE I 511 -95.47 -30.30 55.82
CA ILE I 511 -94.89 -29.32 54.89
C ILE I 511 -93.44 -29.65 54.55
N ASN I 512 -92.69 -30.28 55.45
CA ASN I 512 -91.40 -30.83 55.09
C ASN I 512 -91.54 -31.93 54.04
N SER I 513 -92.54 -32.81 54.17
CA SER I 513 -92.82 -33.87 53.20
C SER I 513 -93.20 -33.31 51.81
N ILE I 514 -93.96 -32.22 51.76
CA ILE I 514 -94.24 -31.50 50.51
C ILE I 514 -92.95 -30.90 49.92
N CYS I 515 -92.09 -30.29 50.72
CA CYS I 515 -90.80 -29.80 50.24
C CYS I 515 -89.87 -30.91 49.74
N LEU I 516 -89.85 -32.06 50.39
CA LEU I 516 -89.13 -33.26 49.96
C LEU I 516 -89.63 -33.80 48.61
N SER I 517 -90.86 -33.50 48.20
CA SER I 517 -91.30 -33.84 46.85
C SER I 517 -90.59 -33.03 45.77
N GLY I 518 -90.01 -31.87 46.11
CA GLY I 518 -89.27 -31.02 45.17
C GLY I 518 -87.88 -31.55 44.82
N PRO I 519 -87.32 -31.12 43.69
CA PRO I 519 -86.02 -31.59 43.21
C PRO I 519 -84.84 -31.11 44.09
N GLY I 520 -83.75 -31.85 44.01
CA GLY I 520 -82.49 -31.60 44.70
C GLY I 520 -82.47 -31.97 46.18
N THR I 521 -83.61 -32.26 46.80
CA THR I 521 -83.71 -32.58 48.22
C THR I 521 -83.05 -33.95 48.53
N PRO I 522 -82.15 -34.03 49.52
CA PRO I 522 -81.34 -35.23 49.74
C PRO I 522 -82.11 -36.41 50.35
N LYS I 523 -81.56 -37.61 50.17
CA LYS I 523 -81.97 -38.86 50.84
C LYS I 523 -81.03 -39.11 52.03
N ILE I 524 -81.56 -39.11 53.25
CA ILE I 524 -80.77 -39.38 54.46
C ILE I 524 -81.41 -40.57 55.19
N PRO I 525 -80.72 -41.69 55.42
CA PRO I 525 -81.27 -42.81 56.16
C PRO I 525 -81.74 -42.42 57.57
N LYS I 526 -82.85 -43.00 58.05
CA LYS I 526 -83.36 -42.71 59.39
C LYS I 526 -82.33 -43.09 60.46
N GLY I 527 -82.13 -42.20 61.43
CA GLY I 527 -81.11 -42.32 62.48
C GLY I 527 -79.72 -41.81 62.10
N ILE I 528 -79.51 -41.33 60.86
CA ILE I 528 -78.27 -40.67 60.44
C ILE I 528 -78.50 -39.15 60.40
N THR I 529 -77.55 -38.39 60.94
CA THR I 529 -77.53 -36.92 60.83
C THR I 529 -76.42 -36.54 59.87
N ALA I 530 -76.77 -35.85 58.79
CA ALA I 530 -75.80 -35.27 57.88
C ALA I 530 -75.33 -33.92 58.42
N GLU I 531 -74.07 -33.55 58.17
CA GLU I 531 -73.44 -32.35 58.73
C GLU I 531 -72.57 -31.70 57.66
N ALA I 532 -72.33 -30.40 57.76
CA ALA I 532 -71.33 -29.70 56.97
C ALA I 532 -70.62 -28.66 57.81
N LYS I 533 -69.34 -28.41 57.50
CA LYS I 533 -68.52 -27.43 58.20
C LYS I 533 -67.64 -26.63 57.25
N VAL I 534 -67.32 -25.41 57.67
CA VAL I 534 -66.32 -24.55 57.05
C VAL I 534 -65.25 -24.24 58.09
N LYS I 535 -63.99 -24.13 57.68
CA LYS I 535 -62.94 -23.51 58.49
C LYS I 535 -62.73 -22.09 58.02
N TYR I 536 -62.81 -21.13 58.92
CA TYR I 536 -62.65 -19.72 58.62
C TYR I 536 -61.35 -19.17 59.18
N SER I 537 -60.86 -18.11 58.56
CA SER I 537 -59.78 -17.28 59.06
C SER I 537 -60.06 -15.82 58.73
N PHE I 538 -60.54 -15.04 59.69
CA PHE I 538 -60.75 -13.60 59.53
C PHE I 538 -59.48 -12.86 59.86
N ASN I 539 -59.06 -11.93 59.00
CA ASN I 539 -57.81 -11.20 59.15
C ASN I 539 -58.09 -9.81 59.71
N PHE I 540 -57.50 -9.51 60.86
CA PHE I 540 -57.60 -8.23 61.53
C PHE I 540 -56.21 -7.71 61.88
N LYS I 541 -56.10 -6.41 62.09
CA LYS I 541 -55.01 -5.80 62.84
C LYS I 541 -55.61 -5.07 64.03
N TRP I 542 -54.92 -5.07 65.15
CA TRP I 542 -55.25 -4.29 66.34
C TRP I 542 -54.28 -3.13 66.46
N GLY I 543 -54.77 -1.93 66.76
CA GLY I 543 -53.97 -0.72 66.80
C GLY I 543 -54.11 0.02 68.11
N GLY I 544 -53.03 0.65 68.56
CA GLY I 544 -53.06 1.47 69.77
C GLY I 544 -51.70 2.08 70.13
N ASP I 545 -51.69 2.86 71.19
CA ASP I 545 -50.48 3.21 71.92
C ASP I 545 -49.93 1.98 72.68
N LEU I 546 -48.64 2.00 72.99
CA LEU I 546 -47.95 0.85 73.61
C LEU I 546 -48.59 0.47 74.96
N PRO I 547 -48.92 -0.82 75.19
CA PRO I 547 -49.53 -1.27 76.43
C PRO I 547 -48.50 -1.54 77.55
N PRO I 548 -48.95 -1.66 78.81
CA PRO I 548 -48.14 -2.12 79.94
C PRO I 548 -47.91 -3.65 79.93
N MET I 549 -46.99 -4.15 80.78
CA MET I 549 -46.60 -5.57 80.86
C MET I 549 -46.08 -5.93 82.26
N SER I 550 -46.03 -7.21 82.63
CA SER I 550 -45.52 -7.70 83.94
C SER I 550 -44.62 -8.94 83.82
N THR I 551 -43.89 -9.25 84.90
CA THR I 551 -42.78 -10.23 84.91
C THR I 551 -42.83 -11.16 86.13
N ILE I 552 -42.10 -12.27 86.05
CA ILE I 552 -42.10 -13.39 87.01
C ILE I 552 -40.71 -13.54 87.64
N THR I 553 -40.62 -13.91 88.93
CA THR I 553 -39.33 -14.13 89.61
C THR I 553 -38.50 -15.20 88.90
N ASN I 554 -37.18 -15.04 88.83
CA ASN I 554 -36.30 -16.08 88.26
C ASN I 554 -36.20 -17.35 89.12
N PRO I 555 -36.04 -17.30 90.47
CA PRO I 555 -35.84 -18.50 91.27
C PRO I 555 -37.04 -19.42 91.26
N THR I 556 -38.26 -18.89 91.39
CA THR I 556 -39.50 -19.72 91.33
C THR I 556 -40.02 -19.67 89.90
N ASP I 557 -39.42 -20.45 89.00
CA ASP I 557 -39.79 -20.45 87.56
C ASP I 557 -39.63 -21.85 86.99
N GLN I 558 -39.99 -22.07 85.72
CA GLN I 558 -39.86 -23.40 85.09
C GLN I 558 -38.51 -24.02 85.49
N PRO I 559 -38.47 -25.11 86.29
CA PRO I 559 -37.21 -25.66 86.75
C PRO I 559 -36.57 -26.60 85.74
N THR I 560 -35.23 -26.56 85.63
CA THR I 560 -34.53 -27.49 84.72
C THR I 560 -34.70 -28.93 85.19
N TYR I 561 -34.65 -29.91 84.27
CA TYR I 561 -34.82 -31.34 84.61
C TYR I 561 -33.88 -31.80 85.74
N VAL I 562 -32.69 -31.18 85.84
CA VAL I 562 -31.71 -31.43 86.91
C VAL I 562 -32.32 -31.15 88.29
N LYS J 48 6.94 57.50 -46.47
CA LYS J 48 5.76 58.40 -46.53
C LYS J 48 6.07 59.77 -45.93
N ARG J 49 6.28 59.88 -44.61
CA ARG J 49 6.72 61.10 -43.93
C ARG J 49 7.76 60.79 -42.87
N LEU J 50 8.74 61.68 -42.71
CA LEU J 50 9.87 61.52 -41.80
C LEU J 50 9.93 62.67 -40.80
N ASN J 51 10.44 62.38 -39.59
CA ASN J 51 10.82 63.43 -38.65
C ASN J 51 12.00 64.24 -39.22
N ILE J 52 11.95 65.56 -39.09
CA ILE J 52 13.10 66.40 -39.35
C ILE J 52 14.09 66.24 -38.19
N VAL J 53 15.37 66.06 -38.51
CA VAL J 53 16.46 65.78 -37.58
C VAL J 53 17.57 66.79 -37.79
N GLU J 54 18.21 67.20 -36.71
CA GLU J 54 19.37 68.10 -36.72
C GLU J 54 20.56 67.41 -36.08
N TRP J 55 21.77 67.68 -36.56
CA TRP J 55 23.00 67.16 -35.97
C TRP J 55 23.55 68.15 -34.96
N GLN J 56 23.71 67.67 -33.72
CA GLN J 56 24.11 68.52 -32.58
C GLN J 56 25.51 69.09 -32.81
N PRO J 57 25.74 70.36 -32.44
CA PRO J 57 27.03 71.01 -32.63
C PRO J 57 28.13 70.45 -31.72
N LYS J 58 29.38 70.68 -32.11
CA LYS J 58 30.57 70.01 -31.53
C LYS J 58 30.77 70.29 -30.03
N SER J 59 30.53 71.52 -29.59
CA SER J 59 30.55 71.90 -28.17
C SER J 59 29.32 72.71 -27.79
N ILE J 60 28.77 72.43 -26.61
CA ILE J 60 27.52 73.01 -26.11
C ILE J 60 27.73 73.49 -24.67
N ARG J 61 27.19 74.68 -24.33
CA ARG J 61 27.29 75.25 -22.95
C ARG J 61 25.98 75.89 -22.46
N LYS J 62 25.28 75.26 -21.51
CA LYS J 62 24.05 75.79 -20.91
C LYS J 62 24.31 77.15 -20.26
N CYS J 63 23.41 78.10 -20.43
CA CYS J 63 23.45 79.41 -19.79
C CYS J 63 22.06 79.85 -19.37
N ARG J 64 21.90 80.11 -18.04
CA ARG J 64 20.64 80.68 -17.50
C ARG J 64 20.81 82.18 -17.28
N ILE J 65 20.21 83.01 -18.13
CA ILE J 65 20.26 84.47 -17.96
C ILE J 65 19.30 84.82 -16.83
N LYS J 66 19.82 85.10 -15.64
CA LYS J 66 19.06 85.30 -14.40
C LYS J 66 19.08 86.76 -14.01
N GLY J 67 17.94 87.33 -13.62
CA GLY J 67 17.88 88.74 -13.21
C GLY J 67 16.53 89.16 -12.67
N MET J 68 16.38 90.45 -12.43
CA MET J 68 15.20 91.07 -11.83
C MET J 68 14.63 92.13 -12.77
N LEU J 69 13.33 92.13 -13.02
CA LEU J 69 12.64 93.09 -13.89
C LEU J 69 11.58 93.86 -13.11
N CYS J 70 11.60 95.18 -13.19
CA CYS J 70 10.54 96.03 -12.65
C CYS J 70 9.30 96.01 -13.55
N LEU J 71 8.14 95.59 -13.02
CA LEU J 71 6.90 95.50 -13.78
C LEU J 71 6.21 96.86 -13.88
N PHE J 72 6.15 97.61 -12.78
CA PHE J 72 5.73 99.00 -12.77
C PHE J 72 6.33 99.67 -11.53
N GLN J 73 6.40 100.99 -11.55
CA GLN J 73 6.55 101.78 -10.34
C GLN J 73 5.70 103.03 -10.50
N THR J 74 4.74 103.23 -9.61
CA THR J 74 3.60 104.14 -9.82
C THR J 74 3.26 104.95 -8.58
N THR J 75 2.84 106.18 -8.79
CA THR J 75 2.02 106.97 -7.85
C THR J 75 0.55 106.92 -8.29
N GLU J 76 -0.37 107.45 -7.49
CA GLU J 76 -1.80 107.49 -7.82
C GLU J 76 -2.10 108.30 -9.10
N ASP J 77 -1.39 109.39 -9.32
CA ASP J 77 -1.55 110.29 -10.48
C ASP J 77 -0.95 109.76 -11.78
N ARG J 78 -0.35 108.57 -11.76
CA ARG J 78 0.20 107.89 -12.94
C ARG J 78 -0.39 106.50 -13.18
N LEU J 79 -1.43 106.08 -12.44
CA LEU J 79 -1.97 104.73 -12.54
C LEU J 79 -2.49 104.34 -13.92
N SER J 80 -3.09 105.27 -14.66
CA SER J 80 -3.65 104.99 -15.99
C SER J 80 -2.63 105.03 -17.14
N TYR J 81 -1.34 105.21 -16.85
CA TYR J 81 -0.28 105.34 -17.86
C TYR J 81 0.68 104.16 -17.88
N ASN J 82 1.25 103.87 -19.04
CA ASN J 82 2.23 102.83 -19.25
C ASN J 82 3.59 103.20 -18.64
N PHE J 83 4.14 102.36 -17.78
CA PHE J 83 5.48 102.47 -17.24
C PHE J 83 6.54 101.99 -18.24
N ASP J 84 7.37 102.93 -18.70
CA ASP J 84 8.64 102.64 -19.35
C ASP J 84 9.77 103.01 -18.39
N MET J 85 10.70 102.08 -18.15
CA MET J 85 11.85 102.32 -17.27
C MET J 85 12.89 103.23 -17.93
N TYR J 86 12.95 103.21 -19.27
CA TYR J 86 13.81 104.04 -20.09
C TYR J 86 12.93 105.08 -20.81
N GLU J 87 13.05 106.32 -20.36
CA GLU J 87 12.00 107.33 -20.40
C GLU J 87 11.93 108.23 -21.63
N GLU J 88 10.77 108.86 -21.85
CA GLU J 88 10.70 110.15 -22.52
C GLU J 88 11.18 111.18 -21.49
N SER J 89 12.31 111.85 -21.74
CA SER J 89 13.19 112.47 -20.73
C SER J 89 12.54 113.45 -19.74
N ILE J 90 11.36 113.99 -20.06
CA ILE J 90 10.56 114.83 -19.16
C ILE J 90 9.81 114.03 -18.08
N ILE J 91 9.39 112.79 -18.36
CA ILE J 91 8.53 112.00 -17.44
C ILE J 91 9.17 111.84 -16.05
N PRO J 92 10.42 111.39 -15.87
CA PRO J 92 10.97 111.23 -14.53
C PRO J 92 11.31 112.55 -13.82
N GLU J 93 11.27 113.70 -14.50
CA GLU J 93 11.51 114.99 -13.83
C GLU J 93 10.35 115.31 -12.88
N LYS J 94 10.62 115.22 -11.58
CA LYS J 94 9.65 115.42 -10.49
C LYS J 94 8.47 114.43 -10.52
N LEU J 95 8.64 113.22 -11.10
CA LEU J 95 7.76 112.07 -10.83
C LEU J 95 8.58 110.86 -10.35
N PRO J 96 8.28 110.30 -9.15
CA PRO J 96 9.01 109.14 -8.64
C PRO J 96 8.56 107.80 -9.25
N GLY J 97 7.40 107.75 -9.91
CA GLY J 97 6.93 106.57 -10.66
C GLY J 97 6.15 106.98 -11.90
N GLY J 98 6.46 106.37 -13.05
CA GLY J 98 5.99 106.84 -14.35
C GLY J 98 4.66 106.23 -14.83
N GLY J 99 4.21 105.10 -14.28
CA GLY J 99 3.03 104.42 -14.80
C GLY J 99 2.59 103.23 -13.97
N GLY J 100 1.29 102.93 -13.95
CA GLY J 100 0.68 101.86 -13.15
C GLY J 100 0.40 100.57 -13.89
N PHE J 101 0.70 100.51 -15.18
CA PHE J 101 0.67 99.26 -15.95
C PHE J 101 1.88 99.24 -16.88
N SER J 102 2.31 98.08 -17.36
CA SER J 102 3.27 98.02 -18.44
C SER J 102 2.99 96.87 -19.39
N ILE J 103 3.47 97.02 -20.63
CA ILE J 103 3.69 95.91 -21.53
C ILE J 103 5.20 95.80 -21.76
N LYS J 104 5.79 94.67 -21.39
CA LYS J 104 7.21 94.34 -21.57
C LYS J 104 7.35 93.34 -22.70
N ASN J 105 8.22 93.58 -23.67
CA ASN J 105 8.70 92.55 -24.59
C ASN J 105 10.15 92.20 -24.24
N ILE J 106 10.45 90.92 -24.08
CA ILE J 106 11.79 90.44 -23.77
C ILE J 106 12.37 89.73 -24.98
N SER J 107 13.60 90.10 -25.37
CA SER J 107 14.39 89.48 -26.42
C SER J 107 15.81 89.29 -25.92
N LEU J 108 16.57 88.38 -26.53
CA LEU J 108 17.97 88.16 -26.17
C LEU J 108 18.82 89.43 -26.26
N TYR J 109 18.52 90.34 -27.18
CA TYR J 109 19.17 91.65 -27.21
C TYR J 109 18.75 92.56 -26.05
N ALA J 110 17.47 92.56 -25.65
CA ALA J 110 17.03 93.26 -24.46
C ALA J 110 17.66 92.67 -23.18
N LEU J 111 17.83 91.35 -23.09
CA LEU J 111 18.58 90.72 -22.00
C LEU J 111 20.05 91.15 -21.97
N TYR J 112 20.71 91.26 -23.12
CA TYR J 112 22.04 91.85 -23.21
C TYR J 112 22.07 93.32 -22.78
N GLN J 113 21.09 94.13 -23.16
CA GLN J 113 21.00 95.52 -22.69
C GLN J 113 20.79 95.60 -21.18
N GLU J 114 19.99 94.73 -20.58
CA GLU J 114 19.86 94.65 -19.12
C GLU J 114 21.17 94.21 -18.44
N HIS J 115 22.04 93.49 -19.14
CA HIS J 115 23.38 93.11 -18.60
C HIS J 115 24.30 94.33 -18.59
N ILE J 116 24.13 95.26 -19.53
CA ILE J 116 24.89 96.53 -19.53
C ILE J 116 24.46 97.44 -18.37
N HIS J 117 23.20 97.38 -17.95
CA HIS J 117 22.72 98.03 -16.72
C HIS J 117 23.04 97.24 -15.44
N ALA J 118 23.75 96.11 -15.54
CA ALA J 118 24.04 95.19 -14.45
C ALA J 118 22.78 94.61 -13.76
N HIS J 119 21.65 94.55 -14.46
CA HIS J 119 20.39 94.03 -13.92
C HIS J 119 20.27 92.50 -14.00
N ASN J 120 21.16 91.83 -14.71
CA ASN J 120 21.20 90.37 -14.80
C ASN J 120 22.62 89.82 -14.86
N ILE J 121 22.74 88.51 -14.65
CA ILE J 121 23.93 87.72 -14.88
C ILE J 121 23.68 86.74 -16.04
N PHE J 122 24.72 86.45 -16.81
CA PHE J 122 24.73 85.30 -17.72
C PHE J 122 25.56 84.21 -17.05
N THR J 123 24.96 83.04 -16.80
CA THR J 123 25.64 81.94 -16.10
C THR J 123 26.84 81.38 -16.88
N HIS J 124 26.82 81.58 -18.20
CA HIS J 124 27.97 81.21 -19.06
C HIS J 124 28.04 82.27 -20.16
N THR J 125 29.23 82.76 -20.50
CA THR J 125 29.43 83.67 -21.63
C THR J 125 29.14 82.99 -22.96
N ASN J 126 28.88 83.81 -23.98
CA ASN J 126 28.54 83.40 -25.34
C ASN J 126 29.58 83.86 -26.38
N THR J 127 30.77 84.30 -25.97
CA THR J 127 31.67 85.08 -26.83
C THR J 127 32.16 84.34 -28.07
N ASP J 128 32.36 83.02 -27.98
CA ASP J 128 32.97 82.22 -29.04
C ASP J 128 32.11 81.02 -29.47
N ARG J 129 30.81 81.05 -29.10
CA ARG J 129 29.82 80.02 -29.52
C ARG J 129 28.68 80.82 -30.17
N PRO J 130 28.55 80.89 -31.52
CA PRO J 130 27.62 81.78 -32.19
C PRO J 130 26.19 81.25 -32.30
N LEU J 131 25.97 79.94 -32.11
CA LEU J 131 24.65 79.33 -32.13
C LEU J 131 23.97 79.48 -30.77
N ALA J 132 22.64 79.55 -30.77
CA ALA J 132 21.79 79.56 -29.60
C ALA J 132 20.63 78.59 -29.75
N ARG J 133 20.23 77.98 -28.62
CA ARG J 133 19.07 77.05 -28.56
C ARG J 133 18.22 77.42 -27.32
N TYR J 134 17.24 78.31 -27.48
CA TYR J 134 16.35 78.76 -26.42
C TYR J 134 15.38 77.66 -25.98
N THR J 135 15.27 77.42 -24.67
CA THR J 135 14.51 76.29 -24.12
C THR J 135 13.28 76.73 -23.33
N GLY J 136 13.11 78.02 -23.05
CA GLY J 136 12.00 78.55 -22.28
C GLY J 136 12.46 79.40 -21.09
N CYS J 137 11.50 79.86 -20.30
CA CYS J 137 11.71 80.80 -19.22
C CYS J 137 11.07 80.32 -17.92
N SER J 138 11.66 80.64 -16.77
CA SER J 138 11.00 80.61 -15.47
C SER J 138 10.81 82.02 -14.96
N LEU J 139 9.61 82.36 -14.51
CA LEU J 139 9.33 83.62 -13.82
C LEU J 139 8.93 83.36 -12.38
N LYS J 140 9.45 84.15 -11.43
CA LYS J 140 8.96 84.24 -10.05
C LYS J 140 8.42 85.65 -9.83
N PHE J 141 7.11 85.77 -9.64
CA PHE J 141 6.45 87.03 -9.38
C PHE J 141 6.35 87.24 -7.88
N TYR J 142 6.88 88.32 -7.34
CA TYR J 142 6.88 88.56 -5.90
C TYR J 142 5.67 89.36 -5.45
N GLN J 143 5.11 89.02 -4.30
CA GLN J 143 4.15 89.88 -3.62
C GLN J 143 4.82 91.21 -3.27
N SER J 144 4.24 92.31 -3.72
CA SER J 144 4.64 93.63 -3.22
C SER J 144 4.16 93.83 -1.79
N LYS J 145 4.76 94.76 -1.06
CA LYS J 145 4.33 95.09 0.30
C LYS J 145 2.92 95.71 0.31
N ASP J 146 2.71 96.75 -0.49
CA ASP J 146 1.55 97.65 -0.38
C ASP J 146 0.49 97.52 -1.50
N ILE J 147 0.82 96.91 -2.64
CA ILE J 147 -0.09 96.91 -3.82
C ILE J 147 -0.28 95.50 -4.40
N ASP J 148 -1.49 95.17 -4.84
CA ASP J 148 -1.76 93.87 -5.51
C ASP J 148 -1.47 94.11 -6.99
N TYR J 149 -1.48 93.08 -7.83
CA TYR J 149 -1.30 93.33 -9.29
C TYR J 149 -1.63 92.11 -10.12
N VAL J 150 -2.25 92.32 -11.28
CA VAL J 150 -2.60 91.26 -12.23
C VAL J 150 -1.49 91.17 -13.26
N VAL J 151 -1.07 89.97 -13.61
CA VAL J 151 -0.18 89.70 -14.73
C VAL J 151 -0.90 88.83 -15.75
N THR J 152 -0.66 89.05 -17.03
CA THR J 152 -0.85 88.02 -18.04
C THR J 152 0.27 88.10 -19.06
N TYR J 153 0.64 87.00 -19.67
CA TYR J 153 1.78 86.92 -20.57
C TYR J 153 1.39 86.17 -21.84
N SER J 154 2.14 86.41 -22.91
CA SER J 154 1.92 85.78 -24.20
C SER J 154 3.26 85.43 -24.84
N THR J 155 3.26 84.47 -25.77
CA THR J 155 4.48 84.11 -26.54
C THR J 155 4.14 83.93 -28.01
N SER J 156 3.03 84.51 -28.48
CA SER J 156 2.74 84.48 -29.94
C SER J 156 3.88 85.24 -30.62
N LEU J 157 4.75 84.54 -31.37
CA LEU J 157 5.95 85.19 -31.96
C LEU J 157 5.53 86.52 -32.63
N PRO J 158 4.43 86.59 -33.41
CA PRO J 158 4.00 87.87 -33.97
C PRO J 158 3.78 88.86 -32.84
N LEU J 159 4.54 89.96 -32.82
CA LEU J 159 4.43 90.98 -31.76
C LEU J 159 3.77 92.25 -32.34
N ARG J 160 2.70 92.73 -31.71
CA ARG J 160 2.00 93.96 -32.15
C ARG J 160 1.19 94.55 -30.99
N SER J 161 0.82 95.82 -31.07
CA SER J 161 0.00 96.51 -30.02
C SER J 161 -1.40 96.75 -30.59
N SER J 162 -2.41 96.86 -29.72
CA SER J 162 -3.82 97.08 -30.17
C SER J 162 -4.53 98.03 -29.20
N MET J 163 -5.54 98.76 -29.68
CA MET J 163 -6.34 99.64 -28.84
C MET J 163 -7.13 98.86 -27.78
N GLY J 164 -7.65 97.69 -28.15
CA GLY J 164 -8.32 96.78 -27.23
C GLY J 164 -7.38 96.19 -26.18
N MET J 165 -6.12 95.90 -26.52
CA MET J 165 -5.11 95.50 -25.54
C MET J 165 -4.91 96.60 -24.48
N TYR J 166 -4.67 97.84 -24.89
CA TYR J 166 -4.42 98.93 -23.94
C TYR J 166 -5.64 99.24 -23.06
N ASN J 167 -6.86 99.20 -23.60
CA ASN J 167 -8.05 99.32 -22.77
C ASN J 167 -8.19 98.13 -21.81
N SER J 168 -7.92 96.91 -22.27
CA SER J 168 -8.02 95.72 -21.44
C SER J 168 -6.98 95.66 -20.31
N MET J 169 -5.96 96.54 -20.31
CA MET J 169 -5.07 96.73 -19.16
C MET J 169 -5.76 97.36 -17.96
N GLN J 170 -6.97 97.91 -18.10
CA GLN J 170 -7.71 98.47 -16.97
C GLN J 170 -7.86 97.40 -15.90
N PRO J 171 -7.58 97.67 -14.61
CA PRO J 171 -7.41 96.63 -13.62
C PRO J 171 -8.58 95.67 -13.47
N SER J 172 -9.82 96.16 -13.52
CA SER J 172 -11.02 95.33 -13.46
C SER J 172 -11.16 94.43 -14.70
N ILE J 173 -10.87 94.96 -15.89
CA ILE J 173 -10.96 94.21 -17.14
C ILE J 173 -9.85 93.15 -17.23
N HIS J 174 -8.61 93.52 -16.89
CA HIS J 174 -7.50 92.59 -16.84
C HIS J 174 -7.77 91.47 -15.82
N LEU J 175 -8.28 91.81 -14.63
CA LEU J 175 -8.67 90.82 -13.63
C LEU J 175 -9.79 89.86 -14.10
N MET J 176 -10.62 90.23 -15.07
CA MET J 176 -11.61 89.29 -15.64
C MET J 176 -11.04 88.34 -16.68
N GLN J 177 -9.90 88.65 -17.30
CA GLN J 177 -9.37 87.84 -18.40
C GLN J 177 -8.98 86.42 -17.99
N GLN J 178 -9.03 85.48 -18.93
CA GLN J 178 -8.55 84.12 -18.75
C GLN J 178 -7.02 84.06 -18.76
N ASN J 179 -6.45 83.10 -18.04
CA ASN J 179 -5.00 82.93 -17.89
C ASN J 179 -4.29 84.19 -17.33
N LYS J 180 -5.02 84.94 -16.51
CA LYS J 180 -4.44 85.92 -15.58
C LYS J 180 -3.68 85.22 -14.47
N LEU J 181 -2.79 85.95 -13.83
CA LEU J 181 -2.21 85.65 -12.53
C LEU J 181 -2.46 86.84 -11.62
N ILE J 182 -3.10 86.65 -10.48
CA ILE J 182 -3.28 87.70 -9.48
C ILE J 182 -2.21 87.49 -8.40
N VAL J 183 -1.49 88.55 -8.08
CA VAL J 183 -0.51 88.55 -6.99
C VAL J 183 -1.03 89.50 -5.90
N PRO J 184 -1.61 88.98 -4.81
CA PRO J 184 -1.99 89.80 -3.68
C PRO J 184 -0.75 90.41 -3.03
N SER J 185 -0.86 91.60 -2.49
CA SER J 185 0.17 92.16 -1.63
C SER J 185 0.35 91.32 -0.37
N LYS J 186 1.48 91.48 0.32
CA LYS J 186 1.72 90.84 1.63
C LYS J 186 0.70 91.26 2.67
N GLN J 187 0.16 92.49 2.55
CA GLN J 187 -0.93 92.98 3.38
C GLN J 187 -2.26 92.28 3.10
N THR J 188 -2.66 92.08 1.84
CA THR J 188 -3.95 91.43 1.53
C THR J 188 -3.93 89.91 1.70
N GLN J 189 -2.78 89.24 1.54
CA GLN J 189 -2.67 87.81 1.85
C GLN J 189 -1.24 87.42 2.24
N LYS J 190 -1.05 86.93 3.47
CA LYS J 190 0.18 86.22 3.88
C LYS J 190 0.17 84.81 3.28
N ARG J 191 1.31 84.38 2.72
CA ARG J 191 1.45 83.12 1.98
C ARG J 191 2.64 82.31 2.50
N ARG J 192 2.62 80.99 2.27
CA ARG J 192 3.76 80.10 2.56
C ARG J 192 4.99 80.49 1.76
N LYS J 193 4.84 80.58 0.43
CA LYS J 193 5.88 81.08 -0.47
C LYS J 193 5.56 82.54 -0.82
N PRO J 194 6.51 83.48 -0.71
CA PRO J 194 6.27 84.90 -0.93
C PRO J 194 6.19 85.30 -2.42
N TYR J 195 6.13 84.33 -3.32
CA TYR J 195 6.15 84.51 -4.76
C TYR J 195 5.26 83.46 -5.44
N ILE J 196 4.85 83.73 -6.68
CA ILE J 196 4.21 82.74 -7.55
C ILE J 196 5.14 82.44 -8.72
N LYS J 197 5.44 81.16 -8.94
CA LYS J 197 6.41 80.67 -9.91
C LYS J 197 5.72 79.96 -11.05
N LYS J 198 6.04 80.29 -12.30
CA LYS J 198 5.61 79.50 -13.45
C LYS J 198 6.57 79.49 -14.62
N HIS J 199 6.55 78.39 -15.35
CA HIS J 199 7.41 78.11 -16.49
C HIS J 199 6.68 78.44 -17.78
N ILE J 200 7.37 79.11 -18.69
CA ILE J 200 6.81 79.59 -19.96
C ILE J 200 7.62 78.98 -21.10
N SER J 201 6.93 78.30 -22.02
CA SER J 201 7.54 77.63 -23.16
C SER J 201 7.98 78.64 -24.24
N PRO J 202 8.91 78.34 -25.14
CA PRO J 202 9.24 79.23 -26.25
C PRO J 202 8.03 79.60 -27.13
N PRO J 203 8.08 80.72 -27.87
CA PRO J 203 7.14 81.00 -28.94
C PRO J 203 6.96 79.80 -29.86
N THR J 204 5.76 79.54 -30.36
CA THR J 204 5.53 78.38 -31.25
C THR J 204 6.37 78.42 -32.52
N GLN J 205 6.77 79.64 -32.95
CA GLN J 205 7.62 79.86 -34.15
C GLN J 205 9.09 79.58 -33.82
N MET J 206 9.50 79.68 -32.56
CA MET J 206 10.85 79.30 -32.12
C MET J 206 10.86 77.79 -31.86
N LYS J 207 11.36 77.01 -32.82
CA LYS J 207 11.44 75.55 -32.71
C LYS J 207 12.64 75.16 -31.85
N SER J 208 12.77 73.88 -31.47
CA SER J 208 13.88 73.41 -30.64
C SER J 208 15.25 73.42 -31.35
N GLN J 209 15.29 73.69 -32.65
CA GLN J 209 16.52 73.77 -33.42
C GLN J 209 17.52 74.83 -32.92
N TRP J 210 18.78 74.72 -33.33
CA TRP J 210 19.77 75.78 -33.16
C TRP J 210 19.52 76.93 -34.13
N TYR J 211 19.80 78.15 -33.69
CA TYR J 211 19.71 79.37 -34.49
C TYR J 211 20.96 80.21 -34.26
N PHE J 212 21.49 80.90 -35.28
CA PHE J 212 22.50 81.91 -35.04
C PHE J 212 21.98 82.99 -34.09
N GLN J 213 22.79 83.39 -33.11
CA GLN J 213 22.40 84.43 -32.13
C GLN J 213 22.11 85.76 -32.83
N HIS J 214 22.73 86.05 -33.98
CA HIS J 214 22.49 87.28 -34.77
C HIS J 214 21.05 87.29 -35.30
N ASN J 215 20.52 86.12 -35.68
CA ASN J 215 19.17 86.02 -36.23
C ASN J 215 18.10 86.19 -35.15
N ILE J 216 18.24 85.46 -34.04
CA ILE J 216 17.23 85.48 -32.96
C ILE J 216 17.39 86.65 -31.98
N ALA J 217 18.44 87.45 -32.05
CA ALA J 217 18.73 88.52 -31.10
C ALA J 217 17.52 89.42 -30.81
N ASN J 218 16.83 89.88 -31.86
CA ASN J 218 15.72 90.82 -31.74
C ASN J 218 14.32 90.19 -31.73
N ILE J 219 14.19 88.88 -31.91
CA ILE J 219 12.90 88.16 -31.87
C ILE J 219 12.34 88.23 -30.45
N PRO J 220 11.13 88.79 -30.21
CA PRO J 220 10.58 88.90 -28.87
C PRO J 220 10.08 87.54 -28.39
N LEU J 221 10.74 86.96 -27.38
CA LEU J 221 10.46 85.56 -26.93
C LEU J 221 9.43 85.52 -25.78
N LEU J 222 9.09 86.67 -25.21
CA LEU J 222 8.07 86.78 -24.17
C LEU J 222 7.45 88.17 -24.16
N MET J 223 6.14 88.27 -24.01
CA MET J 223 5.46 89.50 -23.60
C MET J 223 4.87 89.35 -22.20
N ILE J 224 5.14 90.28 -21.30
CA ILE J 224 4.50 90.36 -19.98
C ILE J 224 3.63 91.61 -19.94
N ARG J 225 2.36 91.47 -19.58
CA ARG J 225 1.41 92.58 -19.33
C ARG J 225 1.09 92.62 -17.85
N THR J 226 1.27 93.75 -17.19
CA THR J 226 1.00 93.90 -15.76
C THR J 226 0.21 95.16 -15.48
N THR J 227 -0.75 95.12 -14.56
CA THR J 227 -1.49 96.29 -14.10
C THR J 227 -1.61 96.30 -12.58
N ALA J 228 -1.46 97.46 -11.95
CA ALA J 228 -1.63 97.68 -10.53
C ALA J 228 -3.11 97.70 -10.11
N LEU J 229 -3.41 97.13 -8.94
CA LEU J 229 -4.75 96.70 -8.56
C LEU J 229 -4.98 96.94 -7.06
N THR J 230 -6.22 97.06 -6.62
CA THR J 230 -6.55 96.70 -5.24
C THR J 230 -7.76 95.78 -5.18
N LEU J 231 -7.64 94.70 -4.43
CA LEU J 231 -8.71 93.75 -4.18
C LEU J 231 -9.65 94.21 -3.04
N ASP J 232 -9.10 94.77 -1.96
CA ASP J 232 -9.87 95.21 -0.78
C ASP J 232 -10.58 96.57 -0.93
N ASN J 233 -10.15 97.39 -1.88
CA ASN J 233 -10.73 98.71 -2.18
C ASN J 233 -11.27 98.75 -3.61
N TYR J 234 -11.70 97.62 -4.15
CA TYR J 234 -12.03 97.44 -5.56
C TYR J 234 -13.04 98.47 -6.09
N TYR J 235 -14.11 98.75 -5.34
CA TYR J 235 -15.13 99.72 -5.76
C TYR J 235 -14.82 101.14 -5.32
N ILE J 236 -14.50 101.35 -4.06
CA ILE J 236 -14.23 102.69 -3.50
C ILE J 236 -12.95 103.28 -4.09
N GLY J 237 -11.91 102.48 -4.25
CA GLY J 237 -10.62 102.90 -4.79
C GLY J 237 -10.02 104.00 -3.95
N SER J 238 -9.86 105.19 -4.53
CA SER J 238 -9.43 106.40 -3.83
C SER J 238 -10.49 107.51 -3.81
N ARG J 239 -11.77 107.16 -3.98
CA ARG J 239 -12.92 108.07 -3.86
C ARG J 239 -12.90 108.83 -2.53
N GLN J 240 -13.22 110.11 -2.58
CA GLN J 240 -13.42 110.98 -1.42
C GLN J 240 -14.79 111.66 -1.54
N LEU J 241 -15.54 111.77 -0.43
CA LEU J 241 -16.90 112.33 -0.41
C LEU J 241 -17.83 111.61 -1.40
N SER J 242 -18.47 112.33 -2.33
CA SER J 242 -19.43 111.79 -3.31
C SER J 242 -18.81 110.79 -4.29
N THR J 243 -19.62 109.91 -4.87
CA THR J 243 -19.20 109.05 -5.98
C THR J 243 -18.88 109.85 -7.26
N ASN J 244 -19.50 111.02 -7.43
CA ASN J 244 -19.25 111.92 -8.56
C ASN J 244 -17.83 112.50 -8.51
N VAL J 245 -17.15 112.51 -9.65
CA VAL J 245 -15.89 113.22 -9.87
C VAL J 245 -16.16 114.48 -10.69
N THR J 246 -15.47 115.58 -10.38
CA THR J 246 -15.59 116.83 -11.14
C THR J 246 -14.53 116.92 -12.22
N ILE J 247 -14.97 117.15 -13.46
CA ILE J 247 -14.11 117.34 -14.63
C ILE J 247 -14.16 118.82 -15.02
N HIS J 248 -13.01 119.46 -15.22
CA HIS J 248 -12.99 120.84 -15.77
C HIS J 248 -12.91 120.68 -17.29
N THR J 249 -13.49 121.58 -18.07
CA THR J 249 -13.38 121.57 -19.54
C THR J 249 -13.37 122.97 -20.14
N LEU J 250 -12.85 123.10 -21.36
CA LEU J 250 -12.94 124.38 -22.10
C LEU J 250 -14.37 124.49 -22.63
N ASN J 251 -15.08 125.58 -22.34
CA ASN J 251 -16.42 125.80 -22.94
C ASN J 251 -16.27 125.52 -24.44
N THR J 252 -17.05 124.59 -25.00
CA THR J 252 -16.97 124.22 -26.43
C THR J 252 -17.75 125.24 -27.22
N THR J 253 -18.81 125.83 -26.63
CA THR J 253 -19.73 126.74 -27.33
C THR J 253 -19.14 128.14 -27.56
N TYR J 254 -17.91 128.43 -27.10
CA TYR J 254 -17.25 129.73 -27.27
C TYR J 254 -15.77 129.61 -27.63
N ILE J 255 -15.03 128.67 -27.04
CA ILE J 255 -13.59 128.45 -27.30
C ILE J 255 -13.44 127.38 -28.39
N GLN J 256 -13.25 127.75 -29.66
CA GLN J 256 -13.18 126.71 -30.73
C GLN J 256 -12.08 126.97 -31.75
N ASN J 257 -11.48 128.15 -31.78
CA ASN J 257 -10.57 128.47 -32.89
C ASN J 257 -9.25 127.70 -32.89
N ARG J 258 -8.80 127.19 -31.73
CA ARG J 258 -7.56 126.37 -31.63
C ARG J 258 -6.33 127.07 -32.24
N ASP J 259 -6.30 128.42 -32.23
CA ASP J 259 -5.15 129.18 -32.75
C ASP J 259 -4.14 129.54 -31.64
N TRP J 260 -3.61 128.54 -30.95
CA TRP J 260 -2.86 128.73 -29.71
C TRP J 260 -1.35 128.84 -29.84
N GLY J 261 -0.72 129.48 -28.85
CA GLY J 261 0.73 129.41 -28.63
C GLY J 261 1.57 130.36 -29.49
N ASP J 262 1.04 131.54 -29.83
CA ASP J 262 1.81 132.66 -30.42
C ASP J 262 1.59 133.97 -29.65
N ARG J 263 2.64 134.78 -29.51
CA ARG J 263 2.49 136.17 -28.99
C ARG J 263 2.40 137.08 -30.23
N ASN J 264 2.49 136.50 -31.44
CA ASN J 264 2.46 137.20 -32.72
C ASN J 264 1.05 137.29 -33.35
N LYS J 265 0.00 136.96 -32.59
CA LYS J 265 -1.39 136.84 -33.06
C LYS J 265 -2.38 137.30 -32.00
N THR J 266 -3.24 138.26 -32.29
CA THR J 266 -4.36 138.62 -31.40
C THR J 266 -5.36 137.47 -31.35
N TYR J 267 -5.65 136.93 -30.16
CA TYR J 267 -6.51 135.75 -30.05
C TYR J 267 -8.00 136.10 -30.18
N TYR J 268 -8.71 135.24 -30.91
CA TYR J 268 -10.16 135.30 -31.11
C TYR J 268 -10.70 133.90 -30.84
N CYS J 269 -11.80 133.79 -30.08
CA CYS J 269 -12.22 132.51 -29.51
C CYS J 269 -13.07 131.65 -30.46
N GLN J 270 -13.93 132.28 -31.28
CA GLN J 270 -14.72 131.57 -32.29
C GLN J 270 -14.95 132.42 -33.55
N THR J 271 -15.26 131.77 -34.65
CA THR J 271 -15.83 132.36 -35.85
C THR J 271 -17.27 131.87 -36.03
N LEU J 272 -18.20 132.75 -36.37
CA LEU J 272 -19.56 132.38 -36.80
C LEU J 272 -19.91 133.18 -38.07
N GLY J 273 -20.41 132.50 -39.10
CA GLY J 273 -20.55 133.11 -40.43
C GLY J 273 -19.20 133.66 -40.93
N THR J 274 -19.13 134.97 -41.17
CA THR J 274 -17.89 135.70 -41.48
C THR J 274 -17.21 136.34 -40.25
N GLN J 275 -17.90 136.39 -39.10
CA GLN J 275 -17.44 137.14 -37.92
C GLN J 275 -16.28 136.45 -37.19
N ARG J 276 -15.58 137.23 -36.36
CA ARG J 276 -14.67 136.76 -35.31
C ARG J 276 -15.17 137.30 -33.96
N TYR J 277 -15.02 136.51 -32.90
CA TYR J 277 -15.43 136.89 -31.54
C TYR J 277 -14.24 136.91 -30.61
N PHE J 278 -14.27 137.83 -29.65
CA PHE J 278 -13.13 138.25 -28.85
C PHE J 278 -13.52 138.32 -27.37
N LEU J 279 -12.53 138.12 -26.52
CA LEU J 279 -12.67 138.08 -25.08
C LEU J 279 -11.92 139.25 -24.45
N TYR J 280 -12.45 139.83 -23.38
CA TYR J 280 -11.82 140.90 -22.61
C TYR J 280 -11.97 140.65 -21.12
N GLY J 281 -10.91 140.83 -20.35
CA GLY J 281 -10.98 140.77 -18.89
C GLY J 281 -11.28 142.15 -18.29
N THR J 282 -11.86 142.21 -17.10
CA THR J 282 -11.94 143.47 -16.36
C THR J 282 -11.87 143.23 -14.86
N HIS J 283 -11.36 144.22 -14.11
CA HIS J 283 -11.37 144.16 -12.63
C HIS J 283 -12.54 145.04 -12.15
N SER J 284 -13.35 145.57 -13.08
CA SER J 284 -14.45 146.48 -12.74
C SER J 284 -15.47 145.82 -11.81
N THR J 285 -15.94 146.59 -10.83
CA THR J 285 -17.06 146.24 -9.95
C THR J 285 -18.43 146.53 -10.57
N ALA J 286 -18.48 147.07 -11.80
CA ALA J 286 -19.73 147.41 -12.48
C ALA J 286 -20.64 146.19 -12.62
N GLN J 287 -21.91 146.34 -12.21
CA GLN J 287 -22.89 145.26 -12.24
C GLN J 287 -23.53 145.07 -13.62
N ASN J 288 -23.57 146.11 -14.45
CA ASN J 288 -24.28 146.10 -15.73
C ASN J 288 -23.28 146.07 -16.91
N ILE J 289 -23.39 145.05 -17.76
CA ILE J 289 -22.52 144.86 -18.93
C ILE J 289 -22.57 146.04 -19.92
N ASN J 290 -23.66 146.81 -19.94
CA ASN J 290 -23.80 147.96 -20.83
C ASN J 290 -22.90 149.15 -20.45
N ASP J 291 -22.76 149.46 -19.14
CA ASP J 291 -22.08 150.71 -18.68
C ASP J 291 -20.57 150.61 -18.46
N ILE J 292 -19.97 149.42 -18.53
CA ILE J 292 -18.51 149.29 -18.46
C ILE J 292 -17.87 150.17 -19.54
N LYS J 293 -16.75 150.83 -19.22
CA LYS J 293 -16.05 151.73 -20.16
C LYS J 293 -15.37 150.95 -21.29
N LEU J 294 -14.81 151.66 -22.26
CA LEU J 294 -13.97 151.00 -23.30
C LEU J 294 -12.59 150.80 -22.65
N GLN J 295 -12.28 151.58 -21.59
CA GLN J 295 -10.98 151.50 -20.86
C GLN J 295 -10.91 150.28 -19.95
N GLU J 296 -11.98 149.97 -19.22
CA GLU J 296 -11.98 148.87 -18.21
C GLU J 296 -11.48 147.57 -18.85
N LEU J 297 -11.90 147.27 -20.08
CA LEU J 297 -11.56 145.97 -20.73
C LEU J 297 -10.04 145.78 -20.87
N ILE J 298 -9.54 144.57 -20.57
CA ILE J 298 -8.09 144.21 -20.75
C ILE J 298 -8.08 143.24 -21.93
N PRO J 299 -7.80 143.70 -23.17
CA PRO J 299 -7.94 142.86 -24.35
C PRO J 299 -6.89 141.77 -24.33
N LEU J 300 -7.17 140.62 -24.96
CA LEU J 300 -6.23 139.48 -24.97
C LEU J 300 -5.54 139.39 -26.34
N THR J 301 -4.24 139.68 -26.41
CA THR J 301 -3.46 139.67 -27.67
C THR J 301 -2.43 138.55 -27.61
N ASN J 302 -2.41 137.78 -26.52
CA ASN J 302 -1.49 136.65 -26.38
C ASN J 302 -2.27 135.45 -25.81
N THR J 303 -1.99 134.22 -26.29
CA THR J 303 -2.37 133.01 -25.54
C THR J 303 -1.18 132.23 -24.99
N GLN J 304 0.01 132.46 -25.56
CA GLN J 304 1.25 131.68 -25.25
C GLN J 304 1.84 131.91 -23.86
N ASP J 305 1.41 132.92 -23.11
CA ASP J 305 2.03 133.21 -21.79
C ASP J 305 1.09 133.05 -20.61
N TYR J 306 1.65 132.91 -19.41
CA TYR J 306 0.87 132.89 -18.16
C TYR J 306 0.38 134.28 -17.72
N VAL J 307 0.84 135.35 -18.40
CA VAL J 307 0.65 136.74 -17.96
C VAL J 307 -0.83 137.12 -17.83
N GLN J 308 -1.18 137.81 -16.73
CA GLN J 308 -2.53 138.30 -16.43
C GLN J 308 -2.92 139.53 -17.27
N GLY J 309 -1.93 140.30 -17.70
CA GLY J 309 -2.13 141.66 -18.18
C GLY J 309 -2.36 142.63 -17.03
N PHE J 310 -2.79 143.86 -17.35
CA PHE J 310 -3.15 144.87 -16.37
C PHE J 310 -4.14 145.89 -16.97
N ASP J 311 -4.81 146.64 -16.11
CA ASP J 311 -5.81 147.64 -16.49
C ASP J 311 -5.17 148.96 -16.98
N TRP J 312 -5.90 149.72 -17.79
CA TRP J 312 -5.50 151.03 -18.33
C TRP J 312 -5.19 152.04 -17.21
N THR J 313 -5.73 151.87 -16.02
CA THR J 313 -5.38 152.67 -14.84
C THR J 313 -3.90 152.55 -14.44
N GLU J 314 -3.19 151.53 -14.92
CA GLU J 314 -1.73 151.37 -14.72
C GLU J 314 -0.89 151.89 -15.90
N LYS J 315 -1.49 152.66 -16.82
CA LYS J 315 -0.79 153.36 -17.93
C LYS J 315 0.52 154.02 -17.48
N ASP J 316 0.47 154.77 -16.38
CA ASP J 316 1.63 155.48 -15.84
C ASP J 316 2.66 154.59 -15.12
N LYS J 317 2.32 153.34 -14.77
CA LYS J 317 3.28 152.39 -14.17
C LYS J 317 4.18 151.72 -15.22
N HIS J 318 3.67 151.61 -16.47
CA HIS J 318 4.41 150.97 -17.61
C HIS J 318 4.68 152.01 -18.71
N ASN J 319 4.72 153.30 -18.38
CA ASN J 319 5.06 154.40 -19.29
C ASN J 319 4.31 154.31 -20.63
N ILE J 320 3.07 153.82 -20.61
CA ILE J 320 2.24 153.62 -21.79
C ILE J 320 1.81 154.96 -22.36
N THR J 321 1.99 155.15 -23.68
CA THR J 321 1.59 156.37 -24.39
C THR J 321 0.31 156.21 -25.21
N THR J 322 -0.02 154.98 -25.63
CA THR J 322 -1.15 154.70 -26.52
C THR J 322 -1.82 153.36 -26.20
N TYR J 323 -3.04 153.17 -26.69
CA TYR J 323 -3.71 151.87 -26.60
C TYR J 323 -2.91 150.76 -27.31
N LYS J 324 -2.12 151.08 -28.34
CA LYS J 324 -1.15 150.15 -28.96
C LYS J 324 -0.13 149.62 -27.95
N GLU J 325 0.44 150.48 -27.10
CA GLU J 325 1.32 150.04 -26.01
C GLU J 325 0.55 149.37 -24.85
N PHE J 326 -0.71 149.73 -24.61
CA PHE J 326 -1.56 149.00 -23.68
C PHE J 326 -1.83 147.56 -24.16
N LEU J 327 -2.14 147.36 -25.44
CA LEU J 327 -2.28 146.05 -26.09
C LEU J 327 -1.02 145.19 -25.95
N THR J 328 0.17 145.76 -26.17
CA THR J 328 1.41 144.97 -26.14
C THR J 328 1.91 144.72 -24.72
N LYS J 329 1.89 145.71 -23.83
CA LYS J 329 2.37 145.53 -22.45
C LYS J 329 1.32 144.91 -21.52
N GLY J 330 0.05 145.27 -21.67
CA GLY J 330 -0.99 145.04 -20.66
C GLY J 330 -2.06 144.01 -21.01
N ALA J 331 -2.04 143.40 -22.20
CA ALA J 331 -3.00 142.36 -22.54
C ALA J 331 -2.84 141.09 -21.68
N GLY J 332 -3.97 140.44 -21.37
CA GLY J 332 -4.02 139.27 -20.49
C GLY J 332 -4.20 137.95 -21.24
N ASN J 333 -3.59 136.87 -20.81
CA ASN J 333 -3.83 135.57 -21.43
C ASN J 333 -5.13 134.98 -20.83
N PRO J 334 -6.07 134.46 -21.64
CA PRO J 334 -7.39 134.05 -21.16
C PRO J 334 -7.33 132.86 -20.18
N PHE J 335 -6.24 132.10 -20.24
CA PHE J 335 -5.97 130.94 -19.38
C PHE J 335 -5.18 131.28 -18.11
N HIS J 336 -4.95 132.56 -17.80
CA HIS J 336 -4.41 132.94 -16.48
C HIS J 336 -5.38 132.52 -15.36
N ALA J 337 -4.87 132.26 -14.15
CA ALA J 337 -5.63 131.65 -13.05
C ALA J 337 -6.91 132.39 -12.64
N GLU J 338 -7.03 133.69 -12.90
CA GLU J 338 -8.29 134.43 -12.67
C GLU J 338 -9.20 134.50 -13.91
N TRP J 339 -8.66 134.56 -15.13
CA TRP J 339 -9.47 134.61 -16.35
C TRP J 339 -9.99 133.22 -16.78
N ILE J 340 -9.27 132.14 -16.49
CA ILE J 340 -9.60 130.76 -16.88
C ILE J 340 -10.99 130.32 -16.40
N THR J 341 -11.37 130.70 -15.18
CA THR J 341 -12.69 130.46 -14.57
C THR J 341 -13.46 131.76 -14.30
N ALA J 342 -13.00 132.89 -14.87
CA ALA J 342 -13.57 134.22 -14.68
C ALA J 342 -13.80 134.58 -13.20
N GLN J 343 -12.81 134.31 -12.33
CA GLN J 343 -12.83 134.72 -10.92
C GLN J 343 -13.05 136.25 -10.83
N ASN J 344 -12.36 137.00 -11.69
CA ASN J 344 -12.68 138.38 -12.02
C ASN J 344 -13.39 138.36 -13.39
N PRO J 345 -14.47 139.16 -13.61
CA PRO J 345 -15.31 139.03 -14.79
C PRO J 345 -14.56 139.07 -16.13
N VAL J 346 -15.04 138.27 -17.07
CA VAL J 346 -14.53 138.14 -18.45
C VAL J 346 -15.69 138.33 -19.41
N ILE J 347 -15.49 139.15 -20.43
CA ILE J 347 -16.51 139.63 -21.34
C ILE J 347 -16.25 139.09 -22.75
N HIS J 348 -17.24 138.44 -23.35
CA HIS J 348 -17.20 137.90 -24.71
C HIS J 348 -17.97 138.82 -25.65
N THR J 349 -17.43 139.16 -26.82
CA THR J 349 -18.07 140.10 -27.76
C THR J 349 -17.67 139.84 -29.21
N ALA J 350 -18.50 140.26 -30.16
CA ALA J 350 -18.13 140.34 -31.57
C ALA J 350 -17.21 141.54 -31.87
N ASN J 351 -17.15 142.54 -30.99
CA ASN J 351 -16.41 143.77 -31.27
C ASN J 351 -14.89 143.55 -31.19
N SER J 352 -14.23 143.58 -32.35
CA SER J 352 -12.78 143.36 -32.44
C SER J 352 -12.00 144.46 -31.71
N PRO J 353 -10.88 144.13 -31.05
CA PRO J 353 -9.99 145.12 -30.45
C PRO J 353 -9.58 146.21 -31.43
N THR J 354 -9.46 145.93 -32.73
CA THR J 354 -9.12 146.94 -33.74
C THR J 354 -10.22 147.97 -33.95
N GLN J 355 -11.50 147.62 -33.76
CA GLN J 355 -12.54 148.64 -33.71
C GLN J 355 -12.38 149.51 -32.44
N ILE J 356 -12.03 148.90 -31.30
CA ILE J 356 -11.67 149.66 -30.09
C ILE J 356 -10.40 150.51 -30.32
N GLU J 357 -9.40 150.03 -31.07
CA GLU J 357 -8.22 150.80 -31.46
C GLU J 357 -8.66 152.03 -32.24
N GLN J 358 -9.53 151.88 -33.24
CA GLN J 358 -10.05 153.01 -34.01
C GLN J 358 -10.76 154.01 -33.09
N ILE J 359 -11.57 153.58 -32.12
CA ILE J 359 -12.22 154.50 -31.17
C ILE J 359 -11.20 155.22 -30.29
N TYR J 360 -10.20 154.51 -29.72
CA TYR J 360 -9.13 155.14 -28.94
C TYR J 360 -8.29 156.11 -29.78
N THR J 361 -7.74 155.63 -30.90
CA THR J 361 -6.81 156.39 -31.73
C THR J 361 -7.49 157.58 -32.40
N ALA J 362 -8.76 157.47 -32.80
CA ALA J 362 -9.51 158.60 -33.33
C ALA J 362 -9.61 159.74 -32.30
N SER J 363 -9.89 159.43 -31.02
CA SER J 363 -9.69 160.37 -29.92
C SER J 363 -9.58 159.69 -28.55
N THR J 364 -8.42 159.84 -27.90
CA THR J 364 -8.13 159.31 -26.56
C THR J 364 -9.01 159.96 -25.48
N THR J 365 -9.40 161.21 -25.68
CA THR J 365 -10.31 161.94 -24.78
C THR J 365 -11.74 161.36 -24.82
N THR J 366 -12.21 160.86 -25.97
CA THR J 366 -13.52 160.19 -26.05
C THR J 366 -13.47 158.71 -25.66
N PHE J 367 -12.28 158.10 -25.53
CA PHE J 367 -12.13 156.77 -24.94
C PHE J 367 -12.54 156.75 -23.45
N GLN J 368 -12.32 157.86 -22.73
CA GLN J 368 -12.84 158.09 -21.39
C GLN J 368 -14.39 158.12 -21.38
N ASN J 369 -14.99 158.80 -22.37
CA ASN J 369 -16.43 159.00 -22.45
C ASN J 369 -17.17 157.72 -22.90
N LYS J 370 -16.65 157.00 -23.90
CA LYS J 370 -17.31 155.83 -24.49
C LYS J 370 -17.42 154.67 -23.49
N LYS J 371 -18.60 154.05 -23.46
CA LYS J 371 -18.92 152.83 -22.71
C LYS J 371 -19.22 151.68 -23.67
N LEU J 372 -19.58 150.51 -23.15
CA LEU J 372 -20.00 149.34 -23.93
C LEU J 372 -21.33 149.55 -24.67
N THR J 373 -22.15 150.53 -24.26
CA THR J 373 -23.25 151.06 -25.08
C THR J 373 -22.75 151.74 -26.35
N ASP J 374 -23.52 151.68 -27.42
CA ASP J 374 -23.26 152.36 -28.71
C ASP J 374 -21.89 152.06 -29.33
N LEU J 375 -21.30 150.90 -29.02
CA LEU J 375 -20.10 150.39 -29.70
C LEU J 375 -20.45 149.64 -30.99
N PRO J 376 -19.51 149.52 -31.94
CA PRO J 376 -19.70 148.67 -33.11
C PRO J 376 -19.83 147.20 -32.70
N THR J 377 -20.71 146.46 -33.39
CA THR J 377 -21.02 145.03 -33.13
C THR J 377 -20.96 144.67 -31.63
N PRO J 378 -21.78 145.30 -30.76
CA PRO J 378 -21.63 145.09 -29.31
C PRO J 378 -22.36 143.90 -28.68
N GLY J 379 -21.85 142.69 -28.91
CA GLY J 379 -22.42 141.47 -28.30
C GLY J 379 -21.75 141.22 -26.96
N TYR J 380 -21.57 142.26 -26.15
CA TYR J 380 -20.89 142.14 -24.83
C TYR J 380 -21.72 141.26 -23.90
N ILE J 381 -21.19 140.10 -23.48
CA ILE J 381 -21.90 139.12 -22.60
C ILE J 381 -20.93 138.75 -21.47
N PHE J 382 -21.34 137.97 -20.47
CA PHE J 382 -20.42 137.47 -19.41
C PHE J 382 -20.24 135.97 -19.63
N ILE J 383 -19.09 135.54 -20.16
CA ILE J 383 -18.84 134.12 -20.49
C ILE J 383 -17.59 133.62 -19.77
N THR J 384 -17.60 132.38 -19.28
CA THR J 384 -16.46 131.76 -18.57
C THR J 384 -15.73 130.79 -19.52
N PRO J 385 -14.40 130.92 -19.73
CA PRO J 385 -13.67 129.99 -20.60
C PRO J 385 -13.74 128.52 -20.14
N THR J 386 -13.82 128.30 -18.82
CA THR J 386 -13.97 126.97 -18.20
C THR J 386 -15.40 126.76 -17.70
N VAL J 387 -15.88 125.53 -17.83
CA VAL J 387 -17.03 124.99 -17.07
C VAL J 387 -16.59 123.73 -16.32
N SER J 388 -17.17 123.47 -15.16
CA SER J 388 -16.97 122.22 -14.40
C SER J 388 -18.18 121.30 -14.58
N LEU J 389 -17.94 120.08 -15.04
CA LEU J 389 -18.93 119.02 -15.17
C LEU J 389 -18.83 118.05 -13.98
N ARG J 390 -19.92 117.35 -13.65
CA ARG J 390 -19.91 116.19 -12.75
C ARG J 390 -20.11 114.91 -13.56
N TYR J 391 -19.23 113.94 -13.36
CA TYR J 391 -19.30 112.61 -13.96
C TYR J 391 -19.53 111.56 -12.88
N ASN J 392 -20.46 110.64 -13.11
CA ASN J 392 -20.71 109.50 -12.25
C ASN J 392 -20.49 108.21 -13.05
N PRO J 393 -19.55 107.34 -12.68
CA PRO J 393 -19.24 106.15 -13.46
C PRO J 393 -20.41 105.14 -13.48
N TYR J 394 -21.22 105.11 -12.41
CA TYR J 394 -22.34 104.14 -12.30
C TYR J 394 -23.52 104.62 -13.14
N LYS J 395 -23.53 105.90 -13.53
CA LYS J 395 -24.61 106.48 -14.37
C LYS J 395 -24.18 106.44 -15.85
N ASP J 396 -23.03 105.85 -16.16
CA ASP J 396 -22.49 105.81 -17.54
C ASP J 396 -22.90 104.53 -18.26
N LEU J 397 -23.56 104.64 -19.42
CA LEU J 397 -24.07 103.49 -20.16
C LEU J 397 -23.31 103.24 -21.48
N ALA J 398 -22.32 104.09 -21.82
CA ALA J 398 -21.46 103.89 -22.97
C ALA J 398 -22.17 103.76 -24.33
N GLU J 399 -23.36 104.36 -24.53
CA GLU J 399 -24.12 104.19 -25.78
C GLU J 399 -23.62 105.11 -26.90
N ARG J 400 -23.08 106.29 -26.55
CA ARG J 400 -22.57 107.28 -27.51
C ARG J 400 -21.25 107.92 -27.04
N ASN J 401 -20.50 107.19 -26.22
CA ASN J 401 -19.17 107.58 -25.77
C ASN J 401 -18.16 107.50 -26.92
N LYS J 402 -17.19 108.42 -26.93
CA LYS J 402 -16.22 108.57 -28.03
C LYS J 402 -14.98 109.33 -27.54
N CYS J 403 -13.83 109.14 -28.17
CA CYS J 403 -12.57 109.73 -27.73
C CYS J 403 -11.55 109.79 -28.87
N TYR J 404 -10.85 110.92 -29.05
CA TYR J 404 -9.85 111.13 -30.10
C TYR J 404 -8.95 112.33 -29.83
N PHE J 405 -7.83 112.42 -30.56
CA PHE J 405 -6.91 113.56 -30.49
C PHE J 405 -7.06 114.48 -31.71
N VAL J 406 -7.06 115.79 -31.48
CA VAL J 406 -7.05 116.84 -32.51
C VAL J 406 -5.78 117.67 -32.39
N ARG J 407 -5.33 118.29 -33.49
CA ARG J 407 -4.10 119.09 -33.55
C ARG J 407 -4.30 120.43 -32.83
N SER J 408 -3.49 120.74 -31.82
CA SER J 408 -3.64 121.98 -31.03
C SER J 408 -3.02 123.19 -31.73
N LYS J 409 -1.74 123.12 -32.13
CA LYS J 409 -1.07 124.15 -32.94
C LYS J 409 -1.34 123.99 -34.44
N ILE J 410 -2.58 124.21 -34.87
CA ILE J 410 -2.91 124.45 -36.29
C ILE J 410 -4.02 125.48 -36.43
N ASN J 411 -4.09 126.12 -37.59
CA ASN J 411 -5.11 127.10 -37.92
C ASN J 411 -6.39 126.43 -38.47
N ALA J 412 -7.04 125.59 -37.66
CA ALA J 412 -8.28 124.90 -38.04
C ALA J 412 -9.37 125.04 -36.97
N HIS J 413 -10.58 125.35 -37.41
CA HIS J 413 -11.73 125.60 -36.55
C HIS J 413 -12.38 124.30 -36.07
N GLY J 414 -13.01 124.35 -34.89
CA GLY J 414 -13.91 123.31 -34.42
C GLY J 414 -13.22 122.06 -33.86
N TRP J 415 -14.03 121.16 -33.33
CA TRP J 415 -13.61 120.03 -32.50
C TRP J 415 -13.97 118.67 -33.09
N ASP J 416 -14.51 118.63 -34.31
CA ASP J 416 -14.97 117.35 -34.92
C ASP J 416 -13.82 116.33 -34.97
N PRO J 417 -14.09 115.00 -34.91
CA PRO J 417 -13.02 114.02 -35.06
C PRO J 417 -12.35 114.28 -36.39
N GLU J 418 -11.02 114.38 -36.40
CA GLU J 418 -10.27 114.72 -37.64
C GLU J 418 -9.03 113.84 -37.76
N GLN J 419 -8.29 113.96 -38.87
CA GLN J 419 -7.05 113.17 -39.10
C GLN J 419 -7.40 111.67 -39.06
N HIS J 420 -6.78 110.89 -38.18
CA HIS J 420 -6.99 109.41 -38.13
C HIS J 420 -8.40 109.09 -37.63
N GLN J 421 -9.24 108.50 -38.49
CA GLN J 421 -10.61 108.08 -38.10
C GLN J 421 -10.55 106.64 -37.59
N GLU J 422 -9.45 105.92 -37.88
CA GLU J 422 -9.26 104.58 -37.32
C GLU J 422 -8.76 104.61 -35.86
N LEU J 423 -8.22 105.75 -35.40
CA LEU J 423 -7.77 105.94 -34.02
C LEU J 423 -8.89 106.39 -33.08
N ILE J 424 -10.07 106.75 -33.60
CA ILE J 424 -11.22 107.07 -32.75
C ILE J 424 -11.58 105.84 -31.91
N ASN J 425 -11.73 106.04 -30.59
CA ASN J 425 -12.10 104.97 -29.63
C ASN J 425 -13.54 105.23 -29.16
N SER J 426 -14.47 104.26 -29.29
CA SER J 426 -15.90 104.46 -29.08
C SER J 426 -16.54 103.36 -28.25
N ASP J 427 -17.70 103.66 -27.67
CA ASP J 427 -18.66 102.67 -27.10
C ASP J 427 -18.13 101.85 -25.91
N LEU J 428 -17.34 102.46 -25.03
CA LEU J 428 -16.98 101.92 -23.72
C LEU J 428 -17.21 103.01 -22.65
N PRO J 429 -17.47 102.67 -21.38
CA PRO J 429 -17.62 103.70 -20.36
C PRO J 429 -16.33 104.50 -20.21
N GLN J 430 -16.41 105.82 -19.99
CA GLN J 430 -15.24 106.76 -20.01
C GLN J 430 -14.02 106.31 -19.17
N TRP J 431 -14.22 105.64 -18.04
CA TRP J 431 -13.11 105.10 -17.23
C TRP J 431 -12.41 103.92 -17.90
N LEU J 432 -13.08 103.17 -18.77
CA LEU J 432 -12.47 102.13 -19.60
C LEU J 432 -11.99 102.70 -20.94
N LEU J 433 -12.73 103.62 -21.54
CA LEU J 433 -12.42 104.20 -22.84
C LEU J 433 -11.11 105.01 -22.81
N LEU J 434 -10.84 105.75 -21.73
CA LEU J 434 -9.64 106.57 -21.61
C LEU J 434 -8.42 105.77 -21.15
N PHE J 435 -8.59 104.61 -20.50
CA PHE J 435 -7.48 103.91 -19.86
C PHE J 435 -6.43 103.45 -20.88
N GLY J 436 -5.20 103.95 -20.77
CA GLY J 436 -4.11 103.61 -21.70
C GLY J 436 -4.28 104.11 -23.14
N TYR J 437 -5.36 104.83 -23.47
CA TYR J 437 -5.59 105.30 -24.83
C TYR J 437 -4.53 106.32 -25.31
N PRO J 438 -4.12 107.33 -24.52
CA PRO J 438 -2.99 108.18 -24.89
C PRO J 438 -1.69 107.44 -25.16
N ASP J 439 -1.38 106.40 -24.39
CA ASP J 439 -0.18 105.59 -24.61
C ASP J 439 -0.27 104.71 -25.85
N TYR J 440 -1.45 104.15 -26.14
CA TYR J 440 -1.65 103.48 -27.43
C TYR J 440 -1.38 104.43 -28.59
N ILE J 441 -1.87 105.66 -28.50
CA ILE J 441 -1.66 106.67 -29.53
C ILE J 441 -0.19 107.06 -29.65
N LYS J 442 0.50 107.32 -28.54
CA LYS J 442 1.95 107.57 -28.55
C LYS J 442 2.75 106.43 -29.16
N ARG J 443 2.47 105.18 -28.76
CA ARG J 443 3.20 103.99 -29.26
C ARG J 443 2.86 103.77 -30.75
N THR J 444 1.66 104.13 -31.18
CA THR J 444 1.28 104.04 -32.60
C THR J 444 2.07 105.02 -33.49
N GLN J 445 2.51 106.17 -32.94
CA GLN J 445 3.40 107.13 -33.65
C GLN J 445 2.77 107.71 -34.93
N ASN J 446 1.44 107.66 -35.09
CA ASN J 446 0.73 108.27 -36.22
C ASN J 446 0.51 109.77 -36.04
N PHE J 447 0.90 110.36 -34.91
CA PHE J 447 0.84 111.80 -34.63
C PHE J 447 2.22 112.34 -34.25
N ALA J 448 2.45 113.63 -34.49
CA ALA J 448 3.67 114.29 -34.03
C ALA J 448 3.76 114.21 -32.49
N LEU J 449 4.89 113.71 -31.99
CA LEU J 449 4.93 113.02 -30.70
C LEU J 449 4.66 113.92 -29.48
N VAL J 450 4.91 115.23 -29.60
CA VAL J 450 4.96 116.12 -28.44
C VAL J 450 3.58 116.46 -27.87
N ASP J 451 3.43 116.38 -26.54
CA ASP J 451 2.11 116.62 -25.85
C ASP J 451 1.56 118.01 -26.16
N THR J 452 2.42 118.98 -26.46
CA THR J 452 1.97 120.36 -26.70
C THR J 452 1.24 120.57 -28.01
N ASN J 453 1.32 119.62 -28.94
CA ASN J 453 0.83 119.81 -30.31
C ASN J 453 -0.52 119.14 -30.57
N TYR J 454 -1.10 118.46 -29.57
CA TYR J 454 -2.41 117.81 -29.65
C TYR J 454 -3.25 118.10 -28.42
N ILE J 455 -4.57 117.96 -28.57
CA ILE J 455 -5.56 117.96 -27.49
C ILE J 455 -6.35 116.67 -27.58
N LEU J 456 -6.67 116.08 -26.45
CA LEU J 456 -7.63 115.01 -26.29
C LEU J 456 -9.04 115.59 -26.11
N VAL J 457 -9.97 115.05 -26.89
CA VAL J 457 -11.38 115.46 -26.99
C VAL J 457 -12.25 114.22 -26.81
N ASP J 458 -13.30 114.28 -25.99
CA ASP J 458 -14.19 113.13 -25.80
C ASP J 458 -15.67 113.53 -25.71
N HIS J 459 -16.55 112.66 -26.18
CA HIS J 459 -18.00 112.81 -26.09
C HIS J 459 -18.54 111.86 -25.03
N CYS J 460 -19.42 112.35 -24.16
CA CYS J 460 -20.06 111.55 -23.12
C CYS J 460 -21.44 112.16 -22.78
N PRO J 461 -22.55 111.49 -23.13
CA PRO J 461 -23.89 111.91 -22.75
C PRO J 461 -24.16 112.02 -21.25
N TYR J 462 -23.32 111.40 -20.42
CA TYR J 462 -23.68 111.00 -19.05
C TYR J 462 -23.18 111.92 -17.94
N THR J 463 -22.50 113.01 -18.25
CA THR J 463 -22.32 114.10 -17.27
C THR J 463 -23.65 114.80 -17.02
N ASN J 464 -23.86 115.31 -15.80
CA ASN J 464 -25.15 115.90 -15.43
C ASN J 464 -25.41 117.24 -16.13
N PRO J 465 -24.52 118.25 -16.05
CA PRO J 465 -24.39 119.24 -17.11
C PRO J 465 -23.69 118.62 -18.31
N GLU J 466 -23.73 119.27 -19.48
CA GLU J 466 -23.11 118.75 -20.70
C GLU J 466 -22.40 119.85 -21.50
N LYS J 467 -21.45 119.42 -22.32
CA LYS J 467 -20.89 120.15 -23.46
C LYS J 467 -20.71 119.13 -24.59
N THR J 468 -20.90 119.53 -25.86
CA THR J 468 -21.02 118.57 -26.96
C THR J 468 -19.79 117.67 -27.07
N PRO J 469 -18.57 118.16 -27.31
CA PRO J 469 -17.35 117.53 -26.82
C PRO J 469 -16.95 118.10 -25.45
N PHE J 470 -16.03 117.36 -24.82
CA PHE J 470 -15.39 117.84 -23.58
C PHE J 470 -13.93 118.05 -23.92
N ILE J 471 -13.26 119.06 -23.35
CA ILE J 471 -11.80 119.25 -23.54
C ILE J 471 -11.23 119.16 -22.12
N PRO J 472 -11.12 117.95 -21.50
CA PRO J 472 -10.73 117.89 -20.10
C PRO J 472 -9.48 118.72 -19.81
N LEU J 473 -9.42 119.41 -18.68
CA LEU J 473 -8.26 120.17 -18.22
C LEU J 473 -7.95 119.82 -16.77
N SER J 474 -6.68 119.66 -16.44
CA SER J 474 -6.28 119.31 -15.07
C SER J 474 -6.44 120.50 -14.13
N THR J 475 -6.73 120.20 -12.87
CA THR J 475 -6.84 121.21 -11.80
C THR J 475 -5.59 122.09 -11.74
N SER J 476 -4.40 121.56 -12.03
CA SER J 476 -3.17 122.36 -12.12
C SER J 476 -3.23 123.47 -13.18
N PHE J 477 -3.74 123.20 -14.39
CA PHE J 477 -3.92 124.22 -15.43
C PHE J 477 -5.06 125.21 -15.11
N ILE J 478 -6.12 124.72 -14.50
CA ILE J 478 -7.24 125.53 -13.98
C ILE J 478 -6.82 126.40 -12.78
N GLU J 479 -5.70 126.08 -12.12
CA GLU J 479 -5.12 126.82 -11.00
C GLU J 479 -3.80 127.52 -11.34
N GLY J 480 -3.37 127.55 -12.60
CA GLY J 480 -2.15 128.25 -12.98
C GLY J 480 -0.86 127.63 -12.44
N ARG J 481 -0.65 126.34 -12.70
CA ARG J 481 0.53 125.61 -12.17
C ARG J 481 1.00 124.53 -13.16
N SER J 482 2.27 124.14 -13.10
CA SER J 482 2.84 123.14 -14.02
C SER J 482 2.18 121.76 -13.89
N PRO J 483 2.17 120.92 -14.95
CA PRO J 483 1.35 119.70 -15.04
C PRO J 483 1.41 118.75 -13.83
N TYR J 484 2.58 118.58 -13.19
CA TYR J 484 2.78 117.76 -12.00
C TYR J 484 3.54 118.53 -10.90
N SER J 485 3.18 119.79 -10.66
CA SER J 485 3.81 120.65 -9.65
C SER J 485 2.95 120.76 -8.39
N PRO J 486 3.56 120.75 -7.17
CA PRO J 486 2.81 120.76 -5.92
C PRO J 486 2.00 122.04 -5.72
N SER J 487 0.82 121.90 -5.12
CA SER J 487 -0.20 122.95 -4.97
C SER J 487 0.26 124.20 -4.23
N ASP J 488 1.38 124.16 -3.49
CA ASP J 488 1.93 125.37 -2.81
C ASP J 488 2.37 126.39 -3.86
N THR J 489 2.66 125.93 -5.07
CA THR J 489 3.08 126.77 -6.20
C THR J 489 1.85 127.48 -6.83
N HIS J 490 2.01 128.75 -7.25
CA HIS J 490 0.91 129.56 -7.86
C HIS J 490 1.36 130.16 -9.19
N GLU J 491 2.35 129.58 -9.87
CA GLU J 491 2.83 129.97 -11.19
C GLU J 491 3.39 128.74 -11.93
N PRO J 492 3.30 128.68 -13.26
CA PRO J 492 4.10 127.72 -14.03
C PRO J 492 5.61 127.94 -13.84
N ASP J 493 6.40 126.88 -13.98
CA ASP J 493 7.86 126.96 -14.20
C ASP J 493 8.17 127.52 -15.60
N GLU J 494 9.34 128.13 -15.84
CA GLU J 494 9.61 128.95 -17.03
C GLU J 494 9.22 128.30 -18.38
N GLU J 495 9.50 127.00 -18.55
CA GLU J 495 9.15 126.27 -19.77
C GLU J 495 7.62 126.05 -19.93
N ASP J 496 6.87 126.01 -18.83
CA ASP J 496 5.40 126.04 -18.83
C ASP J 496 4.84 127.48 -18.73
N GLN J 497 5.63 128.49 -18.38
CA GLN J 497 5.21 129.89 -18.55
C GLN J 497 5.12 130.23 -20.03
N ASN J 498 6.07 129.73 -20.82
CA ASN J 498 5.91 129.55 -22.26
C ASN J 498 4.91 128.40 -22.56
N ARG J 499 4.33 128.48 -23.76
CA ARG J 499 3.37 127.46 -24.25
C ARG J 499 2.22 127.28 -23.26
N TRP J 500 1.76 128.35 -22.59
CA TRP J 500 0.65 128.28 -21.59
C TRP J 500 -0.70 128.30 -22.31
N TYR J 501 -1.04 127.21 -23.00
CA TYR J 501 -2.27 127.08 -23.76
C TYR J 501 -2.80 125.63 -23.74
N PRO J 502 -4.09 125.38 -24.00
CA PRO J 502 -4.67 124.04 -24.01
C PRO J 502 -3.90 123.04 -24.89
N CYS J 503 -3.41 121.97 -24.26
CA CYS J 503 -2.78 120.83 -24.93
C CYS J 503 -2.73 119.63 -23.99
N TYR J 504 -2.50 118.43 -24.54
CA TYR J 504 -2.55 117.17 -23.82
C TYR J 504 -1.68 117.14 -22.56
N GLN J 505 -0.56 117.87 -22.54
CA GLN J 505 0.33 117.93 -21.35
C GLN J 505 -0.44 118.46 -20.11
N TYR J 506 -1.37 119.38 -20.29
CA TYR J 506 -2.20 119.90 -19.21
C TYR J 506 -3.47 119.07 -18.95
N GLN J 507 -3.82 118.13 -19.82
CA GLN J 507 -5.01 117.27 -19.66
C GLN J 507 -4.74 116.00 -18.84
N GLN J 508 -3.48 115.59 -18.70
CA GLN J 508 -3.10 114.27 -18.19
C GLN J 508 -3.72 113.89 -16.85
N GLU J 509 -3.67 114.77 -15.85
CA GLU J 509 -4.21 114.47 -14.53
C GLU J 509 -5.73 114.36 -14.55
N SER J 510 -6.44 115.10 -15.41
CA SER J 510 -7.89 114.99 -15.53
C SER J 510 -8.34 113.64 -16.08
N ILE J 511 -7.70 113.11 -17.13
CA ILE J 511 -8.07 111.81 -17.66
C ILE J 511 -7.61 110.67 -16.75
N ASN J 512 -6.52 110.84 -16.01
CA ASN J 512 -6.18 109.90 -14.95
C ASN J 512 -7.25 109.89 -13.87
N SER J 513 -7.76 111.06 -13.47
CA SER J 513 -8.84 111.17 -12.48
C SER J 513 -10.14 110.51 -12.94
N ILE J 514 -10.48 110.61 -14.23
CA ILE J 514 -11.61 109.86 -14.81
C ILE J 514 -11.35 108.35 -14.77
N CYS J 515 -10.15 107.88 -15.11
CA CYS J 515 -9.80 106.46 -15.00
C CYS J 515 -9.85 105.95 -13.56
N LEU J 516 -9.40 106.74 -12.58
CA LEU J 516 -9.50 106.45 -11.16
C LEU J 516 -10.94 106.33 -10.67
N SER J 517 -11.92 106.91 -11.37
CA SER J 517 -13.33 106.67 -11.04
C SER J 517 -13.77 105.23 -11.35
N GLY J 518 -13.05 104.52 -12.23
CA GLY J 518 -13.35 103.14 -12.58
C GLY J 518 -12.95 102.12 -11.52
N PRO J 519 -13.55 100.92 -11.53
CA PRO J 519 -13.30 99.88 -10.54
C PRO J 519 -11.89 99.28 -10.64
N GLY J 520 -11.43 98.70 -9.54
CA GLY J 520 -10.15 98.03 -9.37
C GLY J 520 -8.94 98.95 -9.22
N THR J 521 -9.08 100.24 -9.50
CA THR J 521 -7.96 101.20 -9.43
C THR J 521 -7.49 101.42 -7.99
N PRO J 522 -6.19 101.30 -7.69
CA PRO J 522 -5.70 101.29 -6.32
C PRO J 522 -5.71 102.66 -5.63
N LYS J 523 -5.69 102.63 -4.29
CA LYS J 523 -5.47 103.79 -3.41
C LYS J 523 -4.00 103.83 -2.97
N ILE J 524 -3.26 104.86 -3.35
CA ILE J 524 -1.86 105.01 -2.96
C ILE J 524 -1.70 106.36 -2.25
N PRO J 525 -1.26 106.40 -0.98
CA PRO J 525 -1.03 107.66 -0.26
C PRO J 525 -0.07 108.59 -1.01
N LYS J 526 -0.34 109.90 -0.97
CA LYS J 526 0.56 110.90 -1.62
C LYS J 526 1.96 110.83 -1.03
N GLY J 527 2.97 110.86 -1.89
CA GLY J 527 4.38 110.69 -1.53
C GLY J 527 4.86 109.24 -1.41
N ILE J 528 4.00 108.24 -1.59
CA ILE J 528 4.38 106.83 -1.66
C ILE J 528 4.37 106.37 -3.12
N THR J 529 5.41 105.65 -3.52
CA THR J 529 5.47 104.98 -4.83
C THR J 529 5.31 103.49 -4.62
N ALA J 530 4.28 102.90 -5.24
CA ALA J 530 4.10 101.46 -5.26
C ALA J 530 4.94 100.85 -6.39
N GLU J 531 5.45 99.64 -6.21
CA GLU J 531 6.37 98.98 -7.13
C GLU J 531 6.03 97.51 -7.23
N ALA J 532 6.35 96.86 -8.34
CA ALA J 532 6.30 95.41 -8.47
C ALA J 532 7.49 94.90 -9.26
N LYS J 533 7.94 93.69 -8.96
CA LYS J 533 9.07 93.05 -9.63
C LYS J 533 8.85 91.58 -9.89
N VAL J 534 9.48 91.07 -10.93
CA VAL J 534 9.59 89.65 -11.24
C VAL J 534 11.07 89.28 -11.26
N LYS J 535 11.42 88.07 -10.81
CA LYS J 535 12.72 87.47 -11.08
C LYS J 535 12.57 86.50 -12.23
N TYR J 536 13.40 86.65 -13.26
CA TYR J 536 13.36 85.80 -14.45
C TYR J 536 14.59 84.91 -14.52
N SER J 537 14.44 83.80 -15.21
CA SER J 537 15.53 82.92 -15.61
C SER J 537 15.24 82.37 -17.01
N PHE J 538 15.87 82.94 -18.04
CA PHE J 538 15.76 82.43 -19.41
C PHE J 538 16.80 81.35 -19.64
N ASN J 539 16.40 80.22 -20.20
CA ASN J 539 17.27 79.08 -20.41
C ASN J 539 17.73 79.01 -21.87
N PHE J 540 19.04 79.07 -22.07
CA PHE J 540 19.68 78.98 -23.37
C PHE J 540 20.76 77.91 -23.35
N LYS J 541 21.13 77.44 -24.52
CA LYS J 541 22.42 76.78 -24.76
C LYS J 541 23.16 77.56 -25.82
N TRP J 542 24.48 77.64 -25.71
CA TRP J 542 25.36 78.21 -26.72
C TRP J 542 26.11 77.08 -27.41
N GLY J 543 26.21 77.13 -28.73
CA GLY J 543 26.79 76.05 -29.53
C GLY J 543 27.90 76.56 -30.44
N GLY J 544 28.92 75.74 -30.66
CA GLY J 544 29.99 76.07 -31.58
C GLY J 544 31.08 75.01 -31.67
N ASP J 545 32.06 75.25 -32.53
CA ASP J 545 33.36 74.58 -32.47
C ASP J 545 34.17 75.07 -31.26
N LEU J 546 35.13 74.26 -30.81
CA LEU J 546 35.89 74.53 -29.58
C LEU J 546 36.65 75.87 -29.66
N PRO J 547 36.53 76.76 -28.65
CA PRO J 547 37.19 78.05 -28.65
C PRO J 547 38.66 77.99 -28.16
N PRO J 548 39.45 79.04 -28.40
CA PRO J 548 40.79 79.21 -27.82
C PRO J 548 40.75 79.63 -26.34
N MET J 549 41.90 79.61 -25.65
CA MET J 549 42.04 79.91 -24.21
C MET J 549 43.47 80.41 -23.87
N SER J 550 43.67 81.08 -22.74
CA SER J 550 44.98 81.60 -22.29
C SER J 550 45.25 81.36 -20.79
N THR J 551 46.51 81.49 -20.37
CA THR J 551 47.01 81.07 -19.05
C THR J 551 47.91 82.11 -18.38
N ILE J 552 48.12 81.97 -17.08
CA ILE J 552 48.82 82.93 -16.20
C ILE J 552 50.09 82.28 -15.61
N THR J 553 51.16 83.04 -15.41
CA THR J 553 52.41 82.53 -14.81
C THR J 553 52.16 81.96 -13.42
N ASN J 554 52.81 80.87 -13.04
CA ASN J 554 52.72 80.32 -11.68
C ASN J 554 53.37 81.21 -10.59
N PRO J 555 54.58 81.78 -10.76
CA PRO J 555 55.23 82.53 -9.71
C PRO J 555 54.48 83.80 -9.33
N THR J 556 53.99 84.57 -10.31
CA THR J 556 53.19 85.79 -10.02
C THR J 556 51.73 85.40 -10.07
N ASP J 557 51.21 84.78 -9.00
CA ASP J 557 49.81 84.30 -8.96
C ASP J 557 49.28 84.44 -7.52
N GLN J 558 48.00 84.13 -7.29
CA GLN J 558 47.40 84.22 -5.93
C GLN J 558 48.41 83.68 -4.91
N PRO J 559 48.98 84.50 -4.01
CA PRO J 559 50.00 84.03 -3.08
C PRO J 559 49.40 83.38 -1.84
N THR J 560 50.02 82.31 -1.34
CA THR J 560 49.56 81.67 -0.10
C THR J 560 49.70 82.63 1.08
N TYR J 561 48.87 82.49 2.12
CA TYR J 561 48.91 83.35 3.30
C TYR J 561 50.32 83.44 3.94
N VAL J 562 51.11 82.37 3.82
CA VAL J 562 52.51 82.30 4.28
C VAL J 562 53.37 83.37 3.60
N LYS K 48 53.63 -20.19 47.22
CA LYS K 48 53.90 -21.66 47.26
C LYS K 48 55.28 -21.99 46.69
N ARG K 49 55.48 -21.84 45.38
CA ARG K 49 56.79 -21.99 44.72
C ARG K 49 57.00 -20.90 43.67
N LEU K 50 58.23 -20.43 43.53
CA LEU K 50 58.62 -19.34 42.65
C LEU K 50 59.69 -19.79 41.65
N ASN K 51 59.69 -19.20 40.46
CA ASN K 51 60.80 -19.32 39.54
C ASN K 51 62.05 -18.63 40.13
N ILE K 52 63.21 -19.28 40.02
CA ILE K 52 64.49 -18.62 40.31
C ILE K 52 64.79 -17.65 39.17
N VAL K 53 65.21 -16.44 39.52
CA VAL K 53 65.46 -15.33 38.60
C VAL K 53 66.86 -14.80 38.83
N GLU K 54 67.54 -14.40 37.77
CA GLU K 54 68.85 -13.77 37.82
C GLU K 54 68.79 -12.37 37.18
N TRP K 55 69.57 -11.42 37.69
CA TRP K 55 69.67 -10.09 37.11
C TRP K 55 70.82 -10.03 36.13
N GLN K 56 70.48 -9.66 34.90
CA GLN K 56 71.44 -9.67 33.77
C GLN K 56 72.58 -8.68 34.03
N PRO K 57 73.82 -9.04 33.67
CA PRO K 57 74.99 -8.19 33.90
C PRO K 57 74.99 -6.94 33.00
N LYS K 58 75.75 -5.93 33.41
CA LYS K 58 75.70 -4.57 32.84
C LYS K 58 76.06 -4.50 31.36
N SER K 59 77.07 -5.26 30.92
CA SER K 59 77.45 -5.40 29.51
C SER K 59 77.62 -6.86 29.12
N ILE K 60 77.14 -7.21 27.92
CA ILE K 60 77.11 -8.58 27.40
C ILE K 60 77.65 -8.61 25.97
N ARG K 61 78.48 -9.61 25.64
CA ARG K 61 79.06 -9.75 24.28
C ARG K 61 79.04 -11.21 23.76
N LYS K 62 78.19 -11.53 22.80
CA LYS K 62 78.12 -12.87 22.18
C LYS K 62 79.46 -13.25 21.54
N CYS K 63 79.90 -14.48 21.72
CA CYS K 63 81.10 -15.03 21.10
C CYS K 63 80.87 -16.46 20.65
N ARG K 64 81.06 -16.71 19.32
CA ARG K 64 81.00 -18.07 18.76
C ARG K 64 82.44 -18.60 18.56
N ILE K 65 82.89 -19.52 19.41
CA ILE K 65 84.21 -20.13 19.26
C ILE K 65 84.11 -21.14 18.12
N LYS K 66 84.62 -20.78 16.93
CA LYS K 66 84.49 -21.54 15.68
C LYS K 66 85.80 -22.18 15.31
N GLY K 67 85.81 -23.44 14.90
CA GLY K 67 87.03 -24.13 14.51
C GLY K 67 86.82 -25.51 13.95
N MET K 68 87.91 -26.22 13.72
CA MET K 68 87.94 -27.54 13.11
C MET K 68 88.62 -28.54 14.06
N LEU K 69 88.03 -29.71 14.27
CA LEU K 69 88.56 -30.76 15.15
C LEU K 69 88.78 -32.06 14.36
N CYS K 70 89.97 -32.64 14.45
CA CYS K 70 90.26 -33.95 13.90
C CYS K 70 89.66 -35.06 14.78
N LEU K 71 88.79 -35.90 14.22
CA LEU K 71 88.13 -36.98 14.96
C LEU K 71 89.03 -38.22 15.05
N PHE K 72 89.69 -38.58 13.97
CA PHE K 72 90.75 -39.59 13.96
C PHE K 72 91.63 -39.34 12.75
N GLN K 73 92.84 -39.87 12.77
CA GLN K 73 93.64 -40.08 11.58
C GLN K 73 94.38 -41.40 11.74
N THR K 74 94.14 -42.34 10.84
CA THR K 74 94.43 -43.76 11.03
C THR K 74 95.02 -44.42 9.80
N THR K 75 95.93 -45.37 10.01
CA THR K 75 96.28 -46.43 9.07
C THR K 75 95.57 -47.72 9.47
N GLU K 76 95.65 -48.78 8.67
CA GLU K 76 95.03 -50.07 8.98
C GLU K 76 95.58 -50.73 10.26
N ASP K 77 96.89 -50.58 10.51
CA ASP K 77 97.59 -51.15 11.66
C ASP K 77 97.37 -50.38 12.98
N ARG K 78 96.57 -49.30 12.95
CA ARG K 78 96.19 -48.52 14.13
C ARG K 78 94.68 -48.43 14.35
N LEU K 79 93.86 -49.16 13.59
CA LEU K 79 92.40 -49.04 13.66
C LEU K 79 91.79 -49.33 15.03
N SER K 80 92.35 -50.31 15.77
CA SER K 80 91.82 -50.69 17.08
C SER K 80 92.29 -49.82 18.25
N TYR K 81 93.03 -48.74 18.00
CA TYR K 81 93.61 -47.87 19.02
C TYR K 81 92.99 -46.47 19.04
N ASN K 82 92.97 -45.85 20.21
CA ASN K 82 92.48 -44.51 20.42
C ASN K 82 93.44 -43.45 19.85
N PHE K 83 92.94 -42.57 18.98
CA PHE K 83 93.65 -41.42 18.46
C PHE K 83 93.68 -40.28 19.49
N ASP K 84 94.88 -39.96 19.97
CA ASP K 84 95.18 -38.70 20.64
C ASP K 84 96.04 -37.84 19.71
N MET K 85 95.64 -36.60 19.46
CA MET K 85 96.39 -35.67 18.61
C MET K 85 97.66 -35.16 19.30
N TYR K 86 97.63 -35.11 20.64
CA TYR K 86 98.75 -34.73 21.49
C TYR K 86 99.27 -35.99 22.20
N GLU K 87 100.44 -36.43 21.78
CA GLU K 87 100.86 -37.83 21.80
C GLU K 87 101.62 -38.31 23.04
N GLU K 88 101.65 -39.63 23.24
CA GLU K 88 102.76 -40.29 23.94
C GLU K 88 103.92 -40.29 22.92
N SER K 89 105.01 -39.59 23.20
CA SER K 89 105.98 -39.08 22.21
C SER K 89 106.59 -40.10 21.23
N ILE K 90 106.53 -41.40 21.52
CA ILE K 90 106.94 -42.47 20.62
C ILE K 90 105.91 -42.76 19.52
N ILE K 91 104.60 -42.58 19.77
CA ILE K 91 103.53 -42.98 18.83
C ILE K 91 103.69 -42.33 17.46
N PRO K 92 103.86 -41.01 17.29
CA PRO K 92 103.99 -40.43 15.95
C PRO K 92 105.33 -40.72 15.27
N GLU K 93 106.34 -41.27 15.95
CA GLU K 93 107.61 -41.63 15.31
C GLU K 93 107.40 -42.80 14.35
N LYS K 94 107.46 -42.51 13.04
CA LYS K 94 107.21 -43.46 11.95
C LYS K 94 105.79 -44.06 11.94
N LEU K 95 104.79 -43.37 12.50
CA LEU K 95 103.37 -43.63 12.21
C LEU K 95 102.66 -42.35 11.73
N PRO K 96 102.05 -42.35 10.52
CA PRO K 96 101.35 -41.18 10.00
C PRO K 96 99.94 -40.98 10.59
N GLY K 97 99.36 -42.00 11.23
CA GLY K 97 98.09 -41.90 11.96
C GLY K 97 98.07 -42.79 13.19
N GLY K 98 97.65 -42.26 14.34
CA GLY K 98 97.83 -42.91 15.64
C GLY K 98 96.68 -43.81 16.09
N GLY K 99 95.49 -43.70 15.51
CA GLY K 99 94.34 -44.46 16.00
C GLY K 99 93.08 -44.31 15.15
N GLY K 100 92.23 -45.34 15.11
CA GLY K 100 91.02 -45.39 14.29
C GLY K 100 89.73 -45.06 15.01
N PHE K 101 89.78 -44.79 16.30
CA PHE K 101 88.66 -44.25 17.06
C PHE K 101 89.16 -43.17 18.00
N SER K 102 88.30 -42.29 18.48
CA SER K 102 88.66 -41.40 19.59
C SER K 102 87.50 -41.15 20.51
N ILE K 103 87.82 -40.80 21.75
CA ILE K 103 86.91 -40.11 22.66
C ILE K 103 87.49 -38.72 22.91
N LYS K 104 86.75 -37.68 22.53
CA LYS K 104 87.10 -36.26 22.75
C LYS K 104 86.24 -35.70 23.86
N ASN K 105 86.83 -35.04 24.85
CA ASN K 105 86.11 -34.16 25.77
C ASN K 105 86.46 -32.71 25.44
N ILE K 106 85.45 -31.86 25.27
CA ILE K 106 85.64 -30.45 24.98
C ILE K 106 85.24 -29.61 26.20
N SER K 107 86.12 -28.70 26.60
CA SER K 107 85.89 -27.72 27.66
C SER K 107 86.37 -26.36 27.19
N LEU K 108 85.90 -25.28 27.80
CA LEU K 108 86.33 -23.92 27.46
C LEU K 108 87.84 -23.74 27.58
N TYR K 109 88.52 -24.43 28.50
CA TYR K 109 89.96 -24.44 28.56
C TYR K 109 90.60 -25.21 27.40
N ALA K 110 90.05 -26.35 26.99
CA ALA K 110 90.50 -27.04 25.79
C ALA K 110 90.27 -26.21 24.52
N LEU K 111 89.18 -25.45 24.41
CA LEU K 111 88.96 -24.49 23.34
C LEU K 111 90.01 -23.37 23.34
N TYR K 112 90.39 -22.85 24.50
CA TYR K 112 91.51 -21.92 24.61
C TYR K 112 92.84 -22.55 24.20
N GLN K 113 93.12 -23.80 24.58
CA GLN K 113 94.32 -24.49 24.12
C GLN K 113 94.34 -24.70 22.61
N GLU K 114 93.21 -25.03 21.98
CA GLU K 114 93.11 -25.08 20.52
C GLU K 114 93.31 -23.71 19.87
N HIS K 115 93.05 -22.61 20.57
CA HIS K 115 93.32 -21.24 20.05
C HIS K 115 94.83 -20.97 20.08
N ILE K 116 95.57 -21.55 21.02
CA ILE K 116 97.03 -21.45 21.05
C ILE K 116 97.67 -22.22 19.88
N HIS K 117 97.06 -23.32 19.44
CA HIS K 117 97.44 -24.02 18.22
C HIS K 117 96.92 -23.36 16.93
N ALA K 118 96.22 -22.23 17.03
CA ALA K 118 95.55 -21.55 15.93
C ALA K 118 94.48 -22.40 15.22
N HIS K 119 93.90 -23.40 15.89
CA HIS K 119 92.88 -24.27 15.33
C HIS K 119 91.46 -23.69 15.38
N ASN K 120 91.24 -22.60 16.10
CA ASN K 120 89.96 -21.91 16.18
C ASN K 120 90.11 -20.40 16.26
N ILE K 121 89.00 -19.70 16.03
CA ILE K 121 88.82 -18.27 16.28
C ILE K 121 87.82 -18.08 17.41
N PHE K 122 88.00 -17.03 18.21
CA PHE K 122 86.98 -16.51 19.11
C PHE K 122 86.38 -15.27 18.44
N THR K 123 85.09 -15.28 18.16
CA THR K 123 84.41 -14.16 17.46
C THR K 123 84.44 -12.85 18.26
N HIS K 124 84.58 -12.97 19.58
CA HIS K 124 84.75 -11.80 20.47
C HIS K 124 85.71 -12.21 21.58
N THR K 125 86.68 -11.38 21.93
CA THR K 125 87.56 -11.62 23.08
C THR K 125 86.79 -11.60 24.41
N ASN K 126 87.39 -12.20 25.42
CA ASN K 126 86.85 -12.34 26.77
C ASN K 126 87.71 -11.63 27.83
N THR K 127 88.65 -10.76 27.46
CA THR K 127 89.73 -10.31 28.34
C THR K 127 89.27 -9.56 29.59
N ASP K 128 88.19 -8.79 29.48
CA ASP K 128 87.73 -7.88 30.54
C ASP K 128 86.26 -8.13 30.94
N ARG K 129 85.71 -9.29 30.55
CA ARG K 129 84.34 -9.72 30.94
C ARG K 129 84.52 -11.11 31.58
N PRO K 130 84.51 -11.26 32.91
CA PRO K 130 84.88 -12.50 33.58
C PRO K 130 83.74 -13.54 33.67
N LEU K 131 82.49 -13.15 33.46
CA LEU K 131 81.35 -14.06 33.44
C LEU K 131 81.20 -14.72 32.07
N ALA K 132 80.65 -15.93 32.05
CA ALA K 132 80.31 -16.68 30.86
C ALA K 132 78.92 -17.29 30.98
N ARG K 133 78.22 -17.35 29.83
CA ARG K 133 76.86 -17.97 29.75
C ARG K 133 76.84 -18.88 28.50
N TYR K 134 77.18 -20.16 28.66
CA TYR K 134 77.20 -21.15 27.58
C TYR K 134 75.79 -21.51 27.11
N THR K 135 75.56 -21.48 25.80
CA THR K 135 74.21 -21.65 25.22
C THR K 135 74.06 -22.94 24.41
N GLY K 136 75.15 -23.66 24.14
CA GLY K 136 75.14 -24.89 23.35
C GLY K 136 76.12 -24.85 22.19
N CYS K 137 76.11 -25.90 21.39
CA CYS K 137 77.07 -26.12 20.32
C CYS K 137 76.37 -26.48 19.00
N SER K 138 76.95 -26.08 17.87
CA SER K 138 76.64 -26.63 16.56
C SER K 138 77.84 -27.43 16.06
N LEU K 139 77.61 -28.66 15.59
CA LEU K 139 78.62 -29.46 14.91
C LEU K 139 78.23 -29.67 13.46
N LYS K 140 79.18 -29.57 12.53
CA LYS K 140 79.08 -30.03 11.15
C LYS K 140 80.08 -31.14 10.93
N PHE K 141 79.61 -32.36 10.72
CA PHE K 141 80.45 -33.53 10.46
C PHE K 141 80.60 -33.69 8.96
N TYR K 142 81.83 -33.69 8.44
CA TYR K 142 82.06 -33.79 7.00
C TYR K 142 82.25 -35.21 6.54
N GLN K 143 81.70 -35.55 5.38
CA GLN K 143 82.06 -36.79 4.69
C GLN K 143 83.55 -36.79 4.38
N SER K 144 84.27 -37.81 4.82
CA SER K 144 85.63 -38.04 4.34
C SER K 144 85.62 -38.54 2.90
N LYS K 145 86.73 -38.41 2.20
CA LYS K 145 86.86 -38.94 0.84
C LYS K 145 86.79 -40.47 0.80
N ASP K 146 87.60 -41.13 1.60
CA ASP K 146 87.88 -42.58 1.48
C ASP K 146 87.27 -43.47 2.58
N ILE K 147 86.85 -42.90 3.72
CA ILE K 147 86.42 -43.74 4.88
C ILE K 147 85.07 -43.28 5.45
N ASP K 148 84.22 -44.21 5.87
CA ASP K 148 82.93 -43.88 6.52
C ASP K 148 83.25 -43.75 8.01
N TYR K 149 82.31 -43.30 8.84
CA TYR K 149 82.58 -43.28 10.30
C TYR K 149 81.33 -43.03 11.11
N VAL K 150 81.22 -43.68 12.25
CA VAL K 150 80.10 -43.53 13.19
C VAL K 150 80.50 -42.52 14.24
N VAL K 151 79.61 -41.60 14.58
CA VAL K 151 79.75 -40.70 15.73
C VAL K 151 78.63 -40.96 16.71
N THR K 152 78.92 -40.86 18.00
CA THR K 152 77.89 -40.58 19.00
C THR K 152 78.45 -39.62 20.04
N TYR K 153 77.61 -38.80 20.63
CA TYR K 153 78.04 -37.76 21.56
C TYR K 153 77.17 -37.78 22.82
N SER K 154 77.71 -37.24 23.90
CA SER K 154 77.02 -37.15 25.17
C SER K 154 77.30 -35.82 25.84
N THR K 155 76.43 -35.39 26.76
CA THR K 155 76.64 -34.15 27.55
C THR K 155 76.30 -34.39 29.01
N SER K 156 76.30 -35.64 29.47
CA SER K 156 76.13 -35.91 30.92
C SER K 156 77.31 -35.23 31.63
N LEU K 157 77.06 -34.16 32.38
CA LEU K 157 78.17 -33.39 33.01
C LEU K 157 79.15 -34.37 33.68
N PRO K 158 78.71 -35.39 34.45
CA PRO K 158 79.64 -36.36 35.00
C PRO K 158 80.45 -36.99 33.88
N LEU K 159 81.77 -36.80 33.89
CA LEU K 159 82.67 -37.35 32.83
C LEU K 159 83.48 -38.51 33.42
N ARG K 160 83.45 -39.68 32.77
CA ARG K 160 84.22 -40.87 33.22
C ARG K 160 84.40 -41.83 32.05
N SER K 161 85.37 -42.75 32.14
CA SER K 161 85.62 -43.77 31.09
C SER K 161 85.20 -45.14 31.63
N SER K 162 84.86 -46.08 30.75
CA SER K 162 84.43 -47.43 31.17
C SER K 162 84.97 -48.50 30.20
N MET K 163 85.16 -49.72 30.67
CA MET K 163 85.60 -50.84 29.83
C MET K 163 84.57 -51.17 28.73
N GLY K 164 83.28 -51.13 29.08
CA GLY K 164 82.18 -51.29 28.14
C GLY K 164 82.10 -50.17 27.11
N MET K 165 82.40 -48.93 27.47
CA MET K 165 82.52 -47.83 26.50
C MET K 165 83.61 -48.14 25.46
N TYR K 166 84.82 -48.48 25.88
CA TYR K 166 85.91 -48.74 24.95
C TYR K 166 85.66 -49.96 24.06
N ASN K 167 85.07 -51.04 24.57
CA ASN K 167 84.65 -52.15 23.71
C ASN K 167 83.54 -51.73 22.74
N SER K 168 82.57 -50.94 23.20
CA SER K 168 81.48 -50.49 22.34
C SER K 168 81.92 -49.51 21.24
N MET K 169 83.16 -49.01 21.27
CA MET K 169 83.75 -48.28 20.14
C MET K 169 84.01 -49.16 18.93
N GLN K 170 83.97 -50.49 19.06
CA GLN K 170 84.16 -51.40 17.92
C GLN K 170 83.15 -51.03 16.83
N PRO K 171 83.54 -50.90 15.55
CA PRO K 171 82.70 -50.26 14.54
C PRO K 171 81.32 -50.87 14.37
N SER K 172 81.19 -52.21 14.41
CA SER K 172 79.92 -52.90 14.32
C SER K 172 79.03 -52.64 15.54
N ILE K 173 79.62 -52.62 16.74
CA ILE K 173 78.88 -52.37 17.98
C ILE K 173 78.44 -50.92 18.07
N HIS K 174 79.32 -49.97 17.76
CA HIS K 174 78.99 -48.56 17.73
C HIS K 174 77.90 -48.29 16.69
N LEU K 175 77.99 -48.87 15.50
CA LEU K 175 76.95 -48.77 14.48
C LEU K 175 75.58 -49.35 14.91
N MET K 176 75.51 -50.27 15.87
CA MET K 176 74.23 -50.73 16.41
C MET K 176 73.61 -49.80 17.46
N GLN K 177 74.39 -48.93 18.10
CA GLN K 177 73.88 -48.10 19.21
C GLN K 177 72.80 -47.12 18.77
N GLN K 178 71.92 -46.76 19.72
CA GLN K 178 70.93 -45.70 19.52
C GLN K 178 71.57 -44.32 19.56
N ASN K 179 70.98 -43.36 18.85
CA ASN K 179 71.48 -41.99 18.71
C ASN K 179 72.93 -41.92 18.19
N LYS K 180 73.30 -42.89 17.35
CA LYS K 180 74.45 -42.82 16.46
C LYS K 180 74.18 -41.81 15.34
N LEU K 181 75.25 -41.34 14.73
CA LEU K 181 75.25 -40.66 13.44
C LEU K 181 76.23 -41.41 12.54
N ILE K 182 75.78 -41.89 11.38
CA ILE K 182 76.66 -42.50 10.38
C ILE K 182 76.97 -41.46 9.33
N VAL K 183 78.26 -41.27 9.04
CA VAL K 183 78.71 -40.39 7.96
C VAL K 183 79.34 -41.26 6.87
N PRO K 184 78.64 -41.54 5.77
CA PRO K 184 79.22 -42.24 4.64
C PRO K 184 80.33 -41.40 4.02
N SER K 185 81.36 -42.03 3.49
CA SER K 185 82.33 -41.35 2.65
C SER K 185 81.69 -40.79 1.38
N LYS K 186 82.36 -39.85 0.72
CA LYS K 186 81.91 -39.33 -0.59
C LYS K 186 81.86 -40.43 -1.66
N GLN K 187 82.69 -41.45 -1.52
CA GLN K 187 82.67 -42.65 -2.36
C GLN K 187 81.43 -43.51 -2.12
N THR K 188 81.05 -43.80 -0.87
CA THR K 188 79.89 -44.67 -0.59
C THR K 188 78.55 -43.96 -0.77
N GLN K 189 78.46 -42.63 -0.60
CA GLN K 189 77.24 -41.89 -0.93
C GLN K 189 77.55 -40.44 -1.30
N LYS K 190 77.21 -40.03 -2.52
CA LYS K 190 77.13 -38.61 -2.92
C LYS K 190 75.87 -37.98 -2.34
N ARG K 191 75.98 -36.79 -1.76
CA ARG K 191 74.90 -36.10 -1.02
C ARG K 191 74.72 -34.66 -1.54
N ARG K 192 73.54 -34.09 -1.33
CA ARG K 192 73.26 -32.67 -1.62
C ARG K 192 74.15 -31.75 -0.78
N LYS K 193 74.13 -31.94 0.54
CA LYS K 193 75.04 -31.25 1.47
C LYS K 193 76.19 -32.19 1.84
N PRO K 194 77.45 -31.76 1.75
CA PRO K 194 78.61 -32.64 1.98
C PRO K 194 78.91 -32.89 3.47
N TYR K 195 78.00 -32.52 4.36
CA TYR K 195 78.13 -32.60 5.81
C TYR K 195 76.79 -32.93 6.46
N ILE K 196 76.83 -33.43 7.69
CA ILE K 196 75.64 -33.57 8.54
C ILE K 196 75.76 -32.61 9.72
N LYS K 197 74.75 -31.78 9.93
CA LYS K 197 74.74 -30.70 10.91
C LYS K 197 73.76 -31.01 12.03
N LYS K 198 74.19 -30.88 13.29
CA LYS K 198 73.26 -30.93 14.43
C LYS K 198 73.68 -30.08 15.61
N HIS K 199 72.66 -29.60 16.33
CA HIS K 199 72.78 -28.72 17.47
C HIS K 199 72.73 -29.53 18.76
N ILE K 200 73.62 -29.24 19.69
CA ILE K 200 73.77 -29.96 20.95
C ILE K 200 73.57 -28.97 22.11
N SER K 201 72.64 -29.29 23.00
CA SER K 201 72.29 -28.47 24.15
C SER K 201 73.37 -28.55 25.24
N PRO K 202 73.51 -27.59 26.17
CA PRO K 202 74.44 -27.71 27.28
C PRO K 202 74.20 -28.96 28.14
N PRO K 203 75.21 -29.42 28.91
CA PRO K 203 75.01 -30.41 29.96
C PRO K 203 73.85 -30.03 30.87
N THR K 204 73.06 -31.00 31.34
CA THR K 204 71.90 -30.68 32.20
C THR K 204 72.30 -29.97 33.50
N GLN K 205 73.56 -30.17 33.95
CA GLN K 205 74.11 -29.51 35.17
C GLN K 205 74.55 -28.08 34.86
N MET K 206 74.84 -27.74 33.61
CA MET K 206 75.11 -26.36 33.18
C MET K 206 73.78 -25.67 32.91
N LYS K 207 73.28 -24.89 33.86
CA LYS K 207 72.02 -24.15 33.75
C LYS K 207 72.22 -22.89 32.91
N SER K 208 71.15 -22.21 32.52
CA SER K 208 71.24 -20.99 31.69
C SER K 208 71.85 -19.79 32.42
N GLN K 209 72.09 -19.88 33.73
CA GLN K 209 72.71 -18.82 34.53
C GLN K 209 74.10 -18.40 34.05
N TRP K 210 74.56 -17.23 34.48
CA TRP K 210 75.96 -16.83 34.35
C TRP K 210 76.86 -17.58 35.32
N TYR K 211 78.09 -17.88 34.91
CA TYR K 211 79.12 -18.51 35.72
C TYR K 211 80.43 -17.77 35.52
N PHE K 212 81.26 -17.63 36.55
CA PHE K 212 82.63 -17.17 36.35
C PHE K 212 83.38 -18.11 35.40
N GLN K 213 84.11 -17.55 34.44
CA GLN K 213 84.88 -18.37 33.45
C GLN K 213 85.93 -19.22 34.18
N HIS K 214 86.44 -18.81 35.33
CA HIS K 214 87.43 -19.60 36.13
C HIS K 214 86.78 -20.88 36.64
N ASN K 215 85.49 -20.84 36.98
CA ASN K 215 84.78 -22.00 37.52
C ASN K 215 84.46 -23.02 36.43
N ILE K 216 83.89 -22.56 35.30
CA ILE K 216 83.49 -23.45 34.21
C ILE K 216 84.62 -23.83 33.24
N ALA K 217 85.80 -23.24 33.34
CA ALA K 217 86.91 -23.47 32.40
C ALA K 217 87.16 -24.95 32.11
N ASN K 218 87.25 -25.79 33.15
CA ASN K 218 87.60 -27.20 33.03
C ASN K 218 86.40 -28.16 32.98
N ILE K 219 85.16 -27.69 33.14
CA ILE K 219 83.96 -28.52 33.07
C ILE K 219 83.78 -29.04 31.64
N PRO K 220 83.75 -30.37 31.39
CA PRO K 220 83.62 -30.89 30.04
C PRO K 220 82.20 -30.72 29.55
N LEU K 221 81.98 -29.85 28.53
CA LEU K 221 80.62 -29.47 28.05
C LEU K 221 80.14 -30.36 26.89
N LEU K 222 81.03 -31.18 26.33
CA LEU K 222 80.68 -32.12 25.27
C LEU K 222 81.65 -33.31 25.27
N MET K 223 81.14 -34.52 25.10
CA MET K 223 81.95 -35.67 24.68
C MET K 223 81.57 -36.12 23.27
N ILE K 224 82.53 -36.29 22.38
CA ILE K 224 82.34 -36.88 21.05
C ILE K 224 83.07 -38.21 21.01
N ARG K 225 82.39 -39.28 20.63
CA ARG K 225 82.94 -40.62 20.38
C ARG K 225 82.87 -40.91 18.89
N THR K 226 83.98 -41.25 18.25
CA THR K 226 84.01 -41.54 16.81
C THR K 226 84.78 -42.81 16.54
N THR K 227 84.33 -43.64 15.60
CA THR K 227 85.06 -44.83 15.14
C THR K 227 85.02 -44.92 13.62
N ALA K 228 86.15 -45.30 13.00
CA ALA K 228 86.29 -45.54 11.57
C ALA K 228 85.65 -46.86 11.13
N LEU K 229 85.03 -46.87 9.96
CA LEU K 229 84.05 -47.86 9.54
C LEU K 229 84.19 -48.14 8.04
N THR K 230 83.75 -49.32 7.58
CA THR K 230 83.30 -49.44 6.19
C THR K 230 81.95 -50.10 6.11
N LEU K 231 81.04 -49.50 5.33
CA LEU K 231 79.71 -50.02 5.06
C LEU K 231 79.72 -51.06 3.91
N ASP K 232 80.48 -50.81 2.85
CA ASP K 232 80.55 -51.67 1.65
C ASP K 232 81.45 -52.91 1.80
N ASN K 233 82.36 -52.92 2.78
CA ASN K 233 83.27 -54.03 3.08
C ASN K 233 83.04 -54.55 4.50
N TYR K 234 81.82 -54.43 5.02
CA TYR K 234 81.50 -54.67 6.42
C TYR K 234 81.94 -56.03 6.94
N TYR K 235 81.74 -57.11 6.18
CA TYR K 235 82.13 -58.46 6.60
C TYR K 235 83.54 -58.82 6.18
N ILE K 236 83.90 -58.61 4.91
CA ILE K 236 85.23 -58.97 4.39
C ILE K 236 86.31 -58.11 5.00
N GLY K 237 86.07 -56.82 5.17
CA GLY K 237 87.01 -55.86 5.74
C GLY K 237 88.28 -55.80 4.92
N SER K 238 89.41 -56.19 5.52
CA SER K 238 90.70 -56.36 4.84
C SER K 238 91.21 -57.80 4.81
N ARG K 239 90.32 -58.79 4.96
CA ARG K 239 90.61 -60.22 4.82
C ARG K 239 91.32 -60.52 3.50
N GLN K 240 92.32 -61.40 3.56
CA GLN K 240 93.04 -61.96 2.41
C GLN K 240 93.01 -63.49 2.51
N LEU K 241 92.80 -64.19 1.39
CA LEU K 241 92.69 -65.65 1.35
C LEU K 241 91.60 -66.18 2.32
N SER K 242 91.95 -67.08 3.24
CA SER K 242 91.02 -67.70 4.19
C SER K 242 90.39 -66.71 5.17
N THR K 243 89.23 -67.04 5.74
CA THR K 243 88.62 -66.29 6.84
C THR K 243 89.47 -66.38 8.13
N ASN K 244 90.23 -67.46 8.31
CA ASN K 244 91.12 -67.66 9.45
C ASN K 244 92.28 -66.66 9.44
N VAL K 245 92.57 -66.06 10.59
CA VAL K 245 93.77 -65.26 10.83
C VAL K 245 94.76 -66.09 11.66
N THR K 246 96.05 -65.95 11.38
CA THR K 246 97.10 -66.64 12.14
C THR K 246 97.64 -65.74 13.25
N ILE K 247 97.63 -66.25 14.49
CA ILE K 247 98.17 -65.57 15.67
C ILE K 247 99.45 -66.29 16.08
N HIS K 248 100.54 -65.56 16.31
CA HIS K 248 101.77 -66.16 16.87
C HIS K 248 101.64 -66.03 18.39
N THR K 249 102.17 -66.96 19.17
CA THR K 249 102.17 -66.88 20.64
C THR K 249 103.42 -67.51 21.26
N LEU K 250 103.75 -67.12 22.49
CA LEU K 250 104.84 -67.78 23.24
C LEU K 250 104.29 -69.12 23.75
N ASN K 251 104.94 -70.24 23.46
CA ASN K 251 104.52 -71.54 24.04
C ASN K 251 104.31 -71.31 25.53
N THR K 252 103.13 -71.58 26.06
CA THR K 252 102.81 -71.36 27.50
C THR K 252 103.35 -72.54 28.28
N THR K 253 103.41 -73.72 27.68
CA THR K 253 103.80 -74.96 28.37
C THR K 253 105.31 -75.08 28.63
N TYR K 254 106.12 -74.10 28.19
CA TYR K 254 107.58 -74.10 28.38
C TYR K 254 108.14 -72.73 28.78
N ILE K 255 107.65 -71.63 28.19
CA ILE K 255 108.09 -70.27 28.47
C ILE K 255 107.18 -69.66 29.55
N GLN K 256 107.58 -69.66 30.82
CA GLN K 256 106.66 -69.15 31.88
C GLN K 256 107.36 -68.30 32.93
N ASN K 257 108.70 -68.29 32.98
CA ASN K 257 109.36 -67.64 34.11
C ASN K 257 109.27 -66.11 34.13
N ARG K 258 109.04 -65.46 32.98
CA ARG K 258 108.87 -63.97 32.88
C ARG K 258 110.04 -63.21 33.53
N ASP K 259 111.26 -63.77 33.53
CA ASP K 259 112.44 -63.11 34.09
C ASP K 259 113.24 -62.36 33.00
N TRP K 260 112.59 -61.43 32.30
CA TRP K 260 113.13 -60.83 31.07
C TRP K 260 113.90 -59.53 31.24
N GLY K 261 114.76 -59.24 30.26
CA GLY K 261 115.36 -57.92 30.08
C GLY K 261 116.58 -57.60 30.95
N ASP K 262 117.39 -58.61 31.30
CA ASP K 262 118.71 -58.43 31.92
C ASP K 262 119.81 -59.21 31.16
N ARG K 263 121.00 -58.63 31.04
CA ARG K 263 122.18 -59.39 30.54
C ARG K 263 122.93 -59.89 31.78
N ASN K 264 122.43 -59.56 32.99
CA ASN K 264 123.02 -59.93 34.28
C ASN K 264 122.46 -61.23 34.88
N LYS K 265 121.70 -62.01 34.10
CA LYS K 265 120.97 -63.21 34.55
C LYS K 265 120.95 -64.27 33.46
N THR K 266 121.41 -65.49 33.75
CA THR K 266 121.25 -66.64 32.85
C THR K 266 119.77 -67.02 32.77
N TYR K 267 119.18 -67.01 31.57
CA TYR K 267 117.74 -67.25 31.42
C TYR K 267 117.38 -68.74 31.54
N TYR K 268 116.28 -69.00 32.23
CA TYR K 268 115.69 -70.31 32.42
C TYR K 268 114.19 -70.17 32.12
N CYS K 269 113.61 -71.09 31.34
CA CYS K 269 112.29 -70.88 30.76
C CYS K 269 111.13 -71.27 31.67
N GLN K 270 111.28 -72.32 32.49
CA GLN K 270 110.28 -72.73 33.47
C GLN K 270 110.92 -73.32 34.73
N THR K 271 110.17 -73.31 35.83
CA THR K 271 110.42 -74.11 37.03
C THR K 271 109.32 -75.18 37.18
N LEU K 272 109.70 -76.41 37.51
CA LEU K 272 108.74 -77.46 37.91
C LEU K 272 109.27 -78.13 39.17
N GLY K 273 108.43 -78.29 40.19
CA GLY K 273 108.88 -78.71 41.53
C GLY K 273 109.97 -77.76 42.05
N THR K 274 111.17 -78.29 42.32
CA THR K 274 112.37 -77.51 42.65
C THR K 274 113.27 -77.19 41.45
N GLN K 275 113.03 -77.80 40.28
CA GLN K 275 113.93 -77.72 39.12
C GLN K 275 113.85 -76.36 38.40
N ARG K 276 114.87 -76.09 37.59
CA ARG K 276 114.87 -75.05 36.55
C ARG K 276 115.16 -75.72 35.20
N TYR K 277 114.54 -75.22 34.13
CA TYR K 277 114.71 -75.75 32.78
C TYR K 277 115.29 -74.67 31.86
N PHE K 278 116.11 -75.10 30.91
CA PHE K 278 117.03 -74.28 30.14
C PHE K 278 116.92 -74.64 28.66
N LEU K 279 117.22 -73.65 27.82
CA LEU K 279 117.14 -73.74 26.36
C LEU K 279 118.54 -73.59 25.78
N TYR K 280 118.83 -74.32 24.70
CA TYR K 280 120.09 -74.22 23.96
C TYR K 280 119.82 -74.23 22.46
N GLY K 281 120.47 -73.35 21.71
CA GLY K 281 120.42 -73.37 20.24
C GLY K 281 121.51 -74.25 19.66
N THR K 282 121.33 -74.80 18.47
CA THR K 282 122.44 -75.41 17.73
C THR K 282 122.28 -75.24 16.22
N HIS K 283 123.41 -75.21 15.50
CA HIS K 283 123.38 -75.19 14.01
C HIS K 283 123.65 -76.62 13.53
N SER K 284 123.75 -77.58 14.45
CA SER K 284 124.06 -78.97 14.10
C SER K 284 123.03 -79.58 13.14
N THR K 285 123.52 -80.34 12.18
CA THR K 285 122.72 -81.17 11.26
C THR K 285 122.36 -82.53 11.86
N ALA K 286 122.79 -82.83 13.09
CA ALA K 286 122.52 -84.10 13.75
C ALA K 286 121.02 -84.37 13.87
N GLN K 287 120.60 -85.56 13.43
CA GLN K 287 119.18 -85.96 13.43
C GLN K 287 118.70 -86.45 14.80
N ASN K 288 119.60 -86.97 15.64
CA ASN K 288 119.24 -87.61 16.91
C ASN K 288 119.66 -86.72 18.10
N ILE K 289 118.67 -86.38 18.94
CA ILE K 289 118.87 -85.53 20.13
C ILE K 289 119.89 -86.11 21.13
N ASN K 290 120.09 -87.43 21.13
CA ASN K 290 121.03 -88.08 22.04
C ASN K 290 122.50 -87.81 21.68
N ASP K 291 122.87 -87.81 20.38
CA ASP K 291 124.31 -87.76 19.95
C ASP K 291 124.90 -86.36 19.76
N ILE K 292 124.10 -85.30 19.83
CA ILE K 292 124.63 -83.93 19.78
C ILE K 292 125.70 -83.77 20.88
N LYS K 293 126.80 -83.06 20.58
CA LYS K 293 127.90 -82.85 21.54
C LYS K 293 127.48 -81.90 22.68
N LEU K 294 128.36 -81.73 23.67
CA LEU K 294 128.12 -80.69 24.72
C LEU K 294 128.58 -79.37 24.09
N GLN K 295 129.42 -79.43 23.04
CA GLN K 295 129.95 -78.23 22.35
C GLN K 295 128.91 -77.61 21.41
N GLU K 296 128.18 -78.42 20.66
CA GLU K 296 127.21 -77.91 19.64
C GLU K 296 126.26 -76.88 20.27
N LEU K 297 125.78 -77.12 21.49
CA LEU K 297 124.77 -76.25 22.13
C LEU K 297 125.27 -74.81 22.30
N ILE K 298 124.43 -73.81 22.00
CA ILE K 298 124.75 -72.37 22.20
C ILE K 298 123.87 -71.93 23.37
N PRO K 299 124.38 -71.89 24.61
CA PRO K 299 123.55 -71.67 25.79
C PRO K 299 123.05 -70.23 25.78
N LEU K 300 121.89 -69.97 26.38
CA LEU K 300 121.28 -68.62 26.39
C LEU K 300 121.49 -67.98 27.77
N THR K 301 122.33 -66.95 27.88
CA THR K 301 122.66 -66.26 29.15
C THR K 301 122.13 -64.84 29.10
N ASN K 302 121.47 -64.45 27.99
CA ASN K 302 120.87 -63.13 27.85
C ASN K 302 119.45 -63.28 27.27
N THR K 303 118.48 -62.49 27.73
CA THR K 303 117.23 -62.27 26.96
C THR K 303 117.09 -60.85 26.42
N GLN K 304 117.82 -59.89 27.03
CA GLN K 304 117.69 -58.43 26.73
C GLN K 304 118.19 -58.00 25.34
N ASP K 305 118.90 -58.83 24.60
CA ASP K 305 119.47 -58.39 23.29
C ASP K 305 118.92 -59.15 22.10
N TYR K 306 119.07 -58.56 20.90
CA TYR K 306 118.73 -59.25 19.64
C TYR K 306 119.76 -60.30 19.21
N VAL K 307 120.90 -60.38 19.90
CA VAL K 307 122.06 -61.17 19.48
C VAL K 307 121.74 -62.66 19.32
N GLN K 308 122.22 -63.27 18.22
CA GLN K 308 122.05 -64.69 17.92
C GLN K 308 122.96 -65.60 18.76
N GLY K 309 124.08 -65.07 19.21
CA GLY K 309 125.20 -65.87 19.71
C GLY K 309 125.98 -66.50 18.56
N PHE K 310 126.88 -67.44 18.88
CA PHE K 310 127.64 -68.21 17.91
C PHE K 310 128.10 -69.54 18.51
N ASP K 311 128.48 -70.47 17.64
CA ASP K 311 128.92 -71.82 18.01
C ASP K 311 130.37 -71.86 18.53
N TRP K 312 130.70 -72.86 19.34
CA TRP K 312 132.06 -73.08 19.89
C TRP K 312 133.12 -73.26 18.80
N THR K 313 132.74 -73.66 17.59
CA THR K 313 133.64 -73.68 16.43
C THR K 313 134.20 -72.31 16.05
N GLU K 314 133.60 -71.21 16.53
CA GLU K 314 134.12 -69.84 16.36
C GLU K 314 134.93 -69.34 17.56
N LYS K 315 135.34 -70.23 18.49
CA LYS K 315 136.25 -69.93 19.61
C LYS K 315 137.44 -69.05 19.18
N ASP K 316 138.11 -69.42 18.10
CA ASP K 316 139.28 -68.71 17.59
C ASP K 316 138.96 -67.38 16.87
N LYS K 317 137.70 -67.11 16.50
CA LYS K 317 137.29 -65.82 15.92
C LYS K 317 137.08 -64.73 16.97
N HIS K 318 136.73 -65.14 18.21
CA HIS K 318 136.47 -64.21 19.36
C HIS K 318 137.50 -64.46 20.47
N ASN K 319 138.67 -64.98 20.16
CA ASN K 319 139.79 -65.18 21.09
C ASN K 319 139.35 -65.84 22.42
N ILE K 320 138.36 -66.73 22.36
CA ILE K 320 137.78 -67.39 23.53
C ILE K 320 138.78 -68.39 24.12
N THR K 321 139.01 -68.32 25.43
CA THR K 321 139.91 -69.23 26.14
C THR K 321 139.17 -70.30 26.94
N THR K 322 137.91 -70.06 27.33
CA THR K 322 137.13 -70.95 28.22
C THR K 322 135.65 -70.95 27.86
N TYR K 323 134.92 -71.95 28.32
CA TYR K 323 133.46 -71.97 28.20
C TYR K 323 132.82 -70.76 28.93
N LYS K 324 133.44 -70.20 29.97
CA LYS K 324 133.02 -68.94 30.60
C LYS K 324 133.03 -67.77 29.60
N GLU K 325 134.07 -67.64 28.77
CA GLU K 325 134.09 -66.65 27.68
C GLU K 325 133.17 -67.02 26.50
N PHE K 326 132.93 -68.31 26.25
CA PHE K 326 131.91 -68.72 25.30
C PHE K 326 130.50 -68.32 25.75
N LEU K 327 130.16 -68.52 27.04
CA LEU K 327 128.91 -68.06 27.67
C LEU K 327 128.72 -66.54 27.53
N THR K 328 129.76 -65.75 27.78
CA THR K 328 129.60 -64.28 27.77
C THR K 328 129.63 -63.70 26.35
N LYS K 329 130.53 -64.17 25.48
CA LYS K 329 130.61 -63.64 24.10
C LYS K 329 129.59 -64.28 23.15
N GLY K 330 129.35 -65.58 23.27
CA GLY K 330 128.70 -66.40 22.24
C GLY K 330 127.29 -66.89 22.56
N ALA K 331 126.73 -66.61 23.74
CA ALA K 331 125.36 -67.01 24.05
C ALA K 331 124.31 -66.28 23.18
N GLY K 332 123.23 -66.99 22.85
CA GLY K 332 122.18 -66.51 21.96
C GLY K 332 120.91 -66.09 22.69
N ASN K 333 120.22 -65.04 22.25
CA ASN K 333 118.94 -64.68 22.86
C ASN K 333 117.84 -65.56 22.23
N PRO K 334 116.94 -66.18 23.01
CA PRO K 334 115.98 -67.18 22.51
C PRO K 334 114.98 -66.57 21.52
N PHE K 335 114.79 -65.25 21.58
CA PHE K 335 113.88 -64.49 20.72
C PHE K 335 114.57 -63.91 19.47
N HIS K 336 115.81 -64.28 19.17
CA HIS K 336 116.42 -63.95 17.87
C HIS K 336 115.63 -64.62 16.73
N ALA K 337 115.65 -64.05 15.53
CA ALA K 337 114.77 -64.42 14.41
C ALA K 337 114.88 -65.90 13.98
N GLU K 338 115.98 -66.60 14.25
CA GLU K 338 116.08 -68.05 14.01
C GLU K 338 115.71 -68.91 15.23
N TRP K 339 115.98 -68.46 16.45
CA TRP K 339 115.64 -69.22 17.66
C TRP K 339 114.16 -69.08 18.07
N ILE K 340 113.52 -67.94 17.78
CA ILE K 340 112.13 -67.62 18.15
C ILE K 340 111.12 -68.65 17.64
N THR K 341 111.32 -69.15 16.42
CA THR K 341 110.52 -70.21 15.78
C THR K 341 111.34 -71.48 15.51
N ALA K 342 112.54 -71.59 16.10
CA ALA K 342 113.48 -72.69 15.91
C ALA K 342 113.72 -73.05 14.43
N GLN K 343 113.94 -72.03 13.59
CA GLN K 343 114.33 -72.21 12.18
C GLN K 343 115.59 -73.10 12.09
N ASN K 344 116.55 -72.83 12.97
CA ASN K 344 117.64 -73.74 13.33
C ASN K 344 117.28 -74.39 14.68
N PRO K 345 117.50 -75.70 14.89
CA PRO K 345 116.98 -76.41 16.06
C PRO K 345 117.34 -75.77 17.40
N VAL K 346 116.38 -75.86 18.33
CA VAL K 346 116.48 -75.36 19.72
C VAL K 346 116.11 -76.50 20.65
N ILE K 347 116.91 -76.69 21.69
CA ILE K 347 116.86 -77.83 22.58
C ILE K 347 116.47 -77.36 23.98
N HIS K 348 115.45 -77.97 24.57
CA HIS K 348 114.95 -77.70 25.93
C HIS K 348 115.40 -78.82 26.86
N THR K 349 115.93 -78.51 28.05
CA THR K 349 116.47 -79.50 28.98
C THR K 349 116.39 -79.04 30.44
N ALA K 350 116.37 -79.99 31.37
CA ALA K 350 116.58 -79.72 32.79
C ALA K 350 118.06 -79.43 33.13
N ASN K 351 119.00 -79.82 32.26
CA ASN K 351 120.42 -79.70 32.56
C ASN K 351 120.92 -78.25 32.51
N SER K 352 121.22 -77.69 33.68
CA SER K 352 121.67 -76.31 33.79
C SER K 352 123.02 -76.09 33.09
N PRO K 353 123.24 -74.93 32.45
CA PRO K 353 124.53 -74.58 31.87
C PRO K 353 125.68 -74.71 32.87
N THR K 354 125.46 -74.49 34.17
CA THR K 354 126.50 -74.65 35.19
C THR K 354 126.91 -76.11 35.40
N GLN K 355 126.03 -77.09 35.18
CA GLN K 355 126.48 -78.48 35.12
C GLN K 355 127.35 -78.71 33.86
N ILE K 356 126.98 -78.12 32.73
CA ILE K 356 127.84 -78.12 31.54
C ILE K 356 129.17 -77.38 31.79
N GLU K 357 129.17 -76.26 32.55
CA GLU K 357 130.39 -75.57 32.97
C GLU K 357 131.28 -76.52 33.76
N GLN K 358 130.73 -77.24 34.74
CA GLN K 358 131.48 -78.22 35.51
C GLN K 358 132.08 -79.30 34.60
N ILE K 359 131.35 -79.81 33.61
CA ILE K 359 131.90 -80.80 32.66
C ILE K 359 133.02 -80.20 31.79
N TYR K 360 132.85 -78.99 31.24
CA TYR K 360 133.90 -78.30 30.49
C TYR K 360 135.13 -78.00 31.36
N THR K 361 134.92 -77.32 32.48
CA THR K 361 136.02 -76.82 33.33
C THR K 361 136.76 -77.97 34.00
N ALA K 362 136.07 -79.07 34.38
CA ALA K 362 136.74 -80.25 34.90
C ALA K 362 137.73 -80.84 33.89
N SER K 363 137.35 -80.95 32.60
CA SER K 363 138.30 -81.17 31.52
C SER K 363 137.76 -80.75 30.14
N THR K 364 138.42 -79.78 29.51
CA THR K 364 138.11 -79.26 28.17
C THR K 364 138.31 -80.33 27.09
N THR K 365 139.26 -81.24 27.29
CA THR K 365 139.51 -82.37 26.39
C THR K 365 138.35 -83.38 26.40
N THR K 366 137.67 -83.59 27.53
CA THR K 366 136.48 -84.47 27.57
C THR K 366 135.20 -83.75 27.17
N PHE K 367 135.18 -82.42 27.05
CA PHE K 367 134.07 -81.67 26.45
C PHE K 367 133.90 -82.01 24.95
N GLN K 368 135.00 -82.30 24.26
CA GLN K 368 134.99 -82.87 22.89
C GLN K 368 134.33 -84.25 22.87
N ASN K 369 134.65 -85.10 23.85
CA ASN K 369 134.17 -86.48 23.91
C ASN K 369 132.70 -86.58 24.33
N LYS K 370 132.27 -85.80 25.33
CA LYS K 370 130.92 -85.87 25.90
C LYS K 370 129.84 -85.42 24.89
N LYS K 371 128.77 -86.21 24.82
CA LYS K 371 127.54 -85.93 24.06
C LYS K 371 126.35 -85.70 25.00
N LEU K 372 125.17 -85.49 24.46
CA LEU K 372 123.92 -85.34 25.22
C LEU K 372 123.50 -86.63 25.94
N THR K 373 124.00 -87.80 25.52
CA THR K 373 123.97 -89.04 26.32
C THR K 373 124.79 -88.90 27.62
N ASP K 374 124.36 -89.59 28.67
CA ASP K 374 125.06 -89.67 29.96
C ASP K 374 125.40 -88.31 30.62
N LEU K 375 124.63 -87.26 30.30
CA LEU K 375 124.71 -85.97 31.00
C LEU K 375 123.86 -85.96 32.28
N PRO K 376 124.16 -85.07 33.24
CA PRO K 376 123.29 -84.87 34.40
C PRO K 376 121.92 -84.33 33.96
N THR K 377 120.85 -84.78 34.64
CA THR K 377 119.44 -84.42 34.36
C THR K 377 119.17 -84.18 32.85
N PRO K 378 119.38 -85.18 31.97
CA PRO K 378 119.29 -84.94 30.52
C PRO K 378 117.92 -85.06 29.87
N GLY K 379 117.05 -84.05 30.09
CA GLY K 379 115.73 -84.02 29.45
C GLY K 379 115.83 -83.29 28.14
N TYR K 380 116.85 -83.58 27.33
CA TYR K 380 117.07 -82.91 26.02
C TYR K 380 115.93 -83.24 25.07
N ILE K 381 115.14 -82.24 24.65
CA ILE K 381 113.97 -82.42 23.75
C ILE K 381 114.09 -81.38 22.62
N PHE K 382 113.23 -81.38 21.61
CA PHE K 382 113.22 -80.33 20.56
C PHE K 382 111.95 -79.49 20.76
N ILE K 383 112.07 -78.27 21.31
CA ILE K 383 110.91 -77.42 21.63
C ILE K 383 111.05 -76.07 20.93
N THR K 384 109.94 -75.51 20.41
CA THR K 384 109.92 -74.21 19.73
C THR K 384 109.36 -73.13 20.68
N PRO K 385 110.06 -72.00 20.92
CA PRO K 385 109.56 -70.93 21.78
C PRO K 385 108.22 -70.34 21.31
N THR K 386 108.01 -70.29 19.99
CA THR K 386 106.76 -69.84 19.36
C THR K 386 105.94 -71.00 18.82
N VAL K 387 104.62 -70.88 18.93
CA VAL K 387 103.64 -71.65 18.15
C VAL K 387 102.72 -70.69 17.40
N SER K 388 102.25 -71.08 16.21
CA SER K 388 101.24 -70.33 15.45
C SER K 388 99.87 -70.99 15.59
N LEU K 389 98.88 -70.23 16.05
CA LEU K 389 97.48 -70.64 16.15
C LEU K 389 96.68 -70.10 14.95
N ARG K 390 95.58 -70.75 14.59
CA ARG K 390 94.56 -70.22 13.68
C ARG K 390 93.32 -69.83 14.47
N TYR K 391 92.85 -68.61 14.27
CA TYR K 391 91.62 -68.07 14.85
C TYR K 391 90.59 -67.80 13.75
N ASN K 392 89.35 -68.22 13.97
CA ASN K 392 88.23 -67.91 13.08
C ASN K 392 87.17 -67.16 13.87
N PRO K 393 86.82 -65.91 13.50
CA PRO K 393 85.88 -65.12 14.29
C PRO K 393 84.45 -65.69 14.27
N TYR K 394 84.09 -66.40 13.19
CA TYR K 394 82.72 -66.96 13.04
C TYR K 394 82.61 -68.23 13.88
N LYS K 395 83.73 -68.82 14.27
CA LYS K 395 83.75 -70.05 15.10
C LYS K 395 83.87 -69.68 16.58
N ASP K 396 83.86 -68.38 16.90
CA ASP K 396 84.05 -67.90 18.30
C ASP K 396 82.71 -67.70 19.01
N LEU K 397 82.49 -68.35 20.16
CA LEU K 397 81.22 -68.29 20.87
C LEU K 397 81.31 -67.52 22.19
N ALA K 398 82.50 -67.03 22.56
CA ALA K 398 82.70 -66.19 23.74
C ALA K 398 82.24 -66.78 25.08
N GLU K 399 82.22 -68.11 25.26
CA GLU K 399 81.71 -68.73 26.49
C GLU K 399 82.74 -68.70 27.63
N ARG K 400 84.04 -68.74 27.30
CA ARG K 400 85.15 -68.74 28.28
C ARG K 400 86.30 -67.84 27.85
N ASN K 401 86.01 -66.84 27.03
CA ASN K 401 86.97 -65.82 26.61
C ASN K 401 87.34 -64.89 27.77
N LYS K 402 88.59 -64.45 27.82
CA LYS K 402 89.14 -63.66 28.93
C LYS K 402 90.38 -62.90 28.48
N CYS K 403 90.73 -61.79 29.12
CA CYS K 403 91.82 -60.91 28.71
C CYS K 403 92.32 -60.06 29.87
N TYR K 404 93.64 -59.95 30.08
CA TYR K 404 94.25 -59.15 31.15
C TYR K 404 95.75 -58.88 30.91
N PHE K 405 96.31 -57.93 31.65
CA PHE K 405 97.74 -57.62 31.62
C PHE K 405 98.47 -58.19 32.84
N VAL K 406 99.65 -58.77 32.62
CA VAL K 406 100.57 -59.25 33.67
C VAL K 406 101.89 -58.48 33.59
N ARG K 407 102.62 -58.38 34.70
CA ARG K 407 103.88 -57.64 34.79
C ARG K 407 105.01 -58.41 34.08
N SER K 408 105.67 -57.82 33.08
CA SER K 408 106.72 -58.50 32.30
C SER K 408 108.06 -58.49 33.04
N LYS K 409 108.57 -57.32 33.46
CA LYS K 409 109.79 -57.20 34.28
C LYS K 409 109.50 -57.39 35.78
N ILE K 410 109.12 -58.60 36.19
CA ILE K 410 109.17 -59.01 37.61
C ILE K 410 109.58 -60.48 37.73
N ASN K 411 110.10 -60.83 38.90
CA ASN K 411 110.51 -62.19 39.23
C ASN K 411 109.32 -63.04 39.74
N ALA K 412 108.29 -63.23 38.91
CA ALA K 412 107.11 -64.02 39.26
C ALA K 412 106.77 -65.05 38.18
N HIS K 413 106.50 -66.28 38.60
CA HIS K 413 106.22 -67.42 37.71
C HIS K 413 104.77 -67.40 37.22
N GLY K 414 104.55 -67.98 36.04
CA GLY K 414 103.22 -68.30 35.53
C GLY K 414 102.44 -67.12 34.97
N TRP K 415 101.27 -67.44 34.41
CA TRP K 415 100.46 -66.54 33.58
C TRP K 415 99.07 -66.25 34.15
N ASP K 416 98.77 -66.73 35.35
CA ASP K 416 97.41 -66.58 35.94
C ASP K 416 97.02 -65.09 36.00
N PRO K 417 95.72 -64.73 35.93
CA PRO K 417 95.31 -63.34 36.07
C PRO K 417 95.83 -62.87 37.43
N GLU K 418 96.52 -61.72 37.47
CA GLU K 418 97.13 -61.23 38.72
C GLU K 418 96.91 -59.71 38.85
N GLN K 419 97.33 -59.13 39.97
CA GLN K 419 97.18 -57.67 40.21
C GLN K 419 95.69 -57.31 40.15
N HIS K 420 95.27 -56.38 39.28
CA HIS K 420 93.86 -55.92 39.21
C HIS K 420 92.95 -57.02 38.68
N GLN K 421 92.03 -57.51 39.51
CA GLN K 421 91.04 -58.55 39.10
C GLN K 421 89.80 -57.83 38.58
N GLU K 422 89.65 -56.53 38.87
CA GLU K 422 88.55 -55.75 38.30
C GLU K 422 88.82 -55.30 36.85
N LEU K 423 90.10 -55.33 36.42
CA LEU K 423 90.49 -55.00 35.06
C LEU K 423 90.40 -56.19 34.10
N ILE K 424 90.18 -57.41 34.59
CA ILE K 424 89.96 -58.59 33.74
C ILE K 424 88.72 -58.34 32.88
N ASN K 425 88.86 -58.54 31.55
CA ASN K 425 87.75 -58.38 30.56
C ASN K 425 87.34 -59.78 30.08
N SER K 426 86.07 -60.17 30.18
CA SER K 426 85.60 -61.55 29.95
C SER K 426 84.34 -61.61 29.09
N ASP K 427 84.09 -62.78 28.49
CA ASP K 427 82.81 -63.17 27.90
C ASP K 427 82.32 -62.32 26.70
N LEU K 428 83.24 -61.87 25.85
CA LEU K 428 82.94 -61.30 24.53
C LEU K 428 83.83 -61.99 23.49
N PRO K 429 83.44 -62.04 22.20
CA PRO K 429 84.30 -62.64 21.18
C PRO K 429 85.60 -61.84 21.06
N GLN K 430 86.75 -62.50 20.87
CA GLN K 430 88.11 -61.88 20.91
C GLN K 430 88.27 -60.58 20.09
N TRP K 431 87.61 -60.44 18.95
CA TRP K 431 87.63 -59.22 18.16
C TRP K 431 86.89 -58.05 18.82
N LEU K 432 85.90 -58.32 19.67
CA LEU K 432 85.23 -57.33 20.50
C LEU K 432 85.92 -57.16 21.86
N LEU K 433 86.40 -58.25 22.45
CA LEU K 433 87.05 -58.25 23.76
C LEU K 433 88.35 -57.43 23.77
N LEU K 434 89.16 -57.52 22.70
CA LEU K 434 90.43 -56.81 22.61
C LEU K 434 90.27 -55.35 22.17
N PHE K 435 89.18 -54.98 21.50
CA PHE K 435 89.06 -53.66 20.87
C PHE K 435 89.10 -52.54 21.91
N GLY K 436 90.11 -51.66 21.83
CA GLY K 436 90.27 -50.56 22.77
C GLY K 436 90.62 -50.94 24.21
N TYR K 437 90.77 -52.23 24.53
CA TYR K 437 91.06 -52.67 25.89
C TYR K 437 92.44 -52.17 26.40
N PRO K 438 93.54 -52.25 25.63
CA PRO K 438 94.80 -51.65 26.03
C PRO K 438 94.71 -50.14 26.32
N ASP K 439 93.94 -49.39 25.54
CA ASP K 439 93.76 -47.96 25.76
C ASP K 439 92.91 -47.66 26.99
N TYR K 440 91.87 -48.45 27.27
CA TYR K 440 91.16 -48.35 28.53
C TYR K 440 92.11 -48.56 29.71
N ILE K 441 92.99 -49.54 29.63
CA ILE K 441 93.97 -49.83 30.68
C ILE K 441 94.97 -48.69 30.83
N LYS K 442 95.53 -48.17 29.73
CA LYS K 442 96.42 -47.00 29.77
C LYS K 442 95.73 -45.77 30.38
N ARG K 443 94.51 -45.46 29.95
CA ARG K 443 93.76 -44.27 30.46
C ARG K 443 93.39 -44.49 31.94
N THR K 444 93.16 -45.73 32.36
CA THR K 444 92.89 -46.06 33.78
C THR K 444 94.10 -45.79 34.67
N GLN K 445 95.33 -45.92 34.15
CA GLN K 445 96.57 -45.55 34.90
C GLN K 445 96.79 -46.39 36.17
N ASN K 446 96.15 -47.56 36.29
CA ASN K 446 96.35 -48.48 37.42
C ASN K 446 97.61 -49.36 37.26
N PHE K 447 98.32 -49.26 36.14
CA PHE K 447 99.58 -49.96 35.86
C PHE K 447 100.69 -48.96 35.52
N ALA K 448 101.94 -49.33 35.79
CA ALA K 448 103.09 -48.54 35.35
C ALA K 448 103.09 -48.41 33.82
N LEU K 449 103.15 -47.17 33.33
CA LEU K 449 102.58 -46.81 32.03
C LEU K 449 103.29 -47.44 30.82
N VAL K 450 104.56 -47.82 30.96
CA VAL K 450 105.41 -48.15 29.80
C VAL K 450 105.10 -49.54 29.22
N ASP K 451 104.98 -49.62 27.88
CA ASP K 451 104.62 -50.89 27.18
C ASP K 451 105.60 -52.02 27.48
N THR K 452 106.84 -51.70 27.82
CA THR K 452 107.88 -52.71 28.06
C THR K 452 107.71 -53.47 29.37
N ASN K 453 106.88 -52.98 30.29
CA ASN K 453 106.81 -53.51 31.65
C ASN K 453 105.59 -54.42 31.87
N TYR K 454 104.76 -54.63 30.85
CA TYR K 454 103.58 -55.51 30.90
C TYR K 454 103.48 -56.39 29.66
N ILE K 455 102.76 -57.49 29.78
CA ILE K 455 102.34 -58.37 28.69
C ILE K 455 100.82 -58.49 28.76
N LEU K 456 100.17 -58.50 27.61
CA LEU K 456 98.78 -58.87 27.42
C LEU K 456 98.67 -60.39 27.23
N VAL K 457 97.76 -60.99 27.98
CA VAL K 457 97.49 -62.43 28.05
C VAL K 457 95.99 -62.65 27.85
N ASP K 458 95.59 -63.60 27.01
CA ASP K 458 94.16 -63.88 26.79
C ASP K 458 93.87 -65.38 26.68
N HIS K 459 92.68 -65.77 27.13
CA HIS K 459 92.16 -67.14 27.01
C HIS K 459 91.09 -67.18 25.93
N CYS K 460 91.15 -68.18 25.05
CA CYS K 460 90.16 -68.38 23.99
C CYS K 460 90.09 -69.87 23.63
N PRO K 461 88.99 -70.58 23.96
CA PRO K 461 88.77 -71.96 23.55
C PRO K 461 88.77 -72.22 22.05
N TYR K 462 88.61 -71.20 21.22
CA TYR K 462 88.11 -71.32 19.85
C TYR K 462 89.19 -71.27 18.76
N THR K 463 90.46 -71.16 19.11
CA THR K 463 91.52 -71.48 18.13
C THR K 463 91.56 -72.99 17.86
N ASN K 464 91.94 -73.38 16.64
CA ASN K 464 91.90 -74.80 16.25
C ASN K 464 92.97 -75.65 16.96
N PRO K 465 94.26 -75.29 16.92
CA PRO K 465 95.20 -75.64 17.98
C PRO K 465 94.93 -74.75 19.20
N GLU K 466 95.47 -75.10 20.37
CA GLU K 466 95.27 -74.31 21.60
C GLU K 466 96.55 -74.19 22.42
N LYS K 467 96.59 -73.15 23.25
CA LYS K 467 97.47 -72.99 24.41
C LYS K 467 96.61 -72.38 25.53
N THR K 468 96.86 -72.75 26.80
CA THR K 468 95.92 -72.44 27.89
C THR K 468 95.67 -70.93 28.01
N PRO K 469 96.67 -70.07 28.28
CA PRO K 469 96.66 -68.70 27.81
C PRO K 469 97.37 -68.57 26.45
N PHE K 470 97.14 -67.42 25.83
CA PHE K 470 97.88 -67.04 24.60
C PHE K 470 98.73 -65.84 24.97
N ILE K 471 99.93 -65.69 24.43
CA ILE K 471 100.75 -64.47 24.64
C ILE K 471 100.94 -63.90 23.23
N PRO K 472 99.94 -63.26 22.60
CA PRO K 472 100.08 -62.86 21.20
C PRO K 472 101.39 -62.12 20.95
N LEU K 473 102.04 -62.37 19.83
CA LEU K 473 103.26 -61.66 19.40
C LEU K 473 103.11 -61.22 17.95
N SER K 474 103.54 -60.00 17.64
CA SER K 474 103.44 -59.48 16.28
C SER K 474 104.44 -60.14 15.35
N THR K 475 104.08 -60.26 14.08
CA THR K 475 104.94 -60.79 13.02
C THR K 475 106.29 -60.08 12.97
N SER K 476 106.34 -58.78 13.30
CA SER K 476 107.61 -58.04 13.42
C SER K 476 108.55 -58.61 14.49
N PHE K 477 108.06 -58.96 15.68
CA PHE K 477 108.88 -59.59 16.73
C PHE K 477 109.24 -61.04 16.41
N ILE K 478 108.34 -61.77 15.76
CA ILE K 478 108.58 -63.12 15.24
C ILE K 478 109.57 -63.13 14.06
N GLU K 479 109.79 -61.98 13.41
CA GLU K 479 110.74 -61.78 12.30
C GLU K 479 111.95 -60.91 12.67
N GLY K 480 112.14 -60.56 13.95
CA GLY K 480 113.32 -59.79 14.37
C GLY K 480 113.36 -58.36 13.84
N ARG K 481 112.29 -57.59 14.09
CA ARG K 481 112.17 -56.20 13.56
C ARG K 481 111.41 -55.31 14.56
N SER K 482 111.63 -53.99 14.51
CA SER K 482 110.98 -53.05 15.44
C SER K 482 109.45 -53.01 15.27
N PRO K 483 108.68 -52.65 16.33
CA PRO K 483 107.21 -52.83 16.38
C PRO K 483 106.42 -52.35 15.16
N TYR K 484 106.80 -51.22 14.55
CA TYR K 484 106.18 -50.65 13.35
C TYR K 484 107.23 -50.31 12.28
N SER K 485 108.20 -51.21 12.05
CA SER K 485 109.27 -51.01 11.06
C SER K 485 109.01 -51.81 9.77
N PRO K 486 109.29 -51.26 8.58
CA PRO K 486 108.98 -51.91 7.31
C PRO K 486 109.76 -53.21 7.11
N SER K 487 109.12 -54.19 6.48
CA SER K 487 109.60 -55.57 6.32
C SER K 487 110.94 -55.73 5.61
N ASP K 488 111.41 -54.70 4.88
CA ASP K 488 112.76 -54.74 4.23
C ASP K 488 113.85 -54.82 5.30
N THR K 489 113.55 -54.36 6.52
CA THR K 489 114.46 -54.39 7.66
C THR K 489 114.54 -55.80 8.27
N HIS K 490 115.74 -56.23 8.71
CA HIS K 490 115.95 -57.60 9.30
C HIS K 490 116.67 -57.48 10.65
N GLU K 491 116.58 -56.34 11.34
CA GLU K 491 117.12 -56.10 12.68
C GLU K 491 116.26 -55.05 13.41
N PRO K 492 116.14 -55.11 14.75
CA PRO K 492 115.63 -53.98 15.51
C PRO K 492 116.51 -52.73 15.36
N ASP K 493 115.92 -51.54 15.51
CA ASP K 493 116.64 -50.28 15.75
C ASP K 493 117.26 -50.28 17.16
N GLU K 494 118.32 -49.51 17.41
CA GLU K 494 119.15 -49.66 18.63
C GLU K 494 118.37 -49.72 19.96
N GLU K 495 117.34 -48.88 20.12
CA GLU K 495 116.51 -48.89 21.32
C GLU K 495 115.62 -50.14 21.46
N ASP K 496 115.27 -50.80 20.35
CA ASP K 496 114.64 -52.12 20.32
C ASP K 496 115.66 -53.26 20.22
N GLN K 497 116.93 -53.01 19.89
CA GLN K 497 118.00 -54.02 20.07
C GLN K 497 118.23 -54.27 21.56
N ASN K 498 118.19 -53.20 22.36
CA ASN K 498 117.92 -53.28 23.79
C ASN K 498 116.45 -53.66 24.06
N ARG K 499 116.24 -54.23 25.27
CA ARG K 499 114.89 -54.63 25.73
C ARG K 499 114.23 -55.57 24.71
N TRP K 500 114.99 -56.44 24.03
CA TRP K 500 114.45 -57.39 23.02
C TRP K 500 113.84 -58.62 23.71
N TYR K 501 112.71 -58.44 24.37
CA TYR K 501 112.02 -59.50 25.13
C TYR K 501 110.49 -59.31 25.08
N PRO K 502 109.68 -60.36 25.31
CA PRO K 502 108.23 -60.26 25.30
C PRO K 502 107.65 -59.14 26.18
N CYS K 503 106.95 -58.21 25.55
CA CYS K 503 106.20 -57.14 26.22
C CYS K 503 105.16 -56.56 25.26
N TYR K 504 104.19 -55.82 25.80
CA TYR K 504 103.04 -55.28 25.06
C TYR K 504 103.43 -54.47 23.82
N GLN K 505 104.59 -53.80 23.83
CA GLN K 505 105.06 -53.02 22.65
C GLN K 505 105.21 -53.93 21.41
N TYR K 506 105.61 -55.19 21.58
CA TYR K 506 105.72 -56.14 20.49
C TYR K 506 104.42 -56.90 20.20
N GLN K 507 103.41 -56.81 21.05
CA GLN K 507 102.11 -57.48 20.86
C GLN K 507 101.11 -56.66 20.04
N GLN K 508 101.31 -55.35 19.91
CA GLN K 508 100.31 -54.40 19.41
C GLN K 508 99.72 -54.78 18.04
N GLU K 509 100.55 -55.11 17.06
CA GLU K 509 100.05 -55.44 15.72
C GLU K 509 99.27 -56.75 15.71
N SER K 510 99.60 -57.72 16.56
CA SER K 510 98.84 -58.98 16.65
C SER K 510 97.42 -58.78 17.19
N ILE K 511 97.23 -57.98 18.24
CA ILE K 511 95.88 -57.73 18.74
C ILE K 511 95.08 -56.79 17.83
N ASN K 512 95.75 -55.89 17.12
CA ASN K 512 95.08 -55.14 16.06
C ASN K 512 94.61 -56.09 14.96
N SER K 513 95.42 -57.07 14.56
CA SER K 513 95.07 -58.07 13.55
C SER K 513 93.87 -58.94 13.98
N ILE K 514 93.78 -59.31 15.26
CA ILE K 514 92.61 -59.98 15.82
C ILE K 514 91.38 -59.07 15.77
N CYS K 515 91.49 -57.79 16.12
CA CYS K 515 90.38 -56.84 15.99
C CYS K 515 89.93 -56.63 14.54
N LEU K 516 90.85 -56.58 13.59
CA LEU K 516 90.57 -56.52 12.16
C LEU K 516 89.83 -57.75 11.65
N SER K 517 89.89 -58.89 12.33
CA SER K 517 89.05 -60.04 11.98
C SER K 517 87.56 -59.78 12.26
N GLY K 518 87.23 -58.83 13.15
CA GLY K 518 85.85 -58.49 13.49
C GLY K 518 85.14 -57.65 12.41
N PRO K 519 83.81 -57.66 12.41
CA PRO K 519 83.01 -56.95 11.40
C PRO K 519 83.10 -55.42 11.52
N GLY K 520 82.81 -54.75 10.42
CA GLY K 520 82.79 -53.30 10.27
C GLY K 520 84.17 -52.63 10.15
N THR K 521 85.26 -53.34 10.44
CA THR K 521 86.61 -52.77 10.40
C THR K 521 87.04 -52.43 8.97
N PRO K 522 87.52 -51.21 8.70
CA PRO K 522 87.77 -50.74 7.34
C PRO K 522 88.99 -51.37 6.65
N LYS K 523 89.01 -51.33 5.32
CA LYS K 523 90.15 -51.65 4.46
C LYS K 523 90.84 -50.34 4.05
N ILE K 524 92.10 -50.15 4.45
CA ILE K 524 92.88 -48.95 4.09
C ILE K 524 94.17 -49.42 3.38
N PRO K 525 94.42 -49.02 2.13
CA PRO K 525 95.66 -49.39 1.44
C PRO K 525 96.92 -48.95 2.20
N LYS K 526 97.97 -49.77 2.18
CA LYS K 526 99.24 -49.44 2.85
C LYS K 526 99.83 -48.15 2.28
N GLY K 527 100.29 -47.27 3.18
CA GLY K 527 100.78 -45.93 2.83
C GLY K 527 99.70 -44.85 2.71
N ILE K 528 98.41 -45.18 2.86
CA ILE K 528 97.32 -44.19 2.92
C ILE K 528 96.89 -44.02 4.37
N THR K 529 96.70 -42.76 4.79
CA THR K 529 96.11 -42.42 6.09
C THR K 529 94.70 -41.90 5.86
N ALA K 530 93.72 -42.55 6.45
CA ALA K 530 92.35 -42.06 6.45
C ALA K 530 92.16 -41.05 7.59
N GLU K 531 91.31 -40.05 7.40
CA GLU K 531 91.13 -38.95 8.33
C GLU K 531 89.64 -38.59 8.41
N ALA K 532 89.20 -38.02 9.53
CA ALA K 532 87.88 -37.43 9.64
C ALA K 532 87.95 -36.13 10.45
N LYS K 533 87.07 -35.18 10.15
CA LYS K 533 87.00 -33.89 10.82
C LYS K 533 85.57 -33.43 11.06
N VAL K 534 85.39 -32.65 12.11
CA VAL K 534 84.16 -31.92 12.40
C VAL K 534 84.49 -30.42 12.44
N LYS K 535 83.58 -29.57 11.99
CA LYS K 535 83.63 -28.14 12.28
C LYS K 535 82.67 -27.84 13.41
N TYR K 536 83.16 -27.19 14.45
CA TYR K 536 82.38 -26.85 15.64
C TYR K 536 82.12 -25.35 15.72
N SER K 537 81.05 -24.99 16.39
CA SER K 537 80.75 -23.63 16.81
C SER K 537 80.11 -23.66 18.19
N PHE K 538 80.87 -23.37 19.23
CA PHE K 538 80.35 -23.24 20.60
C PHE K 538 79.84 -21.83 20.84
N ASN K 539 78.64 -21.68 21.38
CA ASN K 539 78.01 -20.39 21.59
C ASN K 539 78.14 -19.98 23.05
N PHE K 540 78.77 -18.84 23.28
CA PHE K 540 78.96 -18.24 24.59
C PHE K 540 78.49 -16.79 24.58
N LYS K 541 78.21 -16.25 25.75
CA LYS K 541 78.19 -14.81 26.00
C LYS K 541 79.21 -14.52 27.09
N TRP K 542 79.88 -13.38 27.00
CA TRP K 542 80.76 -12.85 28.03
C TRP K 542 80.08 -11.69 28.73
N GLY K 543 80.14 -11.63 30.06
CA GLY K 543 79.43 -10.64 30.85
C GLY K 543 80.37 -9.89 31.79
N GLY K 544 80.08 -8.61 32.01
CA GLY K 544 80.86 -7.81 32.96
C GLY K 544 80.40 -6.36 33.05
N ASP K 545 81.03 -5.61 33.93
CA ASP K 545 81.03 -4.15 33.89
C ASP K 545 81.84 -3.63 32.69
N LEU K 546 81.56 -2.40 32.25
CA LEU K 546 82.16 -1.83 31.04
C LEU K 546 83.70 -1.76 31.15
N PRO K 547 84.45 -2.25 30.16
CA PRO K 547 85.92 -2.24 30.17
C PRO K 547 86.52 -0.89 29.71
N PRO K 548 87.81 -0.66 29.98
CA PRO K 548 88.57 0.46 29.43
C PRO K 548 88.97 0.25 27.94
N MET K 549 89.46 1.29 27.28
CA MET K 549 89.84 1.30 25.86
C MET K 549 90.93 2.35 25.55
N SER K 550 91.63 2.24 24.41
CA SER K 550 92.69 3.19 23.99
C SER K 550 92.62 3.55 22.50
N THR K 551 93.32 4.62 22.10
CA THR K 551 93.19 5.28 20.79
C THR K 551 94.54 5.62 20.16
N ILE K 552 94.54 5.88 18.84
CA ILE K 552 95.72 6.08 17.99
C ILE K 552 95.72 7.51 17.42
N THR K 553 96.89 8.14 17.25
CA THR K 553 96.99 9.48 16.66
C THR K 553 96.40 9.54 15.26
N ASN K 554 95.73 10.62 14.88
CA ASN K 554 95.23 10.79 13.51
C ASN K 554 96.33 10.98 12.46
N PRO K 555 97.38 11.81 12.65
CA PRO K 555 98.36 12.07 11.61
C PRO K 555 99.17 10.83 11.23
N THR K 556 99.62 10.03 12.21
CA THR K 556 100.35 8.77 11.93
C THR K 556 99.35 7.63 11.95
N ASP K 557 98.58 7.47 10.86
CA ASP K 557 97.52 6.42 10.78
C ASP K 557 97.44 5.91 9.35
N GLN K 558 96.58 4.91 9.08
CA GLN K 558 96.42 4.35 7.72
C GLN K 558 96.40 5.51 6.71
N PRO K 559 97.42 5.66 5.82
CA PRO K 559 97.46 6.79 4.91
C PRO K 559 96.63 6.56 3.65
N THR K 560 95.98 7.61 3.15
CA THR K 560 95.22 7.49 1.90
C THR K 560 96.15 7.20 0.73
N TYR K 561 95.67 6.53 -0.33
CA TYR K 561 96.49 6.19 -1.51
C TYR K 561 97.22 7.41 -2.11
N VAL K 562 96.60 8.61 -2.00
CA VAL K 562 97.18 9.88 -2.42
C VAL K 562 98.51 10.17 -1.72
N LYS L 48 39.45 4.96 62.71
CA LYS L 48 39.65 6.34 63.22
C LYS L 48 38.89 6.58 64.52
N ARG L 49 37.56 6.61 64.51
CA ARG L 49 36.70 6.68 65.70
C ARG L 49 35.50 5.76 65.57
N LEU L 50 35.09 5.16 66.68
CA LEU L 50 34.01 4.17 66.74
C LEU L 50 32.92 4.62 67.71
N ASN L 51 31.67 4.25 67.43
CA ASN L 51 30.59 4.35 68.41
C ASN L 51 30.86 3.43 69.59
N ILE L 52 30.64 3.91 70.82
CA ILE L 52 30.62 3.05 72.00
C ILE L 52 29.32 2.24 71.98
N VAL L 53 29.42 0.95 72.23
CA VAL L 53 28.33 -0.02 72.16
C VAL L 53 28.24 -0.77 73.49
N GLU L 54 27.03 -1.08 73.91
CA GLU L 54 26.76 -1.89 75.11
C GLU L 54 25.97 -3.14 74.72
N TRP L 55 26.20 -4.25 75.41
CA TRP L 55 25.44 -5.48 75.20
C TRP L 55 24.27 -5.53 76.18
N GLN L 56 23.07 -5.66 75.60
CA GLN L 56 21.81 -5.60 76.36
C GLN L 56 21.73 -6.75 77.35
N PRO L 57 21.21 -6.52 78.57
CA PRO L 57 21.12 -7.54 79.60
C PRO L 57 20.08 -8.62 79.28
N LYS L 58 20.20 -9.79 79.91
CA LYS L 58 19.48 -11.01 79.56
C LYS L 58 17.95 -10.89 79.68
N SER L 59 17.46 -10.22 80.71
CA SER L 59 16.04 -9.91 80.89
C SER L 59 15.81 -8.44 81.23
N ILE L 60 14.78 -7.84 80.64
CA ILE L 60 14.46 -6.41 80.74
C ILE L 60 12.98 -6.24 81.06
N ARG L 61 12.64 -5.31 81.97
CA ARG L 61 11.23 -5.03 82.37
C ARG L 61 10.93 -3.52 82.50
N LYS L 62 10.18 -2.94 81.57
CA LYS L 62 9.77 -1.51 81.63
C LYS L 62 8.97 -1.23 82.90
N CYS L 63 9.23 -0.11 83.55
CA CYS L 63 8.49 0.35 84.72
C CYS L 63 8.29 1.87 84.64
N ARG L 64 7.00 2.29 84.67
CA ARG L 64 6.64 3.73 84.75
C ARG L 64 6.27 4.07 86.20
N ILE L 65 7.14 4.78 86.91
CA ILE L 65 6.84 5.22 88.28
C ILE L 65 5.89 6.40 88.17
N LYS L 66 4.59 6.17 88.43
CA LYS L 66 3.51 7.13 88.23
C LYS L 66 2.99 7.64 89.56
N GLY L 67 2.77 8.94 89.70
CA GLY L 67 2.26 9.50 90.95
C GLY L 67 1.94 10.97 90.87
N MET L 68 1.63 11.56 92.02
CA MET L 68 1.20 12.96 92.16
C MET L 68 2.14 13.68 93.13
N LEU L 69 2.62 14.87 92.78
CA LEU L 69 3.52 15.69 93.59
C LEU L 69 2.89 17.05 93.90
N CYS L 70 2.85 17.44 95.17
CA CYS L 70 2.44 18.77 95.58
C CYS L 70 3.54 19.80 95.30
N LEU L 71 3.27 20.83 94.50
CA LEU L 71 4.25 21.86 94.14
C LEU L 71 4.35 22.93 95.23
N PHE L 72 3.23 23.37 95.77
CA PHE L 72 3.17 24.21 96.95
C PHE L 72 1.80 24.04 97.60
N GLN L 73 1.69 24.39 98.87
CA GLN L 73 0.42 24.69 99.50
C GLN L 73 0.62 25.85 100.45
N THR L 74 -0.10 26.95 100.24
CA THR L 74 0.24 28.26 100.77
C THR L 74 -0.98 29.03 101.26
N THR L 75 -0.80 29.79 102.33
CA THR L 75 -1.64 30.93 102.71
C THR L 75 -0.94 32.23 102.28
N GLU L 76 -1.60 33.38 102.40
CA GLU L 76 -1.01 34.68 102.05
C GLU L 76 0.22 35.04 102.89
N ASP L 77 0.22 34.68 104.17
CA ASP L 77 1.31 34.96 105.13
C ASP L 77 2.52 34.03 104.99
N ARG L 78 2.48 33.09 104.05
CA ARG L 78 3.60 32.19 103.71
C ARG L 78 4.06 32.26 102.26
N LEU L 79 3.57 33.21 101.47
CA LEU L 79 3.87 33.27 100.03
C LEU L 79 5.35 33.43 99.70
N SER L 80 6.11 34.19 100.50
CA SER L 80 7.53 34.43 100.26
C SER L 80 8.47 33.33 100.74
N TYR L 81 7.94 32.21 101.26
CA TYR L 81 8.73 31.11 101.84
C TYR L 81 8.67 29.84 101.02
N ASN L 82 9.73 29.03 101.08
CA ASN L 82 9.84 27.76 100.41
C ASN L 82 8.97 26.68 101.09
N PHE L 83 8.09 26.04 100.33
CA PHE L 83 7.31 24.88 100.76
C PHE L 83 8.15 23.61 100.77
N ASP L 84 8.37 23.05 101.97
CA ASP L 84 8.79 21.67 102.16
C ASP L 84 7.61 20.88 102.71
N MET L 85 7.29 19.75 102.08
CA MET L 85 6.20 18.88 102.54
C MET L 85 6.58 18.09 103.80
N TYR L 86 7.88 17.84 103.98
CA TYR L 86 8.46 17.17 105.14
C TYR L 86 9.23 18.22 105.94
N GLU L 87 8.68 18.56 107.10
CA GLU L 87 8.82 19.87 107.74
C GLU L 87 9.97 20.03 108.74
N GLU L 88 10.33 21.29 109.01
CA GLU L 88 10.90 21.67 110.31
C GLU L 88 9.71 21.69 111.27
N SER L 89 9.71 20.81 112.28
CA SER L 89 8.49 20.34 112.99
C SER L 89 7.57 21.40 113.60
N ILE L 90 8.05 22.64 113.79
CA ILE L 90 7.24 23.78 114.22
C ILE L 90 6.38 24.38 113.10
N ILE L 91 6.83 24.35 111.83
CA ILE L 91 6.16 25.03 110.72
C ILE L 91 4.69 24.60 110.56
N PRO L 92 4.33 23.29 110.49
CA PRO L 92 2.93 22.92 110.31
C PRO L 92 2.06 23.14 111.56
N GLU L 93 2.63 23.43 112.73
CA GLU L 93 1.83 23.72 113.93
C GLU L 93 1.08 25.04 113.77
N LYS L 94 -0.24 24.95 113.58
CA LYS L 94 -1.13 26.09 113.33
C LYS L 94 -0.82 26.88 112.04
N LEU L 95 -0.18 26.25 111.04
CA LEU L 95 -0.19 26.74 109.64
C LEU L 95 -0.71 25.67 108.68
N PRO L 96 -1.78 25.93 107.90
CA PRO L 96 -2.31 24.96 106.95
C PRO L 96 -1.52 24.87 105.64
N GLY L 97 -0.66 25.84 105.32
CA GLY L 97 0.26 25.81 104.18
C GLY L 97 1.58 26.49 104.50
N GLY L 98 2.70 25.83 104.18
CA GLY L 98 4.02 26.23 104.65
C GLY L 98 4.78 27.20 103.75
N GLY L 99 4.42 27.34 102.47
CA GLY L 99 5.20 28.16 101.54
C GLY L 99 4.57 28.32 100.17
N GLY L 100 4.82 29.44 99.50
CA GLY L 100 4.23 29.79 98.21
C GLY L 100 5.11 29.53 97.00
N PHE L 101 6.33 29.05 97.20
CA PHE L 101 7.19 28.56 96.14
C PHE L 101 7.88 27.29 96.59
N SER L 102 8.37 26.46 95.69
CA SER L 102 9.26 25.38 96.07
C SER L 102 10.33 25.13 95.02
N ILE L 103 11.45 24.55 95.47
CA ILE L 103 12.39 23.85 94.62
C ILE L 103 12.36 22.38 95.00
N LYS L 104 11.98 21.51 94.06
CA LYS L 104 11.92 20.05 94.21
C LYS L 104 13.08 19.44 93.45
N ASN L 105 13.86 18.55 94.07
CA ASN L 105 14.76 17.65 93.37
C ASN L 105 14.19 16.24 93.42
N ILE L 106 14.08 15.56 92.28
CA ILE L 106 13.57 14.21 92.18
C ILE L 106 14.71 13.25 91.85
N SER L 107 14.84 12.18 92.62
CA SER L 107 15.77 11.08 92.40
C SER L 107 15.04 9.76 92.58
N LEU L 108 15.59 8.67 92.05
CA LEU L 108 14.99 7.34 92.20
C LEU L 108 14.82 6.93 93.67
N TYR L 109 15.70 7.37 94.56
CA TYR L 109 15.50 7.17 95.99
C TYR L 109 14.37 8.03 96.57
N ALA L 110 14.21 9.28 96.15
CA ALA L 110 13.06 10.09 96.52
C ALA L 110 11.75 9.51 95.97
N LEU L 111 11.73 8.93 94.76
CA LEU L 111 10.59 8.20 94.24
C LEU L 111 10.25 6.96 95.07
N TYR L 112 11.25 6.20 95.54
CA TYR L 112 11.04 5.13 96.50
C TYR L 112 10.49 5.63 97.83
N GLN L 113 10.99 6.76 98.37
CA GLN L 113 10.42 7.35 99.59
C GLN L 113 8.97 7.79 99.40
N GLU L 114 8.60 8.36 98.26
CA GLU L 114 7.20 8.66 97.94
C GLU L 114 6.34 7.39 97.83
N HIS L 115 6.92 6.25 97.48
CA HIS L 115 6.19 4.95 97.46
C HIS L 115 5.90 4.48 98.89
N ILE L 116 6.78 4.79 99.86
CA ILE L 116 6.54 4.49 101.27
C ILE L 116 5.40 5.34 101.85
N HIS L 117 5.21 6.57 101.36
CA HIS L 117 4.05 7.41 101.64
C HIS L 117 2.80 7.04 100.84
N ALA L 118 2.86 6.01 99.99
CA ALA L 118 1.81 5.61 99.05
C ALA L 118 1.42 6.69 98.04
N HIS L 119 2.31 7.64 97.75
CA HIS L 119 2.07 8.74 96.80
C HIS L 119 2.28 8.35 95.33
N ASN L 120 2.87 7.18 95.06
CA ASN L 120 3.08 6.68 93.71
C ASN L 120 2.93 5.16 93.63
N ILE L 121 2.81 4.68 92.39
CA ILE L 121 2.89 3.26 92.04
C ILE L 121 4.15 3.02 91.20
N PHE L 122 4.74 1.85 91.32
CA PHE L 122 5.72 1.34 90.38
C PHE L 122 5.01 0.31 89.50
N THR L 123 4.97 0.54 88.19
CA THR L 123 4.25 -0.35 87.26
C THR L 123 4.85 -1.76 87.19
N HIS L 124 6.13 -1.89 87.55
CA HIS L 124 6.80 -3.19 87.66
C HIS L 124 7.78 -3.09 88.84
N THR L 125 7.85 -4.09 89.70
CA THR L 125 8.84 -4.16 90.76
C THR L 125 10.26 -4.30 90.23
N ASN L 126 11.23 -3.94 91.06
CA ASN L 126 12.66 -3.95 90.76
C ASN L 126 13.46 -4.93 91.64
N THR L 127 12.80 -5.85 92.35
CA THR L 127 13.41 -6.58 93.48
C THR L 127 14.60 -7.44 93.09
N ASP L 128 14.58 -8.04 91.90
CA ASP L 128 15.58 -9.02 91.46
C ASP L 128 16.26 -8.66 90.13
N ARG L 129 16.14 -7.38 89.73
CA ARG L 129 16.81 -6.83 88.52
C ARG L 129 17.58 -5.61 89.02
N PRO L 130 18.92 -5.67 89.22
CA PRO L 130 19.67 -4.60 89.89
C PRO L 130 20.10 -3.46 88.96
N LEU L 131 20.05 -3.64 87.64
CA LEU L 131 20.36 -2.60 86.68
C LEU L 131 19.15 -1.71 86.42
N ALA L 132 19.38 -0.45 86.09
CA ALA L 132 18.38 0.52 85.69
C ALA L 132 18.81 1.28 84.44
N ARG L 133 17.83 1.63 83.59
CA ARG L 133 18.06 2.43 82.36
C ARG L 133 16.98 3.52 82.30
N TYR L 134 17.24 4.70 82.85
CA TYR L 134 16.31 5.84 82.88
C TYR L 134 16.16 6.46 81.49
N THR L 135 14.92 6.68 81.04
CA THR L 135 14.60 7.11 79.67
C THR L 135 14.01 8.52 79.61
N GLY L 136 13.67 9.12 80.75
CA GLY L 136 13.07 10.45 80.81
C GLY L 136 11.75 10.46 81.58
N CYS L 137 11.11 11.62 81.62
CA CYS L 137 9.94 11.89 82.43
C CYS L 137 8.82 12.52 81.60
N SER L 138 7.56 12.24 81.93
CA SER L 138 6.41 13.04 81.52
C SER L 138 5.83 13.74 82.74
N LEU L 139 5.58 15.04 82.65
CA LEU L 139 4.85 15.80 83.66
C LEU L 139 3.52 16.30 83.08
N LYS L 140 2.44 16.21 83.85
CA LYS L 140 1.16 16.90 83.62
C LYS L 140 0.92 17.88 84.75
N PHE L 141 0.97 19.17 84.45
CA PHE L 141 0.73 20.24 85.41
C PHE L 141 -0.74 20.61 85.36
N TYR L 142 -1.46 20.54 86.47
CA TYR L 142 -2.89 20.82 86.50
C TYR L 142 -3.17 22.28 86.84
N GLN L 143 -4.17 22.86 86.18
CA GLN L 143 -4.74 24.12 86.63
C GLN L 143 -5.31 23.98 88.04
N SER L 144 -4.86 24.81 88.97
CA SER L 144 -5.53 24.93 90.26
C SER L 144 -6.87 25.64 90.11
N LYS L 145 -7.77 25.48 91.08
CA LYS L 145 -9.04 26.19 91.07
C LYS L 145 -8.86 27.70 91.23
N ASP L 146 -8.12 28.13 92.26
CA ASP L 146 -8.09 29.51 92.74
C ASP L 146 -6.79 30.29 92.47
N ILE L 147 -5.69 29.62 92.13
CA ILE L 147 -4.36 30.32 92.02
C ILE L 147 -3.64 29.95 90.71
N ASP L 148 -2.96 30.91 90.11
CA ASP L 148 -2.14 30.67 88.89
C ASP L 148 -0.77 30.24 89.41
N TYR L 149 0.15 29.80 88.55
CA TYR L 149 1.52 29.51 89.03
C TYR L 149 2.50 29.31 87.89
N VAL L 150 3.73 29.78 88.06
CA VAL L 150 4.81 29.63 87.08
C VAL L 150 5.63 28.42 87.47
N VAL L 151 5.99 27.59 86.51
CA VAL L 151 6.95 26.51 86.68
C VAL L 151 8.15 26.74 85.77
N THR L 152 9.35 26.41 86.23
CA THR L 152 10.46 26.12 85.33
C THR L 152 11.24 24.94 85.89
N TYR L 153 11.87 24.15 85.03
CA TYR L 153 12.55 22.93 85.43
C TYR L 153 13.93 22.86 84.78
N SER L 154 14.82 22.09 85.37
CA SER L 154 16.17 21.89 84.88
C SER L 154 16.59 20.45 85.05
N THR L 155 17.58 20.00 84.27
CA THR L 155 18.14 18.63 84.40
C THR L 155 19.66 18.69 84.33
N SER L 156 20.28 19.84 84.59
CA SER L 156 21.76 19.88 84.68
C SER L 156 22.15 18.95 85.83
N LEU L 157 22.79 17.81 85.55
CA LEU L 157 23.11 16.81 86.59
C LEU L 157 23.73 17.52 87.81
N PRO L 158 24.69 18.47 87.66
CA PRO L 158 25.20 19.20 88.81
C PRO L 158 24.05 19.89 89.53
N LEU L 159 23.80 19.52 90.79
CA LEU L 159 22.69 20.10 91.59
C LEU L 159 23.27 21.04 92.65
N ARG L 160 22.81 22.29 92.71
CA ARG L 160 23.27 23.28 93.72
C ARG L 160 22.22 24.38 93.87
N SER L 161 22.27 25.13 94.98
CA SER L 161 21.34 26.25 95.23
C SER L 161 22.12 27.57 95.13
N SER L 162 21.44 28.68 94.81
CA SER L 162 22.12 30.00 94.66
C SER L 162 21.22 31.11 95.22
N MET L 163 21.81 32.22 95.66
CA MET L 163 21.06 33.38 96.14
C MET L 163 20.23 34.01 95.02
N GLY L 164 20.78 34.09 93.81
CA GLY L 164 20.08 34.55 92.62
C GLY L 164 18.93 33.63 92.21
N MET L 165 19.06 32.32 92.36
CA MET L 165 17.95 31.38 92.16
C MET L 165 16.79 31.70 93.10
N TYR L 166 17.03 31.81 94.41
CA TYR L 166 15.97 32.07 95.38
C TYR L 166 15.31 33.43 95.19
N ASN L 167 16.05 34.48 94.86
CA ASN L 167 15.45 35.77 94.50
C ASN L 167 14.63 35.65 93.21
N SER L 168 15.14 34.95 92.19
CA SER L 168 14.44 34.78 90.92
C SER L 168 13.15 33.95 91.04
N MET L 169 12.89 33.29 92.16
CA MET L 169 11.60 32.67 92.46
C MET L 169 10.48 33.69 92.68
N GLN L 170 10.79 34.98 92.86
CA GLN L 170 9.78 36.01 93.02
C GLN L 170 8.85 35.97 91.81
N PRO L 171 7.51 35.99 91.98
CA PRO L 171 6.59 35.64 90.90
C PRO L 171 6.74 36.46 89.62
N SER L 172 6.98 37.77 89.73
CA SER L 172 7.20 38.64 88.57
C SER L 172 8.52 38.31 87.85
N ILE L 173 9.59 38.03 88.60
CA ILE L 173 10.89 37.67 88.04
C ILE L 173 10.87 36.29 87.39
N HIS L 174 10.27 35.30 88.05
CA HIS L 174 10.10 33.97 87.50
C HIS L 174 9.25 34.02 86.23
N LEU L 175 8.15 34.78 86.23
CA LEU L 175 7.32 34.97 85.04
C LEU L 175 8.06 35.65 83.86
N MET L 176 9.13 36.41 84.09
CA MET L 176 9.95 36.95 83.00
C MET L 176 10.96 35.96 82.41
N GLN L 177 11.33 34.90 83.13
CA GLN L 177 12.37 33.97 82.66
C GLN L 177 12.01 33.23 81.38
N GLN L 178 13.03 32.85 80.62
CA GLN L 178 12.87 31.99 79.45
C GLN L 178 12.61 30.54 79.86
N ASN L 179 11.89 29.79 79.01
CA ASN L 179 11.49 28.40 79.28
C ASN L 179 10.71 28.23 80.59
N LYS L 180 9.97 29.27 80.98
CA LYS L 180 8.88 29.18 81.95
C LYS L 180 7.71 28.41 81.36
N LEU L 181 6.85 27.90 82.22
CA LEU L 181 5.50 27.45 81.93
C LEU L 181 4.56 28.18 82.87
N ILE L 182 3.57 28.89 82.34
CA ILE L 182 2.53 29.55 83.14
C ILE L 182 1.31 28.64 83.12
N VAL L 183 0.77 28.33 84.29
CA VAL L 183 -0.48 27.59 84.43
C VAL L 183 -1.53 28.52 85.02
N PRO L 184 -2.45 29.07 84.21
CA PRO L 184 -3.56 29.86 84.72
C PRO L 184 -4.47 28.98 85.58
N SER L 185 -5.09 29.54 86.60
CA SER L 185 -6.16 28.88 87.31
C SER L 185 -7.36 28.63 86.40
N LYS L 186 -8.25 27.71 86.80
CA LYS L 186 -9.52 27.48 86.09
C LYS L 186 -10.39 28.73 86.05
N GLN L 187 -10.28 29.60 87.05
CA GLN L 187 -10.93 30.90 87.08
C GLN L 187 -10.36 31.88 86.05
N THR L 188 -9.03 32.01 85.92
CA THR L 188 -8.44 32.97 84.97
C THR L 188 -8.48 32.49 83.52
N GLN L 189 -8.49 31.18 83.24
CA GLN L 189 -8.69 30.67 81.89
C GLN L 189 -9.30 29.26 81.90
N LYS L 190 -10.49 29.10 81.32
CA LYS L 190 -11.06 27.79 80.96
C LYS L 190 -10.35 27.25 79.71
N ARG L 191 -9.97 25.98 79.72
CA ARG L 191 -9.17 25.34 78.66
C ARG L 191 -9.82 24.04 78.19
N ARG L 192 -9.48 23.60 76.97
CA ARG L 192 -9.91 22.30 76.43
C ARG L 192 -9.38 21.15 77.28
N LYS L 193 -8.06 21.12 77.49
CA LYS L 193 -7.40 20.18 78.40
C LYS L 193 -7.12 20.89 79.73
N PRO L 194 -7.48 20.31 80.89
CA PRO L 194 -7.34 20.97 82.19
C PRO L 194 -5.90 20.93 82.75
N TYR L 195 -4.93 20.56 81.94
CA TYR L 195 -3.53 20.39 82.30
C TYR L 195 -2.61 20.78 81.14
N ILE L 196 -1.35 21.07 81.44
CA ILE L 196 -0.31 21.23 80.44
C ILE L 196 0.70 20.10 80.58
N LYS L 197 0.97 19.38 79.50
CA LYS L 197 1.79 18.17 79.46
C LYS L 197 3.09 18.43 78.74
N LYS L 198 4.23 18.04 79.31
CA LYS L 198 5.50 18.04 78.60
C LYS L 198 6.48 16.96 79.04
N HIS L 199 7.28 16.51 78.08
CA HIS L 199 8.27 15.45 78.24
C HIS L 199 9.63 16.05 78.50
N ILE L 200 10.34 15.50 79.47
CA ILE L 200 11.65 15.97 79.93
C ILE L 200 12.67 14.86 79.75
N SER L 201 13.75 15.15 79.03
CA SER L 201 14.82 14.21 78.73
C SER L 201 15.72 13.96 79.96
N PRO L 202 16.46 12.85 80.08
CA PRO L 202 17.41 12.67 81.18
C PRO L 202 18.45 13.79 81.28
N PRO L 203 19.08 13.98 82.46
CA PRO L 203 20.27 14.81 82.58
C PRO L 203 21.31 14.46 81.51
N THR L 204 22.04 15.43 80.99
CA THR L 204 23.04 15.15 79.93
C THR L 204 24.14 14.19 80.40
N GLN L 205 24.39 14.14 81.73
CA GLN L 205 25.39 13.23 82.35
C GLN L 205 24.82 11.80 82.49
N MET L 206 23.50 11.64 82.54
CA MET L 206 22.85 10.33 82.51
C MET L 206 22.73 9.86 81.06
N LYS L 207 23.64 9.02 80.60
CA LYS L 207 23.64 8.49 79.23
C LYS L 207 22.61 7.37 79.10
N SER L 208 22.34 6.90 77.88
CA SER L 208 21.35 5.83 77.65
C SER L 208 21.80 4.45 78.17
N GLN L 209 23.04 4.30 78.62
CA GLN L 209 23.57 3.05 79.17
C GLN L 209 22.80 2.54 80.39
N TRP L 210 22.98 1.26 80.72
CA TRP L 210 22.56 0.69 82.00
C TRP L 210 23.45 1.16 83.14
N TYR L 211 22.87 1.35 84.32
CA TYR L 211 23.57 1.70 85.56
C TYR L 211 23.05 0.83 86.70
N PHE L 212 23.89 0.41 87.63
CA PHE L 212 23.38 -0.19 88.86
C PHE L 212 22.47 0.78 89.60
N GLN L 213 21.33 0.29 90.08
CA GLN L 213 20.34 1.14 90.81
C GLN L 213 20.97 1.72 92.08
N HIS L 214 21.96 1.06 92.69
CA HIS L 214 22.68 1.57 93.90
C HIS L 214 23.46 2.83 93.54
N ASN L 215 24.02 2.91 92.34
CA ASN L 215 24.81 4.05 91.92
C ASN L 215 23.94 5.27 91.60
N ILE L 216 22.88 5.08 90.80
CA ILE L 216 22.00 6.17 90.37
C ILE L 216 20.92 6.56 91.39
N ALA L 217 20.72 5.80 92.47
CA ALA L 217 19.65 6.02 93.43
C ALA L 217 19.52 7.49 93.89
N ASN L 218 20.63 8.12 94.25
CA ASN L 218 20.64 9.49 94.81
C ASN L 218 20.93 10.59 93.78
N ILE L 219 21.24 10.27 92.53
CA ILE L 219 21.51 11.25 91.47
C ILE L 219 20.20 12.01 91.17
N PRO L 220 20.14 13.35 91.31
CA PRO L 220 18.92 14.10 91.07
C PRO L 220 18.66 14.21 89.57
N LEU L 221 17.60 13.55 89.07
CA LEU L 221 17.32 13.44 87.60
C LEU L 221 16.38 14.55 87.11
N LEU L 222 15.79 15.33 88.01
CA LEU L 222 14.95 16.46 87.66
C LEU L 222 14.94 17.48 88.80
N MET L 223 15.02 18.78 88.48
CA MET L 223 14.63 19.86 89.38
C MET L 223 13.38 20.57 88.87
N ILE L 224 12.37 20.74 89.71
CA ILE L 224 11.18 21.57 89.40
C ILE L 224 11.21 22.79 90.33
N ARG L 225 11.09 23.99 89.76
CA ARG L 225 10.93 25.25 90.49
C ARG L 225 9.54 25.79 90.24
N THR L 226 8.76 26.07 91.27
CA THR L 226 7.39 26.58 91.13
C THR L 226 7.16 27.76 92.05
N THR L 227 6.43 28.78 91.59
CA THR L 227 6.02 29.93 92.42
C THR L 227 4.55 30.25 92.18
N ALA L 228 3.81 30.58 93.23
CA ALA L 228 2.43 31.01 93.19
C ALA L 228 2.28 32.46 92.72
N LEU L 229 1.25 32.74 91.94
CA LEU L 229 1.15 33.91 91.08
C LEU L 229 -0.30 34.41 91.03
N THR L 230 -0.52 35.70 90.72
CA THR L 230 -1.78 36.09 90.09
C THR L 230 -1.54 36.93 88.86
N LEU L 231 -2.21 36.60 87.76
CA LEU L 231 -2.18 37.34 86.51
C LEU L 231 -3.16 38.52 86.50
N ASP L 232 -4.37 38.34 87.06
CA ASP L 232 -5.42 39.37 87.08
C ASP L 232 -5.26 40.45 88.18
N ASN L 233 -4.48 40.17 89.21
CA ASN L 233 -4.18 41.08 90.32
C ASN L 233 -2.69 41.39 90.39
N TYR L 234 -1.99 41.36 89.26
CA TYR L 234 -0.53 41.41 89.20
C TYR L 234 0.09 42.61 89.93
N TYR L 235 -0.47 43.81 89.78
CA TYR L 235 0.04 45.01 90.45
C TYR L 235 -0.57 45.23 91.83
N ILE L 236 -1.89 45.19 91.94
CA ILE L 236 -2.59 45.45 93.21
C ILE L 236 -2.30 44.35 94.23
N GLY L 237 -2.25 43.09 93.81
CA GLY L 237 -2.00 41.94 94.66
C GLY L 237 -3.03 41.84 95.77
N SER L 238 -2.59 41.98 97.02
CA SER L 238 -3.44 42.07 98.20
C SER L 238 -3.37 43.42 98.92
N ARG L 239 -2.93 44.49 98.24
CA ARG L 239 -2.93 45.87 98.74
C ARG L 239 -4.29 46.28 99.28
N GLN L 240 -4.30 46.98 100.40
CA GLN L 240 -5.48 47.62 101.01
C GLN L 240 -5.16 49.11 101.24
N LEU L 241 -6.12 50.00 100.98
CA LEU L 241 -5.95 51.45 101.11
C LEU L 241 -4.74 51.95 100.28
N SER L 242 -3.78 52.65 100.89
CA SER L 242 -2.59 53.22 100.23
C SER L 242 -1.68 52.18 99.60
N THR L 243 -0.88 52.58 98.61
CA THR L 243 0.21 51.75 98.07
C THR L 243 1.33 51.51 99.10
N ASN L 244 1.52 52.44 100.04
CA ASN L 244 2.50 52.34 101.11
C ASN L 244 2.15 51.20 102.09
N VAL L 245 3.15 50.39 102.45
CA VAL L 245 3.08 49.41 103.53
C VAL L 245 3.81 49.95 104.76
N THR L 246 3.30 49.69 105.95
CA THR L 246 3.95 50.10 107.20
C THR L 246 4.82 48.97 107.75
N ILE L 247 6.09 49.27 108.00
CA ILE L 247 7.07 48.35 108.61
C ILE L 247 7.33 48.81 110.03
N HIS L 248 7.27 47.90 111.01
CA HIS L 248 7.69 48.25 112.40
C HIS L 248 9.17 47.89 112.47
N THR L 249 9.97 48.61 113.27
CA THR L 249 11.38 48.29 113.47
C THR L 249 11.85 48.64 114.89
N LEU L 250 12.95 48.01 115.33
CA LEU L 250 13.58 48.39 116.61
C LEU L 250 14.35 49.69 116.37
N ASN L 251 14.11 50.75 117.15
CA ASN L 251 14.92 51.99 117.02
C ASN L 251 16.38 51.55 117.02
N THR L 252 17.14 51.88 115.98
CA THR L 252 18.57 51.49 115.85
C THR L 252 19.40 52.44 116.69
N THR L 253 18.97 53.69 116.85
CA THR L 253 19.74 54.74 117.53
C THR L 253 19.75 54.60 119.06
N TYR L 254 19.04 53.61 119.62
CA TYR L 254 18.98 53.38 121.08
C TYR L 254 19.07 51.90 121.47
N ILE L 255 18.44 51.00 120.72
CA ILE L 255 18.45 49.55 120.98
C ILE L 255 19.59 48.90 120.16
N GLN L 256 20.76 48.66 120.74
CA GLN L 256 21.87 48.11 119.92
C GLN L 256 22.66 47.00 120.63
N ASN L 257 22.48 46.81 121.94
CA ASN L 257 23.38 45.91 122.65
C ASN L 257 23.21 44.42 122.33
N ARG L 258 22.04 44.00 121.82
CA ARG L 258 21.77 42.59 121.40
C ARG L 258 22.10 41.58 122.52
N ASP L 259 21.97 41.97 123.80
CA ASP L 259 22.21 41.06 124.94
C ASP L 259 20.90 40.39 125.43
N TRP L 260 20.21 39.69 124.54
CA TRP L 260 18.84 39.22 124.78
C TRP L 260 18.69 37.82 125.36
N GLY L 261 17.55 37.57 126.00
CA GLY L 261 17.08 36.24 126.34
C GLY L 261 17.69 35.62 127.62
N ASP L 262 18.02 36.44 128.62
CA ASP L 262 18.37 35.99 129.97
C ASP L 262 17.54 36.73 131.05
N ARG L 263 17.14 36.02 132.11
CA ARG L 263 16.54 36.68 133.30
C ARG L 263 17.70 36.87 134.31
N ASN L 264 18.92 36.43 133.93
CA ASN L 264 20.13 36.49 134.78
C ASN L 264 20.98 37.74 134.52
N LYS L 265 20.45 38.74 133.79
CA LYS L 265 21.19 39.93 133.33
C LYS L 265 20.28 41.16 133.32
N THR L 266 20.64 42.23 134.02
CA THR L 266 19.94 43.52 133.90
C THR L 266 20.17 44.10 132.50
N TYR L 267 19.10 44.38 131.74
CA TYR L 267 19.25 44.82 130.36
C TYR L 267 19.62 46.30 130.26
N TYR L 268 20.53 46.61 129.34
CA TYR L 268 20.99 47.94 128.99
C TYR L 268 20.94 48.05 127.46
N CYS L 269 20.41 49.15 126.93
CA CYS L 269 20.03 49.22 125.52
C CYS L 269 21.19 49.61 124.59
N GLN L 270 22.09 50.49 125.03
CA GLN L 270 23.29 50.87 124.27
C GLN L 270 24.48 51.16 125.18
N THR L 271 25.68 51.07 124.60
CA THR L 271 26.91 51.64 125.17
C THR L 271 27.40 52.79 124.28
N LEU L 272 27.82 53.90 124.90
CA LEU L 272 28.52 54.99 124.20
C LEU L 272 29.75 55.38 125.01
N GLY L 273 30.91 55.48 124.37
CA GLY L 273 32.19 55.62 125.09
C GLY L 273 32.39 54.45 126.07
N THR L 274 32.51 54.77 127.37
CA THR L 274 32.52 53.79 128.46
C THR L 274 31.14 53.55 129.10
N GLN L 275 30.13 54.37 128.80
CA GLN L 275 28.83 54.35 129.48
C GLN L 275 27.97 53.15 129.08
N ARG L 276 26.96 52.86 129.91
CA ARG L 276 25.80 52.03 129.59
C ARG L 276 24.52 52.85 129.76
N TYR L 277 23.53 52.62 128.93
CA TYR L 277 22.24 53.32 128.97
C TYR L 277 21.10 52.35 129.22
N PHE L 278 20.09 52.80 129.95
CA PHE L 278 19.07 52.00 130.58
C PHE L 278 17.69 52.59 130.32
N LEU L 279 16.69 51.73 130.32
CA LEU L 279 15.30 52.07 130.03
C LEU L 279 14.46 51.82 131.29
N TYR L 280 13.45 52.66 131.52
CA TYR L 280 12.50 52.52 132.63
C TYR L 280 11.08 52.80 132.15
N GLY L 281 10.12 51.97 132.53
CA GLY L 281 8.70 52.23 132.24
C GLY L 281 8.06 53.04 133.37
N THR L 282 7.00 53.78 133.10
CA THR L 282 6.18 54.36 134.17
C THR L 282 4.71 54.44 133.75
N HIS L 283 3.80 54.39 134.73
CA HIS L 283 2.35 54.61 134.48
C HIS L 283 2.03 56.05 134.89
N SER L 284 3.05 56.83 135.29
CA SER L 284 2.83 58.20 135.76
C SER L 284 2.17 59.08 134.71
N THR L 285 1.23 59.92 135.16
CA THR L 285 0.59 60.98 134.38
C THR L 285 1.43 62.27 134.33
N ALA L 286 2.60 62.30 134.99
CA ALA L 286 3.46 63.48 135.03
C ALA L 286 3.87 63.93 133.62
N GLN L 287 3.68 65.22 133.33
CA GLN L 287 3.98 65.80 132.02
C GLN L 287 5.46 66.13 131.83
N ASN L 288 6.20 66.38 132.92
CA ASN L 288 7.58 66.85 132.88
C ASN L 288 8.55 65.74 133.31
N ILE L 289 9.50 65.39 132.43
CA ILE L 289 10.50 64.35 132.67
C ILE L 289 11.38 64.62 133.90
N ASN L 290 11.53 65.88 134.31
CA ASN L 290 12.34 66.25 135.47
C ASN L 290 11.70 65.84 136.81
N ASP L 291 10.36 65.99 136.97
CA ASP L 291 9.68 65.83 138.29
C ASP L 291 9.20 64.40 138.61
N ILE L 292 9.26 63.47 137.68
CA ILE L 292 8.94 62.06 137.98
C ILE L 292 9.81 61.58 139.16
N LYS L 293 9.24 60.79 140.07
CA LYS L 293 9.95 60.29 141.25
C LYS L 293 11.00 59.24 140.87
N LEU L 294 11.79 58.79 141.85
CA LEU L 294 12.71 57.64 141.61
C LEU L 294 11.84 56.38 141.75
N GLN L 295 10.68 56.49 142.43
CA GLN L 295 9.74 55.36 142.65
C GLN L 295 8.93 55.03 141.39
N GLU L 296 8.44 56.05 140.68
CA GLU L 296 7.54 55.85 139.51
C GLU L 296 8.18 54.87 138.51
N LEU L 297 9.50 54.99 138.27
CA LEU L 297 10.18 54.16 137.24
C LEU L 297 10.05 52.66 137.53
N ILE L 298 9.78 51.85 136.50
CA ILE L 298 9.71 50.35 136.62
C ILE L 298 10.96 49.86 135.86
N PRO L 299 12.07 49.55 136.54
CA PRO L 299 13.33 49.26 135.88
C PRO L 299 13.22 47.93 135.16
N LEU L 300 13.98 47.73 134.08
CA LEU L 300 13.91 46.49 133.26
C LEU L 300 15.13 45.62 133.58
N THR L 301 14.95 44.48 134.25
CA THR L 301 16.04 43.55 134.65
C THR L 301 15.88 42.25 133.90
N ASN L 302 14.87 42.14 133.02
CA ASN L 302 14.66 40.94 132.20
C ASN L 302 14.36 41.37 130.77
N THR L 303 14.87 40.66 129.76
CA THR L 303 14.31 40.73 128.39
C THR L 303 13.62 39.45 127.94
N GLN L 304 13.95 38.32 128.59
CA GLN L 304 13.48 36.96 128.19
C GLN L 304 11.99 36.68 128.39
N ASP L 305 11.25 37.52 129.11
CA ASP L 305 9.82 37.22 129.39
C ASP L 305 8.85 38.23 128.80
N TYR L 306 7.58 37.83 128.66
CA TYR L 306 6.50 38.74 128.25
C TYR L 306 6.05 39.70 129.36
N VAL L 307 6.54 39.52 130.59
CA VAL L 307 6.03 40.20 131.80
C VAL L 307 6.13 41.72 131.69
N GLN L 308 5.05 42.43 132.09
CA GLN L 308 4.97 43.89 132.11
C GLN L 308 5.76 44.53 133.25
N GLY L 309 5.94 43.79 134.34
CA GLY L 309 6.34 44.34 135.63
C GLY L 309 5.16 45.04 136.33
N PHE L 310 5.45 45.76 137.40
CA PHE L 310 4.47 46.59 138.12
C PHE L 310 5.15 47.73 138.86
N ASP L 311 4.37 48.72 139.25
CA ASP L 311 4.84 49.92 139.95
C ASP L 311 5.10 49.67 141.45
N TRP L 312 5.96 50.48 142.07
CA TRP L 312 6.30 50.44 143.50
C TRP L 312 5.07 50.64 144.40
N THR L 313 4.01 51.28 143.90
CA THR L 313 2.72 51.36 144.61
C THR L 313 2.08 50.00 144.88
N GLU L 314 2.50 48.93 144.20
CA GLU L 314 2.06 47.55 144.46
C GLU L 314 3.02 46.75 145.36
N LYS L 315 3.96 47.43 146.04
CA LYS L 315 4.86 46.83 147.05
C LYS L 315 4.13 45.87 148.00
N ASP L 316 3.00 46.32 148.54
CA ASP L 316 2.20 45.55 149.50
C ASP L 316 1.38 44.40 148.86
N LYS L 317 1.20 44.37 147.53
CA LYS L 317 0.52 43.26 146.84
C LYS L 317 1.44 42.06 146.62
N HIS L 318 2.76 42.30 146.53
CA HIS L 318 3.81 41.25 146.31
C HIS L 318 4.75 41.17 147.52
N ASN L 319 4.30 41.58 148.70
CA ASN L 319 5.04 41.48 149.97
C ASN L 319 6.50 41.96 149.85
N ILE L 320 6.74 42.97 149.00
CA ILE L 320 8.08 43.51 148.73
C ILE L 320 8.61 44.26 149.95
N THR L 321 9.84 43.95 150.36
CA THR L 321 10.51 44.61 151.49
C THR L 321 11.56 45.63 151.06
N THR L 322 12.13 45.50 149.86
CA THR L 322 13.24 46.34 149.37
C THR L 322 13.15 46.59 147.88
N TYR L 323 13.86 47.60 147.38
CA TYR L 323 14.01 47.82 145.95
C TYR L 323 14.66 46.61 145.24
N LYS L 324 15.49 45.82 145.92
CA LYS L 324 16.01 44.53 145.40
C LYS L 324 14.87 43.56 145.08
N GLU L 325 13.87 43.42 145.94
CA GLU L 325 12.67 42.62 145.65
C GLU L 325 11.73 43.29 144.63
N PHE L 326 11.69 44.63 144.55
CA PHE L 326 11.00 45.32 143.48
C PHE L 326 11.64 45.05 142.10
N LEU L 327 12.97 45.08 142.01
CA LEU L 327 13.74 44.71 140.82
C LEU L 327 13.44 43.27 140.36
N THR L 328 13.40 42.30 141.28
CA THR L 328 13.21 40.90 140.90
C THR L 328 11.76 40.57 140.62
N LYS L 329 10.80 41.03 141.44
CA LYS L 329 9.37 40.73 141.22
C LYS L 329 8.71 41.64 140.19
N GLY L 330 9.05 42.93 140.18
CA GLY L 330 8.27 43.98 139.51
C GLY L 330 8.89 44.60 138.26
N ALA L 331 10.11 44.21 137.86
CA ALA L 331 10.70 44.73 136.63
C ALA L 331 9.93 44.31 135.36
N GLY L 332 9.89 45.19 134.36
CA GLY L 332 9.14 45.01 133.12
C GLY L 332 10.02 44.65 131.94
N ASN L 333 9.57 43.79 131.03
CA ASN L 333 10.34 43.52 129.82
C ASN L 333 10.04 44.62 128.78
N PRO L 334 11.05 45.23 128.13
CA PRO L 334 10.84 46.41 127.27
C PRO L 334 9.97 46.12 126.05
N PHE L 335 9.89 44.84 125.66
CA PHE L 335 9.11 44.35 124.54
C PHE L 335 7.68 43.90 124.91
N HIS L 336 7.23 44.14 126.14
CA HIS L 336 5.81 43.95 126.48
C HIS L 336 4.92 44.88 125.64
N ALA L 337 3.67 44.51 125.39
CA ALA L 337 2.78 45.18 124.43
C ALA L 337 2.54 46.68 124.69
N GLU L 338 2.71 47.16 125.93
CA GLU L 338 2.65 48.61 126.22
C GLU L 338 4.03 49.30 126.18
N TRP L 339 5.12 48.64 126.56
CA TRP L 339 6.46 49.24 126.53
C TRP L 339 7.09 49.23 125.13
N ILE L 340 6.77 48.24 124.28
CA ILE L 340 7.33 48.06 122.93
C ILE L 340 7.14 49.28 122.03
N THR L 341 5.99 49.94 122.12
CA THR L 341 5.65 51.19 121.42
C THR L 341 5.42 52.37 122.37
N ALA L 342 5.79 52.22 123.64
CA ALA L 342 5.59 53.19 124.71
C ALA L 342 4.16 53.74 124.78
N GLN L 343 3.15 52.86 124.69
CA GLN L 343 1.74 53.22 124.90
C GLN L 343 1.56 53.91 126.25
N ASN L 344 2.21 53.38 127.28
CA ASN L 344 2.49 54.09 128.54
C ASN L 344 3.96 54.54 128.50
N PRO L 345 4.30 55.76 128.96
CA PRO L 345 5.62 56.34 128.75
C PRO L 345 6.79 55.45 129.19
N VAL L 346 7.87 55.52 128.42
CA VAL L 346 9.14 54.79 128.64
C VAL L 346 10.27 55.80 128.61
N ILE L 347 11.17 55.72 129.58
CA ILE L 347 12.21 56.70 129.85
C ILE L 347 13.58 56.07 129.61
N HIS L 348 14.41 56.70 128.78
CA HIS L 348 15.78 56.30 128.47
C HIS L 348 16.77 57.18 129.23
N THR L 349 17.79 56.61 129.88
CA THR L 349 18.74 57.37 130.70
C THR L 349 20.12 56.70 130.78
N ALA L 350 21.16 57.48 131.05
CA ALA L 350 22.47 56.94 131.42
C ALA L 350 22.49 56.42 132.88
N ASN L 351 21.54 56.81 133.72
CA ASN L 351 21.57 56.46 135.13
C ASN L 351 21.24 54.98 135.38
N SER L 352 22.25 54.21 135.76
CA SER L 352 22.10 52.77 136.00
C SER L 352 21.15 52.49 137.18
N PRO L 353 20.32 51.43 137.10
CA PRO L 353 19.49 51.00 138.21
C PRO L 353 20.29 50.82 139.51
N THR L 354 21.56 50.43 139.45
CA THR L 354 22.40 50.28 140.65
C THR L 354 22.73 51.61 141.32
N GLN L 355 22.80 52.72 140.59
CA GLN L 355 22.85 54.03 141.24
C GLN L 355 21.51 54.34 141.93
N ILE L 356 20.38 53.99 141.31
CA ILE L 356 19.07 54.07 141.97
C ILE L 356 18.98 53.12 143.17
N GLU L 357 19.58 51.92 143.11
CA GLU L 357 19.68 51.00 144.26
C GLU L 357 20.43 51.68 145.40
N GLN L 358 21.57 52.31 145.13
CA GLN L 358 22.33 53.05 146.14
C GLN L 358 21.48 54.16 146.75
N ILE L 359 20.71 54.92 145.97
CA ILE L 359 19.82 55.96 146.52
C ILE L 359 18.71 55.36 147.38
N TYR L 360 18.03 54.29 146.94
CA TYR L 360 17.02 53.60 147.75
C TYR L 360 17.60 53.00 149.03
N THR L 361 18.64 52.18 148.89
CA THR L 361 19.22 51.41 150.00
C THR L 361 19.90 52.33 151.01
N ALA L 362 20.53 53.43 150.57
CA ALA L 362 21.09 54.41 151.49
C ALA L 362 20.01 55.01 152.39
N SER L 363 18.84 55.37 151.85
CA SER L 363 17.63 55.64 152.65
C SER L 363 16.33 55.52 151.84
N THR L 364 15.47 54.58 152.25
CA THR L 364 14.15 54.33 151.66
C THR L 364 13.21 55.52 151.84
N THR L 365 13.36 56.26 152.96
CA THR L 365 12.58 57.48 153.24
C THR L 365 12.93 58.62 152.27
N THR L 366 14.19 58.73 151.82
CA THR L 366 14.56 59.74 150.81
C THR L 366 14.29 59.28 149.37
N PHE L 367 14.00 57.99 149.13
CA PHE L 367 13.50 57.52 147.84
C PHE L 367 12.12 58.11 147.50
N GLN L 368 11.28 58.36 148.51
CA GLN L 368 10.04 59.13 148.37
C GLN L 368 10.31 60.57 147.95
N ASN L 369 11.33 61.21 148.55
CA ASN L 369 11.65 62.61 148.31
C ASN L 369 12.34 62.84 146.95
N LYS L 370 13.28 61.97 146.56
CA LYS L 370 14.09 62.14 145.34
C LYS L 370 13.22 62.01 144.08
N LYS L 371 13.46 62.92 143.13
CA LYS L 371 12.88 62.94 141.79
C LYS L 371 13.97 62.72 140.73
N LEU L 372 13.63 62.76 139.45
CA LEU L 372 14.57 62.67 138.33
C LEU L 372 15.51 63.88 138.24
N THR L 373 15.17 65.01 138.84
CA THR L 373 16.13 66.10 139.14
C THR L 373 17.23 65.65 140.10
N ASP L 374 18.43 66.21 139.96
CA ASP L 374 19.58 66.00 140.86
C ASP L 374 19.97 64.51 141.06
N LEU L 375 19.66 63.63 140.10
CA LEU L 375 20.15 62.26 140.08
C LEU L 375 21.54 62.16 139.44
N PRO L 376 22.31 61.10 139.74
CA PRO L 376 23.56 60.83 139.03
C PRO L 376 23.31 60.55 137.55
N THR L 377 24.20 61.03 136.68
CA THR L 377 24.13 60.91 135.21
C THR L 377 22.68 60.97 134.68
N PRO L 378 21.91 62.06 134.91
CA PRO L 378 20.49 62.06 134.56
C PRO L 378 20.11 62.46 133.14
N GLY L 379 20.33 61.56 132.17
CA GLY L 379 19.94 61.81 130.77
C GLY L 379 18.53 61.29 130.56
N TYR L 380 17.62 61.57 131.47
CA TYR L 380 16.21 61.08 131.38
C TYR L 380 15.53 61.72 130.18
N ILE L 381 15.11 60.91 129.19
CA ILE L 381 14.47 61.40 127.93
C ILE L 381 13.21 60.54 127.72
N PHE L 382 12.37 60.82 126.72
CA PHE L 382 11.21 59.96 126.38
C PHE L 382 11.51 59.28 125.04
N ILE L 383 11.86 57.98 125.05
CA ILE L 383 12.26 57.26 123.83
C ILE L 383 11.37 56.02 123.64
N THR L 384 10.99 55.72 122.40
CA THR L 384 10.15 54.55 122.06
C THR L 384 11.03 53.43 121.49
N PRO L 385 10.97 52.19 122.02
CA PRO L 385 11.77 51.07 121.49
C PRO L 385 11.45 50.75 120.03
N THR L 386 10.20 50.95 119.61
CA THR L 386 9.73 50.77 118.23
C THR L 386 9.52 52.10 117.53
N VAL L 387 9.84 52.15 116.23
CA VAL L 387 9.35 53.16 115.29
C VAL L 387 8.65 52.46 114.12
N SER L 388 7.62 53.09 113.54
CA SER L 388 6.95 52.61 112.33
C SER L 388 7.42 53.43 111.12
N LEU L 389 7.93 52.74 110.10
CA LEU L 389 8.32 53.32 108.81
C LEU L 389 7.23 53.09 107.77
N ARG L 390 7.16 53.93 106.74
CA ARG L 390 6.37 53.69 105.53
C ARG L 390 7.31 53.36 104.37
N TYR L 391 7.03 52.25 103.69
CA TYR L 391 7.75 51.81 102.49
C TYR L 391 6.82 51.86 101.28
N ASN L 392 7.29 52.40 100.17
CA ASN L 392 6.59 52.39 98.90
C ASN L 392 7.44 51.66 97.85
N PRO L 393 6.97 50.56 97.25
CA PRO L 393 7.78 49.78 96.33
C PRO L 393 8.10 50.54 95.03
N TYR L 394 7.20 51.45 94.63
CA TYR L 394 7.38 52.21 93.36
C TYR L 394 8.38 53.34 93.57
N LYS L 395 8.64 53.70 94.83
CA LYS L 395 9.62 54.77 95.17
C LYS L 395 11.00 54.15 95.45
N ASP L 396 11.14 52.83 95.28
CA ASP L 396 12.40 52.11 95.61
C ASP L 396 13.30 51.98 94.37
N LEU L 397 14.54 52.46 94.44
CA LEU L 397 15.45 52.47 93.30
C LEU L 397 16.62 51.48 93.46
N ALA L 398 16.70 50.78 94.60
CA ALA L 398 17.70 49.75 94.84
C ALA L 398 19.17 50.18 94.69
N GLU L 399 19.53 51.45 94.92
CA GLU L 399 20.91 51.92 94.70
C GLU L 399 21.83 51.57 95.87
N ARG L 400 21.29 51.50 97.10
CA ARG L 400 22.06 51.19 98.33
C ARG L 400 21.31 50.22 99.25
N ASN L 401 20.43 49.42 98.68
CA ASN L 401 19.72 48.36 99.38
C ASN L 401 20.66 47.22 99.77
N LYS L 402 20.42 46.60 100.93
CA LYS L 402 21.31 45.58 101.51
C LYS L 402 20.55 44.74 102.53
N CYS L 403 20.97 43.50 102.79
CA CYS L 403 20.25 42.57 103.65
C CYS L 403 21.19 41.47 104.18
N TYR L 404 21.14 41.16 105.48
CA TYR L 404 21.97 40.12 106.10
C TYR L 404 21.44 39.70 107.49
N PHE L 405 21.94 38.57 108.00
CA PHE L 405 21.62 38.08 109.35
C PHE L 405 22.76 38.34 110.33
N VAL L 406 22.42 38.78 111.54
CA VAL L 406 23.34 38.96 112.67
C VAL L 406 22.93 38.05 113.82
N ARG L 407 23.87 37.67 114.69
CA ARG L 407 23.65 36.76 115.83
C ARG L 407 22.86 37.48 116.93
N SER L 408 21.69 36.97 117.33
CA SER L 408 20.84 37.61 118.34
C SER L 408 21.32 37.31 119.77
N LYS L 409 21.48 36.03 120.13
CA LYS L 409 22.06 35.62 121.43
C LYS L 409 23.60 35.60 121.40
N ILE L 410 24.23 36.76 121.29
CA ILE L 410 25.66 36.94 121.61
C ILE L 410 25.91 38.30 122.27
N ASN L 411 27.01 38.38 123.01
CA ASN L 411 27.44 39.61 123.68
C ASN L 411 28.26 40.51 122.73
N ALA L 412 27.66 40.97 121.63
CA ALA L 412 28.31 41.86 120.66
C ALA L 412 27.44 43.08 120.32
N HIS L 413 28.07 44.26 120.32
CA HIS L 413 27.42 45.53 120.10
C HIS L 413 27.17 45.80 118.61
N GLY L 414 26.13 46.58 118.31
CA GLY L 414 25.92 47.16 116.99
C GLY L 414 25.35 46.20 115.95
N TRP L 415 25.05 46.76 114.78
CA TRP L 415 24.26 46.13 113.72
C TRP L 415 25.01 45.94 112.40
N ASP L 416 26.31 46.25 112.37
CA ASP L 416 27.10 46.19 111.10
C ASP L 416 27.02 44.79 110.50
N PRO L 417 27.13 44.61 109.16
CA PRO L 417 27.16 43.28 108.57
C PRO L 417 28.32 42.55 109.20
N GLU L 418 28.09 41.33 109.69
CA GLU L 418 29.13 40.55 110.41
C GLU L 418 29.10 39.09 109.97
N GLN L 419 30.05 38.28 110.45
CA GLN L 419 30.11 36.83 110.11
C GLN L 419 30.26 36.69 108.58
N HIS L 420 29.35 35.99 107.90
CA HIS L 420 29.47 35.73 106.44
C HIS L 420 29.26 37.02 105.64
N GLN L 421 30.31 37.49 104.96
CA GLN L 421 30.21 38.70 104.10
C GLN L 421 29.81 38.24 102.69
N GLU L 422 29.96 36.96 102.38
CA GLU L 422 29.49 36.42 101.09
C GLU L 422 27.96 36.18 101.07
N LEU L 423 27.32 36.11 102.25
CA LEU L 423 25.87 35.95 102.37
C LEU L 423 25.11 37.28 102.33
N ILE L 424 25.81 38.42 102.40
CA ILE L 424 25.16 39.74 102.23
C ILE L 424 24.51 39.81 100.85
N ASN L 425 23.22 40.19 100.82
CA ASN L 425 22.43 40.35 99.56
C ASN L 425 22.22 41.85 99.31
N SER L 426 22.59 42.38 98.15
CA SER L 426 22.63 43.82 97.87
C SER L 426 22.02 44.20 96.52
N ASP L 427 21.64 45.47 96.38
CA ASP L 427 21.34 46.12 95.09
C ASP L 427 20.15 45.55 94.30
N LEU L 428 19.09 45.12 95.00
CA LEU L 428 17.78 44.81 94.41
C LEU L 428 16.69 45.53 95.23
N PRO L 429 15.52 45.84 94.67
CA PRO L 429 14.46 46.47 95.44
C PRO L 429 14.01 45.54 96.57
N GLN L 430 13.71 46.06 97.77
CA GLN L 430 13.43 45.25 99.00
C GLN L 430 12.42 44.10 98.82
N TRP L 431 11.41 44.23 97.98
CA TRP L 431 10.46 43.16 97.70
C TRP L 431 11.09 42.01 96.89
N LEU L 432 12.12 42.28 96.09
CA LEU L 432 12.91 41.26 95.40
C LEU L 432 14.09 40.79 96.26
N LEU L 433 14.74 41.69 96.99
CA LEU L 433 15.90 41.39 97.82
C LEU L 433 15.57 40.42 98.96
N LEU L 434 14.40 40.56 99.60
CA LEU L 434 13.99 39.72 100.71
C LEU L 434 13.39 38.39 100.26
N PHE L 435 12.88 38.27 99.03
CA PHE L 435 12.11 37.10 98.61
C PHE L 435 12.96 35.82 98.63
N GLY L 436 12.59 34.85 99.46
CA GLY L 436 13.33 33.59 99.58
C GLY L 436 14.72 33.70 100.20
N TYR L 437 15.20 34.89 100.60
CA TYR L 437 16.53 35.06 101.17
C TYR L 437 16.71 34.30 102.51
N PRO L 438 15.78 34.36 103.48
CA PRO L 438 15.87 33.53 104.67
C PRO L 438 15.96 32.03 104.39
N ASP L 439 15.23 31.52 103.40
CA ASP L 439 15.30 30.10 103.04
C ASP L 439 16.60 29.74 102.33
N TYR L 440 17.16 30.60 101.49
CA TYR L 440 18.50 30.40 100.97
C TYR L 440 19.52 30.29 102.11
N ILE L 441 19.41 31.14 103.12
CA ILE L 441 20.30 31.13 104.28
C ILE L 441 20.12 29.85 105.10
N LYS L 442 18.88 29.44 105.40
CA LYS L 442 18.61 28.17 106.08
C LYS L 442 19.16 26.97 105.30
N ARG L 443 18.91 26.89 103.99
CA ARG L 443 19.38 25.75 103.16
C ARG L 443 20.92 25.77 103.05
N THR L 444 21.53 26.95 103.09
CA THR L 444 23.00 27.09 103.09
C THR L 444 23.63 26.52 104.37
N GLN L 445 22.92 26.55 105.51
CA GLN L 445 23.38 25.91 106.78
C GLN L 445 24.70 26.50 107.31
N ASN L 446 25.09 27.71 106.88
CA ASN L 446 26.28 28.40 107.41
C ASN L 446 26.03 29.13 108.74
N PHE L 447 24.80 29.11 109.25
CA PHE L 447 24.41 29.65 110.55
C PHE L 447 23.74 28.58 111.43
N ALA L 448 23.83 28.74 112.75
CA ALA L 448 23.10 27.88 113.69
C ALA L 448 21.59 27.99 113.43
N LEU L 449 20.93 26.85 113.21
CA LEU L 449 19.71 26.80 112.40
C LEU L 449 18.50 27.51 113.01
N VAL L 450 18.46 27.68 114.33
CA VAL L 450 17.23 28.08 115.03
C VAL L 450 16.90 29.57 114.86
N ASP L 451 15.63 29.87 114.56
CA ASP L 451 15.18 31.28 114.30
C ASP L 451 15.46 32.20 115.49
N THR L 452 15.53 31.66 116.70
CA THR L 452 15.71 32.47 117.90
C THR L 452 17.12 33.03 118.06
N ASN L 453 18.11 32.52 117.32
CA ASN L 453 19.52 32.84 117.53
C ASN L 453 20.07 33.85 116.53
N TYR L 454 19.25 34.33 115.59
CA TYR L 454 19.62 35.34 114.60
C TYR L 454 18.54 36.40 114.45
N ILE L 455 18.93 37.57 113.93
CA ILE L 455 18.06 38.66 113.50
C ILE L 455 18.40 38.96 112.05
N LEU L 456 17.40 39.25 111.25
CA LEU L 456 17.51 39.83 109.93
C LEU L 456 17.54 41.36 110.02
N VAL L 457 18.52 41.95 109.34
CA VAL L 457 18.83 43.39 109.32
C VAL L 457 18.92 43.84 107.87
N ASP L 458 18.31 44.96 107.50
CA ASP L 458 18.38 45.46 106.12
C ASP L 458 18.52 46.97 106.04
N HIS L 459 19.22 47.46 105.03
CA HIS L 459 19.38 48.88 104.72
C HIS L 459 18.52 49.24 103.51
N CYS L 460 17.79 50.34 103.60
CA CYS L 460 16.95 50.84 102.51
C CYS L 460 16.81 52.37 102.63
N PRO L 461 17.41 53.15 101.71
CA PRO L 461 17.26 54.60 101.66
C PRO L 461 15.81 55.10 101.48
N TYR L 462 14.91 54.24 101.03
CA TYR L 462 13.67 54.66 100.35
C TYR L 462 12.41 54.64 101.22
N THR L 463 12.50 54.30 102.50
CA THR L 463 11.42 54.62 103.45
C THR L 463 11.35 56.13 103.68
N ASN L 464 10.15 56.67 103.93
CA ASN L 464 9.96 58.11 104.05
C ASN L 464 10.59 58.69 105.34
N PRO L 465 10.27 58.18 106.54
CA PRO L 465 11.19 58.22 107.67
C PRO L 465 12.31 57.19 107.45
N GLU L 466 13.40 57.28 108.21
CA GLU L 466 14.53 56.34 108.08
C GLU L 466 15.09 55.91 109.43
N LYS L 467 15.76 54.76 109.42
CA LYS L 467 16.71 54.30 110.43
C LYS L 467 17.88 53.64 109.68
N THR L 468 19.11 53.76 110.16
CA THR L 468 20.30 53.41 109.38
C THR L 468 20.25 51.95 108.90
N PRO L 469 20.24 50.93 109.78
CA PRO L 469 19.59 49.66 109.47
C PRO L 469 18.12 49.67 109.95
N PHE L 470 17.39 48.67 109.44
CA PHE L 470 16.02 48.39 109.90
C PHE L 470 16.07 47.04 110.60
N ILE L 471 15.31 46.84 111.67
CA ILE L 471 15.21 45.49 112.30
C ILE L 471 13.73 45.13 112.19
N PRO L 472 13.20 44.73 111.01
CA PRO L 472 11.76 44.55 110.87
C PRO L 472 11.18 43.68 111.99
N LEU L 473 10.00 44.03 112.50
CA LEU L 473 9.28 43.24 113.51
C LEU L 473 7.83 43.06 113.07
N SER L 474 7.30 41.86 113.26
CA SER L 474 5.91 41.57 112.87
C SER L 474 4.92 42.25 113.81
N THR L 475 3.76 42.61 113.27
CA THR L 475 2.65 43.18 114.05
C THR L 475 2.28 42.31 115.24
N SER L 476 2.41 40.98 115.14
CA SER L 476 2.20 40.06 116.27
C SER L 476 3.16 40.32 117.44
N PHE L 477 4.45 40.54 117.20
CA PHE L 477 5.42 40.87 118.26
C PHE L 477 5.23 42.29 118.80
N ILE L 478 4.86 43.24 117.93
CA ILE L 478 4.49 44.61 118.30
C ILE L 478 3.17 44.67 119.08
N GLU L 479 2.35 43.62 119.02
CA GLU L 479 1.08 43.47 119.75
C GLU L 479 1.11 42.40 120.85
N GLY L 480 2.27 41.83 121.17
CA GLY L 480 2.37 40.85 122.26
C GLY L 480 1.65 39.53 121.99
N ARG L 481 1.98 38.88 120.87
CA ARG L 481 1.30 37.62 120.45
C ARG L 481 2.28 36.70 119.71
N SER L 482 2.02 35.38 119.71
CA SER L 482 2.91 34.41 119.07
C SER L 482 3.02 34.60 117.53
N PRO L 483 4.13 34.20 116.89
CA PRO L 483 4.46 34.55 115.50
C PRO L 483 3.35 34.37 114.46
N TYR L 484 2.54 33.32 114.57
CA TYR L 484 1.38 33.05 113.68
C TYR L 484 0.11 32.74 114.49
N SER L 485 -0.16 33.51 115.55
CA SER L 485 -1.34 33.34 116.41
C SER L 485 -2.44 34.36 116.09
N PRO L 486 -3.73 33.98 116.08
CA PRO L 486 -4.83 34.86 115.70
C PRO L 486 -4.98 36.05 116.64
N SER L 487 -5.35 37.21 116.07
CA SER L 487 -5.40 38.51 116.74
C SER L 487 -6.31 38.60 117.96
N ASP L 488 -7.24 37.64 118.15
CA ASP L 488 -8.11 37.60 119.37
C ASP L 488 -7.24 37.37 120.61
N THR L 489 -6.06 36.76 120.43
CA THR L 489 -5.10 36.49 121.50
C THR L 489 -4.33 37.75 121.88
N HIS L 490 -4.05 37.95 123.20
CA HIS L 490 -3.32 39.15 123.71
C HIS L 490 -2.15 38.73 124.60
N GLU L 491 -1.61 37.51 124.44
CA GLU L 491 -0.44 36.99 125.13
C GLU L 491 0.29 35.97 124.24
N PRO L 492 1.62 35.84 124.33
CA PRO L 492 2.30 34.67 123.76
C PRO L 492 1.83 33.36 124.40
N ASP L 493 1.91 32.26 123.65
CA ASP L 493 1.85 30.88 124.20
C ASP L 493 3.12 30.57 125.02
N GLU L 494 3.09 29.64 125.96
CA GLU L 494 4.14 29.47 126.99
C GLU L 494 5.58 29.42 126.43
N GLU L 495 5.81 28.72 125.32
CA GLU L 495 7.13 28.64 124.68
C GLU L 495 7.58 29.97 124.04
N ASP L 496 6.65 30.83 123.64
CA ASP L 496 6.91 32.22 123.23
C ASP L 496 6.79 33.22 124.39
N GLN L 497 6.21 32.85 125.54
CA GLN L 497 6.34 33.66 126.77
C GLN L 497 7.78 33.64 127.27
N ASN L 498 8.43 32.47 127.18
CA ASN L 498 9.88 32.36 127.16
C ASN L 498 10.45 32.89 125.82
N ARG L 499 11.74 33.28 125.88
CA ARG L 499 12.47 33.78 124.69
C ARG L 499 11.73 34.95 124.05
N TRP L 500 11.06 35.82 124.83
CA TRP L 500 10.29 36.98 124.30
C TRP L 500 11.23 38.15 124.01
N TYR L 501 12.06 38.01 122.97
CA TYR L 501 13.04 39.02 122.58
C TYR L 501 13.24 39.05 121.06
N PRO L 502 13.75 40.15 120.47
CA PRO L 502 13.98 40.26 119.04
C PRO L 502 14.79 39.09 118.43
N CYS L 503 14.17 38.38 117.49
CA CYS L 503 14.81 37.33 116.70
C CYS L 503 13.98 37.05 115.44
N TYR L 504 14.57 36.37 114.46
CA TYR L 504 13.99 36.12 113.15
C TYR L 504 12.60 35.48 113.21
N GLN L 505 12.31 34.67 114.23
CA GLN L 505 10.97 34.03 114.39
C GLN L 505 9.86 35.09 114.49
N TYR L 506 10.13 36.24 115.11
CA TYR L 506 9.18 37.34 115.20
C TYR L 506 9.22 38.30 114.01
N GLN L 507 10.21 38.21 113.13
CA GLN L 507 10.34 39.07 111.95
C GLN L 507 9.61 38.53 110.71
N GLN L 508 9.27 37.24 110.68
CA GLN L 508 8.83 36.54 109.48
C GLN L 508 7.64 37.20 108.75
N GLU L 509 6.58 37.58 109.46
CA GLU L 509 5.41 38.17 108.83
C GLU L 509 5.72 39.57 108.27
N SER L 510 6.62 40.33 108.88
CA SER L 510 7.01 41.65 108.36
C SER L 510 7.74 41.56 107.03
N ILE L 511 8.70 40.64 106.86
CA ILE L 511 9.39 40.50 105.58
C ILE L 511 8.52 39.83 104.53
N ASN L 512 7.59 38.97 104.92
CA ASN L 512 6.57 38.50 103.99
C ASN L 512 5.70 39.67 103.52
N SER L 513 5.30 40.57 104.40
CA SER L 513 4.53 41.76 104.06
C SER L 513 5.26 42.70 103.10
N ILE L 514 6.57 42.88 103.27
CA ILE L 514 7.42 43.60 102.32
C ILE L 514 7.46 42.89 100.96
N CYS L 515 7.61 41.57 100.92
CA CYS L 515 7.56 40.81 99.66
C CYS L 515 6.19 40.89 98.97
N LEU L 516 5.10 40.87 99.72
CA LEU L 516 3.74 41.08 99.21
C LEU L 516 3.53 42.47 98.61
N SER L 517 4.34 43.47 98.96
CA SER L 517 4.29 44.76 98.27
C SER L 517 4.81 44.66 96.82
N GLY L 518 5.59 43.64 96.48
CA GLY L 518 6.11 43.43 95.13
C GLY L 518 5.08 42.88 94.14
N PRO L 519 5.30 43.07 92.84
CA PRO L 519 4.38 42.65 91.79
C PRO L 519 4.27 41.13 91.66
N GLY L 520 3.15 40.68 91.10
CA GLY L 520 2.81 39.28 90.83
C GLY L 520 2.37 38.46 92.04
N THR L 521 2.55 38.96 93.26
CA THR L 521 2.21 38.22 94.49
C THR L 521 0.69 38.07 94.63
N PRO L 522 0.17 36.86 94.86
CA PRO L 522 -1.27 36.58 94.82
C PRO L 522 -2.05 37.13 96.02
N LYS L 523 -3.36 37.30 95.82
CA LYS L 523 -4.36 37.60 96.85
C LYS L 523 -5.06 36.29 97.27
N ILE L 524 -4.92 35.87 98.52
CA ILE L 524 -5.56 34.66 99.03
C ILE L 524 -6.41 35.05 100.25
N PRO L 525 -7.73 34.83 100.25
CA PRO L 525 -8.56 35.13 101.41
C PRO L 525 -8.09 34.42 102.68
N LYS L 526 -8.19 35.08 103.84
CA LYS L 526 -7.81 34.47 105.12
C LYS L 526 -8.64 33.23 105.41
N GLY L 527 -7.98 32.16 105.85
CA GLY L 527 -8.57 30.83 106.06
C GLY L 527 -8.65 29.94 104.83
N ILE L 528 -8.24 30.41 103.64
CA ILE L 528 -8.13 29.59 102.43
C ILE L 528 -6.65 29.24 102.19
N THR L 529 -6.38 27.98 101.88
CA THR L 529 -5.05 27.51 101.45
C THR L 529 -5.11 27.23 99.96
N ALA L 530 -4.27 27.91 99.18
CA ALA L 530 -4.09 27.61 97.78
C ALA L 530 -3.09 26.47 97.61
N GLU L 531 -3.26 25.64 96.58
CA GLU L 531 -2.47 24.42 96.37
C GLU L 531 -2.18 24.27 94.88
N ALA L 532 -1.09 23.59 94.53
CA ALA L 532 -0.84 23.17 93.16
C ALA L 532 -0.23 21.77 93.14
N LYS L 533 -0.51 21.01 92.09
CA LYS L 533 -0.01 19.64 91.92
C LYS L 533 0.41 19.36 90.49
N VAL L 534 1.36 18.45 90.34
CA VAL L 534 1.76 17.85 89.07
C VAL L 534 1.54 16.34 89.16
N LYS L 535 1.14 15.70 88.07
CA LYS L 535 1.22 14.25 87.93
C LYS L 535 2.45 13.90 87.12
N TYR L 536 3.30 13.04 87.65
CA TYR L 536 4.54 12.62 87.01
C TYR L 536 4.47 11.18 86.54
N SER L 537 5.27 10.87 85.54
CA SER L 537 5.54 9.51 85.08
C SER L 537 6.99 9.40 84.67
N PHE L 538 7.84 8.85 85.53
CA PHE L 538 9.25 8.57 85.21
C PHE L 538 9.39 7.22 84.53
N ASN L 539 10.09 7.16 83.42
CA ASN L 539 10.24 5.95 82.63
C ASN L 539 11.59 5.29 82.91
N PHE L 540 11.54 4.05 83.37
CA PHE L 540 12.71 3.23 83.66
C PHE L 540 12.57 1.88 82.97
N LYS L 541 13.70 1.20 82.79
CA LYS L 541 13.76 -0.23 82.59
C LYS L 541 14.59 -0.84 83.70
N TRP L 542 14.24 -2.03 84.14
CA TRP L 542 15.02 -2.83 85.08
C TRP L 542 15.67 -3.98 84.33
N GLY L 543 16.94 -4.26 84.59
CA GLY L 543 17.71 -5.27 83.87
C GLY L 543 18.35 -6.27 84.80
N GLY L 544 18.45 -7.52 84.36
CA GLY L 544 19.13 -8.56 85.13
C GLY L 544 19.10 -9.93 84.45
N ASP L 545 19.74 -10.89 85.09
CA ASP L 545 19.51 -12.31 84.85
C ASP L 545 18.14 -12.74 85.37
N LEU L 546 17.59 -13.82 84.84
CA LEU L 546 16.22 -14.27 85.15
C LEU L 546 16.06 -14.57 86.66
N PRO L 547 15.02 -14.04 87.32
CA PRO L 547 14.78 -14.24 88.75
C PRO L 547 14.04 -15.57 89.05
N PRO L 548 14.04 -16.01 90.32
CA PRO L 548 13.22 -17.13 90.80
C PRO L 548 11.74 -16.74 90.99
N MET L 549 10.86 -17.73 91.21
CA MET L 549 9.41 -17.55 91.35
C MET L 549 8.77 -18.67 92.19
N SER L 550 7.56 -18.48 92.74
CA SER L 550 6.83 -19.48 93.55
C SER L 550 5.34 -19.59 93.20
N THR L 551 4.69 -20.66 93.65
CA THR L 551 3.34 -21.08 93.21
C THR L 551 2.44 -21.49 94.38
N ILE L 552 1.13 -21.55 94.13
CA ILE L 552 0.06 -21.77 95.12
C ILE L 552 -0.69 -23.06 94.82
N THR L 553 -1.14 -23.81 95.83
CA THR L 553 -1.92 -25.05 95.63
C THR L 553 -3.19 -24.79 94.83
N ASN L 554 -3.59 -25.71 93.94
CA ASN L 554 -4.86 -25.58 93.22
C ASN L 554 -6.11 -25.74 94.10
N PRO L 555 -6.20 -26.73 95.02
CA PRO L 555 -7.43 -26.95 95.79
C PRO L 555 -7.77 -25.80 96.71
N THR L 556 -6.79 -25.23 97.42
CA THR L 556 -7.01 -24.05 98.30
C THR L 556 -6.67 -22.80 97.50
N ASP L 557 -7.59 -22.36 96.62
CA ASP L 557 -7.33 -21.19 95.73
C ASP L 557 -8.65 -20.44 95.52
N GLN L 558 -8.62 -19.31 94.80
CA GLN L 558 -9.85 -18.52 94.54
C GLN L 558 -10.98 -19.48 94.17
N PRO L 559 -12.04 -19.64 95.00
CA PRO L 559 -13.10 -20.60 94.73
C PRO L 559 -14.14 -20.06 93.77
N THR L 560 -14.66 -20.92 92.88
CA THR L 560 -15.73 -20.50 91.96
C THR L 560 -17.01 -20.16 92.75
N TYR L 561 -17.86 -19.27 92.23
CA TYR L 561 -19.10 -18.86 92.90
C TYR L 561 -19.99 -20.05 93.32
N VAL L 562 -19.93 -21.16 92.55
CA VAL L 562 -20.61 -22.43 92.84
C VAL L 562 -20.20 -22.98 94.20
N LYS M 48 -22.10 60.88 36.32
CA LYS M 48 -22.68 61.94 35.45
C LYS M 48 -24.18 62.13 35.72
N ARG M 49 -25.01 61.15 35.35
CA ARG M 49 -26.45 61.13 35.65
C ARG M 49 -26.91 59.74 36.07
N LEU M 50 -27.83 59.66 37.01
CA LEU M 50 -28.33 58.41 37.60
C LEU M 50 -29.84 58.29 37.42
N ASN M 51 -30.34 57.07 37.30
CA ASN M 51 -31.77 56.80 37.42
C ASN M 51 -32.24 57.10 38.84
N ILE M 52 -33.39 57.75 38.98
CA ILE M 52 -34.07 57.86 40.26
C ILE M 52 -34.68 56.50 40.60
N VAL M 53 -34.50 56.06 41.84
CA VAL M 53 -34.91 54.75 42.35
C VAL M 53 -35.75 54.95 43.59
N GLU M 54 -36.76 54.10 43.78
CA GLU M 54 -37.62 54.07 44.96
C GLU M 54 -37.53 52.70 45.62
N TRP M 55 -37.62 52.65 46.95
CA TRP M 55 -37.66 51.39 47.68
C TRP M 55 -39.10 50.97 47.91
N GLN M 56 -39.40 49.75 47.43
CA GLN M 56 -40.79 49.23 47.45
C GLN M 56 -41.28 49.06 48.88
N PRO M 57 -42.57 49.37 49.16
CA PRO M 57 -43.14 49.28 50.49
C PRO M 57 -43.30 47.84 50.97
N LYS M 58 -43.41 47.66 52.29
CA LYS M 58 -43.31 46.36 52.96
C LYS M 58 -44.39 45.36 52.54
N SER M 59 -45.63 45.82 52.36
CA SER M 59 -46.74 45.01 51.83
C SER M 59 -47.48 45.74 50.72
N ILE M 60 -47.85 45.00 49.67
CA ILE M 60 -48.48 45.52 48.45
C ILE M 60 -49.70 44.66 48.09
N ARG M 61 -50.80 45.31 47.69
CA ARG M 61 -52.06 44.60 47.30
C ARG M 61 -52.71 45.20 46.02
N LYS M 62 -52.65 44.50 44.89
CA LYS M 62 -53.28 44.93 43.63
C LYS M 62 -54.79 45.07 43.81
N CYS M 63 -55.37 46.12 43.26
CA CYS M 63 -56.81 46.36 43.25
C CYS M 63 -57.26 46.93 41.91
N ARG M 64 -58.19 46.20 41.25
CA ARG M 64 -58.82 46.69 40.00
C ARG M 64 -60.21 47.27 40.32
N ILE M 65 -60.36 48.59 40.31
CA ILE M 65 -61.65 49.24 40.53
C ILE M 65 -62.45 49.07 39.25
N LYS M 66 -63.41 48.14 39.25
CA LYS M 66 -64.20 47.72 38.07
C LYS M 66 -65.61 48.22 38.18
N GLY M 67 -66.18 48.76 37.10
CA GLY M 67 -67.54 49.27 37.13
C GLY M 67 -68.05 49.72 35.77
N MET M 68 -69.23 50.32 35.76
CA MET M 68 -69.94 50.76 34.57
C MET M 68 -70.23 52.27 34.66
N LEU M 69 -69.95 53.03 33.61
CA LEU M 69 -70.18 54.48 33.55
C LEU M 69 -71.13 54.84 32.41
N CYS M 70 -72.18 55.59 32.69
CA CYS M 70 -73.06 56.15 31.67
C CYS M 70 -72.40 57.33 30.96
N LEU M 71 -72.23 57.25 29.64
CA LEU M 71 -71.60 58.31 28.84
C LEU M 71 -72.59 59.44 28.51
N PHE M 72 -73.80 59.08 28.12
CA PHE M 72 -74.92 60.01 27.98
C PHE M 72 -76.21 59.23 28.10
N GLN M 73 -77.30 59.93 28.41
CA GLN M 73 -78.64 59.43 28.15
C GLN M 73 -79.50 60.61 27.69
N THR M 74 -80.05 60.52 26.49
CA THR M 74 -80.56 61.67 25.73
C THR M 74 -81.87 61.38 25.04
N THR M 75 -82.72 62.39 24.96
CA THR M 75 -83.80 62.52 23.98
C THR M 75 -83.36 63.47 22.87
N GLU M 76 -84.15 63.61 21.81
CA GLU M 76 -83.83 64.52 20.68
C GLU M 76 -83.74 66.00 21.10
N ASP M 77 -84.60 66.42 22.03
CA ASP M 77 -84.68 67.80 22.53
C ASP M 77 -83.58 68.17 23.54
N ARG M 78 -82.69 67.23 23.86
CA ARG M 78 -81.52 67.45 24.73
C ARG M 78 -80.17 67.13 24.07
N LEU M 79 -80.13 66.86 22.76
CA LEU M 79 -78.91 66.44 22.08
C LEU M 79 -77.76 67.45 22.16
N SER M 80 -78.05 68.74 22.10
CA SER M 80 -77.02 69.79 22.14
C SER M 80 -76.52 70.17 23.54
N TYR M 81 -76.97 69.48 24.59
CA TYR M 81 -76.62 69.79 25.98
C TYR M 81 -75.75 68.72 26.63
N ASN M 82 -74.93 69.13 27.60
CA ASN M 82 -74.06 68.27 28.37
C ASN M 82 -74.85 67.42 29.38
N PHE M 83 -74.70 66.10 29.33
CA PHE M 83 -75.23 65.17 30.31
C PHE M 83 -74.41 65.16 31.59
N ASP M 84 -75.00 65.61 32.69
CA ASP M 84 -74.55 65.32 34.04
C ASP M 84 -75.51 64.34 34.69
N MET M 85 -74.99 63.24 35.24
CA MET M 85 -75.81 62.23 35.93
C MET M 85 -76.29 62.71 37.30
N TYR M 86 -75.54 63.62 37.92
CA TYR M 86 -75.85 64.27 39.18
C TYR M 86 -76.21 65.74 38.90
N GLU M 87 -77.50 66.04 39.03
CA GLU M 87 -78.19 67.09 38.29
C GLU M 87 -78.24 68.48 38.93
N GLU M 88 -78.50 69.49 38.10
CA GLU M 88 -79.18 70.71 38.55
C GLU M 88 -80.65 70.31 38.72
N SER M 89 -81.19 70.35 39.95
CA SER M 89 -82.36 69.56 40.39
C SER M 89 -83.65 69.69 39.56
N ILE M 90 -83.78 70.74 38.75
CA ILE M 90 -84.89 70.93 37.80
C ILE M 90 -84.75 70.07 36.53
N ILE M 91 -83.53 69.78 36.06
CA ILE M 91 -83.30 69.09 34.77
C ILE M 91 -84.01 67.74 34.70
N PRO M 92 -83.88 66.79 35.66
CA PRO M 92 -84.56 65.51 35.53
C PRO M 92 -86.08 65.56 35.76
N GLU M 93 -86.65 66.68 36.22
CA GLU M 93 -88.10 66.80 36.38
C GLU M 93 -88.77 66.83 35.00
N LYS M 94 -89.45 65.73 34.65
CA LYS M 94 -90.11 65.52 33.36
C LYS M 94 -89.15 65.53 32.14
N LEU M 95 -87.86 65.21 32.33
CA LEU M 95 -86.96 64.79 31.25
C LEU M 95 -86.33 63.42 31.54
N PRO M 96 -86.50 62.41 30.67
CA PRO M 96 -85.92 61.10 30.89
C PRO M 96 -84.42 61.00 30.51
N GLY M 97 -83.88 61.97 29.77
CA GLY M 97 -82.45 62.07 29.47
C GLY M 97 -82.00 63.53 29.38
N GLY M 98 -80.91 63.87 30.05
CA GLY M 98 -80.50 65.26 30.27
C GLY M 98 -79.59 65.87 29.21
N GLY M 99 -78.92 65.07 28.38
CA GLY M 99 -77.94 65.61 27.43
C GLY M 99 -77.37 64.58 26.46
N GLY M 100 -76.99 64.99 25.26
CA GLY M 100 -76.49 64.12 24.19
C GLY M 100 -74.99 64.07 24.04
N PHE M 101 -74.25 64.83 24.84
CA PHE M 101 -72.80 64.71 24.94
C PHE M 101 -72.40 64.80 26.40
N SER M 102 -71.22 64.32 26.78
CA SER M 102 -70.66 64.62 28.09
C SER M 102 -69.17 64.79 28.05
N ILE M 103 -68.65 65.53 29.03
CA ILE M 103 -67.25 65.47 29.43
C ILE M 103 -67.20 64.90 30.84
N LYS M 104 -66.54 63.75 31.01
CA LYS M 104 -66.33 63.07 32.29
C LYS M 104 -64.88 63.25 32.71
N ASN M 105 -64.64 63.68 33.94
CA ASN M 105 -63.33 63.56 34.59
C ASN M 105 -63.40 62.47 35.65
N ILE M 106 -62.47 61.52 35.62
CA ILE M 106 -62.39 60.43 36.59
C ILE M 106 -61.19 60.64 37.52
N SER M 107 -61.42 60.56 38.82
CA SER M 107 -60.40 60.61 39.87
C SER M 107 -60.68 59.50 40.87
N LEU M 108 -59.69 59.11 41.65
CA LEU M 108 -59.85 58.09 42.69
C LEU M 108 -60.94 58.46 43.71
N TYR M 109 -61.15 59.73 44.00
CA TYR M 109 -62.26 60.17 44.82
C TYR M 109 -63.61 60.04 44.10
N ALA M 110 -63.70 60.34 42.81
CA ALA M 110 -64.90 60.07 42.02
C ALA M 110 -65.19 58.56 41.92
N LEU M 111 -64.18 57.71 41.81
CA LEU M 111 -64.35 56.25 41.89
C LEU M 111 -64.87 55.80 43.25
N TYR M 112 -64.40 56.37 44.35
CA TYR M 112 -64.99 56.15 45.67
C TYR M 112 -66.44 56.63 45.76
N GLN M 113 -66.78 57.78 45.20
CA GLN M 113 -68.17 58.24 45.16
C GLN M 113 -69.07 57.31 44.34
N GLU M 114 -68.60 56.77 43.22
CA GLU M 114 -69.34 55.76 42.46
C GLU M 114 -69.49 54.45 43.25
N HIS M 115 -68.60 54.15 44.20
CA HIS M 115 -68.73 52.96 45.09
C HIS M 115 -69.84 53.20 46.11
N ILE M 116 -70.07 54.44 46.53
CA ILE M 116 -71.19 54.79 47.42
C ILE M 116 -72.54 54.65 46.70
N HIS M 117 -72.60 54.89 45.40
CA HIS M 117 -73.75 54.59 44.55
C HIS M 117 -73.86 53.10 44.15
N ALA M 118 -72.96 52.25 44.61
CA ALA M 118 -72.84 50.84 44.23
C ALA M 118 -72.61 50.62 42.73
N HIS M 119 -72.05 51.59 42.01
CA HIS M 119 -71.78 51.49 40.58
C HIS M 119 -70.47 50.77 40.23
N ASN M 120 -69.60 50.51 41.22
CA ASN M 120 -68.36 49.77 41.03
C ASN M 120 -68.04 48.87 42.22
N ILE M 121 -67.09 47.97 41.99
CA ILE M 121 -66.45 47.16 43.02
C ILE M 121 -64.97 47.56 43.12
N PHE M 122 -64.40 47.48 44.32
CA PHE M 122 -62.96 47.50 44.53
C PHE M 122 -62.52 46.06 44.77
N THR M 123 -61.64 45.52 43.94
CA THR M 123 -61.20 44.12 44.04
C THR M 123 -60.44 43.83 45.34
N HIS M 124 -59.85 44.87 45.93
CA HIS M 124 -59.19 44.77 47.25
C HIS M 124 -59.47 46.09 47.98
N THR M 125 -59.80 46.05 49.26
CA THR M 125 -59.94 47.25 50.09
C THR M 125 -58.60 47.96 50.28
N ASN M 126 -58.68 49.24 50.64
CA ASN M 126 -57.55 50.15 50.85
C ASN M 126 -57.46 50.66 52.30
N THR M 127 -58.18 50.06 53.26
CA THR M 127 -58.44 50.69 54.56
C THR M 127 -57.19 50.94 55.40
N ASP M 128 -56.19 50.07 55.31
CA ASP M 128 -55.00 50.11 56.16
C ASP M 128 -53.68 50.16 55.37
N ARG M 129 -53.76 50.50 54.08
CA ARG M 129 -52.58 50.69 53.20
C ARG M 129 -52.75 52.10 52.61
N PRO M 130 -52.04 53.15 53.09
CA PRO M 130 -52.30 54.53 52.71
C PRO M 130 -51.63 54.97 51.40
N LEU M 131 -50.65 54.22 50.90
CA LEU M 131 -49.99 54.51 49.63
C LEU M 131 -50.80 53.93 48.46
N ALA M 132 -50.71 54.58 47.31
CA ALA M 132 -51.28 54.14 46.05
C ALA M 132 -50.27 54.24 44.91
N ARG M 133 -50.36 53.29 43.96
CA ARG M 133 -49.50 53.27 42.75
C ARG M 133 -50.40 52.99 41.53
N TYR M 134 -50.93 54.02 40.88
CA TYR M 134 -51.81 53.91 39.72
C TYR M 134 -51.04 53.45 38.48
N THR M 135 -51.56 52.45 37.78
CA THR M 135 -50.85 51.78 36.66
C THR M 135 -51.52 52.02 35.30
N GLY M 136 -52.72 52.59 35.27
CA GLY M 136 -53.47 52.85 34.04
C GLY M 136 -54.87 52.26 34.08
N CYS M 137 -55.59 52.38 32.98
CA CYS M 137 -56.99 52.03 32.86
C CYS M 137 -57.26 51.13 31.64
N SER M 138 -58.22 50.23 31.73
CA SER M 138 -58.85 49.59 30.57
C SER M 138 -60.28 50.07 30.45
N LEU M 139 -60.68 50.49 29.25
CA LEU M 139 -62.07 50.81 28.93
C LEU M 139 -62.62 49.82 27.90
N LYS M 140 -63.85 49.35 28.09
CA LYS M 140 -64.65 48.65 27.08
C LYS M 140 -65.87 49.49 26.75
N PHE M 141 -65.93 50.01 25.53
CA PHE M 141 -67.04 50.82 25.06
C PHE M 141 -68.03 49.91 24.34
N TYR M 142 -69.28 49.87 24.78
CA TYR M 142 -70.28 48.98 24.20
C TYR M 142 -71.07 49.65 23.08
N GLN M 143 -71.36 48.90 22.02
CA GLN M 143 -72.35 49.31 21.04
C GLN M 143 -73.71 49.50 21.71
N SER M 144 -74.31 50.66 21.59
CA SER M 144 -75.71 50.84 21.95
C SER M 144 -76.62 50.16 20.95
N LYS M 145 -77.86 49.87 21.33
CA LYS M 145 -78.85 49.28 20.42
C LYS M 145 -79.21 50.24 19.28
N ASP M 146 -79.58 51.47 19.62
CA ASP M 146 -80.26 52.41 18.70
C ASP M 146 -79.43 53.60 18.23
N ILE M 147 -78.31 53.93 18.90
CA ILE M 147 -77.55 55.18 18.59
C ILE M 147 -76.05 54.92 18.45
N ASP M 148 -75.40 55.60 17.51
CA ASP M 148 -73.92 55.50 17.33
C ASP M 148 -73.33 56.54 18.27
N TYR M 149 -72.01 56.59 18.44
CA TYR M 149 -71.43 57.68 19.27
C TYR M 149 -69.92 57.76 19.12
N VAL M 150 -69.38 58.96 19.11
CA VAL M 150 -67.94 59.23 19.02
C VAL M 150 -67.41 59.41 20.44
N VAL M 151 -66.27 58.81 20.75
CA VAL M 151 -65.52 59.06 21.97
C VAL M 151 -64.16 59.62 21.62
N THR M 152 -63.66 60.54 22.43
CA THR M 152 -62.22 60.79 22.52
C THR M 152 -61.85 61.04 23.97
N TYR M 153 -60.63 60.71 24.35
CA TYR M 153 -60.18 60.80 25.74
C TYR M 153 -58.83 61.47 25.82
N SER M 154 -58.50 62.01 26.98
CA SER M 154 -57.24 62.68 27.23
C SER M 154 -56.74 62.35 28.63
N THR M 155 -55.43 62.48 28.87
CA THR M 155 -54.84 62.27 30.21
C THR M 155 -53.83 63.38 30.52
N SER M 156 -53.91 64.53 29.83
CA SER M 156 -53.05 65.68 30.21
C SER M 156 -53.42 66.05 31.64
N LEU M 157 -52.53 65.81 32.61
CA LEU M 157 -52.86 66.05 34.04
C LEU M 157 -53.53 67.42 34.19
N PRO M 158 -53.04 68.51 33.58
CA PRO M 158 -53.73 69.79 33.65
C PRO M 158 -55.15 69.64 33.14
N LEU M 159 -56.15 69.87 34.00
CA LEU M 159 -57.58 69.72 33.63
C LEU M 159 -58.22 71.11 33.52
N ARG M 160 -58.85 71.41 32.38
CA ARG M 160 -59.54 72.71 32.17
C ARG M 160 -60.58 72.57 31.05
N SER M 161 -61.55 73.49 30.98
CA SER M 161 -62.60 73.48 29.94
C SER M 161 -62.32 74.66 28.98
N SER M 162 -62.79 74.55 27.73
CA SER M 162 -62.58 75.63 26.72
C SER M 162 -63.82 75.78 25.84
N MET M 163 -64.04 76.97 25.28
CA MET M 163 -65.15 77.23 24.36
C MET M 163 -65.01 76.40 23.07
N GLY M 164 -63.79 76.27 22.56
CA GLY M 164 -63.48 75.42 21.41
C GLY M 164 -63.68 73.93 21.69
N MET M 165 -63.39 73.45 22.90
CA MET M 165 -63.72 72.08 23.30
C MET M 165 -65.23 71.84 23.22
N TYR M 166 -66.06 72.69 23.82
CA TYR M 166 -67.51 72.49 23.82
C TYR M 166 -68.11 72.59 22.41
N ASN M 167 -67.66 73.51 21.57
CA ASN M 167 -68.09 73.52 20.16
C ASN M 167 -67.63 72.26 19.43
N SER M 168 -66.39 71.81 19.64
CA SER M 168 -65.88 70.61 18.99
C SER M 168 -66.57 69.32 19.42
N MET M 169 -67.40 69.34 20.46
CA MET M 169 -68.30 68.22 20.79
C MET M 169 -69.41 68.01 19.78
N GLN M 170 -69.66 68.96 18.87
CA GLN M 170 -70.67 68.80 17.82
C GLN M 170 -70.36 67.52 17.04
N PRO M 171 -71.34 66.64 16.77
CA PRO M 171 -71.05 65.29 16.31
C PRO M 171 -70.22 65.20 15.04
N SER M 172 -70.45 66.06 14.06
CA SER M 172 -69.67 66.12 12.82
C SER M 172 -68.24 66.57 13.07
N ILE M 173 -68.03 67.57 13.94
CA ILE M 173 -66.71 68.08 14.27
C ILE M 173 -65.92 67.08 15.10
N HIS M 174 -66.54 66.47 16.12
CA HIS M 174 -65.92 65.42 16.92
C HIS M 174 -65.54 64.22 16.04
N LEU M 175 -66.42 63.80 15.13
CA LEU M 175 -66.13 62.72 14.18
C LEU M 175 -64.97 63.05 13.22
N MET M 176 -64.62 64.31 12.97
CA MET M 176 -63.43 64.65 12.18
C MET M 176 -62.13 64.62 12.97
N GLN M 177 -62.16 64.71 14.30
CA GLN M 177 -60.94 64.81 15.11
C GLN M 177 -60.05 63.57 15.01
N GLN M 178 -58.74 63.77 15.21
CA GLN M 178 -57.78 62.67 15.32
C GLN M 178 -57.89 61.96 16.67
N ASN M 179 -57.56 60.67 16.70
CA ASN M 179 -57.67 59.82 17.89
C ASN M 179 -59.08 59.78 18.49
N LYS M 180 -60.10 59.93 17.62
CA LYS M 180 -61.47 59.55 17.91
C LYS M 180 -61.60 58.03 17.98
N LEU M 181 -62.66 57.57 18.61
CA LEU M 181 -63.19 56.23 18.50
C LEU M 181 -64.66 56.34 18.11
N ILE M 182 -65.06 55.71 17.02
CA ILE M 182 -66.48 55.65 16.61
C ILE M 182 -67.01 54.30 17.04
N VAL M 183 -68.14 54.31 17.75
CA VAL M 183 -68.86 53.09 18.13
C VAL M 183 -70.19 53.07 17.37
N PRO M 184 -70.31 52.29 16.30
CA PRO M 184 -71.58 52.11 15.61
C PRO M 184 -72.57 51.42 16.54
N SER M 185 -73.85 51.72 16.42
CA SER M 185 -74.90 50.95 17.05
C SER M 185 -74.93 49.51 16.52
N LYS M 186 -75.57 48.60 17.25
CA LYS M 186 -75.79 47.22 16.78
C LYS M 186 -76.63 47.18 15.51
N GLN M 187 -77.50 48.16 15.30
CA GLN M 187 -78.25 48.34 14.06
C GLN M 187 -77.37 48.76 12.88
N THR M 188 -76.46 49.73 13.04
CA THR M 188 -75.62 50.18 11.93
C THR M 188 -74.46 49.24 11.60
N GLN M 189 -73.94 48.46 12.56
CA GLN M 189 -72.96 47.41 12.27
C GLN M 189 -73.01 46.28 13.30
N LYS M 190 -73.31 45.05 12.86
CA LYS M 190 -73.09 43.83 13.63
C LYS M 190 -71.60 43.49 13.64
N ARG M 191 -71.06 43.15 14.82
CA ARG M 191 -69.62 42.92 15.04
C ARG M 191 -69.36 41.58 15.73
N ARG M 192 -68.16 41.03 15.58
CA ARG M 192 -67.72 39.82 16.29
C ARG M 192 -67.73 40.05 17.80
N LYS M 193 -67.03 41.10 18.26
CA LYS M 193 -67.06 41.54 19.66
C LYS M 193 -68.02 42.73 19.78
N PRO M 194 -68.96 42.72 20.74
CA PRO M 194 -69.99 43.76 20.87
C PRO M 194 -69.47 45.06 21.52
N TYR M 195 -68.17 45.21 21.67
CA TYR M 195 -67.51 46.31 22.36
C TYR M 195 -66.18 46.63 21.68
N ILE M 196 -65.66 47.83 21.90
CA ILE M 196 -64.30 48.21 21.53
C ILE M 196 -63.49 48.45 22.80
N LYS M 197 -62.34 47.78 22.93
CA LYS M 197 -61.50 47.76 24.14
C LYS M 197 -60.21 48.50 23.88
N LYS M 198 -59.82 49.41 24.78
CA LYS M 198 -58.48 50.00 24.75
C LYS M 198 -57.93 50.40 26.10
N HIS M 199 -56.61 50.31 26.21
CA HIS M 199 -55.84 50.58 27.41
C HIS M 199 -55.31 52.00 27.38
N ILE M 200 -55.43 52.71 28.49
CA ILE M 200 -55.06 54.10 28.64
C ILE M 200 -54.00 54.23 29.74
N SER M 201 -52.86 54.82 29.41
CA SER M 201 -51.73 55.00 30.32
C SER M 201 -52.01 56.11 31.35
N PRO M 202 -51.35 56.16 32.52
CA PRO M 202 -51.51 57.28 33.44
C PRO M 202 -51.19 58.65 32.81
N PRO M 203 -51.70 59.76 33.38
CA PRO M 203 -51.23 61.09 33.05
C PRO M 203 -49.71 61.17 33.09
N THR M 204 -49.09 61.94 32.19
CA THR M 204 -47.61 62.03 32.16
C THR M 204 -47.02 62.58 33.47
N GLN M 205 -47.83 63.36 34.21
CA GLN M 205 -47.44 63.95 35.53
C GLN M 205 -47.56 62.89 36.64
N MET M 206 -48.39 61.87 36.48
CA MET M 206 -48.46 60.74 37.40
C MET M 206 -47.37 59.73 37.04
N LYS M 207 -46.25 59.77 37.75
CA LYS M 207 -45.12 58.86 37.53
C LYS M 207 -45.40 57.49 38.15
N SER M 208 -44.58 56.48 37.87
CA SER M 208 -44.78 55.13 38.42
C SER M 208 -44.54 55.02 39.93
N GLN M 209 -44.04 56.07 40.58
CA GLN M 209 -43.81 56.10 42.02
C GLN M 209 -45.08 55.86 42.87
N TRP M 210 -44.89 55.52 44.13
CA TRP M 210 -45.95 55.53 45.13
C TRP M 210 -46.34 56.96 45.52
N TYR M 211 -47.62 57.18 45.80
CA TYR M 211 -48.17 58.45 46.28
C TYR M 211 -49.13 58.17 47.44
N PHE M 212 -49.18 59.02 48.46
CA PHE M 212 -50.26 58.94 49.44
C PHE M 212 -51.62 59.10 48.76
N GLN M 213 -52.58 58.25 49.11
CA GLN M 213 -53.94 58.29 48.53
C GLN M 213 -54.61 59.63 48.82
N HIS M 214 -54.27 60.33 49.91
CA HIS M 214 -54.82 61.66 50.26
C HIS M 214 -54.37 62.70 49.22
N ASN M 215 -53.14 62.57 48.70
CA ASN M 215 -52.60 63.52 47.73
C ASN M 215 -53.22 63.33 46.34
N ILE M 216 -53.26 62.09 45.85
CA ILE M 216 -53.77 61.79 44.51
C ILE M 216 -55.30 61.66 44.42
N ALA M 217 -56.03 61.66 45.53
CA ALA M 217 -57.48 61.44 45.56
C ALA M 217 -58.24 62.27 44.53
N ASN M 218 -57.96 63.57 44.44
CA ASN M 218 -58.68 64.51 43.58
C ASN M 218 -58.02 64.79 42.23
N ILE M 219 -56.82 64.26 41.96
CA ILE M 219 -56.11 64.43 40.68
C ILE M 219 -56.91 63.72 39.57
N PRO M 220 -57.36 64.40 38.50
CA PRO M 220 -58.14 63.76 37.45
C PRO M 220 -57.24 62.92 36.57
N LEU M 221 -57.39 61.58 36.61
CA LEU M 221 -56.47 60.62 35.92
C LEU M 221 -56.98 60.26 34.51
N LEU M 222 -58.19 60.63 34.17
CA LEU M 222 -58.74 60.42 32.84
C LEU M 222 -59.83 61.45 32.53
N MET M 223 -59.85 61.99 31.31
CA MET M 223 -61.02 62.67 30.76
C MET M 223 -61.61 61.87 29.60
N ILE M 224 -62.92 61.60 29.62
CA ILE M 224 -63.64 61.01 28.49
C ILE M 224 -64.60 62.05 27.92
N ARG M 225 -64.55 62.30 26.62
CA ARG M 225 -65.48 63.14 25.88
C ARG M 225 -66.32 62.26 24.96
N THR M 226 -67.64 62.33 25.03
CA THR M 226 -68.53 61.51 24.21
C THR M 226 -69.64 62.36 23.60
N THR M 227 -70.01 62.13 22.35
CA THR M 227 -71.15 62.77 21.69
C THR M 227 -71.98 61.75 20.93
N ALA M 228 -73.31 61.87 21.00
CA ALA M 228 -74.27 61.04 20.28
C ALA M 228 -74.35 61.43 18.80
N LEU M 229 -74.51 60.45 17.91
CA LEU M 229 -74.22 60.54 16.49
C LEU M 229 -75.23 59.71 15.69
N THR M 230 -75.45 60.03 14.42
CA THR M 230 -75.89 59.00 13.46
C THR M 230 -75.03 59.02 12.22
N LEU M 231 -74.57 57.84 11.79
CA LEU M 231 -73.81 57.64 10.57
C LEU M 231 -74.72 57.50 9.34
N ASP M 232 -75.85 56.80 9.46
CA ASP M 232 -76.79 56.54 8.35
C ASP M 232 -77.74 57.70 8.02
N ASN M 233 -77.94 58.64 8.95
CA ASN M 233 -78.79 59.82 8.81
C ASN M 233 -77.96 61.10 8.95
N TYR M 234 -76.68 61.06 8.60
CA TYR M 234 -75.72 62.12 8.89
C TYR M 234 -76.15 63.51 8.40
N TYR M 235 -76.69 63.62 7.19
CA TYR M 235 -77.13 64.90 6.63
C TYR M 235 -78.59 65.23 6.97
N ILE M 236 -79.50 64.29 6.73
CA ILE M 236 -80.94 64.50 6.97
C ILE M 236 -81.24 64.66 8.47
N GLY M 237 -80.60 63.86 9.32
CA GLY M 237 -80.78 63.89 10.76
C GLY M 237 -82.23 63.62 11.12
N SER M 238 -82.89 64.59 11.73
CA SER M 238 -84.33 64.56 12.02
C SER M 238 -85.14 65.62 11.26
N ARG M 239 -84.62 66.15 10.14
CA ARG M 239 -85.31 67.07 9.24
C ARG M 239 -86.67 66.53 8.82
N GLN M 240 -87.67 67.41 8.78
CA GLN M 240 -89.02 67.14 8.25
C GLN M 240 -89.35 68.21 7.20
N LEU M 241 -89.98 67.83 6.09
CA LEU M 241 -90.31 68.74 4.98
C LEU M 241 -89.04 69.47 4.45
N SER M 242 -89.06 70.81 4.42
CA SER M 242 -87.97 71.64 3.90
C SER M 242 -86.66 71.50 4.69
N THR M 243 -85.53 71.82 4.07
CA THR M 243 -84.24 71.95 4.77
C THR M 243 -84.23 73.13 5.75
N ASN M 244 -85.02 74.18 5.48
CA ASN M 244 -85.16 75.35 6.34
C ASN M 244 -85.82 74.99 7.68
N VAL M 245 -85.26 75.49 8.77
CA VAL M 245 -85.87 75.46 10.11
C VAL M 245 -86.42 76.85 10.44
N THR M 246 -87.56 76.91 11.11
CA THR M 246 -88.17 78.17 11.56
C THR M 246 -87.74 78.51 12.97
N ILE M 247 -87.19 79.71 13.17
CA ILE M 247 -86.79 80.25 14.46
C ILE M 247 -87.78 81.35 14.84
N HIS M 248 -88.32 81.32 16.06
CA HIS M 248 -89.15 82.45 16.56
C HIS M 248 -88.18 83.40 17.26
N THR M 249 -88.42 84.71 17.25
CA THR M 249 -87.60 85.68 17.97
C THR M 249 -88.42 86.86 18.49
N LEU M 250 -87.90 87.57 19.49
CA LEU M 250 -88.54 88.82 19.96
C LEU M 250 -88.17 89.91 18.95
N ASN M 251 -89.16 90.61 18.38
CA ASN M 251 -88.85 91.77 17.49
C ASN M 251 -87.80 92.61 18.23
N THR M 252 -86.64 92.85 17.62
CA THR M 252 -85.55 93.64 18.24
C THR M 252 -85.87 95.10 18.07
N THR M 253 -86.54 95.48 16.99
CA THR M 253 -86.82 96.89 16.63
C THR M 253 -87.90 97.54 17.49
N TYR M 254 -88.52 96.81 18.43
CA TYR M 254 -89.57 97.33 19.32
C TYR M 254 -89.44 96.85 20.77
N ILE M 255 -89.08 95.59 21.00
CA ILE M 255 -88.91 95.01 22.33
C ILE M 255 -87.43 95.13 22.77
N GLN M 256 -87.05 96.14 23.54
CA GLN M 256 -85.61 96.30 23.88
C GLN M 256 -85.36 96.67 25.35
N ASN M 257 -86.40 97.06 26.10
CA ASN M 257 -86.13 97.60 27.43
C ASN M 257 -85.64 96.59 28.46
N ARG M 258 -85.91 95.30 28.28
CA ARG M 258 -85.44 94.20 29.19
C ARG M 258 -85.81 94.47 30.66
N ASP M 259 -86.93 95.17 30.93
CA ASP M 259 -87.39 95.43 32.30
C ASP M 259 -88.41 94.39 32.78
N TRP M 260 -88.03 93.11 32.76
CA TRP M 260 -88.97 92.00 32.93
C TRP M 260 -89.15 91.47 34.35
N GLY M 261 -90.29 90.82 34.58
CA GLY M 261 -90.52 89.97 35.76
C GLY M 261 -90.91 90.71 37.04
N ASP M 262 -91.64 91.83 36.93
CA ASP M 262 -92.30 92.51 38.06
C ASP M 262 -93.79 92.78 37.76
N ARG M 263 -94.66 92.64 38.78
CA ARG M 263 -96.07 93.09 38.66
C ARG M 263 -96.11 94.50 39.27
N ASN M 264 -94.97 94.99 39.77
CA ASN M 264 -94.83 96.30 40.42
C ASN M 264 -94.40 97.43 39.46
N LYS M 265 -94.43 97.19 38.15
CA LYS M 265 -93.92 98.10 37.10
C LYS M 265 -94.79 98.03 35.85
N THR M 266 -95.32 99.16 35.39
CA THR M 266 -95.99 99.22 34.07
C THR M 266 -94.96 99.02 32.96
N TYR M 267 -95.15 98.02 32.09
CA TYR M 267 -94.15 97.69 31.08
C TYR M 267 -94.20 98.64 29.88
N TYR M 268 -93.02 99.02 29.41
CA TYR M 268 -92.79 99.85 28.23
C TYR M 268 -91.73 99.16 27.38
N CYS M 269 -91.94 99.05 26.07
CA CYS M 269 -91.17 98.15 25.23
C CYS M 269 -89.84 98.74 24.73
N GLN M 270 -89.79 100.04 24.44
CA GLN M 270 -88.57 100.74 24.05
C GLN M 270 -88.54 102.19 24.54
N THR M 271 -87.35 102.76 24.63
CA THR M 271 -87.10 104.20 24.74
C THR M 271 -86.44 104.70 23.47
N LEU M 272 -86.87 105.85 22.95
CA LEU M 272 -86.18 106.56 21.86
C LEU M 272 -86.09 108.05 22.24
N GLY M 273 -84.90 108.65 22.12
CA GLY M 273 -84.66 109.98 22.69
C GLY M 273 -84.96 110.03 24.19
N THR M 274 -85.92 110.87 24.59
CA THR M 274 -86.48 110.92 25.95
C THR M 274 -87.77 110.09 26.12
N GLN M 275 -88.38 109.61 25.03
CA GLN M 275 -89.71 108.97 25.06
C GLN M 275 -89.67 107.56 25.65
N ARG M 276 -90.85 107.08 26.05
CA ARG M 276 -91.16 105.66 26.30
C ARG M 276 -92.29 105.22 25.38
N TYR M 277 -92.25 103.98 24.91
CA TYR M 277 -93.27 103.41 24.03
C TYR M 277 -93.95 102.21 24.69
N PHE M 278 -95.23 102.05 24.41
CA PHE M 278 -96.15 101.20 25.15
C PHE M 278 -96.98 100.36 24.18
N LEU M 279 -97.41 99.20 24.66
CA LEU M 279 -98.17 98.22 23.89
C LEU M 279 -99.56 98.08 24.50
N TYR M 280 -100.57 97.86 23.66
CA TYR M 280 -101.96 97.62 24.08
C TYR M 280 -102.56 96.50 23.26
N GLY M 281 -103.27 95.56 23.89
CA GLY M 281 -104.03 94.52 23.19
C GLY M 281 -105.45 94.99 22.91
N THR M 282 -106.10 94.44 21.89
CA THR M 282 -107.54 94.63 21.72
C THR M 282 -108.19 93.40 21.09
N HIS M 283 -109.48 93.18 21.40
CA HIS M 283 -110.27 92.10 20.74
C HIS M 283 -111.12 92.77 19.64
N SER M 284 -110.96 94.09 19.43
CA SER M 284 -111.77 94.84 18.47
C SER M 284 -111.63 94.28 17.04
N THR M 285 -112.76 94.22 16.35
CA THR M 285 -112.85 93.91 14.91
C THR M 285 -112.59 95.14 14.02
N ALA M 286 -112.33 96.32 14.60
CA ALA M 286 -112.10 97.55 13.86
C ALA M 286 -110.92 97.40 12.88
N GLN M 287 -111.14 97.77 11.62
CA GLN M 287 -110.13 97.65 10.56
C GLN M 287 -109.12 98.81 10.57
N ASN M 288 -109.52 99.99 11.07
CA ASN M 288 -108.71 101.21 11.00
C ASN M 288 -108.15 101.57 12.38
N ILE M 289 -106.82 101.68 12.47
CA ILE M 289 -106.10 102.01 13.71
C ILE M 289 -106.51 103.36 14.31
N ASN M 290 -107.02 104.30 13.49
CA ASN M 290 -107.44 105.61 13.95
C ASN M 290 -108.74 105.56 14.79
N ASP M 291 -109.73 104.75 14.41
CA ASP M 291 -111.11 104.80 15.03
C ASP M 291 -111.30 103.90 16.25
N ILE M 292 -110.36 103.03 16.60
CA ILE M 292 -110.44 102.25 17.84
C ILE M 292 -110.63 103.20 19.03
N LYS M 293 -111.48 102.82 19.99
CA LYS M 293 -111.78 103.66 21.18
C LYS M 293 -110.57 103.73 22.13
N LEU M 294 -110.67 104.54 23.18
CA LEU M 294 -109.65 104.55 24.25
C LEU M 294 -109.99 103.35 25.16
N GLN M 295 -111.25 102.87 25.11
CA GLN M 295 -111.73 101.74 25.92
C GLN M 295 -111.25 100.39 25.38
N GLU M 296 -111.30 100.19 24.06
CA GLU M 296 -110.95 98.89 23.44
C GLU M 296 -109.58 98.40 23.92
N LEU M 297 -108.60 99.30 24.04
CA LEU M 297 -107.21 98.91 24.39
C LEU M 297 -107.13 98.21 25.76
N ILE M 298 -106.36 97.13 25.86
CA ILE M 298 -106.12 96.39 27.15
C ILE M 298 -104.67 96.70 27.51
N PRO M 299 -104.38 97.70 28.36
CA PRO M 299 -103.02 98.15 28.60
C PRO M 299 -102.25 97.08 29.34
N LEU M 300 -100.93 97.02 29.16
CA LEU M 300 -100.07 95.98 29.79
C LEU M 300 -99.32 96.59 30.97
N THR M 301 -99.66 96.21 32.21
CA THR M 301 -99.03 96.75 33.44
C THR M 301 -98.26 95.63 34.13
N ASN M 302 -98.24 94.43 33.54
CA ASN M 302 -97.49 93.30 34.09
C ASN M 302 -96.72 92.60 32.95
N THR M 303 -95.48 92.16 33.19
CA THR M 303 -94.86 91.13 32.31
C THR M 303 -94.67 89.79 33.00
N GLN M 304 -94.66 89.78 34.34
CA GLN M 304 -94.33 88.57 35.16
C GLN M 304 -95.37 87.44 35.12
N ASP M 305 -96.56 87.65 34.59
CA ASP M 305 -97.60 86.60 34.63
C ASP M 305 -98.04 86.10 33.25
N TYR M 306 -98.64 84.92 33.21
CA TYR M 306 -99.24 84.38 31.97
C TYR M 306 -100.57 85.05 31.61
N VAL M 307 -101.13 85.89 32.48
CA VAL M 307 -102.50 86.42 32.37
C VAL M 307 -102.73 87.20 31.06
N GLN M 308 -103.86 86.96 30.41
CA GLN M 308 -104.29 87.62 29.17
C GLN M 308 -104.78 89.05 29.40
N GLY M 309 -105.29 89.33 30.61
CA GLY M 309 -106.11 90.50 30.86
C GLY M 309 -107.53 90.32 30.33
N PHE M 310 -108.31 91.39 30.31
CA PHE M 310 -109.66 91.42 29.73
C PHE M 310 -110.04 92.84 29.32
N ASP M 311 -111.07 92.93 28.48
CA ASP M 311 -111.58 94.20 27.94
C ASP M 311 -112.45 94.97 28.94
N TRP M 312 -112.54 96.29 28.78
CA TRP M 312 -113.37 97.19 29.60
C TRP M 312 -114.86 96.81 29.58
N THR M 313 -115.32 96.12 28.53
CA THR M 313 -116.69 95.56 28.49
C THR M 313 -116.96 94.54 29.61
N GLU M 314 -115.93 94.01 30.27
CA GLU M 314 -116.08 93.12 31.43
C GLU M 314 -115.94 93.85 32.79
N LYS M 315 -116.00 95.19 32.79
CA LYS M 315 -116.02 96.03 34.00
C LYS M 315 -116.96 95.49 35.09
N ASP M 316 -118.17 95.13 34.70
CA ASP M 316 -119.20 94.61 35.62
C ASP M 316 -118.98 93.15 36.05
N LYS M 317 -118.11 92.38 35.39
CA LYS M 317 -117.77 91.01 35.81
C LYS M 317 -116.73 90.99 36.94
N HIS M 318 -115.88 92.03 37.01
CA HIS M 318 -114.80 92.16 38.04
C HIS M 318 -115.08 93.38 38.94
N ASN M 319 -116.32 93.82 39.06
CA ASN M 319 -116.75 94.92 39.95
C ASN M 319 -115.85 96.16 39.85
N ILE M 320 -115.33 96.44 38.65
CA ILE M 320 -114.40 97.54 38.41
C ILE M 320 -115.14 98.88 38.50
N THR M 321 -114.59 99.82 39.26
CA THR M 321 -115.16 101.17 39.43
C THR M 321 -114.42 102.24 38.63
N THR M 322 -113.14 102.02 38.29
CA THR M 322 -112.28 103.01 37.63
C THR M 322 -111.30 102.36 36.66
N TYR M 323 -110.73 103.16 35.75
CA TYR M 323 -109.64 102.70 34.91
C TYR M 323 -108.41 102.24 35.73
N LYS M 324 -108.19 102.79 36.93
CA LYS M 324 -107.18 102.28 37.88
C LYS M 324 -107.42 100.81 38.26
N GLU M 325 -108.66 100.43 38.54
CA GLU M 325 -109.01 99.01 38.77
C GLU M 325 -109.02 98.17 37.48
N PHE M 326 -109.31 98.77 36.32
CA PHE M 326 -109.14 98.10 35.03
C PHE M 326 -107.66 97.79 34.75
N LEU M 327 -106.74 98.74 35.01
CA LEU M 327 -105.29 98.54 34.93
C LEU M 327 -104.80 97.41 35.84
N THR M 328 -105.28 97.33 37.08
CA THR M 328 -104.77 96.32 38.02
C THR M 328 -105.41 94.95 37.80
N LYS M 329 -106.73 94.87 37.58
CA LYS M 329 -107.41 93.58 37.38
C LYS M 329 -107.29 93.06 35.94
N GLY M 330 -107.38 93.93 34.94
CA GLY M 330 -107.64 93.57 33.54
C GLY M 330 -106.47 93.74 32.57
N ALA M 331 -105.32 94.25 32.99
CA ALA M 331 -104.16 94.35 32.11
C ALA M 331 -103.62 92.99 31.64
N GLY M 332 -103.13 92.92 30.42
CA GLY M 332 -102.65 91.69 29.77
C GLY M 332 -101.13 91.60 29.70
N ASN M 333 -100.55 90.42 29.87
CA ASN M 333 -99.10 90.28 29.69
C ASN M 333 -98.80 90.11 28.19
N PRO M 334 -97.83 90.84 27.61
CA PRO M 334 -97.61 90.87 26.16
C PRO M 334 -97.19 89.51 25.59
N PHE M 335 -96.66 88.63 26.44
CA PHE M 335 -96.21 87.30 26.11
C PHE M 335 -97.28 86.22 26.32
N HIS M 336 -98.54 86.57 26.61
CA HIS M 336 -99.64 85.61 26.58
C HIS M 336 -99.81 85.03 25.17
N ALA M 337 -100.34 83.80 25.05
CA ALA M 337 -100.35 83.04 23.80
C ALA M 337 -101.06 83.72 22.61
N GLU M 338 -101.98 84.67 22.85
CA GLU M 338 -102.57 85.47 21.78
C GLU M 338 -101.84 86.80 21.51
N TRP M 339 -101.27 87.45 22.52
CA TRP M 339 -100.54 88.71 22.34
C TRP M 339 -99.10 88.50 21.82
N ILE M 340 -98.45 87.38 22.15
CA ILE M 340 -97.06 87.06 21.78
C ILE M 340 -96.81 87.11 20.26
N THR M 341 -97.77 86.63 19.47
CA THR M 341 -97.77 86.67 18.00
C THR M 341 -98.90 87.53 17.43
N ALA M 342 -99.56 88.33 18.28
CA ALA M 342 -100.70 89.18 17.93
C ALA M 342 -101.80 88.42 17.14
N GLN M 343 -102.16 87.22 17.60
CA GLN M 343 -103.30 86.45 17.05
C GLN M 343 -104.57 87.30 17.09
N ASN M 344 -104.79 88.01 18.19
CA ASN M 344 -105.70 89.15 18.29
C ASN M 344 -104.85 90.42 18.25
N PRO M 345 -105.26 91.50 17.55
CA PRO M 345 -104.40 92.64 17.28
C PRO M 345 -103.77 93.27 18.54
N VAL M 346 -102.53 93.73 18.38
CA VAL M 346 -101.71 94.40 19.40
C VAL M 346 -101.21 95.71 18.82
N ILE M 347 -101.33 96.78 19.59
CA ILE M 347 -101.10 98.15 19.16
C ILE M 347 -99.91 98.74 19.90
N HIS M 348 -98.93 99.27 19.17
CA HIS M 348 -97.73 99.92 19.70
C HIS M 348 -97.87 101.43 19.57
N THR M 349 -97.56 102.20 20.62
CA THR M 349 -97.74 103.67 20.63
C THR M 349 -96.76 104.37 21.56
N ALA M 350 -96.49 105.65 21.31
CA ALA M 350 -95.80 106.52 22.26
C ALA M 350 -96.72 106.96 23.42
N ASN M 351 -98.04 106.85 23.27
CA ASN M 351 -98.98 107.38 24.26
C ASN M 351 -99.01 106.52 25.54
N SER M 352 -98.46 107.05 26.62
CA SER M 352 -98.38 106.35 27.91
C SER M 352 -99.78 106.08 28.48
N PRO M 353 -100.00 104.92 29.12
CA PRO M 353 -101.24 104.62 29.82
C PRO M 353 -101.65 105.71 30.80
N THR M 354 -100.70 106.43 31.42
CA THR M 354 -101.01 107.54 32.34
C THR M 354 -101.61 108.76 31.63
N GLN M 355 -101.29 109.00 30.36
CA GLN M 355 -102.05 110.00 29.60
C GLN M 355 -103.49 109.50 29.35
N ILE M 356 -103.66 108.20 29.05
CA ILE M 356 -105.01 107.59 28.98
C ILE M 356 -105.72 107.64 30.34
N GLU M 357 -105.01 107.45 31.47
CA GLU M 357 -105.55 107.61 32.83
C GLU M 357 -106.08 109.03 33.00
N GLN M 358 -105.30 110.05 32.62
CA GLN M 358 -105.74 111.44 32.69
C GLN M 358 -107.00 111.66 31.84
N ILE M 359 -107.09 111.10 30.63
CA ILE M 359 -108.31 111.22 29.81
C ILE M 359 -109.52 110.52 30.47
N TYR M 360 -109.36 109.29 30.97
CA TYR M 360 -110.43 108.59 31.69
C TYR M 360 -110.85 109.33 32.97
N THR M 361 -109.90 109.61 33.85
CA THR M 361 -110.16 110.19 35.18
C THR M 361 -110.69 111.62 35.07
N ALA M 362 -110.22 112.40 34.09
CA ALA M 362 -110.78 113.74 33.85
C ALA M 362 -112.28 113.66 33.53
N SER M 363 -112.71 112.73 32.67
CA SER M 363 -114.13 112.36 32.55
C SER M 363 -114.33 110.97 31.92
N THR M 364 -114.94 110.08 32.70
CA THR M 364 -115.29 108.70 32.28
C THR M 364 -116.33 108.69 31.14
N THR M 365 -117.22 109.68 31.12
CA THR M 365 -118.21 109.86 30.04
C THR M 365 -117.55 110.21 28.70
N THR M 366 -116.45 110.98 28.69
CA THR M 366 -115.71 111.27 27.45
C THR M 366 -114.72 110.15 27.07
N PHE M 367 -114.43 109.20 27.95
CA PHE M 367 -113.67 107.99 27.59
C PHE M 367 -114.45 107.11 26.59
N GLN M 368 -115.78 107.10 26.67
CA GLN M 368 -116.67 106.51 25.65
C GLN M 368 -116.52 107.23 24.30
N ASN M 369 -116.47 108.56 24.32
CA ASN M 369 -116.42 109.38 23.11
C ASN M 369 -115.05 109.35 22.42
N LYS M 370 -113.95 109.42 23.20
CA LYS M 370 -112.59 109.52 22.66
C LYS M 370 -112.17 108.23 21.93
N LYS M 371 -111.56 108.41 20.76
CA LYS M 371 -110.93 107.36 19.94
C LYS M 371 -109.42 107.56 19.88
N LEU M 372 -108.71 106.71 19.13
CA LEU M 372 -107.27 106.82 18.90
C LEU M 372 -106.88 108.07 18.07
N THR M 373 -107.82 108.67 17.34
CA THR M 373 -107.69 110.04 16.81
C THR M 373 -107.59 111.08 17.93
N ASP M 374 -106.85 112.16 17.70
CA ASP M 374 -106.73 113.32 18.60
C ASP M 374 -106.28 112.97 20.04
N LEU M 375 -105.56 111.87 20.21
CA LEU M 375 -104.91 111.53 21.48
C LEU M 375 -103.52 112.19 21.60
N PRO M 376 -103.00 112.37 22.82
CA PRO M 376 -101.62 112.82 23.01
C PRO M 376 -100.63 111.81 22.46
N THR M 377 -99.54 112.29 21.84
CA THR M 377 -98.48 111.47 21.21
C THR M 377 -99.02 110.19 20.54
N PRO M 378 -99.93 110.28 19.56
CA PRO M 378 -100.58 109.08 19.03
C PRO M 378 -99.88 108.32 17.92
N GLY M 379 -98.82 107.58 18.24
CA GLY M 379 -98.10 106.76 17.25
C GLY M 379 -98.71 105.38 17.23
N TYR M 380 -100.04 105.28 17.22
CA TYR M 380 -100.75 103.97 17.23
C TYR M 380 -100.45 103.20 15.94
N ILE M 381 -99.79 102.05 16.03
CA ILE M 381 -99.40 101.22 14.85
C ILE M 381 -99.84 99.78 15.14
N PHE M 382 -99.70 98.83 14.21
CA PHE M 382 -99.99 97.39 14.49
C PHE M 382 -98.65 96.65 14.47
N ILE M 383 -98.12 96.26 15.64
CA ILE M 383 -96.79 95.63 15.76
C ILE M 383 -96.93 94.28 16.48
N THR M 384 -96.19 93.26 16.02
CA THR M 384 -96.19 91.92 16.63
C THR M 384 -94.95 91.74 17.51
N PRO M 385 -95.07 91.34 18.79
CA PRO M 385 -93.91 91.12 19.66
C PRO M 385 -92.96 90.04 19.13
N THR M 386 -93.50 89.02 18.46
CA THR M 386 -92.73 87.93 17.82
C THR M 386 -92.67 88.10 16.31
N VAL M 387 -91.54 87.76 15.71
CA VAL M 387 -91.40 87.45 14.29
C VAL M 387 -90.82 86.04 14.12
N SER M 388 -91.20 85.33 13.06
CA SER M 388 -90.61 84.03 12.70
C SER M 388 -89.63 84.21 11.54
N LEU M 389 -88.39 83.76 11.74
CA LEU M 389 -87.33 83.72 10.73
C LEU M 389 -87.21 82.32 10.13
N ARG M 390 -86.70 82.20 8.91
CA ARG M 390 -86.25 80.92 8.32
C ARG M 390 -84.73 80.90 8.26
N TYR M 391 -84.14 79.83 8.78
CA TYR M 391 -82.71 79.57 8.75
C TYR M 391 -82.42 78.34 7.90
N ASN M 392 -81.43 78.43 7.01
CA ASN M 392 -80.96 77.31 6.21
C ASN M 392 -79.47 77.08 6.53
N PRO M 393 -79.06 75.92 7.05
CA PRO M 393 -77.67 75.69 7.44
C PRO M 393 -76.71 75.68 6.25
N TYR M 394 -77.19 75.29 5.07
CA TYR M 394 -76.34 75.19 3.86
C TYR M 394 -76.13 76.58 3.27
N LYS M 395 -76.97 77.55 3.64
CA LYS M 395 -76.86 78.95 3.16
C LYS M 395 -76.05 79.78 4.16
N ASP M 396 -75.51 79.16 5.21
CA ASP M 396 -74.77 79.88 6.28
C ASP M 396 -73.26 79.88 6.01
N LEU M 397 -72.63 81.06 5.94
CA LEU M 397 -71.22 81.20 5.61
C LEU M 397 -70.37 81.64 6.80
N ALA M 398 -70.98 81.89 7.97
CA ALA M 398 -70.26 82.22 9.20
C ALA M 398 -69.32 83.44 9.13
N GLU M 399 -69.57 84.43 8.27
CA GLU M 399 -68.65 85.57 8.11
C GLU M 399 -68.84 86.63 9.20
N ARG M 400 -70.06 86.78 9.73
CA ARG M 400 -70.40 87.76 10.78
C ARG M 400 -71.32 87.18 11.85
N ASN M 401 -71.26 85.87 12.04
CA ASN M 401 -71.99 85.15 13.08
C ASN M 401 -71.40 85.46 14.46
N LYS M 402 -72.25 85.54 15.48
CA LYS M 402 -71.87 85.95 16.84
C LYS M 402 -72.89 85.46 17.85
N CYS M 403 -72.52 85.29 19.11
CA CYS M 403 -73.38 84.71 20.14
C CYS M 403 -72.91 85.11 21.56
N TYR M 404 -73.82 85.52 22.44
CA TYR M 404 -73.50 85.91 23.82
C TYR M 404 -74.75 85.96 24.72
N PHE M 405 -74.54 86.03 26.03
CA PHE M 405 -75.61 86.18 27.02
C PHE M 405 -75.67 87.60 27.57
N VAL M 406 -76.88 88.15 27.70
CA VAL M 406 -77.16 89.45 28.34
C VAL M 406 -78.05 89.24 29.57
N ARG M 407 -78.00 90.14 30.54
CA ARG M 407 -78.76 90.07 31.80
C ARG M 407 -80.24 90.37 31.54
N SER M 408 -81.15 89.45 31.88
CA SER M 408 -82.59 89.62 31.62
C SER M 408 -83.27 90.50 32.69
N LYS M 409 -83.11 90.17 33.98
CA LYS M 409 -83.60 90.99 35.10
C LYS M 409 -82.60 92.09 35.49
N ILE M 410 -82.39 93.08 34.62
CA ILE M 410 -81.77 94.36 34.98
C ILE M 410 -82.41 95.52 34.24
N ASN M 411 -82.28 96.72 34.79
CA ASN M 411 -82.79 97.95 34.21
C ASN M 411 -81.79 98.55 33.19
N ALA M 412 -81.48 97.81 32.11
CA ALA M 412 -80.56 98.27 31.06
C ALA M 412 -81.16 98.08 29.66
N HIS M 413 -81.04 99.12 28.83
CA HIS M 413 -81.60 99.17 27.49
C HIS M 413 -80.72 98.42 26.48
N GLY M 414 -81.35 97.90 25.42
CA GLY M 414 -80.66 97.41 24.23
C GLY M 414 -80.03 96.03 24.39
N TRP M 415 -79.49 95.53 23.29
CA TRP M 415 -79.07 94.14 23.09
C TRP M 415 -77.58 93.99 22.79
N ASP M 416 -76.81 95.07 22.84
CA ASP M 416 -75.37 95.01 22.46
C ASP M 416 -74.64 93.98 23.32
N PRO M 417 -73.54 93.34 22.83
CA PRO M 417 -72.77 92.43 23.67
C PRO M 417 -72.31 93.21 24.88
N GLU M 418 -72.53 92.67 26.08
CA GLU M 418 -72.20 93.40 27.33
C GLU M 418 -71.55 92.44 28.34
N GLN M 419 -71.11 92.96 29.49
CA GLN M 419 -70.48 92.13 30.55
C GLN M 419 -69.23 91.45 29.95
N HIS M 420 -69.12 90.11 29.99
CA HIS M 420 -67.92 89.38 29.51
C HIS M 420 -67.78 89.50 27.99
N GLN M 421 -66.73 90.16 27.52
CA GLN M 421 -66.46 90.29 26.06
C GLN M 421 -65.55 89.11 25.65
N GLU M 422 -64.93 88.43 26.62
CA GLU M 422 -64.16 87.22 26.31
C GLU M 422 -65.05 85.98 26.13
N LEU M 423 -66.30 86.03 26.61
CA LEU M 423 -67.28 84.96 26.45
C LEU M 423 -68.05 85.04 25.12
N ILE M 424 -67.93 86.13 24.37
CA ILE M 424 -68.53 86.23 23.03
C ILE M 424 -67.95 85.13 22.14
N ASN M 425 -68.84 84.36 21.48
CA ASN M 425 -68.46 83.27 20.54
C ASN M 425 -68.77 83.73 19.11
N SER M 426 -67.81 83.72 18.18
CA SER M 426 -67.93 84.34 16.86
C SER M 426 -67.42 83.43 15.73
N ASP M 427 -67.86 83.72 14.51
CA ASP M 427 -67.27 83.22 13.25
C ASP M 427 -67.31 81.68 13.05
N LEU M 428 -68.39 81.03 13.49
CA LEU M 428 -68.72 79.64 13.14
C LEU M 428 -70.18 79.59 12.67
N PRO M 429 -70.60 78.62 11.84
CA PRO M 429 -71.98 78.52 11.43
C PRO M 429 -72.87 78.26 12.65
N GLN M 430 -74.07 78.87 12.72
CA GLN M 430 -74.96 78.84 13.93
C GLN M 430 -75.19 77.45 14.56
N TRP M 431 -75.25 76.39 13.79
CA TRP M 431 -75.38 75.02 14.31
C TRP M 431 -74.11 74.54 15.03
N LEU M 432 -72.93 75.05 14.67
CA LEU M 432 -71.68 74.80 15.39
C LEU M 432 -71.45 75.84 16.49
N LEU M 433 -71.79 77.10 16.25
CA LEU M 433 -71.59 78.19 17.19
C LEU M 433 -72.41 78.01 18.49
N LEU M 434 -73.65 77.53 18.38
CA LEU M 434 -74.52 77.34 19.53
C LEU M 434 -74.26 76.03 20.28
N PHE M 435 -73.64 75.02 19.65
CA PHE M 435 -73.54 73.68 20.23
C PHE M 435 -72.71 73.68 21.51
N GLY M 436 -73.32 73.32 22.65
CA GLY M 436 -72.65 73.30 23.94
C GLY M 436 -72.23 74.67 24.50
N TYR M 437 -72.51 75.78 23.82
CA TYR M 437 -72.13 77.11 24.29
C TYR M 437 -72.80 77.51 25.62
N PRO M 438 -74.12 77.31 25.81
CA PRO M 438 -74.74 77.52 27.11
C PRO M 438 -74.11 76.72 28.26
N ASP M 439 -73.73 75.47 28.01
CA ASP M 439 -73.08 74.65 29.04
C ASP M 439 -71.65 75.09 29.33
N TYR M 440 -70.89 75.53 28.32
CA TYR M 440 -69.60 76.17 28.57
C TYR M 440 -69.76 77.38 29.48
N ILE M 441 -70.77 78.21 29.23
CA ILE M 441 -71.05 79.40 30.03
C ILE M 441 -71.46 79.03 31.45
N LYS M 442 -72.37 78.06 31.63
CA LYS M 442 -72.74 77.54 32.96
C LYS M 442 -71.54 77.00 33.73
N ARG M 443 -70.71 76.16 33.10
CA ARG M 443 -69.53 75.54 33.75
C ARG M 443 -68.48 76.63 34.06
N THR M 444 -68.40 77.68 33.24
CA THR M 444 -67.50 78.82 33.50
C THR M 444 -67.89 79.61 34.76
N GLN M 445 -69.19 79.64 35.10
CA GLN M 445 -69.68 80.26 36.38
C GLN M 445 -69.38 81.77 36.47
N ASN M 446 -69.10 82.45 35.36
CA ASN M 446 -68.90 83.90 35.32
C ASN M 446 -70.21 84.71 35.31
N PHE M 447 -71.36 84.03 35.27
CA PHE M 447 -72.70 84.64 35.35
C PHE M 447 -73.50 84.04 36.51
N ALA M 448 -74.46 84.80 37.04
CA ALA M 448 -75.40 84.28 38.04
C ALA M 448 -76.20 83.11 37.44
N LEU M 449 -76.18 81.97 38.13
CA LEU M 449 -76.34 80.66 37.48
C LEU M 449 -77.74 80.41 36.88
N VAL M 450 -78.77 81.09 37.37
CA VAL M 450 -80.16 80.72 37.08
C VAL M 450 -80.60 81.13 35.68
N ASP M 451 -81.26 80.21 34.95
CA ASP M 451 -81.70 80.46 33.54
C ASP M 451 -82.62 81.67 33.41
N THR M 452 -83.33 82.03 34.48
CA THR M 452 -84.29 83.14 34.43
C THR M 452 -83.64 84.52 34.39
N ASN M 453 -82.35 84.63 34.70
CA ASN M 453 -81.69 85.92 34.89
C ASN M 453 -80.85 86.35 33.68
N TYR M 454 -80.80 85.55 32.62
CA TYR M 454 -80.07 85.85 31.39
C TYR M 454 -80.90 85.51 30.16
N ILE M 455 -80.56 86.13 29.03
CA ILE M 455 -81.05 85.82 27.69
C ILE M 455 -79.84 85.54 26.81
N LEU M 456 -79.97 84.57 25.93
CA LEU M 456 -79.07 84.31 24.82
C LEU M 456 -79.48 85.13 23.60
N VAL M 457 -78.51 85.82 23.02
CA VAL M 457 -78.65 86.75 21.89
C VAL M 457 -77.63 86.34 20.82
N ASP M 458 -78.01 86.28 19.55
CA ASP M 458 -77.08 85.93 18.47
C ASP M 458 -77.30 86.74 17.20
N HIS M 459 -76.22 87.01 16.47
CA HIS M 459 -76.25 87.68 15.18
C HIS M 459 -75.99 86.66 14.07
N CYS M 460 -76.78 86.71 13.01
CA CYS M 460 -76.63 85.84 11.85
C CYS M 460 -77.18 86.54 10.59
N PRO M 461 -76.31 86.93 9.64
CA PRO M 461 -76.72 87.51 8.36
C PRO M 461 -77.62 86.62 7.49
N TYR M 462 -77.66 85.31 7.77
CA TYR M 462 -78.06 84.30 6.79
C TYR M 462 -79.49 83.78 6.91
N THR M 463 -80.29 84.28 7.85
CA THR M 463 -81.74 84.09 7.77
C THR M 463 -82.32 84.90 6.61
N ASN M 464 -83.40 84.40 5.98
CA ASN M 464 -83.95 85.04 4.79
C ASN M 464 -84.64 86.39 5.09
N PRO M 465 -85.60 86.47 6.03
CA PRO M 465 -85.85 87.70 6.77
C PRO M 465 -84.74 87.90 7.81
N GLU M 466 -84.62 89.09 8.38
CA GLU M 466 -83.59 89.40 9.38
C GLU M 466 -84.11 90.24 10.53
N LYS M 467 -83.41 90.16 11.66
CA LYS M 467 -83.42 91.11 12.78
C LYS M 467 -81.98 91.26 13.24
N THR M 468 -81.58 92.46 13.70
CA THR M 468 -80.16 92.79 13.89
C THR M 468 -79.49 91.81 14.87
N PRO M 469 -79.90 91.70 16.14
CA PRO M 469 -79.78 90.47 16.90
C PRO M 469 -81.06 89.62 16.76
N PHE M 470 -80.91 88.35 17.17
CA PHE M 470 -82.07 87.43 17.29
C PHE M 470 -82.21 87.13 18.77
N ILE M 471 -83.43 86.99 19.28
CA ILE M 471 -83.64 86.55 20.69
C ILE M 471 -84.41 85.23 20.56
N PRO M 472 -83.78 84.09 20.19
CA PRO M 472 -84.56 82.88 19.92
C PRO M 472 -85.54 82.56 21.04
N LEU M 473 -86.75 82.12 20.72
CA LEU M 473 -87.75 81.67 21.69
C LEU M 473 -88.30 80.32 21.27
N SER M 474 -88.50 79.42 22.22
CA SER M 474 -89.02 78.08 21.93
C SER M 474 -90.50 78.13 21.58
N THR M 475 -90.94 77.21 20.73
CA THR M 475 -92.34 77.04 20.35
C THR M 475 -93.24 76.91 21.58
N SER M 476 -92.78 76.30 22.67
CA SER M 476 -93.51 76.23 23.94
C SER M 476 -93.82 77.62 24.53
N PHE M 477 -92.88 78.55 24.55
CA PHE M 477 -93.12 79.92 25.04
C PHE M 477 -93.98 80.75 24.06
N ILE M 478 -93.80 80.53 22.76
CA ILE M 478 -94.64 81.11 21.71
C ILE M 478 -96.07 80.54 21.70
N GLU M 479 -96.29 79.40 22.35
CA GLU M 479 -97.60 78.74 22.51
C GLU M 479 -98.12 78.75 23.95
N GLY M 480 -97.49 79.46 24.88
CA GLY M 480 -97.98 79.58 26.25
C GLY M 480 -97.92 78.27 27.05
N ARG M 481 -96.73 77.65 27.12
CA ARG M 481 -96.56 76.34 27.80
C ARG M 481 -95.17 76.26 28.45
N SER M 482 -95.03 75.42 29.49
CA SER M 482 -93.75 75.27 30.22
C SER M 482 -92.61 74.74 29.33
N PRO M 483 -91.33 75.04 29.63
CA PRO M 483 -90.19 74.81 28.74
C PRO M 483 -90.09 73.41 28.10
N TYR M 484 -90.43 72.35 28.83
CA TYR M 484 -90.44 70.96 28.33
C TYR M 484 -91.77 70.25 28.67
N SER M 485 -92.90 70.94 28.47
CA SER M 485 -94.24 70.39 28.75
C SER M 485 -94.95 69.95 27.46
N PRO M 486 -95.68 68.81 27.47
CA PRO M 486 -96.31 68.26 26.27
C PRO M 486 -97.38 69.18 25.69
N SER M 487 -97.48 69.21 24.36
CA SER M 487 -98.31 70.14 23.58
C SER M 487 -99.81 70.08 23.89
N ASP M 488 -100.30 69.03 24.55
CA ASP M 488 -101.74 68.94 24.96
C ASP M 488 -102.04 70.05 25.98
N THR M 489 -101.02 70.54 26.68
CA THR M 489 -101.12 71.60 27.68
C THR M 489 -101.23 72.97 26.99
N HIS M 490 -102.05 73.89 27.54
CA HIS M 490 -102.25 75.26 26.97
C HIS M 490 -102.07 76.33 28.05
N GLU M 491 -101.31 76.05 29.12
CA GLU M 491 -100.94 76.98 30.19
C GLU M 491 -99.58 76.58 30.78
N PRO M 492 -98.77 77.52 31.27
CA PRO M 492 -97.65 77.19 32.13
C PRO M 492 -98.09 76.49 33.44
N ASP M 493 -97.23 75.65 34.01
CA ASP M 493 -97.34 75.20 35.40
C ASP M 493 -97.06 76.35 36.38
N GLU M 494 -97.55 76.32 37.62
CA GLU M 494 -97.58 77.49 38.52
C GLU M 494 -96.25 78.25 38.65
N GLU M 495 -95.12 77.55 38.74
CA GLU M 495 -93.80 78.18 38.82
C GLU M 495 -93.36 78.87 37.52
N ASP M 496 -93.86 78.41 36.36
CA ASP M 496 -93.73 79.09 35.07
C ASP M 496 -94.90 80.05 34.77
N GLN M 497 -96.02 79.99 35.50
CA GLN M 497 -97.04 81.06 35.45
C GLN M 497 -96.47 82.33 36.08
N ASN M 498 -95.72 82.20 37.16
CA ASN M 498 -94.74 83.19 37.61
C ASN M 498 -93.53 83.23 36.66
N ARG M 499 -92.86 84.40 36.68
CA ARG M 499 -91.64 84.62 35.86
C ARG M 499 -91.92 84.34 34.39
N TRP M 500 -93.13 84.65 33.87
CA TRP M 500 -93.51 84.41 32.45
C TRP M 500 -92.98 85.54 31.57
N TYR M 501 -91.66 85.59 31.38
CA TYR M 501 -90.99 86.63 30.59
C TYR M 501 -89.76 86.06 29.86
N PRO M 502 -89.27 86.71 28.78
CA PRO M 502 -88.09 86.25 28.05
C PRO M 502 -86.86 85.97 28.93
N CYS M 503 -86.39 84.73 28.91
CA CYS M 503 -85.15 84.31 29.56
C CYS M 503 -84.69 82.96 28.97
N TYR M 504 -83.43 82.60 29.20
CA TYR M 504 -82.77 81.43 28.63
C TYR M 504 -83.55 80.13 28.85
N GLN M 505 -84.29 80.00 29.96
CA GLN M 505 -85.10 78.78 30.24
C GLN M 505 -86.14 78.54 29.12
N TYR M 506 -86.69 79.60 28.54
CA TYR M 506 -87.64 79.48 27.43
C TYR M 506 -86.97 79.43 26.06
N GLN M 507 -85.67 79.70 25.94
CA GLN M 507 -84.92 79.66 24.67
C GLN M 507 -84.35 78.27 24.34
N GLN M 508 -84.24 77.37 25.32
CA GLN M 508 -83.47 76.13 25.20
C GLN M 508 -83.85 75.25 24.00
N GLU M 509 -85.13 75.00 23.77
CA GLU M 509 -85.56 74.13 22.68
C GLU M 509 -85.29 74.79 21.31
N SER M 510 -85.35 76.12 21.20
CA SER M 510 -85.03 76.80 19.93
C SER M 510 -83.57 76.67 19.54
N ILE M 511 -82.62 76.83 20.47
CA ILE M 511 -81.21 76.67 20.13
C ILE M 511 -80.82 75.20 19.95
N ASN M 512 -81.50 74.27 20.63
CA ASN M 512 -81.36 72.86 20.32
C ASN M 512 -81.84 72.58 18.90
N SER M 513 -82.96 73.15 18.48
CA SER M 513 -83.49 73.00 17.12
C SER M 513 -82.54 73.55 16.04
N ILE M 514 -81.88 74.68 16.31
CA ILE M 514 -80.81 75.21 15.44
C ILE M 514 -79.62 74.25 15.39
N CYS M 515 -79.17 73.68 16.50
CA CYS M 515 -78.11 72.67 16.51
C CYS M 515 -78.49 71.39 15.76
N LEU M 516 -79.73 70.94 15.89
CA LEU M 516 -80.27 69.81 15.13
C LEU M 516 -80.29 70.05 13.62
N SER M 517 -80.27 71.31 13.16
CA SER M 517 -80.10 71.58 11.73
C SER M 517 -78.71 71.22 11.22
N GLY M 518 -77.70 71.14 12.10
CA GLY M 518 -76.33 70.78 11.75
C GLY M 518 -76.13 69.29 11.47
N PRO M 519 -75.07 68.92 10.73
CA PRO M 519 -74.80 67.55 10.35
C PRO M 519 -74.41 66.64 11.52
N GLY M 520 -74.60 65.35 11.36
CA GLY M 520 -74.28 64.28 12.30
C GLY M 520 -75.25 64.14 13.47
N THR M 521 -76.15 65.08 13.69
CA THR M 521 -77.08 65.06 14.82
C THR M 521 -78.12 63.93 14.64
N PRO M 522 -78.34 63.06 15.65
CA PRO M 522 -79.15 61.87 15.50
C PRO M 522 -80.66 62.13 15.42
N LYS M 523 -81.39 61.15 14.86
CA LYS M 523 -82.85 61.05 14.87
C LYS M 523 -83.29 60.10 15.99
N ILE M 524 -84.01 60.59 16.99
CA ILE M 524 -84.51 59.76 18.10
C ILE M 524 -86.03 59.90 18.16
N PRO M 525 -86.82 58.83 18.01
CA PRO M 525 -88.28 58.92 18.12
C PRO M 525 -88.74 59.51 19.46
N LYS M 526 -89.81 60.31 19.44
CA LYS M 526 -90.35 60.90 20.68
C LYS M 526 -90.80 59.81 21.66
N GLY M 527 -90.43 59.98 22.93
CA GLY M 527 -90.65 59.00 23.98
C GLY M 527 -89.58 57.91 24.11
N ILE M 528 -88.57 57.88 23.24
CA ILE M 528 -87.40 56.99 23.37
C ILE M 528 -86.21 57.78 23.91
N THR M 529 -85.49 57.21 24.88
CA THR M 529 -84.23 57.75 25.39
C THR M 529 -83.11 56.86 24.88
N ALA M 530 -82.17 57.44 24.14
CA ALA M 530 -80.95 56.77 23.74
C ALA M 530 -79.91 56.85 24.86
N GLU M 531 -79.08 55.84 25.02
CA GLU M 531 -78.12 55.72 26.11
C GLU M 531 -76.81 55.15 25.59
N ALA M 532 -75.70 55.44 26.25
CA ALA M 532 -74.42 54.78 26.01
C ALA M 532 -73.69 54.52 27.31
N LYS M 533 -72.92 53.44 27.37
CA LYS M 533 -72.14 53.07 28.55
C LYS M 533 -70.75 52.55 28.19
N VAL M 534 -69.83 52.73 29.12
CA VAL M 534 -68.49 52.13 29.10
C VAL M 534 -68.34 51.27 30.34
N LYS M 535 -67.63 50.14 30.25
CA LYS M 535 -67.13 49.41 31.41
C LYS M 535 -65.68 49.76 31.61
N TYR M 536 -65.32 50.21 32.81
CA TYR M 536 -63.96 50.60 33.15
C TYR M 536 -63.31 49.62 34.10
N SER M 537 -62.00 49.57 34.07
CA SER M 537 -61.17 48.89 35.06
C SER M 537 -59.91 49.71 35.31
N PHE M 538 -59.86 50.46 36.40
CA PHE M 538 -58.68 51.20 36.82
C PHE M 538 -57.76 50.31 37.65
N ASN M 539 -56.48 50.28 37.33
CA ASN M 539 -55.52 49.41 37.99
C ASN M 539 -54.71 50.20 39.02
N PHE M 540 -54.78 49.79 40.26
CA PHE M 540 -54.05 50.37 41.39
C PHE M 540 -53.31 49.28 42.15
N LYS M 541 -52.29 49.68 42.90
CA LYS M 541 -51.77 48.92 44.02
C LYS M 541 -51.90 49.75 45.28
N TRP M 542 -52.17 49.12 46.40
CA TRP M 542 -52.17 49.75 47.72
C TRP M 542 -50.93 49.29 48.48
N GLY M 543 -50.24 50.20 49.16
CA GLY M 543 -48.98 49.93 49.83
C GLY M 543 -49.01 50.34 51.29
N GLY M 544 -48.33 49.59 52.14
CA GLY M 544 -48.20 49.93 53.55
C GLY M 544 -47.41 48.92 54.36
N ASP M 545 -47.22 49.23 55.63
CA ASP M 545 -46.85 48.23 56.65
C ASP M 545 -48.01 47.27 56.92
N LEU M 546 -47.71 46.08 57.43
CA LEU M 546 -48.69 45.02 57.63
C LEU M 546 -49.83 45.46 58.57
N PRO M 547 -51.11 45.26 58.18
CA PRO M 547 -52.26 45.67 59.00
C PRO M 547 -52.63 44.62 60.07
N PRO M 548 -53.45 45.00 61.06
CA PRO M 548 -54.06 44.08 62.03
C PRO M 548 -55.24 43.28 61.42
N MET M 549 -55.71 42.25 62.14
CA MET M 549 -56.79 41.34 61.70
C MET M 549 -57.54 40.72 62.90
N SER M 550 -58.75 40.19 62.71
CA SER M 550 -59.56 39.54 63.76
C SER M 550 -60.24 38.23 63.30
N THR M 551 -60.73 37.44 64.26
CA THR M 551 -61.16 36.04 64.06
C THR M 551 -62.49 35.73 64.76
N ILE M 552 -63.13 34.64 64.36
CA ILE M 552 -64.48 34.21 64.76
C ILE M 552 -64.42 32.88 65.51
N THR M 553 -65.28 32.66 66.52
CA THR M 553 -65.32 31.38 67.27
C THR M 553 -65.61 30.20 66.34
N ASN M 554 -64.99 29.05 66.56
CA ASN M 554 -65.29 27.84 65.80
C ASN M 554 -66.69 27.26 66.06
N PRO M 555 -67.20 27.14 67.31
CA PRO M 555 -68.48 26.50 67.56
C PRO M 555 -69.66 27.25 66.96
N THR M 556 -69.69 28.59 67.08
CA THR M 556 -70.76 29.41 66.46
C THR M 556 -70.26 29.90 65.12
N ASP M 557 -70.29 29.04 64.10
CA ASP M 557 -69.77 29.38 62.75
C ASP M 557 -70.62 28.68 61.69
N GLN M 558 -70.35 28.92 60.41
CA GLN M 558 -71.13 28.29 59.30
C GLN M 558 -71.35 26.81 59.65
N PRO M 559 -72.60 26.36 59.92
CA PRO M 559 -72.84 24.98 60.32
C PRO M 559 -72.94 24.03 59.15
N THR M 560 -72.41 22.81 59.31
CA THR M 560 -72.52 21.80 58.24
C THR M 560 -73.99 21.41 58.02
N TYR M 561 -74.36 20.98 56.81
CA TYR M 561 -75.74 20.59 56.49
C TYR M 561 -76.31 19.55 57.48
N VAL M 562 -75.46 18.69 58.04
CA VAL M 562 -75.79 17.70 59.07
C VAL M 562 -76.40 18.37 60.31
N LYS N 48 -29.95 62.45 -26.78
CA LYS N 48 -31.15 62.25 -27.62
C LYS N 48 -32.42 62.78 -26.95
N ARG N 49 -32.89 62.17 -25.87
CA ARG N 49 -34.00 62.65 -25.05
C ARG N 49 -33.71 62.47 -23.56
N LEU N 50 -34.15 63.40 -22.74
CA LEU N 50 -33.90 63.45 -21.30
C LEU N 50 -35.20 63.47 -20.51
N ASN N 51 -35.20 62.90 -19.32
CA ASN N 51 -36.27 63.10 -18.36
C ASN N 51 -36.30 64.56 -17.92
N ILE N 52 -37.50 65.15 -17.83
CA ILE N 52 -37.68 66.44 -17.17
C ILE N 52 -37.56 66.24 -15.66
N VAL N 53 -36.81 67.10 -15.00
CA VAL N 53 -36.48 67.04 -13.57
C VAL N 53 -36.85 68.36 -12.92
N GLU N 54 -37.33 68.30 -11.69
CA GLU N 54 -37.64 69.47 -10.86
C GLU N 54 -36.81 69.43 -9.58
N TRP N 55 -36.41 70.60 -9.07
CA TRP N 55 -35.70 70.69 -7.80
C TRP N 55 -36.70 70.93 -6.67
N GLN N 56 -36.65 70.01 -5.70
CA GLN N 56 -37.62 70.01 -4.58
C GLN N 56 -37.50 71.28 -3.74
N PRO N 57 -38.63 71.85 -3.27
CA PRO N 57 -38.62 73.09 -2.49
C PRO N 57 -38.04 72.89 -1.09
N LYS N 58 -37.61 74.00 -0.48
CA LYS N 58 -36.79 73.99 0.75
C LYS N 58 -37.48 73.35 1.95
N SER N 59 -38.77 73.59 2.13
CA SER N 59 -39.59 72.93 3.16
C SER N 59 -40.89 72.39 2.59
N ILE N 60 -41.28 71.19 3.04
CA ILE N 60 -42.43 70.45 2.53
C ILE N 60 -43.27 69.94 3.71
N ARG N 61 -44.61 70.04 3.60
CA ARG N 61 -45.54 69.56 4.67
C ARG N 61 -46.77 68.81 4.11
N LYS N 62 -46.83 67.49 4.28
CA LYS N 62 -47.98 66.67 3.85
C LYS N 62 -49.27 67.12 4.53
N CYS N 63 -50.37 67.19 3.79
CA CYS N 63 -51.68 67.52 4.30
C CYS N 63 -52.75 66.65 3.64
N ARG N 64 -53.49 65.88 4.47
CA ARG N 64 -54.66 65.09 3.99
C ARG N 64 -55.95 65.85 4.31
N ILE N 65 -56.59 66.45 3.29
CA ILE N 65 -57.87 67.13 3.48
C ILE N 65 -58.94 66.05 3.61
N LYS N 66 -59.40 65.79 4.84
CA LYS N 66 -60.30 64.68 5.19
C LYS N 66 -61.69 65.21 5.51
N GLY N 67 -62.74 64.60 5.01
CA GLY N 67 -64.10 65.04 5.29
C GLY N 67 -65.17 64.13 4.74
N MET N 68 -66.42 64.57 4.83
CA MET N 68 -67.61 63.82 4.44
C MET N 68 -68.41 64.61 3.40
N LEU N 69 -68.83 63.98 2.30
CA LEU N 69 -69.60 64.60 1.22
C LEU N 69 -70.93 63.90 1.05
N CYS N 70 -72.03 64.65 1.04
CA CYS N 70 -73.35 64.14 0.70
C CYS N 70 -73.49 63.92 -0.82
N LEU N 71 -73.77 62.69 -1.25
CA LEU N 71 -73.91 62.37 -2.68
C LEU N 71 -75.30 62.72 -3.20
N PHE N 72 -76.34 62.41 -2.45
CA PHE N 72 -77.70 62.86 -2.70
C PHE N 72 -78.47 62.83 -1.38
N GLN N 73 -79.56 63.58 -1.31
CA GLN N 73 -80.62 63.33 -0.33
C GLN N 73 -81.95 63.59 -1.01
N THR N 74 -82.81 62.57 -1.05
CA THR N 74 -83.94 62.49 -1.97
C THR N 74 -85.19 61.95 -1.32
N THR N 75 -86.33 62.47 -1.73
CA THR N 75 -87.66 61.83 -1.62
C THR N 75 -88.02 61.19 -2.97
N GLU N 76 -89.12 60.43 -3.03
CA GLU N 76 -89.58 59.80 -4.28
C GLU N 76 -89.94 60.81 -5.38
N ASP N 77 -90.51 61.94 -5.01
CA ASP N 77 -90.94 63.02 -5.93
C ASP N 77 -89.79 63.90 -6.44
N ARG N 78 -88.55 63.63 -6.02
CA ARG N 78 -87.34 64.31 -6.49
C ARG N 78 -86.30 63.38 -7.11
N LEU N 79 -86.61 62.10 -7.33
CA LEU N 79 -85.62 61.12 -7.82
C LEU N 79 -85.01 61.46 -9.17
N SER N 80 -85.77 62.03 -10.10
CA SER N 80 -85.28 62.36 -11.44
C SER N 80 -84.52 63.69 -11.54
N TYR N 81 -84.27 64.38 -10.42
CA TYR N 81 -83.62 65.69 -10.40
C TYR N 81 -82.24 65.66 -9.75
N ASN N 82 -81.37 66.57 -10.19
CA ASN N 82 -80.02 66.73 -9.67
C ASN N 82 -80.03 67.36 -8.27
N PHE N 83 -79.40 66.72 -7.29
CA PHE N 83 -79.17 67.25 -5.96
C PHE N 83 -78.01 68.25 -5.96
N ASP N 84 -78.32 69.51 -5.68
CA ASP N 84 -77.35 70.52 -5.24
C ASP N 84 -77.57 70.80 -3.76
N MET N 85 -76.51 70.72 -2.96
CA MET N 85 -76.59 71.01 -1.52
C MET N 85 -76.73 72.50 -1.23
N TYR N 86 -76.21 73.34 -2.14
CA TYR N 86 -76.30 74.79 -2.10
C TYR N 86 -77.27 75.24 -3.20
N GLU N 87 -78.44 75.69 -2.77
CA GLU N 87 -79.69 75.61 -3.52
C GLU N 87 -80.05 76.80 -4.41
N GLU N 88 -80.96 76.56 -5.38
CA GLU N 88 -81.85 77.60 -5.88
C GLU N 88 -82.90 77.80 -4.78
N SER N 89 -82.95 78.98 -4.15
CA SER N 89 -83.50 79.20 -2.79
C SER N 89 -84.93 78.73 -2.53
N ILE N 90 -85.73 78.50 -3.58
CA ILE N 90 -87.07 77.92 -3.47
C ILE N 90 -87.06 76.39 -3.25
N ILE N 91 -86.07 75.65 -3.77
CA ILE N 91 -86.05 74.18 -3.74
C ILE N 91 -86.15 73.62 -2.31
N PRO N 92 -85.36 74.03 -1.31
CA PRO N 92 -85.48 73.46 0.02
C PRO N 92 -86.73 73.92 0.79
N GLU N 93 -87.49 74.91 0.32
CA GLU N 93 -88.72 75.33 0.99
C GLU N 93 -89.78 74.23 0.86
N LYS N 94 -90.06 73.54 1.97
CA LYS N 94 -90.99 72.40 2.06
C LYS N 94 -90.59 71.19 1.19
N LEU N 95 -89.29 71.02 0.87
CA LEU N 95 -88.73 69.73 0.41
C LEU N 95 -87.56 69.29 1.30
N PRO N 96 -87.62 68.10 1.93
CA PRO N 96 -86.53 67.61 2.79
C PRO N 96 -85.35 67.01 2.00
N GLY N 97 -85.52 66.69 0.72
CA GLY N 97 -84.45 66.26 -0.17
C GLY N 97 -84.65 66.76 -1.61
N GLY N 98 -83.61 67.33 -2.21
CA GLY N 98 -83.71 68.07 -3.46
C GLY N 98 -83.54 67.27 -4.74
N GLY N 99 -82.95 66.07 -4.69
CA GLY N 99 -82.64 65.32 -5.90
C GLY N 99 -82.09 63.93 -5.66
N GLY N 100 -82.34 62.99 -6.56
CA GLY N 100 -81.95 61.58 -6.45
C GLY N 100 -80.69 61.19 -7.20
N PHE N 101 -80.07 62.12 -7.91
CA PHE N 101 -78.75 61.93 -8.51
C PHE N 101 -77.93 63.20 -8.32
N SER N 102 -76.61 63.13 -8.39
CA SER N 102 -75.80 64.34 -8.48
C SER N 102 -74.60 64.15 -9.38
N ILE N 103 -74.10 65.27 -9.91
CA ILE N 103 -72.75 65.37 -10.43
C ILE N 103 -71.99 66.36 -9.54
N LYS N 104 -70.94 65.90 -8.89
CA LYS N 104 -70.05 66.69 -8.03
C LYS N 104 -68.74 66.93 -8.75
N ASN N 105 -68.27 68.17 -8.82
CA ASN N 105 -66.88 68.48 -9.16
C ASN N 105 -66.15 68.95 -7.92
N ILE N 106 -64.99 68.36 -7.61
CA ILE N 106 -64.18 68.72 -6.46
C ILE N 106 -62.92 69.44 -6.92
N SER N 107 -62.63 70.60 -6.34
CA SER N 107 -61.43 71.38 -6.54
C SER N 107 -60.88 71.82 -5.18
N LEU N 108 -59.61 72.19 -5.11
CA LEU N 108 -59.01 72.68 -3.87
C LEU N 108 -59.73 73.91 -3.30
N TYR N 109 -60.31 74.77 -4.15
CA TYR N 109 -61.16 75.85 -3.69
C TYR N 109 -62.50 75.37 -3.13
N ALA N 110 -63.13 74.37 -3.76
CA ALA N 110 -64.33 73.75 -3.19
C ALA N 110 -64.03 73.04 -1.86
N LEU N 111 -62.87 72.40 -1.70
CA LEU N 111 -62.43 71.85 -0.42
C LEU N 111 -62.23 72.93 0.65
N TYR N 112 -61.68 74.09 0.29
CA TYR N 112 -61.63 75.24 1.19
C TYR N 112 -63.02 75.76 1.54
N GLN N 113 -63.96 75.84 0.60
CA GLN N 113 -65.34 76.22 0.90
C GLN N 113 -66.03 75.22 1.83
N GLU N 114 -65.80 73.92 1.68
CA GLU N 114 -66.30 72.92 2.62
C GLU N 114 -65.66 73.06 4.00
N HIS N 115 -64.46 73.62 4.11
CA HIS N 115 -63.81 73.89 5.42
C HIS N 115 -64.51 75.08 6.11
N ILE N 116 -65.03 76.04 5.35
CA ILE N 116 -65.82 77.14 5.90
C ILE N 116 -67.17 76.66 6.45
N HIS N 117 -67.76 75.62 5.86
CA HIS N 117 -68.92 74.92 6.42
C HIS N 117 -68.58 73.92 7.54
N ALA N 118 -67.31 73.81 7.94
CA ALA N 118 -66.80 72.84 8.89
C ALA N 118 -67.03 71.38 8.48
N HIS N 119 -67.17 71.09 7.19
CA HIS N 119 -67.40 69.74 6.67
C HIS N 119 -66.12 68.92 6.50
N ASN N 120 -64.95 69.53 6.60
CA ASN N 120 -63.66 68.84 6.53
C ASN N 120 -62.62 69.45 7.48
N ILE N 121 -61.54 68.70 7.67
CA ILE N 121 -60.32 69.15 8.33
C ILE N 121 -59.18 69.20 7.31
N PHE N 122 -58.25 70.12 7.48
CA PHE N 122 -56.95 70.09 6.82
C PHE N 122 -55.94 69.61 7.85
N THR N 123 -55.26 68.48 7.58
CA THR N 123 -54.30 67.89 8.53
C THR N 123 -53.09 68.79 8.81
N HIS N 124 -52.79 69.69 7.86
CA HIS N 124 -51.73 70.71 8.04
C HIS N 124 -52.22 71.98 7.34
N THR N 125 -52.06 73.15 7.94
CA THR N 125 -52.36 74.43 7.30
C THR N 125 -51.43 74.71 6.13
N ASN N 126 -51.87 75.60 5.25
CA ASN N 126 -51.17 76.01 4.04
C ASN N 126 -50.78 77.50 4.04
N THR N 127 -50.85 78.20 5.18
CA THR N 127 -50.87 79.67 5.22
C THR N 127 -49.60 80.33 4.66
N ASP N 128 -48.44 79.70 4.84
CA ASP N 128 -47.14 80.30 4.50
C ASP N 128 -46.31 79.42 3.55
N ARG N 129 -46.96 78.44 2.90
CA ARG N 129 -46.31 77.56 1.88
C ARG N 129 -47.21 77.69 0.63
N PRO N 130 -46.84 78.47 -0.40
CA PRO N 130 -47.73 78.78 -1.51
C PRO N 130 -47.78 77.73 -2.62
N LEU N 131 -46.81 76.79 -2.66
CA LEU N 131 -46.81 75.70 -3.62
C LEU N 131 -47.67 74.54 -3.13
N ALA N 132 -48.24 73.78 -4.07
CA ALA N 132 -49.00 72.57 -3.82
C ALA N 132 -48.56 71.45 -4.77
N ARG N 133 -48.58 70.21 -4.26
CA ARG N 133 -48.26 69.00 -5.06
C ARG N 133 -49.35 67.94 -4.77
N TYR N 134 -50.43 67.91 -5.56
CA TYR N 134 -51.53 66.96 -5.41
C TYR N 134 -51.13 65.54 -5.81
N THR N 135 -51.42 64.56 -4.96
CA THR N 135 -50.94 63.16 -5.13
C THR N 135 -52.07 62.18 -5.42
N GLY N 136 -53.33 62.59 -5.31
CA GLY N 136 -54.49 61.73 -5.53
C GLY N 136 -55.46 61.72 -4.35
N CYS N 137 -56.49 60.91 -4.45
CA CYS N 137 -57.59 60.87 -3.51
C CYS N 137 -57.89 59.44 -3.05
N SER N 138 -58.34 59.26 -1.81
CA SER N 138 -59.03 58.06 -1.36
C SER N 138 -60.49 58.38 -1.09
N LEU N 139 -61.40 57.57 -1.61
CA LEU N 139 -62.83 57.64 -1.28
C LEU N 139 -63.26 56.38 -0.54
N LYS N 140 -64.07 56.53 0.52
CA LYS N 140 -64.83 55.45 1.16
C LYS N 140 -66.31 55.72 0.96
N PHE N 141 -66.99 54.89 0.18
CA PHE N 141 -68.42 54.99 -0.08
C PHE N 141 -69.15 54.12 0.93
N TYR N 142 -70.06 54.68 1.71
CA TYR N 142 -70.78 53.93 2.74
C TYR N 142 -72.08 53.35 2.23
N GLN N 143 -72.41 52.13 2.65
CA GLN N 143 -73.76 51.60 2.48
C GLN N 143 -74.75 52.49 3.22
N SER N 144 -75.77 52.99 2.53
CA SER N 144 -76.91 53.60 3.19
C SER N 144 -77.76 52.55 3.88
N LYS N 145 -78.58 52.96 4.83
CA LYS N 145 -79.51 52.05 5.51
C LYS N 145 -80.59 51.52 4.55
N ASP N 146 -81.27 52.42 3.84
CA ASP N 146 -82.53 52.13 3.13
C ASP N 146 -82.43 52.11 1.60
N ILE N 147 -81.38 52.68 1.01
CA ILE N 147 -81.31 52.85 -0.48
C ILE N 147 -79.98 52.37 -1.06
N ASP N 148 -80.01 51.74 -2.23
CA ASP N 148 -78.77 51.31 -2.94
C ASP N 148 -78.34 52.50 -3.76
N TYR N 149 -77.17 52.48 -4.40
CA TYR N 149 -76.80 53.60 -5.30
C TYR N 149 -75.60 53.26 -6.16
N VAL N 150 -75.60 53.71 -7.41
CA VAL N 150 -74.49 53.53 -8.36
C VAL N 150 -73.63 54.77 -8.31
N VAL N 151 -72.32 54.61 -8.29
CA VAL N 151 -71.34 55.69 -8.47
C VAL N 151 -70.53 55.42 -9.72
N THR N 152 -70.17 56.46 -10.45
CA THR N 152 -69.01 56.42 -11.33
C THR N 152 -68.28 57.75 -11.27
N TYR N 153 -66.98 57.77 -11.46
CA TYR N 153 -66.16 58.96 -11.31
C TYR N 153 -65.23 59.10 -12.49
N SER N 154 -64.76 60.33 -12.72
CA SER N 154 -63.85 60.65 -13.80
C SER N 154 -62.82 61.66 -13.34
N THR N 155 -61.66 61.73 -14.02
CA THR N 155 -60.62 62.74 -13.71
C THR N 155 -60.08 63.34 -15.01
N SER N 156 -60.83 63.26 -16.12
CA SER N 156 -60.41 63.96 -17.34
C SER N 156 -60.37 65.46 -17.01
N LEU N 157 -59.18 66.06 -16.95
CA LEU N 157 -59.06 67.48 -16.52
C LEU N 157 -60.12 68.32 -17.25
N PRO N 158 -60.33 68.19 -18.58
CA PRO N 158 -61.39 68.92 -19.25
C PRO N 158 -62.72 68.63 -18.58
N LEU N 159 -63.37 69.64 -18.00
CA LEU N 159 -64.66 69.47 -17.29
C LEU N 159 -65.79 70.08 -18.14
N ARG N 160 -66.84 69.32 -18.43
CA ARG N 160 -68.00 69.81 -19.22
C ARG N 160 -69.22 68.93 -18.94
N SER N 161 -70.42 69.42 -19.23
CA SER N 161 -71.68 68.65 -19.05
C SER N 161 -72.24 68.28 -20.43
N SER N 162 -73.02 67.21 -20.52
CA SER N 162 -73.60 66.76 -21.82
C SER N 162 -75.02 66.23 -21.62
N MET N 163 -75.87 66.31 -22.64
CA MET N 163 -77.22 65.78 -22.60
C MET N 163 -77.24 64.26 -22.40
N GLY N 164 -76.31 63.56 -23.07
CA GLY N 164 -76.11 62.11 -22.90
C GLY N 164 -75.62 61.74 -21.51
N MET N 165 -74.77 62.55 -20.88
CA MET N 165 -74.38 62.35 -19.47
C MET N 165 -75.62 62.39 -18.56
N TYR N 166 -76.45 63.43 -18.65
CA TYR N 166 -77.61 63.57 -17.77
C TYR N 166 -78.64 62.47 -18.01
N ASN N 167 -78.90 62.05 -19.24
CA ASN N 167 -79.76 60.90 -19.48
C ASN N 167 -79.13 59.61 -18.93
N SER N 168 -77.82 59.40 -19.10
CA SER N 168 -77.14 58.21 -18.60
C SER N 168 -77.09 58.13 -17.07
N MET N 169 -77.44 59.19 -16.34
CA MET N 169 -77.67 59.12 -14.90
C MET N 169 -78.89 58.31 -14.50
N GLN N 170 -79.78 57.96 -15.44
CA GLN N 170 -80.94 57.13 -15.15
C GLN N 170 -80.46 55.82 -14.52
N PRO N 171 -81.05 55.35 -13.40
CA PRO N 171 -80.44 54.29 -12.60
C PRO N 171 -80.12 53.00 -13.34
N SER N 172 -81.00 52.55 -14.24
CA SER N 172 -80.78 51.37 -15.06
C SER N 172 -79.63 51.57 -16.06
N ILE N 173 -79.54 52.74 -16.69
CA ILE N 173 -78.50 53.06 -17.65
C ILE N 173 -77.14 53.23 -16.96
N HIS N 174 -77.10 53.94 -15.85
CA HIS N 174 -75.89 54.09 -15.05
C HIS N 174 -75.40 52.73 -14.53
N LEU N 175 -76.30 51.89 -14.04
CA LEU N 175 -75.96 50.52 -13.63
C LEU N 175 -75.42 49.64 -14.77
N MET N 176 -75.71 49.92 -16.04
CA MET N 176 -75.10 49.19 -17.15
C MET N 176 -73.69 49.68 -17.52
N GLN N 177 -73.29 50.89 -17.16
CA GLN N 177 -72.00 51.45 -17.58
C GLN N 177 -70.79 50.69 -17.05
N GLN N 178 -69.68 50.75 -17.78
CA GLN N 178 -68.40 50.21 -17.33
C GLN N 178 -67.76 51.11 -16.27
N ASN N 179 -66.97 50.50 -15.39
CA ASN N 179 -66.32 51.20 -14.26
C ASN N 179 -67.33 51.93 -13.34
N LYS N 180 -68.53 51.39 -13.24
CA LYS N 180 -69.47 51.68 -12.16
C LYS N 180 -68.97 51.09 -10.85
N LEU N 181 -69.48 51.61 -9.75
CA LEU N 181 -69.45 51.01 -8.43
C LEU N 181 -70.89 50.94 -7.93
N ILE N 182 -71.38 49.75 -7.57
CA ILE N 182 -72.70 49.58 -6.95
C ILE N 182 -72.49 49.46 -5.46
N VAL N 183 -73.22 50.25 -4.68
CA VAL N 183 -73.23 50.17 -3.23
C VAL N 183 -74.62 49.70 -2.80
N PRO N 184 -74.79 48.41 -2.44
CA PRO N 184 -76.04 47.92 -1.88
C PRO N 184 -76.30 48.59 -0.55
N SER N 185 -77.55 48.82 -0.20
CA SER N 185 -77.94 49.20 1.15
C SER N 185 -77.59 48.10 2.15
N LYS N 186 -77.53 48.44 3.44
CA LYS N 186 -77.36 47.46 4.51
C LYS N 186 -78.49 46.43 4.55
N GLN N 187 -79.69 46.82 4.11
CA GLN N 187 -80.83 45.92 3.95
C GLN N 187 -80.64 44.93 2.80
N THR N 188 -80.17 45.35 1.62
CA THR N 188 -80.02 44.44 0.48
C THR N 188 -78.77 43.56 0.57
N GLN N 189 -77.70 43.98 1.25
CA GLN N 189 -76.56 43.12 1.53
C GLN N 189 -75.81 43.53 2.80
N LYS N 190 -75.74 42.64 3.79
CA LYS N 190 -74.81 42.75 4.93
C LYS N 190 -73.40 42.38 4.47
N ARG N 191 -72.40 43.17 4.85
CA ARG N 191 -71.00 43.05 4.39
C ARG N 191 -70.04 43.02 5.58
N ARG N 192 -68.85 42.47 5.37
CA ARG N 192 -67.75 42.50 6.37
C ARG N 192 -67.33 43.93 6.66
N LYS N 193 -66.99 44.69 5.62
CA LYS N 193 -66.71 46.13 5.72
C LYS N 193 -67.94 46.91 5.28
N PRO N 194 -68.42 47.90 6.05
CA PRO N 194 -69.65 48.62 5.76
C PRO N 194 -69.49 49.70 4.67
N TYR N 195 -68.37 49.71 3.95
CA TYR N 195 -68.00 50.69 2.94
C TYR N 195 -67.21 50.02 1.82
N ILE N 196 -67.17 50.67 0.65
CA ILE N 196 -66.26 50.30 -0.44
C ILE N 196 -65.23 51.40 -0.62
N LYS N 197 -63.95 51.05 -0.61
CA LYS N 197 -62.81 51.97 -0.63
C LYS N 197 -62.07 51.88 -1.94
N LYS N 198 -61.78 53.01 -2.59
CA LYS N 198 -60.87 53.03 -3.73
C LYS N 198 -60.09 54.32 -3.88
N HIS N 199 -58.89 54.17 -4.44
CA HIS N 199 -57.92 55.24 -4.65
C HIS N 199 -58.03 55.76 -6.07
N ILE N 200 -58.02 57.07 -6.22
CA ILE N 200 -58.19 57.76 -7.50
C ILE N 200 -56.96 58.62 -7.77
N SER N 201 -56.32 58.42 -8.91
CA SER N 201 -55.11 59.12 -9.32
C SER N 201 -55.42 60.57 -9.75
N PRO N 202 -54.48 61.52 -9.75
CA PRO N 202 -54.74 62.86 -10.28
C PRO N 202 -55.21 62.86 -11.74
N PRO N 203 -55.88 63.93 -12.20
CA PRO N 203 -56.10 64.16 -13.63
C PRO N 203 -54.82 63.99 -14.43
N THR N 204 -54.88 63.44 -15.64
CA THR N 204 -53.67 63.23 -16.46
C THR N 204 -52.93 64.54 -16.77
N GLN N 205 -53.66 65.67 -16.78
CA GLN N 205 -53.10 67.02 -17.01
C GLN N 205 -52.41 67.56 -15.75
N MET N 206 -52.79 67.09 -14.57
CA MET N 206 -52.10 67.42 -13.31
C MET N 206 -50.89 66.48 -13.16
N LYS N 207 -49.71 66.96 -13.51
CA LYS N 207 -48.47 66.18 -13.41
C LYS N 207 -47.96 66.17 -11.97
N SER N 208 -46.96 65.36 -11.65
CA SER N 208 -46.43 65.27 -10.28
C SER N 208 -45.66 66.51 -9.82
N GLN N 209 -45.42 67.48 -10.70
CA GLN N 209 -44.73 68.73 -10.38
C GLN N 209 -45.44 69.56 -9.30
N TRP N 210 -44.71 70.51 -8.71
CA TRP N 210 -45.29 71.55 -7.87
C TRP N 210 -46.03 72.59 -8.71
N TYR N 211 -47.12 73.13 -8.17
CA TYR N 211 -47.91 74.21 -8.77
C TYR N 211 -48.22 75.25 -7.71
N PHE N 212 -48.25 76.53 -8.04
CA PHE N 212 -48.80 77.53 -7.13
C PHE N 212 -50.26 77.21 -6.80
N GLN N 213 -50.63 77.30 -5.53
CA GLN N 213 -52.02 77.00 -5.09
C GLN N 213 -53.02 77.96 -5.75
N HIS N 214 -52.61 79.18 -6.13
CA HIS N 214 -53.48 80.17 -6.83
C HIS N 214 -53.85 79.63 -8.22
N ASN N 215 -52.93 78.93 -8.89
CA ASN N 215 -53.17 78.41 -10.22
C ASN N 215 -54.10 77.20 -10.21
N ILE N 216 -53.83 76.22 -9.34
CA ILE N 216 -54.61 74.98 -9.28
C ILE N 216 -55.90 75.08 -8.44
N ALA N 217 -56.14 76.18 -7.73
CA ALA N 217 -57.29 76.32 -6.83
C ALA N 217 -58.62 75.90 -7.46
N ASN N 218 -58.91 76.36 -8.68
CA ASN N 218 -60.17 76.13 -9.36
C ASN N 218 -60.18 74.95 -10.35
N ILE N 219 -59.05 74.30 -10.59
CA ILE N 219 -58.95 73.13 -11.48
C ILE N 219 -59.73 71.96 -10.88
N PRO N 220 -60.76 71.39 -11.54
CA PRO N 220 -61.53 70.30 -10.97
C PRO N 220 -60.74 69.00 -11.02
N LEU N 221 -60.34 68.48 -9.85
CA LEU N 221 -59.42 67.30 -9.75
C LEU N 221 -60.18 65.97 -9.66
N LEU N 222 -61.49 66.02 -9.48
CA LEU N 222 -62.35 64.83 -9.45
C LEU N 222 -63.78 65.19 -9.85
N MET N 223 -64.42 64.36 -10.66
CA MET N 223 -65.89 64.35 -10.81
C MET N 223 -66.47 63.06 -10.24
N ILE N 224 -67.47 63.15 -9.38
CA ILE N 224 -68.26 62.01 -8.90
C ILE N 224 -69.68 62.12 -9.45
N ARG N 225 -70.17 61.07 -10.09
CA ARG N 225 -71.56 60.93 -10.55
C ARG N 225 -72.24 59.86 -9.73
N THR N 226 -73.38 60.17 -9.10
CA THR N 226 -74.12 59.21 -8.26
C THR N 226 -75.59 59.23 -8.59
N THR N 227 -76.25 58.07 -8.61
CA THR N 227 -77.71 57.95 -8.78
C THR N 227 -78.28 56.95 -7.79
N ALA N 228 -79.44 57.27 -7.22
CA ALA N 228 -80.19 56.41 -6.31
C ALA N 228 -80.93 55.29 -7.06
N LEU N 229 -80.97 54.11 -6.45
CA LEU N 229 -81.26 52.85 -7.13
C LEU N 229 -82.08 51.92 -6.22
N THR N 230 -82.82 50.98 -6.78
CA THR N 230 -83.13 49.75 -6.04
C THR N 230 -82.83 48.52 -6.87
N LEU N 231 -82.13 47.56 -6.27
CA LEU N 231 -81.81 46.27 -6.87
C LEU N 231 -82.96 45.26 -6.72
N ASP N 232 -83.61 45.23 -5.55
CA ASP N 232 -84.70 44.28 -5.24
C ASP N 232 -86.08 44.65 -5.81
N ASN N 233 -86.29 45.92 -6.17
CA ASN N 233 -87.53 46.44 -6.75
C ASN N 233 -87.27 47.00 -8.15
N TYR N 234 -86.27 46.49 -8.86
CA TYR N 234 -85.75 47.06 -10.10
C TYR N 234 -86.84 47.31 -11.16
N TYR N 235 -87.75 46.37 -11.38
CA TYR N 235 -88.82 46.52 -12.38
C TYR N 235 -90.07 47.18 -11.82
N ILE N 236 -90.57 46.71 -10.67
CA ILE N 236 -91.81 47.22 -10.06
C ILE N 236 -91.61 48.66 -9.57
N GLY N 237 -90.47 48.96 -8.97
CA GLY N 237 -90.14 50.28 -8.44
C GLY N 237 -91.14 50.70 -7.38
N SER N 238 -91.88 51.78 -7.65
CA SER N 238 -93.01 52.24 -6.83
C SER N 238 -94.36 52.17 -7.54
N ARG N 239 -94.50 51.33 -8.57
CA ARG N 239 -95.76 51.04 -9.27
C ARG N 239 -96.87 50.64 -8.28
N GLN N 240 -98.07 51.15 -8.52
CA GLN N 240 -99.31 50.78 -7.81
C GLN N 240 -100.36 50.37 -8.85
N LEU N 241 -101.13 49.32 -8.59
CA LEU N 241 -102.14 48.79 -9.51
C LEU N 241 -101.54 48.46 -10.89
N SER N 242 -102.07 49.01 -11.98
CA SER N 242 -101.63 48.77 -13.35
C SER N 242 -100.19 49.20 -13.64
N THR N 243 -99.56 48.61 -14.65
CA THR N 243 -98.26 49.10 -15.17
C THR N 243 -98.37 50.48 -15.82
N ASN N 244 -99.55 50.83 -16.35
CA ASN N 244 -99.83 52.12 -16.97
C ASN N 244 -99.79 53.25 -15.93
N VAL N 245 -99.13 54.36 -16.25
CA VAL N 245 -99.18 55.62 -15.50
C VAL N 245 -100.08 56.61 -16.25
N THR N 246 -100.85 57.40 -15.52
CA THR N 246 -101.70 58.45 -16.11
C THR N 246 -100.97 59.79 -16.14
N ILE N 247 -100.90 60.40 -17.31
CA ILE N 247 -100.32 61.72 -17.53
C ILE N 247 -101.47 62.70 -17.82
N HIS N 248 -101.49 63.85 -17.14
CA HIS N 248 -102.47 64.91 -17.47
C HIS N 248 -101.77 65.80 -18.50
N THR N 249 -102.49 66.41 -19.44
CA THR N 249 -101.91 67.36 -20.41
C THR N 249 -102.89 68.46 -20.79
N LEU N 250 -102.37 69.58 -21.30
CA LEU N 250 -103.24 70.65 -21.85
C LEU N 250 -103.69 70.17 -23.24
N ASN N 251 -105.01 70.14 -23.50
CA ASN N 251 -105.49 69.81 -24.86
C ASN N 251 -104.67 70.67 -25.83
N THR N 252 -103.97 70.06 -26.80
CA THR N 252 -103.13 70.79 -27.77
C THR N 252 -104.03 71.34 -28.86
N THR N 253 -105.13 70.66 -29.17
CA THR N 253 -106.02 71.00 -30.29
C THR N 253 -106.91 72.23 -30.01
N TYR N 254 -106.83 72.82 -28.81
CA TYR N 254 -107.63 74.00 -28.43
C TYR N 254 -106.83 75.05 -27.65
N ILE N 255 -105.97 74.64 -26.73
CA ILE N 255 -105.14 75.54 -25.92
C ILE N 255 -103.77 75.74 -26.61
N GLN N 256 -103.57 76.82 -27.37
CA GLN N 256 -102.27 76.96 -28.10
C GLN N 256 -101.71 78.38 -28.05
N ASN N 257 -102.47 79.38 -27.62
CA ASN N 257 -102.00 80.75 -27.76
C ASN N 257 -100.84 81.14 -26.85
N ARG N 258 -100.64 80.46 -25.72
CA ARG N 258 -99.50 80.69 -24.79
C ARG N 258 -99.41 82.18 -24.36
N ASP N 259 -100.54 82.89 -24.29
CA ASP N 259 -100.57 84.29 -23.83
C ASP N 259 -100.88 84.41 -22.33
N TRP N 260 -100.07 83.78 -21.48
CA TRP N 260 -100.39 83.57 -20.07
C TRP N 260 -99.84 84.62 -19.10
N GLY N 261 -100.49 84.72 -17.94
CA GLY N 261 -99.95 85.42 -16.77
C GLY N 261 -100.14 86.93 -16.76
N ASP N 262 -101.23 87.44 -17.34
CA ASP N 262 -101.67 88.84 -17.21
C ASP N 262 -103.15 88.94 -16.78
N ARG N 263 -103.49 89.90 -15.91
CA ARG N 263 -104.92 90.21 -15.62
C ARG N 263 -105.28 91.39 -16.55
N ASN N 264 -104.32 91.87 -17.36
CA ASN N 264 -104.48 93.00 -18.27
C ASN N 264 -104.89 92.59 -19.70
N LYS N 265 -105.27 91.33 -19.92
CA LYS N 265 -105.54 90.72 -21.24
C LYS N 265 -106.69 89.72 -21.15
N THR N 266 -107.74 89.89 -21.95
CA THR N 266 -108.79 88.86 -22.10
C THR N 266 -108.21 87.63 -22.79
N TYR N 267 -108.29 86.45 -22.16
CA TYR N 267 -107.65 85.25 -22.71
C TYR N 267 -108.47 84.63 -23.84
N TYR N 268 -107.77 84.20 -24.89
CA TYR N 268 -108.30 83.50 -26.04
C TYR N 268 -107.41 82.27 -26.27
N CYS N 269 -108.00 81.10 -26.51
CA CYS N 269 -107.28 79.83 -26.42
C CYS N 269 -106.54 79.45 -27.72
N GLN N 270 -107.11 79.76 -28.88
CA GLN N 270 -106.47 79.53 -30.18
C GLN N 270 -106.83 80.61 -31.21
N THR N 271 -106.00 80.76 -32.23
CA THR N 271 -106.30 81.45 -33.48
C THR N 271 -106.37 80.44 -34.62
N LEU N 272 -107.36 80.56 -35.50
CA LEU N 272 -107.43 79.82 -36.77
C LEU N 272 -107.78 80.79 -37.89
N GLY N 273 -107.04 80.77 -39.00
CA GLY N 273 -107.15 81.82 -40.02
C GLY N 273 -106.92 83.21 -39.42
N THR N 274 -107.92 84.07 -39.51
CA THR N 274 -107.95 85.39 -38.84
C THR N 274 -108.68 85.38 -37.48
N GLN N 275 -109.39 84.30 -37.13
CA GLN N 275 -110.27 84.25 -35.96
C GLN N 275 -109.49 84.14 -34.64
N ARG N 276 -110.17 84.46 -33.54
CA ARG N 276 -109.80 84.10 -32.17
C ARG N 276 -110.93 83.27 -31.55
N TYR N 277 -110.57 82.30 -30.71
CA TYR N 277 -111.53 81.43 -30.03
C TYR N 277 -111.42 81.59 -28.51
N PHE N 278 -112.55 81.47 -27.84
CA PHE N 278 -112.76 81.89 -26.46
C PHE N 278 -113.48 80.78 -25.69
N LEU N 279 -113.23 80.75 -24.38
CA LEU N 279 -113.76 79.76 -23.45
C LEU N 279 -114.69 80.46 -22.45
N TYR N 280 -115.77 79.78 -22.05
CA TYR N 280 -116.71 80.25 -21.05
C TYR N 280 -117.08 79.12 -20.09
N GLY N 281 -117.10 79.38 -18.80
CA GLY N 281 -117.59 78.42 -17.80
C GLY N 281 -119.09 78.59 -17.56
N THR N 282 -119.78 77.55 -17.13
CA THR N 282 -121.15 77.71 -16.62
C THR N 282 -121.45 76.71 -15.50
N HIS N 283 -122.36 77.07 -14.60
CA HIS N 283 -122.85 76.14 -13.55
C HIS N 283 -124.21 75.61 -14.01
N SER N 284 -124.65 75.98 -15.23
CA SER N 284 -125.96 75.58 -15.74
C SER N 284 -126.12 74.06 -15.82
N THR N 285 -127.30 73.59 -15.44
CA THR N 285 -127.75 72.20 -15.60
C THR N 285 -128.31 71.91 -17.00
N ALA N 286 -128.35 72.91 -17.89
CA ALA N 286 -128.88 72.76 -19.24
C ALA N 286 -128.14 71.66 -20.02
N GLN N 287 -128.91 70.73 -20.61
CA GLN N 287 -128.36 69.59 -21.35
C GLN N 287 -127.95 69.96 -22.79
N ASN N 288 -128.56 70.98 -23.38
CA ASN N 288 -128.37 71.33 -24.79
C ASN N 288 -127.55 72.63 -24.92
N ILE N 289 -126.42 72.55 -25.63
CA ILE N 289 -125.51 73.68 -25.86
C ILE N 289 -126.19 74.87 -26.56
N ASN N 290 -127.26 74.64 -27.33
CA ASN N 290 -127.97 75.69 -28.04
C ASN N 290 -128.77 76.62 -27.10
N ASP N 291 -129.44 76.07 -26.07
CA ASP N 291 -130.43 76.85 -25.23
C ASP N 291 -129.82 77.57 -24.01
N ILE N 292 -128.56 77.34 -23.67
CA ILE N 292 -127.90 78.10 -22.60
C ILE N 292 -128.03 79.60 -22.90
N LYS N 293 -128.27 80.42 -21.87
CA LYS N 293 -128.44 81.88 -22.02
C LYS N 293 -127.11 82.57 -22.36
N LEU N 294 -127.16 83.87 -22.64
CA LEU N 294 -125.90 84.66 -22.80
C LEU N 294 -125.43 84.98 -21.37
N GLN N 295 -126.35 84.92 -20.39
CA GLN N 295 -126.04 85.22 -18.96
C GLN N 295 -125.29 84.06 -18.28
N GLU N 296 -125.71 82.82 -18.53
CA GLU N 296 -125.12 81.64 -17.84
C GLU N 296 -123.59 81.64 -17.96
N LEU N 297 -123.06 81.98 -19.14
CA LEU N 297 -121.59 81.90 -19.40
C LEU N 297 -120.80 82.80 -18.43
N ILE N 298 -119.68 82.29 -17.90
CA ILE N 298 -118.75 83.07 -17.02
C ILE N 298 -117.50 83.29 -17.87
N PRO N 299 -117.35 84.45 -18.54
CA PRO N 299 -116.28 84.65 -19.50
C PRO N 299 -114.94 84.69 -18.78
N LEU N 300 -113.85 84.31 -19.44
CA LEU N 300 -112.50 84.27 -18.82
C LEU N 300 -111.69 85.48 -19.31
N THR N 301 -111.41 86.45 -18.43
CA THR N 301 -110.65 87.68 -18.79
C THR N 301 -109.33 87.68 -18.04
N ASN N 302 -109.04 86.62 -17.27
CA ASN N 302 -107.77 86.49 -16.55
C ASN N 302 -107.25 85.06 -16.73
N THR N 303 -105.94 84.88 -16.90
CA THR N 303 -105.31 83.56 -16.66
C THR N 303 -104.39 83.53 -15.45
N GLN N 304 -103.91 84.71 -15.01
CA GLN N 304 -102.88 84.86 -13.95
C GLN N 304 -103.34 84.48 -12.53
N ASP N 305 -104.63 84.29 -12.28
CA ASP N 305 -105.11 84.01 -10.90
C ASP N 305 -105.75 82.64 -10.73
N TYR N 306 -105.83 82.18 -9.48
CA TYR N 306 -106.57 80.94 -9.14
C TYR N 306 -108.10 81.12 -9.15
N VAL N 307 -108.59 82.35 -9.28
CA VAL N 307 -110.00 82.70 -9.07
C VAL N 307 -110.95 81.93 -10.00
N GLN N 308 -112.05 81.42 -9.45
CA GLN N 308 -113.09 80.68 -10.18
C GLN N 308 -113.99 81.60 -11.02
N GLY N 309 -114.13 82.86 -10.61
CA GLY N 309 -115.18 83.73 -11.07
C GLY N 309 -116.51 83.40 -10.38
N PHE N 310 -117.61 83.98 -10.87
CA PHE N 310 -118.97 83.69 -10.42
C PHE N 310 -119.99 84.02 -11.51
N ASP N 311 -121.19 83.47 -11.35
CA ASP N 311 -122.30 83.64 -12.29
C ASP N 311 -123.00 85.00 -12.18
N TRP N 312 -123.65 85.46 -13.25
CA TRP N 312 -124.42 86.70 -13.31
C TRP N 312 -125.56 86.75 -12.27
N THR N 313 -126.05 85.59 -11.81
CA THR N 313 -127.01 85.51 -10.70
C THR N 313 -126.47 86.09 -9.39
N GLU N 314 -125.15 86.27 -9.25
CA GLU N 314 -124.53 86.93 -8.09
C GLU N 314 -124.24 88.43 -8.32
N LYS N 315 -124.80 89.05 -9.38
CA LYS N 315 -124.74 90.49 -9.66
C LYS N 315 -124.95 91.35 -8.40
N ASP N 316 -125.99 91.04 -7.63
CA ASP N 316 -126.35 91.78 -6.43
C ASP N 316 -125.45 91.49 -5.21
N LYS N 317 -124.64 90.42 -5.23
CA LYS N 317 -123.66 90.13 -4.15
C LYS N 317 -122.38 90.95 -4.28
N HIS N 318 -122.03 91.36 -5.53
CA HIS N 318 -120.81 92.16 -5.84
C HIS N 318 -121.20 93.53 -6.40
N ASN N 319 -122.40 94.03 -6.10
CA ASN N 319 -122.89 95.36 -6.48
C ASN N 319 -122.63 95.69 -7.97
N ILE N 320 -122.70 94.67 -8.84
CA ILE N 320 -122.42 94.80 -10.27
C ILE N 320 -123.54 95.58 -10.96
N THR N 321 -123.16 96.58 -11.74
CA THR N 321 -124.11 97.43 -12.50
C THR N 321 -124.17 97.07 -13.99
N THR N 322 -123.10 96.49 -14.55
CA THR N 322 -122.98 96.21 -15.99
C THR N 322 -122.22 94.92 -16.26
N TYR N 323 -122.35 94.37 -17.47
CA TYR N 323 -121.53 93.25 -17.91
C TYR N 323 -120.03 93.58 -17.88
N LYS N 324 -119.63 94.85 -18.05
CA LYS N 324 -118.24 95.31 -17.83
C LYS N 324 -117.76 95.04 -16.40
N GLU N 325 -118.57 95.30 -15.39
CA GLU N 325 -118.24 94.93 -13.99
C GLU N 325 -118.37 93.42 -13.73
N PHE N 326 -119.25 92.72 -14.44
CA PHE N 326 -119.28 91.25 -14.39
C PHE N 326 -117.99 90.63 -14.95
N LEU N 327 -117.49 91.14 -16.09
CA LEU N 327 -116.19 90.75 -16.68
C LEU N 327 -115.03 90.98 -15.70
N THR N 328 -114.98 92.12 -15.02
CA THR N 328 -113.83 92.43 -14.15
C THR N 328 -113.93 91.73 -12.79
N LYS N 329 -115.10 91.70 -12.15
CA LYS N 329 -115.25 91.05 -10.84
C LYS N 329 -115.44 89.54 -10.93
N GLY N 330 -116.20 89.05 -11.91
CA GLY N 330 -116.76 87.69 -11.94
C GLY N 330 -116.16 86.73 -12.97
N ALA N 331 -115.23 87.15 -13.81
CA ALA N 331 -114.58 86.24 -14.75
C ALA N 331 -113.74 85.14 -14.06
N GLY N 332 -113.72 83.95 -14.64
CA GLY N 332 -113.07 82.77 -14.09
C GLY N 332 -111.76 82.43 -14.78
N ASN N 333 -110.73 81.97 -14.06
CA ASN N 333 -109.51 81.51 -14.72
C ASN N 333 -109.70 80.07 -15.21
N PRO N 334 -109.35 79.73 -16.47
CA PRO N 334 -109.67 78.43 -17.06
C PRO N 334 -108.98 77.26 -16.34
N PHE N 335 -107.90 77.54 -15.63
CA PHE N 335 -107.11 76.59 -14.87
C PHE N 335 -107.54 76.46 -13.40
N HIS N 336 -108.65 77.07 -12.98
CA HIS N 336 -109.23 76.79 -11.66
C HIS N 336 -109.64 75.31 -11.56
N ALA N 337 -109.65 74.74 -10.35
CA ALA N 337 -109.80 73.30 -10.12
C ALA N 337 -111.08 72.67 -10.70
N GLU N 338 -112.15 73.44 -10.95
CA GLU N 338 -113.34 72.93 -11.64
C GLU N 338 -113.31 73.18 -13.16
N TRP N 339 -112.73 74.27 -13.65
CA TRP N 339 -112.65 74.55 -15.08
C TRP N 339 -111.52 73.78 -15.79
N ILE N 340 -110.41 73.48 -15.10
CA ILE N 340 -109.23 72.79 -15.64
C ILE N 340 -109.55 71.45 -16.29
N THR N 341 -110.46 70.67 -15.69
CA THR N 341 -110.99 69.38 -16.18
C THR N 341 -112.48 69.44 -16.50
N ALA N 342 -113.07 70.65 -16.56
CA ALA N 342 -114.48 70.88 -16.79
C ALA N 342 -115.41 70.03 -15.88
N GLN N 343 -115.10 69.95 -14.59
CA GLN N 343 -115.96 69.31 -13.59
C GLN N 343 -117.37 69.91 -13.64
N ASN N 344 -117.44 71.23 -13.75
CA ASN N 344 -118.63 71.97 -14.19
C ASN N 344 -118.40 72.37 -15.66
N PRO N 345 -119.42 72.28 -16.54
CA PRO N 345 -119.22 72.42 -17.98
C PRO N 345 -118.49 73.71 -18.40
N VAL N 346 -117.66 73.58 -19.44
CA VAL N 346 -116.87 74.65 -20.05
C VAL N 346 -117.14 74.64 -21.55
N ILE N 347 -117.40 75.81 -22.10
CA ILE N 347 -117.88 76.01 -23.46
C ILE N 347 -116.82 76.74 -24.29
N HIS N 348 -116.44 76.18 -25.44
CA HIS N 348 -115.49 76.75 -26.38
C HIS N 348 -116.23 77.34 -27.59
N THR N 349 -115.91 78.55 -28.03
CA THR N 349 -116.62 79.23 -29.11
C THR N 349 -115.73 80.22 -29.87
N ALA N 350 -116.08 80.51 -31.12
CA ALA N 350 -115.50 81.63 -31.87
C ALA N 350 -116.06 83.00 -31.39
N ASN N 351 -117.21 83.02 -30.70
CA ASN N 351 -117.86 84.27 -30.35
C ASN N 351 -117.12 85.02 -29.23
N SER N 352 -116.49 86.14 -29.59
CA SER N 352 -115.71 86.94 -28.65
C SER N 352 -116.60 87.54 -27.55
N PRO N 353 -116.13 87.63 -26.30
CA PRO N 353 -116.83 88.32 -25.22
C PRO N 353 -117.26 89.72 -25.60
N THR N 354 -116.52 90.44 -26.46
CA THR N 354 -116.89 91.79 -26.90
C THR N 354 -118.12 91.80 -27.82
N GLN N 355 -118.38 90.73 -28.57
CA GLN N 355 -119.67 90.61 -29.25
C GLN N 355 -120.80 90.40 -28.21
N ILE N 356 -120.55 89.60 -27.18
CA ILE N 356 -121.48 89.46 -26.05
C ILE N 356 -121.65 90.80 -25.30
N GLU N 357 -120.57 91.60 -25.13
CA GLU N 357 -120.65 92.96 -24.56
C GLU N 357 -121.59 93.81 -25.40
N GLN N 358 -121.44 93.82 -26.73
CA GLN N 358 -122.32 94.56 -27.61
C GLN N 358 -123.79 94.11 -27.44
N ILE N 359 -124.06 92.80 -27.32
CA ILE N 359 -125.44 92.32 -27.09
C ILE N 359 -125.98 92.77 -25.72
N TYR N 360 -125.19 92.64 -24.63
CA TYR N 360 -125.59 93.14 -23.31
C TYR N 360 -125.78 94.66 -23.29
N THR N 361 -124.78 95.42 -23.72
CA THR N 361 -124.78 96.88 -23.63
C THR N 361 -125.81 97.50 -24.56
N ALA N 362 -126.06 96.93 -25.73
CA ALA N 362 -127.13 97.39 -26.62
C ALA N 362 -128.51 97.29 -25.92
N SER N 363 -128.80 96.19 -25.22
CA SER N 363 -129.92 96.14 -24.27
C SER N 363 -129.77 95.00 -23.24
N THR N 364 -129.69 95.39 -21.96
CA THR N 364 -129.59 94.47 -20.82
C THR N 364 -130.86 93.62 -20.66
N THR N 365 -132.02 94.16 -21.03
CA THR N 365 -133.29 93.44 -21.03
C THR N 365 -133.35 92.33 -22.07
N THR N 366 -132.70 92.48 -23.24
CA THR N 366 -132.60 91.40 -24.22
C THR N 366 -131.46 90.41 -23.94
N PHE N 367 -130.53 90.73 -23.03
CA PHE N 367 -129.54 89.76 -22.54
C PHE N 367 -130.21 88.60 -21.76
N GLN N 368 -131.32 88.87 -21.07
CA GLN N 368 -132.19 87.85 -20.48
C GLN N 368 -132.82 86.96 -21.56
N ASN N 369 -133.28 87.56 -22.66
CA ASN N 369 -133.98 86.84 -23.73
C ASN N 369 -133.02 86.00 -24.61
N LYS N 370 -131.85 86.55 -24.97
CA LYS N 370 -130.90 85.90 -25.88
C LYS N 370 -130.29 84.63 -25.28
N LYS N 371 -130.24 83.59 -26.09
CA LYS N 371 -129.58 82.30 -25.82
C LYS N 371 -128.38 82.10 -26.74
N LEU N 372 -127.70 80.95 -26.65
CA LEU N 372 -126.59 80.57 -27.53
C LEU N 372 -127.02 80.34 -28.99
N THR N 373 -128.31 80.10 -29.25
CA THR N 373 -128.91 80.22 -30.59
C THR N 373 -128.84 81.65 -31.12
N ASP N 374 -128.72 81.81 -32.44
CA ASP N 374 -128.75 83.10 -33.14
C ASP N 374 -127.73 84.15 -32.63
N LEU N 375 -126.62 83.70 -32.02
CA LEU N 375 -125.49 84.57 -31.68
C LEU N 375 -124.54 84.76 -32.86
N PRO N 376 -123.73 85.83 -32.87
CA PRO N 376 -122.67 85.98 -33.85
C PRO N 376 -121.60 84.89 -33.70
N THR N 377 -121.07 84.39 -34.82
CA THR N 377 -120.06 83.30 -34.88
C THR N 377 -120.27 82.24 -33.79
N PRO N 378 -121.42 81.54 -33.72
CA PRO N 378 -121.69 80.65 -32.60
C PRO N 378 -121.19 79.23 -32.70
N GLY N 379 -119.88 79.03 -32.52
CA GLY N 379 -119.28 77.68 -32.52
C GLY N 379 -119.28 77.13 -31.11
N TYR N 380 -120.38 77.28 -30.37
CA TYR N 380 -120.48 76.83 -28.96
C TYR N 380 -120.37 75.30 -28.90
N ILE N 381 -119.33 74.77 -28.27
CA ILE N 381 -119.08 73.30 -28.16
C ILE N 381 -118.79 72.99 -26.69
N PHE N 382 -118.64 71.73 -26.28
CA PHE N 382 -118.23 71.38 -24.89
C PHE N 382 -116.80 70.83 -24.95
N ILE N 383 -115.80 71.61 -24.53
CA ILE N 383 -114.38 71.22 -24.64
C ILE N 383 -113.73 71.27 -23.25
N THR N 384 -112.85 70.31 -22.93
CA THR N 384 -112.13 70.26 -21.65
C THR N 384 -110.70 70.76 -21.83
N PRO N 385 -110.21 71.74 -21.04
CA PRO N 385 -108.83 72.22 -21.16
C PRO N 385 -107.77 71.13 -20.92
N THR N 386 -108.08 70.17 -20.04
CA THR N 386 -107.22 69.01 -19.75
C THR N 386 -107.76 67.73 -20.39
N VAL N 387 -106.86 66.88 -20.87
CA VAL N 387 -107.11 65.47 -21.14
C VAL N 387 -106.12 64.60 -20.34
N SER N 388 -106.54 63.42 -19.92
CA SER N 388 -105.67 62.43 -19.27
C SER N 388 -105.29 61.33 -20.27
N LEU N 389 -103.99 61.12 -20.46
CA LEU N 389 -103.42 60.04 -21.26
C LEU N 389 -102.96 58.88 -20.38
N ARG N 390 -102.91 57.67 -20.92
CA ARG N 390 -102.24 56.51 -20.31
C ARG N 390 -100.94 56.22 -21.05
N TYR N 391 -99.85 56.12 -20.31
CA TYR N 391 -98.53 55.74 -20.83
C TYR N 391 -98.10 54.40 -20.24
N ASN N 392 -97.60 53.50 -21.09
CA ASN N 392 -97.02 52.24 -20.66
C ASN N 392 -95.56 52.18 -21.12
N PRO N 393 -94.58 52.06 -20.21
CA PRO N 393 -93.17 52.09 -20.58
C PRO N 393 -92.75 50.89 -21.43
N TYR N 394 -93.43 49.74 -21.25
CA TYR N 394 -93.07 48.50 -21.98
C TYR N 394 -93.63 48.56 -23.40
N LYS N 395 -94.59 49.46 -23.64
CA LYS N 395 -95.20 49.63 -24.99
C LYS N 395 -94.48 50.75 -25.75
N ASP N 396 -93.42 51.32 -25.17
CA ASP N 396 -92.71 52.48 -25.77
C ASP N 396 -91.51 51.99 -26.61
N LEU N 397 -91.45 52.37 -27.89
CA LEU N 397 -90.40 51.92 -28.80
C LEU N 397 -89.43 53.04 -29.20
N ALA N 398 -89.65 54.27 -28.73
CA ALA N 398 -88.74 55.39 -28.95
C ALA N 398 -88.43 55.73 -30.43
N GLU N 399 -89.32 55.44 -31.39
CA GLU N 399 -89.04 55.65 -32.81
C GLU N 399 -89.22 57.13 -33.23
N ARG N 400 -90.15 57.85 -32.58
CA ARG N 400 -90.47 59.26 -32.88
C ARG N 400 -90.66 60.10 -31.60
N ASN N 401 -90.03 59.66 -30.51
CA ASN N 401 -90.02 60.39 -29.25
C ASN N 401 -89.16 61.65 -29.34
N LYS N 402 -89.56 62.72 -28.65
CA LYS N 402 -88.94 64.04 -28.75
C LYS N 402 -89.27 64.88 -27.52
N CYS N 403 -88.45 65.86 -27.16
CA CYS N 403 -88.61 66.64 -25.94
C CYS N 403 -87.88 67.99 -26.04
N TYR N 404 -88.51 69.09 -25.65
CA TYR N 404 -87.92 70.44 -25.68
C TYR N 404 -88.69 71.46 -24.83
N PHE N 405 -88.09 72.61 -24.56
CA PHE N 405 -88.73 73.71 -23.83
C PHE N 405 -89.14 74.84 -24.79
N VAL N 406 -90.34 75.38 -24.59
CA VAL N 406 -90.87 76.57 -25.30
C VAL N 406 -91.12 77.69 -24.29
N ARG N 407 -91.10 78.94 -24.75
CA ARG N 407 -91.28 80.13 -23.90
C ARG N 407 -92.76 80.28 -23.50
N SER N 408 -93.06 80.30 -22.21
CA SER N 408 -94.45 80.38 -21.71
C SER N 408 -95.00 81.82 -21.75
N LYS N 409 -94.30 82.78 -21.14
CA LYS N 409 -94.64 84.21 -21.22
C LYS N 409 -94.08 84.88 -22.47
N ILE N 410 -94.59 84.52 -23.65
CA ILE N 410 -94.43 85.32 -24.88
C ILE N 410 -95.69 85.27 -25.74
N ASN N 411 -95.84 86.28 -26.60
CA ASN N 411 -96.95 86.38 -27.53
C ASN N 411 -96.68 85.58 -28.83
N ALA N 412 -96.49 84.27 -28.73
CA ALA N 412 -96.26 83.40 -29.89
C ALA N 412 -97.17 82.17 -29.90
N HIS N 413 -97.75 81.88 -31.05
CA HIS N 413 -98.71 80.80 -31.24
C HIS N 413 -98.03 79.44 -31.39
N GLY N 414 -98.72 78.37 -31.00
CA GLY N 414 -98.34 77.00 -31.32
C GLY N 414 -97.22 76.43 -30.47
N TRP N 415 -96.95 75.15 -30.68
CA TRP N 415 -96.12 74.30 -29.82
C TRP N 415 -94.88 73.73 -30.53
N ASP N 416 -94.63 74.14 -31.77
CA ASP N 416 -93.50 73.56 -32.56
C ASP N 416 -92.18 73.75 -31.82
N PRO N 417 -91.16 72.87 -31.99
CA PRO N 417 -89.86 73.08 -31.37
C PRO N 417 -89.36 74.42 -31.83
N GLU N 418 -88.92 75.28 -30.91
CA GLU N 418 -88.49 76.66 -31.25
C GLU N 418 -87.22 77.01 -30.48
N GLN N 419 -86.64 78.19 -30.75
CA GLN N 419 -85.42 78.67 -30.05
C GLN N 419 -84.29 77.64 -30.31
N HIS N 420 -83.68 77.06 -29.27
CA HIS N 420 -82.52 76.15 -29.43
C HIS N 420 -82.97 74.82 -30.07
N GLN N 421 -82.49 74.54 -31.28
CA GLN N 421 -82.80 73.26 -31.98
C GLN N 421 -81.72 72.25 -31.60
N GLU N 422 -80.58 72.70 -31.05
CA GLU N 422 -79.57 71.78 -30.55
C GLU N 422 -79.92 71.20 -29.16
N LEU N 423 -80.84 71.84 -28.44
CA LEU N 423 -81.32 71.37 -27.13
C LEU N 423 -82.46 70.36 -27.24
N ILE N 424 -83.05 70.16 -28.43
CA ILE N 424 -84.06 69.12 -28.64
C ILE N 424 -83.45 67.75 -28.33
N ASN N 425 -84.14 66.96 -27.48
CA ASN N 425 -83.71 65.59 -27.07
C ASN N 425 -84.65 64.58 -27.75
N SER N 426 -84.14 63.61 -28.51
CA SER N 426 -84.93 62.73 -29.37
C SER N 426 -84.53 61.26 -29.25
N ASP N 427 -85.44 60.37 -29.66
CA ASP N 427 -85.17 58.95 -29.94
C ASP N 427 -84.68 58.10 -28.75
N LEU N 428 -85.20 58.35 -27.55
CA LEU N 428 -85.08 57.48 -26.37
C LEU N 428 -86.46 57.28 -25.76
N PRO N 429 -86.73 56.17 -25.04
CA PRO N 429 -88.02 55.99 -24.40
C PRO N 429 -88.27 57.09 -23.37
N GLN N 430 -89.50 57.61 -23.24
CA GLN N 430 -89.84 58.80 -22.40
C GLN N 430 -89.28 58.78 -20.96
N TRP N 431 -89.18 57.62 -20.31
CA TRP N 431 -88.59 57.52 -18.98
C TRP N 431 -87.07 57.73 -18.98
N LEU N 432 -86.38 57.46 -20.09
CA LEU N 432 -84.97 57.79 -20.28
C LEU N 432 -84.79 59.19 -20.88
N LEU N 433 -85.65 59.59 -21.81
CA LEU N 433 -85.57 60.87 -22.49
C LEU N 433 -85.76 62.06 -21.53
N LEU N 434 -86.67 61.96 -20.56
CA LEU N 434 -86.96 63.02 -19.61
C LEU N 434 -85.96 63.05 -18.44
N PHE N 435 -85.27 61.96 -18.12
CA PHE N 435 -84.47 61.85 -16.90
C PHE N 435 -83.31 62.87 -16.91
N GLY N 436 -83.30 63.81 -15.96
CA GLY N 436 -82.28 64.83 -15.86
C GLY N 436 -82.25 65.86 -16.99
N TYR N 437 -83.16 65.80 -17.97
CA TYR N 437 -83.17 66.74 -19.08
C TYR N 437 -83.46 68.20 -18.65
N PRO N 438 -84.44 68.49 -17.78
CA PRO N 438 -84.61 69.83 -17.24
C PRO N 438 -83.38 70.38 -16.52
N ASP N 439 -82.64 69.55 -15.78
CA ASP N 439 -81.41 70.00 -15.11
C ASP N 439 -80.27 70.22 -16.07
N TYR N 440 -80.13 69.41 -17.13
CA TYR N 440 -79.18 69.72 -18.20
C TYR N 440 -79.48 71.08 -18.82
N ILE N 441 -80.76 71.39 -19.06
CA ILE N 441 -81.18 72.66 -19.63
C ILE N 441 -80.89 73.82 -18.67
N LYS N 442 -81.23 73.69 -17.38
CA LYS N 442 -80.90 74.70 -16.37
C LYS N 442 -79.39 74.94 -16.27
N ARG N 443 -78.58 73.88 -16.20
CA ARG N 443 -77.10 74.00 -16.08
C ARG N 443 -76.52 74.60 -17.37
N THR N 444 -77.14 74.33 -18.52
CA THR N 444 -76.72 74.92 -19.80
C THR N 444 -76.93 76.44 -19.84
N GLN N 445 -77.94 76.96 -19.13
CA GLN N 445 -78.14 78.44 -18.98
C GLN N 445 -78.45 79.14 -20.33
N ASN N 446 -78.86 78.41 -21.36
CA ASN N 446 -79.25 78.99 -22.65
C ASN N 446 -80.69 79.54 -22.66
N PHE N 447 -81.43 79.39 -21.56
CA PHE N 447 -82.77 79.93 -21.37
C PHE N 447 -82.84 80.82 -20.12
N ALA N 448 -83.77 81.77 -20.09
CA ALA N 448 -84.02 82.56 -18.89
C ALA N 448 -84.46 81.64 -17.73
N LEU N 449 -83.77 81.74 -16.60
CA LEU N 449 -83.63 80.62 -15.67
C LEU N 449 -84.93 80.19 -14.97
N VAL N 450 -85.91 81.10 -14.85
CA VAL N 450 -87.06 80.89 -13.97
C VAL N 450 -88.09 79.89 -14.53
N ASP N 451 -88.54 78.95 -13.69
CA ASP N 451 -89.49 77.88 -14.12
C ASP N 451 -90.79 78.45 -14.70
N THR N 452 -91.17 79.65 -14.29
CA THR N 452 -92.44 80.25 -14.73
C THR N 452 -92.43 80.73 -16.18
N ASN N 453 -91.26 80.85 -16.80
CA ASN N 453 -91.13 81.49 -18.11
C ASN N 453 -90.99 80.48 -19.26
N TYR N 454 -91.00 79.18 -18.98
CA TYR N 454 -90.91 78.11 -19.97
C TYR N 454 -91.93 77.00 -19.68
N ILE N 455 -92.25 76.23 -20.71
CA ILE N 455 -93.02 74.98 -20.65
C ILE N 455 -92.18 73.89 -21.30
N LEU N 456 -92.21 72.70 -20.73
CA LEU N 456 -91.72 71.47 -21.32
C LEU N 456 -92.82 70.83 -22.18
N VAL N 457 -92.45 70.46 -23.39
CA VAL N 457 -93.30 69.89 -24.44
C VAL N 457 -92.65 68.62 -24.95
N ASP N 458 -93.40 67.53 -25.12
CA ASP N 458 -92.82 66.27 -25.63
C ASP N 458 -93.77 65.55 -26.60
N HIS N 459 -93.20 64.86 -27.57
CA HIS N 459 -93.92 64.02 -28.52
C HIS N 459 -93.69 62.54 -28.17
N CYS N 460 -94.75 61.74 -28.16
CA CYS N 460 -94.69 60.32 -27.89
C CYS N 460 -95.85 59.60 -28.60
N PRO N 461 -95.59 58.80 -29.65
CA PRO N 461 -96.60 57.99 -30.32
C PRO N 461 -97.32 56.97 -29.43
N TYR N 462 -96.77 56.64 -28.27
CA TYR N 462 -97.04 55.38 -27.57
C TYR N 462 -98.03 55.49 -26.40
N THR N 463 -98.59 56.67 -26.12
CA THR N 463 -99.78 56.73 -25.26
C THR N 463 -100.99 56.15 -26.00
N ASN N 464 -101.94 55.55 -25.27
CA ASN N 464 -103.07 54.86 -25.89
C ASN N 464 -104.07 55.83 -26.55
N PRO N 465 -104.60 56.84 -25.84
CA PRO N 465 -105.04 58.09 -26.48
C PRO N 465 -103.81 58.92 -26.86
N GLU N 466 -103.97 59.93 -27.71
CA GLU N 466 -102.86 60.78 -28.14
C GLU N 466 -103.24 62.27 -28.19
N LYS N 467 -102.21 63.11 -28.11
CA LYS N 467 -102.22 64.52 -28.51
C LYS N 467 -100.88 64.79 -29.21
N THR N 468 -100.85 65.64 -30.23
CA THR N 468 -99.68 65.75 -31.14
C THR N 468 -98.39 66.07 -30.36
N PRO N 469 -98.27 67.22 -29.67
CA PRO N 469 -97.43 67.31 -28.48
C PRO N 469 -98.24 67.01 -27.21
N PHE N 470 -97.49 66.79 -26.13
CA PHE N 470 -98.08 66.67 -24.78
C PHE N 470 -97.59 67.86 -23.99
N ILE N 471 -98.39 68.44 -23.10
CA ILE N 471 -97.92 69.52 -22.19
C ILE N 471 -98.11 68.95 -20.79
N PRO N 472 -97.27 68.01 -20.30
CA PRO N 472 -97.55 67.36 -19.03
C PRO N 472 -97.89 68.36 -17.92
N LEU N 473 -98.86 68.06 -17.07
CA LEU N 473 -99.20 68.88 -15.91
C LEU N 473 -99.31 68.00 -14.67
N SER N 474 -98.80 68.48 -13.54
CA SER N 474 -98.83 67.70 -12.30
C SER N 474 -100.24 67.65 -11.72
N THR N 475 -100.55 66.56 -11.03
CA THR N 475 -101.82 66.37 -10.32
C THR N 475 -102.11 67.53 -9.38
N SER N 476 -101.10 68.16 -8.76
CA SER N 476 -101.28 69.35 -7.94
C SER N 476 -101.86 70.54 -8.72
N PHE N 477 -101.41 70.83 -9.93
CA PHE N 477 -101.98 71.89 -10.77
C PHE N 477 -103.36 71.54 -11.33
N ILE N 478 -103.57 70.26 -11.65
CA ILE N 478 -104.88 69.71 -12.05
C ILE N 478 -105.89 69.68 -10.88
N GLU N 479 -105.42 69.78 -9.64
CA GLU N 479 -106.22 69.83 -8.41
C GLU N 479 -106.18 71.19 -7.70
N GLY N 480 -105.60 72.23 -8.30
CA GLY N 480 -105.60 73.57 -7.70
C GLY N 480 -104.77 73.69 -6.42
N ARG N 481 -103.49 73.29 -6.48
CA ARG N 481 -102.60 73.29 -5.29
C ARG N 481 -101.15 73.61 -5.70
N SER N 482 -100.35 74.13 -4.77
CA SER N 482 -98.95 74.51 -5.05
C SER N 482 -98.06 73.31 -5.46
N PRO N 483 -96.98 73.51 -6.23
CA PRO N 483 -96.23 72.45 -6.89
C PRO N 483 -95.82 71.25 -6.02
N TYR N 484 -95.45 71.47 -4.76
CA TYR N 484 -95.10 70.43 -3.78
C TYR N 484 -95.85 70.61 -2.45
N SER N 485 -97.15 70.92 -2.51
CA SER N 485 -97.99 71.13 -1.32
C SER N 485 -98.87 69.91 -1.02
N PRO N 486 -99.05 69.52 0.26
CA PRO N 486 -99.78 68.32 0.63
C PRO N 486 -101.26 68.38 0.23
N SER N 487 -101.81 67.24 -0.17
CA SER N 487 -103.15 67.09 -0.76
C SER N 487 -104.31 67.56 0.13
N ASP N 488 -104.11 67.76 1.43
CA ASP N 488 -105.16 68.31 2.34
C ASP N 488 -105.48 69.74 1.92
N THR N 489 -104.56 70.42 1.25
CA THR N 489 -104.72 71.79 0.76
C THR N 489 -105.57 71.81 -0.53
N HIS N 490 -106.44 72.83 -0.68
CA HIS N 490 -107.34 72.95 -1.87
C HIS N 490 -107.21 74.36 -2.49
N GLU N 491 -106.10 75.06 -2.29
CA GLU N 491 -105.78 76.35 -2.88
C GLU N 491 -104.25 76.49 -3.05
N PRO N 492 -103.75 77.22 -4.05
CA PRO N 492 -102.36 77.65 -4.06
C PRO N 492 -102.03 78.56 -2.86
N ASP N 493 -100.77 78.57 -2.43
CA ASP N 493 -100.21 79.61 -1.55
C ASP N 493 -100.08 80.94 -2.32
N GLU N 494 -100.06 82.10 -1.65
CA GLU N 494 -100.23 83.42 -2.30
C GLU N 494 -99.34 83.66 -3.53
N GLU N 495 -98.08 83.26 -3.48
CA GLU N 495 -97.16 83.40 -4.63
C GLU N 495 -97.50 82.48 -5.81
N ASP N 496 -98.15 81.35 -5.57
CA ASP N 496 -98.74 80.49 -6.59
C ASP N 496 -100.21 80.82 -6.89
N GLN N 497 -100.91 81.62 -6.06
CA GLN N 497 -102.20 82.21 -6.43
C GLN N 497 -102.00 83.24 -7.55
N ASN N 498 -100.92 84.01 -7.46
CA ASN N 498 -100.33 84.70 -8.60
C ASN N 498 -99.63 83.69 -9.53
N ARG N 499 -99.49 84.11 -10.80
CA ARG N 499 -98.81 83.31 -11.85
C ARG N 499 -99.46 81.92 -11.95
N TRP N 500 -100.78 81.80 -11.77
CA TRP N 500 -101.50 80.49 -11.84
C TRP N 500 -101.79 80.13 -13.30
N TYR N 501 -100.75 79.78 -14.05
CA TYR N 501 -100.85 79.44 -15.48
C TYR N 501 -99.82 78.35 -15.86
N PRO N 502 -100.02 77.61 -16.96
CA PRO N 502 -99.09 76.58 -17.41
C PRO N 502 -97.62 77.04 -17.52
N CYS N 503 -96.74 76.40 -16.75
CA CYS N 503 -95.30 76.59 -16.80
C CYS N 503 -94.59 75.42 -16.13
N TYR N 504 -93.29 75.26 -16.38
CA TYR N 504 -92.47 74.14 -15.94
C TYR N 504 -92.56 73.88 -14.43
N GLN N 505 -92.75 74.91 -13.62
CA GLN N 505 -92.89 74.75 -12.14
C GLN N 505 -94.06 73.81 -11.79
N TYR N 506 -95.16 73.84 -12.55
CA TYR N 506 -96.29 72.96 -12.35
C TYR N 506 -96.17 71.62 -13.09
N GLN N 507 -95.20 71.44 -13.98
CA GLN N 507 -94.99 70.19 -14.70
C GLN N 507 -94.08 69.19 -13.97
N GLN N 508 -93.31 69.64 -12.99
CA GLN N 508 -92.19 68.87 -12.40
C GLN N 508 -92.59 67.48 -11.89
N GLU N 509 -93.68 67.37 -11.12
CA GLU N 509 -94.09 66.08 -10.58
C GLU N 509 -94.57 65.12 -11.66
N SER N 510 -95.18 65.62 -12.74
CA SER N 510 -95.61 64.76 -13.86
C SER N 510 -94.43 64.12 -14.60
N ILE N 511 -93.37 64.87 -14.91
CA ILE N 511 -92.21 64.28 -15.58
C ILE N 511 -91.38 63.42 -14.64
N ASN N 512 -91.37 63.71 -13.34
CA ASN N 512 -90.80 62.78 -12.36
C ASN N 512 -91.60 61.48 -12.35
N SER N 513 -92.92 61.53 -12.39
CA SER N 513 -93.79 60.34 -12.45
C SER N 513 -93.56 59.50 -13.70
N ILE N 514 -93.33 60.13 -14.86
CA ILE N 514 -92.92 59.43 -16.08
C ILE N 514 -91.55 58.77 -15.91
N CYS N 515 -90.56 59.44 -15.32
CA CYS N 515 -89.26 58.84 -15.03
C CYS N 515 -89.34 57.67 -14.04
N LEU N 516 -90.19 57.76 -13.02
CA LEU N 516 -90.48 56.68 -12.08
C LEU N 516 -91.12 55.46 -12.76
N SER N 517 -91.73 55.60 -13.93
CA SER N 517 -92.19 54.43 -14.69
C SER N 517 -91.02 53.62 -15.25
N GLY N 518 -89.83 54.20 -15.39
CA GLY N 518 -88.64 53.52 -15.89
C GLY N 518 -88.00 52.57 -14.87
N PRO N 519 -87.20 51.60 -15.33
CA PRO N 519 -86.57 50.61 -14.48
C PRO N 519 -85.48 51.19 -13.57
N GLY N 520 -85.20 50.49 -12.48
CA GLY N 520 -84.19 50.81 -11.47
C GLY N 520 -84.56 51.92 -10.50
N THR N 521 -85.62 52.69 -10.75
CA THR N 521 -86.02 53.81 -9.90
C THR N 521 -86.54 53.32 -8.54
N PRO N 522 -86.04 53.86 -7.41
CA PRO N 522 -86.32 53.31 -6.09
C PRO N 522 -87.75 53.60 -5.57
N LYS N 523 -88.19 52.78 -4.61
CA LYS N 523 -89.39 52.98 -3.81
C LYS N 523 -89.02 53.61 -2.47
N ILE N 524 -89.48 54.83 -2.18
CA ILE N 524 -89.21 55.51 -0.92
C ILE N 524 -90.55 55.86 -0.26
N PRO N 525 -90.86 55.39 0.95
CA PRO N 525 -92.10 55.74 1.63
C PRO N 525 -92.26 57.25 1.81
N LYS N 526 -93.49 57.77 1.68
CA LYS N 526 -93.76 59.20 1.86
C LYS N 526 -93.39 59.65 3.28
N GLY N 527 -92.71 60.79 3.37
CA GLY N 527 -92.16 61.32 4.61
C GLY N 527 -90.76 60.79 5.01
N ILE N 528 -90.19 59.86 4.24
CA ILE N 528 -88.80 59.38 4.43
C ILE N 528 -87.91 60.03 3.38
N THR N 529 -86.75 60.52 3.80
CA THR N 529 -85.69 61.01 2.90
C THR N 529 -84.56 60.00 2.90
N ALA N 530 -84.24 59.46 1.73
CA ALA N 530 -83.07 58.62 1.55
C ALA N 530 -81.82 59.48 1.33
N GLU N 531 -80.67 59.05 1.79
CA GLU N 531 -79.42 59.82 1.76
C GLU N 531 -78.26 58.90 1.41
N ALA N 532 -77.20 59.44 0.84
CA ALA N 532 -75.94 58.73 0.66
C ALA N 532 -74.76 59.65 0.94
N LYS N 533 -73.65 59.11 1.43
CA LYS N 533 -72.45 59.86 1.74
C LYS N 533 -71.18 59.11 1.36
N VAL N 534 -70.14 59.86 1.06
CA VAL N 534 -68.78 59.36 0.88
C VAL N 534 -67.88 60.07 1.90
N LYS N 535 -66.87 59.37 2.42
CA LYS N 535 -65.77 60.01 3.14
C LYS N 535 -64.58 60.11 2.20
N TYR N 536 -64.04 61.30 2.05
CA TYR N 536 -62.91 61.57 1.16
C TYR N 536 -61.65 61.88 1.95
N SER N 537 -60.51 61.63 1.33
CA SER N 537 -59.20 62.07 1.79
C SER N 537 -58.36 62.46 0.58
N PHE N 538 -58.24 63.75 0.31
CA PHE N 538 -57.36 64.26 -0.75
C PHE N 538 -55.95 64.46 -0.22
N ASN N 539 -54.95 63.96 -0.92
CA ASN N 539 -53.56 64.02 -0.48
C ASN N 539 -52.81 65.14 -1.19
N PHE N 540 -52.29 66.08 -0.43
CA PHE N 540 -51.51 67.21 -0.90
C PHE N 540 -50.19 67.29 -0.14
N LYS N 541 -49.23 67.98 -0.73
CA LYS N 541 -48.08 68.53 -0.02
C LYS N 541 -48.09 70.04 -0.23
N TRP N 542 -47.69 70.80 0.78
CA TRP N 542 -47.48 72.23 0.70
C TRP N 542 -45.98 72.52 0.70
N GLY N 543 -45.52 73.41 -0.16
CA GLY N 543 -44.10 73.69 -0.34
C GLY N 543 -43.78 75.17 -0.21
N GLY N 544 -42.61 75.48 0.34
CA GLY N 544 -42.15 76.86 0.44
C GLY N 544 -40.80 77.00 1.14
N ASP N 545 -40.33 78.24 1.21
CA ASP N 545 -39.28 78.63 2.15
C ASP N 545 -39.81 78.63 3.60
N LEU N 546 -38.91 78.50 4.56
CA LEU N 546 -39.28 78.35 5.98
C LEU N 546 -40.10 79.56 6.48
N PRO N 547 -41.25 79.34 7.14
CA PRO N 547 -42.11 80.41 7.64
C PRO N 547 -41.65 80.94 9.01
N PRO N 548 -42.16 82.12 9.43
CA PRO N 548 -42.00 82.66 10.79
C PRO N 548 -42.91 81.96 11.82
N MET N 549 -42.67 82.20 13.12
CA MET N 549 -43.39 81.57 14.25
C MET N 549 -43.38 82.48 15.49
N SER N 550 -44.28 82.26 16.47
CA SER N 550 -44.37 83.04 17.72
C SER N 550 -44.59 82.15 18.97
N THR N 551 -44.37 82.73 20.15
CA THR N 551 -44.27 82.00 21.45
C THR N 551 -45.06 82.69 22.57
N ILE N 552 -45.32 81.94 23.64
CA ILE N 552 -46.17 82.32 24.78
C ILE N 552 -45.35 82.38 26.07
N THR N 553 -45.65 83.30 26.99
CA THR N 553 -44.94 83.41 28.28
C THR N 553 -45.04 82.12 29.08
N ASN N 554 -44.00 81.71 29.79
CA ASN N 554 -44.05 80.54 30.67
C ASN N 554 -44.94 80.73 31.91
N PRO N 555 -44.89 81.86 32.66
CA PRO N 555 -45.65 82.00 33.89
C PRO N 555 -47.16 81.97 33.67
N THR N 556 -47.66 82.68 32.65
CA THR N 556 -49.10 82.67 32.31
C THR N 556 -49.33 81.61 31.24
N ASP N 557 -49.37 80.34 31.62
CA ASP N 557 -49.53 79.22 30.65
C ASP N 557 -50.35 78.11 31.31
N GLN N 558 -50.66 77.04 30.57
CA GLN N 558 -51.45 75.90 31.11
C GLN N 558 -50.96 75.59 32.53
N PRO N 559 -51.76 75.82 33.59
CA PRO N 559 -51.29 75.61 34.96
C PRO N 559 -51.40 74.16 35.40
N THR N 560 -50.43 73.68 36.17
CA THR N 560 -50.50 72.30 36.70
C THR N 560 -51.68 72.16 37.67
N TYR N 561 -52.24 70.96 37.83
CA TYR N 561 -53.39 70.73 38.72
C TYR N 561 -53.14 71.23 40.15
N VAL N 562 -51.88 71.20 40.60
CA VAL N 562 -51.45 71.73 41.91
C VAL N 562 -51.78 73.21 42.06
N LYS O 48 62.26 -29.57 27.63
CA LYS O 48 63.52 -29.00 27.08
C LYS O 48 64.29 -28.20 28.12
N ARG O 49 63.78 -27.04 28.56
CA ARG O 49 64.33 -26.24 29.67
C ARG O 49 63.23 -25.71 30.57
N LEU O 50 63.49 -25.64 31.87
CA LEU O 50 62.53 -25.23 32.89
C LEU O 50 63.06 -24.05 33.68
N ASN O 51 62.16 -23.19 34.16
CA ASN O 51 62.49 -22.19 35.17
C ASN O 51 62.88 -22.87 36.48
N ILE O 52 63.94 -22.40 37.13
CA ILE O 52 64.24 -22.80 38.50
C ILE O 52 63.25 -22.12 39.44
N VAL O 53 62.69 -22.87 40.38
CA VAL O 53 61.64 -22.45 41.30
C VAL O 53 62.10 -22.74 42.72
N GLU O 54 61.74 -21.86 43.66
CA GLU O 54 61.99 -22.02 45.08
C GLU O 54 60.67 -22.01 45.85
N TRP O 55 60.58 -22.78 46.93
CA TRP O 55 59.41 -22.77 47.80
C TRP O 55 59.61 -21.77 48.93
N GLN O 56 58.66 -20.83 49.02
CA GLN O 56 58.75 -19.70 49.98
C GLN O 56 58.73 -20.22 51.41
N PRO O 57 59.52 -19.62 52.31
CA PRO O 57 59.60 -20.05 53.71
C PRO O 57 58.32 -19.73 54.50
N LYS O 58 58.14 -20.44 55.61
CA LYS O 58 56.86 -20.47 56.36
C LYS O 58 56.44 -19.10 56.91
N SER O 59 57.38 -18.31 57.42
CA SER O 59 57.13 -16.93 57.85
C SER O 59 58.17 -15.96 57.28
N ILE O 60 57.72 -14.78 56.86
CA ILE O 60 58.51 -13.76 56.17
C ILE O 60 58.27 -12.40 56.82
N ARG O 61 59.34 -11.60 57.03
CA ARG O 61 59.24 -10.24 57.63
C ARG O 61 60.12 -9.20 56.92
N LYS O 62 59.53 -8.27 56.16
CA LYS O 62 60.26 -7.19 55.48
C LYS O 62 61.00 -6.33 56.50
N CYS O 63 62.24 -5.94 56.18
CA CYS O 63 63.05 -5.04 56.99
C CYS O 63 63.83 -4.08 56.10
N ARG O 64 63.60 -2.76 56.31
CA ARG O 64 64.37 -1.70 55.62
C ARG O 64 65.46 -1.17 56.56
N ILE O 65 66.73 -1.53 56.34
CA ILE O 65 67.84 -1.02 57.15
C ILE O 65 68.09 0.42 56.68
N LYS O 66 67.64 1.40 57.46
CA LYS O 66 67.65 2.82 57.12
C LYS O 66 68.70 3.57 57.94
N GLY O 67 69.48 4.43 57.33
CA GLY O 67 70.50 5.18 58.06
C GLY O 67 71.21 6.23 57.21
N MET O 68 72.24 6.83 57.78
CA MET O 68 73.01 7.92 57.19
C MET O 68 74.49 7.53 57.10
N LEU O 69 75.13 7.74 55.96
CA LEU O 69 76.54 7.41 55.72
C LEU O 69 77.33 8.66 55.33
N CYS O 70 78.44 8.93 56.01
CA CYS O 70 79.36 9.99 55.64
C CYS O 70 80.21 9.58 54.42
N LEU O 71 80.14 10.33 53.33
CA LEU O 71 80.90 10.02 52.10
C LEU O 71 82.34 10.51 52.18
N PHE O 72 82.55 11.71 52.69
CA PHE O 72 83.86 12.24 53.04
C PHE O 72 83.68 13.32 54.10
N GLN O 73 84.75 13.63 54.82
CA GLN O 73 84.88 14.89 55.54
C GLN O 73 86.32 15.35 55.43
N THR O 74 86.54 16.53 54.86
CA THR O 74 87.84 16.94 54.33
C THR O 74 88.17 18.39 54.65
N THR O 75 89.45 18.66 54.88
CA THR O 75 90.07 19.97 54.74
C THR O 75 90.81 20.05 53.40
N GLU O 76 91.33 21.21 53.02
CA GLU O 76 92.09 21.39 51.76
C GLU O 76 93.38 20.54 51.71
N ASP O 77 94.07 20.39 52.84
CA ASP O 77 95.32 19.63 52.98
C ASP O 77 95.13 18.11 53.01
N ARG O 78 93.89 17.62 52.92
CA ARG O 78 93.54 16.19 52.84
C ARG O 78 92.75 15.81 51.60
N LEU O 79 92.56 16.71 50.64
CA LEU O 79 91.71 16.45 49.46
C LEU O 79 92.14 15.25 48.61
N SER O 80 93.44 15.03 48.46
CA SER O 80 93.97 13.92 47.63
C SER O 80 94.01 12.56 48.32
N TYR O 81 93.51 12.44 49.56
CA TYR O 81 93.57 11.22 50.36
C TYR O 81 92.19 10.58 50.57
N ASN O 82 92.17 9.26 50.73
CA ASN O 82 90.98 8.47 50.99
C ASN O 82 90.48 8.68 52.43
N PHE O 83 89.22 9.07 52.60
CA PHE O 83 88.54 9.15 53.88
C PHE O 83 88.10 7.77 54.37
N ASP O 84 88.70 7.32 55.48
CA ASP O 84 88.17 6.24 56.31
C ASP O 84 87.63 6.84 57.61
N MET O 85 86.39 6.52 57.95
CA MET O 85 85.77 7.00 59.19
C MET O 85 86.33 6.30 60.43
N TYR O 86 86.81 5.06 60.25
CA TYR O 86 87.45 4.24 61.28
C TYR O 86 88.95 4.15 60.94
N GLU O 87 89.75 4.83 61.74
CA GLU O 87 91.03 5.40 61.36
C GLU O 87 92.28 4.54 61.57
N GLU O 88 93.36 4.89 60.86
CA GLU O 88 94.72 4.64 61.35
C GLU O 88 94.95 5.69 62.45
N SER O 89 95.13 5.25 63.70
CA SER O 89 94.88 6.05 64.92
C SER O 89 95.58 7.42 65.02
N ILE O 90 96.64 7.65 64.24
CA ILE O 90 97.31 8.95 64.14
C ILE O 90 96.55 9.97 63.28
N ILE O 91 95.81 9.54 62.25
CA ILE O 91 95.18 10.44 61.28
C ILE O 91 94.24 11.46 61.94
N PRO O 92 93.28 11.09 62.81
CA PRO O 92 92.39 12.09 63.41
C PRO O 92 93.07 12.96 64.47
N GLU O 93 94.29 12.66 64.92
CA GLU O 93 94.99 13.52 65.89
C GLU O 93 95.37 14.85 65.22
N LYS O 94 94.68 15.92 65.62
CA LYS O 94 94.83 17.27 65.06
C LYS O 94 94.52 17.38 63.54
N LEU O 95 93.69 16.49 63.00
CA LEU O 95 93.00 16.71 61.71
C LEU O 95 91.48 16.58 61.85
N PRO O 96 90.68 17.60 61.52
CA PRO O 96 89.23 17.54 61.63
C PRO O 96 88.55 16.78 60.47
N GLY O 97 89.25 16.55 59.35
CA GLY O 97 88.78 15.72 58.24
C GLY O 97 89.91 14.95 57.59
N GLY O 98 89.72 13.65 57.36
CA GLY O 98 90.81 12.74 56.99
C GLY O 98 91.05 12.58 55.48
N GLY O 99 90.10 12.94 54.62
CA GLY O 99 90.23 12.68 53.19
C GLY O 99 89.12 13.26 52.33
N GLY O 100 89.42 13.62 51.09
CA GLY O 100 88.49 14.28 50.16
C GLY O 100 87.82 13.35 49.15
N PHE O 101 88.15 12.07 49.17
CA PHE O 101 87.44 11.06 48.39
C PHE O 101 87.26 9.82 49.25
N SER O 102 86.32 8.95 48.95
CA SER O 102 86.28 7.62 49.56
C SER O 102 85.81 6.56 48.59
N ILE O 103 86.21 5.32 48.88
CA ILE O 103 85.56 4.13 48.35
C ILE O 103 84.93 3.40 49.53
N LYS O 104 83.61 3.25 49.53
CA LYS O 104 82.82 2.53 50.53
C LYS O 104 82.37 1.20 49.96
N ASN O 105 82.58 0.10 50.66
CA ASN O 105 81.88 -1.16 50.39
C ASN O 105 80.86 -1.41 51.49
N ILE O 106 79.61 -1.70 51.13
CA ILE O 106 78.54 -1.98 52.07
C ILE O 106 78.17 -3.45 52.02
N SER O 107 78.11 -4.10 53.17
CA SER O 107 77.67 -5.48 53.35
C SER O 107 76.73 -5.54 54.55
N LEU O 108 75.91 -6.58 54.65
CA LEU O 108 74.99 -6.77 55.77
C LEU O 108 75.71 -6.79 57.12
N TYR O 109 76.94 -7.30 57.18
CA TYR O 109 77.76 -7.20 58.38
C TYR O 109 78.23 -5.77 58.67
N ALA O 110 78.63 -5.00 57.66
CA ALA O 110 78.92 -3.58 57.84
C ALA O 110 77.69 -2.77 58.27
N LEU O 111 76.49 -3.10 57.77
CA LEU O 111 75.24 -2.52 58.24
C LEU O 111 74.96 -2.86 59.71
N TYR O 112 75.23 -4.09 60.15
CA TYR O 112 75.17 -4.45 61.56
C TYR O 112 76.20 -3.68 62.39
N GLN O 113 77.44 -3.51 61.91
CA GLN O 113 78.42 -2.69 62.62
C GLN O 113 78.00 -1.22 62.73
N GLU O 114 77.39 -0.64 61.71
CA GLU O 114 76.82 0.70 61.79
C GLU O 114 75.65 0.78 62.78
N HIS O 115 74.95 -0.33 63.03
CA HIS O 115 73.87 -0.38 64.06
C HIS O 115 74.49 -0.35 65.47
N ILE O 116 75.69 -0.92 65.64
CA ILE O 116 76.41 -0.83 66.92
C ILE O 116 76.88 0.60 67.21
N HIS O 117 77.21 1.38 66.18
CA HIS O 117 77.47 2.83 66.30
C HIS O 117 76.19 3.68 66.39
N ALA O 118 75.00 3.07 66.39
CA ALA O 118 73.70 3.73 66.34
C ALA O 118 73.49 4.61 65.09
N HIS O 119 74.19 4.33 63.99
CA HIS O 119 74.08 5.10 62.75
C HIS O 119 72.90 4.67 61.86
N ASN O 120 72.25 3.55 62.16
CA ASN O 120 71.07 3.08 61.44
C ASN O 120 70.05 2.42 62.36
N ILE O 121 68.84 2.24 61.82
CA ILE O 121 67.77 1.42 62.40
C ILE O 121 67.53 0.21 61.51
N PHE O 122 67.15 -0.92 62.10
CA PHE O 122 66.55 -2.04 61.38
C PHE O 122 65.05 -1.99 61.65
N THR O 123 64.24 -1.87 60.59
CA THR O 123 62.78 -1.75 60.72
C THR O 123 62.12 -2.99 61.32
N HIS O 124 62.79 -4.13 61.20
CA HIS O 124 62.34 -5.39 61.84
C HIS O 124 63.61 -6.13 62.27
N THR O 125 63.64 -6.71 63.46
CA THR O 125 64.75 -7.56 63.92
C THR O 125 64.83 -8.85 63.11
N ASN O 126 66.00 -9.48 63.15
CA ASN O 126 66.33 -10.71 62.43
C ASN O 126 66.67 -11.88 63.37
N THR O 127 66.38 -11.77 64.67
CA THR O 127 66.97 -12.65 65.70
C THR O 127 66.64 -14.13 65.53
N ASP O 128 65.43 -14.46 65.06
CA ASP O 128 64.92 -15.83 64.99
C ASP O 128 64.47 -16.24 63.59
N ARG O 129 64.90 -15.49 62.56
CA ARG O 129 64.63 -15.81 61.13
C ARG O 129 66.01 -15.81 60.47
N PRO O 130 66.64 -16.97 60.18
CA PRO O 130 68.03 -17.05 59.74
C PRO O 130 68.24 -16.83 58.24
N LEU O 131 67.18 -16.92 57.42
CA LEU O 131 67.24 -16.66 55.99
C LEU O 131 67.12 -15.16 55.69
N ALA O 132 67.74 -14.72 54.61
CA ALA O 132 67.65 -13.36 54.09
C ALA O 132 67.39 -13.37 52.59
N ARG O 133 66.62 -12.38 52.12
CA ARG O 133 66.32 -12.18 50.68
C ARG O 133 66.51 -10.69 50.35
N TYR O 134 67.72 -10.29 49.94
CA TYR O 134 68.04 -8.91 49.59
C TYR O 134 67.39 -8.47 48.27
N THR O 135 66.73 -7.32 48.27
CA THR O 135 65.90 -6.86 47.14
C THR O 135 66.47 -5.61 46.44
N GLY O 136 67.49 -4.98 47.01
CA GLY O 136 68.11 -3.77 46.46
C GLY O 136 68.15 -2.62 47.46
N CYS O 137 68.62 -1.47 47.01
CA CYS O 137 68.89 -0.32 47.84
C CYS O 137 68.26 0.95 47.26
N SER O 138 67.83 1.88 48.10
CA SER O 138 67.59 3.27 47.74
C SER O 138 68.63 4.17 48.38
N LEU O 139 69.25 5.05 47.61
CA LEU O 139 70.13 6.10 48.12
C LEU O 139 69.51 7.48 47.88
N LYS O 140 69.59 8.37 48.87
CA LYS O 140 69.34 9.81 48.72
C LYS O 140 70.63 10.55 49.02
N PHE O 141 71.21 11.18 48.01
CA PHE O 141 72.43 11.96 48.12
C PHE O 141 72.05 13.42 48.37
N TYR O 142 72.52 14.01 49.46
CA TYR O 142 72.15 15.38 49.82
C TYR O 142 73.15 16.39 49.27
N GLN O 143 72.66 17.53 48.81
CA GLN O 143 73.50 18.69 48.55
C GLN O 143 74.19 19.13 49.84
N SER O 144 75.51 19.20 49.84
CA SER O 144 76.23 19.86 50.93
C SER O 144 76.04 21.37 50.84
N LYS O 145 76.27 22.08 51.95
CA LYS O 145 76.20 23.54 51.97
C LYS O 145 77.29 24.17 51.10
N ASP O 146 78.55 23.79 51.31
CA ASP O 146 79.73 24.50 50.80
C ASP O 146 80.50 23.81 49.67
N ILE O 147 80.29 22.50 49.45
CA ILE O 147 81.13 21.72 48.48
C ILE O 147 80.28 20.88 47.52
N ASP O 148 80.69 20.80 46.26
CA ASP O 148 80.00 19.94 45.27
C ASP O 148 80.64 18.57 45.40
N TYR O 149 80.13 17.53 44.73
CA TYR O 149 80.82 16.21 44.77
C TYR O 149 80.28 15.25 43.74
N VAL O 150 81.15 14.45 43.14
CA VAL O 150 80.80 13.44 42.15
C VAL O 150 80.66 12.11 42.88
N VAL O 151 79.62 11.35 42.58
CA VAL O 151 79.46 9.96 43.01
C VAL O 151 79.43 9.04 41.80
N THR O 152 80.02 7.87 41.90
CA THR O 152 79.64 6.74 41.06
C THR O 152 79.63 5.47 41.89
N TYR O 153 78.80 4.51 41.55
CA TYR O 153 78.61 3.30 42.32
C TYR O 153 78.64 2.08 41.41
N SER O 154 78.94 0.93 42.00
CA SER O 154 79.00 -0.34 41.29
C SER O 154 78.41 -1.45 42.14
N THR O 155 77.98 -2.56 41.51
CA THR O 155 77.46 -3.75 42.24
C THR O 155 78.03 -5.01 41.62
N SER O 156 79.15 -4.93 40.89
CA SER O 156 79.81 -6.16 40.40
C SER O 156 80.22 -6.97 41.64
N LEU O 157 79.57 -8.11 41.91
CA LEU O 157 79.84 -8.88 43.16
C LEU O 157 81.36 -9.00 43.36
N PRO O 158 82.18 -9.33 42.35
CA PRO O 158 83.63 -9.36 42.54
C PRO O 158 84.11 -8.00 43.04
N LEU O 159 84.67 -7.95 44.24
CA LEU O 159 85.16 -6.68 44.85
C LEU O 159 86.69 -6.66 44.83
N ARG O 160 87.30 -5.61 44.26
CA ARG O 160 88.77 -5.47 44.23
C ARG O 160 89.14 -3.99 44.03
N SER O 161 90.38 -3.62 44.35
CA SER O 161 90.88 -2.23 44.16
C SER O 161 91.88 -2.22 43.02
N SER O 162 92.07 -1.07 42.35
CA SER O 162 93.01 -0.95 41.21
C SER O 162 93.71 0.40 41.24
N MET O 163 94.92 0.49 40.68
CA MET O 163 95.67 1.74 40.58
C MET O 163 94.94 2.76 39.69
N GLY O 164 94.34 2.30 38.59
CA GLY O 164 93.51 3.11 37.70
C GLY O 164 92.23 3.60 38.37
N MET O 165 91.60 2.81 39.24
CA MET O 165 90.47 3.26 40.06
C MET O 165 90.87 4.44 40.94
N TYR O 166 91.96 4.32 41.72
CA TYR O 166 92.38 5.39 42.63
C TYR O 166 92.80 6.65 41.90
N ASN O 167 93.50 6.55 40.75
CA ASN O 167 93.77 7.74 39.94
C ASN O 167 92.48 8.34 39.38
N SER O 168 91.55 7.52 38.91
CA SER O 168 90.28 8.00 38.35
C SER O 168 89.37 8.67 39.39
N MET O 169 89.66 8.56 40.68
CA MET O 169 89.01 9.35 41.72
C MET O 169 89.34 10.84 41.66
N GLN O 170 90.35 11.26 40.90
CA GLN O 170 90.70 12.67 40.74
C GLN O 170 89.46 13.41 40.22
N PRO O 171 89.07 14.56 40.81
CA PRO O 171 87.75 15.14 40.58
C PRO O 171 87.40 15.41 39.12
N SER O 172 88.34 15.89 38.32
CA SER O 172 88.14 16.12 36.88
C SER O 172 87.94 14.81 36.12
N ILE O 173 88.71 13.77 36.44
CA ILE O 173 88.61 12.47 35.78
C ILE O 173 87.32 11.76 36.17
N HIS O 174 86.97 11.75 37.46
CA HIS O 174 85.72 11.19 37.94
C HIS O 174 84.52 11.92 37.30
N LEU O 175 84.55 13.25 37.23
CA LEU O 175 83.52 14.03 36.56
C LEU O 175 83.38 13.72 35.06
N MET O 176 84.41 13.21 34.38
CA MET O 176 84.27 12.78 32.98
C MET O 176 83.66 11.38 32.82
N GLN O 177 83.66 10.53 33.83
CA GLN O 177 83.20 9.15 33.70
C GLN O 177 81.71 9.03 33.37
N GLN O 178 81.34 7.95 32.70
CA GLN O 178 79.94 7.60 32.45
C GLN O 178 79.25 7.08 33.72
N ASN O 179 77.94 7.28 33.82
CA ASN O 179 77.14 6.91 35.00
C ASN O 179 77.66 7.52 36.31
N LYS O 180 78.27 8.69 36.22
CA LYS O 180 78.48 9.60 37.34
C LYS O 180 77.14 10.18 37.81
N LEU O 181 77.13 10.67 39.04
CA LEU O 181 76.13 11.58 39.58
C LEU O 181 76.87 12.80 40.13
N ILE O 182 76.53 13.99 39.67
CA ILE O 182 77.08 15.24 40.21
C ILE O 182 76.06 15.80 41.18
N VAL O 183 76.49 16.13 42.39
CA VAL O 183 75.67 16.81 43.38
C VAL O 183 76.24 18.20 43.60
N PRO O 184 75.64 19.26 43.01
CA PRO O 184 76.04 20.62 43.29
C PRO O 184 75.77 20.96 44.75
N SER O 185 76.59 21.80 45.35
CA SER O 185 76.28 22.40 46.64
C SER O 185 75.02 23.26 46.58
N LYS O 186 74.42 23.56 47.72
CA LYS O 186 73.29 24.50 47.81
C LYS O 186 73.67 25.90 47.33
N GLN O 187 74.94 26.27 47.47
CA GLN O 187 75.49 27.52 46.93
C GLN O 187 75.57 27.52 45.41
N THR O 188 76.06 26.45 44.76
CA THR O 188 76.19 26.42 43.30
C THR O 188 74.87 26.17 42.57
N GLN O 189 73.90 25.48 43.18
CA GLN O 189 72.55 25.36 42.60
C GLN O 189 71.48 25.15 43.67
N LYS O 190 70.52 26.07 43.78
CA LYS O 190 69.27 25.85 44.52
C LYS O 190 68.35 24.94 43.71
N ARG O 191 67.74 23.95 44.36
CA ARG O 191 66.92 22.90 43.72
C ARG O 191 65.56 22.77 44.40
N ARG O 192 64.57 22.23 43.67
CA ARG O 192 63.25 21.90 44.23
C ARG O 192 63.36 20.87 45.35
N LYS O 193 64.01 19.73 45.06
CA LYS O 193 64.33 18.70 46.05
C LYS O 193 65.80 18.86 46.46
N PRO O 194 66.13 18.89 47.76
CA PRO O 194 67.49 19.15 48.24
C PRO O 194 68.42 17.93 48.15
N TYR O 195 68.00 16.87 47.45
CA TYR O 195 68.68 15.59 47.33
C TYR O 195 68.47 15.00 45.94
N ILE O 196 69.33 14.08 45.53
CA ILE O 196 69.13 13.25 44.34
C ILE O 196 68.94 11.80 44.79
N LYS O 197 67.85 11.17 44.36
CA LYS O 197 67.42 9.84 44.78
C LYS O 197 67.57 8.85 43.65
N LYS O 198 68.17 7.69 43.90
CA LYS O 198 68.15 6.58 42.93
C LYS O 198 68.20 5.21 43.56
N HIS O 199 67.57 4.26 42.87
CA HIS O 199 67.42 2.87 43.28
C HIS O 199 68.50 2.03 42.62
N ILE O 200 69.13 1.15 43.39
CA ILE O 200 70.23 0.30 42.97
C ILE O 200 69.83 -1.16 43.15
N SER O 201 69.92 -1.94 42.09
CA SER O 201 69.56 -3.35 42.07
C SER O 201 70.62 -4.21 42.78
N PRO O 202 70.33 -5.42 43.28
CA PRO O 202 71.36 -6.30 43.84
C PRO O 202 72.50 -6.60 42.86
N PRO O 203 73.69 -7.01 43.35
CA PRO O 203 74.72 -7.59 42.52
C PRO O 203 74.17 -8.69 41.61
N THR O 204 74.66 -8.83 40.38
CA THR O 204 74.13 -9.84 39.45
C THR O 204 74.31 -11.27 39.99
N GLN O 205 75.31 -11.47 40.86
CA GLN O 205 75.59 -12.79 41.51
C GLN O 205 74.62 -13.04 42.68
N MET O 206 74.05 -12.00 43.27
CA MET O 206 73.00 -12.13 44.29
C MET O 206 71.65 -12.31 43.58
N LYS O 207 71.17 -13.54 43.45
CA LYS O 207 69.89 -13.85 42.79
C LYS O 207 68.73 -13.56 43.75
N SER O 208 67.49 -13.60 43.27
CA SER O 208 66.31 -13.32 44.10
C SER O 208 66.02 -14.40 45.16
N GLN O 209 66.73 -15.53 45.12
CA GLN O 209 66.58 -16.63 46.08
C GLN O 209 66.83 -16.21 47.54
N TRP O 210 66.37 -17.02 48.49
CA TRP O 210 66.77 -16.93 49.89
C TRP O 210 68.20 -17.42 50.11
N TYR O 211 68.91 -16.79 51.03
CA TYR O 211 70.26 -17.17 51.45
C TYR O 211 70.33 -17.17 52.97
N PHE O 212 71.06 -18.08 53.60
CA PHE O 212 71.37 -17.93 55.02
C PHE O 212 72.13 -16.62 55.27
N GLN O 213 71.73 -15.89 56.32
CA GLN O 213 72.37 -14.59 56.67
C GLN O 213 73.86 -14.80 56.99
N HIS O 214 74.27 -15.97 57.48
CA HIS O 214 75.69 -16.29 57.78
C HIS O 214 76.51 -16.31 56.47
N ASN O 215 75.91 -16.77 55.37
CA ASN O 215 76.61 -16.86 54.09
C ASN O 215 76.78 -15.49 53.43
N ILE O 216 75.70 -14.71 53.36
CA ILE O 216 75.72 -13.39 52.70
C ILE O 216 76.24 -12.24 53.57
N ALA O 217 76.48 -12.44 54.87
CA ALA O 217 76.87 -11.40 55.80
C ALA O 217 78.01 -10.51 55.28
N ASN O 218 79.08 -11.11 54.75
CA ASN O 218 80.29 -10.40 54.32
C ASN O 218 80.34 -10.10 52.81
N ILE O 219 79.38 -10.56 52.01
CA ILE O 219 79.32 -10.29 50.57
C ILE O 219 79.07 -8.79 50.35
N PRO O 220 79.95 -8.05 49.65
CA PRO O 220 79.75 -6.61 49.45
C PRO O 220 78.65 -6.37 48.41
N LEU O 221 77.50 -5.82 48.84
CA LEU O 221 76.30 -5.67 47.96
C LEU O 221 76.26 -4.31 47.27
N LEU O 222 77.13 -3.38 47.64
CA LEU O 222 77.24 -2.07 47.01
C LEU O 222 78.64 -1.50 47.19
N MET O 223 79.22 -0.90 46.15
CA MET O 223 80.36 0.01 46.27
C MET O 223 79.94 1.43 45.91
N ILE O 224 80.24 2.41 46.76
CA ILE O 224 80.06 3.84 46.46
C ILE O 224 81.44 4.49 46.37
N ARG O 225 81.72 5.19 45.28
CA ARG O 225 82.93 6.01 45.08
C ARG O 225 82.53 7.46 45.06
N THR O 226 83.13 8.30 45.91
CA THR O 226 82.81 9.73 45.98
C THR O 226 84.07 10.57 45.99
N THR O 227 84.09 11.71 45.31
CA THR O 227 85.19 12.69 45.35
C THR O 227 84.65 14.10 45.48
N ALA O 228 85.30 14.92 46.29
CA ALA O 228 85.00 16.33 46.50
C ALA O 228 85.47 17.19 45.32
N LEU O 229 84.70 18.20 44.97
CA LEU O 229 84.75 18.88 43.68
C LEU O 229 84.45 20.38 43.85
N THR O 230 84.92 21.23 42.93
CA THR O 230 84.22 22.50 42.68
C THR O 230 83.95 22.70 41.21
N LEU O 231 82.72 23.06 40.88
CA LEU O 231 82.29 23.40 39.52
C LEU O 231 82.62 24.85 39.14
N ASP O 232 82.44 25.80 40.07
CA ASP O 232 82.67 27.24 39.83
C ASP O 232 84.14 27.69 39.90
N ASN O 233 85.01 26.90 40.52
CA ASN O 233 86.45 27.16 40.65
C ASN O 233 87.26 26.05 39.98
N TYR O 234 86.71 25.40 38.97
CA TYR O 234 87.26 24.19 38.36
C TYR O 234 88.73 24.31 37.95
N TYR O 235 89.13 25.41 37.31
CA TYR O 235 90.51 25.61 36.87
C TYR O 235 91.38 26.26 37.92
N ILE O 236 90.93 27.37 38.51
CA ILE O 236 91.69 28.14 39.49
C ILE O 236 91.88 27.34 40.78
N GLY O 237 90.84 26.64 41.23
CA GLY O 237 90.85 25.84 42.45
C GLY O 237 91.18 26.70 43.66
N SER O 238 92.31 26.42 44.31
CA SER O 238 92.85 27.23 45.40
C SER O 238 94.21 27.89 45.06
N ARG O 239 94.52 28.06 43.77
CA ARG O 239 95.71 28.78 43.29
C ARG O 239 95.80 30.17 43.90
N GLN O 240 97.02 30.57 44.27
CA GLN O 240 97.36 31.92 44.73
C GLN O 240 98.54 32.44 43.88
N LEU O 241 98.53 33.71 43.48
CA LEU O 241 99.55 34.32 42.63
C LEU O 241 99.72 33.53 41.31
N SER O 242 100.94 33.09 40.99
CA SER O 242 101.28 32.37 39.75
C SER O 242 100.57 31.02 39.61
N THR O 243 100.42 30.53 38.38
CA THR O 243 99.96 29.15 38.12
C THR O 243 100.98 28.11 38.60
N ASN O 244 102.26 28.45 38.64
CA ASN O 244 103.34 27.58 39.12
C ASN O 244 103.20 27.31 40.62
N VAL O 245 103.35 26.05 41.02
CA VAL O 245 103.51 25.62 42.42
C VAL O 245 104.97 25.31 42.70
N THR O 246 105.46 25.63 43.89
CA THR O 246 106.84 25.32 44.30
C THR O 246 106.89 24.00 45.07
N ILE O 247 107.73 23.08 44.61
CA ILE O 247 107.97 21.79 45.26
C ILE O 247 109.36 21.84 45.90
N HIS O 248 109.49 21.45 47.16
CA HIS O 248 110.82 21.30 47.80
C HIS O 248 111.24 19.85 47.54
N THR O 249 112.53 19.56 47.38
CA THR O 249 113.04 18.19 47.24
C THR O 249 114.41 18.01 47.86
N LEU O 250 114.77 16.75 48.16
CA LEU O 250 116.15 16.45 48.62
C LEU O 250 117.05 16.46 47.39
N ASN O 251 118.13 17.24 47.38
CA ASN O 251 119.10 17.19 46.26
C ASN O 251 119.40 15.71 46.01
N THR O 252 119.16 15.21 44.79
CA THR O 252 119.39 13.79 44.44
C THR O 252 120.86 13.60 44.17
N THR O 253 121.55 14.62 43.67
CA THR O 253 122.96 14.53 43.24
C THR O 253 123.96 14.49 44.41
N TYR O 254 123.48 14.58 45.66
CA TYR O 254 124.34 14.55 46.86
C TYR O 254 123.77 13.70 48.00
N ILE O 255 122.46 13.76 48.25
CA ILE O 255 121.79 12.99 49.31
C ILE O 255 121.26 11.67 48.72
N GLN O 256 121.96 10.56 48.86
CA GLN O 256 121.50 9.30 48.22
C GLN O 256 121.64 8.07 49.12
N ASN O 257 122.38 8.16 50.23
CA ASN O 257 122.68 6.94 50.98
C ASN O 257 121.50 6.29 51.70
N ARG O 258 120.44 7.07 52.02
CA ARG O 258 119.20 6.55 52.67
C ARG O 258 119.51 5.77 53.97
N ASP O 259 120.59 6.11 54.68
CA ASP O 259 120.95 5.47 55.96
C ASP O 259 120.39 6.24 57.16
N TRP O 260 119.07 6.43 57.21
CA TRP O 260 118.43 7.37 58.15
C TRP O 260 117.94 6.78 59.47
N GLY O 261 117.81 7.64 60.48
CA GLY O 261 117.08 7.34 61.71
C GLY O 261 117.83 6.54 62.76
N ASP O 262 119.16 6.71 62.86
CA ASP O 262 119.98 6.21 63.98
C ASP O 262 120.85 7.32 64.59
N ARG O 263 121.02 7.31 65.92
CA ARG O 263 122.03 8.20 66.57
C ARG O 263 123.29 7.33 66.75
N ASN O 264 123.23 6.06 66.34
CA ASN O 264 124.33 5.09 66.47
C ASN O 264 125.23 5.01 65.23
N LYS O 265 125.11 5.95 64.28
CA LYS O 265 125.78 5.94 62.97
C LYS O 265 126.15 7.35 62.54
N THR O 266 127.42 7.61 62.25
CA THR O 266 127.84 8.89 61.62
C THR O 266 127.30 8.95 60.20
N TYR O 267 126.51 10.00 59.87
CA TYR O 267 125.87 10.08 58.57
C TYR O 267 126.83 10.53 57.46
N TYR O 268 126.70 9.89 56.30
CA TYR O 268 127.43 10.19 55.08
C TYR O 268 126.41 10.25 53.95
N CYS O 269 126.48 11.27 53.09
CA CYS O 269 125.39 11.59 52.18
C CYS O 269 125.41 10.79 50.87
N GLN O 270 126.59 10.48 50.33
CA GLN O 270 126.74 9.65 49.14
C GLN O 270 128.02 8.80 49.17
N THR O 271 128.03 7.72 48.40
CA THR O 271 129.23 6.97 48.03
C THR O 271 129.50 7.14 46.53
N LEU O 272 130.75 7.38 46.13
CA LEU O 272 131.17 7.33 44.73
C LEU O 272 132.46 6.50 44.63
N GLY O 273 132.52 5.55 43.70
CA GLY O 273 133.60 4.55 43.69
C GLY O 273 133.67 3.79 45.02
N THR O 274 134.81 3.89 45.71
CA THR O 274 135.00 3.40 47.09
C THR O 274 134.78 4.46 48.17
N GLN O 275 134.66 5.74 47.81
CA GLN O 275 134.63 6.86 48.76
C GLN O 275 133.30 6.96 49.51
N ARG O 276 133.32 7.70 50.63
CA ARG O 276 132.15 8.24 51.33
C ARG O 276 132.28 9.76 51.40
N TYR O 277 131.16 10.47 51.30
CA TYR O 277 131.11 11.93 51.34
C TYR O 277 130.27 12.39 52.53
N PHE O 278 130.67 13.51 53.11
CA PHE O 278 130.24 13.98 54.42
C PHE O 278 129.89 15.46 54.36
N LEU O 279 128.98 15.86 55.24
CA LEU O 279 128.44 17.21 55.32
C LEU O 279 128.85 17.83 56.66
N TYR O 280 129.14 19.14 56.67
CA TYR O 280 129.45 19.89 57.87
C TYR O 280 128.74 21.25 57.86
N GLY O 281 128.14 21.65 58.97
CA GLY O 281 127.55 22.98 59.12
C GLY O 281 128.58 23.98 59.66
N THR O 282 128.43 25.26 59.38
CA THR O 282 129.20 26.30 60.08
C THR O 282 128.40 27.57 60.25
N HIS O 283 128.71 28.34 61.30
CA HIS O 283 128.10 29.68 61.50
C HIS O 283 129.12 30.72 61.04
N SER O 284 130.26 30.28 60.48
CA SER O 284 131.33 31.18 60.06
C SER O 284 130.86 32.18 59.01
N THR O 285 131.32 33.43 59.15
CA THR O 285 131.15 34.51 58.17
C THR O 285 132.21 34.47 57.06
N ALA O 286 133.14 33.51 57.10
CA ALA O 286 134.21 33.38 56.10
C ALA O 286 133.64 33.24 54.68
N GLN O 287 134.14 34.06 53.76
CA GLN O 287 133.68 34.09 52.37
C GLN O 287 134.32 32.99 51.50
N ASN O 288 135.52 32.52 51.87
CA ASN O 288 136.30 31.59 51.07
C ASN O 288 136.31 30.19 51.71
N ILE O 289 135.85 29.18 50.96
CA ILE O 289 135.79 27.79 51.41
C ILE O 289 137.15 27.20 51.81
N ASN O 290 138.25 27.74 51.28
CA ASN O 290 139.60 27.27 51.59
C ASN O 290 140.04 27.64 53.02
N ASP O 291 139.74 28.86 53.50
CA ASP O 291 140.30 29.38 54.80
C ASP O 291 139.50 29.06 56.07
N ILE O 292 138.31 28.50 55.95
CA ILE O 292 137.55 28.04 57.13
C ILE O 292 138.42 27.08 57.95
N LYS O 293 138.37 27.17 59.28
CA LYS O 293 139.18 26.33 60.18
C LYS O 293 138.69 24.87 60.17
N LEU O 294 139.42 23.99 60.87
CA LEU O 294 138.92 22.61 61.07
C LEU O 294 137.93 22.69 62.24
N GLN O 295 138.02 23.75 63.06
CA GLN O 295 137.14 23.97 64.24
C GLN O 295 135.75 24.47 63.83
N GLU O 296 135.67 25.40 62.88
CA GLU O 296 134.37 26.03 62.49
C GLU O 296 133.34 24.95 62.14
N LEU O 297 133.73 23.88 61.45
CA LEU O 297 132.78 22.85 60.97
C LEU O 297 132.04 22.17 62.13
N ILE O 298 130.72 21.96 61.99
CA ILE O 298 129.89 21.24 63.01
C ILE O 298 129.55 19.90 62.33
N PRO O 299 130.27 18.81 62.60
CA PRO O 299 130.11 17.57 61.87
C PRO O 299 128.77 16.95 62.21
N LEU O 300 128.18 16.18 61.29
CA LEU O 300 126.85 15.56 61.51
C LEU O 300 127.01 14.08 61.83
N THR O 301 126.73 13.66 63.07
CA THR O 301 126.88 12.25 63.52
C THR O 301 125.52 11.68 63.83
N ASN O 302 124.44 12.47 63.64
CA ASN O 302 123.07 12.00 63.86
C ASN O 302 122.21 12.45 62.68
N THR O 303 121.26 11.62 62.22
CA THR O 303 120.13 12.11 61.39
C THR O 303 118.78 12.01 62.11
N GLN O 304 118.69 11.16 63.14
CA GLN O 304 117.42 10.83 63.84
C GLN O 304 116.82 11.97 64.68
N ASP O 305 117.54 13.06 64.95
CA ASP O 305 117.00 14.12 65.83
C ASP O 305 116.81 15.47 65.14
N TYR O 306 115.99 16.33 65.73
CA TYR O 306 115.83 17.72 65.26
C TYR O 306 117.02 18.63 65.64
N VAL O 307 117.96 18.15 66.45
CA VAL O 307 119.01 18.98 67.07
C VAL O 307 119.89 19.68 66.03
N GLN O 308 120.18 20.96 66.26
CA GLN O 308 121.03 21.81 65.41
C GLN O 308 122.52 21.49 65.56
N GLY O 309 122.91 20.98 66.74
CA GLY O 309 124.31 20.96 67.17
C GLY O 309 124.76 22.33 67.66
N PHE O 310 126.06 22.50 67.86
CA PHE O 310 126.68 23.78 68.23
C PHE O 310 128.15 23.81 67.82
N ASP O 311 128.72 25.01 67.76
CA ASP O 311 130.10 25.25 67.37
C ASP O 311 131.11 24.94 68.49
N TRP O 312 132.36 24.64 68.13
CA TRP O 312 133.46 24.36 69.06
C TRP O 312 133.74 25.54 70.01
N THR O 313 133.37 26.76 69.65
CA THR O 313 133.42 27.92 70.55
C THR O 313 132.55 27.76 71.80
N GLU O 314 131.59 26.83 71.82
CA GLU O 314 130.77 26.49 72.99
C GLU O 314 131.31 25.28 73.78
N LYS O 315 132.55 24.84 73.52
CA LYS O 315 133.25 23.79 74.28
C LYS O 315 133.08 23.93 75.80
N ASP O 316 133.28 25.15 76.32
CA ASP O 316 133.18 25.44 77.75
C ASP O 316 131.74 25.54 78.27
N LYS O 317 130.71 25.63 77.42
CA LYS O 317 129.30 25.62 77.84
C LYS O 317 128.78 24.20 78.09
N HIS O 318 129.38 23.20 77.41
CA HIS O 318 128.99 21.76 77.53
C HIS O 318 130.16 20.94 78.10
N ASN O 319 131.06 21.56 78.85
CA ASN O 319 132.18 20.90 79.55
C ASN O 319 132.94 19.91 78.66
N ILE O 320 133.05 20.22 77.36
CA ILE O 320 133.69 19.34 76.37
C ILE O 320 135.20 19.32 76.59
N THR O 321 135.78 18.12 76.64
CA THR O 321 137.22 17.92 76.80
C THR O 321 137.94 17.55 75.50
N THR O 322 137.23 16.96 74.53
CA THR O 322 137.82 16.44 73.29
C THR O 322 136.89 16.61 72.09
N TYR O 323 137.43 16.52 70.87
CA TYR O 323 136.60 16.47 69.67
C TYR O 323 135.63 15.28 69.67
N LYS O 324 135.96 14.17 70.34
CA LYS O 324 135.03 13.05 70.58
C LYS O 324 133.77 13.50 71.34
N GLU O 325 133.91 14.30 72.39
CA GLU O 325 132.76 14.90 73.09
C GLU O 325 132.08 16.02 72.29
N PHE O 326 132.82 16.75 71.44
CA PHE O 326 132.21 17.68 70.49
C PHE O 326 131.33 16.97 69.46
N LEU O 327 131.79 15.84 68.90
CA LEU O 327 131.03 14.96 68.01
C LEU O 327 129.73 14.45 68.68
N THR O 328 129.79 14.00 69.93
CA THR O 328 128.60 13.42 70.58
C THR O 328 127.65 14.49 71.09
N LYS O 329 128.13 15.56 71.74
CA LYS O 329 127.25 16.61 72.26
C LYS O 329 126.81 17.63 71.20
N GLY O 330 127.70 18.01 70.30
CA GLY O 330 127.56 19.22 69.46
C GLY O 330 127.30 18.97 67.97
N ALA O 331 127.25 17.73 67.49
CA ALA O 331 126.92 17.46 66.10
C ALA O 331 125.48 17.87 65.73
N GLY O 332 125.30 18.35 64.50
CA GLY O 332 124.03 18.86 63.99
C GLY O 332 123.32 17.90 63.04
N ASN O 333 121.99 17.81 63.08
CA ASN O 333 121.26 16.98 62.11
C ASN O 333 121.09 17.80 60.82
N PRO O 334 121.38 17.23 59.63
CA PRO O 334 121.40 18.00 58.37
C PRO O 334 120.03 18.56 57.99
N PHE O 335 118.96 17.96 58.51
CA PHE O 335 117.57 18.33 58.29
C PHE O 335 117.03 19.32 59.33
N HIS O 336 117.86 19.88 60.23
CA HIS O 336 117.44 20.99 61.09
C HIS O 336 117.07 22.21 60.24
N ALA O 337 116.18 23.08 60.72
CA ALA O 337 115.56 24.16 59.95
C ALA O 337 116.55 25.15 59.30
N GLU O 338 117.78 25.28 59.82
CA GLU O 338 118.83 26.10 59.18
C GLU O 338 119.74 25.30 58.24
N TRP O 339 120.03 24.02 58.53
CA TRP O 339 120.88 23.19 57.67
C TRP O 339 120.14 22.62 56.46
N ILE O 340 118.82 22.36 56.56
CA ILE O 340 117.98 21.75 55.52
C ILE O 340 118.01 22.53 54.21
N THR O 341 118.02 23.85 54.27
CA THR O 341 118.14 24.79 53.13
C THR O 341 119.42 25.62 53.18
N ALA O 342 120.38 25.25 54.04
CA ALA O 342 121.63 25.95 54.27
C ALA O 342 121.46 27.47 54.50
N GLN O 343 120.48 27.85 55.33
CA GLN O 343 120.29 29.25 55.75
C GLN O 343 121.59 29.81 56.36
N ASN O 344 122.26 28.99 57.18
CA ASN O 344 123.66 29.15 57.55
C ASN O 344 124.46 28.14 56.73
N PRO O 345 125.66 28.49 56.19
CA PRO O 345 126.36 27.67 55.22
C PRO O 345 126.59 26.21 55.67
N VAL O 346 126.51 25.30 54.70
CA VAL O 346 126.71 23.86 54.84
C VAL O 346 127.74 23.42 53.80
N ILE O 347 128.71 22.63 54.23
CA ILE O 347 129.89 22.26 53.46
C ILE O 347 129.87 20.76 53.19
N HIS O 348 129.99 20.37 51.92
CA HIS O 348 130.06 18.98 51.47
C HIS O 348 131.50 18.61 51.13
N THR O 349 132.00 17.47 51.56
CA THR O 349 133.40 17.06 51.35
C THR O 349 133.58 15.55 51.33
N ALA O 350 134.64 15.07 50.68
CA ALA O 350 135.10 13.69 50.80
C ALA O 350 135.81 13.42 52.16
N ASN O 351 136.28 14.46 52.86
CA ASN O 351 137.07 14.28 54.06
C ASN O 351 136.23 13.80 55.24
N SER O 352 136.43 12.55 55.64
CA SER O 352 135.68 11.93 56.74
C SER O 352 135.97 12.62 58.08
N PRO O 353 134.97 12.77 58.96
CA PRO O 353 135.18 13.28 60.31
C PRO O 353 136.28 12.54 61.05
N THR O 354 136.50 11.24 60.80
CA THR O 354 137.57 10.48 61.45
C THR O 354 138.97 10.91 61.00
N GLN O 355 139.14 11.42 59.78
CA GLN O 355 140.40 12.08 59.42
C GLN O 355 140.55 13.40 60.20
N ILE O 356 139.48 14.16 60.37
CA ILE O 356 139.48 15.34 61.25
C ILE O 356 139.73 14.94 62.72
N GLU O 357 139.20 13.80 63.20
CA GLU O 357 139.49 13.25 64.53
C GLU O 357 140.99 13.01 64.66
N GLN O 358 141.61 12.36 63.69
CA GLN O 358 143.05 12.11 63.70
C GLN O 358 143.83 13.44 63.74
N ILE O 359 143.44 14.48 63.00
CA ILE O 359 144.10 15.79 63.06
C ILE O 359 143.92 16.44 64.44
N TYR O 360 142.71 16.45 65.02
CA TYR O 360 142.47 16.97 66.37
C TYR O 360 143.24 16.18 67.44
N THR O 361 143.05 14.87 67.47
CA THR O 361 143.60 14.00 68.53
C THR O 361 145.12 13.92 68.45
N ALA O 362 145.71 13.96 67.24
CA ALA O 362 147.16 14.01 67.09
C ALA O 362 147.74 15.27 67.75
N SER O 363 147.12 16.44 67.56
CA SER O 363 147.38 17.63 68.40
C SER O 363 146.24 18.66 68.35
N THR O 364 145.63 18.90 69.52
CA THR O 364 144.56 19.90 69.71
C THR O 364 145.04 21.33 69.45
N THR O 365 146.31 21.60 69.74
CA THR O 365 146.94 22.90 69.47
C THR O 365 147.08 23.18 67.98
N THR O 366 147.32 22.16 67.13
CA THR O 366 147.34 22.35 65.67
C THR O 366 145.95 22.30 65.03
N PHE O 367 144.91 21.88 65.74
CA PHE O 367 143.52 22.01 65.29
C PHE O 367 143.10 23.50 65.17
N GLN O 368 143.64 24.36 66.04
CA GLN O 368 143.53 25.83 65.92
C GLN O 368 144.20 26.34 64.64
N ASN O 369 145.39 25.81 64.32
CA ASN O 369 146.19 26.26 63.18
C ASN O 369 145.63 25.76 61.83
N LYS O 370 145.20 24.50 61.75
CA LYS O 370 144.75 23.87 60.50
C LYS O 370 143.46 24.51 59.98
N LYS O 371 143.43 24.76 58.68
CA LYS O 371 142.27 25.23 57.90
C LYS O 371 141.82 24.16 56.91
N LEU O 372 140.81 24.45 56.09
CA LEU O 372 140.33 23.57 55.02
C LEU O 372 141.35 23.39 53.88
N THR O 373 142.33 24.29 53.74
CA THR O 373 143.55 24.04 52.95
C THR O 373 144.39 22.90 53.52
N ASP O 374 145.08 22.15 52.66
CA ASP O 374 146.02 21.08 53.03
C ASP O 374 145.44 19.99 53.94
N LEU O 375 144.11 19.78 53.89
CA LEU O 375 143.46 18.64 54.55
C LEU O 375 143.49 17.39 53.67
N PRO O 376 143.36 16.19 54.24
CA PRO O 376 143.19 14.97 53.47
C PRO O 376 141.88 15.00 52.67
N THR O 377 141.91 14.46 51.44
CA THR O 377 140.77 14.43 50.50
C THR O 377 139.87 15.68 50.61
N PRO O 378 140.38 16.91 50.38
CA PRO O 378 139.60 18.11 50.63
C PRO O 378 138.68 18.61 49.51
N GLY O 379 137.56 17.94 49.29
CA GLY O 379 136.57 18.36 48.28
C GLY O 379 135.57 19.29 48.93
N TYR O 380 136.02 20.24 49.74
CA TYR O 380 135.12 21.18 50.47
C TYR O 380 134.39 22.07 49.47
N ILE O 381 133.06 21.97 49.40
CA ILE O 381 132.22 22.75 48.44
C ILE O 381 131.07 23.37 49.25
N PHE O 382 130.21 24.20 48.67
CA PHE O 382 129.01 24.73 49.37
C PHE O 382 127.78 24.10 48.72
N ILE O 383 127.15 23.11 49.39
CA ILE O 383 126.01 22.37 48.82
C ILE O 383 124.80 22.48 49.75
N THR O 384 123.59 22.62 49.19
CA THR O 384 122.34 22.71 49.96
C THR O 384 121.60 21.37 49.93
N PRO O 385 121.22 20.78 51.08
CA PRO O 385 120.48 19.51 51.10
C PRO O 385 119.14 19.57 50.37
N THR O 386 118.48 20.73 50.39
CA THR O 386 117.22 21.01 49.69
C THR O 386 117.44 21.87 48.46
N VAL O 387 116.68 21.59 47.40
CA VAL O 387 116.43 22.51 46.28
C VAL O 387 114.92 22.72 46.12
N SER O 388 114.50 23.91 45.68
CA SER O 388 113.11 24.20 45.35
C SER O 388 112.92 24.19 43.84
N LEU O 389 111.99 23.38 43.34
CA LEU O 389 111.59 23.32 41.94
C LEU O 389 110.29 24.10 41.72
N ARG O 390 110.05 24.58 40.51
CA ARG O 390 108.74 25.09 40.06
C ARG O 390 108.09 24.10 39.11
N TYR O 391 106.84 23.74 39.39
CA TYR O 391 106.01 22.87 38.56
C TYR O 391 104.83 23.65 38.01
N ASN O 392 104.56 23.51 36.72
CA ASN O 392 103.39 24.08 36.08
C ASN O 392 102.54 22.94 35.47
N PRO O 393 101.28 22.74 35.89
CA PRO O 393 100.48 21.63 35.41
C PRO O 393 100.14 21.73 33.92
N TYR O 394 100.06 22.95 33.39
CA TYR O 394 99.68 23.17 31.96
C TYR O 394 100.90 22.91 31.08
N LYS O 395 102.10 22.90 31.66
CA LYS O 395 103.35 22.65 30.90
C LYS O 395 103.71 21.16 31.00
N ASP O 396 102.86 20.34 31.62
CA ASP O 396 103.15 18.90 31.85
C ASP O 396 102.54 18.04 30.73
N LEU O 397 103.36 17.23 30.05
CA LEU O 397 102.91 16.42 28.91
C LEU O 397 102.89 14.92 29.22
N ALA O 398 103.31 14.51 30.42
CA ALA O 398 103.23 13.13 30.87
C ALA O 398 103.96 12.09 29.99
N GLU O 399 105.01 12.46 29.25
CA GLU O 399 105.67 11.53 28.32
C GLU O 399 106.65 10.58 29.04
N ARG O 400 107.26 11.03 30.14
CA ARG O 400 108.23 10.25 30.93
C ARG O 400 108.01 10.40 32.44
N ASN O 401 106.79 10.71 32.84
CA ASN O 401 106.37 10.79 34.23
C ASN O 401 106.33 9.40 34.88
N LYS O 402 106.68 9.31 36.15
CA LYS O 402 106.82 8.03 36.87
C LYS O 402 106.75 8.27 38.39
N CYS O 403 106.36 7.26 39.17
CA CYS O 403 106.12 7.41 40.60
C CYS O 403 106.20 6.05 41.32
N TYR O 404 106.90 5.96 42.45
CA TYR O 404 107.05 4.73 43.24
C TYR O 404 107.56 4.99 44.66
N PHE O 405 107.45 3.99 45.54
CA PHE O 405 107.97 4.04 46.90
C PHE O 405 109.26 3.22 47.05
N VAL O 406 110.25 3.77 47.75
CA VAL O 406 111.50 3.11 48.12
C VAL O 406 111.61 3.01 49.64
N ARG O 407 112.36 2.04 50.16
CA ARG O 407 112.52 1.78 51.60
C ARG O 407 113.42 2.85 52.21
N SER O 408 112.95 3.58 53.22
CA SER O 408 113.72 4.67 53.85
C SER O 408 114.72 4.14 54.88
N LYS O 409 114.28 3.33 55.86
CA LYS O 409 115.16 2.66 56.83
C LYS O 409 115.73 1.34 56.28
N ILE O 410 116.59 1.40 55.27
CA ILE O 410 117.48 0.29 54.89
C ILE O 410 118.85 0.80 54.44
N ASN O 411 119.84 -0.07 54.52
CA ASN O 411 121.21 0.21 54.10
C ASN O 411 121.40 -0.03 52.59
N ALA O 412 120.67 0.69 51.75
CA ALA O 412 120.76 0.58 50.29
C ALA O 412 120.93 1.94 49.61
N HIS O 413 121.87 2.01 48.67
CA HIS O 413 122.22 3.24 47.96
C HIS O 413 121.24 3.55 46.83
N GLY O 414 121.09 4.84 46.50
CA GLY O 414 120.43 5.29 45.29
C GLY O 414 118.91 5.25 45.33
N TRP O 415 118.30 5.76 44.27
CA TRP O 415 116.87 6.09 44.18
C TRP O 415 116.13 5.32 43.09
N ASP O 416 116.79 4.37 42.42
CA ASP O 416 116.17 3.64 41.28
C ASP O 416 114.88 2.95 41.74
N PRO O 417 113.87 2.74 40.84
CA PRO O 417 112.67 2.01 41.23
C PRO O 417 113.12 0.65 41.71
N GLU O 418 112.65 0.22 42.88
CA GLU O 418 113.10 -1.06 43.50
C GLU O 418 111.89 -1.80 44.08
N GLN O 419 112.11 -3.02 44.60
CA GLN O 419 111.03 -3.83 45.21
C GLN O 419 109.93 -4.07 44.15
N HIS O 420 108.68 -3.69 44.42
CA HIS O 420 107.55 -3.95 43.49
C HIS O 420 107.68 -3.12 42.23
N GLN O 421 107.88 -3.78 41.08
CA GLN O 421 107.96 -3.08 39.76
C GLN O 421 106.55 -3.01 39.17
N GLU O 422 105.61 -3.82 39.69
CA GLU O 422 104.21 -3.73 39.26
C GLU O 422 103.47 -2.55 39.94
N LEU O 423 104.00 -2.02 41.04
CA LEU O 423 103.44 -0.87 41.73
C LEU O 423 103.91 0.47 41.16
N ILE O 424 104.90 0.49 40.28
CA ILE O 424 105.32 1.71 39.59
C ILE O 424 104.15 2.28 38.80
N ASN O 425 103.86 3.57 38.98
CA ASN O 425 102.75 4.30 38.28
C ASN O 425 103.40 5.26 37.26
N SER O 426 103.04 5.18 35.98
CA SER O 426 103.72 5.90 34.89
C SER O 426 102.76 6.58 33.92
N ASP O 427 103.27 7.56 33.18
CA ASP O 427 102.65 8.14 31.97
C ASP O 427 101.29 8.84 32.18
N LEU O 428 101.11 9.53 33.31
CA LEU O 428 100.01 10.47 33.55
C LEU O 428 100.60 11.78 34.07
N PRO O 429 99.94 12.95 33.89
CA PRO O 429 100.45 14.19 34.45
C PRO O 429 100.51 14.11 35.97
N GLN O 430 101.55 14.68 36.61
CA GLN O 430 101.82 14.52 38.08
C GLN O 430 100.63 14.78 39.00
N TRP O 431 99.72 15.68 38.68
CA TRP O 431 98.52 15.93 39.47
C TRP O 431 97.50 14.77 39.37
N LEU O 432 97.50 14.02 38.28
CA LEU O 432 96.72 12.79 38.13
C LEU O 432 97.49 11.56 38.61
N LEU O 433 98.79 11.49 38.35
CA LEU O 433 99.64 10.36 38.71
C LEU O 433 99.74 10.17 40.23
N LEU O 434 99.82 11.25 41.00
CA LEU O 434 99.94 11.18 42.46
C LEU O 434 98.60 11.00 43.16
N PHE O 435 97.47 11.34 42.54
CA PHE O 435 96.17 11.38 43.22
C PHE O 435 95.75 9.99 43.71
N GLY O 436 95.61 9.82 45.02
CA GLY O 436 95.24 8.53 45.62
C GLY O 436 96.27 7.41 45.50
N TYR O 437 97.44 7.65 44.90
CA TYR O 437 98.45 6.61 44.73
C TYR O 437 99.02 6.09 46.07
N PRO O 438 99.37 6.93 47.06
CA PRO O 438 99.75 6.45 48.38
C PRO O 438 98.69 5.59 49.06
N ASP O 439 97.41 5.92 48.92
CA ASP O 439 96.33 5.11 49.50
C ASP O 439 96.12 3.79 48.77
N TYR O 440 96.26 3.76 47.44
CA TYR O 440 96.29 2.49 46.72
C TYR O 440 97.42 1.59 47.25
N ILE O 441 98.60 2.15 47.48
CA ILE O 441 99.75 1.41 48.00
C ILE O 441 99.49 0.92 49.42
N LYS O 442 98.98 1.77 50.32
CA LYS O 442 98.59 1.35 51.67
C LYS O 442 97.54 0.24 51.66
N ARG O 443 96.48 0.37 50.86
CA ARG O 443 95.39 -0.64 50.80
C ARG O 443 95.92 -1.93 50.16
N THR O 444 96.89 -1.84 49.26
CA THR O 444 97.53 -3.03 48.67
C THR O 444 98.34 -3.83 49.70
N GLN O 445 98.90 -3.18 50.73
CA GLN O 445 99.58 -3.88 51.86
C GLN O 445 100.82 -4.68 51.41
N ASN O 446 101.39 -4.40 50.24
CA ASN O 446 102.62 -5.03 49.77
C ASN O 446 103.90 -4.41 50.37
N PHE O 447 103.78 -3.35 51.18
CA PHE O 447 104.86 -2.71 51.90
C PHE O 447 104.58 -2.69 53.41
N ALA O 448 105.64 -2.63 54.23
CA ALA O 448 105.50 -2.44 55.67
C ALA O 448 104.80 -1.10 55.94
N LEU O 449 103.72 -1.15 56.72
CA LEU O 449 102.64 -0.15 56.61
C LEU O 449 103.02 1.27 57.05
N VAL O 450 104.05 1.43 57.89
CA VAL O 450 104.30 2.69 58.57
C VAL O 450 104.94 3.75 57.67
N ASP O 451 104.43 4.99 57.71
CA ASP O 451 104.91 6.09 56.83
C ASP O 451 106.40 6.36 57.01
N THR O 452 106.96 6.06 58.19
CA THR O 452 108.36 6.35 58.48
C THR O 452 109.35 5.44 57.75
N ASN O 453 108.90 4.32 57.19
CA ASN O 453 109.79 3.29 56.66
C ASN O 453 109.90 3.33 55.13
N TYR O 454 109.21 4.25 54.46
CA TYR O 454 109.26 4.44 53.01
C TYR O 454 109.37 5.91 52.64
N ILE O 455 109.85 6.17 51.42
CA ILE O 455 109.86 7.47 50.75
C ILE O 455 109.17 7.30 49.42
N LEU O 456 108.38 8.30 49.03
CA LEU O 456 107.84 8.47 47.69
C LEU O 456 108.84 9.24 46.82
N VAL O 457 109.09 8.70 45.63
CA VAL O 457 110.05 9.18 44.64
C VAL O 457 109.33 9.31 43.31
N ASP O 458 109.51 10.41 42.57
CA ASP O 458 108.87 10.58 41.26
C ASP O 458 109.78 11.25 40.23
N HIS O 459 109.62 10.87 38.97
CA HIS O 459 110.31 11.47 37.84
C HIS O 459 109.35 12.37 37.06
N CYS O 460 109.78 13.57 36.70
CA CYS O 460 109.00 14.52 35.92
C CYS O 460 109.93 15.44 35.12
N PRO O 461 109.99 15.30 33.79
CA PRO O 461 110.76 16.20 32.91
C PRO O 461 110.37 17.69 32.99
N TYR O 462 109.19 18.01 33.52
CA TYR O 462 108.49 19.25 33.22
C TYR O 462 108.61 20.34 34.29
N THR O 463 109.35 20.12 35.38
CA THR O 463 109.78 21.23 36.24
C THR O 463 110.82 22.09 35.51
N ASN O 464 110.85 23.39 35.78
CA ASN O 464 111.73 24.31 35.06
C ASN O 464 113.22 24.10 35.40
N PRO O 465 113.63 24.14 36.68
CA PRO O 465 114.81 23.40 37.12
C PRO O 465 114.48 21.91 37.21
N GLU O 466 115.47 21.04 37.31
CA GLU O 466 115.26 19.59 37.39
C GLU O 466 116.18 18.91 38.42
N LYS O 467 115.74 17.74 38.87
CA LYS O 467 116.54 16.70 39.53
C LYS O 467 116.06 15.36 38.99
N THR O 468 116.95 14.38 38.83
CA THR O 468 116.65 13.16 38.06
C THR O 468 115.42 12.43 38.63
N PRO O 469 115.42 11.94 39.88
CA PRO O 469 114.20 11.82 40.66
C PRO O 469 113.97 13.08 41.51
N PHE O 470 112.73 13.17 42.01
CA PHE O 470 112.37 14.21 43.00
C PHE O 470 112.08 13.47 44.29
N ILE O 471 112.41 14.04 45.45
CA ILE O 471 112.01 13.44 46.75
C ILE O 471 111.14 14.51 47.41
N PRO O 472 109.88 14.73 47.01
CA PRO O 472 109.11 15.86 47.53
C PRO O 472 109.16 15.93 49.05
N LEU O 473 109.27 17.12 49.62
CA LEU O 473 109.23 17.35 51.07
C LEU O 473 108.26 18.48 51.39
N SER O 474 107.46 18.31 52.44
CA SER O 474 106.49 19.34 52.81
C SER O 474 107.16 20.55 53.42
N THR O 475 106.55 21.72 53.24
CA THR O 475 107.01 22.98 53.82
C THR O 475 107.19 22.87 55.34
N SER O 476 106.37 22.08 56.03
CA SER O 476 106.55 21.80 57.47
C SER O 476 107.89 21.14 57.80
N PHE O 477 108.35 20.14 57.04
CA PHE O 477 109.67 19.52 57.26
C PHE O 477 110.83 20.43 56.83
N ILE O 478 110.63 21.21 55.77
CA ILE O 478 111.57 22.25 55.33
C ILE O 478 111.65 23.43 56.32
N GLU O 479 110.66 23.58 57.20
CA GLU O 479 110.59 24.61 58.26
C GLU O 479 110.74 24.06 59.68
N GLY O 480 111.07 22.77 59.85
CA GLY O 480 111.29 22.20 61.19
C GLY O 480 110.03 22.12 62.05
N ARG O 481 108.98 21.48 61.53
CA ARG O 481 107.67 21.39 62.24
C ARG O 481 106.98 20.05 61.93
N SER O 482 106.10 19.59 62.82
CA SER O 482 105.40 18.30 62.64
C SER O 482 104.48 18.28 61.41
N PRO O 483 104.21 17.10 60.80
CA PRO O 483 103.58 16.97 59.48
C PRO O 483 102.31 17.80 59.24
N TYR O 484 101.44 17.95 60.24
CA TYR O 484 100.22 18.76 60.19
C TYR O 484 100.10 19.71 61.39
N SER O 485 101.21 20.37 61.77
CA SER O 485 101.26 21.31 62.91
C SER O 485 101.22 22.77 62.44
N PRO O 486 100.49 23.67 63.13
CA PRO O 486 100.32 25.05 62.71
C PRO O 486 101.64 25.84 62.71
N SER O 487 101.79 26.73 61.73
CA SER O 487 103.02 27.47 61.43
C SER O 487 103.58 28.32 62.56
N ASP O 488 102.79 28.62 63.61
CA ASP O 488 103.28 29.37 64.80
C ASP O 488 104.34 28.54 65.52
N THR O 489 104.32 27.22 65.35
CA THR O 489 105.27 26.27 65.94
C THR O 489 106.59 26.28 65.17
N HIS O 490 107.74 26.19 65.87
CA HIS O 490 109.10 26.20 65.26
C HIS O 490 109.93 25.00 65.73
N GLU O 491 109.29 23.91 66.17
CA GLU O 491 109.92 22.65 66.56
C GLU O 491 108.96 21.48 66.29
N PRO O 492 109.45 20.28 65.98
CA PRO O 492 108.63 19.08 66.04
C PRO O 492 108.11 18.80 67.46
N ASP O 493 106.96 18.14 67.57
CA ASP O 493 106.50 17.49 68.81
C ASP O 493 107.37 16.27 69.13
N GLU O 494 107.47 15.82 70.39
CA GLU O 494 108.49 14.86 70.85
C GLU O 494 108.63 13.59 69.96
N GLU O 495 107.52 13.02 69.53
CA GLU O 495 107.54 11.83 68.65
C GLU O 495 108.05 12.12 67.24
N ASP O 496 107.93 13.35 66.74
CA ASP O 496 108.57 13.85 65.52
C ASP O 496 109.93 14.50 65.78
N GLN O 497 110.30 14.82 67.03
CA GLN O 497 111.70 15.17 67.36
C GLN O 497 112.59 13.94 67.22
N ASN O 498 112.07 12.78 67.63
CA ASN O 498 112.55 11.47 67.18
C ASN O 498 112.14 11.23 65.71
N ARG O 499 112.92 10.35 65.06
CA ARG O 499 112.67 9.95 63.65
C ARG O 499 112.63 11.18 62.75
N TRP O 500 113.43 12.23 63.01
CA TRP O 500 113.46 13.48 62.20
C TRP O 500 114.32 13.27 60.94
N TYR O 501 113.83 12.47 60.00
CA TYR O 501 114.54 12.15 58.76
C TYR O 501 113.56 11.97 57.58
N PRO O 502 114.00 12.09 56.32
CA PRO O 502 113.14 11.91 55.15
C PRO O 502 112.33 10.61 55.15
N CYS O 503 111.01 10.73 55.13
CA CYS O 503 110.07 9.62 54.98
C CYS O 503 108.69 10.16 54.56
N TYR O 504 107.84 9.27 54.06
CA TYR O 504 106.53 9.61 53.48
C TYR O 504 105.65 10.46 54.41
N GLN O 505 105.77 10.31 55.73
CA GLN O 505 104.99 11.11 56.71
C GLN O 505 105.27 12.62 56.52
N TYR O 506 106.50 13.01 56.17
CA TYR O 506 106.84 14.40 55.91
C TYR O 506 106.60 14.83 54.46
N GLN O 507 106.31 13.91 53.54
CA GLN O 507 106.05 14.23 52.13
C GLN O 507 104.58 14.54 51.84
N GLN O 508 103.65 14.17 52.73
CA GLN O 508 102.21 14.15 52.45
C GLN O 508 101.64 15.47 51.94
N GLU O 509 101.96 16.59 52.60
CA GLU O 509 101.42 17.90 52.20
C GLU O 509 101.98 18.35 50.84
N SER O 510 103.21 17.99 50.49
CA SER O 510 103.78 18.33 49.18
C SER O 510 103.08 17.63 48.03
N ILE O 511 102.78 16.33 48.14
CA ILE O 511 102.06 15.62 47.07
C ILE O 511 100.59 16.00 47.03
N ASN O 512 99.99 16.37 48.16
CA ASN O 512 98.66 16.97 48.15
C ASN O 512 98.68 18.30 47.41
N SER O 513 99.70 19.14 47.63
CA SER O 513 99.87 20.42 46.93
C SER O 513 100.04 20.25 45.42
N ILE O 514 100.77 19.22 44.97
CA ILE O 514 100.85 18.87 43.55
C ILE O 514 99.49 18.42 43.00
N CYS O 515 98.73 17.60 43.73
CA CYS O 515 97.37 17.22 43.32
C CYS O 515 96.41 18.41 43.26
N LEU O 516 96.50 19.35 44.19
CA LEU O 516 95.75 20.61 44.18
C LEU O 516 96.08 21.50 42.98
N SER O 517 97.23 21.33 42.33
CA SER O 517 97.49 22.03 41.07
C SER O 517 96.62 21.51 39.93
N GLY O 518 96.07 20.30 40.03
CA GLY O 518 95.20 19.72 39.01
C GLY O 518 93.78 20.28 39.01
N PRO O 519 93.05 20.16 37.89
CA PRO O 519 91.72 20.71 37.74
C PRO O 519 90.66 20.00 38.60
N GLY O 520 89.57 20.71 38.88
CA GLY O 520 88.42 20.26 39.65
C GLY O 520 88.61 20.23 41.16
N THR O 521 89.83 20.38 41.67
CA THR O 521 90.13 20.31 43.10
C THR O 521 89.55 21.53 43.84
N PRO O 522 88.79 21.34 44.93
CA PRO O 522 88.05 22.43 45.57
C PRO O 522 88.92 23.41 46.36
N LYS O 523 88.36 24.61 46.58
CA LYS O 523 88.88 25.64 47.49
C LYS O 523 88.14 25.56 48.82
N ILE O 524 88.82 25.25 49.91
CA ILE O 524 88.20 25.18 51.25
C ILE O 524 88.96 26.13 52.17
N PRO O 525 88.32 27.15 52.78
CA PRO O 525 89.00 28.05 53.70
C PRO O 525 89.64 27.30 54.88
N LYS O 526 90.82 27.76 55.33
CA LYS O 526 91.51 27.14 56.48
C LYS O 526 90.64 27.21 57.73
N GLY O 527 90.57 26.10 58.47
CA GLY O 527 89.71 25.92 59.63
C GLY O 527 88.26 25.50 59.32
N ILE O 528 87.88 25.35 58.05
CA ILE O 528 86.57 24.80 57.65
C ILE O 528 86.77 23.36 57.17
N THR O 529 85.90 22.45 57.62
CA THR O 529 85.83 21.08 57.13
C THR O 529 84.59 20.93 56.26
N ALA O 530 84.77 20.56 55.00
CA ALA O 530 83.67 20.22 54.12
C ALA O 530 83.26 18.77 54.34
N GLU O 531 81.98 18.45 54.18
CA GLU O 531 81.40 17.14 54.49
C GLU O 531 80.38 16.77 53.42
N ALA O 532 80.14 15.49 53.21
CA ALA O 532 79.02 15.01 52.39
C ALA O 532 78.41 13.77 53.02
N LYS O 533 77.10 13.58 52.83
CA LYS O 533 76.37 12.44 53.37
C LYS O 533 75.35 11.90 52.38
N VAL O 534 75.07 10.61 52.49
CA VAL O 534 73.97 9.92 51.82
C VAL O 534 73.05 9.33 52.87
N LYS O 535 71.75 9.31 52.63
CA LYS O 535 70.81 8.48 53.38
C LYS O 535 70.51 7.23 52.58
N TYR O 536 70.70 6.07 53.19
CA TYR O 536 70.48 4.78 52.55
C TYR O 536 69.25 4.09 53.12
N SER O 537 68.66 3.20 52.31
CA SER O 537 67.64 2.25 52.73
C SER O 537 67.85 0.95 51.98
N PHE O 538 68.45 -0.04 52.64
CA PHE O 538 68.60 -1.39 52.07
C PHE O 538 67.37 -2.23 52.37
N ASN O 539 66.82 -2.90 51.36
CA ASN O 539 65.59 -3.67 51.48
C ASN O 539 65.91 -5.16 51.61
N PHE O 540 65.50 -5.75 52.71
CA PHE O 540 65.66 -7.17 53.01
C PHE O 540 64.31 -7.78 53.38
N LYS O 541 64.22 -9.09 53.27
CA LYS O 541 63.23 -9.90 53.98
C LYS O 541 63.97 -10.90 54.83
N TRP O 542 63.44 -11.21 56.01
CA TRP O 542 63.93 -12.26 56.89
C TRP O 542 62.96 -13.44 56.83
N GLY O 543 63.46 -14.65 56.74
CA GLY O 543 62.64 -15.86 56.56
C GLY O 543 62.94 -16.91 57.61
N GLY O 544 61.93 -17.66 58.01
CA GLY O 544 62.11 -18.76 58.95
C GLY O 544 60.81 -19.46 59.33
N ASP O 545 60.93 -20.51 60.13
CA ASP O 545 59.82 -21.05 60.90
C ASP O 545 59.41 -20.09 62.03
N LEU O 546 58.17 -20.20 62.50
CA LEU O 546 57.60 -19.27 63.47
C LEU O 546 58.41 -19.24 64.79
N PRO O 547 58.80 -18.06 65.30
CA PRO O 547 59.58 -17.93 66.51
C PRO O 547 58.73 -17.98 67.80
N PRO O 548 59.35 -18.20 68.97
CA PRO O 548 58.70 -18.06 70.28
C PRO O 548 58.50 -16.59 70.70
N MET O 549 57.73 -16.35 71.76
CA MET O 549 57.37 -15.00 72.28
C MET O 549 57.05 -15.04 73.79
N SER O 550 57.07 -13.90 74.48
CA SER O 550 56.77 -13.78 75.93
C SER O 550 55.88 -12.57 76.27
N THR O 551 55.31 -12.57 77.47
CA THR O 551 54.23 -11.64 77.90
C THR O 551 54.46 -11.07 79.29
N ILE O 552 53.75 -9.98 79.62
CA ILE O 552 53.91 -9.16 80.83
C ILE O 552 52.62 -9.21 81.67
N THR O 553 52.71 -9.18 83.00
CA THR O 553 51.53 -9.17 83.88
C THR O 553 50.63 -7.97 83.60
N ASN O 554 49.31 -8.13 83.67
CA ASN O 554 48.40 -7.01 83.53
C ASN O 554 48.43 -6.00 84.69
N PRO O 555 48.45 -6.41 85.99
CA PRO O 555 48.38 -5.47 87.10
C PRO O 555 49.59 -4.55 87.16
N THR O 556 50.81 -5.07 86.98
CA THR O 556 52.04 -4.24 86.97
C THR O 556 52.36 -3.90 85.52
N ASP O 557 51.65 -2.92 84.95
CA ASP O 557 51.83 -2.55 83.51
C ASP O 557 51.61 -1.03 83.37
N GLN O 558 51.80 -0.48 82.17
CA GLN O 558 51.60 0.97 81.92
C GLN O 558 50.34 1.42 82.66
N PRO O 559 50.43 2.28 83.71
CA PRO O 559 49.26 2.66 84.47
C PRO O 559 48.49 3.81 83.84
N THR O 560 47.16 3.79 83.92
CA THR O 560 46.35 4.89 83.39
C THR O 560 46.62 6.17 84.18
N TYR O 561 46.45 7.35 83.58
CA TYR O 561 46.70 8.65 84.24
C TYR O 561 45.93 8.78 85.58
N VAL O 562 44.75 8.14 85.68
CA VAL O 562 43.94 8.08 86.90
C VAL O 562 44.72 7.45 88.07
N LYS P 48 -72.61 -11.82 -10.12
CA LYS P 48 -72.98 -13.24 -10.35
C LYS P 48 -73.79 -13.80 -9.17
N ARG P 49 -73.18 -13.98 -8.00
CA ARG P 49 -73.86 -14.38 -6.76
C ARG P 49 -73.33 -13.59 -5.57
N LEU P 50 -74.20 -13.25 -4.63
CA LEU P 50 -73.90 -12.44 -3.46
C LEU P 50 -74.24 -13.18 -2.17
N ASN P 51 -73.49 -12.90 -1.10
CA ASN P 51 -73.87 -13.31 0.24
C ASN P 51 -75.16 -12.60 0.66
N ILE P 52 -76.10 -13.32 1.27
CA ILE P 52 -77.23 -12.71 1.95
C ILE P 52 -76.74 -12.07 3.24
N VAL P 53 -77.17 -10.83 3.50
CA VAL P 53 -76.73 -9.99 4.63
C VAL P 53 -77.96 -9.53 5.38
N GLU P 54 -77.85 -9.44 6.69
CA GLU P 54 -78.89 -8.91 7.58
C GLU P 54 -78.34 -7.70 8.36
N TRP P 55 -79.20 -6.72 8.64
CA TRP P 55 -78.82 -5.57 9.47
C TRP P 55 -79.18 -5.84 10.92
N GLN P 56 -78.14 -5.75 11.76
CA GLN P 56 -78.27 -6.09 13.20
C GLN P 56 -79.26 -5.16 13.89
N PRO P 57 -80.08 -5.67 14.82
CA PRO P 57 -81.08 -4.87 15.52
C PRO P 57 -80.46 -3.88 16.51
N LYS P 58 -81.22 -2.86 16.87
CA LYS P 58 -80.73 -1.67 17.60
C LYS P 58 -80.15 -1.99 18.98
N SER P 59 -80.78 -2.90 19.73
CA SER P 59 -80.27 -3.39 21.01
C SER P 59 -80.32 -4.91 21.08
N ILE P 60 -79.27 -5.52 21.65
CA ILE P 60 -79.06 -6.96 21.71
C ILE P 60 -78.66 -7.37 23.14
N ARG P 61 -79.22 -8.48 23.65
CA ARG P 61 -78.92 -8.99 25.01
C ARG P 61 -78.74 -10.52 25.06
N LYS P 62 -77.51 -11.01 25.23
CA LYS P 62 -77.22 -12.45 25.36
C LYS P 62 -77.97 -13.05 26.54
N CYS P 63 -78.53 -14.24 26.38
CA CYS P 63 -79.19 -14.99 27.43
C CYS P 63 -78.87 -16.48 27.31
N ARG P 64 -78.27 -17.04 28.39
CA ARG P 64 -78.02 -18.50 28.48
C ARG P 64 -79.11 -19.16 29.35
N ILE P 65 -80.05 -19.87 28.73
CA ILE P 65 -81.09 -20.59 29.48
C ILE P 65 -80.43 -21.84 30.07
N LYS P 66 -80.12 -21.81 31.37
CA LYS P 66 -79.35 -22.84 32.09
C LYS P 66 -80.26 -23.64 32.99
N GLY P 67 -80.13 -24.96 33.01
CA GLY P 67 -80.96 -25.79 33.88
C GLY P 67 -80.59 -27.26 33.86
N MET P 68 -81.40 -28.08 34.51
CA MET P 68 -81.18 -29.51 34.69
C MET P 68 -82.36 -30.29 34.12
N LEU P 69 -82.12 -31.33 33.32
CA LEU P 69 -83.15 -32.18 32.71
C LEU P 69 -82.98 -33.63 33.15
N CYS P 70 -84.05 -34.25 33.64
CA CYS P 70 -84.08 -35.68 33.92
C CYS P 70 -84.20 -36.50 32.63
N LEU P 71 -83.24 -37.39 32.36
CA LEU P 71 -83.24 -38.21 31.15
C LEU P 71 -84.13 -39.43 31.31
N PHE P 72 -84.06 -40.10 32.44
CA PHE P 72 -85.00 -41.15 32.84
C PHE P 72 -85.00 -41.26 34.36
N GLN P 73 -86.04 -41.85 34.92
CA GLN P 73 -86.00 -42.40 36.26
C GLN P 73 -86.80 -43.69 36.26
N THR P 74 -86.17 -44.81 36.60
CA THR P 74 -86.65 -46.16 36.29
C THR P 74 -86.46 -47.12 37.43
N THR P 75 -87.40 -48.05 37.57
CA THR P 75 -87.24 -49.33 38.26
C THR P 75 -87.01 -50.43 37.22
N GLU P 76 -86.70 -51.65 37.65
CA GLU P 76 -86.49 -52.79 36.74
C GLU P 76 -87.74 -53.16 35.93
N ASP P 77 -88.93 -53.05 36.52
CA ASP P 77 -90.22 -53.37 35.91
C ASP P 77 -90.74 -52.29 34.93
N ARG P 78 -89.98 -51.20 34.75
CA ARG P 78 -90.28 -50.14 33.78
C ARG P 78 -89.18 -49.89 32.75
N LEU P 79 -88.14 -50.72 32.69
CA LEU P 79 -86.99 -50.48 31.82
C LEU P 79 -87.33 -50.40 30.33
N SER P 80 -88.28 -51.19 29.85
CA SER P 80 -88.66 -51.22 28.43
C SER P 80 -89.64 -50.12 28.00
N TYR P 81 -90.00 -49.20 28.89
CA TYR P 81 -90.99 -48.15 28.64
C TYR P 81 -90.37 -46.75 28.58
N ASN P 82 -90.99 -45.86 27.82
CA ASN P 82 -90.59 -44.47 27.67
C ASN P 82 -90.93 -43.66 28.92
N PHE P 83 -89.95 -42.98 29.51
CA PHE P 83 -90.13 -42.04 30.60
C PHE P 83 -90.65 -40.69 30.09
N ASP P 84 -91.87 -40.35 30.49
CA ASP P 84 -92.40 -38.98 30.45
C ASP P 84 -92.47 -38.44 31.88
N MET P 85 -91.89 -37.26 32.12
CA MET P 85 -91.93 -36.63 33.44
C MET P 85 -93.30 -36.04 33.76
N TYR P 86 -94.06 -35.68 32.72
CA TYR P 86 -95.42 -35.17 32.80
C TYR P 86 -96.36 -36.26 32.27
N GLU P 87 -97.10 -36.87 33.17
CA GLU P 87 -97.59 -38.24 33.06
C GLU P 87 -98.97 -38.46 32.43
N GLU P 88 -99.22 -39.70 31.99
CA GLU P 88 -100.58 -40.24 31.95
C GLU P 88 -100.92 -40.57 33.40
N SER P 89 -101.92 -39.90 33.99
CA SER P 89 -102.08 -39.71 35.45
C SER P 89 -102.08 -40.97 36.32
N ILE P 90 -102.32 -42.15 35.75
CA ILE P 90 -102.22 -43.44 36.43
C ILE P 90 -100.77 -43.92 36.63
N ILE P 91 -99.85 -43.60 35.71
CA ILE P 91 -98.48 -44.14 35.72
C ILE P 91 -97.74 -43.85 37.04
N PRO P 92 -97.67 -42.62 37.58
CA PRO P 92 -96.95 -42.40 38.82
C PRO P 92 -97.66 -42.93 40.08
N GLU P 93 -98.92 -43.37 39.99
CA GLU P 93 -99.60 -43.96 41.15
C GLU P 93 -98.97 -45.31 41.51
N LYS P 94 -98.25 -45.34 42.62
CA LYS P 94 -97.49 -46.51 43.11
C LYS P 94 -96.38 -47.00 42.14
N LEU P 95 -95.84 -46.13 41.28
CA LEU P 95 -94.55 -46.35 40.62
C LEU P 95 -93.58 -45.18 40.88
N PRO P 96 -92.39 -45.43 41.46
CA PRO P 96 -91.42 -44.37 41.72
C PRO P 96 -90.60 -43.94 40.49
N GLY P 97 -90.60 -44.74 39.42
CA GLY P 97 -89.98 -44.38 38.14
C GLY P 97 -90.76 -44.95 36.96
N GLY P 98 -91.05 -44.12 35.95
CA GLY P 98 -92.00 -44.44 34.89
C GLY P 98 -91.41 -45.13 33.66
N GLY P 99 -90.10 -45.08 33.43
CA GLY P 99 -89.52 -45.62 32.21
C GLY P 99 -88.00 -45.59 32.16
N GLY P 100 -87.38 -46.54 31.46
CA GLY P 100 -85.93 -46.71 31.38
C GLY P 100 -85.27 -46.12 30.14
N PHE P 101 -86.04 -45.55 29.23
CA PHE P 101 -85.52 -44.78 28.12
C PHE P 101 -86.38 -43.54 27.92
N SER P 102 -85.88 -42.51 27.26
CA SER P 102 -86.75 -41.41 26.82
C SER P 102 -86.31 -40.86 25.48
N ILE P 103 -87.26 -40.24 24.79
CA ILE P 103 -87.00 -39.29 23.71
C ILE P 103 -87.49 -37.93 24.18
N LYS P 104 -86.59 -36.96 24.29
CA LYS P 104 -86.86 -35.57 24.66
C LYS P 104 -86.77 -34.70 23.43
N ASN P 105 -87.76 -33.86 23.16
CA ASN P 105 -87.64 -32.74 22.23
C ASN P 105 -87.60 -31.44 23.03
N ILE P 106 -86.61 -30.59 22.77
CA ILE P 106 -86.47 -29.29 23.43
C ILE P 106 -86.79 -28.17 22.45
N SER P 107 -87.65 -27.24 22.87
CA SER P 107 -88.00 -26.03 22.14
C SER P 107 -87.99 -24.86 23.12
N LEU P 108 -87.87 -23.63 22.61
CA LEU P 108 -87.89 -22.43 23.45
C LEU P 108 -89.18 -22.33 24.28
N TYR P 109 -90.31 -22.81 23.80
CA TYR P 109 -91.53 -22.91 24.60
C TYR P 109 -91.44 -23.98 25.68
N ALA P 110 -90.85 -25.14 25.42
CA ALA P 110 -90.58 -26.14 26.45
C ALA P 110 -89.58 -25.62 27.50
N LEU P 111 -88.57 -24.84 27.12
CA LEU P 111 -87.69 -24.15 28.06
C LEU P 111 -88.43 -23.14 28.93
N TYR P 112 -89.37 -22.37 28.37
CA TYR P 112 -90.26 -21.53 29.16
C TYR P 112 -91.15 -22.33 30.10
N GLN P 113 -91.71 -23.47 29.68
CA GLN P 113 -92.47 -24.34 30.57
C GLN P 113 -91.62 -24.90 31.71
N GLU P 114 -90.38 -25.29 31.46
CA GLU P 114 -89.45 -25.68 32.53
C GLU P 114 -89.12 -24.53 33.48
N HIS P 115 -89.21 -23.28 33.03
CA HIS P 115 -89.01 -22.10 33.92
C HIS P 115 -90.22 -21.93 34.84
N ILE P 116 -91.42 -22.32 34.41
CA ILE P 116 -92.61 -22.31 35.26
C ILE P 116 -92.53 -23.39 36.36
N HIS P 117 -91.87 -24.51 36.09
CA HIS P 117 -91.52 -25.51 37.10
C HIS P 117 -90.30 -25.15 37.94
N ALA P 118 -89.69 -23.98 37.73
CA ALA P 118 -88.44 -23.54 38.35
C ALA P 118 -87.24 -24.46 38.08
N HIS P 119 -87.25 -25.23 36.98
CA HIS P 119 -86.18 -26.14 36.62
C HIS P 119 -85.02 -25.47 35.88
N ASN P 120 -85.16 -24.22 35.46
CA ASN P 120 -84.10 -23.46 34.80
C ASN P 120 -84.14 -21.98 35.19
N ILE P 121 -83.05 -21.28 34.87
CA ILE P 121 -82.92 -19.83 34.92
C ILE P 121 -82.76 -19.30 33.49
N PHE P 122 -83.27 -18.10 33.23
CA PHE P 122 -82.91 -17.31 32.05
C PHE P 122 -81.93 -16.24 32.53
N THR P 123 -80.73 -16.22 31.98
CA THR P 123 -79.68 -15.26 32.39
C THR P 123 -80.05 -13.80 32.10
N HIS P 124 -80.94 -13.61 31.13
CA HIS P 124 -81.49 -12.27 30.81
C HIS P 124 -82.95 -12.48 30.41
N THR P 125 -83.87 -11.64 30.89
CA THR P 125 -85.27 -11.66 30.45
C THR P 125 -85.42 -11.27 28.99
N ASN P 126 -86.56 -11.64 28.40
CA ASN P 126 -86.91 -11.42 27.01
C ASN P 126 -88.15 -10.54 26.85
N THR P 127 -88.61 -9.84 27.90
CA THR P 127 -89.97 -9.27 27.95
C THR P 127 -90.25 -8.21 26.89
N ASP P 128 -89.24 -7.41 26.52
CA ASP P 128 -89.40 -6.26 25.63
C ASP P 128 -88.48 -6.29 24.42
N ARG P 129 -87.91 -7.47 24.12
CA ARG P 129 -87.06 -7.70 22.92
C ARG P 129 -87.71 -8.91 22.21
N PRO P 130 -88.49 -8.73 21.11
CA PRO P 130 -89.28 -9.80 20.52
C PRO P 130 -88.50 -10.70 19.54
N LEU P 131 -87.33 -10.29 19.08
CA LEU P 131 -86.48 -11.09 18.22
C LEU P 131 -85.62 -12.05 19.03
N ALA P 132 -85.29 -13.20 18.44
CA ALA P 132 -84.38 -14.18 18.99
C ALA P 132 -83.37 -14.64 17.95
N ARG P 133 -82.14 -14.94 18.40
CA ARG P 133 -81.04 -15.46 17.54
C ARG P 133 -80.39 -16.65 18.28
N TYR P 134 -80.86 -17.88 18.06
CA TYR P 134 -80.35 -19.09 18.68
C TYR P 134 -78.96 -19.47 18.14
N THR P 135 -78.00 -19.73 19.01
CA THR P 135 -76.59 -19.94 18.65
C THR P 135 -76.11 -21.38 18.89
N GLY P 136 -76.90 -22.21 19.56
CA GLY P 136 -76.54 -23.60 19.87
C GLY P 136 -76.65 -23.90 21.37
N CYS P 137 -76.28 -25.11 21.73
CA CYS P 137 -76.45 -25.65 23.07
C CYS P 137 -75.15 -26.26 23.60
N SER P 138 -74.92 -26.18 24.91
CA SER P 138 -73.97 -27.03 25.62
C SER P 138 -74.70 -27.99 26.52
N LEU P 139 -74.36 -29.28 26.46
CA LEU P 139 -74.86 -30.30 27.39
C LEU P 139 -73.71 -30.82 28.24
N LYS P 140 -73.94 -31.01 29.55
CA LYS P 140 -73.08 -31.78 30.46
C LYS P 140 -73.87 -32.98 30.95
N PHE P 141 -73.48 -34.18 30.55
CA PHE P 141 -74.09 -35.43 30.97
C PHE P 141 -73.36 -35.95 32.19
N TYR P 142 -74.05 -36.17 33.30
CA TYR P 142 -73.42 -36.62 34.54
C TYR P 142 -73.43 -38.13 34.66
N GLN P 143 -72.34 -38.70 35.17
CA GLN P 143 -72.33 -40.09 35.63
C GLN P 143 -73.36 -40.27 36.74
N SER P 144 -74.29 -41.19 36.58
CA SER P 144 -75.13 -41.62 37.69
C SER P 144 -74.33 -42.46 38.68
N LYS P 145 -74.82 -42.58 39.91
CA LYS P 145 -74.17 -43.43 40.92
C LYS P 145 -74.22 -44.91 40.55
N ASP P 146 -75.41 -45.41 40.23
CA ASP P 146 -75.69 -46.85 40.16
C ASP P 146 -75.92 -47.42 38.75
N ILE P 147 -76.19 -46.57 37.74
CA ILE P 147 -76.58 -47.07 36.38
C ILE P 147 -75.78 -46.39 35.27
N ASP P 148 -75.43 -47.15 34.22
CA ASP P 148 -74.73 -46.58 33.05
C ASP P 148 -75.84 -46.10 32.11
N TYR P 149 -75.53 -45.40 31.01
CA TYR P 149 -76.60 -45.05 30.05
C TYR P 149 -76.03 -44.53 28.75
N VAL P 150 -76.66 -44.87 27.64
CA VAL P 150 -76.29 -44.43 26.29
C VAL P 150 -77.13 -43.22 25.95
N VAL P 151 -76.53 -42.19 25.38
CA VAL P 151 -77.23 -41.05 24.79
C VAL P 151 -76.92 -40.98 23.30
N THR P 152 -77.89 -40.60 22.50
CA THR P 152 -77.61 -40.02 21.18
C THR P 152 -78.59 -38.88 20.93
N TYR P 153 -78.19 -37.88 20.17
CA TYR P 153 -78.98 -36.68 19.94
C TYR P 153 -79.01 -36.34 18.46
N SER P 154 -80.02 -35.59 18.05
CA SER P 154 -80.20 -35.16 16.68
C SER P 154 -80.70 -33.72 16.64
N THR P 155 -80.49 -33.03 15.51
CA THR P 155 -81.01 -31.64 15.32
C THR P 155 -81.61 -31.51 13.93
N SER P 156 -81.98 -32.60 13.27
CA SER P 156 -82.71 -32.50 11.98
C SER P 156 -84.02 -31.76 12.28
N LEU P 157 -84.16 -30.52 11.80
CA LEU P 157 -85.36 -29.69 12.15
C LEU P 157 -86.63 -30.54 11.97
N PRO P 158 -86.80 -31.32 10.88
CA PRO P 158 -87.97 -32.19 10.76
C PRO P 158 -88.03 -33.13 11.95
N LEU P 159 -89.08 -33.03 12.77
CA LEU P 159 -89.24 -33.87 13.98
C LEU P 159 -90.34 -34.92 13.73
N ARG P 160 -90.03 -36.21 13.93
CA ARG P 160 -91.03 -37.30 13.76
C ARG P 160 -90.58 -38.53 14.55
N SER P 161 -91.50 -39.46 14.83
CA SER P 161 -91.18 -40.72 15.55
C SER P 161 -91.27 -41.89 14.56
N SER P 162 -90.57 -42.98 14.83
CA SER P 162 -90.59 -44.17 13.93
C SER P 162 -90.55 -45.46 14.76
N MET P 163 -91.08 -46.56 14.21
CA MET P 163 -91.05 -47.86 14.86
C MET P 163 -89.61 -48.38 15.03
N GLY P 164 -88.76 -48.16 14.01
CA GLY P 164 -87.34 -48.48 14.06
C GLY P 164 -86.58 -47.64 15.09
N MET P 165 -86.92 -46.37 15.28
CA MET P 165 -86.36 -45.54 16.35
C MET P 165 -86.66 -46.16 17.72
N TYR P 166 -87.92 -46.48 18.02
CA TYR P 166 -88.29 -47.03 19.32
C TYR P 166 -87.66 -48.41 19.58
N ASN P 167 -87.59 -49.30 18.59
CA ASN P 167 -86.85 -50.55 18.75
C ASN P 167 -85.35 -50.29 18.96
N SER P 168 -84.75 -49.36 18.22
CA SER P 168 -83.33 -49.04 18.35
C SER P 168 -82.96 -48.40 19.70
N MET P 169 -83.94 -47.99 20.51
CA MET P 169 -83.70 -47.60 21.90
C MET P 169 -83.28 -48.76 22.80
N GLN P 170 -83.44 -50.02 22.36
CA GLN P 170 -83.01 -51.17 23.14
C GLN P 170 -81.52 -51.03 23.48
N PRO P 171 -81.09 -51.23 24.74
CA PRO P 171 -79.76 -50.79 25.17
C PRO P 171 -78.60 -51.34 24.36
N SER P 172 -78.65 -52.60 23.95
CA SER P 172 -77.62 -53.21 23.11
C SER P 172 -77.58 -52.60 21.71
N ILE P 173 -78.75 -52.34 21.11
CA ILE P 173 -78.86 -51.75 19.78
C ILE P 173 -78.43 -50.29 19.79
N HIS P 174 -78.88 -49.50 20.77
CA HIS P 174 -78.46 -48.12 20.94
C HIS P 174 -76.95 -48.04 21.17
N LEU P 175 -76.39 -48.90 22.01
CA LEU P 175 -74.94 -48.97 22.22
C LEU P 175 -74.14 -49.33 20.95
N MET P 176 -74.72 -49.99 19.95
CA MET P 176 -74.04 -50.23 18.67
C MET P 176 -74.07 -49.03 17.71
N GLN P 177 -74.99 -48.08 17.87
CA GLN P 177 -75.16 -46.97 16.92
C GLN P 177 -73.94 -46.05 16.85
N GLN P 178 -73.74 -45.41 15.69
CA GLN P 178 -72.73 -44.37 15.50
C GLN P 178 -73.15 -43.07 16.18
N ASN P 179 -72.18 -42.27 16.61
CA ASN P 179 -72.39 -41.01 17.33
C ASN P 179 -73.25 -41.17 18.61
N LYS P 180 -73.15 -42.35 19.23
CA LYS P 180 -73.54 -42.56 20.61
C LYS P 180 -72.59 -41.83 21.57
N LEU P 181 -73.06 -41.60 22.78
CA LEU P 181 -72.25 -41.26 23.94
C LEU P 181 -72.59 -42.27 25.03
N ILE P 182 -71.60 -42.97 25.57
CA ILE P 182 -71.78 -43.88 26.71
C ILE P 182 -71.33 -43.13 27.95
N VAL P 183 -72.18 -43.12 28.98
CA VAL P 183 -71.85 -42.56 30.28
C VAL P 183 -71.81 -43.70 31.29
N PRO P 184 -70.62 -44.20 31.67
CA PRO P 184 -70.49 -45.19 32.73
C PRO P 184 -70.96 -44.60 34.05
N SER P 185 -71.53 -45.40 34.92
CA SER P 185 -71.77 -45.01 36.30
C SER P 185 -70.47 -44.74 37.04
N LYS P 186 -70.54 -44.03 38.17
CA LYS P 186 -69.37 -43.82 39.04
C LYS P 186 -68.81 -45.13 39.57
N GLN P 187 -69.65 -46.15 39.73
CA GLN P 187 -69.24 -47.50 40.08
C GLN P 187 -68.46 -48.21 38.97
N THR P 188 -68.91 -48.14 37.71
CA THR P 188 -68.21 -48.84 36.62
C THR P 188 -66.96 -48.11 36.13
N GLN P 189 -66.86 -46.78 36.26
CA GLN P 189 -65.63 -46.05 35.99
C GLN P 189 -65.52 -44.75 36.78
N LYS P 190 -64.50 -44.62 37.64
CA LYS P 190 -64.09 -43.34 38.24
C LYS P 190 -63.35 -42.51 37.19
N ARG P 191 -63.67 -41.22 37.10
CA ARG P 191 -63.16 -40.31 36.06
C ARG P 191 -62.60 -39.03 36.68
N ARG P 192 -61.71 -38.33 35.96
CA ARG P 192 -61.19 -37.02 36.36
C ARG P 192 -62.32 -35.99 36.43
N LYS P 193 -63.09 -35.84 35.36
CA LYS P 193 -64.30 -35.03 35.32
C LYS P 193 -65.53 -35.92 35.49
N PRO P 194 -66.46 -35.62 36.40
CA PRO P 194 -67.61 -36.48 36.69
C PRO P 194 -68.74 -36.39 35.66
N TYR P 195 -68.48 -35.76 34.51
CA TYR P 195 -69.45 -35.49 33.45
C TYR P 195 -68.77 -35.56 32.08
N ILE P 196 -69.55 -35.75 31.04
CA ILE P 196 -69.10 -35.60 29.64
C ILE P 196 -69.80 -34.40 29.03
N LYS P 197 -69.03 -33.47 28.47
CA LYS P 197 -69.50 -32.18 27.94
C LYS P 197 -69.40 -32.16 26.43
N LYS P 198 -70.45 -31.75 25.73
CA LYS P 198 -70.37 -31.46 24.30
C LYS P 198 -71.32 -30.38 23.81
N HIS P 199 -70.87 -29.67 22.78
CA HIS P 199 -71.56 -28.55 22.17
C HIS P 199 -72.33 -29.03 20.94
N ILE P 200 -73.57 -28.58 20.81
CA ILE P 200 -74.49 -28.98 19.76
C ILE P 200 -74.91 -27.74 18.97
N SER P 201 -74.71 -27.77 17.67
CA SER P 201 -75.02 -26.67 16.75
C SER P 201 -76.54 -26.56 16.52
N PRO P 202 -77.10 -25.40 16.10
CA PRO P 202 -78.51 -25.32 15.75
C PRO P 202 -78.93 -26.31 14.65
N PRO P 203 -80.23 -26.65 14.54
CA PRO P 203 -80.76 -27.33 13.37
C PRO P 203 -80.32 -26.67 12.08
N THR P 204 -80.05 -27.43 11.03
CA THR P 204 -79.58 -26.85 9.76
C THR P 204 -80.60 -25.87 9.15
N GLN P 205 -81.89 -26.04 9.48
CA GLN P 205 -82.99 -25.15 9.01
C GLN P 205 -83.03 -23.86 9.85
N MET P 206 -82.51 -23.86 11.06
CA MET P 206 -82.36 -22.65 11.88
C MET P 206 -81.06 -21.94 11.47
N LYS P 207 -81.16 -20.92 10.62
CA LYS P 207 -79.99 -20.15 10.15
C LYS P 207 -79.56 -19.15 11.22
N SER P 208 -78.41 -18.51 11.05
CA SER P 208 -77.90 -17.54 12.03
C SER P 208 -78.71 -16.24 12.10
N GLN P 209 -79.67 -16.02 11.21
CA GLN P 209 -80.53 -14.85 11.19
C GLN P 209 -81.35 -14.66 12.49
N TRP P 210 -81.87 -13.45 12.69
CA TRP P 210 -82.90 -13.18 13.70
C TRP P 210 -84.25 -13.74 13.30
N TYR P 211 -85.02 -14.22 14.27
CA TYR P 211 -86.39 -14.71 14.09
C TYR P 211 -87.28 -14.13 15.18
N PHE P 212 -88.53 -13.79 14.90
CA PHE P 212 -89.48 -13.49 15.97
C PHE P 212 -89.62 -14.68 16.92
N GLN P 213 -89.61 -14.43 18.23
CA GLN P 213 -89.73 -15.50 19.25
C GLN P 213 -91.07 -16.23 19.10
N HIS P 214 -92.12 -15.58 18.60
CA HIS P 214 -93.45 -16.21 18.36
C HIS P 214 -93.33 -17.30 17.28
N ASN P 215 -92.48 -17.09 16.27
CA ASN P 215 -92.33 -18.03 15.17
C ASN P 215 -91.52 -19.26 15.61
N ILE P 216 -90.37 -19.06 16.25
CA ILE P 216 -89.47 -20.15 16.66
C ILE P 216 -89.86 -20.83 17.97
N ALA P 217 -90.84 -20.32 18.73
CA ALA P 217 -91.20 -20.84 20.05
C ALA P 217 -91.37 -22.36 20.08
N ASN P 218 -92.11 -22.92 19.13
CA ASN P 218 -92.45 -24.34 19.09
C ASN P 218 -91.54 -25.20 18.20
N ILE P 219 -90.60 -24.62 17.47
CA ILE P 219 -89.65 -25.36 16.62
C ILE P 219 -88.72 -26.20 17.51
N PRO P 220 -88.67 -27.54 17.37
CA PRO P 220 -87.82 -28.37 18.23
C PRO P 220 -86.36 -28.22 17.82
N LEU P 221 -85.53 -27.61 18.68
CA LEU P 221 -84.11 -27.27 18.35
C LEU P 221 -83.13 -28.38 18.77
N LEU P 222 -83.59 -29.37 19.52
CA LEU P 222 -82.77 -30.51 19.92
C LEU P 222 -83.66 -31.72 20.22
N MET P 223 -83.27 -32.90 19.77
CA MET P 223 -83.77 -34.18 20.29
C MET P 223 -82.69 -34.92 21.06
N ILE P 224 -82.96 -35.36 22.27
CA ILE P 224 -82.09 -36.25 23.05
C ILE P 224 -82.77 -37.60 23.19
N ARG P 225 -82.09 -38.69 22.84
CA ARG P 225 -82.51 -40.07 23.05
C ARG P 225 -81.61 -40.71 24.09
N THR P 226 -82.17 -41.26 25.16
CA THR P 226 -81.38 -41.90 26.23
C THR P 226 -81.95 -43.25 26.60
N THR P 227 -81.12 -44.25 26.86
CA THR P 227 -81.54 -45.56 27.37
C THR P 227 -80.64 -46.01 28.52
N ALA P 228 -81.22 -46.60 29.54
CA ALA P 228 -80.53 -47.18 30.69
C ALA P 228 -79.88 -48.53 30.35
N LEU P 229 -78.70 -48.77 30.90
CA LEU P 229 -77.74 -49.77 30.42
C LEU P 229 -77.01 -50.42 31.60
N THR P 230 -76.49 -51.63 31.43
CA THR P 230 -75.33 -52.06 32.22
C THR P 230 -74.24 -52.62 31.33
N LEU P 231 -73.00 -52.17 31.55
CA LEU P 231 -71.82 -52.66 30.87
C LEU P 231 -71.25 -53.92 31.52
N ASP P 232 -71.23 -53.99 32.85
CA ASP P 232 -70.67 -55.13 33.61
C ASP P 232 -71.59 -56.35 33.72
N ASN P 233 -72.89 -56.19 33.50
CA ASN P 233 -73.90 -57.25 33.54
C ASN P 233 -74.58 -57.39 32.17
N TYR P 234 -73.89 -57.07 31.08
CA TYR P 234 -74.46 -56.94 29.76
C TYR P 234 -75.24 -58.17 29.29
N TYR P 235 -74.72 -59.37 29.50
CA TYR P 235 -75.41 -60.61 29.10
C TYR P 235 -76.35 -61.16 30.17
N ILE P 236 -75.88 -61.29 31.40
CA ILE P 236 -76.66 -61.85 32.50
C ILE P 236 -77.84 -60.94 32.86
N GLY P 237 -77.62 -59.63 32.89
CA GLY P 237 -78.63 -58.63 33.22
C GLY P 237 -79.18 -58.87 34.62
N SER P 238 -80.46 -59.17 34.72
CA SER P 238 -81.13 -59.58 35.96
C SER P 238 -81.65 -61.02 35.94
N ARG P 239 -81.11 -61.88 35.07
CA ARG P 239 -81.39 -63.32 35.01
C ARG P 239 -81.23 -63.99 36.38
N GLN P 240 -82.15 -64.88 36.71
CA GLN P 240 -82.11 -65.75 37.90
C GLN P 240 -82.27 -67.21 37.45
N LEU P 241 -81.52 -68.14 38.03
CA LEU P 241 -81.54 -69.56 37.65
C LEU P 241 -81.27 -69.76 36.14
N SER P 242 -82.15 -70.43 35.41
CA SER P 242 -82.02 -70.74 33.99
C SER P 242 -81.98 -69.50 33.09
N THR P 243 -81.40 -69.61 31.89
CA THR P 243 -81.49 -68.57 30.85
C THR P 243 -82.93 -68.41 30.33
N ASN P 244 -83.75 -69.46 30.38
CA ASN P 244 -85.14 -69.44 29.96
C ASN P 244 -85.99 -68.55 30.89
N VAL P 245 -86.83 -67.72 30.31
CA VAL P 245 -87.88 -66.97 31.00
C VAL P 245 -89.24 -67.63 30.75
N THR P 246 -90.11 -67.66 31.75
CA THR P 246 -91.46 -68.21 31.61
C THR P 246 -92.46 -67.11 31.27
N ILE P 247 -93.21 -67.30 30.18
CA ILE P 247 -94.28 -66.40 29.74
C ILE P 247 -95.61 -67.09 30.00
N HIS P 248 -96.57 -66.39 30.63
CA HIS P 248 -97.95 -66.93 30.77
C HIS P 248 -98.71 -66.43 29.54
N THR P 249 -99.68 -67.18 29.03
CA THR P 249 -100.53 -66.74 27.90
C THR P 249 -101.95 -67.29 28.01
N LEU P 250 -102.89 -66.64 27.33
CA LEU P 250 -104.27 -67.17 27.23
C LEU P 250 -104.24 -68.30 26.21
N ASN P 251 -104.70 -69.51 26.55
CA ASN P 251 -104.81 -70.60 25.55
C ASN P 251 -105.48 -69.99 24.32
N THR P 252 -104.86 -70.05 23.15
CA THR P 252 -105.41 -69.47 21.90
C THR P 252 -106.41 -70.45 21.34
N THR P 253 -106.22 -71.76 21.55
CA THR P 253 -107.04 -72.81 20.95
C THR P 253 -108.43 -72.96 21.60
N TYR P 254 -108.74 -72.18 22.65
CA TYR P 254 -110.04 -72.23 23.35
C TYR P 254 -110.59 -70.85 23.69
N ILE P 255 -109.75 -69.90 24.13
CA ILE P 255 -110.16 -68.53 24.48
C ILE P 255 -110.00 -67.62 23.25
N GLN P 256 -111.06 -67.34 22.49
CA GLN P 256 -110.88 -66.53 21.26
C GLN P 256 -111.99 -65.50 21.05
N ASN P 257 -113.10 -65.58 21.79
CA ASN P 257 -114.23 -64.71 21.46
C ASN P 257 -114.03 -63.23 21.75
N ARG P 258 -113.12 -62.86 22.66
CA ARG P 258 -112.80 -61.44 22.99
C ARG P 258 -114.06 -60.62 23.35
N ASP P 259 -115.09 -61.24 23.92
CA ASP P 259 -116.32 -60.54 24.34
C ASP P 259 -116.26 -60.13 25.83
N TRP P 260 -115.25 -59.36 26.21
CA TRP P 260 -114.91 -59.11 27.61
C TRP P 260 -115.53 -57.86 28.24
N GLY P 261 -115.63 -57.88 29.57
CA GLY P 261 -115.89 -56.69 30.38
C GLY P 261 -117.36 -56.26 30.49
N ASP P 262 -118.30 -57.20 30.46
CA ASP P 262 -119.72 -56.98 30.78
C ASP P 262 -120.23 -57.99 31.83
N ARG P 263 -121.08 -57.54 32.75
CA ARG P 263 -121.80 -58.47 33.66
C ARG P 263 -123.19 -58.70 33.01
N ASN P 264 -123.44 -58.06 31.86
CA ASN P 264 -124.70 -58.13 31.12
C ASN P 264 -124.71 -59.22 30.02
N LYS P 265 -123.71 -60.11 29.99
CA LYS P 265 -123.49 -61.11 28.93
C LYS P 265 -122.94 -62.41 29.52
N THR P 266 -123.58 -63.54 29.28
CA THR P 266 -123.03 -64.87 29.61
C THR P 266 -121.81 -65.14 28.72
N TYR P 267 -120.65 -65.40 29.31
CA TYR P 267 -119.42 -65.56 28.54
C TYR P 267 -119.32 -66.94 27.88
N TYR P 268 -118.86 -66.96 26.64
CA TYR P 268 -118.60 -68.15 25.84
C TYR P 268 -117.21 -67.98 25.23
N CYS P 269 -116.37 -69.02 25.28
CA CYS P 269 -114.93 -68.86 25.01
C CYS P 269 -114.56 -68.94 23.53
N GLN P 270 -115.25 -69.77 22.74
CA GLN P 270 -115.05 -69.87 21.29
C GLN P 270 -116.35 -70.18 20.55
N THR P 271 -116.38 -69.85 19.26
CA THR P 271 -117.35 -70.35 18.29
C THR P 271 -116.64 -71.26 17.29
N LEU P 272 -117.25 -72.41 16.95
CA LEU P 272 -116.80 -73.26 15.84
C LEU P 272 -118.02 -73.66 15.01
N GLY P 273 -117.95 -73.50 13.68
CA GLY P 273 -119.13 -73.62 12.82
C GLY P 273 -120.23 -72.64 13.25
N THR P 274 -121.40 -73.17 13.64
CA THR P 274 -122.50 -72.42 14.26
C THR P 274 -122.50 -72.45 15.80
N GLN P 275 -121.69 -73.32 16.42
CA GLN P 275 -121.73 -73.58 17.86
C GLN P 275 -121.12 -72.44 18.69
N ARG P 276 -121.46 -72.42 19.99
CA ARG P 276 -120.77 -71.68 21.05
C ARG P 276 -120.27 -72.68 22.09
N TYR P 277 -119.10 -72.41 22.69
CA TYR P 277 -118.50 -73.25 23.71
C TYR P 277 -118.34 -72.48 25.02
N PHE P 278 -118.49 -73.18 26.13
CA PHE P 278 -118.70 -72.63 27.46
C PHE P 278 -117.80 -73.32 28.47
N LEU P 279 -117.46 -72.59 29.52
CA LEU P 279 -116.56 -73.03 30.58
C LEU P 279 -117.34 -73.11 31.90
N TYR P 280 -117.01 -74.09 32.74
CA TYR P 280 -117.59 -74.28 34.07
C TYR P 280 -116.51 -74.63 35.08
N GLY P 281 -116.52 -74.00 36.24
CA GLY P 281 -115.62 -74.36 37.35
C GLY P 281 -116.25 -75.43 38.24
N THR P 282 -115.45 -76.24 38.92
CA THR P 282 -115.97 -77.10 40.00
C THR P 282 -114.95 -77.26 41.12
N HIS P 283 -115.44 -77.50 42.34
CA HIS P 283 -114.56 -77.83 43.50
C HIS P 283 -114.61 -79.35 43.68
N SER P 284 -115.32 -80.08 42.80
CA SER P 284 -115.49 -81.52 42.93
C SER P 284 -114.15 -82.26 42.93
N THR P 285 -114.06 -83.27 43.79
CA THR P 285 -112.96 -84.24 43.84
C THR P 285 -113.13 -85.38 42.84
N ALA P 286 -114.21 -85.41 42.07
CA ALA P 286 -114.50 -86.46 41.09
C ALA P 286 -113.37 -86.60 40.06
N GLN P 287 -112.88 -87.83 39.88
CA GLN P 287 -111.77 -88.12 38.96
C GLN P 287 -112.22 -88.23 37.50
N ASN P 288 -113.48 -88.60 37.24
CA ASN P 288 -113.99 -88.88 35.91
C ASN P 288 -114.93 -87.76 35.42
N ILE P 289 -114.60 -87.15 34.29
CA ILE P 289 -115.37 -86.06 33.68
C ILE P 289 -116.83 -86.45 33.35
N ASN P 290 -117.11 -87.74 33.16
CA ASN P 290 -118.45 -88.21 32.85
C ASN P 290 -119.41 -88.13 34.05
N ASP P 291 -118.96 -88.48 35.27
CA ASP P 291 -119.86 -88.63 36.47
C ASP P 291 -120.10 -87.36 37.29
N ILE P 292 -119.41 -86.27 37.02
CA ILE P 292 -119.69 -84.99 37.69
C ILE P 292 -121.18 -84.63 37.49
N LYS P 293 -121.83 -84.10 38.52
CA LYS P 293 -123.26 -83.75 38.48
C LYS P 293 -123.50 -82.52 37.56
N LEU P 294 -124.78 -82.17 37.36
CA LEU P 294 -125.10 -80.91 36.65
C LEU P 294 -124.99 -79.80 37.72
N GLN P 295 -125.06 -80.17 39.01
CA GLN P 295 -124.99 -79.21 40.14
C GLN P 295 -123.54 -78.76 40.41
N GLU P 296 -122.58 -79.68 40.37
CA GLU P 296 -121.17 -79.37 40.72
C GLU P 296 -120.67 -78.16 39.91
N LEU P 297 -121.02 -78.06 38.62
CA LEU P 297 -120.49 -76.99 37.74
C LEU P 297 -120.86 -75.60 38.25
N ILE P 298 -119.93 -74.64 38.22
CA ILE P 298 -120.17 -73.22 38.59
C ILE P 298 -120.11 -72.45 37.26
N PRO P 299 -121.24 -72.16 36.61
CA PRO P 299 -121.23 -71.59 35.27
C PRO P 299 -120.69 -70.18 35.32
N LEU P 300 -120.07 -69.70 34.23
CA LEU P 300 -119.48 -68.33 34.19
C LEU P 300 -120.40 -67.41 33.38
N THR P 301 -121.05 -66.44 34.04
CA THR P 301 -121.99 -65.49 33.40
C THR P 301 -121.39 -64.09 33.47
N ASN P 302 -120.19 -63.94 34.03
CA ASN P 302 -119.51 -62.65 34.09
C ASN P 302 -118.04 -62.84 33.69
N THR P 303 -117.45 -61.90 32.95
CA THR P 303 -115.98 -61.78 32.87
C THR P 303 -115.42 -60.52 33.54
N GLN P 304 -116.28 -59.50 33.73
CA GLN P 304 -115.87 -58.16 34.21
C GLN P 304 -115.43 -58.10 35.69
N ASP P 305 -115.65 -59.14 36.50
CA ASP P 305 -115.31 -59.06 37.94
C ASP P 305 -114.24 -60.05 38.37
N TYR P 306 -113.61 -59.78 39.52
CA TYR P 306 -112.66 -60.72 40.14
C TYR P 306 -113.35 -61.91 40.83
N VAL P 307 -114.68 -61.91 40.94
CA VAL P 307 -115.44 -62.86 41.76
C VAL P 307 -115.21 -64.31 41.35
N GLN P 308 -115.03 -65.20 42.34
CA GLN P 308 -114.83 -66.64 42.14
C GLN P 308 -116.12 -67.38 41.81
N GLY P 309 -117.26 -66.83 42.24
CA GLY P 309 -118.52 -67.56 42.32
C GLY P 309 -118.54 -68.51 43.52
N PHE P 310 -119.54 -69.39 43.57
CA PHE P 310 -119.66 -70.43 44.59
C PHE P 310 -120.49 -71.61 44.08
N ASP P 311 -120.38 -72.74 44.75
CA ASP P 311 -121.06 -73.98 44.41
C ASP P 311 -122.55 -73.99 44.84
N TRP P 312 -123.38 -74.79 44.17
CA TRP P 312 -124.80 -74.97 44.48
C TRP P 312 -125.05 -75.48 45.91
N THR P 313 -124.08 -76.13 46.53
CA THR P 313 -124.13 -76.50 47.95
C THR P 313 -124.24 -75.29 48.90
N GLU P 314 -123.94 -74.07 48.43
CA GLU P 314 -124.13 -72.82 49.19
C GLU P 314 -125.45 -72.10 48.85
N LYS P 315 -126.40 -72.77 48.17
CA LYS P 315 -127.76 -72.27 47.89
C LYS P 315 -128.40 -71.60 49.12
N ASP P 316 -128.34 -72.26 50.27
CA ASP P 316 -128.93 -71.78 51.52
C ASP P 316 -128.13 -70.64 52.19
N LYS P 317 -126.87 -70.39 51.81
CA LYS P 317 -126.09 -69.25 52.33
C LYS P 317 -126.44 -67.94 51.64
N HIS P 318 -126.91 -68.00 50.38
CA HIS P 318 -127.29 -66.81 49.56
C HIS P 318 -128.79 -66.85 49.24
N ASN P 319 -129.61 -67.52 50.05
CA ASN P 319 -131.07 -67.57 49.92
C ASN P 319 -131.54 -67.85 48.49
N ILE P 320 -130.78 -68.65 47.73
CA ILE P 320 -131.06 -68.96 46.33
C ILE P 320 -132.29 -69.87 46.23
N THR P 321 -133.22 -69.50 45.36
CA THR P 321 -134.45 -70.26 45.11
C THR P 321 -134.42 -71.06 43.81
N THR P 322 -133.61 -70.64 42.83
CA THR P 322 -133.57 -71.25 41.48
C THR P 322 -132.16 -71.22 40.90
N TYR P 323 -131.92 -72.04 39.86
CA TYR P 323 -130.68 -71.97 39.09
C TYR P 323 -130.47 -70.59 38.45
N LYS P 324 -131.53 -69.84 38.13
CA LYS P 324 -131.45 -68.43 37.71
C LYS P 324 -130.77 -67.55 38.76
N GLU P 325 -131.12 -67.70 40.03
CA GLU P 325 -130.42 -67.00 41.13
C GLU P 325 -129.02 -67.57 41.41
N PHE P 326 -128.79 -68.86 41.18
CA PHE P 326 -127.45 -69.43 41.22
C PHE P 326 -126.53 -68.84 40.14
N LEU P 327 -127.02 -68.70 38.89
CA LEU P 327 -126.34 -68.01 37.78
C LEU P 327 -125.97 -66.57 38.14
N THR P 328 -126.89 -65.80 38.74
CA THR P 328 -126.63 -64.38 39.00
C THR P 328 -125.78 -64.16 40.24
N LYS P 329 -126.04 -64.88 41.35
CA LYS P 329 -125.26 -64.72 42.58
C LYS P 329 -123.94 -65.50 42.58
N GLY P 330 -123.92 -66.70 42.03
CA GLY P 330 -122.86 -67.70 42.25
C GLY P 330 -121.96 -68.00 41.07
N ALA P 331 -122.17 -67.41 39.90
CA ALA P 331 -121.28 -67.62 38.77
C ALA P 331 -119.86 -67.06 39.00
N GLY P 332 -118.85 -67.75 38.46
CA GLY P 332 -117.44 -67.43 38.65
C GLY P 332 -116.80 -66.76 37.44
N ASN P 333 -115.90 -65.80 37.63
CA ASN P 333 -115.18 -65.22 36.49
C ASN P 333 -114.01 -66.14 36.13
N PRO P 334 -113.79 -66.50 34.85
CA PRO P 334 -112.80 -67.52 34.45
C PRO P 334 -111.36 -67.10 34.78
N PHE P 335 -111.13 -65.81 34.93
CA PHE P 335 -109.83 -65.20 35.25
C PHE P 335 -109.60 -65.00 36.75
N HIS P 336 -110.47 -65.51 37.63
CA HIS P 336 -110.18 -65.55 39.06
C HIS P 336 -108.93 -66.42 39.34
N ALA P 337 -108.20 -66.15 40.41
CA ALA P 337 -106.89 -66.73 40.69
C ALA P 337 -106.84 -68.27 40.73
N GLU P 338 -107.96 -68.95 41.01
CA GLU P 338 -108.02 -70.42 40.91
C GLU P 338 -108.50 -70.93 39.54
N TRP P 339 -109.41 -70.24 38.85
CA TRP P 339 -109.88 -70.65 37.53
C TRP P 339 -108.92 -70.30 36.39
N ILE P 340 -108.13 -69.23 36.51
CA ILE P 340 -107.20 -68.73 35.48
C ILE P 340 -106.17 -69.79 35.05
N THR P 341 -105.67 -70.58 35.99
CA THR P 341 -104.74 -71.71 35.78
C THR P 341 -105.37 -73.06 36.17
N ALA P 342 -106.69 -73.10 36.38
CA ALA P 342 -107.43 -74.28 36.81
C ALA P 342 -106.80 -74.99 38.03
N GLN P 343 -106.40 -74.23 39.05
CA GLN P 343 -105.91 -74.78 40.32
C GLN P 343 -106.95 -75.74 40.92
N ASN P 344 -108.23 -75.33 40.86
CA ASN P 344 -109.38 -76.21 41.01
C ASN P 344 -109.94 -76.48 39.60
N PRO P 345 -110.35 -77.72 39.26
CA PRO P 345 -110.67 -78.08 37.88
C PRO P 345 -111.69 -77.16 37.19
N VAL P 346 -111.47 -76.96 35.89
CA VAL P 346 -112.30 -76.15 34.99
C VAL P 346 -112.64 -77.00 33.78
N ILE P 347 -113.92 -76.99 33.40
CA ILE P 347 -114.50 -77.87 32.41
C ILE P 347 -114.95 -77.06 31.19
N HIS P 348 -114.52 -77.43 30.00
CA HIS P 348 -114.89 -76.81 28.72
C HIS P 348 -115.89 -77.70 28.00
N THR P 349 -116.97 -77.15 27.46
CA THR P 349 -118.04 -77.92 26.80
C THR P 349 -118.79 -77.13 25.74
N ALA P 350 -119.40 -77.82 24.77
CA ALA P 350 -120.37 -77.22 23.86
C ALA P 350 -121.73 -76.97 24.54
N ASN P 351 -122.02 -77.61 25.68
CA ASN P 351 -123.35 -77.53 26.29
C ASN P 351 -123.58 -76.17 26.96
N SER P 352 -124.46 -75.36 26.36
CA SER P 352 -124.77 -74.02 26.86
C SER P 352 -125.44 -74.08 28.24
N PRO P 353 -125.13 -73.13 29.14
CA PRO P 353 -125.82 -73.01 30.42
C PRO P 353 -127.33 -72.98 30.29
N THR P 354 -127.89 -72.44 29.20
CA THR P 354 -129.34 -72.42 28.98
C THR P 354 -129.93 -73.81 28.71
N GLN P 355 -129.17 -74.75 28.14
CA GLN P 355 -129.62 -76.14 28.12
C GLN P 355 -129.62 -76.73 29.54
N ILE P 356 -128.60 -76.40 30.36
CA ILE P 356 -128.61 -76.75 31.79
C ILE P 356 -129.76 -76.05 32.54
N GLU P 357 -130.11 -74.80 32.21
CA GLU P 357 -131.28 -74.10 32.76
C GLU P 357 -132.55 -74.90 32.44
N GLN P 358 -132.73 -75.32 31.18
CA GLN P 358 -133.88 -76.14 30.80
C GLN P 358 -133.92 -77.45 31.60
N ILE P 359 -132.80 -78.12 31.82
CA ILE P 359 -132.78 -79.34 32.65
C ILE P 359 -133.13 -79.05 34.12
N TYR P 360 -132.56 -78.01 34.73
CA TYR P 360 -132.91 -77.59 36.10
C TYR P 360 -134.38 -77.17 36.21
N THR P 361 -134.82 -76.22 35.38
CA THR P 361 -136.15 -75.62 35.46
C THR P 361 -137.24 -76.62 35.11
N ALA P 362 -137.00 -77.54 34.16
CA ALA P 362 -137.94 -78.61 33.86
C ALA P 362 -138.21 -79.48 35.09
N SER P 363 -137.17 -79.87 35.84
CA SER P 363 -137.33 -80.42 37.20
C SER P 363 -136.04 -80.31 38.05
N THR P 364 -136.15 -79.56 39.15
CA THR P 364 -135.06 -79.36 40.13
C THR P 364 -134.68 -80.67 40.83
N THR P 365 -135.65 -81.57 41.02
CA THR P 365 -135.42 -82.90 41.60
C THR P 365 -134.58 -83.80 40.69
N THR P 366 -134.72 -83.69 39.36
CA THR P 366 -133.85 -84.44 38.42
C THR P 366 -132.51 -83.75 38.16
N PHE P 367 -132.33 -82.49 38.55
CA PHE P 367 -131.00 -81.84 38.55
C PHE P 367 -130.03 -82.52 39.53
N GLN P 368 -130.53 -83.04 40.65
CA GLN P 368 -129.78 -83.91 41.56
C GLN P 368 -129.36 -85.22 40.87
N ASN P 369 -130.27 -85.82 40.09
CA ASN P 369 -130.02 -87.12 39.44
C ASN P 369 -129.09 -87.01 38.23
N LYS P 370 -129.26 -85.98 37.39
CA LYS P 370 -128.50 -85.82 36.14
C LYS P 370 -127.01 -85.56 36.41
N LYS P 371 -126.16 -86.25 35.64
CA LYS P 371 -124.71 -86.09 35.59
C LYS P 371 -124.28 -85.55 34.22
N LEU P 372 -122.97 -85.40 34.00
CA LEU P 372 -122.40 -84.99 32.71
C LEU P 372 -122.58 -86.04 31.60
N THR P 373 -122.85 -87.30 31.94
CA THR P 373 -123.40 -88.30 31.01
C THR P 373 -124.80 -87.92 30.52
N ASP P 374 -125.13 -88.30 29.28
CA ASP P 374 -126.46 -88.12 28.67
C ASP P 374 -126.99 -86.66 28.68
N LEU P 375 -126.10 -85.67 28.72
CA LEU P 375 -126.45 -84.27 28.53
C LEU P 375 -126.51 -83.88 27.05
N PRO P 376 -127.23 -82.81 26.68
CA PRO P 376 -127.18 -82.29 25.32
C PRO P 376 -125.78 -81.77 24.98
N THR P 377 -125.34 -81.97 23.73
CA THR P 377 -124.00 -81.59 23.22
C THR P 377 -122.89 -81.72 24.28
N PRO P 378 -122.63 -82.91 24.86
CA PRO P 378 -121.71 -83.01 25.98
C PRO P 378 -120.23 -83.18 25.66
N GLY P 379 -119.56 -82.10 25.23
CA GLY P 379 -118.12 -82.13 24.95
C GLY P 379 -117.36 -81.75 26.20
N TYR P 380 -117.75 -82.30 27.36
CA TYR P 380 -117.11 -81.97 28.66
C TYR P 380 -115.66 -82.44 28.66
N ILE P 381 -114.69 -81.53 28.75
CA ILE P 381 -113.23 -81.84 28.73
C ILE P 381 -112.59 -81.12 29.92
N PHE P 382 -111.29 -81.31 30.20
CA PHE P 382 -110.58 -80.53 31.26
C PHE P 382 -109.61 -79.58 30.56
N ILE P 383 -109.92 -78.28 30.49
CA ILE P 383 -109.10 -77.30 29.76
C ILE P 383 -108.68 -76.17 30.71
N THR P 384 -107.43 -75.69 30.59
CA THR P 384 -106.90 -74.58 31.42
C THR P 384 -106.91 -73.28 30.61
N PRO P 385 -107.50 -72.17 31.10
CA PRO P 385 -107.51 -70.90 30.38
C PRO P 385 -106.10 -70.35 30.11
N THR P 386 -105.16 -70.60 31.02
CA THR P 386 -103.74 -70.22 30.89
C THR P 386 -102.87 -71.43 30.55
N VAL P 387 -101.86 -71.19 29.73
CA VAL P 387 -100.68 -72.07 29.58
C VAL P 387 -99.41 -71.25 29.85
N SER P 388 -98.38 -71.87 30.40
CA SER P 388 -97.05 -71.26 30.59
C SER P 388 -96.09 -71.78 29.53
N LEU P 389 -95.48 -70.87 28.77
CA LEU P 389 -94.45 -71.14 27.77
C LEU P 389 -93.06 -70.85 28.37
N ARG P 390 -92.02 -71.50 27.84
CA ARG P 390 -90.61 -71.13 28.08
C ARG P 390 -90.03 -70.48 26.84
N TYR P 391 -89.42 -69.31 27.01
CA TYR P 391 -88.72 -68.57 25.96
C TYR P 391 -87.24 -68.50 26.28
N ASN P 392 -86.39 -68.77 25.29
CA ASN P 392 -84.95 -68.62 25.40
C ASN P 392 -84.48 -67.61 24.33
N PRO P 393 -83.87 -66.47 24.71
CA PRO P 393 -83.49 -65.45 23.75
C PRO P 393 -82.38 -65.92 22.79
N TYR P 394 -81.52 -66.83 23.25
CA TYR P 394 -80.38 -67.32 22.43
C TYR P 394 -80.88 -68.34 21.42
N LYS P 395 -82.08 -68.89 21.64
CA LYS P 395 -82.68 -69.90 20.71
C LYS P 395 -83.61 -69.18 19.72
N ASP P 396 -83.67 -67.85 19.76
CA ASP P 396 -84.60 -67.06 18.90
C ASP P 396 -83.90 -66.60 17.62
N LEU P 397 -84.45 -66.93 16.44
CA LEU P 397 -83.83 -66.62 15.15
C LEU P 397 -84.61 -65.55 14.38
N ALA P 398 -85.74 -65.07 14.90
CA ALA P 398 -86.51 -63.99 14.30
C ALA P 398 -86.97 -64.21 12.84
N GLU P 399 -87.18 -65.45 12.38
CA GLU P 399 -87.54 -65.72 10.98
C GLU P 399 -89.03 -65.49 10.70
N ARG P 400 -89.89 -65.70 11.71
CA ARG P 400 -91.36 -65.54 11.59
C ARG P 400 -91.97 -64.85 12.82
N ASN P 401 -91.17 -64.06 13.51
CA ASN P 401 -91.60 -63.24 14.64
C ASN P 401 -92.50 -62.09 14.17
N LYS P 402 -93.50 -61.72 14.97
CA LYS P 402 -94.52 -60.73 14.61
C LYS P 402 -95.19 -60.18 15.87
N CYS P 403 -95.75 -58.99 15.83
CA CYS P 403 -96.31 -58.31 16.99
C CYS P 403 -97.33 -57.23 16.58
N TYR P 404 -98.50 -57.17 17.23
CA TYR P 404 -99.54 -56.18 16.94
C TYR P 404 -100.59 -56.08 18.06
N PHE P 405 -101.40 -55.02 18.02
CA PHE P 405 -102.51 -54.83 18.96
C PHE P 405 -103.85 -55.12 18.31
N VAL P 406 -104.74 -55.83 19.02
CA VAL P 406 -106.14 -56.10 18.64
C VAL P 406 -107.09 -55.47 19.65
N ARG P 407 -108.31 -55.15 19.24
CA ARG P 407 -109.32 -54.50 20.09
C ARG P 407 -109.89 -55.49 21.11
N SER P 408 -109.78 -55.20 22.41
CA SER P 408 -110.24 -56.12 23.46
C SER P 408 -111.76 -56.04 23.69
N LYS P 409 -112.30 -54.83 23.93
CA LYS P 409 -113.76 -54.61 24.03
C LYS P 409 -114.41 -54.40 22.65
N ILE P 410 -114.46 -55.44 21.82
CA ILE P 410 -115.35 -55.51 20.65
C ILE P 410 -115.88 -56.93 20.45
N ASN P 411 -117.02 -57.02 19.76
CA ASN P 411 -117.66 -58.28 19.42
C ASN P 411 -117.07 -58.90 18.14
N ALA P 412 -115.77 -59.21 18.14
CA ALA P 412 -115.09 -59.82 16.99
C ALA P 412 -114.27 -61.06 17.39
N HIS P 413 -114.41 -62.12 16.62
CA HIS P 413 -113.77 -63.41 16.88
C HIS P 413 -112.30 -63.42 16.42
N GLY P 414 -111.49 -64.25 17.07
CA GLY P 414 -110.15 -64.60 16.61
C GLY P 414 -109.09 -63.54 16.87
N TRP P 415 -107.85 -63.89 16.55
CA TRP P 415 -106.64 -63.18 16.94
C TRP P 415 -105.81 -62.66 15.75
N ASP P 416 -106.32 -62.81 14.52
CA ASP P 416 -105.54 -62.43 13.31
C ASP P 416 -105.13 -60.95 13.38
N PRO P 417 -104.01 -60.53 12.76
CA PRO P 417 -103.64 -59.12 12.74
C PRO P 417 -104.80 -58.38 12.10
N GLU P 418 -105.27 -57.31 12.74
CA GLU P 418 -106.47 -56.56 12.24
C GLU P 418 -106.22 -55.05 12.37
N GLN P 419 -107.16 -54.24 11.88
CA GLN P 419 -107.06 -52.76 11.94
C GLN P 419 -105.78 -52.33 11.20
N HIS P 420 -104.85 -51.62 11.86
CA HIS P 420 -103.63 -51.07 11.20
C HIS P 420 -102.68 -52.22 10.82
N GLN P 421 -102.47 -52.43 9.52
CA GLN P 421 -101.52 -53.46 9.02
C GLN P 421 -100.14 -52.81 8.88
N GLU P 422 -100.08 -51.47 8.86
CA GLU P 422 -98.79 -50.78 8.84
C GLU P 422 -98.14 -50.71 10.23
N LEU P 423 -98.91 -50.93 11.30
CA LEU P 423 -98.41 -50.96 12.68
C LEU P 423 -97.88 -52.35 13.09
N ILE P 424 -98.10 -53.40 12.29
CA ILE P 424 -97.53 -54.71 12.55
C ILE P 424 -96.01 -54.60 12.55
N ASN P 425 -95.36 -55.13 13.62
CA ASN P 425 -93.87 -55.14 13.77
C ASN P 425 -93.39 -56.58 13.58
N SER P 426 -92.44 -56.85 12.67
CA SER P 426 -92.07 -58.19 12.24
C SER P 426 -90.54 -58.38 12.17
N ASP P 427 -90.10 -59.64 12.21
CA ASP P 427 -88.74 -60.08 11.83
C ASP P 427 -87.59 -59.51 12.67
N LEU P 428 -87.79 -59.34 13.98
CA LEU P 428 -86.74 -59.08 14.96
C LEU P 428 -86.91 -60.07 16.13
N PRO P 429 -85.86 -60.40 16.89
CA PRO P 429 -86.01 -61.28 18.05
C PRO P 429 -86.92 -60.63 19.07
N GLN P 430 -87.80 -61.40 19.76
CA GLN P 430 -88.86 -60.87 20.66
C GLN P 430 -88.40 -59.83 21.70
N TRP P 431 -87.19 -59.92 22.23
CA TRP P 431 -86.65 -58.93 23.14
C TRP P 431 -86.33 -57.58 22.47
N LEU P 432 -86.05 -57.58 21.17
CA LEU P 432 -85.90 -56.37 20.36
C LEU P 432 -87.23 -55.93 19.76
N LEU P 433 -88.06 -56.87 19.32
CA LEU P 433 -89.35 -56.59 18.68
C LEU P 433 -90.33 -55.90 19.63
N LEU P 434 -90.37 -56.29 20.90
CA LEU P 434 -91.29 -55.72 21.88
C LEU P 434 -90.77 -54.41 22.48
N PHE P 435 -89.46 -54.13 22.45
CA PHE P 435 -88.89 -52.99 23.18
C PHE P 435 -89.42 -51.66 22.66
N GLY P 436 -90.12 -50.90 23.51
CA GLY P 436 -90.70 -49.61 23.14
C GLY P 436 -91.85 -49.67 22.13
N TYR P 437 -92.28 -50.84 21.66
CA TYR P 437 -93.35 -50.96 20.68
C TYR P 437 -94.70 -50.45 21.20
N PRO P 438 -95.16 -50.79 22.42
CA PRO P 438 -96.36 -50.19 22.99
C PRO P 438 -96.31 -48.66 23.08
N ASP P 439 -95.17 -48.07 23.41
CA ASP P 439 -95.04 -46.61 23.45
C ASP P 439 -95.03 -45.97 22.08
N TYR P 440 -94.42 -46.61 21.07
CA TYR P 440 -94.58 -46.14 19.69
C TYR P 440 -96.05 -46.12 19.28
N ILE P 441 -96.81 -47.17 19.63
CA ILE P 441 -98.22 -47.25 19.32
C ILE P 441 -99.03 -46.18 20.06
N LYS P 442 -98.80 -45.98 21.37
CA LYS P 442 -99.43 -44.90 22.13
C LYS P 442 -99.13 -43.52 21.54
N ARG P 443 -97.86 -43.23 21.22
CA ARG P 443 -97.45 -41.91 20.67
C ARG P 443 -98.03 -41.74 19.26
N THR P 444 -98.19 -42.83 18.50
CA THR P 444 -98.82 -42.78 17.18
C THR P 444 -100.30 -42.38 17.25
N GLN P 445 -101.00 -42.71 18.34
CA GLN P 445 -102.41 -42.27 18.58
C GLN P 445 -103.40 -42.80 17.51
N ASN P 446 -103.04 -43.84 16.76
CA ASN P 446 -103.95 -44.48 15.79
C ASN P 446 -104.95 -45.47 16.44
N PHE P 447 -104.87 -45.68 17.75
CA PHE P 447 -105.79 -46.51 18.53
C PHE P 447 -106.40 -45.70 19.68
N ALA P 448 -107.60 -46.09 20.13
CA ALA P 448 -108.21 -45.50 21.32
C ALA P 448 -107.30 -45.74 22.53
N LEU P 449 -106.96 -44.66 23.24
CA LEU P 449 -105.71 -44.59 24.02
C LEU P 449 -105.63 -45.55 25.22
N VAL P 450 -106.78 -45.96 25.77
CA VAL P 450 -106.82 -46.62 27.07
C VAL P 450 -106.35 -48.08 27.03
N ASP P 451 -105.49 -48.48 27.97
CA ASP P 451 -104.90 -49.85 28.01
C ASP P 451 -105.96 -50.94 28.08
N THR P 452 -107.14 -50.63 28.62
CA THR P 452 -108.20 -51.63 28.81
C THR P 452 -108.90 -52.03 27.50
N ASN P 453 -108.72 -51.28 26.43
CA ASN P 453 -109.50 -51.47 25.20
C ASN P 453 -108.73 -52.21 24.10
N TYR P 454 -107.47 -52.60 24.36
CA TYR P 454 -106.63 -53.35 23.43
C TYR P 454 -105.91 -54.49 24.13
N ILE P 455 -105.49 -55.49 23.36
CA ILE P 455 -104.58 -56.56 23.75
C ILE P 455 -103.41 -56.57 22.78
N LEU P 456 -102.22 -56.81 23.29
CA LEU P 456 -101.01 -57.12 22.55
C LEU P 456 -100.95 -58.63 22.27
N VAL P 457 -100.70 -58.97 21.01
CA VAL P 457 -100.65 -60.32 20.47
C VAL P 457 -99.34 -60.48 19.70
N ASP P 458 -98.62 -61.59 19.88
CA ASP P 458 -97.36 -61.81 19.16
C ASP P 458 -97.17 -63.26 18.72
N HIS P 459 -96.52 -63.46 17.58
CA HIS P 459 -96.15 -64.78 17.06
C HIS P 459 -94.66 -65.00 17.25
N CYS P 460 -94.27 -66.18 17.74
CA CYS P 460 -92.89 -66.57 17.95
C CYS P 460 -92.76 -68.09 17.83
N PRO P 461 -92.11 -68.62 16.77
CA PRO P 461 -91.82 -70.04 16.62
C PRO P 461 -90.97 -70.67 17.74
N TYR P 462 -90.27 -69.85 18.52
CA TYR P 462 -89.08 -70.27 19.26
C TYR P 462 -89.31 -70.56 20.75
N THR P 463 -90.53 -70.46 21.27
CA THR P 463 -90.86 -71.07 22.56
C THR P 463 -90.86 -72.59 22.44
N ASN P 464 -90.50 -73.30 23.52
CA ASN P 464 -90.35 -74.76 23.46
C ASN P 464 -91.71 -75.49 23.33
N PRO P 465 -92.70 -75.24 24.20
CA PRO P 465 -94.10 -75.39 23.84
C PRO P 465 -94.52 -74.22 22.94
N GLU P 466 -95.66 -74.31 22.28
CA GLU P 466 -96.15 -73.24 21.39
C GLU P 466 -97.65 -73.01 21.53
N LYS P 467 -98.07 -71.80 21.15
CA LYS P 467 -99.44 -71.42 20.79
C LYS P 467 -99.35 -70.51 19.57
N THR P 468 -100.32 -70.57 18.65
CA THR P 468 -100.17 -69.95 17.31
C THR P 468 -99.90 -68.44 17.44
N PRO P 469 -100.80 -67.61 18.01
CA PRO P 469 -100.39 -66.39 18.69
C PRO P 469 -100.17 -66.65 20.19
N PHE P 470 -99.51 -65.66 20.81
CA PHE P 470 -99.36 -65.65 22.29
C PHE P 470 -100.16 -64.45 22.77
N ILE P 471 -100.80 -64.53 23.94
CA ILE P 471 -101.48 -63.35 24.53
C ILE P 471 -100.77 -63.16 25.87
N PRO P 472 -99.53 -62.60 25.93
CA PRO P 472 -98.80 -62.56 27.19
C PRO P 472 -99.65 -62.00 28.33
N LEU P 473 -99.55 -62.56 29.53
CA LEU P 473 -100.21 -62.07 30.73
C LEU P 473 -99.22 -61.98 31.88
N SER P 474 -99.28 -60.90 32.66
CA SER P 474 -98.37 -60.72 33.77
C SER P 474 -98.68 -61.66 34.92
N THR P 475 -97.66 -62.05 35.67
CA THR P 475 -97.80 -62.88 36.88
C THR P 475 -98.80 -62.29 37.86
N SER P 476 -98.92 -60.96 37.95
CA SER P 476 -99.95 -60.30 38.77
C SER P 476 -101.38 -60.65 38.36
N PHE P 477 -101.71 -60.67 37.06
CA PHE P 477 -103.04 -61.08 36.58
C PHE P 477 -103.27 -62.59 36.70
N ILE P 478 -102.23 -63.39 36.50
CA ILE P 478 -102.24 -64.84 36.73
C ILE P 478 -102.34 -65.19 38.22
N GLU P 479 -102.06 -64.26 39.12
CA GLU P 479 -102.16 -64.40 40.58
C GLU P 479 -103.27 -63.55 41.21
N GLY P 480 -104.14 -62.92 40.42
CA GLY P 480 -105.27 -62.16 40.95
C GLY P 480 -104.87 -60.90 41.73
N ARG P 481 -104.08 -60.02 41.09
CA ARG P 481 -103.56 -58.79 41.76
C ARG P 481 -103.44 -57.64 40.75
N SER P 482 -103.48 -56.39 41.22
CA SER P 482 -103.41 -55.20 40.34
C SER P 482 -102.07 -55.11 39.58
N PRO P 483 -102.02 -54.46 38.40
CA PRO P 483 -100.90 -54.51 37.46
C PRO P 483 -99.49 -54.28 38.05
N TYR P 484 -99.36 -53.37 39.01
CA TYR P 484 -98.10 -53.06 39.73
C TYR P 484 -98.30 -53.07 41.25
N SER P 485 -99.03 -54.05 41.79
CA SER P 485 -99.30 -54.17 43.23
C SER P 485 -98.42 -55.25 43.88
N PRO P 486 -97.89 -55.01 45.11
CA PRO P 486 -96.96 -55.93 45.76
C PRO P 486 -97.60 -57.29 46.07
N SER P 487 -96.79 -58.35 45.95
CA SER P 487 -97.22 -59.75 46.03
C SER P 487 -97.90 -60.17 47.33
N ASP P 488 -97.77 -59.38 48.41
CA ASP P 488 -98.48 -59.67 49.70
C ASP P 488 -100.00 -59.56 49.48
N THR P 489 -100.42 -58.81 48.47
CA THR P 489 -101.82 -58.63 48.11
C THR P 489 -102.36 -59.84 47.34
N HIS P 490 -103.62 -60.25 47.60
CA HIS P 490 -104.26 -61.42 46.94
C HIS P 490 -105.63 -61.04 46.35
N GLU P 491 -105.86 -59.76 46.03
CA GLU P 491 -107.05 -59.25 45.35
C GLU P 491 -106.69 -58.00 44.53
N PRO P 492 -107.36 -57.73 43.41
CA PRO P 492 -107.30 -56.42 42.78
C PRO P 492 -107.81 -55.30 43.71
N ASP P 493 -107.31 -54.08 43.53
CA ASP P 493 -107.93 -52.85 44.06
C ASP P 493 -109.24 -52.55 43.33
N GLU P 494 -110.19 -51.81 43.92
CA GLU P 494 -111.58 -51.71 43.43
C GLU P 494 -111.73 -51.40 41.92
N GLU P 495 -110.91 -50.48 41.40
CA GLU P 495 -110.94 -50.14 39.97
C GLU P 495 -110.41 -51.26 39.06
N ASP P 496 -109.53 -52.14 39.56
CA ASP P 496 -109.12 -53.38 38.90
C ASP P 496 -109.99 -54.59 39.30
N GLN P 497 -110.81 -54.51 40.36
CA GLN P 497 -111.86 -55.51 40.60
C GLN P 497 -112.94 -55.41 39.53
N ASN P 498 -113.27 -54.18 39.13
CA ASN P 498 -113.91 -53.90 37.84
C ASN P 498 -112.91 -54.09 36.69
N ARG P 499 -113.48 -54.34 35.50
CA ARG P 499 -112.68 -54.52 34.26
C ARG P 499 -111.65 -55.63 34.44
N TRP P 500 -111.95 -56.70 35.21
CA TRP P 500 -111.00 -57.83 35.46
C TRP P 500 -111.03 -58.80 34.27
N TYR P 501 -110.48 -58.39 33.14
CA TYR P 501 -110.45 -59.19 31.91
C TYR P 501 -109.17 -58.92 31.10
N PRO P 502 -108.74 -59.81 30.19
CA PRO P 502 -107.55 -59.63 29.38
C PRO P 502 -107.49 -58.28 28.63
N CYS P 503 -106.48 -57.49 28.92
CA CYS P 503 -106.17 -56.25 28.21
C CYS P 503 -104.72 -55.84 28.49
N TYR P 504 -104.19 -54.92 27.68
CA TYR P 504 -102.78 -54.51 27.70
C TYR P 504 -102.30 -54.05 29.09
N GLN P 505 -103.17 -53.48 29.91
CA GLN P 505 -102.82 -53.04 31.29
C GLN P 505 -102.30 -54.23 32.12
N TYR P 506 -102.83 -55.43 31.93
CA TYR P 506 -102.37 -56.63 32.62
C TYR P 506 -101.21 -57.34 31.91
N GLN P 507 -100.88 -56.98 30.67
CA GLN P 507 -99.77 -57.58 29.91
C GLN P 507 -98.41 -56.92 30.16
N GLN P 508 -98.39 -55.69 30.69
CA GLN P 508 -97.20 -54.83 30.71
C GLN P 508 -95.96 -55.48 31.34
N GLU P 509 -96.09 -56.10 32.50
CA GLU P 509 -94.95 -56.71 33.19
C GLU P 509 -94.42 -57.94 32.42
N SER P 510 -95.27 -58.69 31.72
CA SER P 510 -94.82 -59.83 30.92
C SER P 510 -93.96 -59.41 29.72
N ILE P 511 -94.34 -58.38 28.98
CA ILE P 511 -93.53 -57.91 27.86
C ILE P 511 -92.28 -57.17 28.32
N ASN P 512 -92.31 -56.51 29.47
CA ASN P 512 -91.10 -56.00 30.10
C ASN P 512 -90.15 -57.15 30.45
N SER P 513 -90.67 -58.25 31.00
CA SER P 513 -89.88 -59.43 31.33
C SER P 513 -89.24 -60.08 30.10
N ILE P 514 -89.95 -60.13 28.97
CA ILE P 514 -89.38 -60.57 27.69
C ILE P 514 -88.28 -59.62 27.22
N CYS P 515 -88.45 -58.30 27.32
CA CYS P 515 -87.40 -57.34 26.99
C CYS P 515 -86.18 -57.45 27.90
N LEU P 516 -86.37 -57.69 29.19
CA LEU P 516 -85.30 -57.96 30.16
C LEU P 516 -84.51 -59.23 29.83
N SER P 517 -85.06 -60.17 29.06
CA SER P 517 -84.26 -61.31 28.59
C SER P 517 -83.21 -60.89 27.55
N GLY P 518 -83.38 -59.74 26.90
CA GLY P 518 -82.43 -59.23 25.91
C GLY P 518 -81.16 -58.63 26.52
N PRO P 519 -80.07 -58.54 25.75
CA PRO P 519 -78.78 -58.05 26.23
C PRO P 519 -78.79 -56.55 26.55
N GLY P 520 -77.86 -56.14 27.40
CA GLY P 520 -77.63 -54.77 27.84
C GLY P 520 -78.62 -54.24 28.89
N THR P 521 -79.72 -54.93 29.14
CA THR P 521 -80.74 -54.49 30.09
C THR P 521 -80.23 -54.54 31.53
N PRO P 522 -80.35 -53.45 32.32
CA PRO P 522 -79.72 -53.35 33.63
C PRO P 522 -80.38 -54.20 34.72
N LYS P 523 -79.60 -54.48 35.77
CA LYS P 523 -80.05 -55.07 37.04
C LYS P 523 -80.26 -53.96 38.07
N ILE P 524 -81.50 -53.76 38.54
CA ILE P 524 -81.81 -52.75 39.55
C ILE P 524 -82.48 -53.45 40.74
N PRO P 525 -81.93 -53.39 41.96
CA PRO P 525 -82.56 -54.00 43.13
C PRO P 525 -83.98 -53.48 43.37
N LYS P 526 -84.89 -54.35 43.81
CA LYS P 526 -86.28 -53.95 44.11
C LYS P 526 -86.31 -52.88 45.20
N GLY P 527 -87.12 -51.85 44.99
CA GLY P 527 -87.20 -50.66 45.85
C GLY P 527 -86.17 -49.57 45.58
N ILE P 528 -85.25 -49.76 44.63
CA ILE P 528 -84.30 -48.72 44.18
C ILE P 528 -84.78 -48.17 42.83
N THR P 529 -84.76 -46.85 42.70
CA THR P 529 -85.01 -46.15 41.42
C THR P 529 -83.70 -45.62 40.90
N ALA P 530 -83.30 -46.04 39.71
CA ALA P 530 -82.16 -45.47 39.02
C ALA P 530 -82.57 -44.20 38.27
N GLU P 531 -81.69 -43.23 38.15
CA GLU P 531 -81.98 -41.91 37.57
C GLU P 531 -80.80 -41.45 36.74
N ALA P 532 -81.03 -40.59 35.75
CA ALA P 532 -79.98 -39.91 35.02
C ALA P 532 -80.39 -38.46 34.74
N LYS P 533 -79.42 -37.55 34.70
CA LYS P 533 -79.65 -36.14 34.43
C LYS P 533 -78.59 -35.54 33.51
N VAL P 534 -78.98 -34.52 32.77
CA VAL P 534 -78.10 -33.65 32.01
C VAL P 534 -78.25 -32.22 32.52
N LYS P 535 -77.18 -31.45 32.54
CA LYS P 535 -77.26 -29.99 32.68
C LYS P 535 -77.12 -29.36 31.31
N TYR P 536 -78.06 -28.51 30.93
CA TYR P 536 -78.08 -27.85 29.65
C TYR P 536 -77.79 -26.36 29.77
N SER P 537 -77.29 -25.77 28.71
CA SER P 537 -77.17 -24.34 28.53
C SER P 537 -77.45 -23.99 27.08
N PHE P 538 -78.65 -23.51 26.78
CA PHE P 538 -79.01 -23.02 25.44
C PHE P 538 -78.62 -21.56 25.29
N ASN P 539 -77.95 -21.20 24.21
CA ASN P 539 -77.44 -19.86 23.97
C ASN P 539 -78.36 -19.11 23.02
N PHE P 540 -78.91 -18.00 23.47
CA PHE P 540 -79.78 -17.12 22.71
C PHE P 540 -79.25 -15.69 22.79
N LYS P 541 -79.67 -14.86 21.84
CA LYS P 541 -79.67 -13.41 21.97
C LYS P 541 -81.09 -12.93 21.79
N TRP P 542 -81.49 -11.89 22.51
CA TRP P 542 -82.75 -11.19 22.35
C TRP P 542 -82.50 -9.85 21.68
N GLY P 543 -83.32 -9.49 20.70
CA GLY P 543 -83.13 -8.28 19.90
C GLY P 543 -84.36 -7.39 19.90
N GLY P 544 -84.15 -6.08 19.86
CA GLY P 544 -85.26 -5.13 19.76
C GLY P 544 -84.80 -3.68 19.77
N ASP P 545 -85.77 -2.77 19.63
CA ASP P 545 -85.61 -1.38 20.00
C ASP P 545 -85.53 -1.21 21.53
N LEU P 546 -84.94 -0.12 21.99
CA LEU P 546 -84.68 0.10 23.42
C LEU P 546 -85.97 0.10 24.25
N PRO P 547 -86.05 -0.67 25.34
CA PRO P 547 -87.24 -0.75 26.19
C PRO P 547 -87.34 0.39 27.22
N PRO P 548 -88.52 0.60 27.82
CA PRO P 548 -88.72 1.49 28.96
C PRO P 548 -88.19 0.90 30.29
N MET P 549 -88.12 1.73 31.34
CA MET P 549 -87.59 1.36 32.67
C MET P 549 -88.19 2.23 33.79
N SER P 550 -88.13 1.80 35.05
CA SER P 550 -88.65 2.55 36.22
C SER P 550 -87.70 2.54 37.43
N THR P 551 -87.93 3.43 38.40
CA THR P 551 -87.00 3.76 39.50
C THR P 551 -87.70 3.85 40.86
N ILE P 552 -86.91 3.79 41.93
CA ILE P 552 -87.36 3.70 43.34
C ILE P 552 -86.90 4.94 44.12
N THR P 553 -87.69 5.42 45.08
CA THR P 553 -87.32 6.58 45.91
C THR P 553 -86.02 6.32 46.67
N ASN P 554 -85.16 7.33 46.83
CA ASN P 554 -83.94 7.20 47.63
C ASN P 554 -84.20 7.05 49.15
N PRO P 555 -85.10 7.83 49.80
CA PRO P 555 -85.27 7.77 51.25
C PRO P 555 -85.80 6.42 51.72
N THR P 556 -86.80 5.86 51.03
CA THR P 556 -87.34 4.51 51.38
C THR P 556 -86.64 3.48 50.51
N ASP P 557 -85.41 3.12 50.87
CA ASP P 557 -84.60 2.16 50.07
C ASP P 557 -83.73 1.32 51.02
N GLN P 558 -82.98 0.35 50.49
CA GLN P 558 -82.11 -0.51 51.33
C GLN P 558 -81.40 0.36 52.37
N PRO P 559 -81.70 0.22 53.68
CA PRO P 559 -81.10 1.09 54.69
C PRO P 559 -79.72 0.63 55.13
N THR P 560 -78.81 1.57 55.37
CA THR P 560 -77.47 1.21 55.87
C THR P 560 -77.58 0.58 57.27
N TYR P 561 -76.63 -0.29 57.65
CA TYR P 561 -76.64 -0.97 58.96
C TYR P 561 -76.77 0.03 60.15
N VAL P 562 -76.24 1.25 59.97
CA VAL P 562 -76.34 2.35 60.95
C VAL P 562 -77.80 2.70 61.24
N LYS Q 48 23.31 33.69 -61.93
CA LYS Q 48 24.63 33.25 -62.42
C LYS Q 48 24.53 32.48 -63.74
N ARG Q 49 23.96 31.28 -63.74
CA ARG Q 49 23.67 30.49 -64.95
C ARG Q 49 22.29 29.84 -64.85
N LEU Q 50 21.59 29.75 -65.98
CA LEU Q 50 20.23 29.23 -66.07
C LEU Q 50 20.16 28.06 -67.05
N ASN Q 51 19.25 27.12 -66.80
CA ASN Q 51 18.88 26.11 -67.79
C ASN Q 51 18.19 26.79 -68.99
N ILE Q 52 18.55 26.38 -70.21
CA ILE Q 52 17.80 26.76 -71.40
C ILE Q 52 16.49 25.96 -71.41
N VAL Q 53 15.38 26.63 -71.68
CA VAL Q 53 14.02 26.10 -71.63
C VAL Q 53 13.34 26.38 -72.97
N GLU Q 54 12.52 25.45 -73.43
CA GLU Q 54 11.71 25.58 -74.63
C GLU Q 54 10.23 25.43 -74.28
N TRP Q 55 9.34 26.15 -74.97
CA TRP Q 55 7.91 26.02 -74.79
C TRP Q 55 7.35 25.00 -75.78
N GLN Q 56 6.69 23.99 -75.23
CA GLN Q 56 6.19 22.84 -76.02
C GLN Q 56 5.14 23.30 -77.02
N PRO Q 57 5.14 22.74 -78.24
CA PRO Q 57 4.20 23.13 -79.28
C PRO Q 57 2.76 22.68 -78.99
N LYS Q 58 1.79 23.33 -79.64
CA LYS Q 58 0.36 23.23 -79.32
C LYS Q 58 -0.21 21.82 -79.46
N SER Q 59 0.18 21.08 -80.49
CA SER Q 59 -0.18 19.67 -80.69
C SER Q 59 1.04 18.82 -81.02
N ILE Q 60 1.10 17.62 -80.45
CA ILE Q 60 2.24 16.69 -80.53
C ILE Q 60 1.73 15.29 -80.88
N ARG Q 61 2.42 14.58 -81.79
CA ARG Q 61 2.04 13.20 -82.20
C ARG Q 61 3.26 12.26 -82.33
N LYS Q 62 3.43 11.31 -81.40
CA LYS Q 62 4.51 10.31 -81.45
C LYS Q 62 4.43 9.48 -82.73
N CYS Q 63 5.55 9.21 -83.36
CA CYS Q 63 5.66 8.36 -84.54
C CYS Q 63 6.91 7.49 -84.46
N ARG Q 64 6.71 6.15 -84.50
CA ARG Q 64 7.84 5.19 -84.57
C ARG Q 64 8.01 4.71 -86.02
N ILE Q 65 9.04 5.18 -86.71
CA ILE Q 65 9.32 4.74 -88.08
C ILE Q 65 9.95 3.35 -87.97
N LYS Q 66 9.18 2.30 -88.26
CA LYS Q 66 9.53 0.89 -88.07
C LYS Q 66 9.78 0.22 -89.40
N GLY Q 67 10.84 -0.56 -89.53
CA GLY Q 67 11.14 -1.25 -90.79
C GLY Q 67 12.31 -2.20 -90.70
N MET Q 68 12.72 -2.73 -91.84
CA MET Q 68 13.77 -3.74 -91.97
C MET Q 68 14.85 -3.22 -92.92
N LEU Q 69 16.13 -3.33 -92.55
CA LEU Q 69 17.28 -2.89 -93.34
C LEU Q 69 18.21 -4.06 -93.64
N CYS Q 70 18.56 -4.25 -94.90
CA CYS Q 70 19.58 -5.22 -95.30
C CYS Q 70 20.98 -4.70 -94.99
N LEU Q 71 21.76 -5.41 -94.19
CA LEU Q 71 23.12 -5.00 -93.80
C LEU Q 71 24.14 -5.38 -94.88
N PHE Q 72 24.05 -6.57 -95.43
CA PHE Q 72 24.78 -6.99 -96.60
C PHE Q 72 24.03 -8.13 -97.28
N GLN Q 73 24.32 -8.38 -98.55
CA GLN Q 73 24.01 -9.64 -99.19
C GLN Q 73 25.16 -9.97 -100.14
N THR Q 74 25.82 -11.10 -99.92
CA THR Q 74 27.16 -11.40 -100.44
C THR Q 74 27.30 -12.82 -100.94
N THR Q 75 28.08 -12.99 -102.00
CA THR Q 75 28.73 -14.25 -102.37
C THR Q 75 30.19 -14.22 -101.91
N GLU Q 76 30.93 -15.32 -102.03
CA GLU Q 76 32.35 -15.39 -101.67
C GLU Q 76 33.24 -14.43 -102.48
N ASP Q 77 32.94 -14.27 -103.76
CA ASP Q 77 33.69 -13.41 -104.70
C ASP Q 77 33.41 -11.90 -104.55
N ARG Q 78 32.54 -11.53 -103.61
CA ARG Q 78 32.23 -10.13 -103.27
C ARG Q 78 32.47 -9.76 -101.81
N LEU Q 79 33.08 -10.64 -101.01
CA LEU Q 79 33.25 -10.42 -99.58
C LEU Q 79 34.06 -9.16 -99.21
N SER Q 80 35.08 -8.82 -99.99
CA SER Q 80 35.93 -7.66 -99.71
C SER Q 80 35.38 -6.32 -100.20
N TYR Q 81 34.15 -6.28 -100.75
CA TYR Q 81 33.54 -5.08 -101.32
C TYR Q 81 32.36 -4.57 -100.51
N ASN Q 82 32.12 -3.27 -100.56
CA ASN Q 82 31.02 -2.59 -99.90
C ASN Q 82 29.68 -2.89 -100.60
N PHE Q 83 28.69 -3.38 -99.88
CA PHE Q 83 27.32 -3.56 -100.33
C PHE Q 83 26.55 -2.24 -100.34
N ASP Q 84 26.19 -1.78 -101.54
CA ASP Q 84 25.14 -0.78 -101.74
C ASP Q 84 23.92 -1.46 -102.33
N MET Q 85 22.75 -1.25 -101.72
CA MET Q 85 21.48 -1.82 -102.20
C MET Q 85 20.98 -1.11 -103.46
N TYR Q 86 21.34 0.16 -103.61
CA TYR Q 86 21.03 0.99 -104.77
C TYR Q 86 22.33 1.21 -105.56
N GLU Q 87 22.41 0.58 -106.71
CA GLU Q 87 23.65 0.13 -107.33
C GLU Q 87 24.33 1.08 -108.31
N GLU Q 88 25.62 0.85 -108.57
CA GLU Q 88 26.24 1.20 -109.84
C GLU Q 88 25.74 0.14 -110.85
N SER Q 89 24.97 0.54 -111.85
CA SER Q 89 24.02 -0.32 -112.59
C SER Q 89 24.56 -1.61 -113.20
N ILE Q 90 25.88 -1.74 -113.36
CA ILE Q 90 26.54 -2.97 -113.80
C ILE Q 90 26.68 -4.02 -112.69
N ILE Q 91 26.83 -3.62 -111.42
CA ILE Q 91 27.11 -4.54 -110.30
C ILE Q 91 26.05 -5.66 -110.17
N PRO Q 92 24.73 -5.40 -110.13
CA PRO Q 92 23.77 -6.49 -109.98
C PRO Q 92 23.59 -7.34 -111.24
N GLU Q 93 24.13 -6.95 -112.40
CA GLU Q 93 24.05 -7.78 -113.61
C GLU Q 93 24.89 -9.04 -113.45
N LYS Q 94 24.21 -10.18 -113.29
CA LYS Q 94 24.82 -11.51 -113.04
C LYS Q 94 25.65 -11.58 -111.74
N LEU Q 95 25.35 -10.75 -110.73
CA LEU Q 95 25.77 -10.98 -109.32
C LEU Q 95 24.55 -10.98 -108.38
N PRO Q 96 24.30 -12.06 -107.62
CA PRO Q 96 23.18 -12.12 -106.69
C PRO Q 96 23.42 -11.39 -105.37
N GLY Q 97 24.68 -11.06 -105.02
CA GLY Q 97 25.03 -10.24 -103.87
C GLY Q 97 26.24 -9.35 -104.15
N GLY Q 98 26.15 -8.07 -103.82
CA GLY Q 98 27.11 -7.05 -104.26
C GLY Q 98 28.31 -6.82 -103.34
N GLY Q 99 28.25 -7.23 -102.07
CA GLY Q 99 29.31 -6.92 -101.12
C GLY Q 99 29.15 -7.56 -99.76
N GLY Q 100 30.24 -7.85 -99.07
CA GLY Q 100 30.27 -8.55 -97.77
C GLY Q 100 30.41 -7.65 -96.56
N PHE Q 101 30.53 -6.35 -96.75
CA PHE Q 101 30.46 -5.38 -95.67
C PHE Q 101 29.65 -4.18 -96.13
N SER Q 102 29.11 -3.38 -95.23
CA SER Q 102 28.55 -2.08 -95.60
C SER Q 102 28.80 -1.03 -94.54
N ILE Q 103 28.79 0.23 -94.98
CA ILE Q 103 28.57 1.37 -94.11
C ILE Q 103 27.24 2.01 -94.50
N LYS Q 104 26.29 2.05 -93.59
CA LYS Q 104 24.96 2.66 -93.75
C LYS Q 104 24.93 3.97 -92.97
N ASN Q 105 24.50 5.06 -93.59
CA ASN Q 105 24.08 6.27 -92.88
C ASN Q 105 22.56 6.40 -92.96
N ILE Q 106 21.89 6.59 -91.83
CA ILE Q 106 20.45 6.75 -91.76
C ILE Q 106 20.10 8.19 -91.42
N SER Q 107 19.21 8.79 -92.20
CA SER Q 107 18.65 10.12 -91.98
C SER Q 107 17.14 10.06 -92.18
N LEU Q 108 16.40 11.03 -91.66
CA LEU Q 108 14.95 11.11 -91.83
C LEU Q 108 14.54 11.15 -93.30
N TYR Q 109 15.34 11.75 -94.18
CA TYR Q 109 15.10 11.68 -95.62
C TYR Q 109 15.37 10.28 -96.20
N ALA Q 110 16.41 9.58 -95.76
CA ALA Q 110 16.61 8.18 -96.14
C ALA Q 110 15.50 7.27 -95.62
N LEU Q 111 14.96 7.51 -94.43
CA LEU Q 111 13.77 6.81 -93.93
C LEU Q 111 12.53 7.08 -94.79
N TYR Q 112 12.32 8.31 -95.25
CA TYR Q 112 11.28 8.62 -96.22
C TYR Q 112 11.51 7.91 -97.56
N GLN Q 113 12.74 7.85 -98.08
CA GLN Q 113 13.04 7.10 -99.29
C GLN Q 113 12.78 5.60 -99.13
N GLU Q 114 13.09 5.00 -97.99
CA GLU Q 114 12.73 3.62 -97.69
C GLU Q 114 11.21 3.42 -97.61
N HIS Q 115 10.44 4.45 -97.28
CA HIS Q 115 8.96 4.38 -97.27
C HIS Q 115 8.43 4.35 -98.72
N ILE Q 116 9.12 5.00 -99.66
CA ILE Q 116 8.77 4.93 -101.08
C ILE Q 116 9.04 3.54 -101.66
N HIS Q 117 10.04 2.82 -101.16
CA HIS Q 117 10.26 1.40 -101.47
C HIS Q 117 9.35 0.44 -100.68
N ALA Q 118 8.44 0.96 -99.85
CA ALA Q 118 7.61 0.19 -98.94
C ALA Q 118 8.39 -0.66 -97.92
N HIS Q 119 9.62 -0.29 -97.60
CA HIS Q 119 10.46 -1.02 -96.64
C HIS Q 119 10.19 -0.66 -95.18
N ASN Q 120 9.42 0.39 -94.90
CA ASN Q 120 9.04 0.78 -93.55
C ASN Q 120 7.61 1.33 -93.49
N ILE Q 121 7.11 1.42 -92.27
CA ILE Q 121 5.87 2.13 -91.92
C ILE Q 121 6.20 3.35 -91.07
N PHE Q 122 5.43 4.42 -91.20
CA PHE Q 122 5.39 5.51 -90.24
C PHE Q 122 4.14 5.33 -89.38
N THR Q 123 4.30 5.17 -88.08
CA THR Q 123 3.17 4.92 -87.17
C THR Q 123 2.18 6.09 -87.10
N HIS Q 124 2.65 7.29 -87.44
CA HIS Q 124 1.79 8.48 -87.55
C HIS Q 124 2.34 9.31 -88.71
N THR Q 125 1.49 9.85 -89.58
CA THR Q 125 1.89 10.78 -90.64
C THR Q 125 2.40 12.10 -90.06
N ASN Q 126 3.17 12.82 -90.88
CA ASN Q 126 3.80 14.09 -90.55
C ASN Q 126 3.30 15.25 -91.43
N THR Q 127 2.19 15.08 -92.17
CA THR Q 127 1.84 15.97 -93.29
C THR Q 127 1.60 17.42 -92.89
N ASP Q 128 1.04 17.66 -91.71
CA ASP Q 128 0.59 18.99 -91.26
C ASP Q 128 1.21 19.41 -89.92
N ARG Q 129 2.28 18.73 -89.50
CA ARG Q 129 3.05 19.07 -88.27
C ARG Q 129 4.50 19.21 -88.74
N PRO Q 130 5.06 20.44 -88.93
CA PRO Q 130 6.36 20.63 -89.57
C PRO Q 130 7.55 20.49 -88.62
N LEU Q 131 7.35 20.52 -87.30
CA LEU Q 131 8.40 20.30 -86.32
C LEU Q 131 8.64 18.82 -86.07
N ALA Q 132 9.87 18.46 -85.72
CA ALA Q 132 10.27 17.12 -85.33
C ALA Q 132 11.13 17.15 -84.07
N ARG Q 133 10.98 16.12 -83.23
CA ARG Q 133 11.78 15.95 -81.99
C ARG Q 133 12.26 14.49 -81.93
N TYR Q 134 13.45 14.20 -82.48
CA TYR Q 134 14.04 12.86 -82.50
C TYR Q 134 14.50 12.42 -81.10
N THR Q 135 14.12 11.22 -80.68
CA THR Q 135 14.35 10.73 -79.32
C THR Q 135 15.35 9.56 -79.24
N GLY Q 136 15.75 9.00 -80.38
CA GLY Q 136 16.66 7.86 -80.45
C GLY Q 136 16.09 6.68 -81.24
N CYS Q 137 16.84 5.59 -81.27
CA CYS Q 137 16.56 4.44 -82.10
C CYS Q 137 16.62 3.14 -81.29
N SER Q 138 15.81 2.16 -81.64
CA SER Q 138 15.99 0.76 -81.25
C SER Q 138 16.37 -0.07 -82.46
N LEU Q 139 17.42 -0.87 -82.36
CA LEU Q 139 17.79 -1.86 -83.38
C LEU Q 139 17.63 -3.26 -82.82
N LYS Q 140 17.08 -4.19 -83.62
CA LYS Q 140 17.12 -5.64 -83.40
C LYS Q 140 17.91 -6.28 -84.51
N PHE Q 141 19.07 -6.82 -84.20
CA PHE Q 141 19.93 -7.51 -85.15
C PHE Q 141 19.61 -9.00 -85.12
N TYR Q 142 19.24 -9.58 -86.25
CA TYR Q 142 18.85 -10.99 -86.31
C TYR Q 142 20.03 -11.90 -86.63
N GLN Q 143 20.09 -13.06 -85.99
CA GLN Q 143 20.97 -14.13 -86.43
C GLN Q 143 20.61 -14.56 -87.84
N SER Q 144 21.56 -14.52 -88.76
CA SER Q 144 21.39 -15.16 -90.07
C SER Q 144 21.43 -16.68 -89.93
N LYS Q 145 20.91 -17.40 -90.91
CA LYS Q 145 20.96 -18.85 -90.92
C LYS Q 145 22.39 -19.37 -91.06
N ASP Q 146 23.12 -18.89 -92.07
CA ASP Q 146 24.38 -19.48 -92.54
C ASP Q 146 25.66 -18.69 -92.22
N ILE Q 147 25.55 -17.39 -91.88
CA ILE Q 147 26.76 -16.52 -91.75
C ILE Q 147 26.73 -15.73 -90.43
N ASP Q 148 27.90 -15.56 -89.79
CA ASP Q 148 28.01 -14.73 -88.57
C ASP Q 148 28.27 -13.32 -89.06
N TYR Q 149 28.27 -12.30 -88.19
CA TYR Q 149 28.63 -10.94 -88.65
C TYR Q 149 28.87 -9.99 -87.50
N VAL Q 150 29.85 -9.10 -87.64
CA VAL Q 150 30.19 -8.08 -86.65
C VAL Q 150 29.47 -6.80 -87.04
N VAL Q 151 28.88 -6.11 -86.08
CA VAL Q 151 28.35 -4.75 -86.24
C VAL Q 151 29.10 -3.81 -85.31
N THR Q 152 29.33 -2.59 -85.75
CA THR Q 152 29.56 -1.48 -84.84
C THR Q 152 28.87 -0.24 -85.39
N TYR Q 153 28.43 0.66 -84.54
CA TYR Q 153 27.66 1.84 -84.93
C TYR Q 153 28.21 3.08 -84.25
N SER Q 154 27.92 4.23 -84.85
CA SER Q 154 28.36 5.52 -84.33
C SER Q 154 27.26 6.56 -84.51
N THR Q 155 27.28 7.63 -83.71
CA THR Q 155 26.32 8.75 -83.85
C THR Q 155 27.05 10.08 -83.75
N SER Q 156 28.36 10.11 -83.99
CA SER Q 156 29.07 11.41 -84.06
C SER Q 156 28.43 12.21 -85.21
N LEU Q 157 27.70 13.28 -84.92
CA LEU Q 157 26.96 14.03 -85.98
C LEU Q 157 27.90 14.26 -87.17
N PRO Q 158 29.17 14.70 -87.00
CA PRO Q 158 30.07 14.84 -88.12
C PRO Q 158 30.18 13.51 -88.86
N LEU Q 159 29.76 13.47 -90.12
CA LEU Q 159 29.80 12.22 -90.94
C LEU Q 159 30.92 12.33 -91.98
N ARG Q 160 31.83 11.36 -92.03
CA ARG Q 160 32.93 11.34 -93.02
C ARG Q 160 33.45 9.91 -93.19
N SER Q 161 34.17 9.63 -94.28
CA SER Q 161 34.76 8.28 -94.53
C SER Q 161 36.28 8.40 -94.40
N SER Q 162 36.96 7.29 -94.08
CA SER Q 162 38.44 7.30 -93.92
C SER Q 162 39.04 6.00 -94.46
N MET Q 163 40.30 6.03 -94.89
CA MET Q 163 41.00 4.85 -95.37
C MET Q 163 41.18 3.80 -94.26
N GLY Q 164 41.47 4.25 -93.04
CA GLY Q 164 41.54 3.40 -91.86
C GLY Q 164 40.21 2.78 -91.48
N MET Q 165 39.09 3.50 -91.64
CA MET Q 165 37.76 2.92 -91.47
C MET Q 165 37.53 1.75 -92.42
N TYR Q 166 37.77 1.94 -93.73
CA TYR Q 166 37.53 0.89 -94.71
C TYR Q 166 38.45 -0.33 -94.52
N ASN Q 167 39.72 -0.14 -94.17
CA ASN Q 167 40.59 -1.26 -93.81
C ASN Q 167 40.10 -1.95 -92.53
N SER Q 168 39.68 -1.19 -91.52
CA SER Q 168 39.18 -1.76 -90.27
C SER Q 168 37.87 -2.54 -90.41
N MET Q 169 37.18 -2.44 -91.54
CA MET Q 169 36.06 -3.32 -91.86
C MET Q 169 36.47 -4.78 -92.10
N GLN Q 170 37.76 -5.08 -92.26
CA GLN Q 170 38.23 -6.45 -92.43
C GLN Q 170 37.75 -7.29 -91.23
N PRO Q 171 37.17 -8.48 -91.43
CA PRO Q 171 36.43 -9.15 -90.36
C PRO Q 171 37.21 -9.41 -89.07
N SER Q 172 38.47 -9.78 -89.16
CA SER Q 172 39.34 -9.97 -88.00
C SER Q 172 39.61 -8.66 -87.26
N ILE Q 173 39.86 -7.58 -87.98
CA ILE Q 173 40.13 -6.26 -87.41
C ILE Q 173 38.87 -5.68 -86.77
N HIS Q 174 37.73 -5.74 -87.45
CA HIS Q 174 36.45 -5.30 -86.91
C HIS Q 174 36.08 -6.10 -85.67
N LEU Q 175 36.26 -7.42 -85.67
CA LEU Q 175 36.05 -8.26 -84.50
C LEU Q 175 36.97 -7.92 -83.31
N MET Q 176 38.13 -7.31 -83.50
CA MET Q 176 38.96 -6.83 -82.39
C MET Q 176 38.52 -5.49 -81.80
N GLN Q 177 37.75 -4.67 -82.52
CA GLN Q 177 37.39 -3.33 -82.05
C GLN Q 177 36.54 -3.33 -80.78
N GLN Q 178 36.64 -2.26 -80.00
CA GLN Q 178 35.77 -2.02 -78.84
C GLN Q 178 34.37 -1.60 -79.27
N ASN Q 179 33.37 -1.92 -78.45
CA ASN Q 179 31.95 -1.65 -78.73
C ASN Q 179 31.48 -2.25 -80.07
N LYS Q 180 32.07 -3.38 -80.46
CA LYS Q 180 31.52 -4.30 -81.45
C LYS Q 180 30.29 -5.01 -80.89
N LEU Q 181 29.47 -5.53 -81.77
CA LEU Q 181 28.46 -6.53 -81.51
C LEU Q 181 28.71 -7.70 -82.46
N ILE Q 182 28.88 -8.91 -81.93
CA ILE Q 182 29.01 -10.12 -82.76
C ILE Q 182 27.66 -10.80 -82.76
N VAL Q 183 27.16 -11.14 -83.95
CA VAL Q 183 25.93 -11.91 -84.12
C VAL Q 183 26.30 -13.26 -84.72
N PRO Q 184 26.37 -14.34 -83.92
CA PRO Q 184 26.58 -15.68 -84.44
C PRO Q 184 25.41 -16.08 -85.32
N SER Q 185 25.65 -16.88 -86.35
CA SER Q 185 24.59 -17.53 -87.09
C SER Q 185 23.80 -18.50 -86.20
N LYS Q 186 22.60 -18.88 -86.62
CA LYS Q 186 21.81 -19.91 -85.94
C LYS Q 186 22.53 -21.26 -85.89
N GLN Q 187 23.37 -21.53 -86.89
CA GLN Q 187 24.24 -22.71 -86.92
C GLN Q 187 25.36 -22.64 -85.87
N THR Q 188 26.07 -21.53 -85.71
CA THR Q 188 27.17 -21.44 -84.74
C THR Q 188 26.70 -21.27 -83.29
N GLN Q 189 25.52 -20.68 -83.04
CA GLN Q 189 24.94 -20.66 -81.69
C GLN Q 189 23.41 -20.56 -81.72
N LYS Q 190 22.72 -21.56 -81.17
CA LYS Q 190 21.29 -21.48 -80.83
C LYS Q 190 21.11 -20.63 -79.58
N ARG Q 191 20.14 -19.71 -79.59
CA ARG Q 191 19.91 -18.72 -78.53
C ARG Q 191 18.45 -18.72 -78.08
N ARG Q 192 18.20 -18.23 -76.86
CA ARG Q 192 16.82 -18.03 -76.33
C ARG Q 192 16.06 -17.04 -77.19
N LYS Q 193 16.63 -15.84 -77.39
CA LYS Q 193 16.10 -14.82 -78.30
C LYS Q 193 16.88 -14.88 -79.61
N PRO Q 194 16.23 -14.92 -80.78
CA PRO Q 194 16.89 -15.08 -82.08
C PRO Q 194 17.52 -13.78 -82.60
N TYR Q 195 17.62 -12.75 -81.78
CA TYR Q 195 18.09 -11.41 -82.12
C TYR Q 195 18.84 -10.79 -80.94
N ILE Q 196 19.67 -9.79 -81.21
CA ILE Q 196 20.28 -8.94 -80.19
C ILE Q 196 19.71 -7.52 -80.33
N LYS Q 197 19.17 -6.97 -79.25
CA LYS Q 197 18.45 -5.70 -79.21
C LYS Q 197 19.26 -4.66 -78.46
N LYS Q 198 19.43 -3.47 -79.02
CA LYS Q 198 19.99 -2.33 -78.27
C LYS Q 198 19.47 -0.97 -78.71
N HIS Q 199 19.42 -0.06 -77.75
CA HIS Q 199 18.91 1.29 -77.89
C HIS Q 199 20.08 2.24 -78.13
N ILE Q 200 19.92 3.14 -79.09
CA ILE Q 200 20.94 4.09 -79.52
C ILE Q 200 20.41 5.51 -79.33
N SER Q 201 21.14 6.33 -78.60
CA SER Q 201 20.76 7.72 -78.29
C SER Q 201 20.98 8.63 -79.50
N PRO Q 202 20.32 9.79 -79.63
CA PRO Q 202 20.60 10.73 -80.70
C PRO Q 202 22.08 11.16 -80.78
N PRO Q 203 22.55 11.65 -81.93
CA PRO Q 203 23.83 12.35 -82.03
C PRO Q 203 23.96 13.42 -80.96
N THR Q 204 25.15 13.64 -80.39
CA THR Q 204 25.33 14.64 -79.33
C THR Q 204 24.97 16.07 -79.79
N GLN Q 205 25.06 16.31 -81.11
CA GLN Q 205 24.71 17.62 -81.72
C GLN Q 205 23.19 17.76 -81.90
N MET Q 206 22.45 16.65 -81.96
CA MET Q 206 20.98 16.67 -81.97
C MET Q 206 20.49 16.75 -80.53
N LYS Q 207 20.13 17.94 -80.06
CA LYS Q 207 19.65 18.16 -78.69
C LYS Q 207 18.18 17.75 -78.59
N SER Q 208 17.61 17.70 -77.39
CA SER Q 208 16.21 17.30 -77.19
C SER Q 208 15.19 18.32 -77.72
N GLN Q 209 15.62 19.51 -78.14
CA GLN Q 209 14.75 20.55 -78.69
C GLN Q 209 13.97 20.11 -79.94
N TRP Q 210 12.92 20.85 -80.28
CA TRP Q 210 12.24 20.74 -81.57
C TRP Q 210 13.08 21.34 -82.69
N TYR Q 211 13.01 20.74 -83.88
CA TYR Q 211 13.65 21.22 -85.09
C TYR Q 211 12.68 21.17 -86.25
N PHE Q 212 12.69 22.12 -87.17
CA PHE Q 212 11.95 21.95 -88.42
C PHE Q 212 12.41 20.69 -89.17
N GLN Q 213 11.47 19.90 -89.68
CA GLN Q 213 11.80 18.65 -90.41
C GLN Q 213 12.63 18.97 -91.66
N HIS Q 214 12.49 20.16 -92.26
CA HIS Q 214 13.29 20.58 -93.45
C HIS Q 214 14.76 20.70 -93.07
N ASN Q 215 15.07 21.16 -91.85
CA ASN Q 215 16.44 21.35 -91.40
C ASN Q 215 17.12 20.02 -91.09
N ILE Q 216 16.47 19.15 -90.32
CA ILE Q 216 17.04 17.86 -89.89
C ILE Q 216 16.91 16.74 -90.92
N ALA Q 217 16.17 16.92 -92.02
CA ALA Q 217 15.90 15.87 -93.00
C ALA Q 217 17.15 15.10 -93.43
N ASN Q 218 18.23 15.81 -93.77
CA ASN Q 218 19.46 15.22 -94.31
C ASN Q 218 20.57 14.96 -93.27
N ILE Q 219 20.39 15.37 -92.01
CA ILE Q 219 21.36 15.14 -90.94
C ILE Q 219 21.45 13.64 -90.65
N PRO Q 220 22.63 12.99 -90.78
CA PRO Q 220 22.74 11.56 -90.55
C PRO Q 220 22.70 11.26 -89.05
N LEU Q 221 21.62 10.60 -88.58
CA LEU Q 221 21.37 10.39 -87.12
C LEU Q 221 21.93 9.04 -86.63
N LEU Q 222 22.38 8.18 -87.53
CA LEU Q 222 23.00 6.91 -87.19
C LEU Q 222 23.93 6.45 -88.32
N MET Q 223 25.12 5.93 -87.98
CA MET Q 223 25.93 5.11 -88.88
C MET Q 223 25.98 3.68 -88.38
N ILE Q 224 25.70 2.70 -89.23
CA ILE Q 224 25.91 1.27 -88.94
C ILE Q 224 27.01 0.75 -89.86
N ARG Q 225 28.02 0.10 -89.28
CA ARG Q 225 29.09 -0.60 -89.99
C ARG Q 225 28.93 -2.09 -89.76
N THR Q 226 28.85 -2.90 -90.81
CA THR Q 226 28.69 -4.36 -90.69
C THR Q 226 29.67 -5.08 -91.59
N THR Q 227 30.24 -6.20 -91.14
CA THR Q 227 31.09 -7.07 -91.97
C THR Q 227 30.71 -8.53 -91.74
N ALA Q 228 30.70 -9.32 -92.81
CA ALA Q 228 30.46 -10.76 -92.79
C ALA Q 228 31.68 -11.55 -92.30
N LEU Q 229 31.45 -12.61 -91.53
CA LEU Q 229 32.44 -13.23 -90.66
C LEU Q 229 32.23 -14.76 -90.63
N THR Q 230 33.27 -15.53 -90.32
CA THR Q 230 33.04 -16.84 -89.70
C THR Q 230 33.88 -17.01 -88.45
N LEU Q 231 33.26 -17.47 -87.38
CA LEU Q 231 33.91 -17.80 -86.12
C LEU Q 231 34.53 -19.20 -86.11
N ASP Q 232 33.84 -20.19 -86.69
CA ASP Q 232 34.28 -21.60 -86.72
C ASP Q 232 35.33 -21.93 -87.80
N ASN Q 233 35.46 -21.08 -88.83
CA ASN Q 233 36.42 -21.24 -89.91
C ASN Q 233 37.38 -20.04 -89.95
N TYR Q 234 37.64 -19.41 -88.82
CA TYR Q 234 38.33 -18.13 -88.73
C TYR Q 234 39.70 -18.11 -89.44
N TYR Q 235 40.51 -19.15 -89.29
CA TYR Q 235 41.83 -19.23 -89.93
C TYR Q 235 41.79 -19.85 -91.31
N ILE Q 236 41.15 -21.01 -91.45
CA ILE Q 236 41.09 -21.73 -92.72
C ILE Q 236 40.26 -20.97 -93.76
N GLY Q 237 39.15 -20.38 -93.35
CA GLY Q 237 38.25 -19.61 -94.21
C GLY Q 237 37.73 -20.48 -95.34
N SER Q 238 38.07 -20.14 -96.58
CA SER Q 238 37.78 -20.94 -97.77
C SER Q 238 39.03 -21.47 -98.48
N ARG Q 239 40.17 -21.56 -97.78
CA ARG Q 239 41.42 -22.17 -98.26
C ARG Q 239 41.18 -23.57 -98.82
N GLN Q 240 41.82 -23.88 -99.93
CA GLN Q 240 41.87 -25.20 -100.55
C GLN Q 240 43.34 -25.59 -100.78
N LEU Q 241 43.71 -26.85 -100.51
CA LEU Q 241 45.09 -27.35 -100.61
C LEU Q 241 46.06 -26.51 -99.76
N SER Q 242 47.12 -25.95 -100.35
CA SER Q 242 48.16 -25.17 -99.66
C SER Q 242 47.63 -23.88 -99.03
N THR Q 243 48.33 -23.36 -98.02
CA THR Q 243 48.07 -22.02 -97.47
C THR Q 243 48.37 -20.90 -98.49
N ASN Q 244 49.31 -21.14 -99.42
CA ASN Q 244 49.68 -20.20 -100.47
C ASN Q 244 48.52 -19.99 -101.45
N VAL Q 245 48.25 -18.74 -101.81
CA VAL Q 245 47.36 -18.35 -102.91
C VAL Q 245 48.19 -17.92 -104.11
N THR Q 246 47.76 -18.25 -105.32
CA THR Q 246 48.44 -17.84 -106.56
C THR Q 246 47.83 -16.55 -107.10
N ILE Q 247 48.67 -15.54 -107.33
CA ILE Q 247 48.30 -14.25 -107.92
C ILE Q 247 48.86 -14.21 -109.34
N HIS Q 248 48.04 -13.84 -110.33
CA HIS Q 248 48.56 -13.61 -111.70
C HIS Q 248 48.91 -12.12 -111.76
N THR Q 249 49.93 -11.72 -112.52
CA THR Q 249 50.28 -10.32 -112.71
C THR Q 249 50.83 -10.03 -114.11
N LEU Q 250 50.78 -8.77 -114.53
CA LEU Q 250 51.42 -8.37 -115.82
C LEU Q 250 52.92 -8.26 -115.54
N ASN Q 251 53.77 -8.95 -116.30
CA ASN Q 251 55.24 -8.78 -116.16
C ASN Q 251 55.50 -7.28 -116.12
N THR Q 252 56.13 -6.76 -115.07
CA THR Q 252 56.41 -5.31 -114.93
C THR Q 252 57.64 -4.99 -115.73
N THR Q 253 58.58 -5.94 -115.89
CA THR Q 253 59.87 -5.71 -116.54
C THR Q 253 59.78 -5.63 -118.07
N TYR Q 254 58.59 -5.80 -118.67
CA TYR Q 254 58.38 -5.75 -120.12
C TYR Q 254 57.11 -4.98 -120.52
N ILE Q 255 56.00 -5.15 -119.80
CA ILE Q 255 54.72 -4.48 -120.07
C ILE Q 255 54.63 -3.19 -119.23
N GLN Q 256 54.96 -2.02 -119.80
CA GLN Q 256 54.95 -0.78 -118.96
C GLN Q 256 54.34 0.41 -119.68
N ASN Q 257 54.11 0.35 -120.98
CA ASN Q 257 53.71 1.57 -121.70
C ASN Q 257 52.30 2.08 -121.38
N ARG Q 258 51.40 1.22 -120.91
CA ARG Q 258 50.01 1.61 -120.51
C ARG Q 258 49.27 2.37 -121.64
N ASP Q 259 49.58 2.10 -122.91
CA ASP Q 259 48.90 2.73 -124.05
C ASP Q 259 47.73 1.88 -124.57
N TRP Q 260 46.76 1.56 -123.71
CA TRP Q 260 45.75 0.55 -123.97
C TRP Q 260 44.43 1.06 -124.57
N GLY Q 261 43.72 0.15 -125.24
CA GLY Q 261 42.31 0.34 -125.61
C GLY Q 261 42.05 1.17 -126.87
N ASP Q 262 42.96 1.11 -127.86
CA ASP Q 262 42.74 1.64 -129.22
C ASP Q 262 43.05 0.59 -130.30
N ARG Q 263 42.25 0.56 -131.37
CA ARG Q 263 42.59 -0.27 -132.57
C ARG Q 263 43.30 0.70 -133.54
N ASN Q 264 43.44 1.98 -133.16
CA ASN Q 264 44.06 3.03 -133.98
C ASN Q 264 45.56 3.23 -133.70
N LYS Q 265 46.20 2.30 -132.96
CA LYS Q 265 47.59 2.42 -132.48
C LYS Q 265 48.27 1.05 -132.47
N THR Q 266 49.41 0.91 -133.14
CA THR Q 266 50.24 -0.30 -133.02
C THR Q 266 50.84 -0.37 -131.62
N TYR Q 267 50.59 -1.46 -130.89
CA TYR Q 267 51.03 -1.55 -129.49
C TYR Q 267 52.52 -1.88 -129.36
N TYR Q 268 53.17 -1.21 -128.42
CA TYR Q 268 54.57 -1.41 -128.05
C TYR Q 268 54.62 -1.51 -126.53
N CYS Q 269 55.35 -2.49 -125.99
CA CYS Q 269 55.21 -2.88 -124.59
C CYS Q 269 56.07 -2.03 -123.63
N GLN Q 270 57.27 -1.61 -124.04
CA GLN Q 270 58.13 -0.73 -123.26
C GLN Q 270 58.95 0.22 -124.14
N THR Q 271 59.39 1.33 -123.55
CA THR Q 271 60.46 2.18 -124.09
C THR Q 271 61.69 2.07 -123.18
N LEU Q 272 62.89 1.96 -123.77
CA LEU Q 272 64.16 2.08 -123.05
C LEU Q 272 65.09 3.03 -123.84
N GLY Q 273 65.68 4.01 -123.17
CA GLY Q 273 66.39 5.10 -123.87
C GLY Q 273 65.47 5.80 -124.86
N THR Q 274 65.82 5.78 -126.15
CA THR Q 274 64.97 6.24 -127.26
C THR Q 274 64.14 5.14 -127.92
N GLN Q 275 64.42 3.86 -127.63
CA GLN Q 275 63.83 2.71 -128.33
C GLN Q 275 62.36 2.48 -127.95
N ARG Q 276 61.67 1.71 -128.81
CA ARG Q 276 60.39 1.05 -128.52
C ARG Q 276 60.56 -0.45 -128.71
N TYR Q 277 59.88 -1.25 -127.89
CA TYR Q 277 59.94 -2.72 -127.95
C TYR Q 277 58.56 -3.29 -128.23
N PHE Q 278 58.53 -4.39 -128.97
CA PHE Q 278 57.35 -4.93 -129.63
C PHE Q 278 57.26 -6.43 -129.39
N LEU Q 279 56.04 -6.93 -129.42
CA LEU Q 279 55.71 -8.34 -129.16
C LEU Q 279 55.14 -8.96 -130.43
N TYR Q 280 55.43 -10.23 -130.67
CA TYR Q 280 54.91 -11.01 -131.79
C TYR Q 280 54.51 -12.40 -131.33
N GLY Q 281 53.35 -12.89 -131.74
CA GLY Q 281 52.93 -14.27 -131.48
C GLY Q 281 53.39 -15.20 -132.61
N THR Q 282 53.56 -16.48 -132.35
CA THR Q 282 53.73 -17.47 -133.42
C THR Q 282 53.13 -18.82 -133.03
N HIS Q 283 52.69 -19.59 -134.03
CA HIS Q 283 52.23 -20.99 -133.81
C HIS Q 283 53.38 -21.92 -134.21
N SER Q 284 54.55 -21.36 -134.57
CA SER Q 284 55.68 -22.16 -135.04
C SER Q 284 56.15 -23.17 -133.98
N THR Q 285 56.48 -24.37 -134.45
CA THR Q 285 57.13 -25.43 -133.66
C THR Q 285 58.66 -25.26 -133.59
N ALA Q 286 59.23 -24.24 -134.22
CA ALA Q 286 60.66 -23.99 -134.24
C ALA Q 286 61.23 -23.84 -132.81
N GLN Q 287 62.29 -24.60 -132.51
CA GLN Q 287 62.92 -24.61 -131.19
C GLN Q 287 63.88 -23.42 -130.97
N ASN Q 288 64.45 -22.87 -132.04
CA ASN Q 288 65.49 -21.85 -131.97
C ASN Q 288 64.94 -20.48 -132.40
N ILE Q 289 65.05 -19.49 -131.51
CA ILE Q 289 64.57 -18.12 -131.73
C ILE Q 289 65.23 -17.44 -132.95
N ASN Q 290 66.43 -17.88 -133.34
CA ASN Q 290 67.15 -17.30 -134.48
C ASN Q 290 66.50 -17.67 -135.83
N ASP Q 291 66.05 -18.93 -136.01
CA ASP Q 291 65.62 -19.45 -137.36
C ASP Q 291 64.14 -19.24 -137.71
N ILE Q 292 63.31 -18.77 -136.78
CA ILE Q 292 61.92 -18.42 -137.10
C ILE Q 292 61.90 -17.42 -138.27
N LYS Q 293 60.96 -17.57 -139.19
CA LYS Q 293 60.85 -16.69 -140.38
C LYS Q 293 60.38 -15.27 -139.99
N LEU Q 294 60.34 -14.36 -140.96
CA LEU Q 294 59.73 -13.02 -140.72
C LEU Q 294 58.21 -13.24 -140.89
N GLN Q 295 57.82 -14.31 -141.58
CA GLN Q 295 56.38 -14.63 -141.83
C GLN Q 295 55.70 -15.23 -140.59
N GLU Q 296 56.38 -16.14 -139.87
CA GLU Q 296 55.77 -16.85 -138.72
C GLU Q 296 55.17 -15.86 -137.72
N LEU Q 297 55.85 -14.74 -137.47
CA LEU Q 297 55.41 -13.77 -136.42
C LEU Q 297 54.01 -13.20 -136.73
N ILE Q 298 53.15 -13.09 -135.72
CA ILE Q 298 51.78 -12.48 -135.85
C ILE Q 298 51.89 -11.15 -135.08
N PRO Q 299 52.14 -10.02 -135.75
CA PRO Q 299 52.42 -8.76 -135.05
C PRO Q 299 51.17 -8.27 -134.35
N LEU Q 300 51.32 -7.53 -133.26
CA LEU Q 300 50.16 -7.03 -132.47
C LEU Q 300 49.94 -5.54 -132.78
N THR Q 301 48.85 -5.18 -133.47
CA THR Q 301 48.52 -3.79 -133.84
C THR Q 301 47.27 -3.35 -133.12
N ASN Q 302 46.71 -4.21 -132.26
CA ASN Q 302 45.54 -3.87 -131.46
C ASN Q 302 45.75 -4.36 -130.02
N THR Q 303 45.33 -3.59 -129.01
CA THR Q 303 45.11 -4.14 -127.65
C THR Q 303 43.66 -4.18 -127.23
N GLN Q 304 42.80 -3.38 -127.89
CA GLN Q 304 41.37 -3.17 -127.51
C GLN Q 304 40.45 -4.38 -127.74
N ASP Q 305 40.88 -5.42 -128.46
CA ASP Q 305 39.98 -6.56 -128.78
C ASP Q 305 40.43 -7.88 -128.19
N TYR Q 306 39.51 -8.84 -128.08
CA TYR Q 306 39.82 -10.21 -127.67
C TYR Q 306 40.50 -11.04 -128.79
N VAL Q 307 40.57 -10.51 -130.00
CA VAL Q 307 40.97 -11.26 -131.21
C VAL Q 307 42.38 -11.85 -131.09
N GLN Q 308 42.54 -13.12 -131.50
CA GLN Q 308 43.81 -13.85 -131.50
C GLN Q 308 44.75 -13.43 -132.64
N GLY Q 309 44.18 -12.92 -133.72
CA GLY Q 309 44.88 -12.80 -135.00
C GLY Q 309 44.99 -14.15 -135.71
N PHE Q 310 45.79 -14.22 -136.77
CA PHE Q 310 46.09 -15.45 -137.49
C PHE Q 310 47.44 -15.34 -138.22
N ASP Q 311 47.97 -16.48 -138.60
CA ASP Q 311 49.27 -16.61 -139.28
C ASP Q 311 49.19 -16.24 -140.78
N TRP Q 312 50.32 -15.83 -141.37
CA TRP Q 312 50.45 -15.49 -142.79
C TRP Q 312 50.08 -16.67 -143.71
N THR Q 313 50.17 -17.91 -143.24
CA THR Q 313 49.69 -19.09 -143.97
C THR Q 313 48.18 -19.05 -144.25
N GLU Q 314 47.41 -18.20 -143.58
CA GLU Q 314 45.98 -17.97 -143.86
C GLU Q 314 45.71 -16.75 -144.75
N LYS Q 315 46.75 -16.19 -145.41
CA LYS Q 315 46.65 -15.11 -146.40
C LYS Q 315 45.48 -15.33 -147.39
N ASP Q 316 45.37 -16.53 -147.95
CA ASP Q 316 44.34 -16.89 -148.92
C ASP Q 316 42.95 -17.11 -148.31
N LYS Q 317 42.82 -17.27 -146.99
CA LYS Q 317 41.50 -17.37 -146.32
C LYS Q 317 40.84 -16.02 -146.10
N HIS Q 318 41.65 -14.95 -145.98
CA HIS Q 318 41.17 -13.55 -145.75
C HIS Q 318 41.54 -12.66 -146.94
N ASN Q 319 41.73 -13.22 -148.13
CA ASN Q 319 42.00 -12.50 -149.39
C ASN Q 319 43.09 -11.41 -149.23
N ILE Q 320 44.08 -11.67 -148.38
CA ILE Q 320 45.15 -10.72 -148.07
C ILE Q 320 46.09 -10.58 -149.27
N THR Q 321 46.37 -9.33 -149.67
CA THR Q 321 47.28 -9.02 -150.77
C THR Q 321 48.65 -8.54 -150.31
N THR Q 322 48.78 -7.99 -149.11
CA THR Q 322 50.02 -7.38 -148.60
C THR Q 322 50.17 -7.59 -147.09
N TYR Q 323 51.39 -7.42 -146.59
CA TYR Q 323 51.63 -7.40 -145.13
C TYR Q 323 50.83 -6.28 -144.43
N LYS Q 324 50.52 -5.17 -145.11
CA LYS Q 324 49.58 -4.15 -144.59
C LYS Q 324 48.19 -4.72 -144.29
N GLU Q 325 47.63 -5.55 -145.18
CA GLU Q 325 46.37 -6.26 -144.91
C GLU Q 325 46.53 -7.42 -143.91
N PHE Q 326 47.71 -8.05 -143.82
CA PHE Q 326 48.00 -8.99 -142.74
C PHE Q 326 48.02 -8.31 -141.37
N LEU Q 327 48.64 -7.13 -141.25
CA LEU Q 327 48.63 -6.29 -140.04
C LEU Q 327 47.21 -5.92 -139.62
N THR Q 328 46.34 -5.52 -140.54
CA THR Q 328 45.00 -5.05 -140.18
C THR Q 328 44.03 -6.21 -139.93
N LYS Q 329 44.03 -7.26 -140.76
CA LYS Q 329 43.12 -8.40 -140.57
C LYS Q 329 43.62 -9.41 -139.54
N GLY Q 330 44.92 -9.68 -139.50
CA GLY Q 330 45.50 -10.87 -138.84
C GLY Q 330 46.31 -10.60 -137.58
N ALA Q 331 46.50 -9.35 -137.16
CA ALA Q 331 47.21 -9.07 -135.91
C ALA Q 331 46.47 -9.58 -134.67
N GLY Q 332 47.22 -10.02 -133.66
CA GLY Q 332 46.69 -10.62 -132.43
C GLY Q 332 46.75 -9.69 -131.23
N ASN Q 333 45.76 -9.72 -130.35
CA ASN Q 333 45.84 -8.93 -129.12
C ASN Q 333 46.68 -9.70 -128.08
N PRO Q 334 47.67 -9.08 -127.40
CA PRO Q 334 48.61 -9.80 -126.53
C PRO Q 334 47.93 -10.46 -125.33
N PHE Q 335 46.74 -9.97 -124.96
CA PHE Q 335 45.94 -10.45 -123.85
C PHE Q 335 44.91 -11.51 -124.27
N HIS Q 336 44.92 -12.02 -125.49
CA HIS Q 336 44.13 -13.19 -125.87
C HIS Q 336 44.55 -14.41 -125.04
N ALA Q 337 43.65 -15.37 -124.80
CA ALA Q 337 43.83 -16.47 -123.86
C ALA Q 337 45.07 -17.35 -124.10
N GLU Q 338 45.60 -17.41 -125.33
CA GLU Q 338 46.87 -18.12 -125.61
C GLU Q 338 48.10 -17.20 -125.53
N TRP Q 339 48.01 -15.93 -125.91
CA TRP Q 339 49.15 -15.00 -125.84
C TRP Q 339 49.39 -14.44 -124.43
N ILE Q 340 48.35 -14.30 -123.60
CA ILE Q 340 48.42 -13.73 -122.23
C ILE Q 340 49.42 -14.46 -121.33
N THR Q 341 49.48 -15.79 -121.43
CA THR Q 341 50.43 -16.66 -120.72
C THR Q 341 51.40 -17.38 -121.67
N ALA Q 342 51.45 -16.96 -122.93
CA ALA Q 342 52.27 -17.57 -123.99
C ALA Q 342 52.11 -19.10 -124.09
N GLN Q 343 50.86 -19.60 -124.03
CA GLN Q 343 50.55 -21.01 -124.25
C GLN Q 343 51.12 -21.48 -125.60
N ASN Q 344 50.95 -20.65 -126.62
CA ASN Q 344 51.72 -20.69 -127.87
C ASN Q 344 52.79 -19.59 -127.79
N PRO Q 345 54.03 -19.83 -128.24
CA PRO Q 345 55.15 -18.91 -127.99
C PRO Q 345 54.89 -17.47 -128.43
N VAL Q 346 55.42 -16.54 -127.63
CA VAL Q 346 55.35 -15.07 -127.84
C VAL Q 346 56.76 -14.52 -127.78
N ILE Q 347 57.10 -13.67 -128.73
CA ILE Q 347 58.45 -13.19 -128.97
C ILE Q 347 58.51 -11.68 -128.71
N HIS Q 348 59.43 -11.23 -127.87
CA HIS Q 348 59.68 -9.82 -127.54
C HIS Q 348 60.93 -9.34 -128.27
N THR Q 349 60.89 -8.16 -128.90
CA THR Q 349 62.01 -7.64 -129.71
C THR Q 349 62.03 -6.11 -129.75
N ALA Q 350 63.20 -5.52 -130.00
CA ALA Q 350 63.32 -4.12 -130.36
C ALA Q 350 62.88 -3.84 -131.82
N ASN Q 351 62.82 -4.86 -132.68
CA ASN Q 351 62.55 -4.65 -134.09
C ASN Q 351 61.08 -4.28 -134.36
N SER Q 352 60.85 -3.03 -134.73
CA SER Q 352 59.50 -2.52 -134.99
C SER Q 352 58.85 -3.22 -136.19
N PRO Q 353 57.52 -3.48 -136.14
CA PRO Q 353 56.79 -4.02 -137.27
C PRO Q 353 57.01 -3.22 -138.55
N THR Q 354 57.23 -1.90 -138.48
CA THR Q 354 57.50 -1.07 -139.66
C THR Q 354 58.86 -1.38 -140.31
N GLN Q 355 59.86 -1.82 -139.56
CA GLN Q 355 61.07 -2.36 -140.19
C GLN Q 355 60.75 -3.68 -140.91
N ILE Q 356 59.91 -4.54 -140.31
CA ILE Q 356 59.41 -5.74 -140.99
C ILE Q 356 58.55 -5.37 -142.21
N GLU Q 357 57.74 -4.30 -142.16
CA GLU Q 357 56.98 -3.79 -143.31
C GLU Q 357 57.95 -3.42 -144.43
N GLN Q 358 59.03 -2.68 -144.13
CA GLN Q 358 60.04 -2.33 -145.12
C GLN Q 358 60.67 -3.58 -145.73
N ILE Q 359 60.98 -4.61 -144.96
CA ILE Q 359 61.52 -5.87 -145.50
C ILE Q 359 60.49 -6.59 -146.40
N TYR Q 360 59.23 -6.71 -145.98
CA TYR Q 360 58.17 -7.29 -146.81
C TYR Q 360 57.92 -6.48 -148.09
N THR Q 361 57.65 -5.19 -147.94
CA THR Q 361 57.25 -4.32 -149.05
C THR Q 361 58.40 -4.11 -150.04
N ALA Q 362 59.65 -4.05 -149.58
CA ALA Q 362 60.81 -3.98 -150.47
C ALA Q 362 60.86 -5.21 -151.39
N SER Q 363 60.65 -6.42 -150.87
CA SER Q 363 60.35 -7.61 -151.68
C SER Q 363 59.65 -8.72 -150.90
N THR Q 364 58.44 -9.07 -151.33
CA THR Q 364 57.61 -10.14 -150.76
C THR Q 364 58.24 -11.52 -150.97
N THR Q 365 58.99 -11.70 -152.05
CA THR Q 365 59.74 -12.93 -152.34
C THR Q 365 60.89 -13.15 -151.36
N THR Q 366 61.56 -12.09 -150.89
CA THR Q 366 62.61 -12.22 -149.84
C THR Q 366 62.04 -12.27 -148.43
N PHE Q 367 60.76 -11.96 -148.20
CA PHE Q 367 60.09 -12.19 -146.92
C PHE Q 367 59.99 -13.70 -146.60
N GLN Q 368 59.84 -14.55 -147.63
CA GLN Q 368 59.97 -16.01 -147.51
C GLN Q 368 61.39 -16.42 -147.07
N ASN Q 369 62.42 -15.79 -147.63
CA ASN Q 369 63.82 -16.13 -147.37
C ASN Q 369 64.30 -15.64 -146.00
N LYS Q 370 63.94 -14.41 -145.60
CA LYS Q 370 64.43 -13.78 -144.37
C LYS Q 370 63.90 -14.50 -143.12
N LYS Q 371 64.81 -14.71 -142.17
CA LYS Q 371 64.55 -15.26 -140.83
C LYS Q 371 64.83 -14.19 -139.76
N LEU Q 372 64.68 -14.54 -138.48
CA LEU Q 372 64.99 -13.67 -137.35
C LEU Q 372 66.50 -13.37 -137.22
N THR Q 373 67.38 -14.17 -137.82
CA THR Q 373 68.78 -13.81 -138.08
C THR Q 373 68.89 -12.61 -139.04
N ASP Q 374 69.92 -11.79 -138.86
CA ASP Q 374 70.27 -10.66 -139.74
C ASP Q 374 69.12 -9.64 -139.96
N LEU Q 375 68.19 -9.54 -139.02
CA LEU Q 375 67.17 -8.48 -139.00
C LEU Q 375 67.69 -7.20 -138.34
N PRO Q 376 67.10 -6.03 -138.62
CA PRO Q 376 67.41 -4.81 -137.91
C PRO Q 376 67.03 -4.92 -136.43
N THR Q 377 67.85 -4.34 -135.54
CA THR Q 377 67.67 -4.38 -134.07
C THR Q 377 67.06 -5.70 -133.57
N PRO Q 378 67.69 -6.87 -133.80
CA PRO Q 378 67.05 -8.15 -133.48
C PRO Q 378 67.21 -8.68 -132.05
N GLY Q 379 66.49 -8.09 -131.09
CA GLY Q 379 66.51 -8.56 -129.70
C GLY Q 379 65.41 -9.59 -129.51
N TYR Q 380 65.27 -10.53 -130.45
CA TYR Q 380 64.20 -11.57 -130.39
C TYR Q 380 64.43 -12.48 -129.18
N ILE Q 381 63.52 -12.49 -128.21
CA ILE Q 381 63.63 -13.30 -126.96
C ILE Q 381 62.29 -14.04 -126.78
N PHE Q 382 62.16 -14.92 -125.79
CA PHE Q 382 60.85 -15.58 -125.48
C PHE Q 382 60.35 -15.02 -124.15
N ILE Q 383 59.35 -14.13 -124.17
CA ILE Q 383 58.87 -13.45 -122.95
C ILE Q 383 57.36 -13.70 -122.78
N THR Q 384 56.90 -13.91 -121.55
CA THR Q 384 55.47 -14.15 -121.25
C THR Q 384 54.85 -12.86 -120.68
N PRO Q 385 53.73 -12.34 -121.23
CA PRO Q 385 53.08 -11.13 -120.69
C PRO Q 385 52.62 -11.29 -119.23
N THR Q 386 52.23 -12.50 -118.84
CA THR Q 386 51.83 -12.85 -117.47
C THR Q 386 52.91 -13.66 -116.75
N VAL Q 387 53.08 -13.40 -115.46
CA VAL Q 387 53.74 -14.31 -114.51
C VAL Q 387 52.77 -14.63 -113.36
N SER Q 388 52.88 -15.83 -112.79
CA SER Q 388 52.12 -16.23 -111.60
C SER Q 388 53.04 -16.20 -110.37
N LEU Q 389 52.64 -15.44 -109.34
CA LEU Q 389 53.31 -15.36 -108.05
C LEU Q 389 52.59 -16.25 -107.03
N ARG Q 390 53.30 -16.70 -106.00
CA ARG Q 390 52.70 -17.30 -104.79
C ARG Q 390 52.81 -16.34 -103.63
N TYR Q 391 51.69 -16.09 -102.96
CA TYR Q 391 51.59 -15.27 -101.75
C TYR Q 391 51.18 -16.14 -100.56
N ASN Q 392 51.86 -15.96 -99.44
CA ASN Q 392 51.52 -16.61 -98.18
C ASN Q 392 51.23 -15.53 -97.13
N PRO Q 393 50.03 -15.45 -96.55
CA PRO Q 393 49.68 -14.39 -95.62
C PRO Q 393 50.48 -14.47 -94.31
N TYR Q 394 50.88 -15.68 -93.91
CA TYR Q 394 51.61 -15.88 -92.63
C TYR Q 394 53.08 -15.49 -92.81
N LYS Q 395 53.55 -15.40 -94.06
CA LYS Q 395 54.95 -15.01 -94.37
C LYS Q 395 55.01 -13.50 -94.64
N ASP Q 396 53.90 -12.78 -94.47
CA ASP Q 396 53.83 -11.32 -94.79
C ASP Q 396 54.09 -10.48 -93.54
N LEU Q 397 55.09 -9.58 -93.58
CA LEU Q 397 55.49 -8.78 -92.41
C LEU Q 397 55.13 -7.30 -92.58
N ALA Q 398 54.56 -6.89 -93.71
CA ALA Q 398 54.09 -5.53 -93.95
C ALA Q 398 55.13 -4.42 -93.77
N GLU Q 399 56.43 -4.67 -93.98
CA GLU Q 399 57.47 -3.65 -93.73
C GLU Q 399 57.59 -2.66 -94.89
N ARG Q 400 57.31 -3.09 -96.12
CA ARG Q 400 57.40 -2.26 -97.35
C ARG Q 400 56.22 -2.47 -98.29
N ASN Q 401 55.10 -2.90 -97.74
CA ASN Q 401 53.84 -3.06 -98.47
C ASN Q 401 53.25 -1.70 -98.86
N LYS Q 402 52.62 -1.62 -100.02
CA LYS Q 402 52.11 -0.37 -100.60
C LYS Q 402 51.03 -0.66 -101.64
N CYS Q 403 50.13 0.28 -101.91
CA CYS Q 403 48.99 0.07 -102.80
C CYS Q 403 48.44 1.41 -103.31
N TYR Q 404 48.15 1.52 -104.62
CA TYR Q 404 47.62 2.73 -105.25
C TYR Q 404 47.02 2.47 -106.63
N PHE Q 405 46.26 3.43 -107.16
CA PHE Q 405 45.70 3.38 -108.51
C PHE Q 405 46.45 4.29 -109.48
N VAL Q 406 46.72 3.79 -110.69
CA VAL Q 406 47.32 4.56 -111.80
C VAL Q 406 46.33 4.61 -112.96
N ARG Q 407 46.44 5.63 -113.82
CA ARG Q 407 45.54 5.84 -114.96
C ARG Q 407 45.85 4.84 -116.08
N SER Q 408 44.88 4.03 -116.50
CA SER Q 408 45.09 2.99 -117.52
C SER Q 408 45.06 3.57 -118.95
N LYS Q 409 44.00 4.29 -119.32
CA LYS Q 409 43.92 5.02 -120.61
C LYS Q 409 44.58 6.39 -120.55
N ILE Q 410 45.91 6.42 -120.42
CA ILE Q 410 46.71 7.63 -120.72
C ILE Q 410 48.05 7.25 -121.35
N ASN Q 411 48.64 8.20 -122.07
CA ASN Q 411 49.93 8.05 -122.72
C ASN Q 411 51.10 8.36 -121.75
N ALA Q 412 51.21 7.59 -120.66
CA ALA Q 412 52.28 7.77 -119.67
C ALA Q 412 52.98 6.45 -119.33
N HIS Q 413 54.30 6.48 -119.31
CA HIS Q 413 55.15 5.31 -119.07
C HIS Q 413 55.25 4.97 -117.59
N GLY Q 414 55.48 3.68 -117.30
CA GLY Q 414 55.88 3.21 -115.98
C GLY Q 414 54.74 3.13 -114.95
N TRP Q 415 55.08 2.59 -113.79
CA TRP Q 415 54.15 2.16 -112.75
C TRP Q 415 54.29 2.91 -111.42
N ASP Q 416 55.16 3.92 -111.36
CA ASP Q 416 55.43 4.64 -110.09
C ASP Q 416 54.13 5.20 -109.49
N PRO Q 417 54.00 5.35 -108.16
CA PRO Q 417 52.82 5.97 -107.57
C PRO Q 417 52.70 7.35 -108.19
N GLU Q 418 51.51 7.69 -108.71
CA GLU Q 418 51.30 8.98 -109.41
C GLU Q 418 49.97 9.61 -108.98
N GLN Q 419 49.68 10.81 -109.47
CA GLN Q 419 48.41 11.52 -109.13
C GLN Q 419 48.32 11.70 -107.61
N HIS Q 420 47.27 11.20 -106.95
CA HIS Q 420 47.07 11.41 -105.49
C HIS Q 420 48.12 10.64 -104.69
N GLN Q 421 49.00 11.35 -103.97
CA GLN Q 421 50.02 10.70 -103.11
C GLN Q 421 49.42 10.54 -101.71
N GLU Q 422 48.32 11.25 -101.40
CA GLU Q 422 47.61 11.05 -100.13
C GLU Q 422 46.71 9.80 -100.15
N LEU Q 423 46.37 9.28 -101.33
CA LEU Q 423 45.58 8.05 -101.49
C LEU Q 423 46.42 6.78 -101.45
N ILE Q 424 47.76 6.87 -101.48
CA ILE Q 424 48.64 5.72 -101.32
C ILE Q 424 48.38 5.09 -99.95
N ASN Q 425 48.15 3.76 -99.93
CA ASN Q 425 47.91 2.97 -98.68
C ASN Q 425 49.14 2.11 -98.42
N SER Q 426 49.78 2.18 -97.24
CA SER Q 426 51.07 1.57 -96.95
C SER Q 426 51.11 0.84 -95.61
N ASP Q 427 52.07 -0.07 -95.46
CA ASP Q 427 52.50 -0.65 -94.18
C ASP Q 427 51.43 -1.47 -93.41
N LEU Q 428 50.59 -2.21 -94.13
CA LEU Q 428 49.70 -3.25 -93.58
C LEU Q 428 49.88 -4.53 -94.41
N PRO Q 429 49.62 -5.73 -93.86
CA PRO Q 429 49.71 -6.95 -94.65
C PRO Q 429 48.70 -6.92 -95.80
N GLN Q 430 49.05 -7.42 -96.99
CA GLN Q 430 48.23 -7.29 -98.24
C GLN Q 430 46.74 -7.66 -98.09
N TRP Q 431 46.39 -8.64 -97.26
CA TRP Q 431 45.00 -9.00 -97.01
C TRP Q 431 44.24 -7.94 -96.20
N LEU Q 432 44.93 -7.14 -95.38
CA LEU Q 432 44.36 -5.99 -94.70
C LEU Q 432 44.49 -4.71 -95.53
N LEU Q 433 45.60 -4.53 -96.24
CA LEU Q 433 45.87 -3.35 -97.05
C LEU Q 433 44.87 -3.20 -98.21
N LEU Q 434 44.50 -4.30 -98.87
CA LEU Q 434 43.58 -4.27 -100.01
C LEU Q 434 42.10 -4.22 -99.57
N PHE Q 435 41.75 -4.63 -98.35
CA PHE Q 435 40.35 -4.80 -97.95
C PHE Q 435 39.60 -3.46 -97.97
N GLY Q 436 38.57 -3.34 -98.82
CA GLY Q 436 37.78 -2.12 -98.95
C GLY Q 436 38.52 -0.91 -99.55
N TYR Q 437 39.79 -1.02 -99.92
CA TYR Q 437 40.55 0.10 -100.46
C TYR Q 437 40.00 0.62 -101.80
N PRO Q 438 39.64 -0.23 -102.79
CA PRO Q 438 38.96 0.24 -103.99
C PRO Q 438 37.66 0.98 -103.73
N ASP Q 439 36.85 0.55 -102.75
CA ASP Q 439 35.62 1.25 -102.40
C ASP Q 439 35.86 2.57 -101.69
N TYR Q 440 36.88 2.66 -100.82
CA TYR Q 440 37.28 3.96 -100.27
C TYR Q 440 37.66 4.92 -101.40
N ILE Q 441 38.40 4.46 -102.41
CA ILE Q 441 38.80 5.27 -103.54
C ILE Q 441 37.60 5.70 -104.39
N LYS Q 442 36.67 4.78 -104.71
CA LYS Q 442 35.43 5.11 -105.41
C LYS Q 442 34.59 6.13 -104.64
N ARG Q 443 34.38 5.93 -103.34
CA ARG Q 443 33.56 6.85 -102.50
C ARG Q 443 34.27 8.22 -102.36
N THR Q 444 35.61 8.23 -102.38
CA THR Q 444 36.38 9.48 -102.36
C THR Q 444 36.19 10.32 -103.63
N GLN Q 445 35.92 9.68 -104.78
CA GLN Q 445 35.57 10.40 -106.05
C GLN Q 445 36.71 11.32 -106.56
N ASN Q 446 37.95 11.11 -106.10
CA ASN Q 446 39.11 11.87 -106.60
C ASN Q 446 39.67 11.34 -107.93
N PHE Q 447 39.11 10.25 -108.47
CA PHE Q 447 39.45 9.67 -109.76
C PHE Q 447 38.22 9.57 -110.66
N ALA Q 448 38.42 9.58 -111.98
CA ALA Q 448 37.33 9.33 -112.93
C ALA Q 448 36.75 7.93 -112.70
N LEU Q 449 35.43 7.85 -112.51
CA LEU Q 449 34.81 6.78 -111.72
C LEU Q 449 34.91 5.39 -112.35
N VAL Q 450 35.07 5.29 -113.67
CA VAL Q 450 34.89 4.03 -114.38
C VAL Q 450 36.06 3.06 -114.20
N ASP Q 451 35.76 1.78 -113.92
CA ASP Q 451 36.81 0.75 -113.65
C ASP Q 451 37.78 0.59 -114.82
N THR Q 452 37.35 0.90 -116.04
CA THR Q 452 38.19 0.72 -117.23
C THR Q 452 39.33 1.72 -117.37
N ASN Q 453 39.28 2.83 -116.61
CA ASN Q 453 40.21 3.95 -116.80
C ASN Q 453 41.36 3.97 -115.77
N TYR Q 454 41.39 3.01 -114.84
CA TYR Q 454 42.44 2.88 -113.83
C TYR Q 454 42.90 1.44 -113.69
N ILE Q 455 44.11 1.26 -113.15
CA ILE Q 455 44.68 -0.01 -112.71
C ILE Q 455 45.08 0.14 -111.26
N LEU Q 456 44.88 -0.90 -110.48
CA LEU Q 456 45.42 -1.08 -109.14
C LEU Q 456 46.80 -1.74 -109.22
N VAL Q 457 47.76 -1.14 -108.51
CA VAL Q 457 49.18 -1.51 -108.48
C VAL Q 457 49.59 -1.64 -107.02
N ASP Q 458 50.32 -2.70 -106.65
CA ASP Q 458 50.76 -2.88 -105.26
C ASP Q 458 52.19 -3.43 -105.17
N HIS Q 459 52.91 -3.03 -104.13
CA HIS Q 459 54.24 -3.54 -103.81
C HIS Q 459 54.15 -4.48 -102.61
N CYS Q 460 54.81 -5.63 -102.69
CA CYS Q 460 54.87 -6.62 -101.62
C CYS Q 460 56.17 -7.42 -101.72
N PRO Q 461 57.12 -7.25 -100.79
CA PRO Q 461 58.34 -8.05 -100.72
C PRO Q 461 58.15 -9.56 -100.56
N TYR Q 462 56.96 -10.00 -100.13
CA TYR Q 462 56.77 -11.29 -99.47
C TYR Q 462 56.20 -12.39 -100.37
N THR Q 463 55.95 -12.14 -101.66
CA THR Q 463 55.78 -13.25 -102.61
C THR Q 463 57.09 -13.98 -102.83
N ASN Q 464 57.04 -15.29 -103.09
CA ASN Q 464 58.25 -16.11 -103.21
C ASN Q 464 59.07 -15.80 -104.47
N PRO Q 465 58.49 -15.84 -105.68
CA PRO Q 465 58.96 -15.02 -106.80
C PRO Q 465 58.54 -13.56 -106.58
N GLU Q 466 59.11 -12.62 -107.31
CA GLU Q 466 58.79 -11.19 -107.17
C GLU Q 466 58.69 -10.48 -108.52
N LYS Q 467 57.96 -9.37 -108.52
CA LYS Q 467 57.99 -8.29 -109.50
C LYS Q 467 57.90 -6.98 -108.74
N THR Q 468 58.58 -5.92 -109.20
CA THR Q 468 58.79 -4.70 -108.39
C THR Q 468 57.46 -4.09 -107.94
N PRO Q 469 56.55 -3.64 -108.83
CA PRO Q 469 55.13 -3.65 -108.54
C PRO Q 469 54.48 -4.96 -109.05
N PHE Q 470 53.25 -5.16 -108.56
CA PHE Q 470 52.39 -6.26 -109.06
C PHE Q 470 51.22 -5.60 -109.76
N ILE Q 471 50.71 -6.18 -110.85
CA ILE Q 471 49.48 -5.65 -111.51
C ILE Q 471 48.49 -6.82 -111.43
N PRO Q 472 47.87 -7.12 -110.26
CA PRO Q 472 47.06 -8.32 -110.14
C PRO Q 472 46.05 -8.44 -111.28
N LEU Q 473 45.84 -9.63 -111.81
CA LEU Q 473 44.83 -9.91 -112.84
C LEU Q 473 44.00 -11.13 -112.43
N SER Q 474 42.70 -11.08 -112.64
CA SER Q 474 41.81 -12.18 -112.27
C SER Q 474 41.98 -13.36 -113.22
N THR Q 475 41.77 -14.57 -112.71
CA THR Q 475 41.80 -15.80 -113.49
C THR Q 475 40.88 -15.73 -114.70
N SER Q 476 39.75 -15.02 -114.62
CA SER Q 476 38.85 -14.78 -115.76
C SER Q 476 39.53 -14.02 -116.91
N PHE Q 477 40.31 -12.97 -116.65
CA PHE Q 477 41.06 -12.25 -117.68
C PHE Q 477 42.25 -13.04 -118.21
N ILE Q 478 42.91 -13.81 -117.34
CA ILE Q 478 43.99 -14.76 -117.70
C ILE Q 478 43.45 -15.95 -118.50
N GLU Q 479 42.14 -16.22 -118.47
CA GLU Q 479 41.46 -17.28 -119.22
C GLU Q 479 40.54 -16.76 -120.33
N GLY Q 480 40.55 -15.46 -120.64
CA GLY Q 480 39.74 -14.92 -121.74
C GLY Q 480 38.23 -14.97 -121.50
N ARG Q 481 37.78 -14.39 -120.37
CA ARG Q 481 36.35 -14.44 -119.99
C ARG Q 481 35.95 -13.15 -119.24
N SER Q 482 34.66 -12.80 -119.26
CA SER Q 482 34.17 -11.57 -118.61
C SER Q 482 34.37 -11.58 -117.07
N PRO Q 483 34.49 -10.42 -116.41
CA PRO Q 483 34.94 -10.29 -115.01
C PRO Q 483 34.26 -11.22 -113.99
N TYR Q 484 32.96 -11.47 -114.13
CA TYR Q 484 32.17 -12.38 -113.27
C TYR Q 484 31.34 -13.38 -114.10
N SER Q 485 31.93 -13.96 -115.15
CA SER Q 485 31.25 -14.91 -116.04
C SER Q 485 31.68 -16.36 -115.73
N PRO Q 486 30.74 -17.34 -115.75
CA PRO Q 486 31.04 -18.71 -115.37
C PRO Q 486 32.05 -19.39 -116.31
N SER Q 487 32.90 -20.24 -115.73
CA SER Q 487 34.07 -20.86 -116.39
C SER Q 487 33.74 -21.71 -117.62
N ASP Q 488 32.48 -22.10 -117.84
CA ASP Q 488 32.07 -22.84 -119.07
C ASP Q 488 32.28 -21.94 -120.30
N THR Q 489 32.27 -20.62 -120.11
CA THR Q 489 32.47 -19.63 -121.16
C THR Q 489 33.96 -19.51 -121.52
N HIS Q 490 34.28 -19.33 -122.82
CA HIS Q 490 35.69 -19.22 -123.30
C HIS Q 490 35.86 -17.97 -124.18
N GLU Q 491 35.01 -16.95 -124.03
CA GLU Q 491 35.09 -15.66 -124.70
C GLU Q 491 34.49 -14.56 -123.80
N PRO Q 492 34.96 -13.31 -123.87
CA PRO Q 492 34.22 -12.18 -123.31
C PRO Q 492 32.84 -12.01 -123.97
N ASP Q 493 31.88 -11.45 -123.23
CA ASP Q 493 30.64 -10.87 -123.80
C ASP Q 493 30.94 -9.59 -124.59
N GLU Q 494 30.12 -9.19 -125.56
CA GLU Q 494 30.46 -8.16 -126.55
C GLU Q 494 31.05 -6.86 -125.98
N GLU Q 495 30.52 -6.36 -124.87
CA GLU Q 495 31.03 -5.15 -124.22
C GLU Q 495 32.41 -5.35 -123.55
N ASP Q 496 32.75 -6.58 -123.15
CA ASP Q 496 34.10 -6.97 -122.71
C ASP Q 496 34.96 -7.50 -123.87
N GLN Q 497 34.39 -7.85 -125.04
CA GLN Q 497 35.19 -8.08 -126.25
C GLN Q 497 35.82 -6.78 -126.72
N ASN Q 498 35.08 -5.68 -126.63
CA ASN Q 498 35.63 -4.33 -126.59
C ASN Q 498 36.33 -4.07 -125.23
N ARG Q 499 37.26 -3.11 -125.27
CA ARG Q 499 38.02 -2.68 -124.06
C ARG Q 499 38.71 -3.89 -123.42
N TRP Q 500 39.20 -4.86 -124.21
CA TRP Q 500 39.88 -6.08 -123.68
C TRP Q 500 41.34 -5.77 -123.36
N TYR Q 501 41.58 -4.98 -122.30
CA TYR Q 501 42.92 -4.56 -121.89
C TYR Q 501 43.01 -4.42 -120.36
N PRO Q 502 44.20 -4.46 -119.75
CA PRO Q 502 44.38 -4.31 -118.31
C PRO Q 502 43.68 -3.08 -117.70
N CYS Q 503 42.76 -3.32 -116.78
CA CYS Q 503 42.10 -2.28 -115.99
C CYS Q 503 41.45 -2.92 -114.76
N TYR Q 504 41.09 -2.09 -113.77
CA TYR Q 504 40.58 -2.52 -112.46
C TYR Q 504 39.38 -3.47 -112.56
N GLN Q 505 38.55 -3.35 -113.59
CA GLN Q 505 37.38 -4.25 -113.79
C GLN Q 505 37.83 -5.72 -113.89
N TYR Q 506 38.98 -5.99 -114.50
CA TYR Q 506 39.53 -7.34 -114.60
C TYR Q 506 40.39 -7.74 -113.39
N GLN Q 507 40.75 -6.82 -112.50
CA GLN Q 507 41.54 -7.11 -111.30
C GLN Q 507 40.71 -7.54 -110.09
N GLN Q 508 39.41 -7.26 -110.08
CA GLN Q 508 38.57 -7.35 -108.89
C GLN Q 508 38.61 -8.72 -108.18
N GLU Q 509 38.49 -9.82 -108.90
CA GLU Q 509 38.47 -11.14 -108.29
C GLU Q 509 39.86 -11.50 -107.71
N SER Q 510 40.95 -11.04 -108.30
CA SER Q 510 42.30 -11.29 -107.75
C SER Q 510 42.52 -10.60 -106.40
N ILE Q 511 42.13 -9.34 -106.24
CA ILE Q 511 42.29 -8.67 -104.94
C ILE Q 511 41.29 -9.16 -103.91
N ASN Q 512 40.09 -9.61 -104.33
CA ASN Q 512 39.20 -10.32 -103.42
C ASN Q 512 39.85 -11.62 -102.95
N SER Q 513 40.49 -12.37 -103.84
CA SER Q 513 41.20 -13.61 -103.49
C SER Q 513 42.35 -13.38 -102.51
N ILE Q 514 43.10 -12.28 -102.66
CA ILE Q 514 44.11 -11.87 -101.68
C ILE Q 514 43.46 -11.53 -100.33
N CYS Q 515 42.35 -10.80 -100.30
CA CYS Q 515 41.63 -10.52 -99.06
C CYS Q 515 41.08 -11.78 -98.38
N LEU Q 516 40.57 -12.74 -99.15
CA LEU Q 516 40.15 -14.06 -98.67
C LEU Q 516 41.28 -14.87 -98.05
N SER Q 517 42.55 -14.59 -98.38
CA SER Q 517 43.66 -15.22 -97.67
C SER Q 517 43.78 -14.74 -96.21
N GLY Q 518 43.22 -13.58 -95.88
CA GLY Q 518 43.24 -13.03 -94.52
C GLY Q 518 42.27 -13.73 -93.56
N PRO Q 519 42.51 -13.62 -92.24
CA PRO Q 519 41.70 -14.28 -91.23
C PRO Q 519 40.28 -13.69 -91.11
N GLY Q 520 39.37 -14.49 -90.58
CA GLY Q 520 37.97 -14.17 -90.32
C GLY Q 520 37.07 -14.17 -91.55
N THR Q 521 37.61 -14.22 -92.76
CA THR Q 521 36.82 -14.19 -94.00
C THR Q 521 36.00 -15.47 -94.18
N PRO Q 522 34.69 -15.39 -94.43
CA PRO Q 522 33.80 -16.55 -94.42
C PRO Q 522 33.97 -17.49 -95.62
N LYS Q 523 33.51 -18.74 -95.45
CA LYS Q 523 33.35 -19.74 -96.49
C LYS Q 523 31.88 -19.77 -96.93
N ILE Q 524 31.60 -19.44 -98.19
CA ILE Q 524 30.23 -19.47 -98.73
C ILE Q 524 30.21 -20.39 -99.95
N PRO Q 525 29.42 -21.47 -99.98
CA PRO Q 525 29.34 -22.34 -101.15
C PRO Q 525 28.94 -21.59 -102.42
N LYS Q 526 29.51 -21.96 -103.57
CA LYS Q 526 29.16 -21.32 -104.85
C LYS Q 526 27.67 -21.50 -105.17
N GLY Q 527 27.03 -20.43 -105.61
CA GLY Q 527 25.58 -20.36 -105.85
C GLY Q 527 24.72 -20.04 -104.63
N ILE Q 528 25.31 -19.89 -103.43
CA ILE Q 528 24.61 -19.44 -102.22
C ILE Q 528 24.95 -17.97 -101.97
N THR Q 529 23.94 -17.16 -101.66
CA THR Q 529 24.12 -15.77 -101.21
C THR Q 529 23.81 -15.71 -99.72
N ALA Q 530 24.78 -15.28 -98.93
CA ALA Q 530 24.58 -15.00 -97.52
C ALA Q 530 24.00 -13.59 -97.35
N GLU Q 531 23.16 -13.39 -96.34
CA GLU Q 531 22.43 -12.13 -96.12
C GLU Q 531 22.40 -11.82 -94.63
N ALA Q 532 22.27 -10.55 -94.26
CA ALA Q 532 21.99 -10.14 -92.90
C ALA Q 532 21.00 -8.98 -92.88
N LYS Q 533 20.19 -8.89 -91.84
CA LYS Q 533 19.20 -7.83 -91.68
C LYS Q 533 19.09 -7.34 -90.24
N VAL Q 534 18.71 -6.08 -90.09
CA VAL Q 534 18.33 -5.47 -88.82
C VAL Q 534 16.89 -4.99 -88.94
N LYS Q 535 16.12 -5.07 -87.85
CA LYS Q 535 14.85 -4.34 -87.73
C LYS Q 535 15.08 -3.10 -86.90
N TYR Q 536 14.70 -1.95 -87.43
CA TYR Q 536 14.88 -0.67 -86.77
C TYR Q 536 13.54 -0.08 -86.32
N SER Q 537 13.61 0.76 -85.30
CA SER Q 537 12.50 1.61 -84.86
C SER Q 537 13.07 2.95 -84.42
N PHE Q 538 12.96 3.97 -85.27
CA PHE Q 538 13.35 5.35 -84.93
C PHE Q 538 12.19 6.07 -84.27
N ASN Q 539 12.44 6.72 -83.14
CA ASN Q 539 11.40 7.38 -82.36
C ASN Q 539 11.42 8.88 -82.62
N PHE Q 540 10.31 9.41 -83.10
CA PHE Q 540 10.10 10.82 -83.39
C PHE Q 540 8.83 11.30 -82.71
N LYS Q 541 8.73 12.61 -82.52
CA LYS Q 541 7.47 13.31 -82.32
C LYS Q 541 7.32 14.33 -83.42
N TRP Q 542 6.11 14.56 -83.89
CA TRP Q 542 5.76 15.62 -84.83
C TRP Q 542 5.00 16.71 -84.08
N GLY Q 543 5.33 17.97 -84.32
CA GLY Q 543 4.77 19.11 -83.59
C GLY Q 543 4.18 20.15 -84.52
N GLY Q 544 3.10 20.80 -84.09
CA GLY Q 544 2.49 21.87 -84.85
C GLY Q 544 1.25 22.46 -84.21
N ASP Q 545 0.70 23.48 -84.84
CA ASP Q 545 -0.69 23.90 -84.61
C ASP Q 545 -1.68 22.87 -85.17
N LEU Q 546 -2.91 22.86 -84.65
CA LEU Q 546 -3.91 21.86 -85.00
C LEU Q 546 -4.23 21.86 -86.51
N PRO Q 547 -4.21 20.70 -87.19
CA PRO Q 547 -4.47 20.59 -88.61
C PRO Q 547 -5.98 20.53 -88.95
N PRO Q 548 -6.36 20.75 -90.22
CA PRO Q 548 -7.71 20.52 -90.72
C PRO Q 548 -8.03 19.02 -90.94
N MET Q 549 -9.30 18.69 -91.18
CA MET Q 549 -9.79 17.30 -91.35
C MET Q 549 -11.07 17.26 -92.23
N SER Q 550 -11.43 16.10 -92.78
CA SER Q 550 -12.64 15.91 -93.62
C SER Q 550 -13.41 14.62 -93.30
N THR Q 551 -14.66 14.53 -93.77
CA THR Q 551 -15.65 13.50 -93.36
C THR Q 551 -16.40 12.90 -94.55
N ILE Q 552 -17.04 11.75 -94.34
CA ILE Q 552 -17.70 10.90 -95.34
C ILE Q 552 -19.21 10.82 -95.06
N THR Q 553 -20.05 10.76 -96.10
CA THR Q 553 -21.51 10.62 -95.92
C THR Q 553 -21.86 9.36 -95.13
N ASN Q 554 -22.88 9.41 -94.27
CA ASN Q 554 -23.35 8.21 -93.57
C ASN Q 554 -24.05 7.18 -94.47
N PRO Q 555 -24.95 7.54 -95.41
CA PRO Q 555 -25.68 6.56 -96.19
C PRO Q 555 -24.79 5.75 -97.11
N THR Q 556 -23.83 6.37 -97.80
CA THR Q 556 -22.86 5.65 -98.67
C THR Q 556 -21.61 5.38 -97.85
N ASP Q 557 -21.64 4.36 -96.98
CA ASP Q 557 -20.50 4.06 -96.08
C ASP Q 557 -20.43 2.54 -95.88
N GLN Q 558 -19.42 2.05 -95.15
CA GLN Q 558 -19.27 0.59 -94.89
C GLN Q 558 -20.64 0.00 -94.56
N PRO Q 559 -21.24 -0.87 -95.42
CA PRO Q 559 -22.58 -1.37 -95.17
C PRO Q 559 -22.60 -2.56 -94.23
N THR Q 560 -23.60 -2.65 -93.36
CA THR Q 560 -23.73 -3.81 -92.46
C THR Q 560 -23.98 -5.09 -93.25
N TYR Q 561 -23.58 -6.25 -92.75
CA TYR Q 561 -23.76 -7.54 -93.44
C TYR Q 561 -25.22 -7.78 -93.88
N VAL Q 562 -26.19 -7.24 -93.12
CA VAL Q 562 -27.63 -7.29 -93.44
C VAL Q 562 -27.91 -6.65 -94.80
N LYS R 48 66.34 -7.09 32.61
CA LYS R 48 66.37 -6.69 34.04
C LYS R 48 66.59 -7.90 34.96
N ARG R 49 65.62 -8.81 35.09
CA ARG R 49 65.75 -10.08 35.82
C ARG R 49 65.10 -11.22 35.05
N LEU R 50 65.70 -12.41 35.12
CA LEU R 50 65.27 -13.60 34.40
C LEU R 50 64.97 -14.74 35.36
N ASN R 51 64.04 -15.61 35.00
CA ASN R 51 63.86 -16.89 35.66
C ASN R 51 65.09 -17.78 35.44
N ILE R 52 65.56 -18.44 36.48
CA ILE R 52 66.54 -19.51 36.35
C ILE R 52 65.85 -20.73 35.74
N VAL R 53 66.49 -21.34 34.75
CA VAL R 53 65.97 -22.47 33.95
C VAL R 53 66.97 -23.60 33.98
N GLU R 54 66.48 -24.83 34.03
CA GLU R 54 67.29 -26.04 33.96
C GLU R 54 66.88 -26.88 32.75
N TRP R 55 67.82 -27.57 32.12
CA TRP R 55 67.53 -28.49 31.02
C TRP R 55 67.33 -29.90 31.56
N GLN R 56 66.14 -30.44 31.25
CA GLN R 56 65.72 -31.75 31.79
C GLN R 56 66.65 -32.86 31.30
N PRO R 57 66.98 -33.85 32.15
CA PRO R 57 67.88 -34.93 31.80
C PRO R 57 67.26 -35.90 30.79
N LYS R 58 68.11 -36.67 30.10
CA LYS R 58 67.75 -37.46 28.92
C LYS R 58 66.70 -38.55 29.21
N SER R 59 66.81 -39.23 30.34
CA SER R 59 65.82 -40.21 30.81
C SER R 59 65.43 -39.96 32.26
N ILE R 60 64.14 -40.10 32.56
CA ILE R 60 63.54 -39.80 33.88
C ILE R 60 62.64 -40.96 34.30
N ARG R 61 62.70 -41.35 35.59
CA ARG R 61 61.86 -42.46 36.14
C ARG R 61 61.28 -42.13 37.52
N LYS R 62 59.97 -41.87 37.63
CA LYS R 62 59.28 -41.61 38.91
C LYS R 62 59.44 -42.80 39.85
N CYS R 63 59.69 -42.55 41.12
CA CYS R 63 59.76 -43.56 42.17
C CYS R 63 59.12 -43.05 43.46
N ARG R 64 58.09 -43.79 43.93
CA ARG R 64 57.45 -43.50 45.24
C ARG R 64 58.00 -44.48 46.30
N ILE R 65 58.86 -44.00 47.19
CA ILE R 65 59.38 -44.83 48.28
C ILE R 65 58.27 -44.96 49.32
N LYS R 66 57.60 -46.10 49.36
CA LYS R 66 56.41 -46.36 50.17
C LYS R 66 56.73 -47.29 51.32
N GLY R 67 56.27 -47.00 52.52
CA GLY R 67 56.53 -47.86 53.68
C GLY R 67 55.80 -47.44 54.94
N MET R 68 56.13 -48.09 56.04
CA MET R 68 55.50 -47.91 57.34
C MET R 68 56.55 -47.53 58.38
N LEU R 69 56.30 -46.50 59.20
CA LEU R 69 57.21 -46.01 60.23
C LEU R 69 56.54 -46.09 61.60
N CYS R 70 57.20 -46.69 62.58
CA CYS R 70 56.77 -46.68 63.97
C CYS R 70 57.06 -45.32 64.63
N LEU R 71 56.04 -44.63 65.12
CA LEU R 71 56.20 -43.31 65.75
C LEU R 71 56.64 -43.44 67.22
N PHE R 72 56.05 -44.36 67.96
CA PHE R 72 56.51 -44.76 69.29
C PHE R 72 56.00 -46.17 69.57
N GLN R 73 56.62 -46.85 70.52
CA GLN R 73 56.02 -47.99 71.20
C GLN R 73 56.42 -47.93 72.66
N THR R 74 55.43 -47.85 73.55
CA THR R 74 55.62 -47.40 74.93
C THR R 74 54.83 -48.23 75.92
N THR R 75 55.41 -48.42 77.10
CA THR R 75 54.70 -48.77 78.35
C THR R 75 54.53 -47.49 79.19
N GLU R 76 53.79 -47.56 80.29
CA GLU R 76 53.58 -46.42 81.20
C GLU R 76 54.88 -45.90 81.83
N ASP R 77 55.80 -46.79 82.16
CA ASP R 77 57.10 -46.49 82.79
C ASP R 77 58.15 -45.94 81.83
N ARG R 78 57.81 -45.78 80.55
CA ARG R 78 58.67 -45.18 79.52
C ARG R 78 58.04 -43.97 78.81
N LEU R 79 56.90 -43.46 79.27
CA LEU R 79 56.18 -42.39 78.58
C LEU R 79 56.98 -41.09 78.43
N SER R 80 57.79 -40.72 79.42
CA SER R 80 58.58 -39.48 79.39
C SER R 80 59.89 -39.56 78.61
N TYR R 81 60.19 -40.69 77.96
CA TYR R 81 61.45 -40.93 77.24
C TYR R 81 61.26 -41.00 75.73
N ASN R 82 62.30 -40.62 74.99
CA ASN R 82 62.35 -40.67 73.54
C ASN R 82 62.48 -42.12 73.03
N PHE R 83 61.58 -42.55 72.16
CA PHE R 83 61.65 -43.82 71.44
C PHE R 83 62.64 -43.76 70.29
N ASP R 84 63.72 -44.52 70.39
CA ASP R 84 64.57 -44.90 69.26
C ASP R 84 64.33 -46.38 68.95
N MET R 85 64.04 -46.70 67.69
CA MET R 85 63.83 -48.08 67.26
C MET R 85 65.14 -48.88 67.18
N TYR R 86 66.25 -48.17 66.95
CA TYR R 86 67.61 -48.72 66.91
C TYR R 86 68.34 -48.22 68.16
N GLU R 87 68.57 -49.15 69.08
CA GLU R 87 68.69 -48.89 70.52
C GLU R 87 70.09 -48.61 71.07
N GLU R 88 70.14 -48.00 72.25
CA GLU R 88 71.24 -48.20 73.19
C GLU R 88 71.01 -49.59 73.79
N SER R 89 71.92 -50.55 73.54
CA SER R 89 71.66 -52.01 73.58
C SER R 89 71.05 -52.58 74.88
N ILE R 90 71.14 -51.85 75.99
CA ILE R 90 70.50 -52.21 77.26
C ILE R 90 68.99 -51.90 77.29
N ILE R 91 68.52 -50.87 76.59
CA ILE R 91 67.12 -50.40 76.66
C ILE R 91 66.11 -51.50 76.32
N PRO R 92 66.21 -52.26 75.20
CA PRO R 92 65.21 -53.28 74.91
C PRO R 92 65.33 -54.54 75.78
N GLU R 93 66.39 -54.71 76.58
CA GLU R 93 66.50 -55.85 77.50
C GLU R 93 65.45 -55.74 78.61
N LYS R 94 64.43 -56.59 78.54
CA LYS R 94 63.28 -56.61 79.47
C LYS R 94 62.45 -55.31 79.48
N LEU R 95 62.46 -54.53 78.38
CA LEU R 95 61.42 -53.52 78.10
C LEU R 95 60.76 -53.75 76.74
N PRO R 96 59.43 -53.93 76.66
CA PRO R 96 58.74 -54.16 75.39
C PRO R 96 58.49 -52.86 74.59
N GLY R 97 58.61 -51.69 75.20
CA GLY R 97 58.54 -50.40 74.52
C GLY R 97 59.48 -49.37 75.15
N GLY R 98 60.27 -48.67 74.34
CA GLY R 98 61.38 -47.85 74.81
C GLY R 98 61.05 -46.40 75.15
N GLY R 99 59.94 -45.84 74.65
CA GLY R 99 59.65 -44.42 74.83
C GLY R 99 58.29 -43.99 74.33
N GLY R 100 57.69 -42.98 74.94
CA GLY R 100 56.34 -42.48 74.64
C GLY R 100 56.29 -41.26 73.73
N PHE R 101 57.43 -40.72 73.33
CA PHE R 101 57.50 -39.69 72.30
C PHE R 101 58.67 -40.00 71.38
N SER R 102 58.70 -39.46 70.17
CA SER R 102 59.91 -39.50 69.36
C SER R 102 60.08 -38.24 68.54
N ILE R 103 61.33 -37.96 68.17
CA ILE R 103 61.66 -37.07 67.06
C ILE R 103 62.33 -37.93 65.99
N LYS R 104 61.73 -37.99 64.81
CA LYS R 104 62.23 -38.70 63.63
C LYS R 104 62.76 -37.69 62.62
N ASN R 105 63.96 -37.87 62.11
CA ASN R 105 64.44 -37.20 60.91
C ASN R 105 64.50 -38.21 59.77
N ILE R 106 63.91 -37.89 58.63
CA ILE R 106 63.90 -38.75 57.44
C ILE R 106 64.79 -38.14 56.36
N SER R 107 65.69 -38.94 55.81
CA SER R 107 66.56 -38.60 54.69
C SER R 107 66.55 -39.75 53.70
N LEU R 108 66.93 -39.51 52.45
CA LEU R 108 67.00 -40.55 51.43
C LEU R 108 67.94 -41.70 51.83
N TYR R 109 69.00 -41.44 52.58
CA TYR R 109 69.84 -42.49 53.15
C TYR R 109 69.13 -43.28 54.26
N ALA R 110 68.37 -42.62 55.13
CA ALA R 110 67.54 -43.31 56.12
C ALA R 110 66.43 -44.15 55.44
N LEU R 111 65.84 -43.69 54.34
CA LEU R 111 64.92 -44.49 53.53
C LEU R 111 65.60 -45.71 52.92
N TYR R 112 66.83 -45.59 52.42
CA TYR R 112 67.62 -46.74 52.00
C TYR R 112 67.92 -47.70 53.15
N GLN R 113 68.26 -47.22 54.34
CA GLN R 113 68.46 -48.08 55.50
C GLN R 113 67.17 -48.81 55.91
N GLU R 114 66.02 -48.18 55.85
CA GLU R 114 64.74 -48.84 56.07
C GLU R 114 64.43 -49.89 55.00
N HIS R 115 64.98 -49.75 53.78
CA HIS R 115 64.84 -50.78 52.71
C HIS R 115 65.69 -52.00 53.05
N ILE R 116 66.82 -51.83 53.73
CA ILE R 116 67.65 -52.96 54.21
C ILE R 116 66.95 -53.74 55.32
N HIS R 117 66.13 -53.08 56.14
CA HIS R 117 65.23 -53.73 57.10
C HIS R 117 63.94 -54.28 56.48
N ALA R 118 63.76 -54.16 55.16
CA ALA R 118 62.55 -54.51 54.43
C ALA R 118 61.30 -53.74 54.89
N HIS R 119 61.45 -52.56 55.48
CA HIS R 119 60.34 -51.75 55.97
C HIS R 119 59.69 -50.89 54.88
N ASN R 120 60.29 -50.77 53.70
CA ASN R 120 59.72 -50.04 52.57
C ASN R 120 60.03 -50.72 51.22
N ILE R 121 59.30 -50.28 50.20
CA ILE R 121 59.56 -50.60 48.80
C ILE R 121 60.00 -49.31 48.07
N PHE R 122 60.87 -49.45 47.07
CA PHE R 122 61.11 -48.42 46.08
C PHE R 122 60.36 -48.82 44.81
N THR R 123 59.43 -47.99 44.35
CA THR R 123 58.60 -48.30 43.17
C THR R 123 59.41 -48.43 41.88
N HIS R 124 60.58 -47.78 41.86
CA HIS R 124 61.53 -47.92 40.73
C HIS R 124 62.93 -47.88 41.33
N THR R 125 63.84 -48.74 40.89
CA THR R 125 65.25 -48.70 41.29
C THR R 125 65.95 -47.44 40.79
N ASN R 126 67.07 -47.11 41.43
CA ASN R 126 67.89 -45.94 41.17
C ASN R 126 69.31 -46.29 40.70
N THR R 127 69.57 -47.54 40.32
CA THR R 127 70.95 -48.07 40.22
C THR R 127 71.81 -47.36 39.17
N ASP R 128 71.22 -46.92 38.07
CA ASP R 128 71.95 -46.37 36.92
C ASP R 128 71.47 -44.96 36.51
N ARG R 129 70.74 -44.30 37.41
CA ARG R 129 70.29 -42.89 37.22
C ARG R 129 70.77 -42.14 38.47
N PRO R 130 71.87 -41.35 38.42
CA PRO R 130 72.50 -40.78 39.61
C PRO R 130 71.86 -39.47 40.09
N LEU R 131 71.04 -38.81 39.28
CA LEU R 131 70.34 -37.60 39.67
C LEU R 131 69.04 -37.94 40.40
N ALA R 132 68.61 -37.07 41.31
CA ALA R 132 67.35 -37.13 42.02
C ALA R 132 66.63 -35.79 42.01
N ARG R 133 65.30 -35.84 41.95
CA ARG R 133 64.43 -34.63 42.01
C ARG R 133 63.29 -34.90 43.01
N TYR R 134 63.46 -34.57 44.28
CA TYR R 134 62.47 -34.77 45.34
C TYR R 134 61.29 -33.82 45.19
N THR R 135 60.07 -34.34 45.26
CA THR R 135 58.84 -33.57 44.97
C THR R 135 57.95 -33.37 46.20
N GLY R 136 58.24 -34.04 47.31
CA GLY R 136 57.45 -33.96 48.54
C GLY R 136 57.01 -35.33 49.05
N CYS R 137 56.23 -35.33 50.11
CA CYS R 137 55.82 -36.52 50.84
C CYS R 137 54.31 -36.56 51.07
N SER R 138 53.72 -37.74 51.08
CA SER R 138 52.40 -37.98 51.66
C SER R 138 52.54 -38.83 52.91
N LEU R 139 51.91 -38.42 54.01
CA LEU R 139 51.80 -39.21 55.23
C LEU R 139 50.35 -39.60 55.48
N LYS R 140 50.10 -40.85 55.87
CA LYS R 140 48.83 -41.32 56.45
C LYS R 140 49.08 -41.75 57.88
N PHE R 141 48.53 -41.03 58.84
CA PHE R 141 48.64 -41.32 60.26
C PHE R 141 47.45 -42.17 60.68
N TYR R 142 47.68 -43.35 61.23
CA TYR R 142 46.60 -44.26 61.60
C TYR R 142 46.16 -44.06 63.05
N GLN R 143 44.86 -44.14 63.30
CA GLN R 143 44.35 -44.28 64.66
C GLN R 143 44.89 -45.56 65.29
N SER R 144 45.55 -45.46 66.44
CA SER R 144 45.86 -46.64 67.23
C SER R 144 44.60 -47.19 67.88
N LYS R 145 44.62 -48.45 68.30
CA LYS R 145 43.50 -49.06 69.01
C LYS R 145 43.26 -48.41 70.38
N ASP R 146 44.32 -48.32 71.19
CA ASP R 146 44.23 -48.03 72.64
C ASP R 146 44.72 -46.64 73.07
N ILE R 147 45.50 -45.94 72.23
CA ILE R 147 46.16 -44.66 72.66
C ILE R 147 45.96 -43.53 71.64
N ASP R 148 45.75 -42.31 72.11
CA ASP R 148 45.64 -41.12 71.21
C ASP R 148 47.07 -40.63 71.01
N TYR R 149 47.31 -39.67 70.12
CA TYR R 149 48.68 -39.12 70.00
C TYR R 149 48.71 -37.84 69.18
N VAL R 150 49.53 -36.90 69.57
CA VAL R 150 49.73 -35.62 68.87
C VAL R 150 50.93 -35.76 67.95
N VAL R 151 50.83 -35.29 66.72
CA VAL R 151 51.95 -35.15 65.80
C VAL R 151 52.15 -33.68 65.46
N THR R 152 53.38 -33.26 65.30
CA THR R 152 53.70 -32.07 64.51
C THR R 152 54.97 -32.33 63.71
N TYR R 153 55.11 -31.71 62.56
CA TYR R 153 56.21 -31.96 61.65
C TYR R 153 56.80 -30.63 61.16
N SER R 154 58.04 -30.67 60.71
CA SER R 154 58.75 -29.51 60.20
C SER R 154 59.59 -29.90 59.00
N THR R 155 59.94 -28.93 58.14
CA THR R 155 60.84 -29.17 56.97
C THR R 155 61.85 -28.05 56.87
N SER R 156 62.11 -27.30 57.94
CA SER R 156 63.20 -26.30 57.91
C SER R 156 64.49 -27.08 57.65
N LEU R 157 65.10 -26.92 56.48
CA LEU R 157 66.31 -27.73 56.12
C LEU R 157 67.30 -27.72 57.29
N PRO R 158 67.60 -26.58 57.95
CA PRO R 158 68.47 -26.60 59.12
C PRO R 158 67.91 -27.53 60.17
N LEU R 159 68.64 -28.61 60.51
CA LEU R 159 68.18 -29.61 61.49
C LEU R 159 68.99 -29.45 62.79
N ARG R 160 68.30 -29.30 63.93
CA ARG R 160 68.99 -29.16 65.25
C ARG R 160 68.00 -29.53 66.37
N SER R 161 68.51 -29.85 67.56
CA SER R 161 67.66 -30.19 68.73
C SER R 161 67.75 -29.04 69.74
N SER R 162 66.74 -28.87 70.59
CA SER R 162 66.71 -27.78 71.60
C SER R 162 66.08 -28.29 72.91
N MET R 163 66.45 -27.68 74.04
CA MET R 163 65.88 -28.02 75.35
C MET R 163 64.38 -27.69 75.40
N GLY R 164 63.98 -26.56 74.80
CA GLY R 164 62.58 -26.17 74.67
C GLY R 164 61.78 -27.10 73.76
N MET R 165 62.37 -27.63 72.69
CA MET R 165 61.74 -28.67 71.87
C MET R 165 61.42 -29.91 72.71
N TYR R 166 62.39 -30.46 73.44
CA TYR R 166 62.18 -31.68 74.24
C TYR R 166 61.17 -31.47 75.36
N ASN R 167 61.18 -30.32 76.05
CA ASN R 167 60.12 -30.03 77.03
C ASN R 167 58.76 -29.88 76.34
N SER R 168 58.68 -29.21 75.19
CA SER R 168 57.43 -29.03 74.46
C SER R 168 56.84 -30.33 73.90
N MET R 169 57.58 -31.44 73.92
CA MET R 169 57.04 -32.77 73.64
C MET R 169 56.07 -33.27 74.72
N GLN R 170 56.02 -32.64 75.89
CA GLN R 170 55.09 -33.02 76.94
C GLN R 170 53.66 -32.98 76.38
N PRO R 171 52.82 -34.01 76.58
CA PRO R 171 51.59 -34.16 75.81
C PRO R 171 50.63 -32.98 75.87
N SER R 172 50.47 -32.34 77.02
CA SER R 172 49.63 -31.15 77.18
C SER R 172 50.21 -29.95 76.42
N ILE R 173 51.53 -29.75 76.47
CA ILE R 173 52.20 -28.64 75.79
C ILE R 173 52.19 -28.84 74.28
N HIS R 174 52.50 -30.05 73.80
CA HIS R 174 52.43 -30.38 72.39
C HIS R 174 50.99 -30.22 71.86
N LEU R 175 49.99 -30.68 72.60
CA LEU R 175 48.58 -30.49 72.25
C LEU R 175 48.16 -29.01 72.18
N MET R 176 48.83 -28.08 72.86
CA MET R 176 48.54 -26.65 72.71
C MET R 176 49.19 -26.00 71.48
N GLN R 177 50.22 -26.59 70.89
CA GLN R 177 50.96 -25.96 69.79
C GLN R 177 50.12 -25.77 68.52
N GLN R 178 50.46 -24.76 67.72
CA GLN R 178 49.88 -24.53 66.41
C GLN R 178 50.40 -25.56 65.39
N ASN R 179 49.58 -25.86 64.38
CA ASN R 179 49.88 -26.86 63.35
C ASN R 179 50.22 -28.25 63.93
N LYS R 180 49.63 -28.58 65.07
CA LYS R 180 49.50 -29.94 65.58
C LYS R 180 48.52 -30.73 64.70
N LEU R 181 48.63 -32.05 64.77
CA LEU R 181 47.62 -33.00 64.35
C LEU R 181 47.32 -33.92 65.53
N ILE R 182 46.06 -34.01 65.94
CA ILE R 182 45.63 -34.94 66.99
C ILE R 182 45.03 -36.15 66.31
N VAL R 183 45.49 -37.34 66.66
CA VAL R 183 44.92 -38.60 66.20
C VAL R 183 44.28 -39.31 67.38
N PRO R 184 42.94 -39.25 67.52
CA PRO R 184 42.23 -40.00 68.54
C PRO R 184 42.41 -41.50 68.29
N SER R 185 42.44 -42.30 69.33
CA SER R 185 42.33 -43.75 69.21
C SER R 185 40.99 -44.15 68.63
N LYS R 186 40.89 -45.38 68.12
CA LYS R 186 39.61 -45.95 67.66
C LYS R 186 38.57 -46.03 68.78
N GLN R 187 39.03 -46.18 70.02
CA GLN R 187 38.18 -46.13 71.22
C GLN R 187 37.64 -44.73 71.50
N THR R 188 38.46 -43.67 71.44
CA THR R 188 37.98 -42.31 71.73
C THR R 188 37.17 -41.68 70.60
N GLN R 189 37.39 -42.05 69.33
CA GLN R 189 36.55 -41.62 68.22
C GLN R 189 36.54 -42.61 67.06
N LYS R 190 35.38 -43.18 66.73
CA LYS R 190 35.16 -43.89 65.47
C LYS R 190 35.03 -42.89 64.33
N ARG R 191 35.69 -43.14 63.20
CA ARG R 191 35.79 -42.23 62.05
C ARG R 191 35.42 -42.93 60.75
N ARG R 192 35.01 -42.16 59.74
CA ARG R 192 34.77 -42.66 58.37
C ARG R 192 36.03 -43.26 57.77
N LYS R 193 37.12 -42.48 57.75
CA LYS R 193 38.44 -42.94 57.34
C LYS R 193 39.27 -43.23 58.60
N PRO R 194 39.93 -44.39 58.71
CA PRO R 194 40.65 -44.79 59.91
C PRO R 194 42.03 -44.13 60.06
N TYR R 195 42.33 -43.11 59.25
CA TYR R 195 43.60 -42.42 59.16
C TYR R 195 43.40 -40.94 58.86
N ILE R 196 44.39 -40.12 59.15
CA ILE R 196 44.45 -38.72 58.71
C ILE R 196 45.60 -38.57 57.72
N LYS R 197 45.31 -38.04 56.53
CA LYS R 197 46.25 -37.92 55.41
C LYS R 197 46.63 -36.48 55.16
N LYS R 198 47.92 -36.19 55.02
CA LYS R 198 48.37 -34.87 54.56
C LYS R 198 49.66 -34.89 53.78
N HIS R 199 49.76 -33.95 52.85
CA HIS R 199 50.89 -33.78 51.93
C HIS R 199 51.84 -32.73 52.47
N ILE R 200 53.13 -33.03 52.43
CA ILE R 200 54.20 -32.20 52.97
C ILE R 200 55.15 -31.82 51.83
N SER R 201 55.37 -30.52 51.64
CA SER R 201 56.22 -29.99 50.59
C SER R 201 57.72 -30.18 50.93
N PRO R 202 58.66 -30.18 49.97
CA PRO R 202 60.09 -30.23 50.29
C PRO R 202 60.55 -29.10 51.22
N PRO R 203 61.68 -29.27 51.92
CA PRO R 203 62.35 -28.17 52.60
C PRO R 203 62.53 -26.98 51.68
N THR R 204 62.41 -25.75 52.20
CA THR R 204 62.53 -24.55 51.35
C THR R 204 63.90 -24.44 50.66
N GLN R 205 64.93 -25.06 51.27
CA GLN R 205 66.32 -25.11 50.72
C GLN R 205 66.44 -26.16 49.61
N MET R 206 65.58 -27.18 49.60
CA MET R 206 65.51 -28.15 48.51
C MET R 206 64.63 -27.57 47.40
N LYS R 207 65.26 -27.01 46.36
CA LYS R 207 64.54 -26.42 45.22
C LYS R 207 64.07 -27.52 44.26
N SER R 208 63.25 -27.19 43.27
CA SER R 208 62.73 -28.18 42.32
C SER R 208 63.79 -28.74 41.35
N GLN R 209 65.01 -28.19 41.35
CA GLN R 209 66.11 -28.64 40.51
C GLN R 209 66.50 -30.12 40.74
N TRP R 210 67.23 -30.69 39.80
CA TRP R 210 67.91 -31.97 39.98
C TRP R 210 69.13 -31.84 40.88
N TYR R 211 69.41 -32.85 41.68
CA TYR R 211 70.58 -32.94 42.55
C TYR R 211 71.21 -34.33 42.41
N PHE R 212 72.53 -34.46 42.45
CA PHE R 212 73.13 -35.78 42.60
C PHE R 212 72.65 -36.47 43.87
N GLN R 213 72.31 -37.74 43.79
CA GLN R 213 71.81 -38.51 44.96
C GLN R 213 72.88 -38.58 46.05
N HIS R 214 74.18 -38.52 45.72
CA HIS R 214 75.30 -38.51 46.69
C HIS R 214 75.24 -37.24 47.55
N ASN R 215 74.85 -36.11 46.96
CA ASN R 215 74.79 -34.83 47.67
C ASN R 215 73.60 -34.77 48.63
N ILE R 216 72.41 -35.13 48.15
CA ILE R 216 71.17 -35.05 48.96
C ILE R 216 70.93 -36.24 49.88
N ALA R 217 71.71 -37.32 49.79
CA ALA R 217 71.50 -38.55 50.55
C ALA R 217 71.25 -38.31 52.03
N ASN R 218 72.07 -37.49 52.68
CA ASN R 218 72.02 -37.25 54.13
C ASN R 218 71.24 -35.99 54.55
N ILE R 219 70.76 -35.18 53.62
CA ILE R 219 69.97 -33.97 53.90
C ILE R 219 68.63 -34.39 54.52
N PRO R 220 68.26 -33.97 55.75
CA PRO R 220 67.00 -34.39 56.36
C PRO R 220 65.84 -33.64 55.72
N LEU R 221 64.97 -34.37 55.00
CA LEU R 221 63.87 -33.75 54.18
C LEU R 221 62.56 -33.66 54.97
N LEU R 222 62.48 -34.28 56.14
CA LEU R 222 61.31 -34.21 57.01
C LEU R 222 61.71 -34.47 58.46
N MET R 223 61.17 -33.70 59.41
CA MET R 223 61.14 -34.06 60.82
C MET R 223 59.71 -34.34 61.28
N ILE R 224 59.47 -35.48 61.92
CA ILE R 224 58.20 -35.79 62.58
C ILE R 224 58.41 -35.82 64.09
N ARG R 225 57.62 -35.09 64.85
CA ARG R 225 57.58 -35.11 66.31
C ARG R 225 56.26 -35.72 66.75
N THR R 226 56.29 -36.75 67.58
CA THR R 226 55.07 -37.43 68.06
C THR R 226 55.13 -37.64 69.56
N THR R 227 54.02 -37.47 70.27
CA THR R 227 53.89 -37.78 71.70
C THR R 227 52.60 -38.53 71.98
N ALA R 228 52.65 -39.53 72.85
CA ALA R 228 51.51 -40.32 73.31
C ALA R 228 50.66 -39.54 74.33
N LEU R 229 49.35 -39.70 74.27
CA LEU R 229 48.38 -38.79 74.85
C LEU R 229 47.16 -39.57 75.38
N THR R 230 46.42 -39.02 76.34
CA THR R 230 45.00 -39.38 76.46
C THR R 230 44.13 -38.14 76.55
N LEU R 231 43.07 -38.10 75.76
CA LEU R 231 42.06 -37.04 75.76
C LEU R 231 41.00 -37.25 76.86
N ASP R 232 40.55 -38.49 77.08
CA ASP R 232 39.51 -38.83 78.06
C ASP R 232 39.99 -38.91 79.52
N ASN R 233 41.29 -39.08 79.75
CA ASN R 233 41.92 -39.16 81.08
C ASN R 233 42.93 -38.02 81.26
N TYR R 234 42.72 -36.89 80.60
CA TYR R 234 43.70 -35.81 80.50
C TYR R 234 44.23 -35.33 81.85
N TYR R 235 43.38 -35.13 82.85
CA TYR R 235 43.80 -34.68 84.18
C TYR R 235 44.18 -35.82 85.11
N ILE R 236 43.33 -36.84 85.24
CA ILE R 236 43.56 -37.96 86.14
C ILE R 236 44.76 -38.80 85.70
N GLY R 237 44.89 -39.04 84.39
CA GLY R 237 45.97 -39.83 83.81
C GLY R 237 45.97 -41.24 84.38
N SER R 238 47.04 -41.61 85.08
CA SER R 238 47.15 -42.87 85.82
C SER R 238 47.25 -42.68 87.34
N ARG R 239 46.81 -41.54 87.87
CA ARG R 239 46.70 -41.26 89.32
C ARG R 239 45.95 -42.38 90.05
N GLN R 240 46.45 -42.75 91.23
CA GLN R 240 45.80 -43.67 92.17
C GLN R 240 45.72 -42.98 93.54
N LEU R 241 44.60 -43.14 94.26
CA LEU R 241 44.37 -42.49 95.55
C LEU R 241 44.54 -40.96 95.47
N SER R 242 45.40 -40.36 96.30
CA SER R 242 45.65 -38.92 96.37
C SER R 242 46.22 -38.32 95.08
N THR R 243 46.03 -37.02 94.87
CA THR R 243 46.72 -36.28 93.79
C THR R 243 48.23 -36.19 94.02
N ASN R 244 48.68 -36.24 95.27
CA ASN R 244 50.10 -36.23 95.65
C ASN R 244 50.80 -37.50 95.18
N VAL R 245 51.98 -37.35 94.59
CA VAL R 245 52.93 -38.44 94.29
C VAL R 245 54.06 -38.41 95.31
N THR R 246 54.54 -39.58 95.73
CA THR R 246 55.68 -39.69 96.66
C THR R 246 56.98 -39.86 95.89
N ILE R 247 57.95 -39.00 96.17
CA ILE R 247 59.30 -39.04 95.61
C ILE R 247 60.26 -39.50 96.71
N HIS R 248 61.12 -40.49 96.43
CA HIS R 248 62.19 -40.87 97.37
C HIS R 248 63.40 -40.02 97.00
N THR R 249 64.24 -39.63 97.94
CA THR R 249 65.49 -38.89 97.66
C THR R 249 66.60 -39.25 98.63
N LEU R 250 67.85 -38.99 98.23
CA LEU R 250 69.01 -39.15 99.15
C LEU R 250 69.00 -37.94 100.08
N ASN R 251 68.99 -38.14 101.41
CA ASN R 251 69.12 -36.99 102.35
C ASN R 251 70.29 -36.14 101.84
N THR R 252 70.07 -34.86 101.55
CA THR R 252 71.11 -33.95 101.04
C THR R 252 71.94 -33.48 102.20
N THR R 253 71.36 -33.35 103.40
CA THR R 253 72.02 -32.79 104.59
C THR R 253 73.04 -33.74 105.23
N TYR R 254 73.21 -34.96 104.72
CA TYR R 254 74.15 -35.96 105.25
C TYR R 254 74.92 -36.72 104.17
N ILE R 255 74.26 -37.10 103.07
CA ILE R 255 74.89 -37.82 101.95
C ILE R 255 75.36 -36.82 100.88
N GLN R 256 76.64 -36.43 100.87
CA GLN R 256 77.07 -35.40 99.90
C GLN R 256 78.42 -35.71 99.24
N ASN R 257 79.18 -36.68 99.76
CA ASN R 257 80.54 -36.84 99.25
C ASN R 257 80.68 -37.37 97.83
N ARG R 258 79.65 -38.06 97.31
CA ARG R 258 79.63 -38.58 95.90
C ARG R 258 80.87 -39.42 95.57
N ASP R 259 81.47 -40.10 96.56
CA ASP R 259 82.64 -40.96 96.33
C ASP R 259 82.23 -42.44 96.10
N TRP R 260 81.40 -42.69 95.10
CA TRP R 260 80.72 -43.98 94.94
C TRP R 260 81.42 -45.00 94.03
N GLY R 261 81.09 -46.27 94.23
CA GLY R 261 81.39 -47.34 93.29
C GLY R 261 82.79 -47.92 93.35
N ASP R 262 83.43 -47.94 94.53
CA ASP R 262 84.68 -48.67 94.80
C ASP R 262 84.55 -49.58 96.04
N ARG R 263 85.16 -50.78 96.00
CA ARG R 263 85.29 -51.63 97.21
C ARG R 263 86.69 -51.32 97.78
N ASN R 264 87.45 -50.44 97.13
CA ASN R 264 88.82 -50.05 97.49
C ASN R 264 88.88 -48.80 98.38
N LYS R 265 87.74 -48.33 98.91
CA LYS R 265 87.61 -47.06 99.65
C LYS R 265 86.58 -47.20 100.78
N THR R 266 86.96 -46.91 102.02
CA THR R 266 85.99 -46.80 103.13
C THR R 266 85.09 -45.59 102.90
N TYR R 267 83.76 -45.78 102.85
CA TYR R 267 82.85 -44.69 102.53
C TYR R 267 82.60 -43.77 103.72
N TYR R 268 82.57 -42.47 103.44
CA TYR R 268 82.26 -41.40 104.39
C TYR R 268 81.23 -40.49 103.72
N CYS R 269 80.18 -40.11 104.44
CA CYS R 269 78.99 -39.52 103.82
C CYS R 269 79.10 -38.00 103.60
N GLN R 270 79.75 -37.27 104.50
CA GLN R 270 80.00 -35.83 104.35
C GLN R 270 81.33 -35.40 104.97
N THR R 271 81.85 -34.27 104.51
CA THR R 271 82.90 -33.50 105.17
C THR R 271 82.33 -32.18 105.68
N LEU R 272 82.69 -31.79 106.91
CA LEU R 272 82.41 -30.45 107.44
C LEU R 272 83.68 -29.90 108.10
N GLY R 273 84.07 -28.66 107.77
CA GLY R 273 85.38 -28.14 108.13
C GLY R 273 86.51 -29.05 107.62
N THR R 274 87.31 -29.60 108.53
CA THR R 274 88.32 -30.63 108.24
C THR R 274 87.82 -32.07 108.46
N GLN R 275 86.66 -32.26 109.09
CA GLN R 275 86.18 -33.58 109.52
C GLN R 275 85.68 -34.44 108.35
N ARG R 276 85.58 -35.75 108.61
CA ARG R 276 84.81 -36.72 107.82
C ARG R 276 83.76 -37.38 108.72
N TYR R 277 82.59 -37.68 108.18
CA TYR R 277 81.49 -38.32 108.91
C TYR R 277 81.15 -39.67 108.28
N PHE R 278 80.76 -40.61 109.13
CA PHE R 278 80.68 -42.03 108.84
C PHE R 278 79.35 -42.60 109.32
N LEU R 279 78.90 -43.65 108.66
CA LEU R 279 77.64 -44.32 108.92
C LEU R 279 77.91 -45.75 109.40
N TYR R 280 77.09 -46.24 110.32
CA TYR R 280 77.16 -47.62 110.83
C TYR R 280 75.76 -48.21 110.94
N GLY R 281 75.57 -49.45 110.50
CA GLY R 281 74.31 -50.18 110.70
C GLY R 281 74.33 -50.95 112.01
N THR R 282 73.17 -51.23 112.59
CA THR R 282 73.08 -52.20 113.69
C THR R 282 71.76 -52.95 113.67
N HIS R 283 71.76 -54.18 114.20
CA HIS R 283 70.51 -54.96 114.37
C HIS R 283 70.10 -54.85 115.84
N SER R 284 70.83 -54.05 116.63
CA SER R 284 70.57 -53.92 118.07
C SER R 284 69.15 -53.41 118.35
N THR R 285 68.53 -53.99 119.37
CA THR R 285 67.25 -53.54 119.95
C THR R 285 67.42 -52.40 120.96
N ALA R 286 68.65 -51.96 121.23
CA ALA R 286 68.93 -50.90 122.19
C ALA R 286 68.19 -49.60 121.84
N GLN R 287 67.48 -49.05 122.83
CA GLN R 287 66.68 -47.83 122.64
C GLN R 287 67.52 -46.54 122.71
N ASN R 288 68.65 -46.56 123.42
CA ASN R 288 69.46 -45.37 123.69
C ASN R 288 70.76 -45.41 122.87
N ILE R 289 70.97 -44.36 122.06
CA ILE R 289 72.16 -44.22 121.19
C ILE R 289 73.49 -44.22 121.98
N ASN R 290 73.46 -43.84 123.26
CA ASN R 290 74.67 -43.81 124.09
C ASN R 290 75.19 -45.21 124.46
N ASP R 291 74.29 -46.17 124.79
CA ASP R 291 74.70 -47.50 125.36
C ASP R 291 75.00 -48.60 124.34
N ILE R 292 74.74 -48.40 123.06
CA ILE R 292 75.13 -49.36 122.02
C ILE R 292 76.64 -49.64 122.12
N LYS R 293 77.05 -50.90 121.95
CA LYS R 293 78.46 -51.30 122.06
C LYS R 293 79.29 -50.77 120.87
N LEU R 294 80.61 -50.96 120.92
CA LEU R 294 81.46 -50.65 119.74
C LEU R 294 81.31 -51.86 118.79
N GLN R 295 80.89 -53.02 119.32
CA GLN R 295 80.72 -54.26 118.53
C GLN R 295 79.43 -54.23 117.68
N GLU R 296 78.32 -53.75 118.24
CA GLU R 296 77.01 -53.77 117.55
C GLU R 296 77.12 -53.14 116.15
N LEU R 297 77.86 -52.03 116.03
CA LEU R 297 77.95 -51.28 114.75
C LEU R 297 78.50 -52.14 113.61
N ILE R 298 77.90 -52.06 112.41
CA ILE R 298 78.37 -52.78 111.19
C ILE R 298 78.93 -51.68 110.29
N PRO R 299 80.25 -51.41 110.28
CA PRO R 299 80.81 -50.26 109.59
C PRO R 299 80.68 -50.46 108.09
N LEU R 300 80.58 -49.38 107.32
CA LEU R 300 80.40 -49.46 105.84
C LEU R 300 81.74 -49.13 105.15
N THR R 301 82.38 -50.13 104.53
CA THR R 301 83.69 -49.97 103.85
C THR R 301 83.49 -50.17 102.35
N ASN R 302 82.27 -50.41 101.90
CA ASN R 302 81.96 -50.56 100.48
C ASN R 302 80.69 -49.75 100.15
N THR R 303 80.64 -49.10 98.99
CA THR R 303 79.35 -48.66 98.40
C THR R 303 78.96 -49.40 97.14
N GLN R 304 79.95 -50.01 96.46
CA GLN R 304 79.79 -50.65 95.12
C GLN R 304 78.94 -51.94 95.10
N ASP R 305 78.61 -52.53 96.24
CA ASP R 305 77.87 -53.82 96.25
C ASP R 305 76.50 -53.75 96.90
N TYR R 306 75.63 -54.72 96.59
CA TYR R 306 74.33 -54.86 97.24
C TYR R 306 74.42 -55.43 98.67
N VAL R 307 75.60 -55.89 99.09
CA VAL R 307 75.80 -56.68 100.32
C VAL R 307 75.34 -55.93 101.58
N GLN R 308 74.62 -56.62 102.47
CA GLN R 308 74.13 -56.09 103.75
C GLN R 308 75.22 -55.96 104.81
N GLY R 309 76.26 -56.78 104.70
CA GLY R 309 77.20 -57.02 105.79
C GLY R 309 76.59 -57.97 106.83
N PHE R 310 77.25 -58.10 107.97
CA PHE R 310 76.77 -58.87 109.12
C PHE R 310 77.39 -58.36 110.42
N ASP R 311 76.76 -58.74 111.55
CA ASP R 311 77.17 -58.34 112.89
C ASP R 311 78.39 -59.14 113.40
N TRP R 312 79.15 -58.55 114.34
CA TRP R 312 80.31 -59.18 114.99
C TRP R 312 79.96 -60.49 115.72
N THR R 313 78.68 -60.68 116.10
CA THR R 313 78.20 -61.96 116.64
C THR R 313 78.33 -63.13 115.64
N GLU R 314 78.52 -62.86 114.35
CA GLU R 314 78.78 -63.89 113.33
C GLU R 314 80.29 -64.08 113.02
N LYS R 315 81.18 -63.54 113.87
CA LYS R 315 82.65 -63.73 113.79
C LYS R 315 83.03 -65.20 113.50
N ASP R 316 82.43 -66.13 114.24
CA ASP R 316 82.71 -67.56 114.12
C ASP R 316 82.07 -68.23 112.88
N LYS R 317 81.11 -67.59 112.21
CA LYS R 317 80.53 -68.11 110.95
C LYS R 317 81.41 -67.83 109.73
N HIS R 318 82.22 -66.74 109.79
CA HIS R 318 83.14 -66.31 108.69
C HIS R 318 84.60 -66.40 109.15
N ASN R 319 84.90 -67.23 110.14
CA ASN R 319 86.26 -67.49 110.63
C ASN R 319 87.07 -66.20 110.86
N ILE R 320 86.41 -65.13 111.29
CA ILE R 320 87.01 -63.82 111.51
C ILE R 320 87.94 -63.85 112.73
N THR R 321 89.15 -63.36 112.57
CA THR R 321 90.16 -63.29 113.65
C THR R 321 90.31 -61.89 114.24
N THR R 322 90.00 -60.84 113.47
CA THR R 322 90.22 -59.43 113.86
C THR R 322 89.13 -58.51 113.33
N TYR R 323 89.01 -57.32 113.90
CA TYR R 323 88.14 -56.28 113.36
C TYR R 323 88.51 -55.90 111.91
N LYS R 324 89.79 -56.04 111.50
CA LYS R 324 90.20 -55.90 110.09
C LYS R 324 89.49 -56.90 109.17
N GLU R 325 89.38 -58.16 109.58
CA GLU R 325 88.58 -59.15 108.84
C GLU R 325 87.06 -58.94 108.98
N PHE R 326 86.58 -58.38 110.09
CA PHE R 326 85.19 -57.96 110.20
C PHE R 326 84.85 -56.82 109.24
N LEU R 327 85.73 -55.80 109.11
CA LEU R 327 85.63 -54.72 108.11
C LEU R 327 85.57 -55.25 106.68
N THR R 328 86.42 -56.22 106.31
CA THR R 328 86.47 -56.69 104.92
C THR R 328 85.36 -57.69 104.61
N LYS R 329 85.06 -58.65 105.49
CA LYS R 329 84.01 -59.64 105.25
C LYS R 329 82.60 -59.13 105.56
N GLY R 330 82.44 -58.36 106.64
CA GLY R 330 81.15 -58.09 107.27
C GLY R 330 80.61 -56.67 107.12
N ALA R 331 81.32 -55.74 106.50
CA ALA R 331 80.80 -54.40 106.27
C ALA R 331 79.59 -54.36 105.34
N GLY R 332 78.65 -53.45 105.62
CA GLY R 332 77.38 -53.32 104.88
C GLY R 332 77.35 -52.15 103.91
N ASN R 333 76.73 -52.28 102.75
CA ASN R 333 76.58 -51.14 101.84
C ASN R 333 75.38 -50.30 102.30
N PRO R 334 75.49 -48.96 102.41
CA PRO R 334 74.45 -48.13 103.01
C PRO R 334 73.14 -48.13 102.22
N PHE R 335 73.22 -48.48 100.93
CA PHE R 335 72.10 -48.57 100.00
C PHE R 335 71.47 -49.97 99.92
N HIS R 336 71.86 -50.92 100.78
CA HIS R 336 71.12 -52.19 100.90
C HIS R 336 69.68 -51.93 101.36
N ALA R 337 68.74 -52.82 101.01
CA ALA R 337 67.29 -52.60 101.17
C ALA R 337 66.84 -52.32 102.62
N GLU R 338 67.60 -52.72 103.64
CA GLU R 338 67.30 -52.35 105.03
C GLU R 338 68.03 -51.08 105.50
N TRP R 339 69.25 -50.81 105.03
CA TRP R 339 70.00 -49.61 105.43
C TRP R 339 69.57 -48.35 104.66
N ILE R 340 69.09 -48.48 103.41
CA ILE R 340 68.69 -47.37 102.53
C ILE R 340 67.61 -46.47 103.15
N THR R 341 66.65 -47.07 103.85
CA THR R 341 65.57 -46.38 104.61
C THR R 341 65.67 -46.63 106.11
N ALA R 342 66.79 -47.17 106.60
CA ALA R 342 67.02 -47.54 107.99
C ALA R 342 65.88 -48.36 108.61
N GLN R 343 65.39 -49.38 107.89
CA GLN R 343 64.40 -50.34 108.41
C GLN R 343 64.92 -50.98 109.71
N ASN R 344 66.21 -51.34 109.72
CA ASN R 344 66.98 -51.60 110.93
C ASN R 344 67.87 -50.36 111.18
N PRO R 345 68.03 -49.89 112.44
CA PRO R 345 68.65 -48.60 112.72
C PRO R 345 70.03 -48.41 112.09
N VAL R 346 70.29 -47.17 111.67
CA VAL R 346 71.54 -46.71 111.05
C VAL R 346 72.02 -45.48 111.82
N ILE R 347 73.30 -45.46 112.16
CA ILE R 347 73.91 -44.49 113.05
C ILE R 347 74.92 -43.64 112.29
N HIS R 348 74.80 -42.32 112.35
CA HIS R 348 75.69 -41.34 111.74
C HIS R 348 76.60 -40.74 112.80
N THR R 349 77.91 -40.63 112.55
CA THR R 349 78.88 -40.14 113.54
C THR R 349 80.11 -39.50 112.89
N ALA R 350 80.79 -38.61 113.61
CA ALA R 350 82.11 -38.13 113.24
C ALA R 350 83.21 -39.17 113.51
N ASN R 351 82.95 -40.18 114.35
CA ASN R 351 83.99 -41.13 114.76
C ASN R 351 84.35 -42.10 113.63
N SER R 352 85.55 -41.94 113.07
CA SER R 352 86.04 -42.76 111.98
C SER R 352 86.19 -44.23 112.40
N PRO R 353 85.88 -45.20 111.52
CA PRO R 353 86.14 -46.61 111.77
C PRO R 353 87.58 -46.89 112.21
N THR R 354 88.56 -46.12 111.73
CA THR R 354 89.96 -46.30 112.15
C THR R 354 90.21 -45.92 113.60
N GLN R 355 89.45 -44.98 114.19
CA GLN R 355 89.51 -44.80 115.64
C GLN R 355 88.91 -46.02 116.35
N ILE R 356 87.82 -46.58 115.83
CA ILE R 356 87.28 -47.85 116.33
C ILE R 356 88.28 -49.01 116.13
N GLU R 357 89.03 -49.06 115.01
CA GLU R 357 90.11 -50.02 114.79
C GLU R 357 91.15 -49.89 115.90
N GLN R 358 91.61 -48.67 116.20
CA GLN R 358 92.55 -48.43 117.28
C GLN R 358 92.01 -48.94 118.63
N ILE R 359 90.73 -48.71 118.94
CA ILE R 359 90.13 -49.23 120.18
C ILE R 359 90.07 -50.76 120.20
N TYR R 360 89.63 -51.41 119.11
CA TYR R 360 89.64 -52.87 118.99
C TYR R 360 91.06 -53.46 119.07
N THR R 361 91.96 -52.98 118.21
CA THR R 361 93.31 -53.54 118.06
C THR R 361 94.15 -53.28 119.31
N ALA R 362 93.99 -52.13 119.99
CA ALA R 362 94.67 -51.88 121.25
C ALA R 362 94.28 -52.93 122.32
N SER R 363 93.00 -53.28 122.43
CA SER R 363 92.58 -54.48 123.16
C SER R 363 91.18 -54.96 122.77
N THR R 364 91.11 -56.19 122.22
CA THR R 364 89.87 -56.87 121.81
C THR R 364 88.97 -57.17 123.02
N THR R 365 89.56 -57.40 124.19
CA THR R 365 88.81 -57.62 125.45
C THR R 365 88.09 -56.35 125.91
N THR R 366 88.66 -55.15 125.69
CA THR R 366 87.97 -53.89 126.01
C THR R 366 87.01 -53.43 124.92
N PHE R 367 87.04 -54.01 123.71
CA PHE R 367 86.01 -53.80 122.69
C PHE R 367 84.64 -54.32 123.14
N GLN R 368 84.61 -55.40 123.93
CA GLN R 368 83.41 -55.89 124.62
C GLN R 368 82.90 -54.85 125.64
N ASN R 369 83.81 -54.24 126.40
CA ASN R 369 83.46 -53.30 127.46
C ASN R 369 83.01 -51.93 126.92
N LYS R 370 83.70 -51.39 125.91
CA LYS R 370 83.43 -50.05 125.37
C LYS R 370 82.05 -49.96 124.69
N LYS R 371 81.35 -48.87 124.99
CA LYS R 371 80.07 -48.47 124.37
C LYS R 371 80.24 -47.18 123.57
N LEU R 372 79.17 -46.66 122.99
CA LEU R 372 79.16 -45.38 122.27
C LEU R 372 79.39 -44.17 123.19
N THR R 373 79.20 -44.30 124.50
CA THR R 373 79.73 -43.36 125.50
C THR R 373 81.27 -43.34 125.52
N ASP R 374 81.86 -42.19 125.83
CA ASP R 374 83.31 -42.00 126.00
C ASP R 374 84.17 -42.45 124.79
N LEU R 375 83.60 -42.46 123.59
CA LEU R 375 84.34 -42.66 122.35
C LEU R 375 84.96 -41.35 121.83
N PRO R 376 86.02 -41.43 121.00
CA PRO R 376 86.53 -40.24 120.33
C PRO R 376 85.50 -39.66 119.36
N THR R 377 85.44 -38.32 119.27
CA THR R 377 84.48 -37.56 118.43
C THR R 377 83.10 -38.25 118.32
N PRO R 378 82.37 -38.48 119.44
CA PRO R 378 81.14 -39.27 119.38
C PRO R 378 79.85 -38.55 119.03
N GLY R 379 79.67 -38.19 117.76
CA GLY R 379 78.43 -37.54 117.30
C GLY R 379 77.45 -38.60 116.85
N TYR R 380 77.29 -39.68 117.64
CA TYR R 380 76.39 -40.80 117.28
C TYR R 380 74.94 -40.32 117.28
N ILE R 381 74.27 -40.35 116.12
CA ILE R 381 72.86 -39.88 115.97
C ILE R 381 72.09 -40.97 115.21
N PHE R 382 70.77 -40.86 115.03
CA PHE R 382 70.01 -41.83 114.20
C PHE R 382 69.58 -41.12 112.92
N ILE R 383 70.22 -41.40 111.78
CA ILE R 383 69.95 -40.70 110.51
C ILE R 383 69.57 -41.72 109.42
N THR R 384 68.60 -41.38 108.57
CA THR R 384 68.15 -42.24 107.47
C THR R 384 68.76 -41.75 106.14
N PRO R 385 69.43 -42.61 105.34
CA PRO R 385 70.00 -42.19 104.06
C PRO R 385 68.95 -41.69 103.07
N THR R 386 67.73 -42.24 103.13
CA THR R 386 66.59 -41.82 102.31
C THR R 386 65.57 -41.03 103.12
N VAL R 387 64.96 -40.02 102.49
CA VAL R 387 63.71 -39.41 102.93
C VAL R 387 62.68 -39.49 101.79
N SER R 388 61.40 -39.62 102.12
CA SER R 388 60.30 -39.56 101.16
C SER R 388 59.61 -38.20 101.22
N LEU R 389 59.53 -37.52 100.08
CA LEU R 389 58.81 -36.25 99.90
C LEU R 389 57.45 -36.50 99.26
N ARG R 390 56.49 -35.61 99.48
CA ARG R 390 55.23 -35.54 98.72
C ARG R 390 55.25 -34.35 97.78
N TYR R 391 54.96 -34.59 96.50
CA TYR R 391 54.85 -33.57 95.46
C TYR R 391 53.41 -33.49 94.97
N ASN R 392 52.87 -32.28 94.84
CA ASN R 392 51.56 -32.05 94.26
C ASN R 392 51.73 -31.13 93.03
N PRO R 393 51.36 -31.56 91.82
CA PRO R 393 51.57 -30.76 90.62
C PRO R 393 50.74 -29.48 90.60
N TYR R 394 49.58 -29.49 91.25
CA TYR R 394 48.65 -28.31 91.25
C TYR R 394 49.16 -27.28 92.25
N LYS R 395 50.04 -27.67 93.17
CA LYS R 395 50.62 -26.76 94.19
C LYS R 395 51.96 -26.22 93.69
N ASP R 396 52.36 -26.55 92.46
CA ASP R 396 53.68 -26.15 91.90
C ASP R 396 53.56 -24.85 91.09
N LEU R 397 54.34 -23.82 91.44
CA LEU R 397 54.27 -22.51 90.80
C LEU R 397 55.50 -22.19 89.94
N ALA R 398 56.49 -23.08 89.91
CA ALA R 398 57.66 -22.95 89.05
C ALA R 398 58.49 -21.65 89.22
N GLU R 399 58.50 -21.02 90.40
CA GLU R 399 59.19 -19.74 90.60
C GLU R 399 60.70 -19.91 90.82
N ARG R 400 61.13 -21.04 91.41
CA ARG R 400 62.53 -21.35 91.70
C ARG R 400 62.89 -22.81 91.39
N ASN R 401 62.15 -23.42 90.48
CA ASN R 401 62.41 -24.77 89.97
C ASN R 401 63.67 -24.79 89.12
N LYS R 402 64.44 -25.89 89.18
CA LYS R 402 65.74 -26.03 88.52
C LYS R 402 66.10 -27.50 88.38
N CYS R 403 66.95 -27.86 87.41
CA CYS R 403 67.27 -29.25 87.10
C CYS R 403 68.61 -29.35 86.34
N TYR R 404 69.49 -30.27 86.72
CA TYR R 404 70.79 -30.48 86.08
C TYR R 404 71.42 -31.83 86.45
N PHE R 405 72.46 -32.24 85.70
CA PHE R 405 73.23 -33.46 85.98
C PHE R 405 74.59 -33.13 86.60
N VAL R 406 74.98 -33.89 87.62
CA VAL R 406 76.30 -33.83 88.27
C VAL R 406 77.02 -35.17 88.10
N ARG R 407 78.35 -35.18 88.13
CA ARG R 407 79.18 -36.37 87.93
C ARG R 407 79.11 -37.28 89.17
N SER R 408 78.69 -38.53 89.02
CA SER R 408 78.54 -39.46 90.15
C SER R 408 79.87 -40.08 90.58
N LYS R 409 80.62 -40.70 89.64
CA LYS R 409 81.98 -41.23 89.89
C LYS R 409 83.05 -40.15 89.74
N ILE R 410 83.08 -39.16 90.64
CA ILE R 410 84.24 -38.28 90.84
C ILE R 410 84.42 -37.94 92.31
N ASN R 411 85.65 -37.57 92.68
CA ASN R 411 86.00 -37.16 94.04
C ASN R 411 85.70 -35.66 94.27
N ALA R 412 84.44 -35.25 94.16
CA ALA R 412 84.01 -33.86 94.38
C ALA R 412 82.81 -33.77 95.33
N HIS R 413 82.91 -32.86 96.29
CA HIS R 413 81.90 -32.67 97.33
C HIS R 413 80.70 -31.85 96.83
N GLY R 414 79.53 -32.08 97.44
CA GLY R 414 78.36 -31.22 97.29
C GLY R 414 77.59 -31.41 96.00
N TRP R 415 76.47 -30.70 95.90
CA TRP R 415 75.43 -30.89 94.89
C TRP R 415 75.18 -29.66 94.01
N ASP R 416 75.99 -28.61 94.16
CA ASP R 416 75.76 -27.35 93.41
C ASP R 416 75.75 -27.61 91.89
N PRO R 417 75.03 -26.82 91.07
CA PRO R 417 75.08 -26.99 89.63
C PRO R 417 76.53 -26.86 89.21
N GLU R 418 77.04 -27.80 88.43
CA GLU R 418 78.48 -27.80 88.04
C GLU R 418 78.62 -28.17 86.56
N GLN R 419 79.85 -28.12 86.03
CA GLN R 419 80.11 -28.47 84.61
C GLN R 419 79.30 -27.52 83.71
N HIS R 420 78.43 -28.04 82.83
CA HIS R 420 77.66 -27.21 81.87
C HIS R 420 76.62 -26.36 82.60
N GLN R 421 76.77 -25.04 82.58
CA GLN R 421 75.79 -24.10 83.20
C GLN R 421 74.75 -23.74 82.13
N GLU R 422 75.04 -23.99 80.85
CA GLU R 422 74.06 -23.78 79.79
C GLU R 422 73.04 -24.93 79.69
N LEU R 423 73.36 -26.10 80.27
CA LEU R 423 72.46 -27.25 80.31
C LEU R 423 71.49 -27.21 81.49
N ILE R 424 71.67 -26.30 82.45
CA ILE R 424 70.72 -26.12 83.54
C ILE R 424 69.35 -25.75 82.96
N ASN R 425 68.30 -26.47 83.38
CA ASN R 425 66.88 -26.23 82.95
C ASN R 425 66.12 -25.62 84.13
N SER R 426 65.48 -24.46 83.98
CA SER R 426 64.90 -23.68 85.08
C SER R 426 63.50 -23.17 84.77
N ASP R 427 62.75 -22.83 85.82
CA ASP R 427 61.51 -22.02 85.77
C ASP R 427 60.34 -22.63 84.97
N LEU R 428 60.16 -23.95 85.04
CA LEU R 428 58.95 -24.66 84.58
C LEU R 428 58.49 -25.60 85.70
N PRO R 429 57.20 -25.97 85.79
CA PRO R 429 56.76 -26.92 86.79
C PRO R 429 57.44 -28.26 86.59
N GLN R 430 57.82 -28.96 87.67
CA GLN R 430 58.66 -30.22 87.61
C GLN R 430 58.19 -31.29 86.61
N TRP R 431 56.89 -31.44 86.39
CA TRP R 431 56.36 -32.38 85.40
C TRP R 431 56.64 -31.93 83.94
N LEU R 432 56.78 -30.63 83.69
CA LEU R 432 57.22 -30.09 82.41
C LEU R 432 58.74 -29.96 82.34
N LEU R 433 59.40 -29.56 83.43
CA LEU R 433 60.83 -29.36 83.49
C LEU R 433 61.63 -30.66 83.26
N LEU R 434 61.16 -31.78 83.80
CA LEU R 434 61.84 -33.07 83.66
C LEU R 434 61.52 -33.77 82.34
N PHE R 435 60.42 -33.45 81.66
CA PHE R 435 59.96 -34.23 80.50
C PHE R 435 60.97 -34.15 79.34
N GLY R 436 61.53 -35.30 78.95
CA GLY R 436 62.52 -35.37 77.87
C GLY R 436 63.86 -34.70 78.16
N TYR R 437 64.09 -34.13 79.35
CA TYR R 437 65.35 -33.46 79.68
C TYR R 437 66.55 -34.42 79.69
N PRO R 438 66.50 -35.61 80.29
CA PRO R 438 67.57 -36.59 80.16
C PRO R 438 67.91 -36.97 78.73
N ASP R 439 66.92 -37.12 77.86
CA ASP R 439 67.17 -37.43 76.45
C ASP R 439 67.76 -36.26 75.68
N TYR R 440 67.35 -35.02 75.96
CA TYR R 440 68.04 -33.85 75.41
C TYR R 440 69.52 -33.86 75.79
N ILE R 441 69.82 -34.17 77.05
CA ILE R 441 71.20 -34.23 77.55
C ILE R 441 71.97 -35.36 76.88
N LYS R 442 71.41 -36.57 76.78
CA LYS R 442 72.04 -37.68 76.04
C LYS R 442 72.30 -37.34 74.58
N ARG R 443 71.32 -36.77 73.87
CA ARG R 443 71.47 -36.41 72.43
C ARG R 443 72.49 -35.27 72.27
N THR R 444 72.58 -34.37 73.27
CA THR R 444 73.58 -33.29 73.26
C THR R 444 75.02 -33.83 73.36
N GLN R 445 75.23 -34.98 74.02
CA GLN R 445 76.56 -35.66 74.08
C GLN R 445 77.65 -34.82 74.75
N ASN R 446 77.29 -33.80 75.54
CA ASN R 446 78.25 -32.99 76.30
C ASN R 446 78.70 -33.66 77.62
N PHE R 447 78.16 -34.83 77.95
CA PHE R 447 78.55 -35.64 79.11
C PHE R 447 78.96 -37.04 78.68
N ALA R 448 79.81 -37.71 79.48
CA ALA R 448 80.15 -39.11 79.25
C ALA R 448 78.87 -39.97 79.35
N LEU R 449 78.62 -40.77 78.31
CA LEU R 449 77.25 -41.17 77.94
C LEU R 449 76.56 -42.09 78.96
N VAL R 450 77.33 -42.82 79.77
CA VAL R 450 76.78 -43.93 80.57
C VAL R 450 75.99 -43.46 81.80
N ASP R 451 74.79 -44.04 82.01
CA ASP R 451 73.89 -43.64 83.12
C ASP R 451 74.56 -43.77 84.49
N THR R 452 75.54 -44.64 84.62
CA THR R 452 76.19 -44.89 85.92
C THR R 452 77.12 -43.76 86.37
N ASN R 453 77.49 -42.85 85.47
CA ASN R 453 78.54 -41.86 85.74
C ASN R 453 77.98 -40.47 86.07
N TYR R 454 76.66 -40.30 86.08
CA TYR R 454 75.99 -39.05 86.42
C TYR R 454 74.80 -39.28 87.34
N ILE R 455 74.39 -38.24 88.06
CA ILE R 455 73.16 -38.15 88.84
C ILE R 455 72.40 -36.93 88.35
N LEU R 456 71.08 -37.05 88.28
CA LEU R 456 70.14 -35.96 88.11
C LEU R 456 69.76 -35.37 89.46
N VAL R 457 69.85 -34.05 89.56
CA VAL R 457 69.62 -33.24 90.76
C VAL R 457 68.62 -32.15 90.41
N ASP R 458 67.61 -31.89 91.24
CA ASP R 458 66.63 -30.83 90.97
C ASP R 458 66.22 -30.07 92.23
N HIS R 459 65.92 -28.78 92.08
CA HIS R 459 65.41 -27.93 93.13
C HIS R 459 63.91 -27.67 92.90
N CYS R 460 63.11 -27.78 93.96
CA CYS R 460 61.68 -27.52 93.91
C CYS R 460 61.20 -27.07 95.29
N PRO R 461 60.80 -25.79 95.45
CA PRO R 461 60.21 -25.28 96.70
C PRO R 461 58.91 -25.97 97.15
N TYR R 462 58.24 -26.70 96.25
CA TYR R 462 56.82 -27.01 96.37
C TYR R 462 56.48 -28.40 96.90
N THR R 463 57.47 -29.23 97.25
CA THR R 463 57.20 -30.40 98.07
C THR R 463 56.84 -29.98 99.49
N ASN R 464 55.98 -30.75 100.18
CA ASN R 464 55.49 -30.36 101.50
C ASN R 464 56.57 -30.45 102.59
N PRO R 465 57.26 -31.58 102.78
CA PRO R 465 58.62 -31.58 103.31
C PRO R 465 59.59 -31.09 102.23
N GLU R 466 60.82 -30.74 102.59
CA GLU R 466 61.82 -30.25 101.63
C GLU R 466 63.22 -30.82 101.90
N LYS R 467 64.04 -30.82 100.85
CA LYS R 467 65.50 -30.93 100.88
C LYS R 467 66.04 -29.94 99.84
N THR R 468 67.19 -29.32 100.09
CA THR R 468 67.64 -28.16 99.30
C THR R 468 67.74 -28.50 97.81
N PRO R 469 68.60 -29.45 97.37
CA PRO R 469 68.34 -30.24 96.18
C PRO R 469 67.60 -31.54 96.53
N PHE R 470 67.06 -32.16 95.48
CA PHE R 470 66.47 -33.52 95.59
C PHE R 470 67.36 -34.43 94.77
N ILE R 471 67.56 -35.67 95.19
CA ILE R 471 68.30 -36.67 94.36
C ILE R 471 67.30 -37.78 94.11
N PRO R 472 66.28 -37.62 93.21
CA PRO R 472 65.24 -38.63 93.10
C PRO R 472 65.80 -40.04 92.97
N LEU R 473 65.19 -41.03 93.62
CA LEU R 473 65.55 -42.44 93.50
C LEU R 473 64.30 -43.27 93.24
N SER R 474 64.41 -44.25 92.34
CA SER R 474 63.27 -45.10 92.00
C SER R 474 62.95 -46.07 93.14
N THR R 475 61.68 -46.43 93.28
CA THR R 475 61.20 -47.42 94.24
C THR R 475 61.98 -48.74 94.12
N SER R 476 62.41 -49.14 92.92
CA SER R 476 63.26 -50.32 92.72
C SER R 476 64.60 -50.22 93.45
N PHE R 477 65.31 -49.08 93.41
CA PHE R 477 66.55 -48.89 94.15
C PHE R 477 66.34 -48.76 95.67
N ILE R 478 65.24 -48.13 96.07
CA ILE R 478 64.79 -48.05 97.47
C ILE R 478 64.33 -49.41 98.01
N GLU R 479 64.03 -50.37 97.15
CA GLU R 479 63.63 -51.75 97.49
C GLU R 479 64.68 -52.80 97.11
N GLY R 480 65.89 -52.42 96.69
CA GLY R 480 66.95 -53.38 96.39
C GLY R 480 66.67 -54.26 95.17
N ARG R 481 66.38 -53.64 94.03
CA ARG R 481 66.02 -54.38 92.78
C ARG R 481 66.52 -53.64 91.54
N SER R 482 66.74 -54.36 90.43
CA SER R 482 67.27 -53.76 89.19
C SER R 482 66.31 -52.71 88.58
N PRO R 483 66.81 -51.72 87.82
CA PRO R 483 66.05 -50.52 87.40
C PRO R 483 64.65 -50.76 86.81
N TYR R 484 64.47 -51.83 86.03
CA TYR R 484 63.18 -52.22 85.44
C TYR R 484 62.87 -53.71 85.68
N SER R 485 63.12 -54.21 86.90
CA SER R 485 62.88 -55.61 87.27
C SER R 485 61.60 -55.77 88.08
N PRO R 486 60.79 -56.83 87.86
CA PRO R 486 59.51 -57.02 88.50
C PRO R 486 59.63 -57.20 90.02
N SER R 487 58.66 -56.65 90.76
CA SER R 487 58.64 -56.53 92.22
C SER R 487 58.74 -57.87 92.98
N ASP R 488 58.51 -59.01 92.33
CA ASP R 488 58.67 -60.35 92.98
C ASP R 488 60.15 -60.56 93.32
N THR R 489 61.06 -59.88 92.62
CA THR R 489 62.50 -59.94 92.84
C THR R 489 62.91 -59.12 94.07
N HIS R 490 63.87 -59.61 94.87
CA HIS R 490 64.35 -58.90 96.11
C HIS R 490 65.88 -58.78 96.09
N GLU R 491 66.52 -58.81 94.92
CA GLU R 491 67.96 -58.60 94.73
C GLU R 491 68.21 -57.98 93.34
N PRO R 492 69.25 -57.16 93.16
CA PRO R 492 69.74 -56.82 91.83
C PRO R 492 70.21 -58.06 91.06
N ASP R 493 70.13 -58.01 89.72
CA ASP R 493 70.85 -58.94 88.82
C ASP R 493 72.37 -58.65 88.86
N GLU R 494 73.23 -59.62 88.53
CA GLU R 494 74.68 -59.53 88.82
C GLU R 494 75.36 -58.23 88.38
N GLU R 495 75.02 -57.70 87.21
CA GLU R 495 75.59 -56.43 86.72
C GLU R 495 75.10 -55.20 87.50
N ASP R 496 73.91 -55.27 88.11
CA ASP R 496 73.41 -54.28 89.08
C ASP R 496 73.76 -54.64 90.54
N GLN R 497 74.20 -55.86 90.84
CA GLN R 497 74.82 -56.17 92.14
C GLN R 497 76.16 -55.45 92.26
N ASN R 498 76.92 -55.42 91.16
CA ASN R 498 77.98 -54.44 90.93
C ASN R 498 77.37 -53.04 90.66
N ARG R 499 78.20 -52.02 90.94
CA ARG R 499 77.81 -50.61 90.71
C ARG R 499 76.52 -50.27 91.45
N TRP R 500 76.28 -50.85 92.64
CA TRP R 500 75.03 -50.60 93.44
C TRP R 500 75.17 -49.29 94.23
N TYR R 501 75.14 -48.17 93.53
CA TYR R 501 75.28 -46.83 94.13
C TYR R 501 74.43 -45.79 93.36
N PRO R 502 74.09 -44.64 93.98
CA PRO R 502 73.31 -43.60 93.33
C PRO R 502 73.85 -43.16 91.96
N CYS R 503 73.04 -43.32 90.93
CA CYS R 503 73.30 -42.84 89.57
C CYS R 503 72.01 -42.80 88.76
N TYR R 504 72.01 -42.09 87.64
CA TYR R 504 70.83 -41.83 86.80
C TYR R 504 70.08 -43.10 86.40
N GLN R 505 70.77 -44.23 86.23
CA GLN R 505 70.13 -45.51 85.87
C GLN R 505 69.08 -45.92 86.93
N TYR R 506 69.31 -45.63 88.21
CA TYR R 506 68.36 -45.91 89.27
C TYR R 506 67.34 -44.79 89.49
N GLN R 507 67.52 -43.61 88.90
CA GLN R 507 66.59 -42.47 89.04
C GLN R 507 65.45 -42.50 88.01
N GLN R 508 65.58 -43.23 86.91
CA GLN R 508 64.71 -43.12 85.74
C GLN R 508 63.21 -43.25 86.04
N GLU R 509 62.80 -44.26 86.80
CA GLU R 509 61.38 -44.47 87.10
C GLU R 509 60.81 -43.36 87.99
N SER R 510 61.62 -42.77 88.89
CA SER R 510 61.16 -41.66 89.73
C SER R 510 60.86 -40.40 88.92
N ILE R 511 61.71 -40.01 87.97
CA ILE R 511 61.44 -38.83 87.15
C ILE R 511 60.35 -39.10 86.12
N ASN R 512 60.19 -40.34 85.64
CA ASN R 512 59.03 -40.69 84.86
C ASN R 512 57.75 -40.55 85.69
N SER R 513 57.75 -40.98 86.95
CA SER R 513 56.62 -40.84 87.85
C SER R 513 56.25 -39.37 88.13
N ILE R 514 57.24 -38.48 88.26
CA ILE R 514 57.00 -37.03 88.34
C ILE R 514 56.39 -36.50 87.03
N CYS R 515 56.88 -36.91 85.87
CA CYS R 515 56.27 -36.52 84.58
C CYS R 515 54.84 -37.03 84.42
N LEU R 516 54.55 -38.26 84.87
CA LEU R 516 53.20 -38.83 84.90
C LEU R 516 52.24 -38.04 85.81
N SER R 517 52.73 -37.28 86.78
CA SER R 517 51.86 -36.38 87.54
C SER R 517 51.34 -35.22 86.70
N GLY R 518 51.99 -34.88 85.59
CA GLY R 518 51.56 -33.81 84.69
C GLY R 518 50.37 -34.17 83.80
N PRO R 519 49.64 -33.17 83.28
CA PRO R 519 48.45 -33.39 82.47
C PRO R 519 48.75 -34.01 81.10
N GLY R 520 47.75 -34.65 80.52
CA GLY R 520 47.76 -35.30 79.21
C GLY R 520 48.47 -36.64 79.15
N THR R 521 49.21 -37.03 80.18
CA THR R 521 49.98 -38.28 80.19
C THR R 521 49.03 -39.50 80.25
N PRO R 522 49.19 -40.50 79.36
CA PRO R 522 48.23 -41.58 79.23
C PRO R 522 48.26 -42.62 80.37
N LYS R 523 47.15 -43.35 80.50
CA LYS R 523 47.01 -44.53 81.36
C LYS R 523 47.19 -45.79 80.51
N ILE R 524 48.21 -46.59 80.76
CA ILE R 524 48.45 -47.85 80.02
C ILE R 524 48.50 -49.00 81.03
N PRO R 525 47.62 -50.02 80.96
CA PRO R 525 47.68 -51.15 81.87
C PRO R 525 49.04 -51.86 81.85
N LYS R 526 49.51 -52.34 83.01
CA LYS R 526 50.79 -53.06 83.10
C LYS R 526 50.76 -54.32 82.23
N GLY R 527 51.83 -54.55 81.48
CA GLY R 527 51.95 -55.63 80.51
C GLY R 527 51.38 -55.32 79.11
N ILE R 528 50.78 -54.15 78.89
CA ILE R 528 50.34 -53.69 77.57
C ILE R 528 51.33 -52.67 77.03
N THR R 529 51.72 -52.80 75.77
CA THR R 529 52.52 -51.82 75.04
C THR R 529 51.63 -51.09 74.05
N ALA R 530 51.52 -49.77 74.18
CA ALA R 530 50.84 -48.94 73.20
C ALA R 530 51.78 -48.60 72.05
N GLU R 531 51.27 -48.46 70.85
CA GLU R 531 52.07 -48.28 69.62
C GLU R 531 51.38 -47.26 68.72
N ALA R 532 52.12 -46.58 67.87
CA ALA R 532 51.57 -45.76 66.80
C ALA R 532 52.41 -45.91 65.54
N LYS R 533 51.77 -45.79 64.38
CA LYS R 533 52.44 -45.89 63.08
C LYS R 533 51.92 -44.87 62.08
N VAL R 534 52.78 -44.49 61.15
CA VAL R 534 52.43 -43.71 59.95
C VAL R 534 52.79 -44.54 58.73
N LYS R 535 52.01 -44.43 57.66
CA LYS R 535 52.42 -44.89 56.33
C LYS R 535 52.89 -43.69 55.52
N TYR R 536 54.09 -43.76 54.98
CA TYR R 536 54.68 -42.68 54.20
C TYR R 536 54.77 -43.04 52.73
N SER R 537 54.79 -42.03 51.89
CA SER R 537 55.12 -42.13 50.48
C SER R 537 55.93 -40.91 50.06
N PHE R 538 57.24 -41.04 49.94
CA PHE R 538 58.11 -39.98 49.44
C PHE R 538 58.19 -40.03 47.92
N ASN R 539 58.00 -38.90 47.25
CA ASN R 539 57.97 -38.84 45.80
C ASN R 539 59.30 -38.33 45.26
N PHE R 540 59.96 -39.13 44.44
CA PHE R 540 61.21 -38.82 43.78
C PHE R 540 61.10 -39.06 42.29
N LYS R 541 61.98 -38.45 41.52
CA LYS R 541 62.34 -38.87 40.17
C LYS R 541 63.81 -39.17 40.14
N TRP R 542 64.21 -40.17 39.37
CA TRP R 542 65.61 -40.49 39.10
C TRP R 542 65.94 -40.08 37.68
N GLY R 543 67.09 -39.45 37.47
CA GLY R 543 67.48 -38.89 36.17
C GLY R 543 68.83 -39.40 35.71
N GLY R 544 69.01 -39.58 34.41
CA GLY R 544 70.29 -39.97 33.85
C GLY R 544 70.26 -40.16 32.34
N ASP R 545 71.43 -40.47 31.78
CA ASP R 545 71.53 -41.07 30.45
C ASP R 545 71.03 -42.51 30.46
N LEU R 546 70.62 -43.03 29.30
CA LEU R 546 70.00 -44.34 29.18
C LEU R 546 70.93 -45.48 29.70
N PRO R 547 70.45 -46.37 30.57
CA PRO R 547 71.24 -47.45 31.13
C PRO R 547 71.32 -48.69 30.20
N PRO R 548 72.26 -49.61 30.44
CA PRO R 548 72.33 -50.92 29.80
C PRO R 548 71.28 -51.91 30.35
N MET R 549 71.09 -53.06 29.68
CA MET R 549 70.10 -54.09 30.02
C MET R 549 70.53 -55.49 29.52
N SER R 550 69.96 -56.57 30.05
CA SER R 550 70.26 -57.97 29.65
C SER R 550 69.02 -58.85 29.51
N THR R 551 69.17 -60.01 28.87
CA THR R 551 68.05 -60.87 28.39
C THR R 551 68.29 -62.36 28.70
N ILE R 552 67.23 -63.15 28.64
CA ILE R 552 67.16 -64.57 29.02
C ILE R 552 66.82 -65.44 27.81
N THR R 553 67.38 -66.66 27.71
CA THR R 553 67.08 -67.59 26.61
C THR R 553 65.59 -67.91 26.53
N ASN R 554 65.03 -68.04 25.34
CA ASN R 554 63.62 -68.44 25.17
C ASN R 554 63.35 -69.91 25.58
N PRO R 555 64.16 -70.92 25.20
CA PRO R 555 63.85 -72.32 25.49
C PRO R 555 63.84 -72.62 26.99
N THR R 556 64.82 -72.13 27.75
CA THR R 556 64.85 -72.32 29.22
C THR R 556 64.21 -71.10 29.86
N ASP R 557 62.87 -71.05 29.87
CA ASP R 557 62.14 -69.87 30.41
C ASP R 557 60.84 -70.37 31.06
N GLN R 558 60.05 -69.47 31.66
CA GLN R 558 58.77 -69.84 32.32
C GLN R 558 58.04 -70.82 31.39
N PRO R 559 57.85 -72.11 31.77
CA PRO R 559 57.23 -73.08 30.88
C PRO R 559 55.71 -73.04 30.95
N THR R 560 55.04 -73.23 29.81
CA THR R 560 53.57 -73.27 29.79
C THR R 560 53.07 -74.48 30.58
N TYR R 561 51.86 -74.41 31.15
CA TYR R 561 51.28 -75.50 31.95
C TYR R 561 51.28 -76.86 31.19
N VAL R 562 51.17 -76.82 29.85
CA VAL R 562 51.25 -77.99 28.96
C VAL R 562 52.58 -78.72 29.13
N LYS S 48 -14.33 -43.39 -58.53
CA LYS S 48 -13.19 -44.23 -58.98
C LYS S 48 -13.44 -45.71 -58.73
N ARG S 49 -13.46 -46.15 -57.47
CA ARG S 49 -13.82 -47.53 -57.08
C ARG S 49 -14.71 -47.52 -55.84
N LEU S 50 -15.66 -48.44 -55.78
CA LEU S 50 -16.66 -48.55 -54.72
C LEU S 50 -16.61 -49.92 -54.05
N ASN S 51 -16.93 -49.98 -52.76
CA ASN S 51 -17.21 -51.24 -52.09
C ASN S 51 -18.45 -51.89 -52.67
N ILE S 52 -18.41 -53.20 -52.91
CA ILE S 52 -19.62 -53.97 -53.22
C ILE S 52 -20.43 -54.12 -51.93
N VAL S 53 -21.73 -53.89 -52.02
CA VAL S 53 -22.68 -53.89 -50.90
C VAL S 53 -23.82 -54.83 -51.22
N GLU S 54 -24.32 -55.53 -50.20
CA GLU S 54 -25.49 -56.40 -50.29
C GLU S 54 -26.57 -55.92 -49.34
N TRP S 55 -27.85 -56.09 -49.70
CA TRP S 55 -28.97 -55.77 -48.83
C TRP S 55 -29.39 -57.01 -48.05
N GLN S 56 -29.36 -56.86 -46.72
CA GLN S 56 -29.63 -57.99 -45.80
C GLN S 56 -31.06 -58.51 -45.98
N PRO S 57 -31.26 -59.83 -45.91
CA PRO S 57 -32.58 -60.44 -46.10
C PRO S 57 -33.52 -60.16 -44.93
N LYS S 58 -34.83 -60.29 -45.19
CA LYS S 58 -35.89 -59.82 -44.30
C LYS S 58 -35.89 -60.48 -42.92
N SER S 59 -35.63 -61.80 -42.85
CA SER S 59 -35.47 -62.53 -41.59
C SER S 59 -34.20 -63.39 -41.60
N ILE S 60 -33.49 -63.42 -40.48
CA ILE S 60 -32.19 -64.09 -40.33
C ILE S 60 -32.20 -64.94 -39.04
N ARG S 61 -31.66 -66.16 -39.11
CA ARG S 61 -31.58 -67.07 -37.93
C ARG S 61 -30.22 -67.79 -37.81
N LYS S 62 -29.39 -67.43 -36.84
CA LYS S 62 -28.10 -68.07 -36.57
C LYS S 62 -28.29 -69.56 -36.26
N CYS S 63 -27.43 -70.41 -36.81
CA CYS S 63 -27.42 -71.84 -36.54
C CYS S 63 -25.98 -72.35 -36.44
N ARG S 64 -25.65 -72.94 -35.27
CA ARG S 64 -24.33 -73.61 -35.06
C ARG S 64 -24.51 -75.13 -35.22
N ILE S 65 -24.04 -75.70 -36.34
CA ILE S 65 -24.10 -77.14 -36.56
C ILE S 65 -22.99 -77.76 -35.70
N LYS S 66 -23.36 -78.35 -34.57
CA LYS S 66 -22.44 -78.86 -33.54
C LYS S 66 -22.42 -80.38 -33.55
N GLY S 67 -21.25 -81.01 -33.48
CA GLY S 67 -21.17 -82.46 -33.46
C GLY S 67 -19.76 -82.98 -33.25
N MET S 68 -19.61 -84.29 -33.38
CA MET S 68 -18.36 -85.02 -33.13
C MET S 68 -17.95 -85.79 -34.38
N LEU S 69 -16.69 -85.71 -34.80
CA LEU S 69 -16.15 -86.39 -35.98
C LEU S 69 -15.00 -87.31 -35.59
N CYS S 70 -15.05 -88.57 -36.01
CA CYS S 70 -13.96 -89.51 -35.86
C CYS S 70 -12.85 -89.23 -36.88
N LEU S 71 -11.62 -88.95 -36.42
CA LEU S 71 -10.50 -88.64 -37.30
C LEU S 71 -9.85 -89.91 -37.84
N PHE S 72 -9.66 -90.92 -37.00
CA PHE S 72 -9.25 -92.26 -37.40
C PHE S 72 -9.70 -93.23 -36.32
N GLN S 73 -9.79 -94.51 -36.68
CA GLN S 73 -9.78 -95.60 -35.71
C GLN S 73 -8.99 -96.74 -36.32
N THR S 74 -7.91 -97.16 -35.64
CA THR S 74 -6.84 -97.95 -36.23
C THR S 74 -6.34 -99.04 -35.31
N THR S 75 -5.97 -100.18 -35.89
CA THR S 75 -5.06 -101.17 -35.32
C THR S 75 -3.67 -100.98 -35.92
N GLU S 76 -2.65 -101.69 -35.43
CA GLU S 76 -1.28 -101.60 -35.96
C GLU S 76 -1.17 -102.05 -37.43
N ASP S 77 -1.93 -103.05 -37.83
CA ASP S 77 -1.94 -103.62 -39.19
C ASP S 77 -2.71 -102.78 -40.21
N ARG S 78 -3.28 -101.64 -39.80
CA ARG S 78 -3.97 -100.69 -40.66
C ARG S 78 -3.39 -99.27 -40.61
N LEU S 79 -2.26 -99.04 -39.95
CA LEU S 79 -1.71 -97.69 -39.75
C LEU S 79 -1.38 -96.95 -41.05
N SER S 80 -0.90 -97.65 -42.08
CA SER S 80 -0.53 -97.02 -43.35
C SER S 80 -1.69 -96.78 -44.32
N TYR S 81 -2.93 -97.04 -43.92
CA TYR S 81 -4.12 -96.93 -44.77
C TYR S 81 -5.06 -95.80 -44.33
N ASN S 82 -5.78 -95.23 -45.30
CA ASN S 82 -6.76 -94.18 -45.09
C ASN S 82 -8.04 -94.73 -44.42
N PHE S 83 -8.43 -94.15 -43.29
CA PHE S 83 -9.70 -94.42 -42.62
C PHE S 83 -10.87 -93.72 -43.32
N ASP S 84 -11.77 -94.52 -43.88
CA ASP S 84 -13.12 -94.09 -44.25
C ASP S 84 -14.11 -94.72 -43.27
N MET S 85 -14.98 -93.91 -42.67
CA MET S 85 -16.00 -94.40 -41.74
C MET S 85 -17.14 -95.12 -42.46
N TYR S 86 -17.38 -94.75 -43.73
CA TYR S 86 -18.36 -95.35 -44.62
C TYR S 86 -17.61 -96.15 -45.69
N GLU S 87 -17.69 -97.46 -45.58
CA GLU S 87 -16.66 -98.40 -46.03
C GLU S 87 -16.79 -98.95 -47.45
N GLU S 88 -15.68 -99.48 -47.98
CA GLU S 88 -15.72 -100.55 -48.98
C GLU S 88 -16.08 -101.81 -48.19
N SER S 89 -17.25 -102.42 -48.45
CA SER S 89 -17.99 -103.30 -47.52
C SER S 89 -17.22 -104.49 -46.94
N ILE S 90 -16.11 -104.90 -47.55
CA ILE S 90 -15.21 -105.94 -47.02
C ILE S 90 -14.31 -105.44 -45.87
N ILE S 91 -13.91 -104.16 -45.86
CA ILE S 91 -12.92 -103.63 -44.91
C ILE S 91 -13.35 -103.84 -43.44
N PRO S 92 -14.56 -103.49 -42.98
CA PRO S 92 -14.92 -103.69 -41.59
C PRO S 92 -15.18 -105.15 -41.21
N GLU S 93 -15.26 -106.09 -42.15
CA GLU S 93 -15.43 -107.51 -41.84
C GLU S 93 -14.16 -108.05 -41.17
N LYS S 94 -14.24 -108.31 -39.86
CA LYS S 94 -13.13 -108.76 -39.01
C LYS S 94 -11.95 -107.78 -38.94
N LEU S 95 -12.17 -106.47 -39.15
CA LEU S 95 -11.25 -105.41 -38.72
C LEU S 95 -11.97 -104.38 -37.82
N PRO S 96 -11.50 -104.15 -36.58
CA PRO S 96 -12.12 -103.18 -35.68
C PRO S 96 -11.74 -101.72 -35.97
N GLY S 97 -10.68 -101.48 -36.74
CA GLY S 97 -10.30 -100.15 -37.22
C GLY S 97 -9.70 -100.19 -38.62
N GLY S 98 -10.16 -99.32 -39.51
CA GLY S 98 -9.87 -99.40 -40.95
C GLY S 98 -8.63 -98.67 -41.42
N GLY S 99 -8.08 -97.72 -40.66
CA GLY S 99 -6.96 -96.90 -41.14
C GLY S 99 -6.39 -95.96 -40.10
N GLY S 100 -5.09 -95.66 -40.18
CA GLY S 100 -4.37 -94.83 -39.22
C GLY S 100 -4.17 -93.38 -39.62
N PHE S 101 -4.63 -92.99 -40.80
CA PHE S 101 -4.70 -91.58 -41.21
C PHE S 101 -6.02 -91.34 -41.93
N SER S 102 -6.48 -90.11 -42.02
CA SER S 102 -7.58 -89.77 -42.91
C SER S 102 -7.42 -88.41 -43.55
N ILE S 103 -8.06 -88.24 -44.70
CA ILE S 103 -8.39 -86.93 -45.25
C ILE S 103 -9.91 -86.79 -45.23
N LYS S 104 -10.43 -85.82 -44.50
CA LYS S 104 -11.86 -85.48 -44.40
C LYS S 104 -12.12 -84.22 -45.18
N ASN S 105 -13.12 -84.21 -46.05
CA ASN S 105 -13.70 -82.99 -46.61
C ASN S 105 -15.08 -82.77 -45.98
N ILE S 106 -15.33 -81.58 -45.44
CA ILE S 106 -16.62 -81.22 -44.84
C ILE S 106 -17.36 -80.23 -45.72
N SER S 107 -18.62 -80.51 -46.03
CA SER S 107 -19.53 -79.64 -46.75
C SER S 107 -20.87 -79.61 -46.03
N LEU S 108 -21.70 -78.61 -46.27
CA LEU S 108 -23.02 -78.50 -45.67
C LEU S 108 -23.91 -79.73 -45.98
N TYR S 109 -23.75 -80.36 -47.13
CA TYR S 109 -24.42 -81.62 -47.42
C TYR S 109 -23.85 -82.79 -46.62
N ALA S 110 -22.54 -82.87 -46.41
CA ALA S 110 -21.96 -83.87 -45.52
C ALA S 110 -22.39 -83.64 -44.06
N LEU S 111 -22.52 -82.39 -43.60
CA LEU S 111 -23.10 -82.08 -42.29
C LEU S 111 -24.56 -82.53 -42.17
N TYR S 112 -25.38 -82.35 -43.21
CA TYR S 112 -26.72 -82.92 -43.25
C TYR S 112 -26.71 -84.45 -43.23
N GLN S 113 -25.81 -85.12 -43.94
CA GLN S 113 -25.68 -86.57 -43.87
C GLN S 113 -25.27 -87.05 -42.48
N GLU S 114 -24.38 -86.36 -41.78
CA GLU S 114 -24.05 -86.66 -40.39
C GLU S 114 -25.24 -86.44 -39.45
N HIS S 115 -26.19 -85.56 -39.81
CA HIS S 115 -27.43 -85.37 -39.01
C HIS S 115 -28.37 -86.57 -39.20
N ILE S 116 -28.34 -87.21 -40.36
CA ILE S 116 -29.12 -88.45 -40.59
C ILE S 116 -28.55 -89.63 -39.78
N HIS S 117 -27.24 -89.65 -39.53
CA HIS S 117 -26.60 -90.59 -38.60
C HIS S 117 -26.75 -90.18 -37.12
N ALA S 118 -27.43 -89.07 -36.82
CA ALA S 118 -27.54 -88.48 -35.49
C ALA S 118 -26.20 -88.08 -34.86
N HIS S 119 -25.16 -87.82 -35.66
CA HIS S 119 -23.84 -87.43 -35.19
C HIS S 119 -23.71 -85.93 -34.87
N ASN S 120 -24.68 -85.11 -35.26
CA ASN S 120 -24.69 -83.68 -34.96
C ASN S 120 -26.10 -83.16 -34.68
N ILE S 121 -26.16 -81.96 -34.11
CA ILE S 121 -27.37 -81.16 -33.96
C ILE S 121 -27.26 -79.91 -34.85
N PHE S 122 -28.38 -79.43 -35.36
CA PHE S 122 -28.50 -78.09 -35.93
C PHE S 122 -29.21 -77.23 -34.89
N THR S 123 -28.56 -76.16 -34.42
CA THR S 123 -29.12 -75.29 -33.38
C THR S 123 -30.41 -74.57 -33.81
N HIS S 124 -30.57 -74.41 -35.11
CA HIS S 124 -31.82 -73.86 -35.70
C HIS S 124 -32.07 -74.59 -37.01
N THR S 125 -33.30 -74.99 -37.30
CA THR S 125 -33.67 -75.57 -38.59
C THR S 125 -33.55 -74.57 -39.73
N ASN S 126 -33.45 -75.08 -40.95
CA ASN S 126 -33.29 -74.33 -42.18
C ASN S 126 -34.46 -74.52 -43.16
N THR S 127 -35.60 -75.07 -42.71
CA THR S 127 -36.63 -75.61 -43.62
C THR S 127 -37.27 -74.58 -44.54
N ASP S 128 -37.43 -73.34 -44.08
CA ASP S 128 -38.17 -72.29 -44.80
C ASP S 128 -37.34 -71.01 -45.01
N ARG S 129 -36.01 -71.11 -44.85
CA ARG S 129 -35.07 -70.00 -45.11
C ARG S 129 -34.04 -70.57 -46.09
N PRO S 130 -34.11 -70.28 -47.42
CA PRO S 130 -33.29 -70.95 -48.42
C PRO S 130 -31.88 -70.37 -48.59
N LEU S 131 -31.62 -69.17 -48.09
CA LEU S 131 -30.29 -68.55 -48.13
C LEU S 131 -29.44 -69.03 -46.97
N ALA S 132 -28.12 -69.08 -47.17
CA ALA S 132 -27.13 -69.38 -46.17
C ALA S 132 -25.97 -68.39 -46.21
N ARG S 133 -25.41 -68.08 -45.03
CA ARG S 133 -24.24 -67.18 -44.89
C ARG S 133 -23.24 -67.85 -43.93
N TYR S 134 -22.30 -68.64 -44.45
CA TYR S 134 -21.28 -69.34 -43.67
C TYR S 134 -20.24 -68.38 -43.10
N THR S 135 -19.95 -68.49 -41.81
CA THR S 135 -19.09 -67.52 -41.07
C THR S 135 -17.77 -68.13 -40.60
N GLY S 136 -17.60 -69.44 -40.70
CA GLY S 136 -16.40 -70.15 -40.25
C GLY S 136 -16.70 -71.29 -39.28
N CYS S 137 -15.65 -71.92 -38.79
CA CYS S 137 -15.73 -73.12 -37.96
C CYS S 137 -14.90 -72.98 -36.68
N SER S 138 -15.34 -73.60 -35.60
CA SER S 138 -14.50 -73.90 -34.44
C SER S 138 -14.28 -75.40 -34.35
N LEU S 139 -13.03 -75.82 -34.17
CA LEU S 139 -12.68 -77.22 -33.89
C LEU S 139 -12.09 -77.32 -32.48
N LYS S 140 -12.48 -78.35 -31.72
CA LYS S 140 -11.81 -78.80 -30.49
C LYS S 140 -11.27 -80.20 -30.73
N PHE S 141 -9.96 -80.34 -30.76
CA PHE S 141 -9.28 -81.62 -30.94
C PHE S 141 -8.98 -82.20 -29.57
N TYR S 142 -9.45 -83.40 -29.26
CA TYR S 142 -9.26 -84.01 -27.96
C TYR S 142 -8.02 -84.89 -27.90
N GLN S 143 -7.30 -84.84 -26.78
CA GLN S 143 -6.27 -85.83 -26.50
C GLN S 143 -6.91 -87.23 -26.42
N SER S 144 -6.42 -88.16 -27.22
CA SER S 144 -6.77 -89.57 -27.03
C SER S 144 -6.10 -90.13 -25.78
N LYS S 145 -6.61 -91.23 -25.25
CA LYS S 145 -6.00 -91.90 -24.10
C LYS S 145 -4.62 -92.47 -24.44
N ASP S 146 -4.54 -93.25 -25.51
CA ASP S 146 -3.39 -94.13 -25.80
C ASP S 146 -2.50 -93.70 -26.97
N ILE S 147 -2.97 -92.81 -27.85
CA ILE S 147 -2.22 -92.48 -29.11
C ILE S 147 -2.10 -90.97 -29.33
N ASP S 148 -0.95 -90.51 -29.83
CA ASP S 148 -0.75 -89.08 -30.17
C ASP S 148 -1.25 -88.93 -31.59
N TYR S 149 -1.34 -87.72 -32.14
CA TYR S 149 -1.71 -87.57 -33.57
C TYR S 149 -1.48 -86.17 -34.08
N VAL S 150 -1.03 -86.06 -35.33
CA VAL S 150 -0.80 -84.77 -36.01
C VAL S 150 -2.03 -84.44 -36.82
N VAL S 151 -2.47 -83.20 -36.78
CA VAL S 151 -3.51 -82.66 -37.65
C VAL S 151 -2.92 -81.54 -38.50
N THR S 152 -3.34 -81.42 -39.75
CA THR S 152 -3.26 -80.16 -40.47
C THR S 152 -4.52 -79.99 -41.30
N TYR S 153 -4.95 -78.77 -41.54
CA TYR S 153 -6.19 -78.48 -42.24
C TYR S 153 -5.98 -77.42 -43.29
N SER S 154 -6.87 -77.38 -44.28
CA SER S 154 -6.83 -76.43 -45.37
C SER S 154 -8.22 -75.95 -45.71
N THR S 155 -8.34 -74.78 -46.35
CA THR S 155 -9.65 -74.25 -46.82
C THR S 155 -9.51 -73.69 -48.23
N SER S 156 -8.48 -74.09 -48.99
CA SER S 156 -8.40 -73.68 -50.40
C SER S 156 -9.64 -74.25 -51.10
N LEU S 157 -10.58 -73.41 -51.51
CA LEU S 157 -11.86 -73.90 -52.09
C LEU S 157 -11.56 -74.99 -53.13
N PRO S 158 -10.59 -74.84 -54.05
CA PRO S 158 -10.25 -75.91 -54.97
C PRO S 158 -9.90 -77.17 -54.19
N LEU S 159 -10.67 -78.25 -54.35
CA LEU S 159 -10.44 -79.52 -53.62
C LEU S 159 -9.88 -80.57 -54.59
N ARG S 160 -8.74 -81.18 -54.27
CA ARG S 160 -8.13 -82.23 -55.11
C ARG S 160 -7.19 -83.10 -54.26
N SER S 161 -6.85 -84.30 -54.73
CA SER S 161 -5.91 -85.20 -54.02
C SER S 161 -4.60 -85.28 -54.82
N SER S 162 -3.48 -85.59 -54.17
CA SER S 162 -2.17 -85.66 -54.84
C SER S 162 -1.34 -86.81 -54.26
N MET S 163 -0.42 -87.38 -55.05
CA MET S 163 0.48 -88.43 -54.59
C MET S 163 1.41 -87.95 -53.48
N GLY S 164 1.91 -86.71 -53.60
CA GLY S 164 2.71 -86.06 -52.56
C GLY S 164 1.93 -85.79 -51.28
N MET S 165 0.64 -85.44 -51.36
CA MET S 165 -0.22 -85.33 -50.18
C MET S 165 -0.28 -86.67 -49.43
N TYR S 166 -0.61 -87.77 -50.11
CA TYR S 166 -0.74 -89.07 -49.45
C TYR S 166 0.58 -89.57 -48.87
N ASN S 167 1.71 -89.38 -49.54
CA ASN S 167 3.01 -89.70 -48.94
C ASN S 167 3.30 -88.79 -47.73
N SER S 168 3.00 -87.50 -47.82
CA SER S 168 3.23 -86.57 -46.71
C SER S 168 2.35 -86.83 -45.49
N MET S 169 1.33 -87.68 -45.58
CA MET S 169 0.61 -88.19 -44.41
C MET S 169 1.44 -89.10 -43.52
N GLN S 170 2.60 -89.58 -43.96
CA GLN S 170 3.48 -90.41 -43.14
C GLN S 170 3.80 -89.64 -41.84
N PRO S 171 3.70 -90.25 -40.65
CA PRO S 171 3.68 -89.50 -39.40
C PRO S 171 4.88 -88.59 -39.17
N SER S 172 6.09 -89.03 -39.52
CA SER S 172 7.30 -88.22 -39.41
C SER S 172 7.29 -87.03 -40.38
N ILE S 173 6.83 -87.23 -41.61
CA ILE S 173 6.75 -86.18 -42.62
C ILE S 173 5.67 -85.16 -42.28
N HIS S 174 4.49 -85.62 -41.88
CA HIS S 174 3.40 -84.75 -41.43
C HIS S 174 3.83 -83.94 -40.20
N LEU S 175 4.49 -84.57 -39.23
CA LEU S 175 5.04 -83.87 -38.06
C LEU S 175 6.09 -82.81 -38.41
N MET S 176 6.78 -82.89 -39.55
CA MET S 176 7.69 -81.82 -39.98
C MET S 176 7.01 -80.64 -40.66
N GLN S 177 5.79 -80.79 -41.17
CA GLN S 177 5.12 -79.73 -41.93
C GLN S 177 4.83 -78.48 -41.11
N GLN S 178 4.77 -77.32 -41.78
CA GLN S 178 4.33 -76.07 -41.17
C GLN S 178 2.81 -76.04 -40.97
N ASN S 179 2.37 -75.30 -39.95
CA ASN S 179 0.95 -75.21 -39.56
C ASN S 179 0.31 -76.59 -39.26
N LYS S 180 1.12 -77.52 -38.77
CA LYS S 180 0.67 -78.71 -38.07
C LYS S 180 0.08 -78.34 -36.71
N LEU S 181 -0.72 -79.23 -36.16
CA LEU S 181 -1.11 -79.29 -34.77
C LEU S 181 -0.77 -80.68 -34.25
N ILE S 182 0.02 -80.78 -33.19
CA ILE S 182 0.33 -82.05 -32.53
C ILE S 182 -0.57 -82.16 -31.32
N VAL S 183 -1.28 -83.27 -31.18
CA VAL S 183 -2.09 -83.58 -30.00
C VAL S 183 -1.46 -84.77 -29.29
N PRO S 184 -0.71 -84.54 -28.19
CA PRO S 184 -0.18 -85.63 -27.38
C PRO S 184 -1.34 -86.40 -26.75
N SER S 185 -1.18 -87.70 -26.56
CA SER S 185 -2.10 -88.48 -25.74
C SER S 185 -2.08 -88.01 -24.28
N LYS S 186 -3.11 -88.36 -23.52
CA LYS S 186 -3.16 -88.09 -22.07
C LYS S 186 -2.01 -88.77 -21.32
N GLN S 187 -1.52 -89.90 -21.83
CA GLN S 187 -0.33 -90.57 -21.32
C GLN S 187 0.96 -89.79 -21.59
N THR S 188 1.19 -89.26 -22.79
CA THR S 188 2.44 -88.54 -23.10
C THR S 188 2.46 -87.11 -22.54
N GLN S 189 1.32 -86.44 -22.34
CA GLN S 189 1.27 -85.15 -21.66
C GLN S 189 -0.08 -84.90 -20.99
N LYS S 190 -0.09 -84.75 -19.67
CA LYS S 190 -1.23 -84.20 -18.92
C LYS S 190 -1.30 -82.68 -19.12
N ARG S 191 -2.48 -82.14 -19.39
CA ARG S 191 -2.70 -80.72 -19.75
C ARG S 191 -3.79 -80.10 -18.87
N ARG S 192 -3.78 -78.78 -18.75
CA ARG S 192 -4.86 -78.01 -18.07
C ARG S 192 -6.19 -78.21 -18.78
N LYS S 193 -6.23 -77.93 -20.08
CA LYS S 193 -7.39 -78.21 -20.94
C LYS S 193 -7.14 -79.51 -21.70
N PRO S 194 -8.09 -80.46 -21.72
CA PRO S 194 -7.90 -81.77 -22.33
C PRO S 194 -8.05 -81.77 -23.86
N TYR S 195 -8.09 -80.60 -24.48
CA TYR S 195 -8.31 -80.38 -25.90
C TYR S 195 -7.50 -79.19 -26.40
N ILE S 196 -7.27 -79.11 -27.70
CA ILE S 196 -6.73 -77.92 -28.36
C ILE S 196 -7.81 -77.33 -29.27
N LYS S 197 -8.11 -76.05 -29.11
CA LYS S 197 -9.20 -75.33 -29.77
C LYS S 197 -8.66 -74.34 -30.77
N LYS S 198 -9.16 -74.34 -32.00
CA LYS S 198 -8.86 -73.26 -32.96
C LYS S 198 -9.98 -72.97 -33.94
N HIS S 199 -10.05 -71.71 -34.34
CA HIS S 199 -11.06 -71.15 -35.24
C HIS S 199 -10.52 -71.12 -36.66
N ILE S 200 -11.32 -71.55 -37.62
CA ILE S 200 -10.96 -71.67 -39.02
C ILE S 200 -11.91 -70.79 -39.85
N SER S 201 -11.35 -69.89 -40.64
CA SER S 201 -12.09 -68.95 -41.47
C SER S 201 -12.68 -69.65 -42.70
N PRO S 202 -13.73 -69.13 -43.37
CA PRO S 202 -14.22 -69.72 -44.61
C PRO S 202 -13.16 -69.82 -45.71
N PRO S 203 -13.33 -70.70 -46.70
CA PRO S 203 -12.54 -70.67 -47.93
C PRO S 203 -12.48 -69.27 -48.52
N THR S 204 -11.35 -68.86 -49.10
CA THR S 204 -11.22 -67.50 -49.66
C THR S 204 -12.23 -67.23 -50.78
N GLN S 205 -12.70 -68.30 -51.46
CA GLN S 205 -13.72 -68.21 -52.54
C GLN S 205 -15.13 -68.06 -51.95
N MET S 206 -15.36 -68.49 -50.71
CA MET S 206 -16.62 -68.26 -50.01
C MET S 206 -16.58 -66.88 -49.36
N LYS S 207 -17.18 -65.88 -50.00
CA LYS S 207 -17.23 -64.50 -49.51
C LYS S 207 -18.28 -64.37 -48.42
N SER S 208 -18.34 -63.24 -47.72
CA SER S 208 -19.31 -63.03 -46.63
C SER S 208 -20.77 -62.88 -47.12
N GLN S 209 -21.00 -62.79 -48.44
CA GLN S 209 -22.33 -62.69 -49.03
C GLN S 209 -23.25 -63.87 -48.68
N TRP S 210 -24.56 -63.68 -48.87
CA TRP S 210 -25.54 -64.75 -48.86
C TRP S 210 -25.44 -65.62 -50.12
N TYR S 211 -25.68 -66.91 -49.98
CA TYR S 211 -25.74 -67.88 -51.08
C TYR S 211 -26.95 -68.77 -50.91
N PHE S 212 -27.62 -69.17 -51.98
CA PHE S 212 -28.62 -70.23 -51.88
C PHE S 212 -27.98 -71.52 -51.34
N GLN S 213 -28.66 -72.17 -50.40
CA GLN S 213 -28.15 -73.42 -49.78
C GLN S 213 -28.00 -74.52 -50.84
N HIS S 214 -28.78 -74.51 -51.93
CA HIS S 214 -28.67 -75.48 -53.04
C HIS S 214 -27.31 -75.32 -53.75
N ASN S 215 -26.82 -74.08 -53.87
CA ASN S 215 -25.56 -73.82 -54.56
C ASN S 215 -24.36 -74.24 -53.73
N ILE S 216 -24.31 -73.84 -52.45
CA ILE S 216 -23.18 -74.12 -51.56
C ILE S 216 -23.21 -75.51 -50.91
N ALA S 217 -24.29 -76.28 -51.04
CA ALA S 217 -24.46 -77.57 -50.37
C ALA S 217 -23.24 -78.49 -50.51
N ASN S 218 -22.70 -78.65 -51.72
CA ASN S 218 -21.61 -79.58 -52.01
C ASN S 218 -20.21 -78.93 -52.03
N ILE S 219 -20.09 -77.62 -51.87
CA ILE S 219 -18.79 -76.92 -51.82
C ILE S 219 -18.03 -77.35 -50.56
N PRO S 220 -16.82 -77.93 -50.65
CA PRO S 220 -16.09 -78.38 -49.48
C PRO S 220 -15.50 -77.18 -48.73
N LEU S 221 -16.01 -76.89 -47.52
CA LEU S 221 -15.65 -75.66 -46.75
C LEU S 221 -14.47 -75.90 -45.78
N LEU S 222 -14.07 -77.15 -45.60
CA LEU S 222 -12.92 -77.51 -44.76
C LEU S 222 -12.33 -78.85 -45.21
N MET S 223 -11.01 -78.97 -45.27
CA MET S 223 -10.30 -80.25 -45.30
C MET S 223 -9.53 -80.45 -44.00
N ILE S 224 -9.68 -81.60 -43.34
CA ILE S 224 -8.87 -82.00 -42.19
C ILE S 224 -8.02 -83.20 -42.61
N ARG S 225 -6.71 -83.15 -42.40
CA ARG S 225 -5.76 -84.26 -42.58
C ARG S 225 -5.24 -84.69 -41.23
N THR S 226 -5.36 -85.95 -40.87
CA THR S 226 -4.90 -86.47 -39.57
C THR S 226 -4.10 -87.74 -39.76
N THR S 227 -3.02 -87.92 -38.99
CA THR S 227 -2.24 -89.17 -38.96
C THR S 227 -1.92 -89.56 -37.52
N ALA S 228 -1.99 -90.85 -37.22
CA ALA S 228 -1.64 -91.43 -35.94
C ALA S 228 -0.12 -91.53 -35.74
N LEU S 229 0.35 -91.29 -34.52
CA LEU S 229 1.74 -90.95 -34.23
C LEU S 229 2.16 -91.57 -32.89
N THR S 230 3.46 -91.79 -32.67
CA THR S 230 3.98 -91.80 -31.30
C THR S 230 5.20 -90.89 -31.18
N LEU S 231 5.22 -90.05 -30.15
CA LEU S 231 6.33 -89.18 -29.81
C LEU S 231 7.39 -89.91 -28.98
N ASP S 232 7.00 -90.74 -28.02
CA ASP S 232 7.90 -91.46 -27.11
C ASP S 232 8.56 -92.72 -27.70
N ASN S 233 7.99 -93.27 -28.77
CA ASN S 233 8.50 -94.46 -29.48
C ASN S 233 8.84 -94.10 -30.93
N TYR S 234 9.22 -92.86 -31.21
CA TYR S 234 9.35 -92.32 -32.57
C TYR S 234 10.26 -93.15 -33.47
N TYR S 235 11.41 -93.61 -32.99
CA TYR S 235 12.35 -94.40 -33.78
C TYR S 235 12.08 -95.90 -33.70
N ILE S 236 11.93 -96.44 -32.49
CA ILE S 236 11.72 -97.88 -32.28
C ILE S 236 10.37 -98.33 -32.82
N GLY S 237 9.32 -97.53 -32.62
CA GLY S 237 7.96 -97.81 -33.07
C GLY S 237 7.46 -99.11 -32.47
N SER S 238 7.19 -100.10 -33.31
CA SER S 238 6.85 -101.47 -32.90
C SER S 238 7.88 -102.52 -33.32
N ARG S 239 9.13 -102.12 -33.57
CA ARG S 239 10.26 -103.00 -33.85
C ARG S 239 10.41 -104.08 -32.77
N GLN S 240 10.70 -105.31 -33.20
CA GLN S 240 11.04 -106.45 -32.35
C GLN S 240 12.38 -107.04 -32.83
N LEU S 241 13.26 -107.42 -31.91
CA LEU S 241 14.61 -107.95 -32.23
C LEU S 241 15.41 -106.97 -33.11
N SER S 242 15.90 -107.41 -34.27
CA SER S 242 16.72 -106.62 -35.20
C SER S 242 15.98 -105.41 -35.78
N THR S 243 16.73 -104.39 -36.22
CA THR S 243 16.18 -103.27 -37.00
C THR S 243 15.66 -103.72 -38.39
N ASN S 244 16.24 -104.79 -38.94
CA ASN S 244 15.82 -105.37 -40.22
C ASN S 244 14.42 -105.97 -40.13
N VAL S 245 13.58 -105.68 -41.13
CA VAL S 245 12.28 -106.34 -41.35
C VAL S 245 12.42 -107.35 -42.50
N THR S 246 11.76 -108.49 -42.41
CA THR S 246 11.75 -109.51 -43.46
C THR S 246 10.55 -109.31 -44.39
N ILE S 247 10.81 -109.20 -45.69
CA ILE S 247 9.79 -109.10 -46.74
C ILE S 247 9.77 -110.42 -47.49
N HIS S 248 8.59 -111.00 -47.71
CA HIS S 248 8.45 -112.19 -48.59
C HIS S 248 8.17 -111.64 -49.99
N THR S 249 8.63 -112.30 -51.05
CA THR S 249 8.31 -111.89 -52.43
C THR S 249 8.20 -113.09 -53.37
N LEU S 250 7.52 -112.91 -54.50
CA LEU S 250 7.47 -113.95 -55.55
C LEU S 250 8.81 -113.89 -56.30
N ASN S 251 9.54 -115.01 -56.39
CA ASN S 251 10.78 -115.03 -57.22
C ASN S 251 10.45 -114.37 -58.55
N THR S 252 11.14 -113.31 -58.94
CA THR S 252 10.88 -112.59 -60.20
C THR S 252 11.52 -113.35 -61.33
N THR S 253 12.64 -114.04 -61.08
CA THR S 253 13.43 -114.73 -62.11
C THR S 253 12.80 -116.03 -62.61
N TYR S 254 11.64 -116.44 -62.08
CA TYR S 254 10.94 -117.67 -62.49
C TYR S 254 9.42 -117.48 -62.60
N ILE S 255 8.78 -116.75 -61.68
CA ILE S 255 7.34 -116.50 -61.69
C ILE S 255 7.05 -115.17 -62.42
N GLN S 256 6.68 -115.20 -63.71
CA GLN S 256 6.49 -113.92 -64.44
C GLN S 256 5.25 -113.92 -65.34
N ASN S 257 4.64 -115.07 -65.59
CA ASN S 257 3.58 -115.10 -66.61
C ASN S 257 2.29 -114.39 -66.23
N ARG S 258 2.00 -114.20 -64.93
CA ARG S 258 0.79 -113.47 -64.44
C ARG S 258 -0.51 -114.01 -65.04
N ASP S 259 -0.57 -115.30 -65.38
CA ASP S 259 -1.80 -115.93 -65.92
C ASP S 259 -2.65 -116.58 -64.82
N TRP S 260 -3.05 -115.81 -63.82
CA TRP S 260 -3.63 -116.33 -62.58
C TRP S 260 -5.16 -116.43 -62.53
N GLY S 261 -5.65 -117.32 -61.66
CA GLY S 261 -7.05 -117.33 -61.24
C GLY S 261 -8.02 -118.04 -62.18
N ASP S 262 -7.57 -119.09 -62.90
CA ASP S 262 -8.42 -120.01 -63.65
C ASP S 262 -8.12 -121.49 -63.30
N ARG S 263 -9.16 -122.33 -63.22
CA ARG S 263 -8.97 -123.80 -63.11
C ARG S 263 -9.07 -124.34 -64.55
N ASN S 264 -9.30 -123.46 -65.53
CA ASN S 264 -9.46 -123.81 -66.95
C ASN S 264 -8.16 -123.71 -67.76
N LYS S 265 -7.01 -123.56 -67.10
CA LYS S 265 -5.70 -123.30 -67.72
C LYS S 265 -4.58 -124.01 -66.94
N THR S 266 -3.79 -124.84 -67.60
CA THR S 266 -2.56 -125.40 -67.00
C THR S 266 -1.54 -124.28 -66.79
N TYR S 267 -1.08 -124.07 -65.55
CA TYR S 267 -0.20 -122.95 -65.25
C TYR S 267 1.25 -123.22 -65.67
N TYR S 268 1.88 -122.20 -66.24
CA TYR S 268 3.28 -122.17 -66.65
C TYR S 268 3.88 -120.88 -66.09
N CYS S 269 5.07 -120.95 -65.50
CA CYS S 269 5.59 -119.85 -64.68
C CYS S 269 6.32 -118.77 -65.47
N GLN S 270 7.04 -119.13 -66.53
CA GLN S 270 7.72 -118.18 -67.42
C GLN S 270 7.74 -118.67 -68.87
N THR S 271 7.91 -117.73 -69.80
CA THR S 271 8.30 -117.98 -71.19
C THR S 271 9.71 -117.43 -71.43
N LEU S 272 10.57 -118.18 -72.12
CA LEU S 272 11.86 -117.68 -72.61
C LEU S 272 12.03 -118.11 -74.07
N GLY S 273 12.38 -117.18 -74.95
CA GLY S 273 12.33 -117.42 -76.40
C GLY S 273 10.91 -117.84 -76.84
N THR S 274 10.79 -119.04 -77.40
CA THR S 274 9.50 -119.69 -77.72
C THR S 274 9.00 -120.64 -76.62
N GLN S 275 9.83 -120.98 -75.63
CA GLN S 275 9.52 -122.02 -74.64
C GLN S 275 8.48 -121.57 -73.60
N ARG S 276 7.89 -122.55 -72.91
CA ARG S 276 7.15 -122.39 -71.65
C ARG S 276 7.82 -123.25 -70.58
N TYR S 277 7.83 -122.78 -69.35
CA TYR S 277 8.41 -123.48 -68.21
C TYR S 277 7.36 -123.78 -67.14
N PHE S 278 7.50 -124.91 -66.48
CA PHE S 278 6.49 -125.55 -65.68
C PHE S 278 7.07 -125.99 -64.33
N LEU S 279 6.21 -126.04 -63.34
CA LEU S 279 6.55 -126.39 -61.96
C LEU S 279 5.86 -127.70 -61.57
N TYR S 280 6.53 -128.52 -60.78
CA TYR S 280 5.99 -129.77 -60.23
C TYR S 280 6.35 -129.92 -58.77
N GLY S 281 5.40 -130.31 -57.92
CA GLY S 281 5.67 -130.64 -56.52
C GLY S 281 6.03 -132.12 -56.36
N THR S 282 6.77 -132.48 -55.32
CA THR S 282 6.92 -133.89 -54.95
C THR S 282 7.07 -134.06 -53.44
N HIS S 283 6.64 -135.21 -52.92
CA HIS S 283 6.87 -135.55 -51.49
C HIS S 283 8.07 -136.50 -51.43
N SER S 284 8.72 -136.76 -52.56
CA SER S 284 9.84 -137.69 -52.63
C SER S 284 11.00 -137.28 -51.71
N THR S 285 11.58 -138.28 -51.05
CA THR S 285 12.82 -138.15 -50.26
C THR S 285 14.08 -138.24 -51.13
N ALA S 286 13.97 -138.44 -52.44
CA ALA S 286 15.10 -138.56 -53.35
C ALA S 286 16.01 -137.33 -53.29
N GLN S 287 17.31 -137.57 -53.12
CA GLN S 287 18.31 -136.50 -52.99
C GLN S 287 18.74 -135.93 -54.35
N ASN S 288 18.66 -136.73 -55.43
CA ASN S 288 19.18 -136.36 -56.74
C ASN S 288 18.04 -136.05 -57.71
N ILE S 289 18.05 -134.84 -58.29
CA ILE S 289 17.03 -134.36 -59.23
C ILE S 289 16.92 -135.24 -60.49
N ASN S 290 17.98 -135.96 -60.86
CA ASN S 290 17.97 -136.82 -62.03
C ASN S 290 17.11 -138.09 -61.86
N ASP S 291 17.14 -138.73 -60.67
CA ASP S 291 16.51 -140.09 -60.46
C ASP S 291 15.04 -140.07 -60.02
N ILE S 292 14.47 -138.91 -59.70
CA ILE S 292 13.03 -138.82 -59.39
C ILE S 292 12.23 -139.41 -60.57
N LYS S 293 11.16 -140.15 -60.28
CA LYS S 293 10.32 -140.78 -61.31
C LYS S 293 9.51 -139.74 -62.10
N LEU S 294 8.79 -140.19 -63.13
CA LEU S 294 7.83 -139.29 -63.83
C LEU S 294 6.56 -139.30 -62.97
N GLN S 295 6.39 -140.32 -62.12
CA GLN S 295 5.20 -140.46 -61.23
C GLN S 295 5.28 -139.53 -60.03
N GLU S 296 6.46 -139.40 -59.39
CA GLU S 296 6.61 -138.61 -58.15
C GLU S 296 6.05 -137.20 -58.34
N LEU S 297 6.29 -136.58 -59.50
CA LEU S 297 5.90 -135.16 -59.74
C LEU S 297 4.38 -134.97 -59.61
N ILE S 298 3.94 -133.88 -58.93
CA ILE S 298 2.50 -133.52 -58.80
C ILE S 298 2.34 -132.27 -59.68
N PRO S 299 1.88 -132.40 -60.94
CA PRO S 299 1.88 -131.27 -61.88
C PRO S 299 0.86 -130.25 -61.43
N LEU S 300 1.07 -128.97 -61.76
CA LEU S 300 0.15 -127.87 -61.34
C LEU S 300 -0.71 -127.45 -62.53
N THR S 301 -2.01 -127.74 -62.50
CA THR S 301 -2.96 -127.41 -63.59
C THR S 301 -3.95 -126.37 -63.10
N ASN S 302 -3.81 -125.90 -61.84
CA ASN S 302 -4.67 -124.87 -61.28
C ASN S 302 -3.80 -123.85 -60.55
N THR S 303 -4.12 -122.55 -60.63
CA THR S 303 -3.62 -121.56 -59.65
C THR S 303 -4.71 -120.98 -58.76
N GLN S 304 -5.98 -121.07 -59.20
CA GLN S 304 -7.15 -120.42 -58.53
C GLN S 304 -7.55 -121.02 -57.18
N ASP S 305 -7.03 -122.18 -56.79
CA ASP S 305 -7.47 -122.82 -55.51
C ASP S 305 -6.37 -122.96 -54.48
N TYR S 306 -6.76 -123.15 -53.22
CA TYR S 306 -5.81 -123.45 -52.13
C TYR S 306 -5.30 -124.90 -52.15
N VAL S 307 -5.86 -125.75 -53.01
CA VAL S 307 -5.64 -127.21 -52.98
C VAL S 307 -4.16 -127.59 -53.15
N GLN S 308 -3.68 -128.53 -52.34
CA GLN S 308 -2.31 -129.06 -52.37
C GLN S 308 -2.06 -130.01 -53.54
N GLY S 309 -3.12 -130.67 -54.02
CA GLY S 309 -3.01 -131.84 -54.88
C GLY S 309 -2.63 -133.08 -54.06
N PHE S 310 -2.28 -134.17 -54.73
CA PHE S 310 -1.80 -135.40 -54.12
C PHE S 310 -0.93 -136.20 -55.10
N ASP S 311 -0.17 -137.14 -54.56
CA ASP S 311 0.76 -137.99 -55.32
C ASP S 311 0.03 -139.14 -56.05
N TRP S 312 0.64 -139.65 -57.14
CA TRP S 312 0.12 -140.78 -57.93
C TRP S 312 -0.04 -142.06 -57.09
N THR S 313 0.67 -142.21 -55.98
CA THR S 313 0.47 -143.30 -55.01
C THR S 313 -0.94 -143.30 -54.40
N GLU S 314 -1.71 -142.20 -54.49
CA GLU S 314 -3.11 -142.13 -54.06
C GLU S 314 -4.11 -142.33 -55.21
N LYS S 315 -3.66 -142.83 -56.37
CA LYS S 315 -4.52 -143.22 -57.51
C LYS S 315 -5.76 -144.00 -57.08
N ASP S 316 -5.58 -145.01 -56.23
CA ASP S 316 -6.67 -145.86 -55.74
C ASP S 316 -7.57 -145.21 -54.68
N LYS S 317 -7.17 -144.09 -54.06
CA LYS S 317 -8.01 -143.35 -53.11
C LYS S 317 -9.03 -142.44 -53.82
N HIS S 318 -8.71 -142.00 -55.05
CA HIS S 318 -9.58 -141.10 -55.86
C HIS S 318 -10.02 -141.82 -57.15
N ASN S 319 -10.04 -143.15 -57.17
CA ASN S 319 -10.52 -143.98 -58.28
C ASN S 319 -9.95 -143.53 -59.65
N ILE S 320 -8.71 -143.04 -59.66
CA ILE S 320 -8.05 -142.51 -60.86
C ILE S 320 -7.73 -143.66 -61.82
N THR S 321 -8.10 -143.49 -63.09
CA THR S 321 -7.82 -144.48 -64.15
C THR S 321 -6.66 -144.08 -65.06
N THR S 322 -6.37 -142.78 -65.18
CA THR S 322 -5.37 -142.25 -66.13
C THR S 322 -4.63 -141.04 -65.55
N TYR S 323 -3.48 -140.70 -66.14
CA TYR S 323 -2.80 -139.45 -65.80
C TYR S 323 -3.66 -138.22 -66.09
N LYS S 324 -4.60 -138.27 -67.05
CA LYS S 324 -5.61 -137.22 -67.26
C LYS S 324 -6.48 -136.99 -66.01
N GLU S 325 -6.94 -138.06 -65.35
CA GLU S 325 -7.65 -137.94 -64.06
C GLU S 325 -6.72 -137.59 -62.89
N PHE S 326 -5.45 -137.97 -62.93
CA PHE S 326 -4.46 -137.49 -61.96
C PHE S 326 -4.23 -135.97 -62.08
N LEU S 327 -4.11 -135.44 -63.30
CA LEU S 327 -4.04 -134.00 -63.59
C LEU S 327 -5.25 -133.24 -63.05
N THR S 328 -6.47 -133.75 -63.26
CA THR S 328 -7.67 -133.00 -62.85
C THR S 328 -7.96 -133.15 -61.36
N LYS S 329 -7.84 -134.34 -60.78
CA LYS S 329 -8.12 -134.54 -59.35
C LYS S 329 -6.95 -134.16 -58.44
N GLY S 330 -5.71 -134.46 -58.84
CA GLY S 330 -4.54 -134.48 -57.97
C GLY S 330 -3.51 -133.37 -58.18
N ALA S 331 -3.69 -132.47 -59.15
CA ALA S 331 -2.77 -131.36 -59.33
C ALA S 331 -2.77 -130.36 -58.15
N GLY S 332 -1.61 -129.80 -57.84
CA GLY S 332 -1.40 -128.90 -56.70
C GLY S 332 -1.30 -127.43 -57.11
N ASN S 333 -1.84 -126.50 -56.32
CA ASN S 333 -1.66 -125.09 -56.61
C ASN S 333 -0.28 -124.64 -56.06
N PRO S 334 0.55 -123.92 -56.83
CA PRO S 334 1.93 -123.62 -56.43
C PRO S 334 2.03 -122.74 -55.18
N PHE S 335 0.95 -122.01 -54.87
CA PHE S 335 0.83 -121.12 -53.73
C PHE S 335 0.21 -121.79 -52.49
N HIS S 336 0.00 -123.11 -52.49
CA HIS S 336 -0.36 -123.84 -51.27
C HIS S 336 0.76 -123.70 -50.22
N ALA S 337 0.44 -123.78 -48.93
CA ALA S 337 1.35 -123.46 -47.82
C ALA S 337 2.67 -124.27 -47.80
N GLU S 338 2.72 -125.46 -48.41
CA GLU S 338 3.98 -126.21 -48.56
C GLU S 338 4.71 -125.93 -49.87
N TRP S 339 4.00 -125.68 -50.98
CA TRP S 339 4.65 -125.39 -52.27
C TRP S 339 5.13 -123.93 -52.40
N ILE S 340 4.47 -122.97 -51.73
CA ILE S 340 4.77 -121.54 -51.79
C ILE S 340 6.22 -121.20 -51.40
N THR S 341 6.75 -121.89 -50.40
CA THR S 341 8.15 -121.80 -49.92
C THR S 341 8.93 -123.10 -50.12
N ALA S 342 8.37 -124.05 -50.89
CA ALA S 342 8.94 -125.37 -51.14
C ALA S 342 9.36 -126.11 -49.85
N GLN S 343 8.50 -126.09 -48.82
CA GLN S 343 8.71 -126.87 -47.58
C GLN S 343 8.92 -128.35 -47.92
N ASN S 344 8.10 -128.86 -48.84
CA ASN S 344 8.35 -130.10 -49.57
C ASN S 344 8.87 -129.71 -50.98
N PRO S 345 9.88 -130.41 -51.53
CA PRO S 345 10.55 -129.95 -52.75
C PRO S 345 9.62 -129.66 -53.93
N VAL S 346 9.99 -128.62 -54.69
CA VAL S 346 9.30 -128.15 -55.90
C VAL S 346 10.32 -128.07 -57.04
N ILE S 347 9.96 -128.58 -58.20
CA ILE S 347 10.84 -128.79 -59.33
C ILE S 347 10.39 -127.90 -60.49
N HIS S 348 11.30 -127.10 -61.04
CA HIS S 348 11.08 -126.22 -62.19
C HIS S 348 11.71 -126.85 -63.44
N THR S 349 11.01 -126.88 -64.57
CA THR S 349 11.48 -127.52 -65.80
C THR S 349 10.89 -126.91 -67.06
N ALA S 350 11.59 -127.05 -68.19
CA ALA S 350 11.03 -126.76 -69.51
C ALA S 350 10.05 -127.85 -69.98
N ASN S 351 10.08 -129.06 -69.40
CA ASN S 351 9.29 -130.17 -69.88
C ASN S 351 7.80 -130.02 -69.55
N SER S 352 6.99 -129.76 -70.57
CA SER S 352 5.55 -129.55 -70.41
C SER S 352 4.86 -130.81 -69.89
N PRO S 353 3.84 -130.68 -69.01
CA PRO S 353 3.03 -131.81 -68.57
C PRO S 353 2.47 -132.61 -69.75
N THR S 354 2.17 -132.00 -70.90
CA THR S 354 1.67 -132.73 -72.07
C THR S 354 2.72 -133.64 -72.70
N GLN S 355 4.02 -133.34 -72.60
CA GLN S 355 5.03 -134.32 -72.96
C GLN S 355 5.04 -135.48 -71.96
N ILE S 356 4.86 -135.21 -70.66
CA ILE S 356 4.65 -136.26 -69.66
C ILE S 356 3.35 -137.04 -69.92
N GLU S 357 2.27 -136.40 -70.38
CA GLU S 357 1.02 -137.06 -70.79
C GLU S 357 1.33 -138.04 -71.92
N GLN S 358 2.06 -137.61 -72.95
CA GLN S 358 2.45 -138.49 -74.05
C GLN S 358 3.26 -139.69 -73.54
N ILE S 359 4.21 -139.51 -72.61
CA ILE S 359 4.97 -140.63 -72.03
C ILE S 359 4.05 -141.58 -71.24
N TYR S 360 3.16 -141.06 -70.38
CA TYR S 360 2.20 -141.89 -69.65
C TYR S 360 1.23 -142.63 -70.59
N THR S 361 0.54 -141.88 -71.46
CA THR S 361 -0.52 -142.42 -72.32
C THR S 361 0.05 -143.38 -73.36
N ALA S 362 1.26 -143.13 -73.89
CA ALA S 362 1.91 -144.07 -74.80
C ALA S 362 2.13 -145.44 -74.13
N SER S 363 2.59 -145.48 -72.87
CA SER S 363 2.51 -146.68 -72.03
C SER S 363 2.61 -146.37 -70.53
N THR S 364 1.55 -146.71 -69.79
CA THR S 364 1.45 -146.56 -68.33
C THR S 364 2.47 -147.45 -67.60
N THR S 365 2.79 -148.61 -68.16
CA THR S 365 3.82 -149.52 -67.63
C THR S 365 5.22 -148.92 -67.71
N THR S 366 5.55 -148.14 -68.74
CA THR S 366 6.85 -147.45 -68.82
C THR S 366 6.87 -146.13 -68.05
N PHE S 367 5.73 -145.60 -67.60
CA PHE S 367 5.69 -144.46 -66.66
C PHE S 367 6.30 -144.82 -65.29
N GLN S 368 6.15 -146.09 -64.87
CA GLN S 368 6.86 -146.65 -63.71
C GLN S 368 8.39 -146.65 -63.93
N ASN S 369 8.83 -147.04 -65.13
CA ASN S 369 10.25 -147.18 -65.46
C ASN S 369 10.94 -145.83 -65.66
N LYS S 370 10.29 -144.87 -66.35
CA LYS S 370 10.89 -143.58 -66.70
C LYS S 370 11.15 -142.72 -65.46
N LYS S 371 12.34 -142.10 -65.43
CA LYS S 371 12.78 -141.12 -64.43
C LYS S 371 12.98 -139.75 -65.09
N LEU S 372 13.43 -138.75 -64.34
CA LEU S 372 13.75 -137.41 -64.83
C LEU S 372 14.97 -137.40 -65.78
N THR S 373 15.82 -138.43 -65.75
CA THR S 373 16.79 -138.72 -66.82
C THR S 373 16.10 -139.05 -68.15
N ASP S 374 16.72 -138.68 -69.27
CA ASP S 374 16.27 -139.01 -70.64
C ASP S 374 14.83 -138.58 -70.96
N LEU S 375 14.31 -137.56 -70.28
CA LEU S 375 13.04 -136.91 -70.63
C LEU S 375 13.22 -135.84 -71.72
N PRO S 376 12.16 -135.49 -72.46
CA PRO S 376 12.21 -134.36 -73.38
C PRO S 376 12.43 -133.04 -72.63
N THR S 377 13.22 -132.13 -73.20
CA THR S 377 13.58 -130.82 -72.63
C THR S 377 13.74 -130.87 -71.09
N PRO S 378 14.66 -131.69 -70.53
CA PRO S 378 14.70 -131.87 -69.08
C PRO S 378 15.54 -130.88 -68.28
N GLY S 379 15.02 -129.66 -68.09
CA GLY S 379 15.70 -128.63 -67.27
C GLY S 379 15.22 -128.76 -65.84
N TYR S 380 15.14 -129.97 -65.30
CA TYR S 380 14.64 -130.22 -63.91
C TYR S 380 15.61 -129.59 -62.91
N ILE S 381 15.16 -128.59 -62.14
CA ILE S 381 16.01 -127.87 -61.15
C ILE S 381 15.22 -127.83 -59.83
N PHE S 382 15.78 -127.33 -58.73
CA PHE S 382 15.01 -127.15 -57.46
C PHE S 382 14.83 -125.64 -57.24
N ILE S 383 13.62 -125.11 -57.48
CA ILE S 383 13.36 -123.65 -57.40
C ILE S 383 12.23 -123.38 -56.39
N THR S 384 12.33 -122.32 -55.60
CA THR S 384 11.31 -121.93 -54.62
C THR S 384 10.48 -120.77 -55.16
N PRO S 385 9.13 -120.85 -55.20
CA PRO S 385 8.29 -119.74 -55.69
C PRO S 385 8.46 -118.45 -54.87
N THR S 386 8.73 -118.58 -53.57
CA THR S 386 9.00 -117.45 -52.66
C THR S 386 10.47 -117.35 -52.31
N VAL S 387 10.96 -116.12 -52.18
CA VAL S 387 12.20 -115.78 -51.48
C VAL S 387 11.90 -114.77 -50.38
N SER S 388 12.64 -114.81 -49.27
CA SER S 388 12.56 -113.81 -48.19
C SER S 388 13.75 -112.86 -48.28
N LEU S 389 13.47 -111.56 -48.37
CA LEU S 389 14.46 -110.49 -48.36
C LEU S 389 14.54 -109.85 -46.95
N ARG S 390 15.68 -109.25 -46.61
CA ARG S 390 15.81 -108.38 -45.44
C ARG S 390 15.92 -106.92 -45.90
N TYR S 391 15.11 -106.05 -45.33
CA TYR S 391 15.12 -104.61 -45.57
C TYR S 391 15.52 -103.88 -44.29
N ASN S 392 16.42 -102.91 -44.39
CA ASN S 392 16.80 -102.04 -43.31
C ASN S 392 16.50 -100.59 -43.70
N PRO S 393 15.63 -99.86 -42.99
CA PRO S 393 15.24 -98.51 -43.38
C PRO S 393 16.41 -97.50 -43.29
N TYR S 394 17.36 -97.76 -42.39
CA TYR S 394 18.51 -96.82 -42.17
C TYR S 394 19.54 -97.04 -43.27
N LYS S 395 19.48 -98.18 -43.97
CA LYS S 395 20.42 -98.49 -45.07
C LYS S 395 19.81 -98.07 -46.41
N ASP S 396 18.63 -97.44 -46.39
CA ASP S 396 17.91 -97.07 -47.64
C ASP S 396 18.24 -95.63 -48.05
N LEU S 397 18.73 -95.42 -49.28
CA LEU S 397 19.14 -94.10 -49.75
C LEU S 397 18.22 -93.53 -50.83
N ALA S 398 17.18 -94.26 -51.24
CA ALA S 398 16.18 -93.79 -52.19
C ALA S 398 16.70 -93.30 -53.55
N GLU S 399 17.83 -93.80 -54.06
CA GLU S 399 18.42 -93.29 -55.31
C GLU S 399 17.75 -93.89 -56.55
N ARG S 400 17.24 -95.14 -56.44
CA ARG S 400 16.58 -95.86 -57.56
C ARG S 400 15.33 -96.60 -57.10
N ASN S 401 14.71 -96.13 -56.01
CA ASN S 401 13.45 -96.66 -55.51
C ASN S 401 12.30 -96.30 -56.44
N LYS S 402 11.32 -97.20 -56.56
CA LYS S 402 10.20 -97.07 -57.52
C LYS S 402 9.03 -97.96 -57.08
N CYS S 403 7.80 -97.64 -57.48
CA CYS S 403 6.61 -98.34 -57.03
C CYS S 403 5.44 -98.12 -58.00
N TYR S 404 4.70 -99.18 -58.38
CA TYR S 404 3.57 -99.11 -59.30
C TYR S 404 2.68 -100.36 -59.23
N PHE S 405 1.47 -100.28 -59.79
CA PHE S 405 0.54 -101.42 -59.90
C PHE S 405 0.52 -101.98 -61.33
N VAL S 406 0.52 -103.31 -61.45
CA VAL S 406 0.35 -104.05 -62.72
C VAL S 406 -0.91 -104.90 -62.65
N ARG S 407 -1.51 -105.22 -63.79
CA ARG S 407 -2.75 -106.00 -63.89
C ARG S 407 -2.48 -107.47 -63.58
N SER S 408 -3.14 -108.05 -62.58
CA SER S 408 -2.91 -109.45 -62.17
C SER S 408 -3.65 -110.45 -63.08
N LYS S 409 -4.97 -110.29 -63.27
CA LYS S 409 -5.77 -111.10 -64.22
C LYS S 409 -5.71 -110.54 -65.64
N ILE S 410 -4.54 -110.62 -66.29
CA ILE S 410 -4.41 -110.48 -67.75
C ILE S 410 -3.35 -111.41 -68.30
N ASN S 411 -3.46 -111.72 -69.59
CA ASN S 411 -2.50 -112.56 -70.31
C ASN S 411 -1.30 -111.75 -70.83
N ALA S 412 -0.53 -111.13 -69.93
CA ALA S 412 0.66 -110.34 -70.26
C ALA S 412 1.88 -110.74 -69.44
N HIS S 413 3.01 -110.90 -70.11
CA HIS S 413 4.27 -111.35 -69.50
C HIS S 413 5.00 -110.20 -68.80
N GLY S 414 5.80 -110.56 -67.78
CA GLY S 414 6.77 -109.65 -67.18
C GLY S 414 6.18 -108.62 -66.22
N TRP S 415 7.07 -107.86 -65.59
CA TRP S 415 6.80 -107.01 -64.45
C TRP S 415 7.09 -105.53 -64.69
N ASP S 416 7.45 -105.16 -65.92
CA ASP S 416 7.86 -103.75 -66.23
C ASP S 416 6.73 -102.79 -65.85
N PRO S 417 7.02 -101.51 -65.49
CA PRO S 417 5.97 -100.55 -65.22
C PRO S 417 5.11 -100.46 -66.47
N GLU S 418 3.79 -100.57 -66.33
CA GLU S 418 2.87 -100.60 -67.50
C GLU S 418 1.64 -99.74 -67.20
N GLN S 419 0.75 -99.58 -68.20
CA GLN S 419 -0.48 -98.79 -68.04
C GLN S 419 -0.11 -97.34 -67.65
N HIS S 420 -0.58 -96.81 -66.52
CA HIS S 420 -0.34 -95.40 -66.12
C HIS S 420 1.13 -95.20 -65.75
N GLN S 421 1.85 -94.39 -66.53
CA GLN S 421 3.28 -94.07 -66.24
C GLN S 421 3.30 -92.81 -65.37
N GLU S 422 2.20 -92.06 -65.30
CA GLU S 422 2.10 -90.92 -64.39
C GLU S 422 1.81 -91.35 -62.93
N LEU S 423 1.31 -92.57 -62.72
CA LEU S 423 1.06 -93.13 -61.39
C LEU S 423 2.29 -93.78 -60.77
N ILE S 424 3.38 -93.98 -61.51
CA ILE S 424 4.64 -94.48 -60.96
C ILE S 424 5.13 -93.51 -59.88
N ASN S 425 5.45 -94.04 -58.68
CA ASN S 425 5.97 -93.26 -57.53
C ASN S 425 7.46 -93.60 -57.35
N SER S 426 8.37 -92.62 -57.35
CA SER S 426 9.82 -92.84 -57.41
C SER S 426 10.59 -91.98 -56.40
N ASP S 427 11.82 -92.40 -56.09
CA ASP S 427 12.84 -91.59 -55.42
C ASP S 427 12.51 -91.11 -53.99
N LEU S 428 11.83 -91.94 -53.20
CA LEU S 428 11.67 -91.77 -51.75
C LEU S 428 12.03 -93.10 -51.06
N PRO S 429 12.45 -93.11 -49.80
CA PRO S 429 12.74 -94.37 -49.11
C PRO S 429 11.47 -95.21 -48.99
N GLN S 430 11.54 -96.54 -49.15
CA GLN S 430 10.36 -97.45 -49.24
C GLN S 430 9.29 -97.27 -48.16
N TRP S 431 9.64 -96.91 -46.93
CA TRP S 431 8.68 -96.63 -45.88
C TRP S 431 7.89 -95.32 -46.11
N LEU S 432 8.47 -94.35 -46.82
CA LEU S 432 7.77 -93.15 -47.26
C LEU S 432 7.10 -93.35 -48.63
N LEU S 433 7.74 -94.06 -49.54
CA LEU S 433 7.23 -94.30 -50.89
C LEU S 433 5.92 -95.11 -50.89
N LEU S 434 5.80 -96.11 -50.03
CA LEU S 434 4.61 -96.96 -49.95
C LEU S 434 3.47 -96.33 -49.14
N PHE S 435 3.75 -95.38 -48.24
CA PHE S 435 2.75 -94.89 -47.28
C PHE S 435 1.58 -94.19 -48.00
N GLY S 436 0.37 -94.73 -47.87
CA GLY S 436 -0.82 -94.18 -48.50
C GLY S 436 -0.86 -94.27 -50.03
N TYR S 437 0.15 -94.86 -50.69
CA TYR S 437 0.18 -94.96 -52.15
C TYR S 437 -0.97 -95.83 -52.72
N PRO S 438 -1.28 -97.02 -52.18
CA PRO S 438 -2.45 -97.77 -52.60
C PRO S 438 -3.77 -97.01 -52.48
N ASP S 439 -3.95 -96.21 -51.42
CA ASP S 439 -5.16 -95.40 -51.27
C ASP S 439 -5.21 -94.22 -52.22
N TYR S 440 -4.09 -93.57 -52.52
CA TYR S 440 -4.05 -92.58 -53.60
C TYR S 440 -4.49 -93.21 -54.93
N ILE S 441 -4.02 -94.42 -55.23
CA ILE S 441 -4.38 -95.12 -56.45
C ILE S 441 -5.86 -95.49 -56.47
N LYS S 442 -6.41 -96.04 -55.38
CA LYS S 442 -7.85 -96.32 -55.26
C LYS S 442 -8.70 -95.06 -55.43
N ARG S 443 -8.34 -93.96 -54.75
CA ARG S 443 -9.12 -92.69 -54.82
C ARG S 443 -8.98 -92.08 -56.23
N THR S 444 -7.85 -92.29 -56.91
CA THR S 444 -7.66 -91.84 -58.29
C THR S 444 -8.60 -92.56 -59.28
N GLN S 445 -8.97 -93.82 -59.00
CA GLN S 445 -9.99 -94.56 -59.81
C GLN S 445 -9.54 -94.79 -61.27
N ASN S 446 -8.24 -94.67 -61.58
CA ASN S 446 -7.71 -94.95 -62.93
C ASN S 446 -7.49 -96.44 -63.19
N PHE S 447 -7.73 -97.31 -62.20
CA PHE S 447 -7.66 -98.77 -62.32
C PHE S 447 -8.99 -99.41 -61.92
N ALA S 448 -9.27 -100.61 -62.45
CA ALA S 448 -10.43 -101.38 -62.01
C ALA S 448 -10.30 -101.72 -60.52
N LEU S 449 -11.33 -101.38 -59.74
CA LEU S 449 -11.19 -101.06 -58.32
C LEU S 449 -10.78 -102.25 -57.44
N VAL S 450 -11.06 -103.48 -57.86
CA VAL S 450 -10.97 -104.64 -56.98
C VAL S 450 -9.53 -105.10 -56.71
N ASP S 451 -9.19 -105.37 -55.44
CA ASP S 451 -7.81 -105.75 -55.04
C ASP S 451 -7.32 -107.00 -55.76
N THR S 452 -8.23 -107.87 -56.19
CA THR S 452 -7.85 -109.14 -56.83
C THR S 452 -7.31 -108.98 -58.26
N ASN S 453 -7.51 -107.81 -58.89
CA ASN S 453 -7.21 -107.63 -60.31
C ASN S 453 -5.89 -106.90 -60.56
N TYR S 454 -5.17 -106.50 -59.51
CA TYR S 454 -3.88 -105.82 -59.59
C TYR S 454 -2.87 -106.42 -58.61
N ILE S 455 -1.59 -106.21 -58.89
CA ILE S 455 -0.46 -106.48 -58.00
C ILE S 455 0.34 -105.18 -57.86
N LEU S 456 0.82 -104.92 -56.67
CA LEU S 456 1.81 -103.90 -56.36
C LEU S 456 3.22 -104.48 -56.54
N VAL S 457 4.05 -103.74 -57.27
CA VAL S 457 5.42 -104.09 -57.67
C VAL S 457 6.33 -102.92 -57.29
N ASP S 458 7.49 -103.18 -56.67
CA ASP S 458 8.41 -102.10 -56.31
C ASP S 458 9.88 -102.48 -56.53
N HIS S 459 10.71 -101.49 -56.88
CA HIS S 459 12.15 -101.65 -57.02
C HIS S 459 12.85 -101.00 -55.83
N CYS S 460 13.84 -101.68 -55.25
CA CYS S 460 14.63 -101.18 -54.14
C CYS S 460 16.02 -101.82 -54.16
N PRO S 461 17.09 -101.07 -54.48
CA PRO S 461 18.46 -101.54 -54.41
C PRO S 461 18.93 -102.04 -53.04
N TYR S 462 18.23 -101.67 -51.97
CA TYR S 462 18.78 -101.63 -50.61
C TYR S 462 18.43 -102.83 -49.73
N THR S 463 17.68 -103.82 -50.22
CA THR S 463 17.62 -105.12 -49.54
C THR S 463 18.96 -105.84 -49.66
N ASN S 464 19.32 -106.64 -48.66
CA ASN S 464 20.64 -107.30 -48.63
C ASN S 464 20.78 -108.40 -49.70
N PRO S 465 19.89 -109.41 -49.76
CA PRO S 465 19.59 -110.10 -51.01
C PRO S 465 18.76 -109.19 -51.91
N GLU S 466 18.62 -109.51 -53.20
CA GLU S 466 17.84 -108.70 -54.14
C GLU S 466 17.02 -109.57 -55.10
N LYS S 467 15.97 -108.95 -55.64
CA LYS S 467 15.23 -109.36 -56.84
C LYS S 467 14.92 -108.09 -57.62
N THR S 468 14.93 -108.13 -58.96
CA THR S 468 14.92 -106.92 -59.79
C THR S 468 13.70 -106.03 -59.48
N PRO S 469 12.45 -106.48 -59.68
CA PRO S 469 11.32 -106.02 -58.88
C PRO S 469 11.10 -106.93 -57.66
N PHE S 470 10.29 -106.41 -56.73
CA PHE S 470 9.81 -107.21 -55.58
C PHE S 470 8.32 -107.36 -55.77
N ILE S 471 7.73 -108.48 -55.40
CA ILE S 471 6.25 -108.64 -55.42
C ILE S 471 5.87 -108.93 -53.96
N PRO S 472 5.87 -107.94 -53.05
CA PRO S 472 5.67 -108.25 -51.64
C PRO S 472 4.47 -109.15 -51.40
N LEU S 473 4.56 -110.12 -50.49
CA LEU S 473 3.46 -110.98 -50.10
C LEU S 473 3.36 -111.04 -48.58
N SER S 474 2.14 -111.00 -48.05
CA SER S 474 1.94 -111.03 -46.60
C SER S 474 2.21 -112.42 -46.03
N THR S 475 2.68 -112.46 -44.79
CA THR S 475 2.91 -113.70 -44.05
C THR S 475 1.67 -114.59 -44.04
N SER S 476 0.46 -114.04 -44.03
CA SER S 476 -0.79 -114.80 -44.15
C SER S 476 -0.89 -115.58 -45.47
N PHE S 477 -0.54 -115.01 -46.62
CA PHE S 477 -0.54 -115.72 -47.90
C PHE S 477 0.62 -116.72 -48.02
N ILE S 478 1.77 -116.39 -47.45
CA ILE S 478 2.92 -117.29 -47.32
C ILE S 478 2.66 -118.46 -46.35
N GLU S 479 1.65 -118.34 -45.48
CA GLU S 479 1.22 -119.36 -44.52
C GLU S 479 -0.16 -119.97 -44.84
N GLY S 480 -0.76 -119.67 -45.99
CA GLY S 480 -2.03 -120.28 -46.38
C GLY S 480 -3.22 -119.85 -45.53
N ARG S 481 -3.44 -118.54 -45.40
CA ARG S 481 -4.51 -117.99 -44.54
C ARG S 481 -5.10 -116.70 -45.14
N SER S 482 -6.35 -116.36 -44.80
CA SER S 482 -7.01 -115.17 -45.35
C SER S 482 -6.32 -113.84 -44.95
N PRO S 483 -6.43 -112.76 -45.74
CA PRO S 483 -5.62 -111.55 -45.61
C PRO S 483 -5.49 -110.95 -44.21
N TYR S 484 -6.55 -110.98 -43.40
CA TYR S 484 -6.58 -110.50 -42.01
C TYR S 484 -7.19 -111.54 -41.06
N SER S 485 -6.83 -112.83 -41.21
CA SER S 485 -7.34 -113.93 -40.39
C SER S 485 -6.31 -114.36 -39.32
N PRO S 486 -6.73 -114.67 -38.08
CA PRO S 486 -5.83 -114.99 -36.99
C PRO S 486 -5.03 -116.27 -37.24
N SER S 487 -3.77 -116.27 -36.79
CA SER S 487 -2.76 -117.30 -37.07
C SER S 487 -3.13 -118.71 -36.63
N ASP S 488 -4.14 -118.89 -35.75
CA ASP S 488 -4.61 -120.25 -35.35
C ASP S 488 -5.21 -120.96 -36.55
N THR S 489 -5.67 -120.20 -37.56
CA THR S 489 -6.23 -120.73 -38.80
C THR S 489 -5.13 -121.22 -39.75
N HIS S 490 -5.37 -122.34 -40.47
CA HIS S 490 -4.37 -122.94 -41.41
C HIS S 490 -5.02 -123.18 -42.78
N GLU S 491 -6.08 -122.46 -43.14
CA GLU S 491 -6.75 -122.50 -44.44
C GLU S 491 -7.38 -121.13 -44.75
N PRO S 492 -7.47 -120.70 -46.01
CA PRO S 492 -8.35 -119.60 -46.38
C PRO S 492 -9.82 -119.89 -46.06
N ASP S 493 -10.61 -118.85 -45.80
CA ASP S 493 -12.08 -118.89 -45.82
C ASP S 493 -12.59 -119.07 -47.27
N GLU S 494 -13.80 -119.62 -47.50
CA GLU S 494 -14.24 -120.10 -48.82
C GLU S 494 -14.03 -119.11 -49.98
N GLU S 495 -14.31 -117.82 -49.77
CA GLU S 495 -14.11 -116.79 -50.78
C GLU S 495 -12.63 -116.50 -51.09
N ASP S 496 -11.73 -116.75 -50.14
CA ASP S 496 -10.27 -116.75 -50.35
C ASP S 496 -9.72 -118.14 -50.71
N GLN S 497 -10.48 -119.24 -50.52
CA GLN S 497 -10.11 -120.53 -51.11
C GLN S 497 -10.24 -120.47 -52.63
N ASN S 498 -11.27 -119.78 -53.13
CA ASN S 498 -11.31 -119.24 -54.47
C ASN S 498 -10.33 -118.04 -54.59
N ARG S 499 -9.93 -117.78 -55.85
CA ARG S 499 -9.03 -116.65 -56.18
C ARG S 499 -7.75 -116.72 -55.34
N TRP S 500 -7.23 -117.91 -55.04
CA TRP S 500 -5.99 -118.09 -54.22
C TRP S 500 -4.74 -117.90 -55.10
N TYR S 501 -4.48 -116.66 -55.52
CA TYR S 501 -3.36 -116.31 -56.39
C TYR S 501 -2.81 -114.91 -56.06
N PRO S 502 -1.56 -114.58 -56.42
CA PRO S 502 -0.98 -113.27 -56.16
C PRO S 502 -1.84 -112.08 -56.62
N CYS S 503 -2.22 -111.23 -55.68
CA CYS S 503 -2.91 -109.98 -55.94
C CYS S 503 -2.80 -109.06 -54.72
N TYR S 504 -3.09 -107.77 -54.89
CA TYR S 504 -2.91 -106.73 -53.88
C TYR S 504 -3.60 -107.05 -52.55
N GLN S 505 -4.72 -107.77 -52.56
CA GLN S 505 -5.44 -108.17 -51.32
C GLN S 505 -4.52 -108.98 -50.39
N TYR S 506 -3.64 -109.82 -50.93
CA TYR S 506 -2.68 -110.58 -50.14
C TYR S 506 -1.38 -109.82 -49.85
N GLN S 507 -1.12 -108.69 -50.49
CA GLN S 507 0.09 -107.89 -50.27
C GLN S 507 -0.04 -106.87 -49.13
N GLN S 508 -1.26 -106.54 -48.70
CA GLN S 508 -1.54 -105.39 -47.83
C GLN S 508 -0.73 -105.37 -46.52
N GLU S 509 -0.67 -106.49 -45.80
CA GLU S 509 0.05 -106.53 -44.53
C GLU S 509 1.56 -106.39 -44.72
N SER S 510 2.13 -106.87 -45.84
CA SER S 510 3.56 -106.71 -46.12
C SER S 510 3.95 -105.25 -46.35
N ILE S 511 3.18 -104.48 -47.13
CA ILE S 511 3.50 -103.07 -47.34
C ILE S 511 3.20 -102.22 -46.12
N ASN S 512 2.20 -102.60 -45.30
CA ASN S 512 2.03 -101.98 -44.00
C ASN S 512 3.24 -102.24 -43.11
N SER S 513 3.79 -103.45 -43.10
CA SER S 513 4.98 -103.80 -42.34
C SER S 513 6.22 -103.01 -42.78
N ILE S 514 6.38 -102.77 -44.08
CA ILE S 514 7.43 -101.88 -44.60
C ILE S 514 7.21 -100.44 -44.13
N CYS S 515 5.98 -99.91 -44.17
CA CYS S 515 5.68 -98.58 -43.64
C CYS S 515 5.93 -98.47 -42.13
N LEU S 516 5.60 -99.50 -41.35
CA LEU S 516 5.91 -99.59 -39.92
C LEU S 516 7.41 -99.58 -39.62
N SER S 517 8.27 -99.92 -40.58
CA SER S 517 9.71 -99.75 -40.39
C SER S 517 10.13 -98.28 -40.38
N GLY S 518 9.31 -97.38 -40.93
CA GLY S 518 9.59 -95.95 -40.95
C GLY S 518 9.36 -95.25 -39.60
N PRO S 519 9.97 -94.08 -39.39
CA PRO S 519 9.87 -93.34 -38.13
C PRO S 519 8.48 -92.76 -37.87
N GLY S 520 8.19 -92.50 -36.60
CA GLY S 520 6.95 -91.92 -36.10
C GLY S 520 5.76 -92.87 -36.03
N THR S 521 5.83 -94.04 -36.65
CA THR S 521 4.72 -95.00 -36.68
C THR S 521 4.45 -95.60 -35.30
N PRO S 522 3.21 -95.58 -34.80
CA PRO S 522 2.90 -95.95 -33.41
C PRO S 522 2.99 -97.46 -33.13
N LYS S 523 3.14 -97.78 -31.83
CA LYS S 523 3.04 -99.13 -31.27
C LYS S 523 1.64 -99.30 -30.66
N ILE S 524 0.83 -100.22 -31.19
CA ILE S 524 -0.51 -100.50 -30.67
C ILE S 524 -0.59 -101.99 -30.31
N PRO S 525 -0.86 -102.36 -29.05
CA PRO S 525 -1.00 -103.77 -28.68
C PRO S 525 -2.07 -104.50 -29.49
N LYS S 526 -1.83 -105.77 -29.84
CA LYS S 526 -2.82 -106.57 -30.60
C LYS S 526 -4.13 -106.69 -29.82
N GLY S 527 -5.25 -106.50 -30.51
CA GLY S 527 -6.59 -106.46 -29.93
C GLY S 527 -7.02 -105.10 -29.37
N ILE S 528 -6.17 -104.07 -29.41
CA ILE S 528 -6.54 -102.70 -29.04
C ILE S 528 -6.72 -101.88 -30.32
N THR S 529 -7.79 -101.09 -30.38
CA THR S 529 -8.03 -100.11 -31.44
C THR S 529 -7.80 -98.72 -30.87
N ALA S 530 -6.86 -97.97 -31.44
CA ALA S 530 -6.66 -96.58 -31.11
C ALA S 530 -7.64 -95.71 -31.91
N GLU S 531 -8.09 -94.60 -31.35
CA GLU S 531 -9.13 -93.73 -31.93
C GLU S 531 -8.76 -92.28 -31.68
N ALA S 532 -9.23 -91.37 -32.53
CA ALA S 532 -9.16 -89.94 -32.29
C ALA S 532 -10.45 -89.26 -32.74
N LYS S 533 -10.83 -88.18 -32.08
CA LYS S 533 -12.03 -87.41 -32.40
C LYS S 533 -11.81 -85.91 -32.28
N VAL S 534 -12.58 -85.16 -33.06
CA VAL S 534 -12.70 -83.71 -32.97
C VAL S 534 -14.16 -83.37 -32.68
N LYS S 535 -14.41 -82.34 -31.89
CA LYS S 535 -15.74 -81.71 -31.81
C LYS S 535 -15.73 -80.46 -32.67
N TYR S 536 -16.69 -80.36 -33.58
CA TYR S 536 -16.80 -79.24 -34.49
C TYR S 536 -18.01 -78.37 -34.17
N SER S 537 -17.93 -77.10 -34.55
CA SER S 537 -19.06 -76.18 -34.56
C SER S 537 -18.95 -75.29 -35.79
N PHE S 538 -19.73 -75.57 -36.82
CA PHE S 538 -19.80 -74.72 -38.02
C PHE S 538 -20.84 -73.63 -37.81
N ASN S 539 -20.49 -72.38 -38.11
CA ASN S 539 -21.37 -71.24 -37.88
C ASN S 539 -22.03 -70.80 -39.19
N PHE S 540 -23.35 -70.83 -39.23
CA PHE S 540 -24.16 -70.42 -40.36
C PHE S 540 -25.22 -69.42 -39.90
N LYS S 541 -25.74 -68.65 -40.85
CA LYS S 541 -27.02 -67.97 -40.73
C LYS S 541 -27.92 -68.46 -41.85
N TRP S 542 -29.21 -68.60 -41.58
CA TRP S 542 -30.23 -68.89 -42.57
C TRP S 542 -31.04 -67.63 -42.84
N GLY S 543 -31.33 -67.34 -44.10
CA GLY S 543 -32.01 -66.11 -44.50
C GLY S 543 -33.23 -66.38 -45.35
N GLY S 544 -34.26 -65.55 -45.20
CA GLY S 544 -35.46 -65.64 -46.03
C GLY S 544 -36.53 -64.62 -45.67
N ASP S 545 -37.61 -64.64 -46.42
CA ASP S 545 -38.88 -64.05 -46.01
C ASP S 545 -39.53 -64.84 -44.87
N LEU S 546 -40.39 -64.20 -44.09
CA LEU S 546 -40.98 -64.79 -42.89
C LEU S 546 -41.77 -66.09 -43.22
N PRO S 547 -41.54 -67.19 -42.51
CA PRO S 547 -42.21 -68.46 -42.75
C PRO S 547 -43.59 -68.55 -42.06
N PRO S 548 -44.44 -69.52 -42.46
CA PRO S 548 -45.69 -69.86 -41.76
C PRO S 548 -45.45 -70.66 -40.47
N MET S 549 -46.49 -70.83 -39.64
CA MET S 549 -46.43 -71.51 -38.34
C MET S 549 -47.81 -72.10 -37.95
N SER S 550 -47.87 -73.05 -37.01
CA SER S 550 -49.12 -73.70 -36.53
C SER S 550 -49.17 -73.86 -35.00
N THR S 551 -50.36 -74.13 -34.46
CA THR S 551 -50.68 -74.07 -33.01
C THR S 551 -51.50 -75.27 -32.54
N ILE S 552 -51.52 -75.49 -31.23
CA ILE S 552 -52.11 -76.65 -30.53
C ILE S 552 -53.27 -76.20 -29.63
N THR S 553 -54.32 -77.01 -29.50
CA THR S 553 -55.46 -76.69 -28.61
C THR S 553 -55.01 -76.51 -27.17
N ASN S 554 -55.59 -75.56 -26.43
CA ASN S 554 -55.30 -75.39 -25.01
C ASN S 554 -55.80 -76.54 -24.12
N PRO S 555 -57.04 -77.07 -24.26
CA PRO S 555 -57.56 -78.09 -23.36
C PRO S 555 -56.79 -79.40 -23.42
N THR S 556 -56.45 -79.87 -24.63
CA THR S 556 -55.64 -81.11 -24.80
C THR S 556 -54.19 -80.70 -24.94
N ASP S 557 -53.53 -80.38 -23.82
CA ASP S 557 -52.12 -79.90 -23.85
C ASP S 557 -51.40 -80.41 -22.59
N GLN S 558 -50.10 -80.13 -22.45
CA GLN S 558 -49.31 -80.57 -21.27
C GLN S 558 -50.16 -80.33 -20.01
N PRO S 559 -50.62 -81.37 -19.29
CA PRO S 559 -51.49 -81.17 -18.13
C PRO S 559 -50.71 -80.87 -16.86
N THR S 560 -51.25 -79.98 -16.02
CA THR S 560 -50.60 -79.67 -14.74
C THR S 560 -50.60 -80.91 -13.83
N TYR S 561 -49.63 -81.03 -12.91
CA TYR S 561 -49.53 -82.19 -12.01
C TYR S 561 -50.83 -82.46 -11.24
N VAL S 562 -51.61 -81.41 -10.95
CA VAL S 562 -52.93 -81.48 -10.31
C VAL S 562 -53.89 -82.36 -11.12
N LYS T 48 25.75 -67.86 15.66
CA LYS T 48 26.20 -68.65 14.48
C LYS T 48 27.70 -68.87 14.47
N ARG T 49 28.50 -67.82 14.26
CA ARG T 49 29.97 -67.85 14.36
C ARG T 49 30.50 -66.60 15.06
N LEU T 50 31.55 -66.77 15.85
CA LEU T 50 32.14 -65.70 16.67
C LEU T 50 33.62 -65.52 16.32
N ASN T 51 34.11 -64.29 16.46
CA ASN T 51 35.55 -64.03 16.45
C ASN T 51 36.21 -64.69 17.66
N ILE T 52 37.36 -65.33 17.46
CA ILE T 52 38.21 -65.77 18.57
C ILE T 52 38.89 -64.53 19.17
N VAL T 53 38.88 -64.44 20.49
CA VAL T 53 39.38 -63.29 21.26
C VAL T 53 40.38 -63.80 22.29
N GLU T 54 41.43 -63.02 22.54
CA GLU T 54 42.43 -63.29 23.56
C GLU T 54 42.47 -62.13 24.57
N TRP T 55 42.74 -62.42 25.84
CA TRP T 55 42.90 -61.41 26.87
C TRP T 55 44.37 -61.02 27.00
N GLN T 56 44.62 -59.74 26.81
CA GLN T 56 46.01 -59.19 26.78
C GLN T 56 46.71 -59.41 28.12
N PRO T 57 48.00 -59.76 28.12
CA PRO T 57 48.76 -60.01 29.35
C PRO T 57 49.00 -58.74 30.16
N LYS T 58 49.30 -58.92 31.45
CA LYS T 58 49.31 -57.84 32.45
C LYS T 58 50.35 -56.75 32.16
N SER T 59 51.54 -57.11 31.70
CA SER T 59 52.58 -56.18 31.25
C SER T 59 53.15 -56.57 29.90
N ILE T 60 53.39 -55.58 29.04
CA ILE T 60 53.82 -55.75 27.65
C ILE T 60 55.00 -54.81 27.37
N ARG T 61 56.04 -55.30 26.65
CA ARG T 61 57.23 -54.49 26.29
C ARG T 61 57.69 -54.71 24.83
N LYS T 62 57.49 -53.74 23.95
CA LYS T 62 57.94 -53.82 22.55
C LYS T 62 59.45 -53.98 22.48
N CYS T 63 59.94 -54.83 21.58
CA CYS T 63 61.36 -55.04 21.31
C CYS T 63 61.61 -55.22 19.82
N ARG T 64 62.45 -54.33 19.25
CA ARG T 64 62.89 -54.46 17.84
C ARG T 64 64.30 -55.08 17.81
N ILE T 65 64.41 -56.35 17.43
CA ILE T 65 65.72 -57.01 17.29
C ILE T 65 66.35 -56.50 16.00
N LYS T 66 67.31 -55.58 16.12
CA LYS T 66 67.93 -54.85 15.00
C LYS T 66 69.35 -55.33 14.76
N GLY T 67 69.74 -55.57 13.53
CA GLY T 67 71.09 -56.03 13.22
C GLY T 67 71.39 -56.11 11.74
N MET T 68 72.55 -56.66 11.41
CA MET T 68 73.08 -56.76 10.05
C MET T 68 73.36 -58.23 9.71
N LEU T 69 72.92 -58.70 8.54
CA LEU T 69 73.10 -60.07 8.07
C LEU T 69 73.88 -60.10 6.76
N CYS T 70 74.95 -60.88 6.69
CA CYS T 70 75.67 -61.13 5.45
C CYS T 70 74.89 -62.10 4.55
N LEU T 71 74.56 -61.68 3.33
CA LEU T 71 73.80 -62.50 2.39
C LEU T 71 74.71 -63.47 1.63
N PHE T 72 75.87 -63.02 1.19
CA PHE T 72 76.92 -63.86 0.66
C PHE T 72 78.25 -63.11 0.80
N GLN T 73 79.35 -63.84 0.75
CA GLN T 73 80.65 -63.27 0.45
C GLN T 73 81.41 -64.27 -0.40
N THR T 74 81.81 -63.87 -1.61
CA THR T 74 82.18 -64.76 -2.70
C THR T 74 83.39 -64.28 -3.47
N THR T 75 84.20 -65.23 -3.93
CA THR T 75 85.13 -65.07 -5.05
C THR T 75 84.52 -65.70 -6.30
N GLU T 76 85.15 -65.54 -7.46
CA GLU T 76 84.67 -66.13 -8.73
C GLU T 76 84.62 -67.67 -8.70
N ASP T 77 85.59 -68.31 -8.05
CA ASP T 77 85.71 -69.77 -7.94
C ASP T 77 84.75 -70.40 -6.91
N ARG T 78 83.92 -69.60 -6.24
CA ARG T 78 82.88 -70.06 -5.32
C ARG T 78 81.46 -69.61 -5.68
N LEU T 79 81.26 -69.00 -6.85
CA LEU T 79 79.95 -68.44 -7.22
C LEU T 79 78.81 -69.45 -7.26
N SER T 80 79.06 -70.68 -7.68
CA SER T 80 78.03 -71.72 -7.78
C SER T 80 77.71 -72.46 -6.47
N TYR T 81 78.32 -72.06 -5.35
CA TYR T 81 78.17 -72.73 -4.06
C TYR T 81 77.41 -71.89 -3.03
N ASN T 82 76.73 -72.55 -2.12
CA ASN T 82 75.98 -71.94 -1.03
C ASN T 82 76.92 -71.37 0.05
N PHE T 83 76.79 -70.09 0.38
CA PHE T 83 77.48 -69.44 1.48
C PHE T 83 76.82 -69.77 2.82
N ASP T 84 77.57 -70.49 3.67
CA ASP T 84 77.30 -70.58 5.10
C ASP T 84 78.36 -69.79 5.85
N MET T 85 77.94 -68.88 6.73
CA MET T 85 78.86 -68.07 7.54
C MET T 85 79.53 -68.89 8.65
N TYR T 86 78.85 -69.94 9.12
CA TYR T 86 79.33 -70.90 10.11
C TYR T 86 79.61 -72.23 9.40
N GLU T 87 80.89 -72.54 9.27
CA GLU T 87 81.46 -73.34 8.19
C GLU T 87 81.57 -74.85 8.42
N GLU T 88 81.70 -75.60 7.33
CA GLU T 88 82.40 -76.88 7.36
C GLU T 88 83.90 -76.51 7.41
N SER T 89 84.59 -76.85 8.51
CA SER T 89 85.83 -76.20 8.98
C SER T 89 86.99 -76.09 7.97
N ILE T 90 86.99 -76.88 6.90
CA ILE T 90 87.95 -76.78 5.79
C ILE T 90 87.66 -75.62 4.83
N ILE T 91 86.39 -75.25 4.62
CA ILE T 91 86.00 -74.25 3.60
C ILE T 91 86.72 -72.91 3.80
N PRO T 92 86.75 -72.25 4.97
CA PRO T 92 87.42 -70.96 5.10
C PRO T 92 88.94 -71.05 5.08
N GLU T 93 89.55 -72.24 5.16
CA GLU T 93 91.01 -72.37 5.07
C GLU T 93 91.49 -72.03 3.66
N LYS T 94 92.14 -70.87 3.53
CA LYS T 94 92.62 -70.31 2.25
C LYS T 94 91.50 -70.01 1.23
N LEU T 95 90.25 -69.78 1.67
CA LEU T 95 89.22 -69.11 0.86
C LEU T 95 88.65 -67.87 1.59
N PRO T 96 88.72 -66.67 1.00
CA PRO T 96 88.20 -65.46 1.63
C PRO T 96 86.67 -65.31 1.51
N GLY T 97 86.02 -66.05 0.62
CA GLY T 97 84.56 -66.10 0.50
C GLY T 97 84.07 -67.49 0.09
N GLY T 98 83.07 -68.01 0.79
CA GLY T 98 82.68 -69.42 0.70
C GLY T 98 81.62 -69.74 -0.35
N GLY T 99 80.86 -68.78 -0.85
CA GLY T 99 79.75 -69.06 -1.76
C GLY T 99 79.07 -67.82 -2.32
N GLY T 100 78.53 -67.92 -3.53
CA GLY T 100 77.91 -66.80 -4.26
C GLY T 100 76.38 -66.74 -4.18
N PHE T 101 75.75 -67.70 -3.52
CA PHE T 101 74.33 -67.63 -3.19
C PHE T 101 74.13 -68.11 -1.77
N SER T 102 73.02 -67.77 -1.12
CA SER T 102 72.65 -68.41 0.14
C SER T 102 71.16 -68.59 0.25
N ILE T 103 70.76 -69.58 1.07
CA ILE T 103 69.44 -69.65 1.65
C ILE T 103 69.59 -69.46 3.17
N LYS T 104 68.98 -68.42 3.71
CA LYS T 104 68.96 -68.09 5.15
C LYS T 104 67.59 -68.42 5.70
N ASN T 105 67.51 -69.15 6.80
CA ASN T 105 66.29 -69.23 7.63
C ASN T 105 66.53 -68.45 8.92
N ILE T 106 65.62 -67.56 9.27
CA ILE T 106 65.70 -66.75 10.49
C ILE T 106 64.64 -67.22 11.49
N SER T 107 65.04 -67.48 12.72
CA SER T 107 64.18 -67.82 13.85
C SER T 107 64.61 -67.02 15.06
N LEU T 108 63.74 -66.86 16.06
CA LEU T 108 64.06 -66.15 17.29
C LEU T 108 65.29 -66.74 18.01
N TYR T 109 65.50 -68.05 17.92
CA TYR T 109 66.72 -68.67 18.43
C TYR T 109 67.96 -68.33 17.60
N ALA T 110 67.86 -68.28 16.27
CA ALA T 110 68.95 -67.79 15.43
C ALA T 110 69.25 -66.30 15.69
N LEU T 111 68.25 -65.46 15.94
CA LEU T 111 68.44 -64.08 16.38
C LEU T 111 69.17 -63.98 17.72
N TYR T 112 68.84 -64.84 18.69
CA TYR T 112 69.59 -64.96 19.93
C TYR T 112 71.04 -65.41 19.69
N GLN T 113 71.28 -66.38 18.81
CA GLN T 113 72.65 -66.79 18.46
C GLN T 113 73.44 -65.65 17.80
N GLU T 114 72.83 -64.86 16.93
CA GLU T 114 73.48 -63.66 16.38
C GLU T 114 73.76 -62.60 17.45
N HIS T 115 73.01 -62.58 18.55
CA HIS T 115 73.29 -61.66 19.69
C HIS T 115 74.53 -62.14 20.45
N ILE T 116 74.78 -63.46 20.50
CA ILE T 116 76.01 -64.00 21.10
C ILE T 116 77.26 -63.65 20.26
N HIS T 117 77.12 -63.54 18.95
CA HIS T 117 78.16 -63.00 18.06
C HIS T 117 78.24 -61.46 18.06
N ALA T 118 77.43 -60.77 18.85
CA ALA T 118 77.28 -59.32 18.87
C ALA T 118 76.85 -58.71 17.52
N HIS T 119 76.17 -59.48 16.66
CA HIS T 119 75.71 -59.01 15.35
C HIS T 119 74.39 -58.25 15.40
N ASN T 120 73.67 -58.27 16.52
CA ASN T 120 72.43 -57.53 16.70
C ASN T 120 72.28 -56.98 18.12
N ILE T 121 71.33 -56.07 18.28
CA ILE T 121 70.85 -55.56 19.56
C ILE T 121 69.39 -56.01 19.75
N PHE T 122 69.00 -56.26 20.99
CA PHE T 122 67.60 -56.35 21.39
C PHE T 122 67.22 -55.03 22.07
N THR T 123 66.25 -54.32 21.52
CA THR T 123 65.85 -53.00 22.05
C THR T 123 65.28 -53.07 23.48
N HIS T 124 64.76 -54.25 23.85
CA HIS T 124 64.29 -54.51 25.23
C HIS T 124 64.64 -55.96 25.54
N THR T 125 65.15 -56.26 26.72
CA THR T 125 65.37 -57.63 27.18
C THR T 125 64.07 -58.40 27.36
N ASN T 126 64.17 -59.72 27.35
CA ASN T 126 63.06 -60.66 27.48
C ASN T 126 63.16 -61.55 28.74
N THR T 127 64.02 -61.20 29.71
CA THR T 127 64.45 -62.15 30.76
C THR T 127 63.31 -62.64 31.66
N ASP T 128 62.33 -61.79 31.94
CA ASP T 128 61.26 -62.07 32.91
C ASP T 128 59.85 -61.94 32.33
N ARG T 129 59.75 -61.94 30.98
CA ARG T 129 58.45 -61.90 30.26
C ARG T 129 58.51 -63.11 29.30
N PRO T 130 57.86 -64.25 29.58
CA PRO T 130 58.03 -65.49 28.83
C PRO T 130 57.19 -65.58 27.55
N LEU T 131 56.16 -64.75 27.40
CA LEU T 131 55.33 -64.70 26.20
C LEU T 131 55.97 -63.82 25.13
N ALA T 132 55.71 -64.14 23.87
CA ALA T 132 56.11 -63.37 22.71
C ALA T 132 54.96 -63.20 21.73
N ARG T 133 54.93 -62.03 21.07
CA ARG T 133 53.91 -61.70 20.03
C ARG T 133 54.65 -61.09 18.82
N TYR T 134 55.07 -61.92 17.85
CA TYR T 134 55.77 -61.49 16.65
C TYR T 134 54.85 -60.73 15.68
N THR T 135 55.29 -59.57 15.21
CA THR T 135 54.45 -58.65 14.41
C THR T 135 54.92 -58.50 12.96
N GLY T 136 56.09 -59.03 12.62
CA GLY T 136 56.67 -58.93 11.28
C GLY T 136 58.07 -58.35 11.28
N CYS T 137 58.62 -58.16 10.09
CA CYS T 137 60.00 -57.77 9.88
C CYS T 137 60.10 -56.59 8.91
N SER T 138 61.09 -55.72 9.11
CA SER T 138 61.57 -54.78 8.08
C SER T 138 62.96 -55.19 7.62
N LEU T 139 63.19 -55.28 6.32
CA LEU T 139 64.51 -55.47 5.74
C LEU T 139 64.93 -54.24 4.95
N LYS T 140 66.18 -53.80 5.09
CA LYS T 140 66.85 -52.84 4.19
C LYS T 140 67.99 -53.56 3.48
N PHE T 141 67.88 -53.74 2.18
CA PHE T 141 68.89 -54.37 1.35
C PHE T 141 69.80 -53.28 0.79
N TYR T 142 71.10 -53.35 1.04
CA TYR T 142 72.03 -52.31 0.58
C TYR T 142 72.63 -52.65 -0.77
N GLN T 143 72.79 -51.64 -1.62
CA GLN T 143 73.63 -51.77 -2.81
C GLN T 143 75.06 -52.08 -2.40
N SER T 144 75.62 -53.18 -2.92
CA SER T 144 77.05 -53.42 -2.80
C SER T 144 77.83 -52.47 -3.71
N LYS T 145 79.11 -52.28 -3.44
CA LYS T 145 79.97 -51.45 -4.29
C LYS T 145 80.16 -52.06 -5.67
N ASP T 146 80.56 -53.34 -5.73
CA ASP T 146 81.09 -53.98 -6.95
C ASP T 146 80.17 -55.03 -7.59
N ILE T 147 79.16 -55.54 -6.88
CA ILE T 147 78.34 -56.68 -7.40
C ILE T 147 76.83 -56.42 -7.27
N ASP T 148 76.04 -56.84 -8.25
CA ASP T 148 74.57 -56.73 -8.20
C ASP T 148 74.09 -57.99 -7.49
N TYR T 149 72.80 -58.11 -7.16
CA TYR T 149 72.32 -59.38 -6.58
C TYR T 149 70.80 -59.45 -6.52
N VAL T 150 70.25 -60.61 -6.78
CA VAL T 150 68.80 -60.88 -6.73
C VAL T 150 68.47 -61.43 -5.36
N VAL T 151 67.40 -60.96 -4.75
CA VAL T 151 66.82 -61.54 -3.53
C VAL T 151 65.41 -62.01 -3.84
N THR T 152 65.00 -63.12 -3.24
CA THR T 152 63.59 -63.41 -3.02
C THR T 152 63.41 -64.05 -1.66
N TYR T 153 62.27 -63.84 -1.02
CA TYR T 153 62.02 -64.30 0.34
C TYR T 153 60.67 -64.99 0.42
N SER T 154 60.50 -65.82 1.43
CA SER T 154 59.27 -66.56 1.68
C SER T 154 58.98 -66.62 3.16
N THR T 155 57.71 -66.84 3.53
CA THR T 155 57.32 -67.01 4.96
C THR T 155 56.34 -68.16 5.09
N SER T 156 56.31 -69.09 4.13
CA SER T 156 55.48 -70.31 4.31
C SER T 156 56.04 -71.04 5.53
N LEU T 157 55.28 -71.08 6.63
CA LEU T 157 55.81 -71.68 7.90
C LEU T 157 56.47 -73.04 7.58
N PRO T 158 55.88 -73.93 6.78
CA PRO T 158 56.55 -75.18 6.41
C PRO T 158 57.89 -74.86 5.77
N LEU T 159 59.00 -75.30 6.40
CA LEU T 159 60.36 -75.03 5.89
C LEU T 159 60.95 -76.32 5.32
N ARG T 160 61.42 -76.31 4.07
CA ARG T 160 62.04 -77.50 3.44
C ARG T 160 62.93 -77.04 2.27
N SER T 161 63.85 -77.91 1.82
CA SER T 161 64.75 -77.60 0.67
C SER T 161 64.33 -78.48 -0.51
N SER T 162 64.62 -78.05 -1.73
CA SER T 162 64.25 -78.82 -2.95
C SER T 162 65.35 -78.72 -4.01
N MET T 163 65.48 -79.71 -4.89
CA MET T 163 66.44 -79.70 -5.98
C MET T 163 66.15 -78.56 -6.98
N GLY T 164 64.87 -78.32 -7.26
CA GLY T 164 64.42 -77.21 -8.09
C GLY T 164 64.68 -75.85 -7.47
N MET T 165 64.57 -75.71 -6.14
CA MET T 165 64.98 -74.49 -5.45
C MET T 165 66.46 -74.20 -5.67
N TYR T 166 67.35 -75.16 -5.43
CA TYR T 166 68.79 -74.95 -5.58
C TYR T 166 69.20 -74.66 -7.03
N ASN T 167 68.61 -75.33 -8.01
CA ASN T 167 68.85 -74.97 -9.42
C ASN T 167 68.31 -73.57 -9.72
N SER T 168 67.13 -73.21 -9.24
CA SER T 168 66.54 -71.89 -9.47
C SER T 168 67.32 -70.74 -8.82
N MET T 169 68.28 -71.02 -7.93
CA MET T 169 69.23 -70.02 -7.46
C MET T 169 70.20 -69.52 -8.53
N GLN T 170 70.30 -70.19 -9.68
CA GLN T 170 71.16 -69.75 -10.77
C GLN T 170 70.78 -68.31 -11.15
N PRO T 171 71.73 -67.38 -11.29
CA PRO T 171 71.40 -65.96 -11.34
C PRO T 171 70.40 -65.54 -12.42
N SER T 172 70.48 -66.12 -13.62
CA SER T 172 69.54 -65.86 -14.70
C SER T 172 68.14 -66.39 -14.39
N ILE T 173 68.04 -67.59 -13.79
CA ILE T 173 66.76 -68.19 -13.42
C ILE T 173 66.12 -67.46 -12.26
N HIS T 174 66.88 -67.13 -11.23
CA HIS T 174 66.39 -66.35 -10.10
C HIS T 174 65.93 -64.96 -10.56
N LEU T 175 66.68 -64.29 -11.44
CA LEU T 175 66.28 -63.02 -12.03
C LEU T 175 64.98 -63.09 -12.86
N MET T 176 64.60 -64.25 -13.40
CA MET T 176 63.30 -64.40 -14.07
C MET T 176 62.11 -64.60 -13.14
N GLN T 177 62.33 -65.03 -11.89
CA GLN T 177 61.22 -65.36 -10.97
C GLN T 177 60.35 -64.16 -10.62
N GLN T 178 59.09 -64.42 -10.30
CA GLN T 178 58.16 -63.42 -9.77
C GLN T 178 58.48 -63.08 -8.31
N ASN T 179 58.18 -61.85 -7.90
CA ASN T 179 58.46 -61.33 -6.56
C ASN T 179 59.95 -61.43 -6.17
N LYS T 180 60.83 -61.34 -7.17
CA LYS T 180 62.24 -61.01 -7.00
C LYS T 180 62.41 -59.56 -6.55
N LEU T 181 63.54 -59.27 -5.96
CA LEU T 181 64.09 -57.94 -5.78
C LEU T 181 65.48 -57.91 -6.39
N ILE T 182 65.75 -57.01 -7.33
CA ILE T 182 67.09 -56.82 -7.90
C ILE T 182 67.71 -55.62 -7.19
N VAL T 183 68.92 -55.80 -6.69
CA VAL T 183 69.71 -54.71 -6.10
C VAL T 183 70.92 -54.47 -7.00
N PRO T 184 70.90 -53.43 -7.84
CA PRO T 184 72.07 -53.05 -8.62
C PRO T 184 73.19 -52.60 -7.70
N SER T 185 74.44 -52.84 -8.07
CA SER T 185 75.58 -52.24 -7.40
C SER T 185 75.56 -50.72 -7.53
N LYS T 186 76.31 -50.02 -6.69
CA LYS T 186 76.50 -48.56 -6.80
C LYS T 186 77.14 -48.17 -8.12
N GLN T 187 77.96 -49.05 -8.70
CA GLN T 187 78.54 -48.89 -10.03
C GLN T 187 77.49 -48.99 -11.15
N THR T 188 76.59 -49.98 -11.12
CA THR T 188 75.60 -50.15 -12.19
C THR T 188 74.42 -49.17 -12.10
N GLN T 189 74.06 -48.68 -10.90
CA GLN T 189 73.07 -47.62 -10.77
C GLN T 189 73.28 -46.79 -9.49
N LYS T 190 73.54 -45.49 -9.63
CA LYS T 190 73.45 -44.52 -8.54
C LYS T 190 71.98 -44.22 -8.23
N ARG T 191 71.61 -44.20 -6.96
CA ARG T 191 70.22 -44.07 -6.49
C ARG T 191 70.09 -42.95 -5.44
N ARG T 192 68.89 -42.41 -5.27
CA ARG T 192 68.57 -41.44 -4.21
C ARG T 192 68.78 -42.06 -2.84
N LYS T 193 68.14 -43.21 -2.57
CA LYS T 193 68.35 -44.00 -1.36
C LYS T 193 69.29 -45.15 -1.68
N PRO T 194 70.35 -45.39 -0.89
CA PRO T 194 71.37 -46.41 -1.19
C PRO T 194 70.94 -47.83 -0.84
N TYR T 195 69.65 -48.05 -0.54
CA TYR T 195 69.07 -49.30 -0.10
C TYR T 195 67.65 -49.45 -0.64
N ILE T 196 67.15 -50.69 -0.68
CA ILE T 196 65.74 -50.98 -0.95
C ILE T 196 65.11 -51.56 0.32
N LYS T 197 64.01 -50.97 0.78
CA LYS T 197 63.35 -51.29 2.04
C LYS T 197 62.02 -51.95 1.79
N LYS T 198 61.73 -53.07 2.45
CA LYS T 198 60.39 -53.66 2.45
C LYS T 198 60.02 -54.40 3.72
N HIS T 199 58.74 -54.38 4.03
CA HIS T 199 58.13 -54.96 5.21
C HIS T 199 57.58 -56.33 4.88
N ILE T 200 57.84 -57.31 5.74
CA ILE T 200 57.46 -58.71 5.56
C ILE T 200 56.57 -59.13 6.73
N SER T 201 55.38 -59.63 6.42
CA SER T 201 54.38 -60.07 7.40
C SER T 201 54.78 -61.40 8.05
N PRO T 202 54.29 -61.78 9.24
CA PRO T 202 54.55 -63.09 9.81
C PRO T 202 54.14 -64.25 8.90
N PRO T 203 54.70 -65.46 9.07
CA PRO T 203 54.16 -66.67 8.47
C PRO T 203 52.66 -66.79 8.69
N THR T 204 51.89 -67.30 7.73
CA THR T 204 50.43 -67.41 7.88
C THR T 204 50.02 -68.30 9.06
N GLN T 205 50.90 -69.23 9.45
CA GLN T 205 50.68 -70.15 10.62
C GLN T 205 50.97 -69.42 11.94
N MET T 206 51.80 -68.37 11.93
CA MET T 206 52.02 -67.52 13.10
C MET T 206 50.90 -66.48 13.18
N LYS T 207 49.89 -66.72 14.01
CA LYS T 207 48.76 -65.80 14.17
C LYS T 207 49.14 -64.65 15.08
N SER T 208 48.31 -63.62 15.20
CA SER T 208 48.60 -62.45 16.05
C SER T 208 48.58 -62.75 17.55
N GLN T 209 48.16 -63.94 17.98
CA GLN T 209 48.13 -64.35 19.37
C GLN T 209 49.50 -64.32 20.06
N TRP T 210 49.50 -64.32 21.39
CA TRP T 210 50.69 -64.58 22.20
C TRP T 210 51.10 -66.04 22.14
N TYR T 211 52.41 -66.31 22.17
CA TYR T 211 52.99 -67.64 22.23
C TYR T 211 54.10 -67.67 23.27
N PHE T 212 54.27 -68.76 24.02
CA PHE T 212 55.48 -68.91 24.82
C PHE T 212 56.74 -68.86 23.95
N GLN T 213 57.75 -68.12 24.38
CA GLN T 213 59.01 -67.98 23.61
C GLN T 213 59.70 -69.34 23.44
N HIS T 214 59.49 -70.30 24.36
CA HIS T 214 60.06 -71.67 24.26
C HIS T 214 59.45 -72.41 23.06
N ASN T 215 58.17 -72.17 22.77
CA ASN T 215 57.48 -72.84 21.67
C ASN T 215 57.91 -72.28 20.31
N ILE T 216 57.91 -70.96 20.16
CA ILE T 216 58.24 -70.30 18.88
C ILE T 216 59.73 -70.13 18.62
N ALA T 217 60.61 -70.40 19.58
CA ALA T 217 62.05 -70.17 19.46
C ALA T 217 62.65 -70.68 18.15
N ASN T 218 62.34 -71.93 17.77
CA ASN T 218 62.91 -72.59 16.61
C ASN T 218 62.06 -72.52 15.33
N ILE T 219 60.86 -71.96 15.38
CA ILE T 219 59.98 -71.81 14.21
C ILE T 219 60.62 -70.82 13.23
N PRO T 220 60.92 -71.18 11.97
CA PRO T 220 61.56 -70.28 11.03
C PRO T 220 60.55 -69.24 10.52
N LEU T 221 60.74 -67.96 10.90
CA LEU T 221 59.74 -66.88 10.62
C LEU T 221 60.05 -66.15 9.30
N LEU T 222 61.20 -66.40 8.70
CA LEU T 222 61.57 -65.83 7.41
C LEU T 222 62.59 -66.72 6.69
N MET T 223 62.44 -66.92 5.39
CA MET T 223 63.51 -67.41 4.51
C MET T 223 63.94 -66.32 3.55
N ILE T 224 65.24 -66.05 3.44
CA ILE T 224 65.81 -65.16 2.43
C ILE T 224 66.67 -66.01 1.48
N ARG T 225 66.44 -65.90 0.18
CA ARG T 225 67.24 -66.51 -0.88
C ARG T 225 67.95 -65.40 -1.64
N THR T 226 69.28 -65.46 -1.76
CA THR T 226 70.07 -64.43 -2.47
C THR T 226 71.05 -65.07 -3.42
N THR T 227 71.26 -64.50 -4.60
CA THR T 227 72.30 -64.93 -5.56
C THR T 227 73.03 -63.73 -6.12
N ALA T 228 74.35 -63.85 -6.28
CA ALA T 228 75.21 -62.84 -6.88
C ALA T 228 75.09 -62.82 -8.42
N LEU T 229 75.14 -61.64 -9.01
CA LEU T 229 74.65 -61.37 -10.35
C LEU T 229 75.55 -60.33 -11.05
N THR T 230 75.59 -60.30 -12.38
CA THR T 230 75.91 -59.06 -13.08
C THR T 230 74.89 -58.76 -14.15
N LEU T 231 74.41 -57.52 -14.18
CA LEU T 231 73.48 -57.01 -15.19
C LEU T 231 74.22 -56.54 -16.46
N ASP T 232 75.36 -55.87 -16.33
CA ASP T 232 76.15 -55.33 -17.44
C ASP T 232 77.03 -56.34 -18.18
N ASN T 233 77.33 -57.48 -17.57
CA ASN T 233 78.13 -58.57 -18.14
C ASN T 233 77.31 -59.85 -18.23
N TYR T 234 75.99 -59.75 -18.36
CA TYR T 234 75.06 -60.87 -18.24
C TYR T 234 75.41 -62.07 -19.13
N TYR T 235 75.76 -61.85 -20.39
CA TYR T 235 76.10 -62.93 -21.32
C TYR T 235 77.58 -63.30 -21.29
N ILE T 236 78.47 -62.32 -21.39
CA ILE T 236 79.92 -62.56 -21.41
C ILE T 236 80.43 -63.10 -20.08
N GLY T 237 79.93 -62.57 -18.97
CA GLY T 237 80.31 -62.97 -17.62
C GLY T 237 81.79 -62.77 -17.39
N SER T 238 82.51 -63.86 -17.17
CA SER T 238 83.97 -63.88 -17.09
C SER T 238 84.65 -64.69 -18.19
N ARG T 239 83.97 -64.91 -19.32
CA ARG T 239 84.51 -65.55 -20.53
C ARG T 239 85.81 -64.89 -20.98
N GLN T 240 86.78 -65.71 -21.38
CA GLN T 240 88.04 -65.29 -22.00
C GLN T 240 88.21 -66.04 -23.33
N LEU T 241 88.69 -65.37 -24.38
CA LEU T 241 88.85 -65.95 -25.72
C LEU T 241 87.52 -66.54 -26.25
N SER T 242 87.49 -67.83 -26.63
CA SER T 242 86.33 -68.51 -27.20
C SER T 242 85.15 -68.62 -26.22
N THR T 243 83.93 -68.77 -26.74
CA THR T 243 82.75 -69.11 -25.93
C THR T 243 82.85 -70.51 -25.30
N ASN T 244 83.58 -71.43 -25.95
CA ASN T 244 83.82 -72.79 -25.45
C ASN T 244 84.65 -72.77 -24.17
N VAL T 245 84.25 -73.55 -23.18
CA VAL T 245 85.03 -73.87 -21.97
C VAL T 245 85.60 -75.28 -22.10
N THR T 246 86.82 -75.50 -21.63
CA THR T 246 87.45 -76.82 -21.63
C THR T 246 87.22 -77.53 -20.30
N ILE T 247 86.68 -78.74 -20.35
CA ILE T 247 86.46 -79.62 -19.20
C ILE T 247 87.48 -80.76 -19.27
N HIS T 248 88.17 -81.03 -18.16
CA HIS T 248 89.05 -82.24 -18.09
C HIS T 248 88.16 -83.36 -17.55
N THR T 249 88.37 -84.61 -17.93
CA THR T 249 87.64 -85.76 -17.39
C THR T 249 88.50 -87.02 -17.33
N LEU T 250 88.11 -87.97 -16.47
CA LEU T 250 88.79 -89.29 -16.44
C LEU T 250 88.27 -90.09 -17.64
N ASN T 251 89.14 -90.59 -18.50
CA ASN T 251 88.70 -91.48 -19.62
C ASN T 251 87.74 -92.50 -19.00
N THR T 252 86.51 -92.60 -19.48
CA THR T 252 85.50 -93.53 -18.94
C THR T 252 85.76 -94.90 -19.53
N THR T 253 86.28 -94.97 -20.76
CA THR T 253 86.48 -96.23 -21.51
C THR T 253 87.66 -97.07 -21.00
N TYR T 254 88.41 -96.60 -20.00
CA TYR T 254 89.57 -97.31 -19.43
C TYR T 254 89.64 -97.24 -17.91
N ILE T 255 89.34 -96.08 -17.30
CA ILE T 255 89.36 -95.88 -15.85
C ILE T 255 87.95 -96.13 -15.28
N GLN T 256 87.67 -97.33 -14.74
CA GLN T 256 86.28 -97.59 -14.26
C GLN T 256 86.24 -98.34 -12.93
N ASN T 257 87.35 -98.90 -12.46
CA ASN T 257 87.27 -99.77 -11.29
C ASN T 257 86.94 -99.08 -9.96
N ARG T 258 87.21 -97.77 -9.84
CA ARG T 258 86.89 -96.97 -8.62
C ARG T 258 87.46 -97.60 -7.33
N ASP T 259 88.58 -98.33 -7.42
CA ASP T 259 89.22 -98.94 -6.24
C ASP T 259 90.32 -98.03 -5.65
N TRP T 260 89.97 -96.81 -5.28
CA TRP T 260 90.93 -95.76 -4.95
C TRP T 260 91.32 -95.61 -3.48
N GLY T 261 92.50 -95.03 -3.25
CA GLY T 261 92.89 -94.52 -1.94
C GLY T 261 93.45 -95.56 -0.95
N ASP T 262 94.13 -96.60 -1.45
CA ASP T 262 94.93 -97.54 -0.65
C ASP T 262 96.37 -97.69 -1.20
N ARG T 263 97.35 -97.80 -0.32
CA ARG T 263 98.74 -98.18 -0.74
C ARG T 263 98.84 -99.70 -0.53
N ASN T 264 97.76 -100.34 -0.03
CA ASN T 264 97.69 -101.77 0.27
C ASN T 264 97.11 -102.62 -0.88
N LYS T 265 96.97 -102.04 -2.08
CA LYS T 265 96.30 -102.65 -3.25
C LYS T 265 96.99 -102.23 -4.55
N THR T 266 97.43 -103.19 -5.36
CA THR T 266 97.91 -102.90 -6.73
C THR T 266 96.74 -102.43 -7.60
N TYR T 267 96.83 -101.24 -8.18
CA TYR T 267 95.71 -100.66 -8.93
C TYR T 267 95.58 -101.28 -10.33
N TYR T 268 94.33 -101.53 -10.72
CA TYR T 268 93.93 -102.03 -12.03
C TYR T 268 92.78 -101.15 -12.50
N CYS T 269 92.80 -100.71 -13.76
CA CYS T 269 91.93 -99.63 -14.22
C CYS T 269 90.55 -100.09 -14.67
N GLN T 270 90.44 -101.28 -15.28
CA GLN T 270 89.16 -101.87 -15.67
C GLN T 270 89.17 -103.39 -15.58
N THR T 271 87.99 -103.99 -15.48
CA THR T 271 87.74 -105.41 -15.71
C THR T 271 86.90 -105.57 -16.97
N LEU T 272 87.24 -106.53 -17.83
CA LEU T 272 86.38 -106.95 -18.96
C LEU T 272 86.32 -108.48 -18.98
N GLY T 273 85.12 -109.05 -19.08
CA GLY T 273 84.92 -110.49 -18.86
C GLY T 273 85.44 -110.92 -17.48
N THR T 274 86.42 -111.83 -17.46
CA THR T 274 87.16 -112.22 -16.25
C THR T 274 88.47 -111.44 -16.04
N GLN T 275 88.94 -110.69 -17.04
CA GLN T 275 90.26 -110.05 -17.03
C GLN T 275 90.35 -108.84 -16.08
N ARG T 276 91.57 -108.46 -15.75
CA ARG T 276 91.94 -107.15 -15.17
C ARG T 276 92.94 -106.47 -16.10
N TYR T 277 92.87 -105.15 -16.20
CA TYR T 277 93.76 -104.35 -17.04
C TYR T 277 94.55 -103.36 -16.18
N PHE T 278 95.78 -103.10 -16.59
CA PHE T 278 96.81 -102.46 -15.79
C PHE T 278 97.52 -101.38 -16.61
N LEU T 279 98.02 -100.38 -15.90
CA LEU T 279 98.69 -99.22 -16.49
C LEU T 279 100.16 -99.21 -16.06
N TYR T 280 101.05 -98.77 -16.94
CA TYR T 280 102.47 -98.61 -16.67
C TYR T 280 102.99 -97.31 -17.24
N GLY T 281 103.78 -96.56 -16.49
CA GLY T 281 104.46 -95.35 -16.99
C GLY T 281 105.83 -95.70 -17.57
N THR T 282 106.34 -94.90 -18.49
CA THR T 282 107.75 -95.01 -18.90
C THR T 282 108.32 -93.65 -19.27
N HIS T 283 109.64 -93.49 -19.10
CA HIS T 283 110.35 -92.26 -19.55
C HIS T 283 111.04 -92.61 -20.89
N SER T 284 110.81 -93.82 -21.41
CA SER T 284 111.47 -94.27 -22.64
C SER T 284 111.16 -93.37 -23.84
N THR T 285 112.18 -93.11 -24.65
CA THR T 285 112.07 -92.43 -25.94
C THR T 285 111.67 -93.38 -27.08
N ALA T 286 111.48 -94.68 -26.80
CA ALA T 286 111.12 -95.67 -27.81
C ALA T 286 109.82 -95.30 -28.54
N GLN T 287 109.86 -95.32 -29.87
CA GLN T 287 108.72 -94.94 -30.70
C GLN T 287 107.69 -96.09 -30.86
N ASN T 288 108.13 -97.34 -30.75
CA ASN T 288 107.30 -98.51 -31.03
C ASN T 288 106.92 -99.24 -29.73
N ILE T 289 105.62 -99.39 -29.48
CA ILE T 289 105.08 -100.05 -28.29
C ILE T 289 105.54 -101.51 -28.14
N ASN T 290 105.91 -102.18 -29.23
CA ASN T 290 106.37 -103.56 -29.19
C ASN T 290 107.77 -103.72 -28.55
N ASP T 291 108.72 -102.81 -28.84
CA ASP T 291 110.17 -102.99 -28.46
C ASP T 291 110.54 -102.44 -27.07
N ILE T 292 109.66 -101.72 -26.39
CA ILE T 292 109.93 -101.28 -25.01
C ILE T 292 110.27 -102.52 -24.15
N LYS T 293 111.25 -102.38 -23.24
CA LYS T 293 111.69 -103.49 -22.38
C LYS T 293 110.62 -103.83 -21.31
N LEU T 294 110.86 -104.90 -20.55
CA LEU T 294 109.99 -105.19 -19.38
C LEU T 294 110.48 -104.28 -18.25
N GLN T 295 111.72 -103.78 -18.35
CA GLN T 295 112.34 -102.89 -17.32
C GLN T 295 111.82 -101.46 -17.43
N GLU T 296 111.67 -100.92 -18.64
CA GLU T 296 111.27 -99.50 -18.85
C GLU T 296 110.00 -99.19 -18.07
N LEU T 297 109.02 -100.11 -18.06
CA LEU T 297 107.70 -99.84 -17.43
C LEU T 297 107.83 -99.54 -15.93
N ILE T 298 107.09 -98.52 -15.44
CA ILE T 298 107.05 -98.16 -13.99
C ILE T 298 105.65 -98.58 -13.53
N PRO T 299 105.46 -99.77 -12.92
CA PRO T 299 104.14 -100.30 -12.63
C PRO T 299 103.50 -99.47 -11.54
N LEU T 300 102.17 -99.39 -11.52
CA LEU T 300 101.43 -98.57 -10.52
C LEU T 300 100.84 -99.49 -9.45
N THR T 301 101.35 -99.44 -8.22
CA THR T 301 100.88 -100.29 -7.09
C THR T 301 100.24 -99.40 -6.04
N ASN T 302 100.15 -98.09 -6.28
CA ASN T 302 99.51 -97.16 -5.36
C ASN T 302 98.61 -96.21 -6.15
N THR T 303 97.43 -95.85 -5.65
CA THR T 303 96.70 -94.65 -6.12
C THR T 303 96.62 -93.53 -5.10
N GLN T 304 96.81 -93.87 -3.81
CA GLN T 304 96.61 -92.94 -2.66
C GLN T 304 97.65 -91.82 -2.54
N ASP T 305 98.76 -91.86 -3.27
CA ASP T 305 99.83 -90.83 -3.10
C ASP T 305 100.06 -89.98 -4.34
N TYR T 306 100.69 -88.82 -4.16
CA TYR T 306 101.11 -87.96 -5.28
C TYR T 306 102.38 -88.49 -5.99
N VAL T 307 103.03 -89.53 -5.45
CA VAL T 307 104.37 -89.98 -5.88
C VAL T 307 104.39 -90.38 -7.37
N GLN T 308 105.43 -89.95 -8.09
CA GLN T 308 105.67 -90.27 -9.50
C GLN T 308 106.17 -91.69 -9.72
N GLY T 309 106.83 -92.27 -8.72
CA GLY T 309 107.65 -93.46 -8.88
C GLY T 309 108.99 -93.11 -9.54
N PHE T 310 109.75 -94.12 -9.95
CA PHE T 310 111.00 -93.97 -10.69
C PHE T 310 111.30 -95.23 -11.52
N ASP T 311 112.20 -95.09 -12.49
CA ASP T 311 112.59 -96.15 -13.41
C ASP T 311 113.59 -97.14 -12.77
N TRP T 312 113.63 -98.37 -13.28
CA TRP T 312 114.55 -99.45 -12.85
C TRP T 312 116.03 -99.04 -12.98
N THR T 313 116.36 -98.10 -13.86
CA THR T 313 117.71 -97.52 -13.94
C THR T 313 118.16 -96.82 -12.65
N GLU T 314 117.24 -96.50 -11.73
CA GLU T 314 117.55 -95.94 -10.40
C GLU T 314 117.58 -97.01 -9.29
N LYS T 315 117.62 -98.30 -9.64
CA LYS T 315 117.80 -99.44 -8.71
C LYS T 315 118.88 -99.17 -7.66
N ASP T 316 120.05 -98.70 -8.10
CA ASP T 316 121.20 -98.43 -7.23
C ASP T 316 121.07 -97.14 -6.40
N LYS T 317 120.13 -96.23 -6.71
CA LYS T 317 119.87 -95.03 -5.91
C LYS T 317 119.00 -95.32 -4.67
N HIS T 318 118.15 -96.37 -4.76
CA HIS T 318 117.22 -96.79 -3.66
C HIS T 318 117.59 -98.19 -3.17
N ASN T 319 118.84 -98.62 -3.33
CA ASN T 319 119.36 -99.91 -2.83
C ASN T 319 118.44 -101.10 -3.14
N ILE T 320 117.75 -101.05 -4.27
CA ILE T 320 116.78 -102.07 -4.68
C ILE T 320 117.50 -103.38 -5.04
N THR T 321 117.04 -104.49 -4.48
CA THR T 321 117.60 -105.82 -4.75
C THR T 321 116.74 -106.66 -5.70
N THR T 322 115.43 -106.38 -5.78
CA THR T 322 114.47 -107.19 -6.56
C THR T 322 113.37 -106.33 -7.18
N TYR T 323 112.67 -106.87 -8.18
CA TYR T 323 111.47 -106.21 -8.72
C TYR T 323 110.40 -106.02 -7.64
N LYS T 324 110.32 -106.86 -6.61
CA LYS T 324 109.46 -106.64 -5.42
C LYS T 324 109.78 -105.32 -4.72
N GLU T 325 111.05 -105.00 -4.51
CA GLU T 325 111.46 -103.68 -3.98
C GLU T 325 111.31 -102.54 -4.99
N PHE T 326 111.43 -102.81 -6.30
CA PHE T 326 111.09 -101.82 -7.32
C PHE T 326 109.59 -101.47 -7.31
N LEU T 327 108.70 -102.47 -7.18
CA LEU T 327 107.25 -102.29 -7.00
C LEU T 327 106.92 -101.45 -5.78
N THR T 328 107.57 -101.69 -4.63
CA THR T 328 107.21 -100.98 -3.40
C THR T 328 107.85 -99.58 -3.33
N LYS T 329 109.11 -99.42 -3.70
CA LYS T 329 109.78 -98.11 -3.66
C LYS T 329 109.48 -97.23 -4.87
N GLY T 330 109.41 -97.81 -6.08
CA GLY T 330 109.48 -97.09 -7.35
C GLY T 330 108.19 -97.02 -8.16
N ALA T 331 107.09 -97.64 -7.73
CA ALA T 331 105.83 -97.54 -8.44
C ALA T 331 105.25 -96.11 -8.45
N GLY T 332 104.60 -95.73 -9.55
CA GLY T 332 104.06 -94.38 -9.77
C GLY T 332 102.54 -94.30 -9.60
N ASN T 333 102.01 -93.22 -9.04
CA ASN T 333 100.56 -93.06 -8.99
C ASN T 333 100.06 -92.52 -10.33
N PRO T 334 99.00 -93.08 -10.95
CA PRO T 334 98.59 -92.73 -12.31
C PRO T 334 98.12 -91.28 -12.44
N PHE T 335 97.72 -90.67 -11.32
CA PHE T 335 97.25 -89.29 -11.23
C PHE T 335 98.37 -88.29 -10.89
N HIS T 336 99.65 -88.68 -10.88
CA HIS T 336 100.75 -87.73 -10.79
C HIS T 336 100.74 -86.79 -12.02
N ALA T 337 101.26 -85.57 -11.89
CA ALA T 337 101.12 -84.50 -12.88
C ALA T 337 101.65 -84.84 -14.29
N GLU T 338 102.57 -85.80 -14.44
CA GLU T 338 103.00 -86.28 -15.76
C GLU T 338 102.21 -87.50 -16.26
N TRP T 339 101.77 -88.41 -15.38
CA TRP T 339 101.00 -89.59 -15.79
C TRP T 339 99.51 -89.29 -16.03
N ILE T 340 98.93 -88.30 -15.34
CA ILE T 340 97.50 -87.92 -15.41
C ILE T 340 97.06 -87.57 -16.83
N THR T 341 97.90 -86.89 -17.60
CA THR T 341 97.70 -86.53 -19.02
C THR T 341 98.72 -87.18 -19.94
N ALA T 342 99.48 -88.17 -19.44
CA ALA T 342 100.54 -88.88 -20.15
C ALA T 342 101.54 -87.93 -20.85
N GLN T 343 101.98 -86.88 -20.14
CA GLN T 343 103.04 -85.97 -20.63
C GLN T 343 104.30 -86.78 -21.00
N ASN T 344 104.65 -87.75 -20.15
CA ASN T 344 105.54 -88.85 -20.48
C ASN T 344 104.67 -90.09 -20.73
N PRO T 345 104.96 -90.93 -21.75
CA PRO T 345 104.05 -91.99 -22.18
C PRO T 345 103.59 -92.93 -21.07
N VAL T 346 102.33 -93.35 -21.18
CA VAL T 346 101.65 -94.29 -20.26
C VAL T 346 101.05 -95.41 -21.09
N ILE T 347 101.26 -96.64 -20.65
CA ILE T 347 100.95 -97.85 -21.39
C ILE T 347 99.85 -98.63 -20.68
N HIS T 348 98.77 -98.98 -21.37
CA HIS T 348 97.64 -99.76 -20.87
C HIS T 348 97.74 -101.19 -21.40
N THR T 349 97.57 -102.21 -20.57
CA THR T 349 97.71 -103.61 -20.96
C THR T 349 96.87 -104.56 -20.12
N ALA T 350 96.53 -105.74 -20.67
CA ALA T 350 95.97 -106.84 -19.90
C ALA T 350 97.03 -107.56 -19.03
N ASN T 351 98.33 -107.38 -19.33
CA ASN T 351 99.37 -108.13 -18.65
C ASN T 351 99.60 -107.64 -17.21
N SER T 352 99.20 -108.45 -16.23
CA SER T 352 99.31 -108.11 -14.82
C SER T 352 100.78 -107.97 -14.39
N PRO T 353 101.10 -107.01 -13.49
CA PRO T 353 102.43 -106.89 -12.93
C PRO T 353 102.94 -108.20 -12.33
N THR T 354 102.07 -109.07 -11.80
CA THR T 354 102.49 -110.37 -11.26
C THR T 354 102.97 -111.35 -12.34
N GLN T 355 102.48 -111.26 -13.57
CA GLN T 355 103.10 -112.00 -14.66
C GLN T 355 104.50 -111.42 -14.97
N ILE T 356 104.66 -110.10 -14.93
CA ILE T 356 105.99 -109.47 -15.02
C ILE T 356 106.87 -109.85 -13.83
N GLU T 357 106.33 -109.98 -12.60
CA GLU T 357 107.05 -110.49 -11.43
C GLU T 357 107.58 -111.89 -11.72
N GLN T 358 106.74 -112.79 -12.23
CA GLN T 358 107.15 -114.14 -12.59
C GLN T 358 108.29 -114.11 -13.63
N ILE T 359 108.23 -113.25 -14.65
CA ILE T 359 109.31 -113.12 -15.64
C ILE T 359 110.60 -112.60 -14.99
N TYR T 360 110.54 -111.55 -14.17
CA TYR T 360 111.71 -111.04 -13.44
C TYR T 360 112.29 -112.08 -12.48
N THR T 361 111.46 -112.61 -11.58
CA THR T 361 111.89 -113.51 -10.49
C THR T 361 112.37 -114.84 -11.05
N ALA T 362 111.77 -115.36 -12.13
CA ALA T 362 112.26 -116.57 -12.78
C ALA T 362 113.70 -116.39 -13.28
N SER T 363 114.03 -115.25 -13.92
CA SER T 363 115.42 -114.83 -14.13
C SER T 363 115.57 -113.32 -14.39
N THR T 364 116.29 -112.65 -13.50
CA THR T 364 116.61 -111.21 -13.58
C THR T 364 117.48 -110.89 -14.79
N THR T 365 118.34 -111.82 -15.22
CA THR T 365 119.17 -111.68 -16.42
C THR T 365 118.33 -111.69 -17.70
N THR T 366 117.23 -112.45 -17.77
CA THR T 366 116.32 -112.41 -18.93
C THR T 366 115.31 -111.26 -18.86
N PHE T 367 115.15 -110.58 -17.73
CA PHE T 367 114.37 -109.33 -17.65
C PHE T 367 115.02 -108.20 -18.48
N GLN T 368 116.35 -108.19 -18.58
CA GLN T 368 117.10 -107.33 -19.52
C GLN T 368 116.75 -107.67 -20.98
N ASN T 369 116.68 -108.96 -21.30
CA ASN T 369 116.45 -109.44 -22.68
C ASN T 369 115.00 -109.26 -23.13
N LYS T 370 114.01 -109.55 -22.26
CA LYS T 370 112.59 -109.52 -22.61
C LYS T 370 112.11 -108.10 -22.91
N LYS T 371 111.33 -107.97 -23.98
CA LYS T 371 110.62 -106.76 -24.41
C LYS T 371 109.11 -106.96 -24.32
N LEU T 372 108.32 -105.96 -24.70
CA LEU T 372 106.85 -106.03 -24.76
C LEU T 372 106.34 -107.03 -25.82
N THR T 373 107.15 -107.40 -26.82
CA THR T 373 106.93 -108.58 -27.66
C THR T 373 106.97 -109.88 -26.84
N ASP T 374 106.17 -110.88 -27.26
CA ASP T 374 106.16 -112.24 -26.67
C ASP T 374 105.92 -112.29 -25.16
N LEU T 375 105.26 -111.28 -24.59
CA LEU T 375 104.78 -111.30 -23.20
C LEU T 375 103.42 -111.99 -23.08
N PRO T 376 103.06 -112.50 -21.89
CA PRO T 376 101.72 -113.01 -21.65
C PRO T 376 100.67 -111.90 -21.76
N THR T 377 99.50 -112.23 -22.32
CA THR T 377 98.38 -111.29 -22.57
C THR T 377 98.85 -109.87 -22.94
N PRO T 378 99.62 -109.67 -24.03
CA PRO T 378 100.22 -108.36 -24.31
C PRO T 378 99.38 -107.36 -25.08
N GLY T 379 98.39 -106.75 -24.42
CA GLY T 379 97.55 -105.71 -25.05
C GLY T 379 98.17 -104.36 -24.80
N TYR T 380 99.49 -104.23 -24.97
CA TYR T 380 100.22 -102.96 -24.71
C TYR T 380 99.77 -101.90 -25.70
N ILE T 381 99.14 -100.81 -25.22
CA ILE T 381 98.60 -99.71 -26.08
C ILE T 381 99.11 -98.39 -25.47
N PHE T 382 98.87 -97.23 -26.09
CA PHE T 382 99.21 -95.91 -25.49
C PHE T 382 97.90 -95.21 -25.12
N ILE T 383 97.55 -95.17 -23.84
CA ILE T 383 96.26 -94.61 -23.38
C ILE T 383 96.51 -93.49 -22.36
N THR T 384 95.74 -92.40 -22.42
CA THR T 384 95.85 -91.26 -21.50
C THR T 384 94.74 -91.34 -20.43
N PRO T 385 95.04 -91.29 -19.12
CA PRO T 385 94.02 -91.33 -18.07
C PRO T 385 93.02 -90.16 -18.16
N THR T 386 93.49 -89.00 -18.62
CA THR T 386 92.66 -87.80 -18.83
C THR T 386 92.40 -87.56 -20.32
N VAL T 387 91.19 -87.09 -20.63
CA VAL T 387 90.86 -86.42 -21.90
C VAL T 387 90.30 -85.03 -21.60
N SER T 388 90.53 -84.07 -22.49
CA SER T 388 89.94 -82.72 -22.41
C SER T 388 88.79 -82.61 -23.42
N LEU T 389 87.61 -82.25 -22.95
CA LEU T 389 86.42 -81.98 -23.75
C LEU T 389 86.24 -80.46 -23.94
N ARG T 390 85.57 -80.04 -25.01
CA ARG T 390 85.07 -78.67 -25.17
C ARG T 390 83.56 -78.65 -25.01
N TYR T 391 83.06 -77.77 -24.16
CA TYR T 391 81.64 -77.53 -23.92
C TYR T 391 81.26 -76.12 -24.37
N ASN T 392 80.16 -76.01 -25.11
CA ASN T 392 79.60 -74.72 -25.50
C ASN T 392 78.17 -74.61 -24.94
N PRO T 393 77.86 -73.63 -24.08
CA PRO T 393 76.55 -73.54 -23.45
C PRO T 393 75.43 -73.23 -24.46
N TYR T 394 75.75 -72.54 -25.55
CA TYR T 394 74.74 -72.13 -26.57
C TYR T 394 74.43 -73.33 -27.47
N LYS T 395 75.30 -74.35 -27.47
CA LYS T 395 75.09 -75.57 -28.29
C LYS T 395 74.40 -76.66 -27.45
N ASP T 396 74.03 -76.33 -26.21
CA ASP T 396 73.44 -77.33 -25.26
C ASP T 396 71.91 -77.29 -25.33
N LEU T 397 71.25 -78.42 -25.61
CA LEU T 397 69.80 -78.48 -25.76
C LEU T 397 69.11 -79.24 -24.62
N ALA T 398 69.87 -79.78 -23.66
CA ALA T 398 69.33 -80.44 -22.48
C ALA T 398 68.37 -81.61 -22.73
N GLU T 399 68.47 -82.34 -23.85
CA GLU T 399 67.52 -83.41 -24.18
C GLU T 399 67.84 -84.72 -23.44
N ARG T 400 69.11 -84.98 -23.14
CA ARG T 400 69.58 -86.20 -22.44
C ARG T 400 70.65 -85.90 -21.39
N ASN T 401 70.65 -84.67 -20.87
CA ASN T 401 71.52 -84.26 -19.78
C ASN T 401 71.12 -84.92 -18.45
N LYS T 402 72.09 -85.25 -17.62
CA LYS T 402 71.90 -86.01 -16.37
C LYS T 402 73.06 -85.79 -15.42
N CYS T 403 72.87 -85.95 -14.12
CA CYS T 403 73.88 -85.65 -13.11
C CYS T 403 73.59 -86.41 -11.79
N TYR T 404 74.61 -87.03 -11.18
CA TYR T 404 74.48 -87.78 -9.93
C TYR T 404 75.83 -88.05 -9.26
N PHE T 405 75.81 -88.45 -7.98
CA PHE T 405 77.01 -88.84 -7.22
C PHE T 405 77.11 -90.36 -7.09
N VAL T 406 78.32 -90.89 -7.27
CA VAL T 406 78.66 -92.31 -7.04
C VAL T 406 79.71 -92.41 -5.93
N ARG T 407 79.77 -93.54 -5.24
CA ARG T 407 80.70 -93.78 -4.12
C ARG T 407 82.13 -93.98 -4.64
N SER T 408 83.09 -93.17 -4.22
CA SER T 408 84.49 -93.24 -4.70
C SER T 408 85.28 -94.35 -4.00
N LYS T 409 85.31 -94.37 -2.66
CA LYS T 409 85.93 -95.46 -1.87
C LYS T 409 84.97 -96.64 -1.65
N ILE T 410 84.64 -97.37 -2.72
CA ILE T 410 84.05 -98.71 -2.63
C ILE T 410 84.56 -99.62 -3.73
N ASN T 411 84.49 -100.92 -3.49
CA ASN T 411 84.89 -101.95 -4.45
C ASN T 411 83.75 -102.28 -5.44
N ALA T 412 83.30 -101.30 -6.23
CA ALA T 412 82.25 -101.48 -7.23
C ALA T 412 82.64 -100.92 -8.60
N HIS T 413 82.39 -101.70 -9.64
CA HIS T 413 82.76 -101.38 -11.02
C HIS T 413 81.77 -100.41 -11.67
N GLY T 414 82.26 -99.62 -12.62
CA GLY T 414 81.42 -98.85 -13.54
C GLY T 414 80.84 -97.57 -12.94
N TRP T 415 80.16 -96.81 -13.79
CA TRP T 415 79.75 -95.43 -13.55
C TRP T 415 78.22 -95.21 -13.59
N ASP T 416 77.44 -96.29 -13.72
CA ASP T 416 75.97 -96.17 -13.87
C ASP T 416 75.37 -95.41 -12.67
N PRO T 417 74.24 -94.69 -12.82
CA PRO T 417 73.61 -94.04 -11.69
C PRO T 417 73.32 -95.12 -10.67
N GLU T 418 73.70 -94.91 -9.41
CA GLU T 418 73.54 -95.94 -8.35
C GLU T 418 73.05 -95.30 -7.06
N GLN T 419 72.77 -96.11 -6.03
CA GLN T 419 72.29 -95.60 -4.71
C GLN T 419 70.98 -94.81 -4.94
N HIS T 420 70.92 -93.54 -4.54
CA HIS T 420 69.67 -92.73 -4.63
C HIS T 420 69.33 -92.44 -6.10
N GLN T 421 68.20 -92.98 -6.57
CA GLN T 421 67.73 -92.72 -7.96
C GLN T 421 66.80 -91.49 -7.92
N GLU T 422 66.32 -91.10 -6.73
CA GLU T 422 65.55 -89.87 -6.60
C GLU T 422 66.43 -88.60 -6.58
N LEU T 423 67.73 -88.76 -6.30
CA LEU T 423 68.70 -87.65 -6.31
C LEU T 423 69.27 -87.37 -7.70
N ILE T 424 69.03 -88.23 -8.69
CA ILE T 424 69.45 -87.97 -10.08
C ILE T 424 68.77 -86.70 -10.56
N ASN T 425 69.57 -85.76 -11.12
CA ASN T 425 69.09 -84.46 -11.68
C ASN T 425 69.19 -84.53 -13.21
N SER T 426 68.10 -84.29 -13.95
CA SER T 426 68.03 -84.54 -15.40
C SER T 426 67.39 -83.38 -16.17
N ASP T 427 67.65 -83.32 -17.47
CA ASP T 427 66.90 -82.51 -18.45
C ASP T 427 66.95 -80.99 -18.24
N LEU T 428 68.08 -80.44 -17.81
CA LEU T 428 68.39 -79.02 -17.82
C LEU T 428 69.78 -78.82 -18.46
N PRO T 429 70.08 -77.65 -19.06
CA PRO T 429 71.41 -77.42 -19.61
C PRO T 429 72.47 -77.48 -18.50
N GLN T 430 73.65 -78.05 -18.75
CA GLN T 430 74.69 -78.33 -17.71
C GLN T 430 75.03 -77.17 -16.78
N TRP T 431 75.01 -75.92 -17.25
CA TRP T 431 75.23 -74.75 -16.40
C TRP T 431 74.09 -74.49 -15.41
N LEU T 432 72.86 -74.91 -15.73
CA LEU T 432 71.73 -74.87 -14.82
C LEU T 432 71.63 -76.17 -14.01
N LEU T 433 71.91 -77.33 -14.61
CA LEU T 433 71.82 -78.62 -13.96
C LEU T 433 72.80 -78.78 -12.79
N LEU T 434 74.02 -78.27 -12.94
CA LEU T 434 75.06 -78.37 -11.91
C LEU T 434 74.92 -77.30 -10.81
N PHE T 435 74.25 -76.17 -11.07
CA PHE T 435 74.25 -75.04 -10.15
C PHE T 435 73.61 -75.39 -8.81
N GLY T 436 74.37 -75.33 -7.71
CA GLY T 436 73.87 -75.66 -6.38
C GLY T 436 73.52 -77.14 -6.15
N TYR T 437 73.69 -78.03 -7.13
CA TYR T 437 73.34 -79.44 -6.98
C TYR T 437 74.19 -80.15 -5.91
N PRO T 438 75.53 -79.99 -5.84
CA PRO T 438 76.31 -80.53 -4.75
C PRO T 438 75.87 -80.06 -3.36
N ASP T 439 75.48 -78.80 -3.21
CA ASP T 439 74.98 -78.29 -1.93
C ASP T 439 73.60 -78.82 -1.57
N TYR T 440 72.70 -78.99 -2.54
CA TYR T 440 71.45 -79.69 -2.29
C TYR T 440 71.71 -81.11 -1.77
N ILE T 441 72.66 -81.82 -2.36
CA ILE T 441 73.03 -83.17 -1.95
C ILE T 441 73.64 -83.18 -0.54
N LYS T 442 74.58 -82.27 -0.24
CA LYS T 442 75.14 -82.12 1.11
C LYS T 442 74.06 -81.82 2.15
N ARG T 443 73.17 -80.86 1.87
CA ARG T 443 72.10 -80.46 2.83
C ARG T 443 71.09 -81.60 2.98
N THR T 444 70.87 -82.41 1.93
CA THR T 444 69.99 -83.58 2.01
C THR T 444 70.55 -84.67 2.94
N GLN T 445 71.87 -84.77 3.09
CA GLN T 445 72.52 -85.69 4.08
C GLN T 445 72.21 -87.19 3.81
N ASN T 446 71.77 -87.54 2.60
CA ASN T 446 71.53 -88.95 2.22
C ASN T 446 72.82 -89.69 1.82
N PHE T 447 73.97 -89.01 1.79
CA PHE T 447 75.29 -89.59 1.53
C PHE T 447 76.25 -89.30 2.68
N ALA T 448 77.26 -90.16 2.86
CA ALA T 448 78.34 -89.91 3.82
C ALA T 448 79.07 -88.61 3.44
N LEU T 449 79.17 -87.69 4.40
CA LEU T 449 79.27 -86.25 4.11
C LEU T 449 80.57 -85.83 3.41
N VAL T 450 81.65 -86.59 3.56
CA VAL T 450 82.99 -86.13 3.19
C VAL T 450 83.23 -86.15 1.67
N ASP T 451 83.80 -85.06 1.13
CA ASP T 451 84.03 -84.92 -0.34
C ASP T 451 84.90 -86.04 -0.90
N THR T 452 85.75 -86.65 -0.08
CA THR T 452 86.68 -87.69 -0.55
C THR T 452 86.01 -89.02 -0.85
N ASN T 453 84.76 -89.24 -0.41
CA ASN T 453 84.12 -90.55 -0.48
C ASN T 453 83.10 -90.66 -1.63
N TYR T 454 82.92 -89.60 -2.43
CA TYR T 454 82.03 -89.58 -3.58
C TYR T 454 82.69 -88.92 -4.79
N ILE T 455 82.19 -89.23 -5.97
CA ILE T 455 82.50 -88.57 -7.24
C ILE T 455 81.17 -88.09 -7.85
N LEU T 456 81.20 -86.92 -8.45
CA LEU T 456 80.16 -86.40 -9.31
C LEU T 456 80.39 -86.86 -10.76
N VAL T 457 79.33 -87.38 -11.36
CA VAL T 457 79.29 -87.98 -12.70
C VAL T 457 78.15 -87.33 -13.48
N ASP T 458 78.36 -86.93 -14.73
CA ASP T 458 77.29 -86.32 -15.52
C ASP T 458 77.32 -86.78 -16.99
N HIS T 459 76.13 -86.86 -17.61
CA HIS T 459 75.98 -87.16 -19.02
C HIS T 459 75.59 -85.89 -19.78
N CYS T 460 76.23 -85.65 -20.91
CA CYS T 460 75.94 -84.51 -21.77
C CYS T 460 76.29 -84.85 -23.23
N PRO T 461 75.29 -84.99 -24.12
CA PRO T 461 75.51 -85.20 -25.55
C PRO T 461 76.30 -84.09 -26.27
N TYR T 462 76.41 -82.91 -25.67
CA TYR T 462 76.68 -81.67 -26.39
C TYR T 462 78.13 -81.17 -26.34
N THR T 463 79.04 -81.89 -25.68
CA THR T 463 80.47 -81.66 -25.90
C THR T 463 80.87 -82.11 -27.31
N ASN T 464 81.85 -81.45 -27.92
CA ASN T 464 82.23 -81.75 -29.31
C ASN T 464 82.92 -83.12 -29.46
N PRO T 465 84.01 -83.42 -28.73
CA PRO T 465 84.34 -84.79 -28.37
C PRO T 465 83.37 -85.28 -27.29
N GLU T 466 83.31 -86.59 -27.04
CA GLU T 466 82.41 -87.16 -26.02
C GLU T 466 83.09 -88.27 -25.21
N LYS T 467 82.54 -88.49 -24.01
CA LYS T 467 82.69 -89.70 -23.20
C LYS T 467 81.32 -90.01 -22.60
N THR T 468 80.96 -91.29 -22.43
CA THR T 468 79.58 -91.68 -22.13
C THR T 468 79.07 -91.00 -20.84
N PRO T 469 79.65 -91.23 -19.66
CA PRO T 469 79.66 -90.24 -18.60
C PRO T 469 80.93 -89.37 -18.68
N PHE T 470 80.85 -88.24 -17.94
CA PHE T 470 82.04 -87.37 -17.74
C PHE T 470 82.39 -87.47 -16.28
N ILE T 471 83.67 -87.43 -15.91
CA ILE T 471 84.08 -87.38 -14.48
C ILE T 471 84.85 -86.06 -14.36
N PRO T 472 84.20 -84.88 -14.33
CA PRO T 472 84.94 -83.63 -14.38
C PRO T 472 86.07 -83.60 -13.35
N LEU T 473 87.24 -83.05 -13.72
CA LEU T 473 88.37 -82.86 -12.81
C LEU T 473 88.90 -81.44 -12.93
N SER T 474 89.23 -80.82 -11.81
CA SER T 474 89.73 -79.45 -11.81
C SER T 474 91.14 -79.37 -12.36
N THR T 475 91.48 -78.25 -12.99
CA THR T 475 92.83 -77.96 -13.50
C THR T 475 93.89 -78.15 -12.41
N SER T 476 93.59 -77.85 -11.15
CA SER T 476 94.49 -78.10 -10.02
C SER T 476 94.85 -79.58 -9.86
N PHE T 477 93.90 -80.52 -9.95
CA PHE T 477 94.18 -81.95 -9.90
C PHE T 477 94.88 -82.48 -11.15
N ILE T 478 94.53 -81.93 -12.32
CA ILE T 478 95.20 -82.20 -13.59
C ILE T 478 96.63 -81.63 -13.63
N GLU T 479 96.97 -80.68 -12.75
CA GLU T 479 98.29 -80.07 -12.61
C GLU T 479 99.02 -80.45 -11.30
N GLY T 480 98.50 -81.39 -10.52
CA GLY T 480 99.18 -81.86 -9.31
C GLY T 480 99.26 -80.80 -8.19
N ARG T 481 98.10 -80.25 -7.80
CA ARG T 481 98.04 -79.16 -6.78
C ARG T 481 96.76 -79.28 -5.94
N SER T 482 96.76 -78.75 -4.71
CA SER T 482 95.60 -78.82 -3.81
C SER T 482 94.36 -78.09 -4.35
N PRO T 483 93.13 -78.49 -3.98
CA PRO T 483 91.89 -78.04 -4.61
C PRO T 483 91.72 -76.53 -4.84
N TYR T 484 92.18 -75.69 -3.91
CA TYR T 484 92.16 -74.22 -4.02
C TYR T 484 93.53 -73.61 -3.69
N SER T 485 94.61 -74.19 -4.22
CA SER T 485 95.99 -73.72 -3.99
C SER T 485 96.52 -72.93 -5.20
N PRO T 486 97.26 -71.83 -4.99
CA PRO T 486 97.73 -70.97 -6.09
C PRO T 486 98.70 -71.69 -7.03
N SER T 487 98.61 -71.37 -8.32
CA SER T 487 99.31 -72.04 -9.42
C SER T 487 100.84 -72.04 -9.33
N ASP T 488 101.44 -71.18 -8.48
CA ASP T 488 102.92 -71.19 -8.26
C ASP T 488 103.33 -72.51 -7.62
N THR T 489 102.41 -73.19 -6.93
CA THR T 489 102.63 -74.48 -6.27
C THR T 489 102.61 -75.62 -7.30
N HIS T 490 103.49 -76.63 -7.14
CA HIS T 490 103.59 -77.79 -8.07
C HIS T 490 103.52 -79.12 -7.30
N GLU T 491 102.94 -79.14 -6.09
CA GLU T 491 102.70 -80.32 -5.27
C GLU T 491 101.44 -80.12 -4.41
N PRO T 492 100.69 -81.18 -4.07
CA PRO T 492 99.69 -81.10 -3.02
C PRO T 492 100.33 -80.76 -1.65
N ASP T 493 99.57 -80.12 -0.76
CA ASP T 493 99.87 -80.04 0.67
C ASP T 493 99.71 -81.43 1.34
N GLU T 494 100.37 -81.70 2.47
CA GLU T 494 100.50 -83.07 3.02
C GLU T 494 99.19 -83.87 3.11
N GLU T 495 98.10 -83.23 3.54
CA GLU T 495 96.79 -83.89 3.64
C GLU T 495 96.16 -84.21 2.27
N ASP T 496 96.50 -83.46 1.22
CA ASP T 496 96.18 -83.78 -0.18
C ASP T 496 97.28 -84.61 -0.87
N GLN T 497 98.49 -84.72 -0.31
CA GLN T 497 99.47 -85.72 -0.78
C GLN T 497 98.98 -87.12 -0.44
N ASN T 498 98.38 -87.29 0.74
CA ASN T 498 97.46 -88.38 1.04
C ASN T 498 96.13 -88.20 0.29
N ARG T 499 95.45 -89.34 0.09
CA ARG T 499 94.12 -89.36 -0.58
C ARG T 499 94.21 -88.70 -1.96
N TRP T 500 95.33 -88.84 -2.69
CA TRP T 500 95.51 -88.23 -4.04
C TRP T 500 94.84 -89.09 -5.11
N TYR T 501 93.51 -89.12 -5.12
CA TYR T 501 92.71 -89.92 -6.06
C TYR T 501 91.40 -89.21 -6.43
N PRO T 502 90.75 -89.56 -7.55
CA PRO T 502 89.51 -88.94 -7.98
C PRO T 502 88.41 -88.93 -6.90
N CYS T 503 87.96 -87.74 -6.53
CA CYS T 503 86.83 -87.52 -5.63
C CYS T 503 86.32 -86.08 -5.76
N TYR T 504 85.11 -85.82 -5.28
CA TYR T 504 84.41 -84.54 -5.43
C TYR T 504 85.23 -83.33 -4.99
N GLN T 505 86.11 -83.48 -3.99
CA GLN T 505 86.98 -82.38 -3.52
C GLN T 505 87.85 -81.83 -4.66
N TYR T 506 88.31 -82.68 -5.58
CA TYR T 506 89.09 -82.26 -6.73
C TYR T 506 88.23 -81.86 -7.94
N GLN T 507 86.93 -82.12 -7.94
CA GLN T 507 86.02 -81.75 -9.03
C GLN T 507 85.44 -80.34 -8.91
N GLN T 508 85.48 -79.73 -7.73
CA GLN T 508 84.72 -78.52 -7.41
C GLN T 508 84.94 -77.35 -8.37
N GLU T 509 86.19 -77.03 -8.70
CA GLU T 509 86.48 -75.90 -9.59
C GLU T 509 86.01 -76.16 -11.02
N SER T 510 86.03 -77.42 -11.50
CA SER T 510 85.54 -77.75 -12.83
C SER T 510 84.03 -77.55 -12.97
N ILE T 511 83.22 -77.97 -12.00
CA ILE T 511 81.77 -77.75 -12.07
C ILE T 511 81.40 -76.29 -11.81
N ASN T 512 82.18 -75.56 -11.02
CA ASN T 512 82.02 -74.12 -10.93
C ASN T 512 82.30 -73.46 -12.27
N SER T 513 83.35 -73.89 -12.98
CA SER T 513 83.69 -73.38 -14.31
C SER T 513 82.59 -73.65 -15.35
N ILE T 514 81.95 -74.82 -15.29
CA ILE T 514 80.76 -75.11 -16.12
C ILE T 514 79.59 -74.19 -15.76
N CYS T 515 79.31 -73.96 -14.47
CA CYS T 515 78.28 -73.00 -14.06
C CYS T 515 78.58 -71.57 -14.49
N LEU T 516 79.83 -71.13 -14.43
CA LEU T 516 80.29 -69.83 -14.94
C LEU T 516 80.09 -69.68 -16.44
N SER T 517 79.98 -70.76 -17.20
CA SER T 517 79.62 -70.65 -18.62
C SER T 517 78.17 -70.20 -18.82
N GLY T 518 77.30 -70.37 -17.81
CA GLY T 518 75.90 -69.95 -17.87
C GLY T 518 75.69 -68.45 -17.71
N PRO T 519 74.55 -67.93 -18.18
CA PRO T 519 74.26 -66.50 -18.15
C PRO T 519 74.04 -65.95 -16.74
N GLY T 520 74.23 -64.65 -16.59
CA GLY T 520 74.06 -63.87 -15.36
C GLY T 520 75.19 -64.01 -14.33
N THR T 521 76.09 -64.98 -14.50
CA THR T 521 77.18 -65.23 -13.54
C THR T 521 78.20 -64.08 -13.56
N PRO T 522 78.56 -63.50 -12.40
CA PRO T 522 79.37 -62.29 -12.33
C PRO T 522 80.85 -62.49 -12.68
N LYS T 523 81.52 -61.40 -13.06
CA LYS T 523 82.97 -61.28 -13.23
C LYS T 523 83.57 -60.64 -11.97
N ILE T 524 84.41 -61.36 -11.24
CA ILE T 524 85.07 -60.84 -10.03
C ILE T 524 86.58 -60.97 -10.22
N PRO T 525 87.38 -59.88 -10.18
CA PRO T 525 88.82 -59.96 -10.31
C PRO T 525 89.46 -60.88 -9.25
N LYS T 526 90.50 -61.63 -9.62
CA LYS T 526 91.19 -62.51 -8.67
C LYS T 526 91.78 -61.71 -7.51
N GLY T 527 91.60 -62.22 -6.29
CA GLY T 527 91.98 -61.54 -5.05
C GLY T 527 90.96 -60.55 -4.50
N ILE T 528 89.83 -60.31 -5.18
CA ILE T 528 88.72 -59.50 -4.67
C ILE T 528 87.60 -60.44 -4.20
N THR T 529 87.03 -60.15 -3.03
CA THR T 529 85.84 -60.82 -2.51
C THR T 529 84.67 -59.86 -2.61
N ALA T 530 83.63 -60.25 -3.34
CA ALA T 530 82.38 -59.50 -3.37
C ALA T 530 81.51 -59.90 -2.18
N GLU T 531 80.72 -58.98 -1.65
CA GLU T 531 79.93 -59.17 -0.44
C GLU T 531 78.56 -58.51 -0.61
N ALA T 532 77.55 -58.98 0.10
CA ALA T 532 76.27 -58.30 0.21
C ALA T 532 75.74 -58.41 1.63
N LYS T 533 74.98 -57.40 2.07
CA LYS T 533 74.39 -57.35 3.40
C LYS T 533 72.98 -56.79 3.39
N VAL T 534 72.19 -57.22 4.36
CA VAL T 534 70.88 -56.67 4.67
C VAL T 534 70.91 -56.16 6.12
N LYS T 535 70.21 -55.06 6.41
CA LYS T 535 69.89 -54.68 7.79
C LYS T 535 68.47 -55.10 8.09
N TYR T 536 68.27 -55.84 9.15
CA TYR T 536 66.97 -56.35 9.57
C TYR T 536 66.48 -55.65 10.82
N SER T 537 65.16 -55.63 10.99
CA SER T 537 64.49 -55.24 12.22
C SER T 537 63.27 -56.12 12.42
N PHE T 538 63.36 -57.14 13.28
CA PHE T 538 62.23 -57.99 13.64
C PHE T 538 61.45 -57.36 14.80
N ASN T 539 60.14 -57.27 14.68
CA ASN T 539 59.30 -56.62 15.67
C ASN T 539 58.61 -57.67 16.55
N PHE T 540 58.87 -57.60 17.85
CA PHE T 540 58.29 -58.47 18.86
C PHE T 540 57.67 -57.63 19.97
N LYS T 541 56.77 -58.24 20.73
CA LYS T 541 56.41 -57.80 22.07
C LYS T 541 56.70 -58.93 23.03
N TRP T 542 57.13 -58.61 24.24
CA TRP T 542 57.31 -59.56 25.33
C TRP T 542 56.20 -59.35 26.35
N GLY T 543 55.59 -60.42 26.85
CA GLY T 543 54.44 -60.35 27.74
C GLY T 543 54.65 -61.13 29.02
N GLY T 544 54.10 -60.64 30.12
CA GLY T 544 54.17 -61.35 31.40
C GLY T 544 53.52 -60.60 32.55
N ASP T 545 53.51 -61.23 33.71
CA ASP T 545 53.30 -60.55 34.99
C ASP T 545 54.51 -59.66 35.34
N LEU T 546 54.29 -58.66 36.18
CA LEU T 546 55.31 -57.66 36.51
C LEU T 546 56.57 -58.31 37.14
N PRO T 547 57.78 -58.01 36.65
CA PRO T 547 59.01 -58.59 37.16
C PRO T 547 59.56 -57.85 38.41
N PRO T 548 60.50 -58.46 39.15
CA PRO T 548 61.25 -57.81 40.23
C PRO T 548 62.34 -56.86 39.70
N MET T 549 62.94 -56.05 40.59
CA MET T 549 63.96 -55.04 40.25
C MET T 549 64.88 -54.74 41.46
N SER T 550 66.07 -54.16 41.24
CA SER T 550 67.03 -53.79 42.31
C SER T 550 67.65 -52.40 42.13
N THR T 551 68.28 -51.87 43.19
CA THR T 551 68.71 -50.47 43.30
C THR T 551 70.13 -50.33 43.87
N ILE T 552 70.73 -49.15 43.68
CA ILE T 552 72.13 -48.83 43.99
C ILE T 552 72.20 -47.73 45.07
N THR T 553 73.19 -47.77 45.97
CA THR T 553 73.36 -46.73 47.01
C THR T 553 73.53 -45.35 46.40
N ASN T 554 72.98 -44.31 47.01
CA ASN T 554 73.20 -42.93 46.55
C ASN T 554 74.63 -42.41 46.75
N PRO T 555 75.30 -42.61 47.91
CA PRO T 555 76.62 -42.04 48.15
C PRO T 555 77.69 -42.59 47.21
N THR T 556 77.72 -43.90 46.97
CA THR T 556 78.67 -44.52 46.02
C THR T 556 77.98 -44.65 44.67
N ASP T 557 77.89 -43.55 43.92
CA ASP T 557 77.18 -43.54 42.61
C ASP T 557 77.90 -42.57 41.67
N GLN T 558 77.45 -42.46 40.42
CA GLN T 558 78.07 -41.56 39.42
C GLN T 558 78.37 -40.22 40.11
N PRO T 559 79.65 -39.83 40.31
CA PRO T 559 79.97 -38.60 41.04
C PRO T 559 79.92 -37.37 40.15
N THR T 560 79.44 -36.24 40.69
CA THR T 560 79.42 -34.99 39.92
C THR T 560 80.85 -34.53 39.61
N TYR T 561 81.06 -33.79 38.53
CA TYR T 561 82.40 -33.30 38.13
C TYR T 561 83.12 -32.55 39.26
N VAL T 562 82.36 -31.89 40.14
CA VAL T 562 82.87 -31.18 41.33
C VAL T 562 83.61 -32.15 42.27
N LYS U 48 21.22 -7.23 70.79
CA LYS U 48 22.56 -7.86 70.98
C LYS U 48 23.58 -6.86 71.53
N ARG U 49 24.00 -5.86 70.74
CA ARG U 49 24.86 -4.76 71.19
C ARG U 49 24.38 -3.42 70.62
N LEU U 50 24.50 -2.37 71.40
CA LEU U 50 24.03 -1.03 71.07
C LEU U 50 25.17 -0.01 71.10
N ASN U 51 25.09 1.02 70.27
CA ASN U 51 25.95 2.19 70.40
C ASN U 51 25.64 2.92 71.71
N ILE U 52 26.67 3.35 72.44
CA ILE U 52 26.51 4.28 73.55
C ILE U 52 26.20 5.67 72.98
N VAL U 53 25.20 6.33 73.54
CA VAL U 53 24.68 7.63 73.09
C VAL U 53 24.69 8.59 74.26
N GLU U 54 24.97 9.86 73.99
CA GLU U 54 24.93 10.94 74.96
C GLU U 54 23.94 12.01 74.50
N TRP U 55 23.25 12.67 75.44
CA TRP U 55 22.36 13.77 75.12
C TRP U 55 23.11 15.09 75.24
N GLN U 56 23.09 15.83 74.12
CA GLN U 56 23.86 17.09 74.01
C GLN U 56 23.37 18.12 75.02
N PRO U 57 24.27 18.90 75.62
CA PRO U 57 23.91 19.90 76.62
C PRO U 57 23.18 21.10 76.02
N LYS U 58 22.45 21.83 76.87
CA LYS U 58 21.47 22.85 76.46
C LYS U 58 22.09 24.01 75.66
N SER U 59 23.28 24.48 76.04
CA SER U 59 24.03 25.50 75.30
C SER U 59 25.48 25.08 75.11
N ILE U 60 26.03 25.34 73.91
CA ILE U 60 27.37 24.92 73.48
C ILE U 60 28.10 26.10 72.84
N ARG U 61 29.38 26.28 73.17
CA ARG U 61 30.22 27.38 72.61
C ARG U 61 31.63 26.92 72.21
N LYS U 62 31.92 26.83 70.91
CA LYS U 62 33.26 26.46 70.39
C LYS U 62 34.31 27.46 70.86
N CYS U 63 35.48 26.97 71.27
CA CYS U 63 36.62 27.78 71.66
C CYS U 63 37.92 27.17 71.14
N ARG U 64 38.66 27.95 70.33
CA ARG U 64 40.01 27.55 69.86
C ARG U 64 41.08 28.26 70.71
N ILE U 65 41.74 27.53 71.62
CA ILE U 65 42.82 28.10 72.42
C ILE U 65 44.04 28.20 71.52
N LYS U 66 44.35 29.41 71.04
CA LYS U 66 45.39 29.70 70.04
C LYS U 66 46.58 30.38 70.68
N GLY U 67 47.79 29.96 70.37
CA GLY U 67 48.99 30.58 70.94
C GLY U 67 50.29 30.07 70.35
N MET U 68 51.39 30.49 70.95
CA MET U 68 52.75 30.19 70.50
C MET U 68 53.53 29.50 71.62
N LEU U 69 54.23 28.41 71.34
CA LEU U 69 55.02 27.64 72.31
C LEU U 69 56.48 27.57 71.87
N CYS U 70 57.40 27.93 72.76
CA CYS U 70 58.83 27.76 72.54
C CYS U 70 59.24 26.29 72.71
N LEU U 71 59.80 25.67 71.69
CA LEU U 71 60.22 24.25 71.72
C LEU U 71 61.58 24.09 72.40
N PHE U 72 62.53 24.95 72.09
CA PHE U 72 63.80 25.07 72.78
C PHE U 72 64.35 26.47 72.56
N GLN U 73 65.26 26.89 73.42
CA GLN U 73 66.18 27.98 73.12
C GLN U 73 67.53 27.63 73.72
N THR U 74 68.56 27.56 72.89
CA THR U 74 69.82 26.87 73.20
C THR U 74 71.04 27.63 72.72
N THR U 75 72.12 27.54 73.49
CA THR U 75 73.49 27.77 73.05
C THR U 75 74.17 26.43 72.80
N GLU U 76 75.39 26.41 72.26
CA GLU U 76 76.14 25.17 72.01
C GLU U 76 76.47 24.39 73.30
N ASP U 77 76.76 25.10 74.40
CA ASP U 77 77.10 24.52 75.70
C ASP U 77 75.91 23.99 76.49
N ARG U 78 74.69 24.09 75.94
CA ARG U 78 73.46 23.55 76.52
C ARG U 78 72.71 22.56 75.62
N LEU U 79 73.29 22.15 74.49
CA LEU U 79 72.60 21.31 73.51
C LEU U 79 72.14 19.94 74.06
N SER U 80 72.91 19.32 74.94
CA SER U 80 72.58 18.01 75.50
C SER U 80 71.60 18.04 76.68
N TYR U 81 71.06 19.20 77.05
CA TYR U 81 70.17 19.37 78.21
C TYR U 81 68.74 19.72 77.81
N ASN U 82 67.80 19.32 78.65
CA ASN U 82 66.38 19.59 78.48
C ASN U 82 66.05 21.07 78.77
N PHE U 83 65.42 21.76 77.82
CA PHE U 83 64.88 23.11 77.99
C PHE U 83 63.57 23.10 78.76
N ASP U 84 63.59 23.68 79.96
CA ASP U 84 62.39 24.12 80.67
C ASP U 84 62.32 25.64 80.64
N MET U 85 61.19 26.20 80.21
CA MET U 85 60.99 27.65 80.16
C MET U 85 60.80 28.26 81.55
N TYR U 86 60.28 27.46 82.48
CA TYR U 86 60.08 27.81 83.89
C TYR U 86 61.11 27.03 84.72
N GLU U 87 62.08 27.75 85.23
CA GLU U 87 63.43 27.26 85.52
C GLU U 87 63.70 26.70 86.93
N GLU U 88 64.76 25.91 87.06
CA GLU U 88 65.50 25.81 88.32
C GLU U 88 66.31 27.12 88.40
N SER U 89 66.05 27.96 89.39
CA SER U 89 66.33 29.41 89.39
C SER U 89 67.77 29.85 89.08
N ILE U 90 68.75 28.94 89.22
CA ILE U 90 70.14 29.17 88.84
C ILE U 90 70.39 29.08 87.32
N ILE U 91 69.65 28.24 86.59
CA ILE U 91 69.91 27.97 85.17
C ILE U 91 69.90 29.24 84.30
N PRO U 92 68.89 30.14 84.35
CA PRO U 92 68.91 31.33 83.50
C PRO U 92 69.93 32.39 83.95
N GLU U 93 70.54 32.29 85.13
CA GLU U 93 71.56 33.25 85.55
C GLU U 93 72.82 33.10 84.69
N LYS U 94 73.05 34.08 83.82
CA LYS U 94 74.15 34.10 82.85
C LYS U 94 74.13 32.95 81.82
N LEU U 95 72.95 32.36 81.54
CA LEU U 95 72.72 31.56 80.33
C LEU U 95 71.54 32.10 79.51
N PRO U 96 71.73 32.46 78.23
CA PRO U 96 70.64 32.98 77.39
C PRO U 96 69.72 31.88 76.83
N GLY U 97 70.14 30.61 76.85
CA GLY U 97 69.32 29.47 76.48
C GLY U 97 69.63 28.24 77.32
N GLY U 98 68.61 27.58 77.85
CA GLY U 98 68.76 26.54 78.88
C GLY U 98 68.94 25.12 78.37
N GLY U 99 68.58 24.80 77.13
CA GLY U 99 68.62 23.43 76.65
C GLY U 99 68.30 23.27 75.17
N GLY U 100 68.87 22.26 74.52
CA GLY U 100 68.73 22.01 73.08
C GLY U 100 67.70 20.96 72.69
N PHE U 101 67.03 20.35 73.66
CA PHE U 101 65.88 19.49 73.41
C PHE U 101 64.82 19.78 74.46
N SER U 102 63.56 19.45 74.21
CA SER U 102 62.56 19.45 75.28
C SER U 102 61.56 18.32 75.12
N ILE U 103 60.95 17.94 76.24
CA ILE U 103 59.69 17.21 76.26
C ILE U 103 58.65 18.12 76.88
N LYS U 104 57.60 18.45 76.12
CA LYS U 104 56.46 19.27 76.54
C LYS U 104 55.26 18.38 76.75
N ASN U 105 54.58 18.47 77.88
CA ASN U 105 53.22 17.94 78.05
C ASN U 105 52.24 19.10 78.09
N ILE U 106 51.18 19.05 77.28
CA ILE U 106 50.15 20.08 77.24
C ILE U 106 48.85 19.54 77.85
N SER U 107 48.27 20.29 78.78
CA SER U 107 46.98 20.02 79.39
C SER U 107 46.17 21.31 79.42
N LEU U 108 44.85 21.21 79.56
CA LEU U 108 43.98 22.38 79.65
C LEU U 108 44.37 23.31 80.81
N TYR U 109 44.88 22.79 81.91
CA TYR U 109 45.43 23.62 82.98
C TYR U 109 46.75 24.30 82.59
N ALA U 110 47.65 23.63 81.87
CA ALA U 110 48.83 24.27 81.32
C ALA U 110 48.49 25.34 80.27
N LEU U 111 47.45 25.14 79.46
CA LEU U 111 46.93 26.18 78.56
C LEU U 111 46.38 27.38 79.32
N TYR U 112 45.67 27.18 80.43
CA TYR U 112 45.27 28.27 81.32
C TYR U 112 46.47 28.97 81.94
N GLN U 113 47.51 28.26 82.38
CA GLN U 113 48.72 28.90 82.88
C GLN U 113 49.44 29.71 81.81
N GLU U 114 49.49 29.26 80.57
CA GLU U 114 50.03 30.06 79.46
C GLU U 114 49.17 31.30 79.17
N HIS U 115 47.87 31.28 79.50
CA HIS U 115 46.99 32.47 79.36
C HIS U 115 47.34 33.50 80.44
N ILE U 116 47.78 33.06 81.63
CA ILE U 116 48.26 33.97 82.68
C ILE U 116 49.57 34.67 82.29
N HIS U 117 50.43 33.99 81.51
CA HIS U 117 51.61 34.60 80.89
C HIS U 117 51.30 35.42 79.62
N ALA U 118 50.03 35.53 79.23
CA ALA U 118 49.57 36.15 77.99
C ALA U 118 50.14 35.50 76.71
N HIS U 119 50.52 34.22 76.76
CA HIS U 119 51.08 33.50 75.62
C HIS U 119 50.02 32.93 74.68
N ASN U 120 48.74 32.93 75.07
CA ASN U 120 47.64 32.47 74.23
C ASN U 120 46.38 33.30 74.43
N ILE U 121 45.44 33.13 73.51
CA ILE U 121 44.07 33.63 73.59
C ILE U 121 43.11 32.44 73.70
N PHE U 122 42.01 32.61 74.42
CA PHE U 122 40.85 31.72 74.34
C PHE U 122 39.80 32.42 73.48
N THR U 123 39.41 31.81 72.36
CA THR U 123 38.44 32.42 71.43
C THR U 123 37.06 32.64 72.05
N HIS U 124 36.75 31.86 73.08
CA HIS U 124 35.50 32.03 73.86
C HIS U 124 35.84 31.71 75.31
N THR U 125 35.36 32.50 76.27
CA THR U 125 35.51 32.21 77.69
C THR U 125 34.73 30.96 78.10
N ASN U 126 35.11 30.38 79.23
CA ASN U 126 34.55 29.17 79.81
C ASN U 126 33.89 29.39 81.18
N THR U 127 33.65 30.65 81.59
CA THR U 127 33.38 30.99 82.99
C THR U 127 32.11 30.35 83.56
N ASP U 128 31.07 30.17 82.74
CA ASP U 128 29.75 29.71 83.19
C ASP U 128 29.26 28.48 82.45
N ARG U 129 30.17 27.77 81.76
CA ARG U 129 29.87 26.49 81.06
C ARG U 129 30.89 25.49 81.60
N PRO U 130 30.55 24.58 82.54
CA PRO U 130 31.52 23.75 83.25
C PRO U 130 31.93 22.48 82.49
N LEU U 131 31.19 22.07 81.47
CA LEU U 131 31.54 20.93 80.63
C LEU U 131 32.52 21.31 79.53
N ALA U 132 33.36 20.37 79.11
CA ALA U 132 34.28 20.50 78.01
C ALA U 132 34.22 19.28 77.10
N ARG U 133 34.40 19.52 75.79
CA ARG U 133 34.44 18.44 74.76
C ARG U 133 35.66 18.71 73.84
N TYR U 134 36.82 18.15 74.15
CA TYR U 134 38.05 18.32 73.39
C TYR U 134 37.98 17.56 72.05
N THR U 135 38.33 18.23 70.95
CA THR U 135 38.17 17.70 69.59
C THR U 135 39.49 17.42 68.87
N GLY U 136 40.61 17.86 69.44
CA GLY U 136 41.94 17.70 68.84
C GLY U 136 42.70 19.01 68.70
N CYS U 137 43.87 18.94 68.10
CA CYS U 137 44.80 20.05 68.01
C CYS U 137 45.30 20.25 66.57
N SER U 138 45.57 21.49 66.19
CA SER U 138 46.40 21.82 65.03
C SER U 138 47.71 22.41 65.49
N LEU U 139 48.84 21.93 64.97
CA LEU U 139 50.15 22.52 65.18
C LEU U 139 50.70 23.07 63.87
N LYS U 140 51.31 24.26 63.88
CA LYS U 140 52.15 24.79 62.81
C LYS U 140 53.56 24.94 63.34
N PHE U 141 54.49 24.16 62.83
CA PHE U 141 55.90 24.20 63.20
C PHE U 141 56.62 25.12 62.24
N TYR U 142 57.28 26.17 62.74
CA TYR U 142 57.96 27.14 61.88
C TYR U 142 59.41 26.78 61.65
N GLN U 143 59.90 26.99 60.42
CA GLN U 143 61.33 26.97 60.16
C GLN U 143 62.03 28.06 60.98
N SER U 144 63.01 27.69 61.78
CA SER U 144 63.90 28.67 62.39
C SER U 144 64.83 29.28 61.35
N LYS U 145 65.40 30.44 61.64
CA LYS U 145 66.38 31.08 60.74
C LYS U 145 67.66 30.26 60.64
N ASP U 146 68.26 29.89 61.76
CA ASP U 146 69.64 29.38 61.84
C ASP U 146 69.79 27.89 62.17
N ILE U 147 68.74 27.23 62.70
CA ILE U 147 68.88 25.82 63.19
C ILE U 147 67.76 24.92 62.66
N ASP U 148 68.09 23.67 62.34
CA ASP U 148 67.08 22.67 61.90
C ASP U 148 66.56 22.04 63.19
N TYR U 149 65.52 21.21 63.14
CA TYR U 149 65.09 20.49 64.36
C TYR U 149 64.12 19.37 64.07
N VAL U 150 64.22 18.27 64.79
CA VAL U 150 63.33 17.11 64.67
C VAL U 150 62.25 17.24 65.72
N VAL U 151 61.01 16.98 65.36
CA VAL U 151 59.89 16.84 66.29
C VAL U 151 59.32 15.43 66.20
N THR U 152 58.90 14.87 67.31
CA THR U 152 57.91 13.80 67.30
C THR U 152 56.95 14.00 68.46
N TYR U 153 55.71 13.56 68.32
CA TYR U 153 54.66 13.80 69.30
C TYR U 153 53.91 12.51 69.58
N SER U 154 53.27 12.46 70.74
CA SER U 154 52.48 11.31 71.16
C SER U 154 51.22 11.77 71.86
N THR U 155 50.19 10.91 71.92
CA THR U 155 48.93 11.20 72.66
C THR U 155 48.50 9.99 73.45
N SER U 156 49.39 9.05 73.75
CA SER U 156 49.04 7.93 74.65
C SER U 156 48.67 8.55 76.00
N LEU U 157 47.39 8.51 76.39
CA LEU U 157 46.94 9.19 77.63
C LEU U 157 47.92 8.86 78.78
N PRO U 158 48.35 7.59 78.98
CA PRO U 158 49.34 7.31 80.02
C PRO U 158 50.59 8.14 79.77
N LEU U 159 50.93 9.03 80.71
CA LEU U 159 52.11 9.92 80.58
C LEU U 159 53.22 9.44 81.53
N ARG U 160 54.43 9.20 81.02
CA ARG U 160 55.58 8.77 81.86
C ARG U 160 56.89 9.09 81.13
N SER U 161 58.01 9.14 81.85
CA SER U 161 59.35 9.39 81.26
C SER U 161 60.16 8.10 81.31
N SER U 162 61.14 7.95 80.43
CA SER U 162 61.98 6.72 80.39
C SER U 162 63.44 7.08 80.06
N MET U 163 64.40 6.26 80.49
CA MET U 163 65.81 6.46 80.18
C MET U 163 66.08 6.33 78.67
N GLY U 164 65.42 5.38 78.01
CA GLY U 164 65.47 5.21 76.56
C GLY U 164 64.85 6.38 75.80
N MET U 165 63.77 6.98 76.30
CA MET U 165 63.24 8.21 75.73
C MET U 165 64.28 9.33 75.74
N TYR U 166 64.89 9.62 76.89
CA TYR U 166 65.86 10.71 76.99
C TYR U 166 67.12 10.47 76.14
N ASN U 167 67.64 9.24 76.07
CA ASN U 167 68.72 8.93 75.14
C ASN U 167 68.27 9.09 73.69
N SER U 168 67.07 8.62 73.33
CA SER U 168 66.55 8.74 71.97
C SER U 168 66.30 10.17 71.52
N MET U 169 66.33 11.16 72.42
CA MET U 169 66.33 12.58 72.06
C MET U 169 67.62 13.02 71.36
N GLN U 170 68.69 12.22 71.39
CA GLN U 170 69.93 12.55 70.69
C GLN U 170 69.61 12.80 69.21
N PRO U 171 70.11 13.89 68.59
CA PRO U 171 69.59 14.32 67.29
C PRO U 171 69.64 13.28 66.18
N SER U 172 70.72 12.51 66.09
CA SER U 172 70.85 11.42 65.12
C SER U 172 69.85 10.29 65.36
N ILE U 173 69.64 9.91 66.63
CA ILE U 173 68.71 8.85 67.00
C ILE U 173 67.27 9.29 66.79
N HIS U 174 66.91 10.50 67.22
CA HIS U 174 65.59 11.06 66.98
C HIS U 174 65.29 11.19 65.48
N LEU U 175 66.26 11.65 64.69
CA LEU U 175 66.13 11.70 63.24
C LEU U 175 65.94 10.33 62.57
N MET U 176 66.36 9.22 63.18
CA MET U 176 66.07 7.89 62.65
C MET U 176 64.67 7.37 62.99
N GLN U 177 64.00 7.89 64.01
CA GLN U 177 62.71 7.35 64.46
C GLN U 177 61.60 7.47 63.41
N GLN U 178 60.62 6.57 63.47
CA GLN U 178 59.41 6.65 62.66
C GLN U 178 58.46 7.72 63.17
N ASN U 179 57.67 8.30 62.27
CA ASN U 179 56.75 9.40 62.57
C ASN U 179 57.43 10.63 63.21
N LYS U 180 58.70 10.85 62.85
CA LYS U 180 59.39 12.12 63.02
C LYS U 180 58.81 13.16 62.07
N LEU U 181 59.05 14.42 62.39
CA LEU U 181 58.93 15.56 61.49
C LEU U 181 60.26 16.30 61.53
N ILE U 182 60.90 16.50 60.38
CA ILE U 182 62.12 17.30 60.27
C ILE U 182 61.71 18.68 59.77
N VAL U 183 62.16 19.73 60.46
CA VAL U 183 61.96 21.11 60.04
C VAL U 183 63.33 21.69 59.70
N PRO U 184 63.69 21.80 58.41
CA PRO U 184 64.91 22.46 58.00
C PRO U 184 64.83 23.95 58.36
N SER U 185 65.96 24.56 58.69
CA SER U 185 66.05 26.00 58.80
C SER U 185 65.77 26.68 57.45
N LYS U 186 65.46 27.98 57.48
CA LYS U 186 65.32 28.76 56.24
C LYS U 186 66.60 28.81 55.42
N GLN U 187 67.76 28.70 56.08
CA GLN U 187 69.05 28.57 55.43
C GLN U 187 69.23 27.23 54.72
N THR U 188 68.89 26.10 55.34
CA THR U 188 69.08 24.78 54.70
C THR U 188 68.03 24.46 53.64
N GLN U 189 66.81 25.00 53.72
CA GLN U 189 65.81 24.86 52.66
C GLN U 189 64.81 26.03 52.65
N LYS U 190 64.77 26.78 51.55
CA LYS U 190 63.67 27.71 51.25
C LYS U 190 62.45 26.94 50.78
N ARG U 191 61.27 27.27 51.30
CA ARG U 191 60.01 26.54 51.08
C ARG U 191 58.90 27.49 50.63
N ARG U 192 57.87 26.95 49.96
CA ARG U 192 56.66 27.70 49.59
C ARG U 192 55.92 28.21 50.83
N LYS U 193 55.61 27.29 51.76
CA LYS U 193 55.04 27.63 53.07
C LYS U 193 56.16 27.60 54.11
N PRO U 194 56.32 28.64 54.96
CA PRO U 194 57.42 28.73 55.91
C PRO U 194 57.23 27.87 57.17
N TYR U 195 56.25 26.98 57.18
CA TYR U 195 55.86 26.14 58.30
C TYR U 195 55.39 24.77 57.80
N ILE U 196 55.40 23.78 58.69
CA ILE U 196 54.76 22.48 58.46
C ILE U 196 53.57 22.33 59.40
N LYS U 197 52.40 22.04 58.86
CA LYS U 197 51.12 21.99 59.58
C LYS U 197 50.62 20.57 59.69
N LYS U 198 50.23 20.12 60.88
CA LYS U 198 49.51 18.85 61.04
C LYS U 198 48.53 18.82 62.19
N HIS U 199 47.47 18.03 61.99
CA HIS U 199 46.36 17.86 62.92
C HIS U 199 46.58 16.62 63.77
N ILE U 200 46.35 16.74 65.07
CA ILE U 200 46.58 15.69 66.05
C ILE U 200 45.26 15.38 66.75
N SER U 201 44.86 14.12 66.73
CA SER U 201 43.61 13.63 67.32
C SER U 201 43.71 13.58 68.86
N PRO U 202 42.61 13.59 69.63
CA PRO U 202 42.68 13.41 71.08
C PRO U 202 43.36 12.10 71.49
N PRO U 203 43.87 12.00 72.73
CA PRO U 203 44.26 10.72 73.31
C PRO U 203 43.17 9.67 73.15
N THR U 204 43.53 8.40 72.92
CA THR U 204 42.52 7.35 72.72
C THR U 204 41.60 7.17 73.94
N GLN U 205 42.10 7.54 75.13
CA GLN U 205 41.32 7.48 76.41
C GLN U 205 40.36 8.68 76.53
N MET U 206 40.63 9.79 75.85
CA MET U 206 39.71 10.92 75.76
C MET U 206 38.70 10.65 74.65
N LYS U 207 37.51 10.19 75.01
CA LYS U 207 36.43 9.89 74.05
C LYS U 207 35.74 11.18 73.62
N SER U 208 34.87 11.13 72.61
CA SER U 208 34.17 12.32 72.12
C SER U 208 33.12 12.88 73.09
N GLN U 209 32.83 12.17 74.19
CA GLN U 209 31.87 12.61 75.21
C GLN U 209 32.23 13.95 75.86
N TRP U 210 31.26 14.57 76.53
CA TRP U 210 31.49 15.71 77.43
C TRP U 210 32.14 15.25 78.73
N TYR U 211 33.02 16.08 79.29
CA TYR U 211 33.67 15.88 80.57
C TYR U 211 33.61 17.17 81.39
N PHE U 212 33.44 17.11 82.70
CA PHE U 212 33.66 18.30 83.52
C PHE U 212 35.08 18.83 83.36
N GLN U 213 35.24 20.14 83.21
CA GLN U 213 36.57 20.77 83.03
C GLN U 213 37.45 20.51 84.25
N HIS U 214 36.88 20.33 85.45
CA HIS U 214 37.64 20.02 86.69
C HIS U 214 38.31 18.65 86.56
N ASN U 215 37.65 17.69 85.90
CA ASN U 215 38.19 16.34 85.76
C ASN U 215 39.32 16.28 84.73
N ILE U 216 39.11 16.87 83.55
CA ILE U 216 40.10 16.83 82.45
C ILE U 216 41.20 17.89 82.56
N ALA U 217 41.12 18.85 83.48
CA ALA U 217 42.07 19.96 83.58
C ALA U 217 43.53 19.52 83.52
N ASN U 218 43.92 18.50 84.30
CA ASN U 218 45.29 18.04 84.42
C ASN U 218 45.67 16.85 83.52
N ILE U 219 44.73 16.27 82.78
CA ILE U 219 45.00 15.15 81.86
C ILE U 219 45.88 15.65 80.71
N PRO U 220 47.09 15.09 80.48
CA PRO U 220 47.97 15.56 79.42
C PRO U 220 47.44 15.10 78.06
N LEU U 221 46.97 16.04 77.21
CA LEU U 221 46.30 15.71 75.92
C LEU U 221 47.28 15.68 74.74
N LEU U 222 48.52 16.12 74.95
CA LEU U 222 49.56 16.06 73.92
C LEU U 222 50.94 16.03 74.58
N MET U 223 51.85 15.20 74.08
CA MET U 223 53.29 15.33 74.32
C MET U 223 54.02 15.72 73.04
N ILE U 224 54.85 16.76 73.08
CA ILE U 224 55.75 17.14 71.99
C ILE U 224 57.18 16.90 72.43
N ARG U 225 57.97 16.16 71.66
CA ARG U 225 59.41 15.96 71.84
C ARG U 225 60.15 16.66 70.72
N THR U 226 61.09 17.54 71.05
CA THR U 226 61.87 18.29 70.03
C THR U 226 63.35 18.25 70.35
N THR U 227 64.21 18.12 69.35
CA THR U 227 65.66 18.22 69.50
C THR U 227 66.26 19.07 68.40
N ALA U 228 67.23 19.91 68.74
CA ALA U 228 67.99 20.75 67.82
C ALA U 228 69.04 19.95 67.03
N LEU U 229 69.21 20.29 65.76
CA LEU U 229 69.83 19.43 64.75
C LEU U 229 70.66 20.28 63.78
N THR U 230 71.65 19.69 63.11
CA THR U 230 72.07 20.21 61.80
C THR U 230 72.14 19.10 60.77
N LEU U 231 71.55 19.34 59.60
CA LEU U 231 71.60 18.44 58.46
C LEU U 231 72.87 18.61 57.62
N ASP U 232 73.33 19.84 57.41
CA ASP U 232 74.52 20.16 56.60
C ASP U 232 75.87 19.95 57.30
N ASN U 233 75.89 19.90 58.63
CA ASN U 233 77.07 19.68 59.46
C ASN U 233 76.93 18.40 60.29
N TYR U 234 76.17 17.43 59.81
CA TYR U 234 75.75 16.25 60.57
C TYR U 234 76.90 15.50 61.22
N TYR U 235 78.01 15.27 60.52
CA TYR U 235 79.16 14.55 61.05
C TYR U 235 80.17 15.45 61.75
N ILE U 236 80.57 16.55 61.10
CA ILE U 236 81.58 17.47 61.64
C ILE U 236 81.04 18.21 62.87
N GLY U 237 79.79 18.63 62.85
CA GLY U 237 79.13 19.35 63.93
C GLY U 237 79.86 20.63 64.25
N SER U 238 80.42 20.73 65.45
CA SER U 238 81.30 21.84 65.87
C SER U 238 82.73 21.41 66.17
N ARG U 239 83.19 20.26 65.63
CA ARG U 239 84.57 19.78 65.71
C ARG U 239 85.56 20.84 65.26
N GLN U 240 86.67 20.96 66.00
CA GLN U 240 87.83 21.79 65.66
C GLN U 240 89.09 20.92 65.67
N LEU U 241 90.00 21.10 64.72
CA LEU U 241 91.23 20.30 64.58
C LEU U 241 90.91 18.79 64.49
N SER U 242 91.48 17.95 65.36
CA SER U 242 91.32 16.50 65.38
C SER U 242 89.88 16.04 65.64
N THR U 243 89.53 14.83 65.23
CA THR U 243 88.26 14.18 65.61
C THR U 243 88.21 13.87 67.11
N ASN U 244 89.36 13.64 67.75
CA ASN U 244 89.47 13.37 69.19
C ASN U 244 89.06 14.60 70.01
N VAL U 245 88.26 14.38 71.05
CA VAL U 245 87.96 15.37 72.09
C VAL U 245 88.75 15.03 73.35
N THR U 246 89.24 16.04 74.06
CA THR U 246 89.96 15.86 75.32
C THR U 246 89.00 15.96 76.51
N ILE U 247 88.99 14.94 77.37
CA ILE U 247 88.21 14.89 78.60
C ILE U 247 89.18 15.04 79.78
N HIS U 248 88.89 15.93 80.73
CA HIS U 248 89.68 16.01 81.98
C HIS U 248 88.98 15.08 82.97
N THR U 249 89.71 14.42 83.88
CA THR U 249 89.12 13.58 84.93
C THR U 249 89.91 13.63 86.22
N LEU U 250 89.28 13.26 87.33
CA LEU U 250 90.00 13.12 88.62
C LEU U 250 90.74 11.79 88.57
N ASN U 251 92.06 11.77 88.79
CA ASN U 251 92.80 10.49 88.88
C ASN U 251 91.99 9.57 89.80
N THR U 252 91.57 8.39 89.34
CA THR U 252 90.77 7.45 90.13
C THR U 252 91.70 6.69 91.05
N THR U 253 92.94 6.46 90.64
CA THR U 253 93.91 5.62 91.37
C THR U 253 94.49 6.32 92.61
N TYR U 254 94.13 7.58 92.90
CA TYR U 254 94.62 8.33 94.06
C TYR U 254 93.53 9.14 94.76
N ILE U 255 92.61 9.77 94.02
CA ILE U 255 91.52 10.58 94.57
C ILE U 255 90.26 9.70 94.71
N GLN U 256 89.98 9.15 95.90
CA GLN U 256 88.80 8.24 96.01
C GLN U 256 87.98 8.47 97.27
N ASN U 257 88.48 9.23 98.24
CA ASN U 257 87.77 9.28 99.53
C ASN U 257 86.43 10.01 99.52
N ARG U 258 86.19 10.91 98.56
CA ARG U 258 84.91 11.64 98.40
C ARG U 258 84.47 12.35 99.70
N ASP U 259 85.42 12.78 100.55
CA ASP U 259 85.11 13.50 101.79
C ASP U 259 85.16 15.03 101.59
N TRP U 260 84.36 15.55 100.66
CA TRP U 260 84.49 16.93 100.18
C TRP U 260 83.62 17.98 100.88
N GLY U 261 84.06 19.24 100.80
CA GLY U 261 83.23 20.40 101.11
C GLY U 261 83.12 20.75 102.60
N ASP U 262 84.16 20.50 103.39
CA ASP U 262 84.31 21.01 104.77
C ASP U 262 85.66 21.71 104.99
N ARG U 263 85.67 22.81 105.75
CA ARG U 263 86.95 23.43 106.21
C ARG U 263 87.23 22.85 107.61
N ASN U 264 86.33 21.99 108.11
CA ASN U 264 86.40 21.37 109.44
C ASN U 264 87.09 19.99 109.44
N LYS U 265 87.74 19.60 108.34
CA LYS U 265 88.32 18.26 108.11
C LYS U 265 89.61 18.35 107.30
N THR U 266 90.71 17.82 107.81
CA THR U 266 91.95 17.68 107.02
C THR U 266 91.72 16.64 105.91
N TYR U 267 91.93 17.02 104.65
CA TYR U 267 91.63 16.13 103.53
C TYR U 267 92.71 15.07 103.32
N TYR U 268 92.27 13.84 103.04
CA TYR U 268 93.10 12.69 102.71
C TYR U 268 92.51 12.05 101.46
N CYS U 269 93.34 11.70 100.48
CA CYS U 269 92.86 11.38 99.12
C CYS U 269 92.42 9.93 98.96
N GLN U 270 93.08 8.97 99.62
CA GLN U 270 92.70 7.56 99.60
C GLN U 270 93.01 6.86 100.93
N THR U 271 92.32 5.75 101.19
CA THR U 271 92.68 4.75 102.20
C THR U 271 93.10 3.46 101.50
N LEU U 272 94.18 2.84 101.98
CA LEU U 272 94.57 1.47 101.57
C LEU U 272 94.92 0.66 102.82
N GLY U 273 94.36 -0.54 102.94
CA GLY U 273 94.42 -1.29 104.20
C GLY U 273 93.84 -0.48 105.37
N THR U 274 94.66 -0.19 106.38
CA THR U 274 94.35 0.73 107.48
C THR U 274 94.84 2.17 107.27
N GLN U 275 95.69 2.41 106.27
CA GLN U 275 96.36 3.70 106.07
C GLN U 275 95.43 4.79 105.53
N ARG U 276 95.87 6.04 105.68
CA ARG U 276 95.37 7.23 104.97
C ARG U 276 96.52 7.86 104.19
N TYR U 277 96.24 8.40 103.01
CA TYR U 277 97.22 9.06 102.15
C TYR U 277 96.86 10.52 101.93
N PHE U 278 97.88 11.36 101.83
CA PHE U 278 97.79 12.81 101.93
C PHE U 278 98.58 13.47 100.81
N LEU U 279 98.15 14.67 100.44
CA LEU U 279 98.72 15.46 99.36
C LEU U 279 99.33 16.73 99.92
N TYR U 280 100.44 17.18 99.35
CA TYR U 280 101.11 18.43 99.71
C TYR U 280 101.55 19.19 98.46
N GLY U 281 101.31 20.49 98.39
CA GLY U 281 101.82 21.33 97.32
C GLY U 281 103.20 21.89 97.66
N THR U 282 104.02 22.22 96.66
CA THR U 282 105.23 23.01 96.90
C THR U 282 105.54 23.92 95.72
N HIS U 283 106.22 25.05 96.00
CA HIS U 283 106.71 25.95 94.93
C HIS U 283 108.20 25.66 94.74
N SER U 284 108.74 24.65 95.44
CA SER U 284 110.16 24.32 95.38
C SER U 284 110.63 23.98 93.97
N THR U 285 111.80 24.47 93.60
CA THR U 285 112.53 24.11 92.37
C THR U 285 113.34 22.81 92.51
N ALA U 286 113.32 22.16 93.68
CA ALA U 286 114.07 20.94 93.93
C ALA U 286 113.68 19.83 92.94
N GLN U 287 114.69 19.22 92.32
CA GLN U 287 114.49 18.18 91.31
C GLN U 287 114.24 16.79 91.93
N ASN U 288 114.72 16.54 93.15
CA ASN U 288 114.69 15.24 93.79
C ASN U 288 113.67 15.21 94.94
N ILE U 289 112.70 14.29 94.86
CA ILE U 289 111.63 14.13 95.86
C ILE U 289 112.17 13.83 97.27
N ASN U 290 113.37 13.25 97.39
CA ASN U 290 113.97 12.93 98.68
C ASN U 290 114.43 14.17 99.47
N ASP U 291 115.03 15.18 98.80
CA ASP U 291 115.69 16.33 99.50
C ASP U 291 114.79 17.53 99.81
N ILE U 292 113.56 17.57 99.33
CA ILE U 292 112.61 18.62 99.70
C ILE U 292 112.49 18.67 101.24
N LYS U 293 112.42 19.88 101.81
CA LYS U 293 112.33 20.06 103.28
C LYS U 293 110.96 19.62 103.81
N LEU U 294 110.80 19.63 105.14
CA LEU U 294 109.46 19.39 105.74
C LEU U 294 108.72 20.75 105.64
N GLN U 295 109.47 21.85 105.49
CA GLN U 295 108.90 23.22 105.41
C GLN U 295 108.30 23.50 104.02
N GLU U 296 108.97 23.08 102.95
CA GLU U 296 108.52 23.39 101.57
C GLU U 296 107.05 22.97 101.36
N LEU U 297 106.65 21.82 101.89
CA LEU U 297 105.29 21.28 101.65
C LEU U 297 104.19 22.23 102.15
N ILE U 298 103.13 22.43 101.38
CA ILE U 298 101.95 23.26 101.77
C ILE U 298 100.82 22.25 102.00
N PRO U 299 100.55 21.82 103.24
CA PRO U 299 99.62 20.72 103.50
C PRO U 299 98.21 21.17 103.18
N LEU U 300 97.33 20.25 102.80
CA LEU U 300 95.93 20.59 102.41
C LEU U 300 94.98 20.20 103.55
N THR U 301 94.39 21.19 104.25
CA THR U 301 93.48 20.97 105.39
C THR U 301 92.09 21.42 105.01
N ASN U 302 91.89 21.90 103.78
CA ASN U 302 90.58 22.31 103.28
C ASN U 302 90.36 21.76 101.87
N THR U 303 89.16 21.30 101.53
CA THR U 303 88.75 21.14 100.12
C THR U 303 87.68 22.12 99.67
N GLN U 304 86.94 22.69 100.63
CA GLN U 304 85.74 23.55 100.36
C GLN U 304 86.04 24.93 99.74
N ASP U 305 87.30 25.37 99.70
CA ASP U 305 87.61 26.73 99.18
C ASP U 305 88.46 26.74 97.92
N TYR U 306 88.45 27.85 97.19
CA TYR U 306 89.33 28.06 96.03
C TYR U 306 90.79 28.39 96.44
N VAL U 307 91.05 28.61 97.72
CA VAL U 307 92.32 29.16 98.23
C VAL U 307 93.52 28.28 97.85
N GLN U 308 94.62 28.92 97.39
CA GLN U 308 95.88 28.26 97.01
C GLN U 308 96.70 27.82 98.22
N GLY U 309 96.52 28.49 99.36
CA GLY U 309 97.46 28.43 100.48
C GLY U 309 98.70 29.27 100.20
N PHE U 310 99.73 29.13 101.03
CA PHE U 310 101.03 29.77 100.86
C PHE U 310 102.13 28.98 101.58
N ASP U 311 103.38 29.25 101.20
CA ASP U 311 104.56 28.58 101.74
C ASP U 311 104.97 29.11 103.14
N TRP U 312 105.67 28.30 103.93
CA TRP U 312 106.18 28.65 105.26
C TRP U 312 107.13 29.86 105.23
N THR U 313 107.75 30.16 104.09
CA THR U 313 108.53 31.39 103.89
C THR U 313 107.70 32.67 104.06
N GLU U 314 106.36 32.60 104.00
CA GLU U 314 105.46 33.72 104.27
C GLU U 314 104.92 33.75 105.71
N LYS U 315 105.52 32.97 106.63
CA LYS U 315 105.22 32.98 108.08
C LYS U 315 105.07 34.40 108.64
N ASP U 316 106.03 35.28 108.32
CA ASP U 316 106.05 36.65 108.80
C ASP U 316 105.05 37.59 108.09
N LYS U 317 104.46 37.20 106.96
CA LYS U 317 103.41 38.00 106.28
C LYS U 317 102.03 37.80 106.91
N HIS U 318 101.81 36.62 107.54
CA HIS U 318 100.51 36.25 108.19
C HIS U 318 100.73 36.06 109.70
N ASN U 319 101.74 36.68 110.29
CA ASN U 319 102.02 36.67 111.73
C ASN U 319 101.93 35.26 112.36
N ILE U 320 102.33 34.24 111.59
CA ILE U 320 102.25 32.83 112.01
C ILE U 320 103.28 32.56 113.09
N THR U 321 102.85 31.93 114.18
CA THR U 321 103.72 31.55 115.32
C THR U 321 104.07 30.06 115.34
N THR U 322 103.24 29.20 114.74
CA THR U 322 103.39 27.74 114.80
C THR U 322 102.94 27.07 113.50
N TYR U 323 103.35 25.82 113.28
CA TYR U 323 102.83 25.01 112.18
C TYR U 323 101.31 24.83 112.27
N LYS U 324 100.70 24.84 113.46
CA LYS U 324 99.24 24.88 113.64
C LYS U 324 98.60 26.10 112.96
N GLU U 325 99.19 27.30 113.11
CA GLU U 325 98.74 28.49 112.38
C GLU U 325 99.11 28.47 110.89
N PHE U 326 100.21 27.80 110.51
CA PHE U 326 100.50 27.56 109.09
C PHE U 326 99.45 26.64 108.43
N LEU U 327 99.04 25.56 109.11
CA LEU U 327 97.95 24.67 108.69
C LEU U 327 96.63 25.43 108.50
N THR U 328 96.25 26.31 109.43
CA THR U 328 94.96 26.99 109.34
C THR U 328 94.98 28.16 108.37
N LYS U 329 96.02 29.01 108.36
CA LYS U 329 96.09 30.16 107.46
C LYS U 329 96.58 29.79 106.06
N GLY U 330 97.56 28.89 105.94
CA GLY U 330 98.36 28.70 104.73
C GLY U 330 98.12 27.41 103.94
N ALA U 331 97.25 26.50 104.41
CA ALA U 331 96.95 25.29 103.66
C ALA U 331 96.24 25.58 102.31
N GLY U 332 96.54 24.76 101.29
CA GLY U 332 96.04 24.93 99.93
C GLY U 332 94.94 23.94 99.57
N ASN U 333 93.94 24.34 98.81
CA ASN U 333 92.92 23.40 98.34
C ASN U 333 93.46 22.66 97.10
N PRO U 334 93.38 21.32 97.02
CA PRO U 334 94.03 20.54 95.95
C PRO U 334 93.48 20.86 94.56
N PHE U 335 92.25 21.40 94.50
CA PHE U 335 91.56 21.78 93.27
C PHE U 335 91.77 23.24 92.88
N HIS U 336 92.68 23.99 93.53
CA HIS U 336 93.09 25.31 93.04
C HIS U 336 93.76 25.18 91.66
N ALA U 337 93.70 26.23 90.83
CA ALA U 337 94.09 26.19 89.42
C ALA U 337 95.53 25.73 89.14
N GLU U 338 96.45 25.87 90.11
CA GLU U 338 97.81 25.31 89.97
C GLU U 338 97.97 23.90 90.55
N TRP U 339 97.27 23.55 91.63
CA TRP U 339 97.35 22.21 92.22
C TRP U 339 96.51 21.16 91.48
N ILE U 340 95.40 21.56 90.85
CA ILE U 340 94.46 20.66 90.14
C ILE U 340 95.13 19.83 89.05
N THR U 341 96.06 20.43 88.31
CA THR U 341 96.89 19.79 87.26
C THR U 341 98.38 19.78 87.62
N ALA U 342 98.72 20.08 88.88
CA ALA U 342 100.09 20.18 89.37
C ALA U 342 101.01 21.04 88.49
N GLN U 343 100.53 22.22 88.06
CA GLN U 343 101.33 23.21 87.34
C GLN U 343 102.59 23.56 88.13
N ASN U 344 102.43 23.74 89.45
CA ASN U 344 103.51 23.68 90.43
C ASN U 344 103.45 22.32 91.13
N PRO U 345 104.57 21.64 91.40
CA PRO U 345 104.57 20.25 91.85
C PRO U 345 103.68 19.97 93.08
N VAL U 346 103.05 18.80 93.06
CA VAL U 346 102.18 18.27 94.12
C VAL U 346 102.68 16.88 94.50
N ILE U 347 102.79 16.63 95.80
CA ILE U 347 103.42 15.46 96.38
C ILE U 347 102.39 14.62 97.11
N HIS U 348 102.30 13.33 96.79
CA HIS U 348 101.40 12.35 97.41
C HIS U 348 102.20 11.47 98.37
N THR U 349 101.72 11.22 99.58
CA THR U 349 102.44 10.46 100.60
C THR U 349 101.50 9.76 101.59
N ALA U 350 101.98 8.69 102.22
CA ALA U 350 101.32 8.10 103.39
C ALA U 350 101.54 8.93 104.67
N ASN U 351 102.53 9.82 104.70
CA ASN U 351 102.88 10.54 105.92
C ASN U 351 101.85 11.62 106.27
N SER U 352 101.07 11.39 107.32
CA SER U 352 100.03 12.31 107.76
C SER U 352 100.62 13.65 108.21
N PRO U 353 99.93 14.79 107.94
CA PRO U 353 100.33 16.09 108.45
C PRO U 353 100.54 16.09 109.96
N THR U 354 99.81 15.28 110.73
CA THR U 354 99.99 15.20 112.18
C THR U 354 101.31 14.56 112.59
N GLN U 355 101.89 13.66 111.79
CA GLN U 355 103.27 13.24 112.03
C GLN U 355 104.24 14.40 111.74
N ILE U 356 103.99 15.18 110.70
CA ILE U 356 104.75 16.42 110.46
C ILE U 356 104.53 17.45 111.58
N GLU U 357 103.32 17.57 112.15
CA GLU U 357 103.04 18.40 113.33
C GLU U 357 103.92 17.95 114.49
N GLN U 358 103.98 16.65 114.77
CA GLN U 358 104.84 16.12 115.83
C GLN U 358 106.30 16.47 115.58
N ILE U 359 106.81 16.37 114.35
CA ILE U 359 108.19 16.76 114.03
C ILE U 359 108.42 18.27 114.22
N TYR U 360 107.52 19.13 113.73
CA TYR U 360 107.61 20.58 113.96
C TYR U 360 107.52 20.94 115.44
N THR U 361 106.46 20.50 116.12
CA THR U 361 106.16 20.89 117.50
C THR U 361 107.19 20.32 118.47
N ALA U 362 107.72 19.12 118.23
CA ALA U 362 108.81 18.56 119.04
C ALA U 362 110.04 19.47 119.00
N SER U 363 110.44 19.98 117.83
CA SER U 363 111.38 21.10 117.72
C SER U 363 111.30 21.82 116.37
N THR U 364 110.96 23.11 116.42
CA THR U 364 110.87 24.00 115.25
C THR U 364 112.23 24.22 114.59
N THR U 365 113.31 24.20 115.39
CA THR U 365 114.69 24.30 114.89
C THR U 365 115.10 23.08 114.06
N THR U 366 114.62 21.87 114.39
CA THR U 366 114.89 20.68 113.56
C THR U 366 113.92 20.53 112.38
N PHE U 367 112.82 21.29 112.33
CA PHE U 367 111.97 21.38 111.13
C PHE U 367 112.73 22.01 109.94
N GLN U 368 113.64 22.94 110.21
CA GLN U 368 114.59 23.47 109.22
C GLN U 368 115.54 22.37 108.71
N ASN U 369 116.04 21.52 109.61
CA ASN U 369 117.01 20.48 109.28
C ASN U 369 116.37 19.29 108.54
N LYS U 370 115.19 18.84 108.97
CA LYS U 370 114.53 17.64 108.42
C LYS U 370 114.10 17.85 106.97
N LYS U 371 114.36 16.83 106.14
CA LYS U 371 113.93 16.71 104.74
C LYS U 371 112.94 15.55 104.58
N LEU U 372 112.49 15.28 103.36
CA LEU U 372 111.62 14.15 103.03
C LEU U 372 112.31 12.78 103.21
N THR U 373 113.64 12.73 103.25
CA THR U 373 114.40 11.58 103.76
C THR U 373 114.15 11.35 105.26
N ASP U 374 114.19 10.10 105.69
CA ASP U 374 114.07 9.68 107.11
C ASP U 374 112.82 10.21 107.83
N LEU U 375 111.73 10.48 107.10
CA LEU U 375 110.42 10.78 107.68
C LEU U 375 109.64 9.50 107.99
N PRO U 376 108.65 9.55 108.90
CA PRO U 376 107.74 8.43 109.12
C PRO U 376 106.90 8.16 107.87
N THR U 377 106.64 6.88 107.58
CA THR U 377 105.89 6.40 106.39
C THR U 377 106.12 7.27 105.14
N PRO U 378 107.37 7.42 104.63
CA PRO U 378 107.62 8.37 103.56
C PRO U 378 107.42 7.89 102.13
N GLY U 379 106.16 7.76 101.69
CA GLY U 379 105.84 7.37 100.31
C GLY U 379 105.72 8.62 99.46
N TYR U 380 106.65 9.56 99.60
CA TYR U 380 106.62 10.85 98.84
C TYR U 380 106.80 10.56 97.35
N ILE U 381 105.80 10.87 96.53
CA ILE U 381 105.82 10.62 95.05
C ILE U 381 105.37 11.93 94.37
N PHE U 382 105.40 12.02 93.04
CA PHE U 382 104.87 13.21 92.32
C PHE U 382 103.59 12.76 91.58
N ILE U 383 102.41 13.15 92.09
CA ILE U 383 101.11 12.70 91.53
C ILE U 383 100.27 13.91 91.15
N THR U 384 99.55 13.84 90.02
CA THR U 384 98.67 14.93 89.55
C THR U 384 97.21 14.58 89.86
N PRO U 385 96.42 15.45 90.55
CA PRO U 385 95.01 15.17 90.83
C PRO U 385 94.16 14.98 89.56
N THR U 386 94.51 15.67 88.48
CA THR U 386 93.86 15.56 87.16
C THR U 386 94.72 14.79 86.18
N VAL U 387 94.07 13.99 85.33
CA VAL U 387 94.64 13.49 84.07
C VAL U 387 93.72 13.90 82.91
N SER U 388 94.28 14.13 81.73
CA SER U 388 93.53 14.38 80.50
C SER U 388 93.51 13.13 79.62
N LEU U 389 92.33 12.66 79.26
CA LEU U 389 92.10 11.55 78.34
C LEU U 389 91.75 12.09 76.94
N ARG U 390 92.01 11.30 75.90
CA ARG U 390 91.48 11.53 74.54
C ARG U 390 90.39 10.51 74.24
N TYR U 391 89.24 10.98 73.79
CA TYR U 391 88.11 10.16 73.36
C TYR U 391 87.86 10.37 71.87
N ASN U 392 87.67 9.29 71.13
CA ASN U 392 87.30 9.32 69.73
C ASN U 392 85.95 8.59 69.56
N PRO U 393 84.88 9.25 69.09
CA PRO U 393 83.57 8.64 68.99
C PRO U 393 83.52 7.49 67.97
N TYR U 394 84.36 7.56 66.94
CA TYR U 394 84.36 6.53 65.85
C TYR U 394 85.11 5.29 66.32
N LYS U 395 85.92 5.42 67.39
CA LYS U 395 86.68 4.29 67.96
C LYS U 395 85.89 3.65 69.11
N ASP U 396 84.66 4.12 69.36
CA ASP U 396 83.83 3.64 70.50
C ASP U 396 82.89 2.51 70.05
N LEU U 397 82.96 1.34 70.71
CA LEU U 397 82.16 0.18 70.33
C LEU U 397 81.07 -0.16 71.35
N ALA U 398 80.98 0.58 72.46
CA ALA U 398 79.93 0.43 73.44
C ALA U 398 79.78 -0.98 74.07
N GLU U 399 80.85 -1.79 74.15
CA GLU U 399 80.74 -3.17 74.65
C GLU U 399 80.71 -3.23 76.19
N ARG U 400 81.37 -2.29 76.87
CA ARG U 400 81.45 -2.22 78.34
C ARG U 400 81.28 -0.80 78.87
N ASN U 401 80.60 0.05 78.11
CA ASN U 401 80.25 1.41 78.50
C ASN U 401 79.19 1.41 79.61
N LYS U 402 79.27 2.36 80.54
CA LYS U 402 78.42 2.43 81.73
C LYS U 402 78.41 3.84 82.30
N CYS U 403 77.38 4.23 83.03
CA CYS U 403 77.19 5.60 83.52
C CYS U 403 76.24 5.63 84.73
N TYR U 404 76.59 6.36 85.79
CA TYR U 404 75.77 6.49 87.01
C TYR U 404 76.19 7.66 87.88
N PHE U 405 75.34 8.05 88.85
CA PHE U 405 75.64 9.09 89.83
C PHE U 405 75.97 8.48 91.21
N VAL U 406 77.00 9.01 91.86
CA VAL U 406 77.39 8.68 93.24
C VAL U 406 77.28 9.92 94.13
N ARG U 407 77.08 9.73 95.43
CA ARG U 407 76.90 10.82 96.40
C ARG U 407 78.24 11.52 96.67
N SER U 408 78.34 12.82 96.43
CA SER U 408 79.60 13.57 96.60
C SER U 408 79.86 13.94 98.07
N LYS U 409 78.91 14.59 98.75
CA LYS U 409 78.98 14.88 100.21
C LYS U 409 78.50 13.70 101.06
N ILE U 410 79.24 12.59 101.06
CA ILE U 410 79.12 11.54 102.08
C ILE U 410 80.47 10.94 102.43
N ASN U 411 80.57 10.35 103.62
CA ASN U 411 81.77 9.69 104.11
C ASN U 411 81.86 8.22 103.62
N ALA U 412 81.91 8.02 102.30
CA ALA U 412 82.01 6.69 101.70
C ALA U 412 83.14 6.61 100.65
N HIS U 413 83.94 5.55 100.74
CA HIS U 413 85.10 5.33 99.89
C HIS U 413 84.71 4.77 98.51
N GLY U 414 85.53 5.06 97.51
CA GLY U 414 85.48 4.40 96.21
C GLY U 414 84.37 4.89 95.28
N TRP U 415 84.38 4.36 94.07
CA TRP U 415 83.61 4.86 92.93
C TRP U 415 82.62 3.83 92.36
N ASP U 416 82.48 2.67 93.00
CA ASP U 416 81.62 1.58 92.46
C ASP U 416 80.19 2.08 92.26
N PRO U 417 79.40 1.55 91.30
CA PRO U 417 78.01 1.94 91.16
C PRO U 417 77.33 1.67 92.48
N GLU U 418 76.60 2.65 93.02
CA GLU U 418 75.97 2.52 94.37
C GLU U 418 74.55 3.09 94.33
N GLN U 419 73.82 2.97 95.45
CA GLN U 419 72.43 3.50 95.55
C GLN U 419 71.57 2.82 94.45
N HIS U 420 70.93 3.59 93.56
CA HIS U 420 70.01 3.04 92.54
C HIS U 420 70.79 2.24 91.49
N GLN U 421 70.56 0.92 91.43
CA GLN U 421 71.21 0.04 90.42
C GLN U 421 70.31 -0.01 89.18
N GLU U 422 69.04 0.40 89.32
CA GLU U 422 68.15 0.50 88.16
C GLU U 422 68.38 1.77 87.34
N LEU U 423 69.04 2.78 87.92
CA LEU U 423 69.40 4.03 87.24
C LEU U 423 70.72 3.94 86.46
N ILE U 424 71.50 2.87 86.63
CA ILE U 424 72.71 2.64 85.85
C ILE U 424 72.33 2.55 84.37
N ASN U 425 73.03 3.33 83.51
CA ASN U 425 72.81 3.36 82.03
C ASN U 425 74.01 2.68 81.37
N SER U 426 73.82 1.65 80.53
CA SER U 426 74.89 0.80 80.02
C SER U 426 74.76 0.53 78.52
N ASP U 427 75.88 0.14 77.89
CA ASP U 427 75.93 -0.48 76.54
C ASP U 427 75.43 0.41 75.38
N LEU U 428 75.71 1.71 75.42
CA LEU U 428 75.57 2.64 74.30
C LEU U 428 76.87 3.44 74.17
N PRO U 429 77.22 3.96 72.98
CA PRO U 429 78.42 4.78 72.84
C PRO U 429 78.28 6.04 73.69
N GLN U 430 79.36 6.51 74.35
CA GLN U 430 79.33 7.62 75.35
C GLN U 430 78.58 8.89 74.90
N TRP U 431 78.61 9.27 73.63
CA TRP U 431 77.85 10.41 73.12
C TRP U 431 76.34 10.16 73.10
N LEU U 432 75.89 8.91 73.00
CA LEU U 432 74.49 8.53 73.14
C LEU U 432 74.14 8.20 74.59
N LEU U 433 75.04 7.55 75.33
CA LEU U 433 74.82 7.15 76.71
C LEU U 433 74.63 8.35 77.65
N LEU U 434 75.39 9.43 77.46
CA LEU U 434 75.31 10.62 78.30
C LEU U 434 74.17 11.56 77.91
N PHE U 435 73.66 11.50 76.68
CA PHE U 435 72.71 12.50 76.18
C PHE U 435 71.40 12.48 76.97
N GLY U 436 71.07 13.59 77.65
CA GLY U 436 69.86 13.69 78.46
C GLY U 436 69.82 12.82 79.71
N TYR U 437 70.85 12.05 80.02
CA TYR U 437 70.87 11.17 81.18
C TYR U 437 70.79 11.93 82.52
N PRO U 438 71.55 13.02 82.75
CA PRO U 438 71.39 13.85 83.93
C PRO U 438 69.98 14.41 84.11
N ASP U 439 69.31 14.81 83.03
CA ASP U 439 67.93 15.31 83.10
C ASP U 439 66.92 14.21 83.38
N TYR U 440 67.10 13.01 82.82
CA TYR U 440 66.28 11.87 83.23
C TYR U 440 66.41 11.61 84.73
N ILE U 441 67.63 11.68 85.27
CA ILE U 441 67.87 11.47 86.70
C ILE U 441 67.24 12.57 87.54
N LYS U 442 67.40 13.85 87.17
CA LYS U 442 66.73 14.96 87.84
C LYS U 442 65.21 14.82 87.82
N ARG U 443 64.61 14.52 86.66
CA ARG U 443 63.13 14.37 86.54
C ARG U 443 62.65 13.14 87.32
N THR U 444 63.47 12.10 87.42
CA THR U 444 63.15 10.91 88.23
C THR U 444 63.07 11.23 89.72
N GLN U 445 63.83 12.21 90.21
CA GLN U 445 63.74 12.70 91.63
C GLN U 445 64.10 11.61 92.66
N ASN U 446 64.79 10.53 92.27
CA ASN U 446 65.26 9.49 93.20
C ASN U 446 66.55 9.87 93.94
N PHE U 447 67.13 11.04 93.65
CA PHE U 447 68.30 11.60 94.32
C PHE U 447 68.01 12.99 94.88
N ALA U 448 68.73 13.38 95.95
CA ALA U 448 68.64 14.75 96.46
C ALA U 448 69.06 15.75 95.37
N LEU U 449 68.21 16.73 95.10
CA LEU U 449 68.14 17.37 93.78
C LEU U 449 69.39 18.20 93.40
N VAL U 450 70.15 18.68 94.39
CA VAL U 450 71.16 19.71 94.15
C VAL U 450 72.43 19.16 93.49
N ASP U 451 72.93 19.86 92.45
CA ASP U 451 74.11 19.41 91.67
C ASP U 451 75.35 19.22 92.55
N THR U 452 75.43 19.93 93.67
CA THR U 452 76.61 19.87 94.55
C THR U 452 76.73 18.58 95.34
N ASN U 453 75.67 17.78 95.42
CA ASN U 453 75.63 16.62 96.32
C ASN U 453 75.86 15.29 95.60
N TYR U 454 76.06 15.30 94.29
CA TYR U 454 76.34 14.11 93.48
C TYR U 454 77.49 14.35 92.51
N ILE U 455 78.11 13.27 92.06
CA ILE U 455 79.07 13.22 90.96
C ILE U 455 78.56 12.21 89.94
N LEU U 456 78.74 12.52 88.66
CA LEU U 456 78.58 11.61 87.55
C LEU U 456 79.91 10.87 87.29
N VAL U 457 79.80 9.55 87.17
CA VAL U 457 80.90 8.60 87.00
C VAL U 457 80.58 7.72 85.80
N ASP U 458 81.54 7.48 84.90
CA ASP U 458 81.30 6.61 83.74
C ASP U 458 82.50 5.72 83.40
N HIS U 459 82.22 4.53 82.89
CA HIS U 459 83.24 3.59 82.40
C HIS U 459 83.23 3.58 80.88
N CYS U 460 84.42 3.63 80.27
CA CYS U 460 84.59 3.58 78.83
C CYS U 460 85.96 2.98 78.49
N PRO U 461 86.02 1.76 77.92
CA PRO U 461 87.25 1.14 77.45
C PRO U 461 88.02 1.92 76.38
N TYR U 462 87.36 2.87 75.70
CA TYR U 462 87.76 3.34 74.37
C TYR U 462 88.52 4.66 74.35
N THR U 463 88.80 5.28 75.50
CA THR U 463 89.81 6.34 75.55
C THR U 463 91.21 5.74 75.35
N ASN U 464 92.12 6.50 74.74
CA ASN U 464 93.46 5.98 74.39
C ASN U 464 94.34 5.74 75.63
N PRO U 465 94.55 6.73 76.52
CA PRO U 465 94.84 6.46 77.92
C PRO U 465 93.55 6.02 78.63
N GLU U 466 93.63 5.45 79.83
CA GLU U 466 92.46 5.00 80.57
C GLU U 466 92.55 5.32 82.07
N LYS U 467 91.39 5.38 82.70
CA LYS U 467 91.18 5.28 84.15
C LYS U 467 89.94 4.41 84.36
N THR U 468 89.90 3.60 85.43
CA THR U 468 88.89 2.53 85.55
C THR U 468 87.46 3.10 85.49
N PRO U 469 87.02 3.97 86.41
CA PRO U 469 86.01 4.97 86.10
C PRO U 469 86.66 6.29 85.64
N PHE U 470 85.80 7.13 85.05
CA PHE U 470 86.20 8.52 84.71
C PHE U 470 85.37 9.42 85.60
N ILE U 471 85.91 10.55 86.06
CA ILE U 471 85.10 11.55 86.82
C ILE U 471 85.19 12.83 85.97
N PRO U 472 84.47 12.94 84.83
CA PRO U 472 84.68 14.08 83.95
C PRO U 472 84.65 15.40 84.70
N LEU U 473 85.51 16.35 84.36
CA LEU U 473 85.52 17.70 84.92
C LEU U 473 85.60 18.73 83.80
N SER U 474 84.84 19.81 83.91
CA SER U 474 84.83 20.86 82.89
C SER U 474 86.12 21.67 82.92
N THR U 475 86.52 22.17 81.75
CA THR U 475 87.68 23.04 81.60
C THR U 475 87.61 24.25 82.53
N SER U 476 86.41 24.78 82.83
CA SER U 476 86.23 25.84 83.82
C SER U 476 86.70 25.45 85.24
N PHE U 477 86.38 24.25 85.73
CA PHE U 477 86.86 23.78 87.04
C PHE U 477 88.35 23.43 87.03
N ILE U 478 88.86 22.90 85.91
CA ILE U 478 90.29 22.66 85.68
C ILE U 478 91.08 23.97 85.53
N GLU U 479 90.42 25.09 85.26
CA GLU U 479 91.01 26.43 85.14
C GLU U 479 90.60 27.38 86.28
N GLY U 480 89.93 26.91 87.32
CA GLY U 480 89.59 27.76 88.47
C GLY U 480 88.57 28.85 88.16
N ARG U 481 87.41 28.47 87.60
CA ARG U 481 86.37 29.44 87.18
C ARG U 481 84.96 28.84 87.36
N SER U 482 83.94 29.69 87.53
CA SER U 482 82.55 29.23 87.75
C SER U 482 81.99 28.43 86.55
N PRO U 483 81.02 27.51 86.76
CA PRO U 483 80.59 26.52 85.78
C PRO U 483 80.29 27.03 84.36
N TYR U 484 79.70 28.23 84.23
CA TYR U 484 79.40 28.89 82.95
C TYR U 484 79.90 30.35 82.93
N SER U 485 81.10 30.59 83.42
CA SER U 485 81.70 31.94 83.48
C SER U 485 82.73 32.15 82.37
N PRO U 486 82.79 33.33 81.72
CA PRO U 486 83.68 33.57 80.59
C PRO U 486 85.16 33.49 80.97
N SER U 487 85.97 32.98 80.05
CA SER U 487 87.39 32.63 80.25
C SER U 487 88.29 33.80 80.67
N ASP U 488 87.85 35.05 80.52
CA ASP U 488 88.64 36.24 80.99
C ASP U 488 88.75 36.19 82.52
N THR U 489 87.82 35.50 83.18
CA THR U 489 87.78 35.35 84.64
C THR U 489 88.80 34.28 85.09
N HIS U 490 89.47 34.50 86.23
CA HIS U 490 90.50 33.56 86.78
C HIS U 490 90.21 33.23 88.25
N GLU U 491 88.97 33.35 88.71
CA GLU U 491 88.49 32.99 90.04
C GLU U 491 87.01 32.57 89.98
N PRO U 492 86.54 31.66 90.84
CA PRO U 492 85.11 31.48 91.05
C PRO U 492 84.44 32.74 91.59
N ASP U 493 83.15 32.92 91.30
CA ASP U 493 82.27 33.87 92.02
C ASP U 493 82.00 33.38 93.45
N GLU U 494 81.66 34.26 94.40
CA GLU U 494 81.69 33.94 95.85
C GLU U 494 80.97 32.64 96.23
N GLU U 495 79.81 32.36 95.64
CA GLU U 495 79.05 31.12 95.91
C GLU U 495 79.74 29.85 95.36
N ASP U 496 80.55 29.98 94.30
CA ASP U 496 81.44 28.93 93.81
C ASP U 496 82.86 28.99 94.43
N GLN U 497 83.24 30.09 95.10
CA GLN U 497 84.45 30.10 95.95
C GLN U 497 84.22 29.20 97.17
N ASN U 498 83.02 29.24 97.74
CA ASN U 498 82.48 28.17 98.56
C ASN U 498 82.14 26.93 97.71
N ARG U 499 82.12 25.77 98.40
CA ARG U 499 81.78 24.47 97.76
C ARG U 499 82.68 24.22 96.56
N TRP U 500 83.96 24.62 96.60
CA TRP U 500 84.92 24.41 95.47
C TRP U 500 85.49 23.00 95.51
N TYR U 501 84.66 22.00 95.19
CA TYR U 501 85.04 20.59 95.21
C TYR U 501 84.31 19.80 94.10
N PRO U 502 84.80 18.63 93.68
CA PRO U 502 84.17 17.81 92.65
C PRO U 502 82.67 17.53 92.89
N CYS U 503 81.83 17.97 91.97
CA CYS U 503 80.40 17.68 91.95
C CYS U 503 79.83 17.95 90.56
N TYR U 504 78.64 17.43 90.27
CA TYR U 504 77.99 17.46 88.96
C TYR U 504 77.90 18.87 88.37
N GLN U 505 77.77 19.91 89.19
CA GLN U 505 77.71 21.32 88.72
C GLN U 505 78.97 21.69 87.92
N TYR U 506 80.14 21.16 88.30
CA TYR U 506 81.38 21.40 87.57
C TYR U 506 81.63 20.40 86.43
N GLN U 507 80.86 19.32 86.32
CA GLN U 507 81.00 18.32 85.26
C GLN U 507 80.20 18.64 83.99
N GLN U 508 79.20 19.53 84.08
CA GLN U 508 78.19 19.73 83.03
C GLN U 508 78.76 20.01 81.64
N GLU U 509 79.72 20.93 81.51
CA GLU U 509 80.28 21.28 80.21
C GLU U 509 81.10 20.13 79.62
N SER U 510 81.76 19.31 80.44
CA SER U 510 82.51 18.14 79.94
C SER U 510 81.60 17.08 79.32
N ILE U 511 80.47 16.73 79.95
CA ILE U 511 79.56 15.75 79.37
C ILE U 511 78.78 16.32 78.19
N ASN U 512 78.51 17.63 78.16
CA ASN U 512 78.00 18.26 76.96
C ASN U 512 79.01 18.16 75.82
N SER U 513 80.30 18.37 76.09
CA SER U 513 81.36 18.25 75.10
C SER U 513 81.49 16.82 74.55
N ILE U 514 81.33 15.80 75.39
CA ILE U 514 81.24 14.41 74.94
C ILE U 514 80.02 14.17 74.06
N CYS U 515 78.84 14.69 74.42
CA CYS U 515 77.66 14.60 73.57
C CYS U 515 77.81 15.33 72.23
N LEU U 516 78.45 16.49 72.21
CA LEU U 516 78.80 17.21 70.99
C LEU U 516 79.75 16.44 70.07
N SER U 517 80.50 15.47 70.58
CA SER U 517 81.28 14.58 69.70
C SER U 517 80.39 13.65 68.87
N GLY U 518 79.14 13.41 69.29
CA GLY U 518 78.20 12.56 68.56
C GLY U 518 77.59 13.23 67.32
N PRO U 519 77.08 12.43 66.38
CA PRO U 519 76.52 12.93 65.13
C PRO U 519 75.22 13.71 65.31
N GLY U 520 74.92 14.57 64.34
CA GLY U 520 73.72 15.41 64.25
C GLY U 520 73.72 16.64 65.15
N THR U 521 74.65 16.75 66.10
CA THR U 521 74.69 17.87 67.04
C THR U 521 75.08 19.18 66.33
N PRO U 522 74.32 20.27 66.51
CA PRO U 522 74.50 21.50 65.73
C PRO U 522 75.75 22.32 66.09
N LYS U 523 76.18 23.15 65.14
CA LYS U 523 77.20 24.20 65.33
C LYS U 523 76.51 25.54 65.56
N ILE U 524 76.68 26.15 66.74
CA ILE U 524 76.09 27.46 67.05
C ILE U 524 77.23 28.41 67.44
N PRO U 525 77.43 29.54 66.74
CA PRO U 525 78.46 30.50 67.11
C PRO U 525 78.32 31.01 68.55
N LYS U 526 79.43 31.23 69.26
CA LYS U 526 79.38 31.76 70.63
C LYS U 526 78.72 33.13 70.67
N GLY U 527 77.83 33.32 71.64
CA GLY U 527 77.01 34.52 71.78
C GLY U 527 75.71 34.52 70.97
N ILE U 528 75.43 33.49 70.16
CA ILE U 528 74.16 33.31 69.45
C ILE U 528 73.32 32.26 70.20
N THR U 529 72.03 32.55 70.39
CA THR U 529 71.06 31.58 70.90
C THR U 529 70.16 31.16 69.77
N ALA U 530 70.12 29.86 69.47
CA ALA U 530 69.18 29.29 68.53
C ALA U 530 67.84 29.02 69.23
N GLU U 531 66.73 29.15 68.51
CA GLU U 531 65.38 29.05 69.07
C GLU U 531 64.48 28.30 68.10
N ALA U 532 63.43 27.66 68.59
CA ALA U 532 62.37 27.11 67.76
C ALA U 532 61.01 27.34 68.41
N LYS U 533 59.97 27.49 67.60
CA LYS U 533 58.60 27.70 68.07
C LYS U 533 57.58 26.95 67.24
N VAL U 534 56.47 26.61 67.87
CA VAL U 534 55.27 26.08 67.24
C VAL U 534 54.11 27.03 67.53
N LYS U 535 53.19 27.21 66.59
CA LYS U 535 51.89 27.82 66.86
C LYS U 535 50.86 26.71 67.00
N TYR U 536 50.13 26.70 68.10
CA TYR U 536 49.12 25.69 68.40
C TYR U 536 47.72 26.26 68.31
N SER U 537 46.75 25.40 68.05
CA SER U 537 45.34 25.69 68.16
C SER U 537 44.63 24.44 68.68
N PHE U 538 44.30 24.42 69.98
CA PHE U 538 43.51 23.34 70.58
C PHE U 538 42.03 23.63 70.44
N ASN U 539 41.25 22.66 69.98
CA ASN U 539 39.83 22.83 69.71
C ASN U 539 39.01 22.23 70.85
N PHE U 540 38.20 23.07 71.48
CA PHE U 540 37.30 22.69 72.56
C PHE U 540 35.89 23.18 72.26
N LYS U 541 34.91 22.58 72.91
CA LYS U 541 33.59 23.16 73.11
C LYS U 541 33.34 23.26 74.60
N TRP U 542 32.66 24.31 75.03
CA TRP U 542 32.19 24.49 76.40
C TRP U 542 30.69 24.26 76.44
N GLY U 543 30.19 23.52 77.44
CA GLY U 543 28.79 23.14 77.53
C GLY U 543 28.18 23.51 78.87
N GLY U 544 26.90 23.88 78.85
CA GLY U 544 26.18 24.18 80.10
C GLY U 544 24.75 24.61 79.85
N ASP U 545 24.04 24.84 80.96
CA ASP U 545 22.80 25.62 80.95
C ASP U 545 23.10 27.11 80.69
N LEU U 546 22.10 27.85 80.21
CA LEU U 546 22.28 29.24 79.79
C LEU U 546 22.76 30.14 80.95
N PRO U 547 23.82 30.93 80.76
CA PRO U 547 24.37 31.80 81.80
C PRO U 547 23.63 33.15 81.93
N PRO U 548 23.83 33.88 83.04
CA PRO U 548 23.36 35.26 83.20
C PRO U 548 24.21 36.28 82.43
N MET U 549 23.74 37.54 82.32
CA MET U 549 24.39 38.62 81.57
C MET U 549 24.02 40.01 82.14
N SER U 550 24.78 41.07 81.84
CA SER U 550 24.53 42.45 82.30
C SER U 550 24.73 43.51 81.20
N THR U 551 24.23 44.73 81.43
CA THR U 551 24.08 45.79 80.42
C THR U 551 24.53 47.16 80.93
N ILE U 552 24.77 48.09 80.01
CA ILE U 552 25.35 49.43 80.23
C ILE U 552 24.34 50.51 79.86
N THR U 553 24.32 51.65 80.58
CA THR U 553 23.41 52.77 80.27
C THR U 553 23.64 53.30 78.85
N ASN U 554 22.59 53.69 78.14
CA ASN U 554 22.73 54.30 76.82
C ASN U 554 23.38 55.71 76.84
N PRO U 555 22.99 56.65 77.75
CA PRO U 555 23.53 58.01 77.71
C PRO U 555 25.02 58.07 77.97
N THR U 556 25.53 57.33 78.96
CA THR U 556 26.98 57.28 79.25
C THR U 556 27.57 56.08 78.52
N ASP U 557 27.79 56.20 77.21
CA ASP U 557 28.30 55.06 76.39
C ASP U 557 29.21 55.62 75.29
N GLN U 558 29.82 54.75 74.49
CA GLN U 558 30.73 55.19 73.39
C GLN U 558 30.09 56.40 72.68
N PRO U 559 30.67 57.62 72.77
CA PRO U 559 30.04 58.79 72.18
C PRO U 559 30.37 58.95 70.70
N THR U 560 29.39 59.40 69.91
CA THR U 560 29.64 59.65 68.47
C THR U 560 30.67 60.77 68.30
N TYR U 561 31.42 60.78 67.19
CA TYR U 561 32.44 61.80 66.93
C TYR U 561 31.88 63.25 67.04
N VAL U 562 30.60 63.44 66.71
CA VAL U 562 29.87 64.70 66.85
C VAL U 562 29.91 65.22 68.29
N LYS V 48 24.66 11.48 -69.09
CA LYS V 48 23.73 11.04 -70.17
C LYS V 48 23.16 12.22 -70.94
N ARG V 49 22.30 13.05 -70.34
CA ARG V 49 21.78 14.30 -70.92
C ARG V 49 21.75 15.41 -69.88
N LEU V 50 22.03 16.64 -70.30
CA LEU V 50 22.12 17.81 -69.43
C LEU V 50 21.15 18.90 -69.89
N ASN V 51 20.65 19.69 -68.95
CA ASN V 51 19.96 20.93 -69.27
C ASN V 51 20.93 21.93 -69.93
N ILE V 52 20.49 22.59 -70.98
CA ILE V 52 21.21 23.74 -71.53
C ILE V 52 21.03 24.93 -70.57
N VAL V 53 22.12 25.61 -70.27
CA VAL V 53 22.19 26.71 -69.31
C VAL V 53 22.80 27.93 -69.99
N GLU V 54 22.33 29.12 -69.64
CA GLU V 54 22.86 30.39 -70.10
C GLU V 54 23.31 31.23 -68.91
N TRP V 55 24.37 32.02 -69.08
CA TRP V 55 24.84 32.94 -68.05
C TRP V 55 24.20 34.31 -68.26
N GLN V 56 23.53 34.76 -67.20
CA GLN V 56 22.74 36.02 -67.26
C GLN V 56 23.65 37.22 -67.51
N PRO V 57 23.22 38.20 -68.31
CA PRO V 57 24.03 39.37 -68.65
C PRO V 57 24.19 40.31 -67.45
N LYS V 58 25.23 41.17 -67.52
CA LYS V 58 25.71 41.97 -66.39
C LYS V 58 24.67 42.95 -65.84
N SER V 59 23.90 43.61 -66.72
CA SER V 59 22.78 44.48 -66.33
C SER V 59 21.52 44.15 -67.13
N ILE V 60 20.37 44.17 -66.46
CA ILE V 60 19.07 43.78 -67.00
C ILE V 60 18.02 44.85 -66.64
N ARG V 61 17.15 45.20 -67.60
CA ARG V 61 16.07 46.21 -67.39
C ARG V 61 14.73 45.79 -68.00
N LYS V 62 13.74 45.43 -67.19
CA LYS V 62 12.38 45.07 -67.65
C LYS V 62 11.75 46.24 -68.39
N CYS V 63 11.07 45.96 -69.49
CA CYS V 63 10.32 46.94 -70.27
C CYS V 63 9.01 46.34 -70.77
N ARG V 64 7.88 46.97 -70.38
CA ARG V 64 6.54 46.59 -70.90
C ARG V 64 6.13 47.57 -72.00
N ILE V 65 6.17 47.14 -73.27
CA ILE V 65 5.73 47.96 -74.39
C ILE V 65 4.20 47.97 -74.37
N LYS V 66 3.59 49.05 -73.89
CA LYS V 66 2.15 49.18 -73.65
C LYS V 66 1.52 50.11 -74.67
N GLY V 67 0.38 49.74 -75.24
CA GLY V 67 -0.30 50.58 -76.22
C GLY V 67 -1.66 50.05 -76.65
N MET V 68 -2.23 50.69 -77.65
CA MET V 68 -3.58 50.42 -78.16
C MET V 68 -3.50 50.08 -79.66
N LEU V 69 -4.16 49.01 -80.10
CA LEU V 69 -4.18 48.57 -81.50
C LEU V 69 -5.61 48.54 -82.03
N CYS V 70 -5.86 49.17 -83.17
CA CYS V 70 -7.13 49.08 -83.87
C CYS V 70 -7.26 47.72 -84.60
N LEU V 71 -8.28 46.93 -84.27
CA LEU V 71 -8.49 45.61 -84.89
C LEU V 71 -9.19 45.73 -86.24
N PHE V 72 -10.21 46.57 -86.34
CA PHE V 72 -10.82 46.96 -87.61
C PHE V 72 -11.50 48.31 -87.41
N GLN V 73 -11.76 49.01 -88.50
CA GLN V 73 -12.76 50.07 -88.54
C GLN V 73 -13.47 50.00 -89.88
N THR V 74 -14.79 49.81 -89.84
CA THR V 74 -15.58 49.34 -90.98
C THR V 74 -16.89 50.06 -91.13
N THR V 75 -17.30 50.26 -92.38
CA THR V 75 -18.69 50.50 -92.78
C THR V 75 -19.30 49.19 -93.31
N GLU V 76 -20.60 49.17 -93.60
CA GLU V 76 -21.27 47.98 -94.15
C GLU V 76 -20.73 47.54 -95.53
N ASP V 77 -20.37 48.50 -96.38
CA ASP V 77 -19.85 48.28 -97.73
C ASP V 77 -18.38 47.85 -97.77
N ARG V 78 -17.73 47.71 -96.62
CA ARG V 78 -16.35 47.22 -96.48
C ARG V 78 -16.22 45.98 -95.59
N LEU V 79 -17.31 45.37 -95.14
CA LEU V 79 -17.26 44.26 -94.18
C LEU V 79 -16.48 43.04 -94.67
N SER V 80 -16.55 42.72 -95.95
CA SER V 80 -15.86 41.54 -96.52
C SER V 80 -14.39 41.76 -96.86
N TYR V 81 -13.81 42.92 -96.55
CA TYR V 81 -12.43 43.28 -96.89
C TYR V 81 -11.52 43.40 -95.67
N ASN V 82 -10.24 43.13 -95.86
CA ASN V 82 -9.21 43.23 -94.84
C ASN V 82 -8.88 44.70 -94.53
N PHE V 83 -8.97 45.09 -93.25
CA PHE V 83 -8.53 46.37 -92.75
C PHE V 83 -7.01 46.44 -92.59
N ASP V 84 -6.37 47.29 -93.39
CA ASP V 84 -5.01 47.77 -93.14
C ASP V 84 -5.09 49.23 -92.71
N MET V 85 -4.46 49.57 -91.58
CA MET V 85 -4.43 50.95 -91.08
C MET V 85 -3.50 51.85 -91.90
N TYR V 86 -2.48 51.25 -92.51
CA TYR V 86 -1.52 51.90 -93.40
C TYR V 86 -1.81 51.43 -94.83
N GLU V 87 -2.36 52.34 -95.64
CA GLU V 87 -3.24 52.05 -96.76
C GLU V 87 -2.60 51.86 -98.13
N GLU V 88 -3.33 51.22 -99.04
CA GLU V 88 -3.19 51.48 -100.47
C GLU V 88 -3.89 52.83 -100.70
N SER V 89 -3.14 53.87 -101.11
CA SER V 89 -3.48 55.30 -100.92
C SER V 89 -4.86 55.77 -101.43
N ILE V 90 -5.50 55.02 -102.31
CA ILE V 90 -6.87 55.27 -102.77
C ILE V 90 -7.95 54.84 -101.76
N ILE V 91 -7.72 53.80 -100.96
CA ILE V 91 -8.73 53.22 -100.07
C ILE V 91 -9.32 54.24 -99.09
N PRO V 92 -8.54 55.04 -98.32
CA PRO V 92 -9.14 55.99 -97.39
C PRO V 92 -9.76 57.22 -98.07
N GLU V 93 -9.56 57.45 -99.37
CA GLU V 93 -10.21 58.57 -100.07
C GLU V 93 -11.72 58.33 -100.16
N LYS V 94 -12.48 59.10 -99.37
CA LYS V 94 -13.94 58.99 -99.25
C LYS V 94 -14.44 57.62 -98.72
N LEU V 95 -13.63 56.89 -97.96
CA LEU V 95 -14.08 55.80 -97.08
C LEU V 95 -13.64 56.03 -95.63
N PRO V 96 -14.56 56.10 -94.65
CA PRO V 96 -14.20 56.31 -93.25
C PRO V 96 -13.72 55.02 -92.54
N GLY V 97 -13.96 53.84 -93.11
CA GLY V 97 -13.43 52.57 -92.61
C GLY V 97 -13.11 51.60 -93.75
N GLY V 98 -11.93 51.00 -93.72
CA GLY V 98 -11.38 50.26 -94.87
C GLY V 98 -11.73 48.78 -94.92
N GLY V 99 -12.14 48.15 -93.82
CA GLY V 99 -12.35 46.70 -93.80
C GLY V 99 -12.95 46.18 -92.50
N GLY V 100 -13.72 45.10 -92.58
CA GLY V 100 -14.44 44.49 -91.44
C GLY V 100 -13.75 43.31 -90.78
N PHE V 101 -12.61 42.88 -91.30
CA PHE V 101 -11.76 41.90 -90.64
C PHE V 101 -10.31 42.33 -90.77
N SER V 102 -9.41 41.84 -89.93
CA SER V 102 -7.98 42.00 -90.17
C SER V 102 -7.19 40.79 -89.74
N ILE V 103 -6.02 40.62 -90.35
CA ILE V 103 -4.94 39.80 -89.81
C ILE V 103 -3.79 40.75 -89.46
N LYS V 104 -3.41 40.80 -88.19
CA LYS V 104 -2.30 41.59 -87.65
C LYS V 104 -1.14 40.66 -87.33
N ASN V 105 0.06 40.96 -87.79
CA ASN V 105 1.29 40.37 -87.26
C ASN V 105 2.04 41.42 -86.45
N ILE V 106 2.42 41.09 -85.22
CA ILE V 106 3.17 41.98 -84.33
C ILE V 106 4.60 41.49 -84.18
N SER V 107 5.57 42.38 -84.38
CA SER V 107 6.99 42.15 -84.17
C SER V 107 7.57 43.33 -83.41
N LEU V 108 8.72 43.16 -82.78
CA LEU V 108 9.40 44.23 -82.06
C LEU V 108 9.70 45.45 -82.96
N TYR V 109 9.97 45.25 -84.24
CA TYR V 109 10.09 46.34 -85.19
C TYR V 109 8.75 47.03 -85.49
N ALA V 110 7.65 46.29 -85.62
CA ALA V 110 6.32 46.87 -85.73
C ALA V 110 5.92 47.65 -84.45
N LEU V 111 6.29 47.17 -83.26
CA LEU V 111 6.12 47.91 -82.02
C LEU V 111 6.93 49.20 -81.99
N TYR V 112 8.16 49.21 -82.49
CA TYR V 112 8.93 50.43 -82.69
C TYR V 112 8.27 51.38 -83.70
N GLN V 113 7.74 50.88 -84.81
CA GLN V 113 7.01 51.72 -85.76
C GLN V 113 5.74 52.32 -85.14
N GLU V 114 5.00 51.60 -84.32
CA GLU V 114 3.87 52.15 -83.58
C GLU V 114 4.31 53.21 -82.56
N HIS V 115 5.56 53.16 -82.06
CA HIS V 115 6.10 54.20 -81.16
C HIS V 115 6.39 55.48 -81.94
N ILE V 116 6.75 55.37 -83.24
CA ILE V 116 6.91 56.55 -84.10
C ILE V 116 5.58 57.24 -84.40
N HIS V 117 4.48 56.48 -84.46
CA HIS V 117 3.11 57.03 -84.51
C HIS V 117 2.57 57.48 -83.15
N ALA V 118 3.36 57.40 -82.08
CA ALA V 118 2.96 57.66 -80.69
C ALA V 118 1.80 56.79 -80.19
N HIS V 119 1.61 55.60 -80.76
CA HIS V 119 0.54 54.67 -80.38
C HIS V 119 0.89 53.81 -79.17
N ASN V 120 2.15 53.79 -78.73
CA ASN V 120 2.58 53.05 -77.55
C ASN V 120 3.67 53.79 -76.76
N ILE V 121 3.89 53.33 -75.54
CA ILE V 121 5.02 53.71 -74.69
C ILE V 121 5.94 52.50 -74.51
N PHE V 122 7.24 52.75 -74.38
CA PHE V 122 8.19 51.76 -73.86
C PHE V 122 8.49 52.14 -72.42
N THR V 123 8.20 51.25 -71.47
CA THR V 123 8.40 51.54 -70.03
C THR V 123 9.86 51.77 -69.66
N HIS V 124 10.77 51.23 -70.46
CA HIS V 124 12.22 51.48 -70.30
C HIS V 124 12.82 51.54 -71.70
N THR V 125 13.71 52.48 -71.98
CA THR V 125 14.45 52.54 -73.24
C THR V 125 15.40 51.37 -73.41
N ASN V 126 15.78 51.11 -74.66
CA ASN V 126 16.65 50.01 -75.06
C ASN V 126 17.97 50.50 -75.69
N THR V 127 18.32 51.78 -75.56
CA THR V 127 19.34 52.43 -76.42
C THR V 127 20.74 51.82 -76.29
N ASP V 128 21.12 51.38 -75.09
CA ASP V 128 22.47 50.92 -74.78
C ASP V 128 22.52 49.50 -74.20
N ARG V 129 21.43 48.74 -74.38
CA ARG V 129 21.36 47.31 -73.96
C ARG V 129 20.91 46.56 -75.22
N PRO V 130 21.80 45.87 -75.98
CA PRO V 130 21.48 45.31 -77.28
C PRO V 130 20.80 43.94 -77.24
N LEU V 131 20.83 43.24 -76.11
CA LEU V 131 20.14 41.96 -75.95
C LEU V 131 18.67 42.17 -75.57
N ALA V 132 17.82 41.23 -75.96
CA ALA V 132 16.41 41.18 -75.60
C ALA V 132 16.01 39.78 -75.15
N ARG V 133 15.08 39.72 -74.19
CA ARG V 133 14.53 38.44 -73.66
C ARG V 133 13.00 38.58 -73.59
N TYR V 134 12.27 38.23 -74.65
CA TYR V 134 10.82 38.31 -74.73
C TYR V 134 10.13 37.26 -73.84
N THR V 135 9.17 37.68 -73.02
CA THR V 135 8.55 36.82 -71.98
C THR V 135 7.08 36.51 -72.27
N GLY V 136 6.47 37.16 -73.26
CA GLY V 136 5.06 36.98 -73.60
C GLY V 136 4.27 38.29 -73.62
N CYS V 137 2.98 38.18 -73.86
CA CYS V 137 2.10 39.31 -74.06
C CYS V 137 0.85 39.22 -73.18
N SER V 138 0.31 40.35 -72.74
CA SER V 138 -1.06 40.46 -72.24
C SER V 138 -1.90 41.27 -73.22
N LEU V 139 -3.07 40.77 -73.60
CA LEU V 139 -4.06 41.51 -74.37
C LEU V 139 -5.31 41.78 -73.54
N LYS V 140 -5.86 42.98 -73.61
CA LYS V 140 -7.21 43.33 -73.14
C LYS V 140 -8.05 43.73 -74.33
N PHE V 141 -9.04 42.92 -74.67
CA PHE V 141 -9.97 43.19 -75.76
C PHE V 141 -11.19 43.91 -75.22
N TYR V 142 -11.50 45.09 -75.74
CA TYR V 142 -12.61 45.89 -75.23
C TYR V 142 -13.90 45.62 -75.98
N GLN V 143 -15.02 45.58 -75.27
CA GLN V 143 -16.34 45.64 -75.89
C GLN V 143 -16.49 46.94 -76.68
N SER V 144 -16.80 46.85 -77.97
CA SER V 144 -17.22 48.02 -78.72
C SER V 144 -18.62 48.44 -78.30
N LYS V 145 -19.00 49.69 -78.58
CA LYS V 145 -20.35 50.18 -78.29
C LYS V 145 -21.40 49.47 -79.15
N ASP V 146 -21.20 49.44 -80.46
CA ASP V 146 -22.24 49.08 -81.45
C ASP V 146 -22.06 47.72 -82.15
N ILE V 147 -20.86 47.12 -82.11
CA ILE V 147 -20.58 45.89 -82.92
C ILE V 147 -19.93 44.79 -82.08
N ASP V 148 -20.30 43.54 -82.31
CA ASP V 148 -19.67 42.38 -81.62
C ASP V 148 -18.46 42.01 -82.48
N TYR V 149 -17.59 41.10 -82.03
CA TYR V 149 -16.48 40.67 -82.91
C TYR V 149 -15.78 39.43 -82.38
N VAL V 150 -15.37 38.54 -83.26
CA VAL V 150 -14.64 37.31 -82.94
C VAL V 150 -13.17 37.59 -83.09
N VAL V 151 -12.36 37.14 -82.15
CA VAL V 151 -10.89 37.13 -82.26
C VAL V 151 -10.40 35.70 -82.20
N THR V 152 -9.37 35.38 -82.96
CA THR V 152 -8.49 34.25 -82.63
C THR V 152 -7.05 34.64 -82.92
N TYR V 153 -6.10 34.07 -82.20
CA TYR V 153 -4.70 34.43 -82.30
C TYR V 153 -3.84 33.19 -82.39
N SER V 154 -2.64 33.35 -82.92
CA SER V 154 -1.68 32.27 -83.08
C SER V 154 -0.27 32.76 -82.78
N THR V 155 0.65 31.86 -82.43
CA THR V 155 2.08 32.21 -82.20
C THR V 155 2.97 31.17 -82.86
N SER V 156 2.48 30.42 -83.84
CA SER V 156 3.37 29.51 -84.60
C SER V 156 4.42 30.40 -85.29
N LEU V 157 5.68 30.34 -84.86
CA LEU V 157 6.73 31.25 -85.40
C LEU V 157 6.63 31.29 -86.93
N PRO V 158 6.48 30.15 -87.65
CA PRO V 158 6.31 30.19 -89.10
C PRO V 158 5.10 31.06 -89.44
N LEU V 159 5.31 32.17 -90.15
CA LEU V 159 4.21 33.10 -90.52
C LEU V 159 3.91 32.96 -92.02
N ARG V 160 2.65 32.72 -92.38
CA ARG V 160 2.24 32.60 -93.81
C ARG V 160 0.72 32.85 -93.92
N SER V 161 0.24 33.17 -95.13
CA SER V 161 -1.21 33.40 -95.39
C SER V 161 -1.74 32.22 -96.21
N SER V 162 -3.04 31.95 -96.13
CA SER V 162 -3.67 30.82 -96.88
C SER V 162 -5.06 31.23 -97.38
N MET V 163 -5.52 30.62 -98.47
CA MET V 163 -6.86 30.87 -99.01
C MET V 163 -7.95 30.41 -98.02
N GLY V 164 -7.74 29.28 -97.35
CA GLY V 164 -8.61 28.77 -96.31
C GLY V 164 -8.64 29.66 -95.07
N MET V 165 -7.52 30.28 -94.68
CA MET V 165 -7.50 31.29 -93.62
C MET V 165 -8.41 32.47 -93.97
N TYR V 166 -8.27 33.07 -95.15
CA TYR V 166 -9.06 34.24 -95.53
C TYR V 166 -10.55 33.91 -95.66
N ASN V 167 -10.93 32.75 -96.20
CA ASN V 167 -12.33 32.32 -96.19
C ASN V 167 -12.83 32.10 -94.76
N SER V 168 -12.02 31.46 -93.90
CA SER V 168 -12.42 31.21 -92.51
C SER V 168 -12.57 32.47 -91.66
N MET V 169 -12.14 33.64 -92.14
CA MET V 169 -12.45 34.92 -91.52
C MET V 169 -13.92 35.30 -91.62
N GLN V 170 -14.72 34.63 -92.45
CA GLN V 170 -16.15 34.90 -92.56
C GLN V 170 -16.78 34.76 -91.17
N PRO V 171 -17.61 35.71 -90.70
CA PRO V 171 -17.98 35.79 -89.29
C PRO V 171 -18.61 34.52 -88.71
N SER V 172 -19.47 33.83 -89.45
CA SER V 172 -20.08 32.58 -89.03
C SER V 172 -19.04 31.45 -88.91
N ILE V 173 -18.12 31.36 -89.87
CA ILE V 173 -17.06 30.34 -89.87
C ILE V 173 -16.05 30.59 -88.77
N HIS V 174 -15.60 31.82 -88.59
CA HIS V 174 -14.70 32.21 -87.52
C HIS V 174 -15.36 31.94 -86.15
N LEU V 175 -16.63 32.29 -85.97
CA LEU V 175 -17.37 31.99 -84.76
C LEU V 175 -17.51 30.49 -84.47
N MET V 176 -17.42 29.59 -85.44
CA MET V 176 -17.40 28.15 -85.19
C MET V 176 -16.04 27.60 -84.77
N GLN V 177 -14.94 28.29 -85.04
CA GLN V 177 -13.60 27.76 -84.77
C GLN V 177 -13.32 27.55 -83.28
N GLN V 178 -12.43 26.59 -82.98
CA GLN V 178 -11.93 26.36 -81.63
C GLN V 178 -10.94 27.45 -81.21
N ASN V 179 -10.86 27.73 -79.90
CA ASN V 179 -10.02 28.78 -79.34
C ASN V 179 -10.28 30.18 -79.94
N LYS V 180 -11.52 30.42 -80.35
CA LYS V 180 -12.08 31.75 -80.58
C LYS V 180 -12.24 32.49 -79.24
N LEU V 181 -12.32 33.80 -79.32
CA LEU V 181 -12.83 34.68 -78.29
C LEU V 181 -13.94 35.52 -78.90
N ILE V 182 -15.14 35.50 -78.34
CA ILE V 182 -16.24 36.36 -78.78
C ILE V 182 -16.30 37.53 -77.82
N VAL V 183 -16.33 38.75 -78.36
CA VAL V 183 -16.51 39.97 -77.59
C VAL V 183 -17.86 40.57 -77.97
N PRO V 184 -18.91 40.41 -77.15
CA PRO V 184 -20.18 41.07 -77.39
C PRO V 184 -20.01 42.57 -77.27
N SER V 185 -20.77 43.35 -78.02
CA SER V 185 -20.88 44.79 -77.81
C SER V 185 -21.48 45.09 -76.44
N LYS V 186 -21.31 46.33 -75.97
CA LYS V 186 -21.96 46.79 -74.73
C LYS V 186 -23.48 46.76 -74.83
N GLN V 187 -24.03 46.91 -76.04
CA GLN V 187 -25.45 46.75 -76.33
C GLN V 187 -25.92 45.29 -76.19
N THR V 188 -25.20 44.31 -76.75
CA THR V 188 -25.63 42.90 -76.68
C THR V 188 -25.37 42.25 -75.33
N GLN V 189 -24.37 42.68 -74.55
CA GLN V 189 -24.19 42.21 -73.18
C GLN V 189 -23.48 43.25 -72.30
N LYS V 190 -24.13 43.73 -71.24
CA LYS V 190 -23.48 44.45 -70.15
C LYS V 190 -22.70 43.48 -69.27
N ARG V 191 -21.47 43.82 -68.90
CA ARG V 191 -20.53 42.96 -68.16
C ARG V 191 -19.96 43.67 -66.94
N ARG V 192 -19.49 42.91 -65.96
CA ARG V 192 -18.77 43.44 -64.79
C ARG V 192 -17.49 44.15 -65.21
N LYS V 193 -16.63 43.46 -65.96
CA LYS V 193 -15.43 44.05 -66.57
C LYS V 193 -15.73 44.35 -68.04
N PRO V 194 -15.42 45.57 -68.53
CA PRO V 194 -15.77 45.99 -69.89
C PRO V 194 -14.82 45.44 -70.96
N TYR V 195 -13.96 44.48 -70.62
CA TYR V 195 -12.93 43.90 -71.47
C TYR V 195 -12.75 42.42 -71.15
N ILE V 196 -12.17 41.67 -72.07
CA ILE V 196 -11.70 40.30 -71.84
C ILE V 196 -10.17 40.27 -71.92
N LYS V 197 -9.52 39.77 -70.88
CA LYS V 197 -8.07 39.77 -70.72
C LYS V 197 -7.51 38.37 -70.85
N LYS V 198 -6.46 38.19 -71.65
CA LYS V 198 -5.70 36.93 -71.66
C LYS V 198 -4.24 37.09 -72.00
N HIS V 199 -3.44 36.19 -71.43
CA HIS V 199 -1.99 36.14 -71.54
C HIS V 199 -1.59 35.16 -72.62
N ILE V 200 -0.66 35.56 -73.47
CA ILE V 200 -0.18 34.80 -74.62
C ILE V 200 1.31 34.54 -74.47
N SER V 201 1.71 33.28 -74.52
CA SER V 201 3.10 32.84 -74.38
C SER V 201 3.92 33.16 -75.64
N PRO V 202 5.26 33.26 -75.59
CA PRO V 202 6.06 33.42 -76.81
C PRO V 202 5.84 32.30 -77.84
N PRO V 203 6.15 32.54 -79.13
CA PRO V 203 6.26 31.48 -80.11
C PRO V 203 7.12 30.34 -79.61
N THR V 204 6.79 29.08 -79.94
CA THR V 204 7.56 27.92 -79.44
C THR V 204 9.04 27.96 -79.90
N GLN V 205 9.30 28.64 -81.03
CA GLN V 205 10.67 28.81 -81.59
C GLN V 205 11.44 29.91 -80.83
N MET V 206 10.74 30.86 -80.21
CA MET V 206 11.37 31.85 -79.33
C MET V 206 11.55 31.25 -77.94
N LYS V 207 12.75 30.77 -77.63
CA LYS V 207 13.08 30.17 -76.34
C LYS V 207 13.31 31.25 -75.28
N SER V 208 13.42 30.89 -74.01
CA SER V 208 13.63 31.87 -72.93
C SER V 208 15.01 32.54 -72.95
N GLN V 209 15.93 32.10 -73.81
CA GLN V 209 17.27 32.67 -73.94
C GLN V 209 17.27 34.16 -74.33
N TRP V 210 18.40 34.83 -74.13
CA TRP V 210 18.66 36.15 -74.69
C TRP V 210 18.92 36.08 -76.19
N TYR V 211 18.48 37.09 -76.93
CA TYR V 211 18.72 37.26 -78.36
C TYR V 211 19.15 38.69 -78.64
N PHE V 212 20.06 38.93 -79.57
CA PHE V 212 20.29 40.29 -80.05
C PHE V 212 19.00 40.88 -80.63
N GLN V 213 18.70 42.14 -80.28
CA GLN V 213 17.48 42.82 -80.76
C GLN V 213 17.50 42.95 -82.29
N HIS V 214 18.67 42.99 -82.94
CA HIS V 214 18.80 43.05 -84.41
C HIS V 214 18.27 41.75 -85.04
N ASN V 215 18.48 40.61 -84.38
CA ASN V 215 18.06 39.32 -84.90
C ASN V 215 16.55 39.12 -84.78
N ILE V 216 15.99 39.39 -83.59
CA ILE V 216 14.55 39.18 -83.33
C ILE V 216 13.65 40.32 -83.79
N ALA V 217 14.19 41.46 -84.23
CA ALA V 217 13.41 42.64 -84.59
C ALA V 217 12.22 42.34 -85.50
N ASN V 218 12.43 41.56 -86.56
CA ASN V 218 11.42 41.28 -87.58
C ASN V 218 10.67 39.94 -87.39
N ILE V 219 11.03 39.12 -86.41
CA ILE V 219 10.36 37.85 -86.11
C ILE V 219 8.94 38.13 -85.62
N PRO V 220 7.87 37.65 -86.27
CA PRO V 220 6.50 37.93 -85.84
C PRO V 220 6.17 37.12 -84.59
N LEU V 221 5.99 37.79 -83.44
CA LEU V 221 5.81 37.11 -82.13
C LEU V 221 4.32 36.89 -81.79
N LEU V 222 3.41 37.46 -82.56
CA LEU V 222 1.98 37.26 -82.38
C LEU V 222 1.24 37.51 -83.70
N MET V 223 0.26 36.67 -84.04
CA MET V 223 -0.76 36.97 -85.03
C MET V 223 -2.12 37.12 -84.37
N ILE V 224 -2.84 38.21 -84.63
CA ILE V 224 -4.24 38.39 -84.21
C ILE V 224 -5.12 38.39 -85.45
N ARG V 225 -6.16 37.57 -85.48
CA ARG V 225 -7.20 37.53 -86.52
C ARG V 225 -8.50 38.02 -85.91
N THR V 226 -9.14 39.03 -86.49
CA THR V 226 -10.40 39.59 -85.97
C THR V 226 -11.41 39.75 -87.09
N THR V 227 -12.69 39.46 -86.84
CA THR V 227 -13.79 39.72 -87.78
C THR V 227 -14.98 40.34 -87.06
N ALA V 228 -15.62 41.32 -87.70
CA ALA V 228 -16.82 41.99 -87.22
C ALA V 228 -18.07 41.11 -87.40
N LEU V 229 -18.98 41.16 -86.44
CA LEU V 229 -20.01 40.15 -86.22
C LEU V 229 -21.31 40.82 -85.74
N THR V 230 -22.47 40.17 -85.94
CA THR V 230 -23.60 40.41 -85.04
C THR V 230 -24.18 39.10 -84.55
N LEU V 231 -24.40 39.00 -83.24
CA LEU V 231 -25.04 37.87 -82.59
C LEU V 231 -26.58 37.95 -82.65
N ASP V 232 -27.15 39.13 -82.45
CA ASP V 232 -28.61 39.35 -82.43
C ASP V 232 -29.28 39.43 -83.82
N ASN V 233 -28.52 39.69 -84.87
CA ASN V 233 -28.98 39.78 -86.26
C ASN V 233 -28.29 38.73 -87.13
N TYR V 234 -27.89 37.60 -86.54
CA TYR V 234 -27.02 36.61 -87.19
C TYR V 234 -27.52 36.13 -88.55
N TYR V 235 -28.82 35.84 -88.69
CA TYR V 235 -29.39 35.37 -89.95
C TYR V 235 -29.86 36.51 -90.86
N ILE V 236 -30.64 37.44 -90.32
CA ILE V 236 -31.20 38.56 -91.10
C ILE V 236 -30.10 39.51 -91.58
N GLY V 237 -29.12 39.80 -90.72
CA GLY V 237 -28.00 40.69 -91.01
C GLY V 237 -28.50 42.07 -91.38
N SER V 238 -28.26 42.51 -92.61
CA SER V 238 -28.79 43.75 -93.17
C SER V 238 -29.75 43.52 -94.36
N ARG V 239 -30.36 42.34 -94.47
CA ARG V 239 -31.39 42.00 -95.45
C ARG V 239 -32.53 43.02 -95.43
N GLN V 240 -33.01 43.40 -96.61
CA GLN V 240 -34.21 44.23 -96.83
C GLN V 240 -35.16 43.50 -97.78
N LEU V 241 -36.46 43.53 -97.51
CA LEU V 241 -37.47 42.82 -98.31
C LEU V 241 -37.17 41.31 -98.42
N SER V 242 -37.07 40.77 -99.64
CA SER V 242 -36.82 39.34 -99.91
C SER V 242 -35.47 38.85 -99.39
N THR V 243 -35.35 37.54 -99.15
CA THR V 243 -34.06 36.89 -98.87
C THR V 243 -33.12 36.93 -100.08
N ASN V 244 -33.66 36.97 -101.29
CA ASN V 244 -32.90 37.06 -102.55
C ASN V 244 -32.17 38.40 -102.65
N VAL V 245 -30.91 38.37 -103.04
CA VAL V 245 -30.11 39.54 -103.44
C VAL V 245 -29.99 39.57 -104.96
N THR V 246 -30.03 40.76 -105.56
CA THR V 246 -29.87 40.93 -107.01
C THR V 246 -28.41 41.23 -107.35
N ILE V 247 -27.84 40.45 -108.25
CA ILE V 247 -26.47 40.62 -108.77
C ILE V 247 -26.59 41.13 -110.21
N HIS V 248 -25.85 42.18 -110.56
CA HIS V 248 -25.77 42.63 -111.97
C HIS V 248 -24.57 41.89 -112.56
N THR V 249 -24.58 41.54 -113.85
CA THR V 249 -23.43 40.92 -114.53
C THR V 249 -23.33 41.34 -115.98
N LEU V 250 -22.13 41.20 -116.56
CA LEU V 250 -21.96 41.42 -118.02
C LEU V 250 -22.50 40.18 -118.73
N ASN V 251 -23.43 40.34 -119.67
CA ASN V 251 -23.89 39.17 -120.48
C ASN V 251 -22.63 38.44 -120.95
N THR V 252 -22.49 37.16 -120.63
CA THR V 252 -21.31 36.35 -121.01
C THR V 252 -21.47 35.92 -122.44
N THR V 253 -22.70 35.70 -122.90
CA THR V 253 -23.00 35.15 -124.24
C THR V 253 -22.80 36.16 -125.37
N TYR V 254 -22.43 37.42 -125.08
CA TYR V 254 -22.19 38.46 -126.09
C TYR V 254 -20.96 39.32 -125.81
N ILE V 255 -20.69 39.68 -124.54
CA ILE V 255 -19.54 40.49 -124.14
C ILE V 255 -18.38 39.55 -123.73
N GLN V 256 -17.42 39.29 -124.61
CA GLN V 256 -16.35 38.32 -124.25
C GLN V 256 -14.95 38.77 -124.69
N ASN V 257 -14.84 39.77 -125.55
CA ASN V 257 -13.53 40.07 -126.12
C ASN V 257 -12.49 40.66 -125.17
N ARG V 258 -12.93 41.28 -124.06
CA ARG V 258 -12.02 41.84 -123.01
C ARG V 258 -10.97 42.79 -123.60
N ASP V 259 -11.27 43.49 -124.70
CA ASP V 259 -10.34 44.45 -125.31
C ASP V 259 -10.60 45.89 -124.82
N TRP V 260 -10.53 46.11 -123.51
CA TRP V 260 -11.02 47.34 -122.88
C TRP V 260 -9.98 48.43 -122.67
N GLY V 261 -10.46 49.68 -122.55
CA GLY V 261 -9.68 50.81 -122.04
C GLY V 261 -8.76 51.49 -123.04
N ASP V 262 -9.12 51.53 -124.32
CA ASP V 262 -8.46 52.35 -125.36
C ASP V 262 -9.48 53.20 -126.14
N ARG V 263 -9.11 54.44 -126.48
CA ARG V 263 -9.93 55.26 -127.42
C ARG V 263 -9.29 55.05 -128.82
N ASN V 264 -8.21 54.26 -128.89
CA ASN V 264 -7.46 53.98 -130.11
C ASN V 264 -7.92 52.70 -130.84
N LYS V 265 -9.06 52.12 -130.46
CA LYS V 265 -9.56 50.83 -130.94
C LYS V 265 -11.09 50.84 -131.04
N THR V 266 -11.65 50.54 -132.21
CA THR V 266 -13.11 50.32 -132.35
C THR V 266 -13.50 49.04 -131.61
N TYR V 267 -14.43 49.13 -130.65
CA TYR V 267 -14.77 47.97 -129.82
C TYR V 267 -15.71 47.00 -130.54
N TYR V 268 -15.43 45.71 -130.37
CA TYR V 268 -16.21 44.59 -130.87
C TYR V 268 -16.42 43.62 -129.71
N CYS V 269 -17.64 43.12 -129.51
CA CYS V 269 -18.02 42.45 -128.26
C CYS V 269 -17.66 40.97 -128.23
N GLN V 270 -17.75 40.26 -129.35
CA GLN V 270 -17.35 38.85 -129.46
C GLN V 270 -16.78 38.52 -130.84
N THR V 271 -16.00 37.44 -130.91
CA THR V 271 -15.63 36.74 -132.14
C THR V 271 -16.28 35.37 -132.16
N LEU V 272 -16.84 34.97 -133.31
CA LEU V 272 -17.30 33.59 -133.54
C LEU V 272 -16.79 33.13 -134.91
N GLY V 273 -16.18 31.94 -134.98
CA GLY V 273 -15.45 31.52 -136.18
C GLY V 273 -14.36 32.53 -136.55
N THR V 274 -14.45 33.11 -137.74
CA THR V 274 -13.61 34.24 -138.19
C THR V 274 -14.24 35.62 -137.96
N GLN V 275 -15.53 35.69 -137.61
CA GLN V 275 -16.28 36.95 -137.55
C GLN V 275 -15.91 37.81 -136.32
N ARG V 276 -16.26 39.09 -136.40
CA ARG V 276 -16.35 40.02 -135.26
C ARG V 276 -17.79 40.55 -135.18
N TYR V 277 -18.28 40.78 -133.96
CA TYR V 277 -19.62 41.30 -133.71
C TYR V 277 -19.55 42.64 -132.98
N PHE V 278 -20.50 43.51 -133.28
CA PHE V 278 -20.47 44.93 -132.98
C PHE V 278 -21.81 45.37 -132.39
N LEU V 279 -21.75 46.41 -131.57
CA LEU V 279 -22.90 46.96 -130.86
C LEU V 279 -23.15 48.39 -131.36
N TYR V 280 -24.43 48.78 -131.44
CA TYR V 280 -24.83 50.14 -131.81
C TYR V 280 -25.97 50.61 -130.90
N GLY V 281 -25.91 51.85 -130.41
CA GLY V 281 -27.01 52.46 -129.66
C GLY V 281 -27.97 53.18 -130.59
N THR V 282 -29.22 53.35 -130.21
CA THR V 282 -30.12 54.27 -130.92
C THR V 282 -31.12 54.91 -129.96
N HIS V 283 -31.58 56.11 -130.30
CA HIS V 283 -32.67 56.79 -129.54
C HIS V 283 -33.97 56.59 -130.33
N SER V 284 -33.93 55.82 -131.43
CA SER V 284 -35.09 55.62 -132.29
C SER V 284 -36.26 55.00 -131.54
N THR V 285 -37.46 55.49 -131.82
CA THR V 285 -38.75 54.91 -131.37
C THR V 285 -39.23 53.77 -132.26
N ALA V 286 -38.49 53.41 -133.32
CA ALA V 286 -38.86 52.35 -134.25
C ALA V 286 -39.06 51.01 -133.53
N GLN V 287 -40.19 50.36 -133.77
CA GLN V 287 -40.55 49.09 -133.12
C GLN V 287 -39.88 47.88 -133.79
N ASN V 288 -39.56 47.97 -135.09
CA ASN V 288 -39.05 46.84 -135.88
C ASN V 288 -37.56 47.00 -136.18
N ILE V 289 -36.76 46.01 -135.78
CA ILE V 289 -35.31 46.00 -135.97
C ILE V 289 -34.89 46.08 -137.45
N ASN V 290 -35.75 45.66 -138.38
CA ASN V 290 -35.46 45.70 -139.81
C ASN V 290 -35.45 47.13 -140.39
N ASP V 291 -36.40 48.00 -139.98
CA ASP V 291 -36.61 49.34 -140.63
C ASP V 291 -35.78 50.49 -140.06
N ILE V 292 -35.07 50.30 -138.96
CA ILE V 292 -34.15 51.33 -138.45
C ILE V 292 -33.17 51.74 -139.55
N LYS V 293 -32.85 53.03 -139.67
CA LYS V 293 -31.94 53.55 -140.71
C LYS V 293 -30.49 53.12 -140.44
N LEU V 294 -29.58 53.43 -141.38
CA LEU V 294 -28.13 53.22 -141.12
C LEU V 294 -27.69 54.45 -140.29
N GLN V 295 -28.45 55.55 -140.35
CA GLN V 295 -28.14 56.80 -139.61
C GLN V 295 -28.48 56.68 -138.12
N GLU V 296 -29.63 56.09 -137.77
CA GLU V 296 -30.09 56.03 -136.36
C GLU V 296 -28.99 55.45 -135.46
N LEU V 297 -28.28 54.42 -135.91
CA LEU V 297 -27.28 53.72 -135.06
C LEU V 297 -26.17 54.67 -134.59
N ILE V 298 -25.77 54.58 -133.31
CA ILE V 298 -24.64 55.37 -132.74
C ILE V 298 -23.53 54.35 -132.51
N PRO V 299 -22.55 54.19 -133.41
CA PRO V 299 -21.57 53.11 -133.34
C PRO V 299 -20.65 53.36 -132.16
N LEU V 300 -20.10 52.30 -131.57
CA LEU V 300 -19.21 52.41 -130.37
C LEU V 300 -17.75 52.22 -130.81
N THR V 301 -16.94 53.29 -130.77
CA THR V 301 -15.52 53.26 -131.18
C THR V 301 -14.65 53.48 -129.97
N ASN V 302 -15.24 53.64 -128.77
CA ASN V 302 -14.49 53.82 -127.53
C ASN V 302 -15.11 52.92 -126.45
N THR V 303 -14.29 52.30 -125.59
CA THR V 303 -14.79 51.77 -124.29
C THR V 303 -14.25 52.52 -123.08
N GLN V 304 -13.12 53.24 -123.26
CA GLN V 304 -12.37 53.90 -122.15
C GLN V 304 -13.07 55.11 -121.51
N ASP V 305 -14.14 55.64 -122.10
CA ASP V 305 -14.79 56.86 -121.54
C ASP V 305 -16.22 56.66 -121.06
N TYR V 306 -16.70 57.56 -120.21
CA TYR V 306 -18.12 57.57 -119.78
C TYR V 306 -19.07 58.10 -120.87
N VAL V 307 -18.55 58.64 -121.97
CA VAL V 307 -19.33 59.40 -122.96
C VAL V 307 -20.46 58.57 -123.57
N GLN V 308 -21.64 59.18 -123.71
CA GLN V 308 -22.84 58.56 -124.30
C GLN V 308 -22.78 58.49 -125.83
N GLY V 309 -22.01 59.40 -126.45
CA GLY V 309 -22.11 59.68 -127.87
C GLY V 309 -23.34 60.54 -128.18
N PHE V 310 -23.67 60.69 -129.45
CA PHE V 310 -24.87 61.37 -129.93
C PHE V 310 -25.29 60.88 -131.31
N ASP V 311 -26.53 61.16 -131.68
CA ASP V 311 -27.13 60.75 -132.95
C ASP V 311 -26.68 61.63 -134.14
N TRP V 312 -26.73 61.08 -135.35
CA TRP V 312 -26.40 61.78 -136.61
C TRP V 312 -27.27 63.03 -136.84
N THR V 313 -28.45 63.11 -136.24
CA THR V 313 -29.28 64.32 -136.25
C THR V 313 -28.60 65.53 -135.58
N GLU V 314 -27.55 65.32 -134.78
CA GLU V 314 -26.73 66.39 -134.19
C GLU V 314 -25.46 66.71 -135.00
N LYS V 315 -25.35 66.22 -136.25
CA LYS V 315 -24.27 66.55 -137.20
C LYS V 315 -23.91 68.04 -137.20
N ASP V 316 -24.93 68.90 -137.30
CA ASP V 316 -24.76 70.35 -137.36
C ASP V 316 -24.43 71.01 -135.99
N LYS V 317 -24.59 70.31 -134.86
CA LYS V 317 -24.19 70.83 -133.54
C LYS V 317 -22.70 70.66 -133.27
N HIS V 318 -22.07 69.64 -133.90
CA HIS V 318 -20.62 69.33 -133.76
C HIS V 318 -19.89 69.52 -135.10
N ASN V 319 -20.41 70.34 -136.00
CA ASN V 319 -19.79 70.70 -137.28
C ASN V 319 -19.26 69.47 -138.05
N ILE V 320 -19.96 68.34 -137.93
CA ILE V 320 -19.55 67.07 -138.56
C ILE V 320 -19.74 67.14 -140.07
N THR V 321 -18.71 66.76 -140.82
CA THR V 321 -18.73 66.74 -142.29
C THR V 321 -18.90 65.33 -142.87
N THR V 322 -18.51 64.28 -142.13
CA THR V 322 -18.51 62.89 -142.61
C THR V 322 -18.85 61.90 -141.51
N TYR V 323 -19.23 60.68 -141.88
CA TYR V 323 -19.40 59.59 -140.92
C TYR V 323 -18.10 59.29 -140.15
N LYS V 324 -16.92 59.55 -140.72
CA LYS V 324 -15.63 59.49 -140.00
C LYS V 324 -15.60 60.47 -138.81
N GLU V 325 -16.07 61.70 -138.97
CA GLU V 325 -16.20 62.64 -137.85
C GLU V 325 -17.37 62.30 -136.92
N PHE V 326 -18.44 61.66 -137.42
CA PHE V 326 -19.49 61.12 -136.55
C PHE V 326 -18.97 59.99 -135.65
N LEU V 327 -18.16 59.06 -136.20
CA LEU V 327 -17.46 58.01 -135.44
C LEU V 327 -16.55 58.58 -134.35
N THR V 328 -15.78 59.63 -134.64
CA THR V 328 -14.82 60.14 -133.65
C THR V 328 -15.48 61.06 -132.62
N LYS V 329 -16.39 61.96 -133.02
CA LYS V 329 -17.05 62.87 -132.09
C LYS V 329 -18.25 62.23 -131.36
N GLY V 330 -19.04 61.42 -132.06
CA GLY V 330 -20.39 61.01 -131.63
C GLY V 330 -20.56 59.57 -131.20
N ALA V 331 -19.53 58.72 -131.27
CA ALA V 331 -19.64 57.35 -130.81
C ALA V 331 -19.86 57.24 -129.28
N GLY V 332 -20.65 56.24 -128.87
CA GLY V 332 -21.05 56.04 -127.47
C GLY V 332 -20.30 54.90 -126.79
N ASN V 333 -19.96 55.02 -125.51
CA ASN V 333 -19.34 53.91 -124.79
C ASN V 333 -20.46 52.95 -124.33
N PRO V 334 -20.35 51.62 -124.52
CA PRO V 334 -21.45 50.68 -124.26
C PRO V 334 -21.83 50.61 -122.79
N PHE V 335 -20.92 51.01 -121.91
CA PHE V 335 -21.09 51.03 -120.45
C PHE V 335 -21.61 52.38 -119.91
N HIS V 336 -22.00 53.33 -120.77
CA HIS V 336 -22.71 54.52 -120.31
C HIS V 336 -24.05 54.13 -119.65
N ALA V 337 -24.55 54.96 -118.72
CA ALA V 337 -25.69 54.61 -117.85
C ALA V 337 -26.99 54.24 -118.59
N GLU V 338 -27.18 54.67 -119.85
CA GLU V 338 -28.32 54.23 -120.66
C GLU V 338 -28.02 53.01 -121.54
N TRP V 339 -26.79 52.86 -122.06
CA TRP V 339 -26.43 51.72 -122.90
C TRP V 339 -26.11 50.44 -122.08
N ILE V 340 -25.60 50.58 -120.86
CA ILE V 340 -25.19 49.46 -119.97
C ILE V 340 -26.32 48.46 -119.71
N THR V 341 -27.54 48.95 -119.53
CA THR V 341 -28.78 48.16 -119.36
C THR V 341 -29.78 48.36 -120.50
N ALA V 342 -29.34 48.98 -121.62
CA ALA V 342 -30.16 49.32 -122.77
C ALA V 342 -31.49 50.02 -122.40
N GLN V 343 -31.42 51.02 -121.50
CA GLN V 343 -32.57 51.88 -121.17
C GLN V 343 -33.15 52.51 -122.45
N ASN V 344 -32.26 52.98 -123.33
CA ASN V 344 -32.55 53.26 -124.73
C ASN V 344 -32.00 52.09 -125.55
N PRO V 345 -32.70 51.60 -126.60
CA PRO V 345 -32.34 50.36 -127.27
C PRO V 345 -30.89 50.30 -127.78
N VAL V 346 -30.32 49.09 -127.69
CA VAL V 346 -28.95 48.77 -128.13
C VAL V 346 -29.04 47.55 -129.06
N ILE V 347 -28.35 47.63 -130.18
CA ILE V 347 -28.44 46.69 -131.28
C ILE V 347 -27.12 45.95 -131.45
N HIS V 348 -27.15 44.62 -131.45
CA HIS V 348 -26.00 43.74 -131.66
C HIS V 348 -26.02 43.18 -133.08
N THR V 349 -24.91 43.19 -133.80
CA THR V 349 -24.85 42.75 -135.20
C THR V 349 -23.47 42.23 -135.60
N ALA V 350 -23.41 41.38 -136.62
CA ALA V 350 -22.15 41.02 -137.28
C ALA V 350 -21.63 42.14 -138.20
N ASN V 351 -22.48 43.10 -138.59
CA ASN V 351 -22.10 44.11 -139.57
C ASN V 351 -21.14 45.15 -138.98
N SER V 352 -19.87 45.10 -139.40
CA SER V 352 -18.84 46.00 -138.92
C SER V 352 -19.14 47.47 -139.28
N PRO V 353 -18.83 48.44 -138.40
CA PRO V 353 -18.95 49.85 -138.71
C PRO V 353 -18.22 50.22 -140.01
N THR V 354 -17.13 49.57 -140.38
CA THR V 354 -16.42 49.85 -141.63
C THR V 354 -17.21 49.44 -142.87
N GLN V 355 -18.08 48.42 -142.80
CA GLN V 355 -19.03 48.20 -143.90
C GLN V 355 -20.05 49.33 -143.95
N ILE V 356 -20.53 49.83 -142.81
CA ILE V 356 -21.37 51.03 -142.76
C ILE V 356 -20.61 52.28 -143.26
N GLU V 357 -19.30 52.42 -142.97
CA GLU V 357 -18.44 53.47 -143.53
C GLU V 357 -18.45 53.39 -145.05
N GLN V 358 -18.24 52.21 -145.62
CA GLN V 358 -18.27 52.02 -147.06
C GLN V 358 -19.64 52.43 -147.64
N ILE V 359 -20.76 52.08 -147.00
CA ILE V 359 -22.09 52.51 -147.46
C ILE V 359 -22.26 54.03 -147.39
N TYR V 360 -21.88 54.67 -146.27
CA TYR V 360 -21.92 56.14 -146.14
C TYR V 360 -21.00 56.84 -147.16
N THR V 361 -19.71 56.46 -147.17
CA THR V 361 -18.69 57.14 -147.98
C THR V 361 -18.92 56.91 -149.47
N ALA V 362 -19.42 55.73 -149.88
CA ALA V 362 -19.78 55.49 -151.28
C ALA V 362 -20.87 56.47 -151.75
N SER V 363 -21.91 56.71 -150.94
CA SER V 363 -22.82 57.85 -151.14
C SER V 363 -23.59 58.23 -149.87
N THR V 364 -23.36 59.46 -149.39
CA THR V 364 -24.04 60.05 -148.21
C THR V 364 -25.54 60.23 -148.45
N THR V 365 -25.94 60.47 -149.69
CA THR V 365 -27.36 60.58 -150.08
C THR V 365 -28.09 59.24 -149.98
N THR V 366 -27.43 58.11 -150.24
CA THR V 366 -28.04 56.78 -150.04
C THR V 366 -27.95 56.28 -148.60
N PHE V 367 -27.13 56.90 -147.73
CA PHE V 367 -27.16 56.64 -146.29
C PHE V 367 -28.50 57.03 -145.64
N GLN V 368 -29.15 58.08 -146.17
CA GLN V 368 -30.53 58.44 -145.83
C GLN V 368 -31.52 57.33 -146.23
N ASN V 369 -31.34 56.76 -147.43
CA ASN V 369 -32.25 55.77 -147.99
C ASN V 369 -32.08 54.39 -147.34
N LYS V 370 -30.84 53.94 -147.10
CA LYS V 370 -30.55 52.60 -146.58
C LYS V 370 -31.06 52.42 -145.13
N LYS V 371 -31.69 51.27 -144.90
CA LYS V 371 -32.15 50.78 -143.58
C LYS V 371 -31.36 49.54 -143.17
N LEU V 372 -31.70 48.95 -142.03
CA LEU V 372 -31.11 47.70 -141.54
C LEU V 372 -31.46 46.48 -142.41
N THR V 373 -32.52 46.55 -143.22
CA THR V 373 -32.75 45.63 -144.34
C THR V 373 -31.66 45.73 -145.41
N ASP V 374 -31.35 44.62 -146.08
CA ASP V 374 -30.40 44.55 -147.21
C ASP V 374 -29.00 45.11 -146.91
N LEU V 375 -28.58 45.11 -145.65
CA LEU V 375 -27.20 45.42 -145.26
C LEU V 375 -26.29 44.18 -145.36
N PRO V 376 -24.96 44.37 -145.49
CA PRO V 376 -24.03 43.25 -145.39
C PRO V 376 -24.05 42.63 -144.00
N THR V 377 -23.93 41.29 -143.93
CA THR V 377 -23.97 40.48 -142.69
C THR V 377 -24.95 41.05 -141.64
N PRO V 378 -26.26 41.18 -141.93
CA PRO V 378 -27.17 41.87 -141.02
C PRO V 378 -27.80 41.06 -139.90
N GLY V 379 -27.03 40.72 -138.87
CA GLY V 379 -27.56 40.00 -137.69
C GLY V 379 -28.04 40.98 -136.66
N TYR V 380 -28.78 42.02 -137.09
CA TYR V 380 -29.27 43.08 -136.17
C TYR V 380 -30.27 42.48 -135.19
N ILE V 381 -29.97 42.49 -133.89
CA ILE V 381 -30.83 41.90 -132.81
C ILE V 381 -30.95 42.96 -131.71
N PHE V 382 -31.76 42.75 -130.67
CA PHE V 382 -31.83 43.68 -129.51
C PHE V 382 -31.19 42.96 -128.31
N ILE V 383 -29.97 43.34 -127.92
CA ILE V 383 -29.23 42.66 -126.84
C ILE V 383 -28.83 43.67 -125.75
N THR V 384 -28.92 43.29 -124.48
CA THR V 384 -28.55 44.15 -123.34
C THR V 384 -27.17 43.76 -122.82
N PRO V 385 -26.20 44.69 -122.68
CA PRO V 385 -24.87 44.37 -122.15
C PRO V 385 -24.90 43.80 -120.72
N THR V 386 -25.86 44.26 -119.91
CA THR V 386 -26.10 43.78 -118.54
C THR V 386 -27.32 42.87 -118.46
N VAL V 387 -27.23 41.84 -117.62
CA VAL V 387 -28.38 41.10 -117.08
C VAL V 387 -28.36 41.15 -115.55
N SER V 388 -29.52 41.16 -114.91
CA SER V 388 -29.64 41.04 -113.45
C SER V 388 -30.06 39.63 -113.07
N LEU V 389 -29.27 38.97 -112.21
CA LEU V 389 -29.56 37.66 -111.63
C LEU V 389 -30.12 37.82 -110.21
N ARG V 390 -30.89 36.84 -109.74
CA ARG V 390 -31.26 36.70 -108.33
C ARG V 390 -30.50 35.54 -107.70
N TYR V 391 -29.86 35.80 -106.57
CA TYR V 391 -29.13 34.81 -105.77
C TYR V 391 -29.82 34.63 -104.43
N ASN V 392 -30.03 33.39 -104.00
CA ASN V 392 -30.54 33.07 -102.69
C ASN V 392 -29.50 32.20 -101.94
N PRO V 393 -28.96 32.64 -100.80
CA PRO V 393 -27.91 31.90 -100.11
C PRO V 393 -28.40 30.55 -99.56
N TYR V 394 -29.69 30.44 -99.23
CA TYR V 394 -30.25 29.20 -98.64
C TYR V 394 -30.49 28.18 -99.74
N LYS V 395 -30.52 28.62 -101.00
CA LYS V 395 -30.74 27.73 -102.16
C LYS V 395 -29.38 27.30 -102.74
N ASP V 396 -28.27 27.72 -102.11
CA ASP V 396 -26.91 27.44 -102.64
C ASP V 396 -26.33 26.16 -102.02
N LEU V 397 -25.91 25.19 -102.84
CA LEU V 397 -25.42 23.90 -102.37
C LEU V 397 -23.91 23.72 -102.61
N ALA V 398 -23.25 24.69 -103.24
CA ALA V 398 -21.80 24.68 -103.43
C ALA V 398 -21.22 23.45 -104.17
N GLU V 399 -21.98 22.78 -105.05
CA GLU V 399 -21.51 21.56 -105.71
C GLU V 399 -20.58 21.85 -106.90
N ARG V 400 -20.78 22.99 -107.58
CA ARG V 400 -19.99 23.41 -108.76
C ARG V 400 -19.64 24.90 -108.73
N ASN V 401 -19.60 25.47 -107.54
CA ASN V 401 -19.18 26.85 -107.31
C ASN V 401 -17.68 27.01 -107.55
N LYS V 402 -17.27 28.17 -108.10
CA LYS V 402 -15.88 28.43 -108.51
C LYS V 402 -15.65 29.93 -108.60
N CYS V 403 -14.40 30.39 -108.48
CA CYS V 403 -14.07 31.81 -108.42
C CYS V 403 -12.59 32.05 -108.80
N TYR V 404 -12.30 33.03 -109.65
CA TYR V 404 -10.94 33.36 -110.08
C TYR V 404 -10.85 34.75 -110.74
N PHE V 405 -9.62 35.27 -110.89
CA PHE V 405 -9.35 36.54 -111.59
C PHE V 405 -8.78 36.30 -112.99
N VAL V 406 -9.27 37.06 -113.97
CA VAL V 406 -8.75 37.09 -115.35
C VAL V 406 -8.24 38.49 -115.67
N ARG V 407 -7.29 38.60 -116.61
CA ARG V 407 -6.66 39.87 -117.01
C ARG V 407 -7.64 40.72 -117.82
N SER V 408 -7.95 41.95 -117.38
CA SER V 408 -8.91 42.82 -118.07
C SER V 408 -8.30 43.54 -119.27
N LYS V 409 -7.17 44.24 -119.09
CA LYS V 409 -6.41 44.87 -120.19
C LYS V 409 -5.43 43.89 -120.86
N ILE V 410 -5.96 42.88 -121.56
CA ILE V 410 -5.19 42.09 -122.54
C ILE V 410 -6.04 41.72 -123.74
N ASN V 411 -5.39 41.44 -124.86
CA ASN V 411 -6.03 41.02 -126.10
C ASN V 411 -6.28 39.49 -126.11
N ALA V 412 -7.08 38.98 -125.17
CA ALA V 412 -7.43 37.57 -125.09
C ALA V 412 -8.94 37.33 -124.96
N HIS V 413 -9.46 36.40 -125.74
CA HIS V 413 -10.88 36.09 -125.81
C HIS V 413 -11.33 35.19 -124.65
N GLY V 414 -12.61 35.31 -124.27
CA GLY V 414 -13.28 34.36 -123.39
C GLY V 414 -12.94 34.52 -121.91
N TRP V 415 -13.64 33.73 -121.10
CA TRP V 415 -13.71 33.87 -119.64
C TRP V 415 -13.18 32.65 -118.87
N ASP V 416 -12.61 31.67 -119.57
CA ASP V 416 -12.15 30.41 -118.91
C ASP V 416 -11.13 30.73 -117.80
N PRO V 417 -11.02 29.91 -116.74
CA PRO V 417 -10.01 30.13 -115.72
C PRO V 417 -8.67 30.13 -116.42
N GLU V 418 -7.84 31.14 -116.18
CA GLU V 418 -6.53 31.27 -116.89
C GLU V 418 -5.44 31.69 -115.90
N GLN V 419 -4.19 31.77 -116.36
CA GLN V 419 -3.05 32.18 -115.51
C GLN V 419 -2.94 31.20 -114.33
N HIS V 420 -3.00 31.68 -113.08
CA HIS V 420 -2.81 30.82 -111.87
C HIS V 420 -4.00 29.86 -111.71
N GLN V 421 -3.77 28.56 -111.84
CA GLN V 421 -4.82 27.53 -111.65
C GLN V 421 -4.79 27.11 -110.17
N GLU V 422 -3.72 27.43 -109.44
CA GLU V 422 -3.69 27.17 -108.00
C GLU V 422 -4.45 28.23 -107.19
N LEU V 423 -4.71 29.41 -107.79
CA LEU V 423 -5.49 30.48 -107.16
C LEU V 423 -7.00 30.32 -107.35
N ILE V 424 -7.46 29.41 -108.20
CA ILE V 424 -8.88 29.12 -108.34
C ILE V 424 -9.43 28.63 -107.00
N ASN V 425 -10.54 29.25 -106.55
CA ASN V 425 -11.24 28.91 -105.26
C ASN V 425 -12.55 28.20 -105.61
N SER V 426 -12.81 27.00 -105.10
CA SER V 426 -13.91 26.14 -105.52
C SER V 426 -14.68 25.52 -104.35
N ASP V 427 -15.91 25.09 -104.60
CA ASP V 427 -16.70 24.19 -103.74
C ASP V 427 -17.03 24.72 -102.34
N LEU V 428 -17.33 26.02 -102.21
CA LEU V 428 -17.93 26.64 -101.03
C LEU V 428 -19.11 27.50 -101.48
N PRO V 429 -20.13 27.75 -100.65
CA PRO V 429 -21.23 28.62 -101.03
C PRO V 429 -20.71 30.04 -101.32
N GLN V 430 -21.24 30.73 -102.34
CA GLN V 430 -20.70 32.04 -102.83
C GLN V 430 -20.44 33.10 -101.75
N TRP V 431 -21.23 33.17 -100.68
CA TRP V 431 -21.00 34.09 -99.56
C TRP V 431 -19.76 33.71 -98.73
N LEU V 432 -19.38 32.43 -98.69
CA LEU V 432 -18.14 31.98 -98.08
C LEU V 432 -16.98 31.97 -99.08
N LEU V 433 -17.23 31.60 -100.34
CA LEU V 433 -16.22 31.51 -101.38
C LEU V 433 -15.60 32.87 -101.71
N LEU V 434 -16.40 33.94 -101.74
CA LEU V 434 -15.93 35.28 -102.07
C LEU V 434 -15.30 36.00 -100.87
N PHE V 435 -15.60 35.61 -99.63
CA PHE V 435 -15.19 36.38 -98.44
C PHE V 435 -13.67 36.44 -98.30
N GLY V 436 -13.08 37.63 -98.38
CA GLY V 436 -11.64 37.83 -98.27
C GLY V 436 -10.81 37.26 -99.43
N TYR V 437 -11.42 36.67 -100.46
CA TYR V 437 -10.69 36.09 -101.59
C TYR V 437 -9.90 37.15 -102.40
N PRO V 438 -10.46 38.32 -102.76
CA PRO V 438 -9.68 39.38 -103.38
C PRO V 438 -8.48 39.84 -102.56
N ASP V 439 -8.60 39.92 -101.24
CA ASP V 439 -7.48 40.30 -100.38
C ASP V 439 -6.42 39.22 -100.27
N TYR V 440 -6.81 37.94 -100.23
CA TYR V 440 -5.84 36.85 -100.35
C TYR V 440 -5.04 36.97 -101.64
N ILE V 441 -5.72 37.26 -102.75
CA ILE V 441 -5.07 37.42 -104.06
C ILE V 441 -4.14 38.63 -104.08
N LYS V 442 -4.57 39.80 -103.58
CA LYS V 442 -3.71 40.98 -103.43
C LYS V 442 -2.49 40.70 -102.57
N ARG V 443 -2.66 40.08 -101.40
CA ARG V 443 -1.52 39.79 -100.47
C ARG V 443 -0.60 38.73 -101.10
N THR V 444 -1.14 37.82 -101.91
CA THR V 444 -0.32 36.83 -102.63
C THR V 444 0.60 37.48 -103.68
N GLN V 445 0.20 38.62 -104.26
CA GLN V 445 1.06 39.41 -105.20
C GLN V 445 1.45 38.63 -106.47
N ASN V 446 0.74 37.57 -106.82
CA ASN V 446 0.97 36.81 -108.06
C ASN V 446 0.33 37.47 -109.31
N PHE V 447 -0.39 38.58 -109.13
CA PHE V 447 -0.98 39.38 -110.21
C PHE V 447 -0.50 40.83 -110.14
N ALA V 448 -0.50 41.53 -111.28
CA ALA V 448 -0.21 42.96 -111.31
C ALA V 448 -1.27 43.71 -110.46
N LEU V 449 -0.79 44.52 -109.51
CA LEU V 449 -1.55 44.82 -108.30
C LEU V 449 -2.84 45.65 -108.52
N VAL V 450 -2.90 46.41 -109.61
CA VAL V 450 -3.94 47.44 -109.78
C VAL V 450 -5.32 46.86 -110.13
N ASP V 451 -6.37 47.34 -109.44
CA ASP V 451 -7.76 46.83 -109.64
C ASP V 451 -8.23 46.96 -111.09
N THR V 452 -7.69 47.92 -111.83
CA THR V 452 -8.14 48.17 -113.21
C THR V 452 -7.68 47.11 -114.21
N ASN V 453 -6.71 46.27 -113.85
CA ASN V 453 -6.07 45.36 -114.80
C ASN V 453 -6.59 43.91 -114.70
N TYR V 454 -7.53 43.64 -113.80
CA TYR V 454 -8.14 42.32 -113.62
C TYR V 454 -9.65 42.42 -113.46
N ILE V 455 -10.34 41.33 -113.74
CA ILE V 455 -11.76 41.11 -113.46
C ILE V 455 -11.88 39.84 -112.62
N LEU V 456 -12.78 39.86 -111.65
CA LEU V 456 -13.25 38.71 -110.91
C LEU V 456 -14.41 38.04 -111.65
N VAL V 457 -14.31 36.72 -111.83
CA VAL V 457 -15.23 35.86 -112.56
C VAL V 457 -15.62 34.70 -111.65
N ASP V 458 -16.90 34.34 -111.57
CA ASP V 458 -17.33 33.21 -110.74
C ASP V 458 -18.44 32.38 -111.40
N HIS V 459 -18.42 31.07 -111.12
CA HIS V 459 -19.46 30.15 -111.56
C HIS V 459 -20.36 29.77 -110.37
N CYS V 460 -21.67 29.78 -110.58
CA CYS V 460 -22.65 29.41 -109.56
C CYS V 460 -23.91 28.86 -110.24
N PRO V 461 -24.20 27.56 -110.13
CA PRO V 461 -25.44 26.96 -110.64
C PRO V 461 -26.74 27.53 -110.05
N TYR V 462 -26.67 28.23 -108.91
CA TYR V 462 -27.80 28.41 -108.01
C TYR V 462 -28.52 29.75 -108.11
N THR V 463 -28.11 30.64 -109.00
CA THR V 463 -28.98 31.77 -109.39
C THR V 463 -30.18 31.27 -110.18
N ASN V 464 -31.34 31.94 -110.06
CA ASN V 464 -32.57 31.47 -110.69
C ASN V 464 -32.55 31.61 -112.23
N PRO V 465 -32.27 32.79 -112.80
CA PRO V 465 -31.66 32.88 -114.12
C PRO V 465 -30.18 32.51 -114.03
N GLU V 466 -29.51 32.25 -115.14
CA GLU V 466 -28.09 31.87 -115.15
C GLU V 466 -27.32 32.55 -116.29
N LYS V 467 -26.01 32.66 -116.10
CA LYS V 467 -24.98 32.88 -117.12
C LYS V 467 -23.80 31.98 -116.78
N THR V 468 -23.09 31.44 -117.77
CA THR V 468 -22.12 30.35 -117.54
C THR V 468 -21.05 30.76 -116.53
N PRO V 469 -20.21 31.78 -116.77
CA PRO V 469 -19.65 32.59 -115.71
C PRO V 469 -20.52 33.81 -115.41
N PHE V 470 -20.24 34.42 -114.25
CA PHE V 470 -20.85 35.72 -113.87
C PHE V 470 -19.72 36.73 -113.87
N ILE V 471 -19.97 37.97 -114.27
CA ILE V 471 -18.94 39.05 -114.15
C ILE V 471 -19.59 40.09 -113.24
N PRO V 472 -19.69 39.87 -111.90
CA PRO V 472 -20.45 40.79 -111.06
C PRO V 472 -20.07 42.24 -111.31
N LEU V 473 -21.04 43.15 -111.31
CA LEU V 473 -20.81 44.60 -111.44
C LEU V 473 -21.60 45.33 -110.37
N SER V 474 -20.98 46.34 -109.75
CA SER V 474 -21.66 47.11 -108.70
C SER V 474 -22.73 48.01 -109.26
N THR V 475 -23.78 48.26 -108.47
CA THR V 475 -24.86 49.18 -108.81
C THR V 475 -24.34 50.56 -109.21
N SER V 476 -23.24 51.03 -108.62
CA SER V 476 -22.57 52.27 -109.02
C SER V 476 -22.11 52.27 -110.49
N PHE V 477 -21.48 51.20 -110.98
CA PHE V 477 -21.07 51.08 -112.39
C PHE V 477 -22.26 50.88 -113.34
N ILE V 478 -23.28 50.15 -112.89
CA ILE V 478 -24.56 49.99 -113.60
C ILE V 478 -25.38 51.29 -113.63
N GLU V 479 -25.08 52.25 -112.77
CA GLU V 479 -25.71 53.57 -112.69
C GLU V 479 -24.79 54.73 -113.10
N GLY V 480 -23.59 54.45 -113.65
CA GLY V 480 -22.70 55.51 -114.12
C GLY V 480 -22.13 56.41 -113.03
N ARG V 481 -21.51 55.80 -112.01
CA ARG V 481 -20.98 56.56 -110.84
C ARG V 481 -19.69 55.90 -110.32
N SER V 482 -18.83 56.67 -109.64
CA SER V 482 -17.55 56.15 -109.12
C SER V 482 -17.73 55.05 -108.06
N PRO V 483 -16.76 54.13 -107.88
CA PRO V 483 -16.92 52.90 -107.10
C PRO V 483 -17.54 53.04 -105.70
N TYR V 484 -17.22 54.10 -104.97
CA TYR V 484 -17.77 54.41 -103.64
C TYR V 484 -18.28 55.87 -103.56
N SER V 485 -18.99 56.33 -104.59
CA SER V 485 -19.53 57.69 -104.66
C SER V 485 -21.04 57.73 -104.34
N PRO V 486 -21.54 58.73 -103.59
CA PRO V 486 -22.93 58.78 -103.17
C PRO V 486 -23.90 58.91 -104.35
N SER V 487 -25.06 58.27 -104.23
CA SER V 487 -26.07 58.11 -105.28
C SER V 487 -26.63 59.41 -105.86
N ASP V 488 -26.45 60.55 -105.18
CA ASP V 488 -26.89 61.88 -105.72
C ASP V 488 -26.08 62.21 -106.98
N THR V 489 -24.89 61.62 -107.12
CA THR V 489 -24.00 61.80 -108.27
C THR V 489 -24.49 60.97 -109.47
N HIS V 490 -24.39 61.51 -110.70
CA HIS V 490 -24.84 60.81 -111.95
C HIS V 490 -23.72 60.82 -113.00
N GLU V 491 -22.45 60.93 -112.59
CA GLU V 491 -21.27 60.86 -113.45
C GLU V 491 -20.08 60.30 -112.64
N PRO V 492 -19.13 59.58 -113.26
CA PRO V 492 -17.85 59.33 -112.63
C PRO V 492 -17.07 60.63 -112.36
N ASP V 493 -16.21 60.62 -111.34
CA ASP V 493 -15.14 61.62 -111.15
C ASP V 493 -14.06 61.47 -112.24
N GLU V 494 -13.28 62.51 -112.57
CA GLU V 494 -12.43 62.54 -113.77
C GLU V 494 -11.53 61.30 -113.97
N GLU V 495 -10.92 60.79 -112.91
CA GLU V 495 -10.07 59.59 -112.98
C GLU V 495 -10.86 58.30 -113.25
N ASP V 496 -12.14 58.25 -112.87
CA ASP V 496 -13.09 57.19 -113.26
C ASP V 496 -13.87 57.53 -114.55
N GLN V 497 -13.86 58.77 -115.03
CA GLN V 497 -14.35 59.09 -116.39
C GLN V 497 -13.40 58.48 -117.42
N ASN V 498 -12.09 58.55 -117.15
CA ASN V 498 -11.09 57.66 -117.74
C ASN V 498 -11.23 56.23 -117.18
N ARG V 499 -10.74 55.27 -117.98
CA ARG V 499 -10.74 53.84 -117.60
C ARG V 499 -12.15 53.38 -117.25
N TRP V 500 -13.21 53.89 -117.93
CA TRP V 500 -14.62 53.52 -117.66
C TRP V 500 -14.96 52.20 -118.37
N TYR V 501 -14.41 51.10 -117.88
CA TYR V 501 -14.61 49.75 -118.45
C TYR V 501 -14.61 48.67 -117.35
N PRO V 502 -15.18 47.48 -117.60
CA PRO V 502 -15.21 46.40 -116.62
C PRO V 502 -13.84 46.05 -116.02
N CYS V 503 -13.72 46.18 -114.71
CA CYS V 503 -12.56 45.77 -113.92
C CYS V 503 -12.93 45.65 -112.44
N TYR V 504 -12.09 44.98 -111.66
CA TYR V 504 -12.35 44.64 -110.26
C TYR V 504 -12.71 45.86 -109.40
N GLN V 505 -12.19 47.05 -109.72
CA GLN V 505 -12.51 48.29 -108.97
C GLN V 505 -14.04 48.57 -109.00
N TYR V 506 -14.72 48.26 -110.09
CA TYR V 506 -16.17 48.43 -110.19
C TYR V 506 -16.96 47.21 -109.69
N GLN V 507 -16.32 46.08 -109.42
CA GLN V 507 -16.99 44.87 -108.92
C GLN V 507 -17.11 44.81 -107.40
N GLN V 508 -16.32 45.61 -106.66
CA GLN V 508 -16.13 45.47 -105.22
C GLN V 508 -17.42 45.46 -104.40
N GLU V 509 -18.32 46.41 -104.64
CA GLU V 509 -19.57 46.49 -103.86
C GLU V 509 -20.50 45.31 -104.16
N SER V 510 -20.49 44.76 -105.37
CA SER V 510 -21.31 43.58 -105.70
C SER V 510 -20.86 42.33 -104.96
N ILE V 511 -19.57 42.04 -104.87
CA ILE V 511 -19.09 40.87 -104.13
C ILE V 511 -19.19 41.07 -102.62
N ASN V 512 -19.07 42.32 -102.13
CA ASN V 512 -19.40 42.60 -100.74
C ASN V 512 -20.89 42.32 -100.47
N SER V 513 -21.78 42.71 -101.36
CA SER V 513 -23.21 42.45 -101.25
C SER V 513 -23.54 40.94 -101.24
N ILE V 514 -22.85 40.14 -102.05
CA ILE V 514 -22.96 38.67 -101.98
C ILE V 514 -22.46 38.14 -100.64
N CYS V 515 -21.33 38.62 -100.12
CA CYS V 515 -20.85 38.23 -98.78
C CYS V 515 -21.82 38.63 -97.66
N LEU V 516 -22.43 39.80 -97.74
CA LEU V 516 -23.48 40.26 -96.82
C LEU V 516 -24.73 39.37 -96.84
N SER V 517 -24.98 38.62 -97.91
CA SER V 517 -26.05 37.63 -97.89
C SER V 517 -25.75 36.45 -96.96
N GLY V 518 -24.49 36.20 -96.61
CA GLY V 518 -24.09 35.14 -95.70
C GLY V 518 -24.36 35.43 -94.23
N PRO V 519 -24.45 34.39 -93.38
CA PRO V 519 -24.76 34.54 -91.97
C PRO V 519 -23.65 35.22 -91.16
N GLY V 520 -24.03 35.79 -90.03
CA GLY V 520 -23.17 36.48 -89.07
C GLY V 520 -22.73 37.89 -89.47
N THR V 521 -22.93 38.30 -90.71
CA THR V 521 -22.50 39.61 -91.21
C THR V 521 -23.32 40.74 -90.56
N PRO V 522 -22.68 41.78 -90.00
CA PRO V 522 -23.37 42.78 -89.20
C PRO V 522 -24.21 43.77 -90.00
N LYS V 523 -25.17 44.41 -89.32
CA LYS V 523 -25.96 45.55 -89.80
C LYS V 523 -25.35 46.85 -89.26
N ILE V 524 -24.85 47.72 -90.13
CA ILE V 524 -24.27 49.01 -89.72
C ILE V 524 -25.03 50.13 -90.44
N PRO V 525 -25.69 51.08 -89.75
CA PRO V 525 -26.38 52.18 -90.41
C PRO V 525 -25.44 53.00 -91.31
N LYS V 526 -25.94 53.47 -92.46
CA LYS V 526 -25.15 54.30 -93.38
C LYS V 526 -24.68 55.58 -92.69
N GLY V 527 -23.41 55.92 -92.88
CA GLY V 527 -22.74 57.03 -92.22
C GLY V 527 -22.17 56.73 -90.83
N ILE V 528 -22.34 55.53 -90.29
CA ILE V 528 -21.71 55.07 -89.04
C ILE V 528 -20.53 54.16 -89.38
N THR V 529 -19.40 54.36 -88.72
CA THR V 529 -18.24 53.46 -88.78
C THR V 529 -18.14 52.71 -87.48
N ALA V 530 -18.20 51.38 -87.54
CA ALA V 530 -17.95 50.53 -86.39
C ALA V 530 -16.45 50.31 -86.23
N GLU V 531 -15.97 50.17 -85.00
CA GLU V 531 -14.54 50.09 -84.67
C GLU V 531 -14.33 49.05 -83.57
N ALA V 532 -13.15 48.45 -83.49
CA ALA V 532 -12.74 47.63 -82.37
C ALA V 532 -11.28 47.88 -82.03
N LYS V 533 -10.93 47.76 -80.75
CA LYS V 533 -9.56 47.96 -80.27
C LYS V 533 -9.16 46.93 -79.22
N VAL V 534 -7.87 46.66 -79.15
CA VAL V 534 -7.23 45.89 -78.08
C VAL V 534 -6.20 46.79 -77.41
N LYS V 535 -6.01 46.65 -76.10
CA LYS V 535 -4.84 47.18 -75.40
C LYS V 535 -3.85 46.05 -75.19
N TYR V 536 -2.62 46.24 -75.62
CA TYR V 536 -1.56 45.24 -75.51
C TYR V 536 -0.52 45.66 -74.49
N SER V 537 0.18 44.68 -73.93
CA SER V 537 1.36 44.85 -73.12
C SER V 537 2.34 43.72 -73.42
N PHE V 538 3.35 43.96 -74.24
CA PHE V 538 4.42 43.00 -74.51
C PHE V 538 5.52 43.11 -73.46
N ASN V 539 5.94 41.99 -72.89
CA ASN V 539 6.92 41.97 -71.82
C ASN V 539 8.30 41.59 -72.36
N PHE V 540 9.26 42.47 -72.19
CA PHE V 540 10.65 42.29 -72.60
C PHE V 540 11.57 42.57 -71.42
N LYS V 541 12.79 42.04 -71.51
CA LYS V 541 13.93 42.54 -70.75
C LYS V 541 14.99 42.97 -71.74
N TRP V 542 15.73 44.03 -71.42
CA TRP V 542 16.89 44.48 -72.18
C TRP V 542 18.15 44.13 -71.39
N GLY V 543 19.17 43.61 -72.05
CA GLY V 543 20.40 43.13 -71.40
C GLY V 543 21.64 43.76 -71.99
N GLY V 544 22.65 44.00 -71.16
CA GLY V 544 23.93 44.51 -71.63
C GLY V 544 24.94 44.75 -70.51
N ASP V 545 26.13 45.18 -70.89
CA ASP V 545 27.07 45.82 -69.98
C ASP V 545 26.58 47.23 -69.60
N LEU V 546 27.05 47.74 -68.46
CA LEU V 546 26.57 49.01 -67.90
C LEU V 546 26.79 50.19 -68.88
N PRO V 547 25.77 51.00 -69.15
CA PRO V 547 25.87 52.14 -70.06
C PRO V 547 26.46 53.41 -69.40
N PRO V 548 26.89 54.40 -70.20
CA PRO V 548 27.27 55.73 -69.73
C PRO V 548 26.06 56.61 -69.37
N MET V 549 26.30 57.76 -68.72
CA MET V 549 25.25 58.69 -68.25
C MET V 549 25.80 60.13 -68.15
N SER V 550 24.93 61.16 -68.10
CA SER V 550 25.31 62.57 -67.98
C SER V 550 24.44 63.37 -66.98
N THR V 551 24.90 64.55 -66.58
CA THR V 551 24.35 65.33 -65.44
C THR V 551 24.19 66.82 -65.77
N ILE V 552 23.40 67.52 -64.97
CA ILE V 552 22.96 68.91 -65.15
C ILE V 552 23.49 69.79 -64.02
N THR V 553 23.85 71.06 -64.29
CA THR V 553 24.32 72.00 -63.26
C THR V 553 23.27 72.19 -62.16
N ASN V 554 23.68 72.31 -60.90
CA ASN V 554 22.75 72.61 -59.80
C ASN V 554 22.15 74.03 -59.86
N PRO V 555 22.92 75.12 -60.11
CA PRO V 555 22.37 76.47 -60.06
C PRO V 555 21.32 76.73 -61.13
N THR V 556 21.53 76.29 -62.37
CA THR V 556 20.53 76.43 -63.45
C THR V 556 19.72 75.15 -63.51
N ASP V 557 18.76 74.97 -62.60
CA ASP V 557 17.95 73.73 -62.53
C ASP V 557 16.53 74.10 -62.08
N GLN V 558 15.62 73.11 -62.00
CA GLN V 558 14.22 73.36 -61.58
C GLN V 558 14.24 74.31 -60.37
N PRO V 559 13.75 75.56 -60.47
CA PRO V 559 13.83 76.51 -59.37
C PRO V 559 12.69 76.34 -58.38
N THR V 560 12.98 76.51 -57.08
CA THR V 560 11.93 76.43 -56.05
C THR V 560 10.91 77.57 -56.24
N TYR V 561 9.67 77.38 -55.81
CA TYR V 561 8.61 78.39 -55.96
C TYR V 561 9.02 79.76 -55.37
N VAL V 562 9.87 79.76 -54.33
CA VAL V 562 10.44 80.96 -53.70
C VAL V 562 11.22 81.80 -54.71
N LYS W 48 -35.89 -63.68 -13.07
CA LYS W 48 -35.63 -64.76 -12.09
C LYS W 48 -36.86 -65.07 -11.25
N ARG W 49 -37.30 -64.16 -10.36
CA ARG W 49 -38.55 -64.27 -9.59
C ARG W 49 -39.27 -62.92 -9.54
N LEU W 50 -40.60 -62.95 -9.58
CA LEU W 50 -41.46 -61.78 -9.62
C LEU W 50 -42.43 -61.78 -8.44
N ASN W 51 -42.81 -60.60 -7.97
CA ASN W 51 -43.94 -60.44 -7.06
C ASN W 51 -45.24 -60.84 -7.77
N ILE W 52 -46.11 -61.58 -7.10
CA ILE W 52 -47.47 -61.80 -7.57
C ILE W 52 -48.27 -60.50 -7.35
N VAL W 53 -49.03 -60.09 -8.35
CA VAL W 53 -49.77 -58.84 -8.40
C VAL W 53 -51.23 -59.14 -8.72
N GLU W 54 -52.15 -58.39 -8.13
CA GLU W 54 -53.58 -58.47 -8.40
C GLU W 54 -54.09 -57.12 -8.89
N TRP W 55 -55.07 -57.12 -9.78
CA TRP W 55 -55.71 -55.89 -10.25
C TRP W 55 -56.94 -55.60 -9.41
N GLN W 56 -56.93 -54.40 -8.81
CA GLN W 56 -57.98 -53.99 -7.85
C GLN W 56 -59.34 -53.92 -8.54
N PRO W 57 -60.42 -54.33 -7.87
CA PRO W 57 -61.76 -54.34 -8.44
C PRO W 57 -62.33 -52.93 -8.61
N LYS W 58 -63.33 -52.81 -9.50
CA LYS W 58 -63.84 -51.52 -10.00
C LYS W 58 -64.41 -50.61 -8.91
N SER W 59 -65.14 -51.16 -7.95
CA SER W 59 -65.64 -50.43 -6.78
C SER W 59 -65.35 -51.18 -5.49
N ILE W 60 -64.95 -50.44 -4.44
CA ILE W 60 -64.51 -50.97 -3.16
C ILE W 60 -65.21 -50.20 -2.02
N ARG W 61 -65.68 -50.93 -0.99
CA ARG W 61 -66.36 -50.32 0.19
C ARG W 61 -65.91 -50.92 1.53
N LYS W 62 -65.14 -50.18 2.33
CA LYS W 62 -64.70 -50.62 3.67
C LYS W 62 -65.90 -50.89 4.58
N CYS W 63 -65.85 -51.97 5.34
CA CYS W 63 -66.86 -52.32 6.33
C CYS W 63 -66.21 -52.88 7.59
N ARG W 64 -66.48 -52.21 8.74
CA ARG W 64 -66.04 -52.71 10.06
C ARG W 64 -67.21 -53.42 10.77
N ILE W 65 -67.19 -54.74 10.83
CA ILE W 65 -68.22 -55.51 11.54
C ILE W 65 -67.93 -55.36 13.03
N LYS W 66 -68.70 -54.51 13.72
CA LYS W 66 -68.48 -54.12 15.12
C LYS W 66 -69.54 -54.75 16.01
N GLY W 67 -69.15 -55.29 17.15
CA GLY W 67 -70.11 -55.90 18.07
C GLY W 67 -69.50 -56.36 19.38
N MET W 68 -70.30 -57.05 20.18
CA MET W 68 -69.95 -57.51 21.52
C MET W 68 -70.10 -59.04 21.60
N LEU W 69 -69.11 -59.74 22.15
CA LEU W 69 -69.11 -61.20 22.30
C LEU W 69 -68.98 -61.59 23.77
N CYS W 70 -69.86 -62.44 24.27
CA CYS W 70 -69.75 -63.03 25.59
C CYS W 70 -68.68 -64.14 25.61
N LEU W 71 -67.66 -64.00 26.46
CA LEU W 71 -66.57 -64.97 26.56
C LEU W 71 -66.95 -66.16 27.44
N PHE W 72 -67.59 -65.90 28.57
CA PHE W 72 -68.22 -66.91 29.41
C PHE W 72 -69.31 -66.24 30.24
N GLN W 73 -70.24 -67.03 30.76
CA GLN W 73 -71.07 -66.65 31.88
C GLN W 73 -71.27 -67.88 32.75
N THR W 74 -70.85 -67.80 34.01
CA THR W 74 -70.59 -68.96 34.87
C THR W 74 -71.09 -68.77 36.29
N THR W 75 -71.56 -69.84 36.90
CA THR W 75 -71.66 -70.02 38.35
C THR W 75 -70.48 -70.89 38.81
N GLU W 76 -70.30 -71.07 40.12
CA GLU W 76 -69.23 -71.90 40.68
C GLU W 76 -69.34 -73.39 40.28
N ASP W 77 -70.56 -73.91 40.18
CA ASP W 77 -70.85 -75.31 39.83
C ASP W 77 -70.73 -75.61 38.32
N ARG W 78 -70.37 -74.61 37.50
CA ARG W 78 -70.11 -74.76 36.07
C ARG W 78 -68.71 -74.32 35.63
N LEU W 79 -67.81 -74.00 36.55
CA LEU W 79 -66.49 -73.46 36.22
C LEU W 79 -65.64 -74.36 35.34
N SER W 80 -65.70 -75.67 35.53
CA SER W 80 -64.89 -76.64 34.76
C SER W 80 -65.47 -77.01 33.39
N TYR W 81 -66.58 -76.40 32.96
CA TYR W 81 -67.27 -76.72 31.71
C TYR W 81 -67.17 -75.61 30.67
N ASN W 82 -67.21 -75.98 29.40
CA ASN W 82 -67.18 -75.07 28.27
C ASN W 82 -68.52 -74.34 28.11
N PHE W 83 -68.49 -73.00 28.08
CA PHE W 83 -69.64 -72.16 27.77
C PHE W 83 -69.92 -72.11 26.27
N ASP W 84 -71.06 -72.65 25.87
CA ASP W 84 -71.69 -72.37 24.59
C ASP W 84 -72.92 -71.50 24.82
N MET W 85 -73.01 -70.38 24.09
CA MET W 85 -74.15 -69.47 24.20
C MET W 85 -75.41 -70.04 23.53
N TYR W 86 -75.22 -70.89 22.52
CA TYR W 86 -76.27 -71.61 21.81
C TYR W 86 -76.21 -73.08 22.21
N GLU W 87 -77.19 -73.50 22.99
CA GLU W 87 -77.10 -74.58 23.97
C GLU W 87 -77.46 -76.00 23.49
N GLU W 88 -76.99 -77.00 24.25
CA GLU W 88 -77.69 -78.29 24.34
C GLU W 88 -78.90 -78.01 25.25
N SER W 89 -80.13 -78.13 24.73
CA SER W 89 -81.34 -77.46 25.25
C SER W 89 -81.69 -77.67 26.73
N ILE W 90 -81.13 -78.70 27.37
CA ILE W 90 -81.26 -78.94 28.81
C ILE W 90 -80.36 -78.03 29.66
N ILE W 91 -79.19 -77.62 29.18
CA ILE W 91 -78.19 -76.88 29.98
C ILE W 91 -78.76 -75.58 30.56
N PRO W 92 -79.41 -74.67 29.82
CA PRO W 92 -79.91 -73.44 30.40
C PRO W 92 -81.15 -73.64 31.29
N GLU W 93 -81.79 -74.81 31.31
CA GLU W 93 -82.93 -75.05 32.20
C GLU W 93 -82.46 -75.08 33.65
N LYS W 94 -82.80 -74.04 34.41
CA LYS W 94 -82.40 -73.84 35.81
C LYS W 94 -80.88 -73.73 36.02
N LEU W 95 -80.11 -73.31 35.01
CA LEU W 95 -78.74 -72.78 35.19
C LEU W 95 -78.60 -71.38 34.58
N PRO W 96 -78.21 -70.35 35.37
CA PRO W 96 -78.05 -69.00 34.85
C PRO W 96 -76.72 -68.77 34.10
N GLY W 97 -75.74 -69.66 34.23
CA GLY W 97 -74.50 -69.65 33.46
C GLY W 97 -74.00 -71.06 33.17
N GLY W 98 -73.64 -71.33 31.91
CA GLY W 98 -73.38 -72.68 31.43
C GLY W 98 -71.95 -73.18 31.55
N GLY W 99 -70.95 -72.31 31.71
CA GLY W 99 -69.56 -72.73 31.72
C GLY W 99 -68.56 -71.61 32.05
N GLY W 100 -67.43 -71.96 32.65
CA GLY W 100 -66.41 -71.02 33.11
C GLY W 100 -65.22 -70.84 32.18
N PHE W 101 -65.18 -71.55 31.06
CA PHE W 101 -64.21 -71.32 29.99
C PHE W 101 -64.92 -71.42 28.65
N SER W 102 -64.37 -70.85 27.59
CA SER W 102 -64.86 -71.16 26.25
C SER W 102 -63.74 -71.20 25.23
N ILE W 103 -63.97 -71.92 24.15
CA ILE W 103 -63.25 -71.77 22.90
C ILE W 103 -64.23 -71.23 21.86
N LYS W 104 -63.97 -70.04 21.33
CA LYS W 104 -64.75 -69.39 20.27
C LYS W 104 -64.00 -69.47 18.97
N ASN W 105 -64.64 -69.91 17.89
CA ASN W 105 -64.14 -69.71 16.52
C ASN W 105 -65.02 -68.66 15.83
N ILE W 106 -64.40 -67.64 15.25
CA ILE W 106 -65.11 -66.57 14.52
C ILE W 106 -64.87 -66.72 13.02
N SER W 107 -65.93 -66.70 12.24
CA SER W 107 -65.92 -66.70 10.78
C SER W 107 -66.91 -65.66 10.28
N LEU W 108 -66.76 -65.21 9.04
CA LEU W 108 -67.69 -64.24 8.44
C LEU W 108 -69.14 -64.73 8.44
N TYR W 109 -69.38 -66.03 8.33
CA TYR W 109 -70.72 -66.58 8.50
C TYR W 109 -71.21 -66.53 9.96
N ALA W 110 -70.35 -66.80 10.94
CA ALA W 110 -70.70 -66.61 12.34
C ALA W 110 -70.96 -65.13 12.67
N LEU W 111 -70.23 -64.19 12.08
CA LEU W 111 -70.52 -62.76 12.18
C LEU W 111 -71.87 -62.39 11.59
N TYR W 112 -72.25 -62.97 10.45
CA TYR W 112 -73.59 -62.83 9.89
C TYR W 112 -74.66 -63.43 10.81
N GLN W 113 -74.43 -64.59 11.42
CA GLN W 113 -75.37 -65.16 12.38
C GLN W 113 -75.53 -64.28 13.63
N GLU W 114 -74.46 -63.67 14.14
CA GLU W 114 -74.54 -62.70 15.22
C GLU W 114 -75.31 -61.43 14.80
N HIS W 115 -75.34 -61.09 13.50
CA HIS W 115 -76.15 -59.94 13.00
C HIS W 115 -77.64 -60.32 13.02
N ILE W 116 -77.98 -61.59 12.83
CA ILE W 116 -79.38 -62.05 12.95
C ILE W 116 -79.87 -62.00 14.40
N HIS W 117 -78.98 -62.20 15.38
CA HIS W 117 -79.26 -61.97 16.80
C HIS W 117 -79.19 -60.49 17.21
N ALA W 118 -78.93 -59.57 16.28
CA ALA W 118 -78.69 -58.15 16.52
C ALA W 118 -77.50 -57.86 17.46
N HIS W 119 -76.52 -58.75 17.56
CA HIS W 119 -75.36 -58.60 18.42
C HIS W 119 -74.24 -57.76 17.79
N ASN W 120 -74.32 -57.46 16.49
CA ASN W 120 -73.36 -56.61 15.79
C ASN W 120 -74.02 -55.72 14.74
N ILE W 121 -73.26 -54.73 14.27
CA ILE W 121 -73.56 -53.91 13.11
C ILE W 121 -72.54 -54.19 12.01
N PHE W 122 -72.96 -54.10 10.76
CA PHE W 122 -72.06 -54.00 9.60
C PHE W 122 -72.04 -52.55 9.18
N THR W 123 -70.87 -51.91 9.19
CA THR W 123 -70.75 -50.48 8.86
C THR W 123 -71.11 -50.17 7.40
N HIS W 124 -71.01 -51.18 6.54
CA HIS W 124 -71.46 -51.07 5.13
C HIS W 124 -72.04 -52.43 4.74
N THR W 125 -73.17 -52.46 4.06
CA THR W 125 -73.75 -53.70 3.52
C THR W 125 -72.86 -54.30 2.43
N ASN W 126 -73.06 -55.60 2.18
CA ASN W 126 -72.32 -56.41 1.22
C ASN W 126 -73.20 -56.95 0.09
N THR W 127 -74.43 -56.46 -0.08
CA THR W 127 -75.47 -57.15 -0.87
C THR W 127 -75.13 -57.33 -2.35
N ASP W 128 -74.41 -56.37 -2.95
CA ASP W 128 -74.14 -56.34 -4.39
C ASP W 128 -72.65 -56.25 -4.73
N ARG W 129 -71.78 -56.56 -3.74
CA ARG W 129 -70.30 -56.61 -3.93
C ARG W 129 -69.91 -58.01 -3.43
N PRO W 130 -69.64 -59.01 -4.30
CA PRO W 130 -69.45 -60.40 -3.90
C PRO W 130 -68.04 -60.75 -3.42
N LEU W 131 -67.04 -59.90 -3.71
CA LEU W 131 -65.67 -60.09 -3.26
C LEU W 131 -65.49 -59.54 -1.84
N ALA W 132 -64.57 -60.14 -1.09
CA ALA W 132 -64.16 -59.70 0.24
C ALA W 132 -62.65 -59.68 0.36
N ARG W 133 -62.12 -58.72 1.14
CA ARG W 133 -60.68 -58.58 1.42
C ARG W 133 -60.51 -58.34 2.94
N TYR W 134 -60.36 -59.40 3.74
CA TYR W 134 -60.19 -59.31 5.18
C TYR W 134 -58.82 -58.76 5.57
N THR W 135 -58.79 -57.77 6.47
CA THR W 135 -57.58 -57.01 6.81
C THR W 135 -57.10 -57.26 8.24
N GLY W 136 -57.89 -57.92 9.08
CA GLY W 136 -57.57 -58.20 10.48
C GLY W 136 -58.66 -57.73 11.43
N CYS W 137 -58.39 -57.88 12.72
CA CYS W 137 -59.36 -57.64 13.79
C CYS W 137 -58.77 -56.73 14.88
N SER W 138 -59.60 -55.91 15.51
CA SER W 138 -59.32 -55.29 16.80
C SER W 138 -60.21 -55.89 17.87
N LEU W 139 -59.64 -56.30 18.99
CA LEU W 139 -60.39 -56.72 20.17
C LEU W 139 -60.16 -55.74 21.32
N LYS W 140 -61.22 -55.38 22.05
CA LYS W 140 -61.16 -54.71 23.36
C LYS W 140 -61.73 -55.64 24.40
N PHE W 141 -60.90 -56.13 25.31
CA PHE W 141 -61.29 -57.01 26.41
C PHE W 141 -61.60 -56.16 27.63
N TYR W 142 -62.80 -56.25 28.18
CA TYR W 142 -63.20 -55.42 29.31
C TYR W 142 -62.93 -56.11 30.64
N GLN W 143 -62.48 -55.35 31.64
CA GLN W 143 -62.48 -55.81 33.02
C GLN W 143 -63.90 -56.13 33.46
N SER W 144 -64.15 -57.35 33.92
CA SER W 144 -65.40 -57.65 34.62
C SER W 144 -65.41 -57.00 36.00
N LYS W 145 -66.59 -56.84 36.58
CA LYS W 145 -66.72 -56.31 37.95
C LYS W 145 -66.12 -57.24 38.99
N ASP W 146 -66.53 -58.52 38.96
CA ASP W 146 -66.30 -59.48 40.06
C ASP W 146 -65.27 -60.58 39.78
N ILE W 147 -64.91 -60.83 38.52
CA ILE W 147 -64.05 -62.01 38.18
C ILE W 147 -62.88 -61.62 37.26
N ASP W 148 -61.71 -62.21 37.46
CA ASP W 148 -60.53 -61.98 36.59
C ASP W 148 -60.67 -63.01 35.46
N TYR W 149 -59.84 -62.95 34.43
CA TYR W 149 -59.90 -64.01 33.39
C TYR W 149 -58.71 -63.96 32.46
N VAL W 150 -58.21 -65.11 32.04
CA VAL W 150 -57.09 -65.26 31.11
C VAL W 150 -57.68 -65.44 29.71
N VAL W 151 -57.11 -64.76 28.72
CA VAL W 151 -57.40 -64.99 27.31
C VAL W 151 -56.13 -65.42 26.61
N THR W 152 -56.24 -66.33 25.65
CA THR W 152 -55.25 -66.46 24.58
C THR W 152 -55.96 -66.73 23.27
N TYR W 153 -55.39 -66.30 22.16
CA TYR W 153 -56.02 -66.40 20.85
C TYR W 153 -55.03 -66.96 19.83
N SER W 154 -55.55 -67.51 18.75
CA SER W 154 -54.77 -68.08 17.67
C SER W 154 -55.40 -67.76 16.33
N THR W 155 -54.61 -67.79 15.25
CA THR W 155 -55.13 -67.58 13.88
C THR W 155 -54.52 -68.61 12.92
N SER W 156 -54.02 -69.73 13.44
CA SER W 156 -53.56 -70.82 12.54
C SER W 156 -54.78 -71.27 11.74
N LEU W 157 -54.82 -70.98 10.43
CA LEU W 157 -56.04 -71.30 9.62
C LEU W 157 -56.50 -72.72 9.92
N PRO W 158 -55.63 -73.75 9.99
CA PRO W 158 -56.08 -75.09 10.38
C PRO W 158 -56.76 -75.03 11.73
N LEU W 159 -58.05 -75.37 11.79
CA LEU W 159 -58.85 -75.34 13.04
C LEU W 159 -59.10 -76.77 13.52
N ARG W 160 -58.75 -77.08 14.77
CA ARG W 160 -58.99 -78.43 15.36
C ARG W 160 -58.99 -78.34 16.89
N SER W 161 -59.56 -79.33 17.57
CA SER W 161 -59.58 -79.38 19.05
C SER W 161 -58.64 -80.49 19.53
N SER W 162 -58.12 -80.39 20.75
CA SER W 162 -57.18 -81.41 21.29
C SER W 162 -57.45 -81.63 22.78
N MET W 163 -57.13 -82.81 23.30
CA MET W 163 -57.27 -83.13 24.73
C MET W 163 -56.35 -82.25 25.59
N GLY W 164 -55.13 -82.00 25.12
CA GLY W 164 -54.18 -81.10 25.76
C GLY W 164 -54.64 -79.65 25.75
N MET W 165 -55.31 -79.18 24.69
CA MET W 165 -55.95 -77.85 24.68
C MET W 165 -56.99 -77.73 25.78
N TYR W 166 -57.92 -78.67 25.89
CA TYR W 166 -58.99 -78.59 26.90
C TYR W 166 -58.45 -78.70 28.33
N ASN W 167 -57.46 -79.55 28.59
CA ASN W 167 -56.81 -79.55 29.91
C ASN W 167 -56.07 -78.23 30.17
N SER W 168 -55.36 -77.68 29.17
CA SER W 168 -54.64 -76.42 29.33
C SER W 168 -55.54 -75.20 29.54
N MET W 169 -56.86 -75.33 29.36
CA MET W 169 -57.82 -74.30 29.77
C MET W 169 -57.94 -74.15 31.28
N GLN W 170 -57.41 -75.09 32.08
CA GLN W 170 -57.43 -74.98 33.54
C GLN W 170 -56.77 -73.66 33.94
N PRO W 171 -57.37 -72.84 34.83
CA PRO W 171 -56.95 -71.46 35.01
C PRO W 171 -55.49 -71.26 35.36
N SER W 172 -54.90 -72.10 36.20
CA SER W 172 -53.49 -72.06 36.56
C SER W 172 -52.59 -72.39 35.37
N ILE W 173 -52.96 -73.40 34.57
CA ILE W 173 -52.19 -73.81 33.40
C ILE W 173 -52.28 -72.78 32.28
N HIS W 174 -53.48 -72.26 32.00
CA HIS W 174 -53.66 -71.19 31.04
C HIS W 174 -52.89 -69.94 31.45
N LEU W 175 -52.94 -69.55 32.72
CA LEU W 175 -52.16 -68.44 33.25
C LEU W 175 -50.63 -68.62 33.13
N MET W 176 -50.11 -69.85 33.04
CA MET W 176 -48.69 -70.06 32.77
C MET W 176 -48.29 -69.95 31.30
N GLN W 177 -49.21 -70.08 30.35
CA GLN W 177 -48.89 -70.11 28.93
C GLN W 177 -48.28 -68.79 28.42
N GLN W 178 -47.47 -68.88 27.37
CA GLN W 178 -46.94 -67.72 26.66
C GLN W 178 -48.02 -67.06 25.79
N ASN W 179 -47.90 -65.75 25.57
CA ASN W 179 -48.87 -64.95 24.83
C ASN W 179 -50.31 -65.06 25.37
N LYS W 180 -50.42 -65.26 26.69
CA LYS W 180 -51.64 -65.01 27.45
C LYS W 180 -51.90 -63.50 27.54
N LEU W 181 -53.14 -63.15 27.82
CA LEU W 181 -53.57 -61.86 28.31
C LEU W 181 -54.35 -62.08 29.60
N ILE W 182 -53.94 -61.45 30.69
CA ILE W 182 -54.67 -61.49 31.96
C ILE W 182 -55.47 -60.21 32.07
N VAL W 183 -56.76 -60.33 32.33
CA VAL W 183 -57.65 -59.20 32.60
C VAL W 183 -58.09 -59.26 34.06
N PRO W 184 -57.49 -58.45 34.94
CA PRO W 184 -57.95 -58.35 36.32
C PRO W 184 -59.36 -57.77 36.36
N SER W 185 -60.17 -58.18 37.31
CA SER W 185 -61.43 -57.52 37.61
C SER W 185 -61.20 -56.07 38.06
N LYS W 186 -62.24 -55.25 38.01
CA LYS W 186 -62.20 -53.88 38.54
C LYS W 186 -61.91 -53.85 40.05
N GLN W 187 -62.32 -54.91 40.76
CA GLN W 187 -61.99 -55.11 42.17
C GLN W 187 -60.51 -55.41 42.40
N THR W 188 -59.89 -56.30 41.63
CA THR W 188 -58.47 -56.64 41.84
C THR W 188 -57.49 -55.60 41.31
N GLN W 189 -57.84 -54.81 40.28
CA GLN W 189 -57.04 -53.69 39.85
C GLN W 189 -57.87 -52.59 39.17
N LYS W 190 -57.88 -51.39 39.74
CA LYS W 190 -58.36 -50.17 39.07
C LYS W 190 -57.33 -49.71 38.04
N ARG W 191 -57.76 -49.36 36.83
CA ARG W 191 -56.90 -49.02 35.68
C ARG W 191 -57.31 -47.68 35.06
N ARG W 192 -56.38 -47.04 34.35
CA ARG W 192 -56.65 -45.82 33.57
C ARG W 192 -57.68 -46.10 32.48
N LYS W 193 -57.42 -47.10 31.64
CA LYS W 193 -58.36 -47.59 30.63
C LYS W 193 -59.05 -48.86 31.16
N PRO W 194 -60.38 -48.96 31.12
CA PRO W 194 -61.12 -50.08 31.69
C PRO W 194 -61.10 -51.35 30.83
N TYR W 195 -60.25 -51.40 29.81
CA TYR W 195 -60.14 -52.47 28.83
C TYR W 195 -58.70 -52.65 28.38
N ILE W 196 -58.38 -53.81 27.83
CA ILE W 196 -57.11 -54.07 27.14
C ILE W 196 -57.39 -54.28 25.66
N LYS W 197 -56.71 -53.52 24.80
CA LYS W 197 -56.94 -53.48 23.35
C LYS W 197 -55.77 -54.10 22.62
N LYS W 198 -56.03 -55.00 21.67
CA LYS W 198 -54.99 -55.47 20.75
C LYS W 198 -55.50 -55.87 19.38
N HIS W 199 -54.63 -55.68 18.39
CA HIS W 199 -54.88 -55.92 16.98
C HIS W 199 -54.37 -57.29 16.59
N ILE W 200 -55.16 -58.05 15.85
CA ILE W 200 -54.88 -59.41 15.44
C ILE W 200 -54.86 -59.48 13.91
N SER W 201 -53.76 -59.96 13.34
CA SER W 201 -53.57 -60.07 11.90
C SER W 201 -54.39 -61.24 11.31
N PRO W 202 -54.72 -61.28 10.01
CA PRO W 202 -55.38 -62.44 9.41
C PRO W 202 -54.60 -63.75 9.60
N PRO W 203 -55.26 -64.92 9.51
CA PRO W 203 -54.59 -66.19 9.38
C PRO W 203 -53.51 -66.15 8.30
N THR W 204 -52.38 -66.83 8.49
CA THR W 204 -51.29 -66.80 7.49
C THR W 204 -51.73 -67.34 6.12
N GLN W 205 -52.75 -68.21 6.11
CA GLN W 205 -53.32 -68.81 4.87
C GLN W 205 -54.26 -67.80 4.18
N MET W 206 -54.84 -66.85 4.91
CA MET W 206 -55.63 -65.76 4.33
C MET W 206 -54.67 -64.66 3.87
N LYS W 207 -54.36 -64.62 2.58
CA LYS W 207 -53.46 -63.61 1.99
C LYS W 207 -54.21 -62.29 1.78
N SER W 208 -53.51 -61.21 1.45
CA SER W 208 -54.13 -59.90 1.24
C SER W 208 -55.01 -59.82 -0.01
N GLN W 209 -55.02 -60.85 -0.86
CA GLN W 209 -55.84 -60.91 -2.07
C GLN W 209 -57.35 -60.80 -1.80
N TRP W 210 -58.13 -60.49 -2.83
CA TRP W 210 -59.58 -60.62 -2.82
C TRP W 210 -60.01 -62.09 -2.88
N TYR W 211 -61.10 -62.42 -2.22
CA TYR W 211 -61.73 -63.75 -2.22
C TYR W 211 -63.23 -63.59 -2.39
N PHE W 212 -63.90 -64.47 -3.13
CA PHE W 212 -65.36 -64.51 -3.09
C PHE W 212 -65.85 -64.76 -1.66
N GLN W 213 -66.87 -64.01 -1.23
CA GLN W 213 -67.44 -64.14 0.14
C GLN W 213 -68.01 -65.55 0.34
N HIS W 214 -68.46 -66.24 -0.70
CA HIS W 214 -68.98 -67.63 -0.63
C HIS W 214 -67.85 -68.59 -0.21
N ASN W 215 -66.62 -68.34 -0.68
CA ASN W 215 -65.49 -69.22 -0.38
C ASN W 215 -64.99 -69.03 1.05
N ILE W 216 -64.79 -67.78 1.48
CA ILE W 216 -64.26 -67.48 2.82
C ILE W 216 -65.30 -67.47 3.93
N ALA W 217 -66.60 -67.57 3.64
CA ALA W 217 -67.67 -67.47 4.63
C ALA W 217 -67.44 -68.33 5.88
N ASN W 218 -67.08 -69.60 5.69
CA ASN W 218 -66.92 -70.56 6.78
C ASN W 218 -65.48 -70.74 7.29
N ILE W 219 -64.49 -70.11 6.67
CA ILE W 219 -63.09 -70.18 7.12
C ILE W 219 -62.94 -69.50 8.48
N PRO W 220 -62.49 -70.18 9.55
CA PRO W 220 -62.38 -69.58 10.87
C PRO W 220 -61.18 -68.63 10.90
N LEU W 221 -61.43 -67.31 11.03
CA LEU W 221 -60.37 -66.27 10.93
C LEU W 221 -59.79 -65.89 12.30
N LEU W 222 -60.39 -66.36 13.38
CA LEU W 222 -59.90 -66.13 14.74
C LEU W 222 -60.38 -67.24 15.67
N MET W 223 -59.52 -67.75 16.55
CA MET W 223 -59.92 -68.50 17.74
C MET W 223 -59.62 -67.71 19.01
N ILE W 224 -60.58 -67.56 19.91
CA ILE W 224 -60.38 -66.99 21.23
C ILE W 224 -60.59 -68.09 22.27
N ARG W 225 -59.63 -68.29 23.17
CA ARG W 225 -59.73 -69.19 24.34
C ARG W 225 -59.76 -68.35 25.60
N THR W 226 -60.77 -68.52 26.45
CA THR W 226 -60.90 -67.76 27.69
C THR W 226 -61.21 -68.67 28.86
N THR W 227 -60.63 -68.42 30.03
CA THR W 227 -60.96 -69.14 31.27
C THR W 227 -61.11 -68.16 32.43
N ALA W 228 -62.10 -68.40 33.29
CA ALA W 228 -62.36 -67.63 34.51
C ALA W 228 -61.36 -67.97 35.63
N LEU W 229 -60.96 -66.98 36.40
CA LEU W 229 -59.76 -67.00 37.23
C LEU W 229 -60.00 -66.23 38.53
N THR W 230 -59.25 -66.53 39.59
CA THR W 230 -59.00 -65.51 40.61
C THR W 230 -57.52 -65.41 40.92
N LEU W 231 -57.00 -64.19 40.96
CA LEU W 231 -55.62 -63.88 41.32
C LEU W 231 -55.43 -63.78 42.85
N ASP W 232 -56.38 -63.17 43.56
CA ASP W 232 -56.32 -62.96 45.02
C ASP W 232 -56.68 -64.18 45.87
N ASN W 233 -57.39 -65.16 45.30
CA ASN W 233 -57.80 -66.41 45.96
C ASN W 233 -57.20 -67.62 45.24
N TYR W 234 -56.04 -67.47 44.61
CA TYR W 234 -55.46 -68.45 43.71
C TYR W 234 -55.33 -69.85 44.32
N TYR W 235 -54.86 -69.97 45.56
CA TYR W 235 -54.70 -71.26 46.22
C TYR W 235 -55.94 -71.71 46.97
N ILE W 236 -56.53 -70.85 47.80
CA ILE W 236 -57.70 -71.18 48.61
C ILE W 236 -58.93 -71.42 47.74
N GLY W 237 -59.12 -70.60 46.71
CA GLY W 237 -60.25 -70.69 45.78
C GLY W 237 -61.57 -70.55 46.53
N SER W 238 -62.39 -71.60 46.52
CA SER W 238 -63.62 -71.70 47.30
C SER W 238 -63.59 -72.80 48.37
N ARG W 239 -62.40 -73.23 48.80
CA ARG W 239 -62.19 -74.18 49.91
C ARG W 239 -62.93 -73.74 51.16
N GLN W 240 -63.55 -74.70 51.85
CA GLN W 240 -64.17 -74.54 53.17
C GLN W 240 -63.60 -75.59 54.12
N LEU W 241 -63.32 -75.23 55.38
CA LEU W 241 -62.72 -76.12 56.37
C LEU W 241 -61.39 -76.73 55.87
N SER W 242 -61.25 -78.05 55.86
CA SER W 242 -60.05 -78.78 55.44
C SER W 242 -59.66 -78.56 53.98
N THR W 243 -58.39 -78.76 53.63
CA THR W 243 -57.94 -78.80 52.23
C THR W 243 -58.50 -80.02 51.48
N ASN W 244 -58.81 -81.11 52.18
CA ASN W 244 -59.40 -82.32 51.62
C ASN W 244 -60.83 -82.06 51.12
N VAL W 245 -61.14 -82.55 49.92
CA VAL W 245 -62.50 -82.61 49.38
C VAL W 245 -63.01 -84.06 49.47
N THR W 246 -64.29 -84.23 49.77
CA THR W 246 -64.92 -85.56 49.83
C THR W 246 -65.56 -85.91 48.50
N ILE W 247 -65.20 -87.06 47.93
CA ILE W 247 -65.77 -87.61 46.70
C ILE W 247 -66.65 -88.80 47.07
N HIS W 248 -67.89 -88.86 46.57
CA HIS W 248 -68.73 -90.06 46.74
C HIS W 248 -68.44 -90.95 45.53
N THR W 249 -68.49 -92.27 45.66
CA THR W 249 -68.32 -93.21 44.54
C THR W 249 -69.17 -94.46 44.69
N LEU W 250 -69.43 -95.15 43.58
CA LEU W 250 -70.11 -96.47 43.64
C LEU W 250 -69.06 -97.50 44.09
N ASN W 251 -69.32 -98.25 45.15
CA ASN W 251 -68.38 -99.35 45.55
C ASN W 251 -68.06 -100.13 44.27
N THR W 252 -66.79 -100.26 43.89
CA THR W 252 -66.37 -100.96 42.67
C THR W 252 -66.36 -102.45 42.96
N THR W 253 -66.08 -102.84 44.20
CA THR W 253 -65.91 -104.25 44.60
C THR W 253 -67.22 -105.02 44.70
N TYR W 254 -68.38 -104.37 44.48
CA TYR W 254 -69.70 -105.01 44.55
C TYR W 254 -70.65 -104.58 43.41
N ILE W 255 -70.66 -103.29 43.04
CA ILE W 255 -71.50 -102.75 41.97
C ILE W 255 -70.72 -102.76 40.64
N GLN W 256 -70.90 -103.75 39.79
CA GLN W 256 -70.08 -103.81 38.54
C GLN W 256 -70.88 -104.21 37.30
N ASN W 257 -72.11 -104.70 37.46
CA ASN W 257 -72.79 -105.27 36.29
C ASN W 257 -73.24 -104.25 35.24
N ARG W 258 -73.43 -102.98 35.60
CA ARG W 258 -73.79 -101.88 34.65
C ARG W 258 -75.06 -102.23 33.83
N ASP W 259 -75.98 -103.02 34.38
CA ASP W 259 -77.23 -103.38 33.70
C ASP W 259 -78.39 -102.44 34.10
N TRP W 260 -78.21 -101.13 33.89
CA TRP W 260 -79.09 -100.10 34.45
C TRP W 260 -80.25 -99.64 33.57
N GLY W 261 -81.28 -99.09 34.21
CA GLY W 261 -82.33 -98.31 33.54
C GLY W 261 -83.43 -99.12 32.86
N ASP W 262 -83.79 -100.30 33.40
CA ASP W 262 -84.98 -101.06 33.02
C ASP W 262 -85.83 -101.44 34.25
N ARG W 263 -87.16 -101.40 34.12
CA ARG W 263 -88.07 -101.97 35.17
C ARG W 263 -88.40 -103.40 34.70
N ASN W 264 -87.88 -103.82 33.54
CA ASN W 264 -88.12 -105.13 32.93
C ASN W 264 -87.05 -106.18 33.29
N LYS W 265 -86.19 -105.91 34.27
CA LYS W 265 -85.03 -106.73 34.65
C LYS W 265 -84.79 -106.69 36.15
N THR W 266 -84.76 -107.84 36.82
CA THR W 266 -84.33 -107.92 38.23
C THR W 266 -82.84 -107.60 38.33
N TYR W 267 -82.47 -106.58 39.11
CA TYR W 267 -81.07 -106.14 39.17
C TYR W 267 -80.21 -107.06 40.04
N TYR W 268 -78.99 -107.32 39.56
CA TYR W 268 -77.96 -108.08 40.22
C TYR W 268 -76.67 -107.28 40.13
N CYS W 269 -75.92 -107.14 41.23
CA CYS W 269 -74.86 -106.15 41.33
C CYS W 269 -73.51 -106.62 40.76
N GLN W 270 -73.17 -107.91 40.90
CA GLN W 270 -71.96 -108.48 40.31
C GLN W 270 -72.16 -109.94 39.89
N THR W 271 -71.31 -110.41 38.98
CA THR W 271 -71.10 -111.83 38.68
C THR W 271 -69.69 -112.23 39.13
N LEU W 272 -69.56 -113.39 39.78
CA LEU W 272 -68.25 -114.02 40.06
C LEU W 272 -68.32 -115.49 39.67
N GLY W 273 -67.34 -115.99 38.91
CA GLY W 273 -67.43 -117.32 38.29
C GLY W 273 -68.69 -117.43 37.42
N THR W 274 -69.58 -118.37 37.76
CA THR W 274 -70.92 -118.51 37.16
C THR W 274 -72.03 -117.80 37.95
N GLN W 275 -71.77 -117.33 39.17
CA GLN W 275 -72.78 -116.81 40.09
C GLN W 275 -73.29 -115.41 39.68
N ARG W 276 -74.45 -115.05 40.23
CA ARG W 276 -74.96 -113.67 40.30
C ARG W 276 -75.18 -113.30 41.76
N TYR W 277 -74.94 -112.04 42.12
CA TYR W 277 -75.11 -111.53 43.48
C TYR W 277 -76.15 -110.41 43.51
N PHE W 278 -76.89 -110.35 44.60
CA PHE W 278 -78.14 -109.61 44.73
C PHE W 278 -78.13 -108.80 46.03
N LEU W 279 -78.87 -107.71 46.02
CA LEU W 279 -78.96 -106.76 47.13
C LEU W 279 -80.40 -106.75 47.65
N TYR W 280 -80.57 -106.60 48.97
CA TYR W 280 -81.87 -106.48 49.62
C TYR W 280 -81.84 -105.38 50.67
N GLY W 281 -82.86 -104.53 50.73
CA GLY W 281 -83.01 -103.55 51.79
C GLY W 281 -83.80 -104.11 52.97
N THR W 282 -83.61 -103.60 54.17
CA THR W 282 -84.51 -103.90 55.28
C THR W 282 -84.65 -102.70 56.23
N HIS W 283 -85.81 -102.60 56.90
CA HIS W 283 -86.00 -101.57 57.96
C HIS W 283 -85.81 -102.27 59.31
N SER W 284 -85.44 -103.56 59.31
CA SER W 284 -85.29 -104.33 60.53
C SER W 284 -84.26 -103.73 61.50
N THR W 285 -84.60 -103.75 62.78
CA THR W 285 -83.69 -103.39 63.88
C THR W 285 -82.79 -104.55 64.31
N ALA W 286 -82.91 -105.73 63.68
CA ALA W 286 -82.13 -106.91 64.01
C ALA W 286 -80.62 -106.64 63.91
N GLN W 287 -79.87 -106.98 64.96
CA GLN W 287 -78.43 -106.74 65.03
C GLN W 287 -77.61 -107.82 64.30
N ASN W 288 -78.15 -109.03 64.17
CA ASN W 288 -77.42 -110.18 63.63
C ASN W 288 -77.94 -110.55 62.23
N ILE W 289 -77.03 -110.54 61.24
CA ILE W 289 -77.34 -110.86 59.84
C ILE W 289 -77.94 -112.26 59.65
N ASN W 290 -77.66 -113.20 60.55
CA ASN W 290 -78.18 -114.56 60.47
C ASN W 290 -79.69 -114.66 60.76
N ASP W 291 -80.21 -113.91 61.75
CA ASP W 291 -81.62 -114.09 62.24
C ASP W 291 -82.69 -113.25 61.52
N ILE W 292 -82.30 -112.33 60.64
CA ILE W 292 -83.28 -111.59 59.83
C ILE W 292 -84.17 -112.60 59.07
N LYS W 293 -85.48 -112.32 58.97
CA LYS W 293 -86.43 -113.21 58.29
C LYS W 293 -86.22 -113.22 56.76
N LEU W 294 -86.95 -114.08 56.05
CA LEU W 294 -86.95 -114.02 54.57
C LEU W 294 -87.92 -112.89 54.20
N GLN W 295 -88.83 -112.53 55.11
CA GLN W 295 -89.84 -111.46 54.89
C GLN W 295 -89.23 -110.06 55.00
N GLU W 296 -88.37 -109.83 55.99
CA GLU W 296 -87.80 -108.47 56.25
C GLU W 296 -87.19 -107.89 54.97
N LEU W 297 -86.49 -108.71 54.17
CA LEU W 297 -85.76 -108.21 52.98
C LEU W 297 -86.70 -107.56 51.96
N ILE W 298 -86.31 -106.42 51.38
CA ILE W 298 -87.09 -105.72 50.31
C ILE W 298 -86.26 -105.92 49.04
N PRO W 299 -86.56 -106.91 48.20
CA PRO W 299 -85.72 -107.25 47.07
C PRO W 299 -85.75 -106.14 46.04
N LEU W 300 -84.68 -105.97 45.25
CA LEU W 300 -84.59 -104.88 44.25
C LEU W 300 -84.81 -105.47 42.85
N THR W 301 -85.95 -105.16 42.20
CA THR W 301 -86.30 -105.68 40.86
C THR W 301 -86.31 -104.53 39.87
N ASN W 302 -85.99 -103.31 40.32
CA ASN W 302 -85.91 -102.14 39.44
C ASN W 302 -84.64 -101.35 39.76
N THR W 303 -83.95 -100.81 38.75
CA THR W 303 -82.98 -99.71 38.99
C THR W 303 -83.43 -98.37 38.40
N GLN W 304 -84.35 -98.40 37.43
CA GLN W 304 -84.77 -97.21 36.64
C GLN W 304 -85.59 -96.17 37.43
N ASP W 305 -86.06 -96.46 38.63
CA ASP W 305 -86.92 -95.49 39.36
C ASP W 305 -86.33 -94.99 40.67
N TYR W 306 -86.83 -93.86 41.15
CA TYR W 306 -86.46 -93.34 42.48
C TYR W 306 -87.10 -94.10 43.65
N VAL W 307 -88.04 -95.02 43.36
CA VAL W 307 -88.91 -95.65 44.37
C VAL W 307 -88.11 -96.40 45.44
N GLN W 308 -88.49 -96.22 46.72
CA GLN W 308 -87.89 -96.89 47.88
C GLN W 308 -88.28 -98.36 48.01
N GLY W 309 -89.45 -98.72 47.48
CA GLY W 309 -90.13 -99.96 47.81
C GLY W 309 -90.80 -99.88 49.18
N PHE W 310 -91.26 -101.02 49.70
CA PHE W 310 -91.83 -101.13 51.04
C PHE W 310 -91.70 -102.56 51.56
N ASP W 311 -91.86 -102.72 52.88
CA ASP W 311 -91.74 -104.01 53.58
C ASP W 311 -93.00 -104.88 53.43
N TRP W 312 -92.83 -106.20 53.57
CA TRP W 312 -93.93 -107.18 53.51
C TRP W 312 -95.02 -106.94 54.57
N THR W 313 -94.69 -106.26 55.67
CA THR W 313 -95.68 -105.80 56.65
C THR W 313 -96.73 -104.85 56.08
N GLU W 314 -96.49 -104.25 54.90
CA GLU W 314 -97.48 -103.41 54.18
C GLU W 314 -98.24 -104.18 53.10
N LYS W 315 -98.18 -105.53 53.08
CA LYS W 315 -98.96 -106.41 52.20
C LYS W 315 -100.43 -105.97 52.08
N ASP W 316 -101.07 -105.70 53.21
CA ASP W 316 -102.48 -105.30 53.27
C ASP W 316 -102.75 -103.85 52.85
N LYS W 317 -101.73 -102.98 52.76
CA LYS W 317 -101.89 -101.60 52.25
C LYS W 317 -101.92 -101.53 50.73
N HIS W 318 -101.27 -102.51 50.05
CA HIS W 318 -101.20 -102.58 48.56
C HIS W 318 -101.91 -103.85 48.06
N ASN W 319 -102.85 -104.39 48.81
CA ASN W 319 -103.68 -105.55 48.43
C ASN W 319 -102.86 -106.71 47.84
N ILE W 320 -101.64 -106.90 48.34
CA ILE W 320 -100.71 -107.92 47.85
C ILE W 320 -101.19 -109.31 48.24
N THR W 321 -101.25 -110.22 47.27
CA THR W 321 -101.66 -111.62 47.50
C THR W 321 -100.49 -112.60 47.53
N THR W 322 -99.35 -112.27 46.91
CA THR W 322 -98.20 -113.17 46.75
C THR W 322 -96.88 -112.41 46.80
N TYR W 323 -95.78 -113.12 47.04
CA TYR W 323 -94.44 -112.54 46.92
C TYR W 323 -94.16 -112.01 45.49
N LYS W 324 -94.79 -112.57 44.45
CA LYS W 324 -94.75 -112.02 43.09
C LYS W 324 -95.32 -110.59 43.03
N GLU W 325 -96.43 -110.31 43.69
CA GLU W 325 -96.96 -108.95 43.81
C GLU W 325 -96.15 -108.07 44.79
N PHE W 326 -95.50 -108.65 45.81
CA PHE W 326 -94.55 -107.93 46.63
C PHE W 326 -93.32 -107.47 45.83
N LEU W 327 -92.76 -108.35 44.98
CA LEU W 327 -91.67 -108.04 44.04
C LEU W 327 -92.04 -106.89 43.08
N THR W 328 -93.25 -106.90 42.52
CA THR W 328 -93.61 -105.89 41.52
C THR W 328 -94.04 -104.58 42.17
N LYS W 329 -94.84 -104.59 43.24
CA LYS W 329 -95.29 -103.35 43.90
C LYS W 329 -94.26 -102.77 44.87
N GLY W 330 -93.57 -103.63 45.62
CA GLY W 330 -92.82 -103.24 46.83
C GLY W 330 -91.30 -103.28 46.72
N ALA W 331 -90.71 -103.70 45.60
CA ALA W 331 -89.27 -103.69 45.44
C ALA W 331 -88.67 -102.26 45.44
N GLY W 332 -87.48 -102.12 46.01
CA GLY W 332 -86.79 -100.83 46.18
C GLY W 332 -85.66 -100.61 45.19
N ASN W 333 -85.45 -99.39 44.70
CA ASN W 333 -84.30 -99.12 43.84
C ASN W 333 -83.06 -98.89 44.73
N PRO W 334 -81.90 -99.51 44.44
CA PRO W 334 -80.74 -99.48 45.35
C PRO W 334 -80.16 -98.07 45.51
N PHE W 335 -80.43 -97.18 44.56
CA PHE W 335 -79.99 -95.79 44.54
C PHE W 335 -81.00 -94.81 45.16
N HIS W 336 -82.07 -95.28 45.81
CA HIS W 336 -82.93 -94.41 46.61
C HIS W 336 -82.13 -93.80 47.77
N ALA W 337 -82.52 -92.63 48.27
CA ALA W 337 -81.73 -91.82 49.21
C ALA W 337 -81.37 -92.53 50.53
N GLU W 338 -82.11 -93.55 50.95
CA GLU W 338 -81.73 -94.36 52.13
C GLU W 338 -80.92 -95.62 51.76
N TRP W 339 -81.15 -96.25 50.62
CA TRP W 339 -80.39 -97.43 50.20
C TRP W 339 -79.01 -97.10 49.59
N ILE W 340 -78.87 -95.93 48.94
CA ILE W 340 -77.64 -95.49 48.26
C ILE W 340 -76.41 -95.46 49.18
N THR W 341 -76.60 -95.04 50.44
CA THR W 341 -75.58 -95.02 51.50
C THR W 341 -75.93 -95.96 52.66
N ALA W 342 -76.92 -96.84 52.48
CA ALA W 342 -77.43 -97.76 53.49
C ALA W 342 -77.74 -97.08 54.84
N GLN W 343 -78.42 -95.93 54.80
CA GLN W 343 -78.92 -95.24 56.00
C GLN W 343 -79.79 -96.19 56.84
N ASN W 344 -80.65 -96.95 56.16
CA ASN W 344 -81.28 -98.16 56.67
C ASN W 344 -80.53 -99.37 56.07
N PRO W 345 -80.25 -100.44 56.83
CA PRO W 345 -79.35 -101.51 56.39
C PRO W 345 -79.72 -102.12 55.03
N VAL W 346 -78.67 -102.47 54.27
CA VAL W 346 -78.74 -103.11 52.95
C VAL W 346 -77.87 -104.35 52.98
N ILE W 347 -78.39 -105.45 52.47
CA ILE W 347 -77.82 -106.78 52.59
C ILE W 347 -77.42 -107.28 51.20
N HIS W 348 -76.18 -107.72 51.03
CA HIS W 348 -75.62 -108.28 49.80
C HIS W 348 -75.51 -109.79 49.94
N THR W 349 -75.94 -110.57 48.94
CA THR W 349 -75.96 -112.04 49.01
C THR W 349 -75.84 -112.69 47.64
N ALA W 350 -75.36 -113.93 47.59
CA ALA W 350 -75.45 -114.78 46.40
C ALA W 350 -76.87 -115.34 46.18
N ASN W 351 -77.73 -115.33 47.20
CA ASN W 351 -79.05 -115.96 47.11
C ASN W 351 -80.02 -115.16 46.24
N SER W 352 -80.32 -115.68 45.06
CA SER W 352 -81.22 -115.02 44.10
C SER W 352 -82.64 -114.88 44.66
N PRO W 353 -83.34 -113.75 44.38
CA PRO W 353 -84.73 -113.59 44.75
C PRO W 353 -85.61 -114.75 44.28
N THR W 354 -85.30 -115.41 43.15
CA THR W 354 -86.06 -116.56 42.66
C THR W 354 -85.91 -117.80 43.55
N GLN W 355 -84.78 -117.98 44.24
CA GLN W 355 -84.72 -119.00 45.29
C GLN W 355 -85.62 -118.62 46.48
N ILE W 356 -85.65 -117.33 46.85
CA ILE W 356 -86.61 -116.83 47.84
C ILE W 356 -88.07 -116.98 47.35
N GLU W 357 -88.35 -116.77 46.05
CA GLU W 357 -89.66 -117.03 45.44
C GLU W 357 -90.04 -118.49 45.64
N GLN W 358 -89.14 -119.42 45.34
CA GLN W 358 -89.38 -120.85 45.54
C GLN W 358 -89.69 -121.14 47.02
N ILE W 359 -88.97 -120.56 47.98
CA ILE W 359 -89.27 -120.75 49.41
C ILE W 359 -90.64 -120.17 49.79
N TYR W 360 -90.99 -118.95 49.35
CA TYR W 360 -92.31 -118.36 49.59
C TYR W 360 -93.43 -119.18 48.93
N THR W 361 -93.32 -119.42 47.63
CA THR W 361 -94.38 -120.06 46.83
C THR W 361 -94.57 -121.51 47.22
N ALA W 362 -93.50 -122.23 47.59
CA ALA W 362 -93.63 -123.60 48.10
C ALA W 362 -94.48 -123.64 49.37
N SER W 363 -94.28 -122.72 50.32
CA SER W 363 -95.24 -122.46 51.40
C SER W 363 -95.08 -121.07 52.04
N THR W 364 -96.12 -120.25 51.93
CA THR W 364 -96.20 -118.90 52.52
C THR W 364 -96.17 -118.93 54.05
N THR W 365 -96.70 -120.00 54.65
CA THR W 365 -96.66 -120.22 56.10
C THR W 365 -95.24 -120.48 56.61
N THR W 366 -94.38 -121.15 55.84
CA THR W 366 -92.96 -121.33 56.22
C THR W 366 -92.08 -120.13 55.85
N PHE W 367 -92.55 -119.19 55.04
CA PHE W 367 -91.87 -117.90 54.81
C PHE W 367 -91.80 -117.05 56.10
N GLN W 368 -92.82 -117.16 56.96
CA GLN W 368 -92.81 -116.61 58.33
C GLN W 368 -91.71 -117.26 59.19
N ASN W 369 -91.58 -118.59 59.09
CA ASN W 369 -90.64 -119.36 59.91
C ASN W 369 -89.18 -119.20 59.46
N LYS W 370 -88.91 -119.21 58.14
CA LYS W 370 -87.56 -119.17 57.59
C LYS W 370 -86.86 -117.83 57.87
N LYS W 371 -85.60 -117.92 58.28
CA LYS W 371 -84.67 -116.80 58.49
C LYS W 371 -83.52 -116.86 57.47
N LEU W 372 -82.57 -115.94 57.56
CA LEU W 372 -81.36 -115.92 56.73
C LEU W 372 -80.41 -117.10 57.02
N THR W 373 -80.53 -117.76 58.18
CA THR W 373 -79.96 -119.09 58.42
C THR W 373 -80.57 -120.16 57.51
N ASP W 374 -79.78 -121.17 57.13
CA ASP W 374 -80.23 -122.34 56.36
C ASP W 374 -80.92 -122.01 55.02
N LEU W 375 -80.62 -120.84 54.43
CA LEU W 375 -81.04 -120.49 53.07
C LEU W 375 -80.08 -121.05 52.01
N PRO W 376 -80.53 -121.22 50.76
CA PRO W 376 -79.63 -121.57 49.66
C PRO W 376 -78.62 -120.44 49.42
N THR W 377 -77.37 -120.82 49.08
CA THR W 377 -76.23 -119.90 48.84
C THR W 377 -76.28 -118.64 49.73
N PRO W 378 -76.25 -118.78 51.08
CA PRO W 378 -76.45 -117.61 51.95
C PRO W 378 -75.24 -116.77 52.31
N GLY W 379 -74.76 -115.96 51.35
CA GLY W 379 -73.63 -115.05 51.60
C GLY W 379 -74.16 -113.72 52.08
N TYR W 380 -75.13 -113.72 53.01
CA TYR W 380 -75.75 -112.47 53.53
C TYR W 380 -74.71 -111.66 54.29
N ILE W 381 -74.39 -110.45 53.81
CA ILE W 381 -73.37 -109.55 54.42
C ILE W 381 -74.00 -108.16 54.55
N PHE W 382 -73.35 -107.17 55.17
CA PHE W 382 -73.86 -105.78 55.22
C PHE W 382 -72.95 -104.92 54.33
N ILE W 383 -73.41 -104.54 53.13
CA ILE W 383 -72.59 -103.80 52.15
C ILE W 383 -73.29 -102.49 51.77
N THR W 384 -72.53 -101.40 51.62
CA THR W 384 -73.06 -100.08 51.23
C THR W 384 -72.78 -99.82 49.74
N PRO W 385 -73.79 -99.48 48.91
CA PRO W 385 -73.58 -99.19 47.49
C PRO W 385 -72.62 -98.02 47.25
N THR W 386 -72.62 -97.03 48.14
CA THR W 386 -71.72 -95.87 48.12
C THR W 386 -70.62 -95.98 49.17
N VAL W 387 -69.42 -95.52 48.82
CA VAL W 387 -68.37 -95.15 49.77
C VAL W 387 -67.95 -93.69 49.53
N SER W 388 -67.55 -92.99 50.59
CA SER W 388 -66.99 -91.64 50.49
C SER W 388 -65.47 -91.68 50.65
N LEU W 389 -64.75 -91.15 49.66
CA LEU W 389 -63.29 -90.99 49.67
C LEU W 389 -62.92 -89.55 50.06
N ARG W 390 -61.72 -89.36 50.60
CA ARG W 390 -61.09 -88.04 50.76
C ARG W 390 -59.96 -87.88 49.75
N TYR W 391 -59.98 -86.78 49.00
CA TYR W 391 -58.95 -86.40 48.05
C TYR W 391 -58.25 -85.13 48.50
N ASN W 392 -56.92 -85.11 48.46
CA ASN W 392 -56.13 -83.92 48.75
C ASN W 392 -55.29 -83.58 47.50
N PRO W 393 -55.45 -82.40 46.88
CA PRO W 393 -54.75 -82.08 45.65
C PRO W 393 -53.23 -81.95 45.85
N TYR W 394 -52.80 -81.57 47.05
CA TYR W 394 -51.35 -81.35 47.34
C TYR W 394 -50.69 -82.70 47.58
N LYS W 395 -51.46 -83.74 47.85
CA LYS W 395 -50.94 -85.11 48.08
C LYS W 395 -50.97 -85.90 46.77
N ASP W 396 -51.36 -85.27 45.66
CA ASP W 396 -51.51 -85.97 44.35
C ASP W 396 -50.23 -85.84 43.51
N LEU W 397 -49.64 -86.96 43.08
CA LEU W 397 -48.38 -86.96 42.35
C LEU W 397 -48.55 -87.38 40.87
N ALA W 398 -49.78 -87.72 40.45
CA ALA W 398 -50.08 -88.02 39.05
C ALA W 398 -49.26 -89.16 38.42
N GLU W 399 -48.76 -90.14 39.17
CA GLU W 399 -47.89 -91.19 38.62
C GLU W 399 -48.69 -92.30 37.92
N ARG W 400 -49.93 -92.57 38.38
CA ARG W 400 -50.81 -93.62 37.82
C ARG W 400 -52.27 -93.14 37.70
N ASN W 401 -52.45 -91.83 37.58
CA ASN W 401 -53.76 -91.22 37.33
C ASN W 401 -54.25 -91.52 35.92
N LYS W 402 -55.57 -91.70 35.76
CA LYS W 402 -56.20 -92.12 34.50
C LYS W 402 -57.67 -91.76 34.49
N CYS W 403 -58.29 -91.59 33.33
CA CYS W 403 -59.67 -91.12 33.20
C CYS W 403 -60.27 -91.53 31.84
N TYR W 404 -61.50 -92.04 31.81
CA TYR W 404 -62.19 -92.46 30.59
C TYR W 404 -63.70 -92.65 30.79
N PHE W 405 -64.45 -92.73 29.69
CA PHE W 405 -65.89 -93.00 29.71
C PHE W 405 -66.19 -94.45 29.31
N VAL W 406 -67.11 -95.10 30.03
CA VAL W 406 -67.65 -96.43 29.71
C VAL W 406 -69.15 -96.34 29.45
N ARG W 407 -69.70 -97.26 28.68
CA ARG W 407 -71.13 -97.29 28.30
C ARG W 407 -71.99 -97.71 29.49
N SER W 408 -72.95 -96.89 29.91
CA SER W 408 -73.79 -97.17 31.08
C SER W 408 -74.95 -98.13 30.74
N LYS W 409 -75.76 -97.83 29.71
CA LYS W 409 -76.81 -98.73 29.21
C LYS W 409 -76.27 -99.76 28.20
N ILE W 410 -75.43 -100.69 28.66
CA ILE W 410 -75.13 -101.93 27.92
C ILE W 410 -74.98 -103.12 28.88
N ASN W 411 -75.17 -104.31 28.34
CA ASN W 411 -75.03 -105.57 29.07
C ASN W 411 -73.56 -106.05 29.10
N ALA W 412 -72.65 -105.25 29.69
CA ALA W 412 -71.25 -105.59 29.80
C ALA W 412 -70.71 -105.42 31.23
N HIS W 413 -69.98 -106.40 31.72
CA HIS W 413 -69.45 -106.46 33.07
C HIS W 413 -68.18 -105.60 33.22
N GLY W 414 -67.94 -105.11 34.44
CA GLY W 414 -66.67 -104.51 34.83
C GLY W 414 -66.44 -103.09 34.34
N TRP W 415 -65.33 -102.52 34.79
CA TRP W 415 -65.01 -101.09 34.68
C TRP W 415 -63.74 -100.80 33.87
N ASP W 416 -63.13 -101.82 33.26
CA ASP W 416 -61.84 -101.63 32.55
C ASP W 416 -61.99 -100.58 31.46
N PRO W 417 -60.92 -99.83 31.08
CA PRO W 417 -61.01 -98.88 29.97
C PRO W 417 -61.46 -99.66 28.75
N GLU W 418 -62.49 -99.18 28.05
CA GLU W 418 -63.05 -99.92 26.90
C GLU W 418 -63.36 -98.94 25.75
N GLN W 419 -63.79 -99.46 24.59
CA GLN W 419 -64.13 -98.62 23.42
C GLN W 419 -62.88 -97.82 23.01
N HIS W 420 -62.94 -96.49 22.96
CA HIS W 420 -61.81 -95.64 22.50
C HIS W 420 -60.65 -95.69 23.50
N GLN W 421 -59.51 -96.25 23.09
CA GLN W 421 -58.29 -96.30 23.95
C GLN W 421 -57.47 -95.04 23.67
N GLU W 422 -57.74 -94.34 22.56
CA GLU W 422 -57.08 -93.07 22.29
C GLU W 422 -57.70 -91.90 23.08
N LEU W 423 -58.92 -92.07 23.59
CA LEU W 423 -59.60 -91.07 24.42
C LEU W 423 -59.23 -91.17 25.91
N ILE W 424 -58.54 -92.22 26.35
CA ILE W 424 -58.05 -92.33 27.72
C ILE W 424 -57.10 -91.17 28.00
N ASN W 425 -57.34 -90.46 29.12
CA ASN W 425 -56.52 -89.29 29.57
C ASN W 425 -55.71 -89.75 30.80
N SER W 426 -54.39 -89.61 30.81
CA SER W 426 -53.51 -90.19 31.83
C SER W 426 -52.44 -89.21 32.33
N ASP W 427 -51.89 -89.49 33.51
CA ASP W 427 -50.64 -88.90 34.02
C ASP W 427 -50.66 -87.37 34.25
N LEU W 428 -51.79 -86.82 34.70
CA LEU W 428 -51.90 -85.45 35.22
C LEU W 428 -52.63 -85.51 36.57
N PRO W 429 -52.44 -84.56 37.49
CA PRO W 429 -53.18 -84.55 38.74
C PRO W 429 -54.67 -84.41 38.49
N GLN W 430 -55.53 -85.12 39.24
CA GLN W 430 -57.01 -85.20 38.98
C GLN W 430 -57.72 -83.87 38.73
N TRP W 431 -57.32 -82.78 39.36
CA TRP W 431 -57.89 -81.46 39.12
C TRP W 431 -57.51 -80.88 37.74
N LEU W 432 -56.37 -81.28 37.17
CA LEU W 432 -55.98 -80.96 35.81
C LEU W 432 -56.50 -82.01 34.81
N LEU W 433 -56.47 -83.28 35.17
CA LEU W 433 -56.88 -84.38 34.31
C LEU W 433 -58.38 -84.32 33.95
N LEU W 434 -59.24 -83.94 34.89
CA LEU W 434 -60.68 -83.86 34.67
C LEU W 434 -61.11 -82.56 33.99
N PHE W 435 -60.32 -81.48 34.06
CA PHE W 435 -60.76 -80.16 33.62
C PHE W 435 -61.04 -80.13 32.11
N GLY W 436 -62.29 -79.87 31.73
CA GLY W 436 -62.70 -79.83 30.32
C GLY W 436 -62.67 -81.17 29.58
N TYR W 437 -62.32 -82.28 30.23
CA TYR W 437 -62.25 -83.59 29.59
C TYR W 437 -63.62 -84.09 29.08
N PRO W 438 -64.72 -84.00 29.85
CA PRO W 438 -66.04 -84.32 29.33
C PRO W 438 -66.46 -83.50 28.10
N ASP W 439 -66.12 -82.22 28.05
CA ASP W 439 -66.42 -81.37 26.90
C ASP W 439 -65.55 -81.70 25.69
N TYR W 440 -64.27 -82.05 25.87
CA TYR W 440 -63.47 -82.58 24.78
C TYR W 440 -64.10 -83.84 24.20
N ILE W 441 -64.59 -84.74 25.04
CA ILE W 441 -65.25 -85.97 24.61
C ILE W 441 -66.56 -85.68 23.88
N LYS W 442 -67.42 -84.80 24.41
CA LYS W 442 -68.63 -84.37 23.72
C LYS W 442 -68.35 -83.74 22.36
N ARG W 443 -67.38 -82.82 22.27
CA ARG W 443 -67.03 -82.13 21.00
C ARG W 443 -66.40 -83.14 20.02
N THR W 444 -65.69 -84.15 20.52
CA THR W 444 -65.13 -85.21 19.67
C THR W 444 -66.22 -86.07 19.01
N GLN W 445 -67.39 -86.22 19.66
CA GLN W 445 -68.56 -86.93 19.04
C GLN W 445 -68.29 -88.41 18.72
N ASN W 446 -67.26 -89.02 19.33
CA ASN W 446 -66.97 -90.45 19.15
C ASN W 446 -67.84 -91.37 20.04
N PHE W 447 -68.70 -90.79 20.88
CA PHE W 447 -69.66 -91.50 21.73
C PHE W 447 -71.09 -91.01 21.46
N ALA W 448 -72.09 -91.87 21.71
CA ALA W 448 -73.49 -91.46 21.66
C ALA W 448 -73.75 -90.34 22.68
N LEU W 449 -74.30 -89.23 22.20
CA LEU W 449 -74.09 -87.92 22.84
C LEU W 449 -74.69 -87.76 24.23
N VAL W 450 -75.73 -88.55 24.57
CA VAL W 450 -76.55 -88.29 25.75
C VAL W 450 -75.87 -88.69 27.06
N ASP W 451 -75.91 -87.80 28.07
CA ASP W 451 -75.24 -88.03 29.38
C ASP W 451 -75.71 -89.31 30.07
N THR W 452 -76.94 -89.76 29.78
CA THR W 452 -77.50 -90.95 30.44
C THR W 452 -76.89 -92.26 29.97
N ASN W 453 -76.16 -92.28 28.85
CA ASN W 453 -75.72 -93.52 28.22
C ASN W 453 -74.24 -93.83 28.49
N TYR W 454 -73.54 -92.99 29.25
CA TYR W 454 -72.14 -93.19 29.63
C TYR W 454 -71.92 -92.88 31.12
N ILE W 455 -70.84 -93.44 31.67
CA ILE W 455 -70.30 -93.12 32.99
C ILE W 455 -68.84 -92.71 32.81
N LEU W 456 -68.40 -91.72 33.56
CA LEU W 456 -67.02 -91.35 33.75
C LEU W 456 -66.40 -92.18 34.89
N VAL W 457 -65.24 -92.76 34.62
CA VAL W 457 -64.49 -93.65 35.50
C VAL W 457 -63.06 -93.12 35.58
N ASP W 458 -62.45 -93.05 36.78
CA ASP W 458 -61.07 -92.59 36.92
C ASP W 458 -60.29 -93.38 37.97
N HIS W 459 -58.98 -93.53 37.73
CA HIS W 459 -58.06 -94.15 38.67
C HIS W 459 -57.19 -93.09 39.33
N CYS W 460 -57.03 -93.17 40.64
CA CYS W 460 -56.19 -92.24 41.41
C CYS W 460 -55.67 -92.95 42.67
N PRO W 461 -54.35 -93.23 42.74
CA PRO W 461 -53.71 -93.80 43.93
C PRO W 461 -53.84 -92.95 45.21
N TYR W 462 -54.17 -91.67 45.08
CA TYR W 462 -53.86 -90.66 46.10
C TYR W 462 -55.02 -90.27 47.02
N THR W 463 -56.20 -90.87 46.87
CA THR W 463 -57.20 -90.79 47.94
C THR W 463 -56.75 -91.60 49.15
N ASN W 464 -57.14 -91.18 50.36
CA ASN W 464 -56.66 -91.82 51.60
C ASN W 464 -57.25 -93.23 51.80
N PRO W 465 -58.58 -93.42 51.77
CA PRO W 465 -59.18 -94.69 51.37
C PRO W 465 -59.07 -94.84 49.85
N GLU W 466 -59.28 -96.03 49.31
CA GLU W 466 -59.20 -96.28 47.87
C GLU W 466 -60.30 -97.20 47.37
N LYS W 467 -60.58 -97.10 46.07
CA LYS W 467 -61.29 -98.08 45.24
C LYS W 467 -60.55 -98.14 43.90
N THR W 468 -60.48 -99.31 43.26
CA THR W 468 -59.57 -99.52 42.13
C THR W 468 -59.83 -98.53 40.99
N PRO W 469 -61.02 -98.50 40.35
CA PRO W 469 -61.55 -97.28 39.78
C PRO W 469 -62.45 -96.54 40.77
N PHE W 470 -62.73 -95.28 40.42
CA PHE W 470 -63.72 -94.47 41.16
C PHE W 470 -64.87 -94.23 40.20
N ILE W 471 -66.11 -94.19 40.67
CA ILE W 471 -67.27 -93.82 39.81
C ILE W 471 -67.85 -92.57 40.48
N PRO W 472 -67.23 -91.38 40.36
CA PRO W 472 -67.70 -90.23 41.13
C PRO W 472 -69.21 -90.03 41.00
N LEU W 473 -69.89 -89.67 42.08
CA LEU W 473 -71.32 -89.34 42.09
C LEU W 473 -71.54 -88.03 42.82
N SER W 474 -72.42 -87.18 42.29
CA SER W 474 -72.70 -85.89 42.91
C SER W 474 -73.52 -86.04 44.17
N THR W 475 -73.32 -85.14 45.13
CA THR W 475 -74.09 -85.07 46.37
C THR W 475 -75.60 -85.05 46.11
N SER W 476 -76.06 -84.44 45.02
CA SER W 476 -77.47 -84.48 44.62
C SER W 476 -77.99 -85.90 44.35
N PHE W 477 -77.25 -86.75 43.65
CA PHE W 477 -77.64 -88.16 43.42
C PHE W 477 -77.52 -89.02 44.69
N ILE W 478 -76.51 -88.74 45.52
CA ILE W 478 -76.34 -89.36 46.84
C ILE W 478 -77.41 -88.91 47.85
N GLU W 479 -78.11 -87.80 47.58
CA GLU W 479 -79.22 -87.26 48.39
C GLU W 479 -80.59 -87.36 47.70
N GLY W 480 -80.71 -88.06 46.57
CA GLY W 480 -82.01 -88.26 45.91
C GLY W 480 -82.63 -86.98 45.35
N ARG W 481 -81.87 -86.27 44.49
CA ARG W 481 -82.32 -84.97 43.92
C ARG W 481 -81.78 -84.79 42.49
N SER W 482 -82.46 -83.98 41.67
CA SER W 482 -82.05 -83.76 40.27
C SER W 482 -80.66 -83.08 40.14
N PRO W 483 -79.92 -83.29 39.03
CA PRO W 483 -78.51 -82.94 38.90
C PRO W 483 -78.10 -81.53 39.35
N TYR W 484 -78.95 -80.51 39.08
CA TYR W 484 -78.73 -79.11 39.49
C TYR W 484 -79.98 -78.54 40.19
N SER W 485 -80.61 -79.30 41.09
CA SER W 485 -81.80 -78.89 41.83
C SER W 485 -81.46 -78.45 43.26
N PRO W 486 -82.08 -77.38 43.80
CA PRO W 486 -81.75 -76.85 45.12
C PRO W 486 -82.06 -77.83 46.25
N SER W 487 -81.20 -77.83 47.28
CA SER W 487 -81.19 -78.79 48.39
C SER W 487 -82.48 -78.88 49.20
N ASP W 488 -83.38 -77.89 49.10
CA ASP W 488 -84.71 -77.94 49.80
C ASP W 488 -85.53 -79.10 49.22
N THR W 489 -85.25 -79.51 47.99
CA THR W 489 -85.92 -80.62 47.32
C THR W 489 -85.40 -81.97 47.83
N HIS W 490 -86.30 -82.97 47.97
CA HIS W 490 -85.94 -84.34 48.48
C HIS W 490 -86.45 -85.42 47.53
N GLU W 491 -86.68 -85.12 46.25
CA GLU W 491 -87.07 -86.05 45.19
C GLU W 491 -86.53 -85.56 43.84
N PRO W 492 -86.21 -86.44 42.89
CA PRO W 492 -86.01 -86.05 41.51
C PRO W 492 -87.30 -85.43 40.90
N ASP W 493 -87.14 -84.55 39.91
CA ASP W 493 -88.21 -84.14 38.99
C ASP W 493 -88.59 -85.30 38.05
N GLU W 494 -89.80 -85.35 37.50
CA GLU W 494 -90.35 -86.55 36.83
C GLU W 494 -89.41 -87.21 35.79
N GLU W 495 -88.73 -86.41 34.97
CA GLU W 495 -87.78 -86.93 33.98
C GLU W 495 -86.51 -87.53 34.60
N ASP W 496 -86.11 -87.08 35.80
CA ASP W 496 -85.07 -87.72 36.62
C ASP W 496 -85.62 -88.76 37.61
N GLN W 497 -86.94 -88.82 37.86
CA GLN W 497 -87.55 -89.96 38.55
C GLN W 497 -87.46 -91.21 37.67
N ASN W 498 -87.68 -91.04 36.37
CA ASN W 498 -87.21 -91.97 35.35
C ASN W 498 -85.67 -91.87 35.19
N ARG W 499 -85.11 -92.98 34.67
CA ARG W 499 -83.65 -93.08 34.42
C ARG W 499 -82.85 -92.77 35.69
N TRP W 500 -83.35 -93.16 36.88
CA TRP W 500 -82.66 -92.90 38.17
C TRP W 500 -81.58 -93.96 38.41
N TYR W 501 -80.50 -93.89 37.64
CA TYR W 501 -79.37 -94.85 37.72
C TYR W 501 -78.04 -94.16 37.42
N PRO W 502 -76.89 -94.72 37.83
CA PRO W 502 -75.57 -94.14 37.57
C PRO W 502 -75.32 -93.79 36.10
N CYS W 503 -75.07 -92.52 35.83
CA CYS W 503 -74.66 -92.01 34.51
C CYS W 503 -74.04 -90.62 34.67
N TYR W 504 -73.32 -90.16 33.64
CA TYR W 504 -72.55 -88.92 33.64
C TYR W 504 -73.36 -87.69 34.07
N GLN W 505 -74.67 -87.66 33.77
CA GLN W 505 -75.56 -86.53 34.17
C GLN W 505 -75.55 -86.34 35.70
N TYR W 506 -75.45 -87.41 36.48
CA TYR W 506 -75.38 -87.34 37.93
C TYR W 506 -73.96 -87.19 38.46
N GLN W 507 -72.92 -87.34 37.64
CA GLN W 507 -71.52 -87.20 38.05
C GLN W 507 -70.99 -85.76 37.95
N GLN W 508 -71.65 -84.89 37.19
CA GLN W 508 -71.13 -83.58 36.78
C GLN W 508 -70.64 -82.70 37.94
N GLU W 509 -71.43 -82.55 39.00
CA GLU W 509 -71.06 -81.69 40.12
C GLU W 509 -69.86 -82.27 40.90
N SER W 510 -69.72 -83.59 40.97
CA SER W 510 -68.56 -84.21 41.65
C SER W 510 -67.25 -83.94 40.92
N ILE W 511 -67.19 -84.06 39.60
CA ILE W 511 -65.96 -83.76 38.87
C ILE W 511 -65.68 -82.26 38.79
N ASN W 512 -66.71 -81.42 38.79
CA ASN W 512 -66.51 -79.99 38.97
C ASN W 512 -65.90 -79.70 40.33
N SER W 513 -66.37 -80.36 41.40
CA SER W 513 -65.82 -80.21 42.75
C SER W 513 -64.36 -80.64 42.86
N ILE W 514 -63.97 -81.71 42.16
CA ILE W 514 -62.55 -82.12 42.04
C ILE W 514 -61.74 -81.06 41.29
N CYS W 515 -62.24 -80.50 40.19
CA CYS W 515 -61.56 -79.41 39.49
C CYS W 515 -61.42 -78.14 40.33
N LEU W 516 -62.44 -77.79 41.12
CA LEU W 516 -62.40 -76.69 42.07
C LEU W 516 -61.36 -76.89 43.17
N SER W 517 -60.92 -78.11 43.45
CA SER W 517 -59.79 -78.32 44.36
C SER W 517 -58.46 -77.84 43.77
N GLY W 518 -58.35 -77.70 42.44
CA GLY W 518 -57.16 -77.21 41.77
C GLY W 518 -56.94 -75.70 41.88
N PRO W 519 -55.70 -75.23 41.70
CA PRO W 519 -55.36 -73.82 41.83
C PRO W 519 -55.96 -72.93 40.74
N GLY W 520 -56.09 -71.65 41.05
CA GLY W 520 -56.60 -70.60 40.18
C GLY W 520 -58.11 -70.56 40.01
N THR W 521 -58.84 -71.60 40.43
CA THR W 521 -60.28 -71.68 40.26
C THR W 521 -61.01 -70.65 41.14
N PRO W 522 -61.93 -69.83 40.59
CA PRO W 522 -62.51 -68.70 41.30
C PRO W 522 -63.53 -69.08 42.38
N LYS W 523 -63.73 -68.15 43.33
CA LYS W 523 -64.81 -68.18 44.33
C LYS W 523 -65.97 -67.30 43.85
N ILE W 524 -67.14 -67.88 43.61
CA ILE W 524 -68.33 -67.13 43.18
C ILE W 524 -69.45 -67.41 44.18
N PRO W 525 -70.02 -66.39 44.86
CA PRO W 525 -71.13 -66.60 45.79
C PRO W 525 -72.33 -67.27 45.12
N LYS W 526 -73.03 -68.16 45.84
CA LYS W 526 -74.22 -68.84 45.31
C LYS W 526 -75.30 -67.82 44.94
N GLY W 527 -75.91 -68.00 43.76
CA GLY W 527 -76.88 -67.07 43.18
C GLY W 527 -76.28 -65.91 42.39
N ILE W 528 -74.95 -65.78 42.32
CA ILE W 528 -74.28 -64.80 41.46
C ILE W 528 -73.73 -65.50 40.22
N THR W 529 -73.93 -64.90 39.05
CA THR W 529 -73.33 -65.35 37.79
C THR W 529 -72.23 -64.36 37.41
N ALA W 530 -71.00 -64.84 37.28
CA ALA W 530 -69.92 -64.04 36.74
C ALA W 530 -69.93 -64.09 35.22
N GLU W 531 -69.51 -63.01 34.56
CA GLU W 531 -69.59 -62.85 33.11
C GLU W 531 -68.33 -62.15 32.60
N ALA W 532 -67.97 -62.36 31.35
CA ALA W 532 -66.93 -61.59 30.68
C ALA W 532 -67.34 -61.32 29.23
N LYS W 533 -66.90 -60.19 28.69
CA LYS W 533 -67.19 -59.78 27.32
C LYS W 533 -65.99 -59.14 26.64
N VAL W 534 -65.95 -59.27 25.32
CA VAL W 534 -65.03 -58.56 24.44
C VAL W 534 -65.85 -57.74 23.45
N LYS W 535 -65.37 -56.56 23.07
CA LYS W 535 -65.87 -55.83 21.91
C LYS W 535 -64.92 -56.07 20.75
N TYR W 536 -65.46 -56.51 19.63
CA TYR W 536 -64.68 -56.82 18.43
C TYR W 536 -64.96 -55.81 17.33
N SER W 537 -63.99 -55.64 16.44
CA SER W 537 -64.13 -54.93 15.18
C SER W 537 -63.33 -55.65 14.10
N PHE W 538 -64.00 -56.44 13.25
CA PHE W 538 -63.36 -57.09 12.11
C PHE W 538 -63.35 -56.15 10.91
N ASN W 539 -62.21 -56.00 10.26
CA ASN W 539 -62.04 -55.08 9.14
C ASN W 539 -62.11 -55.83 7.82
N PHE W 540 -63.05 -55.47 6.98
CA PHE W 540 -63.25 -56.02 5.64
C PHE W 540 -63.33 -54.91 4.61
N LYS W 541 -63.09 -55.26 3.36
CA LYS W 541 -63.53 -54.48 2.21
C LYS W 541 -64.43 -55.36 1.36
N TRP W 542 -65.45 -54.79 0.75
CA TRP W 542 -66.32 -55.46 -0.22
C TRP W 542 -65.98 -54.93 -1.61
N GLY W 543 -65.88 -55.81 -2.60
CA GLY W 543 -65.46 -55.44 -3.94
C GLY W 543 -66.45 -55.91 -5.00
N GLY W 544 -66.60 -55.13 -6.06
CA GLY W 544 -67.46 -55.52 -7.18
C GLY W 544 -67.53 -54.47 -8.28
N ASP W 545 -68.26 -54.80 -9.33
CA ASP W 545 -68.77 -53.81 -10.29
C ASP W 545 -69.87 -52.96 -9.65
N LEU W 546 -70.11 -51.76 -10.20
CA LEU W 546 -71.03 -50.79 -9.62
C LEU W 546 -72.47 -51.35 -9.53
N PRO W 547 -73.14 -51.26 -8.37
CA PRO W 547 -74.49 -51.78 -8.18
C PRO W 547 -75.59 -50.80 -8.66
N PRO W 548 -76.83 -51.29 -8.83
CA PRO W 548 -78.00 -50.45 -9.08
C PRO W 548 -78.51 -49.72 -7.80
N MET W 549 -79.42 -48.76 -7.95
CA MET W 549 -79.98 -47.94 -6.86
C MET W 549 -81.39 -47.43 -7.19
N SER W 550 -82.17 -46.98 -6.20
CA SER W 550 -83.54 -46.45 -6.38
C SER W 550 -83.82 -45.18 -5.55
N THR W 551 -84.89 -44.46 -5.88
CA THR W 551 -85.19 -43.10 -5.38
C THR W 551 -86.65 -42.93 -4.96
N ILE W 552 -86.93 -41.87 -4.19
CA ILE W 552 -88.21 -41.58 -3.54
C ILE W 552 -88.80 -40.26 -4.08
N THR W 553 -90.13 -40.15 -4.21
CA THR W 553 -90.77 -38.91 -4.68
C THR W 553 -90.43 -37.74 -3.77
N ASN W 554 -90.25 -36.53 -4.32
CA ASN W 554 -90.04 -35.33 -3.52
C ASN W 554 -91.27 -34.88 -2.72
N PRO W 555 -92.51 -34.84 -3.28
CA PRO W 555 -93.66 -34.31 -2.56
C PRO W 555 -94.03 -35.15 -1.33
N THR W 556 -94.03 -36.48 -1.45
CA THR W 556 -94.31 -37.36 -0.29
C THR W 556 -92.97 -37.77 0.33
N ASP W 557 -92.36 -36.88 1.12
CA ASP W 557 -91.02 -37.14 1.72
C ASP W 557 -90.97 -36.48 3.10
N GLN W 558 -89.87 -36.65 3.84
CA GLN W 558 -89.73 -36.05 5.19
C GLN W 558 -90.25 -34.60 5.14
N PRO W 559 -91.37 -34.27 5.82
CA PRO W 559 -91.93 -32.93 5.74
C PRO W 559 -91.27 -31.95 6.69
N THR W 560 -91.10 -30.69 6.25
CA THR W 560 -90.53 -29.66 7.13
C THR W 560 -91.47 -29.39 8.31
N TYR W 561 -90.93 -28.94 9.46
CA TYR W 561 -91.74 -28.67 10.66
C TYR W 561 -92.92 -27.71 10.37
N VAL W 562 -92.76 -26.80 9.41
CA VAL W 562 -93.79 -25.88 8.94
C VAL W 562 -95.03 -26.63 8.42
N LYS X 48 4.36 22.99 -70.46
CA LYS X 48 4.41 24.46 -70.65
C LYS X 48 5.76 24.94 -71.17
N ARG X 49 6.83 24.84 -70.36
CA ARG X 49 8.21 25.13 -70.78
C ARG X 49 9.18 24.09 -70.20
N LEU X 50 10.20 23.73 -70.97
CA LEU X 50 11.17 22.70 -70.63
C LEU X 50 12.59 23.27 -70.63
N ASN X 51 13.46 22.72 -69.79
CA ASN X 51 14.90 22.97 -69.89
C ASN X 51 15.44 22.37 -71.20
N ILE X 52 16.28 23.11 -71.90
CA ILE X 52 17.06 22.56 -73.01
C ILE X 52 18.16 21.65 -72.43
N VAL X 53 18.31 20.47 -73.00
CA VAL X 53 19.22 19.41 -72.55
C VAL X 53 20.12 19.00 -73.70
N GLU X 54 21.37 18.68 -73.42
CA GLU X 54 22.34 18.17 -74.37
C GLU X 54 22.83 16.80 -73.92
N TRP X 55 23.13 15.89 -74.86
CA TRP X 55 23.71 14.60 -74.55
C TRP X 55 25.22 14.67 -74.64
N GLN X 56 25.85 14.31 -73.52
CA GLN X 56 27.33 14.44 -73.37
C GLN X 56 28.05 13.55 -74.37
N PRO X 57 29.16 14.00 -74.96
CA PRO X 57 29.91 13.25 -75.95
C PRO X 57 30.63 12.04 -75.35
N LYS X 58 30.98 11.08 -76.20
CA LYS X 58 31.45 9.74 -75.80
C LYS X 58 32.74 9.76 -74.98
N SER X 59 33.71 10.60 -75.33
CA SER X 59 34.93 10.82 -74.56
C SER X 59 35.21 12.30 -74.35
N ILE X 60 35.66 12.65 -73.14
CA ILE X 60 35.88 14.03 -72.70
C ILE X 60 37.26 14.14 -72.04
N ARG X 61 38.01 15.23 -72.34
CA ARG X 61 39.35 15.46 -71.75
C ARG X 61 39.56 16.93 -71.32
N LYS X 62 39.59 17.21 -70.02
CA LYS X 62 39.86 18.56 -69.48
C LYS X 62 41.23 19.07 -69.93
N CYS X 63 41.33 20.33 -70.32
CA CYS X 63 42.58 20.99 -70.68
C CYS X 63 42.60 22.41 -70.15
N ARG X 64 43.62 22.72 -69.31
CA ARG X 64 43.86 24.10 -68.82
C ARG X 64 44.98 24.74 -69.64
N ILE X 65 44.65 25.67 -70.54
CA ILE X 65 45.65 26.39 -71.32
C ILE X 65 46.28 27.43 -70.40
N LYS X 66 47.48 27.15 -69.91
CA LYS X 66 48.19 27.94 -68.88
C LYS X 66 49.35 28.69 -69.50
N GLY X 67 49.52 29.96 -69.17
CA GLY X 67 50.63 30.76 -69.71
C GLY X 67 50.74 32.14 -69.10
N MET X 68 51.62 32.96 -69.66
CA MET X 68 51.95 34.29 -69.20
C MET X 68 51.72 35.31 -70.32
N LEU X 69 51.04 36.42 -70.03
CA LEU X 69 50.73 37.49 -71.00
C LEU X 69 51.33 38.81 -70.54
N CYS X 70 52.07 39.48 -71.41
CA CYS X 70 52.55 40.84 -71.17
C CYS X 70 51.42 41.86 -71.34
N LEU X 71 51.11 42.64 -70.30
CA LEU X 71 50.04 43.64 -70.35
C LEU X 71 50.51 44.94 -71.01
N PHE X 72 51.71 45.41 -70.66
CA PHE X 72 52.39 46.49 -71.34
C PHE X 72 53.89 46.35 -71.09
N GLN X 73 54.70 46.98 -71.94
CA GLN X 73 56.08 47.30 -71.60
C GLN X 73 56.38 48.68 -72.19
N THR X 74 56.75 49.62 -71.33
CA THR X 74 56.72 51.06 -71.63
C THR X 74 57.93 51.80 -71.12
N THR X 75 58.36 52.80 -71.87
CA THR X 75 59.18 53.93 -71.40
C THR X 75 58.27 55.13 -71.16
N GLU X 76 58.80 56.22 -70.60
CA GLU X 76 58.03 57.46 -70.35
C GLU X 76 57.50 58.11 -71.64
N ASP X 77 58.27 58.06 -72.72
CA ASP X 77 57.94 58.65 -74.03
C ASP X 77 56.94 57.83 -74.85
N ARG X 78 56.48 56.69 -74.32
CA ARG X 78 55.45 55.84 -74.92
C ARG X 78 54.22 55.61 -74.04
N LEU X 79 54.09 56.30 -72.91
CA LEU X 79 53.00 56.05 -71.96
C LEU X 79 51.60 56.26 -72.53
N SER X 80 51.41 57.23 -73.40
CA SER X 80 50.09 57.54 -73.98
C SER X 80 49.70 56.67 -75.18
N TYR X 81 50.50 55.66 -75.54
CA TYR X 81 50.27 54.81 -76.71
C TYR X 81 49.93 53.37 -76.34
N ASN X 82 49.17 52.71 -77.20
CA ASN X 82 48.77 51.31 -77.06
C ASN X 82 49.95 50.36 -77.33
N PHE X 83 50.26 49.48 -76.39
CA PHE X 83 51.22 48.40 -76.55
C PHE X 83 50.64 47.23 -77.35
N ASP X 84 51.19 47.01 -78.54
CA ASP X 84 51.06 45.75 -79.27
C ASP X 84 52.38 45.00 -79.22
N MET X 85 52.36 43.74 -78.80
CA MET X 85 53.57 42.90 -78.73
C MET X 85 54.05 42.47 -80.12
N TYR X 86 53.12 42.38 -81.08
CA TYR X 86 53.36 42.06 -82.47
C TYR X 86 53.14 43.34 -83.31
N GLU X 87 54.25 43.89 -83.79
CA GLU X 87 54.42 45.31 -84.06
C GLU X 87 54.07 45.81 -85.47
N GLU X 88 53.84 47.12 -85.58
CA GLU X 88 54.10 47.85 -86.83
C GLU X 88 55.63 47.99 -86.89
N SER X 89 56.29 47.37 -87.88
CA SER X 89 57.72 46.98 -87.84
C SER X 89 58.75 48.07 -87.51
N ILE X 90 58.38 49.34 -87.65
CA ILE X 90 59.21 50.49 -87.24
C ILE X 90 59.21 50.73 -85.72
N ILE X 91 58.11 50.44 -85.01
CA ILE X 91 57.96 50.77 -83.59
C ILE X 91 59.07 50.19 -82.71
N PRO X 92 59.42 48.88 -82.76
CA PRO X 92 60.47 48.36 -81.90
C PRO X 92 61.89 48.78 -82.32
N GLU X 93 62.10 49.39 -83.48
CA GLU X 93 63.42 49.88 -83.89
C GLU X 93 63.84 51.06 -83.00
N LYS X 94 64.80 50.81 -82.10
CA LYS X 94 65.30 51.77 -81.12
C LYS X 94 64.24 52.26 -80.11
N LEU X 95 63.19 51.48 -79.84
CA LEU X 95 62.34 51.62 -78.65
C LEU X 95 62.27 50.31 -77.85
N PRO X 96 62.66 50.30 -76.56
CA PRO X 96 62.61 49.09 -75.75
C PRO X 96 61.21 48.75 -75.21
N GLY X 97 60.27 49.70 -75.23
CA GLY X 97 58.86 49.47 -74.89
C GLY X 97 57.92 50.32 -75.73
N GLY X 98 56.88 49.71 -76.30
CA GLY X 98 56.05 50.32 -77.33
C GLY X 98 54.85 51.12 -76.84
N GLY X 99 54.39 50.92 -75.61
CA GLY X 99 53.16 51.57 -75.13
C GLY X 99 52.86 51.35 -73.66
N GLY X 100 52.20 52.30 -73.02
CA GLY X 100 51.89 52.28 -71.59
C GLY X 100 50.48 51.82 -71.22
N PHE X 101 49.65 51.50 -72.21
CA PHE X 101 48.36 50.86 -72.00
C PHE X 101 48.16 49.80 -73.06
N SER X 102 47.29 48.82 -72.85
CA SER X 102 46.86 47.94 -73.92
C SER X 102 45.41 47.55 -73.80
N ILE X 103 44.81 47.20 -74.92
CA ILE X 103 43.59 46.40 -74.98
C ILE X 103 43.95 45.06 -75.60
N LYS X 104 43.76 43.98 -74.86
CA LYS X 104 43.99 42.58 -75.30
C LYS X 104 42.64 41.92 -75.53
N ASN X 105 42.44 41.27 -76.68
CA ASN X 105 41.36 40.31 -76.88
C ASN X 105 41.96 38.90 -76.93
N ILE X 106 41.43 37.98 -76.13
CA ILE X 106 41.87 36.59 -76.10
C ILE X 106 40.82 35.69 -76.74
N SER X 107 41.24 34.84 -77.66
CA SER X 107 40.43 33.81 -78.31
C SER X 107 41.21 32.52 -78.34
N LEU X 108 40.55 31.37 -78.50
CA LEU X 108 41.20 30.08 -78.59
C LEU X 108 42.23 30.01 -79.73
N TYR X 109 42.02 30.72 -80.83
CA TYR X 109 43.02 30.85 -81.89
C TYR X 109 44.22 31.71 -81.46
N ALA X 110 44.00 32.81 -80.73
CA ALA X 110 45.10 33.58 -80.16
C ALA X 110 45.89 32.77 -79.11
N LEU X 111 45.22 31.93 -78.31
CA LEU X 111 45.90 30.99 -77.41
C LEU X 111 46.74 29.96 -78.17
N TYR X 112 46.26 29.44 -79.28
CA TYR X 112 47.06 28.59 -80.17
C TYR X 112 48.25 29.36 -80.77
N GLN X 113 48.09 30.61 -81.19
CA GLN X 113 49.21 31.42 -81.67
C GLN X 113 50.25 31.68 -80.58
N GLU X 114 49.85 31.92 -79.34
CA GLU X 114 50.77 32.03 -78.21
C GLU X 114 51.49 30.69 -77.92
N HIS X 115 50.89 29.55 -78.28
CA HIS X 115 51.56 28.22 -78.15
C HIS X 115 52.65 28.08 -79.20
N ILE X 116 52.49 28.69 -80.38
CA ILE X 116 53.54 28.71 -81.42
C ILE X 116 54.73 29.57 -81.00
N HIS X 117 54.51 30.62 -80.21
CA HIS X 117 55.57 31.40 -79.56
C HIS X 117 56.13 30.75 -78.29
N ALA X 118 55.65 29.56 -77.92
CA ALA X 118 55.99 28.85 -76.68
C ALA X 118 55.63 29.64 -75.40
N HIS X 119 54.67 30.56 -75.46
CA HIS X 119 54.26 31.37 -74.32
C HIS X 119 53.25 30.67 -73.40
N ASN X 120 52.68 29.53 -73.81
CA ASN X 120 51.76 28.74 -73.00
C ASN X 120 51.94 27.25 -73.21
N ILE X 121 51.35 26.48 -72.30
CA ILE X 121 51.18 25.03 -72.42
C ILE X 121 49.68 24.72 -72.55
N PHE X 122 49.36 23.66 -73.28
CA PHE X 122 48.04 23.02 -73.24
C PHE X 122 48.18 21.77 -72.39
N THR X 123 47.43 21.67 -71.29
CA THR X 123 47.53 20.53 -70.36
C THR X 123 47.11 19.20 -71.00
N HIS X 124 46.28 19.28 -72.05
CA HIS X 124 45.90 18.09 -72.85
C HIS X 124 45.79 18.56 -74.30
N THR X 125 46.30 17.79 -75.25
CA THR X 125 46.12 18.06 -76.69
C THR X 125 44.67 17.94 -77.11
N ASN X 126 44.35 18.55 -78.24
CA ASN X 126 43.02 18.61 -78.85
C ASN X 126 42.95 17.93 -80.22
N THR X 127 43.96 17.15 -80.62
CA THR X 127 44.18 16.76 -82.03
C THR X 127 43.04 15.94 -82.63
N ASP X 128 42.41 15.08 -81.83
CA ASP X 128 41.41 14.12 -82.31
C ASP X 128 40.07 14.22 -81.59
N ARG X 129 39.84 15.34 -80.89
CA ARG X 129 38.55 15.65 -80.21
C ARG X 129 38.13 17.02 -80.75
N PRO X 130 37.18 17.13 -81.70
CA PRO X 130 36.88 18.38 -82.40
C PRO X 130 35.92 19.31 -81.64
N LEU X 131 35.20 18.82 -80.64
CA LEU X 131 34.32 19.63 -79.82
C LEU X 131 35.09 20.32 -78.70
N ALA X 132 34.62 21.49 -78.28
CA ALA X 132 35.13 22.25 -77.15
C ALA X 132 33.99 22.73 -76.25
N ARG X 133 34.27 22.77 -74.94
CA ARG X 133 33.30 23.28 -73.92
C ARG X 133 34.07 24.23 -72.97
N TYR X 134 34.11 25.53 -73.28
CA TYR X 134 34.79 26.55 -72.48
C TYR X 134 34.07 26.81 -71.16
N THR X 135 34.80 26.80 -70.04
CA THR X 135 34.22 26.88 -68.69
C THR X 135 34.56 28.17 -67.96
N GLY X 136 35.47 29.00 -68.49
CA GLY X 136 35.91 30.24 -67.88
C GLY X 136 37.42 30.32 -67.71
N CYS X 137 37.87 31.40 -67.09
CA CYS X 137 39.28 31.73 -66.96
C CYS X 137 39.66 32.07 -65.52
N SER X 138 40.88 31.76 -65.11
CA SER X 138 41.52 32.33 -63.93
C SER X 138 42.66 33.24 -64.37
N LEU X 139 42.72 34.46 -63.84
CA LEU X 139 43.84 35.37 -64.02
C LEU X 139 44.55 35.60 -62.68
N LYS X 140 45.88 35.60 -62.68
CA LYS X 140 46.72 36.10 -61.59
C LYS X 140 47.51 37.30 -62.09
N PHE X 141 47.22 38.48 -61.57
CA PHE X 141 47.89 39.71 -61.92
C PHE X 141 49.03 39.94 -60.93
N TYR X 142 50.26 40.06 -61.40
CA TYR X 142 51.42 40.22 -60.53
C TYR X 142 51.75 41.68 -60.27
N GLN X 143 52.13 42.01 -59.03
CA GLN X 143 52.77 43.29 -58.75
C GLN X 143 54.06 43.42 -59.54
N SER X 144 54.19 44.48 -60.33
CA SER X 144 55.47 44.85 -60.91
C SER X 144 56.41 45.39 -59.84
N LYS X 145 57.71 45.38 -60.12
CA LYS X 145 58.70 45.96 -59.20
C LYS X 145 58.54 47.47 -59.06
N ASP X 146 58.51 48.18 -60.19
CA ASP X 146 58.67 49.64 -60.25
C ASP X 146 57.42 50.45 -60.59
N ILE X 147 56.37 49.82 -61.15
CA ILE X 147 55.19 50.57 -61.65
C ILE X 147 53.86 49.98 -61.16
N ASP X 148 52.89 50.83 -60.84
CA ASP X 148 51.53 50.37 -60.44
C ASP X 148 50.75 50.21 -61.73
N TYR X 149 49.55 49.67 -61.70
CA TYR X 149 48.74 49.60 -62.95
C TYR X 149 47.29 49.23 -62.68
N VAL X 150 46.37 49.84 -63.41
CA VAL X 150 44.94 49.56 -63.32
C VAL X 150 44.58 48.54 -64.39
N VAL X 151 43.78 47.55 -64.06
CA VAL X 151 43.17 46.62 -65.01
C VAL X 151 41.66 46.76 -64.94
N THR X 152 40.99 46.64 -66.07
CA THR X 152 39.58 46.24 -66.10
C THR X 152 39.35 45.30 -67.27
N TYR X 153 38.41 44.40 -67.15
CA TYR X 153 38.16 43.37 -68.15
C TYR X 153 36.68 43.27 -68.46
N SER X 154 36.35 42.74 -69.63
CA SER X 154 34.98 42.56 -70.08
C SER X 154 34.83 41.22 -70.80
N THR X 155 33.61 40.70 -70.88
CA THR X 155 33.32 39.45 -71.63
C THR X 155 32.05 39.62 -72.45
N SER X 156 31.63 40.85 -72.75
CA SER X 156 30.48 41.05 -73.66
C SER X 156 30.90 40.45 -75.01
N LEU X 157 30.29 39.34 -75.42
CA LEU X 157 30.72 38.65 -76.67
C LEU X 157 30.89 39.67 -77.80
N PRO X 158 29.95 40.63 -78.02
CA PRO X 158 30.16 41.65 -79.02
C PRO X 158 31.46 42.39 -78.75
N LEU X 159 32.43 42.31 -79.68
CA LEU X 159 33.75 42.96 -79.51
C LEU X 159 33.84 44.17 -80.45
N ARG X 160 34.16 45.35 -79.92
CA ARG X 160 34.31 46.58 -80.74
C ARG X 160 35.17 47.60 -79.98
N SER X 161 35.73 48.60 -80.69
CA SER X 161 36.55 49.66 -80.08
C SER X 161 35.76 50.98 -80.13
N SER X 162 36.04 51.91 -79.22
CA SER X 162 35.33 53.22 -79.19
C SER X 162 36.30 54.34 -78.82
N MET X 163 36.01 55.57 -79.25
CA MET X 163 36.82 56.74 -78.90
C MET X 163 36.80 57.02 -77.39
N GLY X 164 35.64 56.85 -76.76
CA GLY X 164 35.48 56.96 -75.31
C GLY X 164 36.23 55.88 -74.55
N MET X 165 36.30 54.65 -75.06
CA MET X 165 37.14 53.60 -74.48
C MET X 165 38.61 54.03 -74.47
N TYR X 166 39.17 54.47 -75.59
CA TYR X 166 40.58 54.85 -75.67
C TYR X 166 40.91 56.06 -74.80
N ASN X 167 40.04 57.07 -74.74
CA ASN X 167 40.24 58.18 -73.79
C ASN X 167 40.15 57.70 -72.34
N SER X 168 39.19 56.82 -72.02
CA SER X 168 39.04 56.30 -70.66
C SER X 168 40.19 55.41 -70.20
N MET X 169 41.11 55.00 -71.09
CA MET X 169 42.37 54.37 -70.71
C MET X 169 43.33 55.31 -69.99
N GLN X 170 43.10 56.62 -70.00
CA GLN X 170 43.94 57.58 -69.28
C GLN X 170 43.99 57.16 -67.80
N PRO X 171 45.17 57.10 -67.16
CA PRO X 171 45.31 56.44 -65.87
C PRO X 171 44.39 56.94 -64.77
N SER X 172 44.16 58.24 -64.67
CA SER X 172 43.25 58.84 -63.70
C SER X 172 41.79 58.46 -63.98
N ILE X 173 41.38 58.46 -65.26
CA ILE X 173 40.02 58.11 -65.65
C ILE X 173 39.76 56.61 -65.47
N HIS X 174 40.69 55.76 -65.89
CA HIS X 174 40.60 54.32 -65.67
C HIS X 174 40.54 54.00 -64.17
N LEU X 175 41.38 54.63 -63.35
CA LEU X 175 41.34 54.47 -61.90
C LEU X 175 40.02 54.92 -61.25
N MET X 176 39.22 55.80 -61.87
CA MET X 176 37.89 56.14 -61.36
C MET X 176 36.81 55.14 -61.73
N GLN X 177 36.99 54.30 -62.76
CA GLN X 177 35.94 53.39 -63.24
C GLN X 177 35.53 52.34 -62.21
N GLN X 178 34.28 51.88 -62.29
CA GLN X 178 33.79 50.75 -61.50
C GLN X 178 34.34 49.42 -62.03
N ASN X 179 34.48 48.44 -61.13
CA ASN X 179 35.06 47.12 -61.43
C ASN X 179 36.46 47.20 -62.05
N LYS X 180 37.22 48.23 -61.66
CA LYS X 180 38.67 48.27 -61.81
C LYS X 180 39.33 47.28 -60.85
N LEU X 181 40.56 46.92 -61.16
CA LEU X 181 41.50 46.30 -60.25
C LEU X 181 42.78 47.15 -60.25
N ILE X 182 43.22 47.62 -59.09
CA ILE X 182 44.48 48.35 -58.95
C ILE X 182 45.52 47.36 -58.44
N VAL X 183 46.66 47.29 -59.12
CA VAL X 183 47.80 46.49 -58.68
C VAL X 183 48.94 47.45 -58.30
N PRO X 184 49.16 47.71 -57.01
CA PRO X 184 50.30 48.50 -56.57
C PRO X 184 51.60 47.77 -56.92
N SER X 185 52.66 48.49 -57.22
CA SER X 185 53.99 47.93 -57.31
C SER X 185 54.44 47.36 -55.96
N LYS X 186 55.46 46.50 -55.97
CA LYS X 186 56.09 45.99 -54.74
C LYS X 186 56.68 47.11 -53.90
N GLN X 187 57.12 48.20 -54.53
CA GLN X 187 57.58 49.41 -53.86
C GLN X 187 56.44 50.17 -53.16
N THR X 188 55.28 50.37 -53.79
CA THR X 188 54.19 51.13 -53.18
C THR X 188 53.41 50.33 -52.14
N GLN X 189 53.33 49.00 -52.24
CA GLN X 189 52.76 48.16 -51.19
C GLN X 189 53.34 46.74 -51.18
N LYS X 190 53.98 46.35 -50.08
CA LYS X 190 54.32 44.95 -49.78
C LYS X 190 53.05 44.19 -49.35
N ARG X 191 52.84 42.99 -49.89
CA ARG X 191 51.62 42.20 -49.70
C ARG X 191 51.95 40.77 -49.26
N ARG X 192 51.00 40.09 -48.61
CA ARG X 192 51.12 38.67 -48.25
C ARG X 192 51.26 37.80 -49.50
N LYS X 193 50.32 37.94 -50.45
CA LYS X 193 50.39 37.30 -51.76
C LYS X 193 50.88 38.32 -52.78
N PRO X 194 51.89 38.01 -53.61
CA PRO X 194 52.49 38.96 -54.55
C PRO X 194 51.67 39.18 -55.83
N TYR X 195 50.41 38.72 -55.86
CA TYR X 195 49.52 38.75 -56.99
C TYR X 195 48.07 38.95 -56.53
N ILE X 196 47.21 39.41 -57.42
CA ILE X 196 45.76 39.43 -57.21
C ILE X 196 45.12 38.44 -58.18
N LYS X 197 44.31 37.52 -57.67
CA LYS X 197 43.70 36.40 -58.41
C LYS X 197 42.20 36.61 -58.54
N LYS X 198 41.65 36.46 -59.74
CA LYS X 198 40.21 36.40 -59.92
C LYS X 198 39.75 35.54 -61.09
N HIS X 199 38.58 34.97 -60.93
CA HIS X 199 37.94 34.05 -61.87
C HIS X 199 36.94 34.82 -62.73
N ILE X 200 36.97 34.57 -64.03
CA ILE X 200 36.15 35.26 -65.02
C ILE X 200 35.30 34.22 -65.75
N SER X 201 33.98 34.44 -65.75
CA SER X 201 33.01 33.54 -66.37
C SER X 201 33.02 33.68 -67.91
N PRO X 202 32.57 32.70 -68.70
CA PRO X 202 32.45 32.85 -70.14
C PRO X 202 31.59 34.06 -70.56
N PRO X 203 31.75 34.58 -71.79
CA PRO X 203 30.81 35.51 -72.38
C PRO X 203 29.37 35.01 -72.25
N THR X 204 28.40 35.89 -72.02
CA THR X 204 27.00 35.46 -71.86
C THR X 204 26.45 34.73 -73.09
N GLN X 205 27.02 35.02 -74.27
CA GLN X 205 26.64 34.37 -75.56
C GLN X 205 27.28 32.98 -75.68
N MET X 206 28.39 32.72 -74.99
CA MET X 206 28.99 31.38 -74.91
C MET X 206 28.27 30.59 -73.82
N LYS X 207 27.32 29.74 -74.19
CA LYS X 207 26.55 28.91 -73.27
C LYS X 207 27.38 27.69 -72.84
N SER X 208 26.94 26.94 -71.84
CA SER X 208 27.67 25.76 -71.36
C SER X 208 27.71 24.59 -72.34
N GLN X 209 26.98 24.65 -73.45
CA GLN X 209 26.95 23.62 -74.48
C GLN X 209 28.32 23.35 -75.12
N TRP X 210 28.46 22.20 -75.78
CA TRP X 210 29.58 21.91 -76.67
C TRP X 210 29.50 22.71 -77.96
N TYR X 211 30.64 23.12 -78.50
CA TYR X 211 30.78 23.80 -79.78
C TYR X 211 31.92 23.19 -80.57
N PHE X 212 31.81 23.07 -81.89
CA PHE X 212 32.98 22.74 -82.70
C PHE X 212 34.09 23.77 -82.50
N GLN X 213 35.33 23.32 -82.33
CA GLN X 213 36.49 24.21 -82.12
C GLN X 213 36.69 25.13 -83.34
N HIS X 214 36.29 24.72 -84.55
CA HIS X 214 36.37 25.56 -85.77
C HIS X 214 35.44 26.78 -85.65
N ASN X 215 34.28 26.61 -85.02
CA ASN X 215 33.32 27.69 -84.87
C ASN X 215 33.75 28.72 -83.82
N ILE X 216 34.16 28.26 -82.64
CA ILE X 216 34.55 29.14 -81.53
C ILE X 216 35.99 29.65 -81.60
N ALA X 217 36.83 29.15 -82.50
CA ALA X 217 38.25 29.50 -82.58
C ALA X 217 38.52 31.01 -82.50
N ASN X 218 37.79 31.81 -83.28
CA ASN X 218 38.01 33.26 -83.39
C ASN X 218 37.10 34.12 -82.50
N ILE X 219 36.14 33.54 -81.78
CA ILE X 219 35.24 34.26 -80.87
C ILE X 219 36.06 34.83 -79.69
N PRO X 220 36.11 36.14 -79.45
CA PRO X 220 36.91 36.70 -78.36
C PRO X 220 36.23 36.43 -77.02
N LEU X 221 36.84 35.59 -76.18
CA LEU X 221 36.23 35.11 -74.90
C LEU X 221 36.62 35.99 -73.70
N LEU X 222 37.56 36.89 -73.88
CA LEU X 222 37.97 37.84 -72.84
C LEU X 222 38.57 39.10 -73.46
N MET X 223 38.23 40.28 -72.96
CA MET X 223 38.99 41.51 -73.18
C MET X 223 39.65 41.96 -71.87
N ILE X 224 40.96 42.24 -71.90
CA ILE X 224 41.67 42.86 -70.78
C ILE X 224 42.12 44.26 -71.21
N ARG X 225 41.80 45.27 -70.42
CA ARG X 225 42.26 46.65 -70.58
C ARG X 225 43.21 46.99 -69.44
N THR X 226 44.42 47.44 -69.73
CA THR X 226 45.42 47.78 -68.71
C THR X 226 46.06 49.13 -68.99
N THR X 227 46.31 49.94 -67.98
CA THR X 227 47.05 51.21 -68.10
C THR X 227 48.07 51.33 -66.97
N ALA X 228 49.26 51.84 -67.30
CA ALA X 228 50.34 52.12 -66.36
C ALA X 228 50.07 53.41 -65.54
N LEU X 229 50.44 53.40 -64.27
CA LEU X 229 49.94 54.33 -63.27
C LEU X 229 51.05 54.67 -62.27
N THR X 230 50.95 55.82 -61.59
CA THR X 230 51.58 55.94 -60.27
C THR X 230 50.60 56.49 -59.25
N LEU X 231 50.53 55.85 -58.09
CA LEU X 231 49.72 56.27 -56.95
C LEU X 231 50.44 57.33 -56.09
N ASP X 232 51.74 57.18 -55.87
CA ASP X 232 52.55 58.09 -55.02
C ASP X 232 52.97 59.40 -55.70
N ASN X 233 52.97 59.45 -57.04
CA ASN X 233 53.32 60.62 -57.84
C ASN X 233 52.13 61.06 -58.69
N TYR X 234 50.90 60.83 -58.23
CA TYR X 234 49.68 60.99 -59.01
C TYR X 234 49.53 62.38 -59.66
N TYR X 235 49.82 63.45 -58.92
CA TYR X 235 49.70 64.82 -59.45
C TYR X 235 50.98 65.31 -60.12
N ILE X 236 52.12 65.17 -59.44
CA ILE X 236 53.41 65.66 -59.97
C ILE X 236 53.85 64.86 -61.20
N GLY X 237 53.66 63.55 -61.20
CA GLY X 237 54.02 62.65 -62.28
C GLY X 237 55.51 62.74 -62.57
N SER X 238 55.87 63.20 -63.76
CA SER X 238 57.25 63.49 -64.16
C SER X 238 57.53 64.97 -64.44
N ARG X 239 56.70 65.88 -63.90
CA ARG X 239 56.89 67.34 -63.96
C ARG X 239 58.27 67.74 -63.49
N GLN X 240 58.89 68.68 -64.19
CA GLN X 240 60.15 69.34 -63.83
C GLN X 240 59.94 70.87 -63.83
N LEU X 241 60.50 71.58 -62.85
CA LEU X 241 60.33 73.04 -62.71
C LEU X 241 58.83 73.43 -62.64
N SER X 242 58.37 74.33 -63.51
CA SER X 242 56.99 74.84 -63.55
C SER X 242 55.94 73.76 -63.84
N THR X 243 54.69 73.99 -63.44
CA THR X 243 53.55 73.15 -63.85
C THR X 243 53.27 73.26 -65.35
N ASN X 244 53.60 74.40 -65.98
CA ASN X 244 53.45 74.64 -67.41
C ASN X 244 54.37 73.73 -68.23
N VAL X 245 53.83 73.12 -69.28
CA VAL X 245 54.60 72.42 -70.32
C VAL X 245 54.67 73.29 -71.57
N THR X 246 55.80 73.28 -72.27
CA THR X 246 55.97 74.02 -73.53
C THR X 246 55.67 73.13 -74.72
N ILE X 247 54.77 73.59 -75.59
CA ILE X 247 54.40 72.94 -76.84
C ILE X 247 54.98 73.74 -78.00
N HIS X 248 55.66 73.09 -78.93
CA HIS X 248 56.11 73.78 -80.18
C HIS X 248 54.98 73.59 -81.19
N THR X 249 54.75 74.54 -82.09
CA THR X 249 53.74 74.41 -83.16
C THR X 249 54.17 75.11 -84.44
N LEU X 250 53.58 74.71 -85.57
CA LEU X 250 53.80 75.44 -86.84
C LEU X 250 52.94 76.70 -86.79
N ASN X 251 53.53 77.88 -86.99
CA ASN X 251 52.71 79.13 -87.08
C ASN X 251 51.55 78.82 -88.02
N THR X 252 50.30 78.97 -87.59
CA THR X 252 49.11 78.68 -88.40
C THR X 252 48.86 79.87 -89.31
N THR X 253 49.21 81.08 -88.88
CA THR X 253 48.91 82.33 -89.60
C THR X 253 49.81 82.56 -90.82
N TYR X 254 50.78 81.67 -91.10
CA TYR X 254 51.70 81.78 -92.25
C TYR X 254 51.94 80.44 -92.96
N ILE X 255 52.09 79.34 -92.23
CA ILE X 255 52.32 78.00 -92.78
C ILE X 255 50.97 77.27 -92.96
N GLN X 256 50.38 77.28 -94.16
CA GLN X 256 49.04 76.65 -94.30
C GLN X 256 48.89 75.82 -95.58
N ASN X 257 49.81 75.93 -96.53
CA ASN X 257 49.57 75.30 -97.83
C ASN X 257 49.62 73.77 -97.83
N ARG X 258 50.29 73.14 -96.87
CA ARG X 258 50.37 71.66 -96.72
C ARG X 258 50.83 70.97 -98.03
N ASP X 259 51.64 71.63 -98.85
CA ASP X 259 52.18 71.04 -100.09
C ASP X 259 53.56 70.40 -99.88
N TRP X 260 53.66 69.44 -98.95
CA TRP X 260 54.94 68.93 -98.46
C TRP X 260 55.48 67.70 -99.15
N GLY X 261 56.81 67.52 -99.05
CA GLY X 261 57.47 66.25 -99.37
C GLY X 261 57.77 66.01 -100.85
N ASP X 262 58.04 67.07 -101.63
CA ASP X 262 58.57 66.98 -103.00
C ASP X 262 59.81 67.88 -103.18
N ARG X 263 60.81 67.40 -103.95
CA ARG X 263 61.95 68.27 -104.36
C ARG X 263 61.58 68.80 -105.76
N ASN X 264 60.42 68.39 -106.30
CA ASN X 264 59.92 68.74 -107.62
C ASN X 264 59.00 69.98 -107.63
N LYS X 265 58.92 70.72 -106.52
CA LYS X 265 57.98 71.83 -106.29
C LYS X 265 58.63 72.94 -105.47
N THR X 266 58.66 74.17 -105.96
CA THR X 266 59.08 75.34 -105.15
C THR X 266 58.03 75.58 -104.05
N TYR X 267 58.44 75.58 -102.78
CA TYR X 267 57.48 75.70 -101.68
C TYR X 267 57.03 77.14 -101.46
N TYR X 268 55.73 77.29 -101.20
CA TYR X 268 55.07 78.55 -100.88
C TYR X 268 54.21 78.29 -99.64
N CYS X 269 54.25 79.19 -98.65
CA CYS X 269 53.72 78.89 -97.31
C CYS X 269 52.22 79.15 -97.17
N GLN X 270 51.68 80.18 -97.82
CA GLN X 270 50.24 80.48 -97.83
C GLN X 270 49.79 81.08 -99.16
N THR X 271 48.49 80.97 -99.44
CA THR X 271 47.78 81.75 -100.46
C THR X 271 46.80 82.70 -99.78
N LEU X 272 46.74 83.95 -100.23
CA LEU X 272 45.69 84.91 -99.82
C LEU X 272 45.14 85.59 -101.09
N GLY X 273 43.82 85.64 -101.24
CA GLY X 273 43.20 86.04 -102.50
C GLY X 273 43.69 85.17 -103.67
N THR X 274 44.33 85.79 -104.66
CA THR X 274 45.03 85.10 -105.76
C THR X 274 46.53 84.89 -105.51
N GLN X 275 47.11 85.53 -104.49
CA GLN X 275 48.56 85.55 -104.26
C GLN X 275 49.12 84.22 -103.74
N ARG X 276 50.43 84.06 -103.86
CA ARG X 276 51.24 83.07 -103.15
C ARG X 276 52.32 83.80 -102.35
N TYR X 277 52.65 83.29 -101.17
CA TYR X 277 53.67 83.87 -100.28
C TYR X 277 54.80 82.88 -100.05
N PHE X 278 56.01 83.41 -99.92
CA PHE X 278 57.26 82.68 -100.02
C PHE X 278 58.19 83.08 -98.87
N LEU X 279 59.05 82.15 -98.49
CA LEU X 279 59.99 82.29 -97.39
C LEU X 279 61.43 82.27 -97.94
N TYR X 280 62.32 83.05 -97.32
CA TYR X 280 63.74 83.09 -97.66
C TYR X 280 64.58 83.12 -96.39
N GLY X 281 65.64 82.33 -96.32
CA GLY X 281 66.62 82.39 -95.23
C GLY X 281 67.73 83.38 -95.53
N THR X 282 68.38 83.94 -94.52
CA THR X 282 69.63 84.68 -94.73
C THR X 282 70.57 84.53 -93.54
N HIS X 283 71.87 84.63 -93.80
CA HIS X 283 72.89 84.65 -92.71
C HIS X 283 73.30 86.12 -92.48
N SER X 284 72.64 87.06 -93.19
CA SER X 284 73.00 88.47 -93.11
C SER X 284 72.87 89.03 -91.69
N THR X 285 73.83 89.85 -91.30
CA THR X 285 73.81 90.65 -90.06
C THR X 285 73.03 91.95 -90.20
N ALA X 286 72.46 92.24 -91.38
CA ALA X 286 71.71 93.47 -91.63
C ALA X 286 70.52 93.61 -90.66
N GLN X 287 70.41 94.77 -90.02
CA GLN X 287 69.38 95.06 -89.03
C GLN X 287 68.04 95.46 -89.67
N ASN X 288 68.07 96.03 -90.89
CA ASN X 288 66.88 96.59 -91.54
C ASN X 288 66.43 95.70 -92.70
N ILE X 289 65.17 95.25 -92.65
CA ILE X 289 64.57 94.37 -93.67
C ILE X 289 64.56 95.01 -95.08
N ASN X 290 64.59 96.34 -95.19
CA ASN X 290 64.59 97.04 -96.47
C ASN X 290 65.92 96.90 -97.23
N ASP X 291 67.08 96.97 -96.54
CA ASP X 291 68.42 97.06 -97.22
C ASP X 291 69.09 95.72 -97.53
N ILE X 292 68.56 94.59 -97.07
CA ILE X 292 69.08 93.27 -97.45
C ILE X 292 69.11 93.16 -98.98
N LYS X 293 70.15 92.55 -99.55
CA LYS X 293 70.31 92.41 -101.01
C LYS X 293 69.30 91.39 -101.58
N LEU X 294 69.27 91.26 -102.91
CA LEU X 294 68.46 90.18 -103.54
C LEU X 294 69.34 88.91 -103.44
N GLN X 295 70.65 89.08 -103.27
CA GLN X 295 71.62 87.95 -103.16
C GLN X 295 71.57 87.27 -101.79
N GLU X 296 71.48 88.04 -100.70
CA GLU X 296 71.53 87.49 -99.32
C GLU X 296 70.50 86.37 -99.15
N LEU X 297 69.30 86.54 -99.71
CA LEU X 297 68.19 85.56 -99.50
C LEU X 297 68.57 84.16 -100.02
N ILE X 298 68.25 83.11 -99.25
CA ILE X 298 68.46 81.69 -99.66
C ILE X 298 67.06 81.13 -99.92
N PRO X 299 66.57 81.11 -101.17
CA PRO X 299 65.18 80.77 -101.45
C PRO X 299 64.95 79.30 -101.16
N LEU X 300 63.72 78.92 -100.80
CA LEU X 300 63.38 77.52 -100.43
C LEU X 300 62.64 76.86 -101.60
N THR X 301 63.26 75.90 -102.29
CA THR X 301 62.67 75.20 -103.46
C THR X 301 62.45 73.74 -103.09
N ASN X 302 62.76 73.34 -101.85
CA ASN X 302 62.54 71.98 -101.39
C ASN X 302 61.91 72.03 -99.99
N THR X 303 60.95 71.14 -99.68
CA THR X 303 60.61 70.84 -98.26
C THR X 303 60.99 69.44 -97.83
N GLN X 304 61.18 68.52 -98.80
CA GLN X 304 61.41 67.07 -98.54
C GLN X 304 62.77 66.72 -97.89
N ASP X 305 63.72 67.63 -97.82
CA ASP X 305 65.06 67.28 -97.28
C ASP X 305 65.43 68.04 -96.00
N TYR X 306 66.41 67.51 -95.27
CA TYR X 306 66.98 68.20 -94.09
C TYR X 306 67.92 69.35 -94.47
N VAL X 307 68.27 69.50 -95.75
CA VAL X 307 69.33 70.40 -96.22
C VAL X 307 69.08 71.86 -95.83
N GLN X 308 70.13 72.54 -95.36
CA GLN X 308 70.11 73.96 -94.96
C GLN X 308 70.11 74.91 -96.16
N GLY X 309 70.65 74.46 -97.28
CA GLY X 309 71.04 75.34 -98.39
C GLY X 309 72.34 76.07 -98.08
N PHE X 310 72.69 77.05 -98.90
CA PHE X 310 73.84 77.93 -98.69
C PHE X 310 73.65 79.27 -99.40
N ASP X 311 74.45 80.26 -99.01
CA ASP X 311 74.39 81.62 -99.53
C ASP X 311 75.07 81.76 -100.90
N TRP X 312 74.68 82.76 -101.68
CA TRP X 312 75.24 83.08 -103.00
C TRP X 312 76.75 83.38 -102.94
N THR X 313 77.28 83.79 -101.79
CA THR X 313 78.73 83.93 -101.57
C THR X 313 79.51 82.61 -101.73
N GLU X 314 78.83 81.45 -101.71
CA GLU X 314 79.43 80.14 -101.98
C GLU X 314 79.23 79.67 -103.44
N LYS X 315 78.82 80.56 -104.35
CA LYS X 315 78.73 80.31 -105.80
C LYS X 315 79.94 79.54 -106.34
N ASP X 316 81.14 79.99 -106.01
CA ASP X 316 82.40 79.40 -106.47
C ASP X 316 82.77 78.07 -105.76
N LYS X 317 82.14 77.71 -104.65
CA LYS X 317 82.36 76.41 -103.98
C LYS X 317 81.57 75.27 -104.63
N HIS X 318 80.43 75.61 -105.27
CA HIS X 318 79.53 74.63 -105.96
C HIS X 318 79.49 74.92 -107.47
N ASN X 319 80.50 75.56 -108.03
CA ASN X 319 80.65 75.82 -109.47
C ASN X 319 79.36 76.38 -110.11
N ILE X 320 78.61 77.19 -109.35
CA ILE X 320 77.33 77.76 -109.79
C ILE X 320 77.56 78.83 -110.85
N THR X 321 76.83 78.73 -111.96
CA THR X 321 76.91 79.69 -113.07
C THR X 321 75.73 80.67 -113.10
N THR X 322 74.59 80.31 -112.53
CA THR X 322 73.34 81.11 -112.60
C THR X 322 72.52 80.99 -111.33
N TYR X 323 71.59 81.91 -111.11
CA TYR X 323 70.61 81.81 -110.03
C TYR X 323 69.76 80.52 -110.14
N LYS X 324 69.53 79.99 -111.35
CA LYS X 324 68.91 78.67 -111.56
C LYS X 324 69.70 77.54 -110.88
N GLU X 325 71.03 77.54 -111.00
CA GLU X 325 71.88 76.58 -110.27
C GLU X 325 72.00 76.91 -108.77
N PHE X 326 71.89 78.18 -108.38
CA PHE X 326 71.78 78.54 -106.96
C PHE X 326 70.48 78.02 -106.33
N LEU X 327 69.34 78.14 -107.03
CA LEU X 327 68.05 77.55 -106.63
C LEU X 327 68.12 76.03 -106.46
N THR X 328 68.76 75.31 -107.37
CA THR X 328 68.78 73.85 -107.31
C THR X 328 69.83 73.33 -106.32
N LYS X 329 71.05 73.88 -106.29
CA LYS X 329 72.09 73.42 -105.38
C LYS X 329 71.96 74.00 -103.96
N GLY X 330 71.60 75.27 -103.84
CA GLY X 330 71.76 76.07 -102.61
C GLY X 330 70.49 76.43 -101.86
N ALA X 331 69.30 76.07 -102.34
CA ALA X 331 68.06 76.32 -101.61
C ALA X 331 67.97 75.56 -100.27
N GLY X 332 67.37 76.18 -99.27
CA GLY X 332 67.26 75.64 -97.90
C GLY X 332 65.88 75.09 -97.58
N ASN X 333 65.78 74.01 -96.82
CA ASN X 333 64.46 73.53 -96.39
C ASN X 333 64.03 74.33 -95.14
N PRO X 334 62.79 74.85 -95.08
CA PRO X 334 62.38 75.77 -94.01
C PRO X 334 62.38 75.13 -92.63
N PHE X 335 62.31 73.79 -92.58
CA PHE X 335 62.32 72.98 -91.37
C PHE X 335 63.72 72.52 -90.95
N HIS X 336 64.79 72.99 -91.58
CA HIS X 336 66.15 72.76 -91.07
C HIS X 336 66.31 73.40 -89.68
N ALA X 337 67.20 72.86 -88.84
CA ALA X 337 67.31 73.21 -87.42
C ALA X 337 67.56 74.70 -87.12
N GLU X 338 68.11 75.48 -88.07
CA GLU X 338 68.23 76.93 -87.91
C GLU X 338 67.05 77.72 -88.50
N TRP X 339 66.44 77.27 -89.59
CA TRP X 339 65.30 77.95 -90.20
C TRP X 339 63.96 77.66 -89.48
N ILE X 340 63.80 76.48 -88.87
CA ILE X 340 62.56 76.04 -88.19
C ILE X 340 62.10 77.00 -87.09
N THR X 341 63.05 77.56 -86.33
CA THR X 341 62.83 78.57 -85.28
C THR X 341 63.49 79.91 -85.61
N ALA X 342 63.94 80.10 -86.86
CA ALA X 342 64.66 81.29 -87.33
C ALA X 342 65.82 81.70 -86.42
N GLN X 343 66.65 80.73 -85.99
CA GLN X 343 67.88 81.00 -85.24
C GLN X 343 68.78 81.99 -86.01
N ASN X 344 68.89 81.78 -87.32
CA ASN X 344 69.35 82.77 -88.29
C ASN X 344 68.10 83.33 -89.00
N PRO X 345 68.01 84.65 -89.27
CA PRO X 345 66.77 85.27 -89.73
C PRO X 345 66.15 84.62 -90.97
N VAL X 346 64.81 84.59 -90.98
CA VAL X 346 63.98 84.06 -92.06
C VAL X 346 62.97 85.13 -92.45
N ILE X 347 62.82 85.35 -93.75
CA ILE X 347 62.07 86.45 -94.33
C ILE X 347 60.85 85.91 -95.09
N HIS X 348 59.67 86.41 -94.78
CA HIS X 348 58.40 86.06 -95.43
C HIS X 348 57.98 87.18 -96.38
N THR X 349 57.57 86.87 -97.61
CA THR X 349 57.24 87.88 -98.63
C THR X 349 56.21 87.37 -99.64
N ALA X 350 55.47 88.28 -100.27
CA ALA X 350 54.67 87.97 -101.45
C ALA X 350 55.53 87.80 -102.72
N ASN X 351 56.78 88.29 -102.73
CA ASN X 351 57.60 88.29 -103.93
C ASN X 351 58.11 86.88 -104.29
N SER X 352 57.57 86.31 -105.35
CA SER X 352 57.93 84.97 -105.81
C SER X 352 59.40 84.89 -106.23
N PRO X 353 60.10 83.77 -105.96
CA PRO X 353 61.45 83.54 -106.44
C PRO X 353 61.57 83.75 -107.94
N THR X 354 60.53 83.46 -108.74
CA THR X 354 60.57 83.68 -110.20
C THR X 354 60.61 85.15 -110.59
N GLN X 355 60.04 86.06 -109.78
CA GLN X 355 60.29 87.49 -110.00
C GLN X 355 61.76 87.83 -109.68
N ILE X 356 62.34 87.25 -108.63
CA ILE X 356 63.77 87.37 -108.36
C ILE X 356 64.61 86.72 -109.48
N GLU X 357 64.19 85.59 -110.07
CA GLU X 357 64.82 84.98 -111.25
C GLU X 357 64.84 85.98 -112.40
N GLN X 358 63.71 86.62 -112.70
CA GLN X 358 63.64 87.63 -113.75
C GLN X 358 64.62 88.79 -113.46
N ILE X 359 64.73 89.26 -112.22
CA ILE X 359 65.69 90.32 -111.87
C ILE X 359 67.14 89.85 -112.05
N TYR X 360 67.50 88.65 -111.57
CA TYR X 360 68.84 88.08 -111.77
C TYR X 360 69.15 87.85 -113.26
N THR X 361 68.29 87.11 -113.95
CA THR X 361 68.53 86.68 -115.34
C THR X 361 68.50 87.87 -116.30
N ALA X 362 67.66 88.89 -116.06
CA ALA X 362 67.67 90.11 -116.85
C ALA X 362 69.03 90.81 -116.78
N SER X 363 69.64 90.92 -115.60
CA SER X 363 71.06 91.27 -115.46
C SER X 363 71.65 90.85 -114.10
N THR X 364 72.64 89.96 -114.15
CA THR X 364 73.39 89.46 -112.96
C THR X 364 74.19 90.58 -112.28
N THR X 365 74.65 91.56 -113.06
CA THR X 365 75.37 92.74 -112.53
C THR X 365 74.45 93.64 -111.71
N THR X 366 73.16 93.76 -112.06
CA THR X 366 72.19 94.53 -111.23
C THR X 366 71.61 93.72 -110.08
N PHE X 367 71.79 92.40 -110.03
CA PHE X 367 71.47 91.59 -108.86
C PHE X 367 72.35 91.96 -107.64
N GLN X 368 73.60 92.36 -107.89
CA GLN X 368 74.48 92.96 -106.87
C GLN X 368 73.91 94.30 -106.35
N ASN X 369 73.39 95.14 -107.26
CA ASN X 369 72.89 96.47 -106.92
C ASN X 369 71.52 96.43 -106.21
N LYS X 370 70.59 95.58 -106.67
CA LYS X 370 69.22 95.52 -106.14
C LYS X 370 69.19 95.02 -104.69
N LYS X 371 68.38 95.71 -103.88
CA LYS X 371 68.06 95.36 -102.48
C LYS X 371 66.58 95.00 -102.36
N LEU X 372 66.12 94.71 -101.15
CA LEU X 372 64.71 94.44 -100.85
C LEU X 372 63.80 95.67 -101.03
N THR X 373 64.35 96.89 -101.03
CA THR X 373 63.67 98.08 -101.56
C THR X 373 63.38 97.98 -103.06
N ASP X 374 62.28 98.59 -103.51
CA ASP X 374 61.89 98.69 -104.93
C ASP X 374 61.81 97.33 -105.67
N LEU X 375 61.55 96.24 -104.95
CA LEU X 375 61.24 94.94 -105.55
C LEU X 375 59.75 94.82 -105.89
N PRO X 376 59.37 93.92 -106.81
CA PRO X 376 57.96 93.62 -107.07
C PRO X 376 57.32 92.97 -105.83
N THR X 377 56.06 93.32 -105.57
CA THR X 377 55.27 92.84 -104.40
C THR X 377 56.13 92.64 -103.13
N PRO X 378 56.81 93.68 -102.61
CA PRO X 378 57.75 93.48 -101.51
C PRO X 378 57.20 93.49 -100.09
N GLY X 379 56.52 92.42 -99.67
CA GLY X 379 56.00 92.29 -98.30
C GLY X 379 57.04 91.62 -97.44
N TYR X 380 58.32 92.03 -97.56
CA TYR X 380 59.43 91.42 -96.78
C TYR X 380 59.24 91.68 -95.29
N ILE X 381 59.04 90.64 -94.49
CA ILE X 381 58.80 90.76 -93.02
C ILE X 381 59.75 89.77 -92.32
N PHE X 382 59.83 89.73 -90.99
CA PHE X 382 60.63 88.70 -90.27
C PHE X 382 59.65 87.77 -89.56
N ILE X 383 59.46 86.55 -90.08
CA ILE X 383 58.47 85.59 -89.55
C ILE X 383 59.16 84.27 -89.17
N THR X 384 58.77 83.65 -88.06
CA THR X 384 59.33 82.37 -87.60
C THR X 384 58.37 81.23 -87.93
N PRO X 385 58.81 80.14 -88.62
CA PRO X 385 57.93 79.01 -88.93
C PRO X 385 57.35 78.33 -87.69
N THR X 386 58.11 78.31 -86.59
CA THR X 386 57.69 77.76 -85.29
C THR X 386 57.37 78.87 -84.29
N VAL X 387 56.35 78.65 -83.47
CA VAL X 387 56.12 79.36 -82.20
C VAL X 387 56.06 78.34 -81.05
N SER X 388 56.51 78.73 -79.86
CA SER X 388 56.37 77.92 -78.64
C SER X 388 55.23 78.47 -77.77
N LEU X 389 54.26 77.61 -77.45
CA LEU X 389 53.16 77.90 -76.54
C LEU X 389 53.45 77.34 -75.15
N ARG X 390 52.85 77.91 -74.11
CA ARG X 390 52.79 77.32 -72.75
C ARG X 390 51.38 76.81 -72.48
N TYR X 391 51.28 75.56 -72.05
CA TYR X 391 50.04 74.91 -71.65
C TYR X 391 50.08 74.58 -70.16
N ASN X 392 49.01 74.89 -69.44
CA ASN X 392 48.85 74.53 -68.04
C ASN X 392 47.59 73.65 -67.90
N PRO X 393 47.70 72.40 -67.44
CA PRO X 393 46.55 71.50 -67.38
C PRO X 393 45.49 71.95 -66.36
N TYR X 394 45.90 72.66 -65.32
CA TYR X 394 44.97 73.11 -64.24
C TYR X 394 44.21 74.35 -64.73
N LYS X 395 44.70 75.02 -65.76
CA LYS X 395 44.05 76.22 -66.34
C LYS X 395 43.14 75.81 -67.51
N ASP X 396 43.02 74.50 -67.77
CA ASP X 396 42.23 74.00 -68.94
C ASP X 396 40.80 73.66 -68.52
N LEU X 397 39.79 74.25 -69.18
CA LEU X 397 38.39 74.06 -68.82
C LEU X 397 37.61 73.26 -69.87
N ALA X 398 38.26 72.85 -70.98
CA ALA X 398 37.65 71.99 -71.99
C ALA X 398 36.35 72.50 -72.62
N GLU X 399 36.10 73.81 -72.70
CA GLU X 399 34.83 74.34 -73.22
C GLU X 399 34.79 74.36 -74.75
N ARG X 400 35.95 74.53 -75.41
CA ARG X 400 36.07 74.59 -76.88
C ARG X 400 37.28 73.81 -77.41
N ASN X 401 37.71 72.81 -76.64
CA ASN X 401 38.78 71.89 -77.03
C ASN X 401 38.32 70.96 -78.15
N LYS X 402 39.23 70.62 -79.07
CA LYS X 402 38.92 69.84 -80.27
C LYS X 402 40.19 69.19 -80.82
N CYS X 403 40.08 68.10 -81.57
CA CYS X 403 41.23 67.34 -82.05
C CYS X 403 40.85 66.47 -83.27
N TYR X 404 41.68 66.47 -84.33
CA TYR X 404 41.44 65.69 -85.55
C TYR X 404 42.70 65.55 -86.41
N PHE X 405 42.68 64.64 -87.38
CA PHE X 405 43.75 64.45 -88.35
C PHE X 405 43.39 65.02 -89.72
N VAL X 406 44.34 65.71 -90.35
CA VAL X 406 44.24 66.23 -91.73
C VAL X 406 45.31 65.58 -92.61
N ARG X 407 45.08 65.50 -93.91
CA ARG X 407 45.99 64.87 -94.88
C ARG X 407 47.22 65.75 -95.11
N SER X 408 48.43 65.25 -94.87
CA SER X 408 49.67 66.04 -95.00
C SER X 408 50.13 66.12 -96.46
N LYS X 409 50.30 64.98 -97.16
CA LYS X 409 50.62 64.94 -98.60
C LYS X 409 49.37 65.04 -99.48
N ILE X 410 48.71 66.20 -99.47
CA ILE X 410 47.74 66.58 -100.51
C ILE X 410 47.82 68.06 -100.85
N ASN X 411 47.36 68.43 -102.03
CA ASN X 411 47.31 69.80 -102.51
C ASN X 411 46.03 70.53 -102.03
N ALA X 412 45.85 70.66 -100.71
CA ALA X 412 44.69 71.35 -100.13
C ALA X 412 45.11 72.37 -99.07
N HIS X 413 44.53 73.57 -99.15
CA HIS X 413 44.84 74.69 -98.29
C HIS X 413 44.14 74.58 -96.92
N GLY X 414 44.75 75.18 -95.89
CA GLY X 414 44.11 75.41 -94.60
C GLY X 414 44.04 74.19 -93.70
N TRP X 415 43.56 74.42 -92.48
CA TRP X 415 43.62 73.50 -91.35
C TRP X 415 42.25 73.06 -90.81
N ASP X 416 41.16 73.48 -91.47
CA ASP X 416 39.80 73.19 -90.95
C ASP X 416 39.59 71.68 -90.77
N PRO X 417 38.74 71.21 -89.84
CA PRO X 417 38.46 69.79 -89.72
C PRO X 417 37.94 69.32 -91.06
N GLU X 418 38.50 68.24 -91.60
CA GLU X 418 38.13 67.75 -92.94
C GLU X 418 38.00 66.22 -92.94
N GLN X 419 37.57 65.63 -94.07
CA GLN X 419 37.43 64.16 -94.18
C GLN X 419 36.42 63.68 -93.12
N HIS X 420 36.80 62.75 -92.23
CA HIS X 420 35.87 62.17 -91.22
C HIS X 420 35.49 63.22 -90.18
N GLN X 421 34.21 63.61 -90.13
CA GLN X 421 33.70 64.57 -89.12
C GLN X 421 33.22 63.77 -87.90
N GLU X 422 33.02 62.45 -88.05
CA GLU X 422 32.69 61.59 -86.91
C GLU X 422 33.92 61.23 -86.07
N LEU X 423 35.13 61.37 -86.63
CA LEU X 423 36.38 61.13 -85.93
C LEU X 423 36.88 62.34 -85.13
N ILE X 424 36.29 63.52 -85.29
CA ILE X 424 36.62 64.69 -84.48
C ILE X 424 36.34 64.37 -83.01
N ASN X 425 37.33 64.63 -82.14
CA ASN X 425 37.23 64.41 -80.67
C ASN X 425 37.15 65.78 -79.99
N SER X 426 36.14 66.07 -79.17
CA SER X 426 35.84 67.40 -78.64
C SER X 426 35.53 67.39 -77.14
N ASP X 427 35.66 68.55 -76.50
CA ASP X 427 35.11 68.86 -75.18
C ASP X 427 35.66 68.01 -74.01
N LEU X 428 36.94 67.67 -74.03
CA LEU X 428 37.69 67.12 -72.89
C LEU X 428 38.99 67.91 -72.72
N PRO X 429 39.59 67.98 -71.52
CA PRO X 429 40.86 68.67 -71.37
C PRO X 429 41.94 68.00 -72.20
N GLN X 430 42.85 68.76 -72.83
CA GLN X 430 43.85 68.24 -73.82
C GLN X 430 44.64 66.99 -73.38
N TRP X 431 44.96 66.83 -72.10
CA TRP X 431 45.64 65.64 -71.59
C TRP X 431 44.73 64.40 -71.60
N LEU X 432 43.41 64.56 -71.52
CA LEU X 432 42.44 63.49 -71.69
C LEU X 432 42.01 63.34 -73.15
N LEU X 433 41.86 64.44 -73.88
CA LEU X 433 41.43 64.44 -75.27
C LEU X 433 42.43 63.74 -76.19
N LEU X 434 43.73 63.93 -75.98
CA LEU X 434 44.77 63.34 -76.82
C LEU X 434 45.09 61.88 -76.44
N PHE X 435 44.78 61.44 -75.21
CA PHE X 435 45.25 60.14 -74.72
C PHE X 435 44.66 58.99 -75.53
N GLY X 436 45.50 58.20 -76.20
CA GLY X 436 45.08 57.08 -77.03
C GLY X 436 44.29 57.45 -78.30
N TYR X 437 44.07 58.73 -78.59
CA TYR X 437 43.31 59.15 -79.76
C TYR X 437 43.99 58.76 -81.10
N PRO X 438 45.30 58.95 -81.30
CA PRO X 438 45.99 58.43 -82.47
C PRO X 438 45.85 56.93 -82.67
N ASP X 439 45.90 56.13 -81.60
CA ASP X 439 45.72 54.69 -81.70
C ASP X 439 44.30 54.29 -82.00
N TYR X 440 43.29 54.97 -81.46
CA TYR X 440 41.91 54.76 -81.88
C TYR X 440 41.76 55.01 -83.38
N ILE X 441 42.38 56.07 -83.91
CA ILE X 441 42.33 56.40 -85.33
C ILE X 441 43.05 55.35 -86.17
N LYS X 442 44.26 54.91 -85.78
CA LYS X 442 44.96 53.81 -86.45
C LYS X 442 44.15 52.52 -86.47
N ARG X 443 43.59 52.11 -85.32
CA ARG X 443 42.80 50.86 -85.21
C ARG X 443 41.49 50.99 -86.02
N THR X 444 40.93 52.20 -86.13
CA THR X 444 39.74 52.45 -86.95
C THR X 444 40.02 52.26 -88.45
N GLN X 445 41.24 52.50 -88.91
CA GLN X 445 41.66 52.21 -90.32
C GLN X 445 40.86 53.04 -91.36
N ASN X 446 40.22 54.13 -90.97
CA ASN X 446 39.52 55.02 -91.89
C ASN X 446 40.45 56.02 -92.61
N PHE X 447 41.75 56.01 -92.30
CA PHE X 447 42.78 56.82 -92.95
C PHE X 447 43.90 55.93 -93.50
N ALA X 448 44.59 56.41 -94.54
CA ALA X 448 45.78 55.72 -95.04
C ALA X 448 46.85 55.64 -93.94
N LEU X 449 47.33 54.42 -93.67
CA LEU X 449 47.85 54.06 -92.34
C LEU X 449 49.14 54.80 -91.93
N VAL X 450 49.93 55.27 -92.90
CA VAL X 450 51.31 55.71 -92.63
C VAL X 450 51.37 57.09 -91.95
N ASP X 451 52.20 57.20 -90.90
CA ASP X 451 52.32 58.46 -90.10
C ASP X 451 52.73 59.65 -90.96
N THR X 452 53.41 59.42 -92.07
CA THR X 452 53.92 60.51 -92.92
C THR X 452 52.82 61.21 -93.74
N ASN X 453 51.63 60.62 -93.84
CA ASN X 453 50.60 61.11 -94.76
C ASN X 453 49.49 61.91 -94.05
N TYR X 454 49.57 62.08 -92.73
CA TYR X 454 48.62 62.85 -91.94
C TYR X 454 49.34 63.75 -90.93
N ILE X 455 48.65 64.79 -90.48
CA ILE X 455 49.02 65.66 -89.37
C ILE X 455 47.87 65.65 -88.37
N LEU X 456 48.20 65.66 -87.09
CA LEU X 456 47.29 65.92 -85.99
C LEU X 456 47.22 67.42 -85.72
N VAL X 457 46.00 67.92 -85.61
CA VAL X 457 45.63 69.33 -85.44
C VAL X 457 44.69 69.43 -84.25
N ASP X 458 44.88 70.38 -83.34
CA ASP X 458 43.99 70.54 -82.18
C ASP X 458 43.73 72.01 -81.84
N HIS X 459 42.53 72.30 -81.34
CA HIS X 459 42.13 73.62 -80.85
C HIS X 459 42.10 73.60 -79.32
N CYS X 460 42.67 74.63 -78.70
CA CYS X 460 42.67 74.79 -77.25
C CYS X 460 42.74 76.28 -76.89
N PRO X 461 41.67 76.87 -76.34
CA PRO X 461 41.67 78.25 -75.86
C PRO X 461 42.69 78.57 -74.75
N TYR X 462 43.22 77.55 -74.08
CA TYR X 462 43.80 77.69 -72.75
C TYR X 462 45.32 77.77 -72.69
N THR X 463 46.02 77.74 -73.82
CA THR X 463 47.43 78.18 -73.84
C THR X 463 47.52 79.69 -73.62
N ASN X 464 48.60 80.16 -72.99
CA ASN X 464 48.72 81.58 -72.63
C ASN X 464 48.93 82.49 -73.85
N PRO X 465 49.92 82.25 -74.73
CA PRO X 465 49.83 82.64 -76.13
C PRO X 465 48.88 81.69 -76.86
N GLU X 466 48.43 82.04 -78.06
CA GLU X 466 47.50 81.20 -78.84
C GLU X 466 47.87 81.16 -80.32
N LYS X 467 47.41 80.10 -80.98
CA LYS X 467 47.25 79.97 -82.44
C LYS X 467 45.92 79.25 -82.67
N THR X 468 45.19 79.60 -83.75
CA THR X 468 43.79 79.18 -83.91
C THR X 468 43.65 77.65 -83.87
N PRO X 469 44.25 76.87 -84.78
CA PRO X 469 44.69 75.51 -84.47
C PRO X 469 46.14 75.50 -83.99
N PHE X 470 46.50 74.34 -83.42
CA PHE X 470 47.92 74.07 -83.05
C PHE X 470 48.36 72.93 -83.94
N ILE X 471 49.61 72.91 -84.39
CA ILE X 471 50.16 71.75 -85.14
C ILE X 471 51.32 71.25 -84.28
N PRO X 472 51.09 70.54 -83.15
CA PRO X 472 52.19 70.20 -82.25
C PRO X 472 53.36 69.58 -82.99
N LEU X 473 54.58 69.93 -82.62
CA LEU X 473 55.81 69.34 -83.17
C LEU X 473 56.74 68.93 -82.04
N SER X 474 57.37 67.77 -82.15
CA SER X 474 58.28 67.27 -81.12
C SER X 474 59.58 68.06 -81.11
N THR X 475 60.19 68.18 -79.93
CA THR X 475 61.49 68.82 -79.75
C THR X 475 62.55 68.22 -80.68
N SER X 476 62.49 66.93 -80.99
CA SER X 476 63.37 66.29 -81.97
C SER X 476 63.26 66.90 -83.38
N PHE X 477 62.06 67.16 -83.89
CA PHE X 477 61.87 67.82 -85.19
C PHE X 477 62.23 69.31 -85.16
N ILE X 478 61.97 69.98 -84.04
CA ILE X 478 62.39 71.37 -83.79
C ILE X 478 63.92 71.49 -83.61
N GLU X 479 64.62 70.38 -83.33
CA GLU X 479 66.07 70.31 -83.20
C GLU X 479 66.76 69.53 -84.33
N GLY X 480 66.05 69.16 -85.39
CA GLY X 480 66.67 68.47 -86.54
C GLY X 480 67.19 67.07 -86.22
N ARG X 481 66.31 66.20 -85.69
CA ARG X 481 66.71 64.83 -85.28
C ARG X 481 65.54 63.84 -85.50
N SER X 482 65.85 62.55 -85.67
CA SER X 482 64.82 61.53 -85.92
C SER X 482 63.83 61.37 -84.74
N PRO X 483 62.58 60.92 -84.99
CA PRO X 483 61.48 60.97 -84.02
C PRO X 483 61.78 60.45 -82.60
N TYR X 484 62.56 59.39 -82.46
CA TYR X 484 63.00 58.81 -81.18
C TYR X 484 64.52 58.59 -81.14
N SER X 485 65.30 59.57 -81.61
CA SER X 485 66.77 59.49 -81.64
C SER X 485 67.40 60.32 -80.50
N PRO X 486 68.48 59.82 -79.85
CA PRO X 486 69.08 60.50 -78.70
C PRO X 486 69.68 61.87 -79.05
N SER X 487 69.56 62.81 -78.12
CA SER X 487 69.89 64.23 -78.30
C SER X 487 71.35 64.51 -78.69
N ASP X 488 72.26 63.56 -78.54
CA ASP X 488 73.68 63.73 -78.98
C ASP X 488 73.72 63.87 -80.51
N THR X 489 72.71 63.35 -81.20
CA THR X 489 72.57 63.41 -82.65
C THR X 489 72.09 64.80 -83.10
N HIS X 490 72.62 65.32 -84.22
CA HIS X 490 72.24 66.67 -84.76
C HIS X 490 71.85 66.57 -86.24
N GLU X 491 71.40 65.40 -86.72
CA GLU X 491 70.88 65.16 -88.06
C GLU X 491 69.84 64.03 -88.04
N PRO X 492 68.84 64.03 -88.91
CA PRO X 492 68.03 62.84 -89.15
C PRO X 492 68.87 61.67 -89.69
N ASP X 493 68.45 60.44 -89.42
CA ASP X 493 68.91 59.23 -90.14
C ASP X 493 68.38 59.24 -91.59
N GLU X 494 69.03 58.55 -92.53
CA GLU X 494 68.77 58.72 -93.98
C GLU X 494 67.29 58.67 -94.40
N GLU X 495 66.51 57.75 -93.83
CA GLU X 495 65.08 57.65 -94.12
C GLU X 495 64.24 58.82 -93.57
N ASP X 496 64.71 59.47 -92.50
CA ASP X 496 64.16 60.74 -92.01
C ASP X 496 64.87 61.98 -92.60
N GLN X 497 66.03 61.83 -93.25
CA GLN X 497 66.59 62.92 -94.08
C GLN X 497 65.71 63.14 -95.31
N ASN X 498 65.21 62.05 -95.90
CA ASN X 498 64.03 62.06 -96.75
C ASN X 498 62.76 62.30 -95.91
N ARG X 499 61.73 62.81 -96.62
CA ARG X 499 60.41 63.08 -96.00
C ARG X 499 60.55 63.99 -94.79
N TRP X 500 61.49 64.96 -94.79
CA TRP X 500 61.72 65.89 -93.65
C TRP X 500 60.71 67.04 -93.70
N TYR X 501 59.45 66.74 -93.41
CA TYR X 501 58.35 67.72 -93.43
C TYR X 501 57.30 67.40 -92.34
N PRO X 502 56.47 68.37 -91.93
CA PRO X 502 55.44 68.16 -90.92
C PRO X 502 54.52 66.96 -91.20
N CYS X 503 54.51 66.00 -90.28
CA CYS X 503 53.60 64.85 -90.29
C CYS X 503 53.56 64.21 -88.90
N TYR X 504 52.56 63.37 -88.64
CA TYR X 504 52.28 62.76 -87.34
C TYR X 504 53.49 62.04 -86.73
N GLN X 505 54.37 61.47 -87.56
CA GLN X 505 55.59 60.77 -87.06
C GLN X 505 56.47 61.73 -86.24
N TYR X 506 56.53 63.01 -86.60
CA TYR X 506 57.30 64.01 -85.85
C TYR X 506 56.49 64.66 -84.72
N GLN X 507 55.18 64.46 -84.64
CA GLN X 507 54.33 65.02 -83.58
C GLN X 507 54.24 64.15 -82.32
N GLN X 508 54.59 62.86 -82.41
CA GLN X 508 54.29 61.86 -81.39
C GLN X 508 54.77 62.23 -79.98
N GLU X 509 56.02 62.67 -79.83
CA GLU X 509 56.56 63.00 -78.52
C GLU X 509 55.89 64.24 -77.92
N SER X 510 55.46 65.20 -78.74
CA SER X 510 54.75 66.39 -78.24
C SER X 510 53.39 66.05 -77.65
N ILE X 511 52.58 65.21 -78.30
CA ILE X 511 51.28 64.83 -77.75
C ILE X 511 51.41 63.87 -76.57
N ASN X 512 52.47 63.03 -76.54
CA ASN X 512 52.78 62.27 -75.34
C ASN X 512 53.12 63.22 -74.19
N SER X 513 53.89 64.26 -74.42
CA SER X 513 54.25 65.27 -73.41
C SER X 513 53.02 66.02 -72.87
N ILE X 514 52.05 66.34 -73.74
CA ILE X 514 50.76 66.90 -73.30
C ILE X 514 49.98 65.88 -72.44
N CYS X 515 49.93 64.61 -72.81
CA CYS X 515 49.29 63.58 -71.99
C CYS X 515 49.99 63.38 -70.64
N LEU X 516 51.32 63.43 -70.59
CA LEU X 516 52.10 63.40 -69.37
C LEU X 516 51.81 64.58 -68.44
N SER X 517 51.30 65.70 -68.94
CA SER X 517 50.84 66.78 -68.06
C SER X 517 49.59 66.39 -67.26
N GLY X 518 48.82 65.40 -67.70
CA GLY X 518 47.64 64.93 -67.01
C GLY X 518 47.93 64.07 -65.77
N PRO X 519 46.97 63.96 -64.84
CA PRO X 519 47.14 63.23 -63.60
C PRO X 519 47.26 61.71 -63.78
N GLY X 520 47.86 61.05 -62.82
CA GLY X 520 48.08 59.60 -62.75
C GLY X 520 49.20 59.06 -63.62
N THR X 521 49.73 59.84 -64.56
CA THR X 521 50.77 59.38 -65.49
C THR X 521 52.10 59.14 -64.76
N PRO X 522 52.74 57.97 -64.93
CA PRO X 522 53.89 57.57 -64.13
C PRO X 522 55.18 58.33 -64.47
N LYS X 523 56.12 58.32 -63.50
CA LYS X 523 57.52 58.76 -63.66
C LYS X 523 58.41 57.54 -63.89
N ILE X 524 59.05 57.44 -65.05
CA ILE X 524 59.96 56.33 -65.37
C ILE X 524 61.33 56.91 -65.72
N PRO X 525 62.42 56.59 -65.01
CA PRO X 525 63.74 57.08 -65.35
C PRO X 525 64.15 56.72 -66.79
N LYS X 526 64.86 57.63 -67.47
CA LYS X 526 65.34 57.37 -68.84
C LYS X 526 66.27 56.16 -68.87
N GLY X 527 66.05 55.29 -69.86
CA GLY X 527 66.75 54.02 -70.00
C GLY X 527 66.16 52.84 -69.20
N ILE X 528 65.10 53.06 -68.42
CA ILE X 528 64.35 51.99 -67.74
C ILE X 528 63.05 51.72 -68.50
N THR X 529 62.72 50.45 -68.72
CA THR X 529 61.44 50.01 -69.26
C THR X 529 60.64 49.39 -68.14
N ALA X 530 59.46 49.94 -67.86
CA ALA X 530 58.51 49.34 -66.95
C ALA X 530 57.68 48.27 -67.67
N GLU X 531 57.28 47.22 -66.98
CA GLU X 531 56.59 46.06 -67.57
C GLU X 531 55.50 45.59 -66.61
N ALA X 532 54.47 44.95 -67.13
CA ALA X 532 53.48 44.24 -66.32
C ALA X 532 53.09 42.92 -66.99
N LYS X 533 52.75 41.92 -66.20
CA LYS X 533 52.33 40.61 -66.70
C LYS X 533 51.17 40.02 -65.88
N VAL X 534 50.38 39.20 -66.55
CA VAL X 534 49.36 38.35 -65.94
C VAL X 534 49.70 36.90 -66.25
N LYS X 535 49.42 35.99 -65.32
CA LYS X 535 49.38 34.55 -65.61
C LYS X 535 47.93 34.14 -65.77
N TYR X 536 47.61 33.49 -66.89
CA TYR X 536 46.26 33.05 -67.21
C TYR X 536 46.15 31.54 -67.14
N SER X 537 44.94 31.07 -66.91
CA SER X 537 44.55 29.67 -67.04
C SER X 537 43.14 29.60 -67.60
N PHE X 538 43.00 29.33 -68.90
CA PHE X 538 41.69 29.13 -69.53
C PHE X 538 41.27 27.67 -69.40
N ASN X 539 40.04 27.42 -68.96
CA ASN X 539 39.56 26.07 -68.72
C ASN X 539 38.67 25.61 -69.88
N PHE X 540 39.06 24.51 -70.53
CA PHE X 540 38.35 23.89 -71.62
C PHE X 540 38.14 22.41 -71.34
N LYS X 541 37.18 21.82 -72.02
CA LYS X 541 37.11 20.38 -72.23
C LYS X 541 37.11 20.13 -73.73
N TRP X 542 37.75 19.05 -74.16
CA TRP X 542 37.72 18.57 -75.54
C TRP X 542 36.84 17.32 -75.61
N GLY X 543 35.98 17.23 -76.61
CA GLY X 543 35.00 16.15 -76.74
C GLY X 543 35.10 15.45 -78.08
N GLY X 544 34.84 14.15 -78.09
CA GLY X 544 34.80 13.38 -79.33
C GLY X 544 34.54 11.90 -79.12
N ASP X 545 34.45 11.18 -80.23
CA ASP X 545 34.59 9.72 -80.24
C ASP X 545 36.05 9.32 -79.96
N LEU X 546 36.25 8.08 -79.48
CA LEU X 546 37.57 7.61 -79.06
C LEU X 546 38.60 7.65 -80.20
N PRO X 547 39.79 8.24 -79.97
CA PRO X 547 40.83 8.35 -80.99
C PRO X 547 41.70 7.08 -81.12
N PRO X 548 42.47 6.94 -82.21
CA PRO X 548 43.49 5.90 -82.38
C PRO X 548 44.77 6.20 -81.57
N MET X 549 45.68 5.22 -81.47
CA MET X 549 46.92 5.29 -80.69
C MET X 549 48.01 4.35 -81.24
N SER X 550 49.29 4.55 -80.92
CA SER X 550 50.42 3.71 -81.37
C SER X 550 51.44 3.40 -80.26
N THR X 551 52.30 2.41 -80.49
CA THR X 551 53.17 1.78 -79.46
C THR X 551 54.60 1.57 -79.95
N ILE X 552 55.52 1.35 -79.01
CA ILE X 552 56.98 1.28 -79.21
C ILE X 552 57.50 -0.13 -78.84
N THR X 553 58.50 -0.64 -79.55
CA THR X 553 59.10 -1.96 -79.24
C THR X 553 59.64 -2.01 -77.82
N ASN X 554 59.51 -3.12 -77.12
CA ASN X 554 60.10 -3.29 -75.79
C ASN X 554 61.64 -3.36 -75.79
N PRO X 555 62.33 -4.10 -76.69
CA PRO X 555 63.78 -4.24 -76.62
C PRO X 555 64.51 -2.94 -76.86
N THR X 556 64.10 -2.13 -77.85
CA THR X 556 64.71 -0.81 -78.11
C THR X 556 63.89 0.24 -77.39
N ASP X 557 64.08 0.38 -76.07
CA ASP X 557 63.27 1.33 -75.25
C ASP X 557 64.16 1.88 -74.14
N GLN X 558 63.65 2.81 -73.32
CA GLN X 558 64.42 3.41 -72.21
C GLN X 558 65.20 2.29 -71.50
N PRO X 559 66.56 2.25 -71.57
CA PRO X 559 67.31 1.16 -70.97
C PRO X 559 67.56 1.37 -69.49
N THR X 560 67.52 0.28 -68.70
CA THR X 560 67.82 0.38 -67.27
C THR X 560 69.29 0.78 -67.05
N TYR X 561 69.62 1.44 -65.94
CA TYR X 561 70.99 1.88 -65.65
C TYR X 561 72.02 0.74 -65.74
N VAL X 562 71.60 -0.49 -65.45
CA VAL X 562 72.42 -1.71 -65.58
C VAL X 562 72.92 -1.90 -67.02
N LYS Y 48 -34.14 6.62 -65.61
CA LYS Y 48 -33.36 7.34 -66.65
C LYS Y 48 -32.92 6.42 -67.79
N ARG Y 49 -32.00 5.48 -67.54
CA ARG Y 49 -31.58 4.43 -68.49
C ARG Y 49 -31.44 3.09 -67.79
N LEU Y 50 -31.79 2.01 -68.48
CA LEU Y 50 -31.79 0.65 -67.95
C LEU Y 50 -30.90 -0.26 -68.81
N ASN Y 51 -30.30 -1.27 -68.18
CA ASN Y 51 -29.67 -2.37 -68.90
C ASN Y 51 -30.75 -3.17 -69.66
N ILE Y 52 -30.47 -3.53 -70.90
CA ILE Y 52 -31.28 -4.51 -71.64
C ILE Y 52 -30.99 -5.89 -71.06
N VAL Y 53 -32.04 -6.66 -70.80
CA VAL Y 53 -32.00 -7.97 -70.16
C VAL Y 53 -32.73 -8.98 -71.04
N GLU Y 54 -32.22 -10.20 -71.08
CA GLU Y 54 -32.83 -11.32 -71.80
C GLU Y 54 -33.15 -12.45 -70.81
N TRP Y 55 -34.23 -13.19 -71.04
CA TRP Y 55 -34.57 -14.35 -70.23
C TRP Y 55 -34.00 -15.62 -70.87
N GLN Y 56 -33.18 -16.32 -70.07
CA GLN Y 56 -32.44 -17.50 -70.57
C GLN Y 56 -33.40 -18.61 -70.99
N PRO Y 57 -33.10 -19.33 -72.08
CA PRO Y 57 -33.96 -20.38 -72.59
C PRO Y 57 -33.98 -21.63 -71.69
N LYS Y 58 -35.02 -22.44 -71.83
CA LYS Y 58 -35.36 -23.53 -70.89
C LYS Y 58 -34.27 -24.59 -70.78
N SER Y 59 -33.65 -24.99 -71.88
CA SER Y 59 -32.50 -25.91 -71.90
C SER Y 59 -31.36 -25.36 -72.75
N ILE Y 60 -30.14 -25.54 -72.27
CA ILE Y 60 -28.90 -24.99 -72.87
C ILE Y 60 -27.85 -26.09 -72.95
N ARG Y 61 -27.12 -26.16 -74.08
CA ARG Y 61 -26.04 -27.18 -74.28
C ARG Y 61 -24.79 -26.59 -74.95
N LYS Y 62 -23.69 -26.44 -74.21
CA LYS Y 62 -22.40 -25.94 -74.74
C LYS Y 62 -21.89 -26.86 -75.85
N CYS Y 63 -21.36 -26.29 -76.93
CA CYS Y 63 -20.75 -27.02 -78.03
C CYS Y 63 -19.52 -26.28 -78.52
N ARG Y 64 -18.35 -26.97 -78.47
CA ARG Y 64 -17.09 -26.44 -79.05
C ARG Y 64 -16.85 -27.09 -80.43
N ILE Y 65 -17.06 -26.34 -81.51
CA ILE Y 65 -16.79 -26.84 -82.86
C ILE Y 65 -15.27 -26.82 -83.05
N LYS Y 66 -14.62 -27.98 -82.96
CA LYS Y 66 -13.17 -28.14 -82.96
C LYS Y 66 -12.69 -28.75 -84.27
N GLY Y 67 -11.64 -28.22 -84.86
CA GLY Y 67 -11.12 -28.76 -86.12
C GLY Y 67 -9.83 -28.13 -86.58
N MET Y 68 -9.40 -28.46 -87.78
CA MET Y 68 -8.14 -28.04 -88.38
C MET Y 68 -8.41 -27.33 -89.71
N LEU Y 69 -7.80 -26.16 -89.94
CA LEU Y 69 -7.97 -25.37 -91.17
C LEU Y 69 -6.62 -25.18 -91.86
N CYS Y 70 -6.54 -25.48 -93.15
CA CYS Y 70 -5.38 -25.18 -93.97
C CYS Y 70 -5.33 -23.69 -94.33
N LEU Y 71 -4.26 -22.99 -93.95
CA LEU Y 71 -4.11 -21.55 -94.22
C LEU Y 71 -3.60 -21.29 -95.64
N PHE Y 72 -2.63 -22.06 -96.10
CA PHE Y 72 -2.20 -22.10 -97.48
C PHE Y 72 -1.52 -23.44 -97.75
N GLN Y 73 -1.43 -23.81 -99.01
CA GLN Y 73 -0.47 -24.82 -99.46
C GLN Y 73 0.06 -24.37 -100.82
N THR Y 74 1.36 -24.18 -100.92
CA THR Y 74 2.00 -23.41 -101.99
C THR Y 74 3.28 -24.04 -102.51
N THR Y 75 3.51 -23.90 -103.80
CA THR Y 75 4.83 -24.00 -104.45
C THR Y 75 5.37 -22.60 -104.70
N GLU Y 76 6.62 -22.46 -105.14
CA GLU Y 76 7.23 -21.16 -105.45
C GLU Y 76 6.51 -20.39 -106.57
N ASP Y 77 6.03 -21.11 -107.59
CA ASP Y 77 5.33 -20.54 -108.75
C ASP Y 77 3.87 -20.14 -108.47
N ARG Y 78 3.39 -20.32 -107.24
CA ARG Y 78 2.06 -19.91 -106.80
C ARG Y 78 2.06 -18.96 -105.60
N LEU Y 79 3.22 -18.46 -105.16
CA LEU Y 79 3.33 -17.64 -103.95
C LEU Y 79 2.51 -16.34 -103.98
N SER Y 80 2.40 -15.69 -105.14
CA SER Y 80 1.66 -14.43 -105.27
C SER Y 80 0.15 -14.58 -105.45
N TYR Y 81 -0.40 -15.79 -105.39
CA TYR Y 81 -1.82 -16.08 -105.62
C TYR Y 81 -2.55 -16.53 -104.35
N ASN Y 82 -3.84 -16.24 -104.29
CA ASN Y 82 -4.72 -16.62 -103.20
C ASN Y 82 -5.03 -18.13 -103.23
N PHE Y 83 -4.77 -18.84 -102.14
CA PHE Y 83 -5.16 -20.22 -101.94
C PHE Y 83 -6.65 -20.35 -101.58
N ASP Y 84 -7.41 -20.97 -102.49
CA ASP Y 84 -8.72 -21.53 -102.20
C ASP Y 84 -8.62 -23.05 -102.17
N MET Y 85 -9.09 -23.68 -101.09
CA MET Y 85 -9.08 -25.15 -100.97
C MET Y 85 -10.13 -25.81 -101.86
N TYR Y 86 -11.22 -25.09 -102.15
CA TYR Y 86 -12.29 -25.50 -103.04
C TYR Y 86 -12.20 -24.67 -104.33
N GLU Y 87 -11.79 -25.32 -105.40
CA GLU Y 87 -11.05 -24.73 -106.51
C GLU Y 87 -11.89 -24.21 -107.70
N GLU Y 88 -11.27 -23.33 -108.50
CA GLU Y 88 -11.61 -23.21 -109.92
C GLU Y 88 -10.97 -24.45 -110.58
N SER Y 89 -11.79 -25.34 -111.14
CA SER Y 89 -11.45 -26.78 -111.38
C SER Y 89 -10.17 -27.07 -112.17
N ILE Y 90 -9.64 -26.09 -112.92
CA ILE Y 90 -8.35 -26.21 -113.62
C ILE Y 90 -7.14 -26.03 -112.68
N ILE Y 91 -7.24 -25.23 -111.61
CA ILE Y 91 -6.09 -24.89 -110.75
C ILE Y 91 -5.40 -26.13 -110.16
N PRO Y 92 -6.08 -27.11 -109.54
CA PRO Y 92 -5.38 -28.26 -108.97
C PRO Y 92 -4.88 -29.26 -110.03
N GLU Y 93 -5.25 -29.14 -111.30
CA GLU Y 93 -4.74 -30.03 -112.35
C GLU Y 93 -3.25 -29.75 -112.59
N LYS Y 94 -2.40 -30.68 -112.15
CA LYS Y 94 -0.93 -30.57 -112.20
C LYS Y 94 -0.33 -29.39 -111.41
N LEU Y 95 -1.03 -28.89 -110.37
CA LEU Y 95 -0.43 -28.07 -109.31
C LEU Y 95 -0.68 -28.68 -107.92
N PRO Y 96 0.37 -28.98 -107.13
CA PRO Y 96 0.20 -29.56 -105.79
C PRO Y 96 -0.15 -28.52 -104.72
N GLY Y 97 0.02 -27.22 -104.98
CA GLY Y 97 -0.41 -26.14 -104.10
C GLY Y 97 -0.86 -24.92 -104.89
N GLY Y 98 -2.02 -24.36 -104.55
CA GLY Y 98 -2.70 -23.36 -105.37
C GLY Y 98 -2.34 -21.91 -105.07
N GLY Y 99 -1.76 -21.58 -103.92
CA GLY Y 99 -1.53 -20.19 -103.55
C GLY Y 99 -0.75 -20.01 -102.25
N GLY Y 100 0.02 -18.93 -102.14
CA GLY Y 100 0.90 -18.65 -101.00
C GLY Y 100 0.34 -17.68 -99.97
N PHE Y 101 -0.86 -17.16 -100.18
CA PHE Y 101 -1.59 -16.39 -99.18
C PHE Y 101 -3.05 -16.80 -99.22
N SER Y 102 -3.82 -16.57 -98.16
CA SER Y 102 -5.27 -16.69 -98.25
C SER Y 102 -5.97 -15.63 -97.40
N ILE Y 103 -7.21 -15.35 -97.78
CA ILE Y 103 -8.19 -14.72 -96.91
C ILE Y 103 -9.30 -15.74 -96.66
N LYS Y 104 -9.50 -16.14 -95.41
CA LYS Y 104 -10.55 -17.06 -94.95
C LYS Y 104 -11.63 -16.27 -94.24
N ASN Y 105 -12.89 -16.46 -94.59
CA ASN Y 105 -14.03 -16.04 -93.77
C ASN Y 105 -14.67 -17.28 -93.15
N ILE Y 106 -14.88 -17.30 -91.84
CA ILE Y 106 -15.51 -18.41 -91.13
C ILE Y 106 -16.90 -17.99 -90.66
N SER Y 107 -17.89 -18.82 -90.96
CA SER Y 107 -19.28 -18.68 -90.50
C SER Y 107 -19.77 -20.03 -90.01
N LEU Y 108 -20.82 -20.05 -89.19
CA LEU Y 108 -21.42 -21.29 -88.69
C LEU Y 108 -21.86 -22.23 -89.83
N TYR Y 109 -22.29 -21.70 -90.97
CA TYR Y 109 -22.56 -22.51 -92.15
C TYR Y 109 -21.29 -23.08 -92.79
N ALA Y 110 -20.21 -22.30 -92.87
CA ALA Y 110 -18.92 -22.82 -93.32
C ALA Y 110 -18.36 -23.89 -92.35
N LEU Y 111 -18.55 -23.75 -91.04
CA LEU Y 111 -18.22 -24.79 -90.07
C LEU Y 111 -19.04 -26.06 -90.28
N TYR Y 112 -20.33 -25.96 -90.59
CA TYR Y 112 -21.14 -27.10 -90.99
C TYR Y 112 -20.65 -27.73 -92.30
N GLN Y 113 -20.27 -26.95 -93.30
CA GLN Y 113 -19.69 -27.49 -94.52
C GLN Y 113 -18.36 -28.22 -94.27
N GLU Y 114 -17.50 -27.72 -93.39
CA GLU Y 114 -16.29 -28.42 -92.98
C GLU Y 114 -16.60 -29.73 -92.23
N HIS Y 115 -17.77 -29.83 -91.57
CA HIS Y 115 -18.21 -31.09 -90.90
C HIS Y 115 -18.61 -32.11 -91.96
N ILE Y 116 -19.15 -31.68 -93.11
CA ILE Y 116 -19.46 -32.59 -94.22
C ILE Y 116 -18.19 -33.15 -94.87
N HIS Y 117 -17.09 -32.39 -94.88
CA HIS Y 117 -15.76 -32.87 -95.26
C HIS Y 117 -15.05 -33.67 -94.16
N ALA Y 118 -15.68 -33.87 -93.00
CA ALA Y 118 -15.10 -34.50 -91.81
C ALA Y 118 -13.86 -33.75 -91.26
N HIS Y 119 -13.73 -32.45 -91.52
CA HIS Y 119 -12.60 -31.65 -91.05
C HIS Y 119 -12.76 -31.13 -89.62
N ASN Y 120 -13.95 -31.25 -89.02
CA ASN Y 120 -14.20 -30.86 -87.64
C ASN Y 120 -15.18 -31.80 -86.94
N ILE Y 121 -15.23 -31.67 -85.62
CA ILE Y 121 -16.23 -32.28 -84.76
C ILE Y 121 -17.09 -31.19 -84.13
N PHE Y 122 -18.38 -31.47 -83.90
CA PHE Y 122 -19.22 -30.68 -83.01
C PHE Y 122 -19.33 -31.43 -81.69
N THR Y 123 -18.90 -30.82 -80.60
CA THR Y 123 -18.89 -31.48 -79.27
C THR Y 123 -20.30 -31.83 -78.77
N HIS Y 124 -21.31 -31.11 -79.27
CA HIS Y 124 -22.72 -31.41 -78.98
C HIS Y 124 -23.50 -31.12 -80.25
N THR Y 125 -24.44 -31.98 -80.64
CA THR Y 125 -25.34 -31.72 -81.77
C THR Y 125 -26.30 -30.56 -81.48
N ASN Y 126 -26.84 -29.98 -82.54
CA ASN Y 126 -27.74 -28.83 -82.53
C ASN Y 126 -29.14 -29.17 -83.08
N THR Y 127 -29.49 -30.45 -83.25
CA THR Y 127 -30.63 -30.86 -84.09
C THR Y 127 -31.98 -30.34 -83.61
N ASP Y 128 -32.18 -30.23 -82.30
CA ASP Y 128 -33.48 -29.90 -81.70
C ASP Y 128 -33.43 -28.67 -80.78
N ARG Y 129 -32.36 -27.88 -80.89
CA ARG Y 129 -32.19 -26.61 -80.12
C ARG Y 129 -31.91 -25.54 -81.19
N PRO Y 130 -32.88 -24.69 -81.60
CA PRO Y 130 -32.74 -23.81 -82.76
C PRO Y 130 -32.03 -22.48 -82.45
N LEU Y 131 -31.89 -22.10 -81.18
CA LEU Y 131 -31.16 -20.90 -80.79
C LEU Y 131 -29.66 -21.17 -80.68
N ALA Y 132 -28.86 -20.15 -80.92
CA ALA Y 132 -27.41 -20.17 -80.76
C ALA Y 132 -26.93 -18.93 -80.02
N ARG Y 133 -25.87 -19.11 -79.21
CA ARG Y 133 -25.22 -18.00 -78.45
C ARG Y 133 -23.70 -18.13 -78.63
N TYR Y 134 -23.13 -17.49 -79.65
CA TYR Y 134 -21.69 -17.53 -79.94
C TYR Y 134 -20.88 -16.73 -78.91
N THR Y 135 -19.82 -17.34 -78.37
CA THR Y 135 -19.05 -16.77 -77.25
C THR Y 135 -17.62 -16.37 -77.64
N GLY Y 136 -17.17 -16.73 -78.83
CA GLY Y 136 -15.82 -16.43 -79.31
C GLY Y 136 -15.07 -17.67 -79.78
N CYS Y 137 -13.82 -17.49 -80.15
CA CYS Y 137 -12.98 -18.52 -80.77
C CYS Y 137 -11.63 -18.63 -80.07
N SER Y 138 -11.06 -19.82 -80.02
CA SER Y 138 -9.63 -20.04 -79.77
C SER Y 138 -8.95 -20.54 -81.03
N LEU Y 139 -7.83 -19.95 -81.41
CA LEU Y 139 -6.98 -20.44 -82.49
C LEU Y 139 -5.63 -20.89 -81.93
N LYS Y 140 -5.12 -22.03 -82.40
CA LYS Y 140 -3.72 -22.46 -82.22
C LYS Y 140 -3.06 -22.51 -83.59
N PHE Y 141 -2.10 -21.63 -83.84
CA PHE Y 141 -1.34 -21.57 -85.07
C PHE Y 141 -0.08 -22.39 -84.91
N TYR Y 142 0.14 -23.40 -85.76
CA TYR Y 142 1.30 -24.28 -85.64
C TYR Y 142 2.47 -23.79 -86.46
N GLN Y 143 3.68 -23.92 -85.91
CA GLN Y 143 4.90 -23.78 -86.71
C GLN Y 143 4.92 -24.84 -87.83
N SER Y 144 5.05 -24.41 -89.07
CA SER Y 144 5.35 -25.33 -90.16
C SER Y 144 6.78 -25.82 -90.06
N LYS Y 145 7.09 -26.95 -90.71
CA LYS Y 145 8.46 -27.47 -90.75
C LYS Y 145 9.39 -26.53 -91.53
N ASP Y 146 9.02 -26.16 -92.75
CA ASP Y 146 9.92 -25.55 -93.74
C ASP Y 146 9.67 -24.06 -94.03
N ILE Y 147 8.50 -23.51 -93.67
CA ILE Y 147 8.13 -22.11 -94.08
C ILE Y 147 7.63 -21.29 -92.89
N ASP Y 148 7.97 -20.00 -92.84
CA ASP Y 148 7.46 -19.08 -91.79
C ASP Y 148 6.16 -18.53 -92.34
N TYR Y 149 5.38 -17.79 -91.56
CA TYR Y 149 4.16 -17.15 -92.13
C TYR Y 149 3.57 -16.11 -91.20
N VAL Y 150 3.06 -15.02 -91.76
CA VAL Y 150 2.41 -13.94 -91.02
C VAL Y 150 0.92 -14.19 -91.04
N VAL Y 151 0.25 -14.02 -89.92
CA VAL Y 151 -1.21 -14.01 -89.81
C VAL Y 151 -1.67 -12.65 -89.31
N THR Y 152 -2.79 -12.17 -89.81
CA THR Y 152 -3.59 -11.18 -89.08
C THR Y 152 -5.06 -11.50 -89.26
N TYR Y 153 -5.89 -11.16 -88.29
CA TYR Y 153 -7.30 -11.51 -88.29
C TYR Y 153 -8.15 -10.30 -87.93
N SER Y 154 -9.41 -10.34 -88.31
CA SER Y 154 -10.37 -9.28 -88.05
C SER Y 154 -11.72 -9.86 -87.70
N THR Y 155 -12.57 -9.10 -87.00
CA THR Y 155 -13.95 -9.52 -86.68
C THR Y 155 -14.92 -8.37 -86.91
N SER Y 156 -14.54 -7.37 -87.72
CA SER Y 156 -15.51 -6.31 -88.09
C SER Y 156 -16.66 -7.01 -88.83
N LEU Y 157 -17.86 -7.08 -88.23
CA LEU Y 157 -18.98 -7.84 -88.85
C LEU Y 157 -19.10 -7.47 -90.33
N PRO Y 158 -19.04 -6.18 -90.74
CA PRO Y 158 -19.05 -5.85 -92.16
C PRO Y 158 -17.92 -6.57 -92.87
N LEU Y 159 -18.25 -7.45 -93.81
CA LEU Y 159 -17.23 -8.23 -94.57
C LEU Y 159 -17.14 -7.70 -96.00
N ARG Y 160 -15.93 -7.34 -96.45
CA ARG Y 160 -15.72 -6.85 -97.84
C ARG Y 160 -14.24 -7.03 -98.22
N SER Y 161 -13.94 -7.01 -99.53
CA SER Y 161 -12.54 -7.13 -100.03
C SER Y 161 -12.10 -5.78 -100.58
N SER Y 162 -10.79 -5.52 -100.62
CA SER Y 162 -10.26 -4.23 -101.13
C SER Y 162 -8.96 -4.45 -101.90
N MET Y 163 -8.64 -3.57 -102.85
CA MET Y 163 -7.39 -3.64 -103.61
C MET Y 163 -6.17 -3.45 -102.69
N GLY Y 164 -6.27 -2.53 -101.73
CA GLY Y 164 -5.24 -2.30 -100.71
C GLY Y 164 -5.06 -3.49 -99.78
N MET Y 165 -6.13 -4.21 -99.41
CA MET Y 165 -6.02 -5.45 -98.66
C MET Y 165 -5.19 -6.48 -99.43
N TYR Y 166 -5.51 -6.75 -100.69
CA TYR Y 166 -4.79 -7.77 -101.47
C TYR Y 166 -3.33 -7.39 -101.71
N ASN Y 167 -3.01 -6.12 -101.98
CA ASN Y 167 -1.62 -5.69 -102.05
C ASN Y 167 -0.92 -5.84 -100.69
N SER Y 168 -1.58 -5.46 -99.59
CA SER Y 168 -1.00 -5.58 -98.25
C SER Y 168 -0.76 -7.01 -97.79
N MET Y 169 -1.28 -8.03 -98.50
CA MET Y 169 -0.90 -9.42 -98.29
C MET Y 169 0.54 -9.73 -98.69
N GLN Y 170 1.23 -8.85 -99.42
CA GLN Y 170 2.62 -9.05 -99.78
C GLN Y 170 3.44 -9.27 -98.50
N PRO Y 171 4.31 -10.30 -98.42
CA PRO Y 171 4.86 -10.73 -97.14
C PRO Y 171 5.59 -9.65 -96.34
N SER Y 172 6.35 -8.78 -97.00
CA SER Y 172 7.04 -7.67 -96.34
C SER Y 172 6.06 -6.63 -95.80
N ILE Y 173 5.00 -6.31 -96.56
CA ILE Y 173 3.99 -5.35 -96.14
C ILE Y 173 3.12 -5.89 -95.01
N HIS Y 174 2.68 -7.14 -95.12
CA HIS Y 174 1.93 -7.80 -94.05
C HIS Y 174 2.77 -7.91 -92.77
N LEU Y 175 4.05 -8.26 -92.88
CA LEU Y 175 4.96 -8.28 -91.74
C LEU Y 175 5.17 -6.90 -91.08
N MET Y 176 4.95 -5.78 -91.77
CA MET Y 176 5.00 -4.46 -91.14
C MET Y 176 3.73 -4.07 -90.41
N GLN Y 177 2.57 -4.68 -90.70
CA GLN Y 177 1.29 -4.27 -90.12
C GLN Y 177 1.23 -4.44 -88.60
N GLN Y 178 0.41 -3.62 -87.94
CA GLN Y 178 0.10 -3.77 -86.52
C GLN Y 178 -0.84 -4.96 -86.28
N ASN Y 179 -0.75 -5.57 -85.09
CA ASN Y 179 -1.53 -6.74 -84.70
C ASN Y 179 -1.37 -7.92 -85.69
N LYS Y 180 -0.20 -8.02 -86.31
CA LYS Y 180 0.29 -9.24 -86.95
C LYS Y 180 0.62 -10.29 -85.90
N LEU Y 181 0.67 -11.54 -86.33
CA LEU Y 181 1.30 -12.65 -85.64
C LEU Y 181 2.29 -13.29 -86.61
N ILE Y 182 3.56 -13.39 -86.23
CA ILE Y 182 4.59 -14.09 -87.02
C ILE Y 182 4.75 -15.47 -86.42
N VAL Y 183 4.68 -16.50 -87.26
CA VAL Y 183 4.95 -17.88 -86.87
C VAL Y 183 6.21 -18.33 -87.58
N PRO Y 184 7.37 -18.37 -86.90
CA PRO Y 184 8.59 -18.92 -87.47
C PRO Y 184 8.40 -20.41 -87.72
N SER Y 185 9.04 -20.94 -88.75
CA SER Y 185 9.15 -22.37 -88.94
C SER Y 185 9.93 -23.03 -87.80
N LYS Y 186 9.80 -24.34 -87.64
CA LYS Y 186 10.61 -25.11 -86.68
C LYS Y 186 12.11 -25.02 -86.98
N GLN Y 187 12.47 -24.83 -88.25
CA GLN Y 187 13.84 -24.58 -88.67
C GLN Y 187 14.35 -23.20 -88.23
N THR Y 188 13.59 -22.13 -88.40
CA THR Y 188 14.05 -20.77 -88.02
C THR Y 188 13.99 -20.51 -86.52
N GLN Y 189 13.10 -21.14 -85.76
CA GLN Y 189 13.12 -21.05 -84.31
C GLN Y 189 12.50 -22.30 -83.64
N LYS Y 190 13.29 -23.02 -82.85
CA LYS Y 190 12.79 -24.03 -81.90
C LYS Y 190 12.16 -23.34 -80.69
N ARG Y 191 10.97 -23.79 -80.26
CA ARG Y 191 10.16 -23.16 -79.22
C ARG Y 191 9.75 -24.18 -78.15
N ARG Y 192 9.44 -23.70 -76.94
CA ARG Y 192 8.87 -24.54 -75.86
C ARG Y 192 7.54 -25.14 -76.27
N LYS Y 193 6.60 -24.29 -76.70
CA LYS Y 193 5.31 -24.72 -77.26
C LYS Y 193 5.39 -24.63 -78.79
N PRO Y 194 5.02 -25.68 -79.54
CA PRO Y 194 5.15 -25.71 -81.00
C PRO Y 194 4.07 -24.92 -81.75
N TYR Y 195 3.30 -24.10 -81.05
CA TYR Y 195 2.16 -23.34 -81.56
C TYR Y 195 2.05 -22.00 -80.83
N ILE Y 196 1.37 -21.04 -81.45
CA ILE Y 196 0.97 -19.80 -80.80
C ILE Y 196 -0.55 -19.77 -80.66
N LYS Y 197 -1.06 -19.56 -79.45
CA LYS Y 197 -2.47 -19.64 -79.09
C LYS Y 197 -3.02 -18.27 -78.77
N LYS Y 198 -4.16 -17.90 -79.35
CA LYS Y 198 -4.89 -16.69 -78.93
C LYS Y 198 -6.39 -16.79 -79.08
N HIS Y 199 -7.08 -16.08 -78.19
CA HIS Y 199 -8.53 -16.04 -78.08
C HIS Y 199 -9.06 -14.81 -78.81
N ILE Y 200 -10.11 -14.99 -79.59
CA ILE Y 200 -10.71 -13.96 -80.43
C ILE Y 200 -12.18 -13.78 -80.01
N SER Y 201 -12.56 -12.56 -79.68
CA SER Y 201 -13.91 -12.21 -79.22
C SER Y 201 -14.90 -12.19 -80.41
N PRO Y 202 -16.21 -12.33 -80.21
CA PRO Y 202 -17.18 -12.18 -81.30
C PRO Y 202 -17.09 -10.83 -82.02
N PRO Y 203 -17.57 -10.73 -83.27
CA PRO Y 203 -17.80 -9.44 -83.92
C PRO Y 203 -18.56 -8.48 -83.02
N THR Y 204 -18.25 -7.18 -83.05
CA THR Y 204 -18.94 -6.21 -82.17
C THR Y 204 -20.45 -6.16 -82.42
N GLN Y 205 -20.88 -6.52 -83.64
CA GLN Y 205 -22.32 -6.57 -84.02
C GLN Y 205 -23.00 -7.84 -83.49
N MET Y 206 -22.24 -8.90 -83.22
CA MET Y 206 -22.75 -10.11 -82.57
C MET Y 206 -22.73 -9.89 -81.05
N LYS Y 207 -23.88 -9.53 -80.48
CA LYS Y 207 -24.01 -9.29 -79.03
C LYS Y 207 -24.11 -10.62 -78.29
N SER Y 208 -24.04 -10.61 -76.95
CA SER Y 208 -24.11 -11.84 -76.15
C SER Y 208 -25.49 -12.50 -76.15
N GLN Y 209 -26.52 -11.87 -76.72
CA GLN Y 209 -27.87 -12.41 -76.82
C GLN Y 209 -27.95 -13.75 -77.58
N TRP Y 210 -29.05 -14.46 -77.41
CA TRP Y 210 -29.41 -15.60 -78.26
C TRP Y 210 -29.88 -15.14 -79.64
N TYR Y 211 -29.57 -15.91 -80.67
CA TYR Y 211 -30.01 -15.70 -82.04
C TYR Y 211 -30.50 -17.02 -82.64
N PHE Y 212 -31.53 -17.02 -83.47
CA PHE Y 212 -31.85 -18.21 -84.25
C PHE Y 212 -30.66 -18.62 -85.13
N GLN Y 213 -30.35 -19.91 -85.16
CA GLN Y 213 -29.21 -20.42 -85.98
C GLN Y 213 -29.43 -20.13 -87.46
N HIS Y 214 -30.68 -20.04 -87.93
CA HIS Y 214 -31.02 -19.70 -89.34
C HIS Y 214 -30.56 -18.28 -89.67
N ASN Y 215 -30.66 -17.36 -88.71
CA ASN Y 215 -30.29 -15.96 -88.93
C ASN Y 215 -28.77 -15.78 -88.97
N ILE Y 216 -28.06 -16.33 -87.98
CA ILE Y 216 -26.59 -16.18 -87.87
C ILE Y 216 -25.79 -17.14 -88.74
N ALA Y 217 -26.40 -18.14 -89.38
CA ALA Y 217 -25.70 -19.17 -90.14
C ALA Y 217 -24.63 -18.61 -91.10
N ASN Y 218 -24.99 -17.59 -91.88
CA ASN Y 218 -24.11 -17.02 -92.91
C ASN Y 218 -23.32 -15.78 -92.48
N ILE Y 219 -23.53 -15.25 -91.28
CA ILE Y 219 -22.81 -14.09 -90.76
C ILE Y 219 -21.33 -14.46 -90.56
N PRO Y 220 -20.36 -13.81 -91.20
CA PRO Y 220 -18.95 -14.16 -91.05
C PRO Y 220 -18.43 -13.70 -89.69
N LEU Y 221 -18.10 -14.65 -88.80
CA LEU Y 221 -17.73 -14.33 -87.38
C LEU Y 221 -16.21 -14.18 -87.20
N LEU Y 222 -15.43 -14.52 -88.21
CA LEU Y 222 -13.97 -14.34 -88.19
C LEU Y 222 -13.44 -14.22 -89.62
N MET Y 223 -12.50 -13.30 -89.85
CA MET Y 223 -11.62 -13.32 -91.02
C MET Y 223 -10.18 -13.62 -90.61
N ILE Y 224 -9.52 -14.57 -91.25
CA ILE Y 224 -8.10 -14.84 -91.10
C ILE Y 224 -7.39 -14.50 -92.40
N ARG Y 225 -6.35 -13.68 -92.35
CA ARG Y 225 -5.46 -13.35 -93.47
C ARG Y 225 -4.09 -13.95 -93.20
N THR Y 226 -3.56 -14.76 -94.11
CA THR Y 226 -2.25 -15.42 -93.94
C THR Y 226 -1.41 -15.26 -95.18
N THR Y 227 -0.11 -15.03 -95.05
CA THR Y 227 0.85 -15.01 -96.16
C THR Y 227 2.11 -15.77 -95.81
N ALA Y 228 2.65 -16.54 -96.75
CA ALA Y 228 3.89 -17.29 -96.64
C ALA Y 228 5.12 -16.37 -96.76
N LEU Y 229 6.15 -16.65 -95.98
CA LEU Y 229 7.22 -15.71 -95.64
C LEU Y 229 8.56 -16.46 -95.54
N THR Y 230 9.69 -15.77 -95.72
CA THR Y 230 10.94 -16.21 -95.08
C THR Y 230 11.60 -15.06 -94.34
N LEU Y 231 12.00 -15.31 -93.10
CA LEU Y 231 12.74 -14.37 -92.27
C LEU Y 231 14.25 -14.40 -92.56
N ASP Y 232 14.83 -15.59 -92.76
CA ASP Y 232 16.27 -15.78 -93.00
C ASP Y 232 16.74 -15.48 -94.44
N ASN Y 233 15.83 -15.48 -95.40
CA ASN Y 233 16.10 -15.18 -96.82
C ASN Y 233 15.31 -13.95 -97.27
N TYR Y 234 15.02 -13.03 -96.37
CA TYR Y 234 14.09 -11.92 -96.59
C TYR Y 234 14.41 -11.08 -97.84
N TYR Y 235 15.68 -10.75 -98.08
CA TYR Y 235 16.08 -9.96 -99.24
C TYR Y 235 16.40 -10.80 -100.46
N ILE Y 236 17.22 -11.83 -100.31
CA ILE Y 236 17.66 -12.68 -101.43
C ILE Y 236 16.49 -13.51 -101.97
N GLY Y 237 15.63 -14.03 -101.10
CA GLY Y 237 14.46 -14.83 -101.46
C GLY Y 237 14.89 -16.06 -102.24
N SER Y 238 14.46 -16.16 -103.49
CA SER Y 238 14.90 -17.19 -104.44
C SER Y 238 15.69 -16.65 -105.64
N ARG Y 239 16.28 -15.46 -105.51
CA ARG Y 239 17.19 -14.86 -106.51
C ARG Y 239 18.30 -15.84 -106.91
N GLN Y 240 18.61 -15.88 -108.21
CA GLN Y 240 19.74 -16.60 -108.79
C GLN Y 240 20.57 -15.63 -109.65
N LEU Y 241 21.90 -15.70 -109.58
CA LEU Y 241 22.80 -14.80 -110.29
C LEU Y 241 22.51 -13.31 -109.97
N SER Y 242 22.26 -12.47 -110.96
CA SER Y 242 22.00 -11.03 -110.81
C SER Y 242 20.75 -10.72 -110.00
N THR Y 243 20.69 -9.52 -109.41
CA THR Y 243 19.45 -8.99 -108.79
C THR Y 243 18.35 -8.72 -109.83
N ASN Y 244 18.73 -8.43 -111.08
CA ASN Y 244 17.80 -8.20 -112.19
C ASN Y 244 17.04 -9.49 -112.55
N VAL Y 245 15.72 -9.37 -112.74
CA VAL Y 245 14.87 -10.41 -113.31
C VAL Y 245 14.54 -10.05 -114.76
N THR Y 246 14.47 -11.04 -115.65
CA THR Y 246 14.11 -10.83 -117.06
C THR Y 246 12.61 -11.05 -117.26
N ILE Y 247 11.94 -10.07 -117.83
CA ILE Y 247 10.51 -10.13 -118.19
C ILE Y 247 10.41 -10.24 -119.71
N HIS Y 248 9.63 -11.18 -120.23
CA HIS Y 248 9.34 -11.23 -121.68
C HIS Y 248 8.07 -10.39 -121.88
N THR Y 249 7.92 -9.72 -123.02
CA THR Y 249 6.71 -8.96 -123.34
C THR Y 249 6.39 -8.98 -124.83
N LEU Y 250 5.13 -8.72 -125.19
CA LEU Y 250 4.74 -8.55 -126.61
C LEU Y 250 5.21 -7.16 -127.03
N ASN Y 251 6.00 -7.04 -128.11
CA ASN Y 251 6.37 -5.71 -128.64
C ASN Y 251 5.07 -4.89 -128.71
N THR Y 252 5.00 -3.74 -128.06
CA THR Y 252 3.78 -2.89 -128.05
C THR Y 252 3.76 -2.08 -129.33
N THR Y 253 4.93 -1.74 -129.87
CA THR Y 253 5.04 -0.85 -131.04
C THR Y 253 4.66 -1.53 -132.37
N TYR Y 254 4.32 -2.83 -132.37
CA TYR Y 254 3.93 -3.58 -133.57
C TYR Y 254 2.73 -4.50 -133.35
N ILE Y 255 2.64 -5.18 -132.21
CA ILE Y 255 1.53 -6.09 -131.88
C ILE Y 255 0.45 -5.33 -131.09
N GLN Y 256 -0.61 -4.84 -131.72
CA GLN Y 256 -1.60 -4.03 -130.97
C GLN Y 256 -3.05 -4.37 -131.32
N ASN Y 257 -3.31 -5.12 -132.39
CA ASN Y 257 -4.69 -5.28 -132.84
C ASN Y 257 -5.59 -6.11 -131.93
N ARG Y 258 -5.02 -7.00 -131.10
CA ARG Y 258 -5.78 -7.83 -130.13
C ARG Y 258 -6.93 -8.62 -130.79
N ASP Y 259 -6.80 -8.99 -132.07
CA ASP Y 259 -7.81 -9.78 -132.78
C ASP Y 259 -7.52 -11.29 -132.72
N TRP Y 260 -7.41 -11.84 -131.52
CA TRP Y 260 -6.86 -13.19 -131.31
C TRP Y 260 -7.89 -14.32 -131.24
N GLY Y 261 -7.41 -15.54 -131.53
CA GLY Y 261 -8.13 -16.77 -131.23
C GLY Y 261 -9.21 -17.19 -132.24
N ASP Y 262 -9.02 -16.88 -133.52
CA ASP Y 262 -9.82 -17.42 -134.63
C ASP Y 262 -8.94 -18.01 -135.75
N ARG Y 263 -9.37 -19.13 -136.35
CA ARG Y 263 -8.71 -19.66 -137.58
C ARG Y 263 -9.53 -19.10 -138.76
N ASN Y 264 -10.60 -18.33 -138.48
CA ASN Y 264 -11.51 -17.76 -139.47
C ASN Y 264 -11.12 -16.33 -139.90
N LYS Y 265 -9.93 -15.85 -139.54
CA LYS Y 265 -9.47 -14.46 -139.72
C LYS Y 265 -7.98 -14.42 -140.03
N THR Y 266 -7.57 -13.81 -141.14
CA THR Y 266 -6.15 -13.54 -141.42
C THR Y 266 -5.64 -12.49 -140.43
N TYR Y 267 -4.59 -12.80 -139.67
CA TYR Y 267 -4.10 -11.91 -138.62
C TYR Y 267 -3.26 -10.75 -139.18
N TYR Y 268 -3.49 -9.56 -138.63
CA TYR Y 268 -2.77 -8.34 -138.92
C TYR Y 268 -2.39 -7.70 -137.59
N CYS Y 269 -1.14 -7.25 -137.44
CA CYS Y 269 -0.59 -6.94 -136.13
C CYS Y 269 -0.91 -5.52 -135.65
N GLN Y 270 -0.96 -4.53 -136.55
CA GLN Y 270 -1.34 -3.15 -136.24
C GLN Y 270 -2.09 -2.48 -137.39
N THR Y 271 -2.85 -1.44 -137.06
CA THR Y 271 -3.37 -0.45 -138.00
C THR Y 271 -2.70 0.89 -137.76
N LEU Y 272 -2.30 1.60 -138.81
CA LEU Y 272 -1.84 3.00 -138.74
C LEU Y 272 -2.53 3.80 -139.86
N GLY Y 273 -3.12 4.95 -139.53
CA GLY Y 273 -4.01 5.65 -140.46
C GLY Y 273 -5.16 4.75 -140.93
N THR Y 274 -5.25 4.51 -142.23
CA THR Y 274 -6.15 3.52 -142.84
C THR Y 274 -5.53 2.14 -143.07
N GLN Y 275 -4.21 2.00 -142.94
CA GLN Y 275 -3.48 0.78 -143.31
C GLN Y 275 -3.69 -0.37 -142.32
N ARG Y 276 -3.37 -1.58 -142.77
CA ARG Y 276 -3.15 -2.77 -141.94
C ARG Y 276 -1.73 -3.29 -142.19
N TYR Y 277 -1.07 -3.81 -141.17
CA TYR Y 277 0.28 -4.35 -141.25
C TYR Y 277 0.29 -5.84 -140.89
N PHE Y 278 1.16 -6.58 -141.54
CA PHE Y 278 1.15 -8.04 -141.62
C PHE Y 278 2.55 -8.59 -141.36
N LEU Y 279 2.60 -9.81 -140.83
CA LEU Y 279 3.81 -10.51 -140.46
C LEU Y 279 3.97 -11.75 -141.34
N TYR Y 280 5.20 -12.09 -141.70
CA TYR Y 280 5.55 -13.29 -142.47
C TYR Y 280 6.78 -13.96 -141.89
N GLY Y 281 6.77 -15.28 -141.73
CA GLY Y 281 7.95 -16.04 -141.33
C GLY Y 281 8.75 -16.49 -142.54
N THR Y 282 10.04 -16.73 -142.40
CA THR Y 282 10.83 -17.42 -143.44
C THR Y 282 11.94 -18.27 -142.83
N HIS Y 283 12.33 -19.33 -143.53
CA HIS Y 283 13.49 -20.16 -143.12
C HIS Y 283 14.68 -19.74 -144.01
N SER Y 284 14.49 -18.70 -144.85
CA SER Y 284 15.54 -18.26 -145.78
C SER Y 284 16.81 -17.83 -145.06
N THR Y 285 17.95 -18.21 -145.62
CA THR Y 285 19.28 -17.76 -145.22
C THR Y 285 19.67 -16.40 -145.84
N ALA Y 286 18.80 -15.80 -146.66
CA ALA Y 286 19.06 -14.52 -147.31
C ALA Y 286 19.37 -13.42 -146.29
N GLN Y 287 20.47 -12.70 -146.51
CA GLN Y 287 20.94 -11.64 -145.60
C GLN Y 287 20.21 -10.30 -145.84
N ASN Y 288 19.71 -10.06 -147.05
CA ASN Y 288 19.12 -8.78 -147.44
C ASN Y 288 17.60 -8.87 -147.57
N ILE Y 289 16.88 -8.05 -146.82
CA ILE Y 289 15.41 -8.01 -146.80
C ILE Y 289 14.80 -7.71 -148.18
N ASN Y 290 15.53 -7.04 -149.07
CA ASN Y 290 15.04 -6.71 -150.41
C ASN Y 290 14.94 -7.93 -151.33
N ASP Y 291 15.91 -8.86 -151.30
CA ASP Y 291 16.00 -9.97 -152.30
C ASP Y 291 15.25 -11.26 -151.96
N ILE Y 292 14.69 -11.38 -150.75
CA ILE Y 292 13.84 -12.53 -150.40
C ILE Y 292 12.69 -12.64 -151.44
N LYS Y 293 12.34 -13.86 -151.84
CA LYS Y 293 11.30 -14.10 -152.84
C LYS Y 293 9.89 -13.79 -152.27
N LEU Y 294 8.86 -13.86 -153.12
CA LEU Y 294 7.47 -13.76 -152.62
C LEU Y 294 7.12 -15.16 -152.10
N GLN Y 295 7.85 -16.19 -152.53
CA GLN Y 295 7.61 -17.60 -152.12
C GLN Y 295 8.16 -17.88 -150.71
N GLU Y 296 9.35 -17.38 -150.38
CA GLU Y 296 10.01 -17.68 -149.08
C GLU Y 296 9.06 -17.38 -147.91
N LEU Y 297 8.31 -16.28 -147.99
CA LEU Y 297 7.45 -15.84 -146.85
C LEU Y 297 6.39 -16.90 -146.50
N ILE Y 298 6.17 -17.16 -145.20
CA ILE Y 298 5.12 -18.09 -144.70
C ILE Y 298 4.08 -17.19 -144.05
N PRO Y 299 2.98 -16.81 -144.75
CA PRO Y 299 2.05 -15.82 -144.26
C PRO Y 299 1.29 -16.38 -143.07
N LEU Y 300 0.84 -15.52 -142.15
CA LEU Y 300 0.14 -15.96 -140.92
C LEU Y 300 -1.36 -15.69 -141.09
N THR Y 301 -2.19 -16.74 -141.21
CA THR Y 301 -3.66 -16.64 -141.40
C THR Y 301 -4.36 -17.19 -140.19
N ASN Y 302 -3.61 -17.64 -139.17
CA ASN Y 302 -4.18 -18.14 -137.92
C ASN Y 302 -3.40 -17.55 -136.74
N THR Y 303 -4.08 -17.19 -135.64
CA THR Y 303 -3.40 -17.02 -134.33
C THR Y 303 -3.79 -18.07 -133.30
N GLN Y 304 -4.94 -18.74 -133.51
CA GLN Y 304 -5.54 -19.68 -132.51
C GLN Y 304 -4.78 -21.01 -132.32
N ASP Y 305 -3.81 -21.35 -133.17
CA ASP Y 305 -3.12 -22.66 -133.05
C ASP Y 305 -1.63 -22.56 -132.73
N TYR Y 306 -1.05 -23.63 -132.22
CA TYR Y 306 0.40 -23.73 -132.01
C TYR Y 306 1.20 -23.96 -133.32
N VAL Y 307 0.51 -24.19 -134.44
CA VAL Y 307 1.13 -24.65 -135.69
C VAL Y 307 2.19 -23.66 -136.22
N GLN Y 308 3.33 -24.20 -136.66
CA GLN Y 308 4.45 -23.42 -137.23
C GLN Y 308 4.17 -22.95 -138.68
N GLY Y 309 3.31 -23.67 -139.39
CA GLY Y 309 3.21 -23.58 -140.84
C GLY Y 309 4.37 -24.30 -141.54
N PHE Y 310 4.52 -24.10 -142.83
CA PHE Y 310 5.63 -24.62 -143.63
C PHE Y 310 5.86 -23.77 -144.88
N ASP Y 311 7.03 -23.92 -145.47
CA ASP Y 311 7.46 -23.18 -146.66
C ASP Y 311 6.83 -23.72 -147.96
N TRP Y 312 6.74 -22.88 -148.99
CA TRP Y 312 6.22 -23.23 -150.32
C TRP Y 312 7.02 -24.36 -151.00
N THR Y 313 8.27 -24.57 -150.61
CA THR Y 313 9.08 -25.73 -151.05
C THR Y 313 8.47 -27.07 -150.64
N GLU Y 314 7.54 -27.11 -149.67
CA GLU Y 314 6.80 -28.32 -149.28
C GLU Y 314 5.41 -28.43 -149.96
N LYS Y 315 5.14 -27.63 -151.01
CA LYS Y 315 3.93 -27.72 -151.84
C LYS Y 315 3.56 -29.16 -152.19
N ASP Y 316 4.53 -29.95 -152.65
CA ASP Y 316 4.34 -31.33 -153.06
C ASP Y 316 4.17 -32.33 -151.89
N LYS Y 317 4.51 -31.95 -150.65
CA LYS Y 317 4.29 -32.80 -149.46
C LYS Y 317 2.85 -32.74 -148.96
N HIS Y 318 2.15 -31.60 -149.21
CA HIS Y 318 0.75 -31.36 -148.79
C HIS Y 318 -0.17 -31.21 -150.02
N ASN Y 319 0.21 -31.76 -151.17
CA ASN Y 319 -0.58 -31.77 -152.40
C ASN Y 319 -1.19 -30.40 -152.74
N ILE Y 320 -0.47 -29.33 -152.43
CA ILE Y 320 -0.93 -27.95 -152.63
C ILE Y 320 -0.95 -27.61 -154.12
N THR Y 321 -2.07 -27.07 -154.59
CA THR Y 321 -2.25 -26.66 -156.00
C THR Y 321 -2.14 -25.15 -156.20
N THR Y 322 -2.40 -24.34 -155.17
CA THR Y 322 -2.44 -22.87 -155.27
C THR Y 322 -1.93 -22.20 -153.99
N TYR Y 323 -1.59 -20.91 -154.08
CA TYR Y 323 -1.27 -20.12 -152.90
C TYR Y 323 -2.44 -20.06 -151.91
N LYS Y 324 -3.69 -20.17 -152.36
CA LYS Y 324 -4.87 -20.33 -151.48
C LYS Y 324 -4.76 -21.58 -150.59
N GLU Y 325 -4.34 -22.72 -151.14
CA GLU Y 325 -4.07 -23.92 -150.34
C GLU Y 325 -2.78 -23.82 -149.51
N PHE Y 326 -1.78 -23.06 -149.97
CA PHE Y 326 -0.61 -22.74 -149.14
C PHE Y 326 -0.98 -21.89 -147.91
N LEU Y 327 -1.84 -20.87 -148.08
CA LEU Y 327 -2.41 -20.06 -147.00
C LEU Y 327 -3.16 -20.92 -145.98
N THR Y 328 -3.99 -21.86 -146.42
CA THR Y 328 -4.82 -22.64 -145.48
C THR Y 328 -4.03 -23.78 -144.83
N LYS Y 329 -3.21 -24.52 -145.58
CA LYS Y 329 -2.44 -25.64 -145.01
C LYS Y 329 -1.15 -25.19 -144.32
N GLY Y 330 -0.44 -24.21 -144.87
CA GLY Y 330 0.96 -23.91 -144.55
C GLY Y 330 1.21 -22.61 -143.77
N ALA Y 331 0.20 -21.80 -143.48
CA ALA Y 331 0.40 -20.60 -142.68
C ALA Y 331 0.84 -20.90 -141.24
N GLY Y 332 1.69 -20.03 -140.69
CA GLY Y 332 2.28 -20.19 -139.35
C GLY Y 332 1.65 -19.29 -138.30
N ASN Y 333 1.49 -19.74 -137.06
CA ASN Y 333 1.00 -18.86 -136.00
C ASN Y 333 2.19 -18.05 -135.45
N PRO Y 334 2.07 -16.72 -135.28
CA PRO Y 334 3.21 -15.85 -134.94
C PRO Y 334 3.80 -16.17 -133.56
N PHE Y 335 3.01 -16.80 -132.69
CA PHE Y 335 3.38 -17.20 -131.34
C PHE Y 335 3.94 -18.63 -131.25
N HIS Y 336 4.19 -19.32 -132.37
CA HIS Y 336 4.93 -20.58 -132.34
C HIS Y 336 6.36 -20.36 -131.80
N ALA Y 337 6.97 -21.38 -131.20
CA ALA Y 337 8.22 -21.25 -130.44
C ALA Y 337 9.42 -20.67 -131.22
N GLU Y 338 9.43 -20.76 -132.55
CA GLU Y 338 10.46 -20.10 -133.37
C GLU Y 338 10.05 -18.70 -133.86
N TRP Y 339 8.78 -18.43 -134.14
CA TRP Y 339 8.32 -17.12 -134.59
C TRP Y 339 8.14 -16.11 -133.44
N ILE Y 340 7.80 -16.58 -132.22
CA ILE Y 340 7.53 -15.74 -131.03
C ILE Y 340 8.71 -14.82 -130.67
N THR Y 341 9.94 -15.32 -130.80
CA THR Y 341 11.20 -14.57 -130.60
C THR Y 341 12.02 -14.45 -131.88
N ALA Y 342 11.42 -14.76 -133.04
CA ALA Y 342 12.09 -14.76 -134.35
C ALA Y 342 13.43 -15.53 -134.37
N GLN Y 343 13.46 -16.72 -133.77
CA GLN Y 343 14.63 -17.62 -133.83
C GLN Y 343 15.02 -17.88 -135.29
N ASN Y 344 14.01 -18.11 -136.14
CA ASN Y 344 14.10 -18.02 -137.59
C ASN Y 344 13.46 -16.68 -138.00
N PRO Y 345 14.03 -15.92 -138.96
CA PRO Y 345 13.59 -14.55 -139.23
C PRO Y 345 12.10 -14.39 -139.50
N VAL Y 346 11.56 -13.26 -139.02
CA VAL Y 346 10.15 -12.85 -139.16
C VAL Y 346 10.14 -11.44 -139.73
N ILE Y 347 9.29 -11.23 -140.74
CA ILE Y 347 9.26 -10.03 -141.56
C ILE Y 347 7.93 -9.30 -141.34
N HIS Y 348 7.98 -8.01 -141.00
CA HIS Y 348 6.83 -7.13 -140.81
C HIS Y 348 6.67 -6.22 -142.01
N THR Y 349 5.47 -6.05 -142.55
CA THR Y 349 5.22 -5.26 -143.77
C THR Y 349 3.81 -4.68 -143.82
N ALA Y 350 3.63 -3.60 -144.56
CA ALA Y 350 2.30 -3.09 -144.94
C ALA Y 350 1.64 -3.95 -146.03
N ASN Y 351 2.41 -4.76 -146.78
CA ASN Y 351 1.87 -5.49 -147.92
C ASN Y 351 0.99 -6.66 -147.50
N SER Y 352 -0.32 -6.53 -147.71
CA SER Y 352 -1.30 -7.54 -147.34
C SER Y 352 -1.07 -8.85 -148.12
N PRO Y 353 -1.28 -10.03 -147.49
CA PRO Y 353 -1.24 -11.31 -148.18
C PRO Y 353 -2.13 -11.34 -149.41
N THR Y 354 -3.25 -10.62 -149.44
CA THR Y 354 -4.14 -10.57 -150.61
C THR Y 354 -3.52 -9.84 -151.80
N GLN Y 355 -2.63 -8.87 -151.59
CA GLN Y 355 -1.83 -8.35 -152.69
C GLN Y 355 -0.84 -9.41 -153.20
N ILE Y 356 -0.23 -10.18 -152.30
CA ILE Y 356 0.59 -11.34 -152.69
C ILE Y 356 -0.26 -12.41 -153.39
N GLU Y 357 -1.52 -12.65 -152.97
CA GLU Y 357 -2.46 -13.55 -153.65
C GLU Y 357 -2.66 -13.07 -155.09
N GLN Y 358 -2.93 -11.78 -155.29
CA GLN Y 358 -3.09 -11.22 -156.63
C GLN Y 358 -1.83 -11.43 -157.47
N ILE Y 359 -0.63 -11.24 -156.92
CA ILE Y 359 0.62 -11.51 -157.66
C ILE Y 359 0.78 -13.00 -158.01
N TYR Y 360 0.54 -13.91 -157.06
CA TYR Y 360 0.57 -15.36 -157.34
C TYR Y 360 -0.49 -15.78 -158.36
N THR Y 361 -1.76 -15.45 -158.10
CA THR Y 361 -2.89 -15.91 -158.90
C THR Y 361 -2.87 -15.29 -160.31
N ALA Y 362 -2.41 -14.04 -160.45
CA ALA Y 362 -2.24 -13.43 -161.77
C ALA Y 362 -1.24 -14.22 -162.63
N SER Y 363 -0.11 -14.66 -162.06
CA SER Y 363 0.74 -15.68 -162.67
C SER Y 363 1.68 -16.38 -161.67
N THR Y 364 1.49 -17.69 -161.50
CA THR Y 364 2.30 -18.55 -160.63
C THR Y 364 3.76 -18.63 -161.11
N THR Y 365 3.98 -18.54 -162.41
CA THR Y 365 5.33 -18.51 -163.00
C THR Y 365 6.10 -17.24 -162.66
N THR Y 366 5.43 -16.08 -162.52
CA THR Y 366 6.09 -14.85 -162.07
C THR Y 366 6.20 -14.74 -160.54
N PHE Y 367 5.50 -15.59 -159.77
CA PHE Y 367 5.73 -15.71 -158.32
C PHE Y 367 7.14 -16.23 -158.00
N GLN Y 368 7.70 -17.09 -158.86
CA GLN Y 368 9.11 -17.51 -158.82
C GLN Y 368 10.04 -16.31 -159.05
N ASN Y 369 9.71 -15.46 -160.02
CA ASN Y 369 10.55 -14.32 -160.43
C ASN Y 369 10.50 -13.16 -159.41
N LYS Y 370 9.32 -12.83 -158.89
CA LYS Y 370 9.12 -11.68 -157.99
C LYS Y 370 9.83 -11.87 -156.65
N LYS Y 371 10.51 -10.81 -156.21
CA LYS Y 371 11.15 -10.68 -154.90
C LYS Y 371 10.46 -9.60 -154.06
N LEU Y 372 10.95 -9.33 -152.86
CA LEU Y 372 10.45 -8.27 -151.98
C LEU Y 372 10.71 -6.86 -152.54
N THR Y 373 11.65 -6.69 -153.48
CA THR Y 373 11.74 -5.50 -154.34
C THR Y 373 10.51 -5.34 -155.23
N ASP Y 374 10.13 -4.09 -155.54
CA ASP Y 374 9.05 -3.75 -156.47
C ASP Y 374 7.68 -4.39 -156.15
N LEU Y 375 7.44 -4.73 -154.88
CA LEU Y 375 6.12 -5.16 -154.40
C LEU Y 375 5.22 -3.96 -154.04
N PRO Y 376 3.89 -4.12 -154.02
CA PRO Y 376 3.00 -3.10 -153.52
C PRO Y 376 3.23 -2.85 -152.02
N THR Y 377 3.15 -1.58 -151.60
CA THR Y 377 3.37 -1.13 -150.20
C THR Y 377 4.47 -1.93 -149.48
N PRO Y 378 5.73 -1.96 -149.98
CA PRO Y 378 6.75 -2.84 -149.42
C PRO Y 378 7.54 -2.34 -148.22
N GLY Y 379 6.92 -2.31 -147.03
CA GLY Y 379 7.61 -1.90 -145.80
C GLY Y 379 8.22 -3.12 -145.15
N TYR Y 380 8.87 -3.99 -145.92
CA TYR Y 380 9.48 -5.25 -145.40
C TYR Y 380 10.61 -4.91 -144.43
N ILE Y 381 10.48 -5.27 -143.15
CA ILE Y 381 11.49 -4.97 -142.09
C ILE Y 381 11.75 -6.27 -141.33
N PHE Y 382 12.70 -6.33 -140.39
CA PHE Y 382 12.91 -7.53 -139.53
C PHE Y 382 12.46 -7.17 -138.11
N ILE Y 383 11.28 -7.66 -137.67
CA ILE Y 383 10.71 -7.30 -136.36
C ILE Y 383 10.46 -8.57 -135.54
N THR Y 384 10.72 -8.53 -134.23
CA THR Y 384 10.50 -9.67 -133.32
C THR Y 384 9.20 -9.45 -132.52
N PRO Y 385 8.25 -10.41 -132.51
CA PRO Y 385 7.01 -10.25 -131.73
C PRO Y 385 7.25 -10.10 -130.23
N THR Y 386 8.30 -10.72 -129.70
CA THR Y 386 8.74 -10.61 -128.30
C THR Y 386 9.97 -9.74 -128.15
N VAL Y 387 10.03 -8.97 -127.07
CA VAL Y 387 11.25 -8.38 -126.52
C VAL Y 387 11.42 -8.82 -125.06
N SER Y 388 12.67 -8.97 -124.61
CA SER Y 388 12.99 -9.25 -123.20
C SER Y 388 13.49 -7.98 -122.53
N LEU Y 389 12.83 -7.59 -121.43
CA LEU Y 389 13.22 -6.47 -120.56
C LEU Y 389 13.98 -6.98 -119.33
N ARG Y 390 14.82 -6.15 -118.73
CA ARG Y 390 15.39 -6.37 -117.39
C ARG Y 390 14.74 -5.43 -116.39
N TYR Y 391 14.25 -5.99 -115.29
CA TYR Y 391 13.67 -5.26 -114.17
C TYR Y 391 14.53 -5.43 -112.92
N ASN Y 392 14.81 -4.33 -112.22
CA ASN Y 392 15.51 -4.36 -110.95
C ASN Y 392 14.61 -3.74 -109.87
N PRO Y 393 14.22 -4.47 -108.82
CA PRO Y 393 13.28 -3.97 -107.82
C PRO Y 393 13.86 -2.80 -107.01
N TYR Y 394 15.19 -2.76 -106.85
CA TYR Y 394 15.86 -1.70 -106.03
C TYR Y 394 15.96 -0.42 -106.85
N LYS Y 395 15.81 -0.52 -108.17
CA LYS Y 395 15.88 0.66 -109.08
C LYS Y 395 14.45 1.19 -109.34
N ASP Y 396 13.44 0.61 -108.69
CA ASP Y 396 12.02 0.98 -108.93
C ASP Y 396 11.55 2.04 -107.92
N LEU Y 397 11.06 3.19 -108.40
CA LEU Y 397 10.65 4.30 -107.54
C LEU Y 397 9.14 4.51 -107.52
N ALA Y 398 8.36 3.73 -108.28
CA ALA Y 398 6.91 3.76 -108.26
C ALA Y 398 6.26 5.13 -108.56
N GLU Y 399 6.90 6.02 -109.33
CA GLU Y 399 6.36 7.37 -109.57
C GLU Y 399 5.28 7.38 -110.66
N ARG Y 400 5.36 6.47 -111.64
CA ARG Y 400 4.41 6.36 -112.76
C ARG Y 400 4.04 4.91 -113.08
N ASN Y 401 4.15 4.04 -112.09
CA ASN Y 401 3.74 2.64 -112.18
C ASN Y 401 2.21 2.52 -112.25
N LYS Y 402 1.72 1.54 -113.01
CA LYS Y 402 0.29 1.37 -113.29
C LYS Y 402 0.00 -0.06 -113.74
N CYS Y 403 -1.22 -0.56 -113.57
CA CYS Y 403 -1.56 -1.95 -113.84
C CYS Y 403 -3.09 -2.10 -114.06
N TYR Y 404 -3.51 -2.83 -115.09
CA TYR Y 404 -4.93 -3.07 -115.40
C TYR Y 404 -5.14 -4.24 -116.38
N PHE Y 405 -6.37 -4.72 -116.50
CA PHE Y 405 -6.75 -5.76 -117.45
C PHE Y 405 -7.51 -5.18 -118.65
N VAL Y 406 -7.18 -5.65 -119.85
CA VAL Y 406 -7.88 -5.33 -121.11
C VAL Y 406 -8.47 -6.60 -121.71
N ARG Y 407 -9.53 -6.48 -122.51
CA ARG Y 407 -10.23 -7.60 -123.13
C ARG Y 407 -9.38 -8.20 -124.28
N SER Y 408 -9.05 -9.48 -124.22
CA SER Y 408 -8.20 -10.13 -125.24
C SER Y 408 -8.99 -10.52 -126.49
N LYS Y 409 -10.10 -11.27 -126.34
CA LYS Y 409 -11.01 -11.60 -127.46
C LYS Y 409 -12.05 -10.49 -127.70
N ILE Y 410 -11.61 -9.33 -128.17
CA ILE Y 410 -12.49 -8.33 -128.79
C ILE Y 410 -11.80 -7.63 -129.97
N ASN Y 411 -12.61 -7.07 -130.87
CA ASN Y 411 -12.14 -6.34 -132.03
C ASN Y 411 -11.86 -4.85 -131.68
N ALA Y 412 -10.93 -4.59 -130.76
CA ALA Y 412 -10.54 -3.24 -130.36
C ALA Y 412 -9.02 -3.03 -130.37
N HIS Y 413 -8.60 -1.91 -130.95
CA HIS Y 413 -7.19 -1.57 -131.13
C HIS Y 413 -6.57 -1.00 -129.84
N GLY Y 414 -5.26 -1.19 -129.69
CA GLY Y 414 -4.45 -0.49 -128.69
C GLY Y 414 -4.58 -1.04 -127.27
N TRP Y 415 -3.77 -0.48 -126.38
CA TRP Y 415 -3.50 -1.00 -125.05
C TRP Y 415 -3.91 -0.04 -123.92
N ASP Y 416 -4.55 1.09 -124.25
CA ASP Y 416 -4.88 2.12 -123.23
C ASP Y 416 -5.74 1.51 -122.11
N PRO Y 417 -5.69 2.01 -120.86
CA PRO Y 417 -6.56 1.50 -119.80
C PRO Y 417 -7.98 1.68 -120.29
N GLU Y 418 -8.79 0.62 -120.21
CA GLU Y 418 -10.18 0.65 -120.74
C GLU Y 418 -11.14 -0.03 -119.76
N GLN Y 419 -12.44 -0.01 -120.05
CA GLN Y 419 -13.47 -0.65 -119.19
C GLN Y 419 -13.39 -0.02 -117.79
N HIS Y 420 -13.17 -0.81 -116.72
CA HIS Y 420 -13.17 -0.29 -115.33
C HIS Y 420 -11.96 0.60 -115.08
N GLN Y 421 -12.18 1.90 -114.84
CA GLN Y 421 -11.09 2.86 -114.53
C GLN Y 421 -10.90 2.87 -113.00
N GLU Y 422 -11.87 2.36 -112.24
CA GLU Y 422 -11.70 2.23 -110.79
C GLU Y 422 -10.86 1.00 -110.41
N LEU Y 423 -10.70 0.03 -111.31
CA LEU Y 423 -9.87 -1.15 -111.10
C LEU Y 423 -8.40 -0.93 -111.45
N ILE Y 424 -8.03 0.19 -112.07
CA ILE Y 424 -6.64 0.54 -112.34
C ILE Y 424 -5.90 0.65 -111.00
N ASN Y 425 -4.75 -0.04 -110.89
CA ASN Y 425 -3.89 -0.03 -109.67
C ASN Y 425 -2.61 0.76 -110.00
N SER Y 426 -2.27 1.80 -109.22
CA SER Y 426 -1.21 2.76 -109.56
C SER Y 426 -0.28 3.06 -108.38
N ASP Y 427 0.91 3.57 -108.67
CA ASP Y 427 1.82 4.23 -107.72
C ASP Y 427 2.35 3.34 -106.57
N LEU Y 428 2.62 2.07 -106.83
CA LEU Y 428 3.38 1.17 -105.95
C LEU Y 428 4.47 0.48 -106.78
N PRO Y 429 5.58 0.04 -106.18
CA PRO Y 429 6.60 -0.68 -106.93
C PRO Y 429 6.03 -1.98 -107.50
N GLN Y 430 6.39 -2.37 -108.73
CA GLN Y 430 5.78 -3.52 -109.47
C GLN Y 430 5.64 -4.83 -108.67
N TRP Y 431 6.57 -5.15 -107.79
CA TRP Y 431 6.47 -6.34 -106.93
C TRP Y 431 5.38 -6.22 -105.86
N LEU Y 432 5.02 -5.01 -105.44
CA LEU Y 432 3.89 -4.75 -104.56
C LEU Y 432 2.60 -4.50 -105.36
N LEU Y 433 2.69 -3.81 -106.49
CA LEU Y 433 1.54 -3.47 -107.33
C LEU Y 433 0.85 -4.71 -107.92
N LEU Y 434 1.62 -5.72 -108.33
CA LEU Y 434 1.09 -6.93 -108.94
C LEU Y 434 0.61 -7.95 -107.90
N PHE Y 435 1.09 -7.89 -106.65
CA PHE Y 435 0.84 -8.96 -105.67
C PHE Y 435 -0.66 -9.07 -105.33
N GLY Y 436 -1.26 -10.22 -105.64
CA GLY Y 436 -2.68 -10.45 -105.39
C GLY Y 436 -3.66 -9.63 -106.24
N TYR Y 437 -3.18 -8.78 -107.15
CA TYR Y 437 -4.06 -7.95 -107.97
C TYR Y 437 -4.97 -8.75 -108.91
N PRO Y 438 -4.48 -9.78 -109.64
CA PRO Y 438 -5.35 -10.67 -110.41
C PRO Y 438 -6.45 -11.34 -109.58
N ASP Y 439 -6.14 -11.77 -108.35
CA ASP Y 439 -7.14 -12.38 -107.48
C ASP Y 439 -8.15 -11.37 -106.94
N TYR Y 440 -7.74 -10.15 -106.62
CA TYR Y 440 -8.70 -9.09 -106.32
C TYR Y 440 -9.66 -8.87 -107.48
N ILE Y 441 -9.16 -8.85 -108.71
CA ILE Y 441 -9.97 -8.67 -109.90
C ILE Y 441 -10.93 -9.86 -110.12
N LYS Y 442 -10.45 -11.10 -110.00
CA LYS Y 442 -11.31 -12.29 -110.06
C LYS Y 442 -12.40 -12.27 -109.00
N ARG Y 443 -12.06 -11.98 -107.73
CA ARG Y 443 -13.04 -11.97 -106.62
C ARG Y 443 -14.03 -10.79 -106.81
N THR Y 444 -13.59 -9.69 -107.42
CA THR Y 444 -14.48 -8.56 -107.74
C THR Y 444 -15.54 -8.93 -108.78
N GLN Y 445 -15.24 -9.87 -109.69
CA GLN Y 445 -16.26 -10.40 -110.67
C GLN Y 445 -16.80 -9.32 -111.63
N ASN Y 446 -16.11 -8.19 -111.78
CA ASN Y 446 -16.50 -7.15 -112.74
C ASN Y 446 -16.05 -7.44 -114.19
N PHE Y 447 -15.34 -8.54 -114.42
CA PHE Y 447 -14.91 -9.02 -115.73
C PHE Y 447 -15.41 -10.45 -115.97
N ALA Y 448 -15.58 -10.83 -117.25
CA ALA Y 448 -15.89 -12.21 -117.61
C ALA Y 448 -14.74 -13.13 -117.15
N LEU Y 449 -15.09 -14.16 -116.40
CA LEU Y 449 -14.17 -14.77 -115.42
C LEU Y 449 -12.96 -15.47 -116.02
N VAL Y 450 -13.06 -15.93 -117.28
CA VAL Y 450 -12.07 -16.86 -117.84
C VAL Y 450 -10.74 -16.18 -118.22
N ASP Y 451 -9.62 -16.80 -117.83
CA ASP Y 451 -8.26 -16.23 -118.08
C ASP Y 451 -7.99 -15.97 -119.56
N THR Y 452 -8.64 -16.71 -120.44
CA THR Y 452 -8.40 -16.59 -121.89
C THR Y 452 -8.97 -15.31 -122.51
N ASN Y 453 -9.87 -14.60 -121.81
CA ASN Y 453 -10.61 -13.49 -122.39
C ASN Y 453 -10.07 -12.12 -121.98
N TYR Y 454 -9.00 -12.07 -121.17
CA TYR Y 454 -8.35 -10.83 -120.74
C TYR Y 454 -6.83 -10.94 -120.84
N ILE Y 455 -6.16 -9.81 -120.90
CA ILE Y 455 -4.71 -9.63 -120.77
C ILE Y 455 -4.46 -8.64 -119.65
N LEU Y 456 -3.43 -8.89 -118.86
CA LEU Y 456 -2.85 -7.96 -117.92
C LEU Y 456 -1.78 -7.10 -118.61
N VAL Y 457 -1.89 -5.79 -118.41
CA VAL Y 457 -1.06 -4.74 -119.01
C VAL Y 457 -0.52 -3.86 -117.90
N ASP Y 458 0.76 -3.51 -117.90
CA ASP Y 458 1.32 -2.63 -116.86
C ASP Y 458 2.33 -1.63 -117.42
N HIS Y 459 2.40 -0.45 -116.82
CA HIS Y 459 3.38 0.59 -117.14
C HIS Y 459 4.43 0.65 -116.03
N CYS Y 460 5.70 0.72 -116.40
CA CYS Y 460 6.81 0.82 -115.47
C CYS Y 460 7.98 1.55 -116.15
N PRO Y 461 8.32 2.79 -115.74
CA PRO Y 461 9.49 3.52 -116.23
C PRO Y 461 10.84 2.84 -116.01
N TYR Y 462 10.90 1.88 -115.10
CA TYR Y 462 12.15 1.48 -114.44
C TYR Y 462 12.82 0.23 -114.98
N THR Y 463 12.28 -0.41 -116.02
CA THR Y 463 13.08 -1.38 -116.80
C THR Y 463 14.17 -0.66 -117.59
N ASN Y 464 15.31 -1.32 -117.81
CA ASN Y 464 16.45 -0.69 -118.46
C ASN Y 464 16.22 -0.41 -119.96
N PRO Y 465 15.84 -1.41 -120.78
CA PRO Y 465 15.05 -1.16 -121.98
C PRO Y 465 13.61 -0.86 -121.59
N GLU Y 466 12.80 -0.32 -122.50
CA GLU Y 466 11.40 0.02 -122.21
C GLU Y 466 10.47 -0.35 -123.37
N LYS Y 467 9.19 -0.53 -123.03
CA LYS Y 467 8.03 -0.50 -123.92
C LYS Y 467 6.93 0.27 -123.20
N THR Y 468 6.09 1.03 -123.91
CA THR Y 468 5.19 2.00 -123.27
C THR Y 468 4.25 1.32 -122.27
N PRO Y 469 3.36 0.39 -122.65
CA PRO Y 469 2.94 -0.68 -121.76
C PRO Y 469 3.83 -1.93 -121.92
N PHE Y 470 3.70 -2.82 -120.94
CA PHE Y 470 4.33 -4.15 -121.00
C PHE Y 470 3.19 -5.15 -121.11
N ILE Y 471 3.36 -6.24 -121.85
CA ILE Y 471 2.34 -7.34 -121.87
C ILE Y 471 3.09 -8.57 -121.37
N PRO Y 472 3.37 -8.71 -120.04
CA PRO Y 472 4.23 -9.79 -119.59
C PRO Y 472 3.79 -11.14 -120.16
N LEU Y 473 4.72 -12.00 -120.54
CA LEU Y 473 4.46 -13.36 -121.00
C LEU Y 473 5.37 -14.34 -120.28
N SER Y 474 4.83 -15.49 -119.88
CA SER Y 474 5.62 -16.50 -119.16
C SER Y 474 6.60 -17.20 -120.09
N THR Y 475 7.73 -17.62 -119.54
CA THR Y 475 8.75 -18.40 -120.26
C THR Y 475 8.15 -19.63 -120.93
N SER Y 476 7.13 -20.26 -120.34
CA SER Y 476 6.39 -21.37 -120.96
C SER Y 476 5.73 -21.00 -122.29
N PHE Y 477 5.07 -19.84 -122.39
CA PHE Y 477 4.47 -19.37 -123.65
C PHE Y 477 5.52 -18.90 -124.67
N ILE Y 478 6.61 -18.30 -124.18
CA ILE Y 478 7.77 -17.93 -124.99
C ILE Y 478 8.56 -19.15 -125.48
N GLU Y 479 8.36 -20.32 -124.87
CA GLU Y 479 8.98 -21.60 -125.23
C GLU Y 479 7.99 -22.63 -125.80
N GLY Y 480 6.73 -22.25 -126.09
CA GLY Y 480 5.76 -23.16 -126.70
C GLY Y 480 5.34 -24.33 -125.81
N ARG Y 481 4.86 -24.02 -124.59
CA ARG Y 481 4.48 -25.06 -123.60
C ARG Y 481 3.29 -24.58 -122.75
N SER Y 482 2.52 -25.52 -122.19
CA SER Y 482 1.33 -25.18 -121.38
C SER Y 482 1.68 -24.39 -120.10
N PRO Y 483 0.76 -23.57 -119.55
CA PRO Y 483 1.04 -22.58 -118.51
C PRO Y 483 1.85 -23.07 -117.29
N TYR Y 484 1.62 -24.30 -116.83
CA TYR Y 484 2.34 -24.94 -115.72
C TYR Y 484 2.83 -26.36 -116.09
N SER Y 485 3.38 -26.52 -117.30
CA SER Y 485 3.89 -27.81 -117.80
C SER Y 485 5.41 -27.90 -117.71
N PRO Y 486 6.00 -29.05 -117.32
CA PRO Y 486 7.44 -29.18 -117.12
C PRO Y 486 8.23 -28.99 -118.42
N SER Y 487 9.41 -28.38 -118.29
CA SER Y 487 10.27 -27.92 -119.40
C SER Y 487 10.72 -29.02 -120.36
N ASP Y 488 10.61 -30.30 -119.99
CA ASP Y 488 10.94 -31.43 -120.91
C ASP Y 488 9.97 -31.43 -122.10
N THR Y 489 8.78 -30.85 -121.92
CA THR Y 489 7.74 -30.74 -122.95
C THR Y 489 8.07 -29.61 -123.92
N HIS Y 490 7.79 -29.81 -125.24
CA HIS Y 490 8.08 -28.80 -126.31
C HIS Y 490 6.83 -28.55 -127.15
N GLU Y 491 5.62 -28.79 -126.63
CA GLU Y 491 4.33 -28.51 -127.26
C GLU Y 491 3.28 -28.21 -126.18
N PRO Y 492 2.28 -27.38 -126.44
CA PRO Y 492 1.09 -27.32 -125.61
C PRO Y 492 0.33 -28.66 -125.58
N ASP Y 493 -0.38 -28.94 -124.49
CA ASP Y 493 -1.43 -29.97 -124.43
C ASP Y 493 -2.65 -29.55 -125.26
N GLU Y 494 -3.48 -30.49 -125.75
CA GLU Y 494 -4.49 -30.22 -126.79
C GLU Y 494 -5.38 -28.99 -126.54
N GLU Y 495 -5.84 -28.79 -125.30
CA GLU Y 495 -6.66 -27.63 -124.94
C GLU Y 495 -5.89 -26.29 -124.97
N ASP Y 496 -4.57 -26.31 -124.77
CA ASP Y 496 -3.66 -25.18 -124.99
C ASP Y 496 -3.09 -25.15 -126.42
N GLN Y 497 -3.17 -26.23 -127.20
CA GLN Y 497 -2.88 -26.16 -128.65
C GLN Y 497 -3.96 -25.32 -129.35
N ASN Y 498 -5.22 -25.48 -128.93
CA ASN Y 498 -6.27 -24.50 -129.12
C ASN Y 498 -6.03 -23.26 -128.23
N ARG Y 499 -6.61 -22.13 -128.67
CA ARG Y 499 -6.53 -20.85 -127.93
C ARG Y 499 -5.07 -20.47 -127.68
N TRP Y 500 -4.14 -20.77 -128.60
CA TRP Y 500 -2.69 -20.45 -128.44
C TRP Y 500 -2.42 -18.99 -128.81
N TYR Y 501 -2.89 -18.06 -127.98
CA TYR Y 501 -2.74 -16.62 -128.20
C TYR Y 501 -2.57 -15.86 -126.88
N PRO Y 502 -2.01 -14.64 -126.87
CA PRO Y 502 -1.84 -13.84 -125.66
C PRO Y 502 -3.10 -13.70 -124.81
N CYS Y 503 -3.04 -14.17 -123.56
CA CYS Y 503 -4.08 -13.99 -122.55
C CYS Y 503 -3.50 -14.27 -121.16
N TYR Y 504 -4.21 -13.84 -120.11
CA TYR Y 504 -3.76 -13.88 -118.72
C TYR Y 504 -3.30 -15.27 -118.27
N GLN Y 505 -3.88 -16.34 -118.82
CA GLN Y 505 -3.48 -17.74 -118.48
C GLN Y 505 -1.99 -17.97 -118.79
N TYR Y 506 -1.45 -17.37 -119.84
CA TYR Y 506 -0.04 -17.47 -120.19
C TYR Y 506 0.83 -16.43 -119.50
N GLN Y 507 0.27 -15.41 -118.85
CA GLN Y 507 1.02 -14.36 -118.14
C GLN Y 507 1.35 -14.71 -116.69
N GLN Y 508 0.65 -15.68 -116.09
CA GLN Y 508 0.66 -15.93 -114.65
C GLN Y 508 2.06 -16.11 -114.04
N GLU Y 509 2.90 -16.95 -114.64
CA GLU Y 509 4.23 -17.20 -114.10
C GLU Y 509 5.14 -15.96 -114.19
N SER Y 510 4.98 -15.12 -115.22
CA SER Y 510 5.76 -13.88 -115.32
C SER Y 510 5.44 -12.88 -114.21
N ILE Y 511 4.18 -12.65 -113.88
CA ILE Y 511 3.83 -11.72 -112.81
C ILE Y 511 4.13 -12.32 -111.43
N ASN Y 512 4.06 -13.65 -111.27
CA ASN Y 512 4.58 -14.28 -110.07
C ASN Y 512 6.08 -14.05 -109.94
N SER Y 513 6.84 -14.17 -111.02
CA SER Y 513 8.29 -13.93 -111.04
C SER Y 513 8.64 -12.47 -110.69
N ILE Y 514 7.86 -11.50 -111.15
CA ILE Y 514 7.99 -10.09 -110.72
C ILE Y 514 7.69 -9.94 -109.22
N CYS Y 515 6.65 -10.56 -108.69
CA CYS Y 515 6.36 -10.55 -107.25
C CYS Y 515 7.46 -11.21 -106.42
N LEU Y 516 8.04 -12.31 -106.89
CA LEU Y 516 9.19 -12.97 -106.27
C LEU Y 516 10.44 -12.09 -106.23
N SER Y 517 10.56 -11.08 -107.09
CA SER Y 517 11.64 -10.10 -106.96
C SER Y 517 11.50 -9.22 -105.72
N GLY Y 518 10.29 -9.10 -105.14
CA GLY Y 518 10.04 -8.31 -103.94
C GLY Y 518 10.52 -8.98 -102.65
N PRO Y 519 10.74 -8.19 -101.58
CA PRO Y 519 11.24 -8.70 -100.31
C PRO Y 519 10.24 -9.59 -99.57
N GLY Y 520 10.76 -10.44 -98.69
CA GLY Y 520 10.03 -11.37 -97.83
C GLY Y 520 9.51 -12.63 -98.52
N THR Y 521 9.53 -12.69 -99.85
CA THR Y 521 9.01 -13.83 -100.60
C THR Y 521 9.88 -15.08 -100.39
N PRO Y 522 9.31 -16.24 -100.04
CA PRO Y 522 10.08 -17.42 -99.64
C PRO Y 522 10.79 -18.14 -100.78
N LYS Y 523 11.82 -18.92 -100.43
CA LYS Y 523 12.52 -19.87 -101.30
C LYS Y 523 11.96 -21.27 -101.03
N ILE Y 524 11.34 -21.90 -102.03
CA ILE Y 524 10.80 -23.27 -101.89
C ILE Y 524 11.43 -24.13 -102.98
N PRO Y 525 12.16 -25.22 -102.66
CA PRO Y 525 12.72 -26.11 -103.67
C PRO Y 525 11.66 -26.68 -104.63
N LYS Y 526 11.99 -26.82 -105.91
CA LYS Y 526 11.06 -27.39 -106.90
C LYS Y 526 10.67 -28.82 -106.51
N GLY Y 527 9.37 -29.11 -106.62
CA GLY Y 527 8.78 -30.38 -106.18
C GLY Y 527 8.41 -30.46 -104.70
N ILE Y 528 8.69 -29.43 -103.89
CA ILE Y 528 8.24 -29.34 -102.50
C ILE Y 528 7.04 -28.38 -102.42
N THR Y 529 6.01 -28.78 -101.68
CA THR Y 529 4.87 -27.92 -101.35
C THR Y 529 4.97 -27.53 -99.89
N ALA Y 530 5.04 -26.24 -99.61
CA ALA Y 530 4.96 -25.73 -98.25
C ALA Y 530 3.49 -25.58 -97.83
N GLU Y 531 3.19 -25.78 -96.55
CA GLU Y 531 1.83 -25.81 -96.02
C GLU Y 531 1.80 -25.10 -94.67
N ALA Y 532 0.65 -24.57 -94.28
CA ALA Y 532 0.41 -24.08 -92.93
C ALA Y 532 -0.99 -24.44 -92.47
N LYS Y 533 -1.17 -24.66 -91.17
CA LYS Y 533 -2.46 -25.01 -90.57
C LYS Y 533 -2.68 -24.30 -89.25
N VAL Y 534 -3.95 -24.08 -88.93
CA VAL Y 534 -4.43 -23.64 -87.62
C VAL Y 534 -5.38 -24.68 -87.07
N LYS Y 535 -5.38 -24.91 -85.76
CA LYS Y 535 -6.45 -25.62 -85.08
C LYS Y 535 -7.37 -24.61 -84.44
N TYR Y 536 -8.66 -24.70 -84.73
CA TYR Y 536 -9.68 -23.79 -84.21
C TYR Y 536 -10.58 -24.48 -83.20
N SER Y 537 -11.16 -23.68 -82.32
CA SER Y 537 -12.24 -24.09 -81.43
C SER Y 537 -13.22 -22.93 -81.27
N PHE Y 538 -14.34 -22.98 -81.99
CA PHE Y 538 -15.41 -21.99 -81.84
C PHE Y 538 -16.36 -22.39 -80.73
N ASN Y 539 -16.68 -21.47 -79.83
CA ASN Y 539 -17.50 -21.75 -78.66
C ASN Y 539 -18.93 -21.27 -78.89
N PHE Y 540 -19.89 -22.18 -78.83
CA PHE Y 540 -21.31 -21.93 -78.98
C PHE Y 540 -22.07 -22.51 -77.80
N LYS Y 541 -23.28 -22.01 -77.57
CA LYS Y 541 -24.31 -22.71 -76.83
C LYS Y 541 -25.51 -22.89 -77.74
N TRP Y 542 -26.21 -24.00 -77.61
CA TRP Y 542 -27.48 -24.26 -78.29
C TRP Y 542 -28.61 -24.16 -77.28
N GLY Y 543 -29.71 -23.50 -77.63
CA GLY Y 543 -30.81 -23.23 -76.72
C GLY Y 543 -32.14 -23.71 -77.28
N GLY Y 544 -33.02 -24.17 -76.40
CA GLY Y 544 -34.37 -24.57 -76.80
C GLY Y 544 -35.22 -25.11 -75.67
N ASP Y 545 -36.46 -25.45 -75.98
CA ASP Y 545 -37.28 -26.33 -75.14
C ASP Y 545 -36.76 -27.76 -75.21
N LEU Y 546 -37.08 -28.58 -74.20
CA LEU Y 546 -36.56 -29.93 -74.06
C LEU Y 546 -36.93 -30.82 -75.27
N PRO Y 547 -35.97 -31.52 -75.89
CA PRO Y 547 -36.22 -32.38 -77.05
C PRO Y 547 -36.74 -33.78 -76.68
N PRO Y 548 -37.29 -34.53 -77.64
CA PRO Y 548 -37.63 -35.94 -77.48
C PRO Y 548 -36.39 -36.87 -77.54
N MET Y 549 -36.56 -38.15 -77.19
CA MET Y 549 -35.48 -39.16 -77.12
C MET Y 549 -36.03 -40.59 -77.32
N SER Y 550 -35.19 -41.57 -77.67
CA SER Y 550 -35.57 -42.98 -77.88
C SER Y 550 -34.58 -43.99 -77.25
N THR Y 551 -35.00 -45.24 -77.12
CA THR Y 551 -34.32 -46.29 -76.31
C THR Y 551 -34.23 -47.62 -77.04
N ILE Y 552 -33.35 -48.51 -76.56
CA ILE Y 552 -32.97 -49.79 -77.18
C ILE Y 552 -33.35 -50.95 -76.25
N THR Y 553 -33.77 -52.10 -76.79
CA THR Y 553 -34.11 -53.29 -75.97
C THR Y 553 -32.93 -53.74 -75.13
N ASN Y 554 -33.16 -54.21 -73.90
CA ASN Y 554 -32.10 -54.76 -73.06
C ASN Y 554 -31.53 -56.11 -73.57
N PRO Y 555 -32.36 -57.10 -74.00
CA PRO Y 555 -31.83 -58.41 -74.38
C PRO Y 555 -30.93 -58.36 -75.60
N THR Y 556 -31.31 -57.61 -76.64
CA THR Y 556 -30.47 -57.44 -77.85
C THR Y 556 -29.65 -56.18 -77.69
N ASP Y 557 -28.57 -56.24 -76.90
CA ASP Y 557 -27.74 -55.04 -76.61
C ASP Y 557 -26.28 -55.48 -76.47
N GLN Y 558 -25.35 -54.54 -76.28
CA GLN Y 558 -23.91 -54.86 -76.13
C GLN Y 558 -23.78 -56.09 -75.21
N PRO Y 559 -23.32 -57.26 -75.72
CA PRO Y 559 -23.27 -58.47 -74.89
C PRO Y 559 -22.00 -58.54 -74.05
N THR Y 560 -22.12 -59.05 -72.82
CA THR Y 560 -20.94 -59.22 -71.96
C THR Y 560 -19.98 -60.26 -72.58
N TYR Y 561 -18.68 -60.16 -72.30
CA TYR Y 561 -17.68 -61.10 -72.85
C TYR Y 561 -18.03 -62.57 -72.59
N VAL Y 562 -18.71 -62.86 -71.48
CA VAL Y 562 -19.22 -64.20 -71.12
C VAL Y 562 -20.15 -64.75 -72.20
N LYS Z 48 -58.95 8.62 -44.32
CA LYS Z 48 -60.20 7.97 -43.84
C LYS Z 48 -61.25 9.00 -43.43
N ARG Z 49 -61.05 9.75 -42.35
CA ARG Z 49 -61.90 10.87 -41.93
C ARG Z 49 -61.07 12.06 -41.46
N LEU Z 50 -61.53 13.26 -41.74
CA LEU Z 50 -60.84 14.51 -41.44
C LEU Z 50 -61.70 15.42 -40.57
N ASN Z 51 -61.06 16.22 -39.72
CA ASN Z 51 -61.73 17.33 -39.04
C ASN Z 51 -62.17 18.38 -40.07
N ILE Z 52 -63.39 18.89 -39.93
CA ILE Z 52 -63.82 20.07 -40.67
C ILE Z 52 -63.11 21.30 -40.09
N VAL Z 53 -62.58 22.15 -40.95
CA VAL Z 53 -61.78 23.33 -40.61
C VAL Z 53 -62.38 24.55 -41.28
N GLU Z 54 -62.34 25.69 -40.60
CA GLU Z 54 -62.78 26.98 -41.13
C GLU Z 54 -61.62 27.97 -41.09
N TRP Z 55 -61.55 28.87 -42.08
CA TRP Z 55 -60.55 29.93 -42.09
C TRP Z 55 -61.10 31.18 -41.43
N GLN Z 56 -60.38 31.63 -40.41
CA GLN Z 56 -60.82 32.77 -39.56
C GLN Z 56 -60.92 34.04 -40.39
N PRO Z 57 -61.94 34.88 -40.15
CA PRO Z 57 -62.14 36.12 -40.90
C PRO Z 57 -61.08 37.18 -40.59
N LYS Z 58 -60.93 38.15 -41.49
CA LYS Z 58 -59.82 39.10 -41.51
C LYS Z 58 -59.74 39.99 -40.26
N SER Z 59 -60.87 40.46 -39.75
CA SER Z 59 -60.97 41.21 -38.49
C SER Z 59 -62.07 40.66 -37.60
N ILE Z 60 -61.79 40.59 -36.30
CA ILE Z 60 -62.66 39.98 -35.28
C ILE Z 60 -62.78 40.93 -34.08
N ARG Z 61 -64.00 41.08 -33.53
CA ARG Z 61 -64.25 41.96 -32.35
C ARG Z 61 -65.20 41.32 -31.32
N LYS Z 62 -64.68 40.90 -30.16
CA LYS Z 62 -65.50 40.33 -29.06
C LYS Z 62 -66.54 41.34 -28.58
N CYS Z 63 -67.76 40.88 -28.34
CA CYS Z 63 -68.85 41.68 -27.78
C CYS Z 63 -69.64 40.87 -26.77
N ARG Z 64 -69.70 41.39 -25.51
CA ARG Z 64 -70.55 40.79 -24.46
C ARG Z 64 -71.85 41.61 -24.33
N ILE Z 65 -72.98 41.08 -24.82
CA ILE Z 65 -74.27 41.74 -24.68
C ILE Z 65 -74.73 41.54 -23.23
N LYS Z 66 -74.59 42.58 -22.41
CA LYS Z 66 -74.82 42.55 -20.95
C LYS Z 66 -76.10 43.28 -20.60
N GLY Z 67 -76.93 42.72 -19.74
CA GLY Z 67 -78.18 43.38 -19.35
C GLY Z 67 -78.93 42.65 -18.25
N MET Z 68 -80.13 43.12 -17.97
CA MET Z 68 -80.99 42.64 -16.89
C MET Z 68 -82.35 42.18 -17.47
N LEU Z 69 -82.83 41.00 -17.11
CA LEU Z 69 -84.11 40.45 -17.57
C LEU Z 69 -85.04 40.18 -16.40
N CYS Z 70 -86.27 40.67 -16.47
CA CYS Z 70 -87.32 40.35 -15.51
C CYS Z 70 -87.87 38.94 -15.75
N LEU Z 71 -87.79 38.05 -14.76
CA LEU Z 71 -88.27 36.68 -14.88
C LEU Z 71 -89.78 36.58 -14.64
N PHE Z 72 -90.29 37.27 -13.65
CA PHE Z 72 -91.72 37.47 -13.43
C PHE Z 72 -91.91 38.73 -12.60
N GLN Z 73 -93.11 39.29 -12.63
CA GLN Z 73 -93.58 40.21 -11.62
C GLN Z 73 -95.05 39.93 -11.37
N THR Z 74 -95.41 39.58 -10.14
CA THR Z 74 -96.67 38.90 -9.82
C THR Z 74 -97.30 39.44 -8.54
N THR Z 75 -98.63 39.47 -8.54
CA THR Z 75 -99.47 39.50 -7.33
C THR Z 75 -100.00 38.09 -7.07
N GLU Z 76 -100.67 37.86 -5.93
CA GLU Z 76 -101.24 36.54 -5.59
C GLU Z 76 -102.32 36.07 -6.59
N ASP Z 77 -103.13 37.00 -7.11
CA ASP Z 77 -104.22 36.74 -8.05
C ASP Z 77 -103.76 36.49 -9.50
N ARG Z 78 -102.45 36.54 -9.75
CA ARG Z 78 -101.83 36.24 -11.05
C ARG Z 78 -100.80 35.11 -11.00
N LEU Z 79 -100.64 34.41 -9.89
CA LEU Z 79 -99.59 33.40 -9.73
C LEU Z 79 -99.65 32.25 -10.75
N SER Z 80 -100.85 31.81 -11.12
CA SER Z 80 -101.02 30.69 -12.07
C SER Z 80 -100.91 31.07 -13.55
N TYR Z 81 -100.59 32.33 -13.87
CA TYR Z 81 -100.53 32.82 -15.25
C TYR Z 81 -99.10 33.16 -15.70
N ASN Z 82 -98.86 33.05 -17.00
CA ASN Z 82 -97.59 33.37 -17.63
C ASN Z 82 -97.37 34.89 -17.70
N PHE Z 83 -96.24 35.37 -17.17
CA PHE Z 83 -95.80 36.75 -17.29
C PHE Z 83 -95.19 37.02 -18.67
N ASP Z 84 -95.84 37.87 -19.45
CA ASP Z 84 -95.25 38.55 -20.60
C ASP Z 84 -95.04 40.03 -20.25
N MET Z 85 -93.82 40.53 -20.44
CA MET Z 85 -93.51 41.94 -20.18
C MET Z 85 -94.11 42.88 -21.24
N TYR Z 86 -94.30 42.36 -22.46
CA TYR Z 86 -94.92 43.06 -23.57
C TYR Z 86 -96.31 42.43 -23.81
N GLU Z 87 -97.33 43.19 -23.47
CA GLU Z 87 -98.63 42.69 -23.02
C GLU Z 87 -99.70 42.47 -24.09
N GLU Z 88 -100.72 41.67 -23.75
CA GLU Z 88 -102.06 41.82 -24.32
C GLU Z 88 -102.65 43.04 -23.61
N SER Z 89 -102.93 44.13 -24.34
CA SER Z 89 -103.03 45.51 -23.82
C SER Z 89 -103.99 45.75 -22.65
N ILE Z 90 -104.94 44.85 -22.39
CA ILE Z 90 -105.83 44.89 -21.23
C ILE Z 90 -105.15 44.41 -19.93
N ILE Z 91 -104.19 43.48 -20.00
CA ILE Z 91 -103.60 42.85 -18.80
C ILE Z 91 -102.98 43.87 -17.84
N PRO Z 92 -102.11 44.83 -18.24
CA PRO Z 92 -101.54 45.77 -17.29
C PRO Z 92 -102.51 46.84 -16.80
N GLU Z 93 -103.71 46.98 -17.39
CA GLU Z 93 -104.70 47.94 -16.90
C GLU Z 93 -105.23 47.51 -15.53
N LYS Z 94 -104.82 48.23 -14.48
CA LYS Z 94 -105.15 47.94 -13.07
C LYS Z 94 -104.63 46.57 -12.57
N LEU Z 95 -103.57 46.02 -13.17
CA LEU Z 95 -102.76 44.96 -12.55
C LEU Z 95 -101.27 45.36 -12.48
N PRO Z 96 -100.65 45.40 -11.29
CA PRO Z 96 -99.23 45.77 -11.16
C PRO Z 96 -98.26 44.63 -11.51
N GLY Z 97 -98.72 43.39 -11.58
CA GLY Z 97 -97.94 42.24 -12.04
C GLY Z 97 -98.80 41.23 -12.80
N GLY Z 98 -98.34 40.79 -13.97
CA GLY Z 98 -99.14 40.03 -14.92
C GLY Z 98 -99.13 38.52 -14.76
N GLY Z 99 -98.14 37.94 -14.07
CA GLY Z 99 -98.00 36.48 -14.01
C GLY Z 99 -96.90 36.00 -13.07
N GLY Z 100 -97.07 34.82 -12.48
CA GLY Z 100 -96.16 34.23 -11.49
C GLY Z 100 -95.18 33.21 -12.04
N PHE Z 101 -95.25 32.89 -13.32
CA PHE Z 101 -94.25 32.08 -14.01
C PHE Z 101 -93.98 32.68 -15.38
N SER Z 102 -92.86 32.39 -16.00
CA SER Z 102 -92.66 32.72 -17.41
C SER Z 102 -91.86 31.66 -18.13
N ILE Z 103 -92.05 31.60 -19.44
CA ILE Z 103 -91.11 30.98 -20.36
C ILE Z 103 -90.54 32.09 -21.25
N LYS Z 104 -89.23 32.29 -21.19
CA LYS Z 104 -88.48 33.27 -21.99
C LYS Z 104 -87.70 32.53 -23.07
N ASN Z 105 -87.80 32.95 -24.32
CA ASN Z 105 -86.85 32.55 -25.37
C ASN Z 105 -85.98 33.77 -25.70
N ILE Z 106 -84.65 33.59 -25.70
CA ILE Z 106 -83.70 34.64 -26.04
C ILE Z 106 -83.06 34.36 -27.39
N SER Z 107 -83.06 35.35 -28.27
CA SER Z 107 -82.39 35.32 -29.56
C SER Z 107 -81.65 36.63 -29.75
N LEU Z 108 -80.66 36.67 -30.66
CA LEU Z 108 -79.90 37.88 -30.96
C LEU Z 108 -80.81 39.04 -31.42
N TYR Z 109 -81.92 38.76 -32.10
CA TYR Z 109 -82.91 39.78 -32.41
C TYR Z 109 -83.68 40.27 -31.18
N ALA Z 110 -84.06 39.37 -30.26
CA ALA Z 110 -84.65 39.78 -28.98
C ALA Z 110 -83.66 40.59 -28.12
N LEU Z 111 -82.37 40.26 -28.14
CA LEU Z 111 -81.33 41.08 -27.50
C LEU Z 111 -81.22 42.48 -28.13
N TYR Z 112 -81.30 42.59 -29.45
CA TYR Z 112 -81.41 43.88 -30.12
C TYR Z 112 -82.68 44.65 -29.74
N GLN Z 113 -83.83 43.99 -29.65
CA GLN Z 113 -85.05 44.64 -29.17
C GLN Z 113 -84.94 45.13 -27.73
N GLU Z 114 -84.31 44.38 -26.84
CA GLU Z 114 -84.02 44.85 -25.48
C GLU Z 114 -83.04 46.04 -25.47
N HIS Z 115 -82.20 46.19 -26.48
CA HIS Z 115 -81.30 47.37 -26.61
C HIS Z 115 -82.11 48.61 -27.01
N ILE Z 116 -83.20 48.44 -27.77
CA ILE Z 116 -84.11 49.54 -28.10
C ILE Z 116 -84.88 50.02 -26.86
N HIS Z 117 -85.19 49.13 -25.92
CA HIS Z 117 -85.73 49.49 -24.60
C HIS Z 117 -84.67 49.99 -23.61
N ALA Z 118 -83.40 50.09 -24.02
CA ALA Z 118 -82.26 50.43 -23.17
C ALA Z 118 -82.03 49.45 -22.00
N HIS Z 119 -82.49 48.20 -22.11
CA HIS Z 119 -82.34 47.19 -21.07
C HIS Z 119 -80.99 46.47 -21.09
N ASN Z 120 -80.18 46.66 -22.14
CA ASN Z 120 -78.84 46.09 -22.24
C ASN Z 120 -77.86 47.03 -22.94
N ILE Z 121 -76.57 46.71 -22.81
CA ILE Z 121 -75.48 47.30 -23.56
C ILE Z 121 -74.87 46.24 -24.48
N PHE Z 122 -74.38 46.65 -25.64
CA PHE Z 122 -73.47 45.86 -26.47
C PHE Z 122 -72.07 46.40 -26.24
N THR Z 123 -71.15 45.56 -25.75
CA THR Z 123 -69.77 45.99 -25.45
C THR Z 123 -68.99 46.45 -26.68
N HIS Z 124 -69.40 45.96 -27.85
CA HIS Z 124 -68.83 46.41 -29.15
C HIS Z 124 -69.98 46.42 -30.15
N THR Z 125 -70.08 47.44 -30.99
CA THR Z 125 -71.06 47.49 -32.09
C THR Z 125 -70.77 46.44 -33.15
N ASN Z 126 -71.79 46.12 -33.94
CA ASN Z 126 -71.77 45.12 -35.00
C ASN Z 126 -72.03 45.72 -36.39
N THR Z 127 -71.95 47.05 -36.56
CA THR Z 127 -72.52 47.75 -37.73
C THR Z 127 -71.88 47.34 -39.06
N ASP Z 128 -70.59 47.05 -39.07
CA ASP Z 128 -69.82 46.81 -40.30
C ASP Z 128 -69.08 45.46 -40.30
N ARG Z 129 -69.49 44.55 -39.40
CA ARG Z 129 -68.95 43.16 -39.33
C ARG Z 129 -70.19 42.25 -39.39
N PRO Z 130 -70.54 41.62 -40.54
CA PRO Z 130 -71.80 40.92 -40.71
C PRO Z 130 -71.81 39.49 -40.18
N LEU Z 131 -70.65 38.89 -39.91
CA LEU Z 131 -70.54 37.55 -39.34
C LEU Z 131 -70.66 37.60 -37.81
N ALA Z 132 -71.19 36.53 -37.22
CA ALA Z 132 -71.28 36.32 -35.79
C ALA Z 132 -70.80 34.93 -35.40
N ARG Z 133 -70.17 34.83 -34.22
CA ARG Z 133 -69.70 33.54 -33.65
C ARG Z 133 -70.11 33.50 -32.17
N TYR Z 134 -71.30 32.95 -31.87
CA TYR Z 134 -71.83 32.84 -30.51
C TYR Z 134 -71.06 31.79 -29.69
N THR Z 135 -70.65 32.15 -28.48
CA THR Z 135 -69.77 31.31 -27.64
C THR Z 135 -70.45 30.78 -26.37
N GLY Z 136 -71.65 31.27 -26.05
CA GLY Z 136 -72.38 30.87 -24.85
C GLY Z 136 -72.80 32.07 -24.00
N CYS Z 137 -73.41 31.77 -22.86
CA CYS Z 137 -74.02 32.75 -21.98
C CYS Z 137 -73.56 32.57 -20.53
N SER Z 138 -73.46 33.66 -19.78
CA SER Z 138 -73.42 33.63 -18.31
C SER Z 138 -74.69 34.24 -17.76
N LEU Z 139 -75.35 33.57 -16.82
CA LEU Z 139 -76.48 34.10 -16.08
C LEU Z 139 -76.10 34.27 -14.60
N LYS Z 140 -76.51 35.39 -13.99
CA LYS Z 140 -76.52 35.59 -12.54
C LYS Z 140 -77.95 35.77 -12.09
N PHE Z 141 -78.48 34.82 -11.34
CA PHE Z 141 -79.83 34.86 -10.80
C PHE Z 141 -79.78 35.47 -9.41
N TYR Z 142 -80.50 36.56 -9.16
CA TYR Z 142 -80.47 37.24 -7.87
C TYR Z 142 -81.55 36.74 -6.93
N GLN Z 143 -81.21 36.61 -5.64
CA GLN Z 143 -82.22 36.44 -4.60
C GLN Z 143 -83.16 37.64 -4.58
N SER Z 144 -84.46 37.41 -4.72
CA SER Z 144 -85.44 38.45 -4.44
C SER Z 144 -85.53 38.72 -2.94
N LYS Z 145 -86.06 39.87 -2.57
CA LYS Z 145 -86.28 40.20 -1.15
C LYS Z 145 -87.32 39.29 -0.50
N ASP Z 146 -88.50 39.18 -1.12
CA ASP Z 146 -89.70 38.60 -0.49
C ASP Z 146 -90.14 37.23 -1.01
N ILE Z 147 -89.66 36.80 -2.19
CA ILE Z 147 -90.19 35.55 -2.83
C ILE Z 147 -89.05 34.61 -3.28
N ASP Z 148 -89.24 33.30 -3.14
CA ASP Z 148 -88.25 32.30 -3.61
C ASP Z 148 -88.63 32.03 -5.06
N TYR Z 149 -87.84 31.28 -5.83
CA TYR Z 149 -88.27 30.92 -7.20
C TYR Z 149 -87.40 29.83 -7.80
N VAL Z 150 -88.00 28.93 -8.56
CA VAL Z 150 -87.32 27.84 -9.26
C VAL Z 150 -87.04 28.30 -10.67
N VAL Z 151 -85.85 28.04 -11.18
CA VAL Z 151 -85.50 28.21 -12.59
C VAL Z 151 -85.11 26.86 -13.18
N THR Z 152 -85.47 26.61 -14.42
CA THR Z 152 -84.76 25.64 -15.25
C THR Z 152 -84.63 26.18 -16.67
N TYR Z 153 -83.59 25.82 -17.37
CA TYR Z 153 -83.29 26.34 -18.69
C TYR Z 153 -82.96 25.22 -19.66
N SER Z 154 -83.11 25.48 -20.95
CA SER Z 154 -82.82 24.53 -22.01
C SER Z 154 -82.17 25.24 -23.18
N THR Z 155 -81.45 24.48 -24.03
CA THR Z 155 -80.84 25.04 -25.26
C THR Z 155 -81.04 24.08 -26.43
N SER Z 156 -82.03 23.18 -26.34
CA SER Z 156 -82.36 22.33 -27.51
C SER Z 156 -82.80 23.29 -28.64
N LEU Z 157 -82.00 23.42 -29.70
CA LEU Z 157 -82.29 24.42 -30.76
C LEU Z 157 -83.77 24.31 -31.16
N PRO Z 158 -84.36 23.10 -31.36
CA PRO Z 158 -85.79 23.01 -31.66
C PRO Z 158 -86.58 23.67 -30.54
N LEU Z 159 -87.33 24.74 -30.86
CA LEU Z 159 -88.13 25.49 -29.86
C LEU Z 159 -89.61 25.18 -30.07
N ARG Z 160 -90.31 24.74 -29.02
CA ARG Z 160 -91.77 24.45 -29.10
C ARG Z 160 -92.38 24.49 -27.69
N SER Z 161 -93.70 24.63 -27.59
CA SER Z 161 -94.42 24.65 -26.29
C SER Z 161 -95.22 23.35 -26.16
N SER Z 162 -95.52 22.92 -24.94
CA SER Z 162 -96.28 21.67 -24.70
C SER Z 162 -97.23 21.84 -23.52
N MET Z 163 -98.33 21.08 -23.48
CA MET Z 163 -99.28 21.11 -22.36
C MET Z 163 -98.62 20.59 -21.07
N GLY Z 164 -97.80 19.56 -21.17
CA GLY Z 164 -97.01 19.04 -20.05
C GLY Z 164 -95.97 20.03 -19.54
N MET Z 165 -95.33 20.82 -20.42
CA MET Z 165 -94.45 21.90 -19.99
C MET Z 165 -95.20 22.92 -19.13
N TYR Z 166 -96.34 23.43 -19.60
CA TYR Z 166 -97.09 24.45 -18.86
C TYR Z 166 -97.63 23.92 -17.53
N ASN Z 167 -98.12 22.68 -17.46
CA ASN Z 167 -98.49 22.08 -16.17
C ASN Z 167 -97.27 21.90 -15.26
N SER Z 168 -96.13 21.46 -15.81
CA SER Z 168 -94.91 21.27 -15.01
C SER Z 168 -94.31 22.57 -14.48
N MET Z 169 -94.77 23.74 -14.93
CA MET Z 169 -94.44 25.03 -14.32
C MET Z 169 -95.04 25.21 -12.92
N GLN Z 170 -95.98 24.37 -12.50
CA GLN Z 170 -96.56 24.43 -11.16
C GLN Z 170 -95.42 24.34 -10.13
N PRO Z 171 -95.36 25.20 -9.11
CA PRO Z 171 -94.16 25.35 -8.30
C PRO Z 171 -93.65 24.08 -7.65
N SER Z 172 -94.52 23.22 -7.13
CA SER Z 172 -94.16 21.93 -6.55
C SER Z 172 -93.60 20.96 -7.59
N ILE Z 173 -94.20 20.92 -8.79
CA ILE Z 173 -93.75 20.04 -9.87
C ILE Z 173 -92.42 20.52 -10.45
N HIS Z 174 -92.27 21.81 -10.70
CA HIS Z 174 -91.02 22.39 -11.17
C HIS Z 174 -89.91 22.17 -10.14
N LEU Z 175 -90.18 22.36 -8.85
CA LEU Z 175 -89.22 22.07 -7.78
C LEU Z 175 -88.80 20.60 -7.70
N MET Z 176 -89.60 19.64 -8.19
CA MET Z 176 -89.17 18.24 -8.26
C MET Z 176 -88.29 17.91 -9.46
N GLN Z 177 -88.29 18.71 -10.52
CA GLN Z 177 -87.55 18.39 -11.75
C GLN Z 177 -86.03 18.33 -11.55
N GLN Z 178 -85.35 17.54 -12.38
CA GLN Z 178 -83.90 17.49 -12.44
C GLN Z 178 -83.33 18.74 -13.14
N ASN Z 179 -82.11 19.12 -12.77
CA ASN Z 179 -81.45 20.33 -13.28
C ASN Z 179 -82.26 21.61 -13.09
N LYS Z 180 -83.07 21.66 -12.02
CA LYS Z 180 -83.61 22.88 -11.45
C LYS Z 180 -82.50 23.70 -10.80
N LEU Z 181 -82.76 24.98 -10.62
CA LEU Z 181 -82.05 25.88 -9.73
C LEU Z 181 -83.08 26.51 -8.80
N ILE Z 182 -82.91 26.38 -7.49
CA ILE Z 182 -83.77 27.05 -6.50
C ILE Z 182 -83.03 28.29 -6.03
N VAL Z 183 -83.69 29.43 -6.06
CA VAL Z 183 -83.17 30.68 -5.53
C VAL Z 183 -84.03 31.07 -4.32
N PRO Z 184 -83.56 30.84 -3.08
CA PRO Z 184 -84.25 31.31 -1.90
C PRO Z 184 -84.27 32.83 -1.87
N SER Z 185 -85.31 33.43 -1.33
CA SER Z 185 -85.33 34.85 -1.02
C SER Z 185 -84.26 35.20 0.02
N LYS Z 186 -83.90 36.47 0.13
CA LYS Z 186 -83.00 36.96 1.18
C LYS Z 186 -83.57 36.71 2.59
N GLN Z 187 -84.89 36.69 2.72
CA GLN Z 187 -85.58 36.33 3.96
C GLN Z 187 -85.42 34.84 4.29
N THR Z 188 -85.61 33.91 3.35
CA THR Z 188 -85.50 32.47 3.64
C THR Z 188 -84.06 31.97 3.78
N GLN Z 189 -83.08 32.60 3.12
CA GLN Z 189 -81.67 32.28 3.35
C GLN Z 189 -80.75 33.47 3.04
N LYS Z 190 -80.01 33.94 4.05
CA LYS Z 190 -78.87 34.84 3.86
C LYS Z 190 -77.68 34.06 3.32
N ARG Z 191 -76.99 34.59 2.31
CA ARG Z 191 -75.90 33.92 1.57
C ARG Z 191 -74.66 34.80 1.49
N ARG Z 192 -73.49 34.19 1.30
CA ARG Z 192 -72.22 34.91 1.05
C ARG Z 192 -72.31 35.74 -0.23
N LYS Z 193 -72.67 35.11 -1.35
CA LYS Z 193 -72.95 35.79 -2.62
C LYS Z 193 -74.46 35.94 -2.77
N PRO Z 194 -74.98 37.13 -3.10
CA PRO Z 194 -76.43 37.38 -3.17
C PRO Z 194 -77.08 36.87 -4.47
N TYR Z 195 -76.37 36.06 -5.25
CA TYR Z 195 -76.78 35.56 -6.55
C TYR Z 195 -76.23 34.14 -6.77
N ILE Z 196 -76.84 33.40 -7.68
CA ILE Z 196 -76.30 32.13 -8.18
C ILE Z 196 -75.91 32.29 -9.64
N LYS Z 197 -74.67 31.96 -9.98
CA LYS Z 197 -74.06 32.17 -11.29
C LYS Z 197 -73.84 30.85 -12.00
N LYS Z 198 -74.25 30.73 -13.25
CA LYS Z 198 -73.87 29.59 -14.09
C LYS Z 198 -73.75 29.91 -15.58
N HIS Z 199 -72.86 29.17 -16.22
CA HIS Z 199 -72.51 29.31 -17.63
C HIS Z 199 -73.29 28.29 -18.45
N ILE Z 200 -73.85 28.74 -19.57
CA ILE Z 200 -74.70 27.95 -20.44
C ILE Z 200 -74.06 27.91 -21.84
N SER Z 201 -73.83 26.70 -22.35
CA SER Z 201 -73.21 26.47 -23.65
C SER Z 201 -74.19 26.77 -24.80
N PRO Z 202 -73.75 27.05 -26.04
CA PRO Z 202 -74.67 27.21 -27.17
C PRO Z 202 -75.57 25.99 -27.40
N PRO Z 203 -76.72 26.17 -28.08
CA PRO Z 203 -77.48 25.04 -28.61
C PRO Z 203 -76.60 24.06 -29.37
N THR Z 204 -76.86 22.75 -29.28
CA THR Z 204 -76.02 21.75 -29.96
C THR Z 204 -76.00 21.94 -31.48
N GLN Z 205 -77.06 22.56 -32.04
CA GLN Z 205 -77.18 22.85 -33.49
C GLN Z 205 -76.37 24.10 -33.87
N MET Z 206 -76.10 25.00 -32.91
CA MET Z 206 -75.21 26.14 -33.12
C MET Z 206 -73.77 25.68 -32.91
N LYS Z 207 -73.05 25.40 -34.00
CA LYS Z 207 -71.65 24.95 -33.94
C LYS Z 207 -70.72 26.14 -33.71
N SER Z 208 -69.44 25.91 -33.45
CA SER Z 208 -68.48 26.99 -33.20
C SER Z 208 -68.14 27.84 -34.45
N GLN Z 209 -68.61 27.45 -35.63
CA GLN Z 209 -68.40 28.17 -36.88
C GLN Z 209 -68.95 29.60 -36.86
N TRP Z 210 -68.49 30.43 -37.79
CA TRP Z 210 -69.10 31.73 -38.09
C TRP Z 210 -70.42 31.56 -38.83
N TYR Z 211 -71.39 32.44 -38.56
CA TYR Z 211 -72.68 32.52 -39.23
C TYR Z 211 -72.99 33.95 -39.59
N PHE Z 212 -73.62 34.23 -40.72
CA PHE Z 212 -74.17 35.57 -40.96
C PHE Z 212 -75.17 35.94 -39.87
N GLN Z 213 -75.10 37.17 -39.36
CA GLN Z 213 -76.01 37.64 -38.29
C GLN Z 213 -77.46 37.64 -38.79
N HIS Z 214 -77.72 37.79 -40.09
CA HIS Z 214 -79.08 37.73 -40.69
C HIS Z 214 -79.67 36.32 -40.52
N ASN Z 215 -78.85 35.28 -40.62
CA ASN Z 215 -79.31 33.90 -40.51
C ASN Z 215 -79.63 33.52 -39.07
N ILE Z 216 -78.73 33.81 -38.13
CA ILE Z 216 -78.89 33.45 -36.71
C ILE Z 216 -79.74 34.42 -35.90
N ALA Z 217 -80.13 35.57 -36.44
CA ALA Z 217 -80.86 36.61 -35.70
C ALA Z 217 -82.05 36.07 -34.90
N ASN Z 218 -82.90 35.25 -35.52
CA ASN Z 218 -84.13 34.74 -34.92
C ASN Z 218 -84.02 33.35 -34.29
N ILE Z 219 -82.88 32.67 -34.39
CA ILE Z 219 -82.65 31.35 -33.78
C ILE Z 219 -82.66 31.48 -32.26
N PRO Z 220 -83.55 30.81 -31.51
CA PRO Z 220 -83.60 30.95 -30.06
C PRO Z 220 -82.43 30.21 -29.41
N LEU Z 221 -81.48 30.95 -28.81
CA LEU Z 221 -80.20 30.36 -28.28
C LEU Z 221 -80.32 29.99 -26.79
N LEU Z 222 -81.40 30.37 -26.13
CA LEU Z 222 -81.65 30.00 -24.74
C LEU Z 222 -83.15 30.03 -24.44
N MET Z 223 -83.67 29.04 -23.72
CA MET Z 223 -84.96 29.13 -23.04
C MET Z 223 -84.77 29.16 -21.53
N ILE Z 224 -85.38 30.11 -20.84
CA ILE Z 224 -85.44 30.15 -19.36
C ILE Z 224 -86.88 29.93 -18.93
N ARG Z 225 -87.13 28.98 -18.04
CA ARG Z 225 -88.42 28.73 -17.39
C ARG Z 225 -88.31 29.08 -15.93
N THR Z 226 -89.17 29.95 -15.41
CA THR Z 226 -89.15 30.38 -14.01
C THR Z 226 -90.53 30.31 -13.40
N THR Z 227 -90.66 29.89 -12.15
CA THR Z 227 -91.92 29.91 -11.39
C THR Z 227 -91.69 30.44 -9.98
N ALA Z 228 -92.61 31.26 -9.48
CA ALA Z 228 -92.61 31.80 -8.13
C ALA Z 228 -93.06 30.76 -7.09
N LEU Z 229 -92.44 30.77 -5.93
CA LEU Z 229 -92.42 29.67 -4.98
C LEU Z 229 -92.45 30.19 -3.54
N THR Z 230 -92.92 29.39 -2.58
CA THR Z 230 -92.45 29.55 -1.20
C THR Z 230 -92.00 28.22 -0.62
N LEU Z 231 -90.84 28.21 0.00
CA LEU Z 231 -90.27 27.07 0.70
C LEU Z 231 -90.81 26.94 2.14
N ASP Z 232 -90.95 28.05 2.86
CA ASP Z 232 -91.41 28.08 4.26
C ASP Z 232 -92.93 27.95 4.45
N ASN Z 233 -93.72 28.23 3.42
CA ASN Z 233 -95.19 28.14 3.42
C ASN Z 233 -95.66 27.11 2.39
N TYR Z 234 -94.85 26.10 2.09
CA TYR Z 234 -95.06 25.17 0.97
C TYR Z 234 -96.44 24.52 0.97
N TYR Z 235 -96.94 24.05 2.11
CA TYR Z 235 -98.25 23.40 2.20
C TYR Z 235 -99.39 24.39 2.45
N ILE Z 236 -99.24 25.26 3.45
CA ILE Z 236 -100.29 26.21 3.84
C ILE Z 236 -100.51 27.26 2.73
N GLY Z 237 -99.43 27.75 2.12
CA GLY Z 237 -99.48 28.75 1.05
C GLY Z 237 -100.15 30.02 1.55
N SER Z 238 -101.28 30.37 0.97
CA SER Z 238 -102.14 31.48 1.41
C SER Z 238 -103.52 31.04 1.91
N ARG Z 239 -103.67 29.77 2.32
CA ARG Z 239 -104.87 29.22 2.95
C ARG Z 239 -105.33 30.08 4.13
N GLN Z 240 -106.63 30.28 4.24
CA GLN Z 240 -107.31 30.93 5.38
C GLN Z 240 -108.42 30.01 5.89
N LEU Z 241 -108.58 29.89 7.21
CA LEU Z 241 -109.56 29.00 7.85
C LEU Z 241 -109.38 27.54 7.38
N SER Z 242 -110.42 26.91 6.83
CA SER Z 242 -110.43 25.51 6.39
C SER Z 242 -109.46 25.23 5.23
N THR Z 243 -109.04 23.98 5.07
CA THR Z 243 -108.29 23.54 3.87
C THR Z 243 -109.14 23.58 2.60
N ASN Z 244 -110.47 23.45 2.73
CA ASN Z 244 -111.42 23.53 1.62
C ASN Z 244 -111.46 24.94 1.03
N VAL Z 245 -111.43 25.04 -0.30
CA VAL Z 245 -111.71 26.26 -1.06
C VAL Z 245 -113.11 26.18 -1.66
N THR Z 246 -113.84 27.30 -1.69
CA THR Z 246 -115.17 27.38 -2.29
C THR Z 246 -115.08 27.83 -3.75
N ILE Z 247 -115.65 27.06 -4.66
CA ILE Z 247 -115.74 27.36 -6.08
C ILE Z 247 -117.20 27.72 -6.39
N HIS Z 248 -117.44 28.83 -7.09
CA HIS Z 248 -118.79 29.16 -7.59
C HIS Z 248 -118.89 28.54 -8.98
N THR Z 249 -120.06 28.08 -9.41
CA THR Z 249 -120.26 27.55 -10.78
C THR Z 249 -121.66 27.85 -11.30
N LEU Z 250 -121.82 27.82 -12.64
CA LEU Z 250 -123.17 27.94 -13.24
C LEU Z 250 -123.86 26.59 -13.08
N ASN Z 251 -125.05 26.53 -12.48
CA ASN Z 251 -125.81 25.26 -12.42
C ASN Z 251 -125.77 24.66 -13.83
N THR Z 252 -125.27 23.43 -13.99
CA THR Z 252 -125.17 22.76 -15.30
C THR Z 252 -126.52 22.18 -15.64
N THR Z 253 -127.31 21.77 -14.66
CA THR Z 253 -128.59 21.08 -14.86
C THR Z 253 -129.72 22.00 -15.32
N TYR Z 254 -129.49 23.32 -15.46
CA TYR Z 254 -130.48 24.29 -15.89
C TYR Z 254 -129.94 25.33 -16.89
N ILE Z 255 -128.72 25.83 -16.70
CA ILE Z 255 -128.08 26.81 -17.57
C ILE Z 255 -127.22 26.07 -18.63
N GLN Z 256 -127.73 25.86 -19.83
CA GLN Z 256 -126.93 25.07 -20.82
C GLN Z 256 -126.98 25.65 -22.24
N ASN Z 257 -127.87 26.59 -22.52
CA ASN Z 257 -128.04 27.00 -23.92
C ASN Z 257 -126.89 27.80 -24.53
N ARG Z 258 -126.06 28.45 -23.70
CA ARG Z 258 -124.86 29.21 -24.16
C ARG Z 258 -125.21 30.24 -25.26
N ASP Z 259 -126.42 30.80 -25.26
CA ASP Z 259 -126.83 31.82 -26.24
C ASP Z 259 -126.63 33.24 -25.69
N TRP Z 260 -125.39 33.58 -25.31
CA TRP Z 260 -125.10 34.79 -24.55
C TRP Z 260 -124.71 36.03 -25.35
N GLY Z 261 -124.90 37.20 -24.73
CA GLY Z 261 -124.31 38.46 -25.19
C GLY Z 261 -125.05 39.17 -26.33
N ASP Z 262 -126.39 39.05 -26.39
CA ASP Z 262 -127.26 39.85 -27.26
C ASP Z 262 -128.41 40.49 -26.47
N ARG Z 263 -128.78 41.74 -26.81
CA ARG Z 263 -130.02 42.36 -26.26
C ARG Z 263 -131.11 42.13 -27.33
N ASN Z 264 -130.75 41.47 -28.45
CA ASN Z 264 -131.64 41.19 -29.57
C ASN Z 264 -132.31 39.81 -29.50
N LYS Z 265 -132.23 39.12 -28.35
CA LYS Z 265 -132.68 37.73 -28.16
C LYS Z 265 -133.24 37.54 -26.75
N THR Z 266 -134.49 37.07 -26.63
CA THR Z 266 -135.03 36.65 -25.33
C THR Z 266 -134.30 35.40 -24.84
N TYR Z 267 -133.70 35.44 -23.65
CA TYR Z 267 -132.88 34.34 -23.17
C TYR Z 267 -133.73 33.18 -22.62
N TYR Z 268 -133.32 31.97 -22.94
CA TYR Z 268 -133.90 30.72 -22.48
C TYR Z 268 -132.75 29.83 -22.00
N CYS Z 269 -132.88 29.19 -20.84
CA CYS Z 269 -131.74 28.60 -20.15
C CYS Z 269 -131.41 27.17 -20.61
N GLN Z 270 -132.42 26.37 -20.96
CA GLN Z 270 -132.23 25.02 -21.51
C GLN Z 270 -133.31 24.64 -22.52
N THR Z 271 -132.99 23.68 -23.38
CA THR Z 271 -133.96 22.93 -24.19
C THR Z 271 -134.02 21.49 -23.71
N LEU Z 272 -135.22 20.92 -23.59
CA LEU Z 272 -135.41 19.47 -23.36
C LEU Z 272 -136.49 18.96 -24.33
N GLY Z 273 -136.22 17.87 -25.04
CA GLY Z 273 -137.07 17.44 -26.15
C GLY Z 273 -137.20 18.55 -27.21
N THR Z 274 -138.43 19.01 -27.45
CA THR Z 274 -138.73 20.19 -28.27
C THR Z 274 -138.88 21.50 -27.47
N GLN Z 275 -138.96 21.44 -26.14
CA GLN Z 275 -139.29 22.59 -25.29
C GLN Z 275 -138.12 23.59 -25.17
N ARG Z 276 -138.46 24.80 -24.72
CA ARG Z 276 -137.53 25.81 -24.19
C ARG Z 276 -137.96 26.15 -22.77
N TYR Z 277 -136.99 26.42 -21.89
CA TYR Z 277 -137.23 26.78 -20.49
C TYR Z 277 -136.68 28.17 -20.19
N PHE Z 278 -137.37 28.88 -19.31
CA PHE Z 278 -137.24 30.31 -19.11
C PHE Z 278 -137.16 30.63 -17.62
N LEU Z 279 -136.50 31.72 -17.30
CA LEU Z 279 -136.25 32.19 -15.94
C LEU Z 279 -136.96 33.52 -15.72
N TYR Z 280 -137.49 33.75 -14.52
CA TYR Z 280 -138.13 35.00 -14.12
C TYR Z 280 -137.69 35.39 -12.72
N GLY Z 281 -137.35 36.66 -12.50
CA GLY Z 281 -137.07 37.19 -11.16
C GLY Z 281 -138.34 37.71 -10.49
N THR Z 282 -138.38 37.73 -9.17
CA THR Z 282 -139.43 38.47 -8.46
C THR Z 282 -138.93 39.04 -7.15
N HIS Z 283 -139.53 40.15 -6.71
CA HIS Z 283 -139.22 40.74 -5.37
C HIS Z 283 -140.35 40.30 -4.42
N SER Z 284 -141.29 39.46 -4.89
CA SER Z 284 -142.43 39.04 -4.09
C SER Z 284 -142.00 38.33 -2.80
N THR Z 285 -142.71 38.63 -1.71
CA THR Z 285 -142.60 37.95 -0.42
C THR Z 285 -143.45 36.67 -0.36
N ALA Z 286 -144.18 36.32 -1.43
CA ALA Z 286 -145.04 35.14 -1.47
C ALA Z 286 -144.25 33.86 -1.20
N GLN Z 287 -144.75 33.04 -0.26
CA GLN Z 287 -144.09 31.80 0.15
C GLN Z 287 -144.37 30.63 -0.79
N ASN Z 288 -145.51 30.66 -1.52
CA ASN Z 288 -145.96 29.54 -2.35
C ASN Z 288 -145.81 29.87 -3.84
N ILE Z 289 -145.05 29.03 -4.56
CA ILE Z 289 -144.79 29.18 -5.99
C ILE Z 289 -146.06 29.20 -6.85
N ASN Z 290 -147.15 28.59 -6.37
CA ASN Z 290 -148.42 28.54 -7.10
C ASN Z 290 -149.13 29.90 -7.16
N ASP Z 291 -149.15 30.67 -6.05
CA ASP Z 291 -149.99 31.92 -5.94
C ASP Z 291 -149.34 33.21 -6.42
N ILE Z 292 -148.05 33.21 -6.76
CA ILE Z 292 -147.41 34.39 -7.35
C ILE Z 292 -148.21 34.83 -8.60
N LYS Z 293 -148.37 36.14 -8.81
CA LYS Z 293 -149.14 36.67 -9.96
C LYS Z 293 -148.38 36.46 -11.28
N LEU Z 294 -149.02 36.80 -12.40
CA LEU Z 294 -148.31 36.82 -13.71
C LEU Z 294 -147.54 38.14 -13.75
N GLN Z 295 -147.96 39.13 -12.93
CA GLN Z 295 -147.32 40.47 -12.87
C GLN Z 295 -146.01 40.45 -12.09
N GLU Z 296 -145.96 39.74 -10.95
CA GLU Z 296 -144.77 39.74 -10.07
C GLU Z 296 -143.50 39.39 -10.86
N LEU Z 297 -143.59 38.43 -11.78
CA LEU Z 297 -142.40 37.94 -12.52
C LEU Z 297 -141.72 39.06 -13.33
N ILE Z 298 -140.38 39.13 -13.30
CA ILE Z 298 -139.59 40.11 -14.10
C ILE Z 298 -138.89 39.26 -15.17
N PRO Z 299 -139.44 39.16 -16.40
CA PRO Z 299 -138.93 38.23 -17.40
C PRO Z 299 -137.56 38.69 -17.86
N LEU Z 300 -136.70 37.76 -18.30
CA LEU Z 300 -135.32 38.09 -18.73
C LEU Z 300 -135.25 38.06 -20.27
N THR Z 301 -135.09 39.22 -20.92
CA THR Z 301 -135.04 39.33 -22.39
C THR Z 301 -133.66 39.79 -22.81
N ASN Z 302 -132.73 39.97 -21.85
CA ASN Z 302 -131.34 40.34 -22.14
C ASN Z 302 -130.40 39.46 -21.29
N THR Z 303 -129.27 39.03 -21.85
CA THR Z 303 -128.13 38.56 -21.02
C THR Z 303 -126.92 39.48 -21.06
N GLN Z 304 -126.82 40.32 -22.11
CA GLN Z 304 -125.63 41.16 -22.39
C GLN Z 304 -125.39 42.32 -21.42
N ASP Z 305 -126.34 42.65 -20.54
CA ASP Z 305 -126.17 43.82 -19.65
C ASP Z 305 -126.14 43.47 -18.16
N TYR Z 306 -125.60 44.37 -17.35
CA TYR Z 306 -125.63 44.23 -15.88
C TYR Z 306 -127.00 44.55 -15.27
N VAL Z 307 -127.95 45.06 -16.06
CA VAL Z 307 -129.22 45.62 -15.58
C VAL Z 307 -130.05 44.60 -14.79
N GLN Z 308 -130.61 45.03 -13.66
CA GLN Z 308 -131.47 44.21 -12.78
C GLN Z 308 -132.88 44.02 -13.35
N GLY Z 309 -133.34 44.97 -14.17
CA GLY Z 309 -134.74 45.11 -14.50
C GLY Z 309 -135.53 45.77 -13.36
N PHE Z 310 -136.85 45.76 -13.45
CA PHE Z 310 -137.74 46.25 -12.40
C PHE Z 310 -139.12 45.59 -12.50
N ASP Z 311 -139.89 45.67 -11.42
CA ASP Z 311 -141.21 45.08 -11.30
C ASP Z 311 -142.30 45.90 -12.03
N TRP Z 312 -143.41 45.26 -12.42
CA TRP Z 312 -144.57 45.88 -13.07
C TRP Z 312 -145.21 46.98 -12.21
N THR Z 313 -145.03 46.95 -10.89
CA THR Z 313 -145.44 48.05 -9.99
C THR Z 313 -144.74 49.38 -10.30
N GLU Z 314 -143.63 49.38 -11.06
CA GLU Z 314 -142.96 50.61 -11.54
C GLU Z 314 -143.37 51.01 -12.97
N LYS Z 315 -144.45 50.44 -13.51
CA LYS Z 315 -145.05 50.82 -14.81
C LYS Z 315 -145.13 52.34 -14.99
N ASP Z 316 -145.64 53.04 -13.99
CA ASP Z 316 -145.81 54.50 -14.03
C ASP Z 316 -144.52 55.30 -13.85
N LYS Z 317 -143.41 54.69 -13.39
CA LYS Z 317 -142.10 55.36 -13.30
C LYS Z 317 -141.37 55.41 -14.63
N HIS Z 318 -141.64 54.44 -15.52
CA HIS Z 318 -141.02 54.33 -16.88
C HIS Z 318 -142.08 54.50 -17.97
N ASN Z 319 -143.19 55.17 -17.69
CA ASN Z 319 -144.25 55.49 -18.65
C ASN Z 319 -144.67 54.28 -19.52
N ILE Z 320 -144.64 53.08 -18.93
CA ILE Z 320 -144.94 51.83 -19.63
C ILE Z 320 -146.43 51.74 -19.94
N THR Z 321 -146.77 51.44 -21.19
CA THR Z 321 -148.16 51.28 -21.64
C THR Z 321 -148.59 49.82 -21.80
N THR Z 322 -147.65 48.90 -22.02
CA THR Z 322 -147.93 47.48 -22.33
C THR Z 322 -146.87 46.56 -21.74
N TYR Z 323 -147.19 45.26 -21.62
CA TYR Z 323 -146.20 44.26 -21.26
C TYR Z 323 -145.04 44.20 -22.26
N LYS Z 324 -145.24 44.55 -23.54
CA LYS Z 324 -144.16 44.72 -24.52
C LYS Z 324 -143.14 45.79 -24.08
N GLU Z 325 -143.59 46.94 -23.57
CA GLU Z 325 -142.70 47.95 -23.00
C GLU Z 325 -142.13 47.53 -21.62
N PHE Z 326 -142.85 46.73 -20.84
CA PHE Z 326 -142.30 46.13 -19.63
C PHE Z 326 -141.15 45.16 -19.94
N LEU Z 327 -141.30 44.30 -20.96
CA LEU Z 327 -140.25 43.41 -21.48
C LEU Z 327 -139.00 44.19 -21.92
N THR Z 328 -139.16 45.30 -22.65
CA THR Z 328 -138.00 46.02 -23.19
C THR Z 328 -137.35 46.92 -22.15
N LYS Z 329 -138.12 47.66 -21.34
CA LYS Z 329 -137.54 48.56 -20.31
C LYS Z 329 -137.17 47.84 -19.02
N GLY Z 330 -137.96 46.87 -18.58
CA GLY Z 330 -137.93 46.34 -17.21
C GLY Z 330 -137.40 44.91 -17.05
N ALA Z 331 -137.04 44.20 -18.12
CA ALA Z 331 -136.46 42.88 -18.00
C ALA Z 331 -135.08 42.87 -17.31
N GLY Z 332 -134.81 41.82 -16.54
CA GLY Z 332 -133.60 41.68 -15.73
C GLY Z 332 -132.58 40.72 -16.33
N ASN Z 333 -131.28 40.99 -16.22
CA ASN Z 333 -130.28 40.03 -16.67
C ASN Z 333 -130.07 38.99 -15.56
N PRO Z 334 -130.05 37.67 -15.87
CA PRO Z 334 -130.03 36.61 -14.84
C PRO Z 334 -128.75 36.62 -14.00
N PHE Z 335 -127.68 37.21 -14.54
CA PHE Z 335 -126.37 37.33 -13.92
C PHE Z 335 -126.19 38.64 -13.12
N HIS Z 336 -127.23 39.45 -12.94
CA HIS Z 336 -127.17 40.58 -12.01
C HIS Z 336 -126.91 40.09 -10.58
N ALA Z 337 -126.30 40.91 -9.72
CA ALA Z 337 -125.78 40.49 -8.41
C ALA Z 337 -126.84 39.89 -7.45
N GLU Z 338 -128.13 40.19 -7.63
CA GLU Z 338 -129.20 39.54 -6.85
C GLU Z 338 -129.79 38.30 -7.55
N TRP Z 339 -129.88 38.26 -8.88
CA TRP Z 339 -130.41 37.10 -9.60
C TRP Z 339 -129.39 35.97 -9.77
N ILE Z 340 -128.08 36.27 -9.84
CA ILE Z 340 -127.00 35.30 -10.05
C ILE Z 340 -126.98 34.18 -9.00
N THR Z 341 -127.25 34.52 -7.73
CA THR Z 341 -127.36 33.59 -6.59
C THR Z 341 -128.78 33.57 -6.01
N ALA Z 342 -129.77 34.14 -6.71
CA ALA Z 342 -131.15 34.26 -6.27
C ALA Z 342 -131.30 34.82 -4.84
N GLN Z 343 -130.56 35.89 -4.52
CA GLN Z 343 -130.70 36.61 -3.25
C GLN Z 343 -132.16 37.06 -3.05
N ASN Z 344 -132.78 37.56 -4.13
CA ASN Z 344 -134.22 37.67 -4.27
C ASN Z 344 -134.69 36.52 -5.18
N PRO Z 345 -135.83 35.86 -4.89
CA PRO Z 345 -136.20 34.62 -5.57
C PRO Z 345 -136.22 34.70 -7.10
N VAL Z 346 -135.81 33.61 -7.73
CA VAL Z 346 -135.77 33.41 -9.19
C VAL Z 346 -136.51 32.13 -9.52
N ILE Z 347 -137.37 32.20 -10.53
CA ILE Z 347 -138.33 31.16 -10.88
C ILE Z 347 -137.99 30.58 -12.25
N HIS Z 348 -137.84 29.27 -12.36
CA HIS Z 348 -137.56 28.53 -13.59
C HIS Z 348 -138.84 27.86 -14.07
N THR Z 349 -139.18 27.94 -15.36
CA THR Z 349 -140.43 27.40 -15.91
C THR Z 349 -140.32 27.03 -17.39
N ALA Z 350 -141.15 26.10 -17.86
CA ALA Z 350 -141.36 25.86 -19.29
C ALA Z 350 -142.20 26.96 -19.96
N ASN Z 351 -142.94 27.76 -19.20
CA ASN Z 351 -143.87 28.73 -19.77
C ASN Z 351 -143.14 29.93 -20.39
N SER Z 352 -143.15 30.01 -21.72
CA SER Z 352 -142.48 31.08 -22.45
C SER Z 352 -143.09 32.45 -22.15
N PRO Z 353 -142.29 33.53 -22.06
CA PRO Z 353 -142.79 34.89 -21.92
C PRO Z 353 -143.83 35.24 -22.96
N THR Z 354 -143.76 34.69 -24.18
CA THR Z 354 -144.76 34.95 -25.24
C THR Z 354 -146.13 34.34 -24.93
N GLN Z 355 -146.20 33.23 -24.17
CA GLN Z 355 -147.49 32.79 -23.65
C GLN Z 355 -148.02 33.78 -22.60
N ILE Z 356 -147.13 34.31 -21.73
CA ILE Z 356 -147.50 35.39 -20.82
C ILE Z 356 -147.89 36.67 -21.58
N GLU Z 357 -147.23 37.00 -22.70
CA GLU Z 357 -147.62 38.12 -23.58
C GLU Z 357 -149.04 37.91 -24.07
N GLN Z 358 -149.37 36.71 -24.58
CA GLN Z 358 -150.72 36.40 -25.03
C GLN Z 358 -151.74 36.57 -23.88
N ILE Z 359 -151.43 36.14 -22.65
CA ILE Z 359 -152.34 36.34 -21.51
C ILE Z 359 -152.50 37.83 -21.17
N TYR Z 360 -151.41 38.62 -21.12
CA TYR Z 360 -151.49 40.07 -20.90
C TYR Z 360 -152.25 40.79 -22.02
N THR Z 361 -151.81 40.59 -23.26
CA THR Z 361 -152.35 41.32 -24.43
C THR Z 361 -153.79 40.94 -24.72
N ALA Z 362 -154.19 39.68 -24.49
CA ALA Z 362 -155.58 39.26 -24.62
C ALA Z 362 -156.48 40.05 -23.66
N SER Z 363 -156.07 40.22 -22.39
CA SER Z 363 -156.68 41.22 -21.50
C SER Z 363 -155.77 41.60 -20.31
N THR Z 364 -155.40 42.88 -20.26
CA THR Z 364 -154.57 43.48 -19.20
C THR Z 364 -155.27 43.44 -17.83
N THR Z 365 -156.61 43.52 -17.83
CA THR Z 365 -157.42 43.41 -16.61
C THR Z 365 -157.39 42.00 -16.01
N THR Z 366 -157.30 40.94 -16.83
CA THR Z 366 -157.13 39.57 -16.32
C THR Z 366 -155.68 39.21 -16.00
N PHE Z 367 -154.69 40.01 -16.42
CA PHE Z 367 -153.30 39.86 -15.96
C PHE Z 367 -153.16 40.14 -14.46
N GLN Z 368 -153.98 41.04 -13.90
CA GLN Z 368 -154.13 41.25 -12.45
C GLN Z 368 -154.69 39.99 -11.76
N ASN Z 369 -155.69 39.35 -12.38
CA ASN Z 369 -156.37 38.20 -11.79
C ASN Z 369 -155.54 36.91 -11.88
N LYS Z 370 -154.87 36.65 -13.01
CA LYS Z 370 -154.13 35.41 -13.25
C LYS Z 370 -152.91 35.29 -12.32
N LYS Z 371 -152.73 34.09 -11.75
CA LYS Z 371 -151.58 33.67 -10.95
C LYS Z 371 -150.79 32.58 -11.68
N LEU Z 372 -149.74 32.05 -11.05
CA LEU Z 372 -148.95 30.93 -11.57
C LEU Z 372 -149.73 29.61 -11.63
N THR Z 373 -150.82 29.47 -10.89
CA THR Z 373 -151.85 28.43 -11.13
C THR Z 373 -152.52 28.59 -12.49
N ASP Z 374 -152.92 27.48 -13.10
CA ASP Z 374 -153.69 27.43 -14.36
C ASP Z 374 -153.05 28.19 -15.54
N LEU Z 375 -151.73 28.36 -15.53
CA LEU Z 375 -150.97 28.87 -16.68
C LEU Z 375 -150.63 27.76 -17.67
N PRO Z 376 -150.36 28.10 -18.95
CA PRO Z 376 -149.85 27.14 -19.91
C PRO Z 376 -148.46 26.63 -19.49
N THR Z 377 -148.20 25.33 -19.72
CA THR Z 377 -146.94 24.63 -19.35
C THR Z 377 -146.32 25.16 -18.04
N PRO Z 378 -147.02 25.09 -16.89
CA PRO Z 378 -146.52 25.73 -15.68
C PRO Z 378 -145.57 24.94 -14.80
N GLY Z 379 -144.31 24.80 -15.22
CA GLY Z 379 -143.28 24.11 -14.43
C GLY Z 379 -142.58 25.12 -13.54
N TYR Z 380 -143.33 26.01 -12.88
CA TYR Z 380 -142.76 27.06 -12.01
C TYR Z 380 -142.06 26.42 -10.81
N ILE Z 381 -140.74 26.59 -10.69
CA ILE Z 381 -139.92 25.99 -9.59
C ILE Z 381 -139.04 27.11 -9.01
N PHE Z 382 -138.29 26.88 -7.94
CA PHE Z 382 -137.33 27.90 -7.41
C PHE Z 382 -135.92 27.38 -7.69
N ILE Z 383 -135.22 27.94 -8.68
CA ILE Z 383 -133.89 27.46 -9.10
C ILE Z 383 -132.87 28.61 -9.03
N THR Z 384 -131.64 28.33 -8.58
CA THR Z 384 -130.57 29.32 -8.47
C THR Z 384 -129.59 29.16 -9.65
N PRO Z 385 -129.28 30.22 -10.43
CA PRO Z 385 -128.33 30.12 -11.55
C PRO Z 385 -126.92 29.68 -11.10
N THR Z 386 -126.50 30.07 -9.90
CA THR Z 386 -125.23 29.69 -9.29
C THR Z 386 -125.42 28.64 -8.19
N VAL Z 387 -124.47 27.70 -8.10
CA VAL Z 387 -124.24 26.87 -6.92
C VAL Z 387 -122.79 27.05 -6.45
N SER Z 388 -122.54 26.96 -5.15
CA SER Z 388 -121.19 26.96 -4.58
C SER Z 388 -120.78 25.53 -4.19
N LEU Z 389 -119.65 25.07 -4.72
CA LEU Z 389 -119.03 23.80 -4.39
C LEU Z 389 -117.89 24.00 -3.39
N ARG Z 390 -117.56 22.96 -2.61
CA ARG Z 390 -116.33 22.90 -1.81
C ARG Z 390 -115.36 21.91 -2.45
N TYR Z 391 -114.12 22.34 -2.67
CA TYR Z 391 -113.02 21.52 -3.18
C TYR Z 391 -111.94 21.38 -2.12
N ASN Z 392 -111.46 20.16 -1.91
CA ASN Z 392 -110.33 19.88 -1.03
C ASN Z 392 -109.21 19.23 -1.85
N PRO Z 393 -108.02 19.83 -1.95
CA PRO Z 393 -106.95 19.29 -2.79
C PRO Z 393 -106.41 17.95 -2.29
N TYR Z 394 -106.49 17.71 -0.98
CA TYR Z 394 -105.95 16.45 -0.37
C TYR Z 394 -106.95 15.31 -0.60
N LYS Z 395 -108.19 15.64 -0.93
CA LYS Z 395 -109.24 14.62 -1.20
C LYS Z 395 -109.33 14.35 -2.70
N ASP Z 396 -108.43 14.94 -3.50
CA ASP Z 396 -108.47 14.81 -4.98
C ASP Z 396 -107.56 13.67 -5.46
N LEU Z 397 -108.09 12.70 -6.20
CA LEU Z 397 -107.33 11.53 -6.64
C LEU Z 397 -107.07 11.52 -8.15
N ALA Z 398 -107.58 12.51 -8.89
CA ALA Z 398 -107.31 12.67 -10.31
C ALA Z 398 -107.68 11.48 -11.20
N GLU Z 399 -108.66 10.64 -10.85
CA GLU Z 399 -108.99 9.43 -11.62
C GLU Z 399 -109.86 9.74 -12.84
N ARG Z 400 -110.70 10.78 -12.77
CA ARG Z 400 -111.62 11.19 -13.85
C ARG Z 400 -111.66 12.72 -14.03
N ASN Z 401 -110.60 13.39 -13.63
CA ASN Z 401 -110.42 14.83 -13.82
C ASN Z 401 -110.21 15.16 -15.29
N LYS Z 402 -110.74 16.31 -15.75
CA LYS Z 402 -110.74 16.71 -17.15
C LYS Z 402 -110.93 18.22 -17.26
N CYS Z 403 -110.48 18.84 -18.35
CA CYS Z 403 -110.51 20.30 -18.52
C CYS Z 403 -110.43 20.69 -20.00
N TYR Z 404 -111.26 21.62 -20.46
CA TYR Z 404 -111.29 22.10 -21.85
C TYR Z 404 -112.05 23.42 -22.02
N PHE Z 405 -111.88 24.08 -23.16
CA PHE Z 405 -112.61 25.30 -23.52
C PHE Z 405 -113.73 25.03 -24.53
N VAL Z 406 -114.90 25.63 -24.31
CA VAL Z 406 -116.05 25.61 -25.24
C VAL Z 406 -116.35 27.03 -25.70
N ARG Z 407 -116.97 27.18 -26.87
CA ARG Z 407 -117.30 28.49 -27.47
C ARG Z 407 -118.47 29.13 -26.73
N SER Z 408 -118.30 30.32 -26.19
CA SER Z 408 -119.36 31.01 -25.41
C SER Z 408 -120.39 31.70 -26.31
N LYS Z 409 -119.96 32.56 -27.24
CA LYS Z 409 -120.84 33.18 -28.26
C LYS Z 409 -121.04 32.28 -29.48
N ILE Z 410 -121.74 31.15 -29.31
CA ILE Z 410 -122.33 30.40 -30.43
C ILE Z 410 -123.68 29.81 -30.04
N ASN Z 411 -124.50 29.52 -31.05
CA ASN Z 411 -125.81 28.91 -30.89
C ASN Z 411 -125.72 27.37 -30.80
N ALA Z 412 -125.03 26.85 -29.79
CA ALA Z 412 -124.87 25.41 -29.58
C ALA Z 412 -125.19 25.01 -28.13
N HIS Z 413 -125.97 23.94 -27.97
CA HIS Z 413 -126.44 23.45 -26.69
C HIS Z 413 -125.37 22.60 -25.97
N GLY Z 414 -125.42 22.58 -24.64
CA GLY Z 414 -124.69 21.63 -23.82
C GLY Z 414 -123.21 21.96 -23.64
N TRP Z 415 -122.56 21.16 -22.81
CA TRP Z 415 -121.23 21.42 -22.25
C TRP Z 415 -120.18 20.35 -22.63
N ASP Z 416 -120.54 19.39 -23.48
CA ASP Z 416 -119.63 18.27 -23.82
C ASP Z 416 -118.31 18.81 -24.39
N PRO Z 417 -117.17 18.10 -24.24
CA PRO Z 417 -115.92 18.55 -24.84
C PRO Z 417 -116.17 18.65 -26.33
N GLU Z 418 -115.81 19.77 -26.94
CA GLU Z 418 -116.09 20.02 -28.38
C GLU Z 418 -114.87 20.66 -29.06
N GLN Z 419 -114.93 20.86 -30.38
CA GLN Z 419 -113.82 21.49 -31.14
C GLN Z 419 -112.56 20.63 -30.96
N HIS Z 420 -111.45 21.20 -30.45
CA HIS Z 420 -110.16 20.48 -30.32
C HIS Z 420 -110.26 19.41 -29.24
N GLN Z 421 -110.15 18.12 -29.63
CA GLN Z 421 -110.16 16.99 -28.68
C GLN Z 421 -108.71 16.71 -28.27
N GLU Z 422 -107.73 17.22 -29.01
CA GLU Z 422 -106.33 17.10 -28.60
C GLU Z 422 -105.93 18.13 -27.53
N LEU Z 423 -106.72 19.19 -27.36
CA LEU Z 423 -106.49 20.20 -26.33
C LEU Z 423 -107.12 19.84 -24.97
N ILE Z 424 -107.95 18.80 -24.91
CA ILE Z 424 -108.49 18.31 -23.63
C ILE Z 424 -107.33 17.89 -22.72
N ASN Z 425 -107.33 18.39 -21.48
CA ASN Z 425 -106.29 18.07 -20.45
C ASN Z 425 -106.94 17.17 -19.38
N SER Z 426 -106.39 15.99 -19.09
CA SER Z 426 -107.02 14.96 -18.27
C SER Z 426 -106.07 14.35 -17.24
N ASP Z 427 -106.64 13.74 -16.20
CA ASP Z 427 -105.96 12.82 -15.27
C ASP Z 427 -104.81 13.42 -14.44
N LEU Z 428 -104.94 14.69 -14.01
CA LEU Z 428 -104.08 15.31 -12.99
C LEU Z 428 -104.99 15.98 -11.94
N PRO Z 429 -104.54 16.17 -10.69
CA PRO Z 429 -105.36 16.85 -9.70
C PRO Z 429 -105.64 18.29 -10.14
N GLN Z 430 -106.85 18.82 -9.91
CA GLN Z 430 -107.30 20.14 -10.44
C GLN Z 430 -106.33 21.32 -10.24
N TRP Z 431 -105.58 21.36 -9.15
CA TRP Z 431 -104.57 22.40 -8.92
C TRP Z 431 -103.35 22.26 -9.85
N LEU Z 432 -103.04 21.05 -10.32
CA LEU Z 432 -102.02 20.81 -11.34
C LEU Z 432 -102.62 20.87 -12.75
N LEU Z 433 -103.83 20.37 -12.96
CA LEU Z 433 -104.49 20.32 -14.24
C LEU Z 433 -104.78 21.72 -14.81
N LEU Z 434 -105.18 22.67 -13.97
CA LEU Z 434 -105.51 24.03 -14.38
C LEU Z 434 -104.28 24.92 -14.52
N PHE Z 435 -103.15 24.61 -13.88
CA PHE Z 435 -102.00 25.52 -13.81
C PHE Z 435 -101.41 25.79 -15.19
N GLY Z 436 -101.43 27.04 -15.65
CA GLY Z 436 -100.91 27.42 -16.96
C GLY Z 436 -101.69 26.88 -18.17
N TYR Z 437 -102.78 26.12 -17.99
CA TYR Z 437 -103.54 25.55 -19.09
C TYR Z 437 -104.19 26.62 -19.99
N PRO Z 438 -104.85 27.68 -19.47
CA PRO Z 438 -105.32 28.78 -20.30
C PRO Z 438 -104.23 29.47 -21.12
N ASP Z 439 -103.03 29.64 -20.58
CA ASP Z 439 -101.92 30.23 -21.32
C ASP Z 439 -101.35 29.30 -22.39
N TYR Z 440 -101.29 27.99 -22.14
CA TYR Z 440 -100.96 27.04 -23.18
C TYR Z 440 -101.95 27.14 -24.34
N ILE Z 441 -103.24 27.25 -24.04
CA ILE Z 441 -104.30 27.38 -25.05
C ILE Z 441 -104.17 28.70 -25.81
N LYS Z 442 -103.98 29.83 -25.13
CA LYS Z 442 -103.72 31.12 -25.79
C LYS Z 442 -102.50 31.08 -26.70
N ARG Z 443 -101.36 30.55 -26.22
CA ARG Z 443 -100.10 30.48 -27.01
C ARG Z 443 -100.28 29.50 -28.19
N THR Z 444 -101.10 28.47 -28.03
CA THR Z 444 -101.41 27.54 -29.13
C THR Z 444 -102.19 28.21 -30.26
N GLN Z 445 -103.00 29.23 -29.96
CA GLN Z 445 -103.71 30.04 -31.01
C GLN Z 445 -104.69 29.21 -31.85
N ASN Z 446 -105.12 28.04 -31.39
CA ASN Z 446 -106.13 27.22 -32.08
C ASN Z 446 -107.58 27.68 -31.82
N PHE Z 447 -107.78 28.70 -30.98
CA PHE Z 447 -109.07 29.32 -30.69
C PHE Z 447 -109.03 30.82 -30.98
N ALA Z 448 -110.19 31.42 -31.29
CA ALA Z 448 -110.30 32.87 -31.42
C ALA Z 448 -109.93 33.54 -30.09
N LEU Z 449 -108.98 34.48 -30.15
CA LEU Z 449 -108.11 34.79 -29.00
C LEU Z 449 -108.82 35.42 -27.80
N VAL Z 450 -109.97 36.06 -28.01
CA VAL Z 450 -110.56 36.94 -26.99
C VAL Z 450 -111.25 36.15 -25.86
N ASP Z 451 -110.99 36.55 -24.61
CA ASP Z 451 -111.54 35.85 -23.41
C ASP Z 451 -113.06 35.79 -23.41
N THR Z 452 -113.72 36.74 -24.07
CA THR Z 452 -115.19 36.82 -24.07
C THR Z 452 -115.86 35.75 -24.92
N ASN Z 453 -115.12 35.07 -25.80
CA ASN Z 453 -115.70 34.17 -26.80
C ASN Z 453 -115.60 32.69 -26.41
N TYR Z 454 -115.00 32.36 -25.27
CA TYR Z 454 -114.86 31.01 -24.76
C TYR Z 454 -115.20 30.92 -23.27
N ILE Z 455 -115.53 29.72 -22.82
CA ILE Z 455 -115.68 29.35 -21.41
C ILE Z 455 -114.77 28.16 -21.15
N LEU Z 456 -114.14 28.14 -19.99
CA LEU Z 456 -113.45 27.00 -19.42
C LEU Z 456 -114.42 26.12 -18.63
N VAL Z 457 -114.39 24.83 -18.91
CA VAL Z 457 -115.26 23.79 -18.36
C VAL Z 457 -114.38 22.67 -17.81
N ASP Z 458 -114.65 22.16 -16.61
CA ASP Z 458 -113.87 21.06 -16.04
C ASP Z 458 -114.72 20.03 -15.31
N HIS Z 459 -114.30 18.76 -15.34
CA HIS Z 459 -114.92 17.67 -14.60
C HIS Z 459 -114.03 17.30 -13.41
N CYS Z 460 -114.63 17.12 -12.24
CA CYS Z 460 -113.93 16.72 -11.03
C CYS Z 460 -114.90 15.95 -10.11
N PRO Z 461 -114.73 14.63 -9.92
CA PRO Z 461 -115.50 13.83 -8.97
C PRO Z 461 -115.43 14.28 -7.51
N TYR Z 462 -114.42 15.07 -7.14
CA TYR Z 462 -113.93 15.18 -5.77
C TYR Z 462 -114.42 16.41 -5.00
N THR Z 463 -115.26 17.27 -5.58
CA THR Z 463 -116.02 18.24 -4.78
C THR Z 463 -117.07 17.51 -3.95
N ASN Z 464 -117.40 18.04 -2.76
CA ASN Z 464 -118.32 17.36 -1.84
C ASN Z 464 -119.78 17.36 -2.35
N PRO Z 465 -120.37 18.51 -2.67
CA PRO Z 465 -121.45 18.57 -3.67
C PRO Z 465 -120.84 18.41 -5.06
N GLU Z 466 -121.67 18.14 -6.08
CA GLU Z 466 -121.19 17.96 -7.46
C GLU Z 466 -122.11 18.63 -8.49
N LYS Z 467 -121.53 18.92 -9.64
CA LYS Z 467 -122.21 19.19 -10.92
C LYS Z 467 -121.41 18.48 -12.01
N THR Z 468 -122.06 17.96 -13.05
CA THR Z 468 -121.41 17.03 -13.99
C THR Z 468 -120.18 17.65 -14.64
N PRO Z 469 -120.27 18.75 -15.41
CA PRO Z 469 -119.19 19.72 -15.52
C PRO Z 469 -119.33 20.83 -14.48
N PHE Z 470 -118.22 21.56 -14.32
CA PHE Z 470 -118.22 22.80 -13.50
C PHE Z 470 -117.99 23.94 -14.46
N ILE Z 471 -118.59 25.12 -14.24
CA ILE Z 471 -118.29 26.32 -15.07
C ILE Z 471 -117.76 27.33 -14.06
N PRO Z 472 -116.51 27.23 -13.56
CA PRO Z 472 -116.06 28.11 -12.48
C PRO Z 472 -116.35 29.57 -12.78
N LEU Z 473 -116.77 30.35 -11.79
CA LEU Z 473 -116.99 31.79 -11.90
C LEU Z 473 -116.32 32.50 -10.74
N SER Z 474 -115.67 33.63 -11.02
CA SER Z 474 -114.97 34.40 -9.99
C SER Z 474 -115.96 35.10 -9.06
N THR Z 475 -115.56 35.27 -7.81
CA THR Z 475 -116.34 36.01 -6.80
C THR Z 475 -116.72 37.41 -7.29
N SER Z 476 -115.88 38.06 -8.10
CA SER Z 476 -116.21 39.35 -8.73
C SER Z 476 -117.44 39.28 -9.64
N PHE Z 477 -117.58 38.27 -10.49
CA PHE Z 477 -118.77 38.09 -11.34
C PHE Z 477 -120.01 37.64 -10.54
N ILE Z 478 -119.81 36.83 -9.50
CA ILE Z 478 -120.84 36.44 -8.55
C ILE Z 478 -121.30 37.61 -7.65
N GLU Z 479 -120.51 38.68 -7.57
CA GLU Z 479 -120.79 39.92 -6.82
C GLU Z 479 -121.04 41.14 -7.72
N GLY Z 480 -121.15 40.98 -9.03
CA GLY Z 480 -121.46 42.10 -9.93
C GLY Z 480 -120.35 43.15 -10.02
N ARG Z 481 -119.13 42.73 -10.35
CA ARG Z 481 -117.96 43.64 -10.40
C ARG Z 481 -116.98 43.19 -11.51
N SER Z 482 -116.17 44.13 -12.03
CA SER Z 482 -115.22 43.83 -13.13
C SER Z 482 -114.14 42.81 -12.71
N PRO Z 483 -113.56 42.04 -13.66
CA PRO Z 483 -112.72 40.86 -13.38
C PRO Z 483 -111.61 41.03 -12.33
N TYR Z 484 -110.95 42.20 -12.29
CA TYR Z 484 -109.91 42.55 -11.31
C TYR Z 484 -110.17 43.93 -10.68
N SER Z 485 -111.42 44.20 -10.30
CA SER Z 485 -111.81 45.47 -9.67
C SER Z 485 -111.99 45.34 -8.15
N PRO Z 486 -111.55 46.32 -7.34
CA PRO Z 486 -111.59 46.24 -5.89
C PRO Z 486 -113.01 46.14 -5.34
N SER Z 487 -113.18 45.36 -4.26
CA SER Z 487 -114.47 44.98 -3.67
C SER Z 487 -115.34 46.15 -3.21
N ASP Z 488 -114.78 47.36 -3.04
CA ASP Z 488 -115.60 48.57 -2.68
C ASP Z 488 -116.58 48.88 -3.81
N THR Z 489 -116.27 48.45 -5.03
CA THR Z 489 -117.11 48.64 -6.22
C THR Z 489 -118.29 47.66 -6.22
N HIS Z 490 -119.48 48.09 -6.67
CA HIS Z 490 -120.71 47.24 -6.72
C HIS Z 490 -121.35 47.30 -8.10
N GLU Z 491 -120.60 47.61 -9.16
CA GLU Z 491 -121.03 47.61 -10.55
C GLU Z 491 -119.83 47.30 -11.47
N PRO Z 492 -120.04 46.65 -12.62
CA PRO Z 492 -119.02 46.63 -13.67
C PRO Z 492 -118.67 48.03 -14.18
N ASP Z 493 -117.45 48.22 -14.66
CA ASP Z 493 -117.07 49.37 -15.52
C ASP Z 493 -117.72 49.26 -16.90
N GLU Z 494 -117.93 50.36 -17.63
CA GLU Z 494 -118.81 50.40 -18.82
C GLU Z 494 -118.58 49.28 -19.85
N GLU Z 495 -117.32 48.95 -20.14
CA GLU Z 495 -116.98 47.86 -21.07
C GLU Z 495 -117.31 46.46 -20.54
N ASP Z 496 -117.34 46.27 -19.21
CA ASP Z 496 -117.87 45.08 -18.55
C ASP Z 496 -119.37 45.19 -18.19
N GLN Z 497 -119.98 46.39 -18.23
CA GLN Z 497 -121.44 46.52 -18.19
C GLN Z 497 -122.05 45.96 -19.47
N ASN Z 498 -121.41 46.21 -20.61
CA ASN Z 498 -121.54 45.42 -21.83
C ASN Z 498 -120.88 44.04 -21.65
N ARG Z 499 -121.36 43.09 -22.46
CA ARG Z 499 -120.84 41.70 -22.48
C ARG Z 499 -120.88 41.09 -21.08
N TRP Z 500 -121.91 41.40 -20.26
CA TRP Z 500 -122.05 40.87 -18.87
C TRP Z 500 -122.65 39.46 -18.91
N TYR Z 501 -121.89 38.49 -19.38
CA TYR Z 501 -122.32 37.09 -19.50
C TYR Z 501 -121.16 36.12 -19.25
N PRO Z 502 -121.42 34.84 -18.91
CA PRO Z 502 -120.38 33.85 -18.67
C PRO Z 502 -119.34 33.74 -19.80
N CYS Z 503 -118.08 34.00 -19.48
CA CYS Z 503 -116.93 33.80 -20.36
C CYS Z 503 -115.64 33.77 -19.54
N TYR Z 504 -114.56 33.27 -20.15
CA TYR Z 504 -113.27 33.04 -19.49
C TYR Z 504 -112.72 34.27 -18.75
N GLN Z 505 -113.01 35.48 -19.23
CA GLN Z 505 -112.56 36.74 -18.56
C GLN Z 505 -113.08 36.81 -17.12
N TYR Z 506 -114.29 36.32 -16.86
CA TYR Z 506 -114.86 36.28 -15.51
C TYR Z 506 -114.48 35.02 -14.72
N GLN Z 507 -113.89 34.01 -15.33
CA GLN Z 507 -113.48 32.77 -14.66
C GLN Z 507 -112.07 32.84 -14.06
N GLN Z 508 -111.23 33.78 -14.50
CA GLN Z 508 -109.79 33.79 -14.24
C GLN Z 508 -109.41 33.69 -12.76
N GLU Z 509 -110.03 34.49 -11.89
CA GLU Z 509 -109.69 34.47 -10.46
C GLU Z 509 -110.12 33.16 -9.79
N SER Z 510 -111.20 32.51 -10.24
CA SER Z 510 -111.61 31.22 -9.69
C SER Z 510 -110.61 30.10 -9.99
N ILE Z 511 -110.10 29.99 -11.21
CA ILE Z 511 -109.11 28.96 -11.53
C ILE Z 511 -107.75 29.28 -10.93
N ASN Z 512 -107.40 30.56 -10.77
CA ASN Z 512 -106.23 30.92 -9.98
C ASN Z 512 -106.39 30.47 -8.53
N SER Z 513 -107.57 30.66 -7.93
CA SER Z 513 -107.87 30.23 -6.57
C SER Z 513 -107.78 28.70 -6.40
N ILE Z 514 -108.23 27.93 -7.39
CA ILE Z 514 -108.02 26.47 -7.41
C ILE Z 514 -106.53 26.12 -7.50
N CYS Z 515 -105.75 26.79 -8.35
CA CYS Z 515 -104.30 26.58 -8.40
C CYS Z 515 -103.58 26.94 -7.10
N LEU Z 516 -103.99 28.01 -6.44
CA LEU Z 516 -103.50 28.42 -5.11
C LEU Z 516 -103.80 27.38 -4.02
N SER Z 517 -104.79 26.50 -4.21
CA SER Z 517 -104.99 25.38 -3.28
C SER Z 517 -103.87 24.34 -3.38
N GLY Z 518 -103.12 24.30 -4.48
CA GLY Z 518 -102.01 23.36 -4.67
C GLY Z 518 -100.74 23.75 -3.90
N PRO Z 519 -99.85 22.78 -3.65
CA PRO Z 519 -98.62 23.01 -2.89
C PRO Z 519 -97.61 23.89 -3.61
N GLY Z 520 -96.72 24.52 -2.83
CA GLY Z 520 -95.63 25.38 -3.27
C GLY Z 520 -96.05 26.79 -3.67
N THR Z 521 -97.34 27.07 -3.84
CA THR Z 521 -97.83 28.38 -4.29
C THR Z 521 -97.62 29.44 -3.21
N PRO Z 522 -97.00 30.60 -3.53
CA PRO Z 522 -96.59 31.58 -2.53
C PRO Z 522 -97.74 32.38 -1.89
N LYS Z 523 -97.46 32.93 -0.71
CA LYS Z 523 -98.30 33.92 -0.01
C LYS Z 523 -97.75 35.32 -0.29
N ILE Z 524 -98.53 36.18 -0.95
CA ILE Z 524 -98.12 37.56 -1.23
C ILE Z 524 -99.18 38.51 -0.65
N PRO Z 525 -98.84 39.41 0.29
CA PRO Z 525 -99.81 40.36 0.82
C PRO Z 525 -100.48 41.22 -0.26
N LYS Z 526 -101.77 41.52 -0.11
CA LYS Z 526 -102.49 42.36 -1.08
C LYS Z 526 -101.85 43.74 -1.18
N GLY Z 527 -101.69 44.22 -2.41
CA GLY Z 527 -100.99 45.48 -2.72
C GLY Z 527 -99.47 45.37 -2.84
N ILE Z 528 -98.87 44.20 -2.61
CA ILE Z 528 -97.44 43.94 -2.85
C ILE Z 528 -97.28 43.16 -4.16
N THR Z 529 -96.33 43.57 -4.99
CA THR Z 529 -95.92 42.82 -6.19
C THR Z 529 -94.57 42.20 -5.94
N ALA Z 530 -94.48 40.87 -6.03
CA ALA Z 530 -93.22 40.17 -5.99
C ALA Z 530 -92.57 40.16 -7.37
N GLU Z 531 -91.25 40.19 -7.44
CA GLU Z 531 -90.49 40.32 -8.68
C GLU Z 531 -89.26 39.42 -8.63
N ALA Z 532 -88.75 39.00 -9.77
CA ALA Z 532 -87.46 38.33 -9.87
C ALA Z 532 -86.72 38.80 -11.11
N LYS Z 533 -85.39 38.83 -11.05
CA LYS Z 533 -84.53 39.25 -12.17
C LYS Z 533 -83.30 38.37 -12.30
N VAL Z 534 -82.80 38.28 -13.52
CA VAL Z 534 -81.50 37.69 -13.86
C VAL Z 534 -80.66 38.77 -14.53
N LYS Z 535 -79.35 38.77 -14.30
CA LYS Z 535 -78.40 39.51 -15.13
C LYS Z 535 -77.75 38.54 -16.10
N TYR Z 536 -77.80 38.85 -17.38
CA TYR Z 536 -77.24 38.02 -18.43
C TYR Z 536 -76.01 38.65 -19.05
N SER Z 537 -75.15 37.81 -19.62
CA SER Z 537 -74.04 38.21 -20.46
C SER Z 537 -73.88 37.19 -21.59
N PHE Z 538 -74.37 37.50 -22.78
CA PHE Z 538 -74.18 36.65 -23.96
C PHE Z 538 -72.86 36.99 -24.65
N ASN Z 539 -72.06 36.00 -24.97
CA ASN Z 539 -70.74 36.19 -25.55
C ASN Z 539 -70.78 35.95 -27.06
N PHE Z 540 -70.43 36.96 -27.83
CA PHE Z 540 -70.36 36.93 -29.28
C PHE Z 540 -69.00 37.42 -29.76
N LYS Z 541 -68.64 37.06 -30.97
CA LYS Z 541 -67.63 37.76 -31.77
C LYS Z 541 -68.30 38.25 -33.04
N TRP Z 542 -67.90 39.41 -33.53
CA TRP Z 542 -68.30 39.94 -34.83
C TRP Z 542 -67.13 39.83 -35.79
N GLY Z 543 -67.37 39.39 -37.01
CA GLY Z 543 -66.33 39.13 -38.00
C GLY Z 543 -66.58 39.87 -39.31
N GLY Z 544 -65.51 40.30 -39.97
CA GLY Z 544 -65.61 40.94 -41.28
C GLY Z 544 -64.28 41.39 -41.84
N ASP Z 545 -64.32 41.94 -43.05
CA ASP Z 545 -63.25 42.78 -43.58
C ASP Z 545 -63.21 44.14 -42.86
N LEU Z 546 -62.06 44.80 -42.89
CA LEU Z 546 -61.82 46.04 -42.13
C LEU Z 546 -62.83 47.15 -42.54
N PRO Z 547 -63.50 47.81 -41.59
CA PRO Z 547 -64.48 48.85 -41.87
C PRO Z 547 -63.82 50.24 -42.09
N PRO Z 548 -64.57 51.20 -42.66
CA PRO Z 548 -64.16 52.61 -42.74
C PRO Z 548 -64.31 53.36 -41.40
N MET Z 549 -63.77 54.58 -41.30
CA MET Z 549 -63.76 55.40 -40.08
C MET Z 549 -63.67 56.91 -40.41
N SER Z 550 -64.02 57.81 -39.49
CA SER Z 550 -63.96 59.27 -39.65
C SER Z 550 -63.38 60.01 -38.45
N THR Z 551 -63.00 61.29 -38.64
CA THR Z 551 -62.20 62.08 -37.68
C THR Z 551 -62.75 63.51 -37.50
N ILE Z 552 -62.32 64.17 -36.42
CA ILE Z 552 -62.80 65.47 -35.95
C ILE Z 552 -61.67 66.51 -35.98
N THR Z 553 -61.98 67.78 -36.29
CA THR Z 553 -60.97 68.85 -36.31
C THR Z 553 -60.28 69.00 -34.95
N ASN Z 554 -58.99 69.29 -34.92
CA ASN Z 554 -58.28 69.56 -33.66
C ASN Z 554 -58.68 70.88 -32.98
N PRO Z 555 -58.82 72.03 -33.69
CA PRO Z 555 -59.11 73.29 -33.02
C PRO Z 555 -60.46 73.33 -32.34
N THR Z 556 -61.52 72.81 -32.99
CA THR Z 556 -62.87 72.73 -32.38
C THR Z 556 -63.01 71.35 -31.75
N ASP Z 557 -62.43 71.13 -30.58
CA ASP Z 557 -62.46 69.81 -29.91
C ASP Z 557 -62.52 70.02 -28.39
N GLN Z 558 -62.61 68.94 -27.61
CA GLN Z 558 -62.67 69.03 -26.13
C GLN Z 558 -61.64 70.08 -25.66
N PRO Z 559 -62.05 71.24 -25.11
CA PRO Z 559 -61.10 72.27 -24.74
C PRO Z 559 -60.48 72.05 -23.37
N THR Z 560 -59.20 72.36 -23.21
CA THR Z 560 -58.55 72.24 -21.90
C THR Z 560 -59.17 73.21 -20.90
N TYR Z 561 -59.13 72.90 -19.60
CA TYR Z 561 -59.72 73.77 -18.55
C TYR Z 561 -59.21 75.22 -18.62
N VAL Z 562 -57.97 75.42 -19.08
CA VAL Z 562 -57.34 76.72 -19.30
C VAL Z 562 -58.16 77.57 -20.29
N LYS AA 48 -46.25 6.09 57.77
CA LYS AA 48 -46.48 7.48 58.24
C LYS AA 48 -47.92 7.93 57.97
N ARG AA 49 -48.30 8.12 56.71
CA ARG AA 49 -49.68 8.42 56.29
C ARG AA 49 -50.06 7.64 55.04
N LEU AA 50 -51.31 7.20 54.95
CA LEU AA 50 -51.83 6.37 53.87
C LEU AA 50 -53.02 7.05 53.19
N ASN AA 51 -53.19 6.79 51.89
CA ASN AA 51 -54.43 7.12 51.19
C ASN AA 51 -55.58 6.29 51.75
N ILE AA 52 -56.74 6.91 51.98
CA ILE AA 52 -57.98 6.19 52.26
C ILE AA 52 -58.46 5.55 50.96
N VAL AA 53 -58.84 4.28 51.03
CA VAL AA 53 -59.24 3.44 49.88
C VAL AA 53 -60.60 2.84 50.17
N GLU AA 54 -61.42 2.72 49.14
CA GLU AA 54 -62.74 2.08 49.20
C GLU AA 54 -62.78 0.90 48.23
N TRP AA 55 -63.50 -0.16 48.57
CA TRP AA 55 -63.70 -1.31 47.68
C TRP AA 55 -64.99 -1.12 46.89
N GLN AA 56 -64.82 -1.15 45.56
CA GLN AA 56 -65.93 -0.87 44.62
C GLN AA 56 -67.04 -1.90 44.76
N PRO AA 57 -68.31 -1.49 44.68
CA PRO AA 57 -69.45 -2.39 44.83
C PRO AA 57 -69.60 -3.36 43.66
N LYS AA 58 -70.31 -4.46 43.88
CA LYS AA 58 -70.36 -5.62 42.98
C LYS AA 58 -70.93 -5.29 41.59
N SER AA 59 -71.97 -4.48 41.51
CA SER AA 59 -72.53 -3.98 40.25
C SER AA 59 -72.73 -2.47 40.28
N ILE AA 60 -72.42 -1.81 39.17
CA ILE AA 60 -72.43 -0.34 39.03
C ILE AA 60 -73.17 0.04 37.73
N ARG AA 61 -74.01 1.08 37.80
CA ARG AA 61 -74.78 1.57 36.62
C ARG AA 61 -74.80 3.11 36.52
N LYS AA 62 -74.09 3.69 35.55
CA LYS AA 62 -74.08 5.15 35.31
C LYS AA 62 -75.49 5.65 34.98
N CYS AA 63 -75.88 6.79 35.53
CA CYS AA 63 -77.14 7.46 35.25
C CYS AA 63 -76.95 8.97 35.16
N ARG AA 64 -77.30 9.54 33.99
CA ARG AA 64 -77.31 11.01 33.80
C ARG AA 64 -78.74 11.54 33.94
N ILE AA 65 -79.06 12.20 35.06
CA ILE AA 65 -80.38 12.80 35.26
C ILE AA 65 -80.41 14.08 34.42
N LYS AA 66 -81.09 14.04 33.27
CA LYS AA 66 -81.11 15.10 32.26
C LYS AA 66 -82.46 15.79 32.24
N GLY AA 67 -82.50 17.11 32.19
CA GLY AA 67 -83.75 17.85 32.16
C GLY AA 67 -83.59 19.34 31.96
N MET AA 68 -84.69 20.07 32.08
CA MET AA 68 -84.78 21.50 31.85
C MET AA 68 -85.30 22.21 33.10
N LEU AA 69 -84.67 23.29 33.54
CA LEU AA 69 -85.05 24.07 34.72
C LEU AA 69 -85.36 25.51 34.35
N CYS AA 70 -86.51 26.03 34.75
CA CYS AA 70 -86.86 27.44 34.61
C CYS AA 70 -86.11 28.28 35.65
N LEU AA 71 -85.31 29.25 35.22
CA LEU AA 71 -84.54 30.11 36.12
C LEU AA 71 -85.39 31.26 36.66
N PHE AA 72 -86.19 31.90 35.81
CA PHE AA 72 -87.22 32.85 36.21
C PHE AA 72 -88.27 32.91 35.11
N GLN AA 73 -89.45 33.39 35.44
CA GLN AA 73 -90.40 33.90 34.47
C GLN AA 73 -91.08 35.11 35.07
N THR AA 74 -90.95 36.26 34.42
CA THR AA 74 -91.19 37.58 35.02
C THR AA 74 -91.93 38.53 34.09
N THR AA 75 -92.78 39.36 34.67
CA THR AA 75 -93.24 40.63 34.09
C THR AA 75 -92.46 41.78 34.73
N GLU AA 76 -92.63 43.01 34.25
CA GLU AA 76 -91.95 44.19 34.79
C GLU AA 76 -92.32 44.47 36.27
N ASP AA 77 -93.57 44.25 36.65
CA ASP AA 77 -94.10 44.48 37.99
C ASP AA 77 -93.71 43.39 39.02
N ARG AA 78 -92.95 42.38 38.60
CA ARG AA 78 -92.42 41.33 39.47
C ARG AA 78 -90.89 41.20 39.44
N LEU AA 79 -90.18 42.12 38.80
CA LEU AA 79 -88.72 42.01 38.63
C LEU AA 79 -87.93 41.95 39.94
N SER AA 80 -88.35 42.68 40.97
CA SER AA 80 -87.64 42.71 42.25
C SER AA 80 -87.96 41.56 43.21
N TYR AA 81 -88.76 40.57 42.78
CA TYR AA 81 -89.21 39.45 43.61
C TYR AA 81 -88.61 38.11 43.18
N ASN AA 82 -88.45 37.21 44.14
CA ASN AA 82 -87.94 35.86 43.91
C ASN AA 82 -89.00 34.98 43.22
N PHE AA 83 -88.64 34.37 42.09
CA PHE AA 83 -89.44 33.37 41.40
C PHE AA 83 -89.36 32.01 42.08
N ASP AA 84 -90.48 31.55 42.62
CA ASP AA 84 -90.71 30.15 42.96
C ASP AA 84 -91.70 29.56 41.96
N MET AA 85 -91.36 28.43 41.36
CA MET AA 85 -92.24 27.74 40.40
C MET AA 85 -93.40 27.04 41.10
N TYR AA 86 -93.20 26.64 42.36
CA TYR AA 86 -94.21 26.03 43.22
C TYR AA 86 -94.59 27.05 44.30
N GLU AA 87 -95.81 27.57 44.18
CA GLU AA 87 -96.20 28.90 44.63
C GLU AA 87 -96.77 29.02 46.05
N GLU AA 88 -96.74 30.24 46.58
CA GLU AA 88 -97.74 30.68 47.57
C GLU AA 88 -99.02 30.93 46.76
N SER AA 89 -100.08 30.16 47.00
CA SER AA 89 -101.19 29.91 46.05
C SER AA 89 -101.90 31.14 45.46
N ILE AA 90 -101.78 32.31 46.08
CA ILE AA 90 -102.28 33.58 45.56
C ILE AA 90 -101.41 34.17 44.44
N ILE AA 91 -100.09 33.96 44.45
CA ILE AA 91 -99.15 34.60 43.52
C ILE AA 91 -99.51 34.35 42.05
N PRO AA 92 -99.73 33.10 41.57
CA PRO AA 92 -100.05 32.89 40.16
C PRO AA 92 -101.46 33.32 39.77
N GLU AA 93 -102.36 33.66 40.71
CA GLU AA 93 -103.68 34.15 40.36
C GLU AA 93 -103.59 35.54 39.72
N LYS AA 94 -103.84 35.59 38.40
CA LYS AA 94 -103.72 36.80 37.57
C LYS AA 94 -102.31 37.41 37.52
N LEU AA 95 -101.25 36.63 37.74
CA LEU AA 95 -99.88 36.97 37.33
C LEU AA 95 -99.27 35.89 36.44
N PRO AA 96 -98.83 36.21 35.21
CA PRO AA 96 -98.23 35.22 34.31
C PRO AA 96 -96.75 34.90 34.63
N GLY AA 97 -96.08 35.73 35.42
CA GLY AA 97 -94.72 35.47 35.92
C GLY AA 97 -94.52 36.01 37.33
N GLY AA 98 -93.96 35.19 38.22
CA GLY AA 98 -93.93 35.48 39.66
C GLY AA 98 -92.73 36.26 40.17
N GLY AA 99 -91.62 36.32 39.43
CA GLY AA 99 -90.40 36.94 39.94
C GLY AA 99 -89.28 37.05 38.91
N GLY AA 100 -88.43 38.06 39.03
CA GLY AA 100 -87.34 38.35 38.08
C GLY AA 100 -85.97 37.87 38.51
N PHE AA 101 -85.85 37.26 39.68
CA PHE AA 101 -84.64 36.57 40.11
C PHE AA 101 -85.02 35.27 40.80
N SER AA 102 -84.13 34.30 40.90
CA SER AA 102 -84.35 33.16 41.77
C SER AA 102 -83.07 32.68 42.43
N ILE AA 103 -83.22 32.03 43.57
CA ILE AA 103 -82.21 31.14 44.12
C ILE AA 103 -82.77 29.72 44.08
N LYS AA 104 -82.12 28.83 43.35
CA LYS AA 104 -82.45 27.39 43.22
C LYS AA 104 -81.47 26.58 44.02
N ASN AA 105 -81.92 25.67 44.88
CA ASN AA 105 -81.10 24.60 45.42
C ASN AA 105 -81.52 23.28 44.78
N ILE AA 106 -80.56 22.52 44.26
CA ILE AA 106 -80.81 21.23 43.63
C ILE AA 106 -80.27 20.11 44.52
N SER AA 107 -81.09 19.11 44.79
CA SER AA 107 -80.74 17.89 45.51
C SER AA 107 -81.31 16.69 44.76
N LEU AA 108 -80.77 15.50 45.01
CA LEU AA 108 -81.27 14.28 44.38
C LEU AA 108 -82.77 14.04 44.65
N TYR AA 109 -83.28 14.44 45.81
CA TYR AA 109 -84.72 14.41 46.07
C TYR AA 109 -85.49 15.44 45.26
N ALA AA 110 -84.98 16.66 45.08
CA ALA AA 110 -85.58 17.64 44.18
C ALA AA 110 -85.54 17.17 42.72
N LEU AA 111 -84.49 16.49 42.27
CA LEU AA 111 -84.44 15.85 40.96
C LEU AA 111 -85.50 14.75 40.80
N TYR AA 112 -85.73 13.93 41.83
CA TYR AA 112 -86.84 12.98 41.85
C TYR AA 112 -88.20 13.69 41.80
N GLN AA 113 -88.40 14.78 42.53
CA GLN AA 113 -89.64 15.55 42.45
C GLN AA 113 -89.86 16.14 41.06
N GLU AA 114 -88.82 16.64 40.38
CA GLU AA 114 -88.92 17.09 39.00
C GLU AA 114 -89.24 15.93 38.04
N HIS AA 115 -88.89 14.69 38.38
CA HIS AA 115 -89.26 13.50 37.56
C HIS AA 115 -90.76 13.21 37.71
N ILE AA 116 -91.36 13.50 38.88
CA ILE AA 116 -92.81 13.36 39.08
C ILE AA 116 -93.58 14.41 38.27
N HIS AA 117 -93.02 15.59 38.04
CA HIS AA 117 -93.55 16.60 37.11
C HIS AA 117 -93.22 16.30 35.64
N ALA AA 118 -92.54 15.19 35.33
CA ALA AA 118 -92.03 14.84 34.01
C ALA AA 118 -91.05 15.87 33.40
N HIS AA 119 -90.38 16.66 34.23
CA HIS AA 119 -89.42 17.68 33.79
C HIS AA 119 -88.03 17.13 33.49
N ASN AA 120 -87.73 15.88 33.87
CA ASN AA 120 -86.46 15.23 33.58
C ASN AA 120 -86.62 13.74 33.28
N ILE AA 121 -85.57 13.16 32.73
CA ILE AA 121 -85.39 11.71 32.56
C ILE AA 121 -84.24 11.25 33.46
N PHE AA 122 -84.33 10.01 33.97
CA PHE AA 122 -83.20 9.30 34.55
C PHE AA 122 -82.73 8.30 33.51
N THR AA 123 -81.48 8.40 33.06
CA THR AA 123 -80.93 7.52 32.01
C THR AA 123 -80.87 6.04 32.43
N HIS AA 124 -80.82 5.80 33.74
CA HIS AA 124 -80.90 4.44 34.29
C HIS AA 124 -81.69 4.54 35.60
N THR AA 125 -82.61 3.61 35.86
CA THR AA 125 -83.32 3.52 37.14
C THR AA 125 -82.39 3.18 38.29
N ASN AA 126 -82.83 3.48 39.51
CA ASN AA 126 -82.11 3.27 40.76
C ASN AA 126 -82.81 2.29 41.70
N THR AA 127 -83.81 1.53 41.24
CA THR AA 127 -84.78 0.85 42.11
C THR AA 127 -84.16 -0.19 43.04
N ASP AA 128 -83.12 -0.90 42.58
CA ASP AA 128 -82.53 -2.03 43.30
C ASP AA 128 -81.02 -1.88 43.54
N ARG AA 129 -80.51 -0.65 43.41
CA ARG AA 129 -79.08 -0.31 43.69
C ARG AA 129 -79.16 0.86 44.70
N PRO AA 130 -78.95 0.66 46.02
CA PRO AA 130 -79.20 1.67 47.03
C PRO AA 130 -78.05 2.67 47.23
N LEU AA 131 -76.85 2.37 46.75
CA LEU AA 131 -75.71 3.28 46.82
C LEU AA 131 -75.72 4.28 45.67
N ALA AA 132 -75.18 5.46 45.89
CA ALA AA 132 -74.98 6.50 44.90
C ALA AA 132 -73.58 7.08 44.97
N ARG AA 133 -73.03 7.46 43.81
CA ARG AA 133 -71.69 8.10 43.69
C ARG AA 133 -71.83 9.30 42.75
N TYR AA 134 -72.12 10.49 43.28
CA TYR AA 134 -72.28 11.73 42.51
C TYR AA 134 -70.94 12.23 41.96
N THR AA 135 -70.87 12.56 40.67
CA THR AA 135 -69.63 12.89 39.98
C THR AA 135 -69.56 14.36 39.52
N GLY AA 136 -70.66 15.09 39.61
CA GLY AA 136 -70.74 16.49 39.18
C GLY AA 136 -71.87 16.74 38.18
N CYS AA 137 -71.95 17.96 37.70
CA CYS AA 137 -73.04 18.44 36.86
C CYS AA 137 -72.52 19.13 35.60
N SER AA 138 -73.26 19.04 34.51
CA SER AA 138 -73.13 19.93 33.35
C SER AA 138 -74.36 20.81 33.25
N LEU AA 139 -74.18 22.12 33.10
CA LEU AA 139 -75.26 23.05 32.80
C LEU AA 139 -75.07 23.65 31.41
N LYS AA 140 -76.14 23.77 30.63
CA LYS AA 140 -76.22 24.58 29.40
C LYS AA 140 -77.23 25.69 29.63
N PHE AA 141 -76.77 26.93 29.68
CA PHE AA 141 -77.61 28.12 29.86
C PHE AA 141 -77.97 28.66 28.49
N TYR AA 142 -79.25 28.78 28.17
CA TYR AA 142 -79.68 29.24 26.85
C TYR AA 142 -79.90 30.74 26.81
N GLN AA 143 -79.51 31.37 25.72
CA GLN AA 143 -79.94 32.74 25.43
C GLN AA 143 -81.46 32.80 25.33
N SER AA 144 -82.10 33.65 26.12
CA SER AA 144 -83.51 33.98 25.92
C SER AA 144 -83.68 34.84 24.67
N LYS AA 145 -84.89 34.88 24.12
CA LYS AA 145 -85.19 35.73 22.97
C LYS AA 145 -85.09 37.22 23.33
N ASP AA 146 -85.77 37.64 24.39
CA ASP AA 146 -86.03 39.06 24.69
C ASP AA 146 -85.27 39.65 25.89
N ILE AA 147 -84.70 38.81 26.77
CA ILE AA 147 -84.10 39.32 28.04
C ILE AA 147 -82.69 38.75 28.28
N ASP AA 148 -81.78 39.56 28.81
CA ASP AA 148 -80.41 39.09 29.16
C ASP AA 148 -80.53 38.56 30.58
N TYR AA 149 -79.50 37.93 31.14
CA TYR AA 149 -79.57 37.52 32.56
C TYR AA 149 -78.22 37.09 33.10
N VAL AA 150 -77.94 37.42 34.35
CA VAL AA 150 -76.71 37.05 35.04
C VAL AA 150 -76.98 35.79 35.83
N VAL AA 151 -76.07 34.83 35.80
CA VAL AA 151 -76.06 33.66 36.67
C VAL AA 151 -74.81 33.67 37.53
N THR AA 152 -74.92 33.23 38.77
CA THR AA 152 -73.77 32.72 39.51
C THR AA 152 -74.20 31.52 40.33
N TYR AA 153 -73.30 30.57 40.57
CA TYR AA 153 -73.62 29.32 41.24
C TYR AA 153 -72.59 29.03 42.32
N SER AA 154 -72.99 28.21 43.29
CA SER AA 154 -72.12 27.81 44.39
C SER AA 154 -72.33 26.34 44.72
N THR AA 155 -71.35 25.70 45.37
CA THR AA 155 -71.48 24.29 45.82
C THR AA 155 -70.94 24.15 47.23
N SER AA 156 -70.85 25.24 48.00
CA SER AA 156 -70.47 25.12 49.43
C SER AA 156 -71.56 24.26 50.09
N LEU AA 157 -71.23 23.03 50.50
CA LEU AA 157 -72.26 22.10 51.04
C LEU AA 157 -73.12 22.84 52.08
N PRO AA 158 -72.56 23.64 53.01
CA PRO AA 158 -73.39 24.41 53.94
C PRO AA 158 -74.33 25.30 53.15
N LEU AA 159 -75.64 25.09 53.29
CA LEU AA 159 -76.66 25.88 52.53
C LEU AA 159 -77.37 26.84 53.51
N ARG AA 160 -77.39 28.13 53.19
CA ARG AA 160 -78.08 29.14 54.05
C ARG AA 160 -78.40 30.38 53.20
N SER AA 161 -79.33 31.22 53.67
CA SER AA 161 -79.71 32.48 52.96
C SER AA 161 -79.20 33.67 53.78
N SER AA 162 -78.96 34.81 53.14
CA SER AA 162 -78.45 36.02 53.84
C SER AA 162 -79.10 37.28 53.27
N MET AA 163 -79.20 38.34 54.06
CA MET AA 163 -79.73 39.63 53.61
C MET AA 163 -78.85 40.26 52.51
N GLY AA 164 -77.53 40.14 52.65
CA GLY AA 164 -76.57 40.57 51.65
C GLY AA 164 -76.65 39.77 50.36
N MET AA 165 -76.92 38.46 50.42
CA MET AA 165 -77.20 37.66 49.22
C MET AA 165 -78.41 38.21 48.46
N TYR AA 166 -79.54 38.41 49.12
CA TYR AA 166 -80.75 38.88 48.45
C TYR AA 166 -80.60 40.29 47.88
N ASN AA 167 -79.93 41.21 48.58
CA ASN AA 167 -79.61 42.52 47.98
C ASN AA 167 -78.66 42.38 46.80
N SER AA 168 -77.64 41.53 46.90
CA SER AA 168 -76.69 41.33 45.80
C SER AA 168 -77.28 40.67 44.55
N MET AA 169 -78.52 40.15 44.62
CA MET AA 169 -79.27 39.74 43.44
C MET AA 169 -79.69 40.91 42.55
N GLN AA 170 -79.61 42.16 43.00
CA GLN AA 170 -79.93 43.32 42.20
C GLN AA 170 -79.09 43.27 40.91
N PRO AA 171 -79.65 43.47 39.71
CA PRO AA 171 -78.97 43.14 38.47
C PRO AA 171 -77.62 43.81 38.27
N SER AA 172 -77.46 45.07 38.64
CA SER AA 172 -76.19 45.80 38.56
C SER AA 172 -75.16 45.24 39.53
N ILE AA 173 -75.57 44.90 40.76
CA ILE AA 173 -74.68 44.35 41.78
C ILE AA 173 -74.26 42.92 41.43
N HIS AA 174 -75.19 42.08 41.00
CA HIS AA 174 -74.89 40.72 40.55
C HIS AA 174 -73.96 40.76 39.33
N LEU AA 175 -74.20 41.64 38.36
CA LEU AA 175 -73.30 41.82 37.22
C LEU AA 175 -71.89 42.29 37.60
N MET AA 176 -71.66 42.93 38.75
CA MET AA 176 -70.32 43.26 39.21
C MET AA 176 -69.59 42.10 39.88
N GLN AA 177 -70.28 41.08 40.37
CA GLN AA 177 -69.64 39.99 41.13
C GLN AA 177 -68.64 39.18 40.32
N GLN AA 178 -67.65 38.60 41.00
CA GLN AA 178 -66.71 37.65 40.40
C GLN AA 178 -67.37 36.29 40.16
N ASN AA 179 -66.89 35.56 39.15
CA ASN AA 179 -67.45 34.26 38.73
C ASN AA 179 -68.95 34.32 38.41
N LYS AA 180 -69.40 35.47 37.92
CA LYS AA 180 -70.67 35.61 37.20
C LYS AA 180 -70.57 34.93 35.83
N LEU AA 181 -71.72 34.62 35.26
CA LEU AA 181 -71.91 34.32 33.86
C LEU AA 181 -73.00 35.25 33.34
N ILE AA 182 -72.71 36.02 32.29
CA ILE AA 182 -73.71 36.86 31.62
C ILE AA 182 -74.18 36.12 30.39
N VAL AA 183 -75.49 36.00 30.23
CA VAL AA 183 -76.10 35.43 29.03
C VAL AA 183 -76.87 36.53 28.31
N PRO AA 184 -76.31 37.11 27.23
CA PRO AA 184 -77.04 38.07 26.42
C PRO AA 184 -78.23 37.40 25.76
N SER AA 185 -79.32 38.13 25.56
CA SER AA 185 -80.41 37.67 24.71
C SER AA 185 -79.95 37.48 23.27
N LYS AA 186 -80.72 36.73 22.48
CA LYS AA 186 -80.47 36.58 21.04
C LYS AA 186 -80.54 37.93 20.30
N GLN AA 187 -81.34 38.86 20.81
CA GLN AA 187 -81.41 40.24 20.32
C GLN AA 187 -80.13 41.03 20.61
N THR AA 188 -79.58 40.99 21.82
CA THR AA 188 -78.38 41.76 22.16
C THR AA 188 -77.08 41.16 21.62
N GLN AA 189 -76.99 39.84 21.41
CA GLN AA 189 -75.85 39.23 20.73
C GLN AA 189 -76.23 37.91 20.04
N LYS AA 190 -76.07 37.85 18.73
CA LYS AA 190 -76.07 36.59 17.96
C LYS AA 190 -74.75 35.86 18.18
N ARG AA 191 -74.81 34.55 18.43
CA ARG AA 191 -73.66 33.71 18.80
C ARG AA 191 -73.57 32.47 17.91
N ARG AA 192 -72.38 31.87 17.80
CA ARG AA 192 -72.16 30.58 17.11
C ARG AA 192 -72.96 29.47 17.80
N LYS AA 193 -72.75 29.30 19.11
CA LYS AA 193 -73.53 28.37 19.94
C LYS AA 193 -74.60 29.17 20.69
N PRO AA 194 -75.88 28.76 20.67
CA PRO AA 194 -76.98 29.51 21.27
C PRO AA 194 -77.06 29.35 22.80
N TYR AA 195 -76.05 28.79 23.43
CA TYR AA 195 -75.98 28.47 24.86
C TYR AA 195 -74.56 28.64 25.38
N ILE AA 196 -74.41 28.81 26.69
CA ILE AA 196 -73.12 28.75 27.37
C ILE AA 196 -73.10 27.51 28.27
N LYS AA 197 -72.07 26.66 28.11
CA LYS AA 197 -71.94 25.36 28.77
C LYS AA 197 -70.82 25.40 29.79
N LYS AA 198 -71.07 24.93 31.01
CA LYS AA 198 -70.00 24.69 31.98
C LYS AA 198 -70.25 23.56 32.95
N HIS AA 199 -69.17 22.92 33.36
CA HIS AA 199 -69.14 21.77 34.24
C HIS AA 199 -68.89 22.22 35.68
N ILE AA 200 -69.66 21.68 36.61
CA ILE AA 200 -69.62 22.04 38.03
C ILE AA 200 -69.28 20.79 38.83
N SER AA 201 -68.24 20.88 39.64
CA SER AA 201 -67.74 19.78 40.48
C SER AA 201 -68.67 19.55 41.70
N PRO AA 202 -68.69 18.37 42.35
CA PRO AA 202 -69.45 18.18 43.58
C PRO AA 202 -69.08 19.18 44.69
N PRO AA 203 -69.97 19.41 45.68
CA PRO AA 203 -69.61 20.08 46.91
C PRO AA 203 -68.34 19.50 47.52
N THR AA 204 -67.48 20.32 48.12
CA THR AA 204 -66.22 19.81 48.70
C THR AA 204 -66.44 18.77 49.81
N GLN AA 205 -67.62 18.83 50.46
CA GLN AA 205 -68.02 17.87 51.53
C GLN AA 205 -68.51 16.55 50.92
N MET AA 206 -68.98 16.56 49.68
CA MET AA 206 -69.34 15.33 48.94
C MET AA 206 -68.06 14.75 48.31
N LYS AA 207 -67.46 13.76 48.96
CA LYS AA 207 -66.23 13.10 48.47
C LYS AA 207 -66.58 12.11 47.36
N SER AA 208 -65.57 11.56 46.67
CA SER AA 208 -65.80 10.61 45.58
C SER AA 208 -66.33 9.24 46.05
N GLN AA 209 -66.39 8.98 47.35
CA GLN AA 209 -66.90 7.74 47.92
C GLN AA 209 -68.36 7.44 47.54
N TRP AA 210 -68.78 6.19 47.71
CA TRP AA 210 -70.19 5.80 47.68
C TRP AA 210 -70.93 6.26 48.92
N TYR AA 211 -72.20 6.64 48.77
CA TYR AA 211 -73.10 7.01 49.85
C TYR AA 211 -74.45 6.33 49.66
N PHE AA 212 -75.12 5.90 50.71
CA PHE AA 212 -76.52 5.48 50.58
C PHE AA 212 -77.37 6.63 50.03
N GLN AA 213 -78.24 6.34 49.07
CA GLN AA 213 -79.12 7.35 48.45
C GLN AA 213 -80.05 7.98 49.50
N HIS AA 214 -80.40 7.27 50.57
CA HIS AA 214 -81.25 7.79 51.68
C HIS AA 214 -80.51 8.92 52.41
N ASN AA 215 -79.18 8.80 52.56
CA ASN AA 215 -78.39 9.80 53.28
C ASN AA 215 -78.21 11.08 52.46
N ILE AA 216 -77.81 10.95 51.18
CA ILE AA 216 -77.54 12.09 50.30
C ILE AA 216 -78.78 12.70 49.64
N ALA AA 217 -79.96 12.08 49.75
CA ALA AA 217 -81.17 12.53 49.06
C ALA AA 217 -81.45 14.03 49.21
N ASN AA 218 -81.37 14.56 50.43
CA ASN AA 218 -81.70 15.95 50.73
C ASN AA 218 -80.51 16.91 50.78
N ILE AA 219 -79.28 16.43 50.64
CA ILE AA 219 -78.07 17.26 50.62
C ILE AA 219 -78.09 18.16 49.37
N PRO AA 220 -78.07 19.49 49.48
CA PRO AA 220 -78.11 20.37 48.30
C PRO AA 220 -76.76 20.35 47.59
N LEU AA 221 -76.72 19.79 46.37
CA LEU AA 221 -75.43 19.57 45.62
C LEU AA 221 -75.11 20.74 44.68
N LEU AA 222 -76.04 21.66 44.49
CA LEU AA 222 -75.83 22.86 43.67
C LEU AA 222 -76.77 23.98 44.11
N MET AA 223 -76.27 25.21 44.19
CA MET AA 223 -77.10 26.42 44.21
C MET AA 223 -76.91 27.23 42.93
N ILE AA 224 -78.00 27.60 42.26
CA ILE AA 224 -77.97 28.52 41.12
C ILE AA 224 -78.67 29.82 41.53
N ARG AA 225 -78.02 30.96 41.35
CA ARG AA 225 -78.59 32.30 41.53
C ARG AA 225 -78.71 32.98 40.18
N THR AA 226 -79.89 33.45 39.81
CA THR AA 226 -80.12 34.10 38.52
C THR AA 226 -80.90 35.39 38.70
N THR AA 227 -80.57 36.45 37.96
CA THR AA 227 -81.32 37.70 37.93
C THR AA 227 -81.50 38.19 36.49
N ALA AA 228 -82.69 38.70 36.17
CA ALA AA 228 -83.03 39.29 34.88
C ALA AA 228 -82.42 40.70 34.72
N LEU AA 229 -81.98 41.03 33.51
CA LEU AA 229 -81.05 42.11 33.24
C LEU AA 229 -81.38 42.78 31.90
N THR AA 230 -80.99 44.04 31.71
CA THR AA 230 -80.73 44.53 30.35
C THR AA 230 -79.38 45.21 30.26
N LEU AA 231 -78.61 44.85 29.24
CA LEU AA 231 -77.32 45.46 28.93
C LEU AA 231 -77.46 46.75 28.11
N ASP AA 232 -78.38 46.78 27.14
CA ASP AA 232 -78.60 47.93 26.23
C ASP AA 232 -79.44 49.07 26.83
N ASN AA 233 -80.21 48.80 27.88
CA ASN AA 233 -81.04 49.78 28.58
C ASN AA 233 -80.60 49.90 30.05
N TYR AA 234 -79.33 49.68 30.34
CA TYR AA 234 -78.81 49.54 31.70
C TYR AA 234 -79.17 50.72 32.62
N TYR AA 235 -79.04 51.96 32.14
CA TYR AA 235 -79.35 53.15 32.95
C TYR AA 235 -80.80 53.58 32.84
N ILE AA 236 -81.33 53.71 31.63
CA ILE AA 236 -82.70 54.17 31.39
C ILE AA 236 -83.72 53.15 31.91
N GLY AA 237 -83.48 51.86 31.69
CA GLY AA 237 -84.35 50.77 32.12
C GLY AA 237 -85.72 50.91 31.50
N SER AA 238 -86.75 51.11 32.32
CA SER AA 238 -88.11 51.42 31.89
C SER AA 238 -88.60 52.81 32.32
N ARG AA 239 -87.68 53.74 32.60
CA ARG AA 239 -87.97 55.16 32.89
C ARG AA 239 -88.84 55.78 31.81
N GLN AA 240 -89.81 56.59 32.23
CA GLN AA 240 -90.66 57.42 31.37
C GLN AA 240 -90.60 58.87 31.86
N LEU AA 241 -90.52 59.85 30.95
CA LEU AA 241 -90.40 61.27 31.29
C LEU AA 241 -89.18 61.54 32.19
N SER AA 242 -89.38 62.16 33.36
CA SER AA 242 -88.31 62.53 34.31
C SER AA 242 -87.57 61.32 34.89
N THR AA 243 -86.33 61.53 35.36
CA THR AA 243 -85.60 60.52 36.14
C THR AA 243 -86.25 60.25 37.50
N ASN AA 244 -86.96 61.23 38.06
CA ASN AA 244 -87.69 61.11 39.33
C ASN AA 244 -88.85 60.12 39.21
N VAL AA 245 -89.00 59.24 40.19
CA VAL AA 245 -90.17 58.38 40.39
C VAL AA 245 -91.03 58.93 41.53
N THR AA 246 -92.34 58.86 41.40
CA THR AA 246 -93.27 59.30 42.46
C THR AA 246 -93.65 58.14 43.35
N ILE AA 247 -93.47 58.30 44.66
CA ILE AA 247 -93.85 57.33 45.69
C ILE AA 247 -95.05 57.89 46.44
N HIS AA 248 -96.11 57.10 46.62
CA HIS AA 248 -97.25 57.52 47.49
C HIS AA 248 -96.91 56.99 48.89
N THR AA 249 -97.31 57.68 49.95
CA THR AA 249 -97.12 57.22 51.33
C THR AA 249 -98.25 57.64 52.25
N LEU AA 250 -98.41 56.93 53.37
CA LEU AA 250 -99.38 57.34 54.42
C LEU AA 250 -98.74 58.52 55.18
N ASN AA 251 -99.40 59.66 55.28
CA ASN AA 251 -98.88 60.77 56.12
C ASN AA 251 -98.48 60.16 57.45
N THR AA 252 -97.22 60.30 57.87
CA THR AA 252 -96.72 59.72 59.14
C THR AA 252 -97.13 60.63 60.27
N THR AA 253 -97.24 61.94 60.03
CA THR AA 253 -97.51 62.94 61.06
C THR AA 253 -98.97 62.95 61.55
N TYR AA 254 -99.85 62.12 60.98
CA TYR AA 254 -101.26 62.04 61.37
C TYR AA 254 -101.79 60.60 61.46
N ILE AA 255 -101.41 59.71 60.54
CA ILE AA 255 -101.83 58.31 60.51
C ILE AA 255 -100.79 57.45 61.27
N GLN AA 256 -101.01 57.11 62.53
CA GLN AA 256 -99.96 56.36 63.28
C GLN AA 256 -100.53 55.25 64.15
N ASN AA 257 -101.85 55.21 64.39
CA ASN AA 257 -102.36 54.27 65.38
C ASN AA 257 -102.30 52.79 64.99
N ARG AA 258 -102.25 52.47 63.69
CA ARG AA 258 -102.11 51.07 63.18
C ARG AA 258 -103.19 50.14 63.76
N ASP AA 259 -104.39 50.66 64.07
CA ASP AA 259 -105.50 49.85 64.59
C ASP AA 259 -106.46 49.40 63.47
N TRP AA 260 -105.93 48.69 62.47
CA TRP AA 260 -106.63 48.43 61.21
C TRP AA 260 -107.41 47.11 61.14
N GLY AA 261 -108.40 47.08 60.25
CA GLY AA 261 -109.04 45.84 59.80
C GLY AA 261 -110.13 45.28 60.72
N ASP AA 262 -110.87 46.15 61.43
CA ASP AA 262 -112.09 45.80 62.16
C ASP AA 262 -113.27 46.73 61.79
N ARG AA 263 -114.49 46.18 61.69
CA ARG AA 263 -115.71 47.01 61.56
C ARG AA 263 -116.27 47.15 62.99
N ASN AA 264 -115.60 46.53 63.98
CA ASN AA 264 -116.01 46.53 65.40
C ASN AA 264 -115.35 47.65 66.23
N LYS AA 265 -114.69 48.62 65.58
CA LYS AA 265 -113.88 49.66 66.24
C LYS AA 265 -113.99 50.98 65.47
N THR AA 266 -114.39 52.07 66.14
CA THR AA 266 -114.32 53.42 65.55
C THR AA 266 -112.86 53.82 65.37
N TYR AA 267 -112.44 54.15 64.14
CA TYR AA 267 -111.04 54.45 63.87
C TYR AA 267 -110.63 55.86 64.31
N TYR AA 268 -109.45 55.95 64.90
CA TYR AA 268 -108.81 57.18 65.34
C TYR AA 268 -107.37 57.15 64.81
N CYS AA 269 -106.89 58.25 64.23
CA CYS AA 269 -105.67 58.22 63.43
C CYS AA 269 -104.38 58.38 64.26
N GLN AA 270 -104.40 59.18 65.32
CA GLN AA 270 -103.27 59.33 66.24
C GLN AA 270 -103.71 59.57 67.69
N THR AA 271 -102.82 59.28 68.62
CA THR AA 271 -102.89 59.73 70.02
C THR AA 271 -101.76 60.73 70.29
N LEU AA 272 -102.06 61.84 70.98
CA LEU AA 272 -101.05 62.76 71.51
C LEU AA 272 -101.38 63.07 72.96
N GLY AA 273 -100.41 62.97 73.87
CA GLY AA 273 -100.67 63.01 75.31
C GLY AA 273 -101.68 61.93 75.72
N THR AA 274 -102.82 62.35 76.26
CA THR AA 274 -103.99 61.50 76.54
C THR AA 274 -105.04 61.48 75.44
N GLN AA 275 -104.97 62.39 74.45
CA GLN AA 275 -106.01 62.60 73.45
C GLN AA 275 -106.06 61.48 72.39
N ARG AA 276 -107.18 61.40 71.68
CA ARG AA 276 -107.35 60.68 70.41
C ARG AA 276 -107.81 61.68 69.35
N TYR AA 277 -107.36 61.49 68.11
CA TYR AA 277 -107.70 62.34 66.98
C TYR AA 277 -108.42 61.54 65.90
N PHE AA 278 -109.35 62.19 65.22
CA PHE AA 278 -110.37 61.58 64.39
C PHE AA 278 -110.48 62.31 63.06
N LEU AA 279 -110.90 61.58 62.03
CA LEU AA 279 -111.01 62.05 60.66
C LEU AA 279 -112.48 62.03 60.25
N TYR AA 280 -112.90 63.01 59.45
CA TYR AA 280 -114.26 63.09 58.89
C TYR AA 280 -114.21 63.50 57.43
N GLY AA 281 -114.97 62.84 56.57
CA GLY AA 281 -115.11 63.24 55.16
C GLY AA 281 -116.27 64.23 54.99
N THR AA 282 -116.24 65.06 53.97
CA THR AA 282 -117.42 65.84 53.58
C THR AA 282 -117.48 66.05 52.07
N HIS AA 283 -118.69 66.21 51.52
CA HIS AA 283 -118.88 66.57 50.10
C HIS AA 283 -119.17 68.07 50.05
N SER AA 284 -119.12 68.77 51.20
CA SER AA 284 -119.47 70.19 51.27
C SER AA 284 -118.56 71.04 50.38
N THR AA 285 -119.17 72.02 49.72
CA THR AA 285 -118.48 73.07 48.95
C THR AA 285 -118.02 74.25 49.84
N ALA AA 286 -118.27 74.20 51.14
CA ALA AA 286 -117.89 75.25 52.08
C ALA AA 286 -116.38 75.52 52.05
N GLN AA 287 -116.00 76.79 51.89
CA GLN AA 287 -114.60 77.20 51.80
C GLN AA 287 -113.91 77.32 53.17
N ASN AA 288 -114.69 77.59 54.23
CA ASN AA 288 -114.16 77.87 55.57
C ASN AA 288 -114.40 76.70 56.52
N ILE AA 289 -113.33 76.16 57.10
CA ILE AA 289 -113.37 75.02 58.03
C ILE AA 289 -114.23 75.31 59.29
N ASN AA 290 -114.40 76.57 59.66
CA ASN AA 290 -115.20 76.94 60.83
C ASN AA 290 -116.71 76.75 60.62
N ASP AA 291 -117.26 77.08 59.43
CA ASP AA 291 -118.74 77.13 59.19
C ASP AA 291 -119.38 75.82 58.72
N ILE AA 292 -118.60 74.79 58.40
CA ILE AA 292 -119.16 73.47 58.08
C ILE AA 292 -120.06 73.00 59.24
N LYS AA 293 -121.20 72.38 58.91
CA LYS AA 293 -122.17 71.91 59.92
C LYS AA 293 -121.61 70.70 60.71
N LEU AA 294 -122.35 70.25 61.72
CA LEU AA 294 -122.00 68.99 62.42
C LEU AA 294 -122.56 67.86 61.53
N GLN AA 295 -123.54 68.18 60.67
CA GLN AA 295 -124.18 67.19 59.76
C GLN AA 295 -123.29 66.86 58.56
N GLU AA 296 -122.64 67.86 57.96
CA GLU AA 296 -121.84 67.65 56.71
C GLU AA 296 -120.83 66.51 56.91
N LEU AA 297 -120.19 66.44 58.08
CA LEU AA 297 -119.10 65.45 58.33
C LEU AA 297 -119.61 64.00 58.18
N ILE AA 298 -118.83 63.13 57.51
CA ILE AA 298 -119.15 61.68 57.36
C ILE AA 298 -118.13 60.97 58.25
N PRO AA 299 -118.46 60.59 59.50
CA PRO AA 299 -117.49 60.09 60.45
C PRO AA 299 -117.01 58.71 59.98
N LEU AA 300 -115.78 58.32 60.34
CA LEU AA 300 -115.21 57.03 59.91
C LEU AA 300 -115.24 56.04 61.10
N THR AA 301 -116.08 55.01 61.03
CA THR AA 301 -116.24 54.00 62.11
C THR AA 301 -115.75 52.65 61.61
N ASN AA 302 -115.25 52.58 60.37
CA ASN AA 302 -114.70 51.35 59.81
C ASN AA 302 -113.38 51.68 59.09
N THR AA 303 -112.37 50.81 59.19
CA THR AA 303 -111.24 50.82 58.23
C THR AA 303 -111.21 49.60 57.32
N GLN AA 304 -111.86 48.50 57.74
CA GLN AA 304 -111.79 47.17 57.07
C GLN AA 304 -112.48 47.11 55.69
N ASP AA 305 -113.28 48.09 55.29
CA ASP AA 305 -114.03 48.00 54.01
C ASP AA 305 -113.64 49.06 52.99
N TYR AA 306 -113.96 48.81 51.72
CA TYR AA 306 -113.78 49.79 50.65
C TYR AA 306 -114.85 50.90 50.66
N VAL AA 307 -115.88 50.79 51.50
CA VAL AA 307 -117.08 51.64 51.46
C VAL AA 307 -116.76 53.13 51.65
N GLN AA 308 -117.36 53.99 50.83
CA GLN AA 308 -117.21 55.45 50.89
C GLN AA 308 -117.98 56.09 52.05
N GLY AA 309 -119.05 55.43 52.50
CA GLY AA 309 -120.06 56.06 53.35
C GLY AA 309 -120.99 56.95 52.52
N PHE AA 310 -121.81 57.75 53.20
CA PHE AA 310 -122.68 58.74 52.57
C PHE AA 310 -123.03 59.86 53.57
N ASP AA 311 -123.50 60.97 53.03
CA ASP AA 311 -123.87 62.17 53.79
C ASP AA 311 -125.23 62.04 54.50
N TRP AA 312 -125.44 62.80 55.58
CA TRP AA 312 -126.69 62.84 56.35
C TRP AA 312 -127.90 63.28 55.50
N THR AA 313 -127.67 63.99 54.40
CA THR AA 313 -128.72 64.30 53.42
C THR AA 313 -129.36 63.06 52.78
N GLU AA 314 -128.71 61.89 52.87
CA GLU AA 314 -129.28 60.61 52.41
C GLU AA 314 -129.94 59.78 53.55
N LYS AA 315 -130.20 60.40 54.71
CA LYS AA 315 -130.95 59.80 55.84
C LYS AA 315 -132.20 59.04 55.37
N ASP AA 316 -132.99 59.66 54.51
CA ASP AA 316 -134.25 59.09 54.00
C ASP AA 316 -134.05 58.00 52.92
N LYS AA 317 -132.86 57.87 52.33
CA LYS AA 317 -132.55 56.78 51.37
C LYS AA 317 -132.22 55.46 52.06
N HIS AA 318 -131.70 55.53 53.30
CA HIS AA 318 -131.30 54.34 54.12
C HIS AA 318 -132.17 54.26 55.39
N ASN AA 319 -133.36 54.84 55.39
CA ASN AA 319 -134.34 54.77 56.49
C ASN AA 319 -133.70 55.06 57.87
N ILE AA 320 -132.71 55.94 57.91
CA ILE AA 320 -131.97 56.28 59.12
C ILE AA 320 -132.86 57.08 60.08
N THR AA 321 -132.90 56.66 61.34
CA THR AA 321 -133.68 57.34 62.40
C THR AA 321 -132.82 58.17 63.33
N THR AA 322 -131.52 57.86 63.48
CA THR AA 322 -130.62 58.51 64.44
C THR AA 322 -129.20 58.62 63.90
N TYR AA 323 -128.39 59.49 64.50
CA TYR AA 323 -126.96 59.55 64.20
C TYR AA 323 -126.24 58.21 64.47
N LYS AA 324 -126.73 57.38 65.42
CA LYS AA 324 -126.26 56.01 65.63
C LYS AA 324 -126.42 55.15 64.36
N GLU AA 325 -127.56 55.22 63.68
CA GLU AA 325 -127.76 54.55 62.39
C GLU AA 325 -127.00 55.23 61.23
N PHE AA 326 -126.77 56.54 61.29
CA PHE AA 326 -125.89 57.21 60.35
C PHE AA 326 -124.43 56.74 60.49
N LEU AA 327 -123.92 56.59 61.72
CA LEU AA 327 -122.60 56.01 62.02
C LEU AA 327 -122.46 54.59 61.48
N THR AA 328 -123.48 53.73 61.64
CA THR AA 328 -123.35 52.32 61.23
C THR AA 328 -123.58 52.14 59.73
N LYS AA 329 -124.59 52.79 59.14
CA LYS AA 329 -124.86 52.65 57.69
C LYS AA 329 -123.97 53.54 56.81
N GLY AA 330 -123.68 54.77 57.25
CA GLY AA 330 -123.16 55.84 56.39
C GLY AA 330 -121.71 56.25 56.63
N ALA AA 331 -121.01 55.69 57.61
CA ALA AA 331 -119.60 56.00 57.81
C ALA AA 331 -118.70 55.55 56.65
N GLY AA 332 -117.66 56.35 56.36
CA GLY AA 332 -116.74 56.13 55.24
C GLY AA 332 -115.40 55.56 55.66
N ASN AA 333 -114.80 54.67 54.86
CA ASN AA 333 -113.45 54.19 55.18
C ASN AA 333 -112.42 55.24 54.66
N PRO AA 334 -111.41 55.64 55.45
CA PRO AA 334 -110.53 56.75 55.09
C PRO AA 334 -109.67 56.44 53.84
N PHE AA 335 -109.51 55.16 53.53
CA PHE AA 335 -108.74 54.66 52.40
C PHE AA 335 -109.60 54.43 51.14
N HIS AA 336 -110.87 54.84 51.12
CA HIS AA 336 -111.65 54.85 49.88
C HIS AA 336 -111.02 55.81 48.86
N ALA AA 337 -111.21 55.57 47.56
CA ALA AA 337 -110.49 56.25 46.47
C ALA AA 337 -110.62 57.79 46.45
N GLU AA 338 -111.66 58.36 47.06
CA GLU AA 338 -111.78 59.82 47.21
C GLU AA 338 -111.22 60.33 48.55
N TRP AA 339 -111.33 59.59 49.65
CA TRP AA 339 -110.81 60.01 50.95
C TRP AA 339 -109.29 59.78 51.10
N ILE AA 340 -108.72 58.77 50.44
CA ILE AA 340 -107.30 58.39 50.52
C ILE AA 340 -106.35 59.54 50.15
N THR AA 341 -106.71 60.34 49.16
CA THR AA 341 -105.98 61.55 48.71
C THR AA 341 -106.81 62.83 48.90
N ALA AA 342 -107.91 62.76 49.66
CA ALA AA 342 -108.85 63.86 49.90
C ALA AA 342 -109.28 64.58 48.61
N GLN AA 343 -109.63 63.81 47.56
CA GLN AA 343 -110.21 64.36 46.33
C GLN AA 343 -111.45 65.20 46.64
N ASN AA 344 -112.29 64.70 47.55
CA ASN AA 344 -113.30 65.47 48.27
C ASN AA 344 -112.75 65.74 49.69
N PRO AA 345 -112.92 66.95 50.26
CA PRO AA 345 -112.23 67.33 51.49
C PRO AA 345 -112.41 66.36 52.65
N VAL AA 346 -111.33 66.21 53.43
CA VAL AA 346 -111.25 65.37 54.64
C VAL AA 346 -110.73 66.23 55.79
N ILE AA 347 -111.38 66.12 56.93
CA ILE AA 347 -111.19 66.99 58.08
C ILE AA 347 -110.61 66.18 59.25
N HIS AA 348 -109.50 66.62 59.82
CA HIS AA 348 -108.84 66.02 60.97
C HIS AA 348 -109.14 66.85 62.23
N THR AA 349 -109.50 66.22 63.35
CA THR AA 349 -109.89 66.93 64.58
C THR AA 349 -109.62 66.11 65.84
N ALA AA 350 -109.45 66.78 66.98
CA ALA AA 350 -109.47 66.13 68.29
C ALA AA 350 -110.90 65.74 68.73
N ASN AA 351 -111.94 66.33 68.14
CA ASN AA 351 -113.31 66.11 68.59
C ASN AA 351 -113.83 64.72 68.22
N SER AA 352 -113.98 63.86 69.24
CA SER AA 352 -114.45 62.48 69.05
C SER AA 352 -115.87 62.44 68.51
N PRO AA 353 -116.20 61.48 67.62
CA PRO AA 353 -117.56 61.27 67.15
C PRO AA 353 -118.56 61.12 68.30
N THR AA 354 -118.16 60.57 69.45
CA THR AA 354 -119.06 60.44 70.61
C THR AA 354 -119.41 61.78 71.25
N GLN AA 355 -118.55 62.80 71.18
CA GLN AA 355 -118.97 64.15 71.55
C GLN AA 355 -120.01 64.69 70.54
N ILE AA 356 -119.81 64.42 69.23
CA ILE AA 356 -120.83 64.72 68.21
C ILE AA 356 -122.12 63.91 68.45
N GLU AA 357 -122.04 62.64 68.88
CA GLU AA 357 -123.20 61.82 69.27
C GLU AA 357 -123.95 62.53 70.40
N GLN AA 358 -123.26 62.97 71.45
CA GLN AA 358 -123.89 63.71 72.55
C GLN AA 358 -124.58 64.97 72.04
N ILE AA 359 -123.98 65.74 71.13
CA ILE AA 359 -124.63 66.93 70.55
C ILE AA 359 -125.88 66.56 69.73
N TYR AA 360 -125.80 65.55 68.85
CA TYR AA 360 -126.97 65.06 68.10
C TYR AA 360 -128.07 64.52 69.01
N THR AA 361 -127.72 63.56 69.88
CA THR AA 361 -128.70 62.85 70.72
C THR AA 361 -129.32 63.77 71.76
N ALA AA 362 -128.57 64.73 72.31
CA ALA AA 362 -129.13 65.73 73.22
C ALA AA 362 -130.24 66.55 72.53
N SER AA 363 -130.04 66.99 71.29
CA SER AA 363 -131.14 67.47 70.43
C SER AA 363 -130.79 67.44 68.94
N THR AA 364 -131.56 66.65 68.18
CA THR AA 364 -131.44 66.51 66.72
C THR AA 364 -131.76 67.82 65.99
N THR AA 365 -132.65 68.63 66.55
CA THR AA 365 -133.01 69.96 66.02
C THR AA 365 -131.84 70.95 66.14
N THR AA 366 -131.01 70.87 67.18
CA THR AA 366 -129.81 71.72 67.30
C THR AA 366 -128.61 71.16 66.53
N PHE AA 367 -128.64 69.90 66.07
CA PHE AA 367 -127.63 69.36 65.15
C PHE AA 367 -127.66 70.09 63.78
N GLN AA 368 -128.85 70.54 63.34
CA GLN AA 368 -129.00 71.43 62.19
C GLN AA 368 -128.32 72.79 62.45
N ASN AA 369 -128.49 73.34 63.65
CA ASN AA 369 -127.98 74.67 64.00
C ASN AA 369 -126.47 74.68 64.23
N LYS AA 370 -125.92 73.67 64.92
CA LYS AA 370 -124.50 73.62 65.30
C LYS AA 370 -123.59 73.47 64.06
N LYS AA 371 -122.51 74.26 64.06
CA LYS AA 371 -121.41 74.22 63.09
C LYS AA 371 -120.12 73.77 63.77
N LEU AA 372 -119.01 73.73 63.02
CA LEU AA 372 -117.68 73.42 63.54
C LEU AA 372 -117.13 74.48 64.52
N THR AA 373 -117.67 75.71 64.49
CA THR AA 373 -117.50 76.69 65.58
C THR AA 373 -118.13 76.20 66.89
N ASP AA 374 -117.56 76.59 68.02
CA ASP AA 374 -118.08 76.32 69.37
C ASP AA 374 -118.35 74.83 69.68
N LEU AA 375 -117.65 73.91 69.01
CA LEU AA 375 -117.65 72.49 69.33
C LEU AA 375 -116.63 72.15 70.43
N PRO AA 376 -116.81 71.04 71.17
CA PRO AA 376 -115.79 70.57 72.10
C PRO AA 376 -114.52 70.17 71.36
N THR AA 377 -113.35 70.47 71.96
CA THR AA 377 -112.00 70.21 71.40
C THR AA 377 -111.95 70.39 69.88
N PRO AA 378 -112.26 71.58 69.32
CA PRO AA 378 -112.38 71.73 67.87
C PRO AA 378 -111.10 72.02 67.09
N GLY AA 379 -110.24 71.01 66.90
CA GLY AA 379 -109.00 71.17 66.11
C GLY AA 379 -109.30 70.82 64.67
N TYR AA 380 -110.42 71.30 64.12
CA TYR AA 380 -110.83 70.98 62.73
C TYR AA 380 -109.82 71.57 61.74
N ILE AA 381 -109.12 70.73 60.98
CA ILE AA 381 -108.08 71.17 60.00
C ILE AA 381 -108.37 70.46 58.67
N PHE AA 382 -107.66 70.75 57.58
CA PHE AA 382 -107.81 69.99 56.30
C PHE AA 382 -106.54 69.16 56.10
N ILE AA 383 -106.61 67.84 56.32
CA ILE AA 383 -105.43 66.96 56.25
C ILE AA 383 -105.68 65.83 55.24
N THR AA 384 -104.68 65.46 54.45
CA THR AA 384 -104.77 64.38 53.46
C THR AA 384 -104.11 63.10 54.01
N PRO AA 385 -104.79 61.94 54.02
CA PRO AA 385 -104.19 60.68 54.50
C PRO AA 385 -102.94 60.26 53.71
N THR AA 386 -102.91 60.57 52.41
CA THR AA 386 -101.78 60.32 51.51
C THR AA 386 -101.01 61.59 51.19
N VAL AA 387 -99.69 61.48 51.09
CA VAL AA 387 -98.82 62.44 50.41
C VAL AA 387 -98.03 61.72 49.31
N SER AA 388 -97.71 62.42 48.21
CA SER AA 388 -96.84 61.91 47.16
C SER AA 388 -95.45 62.55 47.28
N LEU AA 389 -94.41 61.71 47.37
CA LEU AA 389 -93.02 62.11 47.38
C LEU AA 389 -92.40 61.91 45.99
N ARG AA 390 -91.33 62.66 45.67
CA ARG AA 390 -90.47 62.39 44.52
C ARG AA 390 -89.13 61.84 44.99
N TYR AA 391 -88.71 60.72 44.41
CA TYR AA 391 -87.43 60.08 44.67
C TYR AA 391 -86.58 60.11 43.41
N ASN AA 392 -85.31 60.49 43.54
CA ASN AA 392 -84.34 60.45 42.47
C ASN AA 392 -83.18 59.53 42.88
N PRO AA 393 -82.90 58.43 42.15
CA PRO AA 393 -81.87 57.48 42.55
C PRO AA 393 -80.46 58.06 42.50
N TYR AA 394 -80.23 59.04 41.61
CA TYR AA 394 -78.88 59.64 41.42
C TYR AA 394 -78.64 60.65 42.53
N LYS AA 395 -79.69 61.10 43.22
CA LYS AA 395 -79.57 62.07 44.34
C LYS AA 395 -79.49 61.32 45.67
N ASP AA 396 -79.45 59.98 45.63
CA ASP AA 396 -79.47 59.16 46.88
C ASP AA 396 -78.04 58.80 47.31
N LEU AA 397 -77.66 59.12 48.55
CA LEU AA 397 -76.30 58.90 49.04
C LEU AA 397 -76.23 57.80 50.12
N ALA AA 398 -77.36 57.21 50.49
CA ALA AA 398 -77.41 56.08 51.42
C ALA AA 398 -76.76 56.32 52.80
N GLU AA 399 -76.70 57.55 53.32
CA GLU AA 399 -76.01 57.83 54.59
C GLU AA 399 -76.87 57.49 55.81
N ARG AA 400 -78.21 57.59 55.69
CA ARG AA 400 -79.16 57.32 56.78
C ARG AA 400 -80.38 56.54 56.30
N ASN AA 401 -80.23 55.79 55.20
CA ASN AA 401 -81.25 54.91 54.66
C ASN AA 401 -81.47 53.70 55.58
N LYS AA 402 -82.72 53.23 55.68
CA LYS AA 402 -83.12 52.17 56.61
C LYS AA 402 -84.43 51.53 56.15
N CYS AA 403 -84.70 50.28 56.53
CA CYS AA 403 -85.86 49.53 56.04
C CYS AA 403 -86.21 48.38 57.01
N TYR AA 404 -87.49 48.20 57.34
CA TYR AA 404 -87.96 47.13 58.24
C TYR AA 404 -89.47 46.91 58.16
N PHE AA 405 -89.96 45.80 58.69
CA PHE AA 405 -91.39 45.47 58.78
C PHE AA 405 -91.93 45.68 60.20
N VAL AA 406 -93.11 46.29 60.30
CA VAL AA 406 -93.87 46.45 61.55
C VAL AA 406 -95.20 45.71 61.45
N ARG AA 407 -95.78 45.31 62.58
CA ARG AA 407 -97.04 44.55 62.65
C ARG AA 407 -98.22 45.45 62.33
N SER AA 408 -99.03 45.13 61.31
CA SER AA 408 -100.16 45.98 60.89
C SER AA 408 -101.39 45.75 61.77
N LYS AA 409 -101.86 44.50 61.95
CA LYS AA 409 -102.95 44.15 62.87
C LYS AA 409 -102.46 43.94 64.30
N ILE AA 410 -102.01 45.00 64.97
CA ILE AA 410 -101.84 45.03 66.43
C ILE AA 410 -102.21 46.41 66.99
N ASN AA 411 -102.56 46.43 68.28
CA ASN AA 411 -102.89 47.65 69.00
C ASN AA 411 -101.63 48.35 69.55
N ALA AA 412 -100.72 48.78 68.67
CA ALA AA 412 -99.49 49.48 69.04
C ALA AA 412 -99.28 50.76 68.23
N HIS AA 413 -98.93 51.84 68.92
CA HIS AA 413 -98.76 53.16 68.33
C HIS AA 413 -97.39 53.31 67.66
N GLY AA 414 -97.32 54.18 66.65
CA GLY AA 414 -96.07 54.66 66.07
C GLY AA 414 -95.40 53.68 65.12
N TRP AA 415 -94.32 54.14 64.51
CA TRP AA 415 -93.65 53.52 63.36
C TRP AA 415 -92.19 53.11 63.64
N ASP AA 416 -91.72 53.27 64.88
CA ASP AA 416 -90.29 52.99 65.21
C ASP AA 416 -89.94 51.54 64.82
N PRO AA 417 -88.66 51.23 64.48
CA PRO AA 417 -88.26 49.86 64.20
C PRO AA 417 -88.60 49.05 65.44
N GLU AA 418 -89.29 47.92 65.27
CA GLU AA 418 -89.74 47.10 66.42
C GLU AA 418 -89.52 45.61 66.12
N GLN AA 419 -89.80 44.74 67.10
CA GLN AA 419 -89.65 43.28 66.92
C GLN AA 419 -88.18 42.97 66.56
N HIS AA 420 -87.90 42.32 65.43
CA HIS AA 420 -86.53 41.91 65.04
C HIS AA 420 -85.67 43.13 64.71
N GLN AA 421 -84.64 43.41 65.51
CA GLN AA 421 -83.70 44.53 65.24
C GLN AA 421 -82.56 44.00 64.38
N GLU AA 422 -82.39 42.67 64.30
CA GLU AA 422 -81.39 42.08 63.40
C GLU AA 422 -81.88 42.04 61.94
N LEU AA 423 -83.18 42.15 61.71
CA LEU AA 423 -83.78 42.18 60.36
C LEU AA 423 -83.80 43.58 59.76
N ILE AA 424 -83.50 44.64 60.52
CA ILE AA 424 -83.37 45.99 59.98
C ILE AA 424 -82.26 46.01 58.93
N ASN AA 425 -82.58 46.54 57.73
CA ASN AA 425 -81.62 46.68 56.58
C ASN AA 425 -81.25 48.16 56.44
N SER AA 426 -79.98 48.53 56.46
CA SER AA 426 -79.51 49.92 56.55
C SER AA 426 -78.38 50.23 55.56
N ASP AA 427 -78.19 51.52 55.27
CA ASP AA 427 -77.00 52.08 54.63
C ASP AA 427 -76.70 51.59 53.19
N LEU AA 428 -77.73 51.37 52.39
CA LEU AA 428 -77.63 51.16 50.93
C LEU AA 428 -78.64 52.09 50.24
N PRO AA 429 -78.43 52.48 48.97
CA PRO AA 429 -79.41 53.30 48.27
C PRO AA 429 -80.73 52.55 48.14
N GLN AA 430 -81.89 53.22 48.27
CA GLN AA 430 -83.24 52.57 48.34
C GLN AA 430 -83.54 51.53 47.24
N TRP AA 431 -83.03 51.71 46.02
CA TRP AA 431 -83.20 50.74 44.95
C TRP AA 431 -82.39 49.45 45.18
N LEU AA 432 -81.28 49.51 45.92
CA LEU AA 432 -80.52 48.35 46.36
C LEU AA 432 -81.04 47.82 47.70
N LEU AA 433 -81.40 48.70 48.63
CA LEU AA 433 -81.86 48.34 49.96
C LEU AA 433 -83.17 47.53 49.93
N LEU AA 434 -84.11 47.88 49.06
CA LEU AA 434 -85.40 47.21 48.96
C LEU AA 434 -85.33 45.91 48.12
N PHE AA 435 -84.35 45.74 47.24
CA PHE AA 435 -84.33 44.65 46.28
C PHE AA 435 -84.26 43.28 46.97
N GLY AA 436 -85.28 42.44 46.81
CA GLY AA 436 -85.34 41.12 47.43
C GLY AA 436 -85.47 41.11 48.97
N TYR AA 437 -85.55 42.27 49.63
CA TYR AA 437 -85.65 42.32 51.09
C TYR AA 437 -86.95 41.69 51.63
N PRO AA 438 -88.14 41.95 51.07
CA PRO AA 438 -89.35 41.23 51.47
C PRO AA 438 -89.26 39.71 51.33
N ASP AA 439 -88.62 39.21 50.27
CA ASP AA 439 -88.43 37.77 50.10
C ASP AA 439 -87.42 37.18 51.08
N TYR AA 440 -86.34 37.88 51.41
CA TYR AA 440 -85.46 37.46 52.49
C TYR AA 440 -86.23 37.34 53.79
N ILE AA 441 -87.10 38.29 54.10
CA ILE AA 441 -87.92 38.28 55.31
C ILE AA 441 -88.92 37.12 55.29
N LYS AA 442 -89.63 36.90 54.19
CA LYS AA 442 -90.52 35.74 54.03
C LYS AA 442 -89.79 34.41 54.20
N ARG AA 443 -88.63 34.24 53.54
CA ARG AA 443 -87.85 32.97 53.62
C ARG AA 443 -87.27 32.80 55.03
N THR AA 444 -86.96 33.90 55.73
CA THR AA 444 -86.50 33.84 57.12
C THR AA 444 -87.58 33.33 58.08
N GLN AA 445 -88.86 33.57 57.79
CA GLN AA 445 -90.01 32.99 58.57
C GLN AA 445 -90.02 33.47 60.04
N ASN AA 446 -89.35 34.57 60.37
CA ASN AA 446 -89.38 35.16 61.72
C ASN AA 446 -90.62 36.03 61.97
N PHE AA 447 -91.48 36.21 60.98
CA PHE AA 447 -92.75 36.93 61.07
C PHE AA 447 -93.93 36.05 60.64
N ALA AA 448 -95.13 36.32 61.15
CA ALA AA 448 -96.34 35.63 60.69
C ALA AA 448 -96.54 35.91 59.19
N LEU AA 449 -96.70 34.85 58.41
CA LEU AA 449 -96.32 34.86 56.99
C LEU AA 449 -97.17 35.76 56.09
N VAL AA 450 -98.41 36.07 56.51
CA VAL AA 450 -99.40 36.68 55.61
C VAL AA 450 -99.14 38.18 55.37
N ASP AA 451 -99.21 38.60 54.10
CA ASP AA 451 -98.93 40.02 53.71
C ASP AA 451 -99.84 41.01 54.43
N THR AA 452 -101.03 40.59 54.84
CA THR AA 452 -102.00 41.49 55.47
C THR AA 452 -101.64 41.88 56.90
N ASN AA 453 -100.70 41.17 57.54
CA ASN AA 453 -100.43 41.34 58.97
C ASN AA 453 -99.18 42.18 59.26
N TYR AA 454 -98.49 42.67 58.22
CA TYR AA 454 -97.31 43.52 58.35
C TYR AA 454 -97.36 44.69 57.36
N ILE AA 455 -96.61 45.73 57.67
CA ILE AA 455 -96.33 46.88 56.80
C ILE AA 455 -94.81 47.00 56.69
N LEU AA 456 -94.33 47.34 55.51
CA LEU AA 456 -92.97 47.76 55.23
C LEU AA 456 -92.85 49.28 55.43
N VAL AA 457 -91.83 49.68 56.18
CA VAL AA 457 -91.54 51.06 56.60
C VAL AA 457 -90.09 51.35 56.25
N ASP AA 458 -89.78 52.50 55.65
CA ASP AA 458 -88.39 52.85 55.31
C ASP AA 458 -88.08 54.32 55.56
N HIS AA 459 -86.83 54.62 55.93
CA HIS AA 459 -86.32 55.97 56.10
C HIS AA 459 -85.40 56.32 54.94
N CYS AA 460 -85.56 57.51 54.37
CA CYS AA 460 -84.73 57.99 53.27
C CYS AA 460 -84.68 59.53 53.31
N PRO AA 461 -83.54 60.14 53.65
CA PRO AA 461 -83.34 61.60 53.61
C PRO AA 461 -83.55 62.25 52.24
N TYR AA 462 -83.51 61.47 51.15
CA TYR AA 462 -83.21 61.96 49.81
C TYR AA 462 -84.42 62.19 48.90
N THR AA 463 -85.65 61.96 49.37
CA THR AA 463 -86.82 62.50 48.68
C THR AA 463 -86.87 64.02 48.82
N ASN AA 464 -87.41 64.72 47.81
CA ASN AA 464 -87.39 66.19 47.81
C ASN AA 464 -88.33 66.80 48.86
N PRO AA 465 -89.63 66.45 48.90
CA PRO AA 465 -90.41 66.49 50.14
C PRO AA 465 -89.99 65.32 51.03
N GLU AA 466 -90.36 65.33 52.30
CA GLU AA 466 -90.00 64.26 53.24
C GLU AA 466 -91.16 63.90 54.18
N LYS AA 467 -91.10 62.68 54.71
CA LYS AA 467 -91.82 62.20 55.89
C LYS AA 467 -90.84 61.34 56.68
N THR AA 468 -90.89 61.36 58.02
CA THR AA 468 -89.83 60.78 58.86
C THR AA 468 -89.58 59.31 58.54
N PRO AA 469 -90.55 58.38 58.71
CA PRO AA 469 -90.62 57.18 57.90
C PRO AA 469 -91.52 57.40 56.67
N PHE AA 470 -91.40 56.46 55.73
CA PHE AA 470 -92.31 56.40 54.56
C PHE AA 470 -93.11 55.13 54.72
N ILE AA 471 -94.38 55.12 54.32
CA ILE AA 471 -95.19 53.87 54.32
C ILE AA 471 -95.59 53.68 52.86
N PRO AA 472 -94.70 53.25 51.94
CA PRO AA 472 -95.03 53.22 50.52
C PRO AA 472 -96.37 52.55 50.26
N LEU AA 473 -97.17 53.07 49.35
CA LEU AA 473 -98.45 52.49 48.92
C LEU AA 473 -98.52 52.44 47.40
N SER AA 474 -99.01 51.34 46.85
CA SER AA 474 -99.10 51.19 45.40
C SER AA 474 -100.20 52.06 44.82
N THR AA 475 -100.02 52.51 43.59
CA THR AA 475 -101.01 53.29 42.83
C THR AA 475 -102.37 52.58 42.79
N SER AA 476 -102.41 51.25 42.76
CA SER AA 476 -103.65 50.48 42.86
C SER AA 476 -104.42 50.73 44.17
N PHE AA 477 -103.77 50.77 45.32
CA PHE AA 477 -104.43 51.08 46.59
C PHE AA 477 -104.81 52.56 46.72
N ILE AA 478 -103.98 53.45 46.18
CA ILE AA 478 -104.27 54.88 46.07
C ILE AA 478 -105.41 55.18 45.07
N GLU AA 479 -105.74 54.23 44.19
CA GLU AA 479 -106.82 54.32 43.21
C GLU AA 479 -108.00 53.36 43.49
N GLY AA 480 -108.02 52.69 44.65
CA GLY AA 480 -109.14 51.81 45.01
C GLY AA 480 -109.28 50.57 44.13
N ARG AA 481 -108.20 49.78 44.02
CA ARG AA 481 -108.18 48.58 43.14
C ARG AA 481 -107.30 47.47 43.75
N SER AA 482 -107.56 46.22 43.39
CA SER AA 482 -106.81 45.07 43.94
C SER AA 482 -105.30 45.10 43.56
N PRO AA 483 -104.40 44.50 44.37
CA PRO AA 483 -102.95 44.68 44.27
C PRO AA 483 -102.33 44.55 42.86
N TYR AA 484 -102.82 43.61 42.05
CA TYR AA 484 -102.38 43.40 40.66
C TYR AA 484 -103.58 43.33 39.69
N SER AA 485 -104.55 44.23 39.84
CA SER AA 485 -105.75 44.29 38.98
C SER AA 485 -105.65 45.40 37.93
N PRO AA 486 -106.10 45.17 36.69
CA PRO AA 486 -105.96 46.14 35.60
C PRO AA 486 -106.74 47.44 35.85
N SER AA 487 -106.17 48.56 35.43
CA SER AA 487 -106.64 49.92 35.72
C SER AA 487 -108.07 50.24 35.25
N ASP AA 488 -108.66 49.42 34.35
CA ASP AA 488 -110.08 49.61 33.93
C ASP AA 488 -111.01 49.38 35.12
N THR AA 489 -110.56 48.63 36.12
CA THR AA 489 -111.30 48.34 37.34
C THR AA 489 -111.26 49.54 38.31
N HIS AA 490 -112.38 49.83 39.00
CA HIS AA 490 -112.48 50.98 39.96
C HIS AA 490 -113.01 50.49 41.32
N GLU AA 491 -112.86 49.21 41.66
CA GLU AA 491 -113.21 48.62 42.95
C GLU AA 491 -112.28 47.44 43.26
N PRO AA 492 -111.98 47.15 44.53
CA PRO AA 492 -111.38 45.87 44.90
C PRO AA 492 -112.30 44.68 44.54
N ASP AA 493 -111.71 43.52 44.29
CA ASP AA 493 -112.42 42.22 44.28
C ASP AA 493 -112.84 41.84 45.72
N GLU AA 494 -113.87 41.00 45.91
CA GLU AA 494 -114.52 40.80 47.22
C GLU AA 494 -113.56 40.53 48.40
N GLU AA 495 -112.53 39.71 48.19
CA GLU AA 495 -111.54 39.40 49.23
C GLU AA 495 -110.62 40.60 49.57
N ASP AA 496 -110.42 41.53 48.63
CA ASP AA 496 -109.77 42.83 48.86
C ASP AA 496 -110.77 43.94 49.21
N GLN AA 497 -112.09 43.75 49.01
CA GLN AA 497 -113.09 44.66 49.58
C GLN AA 497 -113.12 44.51 51.10
N ASN AA 498 -112.98 43.27 51.58
CA ASN AA 498 -112.53 42.97 52.94
C ASN AA 498 -111.02 43.30 53.09
N ARG AA 499 -110.64 43.53 54.35
CA ARG AA 499 -109.23 43.82 54.71
C ARG AA 499 -108.70 45.01 53.90
N TRP AA 500 -109.53 46.02 53.59
CA TRP AA 500 -109.12 47.21 52.80
C TRP AA 500 -108.40 48.22 53.70
N TYR AA 501 -107.18 47.89 54.13
CA TYR AA 501 -106.38 48.73 55.03
C TYR AA 501 -104.88 48.59 54.72
N PRO AA 502 -104.02 49.56 55.11
CA PRO AA 502 -102.58 49.49 54.87
C PRO AA 502 -101.92 48.18 55.34
N CYS AA 503 -101.32 47.47 54.40
CA CYS AA 503 -100.51 46.28 54.65
C CYS AA 503 -99.62 45.98 53.44
N TYR AA 504 -98.60 45.15 53.63
CA TYR AA 504 -97.58 44.84 52.63
C TYR AA 504 -98.15 44.38 51.28
N GLN AA 505 -99.31 43.71 51.27
CA GLN AA 505 -99.95 43.26 50.01
C GLN AA 505 -100.25 44.46 49.09
N TYR AA 506 -100.60 45.62 49.63
CA TYR AA 506 -100.85 46.82 48.85
C TYR AA 506 -99.58 47.65 48.61
N GLN AA 507 -98.46 47.36 49.25
CA GLN AA 507 -97.20 48.08 49.06
C GLN AA 507 -96.33 47.52 47.93
N GLN AA 508 -96.57 46.29 47.48
CA GLN AA 508 -95.66 45.54 46.62
C GLN AA 508 -95.26 46.26 45.32
N GLU AA 509 -96.21 46.83 44.60
CA GLU AA 509 -95.90 47.50 43.33
C GLU AA 509 -95.09 48.79 43.56
N SER AA 510 -95.29 49.50 44.68
CA SER AA 510 -94.51 50.69 44.99
C SER AA 510 -93.04 50.39 45.25
N ILE AA 511 -92.71 49.35 46.02
CA ILE AA 511 -91.30 49.00 46.26
C ILE AA 511 -90.67 48.36 45.03
N ASN AA 512 -91.44 47.64 44.20
CA ASN AA 512 -90.94 47.22 42.90
C ASN AA 512 -90.60 48.43 42.03
N SER AA 513 -91.44 49.46 42.01
CA SER AA 513 -91.21 50.70 41.27
C SER AA 513 -89.95 51.45 41.74
N ILE AA 514 -89.69 51.47 43.05
CA ILE AA 514 -88.43 52.00 43.60
C ILE AA 514 -87.23 51.15 43.14
N CYS AA 515 -87.32 49.83 43.16
CA CYS AA 515 -86.25 48.96 42.63
C CYS AA 515 -86.01 49.15 41.13
N LEU AA 516 -87.06 49.33 40.34
CA LEU AA 516 -86.98 49.66 38.91
C LEU AA 516 -86.29 51.00 38.65
N SER AA 517 -86.23 51.92 39.61
CA SER AA 517 -85.43 53.12 39.45
C SER AA 517 -83.93 52.84 39.46
N GLY AA 518 -83.49 51.69 40.00
CA GLY AA 518 -82.10 51.30 40.04
C GLY AA 518 -81.55 50.79 38.71
N PRO AA 519 -80.23 50.81 38.52
CA PRO AA 519 -79.58 50.41 37.27
C PRO AA 519 -79.69 48.91 36.99
N GLY AA 520 -79.57 48.55 35.72
CA GLY AA 520 -79.59 47.19 35.19
C GLY AA 520 -80.98 46.55 35.10
N THR AA 521 -82.01 47.13 35.70
CA THR AA 521 -83.36 46.57 35.71
C THR AA 521 -83.99 46.61 34.31
N PRO AA 522 -84.53 45.50 33.79
CA PRO AA 522 -84.97 45.41 32.40
C PRO AA 522 -86.27 46.16 32.09
N LYS AA 523 -86.46 46.47 30.81
CA LYS AA 523 -87.72 46.99 30.22
C LYS AA 523 -88.48 45.82 29.59
N ILE AA 524 -89.67 45.51 30.09
CA ILE AA 524 -90.52 44.44 29.54
C ILE AA 524 -91.87 45.04 29.16
N PRO AA 525 -92.31 44.99 27.90
CA PRO AA 525 -93.63 45.50 27.51
C PRO AA 525 -94.77 44.86 28.30
N LYS AA 526 -95.80 45.63 28.63
CA LYS AA 526 -96.97 45.11 29.36
C LYS AA 526 -97.66 44.01 28.56
N GLY AA 527 -98.01 42.91 29.24
CA GLY AA 527 -98.57 41.70 28.63
C GLY AA 527 -97.54 40.71 28.07
N ILE AA 528 -96.23 41.01 28.13
CA ILE AA 528 -95.17 40.07 27.78
C ILE AA 528 -94.54 39.52 29.06
N THR AA 529 -94.31 38.21 29.11
CA THR AA 529 -93.56 37.55 30.18
C THR AA 529 -92.21 37.13 29.63
N ALA AA 530 -91.13 37.63 30.23
CA ALA AA 530 -89.79 37.17 29.92
C ALA AA 530 -89.46 35.90 30.71
N GLU AA 531 -88.66 35.01 30.15
CA GLU AA 531 -88.37 33.70 30.72
C GLU AA 531 -86.90 33.37 30.50
N ALA AA 532 -86.33 32.53 31.35
CA ALA AA 532 -85.01 31.94 31.13
C ALA AA 532 -84.99 30.48 31.56
N LYS AA 533 -84.18 29.67 30.89
CA LYS AA 533 -84.04 28.24 31.21
C LYS AA 533 -82.60 27.77 31.11
N VAL AA 534 -82.30 26.74 31.89
CA VAL AA 534 -81.05 25.97 31.81
C VAL AA 534 -81.41 24.52 31.49
N LYS AA 535 -80.58 23.83 30.72
CA LYS AA 535 -80.61 22.38 30.62
C LYS AA 535 -79.51 21.81 31.49
N TYR AA 536 -79.86 20.90 32.38
CA TYR AA 536 -78.93 20.27 33.31
C TYR AA 536 -78.70 18.81 32.97
N SER AA 537 -77.54 18.30 33.37
CA SER AA 537 -77.21 16.89 33.37
C SER AA 537 -76.39 16.56 34.60
N PHE AA 538 -77.01 15.99 35.63
CA PHE AA 538 -76.30 15.53 36.82
C PHE AA 538 -75.80 14.11 36.62
N ASN AA 539 -74.54 13.85 36.93
CA ASN AA 539 -73.91 12.56 36.71
C ASN AA 539 -73.84 11.77 38.01
N PHE AA 540 -74.45 10.60 38.02
CA PHE AA 540 -74.48 9.67 39.14
C PHE AA 540 -74.04 8.29 38.67
N LYS AA 541 -73.62 7.46 39.62
CA LYS AA 541 -73.58 6.02 39.48
C LYS AA 541 -74.44 5.42 40.57
N TRP AA 542 -75.14 4.33 40.29
CA TRP AA 542 -75.88 3.54 41.25
C TRP AA 542 -75.13 2.25 41.52
N GLY AA 543 -75.01 1.84 42.78
CA GLY AA 543 -74.23 0.69 43.18
C GLY AA 543 -75.03 -0.30 44.01
N GLY AA 544 -74.74 -1.58 43.85
CA GLY AA 544 -75.40 -2.62 44.65
C GLY AA 544 -74.96 -4.03 44.29
N ASP AA 545 -75.48 -5.00 45.02
CA ASP AA 545 -75.50 -6.40 44.59
C ASP AA 545 -76.48 -6.60 43.43
N LEU AA 546 -76.29 -7.66 42.65
CA LEU AA 546 -77.06 -7.91 41.43
C LEU AA 546 -78.57 -8.03 41.73
N PRO AA 547 -79.45 -7.31 41.01
CA PRO AA 547 -80.89 -7.35 41.22
C PRO AA 547 -81.58 -8.54 40.51
N PRO AA 548 -82.83 -8.86 40.89
CA PRO AA 548 -83.69 -9.81 40.17
C PRO AA 548 -84.27 -9.22 38.86
N MET AA 549 -84.87 -10.07 38.02
CA MET AA 549 -85.44 -9.70 36.70
C MET AA 549 -86.57 -10.66 36.28
N SER AA 550 -87.43 -10.27 35.34
CA SER AA 550 -88.55 -11.09 34.82
C SER AA 550 -88.70 -11.04 33.29
N THR AA 551 -89.47 -11.99 32.72
CA THR AA 551 -89.53 -12.28 31.28
C THR AA 551 -90.96 -12.46 30.77
N ILE AA 552 -91.14 -12.37 29.45
CA ILE AA 552 -92.44 -12.36 28.74
C ILE AA 552 -92.54 -13.58 27.82
N THR AA 553 -93.73 -14.17 27.66
CA THR AA 553 -93.94 -15.32 26.76
C THR AA 553 -93.55 -14.98 25.33
N ASN AA 554 -92.96 -15.92 24.59
CA ASN AA 554 -92.64 -15.71 23.17
C ASN AA 554 -93.89 -15.64 22.25
N PRO AA 555 -94.92 -16.52 22.37
CA PRO AA 555 -96.04 -16.50 21.45
C PRO AA 555 -96.86 -15.23 21.52
N THR AA 556 -97.16 -14.72 22.72
CA THR AA 556 -97.90 -13.45 22.89
C THR AA 556 -96.88 -12.34 23.07
N ASP AA 557 -96.28 -11.88 21.97
CA ASP AA 557 -95.21 -10.84 22.02
C ASP AA 557 -95.31 -9.96 20.77
N GLN AA 558 -94.49 -8.92 20.66
CA GLN AA 558 -94.51 -8.00 19.48
C GLN AA 558 -94.65 -8.86 18.21
N PRO AA 559 -95.78 -8.78 17.47
CA PRO AA 559 -95.97 -9.64 16.31
C PRO AA 559 -95.32 -9.06 15.06
N THR AA 560 -94.75 -9.94 14.21
CA THR AA 560 -94.16 -9.48 12.94
C THR AA 560 -95.26 -8.91 12.02
N TYR AA 561 -94.91 -7.98 11.12
CA TYR AA 561 -95.88 -7.36 10.21
C TYR AA 561 -96.70 -8.40 9.40
N VAL AA 562 -96.10 -9.56 9.12
CA VAL AA 562 -96.76 -10.70 8.46
C VAL AA 562 -97.98 -11.17 9.24
N LYS BA 48 2.09 -63.79 37.95
CA LYS BA 48 1.79 -63.67 39.40
C LYS BA 48 0.46 -64.33 39.76
N ARG BA 49 -0.68 -63.78 39.33
CA ARG BA 49 -2.01 -64.38 39.49
C ARG BA 49 -2.83 -64.23 38.21
N LEU BA 50 -3.63 -65.23 37.89
CA LEU BA 50 -4.44 -65.30 36.67
C LEU BA 50 -5.92 -65.46 37.00
N ASN BA 51 -6.79 -64.92 36.15
CA ASN BA 51 -8.22 -65.24 36.19
C ASN BA 51 -8.42 -66.72 35.85
N ILE BA 52 -9.29 -67.41 36.59
CA ILE BA 52 -9.76 -68.73 36.20
C ILE BA 52 -10.74 -68.57 35.03
N VAL BA 53 -10.58 -69.39 34.00
CA VAL BA 53 -11.33 -69.35 32.74
C VAL BA 53 -11.93 -70.72 32.48
N GLU BA 54 -13.14 -70.74 31.92
CA GLU BA 54 -13.83 -71.95 31.50
C GLU BA 54 -14.12 -71.89 30.00
N TRP BA 55 -14.09 -73.03 29.32
CA TRP BA 55 -14.46 -73.11 27.91
C TRP BA 55 -15.92 -73.47 27.77
N GLN BA 56 -16.65 -72.59 27.07
CA GLN BA 56 -18.11 -72.70 26.92
C GLN BA 56 -18.49 -73.98 26.19
N PRO BA 57 -19.58 -74.66 26.61
CA PRO BA 57 -20.01 -75.91 26.00
C PRO BA 57 -20.57 -75.72 24.59
N LYS BA 58 -20.59 -76.80 23.81
CA LYS BA 58 -20.85 -76.78 22.37
C LYS BA 58 -22.23 -76.23 21.99
N SER BA 59 -23.27 -76.58 22.74
CA SER BA 59 -24.62 -76.04 22.57
C SER BA 59 -25.21 -75.57 23.91
N ILE BA 60 -25.89 -74.44 23.90
CA ILE BA 60 -26.44 -73.77 25.08
C ILE BA 60 -27.90 -73.37 24.83
N ARG BA 61 -28.78 -73.58 25.82
CA ARG BA 61 -30.22 -73.22 25.71
C ARG BA 61 -30.78 -72.55 26.98
N LYS BA 62 -31.06 -71.25 26.95
CA LYS BA 62 -31.64 -70.51 28.07
C LYS BA 62 -33.01 -71.09 28.45
N CYS BA 63 -33.28 -71.23 29.75
CA CYS BA 63 -34.56 -71.68 30.27
C CYS BA 63 -34.94 -70.88 31.52
N ARG BA 64 -36.11 -70.20 31.46
CA ARG BA 64 -36.68 -69.50 32.63
C ARG BA 64 -37.78 -70.37 33.27
N ILE BA 65 -37.49 -70.98 34.42
CA ILE BA 65 -38.48 -71.78 35.15
C ILE BA 65 -39.43 -70.79 35.82
N LYS BA 66 -40.62 -70.61 35.26
CA LYS BA 66 -41.61 -69.60 35.67
C LYS BA 66 -42.78 -70.25 36.37
N GLY BA 67 -43.25 -69.71 37.48
CA GLY BA 67 -44.38 -70.27 38.20
C GLY BA 67 -44.84 -69.43 39.37
N MET BA 68 -45.77 -69.98 40.15
CA MET BA 68 -46.42 -69.32 41.28
C MET BA 68 -46.21 -70.13 42.55
N LEU BA 69 -45.81 -69.51 43.66
CA LEU BA 69 -45.57 -70.15 44.95
C LEU BA 69 -46.46 -69.57 46.02
N CYS BA 70 -47.18 -70.40 46.76
CA CYS BA 70 -47.94 -69.98 47.93
C CYS BA 70 -47.02 -69.73 49.13
N LEU BA 71 -47.02 -68.51 49.68
CA LEU BA 71 -46.16 -68.16 50.81
C LEU BA 71 -46.77 -68.60 52.14
N PHE BA 72 -48.07 -68.41 52.33
CA PHE BA 72 -48.84 -68.97 53.43
C PHE BA 72 -50.30 -69.04 53.01
N GLN BA 73 -51.08 -69.88 53.68
CA GLN BA 73 -52.53 -69.75 53.71
C GLN BA 73 -52.99 -70.09 55.11
N THR BA 74 -53.67 -69.15 55.77
CA THR BA 74 -53.86 -69.14 57.22
C THR BA 74 -55.27 -68.72 57.63
N THR BA 75 -55.75 -69.33 58.71
CA THR BA 75 -56.83 -68.79 59.55
C THR BA 75 -56.22 -68.14 60.80
N GLU BA 76 -57.02 -67.48 61.62
CA GLU BA 76 -56.55 -66.84 62.87
C GLU BA 76 -55.96 -67.85 63.88
N ASP BA 77 -56.55 -69.04 63.97
CA ASP BA 77 -56.13 -70.11 64.89
C ASP BA 77 -54.88 -70.88 64.44
N ARG BA 78 -54.29 -70.52 63.29
CA ARG BA 78 -53.04 -71.07 62.78
C ARG BA 78 -51.94 -70.04 62.54
N LEU BA 79 -52.12 -68.78 62.95
CA LEU BA 79 -51.16 -67.71 62.66
C LEU BA 79 -49.75 -67.96 63.19
N SER BA 80 -49.61 -68.56 64.38
CA SER BA 80 -48.31 -68.80 65.00
C SER BA 80 -47.58 -70.06 64.50
N TYR BA 81 -48.11 -70.76 63.50
CA TYR BA 81 -47.55 -72.02 62.99
C TYR BA 81 -47.01 -71.90 61.58
N ASN BA 82 -46.01 -72.71 61.25
CA ASN BA 82 -45.37 -72.78 59.94
C ASN BA 82 -46.29 -73.46 58.92
N PHE BA 83 -46.58 -72.79 57.80
CA PHE BA 83 -47.28 -73.35 56.66
C PHE BA 83 -46.36 -74.25 55.82
N ASP BA 84 -46.68 -75.55 55.79
CA ASP BA 84 -46.20 -76.48 54.78
C ASP BA 84 -47.36 -76.82 53.84
N MET BA 85 -47.15 -76.69 52.54
CA MET BA 85 -48.17 -77.02 51.54
C MET BA 85 -48.35 -78.53 51.37
N TYR BA 86 -47.29 -79.30 51.65
CA TYR BA 86 -47.25 -80.75 51.64
C TYR BA 86 -47.16 -81.24 53.09
N GLU BA 87 -48.25 -81.80 53.57
CA GLU BA 87 -48.64 -81.80 54.98
C GLU BA 87 -48.19 -82.99 55.83
N GLU BA 88 -48.20 -82.78 57.16
CA GLU BA 88 -48.41 -83.88 58.10
C GLU BA 88 -49.91 -84.20 58.02
N SER BA 89 -50.28 -85.40 57.56
CA SER BA 89 -51.59 -85.73 56.96
C SER BA 89 -52.84 -85.39 57.77
N ILE BA 90 -52.71 -85.17 59.09
CA ILE BA 90 -53.80 -84.71 59.95
C ILE BA 90 -54.07 -83.20 59.83
N ILE BA 91 -53.06 -82.37 59.55
CA ILE BA 91 -53.19 -80.90 59.57
C ILE BA 91 -54.29 -80.39 58.62
N PRO BA 92 -54.38 -80.77 57.34
CA PRO BA 92 -55.43 -80.26 56.47
C PRO BA 92 -56.82 -80.84 56.76
N GLU BA 93 -56.96 -81.88 57.59
CA GLU BA 93 -58.27 -82.41 57.95
C GLU BA 93 -59.04 -81.41 58.82
N LYS BA 94 -60.07 -80.79 58.22
CA LYS BA 94 -60.88 -79.73 58.84
C LYS BA 94 -60.10 -78.46 59.23
N LEU BA 95 -58.96 -78.17 58.57
CA LEU BA 95 -58.35 -76.82 58.56
C LEU BA 95 -58.16 -76.31 57.12
N PRO BA 96 -58.73 -75.15 56.75
CA PRO BA 96 -58.57 -74.61 55.40
C PRO BA 96 -57.23 -73.89 55.17
N GLY BA 97 -56.50 -73.54 56.22
CA GLY BA 97 -55.15 -72.99 56.14
C GLY BA 97 -54.26 -73.46 57.30
N GLY BA 98 -53.06 -73.92 57.00
CA GLY BA 98 -52.21 -74.64 57.96
C GLY BA 98 -51.27 -73.77 58.79
N GLY BA 99 -50.98 -72.53 58.38
CA GLY BA 99 -49.98 -71.72 59.08
C GLY BA 99 -49.87 -70.29 58.56
N GLY BA 100 -49.50 -69.35 59.42
CA GLY BA 100 -49.41 -67.92 59.11
C GLY BA 100 -48.02 -67.40 58.81
N PHE BA 101 -47.01 -68.25 58.86
CA PHE BA 101 -45.66 -67.94 58.39
C PHE BA 101 -45.10 -69.13 57.64
N SER BA 102 -44.12 -68.96 56.79
CA SER BA 102 -43.36 -70.10 56.26
C SER BA 102 -41.89 -69.77 56.09
N ILE BA 103 -41.08 -70.82 56.09
CA ILE BA 103 -39.73 -70.79 55.53
C ILE BA 103 -39.73 -71.75 54.33
N LYS BA 104 -39.45 -71.22 53.15
CA LYS BA 104 -39.34 -71.97 51.88
C LYS BA 104 -37.88 -72.07 51.50
N ASN BA 105 -37.39 -73.26 51.19
CA ASN BA 105 -36.12 -73.45 50.47
C ASN BA 105 -36.43 -73.89 49.04
N ILE BA 106 -35.86 -73.22 48.04
CA ILE BA 106 -36.03 -73.56 46.64
C ILE BA 106 -34.74 -74.15 46.08
N SER BA 107 -34.85 -75.30 45.42
CA SER BA 107 -33.77 -75.97 44.70
C SER BA 107 -34.28 -76.41 43.34
N LEU BA 108 -33.39 -76.68 42.39
CA LEU BA 108 -33.76 -77.15 41.06
C LEU BA 108 -34.58 -78.46 41.11
N TYR BA 109 -34.34 -79.33 42.09
CA TYR BA 109 -35.17 -80.50 42.31
C TYR BA 109 -36.56 -80.15 42.86
N ALA BA 110 -36.67 -79.18 43.77
CA ALA BA 110 -37.97 -78.69 44.21
C ALA BA 110 -38.73 -77.99 43.06
N LEU BA 111 -38.06 -77.27 42.17
CA LEU BA 111 -38.67 -76.73 40.96
C LEU BA 111 -39.18 -77.82 40.01
N TYR BA 112 -38.44 -78.92 39.85
CA TYR BA 112 -38.93 -80.09 39.13
C TYR BA 112 -40.13 -80.73 39.82
N GLN BA 113 -40.14 -80.86 41.14
CA GLN BA 113 -41.32 -81.36 41.86
C GLN BA 113 -42.54 -80.46 41.69
N GLU BA 114 -42.39 -79.13 41.70
CA GLU BA 114 -43.47 -78.21 41.39
C GLU BA 114 -43.96 -78.34 39.94
N HIS BA 115 -43.11 -78.81 39.02
CA HIS BA 115 -43.52 -79.07 37.61
C HIS BA 115 -44.40 -80.33 37.56
N ILE BA 116 -44.17 -81.30 38.44
CA ILE BA 116 -45.03 -82.50 38.54
C ILE BA 116 -46.42 -82.14 39.09
N HIS BA 117 -46.53 -81.13 39.96
CA HIS BA 117 -47.80 -80.55 40.39
C HIS BA 117 -48.41 -79.57 39.37
N ALA BA 118 -47.79 -79.36 38.21
CA ALA BA 118 -48.16 -78.38 37.20
C ALA BA 118 -48.16 -76.93 37.71
N HIS BA 119 -47.40 -76.61 38.75
CA HIS BA 119 -47.32 -75.27 39.33
C HIS BA 119 -46.34 -74.34 38.59
N ASN BA 120 -45.52 -74.86 37.69
CA ASN BA 120 -44.60 -74.06 36.87
C ASN BA 120 -44.45 -74.61 35.46
N ILE BA 121 -43.88 -73.78 34.59
CA ILE BA 121 -43.41 -74.15 33.26
C ILE BA 121 -41.88 -74.07 33.20
N PHE BA 122 -41.25 -74.92 32.42
CA PHE BA 122 -39.87 -74.76 31.99
C PHE BA 122 -39.89 -74.23 30.57
N THR BA 123 -39.31 -73.04 30.34
CA THR BA 123 -39.32 -72.41 29.00
C THR BA 123 -38.57 -73.21 27.94
N HIS BA 124 -37.62 -74.05 28.39
CA HIS BA 124 -36.91 -74.99 27.50
C HIS BA 124 -36.67 -76.26 28.30
N THR BA 125 -36.87 -77.44 27.71
CA THR BA 125 -36.54 -78.72 28.34
C THR BA 125 -35.04 -78.88 28.53
N ASN BA 126 -34.67 -79.78 29.44
CA ASN BA 126 -33.30 -80.09 29.83
C ASN BA 126 -32.90 -81.54 29.52
N THR BA 127 -33.67 -82.27 28.71
CA THR BA 127 -33.59 -83.75 28.64
C THR BA 127 -32.24 -84.27 28.16
N ASP BA 128 -31.59 -83.56 27.25
CA ASP BA 128 -30.36 -84.03 26.58
C ASP BA 128 -29.19 -83.05 26.72
N ARG BA 129 -29.29 -82.11 27.67
CA ARG BA 129 -28.20 -81.16 27.99
C ARG BA 129 -27.96 -81.30 29.50
N PRO BA 130 -26.92 -82.02 29.97
CA PRO BA 130 -26.77 -82.38 31.38
C PRO BA 130 -26.13 -81.28 32.25
N LEU BA 131 -25.49 -80.28 31.65
CA LEU BA 131 -24.91 -79.15 32.37
C LEU BA 131 -25.96 -78.08 32.65
N ALA BA 132 -25.79 -77.36 33.75
CA ALA BA 132 -26.60 -76.22 34.13
C ALA BA 132 -25.73 -75.03 34.56
N ARG BA 133 -26.21 -73.82 34.25
CA ARG BA 133 -25.53 -72.56 34.64
C ARG BA 133 -26.59 -71.59 35.21
N TYR BA 134 -26.82 -71.63 36.53
CA TYR BA 134 -27.79 -70.79 37.21
C TYR BA 134 -27.35 -69.32 37.27
N THR BA 135 -28.22 -68.40 36.89
CA THR BA 135 -27.88 -66.97 36.73
C THR BA 135 -28.57 -66.07 37.76
N GLY BA 136 -29.52 -66.58 38.53
CA GLY BA 136 -30.28 -65.82 39.52
C GLY BA 136 -31.79 -65.93 39.33
N CYS BA 137 -32.53 -65.21 40.15
CA CYS BA 137 -33.98 -65.28 40.23
C CYS BA 137 -34.62 -63.90 40.14
N SER BA 138 -35.82 -63.81 39.56
CA SER BA 138 -36.72 -62.68 39.75
C SER BA 138 -37.93 -63.13 40.55
N LEU BA 139 -38.30 -62.38 41.58
CA LEU BA 139 -39.55 -62.58 42.32
C LEU BA 139 -40.47 -61.38 42.13
N LYS BA 140 -41.77 -61.63 41.92
CA LYS BA 140 -42.85 -60.64 42.02
C LYS BA 140 -43.76 -61.02 43.17
N PHE BA 141 -43.77 -60.23 44.22
CA PHE BA 141 -44.62 -60.44 45.40
C PHE BA 141 -45.91 -59.67 45.20
N TYR BA 142 -47.06 -60.32 45.25
CA TYR BA 142 -48.34 -59.68 45.02
C TYR BA 142 -48.98 -59.20 46.31
N GLN BA 143 -49.60 -58.01 46.27
CA GLN BA 143 -50.50 -57.60 47.33
C GLN BA 143 -51.67 -58.58 47.47
N SER BA 144 -51.87 -59.14 48.65
CA SER BA 144 -53.10 -59.88 48.93
C SER BA 144 -54.28 -58.92 49.06
N LYS BA 145 -55.49 -59.42 48.92
CA LYS BA 145 -56.70 -58.61 49.11
C LYS BA 145 -56.86 -58.15 50.55
N ASP BA 146 -56.78 -59.07 51.51
CA ASP BA 146 -57.22 -58.86 52.89
C ASP BA 146 -56.10 -58.80 53.94
N ILE BA 147 -54.88 -59.25 53.62
CA ILE BA 147 -53.79 -59.36 54.65
C ILE BA 147 -52.48 -58.75 54.16
N ASP BA 148 -51.74 -58.09 55.06
CA ASP BA 148 -50.40 -57.54 54.73
C ASP BA 148 -49.42 -58.66 54.99
N TYR BA 149 -48.15 -58.52 54.64
CA TYR BA 149 -47.16 -59.58 55.00
C TYR BA 149 -45.73 -59.12 54.80
N VAL BA 150 -44.84 -59.52 55.69
CA VAL BA 150 -43.40 -59.22 55.63
C VAL BA 150 -42.71 -60.38 54.96
N VAL BA 151 -41.79 -60.11 54.04
CA VAL BA 151 -40.89 -61.10 53.47
C VAL BA 151 -39.45 -60.72 53.81
N THR BA 152 -38.60 -61.70 54.06
CA THR BA 152 -37.17 -61.53 53.90
C THR BA 152 -36.59 -62.80 53.31
N TYR BA 153 -35.51 -62.71 52.55
CA TYR BA 153 -34.93 -63.84 51.84
C TYR BA 153 -33.42 -63.86 52.04
N SER BA 154 -32.83 -65.04 51.85
CA SER BA 154 -31.40 -65.25 51.99
C SER BA 154 -30.89 -66.18 50.91
N THR BA 155 -29.59 -66.13 50.61
CA THR BA 155 -28.96 -67.06 49.63
C THR BA 155 -27.64 -67.57 50.17
N SER BA 156 -27.41 -67.51 51.50
CA SER BA 156 -26.21 -68.13 52.07
C SER BA 156 -26.28 -69.63 51.75
N LEU BA 157 -25.42 -70.14 50.87
CA LEU BA 157 -25.52 -71.56 50.43
C LEU BA 157 -25.70 -72.46 51.66
N PRO BA 158 -24.95 -72.30 52.77
CA PRO BA 158 -25.19 -73.10 53.96
C PRO BA 158 -26.63 -72.94 54.41
N LEU BA 159 -27.42 -74.02 54.40
CA LEU BA 159 -28.85 -73.98 54.79
C LEU BA 159 -29.02 -74.66 56.16
N ARG BA 160 -29.64 -73.97 57.12
CA ARG BA 160 -29.89 -74.53 58.47
C ARG BA 160 -31.04 -73.76 59.14
N SER BA 161 -31.65 -74.34 60.17
CA SER BA 161 -32.75 -73.68 60.92
C SER BA 161 -32.23 -73.32 62.32
N SER BA 162 -32.82 -72.32 62.96
CA SER BA 162 -32.38 -71.87 64.31
C SER BA 162 -33.59 -71.47 65.16
N MET BA 163 -33.48 -71.58 66.48
CA MET BA 163 -34.54 -71.17 67.40
C MET BA 163 -34.80 -69.66 67.33
N GLY BA 164 -33.74 -68.86 67.19
CA GLY BA 164 -33.83 -67.42 66.98
C GLY BA 164 -34.47 -67.05 65.65
N MET BA 165 -34.21 -67.81 64.58
CA MET BA 165 -34.93 -67.61 63.31
C MET BA 165 -36.44 -67.80 63.49
N TYR BA 166 -36.89 -68.90 64.09
CA TYR BA 166 -38.32 -69.17 64.25
C TYR BA 166 -38.99 -68.14 65.17
N ASN BA 167 -38.36 -67.71 66.26
CA ASN BA 167 -38.91 -66.62 67.07
C ASN BA 167 -38.95 -65.30 66.27
N SER BA 168 -37.90 -64.99 65.50
CA SER BA 168 -37.86 -63.77 64.71
C SER BA 168 -38.88 -63.72 63.57
N MET BA 169 -39.56 -64.83 63.25
CA MET BA 169 -40.71 -64.84 62.37
C MET BA 169 -41.94 -64.14 62.94
N GLN BA 170 -41.97 -63.83 64.25
CA GLN BA 170 -43.07 -63.11 64.87
C GLN BA 170 -43.26 -61.78 64.12
N PRO BA 171 -44.49 -61.40 63.73
CA PRO BA 171 -44.69 -60.33 62.76
C PRO BA 171 -44.06 -58.99 63.13
N SER BA 172 -44.11 -58.58 64.40
CA SER BA 172 -43.48 -57.36 64.88
C SER BA 172 -41.95 -57.43 64.81
N ILE BA 173 -41.36 -58.57 65.16
CA ILE BA 173 -39.92 -58.77 65.13
C ILE BA 173 -39.41 -58.85 63.69
N HIS BA 174 -40.08 -59.59 62.82
CA HIS BA 174 -39.75 -59.67 61.41
C HIS BA 174 -39.86 -58.29 60.75
N LEU BA 175 -40.92 -57.54 61.04
CA LEU BA 175 -41.08 -56.17 60.56
C LEU BA 175 -39.97 -55.20 61.03
N MET BA 176 -39.28 -55.46 62.14
CA MET BA 176 -38.13 -54.65 62.55
C MET BA 176 -36.82 -55.00 61.84
N GLN BA 177 -36.69 -56.19 61.25
CA GLN BA 177 -35.43 -56.63 60.65
C GLN BA 177 -34.99 -55.79 59.46
N GLN BA 178 -33.67 -55.73 59.22
CA GLN BA 178 -33.10 -55.11 58.03
C GLN BA 178 -33.30 -55.98 56.79
N ASN BA 179 -33.39 -55.34 55.62
CA ASN BA 179 -33.65 -56.02 54.35
C ASN BA 179 -34.94 -56.87 54.34
N LYS BA 180 -35.92 -56.43 55.12
CA LYS BA 180 -37.31 -56.83 54.99
C LYS BA 180 -37.91 -56.25 53.70
N LEU BA 181 -38.99 -56.84 53.24
CA LEU BA 181 -39.93 -56.28 52.29
C LEU BA 181 -41.32 -56.35 52.92
N ILE BA 182 -42.02 -55.22 53.03
CA ILE BA 182 -43.40 -55.19 53.50
C ILE BA 182 -44.30 -55.10 52.28
N VAL BA 183 -45.29 -55.97 52.20
CA VAL BA 183 -46.31 -55.93 51.16
C VAL BA 183 -47.64 -55.60 51.81
N PRO BA 184 -48.12 -54.34 51.72
CA PRO BA 184 -49.44 -53.97 52.19
C PRO BA 184 -50.50 -54.70 51.38
N SER BA 185 -51.62 -55.05 51.99
CA SER BA 185 -52.79 -55.50 51.27
C SER BA 185 -53.33 -54.42 50.34
N LYS BA 186 -54.15 -54.79 49.36
CA LYS BA 186 -54.85 -53.83 48.49
C LYS BA 186 -55.77 -52.90 49.28
N GLN BA 187 -56.30 -53.38 50.41
CA GLN BA 187 -57.08 -52.57 51.34
C GLN BA 187 -56.23 -51.53 52.07
N THR BA 188 -55.05 -51.87 52.60
CA THR BA 188 -54.23 -50.91 53.34
C THR BA 188 -53.47 -49.93 52.45
N GLN BA 189 -53.13 -50.29 51.21
CA GLN BA 189 -52.56 -49.35 50.24
C GLN BA 189 -52.87 -49.73 48.79
N LYS BA 190 -53.58 -48.88 48.05
CA LYS BA 190 -53.69 -48.94 46.60
C LYS BA 190 -52.38 -48.45 45.96
N ARG BA 191 -51.86 -49.16 44.97
CA ARG BA 191 -50.56 -48.91 44.35
C ARG BA 191 -50.68 -48.84 42.82
N ARG BA 192 -49.72 -48.18 42.16
CA ARG BA 192 -49.62 -48.16 40.69
C ARG BA 192 -49.40 -49.56 40.14
N LYS BA 193 -48.37 -50.25 40.63
CA LYS BA 193 -48.11 -51.66 40.31
C LYS BA 193 -48.64 -52.53 41.46
N PRO BA 194 -49.43 -53.59 41.19
CA PRO BA 194 -50.05 -54.40 42.24
C PRO BA 194 -49.10 -55.42 42.88
N TYR BA 195 -47.80 -55.31 42.63
CA TYR BA 195 -46.75 -56.22 43.06
C TYR BA 195 -45.47 -55.46 43.36
N ILE BA 196 -44.58 -56.06 44.15
CA ILE BA 196 -43.21 -55.58 44.34
C ILE BA 196 -42.24 -56.59 43.71
N LYS BA 197 -41.37 -56.12 42.83
CA LYS BA 197 -40.45 -56.95 42.03
C LYS BA 197 -39.02 -56.75 42.47
N LYS BA 198 -38.28 -57.83 42.71
CA LYS BA 198 -36.83 -57.74 42.90
C LYS BA 198 -36.05 -58.96 42.44
N HIS BA 199 -34.82 -58.69 42.01
CA HIS BA 199 -33.89 -59.67 41.46
C HIS BA 199 -32.94 -60.15 42.55
N ILE BA 200 -32.73 -61.45 42.61
CA ILE BA 200 -31.92 -62.11 43.63
C ILE BA 200 -30.77 -62.85 42.94
N SER BA 201 -29.54 -62.56 43.33
CA SER BA 201 -28.33 -63.15 42.77
C SER BA 201 -28.14 -64.60 43.25
N PRO BA 202 -27.38 -65.47 42.57
CA PRO BA 202 -27.09 -66.81 43.09
C PRO BA 202 -26.42 -66.80 44.46
N PRO BA 203 -26.49 -67.90 45.23
CA PRO BA 203 -25.65 -68.10 46.41
C PRO BA 203 -24.19 -67.80 46.11
N THR BA 204 -23.44 -67.22 47.05
CA THR BA 204 -22.03 -66.88 46.80
C THR BA 204 -21.17 -68.11 46.48
N GLN BA 205 -21.61 -69.30 46.96
CA GLN BA 205 -20.92 -70.59 46.69
C GLN BA 205 -21.25 -71.12 45.29
N MET BA 206 -22.38 -70.71 44.70
CA MET BA 206 -22.72 -71.03 43.32
C MET BA 206 -22.03 -70.00 42.40
N LYS BA 207 -20.90 -70.36 41.82
CA LYS BA 207 -20.14 -69.49 40.92
C LYS BA 207 -20.78 -69.48 39.53
N SER BA 208 -20.35 -68.60 38.64
CA SER BA 208 -20.91 -68.51 37.27
C SER BA 208 -20.58 -69.71 36.37
N GLN BA 209 -19.70 -70.62 36.81
CA GLN BA 209 -19.33 -71.82 36.07
C GLN BA 209 -20.51 -72.74 35.74
N TRP BA 210 -20.33 -73.64 34.79
CA TRP BA 210 -21.22 -74.76 34.54
C TRP BA 210 -21.10 -75.83 35.63
N TYR BA 211 -22.21 -76.47 35.97
CA TYR BA 211 -22.27 -77.59 36.90
C TYR BA 211 -23.14 -78.70 36.32
N PHE BA 212 -22.82 -79.96 36.54
CA PHE BA 212 -23.77 -81.03 36.23
C PHE BA 212 -25.08 -80.84 37.01
N GLN BA 213 -26.21 -81.01 36.34
CA GLN BA 213 -27.54 -80.84 36.99
C GLN BA 213 -27.72 -81.86 38.12
N HIS BA 214 -27.07 -83.03 38.07
CA HIS BA 214 -27.13 -84.05 39.15
C HIS BA 214 -26.48 -83.51 40.42
N ASN BA 215 -25.41 -82.71 40.30
CA ASN BA 215 -24.71 -82.17 41.45
C ASN BA 215 -25.49 -81.03 42.12
N ILE BA 216 -25.97 -80.07 41.34
CA ILE BA 216 -26.68 -78.90 41.87
C ILE BA 216 -28.17 -79.14 42.15
N ALA BA 217 -28.75 -80.27 41.77
CA ALA BA 217 -30.18 -80.54 41.90
C ALA BA 217 -30.74 -80.21 43.29
N ASN BA 218 -30.07 -80.65 44.36
CA ASN BA 218 -30.55 -80.50 45.73
C ASN BA 218 -29.96 -79.30 46.48
N ILE BA 219 -29.03 -78.54 45.90
CA ILE BA 219 -28.44 -77.35 46.52
C ILE BA 219 -29.51 -76.26 46.66
N PRO BA 220 -29.84 -75.76 47.87
CA PRO BA 220 -30.88 -74.76 48.03
C PRO BA 220 -30.38 -73.40 47.55
N LEU BA 221 -30.95 -72.88 46.45
CA LEU BA 221 -30.45 -71.64 45.78
C LEU BA 221 -31.18 -70.37 46.29
N LEU BA 222 -32.25 -70.54 47.06
CA LEU BA 222 -32.98 -69.42 47.67
C LEU BA 222 -33.70 -69.89 48.93
N MET BA 223 -33.68 -69.09 49.99
CA MET BA 223 -34.62 -69.19 51.11
C MET BA 223 -35.54 -67.98 51.14
N ILE BA 224 -36.86 -68.19 51.21
CA ILE BA 224 -37.84 -67.12 51.44
C ILE BA 224 -38.47 -67.33 52.81
N ARG BA 225 -38.48 -66.31 53.65
CA ARG BA 225 -39.16 -66.27 54.94
C ARG BA 225 -40.32 -65.29 54.86
N THR BA 226 -41.54 -65.71 55.17
CA THR BA 226 -42.73 -64.85 55.11
C THR BA 226 -43.55 -64.97 56.37
N THR BA 227 -44.11 -63.87 56.87
CA THR BA 227 -45.05 -63.87 58.00
C THR BA 227 -46.24 -62.96 57.71
N ALA BA 228 -47.43 -63.39 58.09
CA ALA BA 228 -48.68 -62.63 57.98
C ALA BA 228 -48.78 -61.54 59.06
N LEU BA 229 -49.33 -60.40 58.70
CA LEU BA 229 -49.17 -59.14 59.42
C LEU BA 229 -50.47 -58.31 59.36
N THR BA 230 -50.70 -57.41 60.31
CA THR BA 230 -51.53 -56.24 60.03
C THR BA 230 -50.84 -54.96 60.46
N LEU BA 231 -50.83 -53.98 59.58
CA LEU BA 231 -50.30 -52.64 59.84
C LEU BA 231 -51.32 -51.74 60.55
N ASP BA 232 -52.59 -51.79 60.17
CA ASP BA 232 -53.67 -50.95 60.71
C ASP BA 232 -54.24 -51.42 62.06
N ASN BA 233 -54.03 -52.68 62.42
CA ASN BA 233 -54.48 -53.29 63.68
C ASN BA 233 -53.27 -53.79 64.50
N TYR BA 234 -52.12 -53.16 64.34
CA TYR BA 234 -50.85 -53.65 64.87
C TYR BA 234 -50.87 -53.96 66.37
N TYR BA 235 -51.45 -53.09 67.19
CA TYR BA 235 -51.53 -53.28 68.64
C TYR BA 235 -52.75 -54.07 69.08
N ILE BA 236 -53.94 -53.67 68.61
CA ILE BA 236 -55.21 -54.32 69.01
C ILE BA 236 -55.29 -55.75 68.47
N GLY BA 237 -54.85 -55.97 67.24
CA GLY BA 237 -54.87 -57.28 66.58
C GLY BA 237 -56.29 -57.82 66.49
N SER BA 238 -56.54 -58.93 67.16
CA SER BA 238 -57.89 -59.51 67.32
C SER BA 238 -58.38 -59.53 68.77
N ARG BA 239 -57.84 -58.68 69.64
CA ARG BA 239 -58.28 -58.47 71.03
C ARG BA 239 -59.79 -58.19 71.10
N GLN BA 240 -60.46 -58.79 72.08
CA GLN BA 240 -61.86 -58.55 72.43
C GLN BA 240 -61.94 -58.20 73.92
N LEU BA 241 -62.77 -57.22 74.30
CA LEU BA 241 -62.90 -56.75 75.68
C LEU BA 241 -61.54 -56.32 76.27
N SER BA 242 -61.12 -56.88 77.41
CA SER BA 242 -59.88 -56.55 78.12
C SER BA 242 -58.61 -56.86 77.31
N THR BA 243 -57.51 -56.18 77.62
CA THR BA 243 -56.18 -56.54 77.09
C THR BA 243 -55.69 -57.91 77.59
N ASN BA 244 -56.14 -58.34 78.78
CA ASN BA 244 -55.81 -59.64 79.37
C ASN BA 244 -56.42 -60.78 78.55
N VAL BA 245 -55.62 -61.81 78.30
CA VAL BA 245 -56.07 -63.10 77.75
C VAL BA 245 -56.12 -64.14 78.87
N THR BA 246 -57.11 -65.03 78.85
CA THR BA 246 -57.23 -66.11 79.83
C THR BA 246 -56.57 -67.38 79.30
N ILE BA 247 -55.66 -67.95 80.08
CA ILE BA 247 -54.98 -69.22 79.80
C ILE BA 247 -55.54 -70.27 80.77
N HIS BA 248 -55.92 -71.44 80.25
CA HIS BA 248 -56.30 -72.58 81.13
C HIS BA 248 -55.02 -73.37 81.36
N THR BA 249 -54.84 -73.99 82.51
CA THR BA 249 -53.67 -74.86 82.79
C THR BA 249 -54.02 -76.02 83.71
N LEU BA 250 -53.20 -77.08 83.68
CA LEU BA 250 -53.36 -78.20 84.64
C LEU BA 250 -52.78 -77.73 85.97
N ASN BA 251 -53.54 -77.78 87.07
CA ASN BA 251 -52.98 -77.46 88.41
C ASN BA 251 -51.65 -78.21 88.51
N THR BA 252 -50.53 -77.52 88.75
CA THR BA 252 -49.19 -78.13 88.84
C THR BA 252 -49.05 -78.72 90.23
N THR BA 253 -49.68 -78.12 91.23
CA THR BA 253 -49.52 -78.51 92.66
C THR BA 253 -50.25 -79.81 93.02
N TYR BA 254 -50.97 -80.43 92.09
CA TYR BA 254 -51.71 -81.69 92.32
C TYR BA 254 -51.59 -82.69 91.17
N ILE BA 255 -51.63 -82.24 89.91
CA ILE BA 255 -51.51 -83.10 88.72
C ILE BA 255 -50.04 -83.16 88.28
N GLN BA 256 -49.29 -84.19 88.65
CA GLN BA 256 -47.84 -84.20 88.29
C GLN BA 256 -47.35 -85.57 87.81
N ASN BA 257 -48.12 -86.65 88.00
CA ASN BA 257 -47.57 -87.97 87.73
C ASN BA 257 -47.31 -88.30 86.25
N ARG BA 258 -48.01 -87.62 85.33
CA ARG BA 258 -47.81 -87.81 83.85
C ARG BA 258 -47.93 -89.28 83.43
N ASP BA 259 -48.73 -90.09 84.14
CA ASP BA 259 -48.95 -91.51 83.78
C ASP BA 259 -50.20 -91.69 82.90
N TRP BA 260 -50.25 -91.03 81.75
CA TRP BA 260 -51.46 -90.89 80.95
C TRP BA 260 -51.66 -91.93 79.84
N GLY BA 261 -52.92 -92.11 79.44
CA GLY BA 261 -53.28 -92.80 78.20
C GLY BA 261 -53.29 -94.34 78.27
N ASP BA 262 -53.63 -94.92 79.43
CA ASP BA 262 -53.93 -96.34 79.60
C ASP BA 262 -55.28 -96.57 80.30
N ARG BA 263 -56.03 -97.59 79.88
CA ARG BA 263 -57.24 -98.03 80.63
C ARG BA 263 -56.77 -99.20 81.52
N ASN BA 264 -55.49 -99.58 81.43
CA ASN BA 264 -54.87 -100.69 82.16
C ASN BA 264 -54.22 -100.26 83.49
N LYS BA 265 -54.45 -99.03 83.95
CA LYS BA 265 -53.78 -98.41 85.12
C LYS BA 265 -54.75 -97.50 85.87
N THR BA 266 -54.94 -97.73 87.17
CA THR BA 266 -55.68 -96.80 88.04
C THR BA 266 -54.88 -95.50 88.19
N TYR BA 267 -55.47 -94.36 87.82
CA TYR BA 267 -54.74 -93.09 87.82
C TYR BA 267 -54.59 -92.50 89.22
N TYR BA 268 -53.41 -91.97 89.51
CA TYR BA 268 -53.05 -91.27 90.74
C TYR BA 268 -52.36 -89.97 90.32
N CYS BA 269 -52.72 -88.85 90.95
CA CYS BA 269 -52.35 -87.53 90.42
C CYS BA 269 -50.97 -87.05 90.87
N GLN BA 270 -50.55 -87.37 92.10
CA GLN BA 270 -49.21 -87.05 92.60
C GLN BA 270 -48.67 -88.11 93.56
N THR BA 271 -47.36 -88.15 93.72
CA THR BA 271 -46.66 -88.83 94.81
C THR BA 271 -46.00 -87.80 95.71
N LEU BA 272 -46.10 -87.97 97.03
CA LEU BA 272 -45.33 -87.18 98.01
C LEU BA 272 -44.74 -88.14 99.04
N GLY BA 273 -43.44 -88.03 99.33
CA GLY BA 273 -42.73 -89.04 100.11
C GLY BA 273 -42.85 -90.43 99.47
N THR BA 274 -43.45 -91.38 100.20
CA THR BA 274 -43.83 -92.71 99.69
C THR BA 274 -45.28 -92.80 99.20
N GLN BA 275 -46.12 -91.81 99.49
CA GLN BA 275 -47.56 -91.86 99.24
C GLN BA 275 -47.93 -91.73 97.75
N ARG BA 276 -49.15 -92.13 97.42
CA ARG BA 276 -49.86 -91.81 96.18
C ARG BA 276 -51.17 -91.08 96.53
N TYR BA 277 -51.57 -90.13 95.72
CA TYR BA 277 -52.80 -89.35 95.91
C TYR BA 277 -53.75 -89.56 94.74
N PHE BA 278 -55.04 -89.55 95.03
CA PHE BA 278 -56.11 -90.03 94.16
C PHE BA 278 -57.25 -89.01 94.14
N LEU BA 279 -57.97 -89.01 93.02
CA LEU BA 279 -59.08 -88.10 92.76
C LEU BA 279 -60.38 -88.89 92.65
N TYR BA 280 -61.48 -88.33 93.12
CA TYR BA 280 -62.81 -88.91 93.03
C TYR BA 280 -63.84 -87.85 92.62
N GLY BA 281 -64.72 -88.14 91.69
CA GLY BA 281 -65.84 -87.27 91.35
C GLY BA 281 -67.06 -87.58 92.19
N THR BA 282 -67.96 -86.60 92.40
CA THR BA 282 -69.28 -86.89 92.97
C THR BA 282 -70.35 -85.96 92.40
N HIS BA 283 -71.59 -86.43 92.36
CA HIS BA 283 -72.74 -85.57 91.96
C HIS BA 283 -73.45 -85.15 93.27
N SER BA 284 -72.89 -85.50 94.43
CA SER BA 284 -73.52 -85.20 95.72
C SER BA 284 -73.71 -83.70 95.94
N THR BA 285 -74.86 -83.34 96.49
CA THR BA 285 -75.18 -81.98 96.96
C THR BA 285 -74.64 -81.70 98.37
N ALA BA 286 -73.98 -82.66 99.01
CA ALA BA 286 -73.43 -82.52 100.37
C ALA BA 286 -72.46 -81.33 100.46
N GLN BA 287 -72.69 -80.46 101.43
CA GLN BA 287 -71.88 -79.25 101.63
C GLN BA 287 -70.55 -79.53 102.37
N ASN BA 288 -70.51 -80.58 103.19
CA ASN BA 288 -69.37 -80.87 104.07
C ASN BA 288 -68.59 -82.08 103.55
N ILE BA 289 -67.29 -81.89 103.30
CA ILE BA 289 -66.38 -82.93 102.79
C ILE BA 289 -66.28 -84.15 103.74
N ASN BA 290 -66.55 -83.98 105.02
CA ASN BA 290 -66.48 -85.08 106.00
C ASN BA 290 -67.63 -86.09 105.84
N ASP BA 291 -68.87 -85.63 105.58
CA ASP BA 291 -70.09 -86.51 105.62
C ASP BA 291 -70.43 -87.22 104.30
N ILE BA 292 -69.77 -86.91 103.19
CA ILE BA 292 -69.97 -87.65 101.93
C ILE BA 292 -69.74 -89.14 102.19
N LYS BA 293 -70.56 -90.02 101.58
CA LYS BA 293 -70.46 -91.47 101.76
C LYS BA 293 -69.20 -92.03 101.07
N LEU BA 294 -68.94 -93.33 101.26
CA LEU BA 294 -67.86 -94.01 100.49
C LEU BA 294 -68.48 -94.33 99.12
N GLN BA 295 -69.82 -94.38 99.04
CA GLN BA 295 -70.55 -94.70 97.78
C GLN BA 295 -70.59 -93.51 96.81
N GLU BA 296 -70.81 -92.30 97.32
CA GLU BA 296 -70.97 -91.09 96.45
C GLU BA 296 -69.78 -90.97 95.49
N LEU BA 297 -68.56 -91.23 95.97
CA LEU BA 297 -67.33 -91.02 95.15
C LEU BA 297 -67.35 -91.87 93.87
N ILE BA 298 -66.95 -91.30 92.73
CA ILE BA 298 -66.83 -92.01 91.42
C ILE BA 298 -65.32 -92.11 91.17
N PRO BA 299 -64.65 -93.22 91.51
CA PRO BA 299 -63.20 -93.31 91.46
C PRO BA 299 -62.74 -93.27 90.02
N LEU BA 300 -61.53 -92.76 89.77
CA LEU BA 300 -60.99 -92.64 88.38
C LEU BA 300 -59.97 -93.76 88.13
N THR BA 301 -60.29 -94.73 87.28
CA THR BA 301 -59.40 -95.88 86.97
C THR BA 301 -58.96 -95.79 85.51
N ASN BA 302 -59.37 -94.74 84.79
CA ASN BA 302 -58.97 -94.54 83.40
C ASN BA 302 -58.59 -93.06 83.22
N THR BA 303 -57.54 -92.76 82.44
CA THR BA 303 -57.35 -91.40 81.87
C THR BA 303 -57.53 -91.33 80.37
N GLN BA 304 -57.40 -92.49 79.69
CA GLN BA 304 -57.38 -92.58 78.20
C GLN BA 304 -58.71 -92.30 77.51
N ASP BA 305 -59.83 -92.22 78.22
CA ASP BA 305 -61.15 -92.03 77.56
C ASP BA 305 -61.85 -90.72 77.92
N TYR BA 306 -62.80 -90.31 77.09
CA TYR BA 306 -63.67 -89.15 77.39
C TYR BA 306 -64.75 -89.45 78.44
N VAL BA 307 -64.91 -90.72 78.84
CA VAL BA 307 -66.05 -91.19 79.65
C VAL BA 307 -66.15 -90.47 81.00
N GLN BA 308 -67.36 -90.07 81.38
CA GLN BA 308 -67.67 -89.40 82.66
C GLN BA 308 -67.67 -90.35 83.85
N GLY BA 309 -67.94 -91.64 83.60
CA GLY BA 309 -68.31 -92.59 84.64
C GLY BA 309 -69.76 -92.39 85.07
N PHE BA 310 -70.17 -93.03 86.16
CA PHE BA 310 -71.48 -92.87 86.77
C PHE BA 310 -71.44 -93.25 88.26
N ASP BA 311 -72.46 -92.82 88.99
CA ASP BA 311 -72.58 -93.02 90.44
C ASP BA 311 -73.07 -94.46 90.79
N TRP BA 312 -72.75 -94.93 91.99
CA TRP BA 312 -73.17 -96.24 92.52
C TRP BA 312 -74.70 -96.40 92.56
N THR BA 313 -75.45 -95.31 92.61
CA THR BA 313 -76.92 -95.35 92.47
C THR BA 313 -77.40 -95.92 91.12
N GLU BA 314 -76.53 -96.00 90.11
CA GLU BA 314 -76.82 -96.65 88.82
C GLU BA 314 -76.32 -98.10 88.74
N LYS BA 315 -75.96 -98.72 89.87
CA LYS BA 315 -75.59 -100.15 89.98
C LYS BA 315 -76.54 -101.06 89.19
N ASP BA 316 -77.85 -100.87 89.36
CA ASP BA 316 -78.88 -101.67 88.71
C ASP BA 316 -79.09 -101.34 87.22
N LYS BA 317 -78.59 -100.22 86.70
CA LYS BA 317 -78.65 -99.89 85.26
C LYS BA 317 -77.57 -100.60 84.45
N HIS BA 318 -76.43 -100.93 85.09
CA HIS BA 318 -75.27 -101.62 84.45
C HIS BA 318 -75.05 -103.00 85.09
N ASN BA 319 -76.08 -103.60 85.67
CA ASN BA 319 -76.04 -104.95 86.25
C ASN BA 319 -74.81 -105.21 87.13
N ILE BA 320 -74.35 -104.17 87.84
CA ILE BA 320 -73.15 -104.22 88.68
C ILE BA 320 -73.42 -105.08 89.93
N THR BA 321 -72.52 -106.02 90.20
CA THR BA 321 -72.61 -106.91 91.37
C THR BA 321 -71.65 -106.52 92.50
N THR BA 322 -70.55 -105.82 92.19
CA THR BA 322 -69.49 -105.50 93.17
C THR BA 322 -68.86 -104.13 92.87
N TYR BA 323 -68.17 -103.56 93.86
CA TYR BA 323 -67.37 -102.35 93.64
C TYR BA 323 -66.27 -102.57 92.57
N LYS BA 324 -65.77 -103.80 92.38
CA LYS BA 324 -64.88 -104.15 91.25
C LYS BA 324 -65.54 -103.87 89.89
N GLU BA 325 -66.80 -104.24 89.71
CA GLU BA 325 -67.57 -103.90 88.49
C GLU BA 325 -67.97 -102.41 88.44
N PHE BA 326 -68.17 -101.75 89.58
CA PHE BA 326 -68.35 -100.30 89.62
C PHE BA 326 -67.08 -99.55 89.16
N LEU BA 327 -65.89 -99.98 89.61
CA LEU BA 327 -64.59 -99.48 89.16
C LEU BA 327 -64.40 -99.63 87.65
N THR BA 328 -64.75 -100.79 87.08
CA THR BA 328 -64.49 -101.03 85.65
C THR BA 328 -65.56 -100.39 84.76
N LYS BA 329 -66.84 -100.48 85.09
CA LYS BA 329 -67.91 -99.88 84.27
C LYS BA 329 -68.11 -98.38 84.52
N GLY BA 330 -68.02 -97.93 85.78
CA GLY BA 330 -68.51 -96.63 86.23
C GLY BA 330 -67.46 -95.59 86.59
N ALA BA 331 -66.16 -95.90 86.53
CA ALA BA 331 -65.13 -94.91 86.80
C ALA BA 331 -65.09 -93.77 85.76
N GLY BA 332 -64.78 -92.55 86.21
CA GLY BA 332 -64.78 -91.34 85.39
C GLY BA 332 -63.38 -90.87 85.00
N ASN BA 333 -63.19 -90.36 83.79
CA ASN BA 333 -61.89 -89.79 83.44
C ASN BA 333 -61.81 -88.35 83.98
N PRO BA 334 -60.72 -87.93 84.65
CA PRO BA 334 -60.65 -86.64 85.35
C PRO BA 334 -60.75 -85.45 84.39
N PHE BA 335 -60.43 -85.67 83.12
CA PHE BA 335 -60.47 -84.66 82.06
C PHE BA 335 -61.80 -84.62 81.30
N HIS BA 336 -62.84 -85.33 81.73
CA HIS BA 336 -64.19 -85.16 81.19
C HIS BA 336 -64.68 -83.71 81.45
N ALA BA 337 -65.57 -83.19 80.60
CA ALA BA 337 -65.96 -81.77 80.59
C ALA BA 337 -66.53 -81.23 81.91
N GLU BA 338 -67.06 -82.08 82.80
CA GLU BA 338 -67.48 -81.66 84.14
C GLU BA 338 -66.39 -81.85 85.22
N TRP BA 339 -65.55 -82.87 85.13
CA TRP BA 339 -64.48 -83.10 86.10
C TRP BA 339 -63.24 -82.22 85.86
N ILE BA 340 -62.95 -81.84 84.62
CA ILE BA 340 -61.77 -81.04 84.21
C ILE BA 340 -61.68 -79.70 84.94
N THR BA 341 -62.81 -79.03 85.16
CA THR BA 341 -62.95 -77.78 85.92
C THR BA 341 -63.80 -77.95 87.18
N ALA BA 342 -64.08 -79.20 87.59
CA ALA BA 342 -64.93 -79.54 88.73
C ALA BA 342 -66.28 -78.80 88.74
N GLN BA 343 -66.96 -78.74 87.58
CA GLN BA 343 -68.33 -78.20 87.48
C GLN BA 343 -69.26 -78.91 88.46
N ASN BA 344 -69.13 -80.23 88.55
CA ASN BA 344 -69.61 -81.05 89.66
C ASN BA 344 -68.41 -81.38 90.55
N PRO BA 345 -68.53 -81.34 91.89
CA PRO BA 345 -67.38 -81.43 92.79
C PRO BA 345 -66.47 -82.63 92.55
N VAL BA 346 -65.17 -82.39 92.73
CA VAL BA 346 -64.08 -83.38 92.60
C VAL BA 346 -63.25 -83.35 93.87
N ILE BA 347 -62.95 -84.52 94.41
CA ILE BA 347 -62.35 -84.70 95.72
C ILE BA 347 -60.95 -85.31 95.57
N HIS BA 348 -59.93 -84.69 96.15
CA HIS BA 348 -58.54 -85.14 96.15
C HIS BA 348 -58.21 -85.75 97.52
N THR BA 349 -57.57 -86.91 97.58
CA THR BA 349 -57.27 -87.61 98.83
C THR BA 349 -56.04 -88.50 98.74
N ALA BA 350 -55.39 -88.78 99.88
CA ALA BA 350 -54.38 -89.82 99.98
C ALA BA 350 -54.99 -91.25 99.97
N ASN BA 351 -56.29 -91.39 100.26
CA ASN BA 351 -56.90 -92.70 100.41
C ASN BA 351 -57.08 -93.43 99.07
N SER BA 352 -56.27 -94.47 98.85
CA SER BA 352 -56.30 -95.24 97.62
C SER BA 352 -57.65 -95.95 97.42
N PRO BA 353 -58.16 -96.04 96.17
CA PRO BA 353 -59.35 -96.81 95.87
C PRO BA 353 -59.28 -98.24 96.39
N THR BA 354 -58.10 -98.86 96.47
CA THR BA 354 -57.96 -100.22 97.00
C THR BA 354 -58.21 -100.30 98.51
N GLN BA 355 -57.97 -99.24 99.28
CA GLN BA 355 -58.44 -99.20 100.66
C GLN BA 355 -59.97 -99.11 100.69
N ILE BA 356 -60.58 -98.33 99.80
CA ILE BA 356 -62.04 -98.32 99.63
C ILE BA 356 -62.56 -99.69 99.15
N GLU BA 357 -61.84 -100.40 98.27
CA GLU BA 357 -62.17 -101.77 97.86
C GLU BA 357 -62.20 -102.68 99.09
N GLN BA 358 -61.18 -102.62 99.94
CA GLN BA 358 -61.15 -103.41 101.17
C GLN BA 358 -62.35 -103.08 102.06
N ILE BA 359 -62.75 -101.81 102.22
CA ILE BA 359 -63.93 -101.46 103.01
C ILE BA 359 -65.22 -101.99 102.37
N TYR BA 360 -65.41 -101.84 101.05
CA TYR BA 360 -66.57 -102.41 100.35
C TYR BA 360 -66.60 -103.94 100.44
N THR BA 361 -65.52 -104.60 100.02
CA THR BA 361 -65.46 -106.06 99.90
C THR BA 361 -65.51 -106.73 101.26
N ALA BA 362 -64.93 -106.14 102.31
CA ALA BA 362 -65.06 -106.65 103.67
C ALA BA 362 -66.53 -106.70 104.11
N SER BA 363 -67.31 -105.66 103.85
CA SER BA 363 -68.78 -105.72 103.93
C SER BA 363 -69.47 -104.62 103.13
N THR BA 364 -70.26 -105.02 102.13
CA THR BA 364 -71.07 -104.14 101.27
C THR BA 364 -72.16 -103.41 102.05
N THR BA 365 -72.68 -104.04 103.11
CA THR BA 365 -73.67 -103.43 104.01
C THR BA 365 -73.08 -102.28 104.83
N THR BA 366 -71.79 -102.34 105.22
CA THR BA 366 -71.14 -101.22 105.91
C THR BA 366 -70.59 -100.16 104.95
N PHE BA 367 -70.52 -100.42 103.64
CA PHE BA 367 -70.24 -99.39 102.63
C PHE BA 367 -71.34 -98.32 102.56
N GLN BA 368 -72.60 -98.71 102.83
CA GLN BA 368 -73.72 -97.78 103.04
C GLN BA 368 -73.49 -96.90 104.27
N ASN BA 369 -73.02 -97.50 105.37
CA ASN BA 369 -72.84 -96.81 106.65
C ASN BA 369 -71.62 -95.87 106.66
N LYS BA 370 -70.48 -96.31 106.09
CA LYS BA 370 -69.22 -95.56 106.11
C LYS BA 370 -69.31 -94.26 105.30
N LYS BA 371 -68.79 -93.18 105.89
CA LYS BA 371 -68.62 -91.85 105.28
C LYS BA 371 -67.13 -91.52 105.13
N LEU BA 372 -66.81 -90.33 104.63
CA LEU BA 372 -65.43 -89.83 104.51
C LEU BA 372 -64.76 -89.58 105.88
N THR BA 373 -65.53 -89.45 106.96
CA THR BA 373 -65.02 -89.57 108.34
C THR BA 373 -64.48 -90.98 108.63
N ASP BA 374 -63.47 -91.07 109.49
CA ASP BA 374 -62.90 -92.35 109.98
C ASP BA 374 -62.44 -93.32 108.88
N LEU BA 375 -62.10 -92.80 107.69
CA LEU BA 375 -61.45 -93.58 106.63
C LEU BA 375 -59.93 -93.65 106.81
N PRO BA 376 -59.25 -94.65 106.23
CA PRO BA 376 -57.79 -94.69 106.21
C PRO BA 376 -57.23 -93.51 105.40
N THR BA 377 -56.12 -92.94 105.86
CA THR BA 377 -55.43 -91.77 105.26
C THR BA 377 -56.42 -90.76 104.63
N PRO BA 378 -57.36 -90.17 105.40
CA PRO BA 378 -58.40 -89.35 104.81
C PRO BA 378 -58.10 -87.87 104.57
N GLY BA 379 -57.29 -87.57 103.55
CA GLY BA 379 -56.97 -86.17 103.18
C GLY BA 379 -57.98 -85.68 102.18
N TYR BA 380 -59.27 -85.94 102.40
CA TYR BA 380 -60.36 -85.55 101.47
C TYR BA 380 -60.45 -84.02 101.40
N ILE BA 381 -60.18 -83.42 100.23
CA ILE BA 381 -60.19 -81.94 100.03
C ILE BA 381 -61.03 -81.66 98.78
N PHE BA 382 -61.30 -80.40 98.42
CA PHE BA 382 -62.00 -80.07 97.15
C PHE BA 382 -60.98 -79.40 96.23
N ILE BA 383 -60.48 -80.11 95.21
CA ILE BA 383 -59.41 -79.61 94.32
C ILE BA 383 -59.90 -79.65 92.86
N THR BA 384 -59.57 -78.63 92.06
CA THR BA 384 -59.94 -78.55 90.64
C THR BA 384 -58.74 -78.93 89.76
N PRO BA 385 -58.85 -79.89 88.82
CA PRO BA 385 -57.73 -80.26 87.94
C PRO BA 385 -57.23 -79.09 87.07
N THR BA 386 -58.13 -78.18 86.69
CA THR BA 386 -57.82 -76.97 85.92
C THR BA 386 -57.87 -75.73 86.80
N VAL BA 387 -56.96 -74.78 86.54
CA VAL BA 387 -57.08 -73.38 86.96
C VAL BA 387 -56.99 -72.48 85.73
N SER BA 388 -57.67 -71.34 85.75
CA SER BA 388 -57.57 -70.30 84.72
C SER BA 388 -56.71 -69.14 85.21
N LEU BA 389 -55.66 -68.82 84.46
CA LEU BA 389 -54.78 -67.68 84.69
C LEU BA 389 -55.16 -66.51 83.77
N ARG BA 390 -54.84 -65.28 84.17
CA ARG BA 390 -54.88 -64.10 83.30
C ARG BA 390 -53.46 -63.66 82.95
N TYR BA 391 -53.18 -63.49 81.67
CA TYR BA 391 -51.92 -63.00 81.14
C TYR BA 391 -52.12 -61.64 80.47
N ASN BA 392 -51.25 -60.69 80.77
CA ASN BA 392 -51.23 -59.39 80.10
C ASN BA 392 -49.88 -59.19 79.43
N PRO BA 393 -49.80 -59.03 78.09
CA PRO BA 393 -48.54 -58.93 77.39
C PRO BA 393 -47.75 -57.66 77.76
N TYR BA 394 -48.45 -56.59 78.14
CA TYR BA 394 -47.79 -55.29 78.45
C TYR BA 394 -47.21 -55.35 79.86
N LYS BA 395 -47.66 -56.31 80.67
CA LYS BA 395 -47.17 -56.49 82.07
C LYS BA 395 -46.04 -57.52 82.08
N ASP BA 396 -45.62 -58.02 80.91
CA ASP BA 396 -44.59 -59.10 80.81
C ASP BA 396 -43.19 -58.50 80.61
N LEU BA 397 -42.23 -58.82 81.49
CA LEU BA 397 -40.89 -58.25 81.43
C LEU BA 397 -39.82 -59.27 81.02
N ALA BA 398 -40.20 -60.53 80.79
CA ALA BA 398 -39.30 -61.56 80.30
C ALA BA 398 -38.03 -61.83 81.13
N GLU BA 399 -38.03 -61.59 82.45
CA GLU BA 399 -36.83 -61.73 83.28
C GLU BA 399 -36.56 -63.19 83.66
N ARG BA 400 -37.61 -64.01 83.80
CA ARG BA 400 -37.52 -65.43 84.19
C ARG BA 400 -38.46 -66.32 83.37
N ASN BA 401 -38.81 -65.87 82.16
CA ASN BA 401 -39.60 -66.64 81.21
C ASN BA 401 -38.81 -67.82 80.65
N LYS BA 402 -39.49 -68.94 80.39
CA LYS BA 402 -38.87 -70.20 79.99
C LYS BA 402 -39.88 -71.10 79.30
N CYS BA 403 -39.46 -72.03 78.44
CA CYS BA 403 -40.36 -72.86 77.65
C CYS BA 403 -39.65 -74.14 77.17
N TYR BA 404 -40.28 -75.31 77.28
CA TYR BA 404 -39.72 -76.60 76.85
C TYR BA 404 -40.78 -77.70 76.73
N PHE BA 405 -40.44 -78.80 76.09
CA PHE BA 405 -41.30 -79.98 75.96
C PHE BA 405 -40.85 -81.11 76.91
N VAL BA 406 -41.80 -81.76 77.57
CA VAL BA 406 -41.59 -82.96 78.40
C VAL BA 406 -42.38 -84.13 77.81
N ARG BA 407 -41.94 -85.36 78.08
CA ARG BA 407 -42.56 -86.59 77.57
C ARG BA 407 -43.88 -86.87 78.28
N SER BA 408 -45.00 -86.96 77.56
CA SER BA 408 -46.33 -87.17 78.16
C SER BA 408 -46.58 -88.64 78.51
N LYS BA 409 -46.41 -89.57 77.56
CA LYS BA 409 -46.49 -91.02 77.80
C LYS BA 409 -45.16 -91.61 78.30
N ILE BA 410 -44.75 -91.24 79.52
CA ILE BA 410 -43.72 -91.98 80.27
C ILE BA 410 -44.04 -92.01 81.76
N ASN BA 411 -43.48 -92.99 82.45
CA ASN BA 411 -43.63 -93.15 83.89
C ASN BA 411 -42.60 -92.31 84.68
N ALA BA 412 -42.63 -90.98 84.53
CA ALA BA 412 -41.74 -90.05 85.22
C ALA BA 412 -42.50 -88.91 85.90
N HIS BA 413 -42.14 -88.63 87.14
CA HIS BA 413 -42.79 -87.62 87.98
C HIS BA 413 -42.30 -86.20 87.65
N GLY BA 414 -43.17 -85.21 87.89
CA GLY BA 414 -42.79 -83.80 87.91
C GLY BA 414 -42.62 -83.17 86.53
N TRP BA 415 -42.37 -81.86 86.54
CA TRP BA 415 -42.44 -80.99 85.38
C TRP BA 415 -41.12 -80.29 85.05
N ASP BA 416 -40.04 -80.63 85.76
CA ASP BA 416 -38.72 -79.93 85.57
C ASP BA 416 -38.28 -80.04 84.12
N PRO BA 417 -37.50 -79.07 83.57
CA PRO BA 417 -36.98 -79.19 82.22
C PRO BA 417 -36.18 -80.48 82.17
N GLU BA 418 -36.43 -81.32 81.17
CA GLU BA 418 -35.77 -82.65 81.07
C GLU BA 418 -35.36 -82.92 79.63
N GLN BA 419 -34.66 -84.05 79.39
CA GLN BA 419 -34.22 -84.44 78.02
C GLN BA 419 -33.31 -83.32 77.46
N HIS BA 420 -33.64 -82.72 76.31
CA HIS BA 420 -32.78 -81.71 75.65
C HIS BA 420 -32.77 -80.41 76.48
N GLN BA 421 -31.61 -80.04 77.02
CA GLN BA 421 -31.46 -78.77 77.79
C GLN BA 421 -31.02 -77.69 76.80
N GLU BA 422 -30.55 -78.06 75.61
CA GLU BA 422 -30.24 -77.07 74.58
C GLU BA 422 -31.49 -76.57 73.83
N LEU BA 423 -32.61 -77.31 73.92
CA LEU BA 423 -33.89 -76.93 73.32
C LEU BA 423 -34.72 -76.01 74.22
N ILE BA 424 -34.35 -75.82 75.49
CA ILE BA 424 -35.01 -74.87 76.37
C ILE BA 424 -34.90 -73.46 75.77
N ASN BA 425 -36.04 -72.76 75.67
CA ASN BA 425 -36.13 -71.37 75.13
C ASN BA 425 -36.42 -70.42 76.29
N SER BA 426 -35.61 -69.38 76.53
CA SER BA 426 -35.66 -68.55 77.72
C SER BA 426 -35.58 -67.05 77.41
N ASP BA 427 -36.02 -66.23 78.36
CA ASP BA 427 -35.75 -64.78 78.42
C ASP BA 427 -36.30 -63.93 77.25
N LEU BA 428 -37.48 -64.27 76.74
CA LEU BA 428 -38.27 -63.43 75.83
C LEU BA 428 -39.71 -63.36 76.35
N PRO BA 429 -40.48 -62.31 76.05
CA PRO BA 429 -41.87 -62.26 76.48
C PRO BA 429 -42.67 -63.40 75.86
N GLN BA 430 -43.60 -64.02 76.60
CA GLN BA 430 -44.33 -65.27 76.19
C GLN BA 430 -44.92 -65.26 74.77
N TRP BA 431 -45.39 -64.12 74.27
CA TRP BA 431 -45.89 -64.00 72.90
C TRP BA 431 -44.79 -64.09 71.84
N LEU BA 432 -43.55 -63.73 72.19
CA LEU BA 432 -42.38 -63.93 71.34
C LEU BA 432 -41.71 -65.29 71.59
N LEU BA 433 -41.65 -65.72 72.85
CA LEU BA 433 -41.02 -66.98 73.25
C LEU BA 433 -41.72 -68.21 72.64
N LEU BA 434 -43.06 -68.21 72.57
CA LEU BA 434 -43.83 -69.33 72.05
C LEU BA 434 -43.91 -69.32 70.51
N PHE BA 435 -43.72 -68.18 69.84
CA PHE BA 435 -43.99 -68.06 68.41
C PHE BA 435 -43.08 -68.96 67.58
N GLY BA 436 -43.65 -69.93 66.86
CA GLY BA 436 -42.89 -70.87 66.04
C GLY BA 436 -42.01 -71.86 66.81
N TYR BA 437 -42.00 -71.84 68.15
CA TYR BA 437 -41.17 -72.74 68.93
C TYR BA 437 -41.54 -74.23 68.77
N PRO BA 438 -42.83 -74.63 68.80
CA PRO BA 438 -43.21 -75.99 68.48
C PRO BA 438 -42.76 -76.46 67.10
N ASP BA 439 -42.82 -75.60 66.08
CA ASP BA 439 -42.36 -75.96 64.74
C ASP BA 439 -40.85 -76.07 64.64
N TYR BA 440 -40.09 -75.21 65.33
CA TYR BA 440 -38.65 -75.40 65.44
C TYR BA 440 -38.32 -76.77 66.05
N ILE BA 441 -39.05 -77.16 67.09
CA ILE BA 441 -38.85 -78.45 67.75
C ILE BA 441 -39.22 -79.61 66.82
N LYS BA 442 -40.36 -79.56 66.13
CA LYS BA 442 -40.73 -80.56 65.13
C LYS BA 442 -39.69 -80.69 64.02
N ARG BA 443 -39.25 -79.56 63.44
CA ARG BA 443 -38.26 -79.57 62.33
C ARG BA 443 -36.89 -80.07 62.84
N THR BA 444 -36.57 -79.81 64.11
CA THR BA 444 -35.34 -80.32 64.73
C THR BA 444 -35.33 -81.86 64.85
N GLN BA 445 -36.50 -82.48 65.01
CA GLN BA 445 -36.64 -83.98 65.00
C GLN BA 445 -35.87 -84.65 66.16
N ASN BA 446 -35.52 -83.92 67.22
CA ASN BA 446 -34.85 -84.50 68.40
C ASN BA 446 -35.84 -85.16 69.38
N PHE BA 447 -37.15 -85.11 69.11
CA PHE BA 447 -38.20 -85.77 69.87
C PHE BA 447 -39.03 -86.69 68.98
N ALA BA 448 -39.65 -87.72 69.57
CA ALA BA 448 -40.59 -88.58 68.85
C ALA BA 448 -41.78 -87.74 68.35
N LEU BA 449 -42.06 -87.81 67.05
CA LEU BA 449 -42.69 -86.71 66.32
C LEU BA 449 -44.14 -86.42 66.73
N VAL BA 450 -44.86 -87.40 67.28
CA VAL BA 450 -46.31 -87.32 67.44
C VAL BA 450 -46.74 -86.39 68.58
N ASP BA 451 -47.73 -85.52 68.33
CA ASP BA 451 -48.20 -84.52 69.32
C ASP BA 451 -48.69 -85.17 70.62
N THR BA 452 -49.15 -86.42 70.55
CA THR BA 452 -49.71 -87.11 71.72
C THR BA 452 -48.67 -87.54 72.74
N ASN BA 453 -47.37 -87.54 72.39
CA ASN BA 453 -46.33 -88.12 73.23
C ASN BA 453 -45.52 -87.07 74.00
N TYR BA 454 -45.83 -85.78 73.84
CA TYR BA 454 -45.18 -84.67 74.53
C TYR BA 454 -46.20 -83.66 75.06
N ILE BA 455 -45.79 -82.88 76.05
CA ILE BA 455 -46.48 -81.71 76.58
C ILE BA 455 -45.52 -80.54 76.51
N LEU BA 456 -46.03 -79.37 76.16
CA LEU BA 456 -45.37 -78.08 76.28
C LEU BA 456 -45.63 -77.50 77.68
N VAL BA 457 -44.55 -77.07 78.32
CA VAL BA 457 -44.49 -76.54 79.69
C VAL BA 457 -43.77 -75.20 79.65
N ASP BA 458 -44.29 -74.16 80.32
CA ASP BA 458 -43.62 -72.86 80.34
C ASP BA 458 -43.70 -72.17 81.71
N HIS BA 459 -42.67 -71.41 82.05
CA HIS BA 459 -42.61 -70.60 83.26
C HIS BA 459 -42.81 -69.13 82.90
N CYS BA 460 -43.64 -68.42 83.64
CA CYS BA 460 -43.90 -66.99 83.46
C CYS BA 460 -44.31 -66.36 84.79
N PRO BA 461 -43.47 -65.51 85.40
CA PRO BA 461 -43.80 -64.76 86.60
C PRO BA 461 -45.02 -63.84 86.50
N TYR BA 462 -45.44 -63.50 85.29
CA TYR BA 462 -46.23 -62.29 85.01
C TYR BA 462 -47.74 -62.52 84.84
N THR BA 463 -48.24 -63.75 84.98
CA THR BA 463 -49.68 -63.95 85.19
C THR BA 463 -50.08 -63.44 86.58
N ASN BA 464 -51.32 -62.93 86.71
CA ASN BA 464 -51.77 -62.33 87.97
C ASN BA 464 -51.95 -63.36 89.11
N PRO BA 465 -52.74 -64.43 88.93
CA PRO BA 465 -52.51 -65.68 89.64
C PRO BA 465 -51.29 -66.39 89.04
N GLU BA 466 -50.74 -67.39 89.73
CA GLU BA 466 -49.57 -68.13 89.25
C GLU BA 466 -49.69 -69.64 89.50
N LYS BA 467 -48.94 -70.40 88.71
CA LYS BA 467 -48.54 -71.79 88.96
C LYS BA 467 -47.08 -71.91 88.53
N THR BA 468 -46.28 -72.73 89.22
CA THR BA 468 -44.81 -72.71 89.07
C THR BA 468 -44.39 -72.96 87.61
N PRO BA 469 -44.68 -74.11 86.98
CA PRO BA 469 -44.89 -74.18 85.54
C PRO BA 469 -46.38 -73.99 85.19
N PHE BA 470 -46.60 -73.73 83.89
CA PHE BA 470 -47.97 -73.71 83.33
C PHE BA 470 -48.05 -74.89 82.39
N ILE BA 471 -49.20 -75.55 82.27
CA ILE BA 471 -49.39 -76.62 81.26
C ILE BA 471 -50.55 -76.12 80.39
N PRO BA 472 -50.36 -75.14 79.49
CA PRO BA 472 -51.49 -74.55 78.78
C PRO BA 472 -52.41 -75.62 78.18
N LEU BA 473 -53.72 -75.42 78.24
CA LEU BA 473 -54.71 -76.30 77.61
C LEU BA 473 -55.71 -75.47 76.82
N SER BA 474 -56.08 -75.94 75.64
CA SER BA 474 -57.02 -75.22 74.79
C SER BA 474 -58.44 -75.30 75.34
N THR BA 475 -59.23 -74.26 75.09
CA THR BA 475 -60.65 -74.20 75.46
C THR BA 475 -61.42 -75.42 74.94
N SER BA 476 -61.06 -75.97 73.78
CA SER BA 476 -61.65 -77.21 73.26
C SER BA 476 -61.44 -78.41 74.19
N PHE BA 477 -60.25 -78.63 74.75
CA PHE BA 477 -60.00 -79.70 75.72
C PHE BA 477 -60.64 -79.44 77.08
N ILE BA 478 -60.67 -78.18 77.51
CA ILE BA 478 -61.38 -77.73 78.71
C ILE BA 478 -62.91 -77.83 78.56
N GLU BA 479 -63.42 -77.92 77.33
CA GLU BA 479 -64.85 -78.08 76.99
C GLU BA 479 -65.20 -79.46 76.41
N GLY BA 480 -64.28 -80.42 76.41
CA GLY BA 480 -64.58 -81.78 75.93
C GLY BA 480 -64.85 -81.87 74.43
N ARG BA 481 -63.92 -81.37 73.61
CA ARG BA 481 -64.10 -81.32 72.13
C ARG BA 481 -62.75 -81.52 71.42
N SER BA 482 -62.77 -82.00 70.17
CA SER BA 482 -61.55 -82.25 69.39
C SER BA 482 -60.73 -80.97 69.12
N PRO BA 483 -59.39 -81.06 68.94
CA PRO BA 483 -58.48 -79.90 68.92
C PRO BA 483 -58.89 -78.70 68.05
N TYR BA 484 -59.48 -78.94 66.87
CA TYR BA 484 -59.99 -77.91 65.95
C TYR BA 484 -61.42 -78.21 65.51
N SER BA 485 -62.29 -78.61 66.43
CA SER BA 485 -63.71 -78.93 66.15
C SER BA 485 -64.65 -77.79 66.57
N PRO BA 486 -65.69 -77.47 65.79
CA PRO BA 486 -66.57 -76.34 66.06
C PRO BA 486 -67.36 -76.51 67.37
N SER BA 487 -67.57 -75.40 68.07
CA SER BA 487 -68.14 -75.34 69.43
C SER BA 487 -69.54 -75.94 69.58
N ASP BA 488 -70.28 -76.16 68.48
CA ASP BA 488 -71.62 -76.83 68.54
C ASP BA 488 -71.44 -78.27 69.02
N THR BA 489 -70.26 -78.85 68.84
CA THR BA 489 -69.92 -80.21 69.26
C THR BA 489 -69.65 -80.25 70.78
N HIS BA 490 -70.08 -81.33 71.46
CA HIS BA 490 -69.90 -81.51 72.94
C HIS BA 490 -69.27 -82.87 73.24
N GLU BA 491 -68.55 -83.48 72.31
CA GLU BA 491 -67.80 -84.72 72.47
C GLU BA 491 -66.57 -84.73 71.54
N PRO BA 492 -65.46 -85.38 71.89
CA PRO BA 492 -64.42 -85.70 70.93
C PRO BA 492 -64.93 -86.62 69.80
N ASP BA 493 -64.33 -86.53 68.62
CA ASP BA 493 -64.44 -87.55 67.57
C ASP BA 493 -63.70 -88.85 67.98
N GLU BA 494 -64.05 -90.02 67.45
CA GLU BA 494 -63.62 -91.32 67.99
C GLU BA 494 -62.11 -91.46 68.27
N GLU BA 495 -61.27 -90.95 67.37
CA GLU BA 495 -59.81 -90.98 67.56
C GLU BA 495 -59.31 -90.04 68.68
N ASP BA 496 -60.05 -88.97 68.99
CA ASP BA 496 -59.83 -88.13 70.17
C ASP BA 496 -60.65 -88.59 71.39
N GLN BA 497 -61.67 -89.46 71.23
CA GLN BA 497 -62.29 -90.14 72.38
C GLN BA 497 -61.30 -91.11 73.01
N ASN BA 498 -60.51 -91.80 72.18
CA ASN BA 498 -59.24 -92.40 72.57
C ASN BA 498 -58.17 -91.31 72.80
N ARG BA 499 -57.17 -91.68 73.61
CA ARG BA 499 -56.03 -90.78 73.93
C ARG BA 499 -56.53 -89.44 74.49
N TRP BA 500 -57.62 -89.44 75.28
CA TRP BA 500 -58.20 -88.20 75.87
C TRP BA 500 -57.43 -87.81 77.14
N TYR BA 501 -56.19 -87.35 76.97
CA TYR BA 501 -55.31 -86.96 78.09
C TYR BA 501 -54.39 -85.79 77.69
N PRO BA 502 -53.84 -85.03 78.64
CA PRO BA 502 -52.95 -83.91 78.36
C PRO BA 502 -51.78 -84.25 77.42
N CYS BA 503 -51.73 -83.57 76.28
CA CYS BA 503 -50.64 -83.64 75.31
C CYS BA 503 -50.69 -82.42 74.38
N TYR BA 504 -49.59 -82.16 73.68
CA TYR BA 504 -49.40 -80.98 72.83
C TYR BA 504 -50.53 -80.78 71.80
N GLN BA 505 -51.15 -81.85 71.31
CA GLN BA 505 -52.27 -81.75 70.35
C GLN BA 505 -53.43 -80.93 70.94
N TYR BA 506 -53.69 -81.03 72.24
CA TYR BA 506 -54.72 -80.25 72.90
C TYR BA 506 -54.25 -78.87 73.39
N GLN BA 507 -52.94 -78.59 73.37
CA GLN BA 507 -52.39 -77.30 73.80
C GLN BA 507 -52.32 -76.26 72.67
N GLN BA 508 -52.41 -76.67 71.41
CA GLN BA 508 -52.08 -75.83 70.26
C GLN BA 508 -52.84 -74.50 70.20
N GLU BA 509 -54.15 -74.50 70.39
CA GLU BA 509 -54.94 -73.27 70.32
C GLU BA 509 -54.61 -72.31 71.47
N SER BA 510 -54.26 -72.82 72.66
CA SER BA 510 -53.87 -71.96 73.79
C SER BA 510 -52.57 -71.21 73.53
N ILE BA 511 -51.53 -71.85 73.00
CA ILE BA 511 -50.28 -71.15 72.70
C ILE BA 511 -50.41 -70.25 71.48
N ASN BA 512 -51.27 -70.58 70.52
CA ASN BA 512 -51.61 -69.65 69.46
C ASN BA 512 -52.30 -68.41 70.04
N SER BA 513 -53.22 -68.58 70.98
CA SER BA 513 -53.89 -67.47 71.67
C SER BA 513 -52.93 -66.57 72.45
N ILE BA 514 -51.92 -67.14 73.10
CA ILE BA 514 -50.85 -66.36 73.72
C ILE BA 514 -50.03 -65.60 72.68
N CYS BA 515 -49.67 -66.21 71.55
CA CYS BA 515 -48.99 -65.51 70.45
C CYS BA 515 -49.82 -64.38 69.85
N LEU BA 516 -51.13 -64.58 69.68
CA LEU BA 516 -52.08 -63.55 69.25
C LEU BA 516 -52.17 -62.37 70.21
N SER BA 517 -51.81 -62.52 71.47
CA SER BA 517 -51.70 -61.37 72.38
C SER BA 517 -50.54 -60.44 72.01
N GLY BA 518 -49.54 -60.92 71.27
CA GLY BA 518 -48.39 -60.13 70.83
C GLY BA 518 -48.71 -59.16 69.68
N PRO BA 519 -47.89 -58.12 69.50
CA PRO BA 519 -48.11 -57.10 68.47
C PRO BA 519 -47.90 -57.62 67.05
N GLY BA 520 -48.52 -56.94 66.09
CA GLY BA 520 -48.45 -57.20 64.66
C GLY BA 520 -49.30 -58.38 64.16
N THR BA 521 -49.83 -59.21 65.06
CA THR BA 521 -50.61 -60.39 64.68
C THR BA 521 -51.96 -60.00 64.08
N PRO BA 522 -52.33 -60.52 62.90
CA PRO BA 522 -53.50 -60.06 62.15
C PRO BA 522 -54.85 -60.48 62.75
N LYS BA 523 -55.90 -59.74 62.38
CA LYS BA 523 -57.31 -60.06 62.64
C LYS BA 523 -57.90 -60.69 61.37
N ILE BA 524 -58.33 -61.95 61.45
CA ILE BA 524 -58.96 -62.66 60.32
C ILE BA 524 -60.34 -63.14 60.76
N PRO BA 525 -61.44 -62.73 60.11
CA PRO BA 525 -62.77 -63.21 60.46
C PRO BA 525 -62.89 -64.74 60.40
N LYS BA 526 -63.65 -65.34 61.32
CA LYS BA 526 -63.85 -66.80 61.33
C LYS BA 526 -64.51 -67.26 60.03
N GLY BA 527 -63.99 -68.35 59.46
CA GLY BA 527 -64.41 -68.88 58.16
C GLY BA 527 -63.72 -68.24 56.93
N ILE BA 528 -62.86 -67.24 57.12
CA ILE BA 528 -62.04 -66.66 56.05
C ILE BA 528 -60.61 -67.19 56.16
N THR BA 529 -60.02 -67.60 55.05
CA THR BA 529 -58.61 -67.97 54.95
C THR BA 529 -57.87 -66.87 54.21
N ALA BA 530 -56.88 -66.26 54.85
CA ALA BA 530 -55.99 -65.32 54.20
C ALA BA 530 -54.87 -66.08 53.48
N GLU BA 531 -54.38 -65.56 52.36
CA GLU BA 531 -53.40 -66.22 51.49
C GLU BA 531 -52.40 -65.20 50.98
N ALA BA 532 -51.20 -65.63 50.64
CA ALA BA 532 -50.23 -64.81 49.92
C ALA BA 532 -49.50 -65.65 48.88
N LYS BA 533 -49.09 -65.03 47.78
CA LYS BA 533 -48.36 -65.69 46.70
C LYS BA 533 -47.25 -64.82 46.12
N VAL BA 534 -46.24 -65.47 45.60
CA VAL BA 534 -45.17 -64.87 44.81
C VAL BA 534 -45.17 -65.52 43.43
N LYS BA 535 -44.88 -64.76 42.38
CA LYS BA 535 -44.52 -65.33 41.08
C LYS BA 535 -43.00 -65.29 40.94
N TYR BA 536 -42.41 -66.44 40.63
CA TYR BA 536 -40.97 -66.58 40.49
C TYR BA 536 -40.57 -66.81 39.04
N SER BA 537 -39.35 -66.44 38.70
CA SER BA 537 -38.68 -66.79 37.46
C SER BA 537 -37.22 -67.06 37.75
N PHE BA 538 -36.83 -68.33 37.81
CA PHE BA 538 -35.43 -68.74 37.95
C PHE BA 538 -34.77 -68.83 36.59
N ASN BA 539 -33.60 -68.24 36.42
CA ASN BA 539 -32.90 -68.19 35.15
C ASN BA 539 -31.78 -69.22 35.11
N PHE BA 540 -31.85 -70.14 34.16
CA PHE BA 540 -30.87 -71.18 33.93
C PHE BA 540 -30.43 -71.18 32.47
N LYS BA 541 -29.28 -71.77 32.20
CA LYS BA 541 -28.90 -72.25 30.88
C LYS BA 541 -28.64 -73.73 30.99
N TRP BA 542 -28.98 -74.50 29.96
CA TRP BA 542 -28.66 -75.91 29.82
C TRP BA 542 -27.56 -76.07 28.78
N GLY BA 543 -26.55 -76.88 29.06
CA GLY BA 543 -25.38 -77.04 28.20
C GLY BA 543 -25.13 -78.48 27.83
N GLY BA 544 -24.64 -78.73 26.62
CA GLY BA 544 -24.26 -80.06 26.18
C GLY BA 544 -23.76 -80.12 24.75
N ASP BA 545 -23.36 -81.31 24.32
CA ASP BA 545 -23.22 -81.64 22.91
C ASP BA 545 -24.60 -81.74 22.23
N LEU BA 546 -24.64 -81.57 20.92
CA LEU BA 546 -25.89 -81.49 20.15
C LEU BA 546 -26.72 -82.78 20.31
N PRO BA 547 -28.03 -82.67 20.63
CA PRO BA 547 -28.90 -83.82 20.83
C PRO BA 547 -29.48 -84.38 19.51
N PRO BA 548 -30.04 -85.60 19.51
CA PRO BA 548 -30.80 -86.16 18.40
C PRO BA 548 -32.23 -85.57 18.30
N MET BA 549 -32.93 -85.85 17.19
CA MET BA 549 -34.28 -85.32 16.90
C MET BA 549 -35.06 -86.26 15.96
N SER BA 550 -36.40 -86.15 15.87
CA SER BA 550 -37.26 -86.97 15.00
C SER BA 550 -38.35 -86.15 14.29
N THR BA 551 -38.96 -86.75 13.26
CA THR BA 551 -39.85 -86.05 12.28
C THR BA 551 -41.13 -86.84 11.98
N ILE BA 552 -42.11 -86.16 11.41
CA ILE BA 552 -43.48 -86.64 11.16
C ILE BA 552 -43.77 -86.68 9.66
N THR BA 553 -44.54 -87.65 9.17
CA THR BA 553 -44.92 -87.74 7.74
C THR BA 553 -45.66 -86.49 7.28
N ASN BA 554 -45.42 -86.01 6.06
CA ASN BA 554 -46.16 -84.89 5.50
C ASN BA 554 -47.64 -85.19 5.21
N PRO BA 555 -48.03 -86.34 4.59
CA PRO BA 555 -49.41 -86.58 4.23
C PRO BA 555 -50.35 -86.68 5.42
N THR BA 556 -49.95 -87.39 6.49
CA THR BA 556 -50.76 -87.48 7.73
C THR BA 556 -50.26 -86.42 8.69
N ASP BA 557 -50.68 -85.17 8.49
CA ASP BA 557 -50.20 -84.03 9.33
C ASP BA 557 -51.34 -83.02 9.46
N GLN BA 558 -51.14 -81.94 10.24
CA GLN BA 558 -52.18 -80.90 10.44
C GLN BA 558 -52.83 -80.60 9.08
N PRO BA 559 -54.12 -80.93 8.86
CA PRO BA 559 -54.74 -80.72 7.55
C PRO BA 559 -55.25 -79.30 7.36
N THR BA 560 -55.12 -78.77 6.14
CA THR BA 560 -55.64 -77.42 5.85
C THR BA 560 -57.17 -77.41 5.97
N TYR BA 561 -57.79 -76.27 6.29
CA TYR BA 561 -59.25 -76.16 6.45
C TYR BA 561 -60.02 -76.68 5.22
N VAL BA 562 -59.43 -76.57 4.02
CA VAL BA 562 -59.96 -77.10 2.75
C VAL BA 562 -60.19 -78.61 2.84
N LYS CA 48 -11.15 -12.00 72.42
CA LYS CA 48 -12.43 -11.48 72.96
C LYS CA 48 -13.39 -12.60 73.36
N ARG CA 49 -13.92 -13.37 72.41
CA ARG CA 49 -14.74 -14.56 72.65
C ARG CA 49 -14.37 -15.70 71.70
N LEU CA 50 -14.40 -16.93 72.18
CA LEU CA 50 -14.00 -18.12 71.44
C LEU CA 50 -15.16 -19.13 71.37
N ASN CA 51 -15.20 -19.90 70.30
CA ASN CA 51 -16.06 -21.08 70.23
C ASN CA 51 -15.58 -22.13 71.24
N ILE CA 52 -16.51 -22.74 71.96
CA ILE CA 52 -16.21 -23.93 72.76
C ILE CA 52 -16.02 -25.12 71.82
N VAL CA 53 -14.96 -25.88 72.04
CA VAL CA 53 -14.52 -27.00 71.20
C VAL CA 53 -14.40 -28.25 72.06
N GLU CA 54 -14.74 -29.40 71.50
CA GLU CA 54 -14.58 -30.71 72.14
C GLU CA 54 -13.68 -31.60 71.28
N TRP CA 55 -12.88 -32.46 71.92
CA TRP CA 55 -12.06 -33.43 71.20
C TRP CA 55 -12.81 -34.75 71.07
N GLN CA 56 -12.96 -35.17 69.81
CA GLN CA 56 -13.77 -36.36 69.47
C GLN CA 56 -13.16 -37.62 70.09
N PRO CA 57 -13.99 -38.55 70.59
CA PRO CA 57 -13.52 -39.77 71.24
C PRO CA 57 -12.88 -40.75 70.25
N LYS CA 58 -12.07 -41.67 70.76
CA LYS CA 58 -11.18 -42.53 69.98
C LYS CA 58 -11.91 -43.45 68.98
N SER CA 59 -13.05 -44.03 69.39
CA SER CA 59 -13.92 -44.82 68.52
C SER CA 59 -15.37 -44.39 68.65
N ILE CA 60 -16.08 -44.34 67.52
CA ILE CA 60 -17.46 -43.85 67.40
C ILE CA 60 -18.28 -44.84 66.58
N ARG CA 61 -19.53 -45.11 67.02
CA ARG CA 61 -20.45 -46.05 66.31
C ARG CA 61 -21.90 -45.51 66.23
N LYS CA 62 -22.36 -45.10 65.05
CA LYS CA 62 -23.75 -44.63 64.84
C LYS CA 62 -24.74 -45.74 65.18
N CYS CA 63 -25.84 -45.40 65.86
CA CYS CA 63 -26.93 -46.30 66.18
C CYS CA 63 -28.28 -45.59 66.02
N ARG CA 64 -29.13 -46.16 65.14
CA ARG CA 64 -30.52 -45.67 64.98
C ARG CA 64 -31.48 -46.59 65.76
N ILE CA 65 -31.99 -46.14 66.91
CA ILE CA 65 -32.96 -46.92 67.67
C ILE CA 65 -34.31 -46.80 66.95
N LYS CA 66 -34.70 -47.85 66.22
CA LYS CA 66 -35.86 -47.89 65.33
C LYS CA 66 -36.97 -48.73 65.94
N GLY CA 67 -38.21 -48.28 65.91
CA GLY CA 67 -39.32 -49.04 66.46
C GLY CA 67 -40.68 -48.42 66.21
N MET CA 68 -41.70 -49.00 66.82
CA MET CA 68 -43.11 -48.62 66.65
C MET CA 68 -43.71 -48.27 68.02
N LEU CA 69 -44.41 -47.14 68.12
CA LEU CA 69 -45.05 -46.67 69.36
C LEU CA 69 -46.56 -46.53 69.16
N CYS CA 70 -47.35 -47.12 70.04
CA CYS CA 70 -48.79 -46.92 70.08
C CYS CA 70 -49.14 -45.55 70.68
N LEU CA 71 -49.85 -44.69 69.94
CA LEU CA 71 -50.22 -43.35 70.41
C LEU CA 71 -51.47 -43.38 71.28
N PHE CA 72 -52.47 -44.15 70.88
CA PHE CA 72 -53.64 -44.48 71.71
C PHE CA 72 -54.24 -45.78 71.19
N GLN CA 73 -55.03 -46.44 72.03
CA GLN CA 73 -56.00 -47.43 71.59
C GLN CA 73 -57.25 -47.27 72.43
N THR CA 74 -58.39 -46.99 71.80
CA THR CA 74 -59.57 -46.43 72.46
C THR CA 74 -60.86 -47.07 71.97
N THR CA 75 -61.82 -47.21 72.87
CA THR CA 75 -63.25 -47.34 72.57
C THR CA 75 -63.93 -45.99 72.79
N GLU CA 76 -65.21 -45.86 72.43
CA GLU CA 76 -65.97 -44.61 72.63
C GLU CA 76 -66.10 -44.20 74.11
N ASP CA 77 -66.24 -45.16 75.01
CA ASP CA 77 -66.41 -44.96 76.46
C ASP CA 77 -65.09 -44.64 77.20
N ARG CA 78 -63.97 -44.56 76.47
CA ARG CA 78 -62.66 -44.17 76.99
C ARG CA 78 -62.03 -42.97 76.29
N LEU CA 79 -62.75 -42.29 75.39
CA LEU CA 79 -62.18 -41.20 74.59
C LEU CA 79 -61.62 -40.03 75.41
N SER CA 80 -62.26 -39.68 76.52
CA SER CA 80 -61.83 -38.55 77.36
C SER CA 80 -60.70 -38.86 78.34
N TYR CA 81 -60.13 -40.08 78.31
CA TYR CA 81 -59.10 -40.53 79.25
C TYR CA 81 -57.75 -40.74 78.59
N ASN CA 82 -56.68 -40.56 79.36
CA ASN CA 82 -55.30 -40.75 78.94
C ASN CA 82 -54.97 -42.24 78.77
N PHE CA 83 -54.49 -42.65 77.61
CA PHE CA 83 -53.96 -43.98 77.34
C PHE CA 83 -52.55 -44.14 77.90
N ASP CA 84 -52.41 -45.03 78.89
CA ASP CA 84 -51.14 -45.61 79.29
C ASP CA 84 -51.11 -47.07 78.85
N MET CA 85 -50.05 -47.48 78.14
CA MET CA 85 -49.89 -48.85 77.67
C MET CA 85 -49.51 -49.80 78.82
N TYR CA 86 -48.86 -49.26 79.85
CA TYR CA 86 -48.47 -49.97 81.08
C TYR CA 86 -49.37 -49.46 82.22
N GLU CA 87 -50.28 -50.31 82.65
CA GLU CA 87 -51.55 -49.93 83.24
C GLU CA 87 -51.61 -49.78 84.76
N GLU CA 88 -52.64 -49.06 85.24
CA GLU CA 88 -53.21 -49.31 86.57
C GLU CA 88 -54.02 -50.61 86.43
N SER CA 89 -53.63 -51.68 87.11
CA SER CA 89 -53.94 -53.08 86.76
C SER CA 89 -55.41 -53.44 86.56
N ILE CA 90 -56.35 -52.63 87.06
CA ILE CA 90 -57.79 -52.78 86.83
C ILE CA 90 -58.24 -52.30 85.44
N ILE CA 91 -57.59 -51.27 84.86
CA ILE CA 91 -58.04 -50.65 83.61
C ILE CA 91 -58.17 -51.65 82.45
N PRO CA 92 -57.19 -52.51 82.11
CA PRO CA 92 -57.34 -53.42 81.00
C PRO CA 92 -58.30 -54.60 81.28
N GLU CA 93 -58.75 -54.81 82.52
CA GLU CA 93 -59.72 -55.87 82.81
C GLU CA 93 -61.08 -55.52 82.21
N LYS CA 94 -61.44 -56.24 81.14
CA LYS CA 94 -62.67 -56.03 80.35
C LYS CA 94 -62.76 -54.65 79.68
N LEU CA 95 -61.63 -53.99 79.40
CA LEU CA 95 -61.56 -52.88 78.43
C LEU CA 95 -60.50 -53.17 77.34
N PRO CA 96 -60.87 -53.19 76.05
CA PRO CA 96 -59.91 -53.45 74.97
C PRO CA 96 -59.06 -52.22 74.59
N GLY CA 97 -59.45 -51.01 75.00
CA GLY CA 97 -58.67 -49.79 74.83
C GLY CA 97 -58.85 -48.83 76.00
N GLY CA 98 -57.75 -48.31 76.54
CA GLY CA 98 -57.75 -47.60 77.82
C GLY CA 98 -57.96 -46.09 77.74
N GLY CA 99 -57.77 -45.45 76.58
CA GLY CA 99 -57.85 -44.00 76.49
C GLY CA 99 -57.73 -43.45 75.07
N GLY CA 100 -58.36 -42.32 74.80
CA GLY CA 100 -58.42 -41.70 73.47
C GLY CA 100 -57.43 -40.56 73.23
N PHE CA 101 -56.63 -40.22 74.22
CA PHE CA 101 -55.50 -39.30 74.05
C PHE CA 101 -54.31 -39.83 74.83
N SER CA 102 -53.10 -39.43 74.52
CA SER CA 102 -51.96 -39.69 75.39
C SER CA 102 -50.98 -38.54 75.40
N ILE CA 103 -50.21 -38.46 76.48
CA ILE CA 103 -48.95 -37.74 76.52
C ILE CA 103 -47.84 -38.76 76.73
N LYS CA 104 -46.92 -38.87 75.77
CA LYS CA 104 -45.74 -39.75 75.81
C LYS CA 104 -44.51 -38.91 76.07
N ASN CA 105 -43.68 -39.28 77.03
CA ASN CA 105 -42.30 -38.79 77.15
C ASN CA 105 -41.34 -39.91 76.75
N ILE CA 106 -40.41 -39.63 75.85
CA ILE CA 106 -39.41 -40.58 75.39
C ILE CA 106 -38.03 -40.20 75.93
N SER CA 107 -37.34 -41.15 76.54
CA SER CA 107 -35.97 -41.04 77.02
C SER CA 107 -35.20 -42.27 76.60
N LEU CA 108 -33.86 -42.19 76.58
CA LEU CA 108 -33.01 -43.33 76.23
C LEU CA 108 -33.25 -44.54 77.15
N TYR CA 109 -33.60 -44.34 78.42
CA TYR CA 109 -34.02 -45.42 79.29
C TYR CA 109 -35.38 -46.01 78.91
N ALA CA 110 -36.36 -45.18 78.54
CA ALA CA 110 -37.63 -45.67 78.01
C ALA CA 110 -37.44 -46.43 76.68
N LEU CA 111 -36.53 -46.01 75.81
CA LEU CA 111 -36.15 -46.76 74.61
C LEU CA 111 -35.53 -48.11 74.94
N TYR CA 112 -34.67 -48.20 75.95
CA TYR CA 112 -34.17 -49.47 76.46
C TYR CA 112 -35.29 -50.34 77.04
N GLN CA 113 -36.23 -49.78 77.79
CA GLN CA 113 -37.38 -50.54 78.27
C GLN CA 113 -38.26 -51.07 77.12
N GLU CA 114 -38.48 -50.31 76.07
CA GLU CA 114 -39.17 -50.79 74.87
C GLU CA 114 -38.39 -51.89 74.15
N HIS CA 115 -37.06 -51.94 74.29
CA HIS CA 115 -36.23 -53.04 73.73
C HIS CA 115 -36.43 -54.33 74.54
N ILE CA 116 -36.71 -54.22 75.84
CA ILE CA 116 -37.05 -55.39 76.68
C ILE CA 116 -38.42 -55.97 76.30
N HIS CA 117 -39.36 -55.14 75.85
CA HIS CA 117 -40.63 -55.58 75.25
C HIS CA 117 -40.50 -56.03 73.79
N ALA CA 118 -39.31 -56.01 73.22
CA ALA CA 118 -39.03 -56.28 71.80
C ALA CA 118 -39.76 -55.33 70.83
N HIS CA 119 -40.12 -54.11 71.27
CA HIS CA 119 -40.81 -53.13 70.44
C HIS CA 119 -39.88 -52.30 69.55
N ASN CA 120 -38.57 -52.38 69.75
CA ASN CA 120 -37.57 -51.71 68.92
C ASN CA 120 -36.31 -52.54 68.71
N ILE CA 121 -35.50 -52.11 67.74
CA ILE CA 121 -34.15 -52.59 67.51
C ILE CA 121 -33.16 -51.45 67.79
N PHE CA 122 -31.97 -51.78 68.28
CA PHE CA 122 -30.82 -50.89 68.28
C PHE CA 122 -29.92 -51.31 67.13
N THR CA 123 -29.66 -50.43 66.18
CA THR CA 123 -28.85 -50.75 64.99
C THR CA 123 -27.39 -51.09 65.33
N HIS CA 124 -26.93 -50.60 66.47
CA HIS CA 124 -25.59 -50.96 67.00
C HIS CA 124 -25.72 -51.04 68.52
N THR CA 125 -25.13 -52.04 69.16
CA THR CA 125 -25.07 -52.13 70.63
C THR CA 125 -24.22 -51.02 71.23
N ASN CA 126 -24.43 -50.76 72.52
CA ASN CA 126 -23.78 -49.73 73.31
C ASN CA 126 -22.95 -50.30 74.47
N THR CA 127 -22.67 -51.61 74.50
CA THR CA 127 -22.21 -52.32 75.71
C THR CA 127 -20.88 -51.81 76.25
N ASP CA 128 -19.95 -51.42 75.37
CA ASP CA 128 -18.57 -51.07 75.74
C ASP CA 128 -18.16 -49.67 75.28
N ARG CA 129 -19.15 -48.83 74.94
CA ARG CA 129 -18.92 -47.40 74.56
C ARG CA 129 -19.85 -46.59 75.49
N PRO CA 130 -19.36 -45.96 76.58
CA PRO CA 130 -20.20 -45.36 77.60
C PRO CA 130 -20.70 -43.95 77.27
N LEU CA 131 -20.10 -43.26 76.29
CA LEU CA 131 -20.52 -41.95 75.85
C LEU CA 131 -21.67 -42.05 74.83
N ALA CA 132 -22.53 -41.05 74.80
CA ALA CA 132 -23.60 -40.90 73.83
C ALA CA 132 -23.64 -39.49 73.27
N ARG CA 133 -24.01 -39.37 71.98
CA ARG CA 133 -24.18 -38.07 71.29
C ARG CA 133 -25.50 -38.11 70.51
N TYR CA 134 -26.60 -37.67 71.12
CA TYR CA 134 -27.93 -37.65 70.50
C TYR CA 134 -28.04 -36.57 69.42
N THR CA 135 -28.54 -36.93 68.25
CA THR CA 135 -28.55 -36.05 67.06
C THR CA 135 -29.96 -35.62 66.63
N GLY CA 136 -31.00 -36.22 67.21
CA GLY CA 136 -32.40 -35.92 66.86
C GLY CA 136 -33.18 -37.18 66.49
N CYS CA 137 -34.43 -36.97 66.10
CA CYS CA 137 -35.39 -38.04 65.85
C CYS CA 137 -36.08 -37.86 64.49
N SER CA 138 -36.43 -38.96 63.84
CA SER CA 138 -37.41 -38.98 62.75
C SER CA 138 -38.67 -39.71 63.21
N LEU CA 139 -39.84 -39.12 63.01
CA LEU CA 139 -41.13 -39.78 63.24
C LEU CA 139 -41.86 -39.95 61.91
N LYS CA 140 -42.47 -41.13 61.69
CA LYS CA 140 -43.47 -41.38 60.65
C LYS CA 140 -44.80 -41.69 61.30
N PHE CA 141 -45.77 -40.82 61.15
CA PHE CA 141 -47.11 -40.99 61.69
C PHE CA 141 -47.98 -41.64 60.63
N TYR CA 142 -48.59 -42.78 60.92
CA TYR CA 142 -49.40 -43.50 59.94
C TYR CA 142 -50.86 -43.12 60.01
N GLN CA 143 -51.51 -43.02 58.86
CA GLN CA 143 -52.97 -42.96 58.81
C GLN CA 143 -53.56 -44.24 59.40
N SER CA 144 -54.41 -44.10 60.40
CA SER CA 144 -55.24 -45.23 60.85
C SER CA 144 -56.31 -45.56 59.82
N LYS CA 145 -56.86 -46.76 59.87
CA LYS CA 145 -57.96 -47.16 58.98
C LYS CA 145 -59.24 -46.36 59.26
N ASP CA 146 -59.66 -46.32 60.52
CA ASP CA 146 -61.00 -45.88 60.92
C ASP CA 146 -61.08 -44.52 61.64
N ILE CA 147 -59.96 -44.01 62.18
CA ILE CA 147 -60.00 -42.79 63.04
C ILE CA 147 -58.94 -41.75 62.62
N ASP CA 148 -59.29 -40.47 62.69
CA ASP CA 148 -58.33 -39.38 62.38
C ASP CA 148 -57.63 -39.09 63.71
N TYR CA 149 -56.59 -38.24 63.74
CA TYR CA 149 -55.99 -37.87 65.04
C TYR CA 149 -55.04 -36.70 64.91
N VAL CA 150 -55.02 -35.83 65.90
CA VAL CA 150 -54.14 -34.66 65.97
C VAL CA 150 -52.92 -35.04 66.79
N VAL CA 151 -51.74 -34.67 66.34
CA VAL CA 151 -50.50 -34.76 67.12
C VAL CA 151 -49.94 -33.37 67.32
N THR CA 152 -49.34 -33.12 68.48
CA THR CA 152 -48.35 -32.06 68.62
C THR CA 152 -47.24 -32.54 69.54
N TYR CA 153 -46.03 -32.07 69.34
CA TYR CA 153 -44.86 -32.53 70.08
C TYR CA 153 -44.05 -31.34 70.58
N SER CA 154 -43.25 -31.58 71.61
CA SER CA 154 -42.39 -30.57 72.21
C SER CA 154 -41.05 -31.18 72.59
N THR CA 155 -40.01 -30.34 72.72
CA THR CA 155 -38.67 -30.80 73.17
C THR CA 155 -38.11 -29.82 74.20
N SER CA 156 -38.94 -29.02 74.85
CA SER CA 156 -38.45 -28.16 75.95
C SER CA 156 -37.90 -29.11 77.03
N LEU CA 157 -36.59 -29.14 77.24
CA LEU CA 157 -35.99 -30.13 78.19
C LEU CA 157 -36.79 -30.12 79.50
N PRO CA 158 -37.17 -28.97 80.09
CA PRO CA 158 -37.99 -28.98 81.28
C PRO CA 158 -39.28 -29.74 81.00
N LEU CA 159 -39.51 -30.85 81.71
CA LEU CA 159 -40.71 -31.70 81.51
C LEU CA 159 -41.67 -31.51 82.71
N ARG CA 160 -42.93 -31.17 82.44
CA ARG CA 160 -43.95 -30.99 83.51
C ARG CA 160 -45.35 -31.14 82.92
N SER CA 161 -46.37 -31.39 83.75
CA SER CA 161 -47.77 -31.50 83.30
C SER CA 161 -48.55 -30.28 83.81
N SER CA 162 -49.64 -29.92 83.13
CA SER CA 162 -50.45 -28.74 83.53
C SER CA 162 -51.95 -29.03 83.32
N MET CA 163 -52.82 -28.38 84.08
CA MET CA 163 -54.26 -28.50 83.93
C MET CA 163 -54.74 -28.00 82.56
N GLY CA 164 -54.16 -26.89 82.09
CA GLY CA 164 -54.41 -26.34 80.76
C GLY CA 164 -53.92 -27.25 79.63
N MET CA 165 -52.79 -27.96 79.81
CA MET CA 165 -52.36 -28.98 78.85
C MET CA 165 -53.42 -30.08 78.72
N TYR CA 166 -53.87 -30.68 79.82
CA TYR CA 166 -54.83 -31.77 79.77
C TYR CA 166 -56.19 -31.33 79.20
N ASN CA 167 -56.68 -30.14 79.52
CA ASN CA 167 -57.89 -29.63 78.87
C ASN CA 167 -57.65 -29.38 77.38
N SER CA 168 -56.50 -28.82 77.00
CA SER CA 168 -56.18 -28.56 75.59
C SER CA 168 -56.01 -29.83 74.74
N MET CA 169 -55.93 -31.02 75.35
CA MET CA 169 -56.02 -32.28 74.64
C MET CA 169 -57.39 -32.56 74.03
N GLN CA 170 -58.44 -31.81 74.41
CA GLN CA 170 -59.76 -31.97 73.83
C GLN CA 170 -59.66 -31.81 72.31
N PRO CA 171 -60.25 -32.71 71.50
CA PRO CA 171 -59.92 -32.78 70.07
C PRO CA 171 -60.12 -31.49 69.29
N SER CA 172 -61.17 -30.73 69.57
CA SER CA 172 -61.42 -29.44 68.93
C SER CA 172 -60.38 -28.39 69.33
N ILE CA 173 -59.99 -28.35 70.61
CA ILE CA 173 -58.99 -27.41 71.11
C ILE CA 173 -57.60 -27.75 70.60
N HIS CA 174 -57.22 -29.02 70.64
CA HIS CA 174 -55.95 -29.48 70.09
C HIS CA 174 -55.87 -29.20 68.58
N LEU CA 175 -56.94 -29.46 67.83
CA LEU CA 175 -57.01 -29.13 66.41
C LEU CA 175 -56.89 -27.62 66.11
N MET CA 176 -57.20 -26.72 67.04
CA MET CA 176 -56.96 -25.29 66.86
C MET CA 176 -55.52 -24.84 67.12
N GLN CA 177 -54.72 -25.61 67.86
CA GLN CA 177 -53.38 -25.19 68.25
C GLN CA 177 -52.42 -25.01 67.07
N GLN CA 178 -51.43 -24.13 67.23
CA GLN CA 178 -50.35 -23.97 66.26
C GLN CA 178 -49.35 -25.13 66.34
N ASN CA 179 -48.70 -25.43 65.22
CA ASN CA 179 -47.76 -26.56 65.08
C ASN CA 179 -48.38 -27.92 65.47
N LYS CA 180 -49.69 -28.06 65.25
CA LYS CA 180 -50.38 -29.35 65.17
C LYS CA 180 -49.95 -30.09 63.91
N LEU CA 181 -50.16 -31.39 63.91
CA LEU CA 181 -50.19 -32.25 62.75
C LEU CA 181 -51.52 -33.00 62.77
N ILE CA 182 -52.32 -32.91 61.71
CA ILE CA 182 -53.55 -33.68 61.56
C ILE CA 182 -53.24 -34.86 60.67
N VAL CA 183 -53.60 -36.06 61.11
CA VAL CA 183 -53.50 -37.27 60.32
C VAL CA 183 -54.91 -37.77 60.03
N PRO CA 184 -55.44 -37.54 58.81
CA PRO CA 184 -56.73 -38.10 58.42
C PRO CA 184 -56.63 -39.63 58.36
N SER CA 185 -57.71 -40.32 58.67
CA SER CA 185 -57.81 -41.75 58.41
C SER CA 185 -57.72 -42.04 56.91
N LYS CA 186 -57.45 -43.29 56.54
CA LYS CA 186 -57.48 -43.74 55.14
C LYS CA 186 -58.87 -43.59 54.52
N GLN CA 187 -59.92 -43.67 55.34
CA GLN CA 187 -61.29 -43.40 54.93
C GLN CA 187 -61.55 -41.92 54.63
N THR CA 188 -61.09 -40.99 55.47
CA THR CA 188 -61.34 -39.55 55.23
C THR CA 188 -60.44 -38.94 54.16
N GLN CA 189 -59.23 -39.46 53.93
CA GLN CA 189 -58.39 -39.04 52.81
C GLN CA 189 -57.43 -40.13 52.35
N LYS CA 190 -57.56 -40.58 51.10
CA LYS CA 190 -56.52 -41.37 50.42
C LYS CA 190 -55.36 -40.48 50.01
N ARG CA 191 -54.12 -40.92 50.26
CA ARG CA 191 -52.89 -40.13 50.07
C ARG CA 191 -51.87 -40.90 49.24
N ARG CA 192 -50.94 -40.19 48.58
CA ARG CA 192 -49.80 -40.80 47.88
C ARG CA 192 -48.92 -41.60 48.83
N LYS CA 193 -48.46 -40.95 49.91
CA LYS CA 193 -47.72 -41.61 51.00
C LYS CA 193 -48.68 -41.87 52.15
N PRO CA 194 -48.75 -43.10 52.71
CA PRO CA 194 -49.71 -43.46 53.74
C PRO CA 194 -49.33 -42.96 55.15
N TYR CA 195 -48.35 -42.08 55.25
CA TYR CA 195 -47.78 -41.56 56.49
C TYR CA 195 -47.36 -40.10 56.32
N ILE CA 196 -47.23 -39.38 57.43
CA ILE CA 196 -46.61 -38.05 57.45
C ILE CA 196 -45.30 -38.14 58.24
N LYS CA 197 -44.20 -37.69 57.64
CA LYS CA 197 -42.84 -37.81 58.15
C LYS CA 197 -42.31 -36.45 58.56
N LYS CA 198 -41.75 -36.34 59.76
CA LYS CA 198 -40.98 -35.13 60.14
C LYS CA 198 -39.86 -35.38 61.12
N HIS CA 199 -38.82 -34.56 61.00
CA HIS CA 199 -37.59 -34.62 61.77
C HIS CA 199 -37.68 -33.64 62.94
N ILE CA 200 -37.27 -34.10 64.12
CA ILE CA 200 -37.34 -33.36 65.36
C ILE CA 200 -35.93 -33.21 65.93
N SER CA 201 -35.51 -31.97 66.18
CA SER CA 201 -34.18 -31.64 66.71
C SER CA 201 -34.06 -31.99 68.21
N PRO CA 202 -32.87 -32.19 68.79
CA PRO CA 202 -32.74 -32.39 70.23
C PRO CA 202 -33.33 -31.25 71.06
N PRO CA 203 -33.67 -31.49 72.34
CA PRO CA 203 -33.96 -30.42 73.29
C PRO CA 203 -32.88 -29.34 73.26
N THR CA 204 -33.23 -28.06 73.42
CA THR CA 204 -32.24 -26.97 73.37
C THR CA 204 -31.16 -27.11 74.45
N GLN CA 205 -31.49 -27.79 75.56
CA GLN CA 205 -30.55 -28.05 76.68
C GLN CA 205 -29.60 -29.21 76.35
N MET CA 206 -30.00 -30.12 75.45
CA MET CA 206 -29.11 -31.18 74.95
C MET CA 206 -28.26 -30.60 73.82
N LYS CA 207 -27.02 -30.23 74.12
CA LYS CA 207 -26.09 -29.66 73.13
C LYS CA 207 -25.48 -30.78 72.28
N SER CA 208 -24.75 -30.46 71.22
CA SER CA 208 -24.14 -31.46 70.33
C SER CA 208 -22.98 -32.24 70.98
N GLN CA 209 -22.54 -31.84 72.17
CA GLN CA 209 -21.46 -32.50 72.91
C GLN CA 209 -21.75 -33.98 73.22
N TRP CA 210 -20.71 -34.74 73.55
CA TRP CA 210 -20.83 -36.07 74.15
C TRP CA 210 -21.29 -35.99 75.60
N TYR CA 211 -22.09 -36.95 76.04
CA TYR CA 211 -22.56 -37.11 77.41
C TYR CA 211 -22.41 -38.55 77.84
N PHE CA 212 -22.06 -38.85 79.08
CA PHE CA 212 -22.18 -40.21 79.59
C PHE CA 212 -23.63 -40.70 79.48
N GLN CA 213 -23.82 -41.94 79.02
CA GLN CA 213 -25.18 -42.52 78.86
C GLN CA 213 -25.88 -42.62 80.22
N HIS CA 214 -25.15 -42.74 81.34
CA HIS CA 214 -25.72 -42.78 82.71
C HIS CA 214 -26.39 -41.43 83.04
N ASN CA 215 -25.81 -40.32 82.58
CA ASN CA 215 -26.33 -39.00 82.86
C ASN CA 215 -27.59 -38.69 82.05
N ILE CA 216 -27.56 -38.94 80.74
CA ILE CA 216 -28.68 -38.63 79.84
C ILE CA 216 -29.77 -39.70 79.81
N ALA CA 217 -29.59 -40.87 80.43
CA ALA CA 217 -30.53 -41.98 80.36
C ALA CA 217 -31.99 -41.57 80.62
N ASN CA 218 -32.23 -40.80 81.69
CA ASN CA 218 -33.58 -40.42 82.11
C ASN CA 218 -34.05 -39.04 81.62
N ILE CA 219 -33.22 -38.27 80.94
CA ILE CA 219 -33.58 -36.95 80.39
C ILE CA 219 -34.63 -37.14 79.28
N PRO CA 220 -35.85 -36.56 79.38
CA PRO CA 220 -36.87 -36.76 78.35
C PRO CA 220 -36.53 -35.94 77.11
N LEU CA 221 -36.20 -36.62 75.99
CA LEU CA 221 -35.70 -35.95 74.75
C LEU CA 221 -36.83 -35.64 73.77
N LEU CA 222 -38.04 -36.13 74.01
CA LEU CA 222 -39.21 -35.83 73.20
C LEU CA 222 -40.49 -36.00 74.02
N MET CA 223 -41.44 -35.08 73.88
CA MET CA 223 -42.84 -35.29 74.28
C MET CA 223 -43.75 -35.35 73.05
N ILE CA 224 -44.57 -36.38 72.94
CA ILE CA 224 -45.63 -36.47 71.91
C ILE CA 224 -46.98 -36.38 72.60
N ARG CA 225 -47.85 -35.48 72.16
CA ARG CA 225 -49.25 -35.36 72.59
C ARG CA 225 -50.15 -35.76 71.44
N THR CA 226 -51.05 -36.71 71.64
CA THR CA 226 -51.98 -37.18 70.59
C THR CA 226 -53.40 -37.25 71.10
N THR CA 227 -54.38 -36.89 70.30
CA THR CA 227 -55.81 -37.04 70.62
C THR CA 227 -56.57 -37.59 69.42
N ALA CA 228 -57.50 -38.51 69.67
CA ALA CA 228 -58.39 -39.09 68.67
C ALA CA 228 -59.52 -38.13 68.27
N LEU CA 229 -59.88 -38.12 66.99
CA LEU CA 229 -60.61 -37.04 66.34
C LEU CA 229 -61.59 -37.62 65.29
N THR CA 230 -62.64 -36.89 64.95
CA THR CA 230 -63.24 -37.05 63.62
C THR CA 230 -63.44 -35.72 62.94
N LEU CA 231 -63.02 -35.63 61.68
CA LEU CA 231 -63.19 -34.46 60.83
C LEU CA 231 -64.58 -34.43 60.16
N ASP CA 232 -65.09 -35.58 59.70
CA ASP CA 232 -66.39 -35.69 59.00
C ASP CA 232 -67.63 -35.69 59.92
N ASN CA 233 -67.45 -36.00 61.21
CA ASN CA 233 -68.52 -36.03 62.21
C ASN CA 233 -68.23 -35.02 63.32
N TYR CA 234 -67.53 -33.93 63.01
CA TYR CA 234 -66.99 -33.00 64.00
C TYR CA 234 -68.03 -32.45 64.98
N TYR CA 235 -69.22 -32.06 64.51
CA TYR CA 235 -70.27 -31.53 65.37
C TYR CA 235 -71.19 -32.61 65.94
N ILE CA 236 -71.70 -33.50 65.09
CA ILE CA 236 -72.63 -34.55 65.50
C ILE CA 236 -71.95 -35.57 66.41
N GLY CA 237 -70.72 -35.96 66.10
CA GLY CA 237 -69.93 -36.92 66.87
C GLY CA 237 -70.64 -38.25 66.93
N SER CA 238 -71.02 -38.68 68.13
CA SER CA 238 -71.85 -39.86 68.36
C SER CA 238 -73.24 -39.56 68.95
N ARG CA 239 -73.72 -38.33 68.80
CA ARG CA 239 -75.07 -37.90 69.19
C ARG CA 239 -76.14 -38.83 68.63
N GLN CA 240 -77.15 -39.15 69.44
CA GLN CA 240 -78.35 -39.89 69.06
C GLN CA 240 -79.58 -39.07 69.48
N LEU CA 241 -80.62 -39.01 68.65
CA LEU CA 241 -81.83 -38.22 68.89
C LEU CA 241 -81.51 -36.73 69.16
N SER CA 242 -81.94 -36.18 70.29
CA SER CA 242 -81.75 -34.77 70.67
C SER CA 242 -80.28 -34.38 70.84
N THR CA 243 -79.96 -33.10 70.71
CA THR CA 243 -78.65 -32.55 71.07
C THR CA 243 -78.38 -32.63 72.59
N ASN CA 244 -79.43 -32.61 73.41
CA ASN CA 244 -79.34 -32.73 74.86
C ASN CA 244 -78.85 -34.12 75.27
N VAL CA 245 -77.91 -34.17 76.21
CA VAL CA 245 -77.47 -35.39 76.91
C VAL CA 245 -78.09 -35.41 78.31
N THR CA 246 -78.48 -36.58 78.80
CA THR CA 246 -79.02 -36.74 80.15
C THR CA 246 -77.91 -37.13 81.12
N ILE CA 247 -77.77 -36.38 82.20
CA ILE CA 247 -76.82 -36.64 83.30
C ILE CA 247 -77.62 -37.12 84.50
N HIS CA 248 -77.22 -38.21 85.14
CA HIS CA 248 -77.84 -38.63 86.43
C HIS CA 248 -76.99 -37.98 87.51
N THR CA 249 -77.57 -37.60 88.65
CA THR CA 249 -76.83 -37.06 89.80
C THR CA 249 -77.44 -37.46 91.13
N LEU CA 250 -76.65 -37.39 92.21
CA LEU CA 250 -77.18 -37.60 93.57
C LEU CA 250 -77.90 -36.31 93.97
N ASN CA 251 -79.17 -36.38 94.37
CA ASN CA 251 -79.87 -35.17 94.89
C ASN CA 251 -78.93 -34.52 95.90
N THR CA 252 -78.56 -33.26 95.71
CA THR CA 252 -77.63 -32.54 96.61
C THR CA 252 -78.41 -32.06 97.81
N THR CA 253 -79.70 -31.76 97.65
CA THR CA 253 -80.53 -31.17 98.70
C THR CA 253 -80.95 -32.17 99.79
N TYR CA 254 -80.58 -33.44 99.68
CA TYR CA 254 -80.93 -34.49 100.66
C TYR CA 254 -79.77 -35.44 100.96
N ILE CA 255 -78.97 -35.84 99.96
CA ILE CA 255 -77.82 -36.74 100.12
C ILE CA 255 -76.54 -35.90 100.32
N GLN CA 256 -76.09 -35.68 101.56
CA GLN CA 256 -74.90 -34.81 101.74
C GLN CA 256 -73.91 -35.35 102.78
N ASN CA 257 -74.28 -36.35 103.57
CA ASN CA 257 -73.41 -36.72 104.69
C ASN CA 257 -72.09 -37.39 104.30
N ARG CA 258 -72.01 -38.01 103.11
CA ARG CA 258 -70.76 -38.65 102.59
C ARG CA 258 -70.17 -39.67 103.59
N ASP CA 259 -71.00 -40.32 104.41
CA ASP CA 259 -70.54 -41.33 105.38
C ASP CA 259 -70.64 -42.76 104.79
N TRP CA 260 -69.99 -43.01 103.66
CA TRP CA 260 -70.22 -44.21 102.85
C TRP CA 260 -69.28 -45.38 103.12
N GLY CA 261 -69.74 -46.59 102.77
CA GLY CA 261 -68.89 -47.78 102.66
C GLY CA 261 -68.59 -48.51 103.97
N ASP CA 262 -69.51 -48.49 104.93
CA ASP CA 262 -69.47 -49.35 106.14
C ASP CA 262 -70.80 -50.11 106.34
N ARG CA 263 -70.72 -51.37 106.79
CA ARG CA 263 -71.94 -52.10 107.24
C ARG CA 263 -72.01 -51.92 108.76
N ASN CA 264 -71.03 -51.21 109.35
CA ASN CA 264 -70.91 -50.96 110.79
C ASN CA 264 -71.56 -49.64 111.24
N LYS CA 265 -72.36 -48.98 110.39
CA LYS CA 265 -72.93 -47.65 110.60
C LYS CA 265 -74.32 -47.54 109.98
N THR CA 266 -75.34 -47.19 110.76
CA THR CA 266 -76.67 -46.86 110.21
C THR CA 266 -76.58 -45.56 109.39
N TYR CA 267 -76.96 -45.60 108.12
CA TYR CA 267 -76.80 -44.44 107.23
C TYR CA 267 -77.89 -43.39 107.46
N TYR CA 268 -77.46 -42.12 107.46
CA TYR CA 268 -78.30 -40.95 107.56
C TYR CA 268 -77.88 -39.99 106.45
N CYS CA 269 -78.83 -39.40 105.72
CA CYS CA 269 -78.53 -38.74 104.45
C CYS CA 269 -78.10 -37.28 104.61
N GLN CA 270 -78.65 -36.54 105.58
CA GLN CA 270 -78.24 -35.17 105.89
C GLN CA 270 -78.35 -34.85 107.38
N THR CA 271 -77.62 -33.84 107.82
CA THR CA 271 -77.81 -33.15 109.10
C THR CA 271 -78.31 -31.72 108.84
N LEU CA 272 -79.30 -31.26 109.59
CA LEU CA 272 -79.72 -29.85 109.61
C LEU CA 272 -79.87 -29.40 111.07
N GLY CA 273 -79.28 -28.26 111.43
CA GLY CA 273 -79.15 -27.87 112.84
C GLY CA 273 -78.44 -28.95 113.66
N THR CA 274 -79.11 -29.50 114.67
CA THR CA 274 -78.66 -30.68 115.43
C THR CA 274 -79.21 -32.02 114.92
N GLN CA 275 -80.19 -32.01 114.00
CA GLN CA 275 -80.92 -33.21 113.58
C GLN CA 275 -80.08 -34.11 112.65
N ARG CA 276 -80.53 -35.36 112.52
CA ARG CA 276 -80.14 -36.31 111.46
C ARG CA 276 -81.40 -36.74 110.71
N TYR CA 277 -81.29 -36.95 109.41
CA TYR CA 277 -82.40 -37.36 108.55
C TYR CA 277 -82.10 -38.72 107.91
N PHE CA 278 -83.13 -39.52 107.73
CA PHE CA 278 -83.06 -40.94 107.44
C PHE CA 278 -84.01 -41.30 106.30
N LEU CA 279 -83.66 -42.34 105.57
CA LEU CA 279 -84.38 -42.83 104.40
C LEU CA 279 -84.94 -44.22 104.70
N TYR CA 280 -86.13 -44.52 104.18
CA TYR CA 280 -86.77 -45.84 104.29
C TYR CA 280 -87.38 -46.24 102.95
N GLY CA 281 -87.18 -47.49 102.52
CA GLY CA 281 -87.85 -48.03 101.34
C GLY CA 281 -89.18 -48.67 101.71
N THR CA 282 -90.13 -48.75 100.79
CA THR CA 282 -91.31 -49.59 100.97
C THR CA 282 -91.80 -50.17 99.65
N HIS CA 283 -92.45 -51.34 99.72
CA HIS CA 283 -93.11 -51.94 98.52
C HIS CA 283 -94.60 -51.64 98.62
N SER CA 284 -95.02 -50.86 99.63
CA SER CA 284 -96.44 -50.55 99.85
C SER CA 284 -97.08 -49.86 98.66
N THR CA 285 -98.31 -50.25 98.34
CA THR CA 285 -99.18 -49.61 97.36
C THR CA 285 -99.94 -48.41 97.94
N ALA CA 286 -99.75 -48.09 99.23
CA ALA CA 286 -100.44 -46.98 99.89
C ALA CA 286 -100.17 -45.65 99.20
N GLN CA 287 -101.24 -44.91 98.89
CA GLN CA 287 -101.16 -43.63 98.18
C GLN CA 287 -100.79 -42.45 99.10
N ASN CA 288 -101.11 -42.55 100.40
CA ASN CA 288 -100.97 -41.45 101.34
C ASN CA 288 -99.79 -41.71 102.31
N ILE CA 289 -98.83 -40.79 102.34
CA ILE CA 289 -97.64 -40.88 103.19
C ILE CA 289 -97.96 -40.96 104.69
N ASN CA 290 -99.13 -40.46 105.11
CA ASN CA 290 -99.53 -40.50 106.52
C ASN CA 290 -99.89 -41.91 107.01
N ASP CA 291 -100.60 -42.71 106.19
CA ASP CA 291 -101.20 -44.03 106.65
C ASP CA 291 -100.28 -45.25 106.50
N ILE CA 292 -99.13 -45.13 105.86
CA ILE CA 292 -98.16 -46.23 105.82
C ILE CA 292 -97.83 -46.69 107.26
N LYS CA 293 -97.70 -48.00 107.48
CA LYS CA 293 -97.41 -48.56 108.81
C LYS CA 293 -95.97 -48.25 109.25
N LEU CA 294 -95.63 -48.60 110.49
CA LEU CA 294 -94.22 -48.51 110.95
C LEU CA 294 -93.53 -49.77 110.40
N GLN CA 295 -94.30 -50.82 110.06
CA GLN CA 295 -93.78 -52.10 109.54
C GLN CA 295 -93.38 -51.99 108.06
N GLU CA 296 -94.18 -51.32 107.24
CA GLU CA 296 -93.93 -51.24 105.77
C GLU CA 296 -92.51 -50.77 105.49
N LEU CA 297 -92.01 -49.79 106.24
CA LEU CA 297 -90.69 -49.17 105.97
C LEU CA 297 -89.55 -50.20 106.05
N ILE CA 298 -88.60 -50.17 105.10
CA ILE CA 298 -87.39 -51.06 105.10
C ILE CA 298 -86.23 -50.12 105.43
N PRO CA 299 -85.78 -50.01 106.70
CA PRO CA 299 -84.80 -49.02 107.10
C PRO CA 299 -83.46 -49.35 106.49
N LEU CA 300 -82.63 -48.33 106.24
CA LEU CA 300 -81.30 -48.54 105.59
C LEU CA 300 -80.20 -48.45 106.65
N THR CA 301 -79.53 -49.57 106.97
CA THR CA 301 -78.47 -49.63 108.00
C THR CA 301 -77.15 -49.95 107.32
N ASN CA 302 -77.13 -50.08 105.99
CA ASN CA 302 -75.91 -50.34 105.24
C ASN CA 302 -75.89 -49.42 104.00
N THR CA 303 -74.73 -48.87 103.64
CA THR CA 303 -74.52 -48.34 102.27
C THR CA 303 -73.54 -49.14 101.43
N GLN CA 304 -72.67 -49.93 102.10
CA GLN CA 304 -71.54 -50.67 101.46
C GLN CA 304 -71.96 -51.83 100.54
N ASP CA 305 -73.22 -52.28 100.56
CA ASP CA 305 -73.61 -53.45 99.74
C ASP CA 305 -74.64 -53.15 98.66
N TYR CA 306 -74.74 -54.03 97.66
CA TYR CA 306 -75.78 -53.95 96.63
C TYR CA 306 -77.17 -54.40 97.13
N VAL CA 307 -77.26 -54.95 98.34
CA VAL CA 307 -78.46 -55.63 98.85
C VAL CA 307 -79.68 -54.71 98.88
N GLN CA 308 -80.83 -55.23 98.43
CA GLN CA 308 -82.13 -54.51 98.42
C GLN CA 308 -82.77 -54.42 99.80
N GLY CA 309 -82.45 -55.37 100.69
CA GLY CA 309 -83.22 -55.62 101.90
C GLY CA 309 -84.52 -56.38 101.58
N PHE CA 310 -85.40 -56.48 102.56
CA PHE CA 310 -86.73 -57.08 102.40
C PHE CA 310 -87.71 -56.52 103.44
N ASP CA 311 -89.00 -56.71 103.19
CA ASP CA 311 -90.08 -56.23 104.04
C ASP CA 311 -90.31 -57.12 105.29
N TRP CA 312 -90.88 -56.55 106.35
CA TRP CA 312 -91.21 -57.25 107.60
C TRP CA 312 -92.18 -58.42 107.38
N THR CA 313 -92.95 -58.42 106.30
CA THR CA 313 -93.78 -59.59 105.90
C THR CA 313 -92.96 -60.84 105.60
N GLU CA 314 -91.63 -60.73 105.39
CA GLU CA 314 -90.72 -61.87 105.22
C GLU CA 314 -89.99 -62.26 106.53
N LYS CA 315 -90.45 -61.76 107.69
CA LYS CA 315 -89.95 -62.15 109.03
C LYS CA 315 -89.75 -63.66 109.17
N ASP CA 316 -90.76 -64.45 108.77
CA ASP CA 316 -90.74 -65.90 108.86
C ASP CA 316 -89.86 -66.61 107.82
N LYS CA 317 -89.43 -65.92 106.74
CA LYS CA 317 -88.50 -66.48 105.75
C LYS CA 317 -87.04 -66.42 106.21
N HIS CA 318 -86.70 -65.45 107.09
CA HIS CA 318 -85.33 -65.25 107.63
C HIS CA 318 -85.33 -65.47 109.15
N ASN CA 319 -86.27 -66.24 109.69
CA ASN CA 319 -86.34 -66.61 111.11
C ASN CA 319 -86.15 -65.41 112.06
N ILE CA 320 -86.62 -64.24 111.65
CA ILE CA 320 -86.46 -62.98 112.40
C ILE CA 320 -87.33 -63.02 113.67
N THR CA 321 -86.74 -62.69 114.81
CA THR CA 321 -87.44 -62.64 116.11
C THR CA 321 -87.76 -61.21 116.56
N THR CA 322 -87.00 -60.21 116.11
CA THR CA 322 -87.12 -58.82 116.57
C THR CA 322 -86.84 -57.83 115.44
N TYR CA 323 -87.26 -56.57 115.62
CA TYR CA 323 -86.88 -55.50 114.71
C TYR CA 323 -85.36 -55.31 114.63
N LYS CA 324 -84.59 -55.63 115.68
CA LYS CA 324 -83.12 -55.69 115.65
C LYS CA 324 -82.60 -56.68 114.59
N GLU CA 325 -83.18 -57.87 114.50
CA GLU CA 325 -82.85 -58.83 113.42
C GLU CA 325 -83.42 -58.41 112.05
N PHE CA 326 -84.55 -57.70 112.01
CA PHE CA 326 -85.04 -57.10 110.77
C PHE CA 326 -84.07 -56.02 110.24
N LEU CA 327 -83.55 -55.15 111.11
CA LEU CA 327 -82.50 -54.16 110.79
C LEU CA 327 -81.24 -54.81 110.23
N THR CA 328 -80.76 -55.91 110.84
CA THR CA 328 -79.50 -56.51 110.39
C THR CA 328 -79.67 -57.39 109.16
N LYS CA 329 -80.72 -58.22 109.08
CA LYS CA 329 -80.94 -59.10 107.92
C LYS CA 329 -81.62 -58.38 106.74
N GLY CA 330 -82.57 -57.50 107.00
CA GLY CA 330 -83.55 -57.01 106.00
C GLY CA 330 -83.39 -55.56 105.57
N ALA CA 331 -82.45 -54.79 106.12
CA ALA CA 331 -82.23 -53.42 105.68
C ALA CA 331 -81.71 -53.33 104.23
N GLY CA 332 -82.14 -52.29 103.52
CA GLY CA 332 -81.83 -52.07 102.10
C GLY CA 332 -80.77 -51.01 101.86
N ASN CA 333 -79.89 -51.18 100.89
CA ASN CA 333 -78.93 -50.12 100.55
C ASN CA 333 -79.63 -49.09 99.64
N PRO CA 334 -79.52 -47.77 99.90
CA PRO CA 334 -80.31 -46.76 99.17
C PRO CA 334 -79.96 -46.69 97.68
N PHE CA 335 -78.77 -47.17 97.31
CA PHE CA 335 -78.25 -47.20 95.96
C PHE CA 335 -78.55 -48.52 95.22
N HIS CA 336 -79.36 -49.42 95.77
CA HIS CA 336 -79.86 -50.57 95.01
C HIS CA 336 -80.70 -50.10 93.82
N ALA CA 337 -80.79 -50.89 92.74
CA ALA CA 337 -81.35 -50.49 91.46
C ALA CA 337 -82.82 -50.01 91.51
N GLU CA 338 -83.60 -50.40 92.52
CA GLU CA 338 -84.96 -49.87 92.72
C GLU CA 338 -85.01 -48.65 93.67
N TRP CA 339 -84.16 -48.59 94.69
CA TRP CA 339 -84.14 -47.45 95.63
C TRP CA 339 -83.40 -46.22 95.07
N ILE CA 340 -82.38 -46.42 94.22
CA ILE CA 340 -81.53 -45.35 93.65
C ILE CA 340 -82.33 -44.28 92.91
N THR CA 341 -83.37 -44.68 92.18
CA THR CA 341 -84.32 -43.81 91.46
C THR CA 341 -85.74 -43.90 92.01
N ALA CA 342 -85.92 -44.54 93.19
CA ALA CA 342 -87.22 -44.79 93.82
C ALA CA 342 -88.26 -45.41 92.87
N GLN CA 343 -87.85 -46.42 92.09
CA GLN CA 343 -88.78 -47.20 91.25
C GLN CA 343 -89.92 -47.77 92.10
N ASN CA 344 -89.58 -48.28 93.28
CA ASN CA 344 -90.51 -48.52 94.38
C ASN CA 344 -90.32 -47.38 95.40
N PRO CA 345 -91.39 -46.81 95.99
CA PRO CA 345 -91.29 -45.59 96.78
C PRO CA 345 -90.25 -45.63 97.90
N VAL CA 346 -89.61 -44.48 98.11
CA VAL CA 346 -88.59 -44.23 99.14
C VAL CA 346 -89.00 -43.00 99.94
N ILE CA 347 -88.93 -43.11 101.26
CA ILE CA 347 -89.45 -42.14 102.21
C ILE CA 347 -88.30 -41.50 102.99
N HIS CA 348 -88.24 -40.17 103.00
CA HIS CA 348 -87.25 -39.38 103.73
C HIS CA 348 -87.89 -38.79 104.98
N THR CA 349 -87.24 -38.86 106.14
CA THR CA 349 -87.81 -38.41 107.43
C THR CA 349 -86.74 -37.98 108.42
N ALA CA 350 -87.09 -37.11 109.37
CA ALA CA 350 -86.27 -36.84 110.55
C ALA CA 350 -86.32 -37.98 111.58
N ASN CA 351 -87.32 -38.87 111.52
CA ASN CA 351 -87.50 -39.89 112.54
C ASN CA 351 -86.46 -41.01 112.45
N SER CA 352 -85.55 -41.04 113.41
CA SER CA 352 -84.47 -42.03 113.44
C SER CA 352 -85.01 -43.45 113.60
N PRO CA 353 -84.40 -44.46 112.94
CA PRO CA 353 -84.74 -45.86 113.14
C PRO CA 353 -84.74 -46.26 114.62
N THR CA 354 -83.89 -45.67 115.46
CA THR CA 354 -83.87 -45.97 116.90
C THR CA 354 -85.12 -45.50 117.64
N GLN CA 355 -85.78 -44.42 117.19
CA GLN CA 355 -87.10 -44.10 117.72
C GLN CA 355 -88.13 -45.17 117.28
N ILE CA 356 -88.04 -45.65 116.03
CA ILE CA 356 -88.85 -46.79 115.58
C ILE CA 356 -88.50 -48.08 116.36
N GLU CA 357 -87.22 -48.31 116.70
CA GLU CA 357 -86.80 -49.42 117.57
C GLU CA 357 -87.51 -49.31 118.92
N GLN CA 358 -87.50 -48.13 119.54
CA GLN CA 358 -88.19 -47.91 120.81
C GLN CA 358 -89.69 -48.22 120.68
N ILE CA 359 -90.35 -47.80 119.59
CA ILE CA 359 -91.77 -48.12 119.39
C ILE CA 359 -92.00 -49.63 119.20
N TYR CA 360 -91.20 -50.32 118.38
CA TYR CA 360 -91.27 -51.78 118.23
C TYR CA 360 -90.99 -52.52 119.54
N THR CA 361 -89.83 -52.24 120.16
CA THR CA 361 -89.36 -52.97 121.33
C THR CA 361 -90.23 -52.71 122.55
N ALA CA 362 -90.77 -51.49 122.72
CA ALA CA 362 -91.73 -51.19 123.78
C ALA CA 362 -92.97 -52.08 123.67
N SER CA 363 -93.53 -52.26 122.47
CA SER CA 363 -94.50 -53.33 122.20
C SER CA 363 -94.63 -53.67 120.71
N THR CA 364 -94.30 -54.93 120.38
CA THR CA 364 -94.38 -55.49 119.01
C THR CA 364 -95.83 -55.55 118.51
N THR CA 365 -96.79 -55.74 119.42
CA THR CA 365 -98.23 -55.74 119.11
C THR CA 365 -98.73 -54.36 118.69
N THR CA 366 -98.19 -53.26 119.26
CA THR CA 366 -98.54 -51.90 118.82
C THR CA 366 -97.74 -51.44 117.60
N PHE CA 367 -96.67 -52.13 117.20
CA PHE CA 367 -96.01 -51.89 115.91
C PHE CA 367 -96.92 -52.20 114.72
N GLN CA 368 -97.81 -53.19 114.85
CA GLN CA 368 -98.90 -53.45 113.90
C GLN CA 368 -99.89 -52.27 113.83
N ASN CA 369 -100.24 -51.70 114.98
CA ASN CA 369 -101.23 -50.63 115.08
C ASN CA 369 -100.68 -49.26 114.60
N LYS CA 370 -99.43 -48.92 114.96
CA LYS CA 370 -98.84 -47.62 114.66
C LYS CA 370 -98.61 -47.42 113.16
N LYS CA 371 -98.97 -46.23 112.68
CA LYS CA 371 -98.73 -45.73 111.31
C LYS CA 371 -97.75 -44.57 111.33
N LEU CA 372 -97.47 -43.98 110.17
CA LEU CA 372 -96.63 -42.78 110.03
C LEU CA 372 -97.26 -41.52 110.66
N THR CA 373 -98.59 -41.50 110.89
CA THR CA 373 -99.24 -40.54 111.79
C THR CA 373 -98.77 -40.71 113.24
N ASP CA 374 -98.73 -39.61 113.99
CA ASP CA 374 -98.42 -39.59 115.44
C ASP CA 374 -97.08 -40.25 115.82
N LEU CA 375 -96.12 -40.30 114.89
CA LEU CA 375 -94.75 -40.72 115.19
C LEU CA 375 -93.90 -39.55 115.71
N PRO CA 376 -92.79 -39.83 116.44
CA PRO CA 376 -91.85 -38.79 116.82
C PRO CA 376 -91.18 -38.18 115.58
N THR CA 377 -90.94 -36.86 115.60
CA THR CA 377 -90.35 -36.08 114.49
C THR CA 377 -90.76 -36.59 113.10
N PRO CA 378 -92.07 -36.62 112.75
CA PRO CA 378 -92.50 -37.26 111.51
C PRO CA 378 -92.48 -36.41 110.24
N GLY CA 379 -91.29 -36.17 109.68
CA GLY CA 379 -91.15 -35.42 108.42
C GLY CA 379 -91.18 -36.39 107.27
N TYR CA 380 -92.10 -37.36 107.28
CA TYR CA 380 -92.20 -38.40 106.21
C TYR CA 380 -92.58 -37.74 104.89
N ILE CA 381 -91.69 -37.80 103.88
CA ILE CA 381 -91.92 -37.17 102.54
C ILE CA 381 -91.60 -38.24 101.48
N PHE CA 382 -91.81 -37.98 100.19
CA PHE CA 382 -91.39 -38.93 99.11
C PHE CA 382 -90.23 -38.29 98.36
N ILE CA 383 -88.99 -38.76 98.58
CA ILE CA 383 -87.79 -38.15 97.98
C ILE CA 383 -87.02 -39.22 97.19
N THR CA 384 -86.47 -38.85 96.02
CA THR CA 384 -85.68 -39.76 95.17
C THR CA 384 -84.18 -39.47 95.36
N PRO CA 385 -83.33 -40.48 95.67
CA PRO CA 385 -81.89 -40.25 95.82
C PRO CA 385 -81.21 -39.72 94.56
N THR CA 386 -81.72 -40.11 93.38
CA THR CA 386 -81.25 -39.64 92.07
C THR CA 386 -82.23 -38.65 91.44
N VAL CA 387 -81.69 -37.65 90.76
CA VAL CA 387 -82.40 -36.84 89.76
C VAL CA 387 -81.66 -36.91 88.42
N SER CA 388 -82.39 -36.84 87.31
CA SER CA 388 -81.81 -36.75 85.96
C SER CA 388 -81.90 -35.31 85.45
N LEU CA 389 -80.77 -34.74 85.07
CA LEU CA 389 -80.65 -33.42 84.44
C LEU CA 389 -80.51 -33.56 82.93
N ARG CA 390 -80.89 -32.54 82.18
CA ARG CA 390 -80.56 -32.39 80.75
C ARG CA 390 -79.50 -31.30 80.57
N TYR CA 391 -78.43 -31.63 79.87
CA TYR CA 391 -77.36 -30.71 79.51
C TYR CA 391 -77.33 -30.50 78.00
N ASN CA 392 -77.21 -29.26 77.55
CA ASN CA 392 -77.03 -28.92 76.15
C ASN CA 392 -75.72 -28.15 76.00
N PRO CA 393 -74.73 -28.64 75.22
CA PRO CA 393 -73.44 -28.00 75.11
C PRO CA 393 -73.51 -26.63 74.43
N TYR CA 394 -74.48 -26.43 73.53
CA TYR CA 394 -74.61 -25.16 72.77
C TYR CA 394 -75.27 -24.10 73.66
N LYS CA 395 -75.92 -24.52 74.75
CA LYS CA 395 -76.57 -23.59 75.70
C LYS CA 395 -75.62 -23.26 76.86
N ASP CA 396 -74.38 -23.76 76.80
CA ASP CA 396 -73.40 -23.58 77.90
C ASP CA 396 -72.50 -22.35 77.65
N LEU CA 397 -72.45 -21.40 78.58
CA LEU CA 397 -71.70 -20.16 78.41
C LEU CA 397 -70.48 -20.08 79.34
N ALA CA 398 -70.24 -21.09 80.18
CA ALA CA 398 -69.06 -21.18 81.02
C ALA CA 398 -68.80 -19.98 81.96
N GLU CA 399 -69.83 -19.25 82.40
CA GLU CA 399 -69.63 -18.04 83.23
C GLU CA 399 -69.40 -18.38 84.71
N ARG CA 400 -69.97 -19.49 85.20
CA ARG CA 400 -69.85 -19.94 86.60
C ARG CA 400 -69.63 -21.45 86.72
N ASN CA 401 -69.07 -22.05 85.66
CA ASN CA 401 -68.70 -23.47 85.64
C ASN CA 401 -67.51 -23.74 86.55
N LYS CA 402 -67.47 -24.90 87.19
CA LYS CA 402 -66.47 -25.26 88.20
C LYS CA 402 -66.40 -26.78 88.36
N CYS CA 403 -65.29 -27.32 88.83
CA CYS CA 403 -65.07 -28.76 88.91
C CYS CA 403 -63.96 -29.09 89.92
N TYR CA 404 -64.16 -30.09 90.80
CA TYR CA 404 -63.18 -30.51 91.81
C TYR CA 404 -63.51 -31.88 92.40
N PHE CA 405 -62.54 -32.50 93.10
CA PHE CA 405 -62.72 -33.76 93.81
C PHE CA 405 -62.85 -33.55 95.32
N VAL CA 406 -63.79 -34.25 95.95
CA VAL CA 406 -63.98 -34.29 97.41
C VAL CA 406 -63.77 -35.71 97.91
N ARG CA 407 -63.38 -35.88 99.19
CA ARG CA 407 -63.10 -37.18 99.79
C ARG CA 407 -64.41 -37.95 100.05
N SER CA 408 -64.57 -39.15 99.51
CA SER CA 408 -65.80 -39.94 99.64
C SER CA 408 -65.86 -40.68 100.98
N LYS CA 409 -64.83 -41.48 101.33
CA LYS CA 409 -64.72 -42.13 102.65
C LYS CA 409 -64.10 -41.21 103.71
N ILE CA 410 -64.81 -40.15 104.11
CA ILE CA 410 -64.52 -39.41 105.34
C ILE CA 410 -65.82 -38.95 106.02
N ASN CA 411 -65.73 -38.70 107.32
CA ASN CA 411 -66.84 -38.21 108.13
C ASN CA 411 -66.96 -36.67 108.05
N ALA CA 412 -67.20 -36.12 106.86
CA ALA CA 412 -67.37 -34.68 106.65
C ALA CA 412 -68.61 -34.35 105.83
N HIS CA 413 -69.37 -33.36 106.30
CA HIS CA 413 -70.64 -32.95 105.70
C HIS CA 413 -70.43 -32.04 104.49
N GLY CA 414 -71.39 -32.07 103.56
CA GLY CA 414 -71.50 -31.10 102.48
C GLY CA 414 -70.53 -31.31 101.33
N TRP CA 415 -70.72 -30.48 100.30
CA TRP CA 415 -70.11 -30.65 98.97
C TRP CA 415 -69.19 -29.49 98.56
N ASP CA 416 -68.95 -28.53 99.46
CA ASP CA 416 -68.14 -27.32 99.10
C ASP CA 416 -66.77 -27.73 98.60
N PRO CA 417 -66.10 -26.94 97.71
CA PRO CA 417 -64.75 -27.26 97.28
C PRO CA 417 -63.89 -27.33 98.53
N GLU CA 418 -63.12 -28.41 98.68
CA GLU CA 418 -62.30 -28.62 99.90
C GLU CA 418 -60.92 -29.13 99.54
N GLN CA 419 -60.04 -29.29 100.53
CA GLN CA 419 -58.65 -29.80 100.29
C GLN CA 419 -57.94 -28.86 99.31
N HIS CA 420 -57.44 -29.35 98.17
CA HIS CA 420 -56.66 -28.53 97.20
C HIS CA 420 -57.57 -27.50 96.52
N GLN CA 421 -57.32 -26.21 96.78
CA GLN CA 421 -58.10 -25.10 96.14
C GLN CA 421 -57.36 -24.71 94.85
N GLU CA 422 -56.09 -25.11 94.69
CA GLU CA 422 -55.37 -24.89 93.43
C GLU CA 422 -55.75 -25.92 92.35
N LEU CA 423 -56.34 -27.05 92.73
CA LEU CA 423 -56.80 -28.08 91.80
C LEU CA 423 -58.21 -27.82 91.26
N ILE CA 424 -58.95 -26.84 91.82
CA ILE CA 424 -60.26 -26.45 91.29
C ILE CA 424 -60.08 -25.96 89.84
N ASN CA 425 -60.90 -26.50 88.92
CA ASN CA 425 -60.89 -26.13 87.47
C ASN CA 425 -62.16 -25.32 87.19
N SER CA 426 -62.06 -24.11 86.64
CA SER CA 426 -63.18 -23.17 86.51
C SER CA 426 -63.25 -22.51 85.12
N ASP CA 427 -64.44 -21.99 84.78
CA ASP CA 427 -64.66 -21.05 83.67
C ASP CA 427 -64.35 -21.58 82.26
N LEU CA 428 -64.64 -22.86 82.00
CA LEU CA 428 -64.67 -23.46 80.66
C LEU CA 428 -66.00 -24.22 80.49
N PRO CA 429 -66.51 -24.42 79.28
CA PRO CA 429 -67.73 -25.20 79.10
C PRO CA 429 -67.50 -26.64 79.56
N GLN CA 430 -68.50 -27.27 80.21
CA GLN CA 430 -68.35 -28.61 80.87
C GLN CA 430 -67.68 -29.70 80.01
N TRP CA 431 -67.89 -29.73 78.70
CA TRP CA 431 -67.24 -30.68 77.80
C TRP CA 431 -65.74 -30.41 77.64
N LEU CA 432 -65.28 -29.17 77.81
CA LEU CA 432 -63.87 -28.82 77.85
C LEU CA 432 -63.31 -28.88 79.28
N LEU CA 433 -64.09 -28.46 80.28
CA LEU CA 433 -63.68 -28.43 81.67
C LEU CA 433 -63.39 -29.83 82.23
N LEU CA 434 -64.19 -30.84 81.87
CA LEU CA 434 -64.01 -32.20 82.35
C LEU CA 434 -62.95 -32.99 81.57
N PHE CA 435 -62.61 -32.60 80.34
CA PHE CA 435 -61.76 -33.41 79.47
C PHE CA 435 -60.35 -33.58 80.05
N GLY CA 436 -59.95 -34.82 80.35
CA GLY CA 436 -58.65 -35.12 80.94
C GLY CA 436 -58.41 -34.60 82.37
N TYR CA 437 -59.39 -33.95 83.01
CA TYR CA 437 -59.22 -33.41 84.35
C TYR CA 437 -58.98 -34.50 85.41
N PRO CA 438 -59.73 -35.61 85.45
CA PRO CA 438 -59.41 -36.72 86.34
C PRO CA 438 -57.99 -37.29 86.16
N ASP CA 439 -57.49 -37.38 84.94
CA ASP CA 439 -56.13 -37.85 84.69
C ASP CA 439 -55.07 -36.85 85.10
N TYR CA 440 -55.30 -35.54 84.92
CA TYR CA 440 -54.42 -34.53 85.48
C TYR CA 440 -54.33 -34.68 87.00
N ILE CA 441 -55.46 -34.90 87.67
CA ILE CA 441 -55.51 -35.09 89.12
C ILE CA 441 -54.78 -36.37 89.54
N LYS CA 442 -55.02 -37.50 88.88
CA LYS CA 442 -54.27 -38.74 89.13
C LYS CA 442 -52.77 -38.57 88.95
N ARG CA 443 -52.34 -37.96 87.84
CA ARG CA 443 -50.89 -37.76 87.54
C ARG CA 443 -50.28 -36.77 88.55
N THR CA 444 -51.07 -35.80 89.04
CA THR CA 444 -50.61 -34.87 90.08
C THR CA 444 -50.33 -35.56 91.41
N GLN CA 445 -51.04 -36.66 91.72
CA GLN CA 445 -50.76 -37.49 92.94
C GLN CA 445 -50.95 -36.72 94.26
N ASN CA 446 -51.68 -35.60 94.26
CA ASN CA 446 -51.99 -34.85 95.49
C ASN CA 446 -53.18 -35.43 96.27
N PHE CA 447 -53.81 -36.49 95.77
CA PHE CA 447 -54.89 -37.23 96.43
C PHE CA 447 -54.54 -38.71 96.56
N ALA CA 448 -55.12 -39.38 97.56
CA ALA CA 448 -54.98 -40.83 97.69
C ALA CA 448 -55.57 -41.52 96.45
N LEU CA 449 -54.78 -42.37 95.80
CA LEU CA 449 -54.91 -42.65 94.37
C LEU CA 449 -56.21 -43.37 93.97
N VAL CA 450 -56.83 -44.11 94.89
CA VAL CA 450 -57.89 -45.06 94.52
C VAL CA 450 -59.22 -44.38 94.21
N ASP CA 451 -59.87 -44.79 93.11
CA ASP CA 451 -61.15 -44.17 92.64
C ASP CA 451 -62.25 -44.25 93.70
N THR CA 452 -62.19 -45.23 94.60
CA THR CA 452 -63.24 -45.42 95.60
C THR CA 452 -63.23 -44.38 96.72
N ASN CA 453 -62.14 -43.62 96.87
CA ASN CA 453 -61.95 -42.74 98.03
C ASN CA 453 -62.26 -41.27 97.72
N TYR CA 454 -62.65 -40.93 96.49
CA TYR CA 454 -63.01 -39.58 96.08
C TYR CA 454 -64.29 -39.58 95.23
N ILE CA 455 -64.94 -38.43 95.17
CA ILE CA 455 -66.05 -38.11 94.27
C ILE CA 455 -65.67 -36.86 93.49
N LEU CA 456 -66.02 -36.82 92.22
CA LEU CA 456 -66.00 -35.65 91.37
C LEU CA 456 -67.32 -34.88 91.50
N VAL CA 457 -67.21 -33.58 91.71
CA VAL CA 457 -68.32 -32.64 91.95
C VAL CA 457 -68.15 -31.47 90.99
N ASP CA 458 -69.22 -31.03 90.33
CA ASP CA 458 -69.12 -29.89 89.41
C ASP CA 458 -70.34 -28.95 89.50
N HIS CA 459 -70.11 -27.66 89.28
CA HIS CA 459 -71.16 -26.65 89.21
C HIS CA 459 -71.38 -26.24 87.75
N CYS CA 460 -72.63 -26.14 87.32
CA CYS CA 460 -72.99 -25.73 85.97
C CYS CA 460 -74.39 -25.07 86.00
N PRO CA 461 -74.50 -23.75 85.79
CA PRO CA 461 -75.79 -23.06 85.67
C PRO CA 461 -76.70 -23.55 84.54
N TYR CA 462 -76.16 -24.27 83.55
CA TYR CA 462 -76.75 -24.38 82.22
C TYR CA 462 -77.53 -25.67 81.95
N THR CA 463 -77.65 -26.57 82.93
CA THR CA 463 -78.67 -27.62 82.83
C THR CA 463 -80.08 -27.02 82.99
N ASN CA 464 -81.08 -27.60 82.34
CA ASN CA 464 -82.43 -27.04 82.33
C ASN CA 464 -83.13 -27.14 83.70
N PRO CA 465 -83.24 -28.34 84.31
CA PRO CA 465 -83.32 -28.45 85.77
C PRO CA 465 -81.94 -28.19 86.38
N GLU CA 466 -81.85 -27.96 87.68
CA GLU CA 466 -80.58 -27.69 88.36
C GLU CA 466 -80.48 -28.39 89.71
N LYS CA 467 -79.24 -28.60 90.14
CA LYS CA 467 -78.82 -28.88 91.52
C LYS CA 467 -77.55 -28.07 91.78
N THR CA 468 -77.35 -27.57 93.00
CA THR CA 468 -76.31 -26.55 93.27
C THR CA 468 -74.92 -27.06 92.86
N PRO CA 469 -74.36 -28.14 93.45
CA PRO CA 469 -73.43 -29.00 92.74
C PRO CA 469 -74.15 -30.16 92.06
N PHE CA 470 -73.41 -30.81 91.15
CA PHE CA 470 -73.87 -32.07 90.52
C PHE CA 470 -72.94 -33.16 91.01
N ILE CA 471 -73.43 -34.37 91.24
CA ILE CA 471 -72.55 -35.52 91.59
C ILE CA 471 -72.78 -36.53 90.45
N PRO CA 472 -72.23 -36.33 89.23
CA PRO CA 472 -72.58 -37.20 88.12
C PRO CA 472 -72.46 -38.68 88.48
N LEU CA 473 -73.39 -39.51 88.03
CA LEU CA 473 -73.34 -40.97 88.22
C LEU CA 473 -73.60 -41.66 86.89
N SER CA 474 -72.84 -42.73 86.61
CA SER CA 474 -73.00 -43.46 85.35
C SER CA 474 -74.28 -44.28 85.34
N THR CA 475 -74.86 -44.45 84.15
CA THR CA 475 -76.04 -45.29 83.93
C THR CA 475 -75.86 -46.69 84.50
N SER CA 476 -74.64 -47.25 84.48
CA SER CA 476 -74.34 -48.54 85.13
C SER CA 476 -74.60 -48.55 86.64
N PHE CA 477 -74.20 -47.51 87.38
CA PHE CA 477 -74.49 -47.40 88.82
C PHE CA 477 -75.96 -47.10 89.11
N ILE CA 478 -76.61 -46.31 88.25
CA ILE CA 478 -78.05 -46.04 88.29
C ILE CA 478 -78.88 -47.27 87.91
N GLU CA 479 -78.28 -48.27 87.27
CA GLU CA 479 -78.91 -49.54 86.89
C GLU CA 479 -78.37 -50.76 87.67
N GLY CA 480 -77.55 -50.56 88.71
CA GLY CA 480 -77.06 -51.68 89.52
C GLY CA 480 -76.11 -52.63 88.80
N ARG CA 481 -75.04 -52.09 88.20
CA ARG CA 481 -74.08 -52.90 87.40
C ARG CA 481 -72.65 -52.34 87.54
N SER CA 482 -71.64 -53.18 87.33
CA SER CA 482 -70.22 -52.77 87.48
C SER CA 482 -69.82 -51.68 86.46
N PRO CA 483 -68.82 -50.83 86.78
CA PRO CA 483 -68.49 -49.60 86.03
C PRO CA 483 -68.41 -49.72 84.51
N TYR CA 484 -67.87 -50.82 83.98
CA TYR CA 484 -67.76 -51.12 82.55
C TYR CA 484 -68.27 -52.53 82.22
N SER CA 485 -69.41 -52.93 82.79
CA SER CA 485 -70.02 -54.25 82.58
C SER CA 485 -71.20 -54.17 81.60
N PRO CA 486 -71.36 -55.15 80.68
CA PRO CA 486 -72.41 -55.11 79.66
C PRO CA 486 -73.82 -55.15 80.25
N SER CA 487 -74.74 -54.42 79.60
CA SER CA 487 -76.11 -54.17 80.08
C SER CA 487 -76.97 -55.42 80.31
N ASP CA 488 -76.58 -56.59 79.77
CA ASP CA 488 -77.31 -57.87 80.02
C ASP CA 488 -77.20 -58.23 81.51
N THR CA 489 -76.19 -57.73 82.19
CA THR CA 489 -75.95 -57.96 83.62
C THR CA 489 -76.87 -57.06 84.47
N HIS CA 490 -77.39 -57.59 85.60
CA HIS CA 490 -78.32 -56.84 86.51
C HIS CA 490 -77.82 -56.90 87.96
N GLU CA 491 -76.52 -57.12 88.19
CA GLU CA 491 -75.87 -57.11 89.50
C GLU CA 491 -74.41 -56.67 89.34
N PRO CA 492 -73.80 -56.00 90.34
CA PRO CA 492 -72.35 -55.85 90.39
C PRO CA 492 -71.64 -57.21 90.48
N ASP CA 493 -70.40 -57.29 89.98
CA ASP CA 493 -69.45 -58.37 90.30
C ASP CA 493 -68.99 -58.27 91.75
N GLU CA 494 -68.53 -59.35 92.39
CA GLU CA 494 -68.34 -59.43 93.85
C GLU CA 494 -67.55 -58.26 94.47
N GLU CA 495 -66.47 -57.81 93.82
CA GLU CA 495 -65.68 -56.68 94.30
C GLU CA 495 -66.41 -55.32 94.20
N ASP CA 496 -67.36 -55.19 93.27
CA ASP CA 496 -68.29 -54.05 93.19
C ASP CA 496 -69.60 -54.31 93.97
N GLN CA 497 -69.91 -55.55 94.36
CA GLN CA 497 -70.99 -55.79 95.34
C GLN CA 497 -70.58 -55.25 96.71
N ASN CA 498 -69.32 -55.41 97.08
CA ASN CA 498 -68.64 -54.60 98.08
C ASN CA 498 -68.40 -53.16 97.54
N ARG CA 499 -68.27 -52.23 98.49
CA ARG CA 499 -67.99 -50.81 98.19
C ARG CA 499 -69.05 -50.25 97.24
N TRP CA 500 -70.32 -50.67 97.33
CA TRP CA 500 -71.42 -50.21 96.44
C TRP CA 500 -71.95 -48.85 96.93
N TYR CA 501 -71.15 -47.79 96.77
CA TYR CA 501 -71.49 -46.44 97.22
C TYR CA 501 -70.92 -45.38 96.26
N PRO CA 502 -71.44 -44.15 96.23
CA PRO CA 502 -70.94 -43.08 95.37
C PRO CA 502 -69.42 -42.84 95.48
N CYS CA 503 -68.73 -43.00 94.37
CA CYS CA 503 -67.30 -42.69 94.23
C CYS CA 503 -66.94 -42.57 92.74
N TYR CA 504 -65.78 -41.97 92.45
CA TYR CA 504 -65.33 -41.66 91.09
C TYR CA 504 -65.35 -42.86 90.15
N GLN CA 505 -65.12 -44.07 90.65
CA GLN CA 505 -65.15 -45.31 89.81
C GLN CA 505 -66.52 -45.47 89.13
N TYR CA 506 -67.61 -45.09 89.79
CA TYR CA 506 -68.95 -45.15 89.20
C TYR CA 506 -69.32 -43.89 88.42
N GLN CA 507 -68.56 -42.81 88.48
CA GLN CA 507 -68.83 -41.57 87.75
C GLN CA 507 -68.22 -41.54 86.35
N GLN CA 508 -67.24 -42.40 86.05
CA GLN CA 508 -66.38 -42.29 84.87
C GLN CA 508 -67.14 -42.20 83.54
N GLU CA 509 -68.12 -43.07 83.31
CA GLU CA 509 -68.87 -43.09 82.05
C GLU CA 509 -69.74 -41.82 81.90
N SER CA 510 -70.27 -41.26 82.99
CA SER CA 510 -71.05 -40.02 82.92
C SER CA 510 -70.22 -38.82 82.49
N ILE CA 511 -69.01 -38.64 83.02
CA ILE CA 511 -68.17 -37.51 82.60
C ILE CA 511 -67.57 -37.73 81.22
N ASN CA 512 -67.33 -38.99 80.82
CA ASN CA 512 -66.99 -39.28 79.43
C ASN CA 512 -68.15 -38.88 78.51
N SER CA 513 -69.39 -39.19 78.88
CA SER CA 513 -70.59 -38.83 78.12
C SER CA 513 -70.76 -37.31 77.98
N ILE CA 514 -70.46 -36.54 79.03
CA ILE CA 514 -70.42 -35.08 78.96
C ILE CA 514 -69.32 -34.61 78.01
N CYS CA 515 -68.12 -35.18 78.06
CA CYS CA 515 -67.06 -34.85 77.11
C CYS CA 515 -67.41 -35.19 75.66
N LEU CA 516 -68.07 -36.32 75.42
CA LEU CA 516 -68.60 -36.71 74.11
C LEU CA 516 -69.64 -35.75 73.56
N SER CA 517 -70.30 -34.95 74.41
CA SER CA 517 -71.18 -33.88 73.91
C SER CA 517 -70.39 -32.75 73.24
N GLY CA 518 -69.10 -32.60 73.53
CA GLY CA 518 -68.24 -31.58 72.93
C GLY CA 518 -67.82 -31.88 71.49
N PRO CA 519 -67.44 -30.85 70.72
CA PRO CA 519 -67.07 -31.00 69.33
C PRO CA 519 -65.76 -31.78 69.11
N GLY CA 520 -65.62 -32.34 67.92
CA GLY CA 520 -64.45 -33.10 67.45
C GLY CA 520 -64.35 -34.53 67.99
N THR CA 521 -65.14 -34.91 68.99
CA THR CA 521 -65.08 -36.23 69.60
C THR CA 521 -65.59 -37.31 68.64
N PRO CA 522 -64.83 -38.40 68.41
CA PRO CA 522 -65.14 -39.37 67.37
C PRO CA 522 -66.34 -40.29 67.67
N LYS CA 523 -66.91 -40.86 66.61
CA LYS CA 523 -67.92 -41.93 66.66
C LYS CA 523 -67.22 -43.28 66.43
N ILE CA 524 -67.25 -44.17 67.41
CA ILE CA 524 -66.64 -45.51 67.29
C ILE CA 524 -67.73 -46.55 67.57
N PRO CA 525 -68.05 -47.46 66.63
CA PRO CA 525 -69.04 -48.51 66.88
C PRO CA 525 -68.70 -49.37 68.10
N LYS CA 526 -69.72 -49.79 68.86
CA LYS CA 526 -69.50 -50.65 70.03
C LYS CA 526 -68.85 -51.98 69.63
N GLY CA 527 -67.84 -52.41 70.38
CA GLY CA 527 -67.02 -53.58 70.08
C GLY CA 527 -65.85 -53.34 69.12
N ILE CA 528 -65.67 -52.13 68.58
CA ILE CA 528 -64.50 -51.75 67.78
C ILE CA 528 -63.56 -50.91 68.64
N THR CA 529 -62.26 -51.21 68.57
CA THR CA 529 -61.21 -50.41 69.19
C THR CA 529 -60.45 -49.67 68.09
N ALA CA 530 -60.44 -48.35 68.15
CA ALA CA 530 -59.62 -47.53 67.26
C ALA CA 530 -58.20 -47.44 67.82
N GLU CA 531 -57.20 -47.35 66.96
CA GLU CA 531 -55.78 -47.38 67.33
C GLU CA 531 -55.02 -46.38 66.47
N ALA CA 532 -53.90 -45.88 66.96
CA ALA CA 532 -52.95 -45.10 66.17
C ALA CA 532 -51.52 -45.47 66.54
N LYS CA 533 -50.60 -45.39 65.59
CA LYS CA 533 -49.19 -45.69 65.79
C LYS CA 533 -48.27 -44.73 65.05
N VAL CA 534 -47.08 -44.54 65.60
CA VAL CA 534 -45.96 -43.85 64.96
C VAL CA 534 -44.80 -44.82 64.84
N LYS CA 535 -44.02 -44.72 63.76
CA LYS CA 535 -42.71 -45.35 63.68
C LYS CA 535 -41.65 -44.30 63.97
N TYR CA 536 -40.77 -44.57 64.92
CA TYR CA 536 -39.72 -43.66 65.32
C TYR CA 536 -38.35 -44.17 64.90
N SER CA 537 -37.41 -43.24 64.74
CA SER CA 537 -36.00 -43.52 64.58
C SER CA 537 -35.20 -42.45 65.32
N PHE CA 538 -34.70 -42.76 66.51
CA PHE CA 538 -33.82 -41.86 67.26
C PHE CA 538 -32.38 -42.07 66.84
N ASN CA 539 -31.65 -41.00 66.55
CA ASN CA 539 -30.28 -41.07 66.06
C ASN CA 539 -29.30 -40.78 67.19
N PHE CA 540 -28.42 -41.73 67.46
CA PHE CA 540 -27.38 -41.65 68.47
C PHE CA 540 -26.03 -42.01 67.86
N LYS CA 541 -24.96 -41.58 68.50
CA LYS CA 541 -23.64 -42.17 68.36
C LYS CA 541 -23.19 -42.65 69.72
N TRP CA 542 -22.47 -43.77 69.77
CA TRP CA 542 -21.83 -44.29 70.96
C TRP CA 542 -20.33 -44.05 70.86
N GLY CA 543 -19.69 -43.59 71.92
CA GLY CA 543 -18.28 -43.21 71.92
C GLY CA 543 -17.50 -43.92 73.02
N GLY CA 544 -16.24 -44.24 72.74
CA GLY CA 544 -15.36 -44.85 73.74
C GLY CA 544 -13.97 -45.17 73.21
N ASP CA 545 -13.13 -45.67 74.10
CA ASP CA 545 -11.92 -46.41 73.72
C ASP CA 545 -12.27 -47.78 73.12
N LEU CA 546 -11.37 -48.34 72.33
CA LEU CA 546 -11.63 -49.58 71.58
C LEU CA 546 -11.97 -50.75 72.53
N PRO CA 547 -13.06 -51.50 72.28
CA PRO CA 547 -13.48 -52.61 73.12
C PRO CA 547 -12.74 -53.94 72.78
N PRO CA 548 -12.80 -54.94 73.68
CA PRO CA 548 -12.34 -56.30 73.41
C PRO CA 548 -13.32 -57.09 72.52
N MET CA 549 -12.89 -58.27 72.03
CA MET CA 549 -13.65 -59.13 71.12
C MET CA 549 -13.23 -60.62 71.24
N SER CA 550 -14.05 -61.57 70.78
CA SER CA 550 -13.77 -63.02 70.82
C SER CA 550 -14.13 -63.76 69.52
N THR CA 551 -13.61 -64.98 69.36
CA THR CA 551 -13.63 -65.74 68.09
C THR CA 551 -14.03 -67.21 68.28
N ILE CA 552 -14.41 -67.87 67.19
CA ILE CA 552 -14.98 -69.22 67.13
C ILE CA 552 -14.05 -70.16 66.35
N THR CA 553 -13.96 -71.44 66.73
CA THR CA 553 -13.13 -72.42 66.02
C THR CA 553 -13.55 -72.57 64.56
N ASN CA 554 -12.62 -72.73 63.63
CA ASN CA 554 -12.96 -72.99 62.23
C ASN CA 554 -13.61 -74.37 61.97
N PRO CA 555 -13.14 -75.50 62.53
CA PRO CA 555 -13.69 -76.81 62.21
C PRO CA 555 -15.13 -76.97 62.65
N THR CA 556 -15.49 -76.52 63.87
CA THR CA 556 -16.88 -76.58 64.35
C THR CA 556 -17.54 -75.23 64.05
N ASP CA 557 -17.95 -75.01 62.80
CA ASP CA 557 -18.54 -73.71 62.38
C ASP CA 557 -19.61 -73.98 61.32
N GLN CA 558 -20.31 -72.94 60.85
CA GLN CA 558 -21.36 -73.09 59.82
C GLN CA 558 -20.85 -74.06 58.74
N PRO CA 559 -21.43 -75.27 58.58
CA PRO CA 559 -20.91 -76.23 57.62
C PRO CA 559 -21.44 -76.00 56.21
N THR CA 560 -20.59 -76.21 55.20
CA THR CA 560 -21.04 -76.08 53.81
C THR CA 560 -22.10 -77.13 53.48
N TYR CA 561 -22.99 -76.86 52.52
CA TYR CA 561 -24.07 -77.81 52.15
C TYR CA 561 -23.53 -79.21 51.79
N VAL CA 562 -22.30 -79.29 51.26
CA VAL CA 562 -21.59 -80.53 50.95
C VAL CA 562 -21.43 -81.41 52.20
N LYS DA 48 -30.54 -21.98 64.01
CA LYS DA 48 -30.69 -23.46 64.17
C LYS DA 48 -29.77 -24.01 65.25
N ARG DA 49 -28.44 -24.01 65.03
CA ARG DA 49 -27.44 -24.39 66.03
C ARG DA 49 -26.25 -23.43 66.00
N LEU DA 50 -25.67 -23.14 67.15
CA LEU DA 50 -24.58 -22.18 67.32
C LEU DA 50 -23.37 -22.86 67.98
N ASN DA 51 -22.17 -22.39 67.64
CA ASN DA 51 -20.96 -22.73 68.40
C ASN DA 51 -21.06 -22.16 69.81
N ILE DA 52 -20.68 -22.94 70.81
CA ILE DA 52 -20.47 -22.43 72.16
C ILE DA 52 -19.18 -21.61 72.18
N VAL DA 53 -19.22 -20.43 72.78
CA VAL DA 53 -18.12 -19.46 72.81
C VAL DA 53 -17.85 -19.08 74.27
N GLU DA 54 -16.58 -18.87 74.60
CA GLU DA 54 -16.13 -18.41 75.91
C GLU DA 54 -15.38 -17.08 75.75
N TRP DA 55 -15.50 -16.19 76.74
CA TRP DA 55 -14.75 -14.94 76.76
C TRP DA 55 -13.46 -15.12 77.54
N GLN DA 56 -12.35 -14.83 76.85
CA GLN DA 56 -11.00 -15.07 77.39
C GLN DA 56 -10.76 -14.20 78.63
N PRO DA 57 -10.08 -14.74 79.66
CA PRO DA 57 -9.82 -14.02 80.91
C PRO DA 57 -8.81 -12.88 80.73
N LYS DA 58 -8.84 -11.92 81.66
CA LYS DA 58 -8.14 -10.64 81.55
C LYS DA 58 -6.62 -10.76 81.42
N SER DA 59 -6.00 -11.67 82.17
CA SER DA 59 -4.57 -11.98 82.05
C SER DA 59 -4.33 -13.49 81.97
N ILE DA 60 -3.40 -13.89 81.11
CA ILE DA 60 -3.10 -15.29 80.78
C ILE DA 60 -1.59 -15.51 80.84
N ARG DA 61 -1.15 -16.65 81.42
CA ARG DA 61 0.30 -16.99 81.53
C ARG DA 61 0.58 -18.48 81.22
N LYS DA 62 1.20 -18.79 80.08
CA LYS DA 62 1.57 -20.16 79.70
C LYS DA 62 2.54 -20.75 80.72
N CYS DA 63 2.36 -22.01 81.09
CA CYS DA 63 3.24 -22.75 81.98
C CYS DA 63 3.40 -24.19 81.49
N ARG DA 64 4.67 -24.57 81.22
CA ARG DA 64 5.01 -25.98 80.87
C ARG DA 64 5.57 -26.69 82.11
N ILE DA 65 4.80 -27.57 82.74
CA ILE DA 65 5.26 -28.35 83.88
C ILE DA 65 6.18 -29.45 83.33
N LYS DA 66 7.49 -29.27 83.46
CA LYS DA 66 8.53 -30.12 82.87
C LYS DA 66 9.22 -30.96 83.94
N GLY DA 67 9.43 -32.24 83.70
CA GLY DA 67 10.09 -33.10 84.68
C GLY DA 67 10.37 -34.50 84.17
N MET DA 68 10.83 -35.36 85.06
CA MET DA 68 11.25 -36.73 84.79
C MET DA 68 10.44 -37.70 85.65
N LEU DA 69 9.89 -38.77 85.06
CA LEU DA 69 9.10 -39.79 85.75
C LEU DA 69 9.74 -41.16 85.60
N CYS DA 70 9.94 -41.88 86.70
CA CYS DA 70 10.38 -43.27 86.69
C CYS DA 70 9.23 -44.20 86.30
N LEU DA 71 9.37 -44.98 85.22
CA LEU DA 71 8.34 -45.89 84.75
C LEU DA 71 8.36 -47.22 85.52
N PHE DA 72 9.53 -47.76 85.77
CA PHE DA 72 9.74 -48.89 86.67
C PHE DA 72 11.19 -48.86 87.14
N GLN DA 73 11.48 -49.53 88.25
CA GLN DA 73 12.82 -49.96 88.59
C GLN DA 73 12.72 -51.34 89.23
N THR DA 74 13.38 -52.33 88.63
CA THR DA 74 13.10 -53.75 88.85
C THR DA 74 14.36 -54.59 88.95
N THR DA 75 14.31 -55.61 89.79
CA THR DA 75 15.17 -56.79 89.74
C THR DA 75 14.40 -57.93 89.08
N GLU DA 76 15.05 -59.07 88.80
CA GLU DA 76 14.40 -60.25 88.21
C GLU DA 76 13.28 -60.84 89.10
N ASP DA 77 13.47 -60.83 90.41
CA ASP DA 77 12.52 -61.37 91.41
C ASP DA 77 11.31 -60.46 91.68
N ARG DA 78 11.24 -59.29 91.01
CA ARG DA 78 10.11 -58.37 91.09
C ARG DA 78 9.44 -58.06 89.75
N LEU DA 79 9.81 -58.75 88.67
CA LEU DA 79 9.31 -58.45 87.32
C LEU DA 79 7.79 -58.54 87.18
N SER DA 80 7.14 -59.49 87.84
CA SER DA 80 5.69 -59.68 87.74
C SER DA 80 4.85 -58.76 88.63
N TYR DA 81 5.46 -57.81 89.34
CA TYR DA 81 4.79 -56.93 90.30
C TYR DA 81 4.76 -55.48 89.82
N ASN DA 82 3.73 -54.74 90.24
CA ASN DA 82 3.55 -53.33 89.95
C ASN DA 82 4.53 -52.46 90.77
N PHE DA 83 5.31 -51.62 90.10
CA PHE DA 83 6.16 -50.61 90.71
C PHE DA 83 5.35 -49.40 91.16
N ASP DA 84 5.31 -49.18 92.47
CA ASP DA 84 4.94 -47.91 93.08
C ASP DA 84 6.20 -47.26 93.66
N MET DA 85 6.46 -46.00 93.30
CA MET DA 85 7.61 -45.26 93.82
C MET DA 85 7.43 -44.84 95.29
N TYR DA 86 6.17 -44.66 95.70
CA TYR DA 86 5.76 -44.34 97.06
C TYR DA 86 5.09 -45.58 97.67
N GLU DA 87 5.79 -46.21 98.60
CA GLU DA 87 5.72 -47.63 98.89
C GLU DA 87 4.71 -48.08 99.97
N GLU DA 88 4.36 -49.36 99.94
CA GLU DA 88 3.97 -50.09 101.15
C GLU DA 88 5.29 -50.34 101.91
N SER DA 89 5.45 -49.75 103.10
CA SER DA 89 6.75 -49.46 103.73
C SER DA 89 7.73 -50.64 103.90
N ILE DA 90 7.26 -51.88 103.83
CA ILE DA 90 8.10 -53.07 103.83
C ILE DA 90 8.78 -53.35 102.48
N ILE DA 91 8.17 -52.99 101.35
CA ILE DA 91 8.66 -53.34 100.01
C ILE DA 91 10.09 -52.85 99.77
N PRO DA 92 10.48 -51.58 100.00
CA PRO DA 92 11.85 -51.15 99.73
C PRO DA 92 12.87 -51.67 100.75
N GLU DA 93 12.46 -52.26 101.88
CA GLU DA 93 13.41 -52.84 102.83
C GLU DA 93 14.11 -54.06 102.22
N LYS DA 94 15.39 -53.91 101.89
CA LYS DA 94 16.22 -54.92 101.22
C LYS DA 94 15.72 -55.35 99.83
N LEU DA 95 14.96 -54.48 99.13
CA LEU DA 95 14.77 -54.59 97.66
C LEU DA 95 15.17 -53.29 96.95
N PRO DA 96 16.12 -53.33 95.99
CA PRO DA 96 16.54 -52.13 95.27
C PRO DA 96 15.57 -51.71 94.14
N GLY DA 97 14.66 -52.58 93.71
CA GLY DA 97 13.60 -52.26 92.76
C GLY DA 97 12.31 -53.03 93.06
N GLY DA 98 11.17 -52.33 93.08
CA GLY DA 98 9.92 -52.87 93.60
C GLY DA 98 9.03 -53.58 92.59
N GLY DA 99 9.21 -53.38 91.29
CA GLY DA 99 8.30 -53.94 90.30
C GLY DA 99 8.73 -53.71 88.85
N GLY DA 100 8.37 -54.63 87.95
CA GLY DA 100 8.77 -54.62 86.54
C GLY DA 100 7.73 -54.06 85.58
N PHE DA 101 6.56 -53.68 86.07
CA PHE DA 101 5.57 -52.94 85.30
C PHE DA 101 4.98 -51.85 86.16
N SER DA 102 4.39 -50.81 85.59
CA SER DA 102 3.56 -49.88 86.36
C SER DA 102 2.37 -49.39 85.58
N ILE DA 103 1.34 -48.97 86.31
CA ILE DA 103 0.30 -48.09 85.80
C ILE DA 103 0.42 -46.77 86.55
N LYS DA 104 0.68 -45.68 85.83
CA LYS DA 104 0.77 -44.30 86.34
C LYS DA 104 -0.47 -43.54 85.94
N ASN DA 105 -1.13 -42.87 86.87
CA ASN DA 105 -2.11 -41.82 86.55
C ASN DA 105 -1.50 -40.46 86.91
N ILE DA 106 -1.54 -39.52 85.98
CA ILE DA 106 -1.03 -38.16 86.17
C ILE DA 106 -2.19 -37.18 86.27
N SER DA 107 -2.18 -36.35 87.30
CA SER DA 107 -3.12 -35.25 87.50
C SER DA 107 -2.35 -34.01 87.92
N LEU DA 108 -2.93 -32.83 87.78
CA LEU DA 108 -2.30 -31.57 88.19
C LEU DA 108 -1.92 -31.56 89.67
N TYR DA 109 -2.68 -32.23 90.54
CA TYR DA 109 -2.28 -32.42 91.93
C TYR DA 109 -1.09 -33.37 92.09
N ALA DA 110 -1.03 -34.47 91.34
CA ALA DA 110 0.16 -35.32 91.32
C ALA DA 110 1.39 -34.59 90.77
N LEU DA 111 1.25 -33.72 89.77
CA LEU DA 111 2.33 -32.85 89.30
C LEU DA 111 2.80 -31.87 90.38
N TYR DA 112 1.88 -31.29 91.16
CA TYR DA 112 2.24 -30.50 92.34
C TYR DA 112 2.97 -31.33 93.40
N GLN DA 113 2.53 -32.56 93.68
CA GLN DA 113 3.24 -33.44 94.61
C GLN DA 113 4.64 -33.79 94.11
N GLU DA 114 4.84 -34.03 92.83
CA GLU DA 114 6.17 -34.21 92.25
C GLU DA 114 7.04 -32.95 92.36
N HIS DA 115 6.43 -31.76 92.42
CA HIS DA 115 7.19 -30.49 92.63
C HIS DA 115 7.67 -30.41 94.09
N ILE DA 116 6.93 -30.98 95.03
CA ILE DA 116 7.37 -31.05 96.44
C ILE DA 116 8.56 -32.01 96.60
N HIS DA 117 8.64 -33.06 95.79
CA HIS DA 117 9.83 -33.92 95.69
C HIS DA 117 10.96 -33.33 94.84
N ALA DA 118 10.80 -32.12 94.31
CA ALA DA 118 11.72 -31.47 93.38
C ALA DA 118 11.95 -32.24 92.07
N HIS DA 119 11.00 -33.09 91.66
CA HIS DA 119 11.11 -33.89 90.43
C HIS DA 119 10.70 -33.14 89.16
N ASN DA 120 10.09 -31.96 89.29
CA ASN DA 120 9.71 -31.12 88.15
C ASN DA 120 9.88 -29.63 88.46
N ILE DA 121 9.83 -28.84 87.40
CA ILE DA 121 9.74 -27.38 87.44
C ILE DA 121 8.38 -26.95 86.87
N PHE DA 122 7.83 -25.86 87.39
CA PHE DA 122 6.73 -25.13 86.75
C PHE DA 122 7.34 -23.90 86.08
N THR DA 123 7.20 -23.77 84.76
CA THR DA 123 7.79 -22.66 84.01
C THR DA 123 7.22 -21.29 84.40
N HIS DA 124 6.01 -21.29 84.94
CA HIS DA 124 5.38 -20.06 85.50
C HIS DA 124 4.58 -20.50 86.72
N THR DA 125 4.64 -19.75 87.82
CA THR DA 125 3.79 -20.00 89.00
C THR DA 125 2.33 -19.75 88.70
N ASN DA 126 1.47 -20.32 89.54
CA ASN DA 126 0.01 -20.26 89.45
C ASN DA 126 -0.64 -19.56 90.66
N THR DA 127 0.13 -18.85 91.49
CA THR DA 127 -0.31 -18.46 92.85
C THR DA 127 -1.52 -17.54 92.87
N ASP DA 128 -1.66 -16.65 91.88
CA ASP DA 128 -2.69 -15.60 91.87
C ASP DA 128 -3.54 -15.62 90.59
N ARG DA 129 -3.50 -16.75 89.85
CA ARG DA 129 -4.34 -16.97 88.65
C ARG DA 129 -5.07 -18.29 88.90
N PRO DA 130 -6.37 -18.31 89.30
CA PRO DA 130 -7.03 -19.52 89.76
C PRO DA 130 -7.60 -20.41 88.64
N LEU DA 131 -7.74 -19.88 87.42
CA LEU DA 131 -8.20 -20.64 86.26
C LEU DA 131 -7.04 -21.41 85.61
N ALA DA 132 -7.35 -22.54 85.00
CA ALA DA 132 -6.42 -23.35 84.22
C ALA DA 132 -7.04 -23.76 82.90
N ARG DA 133 -6.19 -23.86 81.86
CA ARG DA 133 -6.61 -24.31 80.51
C ARG DA 133 -5.56 -25.33 80.00
N TYR DA 134 -5.77 -26.62 80.27
CA TYR DA 134 -4.87 -27.70 79.86
C TYR DA 134 -4.91 -27.94 78.35
N THR DA 135 -3.76 -28.00 77.70
CA THR DA 135 -3.64 -28.05 76.23
C THR DA 135 -3.09 -29.39 75.71
N GLY DA 136 -2.60 -30.26 76.60
CA GLY DA 136 -2.02 -31.55 76.23
C GLY DA 136 -0.61 -31.75 76.78
N CYS DA 137 0.00 -32.86 76.43
CA CYS DA 137 1.27 -33.30 76.97
C CYS DA 137 2.26 -33.68 75.85
N SER DA 138 3.55 -33.47 76.07
CA SER DA 138 4.62 -34.11 75.31
C SER DA 138 5.36 -35.10 76.21
N LEU DA 139 5.57 -36.32 75.75
CA LEU DA 139 6.42 -37.31 76.41
C LEU DA 139 7.64 -37.61 75.55
N LYS DA 140 8.82 -37.70 76.17
CA LYS DA 140 10.04 -38.29 75.58
C LYS DA 140 10.40 -39.53 76.37
N PHE DA 141 10.30 -40.70 75.75
CA PHE DA 141 10.65 -41.97 76.35
C PHE DA 141 12.09 -42.29 76.01
N TYR DA 142 12.95 -42.50 76.99
CA TYR DA 142 14.37 -42.76 76.75
C TYR DA 142 14.67 -44.24 76.65
N GLN DA 143 15.56 -44.62 75.74
CA GLN DA 143 16.16 -45.95 75.75
C GLN DA 143 16.92 -46.16 77.04
N SER DA 144 16.59 -47.22 77.79
CA SER DA 144 17.43 -47.66 78.90
C SER DA 144 18.71 -48.28 78.37
N LYS DA 145 19.74 -48.37 79.21
CA LYS DA 145 20.99 -49.03 78.85
C LYS DA 145 20.80 -50.54 78.64
N ASP DA 146 20.20 -51.21 79.60
CA ASP DA 146 20.22 -52.68 79.70
C ASP DA 146 18.89 -53.39 79.41
N ILE DA 147 17.75 -52.67 79.43
CA ILE DA 147 16.41 -53.33 79.32
C ILE DA 147 15.53 -52.65 78.26
N ASP DA 148 14.75 -53.44 77.52
CA ASP DA 148 13.78 -52.89 76.54
C ASP DA 148 12.50 -52.65 77.33
N TYR DA 149 11.48 -52.01 76.75
CA TYR DA 149 10.19 -51.88 77.48
C TYR DA 149 9.07 -51.41 76.58
N VAL DA 150 7.88 -51.93 76.79
CA VAL DA 150 6.67 -51.55 76.04
C VAL DA 150 5.94 -50.49 76.85
N VAL DA 151 5.45 -49.45 76.20
CA VAL DA 151 4.55 -48.46 76.77
C VAL DA 151 3.23 -48.49 76.01
N THR DA 152 2.11 -48.30 76.70
CA THR DA 152 0.89 -47.80 76.08
C THR DA 152 0.22 -46.83 77.02
N TYR DA 153 -0.50 -45.85 76.50
CA TYR DA 153 -1.11 -44.79 77.29
C TYR DA 153 -2.56 -44.59 76.87
N SER DA 154 -3.34 -44.01 77.77
CA SER DA 154 -4.75 -43.72 77.54
C SER DA 154 -5.11 -42.37 78.13
N THR DA 155 -6.19 -41.75 77.64
CA THR DA 155 -6.71 -40.48 78.20
C THR DA 155 -8.22 -40.53 78.33
N SER DA 156 -8.82 -41.73 78.36
CA SER DA 156 -10.27 -41.83 78.64
C SER DA 156 -10.48 -41.24 80.04
N LEU DA 157 -11.14 -40.07 80.14
CA LEU DA 157 -11.29 -39.39 81.47
C LEU DA 157 -11.74 -40.41 82.52
N PRO DA 158 -12.73 -41.30 82.26
CA PRO DA 158 -13.10 -42.31 83.24
C PRO DA 158 -11.87 -43.15 83.59
N LEU DA 159 -11.44 -43.11 84.85
CA LEU DA 159 -10.24 -43.86 85.31
C LEU DA 159 -10.69 -45.06 86.17
N ARG DA 160 -10.25 -46.28 85.81
CA ARG DA 160 -10.59 -47.50 86.59
C ARG DA 160 -9.55 -48.59 86.30
N SER DA 161 -9.46 -49.61 87.17
CA SER DA 161 -8.52 -50.74 86.98
C SER DA 161 -9.34 -52.00 86.65
N SER DA 162 -8.73 -52.96 85.96
CA SER DA 162 -9.45 -54.21 85.57
C SER DA 162 -8.49 -55.41 85.68
N MET DA 163 -9.04 -56.60 85.90
CA MET DA 163 -8.26 -57.84 85.95
C MET DA 163 -7.59 -58.15 84.60
N GLY DA 164 -8.31 -57.91 83.50
CA GLY DA 164 -7.79 -58.03 82.14
C GLY DA 164 -6.69 -57.02 81.83
N MET DA 165 -6.77 -55.78 82.34
CA MET DA 165 -5.68 -54.81 82.24
C MET DA 165 -4.41 -55.35 82.90
N TYR DA 166 -4.47 -55.80 84.15
CA TYR DA 166 -3.29 -56.27 84.86
C TYR DA 166 -2.68 -57.54 84.23
N ASN DA 167 -3.50 -58.49 83.75
CA ASN DA 167 -2.96 -59.61 82.98
C ASN DA 167 -2.33 -59.15 81.66
N SER DA 168 -2.96 -58.22 80.95
CA SER DA 168 -2.43 -57.70 79.69
C SER DA 168 -1.13 -56.91 79.83
N MET DA 169 -0.72 -56.56 81.05
CA MET DA 169 0.63 -56.02 81.31
C MET DA 169 1.74 -57.04 81.11
N GLN DA 170 1.44 -58.34 80.98
CA GLN DA 170 2.44 -59.36 80.72
C GLN DA 170 3.20 -58.98 79.44
N PRO DA 171 4.55 -59.02 79.42
CA PRO DA 171 5.31 -58.38 78.35
C PRO DA 171 4.98 -58.84 76.94
N SER DA 172 4.73 -60.14 76.73
CA SER DA 172 4.33 -60.67 75.43
C SER DA 172 2.94 -60.19 75.01
N ILE DA 173 1.99 -60.13 75.95
CA ILE DA 173 0.62 -59.67 75.68
C ILE DA 173 0.59 -58.18 75.42
N HIS DA 174 1.28 -57.38 76.23
CA HIS DA 174 1.39 -55.94 76.03
C HIS DA 174 2.07 -55.64 74.69
N LEU DA 175 3.15 -56.35 74.33
CA LEU DA 175 3.80 -56.21 73.03
C LEU DA 175 2.90 -56.57 71.84
N MET DA 176 1.85 -57.39 72.00
CA MET DA 176 0.88 -57.63 70.92
C MET DA 176 -0.17 -56.54 70.76
N GLN DA 177 -0.43 -55.71 71.77
CA GLN DA 177 -1.51 -54.72 71.73
C GLN DA 177 -1.31 -53.66 70.65
N GLN DA 178 -2.42 -53.10 70.15
CA GLN DA 178 -2.41 -51.96 69.24
C GLN DA 178 -2.07 -50.67 69.98
N ASN DA 179 -1.46 -49.72 69.27
CA ASN DA 179 -1.00 -48.43 69.83
C ASN DA 179 -0.05 -48.60 71.02
N LYS DA 180 0.73 -49.69 71.03
CA LYS DA 180 1.94 -49.84 71.83
C LYS DA 180 3.03 -48.91 71.30
N LEU DA 181 4.00 -48.63 72.14
CA LEU DA 181 5.31 -48.10 71.80
C LEU DA 181 6.37 -49.05 72.36
N ILE DA 182 7.26 -49.57 71.54
CA ILE DA 182 8.39 -50.39 72.00
C ILE DA 182 9.61 -49.48 72.04
N VAL DA 183 10.31 -49.48 73.16
CA VAL DA 183 11.58 -48.78 73.32
C VAL DA 183 12.68 -49.82 73.50
N PRO DA 184 13.46 -50.12 72.45
CA PRO DA 184 14.62 -51.00 72.58
C PRO DA 184 15.65 -50.36 73.50
N SER DA 185 16.40 -51.15 74.24
CA SER DA 185 17.58 -50.68 74.96
C SER DA 185 18.64 -50.17 73.99
N LYS DA 186 19.59 -49.39 74.48
CA LYS DA 186 20.75 -48.95 73.69
C LYS DA 186 21.59 -50.13 73.20
N GLN DA 187 21.60 -51.23 73.95
CA GLN DA 187 22.23 -52.48 73.55
C GLN DA 187 21.51 -53.17 72.38
N THR DA 188 20.17 -53.28 72.40
CA THR DA 188 19.44 -53.96 71.33
C THR DA 188 19.28 -53.13 70.06
N GLN DA 189 19.27 -51.79 70.14
CA GLN DA 189 19.31 -50.93 68.96
C GLN DA 189 19.93 -49.57 69.25
N LYS DA 190 21.03 -49.24 68.58
CA LYS DA 190 21.57 -47.87 68.50
C LYS DA 190 20.71 -47.04 67.55
N ARG DA 191 20.36 -45.82 67.94
CA ARG DA 191 19.43 -44.94 67.22
C ARG DA 191 20.03 -43.55 67.01
N ARG DA 192 19.54 -42.81 66.00
CA ARG DA 192 19.91 -41.41 65.78
C ARG DA 192 19.52 -40.53 66.95
N LYS DA 193 18.25 -40.59 67.35
CA LYS DA 193 17.74 -39.93 68.56
C LYS DA 193 17.62 -40.96 69.68
N PRO DA 194 18.15 -40.71 70.89
CA PRO DA 194 18.18 -41.68 71.98
C PRO DA 194 16.85 -41.82 72.72
N TYR DA 195 15.76 -41.27 72.17
CA TYR DA 195 14.43 -41.21 72.77
C TYR DA 195 13.36 -41.31 71.68
N ILE DA 196 12.16 -41.70 72.06
CA ILE DA 196 10.97 -41.61 71.20
C ILE DA 196 10.02 -40.57 71.78
N LYS DA 197 9.62 -39.60 70.96
CA LYS DA 197 8.82 -38.43 71.36
C LYS DA 197 7.42 -38.52 70.78
N LYS DA 198 6.39 -38.31 71.58
CA LYS DA 198 5.02 -38.15 71.08
C LYS DA 198 4.14 -37.24 71.92
N HIS DA 199 3.22 -36.57 71.24
CA HIS DA 199 2.29 -35.60 71.80
C HIS DA 199 0.96 -36.29 72.08
N ILE DA 200 0.40 -36.02 73.25
CA ILE DA 200 -0.83 -36.62 73.74
C ILE DA 200 -1.86 -35.52 74.00
N SER DA 201 -3.03 -35.63 73.38
CA SER DA 201 -4.12 -34.66 73.50
C SER DA 201 -4.82 -34.76 74.86
N PRO DA 202 -5.53 -33.74 75.37
CA PRO DA 202 -6.30 -33.86 76.59
C PRO DA 202 -7.35 -35.00 76.54
N PRO DA 203 -7.81 -35.50 77.70
CA PRO DA 203 -8.99 -36.35 77.76
C PRO DA 203 -10.16 -35.75 76.99
N THR DA 204 -10.98 -36.56 76.32
CA THR DA 204 -12.11 -36.03 75.52
C THR DA 204 -13.12 -35.25 76.38
N GLN DA 205 -13.17 -35.56 77.69
CA GLN DA 205 -14.06 -34.86 78.66
C GLN DA 205 -13.46 -33.52 79.10
N MET DA 206 -12.14 -33.35 79.00
CA MET DA 206 -11.48 -32.05 79.23
C MET DA 206 -11.54 -31.23 77.94
N LYS DA 207 -12.49 -30.31 77.85
CA LYS DA 207 -12.68 -29.44 76.69
C LYS DA 207 -11.66 -28.30 76.71
N SER DA 208 -11.54 -27.52 75.64
CA SER DA 208 -10.58 -26.42 75.56
C SER DA 208 -10.91 -25.23 76.49
N GLN DA 209 -12.08 -25.23 77.13
CA GLN DA 209 -12.51 -24.18 78.04
C GLN DA 209 -11.57 -23.99 79.24
N TRP DA 210 -11.68 -22.85 79.92
CA TRP DA 210 -11.08 -22.63 81.23
C TRP DA 210 -11.81 -23.39 82.33
N TYR DA 211 -11.08 -23.87 83.32
CA TYR DA 211 -11.60 -24.54 84.50
C TYR DA 211 -10.92 -24.00 85.74
N PHE DA 212 -11.62 -23.85 86.86
CA PHE DA 212 -10.94 -23.59 88.13
C PHE DA 212 -9.94 -24.71 88.45
N GLN DA 213 -8.73 -24.34 88.89
CA GLN DA 213 -7.68 -25.33 89.22
C GLN DA 213 -8.13 -26.24 90.37
N HIS DA 214 -9.02 -25.77 91.27
CA HIS DA 214 -9.57 -26.59 92.38
C HIS DA 214 -10.43 -27.74 91.82
N ASN DA 215 -11.14 -27.50 90.72
CA ASN DA 215 -12.01 -28.51 90.12
C ASN DA 215 -11.20 -29.59 89.38
N ILE DA 216 -10.27 -29.18 88.54
CA ILE DA 216 -9.48 -30.10 87.71
C ILE DA 216 -8.27 -30.72 88.44
N ALA DA 217 -7.91 -30.28 89.64
CA ALA DA 217 -6.73 -30.72 90.36
C ALA DA 217 -6.56 -32.24 90.38
N ASN DA 218 -7.61 -32.97 90.72
CA ASN DA 218 -7.59 -34.43 90.89
C ASN DA 218 -8.04 -35.24 89.67
N ILE DA 219 -8.50 -34.60 88.59
CA ILE DA 219 -8.92 -35.28 87.36
C ILE DA 219 -7.70 -35.91 86.69
N PRO DA 220 -7.64 -37.24 86.47
CA PRO DA 220 -6.48 -37.88 85.87
C PRO DA 220 -6.43 -37.58 84.36
N LEU DA 221 -5.43 -36.79 83.92
CA LEU DA 221 -5.35 -36.30 82.51
C LEU DA 221 -4.51 -37.22 81.62
N LEU DA 222 -3.82 -38.19 82.20
CA LEU DA 222 -3.05 -39.18 81.45
C LEU DA 222 -2.90 -40.47 82.26
N MET DA 223 -3.05 -41.63 81.64
CA MET DA 223 -2.57 -42.91 82.16
C MET DA 223 -1.42 -43.44 81.31
N ILE DA 224 -0.29 -43.81 81.92
CA ILE DA 224 0.81 -44.50 81.25
C ILE DA 224 0.90 -45.91 81.82
N ARG DA 225 0.92 -46.92 80.95
CA ARG DA 225 1.15 -48.33 81.29
C ARG DA 225 2.49 -48.75 80.71
N THR DA 226 3.40 -49.28 81.53
CA THR DA 226 4.72 -49.72 81.08
C THR DA 226 5.05 -51.10 81.60
N THR DA 227 5.69 -51.94 80.81
CA THR DA 227 6.20 -53.26 81.23
C THR DA 227 7.61 -53.48 80.71
N ALA DA 228 8.48 -54.06 81.54
CA ALA DA 228 9.84 -54.44 81.20
C ALA DA 228 9.89 -55.72 80.33
N LEU DA 229 10.80 -55.76 79.37
CA LEU DA 229 10.77 -56.66 78.23
C LEU DA 229 12.18 -57.11 77.86
N THR DA 230 12.34 -58.25 77.19
CA THR DA 230 13.49 -58.45 76.31
C THR DA 230 13.06 -58.94 74.95
N LEU DA 231 13.58 -58.32 73.90
CA LEU DA 231 13.37 -58.70 72.51
C LEU DA 231 14.31 -59.82 72.06
N ASP DA 232 15.58 -59.77 72.47
CA ASP DA 232 16.62 -60.76 72.07
C ASP DA 232 16.59 -62.09 72.86
N ASN DA 233 15.96 -62.10 74.04
CA ASN DA 233 15.81 -63.28 74.89
C ASN DA 233 14.32 -63.63 75.08
N TYR DA 234 13.48 -63.31 74.11
CA TYR DA 234 12.02 -63.37 74.24
C TYR DA 234 11.50 -64.73 74.71
N TYR DA 235 12.01 -65.84 74.17
CA TYR DA 235 11.57 -67.18 74.56
C TYR DA 235 12.35 -67.75 75.74
N ILE DA 236 13.68 -67.70 75.68
CA ILE DA 236 14.54 -68.28 76.72
C ILE DA 236 14.41 -67.49 78.03
N GLY DA 237 14.34 -66.17 77.96
CA GLY DA 237 14.22 -65.29 79.12
C GLY DA 237 15.40 -65.47 80.06
N SER DA 238 15.13 -65.93 81.27
CA SER DA 238 16.15 -66.32 82.25
C SER DA 238 16.14 -67.82 82.61
N ARG DA 239 15.60 -68.66 81.73
CA ARG DA 239 15.64 -70.13 81.85
C ARG DA 239 17.05 -70.64 82.07
N GLN DA 240 17.20 -71.62 82.96
CA GLN DA 240 18.43 -72.37 83.20
C GLN DA 240 18.13 -73.87 83.08
N LEU DA 241 19.02 -74.65 82.46
CA LEU DA 241 18.84 -76.08 82.22
C LEU DA 241 17.52 -76.37 81.46
N SER DA 242 16.65 -77.22 82.01
CA SER DA 242 15.37 -77.63 81.39
C SER DA 242 14.39 -76.47 81.19
N THR DA 243 13.45 -76.61 80.25
CA THR DA 243 12.31 -75.69 80.10
C THR DA 243 11.36 -75.76 81.29
N ASN DA 244 11.28 -76.90 81.98
CA ASN DA 244 10.46 -77.10 83.16
C ASN DA 244 10.96 -76.25 84.34
N VAL DA 245 10.04 -75.58 85.04
CA VAL DA 245 10.29 -74.91 86.32
C VAL DA 245 9.71 -75.77 87.45
N THR DA 246 10.39 -75.83 88.59
CA THR DA 246 9.90 -76.56 89.77
C THR DA 246 9.14 -75.64 90.70
N ILE DA 247 7.91 -76.01 91.05
CA ILE DA 247 7.04 -75.30 91.99
C ILE DA 247 6.97 -76.13 93.28
N HIS DA 248 7.18 -75.51 94.44
CA HIS DA 248 6.96 -76.21 95.73
C HIS DA 248 5.50 -75.91 96.10
N THR DA 249 4.81 -76.83 96.77
CA THR DA 249 3.44 -76.61 97.25
C THR DA 249 3.16 -77.32 98.57
N LEU DA 250 2.15 -76.86 99.31
CA LEU DA 250 1.70 -77.57 100.53
C LEU DA 250 0.87 -78.77 100.06
N ASN DA 251 1.21 -79.99 100.48
CA ASN DA 251 0.36 -81.17 100.17
C ASN DA 251 -1.08 -80.77 100.47
N THR DA 252 -1.99 -80.84 99.49
CA THR DA 252 -3.40 -80.45 99.67
C THR DA 252 -4.13 -81.59 100.34
N THR DA 253 -3.71 -82.84 100.09
CA THR DA 253 -4.40 -84.05 100.58
C THR DA 253 -4.19 -84.31 102.08
N TYR DA 254 -3.40 -83.49 102.79
CA TYR DA 254 -3.13 -83.65 104.22
C TYR DA 254 -3.15 -82.33 104.99
N ILE DA 255 -2.60 -81.24 104.43
CA ILE DA 255 -2.56 -79.92 105.06
C ILE DA 255 -3.77 -79.10 104.61
N GLN DA 256 -4.86 -79.03 105.38
CA GLN DA 256 -6.07 -78.31 104.90
C GLN DA 256 -6.72 -77.45 105.97
N ASN DA 257 -6.36 -77.60 107.25
CA ASN DA 257 -7.13 -76.93 108.30
C ASN DA 257 -6.98 -75.42 108.35
N ARG DA 258 -5.88 -74.85 107.82
CA ARG DA 258 -5.65 -73.37 107.75
C ARG DA 258 -5.80 -72.70 109.13
N ASP DA 259 -5.50 -73.41 110.23
CA ASP DA 259 -5.57 -72.84 111.59
C ASP DA 259 -4.20 -72.30 112.05
N TRP DA 260 -3.62 -71.37 111.30
CA TRP DA 260 -2.23 -70.97 111.46
C TRP DA 260 -1.97 -69.75 112.35
N GLY DA 261 -0.75 -69.68 112.88
CA GLY DA 261 -0.22 -68.46 113.49
C GLY DA 261 -0.62 -68.21 114.95
N ASP DA 262 -0.83 -69.27 115.74
CA ASP DA 262 -0.98 -69.20 117.20
C ASP DA 262 -0.03 -70.18 117.92
N ARG DA 263 0.53 -69.77 119.07
CA ARG DA 263 1.27 -70.70 119.95
C ARG DA 263 0.25 -71.17 121.01
N ASN DA 264 -0.98 -70.68 120.95
CA ASN DA 264 -2.07 -70.97 121.90
C ASN DA 264 -2.97 -72.14 121.44
N LYS DA 265 -2.58 -72.90 120.41
CA LYS DA 265 -3.38 -73.93 119.76
C LYS DA 265 -2.51 -75.10 119.31
N THR DA 266 -2.79 -76.33 119.73
CA THR DA 266 -2.15 -77.53 119.19
C THR DA 266 -2.58 -77.73 117.73
N TYR DA 267 -1.62 -77.77 116.80
CA TYR DA 267 -1.96 -77.84 115.37
C TYR DA 267 -2.38 -79.25 114.94
N TYR DA 268 -3.41 -79.31 114.11
CA TYR DA 268 -3.93 -80.52 113.49
C TYR DA 268 -4.10 -80.23 112.00
N CYS DA 269 -3.66 -81.13 111.12
CA CYS DA 269 -3.48 -80.82 109.70
C CYS DA 269 -4.77 -80.97 108.87
N GLN DA 270 -5.62 -81.95 109.18
CA GLN DA 270 -6.91 -82.14 108.52
C GLN DA 270 -7.98 -82.69 109.47
N THR DA 271 -9.24 -82.48 109.12
CA THR DA 271 -10.40 -83.19 109.67
C THR DA 271 -11.01 -84.08 108.60
N LEU DA 272 -11.37 -85.32 108.95
CA LEU DA 272 -12.18 -86.20 108.09
C LEU DA 272 -13.29 -86.81 108.93
N GLY DA 273 -14.54 -86.76 108.46
CA GLY DA 273 -15.71 -87.10 109.28
C GLY DA 273 -15.75 -86.25 110.55
N THR DA 274 -15.69 -86.89 111.72
CA THR DA 274 -15.53 -86.24 113.04
C THR DA 274 -14.07 -86.14 113.52
N GLN DA 275 -13.13 -86.83 112.87
CA GLN DA 275 -11.75 -86.98 113.34
C GLN DA 275 -10.93 -85.70 113.16
N ARG DA 276 -9.81 -85.62 113.89
CA ARG DA 276 -8.69 -84.70 113.64
C ARG DA 276 -7.41 -85.53 113.42
N TYR DA 277 -6.54 -85.07 112.54
CA TYR DA 277 -5.28 -85.72 112.22
C TYR DA 277 -4.09 -84.83 112.57
N PHE DA 278 -3.01 -85.44 113.00
CA PHE DA 278 -1.89 -84.81 113.68
C PHE DA 278 -0.56 -85.30 113.08
N LEU DA 279 0.44 -84.44 113.17
CA LEU DA 279 1.77 -84.66 112.62
C LEU DA 279 2.78 -84.74 113.77
N TYR DA 280 3.79 -85.60 113.63
CA TYR DA 280 4.89 -85.73 114.59
C TYR DA 280 6.22 -85.85 113.86
N GLY DA 281 7.24 -85.14 114.30
CA GLY DA 281 8.60 -85.29 113.78
C GLY DA 281 9.38 -86.35 114.56
N THR DA 282 10.38 -86.98 113.95
CA THR DA 282 11.34 -87.80 114.70
C THR DA 282 12.73 -87.74 114.08
N HIS DA 283 13.76 -87.93 114.92
CA HIS DA 283 15.16 -88.04 114.42
C HIS DA 283 15.51 -89.53 114.39
N SER DA 284 14.54 -90.42 114.69
CA SER DA 284 14.79 -91.86 114.76
C SER DA 284 15.29 -92.43 113.43
N THR DA 285 16.26 -93.33 113.52
CA THR DA 285 16.77 -94.14 112.40
C THR DA 285 15.91 -95.38 112.13
N ALA DA 286 14.85 -95.61 112.91
CA ALA DA 286 13.97 -96.77 112.76
C ALA DA 286 13.36 -96.85 111.35
N GLN DA 287 13.48 -98.01 110.71
CA GLN DA 287 13.00 -98.24 109.34
C GLN DA 287 11.49 -98.52 109.29
N ASN DA 288 10.92 -99.07 110.36
CA ASN DA 288 9.52 -99.54 110.39
C ASN DA 288 8.65 -98.59 111.22
N ILE DA 289 7.60 -98.05 110.60
CA ILE DA 289 6.66 -97.12 111.24
C ILE DA 289 5.95 -97.73 112.47
N ASN DA 290 5.83 -99.05 112.55
CA ASN DA 290 5.18 -99.72 113.68
C ASN DA 290 6.01 -99.67 114.97
N ASP DA 291 7.35 -99.83 114.90
CA ASP DA 291 8.22 -100.01 116.11
C ASP DA 291 8.76 -98.71 116.73
N ILE DA 292 8.59 -97.56 116.10
CA ILE DA 292 8.97 -96.28 116.70
C ILE DA 292 8.28 -96.14 118.07
N LYS DA 293 8.99 -95.61 119.07
CA LYS DA 293 8.46 -95.45 120.44
C LYS DA 293 7.38 -94.35 120.48
N LEU DA 294 6.74 -94.18 121.65
CA LEU DA 294 5.82 -93.04 121.86
C LEU DA 294 6.73 -91.84 122.20
N GLN DA 295 7.96 -92.11 122.65
CA GLN DA 295 8.95 -91.05 123.03
C GLN DA 295 9.59 -90.40 121.80
N GLU DA 296 9.95 -91.18 120.79
CA GLU DA 296 10.68 -90.65 119.60
C GLU DA 296 9.92 -89.47 118.99
N LEU DA 297 8.60 -89.54 118.91
CA LEU DA 297 7.79 -88.49 118.24
C LEU DA 297 7.98 -87.11 118.89
N ILE DA 298 8.13 -86.06 118.09
CA ILE DA 298 8.23 -84.65 118.58
C ILE DA 298 6.91 -83.98 118.16
N PRO DA 299 5.90 -83.89 119.04
CA PRO DA 299 4.57 -83.45 118.66
C PRO DA 299 4.61 -81.98 118.30
N LEU DA 300 3.72 -81.52 117.43
CA LEU DA 300 3.69 -80.11 116.97
C LEU DA 300 2.54 -79.37 117.68
N THR DA 301 2.84 -78.45 118.59
CA THR DA 301 1.83 -77.68 119.36
C THR DA 301 1.91 -76.22 118.96
N ASN DA 302 2.79 -75.87 118.02
CA ASN DA 302 2.90 -74.50 117.52
C ASN DA 302 3.00 -74.53 116.00
N THR DA 303 2.37 -73.58 115.29
CA THR DA 303 2.73 -73.29 113.89
C THR DA 303 3.38 -71.91 113.70
N GLN DA 304 3.17 -71.01 114.66
CA GLN DA 304 3.59 -69.58 114.57
C GLN DA 304 5.10 -69.33 114.63
N ASP DA 305 5.92 -70.32 115.00
CA ASP DA 305 7.38 -70.08 115.15
C ASP DA 305 8.25 -70.88 114.18
N TYR DA 306 9.49 -70.44 113.99
CA TYR DA 306 10.48 -71.18 113.20
C TYR DA 306 11.07 -72.40 113.95
N VAL DA 307 10.75 -72.54 115.24
CA VAL DA 307 11.42 -73.51 116.14
C VAL DA 307 11.27 -74.96 115.65
N GLN DA 308 12.37 -75.72 115.70
CA GLN DA 308 12.43 -77.14 115.32
C GLN DA 308 11.80 -78.07 116.36
N GLY DA 309 11.79 -77.64 117.62
CA GLY DA 309 11.56 -78.52 118.76
C GLY DA 309 12.80 -79.35 119.07
N PHE DA 310 12.66 -80.35 119.94
CA PHE DA 310 13.70 -81.30 120.28
C PHE DA 310 13.11 -82.61 120.79
N ASP DA 311 13.93 -83.66 120.80
CA ASP DA 311 13.53 -85.01 121.22
C ASP DA 311 13.49 -85.17 122.74
N TRP DA 312 12.69 -86.13 123.24
CA TRP DA 312 12.57 -86.47 124.66
C TRP DA 312 13.90 -86.87 125.30
N THR DA 313 14.87 -87.34 124.52
CA THR DA 313 16.24 -87.59 125.00
C THR DA 313 16.95 -86.32 125.52
N GLU DA 314 16.45 -85.13 125.21
CA GLU DA 314 16.96 -83.85 125.75
C GLU DA 314 16.14 -83.34 126.95
N LYS DA 315 15.29 -84.18 127.56
CA LYS DA 315 14.55 -83.89 128.80
C LYS DA 315 15.42 -83.21 129.87
N ASP DA 316 16.61 -83.76 130.11
CA ASP DA 316 17.54 -83.25 131.12
C ASP DA 316 18.29 -81.97 130.69
N LYS DA 317 18.28 -81.58 129.41
CA LYS DA 317 18.88 -80.31 128.95
C LYS DA 317 17.95 -79.11 129.18
N HIS DA 318 16.63 -79.35 129.21
CA HIS DA 318 15.59 -78.29 129.42
C HIS DA 318 14.82 -78.55 130.72
N ASN DA 319 15.42 -79.25 131.69
CA ASN DA 319 14.86 -79.50 133.03
C ASN DA 319 13.39 -79.96 132.97
N ILE DA 320 13.02 -80.72 131.94
CA ILE DA 320 11.64 -81.19 131.73
C ILE DA 320 11.28 -82.24 132.76
N THR DA 321 10.13 -82.08 133.41
CA THR DA 321 9.60 -83.01 134.41
C THR DA 321 8.48 -83.91 133.87
N THR DA 322 7.76 -83.48 132.84
CA THR DA 322 6.58 -84.18 132.31
C THR DA 322 6.45 -84.03 130.80
N TYR DA 323 5.66 -84.89 130.17
CA TYR DA 323 5.31 -84.73 128.75
C TYR DA 323 4.59 -83.39 128.49
N LYS DA 324 3.88 -82.82 129.45
CA LYS DA 324 3.32 -81.45 129.37
C LYS DA 324 4.42 -80.40 129.16
N GLU DA 325 5.53 -80.48 129.89
CA GLU DA 325 6.70 -79.61 129.64
C GLU DA 325 7.48 -79.97 128.37
N PHE DA 326 7.48 -81.23 127.95
CA PHE DA 326 8.00 -81.62 126.63
C PHE DA 326 7.19 -81.01 125.48
N LEU DA 327 5.84 -81.04 125.57
CA LEU DA 327 4.93 -80.37 124.63
C LEU DA 327 5.19 -78.86 124.54
N THR DA 328 5.38 -78.17 125.66
CA THR DA 328 5.54 -76.71 125.64
C THR DA 328 6.95 -76.29 125.26
N LYS DA 329 8.00 -76.93 125.79
CA LYS DA 329 9.38 -76.56 125.47
C LYS DA 329 9.89 -77.16 124.14
N GLY DA 330 9.52 -78.40 123.84
CA GLY DA 330 10.18 -79.23 122.82
C GLY DA 330 9.38 -79.50 121.56
N ALA DA 331 8.14 -79.05 121.44
CA ALA DA 331 7.36 -79.24 120.21
C ALA DA 331 7.97 -78.49 119.01
N GLY DA 332 7.85 -79.07 117.81
CA GLY DA 332 8.43 -78.56 116.57
C GLY DA 332 7.40 -77.92 115.65
N ASN DA 333 7.74 -76.84 114.95
CA ASN DA 333 6.81 -76.27 113.97
C ASN DA 333 6.95 -77.07 112.65
N PRO DA 334 5.85 -77.49 112.01
CA PRO DA 334 5.91 -78.40 110.85
C PRO DA 334 6.60 -77.78 109.64
N PHE DA 335 6.66 -76.45 109.59
CA PHE DA 335 7.29 -75.67 108.53
C PHE DA 335 8.76 -75.30 108.82
N HIS DA 336 9.38 -75.85 109.87
CA HIS DA 336 10.82 -75.73 110.06
C HIS DA 336 11.57 -76.39 108.88
N ALA DA 337 12.78 -75.94 108.57
CA ALA DA 337 13.52 -76.32 107.36
C ALA DA 337 13.76 -77.83 107.18
N GLU DA 338 13.75 -78.63 108.25
CA GLU DA 338 13.83 -80.10 108.14
C GLU DA 338 12.46 -80.79 108.11
N TRP DA 339 11.44 -80.26 108.79
CA TRP DA 339 10.10 -80.85 108.80
C TRP DA 339 9.27 -80.49 107.55
N ILE DA 340 9.50 -79.31 106.95
CA ILE DA 340 8.76 -78.79 105.78
C ILE DA 340 8.80 -79.73 104.57
N THR DA 341 9.94 -80.37 104.34
CA THR DA 341 10.16 -81.38 103.28
C THR DA 341 10.50 -82.76 103.86
N ALA DA 342 10.30 -82.96 105.17
CA ALA DA 342 10.62 -84.19 105.90
C ALA DA 342 12.06 -84.70 105.62
N GLN DA 343 13.05 -83.80 105.65
CA GLN DA 343 14.47 -84.18 105.55
C GLN DA 343 14.82 -85.21 106.62
N ASN DA 344 14.33 -84.98 107.85
CA ASN DA 344 14.22 -85.98 108.90
C ASN DA 344 12.74 -86.44 108.94
N PRO DA 345 12.45 -87.74 109.11
CA PRO DA 345 11.10 -88.27 108.93
C PRO DA 345 10.02 -87.55 109.75
N VAL DA 346 8.83 -87.43 109.14
CA VAL DA 346 7.63 -86.82 109.72
C VAL DA 346 6.48 -87.81 109.58
N ILE DA 347 5.73 -88.00 110.65
CA ILE DA 347 4.72 -89.03 110.80
C ILE DA 347 3.34 -88.39 110.92
N HIS DA 348 2.39 -88.80 110.08
CA HIS DA 348 1.00 -88.35 110.08
C HIS DA 348 0.11 -89.43 110.71
N THR DA 349 -0.80 -89.06 111.61
CA THR DA 349 -1.65 -90.02 112.33
C THR DA 349 -2.98 -89.42 112.76
N ALA DA 350 -3.99 -90.26 112.97
CA ALA DA 350 -5.23 -89.88 113.64
C ALA DA 350 -5.04 -89.74 115.18
N ASN DA 351 -3.99 -90.33 115.75
CA ASN DA 351 -3.82 -90.37 117.19
C ASN DA 351 -3.44 -88.99 117.77
N SER DA 352 -4.37 -88.36 118.48
CA SER DA 352 -4.15 -87.03 119.07
C SER DA 352 -3.04 -87.06 120.13
N PRO DA 353 -2.22 -86.00 120.23
CA PRO DA 353 -1.24 -85.87 121.29
C PRO DA 353 -1.85 -86.05 122.67
N THR DA 354 -3.11 -85.68 122.90
CA THR DA 354 -3.77 -85.86 124.20
C THR DA 354 -4.03 -87.33 124.53
N GLN DA 355 -4.22 -88.21 123.55
CA GLN DA 355 -4.21 -89.65 123.84
C GLN DA 355 -2.79 -90.10 124.23
N ILE DA 356 -1.75 -89.57 123.58
CA ILE DA 356 -0.36 -89.81 124.00
C ILE DA 356 -0.10 -89.21 125.40
N GLU DA 357 -0.66 -88.05 125.74
CA GLU DA 357 -0.60 -87.45 127.08
C GLU DA 357 -1.19 -88.43 128.09
N GLN DA 358 -2.37 -88.99 127.82
CA GLN DA 358 -2.99 -89.97 128.70
C GLN DA 358 -2.09 -91.19 128.88
N ILE DA 359 -1.45 -91.71 127.83
CA ILE DA 359 -0.51 -92.83 127.95
C ILE DA 359 0.72 -92.46 128.79
N TYR DA 360 1.35 -91.30 128.55
CA TYR DA 360 2.48 -90.83 129.36
C TYR DA 360 2.08 -90.60 130.82
N THR DA 361 1.04 -89.79 131.05
CA THR DA 361 0.65 -89.35 132.40
C THR DA 361 0.09 -90.52 133.21
N ALA DA 362 -0.62 -91.47 132.59
CA ALA DA 362 -1.06 -92.68 133.29
C ALA DA 362 0.13 -93.48 133.84
N SER DA 363 1.21 -93.65 133.07
CA SER DA 363 2.50 -94.10 133.60
C SER DA 363 3.68 -93.75 132.68
N THR DA 364 4.60 -92.94 133.19
CA THR DA 364 5.84 -92.52 132.51
C THR DA 364 6.78 -93.70 132.26
N THR DA 365 6.77 -94.70 133.14
CA THR DA 365 7.55 -95.93 132.97
C THR DA 365 7.05 -96.78 131.81
N THR DA 366 5.74 -96.80 131.52
CA THR DA 366 5.22 -97.52 130.34
C THR DA 366 5.30 -96.68 129.04
N PHE DA 367 5.57 -95.38 129.11
CA PHE DA 367 5.90 -94.56 127.94
C PHE DA 367 7.21 -95.02 127.27
N GLN DA 368 8.18 -95.51 128.06
CA GLN DA 368 9.38 -96.19 127.56
C GLN DA 368 9.01 -97.49 126.81
N ASN DA 369 8.08 -98.27 127.35
CA ASN DA 369 7.70 -99.58 126.80
C ASN DA 369 6.83 -99.45 125.54
N LYS DA 370 5.86 -98.53 125.52
CA LYS DA 370 4.89 -98.38 124.42
C LYS DA 370 5.57 -97.91 123.13
N LYS DA 371 5.19 -98.55 122.03
CA LYS DA 371 5.57 -98.21 120.65
C LYS DA 371 4.35 -97.73 119.85
N LEU DA 372 4.53 -97.43 118.56
CA LEU DA 372 3.44 -97.06 117.65
C LEU DA 372 2.46 -98.22 117.38
N THR DA 373 2.86 -99.48 117.61
CA THR DA 373 1.93 -100.61 117.73
C THR DA 373 0.99 -100.46 118.93
N ASP DA 374 -0.24 -100.98 118.81
CA ASP DA 374 -1.24 -101.03 119.88
C ASP DA 374 -1.58 -99.66 120.53
N LEU DA 375 -1.38 -98.56 119.79
CA LEU DA 375 -1.84 -97.23 120.20
C LEU DA 375 -3.30 -96.98 119.81
N PRO DA 376 -4.01 -96.06 120.47
CA PRO DA 376 -5.34 -95.64 120.04
C PRO DA 376 -5.29 -94.97 118.66
N THR DA 377 -6.30 -95.23 117.82
CA THR DA 377 -6.43 -94.72 116.45
C THR DA 377 -5.06 -94.61 115.73
N PRO DA 378 -4.29 -95.71 115.56
CA PRO DA 378 -2.93 -95.59 115.02
C PRO DA 378 -2.76 -95.59 113.51
N GLY DA 379 -3.09 -94.48 112.85
CA GLY DA 379 -2.91 -94.34 111.39
C GLY DA 379 -1.54 -93.76 111.14
N TYR DA 380 -0.50 -94.26 111.81
CA TYR DA 380 0.89 -93.73 111.66
C TYR DA 380 1.38 -94.02 110.24
N ILE DA 381 1.67 -92.97 109.46
CA ILE DA 381 2.13 -93.10 108.04
C ILE DA 381 3.36 -92.20 107.89
N PHE DA 382 4.06 -92.19 106.75
CA PHE DA 382 5.17 -91.24 106.49
C PHE DA 382 4.71 -90.24 105.43
N ILE DA 383 4.39 -89.00 105.83
CA ILE DA 383 3.83 -87.98 104.91
C ILE DA 383 4.71 -86.74 104.92
N THR DA 384 4.92 -86.11 103.76
CA THR DA 384 5.72 -84.88 103.64
C THR DA 384 4.81 -83.66 103.51
N PRO DA 385 4.95 -82.60 104.34
CA PRO DA 385 4.11 -81.40 104.23
C PRO DA 385 4.22 -80.70 102.87
N THR DA 386 5.40 -80.76 102.25
CA THR DA 386 5.68 -80.21 100.92
C THR DA 386 5.78 -81.31 99.87
N VAL DA 387 5.28 -81.02 98.67
CA VAL DA 387 5.62 -81.73 97.42
C VAL DA 387 6.16 -80.74 96.40
N SER DA 388 7.08 -81.18 95.54
CA SER DA 388 7.59 -80.39 94.42
C SER DA 388 6.94 -80.86 93.12
N LEU DA 389 6.31 -79.95 92.38
CA LEU DA 389 5.73 -80.17 91.06
C LEU DA 389 6.68 -79.66 89.97
N ARG DA 390 6.59 -80.20 88.77
CA ARG DA 390 7.21 -79.63 87.55
C ARG DA 390 6.13 -79.03 86.67
N TYR DA 391 6.33 -77.78 86.26
CA TYR DA 391 5.46 -77.05 85.33
C TYR DA 391 6.23 -76.75 84.04
N ASN DA 392 5.58 -76.99 82.90
CA ASN DA 392 6.11 -76.64 81.60
C ASN DA 392 5.13 -75.69 80.91
N PRO DA 393 5.54 -74.45 80.56
CA PRO DA 393 4.62 -73.47 80.00
C PRO DA 393 4.12 -73.87 78.60
N TYR DA 394 4.92 -74.62 77.85
CA TYR DA 394 4.57 -75.02 76.46
C TYR DA 394 3.59 -76.19 76.51
N LYS DA 395 3.49 -76.88 77.66
CA LYS DA 395 2.55 -78.02 77.82
C LYS DA 395 1.24 -77.52 78.45
N ASP DA 396 1.10 -76.20 78.65
CA ASP DA 396 -0.10 -75.62 79.33
C ASP DA 396 -1.15 -75.18 78.30
N LEU DA 397 -2.38 -75.69 78.41
CA LEU DA 397 -3.44 -75.41 77.44
C LEU DA 397 -4.55 -74.53 78.03
N ALA DA 398 -4.47 -74.15 79.31
CA ALA DA 398 -5.40 -73.23 79.94
C ALA DA 398 -6.89 -73.63 79.89
N GLU DA 399 -7.24 -74.92 79.82
CA GLU DA 399 -8.64 -75.36 79.68
C GLU DA 399 -9.39 -75.35 81.02
N ARG DA 400 -8.69 -75.58 82.14
CA ARG DA 400 -9.27 -75.62 83.49
C ARG DA 400 -8.39 -74.91 84.53
N ASN DA 401 -7.58 -73.97 84.07
CA ASN DA 401 -6.76 -73.12 84.92
C ASN DA 401 -7.61 -72.14 85.73
N LYS DA 402 -7.21 -71.85 86.96
CA LYS DA 402 -7.98 -71.03 87.90
C LYS DA 402 -7.08 -70.47 88.99
N CYS DA 403 -7.43 -69.36 89.63
CA CYS DA 403 -6.58 -68.67 90.59
C CYS DA 403 -7.42 -67.76 91.51
N TYR DA 404 -7.18 -67.80 92.83
CA TYR DA 404 -7.91 -66.98 93.82
C TYR DA 404 -7.18 -66.93 95.17
N PHE DA 405 -7.59 -65.98 96.03
CA PHE DA 405 -7.08 -65.86 97.39
C PHE DA 405 -8.07 -66.38 98.43
N VAL DA 406 -7.58 -67.13 99.43
CA VAL DA 406 -8.34 -67.62 100.59
C VAL DA 406 -7.76 -67.03 101.87
N ARG DA 407 -8.56 -66.90 102.92
CA ARG DA 407 -8.16 -66.32 104.21
C ARG DA 407 -7.25 -67.29 104.97
N SER DA 408 -6.03 -66.88 105.32
CA SER DA 408 -5.06 -67.76 106.01
C SER DA 408 -5.33 -67.85 107.51
N LYS DA 409 -5.43 -66.71 108.22
CA LYS DA 409 -5.81 -66.66 109.64
C LYS DA 409 -7.33 -66.66 109.84
N ILE DA 410 -7.99 -67.77 109.51
CA ILE DA 410 -9.37 -68.06 109.98
C ILE DA 410 -9.55 -69.54 110.28
N ASN DA 411 -10.54 -69.85 111.11
CA ASN DA 411 -10.90 -71.20 111.48
C ASN DA 411 -11.86 -71.84 110.47
N ALA DA 412 -11.42 -71.99 109.21
CA ALA DA 412 -12.21 -72.60 108.14
C ALA DA 412 -11.42 -73.67 107.37
N HIS DA 413 -12.07 -74.82 107.16
CA HIS DA 413 -11.48 -75.98 106.51
C HIS DA 413 -11.45 -75.84 104.99
N GLY DA 414 -10.47 -76.49 104.35
CA GLY DA 414 -10.46 -76.71 102.90
C GLY DA 414 -10.02 -75.49 102.08
N TRP DA 415 -9.89 -75.72 100.78
CA TRP DA 415 -9.24 -74.82 99.83
C TRP DA 415 -10.17 -74.31 98.73
N ASP DA 416 -11.47 -74.62 98.79
CA ASP DA 416 -12.42 -74.24 97.70
C ASP DA 416 -12.40 -72.73 97.49
N PRO DA 417 -12.68 -72.22 96.27
CA PRO DA 417 -12.77 -70.77 96.05
C PRO DA 417 -13.81 -70.26 97.01
N GLU DA 418 -13.50 -69.20 97.77
CA GLU DA 418 -14.41 -68.66 98.79
C GLU DA 418 -14.42 -67.13 98.75
N GLN DA 419 -15.27 -66.50 99.56
CA GLN DA 419 -15.35 -65.01 99.62
C GLN DA 419 -15.71 -64.47 98.22
N HIS DA 420 -14.89 -63.59 97.63
CA HIS DA 420 -15.21 -62.97 96.32
C HIS DA 420 -15.13 -64.00 95.20
N GLN DA 421 -16.27 -64.29 94.56
CA GLN DA 421 -16.31 -65.24 93.40
C GLN DA 421 -16.11 -64.42 92.12
N GLU DA 422 -16.27 -63.10 92.18
CA GLU DA 422 -15.97 -62.24 91.03
C GLU DA 422 -14.46 -61.98 90.87
N LEU DA 423 -13.66 -62.19 91.92
CA LEU DA 423 -12.21 -62.05 91.89
C LEU DA 423 -11.49 -63.32 91.39
N ILE DA 424 -12.18 -64.44 91.24
CA ILE DA 424 -11.60 -65.65 90.66
C ILE DA 424 -11.14 -65.34 89.23
N ASN DA 425 -9.88 -65.69 88.92
CA ASN DA 425 -9.27 -65.49 87.57
C ASN DA 425 -9.12 -66.87 86.90
N SER DA 426 -9.66 -67.08 85.70
CA SER DA 426 -9.77 -68.40 85.08
C SER DA 426 -9.35 -68.40 83.60
N ASP DA 427 -9.02 -69.58 83.07
CA ASP DA 427 -8.91 -69.87 81.63
C ASP DA 427 -7.82 -69.08 80.86
N LEU DA 428 -6.67 -68.83 81.50
CA LEU DA 428 -5.45 -68.36 80.84
C LEU DA 428 -4.28 -69.25 81.29
N PRO DA 429 -3.20 -69.38 80.50
CA PRO DA 429 -2.05 -70.16 80.94
C PRO DA 429 -1.43 -69.55 82.19
N GLN DA 430 -0.97 -70.37 83.16
CA GLN DA 430 -0.52 -69.91 84.51
C GLN DA 430 0.47 -68.73 84.51
N TRP DA 431 1.37 -68.62 83.53
CA TRP DA 431 2.28 -67.48 83.41
C TRP DA 431 1.57 -66.19 83.02
N LEU DA 432 0.43 -66.25 82.33
CA LEU DA 432 -0.43 -65.11 82.06
C LEU DA 432 -1.47 -64.89 83.16
N LEU DA 433 -2.03 -65.96 83.70
CA LEU DA 433 -3.06 -65.91 84.74
C LEU DA 433 -2.56 -65.28 86.03
N LEU DA 434 -1.32 -65.57 86.45
CA LEU DA 434 -0.75 -65.03 87.67
C LEU DA 434 -0.18 -63.62 87.51
N PHE DA 435 0.15 -63.17 86.30
CA PHE DA 435 0.89 -61.92 86.09
C PHE DA 435 0.07 -60.71 86.57
N GLY DA 436 0.56 -59.98 87.56
CA GLY DA 436 -0.12 -58.81 88.12
C GLY DA 436 -1.43 -59.10 88.87
N TYR DA 437 -1.85 -60.35 89.01
CA TYR DA 437 -3.10 -60.70 89.68
C TYR DA 437 -3.09 -60.32 91.19
N PRO DA 438 -2.04 -60.62 91.97
CA PRO DA 438 -1.95 -60.13 93.34
C PRO DA 438 -2.04 -58.62 93.48
N ASP DA 439 -1.44 -57.85 92.57
CA ASP DA 439 -1.53 -56.39 92.60
C ASP DA 439 -2.92 -55.88 92.21
N TYR DA 440 -3.60 -56.50 91.24
CA TYR DA 440 -5.00 -56.19 90.99
C TYR DA 440 -5.84 -56.40 92.25
N ILE DA 441 -5.62 -57.49 92.97
CA ILE DA 441 -6.34 -57.79 94.20
C ILE DA 441 -6.02 -56.77 95.30
N LYS DA 442 -4.74 -56.43 95.52
CA LYS DA 442 -4.36 -55.38 96.47
C LYS DA 442 -4.99 -54.03 96.12
N ARG DA 443 -4.92 -53.61 94.86
CA ARG DA 443 -5.48 -52.30 94.42
C ARG DA 443 -7.01 -52.31 94.52
N THR DA 444 -7.65 -53.48 94.33
CA THR DA 444 -9.09 -53.63 94.50
C THR DA 444 -9.54 -53.43 95.96
N GLN DA 445 -8.68 -53.75 96.94
CA GLN DA 445 -8.95 -53.47 98.39
C GLN DA 445 -10.19 -54.22 98.93
N ASN DA 446 -10.66 -55.27 98.26
CA ASN DA 446 -11.78 -56.10 98.73
C ASN DA 446 -11.36 -57.14 99.78
N PHE DA 447 -10.07 -57.23 100.10
CA PHE DA 447 -9.51 -58.10 101.15
C PHE DA 447 -8.72 -57.29 102.17
N ALA DA 448 -8.61 -57.79 103.41
CA ALA DA 448 -7.75 -57.19 104.42
C ALA DA 448 -6.30 -57.20 103.94
N LEU DA 449 -5.66 -56.04 103.94
CA LEU DA 449 -4.56 -55.74 103.02
C LEU DA 449 -3.28 -56.57 103.24
N VAL DA 450 -3.07 -57.07 104.46
CA VAL DA 450 -1.77 -57.62 104.85
C VAL DA 450 -1.48 -59.01 104.26
N ASP DA 451 -0.27 -59.20 103.71
CA ASP DA 451 0.11 -60.48 103.03
C ASP DA 451 -0.02 -61.68 103.96
N THR DA 452 0.09 -61.49 105.27
CA THR DA 452 0.05 -62.59 106.23
C THR DA 452 -1.33 -63.20 106.43
N ASN DA 453 -2.39 -62.52 105.99
CA ASN DA 453 -3.76 -62.91 106.30
C ASN DA 453 -4.47 -63.64 105.15
N TYR DA 454 -3.80 -63.84 104.02
CA TYR DA 454 -4.32 -64.55 102.86
C TYR DA 454 -3.30 -65.53 102.29
N ILE DA 455 -3.77 -66.51 101.55
CA ILE DA 455 -2.99 -67.43 100.72
C ILE DA 455 -3.54 -67.36 99.31
N LEU DA 456 -2.65 -67.41 98.33
CA LEU DA 456 -2.96 -67.62 96.92
C LEU DA 456 -3.00 -69.13 96.62
N VAL DA 457 -4.08 -69.54 95.95
CA VAL DA 457 -4.41 -70.92 95.60
C VAL DA 457 -4.71 -70.97 94.11
N ASP DA 458 -4.18 -71.95 93.37
CA ASP DA 458 -4.45 -72.07 91.93
C ASP DA 458 -4.63 -73.52 91.49
N HIS DA 459 -5.48 -73.72 90.49
CA HIS DA 459 -5.70 -75.02 89.84
C HIS DA 459 -5.01 -75.04 88.47
N CYS DA 460 -4.30 -76.10 88.16
CA CYS DA 460 -3.63 -76.29 86.88
C CYS DA 460 -3.51 -77.79 86.57
N PRO DA 461 -4.24 -78.31 85.57
CA PRO DA 461 -4.12 -79.70 85.12
C PRO DA 461 -2.73 -80.11 84.61
N TYR DA 462 -1.87 -79.14 84.28
CA TYR DA 462 -0.75 -79.34 83.36
C TYR DA 462 0.61 -79.53 84.03
N THR DA 463 0.71 -79.55 85.35
CA THR DA 463 1.91 -80.08 86.01
C THR DA 463 1.98 -81.60 85.83
N ASN DA 464 3.19 -82.15 85.76
CA ASN DA 464 3.37 -83.58 85.48
C ASN DA 464 2.91 -84.48 86.64
N PRO DA 465 3.40 -84.29 87.88
CA PRO DA 465 2.65 -84.66 89.07
C PRO DA 465 1.53 -83.63 89.29
N GLU DA 466 0.56 -83.92 90.13
CA GLU DA 466 -0.56 -83.01 90.42
C GLU DA 466 -0.93 -82.97 91.90
N LYS DA 467 -1.57 -81.86 92.29
CA LYS DA 467 -2.37 -81.70 93.50
C LYS DA 467 -3.60 -80.88 93.11
N THR DA 468 -4.77 -81.16 93.72
CA THR DA 468 -6.05 -80.63 93.22
C THR DA 468 -6.04 -79.10 93.14
N PRO DA 469 -5.88 -78.34 94.24
CA PRO DA 469 -5.26 -77.03 94.20
C PRO DA 469 -3.75 -77.12 94.45
N PHE DA 470 -3.08 -76.01 94.12
CA PHE DA 470 -1.65 -75.85 94.46
C PHE DA 470 -1.58 -74.74 95.49
N ILE DA 471 -0.67 -74.79 96.45
CA ILE DA 471 -0.46 -73.67 97.40
C ILE DA 471 1.00 -73.26 97.18
N PRO DA 472 1.37 -72.56 96.08
CA PRO DA 472 2.78 -72.32 95.80
C PRO DA 472 3.52 -71.77 97.02
N LEU DA 473 4.75 -72.21 97.26
CA LEU DA 473 5.61 -71.71 98.32
C LEU DA 473 7.00 -71.39 97.76
N SER DA 474 7.58 -70.27 98.17
CA SER DA 474 8.90 -69.86 97.68
C SER DA 474 10.00 -70.74 98.26
N THR DA 475 11.07 -70.93 97.50
CA THR DA 475 12.26 -71.66 97.94
C THR DA 475 12.81 -71.13 99.26
N SER DA 476 12.69 -69.83 99.54
CA SER DA 476 13.07 -69.23 100.82
C SER DA 476 12.27 -69.80 102.01
N PHE DA 477 10.95 -69.98 101.90
CA PHE DA 477 10.14 -70.59 102.95
C PHE DA 477 10.37 -72.10 103.07
N ILE DA 478 10.60 -72.78 101.94
CA ILE DA 478 10.99 -74.19 101.88
C ILE DA 478 12.40 -74.43 102.43
N GLU DA 479 13.24 -73.39 102.53
CA GLU DA 479 14.59 -73.41 103.09
C GLU DA 479 14.74 -72.67 104.43
N GLY DA 480 13.64 -72.22 105.05
CA GLY DA 480 13.71 -71.57 106.35
C GLY DA 480 14.41 -70.21 106.36
N ARG DA 481 13.94 -69.29 105.49
CA ARG DA 481 14.58 -67.96 105.33
C ARG DA 481 13.53 -66.89 105.00
N SER DA 482 13.81 -65.62 105.31
CA SER DA 482 12.86 -64.52 105.08
C SER DA 482 12.54 -64.31 103.58
N PRO DA 483 11.36 -63.77 103.22
CA PRO DA 483 10.83 -63.75 101.85
C PRO DA 483 11.80 -63.29 100.74
N TYR DA 484 12.63 -62.29 101.01
CA TYR DA 484 13.65 -61.76 100.09
C TYR DA 484 15.04 -61.66 100.76
N SER DA 485 15.44 -62.68 101.53
CA SER DA 485 16.72 -62.72 102.23
C SER DA 485 17.75 -63.60 101.50
N PRO DA 486 19.03 -63.21 101.43
CA PRO DA 486 20.04 -63.93 100.68
C PRO DA 486 20.31 -65.33 101.25
N SER DA 487 20.57 -66.28 100.35
CA SER DA 487 20.69 -67.72 100.63
C SER DA 487 21.76 -68.10 101.65
N ASP DA 488 22.72 -67.21 101.96
CA ASP DA 488 23.75 -67.48 103.01
C ASP DA 488 23.06 -67.59 104.38
N THR DA 489 21.88 -66.99 104.53
CA THR DA 489 21.09 -67.02 105.75
C THR DA 489 20.35 -68.36 105.89
N HIS DA 490 20.25 -68.90 107.12
CA HIS DA 490 19.58 -70.21 107.40
C HIS DA 490 18.54 -70.06 108.53
N GLU DA 491 18.02 -68.85 108.77
CA GLU DA 491 16.95 -68.55 109.72
C GLU DA 491 16.13 -67.35 109.25
N PRO DA 492 14.84 -67.25 109.55
CA PRO DA 492 14.11 -66.00 109.40
C PRO DA 492 14.68 -64.89 110.30
N ASP DA 493 14.52 -63.63 109.88
CA ASP DA 493 14.68 -62.45 110.75
C ASP DA 493 13.54 -62.39 111.79
N GLU DA 494 13.72 -61.73 112.94
CA GLU DA 494 12.81 -61.86 114.10
C GLU DA 494 11.32 -61.70 113.78
N GLU DA 495 10.95 -60.73 112.94
CA GLU DA 495 9.55 -60.52 112.54
C GLU DA 495 9.00 -61.64 111.64
N ASP DA 496 9.84 -62.35 110.89
CA ASP DA 496 9.51 -63.58 110.17
C ASP DA 496 9.76 -64.85 111.01
N GLN DA 497 10.50 -64.79 112.12
CA GLN DA 497 10.53 -65.89 113.10
C GLN DA 497 9.17 -66.03 113.78
N ASN DA 498 8.54 -64.89 114.08
CA ASN DA 498 7.10 -64.80 114.29
C ASN DA 498 6.34 -64.97 112.96
N ARG DA 499 5.07 -65.39 113.09
CA ARG DA 499 4.16 -65.57 111.93
C ARG DA 499 4.80 -66.52 110.90
N TRP DA 500 5.56 -67.55 111.33
CA TRP DA 500 6.22 -68.51 110.41
C TRP DA 500 5.22 -69.58 109.95
N TYR DA 501 4.27 -69.20 109.12
CA TYR DA 501 3.21 -70.09 108.61
C TYR DA 501 2.81 -69.72 107.17
N PRO DA 502 2.20 -70.63 106.40
CA PRO DA 502 1.78 -70.36 105.03
C PRO DA 502 0.93 -69.10 104.87
N CYS DA 503 1.42 -68.15 104.07
CA CYS DA 503 0.70 -66.94 103.68
C CYS DA 503 1.34 -66.32 102.44
N TYR DA 504 0.64 -65.43 101.77
CA TYR DA 504 1.04 -64.83 100.49
C TYR DA 504 2.44 -64.19 100.53
N GLN DA 505 2.88 -63.67 101.67
CA GLN DA 505 4.23 -63.07 101.81
C GLN DA 505 5.33 -64.11 101.48
N TYR DA 506 5.13 -65.39 101.80
CA TYR DA 506 6.07 -66.45 101.47
C TYR DA 506 5.84 -67.06 100.09
N GLN DA 507 4.73 -66.76 99.42
CA GLN DA 507 4.43 -67.29 98.07
C GLN DA 507 5.00 -66.43 96.93
N GLN DA 508 5.35 -65.17 97.20
CA GLN DA 508 5.64 -64.16 96.16
C GLN DA 508 6.70 -64.60 95.14
N GLU DA 509 7.84 -65.13 95.58
CA GLU DA 509 8.90 -65.52 94.66
C GLU DA 509 8.50 -66.72 93.79
N SER DA 510 7.67 -67.64 94.31
CA SER DA 510 7.19 -68.78 93.51
C SER DA 510 6.27 -68.35 92.36
N ILE DA 511 5.33 -67.44 92.58
CA ILE DA 511 4.46 -66.97 91.49
C ILE DA 511 5.20 -66.04 90.54
N ASN DA 512 6.20 -65.30 91.01
CA ASN DA 512 7.08 -64.58 90.10
C ASN DA 512 7.86 -65.57 89.22
N SER DA 513 8.36 -66.66 89.78
CA SER DA 513 9.06 -67.71 89.03
C SER DA 513 8.17 -68.37 87.97
N ILE DA 514 6.89 -68.61 88.27
CA ILE DA 514 5.92 -69.08 87.28
C ILE DA 514 5.70 -68.03 86.18
N CYS DA 515 5.57 -66.75 86.50
CA CYS DA 515 5.47 -65.69 85.51
C CYS DA 515 6.73 -65.56 84.63
N LEU DA 516 7.91 -65.72 85.20
CA LEU DA 516 9.18 -65.76 84.48
C LEU DA 516 9.28 -66.93 83.50
N SER DA 517 8.51 -68.00 83.69
CA SER DA 517 8.44 -69.06 82.68
C SER DA 517 7.74 -68.61 81.40
N GLY DA 518 6.92 -67.54 81.45
CA GLY DA 518 6.22 -66.99 80.29
C GLY DA 518 7.12 -66.19 79.35
N PRO DA 519 6.71 -66.03 78.08
CA PRO DA 519 7.51 -65.34 77.07
C PRO DA 519 7.62 -63.82 77.33
N GLY DA 520 8.66 -63.23 76.76
CA GLY DA 520 8.98 -61.81 76.82
C GLY DA 520 9.60 -61.32 78.12
N THR DA 521 9.58 -62.13 79.18
CA THR DA 521 10.10 -61.74 80.50
C THR DA 521 11.63 -61.60 80.47
N PRO DA 522 12.20 -60.47 80.94
CA PRO DA 522 13.62 -60.18 80.78
C PRO DA 522 14.55 -61.01 81.67
N LYS DA 523 15.83 -61.10 81.25
CA LYS DA 523 16.95 -61.63 82.03
C LYS DA 523 17.71 -60.47 82.67
N ILE DA 524 17.75 -60.40 83.99
CA ILE DA 524 18.49 -59.35 84.71
C ILE DA 524 19.49 -60.02 85.65
N PRO DA 525 20.80 -59.79 85.53
CA PRO DA 525 21.79 -60.37 86.45
C PRO DA 525 21.51 -60.02 87.91
N LYS DA 526 21.75 -60.97 88.83
CA LYS DA 526 21.55 -60.73 90.27
C LYS DA 526 22.44 -59.58 90.75
N GLY DA 527 21.86 -58.67 91.55
CA GLY DA 527 22.50 -57.46 92.02
C GLY DA 527 22.43 -56.26 91.05
N ILE DA 528 21.85 -56.41 89.86
CA ILE DA 528 21.58 -55.30 88.93
C ILE DA 528 20.09 -54.93 89.01
N THR DA 529 19.81 -53.63 89.07
CA THR DA 529 18.45 -53.10 88.97
C THR DA 529 18.30 -52.43 87.61
N ALA DA 530 17.36 -52.90 86.81
CA ALA DA 530 16.99 -52.24 85.56
C ALA DA 530 15.99 -51.12 85.84
N GLU DA 531 16.03 -50.05 85.06
CA GLU DA 531 15.24 -48.83 85.28
C GLU DA 531 14.75 -48.29 83.94
N ALA DA 532 13.65 -47.57 83.93
CA ALA DA 532 13.21 -46.81 82.76
C ALA DA 532 12.64 -45.46 83.20
N LYS DA 533 12.78 -44.45 82.35
CA LYS DA 533 12.28 -43.10 82.62
C LYS DA 533 11.67 -42.44 81.39
N VAL DA 534 10.73 -41.56 81.62
CA VAL DA 534 10.17 -40.64 80.61
C VAL DA 534 10.43 -39.21 81.08
N LYS DA 535 10.69 -38.30 80.14
CA LYS DA 535 10.62 -36.86 80.40
C LYS DA 535 9.30 -36.34 79.88
N TYR DA 536 8.55 -35.66 80.74
CA TYR DA 536 7.24 -35.11 80.40
C TYR DA 536 7.27 -33.60 80.32
N SER DA 537 6.34 -33.04 79.56
CA SER DA 537 6.05 -31.62 79.53
C SER DA 537 4.55 -31.44 79.36
N PHE DA 538 3.84 -31.14 80.45
CA PHE DA 538 2.40 -30.82 80.40
C PHE DA 538 2.20 -29.35 80.12
N ASN DA 539 1.34 -29.01 79.17
CA ASN DA 539 1.11 -27.64 78.76
C ASN DA 539 -0.16 -27.09 79.38
N PHE DA 540 -0.05 -26.02 80.15
CA PHE DA 540 -1.14 -25.32 80.81
C PHE DA 540 -1.08 -23.84 80.49
N LYS DA 541 -2.21 -23.16 80.64
CA LYS DA 541 -2.27 -21.72 80.83
C LYS DA 541 -2.93 -21.44 82.15
N TRP DA 542 -2.50 -20.41 82.86
CA TRP DA 542 -3.12 -19.90 84.07
C TRP DA 542 -3.85 -18.60 83.75
N GLY DA 543 -5.06 -18.42 84.23
CA GLY DA 543 -5.90 -17.28 83.91
C GLY DA 543 -6.40 -16.55 85.16
N GLY DA 544 -6.53 -15.24 85.07
CA GLY DA 544 -7.08 -14.45 86.17
C GLY DA 544 -7.12 -12.96 85.89
N ASP DA 545 -7.66 -12.21 86.84
CA ASP DA 545 -7.43 -10.77 86.95
C ASP DA 545 -5.98 -10.47 87.38
N LEU DA 546 -5.49 -9.27 87.07
CA LEU DA 546 -4.10 -8.90 87.30
C LEU DA 546 -3.72 -9.00 88.80
N PRO DA 547 -2.61 -9.67 89.15
CA PRO DA 547 -2.17 -9.84 90.52
C PRO DA 547 -1.37 -8.64 91.07
N PRO DA 548 -1.20 -8.53 92.40
CA PRO DA 548 -0.29 -7.58 93.03
C PRO DA 548 1.20 -7.98 92.90
N MET DA 549 2.11 -7.06 93.25
CA MET DA 549 3.58 -7.25 93.14
C MET DA 549 4.34 -6.37 94.16
N SER DA 550 5.61 -6.68 94.45
CA SER DA 550 6.46 -5.91 95.39
C SER DA 550 7.89 -5.69 94.88
N THR DA 551 8.61 -4.75 95.51
CA THR DA 551 9.90 -4.21 95.02
C THR DA 551 10.96 -4.09 96.12
N ILE DA 552 12.23 -3.96 95.72
CA ILE DA 552 13.43 -3.99 96.58
C ILE DA 552 14.15 -2.64 96.52
N THR DA 553 14.75 -2.18 97.62
CA THR DA 553 15.52 -0.92 97.65
C THR DA 553 16.66 -0.93 96.64
N ASN DA 554 16.95 0.18 95.98
CA ASN DA 554 18.10 0.28 95.08
C ASN DA 554 19.47 0.23 95.80
N PRO DA 555 19.71 0.94 96.92
CA PRO DA 555 21.02 0.97 97.54
C PRO DA 555 21.47 -0.38 98.06
N THR DA 556 20.58 -1.13 98.74
CA THR DA 556 20.91 -2.49 99.23
C THR DA 556 20.44 -3.49 98.18
N ASP DA 557 21.21 -3.66 97.11
CA ASP DA 557 20.81 -4.56 95.99
C ASP DA 557 22.07 -5.21 95.40
N GLN DA 558 21.93 -6.11 94.43
CA GLN DA 558 23.09 -6.78 93.79
C GLN DA 558 24.19 -5.73 93.55
N PRO DA 559 25.35 -5.79 94.23
CA PRO DA 559 26.37 -4.77 94.08
C PRO DA 559 27.28 -5.01 92.88
N THR DA 560 27.68 -3.95 92.18
CA THR DA 560 28.61 -4.09 91.05
C THR DA 560 29.97 -4.61 91.53
N TYR DA 561 30.72 -5.31 90.69
CA TYR DA 561 32.04 -5.86 91.06
C TYR DA 561 32.99 -4.79 91.65
N VAL DA 562 32.86 -3.53 91.21
CA VAL DA 562 33.60 -2.38 91.72
C VAL DA 562 33.38 -2.19 93.23
N LYS EA 48 34.93 65.53 -0.70
CA LYS EA 48 34.83 66.30 0.57
C LYS EA 48 36.16 66.40 1.29
N ARG EA 49 36.69 65.30 1.83
CA ARG EA 49 38.04 65.23 2.42
C ARG EA 49 38.74 63.94 2.02
N LEU EA 50 40.06 64.01 1.81
CA LEU EA 50 40.89 62.89 1.35
C LEU EA 50 42.01 62.61 2.33
N ASN EA 51 42.42 61.34 2.41
CA ASN EA 51 43.66 60.97 3.09
C ASN EA 51 44.86 61.57 2.33
N ILE EA 52 45.82 62.12 3.05
CA ILE EA 52 47.12 62.48 2.48
C ILE EA 52 47.91 61.19 2.24
N VAL EA 53 48.51 61.06 1.06
CA VAL EA 53 49.23 59.88 0.59
C VAL EA 53 50.63 60.30 0.15
N GLU EA 54 51.60 59.44 0.41
CA GLU EA 54 52.98 59.61 -0.02
C GLU EA 54 53.40 58.44 -0.93
N TRP EA 55 54.25 58.69 -1.91
CA TRP EA 55 54.80 57.64 -2.77
C TRP EA 55 56.13 57.16 -2.21
N GLN EA 56 56.18 55.85 -1.96
CA GLN EA 56 57.34 55.22 -1.29
C GLN EA 56 58.59 55.35 -2.15
N PRO EA 57 59.76 55.60 -1.55
CA PRO EA 57 61.01 55.78 -2.27
C PRO EA 57 61.52 54.48 -2.90
N LYS EA 58 62.39 54.61 -3.91
CA LYS EA 58 62.79 53.51 -4.80
C LYS EA 58 63.49 52.36 -4.08
N SER EA 59 64.35 52.65 -3.11
CA SER EA 59 65.00 51.65 -2.26
C SER EA 59 64.90 52.02 -0.78
N ILE EA 60 64.64 51.03 0.07
CA ILE EA 60 64.40 51.19 1.51
C ILE EA 60 65.23 50.17 2.29
N ARG EA 61 65.84 50.61 3.40
CA ARG EA 61 66.68 49.72 4.27
C ARG EA 61 66.42 49.94 5.77
N LYS EA 62 65.76 49.00 6.46
CA LYS EA 62 65.51 49.06 7.90
C LYS EA 62 66.83 49.11 8.67
N CYS EA 63 66.91 49.95 9.70
CA CYS EA 63 68.05 50.05 10.59
C CYS EA 63 67.59 50.25 12.04
N ARG EA 64 68.01 49.31 12.91
CA ARG EA 64 67.76 49.43 14.38
C ARG EA 64 69.02 49.95 15.07
N ILE EA 65 69.04 51.21 15.48
CA ILE EA 65 70.17 51.78 16.21
C ILE EA 65 70.09 51.23 17.65
N LYS EA 66 70.93 50.26 17.97
CA LYS EA 66 70.90 49.50 19.24
C LYS EA 66 72.08 49.89 20.11
N GLY EA 67 71.87 50.11 21.40
CA GLY EA 67 72.95 50.48 22.30
C GLY EA 67 72.54 50.56 23.76
N MET EA 68 73.45 51.03 24.60
CA MET EA 68 73.30 51.12 26.04
C MET EA 68 73.48 52.56 26.50
N LEU EA 69 72.59 53.09 27.34
CA LEU EA 69 72.64 54.46 27.87
C LEU EA 69 72.71 54.45 29.39
N CYS EA 70 73.68 55.16 29.97
CA CYS EA 70 73.76 55.38 31.39
C CYS EA 70 72.72 56.41 31.86
N LEU EA 71 71.83 56.04 32.77
CA LEU EA 71 70.79 56.93 33.27
C LEU EA 71 71.30 57.85 34.38
N PHE EA 72 72.09 57.31 35.30
CA PHE EA 72 72.84 58.09 36.28
C PHE EA 72 74.02 57.25 36.75
N GLN EA 73 75.02 57.89 37.32
CA GLN EA 73 76.00 57.24 38.18
C GLN EA 73 76.34 58.20 39.31
N THR EA 74 76.09 57.78 40.55
CA THR EA 74 75.98 58.67 41.71
C THR EA 74 76.66 58.12 42.95
N THR EA 75 77.23 59.00 43.74
CA THR EA 75 77.53 58.81 45.16
C THR EA 75 76.45 59.49 45.99
N GLU EA 76 76.45 59.32 47.32
CA GLU EA 76 75.48 59.96 48.22
C GLU EA 76 75.56 61.50 48.21
N ASP EA 77 76.77 62.05 48.08
CA ASP EA 77 77.04 63.50 48.07
C ASP EA 77 76.71 64.18 46.74
N ARG EA 78 76.22 63.43 45.74
CA ARG EA 78 75.78 63.94 44.44
C ARG EA 78 74.32 63.60 44.10
N LEU EA 79 73.55 63.04 45.02
CA LEU EA 79 72.19 62.58 44.74
C LEU EA 79 71.23 63.68 44.26
N SER EA 80 71.35 64.89 44.77
CA SER EA 80 70.46 66.00 44.40
C SER EA 80 70.85 66.74 43.11
N TYR EA 81 71.87 66.27 42.39
CA TYR EA 81 72.39 66.93 41.19
C TYR EA 81 72.13 66.13 39.92
N ASN EA 82 72.00 66.82 38.79
CA ASN EA 82 71.81 66.24 37.48
C ASN EA 82 73.10 65.59 36.94
N PHE EA 83 73.04 64.32 36.58
CA PHE EA 83 74.11 63.60 35.90
C PHE EA 83 74.19 63.96 34.42
N ASP EA 84 75.28 64.60 34.02
CA ASP EA 84 75.72 64.69 32.64
C ASP EA 84 76.95 63.80 32.45
N MET EA 85 76.92 62.91 31.45
CA MET EA 85 78.05 62.03 31.15
C MET EA 85 79.21 62.77 30.49
N TYR EA 86 78.90 63.86 29.79
CA TYR EA 86 79.85 64.76 29.15
C TYR EA 86 79.88 66.08 29.94
N GLU EA 87 80.97 66.30 30.65
CA GLU EA 87 81.02 67.08 31.88
C GLU EA 87 81.35 68.58 31.75
N GLU EA 88 81.00 69.33 32.79
CA GLU EA 88 81.74 70.56 33.12
C GLU EA 88 83.05 70.07 33.76
N SER EA 89 84.19 70.35 33.12
CA SER EA 89 85.45 69.60 33.27
C SER EA 89 86.00 69.42 34.69
N ILE EA 90 85.56 70.23 35.66
CA ILE EA 90 85.90 70.08 37.07
C ILE EA 90 85.10 68.96 37.77
N ILE EA 91 83.86 68.68 37.37
CA ILE EA 91 82.97 67.74 38.07
C ILE EA 91 83.59 66.34 38.21
N PRO EA 92 84.11 65.67 37.17
CA PRO EA 92 84.68 64.33 37.35
C PRO EA 92 86.03 64.32 38.07
N GLU EA 93 86.69 65.45 38.30
CA GLU EA 93 87.94 65.48 39.06
C GLU EA 93 87.69 65.12 40.53
N LYS EA 94 88.11 63.92 40.93
CA LYS EA 94 87.89 63.35 42.26
C LYS EA 94 86.41 63.16 42.65
N LEU EA 95 85.51 63.01 41.67
CA LEU EA 95 84.17 62.42 41.90
C LEU EA 95 83.92 61.22 40.97
N PRO EA 96 83.62 60.03 41.50
CA PRO EA 96 83.36 58.85 40.68
C PRO EA 96 81.94 58.81 40.07
N GLY EA 97 81.00 59.61 40.58
CA GLY EA 97 79.67 59.78 40.00
C GLY EA 97 79.15 61.21 40.16
N GLY EA 98 78.63 61.79 39.08
CA GLY EA 98 78.34 63.22 39.01
C GLY EA 98 76.94 63.63 39.46
N GLY EA 99 75.97 62.73 39.53
CA GLY EA 99 74.59 63.11 39.82
C GLY EA 99 73.63 61.94 39.98
N GLY EA 100 72.60 62.09 40.80
CA GLY EA 100 71.63 61.04 41.14
C GLY EA 100 70.32 61.08 40.37
N PHE EA 101 70.14 62.07 39.50
CA PHE EA 101 69.04 62.11 38.54
C PHE EA 101 69.56 62.57 37.21
N SER EA 102 68.85 62.30 36.11
CA SER EA 102 69.15 62.95 34.84
C SER EA 102 67.90 63.23 34.04
N ILE EA 103 68.01 64.23 33.15
CA ILE EA 103 67.11 64.39 32.02
C ILE EA 103 67.94 64.16 30.76
N LYS EA 104 67.57 63.16 29.96
CA LYS EA 104 68.20 62.81 28.68
C LYS EA 104 67.28 63.21 27.56
N ASN EA 105 67.76 63.94 26.55
CA ASN EA 105 67.08 64.09 25.27
C ASN EA 105 67.84 63.28 24.21
N ILE EA 106 67.13 62.44 23.47
CA ILE EA 106 67.71 61.61 22.41
C ILE EA 106 67.26 62.14 21.05
N SER EA 107 68.22 62.35 20.14
CA SER EA 107 67.99 62.73 18.75
C SER EA 107 68.89 61.87 17.86
N LEU EA 108 68.56 61.77 16.58
CA LEU EA 108 69.37 61.01 15.63
C LEU EA 108 70.83 61.50 15.56
N TYR EA 109 71.07 62.80 15.76
CA TYR EA 109 72.44 63.31 15.88
C TYR EA 109 73.11 62.89 17.19
N ALA EA 110 72.41 62.88 18.31
CA ALA EA 110 72.94 62.32 19.56
C ALA EA 110 73.22 60.81 19.45
N LEU EA 111 72.39 60.04 18.74
CA LEU EA 111 72.67 58.64 18.42
C LEU EA 111 73.93 58.47 17.56
N TYR EA 112 74.15 59.34 16.58
CA TYR EA 112 75.40 59.37 15.83
C TYR EA 112 76.60 59.73 16.71
N GLN EA 113 76.48 60.70 17.63
CA GLN EA 113 77.54 61.00 18.58
C GLN EA 113 77.86 59.83 19.52
N GLU EA 114 76.85 59.09 19.98
CA GLU EA 114 77.08 57.86 20.75
C GLU EA 114 77.75 56.77 19.92
N HIS EA 115 77.60 56.78 18.59
CA HIS EA 115 78.31 55.82 17.69
C HIS EA 115 79.79 56.20 17.61
N ILE EA 116 80.13 57.49 17.71
CA ILE EA 116 81.53 57.92 17.75
C ILE EA 116 82.22 57.50 19.06
N HIS EA 117 81.48 57.43 20.16
CA HIS EA 117 81.95 56.83 21.42
C HIS EA 117 81.91 55.30 21.44
N ALA EA 118 81.50 54.66 20.34
CA ALA EA 118 81.28 53.21 20.24
C ALA EA 118 80.22 52.66 21.21
N HIS EA 119 79.29 53.49 21.68
CA HIS EA 119 78.24 53.08 22.61
C HIS EA 119 77.03 52.42 21.95
N ASN EA 120 76.93 52.47 20.62
CA ASN EA 120 75.86 51.82 19.86
C ASN EA 120 76.35 51.26 18.53
N ILE EA 121 75.52 50.41 17.94
CA ILE EA 121 75.65 49.92 16.56
C ILE EA 121 74.49 50.47 15.73
N PHE EA 122 74.73 50.72 14.45
CA PHE EA 122 73.69 50.91 13.45
C PHE EA 122 73.57 49.61 12.66
N THR EA 123 72.41 48.97 12.67
CA THR EA 123 72.21 47.67 11.99
C THR EA 123 72.37 47.77 10.46
N HIS EA 124 72.17 48.97 9.92
CA HIS EA 124 72.42 49.24 8.50
C HIS EA 124 72.97 50.66 8.40
N THR EA 125 73.99 50.90 7.59
CA THR EA 125 74.51 52.24 7.32
C THR EA 125 73.50 53.10 6.56
N ASN EA 126 73.68 54.41 6.64
CA ASN EA 126 72.83 55.42 6.04
C ASN EA 126 73.56 56.28 4.98
N THR EA 127 74.74 55.86 4.51
CA THR EA 127 75.67 56.75 3.80
C THR EA 127 75.13 57.31 2.49
N ASP EA 128 74.33 56.53 1.76
CA ASP EA 128 73.85 56.87 0.41
C ASP EA 128 72.33 56.84 0.27
N ARG EA 129 71.63 56.87 1.41
CA ARG EA 129 70.14 56.95 1.45
C ARG EA 129 69.82 58.16 2.35
N PRO EA 130 69.47 59.34 1.81
CA PRO EA 130 69.36 60.57 2.59
C PRO EA 130 68.02 60.75 3.33
N LEU EA 131 66.99 60.00 2.97
CA LEU EA 131 65.70 60.03 3.65
C LEU EA 131 65.70 59.14 4.88
N ALA EA 132 64.91 59.50 5.88
CA ALA EA 132 64.68 58.72 7.09
C ALA EA 132 63.19 58.64 7.40
N ARG EA 133 62.77 57.49 7.97
CA ARG EA 133 61.36 57.27 8.41
C ARG EA 133 61.40 56.63 9.81
N TYR EA 134 61.38 57.44 10.87
CA TYR EA 134 61.42 56.97 12.25
C TYR EA 134 60.11 56.30 12.66
N THR EA 135 60.18 55.12 13.26
CA THR EA 135 59.01 54.27 13.56
C THR EA 135 58.73 54.13 15.06
N GLY EA 136 59.65 54.56 15.92
CA GLY EA 136 59.53 54.46 17.38
C GLY EA 136 60.72 53.77 18.02
N CYS EA 137 60.65 53.57 19.32
CA CYS EA 137 61.74 53.08 20.14
C CYS EA 137 61.30 51.91 21.03
N SER EA 138 62.20 50.96 21.30
CA SER EA 138 62.07 50.01 22.41
C SER EA 138 63.12 50.34 23.47
N LEU EA 139 62.71 50.42 24.73
CA LEU EA 139 63.63 50.53 25.87
C LEU EA 139 63.54 49.28 26.73
N LYS EA 140 64.68 48.76 27.19
CA LYS EA 140 64.79 47.77 28.27
C LYS EA 140 65.52 48.41 29.44
N PHE EA 141 64.83 48.63 30.55
CA PHE EA 141 65.39 49.19 31.76
C PHE EA 141 65.84 48.06 32.66
N TYR EA 142 67.11 48.02 33.05
CA TYR EA 142 67.65 46.93 33.87
C TYR EA 142 67.58 47.25 35.35
N GLN EA 143 67.25 46.25 36.16
CA GLN EA 143 67.45 46.34 37.60
C GLN EA 143 68.92 46.53 37.92
N SER EA 144 69.26 47.59 38.64
CA SER EA 144 70.59 47.73 39.21
C SER EA 144 70.79 46.75 40.36
N LYS EA 145 72.03 46.45 40.72
CA LYS EA 145 72.33 45.59 41.85
C LYS EA 145 71.90 46.22 43.18
N ASP EA 146 72.32 47.45 43.43
CA ASP EA 146 72.26 48.07 44.76
C ASP EA 146 71.23 49.20 44.93
N ILE EA 147 70.71 49.77 43.84
CA ILE EA 147 69.83 50.98 43.94
C ILE EA 147 68.53 50.81 43.12
N ASP EA 148 67.41 51.32 43.64
CA ASP EA 148 66.13 51.30 42.90
C ASP EA 148 66.12 52.59 42.07
N TYR EA 149 65.16 52.79 41.18
CA TYR EA 149 65.09 54.09 40.46
C TYR EA 149 63.78 54.26 39.72
N VAL EA 150 63.25 55.47 39.71
CA VAL EA 150 62.02 55.83 39.00
C VAL EA 150 62.41 56.39 37.64
N VAL EA 151 61.71 55.99 36.59
CA VAL EA 151 61.80 56.57 35.25
C VAL EA 151 60.46 57.17 34.87
N THR EA 152 60.45 58.28 34.18
CA THR EA 152 59.32 58.67 33.34
C THR EA 152 59.85 59.29 32.06
N TYR EA 153 59.12 59.17 30.96
CA TYR EA 153 59.56 59.62 29.65
C TYR EA 153 58.46 60.40 28.96
N SER EA 154 58.85 61.23 28.01
CA SER EA 154 57.92 62.05 27.23
C SER EA 154 58.37 62.10 25.78
N THR EA 155 57.43 62.40 24.86
CA THR EA 155 57.75 62.57 23.42
C THR EA 155 57.03 63.79 22.87
N SER EA 156 56.63 64.74 23.73
CA SER EA 156 56.07 66.02 23.21
C SER EA 156 57.18 66.68 22.40
N LEU EA 157 57.04 66.76 21.06
CA LEU EA 157 58.13 67.29 20.20
C LEU EA 157 58.67 68.60 20.81
N PRO EA 158 57.83 69.56 21.27
CA PRO EA 158 58.34 70.75 21.91
C PRO EA 158 59.21 70.36 23.11
N LEU EA 159 60.50 70.69 23.07
CA LEU EA 159 61.46 70.33 24.15
C LEU EA 159 61.80 71.60 24.95
N ARG EA 160 61.64 71.57 26.28
CA ARG EA 160 61.98 72.72 27.15
C ARG EA 160 62.19 72.23 28.59
N SER EA 161 62.86 73.02 29.43
CA SER EA 161 63.09 72.67 30.85
C SER EA 161 62.24 73.61 31.73
N SER EA 162 61.90 73.18 32.93
CA SER EA 162 61.06 73.99 33.86
C SER EA 162 61.53 73.82 35.31
N MET EA 163 61.31 74.82 36.15
CA MET EA 163 61.65 74.76 37.57
C MET EA 163 60.84 73.66 38.30
N GLY EA 164 59.57 73.53 37.95
CA GLY EA 164 58.70 72.47 38.46
C GLY EA 164 59.13 71.08 38.00
N MET EA 165 59.63 70.92 36.78
CA MET EA 165 60.23 69.66 36.32
C MET EA 165 61.42 69.27 37.21
N TYR EA 166 62.39 70.16 37.43
CA TYR EA 166 63.57 69.84 38.22
C TYR EA 166 63.24 69.55 39.69
N ASN EA 167 62.31 70.28 40.31
CA ASN EA 167 61.84 69.93 41.64
C ASN EA 167 61.12 68.57 41.65
N SER EA 168 60.28 68.30 40.66
CA SER EA 168 59.55 67.03 40.57
C SER EA 168 60.46 65.82 40.33
N MET EA 169 61.73 66.01 40.00
CA MET EA 169 62.73 64.93 40.00
C MET EA 169 63.05 64.40 41.39
N GLN EA 170 62.66 65.07 42.47
CA GLN EA 170 62.87 64.59 43.83
C GLN EA 170 62.26 63.20 43.96
N PRO EA 171 62.95 62.18 44.52
CA PRO EA 171 62.54 60.80 44.37
C PRO EA 171 61.13 60.48 44.86
N SER EA 172 60.69 61.07 45.97
CA SER EA 172 59.33 60.90 46.49
C SER EA 172 58.28 61.53 45.57
N ILE EA 173 58.55 62.71 45.01
CA ILE EA 173 57.65 63.41 44.11
C ILE EA 173 57.56 62.70 42.76
N HIS EA 174 58.69 62.29 42.20
CA HIS EA 174 58.73 61.53 40.96
C HIS EA 174 58.00 60.18 41.13
N LEU EA 175 58.21 59.48 42.24
CA LEU EA 175 57.49 58.25 42.55
C LEU EA 175 55.96 58.44 42.69
N MET EA 176 55.46 59.62 43.01
CA MET EA 176 54.01 59.88 43.01
C MET EA 176 53.41 60.15 41.63
N GLN EA 177 54.21 60.55 40.62
CA GLN EA 177 53.69 60.94 39.32
C GLN EA 177 52.99 59.79 38.57
N GLN EA 178 52.05 60.14 37.70
CA GLN EA 178 51.40 59.20 36.80
C GLN EA 178 52.34 58.81 35.64
N ASN EA 179 52.17 57.60 35.12
CA ASN EA 179 53.01 57.04 34.05
C ASN EA 179 54.51 57.02 34.41
N LYS EA 180 54.82 56.88 35.70
CA LYS EA 180 56.11 56.46 36.19
C LYS EA 180 56.36 54.99 35.85
N LEU EA 181 57.62 54.60 35.85
CA LEU EA 181 58.08 53.23 35.92
C LEU EA 181 59.04 53.11 37.10
N ILE EA 182 58.76 52.22 38.04
CA ILE EA 182 59.67 51.94 39.16
C ILE EA 182 60.46 50.68 38.80
N VAL EA 183 61.78 50.76 38.93
CA VAL EA 183 62.67 49.61 38.75
C VAL EA 183 63.30 49.29 40.10
N PRO EA 184 62.82 48.28 40.83
CA PRO EA 184 63.46 47.82 42.05
C PRO EA 184 64.85 47.28 41.74
N SER EA 185 65.79 47.44 42.65
CA SER EA 185 67.07 46.74 42.58
C SER EA 185 66.88 45.23 42.67
N LYS EA 186 67.89 44.47 42.25
CA LYS EA 186 67.89 43.01 42.41
C LYS EA 186 67.81 42.59 43.87
N GLN EA 187 68.34 43.42 44.77
CA GLN EA 187 68.22 43.23 46.23
C GLN EA 187 66.78 43.43 46.73
N THR EA 188 66.06 44.48 46.31
CA THR EA 188 64.70 44.74 46.80
C THR EA 188 63.65 43.85 46.15
N GLN EA 189 63.84 43.37 44.91
CA GLN EA 189 62.95 42.37 44.31
C GLN EA 189 63.67 41.52 43.27
N LYS EA 190 63.74 40.20 43.49
CA LYS EA 190 64.10 39.21 42.47
C LYS EA 190 62.92 39.02 41.50
N ARG EA 191 63.18 39.00 40.20
CA ARG EA 191 62.17 38.97 39.13
C ARG EA 191 62.46 37.85 38.13
N ARG EA 192 61.42 37.39 37.41
CA ARG EA 192 61.58 36.43 36.31
C ARG EA 192 62.44 37.00 35.19
N LYS EA 193 62.09 38.19 34.69
CA LYS EA 193 62.89 38.94 33.73
C LYS EA 193 63.66 40.04 34.48
N PRO EA 194 64.98 40.18 34.27
CA PRO EA 194 65.81 41.12 35.02
C PRO EA 194 65.69 42.57 34.53
N TYR EA 195 64.72 42.87 33.69
CA TYR EA 195 64.50 44.16 33.03
C TYR EA 195 63.01 44.43 32.87
N ILE EA 196 62.64 45.68 32.69
CA ILE EA 196 61.29 46.09 32.27
C ILE EA 196 61.37 46.69 30.87
N LYS EA 197 60.57 46.17 29.95
CA LYS EA 197 60.58 46.51 28.52
C LYS EA 197 59.34 47.28 28.14
N LYS EA 198 59.48 48.40 27.45
CA LYS EA 198 58.33 49.09 26.83
C LYS EA 198 58.66 49.82 25.55
N HIS EA 199 57.66 49.90 24.68
CA HIS EA 199 57.72 50.49 23.36
C HIS EA 199 57.18 51.91 23.42
N ILE EA 200 57.87 52.85 22.80
CA ILE EA 200 57.56 54.27 22.80
C ILE EA 200 57.35 54.74 21.36
N SER EA 201 56.19 55.33 21.10
CA SER EA 201 55.80 55.81 19.78
C SER EA 201 56.55 57.11 19.41
N PRO EA 202 56.70 57.49 18.14
CA PRO EA 202 57.29 58.78 17.78
C PRO EA 202 56.57 59.98 18.41
N PRO EA 203 57.23 61.14 18.53
CA PRO EA 203 56.57 62.40 18.84
C PRO EA 203 55.35 62.63 17.94
N THR EA 204 54.28 63.21 18.46
CA THR EA 204 53.06 63.42 17.65
C THR EA 204 53.31 64.32 16.42
N GLN EA 205 54.34 65.18 16.51
CA GLN EA 205 54.75 66.08 15.38
C GLN EA 205 55.58 65.32 14.34
N MET EA 206 56.22 64.21 14.71
CA MET EA 206 56.90 63.32 13.76
C MET EA 206 55.87 62.36 13.16
N LYS EA 207 55.38 62.66 11.96
CA LYS EA 207 54.39 61.83 11.26
C LYS EA 207 55.07 60.63 10.61
N SER EA 208 54.31 59.67 10.11
CA SER EA 208 54.89 58.47 9.48
C SER EA 208 55.59 58.73 8.14
N GLN EA 209 55.50 59.94 7.59
CA GLN EA 209 56.15 60.33 6.34
C GLN EA 209 57.67 60.19 6.37
N TRP EA 210 58.29 60.17 5.19
CA TRP EA 210 59.74 60.33 5.04
C TRP EA 210 60.18 61.76 5.30
N TYR EA 211 61.36 61.93 5.88
CA TYR EA 211 62.00 63.22 6.13
C TYR EA 211 63.47 63.14 5.73
N PHE EA 212 64.04 64.20 5.16
CA PHE EA 212 65.50 64.25 5.01
C PHE EA 212 66.19 64.13 6.37
N GLN EA 213 67.24 63.31 6.44
CA GLN EA 213 67.98 63.09 7.70
C GLN EA 213 68.61 64.40 8.20
N HIS EA 214 68.92 65.35 7.31
CA HIS EA 214 69.47 66.69 7.69
C HIS EA 214 68.44 67.48 8.48
N ASN EA 215 67.15 67.34 8.14
CA ASN EA 215 66.08 68.08 8.81
C ASN EA 215 65.79 67.52 10.20
N ILE EA 216 65.62 66.19 10.31
CA ILE EA 216 65.27 65.53 11.57
C ILE EA 216 66.46 65.26 12.50
N ALA EA 217 67.71 65.46 12.07
CA ALA EA 217 68.90 65.13 12.83
C ALA EA 217 68.86 65.62 14.28
N ASN EA 218 68.49 66.89 14.49
CA ASN EA 218 68.51 67.53 15.80
C ASN EA 218 67.16 67.55 16.54
N ILE EA 219 66.07 67.07 15.93
CA ILE EA 219 64.75 67.00 16.55
C ILE EA 219 64.78 65.98 17.70
N PRO EA 220 64.50 66.35 18.96
CA PRO EA 220 64.56 65.41 20.08
C PRO EA 220 63.36 64.47 20.03
N LEU EA 221 63.60 63.18 19.76
CA LEU EA 221 62.51 62.17 19.54
C LEU EA 221 62.12 61.44 20.83
N LEU EA 222 62.87 61.62 21.90
CA LEU EA 222 62.56 61.04 23.21
C LEU EA 222 63.20 61.87 24.33
N MET EA 223 62.47 62.10 25.41
CA MET EA 223 63.04 62.54 26.69
C MET EA 223 62.90 61.44 27.74
N ILE EA 224 63.98 61.07 28.43
CA ILE EA 224 63.95 60.16 29.57
C ILE EA 224 64.32 60.96 30.82
N ARG EA 225 63.51 60.89 31.86
CA ARG EA 225 63.77 61.45 33.19
C ARG EA 225 63.97 60.31 34.18
N THR EA 226 65.08 60.28 34.90
CA THR EA 226 65.38 59.22 35.87
C THR EA 226 65.85 59.80 37.18
N THR EA 227 65.44 59.24 38.32
CA THR EA 227 65.94 59.61 39.65
C THR EA 227 66.24 58.36 40.47
N ALA EA 228 67.34 58.38 41.22
CA ALA EA 228 67.74 57.34 42.14
C ALA EA 228 66.93 57.35 43.44
N LEU EA 229 66.61 56.18 43.97
CA LEU EA 229 65.54 55.96 44.94
C LEU EA 229 65.94 54.88 45.94
N THR EA 230 65.36 54.87 47.14
CA THR EA 230 65.22 53.62 47.89
C THR EA 230 63.80 53.42 48.36
N LEU EA 231 63.26 52.22 48.14
CA LEU EA 231 61.95 51.80 48.60
C LEU EA 231 61.97 51.30 50.04
N ASP EA 232 63.00 50.55 50.45
CA ASP EA 232 63.12 49.96 51.79
C ASP EA 232 63.63 50.92 52.88
N ASN EA 233 64.26 52.02 52.49
CA ASN EA 233 64.79 53.06 53.39
C ASN EA 233 64.11 54.41 53.10
N TYR EA 234 62.89 54.40 52.62
CA TYR EA 234 62.20 55.57 52.09
C TYR EA 234 62.17 56.76 53.06
N TYR EA 235 61.89 56.54 54.35
CA TYR EA 235 61.84 57.61 55.35
C TYR EA 235 63.19 57.88 56.00
N ILE EA 236 63.86 56.83 56.49
CA ILE EA 236 65.14 56.97 57.20
C ILE EA 236 66.25 57.45 56.25
N GLY EA 237 66.28 56.93 55.02
CA GLY EA 237 67.27 57.28 54.01
C GLY EA 237 68.67 56.97 54.50
N SER EA 238 69.49 58.00 54.65
CA SER EA 238 70.83 57.92 55.26
C SER EA 238 70.97 58.70 56.57
N ARG EA 239 69.86 58.99 57.25
CA ARG EA 239 69.82 59.60 58.60
C ARG EA 239 70.72 58.86 59.59
N GLN EA 240 71.44 59.61 60.41
CA GLN EA 240 72.24 59.13 61.53
C GLN EA 240 71.83 59.88 62.80
N LEU EA 241 71.71 59.19 63.94
CA LEU EA 241 71.26 59.78 65.21
C LEU EA 241 69.89 60.48 65.07
N SER EA 242 69.79 61.77 65.42
CA SER EA 242 68.54 62.55 65.39
C SER EA 242 67.97 62.71 63.98
N THR EA 243 66.65 62.96 63.88
CA THR EA 243 66.02 63.37 62.62
C THR EA 243 66.50 64.75 62.14
N ASN EA 244 66.91 65.63 63.06
CA ASN EA 244 67.44 66.95 62.76
C ASN EA 244 68.78 66.87 62.01
N VAL EA 245 68.94 67.66 60.95
CA VAL EA 245 70.21 67.88 60.26
C VAL EA 245 70.76 69.26 60.67
N THR EA 246 72.07 69.37 60.82
CA THR EA 246 72.73 70.65 61.13
C THR EA 246 73.19 71.35 59.87
N ILE EA 247 72.78 72.60 59.68
CA ILE EA 247 73.17 73.47 58.57
C ILE EA 247 74.12 74.53 59.12
N HIS EA 248 75.27 74.74 58.47
CA HIS EA 248 76.17 75.87 58.84
C HIS EA 248 75.72 77.05 57.96
N THR EA 249 75.82 78.28 58.43
CA THR EA 249 75.51 79.48 57.63
C THR EA 249 76.39 80.67 57.99
N LEU EA 250 76.51 81.63 57.07
CA LEU EA 250 77.21 82.90 57.37
C LEU EA 250 76.26 83.75 58.22
N ASN EA 251 76.67 84.20 59.40
CA ASN EA 251 75.82 85.14 60.19
C ASN EA 251 75.35 86.22 59.22
N THR EA 252 74.03 86.42 59.07
CA THR EA 252 73.46 87.42 58.14
C THR EA 252 73.51 88.77 58.82
N THR EA 253 73.41 88.81 60.15
CA THR EA 253 73.32 90.08 60.91
C THR EA 253 74.66 90.82 61.03
N TYR EA 254 75.76 90.27 60.49
CA TYR EA 254 77.09 90.90 60.54
C TYR EA 254 77.86 90.79 59.22
N ILE EA 255 77.80 89.64 58.52
CA ILE EA 255 78.48 89.42 57.24
C ILE EA 255 77.52 89.76 56.09
N GLN EA 256 77.60 90.96 55.50
CA GLN EA 256 76.62 91.32 54.44
C GLN EA 256 77.25 92.04 53.25
N ASN EA 257 78.49 92.50 53.35
CA ASN EA 257 79.03 93.36 52.30
C ASN EA 257 79.31 92.67 50.97
N ARG EA 258 79.50 91.34 50.95
CA ARG EA 258 79.72 90.55 49.71
C ARG EA 258 80.87 91.12 48.84
N ASP EA 259 81.88 91.76 49.45
CA ASP EA 259 83.04 92.30 48.72
C ASP EA 259 84.21 91.31 48.69
N TRP EA 260 83.98 90.10 48.17
CA TRP EA 260 84.92 88.98 48.32
C TRP EA 260 85.93 88.78 47.19
N GLY EA 261 87.03 88.12 47.52
CA GLY EA 261 87.95 87.56 46.53
C GLY EA 261 88.98 88.54 45.95
N ASP EA 262 89.42 89.53 46.72
CA ASP EA 262 90.57 90.40 46.39
C ASP EA 262 91.58 90.45 47.56
N ARG EA 263 92.88 90.47 47.23
CA ARG EA 263 93.93 90.76 48.26
C ARG EA 263 94.23 92.27 48.14
N ASN EA 264 93.55 92.97 47.21
CA ASN EA 264 93.73 94.39 46.94
C ASN EA 264 92.76 95.30 47.71
N LYS EA 265 92.03 94.76 48.70
CA LYS EA 265 90.94 95.44 49.42
C LYS EA 265 90.92 95.00 50.89
N THR EA 266 90.99 95.92 51.83
CA THR EA 266 90.77 95.63 53.26
C THR EA 266 89.30 95.26 53.47
N TYR EA 267 89.01 94.08 54.02
CA TYR EA 267 87.64 93.60 54.14
C TYR EA 267 86.91 94.24 55.33
N TYR EA 268 85.66 94.60 55.10
CA TYR EA 268 84.73 95.15 56.09
C TYR EA 268 83.43 94.37 55.96
N CYS EA 269 82.83 93.94 57.08
CA CYS EA 269 81.77 92.94 57.06
C CYS EA 269 80.37 93.51 56.82
N GLN EA 270 80.08 94.70 57.33
CA GLN EA 270 78.81 95.39 57.10
C GLN EA 270 78.98 96.92 57.06
N THR EA 271 78.02 97.59 56.42
CA THR EA 271 77.80 99.04 56.54
C THR EA 271 76.48 99.28 57.26
N LEU EA 272 76.45 100.23 58.21
CA LEU EA 272 75.21 100.73 58.82
C LEU EA 272 75.24 102.26 58.82
N GLY EA 273 74.19 102.92 58.36
CA GLY EA 273 74.22 104.36 58.11
C GLY EA 273 75.34 104.73 57.14
N THR EA 274 76.28 105.56 57.59
CA THR EA 274 77.53 105.87 56.87
C THR EA 274 78.73 105.00 57.28
N GLN EA 275 78.63 104.23 58.36
CA GLN EA 275 79.76 103.50 58.96
C GLN EA 275 80.18 102.28 58.14
N ARG EA 276 81.39 101.79 58.40
CA ARG EA 276 81.88 100.46 58.03
C ARG EA 276 82.29 99.72 59.32
N TYR EA 277 82.08 98.41 59.35
CA TYR EA 277 82.43 97.56 60.49
C TYR EA 277 83.43 96.50 60.08
N PHE EA 278 84.32 96.16 61.00
CA PHE EA 278 85.55 95.43 60.76
C PHE EA 278 85.72 94.32 61.80
N LEU EA 279 86.41 93.27 61.40
CA LEU EA 279 86.65 92.07 62.19
C LEU EA 279 88.15 91.95 62.50
N TYR EA 280 88.50 91.47 63.69
CA TYR EA 280 89.87 91.21 64.10
C TYR EA 280 89.96 89.86 64.83
N GLY EA 281 90.96 89.06 64.51
CA GLY EA 281 91.24 87.82 65.25
C GLY EA 281 92.20 88.07 66.41
N THR EA 282 92.16 87.25 67.45
CA THR EA 282 93.23 87.26 68.47
C THR EA 282 93.46 85.87 69.04
N HIS EA 283 94.69 85.61 69.50
CA HIS EA 283 95.01 84.35 70.21
C HIS EA 283 95.03 84.67 71.71
N SER EA 284 94.68 85.91 72.09
CA SER EA 284 94.72 86.33 73.49
C SER EA 284 93.82 85.47 74.39
N THR EA 285 94.33 85.15 75.57
CA THR EA 285 93.58 84.51 76.66
C THR EA 285 92.77 85.51 77.51
N ALA EA 286 92.82 86.80 77.20
CA ALA EA 286 92.11 87.84 77.93
C ALA EA 286 90.60 87.58 77.96
N GLN EA 287 90.01 87.61 79.16
CA GLN EA 287 88.59 87.34 79.37
C GLN EA 287 87.70 88.55 79.05
N ASN EA 288 88.23 89.77 79.17
CA ASN EA 288 87.46 91.02 79.06
C ASN EA 288 87.78 91.73 77.74
N ILE EA 289 86.75 91.98 76.93
CA ILE EA 289 86.88 92.65 75.63
C ILE EA 289 87.46 94.07 75.74
N ASN EA 290 87.33 94.73 76.89
CA ASN EA 290 87.86 96.08 77.09
C ASN EA 290 89.39 96.13 77.18
N ASP EA 291 90.03 95.15 77.86
CA ASP EA 291 91.50 95.22 78.19
C ASP EA 291 92.44 94.63 77.13
N ILE EA 292 91.93 93.96 76.10
CA ILE EA 292 92.77 93.48 75.00
C ILE EA 292 93.56 94.66 74.42
N LYS EA 293 94.83 94.45 74.07
CA LYS EA 293 95.71 95.50 73.53
C LYS EA 293 95.28 95.91 72.10
N LEU EA 294 95.92 96.93 71.54
CA LEU EA 294 95.72 97.27 70.11
C LEU EA 294 96.61 96.29 69.33
N GLN EA 295 97.63 95.72 69.98
CA GLN EA 295 98.59 94.77 69.34
C GLN EA 295 97.97 93.38 69.16
N GLU EA 296 97.24 92.87 70.17
CA GLU EA 296 96.69 91.49 70.13
C GLU EA 296 95.89 91.26 68.84
N LEU EA 297 95.11 92.24 68.40
CA LEU EA 297 94.21 92.07 67.22
C LEU EA 297 95.00 91.72 65.96
N ILE EA 298 94.51 90.76 65.16
CA ILE EA 298 95.12 90.38 63.84
C ILE EA 298 94.12 90.88 62.80
N PRO EA 299 94.33 92.07 62.20
CA PRO EA 299 93.34 92.69 61.33
C PRO EA 299 93.21 91.89 60.06
N LEU EA 300 92.04 91.91 59.42
CA LEU EA 300 91.80 91.12 58.18
C LEU EA 300 91.83 92.06 56.97
N THR EA 301 92.85 91.95 56.11
CA THR EA 301 93.03 92.81 54.92
C THR EA 301 92.89 91.97 53.67
N ASN EA 302 92.61 90.66 53.82
CA ASN EA 302 92.40 89.77 52.68
C ASN EA 302 91.16 88.89 52.96
N THR EA 303 90.33 88.62 51.96
CA THR EA 303 89.38 87.48 52.02
C THR EA 303 89.71 86.36 51.04
N GLN EA 304 90.50 86.65 49.99
CA GLN EA 304 90.78 85.72 48.87
C GLN EA 304 91.68 84.53 49.23
N ASP EA 305 92.33 84.50 50.40
CA ASP EA 305 93.26 83.39 50.72
C ASP EA 305 92.84 82.55 51.92
N TYR EA 306 93.39 81.33 52.02
CA TYR EA 306 93.19 80.47 53.20
C TYR EA 306 94.01 80.92 54.43
N VAL EA 307 94.91 81.90 54.26
CA VAL EA 307 95.91 82.26 55.28
C VAL EA 307 95.28 82.69 56.61
N GLN EA 308 95.84 82.20 57.72
CA GLN EA 308 95.41 82.52 59.09
C GLN EA 308 95.85 83.91 59.55
N GLY EA 309 96.94 84.41 58.97
CA GLY EA 309 97.68 85.54 59.53
C GLY EA 309 98.53 85.12 60.72
N PHE EA 310 99.08 86.08 61.46
CA PHE EA 310 99.83 85.85 62.68
C PHE EA 310 99.80 87.10 63.58
N ASP EA 311 100.13 86.91 64.85
CA ASP EA 311 100.14 87.95 65.87
C ASP EA 311 101.38 88.86 65.79
N TRP EA 312 101.27 90.10 66.28
CA TRP EA 312 102.36 91.09 66.34
C TRP EA 312 103.58 90.58 67.14
N THR EA 313 103.39 89.63 68.05
CA THR EA 313 104.50 88.95 68.74
C THR EA 313 105.44 88.20 67.79
N GLU EA 314 105.03 87.93 66.55
CA GLU EA 314 105.89 87.34 65.51
C GLU EA 314 106.52 88.38 64.55
N LYS EA 315 106.48 89.67 64.91
CA LYS EA 315 107.15 90.77 64.18
C LYS EA 315 108.57 90.40 63.76
N ASP EA 316 109.37 89.86 64.68
CA ASP EA 316 110.76 89.49 64.44
C ASP EA 316 110.94 88.20 63.62
N LYS EA 317 109.90 87.36 63.44
CA LYS EA 317 109.96 86.17 62.58
C LYS EA 317 109.78 86.51 61.10
N HIS EA 318 109.07 87.61 60.80
CA HIS EA 318 108.79 88.08 59.40
C HIS EA 318 109.45 89.44 59.16
N ASN EA 319 110.50 89.79 59.90
CA ASN EA 319 111.29 91.02 59.72
C ASN EA 319 110.42 92.28 59.57
N ILE EA 320 109.28 92.31 60.27
CA ILE EA 320 108.31 93.41 60.19
C ILE EA 320 108.87 94.65 60.87
N THR EA 321 108.81 95.80 60.18
CA THR EA 321 109.27 97.08 60.70
C THR EA 321 108.13 98.00 61.15
N THR EA 322 106.92 97.82 60.63
CA THR EA 322 105.76 98.71 60.87
C THR EA 322 104.45 97.94 60.90
N TYR EA 323 103.41 98.54 61.47
CA TYR EA 323 102.05 97.99 61.38
C TYR EA 323 101.58 97.85 59.93
N LYS EA 324 102.06 98.68 58.99
CA LYS EA 324 101.84 98.50 57.54
C LYS EA 324 102.35 97.14 57.03
N GLU EA 325 103.54 96.72 57.44
CA GLU EA 325 104.06 95.38 57.12
C GLU EA 325 103.38 94.27 57.94
N PHE EA 326 102.89 94.55 59.15
CA PHE EA 326 102.04 93.62 59.88
C PHE EA 326 100.70 93.37 59.17
N LEU EA 327 100.05 94.42 58.66
CA LEU EA 327 98.84 94.35 57.84
C LEU EA 327 99.06 93.51 56.57
N THR EA 328 100.17 93.68 55.86
CA THR EA 328 100.38 92.98 54.59
C THR EA 328 100.86 91.54 54.81
N LYS EA 329 101.80 91.30 55.72
CA LYS EA 329 102.32 89.94 55.97
C LYS EA 329 101.43 89.11 56.89
N GLY EA 330 100.85 89.71 57.93
CA GLY EA 330 100.27 89.01 59.08
C GLY EA 330 98.74 89.04 59.20
N ALA EA 331 98.02 89.74 58.32
CA ALA EA 331 96.57 89.74 58.36
C ALA EA 331 95.95 88.36 58.07
N GLY EA 332 94.84 88.04 58.73
CA GLY EA 332 94.16 86.75 58.65
C GLY EA 332 92.90 86.78 57.80
N ASN EA 333 92.60 85.73 57.05
CA ASN EA 333 91.34 85.66 56.31
C ASN EA 333 90.24 85.18 57.27
N PRO EA 334 89.05 85.84 57.32
CA PRO EA 334 88.03 85.55 58.33
C PRO EA 334 87.45 84.13 58.21
N PHE EA 335 87.58 83.53 57.02
CA PHE EA 335 87.11 82.19 56.70
C PHE EA 335 88.17 81.10 56.90
N HIS EA 336 89.33 81.41 57.49
CA HIS EA 336 90.29 80.37 57.91
C HIS EA 336 89.63 79.45 58.97
N ALA EA 337 90.07 78.20 59.07
CA ALA EA 337 89.41 77.16 59.88
C ALA EA 337 89.23 77.49 61.37
N GLU EA 338 90.06 78.38 61.94
CA GLU EA 338 89.85 78.85 63.32
C GLU EA 338 89.02 80.13 63.41
N TRP EA 339 89.10 81.06 62.46
CA TRP EA 339 88.31 82.30 62.48
C TRP EA 339 86.87 82.11 62.00
N ILE EA 340 86.61 81.14 61.10
CA ILE EA 340 85.29 80.87 60.49
C ILE EA 340 84.20 80.58 61.54
N THR EA 341 84.55 79.86 62.59
CA THR EA 341 83.68 79.54 63.75
C THR EA 341 84.21 80.14 65.05
N ALA EA 342 85.18 81.06 64.98
CA ALA EA 342 85.84 81.70 66.12
C ALA EA 342 86.33 80.69 67.18
N GLN EA 343 86.96 79.59 66.75
CA GLN EA 343 87.61 78.63 67.65
C GLN EA 343 88.60 79.34 68.57
N ASN EA 344 89.38 80.26 68.01
CA ASN EA 344 90.10 81.31 68.73
C ASN EA 344 89.30 82.62 68.57
N PRO EA 345 89.15 83.45 69.62
CA PRO EA 345 88.21 84.57 69.60
C PRO EA 345 88.40 85.54 68.42
N VAL EA 346 87.27 86.05 67.93
CA VAL EA 346 87.16 87.02 66.83
C VAL EA 346 86.33 88.19 67.31
N ILE EA 347 86.80 89.40 67.03
CA ILE EA 347 86.28 90.64 67.57
C ILE EA 347 85.69 91.49 66.44
N HIS EA 348 84.45 91.91 66.56
CA HIS EA 348 83.74 92.78 65.60
C HIS EA 348 83.68 94.20 66.15
N THR EA 349 83.98 95.21 65.35
CA THR EA 349 84.03 96.61 65.79
C THR EA 349 83.74 97.60 64.66
N ALA EA 350 83.27 98.80 65.02
CA ALA EA 350 83.22 99.93 64.09
C ALA EA 350 84.61 100.56 63.82
N ASN EA 351 85.61 100.30 64.69
CA ASN EA 351 86.90 100.96 64.59
C ASN EA 351 87.73 100.42 63.41
N SER EA 352 87.89 101.24 62.37
CA SER EA 352 88.62 100.87 61.16
C SER EA 352 90.10 100.62 61.47
N PRO EA 353 90.73 99.62 60.81
CA PRO EA 353 92.17 99.40 60.91
C PRO EA 353 92.99 100.65 60.65
N THR EA 354 92.53 101.57 59.80
CA THR EA 354 93.25 102.83 59.53
C THR EA 354 93.24 103.79 60.72
N GLN EA 355 92.23 103.76 61.59
CA GLN EA 355 92.33 104.47 62.86
C GLN EA 355 93.37 103.81 63.76
N ILE EA 356 93.43 102.46 63.78
CA ILE EA 356 94.52 101.74 64.48
C ILE EA 356 95.89 102.05 63.84
N GLU EA 357 95.98 102.18 62.50
CA GLU EA 357 97.20 102.62 61.80
C GLU EA 357 97.64 103.98 62.33
N GLN EA 358 96.72 104.95 62.41
CA GLN EA 358 97.02 106.27 62.95
C GLN EA 358 97.53 106.18 64.39
N ILE EA 359 96.93 105.34 65.25
CA ILE EA 359 97.43 105.16 66.63
C ILE EA 359 98.84 104.53 66.65
N TYR EA 360 99.08 103.47 65.87
CA TYR EA 360 100.42 102.86 65.75
C TYR EA 360 101.46 103.85 65.19
N THR EA 361 101.18 104.42 64.02
CA THR EA 361 102.13 105.26 63.27
C THR EA 361 102.39 106.56 64.01
N ALA EA 362 101.40 107.15 64.70
CA ALA EA 362 101.61 108.33 65.53
C ALA EA 362 102.64 108.06 66.64
N SER EA 363 102.55 106.91 67.33
CA SER EA 363 103.66 106.39 68.16
C SER EA 363 103.55 104.89 68.43
N THR EA 364 104.56 104.14 67.96
CA THR EA 364 104.70 102.69 68.16
C THR EA 364 104.87 102.32 69.64
N THR EA 365 105.50 103.19 70.42
CA THR EA 365 105.66 103.02 71.86
C THR EA 365 104.33 103.11 72.62
N THR EA 366 103.37 103.95 72.17
CA THR EA 366 102.03 103.99 72.78
C THR EA 366 101.09 102.92 72.23
N PHE EA 367 101.42 102.24 71.13
CA PHE EA 367 100.69 101.04 70.69
C PHE EA 367 100.80 99.88 71.70
N GLN EA 368 101.93 99.77 72.41
CA GLN EA 368 102.08 98.89 73.57
C GLN EA 368 101.13 99.28 74.72
N ASN EA 369 101.00 100.58 74.99
CA ASN EA 369 100.21 101.09 76.11
C ASN EA 369 98.69 101.03 75.83
N LYS EA 370 98.26 101.38 74.61
CA LYS EA 370 96.83 101.45 74.26
C LYS EA 370 96.15 100.07 74.27
N LYS EA 371 94.97 100.02 74.86
CA LYS EA 371 94.05 98.87 74.88
C LYS EA 371 92.77 99.18 74.10
N LEU EA 372 91.82 98.25 74.06
CA LEU EA 372 90.52 98.43 73.44
C LEU EA 372 89.63 99.48 74.15
N THR EA 373 89.92 99.81 75.42
CA THR EA 373 89.41 101.02 76.08
C THR EA 373 89.92 102.30 75.40
N ASP EA 374 89.11 103.36 75.42
CA ASP EA 374 89.47 104.70 74.93
C ASP EA 374 89.95 104.74 73.46
N LEU EA 375 89.56 103.77 72.63
CA LEU EA 375 89.79 103.80 71.19
C LEU EA 375 88.69 104.60 70.46
N PRO EA 376 88.97 105.10 69.25
CA PRO EA 376 87.94 105.70 68.41
C PRO EA 376 86.88 104.67 68.01
N THR EA 377 85.60 105.09 67.97
CA THR EA 377 84.42 104.25 67.65
C THR EA 377 84.58 102.80 68.18
N PRO EA 378 84.73 102.58 69.50
CA PRO EA 378 85.03 101.24 69.99
C PRO EA 378 83.86 100.30 70.27
N GLY EA 379 83.24 99.76 69.22
CA GLY EA 379 82.14 98.78 69.37
C GLY EA 379 82.71 97.39 69.41
N TYR EA 380 83.79 97.17 70.17
CA TYR EA 380 84.46 95.85 70.25
C TYR EA 380 83.52 94.84 70.90
N ILE EA 381 83.11 93.79 70.17
CA ILE EA 381 82.17 92.74 70.65
C ILE EA 381 82.79 91.38 70.33
N PHE EA 382 82.20 90.25 70.76
CA PHE EA 382 82.69 88.90 70.35
C PHE EA 382 81.65 88.30 69.41
N ILE EA 383 81.93 88.26 68.10
CA ILE EA 383 80.97 87.77 67.09
C ILE EA 383 81.59 86.63 66.29
N THR EA 384 80.79 85.60 65.96
CA THR EA 384 81.24 84.44 65.17
C THR EA 384 80.76 84.58 63.72
N PRO EA 385 81.64 84.49 62.69
CA PRO EA 385 81.22 84.58 61.29
C PRO EA 385 80.22 83.49 60.88
N THR EA 386 80.33 82.31 61.48
CA THR EA 386 79.42 81.17 61.27
C THR EA 386 78.48 80.98 62.46
N VAL EA 387 77.24 80.61 62.17
CA VAL EA 387 76.30 79.98 63.12
C VAL EA 387 75.83 78.63 62.57
N SER EA 388 75.58 77.67 63.45
CA SER EA 388 74.99 76.37 63.09
C SER EA 388 73.49 76.36 63.45
N LEU EA 389 72.64 76.09 62.47
CA LEU EA 389 71.20 75.90 62.63
C LEU EA 389 70.85 74.41 62.68
N ARG EA 390 69.73 74.05 63.31
CA ARG EA 390 69.11 72.72 63.20
C ARG EA 390 67.85 72.82 62.35
N TYR EA 391 67.74 71.95 61.35
CA TYR EA 391 66.58 71.83 60.47
C TYR EA 391 65.94 70.45 60.68
N ASN EA 392 64.61 70.42 60.81
CA ASN EA 392 63.84 69.20 60.87
C ASN EA 392 62.83 69.19 59.72
N PRO EA 393 62.88 68.20 58.79
CA PRO EA 393 62.02 68.21 57.63
C PRO EA 393 60.54 68.00 57.99
N TYR EA 394 60.27 67.30 59.09
CA TYR EA 394 58.86 66.99 59.52
C TYR EA 394 58.27 68.21 60.19
N LYS EA 395 59.10 69.17 60.62
CA LYS EA 395 58.63 70.41 61.27
C LYS EA 395 58.50 71.53 60.22
N ASP EA 396 58.72 71.22 58.94
CA ASP EA 396 58.70 72.24 57.85
C ASP EA 396 57.32 72.31 57.19
N LEU EA 397 56.70 73.49 57.16
CA LEU EA 397 55.35 73.66 56.63
C LEU EA 397 55.32 74.45 55.32
N ALA EA 398 56.47 74.91 54.82
CA ALA EA 398 56.60 75.58 53.53
C ALA EA 398 55.72 76.83 53.34
N GLU EA 399 55.35 77.57 54.39
CA GLU EA 399 54.43 78.72 54.25
C GLU EA 399 55.15 79.98 53.77
N ARG EA 400 56.44 80.14 54.10
CA ARG EA 400 57.25 81.31 53.72
C ARG EA 400 58.66 80.92 53.28
N ASN EA 401 58.81 79.70 52.79
CA ASN EA 401 60.05 79.19 52.22
C ASN EA 401 60.36 79.86 50.88
N LYS EA 402 61.65 80.10 50.60
CA LYS EA 402 62.10 80.85 49.42
C LYS EA 402 63.55 80.52 49.11
N CYS EA 403 64.00 80.69 47.88
CA CYS EA 403 65.34 80.28 47.44
C CYS EA 403 65.75 81.05 46.16
N TYR EA 404 66.98 81.57 46.11
CA TYR EA 404 67.50 82.31 44.94
C TYR EA 404 69.03 82.47 44.98
N PHE EA 405 69.62 82.85 43.84
CA PHE EA 405 71.06 83.13 43.74
C PHE EA 405 71.33 84.63 43.69
N VAL EA 406 72.35 85.09 44.42
CA VAL EA 406 72.87 86.47 44.41
C VAL EA 406 74.31 86.48 43.92
N ARG EA 407 74.78 87.59 43.36
CA ARG EA 407 76.13 87.74 42.80
C ARG EA 407 77.16 87.84 43.92
N SER EA 408 78.14 86.95 43.99
CA SER EA 408 79.15 86.94 45.05
C SER EA 408 80.26 87.97 44.83
N LYS EA 409 80.92 87.97 43.65
CA LYS EA 409 81.91 88.99 43.26
C LYS EA 409 81.24 90.23 42.65
N ILE EA 410 80.50 91.00 43.45
CA ILE EA 410 80.13 92.39 43.11
C ILE EA 410 80.13 93.28 44.35
N ASN EA 411 80.27 94.58 44.13
CA ASN EA 411 80.25 95.59 45.18
C ASN EA 411 78.81 96.02 45.53
N ALA EA 412 77.98 95.08 46.01
CA ALA EA 412 76.60 95.36 46.40
C ALA EA 412 76.28 94.79 47.79
N HIS EA 413 75.62 95.61 48.61
CA HIS EA 413 75.30 95.29 50.00
C HIS EA 413 74.04 94.40 50.09
N GLY EA 414 73.97 93.60 51.16
CA GLY EA 414 72.75 92.91 51.55
C GLY EA 414 72.42 91.66 50.73
N TRP EA 415 71.38 90.97 51.17
CA TRP EA 415 71.02 89.61 50.73
C TRP EA 415 69.65 89.52 50.06
N ASP EA 416 68.97 90.65 49.84
CA ASP EA 416 67.60 90.64 49.27
C ASP EA 416 67.58 89.91 47.93
N PRO EA 417 66.45 89.27 47.52
CA PRO EA 417 66.37 88.65 46.21
C PRO EA 417 66.66 89.73 45.19
N GLU EA 418 67.57 89.47 44.25
CA GLU EA 418 68.00 90.50 43.26
C GLU EA 418 68.12 89.86 41.87
N GLN EA 419 68.40 90.67 40.85
CA GLN EA 419 68.56 90.17 39.46
C GLN EA 419 67.24 89.48 39.02
N HIS EA 420 67.27 88.21 38.62
CA HIS EA 420 66.07 87.50 38.10
C HIS EA 420 65.06 87.26 39.24
N GLN EA 421 63.89 87.89 39.15
CA GLN EA 421 62.81 87.69 40.16
C GLN EA 421 61.93 86.53 39.67
N GLU EA 422 62.03 86.15 38.39
CA GLU EA 422 61.31 84.98 37.89
C GLU EA 422 62.01 83.65 38.26
N LEU EA 423 63.30 83.71 38.61
CA LEU EA 423 64.06 82.54 39.06
C LEU EA 423 63.91 82.25 40.55
N ILE EA 424 63.31 83.13 41.33
CA ILE EA 424 63.01 82.87 42.74
C ILE EA 424 62.08 81.65 42.83
N ASN EA 425 62.47 80.67 43.68
CA ASN EA 425 61.69 79.42 43.93
C ASN EA 425 61.07 79.51 45.33
N SER EA 426 59.75 79.36 45.49
CA SER EA 426 59.03 79.64 46.74
C SER EA 426 58.03 78.54 47.10
N ASP EA 427 57.65 78.49 48.37
CA ASP EA 427 56.47 77.76 48.88
C ASP EA 427 56.49 76.23 48.69
N LEU EA 428 57.67 75.60 48.82
CA LEU EA 428 57.82 74.15 48.95
C LEU EA 428 58.74 73.87 50.15
N PRO EA 429 58.65 72.69 50.81
CA PRO EA 429 59.54 72.37 51.90
C PRO EA 429 61.00 72.33 51.41
N GLN EA 430 61.97 72.83 52.20
CA GLN EA 430 63.39 73.02 51.77
C GLN EA 430 64.04 71.80 51.08
N TRP EA 431 63.71 70.57 51.45
CA TRP EA 431 64.21 69.37 50.79
C TRP EA 431 63.64 69.18 49.39
N LEU EA 432 62.44 69.70 49.10
CA LEU EA 432 61.86 69.74 47.77
C LEU EA 432 62.25 71.01 47.02
N LEU EA 433 62.30 72.16 47.70
CA LEU EA 433 62.61 73.45 47.11
C LEU EA 433 64.04 73.50 46.54
N LEU EA 434 65.02 72.91 47.23
CA LEU EA 434 66.41 72.92 46.79
C LEU EA 434 66.72 71.84 45.74
N PHE EA 435 65.92 70.77 45.64
CA PHE EA 435 66.28 69.62 44.81
C PHE EA 435 66.35 70.00 43.33
N GLY EA 436 67.53 69.87 42.71
CA GLY EA 436 67.74 70.21 41.30
C GLY EA 436 67.64 71.69 40.96
N TYR EA 437 67.39 72.58 41.92
CA TYR EA 437 67.26 74.02 41.65
C TYR EA 437 68.56 74.66 41.12
N PRO EA 438 69.75 74.40 41.67
CA PRO EA 438 71.00 74.86 41.07
C PRO EA 438 71.22 74.40 39.64
N ASP EA 439 70.86 73.16 39.30
CA ASP EA 439 70.98 72.66 37.93
C ASP EA 439 69.96 73.29 36.98
N TYR EA 440 68.72 73.54 37.42
CA TYR EA 440 67.79 74.33 36.62
C TYR EA 440 68.36 75.71 36.31
N ILE EA 441 68.98 76.36 37.30
CA ILE EA 441 69.59 77.67 37.12
C ILE EA 441 70.78 77.61 36.16
N LYS EA 442 71.69 76.64 36.32
CA LYS EA 442 72.79 76.43 35.38
C LYS EA 442 72.31 76.18 33.95
N ARG EA 443 71.33 75.29 33.76
CA ARG EA 443 70.79 74.95 32.41
C ARG EA 443 70.05 76.17 31.83
N THR EA 444 69.43 77.00 32.67
CA THR EA 444 68.78 78.24 32.22
C THR EA 444 69.78 79.26 31.66
N GLN EA 445 71.03 79.27 32.16
CA GLN EA 445 72.12 80.12 31.59
C GLN EA 445 71.83 81.63 31.72
N ASN EA 446 70.91 82.05 32.59
CA ASN EA 446 70.63 83.47 32.84
C ASN EA 446 71.63 84.13 33.81
N PHE EA 447 72.58 83.37 34.34
CA PHE EA 447 73.66 83.85 35.21
C PHE EA 447 75.03 83.48 34.63
N ALA EA 448 76.07 84.26 34.96
CA ALA EA 448 77.45 83.91 34.60
C ALA EA 448 77.82 82.56 35.24
N LEU EA 449 78.29 81.62 34.43
CA LEU EA 449 78.14 80.19 34.72
C LEU EA 449 78.93 79.68 35.93
N VAL EA 450 80.01 80.37 36.30
CA VAL EA 450 80.98 79.82 37.25
C VAL EA 450 80.49 79.84 38.71
N ASP EA 451 80.67 78.72 39.43
CA ASP EA 451 80.17 78.58 40.83
C ASP EA 451 80.76 79.66 41.76
N THR EA 452 81.94 80.20 41.44
CA THR EA 452 82.62 81.17 42.29
C THR EA 452 81.97 82.56 42.28
N ASN EA 453 81.10 82.84 41.31
CA ASN EA 453 80.59 84.20 41.10
C ASN EA 453 79.17 84.41 41.65
N TYR EA 454 78.57 83.38 42.25
CA TYR EA 454 77.24 83.44 42.86
C TYR EA 454 77.22 82.76 44.22
N ILE EA 455 76.24 83.12 45.05
CA ILE EA 455 75.88 82.47 46.30
C ILE EA 455 74.40 82.10 46.21
N LEU EA 456 74.06 80.93 46.74
CA LEU EA 456 72.70 80.51 47.01
C LEU EA 456 72.27 80.98 48.41
N VAL EA 457 71.08 81.59 48.46
CA VAL EA 457 70.48 82.21 49.64
C VAL EA 457 69.06 81.66 49.78
N ASP EA 458 68.63 81.27 50.98
CA ASP EA 458 67.27 80.75 51.18
C ASP EA 458 66.66 81.22 52.50
N HIS EA 459 65.33 81.42 52.49
CA HIS EA 459 64.55 81.75 53.68
C HIS EA 459 63.77 80.53 54.15
N CYS EA 460 63.79 80.26 55.45
CA CYS EA 460 63.06 79.15 56.04
C CYS EA 460 62.71 79.49 57.51
N PRO EA 461 61.43 79.72 57.83
CA PRO EA 461 60.98 79.94 59.21
C PRO EA 461 61.25 78.79 60.19
N TYR EA 462 61.54 77.59 59.69
CA TYR EA 462 61.35 76.35 60.43
C TYR EA 462 62.62 75.74 61.05
N THR EA 463 63.78 76.38 60.91
CA THR EA 463 64.93 76.05 61.76
C THR EA 463 64.66 76.51 63.20
N ASN EA 464 65.20 75.79 64.19
CA ASN EA 464 64.91 76.08 65.60
C ASN EA 464 65.55 77.39 66.08
N PRO EA 465 66.86 77.61 65.94
CA PRO EA 465 67.42 78.95 65.80
C PRO EA 465 67.10 79.49 64.40
N GLU EA 466 67.26 80.79 64.17
CA GLU EA 466 66.99 81.40 62.87
C GLU EA 466 68.03 82.45 62.48
N LYS EA 467 68.12 82.69 61.18
CA LYS EA 467 68.73 83.87 60.54
C LYS EA 467 67.82 84.26 59.38
N THR EA 468 67.68 85.57 59.09
CA THR EA 468 66.62 86.05 58.18
C THR EA 468 66.71 85.39 56.80
N PRO EA 469 67.80 85.55 56.02
CA PRO EA 469 68.23 84.54 55.07
C PRO EA 469 69.24 83.57 55.71
N PHE EA 470 69.44 82.46 55.00
CA PHE EA 470 70.51 81.50 55.36
C PHE EA 470 71.51 81.54 54.23
N ILE EA 471 72.81 81.41 54.50
CA ILE EA 471 73.83 81.29 53.42
C ILE EA 471 74.47 79.92 53.65
N PRO EA 472 73.83 78.79 53.30
CA PRO EA 472 74.37 77.49 53.67
C PRO EA 472 75.84 77.36 53.29
N LEU EA 473 76.66 76.74 54.13
CA LEU EA 473 78.07 76.46 53.86
C LEU EA 473 78.37 74.99 54.19
N SER EA 474 79.14 74.34 53.33
CA SER EA 474 79.49 72.93 53.54
C SER EA 474 80.47 72.76 54.68
N THR EA 475 80.40 71.63 55.38
CA THR EA 475 81.33 71.26 56.44
C THR EA 475 82.78 71.33 55.99
N SER EA 476 83.07 71.05 54.72
CA SER EA 476 84.42 71.21 54.15
C SER EA 476 84.92 72.66 54.19
N PHE EA 477 84.11 73.66 53.86
CA PHE EA 477 84.49 75.07 53.95
C PHE EA 477 84.55 75.56 55.40
N ILE EA 478 83.67 75.07 56.26
CA ILE EA 478 83.69 75.31 57.71
C ILE EA 478 84.88 74.63 58.40
N GLU EA 479 85.52 73.66 57.75
CA GLU EA 479 86.72 72.94 58.23
C GLU EA 479 87.99 73.24 57.43
N GLY EA 480 87.96 74.21 56.50
CA GLY EA 480 89.16 74.59 55.75
C GLY EA 480 89.67 73.52 54.79
N ARG EA 481 88.79 73.05 53.89
CA ARG EA 481 89.13 71.95 52.94
C ARG EA 481 88.39 72.15 51.61
N SER EA 482 88.94 71.60 50.51
CA SER EA 482 88.34 71.74 49.18
C SER EA 482 86.94 71.10 49.07
N PRO EA 483 86.06 71.58 48.17
CA PRO EA 483 84.63 71.25 48.14
C PRO EA 483 84.26 69.76 48.24
N TYR EA 484 85.04 68.87 47.62
CA TYR EA 484 84.86 67.41 47.67
C TYR EA 484 86.18 66.68 48.02
N SER EA 485 86.94 67.20 48.99
CA SER EA 485 88.22 66.62 49.42
C SER EA 485 88.07 65.82 50.73
N PRO EA 486 88.74 64.67 50.87
CA PRO EA 486 88.59 63.80 52.03
C PRO EA 486 89.06 64.45 53.34
N SER EA 487 88.35 64.16 54.42
CA SER EA 487 88.51 64.81 55.74
C SER EA 487 89.90 64.69 56.37
N ASP EA 488 90.77 63.78 55.88
CA ASP EA 488 92.17 63.68 56.38
C ASP EA 488 92.93 64.96 56.02
N THR EA 489 92.49 65.68 55.00
CA THR EA 489 93.08 66.94 54.54
C THR EA 489 92.67 68.09 55.46
N HIS EA 490 93.59 69.03 55.75
CA HIS EA 490 93.33 70.21 56.64
C HIS EA 490 93.73 71.52 55.94
N GLU EA 491 93.77 71.56 54.60
CA GLU EA 491 94.03 72.74 53.79
C GLU EA 491 93.30 72.62 52.44
N PRO EA 492 92.86 73.72 51.81
CA PRO EA 492 92.48 73.70 50.41
C PRO EA 492 93.65 73.29 49.50
N ASP EA 493 93.34 72.69 48.34
CA ASP EA 493 94.28 72.56 47.21
C ASP EA 493 94.55 73.93 46.57
N GLU EA 494 95.66 74.14 45.88
CA GLU EA 494 96.14 75.49 45.49
C GLU EA 494 95.09 76.39 44.79
N GLU EA 495 94.28 75.82 43.89
CA GLU EA 495 93.21 76.57 43.22
C GLU EA 495 92.05 76.96 44.14
N ASP EA 496 91.81 76.21 45.22
CA ASP EA 496 90.90 76.57 46.32
C ASP EA 496 91.61 77.33 47.45
N GLN EA 497 92.95 77.34 47.53
CA GLN EA 497 93.66 78.27 48.41
C GLN EA 497 93.49 79.71 47.91
N ASN EA 498 93.51 79.89 46.59
CA ASN EA 498 92.93 81.04 45.92
C ASN EA 498 91.39 80.98 45.96
N ARG EA 499 90.77 82.16 45.84
CA ARG EA 499 89.29 82.30 45.81
C ARG EA 499 88.68 81.65 47.06
N TRP EA 500 89.34 81.73 48.23
CA TRP EA 500 88.83 81.13 49.50
C TRP EA 500 87.81 82.06 50.16
N TYR EA 501 86.63 82.18 49.54
CA TYR EA 501 85.55 83.05 50.02
C TYR EA 501 84.17 82.45 49.73
N PRO EA 502 83.10 82.86 50.43
CA PRO EA 502 81.75 82.34 50.22
C PRO EA 502 81.29 82.39 48.76
N CYS EA 503 80.98 81.22 48.19
CA CYS EA 503 80.38 81.07 46.86
C CYS EA 503 79.76 79.69 46.72
N TYR EA 504 78.90 79.50 45.73
CA TYR EA 504 78.12 78.28 45.52
C TYR EA 504 78.96 77.01 45.48
N GLN EA 505 80.21 77.08 45.01
CA GLN EA 505 81.12 75.89 44.97
C GLN EA 505 81.32 75.31 46.39
N TYR EA 506 81.36 76.14 47.43
CA TYR EA 506 81.48 75.68 48.80
C TYR EA 506 80.14 75.37 49.46
N GLN EA 507 79.01 75.72 48.86
CA GLN EA 507 77.67 75.45 49.40
C GLN EA 507 77.11 74.08 49.00
N GLN EA 508 77.64 73.45 47.96
CA GLN EA 508 77.04 72.29 47.29
C GLN EA 508 76.71 71.12 48.24
N GLU EA 509 77.63 70.71 49.10
CA GLU EA 509 77.39 69.58 50.00
C GLU EA 509 76.33 69.91 51.06
N SER EA 510 76.22 71.17 51.50
CA SER EA 510 75.19 71.56 52.47
C SER EA 510 73.77 71.47 51.88
N ILE EA 511 73.54 71.93 50.66
CA ILE EA 511 72.21 71.82 50.05
C ILE EA 511 71.90 70.39 49.62
N ASN EA 512 72.91 69.59 49.26
CA ASN EA 512 72.70 68.16 49.08
C ASN EA 512 72.28 67.51 50.40
N SER EA 513 72.90 67.87 51.51
CA SER EA 513 72.55 67.36 52.84
C SER EA 513 71.12 67.72 53.25
N ILE EA 514 70.66 68.93 52.93
CA ILE EA 514 69.26 69.33 53.11
C ILE EA 514 68.32 68.50 52.23
N CYS EA 515 68.65 68.25 50.97
CA CYS EA 515 67.86 67.37 50.11
C CYS EA 515 67.82 65.92 50.60
N LEU EA 516 68.92 65.40 51.11
CA LEU EA 516 69.00 64.09 51.75
C LEU EA 516 68.12 63.96 52.99
N SER EA 517 67.74 65.07 53.65
CA SER EA 517 66.75 65.01 54.72
C SER EA 517 65.35 64.67 54.21
N GLY EA 518 65.07 64.88 52.91
CA GLY EA 518 63.77 64.58 52.32
C GLY EA 518 63.55 63.08 52.05
N PRO EA 519 62.29 62.65 51.93
CA PRO EA 519 61.94 61.25 51.74
C PRO EA 519 62.37 60.69 50.37
N GLY EA 520 62.52 59.38 50.31
CA GLY EA 520 62.88 58.60 49.13
C GLY EA 520 64.35 58.64 48.74
N THR EA 521 65.15 59.53 49.32
CA THR EA 521 66.57 59.68 48.98
C THR EA 521 67.39 58.47 49.46
N PRO EA 522 68.20 57.84 48.58
CA PRO EA 522 68.86 56.58 48.89
C PRO EA 522 70.02 56.68 49.89
N LYS EA 523 70.34 55.54 50.52
CA LYS EA 523 71.54 55.32 51.33
C LYS EA 523 72.61 54.63 50.48
N ILE EA 524 73.74 55.27 50.25
CA ILE EA 524 74.84 54.68 49.47
C ILE EA 524 76.11 54.71 50.34
N PRO EA 525 76.73 53.56 50.66
CA PRO EA 525 77.96 53.55 51.44
C PRO EA 525 79.08 54.38 50.81
N LYS EA 526 79.89 55.07 51.64
CA LYS EA 526 81.01 55.88 51.14
C LYS EA 526 82.01 55.01 50.38
N GLY EA 527 82.44 55.51 49.22
CA GLY EA 527 83.31 54.79 48.29
C GLY EA 527 82.59 53.86 47.30
N ILE EA 528 81.27 53.72 47.38
CA ILE EA 528 80.45 52.98 46.39
C ILE EA 528 79.76 53.99 45.47
N THR EA 529 79.78 53.72 44.16
CA THR EA 529 79.02 54.47 43.17
C THR EA 529 77.87 53.59 42.69
N ALA EA 530 76.64 54.06 42.87
CA ALA EA 530 75.47 53.42 42.31
C ALA EA 530 75.27 53.87 40.85
N GLU EA 531 74.76 52.99 40.00
CA GLU EA 531 74.64 53.22 38.55
C GLU EA 531 73.31 52.66 38.07
N ALA EA 532 72.77 53.19 36.98
CA ALA EA 532 71.65 52.60 36.27
C ALA EA 532 71.84 52.72 34.76
N LYS EA 533 71.31 51.76 34.01
CA LYS EA 533 71.40 51.74 32.55
C LYS EA 533 70.11 51.28 31.90
N VAL EA 534 69.89 51.75 30.69
CA VAL EA 534 68.84 51.28 29.78
C VAL EA 534 69.51 50.75 28.51
N LYS EA 535 68.95 49.70 27.90
CA LYS EA 535 69.28 49.32 26.53
C LYS EA 535 68.19 49.83 25.62
N TYR EA 536 68.57 50.57 24.58
CA TYR EA 536 67.64 51.16 23.63
C TYR EA 536 67.74 50.49 22.27
N SER EA 537 66.66 50.56 21.52
CA SER EA 537 66.61 50.19 20.11
C SER EA 537 65.68 51.15 19.39
N PHE EA 538 66.24 52.14 18.68
CA PHE EA 538 65.47 53.07 17.84
C PHE EA 538 65.27 52.48 16.46
N ASN EA 539 64.05 52.49 15.94
CA ASN EA 539 63.72 51.88 14.67
C ASN EA 539 63.61 52.96 13.60
N PHE EA 540 64.42 52.85 12.55
CA PHE EA 540 64.45 53.74 11.40
C PHE EA 540 64.36 52.93 10.13
N LYS EA 541 63.96 53.59 9.04
CA LYS EA 541 64.24 53.15 7.69
C LYS EA 541 65.02 54.24 6.99
N TRP EA 542 65.93 53.87 6.12
CA TRP EA 542 66.67 54.78 5.24
C TRP EA 542 66.14 54.63 3.82
N GLY EA 543 65.91 55.73 3.11
CA GLY EA 543 65.31 55.74 1.79
C GLY EA 543 66.16 56.47 0.77
N GLY EA 544 66.15 56.01 -0.47
CA GLY EA 544 66.84 56.69 -1.55
C GLY EA 544 66.74 55.97 -2.88
N ASP EA 545 67.33 56.57 -3.91
CA ASP EA 545 67.68 55.89 -5.15
C ASP EA 545 68.85 54.92 -4.92
N LEU EA 546 68.98 53.90 -5.78
CA LEU EA 546 69.96 52.84 -5.61
C LEU EA 546 71.41 53.39 -5.58
N PRO EA 547 72.22 53.00 -4.58
CA PRO EA 547 73.60 53.47 -4.45
C PRO EA 547 74.61 52.68 -5.32
N PRO EA 548 75.82 53.21 -5.53
CA PRO EA 548 76.94 52.49 -6.14
C PRO EA 548 77.59 51.47 -5.18
N MET EA 549 78.46 50.60 -5.71
CA MET EA 549 79.14 49.52 -4.96
C MET EA 549 80.49 49.14 -5.62
N SER EA 550 81.39 48.47 -4.88
CA SER EA 550 82.71 48.02 -5.38
C SER EA 550 83.08 46.59 -4.95
N THR EA 551 84.09 46.01 -5.61
CA THR EA 551 84.42 44.57 -5.54
C THR EA 551 85.92 44.31 -5.38
N ILE EA 552 86.28 43.10 -4.96
CA ILE EA 552 87.65 42.67 -4.59
C ILE EA 552 88.12 41.56 -5.54
N THR EA 553 89.41 41.51 -5.87
CA THR EA 553 89.97 40.44 -6.73
C THR EA 553 89.74 39.06 -6.13
N ASN EA 554 89.46 38.05 -6.95
CA ASN EA 554 89.34 36.67 -6.46
C ASN EA 554 90.66 36.05 -5.99
N PRO EA 555 91.80 36.18 -6.69
CA PRO EA 555 93.04 35.51 -6.31
C PRO EA 555 93.58 35.99 -4.97
N THR EA 556 93.59 37.31 -4.73
CA THR EA 556 94.04 37.87 -3.43
C THR EA 556 92.81 38.07 -2.55
N ASP EA 557 92.31 36.99 -1.95
CA ASP EA 557 91.07 37.06 -1.11
C ASP EA 557 91.19 36.06 0.03
N GLN EA 558 90.21 36.01 0.93
CA GLN EA 558 90.23 35.07 2.08
C GLN EA 558 90.73 33.70 1.59
N PRO EA 559 91.92 33.22 2.00
CA PRO EA 559 92.44 31.96 1.48
C PRO EA 559 91.90 30.75 2.22
N THR EA 560 91.64 29.65 1.50
CA THR EA 560 91.17 28.42 2.15
C THR EA 560 92.26 27.86 3.08
N TYR EA 561 91.89 27.12 4.13
CA TYR EA 561 92.85 26.55 5.09
C TYR EA 561 93.96 25.73 4.40
N VAL EA 562 93.65 25.10 3.27
CA VAL EA 562 94.60 24.35 2.43
C VAL EA 562 95.76 25.24 1.98
N LYS FA 48 52.12 4.41 -52.70
CA LYS FA 48 53.44 4.93 -52.23
C LYS FA 48 54.52 3.86 -52.27
N ARG FA 49 54.45 2.85 -51.40
CA ARG FA 49 55.34 1.67 -51.41
C ARG FA 49 54.56 0.38 -51.15
N LEU FA 50 54.95 -0.70 -51.81
CA LEU FA 50 54.28 -2.00 -51.75
C LEU FA 50 55.24 -3.09 -51.27
N ASN FA 51 54.71 -4.10 -50.59
CA ASN FA 51 55.43 -5.32 -50.33
C ASN FA 51 55.72 -6.05 -51.64
N ILE FA 52 56.93 -6.57 -51.81
CA ILE FA 52 57.24 -7.50 -52.89
C ILE FA 52 56.61 -8.85 -52.56
N VAL FA 53 55.93 -9.46 -53.53
CA VAL FA 53 55.16 -10.70 -53.40
C VAL FA 53 55.65 -11.69 -54.45
N GLU FA 54 55.68 -12.97 -54.10
CA GLU FA 54 56.02 -14.06 -54.99
C GLU FA 54 54.85 -15.05 -55.07
N TRP FA 55 54.63 -15.66 -56.23
CA TRP FA 55 53.62 -16.70 -56.39
C TRP FA 55 54.24 -18.07 -56.16
N GLN FA 56 53.64 -18.79 -55.20
CA GLN FA 56 54.18 -20.10 -54.76
C GLN FA 56 54.14 -21.11 -55.89
N PRO FA 57 55.17 -21.97 -56.03
CA PRO FA 57 55.25 -22.96 -57.09
C PRO FA 57 54.22 -24.09 -56.93
N LYS FA 58 53.93 -24.78 -58.03
CA LYS FA 58 52.80 -25.72 -58.13
C LYS FA 58 52.89 -26.90 -57.17
N SER FA 59 54.08 -27.47 -56.96
CA SER FA 59 54.33 -28.52 -55.97
C SER FA 59 55.55 -28.20 -55.12
N ILE FA 60 55.45 -28.48 -53.82
CA ILE FA 60 56.46 -28.15 -52.81
C ILE FA 60 56.74 -29.38 -51.93
N ARG FA 61 58.00 -29.64 -51.62
CA ARG FA 61 58.41 -30.79 -50.76
C ARG FA 61 59.49 -30.43 -49.73
N LYS FA 62 59.15 -30.34 -48.44
CA LYS FA 62 60.12 -30.07 -47.36
C LYS FA 62 61.21 -31.14 -47.31
N CYS FA 63 62.45 -30.74 -47.12
CA CYS FA 63 63.59 -31.64 -46.95
C CYS FA 63 64.53 -31.12 -45.87
N ARG FA 64 64.75 -31.94 -44.83
CA ARG FA 64 65.76 -31.63 -43.77
C ARG FA 64 67.04 -32.43 -44.05
N ILE FA 65 68.09 -31.76 -44.53
CA ILE FA 65 69.38 -32.41 -44.75
C ILE FA 65 70.04 -32.60 -43.38
N LYS FA 66 70.00 -33.82 -42.84
CA LYS FA 66 70.43 -34.16 -41.47
C LYS FA 66 71.73 -34.93 -41.50
N GLY FA 67 72.69 -34.61 -40.66
CA GLY FA 67 73.96 -35.32 -40.62
C GLY FA 67 74.87 -34.89 -39.49
N MET FA 68 76.09 -35.40 -39.51
CA MET FA 68 77.10 -35.19 -38.47
C MET FA 68 78.36 -34.58 -39.09
N LEU FA 69 78.93 -33.53 -38.50
CA LEU FA 69 80.13 -32.85 -38.97
C LEU FA 69 81.22 -32.88 -37.91
N CYS FA 70 82.42 -33.32 -38.28
CA CYS FA 70 83.60 -33.25 -37.42
C CYS FA 70 84.14 -31.81 -37.35
N LEU FA 71 84.22 -31.21 -36.17
CA LEU FA 71 84.70 -29.84 -35.98
C LEU FA 71 86.22 -29.78 -35.94
N PHE FA 72 86.85 -30.70 -35.24
CA PHE FA 72 88.29 -30.92 -35.28
C PHE FA 72 88.58 -32.36 -34.85
N GLN FA 73 89.74 -32.87 -35.19
CA GLN FA 73 90.34 -34.01 -34.52
C GLN FA 73 91.83 -33.77 -34.42
N THR FA 74 92.37 -33.76 -33.20
CA THR FA 74 93.66 -33.17 -32.88
C THR FA 74 94.46 -34.01 -31.91
N THR FA 75 95.78 -34.01 -32.09
CA THR FA 75 96.77 -34.34 -31.05
C THR FA 75 97.36 -33.03 -30.50
N GLU FA 76 98.18 -33.10 -29.45
CA GLU FA 76 98.83 -31.92 -28.86
C GLU FA 76 99.76 -31.19 -29.84
N ASP FA 77 100.48 -31.92 -30.68
CA ASP FA 77 101.43 -31.39 -31.66
C ASP FA 77 100.78 -30.80 -32.92
N ARG FA 78 99.44 -30.80 -33.00
CA ARG FA 78 98.66 -30.18 -34.08
C ARG FA 78 97.66 -29.13 -33.60
N LEU FA 79 97.67 -28.74 -32.33
CA LEU FA 79 96.67 -27.82 -31.77
C LEU FA 79 96.61 -26.45 -32.44
N SER FA 80 97.75 -25.90 -32.86
CA SER FA 80 97.82 -24.58 -33.48
C SER FA 80 97.50 -24.55 -34.98
N TYR FA 81 97.11 -25.68 -35.57
CA TYR FA 81 96.85 -25.81 -37.01
C TYR FA 81 95.38 -26.03 -37.34
N ASN FA 82 94.95 -25.59 -38.52
CA ASN FA 82 93.61 -25.76 -39.03
C ASN FA 82 93.35 -27.21 -39.46
N PHE FA 83 92.30 -27.83 -38.93
CA PHE FA 83 91.81 -29.14 -39.35
C PHE FA 83 91.01 -29.05 -40.64
N ASP FA 84 91.54 -29.66 -41.71
CA ASP FA 84 90.79 -30.02 -42.90
C ASP FA 84 90.60 -31.53 -42.92
N MET FA 85 89.36 -32.00 -43.08
CA MET FA 85 89.05 -33.43 -43.15
C MET FA 85 89.48 -34.05 -44.49
N TYR FA 86 89.51 -33.23 -45.55
CA TYR FA 86 89.97 -33.59 -46.88
C TYR FA 86 91.32 -32.89 -47.13
N GLU FA 87 92.37 -33.70 -47.15
CA GLU FA 87 93.72 -33.32 -46.76
C GLU FA 87 94.64 -32.80 -47.88
N GLU FA 88 95.71 -32.10 -47.48
CA GLU FA 88 96.95 -32.07 -48.25
C GLU FA 88 97.62 -33.43 -47.97
N SER FA 89 97.78 -34.28 -48.99
CA SER FA 89 97.91 -35.74 -48.88
C SER FA 89 99.02 -36.27 -47.95
N ILE FA 90 100.02 -35.45 -47.60
CA ILE FA 90 101.05 -35.78 -46.62
C ILE FA 90 100.57 -35.67 -45.16
N ILE FA 91 99.64 -34.77 -44.84
CA ILE FA 91 99.22 -34.48 -43.46
C ILE FA 91 98.73 -35.74 -42.73
N PRO FA 92 97.79 -36.56 -43.24
CA PRO FA 92 97.33 -37.74 -42.50
C PRO FA 92 98.35 -38.88 -42.45
N GLU FA 93 99.45 -38.84 -43.20
CA GLU FA 93 100.48 -39.88 -43.12
C GLU FA 93 101.20 -39.80 -41.78
N LYS FA 94 100.93 -40.79 -40.91
CA LYS FA 94 101.45 -40.88 -39.54
C LYS FA 94 101.03 -39.70 -38.63
N LEU FA 95 99.91 -39.03 -38.91
CA LEU FA 95 99.21 -38.18 -37.92
C LEU FA 95 97.74 -38.61 -37.76
N PRO FA 96 97.28 -38.98 -36.55
CA PRO FA 96 95.89 -39.39 -36.33
C PRO FA 96 94.90 -38.22 -36.23
N GLY FA 97 95.38 -36.98 -36.03
CA GLY FA 97 94.55 -35.78 -36.06
C GLY FA 97 95.32 -34.59 -36.64
N GLY FA 98 94.70 -33.86 -37.58
CA GLY FA 98 95.40 -32.87 -38.39
C GLY FA 98 95.42 -31.45 -37.84
N GLY FA 99 94.55 -31.09 -36.90
CA GLY FA 99 94.46 -29.71 -36.43
C GLY FA 99 93.50 -29.50 -35.26
N GLY FA 100 93.77 -28.52 -34.41
CA GLY FA 100 93.01 -28.24 -33.19
C GLY FA 100 91.99 -27.11 -33.31
N PHE FA 101 91.90 -26.47 -34.47
CA PHE FA 101 90.82 -25.53 -34.77
C PHE FA 101 90.35 -25.76 -36.19
N SER FA 102 89.16 -25.33 -36.55
CA SER FA 102 88.76 -25.28 -37.96
C SER FA 102 87.89 -24.08 -38.26
N ILE FA 103 87.90 -23.68 -39.52
CA ILE FA 103 86.86 -22.85 -40.12
C ILE FA 103 86.15 -23.70 -41.17
N LYS FA 104 84.85 -23.94 -40.99
CA LYS FA 104 83.98 -24.69 -41.91
C LYS FA 104 83.07 -23.71 -42.63
N ASN FA 105 82.99 -23.77 -43.96
CA ASN FA 105 81.92 -23.14 -44.73
C ASN FA 105 80.99 -24.23 -45.24
N ILE FA 106 79.68 -24.09 -45.02
CA ILE FA 106 78.67 -25.04 -45.48
C ILE FA 106 77.85 -24.41 -46.60
N SER FA 107 77.71 -25.13 -47.70
CA SER FA 107 76.87 -24.79 -48.84
C SER FA 107 76.08 -26.02 -49.27
N LEU FA 108 74.99 -25.83 -50.01
CA LEU FA 108 74.17 -26.94 -50.51
C LEU FA 108 74.99 -27.92 -51.37
N TYR FA 109 76.00 -27.45 -52.10
CA TYR FA 109 76.91 -28.34 -52.80
C TYR FA 109 77.84 -29.10 -51.87
N ALA FA 110 78.36 -28.48 -50.80
CA ALA FA 110 79.11 -29.19 -49.77
C ALA FA 110 78.24 -30.22 -49.03
N LEU FA 111 76.95 -29.93 -48.78
CA LEU FA 111 76.00 -30.91 -48.25
C LEU FA 111 75.78 -32.09 -49.20
N TYR FA 112 75.69 -31.85 -50.50
CA TYR FA 112 75.66 -32.92 -51.50
C TYR FA 112 76.96 -33.74 -51.50
N GLN FA 113 78.14 -33.10 -51.39
CA GLN FA 113 79.40 -33.83 -51.29
C GLN FA 113 79.48 -34.68 -50.02
N GLU FA 114 78.98 -34.20 -48.88
CA GLU FA 114 78.87 -35.02 -47.67
C GLU FA 114 77.89 -36.19 -47.84
N HIS FA 115 76.90 -36.09 -48.73
CA HIS FA 115 75.97 -37.21 -49.03
C HIS FA 115 76.71 -38.28 -49.85
N ILE FA 116 77.68 -37.90 -50.68
CA ILE FA 116 78.52 -38.86 -51.41
C ILE FA 116 79.45 -39.63 -50.47
N HIS FA 117 79.89 -39.02 -49.37
CA HIS FA 117 80.61 -39.70 -48.28
C HIS FA 117 79.68 -40.46 -47.32
N ALA FA 118 78.37 -40.48 -47.57
CA ALA FA 118 77.34 -41.04 -46.69
C ALA FA 118 77.30 -40.41 -45.29
N HIS FA 119 77.76 -39.17 -45.12
CA HIS FA 119 77.78 -38.47 -43.85
C HIS FA 119 76.44 -37.80 -43.50
N ASN FA 120 75.49 -37.71 -44.42
CA ASN FA 120 74.17 -37.16 -44.19
C ASN FA 120 73.08 -37.91 -44.97
N ILE FA 121 71.84 -37.65 -44.58
CA ILE FA 121 70.64 -38.04 -45.31
C ILE FA 121 69.93 -36.80 -45.82
N PHE FA 122 69.27 -36.90 -46.97
CA PHE FA 122 68.28 -35.93 -47.43
C PHE FA 122 66.91 -36.53 -47.16
N THR FA 123 66.08 -35.88 -46.35
CA THR FA 123 64.75 -36.39 -45.98
C THR FA 123 63.80 -36.52 -47.17
N HIS FA 124 64.05 -35.74 -48.22
CA HIS FA 124 63.30 -35.84 -49.49
C HIS FA 124 64.30 -35.57 -50.62
N THR FA 125 64.27 -36.34 -51.70
CA THR FA 125 65.07 -36.08 -52.89
C THR FA 125 64.67 -34.79 -53.59
N ASN FA 126 65.58 -34.26 -54.40
CA ASN FA 126 65.44 -33.02 -55.14
C ASN FA 126 65.48 -33.22 -56.67
N THR FA 127 65.35 -34.46 -57.17
CA THR FA 127 65.74 -34.81 -58.55
C THR FA 127 64.94 -34.09 -59.63
N ASP FA 128 63.66 -33.82 -59.38
CA ASP FA 128 62.73 -33.28 -60.39
C ASP FA 128 62.04 -32.00 -59.93
N ARG FA 129 62.58 -31.35 -58.89
CA ARG FA 129 62.09 -30.04 -58.38
C ARG FA 129 63.32 -29.12 -58.37
N PRO FA 130 63.51 -28.20 -59.35
CA PRO FA 130 64.76 -27.46 -59.51
C PRO FA 130 64.86 -26.21 -58.62
N LEU FA 131 63.76 -25.73 -58.05
CA LEU FA 131 63.76 -24.60 -57.13
C LEU FA 131 64.09 -25.03 -55.71
N ALA FA 132 64.71 -24.15 -54.93
CA ALA FA 132 65.00 -24.33 -53.52
C ALA FA 132 64.60 -23.09 -52.72
N ARG FA 133 64.14 -23.32 -51.48
CA ARG FA 133 63.78 -22.23 -50.54
C ARG FA 133 64.40 -22.57 -49.16
N TYR FA 134 65.62 -22.10 -48.89
CA TYR FA 134 66.33 -22.34 -47.65
C TYR FA 134 65.72 -21.56 -46.48
N THR FA 135 65.45 -22.23 -45.36
CA THR FA 135 64.71 -21.66 -44.22
C THR FA 135 65.57 -21.47 -42.96
N GLY FA 136 66.80 -22.00 -42.95
CA GLY FA 136 67.70 -21.92 -41.80
C GLY FA 136 68.20 -23.28 -41.35
N CYS FA 137 68.97 -23.29 -40.27
CA CYS FA 137 69.67 -24.46 -39.78
C CYS FA 137 69.42 -24.67 -38.28
N SER FA 138 69.40 -25.92 -37.83
CA SER FA 138 69.57 -26.28 -36.42
C SER FA 138 70.91 -26.99 -36.23
N LEU FA 139 71.69 -26.56 -35.25
CA LEU FA 139 72.90 -27.26 -34.83
C LEU FA 139 72.73 -27.82 -33.41
N LYS FA 140 73.18 -29.05 -33.18
CA LYS FA 140 73.39 -29.62 -31.85
C LYS FA 140 74.87 -29.90 -31.66
N PHE FA 141 75.52 -29.17 -30.77
CA PHE FA 141 76.93 -29.32 -30.45
C PHE FA 141 77.06 -30.28 -29.27
N TYR FA 142 77.79 -31.37 -29.42
CA TYR FA 142 77.93 -32.37 -28.37
C TYR FA 142 79.13 -32.11 -27.48
N GLN FA 143 78.97 -32.34 -26.18
CA GLN FA 143 80.12 -32.43 -25.28
C GLN FA 143 81.03 -33.57 -25.70
N SER FA 144 82.30 -33.29 -25.95
CA SER FA 144 83.29 -34.34 -26.09
C SER FA 144 83.59 -35.00 -24.75
N LYS FA 145 84.15 -36.20 -24.76
CA LYS FA 145 84.54 -36.89 -23.53
C LYS FA 145 85.69 -36.15 -22.82
N ASP FA 146 86.77 -35.86 -23.53
CA ASP FA 146 88.05 -35.45 -22.94
C ASP FA 146 88.45 -33.98 -23.15
N ILE FA 147 87.81 -33.26 -24.09
CA ILE FA 147 88.27 -31.88 -24.44
C ILE FA 147 87.10 -30.89 -24.47
N ASP FA 148 87.33 -29.66 -24.01
CA ASP FA 148 86.30 -28.58 -24.08
C ASP FA 148 86.49 -27.93 -25.44
N TYR FA 149 85.61 -27.02 -25.86
CA TYR FA 149 85.85 -26.30 -27.13
C TYR FA 149 84.93 -25.12 -27.31
N VAL FA 150 85.44 -24.04 -27.87
CA VAL FA 150 84.68 -22.81 -28.16
C VAL FA 150 84.21 -22.89 -29.60
N VAL FA 151 82.97 -22.52 -29.85
CA VAL FA 151 82.42 -22.32 -31.19
C VAL FA 151 81.98 -20.88 -31.34
N THR FA 152 82.17 -20.31 -32.52
CA THR FA 152 81.37 -19.16 -32.95
C THR FA 152 81.04 -19.31 -34.43
N TYR FA 153 79.91 -18.79 -34.87
CA TYR FA 153 79.43 -18.97 -36.23
C TYR FA 153 78.98 -17.64 -36.81
N SER FA 154 78.95 -17.55 -38.13
CA SER FA 154 78.54 -16.36 -38.85
C SER FA 154 77.72 -16.73 -40.07
N THR FA 155 76.91 -15.80 -40.58
CA THR FA 155 76.12 -16.02 -41.82
C THR FA 155 76.19 -14.79 -42.71
N SER FA 156 77.19 -13.93 -42.53
CA SER FA 156 77.37 -12.80 -43.47
C SER FA 156 77.63 -13.42 -44.85
N LEU FA 157 76.68 -13.28 -45.79
CA LEU FA 157 76.82 -13.96 -47.11
C LEU FA 157 78.24 -13.72 -47.67
N PRO FA 158 78.81 -12.50 -47.63
CA PRO FA 158 80.17 -12.30 -48.07
C PRO FA 158 81.10 -13.21 -47.29
N LEU FA 159 81.78 -14.14 -47.97
CA LEU FA 159 82.70 -15.12 -47.33
C LEU FA 159 84.15 -14.73 -47.65
N ARG FA 160 85.00 -14.58 -46.63
CA ARG FA 160 86.43 -14.25 -46.84
C ARG FA 160 87.23 -14.65 -45.58
N SER FA 161 88.55 -14.78 -45.71
CA SER FA 161 89.43 -15.13 -44.57
C SER FA 161 90.28 -13.90 -44.22
N SER FA 162 90.74 -13.80 -42.98
CA SER FA 162 91.56 -12.63 -42.53
C SER FA 162 92.66 -13.09 -41.56
N MET FA 163 93.76 -12.36 -41.49
CA MET FA 163 94.85 -12.65 -40.56
C MET FA 163 94.39 -12.51 -39.09
N GLY FA 164 93.58 -11.51 -38.80
CA GLY FA 164 92.96 -11.31 -37.50
C GLY FA 164 91.98 -12.42 -37.11
N MET FA 165 91.22 -12.96 -38.08
CA MET FA 165 90.38 -14.14 -37.84
C MET FA 165 91.22 -15.33 -37.39
N TYR FA 166 92.28 -15.68 -38.12
CA TYR FA 166 93.11 -16.84 -37.78
C TYR FA 166 93.84 -16.67 -36.45
N ASN FA 167 94.35 -15.48 -36.12
CA ASN FA 167 94.90 -15.23 -34.79
C ASN FA 167 93.82 -15.32 -33.70
N SER FA 168 92.63 -14.77 -33.95
CA SER FA 168 91.53 -14.82 -32.98
C SER FA 168 90.99 -16.23 -32.73
N MET FA 169 91.36 -17.24 -33.53
CA MET FA 169 91.10 -18.65 -33.23
C MET FA 169 91.87 -19.17 -32.03
N GLN FA 170 92.89 -18.45 -31.54
CA GLN FA 170 93.64 -18.86 -30.35
C GLN FA 170 92.66 -19.05 -29.20
N PRO FA 171 92.72 -20.16 -28.43
CA PRO FA 171 91.63 -20.54 -27.53
C PRO FA 171 91.24 -19.48 -26.50
N SER FA 172 92.20 -18.78 -25.91
CA SER FA 172 91.94 -17.70 -24.97
C SER FA 172 91.26 -16.50 -25.63
N ILE FA 173 91.69 -16.12 -26.84
CA ILE FA 173 91.11 -15.01 -27.58
C ILE FA 173 89.71 -15.33 -28.08
N HIS FA 174 89.50 -16.53 -28.63
CA HIS FA 174 88.19 -16.99 -29.06
C HIS FA 174 87.24 -17.06 -27.87
N LEU FA 175 87.68 -17.59 -26.72
CA LEU FA 175 86.88 -17.60 -25.50
C LEU FA 175 86.50 -16.20 -24.97
N MET FA 176 87.24 -15.14 -25.30
CA MET FA 176 86.84 -13.78 -24.94
C MET FA 176 85.80 -13.16 -25.88
N GLN FA 177 85.64 -13.65 -27.11
CA GLN FA 177 84.74 -13.03 -28.09
C GLN FA 177 83.27 -13.05 -27.68
N GLN FA 178 82.51 -12.08 -28.17
CA GLN FA 178 81.06 -12.06 -28.02
C GLN FA 178 80.38 -13.08 -28.94
N ASN FA 179 79.21 -13.58 -28.51
CA ASN FA 179 78.46 -14.61 -29.23
C ASN FA 179 79.27 -15.89 -29.50
N LYS FA 180 80.21 -16.20 -28.60
CA LYS FA 180 80.81 -17.52 -28.45
C LYS FA 180 79.78 -18.50 -27.89
N LEU FA 181 80.04 -19.78 -28.08
CA LEU FA 181 79.44 -20.89 -27.36
C LEU FA 181 80.57 -21.73 -26.80
N ILE FA 182 80.60 -21.95 -25.49
CA ILE FA 182 81.57 -22.84 -24.83
C ILE FA 182 80.88 -24.17 -24.60
N VAL FA 183 81.51 -25.25 -25.03
CA VAL FA 183 81.05 -26.61 -24.77
C VAL FA 183 82.04 -27.29 -23.84
N PRO FA 184 81.76 -27.40 -22.53
CA PRO FA 184 82.60 -28.15 -21.62
C PRO FA 184 82.59 -29.62 -22.00
N SER FA 185 83.68 -30.33 -21.78
CA SER FA 185 83.71 -31.77 -21.86
C SER FA 185 82.80 -32.41 -20.82
N LYS FA 186 82.43 -33.67 -21.00
CA LYS FA 186 81.68 -34.43 -19.99
C LYS FA 186 82.43 -34.55 -18.67
N GLN FA 187 83.76 -34.54 -18.72
CA GLN FA 187 84.62 -34.49 -17.54
C GLN FA 187 84.55 -33.15 -16.80
N THR FA 188 84.61 -32.01 -17.48
CA THR FA 188 84.58 -30.71 -16.80
C THR FA 188 83.17 -30.28 -16.35
N GLN FA 189 82.10 -30.73 -17.01
CA GLN FA 189 80.74 -30.51 -16.52
C GLN FA 189 79.77 -31.59 -16.99
N LYS FA 190 79.17 -32.33 -16.05
CA LYS FA 190 77.99 -33.18 -16.31
C LYS FA 190 76.75 -32.30 -16.46
N ARG FA 191 75.92 -32.55 -17.47
CA ARG FA 191 74.76 -31.73 -17.85
C ARG FA 191 73.50 -32.59 -17.98
N ARG FA 192 72.33 -31.97 -17.85
CA ARG FA 192 71.03 -32.62 -18.10
C ARG FA 192 70.92 -33.09 -19.54
N LYS FA 193 71.14 -32.18 -20.49
CA LYS FA 193 71.22 -32.49 -21.93
C LYS FA 193 72.70 -32.56 -22.33
N PRO FA 194 73.15 -33.62 -23.03
CA PRO FA 194 74.56 -33.82 -23.36
C PRO FA 194 75.04 -32.97 -24.55
N TYR FA 195 74.24 -32.00 -24.99
CA TYR FA 195 74.48 -31.16 -26.16
C TYR FA 195 73.94 -29.76 -25.91
N ILE FA 196 74.42 -28.78 -26.68
CA ILE FA 196 73.85 -27.44 -26.74
C ILE FA 196 73.26 -27.22 -28.14
N LYS FA 197 71.99 -26.83 -28.19
CA LYS FA 197 71.20 -26.70 -29.42
C LYS FA 197 70.91 -25.24 -29.72
N LYS FA 198 71.14 -24.80 -30.95
CA LYS FA 198 70.68 -23.48 -31.39
C LYS FA 198 70.35 -23.40 -32.87
N HIS FA 199 69.38 -22.53 -33.17
CA HIS FA 199 68.85 -22.30 -34.50
C HIS FA 199 69.52 -21.09 -35.12
N ILE FA 200 69.92 -21.22 -36.39
CA ILE FA 200 70.65 -20.21 -37.14
C ILE FA 200 69.83 -19.82 -38.37
N SER FA 201 69.55 -18.53 -38.51
CA SER FA 201 68.76 -17.96 -39.60
C SER FA 201 69.57 -17.94 -40.92
N PRO FA 202 68.96 -17.90 -42.12
CA PRO FA 202 69.71 -17.74 -43.36
C PRO FA 202 70.59 -16.49 -43.39
N PRO FA 203 71.63 -16.44 -44.25
CA PRO FA 203 72.33 -15.21 -44.56
C PRO FA 203 71.37 -14.08 -44.90
N THR FA 204 71.66 -12.84 -44.51
CA THR FA 204 70.75 -11.72 -44.78
C THR FA 204 70.53 -11.49 -46.29
N GLN FA 205 71.49 -11.92 -47.11
CA GLN FA 205 71.40 -11.83 -48.61
C GLN FA 205 70.53 -12.95 -49.17
N MET FA 206 70.38 -14.06 -48.47
CA MET FA 206 69.44 -15.13 -48.84
C MET FA 206 68.05 -14.77 -48.33
N LYS FA 207 67.20 -14.22 -49.19
CA LYS FA 207 65.83 -13.83 -48.82
C LYS FA 207 64.92 -15.06 -48.79
N SER FA 208 63.69 -14.93 -48.31
CA SER FA 208 62.75 -16.05 -48.21
C SER FA 208 62.24 -16.55 -49.58
N GLN FA 209 62.54 -15.85 -50.67
CA GLN FA 209 62.15 -16.22 -52.03
C GLN FA 209 62.66 -17.61 -52.46
N TRP FA 210 62.07 -18.17 -53.50
CA TRP FA 210 62.61 -19.33 -54.22
C TRP FA 210 63.82 -18.95 -55.05
N TYR FA 211 64.79 -19.85 -55.17
CA TYR FA 211 65.98 -19.72 -56.00
C TYR FA 211 66.22 -21.01 -56.76
N PHE FA 212 66.68 -20.97 -58.00
CA PHE FA 212 67.16 -22.18 -58.66
C PHE FA 212 68.30 -22.81 -57.86
N GLN FA 213 68.27 -24.13 -57.68
CA GLN FA 213 69.32 -24.85 -56.91
C GLN FA 213 70.69 -24.69 -57.59
N HIS FA 214 70.75 -24.48 -58.90
CA HIS FA 214 72.02 -24.24 -59.64
C HIS FA 214 72.66 -22.93 -59.19
N ASN FA 215 71.84 -21.91 -58.89
CA ASN FA 215 72.35 -20.60 -58.50
C ASN FA 215 72.87 -20.61 -57.06
N ILE FA 216 72.10 -21.15 -56.12
CA ILE FA 216 72.46 -21.17 -54.69
C ILE FA 216 73.40 -22.30 -54.29
N ALA FA 217 73.69 -23.27 -55.16
CA ALA FA 217 74.49 -24.45 -54.83
C ALA FA 217 75.79 -24.11 -54.09
N ASN FA 218 76.55 -23.14 -54.58
CA ASN FA 218 77.87 -22.79 -54.05
C ASN FA 218 77.87 -21.61 -53.06
N ILE FA 219 76.74 -20.95 -52.83
CA ILE FA 219 76.63 -19.84 -51.87
C ILE FA 219 76.84 -20.37 -50.44
N PRO FA 220 77.84 -19.90 -49.67
CA PRO FA 220 78.09 -20.42 -48.33
C PRO FA 220 77.03 -19.89 -47.36
N LEU FA 221 76.15 -20.78 -46.85
CA LEU FA 221 74.98 -20.38 -46.01
C LEU FA 221 75.30 -20.41 -44.51
N LEU FA 222 76.45 -20.93 -44.13
CA LEU FA 222 76.90 -20.93 -42.74
C LEU FA 222 78.43 -21.01 -42.67
N MET FA 223 79.06 -20.24 -41.79
CA MET FA 223 80.43 -20.48 -41.34
C MET FA 223 80.45 -20.90 -39.87
N ILE FA 224 81.13 -22.00 -39.55
CA ILE FA 224 81.39 -22.42 -38.16
C ILE FA 224 82.89 -22.30 -37.89
N ARG FA 225 83.27 -21.61 -36.82
CA ARG FA 225 84.64 -21.51 -36.32
C ARG FA 225 84.73 -22.24 -35.00
N THR FA 226 85.64 -23.19 -34.86
CA THR FA 226 85.80 -23.98 -33.61
C THR FA 226 87.26 -24.05 -33.21
N THR FA 227 87.55 -23.97 -31.92
CA THR FA 227 88.91 -24.16 -31.38
C THR FA 227 88.86 -25.05 -30.14
N ALA FA 228 89.83 -25.96 -30.00
CA ALA FA 228 90.00 -26.83 -28.85
C ALA FA 228 90.61 -26.09 -27.66
N LEU FA 229 90.15 -26.43 -26.45
CA LEU FA 229 90.29 -25.60 -25.26
C LEU FA 229 90.51 -26.48 -24.02
N THR FA 230 91.12 -25.96 -22.96
CA THR FA 230 90.85 -26.48 -21.62
C THR FA 230 90.51 -25.37 -20.66
N LEU FA 231 89.43 -25.54 -19.90
CA LEU FA 231 89.00 -24.62 -18.85
C LEU FA 231 89.72 -24.87 -17.52
N ASP FA 232 89.95 -26.14 -17.15
CA ASP FA 232 90.59 -26.52 -15.88
C ASP FA 232 92.13 -26.42 -15.87
N ASN FA 233 92.76 -26.40 -17.04
CA ASN FA 233 94.21 -26.28 -17.22
C ASN FA 233 94.56 -25.01 -18.00
N TYR FA 234 93.74 -23.97 -17.91
CA TYR FA 234 93.81 -22.78 -18.76
C TYR FA 234 95.19 -22.13 -18.79
N TYR FA 235 95.85 -21.96 -17.63
CA TYR FA 235 97.18 -21.34 -17.56
C TYR FA 235 98.31 -22.34 -17.72
N ILE FA 236 98.29 -23.44 -16.98
CA ILE FA 236 99.37 -24.44 -17.01
C ILE FA 236 99.41 -25.16 -18.36
N GLY FA 237 98.26 -25.49 -18.94
CA GLY FA 237 98.13 -26.17 -20.22
C GLY FA 237 98.84 -27.52 -20.18
N SER FA 238 99.87 -27.68 -20.98
CA SER FA 238 100.76 -28.85 -20.97
C SER FA 238 102.20 -28.53 -20.57
N ARG FA 239 102.43 -27.42 -19.86
CA ARG FA 239 103.73 -27.03 -19.28
C ARG FA 239 104.32 -28.16 -18.44
N GLN FA 240 105.63 -28.36 -18.57
CA GLN FA 240 106.43 -29.28 -17.75
C GLN FA 240 107.61 -28.49 -17.16
N LEU FA 241 107.97 -28.73 -15.90
CA LEU FA 241 109.04 -28.01 -15.19
C LEU FA 241 108.83 -26.48 -15.23
N SER FA 242 109.80 -25.72 -15.73
CA SER FA 242 109.77 -24.24 -15.79
C SER FA 242 108.65 -23.70 -16.68
N THR FA 243 108.23 -22.45 -16.45
CA THR FA 243 107.34 -21.72 -17.37
C THR FA 243 108.02 -21.43 -18.72
N ASN FA 244 109.35 -21.30 -18.74
CA ASN FA 244 110.12 -21.07 -19.96
C ASN FA 244 110.06 -22.28 -20.90
N VAL FA 245 109.86 -22.02 -22.19
CA VAL FA 245 110.00 -22.99 -23.27
C VAL FA 245 111.31 -22.74 -24.02
N THR FA 246 112.00 -23.79 -24.44
CA THR FA 246 113.23 -23.68 -25.21
C THR FA 246 112.94 -23.74 -26.71
N ILE FA 247 113.39 -22.74 -27.46
CA ILE FA 247 113.28 -22.65 -28.92
C ILE FA 247 114.68 -22.89 -29.50
N HIS FA 248 114.79 -23.78 -30.50
CA HIS FA 248 116.07 -23.93 -31.24
C HIS FA 248 115.98 -22.97 -32.42
N THR FA 249 117.09 -22.39 -32.88
CA THR FA 249 117.11 -21.53 -34.06
C THR FA 249 118.42 -21.66 -34.84
N LEU FA 250 118.39 -21.27 -36.12
CA LEU FA 250 119.64 -21.20 -36.92
C LEU FA 250 120.37 -19.92 -36.51
N ASN FA 251 121.63 -20.00 -36.10
CA ASN FA 251 122.42 -18.78 -35.80
C ASN FA 251 122.20 -17.83 -36.98
N THR FA 252 121.70 -16.62 -36.74
CA THR FA 252 121.43 -15.62 -37.80
C THR FA 252 122.73 -14.95 -38.17
N THR FA 253 123.66 -14.80 -37.22
CA THR FA 253 124.91 -14.06 -37.41
C THR FA 253 125.95 -14.80 -38.25
N TYR FA 254 125.67 -16.05 -38.69
CA TYR FA 254 126.59 -16.85 -39.50
C TYR FA 254 125.89 -17.60 -40.65
N ILE FA 255 124.70 -18.15 -40.43
CA ILE FA 255 123.92 -18.89 -41.44
C ILE FA 255 122.95 -17.91 -42.13
N GLN FA 256 123.29 -17.37 -43.30
CA GLN FA 256 122.38 -16.37 -43.92
C GLN FA 256 122.21 -16.56 -45.44
N ASN FA 257 123.05 -17.38 -46.08
CA ASN FA 257 123.02 -17.40 -47.54
C ASN FA 257 121.78 -18.03 -48.17
N ARG FA 258 121.05 -18.90 -47.44
CA ARG FA 258 119.78 -19.53 -47.92
C ARG FA 258 119.96 -20.23 -49.29
N ASP FA 259 121.16 -20.74 -49.60
CA ASP FA 259 121.42 -21.46 -50.86
C ASP FA 259 121.26 -22.99 -50.69
N TRP FA 260 120.08 -23.43 -50.25
CA TRP FA 260 119.87 -24.80 -49.78
C TRP FA 260 119.35 -25.80 -50.82
N GLY FA 261 119.61 -27.08 -50.57
CA GLY FA 261 118.94 -28.19 -51.26
C GLY FA 261 119.50 -28.56 -52.63
N ASP FA 262 120.81 -28.40 -52.84
CA ASP FA 262 121.54 -28.94 -54.00
C ASP FA 262 122.79 -29.75 -53.57
N ARG FA 263 123.08 -30.85 -54.27
CA ARG FA 263 124.36 -31.57 -54.09
C ARG FA 263 125.30 -31.04 -55.20
N ASN FA 264 124.80 -30.12 -56.05
CA ASN FA 264 125.54 -29.53 -57.17
C ASN FA 264 126.24 -28.21 -56.83
N LYS FA 265 126.33 -27.85 -55.54
CA LYS FA 265 126.83 -26.54 -55.05
C LYS FA 265 127.59 -26.72 -53.74
N THR FA 266 128.84 -26.28 -53.66
CA THR FA 266 129.57 -26.21 -52.39
C THR FA 266 128.94 -25.14 -51.49
N TYR FA 267 128.49 -25.52 -50.28
CA TYR FA 267 127.77 -24.58 -49.41
C TYR FA 267 128.71 -23.60 -48.71
N TYR FA 268 128.29 -22.34 -48.64
CA TYR FA 268 128.94 -21.25 -47.95
C TYR FA 268 127.88 -20.55 -47.11
N CYS FA 269 128.19 -20.23 -45.85
CA CYS FA 269 127.17 -19.86 -44.87
C CYS FA 269 126.81 -18.37 -44.90
N GLN FA 270 127.77 -17.48 -45.15
CA GLN FA 270 127.52 -16.04 -45.30
C GLN FA 270 128.47 -15.39 -46.31
N THR FA 271 128.05 -14.25 -46.83
CA THR FA 271 128.91 -13.29 -47.55
C THR FA 271 129.06 -12.02 -46.71
N LEU FA 272 130.28 -11.48 -46.61
CA LEU FA 272 130.53 -10.15 -46.05
C LEU FA 272 131.47 -9.39 -46.99
N GLY FA 273 131.13 -8.15 -47.33
CA GLY FA 273 131.83 -7.42 -48.41
C GLY FA 273 131.79 -8.22 -49.72
N THR FA 274 132.97 -8.58 -50.24
CA THR FA 274 133.13 -9.49 -51.38
C THR FA 274 133.36 -10.97 -50.98
N GLN FA 275 133.63 -11.25 -49.70
CA GLN FA 275 134.05 -12.57 -49.24
C GLN FA 275 132.90 -13.59 -49.23
N ARG FA 276 133.26 -14.87 -49.17
CA ARG FA 276 132.39 -16.00 -48.80
C ARG FA 276 133.00 -16.71 -47.58
N TYR FA 277 132.17 -17.20 -46.69
CA TYR FA 277 132.59 -17.92 -45.48
C TYR FA 277 132.06 -19.34 -45.48
N PHE FA 278 132.86 -20.25 -44.93
CA PHE FA 278 132.72 -21.69 -45.09
C PHE FA 278 132.85 -22.38 -43.74
N LEU FA 279 132.21 -23.54 -43.63
CA LEU FA 279 132.14 -24.35 -42.42
C LEU FA 279 132.86 -25.68 -42.66
N TYR FA 280 133.55 -26.20 -41.64
CA TYR FA 280 134.21 -27.49 -41.67
C TYR FA 280 133.96 -28.26 -40.37
N GLY FA 281 133.63 -29.54 -40.46
CA GLY FA 281 133.52 -30.40 -39.28
C GLY FA 281 134.85 -31.06 -38.94
N THR FA 282 135.09 -31.44 -37.70
CA THR FA 282 136.21 -32.31 -37.36
C THR FA 282 135.88 -33.22 -36.19
N HIS FA 283 136.51 -34.40 -36.14
CA HIS FA 283 136.39 -35.32 -34.97
C HIS FA 283 137.64 -35.13 -34.11
N SER FA 284 138.51 -34.17 -34.46
CA SER FA 284 139.76 -33.96 -33.74
C SER FA 284 139.54 -33.61 -32.27
N THR FA 285 140.38 -34.18 -31.40
CA THR FA 285 140.47 -33.86 -29.97
C THR FA 285 141.34 -32.63 -29.70
N ALA FA 286 141.92 -32.00 -30.73
CA ALA FA 286 142.78 -30.83 -30.58
C ALA FA 286 142.07 -29.68 -29.87
N GLN FA 287 142.70 -29.14 -28.83
CA GLN FA 287 142.13 -28.06 -28.03
C GLN FA 287 142.31 -26.68 -28.67
N ASN FA 288 143.32 -26.49 -29.51
CA ASN FA 288 143.68 -25.19 -30.07
C ASN FA 288 143.31 -25.11 -31.56
N ILE FA 289 142.48 -24.13 -31.93
CA ILE FA 289 142.02 -23.91 -33.30
C ILE FA 289 143.17 -23.67 -34.30
N ASN FA 290 144.33 -23.18 -33.83
CA ASN FA 290 145.48 -22.93 -34.70
C ASN FA 290 146.16 -24.21 -35.20
N ASP FA 291 146.30 -25.24 -34.35
CA ASP FA 291 147.13 -26.45 -34.68
C ASP FA 291 146.40 -27.59 -35.40
N ILE FA 292 145.08 -27.53 -35.54
CA ILE FA 292 144.35 -28.52 -36.34
C ILE FA 292 144.95 -28.59 -37.74
N LYS FA 293 145.06 -29.80 -38.31
CA LYS FA 293 145.64 -30.01 -39.65
C LYS FA 293 144.72 -29.47 -40.75
N LEU FA 294 145.20 -29.49 -42.00
CA LEU FA 294 144.31 -29.17 -43.15
C LEU FA 294 143.53 -30.46 -43.44
N GLN FA 295 144.02 -31.61 -42.98
CA GLN FA 295 143.38 -32.94 -43.18
C GLN FA 295 142.18 -33.15 -42.24
N GLU FA 296 142.31 -32.77 -40.98
CA GLU FA 296 141.25 -33.02 -39.96
C GLU FA 296 139.89 -32.49 -40.45
N LEU FA 297 139.87 -31.32 -41.09
CA LEU FA 297 138.59 -30.68 -41.51
C LEU FA 297 137.79 -31.56 -42.48
N ILE FA 298 136.47 -31.66 -42.28
CA ILE FA 298 135.56 -32.42 -43.20
C ILE FA 298 134.74 -31.32 -43.91
N PRO FA 299 135.11 -30.90 -45.12
CA PRO FA 299 134.49 -29.75 -45.77
C PRO FA 299 133.06 -30.09 -46.14
N LEU FA 300 132.17 -29.09 -46.20
CA LEU FA 300 130.73 -29.32 -46.50
C LEU FA 300 130.46 -28.89 -47.95
N THR FA 301 130.18 -29.84 -48.85
CA THR FA 301 129.93 -29.57 -50.29
C THR FA 301 128.49 -29.92 -50.62
N ASN FA 302 127.70 -30.36 -49.61
CA ASN FA 302 126.29 -30.67 -49.81
C ASN FA 302 125.49 -30.07 -48.64
N THR FA 303 124.29 -29.52 -48.90
CA THR FA 303 123.29 -29.31 -47.81
C THR FA 303 122.07 -30.20 -47.94
N GLN FA 304 121.82 -30.73 -49.15
CA GLN FA 304 120.58 -31.50 -49.48
C GLN FA 304 120.46 -32.88 -48.81
N ASP FA 305 121.51 -33.41 -48.19
CA ASP FA 305 121.44 -34.79 -47.62
C ASP FA 305 121.61 -34.83 -46.11
N TYR FA 306 121.18 -35.93 -45.49
CA TYR FA 306 121.41 -36.19 -44.06
C TYR FA 306 122.85 -36.62 -43.74
N VAL FA 307 123.67 -36.88 -44.77
CA VAL FA 307 124.98 -37.53 -44.64
C VAL FA 307 125.94 -36.73 -43.73
N GLN FA 308 126.63 -37.44 -42.82
CA GLN FA 308 127.63 -36.87 -41.90
C GLN FA 308 128.94 -36.51 -42.58
N GLY FA 309 129.27 -37.19 -43.68
CA GLY FA 309 130.61 -37.22 -44.23
C GLY FA 309 131.53 -38.14 -43.42
N PHE FA 310 132.82 -38.09 -43.68
CA PHE FA 310 133.85 -38.82 -42.93
C PHE FA 310 135.21 -38.12 -43.04
N ASP FA 311 136.13 -38.48 -42.14
CA ASP FA 311 137.47 -37.91 -42.06
C ASP FA 311 138.43 -38.49 -43.11
N TRP FA 312 139.47 -37.75 -43.47
CA TRP FA 312 140.52 -38.15 -44.42
C TRP FA 312 141.25 -39.43 -43.96
N THR FA 313 141.26 -39.75 -42.67
CA THR FA 313 141.76 -41.04 -42.17
C THR FA 313 141.02 -42.25 -42.71
N GLU FA 314 139.82 -42.08 -43.29
CA GLU FA 314 139.06 -43.15 -43.97
C GLU FA 314 139.25 -43.15 -45.50
N LYS FA 315 140.26 -42.44 -46.02
CA LYS FA 315 140.66 -42.46 -47.44
C LYS FA 315 140.70 -43.87 -48.03
N ASP FA 316 141.32 -44.80 -47.32
CA ASP FA 316 141.47 -46.19 -47.77
C ASP FA 316 140.19 -47.04 -47.62
N LYS FA 317 139.17 -46.59 -46.87
CA LYS FA 317 137.87 -47.29 -46.78
C LYS FA 317 136.96 -47.00 -47.97
N HIS FA 318 137.14 -45.82 -48.60
CA HIS FA 318 136.33 -45.37 -49.78
C HIS FA 318 137.23 -45.23 -51.02
N ASN FA 319 138.36 -45.92 -51.08
CA ASN FA 319 139.27 -45.97 -52.23
C ASN FA 319 139.58 -44.57 -52.79
N ILE FA 320 139.66 -43.56 -51.91
CA ILE FA 320 139.88 -42.16 -52.29
C ILE FA 320 141.32 -41.97 -52.77
N THR FA 321 141.48 -41.34 -53.93
CA THR FA 321 142.81 -41.05 -54.51
C THR FA 321 143.23 -39.59 -54.34
N THR FA 322 142.28 -38.66 -54.19
CA THR FA 322 142.54 -37.21 -54.14
C THR FA 322 141.60 -36.49 -53.19
N TYR FA 323 141.95 -35.27 -52.78
CA TYR FA 323 141.05 -34.41 -52.03
C TYR FA 323 139.76 -34.11 -52.82
N LYS FA 324 139.78 -34.12 -54.16
CA LYS FA 324 138.57 -34.04 -55.00
C LYS FA 324 137.60 -35.21 -54.71
N GLU FA 325 138.10 -36.43 -54.60
CA GLU FA 325 137.26 -37.58 -54.18
C GLU FA 325 136.90 -37.55 -52.68
N PHE FA 326 137.75 -36.97 -51.83
CA PHE FA 326 137.36 -36.72 -50.43
C PHE FA 326 136.21 -35.72 -50.32
N LEU FA 327 136.23 -34.63 -51.08
CA LEU FA 327 135.14 -33.65 -51.20
C LEU FA 327 133.82 -34.30 -51.66
N THR FA 328 133.87 -35.18 -52.67
CA THR FA 328 132.62 -35.76 -53.21
C THR FA 328 132.11 -36.91 -52.36
N LYS FA 329 132.97 -37.82 -51.89
CA LYS FA 329 132.53 -38.97 -51.07
C LYS FA 329 132.34 -38.62 -49.59
N GLY FA 330 133.20 -37.78 -49.02
CA GLY FA 330 133.37 -37.63 -47.57
C GLY FA 330 132.89 -36.31 -46.97
N ALA FA 331 132.40 -35.35 -47.77
CA ALA FA 331 131.87 -34.11 -47.22
C ALA FA 331 130.61 -34.31 -46.37
N GLY FA 332 130.46 -33.51 -45.32
CA GLY FA 332 129.37 -33.61 -44.35
C GLY FA 332 128.30 -32.54 -44.52
N ASN FA 333 127.03 -32.86 -44.31
CA ASN FA 333 125.99 -31.83 -44.36
C ASN FA 333 125.94 -31.12 -42.99
N PRO FA 334 125.92 -29.77 -42.93
CA PRO FA 334 126.07 -29.02 -41.67
C PRO FA 334 124.90 -29.27 -40.70
N PHE FA 335 123.76 -29.72 -41.22
CA PHE FA 335 122.55 -30.03 -40.48
C PHE FA 335 122.45 -31.50 -40.04
N HIS FA 336 123.50 -32.31 -40.22
CA HIS FA 336 123.53 -33.65 -39.62
C HIS FA 336 123.50 -33.55 -38.08
N ALA FA 337 122.98 -34.57 -37.40
CA ALA FA 337 122.67 -34.54 -35.96
C ALA FA 337 123.85 -34.19 -35.04
N GLU FA 338 125.09 -34.40 -35.46
CA GLU FA 338 126.27 -33.95 -34.70
C GLU FA 338 126.78 -32.56 -35.12
N TRP FA 339 126.70 -32.18 -36.39
CA TRP FA 339 127.14 -30.86 -36.85
C TRP FA 339 126.13 -29.74 -36.57
N ILE FA 340 124.82 -30.04 -36.54
CA ILE FA 340 123.74 -29.07 -36.33
C ILE FA 340 123.87 -28.27 -35.03
N THR FA 341 124.31 -28.92 -33.95
CA THR FA 341 124.61 -28.32 -32.64
C THR FA 341 126.09 -28.42 -32.26
N ALA FA 342 126.95 -28.77 -33.22
CA ALA FA 342 128.39 -28.99 -33.03
C ALA FA 342 128.73 -29.89 -31.83
N GLN FA 343 128.02 -31.02 -31.70
CA GLN FA 343 128.32 -32.06 -30.69
C GLN FA 343 129.77 -32.51 -30.83
N ASN FA 344 130.22 -32.70 -32.07
CA ASN FA 344 131.64 -32.74 -32.44
C ASN FA 344 132.00 -31.39 -33.07
N PRO FA 345 133.18 -30.79 -32.77
CA PRO FA 345 133.48 -29.42 -33.14
C PRO FA 345 133.28 -29.10 -34.63
N VAL FA 346 132.82 -27.89 -34.89
CA VAL FA 346 132.57 -27.31 -36.22
C VAL FA 346 133.29 -25.97 -36.31
N ILE FA 347 134.00 -25.75 -37.40
CA ILE FA 347 134.92 -24.65 -37.59
C ILE FA 347 134.41 -23.74 -38.71
N HIS FA 348 134.27 -22.44 -38.44
CA HIS FA 348 133.84 -21.42 -39.39
C HIS FA 348 135.05 -20.61 -39.86
N THR FA 349 135.21 -20.36 -41.15
CA THR FA 349 136.38 -19.66 -41.70
C THR FA 349 136.07 -18.91 -43.00
N ALA FA 350 136.85 -17.89 -43.33
CA ALA FA 350 136.85 -17.27 -44.65
C ALA FA 350 137.58 -18.14 -45.70
N ASN FA 351 138.41 -19.10 -45.29
CA ASN FA 351 139.23 -19.86 -46.21
C ASN FA 351 138.40 -20.88 -47.02
N SER FA 352 138.23 -20.61 -48.31
CA SER FA 352 137.44 -21.46 -49.20
C SER FA 352 138.07 -22.85 -49.35
N PRO FA 353 137.25 -23.93 -49.44
CA PRO FA 353 137.75 -25.26 -49.73
C PRO FA 353 138.63 -25.30 -50.97
N THR FA 354 138.40 -24.46 -51.98
CA THR FA 354 139.24 -24.41 -53.18
C THR FA 354 140.65 -23.88 -52.92
N GLN FA 355 140.85 -23.01 -51.93
CA GLN FA 355 142.21 -22.69 -51.49
C GLN FA 355 142.85 -23.92 -50.81
N ILE FA 356 142.09 -24.66 -50.01
CA ILE FA 356 142.55 -25.95 -49.46
C ILE FA 356 142.81 -26.98 -50.58
N GLU FA 357 142.00 -27.01 -51.65
CA GLU FA 357 142.24 -27.85 -52.83
C GLU FA 357 143.58 -27.49 -53.45
N GLN FA 358 143.87 -26.20 -53.65
CA GLN FA 358 145.15 -25.75 -54.19
C GLN FA 358 146.31 -26.20 -53.28
N ILE FA 359 146.19 -26.12 -51.95
CA ILE FA 359 147.24 -26.60 -51.04
C ILE FA 359 147.41 -28.12 -51.13
N TYR FA 360 146.33 -28.91 -51.13
CA TYR FA 360 146.41 -30.37 -51.31
C TYR FA 360 146.99 -30.75 -52.69
N THR FA 361 146.40 -30.24 -53.75
CA THR FA 361 146.75 -30.63 -55.13
C THR FA 361 148.15 -30.15 -55.50
N ALA FA 362 148.59 -28.99 -55.02
CA ALA FA 362 149.97 -28.54 -55.22
C ALA FA 362 150.98 -29.53 -54.63
N SER FA 363 150.74 -30.04 -53.41
CA SER FA 363 151.45 -31.22 -52.90
C SER FA 363 150.70 -31.92 -51.75
N THR FA 364 150.32 -33.18 -51.98
CA THR FA 364 149.63 -34.05 -51.01
C THR FA 364 150.52 -34.35 -49.80
N THR FA 365 151.84 -34.41 -49.99
CA THR FA 365 152.82 -34.61 -48.92
C THR FA 365 152.88 -33.41 -47.96
N THR FA 366 152.70 -32.18 -48.46
CA THR FA 366 152.64 -30.99 -47.58
C THR FA 366 151.25 -30.75 -46.99
N PHE FA 367 150.20 -31.43 -47.46
CA PHE FA 367 148.89 -31.44 -46.80
C PHE FA 367 148.95 -32.10 -45.40
N GLN FA 368 149.82 -33.10 -45.23
CA GLN FA 368 150.16 -33.67 -43.93
C GLN FA 368 150.83 -32.63 -43.01
N ASN FA 369 151.75 -31.84 -43.57
CA ASN FA 369 152.53 -30.86 -42.80
C ASN FA 369 151.72 -29.62 -42.42
N LYS FA 370 150.90 -29.09 -43.34
CA LYS FA 370 150.16 -27.83 -43.14
C LYS FA 370 149.08 -27.99 -42.06
N LYS FA 371 149.01 -26.98 -41.19
CA LYS FA 371 147.99 -26.81 -40.15
C LYS FA 371 147.12 -25.57 -40.44
N LEU FA 372 146.18 -25.25 -39.57
CA LEU FA 372 145.35 -24.05 -39.66
C LEU FA 372 146.13 -22.74 -39.48
N THR FA 373 147.33 -22.78 -38.89
CA THR FA 373 148.32 -21.70 -38.98
C THR FA 373 148.80 -21.48 -40.41
N ASP FA 374 149.13 -20.23 -40.76
CA ASP FA 374 149.72 -19.84 -42.06
C ASP FA 374 148.91 -20.29 -43.28
N LEU FA 375 147.59 -20.47 -43.14
CA LEU FA 375 146.69 -20.68 -44.27
C LEU FA 375 146.23 -19.36 -44.88
N PRO FA 376 145.78 -19.35 -46.15
CA PRO FA 376 145.16 -18.18 -46.75
C PRO FA 376 143.85 -17.82 -46.03
N THR FA 377 143.58 -16.52 -45.87
CA THR FA 377 142.40 -15.97 -45.16
C THR FA 377 141.96 -16.83 -43.97
N PRO FA 378 142.82 -17.06 -42.94
CA PRO FA 378 142.48 -18.00 -41.88
C PRO FA 378 141.67 -17.47 -40.70
N GLY FA 379 140.36 -17.26 -40.90
CA GLY FA 379 139.46 -16.82 -39.82
C GLY FA 379 138.88 -18.03 -39.14
N TYR FA 380 139.69 -19.05 -38.84
CA TYR FA 380 139.22 -20.31 -38.21
C TYR FA 380 138.71 -20.02 -36.80
N ILE FA 381 137.41 -20.24 -36.55
CA ILE FA 381 136.77 -19.97 -35.22
C ILE FA 381 135.96 -21.22 -34.85
N PHE FA 382 135.37 -21.30 -33.66
CA PHE FA 382 134.47 -22.43 -33.29
C PHE FA 382 133.03 -21.88 -33.23
N ILE FA 383 132.20 -22.18 -34.23
CA ILE FA 383 130.83 -21.64 -34.32
C ILE FA 383 129.81 -22.78 -34.40
N THR FA 384 128.67 -22.64 -33.74
CA THR FA 384 127.59 -23.65 -33.75
C THR FA 384 126.47 -23.20 -34.70
N PRO FA 385 126.03 -24.02 -35.67
CA PRO FA 385 124.94 -23.65 -36.58
C PRO FA 385 123.62 -23.37 -35.85
N THR FA 386 123.36 -24.07 -34.75
CA THR FA 386 122.19 -23.89 -33.89
C THR FA 386 122.55 -23.16 -32.59
N VAL FA 387 121.64 -22.30 -32.14
CA VAL FA 387 121.59 -21.81 -30.75
C VAL FA 387 120.21 -22.13 -30.16
N SER FA 388 120.15 -22.39 -28.84
CA SER FA 388 118.89 -22.57 -28.11
C SER FA 388 118.56 -21.30 -27.32
N LEU FA 389 117.38 -20.74 -27.54
CA LEU FA 389 116.83 -19.60 -26.81
C LEU FA 389 115.84 -20.08 -25.75
N ARG FA 390 115.64 -19.30 -24.69
CA ARG FA 390 114.53 -19.46 -23.74
C ARG FA 390 113.50 -18.36 -23.95
N TYR FA 391 112.24 -18.75 -24.11
CA TYR FA 391 111.10 -17.84 -24.24
C TYR FA 391 110.18 -18.00 -23.04
N ASN FA 392 109.74 -16.89 -22.45
CA ASN FA 392 108.76 -16.86 -21.38
C ASN FA 392 107.54 -16.04 -21.84
N PRO FA 393 106.34 -16.62 -21.93
CA PRO FA 393 105.18 -15.91 -22.44
C PRO FA 393 104.74 -14.74 -21.54
N TYR FA 394 104.99 -14.86 -20.22
CA TYR FA 394 104.57 -13.81 -19.26
C TYR FA 394 105.54 -12.64 -19.30
N LYS FA 395 106.73 -12.85 -19.87
CA LYS FA 395 107.76 -11.77 -20.01
C LYS FA 395 107.63 -11.10 -21.38
N ASP FA 396 106.63 -11.49 -22.18
CA ASP FA 396 106.47 -10.98 -23.56
C ASP FA 396 105.51 -9.77 -23.59
N LEU FA 397 105.96 -8.62 -24.12
CA LEU FA 397 105.16 -7.40 -24.12
C LEU FA 397 104.70 -6.99 -25.53
N ALA FA 398 105.08 -7.75 -26.56
CA ALA FA 398 104.62 -7.53 -27.94
C ALA FA 398 104.88 -6.13 -28.52
N GLU FA 399 105.92 -5.41 -28.09
CA GLU FA 399 106.16 -4.03 -28.56
C GLU FA 399 106.85 -3.99 -29.93
N ARG FA 400 107.67 -5.00 -30.24
CA ARG FA 400 108.43 -5.09 -31.51
C ARG FA 400 108.42 -6.52 -32.09
N ASN FA 401 107.41 -7.29 -31.74
CA ASN FA 401 107.18 -8.63 -32.28
C ASN FA 401 106.77 -8.58 -33.75
N LYS FA 402 107.19 -9.55 -34.54
CA LYS FA 402 107.00 -9.57 -36.01
C LYS FA 402 107.15 -11.00 -36.53
N CYS FA 403 106.54 -11.31 -37.67
CA CYS FA 403 106.51 -12.67 -38.21
C CYS FA 403 106.23 -12.66 -39.72
N TYR FA 404 106.98 -13.43 -40.52
CA TYR FA 404 106.80 -13.52 -41.98
C TYR FA 404 107.51 -14.74 -42.59
N PHE FA 405 107.17 -15.08 -43.83
CA PHE FA 405 107.82 -16.15 -44.59
C PHE FA 405 108.79 -15.60 -45.63
N VAL FA 406 109.97 -16.21 -45.75
CA VAL FA 406 110.97 -15.94 -46.79
C VAL FA 406 111.20 -17.17 -47.64
N ARG FA 407 111.64 -17.00 -48.89
CA ARG FA 407 111.86 -18.10 -49.85
C ARG FA 407 113.11 -18.89 -49.47
N SER FA 408 113.00 -20.20 -49.25
CA SER FA 408 114.13 -21.04 -48.83
C SER FA 408 115.02 -21.44 -50.01
N LYS FA 409 114.45 -22.04 -51.07
CA LYS FA 409 115.17 -22.35 -52.32
C LYS FA 409 115.22 -21.16 -53.28
N ILE FA 410 115.95 -20.11 -52.92
CA ILE FA 410 116.40 -19.07 -53.86
C ILE FA 410 117.80 -18.58 -53.53
N ASN FA 411 118.47 -18.02 -54.53
CA ASN FA 411 119.82 -17.46 -54.40
C ASN FA 411 119.76 -15.99 -53.89
N ALA FA 412 119.22 -15.76 -52.70
CA ALA FA 412 119.13 -14.43 -52.09
C ALA FA 412 119.64 -14.42 -50.64
N HIS FA 413 120.46 -13.42 -50.34
CA HIS FA 413 121.11 -13.27 -49.04
C HIS FA 413 120.17 -12.66 -47.99
N GLY FA 414 120.41 -13.00 -46.72
CA GLY FA 414 119.80 -12.31 -45.58
C GLY FA 414 118.36 -12.70 -45.29
N TRP FA 415 117.85 -12.16 -44.19
CA TRP FA 415 116.59 -12.57 -43.56
C TRP FA 415 115.53 -11.47 -43.48
N ASP FA 416 115.79 -10.31 -44.10
CA ASP FA 416 114.86 -9.15 -44.00
C ASP FA 416 113.47 -9.55 -44.51
N PRO FA 417 112.36 -8.93 -44.00
CA PRO FA 417 111.04 -9.22 -44.54
C PRO FA 417 111.08 -8.92 -46.02
N GLU FA 418 110.62 -9.86 -46.85
CA GLU FA 418 110.69 -9.71 -48.33
C GLU FA 418 109.39 -10.17 -48.97
N GLN FA 419 109.26 -10.01 -50.29
CA GLN FA 419 108.04 -10.44 -51.04
C GLN FA 419 106.83 -9.69 -50.46
N HIS FA 420 105.79 -10.40 -49.98
CA HIS FA 420 104.55 -9.76 -49.48
C HIS FA 420 104.80 -9.00 -48.19
N GLN FA 421 104.68 -7.67 -48.21
CA GLN FA 421 104.84 -6.83 -47.00
C GLN FA 421 103.46 -6.69 -46.33
N GLU FA 422 102.38 -7.00 -47.04
CA GLU FA 422 101.04 -7.02 -46.43
C GLU FA 422 100.78 -8.29 -45.62
N LEU FA 423 101.57 -9.35 -45.84
CA LEU FA 423 101.47 -10.61 -45.09
C LEU FA 423 102.29 -10.60 -43.79
N ILE FA 424 103.14 -9.59 -43.57
CA ILE FA 424 103.85 -9.45 -42.30
C ILE FA 424 102.83 -9.31 -41.16
N ASN FA 425 103.00 -10.11 -40.10
CA ASN FA 425 102.12 -10.09 -38.89
C ASN FA 425 102.92 -9.50 -37.73
N SER FA 426 102.44 -8.45 -37.07
CA SER FA 426 103.20 -7.66 -36.09
C SER FA 426 102.42 -7.36 -34.81
N ASP FA 427 103.13 -7.03 -33.74
CA ASP FA 427 102.60 -6.40 -32.52
C ASP FA 427 101.56 -7.22 -31.73
N LEU FA 428 101.73 -8.54 -31.66
CA LEU FA 428 101.01 -9.43 -30.75
C LEU FA 428 102.04 -10.33 -30.04
N PRO FA 429 101.76 -10.85 -28.84
CA PRO FA 429 102.69 -11.76 -28.18
C PRO FA 429 102.88 -13.03 -29.01
N GLN FA 430 104.10 -13.57 -29.10
CA GLN FA 430 104.46 -14.71 -30.02
C GLN FA 430 103.50 -15.91 -30.00
N TRP FA 431 102.90 -16.25 -28.87
CA TRP FA 431 101.92 -17.33 -28.78
C TRP FA 431 100.59 -16.97 -29.47
N LEU FA 432 100.24 -15.69 -29.56
CA LEU FA 432 99.09 -15.21 -30.33
C LEU FA 432 99.48 -14.89 -31.77
N LEU FA 433 100.67 -14.32 -32.00
CA LEU FA 433 101.14 -13.93 -33.32
C LEU FA 433 101.32 -15.13 -34.26
N LEU FA 434 101.83 -16.26 -33.76
CA LEU FA 434 102.07 -17.45 -34.56
C LEU FA 434 100.81 -18.30 -34.76
N PHE FA 435 99.79 -18.18 -33.91
CA PHE FA 435 98.65 -19.10 -33.92
C PHE FA 435 97.86 -19.01 -35.23
N GLY FA 436 97.80 -20.09 -36.00
CA GLY FA 436 97.10 -20.12 -37.28
C GLY FA 436 97.70 -19.28 -38.40
N TYR FA 437 98.83 -18.58 -38.18
CA TYR FA 437 99.44 -17.72 -39.19
C TYR FA 437 99.94 -18.51 -40.42
N PRO FA 438 100.65 -19.65 -40.28
CA PRO FA 438 100.97 -20.49 -41.42
C PRO FA 438 99.77 -20.94 -42.24
N ASP FA 439 98.65 -21.29 -41.61
CA ASP FA 439 97.45 -21.69 -42.32
C ASP FA 439 96.75 -20.52 -43.02
N TYR FA 440 96.74 -19.32 -42.42
CA TYR FA 440 96.29 -18.13 -43.14
C TYR FA 440 97.12 -17.91 -44.40
N ILE FA 441 98.43 -18.07 -44.32
CA ILE FA 441 99.34 -17.91 -45.45
C ILE FA 441 99.08 -18.98 -46.52
N LYS FA 442 98.96 -20.26 -46.14
CA LYS FA 442 98.60 -21.33 -47.07
C LYS FA 442 97.25 -21.08 -47.76
N ARG FA 443 96.22 -20.71 -46.99
CA ARG FA 443 94.86 -20.46 -47.57
C ARG FA 443 94.89 -19.21 -48.46
N THR FA 444 95.74 -18.24 -48.15
CA THR FA 444 95.91 -17.04 -49.00
C THR FA 444 96.52 -17.38 -50.37
N GLN FA 445 97.35 -18.42 -50.46
CA GLN FA 445 97.89 -18.92 -51.76
C GLN FA 445 98.76 -17.88 -52.49
N ASN FA 446 99.27 -16.85 -51.80
CA ASN FA 446 100.18 -15.88 -52.39
C ASN FA 446 101.64 -16.36 -52.46
N PHE FA 447 101.94 -17.56 -51.95
CA PHE FA 447 103.25 -18.20 -52.01
C PHE FA 447 103.15 -19.58 -52.68
N ALA FA 448 104.24 -20.05 -53.28
CA ALA FA 448 104.31 -21.41 -53.81
C ALA FA 448 104.11 -22.42 -52.66
N LEU FA 449 103.15 -23.33 -52.83
CA LEU FA 449 102.44 -23.94 -51.72
C LEU FA 449 103.29 -24.84 -50.81
N VAL FA 450 104.38 -25.40 -51.35
CA VAL FA 450 105.10 -26.50 -50.68
C VAL FA 450 105.95 -26.03 -49.49
N ASP FA 451 105.86 -26.75 -48.36
CA ASP FA 451 106.58 -26.37 -47.11
C ASP FA 451 108.09 -26.29 -47.31
N THR FA 452 108.63 -27.03 -48.28
CA THR FA 452 110.08 -27.07 -48.50
C THR FA 452 110.65 -25.80 -49.12
N ASN FA 453 109.82 -24.93 -49.68
CA ASN FA 453 110.27 -23.78 -50.48
C ASN FA 453 110.23 -22.45 -49.71
N TYR FA 454 109.81 -22.46 -48.45
CA TYR FA 454 109.77 -21.28 -47.58
C TYR FA 454 110.31 -21.59 -46.19
N ILE FA 455 110.72 -20.54 -45.48
CA ILE FA 455 111.08 -20.55 -44.06
C ILE FA 455 110.23 -19.49 -43.38
N LEU FA 456 109.77 -19.78 -42.18
CA LEU FA 456 109.18 -18.84 -41.24
C LEU FA 456 110.27 -18.20 -40.38
N VAL FA 457 110.22 -16.87 -40.30
CA VAL FA 457 111.18 -16.00 -39.64
C VAL FA 457 110.41 -15.08 -38.70
N ASP FA 458 110.86 -14.89 -37.46
CA ASP FA 458 110.16 -13.99 -36.52
C ASP FA 458 111.13 -13.18 -35.65
N HIS FA 459 110.74 -11.97 -35.30
CA HIS FA 459 111.47 -11.09 -34.38
C HIS FA 459 110.76 -11.05 -33.04
N CYS FA 460 111.52 -11.18 -31.95
CA CYS FA 460 111.00 -11.12 -30.59
C CYS FA 460 112.10 -10.61 -29.64
N PRO FA 461 111.98 -9.39 -29.10
CA PRO FA 461 112.90 -8.85 -28.09
C PRO FA 461 113.01 -9.68 -26.80
N TYR FA 462 112.05 -10.55 -26.53
CA TYR FA 462 111.76 -11.02 -25.16
C TYR FA 462 112.32 -12.40 -24.82
N THR FA 463 113.05 -13.07 -25.71
CA THR FA 463 113.90 -14.19 -25.31
C THR FA 463 115.08 -13.69 -24.47
N ASN FA 464 115.55 -14.51 -23.52
CA ASN FA 464 116.60 -14.08 -22.59
C ASN FA 464 117.97 -13.91 -23.27
N PRO FA 465 118.51 -14.93 -23.97
CA PRO FA 465 119.42 -14.71 -25.08
C PRO FA 465 118.64 -14.20 -26.29
N GLU FA 466 119.32 -13.65 -27.30
CA GLU FA 466 118.66 -13.13 -28.51
C GLU FA 466 119.42 -13.49 -29.79
N LYS FA 467 118.68 -13.47 -30.89
CA LYS FA 467 119.17 -13.39 -32.27
C LYS FA 467 118.24 -12.43 -33.02
N THR FA 468 118.75 -11.63 -33.96
CA THR FA 468 118.01 -10.51 -34.54
C THR FA 468 116.67 -10.96 -35.15
N PRO FA 469 116.64 -11.82 -36.18
CA PRO FA 469 115.53 -12.73 -36.40
C PRO FA 469 115.80 -14.09 -35.71
N PHE FA 470 114.71 -14.86 -35.60
CA PHE FA 470 114.79 -16.26 -35.14
C PHE FA 470 114.41 -17.12 -36.33
N ILE FA 471 115.02 -18.29 -36.51
CA ILE FA 471 114.59 -19.24 -37.57
C ILE FA 471 114.18 -20.50 -36.80
N PRO FA 472 113.01 -20.55 -36.12
CA PRO FA 472 112.70 -21.68 -35.26
C PRO FA 472 112.92 -23.02 -35.98
N LEU FA 473 113.47 -24.02 -35.29
CA LEU FA 473 113.64 -25.38 -35.81
C LEU FA 473 113.11 -26.39 -34.80
N SER FA 474 112.42 -27.41 -35.27
CA SER FA 474 111.86 -28.43 -34.38
C SER FA 474 112.94 -29.34 -33.82
N THR FA 475 112.72 -29.84 -32.62
CA THR FA 475 113.61 -30.80 -31.96
C THR FA 475 113.90 -32.02 -32.84
N SER FA 476 112.94 -32.46 -33.67
CA SER FA 476 113.16 -33.52 -34.66
C SER FA 476 114.25 -33.19 -35.67
N PHE FA 477 114.29 -31.98 -36.23
CA PHE FA 477 115.36 -31.57 -37.16
C PHE FA 477 116.70 -31.34 -36.46
N ILE FA 478 116.66 -30.82 -35.22
CA ILE FA 478 117.83 -30.68 -34.35
C ILE FA 478 118.37 -32.03 -33.87
N GLU FA 479 117.58 -33.11 -33.96
CA GLU FA 479 117.95 -34.48 -33.61
C GLU FA 479 118.05 -35.42 -34.82
N GLY FA 480 117.98 -34.92 -36.05
CA GLY FA 480 118.14 -35.76 -37.24
C GLY FA 480 117.01 -36.77 -37.46
N ARG FA 481 115.76 -36.29 -37.50
CA ARG FA 481 114.57 -37.18 -37.62
C ARG FA 481 113.47 -36.48 -38.43
N SER FA 482 112.57 -37.26 -39.06
CA SER FA 482 111.49 -36.71 -39.90
C SER FA 482 110.49 -35.85 -39.08
N PRO FA 483 109.80 -34.87 -39.71
CA PRO FA 483 109.03 -33.82 -39.01
C PRO FA 483 108.08 -34.29 -37.91
N TYR FA 484 107.41 -35.44 -38.08
CA TYR FA 484 106.50 -36.04 -37.10
C TYR FA 484 106.83 -37.53 -36.88
N SER FA 485 108.11 -37.89 -36.77
CA SER FA 485 108.56 -39.27 -36.56
C SER FA 485 108.94 -39.53 -35.10
N PRO FA 486 108.61 -40.70 -34.51
CA PRO FA 486 108.85 -41.00 -33.11
C PRO FA 486 110.34 -41.02 -32.76
N SER FA 487 110.66 -40.55 -31.55
CA SER FA 487 112.03 -40.31 -31.06
C SER FA 487 112.93 -41.54 -31.04
N ASP FA 488 112.39 -42.76 -31.13
CA ASP FA 488 113.21 -44.01 -31.21
C ASP FA 488 114.03 -44.00 -32.51
N THR FA 489 113.56 -43.27 -33.52
CA THR FA 489 114.22 -43.13 -34.82
C THR FA 489 115.41 -42.15 -34.73
N HIS FA 490 116.52 -42.44 -35.43
CA HIS FA 490 117.75 -41.58 -35.42
C HIS FA 490 118.19 -41.26 -36.85
N GLU FA 491 117.29 -41.30 -37.84
CA GLU FA 491 117.53 -40.93 -39.23
C GLU FA 491 116.22 -40.40 -39.86
N PRO FA 492 116.28 -39.47 -40.82
CA PRO FA 492 115.13 -39.19 -41.67
C PRO FA 492 114.69 -40.42 -42.48
N ASP FA 493 113.40 -40.50 -42.82
CA ASP FA 493 112.89 -41.39 -43.89
C ASP FA 493 113.35 -40.91 -45.27
N GLU FA 494 113.43 -41.77 -46.29
CA GLU FA 494 114.14 -41.49 -47.55
C GLU FA 494 113.78 -40.14 -48.21
N GLU FA 495 112.50 -39.76 -48.22
CA GLU FA 495 112.06 -38.48 -48.78
C GLU FA 495 112.50 -37.26 -47.95
N ASP FA 496 112.71 -37.43 -46.64
CA ASP FA 496 113.35 -36.44 -45.77
C ASP FA 496 114.88 -36.62 -45.67
N GLN FA 497 115.46 -37.75 -46.10
CA GLN FA 497 116.91 -37.85 -46.29
C GLN FA 497 117.35 -36.96 -47.46
N ASN FA 498 116.54 -36.93 -48.52
CA ASN FA 498 116.53 -35.84 -49.49
C ASN FA 498 115.92 -34.56 -48.86
N ARG FA 499 116.31 -33.43 -49.47
CA ARG FA 499 115.81 -32.09 -49.04
C ARG FA 499 116.06 -31.87 -47.55
N TRP FA 500 117.18 -32.36 -46.99
CA TRP FA 500 117.52 -32.22 -45.54
C TRP FA 500 118.14 -30.84 -45.29
N TYR FA 501 117.33 -29.78 -45.38
CA TYR FA 501 117.78 -28.41 -45.20
C TYR FA 501 116.67 -27.55 -44.54
N PRO FA 502 117.00 -26.41 -43.91
CA PRO FA 502 116.02 -25.53 -43.28
C PRO FA 502 114.84 -25.14 -44.19
N CYS FA 503 113.64 -25.50 -43.77
CA CYS FA 503 112.38 -25.10 -44.41
C CYS FA 503 111.21 -25.31 -43.44
N TYR FA 504 110.06 -24.69 -43.73
CA TYR FA 504 108.89 -24.66 -42.87
C TYR FA 504 108.42 -26.05 -42.41
N GLN FA 505 108.62 -27.09 -43.23
CA GLN FA 505 108.23 -28.48 -42.86
C GLN FA 505 108.96 -28.93 -41.57
N TYR FA 506 110.20 -28.50 -41.35
CA TYR FA 506 110.94 -28.81 -40.14
C TYR FA 506 110.71 -27.81 -39.00
N GLN FA 507 110.05 -26.68 -39.24
CA GLN FA 507 109.75 -25.66 -38.22
C GLN FA 507 108.44 -25.91 -37.47
N GLN FA 508 107.53 -26.73 -38.02
CA GLN FA 508 106.15 -26.83 -37.57
C GLN FA 508 105.98 -27.13 -36.08
N GLU FA 509 106.70 -28.12 -35.54
CA GLU FA 509 106.57 -28.48 -34.13
C GLU FA 509 107.09 -27.37 -33.20
N SER FA 510 108.12 -26.62 -33.61
CA SER FA 510 108.63 -25.50 -32.80
C SER FA 510 107.62 -24.37 -32.66
N ILE FA 511 106.94 -23.96 -33.72
CA ILE FA 511 105.94 -22.90 -33.63
C ILE FA 511 104.66 -23.39 -32.95
N ASN FA 512 104.31 -24.67 -33.08
CA ASN FA 512 103.26 -25.24 -32.26
C ASN FA 512 103.63 -25.19 -30.78
N SER FA 513 104.87 -25.51 -30.43
CA SER FA 513 105.36 -25.44 -29.05
C SER FA 513 105.32 -24.02 -28.47
N ILE FA 514 105.65 -23.01 -29.28
CA ILE FA 514 105.47 -21.60 -28.89
C ILE FA 514 103.98 -21.26 -28.68
N CYS FA 515 103.08 -21.70 -29.55
CA CYS FA 515 101.64 -21.50 -29.35
C CYS FA 515 101.10 -22.21 -28.11
N LEU FA 516 101.58 -23.42 -27.80
CA LEU FA 516 101.27 -24.15 -26.58
C LEU FA 516 101.74 -23.43 -25.31
N SER FA 517 102.71 -22.52 -25.39
CA SER FA 517 103.05 -21.69 -24.25
C SER FA 517 101.95 -20.67 -23.90
N GLY FA 518 101.05 -20.35 -24.85
CA GLY FA 518 99.95 -19.43 -24.63
C GLY FA 518 98.79 -20.02 -23.83
N PRO FA 519 97.96 -19.18 -23.21
CA PRO FA 519 96.85 -19.62 -22.36
C PRO FA 519 95.72 -20.31 -23.15
N GLY FA 520 94.95 -21.11 -22.44
CA GLY FA 520 93.79 -21.86 -22.94
C GLY FA 520 94.12 -23.10 -23.76
N THR FA 521 95.36 -23.31 -24.17
CA THR FA 521 95.76 -24.44 -25.00
C THR FA 521 95.69 -25.76 -24.22
N PRO FA 522 95.01 -26.80 -24.75
CA PRO FA 522 94.72 -28.01 -23.99
C PRO FA 522 95.93 -28.93 -23.75
N LYS FA 523 95.81 -29.79 -22.73
CA LYS FA 523 96.73 -30.89 -22.44
C LYS FA 523 96.12 -32.20 -23.00
N ILE FA 524 96.77 -32.83 -23.95
CA ILE FA 524 96.31 -34.09 -24.54
C ILE FA 524 97.42 -35.14 -24.37
N PRO FA 525 97.20 -36.27 -23.67
CA PRO FA 525 98.21 -37.31 -23.54
C PRO FA 525 98.71 -37.83 -24.89
N LYS FA 526 100.00 -38.14 -25.01
CA LYS FA 526 100.57 -38.69 -26.25
C LYS FA 526 99.90 -40.00 -26.62
N GLY FA 527 99.56 -40.16 -27.90
CA GLY FA 527 98.79 -41.29 -28.43
C GLY FA 527 97.27 -41.18 -28.31
N ILE FA 528 96.73 -40.12 -27.70
CA ILE FA 528 95.29 -39.84 -27.66
C ILE FA 528 94.97 -38.74 -28.69
N THR FA 529 93.91 -38.94 -29.46
CA THR FA 529 93.35 -37.91 -30.36
C THR FA 529 92.06 -37.40 -29.76
N ALA FA 530 91.98 -36.11 -29.49
CA ALA FA 530 90.75 -35.46 -29.08
C ALA FA 530 89.92 -35.10 -30.32
N GLU FA 531 88.61 -35.14 -30.20
CA GLU FA 531 87.67 -34.94 -31.33
C GLU FA 531 86.48 -34.11 -30.86
N ALA FA 532 85.83 -33.42 -31.78
CA ALA FA 532 84.54 -32.77 -31.53
C ALA FA 532 83.63 -32.91 -32.74
N LYS FA 533 82.33 -32.98 -32.50
CA LYS FA 533 81.32 -33.10 -33.55
C LYS FA 533 80.09 -32.25 -33.28
N VAL FA 534 79.43 -31.85 -34.36
CA VAL FA 534 78.11 -31.22 -34.34
C VAL FA 534 77.16 -32.09 -35.15
N LYS FA 535 75.90 -32.18 -34.75
CA LYS FA 535 74.83 -32.69 -35.61
C LYS FA 535 74.07 -31.52 -36.19
N TYR FA 536 73.93 -31.47 -37.50
CA TYR FA 536 73.25 -30.41 -38.21
C TYR FA 536 71.94 -30.87 -38.80
N SER FA 537 71.03 -29.93 -39.00
CA SER FA 537 69.80 -30.12 -39.76
C SER FA 537 69.50 -28.84 -40.54
N PHE FA 538 69.82 -28.82 -41.84
CA PHE FA 538 69.48 -27.69 -42.71
C PHE FA 538 68.09 -27.87 -43.28
N ASN FA 539 67.26 -26.83 -43.21
CA ASN FA 539 65.87 -26.91 -43.64
C ASN FA 539 65.72 -26.27 -45.02
N PHE FA 540 65.23 -27.05 -45.97
CA PHE FA 540 64.97 -26.64 -47.34
C PHE FA 540 63.54 -27.01 -47.74
N LYS FA 541 63.03 -26.35 -48.76
CA LYS FA 541 61.92 -26.84 -49.56
C LYS FA 541 62.39 -26.95 -50.99
N TRP FA 542 61.90 -27.96 -51.72
CA TRP FA 542 62.11 -28.12 -53.15
C TRP FA 542 60.82 -27.79 -53.88
N GLY FA 543 60.90 -27.04 -54.97
CA GLY FA 543 59.74 -26.55 -55.70
C GLY FA 543 59.79 -26.90 -57.17
N GLY FA 544 58.64 -27.17 -57.76
CA GLY FA 544 58.55 -27.44 -59.20
C GLY FA 544 57.14 -27.77 -59.67
N ASP FA 545 57.00 -27.96 -60.97
CA ASP FA 545 55.85 -28.65 -61.56
C ASP FA 545 55.89 -30.16 -61.21
N LEU FA 546 54.74 -30.81 -61.26
CA LEU FA 546 54.58 -32.20 -60.84
C LEU FA 546 55.50 -33.15 -61.65
N PRO FA 547 56.29 -34.03 -61.01
CA PRO FA 547 57.19 -34.95 -61.69
C PRO FA 547 56.49 -36.24 -62.17
N PRO FA 548 57.13 -37.00 -63.07
CA PRO FA 548 56.70 -38.35 -63.46
C PRO FA 548 57.01 -39.41 -62.39
N MET FA 549 56.46 -40.62 -62.55
CA MET FA 549 56.61 -41.75 -61.60
C MET FA 549 56.44 -43.11 -62.30
N SER FA 550 56.90 -44.21 -61.69
CA SER FA 550 56.79 -45.58 -62.24
C SER FA 550 56.37 -46.63 -61.20
N THR FA 551 55.96 -47.82 -61.66
CA THR FA 551 55.27 -48.84 -60.85
C THR FA 551 55.81 -50.26 -61.12
N ILE FA 552 55.53 -51.19 -60.21
CA ILE FA 552 56.04 -52.56 -60.16
C ILE FA 552 54.90 -53.57 -60.32
N THR FA 553 55.13 -54.70 -60.99
CA THR FA 553 54.11 -55.76 -61.15
C THR FA 553 53.62 -56.27 -59.80
N ASN FA 554 52.33 -56.58 -59.66
CA ASN FA 554 51.80 -57.17 -58.43
C ASN FA 554 52.27 -58.62 -58.19
N PRO FA 555 52.29 -59.55 -59.18
CA PRO FA 555 52.64 -60.95 -58.92
C PRO FA 555 54.07 -61.13 -58.46
N THR FA 556 55.04 -60.44 -59.09
CA THR FA 556 56.46 -60.50 -58.67
C THR FA 556 56.73 -59.32 -57.73
N ASP FA 557 56.31 -59.44 -56.47
CA ASP FA 557 56.46 -58.33 -55.48
C ASP FA 557 56.72 -58.94 -54.10
N GLN FA 558 56.93 -58.10 -53.08
CA GLN FA 558 57.20 -58.58 -51.70
C GLN FA 558 56.22 -59.72 -51.39
N PRO FA 559 56.67 -60.99 -51.23
CA PRO FA 559 55.77 -62.10 -51.01
C PRO FA 559 55.35 -62.25 -49.56
N THR FA 560 54.09 -62.63 -49.32
CA THR FA 560 53.63 -62.86 -47.94
C THR FA 560 54.37 -64.06 -47.33
N TYR FA 561 54.52 -64.09 -46.00
CA TYR FA 561 55.23 -65.19 -45.30
C TYR FA 561 54.68 -66.58 -45.69
N VAL FA 562 53.38 -66.67 -46.00
CA VAL FA 562 52.71 -67.89 -46.48
C VAL FA 562 53.38 -68.42 -47.75
N LYS GA 48 -10.63 -34.18 65.06
CA LYS GA 48 -9.65 -33.83 66.12
C LYS GA 48 -10.30 -33.03 67.25
N ARG GA 49 -10.72 -31.79 67.00
CA ARG GA 49 -11.48 -30.96 67.96
C ARG GA 49 -12.60 -30.21 67.25
N LEU GA 50 -13.74 -30.04 67.92
CA LEU GA 50 -14.94 -29.43 67.38
C LEU GA 50 -15.37 -28.25 68.23
N ASN GA 51 -15.99 -27.25 67.60
CA ASN GA 51 -16.70 -26.20 68.33
C ASN GA 51 -17.91 -26.80 69.06
N ILE GA 52 -18.13 -26.40 70.30
CA ILE GA 52 -19.38 -26.69 71.01
C ILE GA 52 -20.48 -25.81 70.42
N VAL GA 53 -21.63 -26.40 70.13
CA VAL GA 53 -22.78 -25.76 69.48
C VAL GA 53 -24.02 -25.96 70.34
N GLU GA 54 -24.88 -24.96 70.38
CA GLU GA 54 -26.17 -25.01 71.06
C GLU GA 54 -27.31 -24.77 70.06
N TRP GA 55 -28.45 -25.41 70.26
CA TRP GA 55 -29.64 -25.17 69.43
C TRP GA 55 -30.52 -24.11 70.07
N GLN GA 56 -30.76 -23.06 69.28
CA GLN GA 56 -31.49 -21.86 69.77
C GLN GA 56 -32.91 -22.23 70.17
N PRO GA 57 -33.45 -21.65 71.26
CA PRO GA 57 -34.79 -21.95 71.75
C PRO GA 57 -35.89 -21.41 70.82
N LYS GA 58 -37.08 -21.97 70.94
CA LYS GA 58 -38.19 -21.77 69.98
C LYS GA 58 -38.66 -20.31 69.87
N SER GA 59 -38.74 -19.59 70.98
CA SER GA 59 -39.05 -18.16 71.01
C SER GA 59 -38.07 -17.40 71.89
N ILE GA 60 -37.65 -16.21 71.43
CA ILE GA 60 -36.63 -15.37 72.05
C ILE GA 60 -37.14 -13.93 72.14
N ARG GA 61 -36.90 -13.26 73.29
CA ARG GA 61 -37.32 -11.84 73.50
C ARG GA 61 -36.24 -10.99 74.19
N LYS GA 62 -35.60 -10.07 73.47
CA LYS GA 62 -34.59 -9.15 74.03
C LYS GA 62 -35.20 -8.30 75.14
N CYS GA 63 -34.47 -8.10 76.24
CA CYS GA 63 -34.86 -7.23 77.33
C CYS GA 63 -33.65 -6.46 77.87
N ARG GA 64 -33.76 -5.11 77.82
CA ARG GA 64 -32.72 -4.23 78.44
C ARG GA 64 -33.21 -3.74 79.80
N ILE GA 65 -32.66 -4.28 80.89
CA ILE GA 65 -33.01 -3.83 82.24
C ILE GA 65 -32.30 -2.49 82.46
N LYS GA 66 -33.05 -1.39 82.37
CA LYS GA 66 -32.54 0.00 82.39
C LYS GA 66 -32.89 0.67 83.71
N GLY GA 67 -31.96 1.37 84.32
CA GLY GA 67 -32.23 2.06 85.58
C GLY GA 67 -31.09 2.92 86.07
N MET GA 68 -31.22 3.44 87.28
CA MET GA 68 -30.29 4.37 87.91
C MET GA 68 -29.79 3.79 89.23
N LEU GA 69 -28.49 3.81 89.50
CA LEU GA 69 -27.88 3.30 90.73
C LEU GA 69 -27.11 4.40 91.44
N CYS GA 70 -27.36 4.60 92.73
CA CYS GA 70 -26.59 5.49 93.58
C CYS GA 70 -25.24 4.86 93.94
N LEU GA 71 -24.12 5.51 93.60
CA LEU GA 71 -22.79 4.99 93.89
C LEU GA 71 -22.35 5.30 95.32
N PHE GA 72 -22.61 6.52 95.79
CA PHE GA 72 -22.47 6.91 97.18
C PHE GA 72 -23.37 8.11 97.44
N GLN GA 73 -23.68 8.35 98.71
CA GLN GA 73 -24.15 9.64 99.16
C GLN GA 73 -23.55 9.91 100.53
N THR GA 74 -22.79 10.98 100.66
CA THR GA 74 -21.83 11.19 101.75
C THR GA 74 -21.84 12.60 102.28
N THR GA 75 -21.63 12.74 103.58
CA THR GA 75 -21.14 13.96 104.24
C THR GA 75 -19.64 13.80 104.51
N GLU GA 76 -18.96 14.85 104.99
CA GLU GA 76 -17.54 14.81 105.32
C GLU GA 76 -17.20 13.81 106.44
N ASP GA 77 -18.07 13.69 107.44
CA ASP GA 77 -17.90 12.80 108.59
C ASP GA 77 -18.19 11.31 108.30
N ARG GA 78 -18.55 10.98 107.05
CA ARG GA 78 -18.77 9.61 106.59
C ARG GA 78 -17.89 9.21 105.40
N LEU GA 79 -16.93 10.02 104.99
CA LEU GA 79 -16.12 9.76 103.79
C LEU GA 79 -15.34 8.45 103.83
N SER GA 80 -14.82 8.05 104.98
CA SER GA 80 -14.03 6.82 105.12
C SER GA 80 -14.84 5.53 105.26
N TYR GA 81 -16.18 5.59 105.17
CA TYR GA 81 -17.07 4.45 105.39
C TYR GA 81 -17.77 4.01 104.10
N ASN GA 82 -18.10 2.72 104.02
CA ASN GA 82 -18.82 2.12 102.91
C ASN GA 82 -20.31 2.52 102.92
N PHE GA 83 -20.80 3.08 101.82
CA PHE GA 83 -22.22 3.36 101.59
C PHE GA 83 -22.99 2.09 101.22
N ASP GA 84 -23.90 1.69 102.09
CA ASP GA 84 -24.99 0.76 101.78
C ASP GA 84 -26.30 1.55 101.74
N MET GA 85 -27.06 1.42 100.65
CA MET GA 85 -28.35 2.09 100.50
C MET GA 85 -29.44 1.44 101.37
N TYR GA 86 -29.29 0.15 101.66
CA TYR GA 86 -30.15 -0.64 102.52
C TYR GA 86 -29.39 -0.94 103.82
N GLU GA 87 -29.81 -0.29 104.89
CA GLU GA 87 -28.98 0.08 106.03
C GLU GA 87 -28.89 -0.91 107.19
N GLU GA 88 -27.86 -0.76 108.01
CA GLU GA 88 -27.92 -1.13 109.43
C GLU GA 88 -28.75 -0.02 110.09
N SER GA 89 -29.94 -0.34 110.63
CA SER GA 89 -31.06 0.59 110.85
C SER GA 89 -30.76 1.86 111.67
N ILE GA 90 -29.67 1.89 112.43
CA ILE GA 90 -29.20 3.08 113.15
C ILE GA 90 -28.48 4.09 112.24
N ILE GA 91 -27.79 3.66 111.18
CA ILE GA 91 -26.95 4.54 110.34
C ILE GA 91 -27.74 5.72 109.76
N PRO GA 92 -28.91 5.56 109.10
CA PRO GA 92 -29.61 6.71 108.55
C PRO GA 92 -30.29 7.60 109.59
N GLU GA 93 -30.39 7.19 110.86
CA GLU GA 93 -30.96 8.05 111.90
C GLU GA 93 -30.05 9.24 112.18
N LYS GA 94 -30.48 10.42 111.74
CA LYS GA 94 -29.74 11.69 111.82
C LYS GA 94 -28.40 11.70 111.05
N LEU GA 95 -28.26 10.86 110.01
CA LEU GA 95 -27.23 11.04 108.97
C LEU GA 95 -27.86 11.11 107.56
N PRO GA 96 -27.65 12.19 106.79
CA PRO GA 96 -28.20 12.32 105.45
C PRO GA 96 -27.42 11.54 104.37
N GLY GA 97 -26.19 11.11 104.65
CA GLY GA 97 -25.39 10.25 103.78
C GLY GA 97 -24.52 9.28 104.57
N GLY GA 98 -24.54 8.00 104.22
CA GLY GA 98 -23.96 6.93 105.04
C GLY GA 98 -22.50 6.60 104.77
N GLY GA 99 -21.93 6.98 103.63
CA GLY GA 99 -20.58 6.57 103.28
C GLY GA 99 -20.04 7.21 102.00
N GLY GA 100 -18.73 7.41 101.91
CA GLY GA 100 -18.06 8.07 100.78
C GLY GA 100 -17.43 7.15 99.76
N PHE GA 101 -17.51 5.85 99.96
CA PHE GA 101 -17.14 4.86 98.95
C PHE GA 101 -18.16 3.74 98.97
N SER GA 102 -18.27 2.96 97.89
CA SER GA 102 -19.04 1.71 97.95
C SER GA 102 -18.40 0.63 97.10
N ILE GA 103 -18.71 -0.61 97.46
CA ILE GA 103 -18.57 -1.76 96.57
C ILE GA 103 -19.98 -2.29 96.30
N LYS GA 104 -20.39 -2.28 95.03
CA LYS GA 104 -21.68 -2.79 94.55
C LYS GA 104 -21.46 -4.10 93.83
N ASN GA 105 -22.20 -5.15 94.15
CA ASN GA 105 -22.32 -6.34 93.31
C ASN GA 105 -23.72 -6.35 92.68
N ILE GA 106 -23.79 -6.51 91.36
CA ILE GA 106 -25.05 -6.57 90.62
C ILE GA 106 -25.29 -7.99 90.14
N SER GA 107 -26.49 -8.51 90.40
CA SER GA 107 -26.98 -9.80 89.92
C SER GA 107 -28.40 -9.64 89.41
N LEU GA 108 -28.88 -10.55 88.58
CA LEU GA 108 -30.25 -10.51 88.06
C LEU GA 108 -31.30 -10.50 89.17
N TYR GA 109 -31.04 -11.14 90.31
CA TYR GA 109 -31.91 -11.03 91.47
C TYR GA 109 -31.86 -9.66 92.13
N ALA GA 110 -30.68 -9.03 92.24
CA ALA GA 110 -30.57 -7.65 92.71
C ALA GA 110 -31.25 -6.66 91.74
N LEU GA 111 -31.18 -6.89 90.43
CA LEU GA 111 -31.95 -6.11 89.45
C LEU GA 111 -33.47 -6.27 89.63
N TYR GA 112 -33.95 -7.47 89.91
CA TYR GA 112 -35.34 -7.69 90.29
C TYR GA 112 -35.72 -6.98 91.60
N GLN GA 113 -34.86 -7.00 92.62
CA GLN GA 113 -35.10 -6.25 93.85
C GLN GA 113 -35.16 -4.73 93.61
N GLU GA 114 -34.31 -4.19 92.76
CA GLU GA 114 -34.38 -2.78 92.36
C GLU GA 114 -35.67 -2.47 91.58
N HIS GA 115 -36.27 -3.46 90.90
CA HIS GA 115 -37.58 -3.27 90.21
C HIS GA 115 -38.70 -3.19 91.25
N ILE GA 116 -38.58 -3.86 92.39
CA ILE GA 116 -39.54 -3.75 93.49
C ILE GA 116 -39.48 -2.37 94.15
N HIS GA 117 -38.31 -1.73 94.19
CA HIS GA 117 -38.16 -0.32 94.59
C HIS GA 117 -38.53 0.68 93.49
N ALA GA 118 -38.97 0.22 92.33
CA ALA GA 118 -39.24 1.03 91.14
C ALA GA 118 -38.02 1.80 90.61
N HIS GA 119 -36.80 1.34 90.89
CA HIS GA 119 -35.56 1.98 90.46
C HIS GA 119 -35.14 1.62 89.02
N ASN GA 120 -35.78 0.63 88.41
CA ASN GA 120 -35.52 0.24 87.02
C ASN GA 120 -36.79 -0.20 86.29
N ILE GA 121 -36.68 -0.29 84.97
CA ILE GA 121 -37.66 -0.91 84.09
C ILE GA 121 -37.05 -2.16 83.46
N PHE GA 122 -37.87 -3.17 83.20
CA PHE GA 122 -37.54 -4.27 82.31
C PHE GA 122 -38.23 -4.02 80.97
N THR GA 123 -37.47 -3.89 79.89
CA THR GA 123 -38.03 -3.58 78.56
C THR GA 123 -38.97 -4.68 78.03
N HIS GA 124 -38.79 -5.89 78.52
CA HIS GA 124 -39.69 -7.01 78.21
C HIS GA 124 -39.80 -7.86 79.47
N THR GA 125 -40.99 -8.32 79.83
CA THR GA 125 -41.19 -9.26 80.95
C THR GA 125 -40.57 -10.63 80.65
N ASN GA 126 -40.33 -11.39 81.72
CA ASN GA 126 -39.71 -12.71 81.69
C ASN GA 126 -40.64 -13.81 82.22
N THR GA 127 -41.95 -13.56 82.36
CA THR GA 127 -42.85 -14.39 83.18
C THR GA 127 -42.98 -15.83 82.69
N ASP GA 128 -42.95 -16.04 81.37
CA ASP GA 128 -43.23 -17.35 80.75
C ASP GA 128 -42.09 -17.84 79.84
N ARG GA 129 -40.90 -17.23 79.98
CA ARG GA 129 -39.68 -17.66 79.24
C ARG GA 129 -38.62 -17.90 80.32
N PRO GA 130 -38.31 -19.16 80.72
CA PRO GA 130 -37.48 -19.44 81.88
C PRO GA 130 -35.97 -19.38 81.62
N LEU GA 131 -35.54 -19.43 80.35
CA LEU GA 131 -34.14 -19.31 79.97
C LEU GA 131 -33.70 -17.85 79.89
N ALA GA 132 -32.43 -17.59 80.16
CA ALA GA 132 -31.79 -16.30 80.03
C ALA GA 132 -30.46 -16.41 79.31
N ARG GA 133 -30.12 -15.38 78.52
CA ARG GA 133 -28.83 -15.29 77.78
C ARG GA 133 -28.27 -13.87 77.98
N TYR GA 134 -27.45 -13.66 79.02
CA TYR GA 134 -26.85 -12.37 79.34
C TYR GA 134 -25.76 -11.98 78.33
N THR GA 135 -25.81 -10.77 77.80
CA THR GA 135 -24.94 -10.32 76.70
C THR GA 135 -23.94 -9.23 77.12
N GLY GA 136 -24.08 -8.67 78.32
CA GLY GA 136 -23.21 -7.60 78.83
C GLY GA 136 -23.99 -6.38 79.29
N CYS GA 137 -23.28 -5.35 79.69
CA CYS GA 137 -23.82 -4.16 80.31
C CYS GA 137 -23.30 -2.88 79.64
N SER GA 138 -24.11 -1.84 79.59
CA SER GA 138 -23.66 -0.46 79.35
C SER GA 138 -23.83 0.36 80.62
N LEU GA 139 -22.80 1.08 81.03
CA LEU GA 139 -22.88 2.05 82.13
C LEU GA 139 -22.66 3.46 81.58
N LYS GA 140 -23.46 4.44 82.04
CA LYS GA 140 -23.21 5.87 81.89
C LYS GA 140 -22.98 6.48 83.26
N PHE GA 141 -21.77 6.93 83.54
CA PHE GA 141 -21.39 7.57 84.79
C PHE GA 141 -21.56 9.07 84.64
N TYR GA 142 -22.37 9.71 85.48
CA TYR GA 142 -22.64 11.14 85.37
C TYR GA 142 -21.69 11.96 86.23
N GLN GA 143 -21.25 13.11 85.70
CA GLN GA 143 -20.59 14.12 86.52
C GLN GA 143 -21.54 14.59 87.61
N SER GA 144 -21.13 14.50 88.88
CA SER GA 144 -21.84 15.18 89.95
C SER GA 144 -21.63 16.69 89.88
N LYS GA 145 -22.50 17.45 90.52
CA LYS GA 145 -22.35 18.91 90.58
C LYS GA 145 -21.11 19.32 91.38
N ASP GA 146 -20.97 18.80 92.60
CA ASP GA 146 -20.03 19.31 93.61
C ASP GA 146 -18.82 18.41 93.91
N ILE GA 147 -18.85 17.13 93.54
CA ILE GA 147 -17.78 16.18 93.95
C ILE GA 147 -17.25 15.35 92.76
N ASP GA 148 -15.94 15.09 92.74
CA ASP GA 148 -15.33 14.24 91.69
C ASP GA 148 -15.43 12.81 92.22
N TYR GA 149 -15.10 11.79 91.44
CA TYR GA 149 -15.09 10.41 92.00
C TYR GA 149 -14.42 9.43 91.07
N VAL GA 150 -13.68 8.48 91.63
CA VAL GA 150 -13.00 7.41 90.89
C VAL GA 150 -13.90 6.20 90.89
N VAL GA 151 -14.03 5.54 89.74
CA VAL GA 151 -14.67 4.23 89.61
C VAL GA 151 -13.66 3.22 89.12
N THR GA 152 -13.73 1.99 89.59
CA THR GA 152 -13.20 0.84 88.87
C THR GA 152 -14.15 -0.33 89.03
N TYR GA 153 -14.20 -1.22 88.04
CA TYR GA 153 -15.15 -2.31 88.01
C TYR GA 153 -14.45 -3.61 87.65
N SER GA 154 -15.05 -4.73 88.02
CA SER GA 154 -14.53 -6.05 87.74
C SER GA 154 -15.66 -6.99 87.37
N THR GA 155 -15.34 -8.10 86.66
CA THR GA 155 -16.34 -9.13 86.30
C THR GA 155 -15.75 -10.52 86.53
N SER GA 156 -14.70 -10.64 87.36
CA SER GA 156 -14.20 -11.99 87.72
C SER GA 156 -15.35 -12.71 88.44
N LEU GA 157 -15.94 -13.73 87.81
CA LEU GA 157 -17.14 -14.40 88.40
C LEU GA 157 -16.89 -14.69 89.89
N PRO GA 158 -15.71 -15.21 90.31
CA PRO GA 158 -15.45 -15.41 91.72
C PRO GA 158 -15.59 -14.07 92.46
N LEU GA 159 -16.55 -13.98 93.38
CA LEU GA 159 -16.81 -12.72 94.14
C LEU GA 159 -16.32 -12.90 95.59
N ARG GA 160 -15.46 -11.98 96.06
CA ARG GA 160 -14.95 -12.03 97.46
C ARG GA 160 -14.45 -10.64 97.87
N SER GA 161 -14.32 -10.38 99.18
CA SER GA 161 -13.82 -9.10 99.70
C SER GA 161 -12.42 -9.31 100.29
N SER GA 162 -11.59 -8.27 100.34
CA SER GA 162 -10.21 -8.38 100.88
C SER GA 162 -9.84 -7.13 101.67
N MET GA 163 -8.92 -7.25 102.63
CA MET GA 163 -8.44 -6.10 103.40
C MET GA 163 -7.70 -5.09 102.52
N GLY GA 164 -6.90 -5.59 101.57
CA GLY GA 164 -6.22 -4.76 100.57
C GLY GA 164 -7.19 -4.06 99.62
N MET GA 165 -8.30 -4.69 99.24
CA MET GA 165 -9.36 -4.01 98.47
C MET GA 165 -9.91 -2.81 99.24
N TYR GA 166 -10.32 -3.00 100.49
CA TYR GA 166 -10.92 -1.91 101.28
C TYR GA 166 -9.92 -0.77 101.55
N ASN GA 167 -8.65 -1.06 101.84
CA ASN GA 167 -7.64 -0.01 101.93
C ASN GA 167 -7.43 0.69 100.58
N SER GA 168 -7.38 -0.06 99.48
CA SER GA 168 -7.19 0.53 98.15
C SER GA 168 -8.36 1.40 97.67
N MET GA 169 -9.51 1.38 98.36
CA MET GA 169 -10.59 2.34 98.15
C MET GA 169 -10.23 3.77 98.58
N GLN GA 170 -9.14 3.98 99.32
CA GLN GA 170 -8.70 5.31 99.71
C GLN GA 170 -8.51 6.16 98.44
N PRO GA 171 -9.03 7.39 98.37
CA PRO GA 171 -9.14 8.10 97.09
C PRO GA 171 -7.84 8.27 96.32
N SER GA 172 -6.72 8.55 96.99
CA SER GA 172 -5.41 8.67 96.36
C SER GA 172 -4.92 7.33 95.81
N ILE GA 173 -5.13 6.23 96.55
CA ILE GA 173 -4.71 4.90 96.14
C ILE GA 173 -5.57 4.39 94.99
N HIS GA 174 -6.88 4.55 95.06
CA HIS GA 174 -7.80 4.20 93.98
C HIS GA 174 -7.48 5.00 92.72
N LEU GA 175 -7.22 6.30 92.84
CA LEU GA 175 -6.81 7.14 91.71
C LEU GA 175 -5.47 6.71 91.07
N MET GA 176 -4.58 6.01 91.78
CA MET GA 176 -3.37 5.47 91.17
C MET GA 176 -3.59 4.15 90.41
N GLN GA 177 -4.65 3.40 90.67
CA GLN GA 177 -4.85 2.08 90.07
C GLN GA 177 -5.01 2.12 88.55
N GLN GA 178 -4.64 1.03 87.89
CA GLN GA 178 -4.88 0.84 86.46
C GLN GA 178 -6.36 0.52 86.19
N ASN GA 179 -6.83 0.89 85.00
CA ASN GA 179 -8.24 0.74 84.58
C ASN GA 179 -9.23 1.39 85.55
N LYS GA 180 -8.81 2.48 86.20
CA LYS GA 180 -9.68 3.46 86.83
C LYS GA 180 -10.46 4.24 85.78
N LEU GA 181 -11.56 4.84 86.19
CA LEU GA 181 -12.25 5.91 85.51
C LEU GA 181 -12.39 7.07 86.48
N ILE GA 182 -11.90 8.26 86.12
CA ILE GA 182 -12.08 9.47 86.92
C ILE GA 182 -13.23 10.24 86.31
N VAL GA 183 -14.19 10.64 87.14
CA VAL GA 183 -15.30 11.50 86.74
C VAL GA 183 -15.15 12.83 87.47
N PRO GA 184 -14.64 13.89 86.81
CA PRO GA 184 -14.60 15.21 87.39
C PRO GA 184 -16.02 15.72 87.63
N SER GA 185 -16.23 16.51 88.67
CA SER GA 185 -17.46 17.25 88.84
C SER GA 185 -17.67 18.26 87.72
N LYS GA 186 -18.90 18.74 87.53
CA LYS GA 186 -19.21 19.81 86.58
C LYS GA 186 -18.46 21.10 86.90
N GLN GA 187 -18.16 21.34 88.17
CA GLN GA 187 -17.31 22.44 88.63
C GLN GA 187 -15.84 22.28 88.21
N THR GA 188 -15.23 21.10 88.38
CA THR GA 188 -13.81 20.92 88.03
C THR GA 188 -13.57 20.77 86.53
N GLN GA 189 -14.53 20.26 85.74
CA GLN GA 189 -14.42 20.25 84.29
C GLN GA 189 -15.78 20.27 83.60
N LYS GA 190 -16.06 21.31 82.81
CA LYS GA 190 -17.17 21.32 81.85
C LYS GA 190 -16.82 20.46 80.64
N ARG GA 191 -17.74 19.62 80.18
CA ARG GA 191 -17.53 18.62 79.12
C ARG GA 191 -18.61 18.72 78.05
N ARG GA 192 -18.31 18.25 76.83
CA ARG GA 192 -19.29 18.13 75.74
C ARG GA 192 -20.43 17.20 76.12
N LYS GA 193 -20.10 15.97 76.53
CA LYS GA 193 -21.07 15.01 77.07
C LYS GA 193 -20.98 15.04 78.60
N PRO GA 194 -22.10 15.15 79.33
CA PRO GA 194 -22.10 15.28 80.78
C PRO GA 194 -21.89 13.95 81.53
N TYR GA 195 -21.49 12.89 80.82
CA TYR GA 195 -21.34 11.53 81.32
C TYR GA 195 -20.17 10.85 80.62
N ILE GA 196 -19.64 9.79 81.23
CA ILE GA 196 -18.69 8.88 80.58
C ILE GA 196 -19.36 7.51 80.42
N LYS GA 197 -19.37 6.98 79.20
CA LYS GA 197 -20.07 5.76 78.80
C LYS GA 197 -19.08 4.66 78.50
N LYS GA 198 -19.28 3.47 79.06
CA LYS GA 198 -18.53 2.28 78.64
C LYS GA 198 -19.29 0.97 78.76
N HIS GA 199 -18.95 0.05 77.87
CA HIS GA 199 -19.57 -1.27 77.74
C HIS GA 199 -18.72 -2.30 78.47
N ILE GA 200 -19.36 -3.16 79.23
CA ILE GA 200 -18.74 -4.18 80.07
C ILE GA 200 -19.23 -5.55 79.63
N SER GA 201 -18.30 -6.44 79.29
CA SER GA 201 -18.58 -7.80 78.83
C SER GA 201 -19.03 -8.71 79.99
N PRO GA 202 -19.74 -9.82 79.77
CA PRO GA 202 -20.07 -10.76 80.84
C PRO GA 202 -18.83 -11.29 81.58
N PRO GA 203 -18.98 -11.78 82.81
CA PRO GA 203 -17.95 -12.57 83.48
C PRO GA 203 -17.41 -13.68 82.57
N THR GA 204 -16.12 -13.99 82.62
CA THR GA 204 -15.54 -15.02 81.74
C THR GA 204 -16.18 -16.40 81.96
N GLN GA 205 -16.72 -16.64 83.17
CA GLN GA 205 -17.42 -17.91 83.53
C GLN GA 205 -18.85 -17.93 82.97
N MET GA 206 -19.45 -16.77 82.71
CA MET GA 206 -20.74 -16.68 82.02
C MET GA 206 -20.51 -16.75 80.51
N LYS GA 207 -20.69 -17.92 79.92
CA LYS GA 207 -20.52 -18.13 78.48
C LYS GA 207 -21.74 -17.61 77.71
N SER GA 208 -21.67 -17.54 76.39
CA SER GA 208 -22.78 -17.04 75.57
C SER GA 208 -24.00 -17.98 75.53
N GLN GA 209 -23.91 -19.18 76.10
CA GLN GA 209 -25.00 -20.16 76.16
C GLN GA 209 -26.24 -19.63 76.91
N TRP GA 210 -27.38 -20.28 76.71
CA TRP GA 210 -28.56 -20.11 77.54
C TRP GA 210 -28.39 -20.74 78.91
N TYR GA 211 -28.97 -20.14 79.94
CA TYR GA 211 -29.00 -20.63 81.31
C TYR GA 211 -30.40 -20.49 81.88
N PHE GA 212 -30.88 -21.42 82.68
CA PHE GA 212 -32.11 -21.18 83.45
C PHE GA 212 -31.94 -19.95 84.35
N GLN GA 213 -32.96 -19.07 84.38
CA GLN GA 213 -32.92 -17.84 85.20
C GLN GA 213 -32.79 -18.19 86.69
N HIS GA 214 -33.27 -19.36 87.14
CA HIS GA 214 -33.16 -19.82 88.55
C HIS GA 214 -31.68 -20.06 88.90
N ASN GA 215 -30.88 -20.55 87.95
CA ASN GA 215 -29.48 -20.85 88.18
C ASN GA 215 -28.63 -19.57 88.25
N ILE GA 216 -28.79 -18.68 87.27
CA ILE GA 216 -28.00 -17.44 87.19
C ILE GA 216 -28.51 -16.29 88.06
N ALA GA 217 -29.68 -16.40 88.69
CA ALA GA 217 -30.30 -15.31 89.45
C ALA GA 217 -29.34 -14.63 90.42
N ASN GA 218 -28.59 -15.41 91.22
CA ASN GA 218 -27.72 -14.90 92.27
C ASN GA 218 -26.24 -14.75 91.87
N ILE GA 219 -25.85 -15.16 90.67
CA ILE GA 219 -24.47 -15.03 90.18
C ILE GA 219 -24.14 -13.54 89.99
N PRO GA 220 -23.12 -12.97 90.66
CA PRO GA 220 -22.81 -11.55 90.53
C PRO GA 220 -22.13 -11.28 89.18
N LEU GA 221 -22.82 -10.56 88.28
CA LEU GA 221 -22.34 -10.34 86.88
C LEU GA 221 -21.52 -9.05 86.73
N LEU GA 222 -21.48 -8.21 87.75
CA LEU GA 222 -20.69 -6.99 87.76
C LEU GA 222 -20.35 -6.59 89.20
N MET GA 223 -19.11 -6.17 89.45
CA MET GA 223 -18.76 -5.39 90.64
C MET GA 223 -18.36 -3.97 90.26
N ILE GA 224 -18.94 -2.96 90.90
CA ILE GA 224 -18.53 -1.56 90.76
C ILE GA 224 -17.93 -1.10 92.08
N ARG GA 225 -16.73 -0.54 92.06
CA ARG GA 225 -16.07 0.10 93.20
C ARG GA 225 -15.98 1.59 92.95
N THR GA 226 -16.47 2.42 93.86
CA THR GA 226 -16.47 3.89 93.71
C THR GA 226 -15.97 4.56 94.97
N THR GA 227 -15.18 5.62 94.86
CA THR GA 227 -14.75 6.45 95.99
C THR GA 227 -14.86 7.92 95.65
N ALA GA 228 -15.32 8.73 96.60
CA ALA GA 228 -15.42 10.18 96.50
C ALA GA 228 -14.05 10.87 96.64
N LEU GA 229 -13.82 11.92 95.88
CA LEU GA 229 -12.51 12.46 95.58
C LEU GA 229 -12.56 14.00 95.49
N THR GA 230 -11.44 14.69 95.70
CA THR GA 230 -11.26 16.00 95.08
C THR GA 230 -9.92 16.09 94.36
N LEU GA 231 -9.94 16.57 93.13
CA LEU GA 231 -8.76 16.82 92.32
C LEU GA 231 -8.12 18.18 92.63
N ASP GA 232 -8.92 19.24 92.84
CA ASP GA 232 -8.44 20.61 93.09
C ASP GA 232 -7.99 20.87 94.54
N ASN GA 233 -8.41 20.05 95.49
CA ASN GA 233 -8.06 20.14 96.91
C ASN GA 233 -7.32 18.88 97.37
N TYR GA 234 -6.61 18.21 96.47
CA TYR GA 234 -6.04 16.88 96.69
C TYR GA 234 -5.17 16.78 97.95
N TYR GA 235 -4.30 17.76 98.22
CA TYR GA 235 -3.43 17.74 99.40
C TYR GA 235 -4.07 18.39 100.62
N ILE GA 236 -4.61 19.60 100.47
CA ILE GA 236 -5.20 20.35 101.58
C ILE GA 236 -6.47 19.66 102.10
N GLY GA 237 -7.32 19.15 101.20
CA GLY GA 237 -8.56 18.46 101.54
C GLY GA 237 -9.49 19.39 102.30
N SER GA 238 -9.79 19.04 103.55
CA SER GA 238 -10.53 19.88 104.49
C SER GA 238 -9.71 20.33 105.72
N ARG GA 239 -8.38 20.34 105.61
CA ARG GA 239 -7.45 20.86 106.63
C ARG GA 239 -7.82 22.28 107.04
N GLN GA 240 -7.75 22.56 108.34
CA GLN GA 240 -7.90 23.89 108.93
C GLN GA 240 -6.67 24.18 109.81
N LEU GA 241 -6.14 25.40 109.78
CA LEU GA 241 -4.94 25.80 110.52
C LEU GA 241 -3.74 24.87 110.20
N SER GA 242 -3.12 24.25 111.20
CA SER GA 242 -1.95 23.39 111.07
C SER GA 242 -2.21 22.12 110.23
N THR GA 243 -1.15 21.54 109.65
CA THR GA 243 -1.23 20.21 109.02
C THR GA 243 -1.50 19.09 110.04
N ASN GA 244 -1.10 19.29 111.30
CA ASN GA 244 -1.34 18.34 112.39
C ASN GA 244 -2.83 18.23 112.72
N VAL GA 245 -3.32 17.01 112.89
CA VAL GA 245 -4.65 16.70 113.44
C VAL GA 245 -4.50 16.23 114.89
N THR GA 246 -5.42 16.61 115.76
CA THR GA 246 -5.43 16.18 117.16
C THR GA 246 -6.31 14.94 117.34
N ILE GA 247 -5.74 13.89 117.91
CA ILE GA 247 -6.44 12.64 118.24
C ILE GA 247 -6.60 12.59 119.75
N HIS GA 248 -7.82 12.29 120.25
CA HIS GA 248 -8.02 12.05 121.70
C HIS GA 248 -7.84 10.54 121.88
N THR GA 249 -7.33 10.08 123.03
CA THR GA 249 -7.20 8.65 123.34
C THR GA 249 -7.39 8.36 124.82
N LEU GA 250 -7.72 7.11 125.16
CA LEU GA 250 -7.78 6.69 126.57
C LEU GA 250 -6.34 6.47 127.02
N ASN GA 251 -5.89 7.11 128.11
CA ASN GA 251 -4.55 6.83 128.66
C ASN GA 251 -4.40 5.31 128.73
N THR GA 252 -3.40 4.73 128.08
CA THR GA 252 -3.18 3.26 128.05
C THR GA 252 -2.49 2.87 129.33
N THR GA 253 -1.67 3.74 129.92
CA THR GA 253 -0.85 3.44 131.10
C THR GA 253 -1.65 3.39 132.42
N TYR GA 254 -2.97 3.66 132.38
CA TYR GA 254 -3.83 3.64 133.57
C TYR GA 254 -5.19 2.99 133.32
N ILE GA 255 -5.82 3.22 132.17
CA ILE GA 255 -7.13 2.65 131.81
C ILE GA 255 -6.91 1.35 131.01
N GLN GA 256 -6.97 0.17 131.63
CA GLN GA 256 -6.68 -1.07 130.87
C GLN GA 256 -7.64 -2.22 131.19
N ASN GA 257 -8.44 -2.11 132.24
CA ASN GA 257 -9.20 -3.28 132.67
C ASN GA 257 -10.34 -3.70 131.74
N ARG GA 258 -10.86 -2.79 130.90
CA ARG GA 258 -11.93 -3.08 129.90
C ARG GA 258 -13.16 -3.76 130.54
N ASP GA 259 -13.45 -3.48 131.82
CA ASP GA 259 -14.63 -4.05 132.51
C ASP GA 259 -15.84 -3.11 132.43
N TRP GA 260 -16.27 -2.74 131.23
CA TRP GA 260 -17.23 -1.65 131.01
C TRP GA 260 -18.70 -2.05 130.92
N GLY GA 261 -19.57 -1.08 131.20
CA GLY GA 261 -21.00 -1.16 130.86
C GLY GA 261 -21.87 -1.94 131.85
N ASP GA 262 -21.54 -1.93 133.14
CA ASP GA 262 -22.39 -2.43 134.23
C ASP GA 262 -22.54 -1.38 135.35
N ARG GA 263 -23.74 -1.27 135.94
CA ARG GA 263 -23.94 -0.46 137.17
C ARG GA 263 -23.84 -1.45 138.34
N ASN GA 264 -23.62 -2.74 138.06
CA ASN GA 264 -23.54 -3.83 139.03
C ASN GA 264 -22.10 -4.13 139.49
N LYS GA 265 -21.12 -3.27 139.15
CA LYS GA 265 -19.68 -3.50 139.36
C LYS GA 265 -18.98 -2.19 139.70
N THR GA 266 -18.28 -2.11 140.82
CA THR GA 266 -17.40 -0.97 141.13
C THR GA 266 -16.21 -0.96 140.16
N TYR GA 267 -16.00 0.12 139.41
CA TYR GA 267 -14.97 0.16 138.38
C TYR GA 267 -13.57 0.39 138.97
N TYR GA 268 -12.61 -0.34 138.43
CA TYR GA 268 -11.19 -0.25 138.75
C TYR GA 268 -10.43 -0.18 137.43
N CYS GA 269 -9.46 0.72 137.31
CA CYS GA 269 -8.89 1.10 136.01
C CYS GA 269 -7.76 0.16 135.54
N GLN GA 270 -6.93 -0.32 136.45
CA GLN GA 270 -5.87 -1.29 136.15
C GLN GA 270 -5.62 -2.27 137.29
N THR GA 271 -5.03 -3.41 136.96
CA THR GA 271 -4.40 -4.34 137.91
C THR GA 271 -2.89 -4.34 137.68
N LEU GA 272 -2.11 -4.30 138.76
CA LEU GA 272 -0.65 -4.53 138.71
C LEU GA 272 -0.27 -5.52 139.82
N GLY GA 273 0.49 -6.56 139.49
CA GLY GA 273 0.71 -7.68 140.41
C GLY GA 273 -0.61 -8.31 140.86
N THR GA 274 -0.89 -8.28 142.16
CA THR GA 274 -2.19 -8.66 142.74
C THR GA 274 -3.15 -7.48 142.96
N GLN GA 275 -2.68 -6.24 142.85
CA GLN GA 275 -3.44 -5.05 143.23
C GLN GA 275 -4.55 -4.70 142.22
N ARG GA 276 -5.50 -3.88 142.66
CA ARG GA 276 -6.45 -3.13 141.82
C ARG GA 276 -6.27 -1.63 142.10
N TYR GA 277 -6.43 -0.81 141.08
CA TYR GA 277 -6.31 0.66 141.18
C TYR GA 277 -7.61 1.32 140.79
N PHE GA 278 -7.90 2.43 141.45
CA PHE GA 278 -9.20 3.08 141.50
C PHE GA 278 -9.06 4.58 141.28
N LEU GA 279 -10.12 5.17 140.74
CA LEU GA 279 -10.19 6.58 140.38
C LEU GA 279 -11.24 7.28 141.25
N TYR GA 280 -11.00 8.52 141.63
CA TYR GA 280 -11.93 9.35 142.39
C TYR GA 280 -11.97 10.77 141.82
N GLY GA 281 -13.14 11.35 141.65
CA GLY GA 281 -13.29 12.75 141.26
C GLY GA 281 -13.35 13.66 142.48
N THR GA 282 -12.97 14.92 142.36
CA THR GA 282 -13.25 15.91 143.41
C THR GA 282 -13.51 17.29 142.81
N HIS GA 283 -14.30 18.11 143.51
CA HIS GA 283 -14.51 19.54 143.11
C HIS GA 283 -13.60 20.39 144.01
N SER GA 284 -12.79 19.76 144.87
CA SER GA 284 -11.94 20.48 145.82
C SER GA 284 -10.96 21.43 145.13
N THR GA 285 -10.81 22.61 145.72
CA THR GA 285 -9.79 23.61 145.34
C THR GA 285 -8.42 23.33 145.98
N ALA GA 286 -8.28 22.27 146.78
CA ALA GA 286 -7.04 21.93 147.46
C ALA GA 286 -5.89 21.71 146.46
N GLN GA 287 -4.76 22.37 146.70
CA GLN GA 287 -3.59 22.32 145.82
C GLN GA 287 -2.73 21.07 146.05
N ASN GA 288 -2.76 20.49 147.26
CA ASN GA 288 -1.88 19.40 147.66
C ASN GA 288 -2.66 18.08 147.75
N ILE GA 289 -2.23 17.07 147.00
CA ILE GA 289 -2.85 15.74 146.95
C ILE GA 289 -2.89 15.04 148.33
N ASN GA 290 -1.97 15.39 149.23
CA ASN GA 290 -1.93 14.79 150.57
C ASN GA 290 -3.08 15.24 151.48
N ASP GA 291 -3.48 16.52 151.45
CA ASP GA 291 -4.45 17.10 152.45
C ASP GA 291 -5.93 17.00 152.07
N ILE GA 292 -6.27 16.57 150.85
CA ILE GA 292 -7.67 16.32 150.48
C ILE GA 292 -8.29 15.35 151.49
N LYS GA 293 -9.55 15.58 151.87
CA LYS GA 293 -10.26 14.74 152.85
C LYS GA 293 -10.60 13.36 152.26
N LEU GA 294 -11.14 12.46 153.09
CA LEU GA 294 -11.67 11.17 152.58
C LEU GA 294 -13.06 11.50 152.02
N GLN GA 295 -13.67 12.61 152.47
CA GLN GA 295 -15.03 13.04 152.03
C GLN GA 295 -15.01 13.66 150.62
N GLU GA 296 -14.01 14.50 150.32
CA GLU GA 296 -13.97 15.24 149.03
C GLU GA 296 -14.10 14.28 147.85
N LEU GA 297 -13.46 13.11 147.91
CA LEU GA 297 -13.44 12.15 146.77
C LEU GA 297 -14.85 11.69 146.39
N ILE GA 298 -15.15 11.63 145.09
CA ILE GA 298 -16.45 11.12 144.56
C ILE GA 298 -16.10 9.77 143.90
N PRO GA 299 -16.28 8.63 144.59
CA PRO GA 299 -15.80 7.35 144.09
C PRO GA 299 -16.62 6.95 142.88
N LEU GA 300 -16.03 6.16 141.97
CA LEU GA 300 -16.72 5.74 140.72
C LEU GA 300 -17.17 4.28 140.86
N THR GA 301 -18.47 4.02 140.96
CA THR GA 301 -19.03 2.66 141.12
C THR GA 301 -19.83 2.30 139.88
N ASN GA 302 -19.88 3.18 138.88
CA ASN GA 302 -20.57 2.91 137.62
C ASN GA 302 -19.67 3.35 136.45
N THR GA 303 -19.63 2.59 135.35
CA THR GA 303 -19.15 3.14 134.06
C THR GA 303 -20.25 3.28 133.00
N GLN GA 304 -21.36 2.55 133.18
CA GLN GA 304 -22.46 2.44 132.17
C GLN GA 304 -23.29 3.73 131.97
N ASP GA 305 -23.16 4.73 132.84
CA ASP GA 305 -24.03 5.94 132.71
C ASP GA 305 -23.26 7.22 132.42
N TYR GA 306 -23.96 8.24 131.92
CA TYR GA 306 -23.39 9.58 131.72
C TYR GA 306 -23.25 10.37 133.04
N VAL GA 307 -23.79 9.86 134.15
CA VAL GA 307 -23.94 10.60 135.41
C VAL GA 307 -22.59 11.10 135.97
N GLN GA 308 -22.56 12.35 136.43
CA GLN GA 308 -21.38 12.99 137.03
C GLN GA 308 -21.11 12.52 138.46
N GLY GA 309 -22.16 12.07 139.16
CA GLY GA 309 -22.14 11.92 140.61
C GLY GA 309 -22.27 13.27 141.31
N PHE GA 310 -22.05 13.30 142.62
CA PHE GA 310 -22.04 14.51 143.42
C PHE GA 310 -21.20 14.33 144.68
N ASP GA 311 -20.81 15.44 145.30
CA ASP GA 311 -19.98 15.47 146.51
C ASP GA 311 -20.77 15.14 147.79
N TRP GA 312 -20.08 14.65 148.83
CA TRP GA 312 -20.65 14.34 150.14
C TRP GA 312 -21.31 15.56 150.81
N THR GA 313 -20.92 16.78 150.45
CA THR GA 313 -21.60 18.00 150.89
C THR GA 313 -23.07 18.08 150.45
N GLU GA 314 -23.50 17.28 149.48
CA GLU GA 314 -24.91 17.16 149.05
C GLU GA 314 -25.64 15.97 149.71
N LYS GA 315 -25.08 15.36 150.76
CA LYS GA 315 -25.71 14.31 151.57
C LYS GA 315 -27.17 14.62 151.90
N ASP GA 316 -27.44 15.84 152.37
CA ASP GA 316 -28.78 16.28 152.76
C ASP GA 316 -29.72 16.60 151.58
N LYS GA 317 -29.20 16.74 150.34
CA LYS GA 317 -30.05 16.93 149.14
C LYS GA 317 -30.63 15.63 148.61
N HIS GA 318 -29.93 14.50 148.88
CA HIS GA 318 -30.35 13.13 148.42
C HIS GA 318 -30.64 12.24 149.63
N ASN GA 319 -30.98 12.81 150.79
CA ASN GA 319 -31.38 12.09 152.00
C ASN GA 319 -30.43 10.93 152.35
N ILE GA 320 -29.14 11.10 152.06
CA ILE GA 320 -28.12 10.07 152.27
C ILE GA 320 -27.86 9.87 153.76
N THR GA 321 -27.88 8.62 154.23
CA THR GA 321 -27.62 8.26 155.62
C THR GA 321 -26.22 7.68 155.85
N THR GA 322 -25.59 7.10 154.82
CA THR GA 322 -24.31 6.39 154.93
C THR GA 322 -23.46 6.56 153.68
N TYR GA 323 -22.15 6.29 153.79
CA TYR GA 323 -21.28 6.23 152.62
C TYR GA 323 -21.73 5.17 151.60
N LYS GA 324 -22.42 4.09 152.03
CA LYS GA 324 -23.07 3.12 151.13
C LYS GA 324 -24.12 3.79 150.23
N GLU GA 325 -24.95 4.67 150.77
CA GLU GA 325 -25.90 5.47 149.96
C GLU GA 325 -25.21 6.59 149.17
N PHE GA 326 -24.08 7.13 149.64
CA PHE GA 326 -23.26 8.04 148.85
C PHE GA 326 -22.65 7.34 147.63
N LEU GA 327 -22.12 6.11 147.79
CA LEU GA 327 -21.63 5.25 146.70
C LEU GA 327 -22.73 4.98 145.65
N THR GA 328 -23.95 4.65 146.07
CA THR GA 328 -25.01 4.28 145.11
C THR GA 328 -25.65 5.50 144.46
N LYS GA 329 -25.96 6.56 145.21
CA LYS GA 329 -26.60 7.76 144.65
C LYS GA 329 -25.61 8.72 143.98
N GLY GA 330 -24.42 8.90 144.57
CA GLY GA 330 -23.52 10.01 144.27
C GLY GA 330 -22.23 9.67 143.51
N ALA GA 331 -21.95 8.41 143.21
CA ALA GA 331 -20.78 8.05 142.43
C ALA GA 331 -20.81 8.59 140.99
N GLY GA 332 -19.66 8.96 140.46
CA GLY GA 332 -19.50 9.58 139.14
C GLY GA 332 -18.96 8.62 138.08
N ASN GA 333 -19.42 8.70 136.84
CA ASN GA 333 -18.84 7.89 135.77
C ASN GA 333 -17.57 8.57 135.26
N PRO GA 334 -16.42 7.88 135.10
CA PRO GA 334 -15.13 8.51 134.79
C PRO GA 334 -15.13 9.20 133.42
N PHE GA 335 -16.03 8.79 132.53
CA PHE GA 335 -16.20 9.30 131.18
C PHE GA 335 -17.22 10.45 131.09
N HIS GA 336 -17.74 10.98 132.20
CA HIS GA 336 -18.54 12.21 132.18
C HIS GA 336 -17.68 13.37 131.65
N ALA GA 337 -18.31 14.39 131.05
CA ALA GA 337 -17.62 15.46 130.32
C ALA GA 337 -16.59 16.26 131.13
N GLU GA 338 -16.68 16.29 132.46
CA GLU GA 338 -15.64 16.91 133.31
C GLU GA 338 -14.58 15.91 133.81
N TRP GA 339 -14.92 14.65 134.07
CA TRP GA 339 -13.96 13.64 134.51
C TRP GA 339 -13.13 13.04 133.37
N ILE GA 340 -13.67 12.96 132.15
CA ILE GA 340 -13.02 12.36 130.97
C ILE GA 340 -11.67 13.00 130.64
N THR GA 341 -11.55 14.32 130.78
CA THR GA 341 -10.33 15.12 130.60
C THR GA 341 -9.86 15.78 131.91
N ALA GA 342 -10.43 15.38 133.05
CA ALA GA 342 -10.17 15.95 134.38
C ALA GA 342 -10.24 17.49 134.41
N GLN GA 343 -11.27 18.07 133.78
CA GLN GA 343 -11.55 19.51 133.87
C GLN GA 343 -11.64 19.95 135.33
N ASN GA 344 -12.32 19.16 136.15
CA ASN GA 344 -12.22 19.18 137.61
C ASN GA 344 -11.32 17.99 138.02
N PRO GA 345 -10.40 18.14 139.00
CA PRO GA 345 -9.37 17.15 139.28
C PRO GA 345 -9.92 15.73 139.52
N VAL GA 346 -9.15 14.75 139.04
CA VAL GA 346 -9.40 13.31 139.17
C VAL GA 346 -8.17 12.65 139.77
N ILE GA 347 -8.37 11.79 140.75
CA ILE GA 347 -7.33 11.21 141.58
C ILE GA 347 -7.26 9.70 141.35
N HIS GA 348 -6.10 9.18 141.03
CA HIS GA 348 -5.83 7.75 140.82
C HIS GA 348 -5.10 7.19 142.03
N THR GA 349 -5.51 6.03 142.56
CA THR GA 349 -4.94 5.44 143.77
C THR GA 349 -5.05 3.92 143.80
N ALA GA 350 -4.18 3.25 144.56
CA ALA GA 350 -4.34 1.84 144.91
C ALA GA 350 -5.42 1.62 145.99
N ASN GA 351 -5.80 2.66 146.74
CA ASN GA 351 -6.71 2.50 147.87
C ASN GA 351 -8.16 2.25 147.41
N SER GA 352 -8.63 1.01 147.61
CA SER GA 352 -9.97 0.61 147.20
C SER GA 352 -11.05 1.38 147.97
N PRO GA 353 -12.18 1.74 147.32
CA PRO GA 353 -13.32 2.34 147.99
C PRO GA 353 -13.77 1.55 149.21
N THR GA 354 -13.64 0.22 149.23
CA THR GA 354 -14.02 -0.60 150.39
C THR GA 354 -13.10 -0.39 151.59
N GLN GA 355 -11.82 -0.03 151.41
CA GLN GA 355 -11.03 0.43 152.54
C GLN GA 355 -11.54 1.78 153.04
N ILE GA 356 -11.93 2.69 152.14
CA ILE GA 356 -12.61 3.94 152.54
C ILE GA 356 -13.96 3.66 153.21
N GLU GA 357 -14.73 2.65 152.77
CA GLU GA 357 -15.97 2.20 153.42
C GLU GA 357 -15.66 1.78 154.86
N GLN GA 358 -14.63 0.97 155.08
CA GLN GA 358 -14.22 0.56 156.42
C GLN GA 358 -13.86 1.77 157.27
N ILE GA 359 -13.15 2.77 156.76
CA ILE GA 359 -12.83 3.99 157.51
C ILE GA 359 -14.10 4.80 157.84
N TYR GA 360 -15.01 5.01 156.88
CA TYR GA 360 -16.29 5.68 157.14
C TYR GA 360 -17.16 4.92 158.14
N THR GA 361 -17.42 3.64 157.86
CA THR GA 361 -18.37 2.82 158.64
C THR GA 361 -17.82 2.55 160.05
N ALA GA 362 -16.51 2.38 160.22
CA ALA GA 362 -15.90 2.26 161.55
C ALA GA 362 -16.19 3.49 162.41
N SER GA 363 -16.05 4.71 161.86
CA SER GA 363 -16.60 5.92 162.48
C SER GA 363 -16.77 7.07 161.48
N THR GA 364 -18.03 7.50 161.29
CA THR GA 364 -18.41 8.63 160.43
C THR GA 364 -17.84 9.97 160.93
N THR GA 365 -17.68 10.11 162.25
CA THR GA 365 -17.06 11.29 162.87
C THR GA 365 -15.57 11.41 162.53
N THR GA 366 -14.84 10.29 162.40
CA THR GA 366 -13.42 10.33 161.98
C THR GA 366 -13.26 10.39 160.45
N PHE GA 367 -14.31 10.16 159.66
CA PHE GA 367 -14.29 10.44 158.21
C PHE GA 367 -14.13 11.93 157.91
N GLN GA 368 -14.67 12.81 158.77
CA GLN GA 368 -14.39 14.25 158.75
C GLN GA 368 -12.91 14.56 159.02
N ASN GA 369 -12.31 13.86 159.99
CA ASN GA 369 -10.93 14.09 160.42
C ASN GA 369 -9.90 13.54 159.42
N LYS GA 370 -10.12 12.34 158.88
CA LYS GA 370 -9.16 11.65 158.00
C LYS GA 370 -8.99 12.39 156.67
N LYS GA 371 -7.73 12.52 156.25
CA LYS GA 371 -7.30 13.05 154.95
C LYS GA 371 -6.64 11.95 154.10
N LEU GA 372 -6.15 12.29 152.91
CA LEU GA 372 -5.41 11.37 152.04
C LEU GA 372 -4.04 10.96 152.62
N THR GA 373 -3.48 11.71 153.58
CA THR GA 373 -2.40 11.24 154.46
C THR GA 373 -2.83 10.07 155.33
N ASP GA 374 -1.90 9.17 155.64
CA ASP GA 374 -2.09 8.03 156.56
C ASP GA 374 -3.27 7.11 156.20
N LEU GA 375 -3.67 7.05 154.92
CA LEU GA 375 -4.63 6.07 154.42
C LEU GA 375 -3.95 4.75 154.06
N PRO GA 376 -4.70 3.63 154.02
CA PRO GA 376 -4.18 2.37 153.50
C PRO GA 376 -3.83 2.48 152.02
N THR GA 377 -2.73 1.84 151.60
CA THR GA 377 -2.19 1.86 150.21
C THR GA 377 -2.41 3.21 149.51
N PRO GA 378 -1.87 4.34 150.03
CA PRO GA 378 -2.20 5.65 149.47
C PRO GA 378 -1.37 6.14 148.29
N GLY GA 379 -1.59 5.59 147.10
CA GLY GA 379 -0.90 6.03 145.88
C GLY GA 379 -1.70 7.14 145.22
N TYR GA 380 -2.19 8.10 146.01
CA TYR GA 380 -3.04 9.21 145.47
C TYR GA 380 -2.20 10.08 144.53
N ILE GA 381 -2.56 10.14 143.24
CA ILE GA 381 -1.82 10.92 142.20
C ILE GA 381 -2.85 11.75 141.44
N PHE GA 382 -2.46 12.63 140.52
CA PHE GA 382 -3.42 13.37 139.64
C PHE GA 382 -3.28 12.82 138.22
N ILE GA 383 -4.23 12.00 137.76
CA ILE GA 383 -4.15 11.34 136.44
C ILE GA 383 -5.38 11.70 135.61
N THR GA 384 -5.21 11.93 134.30
CA THR GA 384 -6.31 12.25 133.37
C THR GA 384 -6.68 11.01 132.56
N PRO GA 385 -7.96 10.58 132.51
CA PRO GA 385 -8.38 9.41 131.72
C PRO GA 385 -8.09 9.58 130.21
N THR GA 386 -8.17 10.80 129.70
CA THR GA 386 -7.86 11.15 128.31
C THR GA 386 -6.52 11.87 128.20
N VAL GA 387 -5.79 11.58 127.12
CA VAL GA 387 -4.69 12.41 126.60
C VAL GA 387 -4.98 12.79 125.14
N SER GA 388 -4.55 13.97 124.72
CA SER GA 388 -4.63 14.40 123.32
C SER GA 388 -3.25 14.27 122.65
N LEU GA 389 -3.18 13.53 121.55
CA LEU GA 389 -2.00 13.38 120.70
C LEU GA 389 -2.09 14.30 119.48
N ARG GA 390 -0.95 14.68 118.90
CA ARG GA 390 -0.88 15.31 117.58
C ARG GA 390 -0.32 14.31 116.57
N TYR GA 391 -1.01 14.14 115.45
CA TYR GA 391 -0.60 13.31 114.33
C TYR GA 391 -0.34 14.17 113.10
N ASN GA 392 0.77 13.94 112.41
CA ASN GA 392 1.09 14.58 111.15
C ASN GA 392 1.26 13.51 110.08
N PRO GA 393 0.45 13.50 109.00
CA PRO GA 393 0.50 12.46 108.00
C PRO GA 393 1.82 12.46 107.20
N TYR GA 394 2.45 13.62 107.06
CA TYR GA 394 3.70 13.75 106.26
C TYR GA 394 4.88 13.25 107.11
N LYS GA 395 4.70 13.15 108.43
CA LYS GA 395 5.77 12.67 109.34
C LYS GA 395 5.60 11.17 109.59
N ASP GA 396 4.64 10.53 108.91
CA ASP GA 396 4.33 9.09 109.13
C ASP GA 396 5.08 8.20 108.13
N LEU GA 397 5.87 7.23 108.62
CA LEU GA 397 6.70 6.39 107.75
C LEU GA 397 6.21 4.93 107.71
N ALA GA 398 5.15 4.59 108.44
CA ALA GA 398 4.52 3.27 108.40
C ALA GA 398 5.45 2.08 108.72
N GLU GA 399 6.51 2.24 109.50
CA GLU GA 399 7.47 1.16 109.75
C GLU GA 399 6.98 0.17 110.82
N ARG GA 400 6.18 0.64 111.78
CA ARG GA 400 5.63 -0.17 112.89
C ARG GA 400 4.16 0.15 113.18
N ASN GA 401 3.46 0.65 112.18
CA ASN GA 401 2.02 0.91 112.25
C ASN GA 401 1.23 -0.39 112.29
N LYS GA 402 0.12 -0.41 113.03
CA LYS GA 402 -0.69 -1.62 113.28
C LYS GA 402 -2.10 -1.23 113.70
N CYS GA 403 -3.08 -2.10 113.51
CA CYS GA 403 -4.50 -1.79 113.76
C CYS GA 403 -5.32 -3.07 113.95
N TYR GA 404 -6.18 -3.13 114.97
CA TYR GA 404 -7.03 -4.30 115.25
C TYR GA 404 -8.18 -3.96 116.22
N PHE GA 405 -9.18 -4.86 116.30
CA PHE GA 405 -10.29 -4.74 117.24
C PHE GA 405 -10.14 -5.69 118.43
N VAL GA 406 -10.42 -5.19 119.63
CA VAL GA 406 -10.47 -5.98 120.89
C VAL GA 406 -11.89 -5.93 121.46
N ARG GA 407 -12.27 -6.95 122.25
CA ARG GA 407 -13.61 -7.08 122.84
C ARG GA 407 -13.78 -6.07 123.98
N SER GA 408 -14.77 -5.19 123.93
CA SER GA 408 -14.99 -4.15 124.95
C SER GA 408 -15.72 -4.69 126.18
N LYS GA 409 -16.88 -5.35 126.01
CA LYS GA 409 -17.60 -6.03 127.10
C LYS GA 409 -17.08 -7.45 127.33
N ILE GA 410 -15.85 -7.59 127.83
CA ILE GA 410 -15.37 -8.83 128.45
C ILE GA 410 -14.46 -8.54 129.64
N ASN GA 411 -14.34 -9.51 130.53
CA ASN GA 411 -13.49 -9.45 131.71
C ASN GA 411 -12.03 -9.86 131.38
N ALA GA 412 -11.36 -9.14 130.48
CA ALA GA 412 -9.98 -9.40 130.10
C ALA GA 412 -9.11 -8.14 130.14
N HIS GA 413 -7.93 -8.27 130.74
CA HIS GA 413 -7.00 -7.16 130.95
C HIS GA 413 -6.19 -6.85 129.68
N GLY GA 414 -5.76 -5.59 129.55
CA GLY GA 414 -4.76 -5.18 128.58
C GLY GA 414 -5.28 -5.03 127.15
N TRP GA 415 -4.40 -4.55 126.29
CA TRP GA 415 -4.71 -4.07 124.94
C TRP GA 415 -4.02 -4.84 123.82
N ASP GA 416 -3.30 -5.92 124.15
CA ASP GA 416 -2.52 -6.68 123.13
C ASP GA 416 -3.44 -7.15 122.00
N PRO GA 417 -2.94 -7.33 120.75
CA PRO GA 417 -3.75 -7.86 119.67
C PRO GA 417 -4.25 -9.21 120.14
N GLU GA 418 -5.56 -9.47 120.03
CA GLU GA 418 -6.17 -10.72 120.54
C GLU GA 418 -7.19 -11.26 119.54
N GLN GA 419 -7.76 -12.44 119.81
CA GLN GA 419 -8.78 -13.05 118.92
C GLN GA 419 -8.16 -13.26 117.51
N HIS GA 420 -8.74 -12.69 116.45
CA HIS GA 420 -8.26 -12.90 115.06
C HIS GA 420 -6.91 -12.22 114.85
N GLN GA 421 -5.85 -13.01 114.61
CA GLN GA 421 -4.50 -12.46 114.33
C GLN GA 421 -4.37 -12.28 112.81
N GLU GA 422 -5.25 -12.91 112.03
CA GLU GA 422 -5.27 -12.68 110.57
C GLU GA 422 -5.97 -11.36 110.19
N LEU GA 423 -6.78 -10.81 111.09
CA LEU GA 423 -7.46 -9.52 110.89
C LEU GA 423 -6.61 -8.31 111.27
N ILE GA 424 -5.46 -8.51 111.92
CA ILE GA 424 -4.53 -7.41 112.20
C ILE GA 424 -4.08 -6.79 110.87
N ASN GA 425 -4.17 -5.45 110.77
CA ASN GA 425 -3.75 -4.66 109.58
C ASN GA 425 -2.47 -3.90 109.93
N SER GA 426 -1.38 -4.04 109.18
CA SER GA 426 -0.05 -3.53 109.54
C SER GA 426 0.66 -2.83 108.38
N ASP GA 427 1.64 -2.00 108.71
CA ASP GA 427 2.65 -1.47 107.77
C ASP GA 427 2.13 -0.60 106.62
N LEU GA 428 1.10 0.23 106.88
CA LEU GA 428 0.66 1.31 106.00
C LEU GA 428 0.52 2.59 106.84
N PRO GA 429 0.64 3.79 106.26
CA PRO GA 429 0.44 5.02 107.01
C PRO GA 429 -0.99 5.08 107.56
N GLN GA 430 -1.20 5.57 108.80
CA GLN GA 430 -2.51 5.53 109.51
C GLN GA 430 -3.73 6.01 108.69
N TRP GA 431 -3.59 6.99 107.82
CA TRP GA 431 -4.67 7.45 106.95
C TRP GA 431 -5.04 6.43 105.87
N LEU GA 432 -4.11 5.57 105.44
CA LEU GA 432 -4.37 4.45 104.56
C LEU GA 432 -4.74 3.18 105.34
N LEU GA 433 -4.11 2.93 106.48
CA LEU GA 433 -4.33 1.75 107.29
C LEU GA 433 -5.76 1.69 107.86
N LEU GA 434 -6.32 2.83 108.28
CA LEU GA 434 -7.66 2.89 108.85
C LEU GA 434 -8.77 2.93 107.79
N PHE GA 435 -8.48 3.35 106.55
CA PHE GA 435 -9.52 3.61 105.56
C PHE GA 435 -10.29 2.34 105.20
N GLY GA 436 -11.60 2.31 105.48
CA GLY GA 436 -12.44 1.15 105.20
C GLY GA 436 -12.15 -0.10 106.04
N TYR GA 437 -11.19 -0.08 106.97
CA TYR GA 437 -10.86 -1.24 107.78
C TYR GA 437 -12.01 -1.69 108.71
N PRO GA 438 -12.72 -0.81 109.43
CA PRO GA 438 -13.91 -1.20 110.16
C PRO GA 438 -15.00 -1.86 109.32
N ASP GA 439 -15.22 -1.39 108.09
CA ASP GA 439 -16.20 -1.99 107.19
C ASP GA 439 -15.75 -3.34 106.65
N TYR GA 440 -14.46 -3.53 106.35
CA TYR GA 440 -13.94 -4.85 106.03
C TYR GA 440 -14.20 -5.83 107.18
N ILE GA 441 -13.98 -5.40 108.43
CA ILE GA 441 -14.21 -6.22 109.61
C ILE GA 441 -15.70 -6.53 109.78
N LYS GA 442 -16.59 -5.55 109.66
CA LYS GA 442 -18.04 -5.78 109.69
C LYS GA 442 -18.50 -6.76 108.61
N ARG GA 443 -18.06 -6.57 107.36
CA ARG GA 443 -18.46 -7.43 106.22
C ARG GA 443 -17.87 -8.85 106.42
N THR GA 444 -16.70 -8.96 107.04
CA THR GA 444 -16.10 -10.27 107.36
C THR GA 444 -16.93 -11.06 108.38
N GLN GA 445 -17.64 -10.38 109.29
CA GLN GA 445 -18.59 -11.06 110.23
C GLN GA 445 -17.89 -12.04 111.20
N ASN GA 446 -16.58 -11.94 111.38
CA ASN GA 446 -15.83 -12.77 112.34
C ASN GA 446 -15.92 -12.25 113.79
N PHE GA 447 -16.59 -11.12 114.01
CA PHE GA 447 -16.85 -10.54 115.34
C PHE GA 447 -18.34 -10.34 115.57
N ALA GA 448 -18.78 -10.34 116.83
CA ALA GA 448 -20.16 -9.99 117.17
C ALA GA 448 -20.47 -8.56 116.71
N LEU GA 449 -21.53 -8.39 115.94
CA LEU GA 449 -21.64 -7.29 114.97
C LEU GA 449 -21.73 -5.89 115.60
N VAL GA 450 -22.20 -5.78 116.84
CA VAL GA 450 -22.61 -4.49 117.41
C VAL GA 450 -21.41 -3.62 117.82
N ASP GA 451 -21.46 -2.33 117.45
CA ASP GA 451 -20.33 -1.38 117.72
C ASP GA 451 -20.01 -1.27 119.20
N THR GA 452 -20.98 -1.53 120.08
CA THR GA 452 -20.78 -1.39 121.53
C THR GA 452 -19.91 -2.48 122.15
N ASN GA 453 -19.67 -3.58 121.45
CA ASN GA 453 -19.02 -4.76 122.02
C ASN GA 453 -17.54 -4.89 121.64
N TYR GA 454 -17.00 -3.95 120.85
CA TYR GA 454 -15.60 -3.92 120.45
C TYR GA 454 -15.02 -2.51 120.57
N ILE GA 455 -13.69 -2.43 120.66
CA ILE GA 455 -12.90 -1.20 120.55
C ILE GA 455 -11.88 -1.42 119.45
N LEU GA 456 -11.62 -0.38 118.68
CA LEU GA 456 -10.51 -0.27 117.75
C LEU GA 456 -9.27 0.29 118.48
N VAL GA 457 -8.15 -0.38 118.29
CA VAL GA 457 -6.86 -0.12 118.92
C VAL GA 457 -5.80 -0.04 117.82
N ASP GA 458 -4.91 0.96 117.85
CA ASP GA 458 -3.86 1.07 116.83
C ASP GA 458 -2.52 1.52 117.42
N HIS GA 459 -1.42 1.05 116.83
CA HIS GA 459 -0.06 1.45 117.17
C HIS GA 459 0.49 2.38 116.09
N CYS GA 460 1.11 3.48 116.49
CA CYS GA 460 1.72 4.44 115.58
C CYS GA 460 2.89 5.15 116.29
N PRO GA 461 4.15 4.88 115.90
CA PRO GA 461 5.32 5.60 116.42
C PRO GA 461 5.33 7.11 116.21
N TYR GA 462 4.50 7.62 115.29
CA TYR GA 462 4.73 8.92 114.64
C TYR GA 462 3.90 10.08 115.19
N THR GA 463 3.07 9.87 116.21
CA THR GA 463 2.55 11.00 116.99
C THR GA 463 3.66 11.65 117.82
N ASN GA 464 3.58 12.95 118.04
CA ASN GA 464 4.66 13.69 118.72
C ASN GA 464 4.77 13.33 120.22
N PRO GA 465 3.71 13.44 121.02
CA PRO GA 465 3.55 12.61 122.22
C PRO GA 465 3.17 11.18 121.80
N GLU GA 466 3.27 10.21 122.69
CA GLU GA 466 2.94 8.81 122.39
C GLU GA 466 2.18 8.13 123.53
N LYS GA 467 1.45 7.08 123.16
CA LYS GA 467 0.94 6.02 124.04
C LYS GA 467 1.13 4.69 123.30
N THR GA 468 1.43 3.61 124.01
CA THR GA 468 1.90 2.37 123.36
C THR GA 468 0.90 1.85 122.33
N PRO GA 469 -0.34 1.48 122.68
CA PRO GA 469 -1.48 1.59 121.78
C PRO GA 469 -2.19 2.93 121.94
N PHE GA 470 -3.03 3.23 120.94
CA PHE GA 470 -3.94 4.40 121.01
C PHE GA 470 -5.34 3.83 121.08
N ILE GA 471 -6.26 4.46 121.82
CA ILE GA 471 -7.69 4.04 121.81
C ILE GA 471 -8.44 5.27 121.30
N PRO GA 472 -8.42 5.60 119.99
CA PRO GA 472 -8.99 6.85 119.53
C PRO GA 472 -10.41 7.07 120.07
N LEU GA 473 -10.76 8.29 120.47
CA LEU GA 473 -12.10 8.66 120.91
C LEU GA 473 -12.55 9.92 120.19
N SER GA 474 -13.81 9.97 119.76
CA SER GA 474 -14.34 11.13 119.05
C SER GA 474 -14.54 12.30 119.99
N THR GA 475 -14.40 13.51 119.46
CA THR GA 475 -14.66 14.76 120.18
C THR GA 475 -16.04 14.77 120.83
N SER GA 476 -17.04 14.15 120.22
CA SER GA 476 -18.38 13.99 120.81
C SER GA 476 -18.37 13.21 122.13
N PHE GA 477 -17.64 12.10 122.24
CA PHE GA 477 -17.51 11.34 123.49
C PHE GA 477 -16.64 12.06 124.53
N ILE GA 478 -15.60 12.76 124.07
CA ILE GA 478 -14.76 13.63 124.91
C ILE GA 478 -15.51 14.88 125.39
N GLU GA 479 -16.63 15.23 124.76
CA GLU GA 479 -17.51 16.35 125.12
C GLU GA 479 -18.88 15.92 125.67
N GLY GA 480 -19.10 14.63 125.93
CA GLY GA 480 -20.36 14.17 126.52
C GLY GA 480 -21.58 14.32 125.60
N ARG GA 481 -21.50 13.78 124.38
CA ARG GA 481 -22.58 13.92 123.37
C ARG GA 481 -22.67 12.64 122.51
N SER GA 482 -23.85 12.39 121.92
CA SER GA 482 -24.07 11.18 121.10
C SER GA 482 -23.19 11.16 119.83
N PRO GA 483 -22.86 9.97 119.28
CA PRO GA 483 -21.83 9.79 118.25
C PRO GA 483 -21.87 10.74 117.04
N TYR GA 484 -23.07 11.09 116.56
CA TYR GA 484 -23.30 12.04 115.46
C TYR GA 484 -24.35 13.10 115.83
N SER GA 485 -24.27 13.66 117.04
CA SER GA 485 -25.21 14.68 117.53
C SER GA 485 -24.59 16.08 117.47
N PRO GA 486 -25.34 17.13 117.08
CA PRO GA 486 -24.82 18.48 116.91
C PRO GA 486 -24.30 19.09 118.22
N SER GA 487 -23.23 19.87 118.11
CA SER GA 487 -22.46 20.41 119.25
C SER GA 487 -23.26 21.30 120.21
N ASP GA 488 -24.45 21.78 119.82
CA ASP GA 488 -25.32 22.58 120.74
C ASP GA 488 -25.78 21.69 121.90
N THR GA 489 -25.79 20.38 121.71
CA THR GA 489 -26.17 19.39 122.71
C THR GA 489 -25.03 19.16 123.72
N HIS GA 490 -25.36 18.99 125.02
CA HIS GA 490 -24.35 18.78 126.10
C HIS GA 490 -24.70 17.54 126.93
N GLU GA 491 -25.46 16.58 126.38
CA GLU GA 491 -25.79 15.29 126.99
C GLU GA 491 -25.98 14.24 125.90
N PRO GA 492 -25.70 12.95 126.16
CA PRO GA 492 -26.16 11.87 125.30
C PRO GA 492 -27.70 11.81 125.24
N ASP GA 493 -28.24 11.30 124.13
CA ASP GA 493 -29.64 10.84 124.04
C ASP GA 493 -29.84 9.55 124.87
N GLU GA 494 -31.05 9.23 125.33
CA GLU GA 494 -31.28 8.19 126.36
C GLU GA 494 -30.59 6.84 126.09
N GLU GA 495 -30.59 6.36 124.85
CA GLU GA 495 -29.91 5.11 124.48
C GLU GA 495 -28.37 5.19 124.54
N ASP GA 496 -27.79 6.39 124.37
CA ASP GA 496 -26.38 6.68 124.62
C ASP GA 496 -26.11 7.17 126.05
N GLN GA 497 -27.13 7.56 126.83
CA GLN GA 497 -26.97 7.77 128.28
C GLN GA 497 -26.72 6.43 128.97
N ASN GA 498 -27.42 5.38 128.52
CA ASN GA 498 -27.01 4.00 128.71
C ASN GA 498 -25.79 3.67 127.84
N ARG GA 499 -25.05 2.63 128.29
CA ARG GA 499 -23.85 2.14 127.56
C ARG GA 499 -22.85 3.27 127.33
N TRP GA 500 -22.72 4.23 128.27
CA TRP GA 500 -21.78 5.38 128.13
C TRP GA 500 -20.36 4.96 128.53
N TYR GA 501 -19.73 4.14 127.70
CA TYR GA 501 -18.38 3.60 127.94
C TYR GA 501 -17.60 3.44 126.62
N PRO GA 502 -16.25 3.38 126.64
CA PRO GA 502 -15.45 3.21 125.44
C PRO GA 502 -15.87 2.01 124.57
N CYS GA 503 -16.24 2.30 123.32
CA CYS GA 503 -16.53 1.30 122.30
C CYS GA 503 -16.49 1.96 120.91
N TYR GA 504 -16.40 1.14 119.86
CA TYR GA 504 -16.22 1.58 118.47
C TYR GA 504 -17.25 2.62 118.02
N GLN GA 505 -18.48 2.57 118.54
CA GLN GA 505 -19.53 3.56 118.19
C GLN GA 505 -19.08 4.99 118.53
N TYR GA 506 -18.31 5.19 119.60
CA TYR GA 506 -17.78 6.50 119.96
C TYR GA 506 -16.44 6.82 119.31
N GLN GA 507 -15.78 5.85 118.66
CA GLN GA 507 -14.49 6.07 117.97
C GLN GA 507 -14.63 6.54 116.52
N GLN GA 508 -15.80 6.36 115.91
CA GLN GA 508 -15.98 6.49 114.46
C GLN GA 508 -15.51 7.82 113.88
N GLU GA 509 -15.89 8.95 114.48
CA GLU GA 509 -15.51 10.26 113.96
C GLU GA 509 -14.00 10.50 114.08
N SER GA 510 -13.33 9.98 115.11
CA SER GA 510 -11.88 10.12 115.25
C SER GA 510 -11.10 9.40 114.15
N ILE GA 511 -11.47 8.16 113.79
CA ILE GA 511 -10.77 7.45 112.72
C ILE GA 511 -11.15 8.00 111.34
N ASN GA 512 -12.35 8.54 111.17
CA ASN GA 512 -12.67 9.30 109.97
C ASN GA 512 -11.79 10.54 109.86
N SER GA 513 -11.57 11.26 110.96
CA SER GA 513 -10.71 12.44 111.01
C SER GA 513 -9.24 12.10 110.67
N ILE GA 514 -8.73 10.96 111.13
CA ILE GA 514 -7.41 10.45 110.73
C ILE GA 514 -7.38 10.14 109.22
N CYS GA 515 -8.40 9.49 108.67
CA CYS GA 515 -8.48 9.25 107.23
C CYS GA 515 -8.57 10.53 106.40
N LEU GA 516 -9.29 11.53 106.87
CA LEU GA 516 -9.36 12.87 106.27
C LEU GA 516 -8.01 13.59 106.25
N SER GA 517 -7.07 13.22 107.13
CA SER GA 517 -5.71 13.75 107.03
C SER GA 517 -4.96 13.25 105.80
N GLY GA 518 -5.39 12.12 105.20
CA GLY GA 518 -4.77 11.56 104.01
C GLY GA 518 -5.14 12.29 102.71
N PRO GA 519 -4.31 12.15 101.66
CA PRO GA 519 -4.52 12.84 100.40
C PRO GA 519 -5.76 12.36 99.62
N GLY GA 520 -6.26 13.22 98.75
CA GLY GA 520 -7.40 12.99 97.87
C GLY GA 520 -8.76 13.08 98.53
N THR GA 521 -8.84 13.12 99.85
CA THR GA 521 -10.11 13.16 100.58
C THR GA 521 -10.83 14.50 100.39
N PRO GA 522 -12.11 14.51 100.00
CA PRO GA 522 -12.81 15.73 99.61
C PRO GA 522 -13.16 16.69 100.75
N LYS GA 523 -13.37 17.96 100.41
CA LYS GA 523 -13.93 19.00 101.28
C LYS GA 523 -15.43 19.14 100.99
N ILE GA 524 -16.29 18.85 101.96
CA ILE GA 524 -17.74 18.99 101.81
C ILE GA 524 -18.27 19.93 102.90
N PRO GA 525 -18.89 21.07 102.57
CA PRO GA 525 -19.45 21.96 103.59
C PRO GA 525 -20.45 21.26 104.52
N LYS GA 526 -20.46 21.61 105.81
CA LYS GA 526 -21.40 21.03 106.77
C LYS GA 526 -22.84 21.31 106.36
N GLY GA 527 -23.70 20.29 106.43
CA GLY GA 527 -25.09 20.34 105.98
C GLY GA 527 -25.30 20.06 104.48
N ILE GA 528 -24.24 19.86 103.70
CA ILE GA 528 -24.33 19.42 102.29
C ILE GA 528 -24.01 17.93 102.20
N THR GA 529 -24.82 17.19 101.45
CA THR GA 529 -24.57 15.79 101.10
C THR GA 529 -24.15 15.72 99.64
N ALA GA 530 -22.95 15.20 99.38
CA ALA GA 530 -22.50 14.92 98.04
C ALA GA 530 -23.02 13.55 97.58
N GLU GA 531 -23.31 13.39 96.30
CA GLU GA 531 -23.94 12.19 95.75
C GLU GA 531 -23.31 11.86 94.41
N ALA GA 532 -23.35 10.60 94.00
CA ALA GA 532 -22.99 10.18 92.65
C ALA GA 532 -23.94 9.09 92.16
N LYS GA 533 -24.18 9.05 90.85
CA LYS GA 533 -25.06 8.05 90.24
C LYS GA 533 -24.51 7.55 88.91
N VAL GA 534 -24.87 6.33 88.58
CA VAL GA 534 -24.66 5.71 87.26
C VAL GA 534 -26.03 5.34 86.68
N LYS GA 535 -26.19 5.45 85.36
CA LYS GA 535 -27.31 4.83 84.66
C LYS GA 535 -26.81 3.55 84.01
N TYR GA 536 -27.48 2.44 84.28
CA TYR GA 536 -27.11 1.14 83.76
C TYR GA 536 -28.11 0.65 82.72
N SER GA 537 -27.65 -0.22 81.84
CA SER GA 537 -28.48 -0.99 80.92
C SER GA 537 -27.88 -2.38 80.77
N PHE GA 538 -28.44 -3.37 81.45
CA PHE GA 538 -28.04 -4.78 81.30
C PHE GA 538 -28.80 -5.42 80.17
N ASN GA 539 -28.11 -6.11 79.27
CA ASN GA 539 -28.71 -6.71 78.09
C ASN GA 539 -28.93 -8.21 78.31
N PHE GA 540 -30.17 -8.64 78.20
CA PHE GA 540 -30.58 -10.03 78.33
C PHE GA 540 -31.43 -10.43 77.14
N LYS GA 541 -31.52 -11.73 76.89
CA LYS GA 541 -32.60 -12.34 76.13
C LYS GA 541 -33.31 -13.34 77.01
N TRP GA 542 -34.62 -13.47 76.86
CA TRP GA 542 -35.43 -14.48 77.51
C TRP GA 542 -35.83 -15.53 76.48
N GLY GA 543 -35.74 -16.80 76.82
CA GLY GA 543 -35.99 -17.90 75.89
C GLY GA 543 -37.02 -18.89 76.41
N GLY GA 544 -37.81 -19.46 75.53
CA GLY GA 544 -38.78 -20.48 75.90
C GLY GA 544 -39.62 -20.98 74.74
N ASP GA 545 -40.49 -21.95 75.02
CA ASP GA 545 -41.63 -22.27 74.17
C ASP GA 545 -42.69 -21.16 74.22
N LEU GA 546 -43.53 -21.07 73.21
CA LEU GA 546 -44.51 -19.99 73.06
C LEU GA 546 -45.49 -19.94 74.25
N PRO GA 547 -45.70 -18.77 74.88
CA PRO GA 547 -46.59 -18.63 76.02
C PRO GA 547 -48.07 -18.44 75.62
N PRO GA 548 -49.01 -18.62 76.57
CA PRO GA 548 -50.42 -18.27 76.39
C PRO GA 548 -50.68 -16.76 76.46
N MET GA 549 -51.90 -16.33 76.09
CA MET GA 549 -52.31 -14.91 76.03
C MET GA 549 -53.84 -14.76 76.22
N SER GA 550 -54.33 -13.56 76.56
CA SER GA 550 -55.77 -13.28 76.74
C SER GA 550 -56.21 -11.94 76.13
N THR GA 551 -57.53 -11.74 75.97
CA THR GA 551 -58.14 -10.66 75.16
C THR GA 551 -59.32 -9.98 75.89
N ILE GA 552 -59.70 -8.80 75.41
CA ILE GA 552 -60.68 -7.89 76.02
C ILE GA 552 -61.87 -7.69 75.07
N THR GA 553 -63.09 -7.55 75.58
CA THR GA 553 -64.30 -7.32 74.76
C THR GA 553 -64.16 -6.04 73.92
N ASN GA 554 -64.65 -6.03 72.69
CA ASN GA 554 -64.65 -4.82 71.86
C ASN GA 554 -65.62 -3.72 72.36
N PRO GA 555 -66.87 -4.01 72.77
CA PRO GA 555 -67.81 -2.95 73.14
C PRO GA 555 -67.39 -2.19 74.38
N THR GA 556 -66.91 -2.88 75.42
CA THR GA 556 -66.40 -2.20 76.66
C THR GA 556 -64.89 -2.05 76.52
N ASP GA 557 -64.45 -1.05 75.74
CA ASP GA 557 -63.00 -0.84 75.49
C ASP GA 557 -62.74 0.67 75.37
N GLN GA 558 -61.48 1.07 75.20
CA GLN GA 558 -61.11 2.50 75.07
C GLN GA 558 -62.14 3.18 74.15
N PRO GA 559 -62.99 4.11 74.64
CA PRO GA 559 -64.02 4.71 73.81
C PRO GA 559 -63.51 5.89 73.00
N THR GA 560 -63.99 6.03 71.76
CA THR GA 560 -63.59 7.17 70.91
C THR GA 560 -64.10 8.48 71.53
N TYR GA 561 -63.42 9.61 71.28
CA TYR GA 561 -63.81 10.92 71.84
C TYR GA 561 -65.29 11.27 71.55
N VAL GA 562 -65.84 10.79 70.43
CA VAL GA 562 -67.24 10.94 70.04
C VAL GA 562 -68.18 10.35 71.11
N LYS HA 48 41.80 -55.15 26.92
CA LYS HA 48 41.07 -56.15 27.75
C LYS HA 48 40.99 -57.51 27.06
N ARG HA 49 40.24 -57.63 25.96
CA ARG HA 49 40.18 -58.84 25.13
C ARG HA 49 40.19 -58.48 23.65
N LEU HA 50 40.85 -59.29 22.83
CA LEU HA 50 41.03 -59.06 21.39
C LEU HA 50 40.47 -60.23 20.59
N ASN HA 51 39.98 -59.95 19.38
CA ASN HA 51 39.69 -60.99 18.40
C ASN HA 51 41.00 -61.68 17.97
N ILE HA 52 40.98 -63.00 17.87
CA ILE HA 52 42.06 -63.75 17.23
C ILE HA 52 41.96 -63.53 15.71
N VAL HA 53 43.09 -63.24 15.08
CA VAL HA 53 43.20 -62.90 13.66
C VAL HA 53 44.22 -63.81 13.01
N GLU HA 54 43.98 -64.21 11.77
CA GLU HA 54 44.90 -64.99 10.95
C GLU HA 54 45.26 -64.23 9.69
N TRP HA 55 46.49 -64.39 9.20
CA TRP HA 55 46.91 -63.79 7.93
C TRP HA 55 46.71 -64.76 6.79
N GLN HA 56 45.92 -64.31 5.81
CA GLN HA 56 45.50 -65.17 4.67
C GLN HA 56 46.71 -65.61 3.85
N PRO HA 57 46.72 -66.87 3.37
CA PRO HA 57 47.84 -67.40 2.61
C PRO HA 57 47.96 -66.78 1.22
N LYS HA 58 49.15 -66.89 0.62
CA LYS HA 58 49.54 -66.15 -0.59
C LYS HA 58 48.67 -66.47 -1.81
N SER HA 59 48.30 -67.72 -2.02
CA SER HA 59 47.37 -68.15 -3.07
C SER HA 59 46.28 -69.06 -2.52
N ILE HA 60 45.06 -68.87 -2.99
CA ILE HA 60 43.86 -69.57 -2.51
C ILE HA 60 43.04 -70.08 -3.71
N ARG HA 61 42.53 -71.32 -3.63
CA ARG HA 61 41.71 -71.92 -4.71
C ARG HA 61 40.48 -72.68 -4.18
N LYS HA 62 39.26 -72.15 -4.37
CA LYS HA 62 38.01 -72.80 -3.97
C LYS HA 62 37.86 -74.15 -4.68
N CYS HA 63 37.40 -75.17 -3.95
CA CYS HA 63 37.11 -76.49 -4.49
C CYS HA 63 35.84 -77.06 -3.85
N ARG HA 64 34.84 -77.37 -4.71
CA ARG HA 64 33.60 -78.06 -4.25
C ARG HA 64 33.70 -79.55 -4.59
N ILE HA 65 33.93 -80.40 -3.58
CA ILE HA 65 33.97 -81.85 -3.78
C ILE HA 65 32.52 -82.32 -3.94
N LYS HA 66 32.10 -82.60 -5.18
CA LYS HA 66 30.72 -82.90 -5.57
C LYS HA 66 30.58 -84.37 -5.90
N GLY HA 67 29.54 -85.04 -5.42
CA GLY HA 67 29.33 -86.46 -5.72
C GLY HA 67 28.03 -87.01 -5.19
N MET HA 68 27.86 -88.32 -5.30
CA MET HA 68 26.65 -89.05 -4.95
C MET HA 68 26.98 -90.13 -3.91
N LEU HA 69 26.20 -90.23 -2.83
CA LEU HA 69 26.39 -91.21 -1.75
C LEU HA 69 25.16 -92.09 -1.61
N CYS HA 70 25.34 -93.40 -1.62
CA CYS HA 70 24.28 -94.35 -1.31
C CYS HA 70 24.00 -94.40 0.20
N LEU HA 71 22.76 -94.10 0.62
CA LEU HA 71 22.38 -94.09 2.03
C LEU HA 71 22.07 -95.50 2.54
N PHE HA 72 21.33 -96.28 1.77
CA PHE HA 72 21.13 -97.70 2.00
C PHE HA 72 20.77 -98.36 0.66
N GLN HA 73 20.94 -99.67 0.58
CA GLN HA 73 20.28 -100.48 -0.42
C GLN HA 73 19.89 -101.80 0.25
N THR HA 74 18.59 -102.11 0.25
CA THR HA 74 18.00 -103.10 1.16
C THR HA 74 16.96 -103.97 0.47
N THR HA 75 16.90 -105.23 0.88
CA THR HA 75 15.74 -106.12 0.73
C THR HA 75 14.98 -106.16 2.06
N GLU HA 76 13.82 -106.80 2.09
CA GLU HA 76 13.01 -106.95 3.32
C GLU HA 76 13.74 -107.74 4.43
N ASP HA 77 14.51 -108.76 4.07
CA ASP HA 77 15.25 -109.63 4.99
C ASP HA 77 16.55 -109.01 5.52
N ARG HA 78 16.86 -107.77 5.13
CA ARG HA 78 18.01 -107.00 5.64
C ARG HA 78 17.63 -105.66 6.26
N LEU HA 79 16.35 -105.36 6.46
CA LEU HA 79 15.91 -104.05 6.95
C LEU HA 79 16.46 -103.67 8.32
N SER HA 80 16.62 -104.61 9.24
CA SER HA 80 17.10 -104.34 10.59
C SER HA 80 18.63 -104.26 10.73
N TYR HA 81 19.39 -104.34 9.62
CA TYR HA 81 20.85 -104.35 9.61
C TYR HA 81 21.45 -103.09 9.01
N ASN HA 82 22.64 -102.73 9.46
CA ASN HA 82 23.41 -101.59 8.97
C ASN HA 82 24.00 -101.88 7.59
N PHE HA 83 23.73 -101.01 6.61
CA PHE HA 83 24.33 -101.03 5.28
C PHE HA 83 25.74 -100.44 5.30
N ASP HA 84 26.73 -101.28 5.03
CA ASP HA 84 28.07 -100.86 4.63
C ASP HA 84 28.26 -101.18 3.15
N MET HA 85 28.67 -100.18 2.37
CA MET HA 85 28.92 -100.37 0.93
C MET HA 85 30.20 -101.15 0.65
N TYR HA 86 31.16 -101.08 1.58
CA TYR HA 86 32.42 -101.82 1.56
C TYR HA 86 32.36 -102.90 2.65
N GLU HA 87 32.25 -104.14 2.20
CA GLU HA 87 31.60 -105.23 2.92
C GLU HA 87 32.48 -106.10 3.83
N GLU HA 88 31.84 -106.80 4.76
CA GLU HA 88 32.36 -108.08 5.27
C GLU HA 88 32.09 -109.09 4.14
N SER HA 89 33.13 -109.66 3.53
CA SER HA 89 33.11 -110.24 2.17
C SER HA 89 32.04 -111.31 1.87
N ILE HA 90 31.46 -111.92 2.90
CA ILE HA 90 30.33 -112.86 2.77
C ILE HA 90 28.98 -112.16 2.53
N ILE HA 91 28.76 -110.95 3.05
CA ILE HA 91 27.46 -110.27 3.01
C ILE HA 91 26.93 -110.09 1.58
N PRO HA 92 27.68 -109.55 0.60
CA PRO HA 92 27.13 -109.39 -0.75
C PRO HA 92 27.00 -110.70 -1.54
N GLU HA 93 27.54 -111.83 -1.07
CA GLU HA 93 27.36 -113.11 -1.76
C GLU HA 93 25.91 -113.57 -1.65
N LYS HA 94 25.19 -113.50 -2.78
CA LYS HA 94 23.75 -113.81 -2.89
C LYS HA 94 22.83 -112.91 -2.03
N LEU HA 95 23.25 -111.69 -1.70
CA LEU HA 95 22.35 -110.62 -1.24
C LEU HA 95 22.50 -109.35 -2.11
N PRO HA 96 21.42 -108.86 -2.75
CA PRO HA 96 21.49 -107.67 -3.59
C PRO HA 96 21.48 -106.35 -2.79
N GLY HA 97 21.10 -106.37 -1.51
CA GLY HA 97 21.17 -105.23 -0.62
C GLY HA 97 21.50 -105.64 0.82
N GLY HA 98 22.47 -104.98 1.45
CA GLY HA 98 23.06 -105.43 2.71
C GLY HA 98 22.40 -104.93 3.98
N GLY HA 99 21.59 -103.86 3.93
CA GLY HA 99 21.03 -103.27 5.14
C GLY HA 99 20.05 -102.13 4.89
N GLY HA 100 19.09 -101.95 5.79
CA GLY HA 100 18.00 -100.97 5.66
C GLY HA 100 18.21 -99.66 6.43
N PHE HA 101 19.30 -99.54 7.16
CA PHE HA 101 19.71 -98.28 7.77
C PHE HA 101 21.22 -98.13 7.62
N SER HA 102 21.76 -96.92 7.71
CA SER HA 102 23.20 -96.74 7.83
C SER HA 102 23.55 -95.59 8.74
N ILE HA 103 24.76 -95.66 9.30
CA ILE HA 103 25.45 -94.50 9.84
C ILE HA 103 26.69 -94.26 8.97
N LYS HA 104 26.77 -93.10 8.34
CA LYS HA 104 27.89 -92.65 7.50
C LYS HA 104 28.68 -91.60 8.25
N ASN HA 105 29.99 -91.74 8.35
CA ASN HA 105 30.89 -90.64 8.72
C ASN HA 105 31.66 -90.19 7.48
N ILE HA 106 31.66 -88.89 7.20
CA ILE HA 106 32.38 -88.31 6.06
C ILE HA 106 33.58 -87.52 6.56
N SER HA 107 34.75 -87.78 5.99
CA SER HA 107 35.99 -87.04 6.22
C SER HA 107 36.65 -86.76 4.88
N LEU HA 108 37.55 -85.78 4.84
CA LEU HA 108 38.28 -85.44 3.61
C LEU HA 108 39.06 -86.64 3.04
N TYR HA 109 39.55 -87.54 3.88
CA TYR HA 109 40.15 -88.79 3.43
C TYR HA 109 39.13 -89.77 2.85
N ALA HA 110 37.93 -89.89 3.44
CA ALA HA 110 36.85 -90.66 2.85
C ALA HA 110 36.38 -90.07 1.52
N LEU HA 111 36.33 -88.75 1.38
CA LEU HA 111 36.06 -88.08 0.10
C LEU HA 111 37.14 -88.39 -0.96
N TYR HA 112 38.41 -88.41 -0.58
CA TYR HA 112 39.48 -88.88 -1.46
C TYR HA 112 39.33 -90.36 -1.84
N GLN HA 113 38.95 -91.24 -0.91
CA GLN HA 113 38.67 -92.64 -1.23
C GLN HA 113 37.49 -92.79 -2.19
N GLU HA 114 36.42 -92.01 -2.04
CA GLU HA 114 35.32 -91.99 -3.01
C GLU HA 114 35.76 -91.46 -4.38
N HIS HA 115 36.81 -90.65 -4.46
CA HIS HA 115 37.37 -90.18 -5.75
C HIS HA 115 38.13 -91.32 -6.44
N ILE HA 116 38.73 -92.23 -5.67
CA ILE HA 116 39.38 -93.43 -6.23
C ILE HA 116 38.35 -94.41 -6.81
N HIS HA 117 37.14 -94.47 -6.24
CA HIS HA 117 36.00 -95.19 -6.83
C HIS HA 117 35.29 -94.43 -7.95
N ALA HA 118 35.77 -93.24 -8.32
CA ALA HA 118 35.15 -92.33 -9.28
C ALA HA 118 33.72 -91.88 -8.89
N HIS HA 119 33.38 -91.90 -7.60
CA HIS HA 119 32.07 -91.50 -7.11
C HIS HA 119 31.91 -89.98 -6.92
N ASN HA 120 32.98 -89.21 -7.00
CA ASN HA 120 32.95 -87.75 -6.91
C ASN HA 120 33.97 -87.09 -7.83
N ILE HA 121 33.79 -85.78 -8.01
CA ILE HA 121 34.76 -84.89 -8.65
C ILE HA 121 35.29 -83.90 -7.61
N PHE HA 122 36.54 -83.49 -7.74
CA PHE HA 122 37.09 -82.32 -7.07
C PHE HA 122 37.12 -81.19 -8.08
N THR HA 123 36.43 -80.09 -7.81
CA THR HA 123 36.35 -78.95 -8.76
C THR HA 123 37.70 -78.27 -9.00
N HIS HA 124 38.61 -78.42 -8.04
CA HIS HA 124 40.01 -77.94 -8.19
C HIS HA 124 40.90 -78.94 -7.48
N THR HA 125 42.03 -79.32 -8.07
CA THR HA 125 43.03 -80.17 -7.42
C THR HA 125 43.68 -79.48 -6.23
N ASN HA 126 44.27 -80.28 -5.35
CA ASN HA 126 44.92 -79.86 -4.11
C ASN HA 126 46.42 -80.19 -4.09
N THR HA 127 47.04 -80.55 -5.23
CA THR HA 127 48.35 -81.22 -5.25
C THR HA 127 49.49 -80.40 -4.66
N ASP HA 128 49.47 -79.08 -4.83
CA ASP HA 128 50.57 -78.19 -4.45
C ASP HA 128 50.14 -77.05 -3.50
N ARG HA 129 48.96 -77.20 -2.88
CA ARG HA 129 48.45 -76.25 -1.86
C ARG HA 129 48.13 -77.11 -0.63
N PRO HA 130 48.98 -77.15 0.43
CA PRO HA 130 48.85 -78.09 1.53
C PRO HA 130 47.85 -77.67 2.62
N LEU HA 131 47.46 -76.40 2.66
CA LEU HA 131 46.46 -75.90 3.61
C LEU HA 131 45.05 -76.15 3.10
N ALA HA 132 44.10 -76.33 4.01
CA ALA HA 132 42.68 -76.45 3.75
C ALA HA 132 41.87 -75.58 4.69
N ARG HA 133 40.76 -75.04 4.16
CA ARG HA 133 39.80 -74.21 4.96
C ARG HA 133 38.37 -74.69 4.64
N TYR HA 134 37.84 -75.65 5.40
CA TYR HA 134 36.51 -76.21 5.22
C TYR HA 134 35.41 -75.21 5.61
N THR HA 135 34.42 -75.02 4.75
CA THR HA 135 33.39 -73.98 4.91
C THR HA 135 31.99 -74.54 5.17
N GLY HA 136 31.80 -75.85 5.04
CA GLY HA 136 30.50 -76.51 5.23
C GLY HA 136 30.08 -77.35 4.03
N CYS HA 137 28.89 -77.91 4.11
CA CYS HA 137 28.38 -78.86 3.15
C CYS HA 137 26.97 -78.48 2.67
N SER HA 138 26.64 -78.79 1.42
CA SER HA 138 25.26 -78.86 0.94
C SER HA 138 24.90 -80.30 0.64
N LEU HA 139 23.75 -80.76 1.14
CA LEU HA 139 23.18 -82.06 0.79
C LEU HA 139 21.88 -81.87 0.02
N LYS HA 140 21.66 -82.64 -1.04
CA LYS HA 140 20.37 -82.84 -1.70
C LYS HA 140 19.93 -84.28 -1.54
N PHE HA 141 18.88 -84.51 -0.78
CA PHE HA 141 18.33 -85.84 -0.55
C PHE HA 141 17.23 -86.10 -1.57
N TYR HA 142 17.33 -87.15 -2.37
CA TYR HA 142 16.36 -87.44 -3.42
C TYR HA 142 15.26 -88.36 -2.93
N GLN HA 143 14.03 -88.09 -3.36
CA GLN HA 143 12.94 -89.06 -3.23
C GLN HA 143 13.29 -90.33 -3.99
N SER HA 144 13.28 -91.48 -3.30
CA SER HA 144 13.32 -92.77 -3.98
C SER HA 144 12.01 -93.05 -4.70
N LYS HA 145 12.01 -93.95 -5.67
CA LYS HA 145 10.80 -94.37 -6.36
C LYS HA 145 9.83 -95.10 -5.43
N ASP HA 146 10.31 -96.13 -4.73
CA ASP HA 146 9.48 -97.11 -4.04
C ASP HA 146 9.47 -97.04 -2.50
N ILE HA 147 10.45 -96.36 -1.88
CA ILE HA 147 10.60 -96.40 -0.40
C ILE HA 147 10.76 -95.00 0.20
N ASP HA 148 10.16 -94.76 1.37
CA ASP HA 148 10.32 -93.46 2.08
C ASP HA 148 11.57 -93.62 2.94
N TYR HA 149 12.06 -92.58 3.59
CA TYR HA 149 13.21 -92.76 4.52
C TYR HA 149 13.44 -91.55 5.39
N VAL HA 150 13.81 -91.76 6.64
CA VAL HA 150 14.13 -90.71 7.61
C VAL HA 150 15.63 -90.49 7.59
N VAL HA 151 16.08 -89.24 7.59
CA VAL HA 151 17.47 -88.86 7.80
C VAL HA 151 17.58 -88.02 9.06
N THR HA 152 18.66 -88.18 9.81
CA THR HA 152 19.13 -87.14 10.72
C THR HA 152 20.64 -87.09 10.67
N TYR HA 153 21.24 -85.94 10.90
CA TYR HA 153 22.67 -85.74 10.77
C TYR HA 153 23.21 -84.98 11.98
N SER HA 154 24.50 -85.13 12.22
CA SER HA 154 25.18 -84.47 13.32
C SER HA 154 26.56 -83.99 12.89
N THR HA 155 27.12 -83.00 13.59
CA THR HA 155 28.50 -82.53 13.32
C THR HA 155 29.25 -82.32 14.62
N SER HA 156 28.82 -82.97 15.71
CA SER HA 156 29.62 -82.92 16.96
C SER HA 156 30.97 -83.55 16.64
N LEU HA 157 32.06 -82.76 16.61
CA LEU HA 157 33.38 -83.30 16.20
C LEU HA 157 33.65 -84.63 16.92
N PRO HA 158 33.41 -84.76 18.24
CA PRO HA 158 33.58 -86.06 18.90
C PRO HA 158 32.73 -87.10 18.20
N LEU HA 159 33.36 -88.13 17.63
CA LEU HA 159 32.63 -89.21 16.89
C LEU HA 159 32.65 -90.49 17.73
N ARG HA 160 31.49 -91.08 18.00
CA ARG HA 160 31.39 -92.35 18.76
C ARG HA 160 30.06 -93.04 18.45
N SER HA 161 29.96 -94.35 18.74
CA SER HA 161 28.70 -95.12 18.52
C SER HA 161 28.10 -95.46 19.88
N SER HA 162 26.79 -95.68 19.95
CA SER HA 162 26.11 -96.00 21.23
C SER HA 162 25.00 -97.04 20.99
N MET HA 163 24.67 -97.83 22.01
CA MET HA 163 23.58 -98.82 21.93
C MET HA 163 22.22 -98.13 21.73
N GLY HA 164 22.00 -97.00 22.40
CA GLY HA 164 20.81 -96.17 22.22
C GLY HA 164 20.72 -95.55 20.83
N MET HA 165 21.83 -95.14 20.22
CA MET HA 165 21.86 -94.70 18.83
C MET HA 165 21.35 -95.81 17.89
N TYR HA 166 21.91 -97.02 17.98
CA TYR HA 166 21.53 -98.10 17.08
C TYR HA 166 20.07 -98.54 17.27
N ASN HA 167 19.57 -98.60 18.50
CA ASN HA 167 18.14 -98.84 18.73
C ASN HA 167 17.28 -97.70 18.16
N SER HA 168 17.69 -96.44 18.36
CA SER HA 168 16.95 -95.29 17.86
C SER HA 168 16.91 -95.19 16.33
N MET HA 169 17.72 -95.98 15.60
CA MET HA 169 17.59 -96.13 14.15
C MET HA 169 16.31 -96.85 13.73
N GLN HA 170 15.58 -97.50 14.64
CA GLN HA 170 14.32 -98.16 14.33
C GLN HA 170 13.38 -97.13 13.68
N PRO HA 171 12.72 -97.43 12.56
CA PRO HA 171 12.06 -96.40 11.75
C PRO HA 171 11.04 -95.55 12.48
N SER HA 172 10.23 -96.13 13.35
CA SER HA 172 9.25 -95.41 14.17
C SER HA 172 9.93 -94.49 15.19
N ILE HA 173 11.01 -94.96 15.84
CA ILE HA 173 11.74 -94.17 16.82
C ILE HA 173 12.52 -93.03 16.16
N HIS HA 174 13.20 -93.30 15.05
CA HIS HA 174 13.89 -92.28 14.28
C HIS HA 174 12.90 -91.22 13.76
N LEU HA 175 11.74 -91.63 13.25
CA LEU HA 175 10.69 -90.72 12.82
C LEU HA 175 10.13 -89.84 13.96
N MET HA 176 10.23 -90.24 15.22
CA MET HA 176 9.83 -89.38 16.35
C MET HA 176 10.89 -88.35 16.75
N GLN HA 177 12.16 -88.53 16.40
CA GLN HA 177 13.23 -87.65 16.85
C GLN HA 177 13.11 -86.21 16.33
N GLN HA 178 13.64 -85.26 17.08
CA GLN HA 178 13.75 -83.87 16.66
C GLN HA 178 14.86 -83.69 15.62
N ASN HA 179 14.69 -82.70 14.74
CA ASN HA 179 15.62 -82.43 13.63
C ASN HA 179 15.84 -83.64 12.70
N LYS HA 180 14.82 -84.47 12.58
CA LYS HA 180 14.67 -85.44 11.48
C LYS HA 180 14.39 -84.70 10.17
N LEU HA 181 14.65 -85.38 9.07
CA LEU HA 181 14.15 -85.07 7.74
C LEU HA 181 13.45 -86.31 7.22
N ILE HA 182 12.18 -86.21 6.84
CA ILE HA 182 11.45 -87.30 6.20
C ILE HA 182 11.45 -87.05 4.70
N VAL HA 183 11.85 -88.05 3.92
CA VAL HA 183 11.80 -88.00 2.46
C VAL HA 183 10.75 -89.03 2.00
N PRO HA 184 9.54 -88.60 1.63
CA PRO HA 184 8.55 -89.48 1.05
C PRO HA 184 9.05 -90.01 -0.29
N SER HA 185 8.69 -91.23 -0.66
CA SER HA 185 8.89 -91.72 -2.00
C SER HA 185 8.08 -90.91 -3.01
N LYS HA 186 8.43 -91.00 -4.30
CA LYS HA 186 7.65 -90.39 -5.38
C LYS HA 186 6.22 -90.94 -5.44
N GLN HA 187 6.03 -92.19 -5.03
CA GLN HA 187 4.71 -92.80 -4.89
C GLN HA 187 3.89 -92.19 -3.75
N THR HA 188 4.45 -91.99 -2.56
CA THR HA 188 3.69 -91.44 -1.42
C THR HA 188 3.46 -89.94 -1.51
N GLN HA 189 4.33 -89.16 -2.17
CA GLN HA 189 4.09 -87.75 -2.42
C GLN HA 189 4.81 -87.25 -3.68
N LYS HA 190 4.06 -86.78 -4.68
CA LYS HA 190 4.60 -85.99 -5.80
C LYS HA 190 4.90 -84.56 -5.31
N ARG HA 191 6.07 -84.02 -5.68
CA ARG HA 191 6.57 -82.73 -5.19
C ARG HA 191 7.00 -81.85 -6.36
N ARG HA 192 7.04 -80.52 -6.14
CA ARG HA 192 7.57 -79.55 -7.11
C ARG HA 192 9.06 -79.82 -7.39
N LYS HA 193 9.87 -79.87 -6.34
CA LYS HA 193 11.28 -80.26 -6.41
C LYS HA 193 11.42 -81.72 -5.99
N PRO HA 194 12.10 -82.58 -6.75
CA PRO HA 194 12.19 -84.01 -6.47
C PRO HA 194 13.20 -84.37 -5.36
N TYR HA 195 13.69 -83.38 -4.63
CA TYR HA 195 14.72 -83.50 -3.61
C TYR HA 195 14.46 -82.51 -2.46
N ILE HA 196 15.04 -82.76 -1.30
CA ILE HA 196 15.09 -81.82 -0.19
C ILE HA 196 16.55 -81.39 0.02
N LYS HA 197 16.80 -80.08 0.02
CA LYS HA 197 18.14 -79.48 0.07
C LYS HA 197 18.36 -78.80 1.40
N LYS HA 198 19.49 -79.06 2.06
CA LYS HA 198 19.90 -78.27 3.22
C LYS HA 198 21.41 -78.15 3.41
N HIS HA 199 21.80 -77.02 3.98
CA HIS HA 199 23.18 -76.63 4.22
C HIS HA 199 23.57 -76.97 5.65
N ILE HA 200 24.75 -77.56 5.81
CA ILE HA 200 25.26 -78.04 7.09
C ILE HA 200 26.58 -77.33 7.39
N SER HA 201 26.66 -76.69 8.54
CA SER HA 201 27.84 -75.93 8.98
C SER HA 201 28.96 -76.86 9.42
N PRO HA 202 30.25 -76.45 9.44
CA PRO HA 202 31.31 -77.28 9.98
C PRO HA 202 31.07 -77.72 11.44
N PRO HA 203 31.72 -78.80 11.91
CA PRO HA 203 31.80 -79.12 13.32
C PRO HA 203 32.22 -77.91 14.15
N THR HA 204 31.68 -77.74 15.35
CA THR HA 204 32.02 -76.56 16.19
C THR HA 204 33.51 -76.49 16.53
N GLN HA 205 34.19 -77.66 16.53
CA GLN HA 205 35.65 -77.77 16.80
C GLN HA 205 36.46 -77.39 15.56
N MET HA 206 35.89 -77.49 14.36
CA MET HA 206 36.51 -77.02 13.12
C MET HA 206 36.23 -75.52 12.98
N LYS HA 207 37.19 -74.67 13.35
CA LYS HA 207 37.05 -73.22 13.26
C LYS HA 207 37.29 -72.75 11.83
N SER HA 208 37.02 -71.48 11.51
CA SER HA 208 37.20 -70.95 10.16
C SER HA 208 38.66 -70.83 9.73
N GLN HA 209 39.63 -71.05 10.62
CA GLN HA 209 41.05 -70.99 10.34
C GLN HA 209 41.50 -71.98 9.25
N TRP HA 210 42.68 -71.76 8.68
CA TRP HA 210 43.37 -72.73 7.84
C TRP HA 210 43.96 -73.87 8.68
N TYR HA 211 43.95 -75.08 8.13
CA TYR HA 211 44.54 -76.27 8.73
C TYR HA 211 45.35 -77.01 7.68
N PHE HA 212 46.49 -77.61 8.02
CA PHE HA 212 47.14 -78.55 7.11
C PHE HA 212 46.20 -79.71 6.75
N GLN HA 213 46.14 -80.07 5.47
CA GLN HA 213 45.27 -81.16 5.00
C GLN HA 213 45.66 -82.49 5.66
N HIS HA 214 46.93 -82.69 6.05
CA HIS HA 214 47.40 -83.91 6.75
C HIS HA 214 46.73 -84.02 8.13
N ASN HA 215 46.50 -82.89 8.80
CA ASN HA 215 45.91 -82.88 10.14
C ASN HA 215 44.41 -83.17 10.09
N ILE HA 216 43.68 -82.47 9.22
CA ILE HA 216 42.21 -82.61 9.12
C ILE HA 216 41.74 -83.80 8.27
N ALA HA 217 42.63 -84.50 7.56
CA ALA HA 217 42.26 -85.58 6.64
C ALA HA 217 41.26 -86.58 7.24
N ASN HA 218 41.53 -87.06 8.46
CA ASN HA 218 40.73 -88.10 9.11
C ASN HA 218 39.66 -87.59 10.09
N ILE HA 219 39.58 -86.28 10.35
CA ILE HA 219 38.57 -85.68 11.23
C ILE HA 219 37.19 -85.84 10.60
N PRO HA 220 36.21 -86.52 11.24
CA PRO HA 220 34.89 -86.71 10.64
C PRO HA 220 34.09 -85.41 10.69
N LEU HA 221 33.82 -84.81 9.52
CA LEU HA 221 33.19 -83.46 9.43
C LEU HA 221 31.65 -83.55 9.30
N LEU HA 222 31.11 -84.74 9.10
CA LEU HA 222 29.67 -84.95 9.04
C LEU HA 222 29.34 -86.40 9.42
N MET HA 223 28.29 -86.61 10.21
CA MET HA 223 27.62 -87.91 10.34
C MET HA 223 26.22 -87.84 9.73
N ILE HA 224 25.86 -88.78 8.87
CA ILE HA 224 24.50 -88.96 8.35
C ILE HA 224 23.96 -90.28 8.88
N ARG HA 225 22.78 -90.26 9.50
CA ARG HA 225 22.02 -91.45 9.94
C ARG HA 225 20.77 -91.56 9.09
N THR HA 226 20.55 -92.70 8.45
CA THR HA 226 19.37 -92.92 7.59
C THR HA 226 18.72 -94.24 7.89
N THR HA 227 17.39 -94.31 7.89
CA THR HA 227 16.63 -95.56 8.03
C THR HA 227 15.50 -95.62 7.01
N ALA HA 228 15.27 -96.79 6.42
CA ALA HA 228 14.18 -97.07 5.50
C ALA HA 228 12.84 -97.23 6.21
N LEU HA 229 11.77 -96.73 5.60
CA LEU HA 229 10.51 -96.42 6.25
C LEU HA 229 9.33 -96.72 5.32
N THR HA 230 8.14 -96.97 5.85
CA THR HA 230 6.92 -96.69 5.09
C THR HA 230 5.93 -95.88 5.91
N LEU HA 231 5.41 -94.81 5.32
CA LEU HA 231 4.39 -93.95 5.91
C LEU HA 231 2.97 -94.53 5.72
N ASP HA 232 2.66 -95.08 4.54
CA ASP HA 232 1.33 -95.62 4.20
C ASP HA 232 1.04 -97.02 4.75
N ASN HA 233 2.07 -97.79 5.12
CA ASN HA 233 1.97 -99.13 5.69
C ASN HA 233 2.57 -99.17 7.10
N TYR HA 234 2.53 -98.05 7.82
CA TYR HA 234 3.25 -97.86 9.08
C TYR HA 234 2.98 -98.95 10.12
N TYR HA 235 1.72 -99.36 10.32
CA TYR HA 235 1.36 -100.38 11.28
C TYR HA 235 1.39 -101.79 10.72
N ILE HA 236 0.77 -102.01 9.56
CA ILE HA 236 0.69 -103.34 8.93
C ILE HA 236 2.06 -103.81 8.46
N GLY HA 237 2.86 -102.91 7.88
CA GLY HA 237 4.20 -103.21 7.37
C GLY HA 237 4.13 -104.28 6.31
N SER HA 238 4.76 -105.43 6.57
CA SER HA 238 4.68 -106.62 5.74
C SER HA 238 3.99 -107.82 6.42
N ARG HA 239 3.16 -107.57 7.44
CA ARG HA 239 2.32 -108.58 8.11
C ARG HA 239 1.49 -109.37 7.11
N GLN HA 240 1.40 -110.69 7.32
CA GLN HA 240 0.53 -111.61 6.60
C GLN HA 240 -0.33 -112.38 7.60
N LEU HA 241 -1.62 -112.60 7.31
CA LEU HA 241 -2.56 -113.28 8.21
C LEU HA 241 -2.61 -112.60 9.60
N SER HA 242 -2.37 -113.33 10.69
CA SER HA 242 -2.43 -112.84 12.07
C SER HA 242 -1.38 -111.76 12.38
N THR HA 243 -1.64 -110.94 13.40
CA THR HA 243 -0.64 -110.00 13.95
C THR HA 243 0.53 -110.73 14.61
N ASN HA 244 0.30 -111.95 15.13
CA ASN HA 244 1.33 -112.78 15.75
C ASN HA 244 2.36 -113.25 14.71
N VAL HA 245 3.64 -113.16 15.07
CA VAL HA 245 4.77 -113.76 14.33
C VAL HA 245 5.23 -115.02 15.07
N THR HA 246 5.61 -116.05 14.33
CA THR HA 246 6.15 -117.29 14.93
C THR HA 246 7.66 -117.25 14.98
N ILE HA 247 8.23 -117.47 16.16
CA ILE HA 247 9.67 -117.56 16.42
C ILE HA 247 10.02 -119.02 16.68
N HIS HA 248 11.04 -119.56 16.01
CA HIS HA 248 11.55 -120.91 16.35
C HIS HA 248 12.64 -120.69 17.40
N THR HA 249 12.84 -121.61 18.33
CA THR HA 249 13.92 -121.54 19.32
C THR HA 249 14.46 -122.91 19.69
N LEU HA 250 15.68 -122.95 20.23
CA LEU HA 250 16.24 -124.22 20.77
C LEU HA 250 15.60 -124.44 22.14
N ASN HA 251 14.96 -125.58 22.39
CA ASN HA 251 14.43 -125.89 23.74
C ASN HA 251 15.54 -125.56 24.73
N THR HA 252 15.30 -124.67 25.69
CA THR HA 252 16.31 -124.26 26.70
C THR HA 252 16.37 -125.31 27.77
N THR HA 253 15.27 -125.99 28.05
CA THR HA 253 15.16 -126.96 29.17
C THR HA 253 15.85 -128.30 28.89
N TYR HA 254 16.44 -128.49 27.69
CA TYR HA 254 17.14 -129.73 27.31
C TYR HA 254 18.45 -129.49 26.56
N ILE HA 255 18.50 -128.50 25.65
CA ILE HA 255 19.69 -128.17 24.86
C ILE HA 255 20.46 -127.04 25.58
N GLN HA 256 21.51 -127.35 26.35
CA GLN HA 256 22.20 -126.28 27.10
C GLN HA 256 23.72 -126.41 27.08
N ASN HA 257 24.27 -127.53 26.65
CA ASN HA 257 25.71 -127.73 26.81
C ASN HA 257 26.60 -126.86 25.93
N ARG HA 258 26.09 -126.36 24.80
CA ARG HA 258 26.85 -125.44 23.89
C ARG HA 258 28.21 -126.02 23.48
N ASP HA 259 28.35 -127.35 23.39
CA ASP HA 259 29.59 -128.00 22.95
C ASP HA 259 29.58 -128.31 21.44
N TRP HA 260 29.40 -127.29 20.61
CA TRP HA 260 29.09 -127.47 19.18
C TRP HA 260 30.30 -127.45 18.24
N GLY HA 261 30.12 -128.06 17.06
CA GLY HA 261 31.00 -127.89 15.92
C GLY HA 261 32.27 -128.73 15.92
N ASP HA 262 32.23 -129.93 16.49
CA ASP HA 262 33.27 -130.97 16.36
C ASP HA 262 32.69 -132.32 15.91
N ARG HA 263 33.43 -133.04 15.05
CA ARG HA 263 33.07 -134.46 14.73
C ARG HA 263 33.94 -135.32 15.66
N ASN HA 264 34.78 -134.70 16.49
CA ASN HA 264 35.71 -135.36 17.41
C ASN HA 264 35.14 -135.55 18.84
N LYS HA 265 33.82 -135.33 19.03
CA LYS HA 265 33.15 -135.31 20.34
C LYS HA 265 31.74 -135.88 20.22
N THR HA 266 31.40 -136.90 21.00
CA THR HA 266 30.01 -137.38 21.11
C THR HA 266 29.16 -136.32 21.81
N TYR HA 267 28.08 -135.85 21.17
CA TYR HA 267 27.29 -134.75 21.72
C TYR HA 267 26.34 -135.21 22.82
N TYR HA 268 26.25 -134.40 23.87
CA TYR HA 268 25.36 -134.57 25.02
C TYR HA 268 24.66 -133.23 25.25
N CYS HA 269 23.34 -133.23 25.45
CA CYS HA 269 22.54 -132.02 25.37
C CYS HA 269 22.51 -131.21 26.67
N GLN HA 270 22.52 -131.86 27.83
CA GLN HA 270 22.58 -131.20 29.14
C GLN HA 270 23.35 -132.03 30.17
N THR HA 271 23.84 -131.35 31.21
CA THR HA 271 24.30 -131.96 32.46
C THR HA 271 23.35 -131.57 33.59
N LEU HA 272 22.99 -132.53 34.45
CA LEU HA 272 22.28 -132.25 35.71
C LEU HA 272 22.96 -133.02 36.84
N GLY HA 273 23.27 -132.36 37.96
CA GLY HA 273 24.13 -132.95 38.99
C GLY HA 273 25.48 -133.36 38.41
N THR HA 274 25.81 -134.65 38.50
CA THR HA 274 26.98 -135.26 37.83
C THR HA 274 26.66 -135.88 36.46
N GLN HA 275 25.39 -136.04 36.10
CA GLN HA 275 24.97 -136.78 34.90
C GLN HA 275 25.25 -136.02 33.59
N ARG HA 276 25.24 -136.77 32.48
CA ARG HA 276 25.12 -136.25 31.11
C ARG HA 276 23.88 -136.88 30.47
N TYR HA 277 23.19 -136.13 29.62
CA TYR HA 277 21.99 -136.57 28.91
C TYR HA 277 22.22 -136.53 27.41
N PHE HA 278 21.60 -137.47 26.71
CA PHE HA 278 21.91 -137.83 25.33
C PHE HA 278 20.61 -137.97 24.53
N LEU HA 279 20.73 -137.73 23.24
CA LEU HA 279 19.62 -137.74 22.29
C LEU HA 279 19.84 -138.88 21.28
N TYR HA 280 18.76 -139.52 20.85
CA TYR HA 280 18.77 -140.56 19.82
C TYR HA 280 17.61 -140.38 18.86
N GLY HA 281 17.85 -140.49 17.56
CA GLY HA 281 16.80 -140.49 16.55
C GLY HA 281 16.29 -141.90 16.28
N THR HA 282 15.04 -142.06 15.83
CA THR HA 282 14.58 -143.34 15.30
C THR HA 282 13.58 -143.14 14.17
N HIS HA 283 13.52 -144.11 13.25
CA HIS HA 283 12.48 -144.11 12.18
C HIS HA 283 11.38 -145.09 12.62
N SER HA 284 11.49 -145.67 13.83
CA SER HA 284 10.54 -146.66 14.31
C SER HA 284 9.11 -146.13 14.36
N THR HA 285 8.16 -146.97 13.96
CA THR HA 285 6.71 -146.73 14.10
C THR HA 285 6.18 -147.13 15.49
N ALA HA 286 7.03 -147.62 16.39
CA ALA HA 286 6.64 -148.04 17.73
C ALA HA 286 5.97 -146.90 18.51
N GLN HA 287 4.79 -147.17 19.07
CA GLN HA 287 4.01 -146.18 19.81
C GLN HA 287 4.49 -145.98 21.25
N ASN HA 288 5.12 -147.00 21.85
CA ASN HA 288 5.50 -147.01 23.26
C ASN HA 288 7.02 -146.85 23.42
N ILE HA 289 7.44 -145.83 24.16
CA ILE HA 289 8.85 -145.52 24.41
C ILE HA 289 9.60 -146.66 25.12
N ASN HA 290 8.90 -147.52 25.86
CA ASN HA 290 9.51 -148.65 26.56
C ASN HA 290 9.99 -149.77 25.63
N ASP HA 291 9.21 -150.11 24.57
CA ASP HA 291 9.48 -151.32 23.73
C ASP HA 291 10.42 -151.10 22.53
N ILE HA 292 10.80 -149.87 22.21
CA ILE HA 292 11.79 -149.61 21.16
C ILE HA 292 13.07 -150.41 21.47
N LYS HA 293 13.71 -150.98 20.44
CA LYS HA 293 14.92 -151.79 20.60
C LYS HA 293 16.14 -150.91 20.98
N LEU HA 294 17.28 -151.55 21.27
CA LEU HA 294 18.53 -150.78 21.46
C LEU HA 294 19.06 -150.49 20.05
N GLN HA 295 18.61 -151.27 19.05
CA GLN HA 295 19.05 -151.11 17.63
C GLN HA 295 18.37 -149.92 16.96
N GLU HA 296 17.06 -149.73 17.18
CA GLU HA 296 16.29 -148.67 16.49
C GLU HA 296 16.97 -147.30 16.64
N LEU HA 297 17.50 -147.00 17.82
CA LEU HA 297 18.08 -145.65 18.11
C LEU HA 297 19.26 -145.34 17.17
N ILE HA 298 19.32 -144.10 16.66
CA ILE HA 298 20.43 -143.61 15.80
C ILE HA 298 21.19 -142.61 16.68
N PRO HA 299 22.27 -142.99 17.36
CA PRO HA 299 22.92 -142.14 18.35
C PRO HA 299 23.58 -140.96 17.64
N LEU HA 300 23.70 -139.82 18.33
CA LEU HA 300 24.30 -138.60 17.72
C LEU HA 300 25.73 -138.42 18.24
N THR HA 301 26.74 -138.60 17.39
CA THR HA 301 28.17 -138.48 17.76
C THR HA 301 28.77 -137.28 17.05
N ASN HA 302 27.98 -136.55 16.26
CA ASN HA 302 28.44 -135.34 15.57
C ASN HA 302 27.39 -134.23 15.74
N THR HA 303 27.82 -132.97 15.93
CA THR HA 303 26.93 -131.82 15.69
C THR HA 303 27.35 -130.98 14.49
N GLN HA 304 28.62 -131.07 14.08
CA GLN HA 304 29.24 -130.21 13.03
C GLN HA 304 28.72 -130.44 11.60
N ASP HA 305 27.97 -131.50 11.33
CA ASP HA 305 27.53 -131.78 9.93
C ASP HA 305 26.02 -131.74 9.74
N TYR HA 306 25.59 -131.59 8.49
CA TYR HA 306 24.16 -131.68 8.12
C TYR HA 306 23.64 -133.13 8.10
N VAL HA 307 24.51 -134.12 8.24
CA VAL HA 307 24.19 -135.54 7.99
C VAL HA 307 23.06 -136.05 8.91
N GLN HA 308 22.12 -136.80 8.33
CA GLN HA 308 20.97 -137.41 9.03
C GLN HA 308 21.38 -138.63 9.87
N GLY HA 309 22.45 -139.32 9.47
CA GLY HA 309 22.75 -140.67 9.92
C GLY HA 309 21.86 -141.69 9.21
N PHE HA 310 21.88 -142.93 9.69
CA PHE HA 310 21.02 -144.01 9.20
C PHE HA 310 20.83 -145.08 10.28
N ASP HA 311 19.81 -145.91 10.09
CA ASP HA 311 19.44 -146.98 11.02
C ASP HA 311 20.34 -148.22 10.90
N TRP HA 312 20.43 -149.02 11.97
CA TRP HA 312 21.21 -150.27 12.03
C TRP HA 312 20.75 -151.30 10.97
N THR HA 313 19.51 -151.21 10.49
CA THR HA 313 19.02 -152.02 9.37
C THR HA 313 19.80 -151.78 8.07
N GLU HA 314 20.56 -150.69 7.95
CA GLU HA 314 21.45 -150.41 6.81
C GLU HA 314 22.92 -150.82 7.07
N LYS HA 315 23.19 -151.62 8.12
CA LYS HA 315 24.50 -152.22 8.42
C LYS HA 315 25.20 -152.77 7.17
N ASP HA 316 24.47 -153.56 6.37
CA ASP HA 316 24.99 -154.19 5.17
C ASP HA 316 25.15 -153.25 3.97
N LYS HA 317 24.57 -152.04 3.98
CA LYS HA 317 24.77 -151.03 2.93
C LYS HA 317 26.08 -150.27 3.09
N HIS HA 318 26.57 -150.15 4.34
CA HIS HA 318 27.83 -149.41 4.68
C HIS HA 318 28.87 -150.39 5.26
N ASN HA 319 28.79 -151.68 4.94
CA ASN HA 319 29.75 -152.72 5.33
C ASN HA 319 30.13 -152.65 6.83
N ILE HA 320 29.17 -152.27 7.68
CA ILE HA 320 29.38 -152.09 9.11
C ILE HA 320 29.57 -153.46 9.79
N THR HA 321 30.63 -153.58 10.60
CA THR HA 321 30.93 -154.80 11.34
C THR HA 321 30.57 -154.71 12.83
N THR HA 322 30.51 -153.51 13.41
CA THR HA 322 30.29 -153.29 14.84
C THR HA 322 29.47 -152.04 15.11
N TYR HA 323 28.90 -151.92 16.32
CA TYR HA 323 28.27 -150.69 16.75
C TYR HA 323 29.24 -149.49 16.75
N LYS HA 324 30.55 -149.71 16.94
CA LYS HA 324 31.59 -148.68 16.75
C LYS HA 324 31.58 -148.10 15.33
N GLU HA 325 31.47 -148.94 14.31
CA GLU HA 325 31.32 -148.47 12.92
C GLU HA 325 29.92 -147.90 12.64
N PHE HA 326 28.87 -148.37 13.32
CA PHE HA 326 27.55 -147.74 13.26
C PHE HA 326 27.56 -146.32 13.83
N LEU HA 327 28.23 -146.10 14.98
CA LEU HA 327 28.46 -144.78 15.59
C LEU HA 327 29.20 -143.84 14.64
N THR HA 328 30.26 -144.29 13.97
CA THR HA 328 31.07 -143.40 13.12
C THR HA 328 30.42 -143.16 11.76
N LYS HA 329 29.88 -144.18 11.09
CA LYS HA 329 29.25 -144.01 9.77
C LYS HA 329 27.81 -143.50 9.84
N GLY HA 330 27.03 -143.96 10.81
CA GLY HA 330 25.55 -143.86 10.81
C GLY HA 330 24.95 -142.91 11.83
N ALA HA 331 25.73 -142.27 12.71
CA ALA HA 331 25.20 -141.28 13.64
C ALA HA 331 24.60 -140.04 12.95
N GLY HA 332 23.53 -139.49 13.52
CA GLY HA 332 22.78 -138.36 12.96
C GLY HA 332 23.06 -137.05 13.69
N ASN HA 333 23.12 -135.92 12.98
CA ASN HA 333 23.26 -134.63 13.64
C ASN HA 333 21.87 -134.17 14.12
N PRO HA 334 21.71 -133.70 15.37
CA PRO HA 334 20.38 -133.42 15.95
C PRO HA 334 19.67 -132.27 15.24
N PHE HA 335 20.41 -131.42 14.54
CA PHE HA 335 19.93 -130.27 13.79
C PHE HA 335 19.65 -130.59 12.31
N HIS HA 336 19.70 -131.85 11.87
CA HIS HA 336 19.22 -132.22 10.54
C HIS HA 336 17.71 -131.92 10.41
N ALA HA 337 17.22 -131.67 9.21
CA ALA HA 337 15.87 -131.15 8.95
C ALA HA 337 14.71 -132.01 9.51
N GLU HA 338 14.92 -133.32 9.74
CA GLU HA 338 13.93 -134.17 10.41
C GLU HA 338 14.12 -134.26 11.93
N TRP HA 339 15.36 -134.24 12.44
CA TRP HA 339 15.62 -134.31 13.88
C TRP HA 339 15.43 -132.97 14.60
N ILE HA 340 15.66 -131.83 13.93
CA ILE HA 340 15.58 -130.47 14.48
C ILE HA 340 14.20 -130.16 15.11
N THR HA 341 13.13 -130.62 14.48
CA THR HA 341 11.73 -130.50 14.95
C THR HA 341 11.11 -131.87 15.24
N ALA HA 342 11.92 -132.94 15.30
CA ALA HA 342 11.48 -134.32 15.51
C ALA HA 342 10.32 -134.75 14.59
N GLN HA 343 10.42 -134.42 13.29
CA GLN HA 343 9.48 -134.89 12.27
C GLN HA 343 9.37 -136.42 12.30
N ASN HA 344 10.52 -137.08 12.42
CA ASN HA 344 10.63 -138.47 12.84
C ASN HA 344 11.07 -138.47 14.32
N PRO HA 345 10.52 -139.34 15.19
CA PRO HA 345 10.71 -139.24 16.63
C PRO HA 345 12.17 -139.18 17.08
N VAL HA 346 12.41 -138.39 18.12
CA VAL HA 346 13.72 -138.18 18.77
C VAL HA 346 13.55 -138.44 20.27
N ILE HA 347 14.49 -139.19 20.83
CA ILE HA 347 14.42 -139.73 22.18
C ILE HA 347 15.53 -139.12 23.03
N HIS HA 348 15.18 -138.54 24.18
CA HIS HA 348 16.11 -137.96 25.15
C HIS HA 348 16.26 -138.90 26.34
N THR HA 349 17.48 -139.16 26.80
CA THR HA 349 17.76 -140.12 27.88
C THR HA 349 19.03 -139.77 28.67
N ALA HA 350 19.11 -140.23 29.92
CA ALA HA 350 20.35 -140.23 30.68
C ALA HA 350 21.33 -141.34 30.22
N ASN HA 351 20.84 -142.37 29.50
CA ASN HA 351 21.68 -143.51 29.16
C ASN HA 351 22.70 -143.17 28.06
N SER HA 352 23.97 -143.11 28.44
CA SER HA 352 25.06 -142.78 27.52
C SER HA 352 25.21 -143.82 26.42
N PRO HA 353 25.53 -143.43 25.17
CA PRO HA 353 25.84 -144.35 24.10
C PRO HA 353 26.91 -145.37 24.49
N THR HA 354 27.86 -145.04 25.35
CA THR HA 354 28.89 -145.99 25.81
C THR HA 354 28.32 -147.10 26.70
N GLN HA 355 27.24 -146.86 27.45
CA GLN HA 355 26.53 -147.98 28.09
C GLN HA 355 25.86 -148.87 27.04
N ILE HA 356 25.27 -148.28 25.99
CA ILE HA 356 24.77 -149.04 24.85
C ILE HA 356 25.90 -149.77 24.11
N GLU HA 357 27.09 -149.18 23.97
CA GLU HA 357 28.29 -149.83 23.41
C GLU HA 357 28.61 -151.08 24.24
N GLN HA 358 28.65 -150.95 25.57
CA GLN HA 358 28.90 -152.09 26.46
C GLN HA 358 27.85 -153.19 26.25
N ILE HA 359 26.56 -152.85 26.11
CA ILE HA 359 25.51 -153.85 25.84
C ILE HA 359 25.70 -154.53 24.47
N TYR HA 360 25.96 -153.76 23.41
CA TYR HA 360 26.25 -154.32 22.08
C TYR HA 360 27.51 -155.18 22.07
N THR HA 361 28.64 -154.63 22.53
CA THR HA 361 29.95 -155.28 22.44
C THR HA 361 30.02 -156.50 23.36
N ALA HA 362 29.37 -156.47 24.54
CA ALA HA 362 29.28 -157.65 25.40
C ALA HA 362 28.59 -158.82 24.68
N SER HA 363 27.50 -158.59 23.97
CA SER HA 363 26.96 -159.54 22.99
C SER HA 363 26.02 -158.89 21.96
N THR HA 364 26.43 -158.97 20.68
CA THR HA 364 25.66 -158.46 19.53
C THR HA 364 24.35 -159.21 19.33
N THR HA 365 24.31 -160.50 19.70
CA THR HA 365 23.09 -161.32 19.66
C THR HA 365 22.05 -160.86 20.69
N THR HA 366 22.46 -160.37 21.87
CA THR HA 366 21.52 -159.80 22.85
C THR HA 366 21.17 -158.35 22.58
N PHE HA 367 21.88 -157.64 21.69
CA PHE HA 367 21.46 -156.31 21.19
C PHE HA 367 20.14 -156.38 20.40
N GLN HA 368 19.90 -157.49 19.69
CA GLN HA 368 18.60 -157.80 19.08
C GLN HA 368 17.51 -157.97 20.13
N ASN HA 369 17.81 -158.66 21.24
CA ASN HA 369 16.84 -158.97 22.28
C ASN HA 369 16.51 -157.76 23.17
N LYS HA 370 17.52 -156.96 23.55
CA LYS HA 370 17.35 -155.83 24.47
C LYS HA 370 16.49 -154.72 23.86
N LYS HA 371 15.57 -154.20 24.67
CA LYS HA 371 14.72 -153.03 24.39
C LYS HA 371 15.07 -151.88 25.33
N LEU HA 372 14.35 -150.76 25.25
CA LEU HA 372 14.49 -149.60 26.14
C LEU HA 372 14.06 -149.91 27.58
N THR HA 373 13.26 -150.95 27.82
CA THR HA 373 13.08 -151.55 29.15
C THR HA 373 14.38 -152.15 29.70
N ASP HA 374 14.56 -152.11 31.02
CA ASP HA 374 15.68 -152.73 31.74
C ASP HA 374 17.09 -152.29 31.26
N LEU HA 375 17.19 -151.09 30.67
CA LEU HA 375 18.49 -150.47 30.35
C LEU HA 375 19.06 -149.71 31.55
N PRO HA 376 20.38 -149.47 31.59
CA PRO HA 376 20.98 -148.60 32.60
C PRO HA 376 20.48 -147.17 32.44
N THR HA 377 20.26 -146.48 33.57
CA THR HA 377 19.74 -145.09 33.64
C THR HA 377 18.71 -144.78 32.53
N PRO HA 378 17.58 -145.49 32.44
CA PRO HA 378 16.68 -145.32 31.30
C PRO HA 378 15.63 -144.23 31.38
N GLY HA 379 16.04 -142.96 31.23
CA GLY HA 379 15.10 -141.82 31.23
C GLY HA 379 14.65 -141.57 29.81
N TYR HA 380 14.29 -142.61 29.06
CA TYR HA 380 13.88 -142.48 27.64
C TYR HA 380 12.56 -141.69 27.57
N ILE HA 381 12.57 -140.52 26.94
CA ILE HA 381 11.37 -139.63 26.83
C ILE HA 381 11.25 -139.22 25.35
N PHE HA 382 10.20 -138.50 24.93
CA PHE HA 382 10.09 -137.97 23.55
C PHE HA 382 10.25 -136.45 23.63
N ILE HA 383 11.40 -135.90 23.24
CA ILE HA 383 11.69 -134.46 23.36
C ILE HA 383 12.06 -133.89 21.98
N THR HA 384 11.60 -132.67 21.68
CA THR HA 384 11.89 -131.99 20.41
C THR HA 384 12.99 -130.93 20.63
N PRO HA 385 14.09 -130.93 19.85
CA PRO HA 385 15.15 -129.92 20.00
C PRO HA 385 14.65 -128.49 19.76
N THR HA 386 13.68 -128.31 18.88
CA THR HA 386 13.02 -127.02 18.58
C THR HA 386 11.64 -126.93 19.20
N VAL HA 387 11.27 -125.75 19.68
CA VAL HA 387 9.89 -125.33 19.93
C VAL HA 387 9.59 -124.06 19.14
N SER HA 388 8.33 -123.90 18.70
CA SER HA 388 7.86 -122.66 18.06
C SER HA 388 7.04 -121.84 19.05
N LEU HA 389 7.42 -120.59 19.26
CA LEU HA 389 6.70 -119.60 20.07
C LEU HA 389 5.89 -118.67 19.17
N ARG HA 390 4.82 -118.08 19.71
CA ARG HA 390 4.10 -116.95 19.09
C ARG HA 390 4.41 -115.67 19.85
N TYR HA 391 4.81 -114.63 19.13
CA TYR HA 391 5.07 -113.29 19.67
C TYR HA 391 4.08 -112.30 19.08
N ASN HA 392 3.49 -111.46 19.92
CA ASN HA 392 2.62 -110.38 19.50
C ASN HA 392 3.22 -109.04 19.98
N PRO HA 393 3.57 -108.10 19.08
CA PRO HA 393 4.23 -106.87 19.47
C PRO HA 393 3.33 -105.95 20.32
N TYR HA 394 2.01 -106.04 20.11
CA TYR HA 394 1.04 -105.17 20.84
C TYR HA 394 0.81 -105.71 22.25
N LYS HA 395 1.19 -106.98 22.49
CA LYS HA 395 1.03 -107.62 23.82
C LYS HA 395 2.35 -107.49 24.60
N ASP HA 396 3.34 -106.79 24.05
CA ASP HA 396 4.68 -106.68 24.68
C ASP HA 396 4.79 -105.41 25.53
N LEU HA 397 5.12 -105.54 26.82
CA LEU HA 397 5.17 -104.40 27.74
C LEU HA 397 6.60 -104.05 28.17
N ALA HA 398 7.61 -104.79 27.71
CA ALA HA 398 9.01 -104.49 27.96
C ALA HA 398 9.43 -104.38 29.45
N GLU HA 399 8.75 -105.06 30.38
CA GLU HA 399 9.05 -104.91 31.82
C GLU HA 399 10.27 -105.75 32.25
N ARG HA 400 10.51 -106.89 31.59
CA ARG HA 400 11.63 -107.82 31.90
C ARG HA 400 12.31 -108.34 30.63
N ASN HA 401 12.22 -107.58 29.54
CA ASN HA 401 12.89 -107.87 28.29
C ASN HA 401 14.41 -107.69 28.42
N LYS HA 402 15.19 -108.52 27.73
CA LYS HA 402 16.66 -108.55 27.86
C LYS HA 402 17.28 -109.22 26.63
N CYS HA 403 18.52 -108.92 26.30
CA CYS HA 403 19.17 -109.40 25.08
C CYS HA 403 20.70 -109.36 25.21
N TYR HA 404 21.42 -110.41 24.82
CA TYR HA 404 22.88 -110.49 24.88
C TYR HA 404 23.45 -111.63 24.02
N PHE HA 405 24.76 -111.60 23.77
CA PHE HA 405 25.48 -112.67 23.05
C PHE HA 405 26.28 -113.55 24.00
N VAL HA 406 26.23 -114.87 23.80
CA VAL HA 406 27.03 -115.88 24.50
C VAL HA 406 27.94 -116.60 23.51
N ARG HA 407 29.06 -117.15 23.98
CA ARG HA 407 30.05 -117.84 23.14
C ARG HA 407 29.53 -119.21 22.71
N SER HA 408 29.43 -119.49 21.42
CA SER HA 408 28.89 -120.76 20.90
C SER HA 408 29.91 -121.89 20.94
N LYS HA 409 31.12 -121.70 20.35
CA LYS HA 409 32.23 -122.65 20.44
C LYS HA 409 33.07 -122.47 21.72
N ILE HA 410 32.49 -122.77 22.88
CA ILE HA 410 33.25 -122.99 24.12
C ILE HA 410 32.63 -124.10 24.96
N ASN HA 411 33.43 -124.70 25.82
CA ASN HA 411 33.01 -125.76 26.74
C ASN HA 411 32.41 -125.17 28.03
N ALA HA 412 31.32 -124.42 27.92
CA ALA HA 412 30.63 -123.82 29.08
C ALA HA 412 29.12 -124.08 29.05
N HIS HA 413 28.57 -124.49 30.19
CA HIS HA 413 27.18 -124.85 30.35
C HIS HA 413 26.27 -123.63 30.50
N GLY HA 414 25.01 -123.77 30.08
CA GLY HA 414 23.95 -122.82 30.40
C GLY HA 414 23.96 -121.55 29.56
N TRP HA 415 22.93 -120.74 29.77
CA TRP HA 415 22.56 -119.60 28.92
C TRP HA 415 22.60 -118.25 29.63
N ASP HA 416 23.05 -118.21 30.89
CA ASP HA 416 23.03 -116.95 31.69
C ASP HA 416 23.81 -115.85 30.97
N PRO HA 417 23.48 -114.55 31.15
CA PRO HA 417 24.25 -113.47 30.56
C PRO HA 417 25.68 -113.64 31.05
N GLU HA 418 26.66 -113.63 30.13
CA GLU HA 418 28.08 -113.86 30.50
C GLU HA 418 28.98 -112.87 29.76
N GLN HA 419 30.29 -112.91 30.05
CA GLN HA 419 31.27 -112.01 29.39
C GLN HA 419 30.87 -110.55 29.65
N HIS HA 420 30.64 -109.73 28.61
CA HIS HA 420 30.33 -108.29 28.78
C HIS HA 420 28.94 -108.10 29.40
N GLN HA 421 28.89 -107.55 30.61
CA GLN HA 421 27.60 -107.27 31.30
C GLN HA 421 27.17 -105.84 30.93
N GLU HA 422 28.10 -105.02 30.40
CA GLU HA 422 27.74 -103.69 29.90
C GLU HA 422 27.09 -103.73 28.51
N LEU HA 423 27.26 -104.84 27.77
CA LEU HA 423 26.66 -105.03 26.45
C LEU HA 423 25.24 -105.61 26.53
N ILE HA 424 24.77 -106.04 27.70
CA ILE HA 424 23.38 -106.49 27.88
C ILE HA 424 22.44 -105.32 27.56
N ASN HA 425 21.44 -105.58 26.70
CA ASN HA 425 20.42 -104.56 26.29
C ASN HA 425 19.09 -104.95 26.95
N SER HA 426 18.43 -104.07 27.70
CA SER HA 426 17.27 -104.40 28.54
C SER HA 426 16.14 -103.38 28.41
N ASP HA 427 14.93 -103.79 28.78
CA ASP HA 427 13.78 -102.91 29.06
C ASP HA 427 13.26 -102.08 27.86
N LEU HA 428 13.28 -102.65 26.65
CA LEU HA 428 12.58 -102.13 25.48
C LEU HA 428 11.78 -103.28 24.83
N PRO HA 429 10.70 -103.00 24.10
CA PRO HA 429 9.95 -104.07 23.43
C PRO HA 429 10.85 -104.77 22.41
N GLN HA 430 10.75 -106.10 22.27
CA GLN HA 430 11.69 -106.93 21.43
C GLN HA 430 11.94 -106.41 20.01
N TRP HA 431 10.97 -105.79 19.35
CA TRP HA 431 11.16 -105.20 18.02
C TRP HA 431 12.04 -103.94 18.05
N LEU HA 432 12.09 -103.22 19.17
CA LEU HA 432 13.01 -102.11 19.39
C LEU HA 432 14.32 -102.58 20.00
N LEU HA 433 14.28 -103.54 20.92
CA LEU HA 433 15.45 -104.05 21.62
C LEU HA 433 16.44 -104.75 20.67
N LEU HA 434 15.95 -105.50 19.68
CA LEU HA 434 16.79 -106.23 18.74
C LEU HA 434 17.29 -105.34 17.59
N PHE HA 435 16.64 -104.22 17.27
CA PHE HA 435 16.93 -103.45 16.07
C PHE HA 435 18.35 -102.87 16.10
N GLY HA 436 19.21 -103.28 15.16
CA GLY HA 436 20.59 -102.82 15.10
C GLY HA 436 21.50 -103.28 16.23
N TYR HA 437 21.02 -104.07 17.19
CA TYR HA 437 21.83 -104.53 18.33
C TYR HA 437 23.01 -105.42 17.90
N PRO HA 438 22.84 -106.42 17.01
CA PRO HA 438 23.98 -107.17 16.48
C PRO HA 438 25.04 -106.31 15.80
N ASP HA 439 24.64 -105.28 15.06
CA ASP HA 439 25.59 -104.37 14.41
C ASP HA 439 26.30 -103.46 15.40
N TYR HA 440 25.62 -102.98 16.45
CA TYR HA 440 26.30 -102.28 17.54
C TYR HA 440 27.38 -103.18 18.17
N ILE HA 441 27.07 -104.45 18.40
CA ILE HA 441 28.01 -105.40 18.97
C ILE HA 441 29.19 -105.67 18.03
N LYS HA 442 28.94 -105.90 16.73
CA LYS HA 442 30.01 -106.03 15.74
C LYS HA 442 30.91 -104.80 15.67
N ARG HA 443 30.32 -103.60 15.60
CA ARG HA 443 31.10 -102.33 15.51
C ARG HA 443 31.87 -102.09 16.82
N THR HA 444 31.33 -102.54 17.96
CA THR HA 444 32.02 -102.44 19.25
C THR HA 444 33.28 -103.32 19.30
N GLN HA 445 33.32 -104.44 18.58
CA GLN HA 445 34.54 -105.29 18.44
C GLN HA 445 35.01 -105.89 19.78
N ASN HA 446 34.15 -105.94 20.81
CA ASN HA 446 34.47 -106.57 22.09
C ASN HA 446 34.32 -108.10 22.09
N PHE HA 447 33.86 -108.69 20.97
CA PHE HA 447 33.74 -110.13 20.76
C PHE HA 447 34.53 -110.57 19.52
N ALA HA 448 34.96 -111.83 19.49
CA ALA HA 448 35.58 -112.40 18.29
C ALA HA 448 34.58 -112.36 17.12
N LEU HA 449 35.00 -111.78 16.00
CA LEU HA 449 34.08 -111.14 15.06
C LEU HA 449 33.13 -112.10 14.34
N VAL HA 450 33.49 -113.38 14.21
CA VAL HA 450 32.81 -114.30 13.30
C VAL HA 450 31.44 -114.77 13.83
N ASP HA 451 30.41 -114.74 12.97
CA ASP HA 451 29.02 -115.11 13.37
C ASP HA 451 28.94 -116.53 13.93
N THR HA 452 29.84 -117.42 13.52
CA THR HA 452 29.80 -118.83 13.95
C THR HA 452 30.21 -119.05 15.40
N ASN HA 453 30.83 -118.06 16.05
CA ASN HA 453 31.44 -118.26 17.37
C ASN HA 453 30.58 -117.68 18.52
N TYR HA 454 29.42 -117.11 18.22
CA TYR HA 454 28.49 -116.56 19.20
C TYR HA 454 27.04 -116.96 18.88
N ILE HA 455 26.20 -116.92 19.90
CA ILE HA 455 24.74 -117.03 19.80
C ILE HA 455 24.13 -115.81 20.45
N LEU HA 456 23.06 -115.29 19.88
CA LEU HA 456 22.17 -114.30 20.46
C LEU HA 456 21.08 -115.00 21.28
N VAL HA 457 20.90 -114.52 22.51
CA VAL HA 457 19.99 -115.05 23.52
C VAL HA 457 19.14 -113.90 24.04
N ASP HA 458 17.82 -114.06 24.18
CA ASP HA 458 16.95 -113.00 24.69
C ASP HA 458 15.86 -113.52 25.63
N HIS HA 459 15.49 -112.72 26.61
CA HIS HA 459 14.39 -112.99 27.54
C HIS HA 459 13.19 -112.11 27.17
N CYS HA 460 12.00 -112.70 27.14
CA CYS HA 460 10.76 -112.00 26.85
C CYS HA 460 9.59 -112.73 27.53
N PRO HA 461 8.98 -112.15 28.57
CA PRO HA 461 7.77 -112.69 29.22
C PRO HA 461 6.55 -112.87 28.31
N TYR HA 462 6.53 -112.20 27.15
CA TYR HA 462 5.30 -111.89 26.43
C TYR HA 462 4.97 -112.80 25.25
N THR HA 463 5.77 -113.83 24.96
CA THR HA 463 5.31 -114.92 24.09
C THR HA 463 4.24 -115.74 24.80
N ASN HA 464 3.28 -116.30 24.05
CA ASN HA 464 2.15 -117.01 24.65
C ASN HA 464 2.56 -118.35 25.30
N PRO HA 465 3.23 -119.27 24.59
CA PRO HA 465 4.13 -120.22 25.23
C PRO HA 465 5.42 -119.51 25.64
N GLU HA 466 6.24 -120.11 26.49
CA GLU HA 466 7.50 -119.51 26.96
C GLU HA 466 8.64 -120.52 27.02
N LYS HA 467 9.86 -119.99 26.97
CA LYS HA 467 11.12 -120.62 27.38
C LYS HA 467 11.94 -119.55 28.11
N THR HA 468 12.70 -119.92 29.14
CA THR HA 468 13.30 -118.94 30.06
C THR HA 468 14.18 -117.93 29.32
N PRO HA 469 15.27 -118.33 28.64
CA PRO HA 469 15.75 -117.61 27.47
C PRO HA 469 15.15 -118.19 26.17
N PHE HA 470 15.30 -117.39 25.11
CA PHE HA 470 14.96 -117.86 23.75
C PHE HA 470 16.27 -117.95 22.98
N ILE HA 471 16.43 -118.91 22.09
CA ILE HA 471 17.63 -118.97 21.19
C ILE HA 471 17.06 -118.87 19.79
N PRO HA 472 16.61 -117.69 19.30
CA PRO HA 472 15.92 -117.63 18.01
C PRO HA 472 16.68 -118.37 16.92
N LEU HA 473 16.00 -119.09 16.04
CA LEU HA 473 16.58 -119.76 14.88
C LEU HA 473 15.77 -119.45 13.63
N SER HA 474 16.45 -119.19 12.52
CA SER HA 474 15.77 -118.86 11.27
C SER HA 474 15.10 -120.08 10.66
N THR HA 475 13.99 -119.86 9.96
CA THR HA 475 13.26 -120.89 9.22
C THR HA 475 14.19 -121.68 8.28
N SER HA 476 15.21 -121.05 7.70
CA SER HA 476 16.22 -121.74 6.89
C SER HA 476 17.00 -122.81 7.66
N PHE HA 477 17.44 -122.54 8.90
CA PHE HA 477 18.12 -123.54 9.74
C PHE HA 477 17.17 -124.62 10.26
N ILE HA 478 15.93 -124.24 10.56
CA ILE HA 478 14.85 -125.17 10.93
C ILE HA 478 14.39 -126.03 9.75
N GLU HA 479 14.71 -125.64 8.51
CA GLU HA 479 14.41 -126.37 7.28
C GLU HA 479 15.66 -126.94 6.58
N GLY HA 480 16.84 -126.89 7.20
CA GLY HA 480 18.05 -127.49 6.61
C GLY HA 480 18.54 -126.79 5.36
N ARG HA 481 18.76 -125.46 5.44
CA ARG HA 481 19.18 -124.66 4.26
C ARG HA 481 20.12 -123.51 4.69
N SER HA 482 20.96 -123.02 3.79
CA SER HA 482 21.92 -121.94 4.09
C SER HA 482 21.24 -120.63 4.50
N PRO HA 483 21.89 -119.75 5.30
CA PRO HA 483 21.27 -118.60 5.96
C PRO HA 483 20.39 -117.69 5.09
N TYR HA 484 20.78 -117.45 3.83
CA TYR HA 484 20.04 -116.65 2.85
C TYR HA 484 19.89 -117.40 1.51
N SER HA 485 19.57 -118.69 1.54
CA SER HA 485 19.41 -119.53 0.34
C SER HA 485 17.92 -119.75 0.02
N PRO HA 486 17.52 -119.74 -1.27
CA PRO HA 486 16.12 -119.84 -1.67
C PRO HA 486 15.50 -121.19 -1.29
N SER HA 487 14.23 -121.17 -0.92
CA SER HA 487 13.48 -122.31 -0.36
C SER HA 487 13.40 -123.54 -1.25
N ASP HA 488 13.69 -123.43 -2.55
CA ASP HA 488 13.73 -124.61 -3.47
C ASP HA 488 14.85 -125.56 -3.04
N THR HA 489 15.86 -125.05 -2.35
CA THR HA 489 17.00 -125.80 -1.85
C THR HA 489 16.62 -126.59 -0.58
N HIS HA 490 17.12 -127.83 -0.43
CA HIS HA 490 16.81 -128.70 0.75
C HIS HA 490 18.11 -129.22 1.38
N GLU HA 491 19.24 -128.55 1.21
CA GLU HA 491 20.54 -128.85 1.82
C GLU HA 491 21.34 -127.56 2.02
N PRO HA 492 22.20 -127.44 3.04
CA PRO HA 492 23.21 -126.40 3.08
C PRO HA 492 24.20 -126.51 1.90
N ASP HA 493 24.77 -125.38 1.48
CA ASP HA 493 25.97 -125.33 0.63
C ASP HA 493 27.21 -125.82 1.42
N GLU HA 494 28.26 -126.32 0.76
CA GLU HA 494 29.35 -127.08 1.42
C GLU HA 494 29.95 -126.40 2.67
N GLU HA 495 30.16 -125.08 2.65
CA GLU HA 495 30.68 -124.35 3.80
C GLU HA 495 29.69 -124.25 4.97
N ASP HA 496 28.38 -124.31 4.70
CA ASP HA 496 27.32 -124.47 5.71
C ASP HA 496 26.96 -125.94 5.98
N GLN HA 497 27.37 -126.90 5.14
CA GLN HA 497 27.31 -128.32 5.51
C GLN HA 497 28.29 -128.62 6.63
N ASN HA 498 29.48 -128.01 6.57
CA ASN HA 498 30.34 -127.80 7.73
C ASN HA 498 29.74 -126.73 8.67
N ARG HA 499 30.15 -126.81 9.94
CA ARG HA 499 29.72 -125.86 10.99
C ARG HA 499 28.20 -125.81 11.07
N TRP HA 500 27.49 -126.94 10.86
CA TRP HA 500 26.00 -126.99 10.90
C TRP HA 500 25.52 -127.11 12.36
N TYR HA 501 25.66 -126.02 13.13
CA TYR HA 501 25.28 -125.97 14.54
C TYR HA 501 24.77 -124.57 14.93
N PRO HA 502 24.00 -124.43 16.02
CA PRO HA 502 23.48 -123.13 16.47
C PRO HA 502 24.55 -122.04 16.61
N CYS HA 503 24.39 -120.96 15.85
CA CYS HA 503 25.22 -119.76 15.94
C CYS HA 503 24.49 -118.58 15.26
N TYR HA 504 24.95 -117.36 15.54
CA TYR HA 504 24.31 -116.11 15.10
C TYR HA 504 24.07 -116.05 13.58
N GLN HA 505 24.91 -116.69 12.77
CA GLN HA 505 24.73 -116.72 11.30
C GLN HA 505 23.38 -117.35 10.91
N TYR HA 506 22.90 -118.35 11.66
CA TYR HA 506 21.60 -118.96 11.42
C TYR HA 506 20.45 -118.25 12.14
N GLN HA 507 20.71 -117.32 13.05
CA GLN HA 507 19.68 -116.57 13.78
C GLN HA 507 19.20 -115.31 13.05
N GLN HA 508 19.97 -114.80 12.09
CA GLN HA 508 19.79 -113.46 11.50
C GLN HA 508 18.38 -113.19 10.97
N GLU HA 509 17.81 -114.09 10.19
CA GLU HA 509 16.49 -113.87 9.60
C GLU HA 509 15.39 -113.89 10.68
N SER HA 510 15.53 -114.66 11.76
CA SER HA 510 14.56 -114.67 12.86
C SER HA 510 14.51 -113.35 13.61
N ILE HA 511 15.65 -112.73 13.95
CA ILE HA 511 15.63 -111.44 14.62
C ILE HA 511 15.24 -110.30 13.69
N ASN HA 512 15.54 -110.41 12.40
CA ASN HA 512 14.99 -109.47 11.42
C ASN HA 512 13.46 -109.59 11.38
N SER HA 513 12.91 -110.80 11.41
CA SER HA 513 11.47 -111.04 11.44
C SER HA 513 10.79 -110.47 12.68
N ILE HA 514 11.44 -110.56 13.84
CA ILE HA 514 10.97 -109.89 15.07
C ILE HA 514 11.01 -108.37 14.91
N CYS HA 515 12.06 -107.79 14.35
CA CYS HA 515 12.11 -106.35 14.07
C CYS HA 515 11.05 -105.89 13.08
N LEU HA 516 10.77 -106.68 12.04
CA LEU HA 516 9.68 -106.44 11.09
C LEU HA 516 8.30 -106.46 11.72
N SER HA 517 8.13 -107.09 12.88
CA SER HA 517 6.86 -106.98 13.62
C SER HA 517 6.65 -105.57 14.21
N GLY HA 518 7.71 -104.78 14.37
CA GLY HA 518 7.62 -103.41 14.88
C GLY HA 518 7.10 -102.40 13.87
N PRO HA 519 6.56 -101.26 14.34
CA PRO HA 519 5.98 -100.24 13.48
C PRO HA 519 7.01 -99.51 12.60
N GLY HA 520 6.53 -98.93 11.50
CA GLY HA 520 7.29 -98.17 10.52
C GLY HA 520 8.13 -98.99 9.55
N THR HA 521 8.33 -100.28 9.80
CA THR HA 521 9.16 -101.13 8.95
C THR HA 521 8.52 -101.37 7.57
N PRO HA 522 9.25 -101.15 6.47
CA PRO HA 522 8.66 -101.15 5.13
C PRO HA 522 8.28 -102.53 4.59
N LYS HA 523 7.37 -102.55 3.62
CA LYS HA 523 7.02 -103.71 2.79
C LYS HA 523 7.78 -103.64 1.46
N ILE HA 524 8.65 -104.60 1.18
CA ILE HA 524 9.42 -104.65 -0.07
C ILE HA 524 9.14 -106.00 -0.75
N PRO HA 525 8.59 -106.04 -1.97
CA PRO HA 525 8.36 -107.31 -2.66
C PRO HA 525 9.65 -108.14 -2.83
N LYS HA 526 9.54 -109.46 -2.72
CA LYS HA 526 10.71 -110.35 -2.90
C LYS HA 526 11.31 -110.20 -4.29
N GLY HA 527 12.63 -110.10 -4.37
CA GLY HA 527 13.38 -109.84 -5.59
C GLY HA 527 13.53 -108.35 -5.96
N ILE HA 528 12.95 -107.43 -5.20
CA ILE HA 528 13.15 -105.98 -5.37
C ILE HA 528 14.11 -105.48 -4.29
N THR HA 529 15.08 -104.66 -4.69
CA THR HA 529 15.98 -103.95 -3.77
C THR HA 529 15.58 -102.48 -3.75
N ALA HA 530 15.22 -101.96 -2.58
CA ALA HA 530 14.99 -100.54 -2.40
C ALA HA 530 16.32 -99.83 -2.14
N GLU HA 531 16.46 -98.58 -2.58
CA GLU HA 531 17.71 -97.83 -2.53
C GLU HA 531 17.41 -96.38 -2.17
N ALA HA 532 18.35 -95.67 -1.57
CA ALA HA 532 18.29 -94.23 -1.38
C ALA HA 532 19.65 -93.59 -1.62
N LYS HA 533 19.66 -92.36 -2.11
CA LYS HA 533 20.89 -91.62 -2.38
C LYS HA 533 20.78 -90.15 -1.99
N VAL HA 534 21.91 -89.56 -1.65
CA VAL HA 534 22.09 -88.12 -1.46
C VAL HA 534 23.13 -87.63 -2.45
N LYS HA 535 22.97 -86.41 -2.97
CA LYS HA 535 24.05 -85.70 -3.66
C LYS HA 535 24.66 -84.70 -2.70
N TYR HA 536 25.97 -84.76 -2.52
CA TYR HA 536 26.69 -83.88 -1.61
C TYR HA 536 27.55 -82.88 -2.37
N SER HA 537 27.82 -81.75 -1.73
CA SER HA 537 28.82 -80.79 -2.17
C SER HA 537 29.52 -80.21 -0.94
N PHE HA 538 30.73 -80.69 -0.65
CA PHE HA 538 31.56 -80.15 0.43
C PHE HA 538 32.38 -78.98 -0.07
N ASN HA 539 32.37 -77.87 0.65
CA ASN HA 539 33.06 -76.65 0.23
C ASN HA 539 34.39 -76.50 0.96
N PHE HA 540 35.48 -76.44 0.22
CA PHE HA 540 36.82 -76.26 0.71
C PHE HA 540 37.50 -75.10 -0.01
N LYS HA 541 38.54 -74.56 0.60
CA LYS HA 541 39.56 -73.79 -0.09
C LYS HA 541 40.89 -74.47 0.14
N TRP HA 542 41.78 -74.44 -0.86
CA TRP HA 542 43.16 -74.90 -0.75
C TRP HA 542 44.08 -73.70 -0.73
N GLY HA 543 45.07 -73.69 0.15
CA GLY HA 543 45.95 -72.55 0.37
C GLY HA 543 47.42 -72.92 0.24
N GLY HA 544 48.24 -72.02 -0.27
CA GLY HA 544 49.67 -72.23 -0.36
C GLY HA 544 50.42 -71.08 -1.01
N ASP HA 545 51.74 -71.21 -1.07
CA ASP HA 545 52.57 -70.44 -1.98
C ASP HA 545 52.36 -70.90 -3.44
N LEU HA 546 52.68 -70.03 -4.40
CA LEU HA 546 52.40 -70.28 -5.81
C LEU HA 546 53.12 -71.54 -6.33
N PRO HA 547 52.41 -72.47 -7.01
CA PRO HA 547 52.99 -73.70 -7.50
C PRO HA 547 53.70 -73.53 -8.86
N PRO HA 548 54.53 -74.51 -9.28
CA PRO HA 548 55.10 -74.58 -10.62
C PRO HA 548 54.08 -75.06 -11.68
N MET HA 549 54.44 -74.95 -12.97
CA MET HA 549 53.57 -75.30 -14.12
C MET HA 549 54.41 -75.69 -15.36
N SER HA 550 53.82 -76.38 -16.35
CA SER HA 550 54.49 -76.79 -17.60
C SER HA 550 53.63 -76.58 -18.86
N THR HA 551 54.27 -76.63 -20.04
CA THR HA 551 53.68 -76.20 -21.33
C THR HA 551 53.97 -77.20 -22.46
N ILE HA 552 53.20 -77.09 -23.54
CA ILE HA 552 53.17 -78.01 -24.69
C ILE HA 552 53.62 -77.28 -25.97
N THR HA 553 54.33 -77.95 -26.88
CA THR HA 553 54.76 -77.35 -28.16
C THR HA 553 53.58 -76.85 -28.98
N ASN HA 554 53.70 -75.73 -29.67
CA ASN HA 554 52.65 -75.24 -30.56
C ASN HA 554 52.43 -76.11 -31.82
N PRO HA 555 53.48 -76.57 -32.56
CA PRO HA 555 53.29 -77.29 -33.80
C PRO HA 555 52.59 -78.64 -33.60
N THR HA 556 52.97 -79.41 -32.58
CA THR HA 556 52.30 -80.70 -32.27
C THR HA 556 51.25 -80.44 -31.22
N ASP HA 557 50.09 -79.90 -31.62
CA ASP HA 557 49.00 -79.54 -30.66
C ASP HA 557 47.65 -79.77 -31.34
N GLN HA 558 46.55 -79.56 -30.62
CA GLN HA 558 45.19 -79.76 -31.19
C GLN HA 558 45.15 -79.16 -32.60
N PRO HA 559 45.02 -79.97 -33.67
CA PRO HA 559 45.07 -79.44 -35.03
C PRO HA 559 43.73 -78.89 -35.50
N THR HA 560 43.75 -77.79 -36.25
CA THR HA 560 42.50 -77.22 -36.81
C THR HA 560 41.87 -78.21 -37.79
N TYR HA 561 40.55 -78.17 -37.97
CA TYR HA 561 39.82 -79.08 -38.89
C TYR HA 561 40.41 -79.06 -40.32
N VAL HA 562 40.97 -77.93 -40.74
CA VAL HA 562 41.66 -77.75 -42.04
C VAL HA 562 42.83 -78.73 -42.17
N LYS IA 48 70.72 15.40 -16.55
CA LYS IA 48 71.10 16.84 -16.44
C LYS IA 48 72.07 17.09 -15.28
N ARG IA 49 71.63 16.94 -14.03
CA ARG IA 49 72.48 17.01 -12.83
C ARG IA 49 72.11 15.92 -11.83
N LEU IA 50 73.10 15.37 -11.14
CA LEU IA 50 72.95 14.27 -10.20
C LEU IA 50 73.46 14.65 -8.82
N ASN IA 51 72.86 14.10 -7.77
CA ASN IA 51 73.44 14.15 -6.43
C ASN IA 51 74.76 13.36 -6.39
N ILE IA 52 75.78 13.92 -5.74
CA ILE IA 52 76.99 13.18 -5.42
C ILE IA 52 76.66 12.21 -4.28
N VAL IA 53 77.10 10.95 -4.42
CA VAL IA 53 76.81 9.85 -3.51
C VAL IA 53 78.13 9.21 -3.08
N GLU IA 54 78.20 8.78 -1.83
CA GLU IA 54 79.33 8.06 -1.26
C GLU IA 54 78.88 6.68 -0.77
N TRP IA 55 79.74 5.67 -0.88
CA TRP IA 55 79.46 4.35 -0.34
C TRP IA 55 80.02 4.23 1.07
N GLN IA 56 79.12 3.89 2.00
CA GLN IA 56 79.45 3.86 3.44
C GLN IA 56 80.50 2.79 3.72
N PRO IA 57 81.45 3.06 4.63
CA PRO IA 57 82.52 2.12 4.95
C PRO IA 57 82.02 0.90 5.72
N LYS IA 58 82.81 -0.18 5.69
CA LYS IA 58 82.40 -1.52 6.15
C LYS IA 58 82.02 -1.58 7.63
N SER IA 59 82.77 -0.89 8.50
CA SER IA 59 82.45 -0.76 9.93
C SER IA 59 82.53 0.69 10.38
N ILE IA 60 81.58 1.10 11.22
CA ILE IA 60 81.41 2.47 11.69
C ILE IA 60 81.22 2.48 13.22
N ARG IA 61 81.87 3.43 13.91
CA ARG IA 61 81.76 3.56 15.39
C ARG IA 61 81.62 5.02 15.86
N LYS IA 62 80.44 5.42 16.33
CA LYS IA 62 80.19 6.78 16.87
C LYS IA 62 81.10 7.06 18.06
N CYS IA 63 81.66 8.25 18.13
CA CYS IA 63 82.48 8.73 19.25
C CYS IA 63 82.16 10.18 19.56
N ARG IA 64 81.73 10.43 20.83
CA ARG IA 64 81.52 11.81 21.33
C ARG IA 64 82.73 12.24 22.18
N ILE IA 65 83.59 13.11 21.65
CA ILE IA 65 84.74 13.61 22.41
C ILE IA 65 84.18 14.66 23.39
N LYS IA 66 84.07 14.28 24.66
CA LYS IA 66 83.42 15.07 25.72
C LYS IA 66 84.46 15.61 26.68
N GLY IA 67 84.36 16.88 27.06
CA GLY IA 67 85.31 17.48 27.99
C GLY IA 67 84.96 18.89 28.41
N MET IA 68 85.87 19.53 29.13
CA MET IA 68 85.71 20.86 29.72
C MET IA 68 86.81 21.79 29.21
N LEU IA 69 86.49 22.99 28.76
CA LEU IA 69 87.43 23.99 28.26
C LEU IA 69 87.36 25.27 29.08
N CYS IA 70 88.50 25.76 29.57
CA CYS IA 70 88.60 27.06 30.21
C CYS IA 70 88.55 28.19 29.18
N LEU IA 71 87.57 29.10 29.27
CA LEU IA 71 87.43 30.22 28.34
C LEU IA 71 88.35 31.38 28.68
N PHE IA 72 88.45 31.72 29.96
CA PHE IA 72 89.45 32.64 30.48
C PHE IA 72 89.66 32.35 31.96
N GLN IA 73 90.79 32.79 32.51
CA GLN IA 73 90.94 32.98 33.94
C GLN IA 73 91.77 34.23 34.17
N THR IA 74 91.20 35.20 34.87
CA THR IA 74 91.65 36.59 34.86
C THR IA 74 91.65 37.23 36.24
N THR IA 75 92.61 38.10 36.49
CA THR IA 75 92.57 39.15 37.51
C THR IA 75 92.22 40.48 36.84
N GLU IA 76 91.99 41.55 37.61
CA GLU IA 76 91.68 42.88 37.06
C GLU IA 76 92.82 43.47 36.20
N ASP IA 77 94.06 43.23 36.59
CA ASP IA 77 95.27 43.73 35.90
C ASP IA 77 95.63 42.95 34.62
N ARG IA 78 94.84 41.93 34.25
CA ARG IA 78 94.99 41.16 33.02
C ARG IA 78 93.74 41.17 32.12
N LEU IA 79 92.72 41.97 32.42
CA LEU IA 79 91.46 41.95 31.69
C LEU IA 79 91.59 42.27 30.19
N SER IA 80 92.48 43.18 29.81
CA SER IA 80 92.66 43.59 28.42
C SER IA 80 93.55 42.66 27.58
N TYR IA 81 94.02 41.53 28.14
CA TYR IA 81 94.94 40.60 27.47
C TYR IA 81 94.29 39.26 27.15
N ASN IA 82 94.78 38.61 26.09
CA ASN IA 82 94.34 37.31 25.65
C ASN IA 82 94.84 36.20 26.59
N PHE IA 83 93.93 35.37 27.11
CA PHE IA 83 94.24 34.17 27.87
C PHE IA 83 94.67 33.03 26.96
N ASP IA 84 95.92 32.60 27.08
CA ASP IA 84 96.41 31.31 26.61
C ASP IA 84 96.67 30.42 27.83
N MET IA 85 96.11 29.20 27.82
CA MET IA 85 96.31 28.25 28.91
C MET IA 85 97.71 27.63 28.88
N TYR IA 86 98.31 27.56 27.69
CA TYR IA 86 99.66 27.07 27.45
C TYR IA 86 100.54 28.29 27.09
N GLU IA 87 101.41 28.65 28.01
CA GLU IA 87 101.90 30.01 28.21
C GLU IA 87 103.18 30.41 27.47
N GLU IA 88 103.39 31.73 27.32
CA GLU IA 88 104.74 32.29 27.24
C GLU IA 88 105.29 32.23 28.68
N SER IA 89 106.34 31.45 28.93
CA SER IA 89 106.69 30.89 30.24
C SER IA 89 106.85 31.87 31.41
N ILE IA 90 107.03 33.16 31.15
CA ILE IA 90 107.05 34.22 32.15
C ILE IA 90 105.65 34.62 32.65
N ILE IA 91 104.60 34.53 31.82
CA ILE IA 91 103.25 35.02 32.16
C ILE IA 91 102.70 34.39 33.45
N PRO IA 92 102.68 33.05 33.65
CA PRO IA 92 102.14 32.49 34.88
C PRO IA 92 103.02 32.69 36.12
N GLU IA 93 104.26 33.15 35.99
CA GLU IA 93 105.11 33.44 37.15
C GLU IA 93 104.56 34.63 37.93
N LYS IA 94 103.99 34.36 39.10
CA LYS IA 94 103.33 35.34 39.98
C LYS IA 94 102.12 36.05 39.33
N LEU IA 95 101.45 35.44 38.36
CA LEU IA 95 100.07 35.79 37.97
C LEU IA 95 99.13 34.59 38.04
N PRO IA 96 98.04 34.64 38.82
CA PRO IA 96 97.09 33.53 38.94
C PRO IA 96 96.10 33.43 37.75
N GLY IA 97 95.96 34.48 36.94
CA GLY IA 97 95.18 34.46 35.70
C GLY IA 97 95.80 35.33 34.62
N GLY IA 98 95.92 34.80 33.40
CA GLY IA 98 96.72 35.41 32.35
C GLY IA 98 95.99 36.39 31.43
N GLY IA 99 94.66 36.37 31.38
CA GLY IA 99 93.92 37.21 30.43
C GLY IA 99 92.42 37.16 30.59
N GLY IA 100 91.72 38.24 30.26
CA GLY IA 100 90.27 38.40 30.42
C GLY IA 100 89.44 38.16 29.18
N PHE IA 101 90.07 37.86 28.05
CA PHE IA 101 89.38 37.40 26.85
C PHE IA 101 90.19 36.27 26.23
N SER IA 102 89.59 35.43 25.40
CA SER IA 102 90.36 34.51 24.57
C SER IA 102 89.74 34.31 23.20
N ILE IA 103 90.57 33.93 22.25
CA ILE IA 103 90.14 33.29 21.01
C ILE IA 103 90.67 31.86 21.03
N LYS IA 104 89.78 30.87 20.99
CA LYS IA 104 90.07 29.44 20.96
C LYS IA 104 89.79 28.92 19.55
N ASN IA 105 90.72 28.20 18.94
CA ASN IA 105 90.45 27.36 17.77
C ASN IA 105 90.50 25.89 18.20
N ILE IA 106 89.47 25.12 17.87
CA ILE IA 106 89.39 23.70 18.18
C ILE IA 106 89.55 22.88 16.91
N SER IA 107 90.45 21.90 16.94
CA SER IA 107 90.66 20.92 15.88
C SER IA 107 90.77 19.54 16.51
N LEU IA 108 90.57 18.48 15.72
CA LEU IA 108 90.68 17.10 16.20
C LEU IA 108 92.07 16.81 16.79
N TYR IA 109 93.13 17.43 16.30
CA TYR IA 109 94.45 17.33 16.92
C TYR IA 109 94.53 18.07 18.25
N ALA IA 110 93.93 19.26 18.39
CA ALA IA 110 93.83 19.94 19.67
C ALA IA 110 92.97 19.15 20.68
N LEU IA 111 91.90 18.47 20.24
CA LEU IA 111 91.14 17.55 21.08
C LEU IA 111 91.98 16.36 21.54
N TYR IA 112 92.82 15.79 20.68
CA TYR IA 112 93.79 14.77 21.09
C TYR IA 112 94.83 15.32 22.09
N GLN IA 113 95.34 16.54 21.90
CA GLN IA 113 96.24 17.16 22.87
C GLN IA 113 95.56 17.38 24.23
N GLU IA 114 94.30 17.80 24.27
CA GLU IA 114 93.54 17.89 25.51
C GLU IA 114 93.32 16.52 26.16
N HIS IA 115 93.32 15.43 25.39
CA HIS IA 115 93.22 14.06 25.95
C HIS IA 115 94.55 13.68 26.63
N ILE IA 116 95.68 14.18 26.14
CA ILE IA 116 96.97 13.97 26.80
C ILE IA 116 97.07 14.71 28.14
N HIS IA 117 96.39 15.87 28.27
CA HIS IA 117 96.21 16.56 29.55
C HIS IA 117 95.09 15.97 30.42
N ALA IA 118 94.45 14.88 30.00
CA ALA IA 118 93.29 14.27 30.65
C ALA IA 118 92.08 15.21 30.79
N HIS IA 119 91.96 16.23 29.95
CA HIS IA 119 90.86 17.19 29.99
C HIS IA 119 89.59 16.72 29.27
N ASN IA 120 89.66 15.62 28.51
CA ASN IA 120 88.50 15.03 27.83
C ASN IA 120 88.57 13.51 27.80
N ILE IA 121 87.43 12.91 27.48
CA ILE IA 121 87.29 11.50 27.15
C ILE IA 121 86.92 11.35 25.68
N PHE IA 122 87.37 10.27 25.05
CA PHE IA 122 86.84 9.81 23.76
C PHE IA 122 85.92 8.64 24.06
N THR IA 123 84.65 8.74 23.70
CA THR IA 123 83.65 7.69 23.98
C THR IA 123 83.94 6.37 23.26
N HIS IA 124 84.69 6.45 22.16
CA HIS IA 124 85.17 5.25 21.44
C HIS IA 124 86.56 5.58 20.92
N THR IA 125 87.52 4.67 21.01
CA THR IA 125 88.85 4.83 20.42
C THR IA 125 88.79 4.83 18.89
N ASN IA 126 89.83 5.37 18.29
CA ASN IA 126 89.99 5.53 16.84
C ASN IA 126 91.19 4.74 16.28
N THR IA 127 91.77 3.81 17.04
CA THR IA 127 93.12 3.27 16.75
C THR IA 127 93.22 2.53 15.43
N ASP IA 128 92.16 1.84 15.00
CA ASP IA 128 92.18 0.96 13.83
C ASP IA 128 91.09 1.29 12.81
N ARG IA 129 90.51 2.49 12.91
CA ARG IA 129 89.51 3.02 11.94
C ARG IA 129 90.07 4.38 11.49
N PRO IA 130 90.69 4.51 10.29
CA PRO IA 130 91.41 5.72 9.90
C PRO IA 130 90.53 6.82 9.31
N LEU IA 131 89.30 6.53 8.91
CA LEU IA 131 88.36 7.51 8.41
C LEU IA 131 87.63 8.21 9.56
N ALA IA 132 87.24 9.46 9.35
CA ALA IA 132 86.43 10.26 10.26
C ALA IA 132 85.30 10.96 9.52
N ARG IA 133 84.15 11.10 10.21
CA ARG IA 133 82.96 11.81 9.67
C ARG IA 133 82.43 12.74 10.77
N TYR IA 134 82.90 14.00 10.82
CA TYR IA 134 82.49 14.99 11.80
C TYR IA 134 81.06 15.47 11.57
N THR IA 135 80.22 15.48 12.62
CA THR IA 135 78.78 15.75 12.51
C THR IA 135 78.37 17.07 13.18
N GLY IA 136 79.26 17.71 13.94
CA GLY IA 136 78.98 18.95 14.65
C GLY IA 136 79.29 18.87 16.14
N CYS IA 137 79.00 19.92 16.86
CA CYS IA 137 79.35 20.10 18.26
C CYS IA 137 78.15 20.52 19.11
N SER IA 138 78.11 20.09 20.37
CA SER IA 138 77.27 20.70 21.40
C SER IA 138 78.15 21.42 22.41
N LEU IA 139 77.82 22.67 22.73
CA LEU IA 139 78.46 23.41 23.82
C LEU IA 139 77.45 23.68 24.94
N LYS IA 140 77.85 23.51 26.20
CA LYS IA 140 77.15 24.01 27.38
C LYS IA 140 78.02 25.05 28.07
N PHE IA 141 77.60 26.30 28.05
CA PHE IA 141 78.30 27.41 28.69
C PHE IA 141 77.75 27.59 30.09
N TYR IA 142 78.59 27.51 31.12
CA TYR IA 142 78.14 27.61 32.50
C TYR IA 142 78.19 29.04 33.02
N GLN IA 143 77.19 29.43 33.81
CA GLN IA 143 77.28 30.65 34.60
C GLN IA 143 78.45 30.55 35.59
N SER IA 144 79.37 31.50 35.54
CA SER IA 144 80.36 31.65 36.60
C SER IA 144 79.71 32.17 37.88
N LYS IA 145 80.37 31.97 39.02
CA LYS IA 145 79.89 32.51 40.29
C LYS IA 145 79.91 34.04 40.31
N ASP IA 146 81.05 34.64 39.99
CA ASP IA 146 81.35 36.05 40.25
C ASP IA 146 81.38 36.97 39.02
N ILE IA 147 81.50 36.43 37.80
CA ILE IA 147 81.72 37.26 36.58
C ILE IA 147 80.76 36.89 35.44
N ASP IA 148 80.27 37.88 34.69
CA ASP IA 148 79.41 37.63 33.51
C ASP IA 148 80.37 37.44 32.35
N TYR IA 149 79.90 37.05 31.16
CA TYR IA 149 80.82 36.98 30.00
C TYR IA 149 80.07 36.82 28.69
N VAL IA 150 80.55 37.45 27.64
CA VAL IA 150 79.98 37.37 26.29
C VAL IA 150 80.75 36.30 25.53
N VAL IA 151 80.06 35.45 24.79
CA VAL IA 151 80.65 34.52 23.84
C VAL IA 151 80.14 34.84 22.44
N THR IA 152 80.98 34.70 21.44
CA THR IA 152 80.51 34.48 20.07
C THR IA 152 81.42 33.46 19.40
N TYR IA 153 80.91 32.69 18.46
CA TYR IA 153 81.64 31.61 17.82
C TYR IA 153 81.45 31.67 16.31
N SER IA 154 82.39 31.07 15.59
CA SER IA 154 82.37 31.01 14.13
C SER IA 154 82.83 29.65 13.65
N THR IA 155 82.46 29.27 12.42
CA THR IA 155 82.92 28.00 11.80
C THR IA 155 83.32 28.24 10.36
N SER IA 156 83.61 29.48 9.97
CA SER IA 156 84.15 29.73 8.61
C SER IA 156 85.48 28.96 8.51
N LEU IA 157 85.54 27.89 7.72
CA LEU IA 157 86.75 27.04 7.66
C LEU IA 157 88.00 27.92 7.55
N PRO IA 158 88.04 28.96 6.67
CA PRO IA 158 89.19 29.85 6.64
C PRO IA 158 89.43 30.45 8.01
N LEU IA 159 90.59 30.16 8.62
CA LEU IA 159 90.92 30.65 9.98
C LEU IA 159 92.00 31.75 9.86
N ARG IA 160 91.75 32.93 10.43
CA ARG IA 160 92.73 34.05 10.41
C ARG IA 160 92.42 35.02 11.56
N SER IA 161 93.38 35.86 11.95
CA SER IA 161 93.19 36.88 13.01
C SER IA 161 93.17 38.27 12.36
N SER IA 162 92.53 39.25 13.01
CA SER IA 162 92.44 40.62 12.45
C SER IA 162 92.54 41.65 13.58
N MET IA 163 93.02 42.86 13.27
CA MET IA 163 93.09 43.95 14.24
C MET IA 163 91.71 44.37 14.73
N GLY IA 164 90.72 44.41 13.83
CA GLY IA 164 89.32 44.68 14.16
C GLY IA 164 88.70 43.59 15.02
N MET IA 165 89.04 42.32 14.81
CA MET IA 165 88.62 41.24 15.71
C MET IA 165 89.11 41.48 17.13
N TYR IA 166 90.41 41.74 17.33
CA TYR IA 166 90.96 41.93 18.67
C TYR IA 166 90.41 43.18 19.36
N ASN IA 167 90.21 44.29 18.65
CA ASN IA 167 89.53 45.44 19.24
C ASN IA 167 88.06 45.11 19.58
N SER IA 168 87.34 44.40 18.70
CA SER IA 168 85.95 44.03 18.95
C SER IA 168 85.76 43.05 20.11
N MET IA 169 86.83 42.46 20.65
CA MET IA 169 86.77 41.71 21.91
C MET IA 169 86.52 42.59 23.13
N GLN IA 170 86.63 43.93 23.02
CA GLN IA 170 86.34 44.83 24.13
C GLN IA 170 84.90 44.56 24.61
N PRO IA 171 84.65 44.42 25.93
CA PRO IA 171 83.40 43.86 26.41
C PRO IA 171 82.14 44.58 25.94
N SER IA 172 82.14 45.91 25.87
CA SER IA 172 81.03 46.70 25.37
C SER IA 172 80.80 46.48 23.87
N ILE IA 173 81.86 46.41 23.08
CA ILE IA 173 81.78 46.19 21.64
C ILE IA 173 81.32 44.77 21.33
N HIS IA 174 81.89 43.76 21.99
CA HIS IA 174 81.48 42.37 21.85
C HIS IA 174 80.01 42.20 22.26
N LEU IA 175 79.58 42.81 23.36
CA LEU IA 175 78.18 42.79 23.78
C LEU IA 175 77.22 43.46 22.77
N MET IA 176 77.67 44.36 21.90
CA MET IA 176 76.82 44.91 20.84
C MET IA 176 76.69 44.01 19.61
N GLN IA 177 77.62 43.07 19.38
CA GLN IA 177 77.62 42.27 18.16
C GLN IA 177 76.39 41.36 18.02
N GLN IA 178 76.03 41.05 16.77
CA GLN IA 178 74.98 40.08 16.46
C GLN IA 178 75.47 38.65 16.70
N ASN IA 179 74.54 37.75 17.04
CA ASN IA 179 74.84 36.35 17.37
C ASN IA 179 75.86 36.19 18.51
N LYS IA 180 75.86 37.15 19.44
CA LYS IA 180 76.46 37.01 20.76
C LYS IA 180 75.63 36.04 21.60
N LEU IA 181 76.25 35.50 22.63
CA LEU IA 181 75.61 34.86 23.76
C LEU IA 181 76.12 35.55 25.03
N ILE IA 182 75.21 36.07 25.86
CA ILE IA 182 75.57 36.64 27.16
C ILE IA 182 75.29 35.59 28.22
N VAL IA 183 76.26 35.32 29.07
CA VAL IA 183 76.10 34.43 30.22
C VAL IA 183 76.23 35.26 31.49
N PRO IA 184 75.10 35.62 32.15
CA PRO IA 184 75.14 36.30 33.43
C PRO IA 184 75.78 35.38 34.48
N SER IA 185 76.48 35.94 35.44
CA SER IA 185 76.90 35.22 36.62
C SER IA 185 75.70 34.73 37.44
N LYS IA 186 75.92 33.75 38.32
CA LYS IA 186 74.88 33.30 39.26
C LYS IA 186 74.42 34.42 40.19
N GLN IA 187 75.30 35.37 40.49
CA GLN IA 187 74.96 36.58 41.24
C GLN IA 187 74.05 37.53 40.46
N THR IA 188 74.31 37.81 39.19
CA THR IA 188 73.49 38.76 38.42
C THR IA 188 72.17 38.15 37.94
N GLN IA 189 72.06 36.83 37.73
CA GLN IA 189 70.79 36.19 37.44
C GLN IA 189 70.78 34.72 37.88
N LYS IA 190 69.88 34.35 38.80
CA LYS IA 190 69.53 32.96 39.09
C LYS IA 190 68.63 32.42 37.98
N ARG IA 191 68.92 31.20 37.50
CA ARG IA 191 68.26 30.58 36.34
C ARG IA 191 67.76 29.18 36.67
N ARG IA 192 66.77 28.68 35.92
CA ARG IA 192 66.29 27.30 36.03
C ARG IA 192 67.39 26.30 35.68
N LYS IA 193 68.01 26.46 34.52
CA LYS IA 193 69.19 25.69 34.09
C LYS IA 193 70.44 26.54 34.32
N PRO IA 194 71.49 26.03 34.97
CA PRO IA 194 72.67 26.81 35.32
C PRO IA 194 73.65 27.01 34.15
N TYR IA 195 73.24 26.70 32.93
CA TYR IA 195 74.03 26.74 31.72
C TYR IA 195 73.18 27.15 30.53
N ILE IA 196 73.81 27.62 29.46
CA ILE IA 196 73.17 27.84 28.16
C ILE IA 196 73.75 26.85 27.16
N LYS IA 197 72.89 26.08 26.49
CA LYS IA 197 73.26 24.99 25.58
C LYS IA 197 72.95 25.36 24.14
N LYS IA 198 73.90 25.18 23.23
CA LYS IA 198 73.61 25.27 21.79
C LYS IA 198 74.46 24.37 20.92
N HIS IA 199 73.87 23.95 19.81
CA HIS IA 199 74.45 23.04 18.83
C HIS IA 199 75.05 23.84 17.68
N ILE IA 200 76.25 23.47 17.27
CA ILE IA 200 77.02 24.15 16.24
C ILE IA 200 77.30 23.16 15.10
N SER IA 201 76.93 23.53 13.89
CA SER IA 201 77.09 22.71 12.69
C SER IA 201 78.56 22.69 12.22
N PRO IA 202 79.04 21.70 11.46
CA PRO IA 202 80.39 21.74 10.90
C PRO IA 202 80.67 22.99 10.05
N PRO IA 203 81.94 23.37 9.85
CA PRO IA 203 82.33 24.34 8.85
C PRO IA 203 81.70 24.04 7.49
N THR IA 204 81.30 25.05 6.73
CA THR IA 204 80.65 24.81 5.42
C THR IA 204 81.55 24.04 4.45
N GLN IA 205 82.88 24.15 4.63
CA GLN IA 205 83.89 23.43 3.80
C GLN IA 205 84.02 21.96 4.25
N MET IA 206 83.67 21.63 5.49
CA MET IA 206 83.62 20.25 5.96
C MET IA 206 82.26 19.66 5.58
N LYS IA 207 82.21 18.90 4.48
CA LYS IA 207 80.99 18.26 3.99
C LYS IA 207 80.69 17.00 4.81
N SER IA 208 79.52 16.40 4.64
CA SER IA 208 79.12 15.20 5.39
C SER IA 208 79.91 13.94 5.01
N GLN IA 209 80.74 13.99 3.96
CA GLN IA 209 81.57 12.87 3.51
C GLN IA 209 82.56 12.37 4.59
N TRP IA 210 83.08 11.17 4.40
CA TRP IA 210 84.22 10.65 5.15
C TRP IA 210 85.52 11.32 4.73
N TYR IA 211 86.43 11.53 5.67
CA TYR IA 211 87.77 12.08 5.44
C TYR IA 211 88.78 11.25 6.21
N PHE IA 212 89.98 11.02 5.68
CA PHE IA 212 91.06 10.47 6.49
C PHE IA 212 91.35 11.37 7.69
N GLN IA 213 91.52 10.79 8.88
CA GLN IA 213 91.79 11.55 10.12
C GLN IA 213 93.12 12.32 9.99
N HIS IA 214 94.08 11.86 9.19
CA HIS IA 214 95.37 12.55 8.94
C HIS IA 214 95.12 13.87 8.21
N ASN IA 215 94.15 13.92 7.31
CA ASN IA 215 93.85 15.12 6.54
C ASN IA 215 93.14 16.18 7.37
N ILE IA 216 92.08 15.79 8.10
CA ILE IA 216 91.28 16.71 8.89
C ILE IA 216 91.85 17.03 10.28
N ALA IA 217 92.91 16.35 10.73
CA ALA IA 217 93.46 16.52 12.07
C ALA IA 217 93.66 17.98 12.48
N ASN IA 218 94.28 18.80 11.62
CA ASN IA 218 94.63 20.18 11.92
C ASN IA 218 93.62 21.22 11.41
N ILE IA 219 92.57 20.84 10.69
CA ILE IA 219 91.53 21.75 10.20
C ILE IA 219 90.75 22.31 11.40
N PRO IA 220 90.71 23.64 11.63
CA PRO IA 220 90.00 24.20 12.79
C PRO IA 220 88.49 24.15 12.55
N LEU IA 221 87.78 23.31 13.33
CA LEU IA 221 86.33 23.04 13.12
C LEU IA 221 85.43 23.98 13.95
N LEU IA 222 86.01 24.74 14.86
CA LEU IA 222 85.28 25.72 15.66
C LEU IA 222 86.22 26.83 16.14
N MET IA 223 85.78 28.09 16.08
CA MET IA 223 86.39 29.19 16.83
C MET IA 223 85.43 29.69 17.91
N ILE IA 224 85.88 29.79 19.16
CA ILE IA 224 85.13 30.43 20.25
C ILE IA 224 85.85 31.70 20.65
N ARG IA 225 85.15 32.84 20.69
CA ARG IA 225 85.62 34.12 21.20
C ARG IA 225 84.88 34.45 22.48
N THR IA 226 85.60 34.72 23.56
CA THR IA 226 84.97 35.03 24.87
C THR IA 226 85.62 36.24 25.49
N THR IA 227 84.85 37.12 26.13
CA THR IA 227 85.36 38.27 26.89
C THR IA 227 84.63 38.38 28.23
N ALA IA 228 85.36 38.70 29.29
CA ALA IA 228 84.84 38.95 30.63
C ALA IA 228 84.17 40.31 30.75
N LEU IA 229 83.08 40.39 31.50
CA LEU IA 229 82.10 41.45 31.43
C LEU IA 229 81.54 41.76 32.83
N THR IA 230 81.03 42.97 33.06
CA THR IA 230 79.98 43.14 34.09
C THR IA 230 78.80 43.90 33.54
N LEU IA 231 77.60 43.39 33.79
CA LEU IA 231 76.33 44.02 33.43
C LEU IA 231 75.89 45.06 34.46
N ASP IA 232 76.06 44.78 35.76
CA ASP IA 232 75.62 45.65 36.86
C ASP IA 232 76.57 46.83 37.16
N ASN IA 233 77.83 46.75 36.73
CA ASN IA 233 78.85 47.79 36.90
C ASN IA 233 79.34 48.29 35.55
N TYR IA 234 78.50 48.25 34.52
CA TYR IA 234 78.88 48.49 33.13
C TYR IA 234 79.62 49.81 32.90
N TYR IA 235 79.16 50.91 33.49
CA TYR IA 235 79.80 52.22 33.34
C TYR IA 235 80.89 52.48 34.37
N ILE IA 236 80.59 52.27 35.65
CA ILE IA 236 81.53 52.55 36.74
C ILE IA 236 82.73 51.59 36.69
N GLY IA 237 82.50 50.31 36.40
CA GLY IA 237 83.52 49.29 36.31
C GLY IA 237 84.26 49.16 37.64
N SER IA 238 85.56 49.45 37.64
CA SER IA 238 86.39 49.53 38.83
C SER IA 238 86.93 50.94 39.12
N ARG IA 239 86.29 51.99 38.59
CA ARG IA 239 86.59 53.39 38.89
C ARG IA 239 86.63 53.67 40.38
N GLN IA 240 87.60 54.47 40.81
CA GLN IA 240 87.73 54.99 42.17
C GLN IA 240 87.87 56.51 42.10
N LEU IA 241 87.21 57.26 43.01
CA LEU IA 241 87.21 58.72 43.01
C LEU IA 241 86.74 59.31 41.66
N SER IA 242 87.53 60.16 41.03
CA SER IA 242 87.21 60.83 39.76
C SER IA 242 87.02 59.87 38.58
N THR IA 243 86.28 60.29 37.55
CA THR IA 243 86.22 59.56 36.27
C THR IA 243 87.56 59.56 35.53
N ASN IA 244 88.39 60.58 35.74
CA ASN IA 244 89.72 60.70 35.15
C ASN IA 244 90.67 59.61 35.68
N VAL IA 245 91.42 58.97 34.78
CA VAL IA 245 92.54 58.08 35.11
C VAL IA 245 93.86 58.82 34.85
N THR IA 246 94.85 58.60 35.70
CA THR IA 246 96.19 59.19 35.53
C THR IA 246 97.11 58.24 34.77
N ILE IA 247 97.71 58.72 33.68
CA ILE IA 247 98.68 57.99 32.87
C ILE IA 247 100.06 58.61 33.13
N HIS IA 248 101.07 57.79 33.42
CA HIS IA 248 102.46 58.30 33.50
C HIS IA 248 103.04 58.15 32.09
N THR IA 249 103.94 59.03 31.66
CA THR IA 249 104.63 58.92 30.36
C THR IA 249 106.05 59.43 30.41
N LEU IA 250 106.88 59.00 29.46
CA LEU IA 250 108.25 59.57 29.31
C LEU IA 250 108.10 60.94 28.63
N ASN IA 251 108.62 62.01 29.22
CA ASN IA 251 108.61 63.33 28.53
C ASN IA 251 109.11 63.08 27.10
N THR IA 252 108.32 63.42 26.08
CA THR IA 252 108.69 63.21 24.67
C THR IA 252 109.62 64.33 24.25
N THR IA 253 109.48 65.52 24.82
CA THR IA 253 110.23 66.72 24.41
C THR IA 253 111.70 66.71 24.89
N TYR IA 254 112.14 65.69 25.64
CA TYR IA 254 113.52 65.58 26.14
C TYR IA 254 114.09 64.16 26.03
N ILE IA 255 113.30 63.13 26.31
CA ILE IA 255 113.73 61.72 26.23
C ILE IA 255 113.38 61.15 24.84
N GLN IA 256 114.32 61.12 23.90
CA GLN IA 256 113.97 60.65 22.53
C GLN IA 256 115.01 59.73 21.90
N ASN IA 257 116.21 59.62 22.49
CA ASN IA 257 117.27 58.90 21.78
C ASN IA 257 117.09 57.38 21.70
N ARG IA 258 116.31 56.77 22.59
CA ARG IA 258 116.00 55.31 22.58
C ARG IA 258 117.29 54.46 22.53
N ASP IA 259 118.40 54.93 23.10
CA ASP IA 259 119.65 54.16 23.16
C ASP IA 259 119.80 53.38 24.47
N TRP IA 260 118.84 52.51 24.77
CA TRP IA 260 118.70 51.90 26.10
C TRP IA 260 119.37 50.54 26.29
N GLY IA 261 119.65 50.21 27.55
CA GLY IA 261 120.00 48.85 27.97
C GLY IA 261 121.45 48.43 27.76
N ASP IA 262 122.40 49.37 27.84
CA ASP IA 262 123.85 49.09 27.90
C ASP IA 262 124.52 49.80 29.09
N ARG IA 263 125.48 49.14 29.75
CA ARG IA 263 126.34 49.82 30.76
C ARG IA 263 127.61 50.24 30.00
N ASN IA 264 127.70 49.93 28.70
CA ASN IA 264 128.85 50.22 27.84
C ASN IA 264 128.73 51.55 27.08
N LYS IA 265 127.76 52.40 27.43
CA LYS IA 265 127.40 53.64 26.70
C LYS IA 265 126.96 54.72 27.68
N THR IA 266 127.60 55.89 27.65
CA THR IA 266 127.11 57.07 28.39
C THR IA 266 125.79 57.55 27.79
N TYR IA 267 124.72 57.62 28.58
CA TYR IA 267 123.39 57.96 28.05
C TYR IA 267 123.24 59.47 27.81
N TYR IA 268 122.62 59.80 26.68
CA TYR IA 268 122.27 61.15 26.27
C TYR IA 268 120.80 61.12 25.83
N CYS IA 269 120.00 62.09 26.26
CA CYS IA 269 118.54 61.99 26.18
C CYS IA 269 117.97 62.44 24.82
N GLN IA 270 118.55 63.47 24.20
CA GLN IA 270 118.16 63.93 22.86
C GLN IA 270 119.35 64.46 22.06
N THR IA 271 119.20 64.48 20.73
CA THR IA 271 120.03 65.24 19.81
C THR IA 271 119.21 66.36 19.19
N LEU IA 272 119.78 67.57 19.09
CA LEU IA 272 119.21 68.68 18.31
C LEU IA 272 120.31 69.29 17.44
N GLY IA 273 120.05 69.49 16.15
CA GLY IA 273 121.10 69.85 15.20
C GLY IA 273 122.23 68.81 15.21
N THR IA 274 123.46 69.25 15.55
CA THR IA 274 124.62 68.38 15.80
C THR IA 274 124.82 68.01 17.28
N GLN IA 275 124.12 68.67 18.21
CA GLN IA 275 124.37 68.54 19.65
C GLN IA 275 123.86 67.20 20.22
N ARG IA 276 124.37 66.86 21.41
CA ARG IA 276 123.82 65.85 22.33
C ARG IA 276 123.48 66.53 23.65
N TYR IA 277 122.41 66.10 24.30
CA TYR IA 277 121.97 66.63 25.60
C TYR IA 277 121.98 65.53 26.66
N PHE IA 278 122.30 65.92 27.88
CA PHE IA 278 122.68 65.04 28.98
C PHE IA 278 121.93 65.43 30.25
N LEU IA 279 121.72 64.44 31.11
CA LEU IA 279 120.99 64.57 32.36
C LEU IA 279 121.94 64.32 33.53
N TYR IA 280 121.75 65.05 34.64
CA TYR IA 280 122.51 64.87 35.87
C TYR IA 280 121.58 64.93 37.08
N GLY IA 281 121.74 64.02 38.03
CA GLY IA 281 121.01 64.06 39.30
C GLY IA 281 121.78 64.88 40.34
N THR IA 282 121.10 65.46 41.33
CA THR IA 282 121.78 66.01 42.50
C THR IA 282 120.92 65.86 43.76
N HIS IA 283 121.58 65.78 44.91
CA HIS IA 283 120.87 65.78 46.23
C HIS IA 283 120.98 67.19 46.80
N SER IA 284 121.57 68.14 46.05
CA SER IA 284 121.78 69.50 46.53
C SER IA 284 120.47 70.20 46.90
N THR IA 285 120.51 70.94 48.01
CA THR IA 285 119.45 71.84 48.46
C THR IA 285 119.51 73.22 47.78
N ALA IA 286 120.48 73.46 46.90
CA ALA IA 286 120.64 74.73 46.22
C ALA IA 286 119.38 75.11 45.42
N GLN IA 287 118.89 76.33 45.63
CA GLN IA 287 117.67 76.84 44.99
C GLN IA 287 117.92 77.34 43.55
N ASN IA 288 119.14 77.78 43.23
CA ASN IA 288 119.47 78.42 41.96
C ASN IA 288 120.31 77.48 41.08
N ILE IA 289 119.82 77.19 39.87
CA ILE IA 289 120.48 76.31 38.90
C ILE IA 289 121.88 76.79 38.50
N ASN IA 290 122.16 78.09 38.60
CA ASN IA 290 123.46 78.66 38.25
C ASN IA 290 124.57 78.28 39.25
N ASP IA 291 124.29 78.29 40.57
CA ASP IA 291 125.35 78.14 41.63
C ASP IA 291 125.68 76.70 42.04
N ILE IA 292 124.93 75.71 41.60
CA ILE IA 292 125.28 74.30 41.86
C ILE IA 292 126.73 74.04 41.37
N LYS IA 293 127.50 73.26 42.12
CA LYS IA 293 128.90 72.96 41.79
C LYS IA 293 129.00 72.02 40.58
N LEU IA 294 130.22 71.77 40.10
CA LEU IA 294 130.42 70.73 39.05
C LEU IA 294 130.44 69.39 39.80
N GLN IA 295 130.70 69.41 41.11
CA GLN IA 295 130.76 68.18 41.96
C GLN IA 295 129.36 67.65 42.29
N GLU IA 296 128.42 68.53 42.63
CA GLU IA 296 127.06 68.11 43.06
C GLU IA 296 126.44 67.14 42.05
N LEU IA 297 126.60 67.41 40.76
CA LEU IA 297 125.94 66.60 39.70
C LEU IA 297 126.35 65.11 39.76
N ILE IA 298 125.40 64.19 39.62
CA ILE IA 298 125.67 62.72 39.56
C ILE IA 298 125.40 62.33 38.11
N PRO IA 299 126.43 62.24 37.24
CA PRO IA 299 126.23 62.04 35.82
C PRO IA 299 125.68 60.65 35.56
N LEU IA 300 124.91 60.47 34.48
CA LEU IA 300 124.29 59.16 34.17
C LEU IA 300 125.07 58.48 33.03
N THR IA 301 125.78 57.39 33.32
CA THR IA 301 126.61 56.66 32.33
C THR IA 301 126.01 55.28 32.11
N ASN IA 302 124.89 54.97 32.77
CA ASN IA 302 124.20 53.68 32.58
C ASN IA 302 122.69 53.95 32.45
N THR IA 303 121.99 53.22 31.57
CA THR IA 303 120.52 53.11 31.67
C THR IA 303 120.04 51.71 32.06
N GLN IA 304 120.89 50.69 31.85
CA GLN IA 304 120.53 49.25 32.02
C GLN IA 304 120.29 48.81 33.47
N ASP IA 305 120.65 49.60 34.48
CA ASP IA 305 120.50 49.14 35.89
C ASP IA 305 119.52 49.96 36.71
N TYR IA 306 119.06 49.39 37.83
CA TYR IA 306 118.21 50.11 38.79
C TYR IA 306 119.01 51.10 39.67
N VAL IA 307 120.34 51.08 39.58
CA VAL IA 307 121.23 51.80 40.52
C VAL IA 307 120.98 53.31 40.54
N GLN IA 308 120.94 53.89 41.74
CA GLN IA 308 120.74 55.34 41.96
C GLN IA 308 122.00 56.16 41.65
N GLY IA 309 123.18 55.54 41.77
CA GLY IA 309 124.44 56.26 41.86
C GLY IA 309 124.65 56.85 43.26
N PHE IA 310 125.66 57.70 43.40
CA PHE IA 310 125.93 58.44 44.63
C PHE IA 310 126.71 59.72 44.33
N ASP IA 311 126.71 60.64 45.29
CA ASP IA 311 127.37 61.94 45.20
C ASP IA 311 128.89 61.87 45.41
N TRP IA 312 129.64 62.83 44.87
CA TRP IA 312 131.09 62.95 45.00
C TRP IA 312 131.55 63.06 46.47
N THR IA 313 130.68 63.52 47.37
CA THR IA 313 130.94 63.49 48.83
C THR IA 313 131.16 62.08 49.38
N GLU IA 314 130.77 61.02 48.66
CA GLU IA 314 131.04 59.63 49.04
C GLU IA 314 132.29 59.04 48.35
N LYS IA 315 133.15 59.89 47.74
CA LYS IA 315 134.44 59.50 47.16
C LYS IA 315 135.24 58.55 48.06
N ASP IA 316 135.35 58.88 49.34
CA ASP IA 316 136.09 58.10 50.33
C ASP IA 316 135.38 56.81 50.78
N LYS IA 317 134.07 56.64 50.52
CA LYS IA 317 133.35 55.39 50.83
C LYS IA 317 133.58 54.31 49.78
N HIS IA 318 133.87 54.72 48.53
CA HIS IA 318 134.10 53.79 47.38
C HIS IA 318 135.55 53.93 46.87
N ASN IA 319 136.48 54.38 47.70
CA ASN IA 319 137.92 54.49 47.40
C ASN IA 319 138.19 55.14 46.03
N ILE IA 320 137.35 56.10 45.64
CA ILE IA 320 137.44 56.78 44.34
C ILE IA 320 138.65 57.70 44.31
N THR IA 321 139.46 57.59 43.25
CA THR IA 321 140.66 58.42 43.05
C THR IA 321 140.45 59.53 42.02
N THR IA 322 139.51 59.37 41.08
CA THR IA 322 139.30 60.30 39.97
C THR IA 322 137.82 60.41 39.59
N TYR IA 323 137.46 61.46 38.85
CA TYR IA 323 136.12 61.58 38.28
C TYR IA 323 135.80 60.41 37.32
N LYS IA 324 136.79 59.79 36.67
CA LYS IA 324 136.62 58.55 35.91
C LYS IA 324 136.09 57.40 36.78
N GLU IA 325 136.60 57.22 37.99
CA GLU IA 325 136.05 56.24 38.94
C GLU IA 325 134.72 56.69 39.57
N PHE IA 326 134.48 58.00 39.70
CA PHE IA 326 133.16 58.51 40.08
C PHE IA 326 132.10 58.21 39.00
N LEU IA 327 132.42 58.40 37.72
CA LEU IA 327 131.58 58.02 36.58
C LEU IA 327 131.23 56.52 36.58
N THR IA 328 132.21 55.65 36.82
CA THR IA 328 131.95 54.20 36.74
C THR IA 328 131.29 53.65 37.99
N LYS IA 329 131.71 54.06 39.20
CA LYS IA 329 131.10 53.55 40.44
C LYS IA 329 129.81 54.29 40.83
N GLY IA 330 129.74 55.60 40.63
CA GLY IA 330 128.74 56.49 41.24
C GLY IA 330 127.67 57.07 40.31
N ALA IA 331 127.72 56.81 39.01
CA ALA IA 331 126.68 57.29 38.10
C ALA IA 331 125.30 56.66 38.39
N GLY IA 332 124.25 57.45 38.19
CA GLY IA 332 122.86 57.07 38.48
C GLY IA 332 122.06 56.73 37.23
N ASN IA 333 121.17 55.74 37.28
CA ASN IA 333 120.29 55.46 36.14
C ASN IA 333 119.09 56.43 36.20
N PRO IA 334 118.71 57.10 35.10
CA PRO IA 334 117.70 58.17 35.12
C PRO IA 334 116.31 57.66 35.52
N PHE IA 335 116.07 56.36 35.36
CA PHE IA 335 114.83 55.67 35.68
C PHE IA 335 114.80 55.08 37.10
N HIS IA 336 115.79 55.36 37.95
CA HIS IA 336 115.70 55.01 39.37
C HIS IA 336 114.52 55.76 40.03
N ALA IA 337 113.94 55.20 41.10
CA ALA IA 337 112.68 55.67 41.69
C ALA IA 337 112.67 57.14 42.14
N GLU IA 338 113.83 57.74 42.42
CA GLU IA 338 113.91 59.19 42.71
C GLU IA 338 114.21 60.05 41.48
N TRP IA 339 114.98 59.57 40.50
CA TRP IA 339 115.29 60.33 39.29
C TRP IA 339 114.17 60.28 38.23
N ILE IA 340 113.39 59.19 38.18
CA ILE IA 340 112.31 58.97 37.20
C ILE IA 340 111.26 60.08 37.20
N THR IA 341 110.90 60.59 38.39
CA THR IA 341 109.97 61.72 38.60
C THR IA 341 110.67 62.93 39.24
N ALA IA 342 112.00 62.94 39.27
CA ALA IA 342 112.83 63.97 39.90
C ALA IA 342 112.38 64.33 41.33
N GLN IA 343 112.10 63.32 42.16
CA GLN IA 343 111.81 63.50 43.59
C GLN IA 343 112.94 64.29 44.27
N ASN IA 344 114.19 63.94 43.92
CA ASN IA 344 115.37 64.77 44.14
C ASN IA 344 115.73 65.41 42.78
N PRO IA 345 116.12 66.70 42.73
CA PRO IA 345 116.25 67.43 41.47
C PRO IA 345 117.15 66.74 40.42
N VAL IA 346 116.74 66.87 39.16
CA VAL IA 346 117.43 66.34 37.98
C VAL IA 346 117.63 67.49 37.00
N ILE IA 347 118.83 67.60 36.46
CA ILE IA 347 119.28 68.73 35.65
C ILE IA 347 119.56 68.27 34.22
N HIS IA 348 118.96 68.93 33.24
CA HIS IA 348 119.14 68.68 31.81
C HIS IA 348 120.06 69.74 31.21
N THR IA 349 121.05 69.38 30.40
CA THR IA 349 122.03 70.32 29.84
C THR IA 349 122.60 69.84 28.50
N ALA IA 350 123.08 70.77 27.68
CA ALA IA 350 123.92 70.44 26.52
C ALA IA 350 125.35 70.04 26.91
N ASN IA 351 125.81 70.38 28.12
CA ASN IA 351 127.20 70.16 28.51
C ASN IA 351 127.50 68.68 28.76
N SER IA 352 128.27 68.08 27.85
CA SER IA 352 128.62 66.67 27.94
C SER IA 352 129.47 66.36 29.18
N PRO IA 353 129.28 65.20 29.84
CA PRO IA 353 130.13 64.76 30.93
C PRO IA 353 131.62 64.80 30.58
N THR IA 354 132.01 64.57 29.33
CA THR IA 354 133.41 64.64 28.90
C THR IA 354 133.98 66.06 28.94
N GLN IA 355 133.17 67.10 28.75
CA GLN IA 355 133.64 68.46 29.03
C GLN IA 355 133.85 68.65 30.55
N ILE IA 356 132.95 68.10 31.37
CA ILE IA 356 133.15 68.07 32.83
C ILE IA 356 134.39 67.23 33.21
N GLU IA 357 134.66 66.10 32.52
CA GLU IA 357 135.89 65.31 32.69
C GLU IA 357 137.11 66.18 32.43
N GLN IA 358 137.13 66.92 31.31
CA GLN IA 358 138.22 67.83 31.01
C GLN IA 358 138.41 68.88 32.11
N ILE IA 359 137.34 69.46 32.65
CA ILE IA 359 137.44 70.42 33.76
C ILE IA 359 138.00 69.76 35.04
N TYR IA 360 137.50 68.58 35.43
CA TYR IA 360 138.03 67.83 36.58
C TYR IA 360 139.50 67.43 36.37
N THR IA 361 139.79 66.73 35.27
CA THR IA 361 141.11 66.15 35.02
C THR IA 361 142.16 67.23 34.78
N ALA IA 362 141.81 68.36 34.16
CA ALA IA 362 142.72 69.49 34.02
C ALA IA 362 143.17 70.02 35.40
N SER IA 363 142.25 70.17 36.35
CA SER IA 363 142.60 70.34 37.76
C SER IA 363 141.45 70.00 38.72
N THR IA 364 141.69 68.98 39.57
CA THR IA 364 140.74 68.52 40.60
C THR IA 364 140.49 69.58 41.67
N THR IA 365 141.49 70.43 41.95
CA THR IA 365 141.37 71.55 42.88
C THR IA 365 140.43 72.65 42.36
N THR IA 366 140.37 72.89 41.04
CA THR IA 366 139.40 73.84 40.46
C THR IA 366 138.02 73.22 40.22
N PHE IA 367 137.87 71.90 40.28
CA PHE IA 367 136.55 71.25 40.29
C PHE IA 367 135.73 71.62 41.55
N GLN IA 368 136.40 71.85 42.68
CA GLN IA 368 135.80 72.43 43.88
C GLN IA 368 135.30 73.86 43.63
N ASN IA 369 136.10 74.67 42.93
CA ASN IA 369 135.81 76.08 42.68
C ASN IA 369 134.71 76.28 41.61
N LYS IA 370 134.74 75.51 40.52
CA LYS IA 370 133.82 75.67 39.39
C LYS IA 370 132.37 75.33 39.77
N LYS IA 371 131.45 76.18 39.35
CA LYS IA 371 129.99 76.01 39.45
C LYS IA 371 129.36 75.84 38.06
N LEU IA 372 128.03 75.73 37.99
CA LEU IA 372 127.29 75.67 36.74
C LEU IA 372 127.34 76.98 35.93
N THR IA 373 127.67 78.10 36.54
CA THR IA 373 128.11 79.33 35.84
C THR IA 373 129.42 79.11 35.08
N ASP IA 374 129.58 79.80 33.95
CA ASP IA 374 130.81 79.81 33.14
C ASP IA 374 131.31 78.41 32.69
N LEU IA 375 130.40 77.43 32.60
CA LEU IA 375 130.71 76.13 32.00
C LEU IA 375 130.55 76.16 30.47
N PRO IA 376 131.20 75.24 29.74
CA PRO IA 376 130.96 75.08 28.31
C PRO IA 376 129.51 74.64 28.04
N THR IA 377 128.90 75.16 26.96
CA THR IA 377 127.50 74.90 26.55
C THR IA 377 126.56 74.73 27.76
N PRO IA 378 126.41 75.72 28.66
CA PRO IA 378 125.63 75.50 29.87
C PRO IA 378 124.13 75.72 29.82
N GLY IA 379 123.40 74.78 29.21
CA GLY IA 379 121.92 74.86 29.16
C GLY IA 379 121.34 74.14 30.36
N TYR IA 380 121.90 74.39 31.56
CA TYR IA 380 121.43 73.72 32.80
C TYR IA 380 120.00 74.15 33.12
N ILE IA 381 119.04 73.21 33.10
CA ILE IA 381 117.60 73.50 33.36
C ILE IA 381 117.11 72.47 34.39
N PHE IA 382 115.88 72.56 34.90
CA PHE IA 382 115.31 71.52 35.79
C PHE IA 382 114.22 70.77 35.02
N ILE IA 383 114.49 69.54 34.57
CA ILE IA 383 113.56 68.78 33.73
C ILE IA 383 113.25 67.43 34.38
N THR IA 384 111.99 66.97 34.32
CA THR IA 384 111.57 65.67 34.89
C THR IA 384 111.44 64.63 33.77
N PRO IA 385 112.08 63.44 33.87
CA PRO IA 385 111.96 62.40 32.84
C PRO IA 385 110.52 61.91 32.64
N THR IA 386 109.72 61.90 33.71
CA THR IA 386 108.29 61.55 33.68
C THR IA 386 107.39 62.78 33.79
N VAL IA 387 106.27 62.76 33.08
CA VAL IA 387 105.11 63.61 33.34
C VAL IA 387 103.87 62.73 33.55
N SER IA 388 102.93 63.17 34.39
CA SER IA 388 101.64 62.51 34.58
C SER IA 388 100.55 63.27 33.84
N LEU IA 389 99.83 62.58 32.95
CA LEU IA 389 98.66 63.08 32.23
C LEU IA 389 97.37 62.62 32.91
N ARG IA 390 96.28 63.36 32.72
CA ARG IA 390 94.91 62.92 33.05
C ARG IA 390 94.15 62.61 31.77
N TYR IA 391 93.56 61.42 31.70
CA TYR IA 391 92.71 60.97 30.60
C TYR IA 391 91.27 60.79 31.10
N ASN IA 392 90.30 61.29 30.34
CA ASN IA 392 88.89 61.09 30.61
C ASN IA 392 88.26 60.39 29.39
N PRO IA 393 87.68 59.19 29.53
CA PRO IA 393 87.15 58.45 28.39
C PRO IA 393 85.94 59.13 27.75
N TYR IA 394 85.17 59.87 28.55
CA TYR IA 394 83.93 60.54 28.05
C TYR IA 394 84.31 61.81 27.29
N LYS IA 395 85.53 62.30 27.47
CA LYS IA 395 86.02 63.52 26.77
C LYS IA 395 86.79 63.10 25.51
N ASP IA 396 86.83 61.80 25.19
CA ASP IA 396 87.62 61.29 24.03
C ASP IA 396 86.74 61.17 22.78
N LEU IA 397 87.13 61.81 21.67
CA LEU IA 397 86.33 61.84 20.45
C LEU IA 397 86.98 61.04 19.30
N ALA IA 398 88.16 60.45 19.53
CA ALA IA 398 88.81 59.57 18.57
C ALA IA 398 89.09 60.18 17.17
N GLU IA 399 89.25 61.49 17.04
CA GLU IA 399 89.41 62.13 15.71
C GLU IA 399 90.85 62.00 15.19
N ARG IA 400 91.85 61.96 16.07
CA ARG IA 400 93.28 61.87 15.72
C ARG IA 400 94.04 60.90 16.62
N ASN IA 401 93.32 59.93 17.19
CA ASN IA 401 93.90 58.85 17.99
C ASN IA 401 94.70 57.89 17.12
N LYS IA 402 95.79 57.34 17.66
CA LYS IA 402 96.74 56.50 16.91
C LYS IA 402 97.57 55.65 17.87
N CYS IA 403 98.09 54.52 17.44
CA CYS IA 403 98.80 53.58 18.30
C CYS IA 403 99.72 52.66 17.48
N TYR IA 404 100.96 52.45 17.92
CA TYR IA 404 101.94 51.59 17.25
C TYR IA 404 103.13 51.21 18.14
N PHE IA 405 103.92 50.21 17.72
CA PHE IA 405 105.14 49.80 18.41
C PHE IA 405 106.40 50.29 17.68
N VAL IA 406 107.37 50.79 18.43
CA VAL IA 406 108.71 51.19 17.94
C VAL IA 406 109.78 50.33 18.61
N ARG IA 407 110.93 50.15 17.97
CA ARG IA 407 112.03 49.31 18.47
C ARG IA 407 112.74 50.02 19.63
N SER IA 408 112.83 49.40 20.81
CA SER IA 408 113.44 50.01 21.99
C SER IA 408 114.97 49.90 21.97
N LYS IA 409 115.53 48.69 21.81
CA LYS IA 409 116.97 48.47 21.64
C LYS IA 409 117.42 48.64 20.19
N ILE IA 410 117.38 49.87 19.66
CA ILE IA 410 118.10 50.26 18.44
C ILE IA 410 118.64 51.69 18.54
N ASN IA 411 119.65 51.98 17.76
CA ASN IA 411 120.27 53.30 17.68
C ASN IA 411 119.52 54.22 16.69
N ALA IA 412 118.24 54.50 16.96
CA ALA IA 412 117.42 55.38 16.11
C ALA IA 412 116.68 56.45 16.94
N HIS IA 413 116.73 57.68 16.46
CA HIS IA 413 116.16 58.85 17.12
C HIS IA 413 114.65 58.95 16.90
N GLY IA 414 113.95 59.56 17.86
CA GLY IA 414 112.56 59.99 17.69
C GLY IA 414 111.53 58.88 17.79
N TRP IA 415 110.26 59.29 17.76
CA TRP IA 415 109.10 58.47 18.11
C TRP IA 415 108.11 58.27 16.95
N ASP IA 416 108.45 58.75 15.74
CA ASP IA 416 107.50 58.68 14.59
C ASP IA 416 107.08 57.23 14.33
N PRO IA 417 105.87 56.96 13.79
CA PRO IA 417 105.48 55.60 13.44
C PRO IA 417 106.53 55.07 12.48
N GLU IA 418 107.07 53.88 12.74
CA GLU IA 418 108.15 53.32 11.91
C GLU IA 418 107.91 51.82 11.66
N GLN IA 419 108.76 51.19 10.85
CA GLN IA 419 108.64 49.74 10.54
C GLN IA 419 107.26 49.49 9.89
N HIS IA 420 106.42 48.62 10.46
CA HIS IA 420 105.11 48.25 9.87
C HIS IA 420 104.14 49.43 9.93
N GLN IA 421 103.75 49.97 8.76
CA GLN IA 421 102.77 51.09 8.70
C GLN IA 421 101.38 50.47 8.57
N GLU IA 422 101.28 49.18 8.22
CA GLU IA 422 99.98 48.49 8.19
C GLU IA 422 99.52 48.05 9.60
N LEU IA 423 100.45 47.99 10.56
CA LEU IA 423 100.14 47.66 11.96
C LEU IA 423 99.70 48.87 12.79
N ILE IA 424 99.83 50.10 12.28
CA ILE IA 424 99.33 51.29 12.95
C ILE IA 424 97.81 51.15 13.13
N ASN IA 425 97.33 51.37 14.37
CA ASN IA 425 95.88 51.31 14.73
C ASN IA 425 95.40 52.74 14.99
N SER IA 426 94.35 53.22 14.31
CA SER IA 426 93.93 54.62 14.32
C SER IA 426 92.42 54.79 14.50
N ASP IA 427 92.01 55.99 14.94
CA ASP IA 427 90.63 56.49 14.87
C ASP IA 427 89.58 55.70 15.69
N LEU IA 428 89.96 55.20 16.86
CA LEU IA 428 89.05 54.67 17.89
C LEU IA 428 89.39 55.31 19.24
N PRO IA 429 88.46 55.42 20.20
CA PRO IA 429 88.79 55.96 21.50
C PRO IA 429 89.83 55.08 22.20
N GLN IA 430 90.80 55.67 22.92
CA GLN IA 430 91.97 54.93 23.50
C GLN IA 430 91.64 53.65 24.28
N TRP IA 431 90.51 53.57 24.98
CA TRP IA 431 90.08 52.37 25.67
C TRP IA 431 89.65 51.25 24.72
N LEU IA 432 89.18 51.58 23.51
CA LEU IA 432 88.91 50.62 22.45
C LEU IA 432 90.14 50.38 21.56
N LEU IA 433 90.91 51.41 21.27
CA LEU IA 433 92.10 51.34 20.42
C LEU IA 433 93.19 50.43 21.01
N LEU IA 434 93.42 50.49 22.32
CA LEU IA 434 94.44 49.70 22.98
C LEU IA 434 93.99 48.26 23.28
N PHE IA 435 92.69 47.97 23.35
CA PHE IA 435 92.19 46.68 23.83
C PHE IA 435 92.63 45.53 22.91
N GLY IA 436 93.42 44.59 23.42
CA GLY IA 436 93.93 43.45 22.66
C GLY IA 436 94.92 43.79 21.55
N TYR IA 437 95.30 45.06 21.36
CA TYR IA 437 96.23 45.45 20.30
C TYR IA 437 97.64 44.85 20.47
N PRO IA 438 98.26 44.87 21.67
CA PRO IA 438 99.51 44.16 21.89
C PRO IA 438 99.46 42.66 21.58
N ASP IA 439 98.36 41.99 21.90
CA ASP IA 439 98.21 40.56 21.58
C ASP IA 439 98.00 40.31 20.09
N TYR IA 440 97.27 41.17 19.37
CA TYR IA 440 97.22 41.10 17.92
C TYR IA 440 98.62 41.21 17.32
N ILE IA 441 99.44 42.13 17.83
CA ILE IA 441 100.80 42.33 17.36
C ILE IA 441 101.68 41.11 17.67
N LYS IA 442 101.63 40.58 18.90
CA LYS IA 442 102.34 39.34 19.24
C LYS IA 442 101.93 38.16 18.37
N ARG IA 443 100.63 37.94 18.17
CA ARG IA 443 100.12 36.80 17.35
C ARG IA 443 100.50 37.01 15.87
N THR IA 444 100.58 38.27 15.42
CA THR IA 444 101.02 38.58 14.05
C THR IA 444 102.48 38.22 13.82
N GLN IA 445 103.34 38.26 14.85
CA GLN IA 445 104.76 37.79 14.75
C GLN IA 445 105.60 38.60 13.75
N ASN IA 446 105.17 39.81 13.36
CA ASN IA 446 105.94 40.68 12.48
C ASN IA 446 107.03 41.48 13.21
N PHE IA 447 107.14 41.35 14.53
CA PHE IA 447 108.18 41.95 15.37
C PHE IA 447 108.93 40.89 16.17
N ALA IA 448 110.18 41.17 16.53
CA ALA IA 448 110.93 40.30 17.44
C ALA IA 448 110.21 40.19 18.78
N LEU IA 449 109.94 38.96 19.23
CA LEU IA 449 108.81 38.67 20.11
C LEU IA 449 108.93 39.27 21.51
N VAL IA 450 110.14 39.54 21.99
CA VAL IA 450 110.37 39.84 23.41
C VAL IA 450 109.93 41.25 23.81
N ASP IA 451 109.21 41.36 24.94
CA ASP IA 451 108.66 42.67 25.42
C ASP IA 451 109.75 43.72 25.62
N THR IA 452 110.98 43.30 25.90
CA THR IA 452 112.07 44.24 26.19
C THR IA 452 112.59 44.98 24.96
N ASN IA 453 112.25 44.54 23.76
CA ASN IA 453 112.85 45.05 22.52
C ASN IA 453 111.95 46.05 21.78
N TYR IA 454 110.75 46.33 22.29
CA TYR IA 454 109.81 47.29 21.73
C TYR IA 454 109.21 48.19 22.80
N ILE IA 455 108.70 49.34 22.37
CA ILE IA 455 107.88 50.27 23.15
C ILE IA 455 106.58 50.49 22.40
N LEU IA 456 105.48 50.58 23.11
CA LEU IA 456 104.19 51.05 22.64
C LEU IA 456 104.11 52.57 22.78
N VAL IA 457 103.70 53.23 21.70
CA VAL IA 457 103.60 54.68 21.55
C VAL IA 457 102.21 55.00 21.04
N ASP IA 458 101.54 56.01 21.60
CA ASP IA 458 100.19 56.39 21.15
C ASP IA 458 99.98 57.91 21.12
N HIS IA 459 99.18 58.38 20.18
CA HIS IA 459 98.77 59.78 20.08
C HIS IA 459 97.32 59.93 20.53
N CYS IA 460 97.03 60.93 21.36
CA CYS IA 460 95.69 61.22 21.85
C CYS IA 460 95.57 62.73 22.16
N PRO IA 461 94.79 63.50 21.37
CA PRO IA 461 94.51 64.90 21.65
C PRO IA 461 93.84 65.19 22.98
N TYR IA 462 93.24 64.18 23.62
CA TYR IA 462 92.17 64.38 24.61
C TYR IA 462 92.60 64.27 26.07
N THR IA 463 93.88 64.06 26.36
CA THR IA 463 94.39 64.31 27.72
C THR IA 463 94.41 65.82 28.01
N ASN IA 464 94.20 66.21 29.27
CA ASN IA 464 94.08 67.63 29.62
C ASN IA 464 95.42 68.39 29.50
N PRO IA 465 96.52 67.94 30.14
CA PRO IA 465 97.87 68.20 29.63
C PRO IA 465 98.14 67.32 28.42
N GLU IA 466 99.17 67.60 27.63
CA GLU IA 466 99.51 66.81 26.44
C GLU IA 466 101.01 66.58 26.31
N LYS IA 467 101.36 65.53 25.57
CA LYS IA 467 102.66 65.28 24.94
C LYS IA 467 102.39 64.71 23.55
N THR IA 468 103.21 65.04 22.55
CA THR IA 468 102.89 64.78 21.13
C THR IA 468 102.59 63.29 20.90
N PRO IA 469 103.54 62.35 21.09
CA PRO IA 469 103.21 61.00 21.48
C PRO IA 469 103.20 60.85 23.01
N PHE IA 470 102.62 59.72 23.44
CA PHE IA 470 102.67 59.31 24.86
C PHE IA 470 103.51 58.04 24.91
N ILE IA 471 104.31 57.83 25.94
CA ILE IA 471 105.04 56.54 26.12
C ILE IA 471 104.52 55.99 27.44
N PRO IA 472 103.29 55.42 27.52
CA PRO IA 472 102.74 55.04 28.82
C PRO IA 472 103.72 54.22 29.64
N LEU IA 473 103.80 54.44 30.94
CA LEU IA 473 104.62 53.66 31.87
C LEU IA 473 103.79 53.25 33.08
N SER IA 474 103.94 52.01 33.53
CA SER IA 474 103.18 51.51 34.68
C SER IA 474 103.68 52.13 35.98
N THR IA 475 102.77 52.29 36.94
CA THR IA 475 103.08 52.78 38.28
C THR IA 475 104.20 51.97 38.93
N SER IA 476 104.32 50.67 38.66
CA SER IA 476 105.43 49.84 39.12
C SER IA 476 106.80 50.32 38.62
N PHE IA 477 106.94 50.68 37.35
CA PHE IA 477 108.20 51.22 36.81
C PHE IA 477 108.48 52.65 37.28
N ILE IA 478 107.43 53.45 37.45
CA ILE IA 478 107.50 54.80 38.05
C ILE IA 478 107.81 54.75 39.55
N GLU IA 479 107.63 53.60 40.20
CA GLU IA 479 107.94 53.35 41.62
C GLU IA 479 109.11 52.39 41.84
N GLY IA 480 109.86 52.01 40.80
CA GLY IA 480 111.03 51.15 40.96
C GLY IA 480 110.72 49.72 41.42
N ARG IA 481 109.84 49.03 40.69
CA ARG IA 481 109.39 47.66 41.08
C ARG IA 481 109.10 46.82 39.83
N SER IA 482 109.19 45.49 39.95
CA SER IA 482 108.97 44.57 38.81
C SER IA 482 107.54 44.65 38.24
N PRO IA 483 107.32 44.33 36.94
CA PRO IA 483 106.08 44.61 36.22
C PRO IA 483 104.77 44.21 36.91
N TYR IA 484 104.75 43.07 37.61
CA TYR IA 484 103.59 42.57 38.39
C TYR IA 484 104.00 42.17 39.83
N SER IA 485 104.82 43.00 40.49
CA SER IA 485 105.29 42.74 41.85
C SER IA 485 104.52 43.58 42.89
N PRO IA 486 104.17 43.03 44.06
CA PRO IA 486 103.35 43.73 45.06
C PRO IA 486 104.05 44.98 45.63
N SER IA 487 103.26 46.01 45.90
CA SER IA 487 103.71 47.36 46.28
C SER IA 487 104.57 47.42 47.54
N ASP IA 488 104.58 46.38 48.39
CA ASP IA 488 105.47 46.33 49.59
C ASP IA 488 106.93 46.32 49.15
N THR IA 489 107.21 45.86 47.93
CA THR IA 489 108.54 45.80 47.34
C THR IA 489 108.99 47.19 46.86
N HIS IA 490 110.29 47.53 47.04
CA HIS IA 490 110.84 48.85 46.63
C HIS IA 490 112.10 48.66 45.76
N GLU IA 491 112.27 47.52 45.09
CA GLU IA 491 113.34 47.22 44.15
C GLU IA 491 112.85 46.23 43.09
N PRO IA 492 113.36 46.27 41.86
CA PRO IA 492 113.19 45.17 40.92
C PRO IA 492 113.81 43.86 41.44
N ASP IA 493 113.26 42.71 41.02
CA ASP IA 493 113.92 41.40 41.12
C ASP IA 493 115.12 41.32 40.15
N GLU IA 494 116.13 40.48 40.39
CA GLU IA 494 117.43 40.55 39.72
C GLU IA 494 117.36 40.63 38.17
N GLU IA 495 116.47 39.87 37.54
CA GLU IA 495 116.29 39.92 36.08
C GLU IA 495 115.66 41.23 35.58
N ASP IA 496 114.88 41.93 36.41
CA ASP IA 496 114.41 43.29 36.17
C ASP IA 496 115.35 44.37 36.74
N GLN IA 497 116.30 44.03 37.62
CA GLN IA 497 117.39 44.94 37.98
C GLN IA 497 118.31 45.16 36.78
N ASN IA 498 118.56 44.08 36.03
CA ASN IA 498 119.01 44.16 34.64
C ASN IA 498 117.86 44.63 33.73
N ARG IA 499 118.26 45.19 32.57
CA ARG IA 499 117.32 45.68 31.54
C ARG IA 499 116.33 46.68 32.15
N TRP IA 500 116.75 47.52 33.12
CA TRP IA 500 115.87 48.52 33.79
C TRP IA 500 115.75 49.77 32.91
N TYR IA 501 115.05 49.67 31.79
CA TYR IA 501 114.86 50.75 30.83
C TYR IA 501 113.47 50.68 30.17
N PRO IA 502 112.95 51.78 29.60
CA PRO IA 502 111.65 51.80 28.93
C PRO IA 502 111.48 50.69 27.87
N CYS IA 503 110.48 49.84 28.08
CA CYS IA 503 110.06 48.81 27.12
C CYS IA 503 108.66 48.31 27.47
N TYR IA 504 107.99 47.64 26.53
CA TYR IA 504 106.61 47.20 26.63
C TYR IA 504 106.31 46.39 27.90
N GLN IA 505 107.28 45.64 28.43
CA GLN IA 505 107.10 44.85 29.68
C GLN IA 505 106.73 45.76 30.85
N TYR IA 506 107.25 46.99 30.91
CA TYR IA 506 106.90 47.95 31.95
C TYR IA 506 105.68 48.80 31.62
N GLN IA 507 105.18 48.78 30.38
CA GLN IA 507 103.99 49.53 29.97
C GLN IA 507 102.66 48.80 30.22
N GLN IA 508 102.69 47.49 30.40
CA GLN IA 508 101.50 46.63 30.37
C GLN IA 508 100.37 47.07 31.31
N GLU IA 509 100.66 47.36 32.57
CA GLU IA 509 99.64 47.74 33.53
C GLU IA 509 99.03 49.12 33.20
N SER IA 510 99.80 50.04 32.61
CA SER IA 510 99.26 51.35 32.21
C SER IA 510 98.24 51.24 31.07
N ILE IA 511 98.50 50.45 30.04
CA ILE IA 511 97.52 50.28 28.95
C ILE IA 511 96.34 49.42 29.37
N ASN IA 512 96.52 48.47 30.30
CA ASN IA 512 95.39 47.80 30.91
C ASN IA 512 94.53 48.81 31.69
N SER IA 513 95.13 49.72 32.44
CA SER IA 513 94.42 50.77 33.18
C SER IA 513 93.62 51.71 32.26
N ILE IA 514 94.17 52.06 31.09
CA ILE IA 514 93.44 52.81 30.07
C ILE IA 514 92.26 51.99 29.52
N CYS IA 515 92.43 50.70 29.24
CA CYS IA 515 91.33 49.84 28.82
C CYS IA 515 90.23 49.68 29.89
N LEU IA 516 90.61 49.59 31.16
CA LEU IA 516 89.70 49.57 32.29
C LEU IA 516 88.89 50.86 32.43
N SER IA 517 89.35 51.99 31.87
CA SER IA 517 88.52 53.19 31.82
C SER IA 517 87.33 53.04 30.86
N GLY IA 518 87.37 52.11 29.92
CA GLY IA 518 86.29 51.85 28.97
C GLY IA 518 85.10 51.10 29.57
N PRO IA 519 83.91 51.20 28.96
CA PRO IA 519 82.70 50.57 29.47
C PRO IA 519 82.73 49.03 29.37
N GLY IA 520 81.91 48.40 30.21
CA GLY IA 520 81.72 46.95 30.30
C GLY IA 520 82.82 46.19 31.02
N THR IA 521 83.97 46.81 31.30
CA THR IA 521 85.10 46.14 31.94
C THR IA 521 84.80 45.81 33.41
N PRO IA 522 85.01 44.56 33.85
CA PRO IA 522 84.55 44.11 35.17
C PRO IA 522 85.37 44.65 36.35
N LYS IA 523 84.75 44.63 37.53
CA LYS IA 523 85.38 44.88 38.84
C LYS IA 523 85.72 43.54 39.49
N ILE IA 524 87.00 43.24 39.72
CA ILE IA 524 87.43 42.01 40.38
C ILE IA 524 88.27 42.39 41.60
N PRO IA 525 87.89 41.99 42.83
CA PRO IA 525 88.69 42.28 44.02
C PRO IA 525 90.12 41.75 43.92
N LYS IA 526 91.10 42.49 44.44
CA LYS IA 526 92.51 42.05 44.43
C LYS IA 526 92.67 40.73 45.19
N GLY IA 527 93.42 39.80 44.61
CA GLY IA 527 93.60 38.44 45.11
C GLY IA 527 92.52 37.44 44.70
N ILE IA 528 91.48 37.86 43.97
CA ILE IA 528 90.47 36.96 43.39
C ILE IA 528 90.74 36.78 41.90
N THR IA 529 90.69 35.54 41.42
CA THR IA 529 90.74 35.22 39.99
C THR IA 529 89.36 34.81 39.53
N ALA IA 530 88.80 35.52 38.56
CA ALA IA 530 87.56 35.13 37.91
C ALA IA 530 87.86 34.12 36.80
N GLU IA 531 86.94 33.19 36.56
CA GLU IA 531 87.13 32.08 35.63
C GLU IA 531 85.83 31.83 34.86
N ALA IA 532 85.92 31.27 33.66
CA ALA IA 532 84.76 30.77 32.93
C ALA IA 532 85.10 29.46 32.23
N LYS IA 533 84.12 28.59 32.08
CA LYS IA 533 84.28 27.28 31.41
C LYS IA 533 83.09 26.94 30.53
N VAL IA 534 83.36 26.15 29.51
CA VAL IA 534 82.37 25.50 28.66
C VAL IA 534 82.56 23.99 28.76
N LYS IA 535 81.49 23.21 28.72
CA LYS IA 535 81.56 21.78 28.46
C LYS IA 535 81.22 21.52 27.01
N TYR IA 536 82.09 20.82 26.30
CA TYR IA 536 81.91 20.53 24.89
C TYR IA 536 81.62 19.04 24.66
N SER IA 537 80.96 18.75 23.56
CA SER IA 537 80.79 17.41 23.02
C SER IA 537 80.87 17.46 21.51
N PHE IA 538 82.00 17.09 20.93
CA PHE IA 538 82.17 16.98 19.48
C PHE IA 538 81.74 15.61 19.01
N ASN IA 539 80.91 15.54 17.97
CA ASN IA 539 80.36 14.30 17.47
C ASN IA 539 81.12 13.84 16.23
N PHE IA 540 81.71 12.65 16.29
CA PHE IA 540 82.43 12.02 15.21
C PHE IA 540 81.92 10.61 14.99
N LYS IA 541 82.18 10.07 13.80
CA LYS IA 541 82.17 8.63 13.54
C LYS IA 541 83.54 8.24 13.06
N TRP IA 542 84.02 7.06 13.42
CA TRP IA 542 85.23 6.46 12.90
C TRP IA 542 84.87 5.34 11.95
N GLY IA 543 85.54 5.24 10.81
CA GLY IA 543 85.21 4.29 9.75
C GLY IA 543 86.42 3.46 9.35
N GLY IA 544 86.18 2.21 8.99
CA GLY IA 544 87.24 1.34 8.50
C GLY IA 544 86.77 -0.08 8.18
N ASP IA 545 87.69 -0.89 7.68
CA ASP IA 545 87.55 -2.35 7.69
C ASP IA 545 87.69 -2.91 9.11
N LEU IA 546 87.14 -4.10 9.36
CA LEU IA 546 87.07 -4.68 10.69
C LEU IA 546 88.48 -4.87 11.31
N PRO IA 547 88.72 -4.42 12.55
CA PRO IA 547 90.01 -4.54 13.21
C PRO IA 547 90.23 -5.92 13.88
N PRO IA 548 91.49 -6.25 14.24
CA PRO IA 548 91.82 -7.41 15.06
C PRO IA 548 91.49 -7.20 16.56
N MET IA 549 91.54 -8.27 17.36
CA MET IA 549 91.20 -8.27 18.80
C MET IA 549 91.95 -9.39 19.55
N SER IA 550 92.06 -9.32 20.89
CA SER IA 550 92.72 -10.33 21.73
C SER IA 550 91.95 -10.66 23.02
N THR IA 551 92.30 -11.77 23.68
CA THR IA 551 91.53 -12.40 24.77
C THR IA 551 92.40 -12.82 25.95
N ILE IA 552 91.78 -13.07 27.10
CA ILE IA 552 92.41 -13.34 28.41
C ILE IA 552 92.03 -14.75 28.89
N THR IA 553 92.94 -15.44 29.57
CA THR IA 553 92.66 -16.79 30.11
C THR IA 553 91.49 -16.77 31.08
N ASN IA 554 90.64 -17.80 31.08
CA ASN IA 554 89.55 -17.90 32.05
C ASN IA 554 90.01 -18.16 33.50
N PRO IA 555 90.97 -19.06 33.80
CA PRO IA 555 91.35 -19.38 35.18
C PRO IA 555 91.97 -18.19 35.90
N THR IA 556 92.87 -17.45 35.26
CA THR IA 556 93.48 -16.23 35.87
C THR IA 556 92.68 -15.04 35.42
N ASP IA 557 91.52 -14.79 36.03
CA ASP IA 557 90.62 -13.67 35.61
C ASP IA 557 89.92 -13.13 36.87
N GLN IA 558 89.11 -12.07 36.72
CA GLN IA 558 88.39 -11.47 37.86
C GLN IA 558 87.81 -12.61 38.73
N PRO IA 559 88.28 -12.81 39.97
CA PRO IA 559 87.81 -13.92 40.79
C PRO IA 559 86.53 -13.61 41.52
N THR IA 560 85.63 -14.61 41.64
CA THR IA 560 84.38 -14.41 42.39
C THR IA 560 84.70 -14.17 43.88
N TYR IA 561 83.83 -13.44 44.60
CA TYR IA 561 84.03 -13.14 46.03
C TYR IA 561 84.29 -14.41 46.88
N VAL IA 562 83.72 -15.55 46.47
CA VAL IA 562 83.93 -16.86 47.09
C VAL IA 562 85.43 -17.25 47.08
N LYS JA 48 74.21 1.68 2.05
CA LYS JA 48 74.87 1.25 0.79
C LYS JA 48 75.59 2.42 0.10
N ARG JA 49 74.86 3.39 -0.45
CA ARG JA 49 75.40 4.63 -1.01
C ARG JA 49 74.56 5.84 -0.61
N LEU JA 50 75.20 6.97 -0.38
CA LEU JA 50 74.57 8.21 0.09
C LEU JA 50 74.84 9.36 -0.88
N ASN JA 51 73.91 10.30 -0.97
CA ASN JA 51 74.14 11.58 -1.63
C ASN JA 51 75.19 12.37 -0.85
N ILE JA 52 76.15 12.98 -1.54
CA ILE JA 52 77.03 13.98 -0.94
C ILE JA 52 76.24 15.26 -0.70
N VAL JA 53 76.37 15.83 0.49
CA VAL JA 53 75.62 17.00 0.96
C VAL JA 53 76.62 18.06 1.42
N GLU JA 54 76.29 19.33 1.19
CA GLU JA 54 77.06 20.48 1.64
C GLU JA 54 76.19 21.37 2.53
N TRP JA 55 76.78 22.01 3.54
CA TRP JA 55 76.07 22.95 4.39
C TRP JA 55 76.25 24.36 3.85
N GLN JA 56 75.10 25.00 3.58
CA GLN JA 56 75.08 26.33 2.93
C GLN JA 56 75.75 27.38 3.82
N PRO JA 57 76.50 28.32 3.24
CA PRO JA 57 77.22 29.34 3.98
C PRO JA 57 76.27 30.38 4.61
N LYS JA 58 76.76 31.08 5.63
CA LYS JA 58 75.94 31.93 6.52
C LYS JA 58 75.24 33.08 5.80
N SER JA 59 75.91 33.73 4.85
CA SER JA 59 75.31 34.77 4.00
C SER JA 59 75.63 34.53 2.53
N ILE JA 60 74.65 34.75 1.66
CA ILE JA 60 74.71 34.48 0.22
C ILE JA 60 74.19 35.69 -0.56
N ARG JA 61 74.87 36.05 -1.66
CA ARG JA 61 74.46 37.20 -2.52
C ARG JA 61 74.57 36.90 -4.03
N LYS JA 62 73.45 36.74 -4.73
CA LYS JA 62 73.42 36.50 -6.19
C LYS JA 62 74.07 37.66 -6.93
N CYS JA 63 74.87 37.37 -7.94
CA CYS JA 63 75.50 38.35 -8.81
C CYS JA 63 75.49 37.86 -10.26
N ARG JA 64 74.86 38.67 -11.14
CA ARG JA 64 74.87 38.41 -12.61
C ARG JA 64 75.92 39.32 -13.27
N ILE JA 65 77.06 38.77 -13.67
CA ILE JA 65 78.09 39.53 -14.38
C ILE JA 65 77.60 39.71 -15.81
N LYS JA 66 77.10 40.91 -16.14
CA LYS JA 66 76.45 41.24 -17.41
C LYS JA 66 77.34 42.13 -18.26
N GLY JA 67 77.46 41.85 -19.55
CA GLY JA 67 78.30 42.66 -20.42
C GLY JA 67 78.20 42.27 -21.89
N MET JA 68 79.06 42.88 -22.70
CA MET JA 68 79.09 42.73 -24.15
C MET JA 68 80.48 42.25 -24.59
N LEU JA 69 80.55 41.23 -25.44
CA LEU JA 69 81.81 40.66 -25.95
C LEU JA 69 81.86 40.75 -27.48
N CYS JA 70 82.94 41.29 -28.03
CA CYS JA 70 83.20 41.28 -29.46
C CYS JA 70 83.66 39.90 -29.93
N LEU JA 71 82.94 39.27 -30.85
CA LEU JA 71 83.28 37.94 -31.36
C LEU JA 71 84.36 38.01 -32.45
N PHE JA 72 84.25 38.96 -33.36
CA PHE JA 72 85.29 39.29 -34.32
C PHE JA 72 85.08 40.74 -34.78
N GLN JA 73 86.12 41.35 -35.32
CA GLN JA 73 85.99 42.52 -36.18
C GLN JA 73 87.02 42.40 -37.28
N THR JA 74 86.55 42.38 -38.53
CA THR JA 74 87.32 41.90 -39.68
C THR JA 74 87.15 42.77 -40.92
N THR JA 75 88.22 42.89 -41.68
CA THR JA 75 88.20 43.26 -43.11
C THR JA 75 88.34 41.99 -43.95
N GLU JA 76 88.21 42.09 -45.28
CA GLU JA 76 88.36 40.94 -46.18
C GLU JA 76 89.77 40.33 -46.16
N ASP JA 77 90.81 41.15 -46.01
CA ASP JA 77 92.22 40.73 -45.98
C ASP JA 77 92.66 40.12 -44.63
N ARG JA 78 91.75 40.02 -43.65
CA ARG JA 78 91.98 39.37 -42.37
C ARG JA 78 91.02 38.23 -42.05
N LEU JA 79 90.18 37.80 -42.99
CA LEU JA 79 89.15 36.78 -42.74
C LEU JA 79 89.69 35.44 -42.26
N SER JA 80 90.85 34.99 -42.77
CA SER JA 80 91.43 33.71 -42.39
C SER JA 80 92.24 33.70 -41.09
N TYR JA 81 92.28 34.82 -40.35
CA TYR JA 81 93.07 34.97 -39.13
C TYR JA 81 92.21 35.08 -37.88
N ASN JA 82 92.76 34.65 -36.75
CA ASN JA 82 92.13 34.71 -35.44
C ASN JA 82 92.12 36.16 -34.90
N PHE JA 83 90.95 36.67 -34.54
CA PHE JA 83 90.77 37.95 -33.85
C PHE JA 83 91.10 37.83 -32.37
N ASP JA 84 92.16 38.52 -31.94
CA ASP JA 84 92.41 38.86 -30.55
C ASP JA 84 92.17 40.35 -30.36
N MET JA 85 91.35 40.71 -29.37
CA MET JA 85 91.06 42.12 -29.06
C MET JA 85 92.23 42.81 -28.36
N TYR JA 86 93.06 42.03 -27.66
CA TYR JA 86 94.28 42.48 -26.99
C TYR JA 86 95.47 41.91 -27.76
N GLU JA 87 96.17 42.80 -28.45
CA GLU JA 87 96.91 42.50 -29.66
C GLU JA 87 98.39 42.12 -29.52
N GLU JA 88 98.94 41.48 -30.55
CA GLU JA 88 100.37 41.59 -30.87
C GLU JA 88 100.54 42.98 -31.48
N SER JA 89 101.29 43.87 -30.82
CA SER JA 89 101.19 45.34 -30.96
C SER JA 89 101.31 45.93 -32.37
N ILE JA 90 101.84 45.19 -33.33
CA ILE JA 90 101.89 45.57 -34.75
C ILE JA 90 100.55 45.37 -35.48
N ILE JA 91 99.73 44.38 -35.09
CA ILE JA 91 98.50 44.02 -35.81
C ILE JA 91 97.53 45.20 -35.97
N PRO JA 92 97.15 45.96 -34.91
CA PRO JA 92 96.21 47.06 -35.10
C PRO JA 92 96.81 48.29 -35.80
N GLU JA 93 98.13 48.36 -36.01
CA GLU JA 93 98.73 49.49 -36.75
C GLU JA 93 98.33 49.43 -38.22
N LYS JA 94 97.45 50.36 -38.62
CA LYS JA 94 96.87 50.43 -39.97
C LYS JA 94 96.04 49.21 -40.38
N LEU JA 95 95.48 48.45 -39.43
CA LEU JA 95 94.36 47.51 -39.68
C LEU JA 95 93.16 47.82 -38.78
N PRO JA 96 91.96 48.10 -39.33
CA PRO JA 96 90.79 48.40 -38.51
C PRO JA 96 90.10 47.14 -37.94
N GLY JA 97 90.40 45.94 -38.45
CA GLY JA 97 89.94 44.67 -37.90
C GLY JA 97 90.97 43.57 -38.06
N GLY JA 98 91.25 42.83 -36.98
CA GLY JA 98 92.39 41.93 -36.90
C GLY JA 98 92.15 40.49 -37.36
N GLY JA 99 90.90 40.03 -37.45
CA GLY JA 99 90.63 38.63 -37.77
C GLY JA 99 89.15 38.32 -37.97
N GLY JA 100 88.84 37.33 -38.80
CA GLY JA 100 87.47 36.95 -39.17
C GLY JA 100 86.90 35.75 -38.42
N PHE JA 101 87.68 35.13 -37.54
CA PHE JA 101 87.21 34.11 -36.61
C PHE JA 101 87.83 34.35 -35.24
N SER JA 102 87.25 33.84 -34.18
CA SER JA 102 87.95 33.80 -32.90
C SER JA 102 87.62 32.54 -32.11
N ILE JA 103 88.54 32.18 -31.21
CA ILE JA 103 88.26 31.29 -30.09
C ILE JA 103 88.40 32.12 -28.82
N LYS JA 104 87.33 32.25 -28.04
CA LYS JA 104 87.28 32.95 -26.75
C LYS JA 104 87.21 31.91 -25.64
N ASN JA 105 88.05 32.02 -24.62
CA ASN JA 105 87.86 31.34 -23.35
C ASN JA 105 87.45 32.36 -22.29
N ILE JA 106 86.37 32.10 -21.57
CA ILE JA 106 85.88 32.98 -20.50
C ILE JA 106 86.13 32.33 -19.14
N SER JA 107 86.73 33.07 -18.23
CA SER JA 107 86.94 32.69 -16.83
C SER JA 107 86.56 33.85 -15.94
N LEU JA 108 86.30 33.60 -14.66
CA LEU JA 108 85.96 34.65 -13.70
C LEU JA 108 87.06 35.73 -13.60
N TYR JA 109 88.33 35.37 -13.78
CA TYR JA 109 89.40 36.35 -13.87
C TYR JA 109 89.36 37.17 -15.18
N ALA JA 110 89.04 36.55 -16.31
CA ALA JA 110 88.81 37.30 -17.55
C ALA JA 110 87.59 38.22 -17.46
N LEU JA 111 86.52 37.82 -16.77
CA LEU JA 111 85.39 38.69 -16.47
C LEU JA 111 85.79 39.88 -15.59
N TYR JA 112 86.64 39.68 -14.58
CA TYR JA 112 87.22 40.78 -13.82
C TYR JA 112 88.09 41.69 -14.67
N GLN JA 113 88.91 41.16 -15.58
CA GLN JA 113 89.68 41.99 -16.50
C GLN JA 113 88.79 42.80 -17.44
N GLU JA 114 87.70 42.25 -17.95
CA GLU JA 114 86.72 43.01 -18.72
C GLU JA 114 86.03 44.10 -17.89
N HIS JA 115 85.94 43.93 -16.56
CA HIS JA 115 85.39 44.99 -15.66
C HIS JA 115 86.39 46.15 -15.55
N ILE JA 116 87.69 45.88 -15.62
CA ILE JA 116 88.72 46.93 -15.64
C ILE JA 116 88.67 47.75 -16.94
N HIS JA 117 88.30 47.12 -18.06
CA HIS JA 117 87.99 47.82 -19.32
C HIS JA 117 86.60 48.49 -19.35
N ALA JA 118 85.83 48.40 -18.27
CA ALA JA 118 84.44 48.85 -18.18
C ALA JA 118 83.49 48.17 -19.18
N HIS JA 119 83.82 46.97 -19.66
CA HIS JA 119 83.00 46.22 -20.62
C HIS JA 119 81.86 45.43 -19.98
N ASN JA 120 81.83 45.31 -18.65
CA ASN JA 120 80.76 44.64 -17.92
C ASN JA 120 80.44 45.31 -16.59
N ILE JA 121 79.31 44.94 -16.02
CA ILE JA 121 78.90 45.26 -14.65
C ILE JA 121 78.85 43.97 -13.82
N PHE JA 122 79.17 44.06 -12.54
CA PHE JA 122 78.84 43.03 -11.56
C PHE JA 122 77.62 43.51 -10.78
N THR JA 123 76.53 42.75 -10.83
CA THR JA 123 75.27 43.15 -10.16
C THR JA 123 75.40 43.23 -8.64
N HIS JA 124 76.37 42.52 -8.08
CA HIS JA 124 76.70 42.59 -6.64
C HIS JA 124 78.22 42.44 -6.52
N THR JA 125 78.87 43.24 -5.70
CA THR JA 125 80.30 43.09 -5.40
C THR JA 125 80.60 41.79 -4.66
N ASN JA 126 81.85 41.37 -4.70
CA ASN JA 126 82.37 40.14 -4.11
C ASN JA 126 83.43 40.41 -3.03
N THR JA 127 83.58 41.64 -2.55
CA THR JA 127 84.79 42.07 -1.81
C THR JA 127 85.01 41.31 -0.50
N ASP JA 128 83.94 40.94 0.20
CA ASP JA 128 84.01 40.36 1.55
C ASP JA 128 83.30 39.00 1.66
N ARG JA 129 83.03 38.37 0.51
CA ARG JA 129 82.43 37.00 0.44
C ARG JA 129 83.38 36.20 -0.45
N PRO JA 130 84.28 35.33 0.09
CA PRO JA 130 85.35 34.70 -0.68
C PRO JA 130 84.91 33.43 -1.43
N LEU JA 131 83.77 32.84 -1.10
CA LEU JA 131 83.23 31.68 -1.80
C LEU JA 131 82.45 32.10 -3.05
N ALA JA 132 82.43 31.24 -4.06
CA ALA JA 132 81.66 31.40 -5.27
C ALA JA 132 80.92 30.11 -5.62
N ARG JA 133 79.72 30.25 -6.19
CA ARG JA 133 78.89 29.11 -6.67
C ARG JA 133 78.36 29.45 -8.07
N TYR JA 134 79.09 29.08 -9.13
CA TYR JA 134 78.73 29.33 -10.52
C TYR JA 134 77.54 28.46 -10.96
N THR JA 135 76.53 29.07 -11.56
CA THR JA 135 75.25 28.41 -11.90
C THR JA 135 75.02 28.25 -13.40
N GLY JA 136 75.84 28.88 -14.24
CA GLY JA 136 75.71 28.83 -15.70
C GLY JA 136 75.66 30.22 -16.33
N CYS JA 137 75.46 30.26 -17.64
CA CYS JA 137 75.53 31.46 -18.45
C CYS JA 137 74.30 31.60 -19.35
N SER JA 138 73.88 32.82 -19.61
CA SER JA 138 72.99 33.16 -20.74
C SER JA 138 73.77 33.96 -21.77
N LEU JA 139 73.69 33.58 -23.04
CA LEU JA 139 74.22 34.36 -24.15
C LEU JA 139 73.07 34.85 -25.04
N LYS JA 140 73.12 36.11 -25.49
CA LYS JA 140 72.31 36.66 -26.58
C LYS JA 140 73.23 37.04 -27.72
N PHE JA 141 73.14 36.34 -28.84
CA PHE JA 141 73.92 36.60 -30.04
C PHE JA 141 73.12 37.52 -30.94
N TYR JA 142 73.66 38.68 -31.31
CA TYR JA 142 72.94 39.65 -32.12
C TYR JA 142 73.22 39.46 -33.61
N GLN JA 143 72.19 39.62 -34.43
CA GLN JA 143 72.39 39.79 -35.87
C GLN JA 143 73.25 41.02 -36.16
N SER JA 144 74.35 40.84 -36.86
CA SER JA 144 75.08 41.98 -37.41
C SER JA 144 74.31 42.60 -38.56
N LYS JA 145 74.62 43.86 -38.89
CA LYS JA 145 74.00 44.54 -40.04
C LYS JA 145 74.39 43.88 -41.36
N ASP JA 146 75.69 43.70 -41.60
CA ASP JA 146 76.24 43.38 -42.93
C ASP JA 146 76.78 41.95 -43.10
N ILE JA 147 77.04 41.22 -42.01
CA ILE JA 147 77.72 39.89 -42.11
C ILE JA 147 76.99 38.80 -41.32
N ASP JA 148 76.94 37.58 -41.85
CA ASP JA 148 76.33 36.43 -41.14
C ASP JA 148 77.46 35.84 -40.29
N TYR JA 149 77.20 34.88 -39.42
CA TYR JA 149 78.31 34.23 -38.68
C TYR JA 149 77.86 32.96 -37.96
N VAL JA 150 78.71 31.95 -37.94
CA VAL JA 150 78.46 30.68 -37.25
C VAL JA 150 79.10 30.76 -35.88
N VAL JA 151 78.41 30.31 -34.85
CA VAL JA 151 78.95 30.11 -33.51
C VAL JA 151 78.87 28.64 -33.14
N THR JA 152 79.85 28.12 -32.44
CA THR JA 152 79.68 26.93 -31.62
C THR JA 152 80.44 27.11 -30.31
N TYR JA 153 79.99 26.50 -29.24
CA TYR JA 153 80.56 26.68 -27.91
C TYR JA 153 80.75 25.33 -27.23
N SER JA 154 81.65 25.29 -26.27
CA SER JA 154 81.95 24.09 -25.49
C SER JA 154 82.16 24.45 -24.03
N THR JA 155 82.00 23.47 -23.13
CA THR JA 155 82.28 23.67 -21.68
C THR JA 155 83.03 22.47 -21.13
N SER JA 156 83.71 21.69 -21.99
CA SER JA 156 84.58 20.61 -21.47
C SER JA 156 85.67 21.29 -20.62
N LEU JA 157 85.64 21.12 -19.29
CA LEU JA 157 86.60 21.84 -18.41
C LEU JA 157 88.02 21.73 -18.99
N PRO JA 158 88.51 20.56 -19.46
CA PRO JA 158 89.81 20.49 -20.08
C PRO JA 158 89.87 21.46 -21.25
N LEU JA 159 90.75 22.46 -21.19
CA LEU JA 159 90.88 23.48 -22.27
C LEU JA 159 92.18 23.24 -23.04
N ARG JA 160 92.10 23.11 -24.37
CA ARG JA 160 93.30 22.91 -25.22
C ARG JA 160 92.98 23.33 -26.66
N SER JA 161 94.01 23.59 -27.48
CA SER JA 161 93.83 23.96 -28.90
C SER JA 161 94.29 22.80 -29.78
N SER JA 162 93.78 22.70 -31.01
CA SER JA 162 94.15 21.59 -31.93
C SER JA 162 94.23 22.11 -33.37
N MET JA 163 95.05 21.47 -34.21
CA MET JA 163 95.16 21.81 -35.63
C MET JA 163 93.84 21.59 -36.37
N GLY JA 164 93.13 20.51 -36.06
CA GLY JA 164 91.80 20.22 -36.59
C GLY JA 164 90.75 21.22 -36.14
N MET JA 165 90.82 21.73 -34.90
CA MET JA 165 89.95 22.83 -34.46
C MET JA 165 90.15 24.07 -35.33
N TYR JA 166 91.39 24.54 -35.52
CA TYR JA 166 91.65 25.75 -36.30
C TYR JA 166 91.27 25.60 -37.78
N ASN JA 167 91.51 24.44 -38.40
CA ASN JA 167 91.01 24.20 -39.75
C ASN JA 167 89.48 24.17 -39.79
N SER JA 168 88.83 23.53 -38.81
CA SER JA 168 87.37 23.45 -38.75
C SER JA 168 86.69 24.80 -38.51
N MET JA 169 87.43 25.85 -38.15
CA MET JA 169 86.92 27.23 -38.14
C MET JA 169 86.61 27.77 -39.53
N GLN JA 170 87.06 27.13 -40.61
CA GLN JA 170 86.75 27.55 -41.97
C GLN JA 170 85.23 27.63 -42.12
N PRO JA 171 84.65 28.71 -42.68
CA PRO JA 171 83.22 28.96 -42.57
C PRO JA 171 82.31 27.86 -43.08
N SER JA 172 82.66 27.21 -44.19
CA SER JA 172 81.90 26.07 -44.74
C SER JA 172 81.97 24.85 -43.83
N ILE JA 173 83.15 24.56 -43.26
CA ILE JA 173 83.34 23.43 -42.36
C ILE JA 173 82.65 23.65 -41.02
N HIS JA 174 82.78 24.83 -40.44
CA HIS JA 174 82.09 25.21 -39.21
C HIS JA 174 80.57 25.16 -39.41
N LEU JA 175 80.06 25.67 -40.52
CA LEU JA 175 78.64 25.59 -40.86
C LEU JA 175 78.12 24.14 -41.03
N MET JA 176 78.96 23.16 -41.34
CA MET JA 176 78.55 21.75 -41.37
C MET JA 176 78.49 21.08 -39.99
N GLN JA 177 79.18 21.61 -38.97
CA GLN JA 177 79.27 20.95 -37.67
C GLN JA 177 77.92 20.83 -36.95
N GLN JA 178 77.79 19.82 -36.10
CA GLN JA 178 76.64 19.66 -35.21
C GLN JA 178 76.70 20.65 -34.05
N ASN JA 179 75.53 21.04 -33.53
CA ASN JA 179 75.39 22.04 -32.46
C ASN JA 179 76.06 23.39 -32.78
N LYS JA 180 76.09 23.73 -34.07
CA LYS JA 180 76.31 25.10 -34.55
C LYS JA 180 75.09 25.97 -34.21
N LEU JA 181 75.32 27.27 -34.20
CA LEU JA 181 74.30 28.31 -34.28
C LEU JA 181 74.65 29.22 -35.44
N ILE JA 182 73.74 29.40 -36.39
CA ILE JA 182 73.92 30.33 -37.50
C ILE JA 182 73.16 31.60 -37.15
N VAL JA 183 73.81 32.75 -37.24
CA VAL JA 183 73.18 34.05 -37.07
C VAL JA 183 73.22 34.78 -38.41
N PRO JA 184 72.10 34.81 -39.15
CA PRO JA 184 72.00 35.61 -40.37
C PRO JA 184 72.15 37.09 -40.04
N SER JA 185 72.72 37.86 -40.93
CA SER JA 185 72.68 39.32 -40.85
C SER JA 185 71.24 39.83 -40.95
N LYS JA 186 71.00 41.07 -40.53
CA LYS JA 186 69.71 41.74 -40.70
C LYS JA 186 69.32 41.87 -42.18
N GLN JA 187 70.31 41.98 -43.06
CA GLN JA 187 70.12 41.96 -44.51
C GLN JA 187 69.67 40.60 -45.03
N THR JA 188 70.27 39.48 -44.62
CA THR JA 188 69.90 38.15 -45.13
C THR JA 188 68.62 37.61 -44.51
N GLN JA 189 68.25 37.98 -43.28
CA GLN JA 189 66.96 37.63 -42.70
C GLN JA 189 66.49 38.65 -41.65
N LYS JA 190 65.35 39.30 -41.89
CA LYS JA 190 64.61 40.05 -40.86
C LYS JA 190 63.89 39.08 -39.93
N ARG JA 191 63.97 39.31 -38.62
CA ARG JA 191 63.46 38.40 -37.58
C ARG JA 191 62.59 39.15 -36.58
N ARG JA 192 61.69 38.43 -35.88
CA ARG JA 192 60.88 38.98 -34.78
C ARG JA 192 61.77 39.49 -33.65
N LYS JA 193 62.65 38.63 -33.14
CA LYS JA 193 63.67 39.00 -32.16
C LYS JA 193 65.01 39.20 -32.88
N PRO JA 194 65.72 40.32 -32.65
CA PRO JA 194 66.95 40.64 -33.37
C PRO JA 194 68.19 39.88 -32.87
N TYR JA 195 68.00 38.87 -32.04
CA TYR JA 195 69.03 38.08 -31.38
C TYR JA 195 68.60 36.63 -31.23
N ILE JA 196 69.56 35.73 -31.05
CA ILE JA 196 69.30 34.34 -30.65
C ILE JA 196 69.84 34.12 -29.25
N LYS JA 197 69.00 33.63 -28.34
CA LYS JA 197 69.30 33.48 -26.91
C LYS JA 197 69.41 32.01 -26.54
N LYS JA 198 70.47 31.63 -25.83
CA LYS JA 198 70.55 30.29 -25.23
C LYS JA 198 71.34 30.23 -23.94
N HIS JA 199 70.93 29.30 -23.08
CA HIS JA 199 71.47 29.07 -21.75
C HIS JA 199 72.50 27.94 -21.81
N ILE JA 200 73.64 28.15 -21.17
CA ILE JA 200 74.77 27.22 -21.16
C ILE JA 200 75.05 26.80 -19.72
N SER JA 201 75.07 25.50 -19.47
CA SER JA 201 75.30 24.92 -18.15
C SER JA 201 76.78 25.00 -17.76
N PRO JA 202 77.17 24.94 -16.47
CA PRO JA 202 78.57 24.89 -16.09
C PRO JA 202 79.34 23.71 -16.72
N PRO JA 203 80.67 23.79 -16.82
CA PRO JA 203 81.50 22.63 -17.13
C PRO JA 203 81.15 21.44 -16.25
N THR JA 204 81.19 20.21 -16.77
CA THR JA 204 80.81 19.02 -15.99
C THR JA 204 81.71 18.84 -14.75
N GLN JA 205 82.94 19.37 -14.80
CA GLN JA 205 83.91 19.31 -13.67
C GLN JA 205 83.58 20.38 -12.61
N MET JA 206 82.90 21.46 -12.98
CA MET JA 206 82.39 22.45 -12.03
C MET JA 206 81.06 21.96 -11.46
N LYS JA 207 81.08 21.37 -10.27
CA LYS JA 207 79.88 20.86 -9.59
C LYS JA 207 79.10 22.00 -8.95
N SER JA 208 77.90 21.75 -8.47
CA SER JA 208 77.06 22.79 -7.84
C SER JA 208 77.59 23.29 -6.48
N GLN JA 209 78.62 22.65 -5.93
CA GLN JA 209 79.24 23.05 -4.66
C GLN JA 209 79.80 24.48 -4.66
N TRP JA 210 80.04 25.02 -3.47
CA TRP JA 210 80.83 26.24 -3.29
C TRP JA 210 82.31 25.99 -3.53
N TYR JA 211 83.01 26.98 -4.10
CA TYR JA 211 84.46 26.98 -4.31
C TYR JA 211 85.04 28.31 -3.88
N PHE JA 212 86.23 28.35 -3.30
CA PHE JA 212 86.93 29.61 -3.13
C PHE JA 212 87.15 30.31 -4.46
N GLN JA 213 86.90 31.61 -4.53
CA GLN JA 213 87.06 32.40 -5.79
C GLN JA 213 88.52 32.36 -6.25
N HIS JA 214 89.49 32.21 -5.35
CA HIS JA 214 90.93 32.11 -5.70
C HIS JA 214 91.19 30.82 -6.50
N ASN JA 215 90.49 29.73 -6.18
CA ASN JA 215 90.68 28.47 -6.86
C ASN JA 215 90.07 28.47 -8.26
N ILE JA 216 88.82 28.91 -8.40
CA ILE JA 216 88.09 28.91 -9.67
C ILE JA 216 88.39 30.10 -10.58
N ALA JA 217 89.12 31.12 -10.12
CA ALA JA 217 89.38 32.35 -10.87
C ALA JA 217 89.82 32.10 -12.31
N ASN JA 218 90.80 31.21 -12.52
CA ASN JA 218 91.41 30.96 -13.82
C ASN JA 218 90.82 29.75 -14.58
N ILE JA 219 89.90 28.98 -14.00
CA ILE JA 219 89.26 27.84 -14.64
C ILE JA 219 88.38 28.34 -15.80
N PRO JA 220 88.61 27.93 -17.06
CA PRO JA 220 87.81 28.42 -18.18
C PRO JA 220 86.43 27.78 -18.17
N LEU JA 221 85.37 28.58 -17.91
CA LEU JA 221 83.99 28.05 -17.72
C LEU JA 221 83.19 28.05 -19.03
N LEU JA 222 83.70 28.65 -20.09
CA LEU JA 222 83.07 28.65 -21.40
C LEU JA 222 84.12 28.85 -22.50
N MET JA 223 84.02 28.11 -23.60
CA MET JA 223 84.68 28.44 -24.86
C MET JA 223 83.65 28.82 -25.92
N ILE JA 224 83.83 29.95 -26.59
CA ILE JA 224 83.02 30.34 -27.75
C ILE JA 224 83.92 30.34 -28.98
N ARG JA 225 83.51 29.65 -30.04
CA ARG JA 225 84.16 29.65 -31.36
C ARG JA 225 83.25 30.35 -32.35
N THR JA 226 83.73 31.36 -33.05
CA THR JA 226 82.93 32.11 -34.03
C THR JA 226 83.68 32.30 -35.32
N THR JA 227 83.02 32.19 -36.48
CA THR JA 227 83.60 32.49 -37.79
C THR JA 227 82.65 33.32 -38.62
N ALA JA 228 83.17 34.30 -39.35
CA ALA JA 228 82.43 35.15 -40.28
C ALA JA 228 82.10 34.42 -41.60
N LEU JA 229 80.92 34.68 -42.14
CA LEU JA 229 80.27 33.83 -43.13
C LEU JA 229 79.50 34.69 -44.14
N THR JA 230 79.24 34.18 -45.34
CA THR JA 230 78.07 34.63 -46.11
C THR JA 230 77.26 33.45 -46.60
N LEU JA 231 75.96 33.52 -46.41
CA LEU JA 231 74.99 32.53 -46.90
C LEU JA 231 74.58 32.80 -48.36
N ASP JA 232 74.38 34.05 -48.74
CA ASP JA 232 73.94 34.46 -50.09
C ASP JA 232 75.04 34.49 -51.16
N ASN JA 233 76.31 34.55 -50.75
CA ASN JA 233 77.48 34.56 -51.63
C ASN JA 233 78.38 33.35 -51.33
N TYR JA 234 77.81 32.25 -50.87
CA TYR JA 234 78.54 31.10 -50.34
C TYR JA 234 79.62 30.55 -51.31
N TYR JA 235 79.31 30.41 -52.59
CA TYR JA 235 80.26 29.89 -53.58
C TYR JA 235 81.12 30.98 -54.21
N ILE JA 236 80.49 32.06 -54.70
CA ILE JA 236 81.20 33.15 -55.38
C ILE JA 236 82.11 33.91 -54.41
N GLY JA 237 81.64 34.16 -53.18
CA GLY JA 237 82.38 34.88 -52.15
C GLY JA 237 82.75 36.28 -52.62
N SER JA 238 84.04 36.55 -52.75
CA SER JA 238 84.58 37.78 -53.33
C SER JA 238 85.36 37.57 -54.64
N ARG JA 239 85.12 36.46 -55.33
CA ARG JA 239 85.69 36.17 -56.66
C ARG JA 239 85.44 37.31 -57.64
N GLN JA 240 86.46 37.63 -58.44
CA GLN JA 240 86.40 38.57 -59.56
C GLN JA 240 86.91 37.87 -60.83
N LEU JA 241 86.26 38.10 -61.98
CA LEU JA 241 86.62 37.44 -63.25
C LEU JA 241 86.62 35.91 -63.13
N SER JA 242 87.71 35.23 -63.47
CA SER JA 242 87.86 33.78 -63.45
C SER JA 242 87.72 33.16 -62.05
N THR JA 243 87.36 31.88 -61.97
CA THR JA 243 87.41 31.11 -60.71
C THR JA 243 88.85 30.91 -60.21
N ASN JA 244 89.84 30.91 -61.12
CA ASN JA 244 91.26 30.78 -60.79
C ASN JA 244 91.76 32.01 -60.02
N VAL JA 245 92.52 31.78 -58.95
CA VAL JA 245 93.28 32.80 -58.23
C VAL JA 245 94.77 32.67 -58.61
N THR JA 246 95.46 33.80 -58.74
CA THR JA 246 96.91 33.81 -59.03
C THR JA 246 97.71 33.90 -57.74
N ILE JA 247 98.64 32.96 -57.56
CA ILE JA 247 99.57 32.92 -56.42
C ILE JA 247 100.96 33.29 -56.95
N HIS JA 248 101.66 34.22 -56.28
CA HIS JA 248 103.07 34.50 -56.62
C HIS JA 248 103.90 33.58 -55.73
N THR JA 249 105.06 33.11 -56.19
CA THR JA 249 105.97 32.29 -55.38
C THR JA 249 107.43 32.54 -55.70
N LEU JA 250 108.33 32.21 -54.77
CA LEU JA 250 109.79 32.27 -55.06
C LEU JA 250 110.13 31.04 -55.91
N ASN JA 251 110.75 31.21 -57.07
CA ASN JA 251 111.21 30.04 -57.88
C ASN JA 251 111.95 29.12 -56.91
N THR JA 252 111.53 27.86 -56.76
CA THR JA 252 112.15 26.89 -55.85
C THR JA 252 113.39 26.33 -56.50
N THR JA 253 113.41 26.24 -57.83
CA THR JA 253 114.51 25.60 -58.58
C THR JA 253 115.78 26.46 -58.67
N TYR JA 254 115.77 27.69 -58.12
CA TYR JA 254 116.93 28.60 -58.13
C TYR JA 254 117.16 29.32 -56.80
N ILE JA 255 116.10 29.76 -56.11
CA ILE JA 255 116.18 30.46 -54.83
C ILE JA 255 116.03 29.44 -53.68
N GLN JA 256 117.12 28.97 -53.09
CA GLN JA 256 116.99 27.91 -52.04
C GLN JA 256 117.89 28.14 -50.83
N ASN JA 257 118.88 29.04 -50.91
CA ASN JA 257 119.85 29.12 -49.83
C ASN JA 257 119.34 29.66 -48.49
N ARG JA 258 118.25 30.44 -48.50
CA ARG JA 258 117.61 30.98 -47.26
C ARG JA 258 118.63 31.73 -46.37
N ASP JA 259 119.66 32.35 -46.95
CA ASP JA 259 120.65 33.13 -46.19
C ASP JA 259 120.30 34.64 -46.16
N TRP JA 260 119.10 34.96 -45.65
CA TRP JA 260 118.52 36.30 -45.80
C TRP JA 260 118.79 37.28 -44.66
N GLY JA 261 118.69 38.58 -44.97
CA GLY JA 261 118.59 39.64 -43.97
C GLY JA 261 119.91 40.11 -43.35
N ASP JA 262 121.01 40.06 -44.11
CA ASP JA 262 122.29 40.70 -43.76
C ASP JA 262 122.82 41.59 -44.89
N ARG JA 263 123.43 42.74 -44.55
CA ARG JA 263 124.16 43.55 -45.56
C ARG JA 263 125.64 43.14 -45.42
N ASN JA 264 125.94 42.22 -44.50
CA ASN JA 264 127.30 41.73 -44.20
C ASN JA 264 127.68 40.45 -44.98
N LYS JA 265 126.89 40.06 -45.99
CA LYS JA 265 127.02 38.80 -46.73
C LYS JA 265 126.64 38.98 -48.19
N THR JA 266 127.53 38.64 -49.12
CA THR JA 266 127.19 38.59 -50.55
C THR JA 266 126.19 37.45 -50.80
N TYR JA 267 125.01 37.74 -51.36
CA TYR JA 267 123.98 36.72 -51.52
C TYR JA 267 124.24 35.80 -52.71
N TYR JA 268 123.99 34.51 -52.51
CA TYR JA 268 124.09 33.45 -53.49
C TYR JA 268 122.79 32.63 -53.40
N CYS JA 269 122.17 32.31 -54.54
CA CYS JA 269 120.80 31.82 -54.55
C CYS JA 269 120.68 30.30 -54.33
N GLN JA 270 121.61 29.51 -54.83
CA GLN JA 270 121.66 28.06 -54.62
C GLN JA 270 123.10 27.53 -54.55
N THR JA 271 123.25 26.37 -53.92
CA THR JA 271 124.44 25.51 -54.04
C THR JA 271 124.08 24.23 -54.78
N LEU JA 272 124.94 23.79 -55.71
CA LEU JA 272 124.83 22.46 -56.34
C LEU JA 272 126.22 21.81 -56.32
N GLY JA 273 126.32 20.56 -55.88
CA GLY JA 273 127.62 19.94 -55.61
C GLY JA 273 128.44 20.77 -54.61
N THR JA 274 129.61 21.24 -55.04
CA THR JA 274 130.44 22.20 -54.29
C THR JA 274 130.21 23.68 -54.68
N GLN JA 275 129.49 23.93 -55.79
CA GLN JA 275 129.36 25.28 -56.37
C GLN JA 275 128.43 26.20 -55.55
N ARG JA 276 128.56 27.51 -55.80
CA ARG JA 276 127.58 28.53 -55.44
C ARG JA 276 127.13 29.25 -56.71
N TYR JA 277 125.87 29.66 -56.77
CA TYR JA 277 125.28 30.35 -57.91
C TYR JA 277 124.78 31.73 -57.50
N PHE JA 278 124.89 32.69 -58.41
CA PHE JA 278 124.79 34.11 -58.16
C PHE JA 278 123.89 34.77 -59.20
N LEU JA 279 123.27 35.86 -58.80
CA LEU JA 279 122.31 36.62 -59.61
C LEU JA 279 122.88 38.01 -59.88
N TYR JA 280 122.63 38.55 -61.07
CA TYR JA 280 123.02 39.90 -61.46
C TYR JA 280 121.88 40.60 -62.20
N GLY JA 281 121.59 41.84 -61.88
CA GLY JA 281 120.63 42.66 -62.62
C GLY JA 281 121.31 43.42 -63.76
N THR JA 282 120.58 43.77 -64.81
CA THR JA 282 121.09 44.71 -65.81
C THR JA 282 119.96 45.56 -66.39
N HIS JA 283 120.30 46.78 -66.83
CA HIS JA 283 119.33 47.65 -67.55
C HIS JA 283 119.64 47.53 -69.05
N SER JA 284 120.60 46.67 -69.42
CA SER JA 284 121.02 46.53 -70.82
C SER JA 284 119.86 46.12 -71.73
N THR JA 285 119.83 46.73 -72.92
CA THR JA 285 118.93 46.37 -74.03
C THR JA 285 119.48 45.20 -74.87
N ALA JA 286 120.66 44.66 -74.54
CA ALA JA 286 121.28 43.57 -75.29
C ALA JA 286 120.37 42.34 -75.34
N GLN JA 287 120.15 41.81 -76.55
CA GLN JA 287 119.27 40.66 -76.79
C GLN JA 287 119.95 39.32 -76.48
N ASN JA 288 121.28 39.25 -76.58
CA ASN JA 288 122.04 38.00 -76.46
C ASN JA 288 122.81 37.95 -75.13
N ILE JA 289 122.54 36.90 -74.34
CA ILE JA 289 123.18 36.70 -73.02
C ILE JA 289 124.71 36.59 -73.10
N ASN JA 290 125.26 36.18 -74.25
CA ASN JA 290 126.70 36.05 -74.43
C ASN JA 290 127.44 37.40 -74.49
N ASP JA 291 126.87 38.43 -75.17
CA ASP JA 291 127.59 39.70 -75.47
C ASP JA 291 127.46 40.80 -74.40
N ILE JA 292 126.62 40.64 -73.40
CA ILE JA 292 126.55 41.59 -72.28
C ILE JA 292 127.96 41.75 -71.67
N LYS JA 293 128.33 42.99 -71.30
CA LYS JA 293 129.65 43.29 -70.73
C LYS JA 293 129.80 42.71 -69.31
N LEU JA 294 131.00 42.81 -68.73
CA LEU JA 294 131.18 42.46 -67.30
C LEU JA 294 130.69 43.69 -66.50
N GLN JA 295 130.65 44.87 -67.15
CA GLN JA 295 130.22 46.14 -66.51
C GLN JA 295 128.69 46.21 -66.35
N GLU JA 296 127.94 45.80 -67.37
CA GLU JA 296 126.45 45.93 -67.37
C GLU JA 296 125.86 45.31 -66.09
N LEU JA 297 126.37 44.15 -65.65
CA LEU JA 297 125.80 43.43 -64.49
C LEU JA 297 125.83 44.27 -63.21
N ILE JA 298 124.73 44.26 -62.44
CA ILE JA 298 124.64 44.96 -61.13
C ILE JA 298 124.63 43.83 -60.08
N PRO JA 299 125.77 43.48 -59.47
CA PRO JA 299 125.86 42.30 -58.61
C PRO JA 299 125.06 42.54 -57.35
N LEU JA 300 124.54 41.47 -56.73
CA LEU JA 300 123.71 41.59 -55.51
C LEU JA 300 124.54 41.19 -54.29
N THR JA 301 124.89 42.15 -53.41
CA THR JA 301 125.72 41.90 -52.21
C THR JA 301 124.87 42.14 -50.97
N ASN JA 302 123.58 42.48 -51.14
CA ASN JA 302 122.66 42.68 -50.01
C ASN JA 302 121.34 41.97 -50.32
N THR JA 303 120.70 41.34 -49.34
CA THR JA 303 119.26 41.01 -49.43
C THR JA 303 118.39 41.80 -48.47
N GLN JA 304 118.98 42.35 -47.40
CA GLN JA 304 118.27 43.02 -46.28
C GLN JA 304 117.61 44.36 -46.63
N ASP JA 305 117.89 44.96 -47.79
CA ASP JA 305 117.33 46.30 -48.11
C ASP JA 305 116.40 46.31 -49.33
N TYR JA 306 115.58 47.35 -49.43
CA TYR JA 306 114.73 47.58 -50.62
C TYR JA 306 115.53 48.12 -51.83
N VAL JA 307 116.81 48.48 -51.64
CA VAL JA 307 117.60 49.22 -52.63
C VAL JA 307 117.72 48.48 -53.97
N GLN JA 308 117.55 49.22 -55.07
CA GLN JA 308 117.66 48.70 -56.44
C GLN JA 308 119.12 48.47 -56.88
N GLY JA 309 120.05 49.21 -56.29
CA GLY JA 309 121.40 49.38 -56.81
C GLY JA 309 121.41 50.34 -58.00
N PHE JA 310 122.54 50.40 -58.71
CA PHE JA 310 122.70 51.19 -59.93
C PHE JA 310 123.81 50.61 -60.81
N ASP JA 311 123.81 51.01 -62.07
CA ASP JA 311 124.77 50.55 -63.08
C ASP JA 311 126.14 51.25 -62.96
N TRP JA 312 127.21 50.61 -63.45
CA TRP JA 312 128.57 51.13 -63.48
C TRP JA 312 128.69 52.45 -64.26
N THR JA 313 127.77 52.73 -65.19
CA THR JA 313 127.68 54.04 -65.86
C THR JA 313 127.42 55.20 -64.91
N GLU JA 314 126.96 54.94 -63.67
CA GLU JA 314 126.79 55.96 -62.62
C GLU JA 314 127.99 56.04 -61.65
N LYS JA 315 129.14 55.43 -61.99
CA LYS JA 315 130.41 55.53 -61.24
C LYS JA 315 130.72 56.96 -60.79
N ASP JA 316 130.61 57.92 -61.71
CA ASP JA 316 130.90 59.33 -61.45
C ASP JA 316 129.81 60.06 -60.64
N LYS JA 317 128.59 59.50 -60.48
CA LYS JA 317 127.55 60.09 -59.63
C LYS JA 317 127.73 59.76 -58.16
N HIS JA 318 128.39 58.63 -57.86
CA HIS JA 318 128.66 58.15 -56.45
C HIS JA 318 130.17 58.12 -56.19
N ASN JA 319 130.96 58.92 -56.90
CA ASN JA 319 132.41 59.07 -56.70
C ASN JA 319 133.14 57.72 -56.55
N ILE JA 320 132.67 56.69 -57.27
CA ILE JA 320 133.21 55.34 -57.20
C ILE JA 320 134.60 55.29 -57.85
N THR JA 321 135.56 54.70 -57.15
CA THR JA 321 136.94 54.54 -57.64
C THR JA 321 137.25 53.11 -58.11
N THR JA 322 136.54 52.11 -57.60
CA THR JA 322 136.82 50.69 -57.87
C THR JA 322 135.54 49.86 -57.92
N TYR JA 323 135.61 48.66 -58.51
CA TYR JA 323 134.52 47.70 -58.45
C TYR JA 323 134.15 47.32 -57.00
N LYS JA 324 135.09 47.37 -56.05
CA LYS JA 324 134.80 47.23 -54.61
C LYS JA 324 133.81 48.30 -54.11
N GLU JA 325 133.99 49.56 -54.49
CA GLU JA 325 133.01 50.62 -54.18
C GLU JA 325 131.72 50.51 -55.02
N PHE JA 326 131.78 49.97 -56.24
CA PHE JA 326 130.57 49.63 -57.00
C PHE JA 326 129.74 48.55 -56.31
N LEU JA 327 130.38 47.48 -55.81
CA LEU JA 327 129.75 46.42 -55.00
C LEU JA 327 129.07 46.99 -53.75
N THR JA 328 129.72 47.89 -53.01
CA THR JA 328 129.16 48.38 -51.74
C THR JA 328 128.10 49.47 -51.97
N LYS JA 329 128.32 50.42 -52.87
CA LYS JA 329 127.35 51.50 -53.12
C LYS JA 329 126.21 51.09 -54.06
N GLY JA 330 126.51 50.31 -55.10
CA GLY JA 330 125.65 50.12 -56.28
C GLY JA 330 125.00 48.75 -56.42
N ALA JA 331 125.28 47.77 -55.55
CA ALA JA 331 124.62 46.48 -55.61
C ALA JA 331 123.11 46.55 -55.36
N GLY JA 332 122.34 45.70 -56.04
CA GLY JA 332 120.87 45.68 -55.99
C GLY JA 332 120.32 44.53 -55.16
N ASN JA 333 119.23 44.73 -54.42
CA ASN JA 333 118.59 43.62 -53.71
C ASN JA 333 117.69 42.87 -54.69
N PRO JA 334 117.74 41.52 -54.76
CA PRO JA 334 117.03 40.75 -55.79
C PRO JA 334 115.52 40.87 -55.69
N PHE JA 335 115.01 41.23 -54.50
CA PHE JA 335 113.59 41.42 -54.20
C PHE JA 335 113.11 42.86 -54.40
N HIS JA 336 113.91 43.76 -54.97
CA HIS JA 336 113.42 45.08 -55.39
C HIS JA 336 112.33 44.93 -56.47
N ALA JA 337 111.41 45.87 -56.58
CA ALA JA 337 110.20 45.77 -57.40
C ALA JA 337 110.44 45.49 -58.89
N GLU JA 338 111.62 45.82 -59.44
CA GLU JA 338 111.98 45.44 -60.82
C GLU JA 338 112.75 44.12 -60.92
N TRP JA 339 113.58 43.77 -59.94
CA TRP JA 339 114.34 42.51 -59.97
C TRP JA 339 113.51 41.30 -59.51
N ILE JA 340 112.52 41.48 -58.62
CA ILE JA 340 111.67 40.42 -58.05
C ILE JA 340 110.95 39.60 -59.11
N THR JA 341 110.47 40.24 -60.18
CA THR JA 341 109.81 39.62 -61.35
C THR JA 341 110.61 39.84 -62.64
N ALA JA 342 111.87 40.29 -62.54
CA ALA JA 342 112.75 40.60 -63.66
C ALA JA 342 112.09 41.51 -64.72
N GLN JA 343 111.39 42.57 -64.29
CA GLN JA 343 110.84 43.59 -65.19
C GLN JA 343 111.94 44.16 -66.09
N ASN JA 344 113.11 44.43 -65.49
CA ASN JA 344 114.37 44.61 -66.20
C ASN JA 344 115.17 43.30 -66.04
N PRO JA 345 115.87 42.81 -67.08
CA PRO JA 345 116.46 41.47 -67.07
C PRO JA 345 117.37 41.19 -65.86
N VAL JA 346 117.31 39.94 -65.40
CA VAL JA 346 118.11 39.40 -64.28
C VAL JA 346 118.80 38.13 -64.76
N ILE JA 347 120.08 38.01 -64.47
CA ILE JA 347 120.97 36.99 -65.00
C ILE JA 347 121.43 36.07 -63.86
N HIS JA 348 121.26 34.77 -64.00
CA HIS JA 348 121.70 33.74 -63.06
C HIS JA 348 122.95 33.05 -63.58
N THR JA 349 123.98 32.85 -62.77
CA THR JA 349 125.26 32.28 -63.20
C THR JA 349 125.99 31.55 -62.06
N ALA JA 350 126.86 30.60 -62.41
CA ALA JA 350 127.83 30.04 -61.47
C ALA JA 350 129.00 31.00 -61.18
N ASN JA 351 129.23 32.01 -62.03
CA ASN JA 351 130.40 32.86 -61.89
C ASN JA 351 130.27 33.84 -60.70
N SER JA 352 131.06 33.59 -59.66
CA SER JA 352 131.03 34.40 -58.44
C SER JA 352 131.48 35.85 -58.72
N PRO JA 353 130.87 36.85 -58.06
CA PRO JA 353 131.31 38.23 -58.15
C PRO JA 353 132.80 38.39 -57.85
N THR JA 354 133.40 37.57 -56.99
CA THR JA 354 134.84 37.63 -56.70
C THR JA 354 135.71 37.21 -57.88
N GLN JA 355 135.24 36.33 -58.76
CA GLN JA 355 135.95 36.11 -60.03
C GLN JA 355 135.84 37.36 -60.93
N ILE JA 356 134.68 38.02 -60.96
CA ILE JA 356 134.53 39.31 -61.63
C ILE JA 356 135.40 40.39 -60.97
N GLU JA 357 135.55 40.40 -59.63
CA GLU JA 357 136.46 41.29 -58.91
C GLU JA 357 137.89 41.07 -59.41
N GLN JA 358 138.34 39.81 -59.49
CA GLN JA 358 139.67 39.49 -60.01
C GLN JA 358 139.84 40.00 -61.45
N ILE JA 359 138.84 39.86 -62.33
CA ILE JA 359 138.93 40.40 -63.69
C ILE JA 359 139.00 41.94 -63.70
N TYR JA 360 138.15 42.63 -62.93
CA TYR JA 360 138.21 44.09 -62.80
C TYR JA 360 139.54 44.57 -62.20
N THR JA 361 139.90 44.05 -61.03
CA THR JA 361 141.07 44.52 -60.27
C THR JA 361 142.37 44.17 -60.97
N ALA JA 362 142.46 43.03 -61.67
CA ALA JA 362 143.62 42.70 -62.48
C ALA JA 362 143.86 43.76 -63.58
N SER JA 363 142.81 44.20 -64.28
CA SER JA 363 142.86 45.41 -65.10
C SER JA 363 141.47 46.00 -65.39
N THR JA 364 141.25 47.24 -64.91
CA THR JA 364 140.02 48.02 -65.12
C THR JA 364 139.79 48.36 -66.60
N THR JA 365 140.88 48.53 -67.36
CA THR JA 365 140.82 48.77 -68.81
C THR JA 365 140.32 47.55 -69.59
N THR JA 366 140.63 46.32 -69.15
CA THR JA 366 140.07 45.10 -69.77
C THR JA 366 138.68 44.74 -69.26
N PHE JA 367 138.20 45.33 -68.17
CA PHE JA 367 136.79 45.21 -67.74
C PHE JA 367 135.82 45.83 -68.77
N GLN JA 368 136.25 46.89 -69.46
CA GLN JA 368 135.55 47.45 -70.63
C GLN JA 368 135.49 46.44 -71.78
N ASN JA 369 136.59 45.74 -72.04
CA ASN JA 369 136.71 44.81 -73.17
C ASN JA 369 135.97 43.49 -72.92
N LYS JA 370 136.06 42.92 -71.71
CA LYS JA 370 135.48 41.62 -71.38
C LYS JA 370 133.95 41.64 -71.42
N LYS JA 371 133.38 40.60 -72.03
CA LYS JA 371 131.94 40.30 -72.08
C LYS JA 371 131.63 39.02 -71.32
N LEU JA 372 130.37 38.58 -71.31
CA LEU JA 372 129.93 37.33 -70.71
C LEU JA 372 130.49 36.08 -71.43
N THR JA 373 130.93 36.21 -72.68
CA THR JA 373 131.79 35.21 -73.34
C THR JA 373 133.16 35.09 -72.64
N ASP JA 374 133.73 33.88 -72.66
CA ASP JA 374 135.08 33.58 -72.14
C ASP JA 374 135.31 33.99 -70.67
N LEU JA 375 134.26 34.06 -69.86
CA LEU JA 375 134.36 34.24 -68.41
C LEU JA 375 134.56 32.90 -67.69
N PRO JA 376 135.11 32.90 -66.47
CA PRO JA 376 135.17 31.69 -65.64
C PRO JA 376 133.77 31.22 -65.28
N THR JA 377 133.57 29.89 -65.25
CA THR JA 377 132.29 29.21 -64.97
C THR JA 377 131.06 30.00 -65.50
N PRO JA 378 130.95 30.25 -66.83
CA PRO JA 378 129.90 31.14 -67.33
C PRO JA 378 128.55 30.51 -67.64
N GLY JA 379 127.77 30.19 -66.60
CA GLY JA 379 126.41 29.64 -66.78
C GLY JA 379 125.42 30.79 -66.83
N TYR JA 380 125.73 31.85 -67.57
CA TYR JA 380 124.85 33.05 -67.66
C TYR JA 380 123.52 32.67 -68.33
N ILE JA 381 122.40 32.78 -67.62
CA ILE JA 381 121.05 32.40 -68.14
C ILE JA 381 120.11 33.57 -67.81
N PHE JA 382 118.84 33.56 -68.26
CA PHE JA 382 117.85 34.60 -67.87
C PHE JA 382 116.83 33.93 -66.95
N ILE JA 383 116.89 34.19 -65.63
CA ILE JA 383 116.01 33.54 -64.65
C ILE JA 383 115.24 34.59 -63.85
N THR JA 384 113.97 34.34 -63.54
CA THR JA 384 113.12 35.26 -62.76
C THR JA 384 113.01 34.75 -61.31
N PRO JA 385 113.29 35.57 -60.28
CA PRO JA 385 113.16 35.13 -58.88
C PRO JA 385 111.74 34.72 -58.51
N THR JA 386 110.73 35.36 -59.11
CA THR JA 386 109.31 35.05 -58.94
C THR JA 386 108.73 34.31 -60.13
N VAL JA 387 107.84 33.37 -59.88
CA VAL JA 387 106.88 32.83 -60.85
C VAL JA 387 105.45 33.02 -60.32
N SER JA 388 104.49 33.22 -61.22
CA SER JA 388 103.06 33.27 -60.87
C SER JA 388 102.39 31.96 -61.27
N LEU JA 389 101.73 31.31 -60.31
CA LEU JA 389 100.93 30.10 -60.50
C LEU JA 389 99.44 30.46 -60.57
N ARG JA 390 98.63 29.63 -61.22
CA ARG JA 390 97.17 29.68 -61.13
C ARG JA 390 96.66 28.50 -60.31
N TYR JA 391 95.82 28.78 -59.32
CA TYR JA 391 95.17 27.79 -58.46
C TYR JA 391 93.66 27.83 -58.70
N ASN JA 392 93.05 26.66 -58.85
CA ASN JA 392 91.61 26.53 -58.95
C ASN JA 392 91.12 25.63 -57.81
N PRO JA 393 90.25 26.10 -56.89
CA PRO JA 393 89.83 25.30 -55.74
C PRO JA 393 88.99 24.09 -56.14
N TYR JA 394 88.27 24.18 -57.26
CA TYR JA 394 87.36 23.07 -57.71
C TYR JA 394 88.20 21.98 -58.37
N LYS JA 395 89.44 22.30 -58.77
CA LYS JA 395 90.36 21.33 -59.42
C LYS JA 395 91.27 20.70 -58.37
N ASP JA 396 91.07 21.02 -57.08
CA ASP JA 396 91.95 20.54 -55.98
C ASP JA 396 91.38 19.27 -55.35
N LEU JA 397 92.16 18.17 -55.31
CA LEU JA 397 91.69 16.89 -54.80
C LEU JA 397 92.36 16.50 -53.48
N ALA JA 398 93.28 17.32 -52.97
CA ALA JA 398 93.91 17.11 -51.67
C ALA JA 398 94.63 15.76 -51.47
N GLU JA 399 95.13 15.11 -52.52
CA GLU JA 399 95.74 13.77 -52.39
C GLU JA 399 97.19 13.83 -51.88
N ARG JA 400 97.92 14.92 -52.19
CA ARG JA 400 99.33 15.12 -51.78
C ARG JA 400 99.60 16.55 -51.32
N ASN JA 401 98.56 17.22 -50.84
CA ASN JA 401 98.66 18.56 -50.25
C ASN JA 401 99.38 18.51 -48.90
N LYS JA 402 100.16 19.55 -48.59
CA LYS JA 402 101.02 19.60 -47.40
C LYS JA 402 101.38 21.05 -47.07
N CYS JA 403 101.70 21.36 -45.82
CA CYS JA 403 101.94 22.73 -45.36
C CYS JA 403 102.78 22.74 -44.07
N TYR JA 404 103.81 23.59 -43.99
CA TYR JA 404 104.67 23.72 -42.81
C TYR JA 404 105.49 25.01 -42.81
N PHE JA 405 106.09 25.36 -41.67
CA PHE JA 405 106.99 26.51 -41.53
C PHE JA 405 108.45 26.08 -41.46
N VAL JA 406 109.33 26.79 -42.17
CA VAL JA 406 110.79 26.63 -42.13
C VAL JA 406 111.44 27.91 -41.62
N ARG JA 407 112.63 27.82 -41.03
CA ARG JA 407 113.36 28.96 -40.44
C ARG JA 407 113.94 29.84 -41.56
N SER JA 408 113.59 31.12 -41.60
CA SER JA 408 114.05 32.04 -42.66
C SER JA 408 115.47 32.56 -42.39
N LYS JA 409 115.74 33.14 -41.22
CA LYS JA 409 117.08 33.55 -40.80
C LYS JA 409 117.89 32.40 -40.18
N ILE JA 410 118.26 31.40 -40.98
CA ILE JA 410 119.31 30.44 -40.64
C ILE JA 410 120.13 30.05 -41.87
N ASN JA 411 121.35 29.58 -41.63
CA ASN JA 411 122.27 29.13 -42.67
C ASN JA 411 122.01 27.65 -43.04
N ALA JA 412 120.81 27.34 -43.54
CA ALA JA 412 120.44 25.99 -43.96
C ALA JA 412 119.81 25.97 -45.36
N HIS JA 413 120.27 25.02 -46.19
CA HIS JA 413 119.85 24.89 -47.57
C HIS JA 413 118.51 24.18 -47.71
N GLY JA 414 117.77 24.49 -48.78
CA GLY JA 414 116.61 23.71 -49.21
C GLY JA 414 115.35 23.97 -48.41
N TRP JA 415 114.26 23.36 -48.86
CA TRP JA 415 112.88 23.64 -48.46
C TRP JA 415 112.16 22.45 -47.81
N ASP JA 416 112.87 21.34 -47.58
CA ASP JA 416 112.23 20.10 -47.05
C ASP JA 416 111.54 20.40 -45.71
N PRO JA 417 110.46 19.68 -45.33
CA PRO JA 417 109.85 19.87 -44.02
C PRO JA 417 110.92 19.63 -42.98
N GLU JA 418 111.09 20.56 -42.04
CA GLU JA 418 112.17 20.46 -41.02
C GLU JA 418 111.62 20.83 -39.64
N GLN JA 419 112.47 20.71 -38.60
CA GLN JA 419 112.07 21.06 -37.21
C GLN JA 419 110.86 20.19 -36.82
N HIS JA 420 109.72 20.80 -36.42
CA HIS JA 420 108.54 20.03 -35.95
C HIS JA 420 107.89 19.25 -37.10
N GLN JA 421 107.93 17.92 -37.02
CA GLN JA 421 107.28 17.05 -38.05
C GLN JA 421 105.84 16.78 -37.58
N GLU JA 422 105.53 17.03 -36.32
CA GLU JA 422 104.14 16.91 -35.83
C GLU JA 422 103.29 18.14 -36.20
N LEU JA 423 103.92 19.27 -36.54
CA LEU JA 423 103.23 20.48 -36.98
C LEU JA 423 102.92 20.49 -38.48
N ILE JA 424 103.45 19.56 -39.26
CA ILE JA 424 103.11 19.43 -40.69
C ILE JA 424 101.61 19.16 -40.80
N ASN JA 425 100.93 19.95 -41.66
CA ASN JA 425 99.45 19.82 -41.93
C ASN JA 425 99.29 19.24 -43.33
N SER JA 426 98.56 18.13 -43.52
CA SER JA 426 98.51 17.39 -44.78
C SER JA 426 97.08 16.98 -45.17
N ASP JA 427 96.88 16.68 -46.45
CA ASP JA 427 95.72 15.96 -46.99
C ASP JA 427 94.35 16.67 -46.82
N LEU JA 428 94.32 18.00 -46.94
CA LEU JA 428 93.10 18.80 -47.08
C LEU JA 428 93.28 19.76 -48.27
N PRO JA 429 92.21 20.21 -48.93
CA PRO JA 429 92.35 21.17 -50.03
C PRO JA 429 92.96 22.47 -49.50
N GLN JA 430 93.85 23.12 -50.27
CA GLN JA 430 94.65 24.31 -49.80
C GLN JA 430 93.84 25.43 -49.12
N TRP JA 431 92.60 25.69 -49.52
CA TRP JA 431 91.75 26.67 -48.86
C TRP JA 431 91.28 26.23 -47.46
N LEU JA 432 91.21 24.93 -47.20
CA LEU JA 432 90.96 24.38 -45.86
C LEU JA 432 92.26 24.14 -45.10
N LEU JA 433 93.31 23.67 -45.77
CA LEU JA 433 94.60 23.37 -45.16
C LEU JA 433 95.28 24.61 -44.56
N LEU JA 434 95.20 25.76 -45.23
CA LEU JA 434 95.83 27.00 -44.78
C LEU JA 434 94.99 27.74 -43.74
N PHE JA 435 93.68 27.52 -43.66
CA PHE JA 435 92.78 28.34 -42.83
C PHE JA 435 93.13 28.21 -41.34
N GLY JA 436 93.53 29.32 -40.71
CA GLY JA 436 93.90 29.34 -39.30
C GLY JA 436 95.18 28.58 -38.94
N TYR JA 437 95.89 27.96 -39.90
CA TYR JA 437 97.10 27.20 -39.62
C TYR JA 437 98.24 28.07 -39.04
N PRO JA 438 98.56 29.26 -39.59
CA PRO JA 438 99.52 30.16 -38.96
C PRO JA 438 99.18 30.54 -37.52
N ASP JA 439 97.91 30.76 -37.21
CA ASP JA 439 97.49 31.08 -35.83
C ASP JA 439 97.58 29.88 -34.90
N TYR JA 440 97.26 28.67 -35.36
CA TYR JA 440 97.52 27.47 -34.58
C TYR JA 440 99.01 27.36 -34.24
N ILE JA 441 99.89 27.63 -35.20
CA ILE JA 441 101.33 27.59 -35.00
C ILE JA 441 101.80 28.67 -34.02
N LYS JA 442 101.33 29.92 -34.17
CA LYS JA 442 101.62 30.99 -33.21
C LYS JA 442 101.16 30.65 -31.80
N ARG JA 443 99.92 30.17 -31.64
CA ARG JA 443 99.35 29.83 -30.30
C ARG JA 443 100.10 28.61 -29.71
N THR JA 444 100.58 27.70 -30.56
CA THR JA 444 101.38 26.55 -30.11
C THR JA 444 102.74 26.98 -29.52
N GLN JA 445 103.31 28.10 -29.99
CA GLN JA 445 104.55 28.69 -29.40
C GLN JA 445 105.78 27.75 -29.51
N ASN JA 446 105.75 26.74 -30.40
CA ASN JA 446 106.89 25.86 -30.63
C ASN JA 446 107.95 26.46 -31.58
N PHE JA 447 107.71 27.66 -32.11
CA PHE JA 447 108.65 28.42 -32.94
C PHE JA 447 108.92 29.81 -32.35
N ALA JA 448 110.09 30.39 -32.65
CA ALA JA 448 110.38 31.77 -32.27
C ALA JA 448 109.37 32.72 -32.92
N LEU JA 449 108.71 33.55 -32.11
CA LEU JA 449 107.37 34.06 -32.41
C LEU JA 449 107.30 35.00 -33.62
N VAL JA 450 108.40 35.66 -33.97
CA VAL JA 450 108.37 36.79 -34.91
C VAL JA 450 108.21 36.36 -36.37
N ASP JA 451 107.30 37.03 -37.10
CA ASP JA 451 106.98 36.67 -38.51
C ASP JA 451 108.21 36.72 -39.41
N THR JA 452 109.22 37.54 -39.06
CA THR JA 452 110.41 37.70 -39.90
C THR JA 452 111.35 36.51 -39.89
N ASN JA 453 111.20 35.59 -38.93
CA ASN JA 453 112.18 34.52 -38.71
C ASN JA 453 111.73 33.16 -39.28
N TYR JA 454 110.56 33.09 -39.91
CA TYR JA 454 110.03 31.88 -40.54
C TYR JA 454 109.43 32.19 -41.91
N ILE JA 455 109.33 31.16 -42.74
CA ILE JA 455 108.60 31.14 -44.01
C ILE JA 455 107.61 30.00 -43.96
N LEU JA 456 106.42 30.21 -44.50
CA LEU JA 456 105.43 29.19 -44.80
C LEU JA 456 105.69 28.60 -46.20
N VAL JA 457 105.70 27.28 -46.26
CA VAL JA 457 106.00 26.47 -47.45
C VAL JA 457 104.88 25.45 -47.62
N ASP JA 458 104.35 25.27 -48.83
CA ASP JA 458 103.29 24.29 -49.06
C ASP JA 458 103.46 23.54 -50.38
N HIS JA 459 103.03 22.27 -50.40
CA HIS JA 459 103.00 21.43 -51.61
C HIS JA 459 101.56 21.29 -52.10
N CYS JA 460 101.36 21.44 -53.40
CA CYS JA 460 100.04 21.30 -54.03
C CYS JA 460 100.22 20.85 -55.49
N PRO JA 461 99.86 19.61 -55.84
CA PRO JA 461 99.87 19.12 -57.21
C PRO JA 461 99.00 19.89 -58.20
N TYR JA 462 98.04 20.68 -57.71
CA TYR JA 462 96.86 21.09 -58.48
C TYR JA 462 96.91 22.50 -59.07
N THR JA 463 98.00 23.24 -58.90
CA THR JA 463 98.23 24.42 -59.74
C THR JA 463 98.54 24.00 -61.18
N ASN JA 464 98.15 24.81 -62.17
CA ASN JA 464 98.31 24.44 -63.57
C ASN JA 464 99.78 24.42 -64.04
N PRO JA 465 100.56 25.50 -63.86
CA PRO JA 465 102.01 25.39 -63.69
C PRO JA 465 102.33 24.86 -62.30
N GLU JA 466 103.55 24.40 -62.05
CA GLU JA 466 103.95 23.86 -60.75
C GLU JA 466 105.35 24.33 -60.33
N LYS JA 467 105.59 24.29 -59.02
CA LYS JA 467 106.89 24.29 -58.37
C LYS JA 467 106.82 23.28 -57.21
N THR JA 468 107.91 22.57 -56.91
CA THR JA 468 107.85 21.40 -56.03
C THR JA 468 107.28 21.76 -54.65
N PRO JA 469 107.90 22.65 -53.85
CA PRO JA 469 107.17 23.48 -52.90
C PRO JA 469 106.78 24.83 -53.53
N PHE JA 470 105.86 25.50 -52.83
CA PHE JA 470 105.48 26.89 -53.18
C PHE JA 470 105.96 27.75 -52.03
N ILE JA 471 106.42 28.97 -52.28
CA ILE JA 471 106.77 29.92 -51.18
C ILE JA 471 105.84 31.11 -51.41
N PRO JA 472 104.52 31.04 -51.09
CA PRO JA 472 103.61 32.12 -51.46
C PRO JA 472 104.15 33.49 -51.05
N LEU JA 473 103.98 34.51 -51.89
CA LEU JA 473 104.35 35.89 -51.59
C LEU JA 473 103.20 36.82 -51.94
N SER JA 474 102.94 37.80 -51.07
CA SER JA 474 101.84 38.74 -51.29
C SER JA 474 102.15 39.71 -52.42
N THR JA 475 101.12 40.15 -53.13
CA THR JA 475 101.22 41.16 -54.19
C THR JA 475 101.94 42.42 -53.70
N SER JA 476 101.79 42.80 -52.43
CA SER JA 476 102.54 43.92 -51.82
C SER JA 476 104.06 43.73 -51.85
N PHE JA 477 104.58 42.54 -51.52
CA PHE JA 477 106.02 42.24 -51.59
C PHE JA 477 106.51 42.10 -53.04
N ILE JA 478 105.68 41.54 -53.92
CA ILE JA 478 105.93 41.47 -55.36
C ILE JA 478 105.88 42.85 -56.04
N GLU JA 479 105.28 43.85 -55.39
CA GLU JA 479 105.19 45.24 -55.85
C GLU JA 479 106.02 46.23 -55.01
N GLY JA 480 106.85 45.76 -54.09
CA GLY JA 480 107.72 46.66 -53.31
C GLY JA 480 106.98 47.58 -52.34
N ARG JA 481 106.14 46.99 -51.47
CA ARG JA 481 105.30 47.78 -50.53
C ARG JA 481 105.11 47.03 -49.21
N SER JA 482 104.85 47.75 -48.12
CA SER JA 482 104.68 47.13 -46.78
C SER JA 482 103.48 46.16 -46.70
N PRO JA 483 103.49 45.15 -45.82
CA PRO JA 483 102.55 44.03 -45.82
C PRO JA 483 101.06 44.38 -45.94
N TYR JA 484 100.60 45.46 -45.31
CA TYR JA 484 99.22 45.96 -45.39
C TYR JA 484 99.18 47.47 -45.72
N SER JA 485 99.99 47.93 -46.67
CA SER JA 485 100.06 49.33 -47.09
C SER JA 485 99.31 49.57 -48.40
N PRO JA 486 98.58 50.69 -48.55
CA PRO JA 486 97.75 50.96 -49.72
C PRO JA 486 98.58 51.10 -51.00
N SER JA 487 98.02 50.61 -52.12
CA SER JA 487 98.69 50.48 -53.42
C SER JA 487 99.22 51.78 -54.02
N ASP JA 488 98.79 52.95 -53.54
CA ASP JA 488 99.34 54.26 -54.01
C ASP JA 488 100.82 54.37 -53.63
N THR JA 489 101.25 53.63 -52.60
CA THR JA 489 102.62 53.59 -52.12
C THR JA 489 103.49 52.71 -53.03
N HIS JA 490 104.75 53.11 -53.28
CA HIS JA 490 105.70 52.36 -54.16
C HIS JA 490 107.03 52.12 -53.45
N GLU JA 491 107.07 52.12 -52.12
CA GLU JA 491 108.23 51.81 -51.28
C GLU JA 491 107.76 51.20 -49.95
N PRO JA 492 108.53 50.31 -49.32
CA PRO JA 492 108.31 49.97 -47.92
C PRO JA 492 108.47 51.18 -46.99
N ASP JA 493 107.77 51.17 -45.85
CA ASP JA 493 108.05 52.05 -44.70
C ASP JA 493 109.39 51.66 -44.03
N GLU JA 494 110.07 52.55 -43.33
CA GLU JA 494 111.48 52.37 -42.90
C GLU JA 494 111.78 51.02 -42.23
N GLU JA 495 110.90 50.54 -41.35
CA GLU JA 495 111.08 49.24 -40.69
C GLU JA 495 110.92 48.03 -41.62
N ASP JA 496 110.16 48.18 -42.71
CA ASP JA 496 110.10 47.20 -43.82
C ASP JA 496 111.11 47.51 -44.94
N GLN JA 497 111.73 48.70 -44.99
CA GLN JA 497 112.90 48.93 -45.85
C GLN JA 497 114.09 48.13 -45.33
N ASN JA 498 114.24 48.06 -44.01
CA ASN JA 498 114.99 47.01 -43.34
C ASN JA 498 114.24 45.66 -43.42
N ARG JA 499 115.02 44.58 -43.29
CA ARG JA 499 114.48 43.20 -43.29
C ARG JA 499 113.66 42.95 -44.55
N TRP JA 500 114.03 43.52 -45.71
CA TRP JA 500 113.29 43.35 -46.99
C TRP JA 500 113.68 42.02 -47.65
N TYR JA 501 113.24 40.91 -47.07
CA TYR JA 501 113.54 39.56 -47.56
C TYR JA 501 112.38 38.59 -47.29
N PRO JA 502 112.27 37.46 -48.02
CA PRO JA 502 111.20 36.49 -47.82
C PRO JA 502 111.01 36.03 -46.36
N CYS JA 503 109.82 36.28 -45.82
CA CYS JA 503 109.40 35.80 -44.51
C CYS JA 503 107.88 35.87 -44.41
N TYR JA 504 107.31 35.17 -43.42
CA TYR JA 504 105.87 35.02 -43.23
C TYR JA 504 105.10 36.35 -43.19
N GLN JA 505 105.71 37.43 -42.70
CA GLN JA 505 105.07 38.77 -42.67
C GLN JA 505 104.67 39.23 -44.08
N TYR JA 506 105.45 38.90 -45.11
CA TYR JA 506 105.11 39.22 -46.49
C TYR JA 506 104.24 38.18 -47.18
N GLN JA 507 104.04 37.01 -46.59
CA GLN JA 507 103.20 35.94 -47.16
C GLN JA 507 101.72 36.05 -46.79
N GLN JA 508 101.38 36.80 -45.74
CA GLN JA 508 100.06 36.77 -45.10
C GLN JA 508 98.88 37.01 -46.06
N GLU JA 509 98.95 38.04 -46.91
CA GLU JA 509 97.85 38.33 -47.82
C GLU JA 509 97.68 37.25 -48.90
N SER JA 510 98.76 36.59 -49.33
CA SER JA 510 98.66 35.50 -50.31
C SER JA 510 97.94 34.27 -49.76
N ILE JA 511 98.22 33.84 -48.53
CA ILE JA 511 97.51 32.71 -47.95
C ILE JA 511 96.09 33.06 -47.53
N ASN JA 512 95.83 34.32 -47.16
CA ASN JA 512 94.44 34.78 -47.00
C ASN JA 512 93.70 34.71 -48.33
N SER JA 513 94.33 35.11 -49.44
CA SER JA 513 93.74 35.04 -50.78
C SER JA 513 93.43 33.61 -51.22
N ILE JA 514 94.29 32.65 -50.89
CA ILE JA 514 94.02 31.22 -51.09
C ILE JA 514 92.83 30.75 -50.24
N CYS JA 515 92.74 31.14 -48.96
CA CYS JA 515 91.59 30.82 -48.12
C CYS JA 515 90.29 31.44 -48.63
N LEU JA 516 90.33 32.68 -49.14
CA LEU JA 516 89.19 33.34 -49.78
C LEU JA 516 88.71 32.61 -51.05
N SER JA 517 89.54 31.80 -51.69
CA SER JA 517 89.06 30.95 -52.79
C SER JA 517 88.12 29.84 -52.30
N GLY JA 518 88.16 29.48 -51.02
CA GLY JA 518 87.29 28.47 -50.44
C GLY JA 518 85.85 28.93 -50.20
N PRO JA 519 84.90 28.00 -50.11
CA PRO JA 519 83.49 28.31 -49.94
C PRO JA 519 83.15 28.92 -48.57
N GLY JA 520 82.05 29.65 -48.52
CA GLY JA 520 81.50 30.31 -47.34
C GLY JA 520 82.19 31.61 -46.93
N THR JA 521 83.36 31.92 -47.49
CA THR JA 521 84.12 33.11 -47.11
C THR JA 521 83.41 34.40 -47.59
N PRO JA 522 83.21 35.39 -46.71
CA PRO JA 522 82.37 36.56 -47.01
C PRO JA 522 83.00 37.56 -47.99
N LYS JA 523 82.15 38.36 -48.62
CA LYS JA 523 82.50 39.54 -49.42
C LYS JA 523 82.35 40.79 -48.56
N ILE JA 524 83.43 41.52 -48.29
CA ILE JA 524 83.40 42.76 -47.51
C ILE JA 524 83.99 43.89 -48.36
N PRO JA 525 83.25 44.97 -48.67
CA PRO JA 525 83.81 46.08 -49.44
C PRO JA 525 85.06 46.69 -48.78
N LYS JA 526 86.04 47.11 -49.58
CA LYS JA 526 87.26 47.75 -49.06
C LYS JA 526 86.92 49.02 -48.28
N GLY JA 527 87.54 49.18 -47.11
CA GLY JA 527 87.27 50.27 -46.17
C GLY JA 527 86.09 50.03 -45.21
N ILE JA 528 85.38 48.90 -45.32
CA ILE JA 528 84.34 48.50 -44.35
C ILE JA 528 84.90 47.42 -43.43
N THR JA 529 84.65 47.54 -42.13
CA THR JA 529 84.96 46.52 -41.13
C THR JA 529 83.66 45.87 -40.69
N ALA JA 530 83.53 44.57 -40.88
CA ALA JA 530 82.41 43.80 -40.34
C ALA JA 530 82.70 43.42 -38.89
N GLU JA 531 81.67 43.34 -38.06
CA GLU JA 531 81.79 43.12 -36.61
C GLU JA 531 80.69 42.17 -36.16
N ALA JA 532 80.90 41.45 -35.06
CA ALA JA 532 79.86 40.69 -34.39
C ALA JA 532 80.02 40.80 -32.88
N LYS JA 533 78.91 40.75 -32.14
CA LYS JA 533 78.91 40.82 -30.68
C LYS JA 533 77.90 39.87 -30.06
N VAL JA 534 78.20 39.45 -28.85
CA VAL JA 534 77.30 38.72 -27.97
C VAL JA 534 77.10 39.53 -26.69
N LYS JA 535 75.90 39.50 -26.11
CA LYS JA 535 75.68 39.95 -24.74
C LYS JA 535 75.63 38.74 -23.83
N TYR JA 536 76.45 38.73 -22.79
CA TYR JA 536 76.54 37.63 -21.84
C TYR JA 536 75.95 38.01 -20.49
N SER JA 537 75.51 37.01 -19.75
CA SER JA 537 75.15 37.11 -18.35
C SER JA 537 75.57 35.84 -17.63
N PHE JA 538 76.69 35.88 -16.91
CA PHE JA 538 77.15 34.77 -16.08
C PHE JA 538 76.53 34.84 -14.70
N ASN JA 539 75.97 33.74 -14.21
CA ASN JA 539 75.26 33.71 -12.94
C ASN JA 539 76.14 33.11 -11.86
N PHE JA 540 76.39 33.88 -10.81
CA PHE JA 540 77.18 33.49 -9.65
C PHE JA 540 76.40 33.76 -8.37
N LYS JA 541 76.78 33.09 -7.30
CA LYS JA 541 76.49 33.51 -5.94
C LYS JA 541 77.81 33.71 -5.21
N TRP JA 542 77.87 34.70 -4.33
CA TRP JA 542 79.00 34.93 -3.44
C TRP JA 542 78.60 34.51 -2.03
N GLY JA 543 79.48 33.80 -1.31
CA GLY JA 543 79.18 33.24 0.01
C GLY JA 543 80.20 33.66 1.04
N GLY JA 544 79.77 33.85 2.27
CA GLY JA 544 80.67 34.15 3.38
C GLY JA 544 79.95 34.37 4.71
N ASP JA 545 80.73 34.61 5.74
CA ASP JA 545 80.25 35.22 6.99
C ASP JA 545 79.92 36.70 6.77
N LEU JA 546 79.06 37.26 7.62
CA LEU JA 546 78.55 38.62 7.45
C LEU JA 546 79.69 39.67 7.45
N PRO JA 547 79.73 40.58 6.47
CA PRO JA 547 80.78 41.60 6.37
C PRO JA 547 80.51 42.84 7.24
N PRO JA 548 81.52 43.69 7.48
CA PRO JA 548 81.37 45.00 8.11
C PRO JA 548 80.77 46.06 7.15
N MET JA 549 80.38 47.23 7.68
CA MET JA 549 79.74 48.32 6.93
C MET JA 549 79.99 49.69 7.59
N SER JA 550 79.80 50.81 6.88
CA SER JA 550 80.00 52.18 7.40
C SER JA 550 78.89 53.16 6.96
N THR JA 551 78.81 54.31 7.63
CA THR JA 551 77.68 55.26 7.55
C THR JA 551 78.13 56.71 7.42
N ILE JA 552 77.21 57.59 6.99
CA ILE JA 552 77.45 59.00 6.64
C ILE JA 552 76.65 59.92 7.57
N THR JA 553 77.19 61.09 7.94
CA THR JA 553 76.47 62.06 8.79
C THR JA 553 75.14 62.48 8.17
N ASN JA 554 74.10 62.68 8.98
CA ASN JA 554 72.81 63.19 8.47
C ASN JA 554 72.86 64.67 8.02
N PRO JA 555 73.49 65.61 8.75
CA PRO JA 555 73.45 67.03 8.37
C PRO JA 555 74.15 67.31 7.05
N THR JA 556 75.34 66.73 6.82
CA THR JA 556 76.06 66.89 5.54
C THR JA 556 75.70 65.71 4.64
N ASP JA 557 74.51 65.75 4.01
CA ASP JA 557 74.04 64.62 3.17
C ASP JA 557 73.22 65.20 2.01
N GLN JA 558 72.75 64.35 1.08
CA GLN JA 558 71.95 64.81 -0.08
C GLN JA 558 70.93 65.85 0.42
N PRO JA 559 71.05 67.15 0.02
CA PRO JA 559 70.16 68.17 0.53
C PRO JA 559 68.84 68.23 -0.24
N THR JA 560 67.73 68.50 0.47
CA THR JA 560 66.43 68.64 -0.20
C THR JA 560 66.44 69.88 -1.11
N TYR JA 561 65.63 69.88 -2.18
CA TYR JA 561 65.58 71.01 -3.13
C TYR JA 561 65.32 72.36 -2.43
N VAL JA 562 64.60 72.36 -1.30
CA VAL JA 562 64.35 73.53 -0.46
C VAL JA 562 65.65 74.16 0.03
N LYS KA 48 44.26 -59.48 4.09
CA LYS KA 48 45.51 -59.27 4.85
C LYS KA 48 45.53 -60.07 6.15
N ARG KA 49 44.70 -59.71 7.13
CA ARG KA 49 44.51 -60.47 8.39
C ARG KA 49 43.04 -60.53 8.77
N LEU KA 50 42.61 -61.66 9.33
CA LEU KA 50 41.21 -61.93 9.68
C LEU KA 50 41.10 -62.25 11.18
N ASN KA 51 39.96 -61.91 11.77
CA ASN KA 51 39.59 -62.42 13.09
C ASN KA 51 39.38 -63.92 13.04
N ILE KA 52 39.89 -64.66 14.02
CA ILE KA 52 39.55 -66.06 14.22
C ILE KA 52 38.12 -66.12 14.78
N VAL KA 53 37.30 -67.01 14.22
CA VAL KA 53 35.88 -67.16 14.53
C VAL KA 53 35.61 -68.62 14.88
N GLU KA 54 34.72 -68.84 15.83
CA GLU KA 54 34.25 -70.16 16.24
C GLU KA 54 32.74 -70.28 16.04
N TRP KA 55 32.25 -71.46 15.67
CA TRP KA 55 30.81 -71.71 15.55
C TRP KA 55 30.27 -72.26 16.87
N GLN KA 56 29.27 -71.55 17.39
CA GLN KA 56 28.71 -71.85 18.73
C GLN KA 56 28.05 -73.23 18.72
N PRO KA 57 28.19 -74.02 19.81
CA PRO KA 57 27.65 -75.36 19.90
C PRO KA 57 26.11 -75.36 20.00
N LYS KA 58 25.50 -76.50 19.67
CA LYS KA 58 24.06 -76.64 19.44
C LYS KA 58 23.22 -76.31 20.68
N SER KA 59 23.64 -76.71 21.87
CA SER KA 59 23.01 -76.37 23.14
C SER KA 59 24.02 -75.89 24.17
N ILE KA 60 23.66 -74.84 24.92
CA ILE KA 60 24.53 -74.15 25.88
C ILE KA 60 23.79 -73.97 27.21
N ARG KA 61 24.48 -74.20 28.33
CA ARG KA 61 23.88 -74.05 29.69
C ARG KA 61 24.83 -73.35 30.68
N LYS KA 62 24.54 -72.10 31.06
CA LYS KA 62 25.34 -71.35 32.06
C LYS KA 62 25.35 -72.08 33.40
N CYS KA 63 26.49 -72.13 34.07
CA CYS KA 63 26.66 -72.69 35.39
C CYS KA 63 27.62 -71.85 36.23
N ARG KA 64 27.11 -71.35 37.38
CA ARG KA 64 27.96 -70.62 38.36
C ARG KA 64 28.34 -71.57 39.51
N ILE KA 65 29.58 -72.03 39.55
CA ILE KA 65 30.05 -72.89 40.64
C ILE KA 65 30.28 -71.99 41.85
N LYS KA 66 29.36 -72.01 42.81
CA LYS KA 66 29.32 -71.10 43.98
C LYS KA 66 29.69 -71.84 45.24
N GLY KA 67 30.53 -71.27 46.07
CA GLY KA 67 30.94 -71.91 47.33
C GLY KA 67 31.78 -71.04 48.23
N MET KA 68 32.30 -71.63 49.28
CA MET KA 68 33.07 -70.97 50.33
C MET KA 68 34.45 -71.64 50.47
N LEU KA 69 35.53 -70.87 50.50
CA LEU KA 69 36.90 -71.37 50.63
C LEU KA 69 37.57 -70.80 51.87
N CYS KA 70 38.15 -71.66 52.71
CA CYS KA 70 38.96 -71.25 53.84
C CYS KA 70 40.35 -70.77 53.37
N LEU KA 71 40.72 -69.53 53.67
CA LEU KA 71 42.01 -68.97 53.27
C LEU KA 71 43.13 -69.38 54.22
N PHE KA 72 42.88 -69.33 55.52
CA PHE KA 72 43.75 -69.90 56.55
C PHE KA 72 42.91 -70.19 57.78
N GLN KA 73 43.41 -71.06 58.65
CA GLN KA 73 42.97 -71.13 60.03
C GLN KA 73 44.19 -71.40 60.89
N THR KA 74 44.48 -70.50 61.84
CA THR KA 74 45.79 -70.38 62.47
C THR KA 74 45.70 -70.13 63.97
N THR KA 75 46.63 -70.69 64.72
CA THR KA 75 47.03 -70.24 66.05
C THR KA 75 48.31 -69.41 65.94
N GLU KA 76 48.77 -68.78 67.03
CA GLU KA 76 50.01 -67.98 67.04
C GLU KA 76 51.27 -68.82 66.72
N ASP KA 77 51.32 -70.06 67.18
CA ASP KA 77 52.44 -70.99 66.99
C ASP KA 77 52.50 -71.63 65.59
N ARG KA 78 51.56 -71.28 64.70
CA ARG KA 78 51.53 -71.72 63.31
C ARG KA 78 51.52 -70.58 62.29
N LEU KA 79 51.70 -69.32 62.71
CA LEU KA 79 51.58 -68.16 61.82
C LEU KA 79 52.56 -68.17 60.64
N SER KA 80 53.78 -68.65 60.83
CA SER KA 80 54.81 -68.67 59.78
C SER KA 80 54.71 -69.86 58.81
N TYR KA 81 53.70 -70.71 58.92
CA TYR KA 81 53.54 -71.92 58.11
C TYR KA 81 52.36 -71.84 57.16
N ASN KA 82 52.46 -72.54 56.03
CA ASN KA 82 51.44 -72.65 55.01
C ASN KA 82 50.27 -73.53 55.48
N PHE KA 83 49.04 -73.01 55.45
CA PHE KA 83 47.82 -73.75 55.69
C PHE KA 83 47.41 -74.59 54.48
N ASP KA 84 47.44 -75.91 54.64
CA ASP KA 84 46.75 -76.85 53.77
C ASP KA 84 45.56 -77.43 54.53
N MET KA 85 44.37 -77.38 53.93
CA MET KA 85 43.15 -77.92 54.54
C MET KA 85 43.14 -79.46 54.50
N TYR KA 86 43.82 -80.05 53.51
CA TYR KA 86 43.99 -81.48 53.35
C TYR KA 86 45.45 -81.83 53.67
N GLU KA 87 45.64 -82.49 54.80
CA GLU KA 87 46.84 -82.41 55.63
C GLU KA 87 47.94 -83.44 55.36
N GLU KA 88 49.16 -83.14 55.81
CA GLU KA 88 50.12 -84.17 56.21
C GLU KA 88 49.61 -84.69 57.57
N SER KA 89 49.22 -85.96 57.65
CA SER KA 89 48.28 -86.50 58.66
C SER KA 89 48.62 -86.25 60.14
N ILE KA 90 49.87 -85.92 60.46
CA ILE KA 90 50.30 -85.53 61.80
C ILE KA 90 49.92 -84.08 62.17
N ILE KA 91 49.86 -83.16 61.20
CA ILE KA 91 49.65 -81.72 61.47
C ILE KA 91 48.36 -81.45 62.26
N PRO KA 92 47.17 -81.94 61.88
CA PRO KA 92 45.96 -81.64 62.65
C PRO KA 92 45.88 -82.38 63.99
N GLU KA 93 46.74 -83.35 64.29
CA GLU KA 93 46.74 -84.02 65.60
C GLU KA 93 47.19 -83.05 66.69
N LYS KA 94 46.25 -82.61 67.53
CA LYS KA 94 46.44 -81.63 68.59
C LYS KA 94 46.90 -80.23 68.11
N LEU KA 95 46.60 -79.86 66.85
CA LEU KA 95 46.61 -78.46 66.40
C LEU KA 95 45.25 -78.04 65.81
N PRO KA 96 44.57 -77.00 66.33
CA PRO KA 96 43.29 -76.56 65.82
C PRO KA 96 43.39 -75.70 64.55
N GLY KA 97 44.58 -75.17 64.21
CA GLY KA 97 44.85 -74.45 62.97
C GLY KA 97 46.27 -74.71 62.47
N GLY KA 98 46.42 -75.02 61.18
CA GLY KA 98 47.67 -75.53 60.63
C GLY KA 98 48.65 -74.49 60.09
N GLY KA 99 48.20 -73.27 59.81
CA GLY KA 99 49.07 -72.28 59.18
C GLY KA 99 48.44 -70.90 59.03
N GLY KA 100 49.25 -69.85 59.05
CA GLY KA 100 48.81 -68.45 59.02
C GLY KA 100 48.89 -67.78 57.65
N PHE KA 101 49.35 -68.48 56.63
CA PHE KA 101 49.28 -68.04 55.24
C PHE KA 101 48.90 -69.21 54.36
N SER KA 102 48.38 -68.98 53.17
CA SER KA 102 48.25 -70.05 52.19
C SER KA 102 48.50 -69.56 50.77
N ILE KA 103 48.89 -70.49 49.91
CA ILE KA 103 48.77 -70.34 48.47
C ILE KA 103 47.76 -71.38 47.99
N LYS KA 104 46.65 -70.93 47.40
CA LYS KA 104 45.60 -71.75 46.82
C LYS KA 104 45.70 -71.70 45.30
N ASN KA 105 45.70 -72.84 44.62
CA ASN KA 105 45.43 -72.91 43.18
C ASN KA 105 44.05 -73.52 42.96
N ILE KA 106 43.21 -72.87 42.18
CA ILE KA 106 41.86 -73.34 41.86
C ILE KA 106 41.81 -73.81 40.40
N SER KA 107 41.29 -75.01 40.18
CA SER KA 107 41.03 -75.60 38.88
C SER KA 107 39.65 -76.22 38.87
N LEU KA 108 39.06 -76.45 37.70
CA LEU KA 108 37.75 -77.08 37.58
C LEU KA 108 37.71 -78.47 38.24
N TYR KA 109 38.81 -79.22 38.24
CA TYR KA 109 38.90 -80.46 38.99
C TYR KA 109 38.94 -80.25 40.51
N ALA KA 110 39.65 -79.24 40.99
CA ALA KA 110 39.60 -78.87 42.41
C ALA KA 110 38.20 -78.38 42.83
N LEU KA 111 37.48 -77.66 41.97
CA LEU KA 111 36.08 -77.30 42.21
C LEU KA 111 35.17 -78.53 42.28
N TYR KA 112 35.37 -79.53 41.43
CA TYR KA 112 34.69 -80.81 41.54
C TYR KA 112 35.05 -81.55 42.84
N GLN KA 113 36.31 -81.56 43.27
CA GLN KA 113 36.68 -82.15 44.55
C GLN KA 113 36.03 -81.43 45.74
N GLU KA 114 35.93 -80.11 45.71
CA GLU KA 114 35.19 -79.36 46.73
C GLU KA 114 33.68 -79.67 46.71
N HIS KA 115 33.13 -80.11 45.57
CA HIS KA 115 31.70 -80.54 45.49
C HIS KA 115 31.55 -81.90 46.17
N ILE KA 116 32.57 -82.76 46.14
CA ILE KA 116 32.54 -84.03 46.88
C ILE KA 116 32.59 -83.82 48.39
N HIS KA 117 33.25 -82.76 48.87
CA HIS KA 117 33.19 -82.31 50.26
C HIS KA 117 31.92 -81.51 50.61
N ALA KA 118 31.00 -81.34 49.66
CA ALA KA 118 29.81 -80.49 49.78
C ALA KA 118 30.11 -79.02 50.09
N HIS KA 119 31.29 -78.52 49.73
CA HIS KA 119 31.69 -77.13 49.98
C HIS KA 119 31.18 -76.15 48.91
N ASN KA 120 30.65 -76.64 47.79
CA ASN KA 120 30.07 -75.80 46.74
C ASN KA 120 28.84 -76.44 46.10
N ILE KA 121 28.10 -75.63 45.36
CA ILE KA 121 27.04 -76.04 44.46
C ILE KA 121 27.45 -75.76 43.01
N PHE KA 122 27.01 -76.59 42.08
CA PHE KA 122 27.02 -76.29 40.65
C PHE KA 122 25.60 -75.89 40.26
N THR KA 123 25.42 -74.67 39.76
CA THR KA 123 24.07 -74.15 39.40
C THR KA 123 23.41 -74.94 38.28
N HIS KA 124 24.23 -75.60 37.46
CA HIS KA 124 23.73 -76.51 36.40
C HIS KA 124 24.71 -77.67 36.31
N THR KA 125 24.23 -78.91 36.20
CA THR KA 125 25.08 -80.08 35.97
C THR KA 125 25.75 -80.02 34.60
N ASN KA 126 26.83 -80.79 34.45
CA ASN KA 126 27.66 -80.88 33.26
C ASN KA 126 27.67 -82.29 32.64
N THR KA 127 26.76 -83.18 33.04
CA THR KA 127 26.89 -84.63 32.80
C THR KA 127 26.92 -85.02 31.33
N ASP KA 128 26.17 -84.31 30.48
CA ASP KA 128 25.98 -84.68 29.07
C ASP KA 128 26.35 -83.54 28.09
N ARG KA 129 27.11 -82.55 28.58
CA ARG KA 129 27.64 -81.43 27.76
C ARG KA 129 29.14 -81.42 28.01
N PRO KA 130 30.00 -81.95 27.11
CA PRO KA 130 31.43 -82.17 27.38
C PRO KA 130 32.30 -80.93 27.16
N LEU KA 131 31.81 -79.91 26.46
CA LEU KA 131 32.53 -78.65 26.26
C LEU KA 131 32.35 -77.71 27.44
N ALA KA 132 33.34 -76.87 27.70
CA ALA KA 132 33.31 -75.82 28.70
C ALA KA 132 33.84 -74.50 28.13
N ARG KA 133 33.25 -73.39 28.59
CA ARG KA 133 33.68 -72.02 28.20
C ARG KA 133 33.77 -71.16 29.47
N TYR KA 134 34.95 -71.11 30.12
CA TYR KA 134 35.18 -70.34 31.34
C TYR KA 134 35.20 -68.84 31.07
N THR KA 135 34.45 -68.07 31.87
CA THR KA 135 34.23 -66.63 31.63
C THR KA 135 34.88 -65.74 32.70
N GLY KA 136 35.37 -66.30 33.79
CA GLY KA 136 35.98 -65.57 34.89
C GLY KA 136 35.35 -65.89 36.25
N CYS KA 137 35.79 -65.20 37.27
CA CYS KA 137 35.43 -65.46 38.66
C CYS KA 137 34.99 -64.18 39.38
N SER KA 138 34.07 -64.29 40.31
CA SER KA 138 33.82 -63.28 41.34
C SER KA 138 34.25 -63.81 42.70
N LEU KA 139 35.03 -63.03 43.45
CA LEU KA 139 35.37 -63.32 44.83
C LEU KA 139 34.74 -62.28 45.76
N LYS KA 140 34.18 -62.71 46.90
CA LYS KA 140 33.82 -61.87 48.03
C LYS KA 140 34.67 -62.28 49.22
N PHE KA 141 35.56 -61.39 49.66
CA PHE KA 141 36.43 -61.61 50.81
C PHE KA 141 35.75 -61.03 52.04
N TYR KA 142 35.52 -61.83 53.07
CA TYR KA 142 34.83 -61.38 54.27
C TYR KA 142 35.79 -60.87 55.33
N GLN KA 143 35.42 -59.79 56.02
CA GLN KA 143 36.10 -59.40 57.25
C GLN KA 143 35.98 -60.51 58.29
N SER KA 144 37.10 -61.00 58.81
CA SER KA 144 37.08 -61.85 59.99
C SER KA 144 36.72 -61.05 61.23
N LYS KA 145 36.27 -61.72 62.28
CA LYS KA 145 35.97 -61.06 63.56
C LYS KA 145 37.23 -60.49 64.21
N ASP KA 146 38.27 -61.32 64.36
CA ASP KA 146 39.42 -61.05 65.24
C ASP KA 146 40.75 -60.73 64.53
N ILE KA 147 40.88 -61.07 63.23
CA ILE KA 147 42.20 -60.94 62.53
C ILE KA 147 42.07 -60.21 61.19
N ASP KA 148 43.05 -59.39 60.84
CA ASP KA 148 43.09 -58.69 59.54
C ASP KA 148 43.78 -59.65 58.58
N TYR KA 149 43.83 -59.38 57.28
CA TYR KA 149 44.60 -60.27 56.37
C TYR KA 149 44.80 -59.64 55.01
N VAL KA 150 45.96 -59.85 54.41
CA VAL KA 150 46.31 -59.36 53.07
C VAL KA 150 46.04 -60.49 52.09
N VAL KA 151 45.42 -60.18 50.96
CA VAL KA 151 45.28 -61.08 49.82
C VAL KA 151 46.00 -60.49 48.61
N THR KA 152 46.62 -61.33 47.80
CA THR KA 152 46.89 -60.99 46.41
C THR KA 152 46.67 -62.22 45.55
N TYR KA 153 46.28 -62.06 44.30
CA TYR KA 153 45.92 -63.15 43.42
C TYR KA 153 46.59 -62.97 42.06
N SER KA 154 46.73 -64.06 41.34
CA SER KA 154 47.33 -64.08 40.01
C SER KA 154 46.58 -65.03 39.10
N THR KA 155 46.69 -64.84 37.78
CA THR KA 155 46.07 -65.76 36.79
C THR KA 155 47.06 -66.03 35.65
N SER KA 156 48.37 -65.84 35.88
CA SER KA 156 49.36 -66.24 34.86
C SER KA 156 49.22 -67.76 34.70
N LEU KA 157 48.71 -68.23 33.55
CA LEU KA 157 48.45 -69.68 33.36
C LEU KA 157 49.66 -70.50 33.84
N PRO KA 158 50.92 -70.14 33.51
CA PRO KA 158 52.07 -70.86 34.04
C PRO KA 158 52.02 -70.84 35.55
N LEU KA 159 51.91 -72.02 36.19
CA LEU KA 159 51.82 -72.14 37.66
C LEU KA 159 53.14 -72.70 38.21
N ARG KA 160 53.78 -72.02 39.16
CA ARG KA 160 55.04 -72.49 39.77
C ARG KA 160 55.22 -71.82 41.15
N SER KA 161 56.07 -72.40 42.00
CA SER KA 161 56.37 -71.82 43.35
C SER KA 161 57.80 -71.27 43.34
N SER KA 162 58.10 -70.30 44.20
CA SER KA 162 59.45 -69.69 44.26
C SER KA 162 59.83 -69.38 45.70
N MET KA 163 61.13 -69.36 46.01
CA MET KA 163 61.62 -69.01 47.35
C MET KA 163 61.28 -67.55 47.72
N GLY KA 164 61.38 -66.64 46.76
CA GLY KA 164 60.98 -65.25 46.91
C GLY KA 164 59.48 -65.08 47.11
N MET KA 165 58.63 -65.89 46.47
CA MET KA 165 57.20 -65.91 46.74
C MET KA 165 56.93 -66.26 48.20
N TYR KA 166 57.49 -67.35 48.71
CA TYR KA 166 57.23 -67.79 50.09
C TYR KA 166 57.76 -66.80 51.12
N ASN KA 167 58.93 -66.19 50.91
CA ASN KA 167 59.40 -65.11 51.80
C ASN KA 167 58.47 -63.88 51.70
N SER KA 168 58.03 -63.51 50.50
CA SER KA 168 57.14 -62.36 50.32
C SER KA 168 55.75 -62.55 50.93
N MET KA 169 55.37 -63.76 51.34
CA MET KA 169 54.18 -63.99 52.15
C MET KA 169 54.27 -63.41 53.56
N GLN KA 170 55.45 -63.00 54.04
CA GLN KA 170 55.60 -62.38 55.34
C GLN KA 170 54.68 -61.16 55.41
N PRO KA 171 53.88 -60.97 56.49
CA PRO KA 171 52.77 -60.02 56.47
C PRO KA 171 53.15 -58.59 56.12
N SER KA 172 54.28 -58.09 56.61
CA SER KA 172 54.79 -56.75 56.29
C SER KA 172 55.19 -56.63 54.82
N ILE KA 173 55.85 -57.65 54.27
CA ILE KA 173 56.29 -57.66 52.88
C ILE KA 173 55.10 -57.79 51.92
N HIS KA 174 54.17 -58.70 52.21
CA HIS KA 174 52.95 -58.85 51.43
C HIS KA 174 52.11 -57.55 51.47
N LEU KA 175 51.98 -56.91 52.63
CA LEU KA 175 51.31 -55.63 52.75
C LEU KA 175 51.98 -54.49 51.95
N MET KA 176 53.27 -54.57 51.63
CA MET KA 176 53.90 -53.58 50.76
C MET KA 176 53.67 -53.82 49.27
N GLN KA 177 53.31 -55.02 48.84
CA GLN KA 177 53.20 -55.36 47.41
C GLN KA 177 52.10 -54.56 46.70
N GLN KA 178 52.28 -54.35 45.39
CA GLN KA 178 51.25 -53.76 44.53
C GLN KA 178 50.13 -54.76 44.24
N ASN KA 179 48.92 -54.24 44.00
CA ASN KA 179 47.71 -55.05 43.77
C ASN KA 179 47.43 -56.05 44.90
N LYS KA 180 47.80 -55.69 46.12
CA LYS KA 180 47.29 -56.28 47.36
C LYS KA 180 45.83 -55.88 47.56
N LEU KA 181 45.13 -56.65 48.38
CA LEU KA 181 43.88 -56.30 49.01
C LEU KA 181 44.04 -56.49 50.51
N ILE KA 182 43.80 -55.46 51.31
CA ILE KA 182 43.81 -55.56 52.77
C ILE KA 182 42.37 -55.70 53.23
N VAL KA 183 42.09 -56.69 54.06
CA VAL KA 183 40.79 -56.89 54.69
C VAL KA 183 40.96 -56.67 56.19
N PRO KA 184 40.57 -55.50 56.73
CA PRO KA 184 40.57 -55.27 58.15
C PRO KA 184 39.56 -56.20 58.82
N SER KA 185 39.83 -56.63 60.04
CA SER KA 185 38.83 -57.29 60.87
C SER KA 185 37.66 -56.37 61.18
N LYS KA 186 36.53 -56.93 61.60
CA LYS KA 186 35.38 -56.14 62.08
C LYS KA 186 35.73 -55.28 63.29
N GLN KA 187 36.69 -55.72 64.10
CA GLN KA 187 37.23 -54.95 65.21
C GLN KA 187 38.05 -53.74 64.75
N THR KA 188 38.95 -53.88 63.77
CA THR KA 188 39.80 -52.76 63.33
C THR KA 188 39.06 -51.78 62.43
N GLN KA 189 38.04 -52.19 61.67
CA GLN KA 189 37.19 -51.27 60.92
C GLN KA 189 35.77 -51.81 60.70
N LYS KA 190 34.76 -51.12 61.22
CA LYS KA 190 33.36 -51.33 60.84
C LYS KA 190 33.10 -50.73 59.46
N ARG KA 191 32.41 -51.45 58.58
CA ARG KA 191 32.20 -51.08 57.17
C ARG KA 191 30.72 -51.16 56.80
N ARG KA 192 30.30 -50.44 55.75
CA ARG KA 192 28.95 -50.53 55.19
C ARG KA 192 28.66 -51.93 54.67
N LYS KA 193 29.53 -52.45 53.79
CA LYS KA 193 29.48 -53.83 53.31
C LYS KA 193 30.51 -54.66 54.09
N PRO KA 194 30.14 -55.82 54.65
CA PRO KA 194 31.04 -56.62 55.49
C PRO KA 194 32.07 -57.45 54.71
N TYR KA 195 32.21 -57.19 53.41
CA TYR KA 195 33.06 -57.91 52.48
C TYR KA 195 33.64 -56.97 51.44
N ILE KA 196 34.73 -57.38 50.79
CA ILE KA 196 35.27 -56.71 49.60
C ILE KA 196 35.11 -57.64 48.40
N LYS KA 197 34.49 -57.15 47.34
CA LYS KA 197 34.11 -57.92 46.14
C LYS KA 197 34.95 -57.49 44.95
N LYS KA 198 35.54 -58.44 44.22
CA LYS KA 198 36.17 -58.14 42.93
C LYS KA 198 36.10 -59.29 41.93
N HIS KA 199 36.06 -58.90 40.66
CA HIS KA 199 35.94 -59.79 39.52
C HIS KA 199 37.32 -60.05 38.92
N ILE KA 200 37.61 -61.30 38.61
CA ILE KA 200 38.90 -61.76 38.11
C ILE KA 200 38.69 -62.40 36.74
N SER KA 201 39.41 -61.91 35.74
CA SER KA 201 39.32 -62.39 34.36
C SER KA 201 40.02 -63.75 34.20
N PRO KA 202 39.71 -64.59 33.18
CA PRO KA 202 40.45 -65.82 32.94
C PRO KA 202 41.96 -65.60 32.76
N PRO KA 203 42.79 -66.63 32.96
CA PRO KA 203 44.18 -66.62 32.53
C PRO KA 203 44.33 -66.17 31.08
N THR KA 204 45.37 -65.42 30.74
CA THR KA 204 45.54 -64.91 29.35
C THR KA 204 45.64 -66.05 28.33
N GLN KA 205 46.10 -67.23 28.78
CA GLN KA 205 46.22 -68.45 27.92
C GLN KA 205 44.86 -69.13 27.73
N MET KA 206 43.91 -68.93 28.65
CA MET KA 206 42.54 -69.40 28.49
C MET KA 206 41.75 -68.38 27.66
N LYS KA 207 41.60 -68.64 26.36
CA LYS KA 207 40.88 -67.76 25.44
C LYS KA 207 39.37 -67.94 25.59
N SER KA 208 38.55 -67.10 24.99
CA SER KA 208 37.09 -67.19 25.09
C SER KA 208 36.49 -68.41 24.37
N GLN KA 209 37.28 -69.16 23.61
CA GLN KA 209 36.85 -70.36 22.90
C GLN KA 209 36.29 -71.46 23.82
N TRP KA 210 35.55 -72.40 23.24
CA TRP KA 210 35.18 -73.65 23.90
C TRP KA 210 36.37 -74.59 24.03
N TYR KA 211 36.44 -75.35 25.13
CA TYR KA 211 37.43 -76.37 25.38
C TYR KA 211 36.75 -77.62 25.91
N PHE KA 212 37.21 -78.82 25.55
CA PHE KA 212 36.75 -80.02 26.24
C PHE KA 212 37.06 -79.94 27.74
N GLN KA 213 36.10 -80.31 28.59
CA GLN KA 213 36.28 -80.26 30.05
C GLN KA 213 37.42 -81.19 30.49
N HIS KA 214 37.71 -82.27 29.75
CA HIS KA 214 38.83 -83.20 30.05
C HIS KA 214 40.17 -82.47 29.91
N ASN KA 215 40.28 -81.55 28.94
CA ASN KA 215 41.53 -80.82 28.69
C ASN KA 215 41.78 -79.75 29.75
N ILE KA 216 40.77 -78.93 30.05
CA ILE KA 216 40.91 -77.82 31.01
C ILE KA 216 40.75 -78.22 32.47
N ALA KA 217 40.34 -79.44 32.79
CA ALA KA 217 40.06 -79.88 34.15
C ALA KA 217 41.15 -79.51 35.16
N ASN KA 218 42.42 -79.77 34.83
CA ASN KA 218 43.55 -79.57 35.73
C ASN KA 218 44.30 -78.24 35.54
N ILE KA 219 43.95 -77.42 34.54
CA ILE KA 219 44.56 -76.11 34.29
C ILE KA 219 44.23 -75.17 35.46
N PRO KA 220 45.20 -74.61 36.21
CA PRO KA 220 44.91 -73.74 37.34
C PRO KA 220 44.45 -72.38 36.84
N LEU KA 221 43.17 -72.03 37.07
CA LEU KA 221 42.55 -70.79 36.51
C LEU KA 221 42.64 -69.61 37.48
N LEU KA 222 43.06 -69.83 38.71
CA LEU KA 222 43.27 -68.78 39.70
C LEU KA 222 44.30 -69.22 40.75
N MET KA 223 45.21 -68.34 41.14
CA MET KA 223 45.98 -68.47 42.38
C MET KA 223 45.57 -67.39 43.38
N ILE KA 224 45.27 -67.75 44.62
CA ILE KA 224 45.05 -66.81 45.72
C ILE KA 224 46.16 -66.99 46.74
N ARG KA 225 46.83 -65.90 47.11
CA ARG KA 225 47.84 -65.85 48.18
C ARG KA 225 47.28 -65.03 49.33
N THR KA 226 47.25 -65.57 50.53
CA THR KA 226 46.71 -64.88 51.72
C THR KA 226 47.66 -65.00 52.89
N THR KA 227 47.83 -63.95 53.68
CA THR KA 227 48.61 -63.98 54.93
C THR KA 227 47.86 -63.26 56.05
N ALA KA 228 47.89 -63.80 57.26
CA ALA KA 228 47.31 -63.23 58.46
C ALA KA 228 48.16 -62.07 59.01
N LEU KA 229 47.51 -61.04 59.53
CA LEU KA 229 48.09 -59.71 59.73
C LEU KA 229 47.54 -59.07 61.00
N THR KA 230 48.24 -58.13 61.62
CA THR KA 230 47.58 -57.11 62.43
C THR KA 230 48.04 -55.72 62.03
N LEU KA 231 47.09 -54.81 61.83
CA LEU KA 231 47.35 -53.40 61.54
C LEU KA 231 47.59 -52.59 62.83
N ASP KA 232 46.83 -52.84 63.90
CA ASP KA 232 46.92 -52.09 65.17
C ASP KA 232 48.07 -52.52 66.09
N ASN KA 233 48.63 -53.72 65.89
CA ASN KA 233 49.76 -54.26 66.65
C ASN KA 233 50.96 -54.53 65.73
N TYR KA 234 51.09 -53.76 64.65
CA TYR KA 234 52.04 -54.04 63.59
C TYR KA 234 53.48 -54.22 64.05
N TYR KA 235 53.98 -53.36 64.95
CA TYR KA 235 55.34 -53.45 65.47
C TYR KA 235 55.46 -54.34 66.69
N ILE KA 236 54.62 -54.15 67.70
CA ILE KA 236 54.68 -54.91 68.95
C ILE KA 236 54.32 -56.38 68.72
N GLY KA 237 53.32 -56.65 67.90
CA GLY KA 237 52.85 -58.00 67.58
C GLY KA 237 52.40 -58.73 68.83
N SER KA 238 53.09 -59.81 69.18
CA SER KA 238 52.91 -60.53 70.44
C SER KA 238 54.12 -60.50 71.37
N ARG KA 239 55.00 -59.51 71.21
CA ARG KA 239 56.15 -59.24 72.11
C ARG KA 239 55.71 -59.16 73.57
N GLN KA 240 56.50 -59.75 74.46
CA GLN KA 240 56.36 -59.66 75.91
C GLN KA 240 57.70 -59.20 76.51
N LEU KA 241 57.69 -58.32 77.50
CA LEU KA 241 58.89 -57.75 78.11
C LEU KA 241 59.82 -57.09 77.06
N SER KA 242 61.09 -57.50 76.98
CA SER KA 242 62.10 -56.94 76.07
C SER KA 242 61.76 -57.16 74.59
N THR KA 243 62.32 -56.32 73.71
CA THR KA 243 62.28 -56.55 72.25
C THR KA 243 63.07 -57.78 71.83
N ASN KA 244 64.10 -58.17 72.59
CA ASN KA 244 64.92 -59.35 72.34
C ASN KA 244 64.10 -60.63 72.53
N VAL KA 245 64.23 -61.58 71.60
CA VAL KA 245 63.73 -62.96 71.72
C VAL KA 245 64.90 -63.89 72.03
N THR KA 246 64.68 -64.90 72.87
CA THR KA 246 65.70 -65.90 73.20
C THR KA 246 65.57 -67.11 72.30
N ILE KA 247 66.66 -67.49 71.63
CA ILE KA 247 66.75 -68.68 70.77
C ILE KA 247 67.61 -69.71 71.50
N HIS KA 248 67.16 -70.95 71.60
CA HIS KA 248 68.01 -72.05 72.13
C HIS KA 248 68.72 -72.65 70.92
N THR KA 249 69.95 -73.14 71.05
CA THR KA 249 70.67 -73.82 69.97
C THR KA 249 71.57 -74.94 70.48
N LEU KA 250 71.92 -75.88 69.59
CA LEU KA 250 72.92 -76.92 69.95
C LEU KA 250 74.30 -76.26 69.87
N ASN KA 251 75.10 -76.32 70.93
CA ASN KA 251 76.49 -75.82 70.86
C ASN KA 251 77.10 -76.38 69.57
N THR KA 252 77.58 -75.52 68.66
CA THR KA 252 78.16 -75.96 67.37
C THR KA 252 79.59 -76.39 67.62
N THR KA 253 80.27 -75.80 68.60
CA THR KA 253 81.70 -76.04 68.87
C THR KA 253 81.99 -77.39 69.55
N TYR KA 254 80.94 -78.18 69.87
CA TYR KA 254 81.10 -79.49 70.52
C TYR KA 254 80.17 -80.57 69.94
N ILE KA 255 78.92 -80.24 69.61
CA ILE KA 255 77.94 -81.18 69.04
C ILE KA 255 77.98 -81.08 67.51
N GLN KA 256 78.70 -81.97 66.82
CA GLN KA 256 78.80 -81.82 65.34
C GLN KA 256 78.68 -83.16 64.59
N ASN KA 257 78.74 -84.30 65.27
CA ASN KA 257 78.82 -85.56 64.54
C ASN KA 257 77.55 -85.97 63.80
N ARG KA 258 76.37 -85.48 64.21
CA ARG KA 258 75.07 -85.75 63.54
C ARG KA 258 74.81 -87.27 63.37
N ASP KA 259 75.33 -88.10 64.28
CA ASP KA 259 75.10 -89.57 64.23
C ASP KA 259 73.91 -89.99 65.11
N TRP KA 260 72.73 -89.43 64.85
CA TRP KA 260 71.58 -89.53 65.75
C TRP KA 260 70.61 -90.67 65.48
N GLY KA 261 69.86 -91.05 66.52
CA GLY KA 261 68.67 -91.90 66.39
C GLY KA 261 68.92 -93.39 66.29
N ASP KA 262 69.97 -93.92 66.92
CA ASP KA 262 70.21 -95.36 67.11
C ASP KA 262 70.49 -95.69 68.59
N ARG KA 263 69.97 -96.84 69.07
CA ARG KA 263 70.37 -97.36 70.41
C ARG KA 263 71.50 -98.38 70.14
N ASN KA 264 71.86 -98.59 68.86
CA ASN KA 264 72.87 -99.55 68.42
C ASN KA 264 74.27 -98.92 68.25
N LYS KA 265 74.49 -97.70 68.75
CA LYS KA 265 75.71 -96.90 68.55
C LYS KA 265 76.03 -96.06 69.79
N THR KA 266 77.21 -96.21 70.37
CA THR KA 266 77.68 -95.30 71.43
C THR KA 266 77.91 -93.90 70.85
N TYR KA 267 77.25 -92.88 71.40
CA TYR KA 267 77.31 -91.54 70.83
C TYR KA 267 78.62 -90.82 71.20
N TYR KA 268 79.18 -90.12 70.23
CA TYR KA 268 80.36 -89.27 70.36
C TYR KA 268 80.04 -87.94 69.69
N CYS KA 269 80.37 -86.82 70.33
CA CYS KA 269 79.82 -85.51 69.96
C CYS KA 269 80.62 -84.82 68.84
N GLN KA 270 81.94 -84.97 68.81
CA GLN KA 270 82.79 -84.44 67.73
C GLN KA 270 83.99 -85.34 67.44
N THR KA 271 84.55 -85.19 66.24
CA THR KA 271 85.89 -85.68 65.88
C THR KA 271 86.81 -84.49 65.64
N LEU KA 272 88.04 -84.56 66.15
CA LEU KA 272 89.11 -83.61 65.81
C LEU KA 272 90.39 -84.39 65.49
N GLY KA 273 91.04 -84.08 64.38
CA GLY KA 273 92.12 -84.93 63.85
C GLY KA 273 91.65 -86.37 63.64
N THR KA 274 92.28 -87.32 64.33
CA THR KA 274 91.83 -88.72 64.40
C THR KA 274 90.94 -89.05 65.61
N GLN KA 275 90.83 -88.15 66.59
CA GLN KA 275 90.16 -88.42 67.86
C GLN KA 275 88.63 -88.46 67.74
N ARG KA 276 87.99 -89.05 68.75
CA ARG KA 276 86.55 -88.92 69.05
C ARG KA 276 86.39 -88.36 70.45
N TYR KA 277 85.38 -87.53 70.67
CA TYR KA 277 85.09 -86.90 71.97
C TYR KA 277 83.71 -87.33 72.46
N PHE KA 278 83.59 -87.47 73.77
CA PHE KA 278 82.51 -88.14 74.45
C PHE KA 278 82.00 -87.30 75.62
N LEU KA 279 80.72 -87.49 75.94
CA LEU KA 279 80.02 -86.75 76.99
C LEU KA 279 79.61 -87.71 78.09
N TYR KA 280 79.65 -87.26 79.35
CA TYR KA 280 79.21 -88.01 80.51
C TYR KA 280 78.39 -87.13 81.45
N GLY KA 281 77.27 -87.62 81.96
CA GLY KA 281 76.50 -86.92 82.98
C GLY KA 281 76.96 -87.32 84.39
N THR KA 282 76.76 -86.46 85.38
CA THR KA 282 76.92 -86.87 86.78
C THR KA 282 75.95 -86.13 87.69
N HIS KA 283 75.58 -86.77 88.81
CA HIS KA 283 74.75 -86.10 89.85
C HIS KA 283 75.69 -85.65 90.97
N SER KA 284 77.01 -85.83 90.78
CA SER KA 284 78.00 -85.51 91.82
C SER KA 284 77.96 -84.03 92.22
N THR KA 285 78.09 -83.78 93.51
CA THR KA 285 78.27 -82.44 94.10
C THR KA 285 79.72 -81.98 94.07
N ALA KA 286 80.65 -82.78 93.55
CA ALA KA 286 82.07 -82.45 93.50
C ALA KA 286 82.31 -81.14 92.72
N GLN KA 287 83.07 -80.22 93.32
CA GLN KA 287 83.35 -78.91 92.74
C GLN KA 287 84.50 -78.95 91.71
N ASN KA 288 85.41 -79.92 91.83
CA ASN KA 288 86.63 -79.98 91.01
C ASN KA 288 86.54 -81.12 89.98
N ILE KA 289 86.67 -80.78 88.70
CA ILE KA 289 86.60 -81.73 87.59
C ILE KA 289 87.66 -82.85 87.67
N ASN KA 290 88.78 -82.60 88.35
CA ASN KA 290 89.85 -83.58 88.51
C ASN KA 290 89.47 -84.75 89.43
N ASP KA 291 88.79 -84.49 90.56
CA ASP KA 291 88.56 -85.51 91.64
C ASP KA 291 87.29 -86.37 91.48
N ILE KA 292 86.41 -86.06 90.53
CA ILE KA 292 85.25 -86.93 90.24
C ILE KA 292 85.75 -88.36 89.96
N LYS KA 293 85.03 -89.37 90.45
CA LYS KA 293 85.41 -90.79 90.28
C LYS KA 293 85.21 -91.24 88.82
N LEU KA 294 85.63 -92.47 88.51
CA LEU KA 294 85.32 -93.06 87.17
C LEU KA 294 83.88 -93.58 87.29
N GLN KA 295 83.39 -93.81 88.52
CA GLN KA 295 82.02 -94.33 88.78
C GLN KA 295 80.95 -93.25 88.61
N GLU KA 296 81.21 -92.03 89.10
CA GLU KA 296 80.20 -90.94 89.08
C GLU KA 296 79.65 -90.74 87.67
N LEU KA 297 80.50 -90.80 86.65
CA LEU KA 297 80.08 -90.50 85.25
C LEU KA 297 78.97 -91.46 84.77
N ILE KA 298 77.95 -90.93 84.09
CA ILE KA 298 76.85 -91.75 83.48
C ILE KA 298 77.09 -91.66 81.98
N PRO KA 299 77.75 -92.64 81.35
CA PRO KA 299 78.16 -92.54 79.96
C PRO KA 299 76.94 -92.57 79.06
N LEU KA 300 77.01 -91.93 77.89
CA LEU KA 300 75.86 -91.87 76.95
C LEU KA 300 76.08 -92.85 75.80
N THR KA 301 75.29 -93.93 75.72
CA THR KA 301 75.41 -94.97 74.68
C THR KA 301 74.17 -94.95 73.80
N ASN KA 302 73.23 -94.04 74.06
CA ASN KA 302 72.03 -93.90 73.25
C ASN KA 302 71.79 -92.40 72.98
N THR KA 303 71.34 -92.04 71.77
CA THR KA 303 70.69 -90.72 71.55
C THR KA 303 69.21 -90.81 71.24
N GLN KA 304 68.75 -91.99 70.78
CA GLN KA 304 67.37 -92.21 70.28
C GLN KA 304 66.26 -92.16 71.34
N ASP KA 305 66.58 -92.16 72.63
CA ASP KA 305 65.52 -92.20 73.67
C ASP KA 305 65.49 -90.97 74.58
N TYR KA 306 64.37 -90.76 75.26
CA TYR KA 306 64.24 -89.70 76.27
C TYR KA 306 64.93 -90.05 77.60
N VAL KA 307 65.41 -91.29 77.76
CA VAL KA 307 65.88 -91.83 79.04
C VAL KA 307 67.04 -91.02 79.64
N GLN KA 308 66.97 -90.75 80.95
CA GLN KA 308 68.00 -90.02 81.70
C GLN KA 308 69.25 -90.86 82.00
N GLY KA 309 69.08 -92.18 82.04
CA GLY KA 309 70.06 -93.08 82.65
C GLY KA 309 70.00 -93.04 84.17
N PHE KA 310 70.97 -93.64 84.84
CA PHE KA 310 71.13 -93.60 86.28
C PHE KA 310 72.59 -93.83 86.69
N ASP KA 311 72.92 -93.47 87.93
CA ASP KA 311 74.26 -93.57 88.50
C ASP KA 311 74.62 -95.01 88.92
N TRP KA 312 75.91 -95.33 88.97
CA TRP KA 312 76.44 -96.64 89.40
C TRP KA 312 76.03 -97.00 90.84
N THR KA 313 75.70 -96.01 91.68
CA THR KA 313 75.12 -96.25 93.01
C THR KA 313 73.78 -97.00 92.96
N GLU KA 314 73.11 -97.06 91.82
CA GLU KA 314 71.87 -97.84 91.62
C GLU KA 314 72.12 -99.22 90.99
N LYS KA 315 73.39 -99.69 90.94
CA LYS KA 315 73.77 -101.04 90.50
C LYS KA 315 72.85 -102.13 91.05
N ASP KA 316 72.58 -102.10 92.35
CA ASP KA 316 71.75 -103.09 93.03
C ASP KA 316 70.24 -102.91 92.79
N LYS KA 317 69.77 -101.78 92.25
CA LYS KA 317 68.36 -101.59 91.88
C LYS KA 317 68.00 -102.21 90.53
N HIS KA 318 69.00 -102.33 89.64
CA HIS KA 318 68.84 -102.92 88.27
C HIS KA 318 69.68 -104.20 88.13
N ASN KA 319 69.99 -104.87 89.23
CA ASN KA 319 70.71 -106.17 89.25
C ASN KA 319 71.95 -106.17 88.35
N ILE KA 320 72.63 -105.03 88.25
CA ILE KA 320 73.81 -104.86 87.39
C ILE KA 320 75.00 -105.63 87.95
N THR KA 321 75.66 -106.42 87.10
CA THR KA 321 76.84 -107.21 87.47
C THR KA 321 78.15 -106.60 86.97
N THR KA 322 78.12 -105.79 85.91
CA THR KA 322 79.31 -105.25 85.25
C THR KA 322 79.07 -103.85 84.70
N TYR KA 323 80.15 -103.11 84.42
CA TYR KA 323 80.04 -101.84 83.71
C TYR KA 323 79.39 -101.99 82.32
N LYS KA 324 79.52 -103.16 81.66
CA LYS KA 324 78.78 -103.48 80.44
C LYS KA 324 77.26 -103.41 80.64
N GLU KA 325 76.74 -103.96 81.73
CA GLU KA 325 75.32 -103.82 82.10
C GLU KA 325 74.95 -102.41 82.60
N PHE KA 326 75.89 -101.68 83.22
CA PHE KA 326 75.70 -100.28 83.53
C PHE KA 326 75.56 -99.41 82.27
N LEU KA 327 76.40 -99.64 81.25
CA LEU KA 327 76.33 -99.01 79.92
C LEU KA 327 74.97 -99.27 79.25
N THR KA 328 74.47 -100.51 79.28
CA THR KA 328 73.22 -100.84 78.55
C THR KA 328 71.98 -100.42 79.33
N LYS KA 329 71.92 -100.64 80.65
CA LYS KA 329 70.73 -100.26 81.45
C LYS KA 329 70.73 -98.79 81.86
N GLY KA 330 71.88 -98.22 82.22
CA GLY KA 330 71.99 -96.96 82.96
C GLY KA 330 72.53 -95.76 82.18
N ALA KA 331 72.92 -95.91 80.91
CA ALA KA 331 73.36 -94.78 80.12
C ALA KA 331 72.26 -93.74 79.86
N GLY KA 332 72.63 -92.45 79.83
CA GLY KA 332 71.71 -91.32 79.68
C GLY KA 332 71.72 -90.71 78.28
N ASN KA 333 70.57 -90.28 77.76
CA ASN KA 333 70.57 -89.58 76.48
C ASN KA 333 70.93 -88.11 76.72
N PRO KA 334 71.84 -87.49 75.94
CA PRO KA 334 72.37 -86.15 76.22
C PRO KA 334 71.30 -85.07 76.13
N PHE KA 335 70.21 -85.35 75.40
CA PHE KA 335 69.08 -84.46 75.18
C PHE KA 335 67.94 -84.66 76.20
N HIS KA 336 68.12 -85.46 77.25
CA HIS KA 336 67.17 -85.50 78.37
C HIS KA 336 67.08 -84.12 79.05
N ALA KA 337 65.95 -83.79 79.67
CA ALA KA 337 65.64 -82.44 80.16
C ALA KA 337 66.65 -81.87 81.18
N GLU KA 338 67.42 -82.70 81.88
CA GLU KA 338 68.51 -82.22 82.75
C GLU KA 338 69.88 -82.17 82.06
N TRP KA 339 70.18 -83.08 81.13
CA TRP KA 339 71.46 -83.08 80.41
C TRP KA 339 71.51 -82.06 79.26
N ILE KA 340 70.38 -81.76 78.62
CA ILE KA 340 70.26 -80.86 77.46
C ILE KA 340 70.82 -79.46 77.73
N THR KA 341 70.59 -78.93 78.94
CA THR KA 341 71.11 -77.65 79.43
C THR KA 341 72.06 -77.81 80.62
N ALA KA 342 72.51 -79.04 80.90
CA ALA KA 342 73.36 -79.40 82.03
C ALA KA 342 72.86 -78.84 83.38
N GLN KA 343 71.56 -78.97 83.65
CA GLN KA 343 70.97 -78.63 84.95
C GLN KA 343 71.70 -79.37 86.08
N ASN KA 344 71.98 -80.64 85.85
CA ASN KA 344 72.98 -81.42 86.60
C ASN KA 344 74.23 -81.51 85.71
N PRO KA 345 75.46 -81.38 86.26
CA PRO KA 345 76.68 -81.23 85.46
C PRO KA 345 76.88 -82.32 84.40
N VAL KA 346 77.41 -81.91 83.26
CA VAL KA 346 77.75 -82.76 82.10
C VAL KA 346 79.20 -82.50 81.73
N ILE KA 347 79.95 -83.56 81.51
CA ILE KA 347 81.39 -83.56 81.34
C ILE KA 347 81.75 -84.00 79.93
N HIS KA 348 82.53 -83.20 79.21
CA HIS KA 348 83.03 -83.47 77.86
C HIS KA 348 84.50 -83.91 77.93
N THR KA 349 84.89 -84.97 77.22
CA THR KA 349 86.24 -85.52 77.28
C THR KA 349 86.65 -86.24 76.00
N ALA KA 350 87.95 -86.34 75.73
CA ALA KA 350 88.49 -87.23 74.70
C ALA KA 350 88.48 -88.71 75.15
N ASN KA 351 88.36 -89.00 76.45
CA ASN KA 351 88.49 -90.35 76.95
C ASN KA 351 87.25 -91.20 76.61
N SER KA 352 87.43 -92.15 75.70
CA SER KA 352 86.34 -93.03 75.25
C SER KA 352 85.82 -93.92 76.38
N PRO KA 353 84.50 -94.18 76.46
CA PRO KA 353 83.93 -95.12 77.40
C PRO KA 353 84.63 -96.49 77.37
N THR KA 354 85.14 -96.93 76.22
CA THR KA 354 85.86 -98.22 76.13
C THR KA 354 87.21 -98.19 76.84
N GLN KA 355 87.89 -97.05 76.95
CA GLN KA 355 89.04 -96.95 77.85
C GLN KA 355 88.59 -97.07 79.32
N ILE KA 356 87.45 -96.45 79.68
CA ILE KA 356 86.84 -96.64 81.00
C ILE KA 356 86.40 -98.10 81.21
N GLU KA 357 85.88 -98.79 80.18
CA GLU KA 357 85.55 -100.22 80.23
C GLU KA 357 86.80 -101.01 80.56
N GLN KA 358 87.93 -100.75 79.88
CA GLN KA 358 89.19 -101.42 80.17
C GLN KA 358 89.62 -101.18 81.62
N ILE KA 359 89.50 -99.96 82.16
CA ILE KA 359 89.82 -99.69 83.57
C ILE KA 359 88.90 -100.45 84.52
N TYR KA 360 87.58 -100.43 84.30
CA TYR KA 360 86.62 -101.21 85.11
C TYR KA 360 86.87 -102.72 85.02
N THR KA 361 86.90 -103.26 83.81
CA THR KA 361 86.98 -104.71 83.56
C THR KA 361 88.34 -105.26 83.99
N ALA KA 362 89.44 -104.51 83.83
CA ALA KA 362 90.74 -104.92 84.34
C ALA KA 362 90.71 -105.12 85.87
N SER KA 363 90.09 -104.21 86.62
CA SER KA 363 89.72 -104.46 88.02
C SER KA 363 88.61 -103.52 88.53
N THR KA 364 87.48 -104.12 88.91
CA THR KA 364 86.31 -103.42 89.48
C THR KA 364 86.63 -102.78 90.82
N THR KA 365 87.53 -103.37 91.59
CA THR KA 365 88.00 -102.83 92.88
C THR KA 365 88.81 -101.54 92.69
N THR KA 366 89.59 -101.40 91.60
CA THR KA 366 90.31 -100.15 91.31
C THR KA 366 89.44 -99.12 90.59
N PHE KA 367 88.26 -99.48 90.07
CA PHE KA 367 87.27 -98.51 89.59
C PHE KA 367 86.74 -97.61 90.71
N GLN KA 368 86.64 -98.13 91.94
CA GLN KA 368 86.38 -97.34 93.15
C GLN KA 368 87.51 -96.34 93.43
N ASN KA 369 88.77 -96.76 93.27
CA ASN KA 369 89.95 -95.95 93.58
C ASN KA 369 90.21 -94.87 92.51
N LYS KA 370 90.08 -95.19 91.22
CA LYS KA 370 90.40 -94.29 90.11
C LYS KA 370 89.45 -93.08 90.07
N LYS KA 371 90.03 -91.91 89.86
CA LYS KA 371 89.35 -90.63 89.64
C LYS KA 371 89.62 -90.12 88.22
N LEU KA 372 89.11 -88.94 87.86
CA LEU KA 372 89.36 -88.28 86.59
C LEU KA 372 90.82 -87.83 86.41
N THR KA 373 91.60 -87.70 87.49
CA THR KA 373 93.06 -87.64 87.45
C THR KA 373 93.67 -88.93 86.91
N ASP KA 374 94.81 -88.83 86.21
CA ASP KA 374 95.61 -89.97 85.71
C ASP KA 374 94.82 -90.97 84.82
N LEU KA 375 93.74 -90.51 84.17
CA LEU KA 375 93.05 -91.29 83.15
C LEU KA 375 93.70 -91.14 81.77
N PRO KA 376 93.48 -92.10 80.85
CA PRO KA 376 93.91 -91.93 79.46
C PRO KA 376 93.18 -90.77 78.79
N THR KA 377 93.89 -90.02 77.93
CA THR KA 377 93.39 -88.82 77.22
C THR KA 377 92.36 -88.02 78.04
N PRO KA 378 92.74 -87.49 79.23
CA PRO KA 378 91.75 -86.86 80.10
C PRO KA 378 91.44 -85.38 79.88
N GLY KA 379 90.69 -85.07 78.81
CA GLY KA 379 90.27 -83.68 78.53
C GLY KA 379 88.95 -83.41 79.21
N TYR KA 380 88.79 -83.82 80.48
CA TYR KA 380 87.52 -83.65 81.23
C TYR KA 380 87.25 -82.16 81.44
N ILE KA 381 86.16 -81.63 80.87
CA ILE KA 381 85.79 -80.19 80.96
C ILE KA 381 84.31 -80.12 81.37
N PHE KA 382 83.74 -78.95 81.64
CA PHE KA 382 82.28 -78.82 81.91
C PHE KA 382 81.65 -78.10 80.72
N ILE KA 383 80.92 -78.83 79.86
CA ILE KA 383 80.35 -78.27 78.62
C ILE KA 383 78.83 -78.50 78.60
N THR KA 384 78.06 -77.52 78.13
CA THR KA 384 76.59 -77.62 78.03
C THR KA 384 76.18 -77.91 76.58
N PRO KA 385 75.37 -78.95 76.29
CA PRO KA 385 74.93 -79.24 74.92
C PRO KA 385 74.13 -78.10 74.28
N THR KA 386 73.38 -77.35 75.09
CA THR KA 386 72.60 -76.17 74.67
C THR KA 386 73.26 -74.88 75.12
N VAL KA 387 73.18 -73.86 74.28
CA VAL KA 387 73.37 -72.45 74.64
C VAL KA 387 72.13 -71.65 74.25
N SER KA 388 71.80 -70.60 75.02
CA SER KA 388 70.73 -69.66 74.70
C SER KA 388 71.32 -68.36 74.15
N LEU KA 389 70.89 -67.97 72.94
CA LEU KA 389 71.24 -66.71 72.30
C LEU KA 389 70.12 -65.69 72.48
N ARG KA 390 70.44 -64.40 72.43
CA ARG KA 390 69.46 -63.30 72.30
C ARG KA 390 69.52 -62.72 70.89
N TYR KA 391 68.37 -62.63 70.23
CA TYR KA 391 68.20 -62.02 68.92
C TYR KA 391 67.35 -60.77 69.03
N ASN KA 392 67.76 -59.68 68.40
CA ASN KA 392 67.00 -58.46 68.30
C ASN KA 392 66.75 -58.15 66.81
N PRO KA 393 65.50 -58.08 66.33
CA PRO KA 393 65.22 -57.89 64.92
C PRO KA 393 65.64 -56.50 64.41
N TYR KA 394 65.65 -55.50 65.30
CA TYR KA 394 66.00 -54.10 64.91
C TYR KA 394 67.52 -53.97 64.81
N LYS KA 395 68.26 -54.90 65.40
CA LYS KA 395 69.74 -54.89 65.36
C LYS KA 395 70.24 -55.76 64.20
N ASP KA 396 69.32 -56.30 63.39
CA ASP KA 396 69.68 -57.23 62.29
C ASP KA 396 69.85 -56.48 60.97
N LEU KA 397 71.01 -56.61 60.30
CA LEU KA 397 71.31 -55.86 59.08
C LEU KA 397 71.37 -56.77 57.84
N ALA KA 398 71.20 -58.09 58.01
CA ALA KA 398 71.12 -59.04 56.90
C ALA KA 398 72.34 -59.05 55.95
N GLU KA 399 73.55 -58.70 56.40
CA GLU KA 399 74.72 -58.62 55.51
C GLU KA 399 75.35 -59.99 55.24
N ARG KA 400 75.26 -60.94 56.19
CA ARG KA 400 75.82 -62.29 56.10
C ARG KA 400 74.87 -63.36 56.64
N ASN KA 401 73.58 -63.06 56.62
CA ASN KA 401 72.52 -64.00 56.99
C ASN KA 401 72.39 -65.12 55.95
N LYS KA 402 72.07 -66.33 56.40
CA LYS KA 402 72.03 -67.54 55.56
C LYS KA 402 71.18 -68.62 56.21
N CYS KA 403 70.62 -69.54 55.45
CA CYS KA 403 69.68 -70.56 55.96
C CYS KA 403 69.61 -71.76 55.01
N TYR KA 404 69.67 -72.99 55.53
CA TYR KA 404 69.60 -74.23 54.75
C TYR KA 404 69.29 -75.46 55.61
N PHE KA 405 68.92 -76.57 54.96
CA PHE KA 405 68.68 -77.86 55.62
C PHE KA 405 69.84 -78.83 55.39
N VAL KA 406 70.26 -79.54 56.44
CA VAL KA 406 71.25 -80.63 56.41
C VAL KA 406 70.60 -81.94 56.83
N ARG KA 407 71.14 -83.08 56.40
CA ARG KA 407 70.61 -84.42 56.69
C ARG KA 407 70.91 -84.79 58.14
N SER KA 408 69.90 -85.09 58.95
CA SER KA 408 70.08 -85.42 60.37
C SER KA 408 70.51 -86.88 60.58
N LYS KA 409 69.78 -87.86 60.03
CA LYS KA 409 70.16 -89.28 60.05
C LYS KA 409 71.11 -89.64 58.90
N ILE KA 410 72.35 -89.13 58.93
CA ILE KA 410 73.47 -89.65 58.12
C ILE KA 410 74.78 -89.60 58.90
N ASN KA 411 75.73 -90.44 58.51
CA ASN KA 411 77.05 -90.49 59.09
C ASN KA 411 78.01 -89.46 58.45
N ALA KA 412 77.69 -88.17 58.58
CA ALA KA 412 78.51 -87.08 58.04
C ALA KA 412 78.76 -85.98 59.08
N HIS KA 413 80.02 -85.55 59.17
CA HIS KA 413 80.48 -84.57 60.15
C HIS KA 413 80.16 -83.14 59.73
N GLY KA 414 79.99 -82.25 60.71
CA GLY KA 414 79.95 -80.81 60.49
C GLY KA 414 78.63 -80.28 59.95
N TRP KA 415 78.56 -78.96 59.86
CA TRP KA 415 77.34 -78.19 59.63
C TRP KA 415 77.35 -77.37 58.33
N ASP KA 416 78.40 -77.49 57.52
CA ASP KA 416 78.53 -76.65 56.29
C ASP KA 416 77.31 -76.83 55.38
N PRO KA 417 76.92 -75.81 54.58
CA PRO KA 417 75.82 -75.99 53.63
C PRO KA 417 76.17 -77.15 52.74
N GLU KA 418 75.26 -78.10 52.58
CA GLU KA 418 75.54 -79.33 51.80
C GLU KA 418 74.33 -79.69 50.91
N GLN KA 419 74.46 -80.71 50.08
CA GLN KA 419 73.36 -81.16 49.19
C GLN KA 419 72.97 -79.99 48.26
N HIS KA 420 71.71 -79.54 48.26
CA HIS KA 420 71.23 -78.48 47.33
C HIS KA 420 71.85 -77.12 47.71
N GLN KA 421 72.69 -76.57 46.83
CA GLN KA 421 73.30 -75.24 47.05
C GLN KA 421 72.37 -74.18 46.43
N GLU KA 422 71.44 -74.60 45.57
CA GLU KA 422 70.44 -73.67 45.03
C GLU KA 422 69.29 -73.40 46.03
N LEU KA 423 69.12 -74.27 47.03
CA LEU KA 423 68.11 -74.10 48.08
C LEU KA 423 68.59 -73.23 49.25
N ILE KA 424 69.87 -72.88 49.32
CA ILE KA 424 70.39 -71.95 50.32
C ILE KA 424 69.68 -70.60 50.16
N ASN KA 425 69.14 -70.06 51.27
CA ASN KA 425 68.44 -68.76 51.31
C ASN KA 425 69.33 -67.75 52.05
N SER KA 426 69.67 -66.61 51.46
CA SER KA 426 70.69 -65.68 51.97
C SER KA 426 70.23 -64.22 51.93
N ASP KA 427 70.88 -63.39 52.74
CA ASP KA 427 70.85 -61.91 52.65
C ASP KA 427 69.47 -61.25 52.87
N LEU KA 428 68.67 -61.78 53.78
CA LEU KA 428 67.46 -61.14 54.31
C LEU KA 428 67.50 -61.20 55.84
N PRO KA 429 66.85 -60.29 56.58
CA PRO KA 429 66.82 -60.38 58.03
C PRO KA 429 66.13 -61.67 58.47
N GLN KA 430 66.62 -62.34 59.53
CA GLN KA 430 66.16 -63.70 59.96
C GLN KA 430 64.63 -63.89 60.06
N TRP KA 431 63.87 -62.87 60.46
CA TRP KA 431 62.41 -62.93 60.50
C TRP KA 431 61.78 -62.97 59.10
N LEU KA 432 62.43 -62.42 58.08
CA LEU KA 432 62.02 -62.54 56.69
C LEU KA 432 62.64 -63.77 56.02
N LEU KA 433 63.89 -64.09 56.32
CA LEU KA 433 64.61 -65.21 55.74
C LEU KA 433 63.97 -66.57 56.08
N LEU KA 434 63.50 -66.75 57.32
CA LEU KA 434 62.90 -68.00 57.77
C LEU KA 434 61.42 -68.13 57.35
N PHE KA 435 60.72 -67.04 57.07
CA PHE KA 435 59.26 -67.07 56.88
C PHE KA 435 58.88 -67.92 55.67
N GLY KA 436 58.13 -69.01 55.88
CA GLY KA 436 57.72 -69.92 54.81
C GLY KA 436 58.83 -70.72 54.13
N TYR KA 437 60.09 -70.58 54.55
CA TYR KA 437 61.21 -71.29 53.94
C TYR KA 437 61.12 -72.82 54.09
N PRO KA 438 60.80 -73.39 55.28
CA PRO KA 438 60.54 -74.81 55.41
C PRO KA 438 59.44 -75.34 54.50
N ASP KA 439 58.35 -74.59 54.30
CA ASP KA 439 57.27 -74.99 53.41
C ASP KA 439 57.66 -74.90 51.94
N TYR KA 440 58.44 -73.90 51.53
CA TYR KA 440 59.01 -73.89 50.18
C TYR KA 440 59.86 -75.15 49.95
N ILE KA 441 60.67 -75.54 50.92
CA ILE KA 441 61.51 -76.73 50.82
C ILE KA 441 60.67 -78.01 50.75
N LYS KA 442 59.65 -78.16 51.62
CA LYS KA 442 58.72 -79.29 51.55
C LYS KA 442 58.00 -79.37 50.20
N ARG KA 443 57.46 -78.25 49.71
CA ARG KA 443 56.72 -78.22 48.41
C ARG KA 443 57.69 -78.49 47.25
N THR KA 444 58.95 -78.09 47.38
CA THR KA 444 59.98 -78.38 46.36
C THR KA 444 60.28 -79.89 46.26
N GLN KA 445 60.14 -80.65 47.35
CA GLN KA 445 60.28 -82.14 47.33
C GLN KA 445 61.69 -82.60 46.91
N ASN KA 446 62.71 -81.75 46.98
CA ASN KA 446 64.09 -82.13 46.69
C ASN KA 446 64.79 -82.83 47.87
N PHE KA 447 64.12 -82.97 49.01
CA PHE KA 447 64.60 -83.70 50.19
C PHE KA 447 63.62 -84.79 50.61
N ALA KA 448 64.11 -85.84 51.27
CA ALA KA 448 63.25 -86.86 51.85
C ALA KA 448 62.30 -86.23 52.88
N LEU KA 449 61.01 -86.46 52.72
CA LEU KA 449 59.98 -85.51 53.19
C LEU KA 449 59.88 -85.39 54.71
N VAL KA 450 60.31 -86.40 55.47
CA VAL KA 450 59.99 -86.49 56.90
C VAL KA 450 60.83 -85.53 57.76
N ASP KA 451 60.17 -84.82 58.68
CA ASP KA 451 60.85 -83.80 59.55
C ASP KA 451 61.99 -84.41 60.37
N THR KA 452 61.93 -85.71 60.66
CA THR KA 452 62.96 -86.36 61.50
C THR KA 452 64.30 -86.55 60.80
N ASN KA 453 64.36 -86.42 59.47
CA ASN KA 453 65.55 -86.79 58.70
C ASN KA 453 66.39 -85.57 58.29
N TYR KA 454 65.98 -84.36 58.65
CA TYR KA 454 66.71 -83.13 58.36
C TYR KA 454 66.77 -82.21 59.59
N ILE KA 455 67.74 -81.30 59.60
CA ILE KA 455 67.87 -80.19 60.54
C ILE KA 455 67.96 -78.91 59.72
N LEU KA 456 67.33 -77.86 60.20
CA LEU KA 456 67.50 -76.49 59.74
C LEU KA 456 68.66 -75.82 60.49
N VAL KA 457 69.54 -75.20 59.72
CA VAL KA 457 70.78 -74.56 60.16
C VAL KA 457 70.80 -73.14 59.60
N ASP KA 458 71.15 -72.13 60.40
CA ASP KA 458 71.22 -70.75 59.90
C ASP KA 458 72.40 -69.97 60.47
N HIS KA 459 72.95 -69.05 59.69
CA HIS KA 459 74.01 -68.14 60.10
C HIS KA 459 73.42 -66.74 60.31
N CYS KA 460 73.79 -66.09 61.41
CA CYS KA 460 73.36 -64.73 61.73
C CYS KA 460 74.42 -64.04 62.60
N PRO KA 461 75.14 -63.04 62.08
CA PRO KA 461 76.08 -62.24 62.86
C PRO KA 461 75.49 -61.49 64.06
N TYR KA 462 74.17 -61.31 64.11
CA TYR KA 462 73.52 -60.25 64.88
C TYR KA 462 72.93 -60.68 66.21
N THR KA 463 73.06 -61.95 66.62
CA THR KA 463 72.83 -62.31 68.02
C THR KA 463 73.95 -61.75 68.90
N ASN KA 464 73.64 -61.40 70.15
CA ASN KA 464 74.61 -60.75 71.03
C ASN KA 464 75.75 -61.70 71.47
N PRO KA 465 75.47 -62.87 72.06
CA PRO KA 465 76.36 -64.02 71.95
C PRO KA 465 76.27 -64.61 70.55
N GLU KA 466 77.21 -65.47 70.15
CA GLU KA 466 77.21 -66.10 68.82
C GLU KA 466 77.59 -67.57 68.87
N LYS KA 467 77.17 -68.29 67.83
CA LYS KA 467 77.69 -69.60 67.40
C LYS KA 467 77.76 -69.57 65.88
N THR KA 468 78.76 -70.21 65.26
CA THR KA 468 79.06 -70.01 63.84
C THR KA 468 77.85 -70.32 62.96
N PRO KA 469 77.31 -71.55 62.91
CA PRO KA 469 75.89 -71.77 62.64
C PRO KA 469 75.08 -71.81 63.94
N PHE KA 470 73.76 -71.70 63.76
CA PHE KA 470 72.80 -71.91 64.87
C PHE KA 470 72.02 -73.15 64.54
N ILE KA 471 71.65 -73.97 65.51
CA ILE KA 471 70.76 -75.15 65.27
C ILE KA 471 69.53 -74.87 66.13
N PRO KA 472 68.61 -73.95 65.76
CA PRO KA 472 67.53 -73.58 66.66
C PRO KA 472 66.81 -74.79 67.21
N LEU KA 473 66.44 -74.78 68.50
CA LEU KA 473 65.65 -75.83 69.14
C LEU KA 473 64.49 -75.21 69.91
N SER KA 474 63.31 -75.82 69.83
CA SER KA 474 62.13 -75.31 70.51
C SER KA 474 62.22 -75.52 72.01
N THR KA 475 61.61 -74.62 72.78
CA THR KA 475 61.52 -74.70 74.24
C THR KA 475 60.94 -76.05 74.68
N SER KA 476 60.03 -76.65 73.92
CA SER KA 476 59.50 -78.00 74.19
C SER KA 476 60.59 -79.08 74.17
N PHE KA 477 61.52 -79.09 73.22
CA PHE KA 477 62.64 -80.04 73.19
C PHE KA 477 63.70 -79.75 74.25
N ILE KA 478 63.93 -78.47 74.54
CA ILE KA 478 64.79 -78.02 75.64
C ILE KA 478 64.19 -78.32 77.02
N GLU KA 479 62.89 -78.58 77.10
CA GLU KA 479 62.15 -78.95 78.33
C GLU KA 479 61.66 -80.41 78.33
N GLY KA 480 62.05 -81.25 77.36
CA GLY KA 480 61.68 -82.66 77.36
C GLY KA 480 60.19 -82.91 77.13
N ARG KA 481 59.64 -82.37 76.04
CA ARG KA 481 58.18 -82.49 75.74
C ARG KA 481 57.96 -82.55 74.23
N SER KA 482 56.83 -83.13 73.79
CA SER KA 482 56.51 -83.30 72.36
C SER KA 482 56.35 -81.95 71.63
N PRO KA 483 56.59 -81.87 70.31
CA PRO KA 483 56.72 -80.61 69.55
C PRO KA 483 55.63 -79.57 69.77
N TYR KA 484 54.37 -79.98 69.94
CA TYR KA 484 53.22 -79.10 70.21
C TYR KA 484 52.39 -79.61 71.40
N SER KA 485 53.03 -80.05 72.47
CA SER KA 485 52.38 -80.58 73.68
C SER KA 485 52.34 -79.54 74.81
N PRO KA 486 51.24 -79.42 75.58
CA PRO KA 486 51.09 -78.40 76.60
C PRO KA 486 52.10 -78.55 77.74
N SER KA 487 52.57 -77.43 78.27
CA SER KA 487 53.66 -77.32 79.26
C SER KA 487 53.44 -78.09 80.57
N ASP KA 488 52.20 -78.50 80.88
CA ASP KA 488 51.92 -79.33 82.10
C ASP KA 488 52.61 -80.68 81.96
N THR KA 489 52.88 -81.11 80.73
CA THR KA 489 53.55 -82.38 80.41
C THR KA 489 55.06 -82.27 80.63
N HIS KA 490 55.70 -83.32 81.16
CA HIS KA 490 57.18 -83.33 81.44
C HIS KA 490 57.83 -84.58 80.82
N GLU KA 491 57.24 -85.17 79.77
CA GLU KA 491 57.79 -86.29 79.01
C GLU KA 491 57.28 -86.22 77.56
N PRO KA 492 58.03 -86.68 76.56
CA PRO KA 492 57.48 -86.94 75.24
C PRO KA 492 56.39 -88.02 75.27
N ASP KA 493 55.44 -87.95 74.33
CA ASP KA 493 54.54 -89.06 73.99
C ASP KA 493 55.32 -90.21 73.31
N GLU KA 494 54.85 -91.46 73.36
CA GLU KA 494 55.66 -92.65 73.00
C GLU KA 494 56.39 -92.56 71.65
N GLU KA 495 55.75 -92.01 70.62
CA GLU KA 495 56.39 -91.85 69.30
C GLU KA 495 57.48 -90.77 69.28
N ASP KA 496 57.41 -89.78 70.17
CA ASP KA 496 58.49 -88.82 70.44
C ASP KA 496 59.44 -89.27 71.56
N GLN KA 497 59.09 -90.27 72.38
CA GLN KA 497 60.06 -90.93 73.27
C GLN KA 497 61.09 -91.70 72.44
N ASN KA 498 60.63 -92.35 71.37
CA ASN KA 498 61.46 -92.74 70.25
C ASN KA 498 61.87 -91.51 69.42
N ARG KA 499 63.00 -91.67 68.70
CA ARG KA 499 63.53 -90.62 67.80
C ARG KA 499 63.75 -89.31 68.59
N TRP KA 500 64.15 -89.38 69.87
CA TRP KA 500 64.38 -88.18 70.72
C TRP KA 500 65.76 -87.58 70.44
N TYR KA 501 65.94 -86.99 69.27
CA TYR KA 501 67.20 -86.40 68.83
C TYR KA 501 66.98 -85.15 67.95
N PRO KA 502 67.96 -84.25 67.81
CA PRO KA 502 67.83 -83.05 66.99
C PRO KA 502 67.33 -83.31 65.56
N CYS KA 503 66.19 -82.72 65.21
CA CYS KA 503 65.64 -82.74 63.85
C CYS KA 503 64.58 -81.63 63.72
N TYR KA 504 64.23 -81.28 62.49
CA TYR KA 504 63.34 -80.16 62.15
C TYR KA 504 62.00 -80.20 62.89
N GLN KA 505 61.48 -81.38 63.22
CA GLN KA 505 60.21 -81.52 63.98
C GLN KA 505 60.30 -80.81 65.35
N TYR KA 506 61.47 -80.82 66.00
CA TYR KA 506 61.68 -80.13 67.26
C TYR KA 506 62.12 -78.67 67.10
N GLN KA 507 62.46 -78.22 65.89
CA GLN KA 507 62.89 -76.84 65.64
C GLN KA 507 61.72 -75.89 65.31
N GLN KA 508 60.55 -76.42 64.94
CA GLN KA 508 59.45 -75.65 64.34
C GLN KA 508 59.01 -74.44 65.16
N GLU KA 509 58.79 -74.59 66.47
CA GLU KA 509 58.33 -73.49 67.30
C GLU KA 509 59.39 -72.40 67.46
N SER KA 510 60.68 -72.75 67.46
CA SER KA 510 61.77 -71.76 67.54
C SER KA 510 61.83 -70.87 66.30
N ILE KA 511 61.73 -71.42 65.09
CA ILE KA 511 61.75 -70.58 63.89
C ILE KA 511 60.45 -69.82 63.70
N ASN KA 512 59.31 -70.34 64.17
CA ASN KA 512 58.09 -69.55 64.24
C ASN KA 512 58.28 -68.37 65.19
N SER KA 513 58.91 -68.58 66.34
CA SER KA 513 59.19 -67.51 67.31
C SER KA 513 60.12 -66.42 66.74
N ILE KA 514 61.12 -66.80 65.94
CA ILE KA 514 61.95 -65.84 65.20
C ILE KA 514 61.12 -65.07 64.17
N CYS KA 515 60.24 -65.72 63.42
CA CYS KA 515 59.34 -65.04 62.48
C CYS KA 515 58.36 -64.08 63.19
N LEU KA 516 57.83 -64.46 64.35
CA LEU KA 516 57.00 -63.61 65.19
C LEU KA 516 57.73 -62.36 65.70
N SER KA 517 59.06 -62.36 65.75
CA SER KA 517 59.81 -61.13 66.06
C SER KA 517 59.71 -60.09 64.93
N GLY KA 518 59.37 -60.51 63.71
CA GLY KA 518 59.22 -59.61 62.56
C GLY KA 518 57.91 -58.80 62.58
N PRO KA 519 57.87 -57.67 61.86
CA PRO KA 519 56.71 -56.79 61.84
C PRO KA 519 55.49 -57.39 61.13
N GLY KA 520 54.31 -56.89 61.47
CA GLY KA 520 53.01 -57.27 60.92
C GLY KA 520 52.43 -58.57 61.45
N THR KA 521 53.22 -59.39 62.15
CA THR KA 521 52.77 -60.70 62.65
C THR KA 521 51.72 -60.53 63.77
N PRO KA 522 50.57 -61.20 63.69
CA PRO KA 522 49.44 -60.95 64.59
C PRO KA 522 49.64 -61.48 66.01
N LYS KA 523 48.88 -60.92 66.95
CA LYS KA 523 48.72 -61.40 68.34
C LYS KA 523 47.43 -62.22 68.43
N ILE KA 524 47.52 -63.51 68.74
CA ILE KA 524 46.35 -64.39 68.89
C ILE KA 524 46.39 -65.01 70.29
N PRO KA 525 45.39 -64.79 71.17
CA PRO KA 525 45.37 -65.42 72.49
C PRO KA 525 45.46 -66.94 72.43
N LYS KA 526 46.17 -67.56 73.37
CA LYS KA 526 46.29 -69.03 73.43
C LYS KA 526 44.92 -69.68 73.60
N GLY KA 527 44.68 -70.73 72.81
CA GLY KA 527 43.39 -71.42 72.74
C GLY KA 527 42.38 -70.81 71.77
N ILE KA 528 42.68 -69.69 71.11
CA ILE KA 528 41.86 -69.10 70.04
C ILE KA 528 42.48 -69.44 68.68
N THR KA 529 41.65 -69.86 67.73
CA THR KA 529 42.05 -70.05 66.33
C THR KA 529 41.44 -68.92 65.51
N ALA KA 530 42.27 -68.14 64.84
CA ALA KA 530 41.82 -67.16 63.87
C ALA KA 530 41.58 -67.83 62.51
N GLU KA 531 40.61 -67.34 61.76
CA GLU KA 531 40.18 -67.94 60.49
C GLU KA 531 39.88 -66.85 59.48
N ALA KA 532 39.98 -67.14 58.19
CA ALA KA 532 39.50 -66.27 57.12
C ALA KA 532 38.85 -67.10 56.02
N LYS KA 533 37.86 -66.52 55.35
CA LYS KA 533 37.14 -67.18 54.25
C LYS KA 533 36.84 -66.22 53.11
N VAL KA 534 36.74 -66.77 51.91
CA VAL KA 534 36.24 -66.10 50.72
C VAL KA 534 35.02 -66.87 50.21
N LYS KA 535 34.03 -66.17 49.66
CA LYS KA 535 32.98 -66.79 48.85
C LYS KA 535 33.32 -66.59 47.40
N TYR KA 536 33.36 -67.65 46.62
CA TYR KA 536 33.68 -67.62 45.20
C TYR KA 536 32.46 -67.92 44.35
N SER KA 537 32.49 -67.43 43.11
CA SER KA 537 31.56 -67.78 42.06
C SER KA 537 32.32 -67.85 40.74
N PHE KA 538 32.65 -69.04 40.27
CA PHE KA 538 33.27 -69.25 38.96
C PHE KA 538 32.20 -69.38 37.89
N ASN KA 539 32.34 -68.65 36.79
CA ASN KA 539 31.34 -68.62 35.73
C ASN KA 539 31.78 -69.50 34.57
N PHE KA 540 30.97 -70.49 34.24
CA PHE KA 540 31.18 -71.42 33.14
C PHE KA 540 29.94 -71.48 32.26
N LYS KA 541 30.12 -71.93 31.03
CA LYS KA 541 29.05 -72.48 30.21
C LYS KA 541 29.42 -73.91 29.85
N TRP KA 542 28.43 -74.78 29.78
CA TRP KA 542 28.58 -76.15 29.28
C TRP KA 542 27.95 -76.25 27.90
N GLY KA 543 28.62 -76.91 26.96
CA GLY KA 543 28.20 -76.98 25.57
C GLY KA 543 28.10 -78.41 25.07
N GLY KA 544 27.14 -78.68 24.20
CA GLY KA 544 27.00 -80.00 23.58
C GLY KA 544 25.82 -80.10 22.64
N ASP KA 545 25.69 -81.26 22.01
CA ASP KA 545 24.43 -81.70 21.39
C ASP KA 545 23.39 -82.03 22.46
N LEU KA 546 22.10 -81.98 22.09
CA LEU KA 546 21.00 -82.14 23.03
C LEU KA 546 21.04 -83.51 23.75
N PRO KA 547 20.93 -83.54 25.09
CA PRO KA 547 20.99 -84.78 25.86
C PRO KA 547 19.63 -85.50 25.93
N PRO KA 548 19.62 -86.79 26.34
CA PRO KA 548 18.40 -87.54 26.65
C PRO KA 548 17.78 -87.15 28.01
N MET KA 549 16.56 -87.61 28.30
CA MET KA 549 15.80 -87.29 29.52
C MET KA 549 14.79 -88.40 29.86
N SER KA 550 14.28 -88.47 31.10
CA SER KA 550 13.30 -89.47 31.56
C SER KA 550 12.18 -88.87 32.45
N THR KA 551 11.09 -89.62 32.63
CA THR KA 551 9.82 -89.13 33.22
C THR KA 551 9.24 -90.10 34.25
N ILE KA 552 8.30 -89.60 35.06
CA ILE KA 552 7.71 -90.28 36.23
C ILE KA 552 6.20 -90.48 36.02
N THR KA 553 5.63 -91.59 36.49
CA THR KA 553 4.17 -91.85 36.38
C THR KA 553 3.36 -90.75 37.04
N ASN KA 554 2.22 -90.36 36.47
CA ASN KA 554 1.32 -89.38 37.10
C ASN KA 554 0.63 -89.90 38.38
N PRO KA 555 0.08 -91.14 38.43
CA PRO KA 555 -0.68 -91.59 39.60
C PRO KA 555 0.17 -91.71 40.85
N THR KA 556 1.39 -92.26 40.74
CA THR KA 556 2.33 -92.36 41.89
C THR KA 556 3.26 -91.15 41.85
N ASP KA 557 2.78 -89.99 42.28
CA ASP KA 557 3.58 -88.73 42.22
C ASP KA 557 3.24 -87.86 43.43
N GLN KA 558 3.89 -86.71 43.59
CA GLN KA 558 3.64 -85.80 44.74
C GLN KA 558 2.12 -85.70 44.94
N PRO KA 559 1.55 -86.22 46.05
CA PRO KA 559 0.10 -86.21 46.23
C PRO KA 559 -0.41 -84.89 46.79
N THR KA 560 -1.59 -84.44 46.33
CA THR KA 560 -2.19 -83.21 46.86
C THR KA 560 -2.56 -83.40 48.35
N TYR KA 561 -2.58 -82.31 49.13
CA TYR KA 561 -2.90 -82.38 50.57
C TYR KA 561 -4.23 -83.11 50.85
N VAL KA 562 -5.19 -83.02 49.92
CA VAL KA 562 -6.48 -83.72 49.97
C VAL KA 562 -6.29 -85.24 50.06
N LYS LA 48 26.45 43.97 53.68
CA LYS LA 48 27.51 44.92 53.24
C LYS LA 48 27.03 46.36 53.28
N ARG LA 49 26.11 46.77 52.40
CA ARG LA 49 25.47 48.09 52.41
C ARG LA 49 23.97 47.97 52.12
N LEU LA 50 23.16 48.81 52.77
CA LEU LA 50 21.71 48.80 52.69
C LEU LA 50 21.17 50.14 52.22
N ASN LA 51 20.05 50.13 51.51
CA ASN LA 51 19.28 51.34 51.26
C ASN LA 51 18.73 51.90 52.57
N ILE LA 52 18.81 53.21 52.75
CA ILE LA 52 18.10 53.90 53.83
C ILE LA 52 16.61 53.94 53.46
N VAL LA 53 15.75 53.61 54.42
CA VAL LA 53 14.30 53.48 54.26
C VAL LA 53 13.63 54.35 55.31
N GLU LA 54 12.51 54.95 54.94
CA GLU LA 54 11.65 55.74 55.83
C GLU LA 54 10.26 55.14 55.88
N TRP LA 55 9.58 55.21 57.03
CA TRP LA 55 8.20 54.76 57.15
C TRP LA 55 7.25 55.94 56.93
N GLN LA 56 6.36 55.74 55.95
CA GLN LA 56 5.45 56.82 55.50
C GLN LA 56 4.50 57.23 56.62
N PRO LA 57 4.20 58.52 56.76
CA PRO LA 57 3.33 59.03 57.82
C PRO LA 57 1.87 58.63 57.63
N LYS LA 58 1.10 58.66 58.71
CA LYS LA 58 -0.25 58.08 58.79
C LYS LA 58 -1.25 58.70 57.81
N SER LA 59 -1.22 60.02 57.62
CA SER LA 59 -2.03 60.72 56.62
C SER LA 59 -1.18 61.68 55.80
N ILE LA 60 -1.45 61.74 54.49
CA ILE LA 60 -0.68 62.50 53.51
C ILE LA 60 -1.64 63.30 52.61
N ARG LA 61 -1.30 64.57 52.32
CA ARG LA 61 -2.13 65.45 51.45
C ARG LA 61 -1.30 66.27 50.45
N LYS LA 62 -1.35 65.94 49.16
CA LYS LA 62 -0.65 66.69 48.10
C LYS LA 62 -1.12 68.13 48.05
N CYS LA 63 -0.21 69.09 47.89
CA CYS LA 63 -0.49 70.50 47.73
C CYS LA 63 0.43 71.12 46.68
N ARG LA 64 -0.19 71.70 45.63
CA ARG LA 64 0.55 72.46 44.60
C ARG LA 64 0.42 73.97 44.88
N ILE LA 65 1.48 74.61 45.39
CA ILE LA 65 1.46 76.05 45.63
C ILE LA 65 1.63 76.73 44.26
N LYS LA 66 0.53 77.26 43.72
CA LYS LA 66 0.44 77.81 42.35
C LYS LA 66 0.33 79.31 42.41
N GLY LA 67 1.07 80.03 41.57
CA GLY LA 67 1.01 81.49 41.54
C GLY LA 67 1.82 82.12 40.44
N MET LA 68 1.92 83.45 40.47
CA MET LA 68 2.57 84.26 39.46
C MET LA 68 3.68 85.10 40.11
N LEU LA 69 4.87 85.14 39.54
CA LEU LA 69 6.02 85.90 40.04
C LEU LA 69 6.50 86.91 39.00
N CYS LA 70 6.65 88.17 39.38
CA CYS LA 70 7.25 89.19 38.55
C CYS LA 70 8.78 89.03 38.51
N LEU LA 71 9.37 88.84 37.32
CA LEU LA 71 10.81 88.66 37.17
C LEU LA 71 11.55 90.00 37.16
N PHE LA 72 11.03 90.99 36.45
CA PHE LA 72 11.47 92.37 36.51
C PHE LA 72 10.33 93.27 36.07
N GLN LA 73 10.40 94.54 36.44
CA GLN LA 73 9.65 95.59 35.76
C GLN LA 73 10.54 96.82 35.69
N THR LA 74 10.82 97.29 34.48
CA THR LA 74 11.93 98.20 34.19
C THR LA 74 11.57 99.30 33.22
N THR LA 75 12.14 100.47 33.42
CA THR LA 75 12.32 101.52 32.41
C THR LA 75 13.75 101.46 31.88
N GLU LA 76 14.09 102.24 30.85
CA GLU LA 76 15.44 102.29 30.28
C GLU LA 76 16.50 102.79 31.28
N ASP LA 77 16.15 103.74 32.13
CA ASP LA 77 17.03 104.35 33.14
C ASP LA 77 17.26 103.47 34.38
N ARG LA 78 16.64 102.29 34.44
CA ARG LA 78 16.83 101.30 35.51
C ARG LA 78 17.33 99.93 35.02
N LEU LA 79 17.70 99.79 33.75
CA LEU LA 79 18.07 98.49 33.19
C LEU LA 79 19.27 97.82 33.88
N SER LA 80 20.26 98.58 34.32
CA SER LA 80 21.47 98.03 34.95
C SER LA 80 21.32 97.73 36.45
N TYR LA 81 20.12 97.87 37.03
CA TYR LA 81 19.86 97.69 38.46
C TYR LA 81 18.99 96.47 38.75
N ASN LA 82 19.18 95.88 39.93
CA ASN LA 82 18.41 94.75 40.42
C ASN LA 82 16.99 95.16 40.82
N PHE LA 83 15.97 94.51 40.27
CA PHE LA 83 14.58 94.66 40.66
C PHE LA 83 14.27 93.89 41.95
N ASP LA 84 13.95 94.62 43.01
CA ASP LA 84 13.27 94.09 44.19
C ASP LA 84 11.83 94.61 44.19
N MET LA 85 10.85 93.71 44.33
CA MET LA 85 9.44 94.08 44.37
C MET LA 85 9.06 94.72 45.71
N TYR LA 86 9.79 94.38 46.78
CA TYR LA 86 9.64 94.93 48.11
C TYR LA 86 10.86 95.82 48.39
N GLU LA 87 10.61 97.12 48.42
CA GLU LA 87 11.58 98.16 48.06
C GLU LA 87 12.42 98.74 49.20
N GLU LA 88 13.54 99.38 48.83
CA GLU LA 88 14.12 100.47 49.62
C GLU LA 88 13.20 101.68 49.34
N SER LA 89 12.51 102.19 50.36
CA SER LA 89 11.25 102.97 50.23
C SER LA 89 11.30 104.21 49.31
N ILE LA 90 12.48 104.73 49.00
CA ILE LA 90 12.68 105.82 48.03
C ILE LA 90 12.59 105.36 46.56
N ILE LA 91 12.97 104.12 46.24
CA ILE LA 91 13.06 103.64 44.85
C ILE LA 91 11.74 103.76 44.09
N PRO LA 92 10.57 103.30 44.58
CA PRO LA 92 9.33 103.42 43.83
C PRO LA 92 8.77 104.85 43.78
N GLU LA 93 9.28 105.80 44.55
CA GLU LA 93 8.82 107.19 44.48
C GLU LA 93 9.24 107.81 43.14
N LYS LA 94 8.25 108.02 42.27
CA LYS LA 94 8.43 108.54 40.90
C LYS LA 94 9.32 107.66 39.99
N LEU LA 95 9.40 106.34 40.26
CA LEU LA 95 9.85 105.34 39.27
C LEU LA 95 8.80 104.23 39.08
N PRO LA 96 8.30 104.00 37.86
CA PRO LA 96 7.31 102.95 37.61
C PRO LA 96 7.91 101.54 37.50
N GLY LA 97 9.24 101.40 37.33
CA GLY LA 97 9.95 100.13 37.36
C GLY LA 97 11.34 100.27 37.96
N GLY LA 98 11.69 99.38 38.90
CA GLY LA 98 12.88 99.55 39.74
C GLY LA 98 14.17 98.94 39.20
N GLY LA 99 14.12 98.01 38.24
CA GLY LA 99 15.32 97.31 37.79
C GLY LA 99 15.09 96.38 36.61
N GLY LA 100 16.10 96.18 35.77
CA GLY LA 100 16.04 95.39 34.54
C GLY LA 100 16.58 93.97 34.65
N PHE LA 101 17.09 93.58 35.81
CA PHE LA 101 17.44 92.20 36.12
C PHE LA 101 17.00 91.87 37.52
N SER LA 102 16.83 90.60 37.86
CA SER LA 102 16.68 90.22 39.27
C SER LA 102 17.35 88.89 39.57
N ILE LA 103 17.70 88.70 40.84
CA ILE LA 103 17.95 87.39 41.41
C ILE LA 103 16.85 87.13 42.45
N LYS LA 104 16.06 86.09 42.24
CA LYS LA 104 14.99 85.64 43.14
C LYS LA 104 15.45 84.38 43.85
N ASN LA 105 15.32 84.32 45.17
CA ASN LA 105 15.38 83.07 45.93
C ASN LA 105 13.98 82.72 46.42
N ILE LA 106 13.53 81.49 46.17
CA ILE LA 106 12.22 81.01 46.60
C ILE LA 106 12.39 79.99 47.72
N SER LA 107 11.66 80.18 48.81
CA SER LA 107 11.58 79.26 49.94
C SER LA 107 10.12 79.10 50.34
N LEU LA 108 9.78 78.03 51.05
CA LEU LA 108 8.41 77.79 51.53
C LEU LA 108 7.89 78.95 52.40
N TYR LA 109 8.75 79.63 53.15
CA TYR LA 109 8.35 80.84 53.86
C TYR LA 109 8.10 82.04 52.93
N ALA LA 110 8.90 82.22 51.88
CA ALA LA 110 8.63 83.22 50.86
C ALA LA 110 7.33 82.92 50.09
N LEU LA 111 7.01 81.65 49.82
CA LEU LA 111 5.73 81.24 49.26
C LEU LA 111 4.56 81.56 50.19
N TYR LA 112 4.70 81.36 51.49
CA TYR LA 112 3.72 81.81 52.48
C TYR LA 112 3.58 83.34 52.50
N GLN LA 113 4.67 84.10 52.42
CA GLN LA 113 4.59 85.55 52.33
C GLN LA 113 3.88 86.02 51.05
N GLU LA 114 4.11 85.38 49.91
CA GLU LA 114 3.36 85.66 48.69
C GLU LA 114 1.87 85.31 48.83
N HIS LA 115 1.51 84.37 49.70
CA HIS LA 115 0.07 84.04 49.98
C HIS LA 115 -0.56 85.17 50.80
N ILE LA 116 0.20 85.86 51.64
CA ILE LA 116 -0.30 87.03 52.38
C ILE LA 116 -0.55 88.22 51.45
N HIS LA 117 0.22 88.35 50.36
CA HIS LA 117 -0.05 89.30 49.29
C HIS LA 117 -1.14 88.83 48.29
N ALA LA 118 -1.74 87.66 48.51
CA ALA LA 118 -2.69 87.02 47.61
C ALA LA 118 -2.12 86.71 46.22
N HIS LA 119 -0.81 86.56 46.08
CA HIS LA 119 -0.15 86.27 44.81
C HIS LA 119 -0.14 84.79 44.43
N ASN LA 120 -0.51 83.89 45.36
CA ASN LA 120 -0.61 82.46 45.10
C ASN LA 120 -1.78 81.82 45.85
N ILE LA 121 -2.11 80.59 45.45
CA ILE LA 121 -3.01 79.69 46.15
C ILE LA 121 -2.22 78.49 46.67
N PHE LA 122 -2.63 77.94 47.80
CA PHE LA 122 -2.22 76.62 48.25
C PHE LA 122 -3.37 75.66 47.95
N THR LA 123 -3.14 74.64 47.14
CA THR LA 123 -4.19 73.69 46.73
C THR LA 123 -4.75 72.88 47.90
N HIS LA 124 -3.95 72.75 48.97
CA HIS LA 124 -4.41 72.11 50.23
C HIS LA 124 -3.74 72.87 51.37
N THR LA 125 -4.46 73.17 52.44
CA THR LA 125 -3.88 73.77 53.65
C THR LA 125 -2.93 72.80 54.35
N ASN LA 126 -2.07 73.37 55.19
CA ASN LA 126 -1.03 72.67 55.95
C ASN LA 126 -1.23 72.79 57.47
N THR LA 127 -2.39 73.24 57.95
CA THR LA 127 -2.55 73.72 59.33
C THR LA 127 -2.29 72.67 60.40
N ASP LA 128 -2.62 71.40 60.14
CA ASP LA 128 -2.57 70.33 61.13
C ASP LA 128 -1.74 69.13 60.68
N ARG LA 129 -0.90 69.34 59.65
CA ARG LA 129 0.06 68.30 59.15
C ARG LA 129 1.43 69.00 59.17
N PRO LA 130 2.32 68.75 60.16
CA PRO LA 130 3.55 69.52 60.35
C PRO LA 130 4.72 69.06 59.48
N LEU LA 131 4.67 67.86 58.89
CA LEU LA 131 5.70 67.36 58.00
C LEU LA 131 5.48 67.88 56.57
N ALA LA 132 6.56 68.03 55.82
CA ALA LA 132 6.56 68.39 54.41
C ALA LA 132 7.50 67.49 53.62
N ARG LA 133 7.11 67.20 52.37
CA ARG LA 133 7.94 66.39 51.42
C ARG LA 133 7.94 67.12 50.06
N TYR LA 134 8.91 67.99 49.82
CA TYR LA 134 9.04 68.76 48.58
C TYR LA 134 9.48 67.87 47.41
N THR LA 135 8.79 67.94 46.27
CA THR LA 135 8.97 67.04 45.13
C THR LA 135 9.56 67.74 43.90
N GLY LA 136 9.63 69.06 43.89
CA GLY LA 136 10.14 69.86 42.77
C GLY LA 136 9.16 70.93 42.31
N CYS LA 137 9.51 71.62 41.25
CA CYS LA 137 8.79 72.78 40.75
C CYS LA 137 8.51 72.67 39.25
N SER LA 138 7.41 73.21 38.78
CA SER LA 138 7.17 73.55 37.38
C SER LA 138 7.15 75.06 37.20
N LEU LA 139 7.90 75.58 36.23
CA LEU LA 139 7.83 76.99 35.83
C LEU LA 139 7.28 77.09 34.41
N LYS LA 140 6.39 78.05 34.16
CA LYS LA 140 5.99 78.52 32.83
C LYS LA 140 6.42 79.97 32.67
N PHE LA 141 7.38 80.22 31.79
CA PHE LA 141 7.88 81.55 31.50
C PHE LA 141 7.11 82.11 30.32
N TYR LA 142 6.46 83.26 30.46
CA TYR LA 142 5.64 83.84 29.41
C TYR LA 142 6.43 84.80 28.54
N GLN LA 143 6.18 84.79 27.23
CA GLN LA 143 6.63 85.85 26.35
C GLN LA 143 6.01 87.18 26.78
N SER LA 144 6.83 88.19 27.05
CA SER LA 144 6.34 89.54 27.20
C SER LA 144 5.92 90.11 25.85
N LYS LA 145 5.09 91.15 25.87
CA LYS LA 145 4.68 91.83 24.64
C LYS LA 145 5.85 92.53 23.94
N ASP LA 146 6.59 93.35 24.69
CA ASP LA 146 7.54 94.33 24.13
C ASP LA 146 9.03 94.01 24.35
N ILE LA 147 9.38 93.11 25.29
CA ILE LA 147 10.80 92.90 25.67
C ILE LA 147 11.17 91.41 25.69
N ASP LA 148 12.38 91.07 25.25
CA ASP LA 148 12.87 89.67 25.31
C ASP LA 148 13.51 89.51 26.68
N TYR LA 149 13.92 88.32 27.10
CA TYR LA 149 14.65 88.20 28.38
C TYR LA 149 15.29 86.84 28.54
N VAL LA 150 16.47 86.80 29.14
CA VAL LA 150 17.23 85.57 29.43
C VAL LA 150 16.92 85.16 30.85
N VAL LA 151 16.67 83.89 31.08
CA VAL LA 151 16.59 83.29 32.42
C VAL LA 151 17.67 82.25 32.58
N THR LA 152 18.25 82.14 33.77
CA THR LA 152 18.90 80.91 34.19
C THR LA 152 18.59 80.67 35.66
N TYR LA 153 18.55 79.43 36.09
CA TYR LA 153 18.15 79.06 37.45
C TYR LA 153 19.13 78.06 38.02
N SER LA 154 19.17 77.98 39.35
CA SER LA 154 20.03 77.06 40.08
C SER LA 154 19.30 76.48 41.27
N THR LA 155 19.75 75.33 41.78
CA THR LA 155 19.18 74.71 43.00
C THR LA 155 20.30 74.21 43.90
N SER LA 156 21.52 74.72 43.75
CA SER LA 156 22.60 74.37 44.71
C SER LA 156 22.14 74.86 46.09
N LEU LA 157 21.81 73.94 47.01
CA LEU LA 157 21.25 74.35 48.33
C LEU LA 157 22.09 75.50 48.91
N PRO LA 158 23.44 75.46 48.90
CA PRO LA 158 24.22 76.59 49.37
C PRO LA 158 23.84 77.84 48.60
N LEU LA 159 23.30 78.86 49.28
CA LEU LA 159 22.85 80.12 48.64
C LEU LA 159 23.84 81.24 49.00
N ARG LA 160 24.39 81.94 47.99
CA ARG LA 160 25.33 83.07 48.22
C ARG LA 160 25.35 83.97 46.98
N SER LA 161 25.81 85.21 47.13
CA SER LA 161 25.93 86.17 46.00
C SER LA 161 27.41 86.37 45.68
N SER LA 162 27.73 86.76 44.44
CA SER LA 162 29.14 86.96 44.02
C SER LA 162 29.24 88.16 43.07
N MET LA 163 30.40 88.83 43.03
CA MET LA 163 30.65 89.94 42.11
C MET LA 163 30.59 89.49 40.65
N GLY LA 164 31.13 88.31 40.35
CA GLY LA 164 31.05 87.69 39.03
C GLY LA 164 29.63 87.31 38.63
N MET LA 165 28.78 86.86 39.57
CA MET LA 165 27.36 86.64 39.30
C MET LA 165 26.69 87.93 38.85
N TYR LA 166 26.84 89.03 39.60
CA TYR LA 166 26.18 90.29 39.26
C TYR LA 166 26.68 90.89 37.94
N ASN LA 167 27.98 90.82 37.64
CA ASN LA 167 28.47 91.21 36.32
C ASN LA 167 27.92 90.30 35.21
N SER LA 168 27.87 88.98 35.44
CA SER LA 168 27.35 88.04 34.46
C SER LA 168 25.85 88.19 34.18
N MET LA 169 25.11 88.96 34.97
CA MET LA 169 23.74 89.37 34.66
C MET LA 169 23.65 90.31 33.46
N GLN LA 170 24.75 90.89 33.00
CA GLN LA 170 24.75 91.76 31.82
C GLN LA 170 24.15 90.99 30.64
N PRO LA 171 23.20 91.55 29.87
CA PRO LA 171 22.40 90.75 28.95
C PRO LA 171 23.18 89.95 27.92
N SER LA 172 24.24 90.48 27.36
CA SER LA 172 25.12 89.78 26.42
C SER LA 172 25.87 88.63 27.09
N ILE LA 173 26.37 88.83 28.30
CA ILE LA 173 27.10 87.82 29.05
C ILE LA 173 26.16 86.70 29.51
N HIS LA 174 24.99 87.04 30.06
CA HIS LA 174 23.98 86.08 30.45
C HIS LA 174 23.51 85.26 29.24
N LEU LA 175 23.26 85.90 28.10
CA LEU LA 175 22.91 85.22 26.87
C LEU LA 175 24.01 84.26 26.35
N MET LA 176 25.27 84.44 26.70
CA MET LA 176 26.32 83.47 26.34
C MET LA 176 26.39 82.24 27.28
N GLN LA 177 25.84 82.32 28.49
CA GLN LA 177 25.99 81.22 29.46
C GLN LA 177 25.30 79.93 29.04
N GLN LA 178 25.82 78.80 29.52
CA GLN LA 178 25.20 77.49 29.33
C GLN LA 178 23.97 77.33 30.23
N ASN LA 179 22.99 76.53 29.78
CA ASN LA 179 21.72 76.31 30.47
C ASN LA 179 20.95 77.61 30.74
N LYS LA 180 21.11 78.59 29.86
CA LYS LA 180 20.20 79.72 29.70
C LYS LA 180 18.87 79.26 29.11
N LEU LA 181 17.84 80.05 29.30
CA LEU LA 181 16.60 80.04 28.56
C LEU LA 181 16.37 81.43 28.00
N ILE LA 182 16.21 81.56 26.68
CA ILE LA 182 15.85 82.84 26.04
C ILE LA 182 14.36 82.82 25.79
N VAL LA 183 13.67 83.87 26.21
CA VAL LA 183 12.26 84.07 25.93
C VAL LA 183 12.11 85.28 25.02
N PRO LA 184 11.91 85.09 23.69
CA PRO LA 184 11.64 86.18 22.79
C PRO LA 184 10.31 86.84 23.15
N SER LA 185 10.18 88.14 22.95
CA SER LA 185 8.90 88.81 23.01
C SER LA 185 7.95 88.28 21.93
N LYS LA 186 6.65 88.53 22.10
CA LYS LA 186 5.64 88.21 21.08
C LYS LA 186 5.90 88.95 19.76
N GLN LA 187 6.51 90.13 19.84
CA GLN LA 187 6.95 90.89 18.66
C GLN LA 187 8.13 90.23 17.94
N THR LA 188 9.17 89.75 18.64
CA THR LA 188 10.33 89.15 17.98
C THR LA 188 10.09 87.72 17.51
N GLN LA 189 9.19 86.95 18.14
CA GLN LA 189 8.79 85.64 17.63
C GLN LA 189 7.37 85.26 18.07
N LYS LA 190 6.46 85.06 17.11
CA LYS LA 190 5.17 84.39 17.34
C LYS LA 190 5.40 82.88 17.48
N ARG LA 191 4.77 82.25 18.47
CA ARG LA 191 4.97 80.84 18.83
C ARG LA 191 3.65 80.10 18.93
N ARG LA 192 3.67 78.77 18.79
CA ARG LA 192 2.50 77.90 19.01
C ARG LA 192 2.01 78.01 20.45
N LYS LA 193 2.90 77.78 21.41
CA LYS LA 193 2.63 77.98 22.85
C LYS LA 193 3.22 79.33 23.27
N PRO LA 194 2.48 80.20 23.96
CA PRO LA 194 2.93 81.54 24.32
C PRO LA 194 3.88 81.57 25.53
N TYR LA 195 4.38 80.42 25.97
CA TYR LA 195 5.22 80.23 27.14
C TYR LA 195 6.23 79.12 26.91
N ILE LA 196 7.30 79.11 27.69
CA ILE LA 196 8.25 77.99 27.76
C ILE LA 196 8.14 77.35 29.13
N LYS LA 197 7.92 76.04 29.19
CA LYS LA 197 7.65 75.26 30.39
C LYS LA 197 8.82 74.35 30.70
N LYS LA 198 9.31 74.34 31.94
CA LYS LA 198 10.26 73.33 32.39
C LYS LA 198 10.16 72.97 33.87
N HIS LA 199 10.50 71.73 34.16
CA HIS LA 199 10.45 71.13 35.49
C HIS LA 199 11.81 71.19 36.14
N ILE LA 200 11.85 71.58 37.40
CA ILE LA 200 13.07 71.77 38.18
C ILE LA 200 13.03 70.85 39.40
N SER LA 201 14.06 70.02 39.55
CA SER LA 201 14.18 69.04 40.64
C SER LA 201 14.54 69.73 41.96
N PRO LA 202 14.28 69.16 43.15
CA PRO LA 202 14.74 69.74 44.41
C PRO LA 202 16.26 69.97 44.46
N PRO LA 203 16.75 70.87 45.33
CA PRO LA 203 18.15 70.95 45.68
C PRO LA 203 18.73 69.57 46.01
N THR LA 204 19.98 69.28 45.64
CA THR LA 204 20.57 67.96 45.92
C THR LA 204 20.64 67.63 47.41
N GLN LA 205 20.68 68.68 48.26
CA GLN LA 205 20.70 68.54 49.75
C GLN LA 205 19.29 68.25 50.29
N MET LA 206 18.23 68.64 49.56
CA MET LA 206 16.85 68.28 49.91
C MET LA 206 16.56 66.87 49.37
N LYS LA 207 16.65 65.85 50.22
CA LYS LA 207 16.39 64.47 49.84
C LYS LA 207 14.88 64.20 49.79
N SER LA 208 14.46 63.06 49.27
CA SER LA 208 13.03 62.72 49.16
C SER LA 208 12.33 62.47 50.50
N GLN LA 209 13.08 62.42 51.61
CA GLN LA 209 12.54 62.22 52.95
C GLN LA 209 11.53 63.30 53.39
N TRP LA 210 10.74 63.01 54.41
CA TRP LA 210 9.93 64.00 55.11
C TRP LA 210 10.81 64.91 55.99
N TYR LA 211 10.44 66.17 56.10
CA TYR LA 211 11.07 67.17 56.96
C TYR LA 211 10.00 67.96 57.71
N PHE LA 212 10.23 68.33 58.96
CA PHE LA 212 9.36 69.30 59.61
C PHE LA 212 9.32 70.61 58.82
N GLN LA 213 8.14 71.18 58.63
CA GLN LA 213 7.97 72.45 57.87
C GLN LA 213 8.72 73.59 58.57
N HIS LA 214 8.92 73.55 59.89
CA HIS LA 214 9.68 74.57 60.66
C HIS LA 214 11.15 74.54 60.23
N ASN LA 215 11.69 73.36 59.93
CA ASN LA 215 13.10 73.22 59.55
C ASN LA 215 13.36 73.72 58.13
N ILE LA 216 12.54 73.27 57.17
CA ILE LA 216 12.71 73.62 55.76
C ILE LA 216 12.13 74.97 55.35
N ALA LA 217 11.38 75.66 56.22
CA ALA LA 217 10.70 76.91 55.89
C ALA LA 217 11.59 77.92 55.18
N ASN LA 218 12.80 78.17 55.69
CA ASN LA 218 13.71 79.19 55.18
C ASN LA 218 14.78 78.68 54.21
N ILE LA 219 14.87 77.36 53.95
CA ILE LA 219 15.83 76.77 53.01
C ILE LA 219 15.46 77.23 51.59
N PRO LA 220 16.35 77.91 50.84
CA PRO LA 220 16.03 78.38 49.50
C PRO LA 220 16.04 77.21 48.51
N LEU LA 221 14.86 76.84 47.98
CA LEU LA 221 14.70 75.61 47.13
C LEU LA 221 14.86 75.93 45.63
N LEU LA 222 14.91 77.20 45.26
CA LEU LA 222 15.14 77.62 43.88
C LEU LA 222 15.75 79.02 43.84
N MET LA 223 16.74 79.24 42.97
CA MET LA 223 17.16 80.58 42.55
C MET LA 223 16.81 80.80 41.08
N ILE LA 224 16.15 81.90 40.75
CA ILE LA 224 15.91 82.34 39.37
C ILE LA 224 16.70 83.63 39.13
N ARG LA 225 17.51 83.66 38.07
CA ARG LA 225 18.22 84.85 37.59
C ARG LA 225 17.62 85.27 36.26
N THR LA 226 17.19 86.53 36.13
CA THR LA 226 16.59 87.04 34.89
C THR LA 226 17.18 88.37 34.51
N THR LA 227 17.42 88.61 33.22
CA THR LA 227 17.86 89.92 32.70
C THR LA 227 17.07 90.29 31.45
N ALA LA 228 16.69 91.56 31.32
CA ALA LA 228 16.01 92.12 30.18
C ALA LA 228 16.97 92.35 28.99
N LEU LA 229 16.49 92.10 27.77
CA LEU LA 229 17.30 91.86 26.59
C LEU LA 229 16.63 92.47 25.35
N THR LA 230 17.40 92.79 24.31
CA THR LA 230 16.83 92.80 22.96
C THR LA 230 17.70 92.00 22.00
N LEU LA 231 17.07 91.13 21.21
CA LEU LA 231 17.71 90.34 20.17
C LEU LA 231 17.85 91.12 18.86
N ASP LA 232 16.83 91.89 18.47
CA ASP LA 232 16.79 92.65 17.21
C ASP LA 232 17.57 93.98 17.23
N ASN LA 233 17.86 94.52 18.41
CA ASN LA 233 18.61 95.77 18.61
C ASN LA 233 19.88 95.49 19.42
N TYR LA 234 20.45 94.29 19.31
CA TYR LA 234 21.52 93.81 20.19
C TYR LA 234 22.74 94.75 20.24
N TYR LA 235 23.20 95.28 19.11
CA TYR LA 235 24.34 96.17 19.07
C TYR LA 235 23.97 97.64 19.25
N ILE LA 236 22.98 98.13 18.49
CA ILE LA 236 22.57 99.53 18.52
C ILE LA 236 21.93 99.89 19.87
N GLY LA 237 21.10 99.00 20.42
CA GLY LA 237 20.41 99.18 21.69
C GLY LA 237 19.53 100.41 21.65
N SER LA 238 19.84 101.40 22.47
CA SER LA 238 19.20 102.73 22.46
C SER LA 238 20.14 103.87 22.08
N ARG LA 239 21.25 103.59 21.39
CA ARG LA 239 22.18 104.57 20.84
C ARG LA 239 21.46 105.61 20.00
N GLN LA 240 21.86 106.87 20.15
CA GLN LA 240 21.43 108.01 19.33
C GLN LA 240 22.66 108.73 18.78
N LEU LA 241 22.64 109.15 17.51
CA LEU LA 241 23.77 109.80 16.84
C LEU LA 241 25.05 108.92 16.89
N SER LA 242 26.16 109.44 17.41
CA SER LA 242 27.45 108.75 17.49
C SER LA 242 27.42 107.50 18.37
N THR LA 243 28.35 106.57 18.14
CA THR LA 243 28.58 105.43 19.06
C THR LA 243 29.13 105.88 20.42
N ASN LA 244 29.84 107.01 20.46
CA ASN LA 244 30.38 107.60 21.70
C ASN LA 244 29.25 108.07 22.63
N VAL LA 245 29.36 107.76 23.91
CA VAL LA 245 28.54 108.31 24.99
C VAL LA 245 29.34 109.35 25.76
N THR LA 246 28.70 110.44 26.18
CA THR LA 246 29.35 111.49 26.98
C THR LA 246 29.14 111.23 28.47
N ILE LA 247 30.22 111.18 29.24
CA ILE LA 247 30.22 111.03 30.70
C ILE LA 247 30.61 112.37 31.30
N HIS LA 248 29.87 112.86 32.29
CA HIS LA 248 30.29 114.06 33.06
C HIS LA 248 31.08 113.54 34.25
N THR LA 249 32.09 114.26 34.73
CA THR LA 249 32.86 113.88 35.92
C THR LA 249 33.31 115.10 36.72
N LEU LA 250 33.63 114.88 38.01
CA LEU LA 250 34.23 115.96 38.83
C LEU LA 250 35.71 116.04 38.45
N ASN LA 251 36.22 117.21 38.05
CA ASN LA 251 37.67 117.36 37.79
C ASN LA 251 38.39 116.73 38.97
N THR LA 252 39.26 115.74 38.74
CA THR LA 252 40.00 115.04 39.81
C THR LA 252 41.18 115.90 40.20
N THR LA 253 41.75 116.66 39.27
CA THR LA 253 42.97 117.44 39.50
C THR LA 253 42.75 118.71 40.34
N TYR LA 254 41.52 119.00 40.77
CA TYR LA 254 41.20 120.18 41.58
C TYR LA 254 40.20 119.88 42.71
N ILE LA 255 39.16 119.06 42.46
CA ILE LA 255 38.15 118.69 43.45
C ILE LA 255 38.56 117.37 44.13
N GLN LA 256 39.17 117.41 45.32
CA GLN LA 256 39.64 116.15 45.94
C GLN LA 256 39.38 116.08 47.44
N ASN LA 257 39.01 117.18 48.09
CA ASN LA 257 38.95 117.16 49.55
C ASN LA 257 37.82 116.31 50.16
N ARG LA 258 36.73 116.07 49.40
CA ARG LA 258 35.59 115.22 49.85
C ARG LA 258 35.02 115.68 51.21
N ASP LA 259 35.10 116.96 51.54
CA ASP LA 259 34.55 117.51 52.79
C ASP LA 259 33.12 118.05 52.60
N TRP LA 260 32.20 117.21 52.14
CA TRP LA 260 30.88 117.65 51.65
C TRP LA 260 29.75 117.62 52.67
N GLY LA 261 28.71 118.43 52.41
CA GLY LA 261 27.42 118.32 53.07
C GLY LA 261 27.31 118.98 54.45
N ASP LA 262 28.05 120.08 54.69
CA ASP LA 262 27.87 120.95 55.86
C ASP LA 262 27.72 122.43 55.44
N ARG LA 263 26.85 123.17 56.14
CA ARG LA 263 26.79 124.65 55.97
C ARG LA 263 27.66 125.24 57.09
N ASN LA 264 28.25 124.38 57.94
CA ASN LA 264 29.08 124.75 59.09
C ASN LA 264 30.59 124.78 58.77
N LYS LA 265 30.97 124.72 57.49
CA LYS LA 265 32.37 124.58 57.03
C LYS LA 265 32.58 125.35 55.72
N THR LA 266 33.54 126.27 55.67
CA THR LA 266 33.95 126.91 54.42
C THR LA 266 34.63 125.88 53.52
N TYR LA 267 34.13 125.66 52.30
CA TYR LA 267 34.65 124.61 51.43
C TYR LA 267 35.96 125.01 50.76
N TYR LA 268 36.89 124.07 50.69
CA TYR LA 268 38.18 124.17 50.02
C TYR LA 268 38.34 122.92 49.16
N CYS LA 269 38.78 123.06 47.92
CA CYS LA 269 38.67 121.99 46.93
C CYS LA 269 39.84 121.00 46.96
N GLN LA 270 41.06 121.46 47.24
CA GLN LA 270 42.23 120.59 47.39
C GLN LA 270 43.22 121.13 48.44
N THR LA 271 44.05 120.24 48.97
CA THR LA 271 45.28 120.57 49.71
C THR LA 271 46.49 120.13 48.90
N LEU LA 272 47.52 120.98 48.83
CA LEU LA 272 48.84 120.61 48.27
C LEU LA 272 49.93 121.10 49.24
N GLY LA 273 50.87 120.23 49.60
CA GLY LA 273 51.81 120.51 50.69
C GLY LA 273 51.06 120.83 51.99
N THR LA 274 51.26 122.04 52.53
CA THR LA 274 50.50 122.58 53.67
C THR LA 274 49.30 123.44 53.25
N GLN LA 275 49.18 123.82 51.97
CA GLN LA 275 48.19 124.80 51.51
C GLN LA 275 46.77 124.23 51.45
N ARG LA 276 45.79 125.14 51.39
CA ARG LA 276 44.40 124.87 50.99
C ARG LA 276 44.06 125.75 49.78
N TYR LA 277 43.25 125.24 48.86
CA TYR LA 277 42.85 125.95 47.65
C TYR LA 277 41.32 126.12 47.63
N PHE LA 278 40.87 127.24 47.09
CA PHE LA 278 39.54 127.77 47.23
C PHE LA 278 38.99 128.22 45.87
N LEU LA 279 37.68 128.16 45.74
CA LEU LA 279 36.95 128.49 44.51
C LEU LA 279 36.08 129.72 44.75
N TYR LA 280 35.93 130.56 43.74
CA TYR LA 280 35.08 131.75 43.77
C TYR LA 280 34.31 131.88 42.47
N GLY LA 281 33.02 132.17 42.52
CA GLY LA 281 32.21 132.47 41.33
C GLY LA 281 32.24 133.96 41.02
N THR LA 282 32.03 134.35 39.76
CA THR LA 282 31.76 135.75 39.44
C THR LA 282 30.81 135.87 38.25
N HIS LA 283 30.05 136.98 38.21
CA HIS LA 283 29.20 137.29 37.03
C HIS LA 283 29.94 138.33 36.18
N SER LA 284 31.18 138.68 36.57
CA SER LA 284 31.96 139.71 35.87
C SER LA 284 32.18 139.37 34.40
N THR LA 285 32.06 140.38 33.55
CA THR LA 285 32.42 140.33 32.12
C THR LA 285 33.92 140.56 31.88
N ALA LA 286 34.72 140.78 32.93
CA ALA LA 286 36.15 141.03 32.80
C ALA LA 286 36.87 139.88 32.09
N GLN LA 287 37.67 140.22 31.08
CA GLN LA 287 38.39 139.24 30.26
C GLN LA 287 39.70 138.75 30.92
N ASN LA 288 40.30 139.57 31.79
CA ASN LA 288 41.61 139.29 32.37
C ASN LA 288 41.49 138.92 33.85
N ILE LA 289 41.99 137.74 34.21
CA ILE LA 289 41.95 137.21 35.58
C ILE LA 289 42.66 138.12 36.61
N ASN LA 290 43.62 138.93 36.16
CA ASN LA 290 44.35 139.83 37.05
C ASN LA 290 43.51 141.01 37.56
N ASP LA 291 42.66 141.62 36.70
CA ASP LA 291 41.95 142.90 37.02
C ASP LA 291 40.59 142.75 37.72
N ILE LA 292 40.05 141.54 37.84
CA ILE LA 292 38.81 141.32 38.60
C ILE LA 292 39.00 141.88 40.03
N LYS LA 293 37.96 142.52 40.58
CA LYS LA 293 38.02 143.12 41.93
C LYS LA 293 38.06 142.03 43.03
N LEU LA 294 38.23 142.46 44.28
CA LEU LA 294 38.09 141.51 45.42
C LEU LA 294 36.59 141.38 45.67
N GLN LA 295 35.79 142.35 45.21
CA GLN LA 295 34.31 142.37 45.39
C GLN LA 295 33.62 141.41 44.43
N GLU LA 296 34.04 141.36 43.16
CA GLU LA 296 33.35 140.54 42.13
C GLU LA 296 33.20 139.09 42.61
N LEU LA 297 34.22 138.53 43.25
CA LEU LA 297 34.22 137.10 43.65
C LEU LA 297 33.05 136.77 44.59
N ILE LA 298 32.36 135.64 44.38
CA ILE LA 298 31.26 135.15 45.27
C ILE LA 298 31.86 133.92 45.97
N PRO LA 299 32.40 134.04 47.20
CA PRO LA 299 33.13 132.96 47.85
C PRO LA 299 32.17 131.85 48.19
N LEU LA 300 32.65 130.60 48.24
CA LEU LA 300 31.80 129.42 48.52
C LEU LA 300 32.04 128.95 49.97
N THR LA 301 31.05 129.14 50.86
CA THR LA 301 31.14 128.76 52.29
C THR LA 301 30.18 127.63 52.58
N ASN LA 302 29.45 127.14 51.56
CA ASN LA 302 28.53 126.01 51.72
C ASN LA 302 28.74 125.05 50.55
N THR LA 303 28.68 123.73 50.79
CA THR LA 303 28.44 122.75 49.70
C THR LA 303 27.09 122.06 49.79
N GLN LA 304 26.48 122.05 50.98
CA GLN LA 304 25.22 121.30 51.29
C GLN LA 304 23.95 121.82 50.61
N ASP LA 305 23.97 123.00 50.00
CA ASP LA 305 22.71 123.55 49.41
C ASP LA 305 22.78 123.76 47.90
N TYR LA 306 21.62 123.87 47.26
CA TYR LA 306 21.53 124.20 45.83
C TYR LA 306 21.78 125.70 45.54
N VAL LA 307 21.90 126.53 46.58
CA VAL LA 307 21.92 127.99 46.45
C VAL LA 307 23.07 128.49 45.57
N GLN LA 308 22.77 129.45 44.68
CA GLN LA 308 23.74 130.09 43.78
C GLN LA 308 24.64 131.10 44.49
N GLY LA 309 24.16 131.69 45.58
CA GLY LA 309 24.73 132.89 46.16
C GLY LA 309 24.34 134.13 45.35
N PHE LA 310 24.97 135.26 45.64
CA PHE LA 310 24.79 136.51 44.90
C PHE LA 310 26.02 137.41 45.04
N ASP LA 311 26.12 138.40 44.16
CA ASP LA 311 27.24 139.34 44.10
C ASP LA 311 27.13 140.45 45.16
N TRP LA 312 28.27 141.05 45.55
CA TRP LA 312 28.35 142.16 46.50
C TRP LA 312 27.55 143.39 46.06
N THR LA 313 27.29 143.55 44.77
CA THR LA 313 26.38 144.59 44.25
C THR LA 313 24.95 144.46 44.77
N GLU LA 314 24.54 143.30 45.32
CA GLU LA 314 23.24 143.10 45.98
C GLU LA 314 23.30 143.26 47.51
N LYS LA 315 24.39 143.83 48.06
CA LYS LA 315 24.52 144.18 49.49
C LYS LA 315 23.26 144.84 50.06
N ASP LA 316 22.73 145.84 49.36
CA ASP LA 316 21.54 146.58 49.78
C ASP LA 316 20.21 145.83 49.61
N LYS LA 317 20.17 144.72 48.85
CA LYS LA 317 18.97 143.88 48.72
C LYS LA 317 18.79 142.92 49.90
N HIS LA 318 19.91 142.54 50.56
CA HIS LA 318 19.92 141.60 51.72
C HIS LA 318 20.43 142.33 52.98
N ASN LA 319 20.32 143.64 53.05
CA ASN LA 319 20.68 144.47 54.22
C ASN LA 319 22.06 144.10 54.80
N ILE LA 320 23.00 143.73 53.93
CA ILE LA 320 24.34 143.30 54.33
C ILE LA 320 25.15 144.50 54.83
N THR LA 321 25.77 144.35 56.01
CA THR LA 321 26.62 145.39 56.61
C THR LA 321 28.11 145.11 56.46
N THR LA 322 28.52 143.85 56.30
CA THR LA 322 29.93 143.43 56.28
C THR LA 322 30.17 142.27 55.32
N TYR LA 323 31.42 142.05 54.93
CA TYR LA 323 31.79 140.85 54.18
C TYR LA 323 31.47 139.55 54.93
N LYS LA 324 31.45 139.57 56.28
CA LYS LA 324 30.95 138.44 57.09
C LYS LA 324 29.49 138.10 56.79
N GLU LA 325 28.61 139.10 56.66
CA GLU LA 325 27.22 138.89 56.21
C GLU LA 325 27.11 138.57 54.72
N PHE LA 326 28.03 139.06 53.88
CA PHE LA 326 28.11 138.62 52.48
C PHE LA 326 28.48 137.14 52.36
N LEU LA 327 29.45 136.66 53.14
CA LEU LA 327 29.83 135.24 53.26
C LEU LA 327 28.65 134.36 53.68
N THR LA 328 27.86 134.78 54.68
CA THR LA 328 26.78 133.93 55.19
C THR LA 328 25.54 134.00 54.32
N LYS LA 329 25.12 135.18 53.85
CA LYS LA 329 23.91 135.31 53.01
C LYS LA 329 24.17 134.99 51.53
N GLY LA 330 25.31 135.40 50.99
CA GLY LA 330 25.54 135.50 49.55
C GLY LA 330 26.52 134.48 48.96
N ALA LA 331 27.14 133.61 49.75
CA ALA LA 331 28.02 132.58 49.20
C ALA LA 331 27.28 131.55 48.32
N GLY LA 332 27.96 131.07 47.28
CA GLY LA 332 27.40 130.15 46.28
C GLY LA 332 27.87 128.71 46.45
N ASN LA 333 27.01 127.72 46.22
CA ASN LA 333 27.46 126.33 46.25
C ASN LA 333 28.11 125.98 44.90
N PRO LA 334 29.30 125.36 44.86
CA PRO LA 334 30.05 125.16 43.61
C PRO LA 334 29.32 124.25 42.61
N PHE LA 335 28.40 123.42 43.11
CA PHE LA 335 27.60 122.49 42.34
C PHE LA 335 26.24 123.07 41.88
N HIS LA 336 25.98 124.37 42.07
CA HIS LA 336 24.82 125.01 41.47
C HIS LA 336 24.91 124.94 39.92
N ALA LA 337 23.78 124.96 39.22
CA ALA LA 337 23.70 124.67 37.78
C ALA LA 337 24.56 125.58 36.88
N GLU LA 338 24.93 126.79 37.33
CA GLU LA 338 25.87 127.65 36.59
C GLU LA 338 27.33 127.48 37.03
N TRP LA 339 27.60 127.21 38.30
CA TRP LA 339 28.99 127.01 38.79
C TRP LA 339 29.54 125.60 38.49
N ILE LA 340 28.68 124.57 38.44
CA ILE LA 340 29.06 123.16 38.23
C ILE LA 340 29.86 122.95 36.94
N THR LA 341 29.49 123.64 35.86
CA THR LA 341 30.18 123.65 34.55
C THR LA 341 30.77 125.02 34.20
N ALA LA 342 30.82 125.94 35.18
CA ALA LA 342 31.29 127.32 35.01
C ALA LA 342 30.64 128.04 33.80
N GLN LA 343 29.32 127.92 33.65
CA GLN LA 343 28.56 128.66 32.64
C GLN LA 343 28.81 130.17 32.79
N ASN LA 344 28.82 130.65 34.04
CA ASN LA 344 29.40 131.92 34.44
C ASN LA 344 30.76 131.62 35.09
N PRO LA 345 31.82 132.41 34.82
CA PRO LA 345 33.19 132.06 35.22
C PRO LA 345 33.36 131.73 36.70
N VAL LA 346 34.23 130.76 36.96
CA VAL LA 346 34.61 130.27 38.30
C VAL LA 346 36.12 130.30 38.40
N ILE LA 347 36.62 130.83 39.52
CA ILE LA 347 38.01 131.15 39.75
C ILE LA 347 38.58 130.27 40.86
N HIS LA 348 39.67 129.56 40.60
CA HIS LA 348 40.38 128.70 41.56
C HIS LA 348 41.64 129.42 42.05
N THR LA 349 41.91 129.44 43.35
CA THR LA 349 43.06 130.16 43.93
C THR LA 349 43.56 129.53 45.23
N ALA LA 350 44.82 129.76 45.58
CA ALA LA 350 45.34 129.48 46.91
C ALA LA 350 44.87 130.50 47.96
N ASN LA 351 44.40 131.68 47.55
CA ASN LA 351 44.07 132.74 48.49
C ASN LA 351 42.78 132.46 49.27
N SER LA 352 42.92 132.16 50.56
CA SER LA 352 41.79 131.83 51.43
C SER LA 352 40.83 133.01 51.56
N PRO LA 353 39.50 132.77 51.63
CA PRO LA 353 38.52 133.81 51.92
C PRO LA 353 38.86 134.61 53.18
N THR LA 354 39.49 134.01 54.19
CA THR LA 354 39.89 134.73 55.40
C THR LA 354 41.00 135.75 55.17
N GLN LA 355 41.89 135.54 54.20
CA GLN LA 355 42.80 136.62 53.79
C GLN LA 355 42.00 137.75 53.10
N ILE LA 356 41.00 137.42 52.28
CA ILE LA 356 40.07 138.42 51.73
C ILE LA 356 39.25 139.10 52.84
N GLU LA 357 38.84 138.38 53.89
CA GLU LA 357 38.17 138.96 55.08
C GLU LA 357 39.09 139.99 55.72
N GLN LA 358 40.36 139.66 55.94
CA GLN LA 358 41.34 140.60 56.50
C GLN LA 358 41.46 141.84 55.61
N ILE LA 359 41.51 141.71 54.28
CA ILE LA 359 41.56 142.88 53.38
C ILE LA 359 40.29 143.72 53.46
N TYR LA 360 39.10 143.10 53.44
CA TYR LA 360 37.83 143.83 53.60
C TYR LA 360 37.73 144.51 54.97
N THR LA 361 37.89 143.74 56.05
CA THR LA 361 37.68 144.21 57.43
C THR LA 361 38.72 145.24 57.82
N ALA LA 362 39.98 145.12 57.36
CA ALA LA 362 40.99 146.14 57.59
C ALA LA 362 40.58 147.50 57.01
N SER LA 363 40.04 147.52 55.78
CA SER LA 363 39.30 148.70 55.26
C SER LA 363 38.36 148.34 54.10
N THR LA 364 37.07 148.58 54.31
CA THR LA 364 36.00 148.37 53.31
C THR LA 364 36.15 149.31 52.11
N THR LA 365 36.68 150.51 52.34
CA THR LA 365 36.97 151.49 51.27
C THR LA 365 38.09 151.01 50.34
N THR LA 366 39.10 150.29 50.84
CA THR LA 366 40.15 149.72 49.97
C THR LA 366 39.74 148.38 49.36
N PHE LA 367 38.66 147.74 49.81
CA PHE LA 367 38.07 146.57 49.11
C PHE LA 367 37.54 146.94 47.72
N GLN LA 368 37.03 148.17 47.55
CA GLN LA 368 36.70 148.76 46.24
C GLN LA 368 37.95 148.89 45.35
N ASN LA 369 39.07 149.35 45.93
CA ASN LA 369 40.30 149.62 45.19
C ASN LA 369 41.05 148.33 44.82
N LYS LA 370 41.14 147.35 45.73
CA LYS LA 370 41.93 146.13 45.53
C LYS LA 370 41.32 145.25 44.42
N LYS LA 371 42.21 144.74 43.56
CA LYS LA 371 41.92 143.76 42.50
C LYS LA 371 42.63 142.43 42.80
N LEU LA 372 42.51 141.45 41.91
CA LEU LA 372 43.19 140.16 42.00
C LEU LA 372 44.72 140.28 41.85
N THR LA 373 45.24 141.37 41.27
CA THR LA 373 46.65 141.78 41.39
C THR LA 373 47.04 142.09 42.84
N ASP LA 374 48.29 141.82 43.21
CA ASP LA 374 48.88 142.15 44.51
C ASP LA 374 48.10 141.62 45.73
N LEU LA 375 47.34 140.53 45.56
CA LEU LA 375 46.72 139.79 46.67
C LEU LA 375 47.69 138.78 47.29
N PRO LA 376 47.47 138.36 48.55
CA PRO LA 376 48.24 137.27 49.15
C PRO LA 376 47.98 135.96 48.41
N THR LA 377 49.02 135.14 48.25
CA THR LA 377 49.00 133.84 47.53
C THR LA 377 48.05 133.85 46.32
N PRO LA 378 48.26 134.72 45.31
CA PRO LA 378 47.28 134.86 44.23
C PRO LA 378 47.40 133.92 43.04
N GLY LA 379 47.00 132.65 43.22
CA GLY LA 379 47.01 131.66 42.13
C GLY LA 379 45.67 131.69 41.43
N TYR LA 380 45.14 132.88 41.13
CA TYR LA 380 43.80 133.04 40.48
C TYR LA 380 43.86 132.46 39.07
N ILE LA 381 43.08 131.40 38.79
CA ILE LA 381 43.07 130.72 37.46
C ILE LA 381 41.60 130.57 37.05
N PHE LA 382 41.28 130.08 35.85
CA PHE LA 382 39.86 129.79 35.46
C PHE LA 382 39.72 128.28 35.37
N ILE LA 383 39.05 127.64 36.35
CA ILE LA 383 38.93 126.17 36.42
C ILE LA 383 37.45 125.78 36.48
N THR LA 384 37.06 124.71 35.79
CA THR LA 384 35.68 124.20 35.78
C THR LA 384 35.56 122.99 36.71
N PRO LA 385 34.61 122.95 37.67
CA PRO LA 385 34.44 121.80 38.55
C PRO LA 385 34.10 120.50 37.81
N THR LA 386 33.38 120.60 36.69
CA THR LA 386 33.04 119.48 35.81
C THR LA 386 33.87 119.49 34.54
N VAL LA 387 34.23 118.30 34.07
CA VAL LA 387 34.67 118.04 32.69
C VAL LA 387 33.77 116.97 32.07
N SER LA 388 33.55 117.04 30.76
CA SER LA 388 32.83 116.00 29.99
C SER LA 388 33.83 115.15 29.21
N LEU LA 389 33.79 113.84 29.42
CA LEU LA 389 34.58 112.84 28.69
C LEU LA 389 33.72 112.18 27.60
N ARG LA 390 34.35 111.67 26.55
CA ARG LA 390 33.73 110.76 25.58
C ARG LA 390 34.23 109.34 25.79
N TYR LA 391 33.33 108.39 25.91
CA TYR LA 391 33.61 106.96 26.03
C TYR LA 391 33.08 106.22 24.80
N ASN LA 392 33.89 105.34 24.23
CA ASN LA 392 33.48 104.47 23.15
C ASN LA 392 33.67 103.01 23.59
N PRO LA 393 32.61 102.18 23.65
CA PRO LA 393 32.72 100.82 24.16
C PRO LA 393 33.56 99.92 23.25
N TYR LA 394 33.61 100.21 21.95
CA TYR LA 394 34.36 99.38 20.97
C TYR LA 394 35.85 99.71 21.06
N LYS LA 395 36.19 100.86 21.65
CA LYS LA 395 37.61 101.29 21.81
C LYS LA 395 38.12 100.86 23.19
N ASP LA 396 37.31 100.14 23.96
CA ASP LA 396 37.68 99.74 25.36
C ASP LA 396 38.32 98.35 25.38
N LEU LA 397 39.54 98.23 25.92
CA LEU LA 397 40.28 96.97 25.93
C LEU LA 397 40.40 96.35 27.33
N ALA LA 398 39.88 97.02 28.37
CA ALA LA 398 39.84 96.50 29.73
C ALA LA 398 41.19 96.10 30.34
N GLU LA 399 42.32 96.69 29.93
CA GLU LA 399 43.64 96.29 30.43
C GLU LA 399 43.96 96.87 31.81
N ARG LA 400 43.43 98.06 32.12
CA ARG LA 400 43.66 98.77 33.40
C ARG LA 400 42.39 99.39 33.96
N ASN LA 401 41.24 98.83 33.58
CA ASN LA 401 39.93 99.23 34.10
C ASN LA 401 39.77 98.81 35.57
N LYS LA 402 39.08 99.63 36.36
CA LYS LA 402 38.94 99.45 37.82
C LYS LA 402 37.73 100.21 38.33
N CYS LA 403 37.15 99.81 39.45
CA CYS LA 403 35.91 100.39 39.98
C CYS LA 403 35.77 100.11 41.48
N TYR LA 404 35.41 101.11 42.28
CA TYR LA 404 35.22 100.98 43.74
C TYR LA 404 34.44 102.16 44.35
N PHE LA 405 33.96 102.00 45.58
CA PHE LA 405 33.28 103.05 46.34
C PHE LA 405 34.19 103.66 47.41
N VAL LA 406 34.17 104.98 47.54
CA VAL LA 406 34.86 105.75 48.60
C VAL LA 406 33.84 106.49 49.44
N ARG LA 407 34.16 106.79 50.70
CA ARG LA 407 33.27 107.47 51.66
C ARG LA 407 33.13 108.95 51.29
N SER LA 408 31.92 109.44 51.04
CA SER LA 408 31.69 110.84 50.64
C SER LA 408 31.70 111.81 51.83
N LYS LA 409 30.89 111.54 52.87
CA LYS LA 409 30.91 112.31 54.13
C LYS LA 409 31.99 111.81 55.10
N ILE LA 410 33.26 112.00 54.78
CA ILE LA 410 34.37 111.92 55.74
C ILE LA 410 35.45 112.96 55.43
N ASN LA 411 36.23 113.30 56.45
CA ASN LA 411 37.34 114.24 56.34
C ASN LA 411 38.63 113.54 55.85
N ALA LA 412 38.61 112.96 54.65
CA ALA LA 412 39.77 112.30 54.05
C ALA LA 412 40.04 112.76 52.62
N HIS LA 413 41.31 113.04 52.33
CA HIS LA 413 41.75 113.57 51.05
C HIS LA 413 41.89 112.47 50.00
N GLY LA 414 41.73 112.85 48.72
CA GLY LA 414 42.09 112.01 47.59
C GLY LA 414 41.10 110.90 47.27
N TRP LA 415 41.37 110.20 46.17
CA TRP LA 415 40.44 109.28 45.50
C TRP LA 415 40.96 107.84 45.43
N ASP LA 416 42.10 107.55 46.06
CA ASP LA 416 42.71 106.19 45.96
C ASP LA 416 41.72 105.11 46.43
N PRO LA 417 41.79 103.87 45.92
CA PRO LA 417 40.92 102.81 46.42
C PRO LA 417 41.18 102.70 47.91
N GLU LA 418 40.12 102.69 48.72
CA GLU LA 418 40.26 102.68 50.20
C GLU LA 418 39.24 101.70 50.82
N GLN LA 419 39.31 101.52 52.14
CA GLN LA 419 38.36 100.62 52.85
C GLN LA 419 38.50 99.19 52.26
N HIS LA 420 37.41 98.59 51.75
CA HIS LA 420 37.43 97.19 51.25
C HIS LA 420 38.25 97.10 49.96
N GLN LA 421 39.38 96.38 50.00
CA GLN LA 421 40.22 96.17 48.80
C GLN LA 421 39.75 94.88 48.11
N GLU LA 422 38.97 94.04 48.80
CA GLU LA 422 38.37 92.88 48.16
C GLU LA 422 37.12 93.22 47.33
N LEU LA 423 36.52 94.39 47.56
CA LEU LA 423 35.37 94.88 46.79
C LEU LA 423 35.77 95.61 45.51
N ILE LA 424 37.04 95.92 45.31
CA ILE LA 424 37.53 96.51 44.05
C ILE LA 424 37.22 95.55 42.90
N ASN LA 425 36.58 96.07 41.83
CA ASN LA 425 36.22 95.30 40.60
C ASN LA 425 37.15 95.75 39.47
N SER LA 426 37.89 94.85 38.81
CA SER LA 426 38.94 95.19 37.85
C SER LA 426 38.88 94.37 36.57
N ASP LA 427 39.51 94.88 35.52
CA ASP LA 427 39.86 94.13 34.29
C ASP LA 427 38.67 93.58 33.47
N LEU LA 428 37.56 94.33 33.39
CA LEU LA 428 36.46 94.10 32.45
C LEU LA 428 36.14 95.43 31.75
N PRO LA 429 35.57 95.43 30.54
CA PRO LA 429 35.19 96.68 29.89
C PRO LA 429 34.13 97.41 30.71
N GLN LA 430 34.19 98.75 30.81
CA GLN LA 430 33.32 99.55 31.73
C GLN LA 430 31.82 99.25 31.68
N TRP LA 431 31.26 98.88 30.54
CA TRP LA 431 29.86 98.49 30.42
C TRP LA 431 29.57 97.13 31.08
N LEU LA 432 30.54 96.23 31.18
CA LEU LA 432 30.45 94.99 31.94
C LEU LA 432 30.89 95.18 33.39
N LEU LA 433 31.92 95.97 33.64
CA LEU LA 433 32.47 96.21 34.97
C LEU LA 433 31.46 96.90 35.91
N LEU LA 434 30.69 97.87 35.40
CA LEU LA 434 29.72 98.61 36.19
C LEU LA 434 28.39 97.87 36.36
N PHE LA 435 28.05 96.91 35.49
CA PHE LA 435 26.71 96.30 35.47
C PHE LA 435 26.42 95.55 36.77
N GLY LA 436 25.41 95.97 37.53
CA GLY LA 436 25.04 95.34 38.80
C GLY LA 436 26.05 95.49 39.93
N TYR LA 437 27.18 96.18 39.73
CA TYR LA 437 28.20 96.33 40.77
C TYR LA 437 27.71 97.12 42.00
N PRO LA 438 27.01 98.26 41.86
CA PRO LA 438 26.39 98.93 43.01
C PRO LA 438 25.42 98.04 43.80
N ASP LA 439 24.62 97.21 43.13
CA ASP LA 439 23.72 96.30 43.83
C ASP LA 439 24.44 95.15 44.52
N TYR LA 440 25.51 94.61 43.94
CA TYR LA 440 26.35 93.66 44.66
C TYR LA 440 26.90 94.29 45.94
N ILE LA 441 27.36 95.54 45.88
CA ILE LA 441 27.88 96.25 47.03
C ILE LA 441 26.79 96.50 48.08
N LYS LA 442 25.61 96.97 47.68
CA LYS LA 442 24.47 97.12 48.59
C LYS LA 442 24.07 95.80 49.26
N ARG LA 443 23.95 94.71 48.49
CA ARG LA 443 23.55 93.39 49.03
C ARG LA 443 24.66 92.84 49.95
N THR LA 444 25.93 93.17 49.66
CA THR LA 444 27.06 92.77 50.52
C THR LA 444 27.00 93.45 51.90
N GLN LA 445 26.44 94.65 52.00
CA GLN LA 445 26.21 95.35 53.31
C GLN LA 445 27.53 95.65 54.06
N ASN LA 446 28.67 95.65 53.39
CA ASN LA 446 29.96 96.02 54.01
C ASN LA 446 30.19 97.54 54.09
N PHE LA 447 29.25 98.35 53.58
CA PHE LA 447 29.27 99.81 53.66
C PHE LA 447 27.98 100.33 54.30
N ALA LA 448 28.03 101.51 54.93
CA ALA LA 448 26.85 102.18 55.44
C ALA LA 448 25.87 102.47 54.28
N LEU LA 449 24.62 102.01 54.42
CA LEU LA 449 23.77 101.67 53.28
C LEU LA 449 23.37 102.86 52.39
N VAL LA 450 23.36 104.08 52.93
CA VAL LA 450 22.71 105.21 52.27
C VAL LA 450 23.53 105.78 51.10
N ASP LA 451 22.87 106.02 49.96
CA ASP LA 451 23.56 106.51 48.72
C ASP LA 451 24.30 107.82 48.95
N THR LA 452 23.87 108.63 49.92
CA THR LA 452 24.48 109.93 50.17
C THR LA 452 25.86 109.87 50.82
N ASN LA 453 26.26 108.72 51.37
CA ASN LA 453 27.47 108.61 52.19
C ASN LA 453 28.65 107.99 51.43
N TYR LA 454 28.48 107.63 50.16
CA TYR LA 454 29.53 107.06 49.31
C TYR LA 454 29.52 107.70 47.92
N ILE LA 455 30.65 107.61 47.23
CA ILE LA 455 30.82 107.94 45.82
C ILE LA 455 31.41 106.71 45.13
N LEU LA 456 30.96 106.45 43.93
CA LEU LA 456 31.55 105.51 42.98
C LEU LA 456 32.64 106.21 42.16
N VAL LA 457 33.80 105.57 42.09
CA VAL LA 457 35.03 106.04 41.45
C VAL LA 457 35.51 104.94 40.51
N ASP LA 458 35.90 105.27 39.27
CA ASP LA 458 36.41 104.26 38.34
C ASP LA 458 37.58 104.77 37.50
N HIS LA 459 38.50 103.87 37.15
CA HIS LA 459 39.63 104.15 36.26
C HIS LA 459 39.36 103.52 34.90
N CYS LA 460 39.62 104.25 33.82
CA CYS LA 460 39.46 103.78 32.46
C CYS LA 460 40.42 104.54 31.53
N PRO LA 461 41.47 103.89 31.00
CA PRO LA 461 42.38 104.48 30.01
C PRO LA 461 41.72 104.97 28.72
N TYR LA 462 40.51 104.51 28.41
CA TYR LA 462 39.99 104.47 27.05
C TYR LA 462 39.02 105.60 26.70
N THR LA 463 38.74 106.54 27.60
CA THR LA 463 38.12 107.81 27.19
C THR LA 463 39.11 108.64 26.38
N ASN LA 464 38.61 109.44 25.43
CA ASN LA 464 39.49 110.20 24.53
C ASN LA 464 40.22 111.35 25.24
N PRO LA 465 39.54 112.27 25.93
CA PRO LA 465 40.14 112.98 27.06
C PRO LA 465 40.23 112.03 28.26
N GLU LA 466 40.99 112.38 29.30
CA GLU LA 466 41.15 111.55 30.49
C GLU LA 466 41.15 112.37 31.78
N LYS LA 467 40.81 111.69 32.87
CA LYS LA 467 41.08 112.07 34.27
C LYS LA 467 41.50 110.80 35.01
N THR LA 468 42.42 110.89 35.97
CA THR LA 468 43.09 109.71 36.54
C THR LA 468 42.07 108.72 37.12
N PRO LA 469 41.27 109.07 38.14
CA PRO LA 469 39.95 108.49 38.33
C PRO LA 469 38.87 109.34 37.63
N PHE LA 470 37.70 108.72 37.49
CA PHE LA 470 36.49 109.44 37.02
C PHE LA 470 35.53 109.46 38.19
N ILE LA 471 34.76 110.53 38.36
CA ILE LA 471 33.69 110.57 39.41
C ILE LA 471 32.40 110.78 38.62
N PRO LA 472 31.84 109.76 37.93
CA PRO LA 472 30.70 110.00 37.05
C PRO LA 472 29.60 110.79 37.75
N LEU LA 473 28.96 111.74 37.05
CA LEU LA 473 27.82 112.49 37.56
C LEU LA 473 26.70 112.49 36.53
N SER LA 474 25.46 112.33 36.98
CA SER LA 474 24.31 112.29 36.07
C SER LA 474 24.01 113.67 35.52
N THR LA 475 23.48 113.72 34.30
CA THR LA 475 23.03 114.96 33.65
C THR LA 475 22.06 115.74 34.53
N SER LA 476 21.23 115.08 35.34
CA SER LA 476 20.36 115.74 36.31
C SER LA 476 21.13 116.56 37.36
N PHE LA 477 22.21 116.05 37.93
CA PHE LA 477 23.04 116.80 38.88
C PHE LA 477 23.87 117.90 38.20
N ILE LA 478 24.33 117.65 36.98
CA ILE LA 478 25.00 118.64 36.13
C ILE LA 478 24.04 119.73 35.64
N GLU LA 479 22.73 119.51 35.70
CA GLU LA 479 21.67 120.47 35.34
C GLU LA 479 20.85 120.97 36.55
N GLY LA 480 21.25 120.66 37.78
CA GLY LA 480 20.54 121.17 38.96
C GLY LA 480 19.14 120.62 39.15
N ARG LA 481 19.00 119.29 39.16
CA ARG LA 481 17.67 118.62 39.26
C ARG LA 481 17.77 117.30 40.06
N SER LA 482 16.68 116.86 40.66
CA SER LA 482 16.67 115.63 41.48
C SER LA 482 17.01 114.36 40.66
N PRO LA 483 17.55 113.30 41.28
CA PRO LA 483 18.15 112.15 40.59
C PRO LA 483 17.33 111.52 39.46
N TYR LA 484 16.00 111.43 39.61
CA TYR LA 484 15.06 110.90 38.61
C TYR LA 484 13.88 111.87 38.38
N SER LA 485 14.14 113.17 38.28
CA SER LA 485 13.12 114.20 38.07
C SER LA 485 13.09 114.68 36.61
N PRO LA 486 11.90 114.91 36.01
CA PRO LA 486 11.77 115.28 34.60
C PRO LA 486 12.42 116.63 34.28
N SER LA 487 13.01 116.71 33.08
CA SER LA 487 13.84 117.84 32.62
C SER LA 487 13.15 119.20 32.61
N ASP LA 488 11.81 119.25 32.68
CA ASP LA 488 11.08 120.55 32.76
C ASP LA 488 11.42 121.26 34.07
N THR LA 489 11.85 120.51 35.08
CA THR LA 489 12.25 121.01 36.39
C THR LA 489 13.66 121.63 36.33
N HIS LA 490 13.89 122.75 37.05
CA HIS LA 490 15.21 123.46 37.06
C HIS LA 490 15.67 123.70 38.51
N GLU LA 491 15.21 122.91 39.48
CA GLU LA 491 15.62 122.93 40.88
C GLU LA 491 15.50 121.52 41.49
N PRO LA 492 16.33 121.14 42.47
CA PRO LA 492 16.05 119.97 43.29
C PRO LA 492 14.75 120.13 44.09
N ASP LA 493 14.09 119.01 44.41
CA ASP LA 493 13.04 118.94 45.45
C ASP LA 493 13.66 119.13 46.84
N GLU LA 494 12.90 119.58 47.86
CA GLU LA 494 13.45 120.06 49.13
C GLU LA 494 14.49 119.14 49.80
N GLU LA 495 14.24 117.83 49.79
CA GLU LA 495 15.18 116.85 50.36
C GLU LA 495 16.48 116.69 49.54
N ASP LA 496 16.46 116.97 48.24
CA ASP LA 496 17.64 117.11 47.39
C ASP LA 496 18.17 118.55 47.32
N GLN LA 497 17.41 119.57 47.75
CA GLN LA 497 17.97 120.92 47.96
C GLN LA 497 18.94 120.89 49.15
N ASN LA 498 18.59 120.14 50.20
CA ASN LA 498 19.53 119.63 51.18
C ASN LA 498 20.41 118.52 50.55
N ARG LA 499 21.60 118.35 51.18
CA ARG LA 499 22.56 117.30 50.76
C ARG LA 499 22.90 117.45 49.27
N TRP LA 500 22.97 118.68 48.72
CA TRP LA 500 23.28 118.93 47.29
C TRP LA 500 24.80 118.87 47.06
N TYR LA 501 25.38 117.67 47.14
CA TYR LA 501 26.81 117.44 46.99
C TYR LA 501 27.09 116.08 46.32
N PRO LA 502 28.27 115.86 45.71
CA PRO LA 502 28.63 114.61 45.07
C PRO LA 502 28.42 113.37 45.96
N CYS LA 503 27.56 112.46 45.52
CA CYS LA 503 27.35 111.15 46.15
C CYS LA 503 26.66 110.21 45.15
N TYR LA 504 26.69 108.91 45.43
CA TYR LA 504 26.20 107.85 44.54
C TYR LA 504 24.76 108.07 44.07
N GLN LA 505 23.90 108.70 44.87
CA GLN LA 505 22.49 108.99 44.48
C GLN LA 505 22.45 109.85 43.20
N TYR LA 506 23.38 110.77 43.01
CA TYR LA 506 23.47 111.59 41.81
C TYR LA 506 24.27 110.93 40.67
N GLN LA 507 24.98 109.84 40.92
CA GLN LA 507 25.77 109.13 39.90
C GLN LA 507 24.97 108.07 39.12
N GLN LA 508 23.83 107.63 39.65
CA GLN LA 508 23.12 106.43 39.17
C GLN LA 508 22.81 106.44 37.67
N GLU LA 509 22.26 107.53 37.14
CA GLU LA 509 21.90 107.59 35.73
C GLU LA 509 23.14 107.58 34.81
N SER LA 510 24.27 108.15 35.25
CA SER LA 510 25.51 108.11 34.46
C SER LA 510 26.07 106.70 34.32
N ILE LA 511 26.11 105.90 35.38
CA ILE LA 511 26.62 104.52 35.26
C ILE LA 511 25.62 103.61 34.57
N ASN LA 512 24.31 103.88 34.67
CA ASN LA 512 23.33 103.20 33.83
C ASN LA 512 23.57 103.53 32.36
N SER LA 513 23.86 104.79 32.02
CA SER LA 513 24.16 105.21 30.65
C SER LA 513 25.42 104.54 30.09
N ILE LA 514 26.46 104.36 30.91
CA ILE LA 514 27.65 103.57 30.54
C ILE LA 514 27.28 102.10 30.31
N CYS LA 515 26.47 101.48 31.16
CA CYS LA 515 26.00 100.11 30.93
C CYS LA 515 25.14 99.97 29.67
N LEU LA 516 24.29 100.94 29.37
CA LEU LA 516 23.51 101.01 28.13
C LEU LA 516 24.39 101.11 26.88
N SER LA 517 25.64 101.56 26.98
CA SER LA 517 26.56 101.51 25.85
C SER LA 517 26.97 100.07 25.50
N GLY LA 518 26.84 99.12 26.43
CA GLY LA 518 27.17 97.72 26.21
C GLY LA 518 26.13 96.95 25.38
N PRO LA 519 26.53 95.84 24.75
CA PRO LA 519 25.66 95.06 23.88
C PRO LA 519 24.52 94.35 24.64
N GLY LA 520 23.46 94.03 23.92
CA GLY LA 520 22.27 93.33 24.38
C GLY LA 520 21.28 94.18 25.19
N THR LA 521 21.66 95.37 25.63
CA THR LA 521 20.81 96.23 26.45
C THR LA 521 19.61 96.76 25.65
N PRO LA 522 18.37 96.63 26.15
CA PRO LA 522 17.17 96.92 25.37
C PRO LA 522 16.90 98.42 25.14
N LYS LA 523 16.11 98.71 24.11
CA LYS LA 523 15.52 100.02 23.83
C LYS LA 523 14.08 100.06 24.36
N ILE LA 524 13.79 100.93 25.33
CA ILE LA 524 12.44 101.07 25.88
C ILE LA 524 12.02 102.54 25.73
N PRO LA 525 10.92 102.85 25.01
CA PRO LA 525 10.45 104.23 24.89
C PRO LA 525 10.18 104.89 26.24
N LYS LA 526 10.48 106.19 26.37
CA LYS LA 526 10.23 106.92 27.63
C LYS LA 526 8.74 106.92 27.97
N GLY LA 527 8.43 106.65 29.24
CA GLY LA 527 7.06 106.48 29.74
C GLY LA 527 6.48 105.08 29.59
N ILE LA 528 7.20 104.13 28.99
CA ILE LA 528 6.81 102.71 28.94
C ILE LA 528 7.62 101.92 29.96
N THR LA 529 6.95 101.05 30.72
CA THR LA 529 7.59 100.08 31.61
C THR LA 529 7.49 98.71 30.99
N ALA LA 530 8.61 98.06 30.73
CA ALA LA 530 8.64 96.67 30.32
C ALA LA 530 8.57 95.75 31.54
N GLU LA 531 7.95 94.59 31.40
CA GLU LA 531 7.68 93.67 32.51
C GLU LA 531 7.89 92.23 32.03
N ALA LA 532 8.20 91.33 32.94
CA ALA LA 532 8.21 89.89 32.68
C ALA LA 532 7.65 89.13 33.86
N LYS LA 533 7.01 87.99 33.61
CA LYS LA 533 6.42 87.14 34.64
C LYS LA 533 6.63 85.66 34.36
N VAL LA 534 6.69 84.88 35.43
CA VAL LA 534 6.65 83.42 35.40
C VAL LA 534 5.43 82.96 36.18
N LYS LA 535 4.78 81.87 35.75
CA LYS LA 535 3.84 81.14 36.58
C LYS LA 535 4.52 79.92 37.16
N TYR LA 536 4.48 79.77 38.48
CA TYR LA 536 5.12 78.67 39.18
C TYR LA 536 4.09 77.70 39.75
N SER LA 537 4.52 76.46 39.93
CA SER LA 537 3.80 75.44 40.68
C SER LA 537 4.79 74.60 41.46
N PHE LA 538 4.93 74.85 42.76
CA PHE LA 538 5.77 74.03 43.65
C PHE LA 538 4.97 72.86 44.18
N ASN LA 539 5.52 71.65 44.11
CA ASN LA 539 4.84 70.44 44.52
C ASN LA 539 5.30 70.00 45.90
N PHE LA 540 4.37 69.91 46.84
CA PHE LA 540 4.60 69.48 48.20
C PHE LA 540 3.61 68.38 48.57
N LYS LA 541 3.95 67.60 49.59
CA LYS LA 541 2.99 66.82 50.36
C LYS LA 541 3.08 67.27 51.80
N TRP LA 542 1.96 67.29 52.51
CA TRP LA 542 1.88 67.53 53.93
C TRP LA 542 1.58 66.22 54.65
N GLY LA 543 2.26 65.94 55.75
CA GLY LA 543 2.17 64.67 56.46
C GLY LA 543 1.84 64.86 57.94
N GLY LA 544 1.08 63.94 58.51
CA GLY LA 544 0.78 63.97 59.92
C GLY LA 544 -0.16 62.86 60.37
N ASP LA 545 -0.42 62.81 61.67
CA ASP LA 545 -1.56 62.09 62.23
C ASP LA 545 -2.88 62.79 61.88
N LEU LA 546 -3.98 62.06 61.89
CA LEU LA 546 -5.29 62.56 61.44
C LEU LA 546 -5.74 63.79 62.27
N PRO LA 547 -6.16 64.89 61.62
CA PRO LA 547 -6.58 66.11 62.32
C PRO LA 547 -8.06 66.06 62.77
N PRO LA 548 -8.48 66.96 63.67
CA PRO LA 548 -9.87 67.18 64.04
C PRO LA 548 -10.66 67.95 62.97
N MET LA 549 -11.99 68.01 63.09
CA MET LA 549 -12.92 68.64 62.13
C MET LA 549 -14.22 69.11 62.82
N SER LA 550 -14.99 70.02 62.21
CA SER LA 550 -16.27 70.54 62.75
C SER LA 550 -17.38 70.65 61.68
N THR LA 551 -18.63 70.80 62.13
CA THR LA 551 -19.85 70.66 61.29
C THR LA 551 -20.86 71.78 61.55
N ILE LA 552 -21.81 71.95 60.63
CA ILE LA 552 -22.80 73.04 60.57
C ILE LA 552 -24.22 72.47 60.70
N THR LA 553 -25.14 73.18 61.36
CA THR LA 553 -26.54 72.73 61.49
C THR LA 553 -27.20 72.54 60.13
N ASN LA 554 -28.05 71.53 59.97
CA ASN LA 554 -28.80 71.34 58.73
C ASN LA 554 -29.88 72.42 58.47
N PRO LA 555 -30.71 72.84 59.44
CA PRO LA 555 -31.80 73.78 59.18
C PRO LA 555 -31.30 75.15 58.74
N THR LA 556 -30.26 75.69 59.40
CA THR LA 556 -29.66 77.00 59.00
C THR LA 556 -28.50 76.71 58.09
N ASP LA 557 -28.75 76.41 56.81
CA ASP LA 557 -27.68 76.05 55.84
C ASP LA 557 -28.08 76.57 54.46
N GLN LA 558 -27.21 76.40 53.45
CA GLN LA 558 -27.51 76.86 52.07
C GLN LA 558 -28.96 76.51 51.73
N PRO LA 559 -29.87 77.49 51.57
CA PRO LA 559 -31.28 77.18 51.32
C PRO LA 559 -31.57 76.90 49.85
N THR LA 560 -32.47 75.94 49.59
CA THR LA 560 -32.86 75.64 48.20
C THR LA 560 -33.59 76.85 47.58
N TYR LA 561 -33.52 77.02 46.25
CA TYR LA 561 -34.17 78.16 45.57
C TYR LA 561 -35.67 78.29 45.92
N VAL LA 562 -36.34 77.17 46.21
CA VAL LA 562 -37.73 77.11 46.66
C VAL LA 562 -37.94 77.93 47.94
N LYS MA 48 63.58 -8.92 -37.30
CA LYS MA 48 63.89 -10.33 -37.68
C LYS MA 48 63.81 -10.54 -39.19
N ARG MA 49 62.62 -10.47 -39.80
CA ARG MA 49 62.41 -10.50 -41.25
C ARG MA 49 61.37 -9.49 -41.68
N LEU MA 50 61.56 -8.88 -42.85
CA LEU MA 50 60.71 -7.83 -43.38
C LEU MA 50 60.16 -8.22 -44.76
N ASN MA 51 58.96 -7.73 -45.08
CA ASN MA 51 58.45 -7.78 -46.45
C ASN MA 51 59.31 -6.90 -47.36
N ILE MA 52 59.64 -7.39 -48.55
CA ILE MA 52 60.23 -6.55 -49.60
C ILE MA 52 59.13 -5.65 -50.16
N VAL MA 53 59.44 -4.37 -50.31
CA VAL MA 53 58.51 -3.32 -50.75
C VAL MA 53 59.10 -2.60 -51.94
N GLU MA 54 58.26 -2.20 -52.88
CA GLU MA 54 58.63 -1.41 -54.05
C GLU MA 54 57.85 -0.09 -54.06
N TRP MA 55 58.46 0.98 -54.54
CA TRP MA 55 57.77 2.28 -54.69
C TRP MA 55 57.20 2.39 -56.09
N GLN MA 56 55.88 2.61 -56.12
CA GLN MA 56 55.12 2.64 -57.39
C GLN MA 56 55.59 3.77 -58.28
N PRO MA 57 55.67 3.56 -59.61
CA PRO MA 57 56.14 4.56 -60.54
C PRO MA 57 55.15 5.72 -60.72
N LYS MA 58 55.65 6.86 -61.21
CA LYS MA 58 54.93 8.14 -61.20
C LYS MA 58 53.63 8.13 -62.02
N SER MA 59 53.62 7.48 -63.18
CA SER MA 59 52.43 7.27 -64.00
C SER MA 59 52.28 5.82 -64.43
N ILE MA 60 51.06 5.29 -64.40
CA ILE MA 60 50.72 3.90 -64.66
C ILE MA 60 49.54 3.83 -65.64
N ARG MA 61 49.61 2.91 -66.62
CA ARG MA 61 48.52 2.73 -67.63
C ARG MA 61 48.22 1.24 -67.91
N LYS MA 62 47.08 0.72 -67.45
CA LYS MA 62 46.64 -0.66 -67.72
C LYS MA 62 46.49 -0.91 -69.21
N CYS MA 63 46.95 -2.05 -69.69
CA CYS MA 63 46.80 -2.49 -71.08
C CYS MA 63 46.48 -3.97 -71.14
N ARG MA 64 45.32 -4.31 -71.76
CA ARG MA 64 44.94 -5.72 -72.03
C ARG MA 64 45.25 -6.06 -73.49
N ILE MA 65 46.31 -6.84 -73.74
CA ILE MA 65 46.66 -7.28 -75.08
C ILE MA 65 45.67 -8.39 -75.46
N LYS MA 66 44.68 -8.07 -76.28
CA LYS MA 66 43.54 -8.94 -76.63
C LYS MA 66 43.67 -9.44 -78.05
N GLY MA 67 43.45 -10.72 -78.31
CA GLY MA 67 43.54 -11.26 -79.66
C GLY MA 67 43.11 -12.72 -79.77
N MET MA 68 43.33 -13.29 -80.94
CA MET MA 68 42.91 -14.66 -81.28
C MET MA 68 44.14 -15.46 -81.72
N LEU MA 69 44.31 -16.68 -81.21
CA LEU MA 69 45.42 -17.58 -81.53
C LEU MA 69 44.91 -18.89 -82.11
N CYS MA 70 45.44 -19.31 -83.26
CA CYS MA 70 45.17 -20.61 -83.84
C CYS MA 70 45.94 -21.71 -83.09
N LEU MA 71 45.25 -22.70 -82.52
CA LEU MA 71 45.88 -23.79 -81.78
C LEU MA 71 46.40 -24.87 -82.71
N PHE MA 72 45.62 -25.25 -83.72
CA PHE MA 72 46.06 -26.11 -84.81
C PHE MA 72 45.16 -25.85 -86.02
N GLN MA 73 45.62 -26.22 -87.20
CA GLN MA 73 44.77 -26.43 -88.35
C GLN MA 73 45.31 -27.63 -89.12
N THR MA 74 44.50 -28.65 -89.28
CA THR MA 74 44.95 -30.01 -89.63
C THR MA 74 44.05 -30.68 -90.65
N THR MA 75 44.65 -31.48 -91.51
CA THR MA 75 44.00 -32.57 -92.26
C THR MA 75 44.33 -33.90 -91.58
N GLU MA 76 43.71 -35.00 -92.01
CA GLU MA 76 43.98 -36.34 -91.46
C GLU MA 76 45.44 -36.80 -91.63
N ASP MA 77 46.05 -36.47 -92.76
CA ASP MA 77 47.43 -36.84 -93.12
C ASP MA 77 48.51 -35.99 -92.41
N ARG MA 78 48.11 -35.04 -91.57
CA ARG MA 78 49.00 -34.22 -90.74
C ARG MA 78 48.72 -34.30 -89.24
N LEU MA 79 47.85 -35.19 -88.78
CA LEU MA 79 47.45 -35.26 -87.38
C LEU MA 79 48.60 -35.51 -86.39
N SER MA 80 49.57 -36.33 -86.77
CA SER MA 80 50.70 -36.67 -85.89
C SER MA 80 51.84 -35.64 -85.87
N TYR MA 81 51.70 -34.51 -86.56
CA TYR MA 81 52.74 -33.48 -86.69
C TYR MA 81 52.39 -32.18 -85.96
N ASN MA 82 53.42 -31.47 -85.50
CA ASN MA 82 53.30 -30.19 -84.84
C ASN MA 82 52.91 -29.07 -85.83
N PHE MA 83 51.84 -28.35 -85.55
CA PHE MA 83 51.43 -27.14 -86.28
C PHE MA 83 52.27 -25.93 -85.88
N ASP MA 84 53.05 -25.43 -86.82
CA ASP MA 84 53.62 -24.07 -86.77
C ASP MA 84 52.90 -23.21 -87.80
N MET MA 85 52.40 -22.05 -87.36
CA MET MA 85 51.71 -21.11 -88.27
C MET MA 85 52.69 -20.37 -89.18
N TYR MA 86 53.94 -20.22 -88.73
CA TYR MA 86 55.04 -19.62 -89.47
C TYR MA 86 56.02 -20.73 -89.86
N GLU MA 87 56.04 -21.06 -91.13
CA GLU MA 87 56.37 -22.38 -91.66
C GLU MA 87 57.83 -22.65 -92.02
N GLU MA 88 58.19 -23.93 -92.12
CA GLU MA 88 59.27 -24.38 -93.00
C GLU MA 88 58.67 -24.33 -94.42
N SER MA 89 59.19 -23.47 -95.29
CA SER MA 89 58.49 -22.92 -96.47
C SER MA 89 57.87 -23.93 -97.46
N ILE MA 90 58.29 -25.19 -97.42
CA ILE MA 90 57.70 -26.29 -98.21
C ILE MA 90 56.38 -26.80 -97.62
N ILE MA 91 56.19 -26.77 -96.30
CA ILE MA 91 55.03 -27.39 -95.63
C ILE MA 91 53.69 -26.84 -96.16
N PRO MA 92 53.43 -25.52 -96.24
CA PRO MA 92 52.14 -25.05 -96.74
C PRO MA 92 51.94 -25.22 -98.25
N GLU MA 93 52.96 -25.57 -99.02
CA GLU MA 93 52.80 -25.82 -100.46
C GLU MA 93 51.96 -27.09 -100.68
N LYS MA 94 50.72 -26.89 -101.13
CA LYS MA 94 49.72 -27.96 -101.35
C LYS MA 94 49.34 -28.75 -100.07
N LEU MA 95 49.49 -28.15 -98.88
CA LEU MA 95 48.81 -28.61 -97.65
C LEU MA 95 47.97 -27.49 -97.02
N PRO MA 96 46.65 -27.67 -96.83
CA PRO MA 96 45.80 -26.64 -96.22
C PRO MA 96 45.90 -26.58 -94.69
N GLY MA 97 46.45 -27.61 -94.04
CA GLY MA 97 46.72 -27.61 -92.60
C GLY MA 97 48.00 -28.40 -92.27
N GLY MA 98 48.88 -27.81 -91.46
CA GLY MA 98 50.23 -28.32 -91.27
C GLY MA 98 50.42 -29.32 -90.13
N GLY MA 99 49.49 -29.43 -89.18
CA GLY MA 99 49.69 -30.29 -88.01
C GLY MA 99 48.49 -30.36 -87.09
N GLY MA 100 48.31 -31.49 -86.40
CA GLY MA 100 47.17 -31.78 -85.52
C GLY MA 100 47.41 -31.55 -84.04
N PHE MA 101 48.61 -31.17 -83.65
CA PHE MA 101 48.91 -30.72 -82.30
C PHE MA 101 49.82 -29.51 -82.37
N SER MA 102 49.89 -28.71 -81.32
CA SER MA 102 50.94 -27.70 -81.22
C SER MA 102 51.43 -27.51 -79.80
N ILE MA 103 52.65 -27.02 -79.67
CA ILE MA 103 53.14 -26.38 -78.46
C ILE MA 103 53.39 -24.91 -78.79
N LYS MA 104 52.69 -24.01 -78.12
CA LYS MA 104 52.80 -22.55 -78.24
C LYS MA 104 53.53 -22.00 -77.01
N ASN MA 105 54.56 -21.20 -77.19
CA ASN MA 105 55.11 -20.34 -76.13
C ASN MA 105 54.73 -18.89 -76.42
N ILE MA 106 54.15 -18.20 -75.45
CA ILE MA 106 53.75 -16.80 -75.58
C ILE MA 106 54.68 -15.92 -74.74
N SER MA 107 55.21 -14.87 -75.34
CA SER MA 107 56.03 -13.84 -74.70
C SER MA 107 55.55 -12.48 -75.17
N LEU MA 108 55.87 -11.41 -74.43
CA LEU MA 108 55.51 -10.05 -74.81
C LEU MA 108 56.07 -9.66 -76.19
N TYR MA 109 57.23 -10.18 -76.58
CA TYR MA 109 57.74 -9.99 -77.93
C TYR MA 109 56.93 -10.78 -78.99
N ALA MA 110 56.51 -12.00 -78.70
CA ALA MA 110 55.60 -12.73 -79.58
C ALA MA 110 54.23 -12.05 -79.70
N LEU MA 111 53.71 -11.46 -78.63
CA LEU MA 111 52.51 -10.63 -78.67
C LEU MA 111 52.69 -9.38 -79.54
N TYR MA 112 53.84 -8.71 -79.49
CA TYR MA 112 54.18 -7.64 -80.41
C TYR MA 112 54.28 -8.13 -81.87
N GLN MA 113 54.88 -9.29 -82.13
CA GLN MA 113 54.91 -9.86 -83.47
C GLN MA 113 53.50 -10.20 -84.00
N GLU MA 114 52.60 -10.71 -83.16
CA GLU MA 114 51.20 -10.91 -83.54
C GLU MA 114 50.48 -9.59 -83.82
N HIS MA 115 50.93 -8.47 -83.22
CA HIS MA 115 50.35 -7.13 -83.52
C HIS MA 115 50.81 -6.66 -84.91
N ILE MA 116 52.00 -7.07 -85.36
CA ILE MA 116 52.46 -6.76 -86.72
C ILE MA 116 51.67 -7.55 -87.77
N HIS MA 117 51.19 -8.74 -87.44
CA HIS MA 117 50.23 -9.50 -88.26
C HIS MA 117 48.78 -9.03 -88.12
N ALA MA 118 48.52 -7.98 -87.32
CA ALA MA 118 47.19 -7.50 -86.97
C ALA MA 118 46.29 -8.53 -86.27
N HIS MA 119 46.87 -9.54 -85.61
CA HIS MA 119 46.13 -10.59 -84.91
C HIS MA 119 45.68 -10.19 -83.50
N ASN MA 120 46.15 -9.07 -82.96
CA ASN MA 120 45.74 -8.57 -81.66
C ASN MA 120 45.68 -7.04 -81.63
N ILE MA 121 45.04 -6.52 -80.59
CA ILE MA 121 45.05 -5.11 -80.21
C ILE MA 121 45.78 -4.95 -78.88
N PHE MA 122 46.45 -3.82 -78.70
CA PHE MA 122 46.93 -3.36 -77.39
C PHE MA 122 45.96 -2.27 -76.93
N THR MA 123 45.29 -2.48 -75.79
CA THR MA 123 44.30 -1.52 -75.28
C THR MA 123 44.89 -0.15 -74.93
N HIS MA 124 46.19 -0.13 -74.64
CA HIS MA 124 46.94 1.12 -74.41
C HIS MA 124 48.33 0.92 -75.00
N THR MA 125 48.87 1.91 -75.71
CA THR MA 125 50.26 1.89 -76.20
C THR MA 125 51.27 1.93 -75.05
N ASN MA 126 52.48 1.49 -75.34
CA ASN MA 126 53.61 1.39 -74.41
C ASN MA 126 54.79 2.30 -74.81
N THR MA 127 54.61 3.25 -75.73
CA THR MA 127 55.72 3.91 -76.43
C THR MA 127 56.66 4.69 -75.52
N ASP MA 128 56.12 5.32 -74.47
CA ASP MA 128 56.87 6.24 -73.59
C ASP MA 128 56.83 5.84 -72.11
N ARG MA 129 56.44 4.59 -71.82
CA ARG MA 129 56.44 4.02 -70.45
C ARG MA 129 57.26 2.73 -70.55
N PRO MA 130 58.54 2.69 -70.13
CA PRO MA 130 59.43 1.56 -70.38
C PRO MA 130 59.29 0.40 -69.38
N LEU MA 131 58.66 0.61 -68.23
CA LEU MA 131 58.40 -0.44 -67.25
C LEU MA 131 57.14 -1.24 -67.61
N ALA MA 132 57.11 -2.50 -67.23
CA ALA MA 132 55.98 -3.38 -67.36
C ALA MA 132 55.72 -4.15 -66.06
N ARG MA 133 54.44 -4.41 -65.77
CA ARG MA 133 54.01 -5.20 -64.59
C ARG MA 133 52.94 -6.21 -65.05
N TYR MA 134 53.35 -7.42 -65.44
CA TYR MA 134 52.46 -8.48 -65.92
C TYR MA 134 51.63 -9.07 -64.77
N THR MA 135 50.31 -9.18 -64.96
CA THR MA 135 49.37 -9.57 -63.89
C THR MA 135 48.72 -10.94 -64.13
N GLY MA 136 48.89 -11.53 -65.32
CA GLY MA 136 48.30 -12.81 -65.68
C GLY MA 136 47.49 -12.75 -66.98
N CYS MA 137 46.86 -13.86 -67.32
CA CYS MA 137 46.18 -14.04 -68.59
C CYS MA 137 44.77 -14.59 -68.39
N SER MA 138 43.83 -14.22 -69.25
CA SER MA 138 42.57 -14.92 -69.44
C SER MA 138 42.56 -15.60 -70.80
N LEU MA 139 42.20 -16.88 -70.87
CA LEU MA 139 41.98 -17.61 -72.11
C LEU MA 139 40.50 -17.99 -72.23
N LYS MA 140 39.91 -17.84 -73.41
CA LYS MA 140 38.63 -18.42 -73.80
C LYS MA 140 38.87 -19.41 -74.93
N PHE MA 141 38.68 -20.69 -74.68
CA PHE MA 141 38.84 -21.76 -75.65
C PHE MA 141 37.49 -22.04 -76.30
N TYR MA 142 37.38 -21.92 -77.62
CA TYR MA 142 36.10 -22.10 -78.32
C TYR MA 142 35.90 -23.54 -78.76
N GLN MA 143 34.68 -24.03 -78.66
CA GLN MA 143 34.29 -25.27 -79.34
C GLN MA 143 34.45 -25.10 -80.85
N SER MA 144 35.22 -25.98 -81.48
CA SER MA 144 35.22 -26.07 -82.94
C SER MA 144 33.91 -26.69 -83.43
N LYS MA 145 33.59 -26.48 -84.70
CA LYS MA 145 32.41 -27.10 -85.31
C LYS MA 145 32.53 -28.62 -85.39
N ASP MA 146 33.63 -29.11 -85.97
CA ASP MA 146 33.78 -30.50 -86.41
C ASP MA 146 34.73 -31.37 -85.57
N ILE MA 147 35.61 -30.77 -84.75
CA ILE MA 147 36.67 -31.56 -84.05
C ILE MA 147 36.74 -31.22 -82.55
N ASP MA 148 36.99 -32.22 -81.71
CA ASP MA 148 37.16 -32.01 -80.26
C ASP MA 148 38.64 -31.71 -80.06
N TYR MA 149 39.08 -31.31 -78.87
CA TYR MA 149 40.54 -31.13 -78.65
C TYR MA 149 40.89 -30.98 -77.19
N VAL MA 150 42.02 -31.54 -76.78
CA VAL MA 150 42.53 -31.46 -75.41
C VAL MA 150 43.52 -30.31 -75.36
N VAL MA 151 43.45 -29.50 -74.32
CA VAL MA 151 44.46 -28.48 -74.00
C VAL MA 151 45.08 -28.80 -72.64
N THR MA 152 46.37 -28.55 -72.50
CA THR MA 152 46.96 -28.33 -71.17
C THR MA 152 47.99 -27.22 -71.28
N TYR MA 153 48.21 -26.47 -70.22
CA TYR MA 153 49.09 -25.31 -70.23
C TYR MA 153 50.00 -25.33 -69.01
N SER MA 154 51.12 -24.62 -69.12
CA SER MA 154 52.10 -24.53 -68.05
C SER MA 154 52.65 -23.12 -67.96
N THR MA 155 53.20 -22.73 -66.81
CA THR MA 155 53.85 -21.41 -66.64
C THR MA 155 55.16 -21.57 -65.87
N SER MA 156 55.73 -22.77 -65.85
CA SER MA 156 57.09 -22.93 -65.23
C SER MA 156 58.04 -22.04 -66.06
N LEU MA 157 58.54 -20.95 -65.48
CA LEU MA 157 59.38 -19.98 -66.25
C LEU MA 157 60.44 -20.77 -67.06
N PRO MA 158 61.15 -21.77 -66.50
CA PRO MA 158 62.08 -22.56 -67.29
C PRO MA 158 61.36 -23.17 -68.46
N LEU MA 159 61.74 -22.81 -69.69
CA LEU MA 159 61.09 -23.33 -70.93
C LEU MA 159 62.04 -24.32 -71.61
N ARG MA 160 61.56 -25.54 -71.90
CA ARG MA 160 62.36 -26.57 -72.60
C ARG MA 160 61.43 -27.60 -73.24
N SER MA 161 61.93 -28.37 -74.22
CA SER MA 161 61.14 -29.44 -74.89
C SER MA 161 61.70 -30.80 -74.45
N SER MA 162 60.87 -31.85 -74.51
CA SER MA 162 61.30 -33.21 -74.09
C SER MA 162 60.68 -34.27 -75.01
N MET MA 163 61.34 -35.42 -75.15
CA MET MA 163 60.81 -36.54 -75.95
C MET MA 163 59.51 -37.09 -75.37
N GLY MA 164 59.43 -37.18 -74.04
CA GLY MA 164 58.22 -37.57 -73.31
C GLY MA 164 57.09 -36.56 -73.46
N MET MA 165 57.37 -35.26 -73.51
CA MET MA 165 56.35 -34.25 -73.83
C MET MA 165 55.75 -34.50 -75.21
N TYR MA 166 56.57 -34.64 -76.26
CA TYR MA 166 56.05 -34.84 -77.61
C TYR MA 166 55.28 -36.15 -77.78
N ASN MA 167 55.72 -37.25 -77.16
CA ASN MA 167 54.92 -38.48 -77.15
C ASN MA 167 53.61 -38.29 -76.37
N SER MA 168 53.64 -37.60 -75.23
CA SER MA 168 52.43 -37.36 -74.43
C SER MA 168 51.42 -36.44 -75.12
N MET MA 169 51.76 -35.77 -76.22
CA MET MA 169 50.79 -35.08 -77.07
C MET MA 169 49.85 -36.02 -77.80
N GLN MA 170 50.11 -37.33 -77.84
CA GLN MA 170 49.21 -38.29 -78.47
C GLN MA 170 47.82 -38.16 -77.83
N PRO MA 171 46.72 -38.08 -78.60
CA PRO MA 171 45.44 -37.64 -78.07
C PRO MA 171 44.91 -38.45 -76.89
N SER MA 172 45.08 -39.77 -76.88
CA SER MA 172 44.69 -40.64 -75.77
C SER MA 172 45.53 -40.38 -74.52
N ILE MA 173 46.84 -40.20 -74.69
CA ILE MA 173 47.76 -39.93 -73.57
C ILE MA 173 47.53 -38.55 -72.99
N HIS MA 174 47.39 -37.53 -73.82
CA HIS MA 174 47.08 -36.17 -73.39
C HIS MA 174 45.73 -36.13 -72.67
N LEU MA 175 44.71 -36.81 -73.19
CA LEU MA 175 43.41 -36.93 -72.53
C LEU MA 175 43.47 -37.64 -71.16
N MET MA 176 44.47 -38.48 -70.88
CA MET MA 176 44.63 -39.06 -69.53
C MET MA 176 45.33 -38.13 -68.53
N GLN MA 177 46.06 -37.11 -68.97
CA GLN MA 177 46.84 -36.26 -68.06
C GLN MA 177 45.97 -35.47 -67.08
N GLN MA 178 46.55 -35.15 -65.92
CA GLN MA 178 45.93 -34.25 -64.94
C GLN MA 178 46.00 -32.79 -65.41
N ASN MA 179 45.02 -31.98 -64.97
CA ASN MA 179 44.89 -30.58 -65.37
C ASN MA 179 44.83 -30.37 -66.90
N LYS MA 180 44.27 -31.35 -67.60
CA LYS MA 180 43.77 -31.21 -68.97
C LYS MA 180 42.52 -30.33 -68.98
N LEU MA 181 42.20 -29.79 -70.12
CA LEU MA 181 40.91 -29.24 -70.49
C LEU MA 181 40.46 -29.92 -71.77
N ILE MA 182 39.28 -30.54 -71.77
CA ILE MA 182 38.69 -31.13 -72.97
C ILE MA 182 37.67 -30.14 -73.50
N VAL MA 183 37.76 -29.81 -74.79
CA VAL MA 183 36.78 -28.98 -75.48
C VAL MA 183 36.06 -29.85 -76.51
N PRO MA 184 34.84 -30.32 -76.22
CA PRO MA 184 34.03 -31.03 -77.20
C PRO MA 184 33.69 -30.11 -78.37
N SER MA 185 33.58 -30.64 -79.57
CA SER MA 185 33.01 -29.91 -80.70
C SER MA 185 31.55 -29.56 -80.43
N LYS MA 186 31.01 -28.60 -81.19
CA LYS MA 186 29.58 -28.25 -81.14
C LYS MA 186 28.69 -29.44 -81.53
N GLN MA 187 29.20 -30.32 -82.39
CA GLN MA 187 28.54 -31.59 -82.74
C GLN MA 187 28.50 -32.58 -81.59
N THR MA 188 29.60 -32.81 -80.84
CA THR MA 188 29.61 -33.79 -79.75
C THR MA 188 28.94 -33.28 -78.48
N GLN MA 189 28.90 -31.97 -78.21
CA GLN MA 189 28.13 -31.42 -77.10
C GLN MA 189 27.70 -29.97 -77.36
N LYS MA 190 26.38 -29.72 -77.40
CA LYS MA 190 25.81 -28.36 -77.32
C LYS MA 190 25.89 -27.86 -75.88
N ARG MA 191 26.33 -26.61 -75.69
CA ARG MA 191 26.60 -26.00 -74.37
C ARG MA 191 25.89 -24.65 -74.22
N ARG MA 192 25.65 -24.22 -72.98
CA ARG MA 192 25.12 -22.89 -72.68
C ARG MA 192 26.08 -21.79 -73.16
N LYS MA 193 27.34 -21.86 -72.74
CA LYS MA 193 28.41 -20.99 -73.23
C LYS MA 193 29.23 -21.74 -74.28
N PRO MA 194 29.49 -21.16 -75.46
CA PRO MA 194 30.16 -21.84 -76.56
C PRO MA 194 31.69 -21.93 -76.39
N TYR MA 195 32.20 -21.62 -75.20
CA TYR MA 195 33.62 -21.54 -74.88
C TYR MA 195 33.86 -21.99 -73.44
N ILE MA 196 35.09 -22.37 -73.12
CA ILE MA 196 35.54 -22.59 -71.75
C ILE MA 196 36.58 -21.53 -71.39
N LYS MA 197 36.36 -20.82 -70.29
CA LYS MA 197 37.15 -19.67 -69.86
C LYS MA 197 37.95 -20.01 -68.60
N LYS MA 198 39.25 -19.71 -68.59
CA LYS MA 198 40.04 -19.79 -67.35
C LYS MA 198 41.18 -18.79 -67.28
N HIS MA 199 41.49 -18.39 -66.05
CA HIS MA 199 42.50 -17.40 -65.72
C HIS MA 199 43.79 -18.10 -65.32
N ILE MA 200 44.91 -17.63 -65.85
CA ILE MA 200 46.23 -18.21 -65.65
C ILE MA 200 47.13 -17.17 -65.00
N SER MA 201 47.73 -17.51 -63.87
CA SER MA 201 48.61 -16.65 -63.08
C SER MA 201 49.98 -16.50 -63.76
N PRO MA 202 50.78 -15.44 -63.50
CA PRO MA 202 52.14 -15.35 -64.03
C PRO MA 202 53.03 -16.55 -63.65
N PRO MA 203 54.11 -16.80 -64.40
CA PRO MA 203 55.16 -17.72 -63.98
C PRO MA 203 55.61 -17.42 -62.54
N THR MA 204 55.94 -18.43 -61.75
CA THR MA 204 56.35 -18.21 -60.35
C THR MA 204 57.61 -17.33 -60.24
N GLN MA 205 58.45 -17.33 -61.30
CA GLN MA 205 59.69 -16.50 -61.37
C GLN MA 205 59.35 -15.04 -61.73
N MET MA 206 58.22 -14.79 -62.38
CA MET MA 206 57.73 -13.44 -62.64
C MET MA 206 56.98 -12.94 -61.40
N LYS MA 207 57.64 -12.15 -60.55
CA LYS MA 207 57.04 -11.60 -59.33
C LYS MA 207 56.16 -10.40 -59.67
N SER MA 208 55.38 -9.90 -58.72
CA SER MA 208 54.48 -8.75 -58.95
C SER MA 208 55.21 -7.42 -59.18
N GLN MA 209 56.53 -7.37 -59.00
CA GLN MA 209 57.33 -6.17 -59.22
C GLN MA 209 57.26 -5.63 -60.64
N TRP MA 210 57.67 -4.37 -60.83
CA TRP MA 210 57.93 -3.80 -62.15
C TRP MA 210 59.22 -4.34 -62.76
N TYR MA 211 59.24 -4.51 -64.07
CA TYR MA 211 60.40 -4.94 -64.85
C TYR MA 211 60.54 -4.04 -66.08
N PHE MA 212 61.74 -3.70 -66.51
CA PHE MA 212 61.91 -3.09 -67.82
C PHE MA 212 61.37 -4.01 -68.92
N GLN MA 213 60.63 -3.45 -69.88
CA GLN MA 213 60.04 -4.23 -70.99
C GLN MA 213 61.14 -4.89 -71.84
N HIS MA 214 62.35 -4.31 -71.91
CA HIS MA 214 63.50 -4.88 -72.65
C HIS MA 214 63.94 -6.21 -71.99
N ASN MA 215 63.86 -6.30 -70.66
CA ASN MA 215 64.28 -7.49 -69.94
C ASN MA 215 63.28 -8.63 -70.08
N ILE MA 216 61.99 -8.35 -69.87
CA ILE MA 216 60.93 -9.38 -69.92
C ILE MA 216 60.42 -9.69 -71.33
N ALA MA 217 60.81 -8.95 -72.37
CA ALA MA 217 60.30 -9.10 -73.72
C ALA MA 217 60.28 -10.55 -74.20
N ASN MA 218 61.38 -11.28 -74.03
CA ASN MA 218 61.56 -12.64 -74.54
C ASN MA 218 61.25 -13.75 -73.52
N ILE MA 219 60.97 -13.43 -72.25
CA ILE MA 219 60.63 -14.41 -71.21
C ILE MA 219 59.30 -15.08 -71.56
N PRO MA 220 59.21 -16.41 -71.74
CA PRO MA 220 57.96 -17.07 -72.10
C PRO MA 220 57.03 -17.12 -70.89
N LEU MA 221 55.91 -16.38 -70.94
CA LEU MA 221 54.99 -16.23 -69.77
C LEU MA 221 53.84 -17.26 -69.79
N LEU MA 222 53.69 -18.01 -70.87
CA LEU MA 222 52.70 -19.07 -70.98
C LEU MA 222 53.15 -20.11 -72.01
N MET MA 223 52.97 -21.40 -71.71
CA MET MA 223 52.98 -22.47 -72.71
C MET MA 223 51.58 -23.07 -72.85
N ILE MA 224 51.06 -23.19 -74.06
CA ILE MA 224 49.82 -23.92 -74.35
C ILE MA 224 50.17 -25.15 -75.19
N ARG MA 225 49.73 -26.33 -74.77
CA ARG MA 225 49.83 -27.60 -75.50
C ARG MA 225 48.44 -28.02 -75.93
N THR MA 226 48.23 -28.26 -77.22
CA THR MA 226 46.90 -28.66 -77.74
C THR MA 226 47.05 -29.85 -78.68
N THR MA 227 46.12 -30.81 -78.63
CA THR MA 227 46.05 -31.92 -79.58
C THR MA 227 44.62 -32.15 -80.04
N ALA MA 228 44.44 -32.44 -81.34
CA ALA MA 228 43.16 -32.77 -81.95
C ALA MA 228 42.72 -34.20 -81.62
N LEU MA 229 41.41 -34.38 -81.42
CA LEU MA 229 40.84 -35.53 -80.72
C LEU MA 229 39.50 -35.93 -81.36
N THR MA 230 39.07 -37.18 -81.21
CA THR MA 230 37.63 -37.47 -81.24
C THR MA 230 37.22 -38.31 -80.05
N LEU MA 231 36.14 -37.90 -79.39
CA LEU MA 231 35.53 -38.62 -78.28
C LEU MA 231 34.59 -39.73 -78.75
N ASP MA 232 33.79 -39.48 -79.80
CA ASP MA 232 32.79 -40.43 -80.33
C ASP MA 232 33.36 -41.53 -81.25
N ASN MA 233 34.55 -41.33 -81.79
CA ASN MA 233 35.26 -42.28 -82.65
C ASN MA 233 36.59 -42.70 -82.02
N TYR MA 234 36.69 -42.70 -80.70
CA TYR MA 234 37.94 -42.85 -79.97
C TYR MA 234 38.74 -44.10 -80.36
N TYR MA 235 38.08 -45.25 -80.51
CA TYR MA 235 38.76 -46.50 -80.88
C TYR MA 235 38.86 -46.71 -82.38
N ILE MA 236 37.74 -46.57 -83.10
CA ILE MA 236 37.69 -46.79 -84.55
C ILE MA 236 38.51 -45.75 -85.31
N GLY MA 237 38.44 -44.48 -84.88
CA GLY MA 237 39.15 -43.36 -85.50
C GLY MA 237 38.77 -43.23 -86.96
N SER MA 238 39.72 -43.41 -87.86
CA SER MA 238 39.50 -43.46 -89.30
C SER MA 238 39.80 -44.83 -89.94
N ARG MA 239 39.80 -45.90 -89.15
CA ARG MA 239 39.93 -47.29 -89.61
C ARG MA 239 38.94 -47.62 -90.73
N GLN MA 240 39.41 -48.34 -91.74
CA GLN MA 240 38.61 -48.89 -92.83
C GLN MA 240 38.89 -50.41 -92.93
N LEU MA 241 37.85 -51.22 -93.15
CA LEU MA 241 37.97 -52.68 -93.21
C LEU MA 241 38.61 -53.26 -91.91
N SER MA 242 39.69 -54.03 -92.03
CA SER MA 242 40.39 -54.68 -90.91
C SER MA 242 40.98 -53.69 -89.90
N THR MA 243 41.20 -54.13 -88.66
CA THR MA 243 41.97 -53.38 -87.67
C THR MA 243 43.45 -53.24 -88.05
N ASN MA 244 43.99 -54.20 -88.81
CA ASN MA 244 45.37 -54.18 -89.32
C ASN MA 244 45.58 -53.04 -90.31
N VAL MA 245 46.69 -52.31 -90.15
CA VAL MA 245 47.20 -51.34 -91.14
C VAL MA 245 48.38 -51.95 -91.88
N THR MA 246 48.50 -51.69 -93.17
CA THR MA 246 49.63 -52.15 -93.99
C THR MA 246 50.73 -51.11 -94.05
N ILE MA 247 51.95 -51.50 -93.69
CA ILE MA 247 53.16 -50.66 -93.75
C ILE MA 247 54.02 -51.18 -94.90
N HIS MA 248 54.49 -50.29 -95.78
CA HIS MA 248 55.48 -50.68 -96.83
C HIS MA 248 56.85 -50.43 -96.19
N THR MA 249 57.86 -51.22 -96.54
CA THR MA 249 59.24 -51.01 -96.06
C THR MA 249 60.28 -51.42 -97.09
N LEU MA 250 61.50 -50.89 -96.97
CA LEU MA 250 62.63 -51.33 -97.82
C LEU MA 250 63.10 -52.68 -97.27
N ASN MA 251 63.16 -53.72 -98.09
CA ASN MA 251 63.74 -55.02 -97.63
C ASN MA 251 65.05 -54.69 -96.93
N THR MA 252 65.22 -55.06 -95.66
CA THR MA 252 66.45 -54.77 -94.89
C THR MA 252 67.50 -55.78 -95.26
N THR MA 253 67.10 -57.00 -95.62
CA THR MA 253 68.03 -58.12 -95.88
C THR MA 253 68.75 -58.01 -97.23
N TYR MA 254 68.47 -56.98 -98.05
CA TYR MA 254 69.10 -56.77 -99.35
C TYR MA 254 69.47 -55.31 -99.63
N ILE MA 255 68.63 -54.35 -99.25
CA ILE MA 255 68.87 -52.91 -99.44
C ILE MA 255 69.53 -52.33 -98.18
N GLN MA 256 70.85 -52.18 -98.14
CA GLN MA 256 71.50 -51.70 -96.89
C GLN MA 256 72.61 -50.68 -97.14
N ASN MA 257 73.06 -50.50 -98.37
CA ASN MA 257 74.26 -49.66 -98.57
C ASN MA 257 74.06 -48.16 -98.34
N ARG MA 258 72.83 -47.66 -98.43
CA ARG MA 258 72.49 -46.22 -98.15
C ARG MA 258 73.38 -45.26 -98.98
N ASP MA 259 73.82 -45.66 -100.17
CA ASP MA 259 74.63 -44.79 -101.05
C ASP MA 259 73.76 -44.04 -102.08
N TRP MA 260 72.79 -43.27 -101.60
CA TRP MA 260 71.72 -42.72 -102.44
C TRP MA 260 71.96 -41.31 -103.00
N GLY MA 261 71.27 -41.00 -104.09
CA GLY MA 261 71.11 -39.64 -104.59
C GLY MA 261 72.27 -39.08 -105.43
N ASP MA 262 72.97 -39.95 -106.18
CA ASP MA 262 73.95 -39.55 -107.21
C ASP MA 262 73.67 -40.24 -108.55
N ARG MA 263 73.86 -39.53 -109.67
CA ARG MA 263 73.84 -40.16 -111.02
C ARG MA 263 75.31 -40.45 -111.36
N ASN MA 264 76.24 -40.09 -110.48
CA ASN MA 264 77.69 -40.25 -110.65
C ASN MA 264 78.24 -41.57 -110.05
N LYS MA 265 77.37 -42.51 -109.67
CA LYS MA 265 77.71 -43.74 -108.94
C LYS MA 265 76.81 -44.89 -109.38
N THR MA 266 77.38 -46.00 -109.84
CA THR MA 266 76.62 -47.25 -110.08
C THR MA 266 76.13 -47.81 -108.74
N TYR MA 267 74.82 -47.99 -108.58
CA TYR MA 267 74.26 -48.42 -107.29
C TYR MA 267 74.44 -49.93 -107.06
N TYR MA 268 74.80 -50.28 -105.83
CA TYR MA 268 74.94 -51.64 -105.34
C TYR MA 268 74.18 -51.71 -104.01
N CYS MA 269 73.39 -52.77 -103.80
CA CYS MA 269 72.40 -52.78 -102.73
C CYS MA 269 72.95 -53.23 -101.38
N GLN MA 270 73.89 -54.18 -101.35
CA GLN MA 270 74.56 -54.63 -100.13
C GLN MA 270 76.02 -55.03 -100.39
N THR MA 271 76.82 -55.02 -99.33
CA THR MA 271 78.13 -55.68 -99.26
C THR MA 271 78.06 -56.85 -98.28
N LEU MA 272 78.64 -57.99 -98.65
CA LEU MA 272 78.85 -59.12 -97.72
C LEU MA 272 80.29 -59.62 -97.88
N GLY MA 273 81.01 -59.79 -96.76
CA GLY MA 273 82.46 -60.03 -96.82
C GLY MA 273 83.18 -58.91 -97.57
N THR MA 274 83.86 -59.25 -98.66
CA THR MA 274 84.45 -58.30 -99.62
C THR MA 274 83.55 -57.96 -100.82
N GLN MA 275 82.45 -58.71 -101.03
CA GLN MA 275 81.63 -58.60 -102.24
C GLN MA 275 80.76 -57.33 -102.26
N ARG MA 276 80.28 -57.00 -103.46
CA ARG MA 276 79.16 -56.07 -103.70
C ARG MA 276 78.06 -56.81 -104.47
N TYR MA 277 76.81 -56.48 -104.17
CA TYR MA 277 75.65 -57.09 -104.83
C TYR MA 277 74.83 -56.04 -105.56
N PHE MA 278 74.24 -56.44 -106.68
CA PHE MA 278 73.69 -55.57 -107.71
C PHE MA 278 72.31 -56.06 -108.12
N LEU MA 279 71.49 -55.12 -108.58
CA LEU MA 279 70.10 -55.36 -108.97
C LEU MA 279 69.96 -55.07 -110.48
N TYR MA 280 69.12 -55.84 -111.16
CA TYR MA 280 68.80 -55.66 -112.57
C TYR MA 280 67.31 -55.83 -112.81
N GLY MA 281 66.69 -54.94 -113.58
CA GLY MA 281 65.29 -55.08 -114.00
C GLY MA 281 65.19 -55.86 -115.31
N THR MA 282 64.07 -56.52 -115.57
CA THR MA 282 63.80 -57.06 -116.91
C THR MA 282 62.31 -57.03 -117.22
N HIS MA 283 61.97 -56.92 -118.52
CA HIS MA 283 60.56 -57.02 -118.97
C HIS MA 283 60.36 -58.45 -119.50
N SER MA 284 61.38 -59.31 -119.40
CA SER MA 284 61.32 -60.67 -119.94
C SER MA 284 60.18 -61.49 -119.33
N THR MA 285 59.50 -62.25 -120.18
CA THR MA 285 58.49 -63.26 -119.81
C THR MA 285 59.12 -64.60 -119.40
N ALA MA 286 60.45 -64.73 -119.44
CA ALA MA 286 61.14 -65.97 -119.10
C ALA MA 286 60.82 -66.42 -117.66
N GLN MA 287 60.43 -67.69 -117.52
CA GLN MA 287 60.04 -68.26 -116.24
C GLN MA 287 61.24 -68.70 -115.39
N ASN MA 288 62.37 -69.02 -116.02
CA ASN MA 288 63.54 -69.59 -115.34
C ASN MA 288 64.68 -68.56 -115.24
N ILE MA 289 65.13 -68.27 -114.03
CA ILE MA 289 66.20 -67.30 -113.75
C ILE MA 289 67.54 -67.66 -114.44
N ASN MA 290 67.76 -68.94 -114.75
CA ASN MA 290 68.98 -69.38 -115.41
C ASN MA 290 69.07 -68.94 -116.89
N ASP MA 291 67.96 -69.01 -117.65
CA ASP MA 291 67.98 -68.82 -119.14
C ASP MA 291 67.81 -67.37 -119.63
N ILE MA 292 67.50 -66.42 -118.75
CA ILE MA 292 67.46 -65.00 -119.13
C ILE MA 292 68.81 -64.61 -119.76
N LYS MA 293 68.78 -63.80 -120.83
CA LYS MA 293 69.99 -63.37 -121.53
C LYS MA 293 70.82 -62.38 -120.69
N LEU MA 294 72.01 -62.01 -121.18
CA LEU MA 294 72.79 -60.94 -120.53
C LEU MA 294 72.18 -59.62 -121.03
N GLN MA 295 71.46 -59.66 -122.16
CA GLN MA 295 70.82 -58.46 -122.78
C GLN MA 295 69.54 -58.06 -122.03
N GLU MA 296 68.70 -59.02 -121.66
CA GLU MA 296 67.39 -58.74 -121.03
C GLU MA 296 67.56 -57.78 -119.83
N LEU MA 297 68.59 -57.99 -119.01
CA LEU MA 297 68.78 -57.20 -117.77
C LEU MA 297 68.91 -55.70 -118.05
N ILE MA 298 68.25 -54.85 -117.26
CA ILE MA 298 68.35 -53.36 -117.35
C ILE MA 298 69.13 -52.94 -116.11
N PRO MA 299 70.46 -52.74 -116.18
CA PRO MA 299 71.28 -52.51 -115.00
C PRO MA 299 70.95 -51.17 -114.40
N LEU MA 300 71.13 -51.01 -113.08
CA LEU MA 300 70.78 -49.75 -112.38
C LEU MA 300 72.07 -48.97 -112.07
N THR MA 301 72.30 -47.84 -112.73
CA THR MA 301 73.51 -47.01 -112.56
C THR MA 301 73.13 -45.68 -111.95
N ASN MA 302 71.84 -45.48 -111.64
CA ASN MA 302 71.36 -44.26 -110.99
C ASN MA 302 70.39 -44.63 -109.86
N THR MA 303 70.43 -43.94 -108.72
CA THR MA 303 69.29 -43.95 -107.77
C THR MA 303 68.57 -42.62 -107.67
N GLN MA 304 69.24 -41.52 -108.08
CA GLN MA 304 68.74 -40.13 -107.91
C GLN MA 304 67.53 -39.75 -108.78
N ASP MA 305 67.16 -40.54 -109.78
CA ASP MA 305 66.04 -40.14 -110.68
C ASP MA 305 64.84 -41.07 -110.63
N TYR MA 306 63.69 -40.58 -111.09
CA TYR MA 306 62.47 -41.40 -111.23
C TYR MA 306 62.53 -42.34 -112.45
N VAL MA 307 63.54 -42.22 -113.31
CA VAL MA 307 63.59 -42.88 -114.62
C VAL MA 307 63.53 -44.41 -114.51
N GLN MA 308 62.72 -45.05 -115.37
CA GLN MA 308 62.54 -46.50 -115.45
C GLN MA 308 63.73 -47.21 -116.13
N GLY MA 309 64.45 -46.49 -116.99
CA GLY MA 309 65.35 -47.10 -117.95
C GLY MA 309 64.59 -47.72 -119.13
N PHE MA 310 65.28 -48.49 -119.95
CA PHE MA 310 64.70 -49.25 -121.05
C PHE MA 310 65.57 -50.46 -121.42
N ASP MA 311 64.98 -51.40 -122.14
CA ASP MA 311 65.63 -52.64 -122.57
C ASP MA 311 66.57 -52.44 -123.78
N TRP MA 312 67.57 -53.32 -123.94
CA TRP MA 312 68.52 -53.32 -125.05
C TRP MA 312 67.85 -53.44 -126.42
N THR MA 313 66.64 -54.00 -126.48
CA THR MA 313 65.83 -54.01 -127.71
C THR MA 313 65.48 -52.60 -128.22
N GLU MA 314 65.61 -51.55 -127.40
CA GLU MA 314 65.43 -50.15 -127.81
C GLU MA 314 66.76 -49.45 -128.15
N LYS MA 315 67.86 -50.19 -128.33
CA LYS MA 315 69.17 -49.68 -128.79
C LYS MA 315 69.04 -48.70 -129.96
N ASP MA 316 68.26 -49.06 -130.98
CA ASP MA 316 68.05 -48.25 -132.18
C ASP MA 316 67.11 -47.05 -131.98
N LYS MA 317 66.34 -46.97 -130.88
CA LYS MA 317 65.51 -45.81 -130.55
C LYS MA 317 66.30 -44.66 -129.92
N HIS MA 318 67.41 -45.01 -129.23
CA HIS MA 318 68.30 -44.03 -128.52
C HIS MA 318 69.70 -44.03 -129.16
N ASN MA 319 69.82 -44.43 -130.42
CA ASN MA 319 71.08 -44.42 -131.19
C ASN MA 319 72.28 -44.99 -130.42
N ILE MA 320 72.02 -46.00 -129.58
CA ILE MA 320 73.03 -46.63 -128.73
C ILE MA 320 74.01 -47.45 -129.57
N THR MA 321 75.31 -47.23 -129.36
CA THR MA 321 76.38 -47.95 -130.06
C THR MA 321 77.03 -49.04 -129.21
N THR MA 322 76.99 -48.93 -127.89
CA THR MA 322 77.68 -49.84 -126.96
C THR MA 322 76.89 -50.06 -125.67
N TYR MA 323 77.22 -51.11 -124.93
CA TYR MA 323 76.67 -51.32 -123.59
C TYR MA 323 76.99 -50.14 -122.64
N LYS MA 324 78.11 -49.43 -122.84
CA LYS MA 324 78.41 -48.17 -122.12
C LYS MA 324 77.33 -47.10 -122.34
N GLU MA 325 76.85 -46.92 -123.57
CA GLU MA 325 75.72 -46.02 -123.85
C GLU MA 325 74.36 -46.61 -123.39
N PHE MA 326 74.21 -47.94 -123.37
CA PHE MA 326 73.04 -48.56 -122.75
C PHE MA 326 72.99 -48.32 -121.24
N LEU MA 327 74.12 -48.44 -120.53
CA LEU MA 327 74.27 -48.09 -119.11
C LEU MA 327 73.90 -46.64 -118.82
N THR MA 328 74.36 -45.69 -119.65
CA THR MA 328 74.12 -44.27 -119.36
C THR MA 328 72.73 -43.81 -119.79
N LYS MA 329 72.23 -44.22 -120.97
CA LYS MA 329 70.90 -43.82 -121.42
C LYS MA 329 69.76 -44.66 -120.84
N GLY MA 330 69.96 -45.97 -120.69
CA GLY MA 330 68.89 -46.95 -120.49
C GLY MA 330 68.81 -47.59 -119.09
N ALA MA 331 69.73 -47.29 -118.17
CA ALA MA 331 69.64 -47.82 -116.82
C ALA MA 331 68.40 -47.33 -116.04
N GLY MA 332 67.84 -48.19 -115.20
CA GLY MA 332 66.61 -47.92 -114.44
C GLY MA 332 66.86 -47.61 -112.98
N ASN MA 333 66.11 -46.70 -112.37
CA ASN MA 333 66.24 -46.47 -110.92
C ASN MA 333 65.41 -47.53 -110.18
N PRO MA 334 65.96 -48.20 -109.13
CA PRO MA 334 65.30 -49.35 -108.50
C PRO MA 334 63.99 -48.97 -107.81
N PHE MA 335 63.82 -47.68 -107.48
CA PHE MA 335 62.65 -47.12 -106.83
C PHE MA 335 61.60 -46.57 -107.82
N HIS MA 336 61.74 -46.79 -109.14
CA HIS MA 336 60.67 -46.50 -110.09
C HIS MA 336 59.43 -47.37 -109.77
N ALA MA 337 58.23 -46.89 -110.13
CA ALA MA 337 56.96 -47.48 -109.70
C ALA MA 337 56.76 -48.96 -110.07
N GLU MA 338 57.46 -49.48 -111.09
CA GLU MA 338 57.43 -50.93 -111.41
C GLU MA 338 58.56 -51.72 -110.75
N TRP MA 339 59.75 -51.14 -110.56
CA TRP MA 339 60.87 -51.83 -109.92
C TRP MA 339 60.79 -51.84 -108.39
N ILE MA 340 60.18 -50.83 -107.77
CA ILE MA 340 60.06 -50.65 -106.31
C ILE MA 340 59.39 -51.86 -105.62
N THR MA 341 58.36 -52.43 -106.25
CA THR MA 341 57.64 -53.63 -105.80
C THR MA 341 57.80 -54.80 -106.78
N ALA MA 342 58.74 -54.70 -107.74
CA ALA MA 342 58.99 -55.69 -108.78
C ALA MA 342 57.70 -56.13 -109.53
N GLN MA 343 56.85 -55.17 -109.90
CA GLN MA 343 55.67 -55.43 -110.74
C GLN MA 343 56.08 -56.14 -112.04
N ASN MA 344 57.18 -55.68 -112.64
CA ASN MA 344 57.95 -56.41 -113.63
C ASN MA 344 59.20 -56.97 -112.93
N PRO MA 345 59.63 -58.22 -113.20
CA PRO MA 345 60.66 -58.89 -112.40
C PRO MA 345 61.96 -58.10 -112.23
N VAL MA 346 62.55 -58.23 -111.05
CA VAL MA 346 63.82 -57.61 -110.65
C VAL MA 346 64.73 -58.69 -110.11
N ILE MA 347 65.99 -58.69 -110.55
CA ILE MA 347 66.96 -59.74 -110.32
C ILE MA 347 68.10 -59.22 -109.46
N HIS MA 348 68.40 -59.90 -108.36
CA HIS MA 348 69.50 -59.58 -107.44
C HIS MA 348 70.66 -60.55 -107.67
N THR MA 349 71.90 -60.07 -107.75
CA THR MA 349 73.07 -60.90 -108.06
C THR MA 349 74.36 -60.34 -107.47
N ALA MA 350 75.36 -61.20 -107.24
CA ALA MA 350 76.72 -60.77 -106.96
C ALA MA 350 77.46 -60.27 -108.22
N ASN MA 351 76.98 -60.60 -109.42
CA ASN MA 351 77.69 -60.29 -110.65
C ASN MA 351 77.62 -58.79 -110.99
N SER MA 352 78.74 -58.09 -110.85
CA SER MA 352 78.83 -56.66 -111.11
C SER MA 352 78.55 -56.33 -112.59
N PRO MA 353 77.87 -55.21 -112.89
CA PRO MA 353 77.68 -54.75 -114.25
C PRO MA 353 79.00 -54.64 -115.03
N THR MA 354 80.13 -54.35 -114.38
CA THR MA 354 81.43 -54.28 -115.05
C THR MA 354 81.94 -55.65 -115.51
N GLN MA 355 81.58 -56.74 -114.85
CA GLN MA 355 81.83 -58.07 -115.42
C GLN MA 355 80.94 -58.29 -116.66
N ILE MA 356 79.69 -57.84 -116.63
CA ILE MA 356 78.83 -57.84 -117.83
C ILE MA 356 79.38 -56.91 -118.91
N GLU MA 357 79.96 -55.75 -118.57
CA GLU MA 357 80.66 -54.86 -119.52
C GLU MA 357 81.79 -55.63 -120.19
N GLN MA 358 82.63 -56.33 -119.43
CA GLN MA 358 83.72 -57.13 -119.99
C GLN MA 358 83.17 -58.19 -120.94
N ILE MA 359 82.07 -58.88 -120.62
CA ILE MA 359 81.46 -59.86 -121.53
C ILE MA 359 80.93 -59.20 -122.81
N TYR MA 360 80.20 -58.08 -122.71
CA TYR MA 360 79.73 -57.32 -123.88
C TYR MA 360 80.89 -56.80 -124.73
N THR MA 361 81.81 -56.05 -124.12
CA THR MA 361 82.88 -55.34 -124.82
C THR MA 361 83.89 -56.33 -125.41
N ALA MA 362 84.16 -57.46 -124.75
CA ALA MA 362 85.01 -58.51 -125.32
C ALA MA 362 84.42 -59.05 -126.64
N SER MA 363 83.11 -59.30 -126.70
CA SER MA 363 82.41 -59.49 -127.98
C SER MA 363 80.89 -59.27 -127.86
N THR MA 364 80.40 -58.28 -128.60
CA THR MA 364 78.96 -57.92 -128.69
C THR MA 364 78.14 -59.04 -129.32
N THR MA 365 78.73 -59.80 -130.24
CA THR MA 365 78.09 -60.97 -130.88
C THR MA 365 77.87 -62.12 -129.88
N THR MA 366 78.76 -62.32 -128.90
CA THR MA 366 78.54 -63.32 -127.84
C THR MA 366 77.67 -62.82 -126.69
N PHE MA 367 77.40 -61.52 -126.59
CA PHE MA 367 76.38 -60.98 -125.67
C PHE MA 367 74.96 -61.46 -126.02
N GLN MA 368 74.68 -61.67 -127.31
CA GLN MA 368 73.47 -62.34 -127.78
C GLN MA 368 73.40 -63.80 -127.31
N ASN MA 369 74.53 -64.51 -127.38
CA ASN MA 369 74.61 -65.93 -127.04
C ASN MA 369 74.57 -66.19 -125.52
N LYS MA 370 75.28 -65.38 -124.72
CA LYS MA 370 75.41 -65.58 -123.27
C LYS MA 370 74.07 -65.37 -122.54
N LYS MA 371 73.78 -66.28 -121.62
CA LYS MA 371 72.64 -66.24 -120.69
C LYS MA 371 73.13 -66.08 -119.25
N LEU MA 372 72.22 -66.07 -118.29
CA LEU MA 372 72.54 -66.03 -116.85
C LEU MA 372 73.24 -67.30 -116.35
N THR MA 373 73.15 -68.43 -117.06
CA THR MA 373 74.05 -69.57 -116.89
C THR MA 373 75.50 -69.22 -117.24
N ASP MA 374 76.46 -69.86 -116.55
CA ASP MA 374 77.90 -69.74 -116.82
C ASP MA 374 78.45 -68.29 -116.79
N LEU MA 375 77.79 -67.39 -116.07
CA LEU MA 375 78.31 -66.05 -115.80
C LEU MA 375 79.25 -66.04 -114.59
N PRO MA 376 80.14 -65.04 -114.47
CA PRO MA 376 80.94 -64.86 -113.26
C PRO MA 376 80.05 -64.53 -112.06
N THR MA 377 80.40 -65.07 -110.89
CA THR MA 377 79.65 -64.92 -109.61
C THR MA 377 78.13 -64.85 -109.82
N PRO MA 378 77.48 -65.89 -110.40
CA PRO MA 378 76.06 -65.78 -110.75
C PRO MA 378 75.04 -66.12 -109.67
N GLY MA 379 74.85 -65.22 -108.70
CA GLY MA 379 73.84 -65.41 -107.64
C GLY MA 379 72.54 -64.80 -108.10
N TYR MA 380 72.12 -65.03 -109.35
CA TYR MA 380 70.88 -64.44 -109.90
C TYR MA 380 69.67 -65.00 -109.16
N ILE MA 381 68.91 -64.15 -108.47
CA ILE MA 381 67.72 -64.57 -107.66
C ILE MA 381 66.57 -63.61 -108.04
N PHE MA 382 65.34 -63.82 -107.55
CA PHE MA 382 64.23 -62.86 -107.78
C PHE MA 382 63.92 -62.18 -106.44
N ILE MA 383 64.32 -60.92 -106.26
CA ILE MA 383 64.16 -60.20 -104.98
C ILE MA 383 63.38 -58.90 -105.20
N THR MA 384 62.49 -58.55 -104.28
CA THR MA 384 61.68 -57.32 -104.35
C THR MA 384 62.27 -56.25 -103.42
N PRO MA 385 62.56 -55.02 -103.89
CA PRO MA 385 63.09 -53.96 -103.03
C PRO MA 385 62.15 -53.59 -101.88
N THR MA 386 60.85 -53.68 -102.09
CA THR MA 386 59.80 -53.44 -101.07
C THR MA 386 59.19 -54.74 -100.58
N VAL MA 387 58.87 -54.79 -99.29
CA VAL MA 387 57.92 -55.75 -98.70
C VAL MA 387 56.82 -54.97 -97.98
N SER MA 388 55.60 -55.53 -97.95
CA SER MA 388 54.47 -54.98 -97.18
C SER MA 388 54.27 -55.80 -95.91
N LEU MA 389 54.30 -55.14 -94.75
CA LEU MA 389 54.00 -55.71 -93.44
C LEU MA 389 52.57 -55.39 -93.02
N ARG MA 390 51.97 -56.22 -92.16
CA ARG MA 390 50.74 -55.89 -91.44
C ARG MA 390 51.04 -55.60 -89.98
N TYR MA 391 50.56 -54.48 -89.48
CA TYR MA 391 50.67 -54.06 -88.08
C TYR MA 391 49.28 -54.02 -87.45
N ASN MA 392 49.14 -54.57 -86.24
CA ASN MA 392 47.93 -54.50 -85.46
C ASN MA 392 48.25 -53.81 -84.12
N PRO MA 393 47.65 -52.66 -83.79
CA PRO MA 393 47.99 -51.92 -82.58
C PRO MA 393 47.61 -52.68 -81.30
N TYR MA 394 46.57 -53.52 -81.37
CA TYR MA 394 46.07 -54.26 -80.17
C TYR MA 394 46.97 -55.47 -79.92
N LYS MA 395 47.77 -55.87 -80.92
CA LYS MA 395 48.71 -57.02 -80.79
C LYS MA 395 50.10 -56.51 -80.39
N ASP MA 396 50.24 -55.20 -80.14
CA ASP MA 396 51.56 -54.58 -79.83
C ASP MA 396 51.79 -54.49 -78.32
N LEU MA 397 52.88 -55.06 -77.81
CA LEU MA 397 53.16 -55.11 -76.37
C LEU MA 397 54.33 -54.22 -75.97
N ALA MA 398 54.99 -53.55 -76.92
CA ALA MA 398 56.05 -52.59 -76.65
C ALA MA 398 57.25 -53.12 -75.85
N GLU MA 399 57.57 -54.42 -75.90
CA GLU MA 399 58.66 -54.99 -75.08
C GLU MA 399 60.05 -54.73 -75.68
N ARG MA 400 60.15 -54.63 -77.01
CA ARG MA 400 61.42 -54.41 -77.74
C ARG MA 400 61.26 -53.40 -78.89
N ASN MA 401 60.27 -52.52 -78.78
CA ASN MA 401 60.04 -51.43 -79.72
C ASN MA 401 61.14 -50.37 -79.60
N LYS MA 402 61.51 -49.76 -80.72
CA LYS MA 402 62.64 -48.81 -80.81
C LYS MA 402 62.50 -47.94 -82.05
N CYS MA 403 63.08 -46.74 -82.07
CA CYS MA 403 62.91 -45.78 -83.14
C CYS MA 403 64.07 -44.75 -83.15
N TYR MA 404 64.64 -44.46 -84.32
CA TYR MA 404 65.75 -43.51 -84.48
C TYR MA 404 65.96 -43.06 -85.93
N PHE MA 405 66.72 -41.99 -86.14
CA PHE MA 405 67.09 -41.49 -87.47
C PHE MA 405 68.54 -41.86 -87.82
N VAL MA 406 68.77 -42.30 -89.05
CA VAL MA 406 70.10 -42.56 -89.63
C VAL MA 406 70.33 -41.64 -90.83
N ARG MA 407 71.59 -41.35 -91.15
CA ARG MA 407 71.97 -40.44 -92.24
C ARG MA 407 71.74 -41.12 -93.59
N SER MA 408 70.94 -40.54 -94.48
CA SER MA 408 70.62 -41.13 -95.79
C SER MA 408 71.72 -40.89 -96.82
N LYS MA 409 72.13 -39.64 -97.05
CA LYS MA 409 73.27 -39.29 -97.92
C LYS MA 409 74.61 -39.38 -97.18
N ILE MA 410 75.04 -40.59 -96.81
CA ILE MA 410 76.44 -40.88 -96.44
C ILE MA 410 76.87 -42.25 -96.93
N ASN MA 411 78.17 -42.43 -97.07
CA ASN MA 411 78.77 -43.70 -97.49
C ASN MA 411 78.99 -44.65 -96.28
N ALA MA 412 77.91 -45.05 -95.60
CA ALA MA 412 77.97 -45.95 -94.45
C ALA MA 412 76.97 -47.11 -94.58
N HIS MA 413 77.43 -48.32 -94.31
CA HIS MA 413 76.65 -49.55 -94.43
C HIS MA 413 75.74 -49.77 -93.23
N GLY MA 414 74.62 -50.46 -93.46
CA GLY MA 414 73.78 -51.01 -92.39
C GLY MA 414 72.86 -49.99 -91.73
N TRP MA 415 72.02 -50.49 -90.84
CA TRP MA 415 70.87 -49.80 -90.26
C TRP MA 415 70.94 -49.63 -88.74
N ASP MA 416 72.05 -50.04 -88.11
CA ASP MA 416 72.16 -50.01 -86.63
C ASP MA 416 71.92 -48.60 -86.10
N PRO MA 417 71.40 -48.41 -84.86
CA PRO MA 417 71.25 -47.08 -84.30
C PRO MA 417 72.62 -46.43 -84.30
N GLU MA 418 72.73 -45.21 -84.83
CA GLU MA 418 74.04 -44.52 -84.96
C GLU MA 418 73.91 -43.06 -84.55
N GLN MA 419 75.03 -42.32 -84.55
CA GLN MA 419 75.03 -40.88 -84.18
C GLN MA 419 74.46 -40.73 -82.76
N HIS MA 420 73.40 -39.94 -82.55
CA HIS MA 420 72.84 -39.67 -81.21
C HIS MA 420 72.19 -40.93 -80.62
N GLN MA 421 72.76 -41.47 -79.54
CA GLN MA 421 72.19 -42.65 -78.84
C GLN MA 421 71.22 -42.14 -77.77
N GLU MA 422 71.30 -40.85 -77.41
CA GLU MA 422 70.33 -40.27 -76.48
C GLU MA 422 68.99 -39.92 -77.16
N LEU MA 423 68.97 -39.82 -78.50
CA LEU MA 423 67.77 -39.56 -79.27
C LEU MA 423 66.98 -40.83 -79.62
N ILE MA 424 67.53 -42.02 -79.38
CA ILE MA 424 66.80 -43.28 -79.55
C ILE MA 424 65.57 -43.28 -78.63
N ASN MA 425 64.39 -43.57 -79.21
CA ASN MA 425 63.09 -43.64 -78.46
C ASN MA 425 62.69 -45.12 -78.36
N SER MA 426 62.43 -45.66 -77.17
CA SER MA 426 62.24 -47.10 -76.94
C SER MA 426 61.04 -47.40 -76.03
N ASP MA 427 60.56 -48.63 -76.11
CA ASP MA 427 59.64 -49.24 -75.12
C ASP MA 427 58.26 -48.57 -74.97
N LEU MA 428 57.68 -48.08 -76.06
CA LEU MA 428 56.28 -47.66 -76.15
C LEU MA 428 55.65 -48.32 -77.39
N PRO MA 429 54.33 -48.54 -77.45
CA PRO MA 429 53.71 -49.10 -78.64
C PRO MA 429 53.90 -48.15 -79.82
N GLN MA 430 54.15 -48.67 -81.03
CA GLN MA 430 54.53 -47.87 -82.24
C GLN MA 430 53.65 -46.65 -82.52
N TRP MA 431 52.36 -46.69 -82.26
CA TRP MA 431 51.47 -45.55 -82.42
C TRP MA 431 51.72 -44.44 -81.39
N LEU MA 432 52.24 -44.76 -80.21
CA LEU MA 432 52.70 -43.79 -79.22
C LEU MA 432 54.17 -43.43 -79.43
N LEU MA 433 55.02 -44.38 -79.79
CA LEU MA 433 56.45 -44.18 -79.97
C LEU MA 433 56.76 -43.21 -81.12
N LEU MA 434 56.02 -43.28 -82.23
CA LEU MA 434 56.24 -42.43 -83.39
C LEU MA 434 55.59 -41.04 -83.25
N PHE MA 435 54.58 -40.87 -82.40
CA PHE MA 435 53.78 -39.64 -82.36
C PHE MA 435 54.64 -38.43 -81.96
N GLY MA 436 54.77 -37.45 -82.85
CA GLY MA 436 55.57 -36.25 -82.59
C GLY MA 436 57.08 -36.47 -82.49
N TYR MA 437 57.59 -37.69 -82.65
CA TYR MA 437 59.02 -37.97 -82.54
C TYR MA 437 59.86 -37.26 -83.63
N PRO MA 438 59.49 -37.26 -84.92
CA PRO MA 438 60.18 -36.46 -85.91
C PRO MA 438 60.23 -34.96 -85.60
N ASP MA 439 59.16 -34.39 -85.06
CA ASP MA 439 59.16 -32.98 -84.67
C ASP MA 439 60.01 -32.69 -83.44
N TYR MA 440 60.05 -33.58 -82.46
CA TYR MA 440 61.01 -33.46 -81.36
C TYR MA 440 62.44 -33.44 -81.90
N ILE MA 441 62.76 -34.31 -82.85
CA ILE MA 441 64.08 -34.37 -83.47
C ILE MA 441 64.39 -33.11 -84.26
N LYS MA 442 63.46 -32.61 -85.09
CA LYS MA 442 63.63 -31.33 -85.80
C LYS MA 442 63.85 -30.17 -84.84
N ARG MA 443 63.03 -30.05 -83.79
CA ARG MA 443 63.13 -28.92 -82.80
C ARG MA 443 64.44 -29.07 -82.00
N THR MA 444 64.92 -30.29 -81.77
CA THR MA 444 66.21 -30.52 -81.09
C THR MA 444 67.39 -30.03 -81.92
N GLN MA 445 67.30 -30.03 -83.26
CA GLN MA 445 68.34 -29.44 -84.16
C GLN MA 445 69.71 -30.14 -84.03
N ASN MA 446 69.77 -31.37 -83.49
CA ASN MA 446 71.00 -32.15 -83.41
C ASN MA 446 71.35 -32.88 -84.73
N PHE MA 447 70.51 -32.78 -85.75
CA PHE MA 447 70.73 -33.32 -87.10
C PHE MA 447 70.63 -32.22 -88.16
N ALA MA 448 71.30 -32.41 -89.29
CA ALA MA 448 71.14 -31.51 -90.44
C ALA MA 448 69.69 -31.52 -90.91
N LEU MA 449 69.09 -30.33 -91.00
CA LEU MA 449 67.64 -30.16 -90.86
C LEU MA 449 66.80 -30.79 -91.98
N VAL MA 450 67.37 -30.98 -93.16
CA VAL MA 450 66.58 -31.30 -94.36
C VAL MA 450 66.10 -32.76 -94.39
N ASP MA 451 64.82 -32.98 -94.71
CA ASP MA 451 64.20 -34.33 -94.72
C ASP MA 451 64.93 -35.29 -95.66
N THR MA 452 65.59 -34.79 -96.70
CA THR MA 452 66.26 -35.63 -97.69
C THR MA 452 67.54 -36.29 -97.18
N ASN MA 453 68.09 -35.84 -96.06
CA ASN MA 453 69.41 -36.26 -95.60
C ASN MA 453 69.36 -37.30 -94.48
N TYR MA 454 68.17 -37.70 -94.03
CA TYR MA 454 67.96 -38.71 -93.00
C TYR MA 454 66.86 -39.69 -93.39
N ILE MA 455 66.89 -40.88 -92.77
CA ILE MA 455 65.83 -41.88 -92.80
C ILE MA 455 65.44 -42.20 -91.36
N LEU MA 456 64.16 -42.40 -91.14
CA LEU MA 456 63.60 -42.96 -89.92
C LEU MA 456 63.57 -44.49 -90.02
N VAL MA 457 64.07 -45.13 -88.97
CA VAL MA 457 64.24 -46.58 -88.84
C VAL MA 457 63.60 -47.02 -87.52
N ASP MA 458 62.81 -48.08 -87.49
CA ASP MA 458 62.20 -48.57 -86.25
C ASP MA 458 62.18 -50.09 -86.15
N HIS MA 459 62.29 -50.60 -84.92
CA HIS MA 459 62.18 -52.02 -84.61
C HIS MA 459 60.84 -52.29 -83.94
N CYS MA 460 60.14 -53.34 -84.38
CA CYS MA 460 58.87 -53.77 -83.81
C CYS MA 460 58.69 -55.28 -84.00
N PRO MA 461 58.74 -56.09 -82.93
CA PRO MA 461 58.47 -57.52 -82.98
C PRO MA 461 57.08 -57.91 -83.50
N TYR MA 462 56.13 -56.98 -83.50
CA TYR MA 462 54.69 -57.29 -83.49
C TYR MA 462 53.99 -57.20 -84.84
N THR MA 463 54.69 -56.89 -85.94
CA THR MA 463 54.15 -57.15 -87.27
C THR MA 463 54.08 -58.65 -87.54
N ASN MA 464 53.10 -59.10 -88.33
CA ASN MA 464 52.90 -60.54 -88.55
C ASN MA 464 54.01 -61.18 -89.41
N PRO MA 465 54.31 -60.67 -90.60
CA PRO MA 465 55.65 -60.80 -91.19
C PRO MA 465 56.60 -59.85 -90.46
N GLU MA 466 57.92 -60.02 -90.62
CA GLU MA 466 58.92 -59.17 -89.96
C GLU MA 466 60.08 -58.82 -90.90
N LYS MA 467 60.74 -57.71 -90.56
CA LYS MA 467 62.09 -57.33 -91.00
C LYS MA 467 62.81 -56.75 -89.78
N THR MA 468 64.12 -56.97 -89.64
CA THR MA 468 64.84 -56.69 -88.38
C THR MA 468 64.68 -55.23 -87.96
N PRO MA 469 65.14 -54.22 -88.73
CA PRO MA 469 64.52 -52.91 -88.74
C PRO MA 469 63.44 -52.81 -89.83
N PHE MA 470 62.63 -51.75 -89.70
CA PHE MA 470 61.67 -51.38 -90.75
C PHE MA 470 62.13 -50.06 -91.31
N ILE MA 471 61.97 -49.81 -92.61
CA ILE MA 471 62.27 -48.47 -93.19
C ILE MA 471 60.93 -48.01 -93.78
N PRO MA 472 59.95 -47.56 -92.98
CA PRO MA 472 58.62 -47.26 -93.51
C PRO MA 472 58.70 -46.38 -94.76
N LEU MA 473 57.88 -46.64 -95.76
CA LEU MA 473 57.76 -45.83 -96.97
C LEU MA 473 56.29 -45.53 -97.26
N SER MA 474 55.99 -44.30 -97.65
CA SER MA 474 54.61 -43.91 -97.94
C SER MA 474 54.12 -44.52 -99.24
N THR MA 475 52.82 -44.79 -99.32
CA THR MA 475 52.16 -45.29 -100.52
C THR MA 475 52.45 -44.41 -101.74
N SER MA 476 52.61 -43.10 -101.57
CA SER MA 476 53.02 -42.19 -102.65
C SER MA 476 54.40 -42.54 -103.25
N PHE MA 477 55.41 -42.84 -102.44
CA PHE MA 477 56.72 -43.27 -102.94
C PHE MA 477 56.72 -44.68 -103.53
N ILE MA 478 55.92 -45.58 -102.94
CA ILE MA 478 55.66 -46.93 -103.47
C ILE MA 478 54.85 -46.90 -104.77
N GLU MA 479 54.18 -45.79 -105.08
CA GLU MA 479 53.40 -45.58 -106.31
C GLU MA 479 54.01 -44.53 -107.25
N GLY MA 480 55.23 -44.04 -106.99
CA GLY MA 480 55.90 -43.10 -107.89
C GLY MA 480 55.24 -41.72 -107.97
N ARG MA 481 55.05 -41.07 -106.80
CA ARG MA 481 54.34 -39.76 -106.73
C ARG MA 481 54.93 -38.90 -105.60
N SER MA 482 54.80 -37.58 -105.70
CA SER MA 482 55.36 -36.65 -104.69
C SER MA 482 54.73 -36.82 -103.30
N PRO MA 483 55.43 -36.49 -102.19
CA PRO MA 483 55.06 -36.84 -100.82
C PRO MA 483 53.60 -36.57 -100.42
N TYR MA 484 53.01 -35.46 -100.87
CA TYR MA 484 51.61 -35.09 -100.61
C TYR MA 484 50.88 -34.71 -101.92
N SER MA 485 51.08 -35.48 -102.99
CA SER MA 485 50.45 -35.23 -104.30
C SER MA 485 49.26 -36.16 -104.54
N PRO MA 486 48.15 -35.69 -105.13
CA PRO MA 486 46.93 -36.49 -105.32
C PRO MA 486 47.15 -37.68 -106.25
N SER MA 487 46.47 -38.79 -105.93
CA SER MA 487 46.65 -40.10 -106.56
C SER MA 487 46.40 -40.14 -108.08
N ASP MA 488 45.74 -39.12 -108.66
CA ASP MA 488 45.55 -39.04 -110.14
C ASP MA 488 46.90 -38.89 -110.83
N THR MA 489 47.90 -38.38 -110.12
CA THR MA 489 49.26 -38.18 -110.61
C THR MA 489 50.04 -39.52 -110.61
N HIS MA 490 50.87 -39.76 -111.65
CA HIS MA 490 51.67 -41.01 -111.78
C HIS MA 490 53.15 -40.70 -112.03
N GLU MA 491 53.64 -39.52 -111.61
CA GLU MA 491 55.03 -39.10 -111.67
C GLU MA 491 55.33 -38.12 -110.52
N PRO MA 492 56.55 -38.08 -109.98
CA PRO MA 492 56.98 -36.97 -109.15
C PRO MA 492 56.95 -35.62 -109.91
N ASP MA 493 56.76 -34.52 -109.19
CA ASP MA 493 57.06 -33.16 -109.67
C ASP MA 493 58.58 -32.96 -109.80
N GLU MA 494 59.06 -32.03 -110.64
CA GLU MA 494 60.48 -31.96 -111.05
C GLU MA 494 61.50 -32.01 -109.88
N GLU MA 495 61.23 -31.31 -108.78
CA GLU MA 495 62.11 -31.32 -107.61
C GLU MA 495 62.11 -32.66 -106.86
N ASP MA 496 61.04 -33.44 -106.94
CA ASP MA 496 60.98 -34.84 -106.49
C ASP MA 496 61.35 -35.85 -107.59
N GLN MA 497 61.40 -35.46 -108.87
CA GLN MA 497 62.02 -36.30 -109.90
C GLN MA 497 63.52 -36.38 -109.68
N ASN MA 498 64.13 -35.28 -109.27
CA ASN MA 498 65.42 -35.26 -108.58
C ASN MA 498 65.26 -35.80 -107.14
N ARG MA 499 66.39 -36.29 -106.61
CA ARG MA 499 66.46 -36.82 -105.23
C ARG MA 499 65.41 -37.91 -105.02
N TRP MA 500 65.12 -38.75 -106.04
CA TRP MA 500 64.11 -39.84 -105.95
C TRP MA 500 64.73 -41.07 -105.28
N TYR MA 501 64.99 -40.98 -103.98
CA TYR MA 501 65.61 -42.05 -103.18
C TYR MA 501 65.06 -42.07 -101.75
N PRO MA 502 65.16 -43.19 -101.00
CA PRO MA 502 64.69 -43.29 -99.63
C PRO MA 502 65.21 -42.18 -98.71
N CYS MA 503 64.27 -41.41 -98.14
CA CYS MA 503 64.55 -40.39 -97.12
C CYS MA 503 63.26 -40.03 -96.40
N TYR MA 504 63.37 -39.38 -95.24
CA TYR MA 504 62.27 -39.06 -94.33
C TYR MA 504 61.11 -38.32 -95.03
N GLN MA 505 61.39 -37.50 -96.05
CA GLN MA 505 60.33 -36.78 -96.80
C GLN MA 505 59.33 -37.76 -97.43
N TYR MA 506 59.76 -38.93 -97.87
CA TYR MA 506 58.87 -39.96 -98.42
C TYR MA 506 58.30 -40.90 -97.36
N GLN MA 507 58.78 -40.87 -96.12
CA GLN MA 507 58.28 -41.71 -95.03
C GLN MA 507 57.09 -41.10 -94.27
N GLN MA 508 56.87 -39.79 -94.38
CA GLN MA 508 55.97 -39.04 -93.50
C GLN MA 508 54.54 -39.59 -93.41
N GLU MA 509 53.91 -39.91 -94.54
CA GLU MA 509 52.54 -40.41 -94.54
C GLU MA 509 52.45 -41.81 -93.93
N SER MA 510 53.48 -42.65 -94.06
CA SER MA 510 53.48 -43.99 -93.45
C SER MA 510 53.52 -43.92 -91.92
N ILE MA 511 54.35 -43.07 -91.32
CA ILE MA 511 54.38 -42.95 -89.85
C ILE MA 511 53.17 -42.21 -89.32
N ASN MA 512 52.59 -41.29 -90.08
CA ASN MA 512 51.29 -40.74 -89.73
C ASN MA 512 50.22 -41.82 -89.72
N SER MA 513 50.21 -42.71 -90.71
CA SER MA 513 49.27 -43.84 -90.79
C SER MA 513 49.42 -44.81 -89.61
N ILE MA 514 50.65 -45.07 -89.16
CA ILE MA 514 50.88 -45.85 -87.93
C ILE MA 514 50.35 -45.12 -86.70
N CYS MA 515 50.55 -43.81 -86.57
CA CYS MA 515 49.99 -43.03 -85.47
C CYS MA 515 48.45 -43.00 -85.49
N LEU MA 516 47.83 -42.90 -86.66
CA LEU MA 516 46.39 -43.01 -86.85
C LEU MA 516 45.82 -44.37 -86.44
N SER MA 517 46.63 -45.43 -86.39
CA SER MA 517 46.17 -46.70 -85.82
C SER MA 517 45.96 -46.62 -84.30
N GLY MA 518 46.56 -45.65 -83.61
CA GLY MA 518 46.42 -45.46 -82.18
C GLY MA 518 45.09 -44.82 -81.77
N PRO MA 519 44.66 -45.00 -80.51
CA PRO MA 519 43.39 -44.48 -80.02
C PRO MA 519 43.34 -42.95 -79.92
N GLY MA 520 42.12 -42.42 -79.94
CA GLY MA 520 41.81 -41.00 -79.83
C GLY MA 520 42.04 -40.17 -81.08
N THR MA 521 42.73 -40.70 -82.10
CA THR MA 521 43.04 -39.97 -83.32
C THR MA 521 41.79 -39.71 -84.16
N PRO MA 522 41.53 -38.46 -84.58
CA PRO MA 522 40.25 -38.08 -85.21
C PRO MA 522 40.07 -38.60 -86.64
N LYS MA 523 38.81 -38.66 -87.07
CA LYS MA 523 38.39 -38.91 -88.46
C LYS MA 523 38.07 -37.56 -89.12
N ILE MA 524 38.81 -37.18 -90.16
CA ILE MA 524 38.56 -35.94 -90.89
C ILE MA 524 38.35 -36.28 -92.37
N PRO MA 525 37.20 -35.96 -92.98
CA PRO MA 525 36.98 -36.23 -94.40
C PRO MA 525 38.03 -35.57 -95.29
N LYS MA 526 38.44 -36.25 -96.38
CA LYS MA 526 39.42 -35.69 -97.33
C LYS MA 526 38.91 -34.39 -97.94
N GLY MA 527 39.77 -33.38 -98.01
CA GLY MA 527 39.44 -32.03 -98.45
C GLY MA 527 38.86 -31.11 -97.37
N ILE MA 528 38.65 -31.59 -96.14
CA ILE MA 528 38.24 -30.75 -95.00
C ILE MA 528 39.46 -30.51 -94.11
N THR MA 529 39.64 -29.26 -93.67
CA THR MA 529 40.65 -28.88 -92.67
C THR MA 529 39.93 -28.57 -91.37
N ALA MA 530 40.26 -29.30 -90.31
CA ALA MA 530 39.79 -28.99 -88.97
C ALA MA 530 40.67 -27.91 -88.33
N GLU MA 531 40.11 -27.06 -87.49
CA GLU MA 531 40.79 -25.90 -86.92
C GLU MA 531 40.37 -25.75 -85.46
N ALA MA 532 41.21 -25.14 -84.64
CA ALA MA 532 40.84 -24.71 -83.29
C ALA MA 532 41.46 -23.35 -82.97
N LYS MA 533 40.79 -22.56 -82.15
CA LYS MA 533 41.25 -21.24 -81.75
C LYS MA 533 40.97 -20.95 -80.28
N VAL MA 534 41.82 -20.11 -79.69
CA VAL MA 534 41.62 -19.52 -78.37
C VAL MA 534 41.57 -18.00 -78.54
N LYS MA 535 40.76 -17.32 -77.73
CA LYS MA 535 40.87 -15.87 -77.55
C LYS MA 535 41.61 -15.60 -76.26
N TYR MA 536 42.67 -14.81 -76.31
CA TYR MA 536 43.49 -14.47 -75.17
C TYR MA 536 43.31 -13.02 -74.76
N SER MA 537 43.57 -12.75 -73.49
CA SER MA 537 43.70 -11.40 -72.95
C SER MA 537 44.81 -11.40 -71.90
N PHE MA 538 45.99 -10.91 -72.26
CA PHE MA 538 47.11 -10.74 -71.31
C PHE MA 538 47.01 -9.40 -70.63
N ASN MA 539 47.13 -9.37 -69.30
CA ASN MA 539 46.97 -8.15 -68.52
C ASN MA 539 48.33 -7.60 -68.12
N PHE MA 540 48.61 -6.37 -68.54
CA PHE MA 540 49.83 -5.64 -68.24
C PHE MA 540 49.50 -4.28 -67.67
N LYS MA 541 50.45 -3.68 -66.97
CA LYS MA 541 50.51 -2.24 -66.74
C LYS MA 541 51.80 -1.72 -67.32
N TRP MA 542 51.78 -0.52 -67.86
CA TRP MA 542 52.97 0.21 -68.32
C TRP MA 542 53.28 1.32 -67.34
N GLY MA 543 54.54 1.51 -66.96
CA GLY MA 543 54.95 2.46 -65.95
C GLY MA 543 56.02 3.41 -66.45
N GLY MA 544 56.00 4.66 -66.00
CA GLY MA 544 57.03 5.63 -66.34
C GLY MA 544 56.79 7.00 -65.73
N ASP MA 545 57.73 7.91 -65.99
CA ASP MA 545 57.51 9.34 -65.85
C ASP MA 545 56.58 9.86 -66.95
N LEU MA 546 55.92 10.99 -66.71
CA LEU MA 546 54.90 11.53 -67.61
C LEU MA 546 55.47 11.82 -69.02
N PRO MA 547 54.81 11.34 -70.09
CA PRO MA 547 55.28 11.54 -71.46
C PRO MA 547 54.87 12.91 -72.05
N PRO MA 548 55.49 13.34 -73.17
CA PRO MA 548 55.07 14.49 -73.95
C PRO MA 548 53.82 14.20 -74.81
N MET MA 549 53.22 15.26 -75.40
CA MET MA 549 51.99 15.18 -76.20
C MET MA 549 51.91 16.34 -77.23
N SER MA 550 51.08 16.22 -78.27
CA SER MA 550 50.88 17.26 -79.31
C SER MA 550 49.41 17.48 -79.70
N THR MA 551 49.12 18.59 -80.38
CA THR MA 551 47.76 19.11 -80.61
C THR MA 551 47.54 19.57 -82.06
N ILE MA 552 46.27 19.72 -82.45
CA ILE MA 552 45.80 20.00 -83.82
C ILE MA 552 45.09 21.36 -83.87
N THR MA 553 45.21 22.11 -84.96
CA THR MA 553 44.52 23.41 -85.12
C THR MA 553 43.01 23.26 -85.01
N ASN MA 554 42.31 24.21 -84.40
CA ASN MA 554 40.85 24.19 -84.34
C ASN MA 554 40.16 24.43 -85.70
N PRO MA 555 40.58 25.41 -86.55
CA PRO MA 555 39.87 25.70 -87.78
C PRO MA 555 39.91 24.56 -88.78
N THR MA 556 41.07 23.91 -88.96
CA THR MA 556 41.18 22.73 -89.87
C THR MA 556 41.03 21.48 -89.02
N ASP MA 557 39.79 21.12 -88.67
CA ASP MA 557 39.52 19.94 -87.80
C ASP MA 557 38.20 19.31 -88.23
N GLN MA 558 37.81 18.20 -87.61
CA GLN MA 558 36.54 17.49 -87.95
C GLN MA 558 35.45 18.55 -88.14
N PRO MA 559 34.90 18.75 -89.36
CA PRO MA 559 33.92 19.80 -89.59
C PRO MA 559 32.50 19.36 -89.24
N THR MA 560 31.70 20.26 -88.68
CA THR MA 560 30.30 19.94 -88.38
C THR MA 560 29.52 19.67 -89.67
N TYR MA 561 28.45 18.87 -89.62
CA TYR MA 561 27.64 18.53 -90.80
C TYR MA 561 27.15 19.78 -91.55
N VAL MA 562 26.92 20.89 -90.83
CA VAL MA 562 26.54 22.20 -91.38
C VAL MA 562 27.58 22.70 -92.39
N LYS NA 48 4.33 51.53 53.28
CA LYS NA 48 4.82 51.03 54.60
C LYS NA 48 6.20 51.60 54.94
N ARG NA 49 7.26 51.22 54.22
CA ARG NA 49 8.61 51.77 54.35
C ARG NA 49 9.24 51.97 52.97
N LEU NA 50 10.02 53.04 52.82
CA LEU NA 50 10.65 53.45 51.56
C LEU NA 50 12.16 53.53 51.72
N ASN NA 51 12.90 53.26 50.65
CA ASN NA 51 14.32 53.59 50.58
C ASN NA 51 14.50 55.11 50.60
N ILE NA 52 15.47 55.59 51.38
CA ILE NA 52 15.92 56.98 51.28
C ILE NA 52 16.72 57.15 49.99
N VAL NA 53 16.43 58.20 49.25
CA VAL NA 53 17.00 58.50 47.93
C VAL NA 53 17.60 59.90 47.95
N GLU NA 54 18.70 60.10 47.26
CA GLU NA 54 19.36 61.39 47.09
C GLU NA 54 19.45 61.73 45.59
N TRP NA 55 19.34 63.01 45.24
CA TRP NA 55 19.50 63.47 43.87
C TRP NA 55 20.95 63.88 43.63
N GLN NA 56 21.55 63.22 42.63
CA GLN NA 56 22.98 63.39 42.32
C GLN NA 56 23.29 64.84 41.90
N PRO NA 57 24.42 65.39 42.33
CA PRO NA 57 24.79 66.78 42.02
C PRO NA 57 25.15 66.97 40.55
N LYS NA 58 25.09 68.22 40.08
CA LYS NA 58 25.15 68.59 38.66
C LYS NA 58 26.44 68.17 37.97
N SER NA 59 27.59 68.33 38.64
CA SER NA 59 28.89 67.87 38.15
C SER NA 59 29.65 67.09 39.22
N ILE NA 60 30.30 66.01 38.81
CA ILE NA 60 31.00 65.06 39.69
C ILE NA 60 32.40 64.77 39.15
N ARG NA 61 33.41 64.73 40.03
CA ARG NA 61 34.82 64.44 39.64
C ARG NA 61 35.53 63.47 40.59
N LYS NA 62 35.78 62.22 40.18
CA LYS NA 62 36.51 61.23 40.98
C LYS NA 62 37.91 61.73 41.32
N CYS NA 63 38.37 61.52 42.54
CA CYS NA 63 39.71 61.83 42.99
C CYS NA 63 40.24 60.74 43.91
N ARG NA 64 41.38 60.13 43.52
CA ARG NA 64 42.10 59.15 44.37
C ARG NA 64 43.28 59.85 45.07
N ILE NA 65 43.17 60.13 46.36
CA ILE NA 65 44.27 60.73 47.12
C ILE NA 65 45.28 59.62 47.39
N LYS NA 66 46.38 59.60 46.64
CA LYS NA 66 47.40 58.54 46.63
C LYS NA 66 48.67 59.01 47.30
N GLY NA 67 49.27 58.20 48.16
CA GLY NA 67 50.51 58.58 48.84
C GLY NA 67 51.11 57.47 49.67
N MET NA 68 52.14 57.81 50.43
CA MET NA 68 52.93 56.89 51.24
C MET NA 68 52.91 57.34 52.71
N LEU NA 69 52.66 56.43 53.66
CA LEU NA 69 52.60 56.71 55.09
C LEU NA 69 53.63 55.87 55.84
N CYS NA 70 54.46 56.50 56.66
CA CYS NA 70 55.37 55.81 57.57
C CYS NA 70 54.61 55.23 58.77
N LEU NA 71 54.67 53.91 58.99
CA LEU NA 71 53.96 53.26 60.09
C LEU NA 71 54.76 53.35 61.39
N PHE NA 72 56.06 53.13 61.33
CA PHE NA 72 56.99 53.41 62.42
C PHE NA 72 58.38 53.61 61.84
N GLN NA 73 59.26 54.25 62.60
CA GLN NA 73 60.69 54.16 62.40
C GLN NA 73 61.36 54.12 63.76
N THR NA 74 62.10 53.06 64.05
CA THR NA 74 62.49 52.66 65.40
C THR NA 74 63.92 52.18 65.49
N THR NA 75 64.56 52.49 66.61
CA THR NA 75 65.74 51.77 67.13
C THR NA 75 65.29 50.82 68.23
N GLU NA 76 66.20 49.97 68.74
CA GLU NA 76 65.88 49.01 69.83
C GLU NA 76 65.46 49.71 71.13
N ASP NA 77 66.06 50.85 71.45
CA ASP NA 77 65.80 51.63 72.67
C ASP NA 77 64.51 52.47 72.62
N ARG NA 78 63.77 52.40 71.51
CA ARG NA 78 62.47 53.05 71.33
C ARG NA 78 61.33 52.10 70.98
N LEU NA 79 61.54 50.79 71.02
CA LEU NA 79 60.53 49.81 70.59
C LEU NA 79 59.22 49.87 71.36
N SER NA 80 59.25 50.15 72.67
CA SER NA 80 58.06 50.19 73.51
C SER NA 80 57.28 51.52 73.46
N TYR NA 81 57.69 52.48 72.62
CA TYR NA 81 57.09 53.81 72.54
C TYR NA 81 56.34 54.05 71.23
N ASN NA 82 55.33 54.90 71.27
CA ASN NA 82 54.53 55.30 70.13
C ASN NA 82 55.31 56.24 69.20
N PHE NA 83 55.41 55.91 67.92
CA PHE NA 83 55.97 56.75 66.87
C PHE NA 83 54.96 57.83 66.44
N ASP NA 84 55.30 59.08 66.71
CA ASP NA 84 54.70 60.24 66.05
C ASP NA 84 55.72 60.85 65.09
N MET NA 85 55.34 61.06 63.83
CA MET NA 85 56.22 61.66 62.83
C MET NA 85 56.40 63.16 63.05
N TYR NA 86 55.39 63.80 63.66
CA TYR NA 86 55.39 65.21 64.03
C TYR NA 86 55.50 65.30 65.55
N GLU NA 87 56.67 65.74 66.02
CA GLU NA 87 57.24 65.37 67.30
C GLU NA 87 56.93 66.28 68.50
N GLU NA 88 57.12 65.74 69.70
CA GLU NA 88 57.48 66.55 70.87
C GLU NA 88 58.96 66.92 70.66
N SER NA 89 59.28 68.19 70.49
CA SER NA 89 60.51 68.69 69.81
C SER NA 89 61.85 68.16 70.34
N ILE NA 90 61.91 67.63 71.55
CA ILE NA 90 63.10 66.96 72.11
C ILE NA 90 63.32 65.55 71.56
N ILE NA 91 62.26 64.80 71.21
CA ILE NA 91 62.36 63.39 70.82
C ILE NA 91 63.32 63.17 69.64
N PRO NA 92 63.23 63.87 68.50
CA PRO NA 92 64.15 63.61 67.39
C PRO NA 92 65.58 64.13 67.63
N GLU NA 93 65.84 64.91 68.68
CA GLU NA 93 67.21 65.36 68.97
C GLU NA 93 68.06 64.18 69.43
N LYS NA 94 68.99 63.75 68.56
CA LYS NA 94 69.86 62.58 68.76
C LYS NA 94 69.12 61.24 68.91
N LEU NA 95 67.89 61.11 68.37
CA LEU NA 95 67.26 59.81 68.08
C LEU NA 95 66.87 59.69 66.60
N PRO NA 96 67.36 58.68 65.85
CA PRO NA 96 67.01 58.51 64.45
C PRO NA 96 65.64 57.85 64.23
N GLY NA 97 65.04 57.22 65.24
CA GLY NA 97 63.68 56.69 65.20
C GLY NA 97 62.99 56.82 66.55
N GLY NA 98 61.74 57.32 66.56
CA GLY NA 98 61.06 57.74 67.77
C GLY NA 98 60.22 56.66 68.47
N GLY NA 99 59.85 55.57 67.80
CA GLY NA 99 58.94 54.59 68.39
C GLY NA 99 58.74 53.35 67.53
N GLY NA 100 58.47 52.21 68.17
CA GLY NA 100 58.32 50.91 67.51
C GLY NA 100 56.89 50.46 67.26
N PHE NA 101 55.91 51.25 67.68
CA PHE NA 101 54.51 51.04 67.33
C PHE NA 101 53.87 52.38 67.01
N SER NA 102 52.77 52.43 66.29
CA SER NA 102 51.98 53.65 66.18
C SER NA 102 50.49 53.35 66.12
N ILE NA 103 49.70 54.35 66.52
CA ILE NA 103 48.30 54.45 66.17
C ILE NA 103 48.14 55.68 65.28
N LYS NA 104 47.70 55.48 64.04
CA LYS NA 104 47.43 56.52 63.04
C LYS NA 104 45.93 56.70 62.90
N ASN NA 105 45.42 57.92 62.98
CA ASN NA 105 44.08 58.26 62.52
C ASN NA 105 44.19 59.08 61.23
N ILE NA 106 43.47 58.68 60.19
CA ILE NA 106 43.46 59.38 58.90
C ILE NA 106 42.11 60.07 58.71
N SER NA 107 42.15 61.36 58.36
CA SER NA 107 41.00 62.17 58.00
C SER NA 107 41.32 62.97 56.75
N LEU NA 108 40.31 63.45 56.04
CA LEU NA 108 40.50 64.27 54.84
C LEU NA 108 41.34 65.53 55.12
N TYR NA 109 41.25 66.11 56.31
CA TYR NA 109 42.14 67.19 56.71
C TYR NA 109 43.58 66.74 56.95
N ALA NA 110 43.80 65.57 57.57
CA ALA NA 110 45.14 65.00 57.67
C ALA NA 110 45.72 64.65 56.29
N LEU NA 111 44.92 64.16 55.34
CA LEU NA 111 45.35 63.98 53.95
C LEU NA 111 45.73 65.29 53.27
N TYR NA 112 45.01 66.37 53.50
CA TYR NA 112 45.41 67.71 53.05
C TYR NA 112 46.71 68.17 53.71
N GLN NA 113 46.91 67.94 55.01
CA GLN NA 113 48.18 68.26 55.67
C GLN NA 113 49.35 67.45 55.11
N GLU NA 114 49.17 66.18 54.78
CA GLU NA 114 50.19 65.38 54.10
C GLU NA 114 50.47 65.90 52.68
N HIS NA 115 49.51 66.57 52.03
CA HIS NA 115 49.73 67.20 50.70
C HIS NA 115 50.62 68.45 50.86
N ILE NA 116 50.54 69.15 52.00
CA ILE NA 116 51.43 70.29 52.28
C ILE NA 116 52.87 69.83 52.52
N HIS NA 117 53.06 68.63 53.07
CA HIS NA 117 54.38 67.98 53.15
C HIS NA 117 54.84 67.31 51.85
N ALA NA 118 54.04 67.41 50.77
CA ALA NA 118 54.25 66.74 49.49
C ALA NA 118 54.30 65.19 49.59
N HIS NA 119 53.68 64.61 50.61
CA HIS NA 119 53.66 63.16 50.82
C HIS NA 119 52.58 62.44 50.01
N ASN NA 120 51.64 63.16 49.39
CA ASN NA 120 50.61 62.59 48.54
C ASN NA 120 50.28 63.49 47.35
N ILE NA 121 49.57 62.91 46.38
CA ILE NA 121 48.94 63.60 45.27
C ILE NA 121 47.42 63.50 45.41
N PHE NA 122 46.70 64.52 44.97
CA PHE NA 122 45.27 64.46 44.72
C PHE NA 122 45.08 64.31 43.21
N THR NA 123 44.45 63.23 42.75
CA THR NA 123 44.28 62.96 41.32
C THR NA 123 43.39 64.01 40.62
N HIS NA 124 42.54 64.67 41.39
CA HIS NA 124 41.71 65.80 40.88
C HIS NA 124 41.61 66.81 42.02
N THR NA 125 41.76 68.10 41.74
CA THR NA 125 41.54 69.17 42.71
C THR NA 125 40.08 69.25 43.16
N ASN NA 126 39.86 69.87 44.31
CA ASN NA 126 38.56 70.04 44.95
C ASN NA 126 38.15 71.52 45.09
N THR NA 127 38.81 72.45 44.40
CA THR NA 127 38.76 73.88 44.73
C THR NA 127 37.36 74.50 44.60
N ASP NA 128 36.57 74.04 43.62
CA ASP NA 128 35.28 74.64 43.28
C ASP NA 128 34.11 73.65 43.31
N ARG NA 129 34.32 72.49 43.97
CA ARG NA 129 33.27 71.46 44.18
C ARG NA 129 33.26 71.21 45.69
N PRO NA 130 32.30 71.75 46.47
CA PRO NA 130 32.35 71.73 47.93
C PRO NA 130 31.81 70.43 48.56
N LEU NA 131 31.08 69.60 47.81
CA LEU NA 131 30.58 68.32 48.28
C LEU NA 131 31.64 67.24 48.13
N ALA NA 132 31.61 66.23 49.01
CA ALA NA 132 32.45 65.05 48.96
C ALA NA 132 31.62 63.78 49.17
N ARG NA 133 32.02 62.70 48.49
CA ARG NA 133 31.38 61.37 48.63
C ARG NA 133 32.50 60.31 48.78
N TYR NA 134 32.90 60.01 50.01
CA TYR NA 134 33.96 59.03 50.31
C TYR NA 134 33.49 57.60 50.04
N THR NA 135 34.28 56.81 49.32
CA THR NA 135 33.90 55.47 48.84
C THR NA 135 34.70 54.34 49.48
N GLY NA 136 35.77 54.66 50.23
CA GLY NA 136 36.63 53.68 50.86
C GLY NA 136 38.11 53.86 50.50
N CYS NA 137 38.94 52.96 50.99
CA CYS NA 137 40.39 53.05 50.89
C CYS NA 137 40.99 51.74 50.36
N SER NA 138 42.09 51.82 49.63
CA SER NA 138 43.00 50.70 49.37
C SER NA 138 44.31 50.95 50.09
N LEU NA 139 44.80 49.96 50.83
CA LEU NA 139 46.14 49.98 51.42
C LEU NA 139 47.01 48.90 50.79
N LYS NA 140 48.27 49.22 50.48
CA LYS NA 140 49.33 48.26 50.16
C LYS NA 140 50.40 48.35 51.23
N PHE NA 141 50.55 47.30 52.04
CA PHE NA 141 51.55 47.21 53.09
C PHE NA 141 52.79 46.53 52.53
N TYR NA 142 53.95 47.18 52.59
CA TYR NA 142 55.18 46.64 52.01
C TYR NA 142 55.97 45.85 53.04
N GLN NA 143 56.55 44.73 52.61
CA GLN NA 143 57.59 44.06 53.39
C GLN NA 143 58.78 45.00 53.61
N SER NA 144 59.15 45.24 54.86
CA SER NA 144 60.42 45.89 55.16
C SER NA 144 61.58 44.95 54.87
N LYS NA 145 62.78 45.50 54.70
CA LYS NA 145 63.99 44.69 54.50
C LYS NA 145 64.33 43.86 55.74
N ASP NA 146 64.42 44.52 56.90
CA ASP NA 146 65.03 43.95 58.11
C ASP NA 146 64.06 43.59 59.25
N ILE NA 147 62.82 44.09 59.23
CA ILE NA 147 61.89 43.91 60.39
C ILE NA 147 60.51 43.42 59.94
N ASP NA 148 59.88 42.53 60.73
CA ASP NA 148 58.51 42.06 60.44
C ASP NA 148 57.59 43.06 61.13
N TYR NA 149 56.28 42.99 60.94
CA TYR NA 149 55.37 43.90 61.69
C TYR NA 149 53.92 43.48 61.58
N VAL NA 150 53.16 43.62 62.66
CA VAL NA 150 51.73 43.31 62.71
C VAL NA 150 50.97 44.61 62.47
N VAL NA 151 49.93 44.57 61.66
CA VAL NA 151 48.97 45.66 61.49
C VAL NA 151 47.59 45.17 61.91
N THR NA 152 46.81 46.04 62.54
CA THR NA 152 45.35 45.90 62.53
C THR NA 152 44.72 47.27 62.38
N TYR NA 153 43.55 47.34 61.78
CA TYR NA 153 42.89 48.61 61.47
C TYR NA 153 41.43 48.55 61.88
N SER NA 154 40.84 49.72 62.09
CA SER NA 154 39.45 49.86 62.48
C SER NA 154 38.82 51.05 61.76
N THR NA 155 37.49 51.05 61.64
CA THR NA 155 36.75 52.19 61.03
C THR NA 155 35.52 52.51 61.87
N SER NA 156 35.48 52.11 63.14
CA SER NA 156 34.37 52.53 64.02
C SER NA 156 34.44 54.06 64.10
N LEU NA 157 33.47 54.78 63.51
CA LEU NA 157 33.52 56.26 63.45
C LEU NA 157 33.89 56.81 64.84
N PRO NA 158 33.30 56.35 65.96
CA PRO NA 158 33.71 56.82 67.28
C PRO NA 158 35.20 56.56 67.46
N LEU NA 159 36.00 57.63 67.63
CA LEU NA 159 37.47 57.52 67.79
C LEU NA 159 37.84 57.80 69.25
N ARG NA 160 38.57 56.89 69.91
CA ARG NA 160 39.02 57.10 71.31
C ARG NA 160 40.23 56.20 71.58
N SER NA 161 41.00 56.50 72.63
CA SER NA 161 42.18 55.69 73.03
C SER NA 161 41.85 54.96 74.35
N SER NA 162 42.50 53.83 74.61
CA SER NA 162 42.24 53.04 75.85
C SER NA 162 43.55 52.46 76.39
N MET NA 163 43.62 52.21 77.69
CA MET NA 163 44.79 51.59 78.32
C MET NA 163 45.01 50.15 77.81
N GLY NA 164 43.92 49.40 77.62
CA GLY NA 164 43.95 48.07 77.02
C GLY NA 164 44.39 48.07 75.56
N MET NA 165 44.02 49.08 74.78
CA MET NA 165 44.54 49.25 73.42
C MET NA 165 46.07 49.40 73.43
N TYR NA 166 46.62 50.31 74.23
CA TYR NA 166 48.07 50.55 74.26
C TYR NA 166 48.85 49.34 74.78
N ASN NA 167 48.35 48.63 75.79
CA ASN NA 167 48.98 47.37 76.20
C ASN NA 167 48.89 46.31 75.09
N SER NA 168 47.74 46.19 74.42
CA SER NA 168 47.56 45.22 73.34
C SER NA 168 48.42 45.49 72.10
N MET NA 169 49.07 46.66 72.00
CA MET NA 169 50.09 46.92 70.99
C MET NA 169 51.36 46.11 71.20
N GLN NA 170 51.57 45.48 72.36
CA GLN NA 170 52.73 44.64 72.61
C GLN NA 170 52.80 43.56 71.52
N PRO NA 171 53.96 43.31 70.88
CA PRO NA 171 54.01 42.54 69.64
C PRO NA 171 53.41 41.14 69.72
N SER NA 172 53.63 40.42 70.83
CA SER NA 172 53.04 39.10 71.05
C SER NA 172 51.52 39.16 71.20
N ILE NA 173 51.01 40.16 71.93
CA ILE NA 173 49.57 40.33 72.14
C ILE NA 173 48.87 40.77 70.87
N HIS NA 174 49.43 41.74 70.13
CA HIS NA 174 48.91 42.17 68.85
C HIS NA 174 48.91 41.01 67.85
N LEU NA 175 49.99 40.22 67.78
CA LEU NA 175 50.04 39.03 66.94
C LEU NA 175 48.99 37.96 67.29
N MET NA 176 48.47 37.91 68.51
CA MET NA 176 47.37 37.00 68.85
C MET NA 176 45.99 37.50 68.44
N GLN NA 177 45.80 38.80 68.22
CA GLN NA 177 44.47 39.36 67.93
C GLN NA 177 43.85 38.85 66.62
N GLN NA 178 42.53 38.83 66.57
CA GLN NA 178 41.78 38.53 65.35
C GLN NA 178 41.83 39.70 64.36
N ASN NA 179 41.74 39.40 63.07
CA ASN NA 179 41.83 40.39 61.99
C ASN NA 179 43.12 41.23 62.03
N LYS NA 180 44.20 40.62 62.53
CA LYS NA 180 45.57 41.08 62.31
C LYS NA 180 45.97 40.85 60.85
N LEU NA 181 46.99 41.57 60.41
CA LEU NA 181 47.78 41.30 59.23
C LEU NA 181 49.24 41.22 59.65
N ILE NA 182 49.92 40.12 59.38
CA ILE NA 182 51.36 39.99 59.63
C ILE NA 182 52.08 40.23 58.31
N VAL NA 183 53.07 41.12 58.33
CA VAL NA 183 53.93 41.38 57.18
C VAL NA 183 55.34 40.90 57.53
N PRO NA 184 55.76 39.73 57.05
CA PRO NA 184 57.14 39.28 57.23
C PRO NA 184 58.09 40.21 56.50
N SER NA 185 59.28 40.40 57.01
CA SER NA 185 60.36 41.05 56.28
C SER NA 185 60.74 40.25 55.03
N LYS NA 186 61.43 40.89 54.08
CA LYS NA 186 61.98 40.21 52.90
C LYS NA 186 62.98 39.13 53.29
N GLN NA 187 63.68 39.29 54.42
CA GLN NA 187 64.56 38.28 54.99
C GLN NA 187 63.80 37.07 55.53
N THR NA 188 62.71 37.25 56.29
CA THR NA 188 61.98 36.10 56.87
C THR NA 188 61.09 35.38 55.85
N GLN NA 189 60.59 36.05 54.80
CA GLN NA 189 59.87 35.38 53.72
C GLN NA 189 59.99 36.14 52.40
N LYS NA 190 60.58 35.52 51.37
CA LYS NA 190 60.47 35.97 49.97
C LYS NA 190 59.09 35.63 49.43
N ARG NA 191 58.45 36.58 48.73
CA ARG NA 191 57.07 36.47 48.24
C ARG NA 191 56.97 36.81 46.76
N ARG NA 192 55.93 36.32 46.09
CA ARG NA 192 55.62 36.69 44.69
C ARG NA 192 55.35 38.18 44.55
N LYS NA 193 54.42 38.70 45.35
CA LYS NA 193 54.15 40.14 45.45
C LYS NA 193 54.83 40.69 46.70
N PRO NA 194 55.60 41.78 46.62
CA PRO NA 194 56.38 42.32 47.74
C PRO NA 194 55.54 43.10 48.76
N TYR NA 195 54.22 43.04 48.66
CA TYR NA 195 53.26 43.79 49.47
C TYR NA 195 52.01 42.95 49.73
N ILE NA 196 51.25 43.31 50.76
CA ILE NA 196 49.91 42.77 51.00
C ILE NA 196 48.89 43.89 50.80
N LYS NA 197 47.90 43.67 49.96
CA LYS NA 197 46.90 44.65 49.54
C LYS NA 197 45.54 44.31 50.11
N LYS NA 198 44.85 45.28 50.71
CA LYS NA 198 43.45 45.12 51.08
C LYS NA 198 42.63 46.40 51.05
N HIS NA 199 41.35 46.23 50.75
CA HIS NA 199 40.37 47.29 50.61
C HIS NA 199 39.58 47.45 51.90
N ILE NA 200 39.41 48.70 52.34
CA ILE NA 200 38.75 49.04 53.59
C ILE NA 200 37.54 49.93 53.29
N SER NA 201 36.37 49.51 53.76
CA SER NA 201 35.10 50.21 53.54
C SER NA 201 35.01 51.48 54.41
N PRO NA 202 34.18 52.49 54.09
CA PRO NA 202 33.98 53.63 54.98
C PRO NA 202 33.51 53.25 56.39
N PRO NA 203 33.71 54.12 57.39
CA PRO NA 203 33.05 53.98 58.68
C PRO NA 203 31.55 53.74 58.52
N THR NA 204 30.94 52.93 59.37
CA THR NA 204 29.49 52.63 59.24
C THR NA 204 28.62 53.89 59.38
N GLN NA 205 29.14 54.92 60.07
CA GLN NA 205 28.44 56.22 60.26
C GLN NA 205 28.59 57.10 59.01
N MET NA 206 29.62 56.89 58.20
CA MET NA 206 29.77 57.56 56.90
C MET NA 206 28.95 56.80 55.85
N LYS NA 207 27.75 57.29 55.55
CA LYS NA 207 26.85 56.66 54.56
C LYS NA 207 27.29 57.04 53.14
N SER NA 208 26.73 56.41 52.12
CA SER NA 208 27.10 56.69 50.71
C SER NA 208 26.67 58.07 50.22
N GLN NA 209 25.88 58.82 50.99
CA GLN NA 209 25.43 60.16 50.65
C GLN NA 209 26.57 61.16 50.41
N TRP NA 210 26.27 62.28 49.76
CA TRP NA 210 27.15 63.44 49.71
C TRP NA 210 27.19 64.19 51.03
N TYR NA 211 28.35 64.74 51.38
CA TYR NA 211 28.57 65.57 52.57
C TYR NA 211 29.37 66.80 52.18
N PHE NA 212 29.11 67.96 52.76
CA PHE NA 212 30.02 69.09 52.62
C PHE NA 212 31.42 68.73 53.13
N GLN NA 213 32.45 69.08 52.39
CA GLN NA 213 33.85 68.79 52.76
C GLN NA 213 34.21 69.47 54.10
N HIS NA 214 33.58 70.59 54.44
CA HIS NA 214 33.80 71.31 55.74
C HIS NA 214 33.32 70.42 56.90
N ASN NA 215 32.24 69.67 56.72
CA ASN NA 215 31.69 68.84 57.77
C ASN NA 215 32.53 67.58 58.01
N ILE NA 216 32.88 66.86 56.94
CA ILE NA 216 33.64 65.61 57.04
C ILE NA 216 35.15 65.80 57.17
N ALA NA 217 35.70 66.99 57.02
CA ALA NA 217 37.13 67.25 57.02
C ALA NA 217 37.88 66.57 58.18
N ASN NA 218 37.37 66.71 59.40
CA ASN NA 218 38.02 66.21 60.62
C ASN NA 218 37.53 64.84 61.10
N ILE NA 219 36.51 64.25 60.48
CA ILE NA 219 35.98 62.92 60.84
C ILE NA 219 37.05 61.87 60.53
N PRO NA 220 37.54 61.07 61.51
CA PRO NA 220 38.58 60.08 61.26
C PRO NA 220 37.99 58.88 60.52
N LEU NA 221 38.39 58.67 59.24
CA LEU NA 221 37.78 57.64 58.35
C LEU NA 221 38.54 56.31 58.41
N LEU NA 222 39.71 56.29 59.04
CA LEU NA 222 40.49 55.06 59.22
C LEU NA 222 41.40 55.19 60.45
N MET NA 223 41.50 54.15 61.26
CA MET NA 223 42.59 53.96 62.22
C MET NA 223 43.49 52.81 61.81
N ILE NA 224 44.80 53.01 61.75
CA ILE NA 224 45.79 51.95 61.55
C ILE NA 224 46.60 51.81 62.83
N ARG NA 225 46.70 50.59 63.36
CA ARG NA 225 47.57 50.22 64.50
C ARG NA 225 48.68 49.32 64.00
N THR NA 226 49.94 49.66 64.24
CA THR NA 226 51.09 48.86 63.79
C THR NA 226 52.08 48.67 64.91
N THR NA 227 52.68 47.49 65.02
CA THR NA 227 53.77 47.22 65.98
C THR NA 227 54.89 46.43 65.29
N ALA NA 228 56.14 46.77 65.60
CA ALA NA 228 57.33 46.09 65.13
C ALA NA 228 57.57 44.76 65.86
N LEU NA 229 58.04 43.75 65.14
CA LEU NA 229 57.96 42.35 65.52
C LEU NA 229 59.22 41.60 65.07
N THR NA 230 59.56 40.49 65.71
CA THR NA 230 60.33 39.44 65.01
C THR NA 230 59.68 38.08 65.19
N LEU NA 231 59.53 37.36 64.09
CA LEU NA 231 59.01 36.00 64.06
C LEU NA 231 60.11 34.95 64.36
N ASP NA 232 61.32 35.13 63.83
CA ASP NA 232 62.44 34.19 63.99
C ASP NA 232 63.20 34.31 65.32
N ASN NA 233 63.07 35.43 66.03
CA ASN NA 233 63.69 35.68 67.33
C ASN NA 233 62.63 35.93 68.40
N TYR NA 234 61.44 35.34 68.25
CA TYR NA 234 60.26 35.65 69.06
C TYR NA 234 60.49 35.56 70.57
N TYR NA 235 61.18 34.51 71.04
CA TYR NA 235 61.46 34.33 72.47
C TYR NA 235 62.75 34.99 72.92
N ILE NA 236 63.85 34.76 72.21
CA ILE NA 236 65.17 35.30 72.58
C ILE NA 236 65.20 36.82 72.43
N GLY NA 237 64.60 37.35 71.37
CA GLY NA 237 64.56 38.78 71.08
C GLY NA 237 65.96 39.34 70.95
N SER NA 238 66.32 40.26 71.84
CA SER NA 238 67.68 40.80 71.98
C SER NA 238 68.37 40.45 73.29
N ARG NA 239 67.94 39.38 73.97
CA ARG NA 239 68.57 38.83 75.18
C ARG NA 239 70.06 38.57 74.97
N GLN NA 240 70.87 38.91 75.97
CA GLN NA 240 72.29 38.60 76.05
C GLN NA 240 72.58 37.88 77.36
N LEU NA 241 73.43 36.84 77.35
CA LEU NA 241 73.74 36.03 78.54
C LEU NA 241 72.47 35.44 79.18
N SER NA 242 72.22 35.68 80.47
CA SER NA 242 71.09 35.14 81.23
C SER NA 242 69.72 35.63 80.71
N THR NA 243 68.66 34.88 80.98
CA THR NA 243 67.28 35.34 80.75
C THR NA 243 66.89 36.51 81.66
N ASN NA 244 67.51 36.61 82.84
CA ASN NA 244 67.29 37.71 83.79
C ASN NA 244 67.80 39.04 83.23
N VAL NA 245 66.99 40.10 83.37
CA VAL NA 245 67.38 41.49 83.12
C VAL NA 245 67.60 42.20 84.45
N THR NA 246 68.60 43.08 84.53
CA THR NA 246 68.87 43.87 85.73
C THR NA 246 68.18 45.22 85.66
N ILE NA 247 67.39 45.54 86.67
CA ILE NA 247 66.70 46.83 86.84
C ILE NA 247 67.40 47.60 87.95
N HIS NA 248 67.74 48.87 87.72
CA HIS NA 248 68.26 49.74 88.81
C HIS NA 248 67.03 50.42 89.40
N THR NA 249 67.02 50.72 90.71
CA THR NA 249 65.92 51.46 91.35
C THR NA 249 66.42 52.35 92.49
N LEU NA 250 65.63 53.36 92.85
CA LEU NA 250 65.93 54.19 94.03
C LEU NA 250 65.53 53.38 95.26
N ASN NA 251 66.43 53.16 96.23
CA ASN NA 251 66.05 52.48 97.49
C ASN NA 251 64.77 53.15 97.97
N THR NA 252 63.67 52.40 98.16
CA THR NA 252 62.38 52.95 98.61
C THR NA 252 62.43 53.14 100.10
N THR NA 253 63.19 52.31 100.83
CA THR NA 253 63.23 52.31 102.30
C THR NA 253 64.03 53.48 102.89
N TYR NA 254 64.63 54.35 102.06
CA TYR NA 254 65.42 55.50 102.51
C TYR NA 254 65.16 56.78 101.70
N ILE NA 255 65.01 56.67 100.38
CA ILE NA 255 64.76 57.81 99.48
C ILE NA 255 63.24 57.96 99.27
N GLN NA 256 62.56 58.85 100.00
CA GLN NA 256 61.07 58.93 99.85
C GLN NA 256 60.55 60.36 99.83
N ASN NA 257 61.36 61.36 100.19
CA ASN NA 257 60.80 62.70 100.35
C ASN NA 257 60.36 63.39 99.06
N ARG NA 258 60.90 63.00 97.90
CA ARG NA 258 60.50 63.56 96.57
C ARG NA 258 60.59 65.10 96.54
N ASP NA 259 61.49 65.72 97.32
CA ASP NA 259 61.68 67.18 97.32
C ASP NA 259 62.81 67.61 96.36
N TRP NA 260 62.68 67.27 95.08
CA TRP NA 260 63.78 67.37 94.11
C TRP NA 260 63.84 68.67 93.29
N GLY NA 261 65.03 68.97 92.79
CA GLY NA 261 65.23 69.97 91.74
C GLY NA 261 65.29 71.43 92.21
N ASP NA 262 65.79 71.70 93.42
CA ASP NA 262 66.14 73.03 93.90
C ASP NA 262 67.58 73.09 94.46
N ARG NA 263 68.29 74.20 94.22
CA ARG NA 263 69.59 74.45 94.88
C ARG NA 263 69.27 75.34 96.11
N ASN NA 264 67.99 75.69 96.29
CA ASN NA 264 67.51 76.56 97.37
C ASN NA 264 67.02 75.79 98.62
N LYS NA 265 67.30 74.48 98.70
CA LYS NA 265 66.78 73.57 99.74
C LYS NA 265 67.83 72.52 100.11
N THR NA 266 68.20 72.40 101.37
CA THR NA 266 69.04 71.28 101.85
C THR NA 266 68.24 69.97 101.75
N TYR NA 267 68.74 68.98 101.02
CA TYR NA 267 68.00 67.75 100.79
C TYR NA 267 68.04 66.81 102.00
N TYR NA 268 66.90 66.20 102.30
CA TYR NA 268 66.70 65.20 103.33
C TYR NA 268 65.93 64.04 102.70
N CYS NA 269 66.36 62.80 102.94
CA CYS NA 269 65.90 61.65 102.15
C CYS NA 269 64.58 61.06 102.64
N GLN NA 270 64.34 61.02 103.95
CA GLN NA 270 63.07 60.56 104.53
C GLN NA 270 62.69 61.32 105.81
N THR NA 271 61.42 61.29 106.14
CA THR NA 271 60.89 61.66 107.46
C THR NA 271 60.34 60.41 108.14
N LEU NA 272 60.63 60.23 109.43
CA LEU NA 272 59.98 59.20 110.27
C LEU NA 272 59.55 59.84 111.59
N GLY NA 273 58.31 59.63 112.01
CA GLY NA 273 57.73 60.39 113.13
C GLY NA 273 57.79 61.90 112.86
N THR NA 274 58.49 62.64 113.72
CA THR NA 274 58.82 64.06 113.53
C THR NA 274 60.20 64.31 112.89
N GLN NA 275 61.05 63.29 112.79
CA GLN NA 275 62.45 63.44 112.37
C GLN NA 275 62.60 63.70 110.87
N ARG NA 276 63.78 64.20 110.49
CA ARG NA 276 64.30 64.23 109.12
C ARG NA 276 65.63 63.46 109.08
N TYR NA 277 65.90 62.76 108.00
CA TYR NA 277 67.13 61.98 107.80
C TYR NA 277 67.91 62.51 106.61
N PHE NA 278 69.23 62.44 106.70
CA PHE NA 278 70.18 63.15 105.86
C PHE NA 278 71.29 62.20 105.41
N LEU NA 279 71.85 62.51 104.25
CA LEU NA 279 72.89 61.72 103.60
C LEU NA 279 74.18 62.54 103.53
N TYR NA 280 75.33 61.88 103.68
CA TYR NA 280 76.65 62.50 103.56
C TYR NA 280 77.58 61.60 102.76
N GLY NA 281 78.33 62.15 101.82
CA GLY NA 281 79.37 61.41 101.10
C GLY NA 281 80.72 61.51 101.82
N THR NA 282 81.61 60.54 101.65
CA THR NA 282 83.00 60.69 102.09
C THR NA 282 83.95 59.96 101.16
N HIS NA 283 85.20 60.45 101.06
CA HIS NA 283 86.27 59.74 100.31
C HIS NA 283 87.13 59.00 101.33
N SER NA 284 86.75 59.03 102.62
CA SER NA 284 87.54 58.41 103.68
C SER NA 284 87.74 56.91 103.47
N THR NA 285 88.95 56.44 103.75
CA THR NA 285 89.31 55.02 103.80
C THR NA 285 88.96 54.36 105.14
N ALA NA 286 88.40 55.10 106.11
CA ALA NA 286 88.05 54.60 107.42
C ALA NA 286 87.08 53.41 107.34
N GLN NA 287 87.41 52.32 108.01
CA GLN NA 287 86.62 51.09 108.00
C GLN NA 287 85.42 51.13 108.95
N ASN NA 288 85.50 51.93 110.03
CA ASN NA 288 84.50 51.96 111.09
C ASN NA 288 83.67 53.25 111.04
N ILE NA 289 82.35 53.11 110.91
CA ILE NA 289 81.41 54.23 110.83
C ILE NA 289 81.46 55.16 112.06
N ASN NA 290 81.89 54.67 113.22
CA ASN NA 290 81.99 55.46 114.44
C ASN NA 290 83.12 56.50 114.40
N ASP NA 291 84.31 56.15 113.85
CA ASP NA 291 85.53 57.01 113.96
C ASP NA 291 85.71 58.04 112.83
N ILE NA 292 84.90 58.02 111.79
CA ILE NA 292 84.94 59.07 110.75
C ILE NA 292 84.76 60.45 111.42
N LYS NA 293 85.51 61.45 110.95
CA LYS NA 293 85.46 62.82 111.52
C LYS NA 293 84.13 63.52 111.18
N LEU NA 294 83.92 64.71 111.74
CA LEU NA 294 82.76 65.54 111.33
C LEU NA 294 83.19 66.23 110.02
N GLN NA 295 84.51 66.32 109.77
CA GLN NA 295 85.07 66.98 108.56
C GLN NA 295 84.94 66.08 107.32
N GLU NA 296 85.22 64.78 107.45
CA GLU NA 296 85.23 63.86 106.28
C GLU NA 296 83.92 63.95 105.50
N LEU NA 297 82.77 64.07 106.19
CA LEU NA 297 81.45 64.06 105.52
C LEU NA 297 81.31 65.21 104.52
N ILE NA 298 80.74 64.95 103.33
CA ILE NA 298 80.46 65.99 102.30
C ILE NA 298 78.93 66.11 102.29
N PRO NA 299 78.34 67.09 102.99
CA PRO NA 299 76.90 67.16 103.17
C PRO NA 299 76.24 67.49 101.85
N LEU NA 300 74.99 67.05 101.64
CA LEU NA 300 74.27 67.29 100.35
C LEU NA 300 73.24 68.41 100.55
N THR NA 301 73.45 69.58 99.94
CA THR NA 301 72.56 70.75 100.07
C THR NA 301 71.92 71.04 98.73
N ASN NA 302 72.21 70.23 97.70
CA ASN NA 302 71.61 70.38 96.37
C ASN NA 302 71.19 68.99 95.87
N THR NA 303 70.03 68.89 95.19
CA THR NA 303 69.75 67.73 94.31
C THR NA 303 69.71 68.06 92.84
N GLN NA 304 69.51 69.36 92.51
CA GLN NA 304 69.29 69.83 91.11
C GLN NA 304 70.51 69.77 90.19
N ASP NA 305 71.72 69.53 90.70
CA ASP NA 305 72.92 69.54 89.83
C ASP NA 305 73.64 68.20 89.75
N TYR NA 306 74.47 68.03 88.71
CA TYR NA 306 75.34 66.85 88.58
C TYR NA 306 76.57 66.89 89.51
N VAL NA 307 76.80 68.00 90.20
CA VAL NA 307 78.04 68.27 90.94
C VAL NA 307 78.31 67.22 92.02
N GLN NA 308 79.57 66.76 92.11
CA GLN NA 308 80.04 65.78 93.12
C GLN NA 308 80.21 66.39 94.50
N GLY NA 309 80.47 67.70 94.57
CA GLY NA 309 81.00 68.35 95.76
C GLY NA 309 82.50 68.07 95.92
N PHE NA 310 83.05 68.42 97.07
CA PHE NA 310 84.44 68.13 97.44
C PHE NA 310 84.61 68.09 98.96
N ASP NA 311 85.71 67.50 99.41
CA ASP NA 311 86.04 67.33 100.82
C ASP NA 311 86.59 68.62 101.46
N TRP NA 312 86.46 68.76 102.79
CA TRP NA 312 86.96 69.89 103.58
C TRP NA 312 88.48 70.07 103.45
N THR NA 313 89.22 69.02 103.10
CA THR NA 313 90.65 69.11 102.78
C THR NA 313 90.95 70.03 101.58
N GLU NA 314 89.95 70.36 100.75
CA GLU NA 314 90.08 71.33 99.65
C GLU NA 314 89.60 72.74 100.02
N LYS NA 315 89.40 73.04 101.32
CA LYS NA 315 89.09 74.37 101.84
C LYS NA 315 89.93 75.48 101.20
N ASP NA 316 91.24 75.28 101.13
CA ASP NA 316 92.19 76.24 100.58
C ASP NA 316 92.19 76.32 99.04
N LYS NA 317 91.60 75.36 98.32
CA LYS NA 317 91.46 75.42 96.86
C LYS NA 317 90.29 76.30 96.41
N HIS NA 318 89.26 76.43 97.27
CA HIS NA 318 88.03 77.24 96.99
C HIS NA 318 87.92 78.39 98.00
N ASN NA 319 89.03 78.84 98.57
CA ASN NA 319 89.11 80.00 99.48
C ASN NA 319 88.01 79.98 100.56
N ILE NA 320 87.63 78.79 101.03
CA ILE NA 320 86.56 78.61 102.02
C ILE NA 320 87.01 79.11 103.39
N THR NA 321 86.18 79.93 104.02
CA THR NA 321 86.44 80.48 105.36
C THR NA 321 85.64 79.78 106.46
N THR NA 322 84.50 79.17 106.15
CA THR NA 322 83.58 78.58 107.12
C THR NA 322 82.90 77.34 106.58
N TYR NA 323 82.33 76.51 107.46
CA TYR NA 323 81.49 75.40 107.06
C TYR NA 323 80.26 75.85 106.24
N LYS NA 324 79.76 77.08 106.44
CA LYS NA 324 78.72 77.70 105.58
C LYS NA 324 79.19 77.81 104.12
N GLU NA 325 80.42 78.23 103.87
CA GLU NA 325 81.00 78.23 102.51
C GLU NA 325 81.36 76.82 102.02
N PHE NA 326 81.71 75.89 102.90
CA PHE NA 326 81.85 74.48 102.54
C PHE NA 326 80.52 73.86 102.07
N LEU NA 327 79.42 74.13 102.78
CA LEU NA 327 78.06 73.74 102.40
C LEU NA 327 77.66 74.29 101.02
N THR NA 328 77.95 75.56 100.73
CA THR NA 328 77.51 76.16 99.46
C THR NA 328 78.43 75.80 98.30
N LYS NA 329 79.75 75.81 98.47
CA LYS NA 329 80.69 75.48 97.38
C LYS NA 329 80.90 73.97 97.20
N GLY NA 330 80.96 73.20 98.29
CA GLY NA 330 81.50 71.84 98.31
C GLY NA 330 80.48 70.72 98.52
N ALA NA 331 79.19 71.01 98.74
CA ALA NA 331 78.19 69.96 98.87
C ALA NA 331 77.99 69.14 97.59
N GLY NA 332 77.71 67.84 97.73
CA GLY NA 332 77.59 66.89 96.64
C GLY NA 332 76.14 66.51 96.33
N ASN NA 333 75.77 66.32 95.08
CA ASN NA 333 74.43 65.85 94.76
C ASN NA 333 74.40 64.31 94.91
N PRO NA 334 73.40 63.72 95.59
CA PRO NA 334 73.41 62.29 95.92
C PRO NA 334 73.34 61.39 94.69
N PHE NA 335 72.86 61.92 93.57
CA PHE NA 335 72.73 61.24 92.29
C PHE NA 335 73.95 61.43 91.37
N HIS NA 336 75.05 62.02 91.84
CA HIS NA 336 76.31 62.01 91.08
C HIS NA 336 76.80 60.57 90.87
N ALA NA 337 77.56 60.30 89.82
CA ALA NA 337 77.92 58.93 89.37
C ALA NA 337 78.65 58.07 90.42
N GLU NA 338 79.32 58.68 91.41
CA GLU NA 338 79.91 57.92 92.53
C GLU NA 338 78.98 57.80 93.75
N TRP NA 339 78.15 58.80 94.05
CA TRP NA 339 77.23 58.74 95.19
C TRP NA 339 75.96 57.92 94.90
N ILE NA 340 75.49 57.88 93.64
CA ILE NA 340 74.26 57.21 93.21
C ILE NA 340 74.24 55.71 93.57
N THR NA 341 75.37 55.04 93.45
CA THR NA 341 75.59 53.63 93.83
C THR NA 341 76.62 53.48 94.96
N ALA NA 342 76.97 54.57 95.63
CA ALA NA 342 77.97 54.62 96.70
C ALA NA 342 79.30 53.93 96.33
N GLN NA 343 79.81 54.19 95.11
CA GLN NA 343 81.14 53.73 94.68
C GLN NA 343 82.21 54.16 95.69
N ASN NA 344 82.12 55.41 96.14
CA ASN NA 344 82.77 55.92 97.34
C ASN NA 344 81.70 55.99 98.46
N PRO NA 345 82.01 55.60 99.70
CA PRO NA 345 81.00 55.43 100.75
C PRO NA 345 80.07 56.63 100.96
N VAL NA 346 78.81 56.34 101.24
CA VAL NA 346 77.74 57.30 101.52
C VAL NA 346 77.09 56.91 102.85
N ILE NA 347 76.88 57.89 103.72
CA ILE NA 347 76.47 57.72 105.10
C ILE NA 347 75.08 58.32 105.30
N HIS NA 348 74.14 57.54 105.83
CA HIS NA 348 72.77 57.97 106.15
C HIS NA 348 72.65 58.18 107.65
N THR NA 349 72.04 59.28 108.10
CA THR NA 349 71.93 59.62 109.52
C THR NA 349 70.70 60.48 109.84
N ALA NA 350 70.23 60.44 111.08
CA ALA NA 350 69.26 61.40 111.59
C ALA NA 350 69.89 62.78 111.89
N ASN NA 351 71.21 62.87 112.02
CA ASN NA 351 71.87 64.10 112.43
C ASN NA 351 71.88 65.15 111.31
N SER NA 352 71.08 66.21 111.49
CA SER NA 352 70.94 67.28 110.50
C SER NA 352 72.27 68.03 110.32
N PRO NA 353 72.60 68.46 109.08
CA PRO NA 353 73.75 69.31 108.82
C PRO NA 353 73.78 70.54 109.71
N THR NA 354 72.64 71.11 110.10
CA THR NA 354 72.58 72.27 111.00
C THR NA 354 73.05 71.96 112.42
N GLN NA 355 72.89 70.73 112.92
CA GLN NA 355 73.55 70.34 114.16
C GLN NA 355 75.08 70.27 113.96
N ILE NA 356 75.53 69.77 112.81
CA ILE NA 356 76.96 69.82 112.44
C ILE NA 356 77.43 71.28 112.27
N GLU NA 357 76.61 72.18 111.72
CA GLU NA 357 76.91 73.63 111.64
C GLU NA 357 77.12 74.17 113.05
N GLN NA 358 76.23 73.88 114.00
CA GLN NA 358 76.38 74.32 115.38
C GLN NA 358 77.69 73.78 115.98
N ILE NA 359 78.07 72.53 115.74
CA ILE NA 359 79.36 71.99 116.24
C ILE NA 359 80.55 72.71 115.59
N TYR NA 360 80.56 72.91 114.27
CA TYR NA 360 81.62 73.67 113.59
C TYR NA 360 81.70 75.12 114.06
N THR NA 361 80.58 75.85 113.98
CA THR NA 361 80.52 77.29 114.26
C THR NA 361 80.79 77.57 115.74
N ALA NA 362 80.33 76.72 116.66
CA ALA NA 362 80.66 76.86 118.07
C ALA NA 362 82.17 76.81 118.31
N SER NA 363 82.90 75.88 117.68
CA SER NA 363 84.36 75.96 117.57
C SER NA 363 84.92 75.11 116.41
N THR NA 364 85.57 75.79 115.46
CA THR NA 364 86.23 75.18 114.30
C THR NA 364 87.41 74.28 114.70
N THR NA 365 88.08 74.63 115.80
CA THR NA 365 89.18 73.82 116.37
C THR NA 365 88.68 72.49 116.93
N THR NA 366 87.47 72.42 117.50
CA THR NA 366 86.88 71.14 117.96
C THR NA 366 86.19 70.36 116.84
N PHE NA 367 85.95 70.96 115.66
CA PHE NA 367 85.51 70.22 114.47
C PHE NA 367 86.57 69.23 113.98
N GLN NA 368 87.86 69.56 114.15
CA GLN NA 368 88.98 68.63 113.95
C GLN NA 368 88.91 67.45 114.94
N ASN NA 369 88.60 67.73 116.21
CA ASN NA 369 88.59 66.72 117.27
C ASN NA 369 87.36 65.80 117.19
N LYS NA 370 86.17 66.35 116.92
CA LYS NA 370 84.91 65.59 116.93
C LYS NA 370 84.87 64.55 115.80
N LYS NA 371 84.41 63.34 116.15
CA LYS NA 371 84.13 62.22 115.24
C LYS NA 371 82.63 61.92 115.21
N LEU NA 372 82.21 60.89 114.47
CA LEU NA 372 80.84 60.42 114.42
C LEU NA 372 80.35 59.81 115.74
N THR NA 373 81.26 59.40 116.64
CA THR NA 373 80.94 59.15 118.06
C THR NA 373 80.48 60.43 118.78
N ASP NA 374 79.60 60.28 119.76
CA ASP NA 374 79.12 61.36 120.64
C ASP NA 374 78.53 62.58 119.90
N LEU NA 375 78.02 62.39 118.68
CA LEU NA 375 77.25 63.41 117.97
C LEU NA 375 75.77 63.40 118.37
N PRO NA 376 75.04 64.51 118.17
CA PRO NA 376 73.59 64.51 118.36
C PRO NA 376 72.91 63.58 117.35
N THR NA 377 71.85 62.89 117.80
CA THR NA 377 71.07 61.91 117.00
C THR NA 377 71.95 61.12 116.01
N PRO NA 378 72.97 60.36 116.47
CA PRO NA 378 73.91 59.74 115.53
C PRO NA 378 73.54 58.37 114.96
N GLY NA 379 72.59 58.34 114.01
CA GLY NA 379 72.20 57.08 113.35
C GLY NA 379 73.06 56.89 112.12
N TYR NA 380 74.37 57.11 112.23
CA TYR NA 380 75.30 56.99 111.07
C TYR NA 380 75.36 55.54 110.60
N ILE NA 381 74.93 55.27 109.36
CA ILE NA 381 74.88 53.89 108.78
C ILE NA 381 75.53 53.96 107.40
N PHE NA 382 75.73 52.84 106.69
CA PHE NA 382 76.23 52.87 105.29
C PHE NA 382 75.08 52.45 104.37
N ILE NA 383 74.46 53.39 103.65
CA ILE NA 383 73.29 53.12 102.81
C ILE NA 383 73.56 53.55 101.37
N THR NA 384 73.10 52.78 100.39
CA THR NA 384 73.28 53.08 98.95
C THR NA 384 71.96 53.65 98.39
N PRO NA 385 71.97 54.83 97.71
CA PRO NA 385 70.75 55.39 97.12
C PRO NA 385 70.11 54.49 96.07
N THR NA 386 70.93 53.73 95.33
CA THR NA 386 70.50 52.75 94.33
C THR NA 386 70.64 51.32 94.84
N VAL NA 387 69.69 50.47 94.46
CA VAL NA 387 69.84 49.00 94.49
C VAL NA 387 69.57 48.45 93.08
N SER NA 388 70.23 47.36 92.71
CA SER NA 388 69.97 46.63 91.46
C SER NA 388 69.15 45.37 91.74
N LEU NA 389 68.01 45.23 91.08
CA LEU NA 389 67.14 44.05 91.13
C LEU NA 389 67.38 43.18 89.90
N ARG NA 390 67.10 41.87 89.99
CA ARG NA 390 66.99 40.96 88.84
C ARG NA 390 65.53 40.62 88.60
N TYR NA 391 65.08 40.78 87.36
CA TYR NA 391 63.74 40.42 86.91
C TYR NA 391 63.82 39.30 85.88
N ASN NA 392 62.99 38.28 86.02
CA ASN NA 392 62.85 37.20 85.06
C ASN NA 392 61.41 37.16 84.55
N PRO NA 393 61.15 37.35 83.24
CA PRO NA 393 59.80 37.42 82.71
C PRO NA 393 59.04 36.09 82.84
N TYR NA 394 59.77 34.97 82.81
CA TYR NA 394 59.14 33.62 82.88
C TYR NA 394 58.76 33.29 84.32
N LYS NA 395 59.33 34.02 85.28
CA LYS NA 395 59.04 33.81 86.73
C LYS NA 395 57.93 34.79 87.16
N ASP NA 396 57.37 35.57 86.23
CA ASP NA 396 56.36 36.60 86.57
C ASP NA 396 54.94 36.05 86.41
N LEU NA 397 54.12 36.12 87.46
CA LEU NA 397 52.77 35.55 87.45
C LEU NA 397 51.67 36.64 87.47
N ALA NA 398 52.04 37.91 87.53
CA ALA NA 398 51.10 39.03 87.45
C ALA NA 398 49.97 39.04 88.49
N GLU NA 399 50.15 38.46 89.69
CA GLU NA 399 49.06 38.36 90.68
C GLU NA 399 48.88 39.65 91.47
N ARG NA 400 49.95 40.44 91.67
CA ARG NA 400 49.94 41.70 92.43
C ARG NA 400 50.78 42.79 91.75
N ASN NA 401 50.95 42.69 90.44
CA ASN NA 401 51.62 43.68 89.62
C ASN NA 401 50.78 44.96 89.51
N LYS NA 402 51.44 46.12 89.46
CA LYS NA 402 50.78 47.44 89.48
C LYS NA 402 51.72 48.51 88.92
N CYS NA 403 51.20 49.61 88.41
CA CYS NA 403 51.99 50.63 87.74
C CYS NA 403 51.24 51.98 87.72
N TYR NA 404 51.91 53.10 88.05
CA TYR NA 404 51.32 54.44 88.06
C TYR NA 404 52.37 55.55 88.09
N PHE NA 405 51.96 56.79 87.80
CA PHE NA 405 52.82 57.97 87.88
C PHE NA 405 52.53 58.80 89.13
N VAL NA 406 53.58 59.27 89.81
CA VAL NA 406 53.51 60.20 90.94
C VAL NA 406 54.22 61.51 90.59
N ARG NA 407 53.85 62.61 91.22
CA ARG NA 407 54.41 63.95 90.97
C ARG NA 407 55.83 64.05 91.54
N SER NA 408 56.84 64.35 90.73
CA SER NA 408 58.24 64.42 91.17
C SER NA 408 58.56 65.75 91.86
N LYS NA 409 58.29 66.89 91.21
CA LYS NA 409 58.43 68.23 91.82
C LYS NA 409 57.19 68.64 92.63
N ILE NA 410 56.94 67.96 93.75
CA ILE NA 410 56.03 68.46 94.80
C ILE NA 410 56.55 68.10 96.19
N ASN NA 411 56.11 68.85 97.19
CA ASN NA 411 56.45 68.64 98.60
C ASN NA 411 55.53 67.59 99.26
N ALA NA 412 55.53 66.35 98.75
CA ALA NA 412 54.72 65.26 99.30
C ALA NA 412 55.54 63.99 99.54
N HIS NA 413 55.35 63.39 100.71
CA HIS NA 413 56.10 62.21 101.15
C HIS NA 413 55.54 60.92 100.54
N GLY NA 414 56.42 59.92 100.39
CA GLY NA 414 56.01 58.54 100.08
C GLY NA 414 55.64 58.30 98.63
N TRP NA 415 55.39 57.03 98.33
CA TRP NA 415 55.27 56.48 96.97
C TRP NA 415 53.90 55.88 96.66
N ASP NA 416 52.93 55.99 97.58
CA ASP NA 416 51.60 55.35 97.40
C ASP NA 416 50.95 55.83 96.09
N PRO NA 417 50.09 55.02 95.42
CA PRO NA 417 49.39 55.48 94.24
C PRO NA 417 48.61 56.72 94.64
N GLU NA 418 48.75 57.80 93.87
CA GLU NA 418 48.10 59.09 94.21
C GLU NA 418 47.50 59.74 92.96
N GLN NA 419 46.79 60.87 93.13
CA GLN NA 419 46.17 61.59 91.99
C GLN NA 419 45.18 60.64 91.29
N HIS NA 420 45.34 60.38 89.98
CA HIS NA 420 44.38 59.56 89.20
C HIS NA 420 44.45 58.09 89.64
N GLN NA 421 43.37 57.57 90.25
CA GLN NA 421 43.30 56.15 90.66
C GLN NA 421 42.72 55.34 89.49
N GLU NA 422 42.10 56.01 88.52
CA GLU NA 422 41.62 55.32 87.31
C GLU NA 422 42.76 55.06 86.30
N LEU NA 423 43.89 55.77 86.42
CA LEU NA 423 45.07 55.57 85.58
C LEU NA 423 45.99 54.47 86.08
N ILE NA 424 45.79 53.95 87.29
CA ILE NA 424 46.56 52.81 87.79
C ILE NA 424 46.35 51.61 86.86
N ASN NA 425 47.45 50.98 86.42
CA ASN NA 425 47.43 49.79 85.53
C ASN NA 425 47.86 48.57 86.36
N SER NA 426 47.07 47.49 86.42
CA SER NA 426 47.27 46.37 87.33
C SER NA 426 47.12 45.01 86.65
N ASP NA 427 47.68 43.98 87.28
CA ASP NA 427 47.39 42.55 87.00
C ASP NA 427 47.75 42.06 85.58
N LEU NA 428 48.86 42.54 85.02
CA LEU NA 428 49.49 41.98 83.82
C LEU NA 428 51.00 41.80 84.10
N PRO NA 429 51.70 40.88 83.43
CA PRO NA 429 53.14 40.74 83.63
C PRO NA 429 53.86 42.03 83.24
N GLN NA 430 54.90 42.45 83.98
CA GLN NA 430 55.57 43.77 83.81
C GLN NA 430 55.97 44.14 82.37
N TRP NA 431 56.35 43.18 81.53
CA TRP NA 431 56.65 43.44 80.12
C TRP NA 431 55.41 43.79 79.29
N LEU NA 432 54.22 43.33 79.69
CA LEU NA 432 52.95 43.72 79.09
C LEU NA 432 52.36 44.94 79.79
N LEU NA 433 52.49 45.05 81.11
CA LEU NA 433 51.94 46.13 81.91
C LEU NA 433 52.57 47.49 81.55
N LEU NA 434 53.88 47.53 81.30
CA LEU NA 434 54.59 48.76 80.99
C LEU NA 434 54.47 49.16 79.51
N PHE NA 435 54.17 48.23 78.60
CA PHE NA 435 54.23 48.50 77.16
C PHE NA 435 53.22 49.57 76.74
N GLY NA 436 53.71 50.71 76.21
CA GLY NA 436 52.86 51.81 75.78
C GLY NA 436 52.12 52.55 76.90
N TYR NA 437 52.29 52.18 78.18
CA TYR NA 437 51.59 52.83 79.28
C TYR NA 437 51.97 54.31 79.46
N PRO NA 438 53.26 54.71 79.43
CA PRO NA 438 53.62 56.12 79.41
C PRO NA 438 52.99 56.93 78.28
N ASP NA 439 52.89 56.37 77.08
CA ASP NA 439 52.26 57.06 75.96
C ASP NA 439 50.75 57.16 76.09
N TYR NA 440 50.07 56.14 76.63
CA TYR NA 440 48.67 56.27 76.98
C TYR NA 440 48.46 57.42 77.97
N ILE NA 441 49.32 57.53 78.98
CA ILE NA 441 49.24 58.61 79.97
C ILE NA 441 49.50 59.98 79.34
N LYS NA 442 50.54 60.12 78.51
CA LYS NA 442 50.78 61.37 77.77
C LYS NA 442 49.61 61.76 76.87
N ARG NA 443 49.06 60.82 76.09
CA ARG NA 443 47.93 61.09 75.17
C ARG NA 443 46.65 61.42 75.98
N THR NA 444 46.50 60.82 77.17
CA THR NA 444 45.38 61.14 78.06
C THR NA 444 45.42 62.58 78.59
N GLN NA 445 46.62 63.17 78.73
CA GLN NA 445 46.78 64.62 79.10
C GLN NA 445 46.19 64.95 80.48
N ASN NA 446 45.96 63.96 81.35
CA ASN NA 446 45.48 64.19 82.72
C ASN NA 446 46.61 64.60 83.70
N PHE NA 447 47.86 64.64 83.24
CA PHE NA 447 49.03 65.09 84.00
C PHE NA 447 49.75 66.23 83.28
N ALA NA 448 50.45 67.08 84.03
CA ALA NA 448 51.31 68.11 83.44
C ALA NA 448 52.40 67.45 82.58
N LEU NA 449 52.50 67.87 81.32
CA LEU NA 449 53.00 67.03 80.24
C LEU NA 449 54.49 66.66 80.36
N VAL NA 450 55.29 67.47 81.04
CA VAL NA 450 56.75 67.38 80.97
C VAL NA 450 57.32 66.19 81.77
N ASP NA 451 58.24 65.44 81.16
CA ASP NA 451 58.83 64.22 81.78
C ASP NA 451 59.51 64.52 83.12
N THR NA 452 59.98 65.75 83.32
CA THR NA 452 60.70 66.11 84.54
C THR NA 452 59.82 66.23 85.78
N ASN NA 453 58.50 66.31 85.61
CA ASN NA 453 57.58 66.63 86.71
C ASN NA 453 56.86 65.39 87.28
N TYR NA 454 57.13 64.20 86.75
CA TYR NA 454 56.55 62.95 87.21
C TYR NA 454 57.62 61.85 87.31
N ILE NA 455 57.33 60.84 88.11
CA ILE NA 455 58.08 59.57 88.21
C ILE NA 455 57.08 58.43 87.96
N LEU NA 456 57.53 57.42 87.26
CA LEU NA 456 56.87 56.13 87.13
C LEU NA 456 57.30 55.21 88.27
N VAL NA 457 56.31 54.60 88.91
CA VAL NA 457 56.44 53.73 90.09
C VAL NA 457 55.69 52.43 89.80
N ASP NA 458 56.28 51.27 90.10
CA ASP NA 458 55.60 49.98 89.87
C ASP NA 458 55.85 48.97 90.98
N HIS NA 459 54.86 48.13 91.25
CA HIS NA 459 54.95 47.02 92.20
C HIS NA 459 55.07 45.70 91.44
N CYS NA 460 55.99 44.84 91.86
CA CYS NA 460 56.19 43.53 91.26
C CYS NA 460 56.77 42.57 92.32
N PRO NA 461 56.00 41.57 92.79
CA PRO NA 461 56.48 40.53 93.70
C PRO NA 461 57.65 39.69 93.19
N TYR NA 462 57.91 39.70 91.88
CA TYR NA 462 58.63 38.62 91.19
C TYR NA 462 60.10 38.91 90.88
N THR NA 463 60.64 40.06 91.27
CA THR NA 463 62.10 40.23 91.33
C THR NA 463 62.68 39.38 92.46
N ASN NA 464 63.91 38.89 92.30
CA ASN NA 464 64.52 37.97 93.27
C ASN NA 464 64.87 38.68 94.60
N PRO NA 465 65.65 39.78 94.60
CA PRO NA 465 65.54 40.79 95.64
C PRO NA 465 64.27 41.61 95.43
N GLU NA 466 63.84 42.38 96.43
CA GLU NA 466 62.62 43.20 96.32
C GLU NA 466 62.80 44.59 96.94
N LYS NA 467 61.96 45.52 96.49
CA LYS NA 467 61.63 46.79 97.13
C LYS NA 467 60.12 46.99 96.97
N THR NA 468 59.44 47.58 97.95
CA THR NA 468 57.97 47.58 98.00
C THR NA 468 57.36 48.19 96.73
N PRO NA 469 57.58 49.47 96.39
CA PRO NA 469 57.60 49.91 95.01
C PRO NA 469 59.01 49.86 94.42
N PHE NA 470 59.05 49.96 93.09
CA PHE NA 470 60.32 50.11 92.35
C PHE NA 470 60.30 51.50 91.74
N ILE NA 471 61.43 52.19 91.66
CA ILE NA 471 61.50 53.49 90.93
C ILE NA 471 62.52 53.25 89.82
N PRO NA 472 62.19 52.54 88.72
CA PRO NA 472 63.20 52.18 87.74
C PRO NA 472 64.04 53.37 87.32
N LEU NA 473 65.35 53.20 87.14
CA LEU NA 473 66.27 54.23 86.65
C LEU NA 473 67.13 53.66 85.53
N SER NA 474 67.34 54.43 84.48
CA SER NA 474 68.15 53.97 83.34
C SER NA 474 69.63 53.94 83.69
N THR NA 475 70.35 53.01 83.07
CA THR NA 475 71.81 52.88 83.22
C THR NA 475 72.52 54.21 82.94
N SER NA 476 72.01 55.04 82.02
CA SER NA 476 72.55 56.38 81.78
C SER NA 476 72.50 57.30 83.00
N PHE NA 477 71.40 57.33 83.76
CA PHE NA 477 71.30 58.11 85.00
C PHE NA 477 72.12 57.51 86.14
N ILE NA 478 72.19 56.18 86.21
CA ILE NA 478 73.05 55.45 87.15
C ILE NA 478 74.54 55.61 86.81
N GLU NA 479 74.88 56.03 85.60
CA GLU NA 479 76.25 56.29 85.13
C GLU NA 479 76.54 57.78 84.88
N GLY NA 480 75.64 58.70 85.25
CA GLY NA 480 75.91 60.14 85.11
C GLY NA 480 75.97 60.62 83.67
N ARG NA 481 74.93 60.34 82.88
CA ARG NA 481 74.90 60.69 81.43
C ARG NA 481 73.48 61.04 80.99
N SER NA 482 73.33 61.83 79.92
CA SER NA 482 72.01 62.26 79.42
C SER NA 482 71.14 61.07 78.93
N PRO NA 483 69.80 61.19 78.96
CA PRO NA 483 68.87 60.06 78.76
C PRO NA 483 69.13 59.14 77.57
N TYR NA 484 69.56 59.69 76.43
CA TYR NA 484 69.91 58.94 75.20
C TYR NA 484 71.28 59.37 74.65
N SER NA 485 72.29 59.54 75.53
CA SER NA 485 73.64 59.95 75.15
C SER NA 485 74.61 58.75 75.13
N PRO NA 486 75.53 58.67 74.15
CA PRO NA 486 76.43 57.52 74.00
C PRO NA 486 77.38 57.36 75.18
N SER NA 487 77.67 56.11 75.53
CA SER NA 487 78.42 55.71 76.73
C SER NA 487 79.84 56.27 76.83
N ASP NA 488 80.42 56.79 75.74
CA ASP NA 488 81.76 57.44 75.78
C ASP NA 488 81.70 58.70 76.65
N THR NA 489 80.51 59.28 76.80
CA THR NA 489 80.25 60.48 77.60
C THR NA 489 80.19 60.12 79.09
N HIS NA 490 80.74 60.99 79.98
CA HIS NA 490 80.76 60.76 81.45
C HIS NA 490 80.20 61.98 82.20
N GLU NA 491 79.37 62.80 81.56
CA GLU NA 491 78.67 63.94 82.15
C GLU NA 491 77.34 64.18 81.42
N PRO NA 492 76.30 64.69 82.09
CA PRO NA 492 75.14 65.23 81.39
C PRO NA 492 75.51 66.43 80.49
N ASP NA 493 74.74 66.64 79.41
CA ASP NA 493 74.73 67.91 78.66
C ASP NA 493 74.08 69.02 79.50
N GLU NA 494 74.37 70.30 79.25
CA GLU NA 494 74.05 71.41 80.17
C GLU NA 494 72.59 71.43 80.68
N GLU NA 495 71.62 71.17 79.81
CA GLU NA 495 70.20 71.13 80.19
C GLU NA 495 69.84 69.92 81.09
N ASP NA 496 70.59 68.82 81.00
CA ASP NA 496 70.53 67.69 81.94
C ASP NA 496 71.53 67.83 83.10
N GLN NA 497 72.52 68.73 83.04
CA GLN NA 497 73.30 69.09 84.24
C GLN NA 497 72.43 69.84 85.24
N ASN NA 498 71.55 70.72 84.73
CA ASN NA 498 70.36 71.17 85.43
C ASN NA 498 69.31 70.03 85.51
N ARG NA 499 68.43 70.16 86.52
CA ARG NA 499 67.33 69.19 86.74
C ARG NA 499 67.88 67.77 86.87
N TRP NA 500 69.07 67.58 87.47
CA TRP NA 500 69.70 66.23 87.63
C TRP NA 500 69.10 65.51 88.83
N TYR NA 501 67.84 65.08 88.73
CA TYR NA 501 67.12 64.41 89.80
C TYR NA 501 66.14 63.36 89.25
N PRO NA 502 65.71 62.37 90.04
CA PRO NA 502 64.76 61.34 89.60
C PRO NA 502 63.49 61.89 88.95
N CYS NA 503 63.27 61.53 87.68
CA CYS NA 503 62.05 61.84 86.93
C CYS NA 503 61.95 60.91 85.72
N TYR NA 504 60.76 60.82 85.12
CA TYR NA 504 60.44 59.91 84.03
C TYR NA 504 61.40 59.99 82.85
N GLN NA 505 61.97 61.17 82.58
CA GLN NA 505 62.95 61.35 81.46
C GLN NA 505 64.17 60.42 81.65
N TYR NA 506 64.60 60.18 82.89
CA TYR NA 506 65.70 59.28 83.18
C TYR NA 506 65.27 57.82 83.35
N GLN NA 507 63.98 57.52 83.43
CA GLN NA 507 63.46 56.15 83.58
C GLN NA 507 63.23 55.43 82.24
N GLN NA 508 63.13 56.17 81.13
CA GLN NA 508 62.64 55.66 79.85
C GLN NA 508 63.36 54.40 79.35
N GLU NA 509 64.68 54.38 79.35
CA GLU NA 509 65.43 53.23 78.84
C GLU NA 509 65.25 52.00 79.75
N SER NA 510 65.08 52.16 81.06
CA SER NA 510 64.83 51.04 81.97
C SER NA 510 63.49 50.35 81.70
N ILE NA 511 62.40 51.10 81.51
CA ILE NA 511 61.11 50.47 81.21
C ILE NA 511 61.05 49.93 79.79
N ASN NA 512 61.78 50.52 78.84
CA ASN NA 512 61.95 49.90 77.54
C ASN NA 512 62.69 48.57 77.68
N SER NA 513 63.73 48.49 78.49
CA SER NA 513 64.48 47.26 78.75
C SER NA 513 63.62 46.17 79.38
N ILE NA 514 62.72 46.53 80.30
CA ILE NA 514 61.72 45.59 80.85
C ILE NA 514 60.75 45.12 79.75
N CYS NA 515 60.26 45.99 78.89
CA CYS NA 515 59.41 45.60 77.76
C CYS NA 515 60.13 44.68 76.76
N LEU NA 516 61.41 44.94 76.48
CA LEU NA 516 62.27 44.08 75.66
C LEU NA 516 62.48 42.69 76.26
N SER NA 517 62.29 42.50 77.56
CA SER NA 517 62.29 41.15 78.13
C SER NA 517 61.06 40.33 77.69
N GLY NA 518 59.98 40.97 77.25
CA GLY NA 518 58.78 40.29 76.78
C GLY NA 518 58.91 39.67 75.39
N PRO NA 519 58.07 38.70 75.05
CA PRO NA 519 58.12 37.99 73.78
C PRO NA 519 57.73 38.86 72.58
N GLY NA 520 58.19 38.47 71.40
CA GLY NA 520 57.94 39.10 70.11
C GLY NA 520 58.73 40.38 69.84
N THR NA 521 59.38 40.96 70.84
CA THR NA 521 60.13 42.21 70.68
C THR NA 521 61.38 42.01 69.80
N PRO NA 522 61.59 42.84 68.77
CA PRO NA 522 62.64 42.60 67.77
C PRO NA 522 64.06 42.87 68.27
N LYS NA 523 65.04 42.27 67.58
CA LYS NA 523 66.47 42.54 67.70
C LYS NA 523 66.91 43.50 66.59
N ILE NA 524 67.37 44.70 66.94
CA ILE NA 524 67.84 45.69 65.96
C ILE NA 524 69.27 46.07 66.32
N PRO NA 525 70.27 45.86 65.44
CA PRO NA 525 71.65 46.26 65.71
C PRO NA 525 71.78 47.75 66.04
N LYS NA 526 72.67 48.10 66.98
CA LYS NA 526 72.90 49.52 67.33
C LYS NA 526 73.38 50.32 66.13
N GLY NA 527 72.82 51.51 65.94
CA GLY NA 527 73.05 52.36 64.77
C GLY NA 527 72.20 52.05 63.54
N ILE NA 528 71.34 51.02 63.57
CA ILE NA 528 70.38 50.73 62.50
C ILE NA 528 68.99 51.19 62.96
N THR NA 529 68.27 51.86 62.08
CA THR NA 529 66.85 52.22 62.27
C THR NA 529 65.99 51.34 61.38
N ALA NA 530 65.09 50.57 61.97
CA ALA NA 530 64.11 49.81 61.23
C ALA NA 530 62.91 50.71 60.89
N GLU NA 531 62.26 50.49 59.75
CA GLU NA 531 61.20 51.35 59.23
C GLU NA 531 60.11 50.48 58.61
N ALA NA 532 58.88 50.96 58.57
CA ALA NA 532 57.80 50.34 57.79
C ALA NA 532 56.95 51.41 57.13
N LYS NA 533 56.39 51.09 55.96
CA LYS NA 533 55.54 52.00 55.20
C LYS NA 533 54.34 51.29 54.58
N VAL NA 534 53.27 52.03 54.39
CA VAL NA 534 52.09 51.65 53.62
C VAL NA 534 51.92 52.64 52.47
N LYS NA 535 51.47 52.18 51.31
CA LYS NA 535 50.94 53.05 50.26
C LYS NA 535 49.43 53.03 50.33
N TYR NA 536 48.81 54.21 50.42
CA TYR NA 536 47.37 54.35 50.52
C TYR NA 536 46.79 54.94 49.26
N SER NA 537 45.52 54.66 49.01
CA SER NA 537 44.69 55.31 48.00
C SER NA 537 43.28 55.47 48.54
N PHE NA 538 42.94 56.67 49.00
CA PHE NA 538 41.57 56.99 49.43
C PHE NA 538 40.73 57.43 48.25
N ASN NA 539 39.54 56.88 48.09
CA ASN NA 539 38.68 57.15 46.95
C ASN NA 539 37.58 58.15 47.35
N PHE NA 540 37.54 59.28 46.66
CA PHE NA 540 36.55 60.33 46.86
C PHE NA 540 35.92 60.70 45.52
N LYS NA 541 34.75 61.31 45.58
CA LYS NA 541 34.21 62.13 44.50
C LYS NA 541 33.99 63.53 45.03
N TRP NA 542 34.20 64.53 44.19
CA TRP NA 542 33.89 65.93 44.48
C TRP NA 542 32.65 66.33 43.68
N GLY NA 543 31.71 67.03 44.30
CA GLY NA 543 30.43 67.38 43.69
C GLY NA 543 30.17 68.88 43.74
N GLY NA 544 29.52 69.41 42.72
CA GLY NA 544 29.11 70.81 42.71
C GLY NA 544 28.41 71.22 41.42
N ASP NA 545 27.99 72.48 41.37
CA ASP NA 545 27.66 73.17 40.14
C ASP NA 545 28.93 73.47 39.32
N LEU NA 546 28.78 73.66 38.01
CA LEU NA 546 29.91 73.81 37.09
C LEU NA 546 30.80 75.03 37.47
N PRO NA 547 32.12 74.86 37.58
CA PRO NA 547 33.04 75.93 37.94
C PRO NA 547 33.44 76.82 36.74
N PRO NA 548 34.01 78.01 36.99
CA PRO NA 548 34.63 78.86 35.97
C PRO NA 548 36.02 78.34 35.52
N MET NA 549 36.57 78.91 34.44
CA MET NA 549 37.85 78.51 33.84
C MET NA 549 38.51 79.68 33.08
N SER NA 550 39.82 79.61 32.79
CA SER NA 550 40.57 80.65 32.05
C SER NA 550 41.54 80.08 31.00
N THR NA 551 42.02 80.93 30.09
CA THR NA 551 42.74 80.53 28.86
C THR NA 551 43.98 81.39 28.60
N ILE NA 552 44.87 80.89 27.73
CA ILE NA 552 46.20 81.45 27.44
C ILE NA 552 46.28 81.89 25.97
N THR NA 553 47.00 82.97 25.66
CA THR NA 553 47.17 83.44 24.26
C THR NA 553 47.82 82.37 23.39
N ASN NA 554 47.40 82.23 22.13
CA ASN NA 554 48.04 81.30 21.21
C ASN NA 554 49.48 81.70 20.80
N PRO NA 555 49.79 82.97 20.46
CA PRO NA 555 51.13 83.33 19.98
C PRO NA 555 52.21 83.12 21.02
N THR NA 556 51.97 83.52 22.28
CA THR NA 556 52.94 83.30 23.38
C THR NA 556 52.57 82.02 24.09
N ASP NA 557 52.93 80.87 23.51
CA ASP NA 557 52.55 79.54 24.07
C ASP NA 557 53.68 78.54 23.79
N GLN NA 558 53.57 77.31 24.27
CA GLN NA 558 54.60 76.27 24.05
C GLN NA 558 55.05 76.35 22.58
N PRO NA 559 56.31 76.74 22.27
CA PRO NA 559 56.74 76.91 20.89
C PRO NA 559 57.19 75.59 20.26
N THR NA 560 56.88 75.39 18.97
CA THR NA 560 57.34 74.19 18.27
C THR NA 560 58.87 74.17 18.17
N TYR NA 561 59.50 73.00 18.09
CA TYR NA 561 60.97 72.88 18.01
C TYR NA 561 61.57 73.72 16.87
N VAL NA 562 60.82 73.92 15.78
CA VAL NA 562 61.18 74.76 14.64
C VAL NA 562 61.44 76.21 15.08
N LYS OA 48 -29.35 -52.74 -43.25
CA LYS OA 48 -29.94 -52.24 -44.52
C LYS OA 48 -29.14 -52.71 -45.74
N ARG OA 49 -27.92 -52.21 -45.94
CA ARG OA 49 -26.98 -52.66 -46.98
C ARG OA 49 -25.56 -52.76 -46.43
N LEU OA 50 -24.81 -53.75 -46.89
CA LEU OA 50 -23.46 -54.06 -46.43
C LEU OA 50 -22.47 -54.04 -47.59
N ASN OA 51 -21.22 -53.66 -47.31
CA ASN OA 51 -20.12 -53.87 -48.24
C ASN OA 51 -19.88 -55.37 -48.45
N ILE OA 52 -19.67 -55.80 -49.69
CA ILE OA 52 -19.18 -57.14 -49.97
C ILE OA 52 -17.69 -57.20 -49.60
N VAL OA 53 -17.29 -58.25 -48.90
CA VAL OA 53 -15.95 -58.46 -48.35
C VAL OA 53 -15.43 -59.81 -48.82
N GLU OA 54 -14.14 -59.87 -49.09
CA GLU OA 54 -13.43 -61.11 -49.46
C GLU OA 54 -12.32 -61.38 -48.45
N TRP OA 55 -12.05 -62.66 -48.16
CA TRP OA 55 -10.94 -63.06 -47.30
C TRP OA 55 -9.71 -63.33 -48.13
N GLN OA 56 -8.64 -62.60 -47.80
CA GLN OA 56 -7.38 -62.64 -48.58
C GLN OA 56 -6.76 -64.04 -48.53
N PRO OA 57 -6.18 -64.51 -49.64
CA PRO OA 57 -5.60 -65.85 -49.72
C PRO OA 57 -4.31 -65.96 -48.91
N LYS OA 58 -3.93 -67.19 -48.57
CA LYS OA 58 -2.87 -67.51 -47.59
C LYS OA 58 -1.49 -66.98 -47.97
N SER OA 59 -1.11 -67.05 -49.25
CA SER OA 59 0.12 -66.48 -49.78
C SER OA 59 -0.14 -65.68 -51.05
N ILE OA 60 0.52 -64.52 -51.17
CA ILE OA 60 0.33 -63.55 -52.25
C ILE OA 60 1.70 -63.14 -52.82
N ARG OA 61 1.81 -63.03 -54.15
CA ARG OA 61 3.07 -62.62 -54.82
C ARG OA 61 2.84 -61.62 -55.98
N LYS OA 62 3.21 -60.35 -55.80
CA LYS OA 62 3.09 -59.32 -56.86
C LYS OA 62 3.91 -59.70 -58.08
N CYS OA 63 3.38 -59.50 -59.28
CA CYS OA 63 4.07 -59.72 -60.54
C CYS OA 63 3.72 -58.62 -61.54
N ARG OA 64 4.77 -57.91 -62.02
CA ARG OA 64 4.60 -56.90 -63.09
C ARG OA 64 5.03 -57.51 -64.44
N ILE OA 65 4.08 -57.85 -65.31
CA ILE OA 65 4.40 -58.38 -66.63
C ILE OA 65 4.86 -57.20 -67.49
N LYS OA 66 6.17 -57.06 -67.71
CA LYS OA 66 6.81 -55.93 -68.36
C LYS OA 66 7.30 -56.31 -69.74
N GLY OA 67 7.07 -55.48 -70.75
CA GLY OA 67 7.53 -55.79 -72.11
C GLY OA 67 7.29 -54.65 -73.10
N MET OA 68 7.54 -54.93 -74.36
CA MET OA 68 7.47 -53.97 -75.46
C MET OA 68 6.49 -54.47 -76.52
N LEU OA 69 5.58 -53.63 -77.00
CA LEU OA 69 4.57 -53.95 -78.01
C LEU OA 69 4.73 -53.05 -79.24
N CYS OA 70 4.81 -53.64 -80.43
CA CYS OA 70 4.78 -52.90 -81.68
C CYS OA 70 3.36 -52.44 -82.01
N LEU OA 71 3.14 -51.12 -82.15
CA LEU OA 71 1.82 -50.57 -82.45
C LEU OA 71 1.51 -50.64 -83.95
N PHE OA 72 2.46 -50.31 -84.80
CA PHE OA 72 2.40 -50.54 -86.23
C PHE OA 72 3.82 -50.61 -86.78
N GLN OA 73 3.98 -51.19 -87.96
CA GLN OA 73 5.14 -50.98 -88.79
C GLN OA 73 4.68 -50.93 -90.24
N THR OA 74 4.93 -49.82 -90.92
CA THR OA 74 4.24 -49.44 -92.15
C THR OA 74 5.18 -48.85 -93.19
N THR OA 75 4.89 -49.14 -94.46
CA THR OA 75 5.32 -48.34 -95.62
C THR OA 75 4.16 -47.45 -96.07
N GLU OA 76 4.39 -46.56 -97.04
CA GLU OA 76 3.33 -45.67 -97.57
C GLU OA 76 2.19 -46.45 -98.25
N ASP OA 77 2.49 -47.54 -98.95
CA ASP OA 77 1.53 -48.38 -99.67
C ASP OA 77 0.71 -49.32 -98.77
N ARG OA 78 0.93 -49.28 -97.45
CA ARG OA 78 0.18 -50.03 -96.45
C ARG OA 78 -0.48 -49.16 -95.38
N LEU OA 79 -0.47 -47.84 -95.51
CA LEU OA 79 -0.98 -46.94 -94.46
C LEU OA 79 -2.45 -47.13 -94.12
N SER OA 80 -3.30 -47.45 -95.10
CA SER OA 80 -4.74 -47.62 -94.89
C SER OA 80 -5.15 -49.00 -94.36
N TYR OA 81 -4.20 -49.90 -94.06
CA TYR OA 81 -4.46 -51.28 -93.63
C TYR OA 81 -4.08 -51.53 -92.18
N ASN OA 82 -4.77 -52.46 -91.54
CA ASN OA 82 -4.53 -52.89 -90.18
C ASN OA 82 -3.25 -53.73 -90.08
N PHE OA 83 -2.32 -53.34 -89.21
CA PHE OA 83 -1.13 -54.11 -88.86
C PHE OA 83 -1.46 -55.24 -87.89
N ASP OA 84 -1.30 -56.48 -88.36
CA ASP OA 84 -1.18 -57.66 -87.51
C ASP OA 84 0.27 -58.15 -87.54
N MET OA 85 0.88 -58.34 -86.37
CA MET OA 85 2.25 -58.84 -86.27
C MET OA 85 2.35 -60.33 -86.60
N TYR OA 86 1.26 -61.07 -86.37
CA TYR OA 86 1.12 -62.48 -86.69
C TYR OA 86 0.16 -62.62 -87.87
N GLU OA 87 0.71 -62.97 -89.02
CA GLU OA 87 0.22 -62.60 -90.34
C GLU OA 87 -0.76 -63.57 -91.02
N GLU OA 88 -1.50 -63.05 -92.00
CA GLU OA 88 -1.98 -63.88 -93.12
C GLU OA 88 -0.74 -64.11 -94.00
N SER OA 89 -0.28 -65.35 -94.15
CA SER OA 89 1.10 -65.72 -94.51
C SER OA 89 1.68 -65.10 -95.81
N ILE OA 90 0.83 -64.60 -96.70
CA ILE OA 90 1.24 -63.86 -97.90
C ILE OA 90 1.66 -62.41 -97.62
N ILE OA 91 1.08 -61.74 -96.60
CA ILE OA 91 1.30 -60.32 -96.35
C ILE OA 91 2.79 -59.98 -96.15
N PRO OA 92 3.57 -60.65 -95.28
CA PRO OA 92 4.97 -60.28 -95.10
C PRO OA 92 5.88 -60.68 -96.28
N GLU OA 93 5.41 -61.47 -97.24
CA GLU OA 93 6.23 -61.82 -98.42
C GLU OA 93 6.43 -60.59 -99.30
N LYS OA 94 7.66 -60.05 -99.29
CA LYS OA 94 8.05 -58.83 -100.00
C LYS OA 94 7.31 -57.56 -99.55
N LEU OA 95 6.79 -57.51 -98.31
CA LEU OA 95 6.42 -56.25 -97.62
C LEU OA 95 7.15 -56.12 -96.28
N PRO OA 96 7.93 -55.05 -96.05
CA PRO OA 96 8.64 -54.86 -94.78
C PRO OA 96 7.75 -54.31 -93.65
N GLY OA 97 6.56 -53.77 -93.96
CA GLY OA 97 5.57 -53.35 -92.97
C GLY OA 97 4.15 -53.58 -93.47
N GLY OA 98 3.30 -54.18 -92.63
CA GLY OA 98 2.00 -54.70 -93.05
C GLY OA 98 0.83 -53.73 -92.94
N GLY OA 99 0.93 -52.64 -92.17
CA GLY OA 99 -0.21 -51.75 -91.94
C GLY OA 99 0.13 -50.51 -91.13
N GLY OA 100 -0.59 -49.42 -91.37
CA GLY OA 100 -0.35 -48.11 -90.75
C GLY OA 100 -1.25 -47.78 -89.57
N PHE OA 101 -2.18 -48.66 -89.23
CA PHE OA 101 -2.97 -48.55 -87.99
C PHE OA 101 -3.09 -49.93 -87.37
N SER OA 102 -3.38 -50.04 -86.09
CA SER OA 102 -3.78 -51.32 -85.51
C SER OA 102 -4.83 -51.15 -84.43
N ILE OA 103 -5.60 -52.22 -84.21
CA ILE OA 103 -6.35 -52.42 -82.99
C ILE OA 103 -5.75 -53.63 -82.27
N LYS OA 104 -5.23 -53.43 -81.07
CA LYS OA 104 -4.65 -54.46 -80.20
C LYS OA 104 -5.61 -54.75 -79.07
N ASN OA 105 -5.94 -56.01 -78.81
CA ASN OA 105 -6.56 -56.45 -77.56
C ASN OA 105 -5.52 -57.22 -76.74
N ILE OA 106 -5.35 -56.84 -75.47
CA ILE OA 106 -4.42 -57.49 -74.55
C ILE OA 106 -5.19 -58.30 -73.51
N SER OA 107 -4.82 -59.55 -73.33
CA SER OA 107 -5.33 -60.45 -72.30
C SER OA 107 -4.17 -61.17 -71.64
N LEU OA 108 -4.37 -61.72 -70.45
CA LEU OA 108 -3.33 -62.48 -69.74
C LEU OA 108 -2.82 -63.67 -70.56
N TYR OA 109 -3.66 -64.29 -71.39
CA TYR OA 109 -3.21 -65.31 -72.32
C TYR OA 109 -2.37 -64.75 -73.47
N ALA OA 110 -2.73 -63.59 -74.03
CA ALA OA 110 -1.89 -62.91 -75.01
C ALA OA 110 -0.55 -62.47 -74.40
N LEU OA 111 -0.51 -62.02 -73.14
CA LEU OA 111 0.74 -61.75 -72.43
C LEU OA 111 1.60 -63.00 -72.25
N TYR OA 112 1.00 -64.15 -71.95
CA TYR OA 112 1.71 -65.43 -71.94
C TYR OA 112 2.23 -65.81 -73.33
N GLN OA 113 1.47 -65.61 -74.41
CA GLN OA 113 1.95 -65.84 -75.77
C GLN OA 113 3.11 -64.92 -76.14
N GLU OA 114 3.10 -63.66 -75.74
CA GLU OA 114 4.24 -62.75 -75.92
C GLU OA 114 5.46 -63.20 -75.11
N HIS OA 115 5.28 -63.93 -74.00
CA HIS OA 115 6.41 -64.49 -73.21
C HIS OA 115 7.04 -65.67 -73.98
N ILE OA 116 6.25 -66.41 -74.76
CA ILE OA 116 6.79 -67.48 -75.62
C ILE OA 116 7.62 -66.91 -76.78
N HIS OA 117 7.29 -65.72 -77.27
CA HIS OA 117 8.13 -64.97 -78.22
C HIS OA 117 9.30 -64.22 -77.56
N ALA OA 118 9.48 -64.35 -76.24
CA ALA OA 118 10.45 -63.62 -75.43
C ALA OA 118 10.29 -62.08 -75.50
N HIS OA 119 9.09 -61.58 -75.78
CA HIS OA 119 8.82 -60.14 -75.86
C HIS OA 119 8.53 -59.49 -74.51
N ASN OA 120 8.35 -60.26 -73.44
CA ASN OA 120 8.14 -59.76 -72.10
C ASN OA 120 8.80 -60.64 -71.04
N ILE OA 121 8.91 -60.09 -69.83
CA ILE OA 121 9.28 -60.80 -68.61
C ILE OA 121 8.07 -60.82 -67.66
N PHE OA 122 7.95 -61.89 -66.87
CA PHE OA 122 7.09 -61.93 -65.71
C PHE OA 122 7.98 -61.76 -64.47
N THR OA 123 7.75 -60.71 -63.68
CA THR OA 123 8.60 -60.41 -62.51
C THR OA 123 8.53 -61.50 -61.43
N HIS OA 124 7.44 -62.26 -61.43
CA HIS OA 124 7.29 -63.43 -60.53
C HIS OA 124 6.52 -64.49 -61.32
N THR OA 125 6.92 -65.75 -61.26
CA THR OA 125 6.17 -66.87 -61.85
C THR OA 125 4.83 -67.08 -61.16
N ASN OA 126 3.93 -67.76 -61.86
CA ASN OA 126 2.57 -68.06 -61.44
C ASN OA 126 2.30 -69.57 -61.31
N THR OA 127 3.33 -70.41 -61.30
CA THR OA 127 3.18 -71.87 -61.54
C THR OA 127 2.32 -72.58 -60.50
N ASP OA 128 2.38 -72.16 -59.24
CA ASP OA 128 1.74 -72.86 -58.12
C ASP OA 128 0.79 -71.96 -57.30
N ARG OA 129 0.40 -70.82 -57.89
CA ARG OA 129 -0.58 -69.88 -57.28
C ARG OA 129 -1.66 -69.69 -58.36
N PRO OA 130 -2.85 -70.33 -58.27
CA PRO OA 130 -3.82 -70.35 -59.37
C PRO OA 130 -4.74 -69.12 -59.41
N LEU OA 131 -4.82 -68.35 -58.33
CA LEU OA 131 -5.62 -67.12 -58.29
C LEU OA 131 -4.83 -65.94 -58.88
N ALA OA 132 -5.54 -64.98 -59.45
CA ALA OA 132 -5.01 -63.73 -59.96
C ALA OA 132 -5.86 -62.55 -59.50
N ARG OA 133 -5.19 -61.40 -59.25
CA ARG OA 133 -5.86 -60.13 -58.86
C ARG OA 133 -5.25 -59.00 -59.70
N TYR OA 134 -5.82 -58.70 -60.87
CA TYR OA 134 -5.36 -57.65 -61.78
C TYR OA 134 -5.63 -56.26 -61.21
N THR OA 135 -4.62 -55.38 -61.21
CA THR OA 135 -4.67 -54.07 -60.55
C THR OA 135 -4.63 -52.90 -61.54
N GLY OA 136 -4.36 -53.14 -62.82
CA GLY OA 136 -4.26 -52.12 -63.85
C GLY OA 136 -2.93 -52.17 -64.60
N CYS OA 137 -2.74 -51.22 -65.50
CA CYS OA 137 -1.63 -51.17 -66.43
C CYS OA 137 -0.93 -49.81 -66.42
N SER OA 138 0.38 -49.78 -66.65
CA SER OA 138 1.11 -48.58 -67.05
C SER OA 138 1.57 -48.74 -68.49
N LEU OA 139 1.34 -47.73 -69.33
CA LEU OA 139 1.89 -47.66 -70.68
C LEU OA 139 2.86 -46.50 -70.78
N LYS OA 140 4.01 -46.70 -71.45
CA LYS OA 140 4.91 -45.64 -71.91
C LYS OA 140 4.96 -45.68 -73.43
N PHE OA 141 4.42 -44.65 -74.08
CA PHE OA 141 4.40 -44.51 -75.52
C PHE OA 141 5.63 -43.72 -75.95
N TYR OA 142 6.48 -44.27 -76.81
CA TYR OA 142 7.71 -43.61 -77.23
C TYR OA 142 7.51 -42.79 -78.49
N GLN OA 143 8.13 -41.61 -78.54
CA GLN OA 143 8.28 -40.88 -79.81
C GLN OA 143 9.06 -41.73 -80.81
N SER OA 144 8.49 -41.98 -81.98
CA SER OA 144 9.26 -42.53 -83.09
C SER OA 144 10.21 -41.49 -83.65
N LYS OA 145 11.24 -41.93 -84.38
CA LYS OA 145 12.18 -41.02 -85.03
C LYS OA 145 11.50 -40.21 -86.14
N ASP OA 146 10.82 -40.89 -87.06
CA ASP OA 146 10.38 -40.32 -88.34
C ASP OA 146 8.86 -40.07 -88.49
N ILE OA 147 8.03 -40.67 -87.63
CA ILE OA 147 6.54 -40.61 -87.83
C ILE OA 147 5.81 -40.23 -86.53
N ASP OA 148 4.75 -39.42 -86.64
CA ASP OA 148 3.92 -39.05 -85.47
C ASP OA 148 2.87 -40.15 -85.37
N TYR OA 149 2.05 -40.18 -84.32
CA TYR OA 149 0.95 -41.18 -84.28
C TYR OA 149 -0.05 -40.88 -83.18
N VAL OA 150 -1.33 -41.11 -83.44
CA VAL OA 150 -2.42 -40.93 -82.48
C VAL OA 150 -2.69 -42.28 -81.83
N VAL OA 151 -2.88 -42.30 -80.52
CA VAL OA 151 -3.37 -43.45 -79.78
C VAL OA 151 -4.70 -43.10 -79.12
N THR OA 152 -5.62 -44.05 -79.05
CA THR OA 152 -6.67 -44.03 -78.04
C THR OA 152 -6.91 -45.45 -77.54
N TYR OA 153 -7.33 -45.59 -76.30
CA TYR OA 153 -7.49 -46.90 -75.67
C TYR OA 153 -8.83 -46.98 -74.96
N SER OA 154 -9.29 -48.20 -74.74
CA SER OA 154 -10.55 -48.48 -74.06
C SER OA 154 -10.41 -49.67 -73.15
N THR OA 155 -11.28 -49.79 -72.14
CA THR OA 155 -11.31 -50.96 -71.23
C THR OA 155 -12.74 -51.41 -71.00
N SER OA 156 -13.67 -51.06 -71.88
CA SER OA 156 -15.05 -51.61 -71.76
C SER OA 156 -14.93 -53.13 -71.92
N LEU OA 157 -15.16 -53.90 -70.85
CA LEU OA 157 -14.95 -55.37 -70.90
C LEU OA 157 -15.60 -55.94 -72.17
N PRO OA 158 -16.84 -55.55 -72.56
CA PRO OA 158 -17.41 -56.03 -73.81
C PRO OA 158 -16.49 -55.66 -74.95
N LEU OA 159 -15.95 -56.66 -75.67
CA LEU OA 159 -15.01 -56.43 -76.79
C LEU OA 159 -15.72 -56.74 -78.11
N ARG OA 160 -15.72 -55.80 -79.06
CA ARG OA 160 -16.35 -56.00 -80.39
C ARG OA 160 -15.75 -55.02 -81.40
N SER OA 161 -15.89 -55.29 -82.70
CA SER OA 161 -15.38 -54.39 -83.78
C SER OA 161 -16.59 -53.74 -84.47
N SER OA 162 -16.39 -52.57 -85.08
CA SER OA 162 -17.50 -51.85 -85.77
C SER OA 162 -16.97 -51.18 -87.04
N MET OA 163 -17.84 -50.96 -88.03
CA MET OA 163 -17.49 -50.27 -89.26
C MET OA 163 -17.10 -48.81 -89.00
N GLY OA 164 -17.81 -48.14 -88.09
CA GLY OA 164 -17.49 -46.79 -87.64
C GLY OA 164 -16.17 -46.71 -86.88
N MET OA 165 -15.81 -47.72 -86.09
CA MET OA 165 -14.48 -47.80 -85.47
C MET OA 165 -13.37 -47.83 -86.53
N TYR OA 166 -13.46 -48.71 -87.53
CA TYR OA 166 -12.42 -48.83 -88.55
C TYR OA 166 -12.31 -47.58 -89.43
N ASN OA 167 -13.43 -46.94 -89.79
CA ASN OA 167 -13.36 -45.64 -90.48
C ASN OA 167 -12.75 -44.57 -89.58
N SER OA 168 -13.12 -44.52 -88.30
CA SER OA 168 -12.59 -43.53 -87.36
C SER OA 168 -11.09 -43.69 -87.07
N MET OA 169 -10.46 -44.80 -87.48
CA MET OA 169 -9.01 -44.94 -87.46
C MET OA 169 -8.30 -44.04 -88.46
N GLN OA 170 -9.01 -43.42 -89.42
CA GLN OA 170 -8.41 -42.50 -90.38
C GLN OA 170 -7.70 -41.39 -89.60
N PRO OA 171 -6.44 -41.02 -89.93
CA PRO OA 171 -5.63 -40.21 -89.03
C PRO OA 171 -6.23 -38.87 -88.64
N SER OA 172 -6.89 -38.17 -89.56
CA SER OA 172 -7.58 -36.90 -89.27
C SER OA 172 -8.77 -37.09 -88.34
N ILE OA 173 -9.56 -38.16 -88.55
CA ILE OA 173 -10.72 -38.45 -87.72
C ILE OA 173 -10.31 -38.91 -86.32
N HIS OA 174 -9.33 -39.80 -86.21
CA HIS OA 174 -8.78 -40.23 -84.94
C HIS OA 174 -8.18 -39.05 -84.18
N LEU OA 175 -7.43 -38.17 -84.85
CA LEU OA 175 -6.90 -36.96 -84.23
C LEU OA 175 -7.99 -35.99 -83.74
N MET OA 176 -9.21 -36.01 -84.25
CA MET OA 176 -10.31 -35.21 -83.71
C MET OA 176 -10.99 -35.81 -82.47
N GLN OA 177 -10.85 -37.12 -82.21
CA GLN OA 177 -11.57 -37.77 -81.12
C GLN OA 177 -11.16 -37.27 -79.73
N GLN OA 178 -12.07 -37.36 -78.78
CA GLN OA 178 -11.79 -37.08 -77.37
C GLN OA 178 -10.98 -38.21 -76.73
N ASN OA 179 -10.17 -37.88 -75.72
CA ASN OA 179 -9.28 -38.82 -75.03
C ASN OA 179 -8.31 -39.55 -75.99
N LYS OA 180 -7.94 -38.87 -77.07
CA LYS OA 180 -6.76 -39.20 -77.87
C LYS OA 180 -5.49 -38.90 -77.09
N LEU OA 181 -4.39 -39.52 -77.49
CA LEU OA 181 -3.03 -39.14 -77.17
C LEU OA 181 -2.28 -38.96 -78.48
N ILE OA 182 -1.69 -37.79 -78.72
CA ILE OA 182 -0.84 -37.55 -79.88
C ILE OA 182 0.61 -37.70 -79.43
N VAL OA 183 1.39 -38.50 -80.15
CA VAL OA 183 2.82 -38.65 -79.93
C VAL OA 183 3.55 -38.07 -81.14
N PRO OA 184 4.09 -36.84 -81.04
CA PRO OA 184 4.92 -36.28 -82.11
C PRO OA 184 6.19 -37.11 -82.27
N SER OA 185 6.70 -37.22 -83.47
CA SER OA 185 8.04 -37.76 -83.70
C SER OA 185 9.10 -36.88 -83.03
N LYS OA 186 10.31 -37.43 -82.84
CA LYS OA 186 11.46 -36.67 -82.35
C LYS OA 186 11.83 -35.52 -83.28
N GLN OA 187 11.56 -35.66 -84.58
CA GLN OA 187 11.72 -34.61 -85.58
C GLN OA 187 10.70 -33.47 -85.40
N THR OA 188 9.41 -33.77 -85.21
CA THR OA 188 8.39 -32.71 -85.08
C THR OA 188 8.39 -32.03 -83.71
N GLN OA 189 8.81 -32.70 -82.62
CA GLN OA 189 8.99 -32.05 -81.32
C GLN OA 189 10.04 -32.76 -80.47
N LYS OA 190 11.12 -32.06 -80.12
CA LYS OA 190 12.04 -32.48 -79.05
C LYS OA 190 11.40 -32.23 -77.69
N ARG OA 191 11.50 -33.20 -76.78
CA ARG OA 191 10.83 -33.19 -75.46
C ARG OA 191 11.81 -33.50 -74.34
N ARG OA 192 11.48 -33.07 -73.12
CA ARG OA 192 12.26 -33.41 -71.90
C ARG OA 192 12.28 -34.92 -71.67
N LYS OA 193 11.10 -35.54 -71.62
CA LYS OA 193 10.96 -37.00 -71.56
C LYS OA 193 10.63 -37.53 -72.95
N PRO OA 194 11.33 -38.55 -73.45
CA PRO OA 194 11.16 -39.05 -74.83
C PRO OA 194 9.93 -39.95 -75.00
N TYR OA 195 9.04 -39.99 -74.03
CA TYR OA 195 7.85 -40.84 -73.97
C TYR OA 195 6.70 -40.12 -73.27
N ILE OA 196 5.48 -40.57 -73.50
CA ILE OA 196 4.30 -40.15 -72.73
C ILE OA 196 3.80 -41.35 -71.93
N LYS OA 197 3.64 -41.18 -70.62
CA LYS OA 197 3.30 -42.23 -69.67
C LYS OA 197 1.90 -42.03 -69.13
N LYS OA 198 1.07 -43.06 -69.12
CA LYS OA 198 -0.22 -43.04 -68.42
C LYS OA 198 -0.68 -44.37 -67.87
N HIS OA 199 -1.40 -44.31 -66.76
CA HIS OA 199 -1.92 -45.44 -66.03
C HIS OA 199 -3.36 -45.71 -66.42
N ILE OA 200 -3.69 -46.97 -66.66
CA ILE OA 200 -5.00 -47.41 -67.12
C ILE OA 200 -5.58 -48.38 -66.09
N SER OA 201 -6.79 -48.08 -65.62
CA SER OA 201 -7.49 -48.88 -64.61
C SER OA 201 -8.06 -50.18 -65.22
N PRO OA 202 -8.34 -51.24 -64.46
CA PRO OA 202 -9.00 -52.43 -64.99
C PRO OA 202 -10.34 -52.13 -65.67
N PRO OA 203 -10.82 -53.01 -66.57
CA PRO OA 203 -12.20 -52.97 -67.04
C PRO OA 203 -13.19 -52.85 -65.88
N THR OA 204 -14.28 -52.12 -66.05
CA THR OA 204 -15.26 -51.94 -64.94
C THR OA 204 -15.88 -53.27 -64.48
N GLN OA 205 -15.90 -54.28 -65.38
CA GLN OA 205 -16.42 -55.64 -65.08
C GLN OA 205 -15.38 -56.47 -64.30
N MET OA 206 -14.09 -56.15 -64.42
CA MET OA 206 -13.03 -56.76 -63.60
C MET OA 206 -12.96 -56.03 -62.26
N LYS OA 207 -13.58 -56.60 -61.23
CA LYS OA 207 -13.59 -56.02 -59.87
C LYS OA 207 -12.26 -56.31 -59.17
N SER OA 208 -12.01 -55.70 -58.02
CA SER OA 208 -10.76 -55.90 -57.27
C SER OA 208 -10.62 -57.30 -56.65
N GLN OA 209 -11.66 -58.13 -56.70
CA GLN OA 209 -11.63 -59.50 -56.18
C GLN OA 209 -10.57 -60.39 -56.83
N TRP OA 210 -10.24 -61.51 -56.19
CA TRP OA 210 -9.47 -62.59 -56.80
C TRP OA 210 -10.30 -63.37 -57.81
N TYR OA 211 -9.66 -63.84 -58.88
CA TYR OA 211 -10.25 -64.69 -59.91
C TYR OA 211 -9.30 -65.83 -60.23
N PHE OA 212 -9.80 -67.03 -60.50
CA PHE OA 212 -8.95 -68.07 -61.07
C PHE OA 212 -8.33 -67.61 -62.39
N GLN OA 213 -7.03 -67.86 -62.57
CA GLN OA 213 -6.31 -67.46 -63.81
C GLN OA 213 -6.92 -68.15 -65.03
N HIS OA 214 -7.52 -69.34 -64.89
CA HIS OA 214 -8.19 -70.07 -66.00
C HIS OA 214 -9.40 -69.28 -66.49
N ASN OA 215 -10.12 -68.61 -65.59
CA ASN OA 215 -11.32 -67.85 -65.94
C ASN OA 215 -10.98 -66.54 -66.65
N ILE OA 216 -10.05 -65.77 -66.09
CA ILE OA 216 -9.68 -64.45 -66.64
C ILE OA 216 -8.66 -64.52 -67.79
N ALA OA 217 -8.06 -65.67 -68.09
CA ALA OA 217 -7.02 -65.80 -69.09
C ALA OA 217 -7.34 -65.10 -70.43
N ASN OA 218 -8.53 -65.32 -70.96
CA ASN OA 218 -8.94 -64.81 -72.28
C ASN OA 218 -9.75 -63.50 -72.24
N ILE OA 219 -10.10 -62.97 -71.07
CA ILE OA 219 -10.83 -61.71 -70.93
C ILE OA 219 -9.94 -60.56 -71.40
N PRO OA 220 -10.33 -59.75 -72.42
CA PRO OA 220 -9.49 -58.68 -72.92
C PRO OA 220 -9.50 -57.50 -71.94
N LEU OA 221 -8.36 -57.23 -71.28
CA LEU OA 221 -8.27 -56.22 -70.18
C LEU OA 221 -7.87 -54.83 -70.71
N LEU OA 222 -7.46 -54.73 -71.97
CA LEU OA 222 -7.13 -53.46 -72.59
C LEU OA 222 -7.31 -53.55 -74.12
N MET OA 223 -7.88 -52.52 -74.74
CA MET OA 223 -7.78 -52.28 -76.18
C MET OA 223 -6.94 -51.04 -76.46
N ILE OA 224 -5.94 -51.13 -77.33
CA ILE OA 224 -5.17 -49.99 -77.83
C ILE OA 224 -5.48 -49.82 -79.31
N ARG OA 225 -5.88 -48.62 -79.73
CA ARG OA 225 -6.07 -48.22 -81.14
C ARG OA 225 -5.00 -47.22 -81.51
N THR OA 226 -4.24 -47.47 -82.56
CA THR OA 226 -3.16 -46.56 -83.00
C THR OA 226 -3.24 -46.32 -84.50
N THR OA 227 -2.98 -45.09 -84.95
CA THR OA 227 -2.88 -44.77 -86.38
C THR OA 227 -1.67 -43.86 -86.63
N ALA OA 228 -0.95 -44.11 -87.72
CA ALA OA 228 0.18 -43.32 -88.18
C ALA OA 228 -0.27 -42.00 -88.83
N LEU OA 229 0.49 -40.93 -88.60
CA LEU OA 229 0.05 -39.56 -88.78
C LEU OA 229 1.20 -38.68 -89.29
N THR OA 230 0.92 -37.57 -89.96
CA THR OA 230 1.86 -36.44 -89.94
C THR OA 230 1.15 -35.15 -89.58
N LEU OA 231 1.75 -34.40 -88.65
CA LEU OA 231 1.28 -33.09 -88.24
C LEU OA 231 1.78 -31.97 -89.17
N ASP OA 232 3.03 -32.03 -89.62
CA ASP OA 232 3.65 -31.01 -90.49
C ASP OA 232 3.29 -31.10 -91.98
N ASN OA 233 2.79 -32.25 -92.43
CA ASN OA 233 2.37 -32.50 -93.81
C ASN OA 233 0.88 -32.86 -93.86
N TYR OA 234 0.09 -32.37 -92.92
CA TYR OA 234 -1.29 -32.82 -92.70
C TYR OA 234 -2.17 -32.74 -93.95
N TYR OA 235 -2.09 -31.66 -94.73
CA TYR OA 235 -2.90 -31.51 -95.94
C TYR OA 235 -2.22 -32.08 -97.18
N ILE OA 236 -0.96 -31.73 -97.43
CA ILE OA 236 -0.23 -32.17 -98.62
C ILE OA 236 0.03 -33.67 -98.58
N GLY OA 237 0.38 -34.21 -97.43
CA GLY OA 237 0.67 -35.64 -97.23
C GLY OA 237 1.81 -36.07 -98.12
N SER OA 238 1.53 -36.99 -99.05
CA SER OA 238 2.46 -37.41 -100.10
C SER OA 238 2.03 -37.05 -101.52
N ARG OA 239 1.15 -36.05 -101.68
CA ARG OA 239 0.73 -35.48 -102.97
C ARG OA 239 1.93 -35.11 -103.83
N GLN OA 240 1.85 -35.40 -105.12
CA GLN OA 240 2.80 -34.98 -106.15
C GLN OA 240 2.03 -34.28 -107.27
N LEU OA 241 2.56 -33.18 -107.83
CA LEU OA 241 1.91 -32.38 -108.87
C LEU OA 241 0.50 -31.92 -108.44
N SER OA 242 -0.55 -32.22 -109.21
CA SER OA 242 -1.93 -31.82 -108.95
C SER OA 242 -2.51 -32.39 -107.65
N THR OA 243 -3.53 -31.74 -107.09
CA THR OA 243 -4.33 -32.30 -105.99
C THR OA 243 -5.14 -33.53 -106.42
N ASN OA 244 -5.49 -33.62 -107.70
CA ASN OA 244 -6.22 -34.77 -108.27
C ASN OA 244 -5.36 -36.03 -108.26
N VAL OA 245 -5.94 -37.15 -107.84
CA VAL OA 245 -5.38 -38.51 -107.97
C VAL OA 245 -6.08 -39.23 -109.12
N THR OA 246 -5.34 -40.03 -109.89
CA THR OA 246 -5.91 -40.83 -110.98
C THR OA 246 -6.25 -42.24 -110.49
N ILE OA 247 -7.49 -42.65 -110.69
CA ILE OA 247 -7.99 -44.00 -110.38
C ILE OA 247 -8.19 -44.75 -111.70
N HIS OA 248 -7.67 -45.97 -111.80
CA HIS OA 248 -7.99 -46.84 -112.98
C HIS OA 248 -9.22 -47.63 -112.58
N THR OA 249 -10.10 -47.97 -113.53
CA THR OA 249 -11.27 -48.82 -113.26
C THR OA 249 -11.63 -49.71 -114.45
N LEU OA 250 -12.37 -50.79 -114.20
CA LEU OA 250 -12.89 -51.63 -115.30
C LEU OA 250 -14.10 -50.90 -115.88
N ASN OA 251 -14.13 -50.63 -117.19
CA ASN OA 251 -15.33 -50.03 -117.82
C ASN OA 251 -16.54 -50.83 -117.31
N THR OA 252 -17.51 -50.17 -116.67
CA THR OA 252 -18.70 -50.84 -116.12
C THR OA 252 -19.68 -51.08 -117.24
N THR OA 253 -19.70 -50.22 -118.26
CA THR OA 253 -20.69 -50.26 -119.35
C THR OA 253 -20.43 -51.38 -120.37
N TYR OA 254 -19.34 -52.16 -120.21
CA TYR OA 254 -19.01 -53.26 -121.12
C TYR OA 254 -18.53 -54.53 -120.39
N ILE OA 255 -17.72 -54.40 -119.34
CA ILE OA 255 -17.20 -55.52 -118.54
C ILE OA 255 -18.13 -55.78 -117.36
N GLN OA 256 -19.05 -56.75 -117.44
CA GLN OA 256 -20.01 -56.95 -116.32
C GLN OA 256 -20.25 -58.41 -115.98
N ASN OA 257 -19.83 -59.35 -116.83
CA ASN OA 257 -20.24 -60.74 -116.61
C ASN OA 257 -19.61 -61.43 -115.40
N ARG OA 258 -18.45 -60.95 -114.92
CA ARG OA 258 -17.77 -61.50 -113.70
C ARG OA 258 -17.56 -63.02 -113.79
N ASP OA 259 -17.39 -63.59 -115.00
CA ASP OA 259 -17.14 -65.03 -115.18
C ASP OA 259 -15.63 -65.33 -115.27
N TRP OA 260 -14.87 -64.96 -114.25
CA TRP OA 260 -13.41 -64.94 -114.31
C TRP OA 260 -12.69 -66.20 -113.80
N GLY OA 261 -11.46 -66.38 -114.27
CA GLY OA 261 -10.51 -67.33 -113.68
C GLY OA 261 -10.67 -68.79 -114.11
N ASP OA 262 -11.12 -69.06 -115.34
CA ASP OA 262 -11.09 -70.38 -115.97
C ASP OA 262 -10.44 -70.33 -117.37
N ARG OA 263 -9.66 -71.37 -117.72
CA ARG OA 263 -9.17 -71.53 -119.11
C ARG OA 263 -10.17 -72.49 -119.80
N ASN OA 264 -11.18 -72.95 -119.06
CA ASN OA 264 -12.20 -73.90 -119.54
C ASN OA 264 -13.48 -73.21 -120.08
N LYS OA 265 -13.44 -71.89 -120.29
CA LYS OA 265 -14.61 -71.06 -120.66
C LYS OA 265 -14.19 -69.94 -121.61
N THR OA 266 -14.81 -69.82 -122.78
CA THR OA 266 -14.63 -68.66 -123.66
C THR OA 266 -15.24 -67.42 -123.00
N TYR OA 267 -14.46 -66.36 -122.79
CA TYR OA 267 -14.94 -65.19 -122.06
C TYR OA 267 -15.82 -64.29 -122.93
N TYR OA 268 -16.90 -63.79 -122.34
CA TYR OA 268 -17.83 -62.84 -122.92
C TYR OA 268 -18.05 -61.73 -121.90
N CYS OA 269 -18.02 -60.46 -122.32
CA CYS OA 269 -17.89 -59.34 -121.40
C CYS OA 269 -19.23 -58.87 -120.82
N GLN OA 270 -20.31 -58.91 -121.60
CA GLN OA 270 -21.66 -58.56 -121.13
C GLN OA 270 -22.75 -59.39 -121.82
N THR OA 271 -23.90 -59.49 -121.18
CA THR OA 271 -25.16 -59.93 -121.79
C THR OA 271 -26.13 -58.76 -121.85
N LEU OA 272 -26.83 -58.59 -122.98
CA LEU OA 272 -27.95 -57.65 -123.11
C LEU OA 272 -29.12 -58.37 -123.79
N GLY OA 273 -30.32 -58.29 -123.23
CA GLY OA 273 -31.44 -59.13 -123.66
C GLY OA 273 -31.10 -60.61 -123.56
N THR OA 274 -31.12 -61.32 -124.70
CA THR OA 274 -30.63 -62.70 -124.83
C THR OA 274 -29.18 -62.81 -125.33
N GLN OA 275 -28.58 -61.72 -125.81
CA GLN OA 275 -27.27 -61.74 -126.48
C GLN OA 275 -26.11 -61.94 -125.50
N ARG OA 276 -24.96 -62.33 -126.05
CA ARG OA 276 -23.63 -62.26 -125.42
C ARG OA 276 -22.71 -61.39 -126.29
N TYR OA 277 -21.83 -60.63 -125.66
CA TYR OA 277 -20.88 -59.75 -126.35
C TYR OA 277 -19.45 -60.17 -126.04
N PHE OA 278 -18.58 -60.00 -127.02
CA PHE OA 278 -17.25 -60.60 -127.08
C PHE OA 278 -16.22 -59.55 -127.49
N LEU OA 279 -14.99 -59.77 -127.05
CA LEU OA 279 -13.86 -58.87 -127.26
C LEU OA 279 -12.81 -59.59 -128.13
N TYR OA 280 -12.14 -58.83 -129.01
CA TYR OA 280 -11.06 -59.34 -129.85
C TYR OA 280 -9.91 -58.34 -129.89
N GLY OA 281 -8.68 -58.79 -129.75
CA GLY OA 281 -7.50 -57.94 -129.93
C GLY OA 281 -7.03 -57.95 -131.37
N THR OA 282 -6.34 -56.90 -131.82
CA THR OA 282 -5.63 -56.96 -133.11
C THR OA 282 -4.36 -56.11 -133.07
N HIS OA 283 -3.36 -56.49 -133.88
CA HIS OA 283 -2.12 -55.68 -134.04
C HIS OA 283 -2.27 -54.91 -135.36
N SER OA 284 -3.43 -55.01 -136.03
CA SER OA 284 -3.64 -54.36 -137.32
C SER OA 284 -3.48 -52.84 -137.25
N THR OA 285 -2.84 -52.29 -138.27
CA THR OA 285 -2.74 -50.83 -138.51
C THR OA 285 -3.97 -50.26 -139.22
N ALA OA 286 -4.97 -51.08 -139.56
CA ALA OA 286 -6.17 -50.65 -140.25
C ALA OA 286 -6.91 -49.55 -139.48
N GLN OA 287 -7.22 -48.45 -140.16
CA GLN OA 287 -7.89 -47.29 -139.56
C GLN OA 287 -9.41 -47.47 -139.43
N ASN OA 288 -10.02 -48.29 -140.29
CA ASN OA 288 -11.47 -48.44 -140.37
C ASN OA 288 -11.92 -49.79 -139.80
N ILE OA 289 -12.80 -49.75 -138.80
CA ILE OA 289 -13.34 -50.95 -138.12
C ILE OA 289 -14.07 -51.91 -139.08
N ASN OA 290 -14.59 -51.42 -140.20
CA ASN OA 290 -15.31 -52.24 -141.17
C ASN OA 290 -14.37 -53.19 -141.96
N ASP OA 291 -13.18 -52.72 -142.37
CA ASP OA 291 -12.29 -53.48 -143.32
C ASP OA 291 -11.31 -54.46 -142.67
N ILE OA 292 -11.16 -54.46 -141.35
CA ILE OA 292 -10.34 -55.47 -140.65
C ILE OA 292 -10.81 -56.88 -141.07
N LYS OA 293 -9.86 -57.80 -141.28
CA LYS OA 293 -10.18 -59.18 -141.70
C LYS OA 293 -10.85 -59.99 -140.56
N LEU OA 294 -11.28 -61.21 -140.86
CA LEU OA 294 -11.77 -62.12 -139.79
C LEU OA 294 -10.49 -62.73 -139.16
N GLN OA 295 -9.37 -62.70 -139.89
CA GLN OA 295 -8.07 -63.27 -139.43
C GLN OA 295 -7.38 -62.34 -138.41
N GLU OA 296 -7.39 -61.03 -138.65
CA GLU OA 296 -6.65 -60.07 -137.79
C GLU OA 296 -7.04 -60.25 -136.32
N LEU OA 297 -8.33 -60.48 -136.03
CA LEU OA 297 -8.83 -60.56 -134.64
C LEU OA 297 -8.14 -61.69 -133.85
N ILE OA 298 -7.75 -61.43 -132.60
CA ILE OA 298 -7.16 -62.45 -131.68
C ILE OA 298 -8.24 -62.70 -130.63
N PRO OA 299 -9.07 -63.75 -130.76
CA PRO OA 299 -10.22 -63.94 -129.89
C PRO OA 299 -9.77 -64.28 -128.50
N LEU OA 300 -10.55 -63.94 -127.47
CA LEU OA 300 -10.16 -64.20 -126.05
C LEU OA 300 -10.95 -65.40 -125.52
N THR OA 301 -10.28 -66.53 -125.27
CA THR OA 301 -10.91 -67.78 -124.79
C THR OA 301 -10.42 -68.07 -123.38
N ASN OA 302 -9.57 -67.21 -122.81
CA ASN OA 302 -9.08 -67.36 -121.44
C ASN OA 302 -9.15 -66.00 -120.74
N THR OA 303 -9.52 -65.97 -119.45
CA THR OA 303 -9.22 -64.81 -118.58
C THR OA 303 -8.20 -65.10 -117.50
N GLN OA 304 -8.01 -66.39 -117.16
CA GLN OA 304 -7.16 -66.84 -116.02
C GLN OA 304 -5.66 -66.64 -116.19
N ASP OA 305 -5.16 -66.32 -117.38
CA ASP OA 305 -3.69 -66.20 -117.59
C ASP OA 305 -3.23 -64.80 -117.98
N TYR OA 306 -1.93 -64.53 -117.79
CA TYR OA 306 -1.31 -63.28 -118.26
C TYR OA 306 -1.07 -63.24 -119.78
N VAL OA 307 -1.28 -64.36 -120.48
CA VAL OA 307 -0.88 -64.55 -121.88
C VAL OA 307 -1.52 -63.51 -122.81
N GLN OA 308 -0.71 -62.96 -123.73
CA GLN OA 308 -1.15 -61.98 -124.75
C GLN OA 308 -1.93 -62.61 -125.89
N GLY OA 309 -1.68 -63.90 -126.16
CA GLY OA 309 -2.07 -64.55 -127.41
C GLY OA 309 -1.12 -64.15 -128.55
N PHE OA 310 -1.49 -64.48 -129.77
CA PHE OA 310 -0.76 -64.10 -130.99
C PHE OA 310 -1.69 -64.09 -132.20
N ASP OA 311 -1.26 -63.42 -133.27
CA ASP OA 311 -2.01 -63.28 -134.52
C ASP OA 311 -1.95 -64.54 -135.40
N TRP OA 312 -2.96 -64.73 -136.26
CA TRP OA 312 -3.04 -65.84 -137.23
C TRP OA 312 -1.84 -65.89 -138.19
N THR OA 313 -1.15 -64.77 -138.42
CA THR OA 313 0.11 -64.74 -139.17
C THR OA 313 1.22 -65.59 -138.54
N GLU OA 314 1.10 -65.97 -137.26
CA GLU OA 314 2.03 -66.88 -136.58
C GLU OA 314 1.55 -68.35 -136.57
N LYS OA 315 0.54 -68.70 -137.38
CA LYS OA 315 0.06 -70.08 -137.58
C LYS OA 315 1.20 -71.09 -137.74
N ASP OA 316 2.17 -70.76 -138.59
CA ASP OA 316 3.32 -71.64 -138.87
C ASP OA 316 4.39 -71.66 -137.76
N LYS OA 317 4.37 -70.73 -136.80
CA LYS OA 317 5.29 -70.75 -135.65
C LYS OA 317 4.83 -71.71 -134.55
N HIS OA 318 3.51 -71.96 -134.46
CA HIS OA 318 2.88 -72.85 -133.44
C HIS OA 318 2.21 -74.05 -134.13
N ASN OA 319 2.64 -74.42 -135.33
CA ASN OA 319 2.17 -75.60 -136.08
C ASN OA 319 0.63 -75.71 -136.10
N ILE OA 320 -0.06 -74.58 -136.14
CA ILE OA 320 -1.53 -74.51 -136.11
C ILE OA 320 -2.11 -75.01 -137.43
N THR OA 321 -3.08 -75.92 -137.35
CA THR OA 321 -3.76 -76.50 -138.51
C THR OA 321 -5.16 -75.90 -138.73
N THR OA 322 -5.81 -75.38 -137.70
CA THR OA 322 -7.20 -74.90 -137.76
C THR OA 322 -7.41 -73.70 -136.84
N TYR OA 323 -8.50 -72.95 -137.06
CA TYR OA 323 -8.92 -71.89 -136.15
C TYR OA 323 -9.20 -72.42 -134.73
N LYS OA 324 -9.60 -73.70 -134.57
CA LYS OA 324 -9.70 -74.37 -133.26
C LYS OA 324 -8.35 -74.39 -132.52
N GLU OA 325 -7.26 -74.71 -133.21
CA GLU OA 325 -5.91 -74.61 -132.62
C GLU OA 325 -5.42 -73.15 -132.47
N PHE OA 326 -5.86 -72.23 -133.32
CA PHE OA 326 -5.61 -70.80 -133.10
C PHE OA 326 -6.31 -70.28 -131.84
N LEU OA 327 -7.56 -70.66 -131.59
CA LEU OA 327 -8.31 -70.38 -130.36
C LEU OA 327 -7.60 -70.91 -129.11
N THR OA 328 -7.09 -72.14 -129.14
CA THR OA 328 -6.48 -72.73 -127.94
C THR OA 328 -5.05 -72.26 -127.72
N LYS OA 329 -4.22 -72.17 -128.76
CA LYS OA 329 -2.82 -71.71 -128.60
C LYS OA 329 -2.67 -70.19 -128.57
N GLY OA 330 -3.44 -69.46 -129.37
CA GLY OA 330 -3.18 -68.06 -129.71
C GLY OA 330 -4.15 -67.04 -129.12
N ALA OA 331 -5.20 -67.44 -128.40
CA ALA OA 331 -6.10 -66.48 -127.78
C ALA OA 331 -5.42 -65.64 -126.68
N GLY OA 332 -5.83 -64.38 -126.55
CA GLY OA 332 -5.24 -63.40 -125.64
C GLY OA 332 -6.11 -63.13 -124.41
N ASN OA 333 -5.52 -62.94 -123.24
CA ASN OA 333 -6.31 -62.56 -122.06
C ASN OA 333 -6.57 -61.04 -122.10
N PRO OA 334 -7.80 -60.55 -121.89
CA PRO OA 334 -8.15 -59.14 -122.08
C PRO OA 334 -7.41 -58.21 -121.13
N PHE OA 335 -6.95 -58.74 -120.00
CA PHE OA 335 -6.22 -58.03 -118.96
C PHE OA 335 -4.68 -58.09 -119.14
N HIS OA 336 -4.17 -58.60 -120.26
CA HIS OA 336 -2.74 -58.46 -120.57
C HIS OA 336 -2.36 -56.98 -120.72
N ALA OA 337 -1.11 -56.61 -120.47
CA ALA OA 337 -0.67 -55.21 -120.34
C ALA OA 337 -0.92 -54.33 -121.58
N GLU OA 338 -1.09 -54.90 -122.78
CA GLU OA 338 -1.48 -54.14 -123.97
C GLU OA 338 -3.00 -54.13 -124.21
N TRP OA 339 -3.73 -55.20 -123.89
CA TRP OA 339 -5.18 -55.26 -124.07
C TRP OA 339 -5.97 -54.55 -122.96
N ILE OA 340 -5.44 -54.50 -121.73
CA ILE OA 340 -6.09 -53.92 -120.54
C ILE OA 340 -6.47 -52.44 -120.74
N THR OA 341 -5.62 -51.68 -121.41
CA THR OA 341 -5.84 -50.26 -121.79
C THR OA 341 -5.90 -50.06 -123.30
N ALA OA 342 -6.02 -51.15 -124.08
CA ALA OA 342 -6.03 -51.16 -125.54
C ALA OA 342 -4.87 -50.34 -126.16
N GLN OA 343 -3.65 -50.52 -125.66
CA GLN OA 343 -2.44 -49.93 -126.23
C GLN OA 343 -2.32 -50.31 -127.72
N ASN OA 344 -2.59 -51.58 -128.02
CA ASN OA 344 -2.91 -52.07 -129.36
C ASN OA 344 -4.44 -52.26 -129.43
N PRO OA 345 -5.12 -51.90 -130.54
CA PRO OA 345 -6.58 -51.83 -130.59
C PRO OA 345 -7.28 -53.12 -130.14
N VAL OA 346 -8.42 -52.94 -129.47
CA VAL OA 346 -9.30 -54.00 -128.96
C VAL OA 346 -10.71 -53.71 -129.46
N ILE OA 347 -11.38 -54.73 -129.98
CA ILE OA 347 -12.64 -54.65 -130.68
C ILE OA 347 -13.73 -55.36 -129.90
N HIS OA 348 -14.84 -54.69 -129.61
CA HIS OA 348 -16.01 -55.23 -128.91
C HIS OA 348 -17.12 -55.50 -129.92
N THR OA 349 -17.77 -56.66 -129.86
CA THR OA 349 -18.81 -57.06 -130.82
C THR OA 349 -19.83 -58.02 -130.24
N ALA OA 350 -21.03 -58.07 -130.81
CA ALA OA 350 -22.00 -59.12 -130.54
C ALA OA 350 -21.65 -60.46 -131.23
N ASN OA 351 -20.77 -60.43 -132.24
CA ASN OA 351 -20.48 -61.62 -133.03
C ASN OA 351 -19.63 -62.63 -132.26
N SER OA 352 -20.23 -63.76 -131.88
CA SER OA 352 -19.55 -64.80 -131.11
C SER OA 352 -18.41 -65.44 -131.91
N PRO OA 353 -17.29 -65.80 -131.25
CA PRO OA 353 -16.20 -66.53 -131.89
C PRO OA 353 -16.70 -67.79 -132.60
N THR OA 354 -17.75 -68.46 -132.10
CA THR OA 354 -18.30 -69.65 -132.76
C THR OA 354 -18.98 -69.35 -134.10
N GLN OA 355 -19.53 -68.15 -134.31
CA GLN OA 355 -19.95 -67.75 -135.65
C GLN OA 355 -18.71 -67.55 -136.55
N ILE OA 356 -17.63 -66.97 -136.02
CA ILE OA 356 -16.35 -66.90 -136.74
C ILE OA 356 -15.77 -68.31 -136.99
N GLU OA 357 -15.91 -69.26 -136.05
CA GLU OA 357 -15.52 -70.67 -136.25
C GLU OA 357 -16.29 -71.24 -137.43
N GLN OA 358 -17.61 -71.05 -137.50
CA GLN OA 358 -18.42 -71.52 -138.62
C GLN OA 358 -17.94 -70.91 -139.93
N ILE OA 359 -17.60 -69.62 -139.99
CA ILE OA 359 -17.07 -68.99 -141.21
C ILE OA 359 -15.70 -69.58 -141.59
N TYR OA 360 -14.76 -69.74 -140.65
CA TYR OA 360 -13.47 -70.39 -140.91
C TYR OA 360 -13.63 -71.84 -141.35
N THR OA 361 -14.31 -72.65 -140.55
CA THR OA 361 -14.42 -74.10 -140.76
C THR OA 361 -15.24 -74.42 -142.02
N ALA OA 362 -16.26 -73.63 -142.35
CA ALA OA 362 -16.99 -73.79 -143.60
C ALA OA 362 -16.07 -73.63 -144.82
N SER OA 363 -15.19 -72.62 -144.83
CA SER OA 363 -14.05 -72.57 -145.76
C SER OA 363 -12.93 -71.64 -145.28
N THR OA 364 -11.74 -72.23 -145.06
CA THR OA 364 -10.51 -71.53 -144.66
C THR OA 364 -10.03 -70.55 -145.73
N THR OA 365 -10.27 -70.88 -147.00
CA THR OA 365 -9.94 -70.00 -148.14
C THR OA 365 -10.79 -68.73 -148.16
N THR OA 366 -12.06 -68.78 -147.73
CA THR OA 366 -12.90 -67.57 -147.62
C THR OA 366 -12.69 -66.82 -146.30
N PHE OA 367 -12.01 -67.40 -145.30
CA PHE OA 367 -11.57 -66.66 -144.12
C PHE OA 367 -10.54 -65.57 -144.46
N GLN OA 368 -9.71 -65.79 -145.49
CA GLN OA 368 -8.84 -64.77 -146.08
C GLN OA 368 -9.67 -63.62 -146.71
N ASN OA 369 -10.75 -63.98 -147.42
CA ASN OA 369 -11.57 -63.01 -148.15
C ASN OA 369 -12.47 -62.19 -147.22
N LYS OA 370 -13.10 -62.83 -146.21
CA LYS OA 370 -14.08 -62.18 -145.33
C LYS OA 370 -13.41 -61.11 -144.44
N LYS OA 371 -14.08 -59.95 -144.34
CA LYS OA 371 -13.75 -58.83 -143.46
C LYS OA 371 -14.84 -58.65 -142.39
N LEU OA 372 -14.71 -57.63 -141.53
CA LEU OA 372 -15.70 -57.28 -140.53
C LEU OA 372 -17.02 -56.76 -141.14
N THR OA 373 -17.03 -56.31 -142.40
CA THR OA 373 -18.24 -56.13 -143.20
C THR OA 373 -18.96 -57.46 -143.44
N ASP OA 374 -20.30 -57.42 -143.53
CA ASP OA 374 -21.15 -58.57 -143.89
C ASP OA 374 -20.96 -59.81 -142.98
N LEU OA 375 -20.51 -59.61 -141.74
CA LEU OA 375 -20.48 -60.67 -140.73
C LEU OA 375 -21.82 -60.80 -140.00
N PRO OA 376 -22.13 -61.96 -139.39
CA PRO OA 376 -23.29 -62.09 -138.52
C PRO OA 376 -23.18 -61.18 -137.29
N THR OA 377 -24.30 -60.59 -136.86
CA THR OA 377 -24.39 -59.65 -135.72
C THR OA 377 -23.15 -58.76 -135.58
N PRO OA 378 -22.78 -57.94 -136.59
CA PRO OA 378 -21.51 -57.21 -136.54
C PRO OA 378 -21.51 -55.86 -135.82
N GLY OA 379 -21.53 -55.87 -134.48
CA GLY OA 379 -21.46 -54.63 -133.69
C GLY OA 379 -20.01 -54.33 -133.39
N TYR OA 380 -19.12 -54.44 -134.38
CA TYR OA 380 -17.66 -54.22 -134.18
C TYR OA 380 -17.42 -52.75 -133.83
N ILE OA 381 -16.91 -52.47 -132.63
CA ILE OA 381 -16.65 -51.08 -132.13
C ILE OA 381 -15.22 -51.05 -131.58
N PHE OA 382 -14.68 -49.90 -131.17
CA PHE OA 382 -13.35 -49.84 -130.50
C PHE OA 382 -13.58 -49.48 -129.03
N ILE OA 383 -13.45 -50.45 -128.11
CA ILE OA 383 -13.75 -50.25 -126.68
C ILE OA 383 -12.51 -50.60 -125.84
N THR OA 384 -12.23 -49.84 -124.79
CA THR OA 384 -11.09 -50.08 -123.89
C THR OA 384 -11.60 -50.74 -122.58
N PRO OA 385 -11.03 -51.89 -122.15
CA PRO OA 385 -11.46 -52.53 -120.90
C PRO OA 385 -11.26 -51.65 -119.66
N THR OA 386 -10.23 -50.80 -119.66
CA THR OA 386 -9.93 -49.83 -118.61
C THR OA 386 -10.29 -48.41 -119.03
N VAL OA 387 -10.79 -47.63 -118.08
CA VAL OA 387 -10.82 -46.16 -118.14
C VAL OA 387 -10.10 -45.58 -116.91
N SER OA 388 -9.46 -44.43 -117.07
CA SER OA 388 -8.84 -43.68 -115.96
C SER OA 388 -9.73 -42.51 -115.57
N LEU OA 389 -10.12 -42.43 -114.29
CA LEU OA 389 -10.85 -41.34 -113.69
C LEU OA 389 -9.92 -40.41 -112.93
N ARG OA 390 -10.29 -39.14 -112.77
CA ARG OA 390 -9.65 -38.20 -111.83
C ARG OA 390 -10.56 -37.97 -110.64
N TYR OA 391 -10.02 -38.12 -109.44
CA TYR OA 391 -10.70 -37.86 -108.17
C TYR OA 391 -10.02 -36.70 -107.45
N ASN OA 392 -10.81 -35.76 -106.94
CA ASN OA 392 -10.33 -34.66 -106.12
C ASN OA 392 -11.02 -34.73 -104.75
N PRO OA 393 -10.28 -34.89 -103.63
CA PRO OA 393 -10.90 -35.06 -102.32
C PRO OA 393 -11.64 -33.80 -101.85
N TYR OA 394 -11.19 -32.62 -102.29
CA TYR OA 394 -11.79 -31.33 -101.86
C TYR OA 394 -13.08 -31.09 -102.63
N LYS OA 395 -13.28 -31.80 -103.75
CA LYS OA 395 -14.51 -31.66 -104.58
C LYS OA 395 -15.52 -32.74 -104.17
N ASP OA 396 -15.22 -33.53 -103.14
CA ASP OA 396 -16.09 -34.66 -102.71
C ASP OA 396 -17.05 -34.23 -101.60
N LEU OA 397 -18.37 -34.39 -101.80
CA LEU OA 397 -19.38 -33.95 -100.83
C LEU OA 397 -20.08 -35.11 -100.13
N ALA OA 398 -19.75 -36.36 -100.48
CA ALA OA 398 -20.28 -37.54 -99.81
C ALA OA 398 -21.81 -37.68 -99.78
N GLU OA 399 -22.56 -37.13 -100.75
CA GLU OA 399 -24.03 -37.15 -100.72
C GLU OA 399 -24.60 -38.49 -101.21
N ARG OA 400 -23.91 -39.18 -102.11
CA ARG OA 400 -24.33 -40.47 -102.70
C ARG OA 400 -23.17 -41.47 -102.82
N ASN OA 401 -22.15 -41.29 -101.98
CA ASN OA 401 -21.02 -42.21 -101.89
C ASN OA 401 -21.44 -43.54 -101.27
N LYS OA 402 -20.84 -44.64 -101.72
CA LYS OA 402 -21.22 -46.01 -101.34
C LYS OA 402 -20.07 -46.98 -101.61
N CYS OA 403 -20.00 -48.10 -100.92
CA CYS OA 403 -18.88 -49.04 -101.01
C CYS OA 403 -19.30 -50.44 -100.53
N TYR OA 404 -18.95 -51.51 -101.27
CA TYR OA 404 -19.27 -52.89 -100.91
C TYR OA 404 -18.44 -53.92 -101.70
N PHE OA 405 -18.43 -55.17 -101.24
CA PHE OA 405 -17.77 -56.28 -101.93
C PHE OA 405 -18.77 -57.17 -102.66
N VAL OA 406 -18.45 -57.57 -103.89
CA VAL OA 406 -19.20 -58.55 -104.71
C VAL OA 406 -18.34 -59.77 -104.98
N ARG OA 407 -18.95 -60.93 -105.22
CA ARG OA 407 -18.26 -62.20 -105.46
C ARG OA 407 -17.63 -62.20 -106.86
N SER OA 408 -16.31 -62.39 -106.97
CA SER OA 408 -15.60 -62.36 -108.26
C SER OA 408 -15.74 -63.68 -109.03
N LYS OA 409 -15.39 -64.82 -108.41
CA LYS OA 409 -15.60 -66.17 -108.99
C LYS OA 409 -17.02 -66.70 -108.74
N ILE OA 410 -18.03 -66.09 -109.35
CA ILE OA 410 -19.37 -66.69 -109.50
C ILE OA 410 -19.98 -66.33 -110.85
N ASN OA 411 -20.92 -67.15 -111.30
CA ASN OA 411 -21.66 -66.96 -112.54
C ASN OA 411 -22.87 -66.02 -112.35
N ALA OA 412 -22.62 -64.77 -111.94
CA ALA OA 412 -23.67 -63.77 -111.74
C ALA OA 412 -23.35 -62.44 -112.44
N HIS OA 413 -24.34 -61.89 -113.14
CA HIS OA 413 -24.21 -60.68 -113.93
C HIS OA 413 -24.29 -59.42 -113.06
N GLY OA 414 -23.65 -58.35 -113.52
CA GLY OA 414 -23.84 -57.00 -112.98
C GLY OA 414 -23.13 -56.73 -111.66
N TRP OA 415 -23.22 -55.47 -111.23
CA TRP OA 415 -22.40 -54.90 -110.15
C TRP OA 415 -23.23 -54.40 -108.95
N ASP OA 416 -24.55 -54.62 -108.96
CA ASP OA 416 -25.43 -54.09 -107.89
C ASP OA 416 -24.96 -54.57 -106.51
N PRO OA 417 -25.18 -53.82 -105.41
CA PRO OA 417 -24.83 -54.29 -104.09
C PRO OA 417 -25.56 -55.61 -103.88
N GLU OA 418 -24.84 -56.66 -103.45
CA GLU OA 418 -25.44 -58.01 -103.30
C GLU OA 418 -24.96 -58.65 -102.00
N GLN OA 419 -25.48 -59.84 -101.67
CA GLN OA 419 -25.09 -60.58 -100.44
C GLN OA 419 -25.39 -59.69 -99.22
N HIS OA 420 -24.40 -59.37 -98.37
CA HIS OA 420 -24.63 -58.60 -97.12
C HIS OA 420 -25.00 -57.15 -97.45
N GLN OA 421 -26.23 -56.75 -97.12
CA GLN OA 421 -26.69 -55.34 -97.32
C GLN OA 421 -26.36 -54.55 -96.05
N GLU OA 422 -26.09 -55.23 -94.94
CA GLU OA 422 -25.66 -54.55 -93.72
C GLU OA 422 -24.16 -54.16 -93.76
N LEU OA 423 -23.37 -54.78 -94.64
CA LEU OA 423 -21.96 -54.46 -94.84
C LEU OA 423 -21.73 -53.30 -95.81
N ILE OA 424 -22.76 -52.83 -96.53
CA ILE OA 424 -22.65 -51.65 -97.38
C ILE OA 424 -22.26 -50.45 -96.51
N ASN OA 425 -21.21 -49.72 -96.94
CA ASN OA 425 -20.70 -48.50 -96.23
C ASN OA 425 -21.08 -47.28 -97.10
N SER OA 426 -21.77 -46.27 -96.55
CA SER OA 426 -22.35 -45.16 -97.33
C SER OA 426 -22.11 -43.80 -96.67
N ASP OA 427 -22.22 -42.75 -97.49
CA ASP OA 427 -22.35 -41.35 -97.04
C ASP OA 427 -21.15 -40.77 -96.24
N LEU OA 428 -19.93 -41.15 -96.62
CA LEU OA 428 -18.69 -40.50 -96.16
C LEU OA 428 -17.82 -40.21 -97.40
N PRO OA 429 -16.92 -39.21 -97.37
CA PRO OA 429 -16.04 -38.95 -98.50
C PRO OA 429 -15.15 -40.16 -98.76
N GLN OA 430 -14.87 -40.52 -100.03
CA GLN OA 430 -14.16 -41.77 -100.41
C GLN OA 430 -12.85 -42.06 -99.65
N TRP OA 431 -12.08 -41.05 -99.28
CA TRP OA 431 -10.87 -41.23 -98.48
C TRP OA 431 -11.16 -41.66 -97.03
N LEU OA 432 -12.33 -41.30 -96.48
CA LEU OA 432 -12.80 -41.78 -95.19
C LEU OA 432 -13.61 -43.07 -95.33
N LEU OA 433 -14.42 -43.21 -96.37
CA LEU OA 433 -15.27 -44.36 -96.61
C LEU OA 433 -14.46 -45.66 -96.83
N LEU OA 434 -13.35 -45.57 -97.55
CA LEU OA 434 -12.51 -46.73 -97.86
C LEU OA 434 -11.55 -47.09 -96.72
N PHE OA 435 -11.21 -46.16 -95.82
CA PHE OA 435 -10.15 -46.37 -94.84
C PHE OA 435 -10.50 -47.51 -93.87
N GLY OA 436 -9.69 -48.58 -93.87
CA GLY OA 436 -9.91 -49.74 -93.00
C GLY OA 436 -11.15 -50.57 -93.33
N TYR OA 437 -11.95 -50.24 -94.35
CA TYR OA 437 -13.16 -50.97 -94.69
C TYR OA 437 -12.88 -52.42 -95.14
N PRO OA 438 -11.90 -52.72 -96.01
CA PRO OA 438 -11.52 -54.09 -96.29
C PRO OA 438 -11.11 -54.92 -95.07
N ASP OA 439 -10.40 -54.32 -94.11
CA ASP OA 439 -10.03 -55.02 -92.89
C ASP OA 439 -11.21 -55.25 -91.95
N TYR OA 440 -12.15 -54.31 -91.84
CA TYR OA 440 -13.39 -54.56 -91.13
C TYR OA 440 -14.13 -55.76 -91.74
N ILE OA 441 -14.19 -55.84 -93.06
CA ILE OA 441 -14.84 -56.95 -93.77
C ILE OA 441 -14.11 -58.27 -93.53
N LYS OA 442 -12.77 -58.30 -93.64
CA LYS OA 442 -11.98 -59.49 -93.32
C LYS OA 442 -12.18 -59.95 -91.88
N ARG OA 443 -12.11 -59.03 -90.90
CA ARG OA 443 -12.27 -59.37 -89.47
C ARG OA 443 -13.72 -59.83 -89.18
N THR OA 444 -14.70 -59.29 -89.92
CA THR OA 444 -16.10 -59.72 -89.80
C THR OA 444 -16.30 -61.17 -90.25
N GLN OA 445 -15.50 -61.67 -91.21
CA GLN OA 445 -15.51 -63.11 -91.64
C GLN OA 445 -16.86 -63.54 -92.24
N ASN OA 446 -17.71 -62.60 -92.68
CA ASN OA 446 -18.98 -62.91 -93.35
C ASN OA 446 -18.81 -63.25 -94.85
N PHE OA 447 -17.59 -63.18 -95.38
CA PHE OA 447 -17.24 -63.56 -96.75
C PHE OA 447 -16.13 -64.61 -96.76
N ALA OA 448 -16.07 -65.42 -97.82
CA ALA OA 448 -14.96 -66.37 -98.01
C ALA OA 448 -13.64 -65.58 -98.12
N LEU OA 449 -12.66 -65.95 -97.29
CA LEU OA 449 -11.62 -65.03 -96.83
C LEU OA 449 -10.66 -64.54 -97.93
N VAL OA 450 -10.50 -65.31 -99.00
CA VAL OA 450 -9.40 -65.09 -99.96
C VAL OA 450 -9.64 -63.89 -100.89
N ASP OA 451 -8.61 -63.04 -101.05
CA ASP OA 451 -8.72 -61.80 -101.87
C ASP OA 451 -9.14 -62.09 -103.32
N THR OA 452 -8.83 -63.28 -103.83
CA THR OA 452 -9.12 -63.62 -105.22
C THR OA 452 -10.60 -63.87 -105.51
N ASN OA 453 -11.43 -64.04 -104.48
CA ASN OA 453 -12.82 -64.47 -104.65
C ASN OA 453 -13.83 -63.32 -104.53
N TYR OA 454 -13.37 -62.10 -104.29
CA TYR OA 454 -14.21 -60.90 -104.19
C TYR OA 454 -13.61 -59.72 -104.95
N ILE OA 455 -14.45 -58.77 -105.30
CA ILE OA 455 -14.08 -57.46 -105.84
C ILE OA 455 -14.72 -56.40 -104.94
N LEU OA 456 -14.00 -55.31 -104.70
CA LEU OA 456 -14.49 -54.09 -104.12
C LEU OA 456 -15.05 -53.17 -105.21
N VAL OA 457 -16.25 -52.66 -104.97
CA VAL OA 457 -17.04 -51.83 -105.88
C VAL OA 457 -17.49 -50.59 -105.12
N ASP OA 458 -17.37 -49.40 -105.70
CA ASP OA 458 -17.80 -48.16 -105.02
C ASP OA 458 -18.48 -47.17 -105.97
N HIS OA 459 -19.45 -46.42 -105.45
CA HIS OA 459 -20.12 -45.34 -106.16
C HIS OA 459 -19.62 -43.99 -105.65
N CYS OA 460 -19.32 -43.07 -106.56
CA CYS OA 460 -18.88 -41.72 -106.22
C CYS OA 460 -19.27 -40.76 -107.35
N PRO OA 461 -20.22 -39.85 -107.13
CA PRO OA 461 -20.60 -38.80 -108.09
C PRO OA 461 -19.47 -37.85 -108.50
N TYR OA 462 -18.38 -37.79 -107.73
CA TYR OA 462 -17.48 -36.64 -107.69
C TYR OA 462 -16.19 -36.79 -108.49
N THR OA 463 -15.97 -37.91 -109.18
CA THR OA 463 -14.95 -37.95 -110.23
C THR OA 463 -15.37 -37.11 -111.43
N ASN OA 464 -14.41 -36.50 -112.14
CA ASN OA 464 -14.73 -35.57 -113.23
C ASN OA 464 -15.33 -36.29 -114.46
N PRO OA 465 -14.68 -37.32 -115.03
CA PRO OA 465 -15.39 -38.37 -115.75
C PRO OA 465 -16.09 -39.28 -114.75
N GLU OA 466 -17.03 -40.12 -115.19
CA GLU OA 466 -17.76 -41.03 -114.31
C GLU OA 466 -17.94 -42.42 -114.93
N LYS OA 467 -18.16 -43.41 -114.05
CA LYS OA 467 -18.73 -44.72 -114.33
C LYS OA 467 -19.69 -45.05 -113.18
N THR OA 468 -20.81 -45.73 -113.43
CA THR OA 468 -21.91 -45.84 -112.46
C THR OA 468 -21.42 -46.45 -111.14
N PRO OA 469 -20.92 -47.70 -111.09
CA PRO OA 469 -19.92 -48.10 -110.11
C PRO OA 469 -18.49 -47.91 -110.66
N PHE OA 470 -17.54 -47.95 -109.73
CA PHE OA 470 -16.11 -47.98 -110.07
C PHE OA 470 -15.58 -49.34 -109.66
N ILE OA 471 -14.66 -49.93 -110.41
CA ILE OA 471 -14.00 -51.20 -109.98
C ILE OA 471 -12.52 -50.84 -109.87
N PRO OA 472 -12.06 -50.12 -108.82
CA PRO OA 472 -10.68 -49.64 -108.79
C PRO OA 472 -9.69 -50.75 -109.11
N LEU OA 473 -8.64 -50.47 -109.88
CA LEU OA 473 -7.55 -51.40 -110.19
C LEU OA 473 -6.21 -50.72 -109.96
N SER OA 474 -5.27 -51.44 -109.36
CA SER OA 474 -3.94 -50.88 -109.08
C SER OA 474 -3.13 -50.73 -110.35
N THR OA 475 -2.25 -49.73 -110.37
CA THR OA 475 -1.32 -49.48 -111.48
C THR OA 475 -0.50 -50.73 -111.80
N SER OA 476 -0.17 -51.57 -110.83
CA SER OA 476 0.50 -52.86 -111.06
C SER OA 476 -0.31 -53.82 -111.94
N PHE OA 477 -1.61 -53.96 -111.74
CA PHE OA 477 -2.48 -54.79 -112.59
C PHE OA 477 -2.72 -54.17 -113.96
N ILE OA 478 -2.83 -52.84 -114.02
CA ILE OA 478 -2.92 -52.07 -115.26
C ILE OA 478 -1.60 -52.09 -116.06
N GLU OA 479 -0.48 -52.44 -115.43
CA GLU OA 479 0.84 -52.58 -116.04
C GLU OA 479 1.35 -54.03 -116.11
N GLY OA 480 0.52 -55.03 -115.80
CA GLY OA 480 0.93 -56.43 -115.92
C GLY OA 480 2.01 -56.86 -114.93
N ARG OA 481 1.78 -56.64 -113.64
CA ARG OA 481 2.79 -56.94 -112.58
C ARG OA 481 2.10 -57.40 -111.29
N SER OA 482 2.80 -58.16 -110.44
CA SER OA 482 2.23 -58.68 -109.18
C SER OA 482 1.84 -57.55 -108.19
N PRO OA 483 0.86 -57.78 -107.29
CA PRO OA 483 0.23 -56.73 -106.47
C PRO OA 483 1.17 -55.75 -105.76
N TYR OA 484 2.31 -56.22 -105.24
CA TYR OA 484 3.35 -55.41 -104.57
C TYR OA 484 4.75 -55.71 -105.14
N SER OA 485 4.88 -55.82 -106.47
CA SER OA 485 6.16 -56.10 -107.14
C SER OA 485 6.77 -54.83 -107.76
N PRO OA 486 8.09 -54.63 -107.67
CA PRO OA 486 8.75 -53.41 -108.15
C PRO OA 486 8.61 -53.21 -109.66
N SER OA 487 8.47 -51.96 -110.07
CA SER OA 487 8.15 -51.53 -111.43
C SER OA 487 9.14 -51.98 -112.51
N ASP OA 488 10.36 -52.41 -112.14
CA ASP OA 488 11.35 -52.94 -113.12
C ASP OA 488 10.81 -54.24 -113.74
N THR OA 489 9.90 -54.92 -113.04
CA THR OA 489 9.27 -56.16 -113.49
C THR OA 489 8.16 -55.87 -114.52
N HIS OA 490 8.02 -56.71 -115.56
CA HIS OA 490 7.00 -56.53 -116.64
C HIS OA 490 6.18 -57.81 -116.83
N GLU OA 491 6.09 -58.68 -115.82
CA GLU OA 491 5.28 -59.89 -115.81
C GLU OA 491 4.84 -60.22 -114.37
N PRO OA 492 3.67 -60.84 -114.15
CA PRO OA 492 3.36 -61.45 -112.87
C PRO OA 492 4.35 -62.57 -112.51
N ASP OA 493 4.56 -62.82 -111.21
CA ASP OA 493 5.17 -64.05 -110.70
C ASP OA 493 4.22 -65.25 -110.89
N GLU OA 494 4.70 -66.49 -110.96
CA GLU OA 494 3.93 -67.65 -111.44
C GLU OA 494 2.54 -67.81 -110.80
N GLU OA 495 2.41 -67.60 -109.49
CA GLU OA 495 1.13 -67.69 -108.79
C GLU OA 495 0.15 -66.55 -109.16
N ASP OA 496 0.66 -65.38 -109.57
CA ASP OA 496 -0.13 -64.30 -110.16
C ASP OA 496 -0.20 -64.39 -111.70
N GLN OA 497 0.63 -65.20 -112.37
CA GLN OA 497 0.40 -65.54 -113.79
C GLN OA 497 -0.86 -66.39 -113.93
N ASN OA 498 -1.06 -67.32 -112.99
CA ASN OA 498 -2.37 -67.89 -112.69
C ASN OA 498 -3.27 -66.85 -111.99
N ARG OA 499 -4.59 -67.08 -112.11
CA ARG OA 499 -5.62 -66.22 -111.49
C ARG OA 499 -5.42 -64.75 -111.91
N TRP OA 500 -5.00 -64.49 -113.16
CA TRP OA 500 -4.77 -63.10 -113.66
C TRP OA 500 -6.09 -62.47 -114.10
N TYR OA 501 -6.96 -62.15 -113.14
CA TYR OA 501 -8.28 -61.57 -113.41
C TYR OA 501 -8.69 -60.59 -112.29
N PRO OA 502 -9.62 -59.66 -112.52
CA PRO OA 502 -10.09 -58.70 -111.52
C PRO OA 502 -10.50 -59.34 -110.19
N CYS OA 503 -9.82 -58.95 -109.11
CA CYS OA 503 -10.16 -59.33 -107.74
C CYS OA 503 -9.47 -58.38 -106.76
N TYR OA 504 -9.92 -58.37 -105.50
CA TYR OA 504 -9.47 -57.45 -104.46
C TYR OA 504 -7.96 -57.42 -104.28
N GLN OA 505 -7.26 -58.53 -104.51
CA GLN OA 505 -5.78 -58.59 -104.38
C GLN OA 505 -5.11 -57.57 -105.33
N TYR OA 506 -5.67 -57.34 -106.52
CA TYR OA 506 -5.15 -56.35 -107.45
C TYR OA 506 -5.70 -54.94 -107.24
N GLN OA 507 -6.71 -54.76 -106.39
CA GLN OA 507 -7.30 -53.45 -106.09
C GLN OA 507 -6.61 -52.70 -104.94
N GLN OA 508 -5.85 -53.41 -104.10
CA GLN OA 508 -5.36 -52.90 -102.81
C GLN OA 508 -4.60 -51.57 -102.90
N GLU OA 509 -3.65 -51.43 -103.82
CA GLU OA 509 -2.87 -50.21 -103.93
C GLU OA 509 -3.72 -49.03 -104.42
N SER OA 510 -4.74 -49.25 -105.25
CA SER OA 510 -5.63 -48.19 -105.70
C SER OA 510 -6.47 -47.60 -104.56
N ILE OA 511 -7.06 -48.43 -103.70
CA ILE OA 511 -7.84 -47.90 -102.56
C ILE OA 511 -6.95 -47.32 -101.48
N ASN OA 512 -5.71 -47.81 -101.32
CA ASN OA 512 -4.74 -47.14 -100.47
C ASN OA 512 -4.42 -45.75 -101.04
N SER OA 513 -4.23 -45.62 -102.35
CA SER OA 513 -3.98 -44.34 -103.01
C SER OA 513 -5.12 -43.35 -102.84
N ILE OA 514 -6.37 -43.81 -102.89
CA ILE OA 514 -7.55 -42.98 -102.57
C ILE OA 514 -7.53 -42.55 -101.09
N CYS OA 515 -7.22 -43.44 -100.16
CA CYS OA 515 -7.08 -43.07 -98.74
C CYS OA 515 -5.94 -42.07 -98.49
N LEU OA 516 -4.81 -42.21 -99.17
CA LEU OA 516 -3.70 -41.25 -99.14
C LEU OA 516 -4.08 -39.87 -99.66
N SER OA 517 -5.13 -39.75 -100.48
CA SER OA 517 -5.63 -38.42 -100.85
C SER OA 517 -6.28 -37.69 -99.66
N GLY OA 518 -6.70 -38.40 -98.61
CA GLY OA 518 -7.31 -37.81 -97.43
C GLY OA 518 -6.29 -37.14 -96.48
N PRO OA 519 -6.76 -36.22 -95.62
CA PRO OA 519 -5.89 -35.47 -94.72
C PRO OA 519 -5.28 -36.33 -93.61
N GLY OA 520 -4.17 -35.86 -93.06
CA GLY OA 520 -3.41 -36.47 -91.97
C GLY OA 520 -2.54 -37.67 -92.37
N THR OA 521 -2.71 -38.22 -93.56
CA THR OA 521 -1.97 -39.40 -94.00
C THR OA 521 -0.47 -39.07 -94.22
N PRO OA 522 0.46 -39.84 -93.65
CA PRO OA 522 1.88 -39.49 -93.64
C PRO OA 522 2.59 -39.66 -95.00
N LYS OA 523 3.71 -38.95 -95.14
CA LYS OA 523 4.68 -39.12 -96.24
C LYS OA 523 5.83 -40.00 -95.76
N ILE OA 524 6.03 -41.16 -96.36
CA ILE OA 524 7.13 -42.07 -96.02
C ILE OA 524 7.95 -42.34 -97.28
N PRO OA 525 9.25 -42.02 -97.32
CA PRO OA 525 10.09 -42.32 -98.48
C PRO OA 525 10.08 -43.80 -98.86
N LYS OA 526 10.10 -44.11 -100.16
CA LYS OA 526 10.15 -45.51 -100.63
C LYS OA 526 11.39 -46.23 -100.11
N GLY OA 527 11.21 -47.45 -99.62
CA GLY OA 527 12.25 -48.24 -98.98
C GLY OA 527 12.46 -47.97 -97.48
N ILE OA 528 11.74 -47.01 -96.88
CA ILE OA 528 11.76 -46.77 -95.43
C ILE OA 528 10.48 -47.36 -94.83
N THR OA 529 10.63 -48.06 -93.71
CA THR OA 529 9.50 -48.54 -92.88
C THR OA 529 9.43 -47.70 -91.62
N ALA OA 530 8.31 -47.03 -91.40
CA ALA OA 530 8.05 -46.33 -90.16
C ALA OA 530 7.49 -47.32 -89.11
N GLU OA 531 7.80 -47.11 -87.84
CA GLU OA 531 7.46 -48.03 -86.76
C GLU OA 531 7.03 -47.24 -85.52
N ALA OA 532 6.22 -47.82 -84.66
CA ALA OA 532 5.92 -47.27 -83.34
C ALA OA 532 5.86 -48.38 -82.31
N LYS OA 533 6.24 -48.07 -81.06
CA LYS OA 533 6.22 -49.03 -79.96
C LYS OA 533 5.73 -48.39 -78.66
N VAL OA 534 5.15 -49.22 -77.81
CA VAL OA 534 4.80 -48.90 -76.43
C VAL OA 534 5.55 -49.87 -75.51
N LYS OA 535 5.99 -49.41 -74.35
CA LYS OA 535 6.40 -50.29 -73.26
C LYS OA 535 5.26 -50.39 -72.26
N TYR OA 536 4.86 -51.62 -71.94
CA TYR OA 536 3.76 -51.88 -71.02
C TYR OA 536 4.27 -52.49 -69.72
N SER OA 537 3.50 -52.30 -68.66
CA SER OA 537 3.66 -52.98 -67.39
C SER OA 537 2.28 -53.28 -66.81
N PHE OA 538 1.81 -54.51 -66.94
CA PHE OA 538 0.56 -54.97 -66.32
C PHE OA 538 0.81 -55.44 -64.90
N ASN OA 539 0.02 -54.97 -63.95
CA ASN OA 539 0.20 -55.28 -62.54
C ASN OA 539 -0.78 -56.37 -62.10
N PHE OA 540 -0.24 -57.48 -61.62
CA PHE OA 540 -1.00 -58.62 -61.11
C PHE OA 540 -0.50 -58.99 -59.73
N LYS OA 541 -1.33 -59.70 -58.97
CA LYS OA 541 -0.90 -60.52 -57.84
C LYS OA 541 -1.32 -61.95 -58.13
N TRP OA 542 -0.51 -62.91 -57.70
CA TRP OA 542 -0.82 -64.33 -57.74
C TRP OA 542 -1.11 -64.81 -56.32
N GLY OA 543 -2.16 -65.60 -56.14
CA GLY OA 543 -2.62 -66.04 -54.84
C GLY OA 543 -2.74 -67.55 -54.74
N GLY OA 544 -2.46 -68.10 -53.56
CA GLY OA 544 -2.62 -69.54 -53.32
C GLY OA 544 -2.21 -69.96 -51.92
N ASP OA 545 -2.38 -71.24 -51.64
CA ASP OA 545 -1.70 -71.92 -50.55
C ASP OA 545 -0.19 -72.08 -50.84
N LEU OA 546 0.61 -72.24 -49.80
CA LEU OA 546 2.07 -72.26 -49.91
C LEU OA 546 2.55 -73.42 -50.84
N PRO OA 547 3.42 -73.15 -51.82
CA PRO OA 547 3.91 -74.15 -52.75
C PRO OA 547 5.10 -74.97 -52.18
N PRO OA 548 5.44 -76.12 -52.81
CA PRO OA 548 6.65 -76.87 -52.52
C PRO OA 548 7.92 -76.22 -53.14
N MET OA 549 9.11 -76.71 -52.75
CA MET OA 549 10.42 -76.18 -53.19
C MET OA 549 11.52 -77.26 -53.13
N SER OA 550 12.64 -77.08 -53.83
CA SER OA 550 13.78 -78.03 -53.84
C SER OA 550 15.16 -77.34 -53.73
N THR OA 551 16.20 -78.12 -53.43
CA THR OA 551 17.53 -77.62 -53.02
C THR OA 551 18.68 -78.37 -53.73
N ILE OA 552 19.87 -77.77 -53.69
CA ILE OA 552 21.08 -78.21 -54.42
C ILE OA 552 22.19 -78.59 -53.42
N THR OA 553 23.01 -79.60 -53.73
CA THR OA 553 24.13 -80.00 -52.85
C THR OA 553 25.11 -78.85 -52.63
N ASN OA 554 25.67 -78.70 -51.43
CA ASN OA 554 26.69 -77.70 -51.17
C ASN OA 554 28.04 -77.96 -51.88
N PRO OA 555 28.61 -79.19 -51.89
CA PRO OA 555 29.92 -79.42 -52.47
C PRO OA 555 29.97 -79.16 -53.98
N THR OA 556 28.96 -79.62 -54.73
CA THR OA 556 28.89 -79.36 -56.19
C THR OA 556 28.02 -78.13 -56.40
N ASP OA 557 28.58 -76.93 -56.19
CA ASP OA 557 27.81 -75.67 -56.30
C ASP OA 557 28.74 -74.57 -56.84
N GLN OA 558 28.22 -73.36 -57.06
CA GLN OA 558 29.04 -72.23 -57.58
C GLN OA 558 30.38 -72.23 -56.83
N PRO OA 559 31.52 -72.50 -57.48
CA PRO OA 559 32.80 -72.58 -56.79
C PRO OA 559 33.45 -71.22 -56.60
N THR OA 560 34.10 -71.00 -55.45
CA THR OA 560 34.82 -69.74 -55.22
C THR OA 560 35.98 -69.60 -56.21
N TYR OA 561 36.39 -68.37 -56.54
CA TYR OA 561 37.50 -68.12 -57.49
C TYR OA 561 38.79 -68.88 -57.10
N VAL OA 562 39.01 -69.10 -55.80
CA VAL OA 562 40.14 -69.88 -55.26
C VAL OA 562 40.14 -71.30 -55.81
N LYS PA 48 -43.40 -59.62 8.69
CA LYS PA 48 -44.85 -59.33 8.89
C LYS PA 48 -45.68 -59.78 7.69
N ARG PA 49 -45.55 -59.14 6.53
CA ARG PA 49 -46.19 -59.55 5.27
C ARG PA 49 -45.22 -59.42 4.10
N LEU PA 50 -45.30 -60.34 3.14
CA LEU PA 50 -44.41 -60.43 1.99
C LEU PA 50 -45.20 -60.37 0.69
N ASN PA 51 -44.60 -59.83 -0.36
CA ASN PA 51 -45.12 -59.96 -1.72
C ASN PA 51 -45.05 -61.43 -2.15
N ILE PA 52 -46.10 -61.94 -2.79
CA ILE PA 52 -46.06 -63.22 -3.47
C ILE PA 52 -45.23 -63.05 -4.76
N VAL PA 53 -44.33 -63.98 -5.01
CA VAL PA 53 -43.37 -63.97 -6.11
C VAL PA 53 -43.49 -65.27 -6.89
N GLU PA 54 -43.33 -65.20 -8.21
CA GLU PA 54 -43.31 -66.35 -9.10
C GLU PA 54 -41.98 -66.40 -9.86
N TRP PA 55 -41.47 -67.59 -10.13
CA TRP PA 55 -40.27 -67.76 -10.94
C TRP PA 55 -40.64 -67.95 -12.40
N GLN PA 56 -40.08 -67.06 -13.23
CA GLN PA 56 -40.42 -67.00 -14.67
C GLN PA 56 -40.01 -68.29 -15.37
N PRO PA 57 -40.82 -68.79 -16.32
CA PRO PA 57 -40.55 -70.03 -17.02
C PRO PA 57 -39.37 -69.91 -18.00
N LYS PA 58 -38.78 -71.05 -18.36
CA LYS PA 58 -37.50 -71.14 -19.07
C LYS PA 58 -37.50 -70.46 -20.44
N SER PA 59 -38.58 -70.61 -21.21
CA SER PA 59 -38.77 -69.92 -22.50
C SER PA 59 -40.14 -69.27 -22.58
N ILE PA 60 -40.19 -68.06 -23.13
CA ILE PA 60 -41.39 -67.22 -23.20
C ILE PA 60 -41.55 -66.67 -24.63
N ARG PA 61 -42.79 -66.67 -25.16
CA ARG PA 61 -43.08 -66.15 -26.52
C ARG PA 61 -44.37 -65.29 -26.58
N LYS PA 62 -44.25 -63.98 -26.74
CA LYS PA 62 -45.40 -63.07 -26.88
C LYS PA 62 -46.25 -63.45 -28.09
N CYS PA 63 -47.56 -63.42 -27.94
CA CYS PA 63 -48.52 -63.66 -29.02
C CYS PA 63 -49.71 -62.70 -28.90
N ARG PA 64 -49.92 -61.90 -29.98
CA ARG PA 64 -51.11 -61.02 -30.08
C ARG PA 64 -52.16 -61.69 -30.97
N ILE PA 65 -53.24 -62.22 -30.38
CA ILE PA 65 -54.34 -62.81 -31.16
C ILE PA 65 -55.14 -61.65 -31.75
N LYS PA 66 -54.96 -61.37 -33.04
CA LYS PA 66 -55.52 -60.22 -33.76
C LYS PA 66 -56.61 -60.66 -34.69
N GLY PA 67 -57.74 -59.95 -34.72
CA GLY PA 67 -58.84 -60.30 -35.61
C GLY PA 67 -59.99 -59.31 -35.60
N MET PA 68 -61.07 -59.66 -36.27
CA MET PA 68 -62.24 -58.82 -36.46
C MET PA 68 -63.49 -59.53 -35.92
N LEU PA 69 -64.32 -58.85 -35.14
CA LEU PA 69 -65.55 -59.40 -34.55
C LEU PA 69 -66.77 -58.60 -35.00
N CYS PA 70 -67.79 -59.25 -35.52
CA CYS PA 70 -69.07 -58.65 -35.82
C CYS PA 70 -69.89 -58.40 -34.54
N LEU PA 71 -70.25 -57.14 -34.27
CA LEU PA 71 -71.01 -56.78 -33.07
C LEU PA 71 -72.50 -57.02 -33.24
N PHE PA 72 -73.05 -56.65 -34.39
CA PHE PA 72 -74.39 -57.01 -34.81
C PHE PA 72 -74.46 -56.94 -36.34
N GLN PA 73 -75.45 -57.59 -36.92
CA GLN PA 73 -75.91 -57.30 -38.27
C GLN PA 73 -77.42 -57.45 -38.30
N THR PA 74 -78.12 -56.37 -38.64
CA THR PA 74 -79.54 -56.19 -38.34
C THR PA 74 -80.30 -55.58 -39.50
N THR PA 75 -81.55 -56.00 -39.67
CA THR PA 75 -82.61 -55.26 -40.37
C THR PA 75 -83.51 -54.58 -39.34
N GLU PA 76 -84.45 -53.75 -39.77
CA GLU PA 76 -85.39 -53.05 -38.87
C GLU PA 76 -86.30 -54.02 -38.08
N ASP PA 77 -86.72 -55.12 -38.70
CA ASP PA 77 -87.59 -56.14 -38.11
C ASP PA 77 -86.88 -57.09 -37.14
N ARG PA 78 -85.58 -56.92 -36.92
CA ARG PA 78 -84.78 -57.68 -35.96
C ARG PA 78 -84.08 -56.81 -34.90
N LEU PA 79 -84.35 -55.51 -34.83
CA LEU PA 79 -83.64 -54.60 -33.93
C LEU PA 79 -83.75 -54.95 -32.45
N SER PA 80 -84.89 -55.45 -32.00
CA SER PA 80 -85.12 -55.79 -30.58
C SER PA 80 -84.58 -57.17 -30.16
N TYR PA 81 -83.90 -57.90 -31.05
CA TYR PA 81 -83.41 -59.26 -30.80
C TYR PA 81 -81.89 -59.33 -30.72
N ASN PA 82 -81.38 -60.30 -29.95
CA ASN PA 82 -79.96 -60.57 -29.78
C ASN PA 82 -79.37 -61.23 -31.03
N PHE PA 83 -78.31 -60.64 -31.60
CA PHE PA 83 -77.53 -61.22 -32.68
C PHE PA 83 -76.57 -62.30 -32.17
N ASP PA 84 -76.81 -63.54 -32.59
CA ASP PA 84 -75.82 -64.61 -32.54
C ASP PA 84 -75.35 -64.91 -33.96
N MET PA 85 -74.04 -64.92 -34.17
CA MET PA 85 -73.46 -65.22 -35.49
C MET PA 85 -73.56 -66.72 -35.83
N TYR PA 86 -73.58 -67.57 -34.80
CA TYR PA 86 -73.75 -69.01 -34.91
C TYR PA 86 -75.15 -69.37 -34.39
N GLU PA 87 -76.02 -69.74 -35.31
CA GLU PA 87 -77.46 -69.56 -35.24
C GLU PA 87 -78.29 -70.70 -34.63
N GLU PA 88 -79.50 -70.37 -34.20
CA GLU PA 88 -80.60 -71.34 -34.19
C GLU PA 88 -81.04 -71.49 -35.66
N SER PA 89 -80.87 -72.67 -36.25
CA SER PA 89 -80.75 -72.88 -37.71
C SER PA 89 -81.86 -72.31 -38.60
N ILE PA 90 -83.02 -72.00 -38.04
CA ILE PA 90 -84.13 -71.32 -38.75
C ILE PA 90 -83.90 -69.81 -38.91
N ILE PA 91 -83.21 -69.14 -37.98
CA ILE PA 91 -83.08 -67.67 -37.97
C ILE PA 91 -82.47 -67.13 -39.27
N PRO PA 92 -81.32 -67.61 -39.80
CA PRO PA 92 -80.77 -67.06 -41.03
C PRO PA 92 -81.55 -67.44 -42.29
N GLU PA 93 -82.50 -68.36 -42.25
CA GLU PA 93 -83.32 -68.69 -43.42
C GLU PA 93 -84.23 -67.52 -43.77
N LYS PA 94 -83.91 -66.84 -44.88
CA LYS PA 94 -84.60 -65.64 -45.36
C LYS PA 94 -84.57 -64.44 -44.38
N LEU PA 95 -83.57 -64.36 -43.51
CA LEU PA 95 -83.19 -63.10 -42.82
C LEU PA 95 -81.71 -62.76 -43.05
N PRO PA 96 -81.38 -61.58 -43.61
CA PRO PA 96 -79.99 -61.20 -43.85
C PRO PA 96 -79.27 -60.67 -42.60
N GLY PA 97 -79.99 -60.32 -41.53
CA GLY PA 97 -79.42 -59.95 -40.24
C GLY PA 97 -80.30 -60.40 -39.08
N GLY PA 98 -79.70 -61.04 -38.07
CA GLY PA 98 -80.45 -61.75 -37.03
C GLY PA 98 -80.82 -60.93 -35.79
N GLY PA 99 -80.18 -59.79 -35.55
CA GLY PA 99 -80.43 -59.04 -34.32
C GLY PA 99 -79.72 -57.69 -34.24
N GLY PA 100 -80.30 -56.73 -33.54
CA GLY PA 100 -79.80 -55.35 -33.44
C GLY PA 100 -79.00 -55.04 -32.19
N PHE PA 101 -78.86 -56.00 -31.28
CA PHE PA 101 -77.95 -55.90 -30.13
C PHE PA 101 -77.24 -57.22 -29.96
N SER PA 102 -76.10 -57.26 -29.28
CA SER PA 102 -75.52 -58.52 -28.84
C SER PA 102 -74.85 -58.40 -27.48
N ILE PA 103 -74.75 -59.53 -26.80
CA ILE PA 103 -73.81 -59.73 -25.71
C ILE PA 103 -72.80 -60.77 -26.17
N LYS PA 104 -71.52 -60.41 -26.25
CA LYS PA 104 -70.39 -61.28 -26.61
C LYS PA 104 -69.60 -61.60 -25.37
N ASN PA 105 -69.30 -62.87 -25.10
CA ASN PA 105 -68.26 -63.28 -24.16
C ASN PA 105 -67.07 -63.81 -24.94
N ILE PA 106 -65.87 -63.31 -24.66
CA ILE PA 106 -64.63 -63.76 -25.31
C ILE PA 106 -63.79 -64.57 -24.33
N SER PA 107 -63.35 -65.74 -24.74
CA SER PA 107 -62.43 -66.61 -24.01
C SER PA 107 -61.36 -67.12 -24.96
N LEU PA 108 -60.23 -67.57 -24.45
CA LEU PA 108 -59.15 -68.13 -25.27
C LEU PA 108 -59.62 -69.31 -26.13
N TYR PA 109 -60.57 -70.11 -25.66
CA TYR PA 109 -61.19 -71.14 -26.49
C TYR PA 109 -62.09 -70.56 -27.59
N ALA PA 110 -62.86 -69.52 -27.32
CA ALA PA 110 -63.61 -68.82 -28.36
C ALA PA 110 -62.68 -68.15 -29.39
N LEU PA 111 -61.54 -67.61 -28.98
CA LEU PA 111 -60.50 -67.12 -29.89
C LEU PA 111 -59.93 -68.22 -30.77
N TYR PA 112 -59.68 -69.41 -30.23
CA TYR PA 112 -59.31 -70.58 -31.01
C TYR PA 112 -60.41 -71.01 -31.98
N GLN PA 113 -61.68 -70.99 -31.59
CA GLN PA 113 -62.78 -71.28 -32.50
C GLN PA 113 -62.89 -70.25 -33.63
N GLU PA 114 -62.67 -68.97 -33.37
CA GLU PA 114 -62.60 -67.95 -34.41
C GLU PA 114 -61.40 -68.16 -35.34
N HIS PA 115 -60.32 -68.82 -34.89
CA HIS PA 115 -59.16 -69.15 -35.75
C HIS PA 115 -59.54 -70.30 -36.70
N ILE PA 116 -60.43 -71.20 -36.29
CA ILE PA 116 -60.95 -72.26 -37.17
C ILE PA 116 -61.85 -71.68 -38.27
N HIS PA 117 -62.57 -70.60 -38.00
CA HIS PA 117 -63.29 -69.83 -39.02
C HIS PA 117 -62.40 -68.88 -39.84
N ALA PA 118 -61.09 -68.87 -39.60
CA ALA PA 118 -60.12 -67.95 -40.19
C ALA PA 118 -60.41 -66.46 -39.90
N HIS PA 119 -61.11 -66.14 -38.83
CA HIS PA 119 -61.46 -64.77 -38.45
C HIS PA 119 -60.35 -64.04 -37.69
N ASN PA 120 -59.31 -64.74 -37.25
CA ASN PA 120 -58.16 -64.16 -36.57
C ASN PA 120 -56.84 -64.84 -36.94
N ILE PA 121 -55.74 -64.19 -36.60
CA ILE PA 121 -54.39 -64.73 -36.62
C ILE PA 121 -53.86 -64.83 -35.19
N PHE PA 122 -53.03 -65.84 -34.92
CA PHE PA 122 -52.18 -65.89 -33.74
C PHE PA 122 -50.78 -65.49 -34.17
N THR PA 123 -50.22 -64.43 -33.60
CA THR PA 123 -48.89 -63.92 -33.99
C THR PA 123 -47.76 -64.91 -33.68
N HIS PA 124 -48.01 -65.80 -32.72
CA HIS PA 124 -47.06 -66.90 -32.40
C HIS PA 124 -47.91 -68.12 -32.03
N THR PA 125 -47.57 -69.30 -32.51
CA THR PA 125 -48.22 -70.55 -32.11
C THR PA 125 -47.96 -70.88 -30.64
N ASN PA 126 -48.82 -71.72 -30.09
CA ASN PA 126 -48.81 -72.16 -28.69
C ASN PA 126 -48.58 -73.67 -28.54
N THR PA 127 -48.15 -74.39 -29.59
CA THR PA 127 -48.26 -75.85 -29.66
C THR PA 127 -47.45 -76.59 -28.60
N ASP PA 128 -46.29 -76.05 -28.20
CA ASP PA 128 -45.35 -76.73 -27.30
C ASP PA 128 -44.98 -75.90 -26.07
N ARG PA 129 -45.79 -74.86 -25.78
CA ARG PA 129 -45.63 -74.01 -24.56
C ARG PA 129 -47.01 -74.05 -23.88
N PRO PA 130 -47.22 -74.84 -22.79
CA PRO PA 130 -48.55 -75.08 -22.23
C PRO PA 130 -49.02 -73.99 -21.26
N LEU PA 131 -48.13 -73.14 -20.76
CA LEU PA 131 -48.49 -72.02 -19.88
C LEU PA 131 -48.94 -70.81 -20.69
N ALA PA 132 -49.82 -70.00 -20.12
CA ALA PA 132 -50.29 -68.74 -20.66
C ALA PA 132 -50.26 -67.65 -19.60
N ARG PA 133 -49.96 -66.41 -20.04
CA ARG PA 133 -49.95 -65.22 -19.17
C ARG PA 133 -50.70 -64.08 -19.91
N TYR PA 134 -52.01 -63.96 -19.71
CA TYR PA 134 -52.85 -62.94 -20.33
C TYR PA 134 -52.57 -61.55 -19.77
N THR PA 135 -52.37 -60.56 -20.63
CA THR PA 135 -51.93 -59.21 -20.24
C THR PA 135 -52.99 -58.13 -20.48
N GLY PA 136 -54.07 -58.45 -21.18
CA GLY PA 136 -55.15 -57.51 -21.51
C GLY PA 136 -55.45 -57.45 -23.00
N CYS PA 137 -56.35 -56.56 -23.37
CA CYS PA 137 -56.89 -56.46 -24.73
C CYS PA 137 -56.83 -55.02 -25.24
N SER PA 138 -56.64 -54.83 -26.54
CA SER PA 138 -56.95 -53.59 -27.25
C SER PA 138 -58.13 -53.81 -28.16
N LEU PA 139 -59.13 -52.93 -28.11
CA LEU PA 139 -60.23 -52.91 -29.07
C LEU PA 139 -60.18 -51.63 -29.90
N LYS PA 140 -60.42 -51.73 -31.22
CA LYS PA 140 -60.71 -50.62 -32.12
C LYS PA 140 -62.12 -50.77 -32.64
N PHE PA 141 -63.02 -49.88 -32.25
CA PHE PA 141 -64.41 -49.87 -32.68
C PHE PA 141 -64.54 -48.97 -33.90
N TYR PA 142 -65.02 -49.47 -35.02
CA TYR PA 142 -65.11 -48.70 -36.26
C TYR PA 142 -66.46 -48.02 -36.39
N GLN PA 143 -66.47 -46.78 -36.90
CA GLN PA 143 -67.69 -46.15 -37.37
C GLN PA 143 -68.30 -46.97 -38.50
N SER PA 144 -69.55 -47.39 -38.36
CA SER PA 144 -70.29 -47.94 -39.50
C SER PA 144 -70.66 -46.83 -40.49
N LYS PA 145 -70.96 -47.20 -41.72
CA LYS PA 145 -71.41 -46.23 -42.73
C LYS PA 145 -72.75 -45.61 -42.37
N ASP PA 146 -73.75 -46.45 -42.08
CA ASP PA 146 -75.17 -46.05 -42.03
C ASP PA 146 -75.80 -46.01 -40.62
N ILE PA 147 -75.18 -46.65 -39.62
CA ILE PA 147 -75.83 -46.79 -38.27
C ILE PA 147 -74.89 -46.40 -37.14
N ASP PA 148 -75.41 -45.75 -36.09
CA ASP PA 148 -74.61 -45.39 -34.90
C ASP PA 148 -74.71 -46.61 -33.98
N TYR PA 149 -73.97 -46.65 -32.87
CA TYR PA 149 -74.14 -47.78 -31.92
C TYR PA 149 -73.45 -47.52 -30.60
N VAL PA 150 -74.06 -47.94 -29.51
CA VAL PA 150 -73.52 -47.83 -28.15
C VAL PA 150 -72.83 -49.14 -27.81
N VAL PA 151 -71.65 -49.06 -27.22
CA VAL PA 151 -70.95 -50.20 -26.62
C VAL PA 151 -70.78 -49.97 -25.13
N THR PA 152 -70.89 -51.02 -24.33
CA THR PA 152 -70.26 -51.05 -23.01
C THR PA 152 -69.69 -52.44 -22.77
N TYR PA 153 -68.64 -52.54 -21.99
CA TYR PA 153 -67.93 -53.79 -21.76
C TYR PA 153 -67.67 -53.99 -20.28
N SER PA 154 -67.45 -55.24 -19.89
CA SER PA 154 -67.17 -55.61 -18.51
C SER PA 154 -66.12 -56.70 -18.46
N THR PA 155 -65.42 -56.84 -17.33
CA THR PA 155 -64.43 -57.92 -17.13
C THR PA 155 -64.60 -58.53 -15.74
N SER PA 156 -65.76 -58.38 -15.11
CA SER PA 156 -66.01 -59.09 -13.83
C SER PA 156 -65.93 -60.58 -14.13
N LEU PA 157 -64.90 -61.28 -13.66
CA LEU PA 157 -64.70 -62.71 -14.01
C LEU PA 157 -66.03 -63.47 -13.87
N PRO PA 158 -66.83 -63.29 -12.78
CA PRO PA 158 -68.13 -63.94 -12.70
C PRO PA 158 -68.98 -63.55 -13.90
N LEU PA 159 -69.35 -64.53 -14.73
CA LEU PA 159 -70.15 -64.28 -15.96
C LEU PA 159 -71.58 -64.79 -15.73
N ARG PA 160 -72.58 -63.94 -15.95
CA ARG PA 160 -74.00 -64.33 -15.80
C ARG PA 160 -74.90 -63.37 -16.60
N SER PA 161 -76.13 -63.77 -16.91
CA SER PA 161 -77.09 -62.92 -17.64
C SER PA 161 -78.20 -62.49 -16.67
N SER PA 162 -78.86 -61.35 -16.94
CA SER PA 162 -79.94 -60.85 -16.05
C SER PA 162 -81.06 -60.22 -16.88
N MET PA 163 -82.29 -60.22 -16.36
CA MET PA 163 -83.43 -59.58 -17.02
C MET PA 163 -83.24 -58.07 -17.17
N GLY PA 164 -82.68 -57.43 -16.14
CA GLY PA 164 -82.32 -56.01 -16.17
C GLY PA 164 -81.22 -55.70 -17.17
N MET PA 165 -80.23 -56.58 -17.35
CA MET PA 165 -79.22 -56.43 -18.41
C MET PA 165 -79.88 -56.40 -19.78
N TYR PA 166 -80.74 -57.38 -20.12
CA TYR PA 166 -81.37 -57.44 -21.43
C TYR PA 166 -82.31 -56.27 -21.70
N ASN PA 167 -83.09 -55.82 -20.71
CA ASN PA 167 -83.87 -54.59 -20.87
C ASN PA 167 -82.96 -53.36 -21.04
N SER PA 168 -81.88 -53.26 -20.28
CA SER PA 168 -80.95 -52.12 -20.39
C SER PA 168 -80.19 -52.07 -21.72
N MET PA 169 -80.24 -53.11 -22.54
CA MET PA 169 -79.76 -53.06 -23.93
C MET PA 169 -80.60 -52.16 -24.83
N GLN PA 170 -81.79 -51.74 -24.41
CA GLN PA 170 -82.63 -50.83 -25.20
C GLN PA 170 -81.81 -49.57 -25.50
N PRO PA 171 -81.77 -49.07 -26.76
CA PRO PA 171 -80.78 -48.08 -27.16
C PRO PA 171 -80.76 -46.80 -26.34
N SER PA 172 -81.91 -46.28 -25.94
CA SER PA 172 -82.02 -45.10 -25.09
C SER PA 172 -81.48 -45.36 -23.68
N ILE PA 173 -81.79 -46.53 -23.10
CA ILE PA 173 -81.33 -46.90 -21.76
C ILE PA 173 -79.84 -47.18 -21.76
N HIS PA 174 -79.32 -47.92 -22.73
CA HIS PA 174 -77.90 -48.18 -22.87
C HIS PA 174 -77.14 -46.86 -23.09
N LEU PA 175 -77.63 -45.95 -23.92
CA LEU PA 175 -77.05 -44.62 -24.10
C LEU PA 175 -77.03 -43.77 -22.82
N MET PA 176 -77.90 -44.00 -21.84
CA MET PA 176 -77.82 -43.30 -20.56
C MET PA 176 -76.79 -43.87 -19.59
N GLN PA 177 -76.35 -45.13 -19.75
CA GLN PA 177 -75.46 -45.78 -18.79
C GLN PA 177 -74.08 -45.11 -18.68
N GLN PA 178 -73.44 -45.23 -17.52
CA GLN PA 178 -72.07 -44.80 -17.31
C GLN PA 178 -71.07 -45.76 -17.97
N ASN PA 179 -69.91 -45.24 -18.37
CA ASN PA 179 -68.88 -45.99 -19.08
C ASN PA 179 -69.38 -46.67 -20.37
N LYS PA 180 -70.37 -46.04 -21.01
CA LYS PA 180 -70.72 -46.28 -22.40
C LYS PA 180 -69.63 -45.75 -23.34
N LEU PA 181 -69.60 -46.26 -24.54
CA LEU PA 181 -68.92 -45.68 -25.69
C LEU PA 181 -69.95 -45.51 -26.81
N ILE PA 182 -70.12 -44.31 -27.33
CA ILE PA 182 -70.99 -44.05 -28.48
C ILE PA 182 -70.11 -43.97 -29.71
N VAL PA 183 -70.45 -44.72 -30.75
CA VAL PA 183 -69.78 -44.66 -32.04
C VAL PA 183 -70.77 -44.09 -33.06
N PRO PA 184 -70.66 -42.81 -33.43
CA PRO PA 184 -71.47 -42.24 -34.49
C PRO PA 184 -71.13 -42.91 -35.82
N SER PA 185 -72.10 -43.05 -36.71
CA SER PA 185 -71.83 -43.43 -38.08
C SER PA 185 -70.98 -42.37 -38.80
N LYS PA 186 -70.36 -42.74 -39.91
CA LYS PA 186 -69.63 -41.79 -40.77
C LYS PA 186 -70.54 -40.69 -41.30
N GLN PA 187 -71.82 -40.98 -41.48
CA GLN PA 187 -72.85 -40.00 -41.85
C GLN PA 187 -73.14 -39.00 -40.73
N THR PA 188 -73.31 -39.44 -39.47
CA THR PA 188 -73.63 -38.51 -38.38
C THR PA 188 -72.43 -37.73 -37.86
N GLN PA 189 -71.20 -38.24 -37.98
CA GLN PA 189 -69.99 -37.47 -37.67
C GLN PA 189 -68.77 -37.96 -38.46
N LYS PA 190 -68.20 -37.10 -39.28
CA LYS PA 190 -66.85 -37.29 -39.86
C LYS PA 190 -65.79 -37.02 -38.80
N ARG PA 191 -64.79 -37.89 -38.68
CA ARG PA 191 -63.75 -37.86 -37.63
C ARG PA 191 -62.35 -37.92 -38.23
N ARG PA 192 -61.35 -37.45 -37.48
CA ARG PA 192 -59.93 -37.57 -37.85
C ARG PA 192 -59.52 -39.04 -37.95
N LYS PA 193 -59.76 -39.80 -36.89
CA LYS PA 193 -59.56 -41.26 -36.86
C LYS PA 193 -60.92 -41.95 -37.06
N PRO PA 194 -61.05 -42.91 -37.98
CA PRO PA 194 -62.33 -43.55 -38.31
C PRO PA 194 -62.77 -44.61 -37.28
N TYR PA 195 -62.12 -44.67 -36.13
CA TYR PA 195 -62.33 -45.66 -35.08
C TYR PA 195 -62.11 -45.05 -33.70
N ILE PA 196 -62.65 -45.67 -32.67
CA ILE PA 196 -62.34 -45.35 -31.27
C ILE PA 196 -61.60 -46.52 -30.65
N LYS PA 197 -60.43 -46.26 -30.07
CA LYS PA 197 -59.51 -47.27 -29.54
C LYS PA 197 -59.46 -47.19 -28.03
N LYS PA 198 -59.58 -48.33 -27.35
CA LYS PA 198 -59.31 -48.40 -25.90
C LYS PA 198 -58.78 -49.74 -25.43
N HIS PA 199 -57.97 -49.67 -24.38
CA HIS PA 199 -57.29 -50.79 -23.76
C HIS PA 199 -58.08 -51.29 -22.57
N ILE PA 200 -58.25 -52.59 -22.44
CA ILE PA 200 -59.04 -53.24 -21.42
C ILE PA 200 -58.13 -54.19 -20.62
N SER PA 201 -58.09 -54.01 -19.31
CA SER PA 201 -57.26 -54.80 -18.39
C SER PA 201 -57.84 -56.21 -18.18
N PRO PA 202 -57.08 -57.23 -17.77
CA PRO PA 202 -57.65 -58.54 -17.44
C PRO PA 202 -58.74 -58.47 -16.36
N PRO PA 203 -59.62 -59.48 -16.28
CA PRO PA 203 -60.50 -59.66 -15.13
C PRO PA 203 -59.73 -59.58 -13.82
N THR PA 204 -60.31 -59.00 -12.76
CA THR PA 204 -59.60 -58.87 -11.48
C THR PA 204 -59.19 -60.22 -10.88
N GLN PA 205 -59.92 -61.29 -11.24
CA GLN PA 205 -59.63 -62.68 -10.78
C GLN PA 205 -58.48 -63.29 -11.60
N MET PA 206 -58.22 -62.81 -12.81
CA MET PA 206 -57.06 -63.21 -13.61
C MET PA 206 -55.85 -62.38 -13.18
N LYS PA 207 -55.01 -62.92 -12.32
CA LYS PA 207 -53.80 -62.24 -11.81
C LYS PA 207 -52.69 -62.29 -12.86
N SER PA 208 -51.60 -61.56 -12.67
CA SER PA 208 -50.49 -61.52 -13.62
C SER PA 208 -49.69 -62.84 -13.71
N GLN PA 209 -49.96 -63.80 -12.82
CA GLN PA 209 -49.29 -65.10 -12.80
C GLN PA 209 -49.47 -65.90 -14.11
N TRP PA 210 -48.62 -66.91 -14.31
CA TRP PA 210 -48.82 -67.93 -15.34
C TRP PA 210 -49.94 -68.89 -14.96
N TYR PA 211 -50.69 -69.37 -15.95
CA TYR PA 211 -51.75 -70.37 -15.81
C TYR PA 211 -51.61 -71.40 -16.90
N PHE PA 212 -51.87 -72.67 -16.64
CA PHE PA 212 -52.01 -73.65 -17.73
C PHE PA 212 -53.13 -73.22 -18.70
N GLN PA 213 -52.87 -73.31 -20.00
CA GLN PA 213 -53.87 -72.93 -21.03
C GLN PA 213 -55.12 -73.80 -20.92
N HIS PA 214 -55.03 -75.03 -20.42
CA HIS PA 214 -56.19 -75.94 -20.22
C HIS PA 214 -57.13 -75.36 -19.16
N ASN PA 215 -56.57 -74.71 -18.12
CA ASN PA 215 -57.37 -74.16 -17.03
C ASN PA 215 -58.10 -72.88 -17.46
N ILE PA 216 -57.38 -71.94 -18.08
CA ILE PA 216 -57.95 -70.65 -18.48
C ILE PA 216 -58.71 -70.66 -19.81
N ALA PA 217 -58.67 -71.75 -20.59
CA ALA PA 217 -59.28 -71.83 -21.92
C ALA PA 217 -60.71 -71.29 -21.97
N ASN PA 218 -61.56 -71.72 -21.03
CA ASN PA 218 -62.99 -71.38 -21.02
C ASN PA 218 -63.36 -70.19 -20.12
N ILE PA 219 -62.43 -69.61 -19.37
CA ILE PA 219 -62.67 -68.44 -18.51
C ILE PA 219 -63.00 -67.23 -19.39
N PRO PA 220 -64.17 -66.58 -19.27
CA PRO PA 220 -64.51 -65.45 -20.12
C PRO PA 220 -63.73 -64.21 -19.67
N LEU PA 221 -62.80 -63.73 -20.52
CA LEU PA 221 -61.85 -62.62 -20.16
C LEU PA 221 -62.40 -61.25 -20.57
N LEU PA 222 -63.47 -61.20 -21.34
CA LEU PA 222 -64.12 -59.96 -21.75
C LEU PA 222 -65.60 -60.20 -22.07
N MET PA 223 -66.48 -59.32 -21.63
CA MET PA 223 -67.84 -59.20 -22.17
C MET PA 223 -68.00 -57.88 -22.93
N ILE PA 224 -68.50 -57.91 -24.16
CA ILE PA 224 -68.88 -56.73 -24.92
C ILE PA 224 -70.40 -56.73 -25.10
N ARG PA 225 -71.06 -55.63 -24.74
CA ARG PA 225 -72.49 -55.38 -24.98
C ARG PA 225 -72.64 -54.28 -26.01
N THR PA 226 -73.36 -54.51 -27.09
CA THR PA 226 -73.55 -53.52 -28.16
C THR PA 226 -75.01 -53.42 -28.54
N THR PA 227 -75.52 -52.23 -28.81
CA THR PA 227 -76.87 -52.00 -29.34
C THR PA 227 -76.85 -50.98 -30.47
N ALA PA 228 -77.62 -51.22 -31.51
CA ALA PA 228 -77.81 -50.33 -32.65
C ALA PA 228 -78.72 -49.14 -32.31
N LEU PA 229 -78.40 -47.97 -32.85
CA LEU PA 229 -78.87 -46.68 -32.36
C LEU PA 229 -79.10 -45.72 -33.53
N THR PA 230 -79.95 -44.71 -33.37
CA THR PA 230 -79.78 -43.47 -34.14
C THR PA 230 -79.82 -42.25 -33.24
N LEU PA 231 -78.86 -41.36 -33.43
CA LEU PA 231 -78.76 -40.08 -32.73
C LEU PA 231 -79.63 -38.99 -33.39
N ASP PA 232 -79.66 -38.93 -34.72
CA ASP PA 232 -80.41 -37.91 -35.49
C ASP PA 232 -81.92 -38.19 -35.63
N ASN PA 233 -82.36 -39.42 -35.43
CA ASN PA 233 -83.76 -39.84 -35.49
C ASN PA 233 -84.22 -40.40 -34.14
N TYR PA 234 -83.64 -39.94 -33.04
CA TYR PA 234 -83.81 -40.53 -31.72
C TYR PA 234 -85.26 -40.68 -31.28
N TYR PA 235 -86.11 -39.67 -31.50
CA TYR PA 235 -87.52 -39.73 -31.12
C TYR PA 235 -88.41 -40.30 -32.21
N ILE PA 236 -88.29 -39.81 -33.44
CA ILE PA 236 -89.14 -40.26 -34.55
C ILE PA 236 -88.84 -41.71 -34.93
N GLY PA 237 -87.57 -42.11 -34.95
CA GLY PA 237 -87.12 -43.45 -35.28
C GLY PA 237 -87.56 -43.82 -36.69
N SER PA 238 -88.41 -44.83 -36.81
CA SER PA 238 -89.05 -45.23 -38.07
C SER PA 238 -90.58 -45.04 -38.08
N ARG PA 239 -91.11 -44.18 -37.21
CA ARG PA 239 -92.53 -43.78 -37.18
C ARG PA 239 -93.02 -43.33 -38.54
N GLN PA 240 -94.23 -43.74 -38.90
CA GLN PA 240 -94.97 -43.29 -40.09
C GLN PA 240 -96.35 -42.79 -39.66
N LEU PA 241 -96.84 -41.69 -40.24
CA LEU PA 241 -98.11 -41.08 -39.88
C LEU PA 241 -98.20 -40.77 -38.36
N SER PA 242 -99.21 -41.26 -37.66
CA SER PA 242 -99.45 -41.02 -36.23
C SER PA 242 -98.34 -41.55 -35.33
N THR PA 243 -98.20 -41.00 -34.12
CA THR PA 243 -97.34 -41.56 -33.08
C THR PA 243 -97.85 -42.92 -32.57
N ASN PA 244 -99.16 -43.17 -32.65
CA ASN PA 244 -99.77 -44.43 -32.26
C ASN PA 244 -99.33 -45.58 -33.19
N VAL PA 245 -98.98 -46.72 -32.61
CA VAL PA 245 -98.77 -47.99 -33.32
C VAL PA 245 -99.99 -48.90 -33.09
N THR PA 246 -100.38 -49.66 -34.10
CA THR PA 246 -101.49 -50.62 -34.00
C THR PA 246 -100.97 -52.00 -33.67
N ILE PA 247 -101.49 -52.60 -32.59
CA ILE PA 247 -101.17 -53.96 -32.16
C ILE PA 247 -102.38 -54.85 -32.46
N HIS PA 248 -102.18 -56.00 -33.10
CA HIS PA 248 -103.27 -56.99 -33.27
C HIS PA 248 -103.19 -57.91 -32.04
N THR PA 249 -104.30 -58.44 -31.55
CA THR PA 249 -104.32 -59.41 -30.45
C THR PA 249 -105.44 -60.43 -30.59
N LEU PA 250 -105.30 -61.58 -29.91
CA LEU PA 250 -106.40 -62.56 -29.85
C LEU PA 250 -107.41 -62.04 -28.83
N ASN PA 251 -108.68 -61.90 -29.20
CA ASN PA 251 -109.73 -61.53 -28.21
C ASN PA 251 -109.52 -62.42 -26.99
N THR PA 252 -109.30 -61.85 -25.80
CA THR PA 252 -109.07 -62.62 -24.56
C THR PA 252 -110.39 -63.07 -24.03
N THR PA 253 -111.47 -62.31 -24.25
CA THR PA 253 -112.80 -62.57 -23.68
C THR PA 253 -113.54 -63.73 -24.36
N TYR PA 254 -112.96 -64.35 -25.39
CA TYR PA 254 -113.57 -65.48 -26.12
C TYR PA 254 -112.59 -66.60 -26.46
N ILE PA 255 -111.35 -66.27 -26.86
CA ILE PA 255 -110.32 -67.25 -27.21
C ILE PA 255 -109.45 -67.53 -25.97
N GLN PA 256 -109.69 -68.60 -25.23
CA GLN PA 256 -108.91 -68.83 -23.98
C GLN PA 256 -108.48 -70.28 -23.78
N ASN PA 257 -109.04 -71.23 -24.54
CA ASN PA 257 -108.78 -72.63 -24.23
C ASN PA 257 -107.36 -73.13 -24.49
N ARG PA 258 -106.61 -72.47 -25.39
CA ARG PA 258 -105.19 -72.82 -25.69
C ARG PA 258 -105.02 -74.30 -26.06
N ASP PA 259 -106.04 -74.93 -26.66
CA ASP PA 259 -105.95 -76.34 -27.10
C ASP PA 259 -105.53 -76.45 -28.58
N TRP PA 260 -104.38 -75.91 -28.94
CA TRP PA 260 -103.99 -75.70 -30.33
C TRP PA 260 -103.14 -76.80 -30.96
N GLY PA 261 -103.17 -76.87 -32.29
CA GLY PA 261 -102.21 -77.63 -33.08
C GLY PA 261 -102.49 -79.13 -33.22
N ASP PA 262 -103.75 -79.55 -33.21
CA ASP PA 262 -104.18 -80.91 -33.56
C ASP PA 262 -105.30 -80.90 -34.63
N ARG PA 263 -105.26 -81.86 -35.56
CA ARG PA 263 -106.40 -82.07 -36.50
C ARG PA 263 -107.25 -83.19 -35.86
N ASN PA 264 -106.81 -83.73 -34.71
CA ASN PA 264 -107.45 -84.83 -34.00
C ASN PA 264 -108.44 -84.37 -32.91
N LYS PA 265 -108.79 -83.08 -32.88
CA LYS PA 265 -109.60 -82.43 -31.82
C LYS PA 265 -110.50 -81.35 -32.41
N THR PA 266 -111.81 -81.43 -32.19
CA THR PA 266 -112.74 -80.33 -32.53
C THR PA 266 -112.45 -79.13 -31.63
N TYR PA 267 -112.14 -77.96 -32.20
CA TYR PA 267 -111.75 -76.81 -31.40
C TYR PA 267 -112.95 -76.10 -30.77
N TYR PA 268 -112.79 -75.70 -29.50
CA TYR PA 268 -113.74 -74.94 -28.72
C TYR PA 268 -112.98 -73.78 -28.08
N CYS PA 269 -113.52 -72.56 -28.13
CA CYS PA 269 -112.75 -71.35 -27.84
C CYS PA 269 -112.68 -71.01 -26.35
N GLN PA 270 -113.74 -71.25 -25.58
CA GLN PA 270 -113.76 -71.05 -24.13
C GLN PA 270 -114.64 -72.07 -23.41
N THR PA 271 -114.38 -72.26 -22.12
CA THR PA 271 -115.29 -72.92 -21.18
C THR PA 271 -115.80 -71.89 -20.17
N LEU PA 272 -117.10 -71.91 -19.86
CA LEU PA 272 -117.68 -71.14 -18.74
C LEU PA 272 -118.59 -72.07 -17.94
N GLY PA 273 -118.45 -72.08 -16.61
CA GLY PA 273 -119.10 -73.10 -15.78
C GLY PA 273 -118.71 -74.52 -16.22
N THR PA 274 -119.70 -75.31 -16.63
CA THR PA 274 -119.52 -76.63 -17.27
C THR PA 274 -119.52 -76.59 -18.80
N GLN PA 275 -119.92 -75.47 -19.42
CA GLN PA 275 -120.15 -75.38 -20.86
C GLN PA 275 -118.83 -75.34 -21.67
N ARG PA 276 -118.95 -75.63 -22.96
CA ARG PA 276 -117.96 -75.33 -24.01
C ARG PA 276 -118.61 -74.43 -25.06
N TYR PA 277 -117.83 -73.51 -25.63
CA TYR PA 277 -118.29 -72.57 -26.65
C TYR PA 277 -117.50 -72.77 -27.94
N PHE PA 278 -118.18 -72.57 -29.07
CA PHE PA 278 -117.76 -73.00 -30.39
C PHE PA 278 -117.95 -71.87 -31.40
N LEU PA 279 -117.12 -71.88 -32.43
CA LEU PA 279 -117.09 -70.87 -33.47
C LEU PA 279 -117.50 -71.51 -34.81
N TYR PA 280 -118.22 -70.76 -35.65
CA TYR PA 280 -118.61 -71.19 -36.99
C TYR PA 280 -118.42 -70.05 -37.99
N GLY PA 281 -117.84 -70.33 -39.15
CA GLY PA 281 -117.74 -69.35 -40.24
C GLY PA 281 -118.97 -69.42 -41.15
N THR PA 282 -119.31 -68.34 -41.84
CA THR PA 282 -120.29 -68.41 -42.93
C THR PA 282 -119.97 -67.41 -44.03
N HIS PA 283 -120.38 -67.73 -45.27
CA HIS PA 283 -120.25 -66.78 -46.41
C HIS PA 283 -121.63 -66.14 -46.62
N SER PA 284 -122.61 -66.45 -45.75
CA SER PA 284 -123.97 -65.95 -45.90
C SER PA 284 -124.04 -64.42 -45.88
N THR PA 285 -124.88 -63.87 -46.76
CA THR PA 285 -125.25 -62.45 -46.80
C THR PA 285 -126.37 -62.11 -45.81
N ALA PA 286 -126.89 -63.08 -45.06
CA ALA PA 286 -127.97 -62.86 -44.10
C ALA PA 286 -127.60 -61.81 -43.05
N GLN PA 287 -128.48 -60.82 -42.87
CA GLN PA 287 -128.26 -59.71 -41.94
C GLN PA 287 -128.59 -60.07 -40.48
N ASN PA 288 -129.49 -61.03 -40.26
CA ASN PA 288 -130.00 -61.38 -38.93
C ASN PA 288 -129.43 -62.73 -38.46
N ILE PA 289 -128.76 -62.72 -37.31
CA ILE PA 289 -128.15 -63.90 -36.70
C ILE PA 289 -129.15 -65.03 -36.41
N ASN PA 290 -130.43 -64.71 -36.22
CA ASN PA 290 -131.47 -65.70 -35.95
C ASN PA 290 -131.81 -66.58 -37.16
N ASP PA 291 -131.88 -66.00 -38.38
CA ASP PA 291 -132.41 -66.72 -39.59
C ASP PA 291 -131.37 -67.50 -40.41
N ILE PA 292 -130.08 -67.37 -40.12
CA ILE PA 292 -129.06 -68.20 -40.77
C ILE PA 292 -129.42 -69.68 -40.59
N LYS PA 293 -129.21 -70.50 -41.64
CA LYS PA 293 -129.54 -71.94 -41.61
C LYS PA 293 -128.57 -72.71 -40.69
N LEU PA 294 -128.84 -74.01 -40.50
CA LEU PA 294 -127.87 -74.88 -39.79
C LEU PA 294 -126.80 -75.26 -40.84
N GLN PA 295 -127.15 -75.16 -42.13
CA GLN PA 295 -126.24 -75.50 -43.26
C GLN PA 295 -125.19 -74.41 -43.49
N GLU PA 296 -125.57 -73.14 -43.44
CA GLU PA 296 -124.65 -72.02 -43.76
C GLU PA 296 -123.36 -72.13 -42.93
N LEU PA 297 -123.46 -72.49 -41.66
CA LEU PA 297 -122.28 -72.51 -40.75
C LEU PA 297 -121.19 -73.47 -41.24
N ILE PA 298 -119.92 -73.06 -41.20
CA ILE PA 298 -118.75 -73.91 -41.55
C ILE PA 298 -118.06 -74.22 -40.22
N PRO PA 299 -118.31 -75.36 -39.58
CA PRO PA 299 -117.83 -75.63 -38.23
C PRO PA 299 -116.32 -75.79 -38.25
N LEU PA 300 -115.64 -75.47 -37.15
CA LEU PA 300 -114.15 -75.55 -37.09
C LEU PA 300 -113.75 -76.79 -36.29
N THR PA 301 -113.17 -77.80 -36.95
CA THR PA 301 -112.76 -79.07 -36.31
C THR PA 301 -111.25 -79.18 -36.36
N ASN PA 302 -110.55 -78.16 -36.89
CA ASN PA 302 -109.09 -78.13 -36.93
C ASN PA 302 -108.61 -76.75 -36.50
N THR PA 303 -107.51 -76.65 -35.74
CA THR PA 303 -106.75 -75.38 -35.64
C THR PA 303 -105.37 -75.45 -36.28
N GLN PA 304 -104.84 -76.67 -36.47
CA GLN PA 304 -103.44 -76.91 -36.93
C GLN PA 304 -103.16 -76.53 -38.40
N ASP PA 305 -104.18 -76.24 -39.22
CA ASP PA 305 -103.93 -75.96 -40.65
C ASP PA 305 -104.32 -74.55 -41.09
N TYR PA 306 -103.78 -74.10 -42.21
CA TYR PA 306 -104.17 -72.82 -42.83
C TYR PA 306 -105.55 -72.89 -43.54
N VAL PA 307 -106.13 -74.08 -43.67
CA VAL PA 307 -107.31 -74.32 -44.53
C VAL PA 307 -108.51 -73.47 -44.13
N GLN PA 308 -109.20 -72.89 -45.11
CA GLN PA 308 -110.41 -72.07 -44.94
C GLN PA 308 -111.66 -72.90 -44.64
N GLY PA 309 -111.67 -74.16 -45.08
CA GLY PA 309 -112.89 -74.96 -45.18
C GLY PA 309 -113.72 -74.53 -46.39
N PHE PA 310 -114.95 -75.02 -46.48
CA PHE PA 310 -115.92 -74.64 -47.51
C PHE PA 310 -117.35 -74.87 -47.03
N ASP PA 311 -118.30 -74.25 -47.71
CA ASP PA 311 -119.73 -74.31 -47.39
C ASP PA 311 -120.39 -75.63 -47.85
N TRP PA 312 -121.49 -76.02 -47.21
CA TRP PA 312 -122.29 -77.20 -47.54
C TRP PA 312 -122.82 -77.17 -48.98
N THR PA 313 -122.96 -76.00 -49.60
CA THR PA 313 -123.28 -75.87 -51.02
C THR PA 313 -122.23 -76.51 -51.95
N GLU PA 314 -121.02 -76.79 -51.47
CA GLU PA 314 -119.98 -77.52 -52.22
C GLU PA 314 -119.94 -79.03 -51.89
N LYS PA 315 -120.98 -79.57 -51.24
CA LYS PA 315 -121.15 -81.01 -50.98
C LYS PA 315 -120.82 -81.88 -52.21
N ASP PA 316 -121.36 -81.51 -53.37
CA ASP PA 316 -121.17 -82.25 -54.62
C ASP PA 316 -119.78 -82.03 -55.27
N LYS PA 317 -119.00 -81.03 -54.86
CA LYS PA 317 -117.62 -80.84 -55.35
C LYS PA 317 -116.61 -81.75 -54.66
N HIS PA 318 -116.91 -82.15 -53.41
CA HIS PA 318 -116.04 -83.03 -52.58
C HIS PA 318 -116.75 -84.36 -52.28
N ASN PA 319 -117.70 -84.78 -53.11
CA ASN PA 319 -118.40 -86.07 -53.02
C ASN PA 319 -118.88 -86.38 -51.58
N ILE PA 320 -119.27 -85.34 -50.84
CA ILE PA 320 -119.71 -85.47 -49.44
C ILE PA 320 -121.07 -86.16 -49.37
N THR PA 321 -121.17 -87.17 -48.51
CA THR PA 321 -122.42 -87.93 -48.29
C THR PA 321 -123.14 -87.54 -47.00
N THR PA 322 -122.42 -87.02 -46.00
CA THR PA 322 -122.96 -86.73 -44.66
C THR PA 322 -122.32 -85.50 -44.04
N TYR PA 323 -122.95 -84.92 -43.03
CA TYR PA 323 -122.35 -83.85 -42.23
C TYR PA 323 -121.04 -84.30 -41.57
N LYS PA 324 -120.86 -85.58 -41.26
CA LYS PA 324 -119.57 -86.15 -40.81
C LYS PA 324 -118.45 -85.93 -41.85
N GLU PA 325 -118.72 -86.16 -43.13
CA GLU PA 325 -117.76 -85.84 -44.21
C GLU PA 325 -117.64 -84.33 -44.47
N PHE PA 326 -118.70 -83.55 -44.24
CA PHE PA 326 -118.59 -82.08 -44.27
C PHE PA 326 -117.67 -81.55 -43.16
N LEU PA 327 -117.79 -82.07 -41.93
CA LEU PA 327 -116.89 -81.78 -40.81
C LEU PA 327 -115.43 -82.11 -41.13
N THR PA 328 -115.15 -83.26 -41.73
CA THR PA 328 -113.75 -83.66 -41.98
C THR PA 328 -113.15 -82.98 -43.21
N LYS PA 329 -113.89 -82.88 -44.33
CA LYS PA 329 -113.37 -82.24 -45.54
C LYS PA 329 -113.47 -80.71 -45.52
N GLY PA 330 -114.56 -80.16 -44.99
CA GLY PA 330 -114.97 -78.76 -45.21
C GLY PA 330 -114.85 -77.83 -44.01
N ALA PA 331 -114.44 -78.30 -42.83
CA ALA PA 331 -114.24 -77.43 -41.68
C ALA PA 331 -113.10 -76.41 -41.89
N GLY PA 332 -113.28 -75.20 -41.34
CA GLY PA 332 -112.34 -74.08 -41.50
C GLY PA 332 -111.48 -73.83 -40.27
N ASN PA 333 -110.23 -73.45 -40.44
CA ASN PA 333 -109.40 -73.08 -39.28
C ASN PA 333 -109.71 -71.62 -38.90
N PRO PA 334 -109.94 -71.29 -37.61
CA PRO PA 334 -110.41 -69.95 -37.22
C PRO PA 334 -109.40 -68.85 -37.52
N PHE PA 335 -108.13 -69.22 -37.65
CA PHE PA 335 -107.00 -68.34 -37.93
C PHE PA 335 -106.69 -68.20 -39.43
N HIS PA 336 -107.52 -68.73 -40.33
CA HIS PA 336 -107.40 -68.44 -41.77
C HIS PA 336 -107.61 -66.94 -42.02
N ALA PA 337 -107.01 -66.39 -43.09
CA ALA PA 337 -106.94 -64.95 -43.34
C ALA PA 337 -108.29 -64.21 -43.40
N GLU PA 338 -109.40 -64.91 -43.69
CA GLU PA 338 -110.75 -64.31 -43.62
C GLU PA 338 -111.44 -64.52 -42.27
N TRP PA 339 -111.22 -65.65 -41.58
CA TRP PA 339 -111.84 -65.91 -40.28
C TRP PA 339 -111.12 -65.21 -39.12
N ILE PA 340 -109.81 -64.98 -39.21
CA ILE PA 340 -108.95 -64.39 -38.16
C ILE PA 340 -109.45 -63.01 -37.72
N THR PA 341 -109.91 -62.19 -38.66
CA THR PA 341 -110.51 -60.85 -38.44
C THR PA 341 -111.98 -60.79 -38.86
N ALA PA 342 -112.62 -61.95 -39.10
CA ALA PA 342 -113.99 -62.08 -39.56
C ALA PA 342 -114.33 -61.19 -40.77
N GLN PA 343 -113.44 -61.15 -41.77
CA GLN PA 343 -113.69 -60.46 -43.05
C GLN PA 343 -115.01 -60.96 -43.67
N ASN PA 344 -115.22 -62.27 -43.63
CA ASN PA 344 -116.52 -62.91 -43.81
C ASN PA 344 -117.04 -63.30 -42.41
N PRO PA 345 -118.33 -63.12 -42.09
CA PRO PA 345 -118.84 -63.26 -40.73
C PRO PA 345 -118.48 -64.58 -40.04
N VAL PA 346 -118.22 -64.49 -38.74
CA VAL PA 346 -117.88 -65.61 -37.84
C VAL PA 346 -118.83 -65.55 -36.64
N ILE PA 347 -119.39 -66.69 -36.29
CA ILE PA 347 -120.46 -66.83 -35.32
C ILE PA 347 -119.96 -67.62 -34.10
N HIS PA 348 -120.11 -67.06 -32.91
CA HIS PA 348 -119.76 -67.69 -31.63
C HIS PA 348 -121.01 -68.20 -30.93
N THR PA 349 -121.02 -69.42 -30.41
CA THR PA 349 -122.20 -70.03 -29.78
C THR PA 349 -121.84 -71.06 -28.72
N ALA PA 350 -122.75 -71.31 -27.78
CA ALA PA 350 -122.66 -72.46 -26.87
C ALA PA 350 -123.04 -73.79 -27.58
N ASN PA 351 -123.73 -73.74 -28.73
CA ASN PA 351 -124.24 -74.94 -29.36
C ASN PA 351 -123.13 -75.76 -30.01
N SER PA 352 -122.81 -76.92 -29.43
CA SER PA 352 -121.75 -77.80 -29.92
C SER PA 352 -122.07 -78.35 -31.31
N PRO PA 353 -121.07 -78.49 -32.20
CA PRO PA 353 -121.24 -79.14 -33.50
C PRO PA 353 -121.91 -80.52 -33.37
N THR PA 354 -121.69 -81.26 -32.29
CA THR PA 354 -122.33 -82.57 -32.10
C THR PA 354 -123.83 -82.47 -31.86
N GLN PA 355 -124.35 -81.38 -31.29
CA GLN PA 355 -125.79 -81.16 -31.29
C GLN PA 355 -126.28 -80.88 -32.72
N ILE PA 356 -125.53 -80.12 -33.52
CA ILE PA 356 -125.82 -79.94 -34.95
C ILE PA 356 -125.70 -81.28 -35.70
N GLU PA 357 -124.74 -82.15 -35.37
CA GLU PA 357 -124.64 -83.51 -35.92
C GLU PA 357 -125.92 -84.28 -35.64
N GLN PA 358 -126.41 -84.26 -34.41
CA GLN PA 358 -127.66 -84.93 -34.05
C GLN PA 358 -128.83 -84.38 -34.86
N ILE PA 359 -128.94 -83.06 -35.07
CA ILE PA 359 -129.99 -82.48 -35.91
C ILE PA 359 -129.87 -82.91 -37.38
N TYR PA 360 -128.66 -82.87 -37.97
CA TYR PA 360 -128.43 -83.35 -39.34
C TYR PA 360 -128.71 -84.86 -39.47
N THR PA 361 -128.07 -85.68 -38.64
CA THR PA 361 -128.13 -87.14 -38.74
C THR PA 361 -129.53 -87.67 -38.42
N ALA PA 362 -130.26 -87.05 -37.48
CA ALA PA 362 -131.64 -87.41 -37.21
C ALA PA 362 -132.52 -87.24 -38.45
N SER PA 363 -132.38 -86.13 -39.19
CA SER PA 363 -132.92 -86.01 -40.55
C SER PA 363 -132.23 -84.91 -41.37
N THR PA 364 -131.59 -85.32 -42.47
CA THR PA 364 -130.91 -84.42 -43.44
C THR PA 364 -131.89 -83.50 -44.14
N THR PA 365 -133.13 -83.95 -44.36
CA THR PA 365 -134.20 -83.14 -44.94
C THR PA 365 -134.65 -82.00 -44.03
N THR PA 366 -134.62 -82.18 -42.69
CA THR PA 366 -134.92 -81.09 -41.75
C THR PA 366 -133.71 -80.20 -41.45
N PHE PA 367 -132.49 -80.60 -41.84
CA PHE PA 367 -131.32 -79.71 -41.80
C PHE PA 367 -131.46 -78.52 -42.77
N GLN PA 368 -132.14 -78.73 -43.90
CA GLN PA 368 -132.56 -77.66 -44.82
C GLN PA 368 -133.55 -76.70 -44.13
N ASN PA 369 -134.52 -77.23 -43.38
CA ASN PA 369 -135.57 -76.45 -42.74
C ASN PA 369 -135.07 -75.68 -41.51
N LYS PA 370 -134.25 -76.30 -40.66
CA LYS PA 370 -133.79 -75.71 -39.39
C LYS PA 370 -132.88 -74.49 -39.63
N LYS PA 371 -133.14 -73.44 -38.85
CA LYS PA 371 -132.33 -72.21 -38.77
C LYS PA 371 -131.69 -72.08 -37.40
N LEU PA 372 -130.97 -70.98 -37.14
CA LEU PA 372 -130.37 -70.67 -35.84
C LEU PA 372 -131.41 -70.38 -34.75
N THR PA 373 -132.65 -70.04 -35.11
CA THR PA 373 -133.80 -70.10 -34.20
C THR PA 373 -134.11 -71.52 -33.73
N ASP PA 374 -134.61 -71.67 -32.50
CA ASP PA 374 -135.06 -72.94 -31.91
C ASP PA 374 -133.99 -74.06 -31.92
N LEU PA 375 -132.71 -73.71 -31.93
CA LEU PA 375 -131.62 -74.66 -31.74
C LEU PA 375 -131.33 -74.89 -30.24
N PRO PA 376 -130.71 -76.02 -29.88
CA PRO PA 376 -130.24 -76.24 -28.52
C PRO PA 376 -129.14 -75.23 -28.14
N THR PA 377 -129.16 -74.75 -26.89
CA THR PA 377 -128.23 -73.74 -26.35
C THR PA 377 -127.81 -72.68 -27.39
N PRO PA 378 -128.75 -71.91 -27.97
CA PRO PA 378 -128.41 -71.02 -29.08
C PRO PA 378 -127.89 -69.63 -28.73
N GLY PA 379 -126.65 -69.53 -28.28
CA GLY PA 379 -126.02 -68.22 -27.98
C GLY PA 379 -125.32 -67.71 -29.22
N TYR PA 380 -125.97 -67.79 -30.38
CA TYR PA 380 -125.36 -67.36 -31.67
C TYR PA 380 -125.13 -65.85 -31.64
N ILE PA 381 -123.88 -65.39 -31.71
CA ILE PA 381 -123.51 -63.95 -31.66
C ILE PA 381 -122.54 -63.69 -32.83
N PHE PA 382 -122.12 -62.45 -33.09
CA PHE PA 382 -121.10 -62.16 -34.13
C PHE PA 382 -119.83 -61.71 -33.40
N ILE PA 383 -118.80 -62.58 -33.32
CA ILE PA 383 -117.57 -62.28 -32.57
C ILE PA 383 -116.34 -62.41 -33.49
N THR PA 384 -115.36 -61.52 -33.35
CA THR PA 384 -114.13 -61.54 -34.15
C THR PA 384 -112.98 -62.14 -33.33
N PRO PA 385 -112.26 -63.17 -33.82
CA PRO PA 385 -111.12 -63.75 -33.09
C PRO PA 385 -110.01 -62.74 -32.79
N THR PA 386 -109.80 -61.77 -33.68
CA THR PA 386 -108.83 -60.68 -33.53
C THR PA 386 -109.51 -59.37 -33.19
N VAL PA 387 -108.86 -58.58 -32.34
CA VAL PA 387 -109.11 -57.14 -32.18
C VAL PA 387 -107.80 -56.36 -32.42
N SER PA 388 -107.89 -55.15 -32.97
CA SER PA 388 -106.75 -54.24 -33.12
C SER PA 388 -106.79 -53.16 -32.03
N LEU PA 389 -105.72 -53.04 -31.26
CA LEU PA 389 -105.52 -52.00 -30.26
C LEU PA 389 -104.62 -50.89 -30.81
N ARG PA 390 -104.74 -49.67 -30.29
CA ARG PA 390 -103.77 -48.58 -30.50
C ARG PA 390 -102.96 -48.36 -29.24
N TYR PA 391 -101.63 -48.35 -29.37
CA TYR PA 391 -100.68 -48.06 -28.31
C TYR PA 391 -99.94 -46.77 -28.60
N ASN PA 392 -99.82 -45.90 -27.60
CA ASN PA 392 -99.03 -44.69 -27.68
C ASN PA 392 -97.94 -44.73 -26.61
N PRO PA 393 -96.64 -44.70 -26.95
CA PRO PA 393 -95.57 -44.82 -25.97
C PRO PA 393 -95.51 -43.64 -25.00
N TYR PA 394 -95.94 -42.46 -25.45
CA TYR PA 394 -95.87 -41.22 -24.62
C TYR PA 394 -97.03 -41.22 -23.62
N LYS PA 395 -98.06 -42.04 -23.87
CA LYS PA 395 -99.23 -42.13 -22.97
C LYS PA 395 -99.03 -43.29 -21.98
N ASP PA 396 -97.87 -43.95 -22.01
CA ASP PA 396 -97.60 -45.14 -21.17
C ASP PA 396 -96.90 -44.74 -19.86
N LEU PA 397 -97.47 -45.09 -18.70
CA LEU PA 397 -96.93 -44.70 -17.40
C LEU PA 397 -96.35 -45.88 -16.62
N ALA PA 398 -96.41 -47.10 -17.15
CA ALA PA 398 -95.80 -48.28 -16.56
C ALA PA 398 -96.23 -48.61 -15.12
N GLU PA 399 -97.44 -48.24 -14.68
CA GLU PA 399 -97.86 -48.46 -13.29
C GLU PA 399 -98.34 -49.90 -13.03
N ARG PA 400 -98.89 -50.56 -14.05
CA ARG PA 400 -99.41 -51.94 -13.95
C ARG PA 400 -99.05 -52.78 -15.18
N ASN PA 401 -97.97 -52.42 -15.85
CA ASN PA 401 -97.41 -53.16 -16.98
C ASN PA 401 -96.80 -54.48 -16.52
N LYS PA 402 -96.91 -55.53 -17.33
CA LYS PA 402 -96.49 -56.89 -16.98
C LYS PA 402 -96.29 -57.73 -18.25
N CYS PA 403 -95.46 -58.78 -18.20
CA CYS PA 403 -95.09 -59.56 -19.37
C CYS PA 403 -94.59 -60.96 -18.96
N TYR PA 404 -95.05 -62.02 -19.63
CA TYR PA 404 -94.64 -63.40 -19.34
C TYR PA 404 -95.01 -64.37 -20.47
N PHE PA 405 -94.42 -65.57 -20.46
CA PHE PA 405 -94.73 -66.64 -21.41
C PHE PA 405 -95.63 -67.72 -20.78
N VAL PA 406 -96.62 -68.18 -21.52
CA VAL PA 406 -97.50 -69.31 -21.17
C VAL PA 406 -97.35 -70.43 -22.18
N ARG PA 407 -97.62 -71.67 -21.80
CA ARG PA 407 -97.48 -72.87 -22.65
C ARG PA 407 -98.60 -72.90 -23.70
N SER PA 408 -98.28 -72.93 -24.99
CA SER PA 408 -99.28 -72.91 -26.07
C SER PA 408 -99.89 -74.31 -26.31
N LYS PA 409 -99.06 -75.34 -26.55
CA LYS PA 409 -99.50 -76.73 -26.66
C LYS PA 409 -99.63 -77.43 -25.30
N ILE PA 410 -100.60 -77.01 -24.50
CA ILE PA 410 -101.09 -77.78 -23.33
C ILE PA 410 -102.59 -77.63 -23.16
N ASN PA 411 -103.21 -78.60 -22.49
CA ASN PA 411 -104.63 -78.61 -22.18
C ASN PA 411 -104.93 -77.82 -20.89
N ALA PA 412 -104.63 -76.52 -20.87
CA ALA PA 412 -104.89 -75.65 -19.72
C ALA PA 412 -105.61 -74.36 -20.12
N HIS PA 413 -106.65 -74.00 -19.36
CA HIS PA 413 -107.50 -72.86 -19.62
C HIS PA 413 -106.86 -71.55 -19.14
N GLY PA 414 -107.22 -70.44 -19.79
CA GLY PA 414 -106.94 -69.09 -19.30
C GLY PA 414 -105.51 -68.62 -19.53
N TRP PA 415 -105.28 -67.36 -19.18
CA TRP PA 415 -104.08 -66.59 -19.55
C TRP PA 415 -103.28 -66.10 -18.34
N ASP PA 416 -103.65 -66.50 -17.13
CA ASP PA 416 -102.98 -65.99 -15.90
C ASP PA 416 -101.48 -66.29 -15.95
N PRO PA 417 -100.61 -65.47 -15.30
CA PRO PA 417 -99.19 -65.79 -15.26
C PRO PA 417 -99.05 -67.16 -14.63
N GLU PA 418 -98.30 -68.06 -15.26
CA GLU PA 418 -98.18 -69.47 -14.78
C GLU PA 418 -96.72 -69.93 -14.88
N GLN PA 419 -96.43 -71.14 -14.40
CA GLN PA 419 -95.06 -71.71 -14.45
C GLN PA 419 -94.11 -70.77 -13.68
N HIS PA 420 -93.05 -70.26 -14.31
CA HIS PA 420 -92.03 -69.41 -13.62
C HIS PA 420 -92.63 -68.06 -13.24
N GLN PA 421 -92.74 -67.79 -11.94
CA GLN PA 421 -93.25 -66.48 -11.44
C GLN PA 421 -92.05 -65.55 -11.26
N GLU PA 422 -90.82 -66.09 -11.22
CA GLU PA 422 -89.63 -65.26 -11.17
C GLU PA 422 -89.25 -64.68 -12.56
N LEU PA 423 -89.77 -65.27 -13.64
CA LEU PA 423 -89.56 -64.79 -15.01
C LEU PA 423 -90.54 -63.69 -15.42
N ILE PA 424 -91.59 -63.43 -14.64
CA ILE PA 424 -92.51 -62.32 -14.91
C ILE PA 424 -91.73 -61.00 -14.88
N ASN PA 425 -91.89 -60.18 -15.94
CA ASN PA 425 -91.22 -58.85 -16.07
C ASN PA 425 -92.29 -57.77 -15.88
N SER PA 426 -92.12 -56.82 -14.95
CA SER PA 426 -93.16 -55.87 -14.54
C SER PA 426 -92.64 -54.44 -14.44
N ASP PA 427 -93.56 -53.47 -14.49
CA ASP PA 427 -93.36 -52.07 -14.08
C ASP PA 427 -92.31 -51.28 -14.90
N LEU PA 428 -92.23 -51.52 -16.21
CA LEU PA 428 -91.51 -50.68 -17.18
C LEU PA 428 -92.44 -50.38 -18.37
N PRO PA 429 -92.26 -49.28 -19.10
CA PRO PA 429 -93.08 -49.02 -20.27
C PRO PA 429 -92.90 -50.11 -21.32
N GLN PA 430 -93.97 -50.54 -22.01
CA GLN PA 430 -93.96 -51.72 -22.93
C GLN PA 430 -92.81 -51.76 -23.94
N TRP PA 431 -92.33 -50.64 -24.45
CA TRP PA 431 -91.18 -50.59 -25.36
C TRP PA 431 -89.86 -50.92 -24.66
N LEU PA 432 -89.74 -50.68 -23.35
CA LEU PA 432 -88.61 -51.11 -22.54
C LEU PA 432 -88.83 -52.50 -21.94
N LEU PA 433 -90.05 -52.81 -21.52
CA LEU PA 433 -90.39 -54.09 -20.91
C LEU PA 433 -90.20 -55.28 -21.86
N LEU PA 434 -90.55 -55.12 -23.14
CA LEU PA 434 -90.43 -56.18 -24.14
C LEU PA 434 -89.01 -56.31 -24.71
N PHE PA 435 -88.18 -55.28 -24.65
CA PHE PA 435 -86.89 -55.26 -25.36
C PHE PA 435 -85.95 -56.34 -24.83
N GLY PA 436 -85.57 -57.29 -25.69
CA GLY PA 436 -84.68 -58.40 -25.32
C GLY PA 436 -85.27 -59.42 -24.33
N TYR PA 437 -86.52 -59.27 -23.88
CA TYR PA 437 -87.13 -60.18 -22.92
C TYR PA 437 -87.27 -61.62 -23.45
N PRO PA 438 -87.76 -61.86 -24.69
CA PRO PA 438 -87.76 -63.19 -25.28
C PRO PA 438 -86.37 -63.84 -25.34
N ASP PA 439 -85.32 -63.09 -25.65
CA ASP PA 439 -83.96 -63.63 -25.68
C ASP PA 439 -83.41 -63.92 -24.28
N TYR PA 440 -83.71 -63.10 -23.28
CA TYR PA 440 -83.40 -63.45 -21.90
C TYR PA 440 -84.05 -64.79 -21.52
N ILE PA 441 -85.31 -64.99 -21.89
CA ILE PA 441 -86.04 -66.23 -21.60
C ILE PA 441 -85.43 -67.41 -22.35
N LYS PA 442 -85.12 -67.28 -23.64
CA LYS PA 442 -84.42 -68.32 -24.41
C LYS PA 442 -83.07 -68.68 -23.80
N ARG PA 443 -82.24 -67.69 -23.47
CA ARG PA 443 -80.89 -67.92 -22.89
C ARG PA 443 -81.02 -68.52 -21.48
N THR PA 444 -82.08 -68.20 -20.74
CA THR PA 444 -82.35 -68.79 -19.42
C THR PA 444 -82.67 -70.29 -19.51
N GLN PA 445 -83.25 -70.75 -20.63
CA GLN PA 445 -83.49 -72.21 -20.88
C GLN PA 445 -84.42 -72.87 -19.84
N ASN PA 446 -85.21 -72.09 -19.10
CA ASN PA 446 -86.20 -72.62 -18.15
C ASN PA 446 -87.52 -73.06 -18.82
N PHE PA 447 -87.65 -72.88 -20.14
CA PHE PA 447 -88.79 -73.32 -20.94
C PHE PA 447 -88.32 -74.23 -22.10
N ALA PA 448 -89.20 -75.11 -22.57
CA ALA PA 448 -88.92 -75.90 -23.77
C ALA PA 448 -88.71 -74.97 -24.97
N LEU PA 449 -87.58 -75.14 -25.65
CA LEU PA 449 -86.94 -74.05 -26.41
C LEU PA 449 -87.74 -73.54 -27.62
N VAL PA 450 -88.61 -74.37 -28.19
CA VAL PA 450 -89.19 -74.09 -29.50
C VAL PA 450 -90.30 -73.02 -29.46
N ASP PA 451 -90.24 -72.06 -30.40
CA ASP PA 451 -91.20 -70.91 -30.44
C ASP PA 451 -92.65 -71.37 -30.54
N THR PA 452 -92.89 -72.57 -31.11
CA THR PA 452 -94.25 -73.06 -31.32
C THR PA 452 -94.96 -73.51 -30.03
N ASN PA 453 -94.22 -73.71 -28.95
CA ASN PA 453 -94.76 -74.33 -27.73
C ASN PA 453 -95.10 -73.31 -26.63
N TYR PA 454 -94.88 -72.02 -26.86
CA TYR PA 454 -95.19 -70.94 -25.93
C TYR PA 454 -95.87 -69.77 -26.64
N ILE PA 455 -96.58 -68.95 -25.86
CA ILE PA 455 -97.13 -67.66 -26.25
C ILE PA 455 -96.62 -66.63 -25.26
N LEU PA 456 -96.30 -65.44 -25.76
CA LEU PA 456 -96.04 -64.24 -24.99
C LEU PA 456 -97.36 -63.50 -24.73
N VAL PA 457 -97.58 -63.14 -23.46
CA VAL PA 457 -98.78 -62.50 -22.94
C VAL PA 457 -98.34 -61.26 -22.15
N ASP PA 458 -99.00 -60.12 -22.33
CA ASP PA 458 -98.65 -58.90 -21.59
C ASP PA 458 -99.87 -58.09 -21.16
N HIS PA 459 -99.77 -57.42 -20.02
CA HIS PA 459 -100.78 -56.52 -19.50
C HIS PA 459 -100.31 -55.07 -19.68
N CYS PA 460 -101.19 -54.20 -20.16
CA CYS PA 460 -100.90 -52.78 -20.35
C CYS PA 460 -102.21 -51.97 -20.25
N PRO PA 461 -102.40 -51.18 -19.18
CA PRO PA 461 -103.55 -50.28 -19.04
C PRO PA 461 -103.70 -49.22 -20.15
N TYR PA 462 -102.64 -48.96 -20.92
CA TYR PA 462 -102.48 -47.70 -21.64
C TYR PA 462 -102.81 -47.75 -23.13
N THR PA 463 -103.26 -48.89 -23.66
CA THR PA 463 -103.93 -48.89 -24.97
C THR PA 463 -105.29 -48.20 -24.88
N ASN PA 464 -105.74 -47.55 -25.94
CA ASN PA 464 -106.98 -46.77 -25.91
C ASN PA 464 -108.24 -47.65 -25.81
N PRO PA 465 -108.45 -48.64 -26.70
CA PRO PA 465 -109.22 -49.83 -26.36
C PRO PA 465 -108.38 -50.74 -25.47
N GLU PA 466 -108.98 -51.72 -24.81
CA GLU PA 466 -108.27 -52.65 -23.93
C GLU PA 466 -108.73 -54.09 -24.08
N LYS PA 467 -107.85 -55.02 -23.69
CA LYS PA 467 -108.14 -56.42 -23.36
C LYS PA 467 -107.31 -56.77 -22.13
N THR PA 468 -107.81 -57.60 -21.23
CA THR PA 468 -107.21 -57.77 -19.89
C THR PA 468 -105.74 -58.20 -19.99
N PRO PA 469 -105.39 -59.36 -20.57
CA PRO PA 469 -104.11 -59.55 -21.22
C PRO PA 469 -104.21 -59.21 -22.73
N PHE PA 470 -103.02 -59.06 -23.32
CA PHE PA 470 -102.91 -58.92 -24.80
C PHE PA 470 -102.19 -60.17 -25.28
N ILE PA 471 -102.54 -60.70 -26.46
CA ILE PA 471 -101.78 -61.82 -27.05
C ILE PA 471 -101.26 -61.27 -28.39
N PRO PA 472 -100.21 -60.41 -28.41
CA PRO PA 472 -99.82 -59.75 -29.65
C PRO PA 472 -99.68 -60.75 -30.80
N LEU PA 473 -100.12 -60.40 -32.00
CA LEU PA 473 -99.95 -61.21 -33.21
C LEU PA 473 -99.41 -60.34 -34.34
N SER PA 474 -98.46 -60.87 -35.11
CA SER PA 474 -97.86 -60.13 -36.21
C SER PA 474 -98.82 -59.98 -37.37
N THR PA 475 -98.70 -58.88 -38.10
CA THR PA 475 -99.47 -58.61 -39.32
C THR PA 475 -99.39 -59.77 -40.32
N SER PA 476 -98.25 -60.46 -40.40
CA SER PA 476 -98.11 -61.67 -41.23
C SER PA 476 -99.08 -62.80 -40.84
N PHE PA 477 -99.26 -63.09 -39.55
CA PHE PA 477 -100.24 -64.11 -39.10
C PHE PA 477 -101.69 -63.63 -39.24
N ILE PA 478 -101.94 -62.34 -39.03
CA ILE PA 478 -103.23 -61.70 -39.27
C ILE PA 478 -103.57 -61.61 -40.78
N GLU PA 479 -102.59 -61.76 -41.66
CA GLU PA 479 -102.73 -61.78 -43.12
C GLU PA 479 -102.47 -63.15 -43.76
N GLY PA 480 -102.31 -64.22 -42.98
CA GLY PA 480 -102.12 -65.57 -43.53
C GLY PA 480 -100.80 -65.76 -44.28
N ARG PA 481 -99.68 -65.46 -43.62
CA ARG PA 481 -98.34 -65.54 -44.26
C ARG PA 481 -97.27 -65.97 -43.24
N SER PA 482 -96.16 -66.56 -43.70
CA SER PA 482 -95.09 -67.03 -42.80
C SER PA 482 -94.41 -65.89 -42.02
N PRO PA 483 -93.83 -66.16 -40.82
CA PRO PA 483 -93.39 -65.14 -39.87
C PRO PA 483 -92.54 -63.99 -40.43
N TYR PA 484 -91.65 -64.27 -41.38
CA TYR PA 484 -90.81 -63.27 -42.07
C TYR PA 484 -90.86 -63.43 -43.60
N SER PA 485 -92.06 -63.63 -44.16
CA SER PA 485 -92.27 -63.80 -45.60
C SER PA 485 -92.81 -62.52 -46.26
N PRO PA 486 -92.35 -62.15 -47.46
CA PRO PA 486 -92.74 -60.90 -48.11
C PRO PA 486 -94.24 -60.85 -48.45
N SER PA 487 -94.83 -59.66 -48.33
CA SER PA 487 -96.27 -59.40 -48.42
C SER PA 487 -96.92 -59.81 -49.75
N ASP PA 488 -96.14 -60.04 -50.81
CA ASP PA 488 -96.69 -60.53 -52.12
C ASP PA 488 -97.28 -61.93 -51.93
N THR PA 489 -96.82 -62.66 -50.92
CA THR PA 489 -97.29 -64.01 -50.58
C THR PA 489 -98.63 -63.94 -49.83
N HIS PA 490 -99.55 -64.88 -50.12
CA HIS PA 490 -100.91 -64.93 -49.48
C HIS PA 490 -101.19 -66.32 -48.91
N GLU PA 491 -100.16 -67.11 -48.58
CA GLU PA 491 -100.24 -68.42 -47.93
C GLU PA 491 -98.98 -68.66 -47.08
N PRO PA 492 -99.06 -69.41 -45.97
CA PRO PA 492 -97.87 -69.94 -45.33
C PRO PA 492 -97.10 -70.90 -46.25
N ASP PA 493 -95.78 -71.00 -46.05
CA ASP PA 493 -94.95 -72.10 -46.58
C ASP PA 493 -95.29 -73.42 -45.87
N GLU PA 494 -95.04 -74.59 -46.47
CA GLU PA 494 -95.59 -75.88 -46.00
C GLU PA 494 -95.40 -76.16 -44.50
N GLU PA 495 -94.23 -75.85 -43.94
CA GLU PA 495 -93.96 -76.05 -42.50
C GLU PA 495 -94.74 -75.08 -41.60
N ASP PA 496 -95.12 -73.90 -42.10
CA ASP PA 496 -96.05 -72.98 -41.45
C ASP PA 496 -97.52 -73.21 -41.87
N GLN PA 497 -97.79 -73.97 -42.95
CA GLN PA 497 -99.15 -74.45 -43.23
C GLN PA 497 -99.58 -75.47 -42.17
N ASN PA 498 -98.64 -76.32 -41.76
CA ASN PA 498 -98.69 -77.03 -40.49
C ASN PA 498 -98.43 -76.05 -39.31
N ARG PA 499 -98.94 -76.48 -38.14
CA ARG PA 499 -98.76 -75.70 -36.88
C ARG PA 499 -99.28 -74.27 -37.06
N TRP PA 500 -100.36 -74.05 -37.83
CA TRP PA 500 -100.93 -72.70 -38.09
C TRP PA 500 -101.84 -72.29 -36.91
N TYR PA 501 -101.24 -72.00 -35.76
CA TYR PA 501 -101.97 -71.63 -34.54
C TYR PA 501 -101.15 -70.61 -33.71
N PRO PA 502 -101.79 -69.84 -32.81
CA PRO PA 502 -101.10 -68.86 -31.96
C PRO PA 502 -99.89 -69.43 -31.20
N CYS PA 503 -98.72 -68.87 -31.46
CA CYS PA 503 -97.48 -69.17 -30.74
C CYS PA 503 -96.45 -68.05 -30.98
N TYR PA 504 -95.41 -67.99 -30.15
CA TYR PA 504 -94.41 -66.94 -30.14
C TYR PA 504 -93.76 -66.69 -31.51
N GLN PA 505 -93.63 -67.73 -32.35
CA GLN PA 505 -93.05 -67.58 -33.72
C GLN PA 505 -93.87 -66.57 -34.55
N TYR PA 506 -95.18 -66.52 -34.38
CA TYR PA 506 -96.03 -65.55 -35.08
C TYR PA 506 -96.15 -64.21 -34.35
N GLN PA 507 -95.70 -64.08 -33.11
CA GLN PA 507 -95.77 -62.84 -32.34
C GLN PA 507 -94.56 -61.92 -32.55
N GLN PA 508 -93.44 -62.45 -33.07
CA GLN PA 508 -92.14 -61.77 -33.05
C GLN PA 508 -92.15 -60.36 -33.67
N GLU PA 509 -92.74 -60.18 -34.85
CA GLU PA 509 -92.76 -58.88 -35.51
C GLU PA 509 -93.62 -57.87 -34.75
N SER PA 510 -94.69 -58.30 -34.08
CA SER PA 510 -95.53 -57.40 -33.28
C SER PA 510 -94.78 -56.83 -32.06
N ILE PA 511 -94.04 -57.65 -31.31
CA ILE PA 511 -93.29 -57.14 -30.17
C ILE PA 511 -92.06 -56.34 -30.61
N ASN PA 512 -91.46 -56.66 -31.76
CA ASN PA 512 -90.45 -55.79 -32.34
C ASN PA 512 -91.04 -54.44 -32.69
N SER PA 513 -92.25 -54.40 -33.27
CA SER PA 513 -92.95 -53.15 -33.60
C SER PA 513 -93.26 -52.30 -32.37
N ILE PA 514 -93.64 -52.92 -31.25
CA ILE PA 514 -93.80 -52.24 -29.96
C ILE PA 514 -92.46 -51.69 -29.47
N CYS PA 515 -91.36 -52.43 -29.54
CA CYS PA 515 -90.03 -51.93 -29.19
C CYS PA 515 -89.57 -50.77 -30.08
N LEU PA 516 -89.85 -50.82 -31.38
CA LEU PA 516 -89.59 -49.74 -32.32
C LEU PA 516 -90.37 -48.47 -32.00
N SER PA 517 -91.47 -48.54 -31.26
CA SER PA 517 -92.14 -47.33 -30.77
C SER PA 517 -91.32 -46.58 -29.72
N GLY PA 518 -90.37 -47.26 -29.05
CA GLY PA 518 -89.50 -46.65 -28.05
C GLY PA 518 -88.39 -45.78 -28.63
N PRO PA 519 -87.84 -44.86 -27.83
CA PRO PA 519 -86.80 -43.93 -28.28
C PRO PA 519 -85.46 -44.60 -28.59
N GLY PA 520 -84.66 -43.95 -29.41
CA GLY PA 520 -83.33 -44.36 -29.84
C GLY PA 520 -83.28 -45.45 -30.90
N THR PA 521 -84.40 -46.13 -31.18
CA THR PA 521 -84.44 -47.25 -32.13
C THR PA 521 -84.23 -46.74 -33.57
N PRO PA 522 -83.30 -47.33 -34.34
CA PRO PA 522 -82.90 -46.80 -35.65
C PRO PA 522 -83.93 -46.99 -36.76
N LYS PA 523 -83.82 -46.15 -37.80
CA LYS PA 523 -84.53 -46.27 -39.08
C LYS PA 523 -83.61 -46.96 -40.10
N ILE PA 524 -83.98 -48.14 -40.59
CA ILE PA 524 -83.19 -48.87 -41.60
C ILE PA 524 -84.09 -49.13 -42.81
N PRO PA 525 -83.77 -48.65 -44.02
CA PRO PA 525 -84.58 -48.93 -45.20
C PRO PA 525 -84.75 -50.43 -45.46
N LYS PA 526 -85.93 -50.86 -45.93
CA LYS PA 526 -86.20 -52.26 -46.25
C LYS PA 526 -85.24 -52.76 -47.33
N GLY PA 527 -84.67 -53.96 -47.12
CA GLY PA 527 -83.65 -54.55 -47.97
C GLY PA 527 -82.21 -54.12 -47.67
N ILE PA 528 -81.99 -53.22 -46.70
CA ILE PA 528 -80.64 -52.86 -46.22
C ILE PA 528 -80.39 -53.55 -44.88
N THR PA 529 -79.20 -54.13 -44.73
CA THR PA 529 -78.73 -54.67 -43.45
C THR PA 529 -77.65 -53.75 -42.90
N ALA PA 530 -77.87 -53.21 -41.70
CA ALA PA 530 -76.86 -52.45 -41.00
C ALA PA 530 -75.93 -53.41 -40.23
N GLU PA 531 -74.66 -53.06 -40.09
CA GLU PA 531 -73.63 -53.92 -39.52
C GLU PA 531 -72.70 -53.08 -38.64
N ALA PA 532 -72.06 -53.69 -37.65
CA ALA PA 532 -70.98 -53.06 -36.90
C ALA PA 532 -69.88 -54.09 -36.61
N LYS PA 533 -68.64 -53.63 -36.53
CA LYS PA 533 -67.48 -54.47 -36.25
C LYS PA 533 -66.49 -53.80 -35.32
N VAL PA 534 -65.76 -54.62 -34.57
CA VAL PA 534 -64.60 -54.23 -33.78
C VAL PA 534 -63.39 -55.01 -34.27
N LYS PA 535 -62.21 -54.41 -34.26
CA LYS PA 535 -60.94 -55.12 -34.39
C LYS PA 535 -60.35 -55.29 -33.01
N TYR PA 536 -60.03 -56.52 -32.65
CA TYR PA 536 -59.47 -56.86 -31.34
C TYR PA 536 -58.01 -57.27 -31.46
N SER PA 537 -57.26 -57.09 -30.37
CA SER PA 537 -55.93 -57.63 -30.18
C SER PA 537 -55.77 -58.05 -28.73
N PHE PA 538 -55.89 -59.35 -28.45
CA PHE PA 538 -55.64 -59.91 -27.11
C PHE PA 538 -54.16 -60.22 -26.94
N ASN PA 539 -53.57 -59.79 -25.84
CA ASN PA 539 -52.15 -59.95 -25.59
C ASN PA 539 -51.90 -61.11 -24.64
N PHE PA 540 -51.15 -62.09 -25.09
CA PHE PA 540 -50.76 -63.28 -24.33
C PHE PA 540 -49.25 -63.45 -24.38
N LYS PA 541 -48.72 -64.20 -23.42
CA LYS PA 541 -47.42 -64.86 -23.54
C LYS PA 541 -47.63 -66.36 -23.39
N TRP PA 542 -46.87 -67.16 -24.10
CA TRP PA 542 -46.83 -68.61 -23.96
C TRP PA 542 -45.53 -69.00 -23.27
N GLY PA 543 -45.58 -69.91 -22.30
CA GLY PA 543 -44.43 -70.28 -21.49
C GLY PA 543 -44.19 -71.78 -21.50
N GLY PA 544 -42.93 -72.18 -21.44
CA GLY PA 544 -42.57 -73.60 -21.35
C GLY PA 544 -41.08 -73.85 -21.33
N ASP PA 545 -40.71 -75.11 -21.19
CA ASP PA 545 -39.38 -75.60 -21.55
C ASP PA 545 -39.18 -75.59 -23.07
N LEU PA 546 -37.92 -75.55 -23.52
CA LEU PA 546 -37.58 -75.39 -24.93
C LEU PA 546 -38.16 -76.54 -25.78
N PRO PA 547 -38.85 -76.25 -26.90
CA PRO PA 547 -39.45 -77.26 -27.75
C PRO PA 547 -38.45 -77.87 -28.78
N PRO PA 548 -38.79 -79.00 -29.40
CA PRO PA 548 -38.06 -79.57 -30.52
C PRO PA 548 -38.33 -78.82 -31.86
N MET PA 549 -37.54 -79.11 -32.90
CA MET PA 549 -37.61 -78.45 -34.22
C MET PA 549 -37.08 -79.38 -35.35
N SER PA 550 -37.41 -79.11 -36.61
CA SER PA 550 -36.96 -79.90 -37.78
C SER PA 550 -36.51 -79.03 -38.97
N THR PA 551 -35.81 -79.64 -39.93
CA THR PA 551 -35.07 -78.94 -41.02
C THR PA 551 -35.29 -79.59 -42.38
N ILE PA 552 -34.97 -78.85 -43.45
CA ILE PA 552 -35.22 -79.19 -44.86
C ILE PA 552 -33.90 -79.33 -45.62
N THR PA 553 -33.80 -80.24 -46.59
CA THR PA 553 -32.58 -80.41 -47.41
C THR PA 553 -32.21 -79.14 -48.13
N ASN PA 554 -30.93 -78.82 -48.26
CA ASN PA 554 -30.48 -77.67 -49.05
C ASN PA 554 -30.71 -77.81 -50.57
N PRO PA 555 -30.40 -78.96 -51.23
CA PRO PA 555 -30.51 -79.06 -52.67
C PRO PA 555 -31.93 -78.93 -53.18
N THR PA 556 -32.91 -79.57 -52.52
CA THR PA 556 -34.34 -79.46 -52.89
C THR PA 556 -34.96 -78.37 -52.03
N ASP PA 557 -34.73 -77.10 -52.37
CA ASP PA 557 -35.22 -75.95 -51.55
C ASP PA 557 -35.57 -74.80 -52.50
N GLN PA 558 -36.10 -73.69 -51.97
CA GLN PA 558 -36.48 -72.52 -52.80
C GLN PA 558 -35.36 -72.27 -53.81
N PRO PA 559 -35.59 -72.45 -55.14
CA PRO PA 559 -34.52 -72.30 -56.12
C PRO PA 559 -34.32 -70.86 -56.55
N THR PA 560 -33.06 -70.46 -56.77
CA THR PA 560 -32.78 -69.10 -57.24
C THR PA 560 -33.36 -68.89 -58.64
N TYR PA 561 -33.70 -67.66 -59.02
CA TYR PA 561 -34.28 -67.35 -60.34
C TYR PA 561 -33.43 -67.90 -61.51
N VAL PA 562 -32.10 -67.97 -61.32
CA VAL PA 562 -31.15 -68.54 -62.28
C VAL PA 562 -31.49 -70.01 -62.60
N LYS QA 48 24.09 62.78 -31.49
CA LYS QA 48 24.50 62.65 -32.92
C LYS QA 48 23.54 63.40 -33.84
N ARG QA 49 22.29 62.94 -33.99
CA ARG QA 49 21.24 63.65 -34.75
C ARG QA 49 19.90 63.57 -34.00
N LEU QA 50 19.12 64.64 -34.08
CA LEU QA 50 17.84 64.78 -33.36
C LEU QA 50 16.70 65.04 -34.35
N ASN QA 51 15.50 64.59 -34.00
CA ASN QA 51 14.29 65.02 -34.69
C ASN QA 51 14.05 66.50 -34.46
N ILE QA 52 13.68 67.24 -35.50
CA ILE QA 52 13.17 68.60 -35.36
C ILE QA 52 11.76 68.53 -34.78
N VAL QA 53 11.48 69.36 -33.78
CA VAL QA 53 10.23 69.39 -33.01
C VAL QA 53 9.67 70.80 -33.04
N GLU QA 54 8.36 70.92 -33.10
CA GLU QA 54 7.63 72.19 -33.03
C GLU QA 54 6.68 72.17 -31.84
N TRP QA 55 6.47 73.32 -31.20
CA TRP QA 55 5.50 73.46 -30.12
C TRP QA 55 4.16 73.92 -30.67
N GLN QA 56 3.14 73.10 -30.40
CA GLN QA 56 1.79 73.32 -30.96
C GLN QA 56 1.20 74.65 -30.45
N PRO QA 57 0.49 75.39 -31.31
CA PRO QA 57 -0.08 76.69 -30.95
C PRO QA 57 -1.25 76.56 -29.97
N LYS QA 58 -1.55 77.66 -29.27
CA LYS QA 58 -2.46 77.68 -28.11
C LYS QA 58 -3.88 77.24 -28.43
N SER QA 59 -4.43 77.64 -29.57
CA SER QA 59 -5.74 77.20 -30.06
C SER QA 59 -5.67 76.77 -31.52
N ILE QA 60 -6.36 75.68 -31.86
CA ILE QA 60 -6.34 75.03 -33.17
C ILE QA 60 -7.78 74.75 -33.63
N ARG QA 61 -8.07 75.00 -34.91
CA ARG QA 61 -9.43 74.75 -35.49
C ARG QA 61 -9.37 74.10 -36.88
N LYS QA 62 -9.73 72.82 -37.00
CA LYS QA 62 -9.79 72.10 -38.29
C LYS QA 62 -10.76 72.78 -39.25
N CYS QA 63 -10.40 72.90 -40.52
CA CYS QA 63 -11.25 73.44 -41.57
C CYS QA 63 -11.06 72.64 -42.87
N ARG QA 64 -12.17 72.06 -43.36
CA ARG QA 64 -12.18 71.38 -44.68
C ARG QA 64 -12.78 72.32 -45.74
N ILE QA 65 -11.95 72.89 -46.62
CA ILE QA 65 -12.44 73.74 -47.71
C ILE QA 65 -13.04 72.82 -48.76
N LYS QA 66 -14.36 72.72 -48.82
CA LYS QA 66 -15.11 71.78 -49.66
C LYS QA 66 -15.78 72.50 -50.81
N GLY QA 67 -15.70 71.98 -52.02
CA GLY QA 67 -16.34 72.61 -53.18
C GLY QA 67 -16.27 71.79 -54.45
N MET QA 68 -16.68 72.39 -55.55
CA MET QA 68 -16.78 71.76 -56.86
C MET QA 68 -15.95 72.53 -57.88
N LEU QA 69 -15.12 71.86 -58.69
CA LEU QA 69 -14.27 72.46 -59.70
C LEU QA 69 -14.60 71.92 -61.08
N CYS QA 70 -14.83 72.79 -62.06
CA CYS QA 70 -14.99 72.41 -63.45
C CYS QA 70 -13.63 72.07 -64.08
N LEU QA 71 -13.47 70.85 -64.60
CA LEU QA 71 -12.22 70.40 -65.22
C LEU QA 71 -12.10 70.87 -66.66
N PHE QA 72 -13.17 70.77 -67.43
CA PHE QA 72 -13.30 71.37 -68.75
C PHE QA 72 -14.78 71.55 -69.06
N GLN QA 73 -15.10 72.43 -70.00
CA GLN QA 73 -16.37 72.41 -70.70
C GLN QA 73 -16.10 72.76 -72.16
N THR QA 74 -16.47 71.85 -73.07
CA THR QA 74 -15.96 71.82 -74.44
C THR QA 74 -17.03 71.51 -75.46
N THR QA 75 -16.93 72.12 -76.63
CA THR QA 75 -17.53 71.66 -77.89
C THR QA 75 -16.46 70.94 -78.72
N GLU QA 76 -16.82 70.32 -79.84
CA GLU QA 76 -15.88 69.63 -80.72
C GLU QA 76 -14.81 70.58 -81.33
N ASP QA 77 -15.20 71.80 -81.66
CA ASP QA 77 -14.34 72.83 -82.27
C ASP QA 77 -13.38 73.51 -81.27
N ARG QA 78 -13.42 73.12 -80.00
CA ARG QA 78 -12.51 73.60 -78.95
C ARG QA 78 -11.72 72.49 -78.24
N LEU QA 79 -11.79 71.25 -78.71
CA LEU QA 79 -11.16 70.11 -78.02
C LEU QA 79 -9.64 70.24 -77.85
N SER QA 80 -8.93 70.81 -78.81
CA SER QA 80 -7.47 70.95 -78.76
C SER QA 80 -6.97 72.15 -77.95
N TYR QA 81 -7.86 72.92 -77.31
CA TYR QA 81 -7.50 74.14 -76.57
C TYR QA 81 -7.69 74.00 -75.07
N ASN QA 82 -6.89 74.74 -74.31
CA ASN QA 82 -6.93 74.79 -72.85
C ASN QA 82 -8.18 75.56 -72.36
N PHE QA 83 -8.99 74.93 -71.51
CA PHE QA 83 -10.10 75.56 -70.81
C PHE QA 83 -9.63 76.41 -69.63
N ASP QA 84 -9.83 77.71 -69.73
CA ASP QA 84 -9.80 78.63 -68.59
C ASP QA 84 -11.23 79.09 -68.29
N MET QA 85 -11.67 78.96 -67.04
CA MET QA 85 -13.01 79.38 -66.62
C MET QA 85 -13.12 80.90 -66.54
N TYR QA 86 -12.00 81.57 -66.27
CA TYR QA 86 -11.88 83.03 -66.22
C TYR QA 86 -11.08 83.49 -67.45
N GLU QA 87 -11.78 84.12 -68.37
CA GLU QA 87 -11.48 84.12 -69.80
C GLU QA 87 -10.59 85.25 -70.33
N GLU QA 88 -10.01 85.03 -71.51
CA GLU QA 88 -9.67 86.12 -72.42
C GLU QA 88 -11.01 86.55 -73.04
N SER QA 89 -11.45 87.78 -72.79
CA SER QA 89 -12.88 88.21 -72.85
C SER QA 89 -13.63 87.94 -74.17
N ILE QA 90 -12.92 87.71 -75.27
CA ILE QA 90 -13.51 87.30 -76.55
C ILE QA 90 -13.91 85.82 -76.61
N ILE QA 91 -13.21 84.93 -75.90
CA ILE QA 91 -13.42 83.46 -76.00
C ILE QA 91 -14.88 83.06 -75.69
N PRO QA 92 -15.52 83.47 -74.57
CA PRO QA 92 -16.89 83.05 -74.31
C PRO QA 92 -17.94 83.73 -75.20
N GLU QA 93 -17.60 84.76 -75.98
CA GLU QA 93 -18.56 85.37 -76.89
C GLU QA 93 -18.90 84.41 -78.03
N LYS QA 94 -20.13 83.87 -78.00
CA LYS QA 94 -20.65 82.86 -78.93
C LYS QA 94 -19.86 81.54 -78.95
N LEU QA 95 -19.19 81.18 -77.84
CA LEU QA 95 -18.75 79.80 -77.57
C LEU QA 95 -19.28 79.30 -76.22
N PRO QA 96 -20.04 78.19 -76.17
CA PRO QA 96 -20.58 77.66 -74.92
C PRO QA 96 -19.55 76.85 -74.10
N GLY QA 97 -18.44 76.43 -74.71
CA GLY QA 97 -17.32 75.78 -74.01
C GLY QA 97 -15.97 76.16 -74.62
N GLY QA 98 -15.01 76.54 -73.78
CA GLY QA 98 -13.76 77.17 -74.23
C GLY QA 98 -12.61 76.23 -74.54
N GLY QA 99 -12.62 74.98 -74.07
CA GLY QA 99 -11.48 74.08 -74.24
C GLY QA 99 -11.72 72.67 -73.75
N GLY QA 100 -11.07 71.69 -74.37
CA GLY QA 100 -11.24 70.25 -74.07
C GLY QA 100 -10.19 69.64 -73.17
N PHE QA 101 -9.21 70.42 -72.73
CA PHE QA 101 -8.27 70.02 -71.69
C PHE QA 101 -8.03 71.18 -70.75
N SER QA 102 -7.57 70.95 -69.54
CA SER QA 102 -7.07 72.04 -68.70
C SER QA 102 -5.88 71.61 -67.87
N ILE QA 103 -5.08 72.60 -67.48
CA ILE QA 103 -4.15 72.49 -66.35
C ILE QA 103 -4.63 73.46 -65.28
N LYS QA 104 -4.99 72.93 -64.10
CA LYS QA 104 -5.42 73.69 -62.93
C LYS QA 104 -4.30 73.69 -61.90
N ASN QA 105 -3.92 74.85 -61.37
CA ASN QA 105 -3.12 74.96 -60.14
C ASN QA 105 -4.02 75.46 -59.01
N ILE QA 106 -4.03 74.76 -57.88
CA ILE QA 106 -4.82 75.13 -56.71
C ILE QA 106 -3.89 75.64 -55.61
N SER QA 107 -4.21 76.80 -55.05
CA SER QA 107 -3.54 77.41 -53.91
C SER QA 107 -4.59 77.91 -52.94
N LEU QA 108 -4.23 78.13 -51.68
CA LEU QA 108 -5.14 78.66 -50.66
C LEU QA 108 -5.74 80.01 -51.06
N TYR QA 109 -5.01 80.84 -51.79
CA TYR QA 109 -5.56 82.07 -52.35
C TYR QA 109 -6.56 81.80 -53.49
N ALA QA 110 -6.30 80.84 -54.37
CA ALA QA 110 -7.28 80.42 -55.36
C ALA QA 110 -8.54 79.81 -54.72
N LEU QA 111 -8.41 79.07 -53.63
CA LEU QA 111 -9.55 78.58 -52.85
C LEU QA 111 -10.35 79.73 -52.23
N TYR QA 112 -9.71 80.77 -51.72
CA TYR QA 112 -10.38 81.99 -51.29
C TYR QA 112 -11.09 82.71 -52.45
N GLN QA 113 -10.47 82.80 -53.62
CA GLN QA 113 -11.13 83.38 -54.80
C GLN QA 113 -12.36 82.57 -55.23
N GLU QA 114 -12.31 81.25 -55.18
CA GLU QA 114 -13.48 80.41 -55.44
C GLU QA 114 -14.57 80.59 -54.37
N HIS QA 115 -14.22 81.01 -53.16
CA HIS QA 115 -15.23 81.34 -52.10
C HIS QA 115 -15.93 82.65 -52.43
N ILE QA 116 -15.25 83.59 -53.09
CA ILE QA 116 -15.88 84.84 -53.57
C ILE QA 116 -16.87 84.58 -54.70
N HIS QA 117 -16.64 83.56 -55.53
CA HIS QA 117 -17.60 83.07 -56.52
C HIS QA 117 -18.69 82.15 -55.92
N ALA QA 118 -18.68 81.93 -54.60
CA ALA QA 118 -19.55 80.99 -53.90
C ALA QA 118 -19.43 79.54 -54.37
N HIS QA 119 -18.28 79.15 -54.95
CA HIS QA 119 -18.05 77.79 -55.44
C HIS QA 119 -17.60 76.80 -54.36
N ASN QA 120 -17.25 77.28 -53.16
CA ASN QA 120 -16.87 76.43 -52.03
C ASN QA 120 -17.37 76.99 -50.70
N ILE QA 121 -17.31 76.14 -49.68
CA ILE QA 121 -17.50 76.50 -48.28
C ILE QA 121 -16.18 76.30 -47.53
N PHE QA 122 -15.93 77.12 -46.52
CA PHE QA 122 -14.91 76.87 -45.50
C PHE QA 122 -15.63 76.37 -44.26
N THR QA 123 -15.32 75.16 -43.81
CA THR QA 123 -15.99 74.54 -42.64
C THR QA 123 -15.76 75.31 -41.34
N HIS QA 124 -14.66 76.06 -41.29
CA HIS QA 124 -14.37 76.96 -40.15
C HIS QA 124 -13.70 78.20 -40.72
N THR QA 125 -14.06 79.39 -40.28
CA THR QA 125 -13.39 80.63 -40.65
C THR QA 125 -11.96 80.69 -40.13
N ASN QA 126 -11.15 81.54 -40.74
CA ASN QA 126 -9.73 81.74 -40.45
C ASN QA 126 -9.42 83.18 -39.96
N THR QA 127 -10.43 83.97 -39.59
CA THR QA 127 -10.28 85.43 -39.46
C THR QA 127 -9.28 85.88 -38.40
N ASP QA 128 -9.16 85.14 -37.30
CA ASP QA 128 -8.37 85.52 -36.13
C ASP QA 128 -7.33 84.46 -35.72
N ARG QA 129 -7.05 83.52 -36.63
CA ARG QA 129 -6.00 82.47 -36.43
C ARG QA 129 -5.09 82.59 -37.65
N PRO QA 130 -3.90 83.21 -37.57
CA PRO QA 130 -3.08 83.53 -38.74
C PRO QA 130 -2.19 82.38 -39.23
N LEU QA 131 -1.98 81.34 -38.42
CA LEU QA 131 -1.22 80.16 -38.81
C LEU QA 131 -2.09 79.16 -39.57
N ALA QA 132 -1.49 78.40 -40.48
CA ALA QA 132 -2.10 77.32 -41.20
C ALA QA 132 -1.22 76.07 -41.20
N ARG QA 133 -1.87 74.90 -41.18
CA ARG QA 133 -1.18 73.59 -41.23
C ARG QA 133 -1.92 72.70 -42.24
N TYR QA 134 -1.52 72.72 -43.52
CA TYR QA 134 -2.12 71.94 -44.59
C TYR QA 134 -1.80 70.45 -44.46
N THR QA 135 -2.82 69.60 -44.55
CA THR QA 135 -2.70 68.15 -44.27
C THR QA 135 -2.90 67.27 -45.52
N GLY QA 136 -3.35 67.85 -46.63
CA GLY QA 136 -3.61 67.13 -47.88
C GLY QA 136 -5.02 67.34 -48.40
N CYS QA 137 -5.35 66.66 -49.47
CA CYS QA 137 -6.59 66.85 -50.23
C CYS QA 137 -7.29 65.51 -50.48
N SER QA 138 -8.61 65.52 -50.52
CA SER QA 138 -9.42 64.46 -51.13
C SER QA 138 -10.08 64.98 -52.39
N LEU QA 139 -9.98 64.25 -53.49
CA LEU QA 139 -10.71 64.51 -54.72
C LEU QA 139 -11.72 63.40 -54.99
N LYS QA 140 -12.94 63.74 -55.42
CA LYS QA 140 -13.91 62.83 -56.01
C LYS QA 140 -14.16 63.26 -57.45
N PHE QA 141 -13.74 62.45 -58.41
CA PHE QA 141 -13.93 62.70 -59.83
C PHE QA 141 -15.20 62.03 -60.28
N TYR QA 142 -16.15 62.77 -60.83
CA TYR QA 142 -17.44 62.21 -61.24
C TYR QA 142 -17.44 61.75 -62.69
N GLN QA 143 -18.09 60.63 -62.97
CA GLN QA 143 -18.42 60.26 -64.34
C GLN QA 143 -19.32 61.32 -64.97
N SER QA 144 -18.91 61.88 -66.10
CA SER QA 144 -19.80 62.69 -66.91
C SER QA 144 -20.85 61.81 -67.59
N LYS QA 145 -21.96 62.41 -68.02
CA LYS QA 145 -23.00 61.69 -68.77
C LYS QA 145 -22.50 61.21 -70.12
N ASP QA 146 -21.93 62.12 -70.92
CA ASP QA 146 -21.68 61.90 -72.35
C ASP QA 146 -20.21 61.73 -72.76
N ILE QA 147 -19.24 62.11 -71.90
CA ILE QA 147 -17.80 62.12 -72.31
C ILE QA 147 -16.91 61.42 -71.28
N ASP QA 148 -15.89 60.69 -71.74
CA ASP QA 148 -14.91 60.05 -70.83
C ASP QA 148 -13.84 61.10 -70.59
N TYR QA 149 -12.88 60.88 -69.69
CA TYR QA 149 -11.77 61.84 -69.54
C TYR QA 149 -10.63 61.29 -68.71
N VAL QA 150 -9.40 61.61 -69.07
CA VAL QA 150 -8.19 61.20 -68.35
C VAL QA 150 -7.80 62.33 -67.42
N VAL QA 151 -7.44 62.01 -66.19
CA VAL QA 151 -6.83 62.93 -65.24
C VAL QA 151 -5.44 62.45 -64.88
N THR QA 152 -4.49 63.36 -64.69
CA THR QA 152 -3.32 63.10 -63.88
C THR QA 152 -2.98 64.33 -63.07
N TYR QA 153 -2.39 64.17 -61.90
CA TYR QA 153 -2.13 65.26 -60.98
C TYR QA 153 -0.70 65.17 -60.46
N SER QA 154 -0.19 66.31 -60.00
CA SER QA 154 1.16 66.41 -59.45
C SER QA 154 1.17 67.33 -58.25
N THR QA 155 2.17 67.19 -57.37
CA THR QA 155 2.34 68.08 -56.19
C THR QA 155 3.80 68.48 -56.05
N SER QA 156 4.60 68.39 -57.11
CA SER QA 156 5.99 68.91 -57.06
C SER QA 156 5.87 70.42 -56.78
N LEU QA 157 6.26 70.88 -55.59
CA LEU QA 157 6.08 72.31 -55.23
C LEU QA 157 6.56 73.21 -56.38
N PRO QA 158 7.73 72.97 -57.02
CA PRO QA 158 8.12 73.76 -58.17
C PRO QA 158 7.04 73.69 -59.23
N LEU QA 159 6.43 74.83 -59.58
CA LEU QA 159 5.34 74.89 -60.58
C LEU QA 159 5.87 75.55 -61.87
N ARG QA 160 5.73 74.89 -63.02
CA ARG QA 160 6.17 75.44 -64.31
C ARG QA 160 5.41 74.74 -65.46
N SER QA 161 5.38 75.36 -66.65
CA SER QA 161 4.73 74.77 -67.84
C SER QA 161 5.80 74.34 -68.84
N SER QA 162 5.51 73.36 -69.70
CA SER QA 162 6.49 72.87 -70.69
C SER QA 162 5.79 72.55 -72.01
N MET QA 163 6.51 72.62 -73.13
CA MET QA 163 5.97 72.27 -74.45
C MET QA 163 5.59 70.78 -74.53
N GLY QA 164 6.41 69.91 -73.94
CA GLY QA 164 6.13 68.48 -73.81
C GLY QA 164 4.92 68.18 -72.93
N MET QA 165 4.69 68.95 -71.85
CA MET QA 165 3.47 68.83 -71.07
C MET QA 165 2.24 69.11 -71.93
N TYR QA 166 2.19 70.23 -72.64
CA TYR QA 166 1.03 70.60 -73.45
C TYR QA 166 0.78 69.62 -74.60
N ASN QA 167 1.81 69.11 -75.28
CA ASN QA 167 1.63 68.05 -76.26
C ASN QA 167 1.13 66.76 -75.60
N SER QA 168 1.68 66.39 -74.44
CA SER QA 168 1.25 65.18 -73.73
C SER QA 168 -0.18 65.23 -73.21
N MET QA 169 -0.84 66.39 -73.21
CA MET QA 169 -2.28 66.49 -72.96
C MET QA 169 -3.13 65.88 -74.06
N GLN QA 170 -2.57 65.55 -75.23
CA GLN QA 170 -3.31 64.90 -76.31
C GLN QA 170 -3.93 63.61 -75.76
N PRO QA 171 -5.23 63.31 -76.00
CA PRO QA 171 -5.93 62.28 -75.25
C PRO QA 171 -5.31 60.89 -75.30
N SER QA 172 -4.79 60.47 -76.46
CA SER QA 172 -4.09 59.20 -76.62
C SER QA 172 -2.77 59.16 -75.84
N ILE QA 173 -2.01 60.24 -75.86
CA ILE QA 173 -0.73 60.34 -75.15
C ILE QA 173 -0.94 60.41 -73.64
N HIS QA 174 -1.88 61.21 -73.17
CA HIS QA 174 -2.25 61.29 -71.76
C HIS QA 174 -2.76 59.94 -71.26
N LEU QA 175 -3.60 59.25 -72.02
CA LEU QA 175 -4.07 57.91 -71.69
C LEU QA 175 -2.93 56.86 -71.62
N MET QA 176 -1.80 57.05 -72.28
CA MET QA 176 -0.65 56.15 -72.11
C MET QA 176 0.19 56.42 -70.86
N GLN QA 177 0.13 57.60 -70.27
CA GLN QA 177 1.00 57.96 -69.14
C GLN QA 177 0.78 57.11 -67.90
N GLN QA 178 1.81 56.96 -67.08
CA GLN QA 178 1.72 56.32 -65.77
C GLN QA 178 1.03 57.22 -64.75
N ASN QA 179 0.37 56.62 -63.76
CA ASN QA 179 -0.40 57.33 -62.75
C ASN QA 179 -1.48 58.26 -63.32
N LYS QA 180 -2.02 57.89 -64.48
CA LYS QA 180 -3.29 58.40 -65.00
C LYS QA 180 -4.46 57.88 -64.15
N LEU QA 181 -5.58 58.56 -64.23
CA LEU QA 181 -6.89 58.09 -63.84
C LEU QA 181 -7.81 58.24 -65.03
N ILE QA 182 -8.46 57.17 -65.48
CA ILE QA 182 -9.47 57.22 -66.54
C ILE QA 182 -10.83 57.22 -65.87
N VAL QA 183 -11.68 58.16 -66.25
CA VAL QA 183 -13.07 58.22 -65.80
C VAL QA 183 -13.96 57.97 -67.01
N PRO QA 184 -14.52 56.75 -67.17
CA PRO QA 184 -15.48 56.48 -68.21
C PRO QA 184 -16.75 57.29 -67.96
N SER QA 185 -17.43 57.71 -69.02
CA SER QA 185 -18.77 58.26 -68.92
C SER QA 185 -19.76 57.23 -68.36
N LYS QA 186 -20.91 57.69 -67.87
CA LYS QA 186 -22.00 56.78 -67.44
C LYS QA 186 -22.51 55.92 -68.59
N GLN QA 187 -22.41 56.41 -69.82
CA GLN QA 187 -22.73 55.65 -71.03
C GLN QA 187 -21.72 54.53 -71.30
N THR QA 188 -20.41 54.78 -71.21
CA THR QA 188 -19.40 53.75 -71.51
C THR QA 188 -19.22 52.73 -70.38
N GLN QA 189 -19.48 53.09 -69.11
CA GLN QA 189 -19.49 52.12 -68.02
C GLN QA 189 -20.41 52.56 -66.86
N LYS QA 190 -21.43 51.77 -66.56
CA LYS QA 190 -22.20 51.87 -65.31
C LYS QA 190 -21.39 51.29 -64.16
N ARG QA 191 -21.33 51.99 -63.03
CA ARG QA 191 -20.48 51.65 -61.87
C ARG QA 191 -21.30 51.62 -60.58
N ARG QA 192 -20.82 50.90 -59.56
CA ARG QA 192 -21.41 50.89 -58.21
C ARG QA 192 -21.38 52.29 -57.59
N LYS QA 193 -20.19 52.89 -57.53
CA LYS QA 193 -20.01 54.29 -57.12
C LYS QA 193 -19.87 55.17 -58.35
N PRO QA 194 -20.62 56.28 -58.47
CA PRO QA 194 -20.62 57.13 -59.67
C PRO QA 194 -19.41 58.05 -59.78
N TYR QA 195 -18.39 57.86 -58.95
CA TYR QA 195 -17.19 58.68 -58.84
C TYR QA 195 -15.98 57.83 -58.52
N ILE QA 196 -14.78 58.34 -58.79
CA ILE QA 196 -13.52 57.77 -58.32
C ILE QA 196 -12.88 58.72 -57.31
N LYS QA 197 -12.56 58.20 -56.13
CA LYS QA 197 -12.07 58.98 -54.98
C LYS QA 197 -10.61 58.66 -54.71
N LYS QA 198 -9.77 59.69 -54.56
CA LYS QA 198 -8.39 59.49 -54.06
C LYS QA 198 -7.85 60.64 -53.26
N HIS QA 199 -6.97 60.31 -52.32
CA HIS QA 199 -6.33 61.21 -51.38
C HIS QA 199 -4.96 61.60 -51.89
N ILE QA 200 -4.64 62.89 -51.83
CA ILE QA 200 -3.41 63.47 -52.34
C ILE QA 200 -2.66 64.14 -51.18
N SER QA 201 -1.42 63.75 -50.97
CA SER QA 201 -0.57 64.26 -49.90
C SER QA 201 -0.06 65.68 -50.22
N PRO QA 202 0.34 66.52 -49.24
CA PRO QA 202 0.94 67.81 -49.53
C PRO QA 202 2.17 67.73 -50.45
N PRO QA 203 2.54 68.82 -51.13
CA PRO QA 203 3.84 68.94 -51.78
C PRO QA 203 4.98 68.54 -50.85
N THR QA 204 6.03 67.90 -51.35
CA THR QA 204 7.14 67.45 -50.48
C THR QA 204 7.83 68.63 -49.77
N GLN QA 205 7.75 69.83 -50.37
CA GLN QA 205 8.33 71.08 -49.79
C GLN QA 205 7.43 71.65 -48.69
N MET QA 206 6.13 71.34 -48.71
CA MET QA 206 5.21 71.70 -47.63
C MET QA 206 5.31 70.65 -46.52
N LYS QA 207 6.07 70.94 -45.47
CA LYS QA 207 6.26 70.02 -44.33
C LYS QA 207 5.05 70.09 -43.40
N SER QA 208 4.95 69.20 -42.43
CA SER QA 208 3.82 69.17 -41.49
C SER QA 208 3.78 70.35 -40.51
N GLN QA 209 4.82 71.20 -40.49
CA GLN QA 209 4.89 72.37 -39.63
C GLN QA 209 3.76 73.39 -39.87
N TRP QA 210 3.55 74.28 -38.92
CA TRP QA 210 2.72 75.48 -39.10
C TRP QA 210 3.42 76.51 -39.98
N TYR QA 211 2.65 77.22 -40.79
CA TYR QA 211 3.10 78.33 -41.64
C TYR QA 211 2.15 79.50 -41.50
N PHE QA 212 2.62 80.74 -41.52
CA PHE QA 212 1.72 81.88 -41.66
C PHE QA 212 0.92 81.77 -42.97
N GLN QA 213 -0.39 82.03 -42.90
CA GLN QA 213 -1.27 81.95 -44.09
C GLN QA 213 -0.83 82.96 -45.16
N HIS QA 214 -0.19 84.08 -44.80
CA HIS QA 214 0.33 85.09 -45.75
C HIS QA 214 1.45 84.47 -46.59
N ASN QA 215 2.28 83.61 -46.00
CA ASN QA 215 3.40 82.99 -46.70
C ASN QA 215 2.94 81.91 -47.68
N ILE QA 216 2.08 81.00 -47.23
CA ILE QA 216 1.61 79.87 -48.05
C ILE QA 216 0.45 80.20 -48.99
N ALA QA 217 -0.16 81.38 -48.90
CA ALA QA 217 -1.35 81.75 -49.68
C ALA QA 217 -1.22 81.43 -51.17
N ASN QA 218 -0.11 81.81 -51.79
CA ASN QA 218 0.11 81.67 -53.23
C ASN QA 218 0.89 80.42 -53.65
N ILE QA 219 1.39 79.61 -52.72
CA ILE QA 219 2.11 78.36 -53.02
C ILE QA 219 1.14 77.36 -53.65
N PRO QA 220 1.37 76.86 -54.89
CA PRO QA 220 0.46 75.93 -55.53
C PRO QA 220 0.58 74.54 -54.90
N LEU QA 221 -0.47 74.09 -54.19
CA LEU QA 221 -0.43 72.82 -53.40
C LEU QA 221 -0.92 71.61 -54.20
N LEU QA 222 -1.50 71.84 -55.39
CA LEU QA 222 -1.94 70.77 -56.27
C LEU QA 222 -1.96 71.26 -57.72
N MET QA 223 -1.50 70.44 -58.66
CA MET QA 223 -1.81 70.59 -60.09
C MET QA 223 -2.70 69.45 -60.57
N ILE QA 224 -3.81 69.76 -61.24
CA ILE QA 224 -4.66 68.76 -61.92
C ILE QA 224 -4.56 69.00 -63.42
N ARG QA 225 -4.24 67.96 -64.18
CA ARG QA 225 -4.25 67.95 -65.66
C ARG QA 225 -5.39 67.06 -66.13
N THR QA 226 -6.29 67.55 -66.96
CA THR QA 226 -7.43 66.77 -67.48
C THR QA 226 -7.56 66.93 -68.97
N THR QA 227 -7.89 65.88 -69.70
CA THR QA 227 -8.20 65.93 -71.13
C THR QA 227 -9.44 65.10 -71.45
N ALA QA 228 -10.31 65.62 -72.32
CA ALA QA 228 -11.51 64.95 -72.82
C ALA QA 228 -11.18 63.85 -73.85
N LEU QA 229 -11.91 62.75 -73.80
CA LEU QA 229 -11.53 61.48 -74.39
C LEU QA 229 -12.76 60.75 -74.95
N THR QA 230 -12.58 59.86 -75.92
CA THR QA 230 -13.54 58.74 -76.07
C THR QA 230 -12.82 57.42 -76.16
N LEU QA 231 -13.28 56.45 -75.39
CA LEU QA 231 -12.79 55.07 -75.40
C LEU QA 231 -13.44 54.23 -76.52
N ASP QA 232 -14.74 54.39 -76.76
CA ASP QA 232 -15.49 53.61 -77.77
C ASP QA 232 -15.33 54.10 -79.22
N ASN QA 233 -14.89 55.34 -79.43
CA ASN QA 233 -14.64 55.95 -80.73
C ASN QA 233 -13.18 56.34 -80.89
N TYR QA 234 -12.27 55.64 -80.22
CA TYR QA 234 -10.86 56.02 -80.09
C TYR QA 234 -10.17 56.31 -81.42
N TYR QA 235 -10.37 55.47 -82.44
CA TYR QA 235 -9.75 55.65 -83.75
C TYR QA 235 -10.57 56.51 -84.69
N ILE QA 236 -11.86 56.21 -84.84
CA ILE QA 236 -12.74 56.93 -85.77
C ILE QA 236 -12.97 58.37 -85.30
N GLY QA 237 -13.14 58.59 -84.00
CA GLY QA 237 -13.37 59.91 -83.41
C GLY QA 237 -14.61 60.54 -83.98
N SER QA 238 -14.45 61.67 -84.67
CA SER QA 238 -15.52 62.34 -85.43
C SER QA 238 -15.29 62.37 -86.94
N ARG QA 239 -14.45 61.47 -87.47
CA ARG QA 239 -14.23 61.27 -88.91
C ARG QA 239 -15.54 61.10 -89.67
N GLN QA 240 -15.63 61.73 -90.84
CA GLN QA 240 -16.72 61.58 -91.80
C GLN QA 240 -16.13 61.21 -93.17
N LEU QA 241 -16.75 60.28 -93.91
CA LEU QA 241 -16.26 59.79 -95.20
C LEU QA 241 -14.82 59.26 -95.10
N SER QA 242 -13.88 59.78 -95.91
CA SER QA 242 -12.48 59.34 -95.96
C SER QA 242 -11.72 59.57 -94.65
N THR QA 243 -10.64 58.81 -94.43
CA THR QA 243 -9.69 59.08 -93.34
C THR QA 243 -8.94 60.40 -93.53
N ASN QA 244 -8.75 60.83 -94.78
CA ASN QA 244 -8.09 62.09 -95.12
C ASN QA 244 -8.91 63.30 -94.66
N VAL QA 245 -8.26 64.28 -94.04
CA VAL QA 245 -8.81 65.61 -93.74
C VAL QA 245 -8.26 66.63 -94.74
N THR QA 246 -9.08 67.58 -95.17
CA THR QA 246 -8.66 68.65 -96.08
C THR QA 246 -8.23 69.88 -95.29
N ILE QA 247 -7.02 70.37 -95.54
CA ILE QA 247 -6.46 71.58 -94.96
C ILE QA 247 -6.43 72.66 -96.04
N HIS QA 248 -6.92 73.86 -95.75
CA HIS QA 248 -6.77 75.00 -96.69
C HIS QA 248 -5.47 75.70 -96.28
N THR QA 249 -4.72 76.29 -97.20
CA THR QA 249 -3.51 77.06 -96.90
C THR QA 249 -3.31 78.24 -97.85
N LEU QA 250 -2.52 79.23 -97.42
CA LEU QA 250 -2.13 80.33 -98.33
C LEU QA 250 -1.03 79.80 -99.24
N ASN QA 251 -1.19 79.89 -100.57
CA ASN QA 251 -0.10 79.50 -101.49
C ASN QA 251 1.18 80.15 -100.95
N THR QA 252 2.22 79.37 -100.65
CA THR QA 252 3.49 79.89 -100.12
C THR QA 252 4.31 80.44 -101.26
N THR QA 253 4.18 79.88 -102.46
CA THR QA 253 5.00 80.22 -103.63
C THR QA 253 4.62 81.56 -104.27
N TYR QA 254 3.60 82.26 -103.76
CA TYR QA 254 3.15 83.55 -104.29
C TYR QA 254 2.79 84.57 -103.20
N ILE QA 255 2.14 84.15 -102.11
CA ILE QA 255 1.74 85.02 -101.00
C ILE QA 255 2.85 84.98 -99.92
N GLN QA 256 3.76 85.94 -99.88
CA GLN QA 256 4.87 85.86 -98.88
C GLN QA 256 5.18 87.20 -98.22
N ASN QA 257 4.67 88.32 -98.71
CA ASN QA 257 5.13 89.60 -98.19
C ASN QA 257 4.69 89.94 -96.77
N ARG QA 258 3.59 89.34 -96.27
CA ARG QA 258 3.10 89.52 -94.87
C ARG QA 258 2.91 91.02 -94.53
N ASP QA 259 2.59 91.86 -95.52
CA ASP QA 259 2.34 93.30 -95.28
C ASP QA 259 0.84 93.60 -95.08
N TRP QA 260 0.21 92.95 -94.09
CA TRP QA 260 -1.25 92.92 -93.95
C TRP QA 260 -1.86 93.99 -93.04
N GLY QA 261 -3.14 94.27 -93.27
CA GLY QA 261 -3.98 95.02 -92.33
C GLY QA 261 -3.86 96.53 -92.37
N ASP QA 262 -3.57 97.12 -93.54
CA ASP QA 262 -3.66 98.57 -93.79
C ASP QA 262 -4.50 98.87 -95.04
N ARG QA 263 -5.29 99.96 -95.00
CA ARG QA 263 -5.98 100.47 -96.22
C ARG QA 263 -5.07 101.58 -96.77
N ASN QA 264 -3.95 101.87 -96.09
CA ASN QA 264 -2.98 102.92 -96.44
C ASN QA 264 -1.81 102.42 -97.31
N LYS QA 265 -1.89 101.20 -97.85
CA LYS QA 265 -0.81 100.52 -98.57
C LYS QA 265 -1.38 99.66 -99.72
N THR QA 266 -0.93 99.89 -100.95
CA THR QA 266 -1.25 98.99 -102.07
C THR QA 266 -0.58 97.63 -101.85
N TYR QA 267 -1.34 96.54 -101.83
CA TYR QA 267 -0.78 95.22 -101.51
C TYR QA 267 -0.06 94.60 -102.70
N TYR QA 268 1.08 93.99 -102.41
CA TYR QA 268 1.92 93.24 -103.35
C TYR QA 268 2.25 91.91 -102.69
N CYS QA 269 2.13 90.79 -103.42
CA CYS QA 269 2.12 89.46 -102.81
C CYS QA 269 3.52 88.88 -102.57
N GLN QA 270 4.48 89.14 -103.45
CA GLN QA 270 5.87 88.71 -103.28
C GLN QA 270 6.87 89.72 -103.87
N THR QA 271 8.10 89.66 -103.38
CA THR QA 271 9.27 90.27 -104.03
C THR QA 271 10.21 89.17 -104.54
N LEU QA 272 10.74 89.33 -105.76
CA LEU QA 272 11.82 88.48 -106.28
C LEU QA 272 12.90 89.37 -106.90
N GLY QA 273 14.16 89.16 -106.55
CA GLY QA 273 15.23 90.10 -106.89
C GLY QA 273 14.92 91.51 -106.36
N THR QA 274 14.80 92.49 -107.27
CA THR QA 274 14.33 93.85 -106.96
C THR QA 274 12.83 94.05 -107.21
N GLN QA 275 12.14 93.11 -107.87
CA GLN QA 275 10.76 93.28 -108.32
C GLN QA 275 9.74 93.20 -107.17
N ARG QA 276 8.53 93.71 -107.44
CA ARG QA 276 7.30 93.44 -106.67
C ARG QA 276 6.27 92.82 -107.61
N TYR QA 277 5.45 91.91 -107.08
CA TYR QA 277 4.41 91.22 -107.85
C TYR QA 277 3.04 91.51 -107.24
N PHE QA 278 2.03 91.59 -108.10
CA PHE QA 278 0.73 92.16 -107.82
C PHE QA 278 -0.37 91.24 -108.34
N LEU QA 279 -1.52 91.30 -107.69
CA LEU QA 279 -2.69 90.48 -107.99
C LEU QA 279 -3.82 91.37 -108.48
N TYR QA 280 -4.62 90.88 -109.43
CA TYR QA 280 -5.81 91.55 -109.94
C TYR QA 280 -6.97 90.58 -110.09
N GLY QA 281 -8.16 90.96 -109.67
CA GLY QA 281 -9.38 90.17 -109.89
C GLY QA 281 -10.04 90.55 -111.22
N THR QA 282 -10.80 89.64 -111.83
CA THR QA 282 -11.68 90.02 -112.93
C THR QA 282 -12.95 89.17 -112.95
N HIS QA 283 -14.04 89.73 -113.48
CA HIS QA 283 -15.31 88.97 -113.68
C HIS QA 283 -15.35 88.56 -115.16
N SER QA 284 -14.30 88.87 -115.93
CA SER QA 284 -14.27 88.59 -117.37
C SER QA 284 -14.45 87.09 -117.68
N THR QA 285 -15.23 86.81 -118.71
CA THR QA 285 -15.40 85.47 -119.30
C THR QA 285 -14.29 85.13 -120.30
N ALA QA 286 -13.33 86.03 -120.54
CA ALA QA 286 -12.24 85.82 -121.50
C ALA QA 286 -11.42 84.56 -121.14
N GLN QA 287 -11.22 83.69 -122.12
CA GLN QA 287 -10.51 82.42 -121.95
C GLN QA 287 -8.98 82.59 -121.99
N ASN QA 288 -8.47 83.63 -122.67
CA ASN QA 288 -7.05 83.82 -122.92
C ASN QA 288 -6.50 84.98 -122.08
N ILE QA 289 -5.49 84.70 -121.24
CA ILE QA 289 -4.85 85.67 -120.36
C ILE QA 289 -4.23 86.87 -121.12
N ASN QA 290 -3.88 86.70 -122.39
CA ASN QA 290 -3.29 87.76 -123.21
C ASN QA 290 -4.30 88.86 -123.58
N ASP QA 291 -5.56 88.51 -123.93
CA ASP QA 291 -6.55 89.47 -124.52
C ASP QA 291 -7.42 90.22 -123.50
N ILE QA 292 -7.38 89.88 -122.22
CA ILE QA 292 -8.07 90.65 -121.18
C ILE QA 292 -7.64 92.13 -121.28
N LYS QA 293 -8.59 93.05 -121.10
CA LYS QA 293 -8.31 94.51 -121.18
C LYS QA 293 -7.48 94.99 -119.98
N LEU QA 294 -7.06 96.25 -120.00
CA LEU QA 294 -6.43 96.87 -118.80
C LEU QA 294 -7.59 97.26 -117.88
N GLN QA 295 -8.80 97.41 -118.42
CA GLN QA 295 -10.01 97.81 -117.65
C GLN QA 295 -10.57 96.64 -116.84
N GLU QA 296 -10.63 95.44 -117.40
CA GLU QA 296 -11.25 94.26 -116.73
C GLU QA 296 -10.66 94.07 -115.33
N LEU QA 297 -9.34 94.23 -115.17
CA LEU QA 297 -8.65 93.95 -113.89
C LEU QA 297 -9.20 94.82 -112.75
N ILE QA 298 -9.42 94.23 -111.57
CA ILE QA 298 -9.87 94.97 -110.35
C ILE QA 298 -8.64 94.96 -109.42
N PRO QA 299 -7.82 96.02 -109.39
CA PRO QA 299 -6.55 96.00 -108.67
C PRO QA 299 -6.82 95.95 -107.18
N LEU QA 300 -5.91 95.36 -106.39
CA LEU QA 300 -6.09 95.23 -104.92
C LEU QA 300 -5.21 96.27 -104.21
N THR QA 301 -5.82 97.28 -103.58
CA THR QA 301 -5.10 98.36 -102.88
C THR QA 301 -5.39 98.27 -101.39
N ASN QA 302 -6.17 97.27 -100.96
CA ASN QA 302 -6.47 97.05 -99.55
C ASN QA 302 -6.32 95.55 -99.22
N THR QA 303 -5.78 95.20 -98.06
CA THR QA 303 -5.98 93.84 -97.50
C THR QA 303 -6.85 93.82 -96.24
N GLN QA 304 -6.96 94.97 -95.55
CA GLN QA 304 -7.62 95.09 -94.23
C GLN QA 304 -9.15 94.91 -94.24
N ASP QA 305 -9.80 94.90 -95.40
CA ASP QA 305 -11.30 94.82 -95.42
C ASP QA 305 -11.83 93.56 -96.09
N TYR QA 306 -13.10 93.23 -95.82
CA TYR QA 306 -13.79 92.13 -96.50
C TYR QA 306 -14.25 92.49 -97.92
N VAL QA 307 -14.11 93.77 -98.33
CA VAL QA 307 -14.70 94.30 -99.56
C VAL QA 307 -14.21 93.57 -100.82
N GLN QA 308 -15.14 93.25 -101.73
CA GLN QA 308 -14.87 92.58 -103.01
C GLN QA 308 -14.24 93.51 -104.05
N GLY QA 309 -14.51 94.81 -103.94
CA GLY QA 309 -14.28 95.77 -105.01
C GLY QA 309 -15.38 95.67 -106.07
N PHE QA 310 -15.18 96.33 -107.21
CA PHE QA 310 -16.07 96.25 -108.36
C PHE QA 310 -15.31 96.59 -109.66
N ASP QA 311 -15.91 96.22 -110.79
CA ASP QA 311 -15.34 96.42 -112.12
C ASP QA 311 -15.49 97.86 -112.63
N TRP QA 312 -14.62 98.29 -113.54
CA TRP QA 312 -14.65 99.62 -114.18
C TRP QA 312 -15.96 99.90 -114.92
N THR QA 313 -16.69 98.86 -115.34
CA THR QA 313 -18.05 99.01 -115.90
C THR QA 313 -19.05 99.64 -114.91
N GLU QA 314 -18.75 99.68 -113.61
CA GLU QA 314 -19.56 100.36 -112.59
C GLU QA 314 -19.05 101.78 -112.26
N LYS QA 315 -18.16 102.35 -113.08
CA LYS QA 315 -17.68 103.74 -112.99
C LYS QA 315 -18.82 104.74 -112.71
N ASP QA 316 -19.90 104.64 -113.47
CA ASP QA 316 -21.06 105.53 -113.35
C ASP QA 316 -21.97 105.24 -112.14
N LYS QA 317 -21.83 104.09 -111.47
CA LYS QA 317 -22.58 103.79 -110.23
C LYS QA 317 -21.96 104.43 -108.99
N HIS QA 318 -20.63 104.67 -109.03
CA HIS QA 318 -19.86 105.28 -107.91
C HIS QA 318 -19.27 106.63 -108.34
N ASN QA 319 -19.85 107.29 -109.34
CA ASN QA 319 -19.46 108.64 -109.80
C ASN QA 319 -17.95 108.78 -110.00
N ILE QA 320 -17.28 107.71 -110.44
CA ILE QA 320 -15.84 107.66 -110.63
C ILE QA 320 -15.43 108.51 -111.83
N THR QA 321 -14.44 109.38 -111.64
CA THR QA 321 -13.91 110.24 -112.71
C THR QA 321 -12.57 109.76 -113.27
N THR QA 322 -11.79 108.99 -112.50
CA THR QA 322 -10.43 108.57 -112.87
C THR QA 322 -10.11 107.17 -112.36
N TYR QA 323 -9.08 106.54 -112.92
CA TYR QA 323 -8.56 105.28 -112.37
C TYR QA 323 -8.08 105.43 -110.91
N LYS QA 324 -7.64 106.62 -110.48
CA LYS QA 324 -7.35 106.93 -109.07
C LYS QA 324 -8.58 106.73 -108.17
N GLU QA 325 -9.75 107.19 -108.59
CA GLU QA 325 -11.01 106.93 -107.88
C GLU QA 325 -11.50 105.47 -108.04
N PHE QA 326 -11.19 104.80 -109.16
CA PHE QA 326 -11.44 103.37 -109.30
C PHE QA 326 -10.59 102.55 -108.31
N LEU QA 327 -9.30 102.87 -108.16
CA LEU QA 327 -8.39 102.28 -107.16
C LEU QA 327 -8.92 102.46 -105.73
N THR QA 328 -9.41 103.65 -105.36
CA THR QA 328 -9.83 103.89 -103.98
C THR QA 328 -11.23 103.35 -103.69
N LYS QA 329 -12.20 103.52 -104.60
CA LYS QA 329 -13.56 103.02 -104.37
C LYS QA 329 -13.74 101.54 -104.71
N GLY QA 330 -13.10 101.06 -105.78
CA GLY QA 330 -13.43 99.78 -106.44
C GLY QA 330 -12.41 98.66 -106.29
N ALA QA 331 -11.26 98.89 -105.63
CA ALA QA 331 -10.30 97.82 -105.40
C ALA QA 331 -10.84 96.70 -104.49
N GLY QA 332 -10.44 95.45 -104.76
CA GLY QA 332 -10.91 94.25 -104.06
C GLY QA 332 -9.89 93.70 -103.07
N ASN QA 333 -10.32 93.18 -101.93
CA ASN QA 333 -9.38 92.53 -101.01
C ASN QA 333 -9.16 91.08 -101.49
N PRO QA 334 -7.91 90.57 -101.58
CA PRO QA 334 -7.63 89.28 -102.18
C PRO QA 334 -8.24 88.11 -101.41
N PHE QA 335 -8.54 88.32 -100.13
CA PHE QA 335 -9.13 87.35 -99.22
C PHE QA 335 -10.66 87.42 -99.17
N HIS QA 336 -11.33 88.19 -100.03
CA HIS QA 336 -12.79 88.12 -100.18
C HIS QA 336 -13.20 86.72 -100.65
N ALA QA 337 -14.42 86.27 -100.33
CA ALA QA 337 -14.87 84.89 -100.52
C ALA QA 337 -14.80 84.37 -101.97
N GLU QA 338 -14.79 85.24 -102.98
CA GLU QA 338 -14.58 84.82 -104.38
C GLU QA 338 -13.10 84.91 -104.82
N TRP QA 339 -12.32 85.87 -104.33
CA TRP QA 339 -10.91 86.00 -104.69
C TRP QA 339 -9.99 85.03 -103.92
N ILE QA 340 -10.35 84.66 -102.69
CA ILE QA 340 -9.55 83.79 -101.80
C ILE QA 340 -9.22 82.43 -102.43
N THR QA 341 -10.17 81.85 -103.16
CA THR QA 341 -10.04 80.59 -103.91
C THR QA 341 -10.19 80.79 -105.42
N ALA QA 342 -10.16 82.05 -105.89
CA ALA QA 342 -10.35 82.44 -107.29
C ALA QA 342 -11.59 81.79 -107.94
N GLN QA 343 -12.73 81.81 -107.23
CA GLN QA 343 -14.02 81.38 -107.78
C GLN QA 343 -14.34 82.12 -109.07
N ASN QA 344 -14.09 83.44 -109.07
CA ASN QA 344 -13.94 84.27 -110.27
C ASN QA 344 -12.43 84.49 -110.49
N PRO QA 345 -11.93 84.44 -111.74
CA PRO QA 345 -10.49 84.42 -112.00
C PRO QA 345 -9.70 85.56 -111.33
N VAL QA 346 -8.49 85.24 -110.90
CA VAL QA 346 -7.52 86.14 -110.26
C VAL QA 346 -6.20 86.02 -111.00
N ILE QA 347 -5.60 87.15 -111.32
CA ILE QA 347 -4.45 87.27 -112.19
C ILE QA 347 -3.24 87.78 -111.40
N HIS QA 348 -2.12 87.07 -111.46
CA HIS QA 348 -0.86 87.43 -110.80
C HIS QA 348 0.12 87.99 -111.85
N THR QA 349 0.80 89.10 -111.58
CA THR QA 349 1.69 89.76 -112.54
C THR QA 349 2.81 90.56 -111.86
N ALA QA 350 3.92 90.77 -112.56
CA ALA QA 350 4.94 91.73 -112.16
C ALA QA 350 4.50 93.19 -112.43
N ASN QA 351 3.49 93.42 -113.28
CA ASN QA 351 3.12 94.77 -113.68
C ASN QA 351 2.40 95.52 -112.55
N SER QA 352 3.08 96.52 -111.98
CA SER QA 352 2.53 97.31 -110.88
C SER QA 352 1.30 98.12 -111.31
N PRO QA 353 0.28 98.27 -110.45
CA PRO QA 353 -0.85 99.13 -110.71
C PRO QA 353 -0.45 100.55 -111.12
N THR QA 354 0.67 101.07 -110.62
CA THR QA 354 1.15 102.41 -111.01
C THR QA 354 1.64 102.48 -112.46
N GLN QA 355 2.13 101.39 -113.04
CA GLN QA 355 2.35 101.37 -114.49
C GLN QA 355 1.01 101.39 -115.24
N ILE QA 356 -0.01 100.66 -114.74
CA ILE QA 356 -1.37 100.76 -115.27
C ILE QA 356 -1.96 102.17 -115.06
N GLU QA 357 -1.68 102.85 -113.94
CA GLU QA 357 -2.06 104.25 -113.70
C GLU QA 357 -1.45 105.13 -114.78
N GLN QA 358 -0.16 104.98 -115.07
CA GLN QA 358 0.50 105.75 -116.13
C GLN QA 358 -0.17 105.49 -117.49
N ILE QA 359 -0.54 104.25 -117.83
CA ILE QA 359 -1.24 103.97 -119.09
C ILE QA 359 -2.64 104.61 -119.11
N TYR QA 360 -3.43 104.49 -118.03
CA TYR QA 360 -4.74 105.16 -117.93
C TYR QA 360 -4.62 106.69 -118.00
N THR QA 361 -3.82 107.27 -117.12
CA THR QA 361 -3.70 108.73 -116.95
C THR QA 361 -3.07 109.37 -118.18
N ALA QA 362 -2.11 108.72 -118.84
CA ALA QA 362 -1.56 109.22 -120.10
C ALA QA 362 -2.64 109.37 -121.18
N SER QA 363 -3.53 108.38 -121.32
CA SER QA 363 -4.79 108.56 -122.07
C SER QA 363 -5.86 107.51 -121.70
N THR QA 364 -6.98 108.01 -121.18
CA THR QA 364 -8.16 107.19 -120.81
C THR QA 364 -8.81 106.53 -122.02
N THR QA 365 -8.73 107.17 -123.19
CA THR QA 365 -9.24 106.62 -124.46
C THR QA 365 -8.42 105.42 -124.93
N THR QA 366 -7.10 105.38 -124.68
CA THR QA 366 -6.28 104.20 -125.00
C THR QA 366 -6.32 103.13 -123.91
N PHE QA 367 -6.85 103.40 -122.72
CA PHE QA 367 -7.14 102.38 -121.71
C PHE QA 367 -8.22 101.39 -122.19
N GLN QA 368 -9.18 101.86 -122.99
CA GLN QA 368 -10.14 101.02 -123.71
C GLN QA 368 -9.42 100.10 -124.73
N ASN QA 369 -8.45 100.64 -125.47
CA ASN QA 369 -7.75 99.91 -126.53
C ASN QA 369 -6.74 98.90 -125.98
N LYS QA 370 -5.97 99.25 -124.94
CA LYS QA 370 -4.90 98.41 -124.40
C LYS QA 370 -5.46 97.14 -123.74
N LYS QA 371 -4.80 96.02 -124.03
CA LYS QA 371 -5.02 94.69 -123.44
C LYS QA 371 -3.80 94.26 -122.63
N LEU QA 372 -3.84 93.06 -122.05
CA LEU QA 372 -2.72 92.46 -121.32
C LEU QA 372 -1.50 92.14 -122.23
N THR QA 373 -1.69 92.04 -123.54
CA THR QA 373 -0.59 92.10 -124.52
C THR QA 373 0.12 93.46 -124.51
N ASP QA 374 1.42 93.47 -124.79
CA ASP QA 374 2.24 94.68 -124.94
C ASP QA 374 2.21 95.64 -123.72
N LEU QA 375 1.92 95.12 -122.53
CA LEU QA 375 2.06 95.87 -121.28
C LEU QA 375 3.48 95.82 -120.73
N PRO QA 376 3.88 96.79 -119.89
CA PRO QA 376 5.17 96.72 -119.20
C PRO QA 376 5.20 95.52 -118.24
N THR QA 377 6.36 94.86 -118.13
CA THR QA 377 6.59 93.65 -117.30
C THR QA 377 5.36 92.73 -117.22
N PRO QA 378 4.85 92.19 -118.35
CA PRO QA 378 3.59 91.45 -118.33
C PRO QA 378 3.65 89.96 -118.00
N GLY QA 379 3.87 89.62 -116.73
CA GLY QA 379 3.87 88.22 -116.29
C GLY QA 379 2.48 87.82 -115.87
N TYR QA 380 1.46 88.17 -116.67
CA TYR QA 380 0.04 87.87 -116.34
C TYR QA 380 -0.17 86.36 -116.35
N ILE QA 381 -0.52 85.76 -115.20
CA ILE QA 381 -0.74 84.29 -115.06
C ILE QA 381 -2.08 84.09 -114.35
N PHE QA 382 -2.57 82.86 -114.18
CA PHE QA 382 -3.81 82.60 -113.37
C PHE QA 382 -3.38 81.88 -112.10
N ILE QA 383 -3.37 82.57 -110.95
CA ILE QA 383 -2.88 82.00 -109.67
C ILE QA 383 -3.98 82.11 -108.61
N THR QA 384 -4.13 81.08 -107.77
CA THR QA 384 -5.12 81.06 -106.69
C THR QA 384 -4.44 81.37 -105.35
N PRO QA 385 -4.91 82.34 -104.54
CA PRO QA 385 -4.30 82.65 -103.24
C PRO QA 385 -4.35 81.47 -102.26
N THR QA 386 -5.39 80.64 -102.35
CA THR QA 386 -5.55 79.41 -101.55
C THR QA 386 -5.28 78.15 -102.37
N VAL QA 387 -4.67 77.16 -101.75
CA VAL QA 387 -4.67 75.76 -102.19
C VAL QA 387 -5.24 74.87 -101.07
N SER QA 388 -5.91 73.78 -101.44
CA SER QA 388 -6.38 72.77 -100.50
C SER QA 388 -5.47 71.54 -100.55
N LEU QA 389 -4.92 71.14 -99.40
CA LEU QA 389 -4.12 69.95 -99.22
C LEU QA 389 -4.97 68.83 -98.61
N ARG QA 390 -4.59 67.57 -98.83
CA ARG QA 390 -5.12 66.41 -98.10
C ARG QA 390 -4.06 65.88 -97.14
N TYR QA 391 -4.42 65.71 -95.88
CA TYR QA 391 -3.58 65.14 -94.83
C TYR QA 391 -4.18 63.81 -94.36
N ASN QA 392 -3.34 62.79 -94.22
CA ASN QA 392 -3.73 61.51 -93.67
C ASN QA 392 -2.85 61.23 -92.43
N PRO QA 393 -3.43 61.07 -91.22
CA PRO QA 393 -2.63 60.90 -90.01
C PRO QA 393 -1.86 59.57 -89.99
N TYR QA 394 -2.38 58.55 -90.66
CA TYR QA 394 -1.75 57.20 -90.67
C TYR QA 394 -0.58 57.20 -91.65
N LYS QA 395 -0.52 58.17 -92.56
CA LYS QA 395 0.57 58.28 -93.55
C LYS QA 395 1.65 59.23 -93.03
N ASP QA 396 1.51 59.72 -91.79
CA ASP QA 396 2.45 60.71 -91.21
C ASP QA 396 3.55 60.02 -90.39
N LEU QA 397 4.83 60.26 -90.71
CA LEU QA 397 5.95 59.59 -90.05
C LEU QA 397 6.77 60.54 -89.17
N ALA QA 398 6.42 61.83 -89.13
CA ALA QA 398 7.06 62.81 -88.24
C ALA QA 398 8.58 62.96 -88.40
N GLU QA 399 9.17 62.69 -89.56
CA GLU QA 399 10.63 62.74 -89.74
C GLU QA 399 11.16 64.17 -89.92
N ARG QA 400 10.36 65.06 -90.52
CA ARG QA 400 10.72 66.47 -90.80
C ARG QA 400 9.57 67.44 -90.50
N ASN QA 401 8.68 67.03 -89.60
CA ASN QA 401 7.59 67.87 -89.11
C ASN QA 401 8.10 69.00 -88.22
N LYS QA 402 7.48 70.17 -88.29
CA LYS QA 402 7.93 71.40 -87.61
C LYS QA 402 6.78 72.38 -87.47
N CYS QA 403 6.82 73.28 -86.50
CA CYS QA 403 5.71 74.20 -86.19
C CYS QA 403 6.21 75.42 -85.41
N TYR QA 404 5.80 76.63 -85.79
CA TYR QA 404 6.18 77.88 -85.13
C TYR QA 404 5.27 79.06 -85.50
N PHE QA 405 5.35 80.16 -84.74
CA PHE QA 405 4.62 81.39 -85.02
C PHE QA 405 5.53 82.47 -85.61
N VAL QA 406 5.05 83.17 -86.63
CA VAL QA 406 5.70 84.34 -87.26
C VAL QA 406 4.83 85.57 -87.08
N ARG QA 407 5.42 86.77 -87.09
CA ARG QA 407 4.73 88.05 -86.89
C ARG QA 407 3.91 88.40 -88.14
N SER QA 408 2.59 88.59 -88.02
CA SER QA 408 1.72 88.89 -89.16
C SER QA 408 1.77 90.37 -89.57
N LYS QA 409 1.54 91.30 -88.63
CA LYS QA 409 1.69 92.75 -88.85
C LYS QA 409 3.13 93.23 -88.67
N ILE QA 410 4.04 92.81 -89.56
CA ILE QA 410 5.35 93.45 -89.73
C ILE QA 410 5.76 93.48 -91.19
N ASN QA 411 6.65 94.41 -91.53
CA ASN QA 411 7.21 94.56 -92.88
C ASN QA 411 8.41 93.63 -93.10
N ALA QA 412 8.21 92.31 -93.01
CA ALA QA 412 9.26 91.31 -93.23
C ALA QA 412 8.81 90.20 -94.20
N HIS QA 413 9.69 89.89 -95.14
CA HIS QA 413 9.43 88.91 -96.20
C HIS QA 413 9.61 87.47 -95.72
N GLY QA 414 8.89 86.54 -96.35
CA GLY QA 414 9.13 85.11 -96.21
C GLY QA 414 8.60 84.49 -94.92
N TRP QA 415 8.71 83.16 -94.85
CA TRP QA 415 8.06 82.30 -93.86
C TRP QA 415 9.03 81.53 -92.96
N ASP QA 416 10.34 81.77 -93.09
CA ASP QA 416 11.35 80.99 -92.33
C ASP QA 416 11.08 81.09 -90.82
N PRO QA 417 11.44 80.07 -90.00
CA PRO QA 417 11.28 80.18 -88.56
C PRO QA 417 12.06 81.41 -88.11
N GLU QA 418 11.43 82.28 -87.34
CA GLU QA 418 12.06 83.56 -86.92
C GLU QA 418 11.78 83.84 -85.44
N GLN QA 419 12.36 84.90 -84.89
CA GLN QA 419 12.15 85.28 -83.47
C GLN QA 419 12.61 84.11 -82.57
N HIS QA 420 11.73 83.57 -81.72
CA HIS QA 420 12.12 82.50 -80.75
C HIS QA 420 12.41 81.20 -81.50
N GLN QA 421 13.67 80.73 -81.45
CA GLN QA 421 14.06 79.45 -82.08
C GLN QA 421 13.91 78.34 -81.02
N GLU QA 422 13.81 78.71 -79.74
CA GLU QA 422 13.53 77.72 -78.70
C GLU QA 422 12.03 77.32 -78.63
N LEU QA 423 11.14 78.14 -79.21
CA LEU QA 423 9.72 77.85 -79.29
C LEU QA 423 9.33 76.98 -80.49
N ILE QA 424 10.24 76.75 -81.43
CA ILE QA 424 9.99 75.82 -82.54
C ILE QA 424 9.71 74.43 -81.98
N ASN QA 425 8.59 73.81 -82.44
CA ASN QA 425 8.16 72.45 -82.02
C ASN QA 425 8.39 71.50 -83.21
N SER QA 426 9.13 70.41 -83.05
CA SER QA 426 9.59 69.55 -84.15
C SER QA 426 9.41 68.06 -83.87
N ASP QA 427 9.39 67.25 -84.93
CA ASP QA 427 9.55 65.79 -84.88
C ASP QA 427 8.46 65.00 -84.11
N LEU QA 428 7.21 65.44 -84.20
CA LEU QA 428 6.03 64.68 -83.78
C LEU QA 428 5.00 64.70 -84.91
N PRO QA 429 4.10 63.71 -85.02
CA PRO QA 429 3.06 63.75 -86.06
C PRO QA 429 2.16 64.97 -85.85
N GLN QA 430 1.73 65.64 -86.93
CA GLN QA 430 0.99 66.94 -86.87
C GLN QA 430 -0.20 66.99 -85.90
N TRP QA 431 -0.94 65.91 -85.69
CA TRP QA 431 -2.02 65.85 -84.71
C TRP QA 431 -1.51 65.88 -83.26
N LEU QA 432 -0.29 65.41 -82.99
CA LEU QA 432 0.36 65.55 -81.70
C LEU QA 432 1.17 66.85 -81.60
N LEU QA 433 1.83 67.26 -82.67
CA LEU QA 433 2.65 68.45 -82.71
C LEU QA 433 1.85 69.74 -82.47
N LEU QA 434 0.64 69.84 -83.03
CA LEU QA 434 -0.21 71.03 -82.90
C LEU QA 434 -0.99 71.04 -81.58
N PHE QA 435 -1.22 69.91 -80.92
CA PHE QA 435 -2.13 69.83 -79.79
C PHE QA 435 -1.64 70.69 -78.61
N GLY QA 436 -2.41 71.70 -78.22
CA GLY QA 436 -2.05 72.60 -77.13
C GLY QA 436 -0.85 73.51 -77.39
N TYR QA 437 -0.22 73.46 -78.55
CA TYR QA 437 0.95 74.28 -78.85
C TYR QA 437 0.64 75.80 -78.85
N PRO QA 438 -0.44 76.30 -79.47
CA PRO QA 438 -0.84 77.69 -79.34
C PRO QA 438 -1.05 78.15 -77.91
N ASP QA 439 -1.63 77.32 -77.05
CA ASP QA 439 -1.83 77.67 -75.64
C ASP QA 439 -0.53 77.66 -74.84
N TYR QA 440 0.40 76.74 -75.12
CA TYR QA 440 1.74 76.82 -74.54
C TYR QA 440 2.41 78.15 -74.91
N ILE QA 441 2.28 78.58 -76.16
CA ILE QA 441 2.86 79.84 -76.63
C ILE QA 441 2.19 81.04 -75.95
N LYS QA 442 0.86 81.08 -75.88
CA LYS QA 442 0.13 82.12 -75.14
C LYS QA 442 0.53 82.19 -73.68
N ARG QA 443 0.58 81.05 -72.98
CA ARG QA 443 0.94 81.00 -71.53
C ARG QA 443 2.42 81.39 -71.35
N THR QA 444 3.28 81.10 -72.33
CA THR QA 444 4.69 81.50 -72.28
C THR QA 444 4.86 83.03 -72.37
N GLN QA 445 3.94 83.74 -73.04
CA GLN QA 445 3.94 85.23 -73.07
C GLN QA 445 5.20 85.83 -73.72
N ASN QA 446 5.95 85.07 -74.50
CA ASN QA 446 7.12 85.56 -75.24
C ASN QA 446 6.75 86.28 -76.55
N PHE QA 447 5.47 86.34 -76.92
CA PHE QA 447 4.94 87.05 -78.07
C PHE QA 447 3.86 88.05 -77.66
N ALA QA 448 3.67 89.11 -78.44
CA ALA QA 448 2.56 90.04 -78.23
C ALA QA 448 1.22 89.30 -78.35
N LEU QA 449 0.38 89.42 -77.33
CA LEU QA 449 -0.60 88.39 -77.00
C LEU QA 449 -1.71 88.19 -78.04
N VAL QA 450 -2.01 89.21 -78.84
CA VAL QA 450 -3.23 89.22 -79.65
C VAL QA 450 -3.14 88.31 -80.89
N ASP QA 451 -4.20 87.52 -81.12
CA ASP QA 451 -4.23 86.53 -82.25
C ASP QA 451 -4.02 87.20 -83.61
N THR QA 452 -4.36 88.49 -83.74
CA THR QA 452 -4.26 89.19 -85.03
C THR QA 452 -2.83 89.52 -85.45
N ASN QA 453 -1.86 89.43 -84.53
CA ASN QA 453 -0.51 89.92 -84.78
C ASN QA 453 0.49 88.79 -85.10
N TYR QA 454 0.05 87.55 -85.13
CA TYR QA 454 0.88 86.39 -85.46
C TYR QA 454 0.14 85.44 -86.41
N ILE QA 455 0.91 84.62 -87.12
CA ILE QA 455 0.46 83.49 -87.93
C ILE QA 455 1.19 82.25 -87.44
N LEU QA 456 0.49 81.13 -87.39
CA LEU QA 456 1.04 79.80 -87.22
C LEU QA 456 1.41 79.20 -88.59
N VAL QA 457 2.63 78.68 -88.65
CA VAL QA 457 3.28 78.13 -89.85
C VAL QA 457 3.79 76.74 -89.51
N ASP QA 458 3.58 75.73 -90.36
CA ASP QA 458 4.08 74.38 -90.09
C ASP QA 458 4.61 73.69 -91.35
N HIS QA 459 5.62 72.84 -91.19
CA HIS QA 459 6.17 72.00 -92.25
C HIS QA 459 5.72 70.56 -92.04
N CYS QA 460 5.28 69.90 -93.11
CA CYS QA 460 4.86 68.50 -93.09
C CYS QA 460 5.08 67.87 -94.47
N PRO QA 461 6.04 66.96 -94.63
CA PRO QA 461 6.25 66.21 -95.87
C PRO QA 461 5.06 65.38 -96.35
N TYR QA 462 4.09 65.08 -95.48
CA TYR QA 462 3.18 63.95 -95.63
C TYR QA 462 1.79 64.28 -96.17
N THR QA 463 1.50 65.55 -96.51
CA THR QA 463 0.34 65.84 -97.36
C THR QA 463 0.59 65.34 -98.78
N ASN QA 464 -0.47 64.93 -99.49
CA ASN QA 464 -0.33 64.33 -100.82
C ASN QA 464 0.11 65.35 -101.89
N PRO QA 465 -0.59 66.48 -102.08
CA PRO QA 465 0.04 67.71 -102.58
C PRO QA 465 0.89 68.33 -101.48
N GLU QA 466 1.77 69.28 -101.81
CA GLU QA 466 2.62 69.95 -100.83
C GLU QA 466 2.75 71.44 -101.08
N LYS QA 467 3.10 72.17 -100.02
CA LYS QA 467 3.66 73.52 -100.02
C LYS QA 467 4.76 73.55 -98.96
N THR QA 468 5.86 74.29 -99.19
CA THR QA 468 7.07 74.16 -98.37
C THR QA 468 6.78 74.40 -96.89
N PRO QA 469 6.32 75.58 -96.44
CA PRO QA 469 5.47 75.70 -95.26
C PRO QA 469 3.99 75.62 -95.65
N PHE QA 470 3.17 75.41 -94.61
CA PHE QA 470 1.70 75.50 -94.74
C PHE QA 470 1.26 76.69 -93.92
N ILE QA 471 0.26 77.44 -94.34
CA ILE QA 471 -0.31 78.54 -93.51
C ILE QA 471 -1.77 78.14 -93.29
N PRO QA 472 -2.10 77.16 -92.42
CA PRO QA 472 -3.46 76.66 -92.34
C PRO QA 472 -4.48 77.81 -92.21
N LEU QA 473 -5.62 77.71 -92.88
CA LEU QA 473 -6.72 78.67 -92.77
C LEU QA 473 -8.03 77.93 -92.55
N SER QA 474 -8.87 78.45 -91.66
CA SER QA 474 -10.15 77.81 -91.36
C SER QA 474 -11.14 77.98 -92.50
N THR QA 475 -12.03 77.01 -92.66
CA THR QA 475 -13.12 77.04 -93.64
C THR QA 475 -13.95 78.32 -93.52
N SER QA 476 -14.13 78.87 -92.32
CA SER QA 476 -14.80 80.16 -92.11
C SER QA 476 -14.09 81.32 -92.83
N PHE QA 477 -12.77 81.44 -92.76
CA PHE QA 477 -12.02 82.48 -93.48
C PHE QA 477 -11.97 82.24 -94.99
N ILE QA 478 -11.90 80.98 -95.40
CA ILE QA 478 -12.00 80.56 -96.81
C ILE QA 478 -13.41 80.77 -97.38
N GLU QA 479 -14.43 80.92 -96.53
CA GLU QA 479 -15.83 81.19 -96.90
C GLU QA 479 -16.30 82.60 -96.51
N GLY QA 480 -15.42 83.50 -96.06
CA GLY QA 480 -15.82 84.87 -95.76
C GLY QA 480 -16.74 85.01 -94.55
N ARG QA 481 -16.34 84.45 -93.40
CA ARG QA 481 -17.19 84.45 -92.18
C ARG QA 481 -16.32 84.56 -90.92
N SER QA 482 -16.88 85.06 -89.81
CA SER QA 482 -16.14 85.25 -88.55
C SER QA 482 -15.64 83.91 -87.96
N PRO QA 483 -14.54 83.90 -87.17
CA PRO QA 483 -13.83 82.69 -86.75
C PRO QA 483 -14.67 81.53 -86.20
N TYR QA 484 -15.72 81.84 -85.42
CA TYR QA 484 -16.67 80.86 -84.86
C TYR QA 484 -18.13 81.27 -85.13
N SER QA 485 -18.44 81.72 -86.34
CA SER QA 485 -19.79 82.14 -86.74
C SER QA 485 -20.51 81.07 -87.57
N PRO QA 486 -21.82 80.83 -87.37
CA PRO QA 486 -22.55 79.78 -88.04
C PRO QA 486 -22.62 79.98 -89.56
N SER QA 487 -22.56 78.88 -90.30
CA SER QA 487 -22.44 78.83 -91.77
C SER QA 487 -23.57 79.53 -92.55
N ASP QA 488 -24.71 79.83 -91.91
CA ASP QA 488 -25.81 80.58 -92.56
C ASP QA 488 -25.34 82.00 -92.89
N THR QA 489 -24.34 82.49 -92.17
CA THR QA 489 -23.74 83.82 -92.36
C THR QA 489 -22.80 83.82 -93.58
N HIS QA 490 -22.79 84.91 -94.36
CA HIS QA 490 -21.92 85.04 -95.58
C HIS QA 490 -21.12 86.34 -95.54
N GLU QA 491 -20.88 86.92 -94.36
CA GLU QA 491 -20.05 88.10 -94.14
C GLU QA 491 -19.41 88.04 -92.74
N PRO QA 492 -18.21 88.61 -92.53
CA PRO QA 492 -17.71 88.86 -91.18
C PRO QA 492 -18.62 89.83 -90.41
N ASP QA 493 -18.64 89.73 -89.08
CA ASP QA 493 -19.16 90.77 -88.18
C ASP QA 493 -18.22 92.00 -88.19
N GLU QA 494 -18.69 93.20 -87.85
CA GLU QA 494 -17.97 94.47 -88.11
C GLU QA 494 -16.49 94.48 -87.65
N GLU QA 495 -16.20 93.92 -86.48
CA GLU QA 495 -14.83 93.85 -85.96
C GLU QA 495 -13.93 92.87 -86.74
N ASP QA 496 -14.51 91.85 -87.38
CA ASP QA 496 -13.84 90.97 -88.34
C ASP QA 496 -13.97 91.46 -89.80
N GLN QA 497 -14.87 92.41 -90.11
CA GLN QA 497 -14.84 93.11 -91.40
C GLN QA 497 -13.59 93.99 -91.48
N ASN QA 498 -13.24 94.64 -90.36
CA ASN QA 498 -11.89 95.14 -90.12
C ASN QA 498 -10.92 93.96 -89.84
N ARG QA 499 -9.64 94.25 -90.09
CA ARG QA 499 -8.55 93.27 -89.85
C ARG QA 499 -8.82 91.96 -90.61
N TRP QA 500 -9.42 92.02 -91.81
CA TRP QA 500 -9.75 90.82 -92.63
C TRP QA 500 -8.51 90.36 -93.40
N TYR QA 501 -7.53 89.81 -92.69
CA TYR QA 501 -6.25 89.34 -93.26
C TYR QA 501 -5.72 88.11 -92.51
N PRO QA 502 -4.84 87.30 -93.12
CA PRO QA 502 -4.27 86.12 -92.48
C PRO QA 502 -3.65 86.38 -91.09
N CYS QA 503 -4.19 85.72 -90.07
CA CYS QA 503 -3.66 85.73 -88.70
C CYS QA 503 -4.23 84.54 -87.92
N TYR QA 504 -3.61 84.20 -86.79
CA TYR QA 504 -3.91 83.03 -85.98
C TYR QA 504 -5.41 82.92 -85.60
N GLN QA 505 -6.09 84.06 -85.43
CA GLN QA 505 -7.55 84.05 -85.10
C GLN QA 505 -8.36 83.31 -86.17
N TYR QA 506 -7.98 83.40 -87.44
CA TYR QA 506 -8.64 82.69 -88.52
C TYR QA 506 -8.08 81.28 -88.76
N GLN QA 507 -6.97 80.90 -88.14
CA GLN QA 507 -6.38 79.56 -88.29
C GLN QA 507 -6.92 78.54 -87.28
N GLN QA 508 -7.54 78.98 -86.20
CA GLN QA 508 -7.85 78.14 -85.03
C GLN QA 508 -8.63 76.87 -85.36
N GLU QA 509 -9.71 76.96 -86.14
CA GLU QA 509 -10.52 75.79 -86.46
C GLU QA 509 -9.77 74.79 -87.35
N SER QA 510 -8.88 75.25 -88.23
CA SER QA 510 -8.07 74.35 -89.07
C SER QA 510 -7.09 73.51 -88.25
N ILE QA 511 -6.38 74.09 -87.28
CA ILE QA 511 -5.46 73.30 -86.46
C ILE QA 511 -6.21 72.43 -85.44
N ASN QA 512 -7.39 72.85 -84.99
CA ASN QA 512 -8.25 71.95 -84.23
C ASN QA 512 -8.68 70.76 -85.07
N SER QA 513 -9.04 70.98 -86.35
CA SER QA 513 -9.41 69.91 -87.27
C SER QA 513 -8.26 68.92 -87.53
N ILE QA 514 -7.02 69.41 -87.64
CA ILE QA 514 -5.84 68.54 -87.70
C ILE QA 514 -5.66 67.74 -86.41
N CYS QA 515 -5.83 68.35 -85.23
CA CYS QA 515 -5.77 67.62 -83.96
C CYS QA 515 -6.88 66.56 -83.83
N LEU QA 516 -8.10 66.86 -84.29
CA LEU QA 516 -9.21 65.91 -84.36
C LEU QA 516 -8.93 64.72 -85.27
N SER QA 517 -8.00 64.82 -86.22
CA SER QA 517 -7.58 63.65 -86.99
C SER QA 517 -6.79 62.65 -86.14
N GLY QA 518 -6.21 63.07 -85.02
CA GLY QA 518 -5.46 62.20 -84.12
C GLY QA 518 -6.35 61.29 -83.26
N PRO QA 519 -5.79 60.19 -82.74
CA PRO QA 519 -6.53 59.22 -81.95
C PRO QA 519 -6.98 59.73 -80.58
N GLY QA 520 -8.01 59.11 -80.03
CA GLY QA 520 -8.60 59.40 -78.72
C GLY QA 520 -9.49 60.64 -78.67
N THR QA 521 -9.48 61.50 -79.69
CA THR QA 521 -10.25 62.74 -79.69
C THR QA 521 -11.77 62.45 -79.79
N PRO QA 522 -12.61 63.03 -78.91
CA PRO QA 522 -14.01 62.66 -78.80
C PRO QA 522 -14.90 63.16 -79.95
N LYS QA 523 -16.04 62.51 -80.12
CA LYS QA 523 -17.15 62.92 -80.99
C LYS QA 523 -18.21 63.63 -80.14
N ILE QA 524 -18.46 64.91 -80.39
CA ILE QA 524 -19.49 65.68 -79.67
C ILE QA 524 -20.47 66.26 -80.69
N PRO QA 525 -21.77 65.94 -80.64
CA PRO QA 525 -22.75 66.51 -81.56
C PRO QA 525 -22.77 68.04 -81.53
N LYS QA 526 -22.96 68.68 -82.69
CA LYS QA 526 -23.04 70.15 -82.75
C LYS QA 526 -24.19 70.68 -81.91
N GLY QA 527 -23.92 71.74 -81.13
CA GLY QA 527 -24.86 72.32 -80.17
C GLY QA 527 -24.87 71.65 -78.79
N ILE QA 528 -24.09 70.58 -78.56
CA ILE QA 528 -23.90 69.97 -77.24
C ILE QA 528 -22.55 70.40 -76.68
N THR QA 529 -22.52 70.78 -75.40
CA THR QA 529 -21.28 71.05 -74.65
C THR QA 529 -21.06 69.91 -73.68
N ALA QA 530 -19.93 69.22 -73.79
CA ALA QA 530 -19.52 68.23 -72.82
C ALA QA 530 -18.81 68.91 -71.65
N GLU QA 531 -18.94 68.38 -70.45
CA GLU QA 531 -18.43 69.00 -69.21
C GLU QA 531 -17.85 67.90 -68.31
N ALA QA 532 -16.92 68.26 -67.44
CA ALA QA 532 -16.46 67.38 -66.36
C ALA QA 532 -16.23 68.18 -65.09
N LYS QA 533 -16.43 67.55 -63.94
CA LYS QA 533 -16.25 68.18 -62.62
C LYS QA 533 -15.60 67.24 -61.63
N VAL QA 534 -14.89 67.83 -60.68
CA VAL QA 534 -14.37 67.16 -59.49
C VAL QA 534 -14.96 67.84 -58.26
N LYS QA 535 -15.24 67.08 -57.20
CA LYS QA 535 -15.49 67.64 -55.87
C LYS QA 535 -14.22 67.50 -55.05
N TYR QA 536 -13.75 68.60 -54.48
CA TYR QA 536 -12.53 68.64 -53.68
C TYR QA 536 -12.85 68.87 -52.21
N SER QA 537 -11.93 68.42 -51.36
CA SER QA 537 -11.91 68.74 -49.94
C SER QA 537 -10.47 68.90 -49.50
N PHE QA 538 -10.00 70.14 -49.35
CA PHE QA 538 -8.67 70.44 -48.83
C PHE QA 538 -8.71 70.51 -47.31
N ASN QA 539 -7.79 69.83 -46.63
CA ASN QA 539 -7.78 69.76 -45.18
C ASN QA 539 -6.73 70.70 -44.61
N PHE QA 540 -7.17 71.64 -43.79
CA PHE QA 540 -6.34 72.62 -43.10
C PHE QA 540 -6.62 72.61 -41.61
N LYS QA 541 -5.69 73.12 -40.83
CA LYS QA 541 -5.93 73.60 -39.48
C LYS QA 541 -5.55 75.06 -39.42
N TRP QA 542 -6.28 75.85 -38.66
CA TRP QA 542 -5.94 77.25 -38.36
C TRP QA 542 -5.45 77.34 -36.92
N GLY QA 543 -4.37 78.08 -36.68
CA GLY QA 543 -3.72 78.16 -35.38
C GLY QA 543 -3.57 79.60 -34.90
N GLY QA 544 -3.67 79.81 -33.61
CA GLY QA 544 -3.46 81.13 -33.02
C GLY QA 544 -3.67 81.17 -31.52
N ASP QA 545 -3.43 82.34 -30.94
CA ASP QA 545 -3.95 82.69 -29.61
C ASP QA 545 -5.46 82.90 -29.65
N LEU QA 546 -6.12 82.75 -28.50
CA LEU QA 546 -7.58 82.79 -28.41
C LEU QA 546 -8.16 84.13 -28.92
N PRO QA 547 -9.16 84.11 -29.81
CA PRO QA 547 -9.76 85.32 -30.36
C PRO QA 547 -10.84 85.93 -29.45
N PRO QA 548 -11.24 87.19 -29.69
CA PRO QA 548 -12.40 87.83 -29.06
C PRO QA 548 -13.75 87.35 -29.63
N MET QA 549 -14.86 87.69 -28.98
CA MET QA 549 -16.22 87.27 -29.35
C MET QA 549 -17.28 88.28 -28.86
N SER QA 550 -18.50 88.27 -29.41
CA SER QA 550 -19.61 89.16 -29.03
C SER QA 550 -20.97 88.44 -28.92
N THR QA 551 -21.95 89.09 -28.28
CA THR QA 551 -23.23 88.48 -27.84
C THR QA 551 -24.43 89.36 -28.15
N ILE QA 552 -25.63 88.76 -28.12
CA ILE QA 552 -26.91 89.36 -28.53
C ILE QA 552 -27.87 89.44 -27.33
N THR QA 553 -28.70 90.47 -27.24
CA THR QA 553 -29.69 90.61 -26.14
C THR QA 553 -30.64 89.43 -26.10
N ASN QA 554 -31.04 88.97 -24.91
CA ASN QA 554 -32.04 87.90 -24.78
C ASN QA 554 -33.46 88.31 -25.21
N PRO QA 555 -34.00 89.50 -24.83
CA PRO QA 555 -35.38 89.85 -25.14
C PRO QA 555 -35.64 89.99 -26.63
N THR QA 556 -34.74 90.65 -27.37
CA THR QA 556 -34.86 90.78 -28.84
C THR QA 556 -34.07 89.66 -29.49
N ASP QA 557 -34.61 88.45 -29.52
CA ASP QA 557 -33.89 87.27 -30.07
C ASP QA 557 -34.90 86.34 -30.74
N GLN QA 558 -34.44 85.24 -31.34
CA GLN QA 558 -35.34 84.27 -32.02
C GLN QA 558 -36.56 84.04 -31.12
N PRO QA 559 -37.79 84.46 -31.52
CA PRO QA 559 -38.96 84.34 -30.66
C PRO QA 559 -39.60 82.95 -30.75
N THR QA 560 -40.09 82.43 -29.62
CA THR QA 560 -40.79 81.15 -29.63
C THR QA 560 -42.09 81.24 -30.45
N TYR QA 561 -42.55 80.13 -31.03
CA TYR QA 561 -43.78 80.12 -31.85
C TYR QA 561 -44.99 80.73 -31.11
N VAL QA 562 -45.04 80.59 -29.78
CA VAL QA 562 -46.06 81.18 -28.90
C VAL QA 562 -46.11 82.71 -29.05
N LYS RA 48 20.11 16.08 69.65
CA LYS RA 48 19.28 15.44 70.70
C LYS RA 48 20.06 14.39 71.48
N ARG RA 49 20.42 13.26 70.87
CA ARG RA 49 21.28 12.23 71.45
C ARG RA 49 22.29 11.71 70.42
N LEU RA 50 23.49 11.41 70.86
CA LEU RA 50 24.61 10.97 70.02
C LEU RA 50 25.13 9.61 70.46
N ASN RA 51 25.64 8.82 69.52
CA ASN RA 51 26.42 7.64 69.84
C ASN RA 51 27.74 8.04 70.53
N ILE RA 52 28.12 7.33 71.58
CA ILE RA 52 29.45 7.46 72.16
C ILE RA 52 30.44 6.78 71.21
N VAL RA 53 31.55 7.44 70.94
CA VAL RA 53 32.59 7.02 69.99
C VAL RA 53 33.93 7.02 70.69
N GLU RA 54 34.78 6.06 70.35
CA GLU RA 54 36.16 5.95 70.83
C GLU RA 54 37.13 6.00 69.66
N TRP RA 55 38.31 6.59 69.86
CA TRP RA 55 39.36 6.59 68.85
C TRP RA 55 40.30 5.42 69.06
N GLN RA 56 40.41 4.61 68.00
CA GLN RA 56 41.18 3.35 68.05
C GLN RA 56 42.66 3.62 68.32
N PRO RA 57 43.32 2.78 69.14
CA PRO RA 57 44.73 2.97 69.49
C PRO RA 57 45.67 2.71 68.33
N LYS RA 58 46.89 3.24 68.42
CA LYS RA 58 47.84 3.32 67.30
C LYS RA 58 48.27 1.96 66.75
N SER RA 59 48.49 0.98 67.61
CA SER RA 59 48.77 -0.41 67.22
C SER RA 59 47.90 -1.40 67.99
N ILE RA 60 47.41 -2.43 67.29
CA ILE RA 60 46.47 -3.43 67.82
C ILE RA 60 46.95 -4.83 67.45
N ARG RA 61 46.87 -5.78 68.40
CA ARG RA 61 47.28 -7.19 68.17
C ARG RA 61 46.30 -8.22 68.76
N LYS RA 62 45.54 -8.92 67.92
CA LYS RA 62 44.60 -9.97 68.35
C LYS RA 62 45.34 -11.09 69.10
N CYS RA 63 44.77 -11.57 70.20
CA CYS RA 63 45.29 -12.69 70.97
C CYS RA 63 44.16 -13.60 71.44
N ARG RA 64 44.23 -14.88 71.03
CA ARG RA 64 43.27 -15.92 71.52
C ARG RA 64 43.93 -16.75 72.63
N ILE RA 65 43.54 -16.52 73.89
CA ILE RA 65 44.07 -17.30 75.01
C ILE RA 65 43.38 -18.66 74.96
N LYS RA 66 44.09 -19.69 74.49
CA LYS RA 66 43.56 -21.03 74.21
C LYS RA 66 44.08 -22.02 75.24
N GLY RA 67 43.23 -22.88 75.78
CA GLY RA 67 43.65 -23.87 76.76
C GLY RA 67 42.57 -24.85 77.15
N MET RA 68 42.86 -25.67 78.16
CA MET RA 68 42.00 -26.74 78.64
C MET RA 68 41.71 -26.55 80.13
N LEU RA 69 40.46 -26.65 80.55
CA LEU RA 69 40.02 -26.50 81.95
C LEU RA 69 39.34 -27.76 82.44
N CYS RA 70 39.77 -28.28 83.59
CA CYS RA 70 39.10 -29.38 84.27
C CYS RA 70 37.83 -28.90 84.97
N LEU RA 71 36.66 -29.45 84.63
CA LEU RA 71 35.38 -29.05 85.22
C LEU RA 71 35.15 -29.74 86.56
N PHE RA 72 35.44 -31.03 86.66
CA PHE RA 72 35.49 -31.77 87.91
C PHE RA 72 36.39 -32.98 87.72
N GLN RA 73 36.88 -33.54 88.82
CA GLN RA 73 37.39 -34.91 88.84
C GLN RA 73 36.97 -35.52 90.17
N THR RA 74 36.21 -36.62 90.11
CA THR RA 74 35.41 -37.12 91.23
C THR RA 74 35.46 -38.62 91.37
N THR RA 75 35.43 -39.10 92.60
CA THR RA 75 35.01 -40.46 92.98
C THR RA 75 33.57 -40.41 93.49
N GLU RA 76 32.95 -41.56 93.76
CA GLU RA 76 31.57 -41.63 94.28
C GLU RA 76 31.42 -40.97 95.66
N ASP RA 77 32.42 -41.09 96.53
CA ASP RA 77 32.43 -40.54 97.89
C ASP RA 77 32.70 -39.03 97.96
N ARG RA 78 32.89 -38.37 96.81
CA ARG RA 78 33.07 -36.93 96.69
C ARG RA 78 32.05 -36.24 95.78
N LEU RA 79 31.02 -36.93 95.31
CA LEU RA 79 30.07 -36.38 94.35
C LEU RA 79 29.32 -35.13 94.83
N SER RA 80 28.97 -35.06 96.11
CA SER RA 80 28.22 -33.93 96.67
C SER RA 80 29.07 -32.71 97.04
N TYR RA 81 30.38 -32.72 96.75
CA TYR RA 81 31.32 -31.65 97.13
C TYR RA 81 31.84 -30.89 95.92
N ASN RA 82 32.18 -29.62 96.14
CA ASN RA 82 32.75 -28.73 95.14
C ASN RA 82 34.21 -29.09 94.83
N PHE RA 83 34.55 -29.34 93.57
CA PHE RA 83 35.91 -29.52 93.09
C PHE RA 83 36.64 -28.19 92.96
N ASP RA 84 37.68 -28.01 93.77
CA ASP RA 84 38.73 -27.01 93.56
C ASP RA 84 40.00 -27.73 93.14
N MET RA 85 40.62 -27.31 92.03
CA MET RA 85 41.86 -27.89 91.54
C MET RA 85 43.06 -27.48 92.39
N TYR RA 86 42.98 -26.30 93.02
CA TYR RA 86 43.98 -25.76 93.93
C TYR RA 86 43.40 -25.82 95.35
N GLU RA 87 43.95 -26.72 96.14
CA GLU RA 87 43.27 -27.39 97.25
C GLU RA 87 43.38 -26.75 98.63
N GLU RA 88 42.46 -27.12 99.52
CA GLU RA 88 42.72 -27.14 100.97
C GLU RA 88 43.62 -28.36 101.19
N SER RA 89 44.86 -28.17 101.63
CA SER RA 89 46.00 -29.11 101.44
C SER RA 89 45.79 -30.56 101.93
N ILE RA 90 44.81 -30.80 102.80
CA ILE RA 90 44.42 -32.15 103.24
C ILE RA 90 43.56 -32.90 102.20
N ILE RA 91 42.74 -32.22 101.39
CA ILE RA 91 41.79 -32.86 100.48
C ILE RA 91 42.46 -33.83 99.50
N PRO RA 92 43.53 -33.49 98.75
CA PRO RA 92 44.13 -34.43 97.83
C PRO RA 92 44.93 -35.55 98.50
N GLU RA 93 45.21 -35.50 99.81
CA GLU RA 93 45.90 -36.58 100.50
C GLU RA 93 45.01 -37.83 100.57
N LYS RA 94 45.36 -38.85 99.78
CA LYS RA 94 44.61 -40.10 99.63
C LYS RA 94 43.18 -39.92 99.08
N LEU RA 95 42.91 -38.85 98.32
CA LEU RA 95 41.74 -38.77 97.42
C LEU RA 95 42.16 -38.45 95.98
N PRO RA 96 41.84 -39.30 94.99
CA PRO RA 96 42.21 -39.05 93.59
C PRO RA 96 41.30 -38.04 92.87
N GLY RA 97 40.12 -37.73 93.43
CA GLY RA 97 39.23 -36.68 92.93
C GLY RA 97 38.50 -35.97 94.06
N GLY RA 98 38.48 -34.64 94.06
CA GLY RA 98 38.05 -33.83 95.20
C GLY RA 98 36.57 -33.47 95.23
N GLY RA 99 35.84 -33.55 94.11
CA GLY RA 99 34.45 -33.09 94.07
C GLY RA 99 33.74 -33.38 92.76
N GLY RA 100 32.43 -33.57 92.80
CA GLY RA 100 31.59 -33.93 91.65
C GLY RA 100 30.85 -32.78 91.00
N PHE RA 101 30.98 -31.58 91.52
CA PHE RA 101 30.49 -30.37 90.88
C PHE RA 101 31.52 -29.26 91.03
N SER RA 102 31.51 -28.24 90.20
CA SER RA 102 32.29 -27.02 90.48
C SER RA 102 31.57 -25.77 90.04
N ILE RA 103 31.94 -24.67 90.67
CA ILE RA 103 31.71 -23.32 90.14
C ILE RA 103 33.07 -22.72 89.82
N LYS RA 104 33.31 -22.38 88.56
CA LYS RA 104 34.53 -21.74 88.06
C LYS RA 104 34.22 -20.29 87.74
N ASN RA 105 35.03 -19.35 88.22
CA ASN RA 105 35.06 -17.98 87.72
C ASN RA 105 36.35 -17.78 86.92
N ILE RA 106 36.24 -17.28 85.69
CA ILE RA 106 37.40 -17.00 84.83
C ILE RA 106 37.60 -15.50 84.71
N SER RA 107 38.82 -15.04 84.93
CA SER RA 107 39.26 -13.67 84.75
C SER RA 107 40.59 -13.67 84.01
N LEU RA 108 40.97 -12.56 83.40
CA LEU RA 108 42.25 -12.43 82.70
C LEU RA 108 43.45 -12.71 83.62
N TYR RA 109 43.36 -12.41 84.91
CA TYR RA 109 44.39 -12.80 85.86
C TYR RA 109 44.39 -14.30 86.15
N ALA RA 110 43.23 -14.95 86.24
CA ALA RA 110 43.16 -16.41 86.35
C ALA RA 110 43.69 -17.09 85.07
N LEU RA 111 43.45 -16.54 83.88
CA LEU RA 111 44.06 -17.01 82.64
C LEU RA 111 45.58 -16.87 82.64
N TYR RA 112 46.12 -15.78 83.16
CA TYR RA 112 47.57 -15.65 83.39
C TYR RA 112 48.10 -16.66 84.40
N GLN RA 113 47.39 -16.94 85.50
CA GLN RA 113 47.79 -17.97 86.44
C GLN RA 113 47.78 -19.37 85.81
N GLU RA 114 46.80 -19.70 84.97
CA GLU RA 114 46.80 -20.94 84.21
C GLU RA 114 47.97 -21.01 83.20
N HIS RA 115 48.48 -19.88 82.74
CA HIS RA 115 49.69 -19.84 81.85
C HIS RA 115 50.94 -20.18 82.66
N ILE RA 116 50.98 -19.82 83.94
CA ILE RA 116 52.09 -20.21 84.83
C ILE RA 116 52.10 -21.72 85.11
N HIS RA 117 50.92 -22.36 85.14
CA HIS RA 117 50.81 -23.82 85.18
C HIS RA 117 50.99 -24.50 83.81
N ALA RA 118 51.28 -23.74 82.75
CA ALA RA 118 51.38 -24.20 81.37
C ALA RA 118 50.07 -24.83 80.84
N HIS RA 119 48.92 -24.49 81.39
CA HIS RA 119 47.62 -25.02 80.98
C HIS RA 119 47.02 -24.30 79.76
N ASN RA 120 47.57 -23.16 79.35
CA ASN RA 120 47.14 -22.43 78.16
C ASN RA 120 48.30 -21.79 77.41
N ILE RA 121 48.01 -21.37 76.19
CA ILE RA 121 48.88 -20.52 75.36
C ILE RA 121 48.21 -19.15 75.18
N PHE RA 122 49.01 -18.10 75.07
CA PHE RA 122 48.58 -16.80 74.57
C PHE RA 122 49.07 -16.70 73.13
N THR RA 123 48.17 -16.53 72.17
CA THR RA 123 48.53 -16.48 70.74
C THR RA 123 49.40 -15.27 70.39
N HIS RA 124 49.32 -14.22 71.21
CA HIS RA 124 50.20 -13.04 71.08
C HIS RA 124 50.49 -12.54 72.49
N THR RA 125 51.73 -12.18 72.80
CA THR RA 125 52.09 -11.56 74.07
C THR RA 125 51.47 -10.18 74.24
N ASN RA 126 51.38 -9.74 75.49
CA ASN RA 126 50.80 -8.47 75.90
C ASN RA 126 51.81 -7.52 76.56
N THR RA 127 53.12 -7.78 76.45
CA THR RA 127 54.14 -7.17 77.33
C THR RA 127 54.23 -5.65 77.21
N ASP RA 128 54.02 -5.10 76.02
CA ASP RA 128 54.23 -3.68 75.73
C ASP RA 128 53.00 -2.99 75.14
N ARG RA 129 51.83 -3.62 75.28
CA ARG RA 129 50.52 -3.05 74.86
C ARG RA 129 49.63 -3.12 76.10
N PRO RA 130 49.40 -2.02 76.86
CA PRO RA 130 48.73 -2.07 78.16
C PRO RA 130 47.20 -2.07 78.09
N LEU RA 131 46.60 -1.70 76.95
CA LEU RA 131 45.17 -1.74 76.76
C LEU RA 131 44.70 -3.14 76.36
N ALA RA 132 43.47 -3.49 76.72
CA ALA RA 132 42.79 -4.72 76.34
C ALA RA 132 41.37 -4.44 75.86
N ARG RA 133 40.92 -5.23 74.88
CA ARG RA 133 39.53 -5.15 74.34
C ARG RA 133 38.98 -6.58 74.24
N TYR RA 134 38.31 -7.07 75.28
CA TYR RA 134 37.72 -8.41 75.33
C TYR RA 134 36.50 -8.53 74.42
N THR RA 135 36.45 -9.58 73.58
CA THR RA 135 35.44 -9.74 72.53
C THR RA 135 34.49 -10.91 72.79
N GLY RA 136 34.78 -11.76 73.76
CA GLY RA 136 33.97 -12.94 74.09
C GLY RA 136 34.78 -14.23 74.11
N CYS RA 137 34.11 -15.34 74.31
CA CYS RA 137 34.71 -16.65 74.52
C CYS RA 137 34.09 -17.71 73.61
N SER RA 138 34.85 -18.70 73.18
CA SER RA 138 34.35 -19.96 72.66
C SER RA 138 34.69 -21.08 73.63
N LEU RA 139 33.70 -21.91 73.97
CA LEU RA 139 33.91 -23.13 74.74
C LEU RA 139 33.60 -24.35 73.88
N LYS RA 140 34.42 -25.40 73.96
CA LYS RA 140 34.13 -26.75 73.47
C LYS RA 140 34.09 -27.70 74.65
N PHE RA 141 32.91 -28.22 74.97
CA PHE RA 141 32.71 -29.18 76.05
C PHE RA 141 32.83 -30.58 75.49
N TYR RA 142 33.73 -31.40 76.01
CA TYR RA 142 33.96 -32.75 75.50
C TYR RA 142 33.11 -33.79 76.22
N GLN RA 143 32.58 -34.76 75.48
CA GLN RA 143 32.03 -35.96 76.09
C GLN RA 143 33.11 -36.70 76.88
N SER RA 144 32.88 -36.94 78.16
CA SER RA 144 33.71 -37.87 78.92
C SER RA 144 33.46 -39.31 78.48
N LYS RA 145 34.41 -40.20 78.77
CA LYS RA 145 34.24 -41.62 78.47
C LYS RA 145 33.11 -42.25 79.29
N ASP RA 146 33.16 -42.07 80.61
CA ASP RA 146 32.35 -42.85 81.57
C ASP RA 146 31.21 -42.10 82.26
N ILE RA 147 31.21 -40.75 82.24
CA ILE RA 147 30.23 -39.95 83.03
C ILE RA 147 29.55 -38.86 82.19
N ASP RA 148 28.26 -38.63 82.42
CA ASP RA 148 27.53 -37.54 81.72
C ASP RA 148 27.73 -36.31 82.59
N TYR RA 149 27.32 -35.12 82.15
CA TYR RA 149 27.41 -33.93 83.04
C TYR RA 149 26.62 -32.75 82.51
N VAL RA 150 26.00 -32.00 83.40
CA VAL RA 150 25.23 -30.79 83.08
C VAL RA 150 26.15 -29.59 83.25
N VAL RA 151 26.13 -28.66 82.32
CA VAL RA 151 26.77 -27.35 82.45
C VAL RA 151 25.72 -26.26 82.39
N THR RA 152 25.88 -25.20 83.16
CA THR RA 152 25.27 -23.92 82.84
C THR RA 152 26.26 -22.81 83.16
N TYR RA 153 26.20 -21.70 82.45
CA TYR RA 153 27.16 -20.61 82.58
C TYR RA 153 26.42 -19.28 82.67
N SER RA 154 27.10 -18.29 83.23
CA SER RA 154 26.57 -16.94 83.39
C SER RA 154 27.64 -15.91 83.12
N THR RA 155 27.26 -14.68 82.78
CA THR RA 155 28.22 -13.55 82.58
C THR RA 155 27.69 -12.29 83.24
N SER RA 156 26.77 -12.40 84.20
CA SER RA 156 26.35 -11.21 84.97
C SER RA 156 27.60 -10.68 85.69
N LEU RA 157 28.12 -9.53 85.28
CA LEU RA 157 29.40 -9.01 85.85
C LEU RA 157 29.36 -9.13 87.38
N PRO RA 158 28.26 -8.75 88.09
CA PRO RA 158 28.20 -8.95 89.52
C PRO RA 158 28.41 -10.42 89.85
N LEU RA 159 29.49 -10.74 90.58
CA LEU RA 159 29.83 -12.14 90.94
C LEU RA 159 29.53 -12.36 92.43
N ARG RA 160 28.75 -13.38 92.77
CA ARG RA 160 28.42 -13.71 94.18
C ARG RA 160 27.97 -15.18 94.28
N SER RA 161 28.01 -15.76 95.47
CA SER RA 161 27.56 -17.16 95.70
C SER RA 161 26.26 -17.13 96.52
N SER RA 162 25.43 -18.16 96.41
CA SER RA 162 24.14 -18.22 97.14
C SER RA 162 23.86 -19.65 97.61
N MET RA 163 23.09 -19.80 98.69
CA MET RA 163 22.69 -21.11 99.20
C MET RA 163 21.82 -21.87 98.19
N GLY RA 164 20.91 -21.16 97.52
CA GLY RA 164 20.08 -21.71 96.44
C GLY RA 164 20.90 -22.12 95.22
N MET RA 165 21.96 -21.39 94.86
CA MET RA 165 22.88 -21.82 93.80
C MET RA 165 23.52 -23.17 94.15
N TYR RA 166 24.10 -23.32 95.35
CA TYR RA 166 24.77 -24.56 95.72
C TYR RA 166 23.82 -25.75 95.82
N ASN RA 167 22.59 -25.56 96.35
CA ASN RA 167 21.59 -26.63 96.31
C ASN RA 167 21.18 -26.95 94.86
N SER RA 168 20.99 -25.94 94.00
CA SER RA 168 20.62 -26.16 92.62
C SER RA 168 21.69 -26.85 91.77
N MET RA 169 22.92 -27.00 92.27
CA MET RA 169 23.94 -27.84 91.67
C MET RA 169 23.61 -29.33 91.74
N GLN RA 170 22.63 -29.76 92.55
CA GLN RA 170 22.23 -31.16 92.63
C GLN RA 170 21.85 -31.63 91.23
N PRO RA 171 22.33 -32.80 90.75
CA PRO RA 171 22.25 -33.15 89.34
C PRO RA 171 20.85 -33.13 88.73
N SER RA 172 19.84 -33.61 89.45
CA SER RA 172 18.45 -33.57 89.01
C SER RA 172 17.91 -32.15 88.91
N ILE RA 173 18.23 -31.29 89.87
CA ILE RA 173 17.79 -29.89 89.88
C ILE RA 173 18.49 -29.09 88.79
N HIS RA 174 19.81 -29.23 88.64
CA HIS RA 174 20.57 -28.59 87.58
C HIS RA 174 20.06 -29.04 86.21
N LEU RA 175 19.81 -30.33 86.02
CA LEU RA 175 19.23 -30.85 84.78
C LEU RA 175 17.82 -30.30 84.47
N MET RA 176 17.05 -29.82 85.45
CA MET RA 176 15.77 -29.16 85.17
C MET RA 176 15.91 -27.69 84.77
N GLN RA 177 17.02 -27.01 85.06
CA GLN RA 177 17.15 -25.58 84.81
C GLN RA 177 17.11 -25.21 83.33
N GLN RA 178 16.66 -23.99 83.03
CA GLN RA 178 16.71 -23.42 81.68
C GLN RA 178 18.13 -23.03 81.30
N ASN RA 179 18.44 -23.06 80.00
CA ASN RA 179 19.78 -22.78 79.46
C ASN RA 179 20.88 -23.65 80.08
N LYS RA 180 20.53 -24.87 80.47
CA LYS RA 180 21.47 -25.97 80.69
C LYS RA 180 22.07 -26.42 79.37
N LEU RA 181 23.21 -27.09 79.46
CA LEU RA 181 23.78 -27.93 78.43
C LEU RA 181 24.03 -29.30 79.04
N ILE RA 182 23.48 -30.37 78.45
CA ILE RA 182 23.74 -31.74 78.86
C ILE RA 182 24.79 -32.31 77.93
N VAL RA 183 25.84 -32.89 78.48
CA VAL RA 183 26.87 -33.60 77.72
C VAL RA 183 26.79 -35.07 78.09
N PRO RA 184 26.18 -35.93 77.24
CA PRO RA 184 26.20 -37.37 77.46
C PRO RA 184 27.63 -37.88 77.36
N SER RA 185 27.96 -38.92 78.11
CA SER RA 185 29.19 -39.66 77.91
C SER RA 185 29.22 -40.33 76.54
N LYS RA 186 30.41 -40.72 76.08
CA LYS RA 186 30.56 -41.50 74.84
C LYS RA 186 29.83 -42.85 74.91
N GLN RA 187 29.71 -43.41 76.12
CA GLN RA 187 28.91 -44.61 76.36
C GLN RA 187 27.41 -44.37 76.22
N THR RA 188 26.84 -43.30 76.77
CA THR RA 188 25.40 -43.06 76.68
C THR RA 188 24.96 -42.51 75.32
N GLN RA 189 25.80 -41.80 74.58
CA GLN RA 189 25.49 -41.41 73.19
C GLN RA 189 26.75 -41.22 72.35
N LYS RA 190 26.90 -42.01 71.28
CA LYS RA 190 27.87 -41.76 70.20
C LYS RA 190 27.37 -40.61 69.33
N ARG RA 191 28.24 -39.66 68.98
CA ARG RA 191 27.89 -38.42 68.26
C ARG RA 191 28.81 -38.22 67.06
N ARG RA 192 28.36 -37.44 66.07
CA ARG RA 192 29.18 -37.02 64.91
C ARG RA 192 30.39 -36.21 65.36
N LYS RA 193 30.13 -35.14 66.12
CA LYS RA 193 31.19 -34.34 66.77
C LYS RA 193 31.31 -34.76 68.23
N PRO RA 194 32.52 -35.04 68.75
CA PRO RA 194 32.71 -35.55 70.10
C PRO RA 194 32.63 -34.47 71.19
N TYR RA 195 32.16 -33.27 70.85
CA TYR RA 195 32.09 -32.09 71.70
C TYR RA 195 30.86 -31.26 71.37
N ILE RA 196 30.44 -30.42 72.30
CA ILE RA 196 29.43 -29.39 72.06
C ILE RA 196 30.09 -28.02 72.16
N LYS RA 197 29.95 -27.18 71.14
CA LYS RA 197 30.61 -25.89 70.99
C LYS RA 197 29.61 -24.76 71.12
N LYS RA 198 29.90 -23.75 71.94
CA LYS RA 198 29.12 -22.51 71.95
C LYS RA 198 29.92 -21.27 72.31
N HIS RA 199 29.48 -20.15 71.75
CA HIS RA 199 30.08 -18.83 71.89
C HIS RA 199 29.37 -18.05 72.97
N ILE RA 200 30.14 -17.40 73.83
CA ILE RA 200 29.65 -16.66 74.99
C ILE RA 200 30.10 -15.20 74.86
N SER RA 201 29.15 -14.28 74.91
CA SER RA 201 29.38 -12.84 74.78
C SER RA 201 30.01 -12.27 76.06
N PRO RA 202 30.70 -11.11 76.04
CA PRO RA 202 31.19 -10.49 77.27
C PRO RA 202 30.08 -10.19 78.29
N PRO RA 203 30.40 -10.03 79.58
CA PRO RA 203 29.49 -9.46 80.56
C PRO RA 203 28.85 -8.17 80.06
N THR RA 204 27.58 -7.91 80.36
CA THR RA 204 26.91 -6.70 79.88
C THR RA 204 27.59 -5.41 80.36
N GLN RA 205 28.30 -5.49 81.50
CA GLN RA 205 29.06 -4.35 82.08
C GLN RA 205 30.40 -4.15 81.35
N MET RA 206 30.94 -5.19 80.72
CA MET RA 206 32.13 -5.07 79.87
C MET RA 206 31.69 -4.62 78.47
N LYS RA 207 31.82 -3.33 78.18
CA LYS RA 207 31.44 -2.74 76.89
C LYS RA 207 32.54 -3.02 75.86
N SER RA 208 32.30 -2.73 74.58
CA SER RA 208 33.27 -2.98 73.51
C SER RA 208 34.50 -2.06 73.56
N GLN RA 209 34.49 -1.03 74.43
CA GLN RA 209 35.61 -0.10 74.60
C GLN RA 209 36.93 -0.78 75.00
N TRP RA 210 38.04 -0.08 74.83
CA TRP RA 210 39.33 -0.44 75.40
C TRP RA 210 39.35 -0.19 76.92
N TYR RA 211 40.05 -1.04 77.65
CA TYR RA 211 40.28 -0.91 79.09
C TYR RA 211 41.75 -1.18 79.40
N PHE RA 212 42.35 -0.49 80.35
CA PHE RA 212 43.66 -0.90 80.85
C PHE RA 212 43.61 -2.33 81.40
N GLN RA 213 44.59 -3.15 81.07
CA GLN RA 213 44.65 -4.56 81.53
C GLN RA 213 44.74 -4.61 83.06
N HIS RA 214 45.29 -3.61 83.74
CA HIS RA 214 45.38 -3.53 85.22
C HIS RA 214 43.97 -3.42 85.81
N ASN RA 215 43.05 -2.71 85.14
CA ASN RA 215 41.70 -2.51 85.64
C ASN RA 215 40.85 -3.77 85.49
N ILE RA 216 40.86 -4.38 84.30
CA ILE RA 216 40.04 -5.56 84.00
C ILE RA 216 40.64 -6.89 84.46
N ALA RA 217 41.89 -6.92 84.92
CA ALA RA 217 42.59 -8.16 85.28
C ALA RA 217 41.76 -9.10 86.17
N ASN RA 218 41.15 -8.57 87.24
CA ASN RA 218 40.42 -9.36 88.23
C ASN RA 218 38.90 -9.42 88.01
N ILE RA 219 38.34 -8.71 87.02
CA ILE RA 219 36.91 -8.74 86.70
C ILE RA 219 36.53 -10.13 86.18
N PRO RA 220 35.60 -10.87 86.81
CA PRO RA 220 35.25 -12.21 86.36
C PRO RA 220 34.39 -12.13 85.10
N LEU RA 221 34.93 -12.59 83.95
CA LEU RA 221 34.27 -12.43 82.62
C LEU RA 221 33.41 -13.65 82.25
N LEU RA 222 33.49 -14.73 83.01
CA LEU RA 222 32.68 -15.93 82.81
C LEU RA 222 32.54 -16.70 84.12
N MET RA 223 31.34 -17.20 84.43
CA MET RA 223 31.14 -18.26 85.41
C MET RA 223 30.67 -19.54 84.72
N ILE RA 224 31.31 -20.68 84.98
CA ILE RA 224 30.86 -22.00 84.54
C ILE RA 224 30.45 -22.80 85.77
N ARG RA 225 29.23 -23.36 85.77
CA ARG RA 225 28.72 -24.29 86.78
C ARG RA 225 28.58 -25.66 86.15
N THR RA 226 29.19 -26.68 86.74
CA THR RA 226 29.12 -28.06 86.21
C THR RA 226 28.80 -29.04 87.30
N THR RA 227 27.97 -30.06 87.03
CA THR RA 227 27.68 -31.16 87.96
C THR RA 227 27.72 -32.49 87.23
N ALA RA 228 28.29 -33.52 87.85
CA ALA RA 228 28.35 -34.89 87.37
C ALA RA 228 27.01 -35.61 87.51
N LEU RA 229 26.65 -36.43 86.53
CA LEU RA 229 25.30 -36.90 86.28
C LEU RA 229 25.32 -38.35 85.79
N THR RA 230 24.22 -39.09 85.96
CA THR RA 230 23.93 -40.20 85.05
C THR RA 230 22.51 -40.13 84.53
N LEU RA 231 22.35 -40.27 83.21
CA LEU RA 231 21.06 -40.32 82.54
C LEU RA 231 20.44 -41.73 82.58
N ASP RA 232 21.24 -42.78 82.38
CA ASP RA 232 20.78 -44.17 82.33
C ASP RA 232 20.52 -44.82 83.71
N ASN RA 233 21.09 -44.27 84.78
CA ASN RA 233 20.93 -44.74 86.16
C ASN RA 233 20.29 -43.65 87.02
N TYR RA 234 19.47 -42.79 86.44
CA TYR RA 234 18.97 -41.57 87.08
C TYR RA 234 18.28 -41.82 88.43
N TYR RA 235 17.44 -42.84 88.55
CA TYR RA 235 16.75 -43.17 89.79
C TYR RA 235 17.53 -44.09 90.70
N ILE RA 236 18.03 -45.21 90.16
CA ILE RA 236 18.75 -46.22 90.95
C ILE RA 236 20.09 -45.67 91.45
N GLY RA 237 20.81 -44.92 90.62
CA GLY RA 237 22.10 -44.33 90.95
C GLY RA 237 23.10 -45.40 91.31
N SER RA 238 23.58 -45.39 92.55
CA SER RA 238 24.43 -46.43 93.12
C SER RA 238 23.79 -47.20 94.28
N ARG RA 239 22.44 -47.20 94.37
CA ARG RA 239 21.67 -47.99 95.33
C ARG RA 239 22.06 -49.47 95.30
N GLN RA 240 22.16 -50.08 96.47
CA GLN RA 240 22.36 -51.52 96.68
C GLN RA 240 21.27 -52.05 97.60
N LEU RA 241 20.70 -53.23 97.32
CA LEU RA 241 19.61 -53.82 98.10
C LEU RA 241 18.39 -52.87 98.20
N SER RA 242 17.93 -52.56 99.40
CA SER RA 242 16.77 -51.70 99.66
C SER RA 242 16.93 -50.26 99.16
N THR RA 243 15.82 -49.56 98.91
CA THR RA 243 15.84 -48.12 98.64
C THR RA 243 16.27 -47.30 99.87
N ASN RA 244 16.04 -47.82 101.08
CA ASN RA 244 16.44 -47.19 102.34
C ASN RA 244 17.97 -47.15 102.48
N VAL RA 245 18.50 -46.00 102.89
CA VAL RA 245 19.89 -45.83 103.32
C VAL RA 245 19.95 -45.75 104.84
N THR RA 246 20.98 -46.34 105.44
CA THR RA 246 21.19 -46.28 106.90
C THR RA 246 22.10 -45.13 107.27
N ILE RA 247 21.64 -44.26 108.17
CA ILE RA 247 22.40 -43.13 108.72
C ILE RA 247 22.78 -43.48 110.16
N HIS RA 248 24.04 -43.30 110.53
CA HIS RA 248 24.45 -43.44 111.97
C HIS RA 248 24.33 -42.04 112.56
N THR RA 249 23.99 -41.91 113.84
CA THR RA 249 23.93 -40.62 114.53
C THR RA 249 24.33 -40.72 115.99
N LEU RA 250 24.73 -39.59 116.60
CA LEU RA 250 24.99 -39.55 118.05
C LEU RA 250 23.63 -39.48 118.75
N ASN RA 251 23.32 -40.40 119.67
CA ASN RA 251 22.07 -40.30 120.46
C ASN RA 251 21.96 -38.85 120.94
N THR RA 252 20.89 -38.14 120.61
CA THR RA 252 20.70 -36.73 121.00
C THR RA 252 20.20 -36.69 122.43
N THR RA 253 19.45 -37.71 122.86
CA THR RA 253 18.81 -37.73 124.19
C THR RA 253 19.78 -38.02 125.34
N TYR RA 254 21.07 -38.25 125.07
CA TYR RA 254 22.09 -38.52 126.08
C TYR RA 254 23.42 -37.81 125.83
N ILE RA 255 23.89 -37.72 124.58
CA ILE RA 255 25.14 -37.05 124.20
C ILE RA 255 24.83 -35.59 123.81
N GLN RA 256 25.00 -34.62 124.70
CA GLN RA 256 24.63 -33.22 124.35
C GLN RA 256 25.65 -32.18 124.82
N ASN RA 257 26.58 -32.55 125.69
CA ASN RA 257 27.43 -31.51 126.30
C ASN RA 257 28.43 -30.84 125.36
N ARG RA 258 28.82 -31.50 124.26
CA ARG RA 258 29.74 -30.93 123.23
C ARG RA 258 31.06 -30.42 123.85
N ASP RA 259 31.52 -31.02 124.95
CA ASP RA 259 32.78 -30.63 125.60
C ASP RA 259 33.96 -31.50 125.11
N TRP RA 260 34.21 -31.53 123.81
CA TRP RA 260 35.11 -32.51 123.18
C TRP RA 260 36.56 -32.07 123.00
N GLY RA 261 37.45 -33.06 122.89
CA GLY RA 261 38.81 -32.87 122.40
C GLY RA 261 39.82 -32.36 123.42
N ASP RA 262 39.67 -32.70 124.71
CA ASP RA 262 40.68 -32.50 125.76
C ASP RA 262 40.97 -33.81 126.53
N ARG RA 263 42.24 -34.04 126.89
CA ARG RA 263 42.59 -35.15 127.83
C ARG RA 263 42.65 -34.50 129.23
N ASN RA 264 42.43 -33.18 129.31
CA ASN RA 264 42.50 -32.40 130.55
C ASN RA 264 41.14 -32.25 131.26
N LYS RA 265 40.12 -33.00 130.85
CA LYS RA 265 38.73 -32.87 131.31
C LYS RA 265 38.05 -34.24 131.38
N THR RA 266 37.50 -34.62 132.53
CA THR RA 266 36.66 -35.81 132.64
C THR RA 266 35.35 -35.58 131.88
N TYR RA 267 35.02 -36.44 130.91
CA TYR RA 267 33.86 -36.22 130.06
C TYR RA 267 32.55 -36.62 130.76
N TYR RA 268 31.53 -35.79 130.56
CA TYR RA 268 30.17 -35.99 131.05
C TYR RA 268 29.23 -35.73 129.86
N CYS RA 269 28.23 -36.59 129.65
CA CYS RA 269 27.50 -36.62 128.39
C CYS RA 269 26.32 -35.62 128.34
N GLN RA 270 25.64 -35.40 129.45
CA GLN RA 270 24.55 -34.41 129.55
C GLN RA 270 24.49 -33.76 130.94
N THR RA 271 23.88 -32.59 131.01
CA THR RA 271 23.40 -31.95 132.24
C THR RA 271 21.88 -31.92 132.24
N LEU RA 272 21.24 -32.25 133.37
CA LEU RA 272 19.80 -32.05 133.58
C LEU RA 272 19.59 -31.39 134.95
N GLY RA 273 18.81 -30.32 135.01
CA GLY RA 273 18.74 -29.48 136.22
C GLY RA 273 20.13 -28.97 136.62
N THR RA 274 20.59 -29.33 137.82
CA THR RA 274 21.96 -29.10 138.30
C THR RA 274 22.92 -30.28 138.07
N GLN RA 275 22.41 -31.46 137.70
CA GLN RA 275 23.20 -32.69 137.64
C GLN RA 275 24.15 -32.73 136.43
N ARG RA 276 25.14 -33.64 136.51
CA ARG RA 276 25.95 -34.12 135.38
C ARG RA 276 25.78 -35.63 135.27
N TYR RA 277 25.78 -36.16 134.05
CA TYR RA 277 25.65 -37.59 133.79
C TYR RA 277 26.88 -38.12 133.06
N PHE RA 278 27.24 -39.36 133.37
CA PHE RA 278 28.52 -39.97 133.08
C PHE RA 278 28.33 -41.36 132.48
N LEU RA 279 29.28 -41.77 131.67
CA LEU RA 279 29.28 -43.04 130.94
C LEU RA 279 30.43 -43.91 131.44
N TYR RA 280 30.21 -45.23 131.51
CA TYR RA 280 31.22 -46.20 131.88
C TYR RA 280 31.15 -47.42 130.98
N GLY RA 281 32.29 -47.91 130.49
CA GLY RA 281 32.36 -49.16 129.73
C GLY RA 281 32.56 -50.36 130.66
N THR RA 282 32.14 -51.55 130.26
CA THR RA 282 32.56 -52.78 130.95
C THR RA 282 32.69 -53.95 129.98
N HIS RA 283 33.56 -54.90 130.33
CA HIS RA 283 33.68 -56.17 129.55
C HIS RA 283 32.90 -57.25 130.31
N SER RA 284 32.23 -56.88 131.41
CA SER RA 284 31.50 -57.84 132.24
C SER RA 284 30.42 -58.59 131.47
N THR RA 285 30.32 -59.89 131.74
CA THR RA 285 29.25 -60.77 131.26
C THR RA 285 27.99 -60.69 132.13
N ALA RA 286 27.98 -59.89 133.19
CA ALA RA 286 26.84 -59.76 134.10
C ALA RA 286 25.58 -59.30 133.36
N GLN RA 287 24.48 -60.03 133.58
CA GLN RA 287 23.20 -59.77 132.91
C GLN RA 287 22.41 -58.64 133.58
N ASN RA 288 22.60 -58.40 134.88
CA ASN RA 288 21.82 -57.47 135.66
C ASN RA 288 22.62 -56.20 136.00
N ILE RA 289 22.10 -55.03 135.60
CA ILE RA 289 22.74 -53.73 135.82
C ILE RA 289 22.98 -53.41 137.31
N ASN RA 290 22.20 -54.01 138.21
CA ASN RA 290 22.34 -53.78 139.64
C ASN RA 290 23.60 -54.42 140.24
N ASP RA 291 23.97 -55.66 139.83
CA ASP RA 291 25.05 -56.46 140.49
C ASP RA 291 26.47 -56.22 139.95
N ILE RA 292 26.65 -55.50 138.86
CA ILE RA 292 27.98 -55.14 138.36
C ILE RA 292 28.76 -54.44 139.50
N LYS RA 293 30.06 -54.75 139.63
CA LYS RA 293 30.91 -54.18 140.69
C LYS RA 293 31.18 -52.69 140.45
N LEU RA 294 31.86 -52.03 141.40
CA LEU RA 294 32.33 -50.64 141.17
C LEU RA 294 33.64 -50.78 140.37
N GLN RA 295 34.27 -51.96 140.41
CA GLN RA 295 35.55 -52.24 139.70
C GLN RA 295 35.32 -52.47 138.20
N GLU RA 296 34.28 -53.22 137.83
CA GLU RA 296 34.04 -53.59 136.41
C GLU RA 296 34.03 -52.35 135.52
N LEU RA 297 33.43 -51.25 135.98
CA LEU RA 297 33.27 -50.03 135.14
C LEU RA 297 34.62 -49.46 134.69
N ILE RA 298 34.75 -49.05 133.42
CA ILE RA 298 35.97 -48.39 132.87
C ILE RA 298 35.55 -46.93 132.65
N PRO RA 299 35.84 -46.01 133.58
CA PRO RA 299 35.33 -44.65 133.51
C PRO RA 299 35.98 -43.92 132.35
N LEU RA 300 35.29 -42.94 131.76
CA LEU RA 300 35.80 -42.19 130.58
C LEU RA 300 36.28 -40.81 131.04
N THR RA 301 37.61 -40.56 131.03
CA THR RA 301 38.21 -39.28 131.45
C THR RA 301 38.83 -38.59 130.26
N ASN RA 302 38.72 -39.17 129.06
CA ASN RA 302 39.24 -38.57 127.83
C ASN RA 302 38.18 -38.71 126.74
N THR RA 303 38.01 -37.69 125.89
CA THR RA 303 37.34 -37.88 124.57
C THR RA 303 38.28 -37.73 123.38
N GLN RA 304 39.41 -37.05 123.58
CA GLN RA 304 40.37 -36.66 122.49
C GLN RA 304 41.14 -37.82 121.86
N ASP RA 305 41.13 -39.02 122.43
CA ASP RA 305 41.93 -40.15 121.88
C ASP RA 305 41.11 -41.32 121.37
N TYR RA 306 41.71 -42.16 120.53
CA TYR RA 306 41.09 -43.41 120.07
C TYR RA 306 41.13 -44.52 121.14
N VAL RA 307 41.82 -44.31 122.25
CA VAL RA 307 42.14 -45.36 123.24
C VAL RA 307 40.87 -46.00 123.83
N GLN RA 308 40.87 -47.33 123.94
CA GLN RA 308 39.78 -48.13 124.52
C GLN RA 308 39.71 -48.05 126.05
N GLY RA 309 40.85 -47.79 126.69
CA GLY RA 309 41.05 -48.03 128.11
C GLY RA 309 41.24 -49.52 128.40
N PHE RA 310 41.20 -49.89 129.68
CA PHE RA 310 41.28 -51.27 130.13
C PHE RA 310 40.62 -51.44 131.50
N ASP RA 311 40.31 -52.68 131.85
CA ASP RA 311 39.65 -53.04 133.11
C ASP RA 311 40.61 -53.04 134.30
N TRP RA 312 40.08 -52.86 135.52
CA TRP RA 312 40.83 -52.89 136.78
C TRP RA 312 41.55 -54.23 137.02
N THR RA 313 41.10 -55.32 136.40
CA THR RA 313 41.81 -56.61 136.41
C THR RA 313 43.21 -56.53 135.76
N GLU RA 314 43.51 -55.49 134.98
CA GLU RA 314 44.85 -55.25 134.42
C GLU RA 314 45.69 -54.26 135.25
N LYS RA 315 45.28 -53.96 136.50
CA LYS RA 315 46.04 -53.14 137.46
C LYS RA 315 47.53 -53.51 137.50
N ASP RA 316 47.83 -54.79 137.59
CA ASP RA 316 49.21 -55.30 137.65
C ASP RA 316 49.97 -55.28 136.31
N LYS RA 317 49.29 -55.10 135.17
CA LYS RA 317 49.95 -54.96 133.86
C LYS RA 317 50.47 -53.54 133.62
N HIS RA 318 49.85 -52.54 134.26
CA HIS RA 318 50.22 -51.10 134.12
C HIS RA 318 50.70 -50.54 135.48
N ASN RA 319 51.18 -51.39 136.38
CA ASN RA 319 51.76 -51.02 137.68
C ASN RA 319 50.88 -50.00 138.45
N ILE RA 320 49.56 -50.11 138.31
CA ILE RA 320 48.59 -49.19 138.92
C ILE RA 320 48.55 -49.40 140.42
N THR RA 321 48.66 -48.31 141.19
CA THR RA 321 48.61 -48.34 142.66
C THR RA 321 47.26 -47.87 143.22
N THR RA 322 46.51 -47.04 142.47
CA THR RA 322 45.26 -46.41 142.94
C THR RA 322 44.25 -46.27 141.82
N TYR RA 323 42.98 -46.05 142.17
CA TYR RA 323 41.95 -45.71 141.20
C TYR RA 323 42.28 -44.41 140.44
N LYS RA 324 43.03 -43.46 141.04
CA LYS RA 324 43.57 -42.28 140.34
C LYS RA 324 44.48 -42.68 139.17
N GLU RA 325 45.37 -43.65 139.34
CA GLU RA 325 46.17 -44.19 138.22
C GLU RA 325 45.35 -45.07 137.27
N PHE RA 326 44.30 -45.74 137.73
CA PHE RA 326 43.35 -46.42 136.85
C PHE RA 326 42.59 -45.43 135.95
N LEU RA 327 42.12 -44.31 136.49
CA LEU RA 327 41.50 -43.20 135.75
C LEU RA 327 42.44 -42.64 134.67
N THR RA 328 43.73 -42.41 134.99
CA THR RA 328 44.63 -41.78 134.02
C THR RA 328 45.17 -42.78 133.00
N LYS RA 329 45.56 -44.00 133.40
CA LYS RA 329 46.09 -44.99 132.45
C LYS RA 329 45.00 -45.76 131.70
N GLY RA 330 43.90 -46.11 132.36
CA GLY RA 330 42.95 -47.12 131.91
C GLY RA 330 41.58 -46.61 131.47
N ALA RA 331 41.28 -45.32 131.55
CA ALA RA 331 40.02 -44.79 131.05
C ALA RA 331 39.85 -44.93 129.53
N GLY RA 332 38.62 -45.18 129.09
CA GLY RA 332 38.27 -45.43 127.69
C GLY RA 332 37.61 -44.24 127.01
N ASN RA 333 37.89 -43.98 125.74
CA ASN RA 333 37.18 -42.92 125.01
C ASN RA 333 35.83 -43.48 124.51
N PRO RA 334 34.70 -42.78 124.70
CA PRO RA 334 33.37 -43.33 124.41
C PRO RA 334 33.16 -43.63 122.93
N PHE RA 335 33.94 -42.99 122.06
CA PHE RA 335 33.91 -43.14 120.61
C PHE RA 335 34.89 -44.19 120.08
N HIS RA 336 35.54 -44.98 120.93
CA HIS RA 336 36.31 -46.15 120.48
C HIS RA 336 35.37 -47.17 119.79
N ALA RA 337 35.88 -47.97 118.86
CA ALA RA 337 35.09 -48.83 117.97
C ALA RA 337 34.15 -49.82 118.68
N GLU RA 338 34.43 -50.20 119.94
CA GLU RA 338 33.51 -51.03 120.73
C GLU RA 338 32.55 -50.23 121.60
N TRP RA 339 32.94 -49.07 122.13
CA TRP RA 339 32.07 -48.23 122.97
C TRP RA 339 31.09 -47.37 122.14
N ILE RA 340 31.47 -46.96 120.92
CA ILE RA 340 30.68 -46.09 120.04
C ILE RA 340 29.28 -46.64 119.75
N THR RA 341 29.17 -47.95 119.55
CA THR RA 341 27.90 -48.70 119.34
C THR RA 341 27.62 -49.69 120.48
N ALA RA 342 28.35 -49.59 121.59
CA ALA RA 342 28.25 -50.49 122.75
C ALA RA 342 28.30 -51.99 122.36
N GLN RA 343 29.23 -52.36 121.49
CA GLN RA 343 29.49 -53.77 121.13
C GLN RA 343 29.77 -54.59 122.40
N ASN RA 344 30.58 -54.01 123.31
CA ASN RA 344 30.67 -54.42 124.70
C ASN RA 344 29.85 -53.40 125.54
N PRO RA 345 29.09 -53.83 126.55
CA PRO RA 345 28.13 -52.95 127.23
C PRO RA 345 28.72 -51.64 127.75
N VAL RA 346 27.91 -50.58 127.66
CA VAL RA 346 28.21 -49.22 128.12
C VAL RA 346 27.07 -48.77 129.03
N ILE RA 347 27.43 -48.19 130.18
CA ILE RA 347 26.52 -47.87 131.26
C ILE RA 347 26.46 -46.35 131.44
N HIS RA 348 25.26 -45.79 131.43
CA HIS RA 348 25.00 -44.36 131.64
C HIS RA 348 24.46 -44.15 133.06
N THR RA 349 24.95 -43.16 133.80
CA THR RA 349 24.55 -42.93 135.20
C THR RA 349 24.70 -41.46 135.62
N ALA RA 350 23.96 -41.03 136.63
CA ALA RA 350 24.19 -39.76 137.31
C ALA RA 350 25.41 -39.81 138.25
N ASN RA 351 25.87 -41.00 138.64
CA ASN RA 351 26.94 -41.14 139.63
C ASN RA 351 28.31 -40.73 139.07
N SER RA 352 28.82 -39.59 139.52
CA SER RA 352 30.11 -39.07 139.06
C SER RA 352 31.27 -40.00 139.43
N PRO RA 353 32.29 -40.15 138.57
CA PRO RA 353 33.50 -40.89 138.89
C PRO RA 353 34.13 -40.44 140.21
N THR RA 354 34.03 -39.16 140.59
CA THR RA 354 34.57 -38.66 141.86
C THR RA 354 33.83 -39.20 143.08
N GLN RA 355 32.54 -39.52 142.98
CA GLN RA 355 31.88 -40.27 144.05
C GLN RA 355 32.44 -41.71 144.11
N ILE RA 356 32.69 -42.34 142.96
CA ILE RA 356 33.39 -43.63 142.91
C ILE RA 356 34.83 -43.52 143.44
N GLU RA 357 35.54 -42.42 143.17
CA GLU RA 357 36.87 -42.13 143.76
C GLU RA 357 36.77 -42.11 145.27
N GLN RA 358 35.80 -41.39 145.83
CA GLN RA 358 35.58 -41.36 147.29
C GLN RA 358 35.33 -42.77 147.83
N ILE RA 359 34.52 -43.60 147.17
CA ILE RA 359 34.29 -44.99 147.61
C ILE RA 359 35.59 -45.83 147.55
N TYR RA 360 36.35 -45.77 146.45
CA TYR RA 360 37.63 -46.46 146.34
C TYR RA 360 38.65 -45.97 147.38
N THR RA 361 38.90 -44.65 147.41
CA THR RA 361 39.95 -44.05 148.25
C THR RA 361 39.62 -44.17 149.73
N ALA RA 362 38.33 -44.08 150.12
CA ALA RA 362 37.93 -44.32 151.51
C ALA RA 362 38.30 -45.73 151.97
N SER RA 363 38.06 -46.76 151.14
CA SER RA 363 38.68 -48.08 151.33
C SER RA 363 38.69 -48.93 150.05
N THR RA 364 39.90 -49.28 149.60
CA THR RA 364 40.14 -50.13 148.41
C THR RA 364 39.61 -51.55 148.62
N THR RA 365 39.64 -52.04 149.86
CA THR RA 365 39.08 -53.35 150.23
C THR RA 365 37.56 -53.41 150.09
N THR RA 366 36.84 -52.31 150.36
CA THR RA 366 35.38 -52.26 150.13
C THR RA 366 35.01 -51.93 148.69
N PHE RA 367 35.95 -51.48 147.85
CA PHE RA 367 35.72 -51.36 146.39
C PHE RA 367 35.48 -52.73 145.73
N GLN RA 368 36.12 -53.79 146.25
CA GLN RA 368 35.83 -55.18 145.89
C GLN RA 368 34.38 -55.57 146.27
N ASN RA 369 33.93 -55.17 147.47
CA ASN RA 369 32.62 -55.54 148.00
C ASN RA 369 31.48 -54.75 147.34
N LYS RA 370 31.65 -53.45 147.11
CA LYS RA 370 30.58 -52.58 146.58
C LYS RA 370 30.22 -52.94 145.13
N LYS RA 371 28.91 -52.98 144.87
CA LYS RA 371 28.30 -53.15 143.54
C LYS RA 371 27.55 -51.89 143.12
N LEU RA 372 26.89 -51.90 141.97
CA LEU RA 372 26.06 -50.82 141.47
C LEU RA 372 24.79 -50.59 142.32
N THR RA 373 24.36 -51.57 143.12
CA THR RA 373 23.41 -51.38 144.22
C THR RA 373 23.98 -50.46 145.31
N ASP RA 374 23.12 -49.69 145.97
CA ASP RA 374 23.45 -48.84 147.12
C ASP RA 374 24.59 -47.82 146.86
N LEU RA 375 24.81 -47.43 145.60
CA LEU RA 375 25.72 -46.34 145.25
C LEU RA 375 25.02 -44.97 145.34
N PRO RA 376 25.77 -43.87 145.49
CA PRO RA 376 25.20 -42.53 145.41
C PRO RA 376 24.64 -42.26 144.01
N THR RA 377 23.51 -41.54 143.92
CA THR RA 377 22.79 -41.21 142.66
C THR RA 377 22.89 -42.33 141.61
N PRO RA 378 22.40 -43.56 141.89
CA PRO RA 378 22.62 -44.67 140.96
C PRO RA 378 21.63 -44.85 139.83
N GLY RA 379 21.70 -44.00 138.80
CA GLY RA 379 20.83 -44.13 137.61
C GLY RA 379 21.52 -44.99 136.59
N TYR RA 380 22.10 -46.13 137.01
CA TYR RA 380 22.84 -47.04 136.09
C TYR RA 380 21.88 -47.65 135.08
N ILE RA 381 22.04 -47.36 133.79
CA ILE RA 381 21.16 -47.86 132.70
C ILE RA 381 22.06 -48.43 131.60
N PHE RA 382 21.53 -49.05 130.54
CA PHE RA 382 22.35 -49.51 129.39
C PHE RA 382 22.02 -48.62 128.19
N ILE RA 383 22.92 -47.68 127.83
CA ILE RA 383 22.67 -46.71 126.75
C ILE RA 383 23.76 -46.80 125.69
N THR RA 384 23.41 -46.68 124.41
CA THR RA 384 24.36 -46.74 123.29
C THR RA 384 24.64 -45.31 122.79
N PRO RA 385 25.91 -44.87 122.68
CA PRO RA 385 26.23 -43.52 122.17
C PRO RA 385 25.75 -43.29 120.73
N THR RA 386 25.73 -44.34 119.91
CA THR RA 386 25.22 -44.32 118.53
C THR RA 386 23.87 -45.00 118.42
N VAL RA 387 23.00 -44.45 117.56
CA VAL RA 387 21.83 -45.15 117.00
C VAL RA 387 21.92 -45.11 115.47
N SER RA 388 21.40 -46.15 114.81
CA SER RA 388 21.28 -46.19 113.34
C SER RA 388 19.83 -45.93 112.94
N LEU RA 389 19.61 -44.92 112.09
CA LEU RA 389 18.33 -44.58 111.48
C LEU RA 389 18.24 -45.15 110.07
N ARG RA 390 17.03 -45.37 109.57
CA ARG RA 390 16.75 -45.63 108.15
C ARG RA 390 16.08 -44.43 107.53
N TYR RA 391 16.62 -43.95 106.41
CA TYR RA 391 16.07 -42.85 105.61
C TYR RA 391 15.63 -43.38 104.25
N ASN RA 392 14.44 -42.99 103.80
CA ASN RA 392 13.94 -43.29 102.48
C ASN RA 392 13.64 -41.97 101.75
N PRO RA 393 14.29 -41.66 100.62
CA PRO RA 393 14.12 -40.39 99.94
C PRO RA 393 12.72 -40.21 99.36
N TYR RA 394 12.05 -41.31 99.01
CA TYR RA 394 10.70 -41.24 98.39
C TYR RA 394 9.64 -41.01 99.48
N LYS RA 395 10.01 -41.25 100.74
CA LYS RA 395 9.09 -41.05 101.90
C LYS RA 395 9.32 -39.66 102.49
N ASP RA 396 10.19 -38.85 101.88
CA ASP RA 396 10.55 -37.51 102.44
C ASP RA 396 9.69 -36.41 101.81
N LEU RA 397 8.99 -35.62 102.63
CA LEU RA 397 8.07 -34.59 102.15
C LEU RA 397 8.57 -33.16 102.42
N ALA RA 398 9.73 -33.01 103.07
CA ALA RA 398 10.37 -31.72 103.29
C ALA RA 398 9.51 -30.66 104.03
N GLU RA 399 8.57 -31.05 104.88
CA GLU RA 399 7.67 -30.08 105.54
C GLU RA 399 8.32 -29.40 106.75
N ARG RA 400 9.25 -30.10 107.44
CA ARG RA 400 9.95 -29.59 108.64
C ARG RA 400 11.43 -29.95 108.63
N ASN RA 401 11.99 -30.15 107.44
CA ASN RA 401 13.42 -30.39 107.24
C ASN RA 401 14.24 -29.14 107.52
N LYS RA 402 15.44 -29.30 108.07
CA LYS RA 402 16.30 -28.19 108.52
C LYS RA 402 17.74 -28.65 108.63
N CYS RA 403 18.71 -27.74 108.53
CA CYS RA 403 20.13 -28.08 108.50
C CYS RA 403 20.99 -26.87 108.90
N TYR RA 404 21.99 -27.07 109.77
CA TYR RA 404 22.90 -26.00 110.24
C TYR RA 404 24.16 -26.54 110.90
N PHE RA 405 25.17 -25.69 111.08
CA PHE RA 405 26.40 -26.03 111.80
C PHE RA 405 26.43 -25.43 113.21
N VAL RA 406 26.87 -26.22 114.19
CA VAL RA 406 27.11 -25.80 115.58
C VAL RA 406 28.58 -25.96 115.93
N ARG RA 407 29.09 -25.19 116.89
CA ARG RA 407 30.50 -25.19 117.31
C ARG RA 407 30.80 -26.46 118.12
N SER RA 408 31.77 -27.27 117.68
CA SER RA 408 32.10 -28.54 118.36
C SER RA 408 33.00 -28.32 119.58
N LYS RA 409 34.14 -27.63 119.42
CA LYS RA 409 35.01 -27.24 120.54
C LYS RA 409 34.57 -25.95 121.22
N ILE RA 410 33.43 -25.97 121.90
CA ILE RA 410 33.05 -24.93 122.88
C ILE RA 410 32.30 -25.54 124.07
N ASN RA 411 32.33 -24.84 125.20
CA ASN RA 411 31.64 -25.24 126.41
C ASN RA 411 30.17 -24.78 126.41
N ALA RA 412 29.37 -25.26 125.45
CA ALA RA 412 27.94 -24.92 125.34
C ALA RA 412 27.07 -26.17 125.17
N HIS RA 413 25.98 -26.22 125.94
CA HIS RA 413 25.07 -27.35 125.98
C HIS RA 413 24.09 -27.34 124.81
N GLY RA 414 23.62 -28.53 124.41
CA GLY RA 414 22.49 -28.69 123.50
C GLY RA 414 22.81 -28.45 122.03
N TRP RA 415 21.80 -28.70 121.20
CA TRP RA 415 21.93 -28.82 119.74
C TRP RA 415 21.09 -27.78 118.97
N ASP RA 416 20.45 -26.84 119.67
CA ASP RA 416 19.56 -25.86 119.00
C ASP RA 416 20.31 -25.08 117.92
N PRO RA 417 19.64 -24.60 116.84
CA PRO RA 417 20.33 -23.78 115.85
C PRO RA 417 20.91 -22.59 116.57
N GLU RA 418 22.19 -22.30 116.36
CA GLU RA 418 22.88 -21.20 117.09
C GLU RA 418 23.77 -20.41 116.12
N GLN RA 419 24.39 -19.33 116.62
CA GLN RA 419 25.29 -18.48 115.79
C GLN RA 419 24.48 -17.93 114.59
N HIS RA 420 24.90 -18.19 113.35
CA HIS RA 420 24.24 -17.62 112.14
C HIS RA 420 22.86 -18.25 111.94
N GLN RA 421 21.80 -17.46 112.07
CA GLN RA 421 20.40 -17.93 111.84
C GLN RA 421 20.07 -17.71 110.37
N GLU RA 422 20.85 -16.88 109.66
CA GLU RA 422 20.66 -16.71 108.22
C GLU RA 422 21.28 -17.87 107.40
N LEU RA 423 22.20 -18.63 108.00
CA LEU RA 423 22.82 -19.80 107.38
C LEU RA 423 22.00 -21.09 107.54
N ILE RA 424 20.95 -21.09 108.37
CA ILE RA 424 20.05 -22.24 108.48
C ILE RA 424 19.41 -22.50 107.11
N ASN RA 425 19.46 -23.77 106.65
CA ASN RA 425 18.87 -24.21 105.35
C ASN RA 425 17.64 -25.07 105.67
N SER RA 426 16.45 -24.75 105.14
CA SER RA 426 15.18 -25.37 105.54
C SER RA 426 14.31 -25.75 104.34
N ASP RA 427 13.37 -26.66 104.57
CA ASP RA 427 12.22 -26.95 103.69
C ASP RA 427 12.56 -27.48 102.28
N LEU RA 428 13.60 -28.31 102.16
CA LEU RA 428 13.90 -29.12 100.98
C LEU RA 428 14.13 -30.58 101.42
N PRO RA 429 13.92 -31.58 100.57
CA PRO RA 429 14.19 -32.96 100.95
C PRO RA 429 15.68 -33.14 101.25
N GLN RA 430 16.04 -33.93 102.27
CA GLN RA 430 17.45 -34.05 102.79
C GLN RA 430 18.53 -34.28 101.72
N TRP RA 431 18.25 -35.00 100.64
CA TRP RA 431 19.19 -35.19 99.55
C TRP RA 431 19.43 -33.92 98.72
N LEU RA 432 18.47 -33.00 98.67
CA LEU RA 432 18.62 -31.68 98.09
C LEU RA 432 19.13 -30.65 99.11
N LEU RA 433 18.65 -30.73 100.35
CA LEU RA 433 19.01 -29.79 101.41
C LEU RA 433 20.51 -29.85 101.77
N LEU RA 434 21.10 -31.05 101.81
CA LEU RA 434 22.51 -31.24 102.15
C LEU RA 434 23.45 -30.98 100.98
N PHE RA 435 22.99 -31.06 99.72
CA PHE RA 435 23.88 -31.04 98.55
C PHE RA 435 24.61 -29.69 98.44
N GLY RA 436 25.94 -29.71 98.53
CA GLY RA 436 26.77 -28.50 98.46
C GLY RA 436 26.62 -27.53 99.63
N TYR RA 437 25.80 -27.82 100.64
CA TYR RA 437 25.60 -26.92 101.77
C TYR RA 437 26.87 -26.69 102.61
N PRO RA 438 27.66 -27.72 102.97
CA PRO RA 438 28.95 -27.52 103.62
C PRO RA 438 29.92 -26.64 102.83
N ASP RA 439 29.97 -26.77 101.50
CA ASP RA 439 30.82 -25.93 100.67
C ASP RA 439 30.32 -24.50 100.56
N TYR RA 440 29.01 -24.26 100.51
CA TYR RA 440 28.47 -22.92 100.63
C TYR RA 440 28.91 -22.27 101.95
N ILE RA 441 28.85 -23.02 103.05
CA ILE RA 441 29.26 -22.53 104.36
C ILE RA 441 30.76 -22.24 104.40
N LYS RA 442 31.61 -23.14 103.91
CA LYS RA 442 33.06 -22.90 103.80
C LYS RA 442 33.38 -21.68 102.95
N ARG RA 443 32.77 -21.54 101.78
CA ARG RA 443 33.03 -20.38 100.86
C ARG RA 443 32.50 -19.08 101.49
N THR RA 444 31.43 -19.16 102.29
CA THR RA 444 30.90 -18.00 103.02
C THR RA 444 31.87 -17.48 104.09
N GLN RA 445 32.70 -18.36 104.67
CA GLN RA 445 33.77 -17.94 105.63
C GLN RA 445 33.23 -17.27 106.90
N ASN RA 446 31.95 -17.44 107.23
CA ASN RA 446 31.37 -16.90 108.47
C ASN RA 446 31.64 -17.78 109.70
N PHE RA 447 32.31 -18.92 109.53
CA PHE RA 447 32.73 -19.81 110.61
C PHE RA 447 34.25 -20.05 110.56
N ALA RA 448 34.86 -20.37 111.70
CA ALA RA 448 36.26 -20.76 111.75
C ALA RA 448 36.48 -22.02 110.90
N LEU RA 449 37.42 -21.96 109.97
CA LEU RA 449 37.38 -22.77 108.74
C LEU RA 449 37.53 -24.28 108.96
N VAL RA 450 38.16 -24.70 110.05
CA VAL RA 450 38.61 -26.08 110.21
C VAL RA 450 37.47 -27.06 110.53
N ASP RA 451 37.44 -28.21 109.83
CA ASP RA 451 36.35 -29.21 109.99
C ASP RA 451 36.23 -29.72 111.43
N THR RA 452 37.32 -29.68 112.20
CA THR RA 452 37.31 -30.20 113.57
C THR RA 452 36.56 -29.33 114.57
N ASN RA 453 36.24 -28.08 114.22
CA ASN RA 453 35.70 -27.11 115.17
C ASN RA 453 34.19 -26.92 115.04
N TYR RA 454 33.54 -27.62 114.12
CA TYR RA 454 32.08 -27.57 113.91
C TYR RA 454 31.50 -28.98 113.74
N ILE RA 455 30.20 -29.10 113.98
CA ILE RA 455 29.38 -30.26 113.67
C ILE RA 455 28.21 -29.79 112.81
N LEU RA 456 27.84 -30.59 111.84
CA LEU RA 456 26.60 -30.48 111.08
C LEU RA 456 25.47 -31.23 111.80
N VAL RA 457 24.34 -30.54 111.95
CA VAL RA 457 23.14 -30.99 112.67
C VAL RA 457 21.95 -30.80 111.73
N ASP RA 458 21.06 -31.78 111.62
CA ASP RA 458 19.87 -31.65 110.77
C ASP RA 458 18.61 -32.26 111.39
N HIS RA 459 17.46 -31.67 111.11
CA HIS RA 459 16.15 -32.18 111.52
C HIS RA 459 15.45 -32.80 110.31
N CYS RA 460 14.85 -33.97 110.49
CA CYS RA 460 14.10 -34.67 109.45
C CYS RA 460 13.04 -35.57 110.10
N PRO RA 461 11.74 -35.24 109.97
CA PRO RA 461 10.63 -36.08 110.45
C PRO RA 461 10.57 -37.48 109.85
N TYR RA 462 11.25 -37.72 108.72
CA TYR RA 462 10.91 -38.81 107.80
C TYR RA 462 11.79 -40.05 107.90
N THR RA 463 12.75 -40.10 108.82
CA THR RA 463 13.36 -41.39 109.20
C THR RA 463 12.35 -42.25 109.96
N ASN RA 464 12.44 -43.58 109.82
CA ASN RA 464 11.45 -44.47 110.43
C ASN RA 464 11.55 -44.53 111.97
N PRO RA 465 12.73 -44.82 112.55
CA PRO RA 465 13.06 -44.33 113.89
C PRO RA 465 13.40 -42.85 113.82
N GLU RA 466 13.44 -42.14 114.95
CA GLU RA 466 13.75 -40.71 114.98
C GLU RA 466 14.68 -40.33 116.14
N LYS RA 467 15.37 -39.20 115.96
CA LYS RA 467 16.02 -38.41 117.01
C LYS RA 467 15.75 -36.94 116.68
N THR RA 468 15.57 -36.08 117.67
CA THR RA 468 15.03 -34.71 117.46
C THR RA 468 15.90 -33.93 116.47
N PRO RA 469 17.19 -33.64 116.73
CA PRO RA 469 18.17 -33.48 115.69
C PRO RA 469 18.88 -34.82 115.38
N PHE RA 470 19.57 -34.82 114.24
CA PHE RA 470 20.46 -35.95 113.88
C PHE RA 470 21.87 -35.40 113.90
N ILE RA 471 22.86 -36.18 114.30
CA ILE RA 471 24.29 -35.75 114.21
C ILE RA 471 24.94 -36.79 113.30
N PRO RA 472 24.73 -36.76 111.96
CA PRO RA 472 25.22 -37.85 111.12
C PRO RA 472 26.68 -38.17 111.39
N LEU RA 473 27.07 -39.44 111.39
CA LEU RA 473 28.45 -39.89 111.53
C LEU RA 473 28.78 -40.91 110.45
N SER RA 474 29.96 -40.81 109.86
CA SER RA 474 30.37 -41.74 108.80
C SER RA 474 30.68 -43.12 109.36
N THR RA 475 30.44 -44.15 108.56
CA THR RA 475 30.77 -45.54 108.89
C THR RA 475 32.23 -45.70 109.31
N SER RA 476 33.16 -44.91 108.75
CA SER RA 476 34.56 -44.90 109.18
C SER RA 476 34.74 -44.49 110.65
N PHE RA 477 34.06 -43.45 111.14
CA PHE RA 477 34.11 -43.06 112.55
C PHE RA 477 33.38 -44.03 113.48
N ILE RA 478 32.28 -44.61 113.00
CA ILE RA 478 31.54 -45.68 113.68
C ILE RA 478 32.32 -47.01 113.71
N GLU RA 479 33.35 -47.16 112.86
CA GLU RA 479 34.24 -48.32 112.80
C GLU RA 479 35.68 -48.02 113.25
N GLY RA 480 35.96 -46.84 113.80
CA GLY RA 480 37.30 -46.53 114.30
C GLY RA 480 38.38 -46.41 113.23
N ARG RA 481 38.14 -45.56 112.22
CA ARG RA 481 39.07 -45.41 111.07
C ARG RA 481 39.06 -43.96 110.56
N SER RA 482 40.16 -43.53 109.91
CA SER RA 482 40.28 -42.15 109.40
C SER RA 482 39.23 -41.81 108.33
N PRO RA 483 38.85 -40.52 108.15
CA PRO RA 483 37.69 -40.10 107.36
C PRO RA 483 37.56 -40.70 105.95
N TYR RA 484 38.67 -40.89 105.24
CA TYR RA 484 38.73 -41.51 103.90
C TYR RA 484 39.80 -42.62 103.83
N SER RA 485 39.88 -43.47 104.85
CA SER RA 485 40.86 -44.57 104.92
C SER RA 485 40.21 -45.92 104.59
N PRO RA 486 40.89 -46.81 103.83
CA PRO RA 486 40.31 -48.07 103.38
C PRO RA 486 39.98 -49.01 104.54
N SER RA 487 38.88 -49.76 104.39
CA SER RA 487 38.27 -50.60 105.43
C SER RA 487 39.17 -51.69 106.01
N ASP RA 488 40.28 -52.04 105.35
CA ASP RA 488 41.26 -53.03 105.90
C ASP RA 488 41.89 -52.48 107.18
N THR RA 489 41.91 -51.15 107.34
CA THR RA 489 42.44 -50.46 108.50
C THR RA 489 41.46 -50.53 109.68
N HIS RA 490 41.96 -50.70 110.92
CA HIS RA 490 41.11 -50.79 112.15
C HIS RA 490 41.60 -49.80 113.22
N GLU RA 491 42.28 -48.72 112.85
CA GLU RA 491 42.72 -47.64 113.72
C GLU RA 491 42.79 -46.31 112.93
N PRO RA 492 42.56 -45.15 113.55
CA PRO RA 492 42.92 -43.88 112.95
C PRO RA 492 44.43 -43.77 112.70
N ASP RA 493 44.84 -42.99 111.70
CA ASP RA 493 46.22 -42.49 111.54
C ASP RA 493 46.54 -41.46 112.64
N GLU RA 494 47.81 -41.24 113.00
CA GLU RA 494 48.20 -40.51 114.21
C GLU RA 494 47.50 -39.15 114.43
N GLU RA 495 47.34 -38.36 113.36
CA GLU RA 495 46.65 -37.07 113.44
C GLU RA 495 45.12 -37.20 113.68
N ASP RA 496 44.51 -38.32 113.28
CA ASP RA 496 43.14 -38.68 113.63
C ASP RA 496 43.07 -39.54 114.91
N GLN RA 497 44.18 -40.11 115.41
CA GLN RA 497 44.21 -40.69 116.76
C GLN RA 497 44.08 -39.59 117.81
N ASN RA 498 44.73 -38.45 117.56
CA ASN RA 498 44.38 -37.17 118.16
C ASN RA 498 43.05 -36.64 117.58
N ARG RA 499 42.40 -35.77 118.38
CA ARG RA 499 41.13 -35.12 117.98
C ARG RA 499 40.08 -36.18 117.60
N TRP RA 500 40.06 -37.35 118.26
CA TRP RA 500 39.09 -38.45 117.96
C TRP RA 500 37.75 -38.16 118.65
N TYR RA 501 37.02 -37.17 118.16
CA TYR RA 501 35.73 -36.75 118.71
C TYR RA 501 34.78 -36.26 117.61
N PRO RA 502 33.45 -36.23 117.82
CA PRO RA 502 32.49 -35.75 116.84
C PRO RA 502 32.81 -34.36 116.25
N CYS RA 503 33.00 -34.31 114.94
CA CYS RA 503 33.17 -33.07 114.19
C CYS RA 503 32.92 -33.34 112.69
N TYR RA 504 32.71 -32.28 111.92
CA TYR RA 504 32.33 -32.34 110.50
C TYR RA 504 33.27 -33.20 109.65
N GLN RA 505 34.55 -33.29 110.00
CA GLN RA 505 35.54 -34.13 109.26
C GLN RA 505 35.10 -35.60 109.26
N TYR RA 506 34.49 -36.09 110.34
CA TYR RA 506 33.99 -37.45 110.41
C TYR RA 506 32.56 -37.61 109.89
N GLN RA 507 31.84 -36.52 109.62
CA GLN RA 507 30.46 -36.58 109.09
C GLN RA 507 30.39 -36.65 107.55
N GLN RA 508 31.46 -36.28 106.86
CA GLN RA 508 31.45 -36.03 105.41
C GLN RA 508 30.88 -37.18 104.56
N GLU RA 509 31.31 -38.41 104.80
CA GLU RA 509 30.84 -39.55 104.00
C GLU RA 509 29.35 -39.84 104.26
N SER RA 510 28.85 -39.61 105.48
CA SER RA 510 27.43 -39.81 105.78
C SER RA 510 26.52 -38.84 105.02
N ILE RA 511 26.85 -37.55 104.96
CA ILE RA 511 26.03 -36.60 104.21
C ILE RA 511 26.20 -36.76 102.71
N ASN RA 512 27.37 -37.21 102.23
CA ASN RA 512 27.50 -37.62 100.84
C ASN RA 512 26.58 -38.81 100.54
N SER RA 513 26.51 -39.80 101.43
CA SER RA 513 25.63 -40.96 101.28
C SER RA 513 24.15 -40.58 101.24
N ILE RA 514 23.72 -39.60 102.05
CA ILE RA 514 22.37 -39.04 101.98
C ILE RA 514 22.14 -38.33 100.64
N CYS RA 515 23.09 -37.54 100.14
CA CYS RA 515 22.97 -36.92 98.81
C CYS RA 515 22.92 -37.95 97.67
N LEU RA 516 23.69 -39.03 97.76
CA LEU RA 516 23.65 -40.15 96.82
C LEU RA 516 22.30 -40.87 96.81
N SER RA 517 21.49 -40.77 97.86
CA SER RA 517 20.12 -41.28 97.82
C SER RA 517 19.22 -40.47 96.87
N GLY RA 518 19.58 -39.23 96.55
CA GLY RA 518 18.82 -38.38 95.64
C GLY RA 518 18.99 -38.75 94.16
N PRO RA 519 18.03 -38.34 93.30
CA PRO RA 519 18.04 -38.67 91.89
C PRO RA 519 19.17 -37.98 91.11
N GLY RA 520 19.53 -38.56 89.98
CA GLY RA 520 20.54 -38.09 89.04
C GLY RA 520 21.99 -38.34 89.46
N THR RA 521 22.25 -38.72 90.71
CA THR RA 521 23.60 -38.93 91.21
C THR RA 521 24.26 -40.16 90.58
N PRO RA 522 25.48 -40.05 90.03
CA PRO RA 522 26.08 -41.11 89.23
C PRO RA 522 26.57 -42.32 90.03
N LYS RA 523 26.72 -43.45 89.34
CA LYS RA 523 27.38 -44.68 89.83
C LYS RA 523 28.81 -44.71 89.30
N ILE RA 524 29.81 -44.67 90.18
CA ILE RA 524 31.22 -44.73 89.80
C ILE RA 524 31.86 -45.92 90.53
N PRO RA 525 32.43 -46.92 89.83
CA PRO RA 525 33.10 -48.04 90.49
C PRO RA 525 34.23 -47.59 91.42
N LYS RA 526 34.41 -48.26 92.56
CA LYS RA 526 35.49 -47.93 93.51
C LYS RA 526 36.86 -48.08 92.84
N GLY RA 527 37.73 -47.09 93.05
CA GLY RA 527 39.04 -47.00 92.42
C GLY RA 527 39.05 -46.33 91.03
N ILE RA 528 37.90 -45.94 90.49
CA ILE RA 528 37.81 -45.16 89.25
C ILE RA 528 37.51 -43.70 89.59
N THR RA 529 38.22 -42.77 88.95
CA THR RA 529 37.93 -41.34 89.03
C THR RA 529 37.32 -40.89 87.72
N ALA RA 530 36.11 -40.35 87.76
CA ALA RA 530 35.49 -39.73 86.61
C ALA RA 530 35.97 -38.28 86.48
N GLU RA 531 36.08 -37.78 85.25
CA GLU RA 531 36.65 -36.46 84.95
C GLU RA 531 35.84 -35.81 83.84
N ALA RA 532 35.84 -34.48 83.78
CA ALA RA 532 35.31 -33.73 82.65
C ALA RA 532 36.20 -32.54 82.33
N LYS RA 533 36.27 -32.15 81.07
CA LYS RA 533 37.08 -31.01 80.61
C LYS RA 533 36.36 -30.18 79.56
N VAL RA 534 36.70 -28.91 79.51
CA VAL RA 534 36.32 -27.98 78.45
C VAL RA 534 37.59 -27.44 77.80
N LYS RA 535 37.59 -27.21 76.49
CA LYS RA 535 38.60 -26.40 75.83
C LYS RA 535 38.04 -25.00 75.61
N TYR RA 536 38.76 -23.99 76.07
CA TYR RA 536 38.34 -22.60 75.96
C TYR RA 536 39.21 -21.83 74.97
N SER RA 537 38.64 -20.77 74.41
CA SER RA 537 39.35 -19.77 73.63
C SER RA 537 38.77 -18.41 73.93
N PHE RA 538 39.43 -17.62 74.77
CA PHE RA 538 39.04 -16.23 75.05
C PHE RA 538 39.65 -15.30 74.03
N ASN RA 539 38.85 -14.41 73.44
CA ASN RA 539 39.29 -13.51 72.39
C ASN RA 539 39.56 -12.11 72.95
N PHE RA 540 40.79 -11.65 72.82
CA PHE RA 540 41.24 -10.33 73.24
C PHE RA 540 41.93 -9.61 72.09
N LYS RA 541 42.01 -8.30 72.19
CA LYS RA 541 42.97 -7.49 71.46
C LYS RA 541 43.83 -6.75 72.46
N TRP RA 542 45.11 -6.56 72.18
CA TRP RA 542 46.01 -5.73 72.95
C TRP RA 542 46.29 -4.45 72.19
N GLY RA 543 46.27 -3.31 72.86
CA GLY RA 543 46.41 -1.99 72.23
C GLY RA 543 47.52 -1.17 72.85
N GLY RA 544 48.20 -0.37 72.05
CA GLY RA 544 49.22 0.54 72.53
C GLY RA 544 49.91 1.34 71.44
N ASP RA 545 50.81 2.21 71.84
CA ASP RA 545 51.84 2.77 70.96
C ASP RA 545 52.88 1.71 70.58
N LEU RA 546 53.57 1.90 69.46
CA LEU RA 546 54.49 0.91 68.90
C LEU RA 546 55.62 0.58 69.90
N PRO RA 547 55.90 -0.71 70.15
CA PRO RA 547 56.94 -1.14 71.09
C PRO RA 547 58.35 -1.18 70.45
N PRO RA 548 59.40 -1.24 71.27
CA PRO RA 548 60.77 -1.50 70.82
C PRO RA 548 61.02 -2.99 70.45
N MET RA 549 62.16 -3.28 69.82
CA MET RA 549 62.54 -4.62 69.34
C MET RA 549 64.07 -4.78 69.26
N SER RA 550 64.60 -6.03 69.21
CA SER RA 550 66.04 -6.32 69.11
C SER RA 550 66.37 -7.44 68.10
N THR RA 551 67.64 -7.56 67.72
CA THR RA 551 68.11 -8.38 66.59
C THR RA 551 69.36 -9.21 66.94
N ILE RA 552 69.64 -10.22 66.13
CA ILE RA 552 70.69 -11.24 66.32
C ILE RA 552 71.74 -11.15 65.20
N THR RA 553 73.02 -11.40 65.50
CA THR RA 553 74.09 -11.39 64.48
C THR RA 553 73.81 -12.40 63.36
N ASN RA 554 74.12 -12.08 62.11
CA ASN RA 554 74.00 -13.03 61.01
C ASN RA 554 74.99 -14.20 61.07
N PRO RA 555 76.30 -14.01 61.35
CA PRO RA 555 77.27 -15.10 61.30
C PRO RA 555 77.00 -16.19 62.34
N THR RA 556 76.68 -15.80 63.59
CA THR RA 556 76.35 -16.77 64.65
C THR RA 556 74.83 -16.93 64.69
N ASP RA 557 74.26 -17.69 63.75
CA ASP RA 557 72.78 -17.86 63.65
C ASP RA 557 72.48 -19.28 63.17
N GLN RA 558 71.20 -19.65 63.09
CA GLN RA 558 70.80 -21.00 62.63
C GLN RA 558 71.68 -21.40 61.43
N PRO RA 559 72.57 -22.41 61.54
CA PRO RA 559 73.46 -22.76 60.45
C PRO RA 559 72.82 -23.67 59.43
N THR RA 560 73.13 -23.48 58.15
CA THR RA 560 72.61 -24.37 57.10
C THR RA 560 73.17 -25.79 57.27
N TYR RA 561 72.43 -26.82 56.83
CA TYR RA 561 72.87 -28.22 56.97
C TYR RA 561 74.29 -28.46 56.40
N VAL RA 562 74.68 -27.69 55.37
CA VAL RA 562 76.02 -27.72 54.77
C VAL RA 562 77.10 -27.40 55.81
N LYS SA 48 -61.08 -2.95 42.13
CA LYS SA 48 -60.92 -3.72 43.40
C LYS SA 48 -60.99 -2.80 44.62
N ARG SA 49 -59.99 -1.94 44.85
CA ARG SA 49 -60.00 -0.91 45.90
C ARG SA 49 -59.45 0.41 45.38
N LEU SA 50 -60.00 1.52 45.84
CA LEU SA 50 -59.66 2.88 45.40
C LEU SA 50 -59.21 3.73 46.58
N ASN SA 51 -58.32 4.68 46.32
CA ASN SA 51 -58.02 5.75 47.28
C ASN SA 51 -59.25 6.63 47.46
N ILE SA 52 -59.56 7.00 48.71
CA ILE SA 52 -60.54 8.05 48.99
C ILE SA 52 -59.92 9.40 48.64
N VAL SA 53 -60.67 10.23 47.93
CA VAL SA 53 -60.25 11.53 47.40
C VAL SA 53 -61.22 12.60 47.87
N GLU SA 54 -60.71 13.78 48.16
CA GLU SA 54 -61.50 14.96 48.53
C GLU SA 54 -61.23 16.09 47.54
N TRP SA 55 -62.24 16.90 47.24
CA TRP SA 55 -62.08 18.09 46.39
C TRP SA 55 -61.78 19.31 47.25
N GLN SA 56 -60.64 19.93 46.94
CA GLN SA 56 -60.13 21.07 47.74
C GLN SA 56 -61.09 22.24 47.69
N PRO SA 57 -61.28 22.97 48.80
CA PRO SA 57 -62.21 24.10 48.87
C PRO SA 57 -61.71 25.31 48.08
N LYS SA 58 -62.64 26.21 47.74
CA LYS SA 58 -62.42 27.29 46.78
C LYS SA 58 -61.33 28.29 47.19
N SER SA 59 -61.26 28.64 48.48
CA SER SA 59 -60.19 29.48 49.04
C SER SA 59 -59.62 28.87 50.31
N ILE SA 60 -58.31 28.94 50.46
CA ILE SA 60 -57.54 28.32 51.55
C ILE SA 60 -56.55 29.35 52.13
N ARG SA 61 -56.44 29.39 53.47
CA ARG SA 61 -55.51 30.32 54.18
C ARG SA 61 -54.75 29.65 55.33
N LYS SA 62 -53.45 29.41 55.18
CA LYS SA 62 -52.59 28.83 56.25
C LYS SA 62 -52.60 29.73 57.48
N CYS SA 63 -52.67 29.14 58.66
CA CYS SA 63 -52.58 29.85 59.94
C CYS SA 63 -51.78 29.03 60.94
N ARG SA 64 -50.67 29.63 61.45
CA ARG SA 64 -49.87 29.02 62.54
C ARG SA 64 -50.24 29.68 63.88
N ILE SA 65 -50.99 28.96 64.73
CA ILE SA 65 -51.35 29.46 66.05
C ILE SA 65 -50.10 29.33 66.93
N LYS SA 66 -49.40 30.45 67.17
CA LYS SA 66 -48.10 30.51 67.85
C LYS SA 66 -48.25 31.09 69.23
N GLY SA 67 -47.63 30.51 70.25
CA GLY SA 67 -47.72 31.02 71.60
C GLY SA 67 -46.83 30.31 72.60
N MET SA 68 -47.00 30.64 73.87
CA MET SA 68 -46.19 30.13 74.99
C MET SA 68 -47.09 29.47 76.01
N LEU SA 69 -46.76 28.27 76.49
CA LEU SA 69 -47.52 27.51 77.48
C LEU SA 69 -46.68 27.23 78.72
N CYS SA 70 -47.18 27.54 79.91
CA CYS SA 70 -46.56 27.18 81.17
C CYS SA 70 -46.78 25.69 81.47
N LEU SA 71 -45.71 24.91 81.62
CA LEU SA 71 -45.81 23.48 81.91
C LEU SA 71 -46.05 23.21 83.39
N PHE SA 72 -45.34 23.91 84.26
CA PHE SA 72 -45.60 23.93 85.70
C PHE SA 72 -45.03 25.23 86.27
N GLN SA 73 -45.51 25.63 87.44
CA GLN SA 73 -44.80 26.56 88.30
C GLN SA 73 -45.00 26.11 89.74
N THR SA 74 -43.90 25.82 90.43
CA THR SA 74 -43.89 25.02 91.67
C THR SA 74 -42.97 25.58 92.72
N THR SA 75 -43.36 25.43 93.98
CA THR SA 75 -42.50 25.46 95.15
C THR SA 75 -42.23 24.01 95.61
N GLU SA 76 -41.35 23.80 96.57
CA GLU SA 76 -41.04 22.46 97.11
C GLU SA 76 -42.26 21.77 97.75
N ASP SA 77 -43.11 22.53 98.44
CA ASP SA 77 -44.30 22.04 99.14
C ASP SA 77 -45.49 21.74 98.21
N ARG SA 78 -45.34 21.93 96.90
CA ARG SA 78 -46.33 21.61 95.88
C ARG SA 78 -45.83 20.64 94.80
N LEU SA 79 -44.65 20.05 94.94
CA LEU SA 79 -44.05 19.21 93.91
C LEU SA 79 -44.89 17.98 93.53
N SER SA 80 -45.56 17.36 94.50
CA SER SA 80 -46.36 16.15 94.25
C SER SA 80 -47.77 16.41 93.70
N TYR SA 81 -48.13 17.66 93.42
CA TYR SA 81 -49.48 18.05 92.96
C TYR SA 81 -49.50 18.52 91.52
N ASN SA 82 -50.64 18.33 90.85
CA ASN SA 82 -50.88 18.76 89.49
C ASN SA 82 -51.06 20.29 89.40
N PHE SA 83 -50.27 20.95 88.56
CA PHE SA 83 -50.42 22.37 88.22
C PHE SA 83 -51.56 22.59 87.24
N ASP SA 84 -52.60 23.28 87.68
CA ASP SA 84 -53.59 23.93 86.82
C ASP SA 84 -53.37 25.45 86.88
N MET SA 85 -53.25 26.08 85.72
CA MET SA 85 -53.07 27.54 85.64
C MET SA 85 -54.37 28.30 85.95
N TYR SA 86 -55.51 27.66 85.70
CA TYR SA 86 -56.84 28.17 86.00
C TYR SA 86 -57.42 27.36 87.16
N GLU SA 87 -57.50 27.99 88.32
CA GLU SA 87 -57.43 27.37 89.63
C GLU SA 87 -58.74 26.93 90.28
N GLU SA 88 -58.63 26.02 91.25
CA GLU SA 88 -59.60 25.96 92.36
C GLU SA 88 -59.26 27.15 93.27
N SER SA 89 -60.17 28.12 93.40
CA SER SA 89 -59.88 29.52 93.78
C SER SA 89 -59.10 29.73 95.09
N ILE SA 90 -59.05 28.74 95.98
CA ILE SA 90 -58.23 28.76 97.19
C ILE SA 90 -56.73 28.50 96.93
N ILE SA 91 -56.38 27.69 95.92
CA ILE SA 91 -55.00 27.24 95.68
C ILE SA 91 -54.02 28.42 95.51
N PRO SA 92 -54.26 29.43 94.65
CA PRO SA 92 -53.30 30.52 94.51
C PRO SA 92 -53.27 31.50 95.69
N GLU SA 93 -54.21 31.43 96.64
CA GLU SA 93 -54.17 32.30 97.83
C GLU SA 93 -52.99 31.91 98.72
N LYS SA 94 -51.96 32.77 98.73
CA LYS SA 94 -50.70 32.56 99.46
C LYS SA 94 -49.90 31.33 99.02
N LEU SA 95 -50.06 30.86 97.77
CA LEU SA 95 -49.09 29.98 97.10
C LEU SA 95 -48.62 30.58 95.76
N PRO SA 96 -47.31 30.80 95.56
CA PRO SA 96 -46.81 31.35 94.31
C PRO SA 96 -46.69 30.33 93.16
N GLY SA 97 -46.74 29.03 93.46
CA GLY SA 97 -46.80 27.96 92.46
C GLY SA 97 -47.66 26.78 92.93
N GLY SA 98 -48.56 26.31 92.07
CA GLY SA 98 -49.62 25.38 92.47
C GLY SA 98 -49.27 23.89 92.34
N GLY SA 99 -48.24 23.50 91.58
CA GLY SA 99 -47.96 22.09 91.34
C GLY SA 99 -46.69 21.84 90.56
N GLY SA 100 -46.03 20.70 90.79
CA GLY SA 100 -44.75 20.34 90.18
C GLY SA 100 -44.83 19.40 88.99
N PHE SA 101 -46.03 18.96 88.62
CA PHE SA 101 -46.27 18.24 87.38
C PHE SA 101 -47.55 18.75 86.75
N SER SA 102 -47.75 18.55 85.46
CA SER SA 102 -49.05 18.77 84.85
C SER SA 102 -49.37 17.77 83.76
N ILE SA 103 -50.65 17.57 83.51
CA ILE SA 103 -51.16 17.00 82.27
C ILE SA 103 -51.95 18.10 81.56
N LYS SA 104 -51.52 18.48 80.36
CA LYS SA 104 -52.16 19.48 79.49
C LYS SA 104 -52.84 18.75 78.34
N ASN SA 105 -54.10 19.04 78.07
CA ASN SA 105 -54.76 18.69 76.80
C ASN SA 105 -54.95 19.97 75.98
N ILE SA 106 -54.52 19.97 74.73
CA ILE SA 106 -54.66 21.11 73.83
C ILE SA 106 -55.71 20.79 72.76
N SER SA 107 -56.66 21.69 72.57
CA SER SA 107 -57.67 21.65 71.52
C SER SA 107 -57.79 23.02 70.88
N LEU SA 108 -58.34 23.11 69.67
CA LEU SA 108 -58.54 24.38 68.97
C LEU SA 108 -59.39 25.37 69.79
N TYR SA 109 -60.34 24.89 70.59
CA TYR SA 109 -61.06 25.74 71.52
C TYR SA 109 -60.20 26.21 72.70
N ALA SA 110 -59.34 25.37 73.26
CA ALA SA 110 -58.37 25.80 74.26
C ALA SA 110 -57.36 26.81 73.69
N LEU SA 111 -56.92 26.66 72.44
CA LEU SA 111 -56.11 27.65 71.74
C LEU SA 111 -56.83 28.98 71.56
N TYR SA 112 -58.13 28.98 71.24
CA TYR SA 112 -58.94 30.18 71.23
C TYR SA 112 -59.07 30.81 72.64
N GLN SA 113 -59.26 30.02 73.69
CA GLN SA 113 -59.27 30.54 75.05
C GLN SA 113 -57.94 31.16 75.45
N GLU SA 114 -56.80 30.58 75.07
CA GLU SA 114 -55.50 31.20 75.28
C GLU SA 114 -55.33 32.49 74.49
N HIS SA 115 -56.04 32.67 73.37
CA HIS SA 115 -56.02 33.94 72.60
C HIS SA 115 -56.81 35.02 73.36
N ILE SA 116 -57.83 34.65 74.13
CA ILE SA 116 -58.56 35.60 74.98
C ILE SA 116 -57.70 36.07 76.15
N HIS SA 117 -56.79 35.23 76.65
CA HIS SA 117 -55.76 35.63 77.62
C HIS SA 117 -54.56 36.35 76.99
N ALA SA 118 -54.56 36.58 75.67
CA ALA SA 118 -53.45 37.13 74.90
C ALA SA 118 -52.17 36.29 74.97
N HIS SA 119 -52.25 34.99 75.25
CA HIS SA 119 -51.10 34.10 75.34
C HIS SA 119 -50.62 33.57 73.98
N ASN SA 120 -51.38 33.76 72.91
CA ASN SA 120 -50.99 33.38 71.56
C ASN SA 120 -51.46 34.36 70.51
N ILE SA 121 -50.90 34.23 69.31
CA ILE SA 121 -51.34 34.89 68.08
C ILE SA 121 -51.90 33.85 67.12
N PHE SA 122 -52.89 34.22 66.33
CA PHE SA 122 -53.29 33.47 65.13
C PHE SA 122 -52.71 34.21 63.92
N THR SA 123 -51.87 33.55 63.14
CA THR SA 123 -51.20 34.17 61.99
C THR SA 123 -52.19 34.62 60.89
N HIS SA 124 -53.35 33.98 60.86
CA HIS SA 124 -54.45 34.39 59.95
C HIS SA 124 -55.75 34.18 60.71
N THR SA 125 -56.70 35.10 60.64
CA THR SA 125 -58.04 34.93 61.21
C THR SA 125 -58.82 33.83 60.49
N ASN SA 126 -59.84 33.32 61.17
CA ASN SA 126 -60.71 32.24 60.72
C ASN SA 126 -62.19 32.68 60.57
N THR SA 127 -62.48 33.99 60.56
CA THR SA 127 -63.85 34.50 60.79
C THR SA 127 -64.85 34.08 59.73
N ASP SA 128 -64.43 33.95 58.48
CA ASP SA 128 -65.32 33.70 57.33
C ASP SA 128 -64.93 32.46 56.52
N ARG SA 129 -64.10 31.59 57.10
CA ARG SA 129 -63.69 30.30 56.48
C ARG SA 129 -64.02 29.24 57.54
N PRO SA 130 -65.13 28.47 57.43
CA PRO SA 130 -65.61 27.60 58.50
C PRO SA 130 -64.93 26.22 58.55
N LEU SA 131 -64.24 25.81 57.48
CA LEU SA 131 -63.50 24.55 57.44
C LEU SA 131 -62.11 24.72 58.05
N ALA SA 132 -61.58 23.64 58.62
CA ALA SA 132 -60.24 23.55 59.14
C ALA SA 132 -59.55 22.26 58.69
N ARG SA 133 -58.23 22.35 58.46
CA ARG SA 133 -57.39 21.18 58.08
C ARG SA 133 -56.12 21.21 58.95
N TYR SA 134 -56.13 20.55 60.10
CA TYR SA 134 -55.00 20.48 61.03
C TYR SA 134 -53.86 19.62 60.47
N THR SA 135 -52.64 20.13 60.50
CA THR SA 135 -51.47 19.48 59.86
C THR SA 135 -50.42 18.99 60.85
N GLY SA 136 -50.54 19.33 62.14
CA GLY SA 136 -49.60 18.96 63.18
C GLY SA 136 -49.06 20.15 63.96
N CYS SA 137 -48.14 19.88 64.87
CA CYS SA 137 -47.62 20.85 65.82
C CYS SA 137 -46.09 20.85 65.84
N SER SA 138 -45.47 22.00 66.08
CA SER SA 138 -44.09 22.11 66.52
C SER SA 138 -44.04 22.58 67.96
N LEU SA 139 -43.28 21.91 68.81
CA LEU SA 139 -42.98 22.36 70.17
C LEU SA 139 -41.49 22.70 70.31
N LYS SA 140 -41.17 23.80 70.98
CA LYS SA 140 -39.83 24.14 71.48
C LYS SA 140 -39.88 24.16 73.00
N PHE SA 141 -39.21 23.22 73.65
CA PHE SA 141 -39.12 23.13 75.09
C PHE SA 141 -37.88 23.86 75.55
N TYR SA 142 -37.99 24.85 76.42
CA TYR SA 142 -36.86 25.65 76.87
C TYR SA 142 -36.24 25.10 78.13
N GLN SA 143 -34.91 25.13 78.21
CA GLN SA 143 -34.21 24.91 79.49
C GLN SA 143 -34.64 25.98 80.49
N SER SA 144 -35.14 25.56 81.65
CA SER SA 144 -35.30 26.49 82.76
C SER SA 144 -33.96 26.87 83.36
N LYS SA 145 -33.90 27.97 84.09
CA LYS SA 145 -32.68 28.39 84.78
C LYS SA 145 -32.28 27.42 85.88
N ASP SA 146 -33.20 27.09 86.78
CA ASP SA 146 -32.92 26.43 88.07
C ASP SA 146 -33.37 24.97 88.18
N ILE SA 147 -34.28 24.50 87.30
CA ILE SA 147 -34.90 23.14 87.47
C ILE SA 147 -34.86 22.33 86.17
N ASP SA 148 -34.62 21.03 86.27
CA ASP SA 148 -34.65 20.12 85.09
C ASP SA 148 -36.09 19.69 84.95
N TYR SA 149 -36.47 18.98 83.89
CA TYR SA 149 -37.86 18.44 83.82
C TYR SA 149 -38.02 17.44 82.70
N VAL SA 150 -38.81 16.40 82.94
CA VAL SA 150 -39.12 15.35 81.97
C VAL SA 150 -40.43 15.72 81.30
N VAL SA 151 -40.51 15.57 79.98
CA VAL SA 151 -41.75 15.67 79.21
C VAL SA 151 -42.02 14.33 78.53
N THR SA 152 -43.28 13.94 78.45
CA THR SA 152 -43.72 13.00 77.42
C THR SA 152 -45.07 13.43 76.89
N TYR SA 153 -45.39 13.14 75.65
CA TYR SA 153 -46.61 13.60 75.00
C TYR SA 153 -47.27 12.44 74.26
N SER SA 154 -48.57 12.58 74.02
CA SER SA 154 -49.36 11.58 73.32
C SER SA 154 -50.35 12.25 72.39
N THR SA 155 -50.83 11.53 71.37
CA THR SA 155 -51.87 12.06 70.45
C THR SA 155 -52.92 10.98 70.18
N SER SA 156 -53.04 9.97 71.05
CA SER SA 156 -54.14 9.00 70.91
C SER SA 156 -55.45 9.79 71.05
N LEU SA 157 -56.21 9.93 69.96
CA LEU SA 157 -57.44 10.78 70.00
C LEU SA 157 -58.25 10.45 71.26
N PRO SA 158 -58.49 9.17 71.62
CA PRO SA 158 -59.18 8.86 72.86
C PRO SA 158 -58.47 9.51 74.03
N LEU SA 159 -59.13 10.43 74.73
CA LEU SA 159 -58.52 11.15 75.88
C LEU SA 159 -59.14 10.64 77.19
N ARG SA 160 -58.32 10.20 78.14
CA ARG SA 160 -58.80 9.72 79.46
C ARG SA 160 -57.67 9.81 80.49
N SER SA 161 -58.00 9.78 81.79
CA SER SA 161 -56.99 9.82 82.88
C SER SA 161 -56.97 8.44 83.55
N SER SA 162 -55.85 8.08 84.19
CA SER SA 162 -55.71 6.77 84.86
C SER SA 162 -54.90 6.91 86.15
N MET SA 163 -55.12 6.03 87.12
CA MET SA 163 -54.36 6.02 88.38
C MET SA 163 -52.88 5.71 88.13
N GLY SA 164 -52.58 4.79 87.22
CA GLY SA 164 -51.22 4.47 86.79
C GLY SA 164 -50.55 5.63 86.06
N MET SA 165 -51.27 6.41 85.26
CA MET SA 165 -50.73 7.64 84.67
C MET SA 165 -50.28 8.62 85.75
N TYR SA 166 -51.13 8.94 86.72
CA TYR SA 166 -50.78 9.90 87.77
C TYR SA 166 -49.63 9.43 88.66
N ASN SA 167 -49.57 8.15 89.01
CA ASN SA 167 -48.40 7.62 89.72
C ASN SA 167 -47.14 7.69 88.83
N SER SA 168 -47.25 7.34 87.55
CA SER SA 168 -46.10 7.39 86.64
C SER SA 168 -45.57 8.80 86.37
N MET SA 169 -46.28 9.86 86.77
CA MET SA 169 -45.75 11.21 86.78
C MET SA 169 -44.64 11.43 87.81
N GLN SA 170 -44.44 10.52 88.76
CA GLN SA 170 -43.36 10.62 89.74
C GLN SA 170 -42.03 10.77 88.99
N PRO SA 171 -41.15 11.72 89.33
CA PRO SA 171 -40.03 12.09 88.47
C PRO SA 171 -39.10 10.95 88.08
N SER SA 172 -38.79 10.03 88.99
CA SER SA 172 -37.97 8.86 88.71
C SER SA 172 -38.66 7.89 87.76
N ILE SA 173 -39.96 7.66 87.93
CA ILE SA 173 -40.74 6.76 87.08
C ILE SA 173 -40.93 7.36 85.69
N HIS SA 174 -41.28 8.63 85.59
CA HIS SA 174 -41.40 9.33 84.32
C HIS SA 174 -40.06 9.34 83.58
N LEU SA 175 -38.95 9.61 84.27
CA LEU SA 175 -37.61 9.54 83.68
C LEU SA 175 -37.23 8.14 83.17
N MET SA 176 -37.82 7.05 83.68
CA MET SA 176 -37.58 5.72 83.11
C MET SA 176 -38.40 5.40 81.86
N GLN SA 177 -39.50 6.10 81.59
CA GLN SA 177 -40.39 5.78 80.47
C GLN SA 177 -39.74 5.93 79.11
N GLN SA 178 -40.21 5.16 78.12
CA GLN SA 178 -39.81 5.31 76.73
C GLN SA 178 -40.45 6.54 76.09
N ASN SA 179 -39.76 7.12 75.10
CA ASN SA 179 -40.19 8.35 74.42
C ASN SA 179 -40.42 9.54 75.38
N LYS SA 180 -39.67 9.56 76.48
CA LYS SA 180 -39.44 10.74 77.30
C LYS SA 180 -38.59 11.76 76.54
N LEU SA 181 -38.65 13.01 76.96
CA LEU SA 181 -37.70 14.06 76.66
C LEU SA 181 -37.23 14.63 78.00
N ILE SA 182 -35.92 14.64 78.24
CA ILE SA 182 -35.33 15.27 79.43
C ILE SA 182 -34.82 16.63 79.00
N VAL SA 183 -35.19 17.67 79.73
CA VAL SA 183 -34.67 19.02 79.54
C VAL SA 183 -33.86 19.40 80.76
N PRO SA 184 -32.51 19.34 80.69
CA PRO SA 184 -31.66 19.81 81.77
C PRO SA 184 -31.83 21.31 81.95
N SER SA 185 -31.71 21.82 83.17
CA SER SA 185 -31.60 23.24 83.41
C SER SA 185 -30.33 23.81 82.77
N LYS SA 186 -30.28 25.13 82.60
CA LYS SA 186 -29.07 25.82 82.13
C LYS SA 186 -27.89 25.62 83.09
N GLN SA 187 -28.17 25.44 84.38
CA GLN SA 187 -27.16 25.09 85.39
C GLN SA 187 -26.62 23.68 85.21
N THR SA 188 -27.45 22.66 84.98
CA THR SA 188 -26.96 21.28 84.84
C THR SA 188 -26.34 20.98 83.48
N GLN SA 189 -26.72 21.66 82.40
CA GLN SA 189 -26.04 21.56 81.12
C GLN SA 189 -26.18 22.82 80.27
N LYS SA 190 -25.06 23.48 79.94
CA LYS SA 190 -24.99 24.49 78.89
C LYS SA 190 -25.05 23.83 77.52
N ARG SA 191 -25.85 24.36 76.60
CA ARG SA 191 -26.13 23.77 75.28
C ARG SA 191 -25.92 24.80 74.16
N ARG SA 192 -25.68 24.33 72.93
CA ARG SA 192 -25.61 25.19 71.74
C ARG SA 192 -26.94 25.89 71.49
N LYS SA 193 -28.02 25.12 71.41
CA LYS SA 193 -29.40 25.64 71.33
C LYS SA 193 -30.04 25.58 72.71
N PRO SA 194 -30.65 26.66 73.22
CA PRO SA 194 -31.19 26.72 74.58
C PRO SA 194 -32.55 26.02 74.73
N TYR SA 195 -32.98 25.25 73.73
CA TYR SA 195 -34.26 24.58 73.65
C TYR SA 195 -34.13 23.24 72.93
N ILE SA 196 -35.08 22.34 73.13
CA ILE SA 196 -35.23 21.11 72.35
C ILE SA 196 -36.51 21.20 71.52
N LYS SA 197 -36.40 21.00 70.22
CA LYS SA 197 -37.48 21.18 69.24
C LYS SA 197 -37.92 19.85 68.67
N LYS SA 198 -39.22 19.57 68.65
CA LYS SA 198 -39.76 18.41 67.92
C LYS SA 198 -41.15 18.61 67.35
N HIS SA 199 -41.39 17.95 66.23
CA HIS SA 199 -42.63 18.01 65.47
C HIS SA 199 -43.52 16.84 65.84
N ILE SA 200 -44.79 17.11 66.06
CA ILE SA 200 -45.79 16.14 66.50
C ILE SA 200 -46.90 16.06 65.44
N SER SA 201 -47.17 14.86 64.95
CA SER SA 201 -48.17 14.60 63.92
C SER SA 201 -49.60 14.68 64.50
N PRO SA 202 -50.66 14.90 63.72
CA PRO SA 202 -52.03 14.84 64.23
C PRO SA 202 -52.38 13.51 64.89
N PRO SA 203 -53.40 13.46 65.76
CA PRO SA 203 -54.00 12.21 66.21
C PRO SA 203 -54.32 11.29 65.04
N THR SA 204 -54.15 9.98 65.19
CA THR SA 204 -54.41 9.04 64.08
C THR SA 204 -55.87 9.10 63.59
N GLN SA 205 -56.80 9.51 64.48
CA GLN SA 205 -58.24 9.67 64.15
C GLN SA 205 -58.49 10.98 63.39
N MET SA 206 -57.63 11.97 63.53
CA MET SA 206 -57.69 13.20 62.73
C MET SA 206 -56.98 12.96 61.39
N LYS SA 207 -57.75 12.68 60.34
CA LYS SA 207 -57.21 12.42 59.00
C LYS SA 207 -56.86 13.73 58.31
N SER SA 208 -56.18 13.70 57.17
CA SER SA 208 -55.79 14.91 56.44
C SER SA 208 -56.95 15.68 55.82
N GLN SA 209 -58.17 15.13 55.84
CA GLN SA 209 -59.38 15.77 55.30
C GLN SA 209 -59.70 17.12 55.97
N TRP SA 210 -60.54 17.92 55.32
CA TRP SA 210 -61.17 19.09 55.91
C TRP SA 210 -62.25 18.69 56.91
N TYR SA 211 -62.40 19.46 57.98
CA TYR SA 211 -63.44 19.30 59.00
C TYR SA 211 -64.05 20.66 59.31
N PHE SA 212 -65.35 20.76 59.57
CA PHE SA 212 -65.91 21.98 60.13
C PHE SA 212 -65.25 22.30 61.48
N GLN SA 213 -64.88 23.58 61.68
CA GLN SA 213 -64.22 24.02 62.93
C GLN SA 213 -65.13 23.78 64.15
N HIS SA 214 -66.46 23.78 63.98
CA HIS SA 214 -67.44 23.50 65.07
C HIS SA 214 -67.28 22.04 65.54
N ASN SA 215 -66.99 21.12 64.63
CA ASN SA 215 -66.87 19.71 64.96
C ASN SA 215 -65.56 19.41 65.69
N ILE SA 216 -64.43 19.90 65.17
CA ILE SA 216 -63.10 19.63 65.75
C ILE SA 216 -62.72 20.55 66.91
N ALA SA 217 -63.49 21.60 67.21
CA ALA SA 217 -63.15 22.59 68.23
C ALA SA 217 -62.70 21.97 69.55
N ASN SA 218 -63.44 20.99 70.08
CA ASN SA 218 -63.19 20.38 71.38
C ASN SA 218 -62.39 19.08 71.35
N ILE SA 219 -62.06 18.54 70.17
CA ILE SA 219 -61.25 17.32 70.03
C ILE SA 219 -59.82 17.59 70.54
N PRO SA 220 -59.31 16.87 71.55
CA PRO SA 220 -57.97 17.12 72.08
C PRO SA 220 -56.92 16.60 71.11
N LEU SA 221 -56.15 17.51 70.48
CA LEU SA 221 -55.18 17.14 69.40
C LEU SA 221 -53.77 16.88 69.95
N LEU SA 222 -53.52 17.17 71.21
CA LEU SA 222 -52.25 16.89 71.87
C LEU SA 222 -52.43 16.76 73.38
N MET SA 223 -51.78 15.78 74.00
CA MET SA 223 -51.56 15.75 75.44
C MET SA 223 -50.07 15.93 75.75
N ILE SA 224 -49.72 16.86 76.64
CA ILE SA 224 -48.36 17.01 77.17
C ILE SA 224 -48.37 16.65 78.65
N ARG SA 225 -47.49 15.75 79.07
CA ARG SA 225 -47.25 15.38 80.48
C ARG SA 225 -45.88 15.88 80.88
N THR SA 226 -45.77 16.66 81.94
CA THR SA 226 -44.49 17.22 82.41
C THR SA 226 -44.34 17.02 83.90
N THR SA 227 -43.13 16.69 84.38
CA THR SA 227 -42.82 16.62 85.81
C THR SA 227 -41.47 17.30 86.09
N ALA SA 228 -41.39 18.03 87.20
CA ALA SA 228 -40.19 18.68 87.69
C ALA SA 228 -39.22 17.68 88.34
N LEU SA 229 -37.92 17.88 88.13
CA LEU SA 229 -36.89 16.86 88.32
C LEU SA 229 -35.61 17.50 88.86
N THR SA 230 -34.75 16.73 89.54
CA THR SA 230 -33.32 17.06 89.55
C THR SA 230 -32.47 15.86 89.19
N LEU SA 231 -31.52 16.07 88.28
CA LEU SA 231 -30.55 15.06 87.87
C LEU SA 231 -29.35 14.99 88.83
N ASP SA 232 -28.85 16.13 89.31
CA ASP SA 232 -27.67 16.21 90.18
C ASP SA 232 -27.95 15.91 91.67
N ASN SA 233 -29.20 15.99 92.10
CA ASN SA 233 -29.64 15.71 93.47
C ASN SA 233 -30.63 14.55 93.49
N TYR SA 234 -30.54 13.63 92.54
CA TYR SA 234 -31.54 12.59 92.29
C TYR SA 234 -31.90 11.76 93.52
N TYR SA 235 -30.91 11.34 94.32
CA TYR SA 235 -31.16 10.53 95.52
C TYR SA 235 -31.39 11.38 96.77
N ILE SA 236 -30.51 12.34 97.04
CA ILE SA 236 -30.59 13.19 98.23
C ILE SA 236 -31.82 14.09 98.19
N GLY SA 237 -32.13 14.66 97.03
CA GLY SA 237 -33.27 15.56 96.82
C GLY SA 237 -33.17 16.77 97.73
N SER SA 238 -34.11 16.91 98.65
CA SER SA 238 -34.10 17.94 99.70
C SER SA 238 -34.00 17.36 101.13
N ARG SA 239 -33.50 16.13 101.27
CA ARG SA 239 -33.20 15.49 102.56
C ARG SA 239 -32.34 16.37 103.45
N GLN SA 240 -32.66 16.42 104.74
CA GLN SA 240 -31.88 17.07 105.79
C GLN SA 240 -31.62 16.05 106.91
N LEU SA 241 -30.41 16.03 107.48
CA LEU SA 241 -30.02 15.07 108.51
C LEU SA 241 -30.23 13.61 108.06
N SER SA 242 -30.97 12.81 108.82
CA SER SA 242 -31.23 11.38 108.54
C SER SA 242 -31.98 11.14 107.23
N THR SA 243 -31.85 9.95 106.65
CA THR SA 243 -32.69 9.50 105.53
C THR SA 243 -34.16 9.34 105.93
N ASN SA 244 -34.43 9.03 107.21
CA ASN SA 244 -35.79 8.90 107.74
C ASN SA 244 -36.53 10.23 107.74
N VAL SA 245 -37.79 10.22 107.29
CA VAL SA 245 -38.74 11.33 107.43
C VAL SA 245 -39.73 11.02 108.55
N THR SA 246 -40.11 12.03 109.32
CA THR SA 246 -41.11 11.88 110.39
C THR SA 246 -42.51 12.21 109.89
N ILE SA 247 -43.45 11.29 110.06
CA ILE SA 247 -44.86 11.45 109.72
C ILE SA 247 -45.65 11.59 111.02
N HIS SA 248 -46.52 12.61 111.13
CA HIS SA 248 -47.44 12.71 112.28
C HIS SA 248 -48.71 11.96 111.86
N THR SA 249 -49.42 11.31 112.78
CA THR SA 249 -50.70 10.66 112.49
C THR SA 249 -51.67 10.72 113.66
N LEU SA 250 -52.97 10.56 113.39
CA LEU SA 250 -53.98 10.45 114.47
C LEU SA 250 -53.87 9.04 115.04
N ASN SA 251 -53.68 8.88 116.35
CA ASN SA 251 -53.69 7.53 116.97
C ASN SA 251 -54.93 6.81 116.42
N THR SA 252 -54.77 5.66 115.78
CA THR SA 252 -55.90 4.90 115.20
C THR SA 252 -56.58 4.12 116.30
N THR SA 253 -55.83 3.70 117.33
CA THR SA 253 -56.33 2.83 118.40
C THR SA 253 -57.23 3.55 119.40
N TYR SA 254 -57.44 4.87 119.26
CA TYR SA 254 -58.29 5.66 120.16
C TYR SA 254 -59.18 6.67 119.43
N ILE SA 255 -58.69 7.35 118.39
CA ILE SA 255 -59.44 8.33 117.60
C ILE SA 255 -60.08 7.62 116.38
N GLN SA 256 -61.35 7.23 116.44
CA GLN SA 256 -61.94 6.48 115.31
C GLN SA 256 -63.35 6.93 114.95
N ASN SA 257 -64.02 7.71 115.79
CA ASN SA 257 -65.44 7.98 115.54
C ASN SA 257 -65.74 8.86 114.34
N ARG SA 258 -64.80 9.69 113.89
CA ARG SA 258 -64.96 10.56 112.68
C ARG SA 258 -66.22 11.43 112.75
N ASP SA 259 -66.67 11.82 113.95
CA ASP SA 259 -67.84 12.69 114.12
C ASP SA 259 -67.44 14.18 114.23
N TRP SA 260 -66.75 14.70 113.23
CA TRP SA 260 -66.07 16.00 113.32
C TRP SA 260 -66.86 17.20 112.81
N GLY SA 261 -66.49 18.39 113.30
CA GLY SA 261 -66.89 19.67 112.72
C GLY SA 261 -68.27 20.17 113.13
N ASP SA 262 -68.74 19.88 114.35
CA ASP SA 262 -69.92 20.49 114.97
C ASP SA 262 -69.61 21.04 116.37
N ARG SA 263 -70.19 22.19 116.72
CA ARG SA 263 -70.14 22.70 118.13
C ARG SA 263 -71.45 22.23 118.79
N ASN SA 264 -72.32 21.52 118.03
CA ASN SA 264 -73.62 21.03 118.48
C ASN SA 264 -73.59 19.58 119.00
N LYS SA 265 -72.40 19.02 119.23
CA LYS SA 265 -72.18 17.61 119.58
C LYS SA 265 -71.01 17.46 120.55
N THR SA 266 -71.22 16.84 121.71
CA THR SA 266 -70.11 16.47 122.61
C THR SA 266 -69.27 15.37 121.95
N TYR SA 267 -67.97 15.60 121.78
CA TYR SA 267 -67.13 14.66 121.06
C TYR SA 267 -66.72 13.45 121.91
N TYR SA 268 -66.76 12.27 121.30
CA TYR SA 268 -66.35 11.00 121.88
C TYR SA 268 -65.43 10.32 120.86
N CYS SA 269 -64.30 9.78 121.31
CA CYS SA 269 -63.21 9.39 120.39
C CYS SA 269 -63.38 7.99 119.80
N GLN SA 270 -63.92 7.03 120.55
CA GLN SA 270 -64.21 5.68 120.06
C GLN SA 270 -65.46 5.08 120.73
N THR SA 271 -66.05 4.09 120.06
CA THR SA 271 -67.03 3.17 120.65
C THR SA 271 -66.41 1.76 120.71
N LEU SA 272 -66.59 1.06 121.83
CA LEU SA 272 -66.27 -0.37 121.94
C LEU SA 272 -67.45 -1.10 122.60
N GLY SA 273 -67.90 -2.21 122.01
CA GLY SA 273 -69.16 -2.84 122.41
C GLY SA 273 -70.33 -1.85 122.30
N THR SA 274 -71.00 -1.57 123.43
CA THR SA 274 -72.02 -0.51 123.57
C THR SA 274 -71.47 0.82 124.09
N GLN SA 275 -70.22 0.87 124.58
CA GLN SA 275 -69.67 2.04 125.27
C GLN SA 275 -69.31 3.18 124.32
N ARG SA 276 -69.15 4.38 124.89
CA ARG SA 276 -68.48 5.54 124.28
C ARG SA 276 -67.31 5.95 125.18
N TYR SA 277 -66.21 6.41 124.57
CA TYR SA 277 -65.02 6.85 125.28
C TYR SA 277 -64.74 8.32 124.99
N PHE SA 278 -64.22 9.02 125.99
CA PHE SA 278 -64.16 10.46 126.08
C PHE SA 278 -62.76 10.91 126.51
N LEU SA 279 -62.39 12.11 126.09
CA LEU SA 279 -61.09 12.71 126.34
C LEU SA 279 -61.27 13.96 127.22
N TYR SA 280 -60.32 14.22 128.11
CA TYR SA 280 -60.29 15.40 128.97
C TYR SA 280 -58.88 15.97 129.04
N GLY SA 281 -58.73 17.28 128.92
CA GLY SA 281 -57.44 17.95 129.12
C GLY SA 281 -57.26 18.35 130.58
N THR SA 282 -56.03 18.50 131.05
CA THR SA 282 -55.78 19.14 132.35
C THR SA 282 -54.45 19.89 132.34
N HIS SA 283 -54.37 20.95 133.16
CA HIS SA 283 -53.08 21.68 133.36
C HIS SA 283 -52.48 21.19 134.68
N SER SA 284 -53.11 20.20 135.33
CA SER SA 284 -52.65 19.70 136.62
C SER SA 284 -51.22 19.16 136.58
N THR SA 285 -50.46 19.46 137.61
CA THR SA 285 -49.12 18.91 137.87
C THR SA 285 -49.17 17.54 138.56
N ALA SA 286 -50.36 17.02 138.87
CA ALA SA 286 -50.52 15.73 139.55
C ALA SA 286 -49.86 14.58 138.77
N GLN SA 287 -49.03 13.80 139.46
CA GLN SA 287 -48.28 12.69 138.86
C GLN SA 287 -49.13 11.42 138.71
N ASN SA 288 -50.15 11.24 139.55
CA ASN SA 288 -50.94 10.01 139.60
C ASN SA 288 -52.34 10.22 139.00
N ILE SA 289 -52.69 9.43 137.99
CA ILE SA 289 -53.97 9.50 137.29
C ILE SA 289 -55.18 9.26 138.21
N ASN SA 290 -55.00 8.56 139.33
CA ASN SA 290 -56.07 8.29 140.29
C ASN SA 290 -56.51 9.53 141.09
N ASP SA 291 -55.56 10.39 141.52
CA ASP SA 291 -55.86 11.51 142.47
C ASP SA 291 -56.28 12.84 141.83
N ILE SA 292 -56.19 12.98 140.51
CA ILE SA 292 -56.71 14.18 139.83
C ILE SA 292 -58.19 14.39 140.21
N LYS SA 293 -58.60 15.65 140.43
CA LYS SA 293 -59.97 15.98 140.84
C LYS SA 293 -60.96 15.76 139.68
N LEU SA 294 -62.26 15.92 139.95
CA LEU SA 294 -63.27 15.91 138.86
C LEU SA 294 -63.24 17.32 138.26
N GLN SA 295 -62.72 18.31 139.00
CA GLN SA 295 -62.63 19.73 138.55
C GLN SA 295 -61.47 19.93 137.56
N GLU SA 296 -60.31 19.34 137.82
CA GLU SA 296 -59.10 19.57 136.98
C GLU SA 296 -59.43 19.32 135.50
N LEU SA 297 -60.19 18.28 135.19
CA LEU SA 297 -60.47 17.89 133.78
C LEU SA 297 -61.15 19.01 132.99
N ILE SA 298 -60.72 19.26 131.75
CA ILE SA 298 -61.35 20.26 130.83
C ILE SA 298 -62.04 19.43 129.76
N PRO SA 299 -63.36 19.15 129.86
CA PRO SA 299 -64.02 18.21 128.97
C PRO SA 299 -64.11 18.80 127.58
N LEU SA 300 -64.13 17.95 126.54
CA LEU SA 300 -64.16 18.43 125.14
C LEU SA 300 -65.58 18.27 124.57
N THR SA 301 -66.28 19.38 124.32
CA THR SA 301 -67.67 19.38 123.81
C THR SA 301 -67.69 19.97 122.42
N ASN SA 302 -66.52 20.34 121.88
CA ASN SA 302 -66.41 20.87 120.51
C ASN SA 302 -65.23 20.20 119.81
N THR SA 303 -65.34 19.88 118.52
CA THR SA 303 -64.15 19.62 117.68
C THR SA 303 -63.93 20.68 116.61
N GLN SA 304 -64.99 21.44 116.25
CA GLN SA 304 -64.99 22.41 115.12
C GLN SA 304 -64.14 23.66 115.33
N ASP SA 305 -63.65 23.95 116.53
CA ASP SA 305 -62.88 25.20 116.76
C ASP SA 305 -61.43 24.99 117.18
N TYR SA 306 -60.61 26.01 117.02
CA TYR SA 306 -59.22 26.00 117.50
C TYR SA 306 -59.11 26.19 119.03
N VAL SA 307 -60.21 26.50 119.71
CA VAL SA 307 -60.22 26.92 121.12
C VAL SA 307 -59.61 25.87 122.06
N GLN SA 308 -58.76 26.33 123.00
CA GLN SA 308 -58.11 25.49 124.01
C GLN SA 308 -59.04 25.07 125.14
N GLY SA 309 -60.08 25.86 125.39
CA GLY SA 309 -60.85 25.80 126.63
C GLY SA 309 -60.10 26.44 127.79
N PHE SA 310 -60.58 26.26 129.00
CA PHE SA 310 -59.93 26.72 130.24
C PHE SA 310 -60.37 25.87 131.44
N ASP SA 311 -59.60 25.95 132.51
CA ASP SA 311 -59.83 25.20 133.75
C ASP SA 311 -60.94 25.81 134.62
N TRP SA 312 -61.57 24.99 135.47
CA TRP SA 312 -62.62 25.40 136.40
C TRP SA 312 -62.15 26.48 137.39
N THR SA 313 -60.84 26.59 137.65
CA THR SA 313 -60.26 27.69 138.43
C THR SA 313 -60.50 29.08 137.80
N GLU SA 314 -60.87 29.16 136.52
CA GLU SA 314 -61.25 30.41 135.84
C GLU SA 314 -62.79 30.64 135.81
N LYS SA 315 -63.57 29.88 136.60
CA LYS SA 315 -65.03 30.07 136.78
C LYS SA 315 -65.41 31.54 136.94
N ASP SA 316 -64.70 32.26 137.82
CA ASP SA 316 -64.97 33.68 138.11
C ASP SA 316 -64.50 34.65 137.01
N LYS SA 317 -63.65 34.22 136.07
CA LYS SA 317 -63.24 35.07 134.93
C LYS SA 317 -64.28 35.11 133.81
N HIS SA 318 -65.09 34.03 133.70
CA HIS SA 318 -66.15 33.89 132.65
C HIS SA 318 -67.54 33.82 133.32
N ASN SA 319 -67.70 34.36 134.52
CA ASN SA 319 -68.97 34.46 135.25
C ASN SA 319 -69.77 33.13 135.24
N ILE SA 320 -69.06 32.00 135.28
CA ILE SA 320 -69.66 30.66 135.23
C ILE SA 320 -70.40 30.36 136.53
N THR SA 321 -71.65 29.91 136.42
CA THR SA 321 -72.48 29.53 137.56
C THR SA 321 -72.58 28.02 137.77
N THR SA 322 -72.39 27.22 136.73
CA THR SA 322 -72.59 25.76 136.76
C THR SA 322 -71.60 25.03 135.86
N TYR SA 323 -71.43 23.73 136.08
CA TYR SA 323 -70.66 22.89 135.16
C TYR SA 323 -71.23 22.89 133.73
N LYS SA 324 -72.54 23.11 133.56
CA LYS SA 324 -73.16 23.34 132.24
C LYS SA 324 -72.56 24.56 131.52
N GLU SA 325 -72.37 25.68 132.22
CA GLU SA 325 -71.65 26.84 131.67
C GLU SA 325 -70.15 26.62 131.53
N PHE SA 326 -69.52 25.81 132.39
CA PHE SA 326 -68.14 25.38 132.19
C PHE SA 326 -67.96 24.55 130.92
N LEU SA 327 -68.87 23.60 130.64
CA LEU SA 327 -68.93 22.81 129.40
C LEU SA 327 -69.05 23.70 128.16
N THR SA 328 -69.93 24.71 128.19
CA THR SA 328 -70.15 25.53 126.99
C THR SA 328 -69.09 26.59 126.80
N LYS SA 329 -68.65 27.29 127.86
CA LYS SA 329 -67.62 28.34 127.73
C LYS SA 329 -66.19 27.79 127.71
N GLY SA 330 -65.90 26.76 128.51
CA GLY SA 330 -64.53 26.36 128.87
C GLY SA 330 -64.05 25.04 128.28
N ALA SA 331 -64.86 24.30 127.53
CA ALA SA 331 -64.40 23.07 126.90
C ALA SA 331 -63.32 23.30 125.83
N GLY SA 332 -62.38 22.37 125.72
CA GLY SA 332 -61.23 22.45 124.82
C GLY SA 332 -61.36 21.58 123.58
N ASN SA 333 -60.89 22.03 122.42
CA ASN SA 333 -60.89 21.17 121.23
C ASN SA 333 -59.65 20.26 121.28
N PRO SA 334 -59.77 18.94 121.05
CA PRO SA 334 -58.67 17.99 121.27
C PRO SA 334 -57.49 18.23 120.33
N PHE SA 335 -57.73 18.91 119.20
CA PHE SA 335 -56.76 19.25 118.18
C PHE SA 335 -56.12 20.64 118.38
N HIS SA 336 -56.35 21.32 119.51
CA HIS SA 336 -55.61 22.53 119.85
C HIS SA 336 -54.11 22.19 120.02
N ALA SA 337 -53.21 23.16 119.79
CA ALA SA 337 -51.76 22.93 119.70
C ALA SA 337 -51.12 22.28 120.93
N GLU SA 338 -51.72 22.39 122.13
CA GLU SA 338 -51.23 21.67 123.32
C GLU SA 338 -51.92 20.31 123.53
N TRP SA 339 -53.20 20.15 123.19
CA TRP SA 339 -53.90 18.88 123.34
C TRP SA 339 -53.60 17.87 122.22
N ILE SA 340 -53.30 18.33 121.00
CA ILE SA 340 -53.04 17.50 119.81
C ILE SA 340 -51.91 16.49 120.03
N THR SA 341 -50.85 16.89 120.72
CA THR SA 341 -49.69 16.06 121.10
C THR SA 341 -49.57 15.90 122.62
N ALA SA 342 -50.61 16.27 123.37
CA ALA SA 342 -50.65 16.25 124.84
C ALA SA 342 -49.41 16.91 125.50
N GLN SA 343 -49.01 18.09 125.00
CA GLN SA 343 -47.95 18.89 125.61
C GLN SA 343 -48.26 19.16 127.09
N ASN SA 344 -49.53 19.49 127.38
CA ASN SA 344 -50.13 19.41 128.70
C ASN SA 344 -50.99 18.13 128.74
N PRO SA 345 -50.99 17.34 129.84
CA PRO SA 345 -51.59 16.01 129.86
C PRO SA 345 -53.05 15.96 129.39
N VAL SA 346 -53.39 14.87 128.70
CA VAL SA 346 -54.72 14.57 128.18
C VAL SA 346 -55.10 13.18 128.64
N ILE SA 347 -56.33 13.04 129.14
CA ILE SA 347 -56.82 11.86 129.82
C ILE SA 347 -57.95 11.22 129.00
N HIS SA 348 -57.83 9.93 128.71
CA HIS SA 348 -58.83 9.14 127.98
C HIS SA 348 -59.60 8.26 128.97
N THR SA 349 -60.93 8.19 128.88
CA THR SA 349 -61.76 7.45 129.83
C THR SA 349 -63.08 6.97 129.20
N ALA SA 350 -63.66 5.90 129.75
CA ALA SA 350 -65.04 5.52 129.46
C ALA SA 350 -66.07 6.43 130.15
N ASN SA 351 -65.69 7.19 131.17
CA ASN SA 351 -66.63 7.98 131.96
C ASN SA 351 -67.13 9.21 131.18
N SER SA 352 -68.40 9.17 130.78
CA SER SA 352 -69.01 10.26 130.01
C SER SA 352 -69.08 11.55 130.82
N PRO SA 353 -68.88 12.73 130.19
CA PRO SA 353 -69.07 14.02 130.84
C PRO SA 353 -70.43 14.14 131.52
N THR SA 354 -71.49 13.50 131.01
CA THR SA 354 -72.82 13.55 131.64
C THR SA 354 -72.88 12.79 132.96
N GLN SA 355 -72.06 11.75 133.17
CA GLN SA 355 -71.92 11.19 134.51
C GLN SA 355 -71.19 12.18 135.44
N ILE SA 356 -70.18 12.89 134.93
CA ILE SA 356 -69.56 14.00 135.68
C ILE SA 356 -70.55 15.15 135.92
N GLU SA 357 -71.44 15.46 134.98
CA GLU SA 357 -72.53 16.44 135.16
C GLU SA 357 -73.42 16.00 136.33
N GLN SA 358 -73.84 14.74 136.36
CA GLN SA 358 -74.64 14.21 137.46
C GLN SA 358 -73.90 14.35 138.80
N ILE SA 359 -72.60 14.06 138.87
CA ILE SA 359 -71.82 14.25 140.10
C ILE SA 359 -71.74 15.74 140.51
N TYR SA 360 -71.44 16.65 139.58
CA TYR SA 360 -71.43 18.09 139.86
C TYR SA 360 -72.82 18.61 140.28
N THR SA 361 -73.84 18.37 139.46
CA THR SA 361 -75.18 18.92 139.65
C THR SA 361 -75.85 18.32 140.89
N ALA SA 362 -75.62 17.04 141.21
CA ALA SA 362 -76.12 16.45 142.45
C ALA SA 362 -75.57 17.19 143.68
N SER SA 363 -74.28 17.52 143.72
CA SER SA 363 -73.74 18.50 144.67
C SER SA 363 -72.40 19.10 144.22
N THR SA 364 -72.39 20.42 144.02
CA THR SA 364 -71.20 21.21 143.64
C THR SA 364 -70.13 21.19 144.73
N THR SA 365 -70.55 21.11 146.00
CA THR SA 365 -69.64 20.99 147.16
C THR SA 365 -68.89 19.66 147.17
N THR SA 366 -69.50 18.55 146.72
CA THR SA 366 -68.80 17.26 146.60
C THR SA 366 -68.01 17.12 145.30
N PHE SA 367 -68.19 18.00 144.31
CA PHE SA 367 -67.31 18.08 143.14
C PHE SA 367 -65.88 18.50 143.51
N GLN SA 368 -65.73 19.34 144.55
CA GLN SA 368 -64.44 19.64 145.17
C GLN SA 368 -63.80 18.38 145.80
N ASN SA 369 -64.61 17.57 146.49
CA ASN SA 369 -64.13 16.39 147.21
C ASN SA 369 -63.80 15.22 146.27
N LYS SA 370 -64.62 14.96 145.25
CA LYS SA 370 -64.46 13.81 144.35
C LYS SA 370 -63.20 13.93 143.49
N LYS SA 371 -62.47 12.81 143.40
CA LYS SA 371 -61.30 12.61 142.52
C LYS SA 371 -61.61 11.57 141.44
N LEU SA 372 -60.62 11.24 140.61
CA LEU SA 372 -60.73 10.21 139.58
C LEU SA 372 -60.87 8.79 140.17
N THR SA 373 -60.50 8.57 141.43
CA THR SA 373 -60.90 7.39 142.21
C THR SA 373 -62.42 7.34 142.44
N ASP SA 374 -62.98 6.14 142.50
CA ASP SA 374 -64.39 5.88 142.82
C ASP SA 374 -65.41 6.61 141.91
N LEU SA 375 -65.00 6.95 140.67
CA LEU SA 375 -65.92 7.47 139.65
C LEU SA 375 -66.62 6.33 138.90
N PRO SA 376 -67.78 6.59 138.27
CA PRO SA 376 -68.41 5.61 137.39
C PRO SA 376 -67.53 5.32 136.17
N THR SA 377 -67.50 4.07 135.72
CA THR SA 377 -66.68 3.57 134.59
C THR SA 377 -65.32 4.29 134.48
N PRO SA 378 -64.43 4.22 135.50
CA PRO SA 378 -63.22 5.03 135.49
C PRO SA 378 -62.00 4.44 134.79
N GLY SA 379 -62.00 4.43 133.45
CA GLY SA 379 -60.84 3.95 132.67
C GLY SA 379 -59.91 5.11 132.40
N TYR SA 380 -59.63 5.94 133.41
CA TYR SA 380 -58.76 7.15 133.23
C TYR SA 380 -57.35 6.71 132.90
N ILE SA 381 -56.83 7.06 131.71
CA ILE SA 381 -55.47 6.66 131.24
C ILE SA 381 -54.80 7.94 130.72
N PHE SA 382 -53.52 7.90 130.32
CA PHE SA 382 -52.85 9.08 129.69
C PHE SA 382 -52.61 8.71 128.21
N ILE SA 383 -53.40 9.28 127.29
CA ILE SA 383 -53.32 8.94 125.85
C ILE SA 383 -53.08 10.21 125.03
N THR SA 384 -52.25 10.13 124.00
CA THR SA 384 -51.94 11.27 123.11
C THR SA 384 -52.73 11.12 121.79
N PRO SA 385 -53.49 12.15 121.35
CA PRO SA 385 -54.23 12.08 120.09
C PRO SA 385 -53.33 11.87 118.86
N THR SA 386 -52.12 12.41 118.89
CA THR SA 386 -51.10 12.25 117.85
C THR SA 386 -49.99 11.28 118.28
N VAL SA 387 -49.50 10.49 117.33
CA VAL SA 387 -48.21 9.80 117.41
C VAL SA 387 -47.35 10.21 116.21
N SER SA 388 -46.03 10.25 116.39
CA SER SA 388 -45.07 10.48 115.29
C SER SA 388 -44.41 9.16 114.90
N LEU SA 389 -44.50 8.81 113.62
CA LEU SA 389 -43.84 7.66 113.01
C LEU SA 389 -42.56 8.08 112.29
N ARG SA 390 -41.60 7.18 112.13
CA ARG SA 390 -40.46 7.34 111.21
C ARG SA 390 -40.64 6.44 110.00
N TYR SA 391 -40.52 7.00 108.81
CA TYR SA 391 -40.57 6.29 107.53
C TYR SA 391 -39.21 6.38 106.84
N ASN SA 392 -38.72 5.26 106.32
CA ASN SA 392 -37.51 5.21 105.53
C ASN SA 392 -37.86 4.64 104.14
N PRO SA 393 -37.64 5.38 103.04
CA PRO SA 393 -38.05 4.92 101.71
C PRO SA 393 -37.25 3.70 101.24
N TYR SA 394 -36.01 3.56 101.71
CA TYR SA 394 -35.12 2.44 101.27
C TYR SA 394 -35.49 1.18 102.03
N LYS SA 395 -36.23 1.30 103.13
CA LYS SA 395 -36.68 0.14 103.95
C LYS SA 395 -38.09 -0.28 103.51
N ASP SA 396 -38.64 0.36 102.47
CA ASP SA 396 -40.04 0.09 102.02
C ASP SA 396 -40.06 -0.95 100.89
N LEU SA 397 -40.81 -2.05 101.06
CA LEU SA 397 -40.84 -3.13 100.09
C LEU SA 397 -42.18 -3.24 99.37
N ALA SA 398 -43.16 -2.39 99.70
CA ALA SA 398 -44.44 -2.32 99.01
C ALA SA 398 -45.25 -3.63 98.95
N GLU SA 399 -45.11 -4.55 99.91
CA GLU SA 399 -45.80 -5.85 99.85
C GLU SA 399 -47.26 -5.76 100.31
N ARG SA 400 -47.57 -4.84 101.23
CA ARG SA 400 -48.93 -4.65 101.79
C ARG SA 400 -49.30 -3.16 101.92
N ASN SA 401 -48.67 -2.32 101.10
CA ASN SA 401 -48.98 -0.90 101.02
C ASN SA 401 -50.34 -0.67 100.38
N LYS SA 402 -51.06 0.36 100.84
CA LYS SA 402 -52.45 0.64 100.42
C LYS SA 402 -52.80 2.10 100.72
N CYS SA 403 -53.77 2.68 100.00
CA CYS SA 403 -54.10 4.09 100.11
C CYS SA 403 -55.53 4.37 99.60
N TYR SA 404 -56.33 5.14 100.33
CA TYR SA 404 -57.71 5.48 99.96
C TYR SA 404 -58.26 6.68 100.75
N PHE SA 405 -59.37 7.26 100.29
CA PHE SA 405 -60.08 8.33 100.97
C PHE SA 405 -61.34 7.83 101.68
N VAL SA 406 -61.58 8.29 102.90
CA VAL SA 406 -62.80 8.05 103.69
C VAL SA 406 -63.51 9.37 103.97
N ARG SA 407 -64.82 9.34 104.18
CA ARG SA 407 -65.65 10.53 104.42
C ARG SA 407 -65.40 11.08 105.83
N SER SA 408 -64.97 12.33 105.97
CA SER SA 408 -64.65 12.93 107.27
C SER SA 408 -65.91 13.41 108.01
N LYS SA 409 -66.76 14.23 107.39
CA LYS SA 409 -68.06 14.65 107.95
C LYS SA 409 -69.16 13.63 107.67
N ILE SA 410 -69.09 12.44 108.28
CA ILE SA 410 -70.23 11.51 108.40
C ILE SA 410 -70.21 10.79 109.74
N ASN SA 411 -71.38 10.31 110.16
CA ASN SA 411 -71.55 9.55 111.39
C ASN SA 411 -71.25 8.06 111.18
N ALA SA 412 -70.02 7.71 110.80
CA ALA SA 412 -69.59 6.33 110.59
C ALA SA 412 -68.28 6.01 111.31
N HIS SA 413 -68.25 4.88 111.99
CA HIS SA 413 -67.11 4.43 112.80
C HIS SA 413 -66.02 3.80 111.95
N GLY SA 414 -64.77 3.89 112.42
CA GLY SA 414 -63.65 3.11 111.89
C GLY SA 414 -63.07 3.65 110.60
N TRP SA 415 -61.98 3.02 110.17
CA TRP SA 415 -61.07 3.48 109.12
C TRP SA 415 -60.98 2.54 107.91
N ASP SA 416 -61.78 1.46 107.89
CA ASP SA 416 -61.68 0.45 106.81
C ASP SA 416 -61.87 1.10 105.44
N PRO SA 417 -61.28 0.57 104.34
CA PRO SA 417 -61.53 1.11 103.02
C PRO SA 417 -63.02 1.05 102.78
N GLU SA 418 -63.62 2.17 102.36
CA GLU SA 418 -65.10 2.25 102.18
C GLU SA 418 -65.43 2.98 100.87
N GLN SA 419 -66.72 3.06 100.53
CA GLN SA 419 -67.18 3.75 99.30
C GLN SA 419 -66.50 3.10 98.08
N HIS SA 420 -65.76 3.84 97.25
CA HIS SA 420 -65.15 3.31 96.01
C HIS SA 420 -64.03 2.32 96.34
N GLN SA 421 -64.21 1.04 96.00
CA GLN SA 421 -63.17 0.00 96.21
C GLN SA 421 -62.30 -0.06 94.96
N GLU SA 422 -62.76 0.51 93.83
CA GLU SA 422 -61.94 0.61 92.63
C GLU SA 422 -60.92 1.77 92.70
N LEU SA 423 -61.13 2.74 93.60
CA LEU SA 423 -60.22 3.85 93.82
C LEU SA 423 -59.09 3.53 94.81
N ILE SA 424 -59.15 2.40 95.51
CA ILE SA 424 -58.06 1.95 96.38
C ILE SA 424 -56.79 1.76 95.54
N ASN SA 425 -55.67 2.37 95.98
CA ASN SA 425 -54.34 2.27 95.31
C ASN SA 425 -53.44 1.39 96.17
N SER SA 426 -52.85 0.32 95.63
CA SER SA 426 -52.13 -0.71 96.40
C SER SA 426 -50.79 -1.09 95.78
N ASP SA 427 -49.91 -1.68 96.59
CA ASP SA 427 -48.72 -2.42 96.16
C ASP SA 427 -47.65 -1.60 95.39
N LEU SA 428 -47.44 -0.34 95.78
CA LEU SA 428 -46.30 0.48 95.36
C LEU SA 428 -45.66 1.10 96.62
N PRO SA 429 -44.37 1.46 96.61
CA PRO SA 429 -43.78 2.11 97.76
C PRO SA 429 -44.45 3.46 98.02
N GLN SA 430 -44.67 3.85 99.29
CA GLN SA 430 -45.48 5.05 99.68
C GLN SA 430 -45.13 6.35 98.93
N TRP SA 431 -43.88 6.59 98.59
CA TRP SA 431 -43.48 7.76 97.80
C TRP SA 431 -43.95 7.70 96.35
N LEU SA 432 -44.16 6.52 95.78
CA LEU SA 432 -44.78 6.33 94.48
C LEU SA 432 -46.30 6.18 94.59
N LEU SA 433 -46.79 5.50 95.62
CA LEU SA 433 -48.22 5.26 95.82
C LEU SA 433 -49.01 6.56 96.04
N LEU SA 434 -48.46 7.51 96.79
CA LEU SA 434 -49.12 8.78 97.09
C LEU SA 434 -48.99 9.81 95.97
N PHE SA 435 -47.99 9.70 95.08
CA PHE SA 435 -47.67 10.76 94.12
C PHE SA 435 -48.83 10.98 93.13
N GLY SA 436 -49.42 12.17 93.14
CA GLY SA 436 -50.55 12.51 92.26
C GLY SA 436 -51.85 11.77 92.55
N TYR SA 437 -51.92 10.90 93.56
CA TYR SA 437 -53.13 10.14 93.87
C TYR SA 437 -54.32 11.04 94.29
N PRO SA 438 -54.15 12.04 95.19
CA PRO SA 438 -55.22 12.99 95.47
C PRO SA 438 -55.74 13.74 94.24
N ASP SA 439 -54.88 14.12 93.31
CA ASP SA 439 -55.31 14.78 92.08
C ASP SA 439 -56.02 13.84 91.11
N TYR SA 440 -55.61 12.59 91.00
CA TYR SA 440 -56.38 11.60 90.27
C TYR SA 440 -57.79 11.47 90.85
N ILE SA 441 -57.92 11.43 92.17
CA ILE SA 441 -59.21 11.34 92.84
C ILE SA 441 -60.05 12.59 92.61
N LYS SA 442 -59.49 13.80 92.75
CA LYS SA 442 -60.19 15.05 92.43
C LYS SA 442 -60.67 15.10 90.98
N ARG SA 443 -59.79 14.75 90.02
CA ARG SA 443 -60.14 14.78 88.56
C ARG SA 443 -61.19 13.69 88.26
N THR SA 444 -61.17 12.57 88.99
CA THR SA 444 -62.18 11.51 88.83
C THR SA 444 -63.58 11.98 89.27
N GLN SA 445 -63.68 12.91 90.23
CA GLN SA 445 -64.98 13.54 90.64
C GLN SA 445 -65.98 12.52 91.21
N ASN SA 446 -65.53 11.34 91.65
CA ASN SA 446 -66.40 10.34 92.30
C ASN SA 446 -66.65 10.63 93.79
N PHE SA 447 -66.04 11.68 94.34
CA PHE SA 447 -66.25 12.15 95.72
C PHE SA 447 -66.69 13.61 95.73
N ALA SA 448 -67.41 14.02 96.78
CA ALA SA 448 -67.74 15.43 96.99
C ALA SA 448 -66.46 16.25 97.12
N LEU SA 449 -66.34 17.30 96.31
CA LEU SA 449 -65.03 17.82 95.88
C LEU SA 449 -64.19 18.45 97.00
N VAL SA 450 -64.82 18.93 98.07
CA VAL SA 450 -64.15 19.79 99.05
C VAL SA 450 -63.20 19.03 99.98
N ASP SA 451 -61.98 19.56 100.17
CA ASP SA 451 -60.94 18.90 101.01
C ASP SA 451 -61.41 18.65 102.44
N THR SA 452 -62.35 19.45 102.94
CA THR SA 452 -62.81 19.33 104.32
C THR SA 452 -63.69 18.10 104.58
N ASN SA 453 -64.21 17.46 103.54
CA ASN SA 453 -65.22 16.42 103.69
C ASN SA 453 -64.64 14.99 103.56
N TYR SA 454 -63.34 14.85 103.33
CA TYR SA 454 -62.64 13.56 103.24
C TYR SA 454 -61.34 13.58 104.02
N ILE SA 455 -60.86 12.38 104.38
CA ILE SA 455 -59.54 12.11 104.92
C ILE SA 455 -58.86 11.08 104.03
N LEU SA 456 -57.57 11.24 103.82
CA LEU SA 456 -56.68 10.26 103.24
C LEU SA 456 -56.13 9.34 104.33
N VAL SA 457 -56.23 8.03 104.08
CA VAL SA 457 -55.85 6.94 104.98
C VAL SA 457 -54.93 5.99 104.23
N ASP SA 458 -53.82 5.55 104.81
CA ASP SA 458 -52.90 4.63 104.14
C ASP SA 458 -52.34 3.56 105.09
N HIS SA 459 -52.09 2.36 104.56
CA HIS SA 459 -51.45 1.27 105.28
C HIS SA 459 -50.01 1.11 104.79
N CYS SA 460 -49.06 0.95 105.71
CA CYS SA 460 -47.66 0.75 105.40
C CYS SA 460 -46.99 -0.05 106.53
N PRO SA 461 -46.60 -1.32 106.30
CA PRO SA 461 -45.85 -2.12 107.27
C PRO SA 461 -44.51 -1.54 107.71
N TYR SA 462 -43.95 -0.60 106.95
CA TYR SA 462 -42.51 -0.31 106.94
C TYR SA 462 -42.09 0.91 107.77
N THR SA 463 -43.00 1.60 108.44
CA THR SA 463 -42.60 2.52 109.52
C THR SA 463 -42.05 1.74 110.72
N ASN SA 464 -41.09 2.32 111.45
CA ASN SA 464 -40.43 1.61 112.54
C ASN SA 464 -41.35 1.38 113.75
N PRO SA 465 -41.99 2.41 114.33
CA PRO SA 465 -43.27 2.25 115.02
C PRO SA 465 -44.38 2.05 114.00
N GLU SA 466 -45.56 1.58 114.42
CA GLU SA 466 -46.69 1.35 113.51
C GLU SA 466 -48.02 1.79 114.11
N LYS SA 467 -48.98 2.07 113.22
CA LYS SA 467 -50.42 2.13 113.47
C LYS SA 467 -51.11 1.44 112.30
N THR SA 468 -52.23 0.75 112.53
CA THR SA 468 -52.81 -0.17 111.53
C THR SA 468 -53.10 0.55 110.22
N PRO SA 469 -54.01 1.56 110.16
CA PRO SA 469 -53.88 2.65 109.20
C PRO SA 469 -53.09 3.82 109.77
N PHE SA 470 -52.69 4.71 108.86
CA PHE SA 470 -52.06 5.99 109.23
C PHE SA 470 -53.03 7.07 108.81
N ILE SA 471 -53.16 8.16 109.56
CA ILE SA 471 -53.99 9.32 109.14
C ILE SA 471 -53.00 10.49 109.06
N PRO SA 472 -52.13 10.59 108.03
CA PRO SA 472 -51.08 11.60 108.03
C PRO SA 472 -51.64 12.99 108.35
N LEU SA 473 -50.93 13.78 109.14
CA LEU SA 473 -51.28 15.17 109.46
C LEU SA 473 -50.06 16.07 109.25
N SER SA 474 -50.27 17.24 108.67
CA SER SA 474 -49.17 18.17 108.42
C SER SA 474 -48.69 18.82 109.71
N THR SA 475 -47.40 19.14 109.76
CA THR SA 475 -46.78 19.86 110.88
C THR SA 475 -47.53 21.15 111.21
N SER SA 476 -48.12 21.84 110.23
CA SER SA 476 -48.97 23.02 110.46
C SER SA 476 -50.20 22.71 111.32
N PHE SA 477 -50.92 21.61 111.08
CA PHE SA 477 -52.06 21.21 111.92
C PHE SA 477 -51.64 20.68 113.30
N ILE SA 478 -50.50 19.99 113.36
CA ILE SA 478 -49.87 19.55 114.61
C ILE SA 478 -49.31 20.73 115.43
N GLU SA 479 -49.12 21.89 114.81
CA GLU SA 479 -48.65 23.13 115.45
C GLU SA 479 -49.73 24.24 115.52
N GLY SA 480 -50.99 23.96 115.17
CA GLY SA 480 -52.06 24.94 115.28
C GLY SA 480 -51.94 26.13 114.32
N ARG SA 481 -51.82 25.83 113.01
CA ARG SA 481 -51.62 26.88 111.98
C ARG SA 481 -52.30 26.47 110.66
N SER SA 482 -52.66 27.45 109.82
CA SER SA 482 -53.36 27.19 108.54
C SER SA 482 -52.51 26.36 107.56
N PRO SA 483 -53.13 25.58 106.63
CA PRO SA 483 -52.46 24.56 105.82
C PRO SA 483 -51.15 24.97 105.14
N TYR SA 484 -51.06 26.20 104.64
CA TYR SA 484 -49.85 26.77 104.00
C TYR SA 484 -49.50 28.15 104.59
N SER SA 485 -49.56 28.30 105.91
CA SER SA 485 -49.25 29.56 106.61
C SER SA 485 -47.85 29.53 107.24
N PRO SA 486 -47.07 30.62 107.19
CA PRO SA 486 -45.70 30.65 107.68
C PRO SA 486 -45.61 30.43 109.20
N SER SA 487 -44.56 29.72 109.62
CA SER SA 487 -44.35 29.23 110.99
C SER SA 487 -44.32 30.31 112.07
N ASP SA 488 -44.15 31.60 111.72
CA ASP SA 488 -44.21 32.72 112.71
C ASP SA 488 -45.61 32.81 113.31
N THR SA 489 -46.62 32.31 112.59
CA THR SA 489 -48.01 32.29 113.01
C THR SA 489 -48.27 31.16 114.02
N HIS SA 490 -49.11 31.40 115.05
CA HIS SA 490 -49.42 30.40 116.10
C HIS SA 490 -50.94 30.25 116.28
N GLU SA 491 -51.74 30.56 115.25
CA GLU SA 491 -53.19 30.40 115.21
C GLU SA 491 -53.65 30.16 113.76
N PRO SA 492 -54.71 29.39 113.52
CA PRO SA 492 -55.38 29.41 112.22
C PRO SA 492 -55.94 30.80 111.87
N ASP SA 493 -56.04 31.11 110.58
CA ASP SA 493 -56.85 32.22 110.05
C ASP SA 493 -58.35 31.91 110.23
N GLU SA 494 -59.25 32.91 110.29
CA GLU SA 494 -60.64 32.73 110.73
C GLU SA 494 -61.40 31.56 110.06
N GLU SA 495 -61.24 31.37 108.76
CA GLU SA 495 -61.88 30.27 108.03
C GLU SA 495 -61.31 28.88 108.40
N ASP SA 496 -60.06 28.81 108.83
CA ASP SA 496 -59.45 27.61 109.43
C ASP SA 496 -59.60 27.56 110.96
N GLN SA 497 -59.96 28.66 111.64
CA GLN SA 497 -60.38 28.60 113.05
C GLN SA 497 -61.72 27.86 113.15
N ASN SA 498 -62.62 28.10 112.20
CA ASN SA 498 -63.71 27.19 111.87
C ASN SA 498 -63.17 25.92 111.16
N ARG SA 499 -63.97 24.86 111.27
CA ARG SA 499 -63.66 23.56 110.63
C ARG SA 499 -62.27 23.07 111.06
N TRP SA 500 -61.85 23.32 112.32
CA TRP SA 500 -60.52 22.89 112.85
C TRP SA 500 -60.57 21.42 113.28
N TYR SA 501 -60.66 20.51 112.31
CA TYR SA 501 -60.74 19.06 112.54
C TYR SA 501 -60.03 18.27 111.44
N PRO SA 502 -59.63 17.01 111.67
CA PRO SA 502 -58.96 16.19 110.66
C PRO SA 502 -59.69 16.11 109.32
N CYS SA 503 -59.03 16.56 108.26
CA CYS SA 503 -59.49 16.44 106.88
C CYS SA 503 -58.31 16.64 105.92
N TYR SA 504 -58.48 16.24 104.65
CA TYR SA 504 -57.44 16.24 103.64
C TYR SA 504 -56.72 17.59 103.48
N GLN SA 505 -57.41 18.71 103.70
CA GLN SA 505 -56.80 20.06 103.62
C GLN SA 505 -55.61 20.19 104.58
N TYR SA 506 -55.67 19.57 105.75
CA TYR SA 506 -54.57 19.58 106.72
C TYR SA 506 -53.55 18.45 106.50
N GLN SA 507 -53.83 17.47 105.65
CA GLN SA 507 -52.92 16.36 105.35
C GLN SA 507 -51.93 16.67 104.22
N GLN SA 508 -52.19 17.67 103.38
CA GLN SA 508 -51.50 17.88 102.11
C GLN SA 508 -49.97 17.96 102.22
N GLU SA 509 -49.44 18.73 103.16
CA GLU SA 509 -47.99 18.89 103.30
C GLU SA 509 -47.33 17.60 103.79
N SER SA 510 -48.01 16.77 104.60
CA SER SA 510 -47.45 15.50 105.05
C SER SA 510 -47.29 14.49 103.90
N ILE SA 511 -48.28 14.35 103.01
CA ILE SA 511 -48.14 13.43 101.87
C ILE SA 511 -47.20 13.98 100.81
N ASN SA 512 -47.09 15.30 100.66
CA ASN SA 512 -46.03 15.87 99.84
C ASN SA 512 -44.66 15.54 100.42
N SER SA 513 -44.48 15.63 101.74
CA SER SA 513 -43.23 15.27 102.42
C SER SA 513 -42.86 13.79 102.24
N ILE SA 514 -43.84 12.89 102.26
CA ILE SA 514 -43.61 11.47 101.93
C ILE SA 514 -43.20 11.31 100.47
N CYS SA 515 -43.83 12.00 99.52
CA CYS SA 515 -43.42 11.98 98.12
C CYS SA 515 -42.01 12.54 97.89
N LEU SA 516 -41.63 13.61 98.59
CA LEU SA 516 -40.29 14.17 98.60
C LEU SA 516 -39.23 13.20 99.13
N SER SA 517 -39.60 12.20 99.92
CA SER SA 517 -38.65 11.15 100.30
C SER SA 517 -38.27 10.25 99.11
N GLY SA 518 -39.07 10.21 98.05
CA GLY SA 518 -38.80 9.41 96.85
C GLY SA 518 -37.73 10.03 95.94
N PRO SA 519 -37.09 9.21 95.08
CA PRO SA 519 -36.02 9.66 94.20
C PRO SA 519 -36.50 10.60 93.09
N GLY SA 520 -35.56 11.39 92.57
CA GLY SA 520 -35.75 12.36 91.49
C GLY SA 520 -36.43 13.67 91.88
N THR SA 521 -37.03 13.75 93.07
CA THR SA 521 -37.75 14.94 93.50
C THR SA 521 -36.80 16.12 93.77
N PRO SA 522 -37.05 17.30 93.19
CA PRO SA 522 -36.09 18.42 93.22
C PRO SA 522 -35.96 19.11 94.58
N LYS SA 523 -34.82 19.80 94.75
CA LYS SA 523 -34.55 20.72 95.87
C LYS SA 523 -34.81 22.15 95.40
N ILE SA 524 -35.78 22.84 95.99
CA ILE SA 524 -36.09 24.24 95.65
C ILE SA 524 -35.98 25.08 96.93
N PRO SA 525 -35.11 26.11 97.00
CA PRO SA 525 -35.01 26.96 98.18
C PRO SA 525 -36.35 27.63 98.53
N LYS SA 526 -36.65 27.77 99.83
CA LYS SA 526 -37.88 28.42 100.28
C LYS SA 526 -37.95 29.87 99.78
N GLY SA 527 -39.11 30.26 99.28
CA GLY SA 527 -39.34 31.56 98.64
C GLY SA 527 -38.97 31.64 97.16
N ILE SA 528 -38.44 30.58 96.55
CA ILE SA 528 -38.19 30.49 95.11
C ILE SA 528 -39.28 29.63 94.46
N THR SA 529 -39.82 30.08 93.34
CA THR SA 529 -40.74 29.30 92.50
C THR SA 529 -40.00 28.88 91.24
N ALA SA 530 -39.89 27.57 91.00
CA ALA SA 530 -39.37 27.05 89.76
C ALA SA 530 -40.48 27.01 88.71
N GLU SA 531 -40.14 27.20 87.44
CA GLU SA 531 -41.09 27.32 86.34
C GLU SA 531 -40.55 26.60 85.11
N ALA SA 532 -41.42 26.14 84.22
CA ALA SA 532 -41.04 25.64 82.91
C ALA SA 532 -42.04 26.10 81.86
N LYS SA 533 -41.58 26.30 80.63
CA LYS SA 533 -42.41 26.73 79.50
C LYS SA 533 -42.04 26.03 78.21
N VAL SA 534 -43.04 25.89 77.34
CA VAL SA 534 -42.88 25.45 75.96
C VAL SA 534 -43.39 26.56 75.04
N LYS SA 535 -42.76 26.75 73.89
CA LYS SA 535 -43.34 27.54 72.80
C LYS SA 535 -43.93 26.58 71.78
N TYR SA 536 -45.19 26.77 71.44
CA TYR SA 536 -45.91 25.93 70.50
C TYR SA 536 -46.19 26.66 69.21
N SER SA 537 -46.36 25.90 68.13
CA SER SA 537 -46.86 26.37 66.85
C SER SA 537 -47.74 25.27 66.25
N PHE SA 538 -49.06 25.42 66.35
CA PHE SA 538 -50.02 24.51 65.71
C PHE SA 538 -50.29 24.96 64.29
N ASN SA 539 -50.23 24.05 63.32
CA ASN SA 539 -50.40 24.37 61.91
C ASN SA 539 -51.80 23.99 61.45
N PHE SA 540 -52.54 24.97 60.96
CA PHE SA 540 -53.88 24.82 60.43
C PHE SA 540 -53.97 25.45 59.05
N LYS SA 541 -54.97 25.03 58.28
CA LYS SA 541 -55.48 25.79 57.15
C LYS SA 541 -56.96 26.06 57.41
N TRP SA 542 -57.44 27.22 56.99
CA TRP SA 542 -58.85 27.59 57.00
C TRP SA 542 -59.38 27.56 55.58
N GLY SA 543 -60.56 26.98 55.36
CA GLY SA 543 -61.14 26.78 54.03
C GLY SA 543 -62.53 27.35 53.93
N GLY SA 544 -62.88 27.87 52.75
CA GLY SA 544 -64.22 28.37 52.50
C GLY SA 544 -64.39 28.95 51.10
N ASP SA 545 -65.62 29.38 50.81
CA ASP SA 545 -65.89 30.30 49.71
C ASP SA 545 -65.36 31.71 50.02
N LEU SA 546 -65.11 32.51 49.00
CA LEU SA 546 -64.49 33.82 49.14
C LEU SA 546 -65.31 34.76 50.06
N PRO SA 547 -64.70 35.40 51.07
CA PRO SA 547 -65.40 36.29 51.99
C PRO SA 547 -65.57 37.72 51.44
N PRO SA 548 -66.47 38.53 52.05
CA PRO SA 548 -66.59 39.97 51.78
C PRO SA 548 -65.45 40.79 52.42
N MET SA 549 -65.34 42.08 52.06
CA MET SA 549 -64.29 43.00 52.52
C MET SA 549 -64.76 44.47 52.47
N SER SA 550 -64.10 45.39 53.18
CA SER SA 550 -64.44 46.84 53.22
C SER SA 550 -63.20 47.75 53.14
N THR SA 551 -63.42 49.03 52.84
CA THR SA 551 -62.38 50.01 52.47
C THR SA 551 -62.54 51.36 53.17
N ILE SA 552 -61.47 52.16 53.18
CA ILE SA 552 -61.33 53.43 53.92
C ILE SA 552 -61.15 54.59 52.94
N THR SA 553 -61.68 55.78 53.25
CA THR SA 553 -61.53 56.97 52.39
C THR SA 553 -60.05 57.33 52.20
N ASN SA 554 -59.65 57.78 51.02
CA ASN SA 554 -58.29 58.24 50.77
C ASN SA 554 -57.93 59.55 51.51
N PRO SA 555 -58.77 60.61 51.52
CA PRO SA 555 -58.39 61.88 52.12
C PRO SA 555 -58.18 61.79 53.62
N THR SA 556 -59.05 61.09 54.35
CA THR SA 556 -58.87 60.89 55.82
C THR SA 556 -58.17 59.56 56.03
N ASP SA 557 -56.85 59.53 55.83
CA ASP SA 557 -56.06 58.27 55.95
C ASP SA 557 -54.68 58.60 56.51
N GLN SA 558 -53.83 57.59 56.74
CA GLN SA 558 -52.47 57.80 57.29
C GLN SA 558 -51.84 59.00 56.56
N PRO SA 559 -51.59 60.15 57.24
CA PRO SA 559 -51.08 61.33 56.56
C PRO SA 559 -49.57 61.30 56.40
N THR SA 560 -49.05 61.79 55.27
CA THR SA 560 -47.60 61.86 55.06
C THR SA 560 -46.97 62.84 56.07
N TYR SA 561 -45.70 62.65 56.43
CA TYR SA 561 -44.99 63.51 57.40
C TYR SA 561 -45.07 65.00 57.03
N VAL SA 562 -45.15 65.32 55.73
CA VAL SA 562 -45.33 66.68 55.19
C VAL SA 562 -46.62 67.32 55.73
N LYS TA 48 -32.21 -16.67 -64.80
CA LYS TA 48 -33.60 -16.13 -64.96
C LYS TA 48 -33.66 -15.05 -66.03
N ARG TA 49 -33.07 -13.87 -65.79
CA ARG TA 49 -32.93 -12.79 -66.78
C ARG TA 49 -31.55 -12.15 -66.71
N LEU TA 50 -31.00 -11.77 -67.85
CA LEU TA 50 -29.66 -11.21 -68.00
C LEU TA 50 -29.70 -9.83 -68.63
N ASN TA 51 -28.75 -8.96 -68.27
CA ASN TA 51 -28.50 -7.74 -69.01
C ASN TA 51 -28.00 -8.06 -70.42
N ILE TA 52 -28.51 -7.36 -71.42
CA ILE TA 52 -27.93 -7.38 -72.77
C ILE TA 52 -26.62 -6.59 -72.74
N VAL TA 53 -25.58 -7.15 -73.33
CA VAL TA 53 -24.22 -6.62 -73.34
C VAL TA 53 -23.73 -6.53 -74.78
N GLU TA 54 -22.97 -5.49 -75.09
CA GLU TA 54 -22.33 -5.28 -76.38
C GLU TA 54 -20.81 -5.21 -76.21
N TRP TA 55 -20.05 -5.70 -77.18
CA TRP TA 55 -18.59 -5.60 -77.18
C TRP TA 55 -18.17 -4.35 -77.93
N GLN TA 56 -17.41 -3.51 -77.22
CA GLN TA 56 -17.00 -2.18 -77.75
C GLN TA 56 -16.11 -2.34 -78.97
N PRO TA 57 -16.26 -1.48 -79.99
CA PRO TA 57 -15.49 -1.56 -81.23
C PRO TA 57 -14.01 -1.19 -81.02
N LYS TA 58 -13.15 -1.61 -81.94
CA LYS TA 58 -11.70 -1.58 -81.79
C LYS TA 58 -11.12 -0.17 -81.64
N SER TA 59 -11.64 0.80 -82.39
CA SER TA 59 -11.28 2.22 -82.25
C SER TA 59 -12.52 3.11 -82.17
N ILE TA 60 -12.48 4.11 -81.30
CA ILE TA 60 -13.60 5.00 -80.99
C ILE TA 60 -13.12 6.46 -81.01
N ARG TA 61 -13.92 7.37 -81.61
CA ARG TA 61 -13.58 8.82 -81.68
C ARG TA 61 -14.78 9.74 -81.40
N LYS TA 62 -14.80 10.40 -80.24
CA LYS TA 62 -15.86 11.36 -79.87
C LYS TA 62 -15.94 12.51 -80.89
N CYS TA 63 -17.14 12.91 -81.28
CA CYS TA 63 -17.39 14.04 -82.15
C CYS TA 63 -18.61 14.83 -81.68
N ARG TA 64 -18.38 16.13 -81.39
CA ARG TA 64 -19.49 17.06 -81.05
C ARG TA 64 -19.84 17.90 -82.29
N ILE TA 65 -20.97 17.61 -82.94
CA ILE TA 65 -21.44 18.39 -84.08
C ILE TA 65 -22.01 19.70 -83.53
N LYS TA 66 -21.27 20.79 -83.64
CA LYS TA 66 -21.57 22.10 -83.03
C LYS TA 66 -21.98 23.09 -84.10
N GLY TA 67 -23.04 23.85 -83.87
CA GLY TA 67 -23.50 24.85 -84.84
C GLY TA 67 -24.62 25.72 -84.35
N MET TA 68 -25.18 26.53 -85.25
CA MET TA 68 -26.21 27.51 -84.97
C MET TA 68 -27.43 27.24 -85.85
N LEU TA 69 -28.64 27.23 -85.29
CA LEU TA 69 -29.89 26.98 -86.00
C LEU TA 69 -30.84 28.17 -85.85
N CYS TA 70 -31.36 28.69 -86.96
CA CYS TA 70 -32.40 29.70 -86.96
C CYS TA 70 -33.76 29.09 -86.60
N LEU TA 71 -34.41 29.56 -85.53
CA LEU TA 71 -35.71 29.04 -85.09
C LEU TA 71 -36.86 29.66 -85.88
N PHE TA 72 -36.82 30.97 -86.10
CA PHE TA 72 -37.70 31.67 -87.02
C PHE TA 72 -37.03 32.95 -87.46
N GLN TA 73 -37.48 33.52 -88.58
CA GLN TA 73 -37.24 34.91 -88.90
C GLN TA 73 -38.51 35.45 -89.55
N THR TA 74 -39.11 36.48 -88.95
CA THR TA 74 -40.50 36.87 -89.19
C THR TA 74 -40.68 38.37 -89.28
N THR TA 75 -41.59 38.80 -90.13
CA THR TA 75 -42.27 40.10 -90.07
C THR TA 75 -43.65 39.92 -89.45
N GLU TA 76 -44.38 41.00 -89.17
CA GLU TA 76 -45.73 40.95 -88.60
C GLU TA 76 -46.75 40.23 -89.51
N ASP TA 77 -46.63 40.40 -90.83
CA ASP TA 77 -47.51 39.81 -91.84
C ASP TA 77 -47.24 38.33 -92.12
N ARG TA 78 -46.26 37.73 -91.45
CA ARG TA 78 -45.93 36.30 -91.54
C ARG TA 78 -45.98 35.56 -90.19
N LEU TA 79 -46.46 36.19 -89.12
CA LEU TA 79 -46.43 35.59 -87.78
C LEU TA 79 -47.20 34.28 -87.66
N SER TA 80 -48.32 34.13 -88.35
CA SER TA 80 -49.16 32.92 -88.27
C SER TA 80 -48.70 31.77 -89.18
N TYR TA 81 -47.56 31.89 -89.87
CA TYR TA 81 -47.05 30.90 -90.82
C TYR TA 81 -45.78 30.21 -90.33
N ASN TA 82 -45.58 28.97 -90.77
CA ASN TA 82 -44.41 28.17 -90.46
C ASN TA 82 -43.18 28.66 -91.25
N PHE TA 83 -42.08 28.97 -90.55
CA PHE TA 83 -40.79 29.29 -91.13
C PHE TA 83 -40.05 28.03 -91.59
N ASP TA 84 -39.86 27.91 -92.90
CA ASP TA 84 -38.88 27.00 -93.50
C ASP TA 84 -37.72 27.85 -94.05
N MET TA 85 -36.49 27.51 -93.68
CA MET TA 85 -35.30 28.21 -94.17
C MET TA 85 -34.98 27.86 -95.62
N TYR TA 86 -35.38 26.66 -96.06
CA TYR TA 86 -35.25 26.18 -97.43
C TYR TA 86 -36.65 26.14 -98.06
N GLU TA 87 -36.88 27.06 -98.98
CA GLU TA 87 -38.18 27.64 -99.29
C GLU TA 87 -39.01 26.96 -100.38
N GLU TA 88 -40.31 27.23 -100.38
CA GLU TA 88 -41.12 27.21 -101.61
C GLU TA 88 -40.73 28.51 -102.35
N SER TA 89 -40.12 28.40 -103.53
CA SER TA 89 -39.25 29.44 -104.14
C SER TA 89 -39.86 30.85 -104.30
N ILE TA 90 -41.18 30.98 -104.26
CA ILE TA 90 -41.88 32.27 -104.26
C ILE TA 90 -41.85 32.99 -102.89
N ILE TA 91 -41.82 32.27 -101.76
CA ILE TA 91 -41.93 32.86 -100.43
C ILE TA 91 -40.85 33.91 -100.15
N PRO TA 92 -39.54 33.69 -100.36
CA PRO TA 92 -38.55 34.71 -100.06
C PRO TA 92 -38.53 35.86 -101.07
N GLU TA 93 -39.22 35.78 -102.20
CA GLU TA 93 -39.29 36.90 -103.15
C GLU TA 93 -40.08 38.06 -102.54
N LYS TA 94 -39.37 39.14 -102.18
CA LYS TA 94 -39.91 40.33 -101.51
C LYS TA 94 -40.55 40.05 -100.14
N LEU TA 95 -40.13 38.98 -99.44
CA LEU TA 95 -40.34 38.84 -97.98
C LEU TA 95 -39.02 38.61 -97.24
N PRO TA 96 -38.64 39.46 -96.27
CA PRO TA 96 -37.39 39.29 -95.52
C PRO TA 96 -37.47 38.23 -94.41
N GLY TA 97 -38.68 37.80 -94.00
CA GLY TA 97 -38.88 36.69 -93.07
C GLY TA 97 -40.14 35.89 -93.41
N GLY TA 98 -40.03 34.56 -93.43
CA GLY TA 98 -41.06 33.69 -93.99
C GLY TA 98 -42.12 33.21 -93.01
N GLY TA 99 -41.88 33.26 -91.69
CA GLY TA 99 -42.81 32.69 -90.72
C GLY TA 99 -42.44 32.95 -89.27
N GLY TA 100 -43.43 33.04 -88.39
CA GLY TA 100 -43.27 33.38 -86.97
C GLY TA 100 -43.26 32.18 -86.02
N PHE TA 101 -43.43 30.97 -86.53
CA PHE TA 101 -43.22 29.75 -85.76
C PHE TA 101 -42.51 28.73 -86.63
N SER TA 102 -41.86 27.73 -86.06
CA SER TA 102 -41.38 26.59 -86.82
C SER TA 102 -41.50 25.29 -86.06
N ILE TA 103 -41.57 24.20 -86.80
CA ILE TA 103 -41.27 22.87 -86.31
C ILE TA 103 -40.02 22.38 -87.04
N LYS TA 104 -38.94 22.12 -86.30
CA LYS TA 104 -37.66 21.59 -86.80
C LYS TA 104 -37.54 20.14 -86.41
N ASN TA 105 -37.22 19.25 -87.34
CA ASN TA 105 -36.74 17.90 -87.04
C ASN TA 105 -35.25 17.84 -87.36
N ILE TA 106 -34.43 17.36 -86.42
CA ILE TA 106 -32.99 17.22 -86.60
C ILE TA 106 -32.63 15.73 -86.69
N SER TA 107 -31.87 15.38 -87.72
CA SER TA 107 -31.30 14.05 -87.93
C SER TA 107 -29.85 14.19 -88.32
N LEU TA 108 -29.06 13.13 -88.17
CA LEU TA 108 -27.63 13.13 -88.55
C LEU TA 108 -27.44 13.49 -90.04
N TYR TA 109 -28.36 13.12 -90.92
CA TYR TA 109 -28.32 13.58 -92.31
C TYR TA 109 -28.64 15.06 -92.47
N ALA TA 110 -29.59 15.61 -91.71
CA ALA TA 110 -29.84 17.05 -91.69
C ALA TA 110 -28.64 17.82 -91.11
N LEU TA 111 -27.94 17.29 -90.10
CA LEU TA 111 -26.69 17.85 -89.60
C LEU TA 111 -25.58 17.84 -90.66
N TYR TA 112 -25.46 16.77 -91.46
CA TYR TA 112 -24.56 16.75 -92.61
C TYR TA 112 -24.96 17.78 -93.67
N GLN TA 113 -26.25 17.95 -93.97
CA GLN TA 113 -26.70 18.99 -94.90
C GLN TA 113 -26.39 20.40 -94.39
N GLU TA 114 -26.54 20.67 -93.09
CA GLU TA 114 -26.12 21.94 -92.50
C GLU TA 114 -24.59 22.14 -92.58
N HIS TA 115 -23.80 21.07 -92.64
CA HIS TA 115 -22.32 21.16 -92.82
C HIS TA 115 -22.01 21.58 -94.26
N ILE TA 116 -22.84 21.18 -95.23
CA ILE TA 116 -22.68 21.63 -96.63
C ILE TA 116 -22.99 23.13 -96.78
N HIS TA 117 -23.90 23.67 -95.98
CA HIS TA 117 -24.15 25.11 -95.87
C HIS TA 117 -23.12 25.84 -94.99
N ALA TA 118 -22.11 25.15 -94.45
CA ALA TA 118 -21.14 25.66 -93.49
C ALA TA 118 -21.76 26.20 -92.19
N HIS TA 119 -22.94 25.74 -91.80
CA HIS TA 119 -23.63 26.17 -90.59
C HIS TA 119 -23.17 25.45 -89.33
N ASN TA 120 -22.39 24.38 -89.45
CA ASN TA 120 -21.83 23.65 -88.31
C ASN TA 120 -20.42 23.13 -88.59
N ILE TA 121 -19.74 22.72 -87.51
CA ILE TA 121 -18.49 21.99 -87.55
C ILE TA 121 -18.73 20.57 -87.00
N PHE TA 122 -17.99 19.60 -87.51
CA PHE TA 122 -17.85 18.28 -86.89
C PHE TA 122 -16.50 18.26 -86.19
N THR TA 123 -16.46 18.07 -84.87
CA THR TA 123 -15.22 18.09 -84.10
C THR TA 123 -14.24 16.97 -84.49
N HIS TA 124 -14.78 15.89 -85.05
CA HIS TA 124 -13.97 14.78 -85.60
C HIS TA 124 -14.69 14.27 -86.85
N THR TA 125 -13.97 14.00 -87.94
CA THR TA 125 -14.54 13.37 -89.13
C THR TA 125 -14.99 11.95 -88.86
N ASN TA 126 -15.87 11.45 -89.72
CA ASN TA 126 -16.48 10.12 -89.66
C ASN TA 126 -16.12 9.24 -90.87
N THR TA 127 -15.13 9.61 -91.68
CA THR TA 127 -14.95 9.06 -93.04
C THR TA 127 -14.68 7.56 -93.07
N ASP TA 128 -13.96 7.04 -92.08
CA ASP TA 128 -13.49 5.64 -92.07
C ASP TA 128 -13.91 4.87 -90.80
N ARG TA 129 -14.91 5.41 -90.08
CA ARG TA 129 -15.51 4.73 -88.89
C ARG TA 129 -17.01 4.69 -89.17
N PRO TA 130 -17.61 3.56 -89.60
CA PRO TA 130 -18.98 3.50 -90.08
C PRO TA 130 -20.04 3.38 -88.98
N LEU TA 131 -19.65 3.01 -87.75
CA LEU TA 131 -20.56 2.94 -86.61
C LEU TA 131 -20.75 4.30 -85.96
N ALA TA 132 -21.91 4.53 -85.36
CA ALA TA 132 -22.23 5.71 -84.58
C ALA TA 132 -22.90 5.33 -83.27
N ARG TA 133 -22.62 6.11 -82.21
CA ARG TA 133 -23.23 5.93 -80.88
C ARG TA 133 -23.68 7.32 -80.37
N TYR TA 134 -24.93 7.72 -80.65
CA TYR TA 134 -25.48 9.00 -80.24
C TYR TA 134 -25.74 9.06 -78.73
N THR TA 135 -25.30 10.11 -78.07
CA THR TA 135 -25.32 10.23 -76.59
C THR TA 135 -26.28 11.31 -76.08
N GLY TA 136 -26.81 12.15 -76.96
CA GLY TA 136 -27.71 13.25 -76.60
C GLY TA 136 -27.24 14.60 -77.13
N CYS TA 137 -27.96 15.63 -76.78
CA CYS TA 137 -27.77 16.98 -77.29
C CYS TA 137 -27.69 18.02 -76.17
N SER TA 138 -26.91 19.07 -76.36
CA SER TA 138 -27.02 20.32 -75.60
C SER TA 138 -27.55 21.43 -76.49
N LEU TA 139 -28.57 22.16 -76.03
CA LEU TA 139 -29.06 23.37 -76.69
C LEU TA 139 -28.78 24.59 -75.81
N LYS TA 140 -28.33 25.69 -76.40
CA LYS TA 140 -28.32 27.03 -75.81
C LYS TA 140 -29.24 27.93 -76.60
N PHE TA 141 -30.34 28.35 -76.00
CA PHE TA 141 -31.31 29.24 -76.61
C PHE TA 141 -30.96 30.68 -76.24
N TYR TA 142 -30.74 31.55 -77.21
CA TYR TA 142 -30.33 32.93 -76.95
C TYR TA 142 -31.53 33.86 -76.86
N GLN TA 143 -31.48 34.82 -75.93
CA GLN TA 143 -32.39 35.95 -75.94
C GLN TA 143 -32.22 36.74 -77.24
N SER TA 144 -33.29 36.93 -77.99
CA SER TA 144 -33.29 37.88 -79.08
C SER TA 144 -33.29 39.31 -78.56
N LYS TA 145 -32.88 40.27 -79.38
CA LYS TA 145 -32.91 41.68 -79.00
C LYS TA 145 -34.35 42.20 -78.80
N ASP TA 146 -35.21 41.98 -79.79
CA ASP TA 146 -36.51 42.65 -79.91
C ASP TA 146 -37.75 41.78 -79.64
N ILE TA 147 -37.62 40.44 -79.67
CA ILE TA 147 -38.81 39.54 -79.60
C ILE TA 147 -38.63 38.43 -78.56
N ASP TA 148 -39.69 38.08 -77.83
CA ASP TA 148 -39.65 36.96 -76.87
C ASP TA 148 -40.00 35.71 -77.67
N TYR TA 149 -39.90 34.51 -77.11
CA TYR TA 149 -40.35 33.31 -77.86
C TYR TA 149 -40.44 32.09 -76.97
N VAL TA 150 -41.44 31.26 -77.21
CA VAL TA 150 -41.66 30.00 -76.48
C VAL TA 150 -41.03 28.88 -77.28
N VAL TA 151 -40.33 27.98 -76.63
CA VAL TA 151 -39.85 26.72 -77.21
C VAL TA 151 -40.47 25.55 -76.48
N THR TA 152 -40.80 24.48 -77.18
CA THR TA 152 -40.91 23.15 -76.57
C THR TA 152 -40.33 22.12 -77.52
N TYR TA 153 -39.80 21.04 -77.00
CA TYR TA 153 -39.11 20.03 -77.79
C TYR TA 153 -39.58 18.65 -77.39
N SER TA 154 -39.40 17.69 -78.30
CA SER TA 154 -39.78 16.30 -78.09
C SER TA 154 -38.73 15.37 -78.67
N THR TA 155 -38.67 14.12 -78.20
CA THR TA 155 -37.76 13.10 -78.75
C THR TA 155 -38.49 11.77 -78.91
N SER TA 156 -39.82 11.78 -78.98
CA SER TA 156 -40.56 10.53 -79.28
C SER TA 156 -40.11 10.08 -80.67
N LEU TA 157 -39.35 8.98 -80.77
CA LEU TA 157 -38.79 8.55 -82.08
C LEU TA 157 -39.88 8.62 -83.16
N PRO TA 158 -41.12 8.13 -82.93
CA PRO TA 158 -42.17 8.28 -83.92
C PRO TA 158 -42.36 9.74 -84.26
N LEU TA 159 -42.13 10.14 -85.52
CA LEU TA 159 -42.24 11.55 -85.96
C LEU TA 159 -43.50 11.70 -86.84
N ARG TA 160 -44.39 12.63 -86.50
CA ARG TA 160 -45.61 12.89 -87.29
C ARG TA 160 -46.13 14.30 -86.99
N SER TA 161 -46.98 14.85 -87.87
CA SER TA 161 -47.58 16.20 -87.68
C SER TA 161 -49.06 16.02 -87.37
N SER TA 162 -49.68 17.00 -86.69
CA SER TA 162 -51.11 16.92 -86.32
C SER TA 162 -51.76 18.30 -86.42
N MET TA 163 -53.07 18.36 -86.67
CA MET TA 163 -53.82 19.62 -86.72
C MET TA 163 -53.82 20.33 -85.37
N GLY TA 164 -53.95 19.57 -84.28
CA GLY TA 164 -53.84 20.08 -82.90
C GLY TA 164 -52.45 20.60 -82.57
N MET TA 165 -51.38 19.97 -83.07
CA MET TA 165 -50.02 20.51 -82.93
C MET TA 165 -49.91 21.89 -83.57
N TYR TA 166 -50.33 22.05 -84.83
CA TYR TA 166 -50.21 23.33 -85.52
C TYR TA 166 -51.06 24.43 -84.90
N ASN TA 167 -52.28 24.13 -84.44
CA ASN TA 167 -53.07 25.11 -83.68
C ASN TA 167 -52.40 25.44 -82.34
N SER TA 168 -51.86 24.45 -81.63
CA SER TA 168 -51.18 24.68 -80.35
C SER TA 168 -49.89 25.49 -80.47
N MET TA 169 -49.36 25.72 -81.67
CA MET TA 169 -48.28 26.68 -81.90
C MET TA 169 -48.69 28.12 -81.68
N GLN TA 170 -49.98 28.44 -81.58
CA GLN TA 170 -50.46 29.79 -81.31
C GLN TA 170 -49.80 30.29 -80.02
N PRO TA 171 -49.23 31.51 -79.97
CA PRO TA 171 -48.32 31.89 -78.89
C PRO TA 171 -48.91 31.79 -77.49
N SER TA 172 -50.18 32.14 -77.29
CA SER TA 172 -50.87 32.01 -76.01
C SER TA 172 -51.07 30.54 -75.61
N ILE TA 173 -51.44 29.68 -76.56
CA ILE TA 173 -51.65 28.25 -76.31
C ILE TA 173 -50.32 27.55 -76.03
N HIS TA 174 -49.28 27.81 -76.82
CA HIS TA 174 -47.95 27.27 -76.60
C HIS TA 174 -47.41 27.72 -75.24
N LEU TA 175 -47.56 28.99 -74.89
CA LEU TA 175 -47.17 29.50 -73.57
C LEU TA 175 -47.93 28.84 -72.40
N MET TA 176 -49.11 28.28 -72.59
CA MET TA 176 -49.79 27.51 -71.53
C MET TA 176 -49.29 26.07 -71.38
N GLN TA 177 -48.64 25.48 -72.38
CA GLN TA 177 -48.25 24.08 -72.34
C GLN TA 177 -47.23 23.75 -71.25
N GLN TA 178 -47.25 22.52 -70.77
CA GLN TA 178 -46.24 22.00 -69.84
C GLN TA 178 -44.92 21.73 -70.56
N ASN TA 179 -43.80 21.85 -69.83
CA ASN TA 179 -42.44 21.68 -70.37
C ASN TA 179 -42.14 22.62 -71.55
N LYS TA 180 -42.77 23.80 -71.55
CA LYS TA 180 -42.34 24.96 -72.32
C LYS TA 180 -41.03 25.51 -71.77
N LEU TA 181 -40.33 26.26 -72.59
CA LEU TA 181 -39.28 27.19 -72.22
C LEU TA 181 -39.63 28.56 -72.78
N ILE TA 182 -39.70 29.58 -71.94
CA ILE TA 182 -39.92 30.97 -72.38
C ILE TA 182 -38.57 31.64 -72.40
N VAL TA 183 -38.23 32.29 -73.51
CA VAL TA 183 -37.03 33.10 -73.64
C VAL TA 183 -37.46 34.56 -73.81
N PRO TA 184 -37.39 35.39 -72.75
CA PRO TA 184 -37.65 36.81 -72.86
C PRO TA 184 -36.60 37.46 -73.76
N SER TA 185 -36.96 38.49 -74.50
CA SER TA 185 -36.00 39.34 -75.18
C SER TA 185 -35.09 40.05 -74.18
N LYS TA 186 -33.94 40.55 -74.66
CA LYS TA 186 -33.04 41.38 -73.84
C LYS TA 186 -33.73 42.65 -73.35
N GLN TA 187 -34.70 43.16 -74.11
CA GLN TA 187 -35.54 44.29 -73.71
C GLN TA 187 -36.50 43.94 -72.57
N THR TA 188 -37.20 42.79 -72.61
CA THR TA 188 -38.16 42.44 -71.56
C THR TA 188 -37.50 41.90 -70.29
N GLN TA 189 -36.31 41.30 -70.35
CA GLN TA 189 -35.55 40.93 -69.16
C GLN TA 189 -34.05 40.87 -69.42
N LYS TA 190 -33.27 41.71 -68.73
CA LYS TA 190 -31.81 41.56 -68.62
C LYS TA 190 -31.47 40.41 -67.68
N ARG TA 191 -30.53 39.55 -68.07
CA ARG TA 191 -30.17 38.31 -67.35
C ARG TA 191 -28.67 38.23 -67.11
N ARG TA 192 -28.25 37.45 -66.11
CA ARG TA 192 -26.83 37.14 -65.86
C ARG TA 192 -26.20 36.42 -67.04
N LYS TA 193 -26.81 35.30 -67.46
CA LYS TA 193 -26.44 34.57 -68.68
C LYS TA 193 -27.39 34.95 -69.80
N PRO TA 194 -26.91 35.32 -71.00
CA PRO TA 194 -27.74 35.80 -72.09
C PRO TA 194 -28.46 34.67 -72.86
N TYR TA 195 -28.46 33.44 -72.33
CA TYR TA 195 -28.99 32.25 -72.94
C TYR TA 195 -29.59 31.32 -71.88
N ILE TA 196 -30.46 30.41 -72.28
CA ILE TA 196 -30.94 29.31 -71.45
C ILE TA 196 -30.42 28.00 -72.03
N LYS TA 197 -29.75 27.19 -71.22
CA LYS TA 197 -29.06 25.96 -71.61
C LYS TA 197 -29.78 24.75 -71.05
N LYS TA 198 -30.05 23.74 -71.88
CA LYS TA 198 -30.52 22.45 -71.39
C LYS TA 198 -30.09 21.25 -72.24
N HIS TA 199 -29.93 20.13 -71.57
CA HIS TA 199 -29.47 18.87 -72.13
C HIS TA 199 -30.67 17.99 -72.45
N ILE TA 200 -30.66 17.38 -73.62
CA ILE TA 200 -31.75 16.55 -74.14
C ILE TA 200 -31.22 15.15 -74.41
N SER TA 201 -31.86 14.14 -73.82
CA SER TA 201 -31.47 12.74 -73.94
C SER TA 201 -31.87 12.17 -75.31
N PRO TA 202 -31.25 11.09 -75.82
CA PRO TA 202 -31.70 10.46 -77.06
C PRO TA 202 -33.18 10.04 -77.04
N PRO TA 203 -33.82 9.87 -78.21
CA PRO TA 203 -35.10 9.20 -78.31
C PRO TA 203 -35.11 7.88 -77.55
N THR TA 204 -36.22 7.50 -76.90
CA THR TA 204 -36.26 6.25 -76.12
C THR TA 204 -36.00 5.00 -76.99
N GLN TA 205 -36.27 5.10 -78.31
CA GLN TA 205 -36.03 4.00 -79.29
C GLN TA 205 -34.55 3.94 -79.69
N MET TA 206 -33.81 5.05 -79.57
CA MET TA 206 -32.37 5.06 -79.78
C MET TA 206 -31.67 4.62 -78.48
N LYS TA 207 -31.28 3.35 -78.40
CA LYS TA 207 -30.61 2.79 -77.23
C LYS TA 207 -29.14 3.18 -77.22
N SER TA 208 -28.41 2.92 -76.14
CA SER TA 208 -26.98 3.28 -76.03
C SER TA 208 -26.07 2.46 -76.94
N GLN TA 209 -26.57 1.42 -77.60
CA GLN TA 209 -25.81 0.58 -78.53
C GLN TA 209 -25.20 1.35 -79.71
N TRP TA 210 -24.22 0.74 -80.37
CA TRP TA 210 -23.72 1.20 -81.66
C TRP TA 210 -24.72 0.89 -82.78
N TYR TA 211 -24.80 1.78 -83.77
CA TYR TA 211 -25.62 1.62 -84.97
C TYR TA 211 -24.80 2.00 -86.19
N PHE TA 212 -24.96 1.33 -87.32
CA PHE TA 212 -24.40 1.83 -88.57
C PHE TA 212 -24.94 3.22 -88.88
N GLN TA 213 -24.06 4.14 -89.30
CA GLN TA 213 -24.46 5.53 -89.62
C GLN TA 213 -25.46 5.55 -90.79
N HIS TA 214 -25.43 4.56 -91.70
CA HIS TA 214 -26.39 4.44 -92.83
C HIS TA 214 -27.81 4.20 -92.29
N ASN TA 215 -27.94 3.44 -91.20
CA ASN TA 215 -29.25 3.11 -90.63
C ASN TA 215 -29.86 4.30 -89.90
N ILE TA 216 -29.08 4.94 -89.02
CA ILE TA 216 -29.57 6.06 -88.20
C ILE TA 216 -29.56 7.42 -88.90
N ALA TA 217 -28.98 7.55 -90.10
CA ALA TA 217 -28.83 8.83 -90.80
C ALA TA 217 -30.12 9.66 -90.84
N ASN TA 218 -31.24 9.04 -91.21
CA ASN TA 218 -32.52 9.73 -91.39
C ASN TA 218 -33.47 9.68 -90.18
N ILE TA 219 -33.13 8.96 -89.11
CA ILE TA 219 -33.94 8.88 -87.89
C ILE TA 219 -33.97 10.26 -87.21
N PRO TA 220 -35.13 10.90 -87.00
CA PRO TA 220 -35.19 12.22 -86.39
C PRO TA 220 -34.93 12.11 -84.89
N LEU TA 221 -33.78 12.65 -84.41
CA LEU TA 221 -33.33 12.47 -82.99
C LEU TA 221 -33.79 13.63 -82.09
N LEU TA 222 -34.35 14.69 -82.67
CA LEU TA 222 -34.90 15.81 -81.92
C LEU TA 222 -35.96 16.54 -82.75
N MET TA 223 -37.08 16.92 -82.12
CA MET TA 223 -37.99 17.94 -82.66
C MET TA 223 -37.95 19.19 -81.80
N ILE TA 224 -37.77 20.36 -82.39
CA ILE TA 224 -37.90 21.65 -81.71
C ILE TA 224 -39.12 22.38 -82.29
N ARG TA 225 -40.02 22.83 -81.44
CA ARG TA 225 -41.17 23.68 -81.78
C ARG TA 225 -40.96 25.06 -81.19
N THR TA 226 -41.01 26.12 -82.00
CA THR TA 226 -40.81 27.50 -81.52
C THR TA 226 -41.88 28.42 -82.06
N THR TA 227 -42.37 29.36 -81.25
CA THR TA 227 -43.31 30.41 -81.69
C THR TA 227 -42.88 31.77 -81.14
N ALA TA 228 -42.99 32.81 -81.96
CA ALA TA 228 -42.72 34.19 -81.61
C ALA TA 228 -43.85 34.80 -80.76
N LEU TA 229 -43.50 35.63 -79.78
CA LEU TA 229 -44.35 35.98 -78.64
C LEU TA 229 -44.11 37.44 -78.25
N THR TA 230 -45.08 38.09 -77.60
CA THR TA 230 -44.75 39.19 -76.70
C THR TA 230 -45.40 39.02 -75.35
N LEU TA 231 -44.63 39.20 -74.28
CA LEU TA 231 -45.10 39.16 -72.90
C LEU TA 231 -45.68 40.50 -72.45
N ASP TA 232 -45.06 41.62 -72.83
CA ASP TA 232 -45.47 42.99 -72.44
C ASP TA 232 -46.66 43.57 -73.23
N ASN TA 233 -46.95 43.03 -74.41
CA ASN TA 233 -48.05 43.43 -75.28
C ASN TA 233 -49.01 42.26 -75.51
N TYR TA 234 -49.13 41.35 -74.55
CA TYR TA 234 -49.84 40.08 -74.71
C TYR TA 234 -51.28 40.23 -75.20
N TYR TA 235 -52.05 41.18 -74.67
CA TYR TA 235 -53.43 41.39 -75.08
C TYR TA 235 -53.57 42.36 -76.25
N ILE TA 236 -52.94 43.53 -76.17
CA ILE TA 236 -53.05 44.56 -77.20
C ILE TA 236 -52.38 44.11 -78.51
N GLY TA 237 -51.23 43.46 -78.42
CA GLY TA 237 -50.48 42.95 -79.56
C GLY TA 237 -50.09 44.10 -80.49
N SER TA 238 -50.60 44.09 -81.71
CA SER TA 238 -50.47 45.17 -82.68
C SER TA 238 -51.80 45.85 -83.05
N ARG TA 239 -52.83 45.73 -82.19
CA ARG TA 239 -54.11 46.43 -82.33
C ARG TA 239 -53.93 47.93 -82.52
N GLN TA 240 -54.72 48.51 -83.42
CA GLN TA 240 -54.84 49.95 -83.65
C GLN TA 240 -56.31 50.36 -83.56
N LEU TA 241 -56.61 51.50 -82.92
CA LEU TA 241 -57.99 51.98 -82.71
C LEU TA 241 -58.85 50.93 -81.98
N SER TA 242 -59.98 50.52 -82.54
CA SER TA 242 -60.93 49.56 -81.95
C SER TA 242 -60.35 48.17 -81.76
N THR TA 243 -60.91 47.39 -80.83
CA THR TA 243 -60.60 45.95 -80.69
C THR TA 243 -61.07 45.14 -81.91
N ASN TA 244 -62.11 45.59 -82.60
CA ASN TA 244 -62.64 44.96 -83.82
C ASN TA 244 -61.63 45.04 -84.97
N VAL TA 245 -61.44 43.93 -85.68
CA VAL TA 245 -60.72 43.86 -86.95
C VAL TA 245 -61.72 43.74 -88.09
N THR TA 246 -61.44 44.38 -89.22
CA THR TA 246 -62.29 44.30 -90.42
C THR TA 246 -61.79 43.21 -91.36
N ILE TA 247 -62.67 42.28 -91.72
CA ILE TA 247 -62.41 41.21 -92.68
C ILE TA 247 -63.16 41.53 -93.97
N HIS TA 248 -62.50 41.45 -95.12
CA HIS TA 248 -63.20 41.57 -96.43
C HIS TA 248 -63.58 40.15 -96.83
N THR TA 249 -64.70 39.94 -97.51
CA THR TA 249 -65.11 38.63 -98.02
C THR TA 249 -65.84 38.72 -99.35
N LEU TA 250 -65.87 37.61 -100.10
CA LEU TA 250 -66.70 37.55 -101.34
C LEU TA 250 -68.14 37.34 -100.89
N ASN TA 251 -69.08 38.19 -101.33
CA ASN TA 251 -70.51 37.97 -101.03
C ASN TA 251 -70.80 36.50 -101.36
N THR TA 252 -71.28 35.71 -100.40
CA THR TA 252 -71.57 34.27 -100.60
C THR TA 252 -72.91 34.15 -101.29
N THR TA 253 -73.83 35.08 -101.06
CA THR TA 253 -75.21 35.01 -101.57
C THR TA 253 -75.33 35.34 -103.06
N TYR TA 254 -74.23 35.69 -103.74
CA TYR TA 254 -74.23 36.02 -105.18
C TYR TA 254 -73.03 35.41 -105.94
N ILE TA 255 -71.84 35.41 -105.35
CA ILE TA 255 -70.62 34.85 -105.97
C ILE TA 255 -70.44 33.39 -105.52
N GLN TA 256 -70.85 32.40 -106.32
CA GLN TA 256 -70.76 31.00 -105.86
C GLN TA 256 -70.27 30.03 -106.93
N ASN TA 257 -70.23 30.44 -108.20
CA ASN TA 257 -69.96 29.45 -109.25
C ASN TA 257 -68.53 28.90 -109.29
N ARG TA 258 -67.55 29.64 -108.73
CA ARG TA 258 -66.13 29.18 -108.64
C ARG TA 258 -65.56 28.75 -110.02
N ASP TA 259 -66.04 29.35 -111.11
CA ASP TA 259 -65.54 29.04 -112.47
C ASP TA 259 -64.44 30.04 -112.90
N TRP TA 260 -63.35 30.12 -112.12
CA TRP TA 260 -62.36 31.19 -112.26
C TRP TA 260 -61.15 30.88 -113.14
N GLY TA 261 -60.51 31.94 -113.64
CA GLY TA 261 -59.18 31.88 -114.23
C GLY TA 261 -59.12 31.42 -115.69
N ASP TA 262 -60.15 31.72 -116.50
CA ASP TA 262 -60.12 31.57 -117.96
C ASP TA 262 -60.56 32.86 -118.67
N ARG TA 263 -59.92 33.19 -119.80
CA ARG TA 263 -60.40 34.29 -120.69
C ARG TA 263 -61.26 33.61 -121.77
N ASN TA 264 -61.37 32.27 -121.72
CA ASN TA 264 -62.11 31.45 -122.69
C ASN TA 264 -63.57 31.16 -122.27
N LYS TA 265 -64.08 31.84 -121.24
CA LYS TA 265 -65.39 31.58 -120.62
C LYS TA 265 -66.04 32.88 -120.15
N THR TA 266 -67.26 33.18 -120.60
CA THR TA 266 -68.04 34.30 -120.06
C THR TA 266 -68.44 33.99 -118.61
N TYR TA 267 -68.08 34.84 -117.66
CA TYR TA 267 -68.32 34.57 -116.25
C TYR TA 267 -69.76 34.82 -115.84
N TYR TA 268 -70.29 33.92 -115.02
CA TYR TA 268 -71.62 33.99 -114.42
C TYR TA 268 -71.46 33.69 -112.93
N CYS TA 269 -72.10 34.48 -112.06
CA CYS TA 269 -71.76 34.48 -110.64
C CYS TA 269 -72.49 33.40 -109.83
N GLN TA 270 -73.74 33.09 -110.17
CA GLN TA 270 -74.50 32.01 -109.53
C GLN TA 270 -75.46 31.31 -110.51
N THR TA 271 -75.85 30.08 -110.17
CA THR TA 271 -76.99 29.38 -110.76
C THR TA 271 -78.07 29.22 -109.70
N LEU TA 272 -79.34 29.45 -110.08
CA LEU TA 272 -80.50 29.12 -109.24
C LEU TA 272 -81.54 28.41 -110.11
N GLY TA 273 -82.06 27.27 -109.66
CA GLY TA 273 -82.88 26.40 -110.51
C GLY TA 273 -82.11 25.98 -111.77
N THR TA 274 -82.64 26.34 -112.94
CA THR TA 274 -81.96 26.20 -114.25
C THR TA 274 -81.21 27.46 -114.70
N GLN TA 275 -81.41 28.61 -114.04
CA GLN TA 275 -80.91 29.91 -114.50
C GLN TA 275 -79.40 30.07 -114.28
N ARG TA 276 -78.81 31.04 -114.99
CA ARG TA 276 -77.49 31.63 -114.71
C ARG TA 276 -77.67 33.13 -114.47
N TYR TA 277 -76.87 33.70 -113.57
CA TYR TA 277 -76.91 35.12 -113.24
C TYR TA 277 -75.56 35.77 -113.55
N PHE TA 278 -75.62 37.03 -113.97
CA PHE TA 278 -74.54 37.75 -114.63
C PHE TA 278 -74.38 39.13 -114.01
N LEU TA 279 -73.16 39.66 -114.06
CA LEU TA 279 -72.77 40.94 -113.50
C LEU TA 279 -72.37 41.89 -114.63
N TYR TA 280 -72.68 43.17 -114.48
CA TYR TA 280 -72.29 44.23 -115.42
C TYR TA 280 -71.81 45.46 -114.67
N GLY TA 281 -70.70 46.06 -115.09
CA GLY TA 281 -70.23 47.33 -114.54
C GLY TA 281 -70.82 48.51 -115.31
N THR TA 282 -70.95 49.68 -114.70
CA THR TA 282 -71.24 50.91 -115.44
C THR TA 282 -70.56 52.12 -114.80
N HIS TA 283 -70.26 53.14 -115.62
CA HIS TA 283 -69.74 54.43 -115.09
C HIS TA 283 -70.91 55.42 -115.07
N SER TA 284 -72.13 54.95 -115.41
CA SER TA 284 -73.30 55.82 -115.48
C SER TA 284 -73.61 56.51 -114.15
N THR TA 285 -73.98 57.79 -114.24
CA THR TA 285 -74.49 58.59 -113.11
C THR TA 285 -76.00 58.37 -112.88
N ALA TA 286 -76.66 57.54 -113.68
CA ALA TA 286 -78.09 57.28 -113.55
C ALA TA 286 -78.46 56.76 -112.16
N GLN TA 287 -79.45 57.38 -111.53
CA GLN TA 287 -79.90 57.03 -110.18
C GLN TA 287 -80.84 55.82 -110.15
N ASN TA 288 -81.56 55.56 -111.24
CA ASN TA 288 -82.60 54.53 -111.29
C ASN TA 288 -82.14 53.33 -112.13
N ILE TA 289 -82.14 52.15 -111.53
CA ILE TA 289 -81.73 50.89 -112.17
C ILE TA 289 -82.56 50.54 -113.42
N ASN TA 290 -83.79 51.03 -113.51
CA ASN TA 290 -84.67 50.78 -114.66
C ASN TA 290 -84.21 51.50 -115.94
N ASP TA 291 -83.77 52.77 -115.85
CA ASP TA 291 -83.51 53.64 -117.05
C ASP TA 291 -82.11 53.55 -117.64
N ILE TA 292 -81.17 52.87 -117.00
CA ILE TA 292 -79.83 52.64 -117.57
C ILE TA 292 -80.00 51.98 -118.96
N LYS TA 293 -79.18 52.38 -119.94
CA LYS TA 293 -79.25 51.85 -121.31
C LYS TA 293 -78.76 50.39 -121.37
N LEU TA 294 -78.88 49.76 -122.54
CA LEU TA 294 -78.27 48.43 -122.75
C LEU TA 294 -76.79 48.70 -123.07
N GLN TA 295 -76.46 49.93 -123.50
CA GLN TA 295 -75.07 50.33 -123.85
C GLN TA 295 -74.21 50.60 -122.60
N GLU TA 296 -74.77 51.27 -121.59
CA GLU TA 296 -73.99 51.67 -120.39
C GLU TA 296 -73.28 50.45 -119.78
N LEU TA 297 -73.95 49.30 -119.72
CA LEU TA 297 -73.38 48.09 -119.05
C LEU TA 297 -72.05 47.65 -119.69
N ILE TA 298 -71.06 47.30 -118.86
CA ILE TA 298 -69.74 46.77 -119.34
C ILE TA 298 -69.76 45.29 -118.94
N PRO TA 299 -70.12 44.35 -119.84
CA PRO TA 299 -70.33 42.96 -119.47
C PRO TA 299 -69.00 42.32 -119.11
N LEU TA 300 -69.01 41.31 -118.24
CA LEU TA 300 -67.76 40.65 -117.77
C LEU TA 300 -67.61 39.30 -118.47
N THR TA 301 -66.63 39.16 -119.38
CA THR TA 301 -66.39 37.92 -120.16
C THR TA 301 -65.06 37.33 -119.75
N ASN TA 302 -64.36 37.94 -118.78
CA ASN TA 302 -63.09 37.42 -118.27
C ASN TA 302 -63.11 37.51 -116.74
N THR TA 303 -62.57 36.50 -116.04
CA THR TA 303 -62.16 36.68 -114.62
C THR TA 303 -60.65 36.65 -114.41
N GLN TA 304 -59.91 36.05 -115.36
CA GLN TA 304 -58.45 35.79 -115.25
C GLN TA 304 -57.55 37.03 -115.29
N ASP TA 305 -58.06 38.21 -115.64
CA ASP TA 305 -57.18 39.41 -115.76
C ASP TA 305 -57.53 40.53 -114.79
N TYR TA 306 -56.58 41.44 -114.57
CA TYR TA 306 -56.81 42.65 -113.77
C TYR TA 306 -57.62 43.73 -114.53
N VAL TA 307 -57.87 43.54 -115.82
CA VAL TA 307 -58.42 44.57 -116.71
C VAL TA 307 -59.78 45.08 -116.25
N GLN TA 308 -59.96 46.41 -116.29
CA GLN TA 308 -61.21 47.10 -115.93
C GLN TA 308 -62.31 46.96 -116.99
N GLY TA 309 -61.91 46.78 -118.25
CA GLY TA 309 -62.78 46.97 -119.40
C GLY TA 309 -62.95 48.46 -119.71
N PHE TA 310 -63.89 48.79 -120.58
CA PHE TA 310 -64.26 50.17 -120.91
C PHE TA 310 -65.70 50.23 -121.45
N ASP TA 311 -66.27 51.43 -121.45
CA ASP TA 311 -67.64 51.69 -121.88
C ASP TA 311 -67.78 51.74 -123.42
N TRP TA 312 -68.98 51.47 -123.94
CA TRP TA 312 -69.32 51.52 -125.37
C TRP TA 312 -69.06 52.91 -125.99
N THR TA 313 -69.05 53.97 -125.19
CA THR TA 313 -68.65 55.31 -125.65
C THR TA 313 -67.20 55.37 -126.14
N GLU TA 314 -66.36 54.39 -125.83
CA GLU TA 314 -64.99 54.28 -126.34
C GLU TA 314 -64.87 53.33 -127.56
N LYS TA 315 -66.00 52.96 -128.19
CA LYS TA 315 -66.05 52.17 -129.44
C LYS TA 315 -65.03 52.66 -130.48
N ASP TA 316 -64.98 53.97 -130.71
CA ASP TA 316 -64.08 54.59 -131.69
C ASP TA 316 -62.61 54.67 -131.24
N LYS TA 317 -62.29 54.47 -129.95
CA LYS TA 317 -60.90 54.44 -129.47
C LYS TA 317 -60.24 53.07 -129.71
N HIS TA 318 -61.05 52.00 -129.77
CA HIS TA 318 -60.56 50.59 -129.97
C HIS TA 318 -61.12 50.05 -131.30
N ASN TA 319 -61.46 50.89 -132.26
CA ASN TA 319 -61.90 50.53 -133.60
C ASN TA 319 -62.98 49.41 -133.60
N ILE TA 320 -63.85 49.42 -132.58
CA ILE TA 320 -64.88 48.40 -132.38
C ILE TA 320 -65.98 48.56 -133.45
N THR TA 321 -66.34 47.46 -134.10
CA THR TA 321 -67.39 47.44 -135.13
C THR TA 321 -68.70 46.83 -134.62
N THR TA 322 -68.66 45.98 -133.60
CA THR TA 322 -69.83 45.23 -133.10
C THR TA 322 -69.77 45.03 -131.59
N TYR TA 323 -70.91 44.71 -130.98
CA TYR TA 323 -70.95 44.31 -129.57
C TYR TA 323 -70.08 43.06 -129.29
N LYS TA 324 -69.88 42.18 -130.27
CA LYS TA 324 -68.91 41.07 -130.18
C LYS TA 324 -67.48 41.56 -129.94
N GLU TA 325 -67.05 42.60 -130.65
CA GLU TA 325 -65.74 43.25 -130.38
C GLU TA 325 -65.74 44.09 -129.09
N PHE TA 326 -66.87 44.66 -128.68
CA PHE TA 326 -67.00 45.28 -127.36
C PHE TA 326 -66.84 44.27 -126.23
N LEU TA 327 -67.47 43.08 -126.33
CA LEU TA 327 -67.31 41.95 -125.40
C LEU TA 327 -65.84 41.51 -125.29
N THR TA 328 -65.12 41.38 -126.41
CA THR TA 328 -63.74 40.86 -126.36
C THR TA 328 -62.74 41.93 -125.95
N LYS TA 329 -62.83 43.16 -126.47
CA LYS TA 329 -61.88 44.23 -126.12
C LYS TA 329 -62.21 44.93 -124.79
N GLY TA 330 -63.49 45.16 -124.51
CA GLY TA 330 -63.96 46.11 -123.49
C GLY TA 330 -64.59 45.51 -122.24
N ALA TA 331 -64.75 44.19 -122.14
CA ALA TA 331 -65.28 43.58 -120.93
C ALA TA 331 -64.35 43.75 -119.70
N GLY TA 332 -64.96 43.91 -118.53
CA GLY TA 332 -64.26 44.17 -117.26
C GLY TA 332 -64.17 42.96 -116.35
N ASN TA 333 -63.07 42.76 -115.64
CA ASN TA 333 -62.99 41.67 -114.66
C ASN TA 333 -63.66 42.14 -113.35
N PRO TA 334 -64.55 41.35 -112.74
CA PRO TA 334 -65.35 41.80 -111.59
C PRO TA 334 -64.51 42.12 -110.36
N PHE TA 335 -63.30 41.57 -110.29
CA PHE TA 335 -62.33 41.76 -109.22
C PHE TA 335 -61.34 42.91 -109.47
N HIS TA 336 -61.53 43.74 -110.52
CA HIS TA 336 -60.77 44.96 -110.67
C HIS TA 336 -61.05 45.92 -109.50
N ALA TA 337 -60.11 46.80 -109.15
CA ALA TA 337 -60.13 47.61 -107.93
C ALA TA 337 -61.38 48.51 -107.76
N GLU TA 338 -62.07 48.87 -108.86
CA GLU TA 338 -63.35 49.60 -108.76
C GLU TA 338 -64.58 48.68 -108.76
N TRP TA 339 -64.57 47.55 -109.46
CA TRP TA 339 -65.70 46.62 -109.49
C TRP TA 339 -65.76 45.70 -108.24
N ILE TA 340 -64.62 45.37 -107.63
CA ILE TA 340 -64.51 44.45 -106.48
C ILE TA 340 -65.36 44.90 -105.28
N THR TA 341 -65.41 46.21 -105.02
CA THR TA 341 -66.24 46.85 -103.97
C THR TA 341 -67.31 47.78 -104.56
N ALA TA 342 -67.55 47.71 -105.88
CA ALA TA 342 -68.48 48.55 -106.62
C ALA TA 342 -68.31 50.06 -106.33
N GLN TA 343 -67.07 50.54 -106.31
CA GLN TA 343 -66.75 51.97 -106.19
C GLN TA 343 -67.50 52.77 -107.28
N ASN TA 344 -67.50 52.24 -108.51
CA ASN TA 344 -68.43 52.60 -109.57
C ASN TA 344 -69.49 51.49 -109.65
N PRO TA 345 -70.79 51.82 -109.83
CA PRO TA 345 -71.87 50.84 -109.69
C PRO TA 345 -71.70 49.57 -110.52
N VAL TA 346 -72.13 48.46 -109.93
CA VAL TA 346 -72.11 47.11 -110.52
C VAL TA 346 -73.52 46.53 -110.41
N ILE TA 347 -74.00 45.95 -111.50
CA ILE TA 347 -75.38 45.51 -111.67
C ILE TA 347 -75.42 43.99 -111.81
N HIS TA 348 -76.23 43.33 -110.99
CA HIS TA 348 -76.46 41.87 -111.01
C HIS TA 348 -77.80 41.57 -111.67
N THR TA 349 -77.88 40.60 -112.58
CA THR TA 349 -79.10 40.29 -113.33
C THR TA 349 -79.16 38.83 -113.78
N ALA TA 350 -80.36 38.31 -114.02
CA ALA TA 350 -80.56 37.05 -114.71
C ALA TA 350 -80.33 37.17 -116.23
N ASN TA 351 -80.37 38.37 -116.79
CA ASN TA 351 -80.30 38.56 -118.24
C ASN TA 351 -78.89 38.29 -118.79
N SER TA 352 -78.73 37.18 -119.51
CA SER TA 352 -77.44 36.78 -120.08
C SER TA 352 -76.95 37.80 -121.12
N PRO TA 353 -75.63 38.06 -121.19
CA PRO TA 353 -75.04 38.89 -122.24
C PRO TA 353 -75.46 38.44 -123.64
N THR TA 354 -75.69 37.15 -123.88
CA THR TA 354 -76.13 36.66 -125.19
C THR TA 354 -77.56 37.09 -125.54
N GLN TA 355 -78.44 37.31 -124.58
CA GLN TA 355 -79.72 37.97 -124.88
C GLN TA 355 -79.47 39.44 -125.25
N ILE TA 356 -78.54 40.13 -124.58
CA ILE TA 356 -78.12 41.48 -124.98
C ILE TA 356 -77.44 41.46 -126.36
N GLU TA 357 -76.65 40.43 -126.69
CA GLU TA 357 -76.08 40.24 -128.04
C GLU TA 357 -77.19 40.16 -129.07
N GLN TA 358 -78.23 39.35 -128.83
CA GLN TA 358 -79.37 39.25 -129.73
C GLN TA 358 -80.05 40.61 -129.90
N ILE TA 359 -80.24 41.40 -128.84
CA ILE TA 359 -80.83 42.74 -128.96
C ILE TA 359 -79.92 43.69 -129.77
N TYR TA 360 -78.61 43.72 -129.51
CA TYR TA 360 -77.66 44.53 -130.29
C TYR TA 360 -77.60 44.08 -131.76
N THR TA 361 -77.35 42.80 -132.00
CA THR TA 361 -77.12 42.26 -133.35
C THR TA 361 -78.38 42.30 -134.18
N ALA TA 362 -79.57 42.09 -133.59
CA ALA TA 362 -80.84 42.25 -134.30
C ALA TA 362 -81.00 43.67 -134.85
N SER TA 363 -80.69 44.70 -134.05
CA SER TA 363 -80.49 46.06 -134.56
C SER TA 363 -79.67 46.95 -133.61
N THR TA 364 -78.51 47.41 -134.11
CA THR TA 364 -77.60 48.33 -133.40
C THR TA 364 -78.23 49.69 -133.14
N THR TA 365 -79.12 50.13 -134.03
CA THR TA 365 -79.87 51.39 -133.88
C THR TA 365 -80.87 51.32 -132.73
N THR TA 366 -81.50 50.15 -132.45
CA THR TA 366 -82.38 49.99 -131.29
C THR TA 366 -81.63 49.67 -130.00
N PHE TA 367 -80.33 49.33 -130.05
CA PHE TA 367 -79.49 49.25 -128.85
C PHE TA 367 -79.31 50.62 -128.16
N GLN TA 368 -79.31 51.71 -128.94
CA GLN TA 368 -79.38 53.08 -128.42
C GLN TA 368 -80.71 53.34 -127.70
N ASN TA 369 -81.82 52.86 -128.27
CA ASN TA 369 -83.16 53.10 -127.74
C ASN TA 369 -83.47 52.24 -126.49
N LYS TA 370 -83.08 50.96 -126.48
CA LYS TA 370 -83.41 50.03 -125.40
C LYS TA 370 -82.70 50.41 -124.09
N LYS TA 371 -83.46 50.34 -122.99
CA LYS TA 371 -83.01 50.51 -121.60
C LYS TA 371 -83.15 49.21 -120.83
N LEU TA 372 -82.83 49.21 -119.54
CA LEU TA 372 -83.01 48.07 -118.64
C LEU TA 372 -84.49 47.71 -118.39
N THR TA 373 -85.42 48.63 -118.64
CA THR TA 373 -86.85 48.32 -118.79
C THR TA 373 -87.11 47.41 -120.00
N ASP TA 374 -88.13 46.56 -119.90
CA ASP TA 374 -88.60 45.69 -121.00
C ASP TA 374 -87.52 44.78 -121.63
N LEU TA 375 -86.47 44.45 -120.88
CA LEU TA 375 -85.48 43.45 -121.28
C LEU TA 375 -85.94 42.03 -120.91
N PRO TA 376 -85.40 40.99 -121.58
CA PRO TA 376 -85.64 39.61 -121.17
C PRO TA 376 -85.05 39.34 -119.79
N THR TA 377 -85.75 38.55 -118.97
CA THR TA 377 -85.37 38.20 -117.58
C THR TA 377 -84.68 39.35 -116.84
N PRO TA 378 -85.31 40.53 -116.67
CA PRO TA 378 -84.61 41.68 -116.11
C PRO TA 378 -84.56 41.81 -114.60
N GLY TA 379 -83.72 41.01 -113.93
CA GLY TA 379 -83.54 41.10 -112.47
C GLY TA 379 -82.41 42.06 -112.18
N TYR TA 380 -82.38 43.22 -112.84
CA TYR TA 380 -81.30 44.22 -112.65
C TYR TA 380 -81.35 44.78 -111.24
N ILE TA 381 -80.30 44.55 -110.43
CA ILE TA 381 -80.23 45.01 -109.01
C ILE TA 381 -78.87 45.70 -108.83
N PHE TA 382 -78.58 46.30 -107.67
CA PHE TA 382 -77.23 46.87 -107.39
C PHE TA 382 -76.57 45.98 -106.32
N ILE TA 383 -75.59 45.15 -106.71
CA ILE TA 383 -74.95 44.18 -105.80
C ILE TA 383 -73.43 44.40 -105.77
N THR TA 384 -72.80 44.31 -104.61
CA THR TA 384 -71.35 44.47 -104.46
C THR TA 384 -70.68 43.09 -104.33
N PRO TA 385 -69.65 42.75 -105.14
CA PRO TA 385 -68.96 41.47 -105.03
C PRO TA 385 -68.31 41.24 -103.67
N THR TA 386 -67.83 42.31 -103.03
CA THR TA 386 -67.25 42.30 -101.68
C THR TA 386 -68.21 42.86 -100.64
N VAL TA 387 -68.19 42.27 -99.44
CA VAL TA 387 -68.70 42.88 -98.21
C VAL TA 387 -67.59 42.91 -97.16
N SER TA 388 -67.58 43.92 -96.30
CA SER TA 388 -66.67 44.01 -95.14
C SER TA 388 -67.40 43.63 -93.86
N LEU TA 389 -66.89 42.65 -93.14
CA LEU TA 389 -67.37 42.21 -91.82
C LEU TA 389 -66.50 42.81 -90.71
N ARG TA 390 -67.05 42.97 -89.51
CA ARG TA 390 -66.29 43.24 -88.29
C ARG TA 390 -66.25 42.00 -87.41
N TYR TA 391 -65.05 41.61 -86.99
CA TYR TA 391 -64.80 40.50 -86.07
C TYR TA 391 -64.22 41.03 -84.76
N ASN TA 392 -64.74 40.57 -83.64
CA ASN TA 392 -64.22 40.86 -82.32
C ASN TA 392 -63.81 39.54 -81.63
N PRO TA 393 -62.54 39.34 -81.28
CA PRO TA 393 -62.09 38.08 -80.70
C PRO TA 393 -62.69 37.80 -79.33
N TYR TA 394 -63.02 38.85 -78.57
CA TYR TA 394 -63.56 38.69 -77.19
C TYR TA 394 -65.05 38.34 -77.27
N LYS TA 395 -65.68 38.58 -78.42
CA LYS TA 395 -67.12 38.25 -78.63
C LYS TA 395 -67.24 36.87 -79.27
N ASP TA 396 -66.13 36.15 -79.46
CA ASP TA 396 -66.14 34.83 -80.15
C ASP TA 396 -66.24 33.68 -79.13
N LEU TA 397 -67.25 32.80 -79.27
CA LEU TA 397 -67.49 31.72 -78.32
C LEU TA 397 -67.19 30.34 -78.92
N ALA TA 398 -66.80 30.26 -80.19
CA ALA TA 398 -66.38 29.02 -80.83
C ALA TA 398 -67.41 27.87 -80.82
N GLU TA 399 -68.72 28.14 -80.77
CA GLU TA 399 -69.73 27.08 -80.66
C GLU TA 399 -70.04 26.42 -82.01
N ARG TA 400 -69.91 27.17 -83.11
CA ARG TA 400 -70.19 26.68 -84.48
C ARG TA 400 -69.15 27.16 -85.49
N ASN TA 401 -67.95 27.45 -85.00
CA ASN TA 401 -66.80 27.83 -85.84
C ASN TA 401 -66.30 26.63 -86.64
N LYS TA 402 -65.83 26.87 -87.86
CA LYS TA 402 -65.43 25.81 -88.82
C LYS TA 402 -64.50 26.39 -89.88
N CYS TA 403 -63.67 25.58 -90.51
CA CYS TA 403 -62.65 26.03 -91.46
C CYS TA 403 -62.21 24.88 -92.38
N TYR TA 404 -62.11 25.13 -93.69
CA TYR TA 404 -61.68 24.13 -94.69
C TYR TA 404 -61.28 24.76 -96.03
N PHE TA 405 -60.60 23.99 -96.88
CA PHE TA 405 -60.24 24.41 -98.23
C PHE TA 405 -61.14 23.76 -99.29
N VAL TA 406 -61.56 24.55 -100.28
CA VAL TA 406 -62.32 24.09 -101.47
C VAL TA 406 -61.51 24.37 -102.73
N ARG TA 407 -61.74 23.61 -103.80
CA ARG TA 407 -61.02 23.72 -105.07
C ARG TA 407 -61.46 24.98 -105.82
N SER TA 408 -60.54 25.89 -106.15
CA SER TA 408 -60.87 27.15 -106.82
C SER TA 408 -61.05 26.97 -108.34
N LYS TA 409 -60.06 26.39 -109.04
CA LYS TA 409 -60.17 26.03 -110.47
C LYS TA 409 -60.85 24.68 -110.68
N ILE TA 410 -62.14 24.58 -110.39
CA ILE TA 410 -63.01 23.49 -110.87
C ILE TA 410 -64.41 23.99 -111.20
N ASN TA 411 -65.11 23.25 -112.05
CA ASN TA 411 -66.48 23.55 -112.45
C ASN TA 411 -67.49 22.97 -111.45
N ALA TA 412 -67.45 23.42 -110.18
CA ALA TA 412 -68.38 22.97 -109.13
C ALA TA 412 -68.99 24.15 -108.37
N HIS TA 413 -70.31 24.09 -108.17
CA HIS TA 413 -71.09 25.14 -107.53
C HIS TA 413 -70.98 25.08 -106.01
N GLY TA 414 -71.14 26.23 -105.36
CA GLY TA 414 -71.35 26.34 -103.92
C GLY TA 414 -70.09 26.17 -103.08
N TRP TA 415 -70.25 26.36 -101.77
CA TRP TA 415 -69.17 26.53 -100.81
C TRP TA 415 -69.15 25.46 -99.70
N ASP TA 416 -70.01 24.44 -99.80
CA ASP TA 416 -70.13 23.42 -98.73
C ASP TA 416 -68.76 22.74 -98.49
N PRO TA 417 -68.46 22.25 -97.27
CA PRO TA 417 -67.22 21.52 -97.05
C PRO TA 417 -67.20 20.35 -98.01
N GLU TA 418 -66.11 20.18 -98.75
CA GLU TA 418 -66.02 19.13 -99.80
C GLU TA 418 -64.65 18.43 -99.73
N GLN TA 419 -64.46 17.40 -100.56
CA GLN TA 419 -63.16 16.65 -100.60
C GLN TA 419 -62.88 16.09 -99.20
N HIS TA 420 -61.73 16.42 -98.58
CA HIS TA 420 -61.34 15.83 -97.27
C HIS TA 420 -62.24 16.35 -96.16
N GLN TA 421 -63.03 15.47 -95.54
CA GLN TA 421 -63.91 15.83 -94.40
C GLN TA 421 -63.12 15.63 -93.11
N GLU TA 422 -62.00 14.89 -93.16
CA GLU TA 422 -61.12 14.76 -91.99
C GLU TA 422 -60.21 15.99 -91.80
N LEU TA 423 -60.04 16.81 -92.84
CA LEU TA 423 -59.25 18.04 -92.77
C LEU TA 423 -60.06 19.25 -92.28
N ILE TA 424 -61.38 19.14 -92.16
CA ILE TA 424 -62.21 20.20 -91.58
C ILE TA 424 -61.75 20.46 -90.13
N ASN TA 425 -61.49 21.74 -89.80
CA ASN TA 425 -61.07 22.17 -88.43
C ASN TA 425 -62.24 22.91 -87.79
N SER TA 426 -62.70 22.52 -86.60
CA SER TA 426 -63.94 23.01 -85.98
C SER TA 426 -63.77 23.37 -84.50
N ASP TA 427 -64.69 24.18 -83.99
CA ASP TA 427 -64.93 24.40 -82.55
C ASP TA 427 -63.74 25.01 -81.76
N LEU TA 428 -63.00 25.93 -82.36
CA LEU TA 428 -62.03 26.80 -81.68
C LEU TA 428 -62.30 28.25 -82.11
N PRO TA 429 -61.94 29.27 -81.32
CA PRO TA 429 -62.12 30.65 -81.73
C PRO TA 429 -61.27 30.93 -82.97
N GLN TA 430 -61.78 31.72 -83.93
CA GLN TA 430 -61.13 31.94 -85.27
C GLN TA 430 -59.63 32.29 -85.23
N TRP TA 431 -59.15 33.03 -84.25
CA TRP TA 431 -57.74 33.33 -84.10
C TRP TA 431 -56.90 32.11 -83.70
N LEU TA 432 -57.48 31.12 -83.03
CA LEU TA 432 -56.85 29.83 -82.76
C LEU TA 432 -57.11 28.82 -83.88
N LEU TA 433 -58.31 28.81 -84.45
CA LEU TA 433 -58.71 27.88 -85.50
C LEU TA 433 -57.88 28.05 -86.79
N LEU TA 434 -57.58 29.29 -87.18
CA LEU TA 434 -56.82 29.58 -88.39
C LEU TA 434 -55.31 29.44 -88.20
N PHE TA 435 -54.79 29.53 -86.98
CA PHE TA 435 -53.34 29.61 -86.74
C PHE TA 435 -52.62 28.34 -87.21
N GLY TA 436 -51.73 28.47 -88.20
CA GLY TA 436 -50.98 27.33 -88.75
C GLY TA 436 -51.81 26.31 -89.53
N TYR TA 437 -53.13 26.50 -89.69
CA TYR TA 437 -53.98 25.55 -90.39
C TYR TA 437 -53.62 25.41 -91.89
N PRO TA 438 -53.39 26.49 -92.66
CA PRO TA 438 -52.89 26.37 -94.02
C PRO TA 438 -51.57 25.60 -94.14
N ASP TA 439 -50.63 25.78 -93.21
CA ASP TA 439 -49.38 25.04 -93.23
C ASP TA 439 -49.54 23.57 -92.85
N TYR TA 440 -50.43 23.23 -91.92
CA TYR TA 440 -50.78 21.84 -91.68
C TYR TA 440 -51.33 21.19 -92.96
N ILE TA 441 -52.19 21.89 -93.69
CA ILE TA 441 -52.76 21.39 -94.93
C ILE TA 441 -51.69 21.23 -96.01
N LYS TA 442 -50.81 22.22 -96.21
CA LYS TA 442 -49.68 22.10 -97.14
C LYS TA 442 -48.76 20.93 -96.79
N ARG TA 443 -48.37 20.78 -95.52
CA ARG TA 443 -47.46 19.69 -95.07
C ARG TA 443 -48.18 18.33 -95.21
N THR TA 444 -49.50 18.30 -95.05
CA THR TA 444 -50.28 17.06 -95.24
C THR TA 444 -50.28 16.60 -96.71
N GLN TA 445 -50.16 17.52 -97.67
CA GLN TA 445 -50.01 17.17 -99.12
C GLN TA 445 -51.21 16.40 -99.69
N ASN TA 446 -52.38 16.45 -99.04
CA ASN TA 446 -53.61 15.82 -99.55
C ASN TA 446 -54.34 16.68 -100.60
N PHE TA 447 -53.83 17.88 -100.90
CA PHE TA 447 -54.35 18.78 -101.94
C PHE TA 447 -53.23 19.13 -102.95
N ALA TA 448 -53.62 19.46 -104.18
CA ALA TA 448 -52.68 19.97 -105.16
C ALA TA 448 -52.04 21.28 -104.66
N LEU TA 449 -50.71 21.32 -104.64
CA LEU TA 449 -49.96 22.16 -103.69
C LEU TA 449 -50.13 23.67 -103.91
N VAL TA 450 -50.47 24.11 -105.12
CA VAL TA 450 -50.36 25.52 -105.50
C VAL TA 450 -51.48 26.39 -104.91
N ASP TA 451 -51.12 27.55 -104.34
CA ASP TA 451 -52.10 28.46 -103.68
C ASP TA 451 -53.22 28.89 -104.62
N THR TA 452 -52.96 28.92 -105.93
CA THR TA 452 -53.95 29.39 -106.90
C THR TA 452 -55.11 28.44 -107.13
N ASN TA 453 -54.99 27.17 -106.71
CA ASN TA 453 -55.96 26.13 -107.05
C ASN TA 453 -56.95 25.82 -105.92
N TYR TA 454 -56.83 26.49 -104.77
CA TYR TA 454 -57.74 26.34 -103.63
C TYR TA 454 -58.15 27.69 -103.05
N ILE TA 455 -59.27 27.70 -102.33
CA ILE TA 455 -59.74 28.80 -101.50
C ILE TA 455 -59.95 28.26 -100.09
N LEU TA 456 -59.61 29.06 -99.10
CA LEU TA 456 -59.97 28.87 -97.70
C LEU TA 456 -61.34 29.50 -97.42
N VAL TA 457 -62.20 28.72 -96.77
CA VAL TA 457 -63.59 29.04 -96.44
C VAL TA 457 -63.80 28.79 -94.96
N ASP TA 458 -64.44 29.69 -94.23
CA ASP TA 458 -64.70 29.49 -92.79
C ASP TA 458 -66.08 29.98 -92.36
N HIS TA 459 -66.66 29.30 -91.38
CA HIS TA 459 -67.93 29.68 -90.75
C HIS TA 459 -67.66 30.28 -89.38
N CYS TA 460 -68.31 31.40 -89.06
CA CYS TA 460 -68.19 32.06 -87.77
C CYS TA 460 -69.48 32.84 -87.47
N PRO TA 461 -70.29 32.41 -86.50
CA PRO TA 461 -71.49 33.14 -86.05
C PRO TA 461 -71.24 34.56 -85.53
N TYR TA 462 -69.99 34.88 -85.17
CA TYR TA 462 -69.69 35.97 -84.23
C TYR TA 462 -69.23 37.28 -84.87
N THR TA 463 -69.18 37.39 -86.20
CA THR TA 463 -69.10 38.70 -86.85
C THR TA 463 -70.43 39.45 -86.68
N ASN TA 464 -70.38 40.78 -86.59
CA ASN TA 464 -71.58 41.57 -86.31
C ASN TA 464 -72.57 41.59 -87.50
N PRO TA 465 -72.15 41.96 -88.73
CA PRO TA 465 -72.80 41.46 -89.94
C PRO TA 465 -72.38 40.00 -90.17
N GLU TA 466 -73.07 39.27 -91.04
CA GLU TA 466 -72.75 37.87 -91.33
C GLU TA 466 -72.85 37.53 -92.82
N LYS TA 467 -72.14 36.47 -93.20
CA LYS TA 467 -72.33 35.69 -94.43
C LYS TA 467 -72.17 34.22 -94.05
N THR TA 468 -72.92 33.31 -94.68
CA THR TA 468 -73.05 31.91 -94.20
C THR TA 468 -71.67 31.24 -94.11
N PRO TA 469 -70.90 31.06 -95.20
CA PRO TA 469 -69.46 31.02 -95.12
C PRO TA 469 -68.85 32.42 -95.35
N PHE TA 470 -67.57 32.52 -95.00
CA PHE TA 470 -66.77 33.71 -95.31
C PHE TA 470 -65.72 33.28 -96.32
N ILE TA 471 -65.36 34.14 -97.27
CA ILE TA 471 -64.23 33.82 -98.20
C ILE TA 471 -63.22 34.95 -97.95
N PRO TA 472 -62.44 34.95 -96.85
CA PRO TA 472 -61.60 36.09 -96.54
C PRO TA 472 -60.76 36.52 -97.72
N LEU TA 473 -60.59 37.82 -97.95
CA LEU TA 473 -59.73 38.38 -98.99
C LEU TA 473 -58.84 39.46 -98.40
N SER TA 474 -57.57 39.49 -98.80
CA SER TA 474 -56.62 40.47 -98.28
C SER TA 474 -56.90 41.85 -98.85
N THR TA 475 -56.60 42.88 -98.07
CA THR TA 475 -56.71 44.28 -98.48
C THR TA 475 -55.96 44.55 -99.79
N SER TA 476 -54.84 43.86 -100.05
CA SER TA 476 -54.13 43.95 -101.33
C SER TA 476 -54.98 43.51 -102.53
N PHE TA 477 -55.72 42.40 -102.45
CA PHE TA 477 -56.62 41.98 -103.53
C PHE TA 477 -57.87 42.86 -103.66
N ILE TA 478 -58.38 43.35 -102.53
CA ILE TA 478 -59.47 44.34 -102.48
C ILE TA 478 -59.04 45.71 -103.01
N GLU TA 479 -57.73 45.99 -103.09
CA GLU TA 479 -57.13 47.22 -103.62
C GLU TA 479 -56.38 47.03 -104.95
N GLY TA 480 -56.46 45.85 -105.58
CA GLY TA 480 -55.82 45.64 -106.88
C GLY TA 480 -54.30 45.65 -106.85
N ARG TA 481 -53.71 44.81 -105.98
CA ARG TA 481 -52.23 44.77 -105.80
C ARG TA 481 -51.76 43.35 -105.47
N SER TA 482 -50.49 43.03 -105.77
CA SER TA 482 -49.93 41.68 -105.53
C SER TA 482 -49.92 41.29 -104.04
N PRO TA 483 -49.97 39.99 -103.70
CA PRO TA 483 -50.22 39.50 -102.34
C PRO TA 483 -49.40 40.13 -101.21
N TYR TA 484 -48.12 40.44 -101.45
CA TYR TA 484 -47.21 41.10 -100.50
C TYR TA 484 -46.48 42.29 -101.15
N SER TA 485 -47.20 43.12 -101.91
CA SER TA 485 -46.64 44.29 -102.60
C SER TA 485 -46.98 45.59 -101.87
N PRO TA 486 -46.05 46.56 -101.76
CA PRO TA 486 -46.26 47.79 -101.00
C PRO TA 486 -47.38 48.66 -101.58
N SER TA 487 -48.12 49.32 -100.69
CA SER TA 487 -49.36 50.07 -100.99
C SER TA 487 -49.19 51.21 -102.00
N ASP TA 488 -47.96 51.67 -102.27
CA ASP TA 488 -47.72 52.72 -103.31
C ASP TA 488 -48.10 52.17 -104.68
N THR TA 489 -48.10 50.85 -104.85
CA THR TA 489 -48.45 50.16 -106.09
C THR TA 489 -49.97 50.11 -106.26
N HIS TA 490 -50.48 50.28 -107.50
CA HIS TA 490 -51.95 50.28 -107.80
C HIS TA 490 -52.25 49.29 -108.95
N GLU TA 491 -51.41 48.29 -109.19
CA GLU TA 491 -51.61 47.21 -110.15
C GLU TA 491 -50.91 45.93 -109.67
N PRO TA 492 -51.41 44.73 -110.00
CA PRO TA 492 -50.62 43.51 -109.86
C PRO TA 492 -49.36 43.54 -110.73
N ASP TA 493 -48.31 42.82 -110.30
CA ASP TA 493 -47.16 42.44 -111.15
C ASP TA 493 -47.60 41.41 -112.21
N GLU TA 494 -46.93 41.29 -113.36
CA GLU TA 494 -47.41 40.55 -114.53
C GLU TA 494 -47.95 39.14 -114.24
N GLU TA 495 -47.27 38.37 -113.39
CA GLU TA 495 -47.71 37.03 -113.01
C GLU TA 495 -48.99 37.02 -112.13
N ASP TA 496 -49.25 38.08 -111.38
CA ASP TA 496 -50.51 38.33 -110.68
C ASP TA 496 -51.51 39.14 -111.53
N GLN TA 497 -51.11 39.78 -112.63
CA GLN TA 497 -52.06 40.32 -113.61
C GLN TA 497 -52.78 39.16 -114.32
N ASN TA 498 -52.05 38.09 -114.63
CA ASN TA 498 -52.62 36.77 -114.86
C ASN TA 498 -53.12 36.15 -113.53
N ARG TA 499 -54.07 35.22 -113.69
CA ARG TA 499 -54.66 34.48 -112.56
C ARG TA 499 -55.24 35.46 -111.53
N TRP TA 500 -55.81 36.59 -111.95
CA TRP TA 500 -56.38 37.62 -111.03
C TRP TA 500 -57.80 37.20 -110.61
N TYR TA 501 -57.91 36.16 -109.78
CA TYR TA 501 -59.18 35.62 -109.31
C TYR TA 501 -59.06 35.08 -107.87
N PRO TA 502 -60.16 34.94 -107.11
CA PRO TA 502 -60.14 34.42 -105.75
C PRO TA 502 -59.39 33.09 -105.60
N CYS TA 503 -58.34 33.09 -104.78
CA CYS TA 503 -57.60 31.89 -104.39
C CYS TA 503 -56.77 32.19 -103.13
N TYR TA 504 -56.30 31.14 -102.46
CA TYR TA 504 -55.61 31.22 -101.17
C TYR TA 504 -54.42 32.19 -101.18
N GLN TA 505 -53.73 32.36 -102.30
CA GLN TA 505 -52.59 33.30 -102.42
C GLN TA 505 -53.02 34.73 -102.07
N TYR TA 506 -54.25 35.14 -102.42
CA TYR TA 506 -54.78 36.45 -102.08
C TYR TA 506 -55.45 36.51 -100.71
N GLN TA 507 -55.69 35.38 -100.05
CA GLN TA 507 -56.32 35.33 -98.72
C GLN TA 507 -55.32 35.44 -97.56
N GLN TA 508 -54.04 35.19 -97.80
CA GLN TA 508 -53.03 34.98 -96.76
C GLN TA 508 -52.95 36.11 -95.71
N GLU TA 509 -52.91 37.36 -96.14
CA GLU TA 509 -52.79 38.48 -95.20
C GLU TA 509 -54.07 38.66 -94.36
N SER TA 510 -55.25 38.33 -94.89
CA SER TA 510 -56.49 38.42 -94.12
C SER TA 510 -56.54 37.39 -92.99
N ILE TA 511 -56.16 36.14 -93.21
CA ILE TA 511 -56.15 35.14 -92.13
C ILE TA 511 -55.01 35.37 -91.16
N ASN TA 512 -53.88 35.94 -91.60
CA ASN TA 512 -52.86 36.40 -90.67
C ASN TA 512 -53.41 37.51 -89.79
N SER TA 513 -54.15 38.46 -90.34
CA SER TA 513 -54.78 39.56 -89.59
C SER TA 513 -55.79 39.05 -88.55
N ILE TA 514 -56.57 38.02 -88.89
CA ILE TA 514 -57.45 37.34 -87.92
C ILE TA 514 -56.63 36.67 -86.81
N CYS TA 515 -55.54 35.98 -87.13
CA CYS TA 515 -54.66 35.40 -86.11
C CYS TA 515 -53.99 36.45 -85.22
N LEU TA 516 -53.59 37.59 -85.77
CA LEU TA 516 -53.07 38.73 -85.02
C LEU TA 516 -54.09 39.34 -84.06
N SER TA 517 -55.39 39.13 -84.27
CA SER TA 517 -56.38 39.53 -83.28
C SER TA 517 -56.32 38.68 -82.00
N GLY TA 518 -55.73 37.49 -82.05
CA GLY TA 518 -55.58 36.61 -80.90
C GLY TA 518 -54.47 37.03 -79.93
N PRO TA 519 -54.54 36.58 -78.68
CA PRO TA 519 -53.58 36.96 -77.64
C PRO TA 519 -52.17 36.39 -77.88
N GLY TA 520 -51.17 37.05 -77.28
CA GLY TA 520 -49.76 36.69 -77.32
C GLY TA 520 -49.03 37.03 -78.61
N THR TA 521 -49.74 37.39 -79.68
CA THR TA 521 -49.13 37.70 -80.98
C THR TA 521 -48.32 39.00 -80.93
N PRO TA 522 -47.06 39.01 -81.38
CA PRO TA 522 -46.16 40.14 -81.18
C PRO TA 522 -46.46 41.35 -82.06
N LYS TA 523 -45.97 42.53 -81.62
CA LYS TA 523 -45.93 43.78 -82.39
C LYS TA 523 -44.55 43.95 -83.00
N ILE TA 524 -44.43 43.97 -84.32
CA ILE TA 524 -43.16 44.16 -85.02
C ILE TA 524 -43.30 45.37 -85.95
N PRO TA 525 -42.49 46.44 -85.80
CA PRO TA 525 -42.55 47.59 -86.70
C PRO TA 525 -42.34 47.20 -88.17
N LYS TA 526 -43.06 47.85 -89.09
CA LYS TA 526 -42.90 47.57 -90.53
C LYS TA 526 -41.47 47.86 -90.99
N GLY TA 527 -40.91 46.94 -91.78
CA GLY TA 527 -39.51 46.97 -92.22
C GLY TA 527 -38.50 46.36 -91.25
N ILE TA 528 -38.93 45.89 -90.08
CA ILE TA 528 -38.07 45.14 -89.14
C ILE TA 528 -38.40 43.66 -89.23
N THR TA 529 -37.37 42.81 -89.29
CA THR TA 529 -37.51 41.35 -89.20
C THR TA 529 -37.01 40.91 -87.84
N ALA TA 530 -37.86 40.27 -87.06
CA ALA TA 530 -37.47 39.63 -85.81
C ALA TA 530 -36.91 38.23 -86.10
N GLU TA 531 -35.94 37.79 -85.31
CA GLU TA 531 -35.21 36.54 -85.52
C GLU TA 531 -34.98 35.84 -84.18
N ALA TA 532 -34.82 34.53 -84.19
CA ALA TA 532 -34.36 33.77 -83.03
C ALA TA 532 -33.40 32.68 -83.46
N LYS TA 533 -32.46 32.32 -82.60
CA LYS TA 533 -31.47 31.28 -82.86
C LYS TA 533 -31.18 30.44 -81.63
N VAL TA 534 -30.81 29.19 -81.87
CA VAL TA 534 -30.27 28.27 -80.88
C VAL TA 534 -28.87 27.87 -81.30
N LYS TA 535 -27.95 27.67 -80.35
CA LYS TA 535 -26.70 26.96 -80.60
C LYS TA 535 -26.83 25.54 -80.10
N TYR TA 536 -26.54 24.57 -80.96
CA TYR TA 536 -26.65 23.16 -80.64
C TYR TA 536 -25.29 22.51 -80.55
N SER TA 537 -25.22 21.42 -79.79
CA SER TA 537 -24.08 20.51 -79.75
C SER TA 537 -24.60 19.08 -79.61
N PHE TA 538 -24.64 18.34 -80.70
CA PHE TA 538 -25.00 16.91 -80.68
C PHE TA 538 -23.77 16.06 -80.39
N ASN TA 539 -23.88 15.13 -79.45
CA ASN TA 539 -22.75 14.31 -79.03
C ASN TA 539 -22.84 12.92 -79.66
N PHE TA 540 -21.81 12.57 -80.42
CA PHE TA 540 -21.67 11.28 -81.08
C PHE TA 540 -20.33 10.66 -80.75
N LYS TA 541 -20.23 9.35 -80.92
CA LYS TA 541 -18.96 8.65 -81.09
C LYS TA 541 -18.99 7.94 -82.43
N TRP TA 542 -17.85 7.87 -83.11
CA TRP TA 542 -17.66 7.10 -84.32
C TRP TA 542 -16.83 5.87 -84.00
N GLY TA 543 -17.21 4.71 -84.51
CA GLY TA 543 -16.58 3.44 -84.19
C GLY TA 543 -16.13 2.68 -85.44
N GLY TA 544 -15.02 1.97 -85.35
CA GLY TA 544 -14.54 1.13 -86.44
C GLY TA 544 -13.23 0.43 -86.14
N ASP TA 545 -12.79 -0.38 -87.09
CA ASP TA 545 -11.40 -0.82 -87.17
C ASP TA 545 -10.47 0.34 -87.58
N LEU TA 546 -9.18 0.23 -87.25
CA LEU TA 546 -8.22 1.32 -87.46
C LEU TA 546 -8.11 1.72 -88.95
N PRO TA 547 -8.21 3.01 -89.28
CA PRO TA 547 -8.14 3.50 -90.66
C PRO TA 547 -6.69 3.68 -91.16
N PRO TA 548 -6.49 3.80 -92.48
CA PRO TA 548 -5.22 4.18 -93.09
C PRO TA 548 -4.92 5.69 -92.95
N MET TA 549 -3.67 6.10 -93.27
CA MET TA 549 -3.19 7.49 -93.13
C MET TA 549 -2.04 7.78 -94.13
N SER TA 550 -1.74 9.06 -94.41
CA SER TA 550 -0.66 9.47 -95.33
C SER TA 550 0.18 10.65 -94.78
N THR TA 551 1.35 10.89 -95.39
CA THR TA 551 2.41 11.79 -94.86
C THR TA 551 3.00 12.69 -95.94
N ILE TA 552 3.68 13.75 -95.52
CA ILE TA 552 4.22 14.85 -96.35
C ILE TA 552 5.75 14.89 -96.27
N THR TA 553 6.45 15.23 -97.36
CA THR TA 553 7.92 15.34 -97.36
C THR TA 553 8.40 16.36 -96.33
N ASN TA 554 9.52 16.12 -95.65
CA ASN TA 554 10.10 17.09 -94.73
C ASN TA 554 10.69 18.34 -95.42
N PRO TA 555 11.45 18.24 -96.53
CA PRO TA 555 12.09 19.41 -97.13
C PRO TA 555 11.09 20.44 -97.66
N THR TA 556 10.03 19.98 -98.36
CA THR TA 556 8.97 20.90 -98.86
C THR TA 556 7.85 20.91 -97.83
N ASP TA 557 8.01 21.66 -96.75
CA ASP TA 557 7.01 21.70 -95.64
C ASP TA 557 7.00 23.11 -95.05
N GLN TA 558 6.11 23.38 -94.08
CA GLN TA 558 6.03 24.71 -93.43
C GLN TA 558 7.45 25.22 -93.15
N PRO TA 559 7.93 26.29 -93.82
CA PRO TA 559 9.30 26.75 -93.63
C PRO TA 559 9.46 27.65 -92.42
N THR TA 560 10.59 27.52 -91.71
CA THR TA 560 10.86 28.39 -90.56
C THR TA 560 11.02 29.85 -91.02
N TYR TA 561 10.71 30.83 -90.17
CA TYR TA 561 10.82 32.25 -90.52
C TYR TA 561 12.21 32.63 -91.08
N VAL TA 562 13.27 31.93 -90.63
CA VAL TA 562 14.65 32.09 -91.13
C VAL TA 562 14.73 31.84 -92.63
N LYS UA 48 -69.02 -26.21 7.93
CA LYS UA 48 -69.67 -25.88 9.24
C LYS UA 48 -70.83 -24.90 9.05
N ARG UA 49 -70.57 -23.64 8.69
CA ARG UA 49 -71.59 -22.64 8.34
C ARG UA 49 -71.17 -21.83 7.12
N LEU UA 50 -72.13 -21.48 6.28
CA LEU UA 50 -71.91 -20.76 5.03
C LEU UA 50 -72.70 -19.46 4.99
N ASN UA 51 -72.18 -18.45 4.29
CA ASN UA 51 -72.95 -17.26 3.94
C ASN UA 51 -74.08 -17.64 2.99
N ILE UA 52 -75.28 -17.10 3.22
CA ILE UA 52 -76.35 -17.17 2.24
C ILE UA 52 -76.03 -16.22 1.09
N VAL UA 53 -76.19 -16.69 -0.14
CA VAL UA 53 -75.84 -15.98 -1.38
C VAL UA 53 -77.06 -15.94 -2.29
N GLU UA 54 -77.24 -14.85 -3.01
CA GLU UA 54 -78.29 -14.68 -4.00
C GLU UA 54 -77.66 -14.39 -5.38
N TRP UA 55 -78.29 -14.86 -6.45
CA TRP UA 55 -77.84 -14.57 -7.81
C TRP UA 55 -78.58 -13.34 -8.34
N GLN UA 56 -77.78 -12.35 -8.73
CA GLN UA 56 -78.31 -11.04 -9.16
C GLN UA 56 -79.17 -11.18 -10.41
N PRO UA 57 -80.28 -10.44 -10.52
CA PRO UA 57 -81.19 -10.52 -11.65
C PRO UA 57 -80.59 -9.94 -12.93
N LYS UA 58 -81.14 -10.34 -14.08
CA LYS UA 58 -80.56 -10.10 -15.41
C LYS UA 58 -80.41 -8.61 -15.76
N SER UA 59 -81.39 -7.79 -15.42
CA SER UA 59 -81.33 -6.32 -15.58
C SER UA 59 -81.75 -5.61 -14.30
N ILE UA 60 -81.04 -4.54 -13.96
CA ILE UA 60 -81.20 -3.77 -12.73
C ILE UA 60 -81.26 -2.27 -13.05
N ARG UA 61 -82.17 -1.53 -12.39
CA ARG UA 61 -82.32 -0.06 -12.60
C ARG UA 61 -82.53 0.72 -11.28
N LYS UA 62 -81.52 1.48 -10.84
CA LYS UA 62 -81.63 2.31 -9.63
C LYS UA 62 -82.75 3.34 -9.76
N CYS UA 63 -83.52 3.55 -8.72
CA CYS UA 63 -84.57 4.56 -8.66
C CYS UA 63 -84.60 5.23 -7.28
N ARG UA 64 -84.42 6.56 -7.27
CA ARG UA 64 -84.56 7.37 -6.03
C ARG UA 64 -85.93 8.04 -6.01
N ILE UA 65 -86.86 7.56 -5.18
CA ILE UA 65 -88.18 8.17 -5.04
C ILE UA 65 -87.99 9.42 -4.20
N LYS UA 66 -88.00 10.59 -4.83
CA LYS UA 66 -87.68 11.90 -4.23
C LYS UA 66 -88.93 12.74 -4.08
N GLY UA 67 -89.14 13.38 -2.94
CA GLY UA 67 -90.32 14.20 -2.73
C GLY UA 67 -90.32 14.97 -1.43
N MET UA 68 -91.43 15.62 -1.12
CA MET UA 68 -91.61 16.48 0.05
C MET UA 68 -92.78 15.98 0.88
N LEU UA 69 -92.63 15.86 2.20
CA LEU UA 69 -93.66 15.39 3.13
C LEU UA 69 -93.95 16.46 4.18
N CYS UA 70 -95.22 16.81 4.37
CA CYS UA 70 -95.66 17.67 5.44
C CYS UA 70 -95.68 16.92 6.79
N LEU UA 71 -94.93 17.39 7.78
CA LEU UA 71 -94.84 16.74 9.10
C LEU UA 71 -96.02 17.15 9.99
N PHE UA 72 -96.38 18.42 10.00
CA PHE UA 72 -97.61 18.92 10.62
C PHE UA 72 -97.97 20.24 9.95
N GLN UA 73 -99.23 20.64 10.08
CA GLN UA 73 -99.63 22.02 9.90
C GLN UA 73 -100.70 22.33 10.92
N THR UA 74 -100.45 23.32 11.78
CA THR UA 74 -101.16 23.51 13.05
C THR UA 74 -101.48 24.96 13.34
N THR UA 75 -102.62 25.19 13.97
CA THR UA 75 -102.92 26.39 14.74
C THR UA 75 -102.74 26.09 16.23
N GLU UA 76 -102.84 27.09 17.11
CA GLU UA 76 -102.71 26.90 18.56
C GLU UA 76 -103.80 25.98 19.16
N ASP UA 77 -105.02 26.06 18.64
CA ASP UA 77 -106.17 25.28 19.10
C ASP UA 77 -106.18 23.82 18.60
N ARG UA 78 -105.17 23.41 17.83
CA ARG UA 78 -104.97 22.04 17.37
C ARG UA 78 -103.64 21.41 17.77
N LEU UA 79 -102.84 22.06 18.62
CA LEU UA 79 -101.50 21.59 18.97
C LEU UA 79 -101.46 20.20 19.60
N SER UA 80 -102.44 19.85 20.43
CA SER UA 80 -102.48 18.55 21.12
C SER UA 80 -103.04 17.40 20.29
N TYR UA 81 -103.36 17.61 19.01
CA TYR UA 81 -103.97 16.61 18.13
C TYR UA 81 -103.05 16.15 17.02
N ASN UA 82 -103.23 14.91 16.57
CA ASN UA 82 -102.49 14.30 15.49
C ASN UA 82 -102.91 14.87 14.12
N PHE UA 83 -101.95 15.38 13.35
CA PHE UA 83 -102.15 15.81 11.97
C PHE UA 83 -102.19 14.62 11.01
N ASP UA 84 -103.35 14.42 10.40
CA ASP UA 84 -103.51 13.60 9.19
C ASP UA 84 -103.78 14.53 8.01
N MET UA 85 -103.00 14.39 6.93
CA MET UA 85 -103.18 15.20 5.72
C MET UA 85 -104.42 14.78 4.92
N TYR UA 86 -104.80 13.51 5.05
CA TYR UA 86 -105.99 12.92 4.43
C TYR UA 86 -107.02 12.65 5.55
N GLU UA 87 -108.07 13.44 5.55
CA GLU UA 87 -108.83 13.82 6.73
C GLU UA 87 -110.03 12.95 7.09
N GLU UA 88 -110.47 13.04 8.35
CA GLU UA 88 -111.87 12.82 8.71
C GLU UA 88 -112.61 14.08 8.24
N SER UA 89 -113.53 13.96 7.28
CA SER UA 89 -113.95 15.05 6.37
C SER UA 89 -114.47 16.33 7.01
N ILE UA 90 -114.85 16.30 8.30
CA ILE UA 90 -115.22 17.49 9.07
C ILE UA 90 -114.01 18.32 9.54
N ILE UA 91 -112.86 17.71 9.81
CA ILE UA 91 -111.70 18.39 10.40
C ILE UA 91 -111.23 19.60 9.58
N PRO UA 92 -111.00 19.52 8.25
CA PRO UA 92 -110.54 20.69 7.51
C PRO UA 92 -111.62 21.75 7.28
N GLU UA 93 -112.90 21.48 7.57
CA GLU UA 93 -113.95 22.49 7.44
C GLU UA 93 -113.76 23.60 8.48
N LYS UA 94 -113.33 24.78 8.03
CA LYS UA 94 -113.02 25.94 8.87
C LYS UA 94 -111.88 25.70 9.89
N LEU UA 95 -110.96 24.77 9.63
CA LEU UA 95 -109.64 24.71 10.27
C LEU UA 95 -108.50 24.73 9.24
N PRO UA 96 -107.57 25.69 9.28
CA PRO UA 96 -106.46 25.76 8.33
C PRO UA 96 -105.31 24.79 8.66
N GLY UA 97 -105.25 24.25 9.87
CA GLY UA 97 -104.29 23.21 10.26
C GLY UA 97 -104.89 22.23 11.27
N GLY UA 98 -104.73 20.93 11.01
CA GLY UA 98 -105.46 19.88 11.73
C GLY UA 98 -104.81 19.35 13.00
N GLY UA 99 -103.49 19.54 13.20
CA GLY UA 99 -102.80 18.94 14.33
C GLY UA 99 -101.35 19.38 14.47
N GLY UA 100 -100.83 19.41 15.70
CA GLY UA 100 -99.48 19.87 16.03
C GLY UA 100 -98.44 18.78 16.22
N PHE UA 101 -98.82 17.52 16.10
CA PHE UA 101 -97.89 16.41 16.04
C PHE UA 101 -98.36 15.42 14.98
N SER UA 102 -97.49 14.57 14.47
CA SER UA 102 -97.94 13.45 13.66
C SER UA 102 -97.09 12.21 13.89
N ILE UA 103 -97.69 11.05 13.61
CA ILE UA 103 -96.96 9.82 13.35
C ILE UA 103 -97.20 9.44 11.90
N LYS UA 104 -96.14 9.38 11.09
CA LYS UA 104 -96.15 8.99 9.68
C LYS UA 104 -95.56 7.60 9.55
N ASN UA 105 -96.24 6.68 8.86
CA ASN UA 105 -95.64 5.44 8.37
C ASN UA 105 -95.47 5.54 6.86
N ILE UA 106 -94.27 5.26 6.35
CA ILE UA 106 -93.97 5.29 4.92
C ILE UA 106 -93.78 3.87 4.40
N SER UA 107 -94.46 3.53 3.33
CA SER UA 107 -94.34 2.27 2.60
C SER UA 107 -94.26 2.56 1.11
N LEU UA 108 -93.74 1.63 0.32
CA LEU UA 108 -93.66 1.78 -1.14
C LEU UA 108 -95.04 2.03 -1.77
N TYR UA 109 -96.12 1.48 -1.23
CA TYR UA 109 -97.47 1.81 -1.67
C TYR UA 109 -97.90 3.23 -1.27
N ALA UA 110 -97.56 3.71 -0.08
CA ALA UA 110 -97.78 5.10 0.29
C ALA UA 110 -96.96 6.07 -0.57
N LEU UA 111 -95.73 5.72 -0.96
CA LEU UA 111 -94.94 6.48 -1.93
C LEU UA 111 -95.59 6.52 -3.31
N TYR UA 112 -96.17 5.42 -3.78
CA TYR UA 112 -96.98 5.42 -4.99
C TYR UA 112 -98.24 6.28 -4.86
N GLN UA 113 -98.94 6.26 -3.72
CA GLN UA 113 -100.08 7.15 -3.51
C GLN UA 113 -99.67 8.63 -3.50
N GLU UA 114 -98.53 8.98 -2.92
CA GLU UA 114 -98.00 10.35 -3.01
C GLU UA 114 -97.62 10.73 -4.44
N HIS UA 115 -97.30 9.77 -5.30
CA HIS UA 115 -97.03 10.04 -6.74
C HIS UA 115 -98.34 10.37 -7.47
N ILE UA 116 -99.47 9.79 -7.04
CA ILE UA 116 -100.79 10.13 -7.59
C ILE UA 116 -101.22 11.55 -7.21
N HIS UA 117 -100.81 12.04 -6.03
CA HIS UA 117 -100.95 13.44 -5.63
C HIS UA 117 -99.90 14.38 -6.25
N ALA UA 118 -98.99 13.87 -7.08
CA ALA UA 118 -97.85 14.58 -7.65
C ALA UA 118 -96.89 15.15 -6.60
N HIS UA 119 -96.83 14.56 -5.39
CA HIS UA 119 -95.95 15.01 -4.31
C HIS UA 119 -94.52 14.47 -4.41
N ASN UA 120 -94.26 13.49 -5.29
CA ASN UA 120 -92.93 12.95 -5.53
C ASN UA 120 -92.69 12.61 -6.99
N ILE UA 121 -91.42 12.38 -7.32
CA ILE UA 121 -90.98 11.80 -8.59
C ILE UA 121 -90.36 10.42 -8.32
N PHE UA 122 -90.50 9.51 -9.27
CA PHE UA 122 -89.70 8.29 -9.33
C PHE UA 122 -88.63 8.51 -10.39
N THR UA 123 -87.35 8.42 -10.01
CA THR UA 123 -86.24 8.68 -10.94
C THR UA 123 -86.16 7.67 -12.09
N HIS UA 124 -86.73 6.48 -11.87
CA HIS UA 124 -86.86 5.45 -12.92
C HIS UA 124 -88.19 4.74 -12.69
N THR UA 125 -88.96 4.48 -13.73
CA THR UA 125 -90.19 3.68 -13.64
C THR UA 125 -89.90 2.23 -13.27
N ASN UA 126 -90.93 1.55 -12.76
CA ASN UA 126 -90.89 0.17 -12.30
C ASN UA 126 -91.82 -0.76 -13.11
N THR UA 127 -92.32 -0.33 -14.26
CA THR UA 127 -93.47 -0.97 -14.93
C THR UA 127 -93.24 -2.42 -15.33
N ASP UA 128 -92.02 -2.76 -15.74
CA ASP UA 128 -91.68 -4.07 -16.33
C ASP UA 128 -90.54 -4.79 -15.59
N ARG UA 129 -90.23 -4.33 -14.36
CA ARG UA 129 -89.21 -4.97 -13.48
C ARG UA 129 -89.94 -5.22 -12.16
N PRO UA 130 -90.38 -6.46 -11.85
CA PRO UA 130 -91.26 -6.73 -10.70
C PRO UA 130 -90.53 -6.91 -9.37
N LEU UA 131 -89.21 -7.11 -9.38
CA LEU UA 131 -88.40 -7.21 -8.17
C LEU UA 131 -88.01 -5.82 -7.66
N ALA UA 132 -87.83 -5.70 -6.35
CA ALA UA 132 -87.34 -4.51 -5.68
C ALA UA 132 -86.26 -4.86 -4.66
N ARG UA 133 -85.28 -3.95 -4.51
CA ARG UA 133 -84.18 -4.09 -3.52
C ARG UA 133 -84.01 -2.74 -2.80
N TYR UA 134 -84.70 -2.53 -1.68
CA TYR UA 134 -84.65 -1.30 -0.89
C TYR UA 134 -83.32 -1.16 -0.16
N THR UA 135 -82.68 0.01 -0.28
CA THR UA 135 -81.32 0.24 0.24
C THR UA 135 -81.26 1.22 1.40
N GLY UA 136 -82.36 1.92 1.71
CA GLY UA 136 -82.43 2.91 2.78
C GLY UA 136 -82.95 4.26 2.29
N CYS UA 137 -82.96 5.23 3.18
CA CYS UA 137 -83.56 6.54 2.97
C CYS UA 137 -82.60 7.66 3.35
N SER UA 138 -82.67 8.80 2.67
CA SER UA 138 -82.13 10.07 3.13
C SER UA 138 -83.27 11.02 3.45
N LEU UA 139 -83.25 11.65 4.62
CA LEU UA 139 -84.17 12.73 4.98
C LEU UA 139 -83.40 14.04 5.13
N LYS UA 140 -83.97 15.14 4.62
CA LYS UA 140 -83.55 16.52 4.92
C LYS UA 140 -84.71 17.21 5.63
N PHE UA 141 -84.53 17.54 6.89
CA PHE UA 141 -85.51 18.25 7.71
C PHE UA 141 -85.22 19.73 7.63
N TYR UA 142 -86.18 20.55 7.19
CA TYR UA 142 -85.98 21.98 7.03
C TYR UA 142 -86.38 22.76 8.27
N GLN UA 143 -85.60 23.78 8.62
CA GLN UA 143 -86.04 24.79 9.58
C GLN UA 143 -87.30 25.48 9.08
N SER UA 144 -88.37 25.46 9.87
CA SER UA 144 -89.53 26.32 9.61
C SER UA 144 -89.20 27.76 9.90
N LYS UA 145 -89.96 28.70 9.35
CA LYS UA 145 -89.78 30.12 9.63
C LYS UA 145 -90.11 30.45 11.10
N ASP UA 146 -91.28 30.04 11.58
CA ASP UA 146 -91.88 30.53 12.83
C ASP UA 146 -91.90 29.53 14.00
N ILE UA 147 -91.73 28.23 13.73
CA ILE UA 147 -91.91 27.19 14.80
C ILE UA 147 -90.73 26.20 14.85
N ASP UA 148 -90.34 25.78 16.05
CA ASP UA 148 -89.27 24.76 16.22
C ASP UA 148 -89.99 23.41 16.16
N TYR UA 149 -89.28 22.29 16.13
CA TYR UA 149 -89.98 20.98 16.20
C TYR UA 149 -89.02 19.84 16.46
N VAL UA 150 -89.46 18.86 17.25
CA VAL UA 150 -88.69 17.66 17.57
C VAL UA 150 -89.10 16.56 16.61
N VAL UA 151 -88.16 15.81 16.07
CA VAL UA 151 -88.41 14.60 15.31
C VAL UA 151 -87.77 13.41 16.02
N THR UA 152 -88.40 12.26 16.00
CA THR UA 152 -87.70 10.99 16.18
C THR UA 152 -88.29 9.96 15.22
N TYR UA 153 -87.49 9.00 14.78
CA TYR UA 153 -87.90 8.03 13.78
C TYR UA 153 -87.52 6.63 14.22
N SER UA 154 -88.19 5.64 13.68
CA SER UA 154 -87.94 4.23 13.96
C SER UA 154 -88.06 3.40 12.69
N THR UA 155 -87.44 2.22 12.67
CA THR UA 155 -87.55 1.28 11.53
C THR UA 155 -87.76 -0.14 12.05
N SER UA 156 -88.23 -0.32 13.28
CA SER UA 156 -88.60 -1.67 13.76
C SER UA 156 -89.71 -2.17 12.83
N LEU UA 157 -89.45 -3.17 11.99
CA LEU UA 157 -90.45 -3.63 11.00
C LEU UA 157 -91.81 -3.81 11.69
N PRO UA 158 -91.92 -4.43 12.89
CA PRO UA 158 -93.20 -4.51 13.58
C PRO UA 158 -93.75 -3.11 13.79
N LEU UA 159 -94.91 -2.80 13.19
CA LEU UA 159 -95.54 -1.47 13.29
C LEU UA 159 -96.78 -1.55 14.21
N ARG UA 160 -96.84 -0.71 15.25
CA ARG UA 160 -98.00 -0.69 16.18
C ARG UA 160 -98.05 0.67 16.89
N SER UA 161 -99.21 1.03 17.46
CA SER UA 161 -99.38 2.29 18.21
C SER UA 161 -99.53 1.96 19.70
N SER UA 162 -99.19 2.89 20.59
CA SER UA 162 -99.28 2.67 22.06
C SER UA 162 -99.75 3.94 22.76
N MET UA 163 -100.39 3.80 23.92
CA MET UA 163 -100.82 4.95 24.73
C MET UA 163 -99.63 5.77 25.24
N GLY UA 164 -98.54 5.09 25.64
CA GLY UA 164 -97.30 5.73 26.03
C GLY UA 164 -96.61 6.45 24.88
N MET UA 165 -96.67 5.92 23.64
CA MET UA 165 -96.18 6.64 22.46
C MET UA 165 -96.93 7.97 22.29
N TYR UA 166 -98.26 7.97 22.28
CA TYR UA 166 -99.04 9.18 22.08
C TYR UA 166 -98.84 10.22 23.19
N ASN UA 167 -98.75 9.80 24.46
CA ASN UA 167 -98.39 10.73 25.54
C ASN UA 167 -96.97 11.27 25.36
N SER UA 168 -96.01 10.41 24.99
CA SER UA 168 -94.63 10.84 24.79
C SER UA 168 -94.43 11.79 23.60
N MET UA 169 -95.43 11.98 22.75
CA MET UA 169 -95.43 13.04 21.74
C MET UA 169 -95.54 14.44 22.34
N GLN UA 170 -95.87 14.59 23.62
CA GLN UA 170 -95.93 15.89 24.28
C GLN UA 170 -94.57 16.58 24.12
N PRO UA 171 -94.50 17.86 23.71
CA PRO UA 171 -93.25 18.46 23.26
C PRO UA 171 -92.09 18.39 24.25
N SER UA 172 -92.34 18.60 25.54
CA SER UA 172 -91.33 18.48 26.59
C SER UA 172 -90.84 17.05 26.77
N ILE UA 173 -91.74 16.07 26.72
CA ILE UA 173 -91.39 14.66 26.85
C ILE UA 173 -90.63 14.15 25.64
N HIS UA 174 -91.10 14.47 24.43
CA HIS UA 174 -90.41 14.13 23.19
C HIS UA 174 -89.02 14.77 23.15
N LEU UA 175 -88.88 16.03 23.54
CA LEU UA 175 -87.59 16.70 23.65
C LEU UA 175 -86.63 16.05 24.67
N MET UA 176 -87.11 15.33 25.67
CA MET UA 176 -86.22 14.57 26.58
C MET UA 176 -85.74 13.22 26.02
N GLN UA 177 -86.43 12.64 25.03
CA GLN UA 177 -86.10 11.30 24.54
C GLN UA 177 -84.71 11.22 23.90
N GLN UA 178 -84.10 10.03 23.95
CA GLN UA 178 -82.86 9.73 23.25
C GLN UA 178 -83.09 9.58 21.74
N ASN UA 179 -82.07 9.89 20.93
CA ASN UA 179 -82.14 9.87 19.47
C ASN UA 179 -83.27 10.73 18.89
N LYS UA 180 -83.60 11.81 19.60
CA LYS UA 180 -84.35 12.95 19.06
C LYS UA 180 -83.49 13.72 18.06
N LEU UA 181 -84.15 14.47 17.21
CA LEU UA 181 -83.58 15.55 16.42
C LEU UA 181 -84.39 16.81 16.70
N ILE UA 182 -83.75 17.89 17.14
CA ILE UA 182 -84.40 19.19 17.34
C ILE UA 182 -84.07 20.04 16.13
N VAL UA 183 -85.10 20.62 15.51
CA VAL UA 183 -84.95 21.57 14.42
C VAL UA 183 -85.43 22.94 14.91
N PRO UA 184 -84.51 23.85 15.27
CA PRO UA 184 -84.87 25.22 15.60
C PRO UA 184 -85.46 25.91 14.39
N SER UA 185 -86.41 26.82 14.60
CA SER UA 185 -86.86 27.73 13.55
C SER UA 185 -85.72 28.63 13.08
N LYS UA 186 -85.88 29.24 11.90
CA LYS UA 186 -84.92 30.24 11.39
C LYS UA 186 -84.83 31.46 12.31
N GLN UA 187 -85.91 31.77 13.03
CA GLN UA 187 -85.93 32.81 14.06
C GLN UA 187 -85.11 32.43 15.31
N THR UA 188 -85.22 31.22 15.84
CA THR UA 188 -84.48 30.82 17.04
C THR UA 188 -83.01 30.49 16.78
N GLN UA 189 -82.64 30.04 15.59
CA GLN UA 189 -81.22 29.87 15.22
C GLN UA 189 -81.01 29.99 13.70
N LYS UA 190 -80.21 30.98 13.27
CA LYS UA 190 -79.65 31.03 11.92
C LYS UA 190 -78.51 30.02 11.79
N ARG UA 191 -78.48 29.27 10.70
CA ARG UA 191 -77.54 28.15 10.47
C ARG UA 191 -76.84 28.27 9.12
N ARG UA 192 -75.67 27.65 8.98
CA ARG UA 192 -74.95 27.55 7.69
C ARG UA 192 -75.78 26.81 6.66
N LYS UA 193 -76.24 25.60 6.99
CA LYS UA 193 -77.17 24.82 6.17
C LYS UA 193 -78.58 24.97 6.75
N PRO UA 194 -79.60 25.29 5.94
CA PRO UA 194 -80.95 25.57 6.42
C PRO UA 194 -81.76 24.29 6.74
N TYR UA 195 -81.11 23.14 6.79
CA TYR UA 195 -81.71 21.83 6.99
C TYR UA 195 -80.77 20.93 7.80
N ILE UA 196 -81.32 19.88 8.41
CA ILE UA 196 -80.54 18.80 9.01
C ILE UA 196 -80.77 17.53 8.22
N LYS UA 197 -79.69 16.89 7.77
CA LYS UA 197 -79.70 15.73 6.87
C LYS UA 197 -79.25 14.49 7.61
N LYS UA 198 -80.00 13.38 7.50
CA LYS UA 198 -79.52 12.08 7.98
C LYS UA 198 -80.03 10.89 7.19
N HIS UA 199 -79.22 9.86 7.14
CA HIS UA 199 -79.45 8.62 6.41
C HIS UA 199 -80.01 7.56 7.36
N ILE UA 200 -81.04 6.87 6.91
CA ILE UA 200 -81.77 5.86 7.69
C ILE UA 200 -81.68 4.52 6.97
N SER UA 201 -81.19 3.50 7.66
CA SER UA 201 -81.02 2.15 7.13
C SER UA 201 -82.37 1.42 7.00
N PRO UA 202 -82.53 0.38 6.16
CA PRO UA 202 -83.76 -0.40 6.12
C PRO UA 202 -84.14 -1.01 7.48
N PRO UA 203 -85.42 -1.36 7.69
CA PRO UA 203 -85.83 -2.20 8.81
C PRO UA 203 -84.96 -3.44 8.92
N THR UA 204 -84.64 -3.90 10.14
CA THR UA 204 -83.77 -5.07 10.32
C THR UA 204 -84.35 -6.34 9.66
N GLN UA 205 -85.69 -6.39 9.52
CA GLN UA 205 -86.40 -7.53 8.86
C GLN UA 205 -86.32 -7.43 7.34
N MET UA 206 -86.11 -6.24 6.79
CA MET UA 206 -85.85 -6.05 5.35
C MET UA 206 -84.38 -6.29 5.08
N LYS UA 207 -84.02 -7.49 4.61
CA LYS UA 207 -82.63 -7.86 4.30
C LYS UA 207 -82.22 -7.26 2.95
N SER UA 208 -80.95 -7.34 2.59
CA SER UA 208 -80.46 -6.78 1.32
C SER UA 208 -80.92 -7.56 0.08
N GLN UA 209 -81.57 -8.71 0.25
CA GLN UA 209 -82.10 -9.52 -0.85
C GLN UA 209 -83.12 -8.78 -1.72
N TRP UA 210 -83.36 -9.31 -2.92
CA TRP UA 210 -84.50 -8.91 -3.76
C TRP UA 210 -85.81 -9.43 -3.21
N TYR UA 211 -86.88 -8.65 -3.36
CA TYR UA 211 -88.25 -9.01 -3.00
C TYR UA 211 -89.20 -8.64 -4.13
N PHE UA 212 -90.23 -9.42 -4.40
CA PHE UA 212 -91.29 -8.96 -5.28
C PHE UA 212 -91.94 -7.68 -4.75
N GLN UA 213 -92.16 -6.69 -5.62
CA GLN UA 213 -92.76 -5.40 -5.21
C GLN UA 213 -94.17 -5.62 -4.64
N HIS UA 214 -94.90 -6.67 -5.05
CA HIS UA 214 -96.25 -7.00 -4.52
C HIS UA 214 -96.15 -7.39 -3.04
N ASN UA 215 -95.07 -8.06 -2.64
CA ASN UA 215 -94.90 -8.50 -1.27
C ASN UA 215 -94.53 -7.34 -0.34
N ILE UA 216 -93.55 -6.53 -0.72
CA ILE UA 216 -93.07 -5.42 0.11
C ILE UA 216 -93.89 -4.14 0.01
N ALA UA 217 -94.86 -4.04 -0.91
CA ALA UA 217 -95.62 -2.82 -1.16
C ALA UA 217 -96.16 -2.16 0.13
N ASN UA 218 -96.78 -2.94 1.01
CA ASN UA 218 -97.43 -2.45 2.21
C ASN UA 218 -96.58 -2.52 3.49
N ILE UA 219 -95.37 -3.09 3.45
CA ILE UA 219 -94.47 -3.18 4.60
C ILE UA 219 -94.01 -1.76 4.98
N PRO UA 220 -94.24 -1.26 6.20
CA PRO UA 220 -93.84 0.09 6.58
C PRO UA 220 -92.33 0.14 6.80
N LEU UA 221 -91.60 0.86 5.93
CA LEU UA 221 -90.10 0.87 5.95
C LEU UA 221 -89.54 2.03 6.78
N LEU UA 222 -90.38 2.96 7.22
CA LEU UA 222 -89.99 4.06 8.09
C LEU UA 222 -91.18 4.56 8.89
N MET UA 223 -90.99 4.85 10.18
CA MET UA 223 -91.90 5.68 10.97
C MET UA 223 -91.23 7.01 11.33
N ILE UA 224 -91.88 8.13 11.08
CA ILE UA 224 -91.44 9.46 11.55
C ILE UA 224 -92.44 9.96 12.57
N ARG UA 225 -91.97 10.37 13.75
CA ARG UA 225 -92.76 11.02 14.80
C ARG UA 225 -92.30 12.47 14.92
N THR UA 226 -93.20 13.43 14.81
CA THR UA 226 -92.87 14.86 14.91
C THR UA 226 -93.82 15.59 15.83
N THR UA 227 -93.33 16.53 16.64
CA THR UA 227 -94.16 17.40 17.48
C THR UA 227 -93.68 18.84 17.39
N ALA UA 228 -94.61 19.79 17.34
CA ALA UA 228 -94.36 21.22 17.33
C ALA UA 228 -93.98 21.75 18.72
N LEU UA 229 -93.05 22.69 18.77
CA LEU UA 229 -92.29 23.03 19.97
C LEU UA 229 -92.03 24.54 20.02
N THR UA 230 -91.78 25.11 21.21
CA THR UA 230 -90.97 26.33 21.29
C THR UA 230 -89.88 26.17 22.33
N LEU UA 231 -88.65 26.55 21.95
CA LEU UA 231 -87.49 26.57 22.83
C LEU UA 231 -87.42 27.87 23.66
N ASP UA 232 -87.71 29.01 23.06
CA ASP UA 232 -87.64 30.33 23.71
C ASP UA 232 -88.83 30.69 24.62
N ASN UA 233 -89.96 30.01 24.46
CA ASN UA 233 -91.18 30.20 25.26
C ASN UA 233 -91.55 28.90 25.99
N TYR UA 234 -90.57 28.07 26.32
CA TYR UA 234 -90.77 26.71 26.81
C TYR UA 234 -91.70 26.62 28.02
N TYR UA 235 -91.55 27.51 29.01
CA TYR UA 235 -92.40 27.50 30.21
C TYR UA 235 -93.65 28.33 30.05
N ILE UA 236 -93.53 29.58 29.60
CA ILE UA 236 -94.66 30.50 29.46
C ILE UA 236 -95.63 30.03 28.38
N GLY UA 237 -95.12 29.54 27.25
CA GLY UA 237 -95.90 29.05 26.12
C GLY UA 237 -96.80 30.15 25.58
N SER UA 238 -98.11 29.96 25.67
CA SER UA 238 -99.11 30.97 25.33
C SER UA 238 -99.95 31.44 26.54
N ARG UA 239 -99.45 31.26 27.76
CA ARG UA 239 -100.06 31.77 29.00
C ARG UA 239 -100.37 33.26 28.91
N GLN UA 240 -101.53 33.65 29.43
CA GLN UA 240 -101.96 35.04 29.59
C GLN UA 240 -102.38 35.26 31.05
N LEU UA 241 -102.02 36.40 31.65
CA LEU UA 241 -102.29 36.71 33.05
C LEU UA 241 -101.74 35.62 34.01
N SER UA 242 -102.58 35.03 34.86
CA SER UA 242 -102.20 34.01 35.85
C SER UA 242 -101.66 32.72 35.23
N THR UA 243 -100.86 31.96 35.98
CA THR UA 243 -100.46 30.59 35.59
C THR UA 243 -101.66 29.62 35.56
N ASN UA 244 -102.69 29.88 36.37
CA ASN UA 244 -103.92 29.09 36.42
C ASN UA 244 -104.70 29.19 35.10
N VAL UA 245 -105.18 28.06 34.58
CA VAL UA 245 -106.14 27.97 33.49
C VAL UA 245 -107.51 27.63 34.06
N THR UA 246 -108.58 28.21 33.49
CA THR UA 246 -109.95 27.91 33.90
C THR UA 246 -110.55 26.81 33.03
N ILE UA 247 -111.06 25.76 33.65
CA ILE UA 247 -111.75 24.64 32.99
C ILE UA 247 -113.24 24.75 33.32
N HIS UA 248 -114.11 24.66 32.32
CA HIS UA 248 -115.57 24.58 32.56
C HIS UA 248 -115.89 23.09 32.66
N THR UA 249 -116.86 22.69 33.47
CA THR UA 249 -117.30 21.28 33.57
C THR UA 249 -118.80 21.16 33.84
N LEU UA 250 -119.37 20.00 33.52
CA LEU UA 250 -120.79 19.72 33.90
C LEU UA 250 -120.79 19.38 35.38
N ASN UA 251 -121.59 20.06 36.21
CA ASN UA 251 -121.73 19.67 37.64
C ASN UA 251 -121.94 18.15 37.65
N THR UA 252 -121.10 17.39 38.34
CA THR UA 252 -121.20 15.93 38.41
C THR UA 252 -122.25 15.57 39.44
N THR UA 253 -122.43 16.39 40.47
CA THR UA 253 -123.33 16.10 41.60
C THR UA 253 -124.82 16.28 41.26
N TYR UA 254 -125.15 16.70 40.04
CA TYR UA 254 -126.55 16.90 39.60
C TYR UA 254 -126.82 16.39 38.18
N ILE UA 255 -125.90 16.60 37.24
CA ILE UA 255 -126.03 16.16 35.85
C ILE UA 255 -125.39 14.77 35.68
N GLN UA 256 -126.15 13.68 35.72
CA GLN UA 256 -125.50 12.34 35.65
C GLN UA 256 -126.25 11.35 34.75
N ASN UA 257 -127.48 11.66 34.33
CA ASN UA 257 -128.26 10.63 33.65
C ASN UA 257 -127.79 10.27 32.24
N ARG UA 258 -127.05 11.16 31.56
CA ARG UA 258 -126.48 10.91 30.21
C ARG UA 258 -127.54 10.44 29.19
N ASP UA 259 -128.80 10.88 29.35
CA ASP UA 259 -129.88 10.53 28.41
C ASP UA 259 -130.07 11.60 27.33
N TRP UA 260 -129.02 11.90 26.57
CA TRP UA 260 -128.96 13.07 25.69
C TRP UA 260 -129.38 12.85 24.24
N GLY UA 261 -129.80 13.94 23.58
CA GLY UA 261 -129.93 14.00 22.12
C GLY UA 261 -131.23 13.43 21.56
N ASP UA 262 -132.34 13.53 22.29
CA ASP UA 262 -133.71 13.25 21.79
C ASP UA 262 -134.67 14.41 22.09
N ARG UA 263 -135.57 14.72 21.16
CA ARG UA 263 -136.69 15.67 21.43
C ARG UA 263 -137.89 14.79 21.83
N ASN UA 264 -137.72 13.46 21.83
CA ASN UA 264 -138.76 12.47 22.13
C ASN UA 264 -138.78 12.03 23.60
N LYS UA 265 -138.05 12.72 24.50
CA LYS UA 265 -137.83 12.35 25.90
C LYS UA 265 -137.76 13.60 26.78
N THR UA 266 -138.59 13.70 27.81
CA THR UA 266 -138.46 14.74 28.84
C THR UA 266 -137.18 14.50 29.65
N TYR UA 267 -136.27 15.48 29.70
CA TYR UA 267 -134.98 15.29 30.34
C TYR UA 267 -135.08 15.40 31.87
N TYR UA 268 -134.36 14.51 32.55
CA TYR UA 268 -134.21 14.45 33.99
C TYR UA 268 -132.72 14.31 34.29
N CYS UA 269 -132.19 15.07 35.25
CA CYS UA 269 -130.75 15.25 35.38
C CYS UA 269 -130.08 14.15 36.23
N GLN UA 270 -130.74 13.64 37.27
CA GLN UA 270 -130.24 12.54 38.09
C GLN UA 270 -131.38 11.64 38.60
N THR UA 271 -131.03 10.40 38.95
CA THR UA 271 -131.85 9.51 39.78
C THR UA 271 -131.18 9.30 41.13
N LEU UA 272 -131.94 9.34 42.22
CA LEU UA 272 -131.47 8.94 43.55
C LEU UA 272 -132.53 8.01 44.18
N GLY UA 273 -132.12 6.86 44.72
CA GLY UA 273 -133.07 5.83 45.12
C GLY UA 273 -133.97 5.40 43.95
N THR UA 274 -135.28 5.59 44.11
CA THR UA 274 -136.29 5.43 43.04
C THR UA 274 -136.64 6.73 42.31
N GLN UA 275 -136.22 7.90 42.82
CA GLN UA 275 -136.65 9.20 42.33
C GLN UA 275 -136.00 9.57 40.99
N ARG UA 276 -136.61 10.55 40.30
CA ARG UA 276 -136.01 11.33 39.21
C ARG UA 276 -136.03 12.81 39.59
N TYR UA 277 -135.00 13.55 39.18
CA TYR UA 277 -134.87 14.98 39.45
C TYR UA 277 -134.83 15.78 38.15
N PHE UA 278 -135.40 16.97 38.19
CA PHE UA 278 -135.76 17.76 37.03
C PHE UA 278 -135.31 19.21 37.22
N LEU UA 279 -135.05 19.88 36.10
CA LEU UA 279 -134.56 21.25 36.05
C LEU UA 279 -135.61 22.13 35.39
N TYR UA 280 -135.73 23.37 35.85
CA TYR UA 280 -136.62 24.39 35.29
C TYR UA 280 -135.91 25.73 35.20
N GLY UA 281 -136.04 26.44 34.08
CA GLY UA 281 -135.54 27.80 33.93
C GLY UA 281 -136.59 28.82 34.35
N THR UA 282 -136.19 30.01 34.77
CA THR UA 282 -137.13 31.13 34.93
C THR UA 282 -136.47 32.46 34.62
N HIS UA 283 -137.27 33.43 34.17
CA HIS UA 283 -136.77 34.83 33.97
C HIS UA 283 -137.24 35.65 35.18
N SER UA 284 -137.87 35.01 36.16
CA SER UA 284 -138.41 35.71 37.33
C SER UA 284 -137.33 36.46 38.11
N THR UA 285 -137.67 37.66 38.56
CA THR UA 285 -136.88 38.49 39.47
C THR UA 285 -137.10 38.11 40.95
N ALA UA 286 -137.95 37.12 41.24
CA ALA UA 286 -138.25 36.69 42.60
C ALA UA 286 -136.98 36.24 43.34
N GLN UA 287 -136.77 36.78 44.55
CA GLN UA 287 -135.59 36.51 45.37
C GLN UA 287 -135.71 35.18 46.15
N ASN UA 288 -136.92 34.74 46.45
CA ASN UA 288 -137.17 33.58 47.32
C ASN UA 288 -137.68 32.39 46.49
N ILE UA 289 -136.96 31.27 46.58
CA ILE UA 289 -137.28 30.03 45.86
C ILE UA 289 -138.68 29.46 46.20
N ASN UA 290 -139.21 29.79 47.39
CA ASN UA 290 -140.52 29.31 47.82
C ASN UA 290 -141.68 29.98 47.05
N ASP UA 291 -141.61 31.30 46.78
CA ASP UA 291 -142.78 32.09 46.24
C ASP UA 291 -142.89 32.13 44.71
N ILE UA 292 -141.90 31.63 43.97
CA ILE UA 292 -142.02 31.53 42.51
C ILE UA 292 -143.28 30.74 42.15
N LYS UA 293 -144.00 31.16 41.11
CA LYS UA 293 -145.25 30.51 40.68
C LYS UA 293 -144.99 29.13 40.06
N LEU UA 294 -146.05 28.39 39.74
CA LEU UA 294 -145.89 27.13 38.96
C LEU UA 294 -145.76 27.56 37.49
N GLN UA 295 -146.23 28.78 37.16
CA GLN UA 295 -146.17 29.33 35.78
C GLN UA 295 -144.77 29.82 35.40
N GLU UA 296 -144.07 30.49 36.31
CA GLU UA 296 -142.74 31.09 36.01
C GLU UA 296 -141.80 30.04 35.41
N LEU UA 297 -141.81 28.82 35.94
CA LEU UA 297 -140.85 27.75 35.51
C LEU UA 297 -140.98 27.43 34.02
N ILE UA 298 -139.86 27.29 33.31
CA ILE UA 298 -139.83 26.89 31.87
C ILE UA 298 -139.28 25.47 31.86
N PRO UA 299 -140.13 24.41 31.83
CA PRO UA 299 -139.68 23.04 32.01
C PRO UA 299 -138.84 22.62 30.82
N LEU UA 300 -137.90 21.70 31.01
CA LEU UA 300 -136.99 21.24 29.92
C LEU UA 300 -137.46 19.86 29.43
N THR UA 301 -137.99 19.78 28.20
CA THR UA 301 -138.49 18.52 27.61
C THR UA 301 -137.62 18.15 26.43
N ASN UA 302 -136.57 18.92 26.14
CA ASN UA 302 -135.63 18.62 25.06
C ASN UA 302 -134.20 18.84 25.56
N THR UA 303 -133.24 17.98 25.18
CA THR UA 303 -131.81 18.33 25.27
C THR UA 303 -131.14 18.50 23.91
N GLN UA 304 -131.74 17.93 22.85
CA GLN UA 304 -131.14 17.87 21.49
C GLN UA 304 -131.05 19.21 20.75
N ASP UA 305 -131.69 20.28 21.22
CA ASP UA 305 -131.68 21.57 20.48
C ASP UA 305 -131.00 22.72 21.22
N TYR UA 306 -130.61 23.75 20.49
CA TYR UA 306 -130.08 24.99 21.07
C TYR UA 306 -131.17 25.89 21.69
N VAL UA 307 -132.45 25.55 21.50
CA VAL UA 307 -133.59 26.42 21.83
C VAL UA 307 -133.64 26.79 23.31
N GLN UA 308 -133.90 28.07 23.61
CA GLN UA 308 -134.02 28.62 24.96
C GLN UA 308 -135.35 28.26 25.64
N GLY UA 309 -136.38 28.02 24.84
CA GLY UA 309 -137.76 28.00 25.31
C GLY UA 309 -138.28 29.42 25.52
N PHE UA 310 -139.45 29.55 26.15
CA PHE UA 310 -140.04 30.83 26.53
C PHE UA 310 -141.00 30.65 27.72
N ASP UA 311 -141.32 31.76 28.37
CA ASP UA 311 -142.19 31.82 29.54
C ASP UA 311 -143.69 31.71 29.18
N TRP UA 312 -144.51 31.24 30.12
CA TRP UA 312 -145.97 31.13 29.99
C TRP UA 312 -146.64 32.47 29.68
N THR UA 313 -146.03 33.60 30.04
CA THR UA 313 -146.50 34.94 29.64
C THR UA 313 -146.52 35.15 28.12
N GLU UA 314 -145.84 34.31 27.33
CA GLU UA 314 -145.89 34.33 25.86
C GLU UA 314 -146.89 33.31 25.27
N LYS UA 315 -147.78 32.74 26.09
CA LYS UA 315 -148.89 31.85 25.67
C LYS UA 315 -149.61 32.37 24.41
N ASP UA 316 -149.97 33.65 24.42
CA ASP UA 316 -150.69 34.30 23.32
C ASP UA 316 -149.82 34.61 22.09
N LYS UA 317 -148.49 34.57 22.18
CA LYS UA 317 -147.59 34.75 21.02
C LYS UA 317 -147.44 33.47 20.19
N HIS UA 318 -147.62 32.29 20.84
CA HIS UA 318 -147.50 30.96 20.17
C HIS UA 318 -148.85 30.23 20.21
N ASN UA 319 -149.97 30.94 20.31
CA ASN UA 319 -151.33 30.40 20.27
C ASN UA 319 -151.51 29.17 21.17
N ILE UA 320 -150.83 29.15 22.32
CA ILE UA 320 -150.84 28.02 23.26
C ILE UA 320 -152.19 27.95 23.96
N THR UA 321 -152.79 26.76 23.98
CA THR UA 321 -154.08 26.51 24.65
C THR UA 321 -153.94 25.78 25.99
N THR UA 322 -152.85 25.03 26.19
CA THR UA 322 -152.65 24.18 27.39
C THR UA 322 -151.18 24.12 27.80
N TYR UA 323 -150.92 23.71 29.04
CA TYR UA 323 -149.55 23.43 29.49
C TYR UA 323 -148.88 22.33 28.64
N LYS UA 324 -149.63 21.40 28.05
CA LYS UA 324 -149.11 20.44 27.05
C LYS UA 324 -148.50 21.14 25.84
N GLU UA 325 -149.16 22.16 25.29
CA GLU UA 325 -148.58 22.99 24.21
C GLU UA 325 -147.47 23.93 24.71
N PHE UA 326 -147.50 24.39 25.97
CA PHE UA 326 -146.38 25.10 26.57
C PHE UA 326 -145.12 24.21 26.69
N LEU UA 327 -145.28 22.95 27.13
CA LEU UA 327 -144.21 21.94 27.16
C LEU UA 327 -143.60 21.70 25.78
N THR UA 328 -144.42 21.57 24.73
CA THR UA 328 -143.88 21.23 23.40
C THR UA 328 -143.31 22.46 22.68
N LYS UA 329 -143.98 23.62 22.72
CA LYS UA 329 -143.48 24.82 22.04
C LYS UA 329 -142.43 25.58 22.85
N GLY UA 330 -142.59 25.68 24.16
CA GLY UA 330 -141.88 26.64 25.02
C GLY UA 330 -140.82 26.07 25.96
N ALA UA 331 -140.62 24.76 26.01
CA ALA UA 331 -139.56 24.19 26.84
C ALA UA 331 -138.15 24.59 26.39
N GLY UA 332 -137.24 24.76 27.35
CA GLY UA 332 -135.87 25.22 27.12
C GLY UA 332 -134.83 24.12 27.21
N ASN UA 333 -133.79 24.13 26.38
CA ASN UA 333 -132.72 23.15 26.52
C ASN UA 333 -131.75 23.62 27.62
N PRO UA 334 -131.34 22.77 28.58
CA PRO UA 334 -130.56 23.21 29.75
C PRO UA 334 -129.18 23.76 29.37
N PHE UA 335 -128.68 23.38 28.20
CA PHE UA 335 -127.39 23.78 27.66
C PHE UA 335 -127.46 25.03 26.76
N HIS UA 336 -128.61 25.72 26.68
CA HIS UA 336 -128.67 27.03 26.03
C HIS UA 336 -127.77 28.03 26.76
N ALA UA 337 -127.25 29.06 26.07
CA ALA UA 337 -126.21 29.96 26.57
C ALA UA 337 -126.55 30.69 27.87
N GLU UA 338 -127.83 30.87 28.21
CA GLU UA 338 -128.23 31.43 29.52
C GLU UA 338 -128.50 30.36 30.59
N TRP UA 339 -129.02 29.19 30.24
CA TRP UA 339 -129.28 28.12 31.21
C TRP UA 339 -128.01 27.31 31.57
N ILE UA 340 -127.05 27.18 30.66
CA ILE UA 340 -125.80 26.39 30.85
C ILE UA 340 -124.99 26.82 32.07
N THR UA 341 -124.92 28.13 32.33
CA THR UA 341 -124.28 28.75 33.51
C THR UA 341 -125.27 29.48 34.42
N ALA UA 342 -126.58 29.25 34.22
CA ALA UA 342 -127.67 29.91 34.95
C ALA UA 342 -127.52 31.45 35.02
N GLN UA 343 -127.18 32.08 33.89
CA GLN UA 343 -127.15 33.55 33.78
C GLN UA 343 -128.51 34.15 34.20
N ASN UA 344 -129.60 33.52 33.75
CA ASN UA 344 -130.92 33.66 34.33
C ASN UA 344 -131.19 32.43 35.20
N PRO UA 345 -131.81 32.56 36.39
CA PRO UA 345 -131.89 31.47 37.37
C PRO UA 345 -132.47 30.16 36.81
N VAL UA 346 -131.90 29.05 37.30
CA VAL UA 346 -132.30 27.68 36.97
C VAL UA 346 -132.55 26.93 38.26
N ILE UA 347 -133.66 26.20 38.32
CA ILE UA 347 -134.19 25.58 39.52
C ILE UA 347 -134.15 24.06 39.37
N HIS UA 348 -133.55 23.36 40.34
CA HIS UA 348 -133.46 21.90 40.40
C HIS UA 348 -134.45 21.37 41.42
N THR UA 349 -135.22 20.33 41.11
CA THR UA 349 -136.27 19.80 41.99
C THR UA 349 -136.54 18.31 41.76
N ALA UA 350 -137.05 17.62 42.77
CA ALA UA 350 -137.63 16.27 42.61
C ALA UA 350 -139.00 16.30 41.92
N ASN UA 351 -139.69 17.45 41.89
CA ASN UA 351 -141.06 17.51 41.38
C ASN UA 351 -141.11 17.38 39.85
N SER UA 352 -141.60 16.25 39.37
CA SER UA 352 -141.69 15.97 37.93
C SER UA 352 -142.64 16.94 37.23
N PRO UA 353 -142.33 17.37 35.98
CA PRO UA 353 -143.24 18.17 35.19
C PRO UA 353 -144.63 17.56 35.06
N THR UA 354 -144.78 16.23 35.09
CA THR UA 354 -146.10 15.58 35.04
C THR UA 354 -146.92 15.79 36.30
N GLN UA 355 -146.31 15.98 37.47
CA GLN UA 355 -147.06 16.43 38.63
C GLN UA 355 -147.52 17.88 38.43
N ILE UA 356 -146.68 18.75 37.85
CA ILE UA 356 -147.10 20.10 37.44
C ILE UA 356 -148.19 20.05 36.36
N GLU UA 357 -148.14 19.10 35.40
CA GLU UA 357 -149.19 18.87 34.41
C GLU UA 357 -150.50 18.57 35.12
N GLN UA 358 -150.49 17.65 36.10
CA GLN UA 358 -151.69 17.33 36.88
C GLN UA 358 -152.22 18.56 37.60
N ILE UA 359 -151.38 19.41 38.19
CA ILE UA 359 -151.84 20.65 38.83
C ILE UA 359 -152.44 21.64 37.81
N TYR UA 360 -151.78 21.86 36.67
CA TYR UA 360 -152.34 22.72 35.60
C TYR UA 360 -153.65 22.16 35.04
N THR UA 361 -153.63 20.90 34.58
CA THR UA 361 -154.77 20.28 33.88
C THR UA 361 -155.96 20.08 34.81
N ALA UA 362 -155.74 19.77 36.10
CA ALA UA 362 -156.82 19.70 37.08
C ALA UA 362 -157.56 21.04 37.20
N SER UA 363 -156.84 22.17 37.26
CA SER UA 363 -157.43 23.50 37.04
C SER UA 363 -156.40 24.57 36.66
N THR UA 364 -156.56 25.12 35.45
CA THR UA 364 -155.71 26.20 34.90
C THR UA 364 -155.84 27.49 35.72
N THR UA 365 -157.00 27.74 36.31
CA THR UA 365 -157.24 28.90 37.19
C THR UA 365 -156.45 28.79 38.50
N THR UA 366 -156.25 27.59 39.05
CA THR UA 366 -155.41 27.42 40.24
C THR UA 366 -153.92 27.31 39.92
N PHE UA 367 -153.52 27.14 38.66
CA PHE UA 367 -152.12 27.26 38.23
C PHE UA 367 -151.58 28.69 38.42
N GLN UA 368 -152.45 29.71 38.27
CA GLN UA 368 -152.16 31.10 38.64
C GLN UA 368 -151.92 31.24 40.15
N ASN UA 369 -152.73 30.58 40.97
CA ASN UA 369 -152.68 30.68 42.43
C ASN UA 369 -151.49 29.91 43.03
N LYS UA 370 -151.20 28.69 42.55
CA LYS UA 370 -150.17 27.82 43.11
C LYS UA 370 -148.76 28.40 42.90
N LYS UA 371 -147.96 28.34 43.96
CA LYS UA 371 -146.53 28.68 44.00
C LYS UA 371 -145.69 27.43 44.26
N LEU UA 372 -144.37 27.59 44.37
CA LEU UA 372 -143.44 26.52 44.71
C LEU UA 372 -143.61 25.99 46.15
N THR UA 373 -144.25 26.76 47.04
CA THR UA 373 -144.79 26.25 48.32
C THR UA 373 -145.90 25.22 48.08
N ASP UA 374 -146.02 24.25 48.99
CA ASP UA 374 -147.10 23.24 49.01
C ASP UA 374 -147.25 22.43 47.70
N LEU UA 375 -146.18 22.30 46.91
CA LEU UA 375 -146.13 21.41 45.75
C LEU UA 375 -145.74 19.98 46.16
N PRO UA 376 -146.08 18.96 45.35
CA PRO UA 376 -145.61 17.61 45.57
C PRO UA 376 -144.07 17.53 45.43
N THR UA 377 -143.43 16.72 46.28
CA THR UA 377 -141.96 16.54 46.33
C THR UA 377 -141.19 17.84 46.02
N PRO UA 378 -141.36 18.94 46.80
CA PRO UA 378 -140.76 20.21 46.42
C PRO UA 378 -139.33 20.49 46.88
N GLY UA 379 -138.36 19.86 46.23
CA GLY UA 379 -136.93 20.10 46.53
C GLY UA 379 -136.42 21.21 45.66
N TYR UA 380 -137.17 22.31 45.52
CA TYR UA 380 -136.80 23.45 44.65
C TYR UA 380 -135.54 24.12 45.21
N ILE UA 381 -134.42 24.10 44.46
CA ILE UA 381 -133.12 24.68 44.90
C ILE UA 381 -132.61 25.55 43.74
N PHE UA 382 -131.50 26.29 43.89
CA PHE UA 382 -130.89 27.05 42.77
C PHE UA 382 -129.58 26.35 42.41
N ILE UA 383 -129.54 25.62 41.28
CA ILE UA 383 -128.35 24.83 40.89
C ILE UA 383 -127.90 25.24 39.48
N THR UA 384 -126.59 25.33 39.25
CA THR UA 384 -126.01 25.69 37.94
C THR UA 384 -125.52 24.43 37.22
N PRO UA 385 -125.93 24.16 35.96
CA PRO UA 385 -125.46 22.99 35.22
C PRO UA 385 -123.93 22.96 35.02
N THR UA 386 -123.32 24.14 34.88
CA THR UA 386 -121.86 24.31 34.76
C THR UA 386 -121.25 24.84 36.05
N VAL UA 387 -120.05 24.36 36.37
CA VAL UA 387 -119.11 25.00 37.30
C VAL UA 387 -117.78 25.27 36.59
N SER UA 388 -117.08 26.34 36.97
CA SER UA 388 -115.73 26.64 36.47
C SER UA 388 -114.70 26.29 37.55
N LEU UA 389 -113.74 25.44 37.20
CA LEU UA 389 -112.60 25.06 38.04
C LEU UA 389 -111.35 25.86 37.63
N ARG UA 390 -110.41 26.05 38.55
CA ARG UA 390 -109.05 26.52 38.25
C ARG UA 390 -108.06 25.39 38.37
N TYR UA 391 -107.24 25.18 37.34
CA TYR UA 391 -106.17 24.20 37.29
C TYR UA 391 -104.82 24.91 37.23
N ASN UA 392 -103.86 24.47 38.03
CA ASN UA 392 -102.49 24.95 37.98
C ASN UA 392 -101.56 23.77 37.69
N PRO UA 393 -100.80 23.76 36.59
CA PRO UA 393 -99.97 22.62 36.23
C PRO UA 393 -98.82 22.38 37.22
N TYR UA 394 -98.34 23.44 37.87
CA TYR UA 394 -97.18 23.34 38.81
C TYR UA 394 -97.68 22.79 40.15
N LYS UA 395 -98.98 22.84 40.39
CA LYS UA 395 -99.59 22.32 41.65
C LYS UA 395 -100.07 20.88 41.44
N ASP UA 396 -99.81 20.30 40.26
CA ASP UA 396 -100.29 18.93 39.91
C ASP UA 396 -99.23 17.87 40.23
N LEU UA 397 -99.57 16.86 41.04
CA LEU UA 397 -98.61 15.84 41.47
C LEU UA 397 -98.91 14.47 40.87
N ALA UA 398 -99.98 14.33 40.09
CA ALA UA 398 -100.31 13.11 39.37
C ALA UA 398 -100.46 11.84 40.23
N GLU UA 399 -100.86 11.94 41.51
CA GLU UA 399 -100.94 10.77 42.40
C GLU UA 399 -102.23 9.97 42.19
N ARG UA 400 -103.31 10.62 41.79
CA ARG UA 400 -104.64 9.99 41.56
C ARG UA 400 -105.33 10.51 40.30
N ASN UA 401 -104.54 11.00 39.35
CA ASN UA 401 -105.01 11.44 38.04
C ASN UA 401 -105.46 10.25 37.19
N LYS UA 402 -106.51 10.45 36.38
CA LYS UA 402 -107.15 9.38 35.60
C LYS UA 402 -107.93 9.97 34.44
N CYS UA 403 -108.17 9.22 33.36
CA CYS UA 403 -108.81 9.72 32.15
C CYS UA 403 -109.39 8.57 31.33
N TYR UA 404 -110.63 8.71 30.83
CA TYR UA 404 -111.32 7.70 30.02
C TYR UA 404 -112.53 8.26 29.27
N PHE UA 405 -113.04 7.51 28.29
CA PHE UA 405 -114.25 7.85 27.54
C PHE UA 405 -115.45 7.01 27.99
N VAL UA 406 -116.61 7.64 28.15
CA VAL UA 406 -117.90 7.00 28.44
C VAL UA 406 -118.87 7.27 27.29
N ARG UA 407 -119.87 6.39 27.10
CA ARG UA 407 -120.86 6.48 26.02
C ARG UA 407 -121.85 7.61 26.31
N SER UA 408 -121.99 8.60 25.43
CA SER UA 408 -122.89 9.74 25.65
C SER UA 408 -124.35 9.42 25.31
N LYS UA 409 -124.62 8.90 24.10
CA LYS UA 409 -125.96 8.42 23.71
C LYS UA 409 -126.22 6.98 24.14
N ILE UA 410 -126.33 6.74 25.45
CA ILE UA 410 -126.91 5.51 26.00
C ILE UA 410 -127.71 5.80 27.27
N ASN UA 411 -128.65 4.90 27.59
CA ASN UA 411 -129.48 4.98 28.77
C ASN UA 411 -128.78 4.36 30.00
N ALA UA 412 -127.63 4.91 30.40
CA ALA UA 412 -126.87 4.45 31.57
C ALA UA 412 -126.49 5.59 32.51
N HIS UA 413 -126.70 5.37 33.81
CA HIS UA 413 -126.47 6.36 34.85
C HIS UA 413 -124.98 6.45 35.23
N GLY UA 414 -124.57 7.63 35.70
CA GLY UA 414 -123.29 7.82 36.37
C GLY UA 414 -122.08 7.90 35.43
N TRP UA 415 -120.93 8.18 36.02
CA TRP UA 415 -119.69 8.58 35.34
C TRP UA 415 -118.53 7.61 35.57
N ASP UA 416 -118.75 6.48 36.25
CA ASP UA 416 -117.65 5.55 36.60
C ASP UA 416 -116.93 5.08 35.33
N PRO UA 417 -115.62 4.73 35.39
CA PRO UA 417 -114.94 4.20 34.22
C PRO UA 417 -115.70 2.97 33.79
N GLU UA 418 -116.04 2.87 32.50
CA GLU UA 418 -116.87 1.75 31.98
C GLU UA 418 -116.30 1.25 30.65
N GLN UA 419 -116.88 0.18 30.10
CA GLN UA 419 -116.44 -0.39 28.80
C GLN UA 419 -114.96 -0.79 28.92
N HIS UA 420 -114.07 -0.28 28.07
CA HIS UA 420 -112.63 -0.67 28.06
C HIS UA 420 -111.93 -0.18 29.33
N GLN UA 421 -111.48 -1.12 30.18
CA GLN UA 421 -110.72 -0.76 31.41
C GLN UA 421 -109.24 -0.75 31.06
N GLU UA 422 -108.84 -1.33 29.93
CA GLU UA 422 -107.46 -1.25 29.46
C GLU UA 422 -107.14 0.10 28.77
N LEU UA 423 -108.16 0.84 28.35
CA LEU UA 423 -108.02 2.17 27.75
C LEU UA 423 -107.94 3.29 28.79
N ILE UA 424 -108.23 3.02 30.06
CA ILE UA 424 -108.06 4.01 31.14
C ILE UA 424 -106.60 4.44 31.19
N ASN UA 425 -106.36 5.77 31.18
CA ASN UA 425 -105.00 6.38 31.26
C ASN UA 425 -104.84 7.01 32.65
N SER UA 426 -103.81 6.67 33.42
CA SER UA 426 -103.68 7.04 34.83
C SER UA 426 -102.27 7.53 35.19
N ASP UA 427 -102.17 8.28 36.29
CA ASP UA 427 -100.91 8.58 37.00
C ASP UA 427 -99.87 9.40 36.21
N LEU UA 428 -100.32 10.36 35.39
CA LEU UA 428 -99.49 11.40 34.78
C LEU UA 428 -100.15 12.76 35.03
N PRO UA 429 -99.41 13.88 35.05
CA PRO UA 429 -100.04 15.19 35.22
C PRO UA 429 -100.98 15.48 34.05
N GLN UA 430 -102.14 16.11 34.29
CA GLN UA 430 -103.23 16.29 33.27
C GLN UA 430 -102.78 16.84 31.91
N TRP UA 431 -101.77 17.71 31.85
CA TRP UA 431 -101.24 18.21 30.59
C TRP UA 431 -100.46 17.14 29.80
N LEU UA 432 -99.89 16.14 30.47
CA LEU UA 432 -99.28 14.98 29.84
C LEU UA 432 -100.30 13.84 29.63
N LEU UA 433 -101.20 13.63 30.58
CA LEU UA 433 -102.20 12.57 30.52
C LEU UA 433 -103.17 12.75 29.35
N LEU UA 434 -103.60 13.97 29.06
CA LEU UA 434 -104.55 14.25 27.99
C LEU UA 434 -103.88 14.33 26.61
N PHE UA 435 -102.58 14.59 26.51
CA PHE UA 435 -101.93 14.88 25.24
C PHE UA 435 -101.99 13.67 24.28
N GLY UA 436 -102.65 13.84 23.14
CA GLY UA 436 -102.80 12.77 22.15
C GLY UA 436 -103.67 11.58 22.59
N TYR UA 437 -104.25 11.58 23.80
CA TYR UA 437 -105.06 10.47 24.28
C TYR UA 437 -106.35 10.24 23.44
N PRO UA 438 -107.14 11.28 23.08
CA PRO UA 438 -108.25 11.11 22.16
C PRO UA 438 -107.86 10.51 20.81
N ASP UA 439 -106.71 10.89 20.25
CA ASP UA 439 -106.25 10.31 18.98
C ASP UA 439 -105.77 8.88 19.12
N TYR UA 440 -105.12 8.50 20.22
CA TYR UA 440 -104.83 7.11 20.50
C TYR UA 440 -106.12 6.29 20.54
N ILE UA 441 -107.18 6.80 21.18
CA ILE UA 441 -108.47 6.14 21.27
C ILE UA 441 -109.13 6.02 19.90
N LYS UA 442 -109.17 7.09 19.10
CA LYS UA 442 -109.67 7.04 17.73
C LYS UA 442 -108.91 6.04 16.86
N ARG UA 443 -107.57 6.05 16.89
CA ARG UA 443 -106.75 5.13 16.07
C ARG UA 443 -106.92 3.68 16.57
N THR UA 444 -107.18 3.48 17.86
CA THR UA 444 -107.45 2.15 18.42
C THR UA 444 -108.77 1.56 17.91
N GLN UA 445 -109.76 2.41 17.56
CA GLN UA 445 -111.04 1.95 16.93
C GLN UA 445 -111.86 0.99 17.81
N ASN UA 446 -111.60 0.95 19.12
CA ASN UA 446 -112.39 0.12 20.06
C ASN UA 446 -113.71 0.79 20.49
N PHE UA 447 -113.98 2.01 20.03
CA PHE UA 447 -115.23 2.74 20.25
C PHE UA 447 -115.88 3.14 18.93
N ALA UA 448 -117.21 3.32 18.92
CA ALA UA 448 -117.91 3.85 17.76
C ALA UA 448 -117.40 5.27 17.45
N LEU UA 449 -116.98 5.49 16.21
CA LEU UA 449 -115.95 6.50 15.90
C LEU UA 449 -116.38 7.96 16.13
N VAL UA 450 -117.69 8.24 16.10
CA VAL UA 450 -118.18 9.62 16.01
C VAL UA 450 -118.08 10.37 17.34
N ASP UA 451 -117.58 11.61 17.29
CA ASP UA 451 -117.37 12.44 18.52
C ASP UA 451 -118.66 12.66 19.31
N THR UA 452 -119.81 12.59 18.65
CA THR UA 452 -121.10 12.86 19.32
C THR UA 452 -121.56 11.73 20.25
N ASN UA 453 -120.96 10.54 20.15
CA ASN UA 453 -121.45 9.36 20.85
C ASN UA 453 -120.66 9.02 22.11
N TYR UA 454 -119.62 9.80 22.44
CA TYR UA 454 -118.80 9.62 23.64
C TYR UA 454 -118.55 10.95 24.34
N ILE UA 455 -118.22 10.88 25.63
CA ILE UA 455 -117.72 11.98 26.45
C ILE UA 455 -116.39 11.53 27.05
N LEU UA 456 -115.45 12.46 27.13
CA LEU UA 456 -114.22 12.34 27.89
C LEU UA 456 -114.44 12.81 29.33
N VAL UA 457 -114.01 11.99 30.28
CA VAL UA 457 -114.17 12.15 31.73
C VAL UA 457 -112.79 12.00 32.37
N ASP UA 458 -112.42 12.86 33.30
CA ASP UA 458 -111.12 12.76 33.98
C ASP UA 458 -111.21 13.09 35.47
N HIS UA 459 -110.37 12.44 36.27
CA HIS UA 459 -110.22 12.71 37.70
C HIS UA 459 -108.91 13.45 37.95
N CYS UA 460 -108.95 14.50 38.76
CA CYS UA 460 -107.77 15.28 39.13
C CYS UA 460 -107.99 15.90 40.52
N PRO UA 461 -107.27 15.45 41.56
CA PRO UA 461 -107.31 16.06 42.89
C PRO UA 461 -106.91 17.54 42.96
N TYR UA 462 -106.23 18.06 41.93
CA TYR UA 462 -105.38 19.24 42.05
C TYR UA 462 -106.01 20.54 41.54
N THR UA 463 -107.25 20.54 41.07
CA THR UA 463 -108.01 21.79 40.92
C THR UA 463 -108.35 22.37 42.30
N ASN UA 464 -108.42 23.71 42.41
CA ASN UA 464 -108.63 24.36 43.71
C ASN UA 464 -110.05 24.14 44.26
N PRO UA 465 -111.13 24.46 43.52
CA PRO UA 465 -112.41 23.77 43.68
C PRO UA 465 -112.31 22.36 43.07
N GLU UA 466 -113.25 21.48 43.37
CA GLU UA 466 -113.25 20.11 42.84
C GLU UA 466 -114.64 19.64 42.42
N LYS UA 467 -114.66 18.66 41.53
CA LYS UA 467 -115.78 17.75 41.25
C LYS UA 467 -115.20 16.35 41.07
N THR UA 468 -115.92 15.30 41.49
CA THR UA 468 -115.33 13.95 41.63
C THR UA 468 -114.73 13.47 40.30
N PRO UA 469 -115.50 13.30 39.21
CA PRO UA 469 -114.98 13.45 37.86
C PRO UA 469 -115.17 14.89 37.36
N PHE UA 470 -114.46 15.18 36.27
CA PHE UA 470 -114.66 16.45 35.53
C PHE UA 470 -115.22 16.08 34.18
N ILE UA 471 -116.12 16.88 33.61
CA ILE UA 471 -116.61 16.64 32.22
C ILE UA 471 -116.21 17.90 31.46
N PRO UA 472 -114.91 18.10 31.08
CA PRO UA 472 -114.51 19.37 30.50
C PRO UA 472 -115.43 19.80 29.36
N LEU UA 473 -115.74 21.09 29.26
CA LEU UA 473 -116.52 21.65 28.16
C LEU UA 473 -115.82 22.89 27.62
N SER UA 474 -115.81 23.05 26.30
CA SER UA 474 -115.14 24.19 25.66
C SER UA 474 -115.94 25.47 25.88
N THR UA 475 -115.23 26.60 25.95
CA THR UA 475 -115.84 27.94 26.05
C THR UA 475 -116.87 28.17 24.95
N SER UA 476 -116.68 27.62 23.75
CA SER UA 476 -117.68 27.68 22.67
C SER UA 476 -119.02 27.04 23.04
N PHE UA 477 -119.04 25.86 23.67
CA PHE UA 477 -120.28 25.22 24.12
C PHE UA 477 -120.90 25.91 25.34
N ILE UA 478 -120.06 26.44 26.24
CA ILE UA 478 -120.46 27.27 27.37
C ILE UA 478 -121.00 28.65 26.93
N GLU UA 479 -120.70 29.08 25.70
CA GLU UA 479 -121.16 30.33 25.08
C GLU UA 479 -122.16 30.12 23.92
N GLY UA 480 -122.64 28.90 23.69
CA GLY UA 480 -123.64 28.65 22.65
C GLY UA 480 -123.15 28.87 21.22
N ARG UA 481 -122.04 28.19 20.86
CA ARG UA 481 -121.41 28.37 19.52
C ARG UA 481 -120.78 27.04 19.05
N SER UA 482 -120.63 26.88 17.72
CA SER UA 482 -120.07 25.63 17.16
C SER UA 482 -118.61 25.37 17.58
N PRO UA 483 -118.14 24.11 17.62
CA PRO UA 483 -116.88 23.71 18.24
C PRO UA 483 -115.64 24.54 17.89
N TYR UA 484 -115.50 24.98 16.63
CA TYR UA 484 -114.41 25.84 16.15
C TYR UA 484 -114.95 27.06 15.37
N SER UA 485 -115.99 27.71 15.87
CA SER UA 485 -116.61 28.89 15.24
C SER UA 485 -116.18 30.19 15.92
N PRO UA 486 -115.91 31.28 15.17
CA PRO UA 486 -115.41 32.53 15.72
C PRO UA 486 -116.41 33.20 16.68
N SER UA 487 -115.88 33.83 17.74
CA SER UA 487 -116.63 34.38 18.87
C SER UA 487 -117.67 35.44 18.51
N ASP UA 488 -117.61 36.03 17.30
CA ASP UA 488 -118.64 37.01 16.84
C ASP UA 488 -119.99 36.30 16.71
N THR UA 489 -119.98 34.98 16.52
CA THR UA 489 -121.18 34.16 16.39
C THR UA 489 -121.81 33.89 17.77
N HIS UA 490 -123.15 33.88 17.87
CA HIS UA 490 -123.89 33.65 19.14
C HIS UA 490 -124.94 32.56 18.97
N GLU UA 491 -124.78 31.65 18.01
CA GLU UA 491 -125.62 30.47 17.77
C GLU UA 491 -124.79 29.35 17.15
N PRO UA 492 -125.11 28.07 17.40
CA PRO UA 492 -124.59 26.98 16.60
C PRO UA 492 -125.01 27.10 15.11
N ASP UA 493 -124.21 26.56 14.20
CA ASP UA 493 -124.61 26.26 12.82
C ASP UA 493 -125.61 25.09 12.79
N GLU UA 494 -126.47 24.96 11.77
CA GLU UA 494 -127.64 24.07 11.79
C GLU UA 494 -127.36 22.63 12.25
N GLU UA 495 -126.25 22.03 11.81
CA GLU UA 495 -125.87 20.68 12.22
C GLU UA 495 -125.43 20.58 13.69
N ASP UA 496 -124.93 21.67 14.28
CA ASP UA 496 -124.69 21.80 15.72
C ASP UA 496 -125.89 22.39 16.48
N GLN UA 497 -126.89 22.98 15.79
CA GLN UA 497 -128.17 23.31 16.43
C GLN UA 497 -128.93 22.03 16.77
N ASN UA 498 -128.86 21.03 15.88
CA ASN UA 498 -129.09 19.63 16.20
C ASN UA 498 -127.92 19.07 17.06
N ARG UA 499 -128.25 18.00 17.81
CA ARG UA 499 -127.27 17.29 18.66
C ARG UA 499 -126.60 18.28 19.62
N TRP UA 500 -127.32 19.29 20.14
CA TRP UA 500 -126.75 20.30 21.08
C TRP UA 500 -126.73 19.74 22.50
N TYR UA 501 -125.87 18.78 22.77
CA TYR UA 501 -125.75 18.11 24.07
C TYR UA 501 -124.29 17.72 24.36
N PRO UA 502 -123.89 17.50 25.64
CA PRO UA 502 -122.54 17.11 26.00
C PRO UA 502 -122.00 15.91 25.22
N CYS UA 503 -120.91 16.12 24.49
CA CYS UA 503 -120.15 15.06 23.80
C CYS UA 503 -118.75 15.57 23.46
N TYR UA 504 -117.84 14.66 23.13
CA TYR UA 504 -116.42 14.93 22.89
C TYR UA 504 -116.18 16.04 21.86
N GLN UA 505 -117.06 16.20 20.87
CA GLN UA 505 -116.93 17.28 19.85
C GLN UA 505 -116.90 18.66 20.51
N TYR UA 506 -117.66 18.87 21.58
CA TYR UA 506 -117.67 20.13 22.32
C TYR UA 506 -116.59 20.22 23.40
N GLN UA 507 -115.90 19.12 23.73
CA GLN UA 507 -114.84 19.11 24.75
C GLN UA 507 -113.45 19.45 24.19
N GLN UA 508 -113.26 19.35 22.88
CA GLN UA 508 -111.93 19.37 22.24
C GLN UA 508 -111.06 20.58 22.62
N GLU UA 509 -111.59 21.79 22.56
CA GLU UA 509 -110.82 22.99 22.86
C GLU UA 509 -110.43 23.07 24.34
N SER UA 510 -111.27 22.54 25.25
CA SER UA 510 -110.94 22.53 26.68
C SER UA 510 -109.75 21.61 27.00
N ILE UA 511 -109.69 20.40 26.44
CA ILE UA 511 -108.56 19.51 26.69
C ILE UA 511 -107.30 19.97 25.94
N ASN UA 512 -107.44 20.63 24.78
CA ASN UA 512 -106.31 21.31 24.17
C ASN UA 512 -105.78 22.41 25.08
N SER UA 513 -106.66 23.20 25.69
CA SER UA 513 -106.27 24.26 26.63
C SER UA 513 -105.55 23.72 27.88
N ILE UA 514 -105.98 22.57 28.41
CA ILE UA 514 -105.24 21.89 29.48
C ILE UA 514 -103.86 21.42 28.99
N CYS UA 515 -103.74 20.85 27.79
CA CYS UA 515 -102.44 20.48 27.24
C CYS UA 515 -101.52 21.68 27.00
N LEU UA 516 -102.05 22.81 26.54
CA LEU UA 516 -101.34 24.07 26.41
C LEU UA 516 -100.82 24.61 27.75
N SER UA 517 -101.39 24.22 28.88
CA SER UA 517 -100.81 24.58 30.18
C SER UA 517 -99.48 23.86 30.44
N GLY UA 518 -99.20 22.75 29.76
CA GLY UA 518 -97.96 21.99 29.90
C GLY UA 518 -96.76 22.65 29.21
N PRO UA 519 -95.53 22.30 29.63
CA PRO UA 519 -94.31 22.89 29.09
C PRO UA 519 -94.03 22.49 27.64
N GLY UA 520 -93.24 23.31 26.95
CA GLY UA 520 -92.79 23.14 25.58
C GLY UA 520 -93.83 23.47 24.50
N THR UA 521 -95.10 23.64 24.86
CA THR UA 521 -96.18 23.90 23.90
C THR UA 521 -96.04 25.30 23.28
N PRO UA 522 -96.07 25.44 21.95
CA PRO UA 522 -95.75 26.69 21.26
C PRO UA 522 -96.82 27.78 21.39
N LYS UA 523 -96.40 29.03 21.18
CA LYS UA 523 -97.26 30.21 21.02
C LYS UA 523 -97.43 30.50 19.53
N ILE UA 524 -98.65 30.41 19.00
CA ILE UA 524 -98.93 30.71 17.59
C ILE UA 524 -99.99 31.81 17.54
N PRO UA 525 -99.74 32.98 16.93
CA PRO UA 525 -100.76 34.03 16.82
C PRO UA 525 -102.02 33.55 16.11
N LYS UA 526 -103.19 34.02 16.54
CA LYS UA 526 -104.47 33.65 15.92
C LYS UA 526 -104.49 34.08 14.45
N GLY UA 527 -104.96 33.18 13.58
CA GLY UA 527 -104.96 33.35 12.12
C GLY UA 527 -103.65 32.96 11.42
N ILE UA 528 -102.60 32.54 12.15
CA ILE UA 528 -101.37 32.00 11.58
C ILE UA 528 -101.38 30.48 11.71
N THR UA 529 -101.01 29.77 10.65
CA THR UA 529 -100.79 28.33 10.67
C THR UA 529 -99.29 28.06 10.58
N ALA UA 530 -98.74 27.38 11.58
CA ALA UA 530 -97.37 26.91 11.55
C ALA UA 530 -97.29 25.59 10.79
N GLU UA 531 -96.19 25.34 10.10
CA GLU UA 531 -96.02 24.18 9.21
C GLU UA 531 -94.60 23.64 9.36
N ALA UA 532 -94.40 22.36 9.08
CA ALA UA 532 -93.06 21.77 8.96
C ALA UA 532 -93.04 20.77 7.81
N LYS UA 533 -91.90 20.63 7.15
CA LYS UA 533 -91.71 19.70 6.04
C LYS UA 533 -90.36 19.01 6.09
N VAL UA 534 -90.31 17.81 5.53
CA VAL UA 534 -89.09 17.06 5.26
C VAL UA 534 -89.01 16.80 3.75
N LYS UA 535 -87.81 16.80 3.18
CA LYS UA 535 -87.57 16.26 1.85
C LYS UA 535 -86.98 14.87 2.00
N TYR UA 536 -87.57 13.88 1.37
CA TYR UA 536 -87.13 12.49 1.43
C TYR UA 536 -86.54 12.04 0.11
N SER UA 537 -85.67 11.04 0.19
CA SER UA 537 -85.17 10.29 -0.95
C SER UA 537 -85.02 8.83 -0.55
N PHE UA 538 -85.97 7.98 -0.95
CA PHE UA 538 -85.89 6.53 -0.74
C PHE UA 538 -85.13 5.88 -1.88
N ASN UA 539 -84.17 5.03 -1.57
CA ASN UA 539 -83.31 4.40 -2.57
C ASN UA 539 -83.78 2.96 -2.83
N PHE UA 540 -84.12 2.68 -4.07
CA PHE UA 540 -84.56 1.36 -4.54
C PHE UA 540 -83.75 0.96 -5.76
N LYS UA 541 -83.72 -0.33 -6.04
CA LYS UA 541 -83.40 -0.87 -7.35
C LYS UA 541 -84.58 -1.69 -7.82
N TRP UA 542 -84.87 -1.67 -9.11
CA TRP UA 542 -85.86 -2.51 -9.76
C TRP UA 542 -85.15 -3.60 -10.56
N GLY UA 543 -85.60 -4.84 -10.47
CA GLY UA 543 -84.95 -5.98 -11.10
C GLY UA 543 -85.89 -6.77 -11.98
N GLY UA 544 -85.37 -7.32 -13.07
CA GLY UA 544 -86.16 -8.18 -13.96
C GLY UA 544 -85.38 -8.68 -15.17
N ASP UA 545 -86.05 -9.50 -15.96
CA ASP UA 545 -85.64 -9.77 -17.35
C ASP UA 545 -85.88 -8.54 -18.23
N LEU UA 546 -85.16 -8.45 -19.35
CA LEU UA 546 -85.19 -7.27 -20.23
C LEU UA 546 -86.60 -6.98 -20.76
N PRO UA 547 -87.11 -5.75 -20.66
CA PRO UA 547 -88.44 -5.38 -21.12
C PRO UA 547 -88.50 -5.06 -22.62
N PRO UA 548 -89.70 -5.02 -23.22
CA PRO UA 548 -89.93 -4.54 -24.59
C PRO UA 548 -89.88 -2.99 -24.69
N MET UA 549 -89.85 -2.45 -25.91
CA MET UA 549 -89.74 -1.01 -26.20
C MET UA 549 -90.36 -0.66 -27.56
N SER UA 550 -90.69 0.62 -27.82
CA SER UA 550 -91.26 1.10 -29.10
C SER UA 550 -90.64 2.42 -29.59
N THR UA 551 -90.88 2.75 -30.87
CA THR UA 551 -90.17 3.82 -31.61
C THR UA 551 -91.12 4.70 -32.42
N ILE UA 552 -90.64 5.88 -32.83
CA ILE UA 552 -91.40 6.95 -33.49
C ILE UA 552 -90.84 7.20 -34.90
N THR UA 553 -91.69 7.53 -35.88
CA THR UA 553 -91.25 7.84 -37.26
C THR UA 553 -90.25 9.00 -37.28
N ASN UA 554 -89.25 8.95 -38.14
CA ASN UA 554 -88.31 10.07 -38.30
C ASN UA 554 -88.93 11.32 -38.96
N PRO UA 555 -89.74 11.23 -40.04
CA PRO UA 555 -90.25 12.42 -40.72
C PRO UA 555 -91.19 13.24 -39.85
N THR UA 556 -92.11 12.61 -39.12
CA THR UA 556 -93.02 13.32 -38.19
C THR UA 556 -92.41 13.29 -36.81
N ASP UA 557 -91.41 14.15 -36.54
CA ASP UA 557 -90.70 14.15 -35.24
C ASP UA 557 -90.31 15.59 -34.90
N GLN UA 558 -89.70 15.82 -33.73
CA GLN UA 558 -89.28 17.18 -33.30
C GLN UA 558 -88.65 17.89 -34.51
N PRO UA 559 -89.25 18.95 -35.07
CA PRO UA 559 -88.72 19.59 -36.26
C PRO UA 559 -87.63 20.61 -35.95
N THR UA 560 -86.60 20.69 -36.79
CA THR UA 560 -85.53 21.69 -36.59
C THR UA 560 -86.11 23.10 -36.75
N TYR UA 561 -85.50 24.11 -36.10
CA TYR UA 561 -85.98 25.50 -36.17
C TYR UA 561 -86.12 26.01 -37.62
N VAL UA 562 -85.30 25.50 -38.54
CA VAL UA 562 -85.34 25.79 -39.98
C VAL UA 562 -86.71 25.41 -40.57
N LYS VA 48 -48.73 53.72 -15.94
CA LYS VA 48 -49.26 54.45 -14.76
C LYS VA 48 -48.77 55.89 -14.73
N ARG VA 49 -47.48 56.13 -14.49
CA ARG VA 49 -46.84 57.46 -14.57
C ARG VA 49 -45.48 57.38 -15.24
N LEU VA 50 -45.14 58.40 -16.02
CA LEU VA 50 -43.90 58.47 -16.81
C LEU VA 50 -43.08 59.69 -16.44
N ASN VA 51 -41.76 59.58 -16.55
CA ASN VA 51 -40.88 60.74 -16.51
C ASN VA 51 -41.15 61.65 -17.72
N ILE VA 52 -41.22 62.96 -17.51
CA ILE VA 52 -41.20 63.93 -18.60
C ILE VA 52 -39.78 63.98 -19.18
N VAL VA 53 -39.67 63.94 -20.50
CA VAL VA 53 -38.42 63.89 -21.25
C VAL VA 53 -38.39 65.02 -22.26
N GLU VA 54 -37.23 65.61 -22.49
CA GLU VA 54 -36.99 66.63 -23.49
C GLU VA 54 -35.93 66.16 -24.48
N TRP VA 55 -36.05 66.55 -25.76
CA TRP VA 55 -35.05 66.25 -26.76
C TRP VA 55 -34.04 67.39 -26.87
N GLN VA 56 -32.78 67.03 -26.66
CA GLN VA 56 -31.68 68.02 -26.60
C GLN VA 56 -31.53 68.75 -27.94
N PRO VA 57 -31.26 70.06 -27.91
CA PRO VA 57 -31.13 70.86 -29.13
C PRO VA 57 -29.87 70.53 -29.92
N LYS VA 58 -29.86 70.88 -31.21
CA LYS VA 58 -28.87 70.42 -32.19
C LYS VA 58 -27.44 70.86 -31.87
N SER VA 59 -27.24 72.08 -31.39
CA SER VA 59 -25.94 72.58 -30.92
C SER VA 59 -26.06 73.25 -29.56
N ILE VA 60 -25.08 73.01 -28.69
CA ILE VA 60 -25.06 73.46 -27.29
C ILE VA 60 -23.70 74.09 -26.97
N ARG VA 61 -23.69 75.22 -26.26
CA ARG VA 61 -22.43 75.91 -25.86
C ARG VA 61 -22.46 76.41 -24.40
N LYS VA 62 -21.70 75.78 -23.50
CA LYS VA 62 -21.59 76.20 -22.09
C LYS VA 62 -21.04 77.64 -22.00
N CYS VA 63 -21.61 78.44 -21.10
CA CYS VA 63 -21.16 79.80 -20.82
C CYS VA 63 -21.23 80.08 -19.32
N ARG VA 64 -20.07 80.43 -18.73
CA ARG VA 64 -20.01 80.87 -17.31
C ARG VA 64 -19.93 82.41 -17.26
N ILE VA 65 -21.03 83.07 -16.89
CA ILE VA 65 -21.03 84.53 -16.74
C ILE VA 65 -20.31 84.84 -15.43
N LYS VA 66 -19.05 85.29 -15.52
CA LYS VA 66 -18.14 85.51 -14.38
C LYS VA 66 -17.94 86.98 -14.13
N GLY VA 67 -18.01 87.43 -12.89
CA GLY VA 67 -17.81 88.84 -12.56
C GLY VA 67 -17.77 89.13 -11.07
N MET VA 68 -17.75 90.41 -10.74
CA MET VA 68 -17.63 90.91 -9.37
C MET VA 68 -18.82 91.81 -9.03
N LEU VA 69 -19.45 91.63 -7.88
CA LEU VA 69 -20.61 92.41 -7.43
C LEU VA 69 -20.30 93.10 -6.10
N CYS VA 70 -20.53 94.40 -6.02
CA CYS VA 70 -20.44 95.14 -4.77
C CYS VA 70 -21.67 94.88 -3.89
N LEU VA 71 -21.47 94.37 -2.67
CA LEU VA 71 -22.57 94.05 -1.74
C LEU VA 71 -23.04 95.29 -0.99
N PHE VA 72 -22.13 96.12 -0.52
CA PHE VA 72 -22.40 97.45 0.02
C PHE VA 72 -21.13 98.29 -0.09
N GLN VA 73 -21.29 99.60 -0.04
CA GLN VA 73 -20.20 100.50 0.30
C GLN VA 73 -20.77 101.62 1.16
N THR VA 74 -20.24 101.77 2.37
CA THR VA 74 -20.90 102.50 3.46
C THR VA 74 -19.94 103.36 4.26
N THR VA 75 -20.43 104.50 4.72
CA THR VA 75 -19.89 105.25 5.85
C THR VA 75 -20.74 104.98 7.08
N GLU VA 76 -20.35 105.45 8.26
CA GLU VA 76 -21.11 105.27 9.51
C GLU VA 76 -22.51 105.91 9.47
N ASP VA 77 -22.63 107.08 8.83
CA ASP VA 77 -23.88 107.84 8.70
C ASP VA 77 -24.86 107.29 7.65
N ARG VA 78 -24.50 106.20 6.98
CA ARG VA 78 -25.35 105.49 6.03
C ARG VA 78 -25.60 104.01 6.37
N LEU VA 79 -25.18 103.53 7.55
CA LEU VA 79 -25.26 102.12 7.89
C LEU VA 79 -26.69 101.54 7.90
N SER VA 80 -27.68 102.33 8.32
CA SER VA 80 -29.07 101.87 8.39
C SER VA 80 -29.85 101.93 7.07
N TYR VA 81 -29.21 102.31 5.96
CA TYR VA 81 -29.85 102.49 4.65
C TYR VA 81 -29.42 101.44 3.64
N ASN VA 82 -30.30 101.14 2.68
CA ASN VA 82 -30.07 100.21 1.59
C ASN VA 82 -29.12 100.81 0.54
N PHE VA 83 -28.02 100.12 0.23
CA PHE VA 83 -27.12 100.45 -0.86
C PHE VA 83 -27.69 100.04 -2.22
N ASP VA 84 -27.98 101.02 -3.06
CA ASP VA 84 -28.15 100.85 -4.50
C ASP VA 84 -26.95 101.44 -5.21
N MET VA 85 -26.32 100.67 -6.10
CA MET VA 85 -25.16 101.14 -6.88
C MET VA 85 -25.58 102.11 -7.98
N TYR VA 86 -26.81 101.98 -8.47
CA TYR VA 86 -27.44 102.85 -9.46
C TYR VA 86 -28.50 103.69 -8.77
N GLU VA 87 -28.21 104.98 -8.62
CA GLU VA 87 -28.69 105.83 -7.54
C GLU VA 87 -29.99 106.62 -7.79
N GLU VA 88 -30.62 107.05 -6.70
CA GLU VA 88 -31.44 108.27 -6.73
C GLU VA 88 -30.43 109.44 -6.76
N SER VA 89 -30.42 110.23 -7.83
CA SER VA 89 -29.26 111.04 -8.27
C SER VA 89 -28.66 112.01 -7.25
N ILE VA 90 -29.38 112.35 -6.19
CA ILE VA 90 -28.89 113.16 -5.07
C ILE VA 90 -28.00 112.37 -4.09
N ILE VA 91 -28.23 111.05 -3.90
CA ILE VA 91 -27.54 110.25 -2.88
C ILE VA 91 -26.02 110.29 -3.04
N PRO VA 92 -25.40 110.03 -4.22
CA PRO VA 92 -23.94 110.05 -4.32
C PRO VA 92 -23.33 111.46 -4.27
N GLU VA 93 -24.12 112.53 -4.35
CA GLU VA 93 -23.58 113.89 -4.24
C GLU VA 93 -23.08 114.15 -2.82
N LYS VA 94 -21.76 114.21 -2.65
CA LYS VA 94 -21.07 114.36 -1.37
C LYS VA 94 -21.33 113.23 -0.36
N LEU VA 95 -21.67 112.01 -0.82
CA LEU VA 95 -21.56 110.78 -0.03
C LEU VA 95 -20.69 109.73 -0.75
N PRO VA 96 -19.60 109.24 -0.15
CA PRO VA 96 -18.73 108.24 -0.77
C PRO VA 96 -19.29 106.80 -0.67
N GLY VA 97 -20.27 106.54 0.20
CA GLY VA 97 -20.97 105.27 0.30
C GLY VA 97 -22.43 105.45 0.67
N GLY VA 98 -23.35 104.80 -0.06
CA GLY VA 98 -24.78 105.08 0.02
C GLY VA 98 -25.57 104.27 1.05
N GLY VA 99 -25.04 103.14 1.54
CA GLY VA 99 -25.81 102.27 2.43
C GLY VA 99 -25.02 101.10 3.00
N GLY VA 100 -25.38 100.64 4.19
CA GLY VA 100 -24.67 99.58 4.92
C GLY VA 100 -25.30 98.20 4.82
N PHE VA 101 -26.43 98.07 4.12
CA PHE VA 101 -27.00 96.77 3.78
C PHE VA 101 -27.50 96.83 2.34
N SER VA 102 -27.67 95.70 1.68
CA SER VA 102 -28.40 95.67 0.41
C SER VA 102 -29.23 94.41 0.27
N ILE VA 103 -30.26 94.51 -0.57
CA ILE VA 103 -30.92 93.36 -1.18
C ILE VA 103 -30.66 93.44 -2.68
N LYS VA 104 -29.99 92.43 -3.23
CA LYS VA 104 -29.68 92.28 -4.65
C LYS VA 104 -30.58 91.21 -5.24
N ASN VA 105 -31.25 91.48 -6.35
CA ASN VA 105 -31.85 90.44 -7.20
C ASN VA 105 -31.04 90.32 -8.49
N ILE VA 106 -30.62 89.11 -8.84
CA ILE VA 106 -29.86 88.83 -10.05
C ILE VA 106 -30.73 88.10 -11.07
N SER VA 107 -30.76 88.60 -12.29
CA SER VA 107 -31.43 87.99 -13.44
C SER VA 107 -30.50 88.03 -14.64
N LEU VA 108 -30.73 87.20 -15.64
CA LEU VA 108 -29.93 87.17 -16.86
C LEU VA 108 -29.90 88.53 -17.57
N TYR VA 109 -30.98 89.32 -17.50
CA TYR VA 109 -30.97 90.69 -17.99
C TYR VA 109 -30.12 91.63 -17.13
N ALA VA 110 -30.15 91.50 -15.81
CA ALA VA 110 -29.23 92.24 -14.94
C ALA VA 110 -27.76 91.84 -15.17
N LEU VA 111 -27.46 90.58 -15.44
CA LEU VA 111 -26.13 90.14 -15.85
C LEU VA 111 -25.70 90.76 -17.18
N TYR VA 112 -26.60 90.86 -18.17
CA TYR VA 112 -26.33 91.61 -19.39
C TYR VA 112 -26.10 93.09 -19.13
N GLN VA 113 -26.87 93.74 -18.25
CA GLN VA 113 -26.62 95.14 -17.89
C GLN VA 113 -25.27 95.33 -17.20
N GLU VA 114 -24.84 94.41 -16.34
CA GLU VA 114 -23.50 94.44 -15.76
C GLU VA 114 -22.40 94.24 -16.81
N HIS VA 115 -22.70 93.56 -17.93
CA HIS VA 115 -21.74 93.41 -19.06
C HIS VA 115 -21.59 94.74 -19.80
N ILE VA 116 -22.65 95.56 -19.86
CA ILE VA 116 -22.57 96.92 -20.44
C ILE VA 116 -21.71 97.85 -19.59
N HIS VA 117 -21.70 97.67 -18.26
CA HIS VA 117 -20.76 98.34 -17.35
C HIS VA 117 -19.35 97.73 -17.33
N ALA VA 118 -19.10 96.69 -18.13
CA ALA VA 118 -17.86 95.91 -18.13
C ALA VA 118 -17.54 95.24 -16.79
N HIS VA 119 -18.54 94.96 -15.95
CA HIS VA 119 -18.35 94.34 -14.64
C HIS VA 119 -18.27 92.81 -14.70
N ASN VA 120 -18.59 92.19 -15.84
CA ASN VA 120 -18.48 90.75 -16.04
C ASN VA 120 -18.04 90.39 -17.45
N ILE VA 121 -17.64 89.13 -17.61
CA ILE VA 121 -17.39 88.48 -18.90
C ILE VA 121 -18.43 87.39 -19.12
N PHE VA 122 -18.81 87.16 -20.37
CA PHE VA 122 -19.53 85.96 -20.79
C PHE VA 122 -18.50 85.04 -21.47
N THR VA 123 -18.31 83.84 -20.93
CA THR VA 123 -17.30 82.89 -21.46
C THR VA 123 -17.60 82.44 -22.89
N HIS VA 124 -18.87 82.50 -23.27
CA HIS VA 124 -19.29 82.22 -24.67
C HIS VA 124 -20.43 83.18 -24.99
N THR VA 125 -20.45 83.79 -26.17
CA THR VA 125 -21.56 84.62 -26.63
C THR VA 125 -22.82 83.80 -26.85
N ASN VA 126 -23.96 84.49 -26.86
CA ASN VA 126 -25.30 83.92 -27.01
C ASN VA 126 -26.02 84.41 -28.28
N THR VA 127 -25.31 85.04 -29.23
CA THR VA 127 -25.95 85.86 -30.28
C THR VA 127 -26.88 85.08 -31.21
N ASP VA 128 -26.56 83.82 -31.50
CA ASP VA 128 -27.27 83.00 -32.49
C ASP VA 128 -27.80 81.68 -31.93
N ARG VA 129 -27.86 81.57 -30.59
CA ARG VA 129 -28.44 80.39 -29.88
C ARG VA 129 -29.50 80.97 -28.94
N PRO VA 130 -30.81 80.91 -29.25
CA PRO VA 130 -31.85 81.61 -28.50
C PRO VA 130 -32.33 80.89 -27.25
N LEU VA 131 -32.05 79.59 -27.11
CA LEU VA 131 -32.40 78.82 -25.92
C LEU VA 131 -31.35 78.98 -24.82
N ALA VA 132 -31.78 78.88 -23.57
CA ALA VA 132 -30.93 78.88 -22.40
C ALA VA 132 -31.31 77.76 -21.44
N ARG VA 133 -30.30 77.20 -20.76
CA ARG VA 133 -30.48 76.14 -19.74
C ARG VA 133 -29.63 76.50 -18.51
N TYR VA 134 -30.19 77.23 -17.53
CA TYR VA 134 -29.51 77.66 -16.32
C TYR VA 134 -29.27 76.48 -15.37
N THR VA 135 -28.04 76.34 -14.87
CA THR VA 135 -27.61 75.17 -14.09
C THR VA 135 -27.30 75.51 -12.62
N GLY VA 136 -27.25 76.79 -12.26
CA GLY VA 136 -26.92 77.25 -10.91
C GLY VA 136 -25.77 78.24 -10.87
N CYS VA 137 -25.38 78.63 -9.69
CA CYS VA 137 -24.40 79.68 -9.44
C CYS VA 137 -23.32 79.24 -8.46
N SER VA 138 -22.10 79.72 -8.62
CA SER VA 138 -21.07 79.73 -7.58
C SER VA 138 -20.82 81.14 -7.11
N LEU VA 139 -20.81 81.36 -5.80
CA LEU VA 139 -20.41 82.63 -5.19
C LEU VA 139 -19.12 82.44 -4.39
N LYS VA 140 -18.17 83.37 -4.48
CA LYS VA 140 -17.04 83.52 -3.57
C LYS VA 140 -17.17 84.85 -2.86
N PHE VA 141 -17.40 84.82 -1.56
CA PHE VA 141 -17.52 86.01 -0.72
C PHE VA 141 -16.17 86.32 -0.12
N TYR VA 142 -15.63 87.51 -0.35
CA TYR VA 142 -14.29 87.86 0.13
C TYR VA 142 -14.34 88.54 1.49
N GLN VA 143 -13.39 88.23 2.36
CA GLN VA 143 -13.15 89.02 3.56
C GLN VA 143 -12.78 90.45 3.18
N SER VA 144 -13.51 91.42 3.68
CA SER VA 144 -13.08 92.82 3.59
C SER VA 144 -11.90 93.07 4.53
N LYS VA 145 -11.14 94.13 4.28
CA LYS VA 145 -10.03 94.52 5.16
C LYS VA 145 -10.54 94.95 6.54
N ASP VA 146 -11.49 95.88 6.59
CA ASP VA 146 -11.85 96.62 7.81
C ASP VA 146 -13.21 96.27 8.43
N ILE VA 147 -14.11 95.60 7.69
CA ILE VA 147 -15.51 95.38 8.18
C ILE VA 147 -15.94 93.92 8.02
N ASP VA 148 -16.69 93.40 9.00
CA ASP VA 148 -17.25 92.02 8.91
C ASP VA 148 -18.58 92.17 8.18
N TYR VA 149 -19.25 91.09 7.81
CA TYR VA 149 -20.60 91.23 7.21
C TYR VA 149 -21.34 89.91 7.14
N VAL VA 150 -22.65 89.93 7.36
CA VAL VA 150 -23.52 88.76 7.29
C VAL VA 150 -24.14 88.73 5.91
N VAL VA 151 -24.20 87.57 5.28
CA VAL VA 151 -24.95 87.32 4.06
C VAL VA 151 -26.02 86.28 4.32
N THR VA 152 -27.18 86.42 3.71
CA THR VA 152 -28.06 85.29 3.46
C THR VA 152 -28.69 85.43 2.09
N TYR VA 153 -29.01 84.32 1.43
CA TYR VA 153 -29.51 84.32 0.07
C TYR VA 153 -30.73 83.42 -0.05
N SER VA 154 -31.53 83.68 -1.07
CA SER VA 154 -32.73 82.90 -1.34
C SER VA 154 -32.89 82.68 -2.84
N THR VA 155 -33.65 81.65 -3.23
CA THR VA 155 -33.95 81.39 -4.67
C THR VA 155 -35.42 81.04 -4.84
N SER VA 156 -36.29 81.41 -3.88
CA SER VA 156 -37.74 81.24 -4.08
C SER VA 156 -38.13 82.07 -5.30
N LEU VA 157 -38.47 81.43 -6.43
CA LEU VA 157 -38.76 82.18 -7.68
C LEU VA 157 -39.67 83.38 -7.38
N PRO VA 158 -40.76 83.24 -6.58
CA PRO VA 158 -41.57 84.40 -6.23
C PRO VA 158 -40.70 85.45 -5.57
N LEU VA 159 -40.57 86.64 -6.17
CA LEU VA 159 -39.73 87.73 -5.63
C LEU VA 159 -40.64 88.84 -5.07
N ARG VA 160 -40.43 89.23 -3.81
CA ARG VA 160 -41.22 90.32 -3.18
C ARG VA 160 -40.44 90.89 -1.99
N SER VA 161 -40.79 92.10 -1.54
CA SER VA 161 -40.15 92.75 -0.37
C SER VA 161 -41.14 92.77 0.80
N SER VA 162 -40.65 92.81 2.03
CA SER VA 162 -41.53 92.82 3.23
C SER VA 162 -40.96 93.74 4.30
N MET VA 163 -41.81 94.29 5.17
CA MET VA 163 -41.38 95.13 6.29
C MET VA 163 -40.52 94.35 7.30
N GLY VA 164 -40.88 93.09 7.56
CA GLY VA 164 -40.10 92.18 8.40
C GLY VA 164 -38.76 91.81 7.78
N MET VA 165 -38.66 91.66 6.46
CA MET VA 165 -37.37 91.49 5.79
C MET VA 165 -36.45 92.68 6.04
N TYR VA 166 -36.91 93.91 5.81
CA TYR VA 166 -36.07 95.09 5.98
C TYR VA 166 -35.65 95.31 7.44
N ASN VA 167 -36.53 95.08 8.42
CA ASN VA 167 -36.13 95.12 9.83
C ASN VA 167 -35.12 94.00 10.14
N SER VA 168 -35.33 92.79 9.64
CA SER VA 168 -34.42 91.67 9.87
C SER VA 168 -33.04 91.85 9.25
N MET VA 169 -32.83 92.85 8.38
CA MET VA 169 -31.50 93.25 7.92
C MET VA 169 -30.65 93.89 9.01
N GLN VA 170 -31.22 94.26 10.16
CA GLN VA 170 -30.46 94.82 11.27
C GLN VA 170 -29.36 93.82 11.66
N PRO VA 171 -28.09 94.25 11.84
CA PRO VA 171 -26.98 93.31 11.90
C PRO VA 171 -27.08 92.23 12.96
N SER VA 172 -27.57 92.55 14.15
CA SER VA 172 -27.79 91.57 15.23
C SER VA 172 -28.89 90.57 14.87
N ILE VA 173 -29.98 91.03 14.26
CA ILE VA 173 -31.09 90.16 13.87
C ILE VA 173 -30.71 89.26 12.70
N HIS VA 174 -30.06 89.81 11.68
CA HIS VA 174 -29.55 89.04 10.56
C HIS VA 174 -28.53 87.99 11.02
N LEU VA 175 -27.61 88.35 11.92
CA LEU VA 175 -26.67 87.41 12.52
C LEU VA 175 -27.34 86.28 13.33
N MET VA 176 -28.55 86.45 13.85
CA MET VA 176 -29.27 85.35 14.49
C MET VA 176 -29.97 84.39 13.53
N GLN VA 177 -30.24 84.79 12.29
CA GLN VA 177 -31.02 83.97 11.35
C GLN VA 177 -30.33 82.65 10.99
N GLN VA 178 -31.13 81.63 10.65
CA GLN VA 178 -30.63 80.38 10.11
C GLN VA 178 -30.17 80.52 8.67
N ASN VA 179 -29.19 79.69 8.26
CA ASN VA 179 -28.57 79.74 6.93
C ASN VA 179 -28.00 81.12 6.57
N LYS VA 180 -27.53 81.84 7.59
CA LYS VA 180 -26.61 82.96 7.44
C LYS VA 180 -25.23 82.46 7.01
N LEU VA 181 -24.44 83.35 6.45
CA LEU VA 181 -23.00 83.23 6.30
C LEU VA 181 -22.36 84.47 6.92
N ILE VA 182 -21.46 84.29 7.88
CA ILE VA 182 -20.70 85.40 8.47
C ILE VA 182 -19.33 85.42 7.80
N VAL VA 183 -18.93 86.58 7.31
CA VAL VA 183 -17.60 86.80 6.75
C VAL VA 183 -16.85 87.76 7.67
N PRO VA 184 -15.94 87.27 8.53
CA PRO VA 184 -15.10 88.13 9.33
C PRO VA 184 -14.17 88.94 8.42
N SER VA 185 -13.84 90.15 8.82
CA SER VA 185 -12.78 90.92 8.18
C SER VA 185 -11.42 90.21 8.33
N LYS VA 186 -10.45 90.58 7.49
CA LYS VA 186 -9.07 90.09 7.64
C LYS VA 186 -8.45 90.47 8.98
N GLN VA 187 -8.88 91.59 9.56
CA GLN VA 187 -8.50 92.02 10.90
C GLN VA 187 -9.08 91.12 11.99
N THR VA 188 -10.37 90.76 11.94
CA THR VA 188 -10.98 89.94 13.00
C THR VA 188 -10.63 88.45 12.89
N GLN VA 189 -10.34 87.92 11.70
CA GLN VA 189 -9.84 86.56 11.55
C GLN VA 189 -8.98 86.39 10.29
N LYS VA 190 -7.71 86.03 10.45
CA LYS VA 190 -6.86 85.52 9.37
C LYS VA 190 -7.24 84.08 9.04
N ARG VA 191 -7.37 83.75 7.76
CA ARG VA 191 -7.88 82.46 7.26
C ARG VA 191 -6.92 81.86 6.23
N ARG VA 192 -6.98 80.54 6.04
CA ARG VA 192 -6.23 79.83 4.99
C ARG VA 192 -6.66 80.31 3.60
N LYS VA 193 -7.97 80.26 3.32
CA LYS VA 193 -8.56 80.82 2.09
C LYS VA 193 -9.18 82.18 2.43
N PRO VA 194 -8.89 83.25 1.66
CA PRO VA 194 -9.35 84.60 1.96
C PRO VA 194 -10.82 84.86 1.59
N TYR VA 195 -11.57 83.82 1.27
CA TYR VA 195 -12.95 83.86 0.80
C TYR VA 195 -13.73 82.67 1.31
N ILE VA 196 -15.06 82.77 1.33
CA ILE VA 196 -15.96 81.64 1.56
C ILE VA 196 -16.74 81.36 0.28
N LYS VA 197 -16.69 80.11 -0.19
CA LYS VA 197 -17.26 79.66 -1.47
C LYS VA 197 -18.45 78.78 -1.25
N LYS VA 198 -19.57 79.04 -1.93
CA LYS VA 198 -20.70 78.10 -1.96
C LYS VA 198 -21.50 78.12 -3.24
N HIS VA 199 -22.06 76.97 -3.57
CA HIS VA 199 -22.83 76.70 -4.77
C HIS VA 199 -24.31 76.82 -4.47
N ILE VA 200 -25.05 77.50 -5.34
CA ILE VA 200 -26.46 77.79 -5.18
C ILE VA 200 -27.22 77.19 -6.36
N SER VA 201 -28.21 76.36 -6.08
CA SER VA 201 -29.03 75.67 -7.08
C SER VA 201 -30.03 76.64 -7.74
N PRO VA 202 -30.56 76.39 -8.95
CA PRO VA 202 -31.61 77.22 -9.53
C PRO VA 202 -32.85 77.35 -8.63
N PRO VA 203 -33.68 78.40 -8.81
CA PRO VA 203 -35.01 78.46 -8.23
C PRO VA 203 -35.79 77.17 -8.48
N THR VA 204 -36.61 76.71 -7.53
CA THR VA 204 -37.37 75.46 -7.71
C THR VA 204 -38.31 75.50 -8.92
N GLN VA 205 -38.75 76.72 -9.30
CA GLN VA 205 -39.64 76.94 -10.48
C GLN VA 205 -38.84 76.89 -11.79
N MET VA 206 -37.54 77.15 -11.75
CA MET VA 206 -36.65 76.99 -12.91
C MET VA 206 -36.22 75.52 -12.99
N LYS VA 207 -36.88 74.74 -13.84
CA LYS VA 207 -36.57 73.31 -14.03
C LYS VA 207 -35.34 73.15 -14.92
N SER VA 208 -34.79 71.94 -15.04
CA SER VA 208 -33.60 71.69 -15.86
C SER VA 208 -33.85 71.82 -17.37
N GLN VA 209 -35.10 71.98 -17.81
CA GLN VA 209 -35.46 72.15 -19.22
C GLN VA 209 -34.80 73.37 -19.88
N TRP VA 210 -34.78 73.39 -21.21
CA TRP VA 210 -34.45 74.58 -22.00
C TRP VA 210 -35.59 75.60 -21.95
N TYR VA 211 -35.24 76.88 -21.96
CA TYR VA 211 -36.16 78.01 -22.02
C TYR VA 211 -35.67 79.02 -23.05
N PHE VA 212 -36.54 79.68 -23.80
CA PHE VA 212 -36.13 80.83 -24.59
C PHE VA 212 -35.54 81.92 -23.68
N GLN VA 213 -34.40 82.50 -24.09
CA GLN VA 213 -33.73 83.56 -23.30
C GLN VA 213 -34.64 84.77 -23.14
N HIS VA 214 -35.57 85.03 -24.06
CA HIS VA 214 -36.54 86.15 -23.97
C HIS VA 214 -37.49 85.93 -22.79
N ASN VA 215 -37.87 84.68 -22.52
CA ASN VA 215 -38.79 84.35 -21.44
C ASN VA 215 -38.12 84.47 -20.06
N ILE VA 216 -36.94 83.86 -19.90
CA ILE VA 216 -36.23 83.85 -18.61
C ILE VA 216 -35.41 85.11 -18.32
N ALA VA 217 -35.24 86.03 -19.27
CA ALA VA 217 -34.38 87.21 -19.12
C ALA VA 217 -34.60 87.96 -17.81
N ASN VA 218 -35.86 88.24 -17.44
CA ASN VA 218 -36.21 89.04 -16.28
C ASN VA 218 -36.56 88.22 -15.01
N ILE VA 219 -36.60 86.90 -15.08
CA ILE VA 219 -36.88 86.04 -13.92
C ILE VA 219 -35.72 86.15 -12.92
N PRO VA 220 -35.94 86.57 -11.66
CA PRO VA 220 -34.85 86.72 -10.70
C PRO VA 220 -34.40 85.34 -10.21
N LEU VA 221 -33.16 84.94 -10.56
CA LEU VA 221 -32.65 83.56 -10.27
C LEU VA 221 -31.87 83.50 -8.95
N LEU VA 222 -31.59 84.63 -8.33
CA LEU VA 222 -30.94 84.70 -7.03
C LEU VA 222 -31.29 85.99 -6.31
N MET VA 223 -31.57 85.94 -5.01
CA MET VA 223 -31.54 87.10 -4.12
C MET VA 223 -30.39 86.99 -3.13
N ILE VA 224 -29.56 88.02 -3.00
CA ILE VA 224 -28.53 88.13 -1.96
C ILE VA 224 -28.91 89.26 -1.02
N ARG VA 225 -28.96 88.98 0.28
CA ARG VA 225 -29.14 89.96 1.36
C ARG VA 225 -27.85 90.10 2.14
N THR VA 226 -27.32 91.30 2.28
CA THR VA 226 -26.05 91.53 3.01
C THR VA 226 -26.20 92.70 3.97
N THR VA 227 -25.62 92.61 5.16
CA THR VA 227 -25.57 93.71 6.13
C THR VA 227 -24.16 93.82 6.74
N ALA VA 228 -23.68 95.05 6.91
CA ALA VA 228 -22.40 95.37 7.54
C ALA VA 228 -22.47 95.23 9.06
N LEU VA 229 -21.40 94.74 9.68
CA LEU VA 229 -21.40 94.17 11.02
C LEU VA 229 -20.08 94.50 11.73
N THR VA 230 -20.06 94.51 13.07
CA THR VA 230 -18.81 94.22 13.79
C THR VA 230 -19.03 93.16 14.84
N LEU VA 231 -18.15 92.17 14.88
CA LEU VA 231 -18.12 91.11 15.88
C LEU VA 231 -17.39 91.54 17.17
N ASP VA 232 -16.27 92.26 17.05
CA ASP VA 232 -15.45 92.70 18.20
C ASP VA 232 -15.98 93.94 18.94
N ASN VA 233 -16.84 94.72 18.32
CA ASN VA 233 -17.47 95.92 18.89
C ASN VA 233 -18.99 95.77 18.95
N TYR VA 234 -19.49 94.54 19.07
CA TYR VA 234 -20.91 94.21 18.92
C TYR VA 234 -21.84 95.04 19.79
N TYR VA 235 -21.51 95.26 21.07
CA TYR VA 235 -22.33 96.04 21.98
C TYR VA 235 -22.01 97.52 21.97
N ILE VA 236 -20.72 97.88 22.10
CA ILE VA 236 -20.29 99.28 22.16
C ILE VA 236 -20.52 99.99 20.82
N GLY VA 237 -20.25 99.32 19.71
CA GLY VA 237 -20.42 99.85 18.36
C GLY VA 237 -19.57 101.09 18.16
N SER VA 238 -20.21 102.23 17.93
CA SER VA 238 -19.57 103.55 17.88
C SER VA 238 -20.01 104.50 19.00
N ARG VA 239 -20.53 103.99 20.11
CA ARG VA 239 -20.88 104.74 21.32
C ARG VA 239 -19.71 105.61 21.80
N GLN VA 240 -20.01 106.83 22.21
CA GLN VA 240 -19.08 107.77 22.86
C GLN VA 240 -19.71 108.24 24.18
N LEU VA 241 -18.91 108.35 25.25
CA LEU VA 241 -19.37 108.73 26.59
C LEU VA 241 -20.52 107.81 27.08
N SER VA 242 -21.67 108.35 27.45
CA SER VA 242 -22.82 107.62 27.98
C SER VA 242 -23.43 106.62 26.98
N THR VA 243 -24.12 105.60 27.48
CA THR VA 243 -24.95 104.70 26.64
C THR VA 243 -26.14 105.44 26.01
N ASN VA 244 -26.64 106.49 26.65
CA ASN VA 244 -27.74 107.32 26.14
C ASN VA 244 -27.33 108.08 24.88
N VAL VA 245 -28.20 108.08 23.87
CA VAL VA 245 -28.10 108.93 22.67
C VAL VA 245 -29.11 110.07 22.80
N THR VA 246 -28.74 111.27 22.34
CA THR VA 246 -29.64 112.44 22.35
C THR VA 246 -30.35 112.55 21.01
N ILE VA 247 -31.68 112.61 21.04
CA ILE VA 247 -32.54 112.83 19.87
C ILE VA 247 -33.10 114.25 19.94
N HIS VA 248 -33.02 115.01 18.85
CA HIS VA 248 -33.69 116.32 18.78
C HIS VA 248 -35.09 116.05 18.21
N THR VA 249 -36.12 116.79 18.58
CA THR VA 249 -37.46 116.66 18.01
C THR VA 249 -38.20 118.00 17.95
N LEU VA 250 -39.21 118.09 17.08
CA LEU VA 250 -40.09 119.29 17.05
C LEU VA 250 -41.04 119.17 18.23
N ASN VA 251 -41.12 120.18 19.11
CA ASN VA 251 -42.12 120.16 20.20
C ASN VA 251 -43.46 119.77 19.55
N THR VA 252 -44.12 118.71 20.00
CA THR VA 252 -45.40 118.24 19.44
C THR VA 252 -46.51 119.08 20.03
N THR VA 253 -46.35 119.56 21.25
CA THR VA 253 -47.41 120.28 21.99
C THR VA 253 -47.62 121.72 21.50
N TYR VA 254 -46.84 122.20 20.51
CA TYR VA 254 -46.94 123.56 19.96
C TYR VA 254 -46.82 123.60 18.44
N ILE VA 255 -45.91 122.83 17.84
CA ILE VA 255 -45.69 122.78 16.39
C ILE VA 255 -46.54 121.65 15.78
N GLN VA 256 -47.72 121.92 15.24
CA GLN VA 256 -48.58 120.82 14.72
C GLN VA 256 -49.24 121.13 13.39
N ASN VA 257 -49.22 122.37 12.93
CA ASN VA 257 -50.03 122.70 11.75
C ASN VA 257 -49.53 122.11 10.43
N ARG VA 258 -48.24 121.77 10.32
CA ARG VA 258 -47.65 121.14 9.11
C ARG VA 258 -47.94 121.94 7.82
N ASP VA 259 -48.08 123.27 7.92
CA ASP VA 259 -48.31 124.13 6.74
C ASP VA 259 -47.00 124.71 6.19
N TRP VA 260 -46.06 123.85 5.81
CA TRP VA 260 -44.68 124.25 5.52
C TRP VA 260 -44.36 124.53 4.06
N GLY VA 261 -43.30 125.33 3.85
CA GLY VA 261 -42.65 125.47 2.55
C GLY VA 261 -43.30 126.45 1.58
N ASP VA 262 -43.93 127.52 2.07
CA ASP VA 262 -44.40 128.66 1.27
C ASP VA 262 -43.90 130.00 1.85
N ARG VA 263 -43.53 130.95 0.98
CA ARG VA 263 -43.26 132.35 1.43
C ARG VA 263 -44.57 133.13 1.21
N ASN VA 264 -45.61 132.45 0.68
CA ASN VA 264 -46.91 133.04 0.36
C ASN VA 264 -47.95 132.89 1.49
N LYS VA 265 -47.52 132.49 2.70
CA LYS VA 265 -48.39 132.15 3.85
C LYS VA 265 -47.73 132.57 5.16
N THR VA 266 -48.40 133.38 5.97
CA THR VA 266 -47.96 133.67 7.34
C THR VA 266 -48.07 132.39 8.19
N TYR VA 267 -46.98 131.94 8.80
CA TYR VA 267 -46.98 130.67 9.53
C TYR VA 267 -47.62 130.81 10.92
N TYR VA 268 -48.42 129.82 11.28
CA TYR VA 268 -49.05 129.67 12.58
C TYR VA 268 -48.80 128.23 13.06
N CYS VA 269 -48.42 128.05 14.32
CA CYS VA 269 -47.84 126.78 14.76
C CYS VA 269 -48.90 125.75 15.18
N GLN VA 270 -50.01 126.16 15.79
CA GLN VA 270 -51.13 125.28 16.15
C GLN VA 270 -52.48 126.00 16.04
N THR VA 271 -53.54 125.20 15.91
CA THR VA 271 -54.93 125.61 16.13
C THR VA 271 -55.48 124.91 17.37
N LEU VA 272 -56.20 125.65 18.22
CA LEU VA 272 -56.98 125.07 19.33
C LEU VA 272 -58.38 125.69 19.33
N GLY VA 273 -59.43 124.88 19.40
CA GLY VA 273 -60.80 125.35 19.16
C GLY VA 273 -60.92 126.03 17.79
N THR VA 274 -61.29 127.31 17.77
CA THR VA 274 -61.28 128.16 16.57
C THR VA 274 -59.99 128.99 16.39
N GLN VA 275 -59.12 129.06 17.41
CA GLN VA 275 -57.96 129.95 17.43
C GLN VA 275 -56.83 129.48 16.50
N ARG VA 276 -55.93 130.41 16.19
CA ARG VA 276 -54.59 130.16 15.63
C ARG VA 276 -53.54 130.74 16.58
N TYR VA 277 -52.40 130.07 16.71
CA TYR VA 277 -51.30 130.50 17.57
C TYR VA 277 -50.04 130.76 16.74
N PHE VA 278 -49.27 131.75 17.17
CA PHE VA 278 -48.22 132.38 16.39
C PHE VA 278 -46.95 132.52 17.23
N LEU VA 279 -45.82 132.52 16.56
CA LEU VA 279 -44.48 132.60 17.16
C LEU VA 279 -43.81 133.91 16.76
N TYR VA 280 -43.03 134.50 17.66
CA TYR VA 280 -42.25 135.70 17.41
C TYR VA 280 -40.86 135.57 18.02
N GLY VA 281 -39.82 135.94 17.28
CA GLY VA 281 -38.45 136.01 17.80
C GLY VA 281 -38.16 137.37 18.41
N THR VA 282 -37.22 137.47 19.35
CA THR VA 282 -36.70 138.76 19.78
C THR VA 282 -35.23 138.66 20.18
N HIS VA 283 -34.49 139.77 20.03
CA HIS VA 283 -33.08 139.84 20.52
C HIS VA 283 -33.11 140.60 21.85
N SER VA 284 -34.31 140.94 22.36
CA SER VA 284 -34.43 141.71 23.60
C SER VA 284 -33.79 141.02 24.79
N THR VA 285 -33.11 141.80 25.63
CA THR VA 285 -32.58 141.38 26.93
C THR VA 285 -33.63 141.44 28.05
N ALA VA 286 -34.87 141.86 27.75
CA ALA VA 286 -35.93 141.97 28.74
C ALA VA 286 -36.20 140.64 29.45
N GLN VA 287 -36.22 140.66 30.78
CA GLN VA 287 -36.42 139.46 31.61
C GLN VA 287 -37.90 139.07 31.74
N ASN VA 288 -38.82 140.02 31.61
CA ASN VA 288 -40.25 139.81 31.86
C ASN VA 288 -41.04 139.81 30.55
N ILE VA 289 -41.76 138.72 30.28
CA ILE VA 289 -42.57 138.55 29.07
C ILE VA 289 -43.66 139.61 28.90
N ASN VA 290 -44.11 140.24 30.00
CA ASN VA 290 -45.14 141.28 29.95
C ASN VA 290 -44.64 142.60 29.33
N ASP VA 291 -43.41 143.03 29.66
CA ASP VA 291 -42.91 144.41 29.29
C ASP VA 291 -42.23 144.51 27.92
N ILE VA 292 -41.97 143.42 27.23
CA ILE VA 292 -41.43 143.47 25.86
C ILE VA 292 -42.36 144.34 24.99
N LYS VA 293 -41.79 145.16 24.11
CA LYS VA 293 -42.56 146.06 23.23
C LYS VA 293 -43.33 145.28 22.15
N LEU VA 294 -44.16 145.98 21.37
CA LEU VA 294 -44.80 145.34 20.18
C LEU VA 294 -43.73 145.38 19.08
N GLN VA 295 -42.73 146.27 19.20
CA GLN VA 295 -41.64 146.43 18.20
C GLN VA 295 -40.59 145.31 18.32
N GLU VA 296 -40.21 144.93 19.53
CA GLU VA 296 -39.13 143.94 19.74
C GLU VA 296 -39.41 142.65 18.94
N LEU VA 297 -40.66 142.21 18.91
CA LEU VA 297 -41.01 140.91 18.26
C LEU VA 297 -40.65 140.91 16.76
N ILE VA 298 -40.07 139.80 16.27
CA ILE VA 298 -39.74 139.62 14.83
C ILE VA 298 -40.73 138.56 14.33
N PRO VA 299 -41.87 138.94 13.72
CA PRO VA 299 -42.93 138.00 13.39
C PRO VA 299 -42.46 137.06 12.30
N LEU VA 300 -42.99 135.84 12.26
CA LEU VA 300 -42.56 134.81 11.25
C LEU VA 300 -43.63 134.70 10.16
N THR VA 301 -43.34 135.16 8.94
CA THR VA 301 -44.28 135.14 7.79
C THR VA 301 -43.77 134.19 6.74
N ASN VA 302 -42.64 133.52 6.99
CA ASN VA 302 -42.09 132.52 6.06
C ASN VA 302 -41.65 131.28 6.86
N THR VA 303 -41.86 130.08 6.33
CA THR VA 303 -41.12 128.88 6.81
C THR VA 303 -40.14 128.33 5.79
N GLN VA 304 -40.34 128.65 4.50
CA GLN VA 304 -39.57 128.08 3.36
C GLN VA 304 -38.09 128.49 3.27
N ASP VA 305 -37.65 129.50 4.02
CA ASP VA 305 -36.25 129.98 3.88
C ASP VA 305 -35.40 129.80 5.14
N TYR VA 306 -34.08 129.83 4.99
CA TYR VA 306 -33.14 129.82 6.12
C TYR VA 306 -33.06 131.18 6.85
N VAL VA 307 -33.68 132.23 6.31
CA VAL VA 307 -33.50 133.61 6.76
C VAL VA 307 -33.87 133.81 8.24
N GLN VA 308 -33.03 134.54 8.98
CA GLN VA 308 -33.24 134.87 10.39
C GLN VA 308 -34.29 135.96 10.61
N GLY VA 309 -34.49 136.82 9.61
CA GLY VA 309 -35.17 138.09 9.78
C GLY VA 309 -34.27 139.12 10.47
N PHE VA 310 -34.85 140.24 10.88
CA PHE VA 310 -34.17 141.29 11.64
C PHE VA 310 -35.16 142.12 12.46
N ASP VA 311 -34.65 142.84 13.45
CA ASP VA 311 -35.44 143.67 14.36
C ASP VA 311 -35.87 145.01 13.74
N TRP VA 312 -36.96 145.60 14.24
CA TRP VA 312 -37.49 146.89 13.80
C TRP VA 312 -36.47 148.04 13.97
N THR VA 313 -35.48 147.90 14.86
CA THR VA 313 -34.36 148.85 14.97
C THR VA 313 -33.52 148.94 13.69
N GLU VA 314 -33.63 147.98 12.77
CA GLU VA 314 -32.96 148.04 11.45
C GLU VA 314 -33.88 148.55 10.33
N LYS VA 315 -35.04 149.17 10.67
CA LYS VA 315 -35.94 149.84 9.73
C LYS VA 315 -35.20 150.70 8.70
N ASP VA 316 -34.26 151.53 9.17
CA ASP VA 316 -33.49 152.44 8.32
C ASP VA 316 -32.39 151.76 7.50
N LYS VA 317 -32.00 150.51 7.80
CA LYS VA 317 -31.03 149.74 7.01
C LYS VA 317 -31.66 149.11 5.76
N HIS VA 318 -32.97 148.82 5.82
CA HIS VA 318 -33.75 148.19 4.70
C HIS VA 318 -34.83 149.15 4.19
N ASN VA 319 -34.65 150.47 4.38
CA ASN VA 319 -35.55 151.52 3.88
C ASN VA 319 -37.04 151.22 4.14
N ILE VA 320 -37.34 150.58 5.27
CA ILE VA 320 -38.69 150.16 5.65
C ILE VA 320 -39.53 151.39 6.01
N THR VA 321 -40.73 151.49 5.43
CA THR VA 321 -41.67 152.59 5.69
C THR VA 321 -42.82 152.18 6.62
N THR VA 322 -43.17 150.89 6.68
CA THR VA 322 -44.34 150.39 7.43
C THR VA 322 -44.06 149.01 8.04
N TYR VA 323 -44.88 148.61 9.03
CA TYR VA 323 -44.85 147.25 9.55
C TYR VA 323 -45.14 146.20 8.45
N LYS VA 324 -45.90 146.54 7.40
CA LYS VA 324 -46.07 145.68 6.22
C LYS VA 324 -44.74 145.38 5.52
N GLU VA 325 -43.87 146.37 5.35
CA GLU VA 325 -42.50 146.15 4.83
C GLU VA 325 -41.57 145.49 5.86
N PHE VA 326 -41.78 145.70 7.16
CA PHE VA 326 -41.08 144.94 8.19
C PHE VA 326 -41.43 143.44 8.15
N LEU VA 327 -42.71 143.11 8.00
CA LEU VA 327 -43.21 141.73 7.80
C LEU VA 327 -42.58 141.07 6.57
N THR VA 328 -42.49 141.76 5.44
CA THR VA 328 -41.98 141.14 4.21
C THR VA 328 -40.46 141.08 4.17
N LYS VA 329 -39.75 142.14 4.57
CA LYS VA 329 -38.28 142.14 4.54
C LYS VA 329 -37.65 141.46 5.76
N GLY VA 330 -38.22 141.65 6.96
CA GLY VA 330 -37.57 141.38 8.24
C GLY VA 330 -38.10 140.18 9.04
N ALA VA 331 -39.14 139.48 8.57
CA ALA VA 331 -39.63 138.30 9.26
C ALA VA 331 -38.62 137.14 9.28
N GLY VA 332 -38.59 136.38 10.36
CA GLY VA 332 -37.63 135.29 10.59
C GLY VA 332 -38.25 133.90 10.40
N ASN VA 333 -37.50 132.95 9.85
CA ASN VA 333 -38.01 131.58 9.76
C ASN VA 333 -37.77 130.87 11.11
N PRO VA 334 -38.77 130.17 11.68
CA PRO VA 334 -38.67 129.63 13.05
C PRO VA 334 -37.58 128.56 13.19
N PHE VA 335 -37.19 127.94 12.07
CA PHE VA 335 -36.18 126.91 11.98
C PHE VA 335 -34.77 127.45 11.68
N HIS VA 336 -34.55 128.77 11.69
CA HIS VA 336 -33.20 129.33 11.64
C HIS VA 336 -32.39 128.88 12.86
N ALA VA 337 -31.07 128.80 12.76
CA ALA VA 337 -30.19 128.19 13.76
C ALA VA 337 -30.28 128.79 15.18
N GLU VA 338 -30.73 130.04 15.32
CA GLU VA 338 -30.99 130.63 16.65
C GLU VA 338 -32.44 130.48 17.12
N TRP VA 339 -33.44 130.50 16.23
CA TRP VA 339 -34.84 130.33 16.61
C TRP VA 339 -35.24 128.86 16.83
N ILE VA 340 -34.61 127.91 16.14
CA ILE VA 340 -34.91 126.46 16.19
C ILE VA 340 -34.83 125.89 17.60
N THR VA 341 -33.85 126.33 18.39
CA THR VA 341 -33.65 125.97 19.81
C THR VA 341 -33.80 127.18 20.74
N ALA VA 342 -34.33 128.30 20.25
CA ALA VA 342 -34.49 129.56 20.97
C ALA VA 342 -33.20 130.01 21.70
N GLN VA 343 -32.05 129.94 21.02
CA GLN VA 343 -30.78 130.47 21.53
C GLN VA 343 -30.94 131.95 21.91
N ASN VA 344 -31.63 132.71 21.06
CA ASN VA 344 -32.22 134.01 21.39
C ASN VA 344 -33.72 133.78 21.61
N PRO VA 345 -34.36 134.41 22.63
CA PRO VA 345 -35.72 134.07 23.03
C PRO VA 345 -36.75 134.09 21.90
N VAL VA 346 -37.70 133.16 21.97
CA VAL VA 346 -38.82 132.98 21.05
C VAL VA 346 -40.11 132.95 21.84
N ILE VA 347 -41.11 133.69 21.40
CA ILE VA 347 -42.34 133.95 22.12
C ILE VA 347 -43.52 133.33 21.37
N HIS VA 348 -44.32 132.51 22.05
CA HIS VA 348 -45.52 131.86 21.51
C HIS VA 348 -46.76 132.59 22.04
N THR VA 349 -47.74 132.89 21.19
CA THR VA 349 -48.93 133.66 21.57
C THR VA 349 -50.15 133.33 20.70
N ALA VA 350 -51.36 133.55 21.24
CA ALA VA 350 -52.58 133.56 20.44
C ALA VA 350 -52.73 134.83 19.58
N ASN VA 351 -51.99 135.91 19.90
CA ASN VA 351 -52.18 137.20 19.23
C ASN VA 351 -51.61 137.19 17.80
N SER VA 352 -52.51 137.20 16.82
CA SER VA 352 -52.12 137.17 15.41
C SER VA 352 -51.33 138.42 15.00
N PRO VA 353 -50.31 138.30 14.13
CA PRO VA 353 -49.60 139.44 13.58
C PRO VA 353 -50.52 140.48 12.99
N THR VA 354 -51.68 140.11 12.42
CA THR VA 354 -52.64 141.07 11.88
C THR VA 354 -53.32 141.92 12.95
N GLN VA 355 -53.49 141.43 14.18
CA GLN VA 355 -53.88 142.31 15.28
C GLN VA 355 -52.75 143.29 15.61
N ILE VA 356 -51.49 142.84 15.59
CA ILE VA 356 -50.33 143.74 15.71
C ILE VA 356 -50.26 144.72 14.54
N GLU VA 357 -50.59 144.31 13.30
CA GLU VA 357 -50.69 145.19 12.13
C GLU VA 357 -51.71 146.29 12.41
N GLN VA 358 -52.91 145.94 12.90
CA GLN VA 358 -53.93 146.91 13.26
C GLN VA 358 -53.41 147.89 14.31
N ILE VA 359 -52.70 147.44 15.34
CA ILE VA 359 -52.12 148.35 16.35
C ILE VA 359 -51.05 149.27 15.74
N TYR VA 360 -50.12 148.76 14.92
CA TYR VA 360 -49.13 149.58 14.21
C TYR VA 360 -49.78 150.57 13.25
N THR VA 361 -50.61 150.08 12.33
CA THR VA 361 -51.20 150.88 11.25
C THR VA 361 -52.19 151.91 11.79
N ALA VA 362 -52.94 151.59 12.85
CA ALA VA 362 -53.81 152.58 13.51
C ALA VA 362 -53.01 153.77 14.03
N SER VA 363 -51.85 153.54 14.67
CA SER VA 363 -50.87 154.59 14.93
C SER VA 363 -49.46 154.04 15.20
N THR VA 364 -48.51 154.40 14.34
CA THR VA 364 -47.09 154.04 14.44
C THR VA 364 -46.43 154.65 15.68
N THR VA 365 -46.88 155.82 16.10
CA THR VA 365 -46.40 156.49 17.32
C THR VA 365 -46.81 155.74 18.59
N THR VA 366 -47.98 155.09 18.63
CA THR VA 366 -48.38 154.24 19.77
C THR VA 366 -47.81 152.82 19.70
N PHE VA 367 -47.25 152.39 18.57
CA PHE VA 367 -46.48 151.14 18.49
C PHE VA 367 -45.20 151.19 19.34
N GLN VA 368 -44.59 152.38 19.47
CA GLN VA 368 -43.51 152.64 20.43
C GLN VA 368 -43.98 152.49 21.88
N ASN VA 369 -45.19 153.00 22.20
CA ASN VA 369 -45.73 152.99 23.55
C ASN VA 369 -46.24 151.60 23.99
N LYS VA 370 -46.93 150.87 23.10
CA LYS VA 370 -47.54 149.58 23.42
C LYS VA 370 -46.49 148.50 23.73
N LYS VA 371 -46.76 147.74 24.78
CA LYS VA 371 -46.00 146.55 25.22
C LYS VA 371 -46.85 145.29 25.08
N LEU VA 372 -46.32 144.14 25.48
CA LEU VA 372 -47.05 142.87 25.50
C LEU VA 372 -48.19 142.84 26.54
N THR VA 373 -48.17 143.73 27.54
CA THR VA 373 -49.35 144.05 28.37
C THR VA 373 -50.47 144.67 27.55
N ASP VA 374 -51.73 144.41 27.94
CA ASP VA 374 -52.93 145.01 27.34
C ASP VA 374 -53.07 144.84 25.81
N LEU VA 375 -52.45 143.79 25.25
CA LEU VA 375 -52.66 143.40 23.85
C LEU VA 375 -53.89 142.50 23.69
N PRO VA 376 -54.47 142.42 22.49
CA PRO VA 376 -55.53 141.46 22.22
C PRO VA 376 -55.01 140.02 22.33
N THR VA 377 -55.85 139.11 22.87
CA THR VA 377 -55.52 137.68 23.11
C THR VA 377 -54.04 137.46 23.50
N PRO VA 378 -53.54 138.05 24.60
CA PRO VA 378 -52.12 137.99 24.91
C PRO VA 378 -51.61 136.78 25.68
N GLY VA 379 -51.49 135.62 25.01
CA GLY VA 379 -50.95 134.41 25.63
C GLY VA 379 -49.47 134.36 25.40
N TYR VA 380 -48.76 135.48 25.60
CA TYR VA 380 -47.30 135.56 25.36
C TYR VA 380 -46.56 134.66 26.36
N ILE VA 381 -45.86 133.63 25.88
CA ILE VA 381 -45.13 132.64 26.75
C ILE VA 381 -43.72 132.50 26.16
N PHE VA 382 -42.81 131.75 26.79
CA PHE VA 382 -41.47 131.48 26.21
C PHE VA 382 -41.42 129.99 25.84
N ILE VA 383 -41.52 129.67 24.54
CA ILE VA 383 -41.59 128.27 24.06
C ILE VA 383 -40.46 128.01 23.05
N THR VA 384 -39.84 126.82 23.12
CA THR VA 384 -38.75 126.43 22.20
C THR VA 384 -39.30 125.48 21.12
N PRO VA 385 -39.10 125.75 19.81
CA PRO VA 385 -39.58 124.85 18.75
C PRO VA 385 -38.98 123.45 18.82
N THR VA 386 -37.75 123.32 19.31
CA THR VA 386 -37.05 122.05 19.52
C THR VA 386 -36.98 121.69 21.00
N VAL VA 387 -37.11 120.40 21.30
CA VAL VA 387 -36.68 119.79 22.56
C VAL VA 387 -35.69 118.65 22.28
N SER VA 388 -34.74 118.43 23.18
CA SER VA 388 -33.81 117.29 23.11
C SER VA 388 -34.23 116.21 24.10
N LEU VA 389 -34.44 114.99 23.61
CA LEU VA 389 -34.74 113.80 24.40
C LEU VA 389 -33.48 112.95 24.59
N ARG VA 390 -33.42 112.16 25.65
CA ARG VA 390 -32.42 111.09 25.83
C ARG VA 390 -33.09 109.73 25.64
N TYR VA 391 -32.51 108.90 24.78
CA TYR VA 391 -32.93 107.53 24.52
C TYR VA 391 -31.86 106.55 24.99
N ASN VA 392 -32.25 105.50 25.70
CA ASN VA 392 -31.36 104.42 26.10
C ASN VA 392 -31.90 103.10 25.52
N PRO VA 393 -31.15 102.40 24.66
CA PRO VA 393 -31.64 101.19 24.01
C PRO VA 393 -31.90 100.04 25.00
N TYR VA 394 -31.15 100.01 26.10
CA TYR VA 394 -31.27 98.91 27.11
C TYR VA 394 -32.49 99.16 27.99
N LYS VA 395 -33.01 100.39 27.99
CA LYS VA 395 -34.20 100.75 28.80
C LYS VA 395 -35.46 100.64 27.93
N ASP VA 396 -35.32 100.17 26.68
CA ASP VA 396 -36.46 100.10 25.73
C ASP VA 396 -37.11 98.71 25.76
N LEU VA 397 -38.43 98.63 26.01
CA LEU VA 397 -39.14 97.37 26.14
C LEU VA 397 -40.11 97.11 24.98
N ALA VA 398 -40.23 98.04 24.03
CA ALA VA 398 -41.03 97.86 22.82
C ALA VA 398 -42.52 97.53 23.05
N GLU VA 399 -43.14 97.94 24.16
CA GLU VA 399 -44.53 97.57 24.46
C GLU VA 399 -45.55 98.45 23.71
N ARG VA 400 -45.20 99.71 23.43
CA ARG VA 400 -46.06 100.68 22.74
C ARG VA 400 -45.30 101.51 21.70
N ASN VA 401 -44.21 100.96 21.19
CA ASN VA 401 -43.41 101.56 20.12
C ASN VA 401 -44.17 101.52 18.79
N LYS VA 402 -44.00 102.55 17.96
CA LYS VA 402 -44.75 102.73 16.71
C LYS VA 402 -44.01 103.69 15.78
N CYS VA 403 -44.22 103.61 14.48
CA CYS VA 403 -43.48 104.37 13.48
C CYS VA 403 -44.26 104.48 12.16
N TYR VA 404 -44.35 105.67 11.56
CA TYR VA 404 -45.05 105.91 10.30
C TYR VA 404 -44.66 107.24 9.64
N PHE VA 405 -45.01 107.42 8.36
CA PHE VA 405 -44.82 108.67 7.63
C PHE VA 405 -46.12 109.45 7.47
N VAL VA 406 -46.06 110.76 7.67
CA VAL VA 406 -47.16 111.71 7.43
C VAL VA 406 -46.76 112.71 6.35
N ARG VA 407 -47.73 113.28 5.64
CA ARG VA 407 -47.50 114.22 4.53
C ARG VA 407 -47.05 115.59 5.08
N SER VA 408 -45.88 116.09 4.68
CA SER VA 408 -45.33 117.35 5.18
C SER VA 408 -45.95 118.57 4.49
N LYS VA 409 -45.93 118.63 3.15
CA LYS VA 409 -46.61 119.68 2.36
C LYS VA 409 -48.09 119.35 2.11
N ILE VA 410 -48.91 119.36 3.17
CA ILE VA 410 -50.38 119.45 3.05
C ILE VA 410 -50.98 120.31 4.15
N ASN VA 411 -52.17 120.82 3.90
CA ASN VA 411 -52.92 121.63 4.85
C ASN VA 411 -53.75 120.75 5.81
N ALA VA 412 -53.08 119.90 6.60
CA ALA VA 412 -53.74 119.03 7.58
C ALA VA 412 -53.08 119.12 8.97
N HIS VA 413 -53.91 119.24 10.00
CA HIS VA 413 -53.48 119.41 11.38
C HIS VA 413 -53.07 118.08 12.03
N GLY VA 414 -52.17 118.15 13.00
CA GLY VA 414 -51.88 117.04 13.90
C GLY VA 414 -50.98 115.96 13.30
N TRP VA 415 -50.62 115.00 14.16
CA TRP VA 415 -49.57 114.01 13.93
C TRP VA 415 -50.07 112.56 13.94
N ASP VA 416 -51.38 112.35 14.05
CA ASP VA 416 -51.94 110.97 14.17
C ASP VA 416 -51.51 110.11 12.97
N PRO VA 417 -51.38 108.78 13.11
CA PRO VA 417 -51.06 107.93 11.97
C PRO VA 417 -52.15 108.15 10.93
N GLU VA 418 -51.76 108.42 9.69
CA GLU VA 418 -52.73 108.76 8.61
C GLU VA 418 -52.35 108.04 7.32
N GLN VA 419 -53.19 108.16 6.28
CA GLN VA 419 -52.92 107.53 4.96
C GLN VA 419 -52.81 106.00 5.16
N HIS VA 420 -51.69 105.37 4.78
CA HIS VA 420 -51.53 103.90 4.85
C HIS VA 420 -51.45 103.44 6.32
N GLN VA 421 -52.45 102.68 6.77
CA GLN VA 421 -52.47 102.12 8.15
C GLN VA 421 -51.78 100.74 8.10
N GLU VA 422 -51.63 100.15 6.91
CA GLU VA 422 -50.88 98.90 6.78
C GLU VA 422 -49.35 99.13 6.79
N LEU VA 423 -48.90 100.35 6.54
CA LEU VA 423 -47.48 100.72 6.57
C LEU VA 423 -46.99 101.10 7.98
N ILE VA 424 -47.88 101.26 8.95
CA ILE VA 424 -47.49 101.50 10.35
C ILE VA 424 -46.66 100.31 10.83
N ASN VA 425 -45.48 100.60 11.42
CA ASN VA 425 -44.54 99.57 11.98
C ASN VA 425 -44.59 99.68 13.51
N SER VA 426 -44.87 98.60 14.24
CA SER VA 426 -45.15 98.63 15.68
C SER VA 426 -44.42 97.52 16.45
N ASP VA 427 -44.27 97.72 17.76
CA ASP VA 427 -43.91 96.67 18.73
C ASP VA 427 -42.53 96.03 18.55
N LEU VA 428 -41.52 96.80 18.14
CA LEU VA 428 -40.10 96.43 18.17
C LEU VA 428 -39.31 97.57 18.84
N PRO VA 429 -38.15 97.32 19.45
CA PRO VA 429 -37.35 98.40 20.03
C PRO VA 429 -36.91 99.37 18.93
N GLN VA 430 -36.90 100.69 19.21
CA GLN VA 430 -36.66 101.75 18.19
C GLN VA 430 -35.44 101.54 17.28
N TRP VA 431 -34.35 100.95 17.75
CA TRP VA 431 -33.19 100.64 16.92
C TRP VA 431 -33.46 99.51 15.92
N LEU VA 432 -34.39 98.60 16.21
CA LEU VA 432 -34.86 97.58 15.27
C LEU VA 432 -36.04 98.08 14.44
N LEU VA 433 -36.95 98.85 15.04
CA LEU VA 433 -38.15 99.36 14.38
C LEU VA 433 -37.82 100.32 13.22
N LEU VA 434 -36.82 101.19 13.40
CA LEU VA 434 -36.42 102.16 12.39
C LEU VA 434 -35.51 101.57 11.30
N PHE VA 435 -34.81 100.46 11.55
CA PHE VA 435 -33.77 99.97 10.65
C PHE VA 435 -34.36 99.55 9.30
N GLY VA 436 -33.94 100.22 8.21
CA GLY VA 436 -34.44 99.95 6.87
C GLY VA 436 -35.91 100.30 6.60
N TYR VA 437 -36.64 100.84 7.58
CA TYR VA 437 -38.06 101.17 7.42
C TYR VA 437 -38.30 102.26 6.36
N PRO VA 438 -37.55 103.38 6.31
CA PRO VA 438 -37.66 104.34 5.23
C PRO VA 438 -37.42 103.75 3.84
N ASP VA 439 -36.46 102.82 3.69
CA ASP VA 439 -36.20 102.17 2.41
C ASP VA 439 -37.29 101.19 2.02
N TYR VA 440 -37.86 100.44 2.97
CA TYR VA 440 -39.05 99.64 2.68
C TYR VA 440 -40.19 100.52 2.16
N ILE VA 441 -40.40 101.69 2.76
CA ILE VA 441 -41.44 102.63 2.33
C ILE VA 441 -41.15 103.19 0.94
N LYS VA 442 -39.91 103.63 0.67
CA LYS VA 442 -39.51 104.07 -0.67
C LYS VA 442 -39.70 102.99 -1.72
N ARG VA 443 -39.24 101.75 -1.45
CA ARG VA 443 -39.36 100.62 -2.42
C ARG VA 443 -40.84 100.24 -2.61
N THR VA 444 -41.66 100.40 -1.57
CA THR VA 444 -43.11 100.15 -1.68
C THR VA 444 -43.80 101.14 -2.61
N GLN VA 445 -43.30 102.37 -2.74
CA GLN VA 445 -43.82 103.38 -3.72
C GLN VA 445 -45.29 103.76 -3.47
N ASN VA 446 -45.83 103.52 -2.28
CA ASN VA 446 -47.20 103.93 -1.92
C ASN VA 446 -47.30 105.42 -1.50
N PHE VA 447 -46.17 106.14 -1.46
CA PHE VA 447 -46.10 107.57 -1.17
C PHE VA 447 -45.38 108.31 -2.30
N ALA VA 448 -45.70 109.61 -2.47
CA ALA VA 448 -44.96 110.46 -3.41
C ALA VA 448 -43.48 110.52 -3.01
N LEU VA 449 -42.60 110.21 -3.95
CA LEU VA 449 -41.27 109.65 -3.64
C LEU VA 449 -40.32 110.61 -2.90
N VAL VA 450 -40.52 111.92 -3.06
CA VAL VA 450 -39.52 112.91 -2.65
C VAL VA 450 -39.45 113.11 -1.13
N ASP VA 451 -38.23 113.13 -0.56
CA ASP VA 451 -38.03 113.25 0.91
C ASP VA 451 -38.65 114.53 1.47
N THR VA 452 -38.80 115.56 0.66
CA THR VA 452 -39.32 116.86 1.13
C THR VA 452 -40.81 116.85 1.42
N ASN VA 453 -41.56 115.84 0.94
CA ASN VA 453 -43.01 115.85 0.99
C ASN VA 453 -43.59 114.99 2.12
N TYR VA 454 -42.75 114.34 2.92
CA TYR VA 454 -43.15 113.52 4.06
C TYR VA 454 -42.28 113.81 5.29
N ILE VA 455 -42.81 113.48 6.47
CA ILE VA 455 -42.10 113.44 7.75
C ILE VA 455 -42.28 112.05 8.32
N LEU VA 456 -41.22 111.53 8.95
CA LEU VA 456 -41.25 110.36 9.79
C LEU VA 456 -41.58 110.76 11.24
N VAL VA 457 -42.55 110.04 11.81
CA VAL VA 457 -43.12 110.26 13.14
C VAL VA 457 -43.06 108.93 13.91
N ASP VA 458 -42.63 108.93 15.17
CA ASP VA 458 -42.59 107.69 15.96
C ASP VA 458 -43.01 107.91 17.41
N HIS VA 459 -43.62 106.89 18.01
CA HIS VA 459 -44.00 106.86 19.42
C HIS VA 459 -43.04 105.93 20.18
N CYS VA 460 -42.56 106.37 21.33
CA CYS VA 460 -41.68 105.60 22.20
C CYS VA 460 -41.86 106.05 23.66
N PRO VA 461 -42.45 105.21 24.52
CA PRO VA 461 -42.56 105.49 25.96
C PRO VA 461 -41.24 105.69 26.70
N TYR VA 462 -40.11 105.26 26.12
CA TYR VA 462 -38.90 104.93 26.87
C TYR VA 462 -37.81 106.00 26.84
N THR VA 463 -38.02 107.15 26.20
CA THR VA 463 -37.17 108.32 26.44
C THR VA 463 -37.43 108.87 27.85
N ASN VA 464 -36.41 109.44 28.49
CA ASN VA 464 -36.52 109.90 29.88
C ASN VA 464 -37.43 111.13 30.03
N PRO VA 465 -37.21 112.24 29.31
CA PRO VA 465 -38.28 113.16 28.94
C PRO VA 465 -39.13 112.53 27.84
N GLU VA 466 -40.32 113.06 27.57
CA GLU VA 466 -41.22 112.53 26.53
C GLU VA 466 -41.89 113.64 25.72
N LYS VA 467 -42.32 113.27 24.51
CA LYS VA 467 -43.30 113.95 23.69
C LYS VA 467 -44.19 112.87 23.06
N THR VA 468 -45.49 113.14 22.87
CA THR VA 468 -46.46 112.08 22.54
C THR VA 468 -46.06 111.34 21.26
N PRO VA 469 -45.98 111.97 20.07
CA PRO VA 469 -45.07 111.54 19.02
C PRO VA 469 -43.72 112.27 19.13
N PHE VA 470 -42.74 111.72 18.41
CA PHE VA 470 -41.43 112.37 18.24
C PHE VA 470 -41.33 112.76 16.79
N ILE VA 471 -40.72 113.88 16.44
CA ILE VA 471 -40.45 114.24 15.02
C ILE VA 471 -38.93 114.34 14.92
N PRO VA 472 -38.16 113.23 14.90
CA PRO VA 472 -36.71 113.33 14.98
C PRO VA 472 -36.16 114.34 13.97
N LEU VA 473 -35.16 115.12 14.36
CA LEU VA 473 -34.46 116.07 13.47
C LEU VA 473 -32.96 115.89 13.63
N SER VA 474 -32.23 115.93 12.51
CA SER VA 474 -30.78 115.75 12.54
C SER VA 474 -30.09 116.98 13.12
N THR VA 475 -28.94 116.76 13.77
CA THR VA 475 -28.10 117.83 14.30
C THR VA 475 -27.76 118.87 13.23
N SER VA 476 -27.61 118.47 11.97
CA SER VA 476 -27.41 119.42 10.86
C SER VA 476 -28.56 120.41 10.68
N PHE VA 477 -29.83 119.97 10.75
CA PHE VA 477 -30.98 120.88 10.68
C PHE VA 477 -31.16 121.72 11.94
N ILE VA 478 -30.84 121.14 13.10
CA ILE VA 478 -30.81 121.86 14.40
C ILE VA 478 -29.66 122.87 14.47
N GLU VA 479 -28.65 122.76 13.60
CA GLU VA 479 -27.50 123.66 13.49
C GLU VA 479 -27.49 124.50 12.19
N GLY VA 480 -28.56 124.47 11.38
CA GLY VA 480 -28.63 125.30 10.18
C GLY VA 480 -27.64 124.91 9.08
N ARG VA 481 -27.66 123.62 8.67
CA ARG VA 481 -26.70 123.10 7.66
C ARG VA 481 -27.37 122.01 6.81
N SER VA 482 -26.87 121.80 5.59
CA SER VA 482 -27.44 120.80 4.65
C SER VA 482 -27.35 119.36 5.19
N PRO VA 483 -28.25 118.44 4.78
CA PRO VA 483 -28.43 117.12 5.40
C PRO VA 483 -27.16 116.29 5.64
N TYR VA 484 -26.18 116.34 4.73
CA TYR VA 484 -24.88 115.65 4.84
C TYR VA 484 -23.72 116.61 4.56
N SER VA 485 -23.76 117.83 5.09
CA SER VA 485 -22.72 118.84 4.90
C SER VA 485 -21.80 118.95 6.13
N PRO VA 486 -20.47 119.12 5.95
CA PRO VA 486 -19.52 119.14 7.05
C PRO VA 486 -19.73 120.32 8.00
N SER VA 487 -19.52 120.08 9.30
CA SER VA 487 -19.82 120.99 10.41
C SER VA 487 -19.12 122.36 10.34
N ASP VA 488 -18.08 122.53 9.51
CA ASP VA 488 -17.41 123.85 9.33
C ASP VA 488 -18.40 124.82 8.68
N THR VA 489 -19.40 124.31 7.97
CA THR VA 489 -20.44 125.10 7.30
C THR VA 489 -21.50 125.58 8.30
N HIS VA 490 -22.00 126.82 8.15
CA HIS VA 490 -23.01 127.42 9.07
C HIS VA 490 -24.20 127.97 8.28
N GLU VA 491 -24.46 127.47 7.07
CA GLU VA 491 -25.61 127.79 6.23
C GLU VA 491 -25.99 126.60 5.35
N PRO VA 492 -27.27 126.40 4.99
CA PRO VA 492 -27.61 125.49 3.90
C PRO VA 492 -27.01 125.92 2.56
N ASP VA 493 -26.76 124.97 1.66
CA ASP VA 493 -26.53 125.21 0.23
C ASP VA 493 -27.82 125.69 -0.45
N GLU VA 494 -27.75 126.42 -1.57
CA GLU VA 494 -28.90 127.16 -2.12
C GLU VA 494 -30.21 126.35 -2.25
N GLU VA 495 -30.12 125.10 -2.70
CA GLU VA 495 -31.30 124.22 -2.83
C GLU VA 495 -31.89 123.79 -1.48
N ASP VA 496 -31.08 123.76 -0.41
CA ASP VA 496 -31.54 123.59 0.98
C ASP VA 496 -31.80 124.94 1.68
N GLN VA 497 -31.33 126.08 1.15
CA GLN VA 497 -31.80 127.39 1.62
C GLN VA 497 -33.27 127.59 1.26
N ASN VA 498 -33.66 127.14 0.06
CA ASN VA 498 -35.05 126.83 -0.26
C ASN VA 498 -35.50 125.54 0.47
N ARG VA 499 -36.82 125.44 0.64
CA ARG VA 499 -37.46 124.27 1.29
C ARG VA 499 -36.86 124.02 2.67
N TRP VA 500 -36.49 125.07 3.42
CA TRP VA 500 -35.89 124.95 4.77
C TRP VA 500 -36.98 124.73 5.82
N TYR VA 501 -37.60 123.55 5.82
CA TYR VA 501 -38.69 123.19 6.72
C TYR VA 501 -38.65 121.70 7.09
N PRO VA 502 -39.26 121.26 8.20
CA PRO VA 502 -39.29 119.86 8.61
C PRO VA 502 -39.75 118.90 7.50
N CYS VA 503 -38.88 117.96 7.14
CA CYS VA 503 -39.19 116.86 6.21
C CYS VA 503 -38.14 115.76 6.37
N TYR VA 504 -38.43 114.57 5.86
CA TYR VA 504 -37.61 113.36 6.01
C TYR VA 504 -36.15 113.56 5.60
N GLN VA 505 -35.88 114.42 4.61
CA GLN VA 505 -34.48 114.70 4.16
C GLN VA 505 -33.63 115.23 5.33
N TYR VA 506 -34.20 116.01 6.25
CA TYR VA 506 -33.49 116.50 7.42
C TYR VA 506 -33.54 115.55 8.62
N GLN VA 507 -34.35 114.49 8.58
CA GLN VA 507 -34.46 113.51 9.68
C GLN VA 507 -33.46 112.35 9.56
N GLN VA 508 -32.87 112.13 8.38
CA GLN VA 508 -32.13 110.91 8.06
C GLN VA 508 -31.00 110.57 9.04
N GLU VA 509 -30.15 111.53 9.39
CA GLU VA 509 -29.03 111.27 10.29
C GLU VA 509 -29.51 110.96 11.72
N SER VA 510 -30.62 111.54 12.17
CA SER VA 510 -31.17 111.23 13.51
C SER VA 510 -31.66 109.79 13.62
N ILE VA 511 -32.39 109.27 12.62
CA ILE VA 511 -32.85 107.88 12.68
C ILE VA 511 -31.71 106.89 12.43
N ASN VA 512 -30.69 107.27 11.65
CA ASN VA 512 -29.48 106.47 11.57
C ASN VA 512 -28.79 106.42 12.93
N SER VA 513 -28.72 107.53 13.65
CA SER VA 513 -28.13 107.59 15.00
C SER VA 513 -28.89 106.73 16.01
N ILE VA 514 -30.22 106.68 15.94
CA ILE VA 514 -31.03 105.74 16.74
C ILE VA 514 -30.72 104.29 16.35
N CYS VA 515 -30.61 103.95 15.08
CA CYS VA 515 -30.22 102.60 14.65
C CYS VA 515 -28.81 102.21 15.10
N LEU VA 516 -27.86 103.14 15.07
CA LEU VA 516 -26.51 102.96 15.60
C LEU VA 516 -26.48 102.69 17.10
N SER VA 517 -27.51 103.08 17.85
CA SER VA 517 -27.60 102.69 19.27
C SER VA 517 -27.86 101.19 19.44
N GLY VA 518 -28.38 100.50 18.42
CA GLY VA 518 -28.64 99.06 18.45
C GLY VA 518 -27.38 98.20 18.31
N PRO VA 519 -27.44 96.93 18.77
CA PRO VA 519 -26.29 96.03 18.74
C PRO VA 519 -25.88 95.61 17.33
N GLY VA 520 -24.62 95.19 17.20
CA GLY VA 520 -23.99 94.71 15.97
C GLY VA 520 -23.59 95.79 14.97
N THR VA 521 -24.05 97.03 15.14
CA THR VA 521 -23.76 98.11 14.20
C THR VA 521 -22.27 98.52 14.25
N PRO VA 522 -21.58 98.59 13.11
CA PRO VA 522 -20.13 98.77 13.07
C PRO VA 522 -19.65 100.18 13.44
N LYS VA 523 -18.38 100.27 13.84
CA LYS VA 523 -17.63 101.51 14.04
C LYS VA 523 -16.77 101.78 12.79
N ILE VA 524 -17.02 102.87 12.08
CA ILE VA 524 -16.23 103.24 10.89
C ILE VA 524 -15.68 104.65 11.10
N PRO VA 525 -14.34 104.86 11.09
CA PRO VA 525 -13.77 106.18 11.24
C PRO VA 525 -14.28 107.18 10.19
N LYS VA 526 -14.49 108.44 10.56
CA LYS VA 526 -14.95 109.47 9.62
C LYS VA 526 -13.94 109.65 8.48
N GLY VA 527 -14.46 109.73 7.25
CA GLY VA 527 -13.66 109.78 6.03
C GLY VA 527 -13.22 108.42 5.47
N ILE VA 528 -13.54 107.30 6.13
CA ILE VA 528 -13.30 105.95 5.61
C ILE VA 528 -14.63 105.37 5.10
N THR VA 529 -14.60 104.76 3.92
CA THR VA 529 -15.73 104.00 3.38
C THR VA 529 -15.40 102.52 3.47
N ALA VA 530 -16.22 101.75 4.17
CA ALA VA 530 -16.13 100.31 4.20
C ALA VA 530 -16.86 99.72 2.99
N GLU VA 531 -16.37 98.60 2.45
CA GLU VA 531 -16.88 97.99 1.22
C GLU VA 531 -16.91 96.48 1.38
N ALA VA 532 -17.77 95.79 0.64
CA ALA VA 532 -17.74 94.34 0.51
C ALA VA 532 -18.05 93.93 -0.92
N LYS VA 533 -17.48 92.81 -1.36
CA LYS VA 533 -17.69 92.27 -2.70
C LYS VA 533 -17.82 90.76 -2.71
N VAL VA 534 -18.54 90.26 -3.69
CA VAL VA 534 -18.63 88.84 -4.03
C VAL VA 534 -18.14 88.66 -5.46
N LYS VA 535 -17.46 87.55 -5.77
CA LYS VA 535 -17.24 87.11 -7.14
C LYS VA 535 -18.24 86.03 -7.46
N TYR VA 536 -18.99 86.20 -8.55
CA TYR VA 536 -20.01 85.26 -8.99
C TYR VA 536 -19.60 84.53 -10.24
N SER VA 537 -20.16 83.34 -10.44
CA SER VA 537 -20.09 82.59 -11.67
C SER VA 537 -21.43 81.90 -11.90
N PHE VA 538 -22.27 82.44 -12.77
CA PHE VA 538 -23.54 81.81 -13.16
C PHE VA 538 -23.31 80.85 -14.32
N ASN VA 539 -23.82 79.64 -14.23
CA ASN VA 539 -23.60 78.61 -15.23
C ASN VA 539 -24.83 78.48 -16.13
N PHE VA 540 -24.62 78.69 -17.42
CA PHE VA 540 -25.64 78.58 -18.46
C PHE VA 540 -25.16 77.66 -19.58
N LYS VA 541 -26.09 77.14 -20.35
CA LYS VA 541 -25.83 76.62 -21.69
C LYS VA 541 -26.70 77.41 -22.66
N TRP VA 542 -26.19 77.67 -23.85
CA TRP VA 542 -26.94 78.26 -24.96
C TRP VA 542 -27.24 77.18 -25.99
N GLY VA 543 -28.45 77.12 -26.51
CA GLY VA 543 -28.89 76.08 -27.42
C GLY VA 543 -29.47 76.64 -28.71
N GLY VA 544 -29.26 75.95 -29.82
CA GLY VA 544 -29.84 76.34 -31.10
C GLY VA 544 -29.45 75.43 -32.24
N ASP VA 545 -30.00 75.71 -33.42
CA ASP VA 545 -29.46 75.23 -34.69
C ASP VA 545 -28.12 75.92 -35.01
N LEU VA 546 -27.29 75.28 -35.85
CA LEU VA 546 -25.95 75.76 -36.14
C LEU VA 546 -25.95 77.18 -36.76
N PRO VA 547 -25.14 78.11 -36.24
CA PRO VA 547 -25.09 79.48 -36.74
C PRO VA 547 -24.17 79.65 -37.97
N PRO VA 548 -24.28 80.77 -38.70
CA PRO VA 548 -23.34 81.16 -39.75
C PRO VA 548 -22.01 81.70 -39.20
N MET VA 549 -21.00 81.87 -40.06
CA MET VA 549 -19.64 82.33 -39.70
C MET VA 549 -18.95 83.03 -40.89
N SER VA 550 -17.89 83.82 -40.66
CA SER VA 550 -17.12 84.53 -41.69
C SER VA 550 -15.60 84.46 -41.48
N THR VA 551 -14.82 84.80 -42.52
CA THR VA 551 -13.37 84.55 -42.61
C THR VA 551 -12.60 85.76 -43.15
N ILE VA 552 -11.28 85.77 -42.95
CA ILE VA 552 -10.35 86.87 -43.23
C ILE VA 552 -9.32 86.45 -44.29
N THR VA 553 -8.90 87.36 -45.17
CA THR VA 553 -7.88 87.06 -46.20
C THR VA 553 -6.58 86.59 -45.57
N ASN VA 554 -5.89 85.63 -46.17
CA ASN VA 554 -4.57 85.20 -45.70
C ASN VA 554 -3.45 86.25 -45.87
N PRO VA 555 -3.31 86.95 -47.02
CA PRO VA 555 -2.20 87.87 -47.22
C PRO VA 555 -2.23 89.06 -46.27
N THR VA 556 -3.40 89.67 -46.05
CA THR VA 556 -3.53 90.79 -45.09
C THR VA 556 -3.97 90.22 -43.75
N ASP VA 557 -3.05 89.63 -42.99
CA ASP VA 557 -3.39 88.98 -41.69
C ASP VA 557 -2.21 89.18 -40.73
N GLN VA 558 -2.35 88.71 -39.49
CA GLN VA 558 -1.27 88.85 -38.47
C GLN VA 558 0.07 88.53 -39.14
N PRO VA 559 1.00 89.49 -39.31
CA PRO VA 559 2.25 89.24 -40.02
C PRO VA 559 3.31 88.63 -39.12
N THR VA 560 4.11 87.70 -39.66
CA THR VA 560 5.21 87.10 -38.88
C THR VA 560 6.25 88.17 -38.53
N TYR VA 561 6.99 88.02 -37.43
CA TYR VA 561 8.02 88.98 -37.01
C TYR VA 561 9.04 89.30 -38.12
N VAL VA 562 9.31 88.34 -39.01
CA VAL VA 562 10.17 88.48 -40.18
C VAL VA 562 9.67 89.59 -41.10
N LYS WA 48 -7.06 -59.76 -43.51
CA LYS WA 48 -8.05 -60.76 -43.04
C LYS WA 48 -9.26 -60.84 -43.97
N ARG WA 49 -10.10 -59.80 -44.01
CA ARG WA 49 -11.23 -59.68 -44.95
C ARG WA 49 -11.34 -58.26 -45.50
N LEU WA 50 -11.71 -58.14 -46.76
CA LEU WA 50 -11.78 -56.87 -47.49
C LEU WA 50 -13.20 -56.64 -48.04
N ASN WA 51 -13.60 -55.38 -48.13
CA ASN WA 51 -14.78 -55.00 -48.89
C ASN WA 51 -14.57 -55.30 -50.38
N ILE WA 52 -15.56 -55.86 -51.04
CA ILE WA 52 -15.58 -55.95 -52.51
C ILE WA 52 -15.86 -54.55 -53.07
N VAL WA 53 -15.09 -54.15 -54.07
CA VAL WA 53 -15.12 -52.82 -54.69
C VAL WA 53 -15.30 -52.98 -56.19
N GLU WA 54 -16.04 -52.07 -56.80
CA GLU WA 54 -16.25 -52.00 -58.25
C GLU WA 54 -15.77 -50.65 -58.77
N TRP WA 55 -15.23 -50.61 -59.99
CA TRP WA 55 -14.83 -49.37 -60.63
C TRP WA 55 -15.97 -48.84 -61.50
N GLN WA 56 -16.37 -47.61 -61.18
CA GLN WA 56 -17.54 -46.98 -61.83
C GLN WA 56 -17.30 -46.81 -63.33
N PRO WA 57 -18.33 -47.03 -64.17
CA PRO WA 57 -18.21 -46.92 -65.62
C PRO WA 57 -18.02 -45.48 -66.10
N LYS WA 58 -17.49 -45.31 -67.31
CA LYS WA 58 -17.00 -44.04 -67.83
C LYS WA 58 -18.08 -42.96 -67.95
N SER WA 59 -19.29 -43.32 -68.37
CA SER WA 59 -20.45 -42.42 -68.41
C SER WA 59 -21.68 -43.08 -67.78
N ILE WA 60 -22.44 -42.29 -67.01
CA ILE WA 60 -23.60 -42.74 -66.23
C ILE WA 60 -24.78 -41.80 -66.45
N ARG WA 61 -25.99 -42.35 -66.62
CA ARG WA 61 -27.22 -41.55 -66.84
C ARG WA 61 -28.44 -42.07 -66.03
N LYS WA 62 -28.85 -41.36 -64.99
CA LYS WA 62 -30.04 -41.72 -64.18
C LYS WA 62 -31.29 -41.75 -65.04
N CYS WA 63 -32.14 -42.75 -64.84
CA CYS WA 63 -33.43 -42.89 -65.51
C CYS WA 63 -34.49 -43.39 -64.54
N ARG WA 64 -35.56 -42.59 -64.37
CA ARG WA 64 -36.74 -43.01 -63.57
C ARG WA 64 -37.86 -43.50 -64.51
N ILE WA 65 -38.09 -44.81 -64.58
CA ILE WA 65 -39.17 -45.36 -65.40
C ILE WA 65 -40.46 -45.11 -64.63
N LYS WA 66 -41.24 -44.11 -65.06
CA LYS WA 66 -42.45 -43.61 -64.38
C LYS WA 66 -43.69 -44.01 -65.13
N GLY WA 67 -44.72 -44.49 -64.45
CA GLY WA 67 -45.96 -44.89 -65.11
C GLY WA 67 -47.07 -45.29 -64.16
N MET WA 68 -48.15 -45.80 -64.72
CA MET WA 68 -49.38 -46.17 -63.99
C MET WA 68 -49.69 -47.65 -64.23
N LEU WA 69 -49.99 -48.40 -63.19
CA LEU WA 69 -50.32 -49.84 -63.27
C LEU WA 69 -51.71 -50.10 -62.70
N CYS WA 70 -52.56 -50.78 -63.45
CA CYS WA 70 -53.86 -51.25 -62.97
C CYS WA 70 -53.69 -52.47 -62.06
N LEU WA 71 -54.15 -52.39 -60.81
CA LEU WA 71 -54.04 -53.47 -59.83
C LEU WA 71 -55.14 -54.50 -60.01
N PHE WA 72 -56.37 -54.07 -60.23
CA PHE WA 72 -57.49 -54.91 -60.63
C PHE WA 72 -58.52 -54.04 -61.33
N GLN WA 73 -59.39 -54.65 -62.12
CA GLN WA 73 -60.66 -54.07 -62.50
C GLN WA 73 -61.71 -55.16 -62.51
N THR WA 74 -62.75 -55.02 -61.70
CA THR WA 74 -63.64 -56.12 -61.29
C THR WA 74 -65.09 -55.72 -61.28
N THR WA 75 -65.96 -56.67 -61.63
CA THR WA 75 -67.37 -56.70 -61.27
C THR WA 75 -67.57 -57.66 -60.09
N GLU WA 76 -68.77 -57.72 -59.52
CA GLU WA 76 -69.07 -58.63 -58.39
C GLU WA 76 -68.92 -60.12 -58.75
N ASP WA 77 -69.27 -60.50 -59.98
CA ASP WA 77 -69.20 -61.87 -60.49
C ASP WA 77 -67.80 -62.34 -60.88
N ARG WA 78 -66.78 -61.47 -60.72
CA ARG WA 78 -65.37 -61.79 -60.95
C ARG WA 78 -64.46 -61.57 -59.74
N LEU WA 79 -65.02 -61.27 -58.56
CA LEU WA 79 -64.22 -60.93 -57.38
C LEU WA 79 -63.24 -62.01 -56.93
N SER WA 80 -63.62 -63.29 -57.05
CA SER WA 80 -62.77 -64.40 -56.61
C SER WA 80 -61.70 -64.84 -57.62
N TYR WA 81 -61.56 -64.14 -58.76
CA TYR WA 81 -60.63 -64.50 -59.84
C TYR WA 81 -59.49 -63.51 -59.98
N ASN WA 82 -58.35 -63.99 -60.46
CA ASN WA 82 -57.15 -63.21 -60.73
C ASN WA 82 -57.32 -62.33 -61.97
N PHE WA 83 -57.11 -61.02 -61.84
CA PHE WA 83 -57.06 -60.08 -62.94
C PHE WA 83 -55.73 -60.14 -63.68
N ASP WA 84 -55.79 -60.57 -64.94
CA ASP WA 84 -54.73 -60.35 -65.93
C ASP WA 84 -55.21 -59.30 -66.93
N MET WA 85 -54.41 -58.25 -67.16
CA MET WA 85 -54.74 -57.21 -68.13
C MET WA 85 -54.57 -57.67 -69.57
N TYR WA 86 -53.69 -58.65 -69.78
CA TYR WA 86 -53.42 -59.29 -71.06
C TYR WA 86 -53.98 -60.72 -71.00
N GLU WA 87 -55.06 -60.93 -71.72
CA GLU WA 87 -56.10 -61.91 -71.41
C GLU WA 87 -55.95 -63.32 -72.02
N GLU WA 88 -56.64 -64.29 -71.43
CA GLU WA 88 -57.12 -65.46 -72.17
C GLU WA 88 -58.31 -64.96 -72.99
N SER WA 89 -58.22 -64.97 -74.32
CA SER WA 89 -58.99 -64.12 -75.25
C SER WA 89 -60.52 -64.14 -75.11
N ILE WA 90 -61.09 -65.16 -74.47
CA ILE WA 90 -62.52 -65.25 -74.16
C ILE WA 90 -62.93 -64.37 -72.95
N ILE WA 91 -62.06 -64.17 -71.96
CA ILE WA 91 -62.40 -63.49 -70.71
C ILE WA 91 -62.96 -62.07 -70.94
N PRO WA 92 -62.33 -61.16 -71.72
CA PRO WA 92 -62.89 -59.82 -71.89
C PRO WA 92 -64.14 -59.77 -72.80
N GLU WA 93 -64.49 -60.86 -73.50
CA GLU WA 93 -65.72 -60.88 -74.30
C GLU WA 93 -66.96 -60.83 -73.40
N LYS WA 94 -67.64 -59.68 -73.40
CA LYS WA 94 -68.80 -59.39 -72.55
C LYS WA 94 -68.52 -59.45 -71.03
N LEU WA 95 -67.27 -59.23 -70.60
CA LEU WA 95 -66.96 -58.86 -69.20
C LEU WA 95 -66.16 -57.55 -69.15
N PRO WA 96 -66.63 -56.51 -68.44
CA PRO WA 96 -65.93 -55.24 -68.33
C PRO WA 96 -64.77 -55.26 -67.31
N GLY WA 97 -64.72 -56.24 -66.41
CA GLY WA 97 -63.61 -56.46 -65.49
C GLY WA 97 -63.35 -57.93 -65.23
N GLY WA 98 -62.10 -58.37 -65.31
CA GLY WA 98 -61.73 -59.78 -65.35
C GLY WA 98 -61.47 -60.43 -63.99
N GLY WA 99 -61.21 -59.67 -62.93
CA GLY WA 99 -60.83 -60.26 -61.65
C GLY WA 99 -60.69 -59.26 -60.51
N GLY WA 100 -60.95 -59.68 -59.28
CA GLY WA 100 -60.95 -58.83 -58.09
C GLY WA 100 -59.68 -58.88 -57.25
N PHE WA 101 -58.70 -59.70 -57.63
CA PHE WA 101 -57.37 -59.69 -57.05
C PHE WA 101 -56.34 -59.84 -58.15
N SER WA 102 -55.10 -59.45 -57.92
CA SER WA 102 -54.02 -59.82 -58.84
C SER WA 102 -52.73 -60.10 -58.11
N ILE WA 103 -51.87 -60.88 -58.75
CA ILE WA 103 -50.44 -60.94 -58.45
C ILE WA 103 -49.71 -60.39 -59.67
N LYS WA 104 -48.97 -59.30 -59.49
CA LYS WA 104 -48.13 -58.65 -60.51
C LYS WA 104 -46.68 -58.95 -60.23
N ASN WA 105 -45.92 -59.41 -61.21
CA ASN WA 105 -44.45 -59.40 -61.17
C ASN WA 105 -43.93 -58.33 -62.12
N ILE WA 106 -43.06 -57.46 -61.64
CA ILE WA 106 -42.47 -56.40 -62.45
C ILE WA 106 -40.99 -56.70 -62.72
N SER WA 107 -40.58 -56.63 -63.98
CA SER WA 107 -39.21 -56.77 -64.43
C SER WA 107 -38.91 -55.67 -65.43
N LEU WA 108 -37.63 -55.36 -65.65
CA LEU WA 108 -37.22 -54.35 -66.63
C LEU WA 108 -37.74 -54.66 -68.04
N TYR WA 109 -37.87 -55.92 -68.43
CA TYR WA 109 -38.52 -56.29 -69.68
C TYR WA 109 -40.03 -56.04 -69.66
N ALA WA 110 -40.73 -56.32 -68.56
CA ALA WA 110 -42.13 -55.94 -68.43
C ALA WA 110 -42.34 -54.41 -68.44
N LEU WA 111 -41.43 -53.63 -67.85
CA LEU WA 111 -41.43 -52.18 -67.98
C LEU WA 111 -41.23 -51.71 -69.42
N TYR WA 112 -40.35 -52.34 -70.19
CA TYR WA 112 -40.23 -52.10 -71.62
C TYR WA 112 -41.50 -52.46 -72.38
N GLN WA 113 -42.15 -53.59 -72.07
CA GLN WA 113 -43.43 -53.94 -72.68
C GLN WA 113 -44.53 -52.93 -72.36
N GLU WA 114 -44.60 -52.41 -71.14
CA GLU WA 114 -45.52 -51.33 -70.79
C GLU WA 114 -45.21 -50.03 -71.54
N HIS WA 115 -43.96 -49.81 -71.96
CA HIS WA 115 -43.58 -48.63 -72.78
C HIS WA 115 -44.10 -48.81 -74.21
N ILE WA 116 -44.19 -50.05 -74.71
CA ILE WA 116 -44.80 -50.32 -76.02
C ILE WA 116 -46.32 -50.07 -76.01
N HIS WA 117 -46.99 -50.29 -74.88
CA HIS WA 117 -48.38 -49.88 -74.67
C HIS WA 117 -48.55 -48.40 -74.34
N ALA WA 118 -47.47 -47.61 -74.31
CA ALA WA 118 -47.45 -46.21 -73.90
C ALA WA 118 -47.92 -45.97 -72.45
N HIS WA 119 -47.83 -46.97 -71.57
CA HIS WA 119 -48.25 -46.87 -70.18
C HIS WA 119 -47.20 -46.25 -69.26
N ASN WA 120 -45.97 -46.06 -69.72
CA ASN WA 120 -44.90 -45.41 -68.96
C ASN WA 120 -43.99 -44.56 -69.85
N ILE WA 121 -43.20 -43.72 -69.20
CA ILE WA 121 -42.09 -42.98 -69.79
C ILE WA 121 -40.78 -43.49 -69.20
N PHE WA 122 -39.72 -43.47 -70.00
CA PHE WA 122 -38.34 -43.60 -69.51
C PHE WA 122 -37.74 -42.19 -69.50
N THR WA 123 -37.32 -41.71 -68.34
CA THR WA 123 -36.77 -40.35 -68.20
C THR WA 123 -35.48 -40.13 -69.00
N HIS WA 124 -34.76 -41.22 -69.26
CA HIS WA 124 -33.56 -41.20 -70.13
C HIS WA 124 -33.55 -42.50 -70.92
N THR WA 125 -33.25 -42.47 -72.21
CA THR WA 125 -33.08 -43.67 -73.03
C THR WA 125 -31.87 -44.49 -72.59
N ASN WA 126 -31.86 -45.75 -72.97
CA ASN WA 126 -30.83 -46.73 -72.65
C ASN WA 126 -30.11 -47.28 -73.89
N THR WA 127 -30.26 -46.65 -75.07
CA THR WA 127 -29.93 -47.28 -76.36
C THR WA 127 -28.45 -47.64 -76.52
N ASP WA 128 -27.55 -46.84 -75.95
CA ASP WA 128 -26.10 -46.99 -76.16
C ASP WA 128 -25.31 -47.11 -74.86
N ARG WA 129 -26.01 -47.43 -73.76
CA ARG WA 129 -25.39 -47.69 -72.42
C ARG WA 129 -25.92 -49.07 -72.00
N PRO WA 130 -25.14 -50.17 -72.12
CA PRO WA 130 -25.64 -51.53 -71.94
C PRO WA 130 -25.69 -51.99 -70.47
N LEU WA 131 -25.00 -51.31 -69.56
CA LEU WA 131 -25.04 -51.62 -68.14
C LEU WA 131 -26.25 -50.97 -67.46
N ALA WA 132 -26.75 -51.59 -66.40
CA ALA WA 132 -27.81 -51.08 -65.56
C ALA WA 132 -27.46 -51.25 -64.08
N ARG WA 133 -27.90 -50.28 -63.26
CA ARG WA 133 -27.71 -50.30 -61.79
C ARG WA 133 -29.05 -49.93 -61.13
N TYR WA 134 -29.90 -50.91 -60.81
CA TYR WA 134 -31.20 -50.72 -60.19
C TYR WA 134 -31.06 -50.29 -58.73
N THR WA 135 -31.77 -49.23 -58.33
CA THR WA 135 -31.63 -48.61 -57.01
C THR WA 135 -32.86 -48.77 -56.11
N GLY WA 136 -33.98 -49.26 -56.65
CA GLY WA 136 -35.23 -49.42 -55.92
C GLY WA 136 -36.41 -48.74 -56.60
N CYS WA 137 -37.56 -48.79 -55.95
CA CYS WA 137 -38.82 -48.33 -56.49
C CYS WA 137 -39.55 -47.41 -55.51
N SER WA 138 -40.30 -46.43 -56.02
CA SER WA 138 -41.35 -45.73 -55.29
C SER WA 138 -42.70 -46.11 -55.84
N LEU WA 139 -43.65 -46.47 -54.98
CA LEU WA 139 -45.04 -46.68 -55.34
C LEU WA 139 -45.93 -45.64 -54.67
N LYS WA 140 -46.90 -45.09 -55.40
CA LYS WA 140 -48.02 -44.30 -54.87
C LYS WA 140 -49.31 -45.05 -55.15
N PHE WA 141 -49.97 -45.55 -54.12
CA PHE WA 141 -51.23 -46.26 -54.22
C PHE WA 141 -52.36 -45.27 -54.04
N TYR WA 142 -53.27 -45.15 -55.01
CA TYR WA 142 -54.35 -44.18 -54.94
C TYR WA 142 -55.61 -44.77 -54.32
N GLN WA 143 -56.31 -43.98 -53.50
CA GLN WA 143 -57.67 -44.30 -53.10
C GLN WA 143 -58.58 -44.39 -54.34
N SER WA 144 -59.24 -45.52 -54.52
CA SER WA 144 -60.32 -45.60 -55.50
C SER WA 144 -61.54 -44.82 -55.02
N LYS WA 145 -62.44 -44.47 -55.93
CA LYS WA 145 -63.69 -43.80 -55.56
C LYS WA 145 -64.60 -44.70 -54.75
N ASP WA 146 -64.87 -45.91 -55.24
CA ASP WA 146 -65.97 -46.77 -54.76
C ASP WA 146 -65.54 -48.02 -53.97
N ILE WA 147 -64.26 -48.43 -54.07
CA ILE WA 147 -63.82 -49.74 -53.47
C ILE WA 147 -62.55 -49.58 -52.63
N ASP WA 148 -62.46 -50.29 -51.50
CA ASP WA 148 -61.24 -50.29 -50.66
C ASP WA 148 -60.35 -51.39 -51.23
N TYR WA 149 -59.10 -51.54 -50.79
CA TYR WA 149 -58.28 -52.68 -51.26
C TYR WA 149 -57.03 -52.86 -50.43
N VAL WA 150 -56.64 -54.10 -50.20
CA VAL WA 150 -55.43 -54.47 -49.45
C VAL WA 150 -54.32 -54.71 -50.46
N VAL WA 151 -53.13 -54.21 -50.20
CA VAL WA 151 -51.92 -54.53 -50.94
C VAL WA 151 -50.92 -55.19 -50.01
N THR WA 152 -50.16 -56.16 -50.50
CA THR WA 152 -48.87 -56.52 -49.91
C THR WA 152 -47.89 -56.82 -51.03
N TYR WA 153 -46.61 -56.58 -50.81
CA TYR WA 153 -45.59 -56.72 -51.83
C TYR WA 153 -44.40 -57.49 -51.27
N SER WA 154 -43.62 -58.08 -52.16
CA SER WA 154 -42.43 -58.83 -51.81
C SER WA 154 -41.32 -58.56 -52.81
N THR WA 155 -40.06 -58.81 -52.41
CA THR WA 155 -38.89 -58.67 -53.33
C THR WA 155 -37.94 -59.85 -53.15
N SER WA 156 -38.42 -60.97 -52.61
CA SER WA 156 -37.57 -62.19 -52.55
C SER WA 156 -37.25 -62.56 -54.01
N LEU WA 157 -36.00 -62.40 -54.44
CA LEU WA 157 -35.64 -62.64 -55.87
C LEU WA 157 -36.26 -63.96 -56.34
N PRO WA 158 -36.20 -65.08 -55.58
CA PRO WA 158 -36.86 -66.30 -56.00
C PRO WA 158 -38.34 -66.04 -56.20
N LEU WA 159 -38.84 -66.20 -57.42
CA LEU WA 159 -40.26 -65.95 -57.76
C LEU WA 159 -40.99 -67.29 -57.98
N ARG WA 160 -42.09 -67.52 -57.27
CA ARG WA 160 -42.89 -68.76 -57.43
C ARG WA 160 -44.32 -68.52 -56.93
N SER WA 161 -45.27 -69.38 -57.33
CA SER WA 161 -46.68 -69.28 -56.88
C SER WA 161 -46.98 -70.44 -55.93
N SER WA 162 -47.96 -70.29 -55.04
CA SER WA 162 -48.32 -71.36 -54.07
C SER WA 162 -49.83 -71.40 -53.87
N MET WA 163 -50.37 -72.56 -53.50
CA MET WA 163 -51.80 -72.72 -53.20
C MET WA 163 -52.22 -71.88 -51.98
N GLY WA 164 -51.37 -71.84 -50.95
CA GLY WA 164 -51.56 -70.99 -49.78
C GLY WA 164 -51.50 -69.50 -50.10
N MET WA 165 -50.65 -69.06 -51.03
CA MET WA 165 -50.66 -67.68 -51.51
C MET WA 165 -52.01 -67.32 -52.13
N TYR WA 166 -52.52 -68.12 -53.07
CA TYR WA 166 -53.79 -67.81 -53.74
C TYR WA 166 -54.98 -67.85 -52.77
N ASN WA 167 -55.05 -68.78 -51.83
CA ASN WA 167 -56.08 -68.74 -50.79
C ASN WA 167 -55.92 -67.51 -49.90
N SER WA 168 -54.69 -67.14 -49.51
CA SER WA 168 -54.45 -65.98 -48.66
C SER WA 168 -54.78 -64.64 -49.34
N MET WA 169 -55.02 -64.62 -50.66
CA MET WA 169 -55.58 -63.45 -51.35
C MET WA 169 -57.02 -63.14 -50.95
N GLN WA 170 -57.73 -64.05 -50.29
CA GLN WA 170 -59.09 -63.80 -49.83
C GLN WA 170 -59.09 -62.54 -48.96
N PRO WA 171 -60.02 -61.57 -49.17
CA PRO WA 171 -59.88 -60.24 -48.59
C PRO WA 171 -59.73 -60.19 -47.08
N SER WA 172 -60.46 -61.02 -46.34
CA SER WA 172 -60.34 -61.11 -44.88
C SER WA 172 -58.99 -61.66 -44.44
N ILE WA 173 -58.48 -62.69 -45.14
CA ILE WA 173 -57.19 -63.31 -44.82
C ILE WA 173 -56.03 -62.38 -45.17
N HIS WA 174 -56.07 -61.75 -46.35
CA HIS WA 174 -55.08 -60.76 -46.75
C HIS WA 174 -55.06 -59.57 -45.78
N LEU WA 175 -56.23 -59.07 -45.39
CA LEU WA 175 -56.33 -58.01 -44.38
C LEU WA 175 -55.77 -58.39 -43.00
N MET WA 176 -55.70 -59.67 -42.64
CA MET WA 176 -55.03 -60.09 -41.40
C MET WA 176 -53.50 -60.17 -41.49
N GLN WA 177 -52.92 -60.28 -42.68
CA GLN WA 177 -51.47 -60.48 -42.83
C GLN WA 177 -50.64 -59.30 -42.31
N GLN WA 178 -49.41 -59.60 -41.88
CA GLN WA 178 -48.43 -58.58 -41.51
C GLN WA 178 -47.86 -57.89 -42.76
N ASN WA 179 -47.45 -56.62 -42.60
CA ASN WA 179 -46.94 -55.78 -43.68
C ASN WA 179 -47.91 -55.66 -44.88
N LYS WA 180 -49.21 -55.72 -44.58
CA LYS WA 180 -50.27 -55.24 -45.46
C LYS WA 180 -50.24 -53.72 -45.55
N LEU WA 181 -50.84 -53.20 -46.60
CA LEU WA 181 -51.27 -51.81 -46.73
C LEU WA 181 -52.75 -51.81 -47.07
N ILE WA 182 -53.58 -51.14 -46.28
CA ILE WA 182 -55.00 -50.97 -46.56
C ILE WA 182 -55.18 -49.59 -47.18
N VAL WA 183 -55.85 -49.53 -48.33
CA VAL WA 183 -56.22 -48.28 -48.98
C VAL WA 183 -57.74 -48.14 -48.93
N PRO WA 184 -58.29 -47.33 -48.01
CA PRO WA 184 -59.71 -47.04 -47.99
C PRO WA 184 -60.11 -46.30 -49.26
N SER WA 185 -61.31 -46.51 -49.75
CA SER WA 185 -61.89 -45.67 -50.78
C SER WA 185 -62.06 -44.24 -50.30
N LYS WA 186 -62.22 -43.29 -51.23
CA LYS WA 186 -62.54 -41.89 -50.90
C LYS WA 186 -63.86 -41.77 -50.14
N GLN WA 187 -64.80 -42.68 -50.39
CA GLN WA 187 -66.05 -42.78 -49.65
C GLN WA 187 -65.84 -43.23 -48.20
N THR WA 188 -65.04 -44.28 -47.94
CA THR WA 188 -64.85 -44.77 -46.56
C THR WA 188 -63.91 -43.91 -45.72
N GLN WA 189 -62.96 -43.19 -46.32
CA GLN WA 189 -62.14 -42.21 -45.60
C GLN WA 189 -61.63 -41.09 -46.51
N LYS WA 190 -62.01 -39.84 -46.24
CA LYS WA 190 -61.36 -38.64 -46.79
C LYS WA 190 -60.02 -38.42 -46.11
N ARG WA 191 -58.97 -38.13 -46.88
CA ARG WA 191 -57.58 -38.02 -46.41
C ARG WA 191 -56.95 -36.71 -46.88
N ARG WA 192 -55.90 -36.24 -46.17
CA ARG WA 192 -55.10 -35.09 -46.58
C ARG WA 192 -54.41 -35.34 -47.93
N LYS WA 193 -53.67 -36.44 -48.03
CA LYS WA 193 -53.08 -36.92 -49.28
C LYS WA 193 -53.95 -38.02 -49.87
N PRO WA 194 -54.34 -37.97 -51.15
CA PRO WA 194 -55.26 -38.94 -51.76
C PRO WA 194 -54.61 -40.28 -52.12
N TYR WA 195 -53.39 -40.52 -51.66
CA TYR WA 195 -52.57 -41.69 -51.97
C TYR WA 195 -51.73 -42.09 -50.75
N ILE WA 196 -51.26 -43.33 -50.73
CA ILE WA 196 -50.25 -43.80 -49.78
C ILE WA 196 -48.97 -44.11 -50.54
N LYS WA 197 -47.85 -43.53 -50.11
CA LYS WA 197 -46.55 -43.60 -50.78
C LYS WA 197 -45.57 -44.43 -49.97
N LYS WA 198 -44.88 -45.38 -50.59
CA LYS WA 198 -43.75 -46.07 -49.96
C LYS WA 198 -42.67 -46.51 -50.91
N HIS WA 199 -41.45 -46.53 -50.39
CA HIS WA 199 -40.23 -46.88 -51.10
C HIS WA 199 -39.89 -48.33 -50.85
N ILE WA 200 -39.52 -49.05 -51.91
CA ILE WA 200 -39.23 -50.47 -51.89
C ILE WA 200 -37.79 -50.69 -52.37
N SER WA 201 -36.98 -51.35 -51.57
CA SER WA 201 -35.57 -51.63 -51.85
C SER WA 201 -35.43 -52.74 -52.91
N PRO WA 202 -34.30 -52.86 -53.64
CA PRO WA 202 -34.10 -53.99 -54.56
C PRO WA 202 -34.21 -55.35 -53.87
N PRO WA 203 -34.48 -56.43 -54.64
CA PRO WA 203 -34.31 -57.79 -54.14
C PRO WA 203 -32.95 -57.99 -53.47
N THR WA 204 -32.87 -58.78 -52.40
CA THR WA 204 -31.60 -58.98 -51.69
C THR WA 204 -30.51 -59.60 -52.59
N GLN WA 205 -30.93 -60.33 -53.64
CA GLN WA 205 -30.01 -60.96 -54.63
C GLN WA 205 -29.52 -59.92 -55.66
N MET WA 206 -30.26 -58.84 -55.87
CA MET WA 206 -29.82 -57.72 -56.71
C MET WA 206 -28.94 -56.79 -55.86
N LYS WA 207 -27.63 -56.93 -55.98
CA LYS WA 207 -26.67 -56.09 -55.23
C LYS WA 207 -26.53 -54.72 -55.89
N SER WA 208 -25.85 -53.78 -55.25
CA SER WA 208 -25.69 -52.42 -55.79
C SER WA 208 -24.77 -52.35 -57.02
N GLN WA 209 -24.10 -53.44 -57.39
CA GLN WA 209 -23.22 -53.51 -58.55
C GLN WA 209 -23.93 -53.20 -59.88
N TRP WA 210 -23.16 -52.90 -60.92
CA TRP WA 210 -23.64 -52.85 -62.30
C TRP WA 210 -23.90 -54.25 -62.85
N TYR WA 211 -24.92 -54.39 -63.69
CA TYR WA 211 -25.27 -55.61 -64.39
C TYR WA 211 -25.55 -55.30 -65.86
N PHE WA 212 -25.18 -56.16 -66.80
CA PHE WA 212 -25.68 -56.01 -68.17
C PHE WA 212 -27.21 -56.06 -68.20
N GLN WA 213 -27.83 -55.15 -68.95
CA GLN WA 213 -29.31 -55.08 -69.06
C GLN WA 213 -29.86 -56.38 -69.65
N HIS WA 214 -29.10 -57.11 -70.47
CA HIS WA 214 -29.52 -58.41 -71.05
C HIS WA 214 -29.68 -59.46 -69.94
N ASN WA 215 -28.83 -59.41 -68.92
CA ASN WA 215 -28.88 -60.38 -67.83
C ASN WA 215 -30.05 -60.12 -66.89
N ILE WA 216 -30.23 -58.87 -66.45
CA ILE WA 216 -31.28 -58.50 -65.48
C ILE WA 216 -32.66 -58.27 -66.11
N ALA WA 217 -32.79 -58.23 -67.44
CA ALA WA 217 -34.04 -57.90 -68.13
C ALA WA 217 -35.26 -58.66 -67.58
N ASN WA 218 -35.14 -59.99 -67.40
CA ASN WA 218 -36.24 -60.85 -66.99
C ASN WA 218 -36.30 -61.15 -65.48
N ILE WA 219 -35.34 -60.71 -64.69
CA ILE WA 219 -35.32 -60.91 -63.23
C ILE WA 219 -36.48 -60.12 -62.61
N PRO WA 220 -37.43 -60.76 -61.89
CA PRO WA 220 -38.56 -60.03 -61.31
C PRO WA 220 -38.11 -59.24 -60.08
N LEU WA 221 -38.12 -57.90 -60.17
CA LEU WA 221 -37.57 -57.00 -59.11
C LEU WA 221 -38.63 -56.58 -58.09
N LEU WA 222 -39.90 -56.86 -58.36
CA LEU WA 222 -40.99 -56.58 -57.43
C LEU WA 222 -42.17 -57.52 -57.69
N MET WA 223 -42.79 -58.03 -56.63
CA MET WA 223 -44.13 -58.62 -56.69
C MET WA 223 -45.13 -57.75 -55.92
N ILE WA 224 -46.26 -57.39 -56.53
CA ILE WA 224 -47.38 -56.73 -55.87
C ILE WA 224 -48.56 -57.69 -55.82
N ARG WA 225 -49.13 -57.92 -54.66
CA ARG WA 225 -50.37 -58.68 -54.45
C ARG WA 225 -51.47 -57.73 -54.00
N THR WA 226 -52.60 -57.70 -54.69
CA THR WA 226 -53.72 -56.81 -54.35
C THR WA 226 -55.03 -57.56 -54.35
N THR WA 227 -55.92 -57.27 -53.41
CA THR WA 227 -57.28 -57.82 -53.37
C THR WA 227 -58.30 -56.72 -53.06
N ALA WA 228 -59.44 -56.75 -53.73
CA ALA WA 228 -60.57 -55.85 -53.53
C ALA WA 228 -61.37 -56.21 -52.26
N LEU WA 229 -61.83 -55.19 -51.55
CA LEU WA 229 -62.25 -55.28 -50.15
C LEU WA 229 -63.45 -54.37 -49.89
N THR WA 230 -64.26 -54.65 -48.88
CA THR WA 230 -65.02 -53.57 -48.21
C THR WA 230 -64.84 -53.63 -46.71
N LEU WA 231 -64.54 -52.48 -46.11
CA LEU WA 231 -64.43 -52.31 -44.66
C LEU WA 231 -65.79 -52.09 -43.99
N ASP WA 232 -66.68 -51.31 -44.60
CA ASP WA 232 -68.00 -50.97 -44.05
C ASP WA 232 -69.08 -52.05 -44.23
N ASN WA 233 -68.89 -52.98 -45.16
CA ASN WA 233 -69.79 -54.09 -45.45
C ASN WA 233 -69.10 -55.43 -45.21
N TYR WA 234 -68.12 -55.49 -44.31
CA TYR WA 234 -67.22 -56.61 -44.14
C TYR WA 234 -67.92 -57.95 -43.93
N TYR WA 235 -68.97 -58.01 -43.11
CA TYR WA 235 -69.71 -59.25 -42.85
C TYR WA 235 -70.86 -59.47 -43.83
N ILE WA 236 -71.71 -58.46 -44.03
CA ILE WA 236 -72.89 -58.58 -44.91
C ILE WA 236 -72.47 -58.74 -46.37
N GLY WA 237 -71.46 -58.01 -46.82
CA GLY WA 237 -70.95 -58.04 -48.18
C GLY WA 237 -72.03 -57.68 -49.17
N SER WA 238 -72.42 -58.60 -50.03
CA SER WA 238 -73.55 -58.48 -50.95
C SER WA 238 -74.68 -59.47 -50.68
N ARG WA 239 -74.77 -60.00 -49.46
CA ARG WA 239 -75.88 -60.86 -48.98
C ARG WA 239 -77.24 -60.21 -49.23
N GLN WA 240 -78.20 -61.02 -49.69
CA GLN WA 240 -79.62 -60.65 -49.84
C GLN WA 240 -80.47 -61.67 -49.09
N LEU WA 241 -81.52 -61.22 -48.38
CA LEU WA 241 -82.39 -62.08 -47.56
C LEU WA 241 -81.58 -62.90 -46.53
N SER WA 242 -81.70 -64.22 -46.52
CA SER WA 242 -81.04 -65.13 -45.58
C SER WA 242 -79.50 -65.11 -45.68
N THR WA 243 -78.82 -65.49 -44.60
CA THR WA 243 -77.36 -65.72 -44.62
C THR WA 243 -76.99 -66.93 -45.51
N ASN WA 244 -77.88 -67.90 -45.66
CA ASN WA 244 -77.69 -69.08 -46.51
C ASN WA 244 -77.62 -68.70 -47.99
N VAL WA 245 -76.66 -69.25 -48.70
CA VAL WA 245 -76.57 -69.20 -50.17
C VAL WA 245 -77.00 -70.55 -50.75
N THR WA 246 -77.70 -70.54 -51.87
CA THR WA 246 -78.14 -71.77 -52.57
C THR WA 246 -77.12 -72.16 -53.63
N ILE WA 247 -76.63 -73.40 -53.57
CA ILE WA 247 -75.72 -73.99 -54.54
C ILE WA 247 -76.50 -75.03 -55.36
N HIS WA 248 -76.40 -74.98 -56.69
CA HIS WA 248 -76.99 -76.05 -57.53
C HIS WA 248 -75.87 -77.08 -57.72
N THR WA 249 -76.18 -78.36 -57.85
CA THR WA 249 -75.20 -79.42 -58.12
C THR WA 249 -75.77 -80.54 -58.98
N LEU WA 250 -74.89 -81.29 -59.64
CA LEU WA 250 -75.32 -82.51 -60.37
C LEU WA 250 -75.55 -83.60 -59.33
N ASN WA 251 -76.74 -84.23 -59.29
CA ASN WA 251 -76.97 -85.38 -58.39
C ASN WA 251 -75.76 -86.30 -58.55
N THR WA 252 -75.03 -86.62 -57.49
CA THR WA 252 -73.84 -87.49 -57.55
C THR WA 252 -74.30 -88.93 -57.57
N THR WA 253 -75.43 -89.24 -56.93
CA THR WA 253 -75.94 -90.61 -56.77
C THR WA 253 -76.54 -91.20 -58.05
N TYR WA 254 -76.60 -90.45 -59.16
CA TYR WA 254 -77.16 -90.91 -60.44
C TYR WA 254 -76.33 -90.47 -61.65
N ILE WA 255 -75.81 -89.23 -61.67
CA ILE WA 255 -74.99 -88.69 -62.77
C ILE WA 255 -73.51 -88.94 -62.46
N GLN WA 256 -72.89 -89.98 -62.98
CA GLN WA 256 -71.46 -90.25 -62.61
C GLN WA 256 -70.59 -90.66 -63.81
N ASN WA 257 -71.18 -90.99 -64.96
CA ASN WA 257 -70.37 -91.57 -66.02
C ASN WA 257 -69.38 -90.62 -66.70
N ARG WA 258 -69.62 -89.30 -66.64
CA ARG WA 258 -68.70 -88.27 -67.21
C ARG WA 258 -68.36 -88.53 -68.68
N ASP WA 259 -69.27 -89.15 -69.45
CA ASP WA 259 -69.06 -89.41 -70.88
C ASP WA 259 -69.67 -88.29 -71.76
N TRP WA 260 -69.25 -87.05 -71.55
CA TRP WA 260 -69.92 -85.88 -72.11
C TRP WA 260 -69.37 -85.36 -73.44
N GLY WA 261 -70.23 -84.64 -74.17
CA GLY WA 261 -69.82 -83.80 -75.30
C GLY WA 261 -69.64 -84.53 -76.64
N ASP WA 262 -70.40 -85.59 -76.89
CA ASP WA 262 -70.51 -86.24 -78.21
C ASP WA 262 -71.98 -86.39 -78.65
N ARG WA 263 -72.26 -86.21 -79.95
CA ARG WA 263 -73.61 -86.55 -80.51
C ARG WA 263 -73.46 -87.97 -81.10
N ASN WA 264 -72.25 -88.55 -81.01
CA ASN WA 264 -71.92 -89.87 -81.55
C ASN WA 264 -72.07 -91.01 -80.52
N LYS WA 265 -72.70 -90.75 -79.37
CA LYS WA 265 -72.78 -91.68 -78.22
C LYS WA 265 -74.14 -91.52 -77.51
N THR WA 266 -74.90 -92.60 -77.36
CA THR WA 266 -76.10 -92.60 -76.51
C THR WA 266 -75.69 -92.45 -75.05
N TYR WA 267 -76.20 -91.42 -74.35
CA TYR WA 267 -75.76 -91.14 -72.99
C TYR WA 267 -76.43 -92.07 -71.96
N TYR WA 268 -75.63 -92.52 -71.00
CA TYR WA 268 -76.04 -93.35 -69.87
C TYR WA 268 -75.44 -92.71 -68.62
N CYS WA 269 -76.23 -92.58 -67.55
CA CYS WA 269 -75.87 -91.71 -66.43
C CYS WA 269 -74.98 -92.40 -65.38
N GLN WA 270 -75.17 -93.68 -65.12
CA GLN WA 270 -74.32 -94.47 -64.22
C GLN WA 270 -74.18 -95.92 -64.67
N THR WA 271 -73.11 -96.57 -64.21
CA THR WA 271 -72.96 -98.03 -64.22
C THR WA 271 -73.00 -98.56 -62.79
N LEU WA 272 -73.71 -99.67 -62.55
CA LEU WA 272 -73.65 -100.41 -61.28
C LEU WA 272 -73.50 -101.90 -61.60
N GLY WA 273 -72.54 -102.58 -60.96
CA GLY WA 273 -72.17 -103.94 -61.36
C GLY WA 273 -71.75 -103.99 -62.84
N THR WA 274 -72.47 -104.77 -63.64
CA THR WA 274 -72.33 -104.80 -65.11
C THR WA 274 -73.33 -103.88 -65.85
N GLN WA 275 -74.35 -103.34 -65.17
CA GLN WA 275 -75.45 -102.62 -65.79
C GLN WA 275 -75.04 -101.21 -66.27
N ARG WA 276 -75.87 -100.65 -67.16
CA ARG WA 276 -75.91 -99.23 -67.51
C ARG WA 276 -77.31 -98.69 -67.21
N TYR WA 277 -77.40 -97.44 -66.76
CA TYR WA 277 -78.67 -96.79 -66.43
C TYR WA 277 -78.87 -95.56 -67.32
N PHE WA 278 -80.12 -95.29 -67.66
CA PHE WA 278 -80.54 -94.39 -68.73
C PHE WA 278 -81.66 -93.48 -68.23
N LEU WA 279 -81.73 -92.30 -68.83
CA LEU WA 279 -82.69 -91.26 -68.49
C LEU WA 279 -83.62 -91.01 -69.68
N TYR WA 280 -84.89 -90.73 -69.40
CA TYR WA 280 -85.89 -90.38 -70.41
C TYR WA 280 -86.74 -89.20 -69.95
N GLY WA 281 -86.99 -88.23 -70.81
CA GLY WA 281 -87.91 -87.13 -70.53
C GLY WA 281 -89.33 -87.48 -70.95
N THR WA 282 -90.34 -86.88 -70.33
CA THR WA 282 -91.71 -86.95 -70.86
C THR WA 282 -92.49 -85.67 -70.58
N HIS WA 283 -93.46 -85.36 -71.44
CA HIS WA 283 -94.39 -84.22 -71.20
C HIS WA 283 -95.70 -84.81 -70.66
N SER WA 284 -95.74 -86.13 -70.41
CA SER WA 284 -96.96 -86.79 -69.95
C SER WA 284 -97.46 -86.23 -68.62
N THR WA 285 -98.78 -86.07 -68.51
CA THR WA 285 -99.50 -85.73 -67.28
C THR WA 285 -99.77 -86.96 -66.39
N ALA WA 286 -99.36 -88.15 -66.81
CA ALA WA 286 -99.60 -89.39 -66.06
C ALA WA 286 -98.98 -89.32 -64.65
N GLN WA 287 -99.79 -89.64 -63.65
CA GLN WA 287 -99.39 -89.57 -62.23
C GLN WA 287 -98.58 -90.81 -61.79
N ASN WA 288 -98.78 -91.96 -62.44
CA ASN WA 288 -98.20 -93.23 -62.03
C ASN WA 288 -97.08 -93.66 -62.99
N ILE WA 289 -95.87 -93.88 -62.46
CA ILE WA 289 -94.69 -94.27 -63.23
C ILE WA 289 -94.87 -95.61 -63.97
N ASN WA 290 -95.76 -96.48 -63.51
CA ASN WA 290 -96.03 -97.77 -64.14
C ASN WA 290 -96.77 -97.66 -65.48
N ASP WA 291 -97.77 -96.76 -65.58
CA ASP WA 291 -98.70 -96.71 -66.77
C ASP WA 291 -98.24 -95.82 -67.93
N ILE WA 292 -97.18 -95.04 -67.78
CA ILE WA 292 -96.61 -94.28 -68.91
C ILE WA 292 -96.30 -95.23 -70.06
N LYS WA 293 -96.58 -94.81 -71.31
CA LYS WA 293 -96.35 -95.63 -72.50
C LYS WA 293 -94.85 -95.82 -72.79
N LEU WA 294 -94.52 -96.64 -73.79
CA LEU WA 294 -93.10 -96.73 -74.25
C LEU WA 294 -92.91 -95.53 -75.19
N GLN WA 295 -94.00 -94.96 -75.72
CA GLN WA 295 -93.97 -93.81 -76.66
C GLN WA 295 -93.71 -92.50 -75.92
N GLU WA 296 -94.33 -92.27 -74.77
CA GLU WA 296 -94.22 -90.98 -74.04
C GLU WA 296 -92.75 -90.60 -73.82
N LEU WA 297 -91.90 -91.58 -73.49
CA LEU WA 297 -90.48 -91.30 -73.14
C LEU WA 297 -89.73 -90.63 -74.32
N ILE WA 298 -88.92 -89.60 -74.03
CA ILE WA 298 -88.07 -88.92 -75.04
C ILE WA 298 -86.63 -89.34 -74.68
N PRO WA 299 -86.05 -90.36 -75.33
CA PRO WA 299 -84.77 -90.91 -74.92
C PRO WA 299 -83.68 -89.91 -75.19
N LEU WA 300 -82.59 -89.95 -74.42
CA LEU WA 300 -81.47 -88.98 -74.56
C LEU WA 300 -80.29 -89.68 -75.26
N THR WA 301 -79.99 -89.29 -76.52
CA THR WA 301 -78.91 -89.88 -77.33
C THR WA 301 -77.83 -88.85 -77.56
N ASN WA 302 -77.99 -87.63 -77.01
CA ASN WA 302 -76.99 -86.58 -77.12
C ASN WA 302 -76.79 -85.92 -75.75
N THR WA 303 -75.56 -85.56 -75.37
CA THR WA 303 -75.34 -84.58 -74.29
C THR WA 303 -74.75 -83.26 -74.77
N GLN WA 304 -74.12 -83.27 -75.97
CA GLN WA 304 -73.36 -82.12 -76.51
C GLN WA 304 -74.21 -80.91 -76.94
N ASP WA 305 -75.53 -81.02 -77.04
CA ASP WA 305 -76.36 -79.89 -77.53
C ASP WA 305 -77.34 -79.35 -76.50
N TYR WA 306 -77.82 -78.12 -76.72
CA TYR WA 306 -78.88 -77.51 -75.90
C TYR WA 306 -80.28 -78.08 -76.21
N VAL WA 307 -80.41 -78.90 -77.25
CA VAL WA 307 -81.71 -79.32 -77.80
C VAL WA 307 -82.57 -80.05 -76.76
N GLN WA 308 -83.86 -79.72 -76.71
CA GLN WA 308 -84.85 -80.34 -75.81
C GLN WA 308 -85.30 -81.73 -76.28
N GLY WA 309 -85.21 -81.99 -77.57
CA GLY WA 309 -85.89 -83.11 -78.22
C GLY WA 309 -87.38 -82.80 -78.40
N PHE WA 310 -88.16 -83.82 -78.76
CA PHE WA 310 -89.61 -83.74 -78.89
C PHE WA 310 -90.25 -85.12 -78.71
N ASP WA 311 -91.56 -85.13 -78.45
CA ASP WA 311 -92.35 -86.34 -78.22
C ASP WA 311 -92.71 -87.07 -79.54
N TRP WA 312 -92.96 -88.38 -79.46
CA TRP WA 312 -93.37 -89.22 -80.59
C TRP WA 312 -94.67 -88.74 -81.25
N THR WA 313 -95.52 -88.00 -80.54
CA THR WA 313 -96.71 -87.34 -81.12
C THR WA 313 -96.35 -86.32 -82.22
N GLU WA 314 -95.10 -85.87 -82.31
CA GLU WA 314 -94.61 -85.00 -83.39
C GLU WA 314 -93.92 -85.77 -84.53
N LYS WA 315 -94.07 -87.10 -84.59
CA LYS WA 315 -93.59 -87.96 -85.69
C LYS WA 315 -93.87 -87.36 -87.08
N ASP WA 316 -95.11 -86.92 -87.30
CA ASP WA 316 -95.55 -86.34 -88.57
C ASP WA 316 -95.04 -84.91 -88.84
N LYS WA 317 -94.52 -84.19 -87.82
CA LYS WA 317 -93.93 -82.86 -88.02
C LYS WA 317 -92.48 -82.93 -88.54
N HIS WA 318 -91.78 -84.03 -88.23
CA HIS WA 318 -90.36 -84.26 -88.64
C HIS WA 318 -90.27 -85.47 -89.58
N ASN WA 319 -91.35 -85.83 -90.28
CA ASN WA 319 -91.40 -86.89 -91.28
C ASN WA 319 -90.73 -88.20 -90.80
N ILE WA 320 -90.84 -88.50 -89.50
CA ILE WA 320 -90.23 -89.66 -88.87
C ILE WA 320 -90.93 -90.94 -89.32
N THR WA 321 -90.16 -91.93 -89.75
CA THR WA 321 -90.68 -93.24 -90.20
C THR WA 321 -90.48 -94.34 -89.16
N THR WA 322 -89.49 -94.22 -88.27
CA THR WA 322 -89.11 -95.27 -87.30
C THR WA 322 -88.65 -94.67 -85.97
N TYR WA 323 -88.63 -95.48 -84.91
CA TYR WA 323 -88.02 -95.09 -83.64
C TYR WA 323 -86.52 -94.74 -83.80
N LYS WA 324 -85.81 -95.31 -84.77
CA LYS WA 324 -84.44 -94.90 -85.13
C LYS WA 324 -84.37 -93.42 -85.56
N GLU WA 325 -85.30 -92.95 -86.38
CA GLU WA 325 -85.41 -91.52 -86.72
C GLU WA 325 -85.96 -90.67 -85.56
N PHE WA 326 -86.80 -91.22 -84.68
CA PHE WA 326 -87.19 -90.54 -83.45
C PHE WA 326 -85.99 -90.32 -82.50
N LEU WA 327 -85.14 -91.34 -82.33
CA LEU WA 327 -83.87 -91.25 -81.58
C LEU WA 327 -82.94 -90.17 -82.14
N THR WA 328 -82.77 -90.08 -83.46
CA THR WA 328 -81.82 -89.13 -84.04
C THR WA 328 -82.38 -87.72 -84.12
N LYS WA 329 -83.65 -87.54 -84.53
CA LYS WA 329 -84.24 -86.20 -84.64
C LYS WA 329 -84.77 -85.66 -83.31
N GLY WA 330 -85.37 -86.50 -82.48
CA GLY WA 330 -86.23 -86.11 -81.35
C GLY WA 330 -85.66 -86.34 -79.95
N ALA WA 331 -84.48 -86.93 -79.80
CA ALA WA 331 -83.87 -87.11 -78.48
C ALA WA 331 -83.51 -85.78 -77.80
N GLY WA 332 -83.65 -85.73 -76.48
CA GLY WA 332 -83.44 -84.53 -75.67
C GLY WA 332 -82.12 -84.55 -74.90
N ASN WA 333 -81.45 -83.41 -74.76
CA ASN WA 333 -80.24 -83.37 -73.93
C ASN WA 333 -80.66 -83.21 -72.45
N PRO WA 334 -80.12 -83.98 -71.50
CA PRO WA 334 -80.60 -84.00 -70.11
C PRO WA 334 -80.40 -82.67 -69.39
N PHE WA 335 -79.47 -81.85 -69.88
CA PHE WA 335 -79.13 -80.54 -69.35
C PHE WA 335 -79.90 -79.38 -70.02
N HIS WA 336 -80.91 -79.66 -70.86
CA HIS WA 336 -81.82 -78.62 -71.34
C HIS WA 336 -82.58 -77.99 -70.16
N ALA WA 337 -83.01 -76.74 -70.27
CA ALA WA 337 -83.55 -75.95 -69.16
C ALA WA 337 -84.78 -76.56 -68.45
N GLU WA 338 -85.54 -77.45 -69.10
CA GLU WA 338 -86.63 -78.18 -68.44
C GLU WA 338 -86.20 -79.55 -67.89
N TRP WA 339 -85.27 -80.27 -68.53
CA TRP WA 339 -84.80 -81.57 -68.06
C TRP WA 339 -83.76 -81.46 -66.93
N ILE WA 340 -82.96 -80.39 -66.89
CA ILE WA 340 -81.87 -80.17 -65.91
C ILE WA 340 -82.36 -80.20 -64.46
N THR WA 341 -83.54 -79.65 -64.19
CA THR WA 341 -84.23 -79.65 -62.89
C THR WA 341 -85.55 -80.42 -62.93
N ALA WA 342 -85.80 -81.19 -64.00
CA ALA WA 342 -87.03 -81.94 -64.22
C ALA WA 342 -88.31 -81.10 -64.03
N GLN WA 343 -88.33 -79.88 -64.59
CA GLN WA 343 -89.53 -79.03 -64.61
C GLN WA 343 -90.71 -79.78 -65.24
N ASN WA 344 -90.43 -80.49 -66.34
CA ASN WA 344 -91.27 -81.55 -66.87
C ASN WA 344 -90.63 -82.90 -66.47
N PRO WA 345 -91.40 -83.92 -66.05
CA PRO WA 345 -90.85 -85.12 -65.44
C PRO WA 345 -89.76 -85.81 -66.27
N VAL WA 346 -88.77 -86.36 -65.55
CA VAL WA 346 -87.62 -87.11 -66.09
C VAL WA 346 -87.54 -88.44 -65.36
N ILE WA 347 -87.38 -89.51 -66.13
CA ILE WA 347 -87.47 -90.89 -65.67
C ILE WA 347 -86.11 -91.58 -65.78
N HIS WA 348 -85.63 -92.15 -64.69
CA HIS WA 348 -84.37 -92.90 -64.61
C HIS WA 348 -84.66 -94.40 -64.60
N THR WA 349 -83.96 -95.21 -65.38
CA THR WA 349 -84.21 -96.66 -65.51
C THR WA 349 -82.96 -97.45 -65.89
N ALA WA 350 -82.93 -98.74 -65.56
CA ALA WA 350 -81.95 -99.68 -66.10
C ALA WA 350 -82.26 -100.07 -67.56
N ASN WA 351 -83.49 -99.86 -68.04
CA ASN WA 351 -83.89 -100.33 -69.36
C ASN WA 351 -83.26 -99.49 -70.49
N SER WA 352 -82.31 -100.09 -71.20
CA SER WA 352 -81.61 -99.42 -72.29
C SER WA 352 -82.55 -99.05 -73.44
N PRO WA 353 -82.36 -97.89 -74.10
CA PRO WA 353 -83.11 -97.52 -75.29
C PRO WA 353 -83.08 -98.60 -76.36
N THR WA 354 -82.02 -99.39 -76.48
CA THR WA 354 -81.94 -100.49 -77.46
C THR WA 354 -82.89 -101.65 -77.13
N GLN WA 355 -83.22 -101.90 -75.87
CA GLN WA 355 -84.32 -102.82 -75.56
C GLN WA 355 -85.66 -102.21 -75.99
N ILE WA 356 -85.87 -100.90 -75.80
CA ILE WA 356 -87.04 -100.19 -76.35
C ILE WA 356 -87.03 -100.21 -77.88
N GLU WA 357 -85.87 -100.09 -78.55
CA GLU WA 357 -85.74 -100.24 -80.00
C GLU WA 357 -86.23 -101.62 -80.42
N GLN WA 358 -85.79 -102.69 -79.75
CA GLN WA 358 -86.24 -104.04 -80.04
C GLN WA 358 -87.76 -104.16 -79.87
N ILE WA 359 -88.37 -103.57 -78.84
CA ILE WA 359 -89.83 -103.59 -78.68
C ILE WA 359 -90.54 -102.81 -79.80
N TYR WA 360 -90.08 -101.60 -80.15
CA TYR WA 360 -90.63 -100.84 -81.29
C TYR WA 360 -90.46 -101.57 -82.62
N THR WA 361 -89.24 -101.94 -82.96
CA THR WA 361 -88.89 -102.52 -84.26
C THR WA 361 -89.51 -103.90 -84.45
N ALA WA 362 -89.62 -104.71 -83.38
CA ALA WA 362 -90.31 -105.99 -83.45
C ALA WA 362 -91.79 -105.80 -83.85
N SER WA 363 -92.49 -104.83 -83.28
CA SER WA 363 -93.78 -104.35 -83.82
C SER WA 363 -94.15 -102.94 -83.34
N THR WA 364 -94.26 -102.02 -84.29
CA THR WA 364 -94.67 -100.61 -84.06
C THR WA 364 -96.11 -100.51 -83.54
N THR WA 365 -96.97 -101.43 -83.94
CA THR WA 365 -98.36 -101.51 -83.45
C THR WA 365 -98.44 -101.89 -81.97
N THR WA 366 -97.53 -102.73 -81.46
CA THR WA 366 -97.47 -103.04 -80.02
C THR WA 366 -96.69 -102.01 -79.21
N PHE WA 367 -95.95 -101.10 -79.84
CA PHE WA 367 -95.36 -99.93 -79.15
C PHE WA 367 -96.44 -98.98 -78.60
N GLN WA 368 -97.59 -98.88 -79.29
CA GLN WA 368 -98.79 -98.21 -78.80
C GLN WA 368 -99.35 -98.91 -77.54
N ASN WA 369 -99.39 -100.25 -77.55
CA ASN WA 369 -99.98 -101.04 -76.48
C ASN WA 369 -99.07 -101.10 -75.23
N LYS WA 370 -97.76 -101.27 -75.41
CA LYS WA 370 -96.81 -101.45 -74.29
C LYS WA 370 -96.69 -100.18 -73.44
N LYS WA 371 -96.69 -100.38 -72.13
CA LYS WA 371 -96.45 -99.37 -71.08
C LYS WA 371 -95.15 -99.68 -70.33
N LEU WA 372 -94.81 -98.87 -69.33
CA LEU WA 372 -93.66 -99.08 -68.45
C LEU WA 372 -93.80 -100.33 -67.56
N THR WA 373 -95.01 -100.86 -67.36
CA THR WA 373 -95.23 -102.23 -66.86
C THR WA 373 -94.71 -103.29 -67.82
N ASP WA 374 -94.23 -104.42 -67.29
CA ASP WA 374 -93.79 -105.59 -68.05
C ASP WA 374 -92.70 -105.31 -69.11
N LEU WA 375 -91.90 -104.26 -68.91
CA LEU WA 375 -90.71 -103.99 -69.73
C LEU WA 375 -89.49 -104.76 -69.20
N PRO WA 376 -88.47 -104.99 -70.04
CA PRO WA 376 -87.20 -105.56 -69.57
C PRO WA 376 -86.50 -104.59 -68.60
N THR WA 377 -85.86 -105.15 -67.56
CA THR WA 377 -85.17 -104.40 -66.49
C THR WA 377 -85.86 -103.07 -66.14
N PRO WA 378 -87.13 -103.07 -65.69
CA PRO WA 378 -87.86 -101.82 -65.51
C PRO WA 378 -87.71 -101.10 -64.18
N GLY WA 379 -86.55 -100.44 -63.96
CA GLY WA 379 -86.32 -99.66 -62.74
C GLY WA 379 -86.77 -98.23 -62.98
N TYR WA 380 -87.95 -98.03 -63.57
CA TYR WA 380 -88.47 -96.68 -63.89
C TYR WA 380 -88.75 -95.92 -62.61
N ILE WA 381 -88.04 -94.82 -62.36
CA ILE WA 381 -88.18 -93.99 -61.12
C ILE WA 381 -88.32 -92.53 -61.55
N PHE WA 382 -88.58 -91.57 -60.64
CA PHE WA 382 -88.59 -90.12 -61.00
C PHE WA 382 -87.37 -89.48 -60.34
N ILE WA 383 -86.33 -89.16 -61.14
CA ILE WA 383 -85.06 -88.62 -60.61
C ILE WA 383 -84.74 -87.28 -61.28
N THR WA 384 -84.23 -86.31 -60.51
CA THR WA 384 -83.86 -84.98 -61.03
C THR WA 384 -82.34 -84.90 -61.23
N PRO WA 385 -81.82 -84.53 -62.42
CA PRO WA 385 -80.37 -84.40 -62.64
C PRO WA 385 -79.69 -83.39 -61.72
N THR WA 386 -80.42 -82.32 -61.35
CA THR WA 386 -79.96 -81.28 -60.40
C THR WA 386 -80.63 -81.43 -59.05
N VAL WA 387 -79.87 -81.15 -57.99
CA VAL WA 387 -80.39 -80.83 -56.65
C VAL WA 387 -79.84 -79.46 -56.21
N SER WA 388 -80.62 -78.71 -55.44
CA SER WA 388 -80.19 -77.45 -54.82
C SER WA 388 -79.87 -77.67 -53.34
N LEU WA 389 -78.65 -77.32 -52.93
CA LEU WA 389 -78.18 -77.35 -51.55
C LEU WA 389 -78.25 -75.94 -50.94
N ARG WA 390 -78.36 -75.84 -49.62
CA ARG WA 390 -78.14 -74.60 -48.86
C ARG WA 390 -76.83 -74.68 -48.11
N TYR WA 391 -75.98 -73.66 -48.28
CA TYR WA 391 -74.72 -73.50 -47.58
C TYR WA 391 -74.77 -72.28 -46.66
N ASN WA 392 -74.31 -72.43 -45.42
CA ASN WA 392 -74.18 -71.34 -44.48
C ASN WA 392 -72.70 -71.23 -44.05
N PRO WA 393 -72.02 -70.10 -44.31
CA PRO WA 393 -70.60 -69.98 -44.01
C PRO WA 393 -70.30 -70.02 -42.51
N TYR WA 394 -71.25 -69.57 -41.69
CA TYR WA 394 -71.05 -69.51 -40.21
C TYR WA 394 -71.24 -70.90 -39.61
N LYS WA 395 -71.87 -71.81 -40.36
CA LYS WA 395 -72.10 -73.21 -39.89
C LYS WA 395 -70.99 -74.11 -40.42
N ASP WA 396 -69.98 -73.55 -41.09
CA ASP WA 396 -68.88 -74.35 -41.71
C ASP WA 396 -67.68 -74.46 -40.76
N LEU WA 397 -67.23 -75.67 -40.44
CA LEU WA 397 -66.15 -75.91 -39.49
C LEU WA 397 -64.87 -76.44 -40.16
N ALA WA 398 -64.89 -76.66 -41.48
CA ALA WA 398 -63.71 -77.06 -42.24
C ALA WA 398 -63.01 -78.35 -41.77
N GLU WA 399 -63.69 -79.30 -41.14
CA GLU WA 399 -63.05 -80.50 -40.59
C GLU WA 399 -62.78 -81.57 -41.66
N ARG WA 400 -63.61 -81.63 -42.70
CA ARG WA 400 -63.51 -82.60 -43.80
C ARG WA 400 -63.77 -81.97 -45.17
N ASN WA 401 -63.55 -80.67 -45.28
CA ASN WA 401 -63.65 -79.93 -46.53
C ASN WA 401 -62.51 -80.30 -47.48
N LYS WA 402 -62.78 -80.33 -48.79
CA LYS WA 402 -61.85 -80.80 -49.82
C LYS WA 402 -62.25 -80.25 -51.19
N CYS WA 403 -61.32 -80.13 -52.13
CA CYS WA 403 -61.56 -79.51 -53.42
C CYS WA 403 -60.52 -79.96 -54.46
N TYR WA 404 -60.94 -80.33 -55.68
CA TYR WA 404 -60.05 -80.77 -56.76
C TYR WA 404 -60.74 -80.75 -58.13
N PHE WA 405 -59.95 -80.84 -59.21
CA PHE WA 405 -60.45 -80.94 -60.57
C PHE WA 405 -60.35 -82.36 -61.12
N VAL WA 406 -61.39 -82.82 -61.81
CA VAL WA 406 -61.44 -84.11 -62.52
C VAL WA 406 -61.64 -83.86 -64.02
N ARG WA 407 -61.21 -84.79 -64.87
CA ARG WA 407 -61.28 -84.66 -66.33
C ARG WA 407 -62.73 -84.86 -66.80
N SER WA 408 -63.32 -83.89 -67.50
CA SER WA 408 -64.72 -83.96 -67.95
C SER WA 408 -64.88 -84.79 -69.22
N LYS WA 409 -64.13 -84.50 -70.29
CA LYS WA 409 -64.09 -85.30 -71.53
C LYS WA 409 -63.11 -86.48 -71.42
N ILE WA 410 -63.41 -87.46 -70.57
CA ILE WA 410 -62.78 -88.80 -70.63
C ILE WA 410 -63.78 -89.89 -70.29
N ASN WA 411 -63.49 -91.10 -70.74
CA ASN WA 411 -64.30 -92.29 -70.48
C ASN WA 411 -63.93 -92.94 -69.13
N ALA WA 412 -64.11 -92.21 -68.02
CA ALA WA 412 -63.82 -92.71 -66.67
C ALA WA 412 -64.99 -92.46 -65.70
N HIS WA 413 -65.34 -93.48 -64.94
CA HIS WA 413 -66.46 -93.46 -64.01
C HIS WA 413 -66.10 -92.76 -62.69
N GLY WA 414 -67.11 -92.19 -62.03
CA GLY WA 414 -67.01 -91.72 -60.65
C GLY WA 414 -66.28 -90.39 -60.47
N TRP WA 415 -66.29 -89.91 -59.23
CA TRP WA 415 -65.90 -88.56 -58.85
C TRP WA 415 -64.71 -88.49 -57.89
N ASP WA 416 -64.09 -89.64 -57.59
CA ASP WA 416 -62.99 -89.69 -56.58
C ASP WA 416 -61.86 -88.72 -56.99
N PRO WA 417 -61.08 -88.16 -56.04
CA PRO WA 417 -59.95 -87.32 -56.39
C PRO WA 417 -59.04 -88.15 -57.27
N GLU WA 418 -58.63 -87.61 -58.43
CA GLU WA 418 -57.82 -88.38 -59.41
C GLU WA 418 -56.70 -87.49 -59.97
N GLN WA 419 -55.83 -88.06 -60.79
CA GLN WA 419 -54.71 -87.31 -61.42
C GLN WA 419 -53.83 -86.71 -60.30
N HIS WA 420 -53.64 -85.39 -60.26
CA HIS WA 420 -52.73 -84.73 -59.27
C HIS WA 420 -53.33 -84.83 -57.86
N GLN WA 421 -52.66 -85.56 -56.97
CA GLN WA 421 -53.10 -85.68 -55.55
C GLN WA 421 -52.42 -84.56 -54.75
N GLU WA 422 -51.36 -83.95 -55.30
CA GLU WA 422 -50.74 -82.79 -54.65
C GLU WA 422 -51.53 -81.49 -54.88
N LEU WA 423 -52.41 -81.46 -55.88
CA LEU WA 423 -53.27 -80.31 -56.18
C LEU WA 423 -54.57 -80.31 -55.37
N ILE WA 424 -54.89 -81.39 -54.66
CA ILE WA 424 -56.06 -81.43 -53.77
C ILE WA 424 -55.88 -80.36 -52.69
N ASN WA 425 -56.91 -79.52 -52.49
CA ASN WA 425 -56.94 -78.44 -51.46
C ASN WA 425 -57.91 -78.86 -50.35
N SER WA 426 -57.48 -78.89 -49.08
CA SER WA 426 -58.25 -79.47 -47.98
C SER WA 426 -58.26 -78.59 -46.73
N ASP WA 427 -59.23 -78.82 -45.85
CA ASP WA 427 -59.26 -78.34 -44.46
C ASP WA 427 -59.28 -76.81 -44.28
N LEU WA 428 -59.98 -76.08 -45.14
CA LEU WA 428 -60.34 -74.67 -44.96
C LEU WA 428 -61.84 -74.50 -45.23
N PRO WA 429 -62.52 -73.49 -44.67
CA PRO WA 429 -63.94 -73.28 -44.95
C PRO WA 429 -64.13 -72.99 -46.44
N GLN WA 430 -65.20 -73.50 -47.07
CA GLN WA 430 -65.41 -73.43 -48.55
C GLN WA 430 -65.23 -72.05 -49.19
N TRP WA 431 -65.56 -70.96 -48.51
CA TRP WA 431 -65.33 -69.61 -49.02
C TRP WA 431 -63.85 -69.22 -49.05
N LEU WA 432 -63.01 -69.81 -48.20
CA LEU WA 432 -61.56 -69.67 -48.24
C LEU WA 432 -60.91 -70.74 -49.13
N LEU WA 433 -61.42 -71.96 -49.11
CA LEU WA 433 -60.88 -73.09 -49.87
C LEU WA 433 -60.98 -72.87 -51.39
N LEU WA 434 -62.09 -72.30 -51.86
CA LEU WA 434 -62.32 -72.06 -53.28
C LEU WA 434 -61.64 -70.79 -53.80
N PHE WA 435 -61.32 -69.82 -52.94
CA PHE WA 435 -60.87 -68.50 -53.38
C PHE WA 435 -59.54 -68.58 -54.13
N GLY WA 436 -59.52 -68.21 -55.41
CA GLY WA 436 -58.32 -68.25 -56.24
C GLY WA 436 -57.80 -69.66 -56.57
N TYR WA 437 -58.44 -70.74 -56.12
CA TYR WA 437 -57.98 -72.10 -56.37
C TYR WA 437 -57.99 -72.47 -57.87
N PRO WA 438 -59.04 -72.18 -58.66
CA PRO WA 438 -59.01 -72.38 -60.10
C PRO WA 438 -57.87 -71.64 -60.81
N ASP WA 439 -57.55 -70.41 -60.39
CA ASP WA 439 -56.44 -69.66 -60.97
C ASP WA 439 -55.08 -70.20 -60.58
N TYR WA 440 -54.90 -70.68 -59.34
CA TYR WA 440 -53.69 -71.42 -58.98
C TYR WA 440 -53.51 -72.63 -59.88
N ILE WA 441 -54.58 -73.39 -60.14
CA ILE WA 441 -54.53 -74.56 -61.00
C ILE WA 441 -54.21 -74.18 -62.46
N LYS WA 442 -54.86 -73.15 -63.02
CA LYS WA 442 -54.52 -72.65 -64.35
C LYS WA 442 -53.08 -72.20 -64.46
N ARG WA 443 -52.58 -71.40 -63.50
CA ARG WA 443 -51.18 -70.90 -63.52
C ARG WA 443 -50.19 -72.06 -63.33
N THR WA 444 -50.58 -73.09 -62.58
CA THR WA 444 -49.74 -74.30 -62.42
C THR WA 444 -49.57 -75.07 -63.73
N GLN WA 445 -50.55 -75.02 -64.64
CA GLN WA 445 -50.44 -75.63 -66.00
C GLN WA 445 -50.24 -77.16 -65.97
N ASN WA 446 -50.56 -77.83 -64.86
CA ASN WA 446 -50.50 -79.30 -64.77
C ASN WA 446 -51.72 -80.01 -65.38
N PHE WA 447 -52.71 -79.25 -65.87
CA PHE WA 447 -53.89 -79.76 -66.57
C PHE WA 447 -54.03 -79.12 -67.95
N ALA WA 448 -54.68 -79.83 -68.89
CA ALA WA 448 -55.01 -79.25 -70.20
C ALA WA 448 -55.90 -78.02 -70.01
N LEU WA 449 -55.48 -76.90 -70.60
CA LEU WA 449 -55.84 -75.56 -70.08
C LEU WA 449 -57.33 -75.21 -70.19
N VAL WA 450 -58.06 -75.82 -71.13
CA VAL WA 450 -59.39 -75.35 -71.50
C VAL WA 450 -60.47 -75.70 -70.47
N ASP WA 451 -61.32 -74.72 -70.12
CA ASP WA 451 -62.38 -74.91 -69.07
C ASP WA 451 -63.33 -76.05 -69.41
N THR WA 452 -63.49 -76.37 -70.69
CA THR WA 452 -64.45 -77.41 -71.12
C THR WA 452 -63.99 -78.84 -70.80
N ASN WA 453 -62.72 -79.04 -70.48
CA ASN WA 453 -62.14 -80.38 -70.36
C ASN WA 453 -61.99 -80.85 -68.91
N TYR WA 454 -62.37 -80.03 -67.93
CA TYR WA 454 -62.33 -80.36 -66.51
C TYR WA 454 -63.62 -79.94 -65.80
N ILE WA 455 -63.88 -80.57 -64.66
CA ILE WA 455 -64.91 -80.19 -63.69
C ILE WA 455 -64.23 -79.99 -62.34
N LEU WA 456 -64.68 -79.00 -61.60
CA LEU WA 456 -64.38 -78.78 -60.20
C LEU WA 456 -65.38 -79.56 -59.32
N VAL WA 457 -64.84 -80.30 -58.37
CA VAL WA 457 -65.54 -81.18 -57.45
C VAL WA 457 -65.12 -80.84 -56.02
N ASP WA 458 -66.05 -80.73 -55.08
CA ASP WA 458 -65.69 -80.42 -53.69
C ASP WA 458 -66.53 -81.20 -52.68
N HIS WA 459 -65.94 -81.53 -51.53
CA HIS WA 459 -66.61 -82.18 -50.41
C HIS WA 459 -66.83 -81.15 -49.29
N CYS WA 460 -68.02 -81.13 -48.71
CA CYS WA 460 -68.38 -80.24 -47.61
C CYS WA 460 -69.48 -80.89 -46.76
N PRO WA 461 -69.18 -81.33 -45.53
CA PRO WA 461 -70.18 -81.85 -44.59
C PRO WA 461 -71.32 -80.88 -44.23
N TYR WA 462 -71.14 -79.58 -44.46
CA TYR WA 462 -71.87 -78.52 -43.76
C TYR WA 462 -73.03 -77.90 -44.53
N THR WA 463 -73.35 -78.36 -45.74
CA THR WA 463 -74.65 -78.07 -46.34
C THR WA 463 -75.76 -78.81 -45.60
N ASN WA 464 -76.96 -78.22 -45.54
CA ASN WA 464 -78.05 -78.80 -44.75
C ASN WA 464 -78.61 -80.10 -45.36
N PRO WA 465 -79.03 -80.13 -46.63
CA PRO WA 465 -79.00 -81.35 -47.44
C PRO WA 465 -77.56 -81.65 -47.84
N GLU WA 466 -77.27 -82.86 -48.31
CA GLU WA 466 -75.91 -83.25 -48.71
C GLU WA 466 -75.90 -84.08 -50.00
N LYS WA 467 -74.75 -84.07 -50.67
CA LYS WA 467 -74.31 -85.02 -51.68
C LYS WA 467 -72.83 -85.30 -51.42
N THR WA 468 -72.36 -86.53 -51.66
CA THR WA 468 -71.03 -86.96 -51.17
C THR WA 468 -69.93 -86.06 -51.71
N PRO WA 469 -69.68 -85.94 -53.04
CA PRO WA 469 -69.14 -84.73 -53.62
C PRO WA 469 -70.26 -83.79 -54.09
N PHE WA 470 -69.86 -82.54 -54.35
CA PHE WA 470 -70.75 -81.54 -54.98
C PHE WA 470 -70.18 -81.27 -56.35
N ILE WA 471 -71.00 -81.03 -57.37
CA ILE WA 471 -70.50 -80.61 -58.70
C ILE WA 471 -71.14 -79.24 -58.93
N PRO WA 472 -70.69 -78.13 -58.28
CA PRO WA 472 -71.40 -76.87 -58.38
C PRO WA 472 -71.72 -76.51 -59.83
N LEU WA 473 -72.91 -75.96 -60.09
CA LEU WA 473 -73.30 -75.47 -61.40
C LEU WA 473 -73.90 -74.07 -61.27
N SER WA 474 -73.56 -73.17 -62.20
CA SER WA 474 -74.06 -71.81 -62.15
C SER WA 474 -75.53 -71.73 -62.53
N THR WA 475 -76.24 -70.77 -61.95
CA THR WA 475 -77.65 -70.49 -62.28
C THR WA 475 -77.86 -70.32 -63.78
N SER WA 476 -76.90 -69.76 -64.51
CA SER WA 476 -76.96 -69.67 -65.98
C SER WA 476 -77.06 -71.04 -66.67
N PHE WA 477 -76.27 -72.04 -66.27
CA PHE WA 477 -76.37 -73.39 -66.83
C PHE WA 477 -77.63 -74.13 -66.38
N ILE WA 478 -78.06 -73.91 -65.14
CA ILE WA 478 -79.33 -74.41 -64.61
C ILE WA 478 -80.56 -73.73 -65.26
N GLU WA 479 -80.38 -72.59 -65.92
CA GLU WA 479 -81.41 -71.84 -66.65
C GLU WA 479 -81.20 -71.83 -68.18
N GLY WA 480 -80.26 -72.63 -68.72
CA GLY WA 480 -80.08 -72.71 -70.17
C GLY WA 480 -79.56 -71.43 -70.82
N ARG WA 481 -78.43 -70.91 -70.32
CA ARG WA 481 -77.87 -69.62 -70.82
C ARG WA 481 -76.33 -69.65 -70.75
N SER WA 482 -75.66 -68.85 -71.58
CA SER WA 482 -74.18 -68.81 -71.63
C SER WA 482 -73.55 -68.33 -70.30
N PRO WA 483 -72.30 -68.73 -69.98
CA PRO WA 483 -71.69 -68.57 -68.66
C PRO WA 483 -71.80 -67.17 -68.01
N TYR WA 484 -71.69 -66.10 -68.80
CA TYR WA 484 -71.82 -64.71 -68.36
C TYR WA 484 -72.80 -63.92 -69.26
N SER WA 485 -73.94 -64.51 -69.62
CA SER WA 485 -74.95 -63.88 -70.48
C SER WA 485 -76.13 -63.36 -69.66
N PRO WA 486 -76.70 -62.16 -69.98
CA PRO WA 486 -77.76 -61.55 -69.20
C PRO WA 486 -79.05 -62.38 -69.21
N SER WA 487 -79.75 -62.39 -68.08
CA SER WA 487 -80.92 -63.24 -67.78
C SER WA 487 -82.10 -63.08 -68.74
N ASP WA 488 -82.15 -61.99 -69.54
CA ASP WA 488 -83.22 -61.83 -70.57
C ASP WA 488 -83.09 -62.92 -71.64
N THR WA 489 -81.90 -63.49 -71.80
CA THR WA 489 -81.60 -64.56 -72.74
C THR WA 489 -82.11 -65.91 -72.21
N HIS WA 490 -82.65 -66.77 -73.10
CA HIS WA 490 -83.20 -68.12 -72.71
C HIS WA 490 -82.61 -69.21 -73.60
N GLU WA 491 -81.43 -69.00 -74.19
CA GLU WA 491 -80.67 -69.98 -74.98
C GLU WA 491 -79.16 -69.69 -74.86
N PRO WA 492 -78.29 -70.70 -74.93
CA PRO WA 492 -76.87 -70.47 -75.18
C PRO WA 492 -76.62 -69.76 -76.52
N ASP WA 493 -75.52 -69.00 -76.62
CA ASP WA 493 -74.93 -68.56 -77.89
C ASP WA 493 -74.31 -69.74 -78.64
N GLU WA 494 -74.17 -69.70 -79.97
CA GLU WA 494 -73.87 -70.88 -80.80
C GLU WA 494 -72.69 -71.75 -80.31
N GLU WA 495 -71.61 -71.13 -79.86
CA GLU WA 495 -70.44 -71.86 -79.33
C GLU WA 495 -70.71 -72.54 -77.98
N ASP WA 496 -71.65 -72.03 -77.18
CA ASP WA 496 -72.19 -72.70 -75.98
C ASP WA 496 -73.43 -73.57 -76.29
N GLN WA 497 -74.08 -73.44 -77.45
CA GLN WA 497 -75.07 -74.43 -77.89
C GLN WA 497 -74.38 -75.75 -78.21
N ASN WA 498 -73.19 -75.69 -78.82
CA ASN WA 498 -72.21 -76.76 -78.78
C ASN WA 498 -71.58 -76.87 -77.38
N ARG WA 499 -71.06 -78.08 -77.10
CA ARG WA 499 -70.37 -78.38 -75.82
C ARG WA 499 -71.29 -78.06 -74.64
N TRP WA 500 -72.61 -78.26 -74.76
CA TRP WA 500 -73.59 -77.97 -73.66
C TRP WA 500 -73.62 -79.13 -72.65
N TYR WA 501 -72.55 -79.27 -71.87
CA TYR WA 501 -72.40 -80.34 -70.88
C TYR WA 501 -71.60 -79.85 -69.66
N PRO WA 502 -71.72 -80.50 -68.48
CA PRO WA 502 -70.99 -80.11 -67.28
C PRO WA 502 -69.48 -79.94 -67.49
N CYS WA 503 -68.98 -78.74 -67.23
CA CYS WA 503 -67.55 -78.43 -67.22
C CYS WA 503 -67.32 -77.11 -66.46
N TYR WA 504 -66.08 -76.85 -66.08
CA TYR WA 504 -65.68 -75.71 -65.24
C TYR WA 504 -66.17 -74.36 -65.77
N GLN WA 505 -66.29 -74.19 -67.09
CA GLN WA 505 -66.80 -72.93 -67.70
C GLN WA 505 -68.20 -72.60 -67.19
N TYR WA 506 -69.05 -73.59 -66.95
CA TYR WA 506 -70.38 -73.39 -66.40
C TYR WA 506 -70.43 -73.36 -64.87
N GLN WA 507 -69.35 -73.73 -64.18
CA GLN WA 507 -69.29 -73.71 -62.70
C GLN WA 507 -68.84 -72.36 -62.12
N GLN WA 508 -68.22 -71.49 -62.92
CA GLN WA 508 -67.50 -70.32 -62.44
C GLN WA 508 -68.32 -69.39 -61.53
N GLU WA 509 -69.54 -69.04 -61.92
CA GLU WA 509 -70.37 -68.13 -61.14
C GLU WA 509 -70.81 -68.77 -59.81
N SER WA 510 -71.02 -70.09 -59.76
CA SER WA 510 -71.38 -70.77 -58.51
C SER WA 510 -70.24 -70.74 -57.47
N ILE WA 511 -68.99 -70.99 -57.85
CA ILE WA 511 -67.89 -70.92 -56.91
C ILE WA 511 -67.54 -69.49 -56.54
N ASN WA 512 -67.75 -68.53 -57.45
CA ASN WA 512 -67.67 -67.11 -57.07
C ASN WA 512 -68.72 -66.77 -56.03
N SER WA 513 -69.96 -67.26 -56.18
CA SER WA 513 -71.04 -67.05 -55.23
C SER WA 513 -70.74 -67.65 -53.85
N ILE WA 514 -70.11 -68.83 -53.80
CA ILE WA 514 -69.61 -69.41 -52.54
C ILE WA 514 -68.52 -68.53 -51.92
N CYS WA 515 -67.56 -68.03 -52.70
CA CYS WA 515 -66.54 -67.10 -52.19
C CYS WA 515 -67.14 -65.78 -51.68
N LEU WA 516 -68.14 -65.24 -52.36
CA LEU WA 516 -68.90 -64.06 -51.92
C LEU WA 516 -69.63 -64.28 -50.59
N SER WA 517 -69.92 -65.53 -50.20
CA SER WA 517 -70.46 -65.78 -48.86
C SER WA 517 -69.42 -65.52 -47.75
N GLY WA 518 -68.13 -65.51 -48.07
CA GLY WA 518 -67.05 -65.25 -47.11
C GLY WA 518 -66.90 -63.78 -46.74
N PRO WA 519 -66.28 -63.47 -45.59
CA PRO WA 519 -66.12 -62.11 -45.10
C PRO WA 519 -65.16 -61.27 -45.95
N GLY WA 520 -65.32 -59.96 -45.86
CA GLY WA 520 -64.51 -58.94 -46.53
C GLY WA 520 -64.82 -58.74 -48.01
N THR WA 521 -65.58 -59.62 -48.65
CA THR WA 521 -65.88 -59.54 -50.08
C THR WA 521 -66.80 -58.35 -50.38
N PRO WA 522 -66.45 -57.49 -51.35
CA PRO WA 522 -67.16 -56.23 -51.58
C PRO WA 522 -68.55 -56.37 -52.22
N LYS WA 523 -69.38 -55.35 -52.04
CA LYS WA 523 -70.66 -55.14 -52.73
C LYS WA 523 -70.45 -54.17 -53.90
N ILE WA 524 -70.65 -54.63 -55.14
CA ILE WA 524 -70.52 -53.79 -56.33
C ILE WA 524 -71.85 -53.82 -57.09
N PRO WA 525 -72.54 -52.69 -57.31
CA PRO WA 525 -73.77 -52.68 -58.09
C PRO WA 525 -73.61 -53.26 -59.50
N LYS WA 526 -74.62 -53.98 -60.00
CA LYS WA 526 -74.57 -54.55 -61.35
C LYS WA 526 -74.42 -53.45 -62.40
N GLY WA 527 -73.54 -53.67 -63.37
CA GLY WA 527 -73.16 -52.68 -64.39
C GLY WA 527 -72.08 -51.68 -63.98
N ILE WA 528 -71.58 -51.72 -62.74
CA ILE WA 528 -70.44 -50.91 -62.30
C ILE WA 528 -69.19 -51.80 -62.24
N THR WA 529 -68.07 -51.29 -62.76
CA THR WA 529 -66.76 -51.93 -62.63
C THR WA 529 -65.93 -51.13 -61.63
N ALA WA 530 -65.49 -51.76 -60.55
CA ALA WA 530 -64.55 -51.17 -59.62
C ALA WA 530 -63.12 -51.35 -60.14
N GLU WA 531 -62.24 -50.40 -59.86
CA GLU WA 531 -60.87 -50.36 -60.40
C GLU WA 531 -59.92 -49.88 -59.31
N ALA WA 532 -58.65 -50.26 -59.39
CA ALA WA 532 -57.60 -49.69 -58.56
C ALA WA 532 -56.32 -49.50 -59.38
N LYS WA 533 -55.53 -48.49 -59.04
CA LYS WA 533 -54.28 -48.20 -59.72
C LYS WA 533 -53.17 -47.78 -58.76
N VAL WA 534 -51.94 -48.04 -59.15
CA VAL WA 534 -50.73 -47.53 -58.50
C VAL WA 534 -49.95 -46.71 -59.52
N LYS WA 535 -49.29 -45.64 -59.09
CA LYS WA 535 -48.26 -44.97 -59.88
C LYS WA 535 -46.90 -45.43 -59.38
N TYR WA 536 -46.07 -45.92 -60.28
CA TYR WA 536 -44.74 -46.42 -59.96
C TYR WA 536 -43.65 -45.50 -60.48
N SER WA 537 -42.49 -45.55 -59.85
CA SER WA 537 -41.27 -44.94 -60.32
C SER WA 537 -40.10 -45.86 -59.96
N PHE WA 538 -39.60 -46.63 -60.94
CA PHE WA 538 -38.41 -47.46 -60.76
C PHE WA 538 -37.16 -46.66 -61.06
N ASN WA 539 -36.17 -46.71 -60.19
CA ASN WA 539 -34.95 -45.92 -60.30
C ASN WA 539 -33.82 -46.79 -60.85
N PHE WA 540 -33.27 -46.39 -61.99
CA PHE WA 540 -32.15 -47.05 -62.65
C PHE WA 540 -31.05 -46.03 -62.95
N LYS WA 541 -29.85 -46.52 -63.16
CA LYS WA 541 -28.80 -45.81 -63.89
C LYS WA 541 -28.40 -46.66 -65.07
N TRP WA 542 -28.07 -46.03 -66.18
CA TRP WA 542 -27.50 -46.67 -67.37
C TRP WA 542 -26.02 -46.33 -67.46
N GLY WA 543 -25.17 -47.30 -67.75
CA GLY WA 543 -23.72 -47.12 -67.76
C GLY WA 543 -23.09 -47.57 -69.07
N GLY WA 544 -22.04 -46.88 -69.49
CA GLY WA 544 -21.30 -47.26 -70.68
C GLY WA 544 -20.16 -46.32 -71.02
N ASP WA 545 -19.42 -46.66 -72.08
CA ASP WA 545 -18.56 -45.72 -72.77
C ASP WA 545 -19.38 -44.67 -73.54
N LEU WA 546 -18.79 -43.51 -73.83
CA LEU WA 546 -19.49 -42.39 -74.43
C LEU WA 546 -20.09 -42.76 -75.81
N PRO WA 547 -21.38 -42.47 -76.06
CA PRO WA 547 -22.04 -42.80 -77.32
C PRO WA 547 -21.80 -41.75 -78.43
N PRO WA 548 -22.09 -42.09 -79.70
CA PRO WA 548 -22.12 -41.14 -80.81
C PRO WA 548 -23.37 -40.25 -80.81
N MET WA 549 -23.39 -39.20 -81.65
CA MET WA 549 -24.48 -38.21 -81.74
C MET WA 549 -24.54 -37.56 -83.14
N SER WA 550 -25.67 -36.93 -83.52
CA SER WA 550 -25.84 -36.25 -84.82
C SER WA 550 -26.55 -34.90 -84.71
N THR WA 551 -26.48 -34.08 -85.77
CA THR WA 551 -26.86 -32.65 -85.77
C THR WA 551 -27.68 -32.26 -87.00
N ILE WA 552 -28.35 -31.11 -86.92
CA ILE WA 552 -29.33 -30.60 -87.90
C ILE WA 552 -28.83 -29.28 -88.51
N THR WA 553 -29.10 -29.02 -89.79
CA THR WA 553 -28.70 -27.75 -90.45
C THR WA 553 -29.30 -26.55 -89.75
N ASN WA 554 -28.56 -25.45 -89.64
CA ASN WA 554 -29.11 -24.21 -89.07
C ASN WA 554 -30.18 -23.52 -89.95
N PRO WA 555 -30.03 -23.39 -91.29
CA PRO WA 555 -31.00 -22.66 -92.10
C PRO WA 555 -32.38 -23.32 -92.12
N THR WA 556 -32.44 -24.65 -92.27
CA THR WA 556 -33.74 -25.38 -92.23
C THR WA 556 -33.95 -25.88 -90.82
N ASP WA 557 -34.39 -25.00 -89.92
CA ASP WA 557 -34.58 -25.37 -88.48
C ASP WA 557 -35.78 -24.58 -87.93
N GLN WA 558 -36.16 -24.82 -86.67
CA GLN WA 558 -37.30 -24.11 -86.04
C GLN WA 558 -37.24 -22.63 -86.43
N PRO WA 559 -38.18 -22.09 -87.24
CA PRO WA 559 -38.10 -20.71 -87.68
C PRO WA 559 -38.66 -19.73 -86.67
N THR WA 560 -38.03 -18.56 -86.54
CA THR WA 560 -38.55 -17.52 -85.63
C THR WA 560 -39.91 -17.02 -86.11
N TYR WA 561 -40.77 -16.54 -85.21
CA TYR WA 561 -42.12 -16.05 -85.56
C TYR WA 561 -42.09 -14.99 -86.68
N VAL WA 562 -41.01 -14.20 -86.76
CA VAL WA 562 -40.77 -13.21 -87.81
C VAL WA 562 -40.77 -13.85 -89.20
N LYS XA 48 19.97 60.38 38.34
CA LYS XA 48 18.84 61.28 38.71
C LYS XA 48 18.60 61.29 40.22
N ARG XA 49 18.11 60.19 40.80
CA ARG XA 49 17.96 60.00 42.25
C ARG XA 49 18.39 58.60 42.68
N LEU XA 50 19.00 58.48 43.84
CA LEU XA 50 19.54 57.24 44.38
C LEU XA 50 18.93 56.92 45.74
N ASN XA 51 18.81 55.63 46.04
CA ASN XA 51 18.51 55.17 47.40
C ASN XA 51 19.67 55.54 48.34
N ILE XA 52 19.36 56.05 49.53
CA ILE XA 52 20.35 56.18 50.60
C ILE XA 52 20.65 54.79 51.15
N VAL XA 53 21.93 54.48 51.32
CA VAL XA 53 22.45 53.18 51.75
C VAL XA 53 23.33 53.37 52.97
N GLU XA 54 23.30 52.42 53.89
CA GLU XA 54 24.15 52.38 55.08
C GLU XA 54 24.97 51.09 55.08
N TRP XA 55 26.21 51.14 55.59
CA TRP XA 55 27.03 49.96 55.73
C TRP XA 55 26.86 49.37 57.13
N GLN XA 56 26.46 48.09 57.14
CA GLN XA 56 26.11 47.40 58.40
C GLN XA 56 27.34 47.29 59.31
N PRO XA 57 27.16 47.45 60.63
CA PRO XA 57 28.24 47.41 61.59
C PRO XA 57 28.83 46.00 61.76
N LYS XA 58 30.06 45.92 62.26
CA LYS XA 58 30.88 44.70 62.27
C LYS XA 58 30.27 43.55 63.06
N SER XA 59 29.66 43.82 64.22
CA SER XA 59 28.93 42.83 65.01
C SER XA 59 27.56 43.36 65.42
N ILE XA 60 26.54 42.49 65.37
CA ILE XA 60 25.14 42.82 65.61
C ILE XA 60 24.52 41.79 66.56
N ARG XA 61 23.71 42.25 67.53
CA ARG XA 61 23.05 41.35 68.51
C ARG XA 61 21.58 41.74 68.78
N LYS XA 62 20.62 40.96 68.29
CA LYS XA 62 19.17 41.19 68.54
C LYS XA 62 18.86 41.16 70.02
N CYS XA 63 18.03 42.07 70.50
CA CYS XA 63 17.56 42.12 71.88
C CYS XA 63 16.08 42.51 71.92
N ARG XA 64 15.26 41.61 72.51
CA ARG XA 64 13.82 41.90 72.76
C ARG XA 64 13.62 42.32 74.23
N ILE XA 65 13.41 43.61 74.48
CA ILE XA 65 13.14 44.11 75.83
C ILE XA 65 11.70 43.72 76.16
N LYS XA 66 11.52 42.68 76.98
CA LYS XA 66 10.22 42.06 77.30
C LYS XA 66 9.81 42.38 78.72
N GLY XA 67 8.56 42.75 78.95
CA GLY XA 67 8.10 43.06 80.30
C GLY XA 67 6.61 43.33 80.38
N MET XA 68 6.17 43.77 81.55
CA MET XA 68 4.76 44.02 81.88
C MET XA 68 4.58 45.47 82.32
N LEU XA 69 3.58 46.18 81.80
CA LEU XA 69 3.28 47.57 82.13
C LEU XA 69 1.86 47.69 82.69
N CYS XA 70 1.71 48.34 83.84
CA CYS XA 70 0.41 48.68 84.40
C CYS XA 70 -0.20 49.87 83.66
N LEU XA 71 -1.39 49.70 83.08
CA LEU XA 71 -2.07 50.76 82.33
C LEU XA 71 -2.83 51.72 83.25
N PHE XA 72 -3.53 51.18 84.24
CA PHE XA 72 -4.12 51.94 85.33
C PHE XA 72 -4.31 51.01 86.52
N GLN XA 73 -4.44 51.57 87.71
CA GLN XA 73 -5.04 50.90 88.84
C GLN XA 73 -5.89 51.91 89.61
N THR XA 74 -7.18 51.65 89.74
CA THR XA 74 -8.19 52.65 90.09
C THR XA 74 -9.21 52.15 91.08
N THR XA 75 -9.67 53.02 91.95
CA THR XA 75 -10.94 52.92 92.67
C THR XA 75 -11.97 53.82 91.97
N GLU XA 76 -13.24 53.77 92.39
CA GLU XA 76 -14.30 54.61 91.82
C GLU XA 76 -14.07 56.11 92.02
N ASP XA 77 -13.51 56.51 93.17
CA ASP XA 77 -13.23 57.90 93.54
C ASP XA 77 -11.98 58.49 92.86
N ARG XA 78 -11.29 57.70 92.02
CA ARG XA 78 -10.14 58.15 91.23
C ARG XA 78 -10.31 57.96 89.72
N LEU XA 79 -11.50 57.58 89.23
CA LEU XA 79 -11.70 57.27 87.82
C LEU XA 79 -11.40 58.41 86.85
N SER XA 80 -11.69 59.65 87.24
CA SER XA 80 -11.48 60.82 86.38
C SER XA 80 -10.05 61.38 86.39
N TYR XA 81 -9.11 60.73 87.08
CA TYR XA 81 -7.72 61.20 87.24
C TYR XA 81 -6.72 60.31 86.52
N ASN XA 82 -5.61 60.92 86.10
CA ASN XA 82 -4.50 60.23 85.44
C ASN XA 82 -3.69 59.39 86.43
N PHE XA 83 -3.53 58.10 86.15
CA PHE XA 83 -2.65 57.19 86.88
C PHE XA 83 -1.18 57.39 86.50
N ASP XA 84 -0.40 57.85 87.47
CA ASP XA 84 1.06 57.75 87.44
C ASP XA 84 1.50 56.71 88.46
N MET XA 85 2.32 55.74 88.04
CA MET XA 85 2.84 54.70 88.94
C MET XA 85 3.91 55.24 89.88
N TYR XA 86 4.62 56.28 89.46
CA TYR XA 86 5.64 56.99 90.23
C TYR XA 86 5.08 58.36 90.61
N GLU XA 87 4.77 58.51 91.88
CA GLU XA 87 3.73 59.39 92.40
C GLU XA 87 4.14 60.82 92.80
N GLU XA 88 3.16 61.71 92.87
CA GLU XA 88 3.23 62.86 93.78
C GLU XA 88 2.97 62.29 95.17
N SER XA 89 3.96 62.36 96.07
CA SER XA 89 4.12 61.47 97.25
C SER XA 89 2.92 61.36 98.21
N ILE XA 90 1.99 62.31 98.17
CA ILE XA 90 0.73 62.26 98.93
C ILE XA 90 -0.33 61.33 98.31
N ILE XA 91 -0.36 61.15 96.99
CA ILE XA 91 -1.42 60.41 96.29
C ILE XA 91 -1.54 58.96 96.80
N PRO XA 92 -0.48 58.14 96.90
CA PRO XA 92 -0.65 56.76 97.37
C PRO XA 92 -0.92 56.64 98.88
N GLU XA 93 -0.78 57.71 99.67
CA GLU XA 93 -1.11 57.65 101.10
C GLU XA 93 -2.62 57.47 101.30
N LYS XA 94 -3.02 56.27 101.73
CA LYS XA 94 -4.41 55.86 101.90
C LYS XA 94 -5.27 55.89 100.61
N LEU XA 95 -4.65 55.76 99.43
CA LEU XA 95 -5.35 55.38 98.19
C LEU XA 95 -4.70 54.13 97.56
N PRO XA 96 -5.45 53.04 97.34
CA PRO XA 96 -4.91 51.82 96.73
C PRO XA 96 -4.79 51.90 95.20
N GLY XA 97 -5.45 52.86 94.55
CA GLY XA 97 -5.30 53.13 93.12
C GLY XA 97 -5.42 54.62 92.80
N GLY XA 98 -4.49 55.15 92.01
CA GLY XA 98 -4.32 56.60 91.83
C GLY XA 98 -5.12 57.22 90.69
N GLY XA 99 -5.61 56.45 89.72
CA GLY XA 99 -6.27 57.03 88.55
C GLY XA 99 -6.87 56.00 87.60
N GLY XA 100 -7.94 56.36 86.90
CA GLY XA 100 -8.69 55.47 86.01
C GLY XA 100 -8.36 55.60 84.53
N PHE XA 101 -7.46 56.51 84.17
CA PHE XA 101 -6.91 56.59 82.82
C PHE XA 101 -5.42 56.86 82.91
N SER XA 102 -4.65 56.57 81.88
CA SER XA 102 -3.26 57.06 81.81
C SER XA 102 -2.87 57.41 80.40
N ILE XA 103 -1.87 58.30 80.29
CA ILE XA 103 -1.05 58.45 79.10
C ILE XA 103 0.36 58.01 79.45
N LYS XA 104 0.86 56.98 78.78
CA LYS XA 104 2.22 56.43 78.92
C LYS XA 104 3.05 56.85 77.72
N ASN XA 105 4.23 57.41 77.92
CA ASN XA 105 5.26 57.51 76.88
C ASN XA 105 6.38 56.52 77.18
N ILE XA 106 6.75 55.70 76.20
CA ILE XA 106 7.83 54.72 76.34
C ILE XA 106 9.04 55.16 75.53
N SER XA 107 10.21 55.17 76.15
CA SER XA 107 11.50 55.43 75.54
C SER XA 107 12.50 54.39 76.02
N LEU XA 108 13.60 54.20 75.29
CA LEU XA 108 14.65 53.26 75.68
C LEU XA 108 15.23 53.57 77.07
N TYR XA 109 15.29 54.83 77.48
CA TYR XA 109 15.66 55.18 78.85
C TYR XA 109 14.57 54.81 79.87
N ALA XA 110 13.29 55.00 79.56
CA ALA XA 110 12.22 54.50 80.42
C ALA XA 110 12.20 52.97 80.52
N LEU XA 111 12.52 52.24 79.44
CA LEU XA 111 12.72 50.80 79.48
C LEU XA 111 13.90 50.39 80.38
N TYR XA 112 15.02 51.11 80.34
CA TYR XA 112 16.11 50.93 81.29
C TYR XA 112 15.69 51.22 82.73
N GLN XA 113 14.91 52.27 82.99
CA GLN XA 113 14.39 52.54 84.33
C GLN XA 113 13.45 51.43 84.82
N GLU XA 114 12.61 50.87 83.97
CA GLU XA 114 11.79 49.71 84.32
C GLU XA 114 12.64 48.46 84.60
N HIS XA 115 13.84 48.36 84.03
CA HIS XA 115 14.78 47.24 84.33
C HIS XA 115 15.38 47.42 85.73
N ILE XA 116 15.56 48.66 86.19
CA ILE XA 116 16.00 48.93 87.57
C ILE XA 116 14.92 48.56 88.60
N HIS XA 117 13.65 48.68 88.25
CA HIS XA 117 12.53 48.16 89.04
C HIS XA 117 12.30 46.64 88.88
N ALA XA 118 13.13 45.95 88.08
CA ALA XA 118 12.97 44.54 87.72
C ALA XA 118 11.65 44.22 86.99
N HIS XA 119 11.04 45.19 86.33
CA HIS XA 119 9.77 45.02 85.61
C HIS XA 119 9.95 44.45 84.20
N ASN XA 120 11.17 44.38 83.68
CA ASN XA 120 11.47 43.80 82.37
C ASN XA 120 12.80 43.05 82.36
N ILE XA 121 12.99 42.26 81.31
CA ILE XA 121 14.26 41.64 80.95
C ILE XA 121 14.76 42.23 79.63
N PHE XA 122 16.07 42.33 79.48
CA PHE XA 122 16.72 42.55 78.18
C PHE XA 122 17.25 41.21 77.71
N THR XA 123 16.80 40.72 76.56
CA THR XA 123 17.22 39.40 76.04
C THR XA 123 18.71 39.33 75.71
N HIS XA 124 19.32 40.48 75.45
CA HIS XA 124 20.78 40.58 75.25
C HIS XA 124 21.22 41.91 75.86
N THR XA 125 22.33 41.94 76.59
CA THR XA 125 22.92 43.18 77.10
C THR XA 125 23.43 44.08 75.98
N ASN XA 126 23.59 45.35 76.28
CA ASN XA 126 24.03 46.41 75.38
C ASN XA 126 25.36 47.05 75.80
N THR XA 127 26.11 46.46 76.73
CA THR XA 127 27.19 47.14 77.46
C THR XA 127 28.33 47.64 76.57
N ASP XA 128 28.66 46.89 75.51
CA ASP XA 128 29.83 47.16 74.67
C ASP XA 128 29.49 47.32 73.18
N ARG XA 129 28.20 47.54 72.88
CA ARG XA 129 27.71 47.80 71.50
C ARG XA 129 26.92 49.11 71.60
N PRO XA 130 27.47 50.28 71.18
CA PRO XA 130 26.87 51.58 71.45
C PRO XA 130 25.79 52.00 70.43
N LEU XA 131 25.71 51.34 69.28
CA LEU XA 131 24.67 51.60 68.29
C LEU XA 131 23.39 50.83 68.60
N ALA XA 132 22.25 51.38 68.21
CA ALA XA 132 20.95 50.76 68.31
C ALA XA 132 20.17 50.90 67.00
N ARG XA 133 19.37 49.86 66.68
CA ARG XA 133 18.49 49.85 65.48
C ARG XA 133 17.11 49.35 65.92
N TYR XA 134 16.19 50.25 66.31
CA TYR XA 134 14.84 49.93 66.75
C TYR XA 134 13.97 49.46 65.58
N THR XA 135 13.27 48.34 65.74
CA THR XA 135 12.51 47.69 64.67
C THR XA 135 11.00 47.72 64.87
N GLY XA 136 10.52 48.12 66.06
CA GLY XA 136 9.10 48.17 66.39
C GLY XA 136 8.78 47.41 67.67
N CYS XA 137 7.50 47.34 68.00
CA CYS XA 137 7.00 46.80 69.25
C CYS XA 137 5.88 45.78 69.02
N SER XA 138 5.77 44.77 69.87
CA SER XA 138 4.57 43.96 70.03
C SER XA 138 3.95 44.24 71.38
N LEU XA 139 2.64 44.50 71.41
CA LEU XA 139 1.87 44.61 72.65
C LEU XA 139 0.86 43.47 72.74
N LYS XA 140 0.71 42.86 73.92
CA LYS XA 140 -0.40 41.97 74.28
C LYS XA 140 -1.19 42.62 75.40
N PHE XA 141 -2.42 43.03 75.12
CA PHE XA 141 -3.33 43.63 76.09
C PHE XA 141 -4.18 42.54 76.71
N TYR XA 142 -4.16 42.39 78.03
CA TYR XA 142 -4.90 41.32 78.70
C TYR XA 142 -6.28 41.79 79.13
N GLN XA 143 -7.28 40.91 79.00
CA GLN XA 143 -8.57 41.11 79.66
C GLN XA 143 -8.37 41.17 81.17
N SER XA 144 -8.82 42.24 81.81
CA SER XA 144 -8.93 42.27 83.26
C SER XA 144 -10.08 41.38 83.73
N LYS XA 145 -10.05 40.97 85.00
CA LYS XA 145 -11.16 40.18 85.57
C LYS XA 145 -12.45 40.99 85.65
N ASP XA 146 -12.40 42.18 86.22
CA ASP XA 146 -13.59 42.93 86.66
C ASP XA 146 -13.93 44.18 85.83
N ILE XA 147 -12.98 44.71 85.03
CA ILE XA 147 -13.19 46.02 84.34
C ILE XA 147 -12.84 45.94 82.85
N ASP XA 148 -13.61 46.63 82.00
CA ASP XA 148 -13.31 46.69 80.55
C ASP XA 148 -12.36 47.89 80.39
N TYR XA 149 -11.79 48.12 79.21
CA TYR XA 149 -10.97 49.34 79.02
C TYR XA 149 -10.65 49.60 77.57
N VAL XA 150 -10.64 50.86 77.17
CA VAL XA 150 -10.31 51.30 75.81
C VAL XA 150 -8.84 51.66 75.78
N VAL XA 151 -8.12 51.25 74.76
CA VAL XA 151 -6.76 51.71 74.46
C VAL XA 151 -6.74 52.41 73.12
N THR XA 152 -5.94 53.45 73.00
CA THR XA 152 -5.45 53.89 71.69
C THR XA 152 -4.00 54.32 71.83
N TYR XA 153 -3.21 54.17 70.78
CA TYR XA 153 -1.77 54.43 70.82
C TYR XA 153 -1.37 55.28 69.62
N SER XA 154 -0.24 55.96 69.75
CA SER XA 154 0.31 56.81 68.70
C SER XA 154 1.82 56.66 68.64
N THR XA 155 2.44 56.99 67.50
CA THR XA 155 3.92 56.98 67.36
C THR XA 155 4.37 58.23 66.61
N SER XA 156 3.56 59.28 66.58
CA SER XA 156 4.04 60.57 66.00
C SER XA 156 5.25 61.01 66.84
N LEU XA 157 6.46 60.98 66.29
CA LEU XA 157 7.68 61.28 67.08
C LEU XA 157 7.45 62.57 67.90
N PRO XA 158 6.88 63.66 67.33
CA PRO XA 158 6.58 64.85 68.14
C PRO XA 158 5.68 64.46 69.30
N LEU XA 159 6.15 64.63 70.53
CA LEU XA 159 5.38 64.26 71.75
C LEU XA 159 4.90 65.54 72.45
N ARG XA 160 3.60 65.66 72.71
CA ARG XA 160 3.03 66.84 73.42
C ARG XA 160 1.67 66.47 74.03
N SER XA 161 1.19 67.25 75.00
CA SER XA 161 -0.12 67.02 75.65
C SER XA 161 -1.09 68.13 75.20
N SER XA 162 -2.39 67.86 75.23
CA SER XA 162 -3.40 68.86 74.81
C SER XA 162 -4.65 68.78 75.71
N MET XA 163 -5.38 69.87 75.85
CA MET XA 163 -6.62 69.90 76.62
C MET XA 163 -7.70 68.99 76.00
N GLY XA 164 -7.79 68.98 74.67
CA GLY XA 164 -8.67 68.08 73.93
C GLY XA 164 -8.28 66.62 74.07
N MET XA 165 -7.00 66.28 74.14
CA MET XA 165 -6.55 64.92 74.45
C MET XA 165 -7.07 64.47 75.82
N TYR XA 166 -6.86 65.26 76.87
CA TYR XA 166 -7.28 64.88 78.22
C TYR XA 166 -8.81 64.77 78.35
N ASN XA 167 -9.58 65.67 77.74
CA ASN XA 167 -11.03 65.50 77.70
C ASN XA 167 -11.43 64.26 76.90
N SER XA 168 -10.80 63.99 75.76
CA SER XA 168 -11.10 62.81 74.94
C SER XA 168 -10.76 61.48 75.62
N MET XA 169 -10.03 61.48 76.74
CA MET XA 169 -9.85 60.30 77.58
C MET XA 169 -11.13 59.86 78.28
N GLN XA 170 -12.18 60.68 78.32
CA GLN XA 170 -13.46 60.30 78.91
C GLN XA 170 -13.96 59.01 78.25
N PRO XA 171 -14.40 57.99 79.00
CA PRO XA 171 -14.58 56.65 78.45
C PRO XA 171 -15.51 56.56 77.24
N SER XA 172 -16.61 57.30 77.24
CA SER XA 172 -17.54 57.35 76.11
C SER XA 172 -16.92 58.00 74.88
N ILE XA 173 -16.16 59.09 75.06
CA ILE XA 173 -15.50 59.80 73.97
C ILE XA 173 -14.35 58.99 73.39
N HIS XA 174 -13.51 58.39 74.25
CA HIS XA 174 -12.44 57.51 73.83
C HIS XA 174 -13.00 56.29 73.08
N LEU XA 175 -14.07 55.67 73.57
CA LEU XA 175 -14.75 54.58 72.88
C LEU XA 175 -15.33 54.96 71.50
N MET XA 176 -15.63 56.23 71.23
CA MET XA 176 -16.05 56.66 69.89
C MET XA 176 -14.89 56.87 68.91
N GLN XA 177 -13.65 57.07 69.37
CA GLN XA 177 -12.52 57.39 68.49
C GLN XA 177 -12.19 56.27 67.50
N GLN XA 178 -11.62 56.65 66.35
CA GLN XA 178 -11.08 55.71 65.37
C GLN XA 178 -9.76 55.10 65.85
N ASN XA 179 -9.48 53.88 65.42
CA ASN XA 179 -8.29 53.12 65.82
C ASN XA 179 -8.15 52.95 67.35
N LYS XA 180 -9.30 52.90 68.04
CA LYS XA 180 -9.41 52.37 69.38
C LYS XA 180 -9.20 50.85 69.38
N LEU XA 181 -8.87 50.31 70.54
CA LEU XA 181 -8.97 48.91 70.88
C LEU XA 181 -9.80 48.80 72.15
N ILE XA 182 -10.89 48.03 72.12
CA ILE XA 182 -11.70 47.75 73.31
C ILE XA 182 -11.29 46.39 73.83
N VAL XA 183 -10.98 46.31 75.12
CA VAL XA 183 -10.69 45.05 75.80
C VAL XA 183 -11.80 44.79 76.81
N PRO XA 184 -12.77 43.91 76.50
CA PRO XA 184 -13.78 43.50 77.46
C PRO XA 184 -13.14 42.77 78.63
N SER XA 185 -13.68 42.90 79.81
CA SER XA 185 -13.31 42.05 80.94
C SER XA 185 -13.64 40.58 80.65
N LYS XA 186 -13.04 39.67 81.42
CA LYS XA 186 -13.38 38.23 81.34
C LYS XA 186 -14.84 37.97 81.70
N GLN XA 187 -15.43 38.81 82.55
CA GLN XA 187 -16.85 38.79 82.88
C GLN XA 187 -17.73 39.21 81.71
N THR XA 188 -17.43 40.30 81.00
CA THR XA 188 -18.28 40.75 79.89
C THR XA 188 -18.11 39.95 78.61
N GLN XA 189 -16.95 39.33 78.36
CA GLN XA 189 -16.78 38.40 77.24
C GLN XA 189 -15.69 37.36 77.51
N LYS XA 190 -16.05 36.08 77.53
CA LYS XA 190 -15.10 34.96 77.45
C LYS XA 190 -14.59 34.82 76.02
N ARG XA 191 -13.28 34.64 75.85
CA ARG XA 191 -12.59 34.63 74.54
C ARG XA 191 -11.70 33.40 74.40
N ARG XA 192 -11.40 33.00 73.15
CA ARG XA 192 -10.44 31.92 72.86
C ARG XA 192 -9.05 32.28 73.37
N LYS XA 193 -8.53 33.44 72.97
CA LYS XA 193 -7.28 34.00 73.48
C LYS XA 193 -7.60 35.06 74.54
N PRO XA 194 -6.98 35.02 75.74
CA PRO XA 194 -7.31 35.91 76.84
C PRO XA 194 -6.70 37.32 76.70
N TYR XA 195 -6.16 37.65 75.54
CA TYR XA 195 -5.46 38.88 75.23
C TYR XA 195 -5.72 39.32 73.78
N ILE XA 196 -5.50 40.60 73.49
CA ILE XA 196 -5.47 41.11 72.12
C ILE XA 196 -4.05 41.56 71.79
N LYS XA 197 -3.50 41.06 70.70
CA LYS XA 197 -2.11 41.25 70.29
C LYS XA 197 -2.03 42.13 69.06
N LYS XA 198 -1.18 43.16 69.06
CA LYS XA 198 -0.86 43.91 67.84
C LYS XA 198 0.54 44.49 67.80
N HIS XA 199 1.06 44.58 66.58
CA HIS XA 199 2.40 45.05 66.27
C HIS XA 199 2.35 46.53 65.90
N ILE XA 200 3.29 47.30 66.44
CA ILE XA 200 3.36 48.75 66.27
C ILE XA 200 4.71 49.09 65.64
N SER XA 201 4.68 49.80 64.52
CA SER XA 201 5.87 50.19 63.76
C SER XA 201 6.61 51.35 64.46
N PRO XA 202 7.91 51.59 64.23
CA PRO XA 202 8.60 52.75 64.78
C PRO XA 202 7.94 54.09 64.41
N PRO XA 203 8.18 55.17 65.18
CA PRO XA 203 7.85 56.52 64.75
C PRO XA 203 8.34 56.81 63.34
N THR XA 204 7.60 57.56 62.54
CA THR XA 204 8.01 57.84 61.15
C THR XA 204 9.36 58.58 61.07
N GLN XA 205 9.72 59.31 62.14
CA GLN XA 205 11.02 60.04 62.25
C GLN XA 205 12.15 59.09 62.62
N MET XA 206 11.87 57.96 63.25
CA MET XA 206 12.85 56.90 63.51
C MET XA 206 12.98 56.02 62.27
N LYS XA 207 14.00 56.26 61.45
CA LYS XA 207 14.24 55.49 60.21
C LYS XA 207 14.91 54.17 60.55
N SER XA 208 15.03 53.25 59.59
CA SER XA 208 15.64 51.93 59.82
C SER XA 208 17.15 51.98 60.08
N GLN XA 209 17.80 53.13 59.92
CA GLN XA 209 19.22 53.32 60.16
C GLN XA 209 19.65 52.99 61.60
N TRP XA 210 20.95 52.80 61.80
CA TRP XA 210 21.56 52.75 63.13
C TRP XA 210 21.64 54.14 63.75
N TYR XA 211 21.47 54.23 65.07
CA TYR XA 211 21.60 55.43 65.86
C TYR XA 211 22.44 55.15 67.11
N PHE XA 212 23.28 56.06 67.57
CA PHE XA 212 23.87 55.93 68.89
C PHE XA 212 22.80 55.84 69.97
N GLN XA 213 22.94 54.91 70.91
CA GLN XA 213 21.95 54.72 72.01
C GLN XA 213 21.85 55.99 72.86
N HIS XA 214 22.91 56.81 72.96
CA HIS XA 214 22.90 58.09 73.71
C HIS XA 214 21.93 59.08 73.05
N ASN XA 215 21.83 59.07 71.72
CA ASN XA 215 20.98 60.00 70.99
C ASN XA 215 19.50 59.61 71.11
N ILE XA 216 19.17 58.34 70.88
CA ILE XA 216 17.78 57.85 70.90
C ILE XA 216 17.25 57.53 72.29
N ALA XA 217 18.07 57.52 73.34
CA ALA XA 217 17.67 57.12 74.69
C ALA XA 217 16.36 57.76 75.16
N ASN XA 218 16.21 59.07 75.00
CA ASN XA 218 15.06 59.83 75.48
C ASN XA 218 13.96 60.07 74.44
N ILE XA 219 14.14 59.69 73.19
CA ILE XA 219 13.13 59.84 72.13
C ILE XA 219 11.93 58.94 72.45
N PRO XA 220 10.70 59.46 72.61
CA PRO XA 220 9.54 58.64 72.94
C PRO XA 220 9.09 57.85 71.72
N LEU XA 221 9.25 56.50 71.74
CA LEU XA 221 8.99 55.63 70.56
C LEU XA 221 7.56 55.08 70.55
N LEU XA 222 6.80 55.27 71.62
CA LEU XA 222 5.41 54.86 71.69
C LEU XA 222 4.66 55.71 72.72
N MET XA 223 3.44 56.14 72.41
CA MET XA 223 2.46 56.61 73.39
C MET XA 223 1.29 55.64 73.50
N ILE XA 224 0.93 55.21 74.70
CA ILE XA 224 -0.28 54.43 74.98
C ILE XA 224 -1.23 55.29 75.79
N ARG XA 225 -2.48 55.43 75.36
CA ARG XA 225 -3.57 56.07 76.08
C ARG XA 225 -4.59 55.02 76.48
N THR XA 226 -4.93 54.92 77.76
CA THR XA 226 -5.90 53.93 78.26
C THR XA 226 -6.91 54.58 79.18
N THR XA 227 -8.18 54.18 79.11
CA THR XA 227 -9.23 54.61 80.04
C THR XA 227 -10.07 53.42 80.48
N ALA XA 228 -10.43 53.39 81.76
CA ALA XA 228 -11.31 52.38 82.35
C ALA XA 228 -12.79 52.63 82.00
N LEU XA 229 -13.53 51.56 81.77
CA LEU XA 229 -14.80 51.56 81.04
C LEU XA 229 -15.77 50.54 81.66
N THR XA 230 -17.08 50.73 81.49
CA THR XA 230 -17.99 49.58 81.49
C THR XA 230 -18.90 49.60 80.28
N LEU XA 231 -19.00 48.45 79.61
CA LEU XA 231 -19.91 48.24 78.48
C LEU XA 231 -21.33 47.89 78.92
N ASP XA 232 -21.48 47.05 79.95
CA ASP XA 232 -22.79 46.59 80.45
C ASP XA 232 -23.53 47.58 81.37
N ASN XA 233 -22.83 48.56 81.93
CA ASN XA 233 -23.37 49.60 82.80
C ASN XA 233 -23.15 50.98 82.19
N TYR XA 234 -23.08 51.09 80.87
CA TYR XA 234 -22.63 52.28 80.16
C TYR XA 234 -23.40 53.55 80.55
N TYR XA 235 -24.72 53.49 80.68
CA TYR XA 235 -25.53 54.65 81.04
C TYR XA 235 -25.70 54.81 82.54
N ILE XA 236 -26.09 53.75 83.24
CA ILE XA 236 -26.34 53.79 84.69
C ILE XA 236 -25.05 54.04 85.47
N GLY XA 237 -23.95 53.40 85.07
CA GLY XA 237 -22.65 53.53 85.70
C GLY XA 237 -22.71 53.11 87.15
N SER XA 238 -22.48 54.03 88.07
CA SER XA 238 -22.64 53.84 89.52
C SER XA 238 -23.73 54.72 90.14
N ARG XA 239 -24.69 55.20 89.33
CA ARG XA 239 -25.88 55.95 89.78
C ARG XA 239 -26.63 55.20 90.88
N GLN XA 240 -27.08 55.94 91.90
CA GLN XA 240 -27.96 55.46 92.97
C GLN XA 240 -29.18 56.38 93.04
N LEU XA 241 -30.38 55.83 93.25
CA LEU XA 241 -31.64 56.59 93.28
C LEU XA 241 -31.84 57.43 92.00
N SER XA 242 -32.04 58.74 92.12
CA SER XA 242 -32.29 59.66 91.02
C SER XA 242 -31.13 59.77 90.03
N THR XA 243 -31.40 60.18 88.79
CA THR XA 243 -30.35 60.53 87.81
C THR XA 243 -29.57 61.79 88.23
N ASN XA 244 -30.20 62.69 88.99
CA ASN XA 244 -29.57 63.90 89.51
C ASN XA 244 -28.47 63.57 90.52
N VAL XA 245 -27.32 64.24 90.40
CA VAL XA 245 -26.26 64.25 91.39
C VAL XA 245 -26.28 65.57 92.16
N THR XA 246 -26.00 65.54 93.46
CA THR XA 246 -25.94 66.75 94.29
C THR XA 246 -24.50 67.26 94.37
N ILE XA 247 -24.29 68.53 94.03
CA ILE XA 247 -23.01 69.23 94.13
C ILE XA 247 -23.10 70.22 95.29
N HIS XA 248 -22.11 70.22 96.18
CA HIS XA 248 -22.04 71.27 97.23
C HIS XA 248 -21.19 72.40 96.64
N THR XA 249 -21.44 73.65 96.99
CA THR XA 249 -20.62 74.80 96.53
C THR XA 249 -20.54 75.89 97.59
N LEU XA 250 -19.51 76.74 97.49
CA LEU XA 250 -19.42 77.94 98.36
C LEU XA 250 -20.40 78.98 97.79
N ASN XA 251 -21.32 79.50 98.61
CA ASN XA 251 -22.21 80.60 98.15
C ASN XA 251 -21.30 81.62 97.47
N THR XA 252 -21.53 81.96 96.21
CA THR XA 252 -20.71 82.93 95.46
C THR XA 252 -21.16 84.32 95.84
N THR XA 253 -22.44 84.52 96.17
CA THR XA 253 -23.02 85.84 96.44
C THR XA 253 -22.62 86.42 97.80
N TYR XA 254 -21.84 85.70 98.63
CA TYR XA 254 -21.39 86.16 99.95
C TYR XA 254 -19.93 85.82 100.24
N ILE XA 255 -19.44 84.64 99.86
CA ILE XA 255 -18.05 84.21 100.07
C ILE XA 255 -17.21 84.56 98.83
N GLN XA 256 -16.48 85.67 98.81
CA GLN XA 256 -15.74 86.05 97.59
C GLN XA 256 -14.33 86.57 97.86
N ASN XA 257 -13.99 86.88 99.10
CA ASN XA 257 -12.71 87.57 99.33
C ASN XA 257 -11.45 86.72 99.11
N ARG XA 258 -11.56 85.38 99.19
CA ARG XA 258 -10.42 84.45 98.93
C ARG XA 258 -9.18 84.79 99.77
N ASP XA 259 -9.36 85.36 100.97
CA ASP XA 259 -8.24 85.68 101.87
C ASP XA 259 -7.98 84.55 102.89
N TRP XA 260 -7.71 83.34 102.41
CA TRP XA 260 -7.71 82.13 103.23
C TRP XA 260 -6.36 81.71 103.81
N GLY XA 261 -6.41 80.94 104.90
CA GLY XA 261 -5.28 80.18 105.41
C GLY XA 261 -4.28 80.96 106.27
N ASP XA 262 -4.74 81.96 107.03
CA ASP XA 262 -3.98 82.65 108.07
C ASP XA 262 -4.74 82.69 109.41
N ARG XA 263 -4.04 82.53 110.54
CA ARG XA 263 -4.63 82.77 111.88
C ARG XA 263 -4.24 84.22 112.25
N ASN XA 264 -3.48 84.90 111.37
CA ASN XA 264 -2.98 86.27 111.57
C ASN XA 264 -3.90 87.35 110.98
N LYS XA 265 -5.12 87.00 110.57
CA LYS XA 265 -6.06 87.88 109.83
C LYS XA 265 -7.50 87.59 110.24
N THR XA 266 -8.25 88.59 110.69
CA THR XA 266 -9.70 88.46 110.91
C THR XA 266 -10.39 88.29 109.56
N TYR XA 267 -11.15 87.21 109.37
CA TYR XA 267 -11.76 86.92 108.07
C TYR XA 267 -13.01 87.76 107.82
N TYR XA 268 -13.14 88.24 106.60
CA TYR XA 268 -14.29 88.99 106.08
C TYR XA 268 -14.68 88.36 104.75
N CYS XA 269 -15.96 88.13 104.51
CA CYS XA 269 -16.40 87.26 103.42
C CYS XA 269 -16.54 87.98 102.08
N GLN XA 270 -16.96 89.24 102.06
CA GLN XA 270 -17.04 90.06 100.85
C GLN XA 270 -16.74 91.54 101.13
N THR XA 271 -16.36 92.26 100.08
CA THR XA 271 -16.35 93.72 100.02
C THR XA 271 -17.41 94.19 99.03
N LEU XA 272 -18.18 95.23 99.39
CA LEU XA 272 -19.07 95.94 98.45
C LEU XA 272 -18.87 97.44 98.63
N GLY XA 273 -18.69 98.18 97.53
CA GLY XA 273 -18.25 99.58 97.61
C GLY XA 273 -16.93 99.71 98.39
N THR XA 274 -16.95 100.45 99.50
CA THR XA 274 -15.85 100.54 100.47
C THR XA 274 -15.98 99.58 101.66
N GLN XA 275 -17.13 98.93 101.85
CA GLN XA 275 -17.44 98.14 103.03
C GLN XA 275 -16.70 96.79 103.05
N ARG XA 276 -16.63 96.19 104.25
CA ARG XA 276 -16.31 94.78 104.48
C ARG XA 276 -17.48 94.12 105.21
N TYR XA 277 -17.76 92.85 104.91
CA TYR XA 277 -18.83 92.08 105.53
C TYR XA 277 -18.27 90.87 106.27
N PHE XA 278 -18.92 90.52 107.37
CA PHE XA 278 -18.41 89.62 108.40
C PHE XA 278 -19.47 88.60 108.78
N LEU XA 279 -19.01 87.45 109.23
CA LEU XA 279 -19.84 86.31 109.60
C LEU XA 279 -19.68 86.03 111.10
N TYR XA 280 -20.76 85.62 111.76
CA TYR XA 280 -20.76 85.24 113.17
C TYR XA 280 -21.59 83.98 113.38
N GLY XA 281 -21.09 83.02 114.14
CA GLY XA 281 -21.86 81.83 114.54
C GLY XA 281 -22.62 82.08 115.83
N THR XA 282 -23.72 81.38 116.06
CA THR XA 282 -24.36 81.36 117.39
C THR XA 282 -24.99 80.01 117.68
N HIS XA 283 -25.08 79.64 118.97
CA HIS XA 283 -25.82 78.42 119.40
C HIS XA 283 -27.18 78.88 119.92
N SER XA 284 -27.49 80.18 119.82
CA SER XA 284 -28.74 80.73 120.34
C SER XA 284 -29.97 80.08 119.71
N THR XA 285 -30.98 79.82 120.54
CA THR XA 285 -32.32 79.38 120.13
C THR XA 285 -33.23 80.54 119.72
N ALA XA 286 -32.75 81.79 119.79
CA ALA XA 286 -33.53 82.97 119.44
C ALA XA 286 -34.06 82.91 118.00
N GLN XA 287 -35.37 83.12 117.84
CA GLN XA 287 -36.04 83.05 116.54
C GLN XA 287 -35.87 84.33 115.70
N ASN XA 288 -35.65 85.48 116.34
CA ASN XA 288 -35.62 86.78 115.68
C ASN XA 288 -34.20 87.33 115.62
N ILE XA 289 -33.71 87.62 114.42
CA ILE XA 289 -32.36 88.14 114.17
C ILE XA 289 -32.10 89.49 114.88
N ASN XA 290 -33.13 90.26 115.18
CA ASN XA 290 -32.99 91.55 115.86
C ASN XA 290 -32.59 91.41 117.34
N ASP XA 291 -33.17 90.44 118.08
CA ASP XA 291 -33.01 90.36 119.57
C ASP XA 291 -31.80 89.55 120.07
N ILE XA 292 -31.08 88.86 119.20
CA ILE XA 292 -29.84 88.17 119.61
C ILE XA 292 -28.89 89.19 120.27
N LYS XA 293 -28.19 88.79 121.33
CA LYS XA 293 -27.27 89.67 122.07
C LYS XA 293 -26.01 89.99 121.24
N LEU XA 294 -25.15 90.87 121.77
CA LEU XA 294 -23.82 91.09 121.13
C LEU XA 294 -22.94 89.94 121.64
N GLN XA 295 -23.32 89.31 122.76
CA GLN XA 295 -22.54 88.19 123.38
C GLN XA 295 -22.75 86.88 122.61
N GLU XA 296 -23.98 86.56 122.21
CA GLU XA 296 -24.30 85.27 121.56
C GLU XA 296 -23.36 85.00 120.37
N LEU XA 297 -23.06 86.03 119.58
CA LEU XA 297 -22.25 85.86 118.34
C LEU XA 297 -20.85 85.29 118.65
N ILE XA 298 -20.38 84.33 117.85
CA ILE XA 298 -19.01 83.75 117.97
C ILE XA 298 -18.26 84.27 116.74
N PRO XA 299 -17.48 85.37 116.84
CA PRO XA 299 -16.89 86.01 115.68
C PRO XA 299 -15.83 85.11 115.08
N LEU XA 300 -15.58 85.21 113.78
CA LEU XA 300 -14.59 84.35 113.07
C LEU XA 300 -13.32 85.16 112.80
N THR XA 301 -12.21 84.84 113.48
CA THR XA 301 -10.92 85.56 113.34
C THR XA 301 -9.90 84.62 112.73
N ASN XA 302 -10.30 83.38 112.41
CA ASN XA 302 -9.41 82.41 111.76
C ASN XA 302 -10.17 81.73 110.61
N THR XA 303 -9.50 81.46 109.47
CA THR XA 303 -10.02 80.46 108.51
C THR XA 303 -9.14 79.21 108.41
N GLN XA 304 -7.87 79.31 108.84
CA GLN XA 304 -6.85 78.25 108.67
C GLN XA 304 -7.06 76.99 109.52
N ASP XA 305 -7.96 76.99 110.51
CA ASP XA 305 -8.12 75.81 111.40
C ASP XA 305 -9.49 75.16 111.31
N TYR XA 306 -9.58 73.90 111.76
CA TYR XA 306 -10.86 73.18 111.87
C TYR XA 306 -11.70 73.64 113.09
N VAL XA 307 -11.15 74.49 113.96
CA VAL XA 307 -11.75 74.82 115.27
C VAL XA 307 -13.13 75.44 115.14
N GLN XA 308 -14.07 75.00 115.97
CA GLN XA 308 -15.46 75.50 116.03
C GLN XA 308 -15.57 76.87 116.72
N GLY XA 309 -14.63 77.17 117.60
CA GLY XA 309 -14.78 78.25 118.58
C GLY XA 309 -15.69 77.83 119.73
N PHE XA 310 -16.09 78.79 120.56
CA PHE XA 310 -17.05 78.60 121.65
C PHE XA 310 -17.73 79.91 122.01
N ASP XA 311 -18.86 79.80 122.72
CA ASP XA 311 -19.68 80.94 123.15
C ASP XA 311 -19.09 81.68 124.37
N TRP XA 312 -19.44 82.96 124.53
CA TRP XA 312 -19.03 83.80 125.65
C TRP XA 312 -19.47 83.24 127.01
N THR XA 313 -20.51 82.41 127.06
CA THR XA 313 -20.90 81.66 128.27
C THR XA 313 -19.82 80.72 128.79
N GLU XA 314 -18.80 80.38 127.98
CA GLU XA 314 -17.64 79.59 128.39
C GLU XA 314 -16.42 80.45 128.77
N LYS XA 315 -16.60 81.77 128.97
CA LYS XA 315 -15.56 82.70 129.45
C LYS XA 315 -14.76 82.12 130.63
N ASP XA 316 -15.46 81.57 131.63
CA ASP XA 316 -14.85 81.02 132.83
C ASP XA 316 -14.19 79.64 132.63
N LYS XA 317 -14.44 78.93 131.52
CA LYS XA 317 -13.78 77.66 131.20
C LYS XA 317 -12.39 77.87 130.58
N HIS XA 318 -12.18 79.02 129.91
CA HIS XA 318 -10.89 79.38 129.24
C HIS XA 318 -10.28 80.62 129.89
N ASN XA 319 -10.61 80.90 131.16
CA ASN XA 319 -10.04 82.00 131.95
C ASN XA 319 -10.00 83.34 131.19
N ILE XA 320 -11.01 83.58 130.34
CA ILE XA 320 -11.10 84.77 129.49
C ILE XA 320 -11.39 86.00 130.35
N THR XA 321 -10.63 87.07 130.16
CA THR XA 321 -10.80 88.34 130.88
C THR XA 321 -11.46 89.43 130.03
N THR XA 322 -11.35 89.35 128.70
CA THR XA 322 -11.83 90.40 127.77
C THR XA 322 -12.36 89.79 126.47
N TYR XA 323 -13.15 90.57 125.72
CA TYR XA 323 -13.55 90.19 124.37
C TYR XA 323 -12.34 89.97 123.44
N LYS XA 324 -11.20 90.63 123.66
CA LYS XA 324 -9.94 90.35 122.97
C LYS XA 324 -9.47 88.90 123.18
N GLU XA 325 -9.54 88.38 124.41
CA GLU XA 325 -9.26 86.96 124.67
C GLU XA 325 -10.38 86.02 124.19
N PHE XA 326 -11.64 86.48 124.15
CA PHE XA 326 -12.71 85.72 123.50
C PHE XA 326 -12.48 85.57 121.98
N LEU XA 327 -12.08 86.65 121.30
CA LEU XA 327 -11.67 86.65 119.88
C LEU XA 327 -10.53 85.67 119.61
N THR XA 328 -9.49 85.63 120.45
CA THR XA 328 -8.33 84.79 120.17
C THR XA 328 -8.56 83.33 120.58
N LYS XA 329 -9.17 83.06 121.74
CA LYS XA 329 -9.41 81.68 122.19
C LYS XA 329 -10.66 81.06 121.57
N GLY XA 330 -11.74 81.82 121.42
CA GLY XA 330 -13.10 81.32 121.17
C GLY XA 330 -13.68 81.55 119.78
N ALA XA 331 -12.98 82.23 118.87
CA ALA XA 331 -13.47 82.42 117.51
C ALA XA 331 -13.57 81.10 116.72
N GLY XA 332 -14.58 80.99 115.85
CA GLY XA 332 -14.88 79.79 115.09
C GLY XA 332 -14.47 79.89 113.63
N ASN XA 333 -13.98 78.81 113.02
CA ASN XA 333 -13.69 78.83 111.58
C ASN XA 333 -14.99 78.59 110.80
N PRO XA 334 -15.32 79.38 109.77
CA PRO XA 334 -16.64 79.31 109.10
C PRO XA 334 -16.88 77.97 108.39
N PHE XA 335 -15.79 77.26 108.08
CA PHE XA 335 -15.80 75.96 107.41
C PHE XA 335 -15.81 74.77 108.39
N HIS XA 336 -15.97 74.99 109.70
CA HIS XA 336 -16.21 73.89 110.64
C HIS XA 336 -17.53 73.17 110.30
N ALA XA 337 -17.66 71.89 110.63
CA ALA XA 337 -18.75 71.01 110.18
C ALA XA 337 -20.16 71.50 110.52
N GLU XA 338 -20.33 72.34 111.55
CA GLU XA 338 -21.63 72.96 111.84
C GLU XA 338 -21.82 74.34 111.20
N TRP XA 339 -20.77 75.15 111.05
CA TRP XA 339 -20.87 76.47 110.42
C TRP XA 339 -20.89 76.41 108.88
N ILE XA 340 -20.24 75.42 108.27
CA ILE XA 340 -20.12 75.25 106.80
C ILE XA 340 -21.47 75.20 106.09
N THR XA 341 -22.46 74.54 106.69
CA THR XA 341 -23.86 74.44 106.22
C THR XA 341 -24.85 75.09 107.19
N ALA XA 342 -24.35 75.88 108.16
CA ALA XA 342 -25.14 76.53 109.20
C ALA XA 342 -26.13 75.58 109.91
N GLN XA 343 -25.66 74.38 110.29
CA GLN XA 343 -26.43 73.44 111.10
C GLN XA 343 -26.90 74.11 112.40
N ASN XA 344 -26.01 74.87 113.02
CA ASN XA 344 -26.34 75.88 114.03
C ASN XA 344 -26.27 77.26 113.33
N PRO XA 345 -27.19 78.20 113.60
CA PRO XA 345 -27.32 79.43 112.81
C PRO XA 345 -26.02 80.23 112.68
N VAL XA 346 -25.84 80.83 111.50
CA VAL XA 346 -24.71 81.69 111.13
C VAL XA 346 -25.27 83.00 110.59
N ILE XA 347 -24.71 84.11 111.06
CA ILE XA 347 -25.20 85.45 110.84
C ILE XA 347 -24.21 86.25 110.01
N HIS XA 348 -24.66 86.84 108.91
CA HIS XA 348 -23.86 87.68 108.01
C HIS XA 348 -24.21 89.15 108.25
N THR XA 349 -23.23 90.04 108.36
CA THR XA 349 -23.45 91.46 108.67
C THR XA 349 -22.36 92.37 108.12
N ALA XA 350 -22.67 93.64 107.90
CA ALA XA 350 -21.67 94.68 107.65
C ALA XA 350 -20.91 95.09 108.92
N ASN XA 351 -21.45 94.80 110.12
CA ASN XA 351 -20.87 95.28 111.36
C ASN XA 351 -19.57 94.54 111.72
N SER XA 352 -18.44 95.23 111.60
CA SER XA 352 -17.12 94.65 111.88
C SER XA 352 -16.99 94.25 113.35
N PRO XA 353 -16.30 93.13 113.65
CA PRO XA 353 -15.99 92.74 115.02
C PRO XA 353 -15.32 93.86 115.81
N THR XA 354 -14.53 94.74 115.19
CA THR XA 354 -13.90 95.87 115.88
C THR XA 354 -14.90 96.93 116.34
N GLN XA 355 -16.04 97.11 115.66
CA GLN XA 355 -17.11 97.92 116.22
C GLN XA 355 -17.73 97.22 117.44
N ILE XA 356 -17.89 95.89 117.40
CA ILE XA 356 -18.30 95.11 118.58
C ILE XA 356 -17.24 95.18 119.69
N GLU XA 357 -15.94 95.18 119.37
CA GLU XA 357 -14.85 95.39 120.33
C GLU XA 357 -15.03 96.73 121.02
N GLN XA 358 -15.26 97.82 120.26
CA GLN XA 358 -15.51 99.14 120.83
C GLN XA 358 -16.72 99.12 121.76
N ILE XA 359 -17.82 98.45 121.41
CA ILE XA 359 -18.99 98.34 122.31
C ILE XA 359 -18.66 97.54 123.58
N TYR XA 360 -17.98 96.39 123.48
CA TYR XA 360 -17.55 95.62 124.66
C TYR XA 360 -16.57 96.41 125.53
N THR XA 361 -15.47 96.89 124.94
CA THR XA 361 -14.37 97.53 125.67
C THR XA 361 -14.80 98.87 126.27
N ALA XA 362 -15.69 99.63 125.60
CA ALA XA 362 -16.25 100.85 126.17
C ALA XA 362 -17.01 100.56 127.48
N SER XA 363 -17.84 99.51 127.52
CA SER XA 363 -18.34 98.94 128.77
C SER XA 363 -18.82 97.49 128.64
N THR XA 364 -18.18 96.58 129.38
CA THR XA 364 -18.51 95.15 129.43
C THR XA 364 -19.89 94.91 130.05
N THR XA 365 -20.32 95.78 130.96
CA THR XA 365 -21.66 95.72 131.57
C THR XA 365 -22.77 96.05 130.57
N THR XA 366 -22.53 96.94 129.60
CA THR XA 366 -23.51 97.21 128.52
C THR XA 366 -23.43 96.22 127.36
N PHE XA 367 -22.38 95.39 127.28
CA PHE XA 367 -22.34 94.26 126.34
C PHE XA 367 -23.41 93.20 126.65
N GLN XA 368 -23.75 93.03 127.94
CA GLN XA 368 -24.90 92.24 128.39
C GLN XA 368 -26.23 92.85 127.89
N ASN XA 369 -26.36 94.18 127.97
CA ASN XA 369 -27.59 94.89 127.62
C ASN XA 369 -27.81 94.98 126.10
N LYS XA 370 -26.75 95.27 125.32
CA LYS XA 370 -26.85 95.49 123.87
C LYS XA 370 -27.25 94.20 123.13
N LYS XA 371 -28.18 94.36 122.19
CA LYS XA 371 -28.63 93.34 121.24
C LYS XA 371 -28.24 93.72 119.81
N LEU XA 372 -28.63 92.91 118.82
CA LEU XA 372 -28.42 93.20 117.40
C LEU XA 372 -29.23 94.40 116.89
N THR XA 373 -30.28 94.82 117.60
CA THR XA 373 -30.91 96.15 117.43
C THR XA 373 -29.95 97.27 117.80
N ASP XA 374 -30.08 98.42 117.13
CA ASP XA 374 -29.33 99.66 117.42
C ASP XA 374 -27.80 99.50 117.42
N LEU XA 375 -27.26 98.51 116.69
CA LEU XA 375 -25.82 98.37 116.45
C LEU XA 375 -25.37 99.22 115.26
N PRO XA 376 -24.08 99.56 115.16
CA PRO XA 376 -23.54 100.22 113.97
C PRO XA 376 -23.63 99.28 112.76
N THR XA 377 -23.92 99.85 111.58
CA THR XA 377 -24.10 99.13 110.30
C THR XA 377 -24.74 97.74 110.48
N PRO XA 378 -25.96 97.61 111.03
CA PRO XA 378 -26.50 96.30 111.36
C PRO XA 378 -27.25 95.56 110.27
N GLY XA 379 -26.52 94.98 109.30
CA GLY XA 379 -27.13 94.19 108.22
C GLY XA 379 -27.17 92.74 108.66
N TYR XA 380 -27.58 92.46 109.89
CA TYR XA 380 -27.62 91.08 110.44
C TYR XA 380 -28.66 90.25 109.67
N ILE XA 381 -28.23 89.21 108.97
CA ILE XA 381 -29.12 88.33 108.14
C ILE XA 381 -28.80 86.88 108.51
N PHE XA 382 -29.51 85.88 108.00
CA PHE XA 382 -29.17 84.45 108.21
C PHE XA 382 -28.68 83.88 106.87
N ILE XA 383 -27.37 83.68 106.72
CA ILE XA 383 -26.77 83.23 105.44
C ILE XA 383 -25.98 81.94 105.67
N THR XA 384 -26.04 80.99 104.72
CA THR XA 384 -25.31 79.71 104.80
C THR XA 384 -24.07 79.77 103.89
N PRO XA 385 -22.85 79.47 104.39
CA PRO XA 385 -21.64 79.48 103.54
C PRO XA 385 -21.72 78.50 102.38
N THR XA 386 -22.40 77.36 102.57
CA THR XA 386 -22.63 76.33 101.54
C THR XA 386 -24.06 76.38 101.02
N VAL XA 387 -24.22 76.13 99.72
CA VAL XA 387 -25.49 75.73 99.11
C VAL XA 387 -25.30 74.39 98.37
N SER XA 388 -26.32 73.56 98.31
CA SER XA 388 -26.33 72.31 97.53
C SER XA 388 -27.14 72.51 96.24
N LEU XA 389 -26.51 72.25 95.10
CA LEU XA 389 -27.13 72.27 93.77
C LEU XA 389 -27.48 70.84 93.33
N ARG XA 390 -28.47 70.68 92.45
CA ARG XA 390 -28.73 69.44 91.71
C ARG XA 390 -28.30 69.61 90.26
N TYR XA 391 -27.51 68.67 89.77
CA TYR XA 391 -27.06 68.59 88.37
C TYR XA 391 -27.63 67.35 87.71
N ASN XA 392 -28.16 67.49 86.51
CA ASN XA 392 -28.63 66.38 85.70
C ASN XA 392 -27.85 66.38 84.37
N PRO XA 393 -27.08 65.32 84.04
CA PRO XA 393 -26.26 65.31 82.84
C PRO XA 393 -27.08 65.33 81.55
N TYR XA 394 -28.30 64.78 81.59
CA TYR XA 394 -29.17 64.67 80.39
C TYR XA 394 -29.83 66.03 80.13
N LYS XA 395 -29.86 66.91 81.14
CA LYS XA 395 -30.45 68.27 81.01
C LYS XA 395 -29.36 69.27 80.65
N ASP XA 396 -28.12 68.81 80.42
CA ASP XA 396 -26.97 69.73 80.14
C ASP XA 396 -26.77 69.90 78.63
N LEU XA 397 -26.78 71.14 78.13
CA LEU XA 397 -26.67 71.43 76.70
C LEU XA 397 -25.34 72.08 76.33
N ALA XA 398 -24.45 72.35 77.30
CA ALA XA 398 -23.12 72.87 77.06
C ALA XA 398 -23.04 74.20 76.27
N GLU XA 399 -24.05 75.07 76.32
CA GLU XA 399 -24.06 76.30 75.51
C GLU XA 399 -23.21 77.42 76.14
N ARG XA 400 -23.11 77.44 77.47
CA ARG XA 400 -22.35 78.46 78.23
C ARG XA 400 -21.55 77.86 79.38
N ASN XA 401 -21.20 76.58 79.26
CA ASN XA 401 -20.34 75.88 80.21
C ASN XA 401 -18.90 76.38 80.12
N LYS XA 402 -18.21 76.43 81.26
CA LYS XA 402 -16.85 77.00 81.38
C LYS XA 402 -16.16 76.47 82.63
N CYS XA 403 -14.83 76.46 82.66
CA CYS XA 403 -14.06 75.86 83.74
C CYS XA 403 -12.63 76.43 83.79
N TYR XA 404 -12.13 76.80 84.98
CA TYR XA 404 -10.78 77.35 85.16
C TYR XA 404 -10.32 77.33 86.62
N PHE XA 405 -9.02 77.52 86.86
CA PHE XA 405 -8.45 77.61 88.19
C PHE XA 405 -8.12 79.07 88.57
N VAL XA 406 -8.43 79.46 89.80
CA VAL XA 406 -8.08 80.76 90.40
C VAL XA 406 -7.17 80.54 91.61
N ARG XA 407 -6.35 81.53 91.96
CA ARG XA 407 -5.39 81.45 93.06
C ARG XA 407 -6.12 81.54 94.41
N SER XA 408 -5.98 80.54 95.29
CA SER XA 408 -6.68 80.51 96.58
C SER XA 408 -5.99 81.37 97.64
N LYS XA 409 -4.69 81.18 97.88
CA LYS XA 409 -3.88 82.03 98.77
C LYS XA 409 -3.34 83.27 98.06
N ILE XA 410 -4.22 84.20 97.69
CA ILE XA 410 -3.85 85.58 97.34
C ILE XA 410 -4.89 86.58 97.82
N ASN XA 411 -4.47 87.82 97.99
CA ASN XA 411 -5.33 88.93 98.40
C ASN XA 411 -6.06 89.56 97.19
N ALA XA 412 -6.88 88.78 96.48
CA ALA XA 412 -7.65 89.26 95.33
C ALA XA 412 -9.13 88.88 95.41
N HIS XA 413 -10.00 89.85 95.14
CA HIS XA 413 -11.44 89.70 95.24
C HIS XA 413 -12.04 88.99 94.02
N GLY XA 414 -13.17 88.31 94.22
CA GLY XA 414 -14.01 87.81 93.13
C GLY XA 414 -13.51 86.55 92.46
N TRP XA 415 -14.32 86.03 91.55
CA TRP XA 415 -14.20 84.69 90.97
C TRP XA 415 -14.00 84.71 89.44
N ASP XA 416 -13.85 85.88 88.84
CA ASP XA 416 -13.75 85.99 87.35
C ASP XA 416 -12.59 85.13 86.83
N PRO XA 417 -12.63 84.61 85.59
CA PRO XA 417 -11.50 83.87 85.04
C PRO XA 417 -10.31 84.81 85.08
N GLU XA 418 -9.18 84.34 85.61
CA GLU XA 418 -7.98 85.22 85.78
C GLU XA 418 -6.72 84.44 85.39
N GLN XA 419 -5.56 85.11 85.40
CA GLN XA 419 -4.26 84.46 85.06
C GLN XA 419 -4.36 83.91 83.63
N HIS XA 420 -4.13 82.60 83.42
CA HIS XA 420 -4.11 82.00 82.06
C HIS XA 420 -5.51 81.99 81.45
N GLN XA 421 -5.71 82.75 80.37
CA GLN XA 421 -7.02 82.78 79.65
C GLN XA 421 -6.99 81.71 78.57
N GLU XA 422 -5.80 81.19 78.22
CA GLU XA 422 -5.70 80.07 77.28
C GLU XA 422 -6.00 78.71 77.95
N LEU XA 423 -5.93 78.64 79.27
CA LEU XA 423 -6.26 77.43 80.04
C LEU XA 423 -7.76 77.31 80.35
N ILE XA 424 -8.57 78.33 80.10
CA ILE XA 424 -10.02 78.24 80.26
C ILE XA 424 -10.55 77.16 79.31
N ASN XA 425 -11.36 76.23 79.87
CA ASN XA 425 -11.99 75.11 79.10
C ASN XA 425 -13.49 75.41 78.98
N SER XA 426 -14.07 75.44 77.77
CA SER XA 426 -15.43 75.92 77.52
C SER XA 426 -16.23 75.00 76.59
N ASP XA 427 -17.55 75.11 76.64
CA ASP XA 427 -18.49 74.59 75.64
C ASP XA 427 -18.50 73.06 75.46
N LEU XA 428 -18.35 72.30 76.55
CA LEU XA 428 -18.61 70.86 76.62
C LEU XA 428 -19.49 70.58 77.84
N PRO XA 429 -20.28 69.50 77.87
CA PRO XA 429 -21.09 69.18 79.04
C PRO XA 429 -20.18 68.93 80.24
N GLN XA 430 -20.55 69.36 81.45
CA GLN XA 430 -19.69 69.33 82.67
C GLN XA 430 -19.00 67.98 82.96
N TRP XA 431 -19.61 66.85 82.66
CA TRP XA 431 -18.99 65.54 82.82
C TRP XA 431 -17.86 65.28 81.81
N LEU XA 432 -17.90 65.91 80.64
CA LEU XA 432 -16.81 65.89 79.66
C LEU XA 432 -15.82 67.03 79.90
N LEU XA 433 -16.30 68.22 80.27
CA LEU XA 433 -15.49 69.40 80.48
C LEU XA 433 -14.50 69.23 81.65
N LEU XA 434 -14.92 68.59 82.73
CA LEU XA 434 -14.08 68.39 83.91
C LEU XA 434 -13.14 67.19 83.78
N PHE XA 435 -13.42 66.21 82.90
CA PHE XA 435 -12.68 64.95 82.87
C PHE XA 435 -11.21 65.17 82.49
N GLY XA 436 -10.28 64.84 83.39
CA GLY XA 436 -8.85 65.01 83.17
C GLY XA 436 -8.37 66.47 83.10
N TYR XA 437 -9.23 67.47 83.25
CA TYR XA 437 -8.83 68.87 83.16
C TYR XA 437 -7.84 69.29 84.27
N PRO XA 438 -8.03 68.95 85.55
CA PRO XA 438 -7.03 69.19 86.58
C PRO XA 438 -5.66 68.57 86.28
N ASP XA 439 -5.61 67.36 85.72
CA ASP XA 439 -4.35 66.73 85.35
C ASP XA 439 -3.69 67.37 84.14
N TYR XA 440 -4.46 67.82 83.14
CA TYR XA 440 -3.89 68.64 82.07
C TYR XA 440 -3.24 69.89 82.63
N ILE XA 441 -3.89 70.56 83.59
CA ILE XA 441 -3.36 71.77 84.22
C ILE XA 441 -2.10 71.46 85.03
N LYS XA 442 -2.09 70.41 85.85
CA LYS XA 442 -0.90 69.97 86.57
C LYS XA 442 0.26 69.65 85.64
N ARG XA 443 0.02 68.87 84.57
CA ARG XA 443 1.09 68.48 83.60
C ARG XA 443 1.57 69.71 82.82
N THR XA 444 0.69 70.69 82.58
CA THR XA 444 1.07 71.95 81.93
C THR XA 444 2.04 72.79 82.78
N GLN XA 445 1.97 72.69 84.11
CA GLN XA 445 2.94 73.34 85.05
C GLN XA 445 2.93 74.88 84.94
N ASN XA 446 1.88 75.48 84.38
CA ASN XA 446 1.74 76.95 84.32
C ASN XA 446 1.22 77.57 85.63
N PHE XA 447 0.91 76.76 86.64
CA PHE XA 447 0.49 77.18 87.98
C PHE XA 447 1.41 76.59 89.04
N ALA XA 448 1.53 77.26 90.20
CA ALA XA 448 2.25 76.72 91.35
C ALA XA 448 1.58 75.40 91.79
N LEU XA 449 2.37 74.34 91.89
CA LEU XA 449 1.87 72.97 91.72
C LEU XA 449 0.90 72.49 92.81
N VAL XA 450 0.97 73.07 94.02
CA VAL XA 450 0.31 72.50 95.19
C VAL XA 450 -1.21 72.73 95.19
N ASP XA 451 -1.99 71.67 95.50
CA ASP XA 451 -3.47 71.73 95.48
C ASP XA 451 -4.02 72.80 96.42
N THR XA 452 -3.29 73.15 97.46
CA THR XA 452 -3.76 74.12 98.46
C THR XA 452 -3.77 75.57 97.97
N ASN XA 453 -3.09 75.86 96.87
CA ASN XA 453 -2.87 77.24 96.43
C ASN XA 453 -3.80 77.68 95.29
N TYR XA 454 -4.68 76.80 94.82
CA TYR XA 454 -5.67 77.08 93.77
C TYR XA 454 -7.04 76.53 94.13
N ILE XA 455 -8.07 77.10 93.51
CA ILE XA 455 -9.45 76.61 93.50
C ILE XA 455 -9.87 76.42 92.05
N LEU XA 456 -10.63 75.36 91.79
CA LEU XA 456 -11.35 75.13 90.57
C LEU XA 456 -12.75 75.79 90.64
N VAL XA 457 -13.08 76.54 89.61
CA VAL XA 457 -14.30 77.34 89.47
C VAL XA 457 -14.94 76.98 88.12
N ASP XA 458 -16.25 76.76 88.07
CA ASP XA 458 -16.92 76.44 86.81
C ASP XA 458 -18.30 77.11 86.68
N HIS XA 459 -18.68 77.45 85.46
CA HIS XA 459 -20.00 78.00 85.13
C HIS XA 459 -20.83 76.93 84.44
N CYS XA 460 -22.10 76.79 84.84
CA CYS XA 460 -23.03 75.84 84.26
C CYS XA 460 -24.46 76.36 84.43
N PRO XA 461 -25.14 76.78 83.35
CA PRO XA 461 -26.56 77.18 83.37
C PRO XA 461 -27.53 76.11 83.87
N TYR XA 462 -27.13 74.84 83.86
CA TYR XA 462 -28.05 73.70 83.82
C TYR XA 462 -28.31 73.02 85.16
N THR XA 463 -27.74 73.49 86.27
CA THR XA 463 -28.24 73.11 87.59
C THR XA 463 -29.61 73.72 87.84
N ASN XA 464 -30.47 73.04 88.61
CA ASN XA 464 -31.85 73.50 88.81
C ASN XA 464 -31.95 74.76 89.68
N PRO XA 465 -31.36 74.80 90.89
CA PRO XA 465 -30.89 76.05 91.49
C PRO XA 465 -29.60 76.48 90.80
N GLU XA 466 -29.17 77.72 90.98
CA GLU XA 466 -27.95 78.24 90.35
C GLU XA 466 -27.12 79.11 91.31
N LYS XA 467 -25.83 79.21 90.99
CA LYS XA 467 -24.90 80.24 91.45
C LYS XA 467 -24.03 80.63 90.26
N THR XA 468 -23.63 81.90 90.14
CA THR XA 468 -23.04 82.43 88.89
C THR XA 468 -21.80 81.64 88.49
N PRO XA 469 -20.70 81.58 89.28
CA PRO XA 469 -19.81 80.44 89.28
C PRO XA 469 -20.22 79.42 90.37
N PHE XA 470 -19.64 78.23 90.23
CA PHE XA 470 -19.77 77.18 91.27
C PHE XA 470 -18.39 76.99 91.86
N ILE XA 471 -18.26 76.72 93.15
CA ILE XA 471 -16.94 76.39 93.76
C ILE XA 471 -17.14 74.99 94.33
N PRO XA 472 -17.16 73.91 93.50
CA PRO XA 472 -17.50 72.58 94.02
C PRO XA 472 -16.70 72.24 95.28
N LEU XA 473 -17.33 71.61 96.27
CA LEU XA 473 -16.67 71.13 97.48
C LEU XA 473 -17.08 69.68 97.75
N SER XA 474 -16.12 68.86 98.15
CA SER XA 474 -16.40 67.44 98.41
C SER XA 474 -17.19 67.26 99.70
N THR XA 475 -18.02 66.22 99.75
CA THR XA 475 -18.78 65.84 100.94
C THR XA 475 -17.89 65.70 102.18
N SER XA 476 -16.64 65.25 102.02
CA SER XA 476 -15.67 65.20 103.12
C SER XA 476 -15.37 66.58 103.73
N PHE XA 477 -15.17 67.63 102.93
CA PHE XA 477 -14.96 68.98 103.45
C PHE XA 477 -16.24 69.61 104.02
N ILE XA 478 -17.40 69.30 103.42
CA ILE XA 478 -18.72 69.68 103.92
C ILE XA 478 -19.09 68.93 105.21
N GLU XA 479 -18.41 67.83 105.53
CA GLU XA 479 -18.58 67.02 106.74
C GLU XA 479 -17.38 67.08 107.70
N GLY XA 480 -16.40 67.96 107.48
CA GLY XA 480 -15.28 68.12 108.40
C GLY XA 480 -14.35 66.90 108.47
N ARG XA 481 -13.83 66.46 107.31
CA ARG XA 481 -12.98 65.25 107.24
C ARG XA 481 -11.92 65.39 106.13
N SER XA 482 -10.80 64.68 106.25
CA SER XA 482 -9.70 64.76 105.26
C SER XA 482 -10.12 64.29 103.85
N PRO XA 483 -9.48 64.79 102.77
CA PRO XA 483 -9.94 64.63 101.39
C PRO XA 483 -10.35 63.21 100.95
N TYR XA 484 -9.63 62.18 101.41
CA TYR XA 484 -9.92 60.77 101.13
C TYR XA 484 -9.93 59.93 102.43
N SER XA 485 -10.55 60.44 103.49
CA SER XA 485 -10.64 59.75 104.79
C SER XA 485 -12.01 59.10 105.00
N PRO XA 486 -12.10 57.89 105.58
CA PRO XA 486 -13.35 57.16 105.73
C PRO XA 486 -14.34 57.88 106.65
N SER XA 487 -15.63 57.79 106.31
CA SER XA 487 -16.74 58.52 106.94
C SER XA 487 -16.91 58.30 108.44
N ASP XA 488 -16.31 57.25 109.02
CA ASP XA 488 -16.36 57.02 110.50
C ASP XA 488 -15.62 58.16 111.22
N THR XA 489 -14.70 58.83 110.53
CA THR XA 489 -13.92 59.95 111.04
C THR XA 489 -14.77 61.24 111.05
N HIS XA 490 -14.61 62.08 112.10
CA HIS XA 490 -15.39 63.36 112.24
C HIS XA 490 -14.44 64.54 112.50
N GLU XA 491 -13.17 64.44 112.12
CA GLU XA 491 -12.16 65.50 112.20
C GLU XA 491 -11.13 65.34 111.06
N PRO XA 492 -10.54 66.42 110.55
CA PRO XA 492 -9.33 66.31 109.73
C PRO XA 492 -8.17 65.67 110.51
N ASP XA 493 -7.24 65.01 109.80
CA ASP XA 493 -5.90 64.66 110.30
C ASP XA 493 -5.04 65.92 110.47
N GLU XA 494 -4.01 65.93 111.32
CA GLU XA 494 -3.33 67.16 111.76
C GLU XA 494 -2.89 68.10 110.61
N GLU XA 495 -2.37 67.56 109.52
CA GLU XA 495 -1.95 68.36 108.36
C GLU XA 495 -3.14 68.99 107.58
N ASP XA 496 -4.32 68.37 107.64
CA ASP XA 496 -5.59 68.95 107.17
C ASP XA 496 -6.35 69.72 108.27
N GLN XA 497 -6.00 69.58 109.55
CA GLN XA 497 -6.49 70.49 110.59
C GLN XA 497 -5.88 71.88 110.39
N ASN XA 498 -4.60 71.93 110.02
CA ASN XA 498 -4.01 73.08 109.34
C ASN XA 498 -4.53 73.20 107.89
N ARG XA 499 -4.45 74.43 107.38
CA ARG XA 499 -4.87 74.75 105.99
C ARG XA 499 -6.31 74.31 105.76
N TRP XA 500 -7.21 74.41 106.76
CA TRP XA 500 -8.63 74.01 106.64
C TRP XA 500 -9.44 75.12 105.96
N TYR XA 501 -9.23 75.32 104.66
CA TYR XA 501 -9.89 76.37 103.87
C TYR XA 501 -10.12 75.90 102.42
N PRO XA 502 -11.07 76.51 101.67
CA PRO XA 502 -11.34 76.14 100.29
C PRO XA 502 -10.10 76.11 99.39
N CYS XA 503 -9.82 74.94 98.82
CA CYS XA 503 -8.77 74.74 97.82
C CYS XA 503 -9.01 73.43 97.07
N TYR XA 504 -8.36 73.25 95.92
CA TYR XA 504 -8.56 72.13 95.01
C TYR XA 504 -8.43 70.76 95.69
N GLN XA 505 -7.60 70.63 96.72
CA GLN XA 505 -7.44 69.35 97.46
C GLN XA 505 -8.77 68.89 98.05
N TYR XA 506 -9.63 69.80 98.50
CA TYR XA 506 -10.95 69.47 99.01
C TYR XA 506 -12.04 69.39 97.93
N GLN XA 507 -11.78 69.81 96.70
CA GLN XA 507 -12.74 69.75 95.59
C GLN XA 507 -12.70 68.43 94.81
N GLN XA 508 -11.64 67.64 94.94
CA GLN XA 508 -11.35 66.51 94.05
C GLN XA 508 -12.49 65.49 93.93
N GLU XA 509 -13.07 65.06 95.04
CA GLU XA 509 -14.14 64.05 95.02
C GLU XA 509 -15.42 64.61 94.38
N SER XA 510 -15.71 65.91 94.53
CA SER XA 510 -16.89 66.51 93.90
C SER XA 510 -16.80 66.54 92.37
N ILE XA 511 -15.65 66.91 91.79
CA ILE XA 511 -15.50 66.90 90.34
C ILE XA 511 -15.38 65.49 89.78
N ASN XA 512 -14.83 64.54 90.55
CA ASN XA 512 -14.91 63.14 90.18
C ASN XA 512 -16.37 62.66 90.15
N SER XA 513 -17.18 63.05 91.12
CA SER XA 513 -18.60 62.73 91.17
C SER XA 513 -19.39 63.30 89.99
N ILE XA 514 -19.07 64.53 89.55
CA ILE XA 514 -19.62 65.10 88.32
C ILE XA 514 -19.19 64.30 87.09
N CYS XA 515 -17.93 63.90 86.97
CA CYS XA 515 -17.47 63.05 85.88
C CYS XA 515 -18.13 61.67 85.87
N LEU XA 516 -18.35 61.07 87.03
CA LEU XA 516 -19.10 59.82 87.19
C LEU XA 516 -20.55 59.93 86.75
N SER XA 517 -21.13 61.12 86.71
CA SER XA 517 -22.47 61.30 86.12
C SER XA 517 -22.46 61.08 84.60
N GLY XA 518 -21.31 61.20 83.93
CA GLY XA 518 -21.18 60.99 82.49
C GLY XA 518 -21.20 59.53 82.07
N PRO XA 519 -21.53 59.24 80.79
CA PRO XA 519 -21.64 57.88 80.29
C PRO XA 519 -20.29 57.15 80.21
N GLY XA 520 -20.36 55.83 80.21
CA GLY XA 520 -19.23 54.90 80.10
C GLY XA 520 -18.41 54.72 81.38
N THR XA 521 -18.59 55.56 82.40
CA THR XA 521 -17.81 55.50 83.63
C THR XA 521 -18.17 54.25 84.45
N PRO XA 522 -17.18 53.45 84.89
CA PRO XA 522 -17.42 52.15 85.49
C PRO XA 522 -18.00 52.20 86.92
N LYS XA 523 -18.63 51.10 87.33
CA LYS XA 523 -19.06 50.81 88.70
C LYS XA 523 -18.03 49.91 89.37
N ILE XA 524 -17.36 50.39 90.43
CA ILE XA 524 -16.38 49.60 91.17
C ILE XA 524 -16.81 49.55 92.64
N PRO XA 525 -17.05 48.37 93.23
CA PRO XA 525 -17.41 48.28 94.64
C PRO XA 525 -16.37 48.92 95.57
N LYS XA 526 -16.80 49.57 96.66
CA LYS XA 526 -15.89 50.18 97.62
C LYS XA 526 -14.96 49.14 98.24
N GLY XA 527 -13.68 49.46 98.33
CA GLY XA 527 -12.62 48.54 98.78
C GLY XA 527 -12.04 47.62 97.71
N ILE XA 528 -12.54 47.66 96.47
CA ILE XA 528 -11.96 46.93 95.32
C ILE XA 528 -11.18 47.93 94.46
N THR XA 529 -9.97 47.54 94.04
CA THR XA 529 -9.17 48.26 93.06
C THR XA 529 -9.19 47.51 91.75
N ALA XA 530 -9.67 48.14 90.69
CA ALA XA 530 -9.59 47.59 89.35
C ALA XA 530 -8.22 47.90 88.74
N GLU XA 531 -7.69 47.02 87.90
CA GLU XA 531 -6.34 47.13 87.34
C GLU XA 531 -6.36 46.69 85.88
N ALA XA 532 -5.42 47.17 85.08
CA ALA XA 532 -5.19 46.67 83.73
C ALA XA 532 -3.69 46.62 83.44
N LYS XA 533 -3.27 45.66 82.62
CA LYS XA 533 -1.88 45.49 82.24
C LYS XA 533 -1.72 45.13 80.76
N VAL XA 534 -0.58 45.50 80.20
CA VAL XA 534 -0.11 45.08 78.89
C VAL XA 534 1.22 44.35 79.06
N LYS XA 535 1.48 43.33 78.26
CA LYS XA 535 2.83 42.78 78.09
C LYS XA 535 3.42 43.33 76.81
N TYR XA 536 4.60 43.91 76.90
CA TYR XA 536 5.30 44.51 75.77
C TYR XA 536 6.51 43.70 75.37
N SER XA 537 6.91 43.84 74.11
CA SER XA 537 8.16 43.35 73.59
C SER XA 537 8.69 44.34 72.56
N PHE XA 538 9.65 45.19 72.95
CA PHE XA 538 10.32 46.11 72.02
C PHE XA 538 11.49 45.42 71.35
N ASN XA 539 11.59 45.53 70.03
CA ASN XA 539 12.62 44.85 69.25
C ASN XA 539 13.74 45.82 68.90
N PHE XA 540 14.95 45.52 69.33
CA PHE XA 540 16.16 46.28 69.05
C PHE XA 540 17.24 45.36 68.49
N LYS XA 541 18.20 45.96 67.82
CA LYS XA 541 19.53 45.36 67.61
C LYS XA 541 20.56 46.28 68.21
N TRP XA 542 21.62 45.72 68.77
CA TRP XA 542 22.79 46.45 69.25
C TRP XA 542 23.94 46.22 68.29
N GLY XA 543 24.67 47.27 67.95
CA GLY XA 543 25.74 47.22 66.95
C GLY XA 543 27.06 47.75 67.48
N GLY XA 544 28.16 47.18 67.03
CA GLY XA 544 29.49 47.66 67.42
C GLY XA 544 30.62 46.83 66.82
N ASP XA 545 31.85 47.25 67.10
CA ASP XA 545 33.03 46.41 66.97
C ASP XA 545 33.05 45.34 68.06
N LEU XA 546 33.77 44.24 67.83
CA LEU XA 546 33.77 43.08 68.71
C LEU XA 546 34.26 43.44 70.13
N PRO XA 547 33.53 43.06 71.19
CA PRO XA 547 33.90 43.37 72.57
C PRO XA 547 34.92 42.39 73.17
N PRO XA 548 35.56 42.74 74.30
CA PRO XA 548 36.38 41.83 75.09
C PRO XA 548 35.56 40.83 75.93
N MET XA 549 36.21 39.82 76.51
CA MET XA 549 35.57 38.74 77.30
C MET XA 549 36.55 38.13 78.32
N SER XA 550 36.06 37.44 79.35
CA SER XA 550 36.88 36.79 80.40
C SER XA 550 36.40 35.36 80.76
N THR XA 551 37.25 34.60 81.45
CA THR XA 551 37.10 33.14 81.67
C THR XA 551 37.38 32.73 83.11
N ILE XA 552 36.94 31.52 83.48
CA ILE XA 552 36.96 30.97 84.84
C ILE XA 552 37.85 29.72 84.90
N THR XA 553 38.56 29.48 86.00
CA THR XA 553 39.40 28.27 86.16
C THR XA 553 38.59 27.00 86.02
N ASN XA 554 39.14 25.95 85.41
CA ASN XA 554 38.46 24.65 85.32
C ASN XA 554 38.34 23.91 86.68
N PRO XA 555 39.38 23.85 87.54
CA PRO XA 555 39.31 23.07 88.77
C PRO XA 555 38.29 23.60 89.75
N THR XA 556 38.23 24.92 89.95
CA THR XA 556 37.21 25.56 90.84
C THR XA 556 36.04 25.98 89.98
N ASP XA 557 35.17 25.04 89.60
CA ASP XA 557 34.02 25.33 88.71
C ASP XA 557 32.84 24.44 89.11
N GLN XA 558 31.68 24.60 88.47
CA GLN XA 558 30.48 23.78 88.78
C GLN XA 558 30.92 22.32 88.96
N PRO XA 559 30.84 21.74 90.18
CA PRO XA 559 31.32 20.38 90.40
C PRO XA 559 30.30 19.33 90.02
N THR XA 560 30.76 18.20 89.45
CA THR XA 560 29.85 17.10 89.11
C THR XA 560 29.23 16.51 90.40
N TYR XA 561 28.03 15.92 90.31
CA TYR XA 561 27.35 15.34 91.48
C TYR XA 561 28.23 14.32 92.24
N VAL XA 562 29.12 13.63 91.52
CA VAL XA 562 30.12 12.69 92.09
C VAL XA 562 31.01 13.39 93.11
N LYS YA 48 53.40 51.48 -3.45
CA LYS YA 48 53.21 52.51 -4.50
C LYS YA 48 52.92 53.88 -3.90
N ARG YA 49 51.75 54.09 -3.27
CA ARG YA 49 51.41 55.31 -2.54
C ARG YA 49 50.70 54.97 -1.23
N LEU YA 50 50.95 55.75 -0.18
CA LEU YA 50 50.43 55.54 1.16
C LEU YA 50 49.65 56.77 1.64
N ASN YA 51 48.63 56.54 2.48
CA ASN YA 51 48.00 57.62 3.24
C ASN YA 51 49.01 58.21 4.23
N ILE YA 52 49.05 59.54 4.33
CA ILE YA 52 49.75 60.21 5.41
C ILE YA 52 48.95 60.03 6.71
N VAL YA 53 49.63 59.67 7.79
CA VAL YA 53 49.04 59.34 9.09
C VAL YA 53 49.71 60.19 10.16
N GLU YA 54 48.95 60.62 11.15
CA GLU YA 54 49.43 61.36 12.31
C GLU YA 54 49.11 60.59 13.59
N TRP YA 55 49.97 60.67 14.60
CA TRP YA 55 49.72 60.07 15.90
C TRP YA 55 49.08 61.08 16.83
N GLN YA 56 47.90 60.69 17.33
CA GLN YA 56 47.06 61.60 18.15
C GLN YA 56 47.78 61.97 19.44
N PRO YA 57 47.66 63.23 19.90
CA PRO YA 57 48.33 63.70 21.11
C PRO YA 57 47.74 63.09 22.39
N LYS YA 58 48.52 63.13 23.46
CA LYS YA 58 48.25 62.38 24.70
C LYS YA 58 46.94 62.77 25.39
N SER YA 59 46.61 64.07 25.43
CA SER YA 59 45.33 64.58 25.93
C SER YA 59 44.69 65.57 24.96
N ILE YA 60 43.38 65.47 24.80
CA ILE YA 60 42.59 66.25 23.83
C ILE YA 60 41.35 66.83 24.53
N ARG YA 61 41.03 68.10 24.23
CA ARG YA 61 39.84 68.79 24.83
C ARG YA 61 39.06 69.62 23.79
N LYS YA 62 37.86 69.18 23.40
CA LYS YA 62 36.99 69.92 22.46
C LYS YA 62 36.63 71.29 23.04
N CYS YA 63 36.63 72.32 22.22
CA CYS YA 63 36.22 73.67 22.57
C CYS YA 63 35.44 74.31 21.43
N ARG YA 64 34.19 74.71 21.73
CA ARG YA 64 33.35 75.48 20.76
C ARG YA 64 33.40 76.97 21.13
N ILE YA 65 34.12 77.79 20.36
CA ILE YA 65 34.17 79.23 20.58
C ILE YA 65 32.84 79.80 20.06
N LYS YA 66 31.93 80.12 20.97
CA LYS YA 66 30.55 80.55 20.67
C LYS YA 66 30.37 82.02 20.94
N GLY YA 67 29.72 82.75 20.04
CA GLY YA 67 29.51 84.18 20.23
C GLY YA 67 28.63 84.82 19.17
N MET YA 68 28.53 86.14 19.21
CA MET YA 68 27.68 86.95 18.35
C MET YA 68 28.53 87.98 17.61
N LEU YA 69 28.36 88.12 16.29
CA LEU YA 69 29.10 89.07 15.44
C LEU YA 69 28.14 90.04 14.76
N CYS YA 70 28.39 91.33 14.86
CA CYS YA 70 27.67 92.35 14.12
C CYS YA 70 28.12 92.39 12.65
N LEU YA 71 27.21 92.17 11.70
CA LEU YA 71 27.53 92.17 10.28
C LEU YA 71 27.58 93.58 9.70
N PHE YA 72 26.63 94.43 10.07
CA PHE YA 72 26.66 95.86 9.80
C PHE YA 72 25.78 96.56 10.82
N GLN YA 73 25.99 97.87 11.00
CA GLN YA 73 24.99 98.74 11.58
C GLN YA 73 25.05 100.07 10.84
N THR YA 74 23.94 100.47 10.23
CA THR YA 74 23.90 101.48 9.18
C THR YA 74 22.73 102.44 9.32
N THR YA 75 22.96 103.69 8.95
CA THR YA 75 21.92 104.66 8.56
C THR YA 75 21.88 104.75 7.04
N GLU YA 76 20.91 105.47 6.46
CA GLU YA 76 20.79 105.64 5.01
C GLU YA 76 22.00 106.36 4.39
N ASP YA 77 22.58 107.33 5.08
CA ASP YA 77 23.73 108.13 4.63
C ASP YA 77 25.08 107.40 4.73
N ARG YA 78 25.08 106.16 5.21
CA ARG YA 78 26.27 105.30 5.28
C ARG YA 78 26.14 103.98 4.53
N LEU YA 79 25.08 103.77 3.76
CA LEU YA 79 24.82 102.49 3.09
C LEU YA 79 25.91 102.03 2.14
N SER YA 80 26.54 102.96 1.40
CA SER YA 80 27.58 102.63 0.43
C SER YA 80 28.98 102.43 1.02
N TYR YA 81 29.15 102.47 2.35
CA TYR YA 81 30.44 102.38 3.03
C TYR YA 81 30.59 101.08 3.83
N ASN YA 82 31.83 100.63 3.97
CA ASN YA 82 32.19 99.45 4.74
C ASN YA 82 32.10 99.71 6.25
N PHE YA 83 31.34 98.89 6.98
CA PHE YA 83 31.26 98.88 8.43
C PHE YA 83 32.47 98.20 9.05
N ASP YA 84 33.28 98.97 9.76
CA ASP YA 84 34.25 98.46 10.74
C ASP YA 84 33.74 98.78 12.15
N MET YA 85 33.67 97.78 13.01
CA MET YA 85 33.24 97.97 14.40
C MET YA 85 34.30 98.67 15.25
N TYR YA 86 35.57 98.51 14.88
CA TYR YA 86 36.72 99.15 15.49
C TYR YA 86 37.25 100.22 14.52
N GLU YA 87 37.05 101.47 14.89
CA GLU YA 87 36.88 102.59 13.97
C GLU YA 87 38.15 103.38 13.59
N GLU YA 88 38.07 104.11 12.47
CA GLU YA 88 38.85 105.34 12.30
C GLU YA 88 38.15 106.39 13.18
N SER YA 89 38.84 106.89 14.22
CA SER YA 89 38.22 107.49 15.42
C SER YA 89 37.23 108.64 15.21
N ILE YA 90 37.23 109.27 14.04
CA ILE YA 90 36.25 110.29 13.65
C ILE YA 90 34.89 109.70 13.22
N ILE YA 91 34.86 108.49 12.63
CA ILE YA 91 33.64 107.91 12.05
C ILE YA 91 32.49 107.80 13.08
N PRO YA 92 32.66 107.23 14.29
CA PRO YA 92 31.54 107.13 15.22
C PRO YA 92 31.14 108.46 15.87
N GLU YA 93 31.93 109.54 15.73
CA GLU YA 93 31.54 110.84 16.28
C GLU YA 93 30.33 111.40 15.52
N LYS YA 94 29.17 111.40 16.18
CA LYS YA 94 27.88 111.81 15.62
C LYS YA 94 27.41 110.98 14.42
N LEU YA 95 27.84 109.72 14.30
CA LEU YA 95 27.17 108.70 13.46
C LEU YA 95 26.81 107.46 14.27
N PRO YA 96 25.52 107.06 14.33
CA PRO YA 96 25.12 105.87 15.09
C PRO YA 96 25.37 104.54 14.34
N GLY YA 97 25.63 104.57 13.03
CA GLY YA 97 26.03 103.40 12.25
C GLY YA 97 27.01 103.78 11.15
N GLY YA 98 28.12 103.04 11.02
CA GLY YA 98 29.26 103.41 10.20
C GLY YA 98 29.22 102.94 8.75
N GLY YA 99 28.42 101.93 8.40
CA GLY YA 99 28.45 101.35 7.07
C GLY YA 99 27.38 100.31 6.80
N GLY YA 100 26.93 100.18 5.56
CA GLY YA 100 25.84 99.27 5.15
C GLY YA 100 26.29 97.95 4.55
N PHE YA 101 27.59 97.73 4.40
CA PHE YA 101 28.15 96.44 4.03
C PHE YA 101 29.38 96.18 4.87
N SER YA 102 29.81 94.94 5.01
CA SER YA 102 31.13 94.65 5.57
C SER YA 102 31.78 93.46 4.91
N ILE YA 103 33.11 93.43 4.97
CA ILE YA 103 33.90 92.21 4.79
C ILE YA 103 34.56 91.90 6.13
N LYS YA 104 34.25 90.75 6.71
CA LYS YA 104 34.83 90.24 7.97
C LYS YA 104 35.79 89.11 7.65
N ASN YA 105 37.01 89.16 8.18
CA ASN YA 105 37.89 87.99 8.24
C ASN YA 105 37.96 87.51 9.69
N ILE YA 106 37.74 86.22 9.92
CA ILE YA 106 37.79 85.61 11.24
C ILE YA 106 39.03 84.72 11.35
N SER YA 107 39.81 84.90 12.40
CA SER YA 107 40.97 84.08 12.75
C SER YA 107 40.91 83.77 14.24
N LEU YA 108 41.61 82.73 14.69
CA LEU YA 108 41.67 82.36 16.11
C LEU YA 108 42.17 83.51 16.99
N TYR YA 109 43.08 84.36 16.49
CA TYR YA 109 43.48 85.56 17.20
C TYR YA 109 42.37 86.63 17.25
N ALA YA 110 41.61 86.83 16.17
CA ALA YA 110 40.43 87.69 16.21
C ALA YA 110 39.35 87.15 17.15
N LEU YA 111 39.14 85.84 17.24
CA LEU YA 111 38.27 85.22 18.24
C LEU YA 111 38.74 85.47 19.67
N TYR YA 112 40.05 85.39 19.93
CA TYR YA 112 40.62 85.80 21.22
C TYR YA 112 40.40 87.29 21.50
N GLN YA 113 40.57 88.17 20.53
CA GLN YA 113 40.29 89.59 20.71
C GLN YA 113 38.81 89.85 21.01
N GLU YA 114 37.89 89.16 20.37
CA GLU YA 114 36.46 89.23 20.71
C GLU YA 114 36.17 88.69 22.12
N HIS YA 115 37.00 87.80 22.65
CA HIS YA 115 36.86 87.32 24.06
C HIS YA 115 37.29 88.42 25.04
N ILE YA 116 38.25 89.26 24.65
CA ILE YA 116 38.64 90.42 25.48
C ILE YA 116 37.53 91.48 25.52
N HIS YA 117 36.74 91.63 24.46
CA HIS YA 117 35.52 92.43 24.46
C HIS YA 117 34.32 91.75 25.12
N ALA YA 118 34.47 90.53 25.65
CA ALA YA 118 33.41 89.69 26.19
C ALA YA 118 32.31 89.34 25.18
N HIS YA 119 32.60 89.36 23.87
CA HIS YA 119 31.64 89.04 22.82
C HIS YA 119 31.47 87.55 22.55
N ASN YA 120 32.34 86.69 23.11
CA ASN YA 120 32.24 85.24 22.98
C ASN YA 120 32.67 84.52 24.26
N ILE YA 121 32.34 83.24 24.32
CA ILE YA 121 32.82 82.29 25.32
C ILE YA 121 33.71 81.25 24.62
N PHE YA 122 34.71 80.74 25.32
CA PHE YA 122 35.43 79.52 24.95
C PHE YA 122 34.90 78.41 25.84
N THR YA 123 34.33 77.36 25.27
CA THR YA 123 33.75 76.25 26.04
C THR YA 123 34.78 75.48 26.87
N HIS YA 124 36.04 75.54 26.45
CA HIS YA 124 37.17 74.96 27.22
C HIS YA 124 38.36 75.89 27.02
N THR YA 125 39.11 76.20 28.08
CA THR YA 125 40.35 76.96 27.98
C THR YA 125 41.43 76.19 27.22
N ASN YA 126 42.41 76.94 26.72
CA ASN YA 126 43.53 76.45 25.93
C ASN YA 126 44.90 76.67 26.61
N THR YA 127 44.93 76.99 27.91
CA THR YA 127 46.13 77.59 28.55
C THR YA 127 47.35 76.66 28.54
N ASP YA 128 47.16 75.36 28.65
CA ASP YA 128 48.24 74.38 28.82
C ASP YA 128 48.22 73.26 27.77
N ARG YA 129 47.49 73.49 26.67
CA ARG YA 129 47.43 72.55 25.51
C ARG YA 129 47.79 73.42 24.28
N PRO YA 130 49.03 73.37 23.74
CA PRO YA 130 49.49 74.31 22.73
C PRO YA 130 49.09 73.94 21.29
N LEU YA 131 48.68 72.70 21.04
CA LEU YA 131 48.20 72.26 19.74
C LEU YA 131 46.73 72.61 19.53
N ALA YA 132 46.33 72.84 18.29
CA ALA YA 132 44.96 73.08 17.87
C ALA YA 132 44.62 72.24 16.64
N ARG YA 133 43.35 71.79 16.58
CA ARG YA 133 42.82 71.02 15.43
C ARG YA 133 41.44 71.61 15.05
N TYR YA 134 41.41 72.60 14.14
CA TYR YA 134 40.18 73.26 13.69
C TYR YA 134 39.32 72.34 12.82
N THR YA 135 38.04 72.23 13.12
CA THR YA 135 37.12 71.26 12.48
C THR YA 135 36.05 71.92 11.60
N GLY YA 136 35.90 73.24 11.66
CA GLY YA 136 34.91 73.99 10.90
C GLY YA 136 34.04 74.87 11.78
N CYS YA 137 33.07 75.52 11.17
CA CYS YA 137 32.23 76.53 11.80
C CYS YA 137 30.74 76.25 11.57
N SER YA 138 29.89 76.61 12.52
CA SER YA 138 28.45 76.79 12.31
C SER YA 138 28.10 78.25 12.42
N LEU YA 139 27.35 78.79 11.47
CA LEU YA 139 26.78 80.13 11.54
C LEU YA 139 25.25 80.05 11.60
N LYS YA 140 24.63 80.87 12.46
CA LYS YA 140 23.19 81.15 12.45
C LYS YA 140 23.00 82.62 12.13
N PHE YA 141 22.44 82.92 10.97
CA PHE YA 141 22.14 84.28 10.52
C PHE YA 141 20.72 84.64 10.93
N TYR YA 142 20.53 85.69 11.71
CA TYR YA 142 19.19 86.07 12.19
C TYR YA 142 18.51 87.05 11.26
N GLN YA 143 17.21 86.89 11.07
CA GLN YA 143 16.38 87.93 10.46
C GLN YA 143 16.43 89.20 11.31
N SER YA 144 16.82 90.32 10.72
CA SER YA 144 16.65 91.61 11.37
C SER YA 144 15.17 92.00 11.39
N LYS YA 145 14.79 92.92 12.28
CA LYS YA 145 13.43 93.43 12.33
C LYS YA 145 13.06 94.21 11.07
N ASP YA 146 13.87 95.19 10.69
CA ASP YA 146 13.53 96.23 9.71
C ASP YA 146 14.24 96.13 8.35
N ILE YA 147 15.34 95.36 8.25
CA ILE YA 147 16.17 95.37 6.99
C ILE YA 147 16.47 93.94 6.51
N ASP YA 148 16.48 93.73 5.20
CA ASP YA 148 16.85 92.41 4.61
C ASP YA 148 18.37 92.46 4.44
N TYR YA 149 19.03 91.38 4.08
CA TYR YA 149 20.48 91.46 3.79
C TYR YA 149 21.00 90.21 3.11
N VAL YA 150 21.93 90.38 2.18
CA VAL YA 150 22.58 89.29 1.45
C VAL YA 150 23.89 88.97 2.16
N VAL YA 151 24.19 87.70 2.33
CA VAL YA 151 25.49 87.21 2.79
C VAL YA 151 26.11 86.34 1.72
N THR YA 152 27.41 86.41 1.55
CA THR YA 152 28.17 85.32 0.95
C THR YA 152 29.49 85.16 1.70
N TYR YA 153 30.04 83.97 1.75
CA TYR YA 153 31.24 83.67 2.53
C TYR YA 153 32.21 82.85 1.69
N SER YA 154 33.47 82.89 2.07
CA SER YA 154 34.55 82.16 1.40
C SER YA 154 35.52 81.60 2.42
N THR YA 155 36.27 80.56 2.05
CA THR YA 155 37.33 79.99 2.92
C THR YA 155 38.58 79.70 2.11
N SER YA 156 38.75 80.36 0.95
CA SER YA 156 40.04 80.23 0.21
C SER YA 156 41.13 80.77 1.14
N LEU YA 157 42.01 79.91 1.65
CA LEU YA 157 43.04 80.35 2.65
C LEU YA 157 43.70 81.65 2.15
N PRO YA 158 44.11 81.77 0.87
CA PRO YA 158 44.67 83.04 0.40
C PRO YA 158 43.66 84.16 0.63
N LEU YA 159 44.02 85.15 1.46
CA LEU YA 159 43.12 86.28 1.79
C LEU YA 159 43.62 87.56 1.08
N ARG YA 160 42.75 88.22 0.31
CA ARG YA 160 43.13 89.48 -0.39
C ARG YA 160 41.85 90.27 -0.72
N SER YA 161 41.98 91.57 -0.99
CA SER YA 161 40.83 92.44 -1.37
C SER YA 161 40.96 92.80 -2.85
N SER YA 162 39.85 93.12 -3.52
CA SER YA 162 39.86 93.47 -4.96
C SER YA 162 38.85 94.58 -5.24
N MET YA 163 39.09 95.38 -6.28
CA MET YA 163 38.17 96.44 -6.70
C MET YA 163 36.81 95.86 -7.16
N GLY YA 164 36.85 94.73 -7.88
CA GLY YA 164 35.66 93.99 -8.29
C GLY YA 164 34.89 93.41 -7.12
N MET YA 165 35.56 92.93 -6.06
CA MET YA 165 34.90 92.51 -4.83
C MET YA 165 34.11 93.67 -4.21
N TYR YA 166 34.72 94.83 -4.00
CA TYR YA 166 34.05 95.96 -3.37
C TYR YA 166 32.89 96.50 -4.21
N ASN YA 167 33.01 96.57 -5.54
CA ASN YA 167 31.87 96.91 -6.39
C ASN YA 167 30.77 95.84 -6.31
N SER YA 168 31.13 94.56 -6.32
CA SER YA 168 30.16 93.48 -6.24
C SER YA 168 29.42 93.41 -4.90
N MET YA 169 29.84 94.14 -3.88
CA MET YA 169 29.07 94.34 -2.65
C MET YA 169 27.80 95.15 -2.85
N GLN YA 170 27.63 95.83 -3.98
CA GLN YA 170 26.41 96.59 -4.27
C GLN YA 170 25.21 95.64 -4.17
N PRO YA 171 24.12 96.01 -3.46
CA PRO YA 171 23.10 95.05 -3.08
C PRO YA 171 22.47 94.26 -4.22
N SER YA 172 22.20 94.88 -5.36
CA SER YA 172 21.67 94.22 -6.55
C SER YA 172 22.68 93.23 -7.15
N ILE YA 173 23.96 93.61 -7.21
CA ILE YA 173 25.01 92.75 -7.76
C ILE YA 173 25.30 91.57 -6.83
N HIS YA 174 25.40 91.81 -5.53
CA HIS YA 174 25.59 90.75 -4.54
C HIS YA 174 24.39 89.79 -4.56
N LEU YA 175 23.16 90.29 -4.64
CA LEU YA 175 21.97 89.46 -4.77
C LEU YA 175 21.94 88.62 -6.05
N MET YA 176 22.63 88.98 -7.12
CA MET YA 176 22.75 88.12 -8.31
C MET YA 176 23.79 87.01 -8.19
N GLN YA 177 24.77 87.11 -7.29
CA GLN YA 177 25.86 86.15 -7.21
C GLN YA 177 25.41 84.73 -6.83
N GLN YA 178 26.16 83.73 -7.27
CA GLN YA 178 25.96 82.33 -6.87
C GLN YA 178 26.44 82.10 -5.43
N ASN YA 179 25.81 81.13 -4.75
CA ASN YA 179 26.10 80.82 -3.34
C ASN YA 179 25.94 82.02 -2.40
N LYS YA 180 25.05 82.94 -2.74
CA LYS YA 180 24.48 83.92 -1.82
C LYS YA 180 23.58 83.24 -0.81
N LEU YA 181 23.34 83.91 0.29
CA LEU YA 181 22.26 83.66 1.23
C LEU YA 181 21.48 84.96 1.40
N ILE YA 182 20.18 84.96 1.15
CA ILE YA 182 19.32 86.12 1.39
C ILE YA 182 18.61 85.89 2.71
N VAL YA 183 18.67 86.87 3.60
CA VAL YA 183 17.94 86.86 4.87
C VAL YA 183 16.88 87.96 4.81
N PRO YA 184 15.61 87.63 4.56
CA PRO YA 184 14.52 88.60 4.64
C PRO YA 184 14.38 89.10 6.07
N SER YA 185 13.98 90.35 6.25
CA SER YA 185 13.56 90.86 7.54
C SER YA 185 12.32 90.12 8.05
N LYS YA 186 12.05 90.21 9.34
CA LYS YA 186 10.81 89.67 9.93
C LYS YA 186 9.56 90.33 9.34
N GLN YA 187 9.67 91.58 8.90
CA GLN YA 187 8.62 92.29 8.18
C GLN YA 187 8.37 91.72 6.78
N THR YA 188 9.41 91.45 5.98
CA THR YA 188 9.22 90.95 4.61
C THR YA 188 8.88 89.46 4.55
N GLN YA 189 9.29 88.64 5.52
CA GLN YA 189 8.84 87.25 5.62
C GLN YA 189 8.87 86.72 7.05
N LYS YA 190 7.71 86.33 7.58
CA LYS YA 190 7.61 85.52 8.81
C LYS YA 190 7.99 84.08 8.49
N ARG YA 191 8.81 83.45 9.35
CA ARG YA 191 9.39 82.11 9.13
C ARG YA 191 9.17 81.22 10.35
N ARG YA 192 9.20 79.90 10.14
CA ARG YA 192 9.16 78.91 11.24
C ARG YA 192 10.35 79.06 12.17
N LYS YA 193 11.56 79.04 11.62
CA LYS YA 193 12.80 79.33 12.35
C LYS YA 193 13.23 80.77 12.05
N PRO YA 194 13.54 81.59 13.07
CA PRO YA 194 13.85 83.01 12.89
C PRO YA 194 15.28 83.27 12.39
N TYR YA 195 15.98 82.23 11.95
CA TYR YA 195 17.38 82.26 11.52
C TYR YA 195 17.61 81.28 10.38
N ILE YA 196 18.68 81.47 9.62
CA ILE YA 196 19.17 80.49 8.64
C ILE YA 196 20.52 79.96 9.12
N LYS YA 197 20.65 78.64 9.22
CA LYS YA 197 21.81 77.95 9.78
C LYS YA 197 22.58 77.22 8.69
N LYS YA 198 23.89 77.38 8.63
CA LYS YA 198 24.74 76.54 7.78
C LYS YA 198 26.14 76.31 8.32
N HIS YA 199 26.68 75.15 7.97
CA HIS YA 199 27.98 74.66 8.41
C HIS YA 199 29.01 74.95 7.32
N ILE YA 200 30.17 75.45 7.73
CA ILE YA 200 31.25 75.87 6.85
C ILE YA 200 32.50 75.05 7.19
N SER YA 201 33.06 74.38 6.19
CA SER YA 201 34.25 73.53 6.33
C SER YA 201 35.52 74.38 6.48
N PRO YA 202 36.63 73.87 7.05
CA PRO YA 202 37.89 74.62 7.08
C PRO YA 202 38.38 75.04 5.69
N PRO YA 203 39.25 76.07 5.60
CA PRO YA 203 40.00 76.35 4.38
C PRO YA 203 40.66 75.11 3.82
N THR YA 204 40.73 74.95 2.50
CA THR YA 204 41.33 73.74 1.90
C THR YA 204 42.81 73.56 2.28
N GLN YA 205 43.49 74.67 2.63
CA GLN YA 205 44.91 74.66 3.07
C GLN YA 205 45.03 74.24 4.54
N MET YA 206 43.97 74.41 5.34
CA MET YA 206 43.91 73.92 6.72
C MET YA 206 43.48 72.45 6.68
N LYS YA 207 44.44 71.52 6.77
CA LYS YA 207 44.17 70.08 6.77
C LYS YA 207 43.68 69.62 8.13
N SER YA 208 43.21 68.39 8.27
CA SER YA 208 42.70 67.87 9.54
C SER YA 208 43.79 67.65 10.61
N GLN YA 209 45.07 67.78 10.26
CA GLN YA 209 46.19 67.63 11.18
C GLN YA 209 46.15 68.60 12.36
N TRP YA 210 46.91 68.30 13.41
CA TRP YA 210 47.21 69.24 14.50
C TRP YA 210 48.19 70.32 14.05
N TYR YA 211 48.02 71.54 14.55
CA TYR YA 211 48.91 72.68 14.32
C TYR YA 211 49.18 73.37 15.64
N PHE YA 212 50.39 73.88 15.86
CA PHE YA 212 50.61 74.79 17.00
C PHE YA 212 49.70 76.01 16.90
N GLN YA 213 49.08 76.39 18.01
CA GLN YA 213 48.16 77.56 18.03
C GLN YA 213 48.91 78.85 17.67
N HIS YA 214 50.23 78.95 17.91
CA HIS YA 214 51.06 80.12 17.53
C HIS YA 214 51.12 80.24 16.00
N ASN YA 215 51.15 79.13 15.28
CA ASN YA 215 51.24 79.14 13.83
C ASN YA 215 49.92 79.53 13.17
N ILE YA 216 48.81 78.92 13.60
CA ILE YA 216 47.48 79.16 13.01
C ILE YA 216 46.76 80.38 13.56
N ALA YA 217 47.26 81.04 14.61
CA ALA YA 217 46.59 82.15 15.26
C ALA YA 217 46.07 83.22 14.29
N ASN YA 218 46.90 83.66 13.35
CA ASN YA 218 46.58 84.74 12.41
C ASN YA 218 46.05 84.28 11.05
N ILE YA 219 46.00 82.99 10.76
CA ILE YA 219 45.48 82.44 9.50
C ILE YA 219 43.96 82.72 9.42
N PRO YA 220 43.45 83.44 8.41
CA PRO YA 220 42.02 83.75 8.33
C PRO YA 220 41.25 82.51 7.89
N LEU YA 221 40.43 81.94 8.79
CA LEU YA 221 39.73 80.64 8.55
C LEU YA 221 38.32 80.85 7.96
N LEU YA 222 37.84 82.08 7.91
CA LEU YA 222 36.55 82.41 7.29
C LEU YA 222 36.53 83.86 6.83
N MET YA 223 35.99 84.14 5.65
CA MET YA 223 35.56 85.48 5.24
C MET YA 223 34.04 85.53 5.12
N ILE YA 224 33.38 86.50 5.75
CA ILE YA 224 31.96 86.78 5.57
C ILE YA 224 31.82 88.13 4.87
N ARG YA 225 31.06 88.19 3.78
CA ARG YA 225 30.69 89.41 3.06
C ARG YA 225 29.19 89.64 3.23
N THR YA 226 28.78 90.80 3.73
CA THR YA 226 27.37 91.12 3.94
C THR YA 226 27.02 92.48 3.39
N THR YA 227 25.86 92.65 2.78
CA THR YA 227 25.34 93.94 2.32
C THR YA 227 23.87 94.10 2.70
N ALA YA 228 23.48 95.30 3.14
CA ALA YA 228 22.11 95.67 3.46
C ALA YA 228 21.26 95.90 2.20
N LEU YA 229 20.00 95.51 2.24
CA LEU YA 229 19.17 95.27 1.07
C LEU YA 229 17.72 95.68 1.36
N THR YA 230 16.93 96.01 0.33
CA THR YA 230 15.48 95.82 0.43
C THR YA 230 14.95 95.07 -0.76
N LEU YA 231 14.12 94.05 -0.51
CA LEU YA 231 13.43 93.27 -1.52
C LEU YA 231 12.13 93.95 -2.00
N ASP YA 232 11.36 94.54 -1.09
CA ASP YA 232 10.06 95.18 -1.39
C ASP YA 232 10.17 96.59 -1.99
N ASN YA 233 11.30 97.28 -1.82
CA ASN YA 233 11.57 98.61 -2.35
C ASN YA 233 12.75 98.58 -3.32
N TYR YA 234 12.99 97.45 -3.99
CA TYR YA 234 14.19 97.19 -4.77
C TYR YA 234 14.51 98.28 -5.81
N TYR YA 235 13.51 98.76 -6.56
CA TYR YA 235 13.72 99.80 -7.57
C TYR YA 235 13.59 101.21 -7.01
N ILE YA 236 12.51 101.50 -6.28
CA ILE YA 236 12.25 102.84 -5.75
C ILE YA 236 13.28 103.22 -4.68
N GLY YA 237 13.65 102.28 -3.81
CA GLY YA 237 14.61 102.48 -2.73
C GLY YA 237 14.14 103.59 -1.80
N SER YA 238 14.90 104.68 -1.72
CA SER YA 238 14.52 105.89 -1.00
C SER YA 238 14.32 107.12 -1.90
N ARG YA 239 14.05 106.92 -3.19
CA ARG YA 239 13.69 107.97 -4.15
C ARG YA 239 12.55 108.84 -3.64
N GLN YA 240 12.66 110.14 -3.85
CA GLN YA 240 11.61 111.14 -3.60
C GLN YA 240 11.39 111.96 -4.87
N LEU YA 241 10.14 112.27 -5.21
CA LEU YA 241 9.77 113.00 -6.44
C LEU YA 241 10.32 112.30 -7.70
N SER YA 242 11.09 112.99 -8.53
CA SER YA 242 11.65 112.49 -9.79
C SER YA 242 12.63 111.33 -9.60
N THR YA 243 12.81 110.51 -10.64
CA THR YA 243 13.88 109.49 -10.67
C THR YA 243 15.28 110.12 -10.71
N ASN YA 244 15.42 111.34 -11.25
CA ASN YA 244 16.66 112.09 -11.31
C ASN YA 244 17.14 112.49 -9.91
N VAL YA 245 18.42 112.31 -9.62
CA VAL YA 245 19.11 112.84 -8.44
C VAL YA 245 19.96 114.04 -8.85
N THR YA 246 20.03 115.07 -8.02
CA THR YA 246 20.85 116.26 -8.26
C THR YA 246 22.22 116.10 -7.61
N ILE YA 247 23.29 116.26 -8.39
CA ILE YA 247 24.68 116.23 -7.94
C ILE YA 247 25.22 117.67 -7.99
N HIS YA 248 25.85 118.14 -6.92
CA HIS YA 248 26.55 119.44 -6.95
C HIS YA 248 27.98 119.13 -7.37
N THR YA 249 28.67 120.01 -8.09
CA THR YA 249 30.08 119.84 -8.47
C THR YA 249 30.83 121.17 -8.53
N LEU YA 250 32.16 121.11 -8.43
CA LEU YA 250 32.99 122.33 -8.63
C LEU YA 250 33.07 122.56 -10.14
N ASN YA 251 32.71 123.75 -10.63
CA ASN YA 251 32.90 124.08 -12.07
C ASN YA 251 34.31 123.63 -12.43
N THR YA 252 34.48 122.76 -13.42
CA THR YA 252 35.80 122.25 -13.84
C THR YA 252 36.43 123.28 -14.74
N THR YA 253 35.64 124.04 -15.50
CA THR YA 253 36.13 124.98 -16.51
C THR YA 253 36.71 126.27 -15.92
N TYR YA 254 36.69 126.45 -14.59
CA TYR YA 254 37.22 127.63 -13.90
C TYR YA 254 38.01 127.30 -12.63
N ILE YA 255 37.55 126.35 -11.82
CA ILE YA 255 38.21 125.93 -10.57
C ILE YA 255 39.16 124.74 -10.87
N GLN YA 256 40.46 124.96 -11.07
CA GLN YA 256 41.35 123.83 -11.44
C GLN YA 256 42.68 123.85 -10.71
N ASN YA 257 43.05 124.95 -10.04
CA ASN YA 257 44.42 125.04 -9.52
C ASN YA 257 44.73 124.11 -8.34
N ARG YA 258 43.72 123.67 -7.58
CA ARG YA 258 43.89 122.72 -6.44
C ARG YA 258 44.94 123.21 -5.43
N ASP YA 259 45.12 124.52 -5.27
CA ASP YA 259 46.07 125.09 -4.29
C ASP YA 259 45.38 125.43 -2.96
N TRP YA 260 44.76 124.44 -2.32
CA TRP YA 260 43.84 124.65 -1.20
C TRP YA 260 44.45 124.57 0.20
N GLY YA 261 43.78 125.21 1.16
CA GLY YA 261 44.03 124.99 2.58
C GLY YA 261 45.21 125.74 3.19
N ASP YA 262 45.53 126.94 2.69
CA ASP YA 262 46.47 127.89 3.30
C ASP YA 262 45.85 129.30 3.46
N ARG YA 263 46.14 129.98 4.57
CA ARG YA 263 45.79 131.42 4.72
C ARG YA 263 47.04 132.21 4.31
N ASN YA 264 48.13 131.50 3.95
CA ASN YA 264 49.43 132.08 3.58
C ASN YA 264 49.58 132.28 2.06
N LYS YA 265 48.51 132.16 1.27
CA LYS YA 265 48.51 132.17 -0.20
C LYS YA 265 47.26 132.84 -0.74
N THR YA 266 47.39 133.87 -1.58
CA THR YA 266 46.26 134.45 -2.31
C THR YA 266 45.76 133.43 -3.34
N TYR YA 267 44.48 133.05 -3.27
CA TYR YA 267 43.94 132.00 -4.15
C TYR YA 267 43.66 132.52 -5.57
N TYR YA 268 44.00 131.70 -6.55
CA TYR YA 268 43.76 131.90 -7.97
C TYR YA 268 43.15 130.62 -8.52
N CYS YA 269 42.09 130.72 -9.32
CA CYS YA 269 41.25 129.55 -9.63
C CYS YA 269 41.78 128.73 -10.82
N GLN YA 270 42.36 129.36 -11.84
CA GLN YA 270 42.97 128.67 -12.98
C GLN YA 270 44.20 129.42 -13.52
N THR YA 271 45.06 128.70 -14.22
CA THR YA 271 46.10 129.24 -15.10
C THR YA 271 45.76 128.91 -16.55
N LEU YA 272 45.91 129.87 -17.46
CA LEU YA 272 45.83 129.62 -18.91
C LEU YA 272 47.02 130.33 -19.58
N GLY YA 273 47.76 129.63 -20.44
CA GLY YA 273 49.05 130.12 -20.95
C GLY YA 273 50.00 130.44 -19.79
N THR YA 274 50.43 131.71 -19.69
CA THR YA 274 51.19 132.25 -18.55
C THR YA 274 50.33 132.92 -17.47
N GLN YA 275 49.04 133.17 -17.74
CA GLN YA 275 48.17 133.96 -16.87
C GLN YA 275 47.75 133.21 -15.59
N ARG YA 276 47.29 133.97 -14.60
CA ARG YA 276 46.50 133.50 -13.45
C ARG YA 276 45.16 134.22 -13.44
N TYR YA 277 44.10 133.52 -13.03
CA TYR YA 277 42.75 134.07 -12.95
C TYR YA 277 42.24 134.04 -11.51
N PHE YA 278 41.45 135.04 -11.16
CA PHE YA 278 41.10 135.41 -9.79
C PHE YA 278 39.59 135.65 -9.68
N LEU YA 279 39.07 135.42 -8.48
CA LEU YA 279 37.66 135.54 -8.16
C LEU YA 279 37.47 136.66 -7.14
N TYR YA 280 36.36 137.40 -7.26
CA TYR YA 280 35.97 138.45 -6.32
C TYR YA 280 34.48 138.38 -6.01
N GLY YA 281 34.11 138.49 -4.75
CA GLY YA 281 32.71 138.58 -4.34
C GLY YA 281 32.23 140.04 -4.32
N THR YA 282 30.94 140.28 -4.48
CA THR YA 282 30.37 141.61 -4.21
C THR YA 282 28.95 141.51 -3.68
N HIS YA 283 28.53 142.50 -2.88
CA HIS YA 283 27.12 142.59 -2.41
C HIS YA 283 26.42 143.64 -3.29
N SER YA 284 27.12 144.18 -4.30
CA SER YA 284 26.58 145.24 -5.16
C SER YA 284 25.31 144.79 -5.88
N THR YA 285 24.34 145.71 -5.94
CA THR YA 285 23.11 145.59 -6.74
C THR YA 285 23.31 145.99 -8.21
N ALA YA 286 24.53 146.40 -8.60
CA ALA YA 286 24.83 146.83 -9.97
C ALA YA 286 24.52 145.72 -10.99
N GLN YA 287 23.76 146.07 -12.03
CA GLN YA 287 23.34 145.12 -13.07
C GLN YA 287 24.43 144.87 -14.12
N ASN YA 288 25.33 145.83 -14.34
CA ASN YA 288 26.31 145.78 -15.42
C ASN YA 288 27.72 145.52 -14.86
N ILE YA 289 28.36 144.44 -15.33
CA ILE YA 289 29.71 144.04 -14.90
C ILE YA 289 30.78 145.11 -15.16
N ASN YA 290 30.57 146.00 -16.12
CA ASN YA 290 31.51 147.07 -16.45
C ASN YA 290 31.58 148.16 -15.38
N ASP YA 291 30.44 148.59 -14.80
CA ASP YA 291 30.36 149.79 -13.90
C ASP YA 291 30.62 149.52 -12.41
N ILE YA 292 30.71 148.27 -11.97
CA ILE YA 292 31.09 147.96 -10.59
C ILE YA 292 32.42 148.65 -10.25
N LYS YA 293 32.54 149.19 -9.04
CA LYS YA 293 33.75 149.91 -8.60
C LYS YA 293 34.93 148.94 -8.39
N LEU YA 294 36.12 149.49 -8.10
CA LEU YA 294 37.27 148.63 -7.70
C LEU YA 294 37.05 148.33 -6.21
N GLN YA 295 36.25 149.15 -5.52
CA GLN YA 295 35.96 148.99 -4.06
C GLN YA 295 34.95 147.87 -3.81
N GLU YA 296 33.90 147.76 -4.61
CA GLU YA 296 32.81 146.77 -4.38
C GLU YA 296 33.39 145.36 -4.22
N LEU YA 297 34.38 145.00 -5.04
CA LEU YA 297 34.93 143.62 -5.04
C LEU YA 297 35.51 143.22 -3.67
N ILE YA 298 35.24 142.00 -3.21
CA ILE YA 298 35.80 141.45 -1.94
C ILE YA 298 36.79 140.38 -2.38
N PRO YA 299 38.10 140.67 -2.47
CA PRO YA 299 39.06 139.75 -3.06
C PRO YA 299 39.23 138.55 -2.16
N LEU YA 300 39.58 137.38 -2.72
CA LEU YA 300 39.73 136.13 -1.93
C LEU YA 300 41.23 135.83 -1.73
N THR YA 301 41.73 135.96 -0.50
CA THR YA 301 43.15 135.73 -0.17
C THR YA 301 43.27 134.51 0.72
N ASN YA 302 42.15 133.84 1.03
CA ASN YA 302 42.16 132.62 1.84
C ASN YA 302 41.23 131.59 1.19
N THR YA 303 41.60 130.30 1.19
CA THR YA 303 40.62 129.21 0.97
C THR YA 303 40.37 128.36 2.20
N GLN YA 304 41.31 128.38 3.17
CA GLN YA 304 41.30 127.49 4.37
C GLN YA 304 40.20 127.78 5.39
N ASP YA 305 39.49 128.90 5.31
CA ASP YA 305 38.47 129.24 6.34
C ASP YA 305 37.04 129.32 5.81
N TYR YA 306 36.07 129.22 6.72
CA TYR YA 306 34.65 129.42 6.38
C TYR YA 306 34.28 130.90 6.18
N VAL YA 307 35.19 131.83 6.49
CA VAL YA 307 34.90 133.27 6.58
C VAL YA 307 34.36 133.83 5.25
N GLN YA 308 33.31 134.66 5.34
CA GLN YA 308 32.68 135.34 4.20
C GLN YA 308 33.50 136.52 3.67
N GLY YA 309 34.32 137.13 4.53
CA GLY YA 309 34.89 138.44 4.30
C GLY YA 309 33.85 139.54 4.53
N PHE YA 310 34.18 140.77 4.14
CA PHE YA 310 33.28 141.92 4.19
C PHE YA 310 33.68 142.99 3.16
N ASP YA 311 32.75 143.89 2.87
CA ASP YA 311 32.94 144.96 1.89
C ASP YA 311 33.77 146.13 2.44
N TRP YA 312 34.41 146.91 1.55
CA TRP YA 312 35.20 148.09 1.89
C TRP YA 312 34.38 149.17 2.62
N THR YA 313 33.06 149.18 2.47
CA THR YA 313 32.17 150.04 3.26
C THR YA 313 32.23 149.78 4.77
N GLU YA 314 32.77 148.63 5.21
CA GLU YA 314 33.01 148.31 6.62
C GLU YA 314 34.45 148.62 7.08
N LYS YA 315 35.23 149.37 6.29
CA LYS YA 315 36.58 149.86 6.65
C LYS YA 315 36.66 150.39 8.09
N ASP YA 316 35.70 151.24 8.46
CA ASP YA 316 35.65 151.86 9.78
C ASP YA 316 35.16 150.92 10.91
N LYS YA 317 34.57 149.77 10.60
CA LYS YA 317 34.18 148.77 11.61
C LYS YA 317 35.36 147.90 12.06
N HIS YA 318 36.36 147.72 11.18
CA HIS YA 318 37.58 146.90 11.45
C HIS YA 318 38.84 147.79 11.44
N ASN YA 319 38.71 149.09 11.70
CA ASN YA 319 39.81 150.04 11.83
C ASN YA 319 40.83 149.91 10.67
N ILE YA 320 40.35 149.59 9.47
CA ILE YA 320 41.20 149.37 8.29
C ILE YA 320 41.78 150.70 7.80
N THR YA 321 43.09 150.74 7.58
CA THR YA 321 43.80 151.93 7.09
C THR YA 321 44.16 151.84 5.60
N THR YA 322 44.29 150.63 5.05
CA THR YA 322 44.75 150.40 3.66
C THR YA 322 44.05 149.20 3.02
N TYR YA 323 44.11 149.10 1.70
CA TYR YA 323 43.65 147.91 0.98
C TYR YA 323 44.44 146.65 1.42
N LYS YA 324 45.69 146.78 1.86
CA LYS YA 324 46.45 145.67 2.49
C LYS YA 324 45.74 145.12 3.74
N GLU YA 325 45.23 145.99 4.61
CA GLU YA 325 44.41 145.55 5.76
C GLU YA 325 43.00 145.09 5.35
N PHE YA 326 42.43 145.63 4.27
CA PHE YA 326 41.19 145.09 3.70
C PHE YA 326 41.37 143.66 3.17
N LEU YA 327 42.48 143.38 2.45
CA LEU YA 327 42.87 142.04 2.00
C LEU YA 327 43.02 141.05 3.16
N THR YA 328 43.66 141.45 4.26
CA THR YA 328 43.91 140.51 5.37
C THR YA 328 42.70 140.34 6.27
N LYS YA 329 41.98 141.41 6.63
CA LYS YA 329 40.81 141.31 7.50
C LYS YA 329 39.53 140.90 6.76
N GLY YA 330 39.32 141.41 5.55
CA GLY YA 330 38.02 141.42 4.86
C GLY YA 330 37.88 140.49 3.66
N ALA YA 331 38.93 139.77 3.25
CA ALA YA 331 38.82 138.83 2.14
C ALA YA 331 37.88 137.64 2.47
N GLY YA 332 37.16 137.16 1.44
CA GLY YA 332 36.16 136.09 1.57
C GLY YA 332 36.64 134.75 1.04
N ASN YA 333 36.28 133.63 1.67
CA ASN YA 333 36.63 132.33 1.12
C ASN YA 333 35.59 131.96 0.05
N PRO YA 334 36.00 131.48 -1.14
CA PRO YA 334 35.07 131.29 -2.27
C PRO YA 334 34.03 130.21 -2.00
N PHE YA 335 34.31 129.31 -1.05
CA PHE YA 335 33.44 128.21 -0.63
C PHE YA 335 32.53 128.57 0.56
N HIS YA 336 32.47 129.84 0.99
CA HIS YA 336 31.45 130.27 1.95
C HIS YA 336 30.04 130.08 1.36
N ALA YA 337 29.02 129.89 2.20
CA ALA YA 337 27.68 129.47 1.79
C ALA YA 337 26.98 130.41 0.78
N GLU YA 338 27.37 131.69 0.69
CA GLU YA 338 26.85 132.58 -0.35
C GLU YA 338 27.75 132.65 -1.60
N TRP YA 339 29.06 132.52 -1.49
CA TRP YA 339 29.97 132.56 -2.63
C TRP YA 339 30.05 131.21 -3.39
N ILE YA 340 29.85 130.07 -2.70
CA ILE YA 340 29.94 128.72 -3.26
C ILE YA 340 28.99 128.50 -4.46
N THR YA 341 27.79 129.05 -4.39
CA THR YA 341 26.77 129.02 -5.46
C THR YA 341 26.44 130.43 -5.98
N ALA YA 342 27.27 131.43 -5.64
CA ALA YA 342 27.09 132.83 -6.00
C ALA YA 342 25.66 133.36 -5.71
N GLN YA 343 25.12 133.05 -4.52
CA GLN YA 343 23.84 133.60 -4.05
C GLN YA 343 23.88 135.14 -4.10
N ASN YA 344 25.00 135.71 -3.65
CA ASN YA 344 25.39 137.09 -3.96
C ASN YA 344 26.46 137.03 -5.07
N PRO YA 345 26.44 137.92 -6.08
CA PRO YA 345 27.28 137.78 -7.26
C PRO YA 345 28.77 137.60 -6.97
N VAL YA 346 29.42 136.78 -7.81
CA VAL YA 346 30.85 136.47 -7.78
C VAL YA 346 31.42 136.71 -9.17
N ILE YA 347 32.55 137.38 -9.23
CA ILE YA 347 33.16 137.89 -10.45
C ILE YA 347 34.49 137.19 -10.70
N HIS YA 348 34.67 136.62 -11.88
CA HIS YA 348 35.90 135.95 -12.32
C HIS YA 348 36.66 136.86 -13.29
N THR YA 349 37.97 137.02 -13.12
CA THR YA 349 38.79 137.93 -13.95
C THR YA 349 40.24 137.49 -14.06
N ALA YA 350 40.93 137.91 -15.11
CA ALA YA 350 42.38 137.82 -15.21
C ALA YA 350 43.11 138.86 -14.32
N ASN YA 351 42.43 139.92 -13.90
CA ASN YA 351 43.08 141.01 -13.19
C ASN YA 351 43.45 140.63 -11.76
N SER YA 352 44.75 140.46 -11.49
CA SER YA 352 45.25 140.07 -10.18
C SER YA 352 44.95 141.13 -9.11
N PRO YA 353 44.64 140.72 -7.87
CA PRO YA 353 44.46 141.64 -6.76
C PRO YA 353 45.66 142.58 -6.60
N THR YA 354 46.89 142.15 -6.93
CA THR YA 354 48.07 143.03 -6.83
C THR YA 354 48.06 144.16 -7.86
N GLN YA 355 47.44 143.99 -9.03
CA GLN YA 355 47.21 145.13 -9.91
C GLN YA 355 46.18 146.09 -9.28
N ILE YA 356 45.14 145.56 -8.63
CA ILE YA 356 44.20 146.37 -7.84
C ILE YA 356 44.92 147.03 -6.64
N GLU YA 357 45.87 146.36 -5.98
CA GLU YA 357 46.70 146.95 -4.93
C GLU YA 357 47.47 148.15 -5.48
N GLN YA 358 48.11 148.00 -6.64
CA GLN YA 358 48.83 149.10 -7.28
C GLN YA 358 47.87 150.27 -7.58
N ILE YA 359 46.66 150.03 -8.05
CA ILE YA 359 45.68 151.12 -8.29
C ILE YA 359 45.25 151.79 -6.97
N TYR YA 360 44.93 151.02 -5.91
CA TYR YA 360 44.61 151.59 -4.60
C TYR YA 360 45.79 152.36 -4.00
N THR YA 361 46.95 151.71 -3.89
CA THR YA 361 48.12 152.27 -3.19
C THR YA 361 48.70 153.46 -3.95
N ALA YA 362 48.67 153.47 -5.30
CA ALA YA 362 49.07 154.64 -6.08
C ALA YA 362 48.22 155.86 -5.74
N SER YA 363 46.90 155.72 -5.62
CA SER YA 363 46.04 156.73 -4.99
C SER YA 363 44.70 156.17 -4.52
N THR YA 364 44.47 156.24 -3.20
CA THR YA 364 43.22 155.81 -2.54
C THR YA 364 42.02 156.66 -2.96
N THR YA 365 42.25 157.93 -3.28
CA THR YA 365 41.21 158.84 -3.80
C THR YA 365 40.73 158.45 -5.20
N THR YA 366 41.61 157.90 -6.06
CA THR YA 366 41.19 157.39 -7.38
C THR YA 366 40.64 155.96 -7.33
N PHE YA 367 40.81 155.23 -6.23
CA PHE YA 367 40.12 153.95 -6.00
C PHE YA 367 38.60 154.12 -5.91
N GLN YA 368 38.13 155.26 -5.37
CA GLN YA 368 36.72 155.68 -5.42
C GLN YA 368 36.26 155.90 -6.87
N ASN YA 369 37.08 156.55 -7.70
CA ASN YA 369 36.74 156.90 -9.07
C ASN YA 369 36.78 155.70 -10.02
N LYS YA 370 37.78 154.83 -9.91
CA LYS YA 370 37.98 153.70 -10.83
C LYS YA 370 36.86 152.65 -10.71
N LYS YA 371 36.39 152.20 -11.86
CA LYS YA 371 35.43 151.10 -12.03
C LYS YA 371 36.08 149.91 -12.73
N LEU YA 372 35.32 148.84 -12.99
CA LEU YA 372 35.78 147.67 -13.74
C LEU YA 372 36.09 147.97 -15.21
N THR YA 373 35.58 149.07 -15.77
CA THR YA 373 36.08 149.66 -17.04
C THR YA 373 37.52 150.14 -16.90
N ASP YA 374 38.29 150.07 -17.99
CA ASP YA 374 39.66 150.59 -18.09
C ASP YA 374 40.64 150.06 -17.01
N LEU YA 375 40.38 148.87 -16.47
CA LEU YA 375 41.32 148.17 -15.60
C LEU YA 375 42.33 147.34 -16.40
N PRO YA 376 43.50 147.01 -15.83
CA PRO YA 376 44.44 146.09 -16.47
C PRO YA 376 43.82 144.69 -16.59
N THR YA 377 44.09 144.00 -17.70
CA THR YA 377 43.57 142.65 -18.03
C THR YA 377 42.13 142.43 -17.53
N PRO YA 378 41.13 143.24 -17.95
CA PRO YA 378 39.79 143.16 -17.37
C PRO YA 378 38.83 142.13 -17.96
N GLY YA 379 39.03 140.84 -17.65
CA GLY YA 379 38.12 139.78 -18.10
C GLY YA 379 37.05 139.58 -17.06
N TYR YA 380 36.46 140.65 -16.54
CA TYR YA 380 35.41 140.58 -15.48
C TYR YA 380 34.16 139.90 -16.05
N ILE YA 381 33.80 138.73 -15.51
CA ILE YA 381 32.62 137.94 -15.98
C ILE YA 381 31.80 137.56 -14.73
N PHE YA 382 30.63 136.94 -14.87
CA PHE YA 382 29.85 136.43 -13.69
C PHE YA 382 29.91 134.90 -13.72
N ILE YA 383 30.71 134.29 -12.85
CA ILE YA 383 30.92 132.82 -12.85
C ILE YA 383 30.56 132.24 -11.47
N THR YA 384 29.92 131.07 -11.44
CA THR YA 384 29.55 130.39 -10.19
C THR YA 384 30.53 129.25 -9.89
N PRO YA 385 31.15 129.18 -8.70
CA PRO YA 385 32.08 128.10 -8.35
C PRO YA 385 31.43 126.71 -8.41
N THR YA 386 30.15 126.62 -8.07
CA THR YA 386 29.34 125.39 -8.13
C THR YA 386 28.40 125.39 -9.33
N VAL YA 387 28.21 124.23 -9.94
CA VAL YA 387 27.07 123.91 -10.82
C VAL YA 387 26.35 122.68 -10.28
N SER YA 388 25.03 122.61 -10.48
CA SER YA 388 24.22 121.43 -10.15
C SER YA 388 23.88 120.65 -11.42
N LEU YA 389 24.24 119.36 -11.45
CA LEU YA 389 23.92 118.43 -12.52
C LEU YA 389 22.70 117.57 -12.13
N ARG YA 390 21.97 117.05 -13.10
CA ARG YA 390 20.97 115.99 -12.91
C ARG YA 390 21.50 114.67 -13.46
N TYR YA 391 21.45 113.62 -12.65
CA TYR YA 391 21.83 112.25 -13.03
C TYR YA 391 20.60 111.35 -12.99
N ASN YA 392 20.41 110.54 -14.03
CA ASN YA 392 19.37 109.53 -14.07
C ASN YA 392 20.03 108.15 -14.24
N PRO YA 393 19.85 107.20 -13.30
CA PRO YA 393 20.53 105.91 -13.37
C PRO YA 393 20.06 105.05 -14.56
N TYR YA 394 18.81 105.24 -14.99
CA TYR YA 394 18.22 104.43 -16.08
C TYR YA 394 18.72 104.97 -17.42
N LYS YA 395 19.24 106.19 -17.44
CA LYS YA 395 19.77 106.82 -18.69
C LYS YA 395 21.29 106.58 -18.77
N ASP YA 396 21.86 105.82 -17.83
CA ASP YA 396 23.33 105.60 -17.77
C ASP YA 396 23.72 104.31 -18.50
N LEU YA 397 24.63 104.39 -19.48
CA LEU YA 397 25.01 103.24 -20.30
C LEU YA 397 26.45 102.77 -20.02
N ALA YA 398 27.18 103.45 -19.13
CA ALA YA 398 28.52 103.05 -18.71
C ALA YA 398 29.56 102.88 -19.83
N GLU YA 399 29.45 103.59 -20.96
CA GLU YA 399 30.38 103.40 -22.10
C GLU YA 399 31.71 104.13 -21.90
N ARG YA 400 31.70 105.26 -21.18
CA ARG YA 400 32.89 106.10 -20.92
C ARG YA 400 32.95 106.60 -19.47
N ASN YA 401 32.30 105.87 -18.56
CA ASN YA 401 32.34 106.13 -17.13
C ASN YA 401 33.72 105.83 -16.54
N LYS YA 402 34.16 106.61 -15.56
CA LYS YA 402 35.50 106.54 -14.99
C LYS YA 402 35.53 107.18 -13.61
N CYS YA 403 36.46 106.80 -12.73
CA CYS YA 403 36.50 107.26 -11.35
C CYS YA 403 37.91 107.10 -10.75
N TYR YA 404 38.43 108.11 -10.06
CA TYR YA 404 39.76 108.08 -9.43
C TYR YA 404 39.94 109.19 -8.38
N PHE YA 405 40.98 109.07 -7.55
CA PHE YA 405 41.36 110.09 -6.57
C PHE YA 405 42.57 110.90 -7.03
N VAL YA 406 42.53 112.22 -6.83
CA VAL YA 406 43.64 113.16 -7.07
C VAL YA 406 44.04 113.83 -5.76
N ARG YA 407 45.28 114.28 -5.64
CA ARG YA 407 45.82 114.91 -4.43
C ARG YA 407 45.26 116.33 -4.27
N SER YA 408 44.59 116.63 -3.16
CA SER YA 408 43.97 117.95 -2.94
C SER YA 408 44.98 119.01 -2.47
N LYS YA 409 45.74 118.73 -1.41
CA LYS YA 409 46.84 119.61 -0.94
C LYS YA 409 48.16 119.34 -1.68
N ILE YA 410 48.21 119.66 -2.98
CA ILE YA 410 49.47 119.80 -3.72
C ILE YA 410 49.39 120.95 -4.73
N ASN YA 411 50.55 121.46 -5.11
CA ASN YA 411 50.67 122.53 -6.10
C ASN YA 411 50.70 121.97 -7.53
N ALA YA 412 49.63 121.30 -7.96
CA ALA YA 412 49.52 120.73 -9.31
C ALA YA 412 48.19 121.11 -9.98
N HIS YA 413 48.28 121.53 -11.24
CA HIS YA 413 47.14 121.99 -12.02
C HIS YA 413 46.32 120.83 -12.60
N GLY YA 414 45.02 121.08 -12.81
CA GLY YA 414 44.16 120.20 -13.61
C GLY YA 414 43.69 118.94 -12.88
N TRP YA 415 42.82 118.20 -13.55
CA TRP YA 415 42.02 117.11 -12.99
C TRP YA 415 42.29 115.75 -13.62
N ASP YA 416 43.27 115.66 -14.54
CA ASP YA 416 43.53 114.39 -15.28
C ASP YA 416 43.80 113.24 -14.29
N PRO YA 417 43.49 111.97 -14.63
CA PRO YA 417 43.83 110.86 -13.76
C PRO YA 417 45.32 110.90 -13.54
N GLU YA 418 45.77 110.84 -12.27
CA GLU YA 418 47.20 110.96 -11.94
C GLU YA 418 47.59 109.93 -10.88
N GLN YA 419 48.88 109.85 -10.53
CA GLN YA 419 49.37 108.90 -9.50
C GLN YA 419 49.03 107.47 -9.95
N HIS YA 420 48.29 106.69 -9.14
CA HIS YA 420 47.99 105.27 -9.46
C HIS YA 420 47.04 105.17 -10.66
N GLN YA 421 47.52 104.61 -11.77
CA GLN YA 421 46.67 104.40 -12.98
C GLN YA 421 46.02 103.02 -12.88
N GLU YA 422 46.53 102.14 -12.00
CA GLU YA 422 45.90 100.86 -11.75
C GLU YA 422 44.68 100.96 -10.80
N LEU YA 423 44.57 102.07 -10.05
CA LEU YA 423 43.43 102.33 -9.17
C LEU YA 423 42.25 103.00 -9.89
N ILE YA 424 42.42 103.45 -11.13
CA ILE YA 424 41.32 104.00 -11.93
C ILE YA 424 40.25 102.91 -12.10
N ASN YA 425 38.98 103.25 -11.80
CA ASN YA 425 37.82 102.32 -11.93
C ASN YA 425 36.97 102.80 -13.12
N SER YA 426 36.68 101.95 -14.10
CA SER YA 426 36.08 102.34 -15.38
C SER YA 426 34.93 101.41 -15.81
N ASP YA 427 34.07 101.90 -16.70
CA ASP YA 427 33.12 101.11 -17.49
C ASP YA 427 32.05 100.34 -16.69
N LEU YA 428 31.55 100.93 -15.60
CA LEU YA 428 30.34 100.48 -14.89
C LEU YA 428 29.42 101.68 -14.68
N PRO YA 429 28.10 101.50 -14.53
CA PRO YA 429 27.21 102.64 -14.26
C PRO YA 429 27.58 103.29 -12.93
N GLN YA 430 27.52 104.62 -12.82
CA GLN YA 430 28.03 105.40 -11.63
C GLN YA 430 27.54 104.89 -10.26
N TRP YA 431 26.34 104.36 -10.14
CA TRP YA 431 25.85 103.78 -8.90
C TRP YA 431 26.54 102.45 -8.54
N LEU YA 432 27.05 101.71 -9.52
CA LEU YA 432 27.89 100.53 -9.30
C LEU YA 432 29.37 100.90 -9.22
N LEU YA 433 29.83 101.84 -10.04
CA LEU YA 433 31.23 102.26 -10.11
C LEU YA 433 31.71 102.89 -8.80
N LEU YA 434 30.88 103.70 -8.14
CA LEU YA 434 31.24 104.38 -6.90
C LEU YA 434 31.07 103.48 -5.66
N PHE YA 435 30.27 102.42 -5.71
CA PHE YA 435 29.91 101.64 -4.51
C PHE YA 435 31.14 100.97 -3.90
N GLY YA 436 31.49 101.32 -2.66
CA GLY YA 436 32.65 100.76 -1.96
C GLY YA 436 34.01 101.15 -2.54
N TYR YA 437 34.09 101.95 -3.60
CA TYR YA 437 35.35 102.32 -4.22
C TYR YA 437 36.27 103.14 -3.28
N PRO YA 438 35.78 104.17 -2.56
CA PRO YA 438 36.59 104.84 -1.54
C PRO YA 438 37.15 103.91 -0.46
N ASP YA 439 36.38 102.92 0.00
CA ASP YA 439 36.85 101.96 0.99
C ASP YA 439 37.88 100.98 0.42
N TYR YA 440 37.73 100.54 -0.83
CA TYR YA 440 38.78 99.78 -1.49
C TYR YA 440 40.09 100.58 -1.53
N ILE YA 441 40.01 101.87 -1.86
CA ILE YA 441 41.18 102.74 -1.91
C ILE YA 441 41.80 102.93 -0.53
N LYS YA 442 40.99 103.21 0.51
CA LYS YA 442 41.49 103.28 1.90
C LYS YA 442 42.15 101.99 2.35
N ARG YA 443 41.52 100.83 2.11
CA ARG YA 443 42.08 99.51 2.54
C ARG YA 443 43.35 99.19 1.73
N THR YA 444 43.43 99.66 0.48
CA THR YA 444 44.64 99.49 -0.34
C THR YA 444 45.83 100.27 0.21
N GLN YA 445 45.61 101.40 0.89
CA GLN YA 445 46.69 102.17 1.60
C GLN YA 445 47.77 102.70 0.63
N ASN YA 446 47.49 102.80 -0.67
CA ASN YA 446 48.42 103.38 -1.66
C ASN YA 446 48.39 104.92 -1.69
N PHE YA 447 47.52 105.55 -0.91
CA PHE YA 447 47.41 107.00 -0.74
C PHE YA 447 47.56 107.40 0.72
N ALA YA 448 48.02 108.64 0.98
CA ALA YA 448 48.05 109.17 2.34
C ALA YA 448 46.62 109.23 2.91
N LEU YA 449 46.43 108.64 4.08
CA LEU YA 449 45.13 108.08 4.48
C LEU YA 449 44.02 109.13 4.70
N VAL YA 450 44.38 110.38 5.01
CA VAL YA 450 43.42 111.36 5.50
C VAL YA 450 42.50 111.92 4.41
N ASP YA 451 41.19 111.99 4.69
CA ASP YA 451 40.17 112.45 3.70
C ASP YA 451 40.46 113.87 3.19
N THR YA 452 41.14 114.68 3.98
CA THR YA 452 41.40 116.09 3.61
C THR YA 452 42.45 116.25 2.52
N ASN YA 453 43.23 115.21 2.22
CA ASN YA 453 44.39 115.32 1.33
C ASN YA 453 44.13 114.81 -0.10
N TYR YA 454 42.92 114.32 -0.38
CA TYR YA 454 42.51 113.83 -1.69
C TYR YA 454 41.13 114.33 -2.07
N ILE YA 455 40.84 114.34 -3.36
CA ILE YA 455 39.52 114.56 -3.96
C ILE YA 455 39.20 113.37 -4.84
N LEU YA 456 37.94 112.94 -4.83
CA LEU YA 456 37.36 112.01 -5.78
C LEU YA 456 36.83 112.77 -7.00
N VAL YA 457 37.20 112.28 -8.17
CA VAL YA 457 36.92 112.85 -9.49
C VAL YA 457 36.32 111.75 -10.36
N ASP YA 458 35.24 112.02 -11.10
CA ASP YA 458 34.63 111.01 -11.98
C ASP YA 458 34.14 111.59 -13.29
N HIS YA 459 34.21 110.80 -14.36
CA HIS YA 459 33.68 111.14 -15.68
C HIS YA 459 32.39 110.36 -15.93
N CYS YA 460 31.37 111.04 -16.44
CA CYS YA 460 30.09 110.43 -16.78
C CYS YA 460 29.42 111.22 -17.91
N PRO YA 461 29.32 110.67 -19.13
CA PRO YA 461 28.61 111.29 -20.24
C PRO YA 461 27.11 111.57 -20.00
N TYR YA 462 26.51 110.94 -19.00
CA TYR YA 462 25.07 110.72 -18.95
C TYR YA 462 24.29 111.68 -18.03
N THR YA 463 24.94 112.64 -17.39
CA THR YA 463 24.21 113.78 -16.81
C THR YA 463 23.66 114.66 -17.93
N ASN YA 464 22.50 115.31 -17.69
CA ASN YA 464 21.83 116.09 -18.73
C ASN YA 464 22.58 117.38 -19.09
N PRO YA 465 22.92 118.26 -18.14
CA PRO YA 465 24.08 119.14 -18.27
C PRO YA 465 25.36 118.33 -18.05
N GLU YA 466 26.51 118.85 -18.42
CA GLU YA 466 27.80 118.16 -18.26
C GLU YA 466 28.91 119.07 -17.76
N LYS YA 467 29.93 118.45 -17.15
CA LYS YA 467 31.28 118.99 -16.93
C LYS YA 467 32.26 117.85 -17.21
N THR YA 468 33.44 118.14 -17.76
CA THR YA 468 34.33 117.10 -18.32
C THR YA 468 34.68 116.05 -17.27
N PRO YA 469 35.36 116.37 -16.15
CA PRO YA 469 35.19 115.65 -14.90
C PRO YA 469 34.10 116.29 -14.03
N PHE YA 470 33.69 115.51 -13.03
CA PHE YA 470 32.77 116.02 -11.97
C PHE YA 470 33.58 116.03 -10.68
N ILE YA 471 33.38 116.99 -9.80
CA ILE YA 471 34.02 116.98 -8.46
C ILE YA 471 32.86 116.95 -7.47
N PRO YA 472 32.15 115.82 -7.27
CA PRO YA 472 30.95 115.83 -6.46
C PRO YA 472 31.17 116.53 -5.12
N LEU YA 473 30.21 117.31 -4.65
CA LEU YA 473 30.23 117.96 -3.34
C LEU YA 473 28.92 117.72 -2.61
N SER YA 474 28.98 117.44 -1.32
CA SER YA 474 27.77 117.18 -0.53
C SER YA 474 26.99 118.46 -0.29
N THR YA 475 25.67 118.32 -0.17
CA THR YA 475 24.77 119.43 0.16
C THR YA 475 25.20 120.16 1.42
N SER YA 476 25.78 119.47 2.41
CA SER YA 476 26.35 120.09 3.61
C SER YA 476 27.48 121.09 3.30
N PHE YA 477 28.42 120.77 2.41
CA PHE YA 477 29.47 121.71 2.00
C PHE YA 477 28.96 122.85 1.12
N ILE YA 478 27.98 122.55 0.26
CA ILE YA 478 27.26 123.54 -0.55
C ILE YA 478 26.36 124.46 0.30
N GLU YA 479 26.04 124.07 1.54
CA GLU YA 479 25.27 124.85 2.51
C GLU YA 479 26.08 125.33 3.72
N GLY YA 480 27.41 125.20 3.72
CA GLY YA 480 28.24 125.70 4.80
C GLY YA 480 28.05 125.00 6.14
N ARG YA 481 28.19 123.66 6.14
CA ARG YA 481 27.95 122.83 7.36
C ARG YA 481 28.90 121.63 7.39
N SER YA 482 29.18 121.09 8.58
CA SER YA 482 30.10 119.94 8.74
C SER YA 482 29.59 118.67 8.03
N PRO YA 483 30.48 117.74 7.61
CA PRO YA 483 30.15 116.62 6.72
C PRO YA 483 28.90 115.80 7.07
N TYR YA 484 28.65 115.55 8.36
CA TYR YA 484 27.47 114.82 8.88
C TYR YA 484 26.77 115.61 10.00
N SER YA 485 26.60 116.92 9.85
CA SER YA 485 25.96 117.78 10.85
C SER YA 485 24.51 118.12 10.45
N PRO YA 486 23.55 118.15 11.40
CA PRO YA 486 22.15 118.37 11.11
C PRO YA 486 21.87 119.75 10.52
N SER YA 487 20.92 119.82 9.58
CA SER YA 487 20.60 120.99 8.76
C SER YA 487 20.21 122.25 9.54
N ASP YA 488 19.86 122.14 10.83
CA ASP YA 488 19.54 123.33 11.67
C ASP YA 488 20.81 124.19 11.83
N THR YA 489 21.98 123.58 11.68
CA THR YA 489 23.27 124.26 11.77
C THR YA 489 23.58 125.04 10.49
N HIS YA 490 24.18 126.23 10.61
CA HIS YA 490 24.53 127.10 9.44
C HIS YA 490 26.00 127.52 9.49
N GLU YA 491 26.87 126.77 10.16
CA GLU YA 491 28.32 126.96 10.22
C GLU YA 491 29.03 125.61 10.41
N PRO YA 492 30.25 125.42 9.90
CA PRO YA 492 31.08 124.31 10.31
C PRO YA 492 31.42 124.36 11.82
N ASP YA 493 31.65 123.20 12.43
CA ASP YA 493 32.31 123.08 13.74
C ASP YA 493 33.80 123.47 13.63
N GLU YA 494 34.46 123.90 14.71
CA GLU YA 494 35.78 124.56 14.64
C GLU YA 494 36.84 123.83 13.80
N GLU YA 495 36.92 122.51 13.90
CA GLU YA 495 37.86 121.71 13.11
C GLU YA 495 37.52 121.66 11.61
N ASP YA 496 36.25 121.82 11.23
CA ASP YA 496 35.80 122.03 9.86
C ASP YA 496 35.71 123.52 9.48
N GLN YA 497 35.76 124.47 10.42
CA GLN YA 497 35.97 125.88 10.10
C GLN YA 497 37.39 126.09 9.57
N ASN YA 498 38.36 125.39 10.16
CA ASN YA 498 39.64 125.10 9.53
C ASN YA 498 39.46 124.06 8.40
N ARG YA 499 40.43 124.09 7.47
CA ARG YA 499 40.46 123.16 6.32
C ARG YA 499 39.15 123.21 5.54
N TRP YA 500 38.51 124.39 5.42
CA TRP YA 500 37.21 124.56 4.68
C TRP YA 500 37.48 124.67 3.18
N TYR YA 501 37.88 123.58 2.55
CA TYR YA 501 38.21 123.52 1.11
C TYR YA 501 37.83 122.16 0.51
N PRO YA 502 37.65 122.05 -0.81
CA PRO YA 502 37.31 120.80 -1.47
C PRO YA 502 38.23 119.62 -1.12
N CYS YA 503 37.66 118.57 -0.54
CA CYS YA 503 38.34 117.31 -0.26
C CYS YA 503 37.32 116.20 -0.02
N TYR YA 504 37.74 114.94 -0.08
CA TYR YA 504 36.89 113.76 -0.01
C TYR YA 504 35.97 113.74 1.22
N GLN YA 505 36.38 114.33 2.34
CA GLN YA 505 35.54 114.40 3.57
C GLN YA 505 34.22 115.13 3.29
N TYR YA 506 34.21 116.14 2.42
CA TYR YA 506 33.00 116.86 2.04
C TYR YA 506 32.27 116.22 0.86
N GLN YA 507 32.85 115.26 0.16
CA GLN YA 507 32.22 114.57 -0.98
C GLN YA 507 31.37 113.36 -0.58
N GLN YA 508 31.57 112.81 0.62
CA GLN YA 508 31.04 111.50 1.03
C GLN YA 508 29.53 111.34 0.84
N GLU YA 509 28.72 112.30 1.29
CA GLU YA 509 27.27 112.19 1.19
C GLU YA 509 26.80 112.26 -0.28
N SER YA 510 27.49 113.01 -1.15
CA SER YA 510 27.14 113.06 -2.57
C SER YA 510 27.35 111.73 -3.29
N ILE YA 511 28.46 111.04 -3.07
CA ILE YA 511 28.68 109.73 -3.70
C ILE YA 511 27.82 108.64 -3.07
N ASN YA 512 27.48 108.74 -1.78
CA ASN YA 512 26.47 107.88 -1.20
C ASN YA 512 25.11 108.10 -1.87
N SER YA 513 24.73 109.36 -2.12
CA SER YA 513 23.49 109.70 -2.81
C SER YA 513 23.42 109.15 -4.24
N ILE YA 514 24.54 109.18 -4.97
CA ILE YA 514 24.65 108.53 -6.28
C ILE YA 514 24.51 107.01 -6.16
N CYS YA 515 25.12 106.36 -5.18
CA CYS YA 515 24.94 104.92 -4.93
C CYS YA 515 23.50 104.55 -4.55
N LEU YA 516 22.83 105.37 -3.75
CA LEU YA 516 21.42 105.24 -3.41
C LEU YA 516 20.49 105.35 -4.63
N SER YA 517 20.92 105.97 -5.72
CA SER YA 517 20.15 105.94 -6.96
C SER YA 517 20.12 104.54 -7.60
N GLY YA 518 21.08 103.67 -7.28
CA GLY YA 518 21.14 102.31 -7.79
C GLY YA 518 20.13 101.35 -7.15
N PRO YA 519 19.80 100.24 -7.84
CA PRO YA 519 18.81 99.28 -7.36
C PRO YA 519 19.26 98.51 -6.12
N GLY YA 520 18.28 97.99 -5.38
CA GLY YA 520 18.44 97.18 -4.18
C GLY YA 520 18.79 97.95 -2.91
N THR YA 521 19.17 99.22 -3.02
CA THR YA 521 19.58 100.03 -1.87
C THR YA 521 18.39 100.33 -0.94
N PRO YA 522 18.50 100.08 0.38
CA PRO YA 522 17.36 100.14 1.29
C PRO YA 522 16.88 101.57 1.61
N LYS YA 523 15.62 101.67 2.06
CA LYS YA 523 15.01 102.86 2.65
C LYS YA 523 15.07 102.76 4.17
N ILE YA 524 15.78 103.65 4.84
CA ILE YA 524 15.87 103.67 6.30
C ILE YA 524 15.41 105.06 6.80
N PRO YA 525 14.36 105.16 7.63
CA PRO YA 525 13.93 106.45 8.18
C PRO YA 525 15.04 107.18 8.92
N LYS YA 526 15.10 108.51 8.80
CA LYS YA 526 16.12 109.31 9.51
C LYS YA 526 15.98 109.14 11.02
N GLY YA 527 17.11 108.96 11.70
CA GLY YA 527 17.19 108.66 13.13
C GLY YA 527 17.03 107.18 13.50
N ILE YA 528 16.81 106.28 12.54
CA ILE YA 528 16.80 104.83 12.75
C ILE YA 528 18.12 104.23 12.24
N THR YA 529 18.73 103.35 13.03
CA THR YA 529 19.90 102.56 12.62
C THR YA 529 19.44 101.13 12.39
N ALA YA 530 19.63 100.62 11.19
CA ALA YA 530 19.42 99.21 10.88
C ALA YA 530 20.65 98.40 11.26
N GLU YA 531 20.49 97.16 11.69
CA GLU YA 531 21.56 96.31 12.21
C GLU YA 531 21.35 94.88 11.72
N ALA YA 532 22.42 94.10 11.63
CA ALA YA 532 22.33 92.67 11.40
C ALA YA 532 23.38 91.94 12.23
N LYS YA 533 23.08 90.71 12.65
CA LYS YA 533 23.98 89.88 13.45
C LYS YA 533 23.96 88.43 13.03
N VAL YA 534 25.07 87.75 13.24
CA VAL YA 534 25.21 86.30 13.12
C VAL YA 534 25.63 85.75 14.48
N LYS YA 535 25.16 84.56 14.84
CA LYS YA 535 25.75 83.79 15.94
C LYS YA 535 26.65 82.73 15.35
N TYR YA 536 27.89 82.68 15.81
CA TYR YA 536 28.90 81.74 15.32
C TYR YA 536 29.23 80.70 16.37
N SER YA 537 29.69 79.54 15.92
CA SER YA 537 30.29 78.51 16.74
C SER YA 537 31.44 77.87 15.98
N PHE YA 538 32.68 78.25 16.29
CA PHE YA 538 33.87 77.63 15.70
C PHE YA 538 34.28 76.41 16.51
N ASN YA 539 34.53 75.29 15.85
CA ASN YA 539 34.84 74.03 16.52
C ASN YA 539 36.35 73.77 16.48
N PHE YA 540 36.96 73.65 17.64
CA PHE YA 540 38.37 73.36 17.83
C PHE YA 540 38.54 72.18 18.77
N LYS YA 541 39.70 71.54 18.70
CA LYS YA 541 40.24 70.71 19.77
C LYS YA 541 41.57 71.29 20.20
N TRP YA 542 41.87 71.22 21.49
CA TRP YA 542 43.18 71.57 22.05
C TRP YA 542 43.91 70.30 22.43
N GLY YA 543 45.20 70.21 22.10
CA GLY YA 543 46.00 69.01 22.30
C GLY YA 543 47.26 69.28 23.10
N GLY YA 544 47.67 68.32 23.92
CA GLY YA 544 48.92 68.43 24.67
C GLY YA 544 49.19 67.24 25.57
N ASP YA 545 50.33 67.28 26.24
CA ASP YA 545 50.60 66.47 27.43
C ASP YA 545 49.77 66.97 28.63
N LEU YA 546 49.53 66.09 29.60
CA LEU YA 546 48.65 66.38 30.73
C LEU YA 546 49.14 67.60 31.54
N PRO YA 547 48.26 68.58 31.84
CA PRO YA 547 48.63 69.78 32.57
C PRO YA 547 48.62 69.59 34.10
N PRO YA 548 49.23 70.51 34.87
CA PRO YA 548 49.12 70.57 36.33
C PRO YA 548 47.76 71.13 36.80
N MET YA 549 47.46 71.03 38.10
CA MET YA 549 46.19 71.46 38.72
C MET YA 549 46.39 71.81 40.22
N SER YA 550 45.45 72.55 40.83
CA SER YA 550 45.50 72.94 42.26
C SER YA 550 44.14 72.82 42.97
N THR YA 551 44.16 72.84 44.31
CA THR YA 551 43.01 72.48 45.17
C THR YA 551 42.80 73.47 46.33
N ILE YA 552 41.62 73.44 46.94
CA ILE YA 552 41.13 74.37 47.96
C ILE YA 552 40.88 73.64 49.27
N THR YA 553 41.13 74.28 50.43
CA THR YA 553 40.87 73.67 51.75
C THR YA 553 39.41 73.28 51.91
N ASN YA 554 39.12 72.16 52.56
CA ASN YA 554 37.74 71.76 52.86
C ASN YA 554 37.03 72.67 53.89
N PRO YA 555 37.64 73.05 55.03
CA PRO YA 555 36.95 73.82 56.05
C PRO YA 555 36.52 75.20 55.58
N THR YA 556 37.39 75.93 54.87
CA THR YA 556 37.04 77.26 54.30
C THR YA 556 36.57 77.05 52.87
N ASP YA 557 35.33 76.61 52.68
CA ASP YA 557 34.79 76.31 51.33
C ASP YA 557 33.30 76.66 51.30
N GLN YA 558 32.64 76.52 50.15
CA GLN YA 558 31.19 76.82 50.02
C GLN YA 558 30.46 76.25 51.26
N PRO YA 559 29.90 77.09 52.15
CA PRO YA 559 29.28 76.58 53.36
C PRO YA 559 27.84 76.13 53.15
N THR YA 560 27.43 75.05 53.81
CA THR YA 560 26.03 74.59 53.70
C THR YA 560 25.08 75.62 54.31
N TYR YA 561 23.83 75.69 53.84
CA TYR YA 561 22.84 76.66 54.34
C TYR YA 561 22.69 76.64 55.88
N VAL YA 562 22.90 75.46 56.50
CA VAL YA 562 22.90 75.26 57.95
C VAL YA 562 23.94 76.16 58.64
N LYS ZA 48 45.07 -46.73 -36.04
CA LYS ZA 48 45.75 -47.74 -35.17
C LYS ZA 48 45.24 -49.15 -35.46
N ARG ZA 49 43.99 -49.47 -35.11
CA ARG ZA 49 43.32 -50.74 -35.45
C ARG ZA 49 41.88 -50.51 -35.89
N LEU ZA 50 41.42 -51.29 -36.85
CA LEU ZA 50 40.09 -51.17 -37.45
C LEU ZA 50 39.30 -52.47 -37.31
N ASN ZA 51 37.98 -52.36 -37.20
CA ASN ZA 51 37.09 -53.51 -37.35
C ASN ZA 51 37.17 -54.06 -38.78
N ILE ZA 52 37.24 -55.38 -38.92
CA ILE ZA 52 37.06 -56.02 -40.22
C ILE ZA 52 35.58 -55.95 -40.60
N VAL ZA 53 35.29 -55.58 -41.83
CA VAL ZA 53 33.94 -55.34 -42.37
C VAL ZA 53 33.76 -56.17 -43.62
N GLU ZA 54 32.56 -56.69 -43.83
CA GLU ZA 54 32.17 -57.43 -45.03
C GLU ZA 54 31.00 -56.73 -45.70
N TRP ZA 55 30.93 -56.77 -47.03
CA TRP ZA 55 29.80 -56.23 -47.78
C TRP ZA 55 28.78 -57.32 -48.04
N GLN ZA 56 27.56 -57.06 -47.58
CA GLN ZA 56 26.45 -58.06 -47.63
C GLN ZA 56 26.12 -58.41 -49.07
N PRO ZA 57 25.82 -59.69 -49.36
CA PRO ZA 57 25.51 -60.14 -50.71
C PRO ZA 57 24.15 -59.63 -51.21
N LYS ZA 58 23.97 -59.63 -52.53
CA LYS ZA 58 22.87 -58.95 -53.21
C LYS ZA 58 21.47 -59.47 -52.82
N SER ZA 59 21.32 -60.79 -52.67
CA SER ZA 59 20.10 -61.42 -52.16
C SER ZA 59 20.39 -62.42 -51.06
N ILE ZA 60 19.54 -62.43 -50.03
CA ILE ZA 60 19.70 -63.23 -48.81
C ILE ZA 60 18.39 -63.95 -48.48
N ARG ZA 61 18.46 -65.23 -48.08
CA ARG ZA 61 17.26 -66.03 -47.72
C ARG ZA 61 17.47 -66.90 -46.46
N LYS ZA 62 16.86 -66.54 -45.34
CA LYS ZA 62 16.92 -67.32 -44.08
C LYS ZA 62 16.38 -68.73 -44.29
N CYS ZA 63 17.05 -69.73 -43.74
CA CYS ZA 63 16.61 -71.12 -43.75
C CYS ZA 63 16.89 -71.78 -42.41
N ARG ZA 64 15.81 -72.30 -41.77
CA ARG ZA 64 15.94 -73.10 -40.53
C ARG ZA 64 15.84 -74.59 -40.87
N ILE ZA 65 16.97 -75.32 -40.84
CA ILE ZA 65 16.96 -76.76 -41.08
C ILE ZA 65 16.42 -77.43 -39.82
N LYS ZA 66 15.16 -77.85 -39.85
CA LYS ZA 66 14.41 -78.38 -38.69
C LYS ZA 66 14.22 -79.87 -38.81
N GLY ZA 67 14.44 -80.63 -37.75
CA GLY ZA 67 14.27 -82.07 -37.78
C GLY ZA 67 14.42 -82.74 -36.43
N MET ZA 68 14.43 -84.08 -36.44
CA MET ZA 68 14.48 -84.92 -35.25
C MET ZA 68 15.69 -85.86 -35.34
N LEU ZA 69 16.48 -85.96 -34.27
CA LEU ZA 69 17.67 -86.81 -34.20
C LEU ZA 69 17.55 -87.83 -33.08
N CYS ZA 70 17.76 -89.11 -33.37
CA CYS ZA 70 17.83 -90.16 -32.36
C CYS ZA 70 19.18 -90.11 -31.61
N LEU ZA 71 19.15 -89.94 -30.29
CA LEU ZA 71 20.37 -89.86 -29.48
C LEU ZA 71 20.92 -91.24 -29.15
N PHE ZA 72 20.06 -92.18 -28.78
CA PHE ZA 72 20.38 -93.59 -28.66
C PHE ZA 72 19.11 -94.40 -28.81
N GLN ZA 73 19.24 -95.68 -29.13
CA GLN ZA 73 18.19 -96.67 -28.89
C GLN ZA 73 18.85 -97.95 -28.44
N THR ZA 74 18.51 -98.43 -27.25
CA THR ZA 74 19.29 -99.40 -26.49
C THR ZA 74 18.43 -100.46 -25.83
N THR ZA 75 18.95 -101.67 -25.75
CA THR ZA 75 18.55 -102.71 -24.79
C THR ZA 75 19.58 -102.75 -23.66
N GLU ZA 76 19.34 -103.52 -22.60
CA GLU ZA 76 20.26 -103.66 -21.47
C GLU ZA 76 21.64 -104.25 -21.88
N ASP ZA 77 21.65 -105.20 -22.81
CA ASP ZA 77 22.85 -105.88 -23.31
C ASP ZA 77 23.69 -105.05 -24.29
N ARG ZA 78 23.26 -103.82 -24.59
CA ARG ZA 78 24.00 -102.88 -25.44
C ARG ZA 78 24.31 -101.55 -24.76
N LEU ZA 79 24.06 -101.40 -23.46
CA LEU ZA 79 24.23 -100.12 -22.76
C LEU ZA 79 25.64 -99.55 -22.80
N SER ZA 80 26.67 -100.39 -22.75
CA SER ZA 80 28.06 -99.94 -22.74
C SER ZA 80 28.65 -99.65 -24.13
N TYR ZA 81 27.85 -99.72 -25.20
CA TYR ZA 81 28.30 -99.54 -26.58
C TYR ZA 81 27.76 -98.27 -27.22
N ASN ZA 82 28.51 -97.72 -28.17
CA ASN ZA 82 28.14 -96.54 -28.94
C ASN ZA 82 27.06 -96.86 -29.97
N PHE ZA 83 25.94 -96.13 -29.94
CA PHE ZA 83 24.88 -96.18 -30.93
C PHE ZA 83 25.27 -95.41 -32.20
N ASP ZA 84 25.42 -96.14 -33.31
CA ASP ZA 84 25.41 -95.58 -34.65
C ASP ZA 84 24.10 -95.99 -35.33
N MET ZA 85 23.37 -95.03 -35.88
CA MET ZA 85 22.11 -95.30 -36.59
C MET ZA 85 22.35 -95.94 -37.97
N TYR ZA 86 23.51 -95.66 -38.56
CA TYR ZA 86 23.96 -96.23 -39.83
C TYR ZA 86 25.11 -97.21 -39.53
N GLU ZA 87 24.81 -98.49 -39.69
CA GLU ZA 87 25.42 -99.58 -38.95
C GLU ZA 87 26.65 -100.25 -39.57
N GLU ZA 88 27.42 -100.96 -38.73
CA GLU ZA 88 28.21 -102.11 -39.18
C GLU ZA 88 27.19 -103.24 -39.38
N SER ZA 89 27.01 -103.71 -40.62
CA SER ZA 89 25.78 -104.41 -41.09
C SER ZA 89 25.31 -105.62 -40.29
N ILE ZA 90 26.17 -106.22 -39.45
CA ILE ZA 90 25.82 -107.30 -38.54
C ILE ZA 90 25.09 -106.81 -37.28
N ILE ZA 91 25.37 -105.59 -36.78
CA ILE ZA 91 24.85 -105.09 -35.50
C ILE ZA 91 23.30 -105.11 -35.46
N PRO ZA 92 22.54 -104.57 -36.42
CA PRO ZA 92 21.09 -104.59 -36.32
C PRO ZA 92 20.46 -105.97 -36.56
N GLU ZA 93 21.21 -106.98 -37.03
CA GLU ZA 93 20.67 -108.32 -37.21
C GLU ZA 93 20.36 -108.95 -35.85
N LYS ZA 94 19.07 -109.07 -35.53
CA LYS ZA 94 18.56 -109.58 -34.24
C LYS ZA 94 18.97 -108.74 -33.02
N LEU ZA 95 19.28 -107.45 -33.19
CA LEU ZA 95 19.29 -106.47 -32.08
C LEU ZA 95 18.36 -105.28 -32.38
N PRO ZA 96 17.36 -104.99 -31.53
CA PRO ZA 96 16.45 -103.86 -31.75
C PRO ZA 96 17.03 -102.50 -31.35
N GLY ZA 97 18.13 -102.46 -30.58
CA GLY ZA 97 18.86 -101.24 -30.25
C GLY ZA 97 20.36 -101.49 -30.14
N GLY ZA 98 21.17 -100.66 -30.78
CA GLY ZA 98 22.60 -100.91 -30.99
C GLY ZA 98 23.53 -100.39 -29.90
N GLY ZA 99 23.11 -99.45 -29.06
CA GLY ZA 99 24.01 -98.83 -28.09
C GLY ZA 99 23.33 -97.86 -27.14
N GLY ZA 100 23.85 -97.73 -25.92
CA GLY ZA 100 23.27 -96.91 -24.85
C GLY ZA 100 23.91 -95.53 -24.67
N PHE ZA 101 24.93 -95.20 -25.45
CA PHE ZA 101 25.48 -93.86 -25.53
C PHE ZA 101 25.76 -93.51 -26.98
N SER ZA 102 25.87 -92.25 -27.34
CA SER ZA 102 26.41 -91.88 -28.64
C SER ZA 102 27.24 -90.61 -28.57
N ILE ZA 103 28.15 -90.48 -29.53
CA ILE ZA 103 28.74 -89.19 -29.90
C ILE ZA 103 28.26 -88.87 -31.32
N LYS ZA 104 27.54 -87.77 -31.49
CA LYS ZA 104 27.04 -87.25 -32.77
C LYS ZA 104 27.87 -86.04 -33.17
N ASN ZA 105 28.38 -86.00 -34.39
CA ASN ZA 105 28.88 -84.78 -35.02
C ASN ZA 105 27.90 -84.33 -36.09
N ILE ZA 106 27.46 -83.07 -36.06
CA ILE ZA 106 26.55 -82.51 -37.04
C ILE ZA 106 27.28 -81.52 -37.94
N SER ZA 107 27.15 -81.67 -39.24
CA SER ZA 107 27.66 -80.77 -40.27
C SER ZA 107 26.57 -80.51 -41.29
N LEU ZA 108 26.67 -79.43 -42.07
CA LEU ZA 108 25.71 -79.11 -43.12
C LEU ZA 108 25.56 -80.24 -44.15
N TYR ZA 109 26.62 -81.00 -44.43
CA TYR ZA 109 26.52 -82.19 -45.26
C TYR ZA 109 25.78 -83.34 -44.58
N ALA ZA 110 25.99 -83.57 -43.27
CA ALA ZA 110 25.19 -84.53 -42.52
C ALA ZA 110 23.71 -84.11 -42.43
N LEU ZA 111 23.40 -82.82 -42.32
CA LEU ZA 111 22.03 -82.32 -42.41
C LEU ZA 111 21.41 -82.57 -43.78
N TYR ZA 112 22.15 -82.39 -44.88
CA TYR ZA 112 21.71 -82.79 -46.21
C TYR ZA 112 21.49 -84.30 -46.32
N GLN ZA 113 22.36 -85.14 -45.76
CA GLN ZA 113 22.15 -86.58 -45.74
C GLN ZA 113 20.90 -86.97 -44.94
N GLU ZA 114 20.61 -86.34 -43.82
CA GLU ZA 114 19.36 -86.53 -43.09
C GLU ZA 114 18.13 -86.07 -43.89
N HIS ZA 115 18.28 -85.13 -44.82
CA HIS ZA 115 17.18 -84.71 -45.72
C HIS ZA 115 16.91 -85.80 -46.77
N ILE ZA 116 17.92 -86.55 -47.17
CA ILE ZA 116 17.75 -87.71 -48.08
C ILE ZA 116 17.00 -88.85 -47.39
N HIS ZA 117 17.17 -89.03 -46.07
CA HIS ZA 117 16.36 -89.93 -45.26
C HIS ZA 117 14.98 -89.37 -44.88
N ALA ZA 118 14.63 -88.16 -45.34
CA ALA ZA 118 13.43 -87.43 -44.97
C ALA ZA 118 13.29 -87.14 -43.46
N HIS ZA 119 14.41 -87.09 -42.72
CA HIS ZA 119 14.42 -86.82 -41.29
C HIS ZA 119 14.36 -85.33 -40.93
N ASN ZA 120 14.52 -84.43 -41.90
CA ASN ZA 120 14.43 -83.00 -41.70
C ASN ZA 120 13.79 -82.28 -42.89
N ILE ZA 121 13.40 -81.03 -42.66
CA ILE ZA 121 12.99 -80.08 -43.69
C ILE ZA 121 14.01 -78.95 -43.75
N PHE ZA 122 14.22 -78.38 -44.94
CA PHE ZA 122 14.88 -77.10 -45.12
C PHE ZA 122 13.80 -76.07 -45.38
N THR ZA 123 13.71 -75.05 -44.53
CA THR ZA 123 12.65 -74.01 -44.65
C THR ZA 123 12.76 -73.19 -45.93
N HIS ZA 124 13.96 -73.13 -46.49
CA HIS ZA 124 14.20 -72.48 -47.82
C HIS ZA 124 15.26 -73.31 -48.52
N THR ZA 125 15.10 -73.58 -49.82
CA THR ZA 125 16.13 -74.23 -50.63
C THR ZA 125 17.37 -73.37 -50.79
N ASN ZA 126 18.48 -74.00 -51.15
CA ASN ZA 126 19.79 -73.40 -51.32
C ASN ZA 126 20.32 -73.53 -52.75
N THR ZA 127 19.49 -73.90 -53.73
CA THR ZA 127 19.94 -74.40 -55.04
C THR ZA 127 20.76 -73.38 -55.85
N ASP ZA 128 20.42 -72.10 -55.75
CA ASP ZA 128 21.01 -71.04 -56.59
C ASP ZA 128 21.63 -69.89 -55.77
N ARG ZA 129 21.88 -70.14 -54.47
CA ARG ZA 129 22.57 -69.18 -53.57
C ARG ZA 129 23.73 -69.97 -52.97
N PRO ZA 130 25.00 -69.80 -53.42
CA PRO ZA 130 26.11 -70.66 -53.04
C PRO ZA 130 26.78 -70.28 -51.71
N LEU ZA 131 26.54 -69.07 -51.20
CA LEU ZA 131 27.07 -68.63 -49.91
C LEU ZA 131 26.18 -69.09 -48.76
N ALA ZA 132 26.77 -69.32 -47.60
CA ALA ZA 132 26.10 -69.65 -46.36
C ALA ZA 132 26.62 -68.81 -45.20
N ARG ZA 133 25.72 -68.46 -44.27
CA ARG ZA 133 26.06 -67.70 -43.04
C ARG ZA 133 25.39 -68.39 -41.85
N TYR ZA 134 26.06 -69.35 -41.19
CA TYR ZA 134 25.55 -70.09 -40.04
C TYR ZA 134 25.46 -69.21 -38.79
N THR ZA 135 24.31 -69.22 -38.12
CA THR ZA 135 24.02 -68.31 -36.99
C THR ZA 135 23.90 -69.03 -35.65
N GLY ZA 136 23.88 -70.36 -35.63
CA GLY ZA 136 23.73 -71.16 -34.42
C GLY ZA 136 22.58 -72.15 -34.49
N CYS ZA 137 22.35 -72.85 -33.39
CA CYS ZA 137 21.40 -73.94 -33.30
C CYS ZA 137 20.47 -73.78 -32.10
N SER ZA 138 19.23 -74.24 -32.21
CA SER ZA 138 18.35 -74.53 -31.08
C SER ZA 138 18.15 -76.02 -30.96
N LEU ZA 139 18.32 -76.59 -29.78
CA LEU ZA 139 17.96 -77.97 -29.47
C LEU ZA 139 16.82 -78.02 -28.46
N LYS ZA 140 15.84 -78.91 -28.69
CA LYS ZA 140 14.84 -79.32 -27.70
C LYS ZA 140 15.04 -80.78 -27.38
N PHE ZA 141 15.46 -81.09 -26.16
CA PHE ZA 141 15.66 -82.46 -25.69
C PHE ZA 141 14.39 -82.94 -25.01
N TYR ZA 142 13.80 -84.04 -25.47
CA TYR ZA 142 12.55 -84.53 -24.92
C TYR ZA 142 12.77 -85.54 -23.81
N GLN ZA 143 11.95 -85.48 -22.76
CA GLN ZA 143 11.86 -86.56 -21.79
C GLN ZA 143 11.42 -87.85 -22.48
N SER ZA 144 12.20 -88.91 -22.36
CA SER ZA 144 11.73 -90.24 -22.75
C SER ZA 144 10.69 -90.75 -21.76
N LYS ZA 145 9.89 -91.73 -22.17
CA LYS ZA 145 8.90 -92.35 -21.28
C LYS ZA 145 9.57 -93.12 -20.14
N ASP ZA 146 10.51 -94.01 -20.47
CA ASP ZA 146 11.02 -95.04 -19.55
C ASP ZA 146 12.46 -94.84 -19.05
N ILE ZA 147 13.26 -93.99 -19.71
CA ILE ZA 147 14.72 -93.88 -19.38
C ILE ZA 147 15.16 -92.41 -19.20
N ASP ZA 148 16.05 -92.15 -18.24
CA ASP ZA 148 16.61 -90.80 -18.04
C ASP ZA 148 17.82 -90.73 -18.96
N TYR ZA 149 18.46 -89.57 -19.11
CA TYR ZA 149 19.71 -89.52 -19.91
C TYR ZA 149 20.45 -88.21 -19.73
N VAL ZA 150 21.77 -88.27 -19.71
CA VAL ZA 150 22.66 -87.11 -19.58
C VAL ZA 150 23.08 -86.70 -20.99
N VAL ZA 151 23.06 -85.42 -21.28
CA VAL ZA 151 23.65 -84.84 -22.50
C VAL ZA 151 24.77 -83.88 -22.12
N THR ZA 152 25.83 -83.84 -22.89
CA THR ZA 152 26.69 -82.67 -22.95
C THR ZA 152 27.12 -82.43 -24.39
N TYR ZA 153 27.37 -81.20 -24.77
CA TYR ZA 153 27.67 -80.83 -26.14
C TYR ZA 153 28.89 -79.90 -26.19
N SER ZA 154 29.53 -79.85 -27.34
CA SER ZA 154 30.70 -79.02 -27.56
C SER ZA 154 30.66 -78.41 -28.96
N THR ZA 155 31.37 -77.30 -29.17
CA THR ZA 155 31.49 -76.67 -30.50
C THR ZA 155 32.92 -76.25 -30.78
N SER ZA 156 33.90 -76.86 -30.09
CA SER ZA 156 35.31 -76.59 -30.42
C SER ZA 156 35.51 -77.08 -31.87
N LEU ZA 157 35.72 -76.16 -32.82
CA LEU ZA 157 35.80 -76.56 -34.25
C LEU ZA 157 36.73 -77.76 -34.40
N PRO ZA 158 37.93 -77.82 -33.76
CA PRO ZA 158 38.75 -79.02 -33.84
C PRO ZA 158 37.96 -80.22 -33.35
N LEU ZA 159 37.73 -81.21 -34.23
CA LEU ZA 159 36.95 -82.42 -33.89
C LEU ZA 159 37.90 -83.62 -33.77
N ARG ZA 160 37.87 -84.33 -32.65
CA ARG ZA 160 38.72 -85.53 -32.43
C ARG ZA 160 38.10 -86.41 -31.33
N SER ZA 161 38.49 -87.69 -31.27
CA SER ZA 161 38.00 -88.64 -30.23
C SER ZA 161 39.14 -88.93 -29.26
N SER ZA 162 38.82 -89.32 -28.02
CA SER ZA 162 39.86 -89.62 -27.00
C SER ZA 162 39.42 -90.81 -26.14
N MET ZA 163 40.37 -91.55 -25.57
CA MET ZA 163 40.09 -92.66 -24.67
C MET ZA 163 39.38 -92.18 -23.39
N GLY ZA 164 39.81 -91.04 -22.85
CA GLY ZA 164 39.18 -90.38 -21.71
C GLY ZA 164 37.76 -89.90 -22.01
N MET ZA 165 37.48 -89.41 -23.22
CA MET ZA 165 36.12 -89.09 -23.64
C MET ZA 165 35.22 -90.32 -23.58
N TYR ZA 166 35.61 -91.44 -24.20
CA TYR ZA 166 34.78 -92.64 -24.23
C TYR ZA 166 34.57 -93.24 -22.83
N ASN ZA 167 35.58 -93.26 -21.96
CA ASN ZA 167 35.37 -93.67 -20.57
C ASN ZA 167 34.45 -92.70 -19.83
N SER ZA 168 34.60 -91.39 -20.03
CA SER ZA 168 33.76 -90.40 -19.39
C SER ZA 168 32.29 -90.43 -19.84
N MET ZA 169 31.95 -91.17 -20.90
CA MET ZA 169 30.56 -91.45 -21.26
C MET ZA 169 29.85 -92.37 -20.27
N GLN ZA 170 30.58 -93.03 -19.35
CA GLN ZA 170 29.96 -93.87 -18.33
C GLN ZA 170 28.94 -93.03 -17.55
N PRO ZA 171 27.71 -93.51 -17.32
CA PRO ZA 171 26.63 -92.65 -16.86
C PRO ZA 171 26.89 -91.88 -15.57
N SER ZA 172 27.54 -92.49 -14.59
CA SER ZA 172 27.92 -91.83 -13.34
C SER ZA 172 28.98 -90.74 -13.57
N ILE ZA 173 29.97 -91.01 -14.41
CA ILE ZA 173 31.04 -90.05 -14.72
C ILE ZA 173 30.51 -88.88 -15.54
N HIS ZA 174 29.71 -89.15 -16.57
CA HIS ZA 174 29.06 -88.11 -17.37
C HIS ZA 174 28.14 -87.25 -16.50
N LEU ZA 175 27.35 -87.85 -15.62
CA LEU ZA 175 26.52 -87.13 -14.68
C LEU ZA 175 27.31 -86.24 -13.69
N MET ZA 176 28.58 -86.50 -13.41
CA MET ZA 176 29.41 -85.61 -12.60
C MET ZA 176 29.98 -84.42 -13.37
N GLN ZA 177 30.08 -84.47 -14.70
CA GLN ZA 177 30.73 -83.42 -15.48
C GLN ZA 177 30.02 -82.07 -15.39
N GLN ZA 178 30.78 -80.98 -15.56
CA GLN ZA 178 30.24 -79.62 -15.66
C GLN ZA 178 29.57 -79.39 -17.02
N ASN ZA 179 28.58 -78.52 -17.05
CA ASN ZA 179 27.78 -78.22 -18.26
C ASN ZA 179 27.12 -79.46 -18.89
N LYS ZA 180 26.80 -80.44 -18.04
CA LYS ZA 180 25.84 -81.49 -18.35
C LYS ZA 180 24.42 -80.93 -18.43
N LEU ZA 181 23.55 -81.65 -19.09
CA LEU ZA 181 22.10 -81.53 -19.01
C LEU ZA 181 21.54 -82.90 -18.64
N ILE ZA 182 20.78 -82.98 -17.57
CA ILE ZA 182 20.07 -84.22 -17.19
C ILE ZA 182 18.64 -84.09 -17.65
N VAL ZA 183 18.15 -85.10 -18.37
CA VAL ZA 183 16.75 -85.18 -18.78
C VAL ZA 183 16.13 -86.37 -18.04
N PRO ZA 184 15.35 -86.13 -16.97
CA PRO ZA 184 14.60 -87.20 -16.31
C PRO ZA 184 13.56 -87.75 -17.27
N SER ZA 185 13.25 -89.03 -17.17
CA SER ZA 185 12.10 -89.62 -17.83
C SER ZA 185 10.79 -89.01 -17.32
N LYS ZA 186 9.71 -89.17 -18.06
CA LYS ZA 186 8.36 -88.75 -17.62
C LYS ZA 186 7.93 -89.48 -16.36
N GLN ZA 187 8.42 -90.71 -16.16
CA GLN ZA 187 8.21 -91.47 -14.93
C GLN ZA 187 8.96 -90.88 -13.73
N THR ZA 188 10.24 -90.51 -13.85
CA THR ZA 188 11.00 -89.97 -12.72
C THR ZA 188 10.68 -88.52 -12.39
N GLN ZA 189 10.23 -87.70 -13.35
CA GLN ZA 189 9.73 -86.36 -13.06
C GLN ZA 189 8.71 -85.87 -14.10
N LYS ZA 190 7.48 -85.60 -13.68
CA LYS ZA 190 6.50 -84.84 -14.46
C LYS ZA 190 6.86 -83.36 -14.45
N ARG ZA 191 6.82 -82.69 -15.61
CA ARG ZA 191 7.27 -81.31 -15.82
C ARG ZA 191 6.20 -80.47 -16.51
N ARG ZA 192 6.25 -79.15 -16.34
CA ARG ZA 192 5.38 -78.20 -17.07
C ARG ZA 192 5.61 -78.30 -18.57
N LYS ZA 193 6.86 -78.15 -19.01
CA LYS ZA 193 7.28 -78.36 -20.40
C LYS ZA 193 7.90 -79.75 -20.52
N PRO ZA 194 7.49 -80.57 -21.51
CA PRO ZA 194 7.96 -81.96 -21.63
C PRO ZA 194 9.36 -82.08 -22.26
N TYR ZA 195 10.09 -80.97 -22.40
CA TYR ZA 195 11.38 -80.87 -23.05
C TYR ZA 195 12.25 -79.83 -22.35
N ILE ZA 196 13.57 -79.92 -22.54
CA ILE ZA 196 14.51 -78.87 -22.14
C ILE ZA 196 15.11 -78.24 -23.40
N LYS ZA 197 15.03 -76.92 -23.52
CA LYS ZA 197 15.41 -76.15 -24.70
C LYS ZA 197 16.65 -75.32 -24.42
N LYS ZA 198 17.66 -75.38 -25.29
CA LYS ZA 198 18.78 -74.44 -25.23
C LYS ZA 198 19.40 -74.11 -26.58
N HIS ZA 199 19.93 -72.90 -26.66
CA HIS ZA 199 20.53 -72.32 -27.85
C HIS ZA 199 22.04 -72.49 -27.79
N ILE ZA 200 22.64 -72.90 -28.90
CA ILE ZA 200 24.06 -73.20 -29.03
C ILE ZA 200 24.65 -72.29 -30.10
N SER ZA 201 25.69 -71.54 -29.74
CA SER ZA 201 26.38 -70.60 -30.63
C SER ZA 201 27.26 -71.35 -31.65
N PRO ZA 202 27.63 -70.77 -32.81
CA PRO ZA 202 28.57 -71.41 -33.73
C PRO ZA 202 29.92 -71.75 -33.07
N PRO ZA 203 30.70 -72.70 -33.64
CA PRO ZA 203 32.09 -72.87 -33.28
C PRO ZA 203 32.85 -71.56 -33.29
N THR ZA 204 33.80 -71.35 -32.38
CA THR ZA 204 34.55 -70.08 -32.32
C THR ZA 204 35.32 -69.79 -33.61
N GLN ZA 205 35.68 -70.85 -34.37
CA GLN ZA 205 36.40 -70.74 -35.67
C GLN ZA 205 35.42 -70.37 -36.80
N MET ZA 206 34.14 -70.66 -36.65
CA MET ZA 206 33.10 -70.20 -37.60
C MET ZA 206 32.69 -68.77 -37.22
N LYS ZA 207 33.24 -67.79 -37.92
CA LYS ZA 207 32.94 -66.36 -37.68
C LYS ZA 207 31.60 -65.99 -38.32
N SER ZA 208 31.06 -64.81 -38.05
CA SER ZA 208 29.77 -64.37 -38.60
C SER ZA 208 29.80 -64.10 -40.11
N GLN ZA 209 30.98 -64.11 -40.75
CA GLN ZA 209 31.14 -63.90 -42.18
C GLN ZA 209 30.37 -64.91 -43.04
N TRP ZA 210 30.18 -64.58 -44.32
CA TRP ZA 210 29.72 -65.53 -45.34
C TRP ZA 210 30.83 -66.51 -45.73
N TYR ZA 211 30.46 -67.75 -46.01
CA TYR ZA 211 31.34 -68.81 -46.49
C TYR ZA 211 30.70 -69.52 -47.67
N PHE ZA 212 31.45 -69.94 -48.68
CA PHE ZA 212 30.91 -70.85 -49.68
C PHE ZA 212 30.42 -72.14 -49.02
N GLN ZA 213 29.24 -72.63 -49.41
CA GLN ZA 213 28.65 -73.86 -48.84
C GLN ZA 213 29.56 -75.06 -49.13
N HIS ZA 214 30.35 -75.06 -50.21
CA HIS ZA 214 31.30 -76.14 -50.55
C HIS ZA 214 32.41 -76.21 -49.49
N ASN ZA 215 32.84 -75.08 -48.95
CA ASN ZA 215 33.91 -75.03 -47.96
C ASN ZA 215 33.44 -75.51 -46.59
N ILE ZA 216 32.30 -75.00 -46.12
CA ILE ZA 216 31.77 -75.33 -44.78
C ILE ZA 216 30.97 -76.64 -44.73
N ALA ZA 217 30.66 -77.28 -45.85
CA ALA ZA 217 29.81 -78.47 -45.90
C ALA ZA 217 30.20 -79.54 -44.86
N ASN ZA 218 31.49 -79.88 -44.77
CA ASN ZA 218 31.98 -80.95 -43.91
C ASN ZA 218 32.51 -80.50 -42.54
N ILE ZA 219 32.57 -79.20 -42.26
CA ILE ZA 219 33.02 -78.66 -40.97
C ILE ZA 219 32.01 -79.05 -39.88
N PRO ZA 220 32.39 -79.78 -38.82
CA PRO ZA 220 31.44 -80.20 -37.79
C PRO ZA 220 31.09 -79.02 -36.89
N LEU ZA 221 29.82 -78.56 -36.95
CA LEU ZA 221 29.37 -77.31 -36.25
C LEU ZA 221 28.79 -77.61 -34.86
N LEU ZA 222 28.58 -78.88 -34.53
CA LEU ZA 222 28.11 -79.29 -33.22
C LEU ZA 222 28.53 -80.73 -32.92
N MET ZA 223 28.98 -81.00 -31.70
CA MET ZA 223 29.05 -82.36 -31.15
C MET ZA 223 28.05 -82.53 -30.02
N ILE ZA 224 27.23 -83.58 -30.06
CA ILE ZA 224 26.36 -83.97 -28.95
C ILE ZA 224 26.84 -85.30 -28.39
N ARG ZA 225 27.07 -85.38 -27.08
CA ARG ZA 225 27.39 -86.61 -26.35
C ARG ZA 225 26.21 -86.97 -25.45
N THR ZA 226 25.67 -88.17 -25.56
CA THR ZA 226 24.52 -88.61 -24.75
C THR ZA 226 24.78 -89.98 -24.16
N THR ZA 227 24.38 -90.23 -22.92
CA THR ZA 227 24.43 -91.54 -22.27
C THR ZA 227 23.12 -91.84 -21.54
N ALA ZA 228 22.64 -93.08 -21.63
CA ALA ZA 228 21.46 -93.57 -20.93
C ALA ZA 228 21.74 -93.84 -19.44
N LEU ZA 229 20.77 -93.54 -18.58
CA LEU ZA 229 20.96 -93.35 -17.15
C LEU ZA 229 19.74 -93.87 -16.38
N THR ZA 230 19.91 -94.23 -15.10
CA THR ZA 230 18.79 -94.17 -14.17
C THR ZA 230 19.16 -93.42 -12.91
N LEU ZA 231 18.31 -92.49 -12.49
CA LEU ZA 231 18.45 -91.73 -11.26
C LEU ZA 231 17.90 -92.50 -10.04
N ASP ZA 232 16.77 -93.18 -10.19
CA ASP ZA 232 16.10 -93.92 -9.09
C ASP ZA 232 16.70 -95.29 -8.78
N ASN ZA 233 17.46 -95.89 -9.71
CA ASN ZA 233 18.13 -97.18 -9.55
C ASN ZA 233 19.65 -97.02 -9.68
N TYR ZA 234 20.18 -95.86 -9.30
CA TYR ZA 234 21.56 -95.47 -9.57
C TYR ZA 234 22.59 -96.49 -9.07
N TYR ZA 235 22.44 -97.03 -7.86
CA TYR ZA 235 23.36 -98.02 -7.30
C TYR ZA 235 23.01 -99.46 -7.66
N ILE ZA 236 21.75 -99.85 -7.46
CA ILE ZA 236 21.31 -101.22 -7.70
C ILE ZA 236 21.34 -101.55 -9.20
N GLY ZA 237 20.93 -100.62 -10.05
CA GLY ZA 237 20.90 -100.77 -11.50
C GLY ZA 237 20.01 -101.94 -11.89
N SER ZA 238 20.59 -102.96 -12.50
CA SER ZA 238 19.92 -104.23 -12.81
C SER ZA 238 20.50 -105.43 -12.06
N ARG ZA 239 21.18 -105.22 -10.94
CA ARG ZA 239 21.67 -106.26 -10.03
C ARG ZA 239 20.56 -107.24 -9.64
N GLN ZA 240 20.90 -108.53 -9.61
CA GLN ZA 240 20.05 -109.61 -9.10
C GLN ZA 240 20.84 -110.40 -8.05
N LEU ZA 241 20.20 -110.81 -6.95
CA LEU ZA 241 20.84 -111.52 -5.84
C LEU ZA 241 22.05 -110.74 -5.28
N SER ZA 242 23.23 -111.35 -5.23
CA SER ZA 242 24.46 -110.75 -4.69
C SER ZA 242 24.94 -109.52 -5.46
N THR ZA 243 25.72 -108.65 -4.81
CA THR ZA 243 26.43 -107.55 -5.48
C THR ZA 243 27.51 -108.06 -6.45
N ASN ZA 244 28.08 -109.25 -6.19
CA ASN ZA 244 29.08 -109.89 -7.03
C ASN ZA 244 28.49 -110.30 -8.39
N VAL ZA 245 29.21 -110.01 -9.47
CA VAL ZA 245 28.93 -110.53 -10.82
C VAL ZA 245 29.92 -111.64 -11.14
N THR ZA 246 29.48 -112.68 -11.83
CA THR ZA 246 30.35 -113.79 -12.27
C THR ZA 246 30.86 -113.54 -13.68
N ILE ZA 247 32.19 -113.58 -13.85
CA ILE ZA 247 32.87 -113.45 -15.13
C ILE ZA 247 33.41 -114.84 -15.52
N HIS ZA 248 33.17 -115.29 -16.75
CA HIS ZA 248 33.80 -116.54 -17.25
C HIS ZA 248 35.11 -116.09 -17.92
N THR ZA 249 36.16 -116.89 -17.90
CA THR ZA 249 37.42 -116.60 -18.59
C THR ZA 249 38.11 -117.85 -19.11
N LEU ZA 250 38.99 -117.68 -20.10
CA LEU ZA 250 39.84 -118.81 -20.57
C LEU ZA 250 40.95 -118.99 -19.54
N ASN ZA 251 41.13 -120.19 -18.97
CA ASN ZA 251 42.28 -120.45 -18.07
C ASN ZA 251 43.51 -119.88 -18.77
N THR ZA 252 44.25 -118.96 -18.14
CA THR ZA 252 45.45 -118.33 -18.74
C THR ZA 252 46.61 -119.28 -18.55
N THR ZA 253 46.62 -120.07 -17.47
CA THR ZA 253 47.75 -120.94 -17.12
C THR ZA 253 47.86 -122.20 -17.99
N TYR ZA 254 46.94 -122.42 -18.94
CA TYR ZA 254 46.95 -123.57 -19.84
C TYR ZA 254 46.62 -123.22 -21.30
N ILE ZA 255 45.65 -122.34 -21.54
CA ILE ZA 255 45.24 -121.90 -22.88
C ILE ZA 255 46.01 -120.64 -23.28
N GLN ZA 256 47.10 -120.74 -24.04
CA GLN ZA 256 47.91 -119.53 -24.34
C GLN ZA 256 48.37 -119.46 -25.80
N ASN ZA 257 48.26 -120.54 -26.57
CA ASN ZA 257 48.89 -120.53 -27.89
C ASN ZA 257 48.23 -119.63 -28.93
N ARG ZA 258 46.94 -119.30 -28.77
CA ARG ZA 258 46.20 -118.37 -29.68
C ARG ZA 258 46.30 -118.81 -31.15
N ASP ZA 259 46.43 -120.11 -31.43
CA ASP ZA 259 46.48 -120.62 -32.81
C ASP ZA 259 45.09 -121.07 -33.32
N TRP ZA 260 44.12 -120.15 -33.31
CA TRP ZA 260 42.71 -120.48 -33.50
C TRP ZA 260 42.18 -120.39 -34.93
N GLY ZA 261 41.09 -121.12 -35.20
CA GLY ZA 261 40.26 -120.93 -36.38
C GLY ZA 261 40.76 -121.60 -37.66
N ASP ZA 262 41.44 -122.75 -37.55
CA ASP ZA 262 41.76 -123.64 -38.69
C ASP ZA 262 41.32 -125.09 -38.42
N ARG ZA 263 40.83 -125.78 -39.44
CA ARG ZA 263 40.59 -127.25 -39.35
C ARG ZA 263 41.85 -127.92 -39.95
N ASN ZA 264 42.81 -127.11 -40.41
CA ASN ZA 264 44.05 -127.57 -41.05
C ASN ZA 264 45.24 -127.71 -40.07
N LYS ZA 265 44.99 -127.64 -38.76
CA LYS ZA 265 46.00 -127.61 -37.70
C LYS ZA 265 45.53 -128.36 -36.46
N THR ZA 266 46.29 -129.35 -35.99
CA THR ZA 266 46.03 -129.99 -34.69
C THR ZA 266 46.29 -128.99 -33.56
N TYR ZA 267 45.29 -128.72 -32.72
CA TYR ZA 267 45.42 -127.69 -31.68
C TYR ZA 267 46.24 -128.18 -30.48
N TYR ZA 268 47.10 -127.30 -29.98
CA TYR ZA 268 47.92 -127.48 -28.79
C TYR ZA 268 47.76 -126.23 -27.93
N CYS ZA 269 47.55 -126.39 -26.62
CA CYS ZA 269 47.07 -125.29 -25.78
C CYS ZA 269 48.19 -124.39 -25.26
N GLN ZA 270 49.37 -124.94 -24.94
CA GLN ZA 270 50.54 -124.16 -24.52
C GLN ZA 270 51.85 -124.79 -25.00
N THR ZA 271 52.90 -123.97 -25.06
CA THR ZA 271 54.30 -124.40 -25.16
C THR ZA 271 55.03 -124.05 -23.86
N LEU ZA 272 55.84 -124.96 -23.33
CA LEU ZA 272 56.78 -124.68 -22.23
C LEU ZA 272 58.14 -125.26 -22.58
N GLY ZA 273 59.21 -124.47 -22.45
CA GLY ZA 273 60.53 -124.84 -22.98
C GLY ZA 273 60.45 -125.12 -24.49
N THR ZA 274 60.78 -126.35 -24.90
CA THR ZA 274 60.59 -126.86 -26.27
C THR ZA 274 59.28 -127.64 -26.47
N GLN ZA 275 58.56 -127.98 -25.40
CA GLN ZA 275 57.40 -128.87 -25.46
C GLN ZA 275 56.16 -128.20 -26.07
N ARG ZA 276 55.20 -129.03 -26.49
CA ARG ZA 276 53.81 -128.66 -26.77
C ARG ZA 276 52.89 -129.49 -25.87
N TYR ZA 277 51.79 -128.90 -25.41
CA TYR ZA 277 50.81 -129.56 -24.56
C TYR ZA 277 49.44 -129.62 -25.25
N PHE ZA 278 48.71 -130.70 -24.99
CA PHE ZA 278 47.56 -131.13 -25.75
C PHE ZA 278 46.42 -131.51 -24.81
N LEU ZA 279 45.20 -131.36 -25.30
CA LEU ZA 279 43.97 -131.60 -24.56
C LEU ZA 279 43.22 -132.77 -25.20
N TYR ZA 280 42.56 -133.60 -24.38
CA TYR ZA 280 41.73 -134.70 -24.83
C TYR ZA 280 40.43 -134.76 -24.03
N GLY ZA 281 39.30 -134.95 -24.69
CA GLY ZA 281 38.02 -135.18 -24.01
C GLY ZA 281 37.79 -136.66 -23.75
N THR ZA 282 36.98 -137.01 -22.75
CA THR ZA 282 36.50 -138.38 -22.61
C THR ZA 282 35.10 -138.42 -22.00
N HIS ZA 283 34.33 -139.46 -22.33
CA HIS ZA 283 33.01 -139.69 -21.70
C HIS ZA 283 33.20 -140.77 -20.62
N SER ZA 284 34.45 -141.21 -20.38
CA SER ZA 284 34.73 -142.28 -19.43
C SER ZA 284 34.27 -141.92 -18.01
N THR ZA 285 33.70 -142.92 -17.33
CA THR ZA 285 33.36 -142.86 -15.90
C THR ZA 285 34.55 -143.20 -14.99
N ALA ZA 286 35.72 -143.50 -15.55
CA ALA ZA 286 36.91 -143.85 -14.79
C ALA ZA 286 37.30 -142.73 -13.80
N GLN ZA 287 37.50 -143.11 -12.54
CA GLN ZA 287 37.83 -142.17 -11.47
C GLN ZA 287 39.32 -141.80 -11.44
N ASN ZA 288 40.20 -142.67 -11.93
CA ASN ZA 288 41.66 -142.50 -11.83
C ASN ZA 288 42.26 -142.15 -13.19
N ILE ZA 289 42.95 -141.00 -13.26
CA ILE ZA 289 43.59 -140.51 -14.48
C ILE ZA 289 44.63 -141.47 -15.08
N ASN ZA 290 45.22 -142.35 -14.26
CA ASN ZA 290 46.22 -143.32 -14.71
C ASN ZA 290 45.61 -144.44 -15.57
N ASP ZA 291 44.42 -144.98 -15.22
CA ASP ZA 291 43.86 -146.21 -15.86
C ASP ZA 291 42.99 -145.97 -17.10
N ILE ZA 292 42.65 -144.73 -17.44
CA ILE ZA 292 41.94 -144.43 -18.69
C ILE ZA 292 42.72 -145.03 -19.87
N LYS ZA 293 42.02 -145.59 -20.86
CA LYS ZA 293 42.64 -146.22 -22.03
C LYS ZA 293 43.28 -145.17 -22.97
N LEU ZA 294 43.97 -145.63 -24.01
CA LEU ZA 294 44.45 -144.69 -25.06
C LEU ZA 294 43.24 -144.46 -25.98
N GLN ZA 295 42.26 -145.36 -25.96
CA GLN ZA 295 41.04 -145.27 -26.81
C GLN ZA 295 40.04 -144.25 -26.26
N GLU ZA 296 39.83 -144.21 -24.94
CA GLU ZA 296 38.80 -143.32 -24.33
C GLU ZA 296 39.00 -141.87 -24.80
N LEU ZA 297 40.24 -141.40 -24.88
CA LEU ZA 297 40.53 -139.98 -25.21
C LEU ZA 297 39.96 -139.58 -26.59
N ILE ZA 298 39.34 -138.40 -26.70
CA ILE ZA 298 38.82 -137.85 -27.98
C ILE ZA 298 39.75 -136.68 -28.31
N PRO ZA 299 40.78 -136.86 -29.15
CA PRO ZA 299 41.81 -135.85 -29.36
C PRO ZA 299 41.21 -134.67 -30.10
N LEU ZA 300 41.75 -133.46 -29.89
CA LEU ZA 300 41.21 -132.22 -30.52
C LEU ZA 300 42.13 -131.81 -31.68
N THR ZA 301 41.65 -131.93 -32.93
CA THR ZA 301 42.43 -131.60 -34.15
C THR ZA 301 41.80 -130.41 -34.83
N ASN ZA 302 40.72 -129.85 -34.26
CA ASN ZA 302 40.06 -128.66 -34.80
C ASN ZA 302 39.76 -127.68 -33.66
N THR ZA 303 39.92 -126.37 -33.88
CA THR ZA 303 39.28 -125.36 -33.00
C THR ZA 303 38.18 -124.58 -33.69
N GLN ZA 304 38.19 -124.55 -35.04
CA GLN ZA 304 37.28 -123.70 -35.87
C GLN ZA 304 35.81 -124.11 -35.87
N ASP ZA 305 35.45 -125.29 -35.35
CA ASP ZA 305 34.03 -125.75 -35.41
C ASP ZA 305 33.38 -125.92 -34.05
N TYR ZA 306 32.04 -125.93 -34.03
CA TYR ZA 306 31.27 -126.24 -32.81
C TYR ZA 306 31.26 -127.74 -32.46
N VAL ZA 307 31.78 -128.60 -33.34
CA VAL ZA 307 31.63 -130.06 -33.25
C VAL ZA 307 32.21 -130.62 -31.94
N GLN ZA 308 31.45 -131.54 -31.31
CA GLN ZA 308 31.85 -132.23 -30.07
C GLN ZA 308 32.90 -133.32 -30.29
N GLY ZA 309 32.94 -133.88 -31.50
CA GLY ZA 309 33.63 -135.14 -31.77
C GLY ZA 309 32.81 -136.34 -31.26
N PHE ZA 310 33.41 -137.51 -31.24
CA PHE ZA 310 32.83 -138.73 -30.69
C PHE ZA 310 33.91 -139.73 -30.26
N ASP ZA 311 33.52 -140.70 -29.44
CA ASP ZA 311 34.41 -141.71 -28.90
C ASP ZA 311 34.73 -142.83 -29.91
N TRP ZA 312 35.87 -143.52 -29.73
CA TRP ZA 312 36.31 -144.64 -30.56
C TRP ZA 312 35.30 -145.81 -30.56
N THR ZA 313 34.46 -145.93 -29.54
CA THR ZA 313 33.34 -146.88 -29.52
C THR ZA 313 32.33 -146.67 -30.65
N GLU ZA 314 32.32 -145.49 -31.31
CA GLU ZA 314 31.49 -145.20 -32.48
C GLU ZA 314 32.23 -145.40 -33.82
N LYS ZA 315 33.41 -146.06 -33.81
CA LYS ZA 315 34.17 -146.45 -35.02
C LYS ZA 315 33.27 -147.02 -36.12
N ASP ZA 316 32.39 -147.95 -35.76
CA ASP ZA 316 31.50 -148.62 -36.70
C ASP ZA 316 30.29 -147.76 -37.15
N LYS ZA 317 29.98 -146.65 -36.48
CA LYS ZA 317 28.92 -145.72 -36.91
C LYS ZA 317 29.39 -144.78 -38.02
N HIS ZA 318 30.71 -144.48 -38.07
CA HIS ZA 318 31.33 -143.57 -39.08
C HIS ZA 318 32.31 -144.35 -39.96
N ASN ZA 319 32.15 -145.67 -40.10
CA ASN ZA 319 32.93 -146.53 -40.99
C ASN ZA 319 34.46 -146.29 -40.85
N ILE ZA 320 34.92 -145.95 -39.65
CA ILE ZA 320 36.32 -145.63 -39.37
C ILE ZA 320 37.18 -146.90 -39.47
N THR ZA 321 38.28 -146.81 -40.20
CA THR ZA 321 39.23 -147.92 -40.38
C THR ZA 321 40.51 -147.75 -39.54
N THR ZA 322 40.88 -146.52 -39.19
CA THR ZA 322 42.15 -146.21 -38.50
C THR ZA 322 42.00 -145.05 -37.52
N TYR ZA 323 42.93 -144.91 -36.59
CA TYR ZA 323 43.01 -143.73 -35.73
C TYR ZA 323 43.16 -142.43 -36.54
N LYS ZA 324 43.76 -142.45 -37.73
CA LYS ZA 324 43.78 -141.31 -38.67
C LYS ZA 324 42.37 -140.87 -39.06
N GLU ZA 325 41.47 -141.80 -39.38
CA GLU ZA 325 40.06 -141.48 -39.62
C GLU ZA 325 39.29 -141.12 -38.34
N PHE ZA 326 39.66 -141.67 -37.18
CA PHE ZA 326 39.13 -141.21 -35.90
C PHE ZA 326 39.50 -139.76 -35.59
N LEU ZA 327 40.77 -139.36 -35.82
CA LEU ZA 327 41.24 -137.98 -35.72
C LEU ZA 327 40.47 -137.03 -36.63
N THR ZA 328 40.21 -137.41 -37.89
CA THR ZA 328 39.55 -136.49 -38.83
C THR ZA 328 38.04 -136.45 -38.64
N LYS ZA 329 37.36 -137.59 -38.44
CA LYS ZA 329 35.91 -137.61 -38.26
C LYS ZA 329 35.46 -137.29 -36.83
N GLY ZA 330 36.19 -137.77 -35.82
CA GLY ZA 330 35.73 -137.85 -34.43
C GLY ZA 330 36.38 -136.91 -33.44
N ALA ZA 331 37.37 -136.09 -33.84
CA ALA ZA 331 37.97 -135.12 -32.93
C ALA ZA 331 36.98 -134.03 -32.48
N GLY ZA 332 37.12 -133.58 -31.23
CA GLY ZA 332 36.23 -132.60 -30.59
C GLY ZA 332 36.83 -131.21 -30.50
N ASN ZA 333 36.04 -130.14 -30.67
CA ASN ZA 333 36.56 -128.80 -30.47
C ASN ZA 333 36.52 -128.48 -28.96
N PRO ZA 334 37.60 -127.93 -28.36
CA PRO ZA 334 37.69 -127.77 -26.90
C PRO ZA 334 36.66 -126.80 -26.34
N PHE ZA 335 36.13 -125.92 -27.20
CA PHE ZA 335 35.13 -124.90 -26.86
C PHE ZA 335 33.69 -125.38 -27.11
N HIS ZA 336 33.45 -126.66 -27.42
CA HIS ZA 336 32.09 -127.21 -27.43
C HIS ZA 336 31.46 -127.12 -26.02
N ALA ZA 337 30.14 -127.04 -25.92
CA ALA ZA 337 29.42 -126.72 -24.68
C ALA ZA 337 29.70 -127.67 -23.50
N GLU ZA 338 30.14 -128.91 -23.74
CA GLU ZA 338 30.57 -129.82 -22.66
C GLU ZA 338 32.07 -129.76 -22.38
N TRP ZA 339 32.93 -129.54 -23.38
CA TRP ZA 339 34.37 -129.45 -23.16
C TRP ZA 339 34.84 -128.08 -22.62
N ILE ZA 340 34.12 -126.99 -22.95
CA ILE ZA 340 34.46 -125.61 -22.56
C ILE ZA 340 34.59 -125.43 -21.04
N THR ZA 341 33.72 -126.08 -20.27
CA THR ZA 341 33.72 -126.11 -18.79
C THR ZA 341 33.97 -127.51 -18.24
N ALA ZA 342 34.41 -128.46 -19.08
CA ALA ZA 342 34.64 -129.85 -18.75
C ALA ZA 342 33.46 -130.51 -17.99
N GLN ZA 343 32.23 -130.29 -18.47
CA GLN ZA 343 31.03 -130.95 -17.95
C GLN ZA 343 31.21 -132.48 -17.99
N ASN ZA 344 31.76 -132.98 -19.10
CA ASN ZA 344 32.38 -134.30 -19.20
C ASN ZA 344 33.91 -134.12 -19.13
N PRO ZA 345 34.65 -134.98 -18.42
CA PRO ZA 345 36.06 -134.73 -18.13
C PRO ZA 345 36.93 -134.43 -19.37
N VAL ZA 346 37.90 -133.53 -19.17
CA VAL ZA 346 38.88 -133.10 -20.17
C VAL ZA 346 40.27 -133.25 -19.57
N ILE ZA 347 41.18 -133.82 -20.33
CA ILE ZA 347 42.50 -134.24 -19.88
C ILE ZA 347 43.57 -133.43 -20.60
N HIS ZA 348 44.47 -132.80 -19.85
CA HIS ZA 348 45.60 -132.02 -20.35
C HIS ZA 348 46.89 -132.84 -20.22
N THR ZA 349 47.73 -132.89 -21.24
CA THR ZA 349 48.96 -133.70 -21.23
C THR ZA 349 50.05 -133.14 -22.14
N ALA ZA 350 51.31 -133.47 -21.87
CA ALA ZA 350 52.41 -133.24 -22.80
C ALA ZA 350 52.42 -134.25 -23.97
N ASN ZA 351 51.72 -135.38 -23.84
CA ASN ZA 351 51.79 -136.44 -24.85
C ASN ZA 351 51.03 -136.06 -26.13
N SER ZA 352 51.77 -135.80 -27.20
CA SER ZA 352 51.20 -135.42 -28.49
C SER ZA 352 50.34 -136.53 -29.09
N PRO ZA 353 49.21 -136.20 -29.76
CA PRO ZA 353 48.40 -137.17 -30.47
C PRO ZA 353 49.22 -138.01 -31.45
N THR ZA 354 50.30 -137.47 -32.05
CA THR ZA 354 51.16 -138.24 -32.95
C THR ZA 354 51.97 -139.32 -32.25
N GLN ZA 355 52.30 -139.17 -30.97
CA GLN ZA 355 52.83 -140.31 -30.20
C GLN ZA 355 51.74 -141.36 -29.98
N ILE ZA 356 50.49 -140.95 -29.71
CA ILE ZA 356 49.35 -141.86 -29.67
C ILE ZA 356 49.10 -142.50 -31.05
N GLU ZA 357 49.26 -141.78 -32.17
CA GLU ZA 357 49.19 -142.33 -33.53
C GLU ZA 357 50.22 -143.43 -33.69
N GLN ZA 358 51.48 -143.20 -33.29
CA GLN ZA 358 52.52 -144.21 -33.35
C GLN ZA 358 52.14 -145.45 -32.52
N ILE ZA 359 51.57 -145.29 -31.33
CA ILE ZA 359 51.11 -146.45 -30.52
C ILE ZA 359 49.96 -147.20 -31.20
N TYR ZA 360 48.94 -146.49 -31.72
CA TYR ZA 360 47.84 -147.13 -32.47
C TYR ZA 360 48.33 -147.82 -33.75
N THR ZA 361 49.05 -147.08 -34.60
CA THR ZA 361 49.46 -147.57 -35.93
C THR ZA 361 50.49 -148.68 -35.81
N ALA ZA 362 51.39 -148.64 -34.82
CA ALA ZA 362 52.32 -149.74 -34.58
C ALA ZA 362 51.58 -151.05 -34.27
N SER ZA 363 50.54 -151.02 -33.45
CA SER ZA 363 49.57 -152.12 -33.34
C SER ZA 363 48.22 -151.68 -32.74
N THR ZA 364 47.16 -151.82 -33.53
CA THR ZA 364 45.77 -151.52 -33.14
C THR ZA 364 45.28 -152.45 -32.03
N THR ZA 365 45.76 -153.68 -32.00
CA THR ZA 365 45.45 -154.66 -30.95
C THR ZA 365 46.04 -154.26 -29.59
N THR ZA 366 47.22 -153.62 -29.55
CA THR ZA 366 47.78 -153.10 -28.29
C THR ZA 366 47.23 -151.73 -27.91
N PHE ZA 367 46.53 -151.02 -28.80
CA PHE ZA 367 45.78 -149.81 -28.44
C PHE ZA 367 44.63 -150.10 -27.46
N GLN ZA 368 44.02 -151.30 -27.56
CA GLN ZA 368 43.08 -151.82 -26.57
C GLN ZA 368 43.76 -152.05 -25.21
N ASN ZA 369 44.98 -152.59 -25.20
CA ASN ZA 369 45.70 -152.93 -23.98
C ASN ZA 369 46.28 -151.69 -23.28
N LYS ZA 370 46.86 -150.74 -24.03
CA LYS ZA 370 47.55 -149.57 -23.46
C LYS ZA 370 46.56 -148.63 -22.75
N LYS ZA 371 46.98 -148.18 -21.57
CA LYS ZA 371 46.31 -147.16 -20.74
C LYS ZA 371 47.17 -145.90 -20.66
N LEU ZA 372 46.72 -144.89 -19.90
CA LEU ZA 372 47.46 -143.66 -19.64
C LEU ZA 372 48.74 -143.88 -18.80
N THR ZA 373 48.84 -145.00 -18.07
CA THR ZA 373 50.11 -145.51 -17.53
C THR ZA 373 51.10 -145.87 -18.63
N ASP ZA 374 52.40 -145.70 -18.37
CA ASP ZA 374 53.50 -146.10 -19.26
C ASP ZA 374 53.42 -145.52 -20.70
N LEU ZA 375 52.76 -144.38 -20.87
CA LEU ZA 375 52.77 -143.63 -22.13
C LEU ZA 375 53.99 -142.70 -22.22
N PRO ZA 376 54.41 -142.29 -23.42
CA PRO ZA 376 55.44 -141.27 -23.58
C PRO ZA 376 54.96 -139.93 -23.02
N THR ZA 377 55.87 -139.18 -22.38
CA THR ZA 377 55.61 -137.87 -21.74
C THR ZA 377 54.21 -137.79 -21.10
N PRO ZA 378 53.86 -138.66 -20.13
CA PRO ZA 378 52.49 -138.70 -19.63
C PRO ZA 378 52.11 -137.75 -18.50
N GLY ZA 379 51.94 -136.46 -18.83
CA GLY ZA 379 51.50 -135.45 -17.83
C GLY ZA 379 49.99 -135.38 -17.84
N TYR ZA 380 49.30 -136.52 -17.84
CA TYR ZA 380 47.82 -136.57 -17.89
C TYR ZA 380 47.25 -135.97 -16.59
N ILE ZA 381 46.51 -134.86 -16.69
CA ILE ZA 381 45.93 -134.15 -15.51
C ILE ZA 381 44.45 -133.88 -15.84
N PHE ZA 382 43.64 -133.35 -14.91
CA PHE ZA 382 42.24 -132.96 -15.21
C PHE ZA 382 42.18 -131.43 -15.18
N ILE ZA 383 42.09 -130.78 -16.34
CA ILE ZA 383 42.12 -129.30 -16.44
C ILE ZA 383 40.87 -128.80 -17.16
N THR ZA 384 40.29 -127.68 -16.72
CA THR ZA 384 39.10 -127.08 -17.33
C THR ZA 384 39.51 -125.88 -18.20
N PRO ZA 385 39.12 -125.80 -19.49
CA PRO ZA 385 39.46 -124.65 -20.33
C PRO ZA 385 38.92 -123.32 -19.81
N THR ZA 386 37.76 -123.34 -19.15
CA THR ZA 386 37.12 -122.18 -18.51
C THR ZA 386 37.26 -122.23 -16.99
N VAL ZA 387 37.46 -121.06 -16.39
CA VAL ZA 387 37.21 -120.81 -14.96
C VAL ZA 387 36.22 -119.66 -14.80
N SER ZA 388 35.40 -119.69 -13.75
CA SER ZA 388 34.49 -118.60 -13.39
C SER ZA 388 35.07 -117.81 -12.22
N LEU ZA 389 35.24 -116.49 -12.40
CA LEU ZA 389 35.66 -115.55 -11.37
C LEU ZA 389 34.45 -114.82 -10.79
N ARG ZA 390 34.55 -114.32 -9.56
CA ARG ZA 390 33.61 -113.35 -8.98
C ARG ZA 390 34.26 -111.98 -8.89
N TYR ZA 391 33.58 -110.97 -9.41
CA TYR ZA 391 34.00 -109.56 -9.36
C TYR ZA 391 33.01 -108.77 -8.50
N ASN ZA 392 33.53 -107.94 -7.60
CA ASN ZA 392 32.73 -107.02 -6.82
C ASN ZA 392 33.19 -105.58 -7.10
N PRO ZA 393 32.35 -104.69 -7.62
CA PRO ZA 393 32.78 -103.34 -8.00
C PRO ZA 393 33.18 -102.49 -6.79
N TYR ZA 394 32.59 -102.76 -5.62
CA TYR ZA 394 32.86 -101.96 -4.40
C TYR ZA 394 34.19 -102.41 -3.78
N LYS ZA 395 34.68 -103.59 -4.17
CA LYS ZA 395 35.97 -104.13 -3.66
C LYS ZA 395 37.10 -103.76 -4.64
N ASP ZA 396 36.79 -102.99 -5.69
CA ASP ZA 396 37.80 -102.64 -6.74
C ASP ZA 396 38.47 -101.31 -6.43
N LEU ZA 397 39.81 -101.28 -6.35
CA LEU ZA 397 40.55 -100.07 -5.99
C LEU ZA 397 41.36 -99.50 -7.17
N ALA ZA 398 41.33 -100.15 -8.34
CA ALA ZA 398 41.97 -99.65 -9.55
C ALA ZA 398 43.48 -99.36 -9.45
N GLU ZA 399 44.24 -100.03 -8.59
CA GLU ZA 399 45.67 -99.73 -8.39
C GLU ZA 399 46.55 -100.36 -9.48
N ARG ZA 400 46.14 -101.51 -10.03
CA ARG ZA 400 46.89 -102.25 -11.06
C ARG ZA 400 45.97 -102.80 -12.17
N ASN ZA 401 44.83 -102.15 -12.36
CA ASN ZA 401 43.89 -102.46 -13.43
C ASN ZA 401 44.45 -102.06 -14.80
N LYS ZA 402 44.15 -102.84 -15.83
CA LYS ZA 402 44.71 -102.67 -17.18
C LYS ZA 402 43.83 -103.36 -18.22
N CYS ZA 403 43.87 -102.93 -19.48
CA CYS ZA 403 42.98 -103.43 -20.52
C CYS ZA 403 43.57 -103.17 -21.91
N TYR ZA 404 43.55 -104.15 -22.81
CA TYR ZA 404 44.08 -104.04 -24.18
C TYR ZA 404 43.58 -105.16 -25.10
N PHE ZA 405 43.74 -104.99 -26.42
CA PHE ZA 405 43.42 -106.01 -27.43
C PHE ZA 405 44.68 -106.69 -27.95
N VAL ZA 406 44.62 -108.02 -28.11
CA VAL ZA 406 45.66 -108.85 -28.73
C VAL ZA 406 45.10 -109.53 -29.98
N ARG ZA 407 45.95 -109.88 -30.94
CA ARG ZA 407 45.56 -110.51 -32.21
C ARG ZA 407 45.16 -111.97 -31.98
N SER ZA 408 43.94 -112.36 -32.34
CA SER ZA 408 43.45 -113.74 -32.11
C SER ZA 408 43.94 -114.72 -33.18
N LYS ZA 409 43.73 -114.42 -34.47
CA LYS ZA 409 44.27 -115.21 -35.59
C LYS ZA 409 45.71 -114.81 -35.95
N ILE ZA 410 46.66 -115.09 -35.06
CA ILE ZA 410 48.09 -115.10 -35.39
C ILE ZA 410 48.83 -116.21 -34.65
N ASN ZA 411 49.97 -116.62 -35.19
CA ASN ZA 411 50.83 -117.64 -34.60
C ASN ZA 411 51.79 -117.03 -33.56
N ALA ZA 412 51.26 -116.43 -32.49
CA ALA ZA 412 52.06 -115.83 -31.42
C ALA ZA 412 51.60 -116.29 -30.03
N HIS ZA 413 52.57 -116.66 -29.19
CA HIS ZA 413 52.33 -117.19 -27.85
C HIS ZA 413 52.04 -116.09 -26.84
N GLY ZA 414 51.27 -116.42 -25.80
CA GLY ZA 414 51.13 -115.60 -24.60
C GLY ZA 414 50.18 -114.42 -24.76
N TRP ZA 415 49.96 -113.72 -23.64
CA TRP ZA 415 48.90 -112.73 -23.46
C TRP ZA 415 49.42 -111.32 -23.15
N ASP ZA 416 50.75 -111.12 -23.16
CA ASP ZA 416 51.34 -109.81 -22.76
C ASP ZA 416 50.76 -108.68 -23.62
N PRO ZA 417 50.67 -107.43 -23.12
CA PRO ZA 417 50.22 -106.32 -23.95
C PRO ZA 417 51.14 -106.25 -25.14
N GLU ZA 418 50.59 -106.19 -26.35
CA GLU ZA 418 51.40 -106.20 -27.59
C GLU ZA 418 50.86 -105.17 -28.60
N GLN ZA 419 51.54 -105.01 -29.73
CA GLN ZA 419 51.10 -104.06 -30.78
C GLN ZA 419 51.05 -102.64 -30.18
N HIS ZA 420 49.90 -101.96 -30.22
CA HIS ZA 420 49.79 -100.55 -29.74
C HIS ZA 420 49.92 -100.50 -28.22
N GLN ZA 421 50.98 -99.86 -27.72
CA GLN ZA 421 51.19 -99.68 -26.25
C GLN ZA 421 50.53 -98.36 -25.84
N GLU ZA 422 50.23 -97.48 -26.80
CA GLU ZA 422 49.49 -96.26 -26.49
C GLU ZA 422 47.97 -96.49 -26.34
N LEU ZA 423 47.47 -97.63 -26.84
CA LEU ZA 423 46.06 -98.02 -26.71
C LEU ZA 423 45.76 -98.75 -25.39
N ILE ZA 424 46.78 -99.15 -24.63
CA ILE ZA 424 46.58 -99.76 -23.31
C ILE ZA 424 45.84 -98.76 -22.42
N ASN ZA 425 44.74 -99.21 -21.77
CA ASN ZA 425 43.92 -98.38 -20.84
C ASN ZA 425 44.18 -98.89 -19.41
N SER ZA 426 44.58 -98.03 -18.47
CA SER ZA 426 45.05 -98.43 -17.15
C SER ZA 426 44.45 -97.58 -16.02
N ASP ZA 427 44.48 -98.11 -14.79
CA ASP ZA 427 44.28 -97.38 -13.54
C ASP ZA 427 42.89 -96.72 -13.35
N LEU ZA 428 41.83 -97.39 -13.81
CA LEU ZA 428 40.43 -97.07 -13.49
C LEU ZA 428 39.72 -98.35 -13.05
N PRO ZA 429 38.65 -98.29 -12.24
CA PRO ZA 429 37.93 -99.50 -11.86
C PRO ZA 429 37.32 -100.16 -13.09
N GLN ZA 430 37.32 -101.50 -13.18
CA GLN ZA 430 36.93 -102.27 -14.41
C GLN ZA 430 35.59 -101.84 -15.05
N TRP ZA 431 34.60 -101.42 -14.29
CA TRP ZA 431 33.34 -100.92 -14.83
C TRP ZA 431 33.48 -99.56 -15.53
N LEU ZA 432 34.46 -98.74 -15.14
CA LEU ZA 432 34.82 -97.51 -15.84
C LEU ZA 432 35.86 -97.75 -16.93
N LEU ZA 433 36.83 -98.62 -16.68
CA LEU ZA 433 37.92 -98.93 -17.62
C LEU ZA 433 37.42 -99.55 -18.92
N LEU ZA 434 36.43 -100.45 -18.85
CA LEU ZA 434 35.89 -101.14 -20.01
C LEU ZA 434 34.85 -100.30 -20.77
N PHE ZA 435 34.21 -99.31 -20.14
CA PHE ZA 435 33.06 -98.61 -20.73
C PHE ZA 435 33.47 -97.85 -22.00
N GLY ZA 436 32.90 -98.22 -23.15
CA GLY ZA 436 33.20 -97.59 -24.44
C GLY ZA 436 34.62 -97.84 -24.97
N TYR ZA 437 35.47 -98.60 -24.29
CA TYR ZA 437 36.84 -98.84 -24.72
C TYR ZA 437 36.92 -99.61 -26.07
N PRO ZA 438 36.15 -100.70 -26.28
CA PRO ZA 438 36.09 -101.33 -27.59
C PRO ZA 438 35.67 -100.40 -28.73
N ASP ZA 439 34.72 -99.49 -28.50
CA ASP ZA 439 34.30 -98.53 -29.51
C ASP ZA 439 35.34 -97.45 -29.78
N TYR ZA 440 36.06 -96.98 -28.75
CA TYR ZA 440 37.21 -96.11 -28.97
C TYR ZA 440 38.24 -96.80 -29.87
N ILE ZA 441 38.52 -98.08 -29.63
CA ILE ZA 441 39.47 -98.85 -30.42
C ILE ZA 441 38.98 -99.04 -31.86
N LYS ZA 442 37.70 -99.41 -32.06
CA LYS ZA 442 37.11 -99.49 -33.41
C LYS ZA 442 37.17 -98.16 -34.15
N ARG ZA 443 36.78 -97.05 -33.51
CA ARG ZA 443 36.78 -95.70 -34.16
C ARG ZA 443 38.23 -95.26 -34.44
N THR ZA 444 39.19 -95.67 -33.60
CA THR ZA 444 40.61 -95.38 -33.83
C THR ZA 444 41.15 -96.07 -35.09
N GLN ZA 445 40.62 -97.24 -35.46
CA GLN ZA 445 40.97 -97.94 -36.74
C GLN ZA 445 42.46 -98.35 -36.81
N ASN ZA 446 43.16 -98.42 -35.68
CA ASN ZA 446 44.55 -98.89 -35.63
C ASN ZA 446 44.68 -100.43 -35.62
N PHE ZA 447 43.56 -101.16 -35.61
CA PHE ZA 447 43.50 -102.62 -35.71
C PHE ZA 447 42.63 -103.05 -36.89
N ALA ZA 448 42.88 -104.24 -37.43
CA ALA ZA 448 42.02 -104.83 -38.45
C ALA ZA 448 40.60 -105.03 -37.88
N LEU ZA 449 39.61 -104.49 -38.58
CA LEU ZA 449 38.35 -104.06 -37.95
C LEU ZA 449 37.49 -105.20 -37.38
N VAL ZA 450 37.64 -106.42 -37.89
CA VAL ZA 450 36.69 -107.50 -37.62
C VAL ZA 450 36.83 -108.10 -36.22
N ASP ZA 451 35.69 -108.28 -35.51
CA ASP ZA 451 35.69 -108.79 -34.11
C ASP ZA 451 36.36 -110.16 -33.99
N THR ZA 452 36.37 -110.95 -35.06
CA THR ZA 452 36.93 -112.31 -35.02
C THR ZA 452 38.45 -112.34 -34.95
N ASN ZA 453 39.14 -111.24 -35.24
CA ASN ZA 453 40.59 -111.23 -35.40
C ASN ZA 453 41.34 -110.69 -34.17
N TYR ZA 454 40.62 -110.29 -33.12
CA TYR ZA 454 41.19 -109.79 -31.88
C TYR ZA 454 40.49 -110.40 -30.66
N ILE ZA 455 41.18 -110.38 -29.53
CA ILE ZA 455 40.66 -110.70 -28.19
C ILE ZA 455 40.95 -109.50 -27.29
N LEU ZA 456 40.00 -109.18 -26.42
CA LEU ZA 456 40.15 -108.27 -25.30
C LEU ZA 456 40.68 -109.03 -24.08
N VAL ZA 457 41.73 -108.47 -23.47
CA VAL ZA 457 42.47 -109.02 -22.33
C VAL ZA 457 42.55 -107.95 -21.25
N ASP ZA 458 42.29 -108.28 -19.99
CA ASP ZA 458 42.38 -107.30 -18.90
C ASP ZA 458 42.98 -107.87 -17.63
N HIS ZA 459 43.70 -107.04 -16.88
CA HIS ZA 459 44.26 -107.38 -15.57
C HIS ZA 459 43.44 -106.70 -14.48
N CYS ZA 460 43.12 -107.44 -13.42
CA CYS ZA 460 42.38 -106.93 -12.28
C CYS ZA 460 42.75 -107.74 -11.02
N PRO ZA 461 43.46 -107.16 -10.05
CA PRO ZA 461 43.77 -107.80 -8.77
C PRO ZA 461 42.55 -108.21 -7.93
N TYR ZA 462 41.37 -107.66 -8.22
CA TYR ZA 462 40.28 -107.57 -7.25
C TYR ZA 462 39.18 -108.62 -7.42
N THR ZA 463 39.27 -109.55 -8.36
CA THR ZA 463 38.45 -110.76 -8.31
C THR ZA 463 38.89 -111.65 -7.15
N ASN ZA 464 37.95 -112.39 -6.55
CA ASN ZA 464 38.25 -113.19 -5.36
C ASN ZA 464 39.15 -114.41 -5.66
N PRO ZA 465 38.81 -115.29 -6.61
CA PRO ZA 465 39.80 -116.06 -7.35
C PRO ZA 465 40.51 -115.15 -8.35
N GLU ZA 466 41.64 -115.57 -8.91
CA GLU ZA 466 42.39 -114.77 -9.88
C GLU ZA 466 42.92 -115.60 -11.04
N LYS ZA 467 43.18 -114.93 -12.16
CA LYS ZA 467 44.05 -115.36 -13.27
C LYS ZA 467 44.85 -114.14 -13.71
N THR ZA 468 46.11 -114.31 -14.13
CA THR ZA 468 47.04 -113.18 -14.31
C THR ZA 468 46.48 -112.14 -15.27
N PRO ZA 469 46.23 -112.44 -16.56
CA PRO ZA 469 45.19 -111.77 -17.32
C PRO ZA 469 43.85 -112.53 -17.22
N PHE ZA 470 42.80 -111.82 -17.64
CA PHE ZA 470 41.47 -112.44 -17.79
C PHE ZA 470 41.15 -112.42 -19.28
N ILE ZA 471 40.48 -113.43 -19.81
CA ILE ZA 471 40.02 -113.41 -21.23
C ILE ZA 471 38.49 -113.51 -21.14
N PRO ZA 472 37.75 -112.44 -20.76
CA PRO ZA 472 36.33 -112.58 -20.51
C PRO ZA 472 35.62 -113.31 -21.66
N LEU ZA 473 34.67 -114.18 -21.37
CA LEU ZA 473 33.83 -114.87 -22.36
C LEU ZA 473 32.37 -114.77 -21.96
N SER ZA 474 31.50 -114.52 -22.93
CA SER ZA 474 30.06 -114.39 -22.66
C SER ZA 474 29.44 -115.74 -22.33
N THR ZA 475 28.40 -115.72 -21.51
CA THR ZA 475 27.62 -116.91 -21.16
C THR ZA 475 27.11 -117.64 -22.40
N SER ZA 476 26.79 -116.93 -23.49
CA SER ZA 476 26.43 -117.54 -24.77
C SER ZA 476 27.54 -118.44 -25.36
N PHE ZA 477 28.80 -118.01 -25.35
CA PHE ZA 477 29.92 -118.85 -25.82
C PHE ZA 477 30.25 -119.99 -24.86
N ILE ZA 478 30.12 -119.75 -23.55
CA ILE ZA 478 30.24 -120.76 -22.50
C ILE ZA 478 29.09 -121.79 -22.54
N GLU ZA 479 27.98 -121.47 -23.20
CA GLU ZA 479 26.80 -122.33 -23.39
C GLU ZA 479 26.60 -122.79 -24.84
N GLY ZA 480 27.55 -122.54 -25.75
CA GLY ZA 480 27.44 -123.02 -27.12
C GLY ZA 480 26.32 -122.38 -27.94
N ARG ZA 481 26.31 -121.03 -27.99
CA ARG ZA 481 25.23 -120.28 -28.68
C ARG ZA 481 25.78 -118.99 -29.32
N SER ZA 482 25.13 -118.47 -30.36
CA SER ZA 482 25.58 -117.25 -31.06
C SER ZA 482 25.59 -116.00 -30.16
N PRO ZA 483 26.45 -114.99 -30.44
CA PRO ZA 483 26.73 -113.88 -29.52
C PRO ZA 483 25.52 -113.17 -28.89
N TYR ZA 484 24.44 -112.99 -29.64
CA TYR ZA 484 23.18 -112.39 -29.18
C TYR ZA 484 21.96 -113.25 -29.54
N SER ZA 485 22.05 -114.57 -29.36
CA SER ZA 485 20.97 -115.52 -29.66
C SER ZA 485 20.23 -115.97 -28.39
N PRO ZA 486 18.89 -116.10 -28.42
CA PRO ZA 486 18.09 -116.42 -27.24
C PRO ZA 486 18.42 -117.82 -26.67
N SER ZA 487 18.39 -117.92 -25.34
CA SER ZA 487 18.82 -119.09 -24.56
C SER ZA 487 18.10 -120.41 -24.89
N ASP ZA 488 16.95 -120.37 -25.58
CA ASP ZA 488 16.24 -121.61 -26.02
C ASP ZA 488 17.11 -122.36 -27.04
N THR ZA 489 18.01 -121.65 -27.72
CA THR ZA 489 18.93 -122.22 -28.70
C THR ZA 489 20.11 -122.93 -28.00
N HIS ZA 490 20.56 -124.08 -28.55
CA HIS ZA 490 21.68 -124.87 -27.97
C HIS ZA 490 22.74 -125.17 -29.04
N GLU ZA 491 22.84 -124.37 -30.10
CA GLU ZA 491 23.86 -124.45 -31.14
C GLU ZA 491 24.13 -123.05 -31.72
N PRO ZA 492 25.34 -122.75 -32.18
CA PRO ZA 492 25.56 -121.58 -33.02
C PRO ZA 492 24.77 -121.65 -34.35
N ASP ZA 493 24.42 -120.50 -34.92
CA ASP ZA 493 23.98 -120.37 -36.32
C ASP ZA 493 25.16 -120.62 -37.27
N GLU ZA 494 24.93 -121.04 -38.52
CA GLU ZA 494 25.98 -121.58 -39.41
C GLU ZA 494 27.26 -120.74 -39.50
N GLU ZA 495 27.14 -119.42 -39.58
CA GLU ZA 495 28.31 -118.52 -39.64
C GLU ZA 495 29.09 -118.44 -38.31
N ASP ZA 496 28.44 -118.70 -37.18
CA ASP ZA 496 29.08 -118.90 -35.87
C ASP ZA 496 29.41 -120.39 -35.58
N GLN ZA 497 28.87 -121.35 -36.33
CA GLN ZA 497 29.36 -122.73 -36.29
C GLN ZA 497 30.76 -122.80 -36.89
N ASN ZA 498 30.99 -122.06 -37.97
CA ASN ZA 498 32.33 -121.63 -38.38
C ASN ZA 498 32.89 -120.57 -37.41
N ARG ZA 499 34.24 -120.49 -37.40
CA ARG ZA 499 34.97 -119.52 -36.57
C ARG ZA 499 34.58 -119.66 -35.09
N TRP ZA 500 34.29 -120.88 -34.60
CA TRP ZA 500 33.89 -121.13 -33.20
C TRP ZA 500 35.12 -121.17 -32.28
N TYR ZA 501 35.75 -120.03 -32.07
CA TYR ZA 501 36.97 -119.90 -31.25
C TYR ZA 501 37.01 -118.55 -30.51
N PRO ZA 502 37.77 -118.41 -29.42
CA PRO ZA 502 37.88 -117.17 -28.67
C PRO ZA 502 38.20 -115.93 -29.53
N CYS ZA 503 37.31 -114.95 -29.52
CA CYS ZA 503 37.50 -113.65 -30.15
C CYS ZA 503 36.51 -112.64 -29.57
N TYR ZA 504 36.74 -111.35 -29.79
CA TYR ZA 504 35.99 -110.24 -29.21
C TYR ZA 504 34.47 -110.35 -29.47
N GLN ZA 505 34.05 -110.93 -30.58
CA GLN ZA 505 32.60 -111.11 -30.89
C GLN ZA 505 31.90 -111.94 -29.80
N TYR ZA 506 32.58 -112.92 -29.21
CA TYR ZA 506 32.03 -113.73 -28.12
C TYR ZA 506 32.26 -113.11 -26.73
N GLN ZA 507 33.09 -112.08 -26.60
CA GLN ZA 507 33.35 -111.41 -25.32
C GLN ZA 507 32.38 -110.28 -24.98
N GLN ZA 508 31.64 -109.76 -25.97
CA GLN ZA 508 30.87 -108.51 -25.85
C GLN ZA 508 29.90 -108.47 -24.67
N GLU ZA 509 29.09 -109.51 -24.47
CA GLU ZA 509 28.11 -109.52 -23.39
C GLU ZA 509 28.79 -109.58 -22.01
N SER ZA 510 29.95 -110.24 -21.88
CA SER ZA 510 30.68 -110.27 -20.61
C SER ZA 510 31.21 -108.90 -20.19
N ILE ZA 511 31.80 -108.13 -21.09
CA ILE ZA 511 32.29 -106.79 -20.74
C ILE ZA 511 31.15 -105.80 -20.57
N ASN ZA 512 30.02 -105.97 -21.27
CA ASN ZA 512 28.82 -105.21 -20.97
C ASN ZA 512 28.32 -105.52 -19.56
N SER ZA 513 28.32 -106.80 -19.15
CA SER ZA 513 27.93 -107.21 -17.81
C SER ZA 513 28.83 -106.63 -16.71
N ILE ZA 514 30.14 -106.54 -16.95
CA ILE ZA 514 31.07 -105.84 -16.06
C ILE ZA 514 30.74 -104.34 -15.99
N CYS ZA 515 30.47 -103.67 -17.11
CA CYS ZA 515 30.04 -102.27 -17.11
C CYS ZA 515 28.72 -102.04 -16.39
N LEU ZA 516 27.75 -102.95 -16.53
CA LEU ZA 516 26.49 -102.92 -15.80
C LEU ZA 516 26.68 -103.07 -14.28
N SER ZA 517 27.79 -103.62 -13.81
CA SER ZA 517 28.08 -103.61 -12.37
C SER ZA 517 28.39 -102.20 -11.85
N GLY ZA 518 28.78 -101.26 -12.71
CA GLY ZA 518 29.07 -99.88 -12.34
C GLY ZA 518 27.82 -99.04 -12.07
N PRO ZA 519 27.97 -97.94 -11.31
CA PRO ZA 519 26.84 -97.08 -10.94
C PRO ZA 519 26.25 -96.31 -12.12
N GLY ZA 520 24.99 -95.90 -11.97
CA GLY ZA 520 24.21 -95.12 -12.92
C GLY ZA 520 23.65 -95.91 -14.11
N THR ZA 521 24.10 -97.14 -14.34
CA THR ZA 521 23.67 -97.95 -15.48
C THR ZA 521 22.20 -98.37 -15.34
N PRO ZA 522 21.35 -98.16 -16.35
CA PRO ZA 522 19.91 -98.35 -16.23
C PRO ZA 522 19.46 -99.82 -16.18
N LYS ZA 523 18.25 -100.03 -15.65
CA LYS ZA 523 17.51 -101.29 -15.69
C LYS ZA 523 16.49 -101.24 -16.82
N ILE ZA 524 16.61 -102.10 -17.83
CA ILE ZA 524 15.67 -102.15 -18.96
C ILE ZA 524 15.11 -103.58 -19.04
N PRO ZA 525 13.80 -103.80 -18.93
CA PRO ZA 525 13.22 -105.14 -19.05
C PRO ZA 525 13.56 -105.80 -20.39
N LYS ZA 526 13.80 -107.12 -20.39
CA LYS ZA 526 14.11 -107.86 -21.63
C LYS ZA 526 12.95 -107.74 -22.62
N GLY ZA 527 13.28 -107.50 -23.89
CA GLY ZA 527 12.33 -107.23 -24.96
C GLY ZA 527 11.83 -105.79 -25.08
N ILE ZA 528 12.26 -104.87 -24.19
CA ILE ZA 528 11.99 -103.43 -24.30
C ILE ZA 528 13.24 -102.73 -24.81
N THR ZA 529 13.07 -101.82 -25.78
CA THR ZA 529 14.13 -100.93 -26.25
C THR ZA 529 13.84 -99.53 -25.74
N ALA ZA 530 14.76 -98.96 -24.97
CA ALA ZA 530 14.70 -97.57 -24.56
C ALA ZA 530 15.26 -96.67 -25.67
N GLU ZA 531 14.73 -95.46 -25.81
CA GLU ZA 531 15.08 -94.55 -26.90
C GLU ZA 531 15.15 -93.12 -26.36
N ALA ZA 532 15.91 -92.25 -27.00
CA ALA ZA 532 15.90 -90.82 -26.72
C ALA ZA 532 16.02 -90.04 -28.03
N LYS ZA 533 15.41 -88.86 -28.08
CA LYS ZA 533 15.44 -87.98 -29.25
C LYS ZA 533 15.59 -86.52 -28.88
N VAL ZA 534 16.19 -85.76 -29.78
CA VAL ZA 534 16.25 -84.30 -29.75
C VAL ZA 534 15.57 -83.77 -31.00
N LYS ZA 535 14.89 -82.62 -30.90
CA LYS ZA 535 14.48 -81.84 -32.07
C LYS ZA 535 15.46 -80.69 -32.23
N TYR ZA 536 16.03 -80.56 -33.42
CA TYR ZA 536 17.00 -79.52 -33.73
C TYR ZA 536 16.43 -78.49 -34.68
N SER ZA 537 16.99 -77.29 -34.63
CA SER ZA 537 16.77 -76.24 -35.61
C SER ZA 537 18.07 -75.48 -35.83
N PHE ZA 538 18.78 -75.77 -36.92
CA PHE ZA 538 19.98 -75.03 -37.29
C PHE ZA 538 19.61 -73.80 -38.12
N ASN ZA 539 20.16 -72.65 -37.78
CA ASN ZA 539 19.83 -71.39 -38.43
C ASN ZA 539 20.91 -71.01 -39.44
N PHE ZA 540 20.53 -70.87 -40.69
CA PHE ZA 540 21.40 -70.48 -41.80
C PHE ZA 540 20.78 -69.31 -42.55
N LYS ZA 541 21.61 -68.59 -43.28
CA LYS ZA 541 21.18 -67.75 -44.40
C LYS ZA 541 21.89 -68.24 -45.65
N TRP ZA 542 21.23 -68.18 -46.79
CA TRP ZA 542 21.80 -68.44 -48.10
C TRP ZA 542 21.97 -67.12 -48.84
N GLY ZA 543 23.10 -66.91 -49.49
CA GLY ZA 543 23.44 -65.66 -50.14
C GLY ZA 543 23.82 -65.85 -51.60
N GLY ZA 544 23.48 -64.89 -52.44
CA GLY ZA 544 23.87 -64.92 -53.86
C GLY ZA 544 23.34 -63.75 -54.66
N ASP ZA 545 23.71 -63.71 -55.93
CA ASP ZA 545 23.01 -62.92 -56.94
C ASP ZA 545 21.63 -63.52 -57.25
N LEU ZA 546 20.72 -62.70 -57.76
CA LEU ZA 546 19.32 -63.10 -57.98
C LEU ZA 546 19.22 -64.32 -58.95
N PRO ZA 547 18.47 -65.37 -58.59
CA PRO ZA 547 18.33 -66.56 -59.41
C PRO ZA 547 17.24 -66.41 -60.51
N PRO ZA 548 17.23 -67.30 -61.52
CA PRO ZA 548 16.15 -67.42 -62.49
C PRO ZA 548 14.90 -68.12 -61.93
N MET ZA 549 13.77 -68.08 -62.66
CA MET ZA 549 12.48 -68.63 -62.24
C MET ZA 549 11.60 -69.01 -63.47
N SER ZA 550 10.58 -69.85 -63.31
CA SER ZA 550 9.66 -70.29 -64.38
C SER ZA 550 8.18 -70.29 -63.95
N THR ZA 551 7.27 -70.35 -64.92
CA THR ZA 551 5.82 -70.13 -64.75
C THR ZA 551 4.96 -71.17 -65.48
N ILE ZA 552 3.68 -71.25 -65.10
CA ILE ZA 552 2.71 -72.26 -65.53
C ILE ZA 552 1.55 -71.59 -66.29
N THR ZA 553 0.99 -72.25 -67.32
CA THR ZA 553 -0.15 -71.71 -68.08
C THR ZA 553 -1.35 -71.44 -67.17
N ASN ZA 554 -2.10 -70.37 -67.40
CA ASN ZA 554 -3.33 -70.11 -66.65
C ASN ZA 554 -4.48 -71.10 -66.94
N PRO ZA 555 -4.80 -71.47 -68.20
CA PRO ZA 555 -5.94 -72.33 -68.48
C PRO ZA 555 -5.81 -73.72 -67.90
N THR ZA 556 -4.62 -74.35 -68.00
CA THR ZA 556 -4.38 -75.68 -67.40
C THR ZA 556 -3.75 -75.47 -66.03
N ASP ZA 557 -4.55 -75.13 -65.02
CA ASP ZA 557 -4.03 -74.83 -63.66
C ASP ZA 557 -5.05 -75.29 -62.63
N GLN ZA 558 -4.75 -75.17 -61.33
CA GLN ZA 558 -5.67 -75.59 -60.25
C GLN ZA 558 -7.09 -75.13 -60.63
N PRO ZA 559 -8.05 -76.03 -60.91
CA PRO ZA 559 -9.38 -75.62 -61.34
C PRO ZA 559 -10.30 -75.28 -60.18
N THR ZA 560 -11.14 -74.26 -60.34
CA THR ZA 560 -12.11 -73.91 -59.28
C THR ZA 560 -13.12 -75.05 -59.10
N TYR ZA 561 -13.70 -75.21 -57.90
CA TYR ZA 561 -14.68 -76.27 -57.61
C TYR ZA 561 -15.85 -76.31 -58.62
N VAL ZA 562 -16.22 -75.15 -59.18
CA VAL ZA 562 -17.24 -74.99 -60.22
C VAL ZA 562 -16.89 -75.81 -61.46
N LYS AB 48 45.28 56.04 17.99
CA LYS AB 48 46.73 55.72 17.90
C LYS AB 48 47.41 56.49 16.77
N ARG AB 49 47.10 56.18 15.51
CA ARG AB 49 47.57 56.92 14.32
C ARG AB 49 46.45 57.09 13.30
N LEU AB 50 46.41 58.23 12.63
CA LEU AB 50 45.37 58.59 11.67
C LEU AB 50 45.98 58.90 10.29
N ASN AB 51 45.23 58.63 9.24
CA ASN AB 51 45.55 59.14 7.91
C ASN AB 51 45.45 60.67 7.89
N ILE AB 52 46.42 61.33 7.26
CA ILE AB 52 46.30 62.75 6.95
C ILE AB 52 45.31 62.91 5.80
N VAL AB 53 44.39 63.86 5.93
CA VAL AB 53 43.28 64.12 5.00
C VAL AB 53 43.32 65.57 4.59
N GLU AB 54 42.98 65.85 3.33
CA GLU AB 54 42.86 67.19 2.78
C GLU AB 54 41.44 67.42 2.26
N TRP AB 55 40.92 68.64 2.37
CA TRP AB 55 39.62 69.00 1.81
C TRP AB 55 39.79 69.56 0.41
N GLN AB 56 39.11 68.91 -0.53
CA GLN AB 56 39.25 69.24 -1.97
C GLN AB 56 38.77 70.67 -2.24
N PRO AB 57 39.46 71.41 -3.13
CA PRO AB 57 39.11 72.79 -3.44
C PRO AB 57 37.80 72.90 -4.23
N LYS AB 58 37.19 74.09 -4.20
CA LYS AB 58 35.83 74.33 -4.68
C LYS AB 58 35.62 74.04 -6.17
N SER AB 59 36.59 74.40 -7.02
CA SER AB 59 36.59 74.07 -8.45
C SER AB 59 37.94 73.49 -8.88
N ILE AB 60 37.88 72.47 -9.74
CA ILE AB 60 39.04 71.71 -10.20
C ILE AB 60 38.99 71.55 -11.72
N ARG AB 61 40.15 71.72 -12.40
CA ARG AB 61 40.24 71.57 -13.88
C ARG AB 61 41.49 70.79 -14.33
N LYS AB 62 41.32 69.56 -14.82
CA LYS AB 62 42.43 68.74 -15.35
C LYS AB 62 43.11 69.44 -16.52
N CYS AB 63 44.44 69.40 -16.56
CA CYS AB 63 45.24 69.92 -17.66
C CYS AB 63 46.40 69.00 -17.97
N ARG AB 64 46.46 68.51 -19.23
CA ARG AB 64 47.61 67.71 -19.72
C ARG AB 64 48.54 68.61 -20.55
N ILE AB 65 49.70 68.98 -19.99
CA ILE AB 65 50.68 69.78 -20.73
C ILE AB 65 51.38 68.84 -21.71
N LYS AB 66 51.02 68.91 -22.99
CA LYS AB 66 51.44 67.98 -24.05
C LYS AB 66 52.42 68.67 -24.98
N GLY AB 67 53.51 68.03 -25.35
CA GLY AB 67 54.50 68.62 -26.26
C GLY AB 67 55.60 67.68 -26.67
N MET AB 68 56.60 68.21 -27.36
CA MET AB 68 57.72 67.47 -27.95
C MET AB 68 59.04 68.04 -27.40
N LEU AB 69 59.95 67.19 -26.95
CA LEU AB 69 61.26 67.59 -26.41
C LEU AB 69 62.39 66.95 -27.22
N CYS AB 70 63.34 67.75 -27.68
CA CYS AB 70 64.56 67.26 -28.31
C CYS AB 70 65.53 66.70 -27.26
N LEU AB 71 65.91 65.42 -27.37
CA LEU AB 71 66.83 64.77 -26.43
C LEU AB 71 68.28 65.08 -26.75
N PHE AB 72 68.66 65.04 -28.01
CA PHE AB 72 69.94 65.52 -28.51
C PHE AB 72 69.80 65.85 -29.99
N GLN AB 73 70.71 66.66 -30.50
CA GLN AB 73 70.97 66.74 -31.93
C GLN AB 73 72.46 66.90 -32.13
N THR AB 74 73.09 65.97 -32.84
CA THR AB 74 74.53 65.75 -32.80
C THR AB 74 75.13 65.47 -34.18
N THR AB 75 76.35 65.95 -34.39
CA THR AB 75 77.28 65.45 -35.40
C THR AB 75 78.30 64.53 -34.72
N GLU AB 76 79.16 63.85 -35.48
CA GLU AB 76 80.20 62.97 -34.93
C GLU AB 76 81.23 63.71 -34.05
N ASP AB 77 81.57 64.95 -34.40
CA ASP AB 77 82.54 65.79 -33.70
C ASP AB 77 81.99 66.44 -32.42
N ARG AB 78 80.72 66.19 -32.08
CA ARG AB 78 80.08 66.65 -30.85
C ARG AB 78 79.52 65.52 -29.97
N LEU AB 79 79.77 64.26 -30.29
CA LEU AB 79 79.18 63.13 -29.57
C LEU AB 79 79.49 63.08 -28.07
N SER AB 80 80.70 63.47 -27.67
CA SER AB 80 81.12 63.43 -26.26
C SER AB 80 80.67 64.64 -25.42
N TYR AB 81 79.88 65.56 -25.99
CA TYR AB 81 79.46 66.79 -25.32
C TYR AB 81 77.97 66.82 -25.02
N ASN AB 82 77.59 67.53 -23.95
CA ASN AB 82 76.21 67.72 -23.53
C ASN AB 82 75.46 68.69 -24.48
N PHE AB 83 74.33 68.25 -25.02
CA PHE AB 83 73.42 69.07 -25.79
C PHE AB 83 72.56 69.96 -24.89
N ASP AB 84 72.76 71.27 -24.99
CA ASP AB 84 71.81 72.28 -24.53
C ASP AB 84 71.15 72.94 -25.74
N MET AB 85 69.82 72.98 -25.76
CA MET AB 85 69.07 73.60 -26.86
C MET AB 85 69.15 75.14 -26.81
N TYR AB 86 69.33 75.69 -25.61
CA TYR AB 86 69.51 77.10 -25.35
C TYR AB 86 70.98 77.35 -24.96
N GLU AB 87 71.71 77.96 -25.86
CA GLU AB 87 73.15 77.78 -26.04
C GLU AB 87 74.07 78.74 -25.26
N GLU AB 88 75.34 78.34 -25.11
CA GLU AB 88 76.45 79.30 -25.00
C GLU AB 88 76.67 79.82 -26.42
N SER AB 89 76.45 81.12 -26.66
CA SER AB 89 76.13 81.70 -27.98
C SER AB 89 77.10 81.41 -29.13
N ILE AB 90 78.32 80.98 -28.84
CA ILE AB 90 79.30 80.54 -29.84
C ILE AB 90 79.03 79.11 -30.37
N ILE AB 91 78.46 78.21 -29.55
CA ILE AB 91 78.30 76.79 -29.91
C ILE AB 91 77.50 76.60 -31.21
N PRO AB 92 76.31 77.18 -31.43
CA PRO AB 92 75.59 76.96 -32.67
C PRO AB 92 76.18 77.67 -33.89
N GLU AB 93 77.16 78.58 -33.74
CA GLU AB 93 77.81 79.22 -34.88
C GLU AB 93 78.64 78.20 -35.65
N LYS AB 94 78.17 77.82 -36.84
CA LYS AB 94 78.77 76.80 -37.72
C LYS AB 94 78.84 75.39 -37.09
N LEU AB 95 77.97 75.06 -36.14
CA LEU AB 95 77.67 73.67 -35.76
C LEU AB 95 76.16 73.37 -35.87
N PRO AB 96 75.74 72.37 -36.66
CA PRO AB 96 74.32 72.03 -36.81
C PRO AB 96 73.77 71.18 -35.65
N GLY AB 97 74.62 70.58 -34.83
CA GLY AB 97 74.23 69.87 -33.61
C GLY AB 97 75.27 70.02 -32.50
N GLY AB 98 74.83 70.36 -31.29
CA GLY AB 98 75.71 70.78 -30.21
C GLY AB 98 76.24 69.68 -29.30
N GLY AB 99 75.63 68.50 -29.26
CA GLY AB 99 76.03 67.46 -28.32
C GLY AB 99 75.30 66.13 -28.51
N GLY AB 100 75.96 65.02 -28.17
CA GLY AB 100 75.45 63.66 -28.36
C GLY AB 100 74.83 63.01 -27.14
N PHE AB 101 74.83 63.69 -26.01
CA PHE AB 101 74.09 63.28 -24.82
C PHE AB 101 73.42 64.49 -24.20
N SER AB 102 72.40 64.33 -23.38
CA SER AB 102 71.91 65.42 -22.55
C SER AB 102 71.43 64.93 -21.19
N ILE AB 103 71.44 65.85 -20.24
CA ILE AB 103 70.66 65.74 -19.02
C ILE AB 103 69.61 66.86 -19.04
N LYS AB 104 68.34 66.49 -19.04
CA LYS AB 104 67.18 67.41 -19.00
C LYS AB 104 66.57 67.38 -17.62
N ASN AB 105 66.34 68.53 -17.00
CA ASN AB 105 65.45 68.65 -15.84
C ASN AB 105 64.17 69.35 -16.28
N ILE AB 106 63.00 68.78 -15.98
CA ILE AB 106 61.71 69.36 -16.31
C ILE AB 106 61.02 69.85 -15.04
N SER AB 107 60.55 71.09 -15.07
CA SER AB 107 59.75 71.71 -14.02
C SER AB 107 58.58 72.44 -14.66
N LEU AB 108 57.53 72.72 -13.88
CA LEU AB 108 56.36 73.45 -14.37
C LEU AB 108 56.73 74.83 -14.95
N TYR AB 109 57.76 75.49 -14.42
CA TYR AB 109 58.27 76.71 -15.02
C TYR AB 109 59.00 76.47 -16.35
N ALA AB 110 59.79 75.41 -16.48
CA ALA AB 110 60.37 75.02 -17.75
C ALA AB 110 59.30 74.63 -18.79
N LEU AB 111 58.21 73.97 -18.38
CA LEU AB 111 57.06 73.72 -19.24
C LEU AB 111 56.38 75.01 -19.71
N TYR AB 112 56.23 76.00 -18.84
CA TYR AB 112 55.77 77.33 -19.23
C TYR AB 112 56.74 78.02 -20.20
N GLN AB 113 58.05 77.93 -20.00
CA GLN AB 113 59.02 78.47 -20.94
C GLN AB 113 58.95 77.77 -22.31
N GLU AB 114 58.76 76.46 -22.36
CA GLU AB 114 58.51 75.75 -23.62
C GLU AB 114 57.20 76.18 -24.29
N HIS AB 115 56.22 76.66 -23.54
CA HIS AB 115 54.96 77.21 -24.11
C HIS AB 115 55.22 78.56 -24.77
N ILE AB 116 56.17 79.34 -24.26
CA ILE AB 116 56.59 80.60 -24.89
C ILE AB 116 57.31 80.36 -26.22
N HIS AB 117 58.05 79.25 -26.36
CA HIS AB 117 58.60 78.78 -27.63
C HIS AB 117 57.59 78.06 -28.53
N ALA AB 118 56.32 77.97 -28.13
CA ALA AB 118 55.26 77.22 -28.81
C ALA AB 118 55.56 75.71 -28.96
N HIS AB 119 56.41 75.14 -28.11
CA HIS AB 119 56.77 73.72 -28.16
C HIS AB 119 55.76 72.80 -27.47
N ASN AB 120 54.80 73.34 -26.72
CA ASN AB 120 53.75 72.57 -26.07
C ASN AB 120 52.41 73.31 -26.06
N ILE AB 121 51.35 72.56 -25.75
CA ILE AB 121 50.02 73.07 -25.45
C ILE AB 121 49.70 72.79 -23.99
N PHE AB 122 48.93 73.67 -23.35
CA PHE AB 122 48.26 73.38 -22.09
C PHE AB 122 46.80 73.09 -22.41
N THR AB 123 46.31 71.91 -22.08
CA THR AB 123 44.93 71.50 -22.39
C THR AB 123 43.87 72.35 -21.69
N HIS AB 124 44.25 72.97 -20.57
CA HIS AB 124 43.39 73.92 -19.85
C HIS AB 124 44.30 75.01 -19.29
N THR AB 125 43.92 76.28 -19.39
CA THR AB 125 44.65 77.39 -18.76
C THR AB 125 44.59 77.32 -17.24
N ASN AB 126 45.54 78.00 -16.60
CA ASN AB 126 45.73 78.05 -15.16
C ASN AB 126 45.54 79.47 -14.58
N THR AB 127 44.99 80.42 -15.34
CA THR AB 127 45.11 81.86 -15.04
C THR AB 127 44.47 82.27 -13.71
N ASP AB 128 43.38 81.64 -13.33
CA ASP AB 128 42.57 82.03 -12.16
C ASP AB 128 42.36 80.90 -11.15
N ARG AB 129 43.18 79.84 -11.25
CA ARG AB 129 43.18 78.70 -10.28
C ARG AB 129 44.64 78.58 -9.81
N PRO AB 130 45.01 79.07 -8.61
CA PRO AB 130 46.41 79.17 -8.18
C PRO AB 130 46.99 77.87 -7.61
N LEU AB 131 46.17 76.90 -7.23
CA LEU AB 131 46.61 75.60 -6.73
C LEU AB 131 46.92 74.65 -7.89
N ALA AB 132 47.86 73.74 -7.68
CA ALA AB 132 48.23 72.68 -8.59
C ALA AB 132 48.33 71.33 -7.86
N ARG AB 133 47.94 70.26 -8.57
CA ARG AB 133 48.04 68.86 -8.04
C ARG AB 133 48.65 67.98 -9.15
N TYR AB 134 49.99 67.84 -9.17
CA TYR AB 134 50.71 67.04 -10.16
C TYR AB 134 50.49 65.54 -9.95
N THR AB 135 50.15 64.81 -11.00
CA THR AB 135 49.74 63.40 -10.92
C THR AB 135 50.74 62.44 -11.58
N GLY AB 136 51.72 62.95 -12.31
CA GLY AB 136 52.72 62.15 -13.02
C GLY AB 136 52.81 62.49 -14.50
N CYS AB 137 53.64 61.75 -15.22
CA CYS AB 137 53.97 62.01 -16.60
C CYS AB 137 53.83 60.76 -17.47
N SER AB 138 53.46 60.92 -18.73
CA SER AB 138 53.63 59.91 -19.77
C SER AB 138 54.69 60.38 -20.77
N LEU AB 139 55.66 59.53 -21.08
CA LEU AB 139 56.63 59.78 -22.14
C LEU AB 139 56.44 58.77 -23.27
N LYS AB 140 56.50 59.22 -24.53
CA LYS AB 140 56.64 58.38 -25.72
C LYS AB 140 57.98 58.70 -26.38
N PHE AB 141 58.90 57.76 -26.36
CA PHE AB 141 60.22 57.89 -26.97
C PHE AB 141 60.16 57.34 -28.38
N TYR AB 142 60.49 58.13 -29.40
CA TYR AB 142 60.39 57.70 -30.79
C TYR AB 142 61.70 57.12 -31.29
N GLN AB 143 61.61 56.05 -32.09
CA GLN AB 143 62.75 55.59 -32.87
C GLN AB 143 63.21 56.69 -33.82
N SER AB 144 64.47 57.08 -33.75
CA SER AB 144 65.06 57.92 -34.79
C SER AB 144 65.27 57.12 -36.08
N LYS AB 145 65.42 57.80 -37.21
CA LYS AB 145 65.69 57.14 -38.48
C LYS AB 145 67.07 56.48 -38.49
N ASP AB 146 68.11 57.23 -38.13
CA ASP AB 146 69.51 56.85 -38.37
C ASP AB 146 70.33 56.46 -37.14
N ILE AB 147 69.87 56.79 -35.92
CA ILE AB 147 70.70 56.60 -34.69
C ILE AB 147 69.91 55.90 -33.57
N ASP AB 148 70.57 55.01 -32.82
CA ASP AB 148 69.93 54.34 -31.67
C ASP AB 148 70.17 55.26 -30.48
N TYR AB 149 69.59 55.01 -29.31
CA TYR AB 149 69.91 55.85 -28.13
C TYR AB 149 69.41 55.24 -26.84
N VAL AB 150 70.17 55.37 -25.77
CA VAL AB 150 69.83 54.89 -24.43
C VAL AB 150 69.20 56.05 -23.67
N VAL AB 151 68.12 55.80 -22.96
CA VAL AB 151 67.53 56.74 -22.00
C VAL AB 151 67.57 56.11 -20.61
N THR AB 152 67.80 56.92 -19.59
CA THR AB 152 67.37 56.59 -18.23
C THR AB 152 66.86 57.86 -17.56
N TYR AB 153 65.92 57.72 -16.64
CA TYR AB 153 65.27 58.86 -16.00
C TYR AB 153 65.22 58.66 -14.49
N SER AB 154 65.09 59.76 -13.76
CA SER AB 154 65.00 59.75 -12.31
C SER AB 154 63.98 60.76 -11.83
N THR AB 155 63.46 60.59 -10.61
CA THR AB 155 62.52 61.57 -10.00
C THR AB 155 62.89 61.79 -8.55
N SER AB 156 64.12 61.50 -8.13
CA SER AB 156 64.57 61.85 -6.77
C SER AB 156 64.47 63.38 -6.65
N LEU AB 157 63.52 63.90 -5.87
CA LEU AB 157 63.31 65.37 -5.80
C LEU AB 157 64.66 66.09 -5.65
N PRO AB 158 65.59 65.64 -4.77
CA PRO AB 158 66.90 66.27 -4.69
C PRO AB 158 67.56 66.24 -6.07
N LEU AB 159 67.84 67.40 -6.65
CA LEU AB 159 68.46 67.50 -8.00
C LEU AB 159 69.92 67.96 -7.85
N ARG AB 160 70.87 67.21 -8.42
CA ARG AB 160 72.31 67.59 -8.37
C ARG AB 160 73.05 66.88 -9.51
N SER AB 161 74.24 67.37 -9.87
CA SER AB 161 75.09 66.76 -10.92
C SER AB 161 76.30 66.10 -10.26
N SER AB 162 76.90 65.10 -10.90
CA SER AB 162 78.08 64.39 -10.34
C SER AB 162 79.08 64.03 -11.45
N MET AB 163 80.36 63.90 -11.12
CA MET AB 163 81.38 63.50 -12.08
C MET AB 163 81.15 62.07 -12.59
N GLY AB 164 80.73 61.17 -11.71
CA GLY AB 164 80.33 59.80 -12.05
C GLY AB 164 79.10 59.74 -12.94
N MET AB 165 78.11 60.62 -12.73
CA MET AB 165 76.97 60.74 -13.66
C MET AB 165 77.44 61.09 -15.07
N TYR AB 166 78.25 62.12 -15.24
CA TYR AB 166 78.69 62.56 -16.57
C TYR AB 166 79.58 61.50 -17.26
N ASN AB 167 80.46 60.82 -16.54
CA ASN AB 167 81.19 59.69 -17.12
C ASN AB 167 80.25 58.54 -17.49
N SER AB 168 79.28 58.22 -16.64
CA SER AB 168 78.33 57.13 -16.91
C SER AB 168 77.39 57.41 -18.09
N MET AB 169 77.35 58.64 -18.62
CA MET AB 169 76.68 58.96 -19.88
C MET AB 169 77.37 58.33 -21.09
N GLN AB 170 78.61 57.84 -20.98
CA GLN AB 170 79.30 57.18 -22.07
C GLN AB 170 78.43 56.03 -22.59
N PRO AB 171 78.22 55.88 -23.91
CA PRO AB 171 77.16 55.02 -24.42
C PRO AB 171 77.23 53.57 -23.97
N SER AB 172 78.41 52.97 -23.89
CA SER AB 172 78.61 51.61 -23.39
C SER AB 172 78.27 51.48 -21.90
N ILE AB 173 78.68 52.46 -21.09
CA ILE AB 173 78.41 52.47 -19.65
C ILE AB 173 76.94 52.70 -19.36
N HIS AB 174 76.31 53.67 -20.03
CA HIS AB 174 74.89 53.92 -19.91
C HIS AB 174 74.08 52.69 -20.35
N LEU AB 175 74.45 52.05 -21.45
CA LEU AB 175 73.81 50.80 -21.90
C LEU AB 175 73.95 49.63 -20.90
N MET AB 176 74.96 49.62 -20.02
CA MET AB 176 75.04 48.61 -18.96
C MET AB 176 74.16 48.89 -17.74
N GLN AB 177 73.73 50.13 -17.51
CA GLN AB 177 72.99 50.49 -16.30
C GLN AB 177 71.63 49.79 -16.19
N GLN AB 178 71.17 49.59 -14.95
CA GLN AB 178 69.82 49.10 -14.67
C GLN AB 178 68.77 50.17 -14.92
N ASN AB 179 67.55 49.76 -15.28
CA ASN AB 179 66.43 50.65 -15.62
C ASN AB 179 66.78 51.65 -16.74
N LYS AB 180 67.65 51.24 -17.66
CA LYS AB 180 67.81 51.84 -18.97
C LYS AB 180 66.59 51.55 -19.84
N LEU AB 181 66.41 52.35 -20.87
CA LEU AB 181 65.57 52.08 -22.02
C LEU AB 181 66.43 52.24 -23.26
N ILE AB 182 66.51 51.21 -24.11
CA ILE AB 182 67.21 51.29 -25.39
C ILE AB 182 66.15 51.52 -26.46
N VAL AB 183 66.36 52.52 -27.31
CA VAL AB 183 65.53 52.79 -28.47
C VAL AB 183 66.35 52.53 -29.72
N PRO AB 184 66.17 51.38 -30.40
CA PRO AB 184 66.82 51.13 -31.67
C PRO AB 184 66.30 52.12 -32.72
N SER AB 185 67.14 52.51 -33.66
CA SER AB 185 66.70 53.23 -34.84
C SER AB 185 65.74 52.37 -35.68
N LYS AB 186 64.98 53.02 -36.57
CA LYS AB 186 64.13 52.31 -37.53
C LYS AB 186 64.93 51.40 -38.46
N GLN AB 187 66.18 51.76 -38.74
CA GLN AB 187 67.12 50.92 -39.48
C GLN AB 187 67.55 49.68 -38.71
N THR AB 188 67.91 49.77 -37.42
CA THR AB 188 68.36 48.60 -36.66
C THR AB 188 67.22 47.69 -36.21
N GLN AB 189 65.99 48.19 -36.02
CA GLN AB 189 64.83 47.33 -35.76
C GLN AB 189 63.53 47.99 -36.21
N LYS AB 190 62.81 47.37 -37.16
CA LYS AB 190 61.41 47.68 -37.46
C LYS AB 190 60.50 47.12 -36.38
N ARG AB 191 59.55 47.91 -35.90
CA ARG AB 191 58.67 47.58 -34.76
C ARG AB 191 57.20 47.78 -35.12
N ARG AB 192 56.29 47.10 -34.40
CA ARG AB 192 54.83 47.30 -34.52
C ARG AB 192 54.45 48.73 -34.17
N LYS AB 193 54.84 49.20 -32.98
CA LYS AB 193 54.69 50.59 -32.56
C LYS AB 193 56.01 51.32 -32.75
N PRO AB 194 56.03 52.50 -33.39
CA PRO AB 194 57.26 53.22 -33.72
C PRO AB 194 57.87 53.99 -32.52
N TYR AB 195 57.37 53.74 -31.31
CA TYR AB 195 57.75 54.42 -30.08
C TYR AB 195 57.71 53.46 -28.90
N ILE AB 196 58.40 53.80 -27.81
CA ILE AB 196 58.27 53.11 -26.53
C ILE AB 196 57.65 54.07 -25.53
N LYS AB 197 56.56 53.65 -24.88
CA LYS AB 197 55.74 54.45 -23.98
C LYS AB 197 55.90 53.99 -22.55
N LYS AB 198 56.14 54.91 -21.62
CA LYS AB 198 56.07 54.60 -20.18
C LYS AB 198 55.64 55.75 -19.31
N HIS AB 199 54.98 55.40 -18.21
CA HIS AB 199 54.41 56.31 -17.23
C HIS AB 199 55.36 56.48 -16.06
N ILE AB 200 55.57 57.71 -15.64
CA ILE AB 200 56.50 58.08 -14.58
C ILE AB 200 55.73 58.76 -13.45
N SER AB 201 55.87 58.25 -12.24
CA SER AB 201 55.19 58.76 -11.05
C SER AB 201 55.83 60.07 -10.55
N PRO AB 202 55.14 60.93 -9.79
CA PRO AB 202 55.77 62.12 -9.20
C PRO AB 202 57.00 61.79 -8.35
N PRO AB 203 57.91 62.75 -8.13
CA PRO AB 203 58.93 62.65 -7.10
C PRO AB 203 58.36 62.21 -5.76
N THR AB 204 59.06 61.39 -4.98
CA THR AB 204 58.54 60.91 -3.69
C THR AB 204 58.24 62.05 -2.71
N GLN AB 205 58.93 63.18 -2.87
CA GLN AB 205 58.73 64.41 -2.04
C GLN AB 205 57.49 65.18 -2.49
N MET AB 206 57.06 65.04 -3.75
CA MET AB 206 55.81 65.61 -4.23
C MET AB 206 54.66 64.67 -3.87
N LYS AB 207 53.95 64.96 -2.79
CA LYS AB 207 52.81 64.15 -2.33
C LYS AB 207 51.56 64.44 -3.17
N SER AB 208 50.50 63.66 -3.02
CA SER AB 208 49.26 63.87 -3.79
C SER AB 208 48.49 65.13 -3.41
N GLN AB 209 48.88 65.84 -2.35
CA GLN AB 209 48.26 67.08 -1.90
C GLN AB 209 48.26 68.20 -2.96
N TRP AB 210 47.42 69.20 -2.79
CA TRP AB 210 47.49 70.46 -3.52
C TRP AB 210 48.67 71.31 -3.06
N TYR AB 211 49.29 72.04 -3.98
CA TYR AB 211 50.37 72.99 -3.73
C TYR AB 211 50.10 74.28 -4.48
N PHE AB 212 50.42 75.44 -3.94
CA PHE AB 212 50.43 76.67 -4.74
C PHE AB 212 51.39 76.53 -5.92
N GLN AB 213 50.97 76.96 -7.11
CA GLN AB 213 51.80 76.87 -8.33
C GLN AB 213 53.07 77.71 -8.18
N HIS AB 214 53.08 78.77 -7.36
CA HIS AB 214 54.27 79.60 -7.09
C HIS AB 214 55.34 78.79 -6.35
N ASN AB 215 54.92 77.88 -5.46
CA ASN AB 215 55.84 77.07 -4.67
C ASN AB 215 56.48 75.97 -5.52
N ILE AB 216 55.67 75.21 -6.26
CA ILE AB 216 56.15 74.08 -7.07
C ILE AB 216 56.72 74.46 -8.43
N ALA AB 217 56.60 75.71 -8.88
CA ALA AB 217 57.01 76.14 -10.21
C ALA AB 217 58.42 75.67 -10.60
N ASN AB 218 59.40 75.85 -9.71
CA ASN AB 218 60.81 75.55 -9.99
C ASN AB 218 61.28 74.17 -9.49
N ILE AB 219 60.45 73.40 -8.79
CA ILE AB 219 60.78 72.05 -8.31
C ILE AB 219 60.96 71.12 -9.52
N PRO AB 220 62.12 70.48 -9.73
CA PRO AB 220 62.33 69.62 -10.89
C PRO AB 220 61.60 68.29 -10.69
N LEU AB 221 60.54 68.04 -11.49
CA LEU AB 221 59.64 66.85 -11.30
C LEU AB 221 60.10 65.64 -12.14
N LEU AB 222 61.06 65.82 -13.04
CA LEU AB 222 61.62 64.73 -13.84
C LEU AB 222 63.04 65.08 -14.28
N MET AB 223 63.96 64.13 -14.22
CA MET AB 223 65.23 64.18 -14.95
C MET AB 223 65.25 63.12 -16.04
N ILE AB 224 65.59 63.48 -17.27
CA ILE AB 224 65.83 62.54 -18.38
C ILE AB 224 67.31 62.62 -18.75
N ARG AB 225 67.99 61.48 -18.79
CA ARG AB 225 69.37 61.33 -19.28
C ARG AB 225 69.36 60.54 -20.56
N THR AB 226 69.92 61.06 -21.64
CA THR AB 226 69.95 60.39 -22.95
C THR AB 226 71.34 60.42 -23.54
N THR AB 227 71.79 59.34 -24.19
CA THR AB 227 73.05 59.29 -24.93
C THR AB 227 72.86 58.60 -26.27
N ALA AB 228 73.49 59.12 -27.32
CA ALA AB 228 73.49 58.56 -28.67
C ALA AB 228 74.42 57.35 -28.78
N LEU AB 229 74.01 56.35 -29.56
CA LEU AB 229 74.52 54.99 -29.49
C LEU AB 229 74.57 54.37 -30.90
N THR AB 230 75.41 53.37 -31.12
CA THR AB 230 75.12 52.38 -32.16
C THR AB 230 75.26 50.97 -31.63
N LEU AB 231 74.26 50.13 -31.91
CA LEU AB 231 74.24 48.72 -31.56
C LEU AB 231 74.99 47.86 -32.60
N ASP AB 232 74.84 48.15 -33.89
CA ASP AB 232 75.45 47.38 -34.99
C ASP AB 232 76.94 47.71 -35.26
N ASN AB 233 77.42 48.85 -34.81
CA ASN AB 233 78.81 49.31 -34.95
C ASN AB 233 79.46 49.50 -33.58
N TYR AB 234 79.03 48.75 -32.57
CA TYR AB 234 79.38 48.98 -31.17
C TYR AB 234 80.89 49.03 -30.92
N TYR AB 235 81.67 48.14 -31.50
CA TYR AB 235 83.13 48.11 -31.32
C TYR AB 235 83.87 48.98 -32.34
N ILE AB 236 83.57 48.82 -33.61
CA ILE AB 236 84.26 49.55 -34.69
C ILE AB 236 83.95 51.06 -34.62
N GLY AB 237 82.70 51.42 -34.36
CA GLY AB 237 82.24 52.80 -34.27
C GLY AB 237 82.48 53.53 -35.57
N SER AB 238 83.32 54.54 -35.54
CA SER AB 238 83.80 55.27 -36.72
C SER AB 238 85.29 55.13 -36.99
N ARG AB 239 85.93 54.07 -36.46
CA ARG AB 239 87.33 53.71 -36.72
C ARG AB 239 87.62 53.64 -38.22
N GLN AB 240 88.78 54.16 -38.62
CA GLN AB 240 89.33 54.05 -39.98
C GLN AB 240 90.76 53.49 -39.89
N LEU AB 241 91.14 52.58 -40.79
CA LEU AB 241 92.44 51.91 -40.79
C LEU AB 241 92.73 51.21 -39.44
N SER AB 242 93.84 51.53 -38.77
CA SER AB 242 94.27 50.92 -37.51
C SER AB 242 93.30 51.19 -36.35
N THR AB 243 93.32 50.32 -35.32
CA THR AB 243 92.62 50.58 -34.05
C THR AB 243 93.22 51.77 -33.28
N ASN AB 244 94.51 52.05 -33.47
CA ASN AB 244 95.20 53.19 -32.85
C ASN AB 244 94.66 54.52 -33.38
N VAL AB 245 94.41 55.47 -32.49
CA VAL AB 245 94.13 56.87 -32.79
C VAL AB 245 95.37 57.72 -32.51
N THR AB 246 95.64 58.72 -33.33
CA THR AB 246 96.77 59.64 -33.14
C THR AB 246 96.31 60.88 -32.37
N ILE AB 247 96.99 61.18 -31.27
CA ILE AB 247 96.76 62.37 -30.45
C ILE AB 247 97.94 63.32 -30.68
N HIS AB 248 97.67 64.61 -30.95
CA HIS AB 248 98.76 65.63 -31.00
C HIS AB 248 98.86 66.19 -29.59
N THR AB 249 100.03 66.59 -29.13
CA THR AB 249 100.23 67.24 -27.82
C THR AB 249 101.33 68.28 -27.84
N LEU AB 250 101.30 69.20 -26.87
CA LEU AB 250 102.42 70.17 -26.70
C LEU AB 250 103.55 69.41 -26.01
N ASN AB 251 104.77 69.40 -26.57
CA ASN AB 251 105.92 68.79 -25.88
C ASN AB 251 105.90 69.33 -24.44
N THR AB 252 105.84 68.46 -23.43
CA THR AB 252 105.79 68.87 -22.01
C THR AB 252 107.19 69.20 -21.56
N THR AB 253 108.21 68.54 -22.12
CA THR AB 253 109.60 68.67 -21.68
C THR AB 253 110.27 69.98 -22.13
N TYR AB 254 109.57 70.85 -22.88
CA TYR AB 254 110.09 72.13 -23.36
C TYR AB 254 109.09 73.28 -23.26
N ILE AB 255 107.81 73.05 -23.56
CA ILE AB 255 106.74 74.06 -23.50
C ILE AB 255 106.06 73.99 -22.12
N GLN AB 256 106.43 74.83 -21.16
CA GLN AB 256 105.83 74.71 -19.81
C GLN AB 256 105.47 76.06 -19.17
N ASN AB 257 105.93 77.17 -19.73
CA ASN AB 257 105.75 78.44 -19.02
C ASN AB 257 104.31 78.96 -18.94
N ARG AB 258 103.43 78.55 -19.87
CA ARG AB 258 101.99 78.93 -19.87
C ARG AB 258 101.79 80.46 -19.82
N ASP AB 259 102.72 81.25 -20.36
CA ASP AB 259 102.61 82.72 -20.40
C ASP AB 259 102.00 83.22 -21.73
N TRP AB 260 100.80 82.75 -22.06
CA TRP AB 260 100.21 82.91 -23.39
C TRP AB 260 99.30 84.13 -23.57
N GLY AB 261 99.15 84.54 -24.84
CA GLY AB 261 98.11 85.46 -25.27
C GLY AB 261 98.38 86.95 -25.02
N ASP AB 262 99.65 87.38 -25.09
CA ASP AB 262 100.05 88.80 -25.12
C ASP AB 262 101.01 89.09 -26.30
N ARG AB 263 100.86 90.25 -26.93
CA ARG AB 263 101.86 90.73 -27.93
C ARG AB 263 102.81 91.67 -27.15
N ASN AB 264 102.55 91.87 -25.84
CA ASN AB 264 103.31 92.76 -24.97
C ASN AB 264 104.43 92.04 -24.18
N LYS AB 265 104.76 90.79 -24.54
CA LYS AB 265 105.69 89.92 -23.81
C LYS AB 265 106.48 89.04 -24.78
N THR AB 266 107.81 89.08 -24.73
CA THR AB 266 108.66 88.12 -25.48
C THR AB 266 108.48 86.72 -24.88
N TYR AB 267 108.07 85.74 -25.70
CA TYR AB 267 107.77 84.41 -25.18
C TYR AB 267 109.04 83.58 -24.93
N TYR AB 268 109.04 82.86 -23.81
CA TYR AB 268 110.07 81.94 -23.39
C TYR AB 268 109.38 80.64 -22.98
N CYS AB 269 109.90 79.49 -23.41
CA CYS AB 269 109.14 78.24 -23.35
C CYS AB 269 109.28 77.50 -22.01
N GLN AB 270 110.44 77.56 -21.36
CA GLN AB 270 110.66 76.98 -20.02
C GLN AB 270 111.64 77.79 -19.19
N THR AB 271 111.57 77.63 -17.88
CA THR AB 271 112.61 78.03 -16.92
C THR AB 271 113.24 76.79 -16.31
N LEU AB 272 114.56 76.75 -16.18
CA LEU AB 272 115.28 75.73 -15.40
C LEU AB 272 116.31 76.43 -14.51
N GLY AB 273 116.35 76.09 -13.22
CA GLY AB 273 117.12 76.86 -12.25
C GLY AB 273 116.71 78.34 -12.24
N THR AB 274 117.65 79.23 -12.56
CA THR AB 274 117.40 80.67 -12.79
C THR AB 274 117.20 81.03 -14.28
N GLN AB 275 117.48 80.12 -15.21
CA GLN AB 275 117.51 80.41 -16.65
C GLN AB 275 116.10 80.57 -17.25
N ARG AB 276 116.04 81.19 -18.43
CA ARG AB 276 114.91 81.16 -19.36
C ARG AB 276 115.38 80.57 -20.69
N TYR AB 277 114.52 79.82 -21.37
CA TYR AB 277 114.82 79.20 -22.66
C TYR AB 277 113.87 79.72 -23.73
N PHE AB 278 114.38 79.83 -24.95
CA PHE AB 278 113.79 80.58 -26.05
C PHE AB 278 113.82 79.76 -27.33
N LEU AB 279 112.86 80.03 -28.20
CA LEU AB 279 112.67 79.33 -29.47
C LEU AB 279 112.90 80.30 -30.63
N TYR AB 280 113.48 79.81 -31.72
CA TYR AB 280 113.69 80.58 -32.94
C TYR AB 280 113.34 79.75 -34.16
N GLY AB 281 112.62 80.30 -35.12
CA GLY AB 281 112.36 79.65 -36.41
C GLY AB 281 113.45 79.98 -37.43
N THR AB 282 113.66 79.13 -38.41
CA THR AB 282 114.49 79.49 -39.57
C THR AB 282 114.00 78.82 -40.84
N HIS AB 283 114.24 79.46 -41.99
CA HIS AB 283 113.94 78.83 -43.32
C HIS AB 283 115.27 78.30 -43.88
N SER AB 284 116.36 78.39 -43.10
CA SER AB 284 117.69 77.97 -43.56
C SER AB 284 117.73 76.49 -43.96
N THR AB 285 118.42 76.21 -45.05
CA THR AB 285 118.75 74.85 -45.51
C THR AB 285 119.99 74.28 -44.81
N ALA AB 286 120.63 75.03 -43.91
CA ALA AB 286 121.84 74.59 -43.21
C ALA AB 286 121.59 73.28 -42.43
N GLN AB 287 122.47 72.30 -42.63
CA GLN AB 287 122.36 70.98 -42.01
C GLN AB 287 122.89 70.96 -40.57
N ASN AB 288 123.83 71.85 -40.22
CA ASN AB 288 124.52 71.84 -38.93
C ASN AB 288 124.05 73.00 -38.05
N ILE AB 289 123.55 72.68 -36.85
CA ILE AB 289 123.04 73.66 -35.89
C ILE AB 289 124.09 74.69 -35.45
N ASN AB 290 125.38 74.35 -35.54
CA ASN AB 290 126.47 75.25 -35.16
C ASN AB 290 126.65 76.42 -36.13
N ASP AB 291 126.55 76.19 -37.46
CA ASP AB 291 126.92 77.21 -38.50
C ASP AB 291 125.79 78.16 -38.92
N ILE AB 292 124.55 77.94 -38.50
CA ILE AB 292 123.46 78.89 -38.77
C ILE AB 292 123.87 80.28 -38.27
N LYS AB 293 123.54 81.33 -39.02
CA LYS AB 293 123.89 82.72 -38.65
C LYS AB 293 123.08 83.21 -37.44
N LEU AB 294 123.39 84.42 -36.95
CA LEU AB 294 122.54 85.05 -35.92
C LEU AB 294 121.36 85.68 -36.67
N GLN AB 295 121.51 85.92 -37.98
CA GLN AB 295 120.46 86.53 -38.84
C GLN AB 295 119.37 85.53 -39.21
N GLU AB 296 119.74 84.29 -39.54
CA GLU AB 296 118.75 83.27 -40.01
C GLU AB 296 117.59 83.13 -39.03
N LEU AB 297 117.88 83.15 -37.72
CA LEU AB 297 116.84 82.92 -36.69
C LEU AB 297 115.70 83.95 -36.76
N ILE AB 298 114.44 83.52 -36.64
CA ILE AB 298 113.25 84.41 -36.60
C ILE AB 298 112.75 84.35 -35.16
N PRO AB 299 113.12 85.29 -34.28
CA PRO AB 299 112.83 85.18 -32.85
C PRO AB 299 111.34 85.31 -32.63
N LEU AB 300 110.80 84.70 -31.57
CA LEU AB 300 109.35 84.72 -31.28
C LEU AB 300 109.08 85.72 -30.13
N THR AB 301 108.43 86.85 -30.41
CA THR AB 301 108.13 87.91 -29.42
C THR AB 301 106.63 87.99 -29.22
N ASN AB 302 105.85 87.14 -29.90
CA ASN AB 302 104.40 87.09 -29.75
C ASN AB 302 103.95 85.63 -29.64
N THR AB 303 102.97 85.32 -28.78
CA THR AB 303 102.20 84.05 -28.91
C THR AB 303 100.76 84.26 -29.32
N GLN AB 304 100.22 85.48 -29.11
CA GLN AB 304 98.78 85.81 -29.30
C GLN AB 304 98.29 85.82 -30.76
N ASP AB 305 99.18 85.78 -31.75
CA ASP AB 305 98.74 85.88 -33.16
C ASP AB 305 99.04 84.64 -34.00
N TYR AB 306 98.34 84.49 -35.12
CA TYR AB 306 98.63 83.43 -36.11
C TYR AB 306 99.88 83.70 -36.95
N VAL AB 307 100.47 84.90 -36.85
CA VAL AB 307 101.52 85.39 -37.76
C VAL AB 307 102.75 84.47 -37.76
N GLN AB 308 103.28 84.19 -38.95
CA GLN AB 308 104.48 83.37 -39.17
C GLN AB 308 105.78 84.12 -38.83
N GLY AB 309 105.77 85.45 -38.93
CA GLY AB 309 106.97 86.26 -38.98
C GLY AB 309 107.61 86.19 -40.36
N PHE AB 310 108.83 86.70 -40.49
CA PHE AB 310 109.64 86.63 -41.71
C PHE AB 310 111.14 86.75 -41.38
N ASP AB 311 111.97 86.35 -42.34
CA ASP AB 311 113.42 86.35 -42.21
C ASP AB 311 114.04 87.75 -42.39
N TRP AB 312 115.23 87.97 -41.83
CA TRP AB 312 115.99 89.22 -41.94
C TRP AB 312 116.33 89.59 -43.40
N THR AB 313 116.35 88.62 -44.31
CA THR AB 313 116.47 88.87 -45.76
C THR AB 313 115.33 89.71 -46.33
N GLU AB 314 114.19 89.84 -45.62
CA GLU AB 314 113.07 90.71 -46.00
C GLU AB 314 113.11 92.09 -45.30
N LYS AB 315 114.23 92.46 -44.67
CA LYS AB 315 114.47 93.79 -44.07
C LYS AB 315 113.98 94.93 -44.97
N ASP AB 316 114.35 94.89 -46.24
CA ASP AB 316 114.00 95.92 -47.22
C ASP AB 316 112.54 95.87 -47.71
N LYS AB 317 111.80 94.79 -47.47
CA LYS AB 317 110.36 94.70 -47.81
C LYS AB 317 109.48 95.38 -46.76
N HIS AB 318 109.95 95.44 -45.50
CA HIS AB 318 109.22 96.06 -44.36
C HIS AB 318 109.98 97.27 -43.83
N ASN AB 319 110.82 97.91 -44.64
CA ASN AB 319 111.55 99.15 -44.31
C ASN AB 319 112.23 99.07 -42.92
N ILE AB 320 112.71 97.89 -42.54
CA ILE AB 320 113.32 97.65 -41.23
C ILE AB 320 114.70 98.32 -41.16
N THR AB 321 114.94 99.08 -40.09
CA THR AB 321 116.22 99.77 -39.87
C THR AB 321 117.10 99.07 -38.83
N THR AB 322 116.51 98.30 -37.91
CA THR AB 322 117.23 97.68 -36.78
C THR AB 322 116.66 96.30 -36.43
N TYR AB 323 117.42 95.50 -35.69
CA TYR AB 323 116.91 94.24 -35.14
C TYR AB 323 115.70 94.48 -34.21
N LYS AB 324 115.60 95.64 -33.54
CA LYS AB 324 114.39 96.04 -32.79
C LYS AB 324 113.13 96.08 -33.69
N GLU AB 325 113.23 96.65 -34.89
CA GLU AB 325 112.13 96.60 -35.86
C GLU AB 325 111.94 95.21 -36.50
N PHE AB 326 113.00 94.42 -36.63
CA PHE AB 326 112.87 93.01 -37.03
C PHE AB 326 112.10 92.18 -35.98
N LEU AB 327 112.40 92.36 -34.69
CA LEU AB 327 111.66 91.77 -33.56
C LEU AB 327 110.17 92.14 -33.59
N THR AB 328 109.83 93.40 -33.83
CA THR AB 328 108.43 93.84 -33.76
C THR AB 328 107.65 93.50 -35.03
N LYS AB 329 108.22 93.70 -36.22
CA LYS AB 329 107.53 93.39 -37.49
C LYS AB 329 107.60 91.92 -37.88
N GLY AB 330 108.74 91.26 -37.67
CA GLY AB 330 109.10 89.98 -38.30
C GLY AB 330 109.13 88.77 -37.38
N ALA AB 331 108.89 88.90 -36.07
CA ALA AB 331 108.84 87.75 -35.19
C ALA AB 331 107.66 86.80 -35.49
N GLY AB 332 107.88 85.50 -35.30
CA GLY AB 332 106.92 84.44 -35.62
C GLY AB 332 106.23 83.86 -34.40
N ASN AB 333 104.95 83.51 -34.47
CA ASN AB 333 104.30 82.84 -33.36
C ASN AB 333 104.62 81.34 -33.42
N PRO AB 334 105.03 80.68 -32.32
CA PRO AB 334 105.53 79.30 -32.36
C PRO AB 334 104.45 78.30 -32.79
N PHE AB 335 103.18 78.66 -32.64
CA PHE AB 335 102.01 77.86 -32.99
C PHE AB 335 101.50 78.12 -34.42
N HIS AB 336 102.21 78.90 -35.25
CA HIS AB 336 101.88 78.99 -36.68
C HIS AB 336 102.03 77.60 -37.34
N ALA AB 337 101.29 77.34 -38.43
CA ALA AB 337 101.14 76.01 -39.03
C ALA AB 337 102.46 75.35 -39.47
N GLU AB 338 103.54 76.12 -39.72
CA GLU AB 338 104.86 75.53 -40.00
C GLU AB 338 105.74 75.40 -38.75
N TRP AB 339 105.65 76.30 -37.77
CA TRP AB 339 106.45 76.22 -36.54
C TRP AB 339 105.87 75.23 -35.51
N ILE AB 340 104.56 75.02 -35.48
CA ILE AB 340 103.85 74.15 -34.52
C ILE AB 340 104.37 72.71 -34.53
N THR AB 341 104.68 72.18 -35.71
CA THR AB 341 105.28 70.84 -35.93
C THR AB 341 106.68 70.93 -36.54
N ALA AB 342 107.30 72.12 -36.55
CA ALA AB 342 108.60 72.39 -37.15
C ALA AB 342 108.75 71.85 -38.59
N GLN AB 343 107.73 72.06 -39.43
CA GLN AB 343 107.79 71.74 -40.87
C GLN AB 343 109.01 72.39 -41.52
N ASN AB 344 109.26 73.67 -41.16
CA ASN AB 344 110.53 74.35 -41.34
C ASN AB 344 111.24 74.37 -39.97
N PRO AB 345 112.57 74.14 -39.89
CA PRO AB 345 113.25 73.92 -38.62
C PRO AB 345 113.02 75.01 -37.57
N VAL AB 346 112.93 74.57 -36.32
CA VAL AB 346 112.76 75.42 -35.12
C VAL AB 346 113.84 75.06 -34.13
N ILE AB 347 114.48 76.08 -33.56
CA ILE AB 347 115.67 75.97 -32.74
C ILE AB 347 115.36 76.41 -31.31
N HIS AB 348 115.67 75.56 -30.33
CA HIS AB 348 115.49 75.82 -28.89
C HIS AB 348 116.85 76.14 -28.27
N THR AB 349 116.95 77.19 -27.44
CA THR AB 349 118.22 77.64 -26.86
C THR AB 349 118.03 78.35 -25.52
N ALA AB 350 119.06 78.36 -24.68
CA ALA AB 350 119.13 79.23 -23.50
C ALA AB 350 119.43 80.70 -23.88
N ASN AB 351 119.95 80.96 -25.07
CA ASN AB 351 120.38 82.30 -25.44
C ASN AB 351 119.21 83.25 -25.70
N SER AB 352 118.99 84.20 -24.79
CA SER AB 352 117.89 85.16 -24.88
C SER AB 352 118.03 86.06 -26.11
N PRO AB 353 116.92 86.42 -26.78
CA PRO AB 353 116.93 87.38 -27.87
C PRO AB 353 117.62 88.68 -27.49
N THR AB 354 117.57 89.12 -26.23
CA THR AB 354 118.26 90.35 -25.79
C THR AB 354 119.79 90.22 -25.79
N GLN AB 355 120.35 89.03 -25.61
CA GLN AB 355 121.77 88.84 -25.87
C GLN AB 355 122.06 88.95 -27.37
N ILE AB 356 121.18 88.41 -28.22
CA ILE AB 356 121.27 88.62 -29.67
C ILE AB 356 121.08 90.10 -30.04
N GLU AB 357 120.19 90.84 -29.36
CA GLU AB 357 120.04 92.30 -29.52
C GLU AB 357 121.36 92.99 -29.23
N GLN AB 358 122.01 92.66 -28.10
CA GLN AB 358 123.31 93.23 -27.75
C GLN AB 358 124.35 92.93 -28.85
N ILE AB 359 124.39 91.72 -29.41
CA ILE AB 359 125.32 91.41 -30.50
C ILE AB 359 125.00 92.20 -31.78
N TYR AB 360 123.72 92.30 -32.19
CA TYR AB 360 123.32 93.12 -33.33
C TYR AB 360 123.61 94.61 -33.11
N THR AB 361 123.10 95.16 -32.01
CA THR AB 361 123.18 96.61 -31.74
C THR AB 361 124.61 97.06 -31.47
N ALA AB 362 125.45 96.22 -30.84
CA ALA AB 362 126.86 96.54 -30.67
C ALA AB 362 127.56 96.71 -32.03
N SER AB 363 127.30 95.83 -33.01
CA SER AB 363 127.64 96.08 -34.41
C SER AB 363 126.82 95.22 -35.40
N THR AB 364 126.05 95.89 -36.24
CA THR AB 364 125.23 95.27 -37.31
C THR AB 364 126.09 94.58 -38.36
N THR AB 365 127.29 95.10 -38.61
CA THR AB 365 128.26 94.50 -39.54
C THR AB 365 128.80 93.16 -39.03
N THR AB 366 128.97 92.99 -37.70
CA THR AB 366 129.37 91.69 -37.13
C THR AB 366 128.20 90.74 -36.91
N PHE AB 367 126.95 91.18 -37.00
CA PHE AB 367 125.78 90.30 -37.04
C PHE AB 367 125.76 89.42 -38.30
N GLN AB 368 126.28 89.93 -39.42
CA GLN AB 368 126.56 89.14 -40.64
C GLN AB 368 127.61 88.05 -40.37
N ASN AB 369 128.68 88.39 -39.64
CA ASN AB 369 129.79 87.48 -39.38
C ASN AB 369 129.46 86.41 -38.33
N LYS AB 370 128.76 86.77 -37.25
CA LYS AB 370 128.48 85.85 -36.13
C LYS AB 370 127.53 84.72 -36.55
N LYS AB 371 127.86 83.51 -36.13
CA LYS AB 371 127.06 82.29 -36.27
C LYS AB 371 126.61 81.78 -34.89
N LEU AB 372 125.91 80.66 -34.84
CA LEU AB 372 125.49 80.00 -33.60
C LEU AB 372 126.66 79.45 -32.78
N THR AB 373 127.83 79.25 -33.38
CA THR AB 373 129.11 79.08 -32.65
C THR AB 373 129.49 80.34 -31.86
N ASP AB 374 130.16 80.16 -30.73
CA ASP AB 374 130.71 81.24 -29.89
C ASP AB 374 129.68 82.31 -29.46
N LEU AB 375 128.40 81.95 -29.38
CA LEU AB 375 127.36 82.80 -28.80
C LEU AB 375 127.28 82.63 -27.27
N PRO AB 376 126.73 83.61 -26.53
CA PRO AB 376 126.46 83.44 -25.12
C PRO AB 376 125.42 82.35 -24.88
N THR AB 377 125.59 81.56 -23.80
CA THR AB 377 124.72 80.43 -23.43
C THR AB 377 124.15 79.67 -24.64
N PRO AB 378 124.99 79.10 -25.53
CA PRO AB 378 124.48 78.52 -26.78
C PRO AB 378 124.00 77.08 -26.74
N GLY AB 379 122.82 76.84 -26.16
CA GLY AB 379 122.22 75.49 -26.13
C GLY AB 379 121.34 75.31 -27.35
N TYR AB 380 121.82 75.70 -28.53
CA TYR AB 380 121.04 75.62 -29.80
C TYR AB 380 120.79 74.14 -30.13
N ILE AB 381 119.52 73.71 -30.15
CA ILE AB 381 119.14 72.29 -30.43
C ILE AB 381 118.02 72.33 -31.48
N PHE AB 382 117.55 71.20 -32.00
CA PHE AB 382 116.38 71.17 -32.93
C PHE AB 382 115.21 70.52 -32.17
N ILE AB 383 114.23 71.32 -31.73
CA ILE AB 383 113.10 70.82 -30.91
C ILE AB 383 111.77 71.15 -31.59
N THR AB 384 110.80 70.24 -31.56
CA THR AB 384 109.47 70.44 -32.15
C THR AB 384 108.46 70.79 -31.05
N PRO AB 385 107.68 71.89 -31.15
CA PRO AB 385 106.68 72.25 -30.13
C PRO AB 385 105.59 71.17 -29.96
N THR AB 386 105.24 70.47 -31.04
CA THR AB 386 104.28 69.37 -31.04
C THR AB 386 104.97 68.01 -31.16
N VAL AB 387 104.44 67.02 -30.46
CA VAL AB 387 104.68 65.59 -30.73
C VAL AB 387 103.34 64.89 -30.99
N SER AB 388 103.33 63.86 -31.83
CA SER AB 388 102.16 63.00 -32.06
C SER AB 388 102.34 61.68 -31.32
N LEU AB 389 101.38 61.33 -30.46
CA LEU AB 389 101.30 60.06 -29.75
C LEU AB 389 100.32 59.12 -30.45
N ARG AB 390 100.48 57.81 -30.28
CA ARG AB 390 99.47 56.80 -30.64
C ARG AB 390 98.83 56.24 -29.37
N TYR AB 391 97.51 56.23 -29.33
CA TYR AB 391 96.71 55.66 -28.25
C TYR AB 391 95.90 54.48 -28.77
N ASN AB 392 95.90 53.37 -28.03
CA ASN AB 392 95.09 52.21 -28.32
C ASN AB 392 94.16 51.94 -27.12
N PRO AB 393 92.83 51.98 -27.29
CA PRO AB 393 91.90 51.83 -26.17
C PRO AB 393 91.95 50.42 -25.55
N TYR AB 394 92.29 49.41 -26.35
CA TYR AB 394 92.32 47.99 -25.87
C TYR AB 394 93.60 47.76 -25.08
N LYS AB 395 94.60 48.64 -25.23
CA LYS AB 395 95.90 48.51 -24.51
C LYS AB 395 95.85 49.37 -23.24
N ASP AB 396 94.70 49.99 -22.94
CA ASP AB 396 94.58 50.91 -21.78
C ASP AB 396 94.06 50.17 -20.54
N LEU AB 397 94.78 50.22 -19.42
CA LEU AB 397 94.42 49.48 -18.20
C LEU AB 397 93.97 50.40 -17.06
N ALA AB 398 93.99 51.72 -17.26
CA ALA AB 398 93.49 52.70 -16.30
C ALA AB 398 94.12 52.65 -14.90
N GLU AB 399 95.37 52.20 -14.74
CA GLU AB 399 95.98 52.05 -13.42
C GLU AB 399 96.51 53.38 -12.85
N ARG AB 400 96.94 54.30 -13.74
CA ARG AB 400 97.49 55.62 -13.35
C ARG AB 400 96.98 56.74 -14.26
N ASN AB 401 95.80 56.54 -14.85
CA ASN AB 401 95.12 57.55 -15.65
C ASN AB 401 94.60 58.68 -14.77
N LYS AB 402 94.61 59.92 -15.29
CA LYS AB 402 94.27 61.13 -14.54
C LYS AB 402 93.91 62.26 -15.50
N CYS AB 403 93.13 63.24 -15.06
CA CYS AB 403 92.61 64.31 -15.93
C CYS AB 403 92.20 65.53 -15.10
N TYR AB 404 92.57 66.74 -15.52
CA TYR AB 404 92.24 67.99 -14.84
C TYR AB 404 92.45 69.24 -15.71
N PHE AB 405 91.91 70.38 -15.30
CA PHE AB 405 92.10 71.66 -15.97
C PHE AB 405 93.09 72.56 -15.21
N VAL AB 406 93.99 73.21 -15.94
CA VAL AB 406 94.93 74.23 -15.41
C VAL AB 406 94.65 75.57 -16.08
N ARG AB 407 95.00 76.67 -15.42
CA ARG AB 407 94.77 78.04 -15.90
C ARG AB 407 95.74 78.38 -17.04
N SER AB 408 95.24 78.74 -18.22
CA SER AB 408 96.09 79.02 -19.39
C SER AB 408 96.68 80.44 -19.35
N LYS AB 409 95.84 81.47 -19.19
CA LYS AB 409 96.29 82.87 -18.99
C LYS AB 409 96.63 83.17 -17.53
N ILE AB 410 97.69 82.58 -17.00
CA ILE AB 410 98.34 83.04 -15.76
C ILE AB 410 99.86 82.86 -15.84
N ASN AB 411 100.56 83.64 -15.03
CA ASN AB 411 102.02 83.59 -14.92
C ASN AB 411 102.49 82.50 -13.94
N ALA AB 412 102.17 81.23 -14.23
CA ALA AB 412 102.57 80.10 -13.39
C ALA AB 412 103.20 78.97 -14.21
N HIS AB 413 104.32 78.45 -13.72
CA HIS AB 413 105.10 77.42 -14.38
C HIS AB 413 104.52 76.02 -14.18
N GLY AB 414 104.76 75.14 -15.15
CA GLY AB 414 104.53 73.70 -14.99
C GLY AB 414 103.07 73.27 -15.14
N TRP AB 415 102.86 71.97 -15.11
CA TRP AB 415 101.62 71.29 -15.50
C TRP AB 415 100.97 70.49 -14.35
N ASP AB 416 101.53 70.56 -13.14
CA ASP AB 416 101.02 69.74 -12.01
C ASP AB 416 99.53 70.01 -11.77
N PRO AB 417 98.74 69.05 -11.25
CA PRO AB 417 97.34 69.31 -10.93
C PRO AB 417 97.32 70.47 -9.95
N GLU AB 418 96.51 71.48 -10.22
CA GLU AB 418 96.48 72.71 -9.37
C GLU AB 418 95.03 73.16 -9.15
N GLN AB 419 94.83 74.19 -8.33
CA GLN AB 419 93.47 74.73 -8.04
C GLN AB 419 92.62 73.60 -7.42
N HIS AB 420 91.48 73.26 -8.01
CA HIS AB 420 90.55 72.25 -7.44
C HIS AB 420 91.17 70.85 -7.51
N GLN AB 421 91.46 70.24 -6.35
CA GLN AB 421 92.01 68.87 -6.28
C GLN AB 421 90.82 67.90 -6.19
N GLU AB 422 89.62 68.39 -5.84
CA GLU AB 422 88.43 67.54 -5.86
C GLU AB 422 87.86 67.35 -7.28
N LEU AB 423 88.23 68.21 -8.23
CA LEU AB 423 87.82 68.09 -9.62
C LEU AB 423 88.72 67.17 -10.45
N ILE AB 424 89.86 66.73 -9.92
CA ILE AB 424 90.71 65.75 -10.59
C ILE AB 424 89.92 64.45 -10.80
N ASN AB 425 89.92 63.94 -12.05
CA ASN AB 425 89.21 62.68 -12.43
C ASN AB 425 90.28 61.60 -12.69
N SER AB 426 90.22 60.44 -12.03
CA SER AB 426 91.28 59.44 -12.03
C SER AB 426 90.77 58.02 -12.23
N ASP AB 427 91.65 57.12 -12.65
CA ASP AB 427 91.48 55.66 -12.62
C ASP AB 427 90.32 55.09 -13.45
N LEU AB 428 90.06 55.67 -14.64
CA LEU AB 428 89.20 55.10 -15.68
C LEU AB 428 89.96 55.14 -17.02
N PRO AB 429 89.64 54.26 -17.99
CA PRO AB 429 90.31 54.32 -19.28
C PRO AB 429 90.00 55.66 -19.97
N GLN AB 430 90.97 56.28 -20.67
CA GLN AB 430 90.85 57.65 -21.23
C GLN AB 430 89.57 57.94 -22.03
N TRP AB 431 89.01 56.98 -22.75
CA TRP AB 431 87.75 57.15 -23.47
C TRP AB 431 86.54 57.26 -22.53
N LEU AB 432 86.60 56.68 -21.33
CA LEU AB 432 85.60 56.85 -20.28
C LEU AB 432 85.92 58.04 -19.38
N LEU AB 433 87.19 58.28 -19.06
CA LEU AB 433 87.64 59.34 -18.19
C LEU AB 433 87.33 60.74 -18.77
N LEU AB 434 87.50 60.93 -20.07
CA LEU AB 434 87.27 62.21 -20.73
C LEU AB 434 85.79 62.46 -21.06
N PHE AB 435 84.96 61.42 -21.15
CA PHE AB 435 83.58 61.57 -21.65
C PHE AB 435 82.74 62.46 -20.74
N GLY AB 436 82.26 63.60 -21.25
CA GLY AB 436 81.47 64.55 -20.49
C GLY AB 436 82.20 65.28 -19.36
N TYR AB 437 83.50 65.05 -19.13
CA TYR AB 437 84.24 65.69 -18.06
C TYR AB 437 84.34 67.21 -18.22
N PRO AB 438 84.66 67.78 -19.40
CA PRO AB 438 84.59 69.22 -19.61
C PRO AB 438 83.23 69.84 -19.31
N ASP AB 439 82.13 69.17 -19.66
CA ASP AB 439 80.79 69.68 -19.36
C ASP AB 439 80.45 69.59 -17.88
N TYR AB 440 80.87 68.54 -17.17
CA TYR AB 440 80.75 68.51 -15.72
C TYR AB 440 81.47 69.70 -15.09
N ILE AB 441 82.68 70.02 -15.57
CA ILE AB 441 83.46 71.15 -15.08
C ILE AB 441 82.77 72.48 -15.39
N LYS AB 442 82.29 72.69 -16.61
CA LYS AB 442 81.51 73.88 -16.97
C LYS AB 442 80.26 74.04 -16.11
N ARG AB 443 79.48 72.98 -15.94
CA ARG AB 443 78.21 73.03 -15.14
C ARG AB 443 78.55 73.24 -13.65
N THR AB 444 79.70 72.75 -13.18
CA THR AB 444 80.15 72.98 -11.80
C THR AB 444 80.48 74.46 -11.54
N GLN AB 445 80.92 75.21 -12.56
CA GLN AB 445 81.14 76.69 -12.45
C GLN AB 445 82.21 77.06 -11.42
N ASN AB 446 83.09 76.14 -11.03
CA ASN AB 446 84.21 76.42 -10.12
C ASN AB 446 85.43 77.05 -10.82
N PHE AB 447 85.38 77.21 -12.14
CA PHE AB 447 86.40 77.88 -12.96
C PHE AB 447 85.80 79.03 -13.75
N ALA AB 448 86.63 80.04 -14.10
CA ALA AB 448 86.20 81.11 -14.99
C ALA AB 448 85.81 80.53 -16.35
N LEU AB 449 84.59 80.85 -16.81
CA LEU AB 449 83.84 79.97 -17.72
C LEU AB 449 84.45 79.82 -19.12
N VAL AB 450 85.26 80.79 -19.57
CA VAL AB 450 85.65 80.88 -20.98
C VAL AB 450 86.72 79.84 -21.38
N ASP AB 451 86.52 79.17 -22.51
CA ASP AB 451 87.44 78.10 -22.98
C ASP AB 451 88.87 78.59 -23.17
N THR AB 452 89.05 79.89 -23.42
CA THR AB 452 90.39 80.45 -23.68
C THR AB 452 91.27 80.56 -22.44
N ASN AB 453 90.69 80.44 -21.23
CA ASN AB 453 91.41 80.74 -19.99
C ASN AB 453 91.88 79.48 -19.26
N TYR AB 454 91.60 78.29 -19.79
CA TYR AB 454 92.02 77.01 -19.23
C TYR AB 454 92.57 76.07 -20.30
N ILE AB 455 93.36 75.10 -19.86
CA ILE AB 455 93.83 73.96 -20.66
C ILE AB 455 93.44 72.69 -19.91
N LEU AB 456 93.03 71.68 -20.65
CA LEU AB 456 92.87 70.31 -20.20
C LEU AB 456 94.19 69.55 -20.32
N VAL AB 457 94.57 68.88 -19.25
CA VAL AB 457 95.83 68.14 -19.08
C VAL AB 457 95.47 66.73 -18.59
N ASP AB 458 96.08 65.68 -19.15
CA ASP AB 458 95.81 64.31 -18.71
C ASP AB 458 97.07 63.44 -18.69
N HIS AB 459 97.12 62.49 -17.75
CA HIS AB 459 98.18 61.50 -17.64
C HIS AB 459 97.65 60.15 -18.12
N CYS AB 460 98.44 59.45 -18.93
CA CYS AB 460 98.10 58.13 -19.44
C CYS AB 460 99.40 57.35 -19.74
N PRO AB 461 99.72 56.30 -18.96
CA PRO AB 461 100.85 55.42 -19.22
C PRO AB 461 100.85 54.70 -20.57
N TYR AB 462 99.68 54.62 -21.23
CA TYR AB 462 99.39 53.59 -22.23
C TYR AB 462 99.52 54.04 -23.69
N THR AB 463 99.91 55.29 -23.96
CA THR AB 463 100.39 55.64 -25.30
C THR AB 463 101.74 54.98 -25.57
N ASN AB 464 102.03 54.64 -26.83
CA ASN AB 464 103.25 53.90 -27.18
C ASN AB 464 104.53 54.75 -27.01
N PRO AB 465 104.63 55.94 -27.64
CA PRO AB 465 105.46 57.01 -27.11
C PRO AB 465 104.77 57.64 -25.91
N GLU AB 466 105.47 58.43 -25.10
CA GLU AB 466 104.90 59.08 -23.91
C GLU AB 466 105.38 60.52 -23.74
N LYS AB 467 104.57 61.30 -23.02
CA LYS AB 467 104.92 62.56 -22.37
C LYS AB 467 104.27 62.56 -20.98
N THR AB 468 104.91 63.14 -19.97
CA THR AB 468 104.51 62.94 -18.57
C THR AB 468 103.05 63.35 -18.35
N PRO AB 469 102.64 64.62 -18.54
CA PRO AB 469 101.28 64.94 -18.95
C PRO AB 469 101.17 65.02 -20.47
N PHE AB 470 99.91 65.01 -20.93
CA PHE AB 470 99.60 65.26 -22.35
C PHE AB 470 98.84 66.57 -22.39
N ILE AB 471 99.03 67.40 -23.43
CA ILE AB 471 98.22 68.63 -23.59
C ILE AB 471 97.51 68.43 -24.93
N PRO AB 472 96.46 67.59 -25.04
CA PRO AB 472 95.88 67.28 -26.35
C PRO AB 472 95.60 68.54 -27.17
N LEU AB 473 95.87 68.53 -28.47
CA LEU AB 473 95.55 69.61 -29.38
C LEU AB 473 94.83 69.07 -30.61
N SER AB 474 93.80 69.77 -31.08
CA SER AB 474 93.04 69.33 -32.25
C SER AB 474 93.84 69.50 -33.53
N THR AB 475 93.59 68.64 -34.50
CA THR AB 475 94.19 68.71 -35.84
C THR AB 475 93.99 70.08 -36.48
N SER AB 476 92.86 70.76 -36.21
CA SER AB 476 92.64 72.14 -36.67
C SER AB 476 93.67 73.14 -36.13
N PHE AB 477 94.03 73.10 -34.85
CA PHE AB 477 95.07 73.96 -34.29
C PHE AB 477 96.49 73.58 -34.75
N ILE AB 478 96.74 72.28 -34.92
CA ILE AB 478 97.97 71.74 -35.50
C ILE AB 478 98.10 72.06 -37.00
N GLU AB 479 97.01 72.42 -37.67
CA GLU AB 479 96.95 72.82 -39.09
C GLU AB 479 96.62 74.31 -39.29
N GLY AB 480 96.59 75.14 -38.25
CA GLY AB 480 96.36 76.57 -38.39
C GLY AB 480 94.96 76.94 -38.87
N ARG AB 481 93.93 76.45 -38.17
CA ARG AB 481 92.51 76.67 -38.58
C ARG AB 481 91.60 76.79 -37.35
N SER AB 482 90.46 77.47 -37.48
CA SER AB 482 89.52 77.67 -36.34
C SER AB 482 88.94 76.35 -35.81
N PRO AB 483 88.53 76.28 -34.52
CA PRO AB 483 88.21 75.04 -33.81
C PRO AB 483 87.27 74.05 -34.53
N TYR AB 484 86.26 74.56 -35.25
CA TYR AB 484 85.31 73.76 -36.04
C TYR AB 484 85.17 74.32 -37.47
N SER AB 485 86.27 74.68 -38.11
CA SER AB 485 86.28 75.24 -39.48
C SER AB 485 86.70 74.18 -40.51
N PRO AB 486 86.08 74.13 -41.70
CA PRO AB 486 86.35 73.10 -42.71
C PRO AB 486 87.78 73.17 -43.24
N SER AB 487 88.36 72.00 -43.52
CA SER AB 487 89.77 71.80 -43.88
C SER AB 487 90.25 72.56 -45.13
N ASP AB 488 89.33 73.05 -45.99
CA ASP AB 488 89.70 73.87 -47.17
C ASP AB 488 90.34 75.18 -46.70
N THR AB 489 90.03 75.61 -45.48
CA THR AB 489 90.58 76.83 -44.87
C THR AB 489 92.01 76.59 -44.37
N HIS AB 490 92.90 77.59 -44.51
CA HIS AB 490 94.34 77.50 -44.08
C HIS AB 490 94.70 78.70 -43.20
N GLU AB 491 93.75 79.36 -42.54
CA GLU AB 491 93.95 80.44 -41.59
C GLU AB 491 92.82 80.43 -40.54
N PRO AB 492 93.07 80.87 -39.30
CA PRO AB 492 91.99 81.19 -38.38
C PRO AB 492 91.10 82.33 -38.90
N ASP AB 493 89.83 82.35 -38.50
CA ASP AB 493 88.96 83.54 -38.60
C ASP AB 493 89.41 84.63 -37.62
N GLU AB 494 89.11 85.92 -37.85
CA GLU AB 494 89.74 87.04 -37.15
C GLU AB 494 89.77 86.93 -35.61
N GLU AB 495 88.68 86.46 -35.00
CA GLU AB 495 88.61 86.26 -33.54
C GLU AB 495 89.49 85.11 -33.03
N ASP AB 496 89.77 84.10 -33.87
CA ASP AB 496 90.77 83.06 -33.63
C ASP AB 496 92.16 83.43 -34.18
N GLN AB 497 92.31 84.44 -35.04
CA GLN AB 497 93.63 85.00 -35.37
C GLN AB 497 94.20 85.72 -34.15
N ASN AB 498 93.35 86.42 -33.39
CA ASN AB 498 93.59 86.77 -32.00
C ASN AB 498 93.48 85.52 -31.10
N ARG AB 499 94.14 85.62 -29.94
CA ARG AB 499 94.14 84.54 -28.92
C ARG AB 499 94.59 83.21 -29.54
N TRP AB 500 95.55 83.23 -30.48
CA TRP AB 500 96.06 82.00 -31.16
C TRP AB 500 97.11 81.31 -30.27
N TYR AB 501 96.68 80.73 -29.16
CA TYR AB 501 97.55 80.05 -28.20
C TYR AB 501 96.85 78.84 -27.56
N PRO AB 502 97.58 77.88 -26.98
CA PRO AB 502 97.00 76.70 -26.35
C PRO AB 502 95.91 77.02 -25.30
N CYS AB 503 94.71 76.53 -25.53
CA CYS AB 503 93.59 76.60 -24.59
C CYS AB 503 92.52 75.58 -24.98
N TYR AB 504 91.60 75.28 -24.05
CA TYR AB 504 90.58 74.23 -24.19
C TYR AB 504 89.75 74.35 -25.47
N GLN AB 505 89.53 75.57 -25.98
CA GLN AB 505 88.76 75.77 -27.25
C GLN AB 505 89.44 75.03 -28.42
N TYR AB 506 90.76 74.96 -28.45
CA TYR AB 506 91.49 74.23 -29.49
C TYR AB 506 91.69 72.75 -29.17
N GLN AB 507 91.41 72.29 -27.95
CA GLN AB 507 91.56 70.88 -27.54
C GLN AB 507 90.31 70.03 -27.82
N GLN AB 508 89.14 70.65 -28.02
CA GLN AB 508 87.84 69.97 -28.01
C GLN AB 508 87.74 68.78 -28.97
N GLU AB 509 88.16 68.93 -30.22
CA GLU AB 509 88.06 67.84 -31.20
C GLU AB 509 89.00 66.68 -30.86
N SER AB 510 90.17 66.94 -30.26
CA SER AB 510 91.08 65.87 -29.85
C SER AB 510 90.51 65.00 -28.73
N ILE AB 511 89.89 65.57 -27.70
CA ILE AB 511 89.29 64.77 -26.64
C ILE AB 511 88.00 64.10 -27.09
N ASN AB 512 87.25 64.70 -28.02
CA ASN AB 512 86.15 63.99 -28.67
C ASN AB 512 86.67 62.78 -29.45
N SER AB 513 87.78 62.92 -30.17
CA SER AB 513 88.40 61.82 -30.91
C SER AB 513 88.87 60.68 -30.00
N ILE AB 514 89.42 61.00 -28.82
CA ILE AB 514 89.74 60.00 -27.79
C ILE AB 514 88.47 59.30 -27.28
N CYS AB 515 87.39 60.03 -27.01
CA CYS AB 515 86.11 59.43 -26.61
C CYS AB 515 85.51 58.54 -27.70
N LEU AB 516 85.60 58.93 -28.98
CA LEU AB 516 85.20 58.13 -30.13
C LEU AB 516 85.99 56.83 -30.26
N SER AB 517 87.19 56.73 -29.68
CA SER AB 517 87.89 55.44 -29.62
C SER AB 517 87.21 54.43 -28.70
N GLY AB 518 86.37 54.89 -27.76
CA GLY AB 518 85.64 54.02 -26.84
C GLY AB 518 84.44 53.31 -27.47
N PRO AB 519 83.99 52.20 -26.88
CA PRO AB 519 82.88 51.41 -27.41
C PRO AB 519 81.53 52.12 -27.34
N GLY AB 520 80.60 51.69 -28.19
CA GLY AB 520 79.23 52.17 -28.31
C GLY AB 520 79.07 53.51 -29.01
N THR AB 521 80.14 54.25 -29.26
CA THR AB 521 80.07 55.57 -29.89
C THR AB 521 79.66 55.47 -31.37
N PRO AB 522 78.64 56.22 -31.82
CA PRO AB 522 78.05 56.04 -33.14
C PRO AB 522 78.93 56.54 -34.31
N LYS AB 523 78.65 56.00 -35.50
CA LYS AB 523 79.19 56.47 -36.80
C LYS AB 523 78.15 57.39 -37.47
N ILE AB 524 78.48 58.66 -37.67
CA ILE AB 524 77.57 59.61 -38.33
C ILE AB 524 78.31 60.20 -39.54
N PRO AB 525 77.81 60.05 -40.78
CA PRO AB 525 78.45 60.64 -41.95
C PRO AB 525 78.61 62.16 -41.83
N LYS AB 526 79.72 62.71 -42.33
CA LYS AB 526 79.97 64.16 -42.30
C LYS AB 526 78.87 64.91 -43.06
N GLY AB 527 78.38 65.99 -42.47
CA GLY AB 527 77.25 66.77 -42.99
C GLY AB 527 75.86 66.25 -42.61
N ILE AB 528 75.75 65.13 -41.90
CA ILE AB 528 74.48 64.62 -41.35
C ILE AB 528 74.43 64.94 -39.85
N THR AB 529 73.28 65.43 -39.39
CA THR AB 529 73.00 65.61 -37.96
C THR AB 529 71.99 64.56 -37.53
N ALA AB 530 72.37 63.73 -36.56
CA ALA AB 530 71.44 62.79 -35.94
C ALA AB 530 70.64 63.49 -34.83
N GLU AB 531 69.40 63.10 -34.62
CA GLU AB 531 68.48 63.75 -33.70
C GLU AB 531 67.66 62.69 -32.95
N ALA AB 532 67.18 63.01 -31.76
CA ALA AB 532 66.20 62.20 -31.06
C ALA AB 532 65.17 63.09 -30.37
N LYS AB 533 63.94 62.59 -30.24
CA LYS AB 533 62.85 63.32 -29.59
C LYS AB 533 61.98 62.41 -28.73
N VAL AB 534 61.38 62.99 -27.71
CA VAL AB 534 60.34 62.38 -26.89
C VAL AB 534 59.09 63.25 -27.00
N LYS AB 535 57.90 62.63 -26.99
CA LYS AB 535 56.65 63.34 -26.75
C LYS AB 535 56.25 63.13 -25.30
N TYR AB 536 56.00 64.21 -24.58
CA TYR AB 536 55.62 64.18 -23.18
C TYR AB 536 54.17 64.59 -22.98
N SER AB 537 53.59 64.12 -21.89
CA SER AB 537 52.30 64.56 -21.38
C SER AB 537 52.36 64.58 -19.86
N PHE AB 538 52.53 65.76 -19.27
CA PHE AB 538 52.48 65.95 -17.81
C PHE AB 538 51.05 66.17 -17.36
N ASN AB 539 50.61 65.45 -16.34
CA ASN AB 539 49.23 65.52 -15.86
C ASN AB 539 49.14 66.38 -14.60
N PHE AB 540 48.35 67.44 -14.68
CA PHE AB 540 48.09 68.37 -13.59
C PHE AB 540 46.59 68.53 -13.38
N LYS AB 541 46.21 68.99 -12.21
CA LYS AB 541 44.92 69.63 -11.96
C LYS AB 541 45.19 71.03 -11.45
N TRP AB 542 44.35 71.98 -11.82
CA TRP AB 542 44.34 73.35 -11.30
C TRP AB 542 43.16 73.51 -10.36
N GLY AB 543 43.36 74.13 -9.21
CA GLY AB 543 42.35 74.26 -8.17
C GLY AB 543 42.13 75.70 -7.75
N GLY AB 544 40.90 76.06 -7.41
CA GLY AB 544 40.59 77.39 -6.91
C GLY AB 544 39.11 77.60 -6.62
N ASP AB 545 38.79 78.79 -6.11
CA ASP AB 545 37.43 79.31 -6.13
C ASP AB 545 37.02 79.70 -7.57
N LEU AB 546 35.72 79.76 -7.83
CA LEU AB 546 35.18 79.98 -9.18
C LEU AB 546 35.65 81.32 -9.76
N PRO AB 547 36.18 81.34 -11.00
CA PRO AB 547 36.68 82.56 -11.64
C PRO AB 547 35.56 83.38 -12.32
N PRO AB 548 35.83 84.65 -12.65
CA PRO AB 548 34.96 85.48 -13.49
C PRO AB 548 35.03 85.12 -14.98
N MET AB 549 34.11 85.66 -15.80
CA MET AB 549 33.99 85.37 -17.24
C MET AB 549 33.33 86.54 -18.00
N SER AB 550 33.47 86.63 -19.33
CA SER AB 550 32.88 87.68 -20.18
C SER AB 550 32.26 87.15 -21.48
N THR AB 551 31.44 87.98 -22.14
CA THR AB 551 30.56 87.58 -23.26
C THR AB 551 30.59 88.57 -24.42
N ILE AB 552 30.11 88.12 -25.59
CA ILE AB 552 30.17 88.83 -26.88
C ILE AB 552 28.76 89.14 -27.39
N THR AB 553 28.55 90.27 -28.06
CA THR AB 553 27.23 90.63 -28.62
C THR AB 553 26.75 89.58 -29.62
N ASN AB 554 25.45 89.29 -29.65
CA ASN AB 554 24.87 88.37 -30.64
C ASN AB 554 24.89 88.92 -32.08
N PRO AB 555 24.51 90.18 -32.37
CA PRO AB 555 24.43 90.67 -33.74
C PRO AB 555 25.78 90.70 -34.45
N THR AB 556 26.84 91.17 -33.77
CA THR AB 556 28.21 91.18 -34.36
C THR AB 556 28.91 89.91 -33.91
N ASP AB 557 28.62 88.77 -34.54
CA ASP AB 557 29.20 87.46 -34.13
C ASP AB 557 29.40 86.61 -35.39
N GLN AB 558 29.98 85.41 -35.24
CA GLN AB 558 30.21 84.50 -36.39
C GLN AB 558 28.94 84.50 -37.28
N PRO AB 559 29.00 85.03 -38.52
CA PRO AB 559 27.81 85.13 -39.35
C PRO AB 559 27.52 83.84 -40.10
N THR AB 560 26.24 83.50 -40.25
CA THR AB 560 25.87 82.30 -41.02
C THR AB 560 26.25 82.49 -42.50
N TYR AB 561 26.50 81.40 -43.23
CA TYR AB 561 26.89 81.45 -44.65
C TYR AB 561 25.90 82.27 -45.51
N VAL AB 562 24.61 82.27 -45.13
CA VAL AB 562 23.55 83.06 -45.76
C VAL AB 562 23.87 84.55 -45.72
N LYS BB 48 31.04 -62.35 -25.75
CA LYS BB 48 30.16 -63.17 -26.63
C LYS BB 48 30.65 -63.18 -28.07
N ARG BB 49 30.56 -62.06 -28.79
CA ARG BB 49 31.12 -61.90 -30.15
C ARG BB 49 31.79 -60.53 -30.30
N LEU BB 50 32.88 -60.49 -31.05
CA LEU BB 50 33.70 -59.29 -31.25
C LEU BB 50 33.82 -58.95 -32.73
N ASN BB 51 33.95 -57.66 -33.03
CA ASN BB 51 34.35 -57.21 -34.36
C ASN BB 51 35.77 -57.68 -34.66
N ILE BB 52 36.01 -58.18 -35.87
CA ILE BB 52 37.38 -58.41 -36.36
C ILE BB 52 38.01 -57.04 -36.68
N VAL BB 53 39.24 -56.83 -36.24
CA VAL BB 53 39.99 -55.58 -36.36
C VAL BB 53 41.32 -55.86 -37.02
N GLU BB 54 41.78 -54.93 -37.85
CA GLU BB 54 43.09 -54.98 -38.49
C GLU BB 54 43.91 -53.75 -38.09
N TRP BB 55 45.22 -53.90 -37.97
CA TRP BB 55 46.12 -52.78 -37.69
C TRP BB 55 46.65 -52.21 -39.00
N GLN BB 56 46.40 -50.90 -39.17
CA GLN BB 56 46.73 -50.20 -40.43
C GLN BB 56 48.23 -50.20 -40.68
N PRO BB 57 48.67 -50.37 -41.93
CA PRO BB 57 50.09 -50.43 -42.27
C PRO BB 57 50.79 -49.07 -42.13
N LYS BB 58 52.11 -49.09 -42.01
CA LYS BB 58 52.93 -47.93 -41.60
C LYS BB 58 52.84 -46.75 -42.56
N SER BB 59 52.82 -46.99 -43.87
CA SER BB 59 52.61 -45.97 -44.90
C SER BB 59 51.56 -46.40 -45.91
N ILE BB 60 50.70 -45.46 -46.32
CA ILE BB 60 49.55 -45.70 -47.19
C ILE BB 60 49.52 -44.64 -48.30
N ARG BB 61 49.23 -45.05 -49.54
CA ARG BB 61 49.16 -44.13 -50.70
C ARG BB 61 47.95 -44.41 -51.63
N LYS BB 62 46.94 -43.56 -51.64
CA LYS BB 62 45.76 -43.70 -52.51
C LYS BB 62 46.18 -43.66 -53.98
N CYS BB 63 45.60 -44.52 -54.81
CA CYS BB 63 45.82 -44.57 -56.24
C CYS BB 63 44.50 -44.84 -56.98
N ARG BB 64 44.12 -43.90 -57.87
CA ARG BB 64 42.94 -44.10 -58.76
C ARG BB 64 43.42 -44.52 -60.15
N ILE BB 65 43.25 -45.80 -60.50
CA ILE BB 65 43.61 -46.28 -61.83
C ILE BB 65 42.52 -45.81 -62.79
N LYS BB 66 42.81 -44.76 -63.58
CA LYS BB 66 41.87 -44.07 -64.45
C LYS BB 66 42.14 -44.38 -65.91
N GLY BB 67 41.11 -44.67 -66.70
CA GLY BB 67 41.31 -44.97 -68.11
C GLY BB 67 40.01 -45.13 -68.88
N MET BB 68 40.13 -45.56 -70.13
CA MET BB 68 39.03 -45.70 -71.08
C MET BB 68 38.97 -47.14 -71.59
N LEU BB 69 37.79 -47.77 -71.60
CA LEU BB 69 37.57 -49.14 -72.06
C LEU BB 69 36.58 -49.18 -73.22
N CYS BB 70 36.93 -49.83 -74.31
CA CYS BB 70 36.02 -50.09 -75.42
C CYS BB 70 35.04 -51.22 -75.06
N LEU BB 71 33.73 -50.95 -75.10
CA LEU BB 71 32.72 -51.94 -74.77
C LEU BB 71 32.40 -52.85 -75.96
N PHE BB 72 32.28 -52.29 -77.15
CA PHE BB 72 32.22 -53.02 -78.40
C PHE BB 72 32.67 -52.10 -79.53
N GLN BB 73 33.06 -52.68 -80.66
CA GLN BB 73 33.11 -51.98 -81.92
C GLN BB 73 32.65 -52.94 -83.01
N THR BB 74 31.59 -52.59 -83.72
CA THR BB 74 30.78 -53.52 -84.51
C THR BB 74 30.37 -52.96 -85.85
N THR BB 75 30.31 -53.82 -86.86
CA THR BB 75 29.53 -53.63 -88.08
C THR BB 75 28.23 -54.45 -87.97
N GLU BB 76 27.31 -54.31 -88.92
CA GLU BB 76 26.05 -55.06 -88.93
C GLU BB 76 26.25 -56.59 -89.02
N ASP BB 77 27.23 -57.04 -89.79
CA ASP BB 77 27.56 -58.45 -90.01
C ASP BB 77 28.30 -59.12 -88.83
N ARG BB 78 28.57 -58.37 -87.76
CA ARG BB 78 29.19 -58.88 -86.53
C ARG BB 78 28.36 -58.65 -85.27
N LEU BB 79 27.11 -58.18 -85.38
CA LEU BB 79 26.29 -57.83 -84.22
C LEU BB 79 26.03 -58.98 -83.26
N SER BB 80 25.85 -60.20 -83.74
CA SER BB 80 25.56 -61.36 -82.90
C SER BB 80 26.79 -62.02 -82.27
N TYR BB 81 27.99 -61.46 -82.43
CA TYR BB 81 29.25 -62.03 -81.94
C TYR BB 81 29.87 -61.21 -80.81
N ASN BB 82 30.61 -61.87 -79.93
CA ASN BB 82 31.32 -61.27 -78.83
C ASN BB 82 32.57 -60.50 -79.32
N PHE BB 83 32.68 -59.22 -78.96
CA PHE BB 83 33.86 -58.39 -79.19
C PHE BB 83 34.95 -58.70 -78.17
N ASP BB 84 36.07 -59.23 -78.66
CA ASP BB 84 37.35 -59.24 -77.97
C ASP BB 84 38.29 -58.24 -78.66
N MET BB 85 38.88 -57.33 -77.88
CA MET BB 85 39.83 -56.34 -78.41
C MET BB 85 41.18 -56.97 -78.76
N TYR BB 86 41.53 -58.06 -78.08
CA TYR BB 86 42.73 -58.85 -78.30
C TYR BB 86 42.32 -60.18 -78.93
N GLU BB 87 42.63 -60.34 -80.20
CA GLU BB 87 41.89 -61.15 -81.16
C GLU BB 87 42.33 -62.60 -81.33
N GLU BB 88 41.43 -63.42 -81.88
CA GLU BB 88 41.83 -64.59 -82.67
C GLU BB 88 42.30 -64.03 -84.01
N SER BB 89 43.58 -64.19 -84.35
CA SER BB 89 44.32 -63.34 -85.30
C SER BB 89 43.72 -63.17 -86.71
N ILE BB 90 42.81 -64.04 -87.12
CA ILE BB 90 42.06 -63.91 -88.38
C ILE BB 90 40.91 -62.89 -88.30
N ILE BB 91 40.28 -62.70 -87.14
CA ILE BB 91 39.08 -61.86 -87.00
C ILE BB 91 39.31 -60.41 -87.49
N PRO BB 92 40.35 -59.67 -87.07
CA PRO BB 92 40.52 -58.30 -87.54
C PRO BB 92 40.99 -58.18 -88.99
N GLU BB 93 41.40 -59.27 -89.66
CA GLU BB 93 41.78 -59.22 -91.07
C GLU BB 93 40.56 -58.94 -91.94
N LYS BB 94 40.48 -57.72 -92.48
CA LYS BB 94 39.36 -57.21 -93.28
C LYS BB 94 38.02 -57.15 -92.54
N LEU BB 95 38.02 -57.05 -91.21
CA LEU BB 95 36.86 -56.59 -90.42
C LEU BB 95 37.22 -55.38 -89.53
N PRO BB 96 36.54 -54.23 -89.67
CA PRO BB 96 36.83 -53.06 -88.86
C PRO BB 96 36.21 -53.11 -87.44
N GLY BB 97 35.25 -54.01 -87.19
CA GLY BB 97 34.70 -54.26 -85.87
C GLY BB 97 34.34 -55.72 -85.66
N GLY BB 98 34.76 -56.31 -84.55
CA GLY BB 98 34.71 -57.77 -84.34
C GLY BB 98 33.44 -58.31 -83.71
N GLY BB 99 32.62 -57.49 -83.06
CA GLY BB 99 31.45 -58.00 -82.34
C GLY BB 99 30.55 -56.92 -81.76
N GLY BB 100 29.25 -57.18 -81.65
CA GLY BB 100 28.24 -56.23 -81.19
C GLY BB 100 27.84 -56.36 -79.73
N PHE BB 101 28.39 -57.32 -79.00
CA PHE BB 101 28.25 -57.42 -77.55
C PHE BB 101 29.59 -57.79 -76.95
N SER BB 102 29.82 -57.54 -75.67
CA SER BB 102 30.97 -58.12 -74.98
C SER BB 102 30.64 -58.48 -73.55
N ILE BB 103 31.41 -59.43 -73.01
CA ILE BB 103 31.55 -59.63 -71.57
C ILE BB 103 33.00 -59.29 -71.23
N LYS BB 104 33.21 -58.29 -70.37
CA LYS BB 104 34.52 -57.85 -69.86
C LYS BB 104 34.65 -58.30 -68.42
N ASN BB 105 35.75 -58.94 -68.07
CA ASN BB 105 36.16 -59.11 -66.66
C ASN BB 105 37.37 -58.21 -66.39
N ILE BB 106 37.31 -57.41 -65.34
CA ILE BB 106 38.39 -56.50 -64.94
C ILE BB 106 39.05 -57.02 -63.67
N SER BB 107 40.37 -57.12 -63.68
CA SER BB 107 41.21 -57.47 -62.54
C SER BB 107 42.38 -56.51 -62.48
N LEU BB 108 43.03 -56.39 -61.32
CA LEU BB 108 44.21 -55.53 -61.16
C LEU BB 108 45.34 -55.90 -62.14
N TYR BB 109 45.49 -57.17 -62.49
CA TYR BB 109 46.42 -57.57 -63.54
C TYR BB 109 45.98 -57.15 -64.94
N ALA BB 110 44.69 -57.22 -65.26
CA ALA BB 110 44.17 -56.67 -66.51
C ALA BB 110 44.32 -55.14 -66.57
N LEU BB 111 44.16 -54.42 -65.46
CA LEU BB 111 44.45 -53.00 -65.39
C LEU BB 111 45.93 -52.69 -65.62
N TYR BB 112 46.84 -53.50 -65.08
CA TYR BB 112 48.27 -53.40 -65.41
C TYR BB 112 48.55 -53.69 -66.89
N GLN BB 113 47.91 -54.69 -67.50
CA GLN BB 113 48.05 -54.95 -68.93
C GLN BB 113 47.53 -53.79 -69.78
N GLU BB 114 46.43 -53.14 -69.41
CA GLU BB 114 45.95 -51.93 -70.08
C GLU BB 114 46.92 -50.75 -69.91
N HIS BB 115 47.73 -50.73 -68.84
CA HIS BB 115 48.78 -49.69 -68.64
C HIS BB 115 49.94 -49.94 -69.62
N ILE BB 116 50.22 -51.20 -69.97
CA ILE BB 116 51.24 -51.52 -70.98
C ILE BB 116 50.79 -51.09 -72.39
N HIS BB 117 49.49 -51.11 -72.67
CA HIS BB 117 48.91 -50.52 -73.89
C HIS BB 117 48.74 -48.99 -73.82
N ALA BB 118 49.15 -48.35 -72.73
CA ALA BB 118 48.95 -46.94 -72.45
C ALA BB 118 47.47 -46.50 -72.42
N HIS BB 119 46.54 -47.41 -72.13
CA HIS BB 119 45.10 -47.13 -72.07
C HIS BB 119 44.65 -46.55 -70.73
N ASN BB 120 45.49 -46.56 -69.70
CA ASN BB 120 45.18 -45.98 -68.40
C ASN BB 120 46.42 -45.33 -67.75
N ILE BB 121 46.15 -44.54 -66.72
CA ILE BB 121 47.16 -44.00 -65.80
C ILE BB 121 46.94 -44.61 -64.41
N PHE BB 122 48.02 -44.80 -63.67
CA PHE BB 122 47.97 -45.04 -62.23
C PHE BB 122 48.33 -43.73 -61.53
N THR BB 123 47.43 -43.19 -60.72
CA THR BB 123 47.65 -41.90 -60.04
C THR BB 123 48.82 -41.93 -59.06
N HIS BB 124 49.15 -43.12 -58.56
CA HIS BB 124 50.34 -43.32 -57.71
C HIS BB 124 50.91 -44.69 -58.07
N THR BB 125 52.23 -44.81 -58.21
CA THR BB 125 52.90 -46.10 -58.40
C THR BB 125 52.76 -47.01 -57.18
N ASN BB 126 52.95 -48.31 -57.41
CA ASN BB 126 52.83 -49.37 -56.42
C ASN BB 126 54.16 -50.12 -56.19
N THR BB 127 55.30 -49.59 -56.65
CA THR BB 127 56.55 -50.37 -56.81
C THR BB 127 57.10 -50.93 -55.50
N ASP BB 128 56.95 -50.19 -54.40
CA ASP BB 128 57.58 -50.53 -53.12
C ASP BB 128 56.57 -50.63 -51.96
N ARG BB 129 55.28 -50.76 -52.29
CA ARG BB 129 54.19 -50.96 -51.30
C ARG BB 129 53.45 -52.21 -51.78
N PRO BB 130 53.65 -53.41 -51.18
CA PRO BB 130 53.14 -54.67 -51.72
C PRO BB 130 51.70 -54.99 -51.33
N LEU BB 131 51.14 -54.30 -50.33
CA LEU BB 131 49.74 -54.47 -49.93
C LEU BB 131 48.81 -53.61 -50.80
N ALA BB 132 47.58 -54.07 -50.99
CA ALA BB 132 46.52 -53.36 -51.67
C ALA BB 132 45.22 -53.42 -50.88
N ARG BB 133 44.44 -52.33 -50.95
CA ARG BB 133 43.11 -52.23 -50.29
C ARG BB 133 42.13 -51.63 -51.32
N TYR BB 134 41.44 -52.47 -52.10
CA TYR BB 134 40.47 -52.06 -53.10
C TYR BB 134 39.19 -51.52 -52.47
N THR BB 135 38.73 -50.35 -52.93
CA THR BB 135 37.61 -49.61 -52.30
C THR BB 135 36.37 -49.54 -53.19
N GLY BB 136 36.47 -49.93 -54.46
CA GLY BB 136 35.37 -49.88 -55.42
C GLY BB 136 35.73 -49.11 -56.69
N CYS BB 137 34.76 -48.96 -57.58
CA CYS BB 137 34.94 -48.41 -58.91
C CYS BB 137 33.92 -47.32 -59.20
N SER BB 138 34.30 -46.31 -59.98
CA SER BB 138 33.36 -45.42 -60.68
C SER BB 138 33.41 -45.68 -62.17
N LEU BB 139 32.27 -45.84 -62.81
CA LEU BB 139 32.15 -45.91 -64.27
C LEU BB 139 31.38 -44.70 -64.79
N LYS BB 140 31.84 -44.11 -65.89
CA LYS BB 140 31.09 -43.15 -66.71
C LYS BB 140 30.86 -43.76 -68.08
N PHE BB 141 29.62 -44.08 -68.41
CA PHE BB 141 29.23 -44.63 -69.70
C PHE BB 141 28.85 -43.49 -70.63
N TYR BB 142 29.49 -43.36 -71.78
CA TYR BB 142 29.22 -42.26 -72.70
C TYR BB 142 28.17 -42.62 -73.74
N GLN BB 143 27.30 -41.69 -74.07
CA GLN BB 143 26.45 -41.80 -75.25
C GLN BB 143 27.31 -41.89 -76.50
N SER BB 144 27.14 -42.95 -77.29
CA SER BB 144 27.72 -42.98 -78.63
C SER BB 144 26.99 -42.03 -79.56
N LYS BB 145 27.61 -41.65 -80.67
CA LYS BB 145 26.97 -40.79 -81.67
C LYS BB 145 25.80 -41.50 -82.35
N ASP BB 146 26.03 -42.70 -82.87
CA ASP BB 146 25.12 -43.38 -83.81
C ASP BB 146 24.36 -44.59 -83.25
N ILE BB 147 24.78 -45.16 -82.13
CA ILE BB 147 24.18 -46.45 -81.62
C ILE BB 147 23.80 -46.37 -80.15
N ASP BB 148 22.68 -46.97 -79.76
CA ASP BB 148 22.26 -47.05 -78.34
C ASP BB 148 22.93 -48.29 -77.78
N TYR BB 149 22.87 -48.55 -76.48
CA TYR BB 149 23.43 -49.82 -75.95
C TYR BB 149 23.01 -50.07 -74.52
N VAL BB 150 22.75 -51.32 -74.19
CA VAL BB 150 22.38 -51.76 -72.83
C VAL BB 150 23.64 -52.24 -72.14
N VAL BB 151 23.82 -51.86 -70.88
CA VAL BB 151 24.86 -52.40 -70.00
C VAL BB 151 24.20 -53.09 -68.81
N THR BB 152 24.77 -54.17 -68.34
CA THR BB 152 24.57 -54.63 -66.98
C THR BB 152 25.88 -55.16 -66.43
N TYR BB 153 26.11 -55.06 -65.13
CA TYR BB 153 27.37 -55.42 -64.50
C TYR BB 153 27.11 -56.28 -63.27
N SER BB 154 28.11 -57.04 -62.87
CA SER BB 154 28.05 -57.90 -61.70
C SER BB 154 29.37 -57.87 -60.95
N THR BB 155 29.36 -58.21 -59.66
CA THR BB 155 30.60 -58.31 -58.84
C THR BB 155 30.57 -59.57 -57.99
N SER BB 156 29.77 -60.57 -58.37
CA SER BB 156 29.82 -61.87 -57.65
C SER BB 156 31.24 -62.42 -57.85
N LEU BB 157 32.05 -62.46 -56.78
CA LEU BB 157 33.48 -62.87 -56.93
C LEU BB 157 33.56 -64.15 -57.78
N PRO BB 158 32.71 -65.19 -57.57
CA PRO BB 158 32.74 -66.35 -58.44
C PRO BB 158 32.51 -65.93 -59.88
N LEU BB 159 33.50 -66.16 -60.75
CA LEU BB 159 33.40 -65.76 -62.19
C LEU BB 159 33.21 -67.01 -63.05
N ARG BB 160 32.17 -67.04 -63.88
CA ARG BB 160 31.91 -68.19 -64.79
C ARG BB 160 31.02 -67.72 -65.96
N SER BB 161 31.00 -68.49 -67.06
CA SER BB 161 30.15 -68.18 -68.24
C SER BB 161 29.02 -69.20 -68.31
N SER BB 162 27.90 -68.85 -68.94
CA SER BB 162 26.73 -69.76 -69.06
C SER BB 162 26.07 -69.60 -70.43
N MET BB 163 25.40 -70.64 -70.91
CA MET BB 163 24.66 -70.60 -72.18
C MET BB 163 23.49 -69.60 -72.11
N GLY BB 164 22.79 -69.56 -70.97
CA GLY BB 164 21.73 -68.59 -70.70
C GLY BB 164 22.25 -67.15 -70.62
N MET BB 165 23.44 -66.91 -70.09
CA MET BB 165 24.07 -65.60 -70.13
C MET BB 165 24.28 -65.14 -71.57
N TYR BB 166 24.91 -65.95 -72.42
CA TYR BB 166 25.18 -65.56 -73.81
C TYR BB 166 23.91 -65.35 -74.63
N ASN BB 167 22.87 -66.17 -74.46
CA ASN BB 167 21.58 -65.91 -75.10
C ASN BB 167 20.94 -64.62 -74.56
N SER BB 168 21.01 -64.38 -73.24
CA SER BB 168 20.45 -63.17 -72.64
C SER BB 168 21.16 -61.88 -73.05
N MET BB 169 22.32 -61.95 -73.70
CA MET BB 169 22.95 -60.80 -74.35
C MET BB 169 22.18 -60.29 -75.56
N GLN BB 170 21.20 -61.03 -76.09
CA GLN BB 170 20.39 -60.57 -77.21
C GLN BB 170 19.73 -59.23 -76.83
N PRO BB 171 19.77 -58.19 -77.68
CA PRO BB 171 19.45 -56.84 -77.24
C PRO BB 171 18.08 -56.66 -76.61
N SER BB 172 17.04 -57.32 -77.13
CA SER BB 172 15.69 -57.29 -76.57
C SER BB 172 15.62 -57.96 -75.19
N ILE BB 173 16.31 -59.10 -75.03
CA ILE BB 173 16.33 -59.84 -73.77
C ILE BB 173 17.14 -59.09 -72.71
N HIS BB 174 18.31 -58.58 -73.06
CA HIS BB 174 19.12 -57.77 -72.17
C HIS BB 174 18.37 -56.51 -71.75
N LEU BB 175 17.69 -55.81 -72.68
CA LEU BB 175 16.86 -54.66 -72.36
C LEU BB 175 15.69 -54.98 -71.42
N MET BB 176 15.20 -56.22 -71.34
CA MET BB 176 14.18 -56.59 -70.35
C MET BB 176 14.73 -56.86 -68.96
N GLN BB 177 16.02 -57.16 -68.78
CA GLN BB 177 16.58 -57.55 -67.49
C GLN BB 177 16.51 -56.44 -66.44
N GLN BB 178 16.44 -56.84 -65.16
CA GLN BB 178 16.53 -55.92 -64.03
C GLN BB 178 17.97 -55.42 -63.83
N ASN BB 179 18.10 -54.21 -63.29
CA ASN BB 179 19.40 -53.55 -63.09
C ASN BB 179 20.23 -53.42 -64.37
N LYS BB 180 19.55 -53.30 -65.51
CA LYS BB 180 20.12 -52.78 -66.75
C LYS BB 180 20.41 -51.29 -66.62
N LEU BB 181 21.27 -50.80 -67.48
CA LEU BB 181 21.45 -49.38 -67.81
C LEU BB 181 21.30 -49.24 -69.31
N ILE BB 182 20.40 -48.40 -69.78
CA ILE BB 182 20.25 -48.08 -71.20
C ILE BB 182 20.95 -46.76 -71.45
N VAL BB 183 21.82 -46.73 -72.45
CA VAL BB 183 22.49 -45.50 -72.89
C VAL BB 183 21.99 -45.18 -74.30
N PRO BB 184 21.06 -44.22 -74.46
CA PRO BB 184 20.64 -43.77 -75.77
C PRO BB 184 21.81 -43.11 -76.48
N SER BB 185 21.87 -43.21 -77.80
CA SER BB 185 22.78 -42.41 -78.60
C SER BB 185 22.46 -40.92 -78.48
N LYS BB 186 23.41 -40.07 -78.85
CA LYS BB 186 23.18 -38.61 -78.92
C LYS BB 186 22.08 -38.25 -79.91
N GLN BB 187 21.91 -39.06 -80.95
CA GLN BB 187 20.80 -38.94 -81.91
C GLN BB 187 19.44 -39.27 -81.30
N THR BB 188 19.30 -40.37 -80.53
CA THR BB 188 18.01 -40.75 -79.96
C THR BB 188 17.62 -39.93 -78.73
N GLN BB 189 18.57 -39.40 -77.96
CA GLN BB 189 18.26 -38.46 -76.88
C GLN BB 189 19.43 -37.50 -76.59
N LYS BB 190 19.21 -36.20 -76.75
CA LYS BB 190 20.10 -35.15 -76.22
C LYS BB 190 19.90 -35.02 -74.71
N ARG BB 191 20.98 -34.94 -73.94
CA ARG BB 191 20.99 -34.96 -72.47
C ARG BB 191 21.79 -33.79 -71.91
N ARG BB 192 21.51 -33.40 -70.67
CA ARG BB 192 22.30 -32.38 -69.94
C ARG BB 192 23.74 -32.85 -69.75
N LYS BB 193 23.93 -34.04 -69.18
CA LYS BB 193 25.23 -34.69 -69.06
C LYS BB 193 25.36 -35.75 -70.17
N PRO BB 194 26.46 -35.77 -70.94
CA PRO BB 194 26.62 -36.67 -72.08
C PRO BB 194 27.00 -38.10 -71.69
N TYR BB 195 26.90 -38.45 -70.42
CA TYR BB 195 27.30 -39.72 -69.84
C TYR BB 195 26.36 -40.12 -68.70
N ILE BB 196 26.32 -41.39 -68.36
CA ILE BB 196 25.67 -41.89 -67.14
C ILE BB 196 26.74 -42.44 -66.20
N LYS BB 197 26.76 -41.95 -64.96
CA LYS BB 197 27.78 -42.25 -63.96
C LYS BB 197 27.22 -43.11 -62.84
N LYS BB 198 27.89 -44.19 -62.47
CA LYS BB 198 27.55 -44.95 -61.26
C LYS BB 198 28.73 -45.61 -60.58
N HIS BB 199 28.61 -45.73 -59.27
CA HIS BB 199 29.62 -46.28 -58.38
C HIS BB 199 29.30 -47.74 -58.09
N ILE BB 200 30.32 -48.60 -58.16
CA ILE BB 200 30.20 -50.04 -58.00
C ILE BB 200 31.08 -50.47 -56.82
N SER BB 201 30.47 -51.15 -55.85
CA SER BB 201 31.14 -51.62 -54.63
C SER BB 201 32.04 -52.84 -54.93
N PRO BB 202 33.06 -53.17 -54.12
CA PRO BB 202 33.84 -54.39 -54.32
C PRO BB 202 32.99 -55.67 -54.31
N PRO BB 203 33.48 -56.77 -54.90
CA PRO BB 203 32.89 -58.09 -54.70
C PRO BB 203 32.66 -58.39 -53.23
N THR BB 204 31.57 -59.07 -52.88
CA THR BB 204 31.27 -59.36 -51.46
C THR BB 204 32.37 -60.18 -50.78
N GLN BB 205 33.13 -60.96 -51.58
CA GLN BB 205 34.27 -61.79 -51.07
C GLN BB 205 35.52 -60.92 -50.86
N MET BB 206 35.64 -59.78 -51.53
CA MET BB 206 36.71 -58.81 -51.29
C MET BB 206 36.30 -57.92 -50.11
N LYS BB 207 36.80 -58.22 -48.92
CA LYS BB 207 36.50 -57.45 -47.70
C LYS BB 207 37.34 -56.17 -47.66
N SER BB 208 37.07 -55.26 -46.75
CA SER BB 208 37.80 -54.00 -46.64
C SER BB 208 39.27 -54.16 -46.16
N GLN BB 209 39.67 -55.35 -45.75
CA GLN BB 209 41.03 -55.64 -45.30
C GLN BB 209 42.10 -55.37 -46.37
N TRP BB 210 43.36 -55.27 -45.95
CA TRP BB 210 44.52 -55.30 -46.84
C TRP BB 210 44.78 -56.70 -47.38
N TYR BB 211 45.23 -56.79 -48.63
CA TYR BB 211 45.63 -58.03 -49.28
C TYR BB 211 46.95 -57.82 -50.00
N PHE BB 212 47.85 -58.80 -50.03
CA PHE BB 212 49.00 -58.73 -50.91
C PHE BB 212 48.55 -58.59 -52.37
N GLN BB 213 49.19 -57.69 -53.12
CA GLN BB 213 48.84 -57.45 -54.54
C GLN BB 213 49.06 -58.73 -55.37
N HIS BB 214 49.98 -59.62 -54.98
CA HIS BB 214 50.23 -60.91 -55.68
C HIS BB 214 48.99 -61.81 -55.56
N ASN BB 215 48.29 -61.77 -54.42
CA ASN BB 215 47.13 -62.62 -54.20
C ASN BB 215 45.91 -62.13 -54.98
N ILE BB 216 45.61 -60.83 -54.90
CA ILE BB 216 44.42 -60.25 -55.55
C ILE BB 216 44.62 -59.91 -57.04
N ALA BB 217 45.83 -59.98 -57.58
CA ALA BB 217 46.13 -59.58 -58.96
C ALA BB 217 45.14 -60.13 -59.98
N ASN BB 218 44.85 -61.42 -59.93
CA ASN BB 218 44.00 -62.10 -60.92
C ASN BB 218 42.53 -62.25 -60.52
N ILE BB 219 42.13 -61.85 -59.31
CA ILE BB 219 40.73 -61.91 -58.84
C ILE BB 219 39.89 -60.93 -59.67
N PRO BB 220 38.84 -61.37 -60.39
CA PRO BB 220 38.03 -60.47 -61.21
C PRO BB 220 37.13 -59.62 -60.32
N LEU BB 221 37.38 -58.30 -60.25
CA LEU BB 221 36.67 -57.38 -59.30
C LEU BB 221 35.44 -56.74 -59.94
N LEU BB 222 35.26 -56.89 -61.25
CA LEU BB 222 34.08 -56.38 -61.96
C LEU BB 222 33.83 -57.19 -63.23
N MET BB 223 32.58 -57.53 -63.53
CA MET BB 223 32.15 -57.95 -64.85
C MET BB 223 31.23 -56.89 -65.48
N ILE BB 224 31.51 -56.46 -66.71
CA ILE BB 224 30.62 -55.60 -67.48
C ILE BB 224 30.09 -56.39 -68.67
N ARG BB 225 28.77 -56.44 -68.87
CA ARG BB 225 28.10 -57.03 -70.03
C ARG BB 225 27.46 -55.90 -70.83
N THR BB 226 27.77 -55.80 -72.13
CA THR BB 226 27.22 -54.75 -73.00
C THR BB 226 26.71 -55.34 -74.29
N THR BB 227 25.59 -54.85 -74.81
CA THR BB 227 25.06 -55.22 -76.13
C THR BB 227 24.60 -53.98 -76.89
N ALA BB 228 24.88 -53.94 -78.20
CA ALA BB 228 24.46 -52.89 -79.11
C ALA BB 228 22.96 -53.02 -79.48
N LEU BB 229 22.28 -51.89 -79.60
CA LEU BB 229 20.82 -51.80 -79.56
C LEU BB 229 20.33 -50.72 -80.53
N THR BB 230 19.08 -50.80 -81.00
CA THR BB 230 18.36 -49.59 -81.40
C THR BB 230 17.00 -49.52 -80.75
N LEU BB 231 16.67 -48.36 -80.18
CA LEU BB 231 15.37 -48.07 -79.60
C LEU BB 231 14.34 -47.62 -80.65
N ASP BB 232 14.74 -46.80 -81.61
CA ASP BB 232 13.86 -46.24 -82.65
C ASP BB 232 13.56 -47.20 -83.82
N ASN BB 233 14.37 -48.23 -84.02
CA ASN BB 233 14.21 -49.25 -85.06
C ASN BB 233 14.04 -50.64 -84.43
N TYR BB 234 13.49 -50.72 -83.24
CA TYR BB 234 13.45 -51.92 -82.42
C TYR BB 234 12.86 -53.15 -83.15
N TYR BB 235 11.76 -52.99 -83.87
CA TYR BB 235 11.12 -54.09 -84.60
C TYR BB 235 11.66 -54.27 -86.01
N ILE BB 236 11.72 -53.19 -86.79
CA ILE BB 236 12.16 -53.25 -88.19
C ILE BB 236 13.65 -53.60 -88.29
N GLY BB 237 14.48 -53.04 -87.40
CA GLY BB 237 15.92 -53.27 -87.36
C GLY BB 237 16.56 -52.86 -88.67
N SER BB 238 17.13 -53.83 -89.38
CA SER BB 238 17.67 -53.65 -90.74
C SER BB 238 16.93 -54.46 -91.82
N ARG BB 239 15.69 -54.86 -91.56
CA ARG BB 239 14.78 -55.52 -92.52
C ARG BB 239 14.69 -54.74 -93.83
N GLN BB 240 14.70 -55.46 -94.94
CA GLN BB 240 14.46 -54.94 -96.29
C GLN BB 240 13.35 -55.77 -96.95
N LEU BB 241 12.43 -55.14 -97.67
CA LEU BB 241 11.28 -55.80 -98.30
C LEU BB 241 10.45 -56.60 -97.28
N SER BB 242 10.24 -57.90 -97.51
CA SER BB 242 9.42 -58.79 -96.65
C SER BB 242 10.00 -58.95 -95.24
N THR BB 243 9.14 -59.31 -94.28
CA THR BB 243 9.59 -59.72 -92.93
C THR BB 243 10.38 -61.05 -92.96
N ASN BB 244 10.12 -61.92 -93.94
CA ASN BB 244 10.82 -63.18 -94.13
C ASN BB 244 12.28 -62.96 -94.51
N VAL BB 245 13.19 -63.69 -93.89
CA VAL BB 245 14.61 -63.79 -94.27
C VAL BB 245 14.84 -65.13 -94.98
N THR BB 246 15.69 -65.14 -96.00
CA THR BB 246 16.05 -66.36 -96.73
C THR BB 246 17.31 -66.98 -96.15
N ILE BB 247 17.24 -68.26 -95.77
CA ILE BB 247 18.37 -69.05 -95.27
C ILE BB 247 18.77 -70.05 -96.36
N HIS BB 248 20.05 -70.15 -96.69
CA HIS BB 248 20.53 -71.21 -97.61
C HIS BB 248 20.92 -72.39 -96.70
N THR BB 249 20.76 -73.63 -97.15
CA THR BB 249 21.19 -74.81 -96.40
C THR BB 249 21.68 -75.94 -97.30
N LEU BB 250 22.47 -76.86 -96.76
CA LEU BB 250 22.88 -78.08 -97.50
C LEU BB 250 21.68 -79.02 -97.48
N ASN BB 251 21.20 -79.49 -98.64
CA ASN BB 251 20.13 -80.51 -98.66
C ASN BB 251 20.53 -81.60 -97.66
N THR BB 252 19.71 -81.89 -96.66
CA THR BB 252 20.02 -82.90 -95.63
C THR BB 252 19.71 -84.27 -96.19
N THR BB 253 18.73 -84.37 -97.09
CA THR BB 253 18.23 -85.66 -97.62
C THR BB 253 19.18 -86.29 -98.66
N TYR BB 254 20.30 -85.63 -99.00
CA TYR BB 254 21.27 -86.15 -99.98
C TYR BB 254 22.73 -85.94 -99.55
N ILE BB 255 23.07 -84.78 -98.96
CA ILE BB 255 24.42 -84.46 -98.50
C ILE BB 255 24.56 -84.84 -97.02
N GLN BB 256 25.12 -86.00 -96.68
CA GLN BB 256 25.17 -86.41 -95.25
C GLN BB 256 26.51 -87.03 -94.85
N ASN BB 257 27.37 -87.39 -95.80
CA ASN BB 257 28.55 -88.18 -95.43
C ASN BB 257 29.61 -87.42 -94.63
N ARG BB 258 29.66 -86.08 -94.72
CA ARG BB 258 30.61 -85.23 -93.95
C ARG BB 258 32.07 -85.67 -94.12
N ASP BB 259 32.43 -86.25 -95.28
CA ASP BB 259 33.82 -86.67 -95.57
C ASP BB 259 34.60 -85.58 -96.32
N TRP BB 260 34.70 -84.38 -95.76
CA TRP BB 260 35.16 -83.19 -96.47
C TRP BB 260 36.66 -82.87 -96.34
N GLY BB 261 37.17 -82.12 -97.32
CA GLY BB 261 38.47 -81.45 -97.22
C GLY BB 261 39.69 -82.32 -97.54
N ASP BB 262 39.56 -83.31 -98.43
CA ASP BB 262 40.67 -84.06 -99.02
C ASP BB 262 40.62 -84.07 -100.56
N ARG BB 263 41.77 -83.98 -101.23
CA ARG BB 263 41.85 -84.21 -102.70
C ARG BB 263 42.26 -85.68 -102.87
N ASN BB 264 42.47 -86.40 -101.76
CA ASN BB 264 42.92 -87.80 -101.73
C ASN BB 264 41.75 -88.81 -101.64
N LYS BB 265 40.51 -88.37 -101.83
CA LYS BB 265 39.28 -89.15 -101.63
C LYS BB 265 38.21 -88.77 -102.66
N THR BB 266 37.70 -89.72 -103.44
CA THR BB 266 36.53 -89.50 -104.29
C THR BB 266 35.29 -89.25 -103.43
N TYR BB 267 34.62 -88.12 -103.59
CA TYR BB 267 33.49 -87.76 -102.71
C TYR BB 267 32.21 -88.50 -103.09
N TYR BB 268 31.49 -88.95 -102.07
CA TYR BB 268 30.19 -89.61 -102.16
C TYR BB 268 29.27 -88.93 -101.15
N CYS BB 269 28.05 -88.59 -101.53
CA CYS BB 269 27.21 -87.67 -100.76
C CYS BB 269 26.42 -88.36 -99.64
N GLN BB 270 25.95 -89.59 -99.84
CA GLN BB 270 25.25 -90.38 -98.82
C GLN BB 270 25.54 -91.88 -98.96
N THR BB 271 25.34 -92.61 -97.86
CA THR BB 271 25.21 -94.07 -97.84
C THR BB 271 23.78 -94.45 -97.46
N LEU BB 272 23.19 -95.43 -98.16
CA LEU BB 272 21.92 -96.05 -97.76
C LEU BB 272 22.07 -97.57 -97.85
N GLY BB 273 21.68 -98.30 -96.80
CA GLY BB 273 22.00 -99.72 -96.68
C GLY BB 273 23.50 -99.96 -96.77
N THR BB 274 23.95 -100.72 -97.77
CA THR BB 274 25.37 -100.91 -98.13
C THR BB 274 25.88 -99.96 -99.22
N GLN BB 275 24.98 -99.24 -99.91
CA GLN BB 275 25.32 -98.44 -101.09
C GLN BB 275 26.09 -97.16 -100.74
N ARG BB 276 26.75 -96.58 -101.75
CA ARG BB 276 27.25 -95.19 -101.79
C ARG BB 276 26.60 -94.47 -102.97
N TYR BB 277 26.30 -93.19 -102.80
CA TYR BB 277 25.69 -92.35 -103.84
C TYR BB 277 26.62 -91.19 -104.20
N PHE BB 278 26.59 -90.81 -105.48
CA PHE BB 278 27.58 -89.98 -106.13
C PHE BB 278 26.90 -88.89 -106.96
N LEU BB 279 27.59 -87.77 -107.11
CA LEU BB 279 27.11 -86.58 -107.81
C LEU BB 279 27.97 -86.36 -109.05
N TYR BB 280 27.36 -85.88 -110.13
CA TYR BB 280 28.04 -85.52 -111.38
C TYR BB 280 27.50 -84.20 -111.92
N GLY BB 281 28.36 -83.30 -112.35
CA GLY BB 281 27.95 -82.07 -113.03
C GLY BB 281 27.86 -82.29 -114.54
N THR BB 282 27.06 -81.50 -115.25
CA THR BB 282 27.11 -81.46 -116.72
C THR BB 282 26.78 -80.08 -117.25
N HIS BB 283 27.33 -79.73 -118.41
CA HIS BB 283 26.97 -78.46 -119.12
C HIS BB 283 25.97 -78.83 -120.22
N SER BB 284 25.55 -80.10 -120.30
CA SER BB 284 24.65 -80.57 -121.35
C SER BB 284 23.31 -79.83 -121.35
N THR BB 285 22.84 -79.50 -122.55
CA THR BB 285 21.49 -78.96 -122.80
C THR BB 285 20.41 -80.04 -122.89
N ALA BB 286 20.78 -81.33 -122.74
CA ALA BB 286 19.84 -82.45 -122.82
C ALA BB 286 18.71 -82.31 -121.78
N GLN BB 287 17.46 -82.43 -122.25
CA GLN BB 287 16.27 -82.29 -121.41
C GLN BB 287 15.95 -83.56 -120.62
N ASN BB 288 16.34 -84.73 -121.11
CA ASN BB 288 15.97 -86.03 -120.53
C ASN BB 288 17.17 -86.67 -119.82
N ILE BB 289 17.01 -86.98 -118.53
CA ILE BB 289 18.05 -87.59 -117.70
C ILE BB 289 18.52 -88.96 -118.23
N ASN BB 290 17.69 -89.67 -118.99
CA ASN BB 290 18.04 -90.98 -119.54
C ASN BB 290 19.08 -90.90 -120.67
N ASP BB 291 19.00 -89.90 -121.57
CA ASP BB 291 19.83 -89.85 -122.83
C ASP BB 291 21.18 -89.14 -122.69
N ILE BB 292 21.47 -88.48 -121.57
CA ILE BB 292 22.80 -87.91 -121.33
C ILE BB 292 23.87 -89.00 -121.50
N LYS BB 293 25.01 -88.67 -122.11
CA LYS BB 293 26.10 -89.63 -122.36
C LYS BB 293 26.80 -90.01 -121.04
N LEU BB 294 27.74 -90.97 -121.13
CA LEU BB 294 28.61 -91.28 -119.96
C LEU BB 294 29.71 -90.20 -119.97
N GLN BB 295 29.94 -89.57 -121.13
CA GLN BB 295 30.99 -88.51 -121.30
C GLN BB 295 30.55 -87.17 -120.69
N GLU BB 296 29.30 -86.77 -120.90
CA GLU BB 296 28.81 -85.44 -120.45
C GLU BB 296 29.11 -85.23 -118.95
N LEU BB 297 28.92 -86.25 -118.13
CA LEU BB 297 29.08 -86.12 -116.66
C LEU BB 297 30.49 -85.67 -116.27
N ILE BB 298 30.61 -84.73 -115.33
CA ILE BB 298 31.92 -84.26 -114.78
C ILE BB 298 31.98 -84.81 -113.36
N PRO BB 299 32.63 -85.95 -113.11
CA PRO BB 299 32.57 -86.62 -111.81
C PRO BB 299 33.29 -85.79 -110.77
N LEU BB 300 32.89 -85.88 -109.51
CA LEU BB 300 33.51 -85.08 -108.42
C LEU BB 300 34.44 -85.97 -107.59
N THR BB 301 35.75 -85.76 -107.68
CA THR BB 301 36.78 -86.56 -106.96
C THR BB 301 37.46 -85.67 -105.93
N ASN BB 302 37.06 -84.41 -105.80
CA ASN BB 302 37.61 -83.50 -104.80
C ASN BB 302 36.46 -82.74 -104.13
N THR BB 303 36.53 -82.50 -102.81
CA THR BB 303 35.71 -81.45 -102.17
C THR BB 303 36.52 -80.27 -101.66
N GLN BB 304 37.83 -80.47 -101.45
CA GLN BB 304 38.74 -79.48 -100.81
C GLN BB 304 39.04 -78.22 -101.64
N ASP BB 305 38.70 -78.18 -102.93
CA ASP BB 305 39.06 -77.01 -103.77
C ASP BB 305 37.85 -76.24 -104.32
N TYR BB 306 38.08 -75.00 -104.74
CA TYR BB 306 37.05 -74.20 -105.42
C TYR BB 306 36.83 -74.61 -106.89
N VAL BB 307 37.67 -75.50 -107.43
CA VAL BB 307 37.74 -75.82 -108.86
C VAL BB 307 36.39 -76.34 -109.40
N GLN BB 308 35.98 -75.84 -110.57
CA GLN BB 308 34.76 -76.24 -111.28
C GLN BB 308 34.87 -77.61 -111.96
N GLY BB 309 36.10 -78.00 -112.31
CA GLY BB 309 36.34 -79.08 -113.26
C GLY BB 309 36.09 -78.62 -114.70
N PHE BB 310 36.06 -79.56 -115.64
CA PHE BB 310 35.73 -79.32 -117.04
C PHE BB 310 35.21 -80.58 -117.71
N ASP BB 311 34.55 -80.40 -118.85
CA ASP BB 311 33.94 -81.49 -119.63
C ASP BB 311 34.96 -82.29 -120.45
N TRP BB 312 34.65 -83.55 -120.77
CA TRP BB 312 35.47 -84.43 -121.60
C TRP BB 312 35.75 -83.86 -123.00
N THR BB 313 34.92 -82.96 -123.50
CA THR BB 313 35.18 -82.21 -124.75
C THR BB 313 36.46 -81.36 -124.69
N GLU BB 314 36.99 -81.08 -123.50
CA GLU BB 314 38.28 -80.38 -123.31
C GLU BB 314 39.47 -81.34 -123.09
N LYS BB 315 39.30 -82.64 -123.36
CA LYS BB 315 40.37 -83.65 -123.34
C LYS BB 315 41.67 -83.16 -124.00
N ASP BB 316 41.56 -82.58 -125.19
CA ASP BB 316 42.70 -82.09 -125.97
C ASP BB 316 43.28 -80.76 -125.45
N LYS BB 317 42.59 -80.01 -124.58
CA LYS BB 317 43.13 -78.79 -123.96
C LYS BB 317 44.05 -79.08 -122.77
N HIS BB 318 43.83 -80.24 -122.10
CA HIS BB 318 44.63 -80.68 -120.91
C HIS BB 318 45.39 -81.97 -121.24
N ASN BB 319 45.67 -82.25 -122.51
CA ASN BB 319 46.46 -83.41 -122.98
C ASN BB 319 46.03 -84.73 -122.30
N ILE BB 320 44.74 -84.88 -122.02
CA ILE BB 320 44.18 -86.05 -121.33
C ILE BB 320 44.22 -87.27 -122.25
N THR BB 321 44.75 -88.39 -121.75
CA THR BB 321 44.83 -89.66 -122.49
C THR BB 321 43.77 -90.67 -122.05
N THR BB 322 43.26 -90.58 -120.83
CA THR BB 322 42.33 -91.57 -120.25
C THR BB 322 41.29 -90.91 -119.33
N TYR BB 323 40.20 -91.61 -119.05
CA TYR BB 323 39.24 -91.17 -118.03
C TYR BB 323 39.90 -91.03 -116.65
N LYS BB 324 40.96 -91.78 -116.33
CA LYS BB 324 41.78 -91.57 -115.12
C LYS BB 324 42.39 -90.17 -115.07
N GLU BB 325 42.94 -89.66 -116.17
CA GLU BB 325 43.41 -88.27 -116.25
C GLU BB 325 42.26 -87.24 -116.33
N PHE BB 326 41.11 -87.60 -116.88
CA PHE BB 326 39.90 -86.77 -116.80
C PHE BB 326 39.41 -86.61 -115.35
N LEU BB 327 39.37 -87.70 -114.57
CA LEU BB 327 39.08 -87.70 -113.13
C LEU BB 327 40.03 -86.79 -112.33
N THR BB 328 41.34 -86.86 -112.59
CA THR BB 328 42.31 -86.09 -111.80
C THR BB 328 42.39 -84.64 -112.24
N LYS BB 329 42.41 -84.34 -113.55
CA LYS BB 329 42.50 -82.96 -114.03
C LYS BB 329 41.15 -82.23 -114.05
N GLY BB 330 40.07 -82.92 -114.43
CA GLY BB 330 38.80 -82.30 -114.83
C GLY BB 330 37.63 -82.47 -113.87
N ALA BB 331 37.77 -83.19 -112.77
CA ALA BB 331 36.70 -83.31 -111.78
C ALA BB 331 36.34 -81.97 -111.12
N GLY BB 332 35.05 -81.78 -110.82
CA GLY BB 332 34.51 -80.54 -110.24
C GLY BB 332 34.19 -80.64 -108.76
N ASN BB 333 34.41 -79.59 -107.97
CA ASN BB 333 34.01 -79.62 -106.56
C ASN BB 333 32.51 -79.26 -106.48
N PRO BB 334 31.69 -80.01 -105.73
CA PRO BB 334 30.23 -79.84 -105.75
C PRO BB 334 29.78 -78.48 -105.21
N PHE BB 335 30.64 -77.83 -104.42
CA PHE BB 335 30.41 -76.52 -103.81
C PHE BB 335 30.95 -75.35 -104.66
N HIS BB 336 31.41 -75.58 -105.89
CA HIS BB 336 31.70 -74.48 -106.82
C HIS BB 336 30.43 -73.67 -107.11
N ALA BB 337 30.57 -72.38 -107.44
CA ALA BB 337 29.46 -71.43 -107.53
C ALA BB 337 28.33 -71.81 -108.51
N GLU BB 338 28.60 -72.66 -109.51
CA GLU BB 338 27.54 -73.19 -110.39
C GLU BB 338 26.98 -74.55 -109.93
N TRP BB 339 27.77 -75.42 -109.32
CA TRP BB 339 27.31 -76.71 -108.83
C TRP BB 339 26.57 -76.64 -107.48
N ILE BB 340 26.93 -75.67 -106.61
CA ILE BB 340 26.37 -75.49 -105.26
C ILE BB 340 24.85 -75.33 -105.26
N THR BB 341 24.31 -74.61 -106.24
CA THR BB 341 22.86 -74.40 -106.47
C THR BB 341 22.39 -75.00 -107.80
N ALA BB 342 23.22 -75.83 -108.44
CA ALA BB 342 22.96 -76.45 -109.74
C ALA BB 342 22.49 -75.43 -110.81
N GLN BB 343 23.17 -74.29 -110.91
CA GLN BB 343 22.93 -73.29 -111.97
C GLN BB 343 23.06 -73.96 -113.34
N ASN BB 344 24.09 -74.79 -113.50
CA ASN BB 344 24.19 -75.80 -114.55
C ASN BB 344 23.83 -77.16 -113.93
N PRO BB 345 23.07 -78.04 -114.61
CA PRO BB 345 22.51 -79.24 -114.00
C PRO BB 345 23.54 -80.13 -113.30
N VAL BB 346 23.09 -80.73 -112.18
CA VAL BB 346 23.86 -81.65 -111.34
C VAL BB 346 23.03 -82.92 -111.15
N ILE BB 347 23.65 -84.07 -111.32
CA ILE BB 347 23.01 -85.37 -111.38
C ILE BB 347 23.46 -86.22 -110.19
N HIS BB 348 22.50 -86.75 -109.44
CA HIS BB 348 22.72 -87.64 -108.29
C HIS BB 348 22.42 -89.09 -108.69
N THR BB 349 23.28 -90.04 -108.35
CA THR BB 349 23.12 -91.45 -108.75
C THR BB 349 23.77 -92.42 -107.77
N ALA BB 350 23.30 -93.67 -107.74
CA ALA BB 350 23.99 -94.76 -107.07
C ALA BB 350 25.22 -95.25 -107.86
N ASN BB 351 25.32 -94.95 -109.16
CA ASN BB 351 26.37 -95.50 -110.00
C ASN BB 351 27.74 -94.85 -109.70
N SER BB 352 28.63 -95.63 -109.09
CA SER BB 352 29.97 -95.15 -108.71
C SER BB 352 30.81 -94.78 -109.94
N PRO BB 353 31.64 -93.72 -109.87
CA PRO BB 353 32.57 -93.38 -110.93
C PRO BB 353 33.45 -94.56 -111.34
N THR BB 354 33.79 -95.48 -110.44
CA THR BB 354 34.58 -96.66 -110.78
C THR BB 354 33.83 -97.66 -111.67
N GLN BB 355 32.51 -97.74 -111.60
CA GLN BB 355 31.76 -98.49 -112.61
C GLN BB 355 31.83 -97.76 -113.97
N ILE BB 356 31.76 -96.43 -113.98
CA ILE BB 356 32.00 -95.64 -115.20
C ILE BB 356 33.45 -95.81 -115.69
N GLU BB 357 34.44 -95.90 -114.80
CA GLU BB 357 35.85 -96.19 -115.15
C GLU BB 357 35.91 -97.54 -115.87
N GLN BB 358 35.27 -98.58 -115.33
CA GLN BB 358 35.23 -99.89 -115.97
C GLN BB 358 34.59 -99.80 -117.36
N ILE BB 359 33.51 -99.05 -117.55
CA ILE BB 359 32.90 -98.87 -118.88
C ILE BB 359 33.84 -98.13 -119.84
N TYR BB 360 34.47 -97.02 -119.42
CA TYR BB 360 35.45 -96.32 -120.24
C TYR BB 360 36.67 -97.18 -120.57
N THR BB 361 37.33 -97.74 -119.55
CA THR BB 361 38.59 -98.47 -119.69
C THR BB 361 38.38 -99.78 -120.46
N ALA BB 362 37.24 -100.46 -120.28
CA ALA BB 362 36.93 -101.65 -121.08
C ALA BB 362 36.87 -101.32 -122.58
N SER BB 363 36.25 -100.21 -122.98
CA SER BB 363 36.42 -99.64 -124.32
C SER BB 363 36.04 -98.16 -124.39
N THR BB 364 37.01 -97.32 -124.73
CA THR BB 364 36.86 -95.86 -124.91
C THR BB 364 35.94 -95.53 -126.09
N THR BB 365 35.92 -96.38 -127.12
CA THR BB 365 35.03 -96.24 -128.28
C THR BB 365 33.56 -96.46 -127.90
N THR BB 366 33.26 -97.36 -126.95
CA THR BB 366 31.87 -97.54 -126.47
C THR BB 366 31.48 -96.53 -125.38
N PHE BB 367 32.41 -95.78 -124.80
CA PHE BB 367 32.10 -94.63 -123.93
C PHE BB 367 31.38 -93.51 -124.69
N GLN BB 368 31.69 -93.33 -125.98
CA GLN BB 368 30.94 -92.47 -126.90
C GLN BB 368 29.50 -92.98 -127.09
N ASN BB 369 29.32 -94.29 -127.24
CA ASN BB 369 28.02 -94.91 -127.51
C ASN BB 369 27.12 -94.96 -126.27
N LYS BB 370 27.67 -95.30 -125.10
CA LYS BB 370 26.89 -95.49 -123.86
C LYS BB 370 26.28 -94.17 -123.37
N LYS BB 371 25.02 -94.24 -122.97
CA LYS BB 371 24.25 -93.17 -122.32
C LYS BB 371 23.89 -93.55 -120.88
N LEU BB 372 23.16 -92.70 -120.17
CA LEU BB 372 22.66 -92.97 -118.81
C LEU BB 372 21.63 -94.10 -118.76
N THR BB 373 20.99 -94.46 -119.89
CA THR BB 373 20.26 -95.73 -120.05
C THR BB 373 21.20 -96.94 -119.96
N ASP BB 374 20.70 -98.07 -119.44
CA ASP BB 374 21.40 -99.35 -119.38
C ASP BB 374 22.77 -99.31 -118.66
N LEU BB 375 22.97 -98.34 -117.76
CA LEU BB 375 24.13 -98.30 -116.87
C LEU BB 375 23.92 -99.16 -115.62
N PRO BB 376 24.99 -99.60 -114.94
CA PRO BB 376 24.87 -100.27 -113.64
C PRO BB 376 24.30 -99.31 -112.60
N THR BB 377 23.45 -99.83 -111.70
CA THR BB 377 22.76 -99.08 -110.63
C THR BB 377 22.37 -97.64 -111.06
N PRO BB 378 21.56 -97.44 -112.12
CA PRO BB 378 21.32 -96.10 -112.64
C PRO BB 378 20.21 -95.28 -112.00
N GLY BB 379 20.45 -94.75 -110.80
CA GLY BB 379 19.47 -93.89 -110.11
C GLY BB 379 19.75 -92.45 -110.48
N TYR BB 380 19.97 -92.17 -111.77
CA TYR BB 380 20.30 -90.80 -112.25
C TYR BB 380 19.08 -89.89 -112.03
N ILE BB 381 19.21 -88.86 -111.20
CA ILE BB 381 18.11 -87.91 -110.86
C ILE BB 381 18.67 -86.49 -111.01
N PHE BB 382 17.86 -85.43 -110.88
CA PHE BB 382 18.37 -84.04 -110.88
C PHE BB 382 18.23 -83.47 -109.46
N ILE BB 383 19.33 -83.36 -108.70
CA ILE BB 383 19.30 -82.94 -107.29
C ILE BB 383 20.19 -81.71 -107.09
N THR BB 384 19.76 -80.75 -106.28
CA THR BB 384 20.53 -79.53 -105.97
C THR BB 384 21.20 -79.67 -104.60
N PRO BB 385 22.53 -79.46 -104.46
CA PRO BB 385 23.20 -79.54 -103.16
C PRO BB 385 22.67 -78.53 -102.13
N THR BB 386 22.24 -77.36 -102.60
CA THR BB 386 21.64 -76.30 -101.79
C THR BB 386 20.13 -76.23 -101.99
N VAL BB 387 19.40 -75.94 -100.92
CA VAL BB 387 18.02 -75.43 -100.95
C VAL BB 387 17.96 -74.11 -100.17
N SER BB 388 17.08 -73.20 -100.60
CA SER BB 388 16.80 -71.95 -99.88
C SER BB 388 15.48 -72.07 -99.12
N LEU BB 389 15.51 -71.83 -97.81
CA LEU BB 389 14.35 -71.78 -96.93
C LEU BB 389 13.94 -70.32 -96.67
N ARG BB 390 12.68 -70.08 -96.35
CA ARG BB 390 12.19 -68.80 -95.80
C ARG BB 390 11.87 -68.97 -94.32
N TYR BB 391 12.42 -68.09 -93.49
CA TYR BB 391 12.17 -68.03 -92.04
C TYR BB 391 11.45 -66.72 -91.71
N ASN BB 392 10.40 -66.81 -90.89
CA ASN BB 392 9.71 -65.65 -90.37
C ASN BB 392 9.77 -65.68 -88.83
N PRO BB 393 10.37 -64.67 -88.16
CA PRO BB 393 10.55 -64.71 -86.72
C PRO BB 393 9.21 -64.63 -85.96
N TYR BB 394 8.20 -64.00 -86.55
CA TYR BB 394 6.89 -63.82 -85.88
C TYR BB 394 6.09 -65.11 -85.99
N LYS BB 395 6.47 -66.01 -86.91
CA LYS BB 395 5.78 -67.31 -87.10
C LYS BB 395 6.50 -68.40 -86.29
N ASP BB 396 7.52 -68.02 -85.50
CA ASP BB 396 8.34 -69.01 -84.73
C ASP BB 396 7.81 -69.16 -83.30
N LEU BB 397 7.48 -70.40 -82.90
CA LEU BB 397 6.89 -70.66 -81.58
C LEU BB 397 7.85 -71.41 -80.64
N ALA BB 398 9.06 -71.75 -81.09
CA ALA BB 398 10.09 -72.37 -80.28
C ALA BB 398 9.69 -73.68 -79.56
N GLU BB 399 8.76 -74.48 -80.09
CA GLU BB 399 8.29 -75.69 -79.40
C GLU BB 399 9.24 -76.87 -79.58
N ARG BB 400 9.96 -76.94 -80.71
CA ARG BB 400 10.90 -78.02 -81.05
C ARG BB 400 12.19 -77.50 -81.69
N ASN BB 401 12.53 -76.26 -81.40
CA ASN BB 401 13.78 -75.63 -81.82
C ASN BB 401 14.98 -76.23 -81.09
N LYS BB 402 16.11 -76.35 -81.78
CA LYS BB 402 17.32 -77.02 -81.26
C LYS BB 402 18.56 -76.56 -82.03
N CYS BB 403 19.74 -76.65 -81.45
CA CYS BB 403 20.97 -76.13 -82.05
C CYS BB 403 22.21 -76.80 -81.43
N TYR BB 404 23.17 -77.23 -82.25
CA TYR BB 404 24.41 -77.88 -81.79
C TYR BB 404 25.50 -77.91 -82.88
N PHE BB 405 26.73 -78.20 -82.49
CA PHE BB 405 27.87 -78.37 -83.41
C PHE BB 405 28.22 -79.84 -83.61
N VAL BB 406 28.49 -80.23 -84.85
CA VAL BB 406 28.98 -81.56 -85.25
C VAL BB 406 30.36 -81.43 -85.89
N ARG BB 407 31.17 -82.48 -85.84
CA ARG BB 407 32.55 -82.50 -86.37
C ARG BB 407 32.52 -82.56 -87.90
N SER BB 408 33.12 -81.59 -88.59
CA SER BB 408 33.10 -81.52 -90.06
C SER BB 408 34.14 -82.46 -90.69
N LYS BB 409 35.42 -82.36 -90.30
CA LYS BB 409 36.49 -83.28 -90.73
C LYS BB 409 36.55 -84.56 -89.87
N ILE BB 410 35.53 -85.40 -89.97
CA ILE BB 410 35.59 -86.80 -89.51
C ILE BB 410 34.82 -87.73 -90.44
N ASN BB 411 35.18 -89.01 -90.42
CA ASN BB 411 34.53 -90.05 -91.19
C ASN BB 411 33.29 -90.61 -90.48
N ALA BB 412 32.28 -89.77 -90.21
CA ALA BB 412 31.03 -90.17 -89.56
C ALA BB 412 29.80 -89.67 -90.32
N HIS BB 413 28.83 -90.58 -90.50
CA HIS BB 413 27.61 -90.33 -91.25
C HIS BB 413 26.57 -89.56 -90.44
N GLY BB 414 25.72 -88.79 -91.12
CA GLY BB 414 24.51 -88.21 -90.55
C GLY BB 414 24.73 -86.98 -89.69
N TRP BB 415 23.63 -86.39 -89.26
CA TRP BB 415 23.56 -85.05 -88.65
C TRP BB 415 23.03 -85.06 -87.22
N ASP BB 416 22.79 -86.23 -86.63
CA ASP BB 416 22.18 -86.31 -85.27
C ASP BB 416 23.03 -85.53 -84.26
N PRO BB 417 22.45 -84.98 -83.17
CA PRO BB 417 23.26 -84.33 -82.14
C PRO BB 417 24.25 -85.34 -81.64
N GLU BB 418 25.54 -84.98 -81.59
CA GLU BB 418 26.60 -85.93 -81.19
C GLU BB 418 27.60 -85.24 -80.24
N GLN BB 419 28.57 -85.99 -79.73
CA GLN BB 419 29.60 -85.44 -78.81
C GLN BB 419 28.91 -84.85 -77.57
N HIS BB 420 29.10 -83.56 -77.26
CA HIS BB 420 28.52 -82.94 -76.04
C HIS BB 420 27.01 -82.82 -76.15
N GLN BB 421 26.27 -83.54 -75.31
CA GLN BB 421 24.78 -83.46 -75.27
C GLN BB 421 24.38 -82.37 -74.27
N GLU BB 422 25.30 -81.94 -73.41
CA GLU BB 422 25.04 -80.82 -72.50
C GLU BB 422 25.19 -79.45 -73.21
N LEU BB 423 25.87 -79.41 -74.36
CA LEU BB 423 26.02 -78.20 -75.17
C LEU BB 423 24.85 -77.97 -76.13
N ILE BB 424 23.95 -78.93 -76.31
CA ILE BB 424 22.75 -78.74 -77.12
C ILE BB 424 21.92 -77.60 -76.51
N ASN BB 425 21.52 -76.62 -77.36
CA ASN BB 425 20.69 -75.45 -76.95
C ASN BB 425 19.29 -75.64 -77.54
N SER BB 426 18.22 -75.60 -76.75
CA SER BB 426 16.87 -75.98 -77.17
C SER BB 426 15.80 -74.98 -76.70
N ASP BB 427 14.64 -75.00 -77.35
CA ASP BB 427 13.39 -74.39 -76.88
C ASP BB 427 13.40 -72.86 -76.71
N LEU BB 428 14.11 -72.14 -77.59
CA LEU BB 428 14.01 -70.69 -77.75
C LEU BB 428 13.81 -70.37 -79.24
N PRO BB 429 13.20 -69.23 -79.61
CA PRO BB 429 13.07 -68.87 -81.03
C PRO BB 429 14.45 -68.70 -81.66
N GLN BB 430 14.64 -69.13 -82.91
CA GLN BB 430 15.98 -69.19 -83.59
C GLN BB 430 16.82 -67.90 -83.50
N TRP BB 431 16.22 -66.72 -83.50
CA TRP BB 431 16.94 -65.46 -83.33
C TRP BB 431 17.48 -65.27 -81.91
N LEU BB 432 16.86 -65.86 -80.89
CA LEU BB 432 17.37 -65.92 -79.53
C LEU BB 432 18.27 -67.13 -79.30
N LEU BB 433 17.92 -68.28 -79.87
CA LEU BB 433 18.67 -69.53 -79.70
C LEU BB 433 20.08 -69.45 -80.27
N LEU BB 434 20.27 -68.80 -81.42
CA LEU BB 434 21.57 -68.67 -82.07
C LEU BB 434 22.43 -67.54 -81.48
N PHE BB 435 21.85 -66.54 -80.82
CA PHE BB 435 22.57 -65.33 -80.43
C PHE BB 435 23.68 -65.66 -79.42
N GLY BB 436 24.94 -65.41 -79.78
CA GLY BB 436 26.09 -65.68 -78.92
C GLY BB 436 26.38 -67.16 -78.65
N TYR BB 437 25.62 -68.10 -79.21
CA TYR BB 437 25.82 -69.53 -78.98
C TYR BB 437 27.18 -70.04 -79.50
N PRO BB 438 27.63 -69.70 -80.72
CA PRO BB 438 28.98 -70.03 -81.16
C PRO BB 438 30.09 -69.52 -80.26
N ASP BB 439 29.96 -68.30 -79.72
CA ASP BB 439 30.95 -67.75 -78.80
C ASP BB 439 30.92 -68.42 -77.43
N TYR BB 440 29.75 -68.79 -76.90
CA TYR BB 440 29.69 -69.63 -75.70
C TYR BB 440 30.44 -70.95 -75.93
N ILE BB 441 30.26 -71.58 -77.08
CA ILE BB 441 30.92 -72.83 -77.42
C ILE BB 441 32.44 -72.64 -77.54
N LYS BB 442 32.90 -71.59 -78.25
CA LYS BB 442 34.33 -71.26 -78.33
C LYS BB 442 34.94 -71.01 -76.95
N ARG BB 443 34.29 -70.20 -76.11
CA ARG BB 443 34.81 -69.86 -74.75
C ARG BB 443 34.78 -71.11 -73.86
N THR BB 444 33.82 -72.02 -74.07
CA THR BB 444 33.77 -73.29 -73.33
C THR BB 444 34.96 -74.21 -73.66
N GLN BB 445 35.52 -74.13 -74.88
CA GLN BB 445 36.76 -74.87 -75.26
C GLN BB 445 36.60 -76.41 -75.18
N ASN BB 446 35.37 -76.93 -75.20
CA ASN BB 446 35.11 -78.37 -75.23
C ASN BB 446 35.21 -78.98 -76.64
N PHE BB 447 35.46 -78.16 -77.66
CA PHE BB 447 35.69 -78.58 -79.05
C PHE BB 447 37.04 -78.08 -79.57
N ALA BB 448 37.63 -78.77 -80.54
CA ALA BB 448 38.83 -78.29 -81.22
C ALA BB 448 38.55 -76.95 -81.90
N LEU BB 449 39.36 -75.95 -81.60
CA LEU BB 449 38.95 -74.54 -81.66
C LEU BB 449 38.63 -74.01 -83.06
N VAL BB 450 39.21 -74.61 -84.10
CA VAL BB 450 39.21 -74.03 -85.45
C VAL BB 450 37.86 -74.14 -86.16
N ASP BB 451 37.39 -73.03 -86.76
CA ASP BB 451 36.06 -72.99 -87.44
C ASP BB 451 35.94 -74.03 -88.54
N THR BB 452 37.04 -74.45 -89.14
CA THR BB 452 37.02 -75.39 -90.26
C THR BB 452 36.68 -76.83 -89.86
N ASN BB 453 36.75 -77.16 -88.57
CA ASN BB 453 36.63 -78.54 -88.10
C ASN BB 453 35.25 -78.89 -87.53
N TYR BB 454 34.32 -77.94 -87.51
CA TYR BB 454 32.95 -78.13 -87.04
C TYR BB 454 31.94 -77.49 -87.99
N ILE BB 455 30.70 -77.97 -87.93
CA ILE BB 455 29.52 -77.38 -88.55
C ILE BB 455 28.48 -77.14 -87.47
N LEU BB 456 27.77 -76.02 -87.57
CA LEU BB 456 26.58 -75.71 -86.81
C LEU BB 456 25.34 -76.27 -87.54
N VAL BB 457 24.51 -76.98 -86.79
CA VAL BB 457 23.31 -77.69 -87.23
C VAL BB 457 22.15 -77.26 -86.35
N ASP BB 458 20.98 -76.95 -86.90
CA ASP BB 458 19.82 -76.55 -86.09
C ASP BB 458 18.50 -77.12 -86.64
N HIS BB 459 17.58 -77.41 -85.74
CA HIS BB 459 16.22 -77.85 -86.07
C HIS BB 459 15.24 -76.72 -85.83
N CYS BB 460 14.33 -76.49 -86.76
CA CYS BB 460 13.29 -75.47 -86.66
C CYS BB 460 12.07 -75.89 -87.49
N PRO BB 461 10.93 -76.23 -86.86
CA PRO BB 461 9.68 -76.53 -87.54
C PRO BB 461 9.11 -75.40 -88.40
N TYR BB 462 9.56 -74.16 -88.19
CA TYR BB 462 8.81 -72.96 -88.56
C TYR BB 462 9.26 -72.29 -89.86
N THR BB 463 10.24 -72.81 -90.58
CA THR BB 463 10.44 -72.42 -91.98
C THR BB 463 9.30 -72.95 -92.85
N ASN BB 464 8.95 -72.21 -93.91
CA ASN BB 464 7.79 -72.57 -94.74
C ASN BB 464 8.02 -73.84 -95.58
N PRO BB 465 9.09 -73.95 -96.39
CA PRO BB 465 9.69 -75.23 -96.72
C PRO BB 465 10.48 -75.75 -95.51
N GLU BB 466 10.85 -77.01 -95.49
CA GLU BB 466 11.61 -77.61 -94.38
C GLU BB 466 12.71 -78.55 -94.85
N LYS BB 467 13.71 -78.75 -93.98
CA LYS BB 467 14.67 -79.85 -93.98
C LYS BB 467 14.85 -80.27 -92.52
N THR BB 468 15.05 -81.58 -92.26
CA THR BB 468 14.96 -82.12 -90.89
C THR BB 468 15.92 -81.40 -89.93
N PRO BB 469 17.25 -81.45 -90.12
CA PRO BB 469 18.14 -80.38 -89.69
C PRO BB 469 18.34 -79.35 -90.83
N PHE BB 470 18.88 -78.20 -90.42
CA PHE BB 470 19.33 -77.17 -91.38
C PHE BB 470 20.84 -77.09 -91.26
N ILE BB 471 21.57 -76.86 -92.34
CA ILE BB 471 23.03 -76.62 -92.26
C ILE BB 471 23.23 -75.22 -92.83
N PRO BB 472 22.91 -74.12 -92.08
CA PRO BB 472 22.94 -72.80 -92.68
C PRO BB 472 24.25 -72.53 -93.41
N LEU BB 473 24.21 -71.88 -94.57
CA LEU BB 473 25.38 -71.46 -95.34
C LEU BB 473 25.26 -70.00 -95.73
N SER BB 474 26.34 -69.25 -95.63
CA SER BB 474 26.33 -67.82 -95.97
C SER BB 474 26.24 -67.61 -97.46
N THR BB 475 25.61 -66.52 -97.88
CA THR BB 475 25.52 -66.10 -99.28
C THR BB 475 26.88 -66.05 -99.95
N SER BB 476 27.95 -65.68 -99.24
CA SER BB 476 29.32 -65.72 -99.75
C SER BB 476 29.77 -67.14 -100.18
N PHE BB 477 29.50 -68.18 -99.41
CA PHE BB 477 29.82 -69.56 -99.78
C PHE BB 477 28.92 -70.09 -100.90
N ILE BB 478 27.64 -69.70 -100.89
CA ILE BB 478 26.68 -69.99 -101.96
C ILE BB 478 27.00 -69.24 -103.26
N GLU BB 479 27.83 -68.18 -103.20
CA GLU BB 479 28.30 -67.39 -104.34
C GLU BB 479 29.80 -67.56 -104.65
N GLY BB 480 30.50 -68.50 -104.00
CA GLY BB 480 31.90 -68.76 -104.30
C GLY BB 480 32.86 -67.62 -103.91
N ARG BB 481 32.79 -67.19 -102.64
CA ARG BB 481 33.60 -66.04 -102.15
C ARG BB 481 34.01 -66.25 -100.69
N SER BB 482 35.11 -65.62 -100.25
CA SER BB 482 35.61 -65.76 -98.87
C SER BB 482 34.63 -65.24 -97.80
N PRO BB 483 34.65 -65.76 -96.56
CA PRO BB 483 33.61 -65.54 -95.55
C PRO BB 483 33.16 -64.09 -95.32
N TYR BB 484 34.08 -63.12 -95.37
CA TYR BB 484 33.80 -61.68 -95.24
C TYR BB 484 34.45 -60.87 -96.38
N SER BB 485 34.36 -61.35 -97.62
CA SER BB 485 34.94 -60.68 -98.80
C SER BB 485 33.86 -59.94 -99.61
N PRO BB 486 34.14 -58.74 -100.14
CA PRO BB 486 33.16 -57.92 -100.85
C PRO BB 486 32.66 -58.58 -102.13
N SER BB 487 31.38 -58.39 -102.43
CA SER BB 487 30.63 -59.06 -103.51
C SER BB 487 31.20 -58.85 -104.92
N ASP BB 488 32.08 -57.86 -105.13
CA ASP BB 488 32.73 -57.65 -106.46
C ASP BB 488 33.63 -58.85 -106.78
N THR BB 489 34.08 -59.58 -105.75
CA THR BB 489 34.92 -60.76 -105.86
C THR BB 489 34.09 -61.98 -106.28
N HIS BB 490 34.63 -62.85 -107.16
CA HIS BB 490 33.93 -64.07 -107.66
C HIS BB 490 34.81 -65.32 -107.48
N GLU BB 491 35.77 -65.31 -106.54
CA GLU BB 491 36.61 -66.44 -106.16
C GLU BB 491 37.01 -66.34 -104.69
N PRO BB 492 37.22 -67.44 -103.97
CA PRO BB 492 37.91 -67.40 -102.69
C PRO BB 492 39.35 -66.88 -102.82
N ASP BB 493 39.87 -66.27 -101.75
CA ASP BB 493 41.31 -66.02 -101.57
C ASP BB 493 42.06 -67.35 -101.33
N GLU BB 494 43.36 -67.45 -101.62
CA GLU BB 494 44.08 -68.73 -101.70
C GLU BB 494 43.87 -69.68 -100.51
N GLU BB 495 43.86 -69.16 -99.29
CA GLU BB 495 43.63 -69.96 -98.08
C GLU BB 495 42.18 -70.48 -97.96
N ASP BB 496 41.20 -69.79 -98.55
CA ASP BB 496 39.83 -70.27 -98.73
C ASP BB 496 39.62 -71.00 -100.06
N GLN BB 497 40.53 -70.91 -101.04
CA GLN BB 497 40.51 -71.81 -102.21
C GLN BB 497 40.85 -73.23 -101.77
N ASN BB 498 41.79 -73.37 -100.84
CA ASN BB 498 41.93 -74.54 -99.99
C ASN BB 498 40.78 -74.59 -98.95
N ARG BB 499 40.53 -75.83 -98.48
CA ARG BB 499 39.50 -76.08 -97.45
C ARG BB 499 38.13 -75.54 -97.90
N TRP BB 500 37.81 -75.59 -99.21
CA TRP BB 500 36.52 -75.07 -99.75
C TRP BB 500 35.41 -76.12 -99.55
N TYR BB 501 34.99 -76.32 -98.31
CA TYR BB 501 33.96 -77.30 -97.94
C TYR BB 501 33.11 -76.78 -96.75
N PRO BB 502 31.89 -77.31 -96.54
CA PRO BB 502 31.04 -76.90 -95.43
C PRO BB 502 31.71 -76.94 -94.06
N CYS BB 503 31.78 -75.79 -93.40
CA CYS BB 503 32.26 -75.65 -92.03
C CYS BB 503 31.79 -74.30 -91.45
N TYR BB 504 31.84 -74.16 -90.13
CA TYR BB 504 31.32 -73.01 -89.39
C TYR BB 504 31.86 -71.66 -89.91
N GLN BB 505 33.08 -71.61 -90.44
CA GLN BB 505 33.66 -70.36 -90.99
C GLN BB 505 32.78 -69.81 -92.13
N TYR BB 506 32.16 -70.67 -92.94
CA TYR BB 506 31.26 -70.25 -94.00
C TYR BB 506 29.81 -70.07 -93.55
N GLN BB 507 29.45 -70.49 -92.34
CA GLN BB 507 28.08 -70.34 -91.80
C GLN BB 507 27.84 -69.02 -91.08
N GLN BB 508 28.90 -68.31 -90.68
CA GLN BB 508 28.82 -67.18 -89.74
C GLN BB 508 27.83 -66.08 -90.16
N GLU BB 509 27.87 -65.62 -91.40
CA GLU BB 509 26.99 -64.55 -91.85
C GLU BB 509 25.52 -65.00 -91.90
N SER BB 510 25.24 -66.28 -92.18
CA SER BB 510 23.86 -66.79 -92.18
C SER BB 510 23.24 -66.79 -90.78
N ILE BB 511 23.96 -67.23 -89.74
CA ILE BB 511 23.41 -67.21 -88.38
C ILE BB 511 23.37 -65.80 -87.81
N ASN BB 512 24.27 -64.90 -88.22
CA ASN BB 512 24.13 -63.49 -87.90
C ASN BB 512 22.86 -62.92 -88.54
N SER BB 513 22.57 -63.26 -89.79
CA SER BB 513 21.36 -62.83 -90.49
C SER BB 513 20.07 -63.33 -89.82
N ILE BB 514 20.07 -64.56 -89.30
CA ILE BB 514 18.96 -65.08 -88.48
C ILE BB 514 18.84 -64.29 -87.17
N CYS BB 515 19.92 -63.98 -86.48
CA CYS BB 515 19.88 -63.14 -85.29
C CYS BB 515 19.39 -61.71 -85.56
N LEU BB 516 19.78 -61.12 -86.68
CA LEU BB 516 19.29 -59.83 -87.15
C LEU BB 516 17.78 -59.83 -87.44
N SER BB 517 17.17 -60.97 -87.69
CA SER BB 517 15.71 -61.03 -87.78
C SER BB 517 15.02 -60.80 -86.44
N GLY BB 518 15.72 -60.98 -85.31
CA GLY BB 518 15.18 -60.76 -83.98
C GLY BB 518 15.07 -59.29 -83.58
N PRO BB 519 14.21 -58.96 -82.60
CA PRO BB 519 13.98 -57.59 -82.18
C PRO BB 519 15.19 -56.95 -81.46
N GLY BB 520 15.23 -55.63 -81.48
CA GLY BB 520 16.23 -54.79 -80.85
C GLY BB 520 17.56 -54.69 -81.59
N THR BB 521 17.81 -55.53 -82.58
CA THR BB 521 19.08 -55.56 -83.32
C THR BB 521 19.24 -54.29 -84.19
N PRO BB 522 20.37 -53.58 -84.10
CA PRO BB 522 20.53 -52.27 -84.73
C PRO BB 522 20.69 -52.30 -86.25
N LYS BB 523 20.39 -51.17 -86.89
CA LYS BB 523 20.67 -50.88 -88.30
C LYS BB 523 21.97 -50.07 -88.40
N ILE BB 524 23.01 -50.60 -89.03
CA ILE BB 524 24.28 -49.90 -89.22
C ILE BB 524 24.59 -49.84 -90.72
N PRO BB 525 24.73 -48.67 -91.34
CA PRO BB 525 25.07 -48.57 -92.76
C PRO BB 525 26.38 -49.30 -93.10
N LYS BB 526 26.45 -49.94 -94.27
CA LYS BB 526 27.67 -50.64 -94.71
C LYS BB 526 28.84 -49.67 -94.82
N GLY BB 527 29.99 -50.09 -94.31
CA GLY BB 527 31.20 -49.26 -94.20
C GLY BB 527 31.28 -48.36 -92.96
N ILE BB 528 30.27 -48.35 -92.10
CA ILE BB 528 30.30 -47.65 -90.80
C ILE BB 528 30.51 -48.67 -89.69
N THR BB 529 31.41 -48.36 -88.75
CA THR BB 529 31.62 -49.14 -87.53
C THR BB 529 31.04 -48.35 -86.37
N ALA BB 530 30.07 -48.92 -85.65
CA ALA BB 530 29.57 -48.36 -84.42
C ALA BB 530 30.47 -48.76 -83.25
N GLU BB 531 30.61 -47.91 -82.25
CA GLU BB 531 31.54 -48.10 -81.13
C GLU BB 531 30.88 -47.64 -79.84
N ALA BB 532 31.29 -48.17 -78.70
CA ALA BB 532 30.91 -47.66 -77.39
C ALA BB 532 32.10 -47.71 -76.44
N LYS BB 533 32.16 -46.77 -75.49
CA LYS BB 533 33.23 -46.69 -74.50
C LYS BB 533 32.72 -46.32 -73.13
N VAL BB 534 33.43 -46.77 -72.11
CA VAL BB 534 33.25 -46.36 -70.71
C VAL BB 534 34.57 -45.73 -70.24
N LYS BB 535 34.49 -44.72 -69.39
CA LYS BB 535 35.65 -44.25 -68.60
C LYS BB 535 35.54 -44.83 -67.20
N TYR BB 536 36.58 -45.50 -66.75
CA TYR BB 536 36.62 -46.14 -65.43
C TYR BB 536 37.58 -45.40 -64.50
N SER BB 537 37.32 -45.53 -63.21
CA SER BB 537 38.24 -45.14 -62.15
C SER BB 537 38.15 -46.15 -61.01
N PHE BB 538 39.11 -47.06 -60.92
CA PHE BB 538 39.20 -48.02 -59.81
C PHE BB 538 39.97 -47.40 -58.66
N ASN BB 539 39.45 -47.49 -57.44
CA ASN BB 539 40.04 -46.88 -56.27
C ASN BB 539 40.80 -47.92 -55.45
N PHE BB 540 42.08 -47.71 -55.27
CA PHE BB 540 42.97 -48.55 -54.49
C PHE BB 540 43.73 -47.71 -53.46
N LYS BB 541 44.23 -48.37 -52.43
CA LYS BB 541 45.33 -47.86 -51.61
C LYS BB 541 46.47 -48.86 -51.69
N TRP BB 542 47.70 -48.39 -51.68
CA TRP BB 542 48.90 -49.21 -51.58
C TRP BB 542 49.49 -49.05 -50.18
N GLY BB 543 49.90 -50.15 -49.56
CA GLY BB 543 50.38 -50.15 -48.17
C GLY BB 543 51.75 -50.79 -48.04
N GLY BB 544 52.56 -50.28 -47.13
CA GLY BB 544 53.87 -50.87 -46.86
C GLY BB 544 54.65 -50.11 -45.79
N ASP BB 545 55.83 -50.63 -45.47
CA ASP BB 545 56.88 -49.88 -44.80
C ASP BB 545 57.49 -48.82 -45.73
N LEU BB 546 58.09 -47.78 -45.17
CA LEU BB 546 58.59 -46.64 -45.93
C LEU BB 546 59.66 -47.06 -46.97
N PRO BB 547 59.53 -46.65 -48.24
CA PRO BB 547 60.46 -47.01 -49.29
C PRO BB 547 61.72 -46.11 -49.34
N PRO BB 548 62.78 -46.53 -50.04
CA PRO BB 548 63.95 -45.69 -50.35
C PRO BB 548 63.67 -44.66 -51.45
N MET BB 549 64.59 -43.71 -51.65
CA MET BB 549 64.47 -42.60 -52.62
C MET BB 549 65.86 -42.08 -53.07
N SER BB 550 65.95 -41.37 -54.20
CA SER BB 550 67.21 -40.80 -54.72
C SER BB 550 67.06 -39.36 -55.24
N THR BB 551 68.19 -38.66 -55.44
CA THR BB 551 68.26 -37.20 -55.68
C THR BB 551 69.22 -36.84 -56.82
N ILE BB 552 69.09 -35.61 -57.33
CA ILE BB 552 69.77 -35.08 -58.52
C ILE BB 552 70.66 -33.90 -58.13
N THR BB 553 71.83 -33.72 -58.78
CA THR BB 553 72.74 -32.60 -58.50
C THR BB 553 72.04 -31.25 -58.73
N ASN BB 554 72.32 -30.25 -57.92
CA ASN BB 554 71.78 -28.90 -58.14
C ASN BB 554 72.36 -28.18 -59.37
N PRO BB 555 73.69 -28.20 -59.65
CA PRO BB 555 74.24 -27.43 -60.76
C PRO BB 555 73.75 -27.91 -62.12
N THR BB 556 73.70 -29.24 -62.35
CA THR BB 556 73.18 -29.80 -63.61
C THR BB 556 71.70 -30.13 -63.41
N ASP BB 557 70.83 -29.12 -63.46
CA ASP BB 557 69.38 -29.32 -63.21
C ASP BB 557 68.59 -28.35 -64.10
N GLN BB 558 67.26 -28.41 -64.07
CA GLN BB 558 66.40 -27.51 -64.88
C GLN BB 558 66.98 -26.10 -64.82
N PRO BB 559 67.52 -25.52 -65.92
CA PRO BB 559 68.14 -24.21 -65.87
C PRO BB 559 67.14 -23.08 -66.00
N THR BB 560 67.36 -21.98 -65.26
CA THR BB 560 66.48 -20.81 -65.36
C THR BB 560 66.58 -20.20 -66.76
N TYR BB 561 65.52 -19.53 -67.24
CA TYR BB 561 65.51 -18.91 -68.58
C TYR BB 561 66.71 -17.97 -68.82
N VAL BB 562 67.22 -17.34 -67.76
CA VAL BB 562 68.42 -16.49 -67.78
C VAL BB 562 69.64 -17.27 -68.29
N LYS CB 48 -14.43 -3.75 -72.74
CA LYS CB 48 -14.53 -5.13 -73.29
C LYS CB 48 -15.95 -5.47 -73.72
N ARG CB 49 -16.90 -5.61 -72.79
CA ARG CB 49 -18.33 -5.80 -73.06
C ARG CB 49 -19.19 -4.97 -72.11
N LEU CB 50 -20.30 -4.44 -72.61
CA LEU CB 50 -21.20 -3.55 -71.88
C LEU CB 50 -22.61 -4.13 -71.84
N ASN CB 51 -23.35 -3.84 -70.77
CA ASN CB 51 -24.78 -4.07 -70.73
C ASN CB 51 -25.48 -3.16 -71.75
N ILE CB 52 -26.45 -3.71 -72.50
CA ILE CB 52 -27.36 -2.90 -73.30
C ILE CB 52 -28.34 -2.20 -72.36
N VAL CB 53 -28.55 -0.91 -72.57
CA VAL CB 53 -29.37 -0.03 -71.74
C VAL CB 53 -30.40 0.66 -72.62
N GLU CB 54 -31.60 0.87 -72.08
CA GLU CB 54 -32.68 1.60 -72.73
C GLU CB 54 -33.09 2.80 -71.87
N TRP CB 55 -33.49 3.90 -72.49
CA TRP CB 55 -34.00 5.07 -71.77
C TRP CB 55 -35.52 4.99 -71.67
N GLN CB 56 -35.98 5.03 -70.42
CA GLN CB 56 -37.42 4.84 -70.10
C GLN CB 56 -38.25 5.96 -70.73
N PRO CB 57 -39.45 5.64 -71.25
CA PRO CB 57 -40.32 6.62 -71.91
C PRO CB 57 -40.93 7.61 -70.91
N LYS CB 58 -41.37 8.76 -71.42
CA LYS CB 58 -41.74 9.93 -70.63
C LYS CB 58 -42.91 9.68 -69.67
N SER CB 59 -43.93 8.94 -70.10
CA SER CB 59 -45.05 8.50 -69.25
C SER CB 59 -45.33 7.01 -69.40
N ILE CB 60 -45.61 6.35 -68.27
CA ILE CB 60 -45.79 4.90 -68.18
C ILE CB 60 -47.07 4.59 -67.39
N ARG CB 61 -47.87 3.62 -67.85
CA ARG CB 61 -49.13 3.20 -67.17
C ARG CB 61 -49.30 1.68 -67.12
N LYS CB 62 -49.15 1.05 -65.94
CA LYS CB 62 -49.38 -0.39 -65.75
C LYS CB 62 -50.80 -0.79 -66.12
N CYS CB 63 -50.97 -1.91 -66.81
CA CYS CB 63 -52.27 -2.47 -67.16
C CYS CB 63 -52.24 -3.99 -67.02
N ARG CB 64 -53.15 -4.51 -66.16
CA ARG CB 64 -53.34 -5.98 -66.02
C ARG CB 64 -54.58 -6.41 -66.82
N ILE CB 65 -54.39 -7.06 -67.98
CA ILE CB 65 -55.50 -7.57 -68.77
C ILE CB 65 -56.02 -8.82 -68.07
N LYS CB 66 -57.15 -8.71 -67.36
CA LYS CB 66 -57.72 -9.75 -66.49
C LYS CB 66 -58.96 -10.35 -67.12
N GLY CB 67 -59.11 -11.65 -67.12
CA GLY CB 67 -60.29 -12.30 -67.69
C GLY CB 67 -60.34 -13.79 -67.47
N MET CB 68 -61.31 -14.44 -68.09
CA MET CB 68 -61.60 -15.86 -67.95
C MET CB 68 -61.53 -16.55 -69.32
N LEU CB 69 -60.85 -17.68 -69.44
CA LEU CB 69 -60.70 -18.45 -70.67
C LEU CB 69 -61.24 -19.86 -70.50
N CYS CB 70 -62.12 -20.30 -71.41
CA CYS CB 70 -62.59 -21.67 -71.46
C CYS CB 70 -61.51 -22.59 -72.06
N LEU CB 71 -61.07 -23.61 -71.32
CA LEU CB 71 -60.04 -24.55 -71.77
C LEU CB 71 -60.62 -25.64 -72.67
N PHE CB 72 -61.76 -26.19 -72.30
CA PHE CB 72 -62.56 -27.07 -73.14
C PHE CB 72 -64.00 -27.04 -72.66
N GLN CB 73 -64.93 -27.44 -73.52
CA GLN CB 73 -66.25 -27.87 -73.10
C GLN CB 73 -66.66 -29.04 -73.98
N THR CB 74 -66.94 -30.19 -73.36
CA THR CB 74 -66.96 -31.48 -74.02
C THR CB 74 -68.11 -32.35 -73.56
N THR CB 75 -68.65 -33.14 -74.49
CA THR CB 75 -69.42 -34.36 -74.22
C THR CB 75 -68.52 -35.57 -74.42
N GLU CB 76 -68.98 -36.79 -74.11
CA GLU CB 76 -68.21 -38.02 -74.29
C GLU CB 76 -67.87 -38.31 -75.77
N ASP CB 77 -68.78 -38.00 -76.69
CA ASP CB 77 -68.65 -38.21 -78.13
C ASP CB 77 -67.75 -37.18 -78.84
N ARG CB 78 -67.20 -36.21 -78.10
CA ARG CB 78 -66.25 -35.21 -78.59
C ARG CB 78 -64.90 -35.20 -77.86
N LEU CB 79 -64.63 -36.16 -76.98
CA LEU CB 79 -63.42 -36.15 -76.15
C LEU CB 79 -62.11 -36.17 -76.94
N SER CB 80 -62.07 -36.88 -78.07
CA SER CB 80 -60.85 -37.00 -78.88
C SER CB 80 -60.60 -35.83 -79.85
N TYR CB 81 -61.43 -34.79 -79.82
CA TYR CB 81 -61.35 -33.65 -80.74
C TYR CB 81 -60.93 -32.36 -80.06
N ASN CB 82 -60.28 -31.47 -80.81
CA ASN CB 82 -59.84 -30.16 -80.37
C ASN CB 82 -61.02 -29.20 -80.22
N PHE CB 83 -61.19 -28.60 -79.04
CA PHE CB 83 -62.14 -27.53 -78.78
C PHE CB 83 -61.66 -26.19 -79.32
N ASP CB 84 -62.37 -25.66 -80.32
CA ASP CB 84 -62.31 -24.26 -80.71
C ASP CB 84 -63.61 -23.58 -80.26
N MET CB 85 -63.50 -22.46 -79.54
CA MET CB 85 -64.67 -21.70 -79.10
C MET CB 85 -65.33 -20.92 -80.25
N TYR CB 86 -64.53 -20.56 -81.26
CA TYR CB 86 -64.98 -19.90 -82.48
C TYR CB 86 -64.88 -20.91 -83.63
N GLU CB 87 -66.05 -21.33 -84.10
CA GLU CB 87 -66.29 -22.64 -84.70
C GLU CB 87 -66.14 -22.74 -86.22
N GLU CB 88 -65.96 -23.97 -86.70
CA GLU CB 88 -66.40 -24.35 -88.05
C GLU CB 88 -67.93 -24.50 -87.93
N SER CB 89 -68.70 -23.66 -88.62
CA SER CB 89 -70.10 -23.30 -88.29
C SER CB 89 -71.10 -24.47 -88.13
N ILE CB 90 -70.78 -25.67 -88.64
CA ILE CB 90 -71.57 -26.88 -88.43
C ILE CB 90 -71.36 -27.52 -87.05
N ILE CB 91 -70.17 -27.40 -86.44
CA ILE CB 91 -69.82 -28.10 -85.19
C ILE CB 91 -70.80 -27.78 -84.05
N PRO CB 92 -71.14 -26.52 -83.71
CA PRO CB 92 -72.05 -26.26 -82.60
C PRO CB 92 -73.51 -26.59 -82.92
N GLU CB 93 -73.89 -26.87 -84.16
CA GLU CB 93 -75.26 -27.26 -84.49
C GLU CB 93 -75.58 -28.64 -83.90
N LYS CB 94 -76.41 -28.65 -82.85
CA LYS CB 94 -76.78 -29.85 -82.08
C LYS CB 94 -75.60 -30.56 -81.40
N LEU CB 95 -74.51 -29.85 -81.09
CA LEU CB 95 -73.51 -30.29 -80.09
C LEU CB 95 -73.30 -29.24 -78.99
N PRO CB 96 -73.52 -29.57 -77.72
CA PRO CB 96 -73.33 -28.61 -76.62
C PRO CB 96 -71.86 -28.40 -76.21
N GLY CB 97 -70.95 -29.30 -76.62
CA GLY CB 97 -69.51 -29.15 -76.42
C GLY CB 97 -68.71 -29.72 -77.59
N GLY CB 98 -67.75 -28.96 -78.10
CA GLY CB 98 -67.07 -29.27 -79.37
C GLY CB 98 -65.83 -30.15 -79.27
N GLY CB 99 -65.20 -30.28 -78.10
CA GLY CB 99 -63.94 -31.00 -77.99
C GLY CB 99 -63.42 -31.16 -76.57
N GLY CB 100 -62.69 -32.24 -76.30
CA GLY CB 100 -62.19 -32.59 -74.96
C GLY CB 100 -60.75 -32.22 -74.69
N PHE CB 101 -60.05 -31.64 -75.67
CA PHE CB 101 -58.74 -31.05 -75.47
C PHE CB 101 -58.66 -29.74 -76.23
N SER CB 102 -57.75 -28.85 -75.89
CA SER CB 102 -57.46 -27.69 -76.75
C SER CB 102 -55.99 -27.33 -76.72
N ILE CB 103 -55.56 -26.68 -77.79
CA ILE CB 103 -54.34 -25.88 -77.80
C ILE CB 103 -54.76 -24.42 -78.00
N LYS CB 104 -54.44 -23.56 -77.04
CA LYS CB 104 -54.70 -22.12 -77.05
C LYS CB 104 -53.40 -21.38 -77.28
N ASN CB 105 -53.34 -20.46 -78.23
CA ASN CB 105 -52.28 -19.46 -78.32
C ASN CB 105 -52.85 -18.11 -77.92
N ILE CB 106 -52.19 -17.40 -77.00
CA ILE CB 106 -52.61 -16.08 -76.53
C ILE CB 106 -51.63 -15.03 -77.05
N SER CB 107 -52.17 -13.98 -77.65
CA SER CB 107 -51.43 -12.80 -78.10
C SER CB 107 -52.20 -11.55 -77.69
N LEU CB 108 -51.53 -10.40 -77.64
CA LEU CB 108 -52.17 -9.12 -77.29
C LEU CB 108 -53.34 -8.79 -78.22
N TYR CB 109 -53.30 -9.18 -79.49
CA TYR CB 109 -54.44 -9.05 -80.38
C TYR CB 109 -55.58 -10.01 -80.05
N ALA CB 110 -55.29 -11.26 -79.68
CA ALA CB 110 -56.30 -12.18 -79.18
C ALA CB 110 -56.93 -11.69 -77.85
N LEU CB 111 -56.15 -11.07 -76.96
CA LEU CB 111 -56.67 -10.41 -75.76
C LEU CB 111 -57.59 -9.23 -76.09
N TYR CB 112 -57.26 -8.43 -77.10
CA TYR CB 112 -58.16 -7.40 -77.61
C TYR CB 112 -59.44 -8.00 -78.21
N GLN CB 113 -59.36 -9.09 -78.98
CA GLN CB 113 -60.55 -9.77 -79.49
C GLN CB 113 -61.43 -10.32 -78.37
N GLU CB 114 -60.87 -10.88 -77.30
CA GLU CB 114 -61.62 -11.29 -76.12
C GLU CB 114 -62.27 -10.09 -75.40
N HIS CB 115 -61.72 -8.88 -75.52
CA HIS CB 115 -62.33 -7.66 -74.95
C HIS CB 115 -63.56 -7.26 -75.78
N ILE CB 116 -63.56 -7.53 -77.09
CA ILE CB 116 -64.74 -7.30 -77.93
C ILE CB 116 -65.89 -8.26 -77.59
N HIS CB 117 -65.58 -9.48 -77.15
CA HIS CB 117 -66.55 -10.43 -76.58
C HIS CB 117 -66.92 -10.13 -75.13
N ALA CB 118 -66.38 -9.08 -74.52
CA ALA CB 118 -66.53 -8.73 -73.11
C ALA CB 118 -66.01 -9.81 -72.14
N HIS CB 119 -65.09 -10.67 -72.58
CA HIS CB 119 -64.53 -11.75 -71.75
C HIS CB 119 -63.39 -11.29 -70.84
N ASN CB 120 -62.87 -10.08 -71.00
CA ASN CB 120 -61.83 -9.51 -70.15
C ASN CB 120 -62.01 -8.01 -69.94
N ILE CB 121 -61.29 -7.50 -68.94
CA ILE CB 121 -61.10 -6.07 -68.70
C ILE CB 121 -59.64 -5.70 -68.95
N PHE CB 122 -59.39 -4.48 -69.41
CA PHE CB 122 -58.08 -3.86 -69.39
C PHE CB 122 -58.07 -2.87 -68.22
N THR CB 123 -57.18 -3.05 -67.26
CA THR CB 123 -57.12 -2.20 -66.05
C THR CB 123 -56.77 -0.74 -66.37
N HIS CB 124 -56.10 -0.53 -67.51
CA HIS CB 124 -55.81 0.83 -68.01
C HIS CB 124 -55.91 0.77 -69.54
N THR CB 125 -56.53 1.75 -70.18
CA THR CB 125 -56.56 1.86 -71.65
C THR CB 125 -55.17 2.13 -72.22
N ASN CB 126 -55.02 1.84 -73.51
CA ASN CB 126 -53.79 1.96 -74.27
C ASN CB 126 -53.90 2.98 -75.42
N THR CB 127 -54.95 3.82 -75.45
CA THR CB 127 -55.34 4.55 -76.67
C THR CB 127 -54.29 5.53 -77.18
N ASP CB 128 -53.53 6.16 -76.28
CA ASP CB 128 -52.59 7.24 -76.62
C ASP CB 128 -51.16 6.97 -76.14
N ARG CB 129 -50.86 5.71 -75.81
CA ARG CB 129 -49.50 5.26 -75.41
C ARG CB 129 -49.18 4.08 -76.35
N PRO CB 130 -48.37 4.25 -77.41
CA PRO CB 130 -48.20 3.23 -78.45
C PRO CB 130 -47.16 2.15 -78.11
N LEU CB 131 -46.30 2.37 -77.12
CA LEU CB 131 -45.33 1.39 -76.67
C LEU CB 131 -45.95 0.41 -75.67
N ALA CB 132 -45.45 -0.81 -75.64
CA ALA CB 132 -45.81 -1.85 -74.69
C ALA CB 132 -44.57 -2.53 -74.12
N ARG CB 133 -44.66 -2.92 -72.83
CA ARG CB 133 -43.58 -3.66 -72.13
C ARG CB 133 -44.23 -4.84 -71.37
N TYR CB 134 -44.33 -6.01 -71.99
CA TYR CB 134 -44.91 -7.21 -71.41
C TYR CB 134 -44.02 -7.81 -70.32
N THR CB 135 -44.59 -8.10 -69.15
CA THR CB 135 -43.83 -8.52 -67.95
C THR CB 135 -44.09 -9.97 -67.55
N GLY CB 136 -45.08 -10.64 -68.15
CA GLY CB 136 -45.45 -12.02 -67.83
C GLY CB 136 -46.92 -12.16 -67.48
N CYS CB 137 -47.31 -13.37 -67.11
CA CYS CB 137 -48.70 -13.75 -66.89
C CYS CB 137 -48.87 -14.46 -65.54
N SER CB 138 -50.03 -14.29 -64.91
CA SER CB 138 -50.51 -15.17 -63.84
C SER CB 138 -51.72 -15.96 -64.34
N LEU CB 139 -51.72 -17.26 -64.15
CA LEU CB 139 -52.88 -18.12 -64.40
C LEU CB 139 -53.40 -18.70 -63.09
N LYS CB 140 -54.72 -18.72 -62.90
CA LYS CB 140 -55.41 -19.52 -61.87
C LYS CB 140 -56.28 -20.55 -62.55
N PHE CB 141 -55.94 -21.82 -62.42
CA PHE CB 141 -56.68 -22.93 -62.98
C PHE CB 141 -57.67 -23.43 -61.94
N TYR CB 142 -58.96 -23.45 -62.25
CA TYR CB 142 -59.99 -23.86 -61.29
C TYR CB 142 -60.30 -25.34 -61.39
N GLN CB 143 -60.53 -25.98 -60.24
CA GLN CB 143 -61.13 -27.31 -60.22
C GLN CB 143 -62.53 -27.26 -60.84
N SER CB 144 -62.78 -28.07 -61.85
CA SER CB 144 -64.14 -28.28 -62.33
C SER CB 144 -64.94 -29.11 -61.32
N LYS CB 145 -66.26 -29.06 -61.39
CA LYS CB 145 -67.12 -29.87 -60.54
C LYS CB 145 -66.97 -31.36 -60.83
N ASP CB 146 -67.12 -31.75 -62.10
CA ASP CB 146 -67.31 -33.15 -62.51
C ASP CB 146 -66.12 -33.81 -63.23
N ILE CB 147 -65.15 -33.04 -63.73
CA ILE CB 147 -64.07 -33.62 -64.58
C ILE CB 147 -62.68 -33.15 -64.13
N ASP CB 148 -61.69 -34.03 -64.19
CA ASP CB 148 -60.28 -33.67 -63.86
C ASP CB 148 -59.68 -33.16 -65.17
N TYR CB 149 -58.47 -32.62 -65.16
CA TYR CB 149 -57.84 -32.23 -66.45
C TYR CB 149 -56.37 -31.91 -66.29
N VAL CB 150 -55.57 -32.28 -67.27
CA VAL CB 150 -54.12 -32.01 -67.31
C VAL CB 150 -53.91 -30.74 -68.11
N VAL CB 151 -53.04 -29.86 -67.65
CA VAL CB 151 -52.56 -28.70 -68.40
C VAL CB 151 -51.06 -28.82 -68.58
N THR CB 152 -50.54 -28.40 -69.71
CA THR CB 152 -49.14 -27.98 -69.83
C THR CB 152 -49.06 -26.77 -70.73
N TYR CB 153 -48.09 -25.90 -70.51
CA TYR CB 153 -47.97 -24.64 -71.23
C TYR CB 153 -46.54 -24.44 -71.70
N SER CB 154 -46.37 -23.61 -72.72
CA SER CB 154 -45.07 -23.29 -73.29
C SER CB 154 -45.00 -21.82 -73.66
N THR CB 155 -43.79 -21.27 -73.77
CA THR CB 155 -43.58 -19.86 -74.20
C THR CB 155 -42.44 -19.78 -75.20
N SER CB 156 -42.08 -20.89 -75.85
CA SER CB 156 -41.08 -20.82 -76.93
C SER CB 156 -41.66 -19.89 -78.01
N LEU CB 157 -41.10 -18.70 -78.21
CA LEU CB 157 -41.68 -17.71 -79.15
C LEU CB 157 -42.02 -18.41 -80.48
N PRO CB 158 -41.15 -19.26 -81.06
CA PRO CB 158 -41.51 -19.98 -82.28
C PRO CB 158 -42.77 -20.79 -82.02
N LEU CB 159 -43.86 -20.48 -82.75
CA LEU CB 159 -45.16 -21.18 -82.58
C LEU CB 159 -45.39 -22.11 -83.78
N ARG CB 160 -45.66 -23.40 -83.54
CA ARG CB 160 -45.94 -24.36 -84.63
C ARG CB 160 -46.71 -25.57 -84.05
N SER CB 161 -47.37 -26.34 -84.91
CA SER CB 161 -48.13 -27.55 -84.49
C SER CB 161 -47.38 -28.79 -85.00
N SER CB 162 -47.55 -29.93 -84.34
CA SER CB 162 -46.87 -31.19 -84.74
C SER CB 162 -47.79 -32.39 -84.56
N MET CB 163 -47.59 -33.46 -85.33
CA MET CB 163 -48.36 -34.69 -85.20
C MET CB 163 -48.13 -35.36 -83.83
N GLY CB 164 -46.90 -35.34 -83.34
CA GLY CB 164 -46.54 -35.82 -82.01
C GLY CB 164 -47.17 -34.99 -80.89
N MET CB 165 -47.28 -33.67 -81.05
CA MET CB 165 -48.02 -32.84 -80.10
C MET CB 165 -49.48 -33.28 -79.99
N TYR CB 166 -50.19 -33.41 -81.11
CA TYR CB 166 -51.61 -33.78 -81.09
C TYR CB 166 -51.84 -35.19 -80.54
N ASN CB 167 -50.99 -36.17 -80.86
CA ASN CB 167 -51.08 -37.48 -80.22
C ASN CB 167 -50.77 -37.40 -78.72
N SER CB 168 -49.77 -36.62 -78.32
CA SER CB 168 -49.41 -36.47 -76.90
C SER CB 168 -50.48 -35.75 -76.07
N MET CB 169 -51.50 -35.14 -76.69
CA MET CB 169 -52.69 -34.66 -75.98
C MET CB 169 -53.56 -35.77 -75.41
N GLN CB 170 -53.35 -37.03 -75.80
CA GLN CB 170 -54.11 -38.16 -75.25
C GLN CB 170 -53.95 -38.15 -73.72
N PRO CB 171 -55.02 -38.28 -72.93
CA PRO CB 171 -54.97 -37.98 -71.50
C PRO CB 171 -53.91 -38.74 -70.70
N SER CB 172 -53.71 -40.02 -70.99
CA SER CB 172 -52.67 -40.83 -70.34
C SER CB 172 -51.26 -40.36 -70.71
N ILE CB 173 -51.03 -40.03 -71.98
CA ILE CB 173 -49.74 -39.55 -72.46
C ILE CB 173 -49.42 -38.16 -71.93
N HIS CB 174 -50.38 -37.24 -71.97
CA HIS CB 174 -50.23 -35.90 -71.40
C HIS CB 174 -49.97 -35.98 -69.90
N LEU CB 175 -50.70 -36.83 -69.17
CA LEU CB 175 -50.46 -37.06 -67.74
C LEU CB 175 -49.06 -37.64 -67.43
N MET CB 176 -48.38 -38.31 -68.35
CA MET CB 176 -47.01 -38.74 -68.14
C MET CB 176 -45.96 -37.65 -68.37
N GLN CB 177 -46.26 -36.58 -69.11
CA GLN CB 177 -45.27 -35.56 -69.47
C GLN CB 177 -44.70 -34.81 -68.27
N GLN CB 178 -43.48 -34.32 -68.41
CA GLN CB 178 -42.86 -33.43 -67.43
C GLN CB 178 -43.45 -32.02 -67.49
N ASN CB 179 -43.45 -31.31 -66.36
CA ASN CB 179 -44.03 -29.98 -66.23
C ASN CB 179 -45.52 -29.91 -66.64
N LYS CB 180 -46.23 -31.01 -66.44
CA LYS CB 180 -47.69 -31.05 -66.39
C LYS CB 180 -48.19 -30.35 -65.13
N LEU CB 181 -49.45 -29.94 -65.15
CA LEU CB 181 -50.25 -29.61 -63.99
C LEU CB 181 -51.51 -30.45 -64.04
N ILE CB 182 -51.80 -31.22 -63.00
CA ILE CB 182 -53.06 -31.98 -62.89
C ILE CB 182 -53.99 -31.18 -62.00
N VAL CB 183 -55.21 -30.96 -62.46
CA VAL CB 183 -56.27 -30.33 -61.68
C VAL CB 183 -57.35 -31.36 -61.42
N PRO CB 184 -57.41 -31.96 -60.21
CA PRO CB 184 -58.49 -32.86 -59.85
C PRO CB 184 -59.81 -32.08 -59.81
N SER CB 185 -60.91 -32.73 -60.14
CA SER CB 185 -62.23 -32.18 -59.89
C SER CB 185 -62.49 -31.99 -58.39
N LYS CB 186 -63.48 -31.17 -58.04
CA LYS CB 186 -63.92 -31.03 -56.64
C LYS CB 186 -64.42 -32.34 -56.05
N GLN CB 187 -64.96 -33.23 -56.89
CA GLN CB 187 -65.34 -34.58 -56.50
C GLN CB 187 -64.14 -35.47 -56.18
N THR CB 188 -63.08 -35.49 -57.01
CA THR CB 188 -61.93 -36.36 -56.76
C THR CB 188 -60.99 -35.84 -55.67
N GLN CB 189 -60.91 -34.52 -55.42
CA GLN CB 189 -60.18 -33.98 -54.28
C GLN CB 189 -60.73 -32.64 -53.82
N LYS CB 190 -61.20 -32.56 -52.58
CA LYS CB 190 -61.47 -31.29 -51.89
C LYS CB 190 -60.15 -30.65 -51.45
N ARG CB 191 -59.98 -29.36 -51.67
CA ARG CB 191 -58.73 -28.60 -51.45
C ARG CB 191 -58.98 -27.36 -50.61
N ARG CB 192 -57.94 -26.86 -49.94
CA ARG CB 192 -57.98 -25.58 -49.21
C ARG CB 192 -58.27 -24.42 -50.16
N LYS CB 193 -57.47 -24.28 -51.21
CA LYS CB 193 -57.71 -23.31 -52.30
C LYS CB 193 -58.36 -24.05 -53.47
N PRO CB 194 -59.46 -23.54 -54.05
CA PRO CB 194 -60.20 -24.23 -55.11
C PRO CB 194 -59.57 -24.09 -56.50
N TYR CB 195 -58.33 -23.61 -56.58
CA TYR CB 195 -57.59 -23.33 -57.80
C TYR CB 195 -56.11 -23.61 -57.60
N ILE CB 196 -55.37 -23.81 -58.70
CA ILE CB 196 -53.92 -23.85 -58.70
C ILE CB 196 -53.38 -22.63 -59.46
N LYS CB 197 -52.50 -21.87 -58.84
CA LYS CB 197 -51.99 -20.59 -59.34
C LYS CB 197 -50.53 -20.72 -59.72
N LYS CB 198 -50.14 -20.25 -60.90
CA LYS CB 198 -48.73 -20.12 -61.26
C LYS CB 198 -48.42 -18.97 -62.22
N HIS CB 199 -47.22 -18.44 -62.07
CA HIS CB 199 -46.72 -17.31 -62.82
C HIS CB 199 -45.86 -17.79 -63.97
N ILE CB 200 -46.06 -17.23 -65.15
CA ILE CB 200 -45.40 -17.60 -66.39
C ILE CB 200 -44.63 -16.39 -66.93
N SER CB 201 -43.34 -16.58 -67.16
CA SER CB 201 -42.43 -15.53 -67.66
C SER CB 201 -42.67 -15.27 -69.16
N PRO CB 202 -42.30 -14.10 -69.72
CA PRO CB 202 -42.39 -13.88 -71.16
C PRO CB 202 -41.62 -14.91 -71.99
N PRO CB 203 -41.96 -15.09 -73.28
CA PRO CB 203 -41.11 -15.81 -74.22
C PRO CB 203 -39.67 -15.34 -74.16
N THR CB 204 -38.69 -16.23 -74.31
CA THR CB 204 -37.27 -15.83 -74.22
C THR CB 204 -36.89 -14.80 -75.29
N GLN CB 205 -37.63 -14.77 -76.42
CA GLN CB 205 -37.41 -13.80 -77.53
C GLN CB 205 -38.03 -12.44 -77.19
N MET CB 206 -39.03 -12.39 -76.31
CA MET CB 206 -39.59 -11.14 -75.80
C MET CB 206 -38.71 -10.64 -74.65
N LYS CB 207 -37.81 -9.70 -74.92
CA LYS CB 207 -36.91 -9.13 -73.91
C LYS CB 207 -37.65 -8.09 -73.07
N SER CB 208 -37.05 -7.61 -71.99
CA SER CB 208 -37.69 -6.61 -71.11
C SER CB 208 -37.84 -5.23 -71.73
N GLN CB 209 -37.27 -4.98 -72.91
CA GLN CB 209 -37.36 -3.72 -73.63
C GLN CB 209 -38.81 -3.31 -73.97
N TRP CB 210 -39.01 -2.04 -74.29
CA TRP CB 210 -40.24 -1.55 -74.91
C TRP CB 210 -40.35 -1.97 -76.37
N TYR CB 211 -41.56 -2.25 -76.83
CA TYR CB 211 -41.89 -2.58 -78.21
C TYR CB 211 -43.11 -1.80 -78.65
N PHE CB 212 -43.19 -1.34 -79.89
CA PHE CB 212 -44.46 -0.82 -80.41
C PHE CB 212 -45.55 -1.90 -80.35
N GLN CB 213 -46.74 -1.52 -79.89
CA GLN CB 213 -47.87 -2.47 -79.77
C GLN CB 213 -48.26 -3.03 -81.14
N HIS CB 214 -48.02 -2.32 -82.24
CA HIS CB 214 -48.28 -2.80 -83.62
C HIS CB 214 -47.37 -3.99 -83.95
N ASN CB 215 -46.14 -3.98 -83.47
CA ASN CB 215 -45.17 -5.04 -83.75
C ASN CB 215 -45.48 -6.31 -82.96
N ILE CB 216 -45.72 -6.19 -81.65
CA ILE CB 216 -45.97 -7.33 -80.76
C ILE CB 216 -47.41 -7.84 -80.77
N ALA CB 217 -48.36 -7.14 -81.39
CA ALA CB 217 -49.78 -7.48 -81.35
C ALA CB 217 -50.06 -8.96 -81.64
N ASN CB 218 -49.46 -9.52 -82.69
CA ASN CB 218 -49.72 -10.88 -83.15
C ASN CB 218 -48.71 -11.93 -82.64
N ILE CB 219 -47.65 -11.54 -81.94
CA ILE CB 219 -46.66 -12.47 -81.38
C ILE CB 219 -47.31 -13.33 -80.29
N PRO CB 220 -47.35 -14.67 -80.41
CA PRO CB 220 -48.00 -15.51 -79.41
C PRO CB 220 -47.14 -15.58 -78.15
N LEU CB 221 -47.62 -15.00 -77.03
CA LEU CB 221 -46.83 -14.87 -75.77
C LEU CB 221 -47.06 -16.03 -74.81
N LEU CB 222 -48.04 -16.88 -75.08
CA LEU CB 222 -48.32 -18.08 -74.28
C LEU CB 222 -49.02 -19.13 -75.13
N MET CB 223 -48.63 -20.40 -75.00
CA MET CB 223 -49.45 -21.54 -75.42
C MET CB 223 -49.93 -22.33 -74.22
N ILE CB 224 -51.23 -22.62 -74.13
CA ILE CB 224 -51.80 -23.52 -73.12
C ILE CB 224 -52.32 -24.77 -73.83
N ARG CB 225 -51.92 -25.96 -73.39
CA ARG CB 225 -52.43 -27.25 -73.85
C ARG CB 225 -53.21 -27.89 -72.73
N THR CB 226 -54.46 -28.27 -72.95
CA THR CB 226 -55.32 -28.89 -71.91
C THR CB 226 -56.01 -30.12 -72.47
N THR CB 227 -56.13 -31.17 -71.67
CA THR CB 227 -56.91 -32.37 -72.03
C THR CB 227 -57.77 -32.82 -70.84
N ALA CB 228 -59.00 -33.25 -71.11
CA ALA CB 228 -59.93 -33.79 -70.14
C ALA CB 228 -59.59 -35.22 -69.74
N LEU CB 229 -59.77 -35.56 -68.48
CA LEU CB 229 -59.15 -36.71 -67.82
C LEU CB 229 -60.12 -37.33 -66.80
N THR CB 230 -59.96 -38.61 -66.47
CA THR CB 230 -60.40 -39.09 -65.16
C THR CB 230 -59.31 -39.87 -64.46
N LEU CB 231 -59.06 -39.54 -63.20
CA LEU CB 231 -58.11 -40.25 -62.33
C LEU CB 231 -58.72 -41.50 -61.69
N ASP CB 232 -59.98 -41.45 -61.26
CA ASP CB 232 -60.67 -42.56 -60.58
C ASP CB 232 -61.22 -43.65 -61.52
N ASN CB 233 -61.39 -43.35 -62.80
CA ASN CB 233 -61.87 -44.27 -63.83
C ASN CB 233 -60.82 -44.46 -64.92
N TYR CB 234 -59.54 -44.33 -64.59
CA TYR CB 234 -58.44 -44.26 -65.55
C TYR CB 234 -58.41 -45.42 -66.55
N TYR CB 235 -58.61 -46.66 -66.10
CA TYR CB 235 -58.60 -47.84 -66.97
C TYR CB 235 -59.96 -48.16 -67.56
N ILE CB 236 -61.00 -48.23 -66.73
CA ILE CB 236 -62.36 -48.58 -67.17
C ILE CB 236 -62.94 -47.50 -68.08
N GLY CB 237 -62.73 -46.23 -67.76
CA GLY CB 237 -63.22 -45.09 -68.51
C GLY CB 237 -64.73 -45.11 -68.60
N SER CB 238 -65.27 -45.25 -69.81
CA SER CB 238 -66.70 -45.46 -70.07
C SER CB 238 -67.03 -46.81 -70.70
N ARG CB 239 -66.16 -47.82 -70.54
CA ARG CB 239 -66.37 -49.21 -70.95
C ARG CB 239 -67.70 -49.75 -70.41
N GLN CB 240 -68.42 -50.49 -71.25
CA GLN CB 240 -69.63 -51.24 -70.90
C GLN CB 240 -69.44 -52.71 -71.32
N LEU CB 241 -69.88 -53.67 -70.51
CA LEU CB 241 -69.72 -55.10 -70.77
C LEU CB 241 -68.23 -55.47 -71.02
N SER CB 242 -67.91 -56.10 -72.15
CA SER CB 242 -66.56 -56.56 -72.51
C SER CB 242 -65.55 -55.42 -72.64
N THR CB 243 -64.25 -55.73 -72.49
CA THR CB 243 -63.17 -54.79 -72.83
C THR CB 243 -63.10 -54.50 -74.34
N ASN CB 244 -63.53 -55.43 -75.17
CA ASN CB 244 -63.57 -55.28 -76.63
C ASN CB 244 -64.59 -54.21 -77.05
N VAL CB 245 -64.19 -53.33 -77.97
CA VAL CB 245 -65.07 -52.40 -78.68
C VAL CB 245 -65.34 -52.92 -80.09
N THR CB 246 -66.55 -52.74 -80.59
CA THR CB 246 -66.92 -53.14 -81.96
C THR CB 246 -66.76 -51.96 -82.92
N ILE CB 247 -65.99 -52.15 -83.99
CA ILE CB 247 -65.79 -51.18 -85.06
C ILE CB 247 -66.54 -51.68 -86.30
N HIS CB 248 -67.33 -50.80 -86.93
CA HIS CB 248 -67.96 -51.16 -88.24
C HIS CB 248 -66.97 -50.68 -89.30
N THR CB 249 -66.88 -51.36 -90.45
CA THR CB 249 -66.04 -50.92 -91.57
C THR CB 249 -66.65 -51.28 -92.92
N LEU CB 250 -66.21 -50.59 -93.98
CA LEU CB 250 -66.61 -50.95 -95.35
C LEU CB 250 -65.78 -52.17 -95.75
N ASN CB 251 -66.41 -53.27 -96.18
CA ASN CB 251 -65.64 -54.43 -96.69
C ASN CB 251 -64.61 -53.87 -97.68
N THR CB 252 -63.32 -54.11 -97.46
CA THR CB 252 -62.24 -53.59 -98.35
C THR CB 252 -62.14 -54.49 -99.55
N THR CB 253 -62.46 -55.79 -99.41
CA THR CB 253 -62.28 -56.79 -100.47
C THR CB 253 -63.34 -56.71 -101.58
N TYR CB 254 -64.33 -55.79 -101.47
CA TYR CB 254 -65.39 -55.62 -102.47
C TYR CB 254 -65.71 -54.15 -102.77
N ILE CB 255 -65.74 -53.28 -101.76
CA ILE CB 255 -66.02 -51.84 -101.91
C ILE CB 255 -64.69 -51.08 -102.08
N GLN CB 256 -64.26 -50.75 -103.29
CA GLN CB 256 -62.95 -50.08 -103.45
C GLN CB 256 -62.96 -48.95 -104.47
N ASN CB 257 -64.00 -48.82 -105.29
CA ASN CB 257 -63.93 -47.86 -106.40
C ASN CB 257 -63.95 -46.38 -105.99
N ARG CB 258 -64.48 -46.05 -104.80
CA ARG CB 258 -64.51 -44.65 -104.26
C ARG CB 258 -65.13 -43.65 -105.27
N ASP CB 259 -66.06 -44.10 -106.12
CA ASP CB 259 -66.75 -43.22 -107.08
C ASP CB 259 -68.08 -42.67 -106.51
N TRP CB 260 -68.03 -41.99 -105.37
CA TRP CB 260 -69.22 -41.65 -104.58
C TRP CB 260 -69.84 -40.29 -104.85
N GLY CB 261 -71.12 -40.16 -104.52
CA GLY CB 261 -71.81 -38.87 -104.41
C GLY CB 261 -72.31 -38.26 -105.71
N ASP CB 262 -72.68 -39.08 -106.70
CA ASP CB 262 -73.41 -38.65 -107.91
C ASP CB 262 -74.68 -39.48 -108.14
N ARG CB 263 -75.76 -38.85 -108.61
CA ARG CB 263 -76.96 -39.59 -109.08
C ARG CB 263 -76.80 -39.73 -110.61
N ASN CB 264 -75.71 -39.16 -111.17
CA ASN CB 264 -75.42 -39.16 -112.61
C ASN CB 264 -74.52 -40.33 -113.06
N LYS CB 265 -74.31 -41.33 -112.20
CA LYS CB 265 -73.37 -42.45 -112.41
C LYS CB 265 -73.92 -43.75 -111.82
N THR CB 266 -74.03 -44.81 -112.61
CA THR CB 266 -74.35 -46.15 -112.08
C THR CB 266 -73.17 -46.66 -111.25
N TYR CB 267 -73.40 -46.99 -109.98
CA TYR CB 267 -72.31 -47.38 -109.08
C TYR CB 267 -71.85 -48.83 -109.31
N TYR CB 268 -70.54 -49.01 -109.30
CA TYR CB 268 -69.86 -50.30 -109.40
C TYR CB 268 -68.83 -50.36 -108.28
N CYS CB 269 -68.75 -51.48 -107.55
CA CYS CB 269 -68.04 -51.53 -106.27
C CYS CB 269 -66.54 -51.80 -106.41
N GLN CB 270 -66.12 -52.61 -107.38
CA GLN CB 270 -64.70 -52.86 -107.67
C GLN CB 270 -64.44 -53.09 -109.15
N THR CB 271 -63.19 -52.88 -109.56
CA THR CB 271 -62.65 -53.35 -110.84
C THR CB 271 -61.60 -54.44 -110.57
N LEU CB 272 -61.62 -55.52 -111.35
CA LEU CB 272 -60.54 -56.53 -111.36
C LEU CB 272 -60.18 -56.85 -112.81
N GLY CB 273 -58.90 -56.83 -113.15
CA GLY CB 273 -58.46 -56.89 -114.55
C GLY CB 273 -59.09 -55.74 -115.37
N THR CB 274 -59.88 -56.10 -116.39
CA THR CB 274 -60.71 -55.14 -117.16
C THR CB 274 -62.16 -55.04 -116.66
N GLN CB 275 -62.60 -55.93 -115.78
CA GLN CB 275 -64.01 -56.05 -115.38
C GLN CB 275 -64.46 -54.91 -114.45
N ARG CB 276 -65.78 -54.74 -114.34
CA ARG CB 276 -66.47 -53.98 -113.29
C ARG CB 276 -67.43 -54.92 -112.56
N TYR CB 277 -67.60 -54.75 -111.25
CA TYR CB 277 -68.49 -55.55 -110.42
C TYR CB 277 -69.57 -54.69 -109.79
N PHE CB 278 -70.76 -55.25 -109.64
CA PHE CB 278 -71.99 -54.55 -109.36
C PHE CB 278 -72.76 -55.25 -108.24
N LEU CB 279 -73.55 -54.47 -107.52
CA LEU CB 279 -74.32 -54.91 -106.37
C LEU CB 279 -75.82 -54.78 -106.69
N TYR CB 280 -76.63 -55.71 -106.19
CA TYR CB 280 -78.09 -55.69 -106.33
C TYR CB 280 -78.75 -56.07 -105.01
N GLY CB 281 -79.77 -55.34 -104.60
CA GLY CB 281 -80.58 -55.70 -103.43
C GLY CB 281 -81.75 -56.59 -103.83
N THR CB 282 -82.27 -57.41 -102.92
CA THR CB 282 -83.55 -58.09 -103.14
C THR CB 282 -84.31 -58.28 -101.84
N HIS CB 283 -85.64 -58.34 -101.92
CA HIS CB 283 -86.49 -58.66 -100.75
C HIS CB 283 -86.89 -60.14 -100.87
N SER CB 284 -86.37 -60.85 -101.88
CA SER CB 284 -86.73 -62.24 -102.12
C SER CB 284 -86.41 -63.15 -100.93
N THR CB 285 -87.33 -64.07 -100.64
CA THR CB 285 -87.16 -65.16 -99.67
C THR CB 285 -86.42 -66.36 -100.26
N ALA CB 286 -86.03 -66.33 -101.54
CA ALA CB 286 -85.34 -67.43 -102.20
C ALA CB 286 -84.04 -67.80 -101.48
N GLN CB 287 -83.87 -69.09 -101.18
CA GLN CB 287 -82.70 -69.60 -100.46
C GLN CB 287 -81.47 -69.80 -101.35
N ASN CB 288 -81.67 -70.02 -102.66
CA ASN CB 288 -80.61 -70.37 -103.60
C ASN CB 288 -80.30 -69.20 -104.54
N ILE CB 289 -79.04 -68.75 -104.55
CA ILE CB 289 -78.57 -67.63 -105.37
C ILE CB 289 -78.77 -67.87 -106.88
N ASN CB 290 -78.83 -69.13 -107.33
CA ASN CB 290 -79.02 -69.47 -108.73
C ASN CB 290 -80.44 -69.15 -109.25
N ASP CB 291 -81.50 -69.42 -108.44
CA ASP CB 291 -82.92 -69.36 -108.92
C ASP CB 291 -83.60 -68.00 -108.79
N ILE CB 292 -82.99 -67.02 -108.12
CA ILE CB 292 -83.54 -65.65 -108.06
C ILE CB 292 -83.77 -65.15 -109.50
N LYS CB 293 -84.88 -64.44 -109.74
CA LYS CB 293 -85.23 -63.91 -111.07
C LYS CB 293 -84.29 -62.77 -111.49
N LEU CB 294 -84.43 -62.29 -112.73
CA LEU CB 294 -83.71 -61.07 -113.15
C LEU CB 294 -84.53 -59.89 -112.60
N GLN CB 295 -85.82 -60.11 -112.30
CA GLN CB 295 -86.74 -59.07 -111.78
C GLN CB 295 -86.48 -58.78 -110.29
N GLU CB 296 -86.27 -59.80 -109.47
CA GLU CB 296 -86.12 -59.64 -108.00
C GLU CB 296 -85.05 -58.58 -107.69
N LEU CB 297 -83.94 -58.58 -108.42
CA LEU CB 297 -82.80 -57.66 -108.12
C LEU CB 297 -83.21 -56.19 -108.20
N ILE CB 298 -82.77 -55.37 -107.23
CA ILE CB 298 -83.02 -53.89 -107.22
C ILE CB 298 -81.65 -53.27 -107.52
N PRO CB 299 -81.34 -52.90 -108.77
CA PRO CB 299 -80.00 -52.47 -109.14
C PRO CB 299 -79.70 -51.13 -108.51
N LEU CB 300 -78.42 -50.84 -108.24
CA LEU CB 300 -78.01 -49.58 -107.56
C LEU CB 300 -77.42 -48.61 -108.61
N THR CB 301 -78.12 -47.53 -108.92
CA THR CB 301 -77.68 -46.53 -109.94
C THR CB 301 -77.38 -45.21 -109.25
N ASN CB 302 -77.51 -45.16 -107.91
CA ASN CB 302 -77.19 -43.96 -107.13
C ASN CB 302 -76.39 -44.37 -105.90
N THR CB 303 -75.38 -43.57 -105.50
CA THR CB 303 -74.84 -43.65 -104.12
C THR CB 303 -75.14 -42.42 -103.28
N GLN CB 304 -75.45 -41.29 -103.93
CA GLN CB 304 -75.61 -39.96 -103.28
C GLN CB 304 -76.85 -39.81 -102.39
N ASP CB 305 -77.80 -40.73 -102.42
CA ASP CB 305 -79.06 -40.56 -101.63
C ASP CB 305 -79.27 -41.63 -100.57
N TYR CB 306 -80.12 -41.33 -99.58
CA TYR CB 306 -80.53 -42.31 -98.57
C TYR CB 306 -81.54 -43.35 -99.09
N VAL CB 307 -82.06 -43.16 -100.31
CA VAL CB 307 -83.20 -43.92 -100.85
C VAL CB 307 -82.93 -45.43 -100.89
N GLN CB 308 -83.91 -46.23 -100.47
CA GLN CB 308 -83.86 -47.70 -100.48
C GLN CB 308 -84.03 -48.30 -101.87
N GLY CB 309 -84.73 -47.58 -102.76
CA GLY CB 309 -85.28 -48.14 -103.98
C GLY CB 309 -86.54 -48.95 -103.71
N PHE CB 310 -87.02 -49.70 -104.69
CA PHE CB 310 -88.14 -50.62 -104.57
C PHE CB 310 -88.07 -51.73 -105.62
N ASP CB 311 -88.82 -52.80 -105.39
CA ASP CB 311 -88.86 -53.97 -106.26
C ASP CB 311 -89.73 -53.76 -107.52
N TRP CB 312 -89.47 -54.51 -108.59
CA TRP CB 312 -90.22 -54.49 -109.85
C TRP CB 312 -91.71 -54.82 -109.66
N THR CB 313 -92.08 -55.51 -108.60
CA THR CB 313 -93.49 -55.74 -108.22
C THR CB 313 -94.24 -54.44 -107.93
N GLU CB 314 -93.56 -53.33 -107.69
CA GLU CB 314 -94.18 -51.99 -107.52
C GLU CB 314 -94.17 -51.15 -108.81
N LYS CB 315 -93.90 -51.77 -109.98
CA LYS CB 315 -94.00 -51.13 -111.31
C LYS CB 315 -95.27 -50.27 -111.46
N ASP CB 316 -96.42 -50.82 -111.09
CA ASP CB 316 -97.71 -50.16 -111.20
C ASP CB 316 -97.96 -49.06 -110.14
N LYS CB 317 -97.17 -49.00 -109.06
CA LYS CB 317 -97.27 -47.92 -108.05
C LYS CB 317 -96.56 -46.65 -108.49
N HIS CB 318 -95.52 -46.78 -109.34
CA HIS CB 318 -94.72 -45.63 -109.86
C HIS CB 318 -94.88 -45.52 -111.38
N ASN CB 319 -95.98 -46.00 -111.94
CA ASN CB 319 -96.32 -45.88 -113.37
C ASN CB 319 -95.15 -46.23 -114.31
N ILE CB 320 -94.32 -47.19 -113.89
CA ILE CB 320 -93.12 -47.61 -114.63
C ILE CB 320 -93.52 -48.36 -115.91
N THR CB 321 -92.94 -47.96 -117.03
CA THR CB 321 -93.19 -48.60 -118.34
C THR CB 321 -92.05 -49.51 -118.79
N THR CB 322 -90.82 -49.29 -118.31
CA THR CB 322 -89.62 -50.02 -118.75
C THR CB 322 -88.62 -50.23 -117.62
N TYR CB 323 -87.69 -51.16 -117.79
CA TYR CB 323 -86.57 -51.32 -116.86
C TYR CB 323 -85.72 -50.04 -116.75
N LYS CB 324 -85.65 -49.21 -117.79
CA LYS CB 324 -85.04 -47.87 -117.73
C LYS CB 324 -85.71 -46.97 -116.67
N GLU CB 325 -87.04 -46.95 -116.60
CA GLU CB 325 -87.77 -46.24 -115.54
C GLU CB 325 -87.68 -46.96 -114.17
N PHE CB 326 -87.54 -48.28 -114.15
CA PHE CB 326 -87.25 -49.00 -112.91
C PHE CB 326 -85.87 -48.64 -112.35
N LEU CB 327 -84.83 -48.55 -113.19
CA LEU CB 327 -83.49 -48.07 -112.85
C LEU CB 327 -83.51 -46.65 -112.27
N THR CB 328 -84.26 -45.72 -112.87
CA THR CB 328 -84.24 -44.33 -112.42
C THR CB 328 -85.13 -44.11 -111.20
N LYS CB 329 -86.34 -44.67 -111.15
CA LYS CB 329 -87.24 -44.48 -110.00
C LYS CB 329 -86.93 -45.41 -108.83
N GLY CB 330 -86.57 -46.67 -109.10
CA GLY CB 330 -86.58 -47.76 -108.12
C GLY CB 330 -85.22 -48.28 -107.66
N ALA CB 331 -84.11 -47.78 -108.19
CA ALA CB 331 -82.80 -48.21 -107.73
C ALA CB 331 -82.51 -47.80 -106.27
N GLY CB 332 -81.78 -48.66 -105.54
CA GLY CB 332 -81.48 -48.50 -104.13
C GLY CB 332 -80.05 -48.03 -103.86
N ASN CB 333 -79.82 -47.18 -102.87
CA ASN CB 333 -78.45 -46.81 -102.50
C ASN CB 333 -77.87 -47.90 -101.59
N PRO CB 334 -76.64 -48.40 -101.83
CA PRO CB 334 -76.10 -49.56 -101.11
C PRO CB 334 -75.90 -49.30 -99.62
N PHE CB 335 -75.81 -48.02 -99.23
CA PHE CB 335 -75.63 -47.56 -97.87
C PHE CB 335 -76.95 -47.25 -97.14
N HIS CB 336 -78.12 -47.55 -97.73
CA HIS CB 336 -79.38 -47.49 -96.99
C HIS CB 336 -79.36 -48.47 -95.80
N ALA CB 337 -80.11 -48.19 -94.75
CA ALA CB 337 -80.04 -48.91 -93.45
C ALA CB 337 -80.26 -50.43 -93.53
N GLU CB 338 -80.95 -50.94 -94.56
CA GLU CB 338 -81.08 -52.39 -94.78
C GLU CB 338 -80.00 -52.97 -95.72
N TRP CB 339 -79.54 -52.23 -96.72
CA TRP CB 339 -78.50 -52.72 -97.64
C TRP CB 339 -77.08 -52.60 -97.07
N ILE CB 340 -76.81 -51.62 -96.19
CA ILE CB 340 -75.49 -51.35 -95.60
C ILE CB 340 -74.90 -52.55 -94.86
N THR CB 341 -75.75 -53.31 -94.15
CA THR CB 341 -75.40 -54.56 -93.45
C THR CB 341 -76.12 -55.78 -94.02
N ALA CB 342 -76.75 -55.63 -95.20
CA ALA CB 342 -77.54 -56.67 -95.87
C ALA CB 342 -78.59 -57.33 -94.94
N GLN CB 343 -79.32 -56.54 -94.17
CA GLN CB 343 -80.44 -57.01 -93.35
C GLN CB 343 -81.45 -57.77 -94.22
N ASN CB 344 -81.73 -57.22 -95.40
CA ASN CB 344 -82.34 -57.94 -96.52
C ASN CB 344 -81.22 -58.26 -97.53
N PRO CB 345 -81.20 -59.47 -98.13
CA PRO CB 345 -80.04 -59.93 -98.91
C PRO CB 345 -79.58 -58.96 -100.01
N VAL CB 346 -78.27 -58.90 -100.20
CA VAL CB 346 -77.57 -58.09 -101.20
C VAL CB 346 -76.64 -59.01 -102.00
N ILE CB 347 -76.68 -58.88 -103.31
CA ILE CB 347 -76.04 -59.78 -104.26
C ILE CB 347 -74.93 -59.04 -105.01
N HIS CB 348 -73.72 -59.57 -105.01
CA HIS CB 348 -72.55 -59.04 -105.71
C HIS CB 348 -72.29 -59.86 -106.97
N THR CB 349 -72.05 -59.23 -108.12
CA THR CB 349 -71.87 -59.93 -109.40
C THR CB 349 -70.98 -59.15 -110.38
N ALA CB 350 -70.36 -59.85 -111.32
CA ALA CB 350 -69.72 -59.22 -112.48
C ALA CB 350 -70.75 -58.75 -113.53
N ASN CB 351 -71.99 -59.24 -113.49
CA ASN CB 351 -72.96 -58.94 -114.53
C ASN CB 351 -73.49 -57.50 -114.43
N SER CB 352 -73.10 -56.65 -115.38
CA SER CB 352 -73.49 -55.25 -115.40
C SER CB 352 -75.00 -55.09 -115.59
N PRO CB 353 -75.64 -54.09 -114.93
CA PRO CB 353 -77.03 -53.77 -115.15
C PRO CB 353 -77.38 -53.57 -116.62
N THR CB 354 -76.45 -53.07 -117.44
CA THR CB 354 -76.69 -52.90 -118.88
C THR CB 354 -76.80 -54.22 -119.64
N GLN CB 355 -76.15 -55.30 -119.20
CA GLN CB 355 -76.45 -56.62 -119.74
C GLN CB 355 -77.87 -57.06 -119.34
N ILE CB 356 -78.29 -56.79 -118.09
CA ILE CB 356 -79.67 -56.99 -117.67
C ILE CB 356 -80.64 -56.09 -118.46
N GLU CB 357 -80.28 -54.85 -118.78
CA GLU CB 357 -81.06 -53.96 -119.65
C GLU CB 357 -81.26 -54.62 -121.01
N GLN CB 358 -80.19 -55.14 -121.63
CA GLN CB 358 -80.29 -55.84 -122.90
C GLN CB 358 -81.23 -57.05 -122.80
N ILE CB 359 -81.18 -57.84 -121.72
CA ILE CB 359 -82.11 -58.97 -121.54
C ILE CB 359 -83.56 -58.49 -121.38
N TYR CB 360 -83.82 -57.46 -120.56
CA TYR CB 360 -85.17 -56.89 -120.42
C TYR CB 360 -85.68 -56.28 -121.74
N THR CB 361 -84.90 -55.36 -122.32
CA THR CB 361 -85.33 -54.60 -123.50
C THR CB 361 -85.45 -55.49 -124.73
N ALA CB 362 -84.60 -56.52 -124.88
CA ALA CB 362 -84.75 -57.49 -125.96
C ALA CB 362 -86.11 -58.21 -125.90
N SER CB 363 -86.54 -58.64 -124.70
CA SER CB 363 -87.94 -59.03 -124.46
C SER CB 363 -88.33 -59.00 -122.98
N THR CB 364 -89.30 -58.14 -122.65
CA THR CB 364 -89.87 -57.99 -121.30
C THR CB 364 -90.59 -59.26 -120.83
N THR CB 365 -91.17 -60.01 -121.76
CA THR CB 365 -91.83 -61.30 -121.47
C THR CB 365 -90.82 -62.38 -121.05
N THR CB 366 -89.59 -62.37 -121.59
CA THR CB 366 -88.54 -63.31 -121.15
C THR CB 366 -87.79 -62.82 -119.90
N PHE CB 367 -87.93 -61.56 -119.49
CA PHE CB 367 -87.44 -61.08 -118.19
C PHE CB 367 -88.15 -61.78 -117.01
N GLN CB 368 -89.43 -62.13 -117.18
CA GLN CB 368 -90.18 -62.98 -116.25
C GLN CB 368 -89.56 -64.40 -116.18
N ASN CB 369 -89.19 -64.97 -117.33
CA ASN CB 369 -88.67 -66.33 -117.43
C ASN CB 369 -87.22 -66.44 -116.93
N LYS CB 370 -86.35 -65.49 -117.27
CA LYS CB 370 -84.92 -65.55 -116.94
C LYS CB 370 -84.67 -65.46 -115.43
N LYS CB 371 -83.78 -66.31 -114.94
CA LYS CB 371 -83.26 -66.34 -113.57
C LYS CB 371 -81.77 -65.99 -113.55
N LEU CB 372 -81.14 -66.02 -112.38
CA LEU CB 372 -79.69 -65.82 -112.22
C LEU CB 372 -78.84 -66.93 -112.84
N THR CB 373 -79.42 -68.12 -113.10
CA THR CB 373 -78.83 -69.12 -114.00
C THR CB 373 -78.75 -68.62 -115.44
N ASP CB 374 -77.74 -69.06 -116.18
CA ASP CB 374 -77.55 -68.78 -117.62
C ASP CB 374 -77.53 -67.28 -117.99
N LEU CB 375 -77.17 -66.41 -117.05
CA LEU CB 375 -76.91 -65.00 -117.32
C LEU CB 375 -75.48 -64.76 -117.81
N PRO CB 376 -75.22 -63.65 -118.52
CA PRO CB 376 -73.85 -63.26 -118.87
C PRO CB 376 -73.04 -62.95 -117.61
N THR CB 377 -71.75 -63.33 -117.62
CA THR CB 377 -70.80 -63.17 -116.49
C THR CB 377 -71.48 -63.32 -115.11
N PRO CB 378 -72.10 -64.48 -114.79
CA PRO CB 378 -72.88 -64.59 -113.56
C PRO CB 378 -72.14 -64.96 -112.28
N GLY CB 379 -71.38 -64.02 -111.70
CA GLY CB 379 -70.68 -64.25 -110.43
C GLY CB 379 -71.59 -63.85 -109.28
N TYR CB 380 -72.87 -64.24 -109.32
CA TYR CB 380 -73.86 -63.86 -108.27
C TYR CB 380 -73.46 -64.52 -106.95
N ILE CB 381 -73.14 -63.71 -105.93
CA ILE CB 381 -72.70 -64.21 -104.58
C ILE CB 381 -73.53 -63.45 -103.53
N PHE CB 382 -73.42 -63.77 -102.24
CA PHE CB 382 -74.09 -62.99 -101.17
C PHE CB 382 -73.01 -62.24 -100.38
N ILE CB 383 -72.87 -60.92 -100.58
CA ILE CB 383 -71.80 -60.12 -99.96
C ILE CB 383 -72.41 -58.97 -99.16
N THR CB 384 -71.86 -58.66 -97.99
CA THR CB 384 -72.33 -57.55 -97.13
C THR CB 384 -71.40 -56.34 -97.29
N PRO CB 385 -71.90 -55.13 -97.59
CA PRO CB 385 -71.05 -53.94 -97.72
C PRO CB 385 -70.31 -53.59 -96.43
N THR CB 386 -70.90 -53.87 -95.27
CA THR CB 386 -70.30 -53.68 -93.95
C THR CB 386 -69.87 -55.01 -93.33
N VAL CB 387 -68.73 -54.98 -92.62
CA VAL CB 387 -68.35 -56.00 -91.63
C VAL CB 387 -68.11 -55.32 -90.27
N SER CB 388 -68.39 -56.02 -89.18
CA SER CB 388 -68.08 -55.56 -87.82
C SER CB 388 -66.84 -56.29 -87.30
N LEU CB 389 -65.82 -55.54 -86.88
CA LEU CB 389 -64.61 -56.03 -86.25
C LEU CB 389 -64.70 -55.86 -84.73
N ARG CB 390 -63.96 -56.67 -83.97
CA ARG CB 390 -63.71 -56.46 -82.54
C ARG CB 390 -62.27 -56.01 -82.33
N TYR CB 391 -62.09 -54.91 -81.61
CA TYR CB 391 -60.79 -54.37 -81.23
C TYR CB 391 -60.62 -54.44 -79.71
N ASN CB 392 -59.47 -54.91 -79.25
CA ASN CB 392 -59.10 -54.92 -77.85
C ASN CB 392 -57.83 -54.09 -77.65
N PRO CB 393 -57.84 -53.00 -76.86
CA PRO CB 393 -56.68 -52.14 -76.72
C PRO CB 393 -55.50 -52.83 -76.03
N TYR CB 394 -55.79 -53.80 -75.15
CA TYR CB 394 -54.72 -54.49 -74.38
C TYR CB 394 -54.06 -55.54 -75.26
N LYS CB 395 -54.71 -55.92 -76.36
CA LYS CB 395 -54.15 -56.92 -77.32
C LYS CB 395 -53.41 -56.20 -78.45
N ASP CB 396 -53.29 -54.87 -78.38
CA ASP CB 396 -52.67 -54.06 -79.46
C ASP CB 396 -51.18 -53.81 -79.18
N LEU CB 397 -50.29 -54.19 -80.11
CA LEU CB 397 -48.85 -54.08 -79.91
C LEU CB 397 -48.20 -53.01 -80.80
N ALA CB 398 -48.99 -52.34 -81.66
CA ALA CB 398 -48.52 -51.23 -82.49
C ALA CB 398 -47.32 -51.53 -83.40
N GLU CB 399 -47.12 -52.77 -83.86
CA GLU CB 399 -45.94 -53.13 -84.66
C GLU CB 399 -46.11 -52.75 -86.14
N ARG CB 400 -47.35 -52.76 -86.65
CA ARG CB 400 -47.67 -52.43 -88.06
C ARG CB 400 -48.93 -51.56 -88.19
N ASN CB 401 -49.23 -50.81 -87.13
CA ASN CB 401 -50.32 -49.83 -87.12
C ASN CB 401 -50.01 -48.63 -88.01
N LYS CB 402 -51.02 -48.07 -88.66
CA LYS CB 402 -50.87 -47.00 -89.66
C LYS CB 402 -52.19 -46.27 -89.84
N CYS CB 403 -52.16 -45.01 -90.28
CA CYS CB 403 -53.36 -44.17 -90.37
C CYS CB 403 -53.14 -43.01 -91.37
N TYR CB 404 -54.09 -42.75 -92.27
CA TYR CB 404 -54.01 -41.66 -93.26
C TYR CB 404 -55.38 -41.34 -93.88
N PHE CB 405 -55.48 -40.19 -94.55
CA PHE CB 405 -56.68 -39.77 -95.29
C PHE CB 405 -56.51 -39.97 -96.80
N VAL CB 406 -57.55 -40.48 -97.46
CA VAL CB 406 -57.65 -40.61 -98.93
C VAL CB 406 -58.81 -39.78 -99.44
N ARG CB 407 -58.77 -39.35 -100.70
CA ARG CB 407 -59.79 -38.50 -101.32
C ARG CB 407 -61.06 -39.31 -101.61
N SER CB 408 -62.21 -38.92 -101.08
CA SER CB 408 -63.47 -39.66 -101.25
C SER CB 408 -64.15 -39.38 -102.60
N LYS CB 409 -64.37 -38.10 -102.94
CA LYS CB 409 -64.88 -37.68 -104.26
C LYS CB 409 -63.76 -37.54 -105.30
N ILE CB 410 -63.13 -38.64 -105.69
CA ILE CB 410 -62.33 -38.71 -106.91
C ILE CB 410 -62.48 -40.05 -107.61
N ASN CB 411 -62.20 -40.08 -108.90
CA ASN CB 411 -62.24 -41.29 -109.73
C ASN CB 411 -60.93 -42.09 -109.64
N ALA CB 412 -60.56 -42.56 -108.44
CA ALA CB 412 -59.35 -43.36 -108.22
C ALA CB 412 -59.63 -44.63 -107.42
N HIS CB 413 -59.09 -45.75 -107.89
CA HIS CB 413 -59.30 -47.07 -107.32
C HIS CB 413 -58.42 -47.31 -106.08
N GLY CB 414 -58.90 -48.16 -105.18
CA GLY CB 414 -58.09 -48.72 -104.08
C GLY CB 414 -57.86 -47.77 -102.92
N TRP CB 415 -57.23 -48.31 -101.88
CA TRP CB 415 -57.12 -47.71 -100.55
C TRP CB 415 -55.69 -47.41 -100.11
N ASP CB 416 -54.70 -47.62 -100.99
CA ASP CB 416 -53.27 -47.45 -100.61
C ASP CB 416 -53.02 -46.04 -100.08
N PRO CB 417 -52.03 -45.82 -99.17
CA PRO CB 417 -51.71 -44.47 -98.73
C PRO CB 417 -51.37 -43.66 -99.96
N GLU CB 418 -51.99 -42.48 -100.11
CA GLU CB 418 -51.79 -41.65 -101.32
C GLU CB 418 -51.63 -40.17 -100.94
N GLN CB 419 -51.36 -39.30 -101.91
CA GLN CB 419 -51.20 -37.85 -101.65
C GLN CB 419 -50.05 -37.65 -100.64
N HIS CB 420 -50.28 -36.99 -99.50
CA HIS CB 420 -49.22 -36.67 -98.52
C HIS CB 420 -48.71 -37.95 -97.84
N GLN CB 421 -47.45 -38.32 -98.08
CA GLN CB 421 -46.82 -39.50 -97.44
C GLN CB 421 -46.17 -39.04 -96.13
N GLU CB 422 -45.96 -37.73 -95.96
CA GLU CB 422 -45.46 -37.20 -94.69
C GLU CB 422 -46.56 -37.09 -93.62
N LEU CB 423 -47.83 -37.10 -94.02
CA LEU CB 423 -48.98 -37.07 -93.11
C LEU CB 423 -49.39 -38.46 -92.60
N ILE CB 424 -48.85 -39.54 -93.16
CA ILE CB 424 -49.08 -40.89 -92.64
C ILE CB 424 -48.59 -40.96 -91.19
N ASN CB 425 -49.46 -41.46 -90.30
CA ASN CB 425 -49.16 -41.63 -88.84
C ASN CB 425 -49.01 -43.14 -88.57
N SER CB 426 -47.89 -43.60 -87.99
CA SER CB 426 -47.56 -45.03 -87.88
C SER CB 426 -47.03 -45.41 -86.49
N ASP CB 427 -47.10 -46.70 -86.17
CA ASP CB 427 -46.38 -47.34 -85.05
C ASP CB 427 -46.75 -46.82 -83.63
N LEU CB 428 -48.02 -46.52 -83.40
CA LEU CB 428 -48.59 -46.30 -82.06
C LEU CB 428 -49.87 -47.13 -81.93
N PRO CB 429 -50.30 -47.52 -80.72
CA PRO CB 429 -51.55 -48.25 -80.57
C PRO CB 429 -52.73 -47.40 -81.05
N GLN CB 430 -53.72 -47.99 -81.72
CA GLN CB 430 -54.85 -47.25 -82.39
C GLN CB 430 -55.54 -46.18 -81.54
N TRP CB 431 -55.67 -46.37 -80.23
CA TRP CB 431 -56.25 -45.37 -79.34
C TRP CB 431 -55.33 -44.15 -79.15
N LEU CB 432 -54.02 -44.30 -79.29
CA LEU CB 432 -53.06 -43.20 -79.31
C LEU CB 432 -52.84 -42.66 -80.72
N LEU CB 433 -52.81 -43.53 -81.73
CA LEU CB 433 -52.56 -43.16 -83.12
C LEU CB 433 -53.67 -42.26 -83.68
N LEU CB 434 -54.94 -42.52 -83.34
CA LEU CB 434 -56.07 -41.75 -83.84
C LEU CB 434 -56.31 -40.46 -83.05
N PHE CB 435 -55.83 -40.35 -81.81
CA PHE CB 435 -56.19 -39.23 -80.94
C PHE CB 435 -55.70 -37.89 -81.49
N GLY CB 436 -56.62 -36.98 -81.80
CA GLY CB 436 -56.28 -35.66 -82.36
C GLY CB 436 -55.69 -35.67 -83.78
N TYR CB 437 -55.54 -36.83 -84.43
CA TYR CB 437 -54.96 -36.91 -85.76
C TYR CB 437 -55.80 -36.19 -86.84
N PRO CB 438 -57.14 -36.36 -86.90
CA PRO CB 438 -57.96 -35.56 -87.79
C PRO CB 438 -57.83 -34.05 -87.60
N ASP CB 439 -57.72 -33.56 -86.36
CA ASP CB 439 -57.54 -32.14 -86.10
C ASP CB 439 -56.15 -31.64 -86.48
N TYR CB 440 -55.09 -32.44 -86.28
CA TYR CB 440 -53.78 -32.10 -86.82
C TYR CB 440 -53.84 -31.94 -88.35
N ILE CB 441 -54.55 -32.84 -89.03
CA ILE CB 441 -54.70 -32.78 -90.49
C ILE CB 441 -55.51 -31.55 -90.91
N LYS CB 442 -56.63 -31.26 -90.26
CA LYS CB 442 -57.41 -30.04 -90.52
C LYS CB 442 -56.58 -28.77 -90.30
N ARG CB 443 -55.86 -28.67 -89.17
CA ARG CB 443 -55.04 -27.47 -88.86
C ARG CB 443 -53.86 -27.37 -89.84
N THR CB 444 -53.35 -28.49 -90.33
CA THR CB 444 -52.28 -28.50 -91.35
C THR CB 444 -52.76 -27.92 -92.69
N GLN CB 445 -54.05 -28.05 -93.03
CA GLN CB 445 -54.64 -27.42 -94.25
C GLN CB 445 -54.01 -27.92 -95.56
N ASN CB 446 -53.34 -29.07 -95.56
CA ASN CB 446 -52.79 -29.68 -96.78
C ASN CB 446 -53.82 -30.46 -97.60
N PHE CB 447 -55.07 -30.56 -97.12
CA PHE CB 447 -56.20 -31.19 -97.80
C PHE CB 447 -57.36 -30.21 -97.95
N ALA CB 448 -58.20 -30.41 -98.97
CA ALA CB 448 -59.44 -29.64 -99.11
C ALA CB 448 -60.34 -29.87 -97.88
N LEU CB 449 -60.76 -28.78 -97.24
CA LEU CB 449 -61.09 -28.78 -95.80
C LEU CB 449 -62.33 -29.62 -95.44
N VAL CB 450 -63.25 -29.83 -96.37
CA VAL CB 450 -64.58 -30.36 -96.05
C VAL CB 450 -64.58 -31.86 -95.75
N ASP CB 451 -65.25 -32.27 -94.66
CA ASP CB 451 -65.29 -33.70 -94.21
C ASP CB 451 -65.83 -34.63 -95.29
N THR CB 452 -66.66 -34.12 -96.20
CA THR CB 452 -67.29 -34.96 -97.22
C THR CB 452 -66.33 -35.41 -98.33
N ASN CB 453 -65.16 -34.79 -98.45
CA ASN CB 453 -64.27 -35.00 -99.59
C ASN CB 453 -63.10 -35.93 -99.27
N TYR CB 454 -63.00 -36.45 -98.05
CA TYR CB 454 -61.95 -37.38 -97.62
C TYR CB 454 -62.54 -38.53 -96.81
N ILE CB 455 -61.82 -39.64 -96.74
CA ILE CB 455 -62.05 -40.78 -95.86
C ILE CB 455 -60.77 -41.01 -95.06
N LEU CB 456 -60.92 -41.35 -93.79
CA LEU CB 456 -59.88 -41.88 -92.94
C LEU CB 456 -59.80 -43.40 -93.07
N VAL CB 457 -58.57 -43.89 -93.27
CA VAL CB 457 -58.23 -45.28 -93.52
C VAL CB 457 -57.13 -45.67 -92.55
N ASP CB 458 -57.21 -46.84 -91.90
CA ASP CB 458 -56.17 -47.28 -90.97
C ASP CB 458 -55.89 -48.78 -91.07
N HIS CB 459 -54.64 -49.17 -90.83
CA HIS CB 459 -54.20 -50.56 -90.76
C HIS CB 459 -53.96 -50.94 -89.30
N CYS CB 460 -54.45 -52.12 -88.90
CA CYS CB 460 -54.26 -52.64 -87.55
C CYS CB 460 -54.31 -54.18 -87.59
N PRO CB 461 -53.19 -54.88 -87.37
CA PRO CB 461 -53.14 -56.33 -87.27
C PRO CB 461 -54.01 -56.95 -86.16
N TYR CB 462 -54.42 -56.15 -85.18
CA TYR CB 462 -54.82 -56.64 -83.85
C TYR CB 462 -56.32 -56.76 -83.61
N THR CB 463 -57.17 -56.46 -84.59
CA THR CB 463 -58.57 -56.90 -84.53
C THR CB 463 -58.66 -58.42 -84.71
N ASN CB 464 -59.65 -59.05 -84.09
CA ASN CB 464 -59.75 -60.52 -84.09
C ASN CB 464 -60.14 -61.09 -85.47
N PRO CB 465 -61.23 -60.64 -86.10
CA PRO CB 465 -61.35 -60.64 -87.56
C PRO CB 465 -60.48 -59.52 -88.14
N GLU CB 466 -60.21 -59.53 -89.44
CA GLU CB 466 -59.38 -58.51 -90.09
C GLU CB 466 -59.95 -58.08 -91.45
N LYS CB 467 -59.56 -56.88 -91.86
CA LYS CB 467 -59.60 -56.37 -93.23
C LYS CB 467 -58.31 -55.59 -93.46
N THR CB 468 -57.74 -55.62 -94.67
CA THR CB 468 -56.37 -55.15 -94.92
C THR CB 468 -56.20 -53.68 -94.49
N PRO CB 469 -56.90 -52.71 -95.08
CA PRO CB 469 -57.26 -51.48 -94.37
C PRO CB 469 -58.64 -51.62 -93.70
N PHE CB 470 -58.90 -50.67 -92.80
CA PHE CB 470 -60.24 -50.53 -92.17
C PHE CB 470 -60.78 -49.20 -92.67
N ILE CB 471 -62.08 -49.08 -92.92
CA ILE CB 471 -62.71 -47.78 -93.26
C ILE CB 471 -63.73 -47.54 -92.14
N PRO CB 472 -63.32 -47.15 -90.91
CA PRO CB 472 -64.28 -47.08 -89.81
C PRO CB 472 -65.54 -46.31 -90.20
N LEU CB 473 -66.71 -46.76 -89.76
CA LEU CB 473 -67.99 -46.07 -89.97
C LEU CB 473 -68.75 -46.00 -88.65
N SER CB 474 -69.36 -44.86 -88.38
CA SER CB 474 -70.11 -44.67 -87.13
C SER CB 474 -71.42 -45.45 -87.15
N THR CB 475 -71.85 -45.89 -85.97
CA THR CB 475 -73.14 -46.58 -85.79
C THR CB 475 -74.30 -45.78 -86.36
N SER CB 476 -74.26 -44.44 -86.33
CA SER CB 476 -75.26 -43.59 -86.98
C SER CB 476 -75.35 -43.81 -88.50
N PHE CB 477 -74.24 -43.90 -89.22
CA PHE CB 477 -74.25 -44.19 -90.66
C PHE CB 477 -74.63 -45.64 -90.98
N ILE CB 478 -74.22 -46.58 -90.12
CA ILE CB 478 -74.63 -47.99 -90.18
C ILE CB 478 -76.11 -48.19 -89.84
N GLU CB 479 -76.75 -47.20 -89.19
CA GLU CB 479 -78.17 -47.19 -88.84
C GLU CB 479 -79.00 -46.16 -89.62
N GLY CB 480 -78.44 -45.51 -90.64
CA GLY CB 480 -79.20 -44.56 -91.46
C GLY CB 480 -79.63 -43.29 -90.73
N ARG CB 481 -78.68 -42.58 -90.12
CA ARG CB 481 -78.99 -41.37 -89.30
C ARG CB 481 -77.85 -40.35 -89.41
N SER CB 482 -78.14 -39.06 -89.19
CA SER CB 482 -77.14 -37.98 -89.31
C SER CB 482 -76.00 -38.12 -88.27
N PRO CB 483 -74.78 -37.61 -88.56
CA PRO CB 483 -73.55 -37.88 -87.80
C PRO CB 483 -73.66 -37.77 -86.27
N TYR CB 484 -74.41 -36.79 -85.75
CA TYR CB 484 -74.64 -36.57 -84.31
C TYR CB 484 -76.14 -36.41 -84.01
N SER CB 485 -77.00 -37.24 -84.61
CA SER CB 485 -78.46 -37.19 -84.42
C SER CB 485 -78.94 -38.29 -83.46
N PRO CB 486 -79.90 -38.01 -82.55
CA PRO CB 486 -80.35 -38.97 -81.56
C PRO CB 486 -81.01 -40.20 -82.16
N SER CB 487 -80.79 -41.35 -81.54
CA SER CB 487 -81.17 -42.69 -82.03
C SER CB 487 -82.67 -42.89 -82.28
N ASP CB 488 -83.54 -42.02 -81.75
CA ASP CB 488 -85.02 -42.09 -82.03
C ASP CB 488 -85.26 -41.83 -83.52
N THR CB 489 -84.34 -41.13 -84.19
CA THR CB 489 -84.41 -40.81 -85.61
C THR CB 489 -84.01 -42.02 -86.46
N HIS CB 490 -84.70 -42.23 -87.60
CA HIS CB 490 -84.43 -43.38 -88.53
C HIS CB 490 -84.23 -42.89 -89.97
N GLU CB 491 -83.84 -41.63 -90.18
CA GLU CB 491 -83.51 -41.04 -91.47
C GLU CB 491 -82.46 -39.93 -91.29
N PRO CB 492 -81.58 -39.70 -92.27
CA PRO CB 492 -80.80 -38.46 -92.30
C PRO CB 492 -81.68 -37.21 -92.39
N ASP CB 493 -81.20 -36.08 -91.86
CA ASP CB 493 -81.74 -34.74 -92.17
C ASP CB 493 -81.41 -34.35 -93.62
N GLU CB 494 -82.17 -33.45 -94.25
CA GLU CB 494 -82.12 -33.23 -95.72
C GLU CB 494 -80.70 -33.05 -96.31
N GLU CB 495 -79.84 -32.29 -95.64
CA GLU CB 495 -78.46 -32.08 -96.09
C GLU CB 495 -77.58 -33.35 -95.98
N ASP CB 496 -77.90 -34.27 -95.07
CA ASP CB 496 -77.32 -35.61 -95.00
C ASP CB 496 -78.12 -36.66 -95.80
N GLN CB 497 -79.35 -36.38 -96.22
CA GLN CB 497 -80.05 -37.22 -97.22
C GLN CB 497 -79.35 -37.09 -98.57
N ASN CB 498 -78.91 -35.87 -98.91
CA ASN CB 498 -77.87 -35.64 -99.90
C ASN CB 498 -76.49 -36.07 -99.34
N ARG CB 499 -75.58 -36.36 -100.28
CA ARG CB 499 -74.19 -36.76 -99.95
C ARG CB 499 -74.18 -37.96 -99.01
N TRP CB 500 -75.13 -38.91 -99.14
CA TRP CB 500 -75.23 -40.11 -98.26
C TRP CB 500 -74.25 -41.19 -98.74
N TYR CB 501 -72.95 -40.95 -98.56
CA TYR CB 501 -71.89 -41.87 -98.99
C TYR CB 501 -70.69 -41.83 -98.02
N PRO CB 502 -69.83 -42.85 -97.99
CA PRO CB 502 -68.67 -42.90 -97.11
C PRO CB 502 -67.78 -41.65 -97.19
N CYS CB 503 -67.62 -40.96 -96.06
CA CYS CB 503 -66.70 -39.84 -95.89
C CYS CB 503 -66.46 -39.58 -94.41
N TYR CB 504 -65.41 -38.83 -94.07
CA TYR CB 504 -64.94 -38.58 -92.71
C TYR CB 504 -66.04 -38.06 -91.78
N GLN CB 505 -67.02 -37.31 -92.29
CA GLN CB 505 -68.14 -36.78 -91.47
C GLN CB 505 -68.92 -37.94 -90.81
N TYR CB 506 -69.06 -39.08 -91.48
CA TYR CB 506 -69.73 -40.26 -90.91
C TYR CB 506 -68.79 -41.17 -90.13
N GLN CB 507 -67.48 -40.97 -90.17
CA GLN CB 507 -66.50 -41.78 -89.43
C GLN CB 507 -66.22 -41.26 -88.01
N GLN CB 508 -66.56 -40.00 -87.71
CA GLN CB 508 -66.10 -39.30 -86.51
C GLN CB 508 -66.39 -40.03 -85.20
N GLU CB 509 -67.61 -40.51 -85.00
CA GLU CB 509 -67.97 -41.19 -83.74
C GLU CB 509 -67.25 -42.54 -83.60
N SER CB 510 -66.96 -43.24 -84.69
CA SER CB 510 -66.22 -44.51 -84.62
C SER CB 510 -64.77 -44.31 -84.17
N ILE CB 511 -64.05 -43.31 -84.67
CA ILE CB 511 -62.67 -43.06 -84.22
C ILE CB 511 -62.63 -42.44 -82.84
N ASN CB 512 -63.64 -41.67 -82.44
CA ASN CB 512 -63.78 -41.27 -81.05
C ASN CB 512 -63.98 -42.48 -80.15
N SER CB 513 -64.80 -43.44 -80.54
CA SER CB 513 -65.03 -44.68 -79.80
C SER CB 513 -63.75 -45.53 -79.65
N ILE CB 514 -62.91 -45.59 -80.68
CA ILE CB 514 -61.59 -46.22 -80.60
C ILE CB 514 -60.68 -45.45 -79.62
N CYS CB 515 -60.65 -44.13 -79.65
CA CYS CB 515 -59.90 -43.34 -78.68
C CYS CB 515 -60.39 -43.51 -77.24
N LEU CB 516 -61.69 -43.60 -77.03
CA LEU CB 516 -62.30 -43.90 -75.73
C LEU CB 516 -61.92 -45.29 -75.19
N SER CB 517 -61.50 -46.23 -76.05
CA SER CB 517 -60.95 -47.48 -75.56
C SER CB 517 -59.60 -47.31 -74.85
N GLY CB 518 -58.87 -46.21 -75.12
CA GLY CB 518 -57.59 -45.91 -74.50
C GLY CB 518 -57.69 -45.42 -73.05
N PRO CB 519 -56.62 -45.55 -72.26
CA PRO CB 519 -56.61 -45.16 -70.86
C PRO CB 519 -56.72 -43.65 -70.63
N GLY CB 520 -57.17 -43.27 -69.45
CA GLY CB 520 -57.35 -41.91 -68.97
C GLY CB 520 -58.56 -41.17 -69.51
N THR CB 521 -59.24 -41.69 -70.53
CA THR CB 521 -60.38 -41.03 -71.16
C THR CB 521 -61.59 -41.01 -70.21
N PRO CB 522 -62.22 -39.84 -69.99
CA PRO CB 522 -63.25 -39.69 -68.96
C PRO CB 522 -64.60 -40.35 -69.30
N LYS CB 523 -65.39 -40.62 -68.25
CA LYS CB 523 -66.79 -41.03 -68.33
C LYS CB 523 -67.69 -39.80 -68.11
N ILE CB 524 -68.48 -39.41 -69.09
CA ILE CB 524 -69.40 -38.28 -68.98
C ILE CB 524 -70.82 -38.78 -69.28
N PRO CB 525 -71.80 -38.67 -68.37
CA PRO CB 525 -73.17 -39.08 -68.64
C PRO CB 525 -73.77 -38.37 -69.86
N LYS CB 526 -74.58 -39.07 -70.65
CA LYS CB 526 -75.23 -38.48 -71.83
C LYS CB 526 -76.14 -37.31 -71.42
N GLY CB 527 -76.05 -36.21 -72.16
CA GLY CB 527 -76.73 -34.95 -71.86
C GLY CB 527 -76.02 -34.02 -70.88
N ILE CB 528 -74.86 -34.42 -70.33
CA ILE CB 528 -74.01 -33.55 -69.50
C ILE CB 528 -72.81 -33.07 -70.33
N THR CB 529 -72.51 -31.78 -70.25
CA THR CB 529 -71.29 -31.19 -70.84
C THR CB 529 -70.33 -30.87 -69.71
N ALA CB 530 -69.14 -31.45 -69.75
CA ALA CB 530 -68.06 -31.10 -68.85
C ALA CB 530 -67.32 -29.87 -69.38
N GLU CB 531 -66.81 -29.02 -68.49
CA GLU CB 531 -66.19 -27.74 -68.84
C GLU CB 531 -64.97 -27.51 -67.96
N ALA CB 532 -64.01 -26.73 -68.43
CA ALA CB 532 -62.90 -26.24 -67.60
C ALA CB 532 -62.59 -24.80 -67.96
N LYS CB 533 -62.11 -24.02 -66.97
CA LYS CB 533 -61.75 -22.63 -67.16
C LYS CB 533 -60.48 -22.26 -66.40
N VAL CB 534 -59.77 -21.26 -66.92
CA VAL CB 534 -58.66 -20.59 -66.26
C VAL CB 534 -59.01 -19.11 -66.12
N LYS CB 535 -58.59 -18.48 -65.04
CA LYS CB 535 -58.56 -17.01 -64.94
C LYS CB 535 -57.14 -16.54 -65.19
N TYR CB 536 -56.98 -15.63 -66.13
CA TYR CB 536 -55.68 -15.09 -66.51
C TYR CB 536 -55.52 -13.65 -66.07
N SER CB 537 -54.28 -13.23 -65.88
CA SER CB 537 -53.89 -11.84 -65.70
C SER CB 537 -52.56 -11.60 -66.41
N PHE CB 538 -52.59 -11.00 -67.60
CA PHE CB 538 -51.38 -10.61 -68.32
C PHE CB 538 -50.93 -9.23 -67.87
N ASN CB 539 -49.65 -9.07 -67.56
CA ASN CB 539 -49.11 -7.82 -67.04
C ASN CB 539 -48.39 -7.07 -68.15
N PHE CB 540 -48.84 -5.84 -68.42
CA PHE CB 540 -48.27 -4.95 -69.40
C PHE CB 540 -48.00 -3.59 -68.78
N LYS CB 541 -47.12 -2.82 -69.40
CA LYS CB 541 -47.06 -1.37 -69.23
C LYS CB 541 -47.27 -0.74 -70.60
N TRP CB 542 -47.93 0.41 -70.64
CA TRP CB 542 -48.09 1.24 -71.82
C TRP CB 542 -47.20 2.47 -71.69
N GLY CB 543 -46.49 2.84 -72.74
CA GLY CB 543 -45.52 3.92 -72.72
C GLY CB 543 -45.78 4.96 -73.80
N GLY CB 544 -45.50 6.21 -73.51
CA GLY CB 544 -45.63 7.28 -74.50
C GLY CB 544 -45.31 8.66 -73.94
N ASP CB 545 -45.35 9.66 -74.82
CA ASP CB 545 -45.48 11.06 -74.43
C ASP CB 545 -46.87 11.35 -73.85
N LEU CB 546 -46.99 12.40 -73.05
CA LEU CB 546 -48.21 12.73 -72.33
C LEU CB 546 -49.40 12.96 -73.29
N PRO CB 547 -50.56 12.32 -73.07
CA PRO CB 547 -51.73 12.46 -73.93
C PRO CB 547 -52.58 13.70 -73.59
N PRO CB 548 -53.49 14.11 -74.51
CA PRO CB 548 -54.51 15.13 -74.24
C PRO CB 548 -55.67 14.61 -73.38
N MET CB 549 -56.53 15.52 -72.89
CA MET CB 549 -57.67 15.22 -72.00
C MET CB 549 -58.80 16.26 -72.14
N SER CB 550 -60.03 15.95 -71.70
CA SER CB 550 -61.19 16.86 -71.75
C SER CB 550 -62.04 16.85 -70.46
N THR CB 551 -62.91 17.85 -70.31
CA THR CB 551 -63.61 18.17 -69.05
C THR CB 551 -65.10 18.48 -69.27
N ILE CB 552 -65.88 18.43 -68.17
CA ILE CB 552 -67.35 18.52 -68.15
C ILE CB 552 -67.78 19.76 -67.35
N THR CB 553 -68.87 20.44 -67.76
CA THR CB 553 -69.39 21.61 -67.04
C THR CB 553 -69.73 21.27 -65.59
N ASN CB 554 -69.49 22.18 -64.65
CA ASN CB 554 -69.88 21.97 -63.26
C ASN CB 554 -71.40 22.00 -63.03
N PRO CB 555 -72.19 22.95 -63.59
CA PRO CB 555 -73.62 23.04 -63.29
C PRO CB 555 -74.41 21.83 -63.76
N THR CB 556 -74.15 21.33 -64.97
CA THR CB 556 -74.81 20.11 -65.49
C THR CB 556 -73.91 18.91 -65.19
N ASP CB 557 -73.92 18.44 -63.94
CA ASP CB 557 -73.03 17.32 -63.51
C ASP CB 557 -73.78 16.47 -62.48
N GLN CB 558 -73.17 15.38 -62.01
CA GLN CB 558 -73.80 14.49 -61.00
C GLN CB 558 -74.44 15.37 -59.91
N PRO CB 559 -75.79 15.40 -59.78
CA PRO CB 559 -76.45 16.28 -58.83
C PRO CB 559 -76.49 15.69 -57.43
N THR CB 560 -76.33 16.53 -56.40
CA THR CB 560 -76.43 16.05 -55.01
C THR CB 560 -77.86 15.59 -54.72
N TYR CB 561 -78.03 14.64 -53.78
CA TYR CB 561 -79.36 14.11 -53.43
C TYR CB 561 -80.38 15.22 -53.08
N VAL CB 562 -79.91 16.34 -52.52
CA VAL CB 562 -80.70 17.53 -52.22
C VAL CB 562 -81.38 18.08 -53.47
N LYS DB 48 -42.16 55.49 25.62
CA LYS DB 48 -43.31 55.07 26.46
C LYS DB 48 -43.14 55.50 27.92
N ARG DB 49 -42.18 54.91 28.65
CA ARG DB 49 -41.80 55.31 30.01
C ARG DB 49 -40.29 55.30 30.20
N LEU DB 50 -39.77 56.24 30.97
CA LEU DB 50 -38.35 56.44 31.19
C LEU DB 50 -38.02 56.36 32.67
N ASN DB 51 -36.81 55.90 33.00
CA ASN DB 51 -36.26 56.04 34.34
C ASN DB 51 -36.03 57.52 34.66
N ILE DB 52 -36.39 57.96 35.87
CA ILE DB 52 -35.98 59.26 36.37
C ILE DB 52 -34.50 59.20 36.73
N VAL DB 53 -33.74 60.22 36.31
CA VAL DB 53 -32.29 60.32 36.45
C VAL DB 53 -31.95 61.63 37.14
N GLU DB 54 -30.93 61.61 37.98
CA GLU DB 54 -30.39 62.79 38.64
C GLU DB 54 -28.92 62.98 38.28
N TRP DB 55 -28.46 64.22 38.17
CA TRP DB 55 -27.05 64.52 37.93
C TRP DB 55 -26.32 64.72 39.25
N GLN DB 56 -25.27 63.91 39.44
CA GLN DB 56 -24.52 63.87 40.71
C GLN DB 56 -23.85 65.21 40.98
N PRO DB 57 -23.83 65.67 42.24
CA PRO DB 57 -23.24 66.96 42.61
C PRO DB 57 -21.72 66.97 42.49
N LYS DB 58 -21.15 68.16 42.38
CA LYS DB 58 -19.73 68.37 42.01
C LYS DB 58 -18.73 67.75 42.99
N SER DB 59 -18.99 67.83 44.29
CA SER DB 59 -18.18 67.17 45.33
C SER DB 59 -19.07 66.41 46.31
N ILE DB 60 -18.62 65.22 46.72
CA ILE DB 60 -19.36 64.28 47.56
C ILE DB 60 -18.45 63.78 48.68
N ARG DB 61 -18.98 63.69 49.92
CA ARG DB 61 -18.20 63.20 51.09
C ARG DB 61 -19.02 62.25 51.99
N LYS DB 62 -18.71 60.94 51.98
CA LYS DB 62 -19.37 59.94 52.85
C LYS DB 62 -19.19 60.30 54.32
N CYS DB 63 -20.23 60.15 55.12
CA CYS DB 63 -20.19 60.34 56.57
C CYS DB 63 -21.04 59.29 57.27
N ARG DB 64 -20.39 58.51 58.17
CA ARG DB 64 -21.10 57.54 59.03
C ARG DB 64 -21.30 58.15 60.43
N ILE DB 65 -22.53 58.56 60.76
CA ILE DB 65 -22.83 59.09 62.10
C ILE DB 65 -22.91 57.89 63.04
N LYS DB 66 -21.85 57.68 63.84
CA LYS DB 66 -21.67 56.49 64.70
C LYS DB 66 -21.86 56.87 66.16
N GLY DB 67 -22.58 56.08 66.92
CA GLY DB 67 -22.80 56.37 68.34
C GLY DB 67 -23.54 55.28 69.08
N MET DB 68 -23.88 55.56 70.33
CA MET DB 68 -24.53 54.63 71.25
C MET DB 68 -25.86 55.22 71.75
N LEU DB 69 -26.94 54.45 71.73
CA LEU DB 69 -28.27 54.87 72.17
C LEU DB 69 -28.77 53.99 73.31
N CYS DB 70 -29.21 54.57 74.41
CA CYS DB 70 -29.87 53.88 75.49
C CYS DB 70 -31.31 53.52 75.12
N LEU DB 71 -31.67 52.23 75.13
CA LEU DB 71 -33.01 51.76 74.77
C LEU DB 71 -33.98 51.88 75.94
N PHE DB 72 -33.55 51.51 77.13
CA PHE DB 72 -34.26 51.77 78.37
C PHE DB 72 -33.25 51.74 79.52
N GLN DB 73 -33.61 52.33 80.65
CA GLN DB 73 -32.99 52.05 81.93
C GLN DB 73 -34.07 52.07 82.99
N THR DB 74 -34.25 50.95 83.69
CA THR DB 74 -35.45 50.65 84.46
C THR DB 74 -35.16 50.01 85.79
N THR DB 75 -35.97 50.33 86.79
CA THR DB 75 -36.19 49.53 88.00
C THR DB 75 -37.49 48.74 87.86
N GLU DB 76 -37.81 47.85 88.79
CA GLU DB 76 -39.04 47.05 88.76
C GLU DB 76 -40.32 47.92 88.85
N ASP DB 77 -40.29 49.00 89.62
CA ASP DB 77 -41.41 49.91 89.83
C ASP DB 77 -41.65 50.90 88.67
N ARG DB 78 -40.84 50.82 87.60
CA ARG DB 78 -40.99 51.61 86.38
C ARG DB 78 -41.15 50.78 85.11
N LEU DB 79 -41.29 49.45 85.21
CA LEU DB 79 -41.33 48.57 84.03
C LEU DB 79 -42.45 48.87 83.04
N SER DB 80 -43.63 49.25 83.52
CA SER DB 80 -44.79 49.53 82.66
C SER DB 80 -44.81 50.93 82.04
N TYR DB 81 -43.77 51.75 82.23
CA TYR DB 81 -43.70 53.13 81.76
C TYR DB 81 -42.66 53.33 80.66
N ASN DB 82 -42.91 54.30 79.78
CA ASN DB 82 -42.04 54.68 78.69
C ASN DB 82 -40.80 55.43 79.21
N PHE DB 83 -39.59 54.96 78.87
CA PHE DB 83 -38.34 55.64 79.13
C PHE DB 83 -38.09 56.77 78.14
N ASP DB 84 -38.07 58.00 78.65
CA ASP DB 84 -37.49 59.15 77.97
C ASP DB 84 -36.19 59.54 78.68
N MET DB 85 -35.10 59.66 77.93
CA MET DB 85 -33.80 60.05 78.49
C MET DB 85 -33.76 61.54 78.85
N TYR DB 86 -34.55 62.35 78.16
CA TYR DB 86 -34.73 63.78 78.40
C TYR DB 86 -36.12 64.00 79.00
N GLU DB 87 -36.14 64.34 80.28
CA GLU DB 87 -37.22 64.03 81.21
C GLU DB 87 -38.32 65.08 81.38
N GLU DB 88 -39.47 64.63 81.90
CA GLU DB 88 -40.35 65.51 82.68
C GLU DB 88 -39.65 65.67 84.05
N SER DB 89 -39.22 66.87 84.40
CA SER DB 89 -38.14 67.14 85.38
C SER DB 89 -38.29 66.51 86.77
N ILE DB 90 -39.49 66.09 87.16
CA ILE DB 90 -39.73 65.34 88.41
C ILE DB 90 -39.33 63.86 88.32
N ILE DB 91 -39.42 63.22 87.15
CA ILE DB 91 -39.21 61.77 87.00
C ILE DB 91 -37.83 61.32 87.51
N PRO DB 92 -36.69 61.92 87.12
CA PRO DB 92 -35.39 61.46 87.60
C PRO DB 92 -35.11 61.80 89.07
N GLU DB 93 -35.92 62.65 89.72
CA GLU DB 93 -35.72 62.95 91.14
C GLU DB 93 -36.04 61.72 91.99
N LYS DB 94 -34.99 61.11 92.55
CA LYS DB 94 -35.06 59.87 93.34
C LYS DB 94 -35.60 58.65 92.57
N LEU DB 95 -35.47 58.62 91.24
CA LEU DB 95 -35.57 57.38 90.43
C LEU DB 95 -34.32 57.17 89.57
N PRO DB 96 -33.60 56.04 89.71
CA PRO DB 96 -32.41 55.78 88.91
C PRO DB 96 -32.70 55.27 87.49
N GLY DB 97 -33.93 54.83 87.20
CA GLY DB 97 -34.38 54.46 85.86
C GLY DB 97 -35.85 54.80 85.65
N GLY DB 98 -36.18 55.45 84.53
CA GLY DB 98 -37.48 56.07 84.31
C GLY DB 98 -38.53 55.18 83.65
N GLY DB 99 -38.16 54.08 83.00
CA GLY DB 99 -39.12 53.27 82.25
C GLY DB 99 -38.54 51.99 81.66
N GLY DB 100 -39.36 50.96 81.52
CA GLY DB 100 -38.96 49.63 81.05
C GLY DB 100 -39.23 49.34 79.59
N PHE DB 101 -39.82 50.27 78.87
CA PHE DB 101 -39.95 50.22 77.41
C PHE DB 101 -39.67 51.58 76.82
N SER DB 102 -39.32 51.68 75.56
CA SER DB 102 -39.31 52.98 74.87
C SER DB 102 -39.77 52.87 73.43
N ILE DB 103 -40.25 53.98 72.91
CA ILE DB 103 -40.34 54.23 71.47
C ILE DB 103 -39.38 55.36 71.14
N LYS DB 104 -38.37 55.11 70.31
CA LYS DB 104 -37.39 56.09 69.83
C LYS DB 104 -37.70 56.42 68.39
N ASN DB 105 -37.77 57.71 68.03
CA ASN DB 105 -37.71 58.17 66.65
C ASN DB 105 -36.36 58.83 66.40
N ILE DB 106 -35.65 58.42 65.36
CA ILE DB 106 -34.34 58.99 65.00
C ILE DB 106 -34.49 59.83 63.73
N SER DB 107 -33.99 61.04 63.76
CA SER DB 107 -33.89 61.97 62.63
C SER DB 107 -32.51 62.59 62.60
N LEU DB 108 -32.08 63.12 61.46
CA LEU DB 108 -30.79 63.79 61.33
C LEU DB 108 -30.64 64.96 62.31
N TYR DB 109 -31.71 65.66 62.66
CA TYR DB 109 -31.67 66.66 63.72
C TYR DB 109 -31.50 66.05 65.12
N ALA DB 110 -32.17 64.93 65.42
CA ALA DB 110 -31.93 64.21 66.66
C ALA DB 110 -30.50 63.66 66.75
N LEU DB 111 -29.91 63.20 65.64
CA LEU DB 111 -28.50 62.82 65.58
C LEU DB 111 -27.56 64.00 65.85
N TYR DB 112 -27.86 65.19 65.32
CA TYR DB 112 -27.15 66.41 65.67
C TYR DB 112 -27.31 66.78 67.15
N GLN DB 113 -28.50 66.64 67.74
CA GLN DB 113 -28.68 66.87 69.17
C GLN DB 113 -27.89 65.88 70.03
N GLU DB 114 -27.82 64.60 69.65
CA GLU DB 114 -26.95 63.63 70.31
C GLU DB 114 -25.46 63.97 70.17
N HIS DB 115 -25.07 64.70 69.12
CA HIS DB 115 -23.65 65.16 68.96
C HIS DB 115 -23.38 66.30 69.95
N ILE DB 116 -24.38 67.11 70.29
CA ILE DB 116 -24.23 68.15 71.32
C ILE DB 116 -24.07 67.55 72.71
N HIS DB 117 -24.68 66.39 72.98
CA HIS DB 117 -24.44 65.60 74.19
C HIS DB 117 -23.15 64.76 74.14
N ALA DB 118 -22.36 64.85 73.06
CA ALA DB 118 -21.18 64.03 72.79
C ALA DB 118 -21.47 62.51 72.73
N HIS DB 119 -22.69 62.10 72.43
CA HIS DB 119 -23.09 60.70 72.35
C HIS DB 119 -22.75 60.03 71.00
N ASN DB 120 -22.37 60.81 69.99
CA ASN DB 120 -21.96 60.29 68.69
C ASN DB 120 -20.81 61.10 68.07
N ILE DB 121 -20.20 60.52 67.04
CA ILE DB 121 -19.25 61.18 66.14
C ILE DB 121 -19.87 61.28 64.75
N PHE DB 122 -19.54 62.33 64.02
CA PHE DB 122 -19.76 62.42 62.58
C PHE DB 122 -18.41 62.15 61.91
N THR DB 123 -18.32 61.12 61.08
CA THR DB 123 -17.05 60.74 60.43
C THR DB 123 -16.53 61.80 59.45
N HIS DB 124 -17.44 62.65 58.96
CA HIS DB 124 -17.08 63.81 58.12
C HIS DB 124 -18.04 64.94 58.47
N THR DB 125 -17.56 66.16 58.63
CA THR DB 125 -18.42 67.34 58.83
C THR DB 125 -19.27 67.63 57.60
N ASN DB 126 -20.34 68.39 57.82
CA ASN DB 126 -21.32 68.78 56.81
C ASN DB 126 -21.39 70.30 56.60
N THR DB 127 -20.42 71.08 57.09
CA THR DB 127 -20.56 72.53 57.25
C THR DB 127 -20.78 73.30 55.95
N ASP DB 128 -20.18 72.85 54.85
CA ASP DB 128 -20.17 73.57 53.57
C ASP DB 128 -20.69 72.73 52.40
N ARG DB 129 -21.39 71.63 52.71
CA ARG DB 129 -22.05 70.75 51.69
C ARG DB 129 -23.51 70.66 52.15
N PRO DB 130 -24.47 71.38 51.54
CA PRO DB 130 -25.83 71.49 52.06
C PRO DB 130 -26.76 70.34 51.64
N LEU DB 131 -26.39 69.54 50.63
CA LEU DB 131 -27.15 68.37 50.21
C LEU DB 131 -26.83 67.16 51.07
N ALA DB 132 -27.79 66.26 51.23
CA ALA DB 132 -27.64 64.99 51.90
C ALA DB 132 -28.27 63.86 51.09
N ARG DB 133 -27.64 62.67 51.15
CA ARG DB 133 -28.15 61.45 50.48
C ARG DB 133 -28.07 60.28 51.49
N TYR DB 134 -29.15 60.04 52.25
CA TYR DB 134 -29.24 58.98 53.25
C TYR DB 134 -29.31 57.60 52.60
N THR DB 135 -28.48 56.66 53.05
CA THR DB 135 -28.32 55.34 52.42
C THR DB 135 -28.83 54.19 53.29
N GLY DB 136 -29.15 54.43 54.55
CA GLY DB 136 -29.62 53.42 55.50
C GLY DB 136 -28.80 53.39 56.78
N CYS DB 137 -29.12 52.44 57.64
CA CYS DB 137 -28.57 52.34 58.99
C CYS DB 137 -28.05 50.92 59.27
N SER DB 138 -27.00 50.80 60.07
CA SER DB 138 -26.63 49.56 60.76
C SER DB 138 -26.87 49.71 62.25
N LEU DB 139 -27.55 48.75 62.86
CA LEU DB 139 -27.69 48.67 64.32
C LEU DB 139 -26.97 47.42 64.84
N LYS DB 140 -26.24 47.56 65.96
CA LYS DB 140 -25.74 46.45 66.78
C LYS DB 140 -26.41 46.50 68.13
N PHE DB 141 -27.25 45.53 68.44
CA PHE DB 141 -27.96 45.41 69.72
C PHE DB 141 -27.13 44.55 70.65
N TYR DB 142 -26.74 45.05 71.81
CA TYR DB 142 -25.89 44.31 72.74
C TYR DB 142 -26.71 43.52 73.75
N GLN DB 143 -26.27 42.31 74.08
CA GLN DB 143 -26.78 41.60 75.24
C GLN DB 143 -26.50 42.40 76.51
N SER DB 144 -27.53 42.71 77.28
CA SER DB 144 -27.33 43.23 78.64
C SER DB 144 -26.81 42.13 79.56
N LYS DB 145 -26.21 42.51 80.68
CA LYS DB 145 -25.76 41.54 81.69
C LYS DB 145 -26.92 40.80 82.33
N ASP DB 146 -27.91 41.55 82.84
CA ASP DB 146 -28.94 41.04 83.76
C ASP DB 146 -30.35 40.90 83.18
N ILE DB 147 -30.65 41.55 82.05
CA ILE DB 147 -32.06 41.59 81.53
C ILE DB 147 -32.13 41.23 80.05
N ASP DB 148 -33.17 40.51 79.63
CA ASP DB 148 -33.39 40.18 78.20
C ASP DB 148 -34.20 41.36 77.64
N TYR DB 149 -34.43 41.43 76.33
CA TYR DB 149 -35.31 42.50 75.80
C TYR DB 149 -35.70 42.26 74.36
N VAL DB 150 -36.93 42.59 74.01
CA VAL DB 150 -37.47 42.47 72.65
C VAL DB 150 -37.31 43.82 71.96
N VAL DB 151 -36.86 43.83 70.72
CA VAL DB 151 -36.87 45.00 69.85
C VAL DB 151 -37.75 44.73 68.65
N THR DB 152 -38.47 45.75 68.18
CA THR DB 152 -38.92 45.78 66.80
C THR DB 152 -38.81 47.21 66.27
N TYR DB 153 -38.59 47.37 64.98
CA TYR DB 153 -38.33 48.67 64.37
C TYR DB 153 -39.19 48.83 63.12
N SER DB 154 -39.40 50.08 62.73
CA SER DB 154 -40.18 50.43 61.55
C SER DB 154 -39.55 51.60 60.83
N THR DB 155 -39.84 51.76 59.53
CA THR DB 155 -39.36 52.92 58.74
C THR DB 155 -40.48 53.47 57.87
N SER DB 156 -41.74 53.20 58.21
CA SER DB 156 -42.86 53.84 57.48
C SER DB 156 -42.72 55.34 57.70
N LEU DB 157 -42.37 56.11 56.67
CA LEU DB 157 -42.10 57.56 56.83
C LEU DB 157 -43.22 58.20 57.67
N PRO DB 158 -44.53 57.92 57.43
CA PRO DB 158 -45.57 58.45 58.28
C PRO DB 158 -45.32 58.04 59.72
N LEU DB 159 -45.09 59.01 60.61
CA LEU DB 159 -44.81 58.73 62.05
C LEU DB 159 -46.03 59.12 62.89
N ARG DB 160 -46.54 58.19 63.71
CA ARG DB 160 -47.70 58.47 64.60
C ARG DB 160 -47.70 57.46 65.76
N SER DB 161 -48.41 57.76 66.84
CA SER DB 161 -48.54 56.85 68.01
C SER DB 161 -49.96 56.30 68.05
N SER DB 162 -50.16 55.13 68.67
CA SER DB 162 -51.50 54.51 68.75
C SER DB 162 -51.69 53.82 70.10
N MET DB 163 -52.92 53.70 70.57
CA MET DB 163 -53.24 53.00 71.82
C MET DB 163 -52.87 51.50 71.75
N GLY DB 164 -53.13 50.88 70.60
CA GLY DB 164 -52.73 49.50 70.32
C GLY DB 164 -51.22 49.30 70.27
N MET DB 165 -50.46 50.27 69.75
CA MET DB 165 -49.00 50.25 69.82
C MET DB 165 -48.53 50.21 71.27
N TYR DB 166 -48.98 51.12 72.12
CA TYR DB 166 -48.54 51.18 73.51
C TYR DB 166 -48.94 49.94 74.32
N ASN DB 167 -50.14 49.38 74.12
CA ASN DB 167 -50.49 48.11 74.74
C ASN DB 167 -49.61 46.96 74.20
N SER DB 168 -49.35 46.93 72.89
CA SER DB 168 -48.51 45.88 72.29
C SER DB 168 -47.04 45.93 72.73
N MET DB 169 -46.60 47.00 73.40
CA MET DB 169 -45.30 47.03 74.07
C MET DB 169 -45.21 46.10 75.27
N GLN DB 170 -46.32 45.56 75.78
CA GLN DB 170 -46.31 44.61 76.89
C GLN DB 170 -45.40 43.43 76.50
N PRO DB 171 -44.46 42.99 77.37
CA PRO DB 171 -43.39 42.09 76.95
C PRO DB 171 -43.84 40.80 76.29
N SER DB 172 -44.89 40.16 76.79
CA SER DB 172 -45.46 38.95 76.19
C SER DB 172 -46.07 39.21 74.82
N ILE DB 173 -46.78 40.33 74.65
CA ILE DB 173 -47.41 40.69 73.38
C ILE DB 173 -46.36 41.10 72.34
N HIS DB 174 -45.38 41.90 72.73
CA HIS DB 174 -44.27 42.28 71.86
C HIS DB 174 -43.48 41.04 71.44
N LEU DB 175 -43.19 40.12 72.36
CA LEU DB 175 -42.53 38.86 72.04
C LEU DB 175 -43.32 37.96 71.08
N MET DB 176 -44.64 38.09 70.97
CA MET DB 176 -45.41 37.36 69.96
C MET DB 176 -45.39 37.98 68.57
N GLN DB 177 -45.06 39.27 68.43
CA GLN DB 177 -45.14 39.96 67.14
C GLN DB 177 -44.16 39.40 66.09
N GLN DB 178 -44.53 39.54 64.82
CA GLN DB 178 -43.65 39.22 63.69
C GLN DB 178 -42.55 40.28 63.52
N ASN DB 179 -41.40 39.86 63.00
CA ASN DB 179 -40.22 40.72 62.83
C ASN DB 179 -39.75 41.40 64.13
N LYS DB 180 -39.97 40.72 65.25
CA LYS DB 180 -39.28 40.98 66.51
C LYS DB 180 -37.80 40.57 66.41
N LEU DB 181 -37.00 41.11 67.28
CA LEU DB 181 -35.67 40.63 67.63
C LEU DB 181 -35.63 40.42 69.13
N ILE DB 182 -35.29 39.22 69.59
CA ILE DB 182 -35.10 38.93 71.01
C ILE DB 182 -33.61 38.96 71.29
N VAL DB 183 -33.20 39.73 72.30
CA VAL DB 183 -31.83 39.76 72.78
C VAL DB 183 -31.79 39.15 74.18
N PRO DB 184 -31.35 37.89 74.33
CA PRO DB 184 -31.15 37.29 75.64
C PRO DB 184 -30.05 38.03 76.38
N SER DB 185 -30.14 38.12 77.70
CA SER DB 185 -29.03 38.56 78.52
C SER DB 185 -27.84 37.61 78.42
N LYS DB 186 -26.66 38.06 78.81
CA LYS DB 186 -25.46 37.20 78.89
C LYS DB 186 -25.66 36.05 79.87
N GLN DB 187 -26.48 36.24 80.90
CA GLN DB 187 -26.88 35.20 81.84
C GLN DB 187 -27.78 34.14 81.19
N THR DB 188 -28.81 34.52 80.42
CA THR DB 188 -29.72 33.53 79.81
C THR DB 188 -29.14 32.83 78.58
N GLN DB 189 -28.22 33.45 77.84
CA GLN DB 189 -27.50 32.77 76.76
C GLN DB 189 -26.12 33.38 76.50
N LYS DB 190 -25.07 32.60 76.68
CA LYS DB 190 -23.72 32.92 76.17
C LYS DB 190 -23.67 32.70 74.66
N ARG DB 191 -23.09 33.65 73.92
CA ARG DB 191 -23.07 33.67 72.44
C ARG DB 191 -21.65 33.87 71.91
N ARG DB 192 -21.41 33.45 70.66
CA ARG DB 192 -20.14 33.71 69.96
C ARG DB 192 -19.91 35.21 69.79
N LYS DB 193 -20.87 35.91 69.21
CA LYS DB 193 -20.87 37.38 69.11
C LYS DB 193 -21.77 37.96 70.21
N PRO DB 194 -21.31 38.94 71.00
CA PRO DB 194 -22.05 39.48 72.14
C PRO DB 194 -23.16 40.46 71.74
N TYR DB 195 -23.50 40.54 70.46
CA TYR DB 195 -24.45 41.48 69.88
C TYR DB 195 -25.19 40.83 68.71
N ILE DB 196 -26.35 41.38 68.35
CA ILE DB 196 -27.06 41.04 67.12
C ILE DB 196 -27.05 42.25 66.19
N LYS DB 197 -26.58 42.06 64.96
CA LYS DB 197 -26.37 43.12 63.97
C LYS DB 197 -27.37 43.00 62.84
N LYS DB 198 -28.03 44.11 62.48
CA LYS DB 198 -28.83 44.15 61.24
C LYS DB 198 -28.89 45.51 60.58
N HIS DB 199 -29.03 45.47 59.26
CA HIS DB 199 -29.05 46.63 58.38
C HIS DB 199 -30.50 47.02 58.08
N ILE DB 200 -30.80 48.30 58.15
CA ILE DB 200 -32.14 48.85 57.97
C ILE DB 200 -32.11 49.84 56.80
N SER DB 201 -32.96 49.62 55.82
CA SER DB 201 -33.07 50.44 54.61
C SER DB 201 -33.76 51.79 54.91
N PRO DB 202 -33.57 52.86 54.11
CA PRO DB 202 -34.31 54.10 54.31
C PRO DB 202 -35.84 53.91 54.28
N PRO DB 203 -36.62 54.84 54.86
CA PRO DB 203 -38.05 54.91 54.64
C PRO DB 203 -38.40 54.85 53.16
N THR DB 204 -39.49 54.19 52.78
CA THR DB 204 -39.85 54.07 51.35
C THR DB 204 -40.09 55.43 50.68
N GLN DB 205 -40.45 56.45 51.49
CA GLN DB 205 -40.67 57.84 51.00
C GLN DB 205 -39.34 58.57 50.82
N MET DB 206 -38.28 58.16 51.50
CA MET DB 206 -36.92 58.68 51.29
C MET DB 206 -36.29 57.93 50.11
N LYS DB 207 -36.31 58.52 48.93
CA LYS DB 207 -35.73 57.92 47.71
C LYS DB 207 -34.22 58.10 47.71
N SER DB 208 -33.51 57.45 46.79
CA SER DB 208 -32.04 57.55 46.71
C SER DB 208 -31.52 58.92 46.27
N GLN DB 209 -32.40 59.83 45.84
CA GLN DB 209 -32.04 61.18 45.41
C GLN DB 209 -31.33 62.01 46.50
N TRP DB 210 -30.67 63.08 46.10
CA TRP DB 210 -30.19 64.12 47.02
C TRP DB 210 -31.34 64.97 47.55
N TYR DB 211 -31.23 65.41 48.80
CA TYR DB 211 -32.17 66.32 49.45
C TYR DB 211 -31.40 67.40 50.18
N PHE DB 212 -31.88 68.64 50.22
CA PHE DB 212 -31.31 69.63 51.13
C PHE DB 212 -31.41 69.15 52.59
N GLN DB 213 -30.34 69.30 53.36
CA GLN DB 213 -30.31 68.87 54.78
C GLN DB 213 -31.36 69.63 55.59
N HIS DB 214 -31.74 70.85 55.21
CA HIS DB 214 -32.80 71.65 55.90
C HIS DB 214 -34.15 70.96 55.75
N ASN DB 215 -34.41 70.33 54.59
CA ASN DB 215 -35.69 69.67 54.34
C ASN DB 215 -35.81 68.35 55.11
N ILE DB 216 -34.79 67.49 55.04
CA ILE DB 216 -34.81 66.17 55.68
C ILE DB 216 -34.44 66.17 57.16
N ALA DB 217 -33.98 67.28 57.73
CA ALA DB 217 -33.50 67.35 59.11
C ALA DB 217 -34.46 66.70 60.12
N ASN DB 218 -35.75 67.03 60.04
CA ASN DB 218 -36.76 66.57 61.01
C ASN DB 218 -37.54 65.32 60.57
N ILE DB 219 -37.34 64.81 59.36
CA ILE DB 219 -38.02 63.59 58.88
C ILE DB 219 -37.53 62.38 59.70
N PRO DB 220 -38.41 61.63 60.40
CA PRO DB 220 -37.98 60.50 61.21
C PRO DB 220 -37.62 59.32 60.31
N LEU DB 221 -36.32 58.95 60.27
CA LEU DB 221 -35.81 57.92 59.32
C LEU DB 221 -35.79 56.51 59.94
N LEU DB 222 -36.04 56.40 61.24
CA LEU DB 222 -36.12 55.12 61.94
C LEU DB 222 -36.97 55.25 63.19
N MET DB 223 -37.85 54.28 63.46
CA MET DB 223 -38.44 54.07 64.78
C MET DB 223 -37.92 52.77 65.40
N ILE DB 224 -37.44 52.80 66.63
CA ILE DB 224 -37.08 51.61 67.41
C ILE DB 224 -38.05 51.50 68.58
N ARG DB 225 -38.69 50.34 68.74
CA ARG DB 225 -39.54 49.98 69.89
C ARG DB 225 -38.84 48.91 70.70
N THR DB 226 -38.63 49.11 71.99
CA THR DB 226 -37.96 48.14 72.85
C THR DB 226 -38.73 47.93 74.14
N THR DB 227 -38.81 46.70 74.65
CA THR DB 227 -39.40 46.39 75.96
C THR DB 227 -38.52 45.42 76.72
N ALA DB 228 -38.38 45.63 78.02
CA ALA DB 228 -37.65 44.76 78.94
C ALA DB 228 -38.44 43.49 79.30
N LEU DB 229 -37.74 42.37 79.42
CA LEU DB 229 -38.31 41.03 79.34
C LEU DB 229 -37.59 40.08 80.32
N THR DB 230 -38.23 39.01 80.75
CA THR DB 230 -37.48 37.82 81.16
C THR DB 230 -38.02 36.57 80.49
N LEU DB 231 -37.12 35.76 79.93
CA LEU DB 231 -37.44 34.48 79.31
C LEU DB 231 -37.52 33.34 80.35
N ASP DB 232 -36.61 33.32 81.34
CA ASP DB 232 -36.54 32.27 82.37
C ASP DB 232 -37.55 32.42 83.53
N ASN DB 233 -38.11 33.61 83.72
CA ASN DB 233 -39.11 33.92 84.75
C ASN DB 233 -40.42 34.39 84.11
N TYR DB 234 -40.72 33.95 82.90
CA TYR DB 234 -41.80 34.47 82.08
C TYR DB 234 -43.16 34.49 82.77
N TYR DB 235 -43.54 33.42 83.48
CA TYR DB 235 -44.82 33.35 84.18
C TYR DB 235 -44.76 33.88 85.60
N ILE DB 236 -43.78 33.44 86.39
CA ILE DB 236 -43.66 33.85 87.79
C ILE DB 236 -43.31 35.33 87.91
N GLY DB 237 -42.41 35.83 87.06
CA GLY DB 237 -41.97 37.23 87.04
C GLY DB 237 -41.35 37.60 88.37
N SER DB 238 -41.96 38.55 89.08
CA SER DB 238 -41.58 38.93 90.44
C SER DB 238 -42.66 38.62 91.50
N ARG DB 239 -43.58 37.68 91.21
CA ARG DB 239 -44.59 37.17 92.15
C ARG DB 239 -43.95 36.72 93.46
N GLN DB 240 -44.61 37.04 94.57
CA GLN DB 240 -44.29 36.58 95.92
C GLN DB 240 -45.54 35.95 96.55
N LEU DB 241 -45.40 34.83 97.26
CA LEU DB 241 -46.51 34.10 97.87
C LEU DB 241 -47.60 33.73 96.82
N SER DB 242 -48.85 34.12 97.02
CA SER DB 242 -49.98 33.81 96.15
C SER DB 242 -49.85 34.41 94.75
N THR DB 243 -50.54 33.82 93.76
CA THR DB 243 -50.69 34.42 92.42
C THR DB 243 -51.51 35.72 92.45
N ASN DB 244 -52.42 35.86 93.43
CA ASN DB 244 -53.24 37.06 93.61
C ASN DB 244 -52.38 38.27 94.02
N VAL DB 245 -52.62 39.41 93.39
CA VAL DB 245 -52.09 40.71 93.80
C VAL DB 245 -53.19 41.51 94.51
N THR DB 246 -52.83 42.27 95.54
CA THR DB 246 -53.78 43.13 96.26
C THR DB 246 -53.75 44.54 95.70
N ILE DB 247 -54.92 45.06 95.30
CA ILE DB 247 -55.10 46.43 94.82
C ILE DB 247 -55.84 47.21 95.90
N HIS DB 248 -55.36 48.40 96.26
CA HIS DB 248 -56.10 49.30 97.17
C HIS DB 248 -56.96 50.19 96.26
N THR DB 249 -58.15 50.61 96.68
CA THR DB 249 -59.00 51.53 95.93
C THR DB 249 -59.80 52.46 96.84
N LEU DB 250 -60.25 53.59 96.28
CA LEU DB 250 -61.17 54.49 97.03
C LEU DB 250 -62.56 53.85 96.98
N ASN DB 251 -63.21 53.61 98.12
CA ASN DB 251 -64.61 53.12 98.11
C ASN DB 251 -65.38 53.98 97.11
N THR DB 252 -66.00 53.39 96.08
CA THR DB 252 -66.74 54.13 95.05
C THR DB 252 -68.11 54.46 95.59
N THR DB 253 -68.66 53.62 96.47
CA THR DB 253 -70.03 53.76 96.98
C THR DB 253 -70.20 54.88 98.02
N TYR DB 254 -69.11 55.58 98.40
CA TYR DB 254 -69.14 56.67 99.39
C TYR DB 254 -68.30 57.87 98.98
N ILE DB 255 -67.10 57.66 98.42
CA ILE DB 255 -66.19 58.73 97.98
C ILE DB 255 -66.45 59.04 96.50
N GLN DB 256 -67.23 60.07 96.16
CA GLN DB 256 -67.54 60.31 94.73
C GLN DB 256 -67.50 61.80 94.35
N ASN DB 257 -67.45 62.71 95.31
CA ASN DB 257 -67.61 64.13 94.95
C ASN DB 257 -66.44 64.74 94.17
N ARG DB 258 -65.22 64.18 94.28
CA ARG DB 258 -64.02 64.65 93.53
C ARG DB 258 -63.76 66.16 93.73
N ASP DB 259 -64.13 66.73 94.88
CA ASP DB 259 -63.89 68.15 95.19
C ASP DB 259 -62.59 68.35 95.98
N TRP DB 260 -61.46 67.90 95.43
CA TRP DB 260 -60.19 67.77 96.15
C TRP DB 260 -59.24 68.97 96.06
N GLY DB 261 -58.35 69.08 97.05
CA GLY DB 261 -57.18 69.94 96.99
C GLY DB 261 -57.41 71.42 97.32
N ASP DB 262 -58.36 71.73 98.20
CA ASP DB 262 -58.54 73.06 98.80
C ASP DB 262 -58.60 73.00 100.34
N ARG DB 263 -58.01 73.98 101.02
CA ARG DB 263 -58.21 74.13 102.50
C ARG DB 263 -59.34 75.16 102.65
N ASN DB 264 -59.87 75.69 101.54
CA ASN DB 264 -60.92 76.72 101.51
C ASN DB 264 -62.35 76.14 101.39
N LYS DB 265 -62.51 74.81 101.57
CA LYS DB 265 -63.77 74.07 101.33
C LYS DB 265 -63.91 72.94 102.34
N THR DB 266 -65.01 72.90 103.09
CA THR DB 266 -65.35 71.74 103.93
C THR DB 266 -65.68 70.54 103.05
N TYR DB 267 -64.96 69.42 103.20
CA TYR DB 267 -65.13 68.27 102.32
C TYR DB 267 -66.39 67.45 102.67
N TYR DB 268 -67.09 67.03 101.64
CA TYR DB 268 -68.26 66.17 101.69
C TYR DB 268 -68.06 65.05 100.66
N CYS DB 269 -68.31 63.79 101.03
CA CYS DB 269 -67.85 62.64 100.25
C CYS DB 269 -68.80 62.26 99.11
N GLN DB 270 -70.12 62.39 99.30
CA GLN DB 270 -71.11 62.14 98.25
C GLN DB 270 -72.33 63.06 98.38
N THR DB 271 -73.05 63.22 97.27
CA THR DB 271 -74.40 63.76 97.23
C THR DB 271 -75.39 62.66 96.82
N LEU DB 272 -76.54 62.57 97.49
CA LEU DB 272 -77.66 61.72 97.07
C LEU DB 272 -78.94 62.53 97.14
N GLY DB 273 -79.76 62.53 96.08
CA GLY DB 273 -80.89 63.46 95.95
C GLY DB 273 -80.42 64.91 96.07
N THR DB 274 -80.92 65.63 97.07
CA THR DB 274 -80.46 66.98 97.45
C THR DB 274 -79.40 67.00 98.55
N GLN DB 275 -79.16 65.87 99.23
CA GLN DB 275 -78.32 65.80 100.43
C GLN DB 275 -76.81 65.91 100.11
N ARG DB 276 -76.04 66.22 101.15
CA ARG DB 276 -74.57 66.05 101.20
C ARG DB 276 -74.24 65.13 102.38
N TYR DB 277 -73.22 64.30 102.22
CA TYR DB 277 -72.77 63.36 103.26
C TYR DB 277 -71.32 63.66 103.65
N PHE DB 278 -71.01 63.45 104.93
CA PHE DB 278 -69.84 63.95 105.60
C PHE DB 278 -69.20 62.84 106.43
N LEU DB 279 -67.89 62.95 106.61
CA LEU DB 279 -67.05 61.99 107.32
C LEU DB 279 -66.48 62.63 108.57
N TYR DB 280 -66.36 61.86 109.65
CA TYR DB 280 -65.74 62.30 110.91
C TYR DB 280 -64.82 61.21 111.46
N GLY DB 281 -63.63 61.57 111.92
CA GLY DB 281 -62.73 60.64 112.60
C GLY DB 281 -62.99 60.65 114.11
N THR DB 282 -62.68 59.57 114.81
CA THR DB 282 -62.63 59.58 116.27
C THR DB 282 -61.56 58.65 116.82
N HIS DB 283 -61.03 58.97 118.00
CA HIS DB 283 -60.07 58.08 118.71
C HIS DB 283 -60.87 57.34 119.79
N SER DB 284 -62.19 57.54 119.84
CA SER DB 284 -63.03 56.94 120.87
C SER DB 284 -62.97 55.40 120.86
N THR DB 285 -62.92 54.82 122.05
CA THR DB 285 -63.04 53.37 122.28
C THR DB 285 -64.50 52.90 122.34
N ALA DB 286 -65.47 53.80 122.18
CA ALA DB 286 -66.90 53.46 122.23
C ALA DB 286 -67.27 52.40 121.18
N GLN DB 287 -67.94 51.34 121.62
CA GLN DB 287 -68.33 50.23 120.76
C GLN DB 287 -69.60 50.52 119.95
N ASN DB 288 -70.48 51.40 120.43
CA ASN DB 288 -71.79 51.65 119.84
C ASN DB 288 -71.82 53.02 119.14
N ILE DB 289 -72.14 53.03 117.85
CA ILE DB 289 -72.21 54.24 117.03
C ILE DB 289 -73.23 55.27 117.54
N ASN DB 290 -74.25 54.83 118.29
CA ASN DB 290 -75.27 55.73 118.83
C ASN DB 290 -74.74 56.62 119.98
N ASP DB 291 -73.91 56.07 120.89
CA ASP DB 291 -73.51 56.78 122.16
C ASP DB 291 -72.27 57.68 122.06
N ILE DB 292 -71.54 57.66 120.95
CA ILE DB 292 -70.41 58.58 120.74
C ILE DB 292 -70.92 60.03 120.91
N LYS DB 293 -70.11 60.89 121.55
CA LYS DB 293 -70.49 62.30 121.81
C LYS DB 293 -70.49 63.11 120.50
N LEU DB 294 -70.92 64.37 120.59
CA LEU DB 294 -70.79 65.30 119.43
C LEU DB 294 -69.34 65.81 119.48
N GLN DB 295 -68.68 65.71 120.65
CA GLN DB 295 -67.28 66.17 120.84
C GLN DB 295 -66.27 65.18 120.25
N GLU DB 296 -66.48 63.88 120.44
CA GLU DB 296 -65.49 62.85 119.99
C GLU DB 296 -65.15 63.03 118.51
N LEU DB 297 -66.13 63.35 117.67
CA LEU DB 297 -65.91 63.44 116.20
C LEU DB 297 -64.86 64.50 115.85
N ILE DB 298 -63.95 64.20 114.91
CA ILE DB 298 -62.93 65.15 114.40
C ILE DB 298 -63.38 65.46 112.97
N PRO DB 299 -64.10 66.57 112.71
CA PRO DB 299 -64.70 66.83 111.41
C PRO DB 299 -63.61 67.12 110.40
N LEU DB 300 -63.85 66.81 109.12
CA LEU DB 300 -62.85 67.01 108.05
C LEU DB 300 -63.20 68.26 107.24
N THR DB 301 -62.41 69.33 107.35
CA THR DB 301 -62.66 70.62 106.64
C THR DB 301 -61.55 70.85 105.63
N ASN DB 302 -60.60 69.91 105.51
CA ASN DB 302 -59.52 70.00 104.53
C ASN DB 302 -59.35 68.64 103.85
N THR DB 303 -59.08 68.61 102.53
CA THR DB 303 -58.50 67.42 101.89
C THR DB 303 -57.06 67.61 101.41
N GLN DB 304 -56.65 68.88 101.22
CA GLN DB 304 -55.34 69.25 100.60
C GLN DB 304 -54.11 68.94 101.45
N ASP DB 305 -54.25 68.61 102.74
CA ASP DB 305 -53.05 68.39 103.60
C ASP DB 305 -52.93 66.97 104.13
N TYR DB 306 -51.72 66.59 104.56
CA TYR DB 306 -51.48 65.31 105.23
C TYR DB 306 -51.97 65.29 106.70
N VAL DB 307 -52.40 66.43 107.24
CA VAL DB 307 -52.68 66.61 108.67
C VAL DB 307 -53.75 65.65 109.18
N GLN DB 308 -53.51 65.04 110.36
CA GLN DB 308 -54.44 64.12 111.03
C GLN DB 308 -55.62 64.84 111.70
N GLY DB 309 -55.43 66.10 112.08
CA GLY DB 309 -56.30 66.79 113.01
C GLY DB 309 -56.02 66.35 114.45
N PHE DB 310 -56.90 66.74 115.38
CA PHE DB 310 -56.85 66.31 116.78
C PHE DB 310 -58.23 66.41 117.42
N ASP DB 311 -58.39 65.72 118.55
CA ASP DB 311 -59.64 65.65 119.31
C ASP DB 311 -59.92 66.93 120.14
N TRP DB 312 -61.19 67.20 120.45
CA TRP DB 312 -61.62 68.33 121.27
C TRP DB 312 -61.01 68.31 122.69
N THR DB 313 -60.59 67.15 123.19
CA THR DB 313 -59.82 67.04 124.45
C THR DB 313 -58.49 67.79 124.41
N GLU DB 314 -57.97 68.16 123.24
CA GLU DB 314 -56.77 68.99 123.08
C GLU DB 314 -57.08 70.48 122.87
N LYS DB 315 -58.33 70.93 123.13
CA LYS DB 315 -58.75 72.34 123.10
C LYS DB 315 -57.74 73.26 123.80
N ASP DB 316 -57.30 72.89 125.00
CA ASP DB 316 -56.36 73.68 125.80
C ASP DB 316 -54.89 73.61 125.30
N LYS DB 317 -54.53 72.66 124.43
CA LYS DB 317 -53.18 72.59 123.83
C LYS DB 317 -53.01 73.57 122.66
N HIS DB 318 -54.12 73.90 121.98
CA HIS DB 318 -54.13 74.83 120.80
C HIS DB 318 -54.96 76.09 121.13
N ASN DB 319 -55.10 76.44 122.39
CA ASN DB 319 -55.79 77.66 122.86
C ASN DB 319 -57.14 77.89 122.17
N ILE DB 320 -57.86 76.81 121.86
CA ILE DB 320 -59.14 76.84 121.15
C ILE DB 320 -60.23 77.42 122.05
N THR DB 321 -60.97 78.40 121.54
CA THR DB 321 -62.08 79.03 122.27
C THR DB 321 -63.46 78.54 121.81
N THR DB 322 -63.59 78.06 120.58
CA THR DB 322 -64.88 77.68 119.97
C THR DB 322 -64.74 76.47 119.05
N TYR DB 323 -65.85 75.81 118.73
CA TYR DB 323 -65.88 74.77 117.70
C TYR DB 323 -65.43 75.30 116.33
N LYS DB 324 -65.61 76.60 116.02
CA LYS DB 324 -65.04 77.24 114.83
C LYS DB 324 -63.51 77.16 114.80
N GLU DB 325 -62.83 77.41 115.93
CA GLU DB 325 -61.38 77.20 116.03
C GLU DB 325 -60.98 75.72 116.10
N PHE DB 326 -61.84 74.84 116.63
CA PHE DB 326 -61.63 73.40 116.52
C PHE DB 326 -61.68 72.89 115.07
N LEU DB 327 -62.65 73.37 114.28
CA LEU DB 327 -62.77 73.12 112.83
C LEU DB 327 -61.51 73.57 112.07
N THR DB 328 -60.99 74.76 112.35
CA THR DB 328 -59.85 75.29 111.58
C THR DB 328 -58.52 74.71 112.04
N LYS DB 329 -58.27 74.58 113.35
CA LYS DB 329 -57.00 74.02 113.85
C LYS DB 329 -56.96 72.50 113.86
N GLY DB 330 -58.07 71.83 114.20
CA GLY DB 330 -58.09 70.42 114.59
C GLY DB 330 -58.76 69.46 113.61
N ALA DB 331 -59.32 69.93 112.50
CA ALA DB 331 -59.89 69.02 111.50
C ALA DB 331 -58.84 68.11 110.83
N GLY DB 332 -59.24 66.88 110.51
CA GLY DB 332 -58.37 65.84 109.95
C GLY DB 332 -58.59 65.63 108.46
N ASN DB 333 -57.53 65.36 107.69
CA ASN DB 333 -57.70 65.03 106.28
C ASN DB 333 -58.06 63.53 106.17
N PRO DB 334 -59.09 63.13 105.39
CA PRO DB 334 -59.60 61.75 105.38
C PRO DB 334 -58.56 60.75 104.86
N PHE DB 335 -57.59 61.23 104.09
CA PHE DB 335 -56.51 60.45 103.49
C PHE DB 335 -55.24 60.40 104.36
N HIS DB 336 -55.26 60.89 105.60
CA HIS DB 336 -54.16 60.66 106.54
C HIS DB 336 -54.01 59.15 106.82
N ALA DB 337 -52.81 58.69 107.17
CA ALA DB 337 -52.46 57.26 107.24
C ALA DB 337 -53.33 56.42 108.19
N GLU DB 338 -53.98 57.03 109.20
CA GLU DB 338 -54.95 56.31 110.06
C GLU DB 338 -56.39 56.43 109.56
N TRP DB 339 -56.81 57.54 108.96
CA TRP DB 339 -58.17 57.70 108.45
C TRP DB 339 -58.41 57.03 107.09
N ILE DB 340 -57.37 56.93 106.24
CA ILE DB 340 -57.44 56.36 104.88
C ILE DB 340 -57.97 54.93 104.85
N THR DB 341 -57.59 54.10 105.82
CA THR DB 341 -58.06 52.73 106.04
C THR DB 341 -58.83 52.56 107.34
N ALA DB 342 -59.22 53.66 107.99
CA ALA DB 342 -59.90 53.69 109.28
C ALA DB 342 -59.23 52.81 110.36
N GLN DB 343 -57.89 52.89 110.48
CA GLN DB 343 -57.15 52.22 111.54
C GLN DB 343 -57.70 52.62 112.92
N ASN DB 344 -57.99 53.92 113.08
CA ASN DB 344 -58.86 54.44 114.12
C ASN DB 344 -60.23 54.75 113.48
N PRO DB 345 -61.36 54.45 114.15
CA PRO DB 345 -62.68 54.51 113.50
C PRO DB 345 -63.00 55.83 112.80
N VAL DB 346 -63.71 55.71 111.68
CA VAL DB 346 -64.18 56.82 110.84
C VAL DB 346 -65.67 56.65 110.63
N ILE DB 347 -66.42 57.74 110.79
CA ILE DB 347 -67.87 57.74 110.83
C ILE DB 347 -68.42 58.53 109.63
N HIS DB 348 -69.31 57.93 108.85
CA HIS DB 348 -69.98 58.54 107.70
C HIS DB 348 -71.41 58.91 108.08
N THR DB 349 -71.88 60.12 107.75
CA THR DB 349 -73.20 60.60 108.14
C THR DB 349 -73.77 61.63 107.15
N ALA DB 350 -75.09 61.77 107.10
CA ALA DB 350 -75.75 62.89 106.44
C ALA DB 350 -75.66 64.21 107.24
N ASN DB 351 -75.36 64.14 108.54
CA ASN DB 351 -75.38 65.32 109.39
C ASN DB 351 -74.19 66.25 109.13
N SER DB 352 -74.46 67.40 108.52
CA SER DB 352 -73.43 68.38 108.17
C SER DB 352 -72.74 68.95 109.42
N PRO DB 353 -71.43 69.22 109.37
CA PRO DB 353 -70.72 69.88 110.46
C PRO DB 353 -71.39 71.19 110.87
N THR DB 354 -72.04 71.92 109.96
CA THR DB 354 -72.74 73.16 110.31
C THR DB 354 -73.99 72.93 111.17
N GLN DB 355 -74.65 71.78 111.08
CA GLN DB 355 -75.68 71.44 112.06
C GLN DB 355 -75.02 71.17 113.43
N ILE DB 356 -73.86 70.50 113.46
CA ILE DB 356 -73.07 70.35 114.69
C ILE DB 356 -72.58 71.71 115.20
N GLU DB 357 -72.20 72.66 114.33
CA GLU DB 357 -71.84 74.03 114.71
C GLU DB 357 -73.02 74.68 115.41
N GLN DB 358 -74.23 74.59 114.84
CA GLN DB 358 -75.43 75.13 115.47
C GLN DB 358 -75.66 74.52 116.86
N ILE DB 359 -75.49 73.20 117.03
CA ILE DB 359 -75.63 72.56 118.35
C ILE DB 359 -74.55 73.05 119.34
N TYR DB 360 -73.27 73.13 118.93
CA TYR DB 360 -72.21 73.67 119.78
C TYR DB 360 -72.44 75.15 120.12
N THR DB 361 -72.63 76.00 119.11
CA THR DB 361 -72.71 77.45 119.27
C THR DB 361 -73.98 77.85 120.01
N ALA DB 362 -75.11 77.15 119.82
CA ALA DB 362 -76.33 77.38 120.59
C ALA DB 362 -76.09 77.17 122.09
N SER DB 363 -75.39 76.11 122.49
CA SER DB 363 -74.82 76.00 123.84
C SER DB 363 -73.67 74.98 123.93
N THR DB 364 -72.48 75.48 124.29
CA THR DB 364 -71.26 74.68 124.49
C THR DB 364 -71.40 73.69 125.64
N THR DB 365 -72.18 74.05 126.67
CA THR DB 365 -72.48 73.18 127.81
C THR DB 365 -73.33 71.97 127.41
N THR DB 366 -74.26 72.12 126.45
CA THR DB 366 -75.03 70.96 125.92
C THR DB 366 -74.28 70.17 124.85
N PHE DB 367 -73.18 70.68 124.30
CA PHE DB 367 -72.29 69.88 123.43
C PHE DB 367 -71.62 68.73 124.20
N GLN DB 368 -71.34 68.91 125.50
CA GLN DB 368 -70.94 67.84 126.41
C GLN DB 368 -72.03 66.78 126.56
N ASN DB 369 -73.30 67.22 126.69
CA ASN DB 369 -74.43 66.33 126.93
C ASN DB 369 -74.86 65.56 125.67
N LYS DB 370 -74.90 66.21 124.51
CA LYS DB 370 -75.39 65.62 123.26
C LYS DB 370 -74.48 64.49 122.77
N LYS DB 371 -75.10 63.39 122.35
CA LYS DB 371 -74.48 62.24 121.70
C LYS DB 371 -74.95 62.11 120.25
N LEU DB 372 -74.52 61.07 119.53
CA LEU DB 372 -74.96 60.76 118.17
C LEU DB 372 -76.44 60.35 118.09
N THR DB 373 -77.05 59.93 119.19
CA THR DB 373 -78.52 59.86 119.33
C THR DB 373 -79.17 61.23 119.25
N ASP DB 374 -80.40 61.29 118.70
CA ASP DB 374 -81.23 62.51 118.63
C ASP DB 374 -80.56 63.71 117.94
N LEU DB 375 -79.59 63.48 117.05
CA LEU DB 375 -79.02 64.50 116.19
C LEU DB 375 -79.86 64.71 114.92
N PRO DB 376 -79.76 65.88 114.26
CA PRO DB 376 -80.38 66.09 112.96
C PRO DB 376 -79.76 65.15 111.90
N THR DB 377 -80.60 64.63 110.99
CA THR DB 377 -80.22 63.69 109.92
C THR DB 377 -79.11 62.70 110.36
N PRO DB 378 -79.32 61.87 111.40
CA PRO DB 378 -78.24 61.05 111.93
C PRO DB 378 -78.00 59.69 111.28
N GLY DB 379 -77.40 59.68 110.09
CA GLY DB 379 -77.06 58.43 109.40
C GLY DB 379 -75.66 58.02 109.80
N TYR DB 380 -75.32 58.08 111.08
CA TYR DB 380 -73.97 57.74 111.59
C TYR DB 380 -73.70 56.25 111.36
N ILE DB 381 -72.70 55.92 110.52
CA ILE DB 381 -72.34 54.50 110.19
C ILE DB 381 -70.82 54.37 110.36
N PHE DB 382 -70.24 53.17 110.23
CA PHE DB 382 -68.76 53.00 110.25
C PHE DB 382 -68.31 52.64 108.83
N ILE DB 383 -67.70 53.58 108.11
CA ILE DB 383 -67.31 53.37 106.69
C ILE DB 383 -65.81 53.62 106.53
N THR DB 384 -65.12 52.82 105.71
CA THR DB 384 -63.68 52.96 105.45
C THR DB 384 -63.47 53.64 104.08
N PRO DB 385 -62.69 54.72 103.97
CA PRO DB 385 -62.44 55.38 102.67
C PRO DB 385 -61.76 54.46 101.65
N THR DB 386 -60.91 53.55 102.12
CA THR DB 386 -60.23 52.53 101.31
C THR DB 386 -60.84 51.15 101.49
N VAL DB 387 -60.90 50.38 100.40
CA VAL DB 387 -61.06 48.92 100.41
C VAL DB 387 -59.89 48.28 99.66
N SER DB 388 -59.48 47.08 100.07
CA SER DB 388 -58.48 46.28 99.36
C SER DB 388 -59.16 45.16 98.58
N LEU DB 389 -58.92 45.09 97.27
CA LEU DB 389 -59.38 44.05 96.37
C LEU DB 389 -58.25 43.03 96.13
N ARG DB 390 -58.60 41.79 95.78
CA ARG DB 390 -57.68 40.79 95.22
C ARG DB 390 -57.94 40.61 93.74
N TYR DB 391 -56.89 40.70 92.93
CA TYR DB 391 -56.92 40.47 91.49
C TYR DB 391 -56.07 39.24 91.16
N ASN DB 392 -56.61 38.36 90.32
CA ASN DB 392 -55.88 37.21 89.79
C ASN DB 392 -55.84 37.31 88.26
N PRO DB 393 -54.67 37.40 87.61
CA PRO DB 393 -54.58 37.59 86.17
C PRO DB 393 -55.11 36.37 85.39
N TYR DB 394 -55.01 35.17 85.97
CA TYR DB 394 -55.43 33.92 85.29
C TYR DB 394 -56.95 33.78 85.36
N LYS DB 395 -57.59 34.53 86.27
CA LYS DB 395 -59.07 34.50 86.43
C LYS DB 395 -59.69 35.64 85.62
N ASP DB 396 -58.89 36.38 84.86
CA ASP DB 396 -59.38 37.58 84.10
C ASP DB 396 -59.75 37.19 82.67
N LEU DB 397 -60.98 37.45 82.23
CA LEU DB 397 -61.46 37.05 80.90
C LEU DB 397 -61.68 38.26 79.97
N ALA DB 398 -61.46 39.49 80.44
CA ALA DB 398 -61.53 40.69 79.64
C ALA DB 398 -62.86 40.94 78.90
N GLU DB 399 -64.00 40.46 79.40
CA GLU DB 399 -65.29 40.59 78.69
C GLU DB 399 -65.92 41.98 78.88
N ARG DB 400 -65.67 42.63 80.02
CA ARG DB 400 -66.22 43.96 80.37
C ARG DB 400 -65.18 44.87 81.03
N ASN DB 401 -63.91 44.61 80.75
CA ASN DB 401 -62.80 45.44 81.21
C ASN DB 401 -62.78 46.79 80.50
N LYS DB 402 -62.39 47.85 81.20
CA LYS DB 402 -62.44 49.23 80.71
C LYS DB 402 -61.49 50.12 81.50
N CYS DB 403 -61.02 51.22 80.94
CA CYS DB 403 -60.01 52.09 81.56
C CYS DB 403 -60.05 53.49 80.96
N TYR DB 404 -60.00 54.55 81.79
CA TYR DB 404 -60.02 55.95 81.35
C TYR DB 404 -59.58 56.92 82.45
N PHE DB 405 -59.28 58.16 82.08
CA PHE DB 405 -58.93 59.23 83.02
C PHE DB 405 -60.10 60.21 83.21
N VAL DB 406 -60.35 60.61 84.46
CA VAL DB 406 -61.32 61.65 84.84
C VAL DB 406 -60.59 62.82 85.52
N ARG DB 407 -61.17 64.02 85.47
CA ARG DB 407 -60.57 65.24 86.02
C ARG DB 407 -60.67 65.23 87.55
N SER DB 408 -59.55 65.32 88.26
CA SER DB 408 -59.52 65.26 89.74
C SER DB 408 -59.89 66.59 90.38
N LYS DB 409 -59.22 67.70 90.01
CA LYS DB 409 -59.58 69.06 90.44
C LYS DB 409 -60.68 69.69 89.58
N ILE DB 410 -61.90 69.16 89.65
CA ILE DB 410 -63.10 69.86 89.17
C ILE DB 410 -64.30 69.58 90.07
N ASN DB 411 -65.28 70.48 90.04
CA ASN DB 411 -66.52 70.35 90.80
C ASN DB 411 -67.56 69.50 90.05
N ALA DB 412 -67.25 68.23 89.79
CA ALA DB 412 -68.15 67.31 89.10
C ALA DB 412 -68.29 65.97 89.85
N HIS DB 413 -69.53 65.51 90.00
CA HIS DB 413 -69.88 64.30 90.73
C HIS DB 413 -69.63 63.03 89.90
N GLY DB 414 -69.36 61.93 90.58
CA GLY DB 414 -69.37 60.59 89.99
C GLY DB 414 -68.15 60.25 89.15
N TRP DB 415 -68.11 59.00 88.71
CA TRP DB 415 -66.94 58.34 88.12
C TRP DB 415 -67.15 57.88 86.67
N ASP DB 416 -68.29 58.20 86.07
CA ASP DB 416 -68.62 57.72 84.70
C ASP DB 416 -67.53 58.14 83.71
N PRO DB 417 -67.27 57.38 82.62
CA PRO DB 417 -66.31 57.81 81.61
C PRO DB 417 -66.77 59.17 81.11
N GLU DB 418 -65.85 60.15 81.08
CA GLU DB 418 -66.22 61.54 80.70
C GLU DB 418 -65.14 62.12 79.77
N GLN DB 419 -65.36 63.34 79.28
CA GLN DB 419 -64.39 64.01 78.38
C GLN DB 419 -64.15 63.14 77.13
N HIS DB 420 -62.91 62.74 76.84
CA HIS DB 420 -62.59 61.96 75.61
C HIS DB 420 -63.16 60.54 75.71
N GLN DB 421 -64.13 60.23 74.83
CA GLN DB 421 -64.73 58.87 74.78
C GLN DB 421 -63.91 58.03 73.78
N GLU DB 422 -63.10 58.67 72.93
CA GLU DB 422 -62.20 57.94 72.04
C GLU DB 422 -60.93 57.44 72.77
N LEU DB 423 -60.61 58.02 73.93
CA LEU DB 423 -59.47 57.61 74.76
C LEU DB 423 -59.80 56.45 75.70
N ILE DB 424 -61.07 56.06 75.85
CA ILE DB 424 -61.46 54.89 76.64
C ILE DB 424 -60.80 53.65 76.03
N ASN DB 425 -60.12 52.85 76.88
CA ASN DB 425 -59.44 51.59 76.47
C ASN DB 425 -60.25 50.41 77.04
N SER DB 426 -60.69 49.45 76.22
CA SER DB 426 -61.65 48.40 76.61
C SER DB 426 -61.22 47.01 76.13
N ASP DB 427 -61.77 45.98 76.77
CA ASP DB 427 -61.79 44.59 76.29
C ASP DB 427 -60.40 43.92 76.13
N LEU DB 428 -59.46 44.21 77.03
CA LEU DB 428 -58.21 43.47 77.21
C LEU DB 428 -58.04 43.13 78.70
N PRO DB 429 -57.31 42.07 79.06
CA PRO DB 429 -57.08 41.77 80.48
C PRO DB 429 -56.31 42.92 81.14
N GLN DB 430 -56.63 43.27 82.39
CA GLN DB 430 -56.10 44.48 83.09
C GLN DB 430 -54.57 44.66 83.03
N TRP DB 431 -53.78 43.58 83.03
CA TRP DB 431 -52.33 43.67 82.89
C TRP DB 431 -51.88 44.08 81.49
N LEU DB 432 -52.68 43.81 80.45
CA LEU DB 432 -52.47 44.30 79.10
C LEU DB 432 -53.15 45.65 78.86
N LEU DB 433 -54.34 45.85 79.41
CA LEU DB 433 -55.11 47.08 79.25
C LEU DB 433 -54.41 48.30 79.85
N LEU DB 434 -53.77 48.16 81.01
CA LEU DB 434 -53.09 49.27 81.68
C LEU DB 434 -51.69 49.53 81.12
N PHE DB 435 -51.04 48.56 80.46
CA PHE DB 435 -49.63 48.68 80.09
C PHE DB 435 -49.39 49.82 79.10
N GLY DB 436 -48.62 50.82 79.49
CA GLY DB 436 -48.33 51.98 78.65
C GLY DB 436 -49.51 52.92 78.37
N TYR DB 437 -50.71 52.65 78.90
CA TYR DB 437 -51.88 53.48 78.65
C TYR DB 437 -51.74 54.92 79.20
N PRO DB 438 -51.25 55.15 80.43
CA PRO DB 438 -50.96 56.50 80.89
C PRO DB 438 -49.97 57.27 80.00
N ASP DB 439 -48.94 56.61 79.48
CA ASP DB 439 -47.99 57.25 78.58
C ASP DB 439 -48.57 57.55 77.20
N TYR DB 440 -49.42 56.69 76.66
CA TYR DB 440 -50.17 57.02 75.46
C TYR DB 440 -51.02 58.27 75.67
N ILE DB 441 -51.68 58.39 76.82
CA ILE DB 441 -52.51 59.54 77.16
C ILE DB 441 -51.65 60.80 77.31
N LYS DB 442 -50.53 60.74 78.03
CA LYS DB 442 -49.59 61.86 78.14
C LYS DB 442 -49.06 62.31 76.77
N ARG DB 443 -48.62 61.37 75.93
CA ARG DB 443 -48.06 61.70 74.59
C ARG DB 443 -49.18 62.25 73.68
N THR DB 444 -50.42 61.81 73.86
CA THR DB 444 -51.58 62.34 73.12
C THR DB 444 -51.86 63.80 73.45
N GLN DB 445 -51.56 64.25 74.68
CA GLN DB 445 -51.67 65.69 75.06
C GLN DB 445 -53.11 66.24 74.98
N ASN DB 446 -54.13 65.37 74.96
CA ASN DB 446 -55.53 65.79 74.98
C ASN DB 446 -56.06 66.14 76.38
N PHE DB 447 -55.23 65.99 77.43
CA PHE DB 447 -55.53 66.36 78.80
C PHE DB 447 -54.47 67.33 79.35
N ALA DB 448 -54.85 68.16 80.32
CA ALA DB 448 -53.90 69.02 81.03
C ALA DB 448 -52.84 68.15 81.72
N LEU DB 449 -51.57 68.42 81.45
CA LEU DB 449 -50.50 67.42 81.51
C LEU DB 449 -50.19 66.89 82.92
N VAL DB 450 -50.50 67.66 83.96
CA VAL DB 450 -49.99 67.38 85.31
C VAL DB 450 -50.72 66.22 85.99
N ASP DB 451 -49.95 65.30 86.61
CA ASP DB 451 -50.52 64.08 87.26
C ASP DB 451 -51.53 64.43 88.36
N THR DB 452 -51.42 65.60 88.97
CA THR DB 452 -52.30 65.99 90.07
C THR DB 452 -53.71 66.34 89.65
N ASN DB 453 -53.96 66.56 88.35
CA ASN DB 453 -55.24 67.10 87.87
C ASN DB 453 -56.15 66.02 87.27
N TYR DB 454 -55.72 64.76 87.24
CA TYR DB 454 -56.50 63.62 86.75
C TYR DB 454 -56.40 62.43 87.68
N ILE DB 455 -57.39 61.53 87.59
CA ILE DB 455 -57.41 60.21 88.21
C ILE DB 455 -57.63 59.18 87.11
N LEU DB 456 -56.96 58.05 87.21
CA LEU DB 456 -57.21 56.85 86.43
C LEU DB 456 -58.28 55.99 87.13
N VAL DB 457 -59.27 55.57 86.35
CA VAL DB 457 -60.45 54.81 86.78
C VAL DB 457 -60.57 53.60 85.86
N ASP DB 458 -60.82 52.40 86.41
CA ASP DB 458 -60.98 51.20 85.59
C ASP DB 458 -62.10 50.28 86.09
N HIS DB 459 -62.76 49.59 85.18
CA HIS DB 459 -63.77 48.57 85.48
C HIS DB 459 -63.19 47.19 85.23
N CYS DB 460 -63.41 46.26 86.15
CA CYS DB 460 -62.96 44.88 86.04
C CYS DB 460 -63.90 43.96 86.84
N PRO DB 461 -64.71 43.12 86.19
CA PRO DB 461 -65.55 42.12 86.85
C PRO DB 461 -64.81 41.10 87.71
N TYR DB 462 -63.50 40.94 87.53
CA TYR DB 462 -62.78 39.72 87.90
C TYR DB 462 -62.00 39.81 89.21
N THR DB 463 -62.05 40.92 89.94
CA THR DB 463 -61.62 40.90 91.35
C THR DB 463 -62.61 40.11 92.19
N ASN DB 464 -62.15 39.45 93.25
CA ASN DB 464 -63.00 38.57 94.06
C ASN DB 464 -64.04 39.34 94.88
N PRO DB 465 -63.66 40.33 95.71
CA PRO DB 465 -64.54 41.45 96.04
C PRO DB 465 -64.64 42.40 94.84
N GLU DB 466 -65.60 43.31 94.82
CA GLU DB 466 -65.78 44.25 93.71
C GLU DB 466 -66.12 45.66 94.20
N LYS DB 467 -65.83 46.64 93.34
CA LYS DB 467 -66.39 48.00 93.33
C LYS DB 467 -66.66 48.37 91.88
N THR DB 468 -67.73 49.13 91.61
CA THR DB 468 -68.22 49.31 90.23
C THR DB 468 -67.13 49.87 89.30
N PRO DB 469 -66.59 51.07 89.52
CA PRO DB 469 -65.22 51.38 89.11
C PRO DB 469 -64.23 51.10 90.26
N PHE DB 470 -62.95 51.06 89.87
CA PHE DB 470 -61.85 50.98 90.85
C PHE DB 470 -61.10 52.29 90.75
N ILE DB 471 -60.58 52.83 91.86
CA ILE DB 471 -59.71 54.04 91.80
C ILE DB 471 -58.37 53.57 92.39
N PRO DB 472 -57.54 52.80 91.66
CA PRO DB 472 -56.35 52.23 92.27
C PRO DB 472 -55.54 53.27 93.03
N LEU DB 473 -54.99 52.92 94.19
CA LEU DB 473 -54.10 53.77 94.98
C LEU DB 473 -52.86 53.00 95.39
N SER DB 474 -51.69 53.63 95.31
CA SER DB 474 -50.44 52.98 95.66
C SER DB 474 -50.32 52.78 97.17
N THR DB 475 -49.64 51.72 97.58
CA THR DB 475 -49.33 51.43 98.98
C THR DB 475 -48.68 52.62 99.68
N SER DB 476 -47.86 53.42 98.98
CA SER DB 476 -47.29 54.66 99.53
C SER DB 476 -48.35 55.69 99.95
N PHE DB 477 -49.39 55.93 99.15
CA PHE DB 477 -50.49 56.83 99.54
C PHE DB 477 -51.40 56.25 100.62
N ILE DB 478 -51.61 54.93 100.59
CA ILE DB 478 -52.32 54.19 101.64
C ILE DB 478 -51.52 54.13 102.95
N GLU DB 479 -50.22 54.39 102.92
CA GLU DB 479 -49.32 54.44 104.08
C GLU DB 479 -48.80 55.86 104.41
N GLY DB 480 -49.32 56.91 103.76
CA GLY DB 480 -48.91 58.28 104.08
C GLY DB 480 -47.46 58.62 103.72
N ARG DB 481 -47.08 58.39 102.46
CA ARG DB 481 -45.68 58.60 102.00
C ARG DB 481 -45.65 59.08 100.54
N SER DB 482 -44.59 59.77 100.13
CA SER DB 482 -44.48 60.30 98.76
C SER DB 482 -44.43 59.19 97.68
N PRO DB 483 -44.86 59.47 96.43
CA PRO DB 483 -45.12 58.45 95.40
C PRO DB 483 -44.03 57.40 95.19
N TYR DB 484 -42.74 57.78 95.27
CA TYR DB 484 -41.58 56.88 95.15
C TYR DB 484 -40.58 57.09 96.30
N SER DB 485 -41.08 57.21 97.54
CA SER DB 485 -40.25 57.41 98.73
C SER DB 485 -40.08 56.12 99.54
N PRO DB 486 -38.89 55.82 100.08
CA PRO DB 486 -38.61 54.56 100.77
C PRO DB 486 -39.45 54.40 102.05
N SER DB 487 -39.86 53.16 102.33
CA SER DB 487 -40.81 52.79 103.39
C SER DB 487 -40.40 53.18 104.80
N ASP DB 488 -39.12 53.51 105.05
CA ASP DB 488 -38.67 54.00 106.39
C ASP DB 488 -39.34 55.34 106.70
N THR DB 489 -39.76 56.08 105.67
CA THR DB 489 -40.44 57.36 105.80
C THR DB 489 -41.92 57.16 106.19
N HIS DB 490 -42.46 58.03 107.06
CA HIS DB 490 -43.88 57.94 107.54
C HIS DB 490 -44.59 59.29 107.35
N GLU DB 491 -44.14 60.15 106.44
CA GLU DB 491 -44.76 61.42 106.06
C GLU DB 491 -44.47 61.74 104.60
N PRO DB 492 -45.34 62.44 103.87
CA PRO DB 492 -44.98 63.05 102.60
C PRO DB 492 -43.86 64.09 102.76
N ASP DB 493 -43.06 64.30 101.72
CA ASP DB 493 -42.19 65.48 101.56
C ASP DB 493 -43.04 66.75 101.32
N GLU DB 494 -42.54 67.95 101.63
CA GLU DB 494 -43.36 69.17 101.71
C GLU DB 494 -44.29 69.43 100.50
N GLU DB 495 -43.80 69.19 99.28
CA GLU DB 495 -44.60 69.36 98.07
C GLU DB 495 -45.72 68.30 97.91
N ASP DB 496 -45.55 67.11 98.50
CA ASP DB 496 -46.60 66.09 98.64
C ASP DB 496 -47.37 66.22 99.96
N GLN DB 497 -46.89 66.98 100.96
CA GLN DB 497 -47.73 67.37 102.11
C GLN DB 497 -48.84 68.31 101.67
N ASN DB 498 -48.52 69.23 100.75
CA ASN DB 498 -49.49 69.89 99.89
C ASN DB 498 -50.03 68.90 98.84
N ARG DB 499 -51.24 69.23 98.35
CA ARG DB 499 -51.93 68.43 97.29
C ARG DB 499 -52.05 66.97 97.74
N TRP DB 500 -52.27 66.69 99.03
CA TRP DB 500 -52.40 65.30 99.56
C TRP DB 500 -53.82 64.78 99.33
N TYR DB 501 -54.16 64.50 98.07
CA TYR DB 501 -55.50 64.03 97.67
C TYR DB 501 -55.41 63.06 96.48
N PRO DB 502 -56.42 62.21 96.24
CA PRO DB 502 -56.42 61.27 95.12
C PRO DB 502 -56.13 61.91 93.75
N CYS DB 503 -55.06 61.46 93.11
CA CYS DB 503 -54.68 61.83 91.74
C CYS DB 503 -53.70 60.82 91.18
N TYR DB 504 -53.51 60.81 89.86
CA TYR DB 504 -52.70 59.84 89.13
C TYR DB 504 -51.27 59.70 89.67
N GLN DB 505 -50.69 60.77 90.21
CA GLN DB 505 -49.32 60.72 90.80
C GLN DB 505 -49.24 59.67 91.93
N TYR DB 506 -50.30 59.50 92.72
CA TYR DB 506 -50.35 58.50 93.77
C TYR DB 506 -50.83 57.12 93.29
N GLN DB 507 -51.36 56.99 92.07
CA GLN DB 507 -51.83 55.72 91.51
C GLN DB 507 -50.74 54.92 90.80
N GLN DB 508 -49.63 55.55 90.43
CA GLN DB 508 -48.63 54.98 89.49
C GLN DB 508 -48.10 53.60 89.91
N GLU DB 509 -47.70 53.41 91.15
CA GLU DB 509 -47.15 52.14 91.60
C GLU DB 509 -48.21 51.03 91.61
N SER DB 510 -49.47 51.35 91.89
CA SER DB 510 -50.55 50.34 91.85
C SER DB 510 -50.81 49.80 90.44
N ILE DB 511 -50.86 50.66 89.41
CA ILE DB 511 -51.07 50.17 88.04
C ILE DB 511 -49.81 49.50 87.48
N ASN DB 512 -48.62 49.91 87.92
CA ASN DB 512 -47.42 49.15 87.61
C ASN DB 512 -47.49 47.76 88.23
N SER DB 513 -47.95 47.64 89.48
CA SER DB 513 -48.12 46.35 90.16
C SER DB 513 -49.13 45.43 89.46
N ILE DB 514 -50.23 45.99 88.93
CA ILE DB 514 -51.17 45.25 88.08
C ILE DB 514 -50.50 44.79 86.79
N CYS DB 515 -49.72 45.63 86.12
CA CYS DB 515 -48.96 45.23 84.92
C CYS DB 515 -47.92 44.14 85.20
N LEU DB 516 -47.23 44.21 86.34
CA LEU DB 516 -46.31 43.18 86.81
C LEU DB 516 -46.99 41.85 87.07
N SER DB 517 -48.30 41.80 87.29
CA SER DB 517 -49.01 40.52 87.36
C SER DB 517 -49.09 39.81 86.01
N GLY DB 518 -48.92 40.54 84.90
CA GLY DB 518 -48.94 39.98 83.55
C GLY DB 518 -47.66 39.22 83.18
N PRO DB 519 -47.74 38.32 82.19
CA PRO DB 519 -46.60 37.49 81.78
C PRO DB 519 -45.48 38.29 81.09
N GLY DB 520 -44.28 37.73 81.11
CA GLY DB 520 -43.07 38.26 80.52
C GLY DB 520 -42.40 39.39 81.28
N THR DB 521 -43.06 39.99 82.28
CA THR DB 521 -42.52 41.11 83.04
C THR DB 521 -41.34 40.69 83.92
N PRO DB 522 -40.19 41.38 83.85
CA PRO DB 522 -38.96 40.92 84.50
C PRO DB 522 -38.95 41.05 86.03
N LYS DB 523 -38.08 40.28 86.68
CA LYS DB 523 -37.72 40.38 88.09
C LYS DB 523 -36.41 41.17 88.22
N ILE DB 524 -36.44 42.33 88.87
CA ILE DB 524 -35.24 43.16 89.08
C ILE DB 524 -35.07 43.39 90.59
N PRO DB 525 -33.97 42.98 91.22
CA PRO DB 525 -33.76 43.23 92.64
C PRO DB 525 -33.82 44.71 93.00
N LYS DB 526 -34.39 45.05 94.17
CA LYS DB 526 -34.48 46.44 94.63
C LYS DB 526 -33.08 47.06 94.76
N GLY DB 527 -32.92 48.29 94.27
CA GLY DB 527 -31.64 48.99 94.20
C GLY DB 527 -30.78 48.67 92.97
N ILE DB 528 -31.21 47.76 92.08
CA ILE DB 528 -30.54 47.49 90.80
C ILE DB 528 -31.35 48.16 89.67
N THR DB 529 -30.64 48.83 88.76
CA THR DB 529 -31.23 49.37 87.53
C THR DB 529 -30.76 48.52 86.36
N ALA DB 530 -31.69 47.93 85.63
CA ALA DB 530 -31.39 47.23 84.40
C ALA DB 530 -31.33 48.24 83.24
N GLU DB 531 -30.48 47.99 82.25
CA GLU DB 531 -30.21 48.91 81.15
C GLU DB 531 -30.07 48.12 79.85
N ALA DB 532 -30.35 48.75 78.71
CA ALA DB 532 -30.04 48.19 77.39
C ALA DB 532 -29.53 49.29 76.47
N LYS DB 533 -28.65 48.93 75.53
CA LYS DB 533 -28.08 49.86 74.56
C LYS DB 533 -27.96 49.25 73.18
N VAL DB 534 -28.02 50.10 72.17
CA VAL DB 534 -27.70 49.78 70.79
C VAL DB 534 -26.55 50.67 70.33
N LYS DB 535 -25.65 50.17 69.49
CA LYS DB 535 -24.71 50.99 68.74
C LYS DB 535 -25.25 51.16 67.33
N TYR DB 536 -25.37 52.40 66.89
CA TYR DB 536 -25.89 52.74 65.57
C TYR DB 536 -24.80 53.28 64.66
N SER DB 537 -25.00 53.12 63.36
CA SER DB 537 -24.22 53.76 62.31
C SER DB 537 -25.14 54.16 61.16
N PHE DB 538 -25.52 55.43 61.09
CA PHE DB 538 -26.31 55.95 59.97
C PHE DB 538 -25.40 56.38 58.84
N ASN DB 539 -25.69 55.96 57.62
CA ASN DB 539 -24.85 56.23 56.45
C ASN DB 539 -25.44 57.38 55.64
N PHE DB 540 -24.66 58.45 55.48
CA PHE DB 540 -25.00 59.62 54.71
C PHE DB 540 -23.89 59.93 53.70
N LYS DB 541 -24.23 60.68 52.67
CA LYS DB 541 -23.27 61.45 51.88
C LYS DB 541 -23.66 62.92 51.97
N TRP DB 542 -22.68 63.80 51.98
CA TRP DB 542 -22.86 65.25 51.90
C TRP DB 542 -22.44 65.72 50.51
N GLY DB 543 -23.22 66.59 49.89
CA GLY DB 543 -22.99 67.03 48.52
C GLY DB 543 -22.92 68.54 48.40
N GLY DB 544 -22.10 69.04 47.51
CA GLY DB 544 -22.03 70.48 47.25
C GLY DB 544 -20.98 70.85 46.21
N ASP DB 545 -20.91 72.14 45.90
CA ASP DB 545 -19.75 72.75 45.26
C ASP DB 545 -18.55 72.80 46.22
N LEU DB 546 -17.34 72.88 45.67
CA LEU DB 546 -16.10 72.81 46.45
C LEU DB 546 -16.03 73.94 47.51
N PRO DB 547 -15.74 73.62 48.79
CA PRO DB 547 -15.66 74.60 49.85
C PRO DB 547 -14.28 75.32 49.92
N PRO DB 548 -14.20 76.45 50.64
CA PRO DB 548 -12.94 77.11 50.97
C PRO DB 548 -12.15 76.39 52.09
N MET DB 549 -10.89 76.78 52.31
CA MET DB 549 -9.97 76.16 53.30
C MET DB 549 -8.90 77.16 53.78
N SER DB 550 -8.23 76.91 54.91
CA SER DB 550 -7.17 77.77 55.47
C SER DB 550 -5.96 76.98 56.00
N THR DB 551 -4.84 77.67 56.23
CA THR DB 551 -3.51 77.08 56.48
C THR DB 551 -2.78 77.75 57.64
N ILE DB 552 -1.75 77.08 58.17
CA ILE DB 552 -0.99 77.44 59.38
C ILE DB 552 0.48 77.71 59.02
N THR DB 553 1.14 78.67 59.67
CA THR DB 553 2.56 78.97 59.44
C THR DB 553 3.44 77.74 59.67
N ASN DB 554 4.49 77.54 58.87
CA ASN DB 554 5.44 76.46 59.09
C ASN DB 554 6.32 76.64 60.34
N PRO DB 555 6.90 77.82 60.65
CA PRO DB 555 7.81 77.96 61.78
C PRO DB 555 7.13 77.73 63.12
N THR DB 556 5.93 78.28 63.33
CA THR DB 556 5.16 78.05 64.59
C THR DB 556 4.21 76.89 64.35
N ASP DB 557 4.72 75.65 64.40
CA ASP DB 557 3.89 74.44 64.12
C ASP DB 557 4.39 73.30 65.00
N GLN DB 558 3.73 72.13 64.95
CA GLN DB 558 4.14 70.95 65.76
C GLN DB 558 5.67 70.83 65.72
N PRO DB 559 6.40 71.05 66.84
CA PRO DB 559 7.86 71.01 66.81
C PRO DB 559 8.41 69.60 66.93
N THR DB 560 9.51 69.33 66.21
CA THR DB 560 10.15 68.01 66.32
C THR DB 560 10.72 67.80 67.72
N TYR DB 561 10.83 66.56 68.19
CA TYR DB 561 11.34 66.25 69.53
C TYR DB 561 12.72 66.89 69.81
N VAL DB 562 13.54 67.08 68.76
CA VAL DB 562 14.84 67.76 68.82
C VAL DB 562 14.69 69.20 69.33
N LYS EB 48 24.82 -52.66 -46.09
CA LYS EB 48 25.91 -52.22 -47.02
C LYS EB 48 27.24 -52.89 -46.69
N ARG EB 49 27.86 -52.56 -45.56
CA ARG EB 49 29.08 -53.23 -45.05
C ARG EB 49 28.99 -53.45 -43.55
N LEU EB 50 29.52 -54.56 -43.08
CA LEU EB 50 29.47 -54.99 -41.67
C LEU EB 50 30.87 -55.20 -41.11
N ASN EB 51 31.03 -54.95 -39.82
CA ASN EB 51 32.23 -55.38 -39.09
C ASN EB 51 32.30 -56.92 -39.06
N ILE EB 52 33.48 -57.48 -39.30
CA ILE EB 52 33.74 -58.89 -39.03
C ILE EB 52 33.82 -59.09 -37.52
N VAL EB 53 33.15 -60.12 -37.02
CA VAL EB 53 33.02 -60.44 -35.59
C VAL EB 53 33.45 -61.87 -35.36
N GLU EB 54 34.10 -62.13 -34.24
CA GLU EB 54 34.50 -63.46 -33.80
C GLU EB 54 33.85 -63.79 -32.44
N TRP EB 55 33.51 -65.05 -32.21
CA TRP EB 55 32.98 -65.49 -30.92
C TRP EB 55 34.12 -66.00 -30.05
N GLN EB 56 34.22 -65.37 -28.87
CA GLN EB 56 35.34 -65.64 -27.93
C GLN EB 56 35.31 -67.09 -27.46
N PRO EB 57 36.48 -67.74 -27.31
CA PRO EB 57 36.55 -69.14 -26.89
C PRO EB 57 36.17 -69.33 -25.43
N LYS EB 58 35.81 -70.57 -25.06
CA LYS EB 58 35.16 -70.91 -23.79
C LYS EB 58 36.03 -70.59 -22.55
N SER EB 59 37.33 -70.83 -22.62
CA SER EB 59 38.29 -70.46 -21.58
C SER EB 59 39.51 -69.76 -22.17
N ILE EB 60 39.98 -68.72 -21.48
CA ILE EB 60 41.07 -67.83 -21.92
C ILE EB 60 42.08 -67.64 -20.78
N ARG EB 61 43.38 -67.69 -21.09
CA ARG EB 61 44.46 -67.49 -20.08
C ARG EB 61 45.60 -66.59 -20.58
N LYS EB 62 45.72 -65.36 -20.08
CA LYS EB 62 46.81 -64.44 -20.43
C LYS EB 62 48.16 -65.04 -20.09
N CYS EB 63 49.15 -64.88 -20.96
CA CYS EB 63 50.53 -65.31 -20.73
C CYS EB 63 51.51 -64.28 -21.28
N ARG EB 64 52.38 -63.74 -20.39
CA ARG EB 64 53.47 -62.83 -20.80
C ARG EB 64 54.79 -63.63 -20.88
N ILE EB 65 55.27 -63.92 -22.09
CA ILE EB 65 56.55 -64.61 -22.26
C ILE EB 65 57.65 -63.58 -22.00
N LYS EB 66 58.27 -63.64 -20.82
CA LYS EB 66 59.24 -62.65 -20.32
C LYS EB 66 60.64 -63.22 -20.35
N GLY EB 67 61.63 -62.48 -20.81
CA GLY EB 67 63.00 -62.95 -20.86
C GLY EB 67 64.01 -61.90 -21.29
N MET EB 68 65.25 -62.34 -21.48
CA MET EB 68 66.38 -61.48 -21.82
C MET EB 68 67.01 -61.96 -23.13
N LEU EB 69 67.30 -61.05 -24.07
CA LEU EB 69 67.90 -61.35 -25.37
C LEU EB 69 69.22 -60.61 -25.54
N CYS EB 70 70.29 -61.31 -25.90
CA CYS EB 70 71.55 -60.69 -26.26
C CYS EB 70 71.49 -60.09 -27.67
N LEU EB 71 71.73 -58.79 -27.81
CA LEU EB 71 71.67 -58.09 -29.10
C LEU EB 71 72.97 -58.27 -29.89
N PHE EB 72 74.11 -58.15 -29.23
CA PHE EB 72 75.41 -58.51 -29.77
C PHE EB 72 76.36 -58.80 -28.61
N GLN EB 73 77.44 -59.52 -28.89
CA GLN EB 73 78.62 -59.53 -28.04
C GLN EB 73 79.84 -59.55 -28.93
N THR EB 74 80.70 -58.55 -28.82
CA THR EB 74 81.70 -58.21 -29.84
C THR EB 74 83.04 -57.85 -29.25
N THR EB 75 84.11 -58.22 -29.94
CA THR EB 75 85.45 -57.60 -29.84
C THR EB 75 85.63 -56.62 -31.01
N GLU EB 76 86.72 -55.85 -31.03
CA GLU EB 76 87.02 -54.91 -32.11
C GLU EB 76 87.20 -55.59 -33.48
N ASP EB 77 87.81 -56.77 -33.51
CA ASP EB 77 88.09 -57.56 -34.71
C ASP EB 77 86.86 -58.30 -35.28
N ARG EB 78 85.69 -58.16 -34.64
CA ARG EB 78 84.42 -58.71 -35.10
C ARG EB 78 83.31 -57.67 -35.31
N LEU EB 79 83.62 -56.38 -35.23
CA LEU EB 79 82.59 -55.32 -35.29
C LEU EB 79 81.79 -55.31 -36.59
N SER EB 80 82.41 -55.60 -37.72
CA SER EB 80 81.73 -55.58 -39.03
C SER EB 80 80.94 -56.84 -39.37
N TYR EB 81 80.84 -57.81 -38.46
CA TYR EB 81 80.17 -59.10 -38.69
C TYR EB 81 78.89 -59.26 -37.88
N ASN EB 82 77.95 -60.04 -38.40
CA ASN EB 82 76.68 -60.35 -37.77
C ASN EB 82 76.88 -61.33 -36.60
N PHE EB 83 76.40 -60.98 -35.41
CA PHE EB 83 76.34 -61.85 -34.24
C PHE EB 83 75.17 -62.83 -34.34
N ASP EB 84 75.50 -64.12 -34.44
CA ASP EB 84 74.58 -65.22 -34.17
C ASP EB 84 75.00 -65.88 -32.86
N MET EB 85 74.05 -66.04 -31.92
CA MET EB 85 74.33 -66.68 -30.64
C MET EB 85 74.47 -68.21 -30.78
N TYR EB 86 73.83 -68.78 -31.79
CA TYR EB 86 73.89 -70.20 -32.15
C TYR EB 86 74.69 -70.32 -33.45
N GLU EB 87 75.90 -70.84 -33.32
CA GLU EB 87 77.04 -70.55 -34.19
C GLU EB 87 77.25 -71.45 -35.40
N GLU EB 88 78.01 -70.95 -36.37
CA GLU EB 88 78.81 -71.81 -37.25
C GLU EB 88 80.00 -72.27 -36.39
N SER EB 89 80.12 -73.56 -36.11
CA SER EB 89 80.84 -74.14 -34.95
C SER EB 89 82.31 -73.73 -34.78
N ILE EB 90 82.96 -73.21 -35.82
CA ILE EB 90 84.32 -72.64 -35.76
C ILE EB 90 84.36 -71.24 -35.15
N ILE EB 91 83.32 -70.40 -35.31
CA ILE EB 91 83.34 -69.00 -34.89
C ILE EB 91 83.65 -68.83 -33.39
N PRO EB 92 82.99 -69.50 -32.43
CA PRO EB 92 83.30 -69.29 -31.03
C PRO EB 92 84.63 -69.92 -30.58
N GLU EB 93 85.30 -70.74 -31.40
CA GLU EB 93 86.61 -71.28 -31.04
C GLU EB 93 87.66 -70.17 -31.02
N LYS EB 94 88.10 -69.80 -29.82
CA LYS EB 94 89.05 -68.70 -29.56
C LYS EB 94 88.56 -67.32 -30.02
N LEU EB 95 87.24 -67.09 -30.10
CA LEU EB 95 86.64 -65.74 -30.12
C LEU EB 95 85.61 -65.57 -28.99
N PRO EB 96 85.78 -64.58 -28.09
CA PRO EB 96 84.83 -64.36 -27.00
C PRO EB 96 83.55 -63.60 -27.43
N GLY EB 97 83.56 -62.95 -28.60
CA GLY EB 97 82.38 -62.31 -29.18
C GLY EB 97 82.38 -62.41 -30.71
N GLY EB 98 81.25 -62.82 -31.29
CA GLY EB 98 81.17 -63.22 -32.70
C GLY EB 98 80.83 -62.10 -33.68
N GLY EB 99 80.28 -60.98 -33.25
CA GLY EB 99 79.82 -59.94 -34.17
C GLY EB 99 79.33 -58.67 -33.49
N GLY EB 100 79.48 -57.53 -34.14
CA GLY EB 100 79.13 -56.21 -33.61
C GLY EB 100 77.79 -55.65 -34.05
N PHE EB 101 77.05 -56.37 -34.90
CA PHE EB 101 75.68 -56.05 -35.22
C PHE EB 101 74.87 -57.34 -35.26
N SER EB 102 73.55 -57.29 -35.13
CA SER EB 102 72.71 -58.45 -35.43
C SER EB 102 71.40 -58.05 -36.07
N ILE EB 103 70.81 -58.99 -36.81
CA ILE EB 103 69.40 -58.98 -37.13
C ILE EB 103 68.76 -60.18 -36.44
N LYS EB 104 67.81 -59.93 -35.54
CA LYS EB 104 67.04 -60.94 -34.81
C LYS EB 104 65.63 -61.00 -35.39
N ASN EB 105 65.14 -62.18 -35.72
CA ASN EB 105 63.70 -62.42 -35.94
C ASN EB 105 63.15 -63.21 -34.76
N ILE EB 106 62.06 -62.75 -34.16
CA ILE EB 106 61.40 -63.42 -33.04
C ILE EB 106 60.08 -64.01 -33.50
N SER EB 107 59.86 -65.28 -33.20
CA SER EB 107 58.61 -66.01 -33.44
C SER EB 107 58.26 -66.80 -32.19
N LEU EB 108 57.00 -67.20 -32.04
CA LEU EB 108 56.56 -68.01 -30.90
C LEU EB 108 57.34 -69.33 -30.78
N TYR EB 109 57.76 -69.93 -31.89
CA TYR EB 109 58.65 -71.08 -31.85
C TYR EB 109 60.07 -70.73 -31.39
N ALA EB 110 60.63 -69.59 -31.80
CA ALA EB 110 61.90 -69.12 -31.27
C ALA EB 110 61.80 -68.78 -29.77
N LEU EB 111 60.68 -68.24 -29.29
CA LEU EB 111 60.44 -68.05 -27.87
C LEU EB 111 60.37 -69.37 -27.10
N TYR EB 112 59.75 -70.41 -27.66
CA TYR EB 112 59.80 -71.76 -27.10
C TYR EB 112 61.22 -72.32 -27.09
N GLN EB 113 62.02 -72.13 -28.15
CA GLN EB 113 63.42 -72.56 -28.15
C GLN EB 113 64.25 -71.82 -27.08
N GLU EB 114 64.03 -70.54 -26.86
CA GLU EB 114 64.67 -69.80 -25.77
C GLU EB 114 64.23 -70.31 -24.39
N HIS EB 115 63.04 -70.91 -24.27
CA HIS EB 115 62.57 -71.53 -23.01
C HIS EB 115 63.33 -72.84 -22.76
N ILE EB 116 63.73 -73.55 -23.81
CA ILE EB 116 64.56 -74.76 -23.68
C ILE EB 116 65.99 -74.41 -23.21
N HIS EB 117 66.50 -73.23 -23.58
CA HIS EB 117 67.76 -72.69 -23.03
C HIS EB 117 67.59 -72.03 -21.65
N ALA EB 118 66.39 -72.05 -21.07
CA ALA EB 118 66.03 -71.36 -19.83
C ALA EB 118 66.23 -69.84 -19.87
N HIS EB 119 66.19 -69.23 -21.05
CA HIS EB 119 66.38 -67.79 -21.22
C HIS EB 119 65.10 -66.97 -20.99
N ASN EB 120 63.94 -67.61 -20.89
CA ASN EB 120 62.67 -66.95 -20.60
C ASN EB 120 61.76 -67.80 -19.72
N ILE EB 121 60.73 -67.15 -19.18
CA ILE EB 121 59.60 -67.78 -18.50
C ILE EB 121 58.34 -67.57 -19.33
N PHE EB 122 57.42 -68.54 -19.29
CA PHE EB 122 56.04 -68.35 -19.73
C PHE EB 122 55.18 -68.18 -18.48
N THR EB 123 54.50 -67.04 -18.35
CA THR EB 123 53.69 -66.73 -17.15
C THR EB 123 52.52 -67.69 -16.96
N HIS EB 124 52.08 -68.31 -18.06
CA HIS EB 124 51.04 -69.37 -18.01
C HIS EB 124 51.40 -70.40 -19.07
N THR EB 125 51.30 -71.69 -18.78
CA THR EB 125 51.48 -72.76 -19.78
C THR EB 125 50.39 -72.73 -20.84
N ASN EB 126 50.69 -73.36 -21.98
CA ASN EB 126 49.83 -73.45 -23.15
C ASN EB 126 49.42 -74.89 -23.49
N THR EB 127 49.62 -75.86 -22.59
CA THR EB 127 49.62 -77.29 -22.94
C THR EB 127 48.28 -77.80 -23.48
N ASP EB 128 47.16 -77.27 -22.97
CA ASP EB 128 45.82 -77.77 -23.28
C ASP EB 128 44.88 -76.69 -23.84
N ARG EB 129 45.45 -75.56 -24.29
CA ARG EB 129 44.69 -74.46 -24.95
C ARG EB 129 45.40 -74.24 -26.28
N PRO EB 130 44.88 -74.73 -27.44
CA PRO EB 130 45.61 -74.73 -28.71
C PRO EB 130 45.52 -73.41 -29.48
N LEU EB 131 44.58 -72.52 -29.15
CA LEU EB 131 44.46 -71.21 -29.78
C LEU EB 131 45.40 -70.20 -29.12
N ALA EB 132 45.85 -69.22 -29.90
CA ALA EB 132 46.65 -68.10 -29.45
C ALA EB 132 46.12 -66.78 -30.00
N ARG EB 133 46.23 -65.71 -29.20
CA ARG EB 133 45.83 -64.34 -29.59
C ARG EB 133 46.96 -63.38 -29.19
N TYR EB 134 47.91 -63.12 -30.08
CA TYR EB 134 49.05 -62.23 -29.83
C TYR EB 134 48.62 -60.76 -29.79
N THR EB 135 49.05 -60.02 -28.77
CA THR EB 135 48.58 -58.65 -28.50
C THR EB 135 49.67 -57.60 -28.67
N GLY EB 136 50.92 -58.00 -28.84
CA GLY EB 136 52.06 -57.10 -28.98
C GLY EB 136 53.18 -57.38 -27.99
N CYS EB 137 54.20 -56.55 -28.02
CA CYS EB 137 55.43 -56.74 -27.26
C CYS EB 137 55.81 -55.47 -26.48
N SER EB 138 56.43 -55.62 -25.32
CA SER EB 138 57.20 -54.57 -24.66
C SER EB 138 58.68 -54.92 -24.68
N LEU EB 139 59.52 -53.98 -25.10
CA LEU EB 139 60.98 -54.11 -25.01
C LEU EB 139 61.53 -53.09 -24.02
N LYS EB 140 62.47 -53.48 -23.16
CA LYS EB 140 63.34 -52.60 -22.38
C LYS EB 140 64.77 -52.79 -22.83
N PHE EB 141 65.35 -51.76 -23.45
CA PHE EB 141 66.72 -51.77 -23.92
C PHE EB 141 67.60 -51.18 -22.84
N TYR EB 142 68.61 -51.90 -22.36
CA TYR EB 142 69.47 -51.44 -21.28
C TYR EB 142 70.71 -50.72 -21.80
N GLN EB 143 71.11 -49.65 -21.12
CA GLN EB 143 72.43 -49.07 -21.33
C GLN EB 143 73.50 -50.10 -20.99
N SER EB 144 74.40 -50.38 -21.93
CA SER EB 144 75.61 -51.13 -21.61
C SER EB 144 76.58 -50.27 -20.79
N LYS EB 145 77.51 -50.91 -20.10
CA LYS EB 145 78.54 -50.18 -19.35
C LYS EB 145 79.48 -49.40 -20.27
N ASP EB 146 80.05 -50.08 -21.27
CA ASP EB 146 81.20 -49.59 -22.05
C ASP EB 146 80.89 -49.17 -23.50
N ILE EB 147 79.75 -49.58 -24.07
CA ILE EB 147 79.48 -49.35 -25.52
C ILE EB 147 78.09 -48.76 -25.76
N ASP EB 148 77.97 -47.85 -26.73
CA ASP EB 148 76.66 -47.27 -27.11
C ASP EB 148 76.09 -48.22 -28.16
N TYR EB 149 74.85 -48.04 -28.60
CA TYR EB 149 74.34 -48.90 -29.71
C TYR EB 149 73.03 -48.37 -30.27
N VAL EB 150 72.86 -48.48 -31.58
CA VAL EB 150 71.64 -48.07 -32.29
C VAL EB 150 70.77 -49.30 -32.45
N VAL EB 151 69.47 -49.17 -32.20
CA VAL EB 151 68.46 -50.18 -32.53
C VAL EB 151 67.48 -49.60 -33.53
N THR EB 152 67.02 -50.42 -34.46
CA THR EB 152 65.74 -50.17 -35.13
C THR EB 152 65.01 -51.49 -35.32
N TYR EB 153 63.69 -51.48 -35.33
CA TYR EB 153 62.88 -52.68 -35.38
C TYR EB 153 61.78 -52.54 -36.42
N SER EB 154 61.28 -53.67 -36.90
CA SER EB 154 60.21 -53.71 -37.89
C SER EB 154 59.24 -54.82 -37.57
N THR EB 155 58.00 -54.73 -38.09
CA THR EB 155 56.99 -55.81 -37.91
C THR EB 155 56.26 -56.05 -39.23
N SER EB 156 56.86 -55.67 -40.37
CA SER EB 156 56.26 -56.03 -41.67
C SER EB 156 56.24 -57.56 -41.74
N LEU EB 157 55.05 -58.19 -41.68
CA LEU EB 157 54.97 -59.67 -41.62
C LEU EB 157 55.90 -60.27 -42.69
N PRO EB 158 55.93 -59.79 -43.96
CA PRO EB 158 56.87 -60.31 -44.93
C PRO EB 158 58.29 -60.16 -44.40
N LEU EB 159 58.99 -61.29 -44.19
CA LEU EB 159 60.38 -61.28 -43.66
C LEU EB 159 61.36 -61.63 -44.78
N ARG EB 160 62.38 -60.79 -45.00
CA ARG EB 160 63.40 -61.04 -46.04
C ARG EB 160 64.67 -60.24 -45.71
N SER EB 161 65.82 -60.62 -46.29
CA SER EB 161 67.11 -59.90 -46.09
C SER EB 161 67.47 -59.18 -47.39
N SER EB 162 68.25 -58.09 -47.29
CA SER EB 162 68.66 -57.31 -48.50
C SER EB 162 70.10 -56.84 -48.36
N MET EB 163 70.79 -56.62 -49.47
CA MET EB 163 72.15 -56.09 -49.48
C MET EB 163 72.22 -54.67 -48.90
N GLY EB 164 71.23 -53.84 -49.22
CA GLY EB 164 71.08 -52.49 -48.66
C GLY EB 164 70.79 -52.51 -47.15
N MET EB 165 70.02 -53.48 -46.65
CA MET EB 165 69.84 -53.65 -45.21
C MET EB 165 71.18 -53.91 -44.52
N TYR EB 166 71.96 -54.88 -44.99
CA TYR EB 166 73.24 -55.22 -44.35
C TYR EB 166 74.26 -54.08 -44.42
N ASN EB 167 74.35 -53.35 -45.53
CA ASN EB 167 75.19 -52.15 -45.57
C ASN EB 167 74.67 -51.07 -44.62
N SER EB 168 73.34 -50.85 -44.56
CA SER EB 168 72.76 -49.85 -43.66
C SER EB 168 72.92 -50.17 -42.18
N MET EB 169 73.35 -51.38 -41.80
CA MET EB 169 73.77 -51.69 -40.44
C MET EB 169 75.06 -50.98 -40.02
N GLN EB 170 75.82 -50.38 -40.94
CA GLN EB 170 77.03 -49.64 -40.60
C GLN EB 170 76.66 -48.55 -39.59
N PRO EB 171 77.40 -48.38 -38.48
CA PRO EB 171 76.92 -47.58 -37.35
C PRO EB 171 76.53 -46.15 -37.68
N SER EB 172 77.29 -45.47 -38.54
CA SER EB 172 76.97 -44.11 -38.98
C SER EB 172 75.70 -44.06 -39.84
N ILE EB 173 75.51 -45.03 -40.73
CA ILE EB 173 74.33 -45.10 -41.59
C ILE EB 173 73.09 -45.47 -40.79
N HIS EB 174 73.17 -46.45 -39.90
CA HIS EB 174 72.08 -46.83 -39.02
C HIS EB 174 71.70 -45.66 -38.10
N LEU EB 175 72.67 -44.95 -37.53
CA LEU EB 175 72.42 -43.76 -36.74
C LEU EB 175 71.74 -42.62 -37.52
N MET EB 176 71.85 -42.55 -38.84
CA MET EB 176 71.10 -41.57 -39.63
C MET EB 176 69.65 -41.96 -39.92
N GLN EB 177 69.28 -43.23 -39.83
CA GLN EB 177 67.94 -43.69 -40.20
C GLN EB 177 66.83 -43.12 -39.33
N GLN EB 178 65.63 -42.99 -39.89
CA GLN EB 178 64.43 -42.62 -39.15
C GLN EB 178 63.93 -43.78 -38.28
N ASN EB 179 63.27 -43.45 -37.17
CA ASN EB 179 62.77 -44.42 -36.18
C ASN EB 179 63.87 -45.35 -35.64
N LYS EB 180 65.11 -44.83 -35.57
CA LYS EB 180 66.18 -45.38 -34.74
C LYS EB 180 65.87 -45.16 -33.27
N LEU EB 181 66.52 -45.95 -32.42
CA LEU EB 181 66.68 -45.71 -31.00
C LEU EB 181 68.17 -45.74 -30.70
N ILE EB 182 68.72 -44.70 -30.12
CA ILE EB 182 70.12 -44.67 -29.66
C ILE EB 182 70.11 -44.94 -28.17
N VAL EB 183 70.94 -45.90 -27.75
CA VAL EB 183 71.15 -46.20 -26.33
C VAL EB 183 72.59 -45.84 -25.98
N PRO EB 184 72.84 -44.68 -25.33
CA PRO EB 184 74.16 -44.33 -24.85
C PRO EB 184 74.59 -45.32 -23.77
N SER EB 185 75.87 -45.61 -23.68
CA SER EB 185 76.44 -46.32 -22.55
C SER EB 185 76.25 -45.53 -21.25
N LYS EB 186 76.37 -46.21 -20.10
CA LYS EB 186 76.35 -45.53 -18.79
C LYS EB 186 77.50 -44.54 -18.64
N GLN EB 187 78.62 -44.78 -19.32
CA GLN EB 187 79.74 -43.85 -19.41
C GLN EB 187 79.41 -42.58 -20.22
N THR EB 188 78.79 -42.70 -21.39
CA THR EB 188 78.49 -41.52 -22.22
C THR EB 188 77.29 -40.71 -21.72
N GLN EB 189 76.31 -41.32 -21.05
CA GLN EB 189 75.22 -40.58 -20.40
C GLN EB 189 74.65 -41.32 -19.19
N LYS EB 190 74.75 -40.73 -18.00
CA LYS EB 190 73.98 -41.15 -16.82
C LYS EB 190 72.52 -40.70 -16.96
N ARG EB 191 71.57 -41.59 -16.66
CA ARG EB 191 70.13 -41.37 -16.88
C ARG EB 191 69.33 -41.67 -15.61
N ARG EB 192 68.14 -41.10 -15.48
CA ARG EB 192 67.19 -41.41 -14.40
C ARG EB 192 66.78 -42.89 -14.43
N LYS EB 193 66.29 -43.35 -15.58
CA LYS EB 193 65.99 -44.77 -15.82
C LYS EB 193 67.14 -45.39 -16.62
N PRO EB 194 67.70 -46.53 -16.21
CA PRO EB 194 68.87 -47.14 -16.85
C PRO EB 194 68.54 -47.89 -18.16
N TYR EB 195 67.33 -47.73 -18.69
CA TYR EB 195 66.81 -48.41 -19.86
C TYR EB 195 65.89 -47.49 -20.65
N ILE EB 196 65.66 -47.82 -21.92
CA ILE EB 196 64.63 -47.18 -22.75
C ILE EB 196 63.56 -48.22 -23.07
N LYS EB 197 62.30 -47.91 -22.78
CA LYS EB 197 61.16 -48.82 -22.89
C LYS EB 197 60.25 -48.38 -24.02
N LYS EB 198 59.85 -49.32 -24.90
CA LYS EB 198 58.79 -49.06 -25.87
C LYS EB 198 57.97 -50.28 -26.24
N HIS EB 199 56.71 -50.00 -26.57
CA HIS EB 199 55.70 -51.00 -26.91
C HIS EB 199 55.60 -51.12 -28.43
N ILE EB 200 55.55 -52.35 -28.91
CA ILE EB 200 55.53 -52.68 -30.34
C ILE EB 200 54.25 -53.46 -30.64
N SER EB 201 53.47 -52.98 -31.59
CA SER EB 201 52.20 -53.57 -32.01
C SER EB 201 52.43 -54.84 -32.85
N PRO EB 202 51.49 -55.79 -32.96
CA PRO EB 202 51.63 -56.93 -33.86
C PRO EB 202 51.89 -56.54 -35.31
N PRO EB 203 52.47 -57.44 -36.14
CA PRO EB 203 52.50 -57.27 -37.58
C PRO EB 203 51.12 -56.93 -38.13
N THR EB 204 51.03 -56.08 -39.16
CA THR EB 204 49.71 -55.69 -39.71
C THR EB 204 48.92 -56.88 -40.25
N GLN EB 205 49.63 -57.95 -40.65
CA GLN EB 205 49.00 -59.21 -41.15
C GLN EB 205 48.49 -60.07 -40.00
N MET EB 206 49.04 -59.92 -38.79
CA MET EB 206 48.52 -60.58 -37.59
C MET EB 206 47.36 -59.75 -37.03
N LYS EB 207 46.13 -60.13 -37.33
CA LYS EB 207 44.92 -59.42 -36.85
C LYS EB 207 44.64 -59.80 -35.40
N SER EB 208 43.70 -59.12 -34.75
CA SER EB 208 43.36 -59.40 -33.34
C SER EB 208 42.64 -60.74 -33.12
N GLN EB 209 42.26 -61.44 -34.19
CA GLN EB 209 41.60 -62.74 -34.13
C GLN EB 209 42.43 -63.82 -33.40
N TRP EB 210 41.78 -64.90 -32.98
CA TRP EB 210 42.45 -66.12 -32.54
C TRP EB 210 43.05 -66.89 -33.72
N TYR EB 211 44.19 -67.53 -33.50
CA TYR EB 211 44.87 -68.39 -34.45
C TYR EB 211 45.31 -69.68 -33.77
N PHE EB 212 45.26 -70.83 -34.42
CA PHE EB 212 45.92 -72.01 -33.89
C PHE EB 212 47.41 -71.77 -33.69
N GLN EB 213 47.95 -72.18 -32.55
CA GLN EB 213 49.40 -71.99 -32.24
C GLN EB 213 50.27 -72.72 -33.26
N HIS EB 214 49.79 -73.81 -33.88
CA HIS EB 214 50.54 -74.55 -34.93
C HIS EB 214 50.72 -73.66 -36.17
N ASN EB 215 49.73 -72.83 -36.50
CA ASN EB 215 49.79 -71.98 -37.68
C ASN EB 215 50.74 -70.79 -37.47
N ILE EB 216 50.61 -70.08 -36.35
CA ILE EB 216 51.42 -68.89 -36.06
C ILE EB 216 52.80 -69.18 -35.48
N ALA EB 217 53.13 -70.42 -35.11
CA ALA EB 217 54.38 -70.77 -34.45
C ALA EB 217 55.62 -70.17 -35.12
N ASN EB 218 55.73 -70.30 -36.45
CA ASN EB 218 56.91 -69.86 -37.21
C ASN EB 218 56.79 -68.47 -37.84
N ILE EB 219 55.64 -67.80 -37.75
CA ILE EB 219 55.45 -66.44 -38.29
C ILE EB 219 56.33 -65.46 -37.50
N PRO EB 220 57.26 -64.72 -38.13
CA PRO EB 220 58.13 -63.80 -37.41
C PRO EB 220 57.35 -62.56 -37.00
N LEU EB 221 57.13 -62.35 -35.69
CA LEU EB 221 56.26 -61.27 -35.16
C LEU EB 221 57.06 -59.99 -34.83
N LEU EB 222 58.38 -60.06 -34.84
CA LEU EB 222 59.25 -58.91 -34.62
C LEU EB 222 60.60 -59.13 -35.29
N MET EB 223 61.15 -58.10 -35.94
CA MET EB 223 62.57 -58.01 -36.29
C MET EB 223 63.25 -56.91 -35.48
N ILE EB 224 64.37 -57.22 -34.83
CA ILE EB 224 65.22 -56.22 -34.17
C ILE EB 224 66.56 -56.16 -34.92
N ARG EB 225 66.98 -54.97 -35.34
CA ARG EB 225 68.30 -54.69 -35.92
C ARG EB 225 69.10 -53.86 -34.95
N THR EB 226 70.30 -54.30 -34.59
CA THR EB 226 71.17 -53.58 -33.63
C THR EB 226 72.58 -53.48 -34.16
N THR EB 227 73.25 -52.35 -33.97
CA THR EB 227 74.67 -52.16 -34.31
C THR EB 227 75.41 -51.46 -33.17
N ALA EB 228 76.62 -51.89 -32.86
CA ALA EB 228 77.50 -51.29 -31.87
C ALA EB 228 78.15 -50.00 -32.39
N LEU EB 229 78.30 -49.01 -31.52
CA LEU EB 229 78.51 -47.61 -31.87
C LEU EB 229 79.47 -46.94 -30.86
N THR EB 230 80.15 -45.87 -31.25
CA THR EB 230 80.57 -44.87 -30.27
C THR EB 230 80.19 -43.47 -30.69
N LEU EB 231 79.59 -42.72 -29.78
CA LEU EB 231 79.23 -41.32 -29.97
C LEU EB 231 80.41 -40.36 -29.71
N ASP EB 232 81.21 -40.62 -28.68
CA ASP EB 232 82.34 -39.78 -28.28
C ASP EB 232 83.63 -39.96 -29.11
N ASN EB 233 83.75 -41.09 -29.82
CA ASN EB 233 84.89 -41.41 -30.68
C ASN EB 233 84.43 -41.60 -32.13
N TYR EB 234 83.36 -40.92 -32.53
CA TYR EB 234 82.67 -41.17 -33.80
C TYR EB 234 83.59 -41.11 -35.03
N TYR EB 235 84.49 -40.12 -35.11
CA TYR EB 235 85.40 -39.99 -36.25
C TYR EB 235 86.70 -40.75 -36.06
N ILE EB 236 87.37 -40.58 -34.92
CA ILE EB 236 88.66 -41.22 -34.65
C ILE EB 236 88.51 -42.74 -34.53
N GLY EB 237 87.45 -43.21 -33.87
CA GLY EB 237 87.17 -44.63 -33.66
C GLY EB 237 88.30 -45.29 -32.91
N SER EB 238 88.98 -46.24 -33.55
CA SER EB 238 90.19 -46.88 -33.04
C SER EB 238 91.45 -46.60 -33.88
N ARG EB 239 91.46 -45.52 -34.66
CA ARG EB 239 92.62 -45.04 -35.42
C ARG EB 239 93.85 -44.89 -34.54
N GLN EB 240 95.00 -45.30 -35.06
CA GLN EB 240 96.32 -45.09 -34.46
C GLN EB 240 97.24 -44.42 -35.48
N LEU EB 241 98.06 -43.46 -35.06
CA LEU EB 241 98.94 -42.68 -35.94
C LEU EB 241 98.16 -42.01 -37.10
N SER EB 242 98.53 -42.25 -38.35
CA SER EB 242 97.91 -41.66 -39.55
C SER EB 242 96.45 -42.03 -39.73
N THR EB 243 95.68 -41.21 -40.45
CA THR EB 243 94.32 -41.56 -40.89
C THR EB 243 94.31 -42.72 -41.90
N ASN EB 244 95.40 -42.90 -42.66
CA ASN EB 244 95.56 -43.98 -43.62
C ASN EB 244 95.65 -45.35 -42.91
N VAL EB 245 94.93 -46.34 -43.43
CA VAL EB 245 95.05 -47.75 -43.05
C VAL EB 245 95.83 -48.50 -44.15
N THR EB 246 96.67 -49.44 -43.77
CA THR EB 246 97.42 -50.27 -44.72
C THR EB 246 96.68 -51.57 -45.00
N ILE EB 247 96.43 -51.85 -46.27
CA ILE EB 247 95.80 -53.09 -46.76
C ILE EB 247 96.89 -53.93 -47.43
N HIS EB 248 96.97 -55.22 -47.10
CA HIS EB 248 97.88 -56.14 -47.83
C HIS EB 248 97.03 -56.74 -48.95
N THR EB 249 97.59 -57.06 -50.11
CA THR EB 249 96.87 -57.74 -51.20
C THR EB 249 97.77 -58.67 -51.99
N LEU EB 250 97.16 -59.63 -52.70
CA LEU EB 250 97.93 -60.50 -53.62
C LEU EB 250 98.20 -59.68 -54.89
N ASN EB 251 99.46 -59.55 -55.31
CA ASN EB 251 99.76 -58.87 -56.60
C ASN EB 251 98.80 -59.45 -57.63
N THR EB 252 97.99 -58.63 -58.29
CA THR EB 252 97.01 -59.09 -59.30
C THR EB 252 97.73 -59.31 -60.60
N THR EB 253 98.79 -58.55 -60.88
CA THR EB 253 99.52 -58.58 -62.16
C THR EB 253 100.41 -59.82 -62.34
N TYR EB 254 100.49 -60.71 -61.34
CA TYR EB 254 101.31 -61.93 -61.39
C TYR EB 254 100.61 -63.16 -60.81
N ILE EB 255 99.88 -63.03 -59.71
CA ILE EB 255 99.16 -64.13 -59.05
C ILE EB 255 97.71 -64.16 -59.58
N GLN EB 256 97.38 -65.01 -60.56
CA GLN EB 256 96.00 -64.97 -61.11
C GLN EB 256 95.41 -66.37 -61.36
N ASN EB 257 96.23 -67.43 -61.32
CA ASN EB 257 95.71 -68.73 -61.75
C ASN EB 257 94.67 -69.36 -60.83
N ARG EB 258 94.64 -69.00 -59.54
CA ARG EB 258 93.64 -69.50 -58.56
C ARG EB 258 93.58 -71.04 -58.51
N ASP EB 259 94.70 -71.73 -58.79
CA ASP EB 259 94.76 -73.20 -58.74
C ASP EB 259 95.28 -73.70 -57.37
N TRP EB 260 94.59 -73.33 -56.29
CA TRP EB 260 95.10 -73.49 -54.92
C TRP EB 260 94.68 -74.77 -54.20
N GLY EB 261 95.49 -75.16 -53.20
CA GLY EB 261 95.11 -76.14 -52.20
C GLY EB 261 95.26 -77.61 -52.61
N ASP EB 262 96.25 -77.93 -53.45
CA ASP EB 262 96.68 -79.31 -53.75
C ASP EB 262 98.20 -79.48 -53.57
N ARG EB 263 98.64 -80.63 -53.05
CA ARG EB 263 100.08 -80.99 -53.03
C ARG EB 263 100.30 -81.87 -54.29
N ASN EB 264 99.23 -82.13 -55.06
CA ASN EB 264 99.24 -82.99 -56.25
C ASN EB 264 99.45 -82.20 -57.56
N LYS EB 265 99.83 -80.93 -57.49
CA LYS EB 265 99.93 -80.00 -58.63
C LYS EB 265 101.09 -79.03 -58.44
N THR EB 266 102.02 -78.96 -59.39
CA THR EB 266 103.06 -77.91 -59.40
C THR EB 266 102.41 -76.55 -59.67
N TYR EB 267 102.59 -75.59 -58.77
CA TYR EB 267 101.91 -74.29 -58.89
C TYR EB 267 102.58 -73.38 -59.91
N TYR EB 268 101.75 -72.70 -60.69
CA TYR EB 268 102.13 -71.70 -61.69
C TYR EB 268 101.24 -70.48 -61.47
N CYS EB 269 101.81 -69.28 -61.47
CA CYS EB 269 101.13 -68.09 -60.95
C CYS EB 269 100.24 -67.40 -61.99
N GLN EB 270 100.63 -67.38 -63.26
CA GLN EB 270 99.81 -66.83 -64.36
C GLN EB 270 100.02 -67.59 -65.68
N THR EB 271 99.05 -67.48 -66.56
CA THR EB 271 99.17 -67.82 -67.98
C THR EB 271 99.09 -66.55 -68.83
N LEU EB 272 99.96 -66.41 -69.83
CA LEU EB 272 99.85 -65.35 -70.85
C LEU EB 272 100.04 -65.99 -72.23
N GLY EB 273 99.15 -65.70 -73.18
CA GLY EB 273 99.09 -66.43 -74.44
C GLY EB 273 98.92 -67.94 -74.21
N THR EB 274 99.89 -68.74 -74.66
CA THR EB 274 100.00 -70.18 -74.37
C THR EB 274 100.89 -70.52 -73.17
N GLN EB 275 101.68 -69.55 -72.65
CA GLN EB 275 102.70 -69.79 -71.64
C GLN EB 275 102.12 -70.05 -70.24
N ARG EB 276 102.94 -70.63 -69.36
CA ARG EB 276 102.77 -70.66 -67.91
C ARG EB 276 103.98 -70.00 -67.26
N TYR EB 277 103.76 -69.29 -66.16
CA TYR EB 277 104.82 -68.60 -65.40
C TYR EB 277 104.91 -69.17 -63.98
N PHE EB 278 106.13 -69.20 -63.46
CA PHE EB 278 106.52 -69.96 -62.28
C PHE EB 278 107.36 -69.09 -61.35
N LEU EB 279 107.30 -69.41 -60.07
CA LEU EB 279 107.96 -68.69 -58.99
C LEU EB 279 109.01 -69.60 -58.34
N TYR EB 280 110.14 -69.03 -57.94
CA TYR EB 280 111.20 -69.74 -57.22
C TYR EB 280 111.73 -68.89 -56.07
N GLY EB 281 111.92 -69.47 -54.90
CA GLY EB 281 112.56 -68.80 -53.76
C GLY EB 281 114.07 -69.01 -53.79
N THR EB 282 114.84 -68.11 -53.20
CA THR EB 282 116.26 -68.36 -52.94
C THR EB 282 116.73 -67.69 -51.66
N HIS EB 283 117.74 -68.27 -51.01
CA HIS EB 283 118.39 -67.63 -49.83
C HIS EB 283 119.69 -66.97 -50.32
N SER EB 284 119.94 -66.99 -51.64
CA SER EB 284 121.18 -66.45 -52.21
C SER EB 284 121.35 -64.96 -51.91
N THR EB 285 122.59 -64.59 -51.58
CA THR EB 285 123.03 -63.19 -51.43
C THR EB 285 123.40 -62.54 -52.77
N ALA EB 286 123.30 -63.27 -53.89
CA ALA EB 286 123.64 -62.76 -55.22
C ALA EB 286 122.83 -61.50 -55.57
N GLN EB 287 123.52 -60.44 -56.00
CA GLN EB 287 122.90 -59.16 -56.32
C GLN EB 287 122.29 -59.14 -57.74
N ASN EB 288 122.80 -59.96 -58.66
CA ASN EB 288 122.40 -59.93 -60.06
C ASN EB 288 121.55 -61.16 -60.42
N ILE EB 289 120.34 -60.92 -60.93
CA ILE EB 289 119.38 -61.97 -61.31
C ILE EB 289 119.93 -62.92 -62.39
N ASN EB 290 120.89 -62.47 -63.20
CA ASN EB 290 121.48 -63.30 -64.25
C ASN EB 290 122.39 -64.41 -63.71
N ASP EB 291 123.20 -64.15 -62.68
CA ASP EB 291 124.27 -65.10 -62.21
C ASP EB 291 123.84 -66.12 -61.16
N ILE EB 292 122.63 -66.02 -60.60
CA ILE EB 292 122.11 -67.05 -59.69
C ILE EB 292 122.17 -68.42 -60.38
N LYS EB 293 122.53 -69.47 -59.65
CA LYS EB 293 122.66 -70.83 -60.19
C LYS EB 293 121.28 -71.43 -60.52
N LEU EB 294 121.27 -72.61 -61.14
CA LEU EB 294 119.99 -73.36 -61.33
C LEU EB 294 119.72 -74.05 -59.98
N GLN EB 295 120.75 -74.24 -59.15
CA GLN EB 295 120.64 -74.91 -57.82
C GLN EB 295 120.02 -73.98 -56.77
N GLU EB 296 120.41 -72.71 -56.74
CA GLU EB 296 119.95 -71.76 -55.69
C GLU EB 296 118.42 -71.75 -55.60
N LEU EB 297 117.72 -71.79 -56.74
CA LEU EB 297 116.24 -71.67 -56.76
C LEU EB 297 115.56 -72.80 -55.97
N ILE EB 298 114.54 -72.47 -55.17
CA ILE EB 298 113.73 -73.47 -54.40
C ILE EB 298 112.37 -73.49 -55.11
N PRO EB 299 112.10 -74.43 -56.03
CA PRO EB 299 110.91 -74.39 -56.86
C PRO EB 299 109.69 -74.65 -55.99
N LEU EB 300 108.52 -74.13 -56.38
CA LEU EB 300 107.27 -74.28 -55.58
C LEU EB 300 106.37 -75.32 -56.25
N THR EB 301 106.20 -76.50 -55.64
CA THR EB 301 105.38 -77.61 -56.18
C THR EB 301 104.17 -77.82 -55.30
N ASN EB 302 104.01 -77.02 -54.24
CA ASN EB 302 102.86 -77.09 -53.35
C ASN EB 302 102.34 -75.69 -53.07
N THR EB 303 101.02 -75.48 -53.00
CA THR EB 303 100.45 -74.28 -52.34
C THR EB 303 99.71 -74.59 -51.05
N GLN EB 304 99.28 -75.86 -50.88
CA GLN EB 304 98.40 -76.30 -49.76
C GLN EB 304 99.06 -76.30 -48.36
N ASP EB 305 100.37 -76.15 -48.26
CA ASP EB 305 101.04 -76.24 -46.93
C ASP EB 305 101.73 -74.95 -46.49
N TYR EB 306 101.99 -74.83 -45.20
CA TYR EB 306 102.78 -73.71 -44.65
C TYR EB 306 104.29 -73.85 -44.91
N VAL EB 307 104.74 -75.00 -45.42
CA VAL EB 307 106.16 -75.37 -45.51
C VAL EB 307 106.98 -74.35 -46.32
N GLN EB 308 108.16 -74.00 -45.82
CA GLN EB 308 109.11 -73.07 -46.47
C GLN EB 308 109.87 -73.71 -47.63
N GLY EB 309 110.03 -75.04 -47.59
CA GLY EB 309 111.00 -75.75 -48.41
C GLY EB 309 112.42 -75.58 -47.85
N PHE EB 310 113.42 -75.98 -48.62
CA PHE EB 310 114.84 -75.81 -48.30
C PHE EB 310 115.69 -75.81 -49.56
N ASP EB 311 116.91 -75.31 -49.43
CA ASP EB 311 117.88 -75.19 -50.53
C ASP EB 311 118.56 -76.53 -50.87
N TRP EB 312 119.05 -76.68 -52.11
CA TRP EB 312 119.78 -77.85 -52.59
C TRP EB 312 121.06 -78.14 -51.78
N THR EB 313 121.63 -77.14 -51.10
CA THR EB 313 122.73 -77.33 -50.15
C THR EB 313 122.37 -78.25 -48.97
N GLU EB 314 121.08 -78.49 -48.70
CA GLU EB 314 120.61 -79.44 -47.68
C GLU EB 314 120.26 -80.83 -48.26
N LYS EB 315 120.67 -81.13 -49.51
CA LYS EB 315 120.53 -82.45 -50.15
C LYS EB 315 120.90 -83.61 -49.21
N ASP EB 316 122.04 -83.49 -48.53
CA ASP EB 316 122.55 -84.52 -47.62
C ASP EB 316 121.82 -84.57 -46.26
N LYS EB 317 121.04 -83.56 -45.88
CA LYS EB 317 120.23 -83.58 -44.65
C LYS EB 317 118.93 -84.36 -44.81
N HIS EB 318 118.40 -84.43 -46.06
CA HIS EB 318 117.14 -85.14 -46.40
C HIS EB 318 117.43 -86.30 -47.35
N ASN EB 319 118.64 -86.84 -47.35
CA ASN EB 319 119.05 -88.02 -48.14
C ASN EB 319 118.57 -87.94 -49.61
N ILE EB 320 118.54 -86.74 -50.18
CA ILE EB 320 118.07 -86.49 -51.54
C ILE EB 320 119.07 -87.05 -52.56
N THR EB 321 118.57 -87.82 -53.53
CA THR EB 321 119.39 -88.41 -54.60
C THR EB 321 119.25 -87.68 -55.94
N THR EB 322 118.13 -86.99 -56.17
CA THR EB 322 117.82 -86.35 -57.46
C THR EB 322 117.04 -85.03 -57.27
N TYR EB 323 117.02 -84.19 -58.30
CA TYR EB 323 116.16 -83.00 -58.31
C TYR EB 323 114.68 -83.37 -58.16
N LYS EB 324 114.23 -84.55 -58.60
CA LYS EB 324 112.88 -85.08 -58.33
C LYS EB 324 112.60 -85.20 -56.83
N GLU EB 325 113.55 -85.71 -56.03
CA GLU EB 325 113.43 -85.72 -54.57
C GLU EB 325 113.61 -84.33 -53.93
N PHE EB 326 114.41 -83.45 -54.54
CA PHE EB 326 114.46 -82.04 -54.12
C PHE EB 326 113.12 -81.32 -54.32
N LEU EB 327 112.45 -81.52 -55.46
CA LEU EB 327 111.10 -81.03 -55.75
C LEU EB 327 110.08 -81.52 -54.72
N THR EB 328 110.09 -82.80 -54.36
CA THR EB 328 109.08 -83.35 -53.45
C THR EB 328 109.37 -83.03 -51.99
N LYS EB 329 110.62 -83.15 -51.52
CA LYS EB 329 110.96 -82.86 -50.12
C LYS EB 329 111.17 -81.37 -49.83
N GLY EB 330 111.79 -80.63 -50.75
CA GLY EB 330 112.37 -79.30 -50.49
C GLY EB 330 111.65 -78.12 -51.14
N ALA EB 331 110.60 -78.32 -51.92
CA ALA EB 331 109.85 -77.20 -52.49
C ALA EB 331 109.14 -76.35 -51.43
N GLY EB 332 109.07 -75.04 -51.68
CA GLY EB 332 108.51 -74.05 -50.75
C GLY EB 332 107.12 -73.57 -51.14
N ASN EB 333 106.22 -73.33 -50.19
CA ASN EB 333 104.91 -72.76 -50.51
C ASN EB 333 105.07 -71.23 -50.65
N PRO EB 334 104.55 -70.58 -51.70
CA PRO EB 334 104.81 -69.16 -51.97
C PRO EB 334 104.26 -68.23 -50.89
N PHE EB 335 103.26 -68.71 -50.13
CA PHE EB 335 102.61 -67.99 -49.05
C PHE EB 335 103.24 -68.26 -47.67
N HIS EB 336 104.39 -68.93 -47.57
CA HIS EB 336 105.15 -69.00 -46.33
C HIS EB 336 105.60 -67.60 -45.90
N ALA EB 337 105.79 -67.36 -44.59
CA ALA EB 337 106.00 -66.03 -44.02
C ALA EB 337 107.19 -65.24 -44.58
N GLU EB 338 108.19 -65.90 -45.17
CA GLU EB 338 109.29 -65.20 -45.86
C GLU EB 338 109.06 -65.05 -47.38
N TRP EB 339 108.39 -65.99 -48.04
CA TRP EB 339 108.11 -65.88 -49.48
C TRP EB 339 106.90 -64.97 -49.81
N ILE EB 340 105.91 -64.88 -48.90
CA ILE EB 340 104.67 -64.10 -49.09
C ILE EB 340 104.93 -62.61 -49.39
N THR EB 341 105.93 -62.03 -48.74
CA THR EB 341 106.41 -60.63 -48.94
C THR EB 341 107.84 -60.58 -49.47
N ALA EB 342 108.38 -61.71 -49.92
CA ALA EB 342 109.76 -61.86 -50.39
C ALA EB 342 110.81 -61.26 -49.44
N GLN EB 343 110.69 -61.52 -48.13
CA GLN EB 343 111.69 -61.15 -47.13
C GLN EB 343 113.07 -61.69 -47.53
N ASN EB 344 113.10 -62.94 -47.99
CA ASN EB 344 114.20 -63.51 -48.76
C ASN EB 344 113.77 -63.51 -50.24
N PRO EB 345 114.66 -63.18 -51.21
CA PRO EB 345 114.25 -62.95 -52.59
C PRO EB 345 113.45 -64.09 -53.22
N VAL EB 346 112.49 -63.70 -54.06
CA VAL EB 346 111.60 -64.59 -54.83
C VAL EB 346 111.67 -64.19 -56.30
N ILE EB 347 111.82 -65.16 -57.17
CA ILE EB 347 112.11 -64.98 -58.59
C ILE EB 347 110.94 -65.50 -59.42
N HIS EB 348 110.41 -64.66 -60.31
CA HIS EB 348 109.32 -64.98 -61.24
C HIS EB 348 109.89 -65.21 -62.64
N THR EB 349 109.48 -66.27 -63.34
CA THR EB 349 110.03 -66.63 -64.65
C THR EB 349 109.02 -67.40 -65.51
N ALA EB 350 109.19 -67.35 -66.83
CA ALA EB 350 108.49 -68.25 -67.76
C ALA EB 350 109.09 -69.68 -67.74
N ASN EB 351 110.32 -69.86 -67.25
CA ASN EB 351 110.99 -71.15 -67.33
C ASN EB 351 110.40 -72.17 -66.35
N SER EB 352 109.70 -73.17 -66.91
CA SER EB 352 109.05 -74.21 -66.11
C SER EB 352 110.07 -75.05 -65.34
N PRO EB 353 109.76 -75.49 -64.10
CA PRO EB 353 110.60 -76.41 -63.36
C PRO EB 353 110.94 -77.67 -64.15
N THR EB 354 110.08 -78.14 -65.05
CA THR EB 354 110.36 -79.32 -65.88
C THR EB 354 111.45 -79.07 -66.92
N GLN EB 355 111.63 -77.84 -67.41
CA GLN EB 355 112.82 -77.52 -68.19
C GLN EB 355 114.08 -77.56 -67.31
N ILE EB 356 114.00 -77.07 -66.07
CA ILE EB 356 115.08 -77.22 -65.08
C ILE EB 356 115.31 -78.70 -64.73
N GLU EB 357 114.26 -79.54 -64.65
CA GLU EB 357 114.38 -80.99 -64.47
C GLU EB 357 115.18 -81.59 -65.62
N GLN EB 358 114.86 -81.24 -66.86
CA GLN EB 358 115.60 -81.71 -68.03
C GLN EB 358 117.08 -81.29 -67.95
N ILE EB 359 117.39 -80.06 -67.53
CA ILE EB 359 118.80 -79.63 -67.37
C ILE EB 359 119.50 -80.41 -66.25
N TYR EB 360 118.88 -80.60 -65.08
CA TYR EB 360 119.45 -81.41 -64.00
C TYR EB 360 119.62 -82.88 -64.41
N THR EB 361 118.55 -83.51 -64.88
CA THR EB 361 118.53 -84.96 -65.17
C THR EB 361 119.42 -85.29 -66.37
N ALA EB 362 119.51 -84.41 -67.38
CA ALA EB 362 120.44 -84.61 -68.48
C ALA EB 362 121.90 -84.68 -67.99
N SER EB 363 122.31 -83.80 -67.07
CA SER EB 363 123.54 -83.97 -66.30
C SER EB 363 123.56 -83.15 -65.00
N THR EB 364 123.65 -83.85 -63.87
CA THR EB 364 123.73 -83.27 -62.52
C THR EB 364 125.03 -82.47 -62.31
N THR EB 365 126.10 -82.88 -62.98
CA THR EB 365 127.39 -82.16 -62.96
C THR EB 365 127.32 -80.81 -63.66
N THR EB 366 126.51 -80.67 -64.73
CA THR EB 366 126.30 -79.35 -65.38
C THR EB 366 125.23 -78.51 -64.70
N PHE EB 367 124.42 -79.06 -63.78
CA PHE EB 367 123.53 -78.28 -62.91
C PHE EB 367 124.31 -77.35 -61.96
N GLN EB 368 125.51 -77.78 -61.53
CA GLN EB 368 126.47 -76.93 -60.81
C GLN EB 368 126.96 -75.76 -61.69
N ASN EB 369 127.25 -76.04 -62.97
CA ASN EB 369 127.81 -75.06 -63.90
C ASN EB 369 126.75 -74.05 -64.39
N LYS EB 370 125.54 -74.51 -64.71
CA LYS EB 370 124.48 -73.66 -65.28
C LYS EB 370 123.99 -72.59 -64.29
N LYS EB 371 123.84 -71.38 -64.79
CA LYS EB 371 123.26 -70.21 -64.09
C LYS EB 371 121.94 -69.80 -64.76
N LEU EB 372 121.31 -68.73 -64.28
CA LEU EB 372 120.09 -68.16 -64.86
C LEU EB 372 120.33 -67.53 -66.25
N THR EB 373 121.57 -67.22 -66.62
CA THR EB 373 121.97 -66.97 -68.02
C THR EB 373 121.81 -68.22 -68.89
N ASP EB 374 121.49 -68.02 -70.17
CA ASP EB 374 121.40 -69.08 -71.19
C ASP EB 374 120.45 -70.25 -70.83
N LEU EB 375 119.45 -70.00 -69.98
CA LEU EB 375 118.36 -70.95 -69.72
C LEU EB 375 117.25 -70.84 -70.76
N PRO EB 376 116.42 -71.88 -70.95
CA PRO EB 376 115.23 -71.79 -71.79
C PRO EB 376 114.23 -70.80 -71.21
N THR EB 377 113.55 -70.03 -72.08
CA THR EB 377 112.56 -68.99 -71.71
C THR EB 377 112.94 -68.24 -70.41
N PRO EB 378 114.11 -67.57 -70.32
CA PRO EB 378 114.54 -66.99 -69.06
C PRO EB 378 114.06 -65.60 -68.70
N GLY EB 379 112.78 -65.47 -68.30
CA GLY EB 379 112.22 -64.18 -67.87
C GLY EB 379 112.43 -64.04 -66.37
N TYR EB 380 113.61 -64.35 -65.87
CA TYR EB 380 113.92 -64.29 -64.40
C TYR EB 380 113.84 -62.82 -63.94
N ILE EB 381 112.91 -62.50 -63.04
CA ILE EB 381 112.70 -61.11 -62.52
C ILE EB 381 112.63 -61.21 -60.99
N PHE EB 382 112.55 -60.10 -60.25
CA PHE EB 382 112.35 -60.13 -58.78
C PHE EB 382 110.94 -59.62 -58.50
N ILE EB 383 109.98 -60.51 -58.16
CA ILE EB 383 108.57 -60.12 -57.96
C ILE EB 383 108.11 -60.55 -56.56
N THR EB 384 107.31 -59.72 -55.89
CA THR EB 384 106.77 -60.01 -54.55
C THR EB 384 105.31 -60.48 -54.66
N PRO EB 385 104.92 -61.64 -54.09
CA PRO EB 385 103.53 -62.11 -54.14
C PRO EB 385 102.54 -61.14 -53.48
N THR EB 386 102.98 -60.43 -52.44
CA THR EB 386 102.19 -59.41 -51.74
C THR EB 386 102.67 -58.00 -52.09
N VAL EB 387 101.72 -57.07 -52.19
CA VAL EB 387 101.96 -55.63 -52.12
C VAL EB 387 101.11 -55.03 -50.98
N SER EB 388 101.60 -53.97 -50.33
CA SER EB 388 100.84 -53.21 -49.34
C SER EB 388 100.34 -51.90 -49.94
N LEU EB 389 99.04 -51.66 -49.89
CA LEU EB 389 98.38 -50.43 -50.30
C LEU EB 389 98.08 -49.55 -49.09
N ARG EB 390 97.97 -48.24 -49.29
CA ARG EB 390 97.41 -47.30 -48.30
C ARG EB 390 96.03 -46.84 -48.76
N TYR EB 391 95.05 -46.95 -47.87
CA TYR EB 391 93.68 -46.49 -48.07
C TYR EB 391 93.36 -45.35 -47.11
N ASN EB 392 92.76 -44.27 -47.62
CA ASN EB 392 92.28 -43.17 -46.80
C ASN EB 392 90.77 -43.03 -47.01
N PRO EB 393 89.92 -43.16 -45.98
CA PRO EB 393 88.48 -43.13 -46.15
C PRO EB 393 87.97 -41.76 -46.59
N TYR EB 394 88.68 -40.68 -46.21
CA TYR EB 394 88.24 -39.30 -46.53
C TYR EB 394 88.60 -38.97 -47.97
N LYS EB 395 89.51 -39.75 -48.58
CA LYS EB 395 89.93 -39.55 -49.99
C LYS EB 395 89.09 -40.45 -50.91
N ASP EB 396 88.11 -41.17 -50.36
CA ASP EB 396 87.29 -42.14 -51.14
C ASP EB 396 86.00 -41.48 -51.65
N LEU EB 397 85.76 -41.51 -52.97
CA LEU EB 397 84.60 -40.84 -53.57
C LEU EB 397 83.57 -41.85 -54.12
N ALA EB 398 83.83 -43.15 -54.03
CA ALA EB 398 82.89 -44.19 -54.41
C ALA EB 398 82.37 -44.13 -55.86
N GLU EB 399 83.12 -43.59 -56.82
CA GLU EB 399 82.64 -43.43 -58.20
C GLU EB 399 82.74 -44.73 -59.01
N ARG EB 400 83.73 -45.58 -58.70
CA ARG EB 400 83.97 -46.86 -59.40
C ARG EB 400 84.31 -48.00 -58.44
N ASN EB 401 83.87 -47.87 -57.19
CA ASN EB 401 84.01 -48.91 -56.16
C ASN EB 401 83.12 -50.12 -56.47
N LYS EB 402 83.60 -51.32 -56.16
CA LYS EB 402 82.93 -52.59 -56.50
C LYS EB 402 83.43 -53.71 -55.60
N CYS EB 403 82.64 -54.77 -55.40
CA CYS EB 403 82.95 -55.84 -54.46
C CYS EB 403 82.18 -57.12 -54.81
N TYR EB 404 82.85 -58.28 -54.82
CA TYR EB 404 82.23 -59.58 -55.12
C TYR EB 404 83.10 -60.77 -54.68
N PHE EB 405 82.52 -61.97 -54.63
CA PHE EB 405 83.23 -63.22 -54.33
C PHE EB 405 83.49 -64.04 -55.59
N VAL EB 406 84.69 -64.60 -55.71
CA VAL EB 406 85.10 -65.54 -56.77
C VAL EB 406 85.47 -66.88 -56.14
N ARG EB 407 85.35 -67.97 -56.90
CA ARG EB 407 85.63 -69.34 -56.43
C ARG EB 407 87.15 -69.55 -56.28
N SER EB 408 87.63 -69.92 -55.10
CA SER EB 408 89.06 -70.09 -54.84
C SER EB 408 89.57 -71.45 -55.32
N LYS EB 409 88.94 -72.56 -54.91
CA LYS EB 409 89.25 -73.92 -55.40
C LYS EB 409 88.51 -74.25 -56.69
N ILE EB 410 88.86 -73.58 -57.79
CA ILE EB 410 88.52 -74.02 -59.16
C ILE EB 410 89.64 -73.73 -60.13
N ASN EB 411 89.66 -74.46 -61.24
CA ASN EB 411 90.64 -74.31 -62.32
C ASN EB 411 90.20 -73.21 -63.31
N ALA EB 412 90.05 -71.97 -62.85
CA ALA EB 412 89.67 -70.82 -63.69
C ALA EB 412 90.61 -69.62 -63.50
N HIS EB 413 91.03 -69.03 -64.61
CA HIS EB 413 91.97 -67.92 -64.63
C HIS EB 413 91.29 -66.58 -64.33
N GLY EB 414 92.05 -65.65 -63.77
CA GLY EB 414 91.66 -64.23 -63.66
C GLY EB 414 90.68 -63.93 -62.55
N TRP EB 415 90.41 -62.64 -62.38
CA TRP EB 415 89.71 -62.07 -61.22
C TRP EB 415 88.41 -61.36 -61.57
N ASP EB 416 87.97 -61.42 -62.83
CA ASP EB 416 86.76 -60.68 -63.28
C ASP EB 416 85.54 -61.09 -62.43
N PRO EB 417 84.54 -60.21 -62.23
CA PRO EB 417 83.33 -60.59 -61.50
C PRO EB 417 82.74 -61.78 -62.24
N GLU EB 418 82.41 -62.86 -61.52
CA GLU EB 418 81.92 -64.10 -62.15
C GLU EB 418 80.75 -64.68 -61.34
N GLN EB 419 80.13 -65.76 -61.83
CA GLN EB 419 79.01 -66.41 -61.12
C GLN EB 419 77.87 -65.39 -60.94
N HIS EB 420 77.43 -65.11 -59.71
CA HIS EB 420 76.28 -64.20 -59.45
C HIS EB 420 76.65 -62.75 -59.78
N GLN EB 421 76.02 -62.17 -60.80
CA GLN EB 421 76.25 -60.75 -61.18
C GLN EB 421 75.25 -59.88 -60.40
N GLU EB 422 74.20 -60.48 -59.84
CA GLU EB 422 73.27 -59.74 -58.97
C GLU EB 422 73.82 -59.55 -57.54
N LEU EB 423 74.82 -60.34 -57.15
CA LEU EB 423 75.48 -60.22 -55.85
C LEU EB 423 76.62 -59.20 -55.84
N ILE EB 424 77.04 -58.68 -57.00
CA ILE EB 424 78.03 -57.60 -57.06
C ILE EB 424 77.49 -56.38 -56.31
N ASN EB 425 78.31 -55.83 -55.40
CA ASN EB 425 77.97 -54.61 -54.60
C ASN EB 425 78.81 -53.46 -55.11
N SER EB 426 78.22 -52.32 -55.51
CA SER EB 426 78.91 -51.23 -56.21
C SER EB 426 78.56 -49.85 -55.66
N ASP EB 427 79.42 -48.87 -55.93
CA ASP EB 427 79.15 -47.42 -55.79
C ASP EB 427 78.83 -46.93 -54.36
N LEU EB 428 79.51 -47.49 -53.35
CA LEU EB 428 79.56 -46.96 -51.98
C LEU EB 428 81.03 -46.89 -51.55
N PRO EB 429 81.41 -46.02 -50.60
CA PRO EB 429 82.78 -45.98 -50.11
C PRO EB 429 83.14 -47.31 -49.45
N GLN EB 430 84.37 -47.82 -49.63
CA GLN EB 430 84.80 -49.18 -49.19
C GLN EB 430 84.44 -49.55 -47.74
N TRP EB 431 84.46 -48.61 -46.80
CA TRP EB 431 84.05 -48.86 -45.42
C TRP EB 431 82.55 -49.10 -45.27
N LEU EB 432 81.72 -48.56 -46.16
CA LEU EB 432 80.30 -48.85 -46.23
C LEU EB 432 80.01 -50.05 -47.15
N LEU EB 433 80.72 -50.17 -48.26
CA LEU EB 433 80.52 -51.24 -49.24
C LEU EB 433 80.82 -52.62 -48.65
N LEU EB 434 81.86 -52.76 -47.83
CA LEU EB 434 82.25 -54.03 -47.24
C LEU EB 434 81.42 -54.40 -46.00
N PHE EB 435 80.80 -53.43 -45.31
CA PHE EB 435 80.18 -53.67 -44.01
C PHE EB 435 79.02 -54.67 -44.12
N GLY EB 436 79.12 -55.82 -43.46
CA GLY EB 436 78.10 -56.86 -43.48
C GLY EB 436 77.90 -57.56 -44.84
N TYR EB 437 78.67 -57.23 -45.88
CA TYR EB 437 78.52 -57.84 -47.20
C TYR EB 437 78.83 -59.35 -47.20
N PRO EB 438 79.91 -59.84 -46.58
CA PRO EB 438 80.13 -61.27 -46.44
C PRO EB 438 79.00 -62.02 -45.73
N ASP EB 439 78.39 -61.43 -44.70
CA ASP EB 439 77.26 -62.05 -44.01
C ASP EB 439 75.98 -62.04 -44.84
N TYR EB 440 75.72 -60.99 -45.61
CA TYR EB 440 74.63 -61.01 -46.59
C TYR EB 440 74.81 -62.17 -47.58
N ILE EB 441 76.03 -62.36 -48.07
CA ILE EB 441 76.34 -63.45 -49.00
C ILE EB 441 76.18 -64.82 -48.34
N LYS EB 442 76.69 -65.02 -47.13
CA LYS EB 442 76.49 -66.27 -46.38
C LYS EB 442 75.00 -66.55 -46.15
N ARG EB 443 74.22 -65.56 -45.69
CA ARG EB 443 72.78 -65.74 -45.40
C ARG EB 443 72.01 -65.99 -46.71
N THR EB 444 72.47 -65.41 -47.83
CA THR EB 444 71.86 -65.65 -49.15
C THR EB 444 72.05 -67.10 -49.61
N GLN EB 445 73.13 -67.78 -49.20
CA GLN EB 445 73.33 -69.24 -49.48
C GLN EB 445 73.42 -69.56 -50.99
N ASN EB 446 73.71 -68.57 -51.84
CA ASN EB 446 73.90 -68.80 -53.28
C ASN EB 446 75.32 -69.29 -53.63
N PHE EB 447 76.22 -69.42 -52.64
CA PHE EB 447 77.56 -69.97 -52.79
C PHE EB 447 77.78 -71.15 -51.83
N ALA EB 448 78.68 -72.06 -52.18
CA ALA EB 448 79.09 -73.14 -51.28
C ALA EB 448 79.70 -72.54 -50.01
N LEU EB 449 79.17 -72.94 -48.85
CA LEU EB 449 79.18 -72.12 -47.64
C LEU EB 449 80.57 -71.86 -47.05
N VAL EB 450 81.54 -72.75 -47.30
CA VAL EB 450 82.81 -72.75 -46.56
C VAL EB 450 83.76 -71.63 -46.98
N ASP EB 451 84.34 -70.93 -45.99
CA ASP EB 451 85.24 -69.77 -46.25
C ASP EB 451 86.45 -70.14 -47.12
N THR EB 452 86.86 -71.40 -47.11
CA THR EB 452 88.03 -71.84 -47.85
C THR EB 452 87.82 -71.92 -49.37
N ASN EB 453 86.57 -71.90 -49.84
CA ASN EB 453 86.25 -72.18 -51.24
C ASN EB 453 85.97 -70.90 -52.06
N TYR EB 454 86.04 -69.72 -51.44
CA TYR EB 454 85.85 -68.43 -52.10
C TYR EB 454 86.91 -67.42 -51.66
N ILE EB 455 87.11 -66.40 -52.49
CA ILE EB 455 87.89 -65.20 -52.21
C ILE EB 455 87.00 -63.99 -52.43
N LEU EB 456 87.13 -62.99 -51.58
CA LEU EB 456 86.59 -61.65 -51.75
C LEU EB 456 87.56 -60.78 -52.55
N VAL EB 457 87.04 -60.12 -53.56
CA VAL EB 457 87.75 -59.28 -54.53
C VAL EB 457 87.06 -57.93 -54.59
N ASP EB 458 87.79 -56.81 -54.56
CA ASP EB 458 87.17 -55.48 -54.65
C ASP EB 458 87.99 -54.52 -55.51
N HIS EB 459 87.30 -53.61 -56.19
CA HIS EB 459 87.91 -52.53 -56.96
C HIS EB 459 87.75 -51.21 -56.22
N CYS EB 460 88.82 -50.42 -56.14
CA CYS EB 460 88.81 -49.11 -55.50
C CYS EB 460 89.89 -48.22 -56.16
N PRO EB 461 89.50 -47.17 -56.91
CA PRO EB 461 90.43 -46.20 -57.48
C PRO EB 461 91.28 -45.43 -56.46
N TYR EB 462 90.89 -45.43 -55.17
CA TYR EB 462 91.29 -44.39 -54.22
C TYR EB 462 92.42 -44.79 -53.27
N THR EB 463 93.00 -45.99 -53.38
CA THR EB 463 94.29 -46.25 -52.75
C THR EB 463 95.40 -45.47 -53.47
N ASN EB 464 96.44 -45.07 -52.74
CA ASN EB 464 97.50 -44.22 -53.31
C ASN EB 464 98.38 -44.96 -54.33
N PRO EB 465 98.99 -46.12 -53.99
CA PRO EB 465 99.31 -47.15 -54.99
C PRO EB 465 98.02 -47.86 -55.41
N GLU EB 466 98.04 -48.61 -56.50
CA GLU EB 466 96.87 -49.35 -56.99
C GLU EB 466 97.21 -50.75 -57.48
N LYS EB 467 96.20 -51.61 -57.48
CA LYS EB 467 96.11 -52.86 -58.23
C LYS EB 467 94.68 -52.96 -58.78
N THR EB 468 94.50 -53.52 -59.98
CA THR EB 468 93.22 -53.41 -60.72
C THR EB 468 92.05 -53.94 -59.87
N PRO EB 469 91.99 -55.23 -59.50
CA PRO EB 469 91.33 -55.65 -58.27
C PRO EB 469 92.31 -55.69 -57.10
N PHE EB 470 91.71 -55.77 -55.90
CA PHE EB 470 92.49 -55.99 -54.66
C PHE EB 470 92.09 -57.37 -54.16
N ILE EB 471 93.00 -58.14 -53.57
CA ILE EB 471 92.63 -59.43 -52.92
C ILE EB 471 93.04 -59.25 -51.46
N PRO EB 472 92.28 -58.49 -50.63
CA PRO EB 472 92.75 -58.18 -49.28
C PRO EB 472 93.21 -59.43 -48.54
N LEU EB 473 94.29 -59.35 -47.77
CA LEU EB 473 94.79 -60.44 -46.92
C LEU EB 473 95.08 -59.91 -45.53
N SER EB 474 94.72 -60.67 -44.51
CA SER EB 474 94.93 -60.26 -43.12
C SER EB 474 96.40 -60.33 -42.75
N THR EB 475 96.82 -59.45 -41.84
CA THR EB 475 98.18 -59.43 -41.28
C THR EB 475 98.58 -60.79 -40.74
N SER EB 476 97.66 -61.57 -40.17
CA SER EB 476 97.92 -62.95 -39.73
C SER EB 476 98.38 -63.88 -40.86
N PHE EB 477 97.76 -63.84 -42.04
CA PHE EB 477 98.18 -64.64 -43.20
C PHE EB 477 99.48 -64.13 -43.82
N ILE EB 478 99.68 -62.80 -43.83
CA ILE EB 478 100.92 -62.14 -44.24
C ILE EB 478 102.08 -62.41 -43.26
N GLU EB 479 101.78 -62.83 -42.03
CA GLU EB 479 102.75 -63.19 -40.98
C GLU EB 479 102.78 -64.69 -40.66
N GLY EB 480 102.10 -65.55 -41.41
CA GLY EB 480 102.16 -67.00 -41.20
C GLY EB 480 101.52 -67.47 -39.90
N ARG EB 481 100.24 -67.09 -39.67
CA ARG EB 481 99.52 -67.41 -38.42
C ARG EB 481 98.03 -67.65 -38.69
N SER EB 482 97.35 -68.41 -37.82
CA SER EB 482 95.92 -68.73 -38.01
C SER EB 482 95.02 -67.48 -37.95
N PRO EB 483 93.83 -67.49 -38.60
CA PRO EB 483 93.01 -66.30 -38.84
C PRO EB 483 92.75 -65.38 -37.64
N TYR EB 484 92.55 -65.93 -36.44
CA TYR EB 484 92.35 -65.20 -35.18
C TYR EB 484 93.29 -65.71 -34.07
N SER EB 485 94.55 -65.97 -34.38
CA SER EB 485 95.55 -66.47 -33.42
C SER EB 485 96.48 -65.35 -32.93
N PRO EB 486 96.84 -65.30 -31.64
CA PRO EB 486 97.64 -64.23 -31.06
C PRO EB 486 99.05 -64.16 -31.66
N SER EB 487 99.56 -62.93 -31.82
CA SER EB 487 100.81 -62.61 -32.53
C SER EB 487 102.07 -63.28 -31.97
N ASP EB 488 102.03 -63.82 -30.75
CA ASP EB 488 103.20 -64.56 -30.17
C ASP EB 488 103.45 -65.83 -30.99
N THR EB 489 102.42 -66.33 -31.68
CA THR EB 489 102.49 -67.52 -32.53
C THR EB 489 103.14 -67.18 -33.88
N HIS EB 490 103.97 -68.11 -34.42
CA HIS EB 490 104.69 -67.90 -35.72
C HIS EB 490 104.46 -69.09 -36.66
N GLU EB 491 103.37 -69.85 -36.49
CA GLU EB 491 102.94 -70.94 -37.36
C GLU EB 491 101.41 -71.07 -37.33
N PRO EB 492 100.76 -71.51 -38.42
CA PRO EB 492 99.39 -71.95 -38.35
C PRO EB 492 99.20 -73.15 -37.39
N ASP EB 493 98.02 -73.30 -36.82
CA ASP EB 493 97.56 -74.55 -36.18
C ASP EB 493 97.29 -75.63 -37.24
N GLU EB 494 97.35 -76.92 -36.90
CA GLU EB 494 97.41 -78.01 -37.89
C GLU EB 494 96.35 -77.95 -39.01
N GLU EB 495 95.11 -77.60 -38.69
CA GLU EB 495 94.04 -77.45 -39.68
C GLU EB 495 94.23 -76.25 -40.62
N ASP EB 496 94.93 -75.20 -40.18
CA ASP EB 496 95.39 -74.08 -41.02
C ASP EB 496 96.80 -74.32 -41.59
N GLN EB 497 97.58 -75.28 -41.10
CA GLN EB 497 98.80 -75.72 -41.80
C GLN EB 497 98.43 -76.43 -43.10
N ASN EB 498 97.36 -77.23 -43.07
CA ASN EB 498 96.60 -77.60 -44.26
C ASN EB 498 95.80 -76.39 -44.79
N ARG EB 499 95.49 -76.47 -46.09
CA ARG EB 499 94.69 -75.43 -46.78
C ARG EB 499 95.33 -74.05 -46.62
N TRP EB 500 96.68 -73.95 -46.59
CA TRP EB 500 97.41 -72.67 -46.41
C TRP EB 500 97.49 -71.93 -47.75
N TYR EB 501 96.37 -71.41 -48.24
CA TYR EB 501 96.27 -70.70 -49.52
C TYR EB 501 95.22 -69.58 -49.45
N PRO EB 502 95.28 -68.57 -50.34
CA PRO EB 502 94.32 -67.48 -50.37
C PRO EB 502 92.85 -67.92 -50.39
N CYS EB 503 92.09 -67.52 -49.37
CA CYS EB 503 90.65 -67.72 -49.28
C CYS EB 503 90.06 -66.77 -48.22
N TYR EB 504 88.74 -66.58 -48.25
CA TYR EB 504 88.01 -65.62 -47.42
C TYR EB 504 88.31 -65.77 -45.91
N GLN EB 505 88.61 -66.97 -45.44
CA GLN EB 505 88.94 -67.21 -44.01
C GLN EB 505 90.17 -66.38 -43.59
N TYR EB 506 91.14 -66.19 -44.48
CA TYR EB 506 92.31 -65.37 -44.20
C TYR EB 506 92.12 -63.88 -44.53
N GLN EB 507 91.03 -63.49 -45.21
CA GLN EB 507 90.75 -62.10 -45.54
C GLN EB 507 89.97 -61.34 -44.46
N GLN EB 508 89.33 -62.05 -43.53
CA GLN EB 508 88.33 -61.48 -42.62
C GLN EB 508 88.82 -60.26 -41.82
N GLU EB 509 89.99 -60.34 -41.21
CA GLU EB 509 90.50 -59.24 -40.39
C GLU EB 509 90.85 -58.01 -41.26
N SER EB 510 91.29 -58.19 -42.50
CA SER EB 510 91.58 -57.06 -43.39
C SER EB 510 90.32 -56.27 -43.77
N ILE EB 511 89.22 -56.94 -44.11
CA ILE EB 511 87.99 -56.21 -44.44
C ILE EB 511 87.31 -55.64 -43.20
N ASN EB 512 87.47 -56.27 -42.04
CA ASN EB 512 87.07 -55.64 -40.78
C ASN EB 512 87.87 -54.36 -40.54
N SER EB 513 89.18 -54.38 -40.78
CA SER EB 513 90.05 -53.22 -40.64
C SER EB 513 89.67 -52.07 -41.59
N ILE EB 514 89.27 -52.38 -42.83
CA ILE EB 514 88.71 -51.39 -43.75
C ILE EB 514 87.38 -50.83 -43.22
N CYS EB 515 86.48 -51.65 -42.70
CA CYS EB 515 85.24 -51.17 -42.08
C CYS EB 515 85.48 -50.30 -40.85
N LEU EB 516 86.46 -50.64 -40.01
CA LEU EB 516 86.90 -49.83 -38.87
C LEU EB 516 87.46 -48.46 -39.28
N SER EB 517 87.91 -48.29 -40.52
CA SER EB 517 88.27 -46.95 -41.00
C SER EB 517 87.06 -46.03 -41.17
N GLY EB 518 85.84 -46.58 -41.29
CA GLY EB 518 84.62 -45.82 -41.42
C GLY EB 518 84.13 -45.19 -40.12
N PRO EB 519 83.29 -44.13 -40.19
CA PRO EB 519 82.81 -43.42 -39.03
C PRO EB 519 81.84 -44.24 -38.16
N GLY EB 520 81.73 -43.86 -36.89
CA GLY EB 520 80.86 -44.44 -35.88
C GLY EB 520 81.34 -45.78 -35.30
N THR EB 521 82.33 -46.42 -35.88
CA THR EB 521 82.83 -47.71 -35.42
C THR EB 521 83.54 -47.59 -34.06
N PRO EB 522 83.19 -48.41 -33.06
CA PRO EB 522 83.67 -48.24 -31.70
C PRO EB 522 85.14 -48.62 -31.47
N LYS EB 523 85.72 -48.08 -30.40
CA LYS EB 523 87.03 -48.46 -29.85
C LYS EB 523 86.82 -49.43 -28.68
N ILE EB 524 87.30 -50.66 -28.80
CA ILE EB 524 87.19 -51.67 -27.73
C ILE EB 524 88.60 -52.15 -27.38
N PRO EB 525 89.09 -52.00 -26.13
CA PRO EB 525 90.40 -52.50 -25.75
C PRO EB 525 90.56 -54.00 -26.01
N LYS EB 526 91.75 -54.44 -26.43
CA LYS EB 526 92.02 -55.87 -26.66
C LYS EB 526 91.83 -56.68 -25.38
N GLY EB 527 91.16 -57.82 -25.50
CA GLY EB 527 90.76 -58.67 -24.37
C GLY EB 527 89.45 -58.28 -23.67
N ILE EB 528 88.79 -57.19 -24.08
CA ILE EB 528 87.45 -56.81 -23.58
C ILE EB 528 86.41 -57.17 -24.63
N THR EB 529 85.31 -57.78 -24.20
CA THR EB 529 84.14 -58.04 -25.03
C THR EB 529 83.04 -57.08 -24.63
N ALA EB 530 82.56 -56.26 -25.55
CA ALA EB 530 81.40 -55.42 -25.34
C ALA EB 530 80.12 -56.23 -25.61
N GLU EB 531 79.04 -55.93 -24.90
CA GLU EB 531 77.80 -56.70 -24.95
C GLU EB 531 76.61 -55.74 -24.89
N ALA EB 532 75.47 -56.13 -25.42
CA ALA EB 532 74.20 -55.42 -25.24
C ALA EB 532 73.06 -56.41 -25.05
N LYS EB 533 72.05 -56.04 -24.29
CA LYS EB 533 70.87 -56.87 -24.03
C LYS EB 533 69.59 -56.07 -24.02
N VAL EB 534 68.50 -56.73 -24.36
CA VAL EB 534 67.13 -56.24 -24.21
C VAL EB 534 66.37 -57.19 -23.30
N LYS EB 535 65.47 -56.68 -22.48
CA LYS EB 535 64.45 -57.49 -21.80
C LYS EB 535 63.15 -57.38 -22.57
N TYR EB 536 62.57 -58.49 -22.96
CA TYR EB 536 61.33 -58.54 -23.71
C TYR EB 536 60.19 -59.06 -22.87
N SER EB 537 58.97 -58.68 -23.24
CA SER EB 537 57.74 -59.25 -22.74
C SER EB 537 56.72 -59.33 -23.88
N PHE EB 538 56.53 -60.51 -24.46
CA PHE EB 538 55.51 -60.74 -25.48
C PHE EB 538 54.19 -61.10 -24.83
N ASN EB 539 53.10 -60.45 -25.24
CA ASN EB 539 51.80 -60.64 -24.64
C ASN EB 539 50.94 -61.56 -25.52
N PHE EB 540 50.51 -62.67 -24.95
CA PHE EB 540 49.65 -63.65 -25.60
C PHE EB 540 48.44 -63.95 -24.72
N LYS EB 541 47.40 -64.48 -25.32
CA LYS EB 541 46.35 -65.22 -24.63
C LYS EB 541 46.30 -66.62 -25.22
N TRP EB 542 46.03 -67.62 -24.41
CA TRP EB 542 45.78 -68.99 -24.84
C TRP EB 542 44.30 -69.30 -24.70
N GLY EB 543 43.70 -69.94 -25.70
CA GLY EB 543 42.26 -70.19 -25.75
C GLY EB 543 41.93 -71.65 -25.96
N GLY EB 544 40.85 -72.12 -25.36
CA GLY EB 544 40.39 -73.49 -25.56
C GLY EB 544 39.14 -73.83 -24.76
N ASP EB 545 38.66 -75.05 -24.94
CA ASP EB 545 37.74 -75.69 -24.00
C ASP EB 545 38.47 -76.06 -22.70
N LEU EB 546 37.72 -76.22 -21.61
CA LEU EB 546 38.27 -76.43 -20.27
C LEU EB 546 39.13 -77.72 -20.22
N PRO EB 547 40.36 -77.65 -19.69
CA PRO EB 547 41.26 -78.80 -19.61
C PRO EB 547 41.00 -79.69 -18.38
N PRO EB 548 41.53 -80.92 -18.36
CA PRO EB 548 41.55 -81.80 -17.18
C PRO EB 548 42.60 -81.37 -16.14
N MET EB 549 42.55 -81.96 -14.93
CA MET EB 549 43.42 -81.64 -13.79
C MET EB 549 43.57 -82.84 -12.83
N SER EB 550 44.60 -82.86 -11.97
CA SER EB 550 44.84 -83.94 -10.99
C SER EB 550 45.25 -83.42 -9.60
N THR EB 551 45.18 -84.28 -8.58
CA THR EB 551 45.28 -83.92 -7.15
C THR EB 551 46.20 -84.86 -6.37
N ILE EB 552 46.62 -84.42 -5.18
CA ILE EB 552 47.61 -85.07 -4.31
C ILE EB 552 46.97 -85.48 -2.97
N THR EB 553 47.38 -86.61 -2.38
CA THR EB 553 46.85 -87.06 -1.08
C THR EB 553 47.09 -86.01 0.01
N ASN EB 554 46.15 -85.84 0.94
CA ASN EB 554 46.35 -84.93 2.08
C ASN EB 554 47.40 -85.43 3.10
N PRO EB 555 47.43 -86.72 3.52
CA PRO EB 555 48.36 -87.16 4.56
C PRO EB 555 49.82 -87.06 4.14
N THR EB 556 50.16 -87.46 2.91
CA THR EB 556 51.55 -87.33 2.39
C THR EB 556 51.64 -86.03 1.62
N ASP EB 557 51.77 -84.90 2.31
CA ASP EB 557 51.80 -83.56 1.66
C ASP EB 557 52.73 -82.65 2.46
N GLN EB 558 52.95 -81.41 1.99
CA GLN EB 558 53.83 -80.45 2.70
C GLN EB 558 53.53 -80.53 4.20
N PRO EB 559 54.48 -81.01 5.05
CA PRO EB 559 54.21 -81.18 6.47
C PRO EB 559 54.41 -79.89 7.26
N THR EB 560 53.56 -79.65 8.26
CA THR EB 560 53.72 -78.46 9.11
C THR EB 560 55.02 -78.57 9.92
N TYR EB 561 55.63 -77.44 10.30
CA TYR EB 561 56.90 -77.41 11.06
C TYR EB 561 56.84 -78.28 12.33
N VAL EB 562 55.64 -78.40 12.95
CA VAL EB 562 55.39 -79.26 14.11
C VAL EB 562 55.72 -80.72 13.82
N LYS FB 48 69.93 24.47 4.97
CA LYS FB 48 70.75 23.83 6.04
C LYS FB 48 71.86 22.95 5.44
N ARG FB 49 71.52 21.83 4.80
CA ARG FB 49 72.47 20.98 4.07
C ARG FB 49 71.88 20.50 2.75
N LEU FB 50 72.70 20.40 1.72
CA LEU FB 50 72.30 20.04 0.36
C LEU FB 50 73.05 18.80 -0.12
N ASN FB 51 72.41 18.01 -0.98
CA ASN FB 51 73.10 16.97 -1.73
C ASN FB 51 74.10 17.60 -2.70
N ILE FB 52 75.30 17.04 -2.79
CA ILE FB 52 76.25 17.39 -3.85
C ILE FB 52 75.75 16.76 -5.16
N VAL FB 53 75.74 17.54 -6.24
CA VAL FB 53 75.22 17.18 -7.56
C VAL FB 53 76.30 17.40 -8.59
N GLU FB 54 76.35 16.54 -9.60
CA GLU FB 54 77.26 16.66 -10.74
C GLU FB 54 76.44 16.72 -12.04
N TRP FB 55 76.93 17.47 -13.02
CA TRP FB 55 76.29 17.54 -14.34
C TRP FB 55 76.92 16.51 -15.26
N GLN FB 56 76.05 15.64 -15.79
CA GLN FB 56 76.50 14.50 -16.62
C GLN FB 56 77.18 14.98 -17.89
N PRO FB 57 78.26 14.31 -18.34
CA PRO FB 57 79.00 14.71 -19.53
C PRO FB 57 78.22 14.47 -20.82
N LYS FB 58 78.62 15.17 -21.88
CA LYS FB 58 77.85 15.27 -23.14
C LYS FB 58 77.63 13.94 -23.85
N SER FB 59 78.63 13.06 -23.87
CA SER FB 59 78.52 11.70 -24.40
C SER FB 59 79.10 10.68 -23.43
N ILE FB 60 78.42 9.54 -23.29
CA ILE FB 60 78.74 8.48 -22.33
C ILE FB 60 78.71 7.11 -23.04
N ARG FB 61 79.70 6.24 -22.74
CA ARG FB 61 79.79 4.88 -23.34
C ARG FB 61 80.16 3.80 -22.32
N LYS FB 62 79.23 2.93 -21.94
CA LYS FB 62 79.48 1.80 -21.02
C LYS FB 62 80.53 0.87 -21.59
N CYS FB 63 81.46 0.41 -20.75
CA CYS FB 63 82.48 -0.56 -21.10
C CYS FB 63 82.68 -1.57 -19.97
N ARG FB 64 82.48 -2.86 -20.28
CA ARG FB 64 82.77 -3.96 -19.33
C ARG FB 64 84.13 -4.60 -19.67
N ILE FB 65 85.17 -4.32 -18.88
CA ILE FB 65 86.48 -4.93 -19.09
C ILE FB 65 86.39 -6.37 -18.58
N LYS FB 66 86.28 -7.33 -19.51
CA LYS FB 66 86.03 -8.75 -19.22
C LYS FB 66 87.28 -9.57 -19.47
N GLY FB 67 87.63 -10.49 -18.58
CA GLY FB 67 88.81 -11.32 -18.76
C GLY FB 67 88.96 -12.40 -17.71
N MET FB 68 90.10 -13.09 -17.74
CA MET FB 68 90.43 -14.22 -16.88
C MET FB 68 91.72 -13.93 -16.11
N LEU FB 69 91.75 -14.16 -14.80
CA LEU FB 69 92.90 -13.94 -13.93
C LEU FB 69 93.32 -15.24 -13.25
N CYS FB 70 94.59 -15.60 -13.34
CA CYS FB 70 95.16 -16.71 -12.59
C CYS FB 70 95.38 -16.34 -11.12
N LEU FB 71 94.76 -17.06 -10.19
CA LEU FB 71 94.87 -16.79 -8.75
C LEU FB 71 96.14 -17.39 -8.17
N PHE FB 72 96.49 -18.61 -8.54
CA PHE FB 72 97.77 -19.23 -8.25
C PHE FB 72 98.02 -20.32 -9.28
N GLN FB 73 99.27 -20.73 -9.44
CA GLN FB 73 99.62 -22.00 -10.03
C GLN FB 73 100.82 -22.56 -9.28
N THR FB 74 100.66 -23.74 -8.69
CA THR FB 74 101.54 -24.24 -7.62
C THR FB 74 101.87 -25.71 -7.78
N THR FB 75 103.08 -26.08 -7.39
CA THR FB 75 103.47 -27.43 -7.01
C THR FB 75 103.50 -27.53 -5.48
N GLU FB 76 103.70 -28.73 -4.92
CA GLU FB 76 103.77 -28.93 -3.47
C GLU FB 76 104.95 -28.18 -2.81
N ASP FB 77 106.09 -28.09 -3.48
CA ASP FB 77 107.31 -27.43 -3.00
C ASP FB 77 107.27 -25.90 -3.09
N ARG FB 78 106.16 -25.33 -3.59
CA ARG FB 78 105.94 -23.88 -3.64
C ARG FB 78 104.68 -23.41 -2.91
N LEU FB 79 104.00 -24.28 -2.15
CA LEU FB 79 102.73 -23.93 -1.51
C LEU FB 79 102.80 -22.76 -0.53
N SER FB 80 103.89 -22.62 0.21
CA SER FB 80 104.05 -21.56 1.20
C SER FB 80 104.51 -20.20 0.64
N TYR FB 81 104.65 -20.08 -0.69
CA TYR FB 81 105.16 -18.86 -1.35
C TYR FB 81 104.09 -18.14 -2.16
N ASN FB 82 104.24 -16.83 -2.29
CA ASN FB 82 103.37 -15.97 -3.06
C ASN FB 82 103.58 -16.15 -4.57
N PHE FB 83 102.52 -16.46 -5.31
CA PHE FB 83 102.51 -16.51 -6.77
C PHE FB 83 102.46 -15.11 -7.37
N ASP FB 84 103.52 -14.73 -8.07
CA ASP FB 84 103.52 -13.62 -9.03
C ASP FB 84 103.60 -14.21 -10.44
N MET FB 85 102.69 -13.80 -11.33
CA MET FB 85 102.69 -14.26 -12.72
C MET FB 85 103.81 -13.62 -13.54
N TYR FB 86 104.23 -12.42 -13.14
CA TYR FB 86 105.34 -11.67 -13.73
C TYR FB 86 106.50 -11.68 -12.75
N GLU FB 87 107.53 -12.43 -13.10
CA GLU FB 87 108.44 -13.09 -12.16
C GLU FB 87 109.71 -12.32 -11.75
N GLU FB 88 110.31 -12.73 -10.64
CA GLU FB 88 111.75 -12.59 -10.43
C GLU FB 88 112.40 -13.67 -11.31
N SER FB 89 113.17 -13.28 -12.33
CA SER FB 89 113.46 -14.08 -13.55
C SER FB 89 114.03 -15.49 -13.33
N ILE FB 90 114.57 -15.78 -12.16
CA ILE FB 90 115.04 -17.13 -11.78
C ILE FB 90 113.88 -18.08 -11.38
N ILE FB 91 112.79 -17.58 -10.80
CA ILE FB 91 111.71 -18.41 -10.25
C ILE FB 91 111.11 -19.37 -11.29
N PRO FB 92 110.70 -18.95 -12.51
CA PRO FB 92 110.12 -19.89 -13.46
C PRO FB 92 111.14 -20.84 -14.11
N GLU FB 93 112.45 -20.62 -13.94
CA GLU FB 93 113.46 -21.55 -14.47
C GLU FB 93 113.39 -22.89 -13.74
N LYS FB 94 112.89 -23.92 -14.42
CA LYS FB 94 112.66 -25.26 -13.88
C LYS FB 94 111.68 -25.33 -12.69
N LEU FB 95 110.75 -24.36 -12.58
CA LEU FB 95 109.53 -24.52 -11.76
C LEU FB 95 108.27 -24.27 -12.60
N PRO FB 96 107.33 -25.23 -12.68
CA PRO FB 96 106.10 -25.07 -13.45
C PRO FB 96 105.02 -24.24 -12.73
N GLY FB 97 105.14 -24.04 -11.41
CA GLY FB 97 104.27 -23.16 -10.63
C GLY FB 97 105.02 -22.46 -9.51
N GLY FB 98 104.85 -21.15 -9.37
CA GLY FB 98 105.69 -20.31 -8.53
C GLY FB 98 105.21 -20.14 -7.08
N GLY FB 99 103.95 -20.41 -6.77
CA GLY FB 99 103.43 -20.14 -5.43
C GLY FB 99 102.00 -20.63 -5.20
N GLY FB 100 101.66 -20.99 -3.96
CA GLY FB 100 100.36 -21.55 -3.59
C GLY FB 100 99.37 -20.57 -2.99
N PHE FB 101 99.76 -19.31 -2.82
CA PHE FB 101 98.84 -18.24 -2.45
C PHE FB 101 99.18 -17.00 -3.27
N SER FB 102 98.27 -16.06 -3.42
CA SER FB 102 98.62 -14.74 -3.96
C SER FB 102 97.83 -13.63 -3.29
N ILE FB 103 98.40 -12.43 -3.33
CA ILE FB 103 97.67 -11.18 -3.16
C ILE FB 103 97.72 -10.44 -4.49
N LYS FB 104 96.56 -10.19 -5.09
CA LYS FB 104 96.38 -9.44 -6.34
C LYS FB 104 95.81 -8.07 -6.02
N ASN FB 105 96.40 -7.00 -6.52
CA ASN FB 105 95.76 -5.68 -6.59
C ASN FB 105 95.38 -5.39 -8.03
N ILE FB 106 94.14 -5.00 -8.28
CA ILE FB 106 93.65 -4.66 -9.61
C ILE FB 106 93.41 -3.15 -9.70
N SER FB 107 93.94 -2.53 -10.75
CA SER FB 107 93.74 -1.12 -11.08
C SER FB 107 93.46 -1.02 -12.58
N LEU FB 108 92.85 0.08 -13.02
CA LEU FB 108 92.57 0.31 -14.44
C LEU FB 108 93.85 0.26 -15.30
N TYR FB 109 95.00 0.67 -14.78
CA TYR FB 109 96.27 0.50 -15.47
C TYR FB 109 96.72 -0.97 -15.52
N ALA FB 110 96.54 -1.76 -14.46
CA ALA FB 110 96.78 -3.18 -14.51
C ALA FB 110 95.82 -3.92 -15.48
N LEU FB 111 94.56 -3.50 -15.58
CA LEU FB 111 93.64 -3.99 -16.60
C LEU FB 111 94.10 -3.65 -18.02
N TYR FB 112 94.62 -2.45 -18.26
CA TYR FB 112 95.27 -2.12 -19.53
C TYR FB 112 96.50 -2.97 -19.80
N GLN FB 113 97.35 -3.23 -18.81
CA GLN FB 113 98.49 -4.13 -18.98
C GLN FB 113 98.07 -5.56 -19.31
N GLU FB 114 97.01 -6.08 -18.69
CA GLU FB 114 96.45 -7.38 -19.07
C GLU FB 114 95.87 -7.38 -20.48
N HIS FB 115 95.45 -6.23 -21.01
CA HIS FB 115 94.98 -6.13 -22.42
C HIS FB 115 96.17 -6.22 -23.38
N ILE FB 116 97.36 -5.75 -22.98
CA ILE FB 116 98.58 -5.92 -23.77
C ILE FB 116 99.03 -7.39 -23.83
N HIS FB 117 98.78 -8.17 -22.78
CA HIS FB 117 98.95 -9.62 -22.80
C HIS FB 117 97.81 -10.38 -23.48
N ALA FB 118 96.80 -9.68 -24.02
CA ALA FB 118 95.59 -10.25 -24.59
C ALA FB 118 94.76 -11.09 -23.60
N HIS FB 119 94.88 -10.85 -22.29
CA HIS FB 119 94.15 -11.58 -21.27
C HIS FB 119 92.74 -11.05 -21.01
N ASN FB 120 92.38 -9.90 -21.57
CA ASN FB 120 91.03 -9.33 -21.45
C ASN FB 120 90.60 -8.60 -22.74
N ILE FB 121 89.31 -8.32 -22.82
CA ILE FB 121 88.69 -7.45 -23.81
C ILE FB 121 88.15 -6.20 -23.11
N PHE FB 122 88.17 -5.07 -23.80
CA PHE FB 122 87.39 -3.88 -23.42
C PHE FB 122 86.18 -3.84 -24.35
N THR FB 123 84.97 -3.88 -23.79
CA THR FB 123 83.74 -3.91 -24.58
C THR FB 123 83.53 -2.63 -25.41
N HIS FB 124 84.14 -1.53 -24.96
CA HIS FB 124 84.14 -0.25 -25.72
C HIS FB 124 85.51 0.39 -25.49
N THR FB 125 86.13 0.94 -26.53
CA THR FB 125 87.38 1.70 -26.40
C THR FB 125 87.16 3.00 -25.62
N ASN FB 126 88.26 3.54 -25.10
CA ASN FB 126 88.31 4.75 -24.29
C ASN FB 126 89.14 5.88 -24.95
N THR FB 127 89.47 5.77 -26.24
CA THR FB 127 90.54 6.59 -26.86
C THR FB 127 90.27 8.09 -26.84
N ASP FB 128 89.01 8.51 -26.97
CA ASP FB 128 88.63 9.91 -27.12
C ASP FB 128 87.61 10.38 -26.09
N ARG FB 129 87.46 9.62 -25.00
CA ARG FB 129 86.58 9.98 -23.84
C ARG FB 129 87.49 9.89 -22.61
N PRO FB 130 88.00 11.02 -22.04
CA PRO FB 130 89.02 11.00 -21.01
C PRO FB 130 88.48 10.79 -19.59
N LEU FB 131 87.19 10.98 -19.35
CA LEU FB 131 86.55 10.73 -18.06
C LEU FB 131 86.21 9.26 -17.89
N ALA FB 132 86.21 8.78 -16.65
CA ALA FB 132 85.80 7.45 -16.24
C ALA FB 132 84.88 7.50 -15.04
N ARG FB 133 83.90 6.58 -15.00
CA ARG FB 133 82.95 6.43 -13.86
C ARG FB 133 82.87 4.93 -13.51
N TYR FB 134 83.70 4.45 -12.59
CA TYR FB 134 83.73 3.05 -12.16
C TYR FB 134 82.51 2.69 -11.31
N THR FB 135 81.84 1.60 -11.63
CA THR FB 135 80.56 1.21 -11.03
C THR FB 135 80.64 -0.05 -10.16
N GLY FB 136 81.76 -0.78 -10.20
CA GLY FB 136 81.96 -2.02 -9.46
C GLY FB 136 82.38 -3.18 -10.34
N CYS FB 137 82.51 -4.35 -9.74
CA CYS FB 137 83.04 -5.54 -10.37
C CYS FB 137 82.13 -6.75 -10.16
N SER FB 138 82.07 -7.66 -11.13
CA SER FB 138 81.59 -9.02 -10.95
C SER FB 138 82.74 -10.01 -11.05
N LEU FB 139 82.86 -10.91 -10.09
CA LEU FB 139 83.81 -12.04 -10.16
C LEU FB 139 83.05 -13.35 -10.26
N LYS FB 140 83.51 -14.27 -11.11
CA LYS FB 140 83.12 -15.69 -11.13
C LYS FB 140 84.34 -16.53 -10.79
N PHE FB 141 84.34 -17.17 -9.65
CA PHE FB 141 85.41 -18.05 -9.20
C PHE FB 141 85.09 -19.47 -9.62
N TYR FB 142 85.96 -20.12 -10.38
CA TYR FB 142 85.70 -21.46 -10.89
C TYR FB 142 86.26 -22.53 -9.96
N GLN FB 143 85.52 -23.63 -9.79
CA GLN FB 143 86.07 -24.84 -9.20
C GLN FB 143 87.24 -25.35 -10.03
N SER FB 144 88.40 -25.52 -9.42
CA SER FB 144 89.48 -26.25 -10.06
C SER FB 144 89.17 -27.74 -10.10
N LYS FB 145 89.85 -28.47 -10.98
CA LYS FB 145 89.68 -29.94 -11.05
C LYS FB 145 90.20 -30.63 -9.79
N ASP FB 146 91.44 -30.33 -9.39
CA ASP FB 146 92.18 -31.13 -8.41
C ASP FB 146 92.39 -30.47 -7.03
N ILE FB 147 92.20 -29.14 -6.91
CA ILE FB 147 92.55 -28.42 -5.65
C ILE FB 147 91.41 -27.50 -5.18
N ASP FB 148 91.19 -27.42 -3.87
CA ASP FB 148 90.18 -26.50 -3.29
C ASP FB 148 90.91 -25.17 -3.09
N TYR FB 149 90.23 -24.09 -2.72
CA TYR FB 149 90.95 -22.83 -2.41
C TYR FB 149 90.06 -21.82 -1.73
N VAL FB 150 90.61 -21.07 -0.79
CA VAL FB 150 89.91 -20.01 -0.06
C VAL FB 150 90.22 -18.69 -0.74
N VAL FB 151 89.23 -17.85 -0.93
CA VAL FB 151 89.39 -16.46 -1.37
C VAL FB 151 88.87 -15.53 -0.29
N THR FB 152 89.52 -14.40 -0.10
CA THR FB 152 88.87 -13.23 0.50
C THR FB 152 89.34 -11.98 -0.23
N TYR FB 153 88.51 -10.96 -0.28
CA TYR FB 153 88.80 -9.74 -1.04
C TYR FB 153 88.50 -8.52 -0.20
N SER FB 154 89.12 -7.40 -0.55
CA SER FB 154 88.93 -6.13 0.12
C SER FB 154 88.88 -4.99 -0.87
N THR FB 155 88.29 -3.85 -0.50
CA THR FB 155 88.26 -2.64 -1.36
C THR FB 155 88.57 -1.41 -0.53
N SER FB 156 89.21 -1.56 0.64
CA SER FB 156 89.66 -0.36 1.40
C SER FB 156 90.65 0.38 0.49
N LEU FB 157 90.28 1.56 -0.01
CA LEU FB 157 91.15 2.29 -0.99
C LEU FB 157 92.60 2.30 -0.47
N PRO FB 158 92.88 2.59 0.83
CA PRO FB 158 94.25 2.51 1.32
C PRO FB 158 94.80 1.11 1.09
N LEU FB 159 95.85 0.99 0.28
CA LEU FB 159 96.47 -0.32 -0.06
C LEU FB 159 97.82 -0.45 0.67
N ARG FB 160 98.01 -1.53 1.43
CA ARG FB 160 99.29 -1.78 2.15
C ARG FB 160 99.42 -3.27 2.47
N SER FB 161 100.64 -3.74 2.76
CA SER FB 161 100.88 -5.16 3.13
C SER FB 161 101.25 -5.22 4.62
N SER FB 162 101.01 -6.36 5.26
CA SER FB 162 101.31 -6.53 6.71
C SER FB 162 101.84 -7.94 6.99
N MET FB 163 102.64 -8.10 8.04
CA MET FB 163 103.16 -9.40 8.45
C MET FB 163 102.03 -10.35 8.89
N GLY FB 164 101.03 -9.82 9.60
CA GLY FB 164 99.82 -10.56 9.97
C GLY FB 164 98.97 -10.96 8.78
N MET FB 165 98.87 -10.15 7.73
CA MET FB 165 98.22 -10.53 6.48
C MET FB 165 98.91 -11.75 5.86
N TYR FB 166 100.23 -11.72 5.68
CA TYR FB 166 100.94 -12.82 5.05
C TYR FB 166 100.89 -14.12 5.88
N ASN FB 167 100.98 -14.05 7.21
CA ASN FB 167 100.76 -15.24 8.03
C ASN FB 167 99.31 -15.73 7.93
N SER FB 168 98.33 -14.84 7.92
CA SER FB 168 96.92 -15.21 7.82
C SER FB 168 96.54 -15.83 6.46
N MET FB 169 97.42 -15.77 5.45
CA MET FB 169 97.26 -16.53 4.21
C MET FB 169 97.42 -18.04 4.40
N GLN FB 170 97.93 -18.51 5.54
CA GLN FB 170 98.04 -19.94 5.81
C GLN FB 170 96.66 -20.59 5.68
N PRO FB 171 96.51 -21.72 4.96
CA PRO FB 171 95.21 -22.19 4.54
C PRO FB 171 94.20 -22.41 5.66
N SER FB 172 94.62 -22.94 6.81
CA SER FB 172 93.76 -23.13 7.98
C SER FB 172 93.32 -21.80 8.59
N ILE FB 173 94.23 -20.82 8.67
CA ILE FB 173 93.93 -19.50 9.24
C ILE FB 173 93.02 -18.71 8.30
N HIS FB 174 93.30 -18.70 7.00
CA HIS FB 174 92.47 -18.06 6.01
C HIS FB 174 91.07 -18.69 6.00
N LEU FB 175 90.96 -20.01 6.05
CA LEU FB 175 89.67 -20.70 6.15
C LEU FB 175 88.88 -20.37 7.43
N MET FB 176 89.51 -19.92 8.51
CA MET FB 176 88.77 -19.45 9.70
C MET FB 176 88.25 -18.01 9.58
N GLN FB 177 88.79 -17.17 8.70
CA GLN FB 177 88.42 -15.76 8.62
C GLN FB 177 86.96 -15.53 8.23
N GLN FB 178 86.39 -14.41 8.67
CA GLN FB 178 85.08 -13.96 8.24
C GLN FB 178 85.10 -13.41 6.82
N ASN FB 179 83.98 -13.53 6.11
CA ASN FB 179 83.84 -13.11 4.70
C ASN FB 179 84.87 -13.77 3.77
N LYS FB 180 85.27 -15.00 4.12
CA LYS FB 180 85.91 -15.94 3.20
C LYS FB 180 84.91 -16.43 2.15
N LEU FB 181 85.43 -16.93 1.05
CA LEU FB 181 84.73 -17.77 0.10
C LEU FB 181 85.56 -19.06 -0.07
N ILE FB 182 84.96 -20.21 0.15
CA ILE FB 182 85.61 -21.50 -0.09
C ILE FB 182 85.11 -22.01 -1.42
N VAL FB 183 86.03 -22.39 -2.30
CA VAL FB 183 85.71 -23.02 -3.58
C VAL FB 183 86.22 -24.46 -3.54
N PRO FB 184 85.35 -25.46 -3.31
CA PRO FB 184 85.73 -26.86 -3.39
C PRO FB 184 86.14 -27.20 -4.82
N SER FB 185 87.08 -28.11 -4.99
CA SER FB 185 87.37 -28.70 -6.29
C SER FB 185 86.16 -29.48 -6.82
N LYS FB 186 86.15 -29.75 -8.13
CA LYS FB 186 85.11 -30.60 -8.74
C LYS FB 186 85.12 -32.01 -8.16
N GLN FB 187 86.28 -32.49 -7.71
CA GLN FB 187 86.43 -33.75 -7.00
C GLN FB 187 85.79 -33.74 -5.61
N THR FB 188 86.00 -32.69 -4.80
CA THR FB 188 85.44 -32.65 -3.44
C THR FB 188 83.96 -32.29 -3.40
N GLN FB 189 83.42 -31.54 -4.37
CA GLN FB 189 81.98 -31.31 -4.49
C GLN FB 189 81.55 -31.03 -5.93
N LYS FB 190 80.69 -31.89 -6.49
CA LYS FB 190 79.94 -31.60 -7.72
C LYS FB 190 78.81 -30.61 -7.42
N ARG FB 191 78.64 -29.59 -8.26
CA ARG FB 191 77.71 -28.47 -8.05
C ARG FB 191 76.83 -28.26 -9.28
N ARG FB 192 75.66 -27.64 -9.09
CA ARG FB 192 74.77 -27.22 -10.20
C ARG FB 192 75.47 -26.21 -11.12
N LYS FB 193 75.98 -25.13 -10.53
CA LYS FB 193 76.82 -24.14 -11.24
C LYS FB 193 78.28 -24.42 -10.93
N PRO FB 194 79.18 -24.49 -11.92
CA PRO FB 194 80.58 -24.85 -11.72
C PRO FB 194 81.45 -23.70 -11.19
N TYR FB 195 80.83 -22.61 -10.75
CA TYR FB 195 81.48 -21.38 -10.29
C TYR FB 195 80.68 -20.75 -9.16
N ILE FB 196 81.32 -19.89 -8.38
CA ILE FB 196 80.66 -19.02 -7.40
C ILE FB 196 80.79 -17.57 -7.86
N LYS FB 197 79.67 -16.86 -7.98
CA LYS FB 197 79.58 -15.51 -8.52
C LYS FB 197 79.26 -14.50 -7.43
N LYS FB 198 80.00 -13.40 -7.36
CA LYS FB 198 79.62 -12.27 -6.49
C LYS FB 198 80.05 -10.91 -7.00
N HIS FB 199 79.24 -9.92 -6.66
CA HIS FB 199 79.40 -8.53 -7.07
C HIS FB 199 80.11 -7.75 -5.96
N ILE FB 200 81.08 -6.94 -6.35
CA ILE FB 200 81.92 -6.17 -5.45
C ILE FB 200 81.76 -4.68 -5.77
N SER FB 201 81.40 -3.89 -4.77
CA SER FB 201 81.17 -2.45 -4.90
C SER FB 201 82.51 -1.69 -5.02
N PRO FB 202 82.57 -0.47 -5.57
CA PRO FB 202 83.80 0.33 -5.57
C PRO FB 202 84.38 0.56 -4.16
N PRO FB 203 85.68 0.87 -4.05
CA PRO FB 203 86.24 1.39 -2.82
C PRO FB 203 85.42 2.54 -2.26
N THR FB 204 85.29 2.66 -0.94
CA THR FB 204 84.47 3.73 -0.34
C THR FB 204 84.98 5.14 -0.70
N GLN FB 205 86.29 5.25 -1.01
CA GLN FB 205 86.93 6.53 -1.43
C GLN FB 205 86.63 6.83 -2.91
N MET FB 206 86.32 5.83 -3.73
CA MET FB 206 85.87 6.02 -5.11
C MET FB 206 84.37 6.30 -5.10
N LYS FB 207 83.99 7.56 -5.18
CA LYS FB 207 82.57 7.97 -5.19
C LYS FB 207 81.97 7.76 -6.58
N SER FB 208 80.66 7.88 -6.73
CA SER FB 208 79.98 7.69 -8.02
C SER FB 208 80.29 8.77 -9.07
N GLN FB 209 80.98 9.85 -8.70
CA GLN FB 209 81.37 10.93 -9.59
C GLN FB 209 82.24 10.46 -10.78
N TRP FB 210 82.33 11.29 -11.81
CA TRP FB 210 83.32 11.15 -12.87
C TRP FB 210 84.72 11.53 -12.40
N TYR FB 211 85.74 10.84 -12.89
CA TYR FB 211 87.15 11.11 -12.63
C TYR FB 211 87.92 11.07 -13.93
N PHE FB 212 88.92 11.92 -14.14
CA PHE FB 212 89.85 11.72 -15.25
C PHE FB 212 90.54 10.36 -15.16
N GLN FB 213 90.62 9.64 -16.27
CA GLN FB 213 91.24 8.29 -16.31
C GLN FB 213 92.73 8.38 -15.91
N HIS FB 214 93.41 9.51 -16.13
CA HIS FB 214 94.82 9.72 -15.71
C HIS FB 214 94.94 9.70 -14.19
N ASN FB 215 93.94 10.22 -13.48
CA ASN FB 215 93.97 10.29 -12.02
C ASN FB 215 93.70 8.92 -11.39
N ILE FB 216 92.67 8.21 -11.83
CA ILE FB 216 92.27 6.92 -11.27
C ILE FB 216 93.06 5.72 -11.82
N ALA FB 217 93.89 5.89 -12.85
CA ALA FB 217 94.59 4.79 -13.51
C ALA FB 217 95.29 3.84 -12.54
N ASN FB 218 96.04 4.37 -11.57
CA ASN FB 218 96.84 3.59 -10.64
C ASN FB 218 96.17 3.30 -9.28
N ILE FB 219 94.99 3.85 -9.01
CA ILE FB 219 94.25 3.60 -7.76
C ILE FB 219 93.81 2.13 -7.72
N PRO FB 220 94.21 1.33 -6.70
CA PRO FB 220 93.84 -0.08 -6.65
C PRO FB 220 92.37 -0.22 -6.24
N LEU FB 221 91.51 -0.69 -7.15
CA LEU FB 221 90.03 -0.74 -6.95
C LEU FB 221 89.57 -2.09 -6.36
N LEU FB 222 90.45 -3.08 -6.31
CA LEU FB 222 90.15 -4.37 -5.71
C LEU FB 222 91.44 -5.05 -5.25
N MET FB 223 91.42 -5.66 -4.06
CA MET FB 223 92.41 -6.67 -3.66
C MET FB 223 91.77 -8.05 -3.56
N ILE FB 224 92.36 -9.06 -4.19
CA ILE FB 224 91.97 -10.47 -4.03
C ILE FB 224 93.10 -11.20 -3.32
N ARG FB 225 92.79 -11.92 -2.24
CA ARG FB 225 93.69 -12.81 -1.52
C ARG FB 225 93.23 -14.24 -1.72
N THR FB 226 94.09 -15.12 -2.20
CA THR FB 226 93.74 -16.54 -2.44
C THR FB 226 94.80 -17.46 -1.88
N THR FB 227 94.41 -18.59 -1.28
CA THR FB 227 95.33 -19.64 -0.82
C THR FB 227 94.81 -21.01 -1.23
N ALA FB 228 95.71 -21.89 -1.66
CA ALA FB 228 95.43 -23.28 -2.00
C ALA FB 228 95.25 -24.16 -0.75
N LEU FB 229 94.32 -25.10 -0.82
CA LEU FB 229 93.72 -25.76 0.33
C LEU FB 229 93.43 -27.23 0.02
N THR FB 230 93.35 -28.09 1.03
CA THR FB 230 92.53 -29.30 0.91
C THR FB 230 91.59 -29.46 2.08
N LEU FB 231 90.33 -29.74 1.80
CA LEU FB 231 89.30 -30.01 2.80
C LEU FB 231 89.30 -31.47 3.26
N ASP FB 232 89.50 -32.42 2.34
CA ASP FB 232 89.49 -33.87 2.63
C ASP FB 232 90.79 -34.42 3.24
N ASN FB 233 91.90 -33.71 3.11
CA ASN FB 233 93.21 -34.08 3.65
C ASN FB 233 93.70 -33.02 4.64
N TYR FB 234 92.79 -32.32 5.31
CA TYR FB 234 93.08 -31.13 6.10
C TYR FB 234 94.17 -31.35 7.16
N TYR FB 235 94.15 -32.46 7.89
CA TYR FB 235 95.15 -32.75 8.92
C TYR FB 235 96.36 -33.50 8.38
N ILE FB 236 96.15 -34.59 7.63
CA ILE FB 236 97.24 -35.42 7.10
C ILE FB 236 98.05 -34.65 6.06
N GLY FB 237 97.40 -33.90 5.19
CA GLY FB 237 98.03 -33.11 4.13
C GLY FB 237 98.82 -34.02 3.21
N SER FB 238 100.14 -33.84 3.15
CA SER FB 238 101.07 -34.70 2.43
C SER FB 238 102.05 -35.45 3.34
N ARG FB 239 101.72 -35.62 4.63
CA ARG FB 239 102.48 -36.42 5.60
C ARG FB 239 102.76 -37.82 5.08
N GLN FB 240 103.98 -38.31 5.30
CA GLN FB 240 104.40 -39.69 5.04
C GLN FB 240 105.01 -40.28 6.32
N LEU FB 241 104.71 -41.54 6.63
CA LEU FB 241 105.17 -42.21 7.86
C LEU FB 241 104.78 -41.41 9.13
N SER FB 242 105.73 -41.05 9.98
CA SER FB 242 105.51 -40.34 11.24
C SER FB 242 104.92 -38.94 11.07
N THR FB 243 104.25 -38.41 12.10
CA THR FB 243 103.82 -37.00 12.14
C THR FB 243 105.02 -36.04 12.20
N ASN FB 244 106.15 -36.48 12.76
CA ASN FB 244 107.38 -35.70 12.84
C ASN FB 244 107.98 -35.44 11.46
N VAL FB 245 108.40 -34.21 11.19
CA VAL FB 245 109.21 -33.83 10.03
C VAL FB 245 110.65 -33.61 10.48
N THR FB 246 111.61 -34.00 9.65
CA THR FB 246 113.04 -33.80 9.92
C THR FB 246 113.53 -32.50 9.30
N ILE FB 247 114.13 -31.63 10.10
CA ILE FB 247 114.75 -30.37 9.67
C ILE FB 247 116.27 -30.54 9.75
N HIS FB 248 116.99 -30.17 8.69
CA HIS FB 248 118.48 -30.13 8.75
C HIS FB 248 118.83 -28.71 9.20
N THR FB 249 119.91 -28.52 9.94
CA THR FB 249 120.39 -27.18 10.33
C THR FB 249 121.90 -27.11 10.43
N LEU FB 250 122.46 -25.89 10.34
CA LEU FB 250 123.91 -25.70 10.58
C LEU FB 250 124.14 -25.75 12.09
N ASN FB 251 125.02 -26.61 12.59
CA ASN FB 251 125.37 -26.61 14.03
C ASN FB 251 125.61 -25.15 14.42
N THR FB 252 124.88 -24.61 15.39
CA THR FB 252 125.02 -23.21 15.84
C THR FB 252 126.21 -23.12 16.76
N THR FB 253 126.50 -24.17 17.52
CA THR FB 253 127.56 -24.18 18.54
C THR FB 253 128.99 -24.23 17.97
N TYR FB 254 129.15 -24.32 16.65
CA TYR FB 254 130.46 -24.37 15.99
C TYR FB 254 130.55 -23.50 14.72
N ILE FB 255 129.50 -23.47 13.89
CA ILE FB 255 129.45 -22.68 12.66
C ILE FB 255 128.81 -21.31 12.95
N GLN FB 256 129.58 -20.25 13.18
CA GLN FB 256 128.96 -18.94 13.55
C GLN FB 256 129.60 -17.75 12.85
N ASN FB 257 130.75 -17.91 12.21
CA ASN FB 257 131.45 -16.73 11.70
C ASN FB 257 130.80 -16.02 10.51
N ARG FB 258 129.96 -16.71 9.73
CA ARG FB 258 129.20 -16.12 8.59
C ARG FB 258 130.13 -15.38 7.60
N ASP FB 259 131.39 -15.83 7.46
CA ASP FB 259 132.34 -15.22 6.51
C ASP FB 259 132.36 -15.98 5.16
N TRP FB 260 131.21 -16.08 4.50
CA TRP FB 260 131.01 -16.98 3.37
C TRP FB 260 131.23 -16.37 1.98
N GLY FB 261 131.53 -17.24 1.02
CA GLY FB 261 131.46 -16.91 -0.41
C GLY FB 261 132.68 -16.20 -0.99
N ASP FB 262 133.88 -16.46 -0.47
CA ASP FB 262 135.16 -16.03 -1.05
C ASP FB 262 136.13 -17.22 -1.21
N ARG FB 263 136.90 -17.25 -2.30
CA ARG FB 263 138.03 -18.22 -2.44
C ARG FB 263 139.29 -17.46 -2.00
N ASN FB 264 139.14 -16.17 -1.63
CA ASN FB 264 140.23 -15.28 -1.22
C ASN FB 264 140.46 -15.24 0.30
N LYS FB 265 139.85 -16.16 1.06
CA LYS FB 265 139.84 -16.17 2.53
C LYS FB 265 139.86 -17.61 3.06
N THR FB 266 140.83 -17.95 3.91
CA THR FB 266 140.81 -19.23 4.63
C THR FB 266 139.66 -19.24 5.64
N TYR FB 267 138.75 -20.22 5.55
CA TYR FB 267 137.56 -20.23 6.39
C TYR FB 267 137.86 -20.73 7.82
N TYR FB 268 137.27 -20.06 8.79
CA TYR FB 268 137.33 -20.39 10.21
C TYR FB 268 135.89 -20.36 10.74
N CYS FB 269 135.48 -21.36 11.52
CA CYS FB 269 134.07 -21.58 11.81
C CYS FB 269 133.54 -20.77 12.99
N GLN FB 270 134.35 -20.54 14.03
CA GLN FB 270 134.00 -19.68 15.17
C GLN FB 270 135.20 -18.94 15.74
N THR FB 271 134.93 -17.85 16.45
CA THR FB 271 135.86 -17.19 17.36
C THR FB 271 135.39 -17.35 18.79
N LEU FB 272 136.30 -17.66 19.73
CA LEU FB 272 136.02 -17.63 21.17
C LEU FB 272 137.17 -16.89 21.86
N GLY FB 273 136.87 -15.93 22.73
CA GLY FB 273 137.88 -15.01 23.26
C GLY FB 273 138.62 -14.29 22.13
N THR FB 274 139.94 -14.48 22.05
CA THR FB 274 140.78 -14.02 20.94
C THR FB 274 141.01 -15.09 19.84
N GLN FB 275 140.65 -16.35 20.09
CA GLN FB 275 140.99 -17.47 19.21
C GLN FB 275 140.15 -17.49 17.92
N ARG FB 276 140.63 -18.25 16.93
CA ARG FB 276 139.88 -18.71 15.76
C ARG FB 276 139.91 -20.25 15.73
N TYR FB 277 138.83 -20.87 15.29
CA TYR FB 277 138.71 -22.33 15.20
C TYR FB 277 138.48 -22.74 13.75
N PHE FB 278 139.02 -23.91 13.40
CA PHE FB 278 139.22 -24.36 12.03
C PHE FB 278 138.77 -25.81 11.89
N LEU FB 279 138.35 -26.16 10.69
CA LEU FB 279 137.82 -27.48 10.34
C LEU FB 279 138.75 -28.14 9.33
N TYR FB 280 138.91 -29.46 9.43
CA TYR FB 280 139.70 -30.27 8.50
C TYR FB 280 138.96 -31.55 8.16
N GLY FB 281 138.93 -31.94 6.89
CA GLY FB 281 138.37 -33.23 6.46
C GLY FB 281 139.46 -34.30 6.45
N THR FB 282 139.10 -35.57 6.60
CA THR FB 282 140.03 -36.66 6.32
C THR FB 282 139.31 -37.89 5.77
N HIS FB 283 140.01 -38.69 4.97
CA HIS FB 283 139.48 -40.00 4.48
C HIS FB 283 140.09 -41.09 5.36
N SER FB 284 140.86 -40.72 6.39
CA SER FB 284 141.55 -41.69 7.24
C SER FB 284 140.57 -42.65 7.93
N THR FB 285 140.96 -43.92 7.99
CA THR FB 285 140.27 -44.97 8.77
C THR FB 285 140.69 -44.98 10.24
N ALA FB 286 141.60 -44.09 10.66
CA ALA FB 286 142.09 -44.03 12.05
C ALA FB 286 140.95 -43.81 13.04
N GLN FB 287 140.90 -44.66 14.07
CA GLN FB 287 139.85 -44.63 15.09
C GLN FB 287 140.09 -43.56 16.17
N ASN FB 288 141.35 -43.18 16.41
CA ASN FB 288 141.73 -42.29 17.50
C ASN FB 288 142.15 -40.92 16.97
N ILE FB 289 141.46 -39.86 17.43
CA ILE FB 289 141.71 -38.48 17.03
C ILE FB 289 143.15 -38.00 17.32
N ASN FB 290 143.83 -38.60 18.29
CA ASN FB 290 145.20 -38.25 18.64
C ASN FB 290 146.23 -38.66 17.57
N ASP FB 291 146.09 -39.86 16.99
CA ASP FB 291 147.16 -40.46 16.10
C ASP FB 291 147.06 -40.10 14.61
N ILE FB 292 145.99 -39.45 14.17
CA ILE FB 292 145.90 -38.96 12.78
C ILE FB 292 147.13 -38.08 12.47
N LYS FB 293 147.69 -38.20 11.27
CA LYS FB 293 148.88 -37.43 10.86
C LYS FB 293 148.56 -35.94 10.67
N LEU FB 294 149.58 -35.13 10.41
CA LEU FB 294 149.34 -33.71 10.02
C LEU FB 294 149.00 -33.75 8.52
N GLN FB 295 149.39 -34.83 7.82
CA GLN FB 295 149.14 -35.00 6.36
C GLN FB 295 147.69 -35.39 6.07
N GLU FB 296 147.10 -36.29 6.86
CA GLU FB 296 145.74 -36.81 6.59
C GLU FB 296 144.74 -35.66 6.43
N LEU FB 297 144.85 -34.62 7.25
CA LEU FB 297 143.86 -33.51 7.25
C LEU FB 297 143.79 -32.80 5.89
N ILE FB 298 142.58 -32.49 5.41
CA ILE FB 298 142.36 -31.73 4.15
C ILE FB 298 141.85 -30.36 4.60
N PRO FB 299 142.69 -29.33 4.72
CA PRO FB 299 142.30 -28.06 5.31
C PRO FB 299 141.32 -27.36 4.40
N LEU FB 300 140.43 -26.53 4.95
CA LEU FB 300 139.39 -25.82 4.15
C LEU FB 300 139.80 -24.36 3.98
N THR FB 301 140.16 -23.94 2.76
CA THR FB 301 140.61 -22.56 2.46
C THR FB 301 139.59 -21.90 1.55
N ASN FB 302 138.49 -22.60 1.21
CA ASN FB 302 137.42 -22.04 0.39
C ASN FB 302 136.07 -22.40 1.02
N THR FB 303 135.09 -21.49 1.00
CA THR FB 303 133.67 -21.88 1.20
C THR FB 303 132.82 -21.71 -0.06
N GLN FB 304 133.27 -20.87 -1.00
CA GLN FB 304 132.50 -20.46 -2.21
C GLN FB 304 132.28 -21.56 -3.25
N ASP FB 305 132.96 -22.71 -3.17
CA ASP FB 305 132.82 -23.75 -4.22
C ASP FB 305 132.24 -25.06 -3.72
N TYR FB 306 131.73 -25.88 -4.64
CA TYR FB 306 131.26 -27.24 -4.33
C TYR FB 306 132.41 -28.25 -4.12
N VAL FB 307 133.65 -27.84 -4.40
CA VAL FB 307 134.82 -28.75 -4.47
C VAL FB 307 135.05 -29.51 -3.15
N GLN FB 308 135.32 -30.81 -3.24
CA GLN FB 308 135.63 -31.69 -2.11
C GLN FB 308 137.04 -31.49 -1.55
N GLY FB 309 137.96 -31.03 -2.39
CA GLY FB 309 139.39 -31.11 -2.13
C GLY FB 309 139.92 -32.53 -2.38
N PHE FB 310 141.14 -32.79 -1.96
CA PHE FB 310 141.77 -34.12 -2.02
C PHE FB 310 142.88 -34.25 -0.98
N ASP FB 311 143.26 -35.49 -0.68
CA ASP FB 311 144.29 -35.83 0.30
C ASP FB 311 145.72 -35.60 -0.22
N TRP FB 312 146.68 -35.39 0.69
CA TRP FB 312 148.11 -35.21 0.38
C TRP FB 312 148.71 -36.41 -0.35
N THR FB 313 148.12 -37.61 -0.22
CA THR FB 313 148.51 -38.79 -1.02
C THR FB 313 148.32 -38.58 -2.53
N GLU FB 314 147.55 -37.58 -2.96
CA GLU FB 314 147.40 -37.21 -4.39
C GLU FB 314 148.33 -36.05 -4.81
N LYS FB 315 149.34 -35.70 -4.00
CA LYS FB 315 150.39 -34.72 -4.33
C LYS FB 315 150.93 -34.88 -5.76
N ASP FB 316 151.25 -36.11 -6.14
CA ASP FB 316 151.82 -36.42 -7.46
C ASP FB 316 150.78 -36.42 -8.60
N LYS FB 317 149.47 -36.43 -8.32
CA LYS FB 317 148.41 -36.31 -9.35
C LYS FB 317 148.18 -34.87 -9.78
N HIS FB 318 148.46 -33.90 -8.89
CA HIS FB 318 148.28 -32.44 -9.15
C HIS FB 318 149.64 -31.72 -9.11
N ASN FB 319 150.74 -32.42 -9.35
CA ASN FB 319 152.10 -31.85 -9.44
C ASN FB 319 152.42 -30.90 -8.28
N ILE FB 320 151.90 -31.19 -7.08
CA ILE FB 320 152.06 -30.35 -5.89
C ILE FB 320 153.50 -30.44 -5.38
N THR FB 321 154.12 -29.29 -5.14
CA THR FB 321 155.49 -29.19 -4.62
C THR FB 321 155.54 -28.86 -3.12
N THR FB 322 154.51 -28.21 -2.58
CA THR FB 322 154.49 -27.70 -1.20
C THR FB 322 153.09 -27.78 -0.57
N TYR FB 323 153.02 -27.72 0.75
CA TYR FB 323 151.73 -27.58 1.45
C TYR FB 323 150.96 -26.32 1.01
N LYS FB 324 151.65 -25.25 0.58
CA LYS FB 324 151.01 -24.07 -0.04
C LYS FB 324 150.22 -24.44 -1.31
N GLU FB 325 150.78 -25.27 -2.18
CA GLU FB 325 150.04 -25.80 -3.35
C GLU FB 325 149.00 -26.86 -2.96
N PHE FB 326 149.19 -27.61 -1.89
CA PHE FB 326 148.15 -28.48 -1.35
C PHE FB 326 146.94 -27.69 -0.83
N LEU FB 327 147.18 -26.59 -0.09
CA LEU FB 327 146.15 -25.64 0.35
C LEU FB 327 145.35 -25.05 -0.83
N THR FB 328 146.01 -24.64 -1.91
CA THR FB 328 145.32 -23.98 -3.01
C THR FB 328 144.63 -24.98 -3.95
N LYS FB 329 145.27 -26.10 -4.30
CA LYS FB 329 144.67 -27.09 -5.20
C LYS FB 329 143.72 -28.05 -4.49
N GLY FB 330 144.05 -28.49 -3.28
CA GLY FB 330 143.46 -29.65 -2.61
C GLY FB 330 142.54 -29.37 -1.42
N ALA FB 331 142.37 -28.12 -1.00
CA ALA FB 331 141.46 -27.80 0.09
C ALA FB 331 139.98 -28.10 -0.25
N GLY FB 332 139.22 -28.53 0.74
CA GLY FB 332 137.82 -28.95 0.59
C GLY FB 332 136.82 -27.91 1.11
N ASN FB 333 135.68 -27.74 0.46
CA ASN FB 333 134.66 -26.84 1.00
C ASN FB 333 133.83 -27.61 2.05
N PRO FB 334 133.57 -27.06 3.25
CA PRO FB 334 132.96 -27.79 4.35
C PRO FB 334 131.52 -28.24 4.05
N PHE FB 335 130.88 -27.58 3.10
CA PHE FB 335 129.52 -27.85 2.64
C PHE FB 335 129.44 -28.82 1.45
N HIS FB 336 130.56 -29.44 1.04
CA HIS FB 336 130.50 -30.53 0.06
C HIS FB 336 129.69 -31.71 0.62
N ALA FB 337 129.07 -32.52 -0.24
CA ALA FB 337 128.09 -33.55 0.15
C ALA FB 337 128.59 -34.60 1.16
N GLU FB 338 129.91 -34.83 1.26
CA GLU FB 338 130.46 -35.70 2.30
C GLU FB 338 130.90 -34.95 3.57
N TRP FB 339 131.39 -33.71 3.47
CA TRP FB 339 131.79 -32.93 4.64
C TRP FB 339 130.61 -32.27 5.38
N ILE FB 340 129.53 -31.93 4.68
CA ILE FB 340 128.34 -31.25 5.22
C ILE FB 340 127.69 -31.99 6.39
N THR FB 341 127.64 -33.32 6.32
CA THR FB 341 127.15 -34.24 7.37
C THR FB 341 128.25 -35.16 7.90
N ALA FB 342 129.52 -34.87 7.59
CA ALA FB 342 130.69 -35.67 7.96
C ALA FB 342 130.52 -37.18 7.65
N GLN FB 343 130.02 -37.51 6.45
CA GLN FB 343 129.95 -38.89 5.96
C GLN FB 343 131.33 -39.55 6.02
N ASN FB 344 132.36 -38.81 5.61
CA ASN FB 344 133.76 -39.07 5.93
C ASN FB 344 134.16 -38.10 7.05
N PRO FB 345 134.94 -38.53 8.08
CA PRO FB 345 135.17 -37.74 9.28
C PRO FB 345 135.69 -36.32 9.02
N VAL FB 346 135.22 -35.39 9.85
CA VAL FB 346 135.58 -33.96 9.85
C VAL FB 346 136.03 -33.58 11.24
N ILE FB 347 137.15 -32.88 11.34
CA ILE FB 347 137.86 -32.58 12.57
C ILE FB 347 137.83 -31.08 12.83
N HIS FB 348 137.37 -30.67 14.02
CA HIS FB 348 137.32 -29.28 14.47
C HIS FB 348 138.46 -29.02 15.45
N THR FB 349 139.20 -27.92 15.32
CA THR FB 349 140.36 -27.61 16.17
C THR FB 349 140.62 -26.11 16.30
N ALA FB 350 141.28 -25.69 17.38
CA ALA FB 350 141.85 -24.35 17.49
C ALA FB 350 143.13 -24.16 16.64
N ASN FB 351 143.78 -25.26 16.21
CA ASN FB 351 145.06 -25.15 15.52
C ASN FB 351 144.90 -24.63 14.08
N SER FB 352 145.35 -23.40 13.85
CA SER FB 352 145.24 -22.75 12.55
C SER FB 352 146.06 -23.48 11.49
N PRO FB 353 145.59 -23.58 10.23
CA PRO FB 353 146.36 -24.12 9.13
C PRO FB 353 147.73 -23.48 8.99
N THR FB 354 147.90 -22.20 9.34
CA THR FB 354 149.21 -21.53 9.28
C THR FB 354 150.20 -22.05 10.32
N GLN FB 355 149.75 -22.55 11.47
CA GLN FB 355 150.64 -23.28 12.36
C GLN FB 355 151.06 -24.62 11.72
N ILE FB 356 150.12 -25.31 11.05
CA ILE FB 356 150.45 -26.50 10.25
C ILE FB 356 151.38 -26.16 9.08
N GLU FB 357 151.22 -24.99 8.42
CA GLU FB 357 152.14 -24.50 7.39
C GLU FB 357 153.53 -24.36 7.97
N GLN FB 358 153.68 -23.73 9.14
CA GLN FB 358 154.97 -23.59 9.81
C GLN FB 358 155.59 -24.97 10.10
N ILE FB 359 154.81 -25.96 10.56
CA ILE FB 359 155.33 -27.32 10.79
C ILE FB 359 155.77 -27.99 9.47
N TYR FB 360 154.96 -27.92 8.40
CA TYR FB 360 155.34 -28.44 7.08
C TYR FB 360 156.58 -27.74 6.50
N THR FB 361 156.52 -26.41 6.41
CA THR FB 361 157.56 -25.60 5.75
C THR FB 361 158.87 -25.63 6.53
N ALA FB 362 158.83 -25.68 7.87
CA ALA FB 362 160.04 -25.85 8.67
C ALA FB 362 160.76 -27.16 8.33
N SER FB 363 160.04 -28.28 8.18
CA SER FB 363 160.57 -29.49 7.55
C SER FB 363 159.47 -30.44 7.04
N THR FB 364 159.46 -30.65 5.73
CA THR FB 364 158.53 -31.57 5.04
C THR FB 364 158.73 -33.03 5.46
N THR FB 365 159.96 -33.40 5.80
CA THR FB 365 160.30 -34.74 6.30
C THR FB 365 159.71 -35.00 7.68
N THR FB 366 159.60 -33.98 8.56
CA THR FB 366 158.93 -34.14 9.86
C THR FB 366 157.42 -33.99 9.78
N PHE FB 367 156.85 -33.49 8.67
CA PHE FB 367 155.41 -33.54 8.43
C PHE FB 367 154.87 -34.97 8.31
N GLN FB 368 155.69 -35.90 7.78
CA GLN FB 368 155.43 -37.34 7.81
C GLN FB 368 155.38 -37.88 9.25
N ASN FB 369 156.33 -37.44 10.10
CA ASN FB 369 156.47 -37.93 11.47
C ASN FB 369 155.39 -37.35 12.41
N LYS FB 370 155.06 -36.06 12.30
CA LYS FB 370 154.14 -35.39 13.22
C LYS FB 370 152.70 -35.92 13.06
N LYS FB 371 152.05 -36.14 14.20
CA LYS FB 371 150.64 -36.52 14.34
C LYS FB 371 149.85 -35.40 15.03
N LEU FB 372 148.56 -35.60 15.27
CA LEU FB 372 147.71 -34.67 16.01
C LEU FB 372 148.09 -34.55 17.50
N THR FB 373 148.83 -35.50 18.06
CA THR FB 373 149.55 -35.34 19.33
C THR FB 373 150.64 -34.27 19.23
N ASP FB 374 150.91 -33.56 20.33
CA ASP FB 374 151.99 -32.57 20.47
C ASP FB 374 151.96 -31.44 19.41
N LEU FB 375 150.80 -31.14 18.84
CA LEU FB 375 150.61 -29.97 17.98
C LEU FB 375 150.31 -28.71 18.79
N PRO FB 376 150.55 -27.51 18.24
CA PRO FB 376 150.13 -26.27 18.88
C PRO FB 376 148.61 -26.19 18.97
N THR FB 377 148.10 -25.64 20.09
CA THR FB 377 146.65 -25.51 20.39
C THR FB 377 145.82 -26.68 19.86
N PRO FB 378 146.08 -27.94 20.28
CA PRO FB 378 145.41 -29.09 19.67
C PRO FB 378 144.06 -29.50 20.23
N GLY FB 379 143.01 -28.75 19.90
CA GLY FB 379 141.63 -29.08 20.34
C GLY FB 379 140.99 -29.94 19.27
N TYR FB 380 141.70 -30.94 18.75
CA TYR FB 380 141.18 -31.82 17.67
C TYR FB 380 140.00 -32.64 18.20
N ILE FB 381 138.79 -32.44 17.64
CA ILE FB 381 137.55 -33.14 18.09
C ILE FB 381 136.87 -33.69 16.83
N PHE FB 382 135.78 -34.45 16.93
CA PHE FB 382 135.00 -34.91 15.74
C PHE FB 382 133.67 -34.17 15.76
N ILE FB 383 133.49 -33.16 14.89
CA ILE FB 383 132.27 -32.31 14.87
C ILE FB 383 131.62 -32.36 13.48
N THR FB 384 130.29 -32.40 13.42
CA THR FB 384 129.53 -32.43 12.16
C THR FB 384 128.97 -31.03 11.86
N PRO FB 385 129.21 -30.43 10.67
CA PRO FB 385 128.66 -29.10 10.34
C PRO FB 385 127.13 -29.05 10.37
N THR FB 386 126.47 -30.17 10.02
CA THR FB 386 125.01 -30.33 10.05
C THR FB 386 124.57 -31.19 11.23
N VAL FB 387 123.43 -30.84 11.83
CA VAL FB 387 122.63 -31.72 12.68
C VAL FB 387 121.21 -31.81 12.11
N SER FB 388 120.55 -32.95 12.28
CA SER FB 388 119.14 -33.15 11.92
C SER FB 388 118.27 -33.10 13.18
N LEU FB 389 117.28 -32.21 13.20
CA LEU FB 389 116.27 -32.09 14.26
C LEU FB 389 114.98 -32.78 13.83
N ARG FB 390 114.16 -33.22 14.80
CA ARG FB 390 112.77 -33.62 14.57
C ARG FB 390 111.82 -32.57 15.12
N TYR FB 391 110.88 -32.13 14.30
CA TYR FB 391 109.82 -31.19 14.66
C TYR FB 391 108.46 -31.87 14.59
N ASN FB 392 107.63 -31.68 15.61
CA ASN FB 392 106.26 -32.16 15.63
C ASN FB 392 105.33 -30.95 15.79
N PRO FB 393 104.41 -30.67 14.84
CA PRO FB 393 103.57 -29.49 14.91
C PRO FB 393 102.56 -29.54 16.07
N TYR FB 394 102.16 -30.74 16.48
CA TYR FB 394 101.15 -30.91 17.56
C TYR FB 394 101.82 -30.72 18.92
N LYS FB 395 103.16 -30.82 18.97
CA LYS FB 395 103.94 -30.63 20.22
C LYS FB 395 104.41 -29.17 20.33
N ASP FB 396 104.00 -28.31 19.39
CA ASP FB 396 104.46 -26.90 19.35
C ASP FB 396 103.47 -25.98 20.08
N LEU FB 397 103.94 -25.21 21.07
CA LEU FB 397 103.07 -24.35 21.89
C LEU FB 397 103.31 -22.86 21.63
N ALA FB 398 104.26 -22.50 20.76
CA ALA FB 398 104.51 -21.13 20.36
C ALA FB 398 104.81 -20.13 21.50
N GLU FB 399 105.37 -20.55 22.64
CA GLU FB 399 105.59 -19.66 23.79
C GLU FB 399 106.85 -18.81 23.61
N ARG FB 400 107.87 -19.32 22.91
CA ARG FB 400 109.15 -18.62 22.68
C ARG FB 400 109.65 -18.78 21.24
N ASN FB 401 108.73 -19.01 20.31
CA ASN FB 401 109.01 -19.09 18.88
C ASN FB 401 109.37 -17.71 18.32
N LYS FB 402 110.28 -17.67 17.36
CA LYS FB 402 110.83 -16.41 16.80
C LYS FB 402 111.44 -16.67 15.42
N CYS FB 403 111.54 -15.66 14.57
CA CYS FB 403 112.00 -15.81 13.19
C CYS FB 403 112.49 -14.47 12.62
N TYR FB 404 113.64 -14.46 11.94
CA TYR FB 404 114.23 -13.26 11.34
C TYR FB 404 115.32 -13.58 10.31
N PHE FB 405 115.70 -12.58 9.49
CA PHE FB 405 116.80 -12.70 8.53
C PHE FB 405 118.05 -11.98 9.01
N VAL FB 406 119.21 -12.61 8.84
CA VAL FB 406 120.54 -12.04 9.11
C VAL FB 406 121.35 -11.98 7.82
N ARG FB 407 122.31 -11.07 7.72
CA ARG FB 407 123.14 -10.86 6.52
C ARG FB 407 124.16 -12.00 6.38
N SER FB 408 124.15 -12.72 5.25
CA SER FB 408 125.05 -13.86 5.03
C SER FB 408 126.45 -13.44 4.60
N LYS FB 409 126.57 -12.62 3.54
CA LYS FB 409 127.85 -12.02 3.10
C LYS FB 409 128.19 -10.73 3.88
N ILE FB 410 128.47 -10.85 5.17
CA ILE FB 410 129.16 -9.80 5.94
C ILE FB 410 130.13 -10.39 6.96
N ASN FB 411 131.10 -9.60 7.37
CA ASN FB 411 132.10 -9.97 8.37
C ASN FB 411 131.58 -9.71 9.80
N ALA FB 412 130.49 -10.37 10.19
CA ALA FB 412 129.90 -10.23 11.53
C ALA FB 412 129.64 -11.60 12.19
N HIS FB 413 130.02 -11.71 13.46
CA HIS FB 413 129.92 -12.96 14.22
C HIS FB 413 128.50 -13.18 14.76
N GLY FB 414 128.13 -14.44 14.97
CA GLY FB 414 126.94 -14.82 15.73
C GLY FB 414 125.63 -14.66 14.98
N TRP FB 415 124.57 -15.12 15.62
CA TRP FB 415 123.24 -15.34 15.03
C TRP FB 415 122.13 -14.50 15.67
N ASP FB 416 122.47 -13.59 16.58
CA ASP FB 416 121.45 -12.79 17.32
C ASP FB 416 120.57 -12.03 16.33
N PRO FB 417 119.28 -11.72 16.66
CA PRO FB 417 118.45 -10.92 15.78
C PRO FB 417 119.17 -9.60 15.58
N GLU FB 418 119.33 -9.17 14.32
CA GLU FB 418 120.10 -7.93 14.01
C GLU FB 418 119.36 -7.11 12.95
N GLN FB 419 119.89 -5.93 12.62
CA GLN FB 419 119.28 -5.04 11.59
C GLN FB 419 117.84 -4.70 12.01
N HIS FB 420 116.83 -5.00 11.20
CA HIS FB 420 115.41 -4.64 11.48
C HIS FB 420 114.88 -5.46 12.67
N GLN FB 421 114.57 -4.79 13.79
CA GLN FB 421 113.98 -5.47 14.97
C GLN FB 421 112.46 -5.43 14.84
N GLU FB 422 111.93 -4.56 13.96
CA GLU FB 422 110.49 -4.55 13.69
C GLU FB 422 110.06 -5.67 12.73
N LEU FB 423 111.00 -6.26 11.99
CA LEU FB 423 110.75 -7.38 11.08
C LEU FB 423 110.80 -8.75 11.78
N ILE FB 424 111.26 -8.81 13.04
CA ILE FB 424 111.23 -10.05 13.82
C ILE FB 424 109.77 -10.51 13.96
N ASN FB 425 109.51 -11.80 13.64
CA ASN FB 425 108.16 -12.43 13.74
C ASN FB 425 108.19 -13.40 14.92
N SER FB 426 107.28 -13.30 15.89
CA SER FB 426 107.33 -14.03 17.16
C SER FB 426 105.98 -14.62 17.56
N ASP FB 427 106.01 -15.63 18.44
CA ASP FB 427 104.87 -16.13 19.21
C ASP FB 427 103.71 -16.73 18.37
N LEU FB 428 104.03 -17.44 17.28
CA LEU FB 428 103.10 -18.29 16.55
C LEU FB 428 103.77 -19.66 16.32
N PRO FB 429 103.02 -20.76 16.15
CA PRO FB 429 103.63 -22.06 15.89
C PRO FB 429 104.40 -22.01 14.56
N GLN FB 430 105.57 -22.65 14.47
CA GLN FB 430 106.51 -22.55 13.30
C GLN FB 430 105.86 -22.73 11.92
N TRP FB 431 104.85 -23.57 11.77
CA TRP FB 431 104.13 -23.73 10.51
C TRP FB 431 103.27 -22.50 10.14
N LEU FB 432 102.82 -21.73 11.12
CA LEU FB 432 102.14 -20.45 10.92
C LEU FB 432 103.14 -19.29 10.87
N LEU FB 433 104.17 -19.31 11.70
CA LEU FB 433 105.17 -18.26 11.80
C LEU FB 433 105.98 -18.10 10.50
N LEU FB 434 106.34 -19.20 9.84
CA LEU FB 434 107.12 -19.17 8.61
C LEU FB 434 106.27 -18.90 7.36
N PHE FB 435 104.96 -19.14 7.39
CA PHE FB 435 104.13 -19.10 6.17
C PHE FB 435 104.09 -17.69 5.58
N GLY FB 436 104.59 -17.52 4.35
CA GLY FB 436 104.62 -16.23 3.67
C GLY FB 436 105.57 -15.19 4.28
N TYR FB 437 106.30 -15.49 5.35
CA TYR FB 437 107.19 -14.53 5.99
C TYR FB 437 108.35 -14.08 5.07
N PRO FB 438 109.06 -14.96 4.35
CA PRO FB 438 110.05 -14.54 3.36
C PRO FB 438 109.49 -13.61 2.28
N ASP FB 439 108.26 -13.84 1.80
CA ASP FB 439 107.64 -12.97 0.81
C ASP FB 439 107.22 -11.63 1.37
N TYR FB 440 106.73 -11.58 2.62
CA TYR FB 440 106.51 -10.30 3.29
C TYR FB 440 107.81 -9.50 3.36
N ILE FB 441 108.92 -10.14 3.71
CA ILE FB 441 110.23 -9.49 3.79
C ILE FB 441 110.70 -9.02 2.41
N LYS FB 442 110.60 -9.84 1.36
CA LYS FB 442 110.92 -9.42 -0.01
C LYS FB 442 110.07 -8.24 -0.46
N ARG FB 443 108.75 -8.28 -0.25
CA ARG FB 443 107.83 -7.19 -0.68
C ARG FB 443 108.10 -5.92 0.15
N THR FB 444 108.53 -6.07 1.41
CA THR FB 444 108.91 -4.93 2.25
C THR FB 444 110.15 -4.20 1.72
N GLN FB 445 111.07 -4.91 1.05
CA GLN FB 445 112.26 -4.28 0.38
C GLN FB 445 113.20 -3.57 1.37
N ASN FB 446 113.13 -3.87 2.67
CA ASN FB 446 114.06 -3.31 3.67
C ASN FB 446 115.42 -4.04 3.72
N PHE FB 447 115.60 -5.09 2.92
CA PHE FB 447 116.85 -5.83 2.78
C PHE FB 447 117.31 -5.87 1.32
N ALA FB 448 118.62 -6.00 1.08
CA ALA FB 448 119.14 -6.21 -0.27
C ALA FB 448 118.56 -7.50 -0.86
N LEU FB 449 117.97 -7.39 -2.05
CA LEU FB 449 116.89 -8.30 -2.48
C LEU FB 449 117.33 -9.76 -2.69
N VAL FB 450 118.62 -10.00 -2.98
CA VAL FB 450 119.07 -11.29 -3.49
C VAL FB 450 119.13 -12.38 -2.41
N ASP FB 451 118.61 -13.58 -2.71
CA ASP FB 451 118.55 -14.70 -1.73
C ASP FB 451 119.93 -15.09 -1.20
N THR FB 452 120.99 -14.83 -1.97
CA THR FB 452 122.34 -15.24 -1.58
C THR FB 452 122.95 -14.39 -0.46
N ASN FB 453 122.36 -13.23 -0.16
CA ASN FB 453 122.97 -12.26 0.75
C ASN FB 453 122.36 -12.28 2.16
N TYR FB 454 121.37 -13.13 2.41
CA TYR FB 454 120.73 -13.30 3.71
C TYR FB 454 120.55 -14.77 4.07
N ILE FB 455 120.40 -15.04 5.36
CA ILE FB 455 119.99 -16.33 5.93
C ILE FB 455 118.78 -16.08 6.80
N LEU FB 456 117.83 -17.01 6.76
CA LEU FB 456 116.72 -17.12 7.68
C LEU FB 456 117.14 -17.95 8.92
N VAL FB 457 116.85 -17.40 10.09
CA VAL FB 457 117.21 -17.95 11.40
C VAL FB 457 115.93 -17.99 12.26
N ASP FB 458 115.68 -19.08 12.97
CA ASP FB 458 114.48 -19.18 13.82
C ASP FB 458 114.77 -19.90 15.14
N HIS FB 459 114.06 -19.49 16.20
CA HIS FB 459 114.11 -20.13 17.51
C HIS FB 459 112.83 -20.93 17.72
N CYS FB 460 112.96 -22.16 18.23
CA CYS FB 460 111.84 -23.03 18.54
C CYS FB 460 112.23 -23.99 19.67
N PRO FB 461 111.67 -23.85 20.88
CA PRO FB 461 111.87 -24.77 21.99
C PRO FB 461 111.46 -26.24 21.72
N TYR FB 462 110.64 -26.47 20.70
CA TYR FB 462 109.80 -27.67 20.61
C TYR FB 462 110.31 -28.78 19.70
N THR FB 463 111.48 -28.63 19.08
CA THR FB 463 112.18 -29.78 18.51
C THR FB 463 112.70 -30.69 19.62
N ASN FB 464 112.76 -32.00 19.36
CA ASN FB 464 113.14 -32.97 20.41
C ASN FB 464 114.63 -32.88 20.80
N PRO FB 465 115.58 -32.97 19.86
CA PRO FB 465 116.89 -32.33 20.02
C PRO FB 465 116.73 -30.82 19.81
N GLU FB 466 117.72 -30.02 20.20
CA GLU FB 466 117.67 -28.56 20.06
C GLU FB 466 119.01 -27.97 19.59
N LYS FB 467 118.92 -26.79 19.00
CA LYS FB 467 120.02 -25.82 18.81
C LYS FB 467 119.44 -24.43 19.09
N THR FB 468 120.22 -23.52 19.66
CA THR FB 468 119.68 -22.27 20.23
C THR FB 468 118.91 -21.46 19.17
N PRO FB 469 119.53 -20.99 18.07
CA PRO FB 469 118.83 -20.80 16.82
C PRO FB 469 118.93 -22.06 15.93
N PHE FB 470 118.06 -22.06 14.90
CA PHE FB 470 118.12 -23.08 13.84
C PHE FB 470 118.52 -22.36 12.58
N ILE FB 471 119.30 -22.96 11.69
CA ILE FB 471 119.60 -22.36 10.37
C ILE FB 471 119.08 -23.38 9.36
N PRO FB 472 117.75 -23.50 9.12
CA PRO FB 472 117.23 -24.58 8.29
C PRO FB 472 117.97 -24.67 6.97
N LEU FB 473 118.25 -25.89 6.49
CA LEU FB 473 118.87 -26.14 5.18
C LEU FB 473 118.07 -27.20 4.44
N SER FB 474 117.88 -27.00 3.13
CA SER FB 474 117.11 -27.96 2.32
C SER FB 474 117.91 -29.23 2.08
N THR FB 475 117.20 -30.34 1.95
CA THR FB 475 117.78 -31.65 1.61
C THR FB 475 118.65 -31.57 0.35
N SER FB 476 118.31 -30.73 -0.62
CA SER FB 476 119.15 -30.49 -1.80
C SER FB 476 120.54 -29.94 -1.47
N PHE FB 477 120.66 -28.96 -0.56
CA PHE FB 477 121.97 -28.44 -0.13
C PHE FB 477 122.73 -29.43 0.77
N ILE FB 478 122.02 -30.18 1.60
CA ILE FB 478 122.56 -31.28 2.41
C ILE FB 478 123.00 -32.47 1.55
N GLU FB 479 122.53 -32.57 0.31
CA GLU FB 479 122.88 -33.61 -0.67
C GLU FB 479 123.71 -33.08 -1.86
N GLY FB 480 124.18 -31.83 -1.84
CA GLY FB 480 125.04 -31.31 -2.90
C GLY FB 480 124.34 -31.15 -4.25
N ARG FB 481 123.21 -30.42 -4.26
CA ARG FB 481 122.39 -30.26 -5.50
C ARG FB 481 121.73 -28.86 -5.52
N SER FB 482 121.40 -28.35 -6.71
CA SER FB 482 120.79 -27.01 -6.87
C SER FB 482 119.41 -26.91 -6.18
N PRO FB 483 118.97 -25.70 -5.76
CA PRO FB 483 117.82 -25.50 -4.88
C PRO FB 483 116.52 -26.24 -5.27
N TYR FB 484 116.21 -26.34 -6.56
CA TYR FB 484 115.05 -27.06 -7.11
C TYR FB 484 115.45 -28.02 -8.24
N SER FB 485 116.55 -28.76 -8.06
CA SER FB 485 117.04 -29.72 -9.07
C SER FB 485 116.69 -31.16 -8.70
N PRO FB 486 116.30 -32.02 -9.67
CA PRO FB 486 115.86 -33.38 -9.40
C PRO FB 486 116.96 -34.26 -8.80
N SER FB 487 116.57 -35.14 -7.88
CA SER FB 487 117.46 -35.97 -7.05
C SER FB 487 118.42 -36.88 -7.81
N ASP FB 488 118.19 -37.13 -9.12
CA ASP FB 488 119.12 -37.94 -9.96
C ASP FB 488 120.46 -37.20 -10.08
N THR FB 489 120.45 -35.87 -9.91
CA THR FB 489 121.63 -35.01 -9.98
C THR FB 489 122.45 -35.11 -8.68
N HIS FB 490 123.79 -35.10 -8.78
CA HIS FB 490 124.70 -35.21 -7.59
C HIS FB 490 125.74 -34.08 -7.61
N GLU FB 491 125.46 -32.95 -8.28
CA GLU FB 491 126.29 -31.75 -8.30
C GLU FB 491 125.41 -30.51 -8.49
N PRO FB 492 125.78 -29.33 -7.96
CA PRO FB 492 125.17 -28.08 -8.37
C PRO FB 492 125.38 -27.80 -9.87
N ASP FB 493 124.47 -27.06 -10.50
CA ASP FB 493 124.68 -26.39 -11.80
C ASP FB 493 125.70 -25.24 -11.66
N GLU FB 494 126.40 -24.83 -12.71
CA GLU FB 494 127.58 -23.95 -12.62
C GLU FB 494 127.39 -22.68 -11.76
N GLU FB 495 126.24 -22.02 -11.87
CA GLU FB 495 125.95 -20.83 -11.07
C GLU FB 495 125.72 -21.13 -9.58
N ASP FB 496 125.29 -22.34 -9.24
CA ASP FB 496 125.25 -22.86 -7.86
C ASP FB 496 126.54 -23.61 -7.46
N GLN FB 497 127.42 -23.98 -8.40
CA GLN FB 497 128.77 -24.44 -8.05
C GLN FB 497 129.58 -23.27 -7.50
N ASN FB 498 129.41 -22.08 -8.08
CA ASN FB 498 129.71 -20.81 -7.43
C ASN FB 498 128.68 -20.51 -6.31
N ARG FB 499 129.13 -19.68 -5.36
CA ARG FB 499 128.29 -19.23 -4.23
C ARG FB 499 127.74 -20.44 -3.47
N TRP FB 500 128.50 -21.54 -3.35
CA TRP FB 500 128.05 -22.78 -2.64
C TRP FB 500 128.24 -22.61 -1.12
N TYR FB 501 127.43 -21.77 -0.49
CA TYR FB 501 127.50 -21.47 0.94
C TYR FB 501 126.11 -21.20 1.52
N PRO FB 502 125.90 -21.33 2.85
CA PRO FB 502 124.61 -21.08 3.48
C PRO FB 502 123.99 -19.72 3.13
N CYS FB 503 122.81 -19.75 2.53
CA CYS FB 503 121.99 -18.57 2.25
C CYS FB 503 120.54 -18.99 1.98
N TYR FB 504 119.61 -18.04 2.03
CA TYR FB 504 118.17 -18.27 1.93
C TYR FB 504 117.77 -19.08 0.69
N GLN FB 505 118.50 -18.95 -0.43
CA GLN FB 505 118.20 -19.72 -1.66
C GLN FB 505 118.25 -21.23 -1.39
N TYR FB 506 119.14 -21.70 -0.53
CA TYR FB 506 119.23 -23.10 -0.16
C TYR FB 506 118.31 -23.50 1.00
N GLN FB 507 117.69 -22.54 1.71
CA GLN FB 507 116.77 -22.82 2.83
C GLN FB 507 115.32 -23.01 2.39
N GLN FB 508 114.94 -22.58 1.19
CA GLN FB 508 113.55 -22.46 0.76
C GLN FB 508 112.71 -23.74 0.92
N GLU FB 509 113.22 -24.88 0.46
CA GLU FB 509 112.46 -26.13 0.55
C GLU FB 509 112.29 -26.60 2.00
N SER FB 510 113.25 -26.33 2.89
CA SER FB 510 113.11 -26.69 4.31
C SER FB 510 112.01 -25.91 5.02
N ILE FB 511 111.90 -24.60 4.81
CA ILE FB 511 110.81 -23.83 5.43
C ILE FB 511 109.46 -24.10 4.78
N ASN FB 512 109.44 -24.43 3.48
CA ASN FB 512 108.21 -24.94 2.87
C ASN FB 512 107.79 -26.26 3.51
N SER FB 513 108.73 -27.17 3.78
CA SER FB 513 108.46 -28.44 4.45
C SER FB 513 107.93 -28.27 5.87
N ILE FB 514 108.44 -27.28 6.62
CA ILE FB 514 107.88 -26.90 7.93
C ILE FB 514 106.45 -26.36 7.78
N CYS FB 515 106.17 -25.49 6.80
CA CYS FB 515 104.82 -25.02 6.54
C CYS FB 515 103.85 -26.13 6.13
N LEU FB 516 104.30 -27.09 5.33
CA LEU FB 516 103.54 -28.29 4.96
C LEU FB 516 103.20 -29.17 6.17
N SER FB 517 103.93 -29.08 7.27
CA SER FB 517 103.53 -29.77 8.50
C SER FB 517 102.26 -29.17 9.12
N GLY FB 518 101.91 -27.93 8.80
CA GLY FB 518 100.71 -27.26 9.30
C GLY FB 518 99.42 -27.73 8.63
N PRO FB 519 98.27 -27.53 9.29
CA PRO FB 519 96.97 -27.98 8.80
C PRO FB 519 96.50 -27.21 7.55
N GLY FB 520 95.62 -27.84 6.80
CA GLY FB 520 94.99 -27.32 5.59
C GLY FB 520 95.87 -27.34 4.33
N THR FB 521 97.17 -27.58 4.45
CA THR FB 521 98.09 -27.56 3.32
C THR FB 521 97.85 -28.75 2.38
N PRO FB 522 97.69 -28.53 1.07
CA PRO FB 522 97.26 -29.56 0.13
C PRO FB 522 98.31 -30.63 -0.19
N LYS FB 523 97.85 -31.79 -0.65
CA LYS FB 523 98.65 -32.87 -1.23
C LYS FB 523 98.61 -32.76 -2.76
N ILE FB 524 99.74 -32.51 -3.41
CA ILE FB 524 99.83 -32.43 -4.87
C ILE FB 524 100.86 -33.45 -5.36
N PRO FB 525 100.50 -34.43 -6.21
CA PRO FB 525 101.46 -35.38 -6.73
C PRO FB 525 102.63 -34.72 -7.47
N LYS FB 526 103.85 -35.26 -7.33
CA LYS FB 526 105.03 -34.72 -8.01
C LYS FB 526 104.84 -34.74 -9.52
N GLY FB 527 105.20 -33.64 -10.18
CA GLY FB 527 104.99 -33.42 -11.62
C GLY FB 527 103.60 -32.88 -12.00
N ILE FB 528 102.68 -32.69 -11.05
CA ILE FB 528 101.39 -32.04 -11.29
C ILE FB 528 101.45 -30.61 -10.76
N THR FB 529 100.95 -29.65 -11.54
CA THR FB 529 100.76 -28.26 -11.12
C THR FB 529 99.28 -28.02 -10.92
N ALA FB 530 98.88 -27.63 -9.71
CA ALA FB 530 97.52 -27.20 -9.43
C ALA FB 530 97.36 -25.72 -9.80
N GLU FB 531 96.18 -25.32 -10.24
CA GLU FB 531 95.91 -23.97 -10.76
C GLU FB 531 94.53 -23.52 -10.29
N ALA FB 532 94.32 -22.21 -10.18
CA ALA FB 532 93.00 -21.64 -9.97
C ALA FB 532 92.83 -20.36 -10.79
N LYS FB 533 91.61 -20.08 -11.23
CA LYS FB 533 91.29 -18.90 -12.01
C LYS FB 533 89.97 -18.26 -11.60
N VAL FB 534 89.87 -16.96 -11.81
CA VAL FB 534 88.64 -16.19 -11.71
C VAL FB 534 88.35 -15.55 -13.07
N LYS FB 535 87.10 -15.43 -13.45
CA LYS FB 535 86.68 -14.54 -14.54
C LYS FB 535 86.13 -13.26 -13.95
N TYR FB 536 86.66 -12.13 -14.39
CA TYR FB 536 86.26 -10.83 -13.90
C TYR FB 536 85.49 -10.04 -14.95
N SER FB 537 84.66 -9.11 -14.50
CA SER FB 537 84.03 -8.11 -15.33
C SER FB 537 83.96 -6.80 -14.54
N PHE FB 538 84.87 -5.86 -14.82
CA PHE FB 538 84.83 -4.52 -14.23
C PHE FB 538 83.95 -3.61 -15.04
N ASN FB 539 83.05 -2.88 -14.40
CA ASN FB 539 82.07 -2.03 -15.07
C ASN FB 539 82.52 -0.57 -15.00
N PHE FB 540 82.71 0.04 -16.17
CA PHE FB 540 83.08 1.43 -16.32
C PHE FB 540 82.12 2.13 -17.27
N LYS FB 541 82.08 3.45 -17.19
CA LYS FB 541 81.60 4.31 -18.26
C LYS FB 541 82.72 5.24 -18.66
N TRP FB 542 82.82 5.57 -19.93
CA TRP FB 542 83.73 6.58 -20.47
C TRP FB 542 82.93 7.82 -20.85
N GLY FB 543 83.42 9.00 -20.51
CA GLY FB 543 82.71 10.26 -20.71
C GLY FB 543 83.54 11.27 -21.48
N GLY FB 544 82.88 12.08 -22.30
CA GLY FB 544 83.55 13.15 -23.02
C GLY FB 544 82.63 13.94 -23.94
N ASP FB 545 83.19 14.96 -24.59
CA ASP FB 545 82.60 15.56 -25.77
C ASP FB 545 82.69 14.61 -26.98
N LEU FB 546 81.83 14.81 -27.97
CA LEU FB 546 81.71 13.90 -29.12
C LEU FB 546 83.04 13.79 -29.91
N PRO FB 547 83.53 12.58 -30.19
CA PRO FB 547 84.78 12.37 -30.92
C PRO FB 547 84.63 12.46 -32.45
N PRO FB 548 85.73 12.60 -33.20
CA PRO FB 548 85.76 12.49 -34.66
C PRO FB 548 85.66 11.04 -35.15
N MET FB 549 85.46 10.84 -36.45
CA MET FB 549 85.29 9.51 -37.10
C MET FB 549 85.71 9.54 -38.58
N SER FB 550 85.98 8.38 -39.20
CA SER FB 550 86.36 8.27 -40.63
C SER FB 550 85.66 7.12 -41.36
N THR FB 551 85.70 7.13 -42.70
CA THR FB 551 84.88 6.28 -43.59
C THR FB 551 85.69 5.66 -44.73
N ILE FB 552 85.14 4.63 -45.36
CA ILE FB 552 85.78 3.78 -46.38
C ILE FB 552 85.03 3.90 -47.72
N THR FB 553 85.73 3.85 -48.86
CA THR FB 553 85.10 3.91 -50.19
C THR FB 553 84.09 2.78 -50.38
N ASN FB 554 82.97 3.03 -51.05
CA ASN FB 554 82.00 1.98 -51.37
C ASN FB 554 82.51 0.95 -52.41
N PRO FB 555 83.16 1.34 -53.53
CA PRO FB 555 83.55 0.38 -54.56
C PRO FB 555 84.58 -0.62 -54.08
N THR FB 556 85.61 -0.18 -53.34
CA THR FB 556 86.62 -1.10 -52.77
C THR FB 556 86.21 -1.44 -51.35
N ASP FB 557 85.25 -2.35 -51.19
CA ASP FB 557 84.72 -2.72 -49.84
C ASP FB 557 84.34 -4.21 -49.85
N GLN FB 558 83.91 -4.75 -48.70
CA GLN FB 558 83.52 -6.17 -48.60
C GLN FB 558 82.71 -6.56 -49.85
N PRO FB 559 83.22 -7.42 -50.76
CA PRO FB 559 82.50 -7.73 -51.98
C PRO FB 559 81.46 -8.82 -51.79
N THR FB 560 80.31 -8.69 -52.47
CA THR FB 560 79.27 -9.73 -52.41
C THR FB 560 79.79 -11.05 -53.01
N TYR FB 561 79.27 -12.20 -52.57
CA TYR FB 561 79.71 -13.52 -53.07
C TYR FB 561 79.64 -13.62 -54.61
N VAL FB 562 78.70 -12.90 -55.23
CA VAL FB 562 78.55 -12.80 -56.69
C VAL FB 562 79.83 -12.25 -57.34
N LYS GB 48 -33.13 66.33 -3.95
CA LYS GB 48 -32.36 67.37 -4.68
C LYS GB 48 -33.04 67.76 -6.00
N ARG GB 49 -33.08 66.87 -7.00
CA ARG GB 49 -33.82 67.05 -8.25
C ARG GB 49 -34.53 65.77 -8.66
N LEU GB 50 -35.71 65.90 -9.24
CA LEU GB 50 -36.58 64.79 -9.63
C LEU GB 50 -36.89 64.84 -11.12
N ASN GB 51 -37.09 63.68 -11.74
CA ASN GB 51 -37.68 63.59 -13.07
C ASN GB 51 -39.13 64.08 -13.03
N ILE GB 52 -39.53 64.88 -14.02
CA ILE GB 52 -40.93 65.20 -14.24
C ILE GB 52 -41.63 63.97 -14.83
N VAL GB 53 -42.80 63.62 -14.29
CA VAL GB 53 -43.57 62.43 -14.63
C VAL GB 53 -44.98 62.85 -15.00
N GLU GB 54 -45.57 62.17 -15.97
CA GLU GB 54 -46.96 62.35 -16.40
C GLU GB 54 -47.73 61.04 -16.22
N TRP GB 55 -49.01 61.13 -15.89
CA TRP GB 55 -49.88 59.96 -15.79
C TRP GB 55 -50.60 59.74 -17.11
N GLN GB 56 -50.40 58.54 -17.66
CA GLN GB 56 -50.91 58.18 -19.01
C GLN GB 56 -52.44 58.22 -19.03
N PRO GB 57 -53.04 58.70 -20.13
CA PRO GB 57 -54.49 58.83 -20.24
C PRO GB 57 -55.18 57.46 -20.36
N LYS GB 58 -56.48 57.43 -20.05
CA LYS GB 58 -57.26 56.19 -19.86
C LYS GB 58 -57.32 55.30 -21.10
N SER GB 59 -57.47 55.88 -22.29
CA SER GB 59 -57.42 55.17 -23.58
C SER GB 59 -56.51 55.88 -24.57
N ILE GB 60 -55.73 55.09 -25.31
CA ILE GB 60 -54.71 55.56 -26.25
C ILE GB 60 -54.86 54.84 -27.59
N ARG GB 61 -54.73 55.57 -28.71
CA ARG GB 61 -54.84 54.99 -30.08
C ARG GB 61 -53.77 55.52 -31.05
N LYS GB 62 -52.77 54.71 -31.42
CA LYS GB 62 -51.73 55.10 -32.38
C LYS GB 62 -52.35 55.45 -33.73
N CYS GB 63 -51.88 56.50 -34.38
CA CYS GB 63 -52.28 56.92 -35.72
C CYS GB 63 -51.08 57.39 -36.52
N ARG GB 64 -50.83 56.74 -37.67
CA ARG GB 64 -49.79 57.17 -38.62
C ARG GB 64 -50.45 57.95 -39.78
N ILE GB 65 -50.30 59.28 -39.81
CA ILE GB 65 -50.83 60.09 -40.90
C ILE GB 65 -49.90 59.90 -42.09
N LYS GB 66 -50.31 59.09 -43.07
CA LYS GB 66 -49.51 58.66 -44.22
C LYS GB 66 -49.97 59.35 -45.49
N GLY GB 67 -49.07 59.85 -46.31
CA GLY GB 67 -49.45 60.51 -47.56
C GLY GB 67 -48.26 60.90 -48.43
N MET GB 68 -48.54 61.63 -49.49
CA MET GB 68 -47.58 62.03 -50.51
C MET GB 68 -47.56 63.56 -50.63
N LEU GB 69 -46.38 64.19 -50.64
CA LEU GB 69 -46.20 65.64 -50.74
C LEU GB 69 -45.38 65.99 -51.97
N CYS GB 70 -45.87 66.90 -52.81
CA CYS GB 70 -45.12 67.46 -53.91
C CYS GB 70 -44.09 68.48 -53.43
N LEU GB 71 -42.80 68.26 -53.70
CA LEU GB 71 -41.72 69.14 -53.27
C LEU GB 71 -41.56 70.34 -54.20
N PHE GB 72 -41.62 70.11 -55.50
CA PHE GB 72 -41.71 71.15 -56.52
C PHE GB 72 -42.33 70.55 -57.78
N GLN GB 73 -42.86 71.39 -58.64
CA GLN GB 73 -43.09 71.05 -60.03
C GLN GB 73 -42.77 72.27 -60.88
N THR GB 74 -41.83 72.14 -61.80
CA THR GB 74 -41.13 73.26 -62.42
C THR GB 74 -40.91 73.07 -63.91
N THR GB 75 -40.97 74.18 -64.65
CA THR GB 75 -40.37 74.33 -65.97
C THR GB 75 -39.06 75.11 -65.83
N GLU GB 76 -38.27 75.25 -66.90
CA GLU GB 76 -37.00 75.99 -66.89
C GLU GB 76 -37.18 77.49 -66.55
N ASP GB 77 -38.26 78.11 -67.02
CA ASP GB 77 -38.58 79.52 -66.81
C ASP GB 77 -39.15 79.85 -65.42
N ARG GB 78 -39.30 78.84 -64.55
CA ARG GB 78 -39.71 78.99 -63.15
C ARG GB 78 -38.72 78.46 -62.13
N LEU GB 79 -37.52 78.06 -62.53
CA LEU GB 79 -36.55 77.43 -61.63
C LEU GB 79 -36.13 78.29 -60.44
N SER GB 80 -36.00 79.60 -60.61
CA SER GB 80 -35.58 80.51 -59.55
C SER GB 80 -36.69 80.95 -58.59
N TYR GB 81 -37.92 80.42 -58.73
CA TYR GB 81 -39.09 80.82 -57.94
C TYR GB 81 -39.56 79.72 -56.99
N ASN GB 82 -40.16 80.12 -55.88
CA ASN GB 82 -40.73 79.24 -54.88
C ASN GB 82 -42.04 78.59 -55.38
N PHE GB 83 -42.12 77.26 -55.36
CA PHE GB 83 -43.34 76.51 -55.63
C PHE GB 83 -44.29 76.51 -54.44
N ASP GB 84 -45.44 77.14 -54.62
CA ASP GB 84 -46.62 76.94 -53.77
C ASP GB 84 -47.66 76.14 -54.55
N MET GB 85 -48.16 75.04 -53.97
CA MET GB 85 -49.18 74.21 -54.61
C MET GB 85 -50.56 74.89 -54.60
N TYR GB 86 -50.79 75.75 -53.60
CA TYR GB 86 -52.00 76.55 -53.44
C TYR GB 86 -51.65 78.02 -53.75
N GLU GB 87 -52.13 78.49 -54.89
CA GLU GB 87 -51.51 79.53 -55.69
C GLU GB 87 -51.95 80.98 -55.40
N GLU GB 88 -51.11 81.93 -55.84
CA GLU GB 88 -51.59 83.26 -56.23
C GLU GB 88 -52.27 83.06 -57.61
N SER GB 89 -53.58 83.28 -57.70
CA SER GB 89 -54.46 82.69 -58.73
C SER GB 89 -54.06 82.90 -60.20
N ILE GB 90 -53.20 83.87 -60.50
CA ILE GB 90 -52.63 84.09 -61.83
C ILE GB 90 -51.51 83.10 -62.19
N ILE GB 91 -50.71 82.63 -61.21
CA ILE GB 91 -49.53 81.80 -61.47
C ILE GB 91 -49.84 80.54 -62.28
N PRO GB 92 -50.83 79.69 -61.93
CA PRO GB 92 -51.09 78.49 -62.72
C PRO GB 92 -51.76 78.75 -64.07
N GLU GB 93 -52.23 79.97 -64.36
CA GLU GB 93 -52.81 80.28 -65.67
C GLU GB 93 -51.72 80.26 -66.75
N LYS GB 94 -51.75 79.22 -67.59
CA LYS GB 94 -50.76 78.97 -68.65
C LYS GB 94 -49.31 78.75 -68.14
N LEU GB 95 -49.14 78.29 -66.89
CA LEU GB 95 -47.89 77.67 -66.42
C LEU GB 95 -48.15 76.26 -65.85
N PRO GB 96 -47.51 75.20 -66.38
CA PRO GB 96 -47.70 73.84 -65.87
C PRO GB 96 -46.91 73.54 -64.59
N GLY GB 97 -45.91 74.36 -64.23
CA GLY GB 97 -45.17 74.26 -62.97
C GLY GB 97 -44.76 75.63 -62.46
N GLY GB 98 -45.00 75.90 -61.17
CA GLY GB 98 -44.91 77.24 -60.60
C GLY GB 98 -43.55 77.62 -60.03
N GLY GB 99 -42.66 76.67 -59.74
CA GLY GB 99 -41.40 76.99 -59.07
C GLY GB 99 -40.45 75.81 -58.93
N GLY GB 100 -39.14 76.07 -58.93
CA GLY GB 100 -38.09 75.04 -58.88
C GLY GB 100 -37.50 74.79 -57.51
N PHE GB 101 -37.92 75.52 -56.49
CA PHE GB 101 -37.59 75.23 -55.10
C PHE GB 101 -38.81 75.42 -54.24
N SER GB 102 -38.87 74.84 -53.05
CA SER GB 102 -39.90 75.19 -52.08
C SER GB 102 -39.38 75.18 -50.67
N ILE GB 103 -40.05 75.94 -49.80
CA ILE GB 103 -40.00 75.74 -48.36
C ILE GB 103 -41.38 75.31 -47.91
N LYS GB 104 -41.48 74.11 -47.33
CA LYS GB 104 -42.71 73.52 -46.78
C LYS GB 104 -42.65 73.57 -45.27
N ASN GB 105 -43.68 74.09 -44.60
CA ASN GB 105 -43.89 73.87 -43.17
C ASN GB 105 -45.06 72.90 -42.98
N ILE GB 106 -44.87 71.85 -42.19
CA ILE GB 106 -45.90 70.85 -41.90
C ILE GB 106 -46.38 71.01 -40.46
N SER GB 107 -47.68 71.08 -40.26
CA SER GB 107 -48.35 71.09 -38.96
C SER GB 107 -49.52 70.14 -38.99
N LEU GB 108 -50.00 69.71 -37.84
CA LEU GB 108 -51.17 68.81 -37.75
C LEU GB 108 -52.41 69.41 -38.42
N TYR GB 109 -52.58 70.73 -38.41
CA TYR GB 109 -53.64 71.38 -39.17
C TYR GB 109 -53.40 71.34 -40.68
N ALA GB 110 -52.17 71.53 -41.16
CA ALA GB 110 -51.84 71.33 -42.56
C ALA GB 110 -52.03 69.87 -43.00
N LEU GB 111 -51.73 68.88 -42.15
CA LEU GB 111 -52.03 67.48 -42.41
C LEU GB 111 -53.54 67.22 -42.51
N TYR GB 112 -54.36 67.84 -41.66
CA TYR GB 112 -55.81 67.81 -41.80
C TYR GB 112 -56.28 68.47 -43.10
N GLN GB 113 -55.72 69.61 -43.51
CA GLN GB 113 -56.04 70.23 -44.80
C GLN GB 113 -55.67 69.34 -45.98
N GLU GB 114 -54.54 68.65 -45.94
CA GLU GB 114 -54.18 67.65 -46.97
C GLU GB 114 -55.14 66.46 -46.98
N HIS GB 115 -55.80 66.14 -45.86
CA HIS GB 115 -56.84 65.07 -45.80
C HIS GB 115 -58.11 65.54 -46.50
N ILE GB 116 -58.41 66.84 -46.47
CA ILE GB 116 -59.55 67.40 -47.22
C ILE GB 116 -59.31 67.36 -48.73
N HIS GB 117 -58.06 67.48 -49.18
CA HIS GB 117 -57.67 67.24 -50.58
C HIS GB 117 -57.51 65.76 -50.93
N ALA GB 118 -57.78 64.84 -49.99
CA ALA GB 118 -57.57 63.40 -50.13
C ALA GB 118 -56.11 63.01 -50.42
N HIS GB 119 -55.14 63.83 -50.03
CA HIS GB 119 -53.72 63.57 -50.25
C HIS GB 119 -53.08 62.66 -49.18
N ASN GB 120 -53.78 62.38 -48.08
CA ASN GB 120 -53.31 61.49 -47.03
C ASN GB 120 -54.45 60.67 -46.42
N ILE GB 121 -54.06 59.64 -45.67
CA ILE GB 121 -54.94 58.86 -44.80
C ILE GB 121 -54.52 59.09 -43.34
N PHE GB 122 -55.49 59.05 -42.43
CA PHE GB 122 -55.23 58.92 -41.00
C PHE GB 122 -55.52 57.46 -40.63
N THR GB 123 -54.52 56.74 -40.12
CA THR GB 123 -54.67 55.31 -39.79
C THR GB 123 -55.70 55.06 -38.68
N HIS GB 124 -55.93 56.07 -37.85
CA HIS GB 124 -56.99 56.01 -36.81
C HIS GB 124 -57.58 57.42 -36.72
N THR GB 125 -58.90 57.56 -36.63
CA THR GB 125 -59.57 58.84 -36.39
C THR GB 125 -59.25 59.40 -35.01
N ASN GB 126 -59.44 60.70 -34.86
CA ASN GB 126 -59.18 61.47 -33.65
C ASN GB 126 -60.45 62.11 -33.05
N THR GB 127 -61.64 61.69 -33.48
CA THR GB 127 -62.88 62.47 -33.25
C THR GB 127 -63.24 62.65 -31.78
N ASP GB 128 -62.96 61.66 -30.93
CA ASP GB 128 -63.39 61.63 -29.53
C ASP GB 128 -62.24 61.44 -28.54
N ARG GB 129 -61.01 61.68 -29.01
CA ARG GB 129 -59.78 61.63 -28.16
C ARG GB 129 -59.09 62.98 -28.38
N PRO GB 130 -59.19 63.98 -27.47
CA PRO GB 130 -58.73 65.34 -27.72
C PRO GB 130 -57.24 65.57 -27.48
N LEU GB 131 -56.56 64.66 -26.76
CA LEU GB 131 -55.12 64.74 -26.53
C LEU GB 131 -54.34 64.16 -27.72
N ALA GB 132 -53.14 64.67 -27.95
CA ALA GB 132 -52.20 64.19 -28.93
C ALA GB 132 -50.80 64.05 -28.34
N ARG GB 133 -50.05 63.04 -28.80
CA ARG GB 133 -48.64 62.80 -28.38
C ARG GB 133 -47.81 62.51 -29.65
N TYR GB 134 -47.24 63.53 -30.27
CA TYR GB 134 -46.42 63.42 -31.48
C TYR GB 134 -45.08 62.75 -31.20
N THR GB 135 -44.70 61.75 -31.99
CA THR GB 135 -43.53 60.90 -31.74
C THR GB 135 -42.42 61.09 -32.79
N GLY GB 136 -42.68 61.80 -33.89
CA GLY GB 136 -41.73 62.03 -34.96
C GLY GB 136 -42.28 61.62 -36.33
N CYS GB 137 -41.44 61.72 -37.35
CA CYS GB 137 -41.81 61.53 -38.73
C CYS GB 137 -40.86 60.56 -39.44
N SER GB 138 -41.36 59.80 -40.41
CA SER GB 138 -40.55 59.13 -41.42
C SER GB 138 -40.80 59.78 -42.78
N LEU GB 139 -39.74 60.13 -43.51
CA LEU GB 139 -39.83 60.58 -44.89
C LEU GB 139 -39.16 59.56 -45.82
N LYS GB 140 -39.78 59.27 -46.96
CA LYS GB 140 -39.16 58.58 -48.10
C LYS GB 140 -39.13 59.53 -49.29
N PHE GB 141 -37.94 59.94 -49.69
CA PHE GB 141 -37.71 60.82 -50.82
C PHE GB 141 -37.48 59.97 -52.06
N TYR GB 142 -38.27 60.14 -53.11
CA TYR GB 142 -38.16 59.33 -54.32
C TYR GB 142 -37.25 59.97 -55.35
N GLN GB 143 -36.44 59.17 -56.03
CA GLN GB 143 -35.77 59.61 -57.25
C GLN GB 143 -36.80 60.01 -58.30
N SER GB 144 -36.71 61.23 -58.80
CA SER GB 144 -37.47 61.61 -59.99
C SER GB 144 -36.89 60.95 -61.24
N LYS GB 145 -37.67 60.85 -62.31
CA LYS GB 145 -37.19 60.31 -63.57
C LYS GB 145 -36.10 61.19 -64.20
N ASP GB 146 -36.39 62.48 -64.35
CA ASP GB 146 -35.61 63.40 -65.20
C ASP GB 146 -34.74 64.44 -64.45
N ILE GB 147 -35.00 64.69 -63.16
CA ILE GB 147 -34.31 65.80 -62.43
C ILE GB 147 -33.74 65.34 -61.09
N ASP GB 148 -32.56 65.85 -60.72
CA ASP GB 148 -31.95 65.55 -59.40
C ASP GB 148 -32.52 66.59 -58.45
N TYR GB 149 -32.28 66.49 -57.14
CA TYR GB 149 -32.73 67.57 -56.23
C TYR GB 149 -32.11 67.45 -54.85
N VAL GB 150 -31.78 68.59 -54.24
CA VAL GB 150 -31.22 68.66 -52.89
C VAL GB 150 -32.36 68.90 -51.92
N VAL GB 151 -32.38 68.21 -50.79
CA VAL GB 151 -33.27 68.48 -49.67
C VAL GB 151 -32.44 68.84 -48.45
N THR GB 152 -32.93 69.77 -47.63
CA THR GB 152 -32.53 69.84 -46.23
C THR GB 152 -33.75 70.19 -45.39
N TYR GB 153 -33.78 69.74 -44.15
CA TYR GB 153 -34.94 69.90 -43.29
C TYR GB 153 -34.51 70.41 -41.91
N SER GB 154 -35.43 71.02 -41.19
CA SER GB 154 -35.20 71.55 -39.86
C SER GB 154 -36.40 71.29 -38.97
N THR GB 155 -36.20 71.29 -37.65
CA THR GB 155 -37.32 71.14 -36.68
C THR GB 155 -37.14 72.14 -35.54
N SER GB 156 -36.38 73.21 -35.73
CA SER GB 156 -36.32 74.28 -34.70
C SER GB 156 -37.74 74.82 -34.55
N LEU GB 157 -38.41 74.58 -33.42
CA LEU GB 157 -39.83 74.99 -33.26
C LEU GB 157 -40.00 76.44 -33.72
N PRO GB 158 -39.11 77.41 -33.35
CA PRO GB 158 -39.24 78.76 -33.88
C PRO GB 158 -39.22 78.73 -35.40
N LEU GB 159 -40.30 79.17 -36.04
CA LEU GB 159 -40.41 79.16 -37.52
C LEU GB 159 -40.33 80.60 -38.04
N ARG GB 160 -39.41 80.87 -38.98
CA ARG GB 160 -39.25 82.21 -39.59
C ARG GB 160 -38.55 82.09 -40.93
N SER GB 161 -38.66 83.11 -41.79
CA SER GB 161 -37.99 83.13 -43.12
C SER GB 161 -36.85 84.17 -43.08
N SER GB 162 -35.84 84.01 -43.92
CA SER GB 162 -34.68 84.95 -43.95
C SER GB 162 -34.22 85.16 -45.39
N MET GB 163 -33.60 86.31 -45.68
CA MET GB 163 -33.04 86.60 -46.99
C MET GB 163 -31.90 85.66 -47.35
N GLY GB 164 -31.05 85.32 -46.37
CA GLY GB 164 -29.98 84.34 -46.52
C GLY GB 164 -30.50 82.93 -46.75
N MET GB 165 -31.61 82.53 -46.13
CA MET GB 165 -32.28 81.25 -46.43
C MET GB 165 -32.69 81.19 -47.91
N TYR GB 166 -33.41 82.19 -48.42
CA TYR GB 166 -33.88 82.17 -49.80
C TYR GB 166 -32.73 82.21 -50.82
N ASN GB 167 -31.67 82.97 -50.58
CA ASN GB 167 -30.48 82.91 -51.43
C ASN GB 167 -29.81 81.53 -51.35
N SER GB 168 -29.69 80.96 -50.15
CA SER GB 168 -29.07 79.65 -49.97
C SER GB 168 -29.85 78.49 -50.60
N MET GB 169 -31.09 78.71 -51.05
CA MET GB 169 -31.82 77.75 -51.88
C MET GB 169 -31.24 77.59 -53.28
N GLN GB 170 -30.33 78.46 -53.72
CA GLN GB 170 -29.69 78.34 -55.02
C GLN GB 170 -29.01 76.96 -55.10
N PRO GB 171 -29.19 76.18 -56.17
CA PRO GB 171 -28.84 74.77 -56.17
C PRO GB 171 -27.39 74.45 -55.80
N SER GB 172 -26.43 75.24 -56.27
CA SER GB 172 -25.01 75.08 -55.93
C SER GB 172 -24.74 75.38 -54.44
N ILE GB 173 -25.37 76.42 -53.89
CA ILE GB 173 -25.21 76.80 -52.49
C ILE GB 173 -25.87 75.79 -51.56
N HIS GB 174 -27.10 75.36 -51.88
CA HIS GB 174 -27.80 74.34 -51.13
C HIS GB 174 -27.01 73.02 -51.16
N LEU GB 175 -26.48 72.61 -52.31
CA LEU GB 175 -25.65 71.43 -52.43
C LEU GB 175 -24.34 71.51 -51.61
N MET GB 176 -23.83 72.69 -51.27
CA MET GB 176 -22.67 72.81 -50.37
C MET GB 176 -23.01 72.70 -48.88
N GLN GB 177 -24.27 72.91 -48.48
CA GLN GB 177 -24.63 72.94 -47.06
C GLN GB 177 -24.44 71.60 -46.35
N GLN GB 178 -24.19 71.64 -45.04
CA GLN GB 178 -24.14 70.46 -44.19
C GLN GB 178 -25.54 69.90 -43.93
N ASN GB 179 -25.64 68.59 -43.72
CA ASN GB 179 -26.90 67.87 -43.51
C ASN GB 179 -27.90 68.07 -44.66
N LYS GB 180 -27.38 68.26 -45.87
CA LYS GB 180 -28.12 68.07 -47.12
C LYS GB 180 -28.42 66.60 -47.35
N LEU GB 181 -29.41 66.34 -48.18
CA LEU GB 181 -29.66 65.06 -48.83
C LEU GB 181 -29.72 65.32 -50.33
N ILE GB 182 -28.89 64.64 -51.13
CA ILE GB 182 -28.95 64.72 -52.58
C ILE GB 182 -29.72 63.49 -53.07
N VAL GB 183 -30.72 63.70 -53.91
CA VAL GB 183 -31.46 62.63 -54.57
C VAL GB 183 -31.17 62.70 -56.06
N PRO GB 184 -30.28 61.83 -56.60
CA PRO GB 184 -30.05 61.74 -58.03
C PRO GB 184 -31.32 61.27 -58.72
N SER GB 185 -31.57 61.72 -59.95
CA SER GB 185 -32.59 61.14 -60.79
C SER GB 185 -32.28 59.68 -61.11
N LYS GB 186 -33.29 58.93 -61.57
CA LYS GB 186 -33.10 57.55 -62.04
C LYS GB 186 -32.15 57.48 -63.24
N GLN GB 187 -32.10 58.55 -64.05
CA GLN GB 187 -31.14 58.69 -65.14
C GLN GB 187 -29.70 58.89 -64.65
N THR GB 188 -29.44 59.74 -63.66
CA THR GB 188 -28.07 59.98 -63.18
C THR GB 188 -27.54 58.87 -62.27
N GLN GB 189 -28.38 58.14 -61.55
CA GLN GB 189 -27.95 56.95 -60.80
C GLN GB 189 -29.08 55.94 -60.62
N LYS GB 190 -28.92 54.73 -61.15
CA LYS GB 190 -29.74 53.56 -60.80
C LYS GB 190 -29.33 53.05 -59.41
N ARG GB 191 -30.31 52.75 -58.55
CA ARG GB 191 -30.10 52.37 -57.15
C ARG GB 191 -30.85 51.08 -56.81
N ARG GB 192 -30.40 50.38 -55.76
CA ARG GB 192 -31.10 49.20 -55.21
C ARG GB 192 -32.50 49.57 -54.72
N LYS GB 193 -32.58 50.57 -53.84
CA LYS GB 193 -33.84 51.14 -53.37
C LYS GB 193 -34.11 52.44 -54.14
N PRO GB 194 -35.30 52.65 -54.72
CA PRO GB 194 -35.60 53.81 -55.55
C PRO GB 194 -35.89 55.09 -54.74
N TYR GB 195 -35.61 55.09 -53.45
CA TYR GB 195 -35.90 56.17 -52.52
C TYR GB 195 -34.81 56.25 -51.44
N ILE GB 196 -34.71 57.40 -50.78
CA ILE GB 196 -33.88 57.57 -49.59
C ILE GB 196 -34.81 57.84 -48.40
N LYS GB 197 -34.67 57.04 -47.34
CA LYS GB 197 -35.53 57.04 -46.16
C LYS GB 197 -34.80 57.59 -44.95
N LYS GB 198 -35.40 58.53 -44.23
CA LYS GB 198 -34.88 58.94 -42.92
C LYS GB 198 -35.94 59.38 -41.92
N HIS GB 199 -35.64 59.16 -40.66
CA HIS GB 199 -36.50 59.44 -39.52
C HIS GB 199 -36.12 60.78 -38.91
N ILE GB 200 -37.12 61.60 -38.61
CA ILE GB 200 -36.96 62.95 -38.09
C ILE GB 200 -37.66 63.04 -36.73
N SER GB 201 -36.91 63.45 -35.70
CA SER GB 201 -37.40 63.57 -34.33
C SER GB 201 -38.31 64.81 -34.17
N PRO GB 202 -39.20 64.90 -33.18
CA PRO GB 202 -39.98 66.11 -32.93
C PRO GB 202 -39.11 67.36 -32.71
N PRO GB 203 -39.65 68.57 -32.92
CA PRO GB 203 -39.02 69.80 -32.47
C PRO GB 203 -38.58 69.71 -31.01
N THR GB 204 -37.45 70.29 -30.65
CA THR GB 204 -36.95 70.21 -29.25
C THR GB 204 -37.93 70.80 -28.23
N GLN GB 205 -38.78 71.74 -28.69
CA GLN GB 205 -39.82 72.39 -27.84
C GLN GB 205 -41.05 71.48 -27.68
N MET GB 206 -41.28 70.55 -28.61
CA MET GB 206 -42.32 69.53 -28.48
C MET GB 206 -41.77 68.36 -27.65
N LYS GB 207 -42.09 68.34 -26.36
CA LYS GB 207 -41.64 67.28 -25.44
C LYS GB 207 -42.50 66.02 -25.64
N SER GB 208 -42.12 64.90 -25.03
CA SER GB 208 -42.86 63.64 -25.16
C SER GB 208 -44.23 63.64 -24.46
N GLN GB 209 -44.56 64.68 -23.69
CA GLN GB 209 -45.83 64.82 -23.01
C GLN GB 209 -47.05 64.83 -23.95
N TRP GB 210 -48.24 64.58 -23.39
CA TRP GB 210 -49.50 64.82 -24.09
C TRP GB 210 -49.81 66.31 -24.19
N TYR GB 211 -50.43 66.72 -25.30
CA TYR GB 211 -50.90 68.08 -25.55
C TYR GB 211 -52.31 68.04 -26.10
N PHE GB 212 -53.18 68.98 -25.75
CA PHE GB 212 -54.44 69.13 -26.46
C PHE GB 212 -54.20 69.39 -27.96
N GLN GB 213 -54.96 68.70 -28.82
CA GLN GB 213 -54.81 68.85 -30.28
C GLN GB 213 -55.11 70.29 -30.71
N HIS GB 214 -55.96 71.03 -29.98
CA HIS GB 214 -56.27 72.46 -30.27
C HIS GB 214 -55.02 73.33 -30.09
N ASN GB 215 -54.17 73.00 -29.12
CA ASN GB 215 -52.97 73.78 -28.83
C ASN GB 215 -51.87 73.53 -29.88
N ILE GB 216 -51.59 72.27 -30.18
CA ILE GB 216 -50.52 71.90 -31.12
C ILE GB 216 -50.93 71.95 -32.60
N ALA GB 217 -52.20 72.15 -32.93
CA ALA GB 217 -52.69 72.11 -34.30
C ALA GB 217 -51.85 72.93 -35.29
N ASN GB 218 -51.52 74.17 -34.94
CA ASN GB 218 -50.80 75.10 -35.82
C ASN GB 218 -49.28 75.16 -35.60
N ILE GB 219 -48.73 74.47 -34.60
CA ILE GB 219 -47.29 74.43 -34.34
C ILE GB 219 -46.58 73.72 -35.49
N PRO GB 220 -45.63 74.35 -36.22
CA PRO GB 220 -44.97 73.71 -37.34
C PRO GB 220 -43.96 72.68 -36.84
N LEU GB 221 -44.23 71.38 -37.08
CA LEU GB 221 -43.41 70.26 -36.52
C LEU GB 221 -42.28 69.82 -37.47
N LEU GB 222 -42.28 70.31 -38.71
CA LEU GB 222 -41.24 70.04 -39.68
C LEU GB 222 -41.14 71.16 -40.71
N MET GB 223 -39.94 71.58 -41.08
CA MET GB 223 -39.68 72.35 -42.30
C MET GB 223 -38.89 71.50 -43.30
N ILE GB 224 -39.33 71.41 -44.54
CA ILE GB 224 -38.58 70.80 -45.64
C ILE GB 224 -38.21 71.90 -46.63
N ARG GB 225 -36.93 72.00 -46.98
CA ARG GB 225 -36.40 72.88 -48.04
C ARG GB 225 -35.91 72.03 -49.19
N THR GB 226 -36.39 72.26 -50.40
CA THR GB 226 -35.99 71.49 -51.59
C THR GB 226 -35.64 72.40 -52.74
N THR GB 227 -34.61 72.09 -53.52
CA THR GB 227 -34.27 72.81 -54.75
C THR GB 227 -33.94 71.83 -55.88
N ALA GB 228 -34.40 72.12 -57.09
CA ALA GB 228 -34.12 71.36 -58.30
C ALA GB 228 -32.69 71.61 -58.83
N LEU GB 229 -32.05 70.56 -59.33
CA LEU GB 229 -30.61 70.48 -59.51
C LEU GB 229 -30.26 69.71 -60.79
N THR GB 230 -29.10 69.93 -61.38
CA THR GB 230 -28.46 68.88 -62.18
C THR GB 230 -27.03 68.67 -61.78
N LEU GB 231 -26.64 67.41 -61.58
CA LEU GB 231 -25.28 67.00 -61.27
C LEU GB 231 -24.41 66.86 -62.54
N ASP GB 232 -24.96 66.30 -63.63
CA ASP GB 232 -24.24 66.06 -64.88
C ASP GB 232 -24.08 67.30 -65.79
N ASN GB 233 -24.90 68.33 -65.60
CA ASN GB 233 -24.86 69.59 -66.35
C ASN GB 233 -24.58 70.77 -65.42
N TYR GB 234 -23.86 70.54 -64.32
CA TYR GB 234 -23.70 71.50 -63.22
C TYR GB 234 -23.19 72.87 -63.68
N TYR GB 235 -22.20 72.93 -64.56
CA TYR GB 235 -21.65 74.20 -65.06
C TYR GB 235 -22.37 74.73 -66.27
N ILE GB 236 -22.56 73.90 -67.30
CA ILE GB 236 -23.19 74.30 -68.56
C ILE GB 236 -24.67 74.64 -68.36
N GLY GB 237 -25.37 73.86 -67.55
CA GLY GB 237 -26.80 74.04 -67.25
C GLY GB 237 -27.62 73.99 -68.53
N SER GB 238 -28.27 75.09 -68.88
CA SER GB 238 -28.98 75.27 -70.14
C SER GB 238 -28.39 76.34 -71.05
N ARG GB 239 -27.11 76.69 -70.87
CA ARG GB 239 -26.34 77.59 -71.74
C ARG GB 239 -26.44 77.18 -73.20
N GLN GB 240 -26.60 78.17 -74.08
CA GLN GB 240 -26.55 78.03 -75.54
C GLN GB 240 -25.53 79.03 -76.10
N LEU GB 241 -24.73 78.62 -77.09
CA LEU GB 241 -23.66 79.44 -77.68
C LEU GB 241 -22.68 79.96 -76.60
N SER GB 242 -22.47 81.28 -76.50
CA SER GB 242 -21.55 81.92 -75.56
C SER GB 242 -21.90 81.71 -74.09
N THR GB 243 -20.92 81.81 -73.19
CA THR GB 243 -21.17 81.86 -71.74
C THR GB 243 -21.94 83.12 -71.31
N ASN GB 244 -21.80 84.22 -72.07
CA ASN GB 244 -22.49 85.48 -71.82
C ASN GB 244 -24.01 85.33 -72.04
N VAL GB 245 -24.80 85.86 -71.12
CA VAL GB 245 -26.25 86.04 -71.26
C VAL GB 245 -26.55 87.50 -71.56
N THR GB 246 -27.53 87.77 -72.42
CA THR GB 246 -27.96 89.14 -72.73
C THR GB 246 -29.13 89.56 -71.85
N ILE GB 247 -28.98 90.69 -71.17
CA ILE GB 247 -30.01 91.30 -70.32
C ILE GB 247 -30.54 92.55 -71.05
N HIS GB 248 -31.85 92.69 -71.16
CA HIS GB 248 -32.44 93.96 -71.69
C HIS GB 248 -32.68 94.85 -70.47
N THR GB 249 -32.56 96.17 -70.59
CA THR GB 249 -32.86 97.11 -69.50
C THR GB 249 -33.45 98.41 -70.01
N LEU GB 250 -34.15 99.14 -69.13
CA LEU GB 250 -34.62 100.51 -69.47
C LEU GB 250 -33.41 101.44 -69.36
N ASN GB 251 -33.08 102.20 -70.41
CA ASN GB 251 -32.01 103.22 -70.31
C ASN GB 251 -32.26 103.99 -69.02
N THR GB 252 -31.31 104.03 -68.09
CA THR GB 252 -31.44 104.72 -66.79
C THR GB 252 -31.19 106.19 -67.02
N THR GB 253 -30.34 106.55 -67.98
CA THR GB 253 -29.91 107.93 -68.22
C THR GB 253 -30.97 108.80 -68.91
N TYR GB 254 -32.13 108.25 -69.27
CA TYR GB 254 -33.23 108.98 -69.93
C TYR GB 254 -34.62 108.63 -69.37
N ILE GB 255 -34.89 107.36 -69.07
CA ILE GB 255 -36.17 106.89 -68.53
C ILE GB 255 -36.10 106.87 -66.99
N GLN GB 256 -36.58 107.90 -66.29
CA GLN GB 256 -36.43 107.91 -64.82
C GLN GB 256 -37.69 108.39 -64.08
N ASN GB 257 -38.67 108.97 -64.77
CA ASN GB 257 -39.77 109.60 -64.05
C ASN GB 257 -40.73 108.64 -63.34
N ARG GB 258 -40.81 107.37 -63.77
CA ARG GB 258 -41.66 106.34 -63.13
C ARG GB 258 -43.13 106.78 -62.97
N ASP GB 259 -43.63 107.64 -63.88
CA ASP GB 259 -45.03 108.09 -63.86
C ASP GB 259 -45.93 107.22 -64.76
N TRP GB 260 -45.97 105.92 -64.51
CA TRP GB 260 -46.55 104.94 -65.44
C TRP GB 260 -48.02 104.58 -65.20
N GLY GB 261 -48.68 104.10 -66.26
CA GLY GB 261 -49.96 103.41 -66.17
C GLY GB 261 -51.20 104.31 -66.06
N ASP GB 262 -51.17 105.49 -66.69
CA ASP GB 262 -52.36 106.36 -66.90
C ASP GB 262 -52.50 106.77 -68.37
N ARG GB 263 -53.74 106.83 -68.87
CA ARG GB 263 -54.01 107.44 -70.21
C ARG GB 263 -54.42 108.90 -69.93
N ASN GB 264 -54.46 109.29 -68.65
CA ASN GB 264 -54.87 110.63 -68.19
C ASN GB 264 -53.69 111.60 -68.00
N LYS GB 265 -52.48 111.24 -68.48
CA LYS GB 265 -51.22 111.98 -68.24
C LYS GB 265 -50.32 111.90 -69.47
N THR GB 266 -49.90 113.03 -70.03
CA THR GB 266 -48.86 113.05 -71.07
C THR GB 266 -47.53 112.62 -70.48
N TYR GB 267 -46.90 111.57 -71.03
CA TYR GB 267 -45.67 111.03 -70.43
C TYR GB 267 -44.44 111.85 -70.78
N TYR GB 268 -43.58 112.04 -69.79
CA TYR GB 268 -42.30 112.72 -69.88
C TYR GB 268 -41.25 111.82 -69.21
N CYS GB 269 -40.09 111.62 -69.84
CA CYS GB 269 -39.19 110.54 -69.45
C CYS GB 269 -38.23 110.92 -68.31
N GLN GB 270 -37.77 112.18 -68.26
CA GLN GB 270 -36.93 112.68 -67.16
C GLN GB 270 -37.20 114.15 -66.86
N THR GB 271 -36.84 114.58 -65.65
CA THR GB 271 -36.68 115.98 -65.27
C THR GB 271 -35.21 116.28 -65.00
N LEU GB 272 -34.70 117.41 -65.49
CA LEU GB 272 -33.38 117.93 -65.12
C LEU GB 272 -33.51 119.42 -64.78
N GLY GB 273 -32.96 119.85 -63.65
CA GLY GB 273 -33.23 121.19 -63.12
C GLY GB 273 -34.74 121.41 -62.93
N THR GB 274 -35.30 122.41 -63.63
CA THR GB 274 -36.75 122.66 -63.72
C THR GB 274 -37.42 122.01 -64.95
N GLN GB 275 -36.64 121.51 -65.91
CA GLN GB 275 -37.16 121.05 -67.21
C GLN GB 275 -37.90 119.70 -67.11
N ARG GB 276 -38.69 119.40 -68.13
CA ARG GB 276 -39.21 118.07 -68.46
C ARG GB 276 -38.76 117.69 -69.87
N TYR GB 277 -38.47 116.41 -70.08
CA TYR GB 277 -38.03 115.89 -71.38
C TYR GB 277 -39.01 114.85 -71.90
N PHE GB 278 -39.17 114.82 -73.22
CA PHE GB 278 -40.25 114.16 -73.93
C PHE GB 278 -39.70 113.35 -75.09
N LEU GB 279 -40.43 112.30 -75.44
CA LEU GB 279 -40.07 111.35 -76.49
C LEU GB 279 -41.10 111.43 -77.62
N TYR GB 280 -40.65 111.27 -78.86
CA TYR GB 280 -41.51 111.24 -80.05
C TYR GB 280 -41.06 110.12 -80.99
N GLY GB 281 -42.00 109.35 -81.52
CA GLY GB 281 -41.71 108.35 -82.55
C GLY GB 281 -41.83 108.95 -83.95
N THR GB 282 -41.14 108.40 -84.94
CA THR GB 282 -41.39 108.75 -86.34
C THR GB 282 -41.16 107.55 -87.25
N HIS GB 283 -41.88 107.52 -88.39
CA HIS GB 283 -41.63 106.49 -89.44
C HIS GB 283 -40.79 107.15 -90.54
N SER GB 284 -40.37 108.40 -90.33
CA SER GB 284 -39.61 109.15 -91.34
C SER GB 284 -38.31 108.45 -91.72
N THR GB 285 -38.00 108.46 -93.02
CA THR GB 285 -36.71 108.03 -93.58
C THR GB 285 -35.63 109.13 -93.53
N ALA GB 286 -35.95 110.31 -93.00
CA ALA GB 286 -35.01 111.43 -92.91
C ALA GB 286 -33.76 111.04 -92.11
N GLN GB 287 -32.58 111.31 -92.70
CA GLN GB 287 -31.29 110.97 -92.09
C GLN GB 287 -30.83 112.00 -91.05
N ASN GB 288 -31.28 113.25 -91.15
CA ASN GB 288 -30.80 114.35 -90.32
C ASN GB 288 -31.88 114.77 -89.30
N ILE GB 289 -31.54 114.73 -88.02
CA ILE GB 289 -32.45 115.08 -86.91
C ILE GB 289 -32.96 116.53 -86.99
N ASN GB 290 -32.22 117.43 -87.65
CA ASN GB 290 -32.62 118.83 -87.80
C ASN GB 290 -33.82 119.03 -88.74
N ASP GB 291 -33.87 118.30 -89.88
CA ASP GB 291 -34.87 118.58 -90.97
C ASP GB 291 -36.21 117.83 -90.84
N ILE GB 292 -36.35 116.90 -89.91
CA ILE GB 292 -37.65 116.25 -89.66
C ILE GB 292 -38.70 117.33 -89.38
N LYS GB 293 -39.92 117.15 -89.89
CA LYS GB 293 -41.01 118.13 -89.72
C LYS GB 293 -41.53 118.14 -88.28
N LEU GB 294 -42.45 119.06 -87.97
CA LEU GB 294 -43.14 119.03 -86.65
C LEU GB 294 -44.26 117.99 -86.80
N GLN GB 295 -44.66 117.67 -88.04
CA GLN GB 295 -45.73 116.68 -88.33
C GLN GB 295 -45.24 115.24 -88.17
N GLU GB 296 -44.04 114.93 -88.64
CA GLU GB 296 -43.51 113.53 -88.63
C GLU GB 296 -43.61 112.93 -87.22
N LEU GB 297 -43.30 113.71 -86.18
CA LEU GB 297 -43.25 113.19 -84.79
C LEU GB 297 -44.61 112.62 -84.34
N ILE GB 298 -44.61 111.46 -83.68
CA ILE GB 298 -45.84 110.84 -83.11
C ILE GB 298 -45.69 110.99 -81.58
N PRO GB 299 -46.28 112.03 -80.96
CA PRO GB 299 -46.03 112.33 -79.56
C PRO GB 299 -46.62 111.24 -78.69
N LEU GB 300 -46.05 111.01 -77.50
CA LEU GB 300 -46.51 109.93 -76.58
C LEU GB 300 -47.31 110.57 -75.44
N THR GB 301 -48.63 110.35 -75.39
CA THR GB 301 -49.54 110.91 -74.36
C THR GB 301 -50.08 109.79 -73.51
N ASN GB 302 -49.69 108.54 -73.78
CA ASN GB 302 -50.11 107.39 -72.99
C ASN GB 302 -48.90 106.50 -72.70
N THR GB 303 -48.79 105.92 -71.50
CA THR GB 303 -47.91 104.75 -71.27
C THR GB 303 -48.67 103.46 -70.98
N GLN GB 304 -49.93 103.58 -70.55
CA GLN GB 304 -50.77 102.43 -70.07
C GLN GB 304 -51.19 101.44 -71.15
N ASP GB 305 -51.03 101.74 -72.44
CA ASP GB 305 -51.53 100.82 -73.51
C ASP GB 305 -50.42 100.26 -74.39
N TYR GB 306 -50.72 99.16 -75.09
CA TYR GB 306 -49.82 98.58 -76.09
C TYR GB 306 -49.80 99.37 -77.41
N VAL GB 307 -50.69 100.36 -77.57
CA VAL GB 307 -50.93 101.04 -78.86
C VAL GB 307 -49.67 101.71 -79.43
N GLN GB 308 -49.44 101.54 -80.73
CA GLN GB 308 -48.32 102.13 -81.47
C GLN GB 308 -48.50 103.64 -81.74
N GLY GB 309 -49.75 104.08 -81.82
CA GLY GB 309 -50.10 105.37 -82.40
C GLY GB 309 -50.06 105.31 -83.93
N PHE GB 310 -50.14 106.46 -84.58
CA PHE GB 310 -50.02 106.60 -86.03
C PHE GB 310 -49.56 108.01 -86.41
N ASP GB 311 -49.08 108.15 -87.64
CA ASP GB 311 -48.56 109.41 -88.18
C ASP GB 311 -49.67 110.38 -88.61
N TRP GB 312 -49.38 111.68 -88.64
CA TRP GB 312 -50.29 112.75 -89.08
C TRP GB 312 -50.77 112.55 -90.52
N THR GB 313 -50.03 111.83 -91.36
CA THR GB 313 -50.48 111.43 -92.70
C THR GB 313 -51.74 110.57 -92.70
N GLU GB 314 -52.12 109.98 -91.56
CA GLU GB 314 -53.38 109.23 -91.39
C GLU GB 314 -54.51 110.07 -90.76
N LYS GB 315 -54.36 111.40 -90.70
CA LYS GB 315 -55.40 112.35 -90.26
C LYS GB 315 -56.78 112.03 -90.84
N ASP GB 316 -56.84 111.78 -92.15
CA ASP GB 316 -58.09 111.49 -92.86
C ASP GB 316 -58.63 110.06 -92.64
N LYS GB 317 -57.83 109.13 -92.10
CA LYS GB 317 -58.30 107.77 -91.76
C LYS GB 317 -59.04 107.73 -90.42
N HIS GB 318 -58.72 108.67 -89.51
CA HIS GB 318 -59.34 108.77 -88.15
C HIS GB 318 -60.11 110.09 -88.01
N ASN GB 319 -60.55 110.69 -89.11
CA ASN GB 319 -61.38 111.90 -89.14
C ASN GB 319 -60.85 113.01 -88.22
N ILE GB 320 -59.52 113.11 -88.09
CA ILE GB 320 -58.85 114.07 -87.20
C ILE GB 320 -59.00 115.48 -87.75
N THR GB 321 -59.43 116.42 -86.90
CA THR GB 321 -59.58 117.84 -87.26
C THR GB 321 -58.46 118.72 -86.73
N THR GB 322 -57.78 118.32 -85.65
CA THR GB 322 -56.76 119.14 -84.98
C THR GB 322 -55.63 118.28 -84.41
N TYR GB 323 -54.49 118.91 -84.10
CA TYR GB 323 -53.41 118.24 -83.38
C TYR GB 323 -53.87 117.72 -82.01
N LYS GB 324 -54.86 118.34 -81.36
CA LYS GB 324 -55.51 117.81 -80.15
C LYS GB 324 -56.13 116.42 -80.38
N GLU GB 325 -56.84 116.22 -81.49
CA GLU GB 325 -57.34 114.89 -81.86
C GLU GB 325 -56.24 113.94 -82.36
N PHE GB 326 -55.15 114.46 -82.96
CA PHE GB 326 -53.97 113.64 -83.26
C PHE GB 326 -53.29 113.13 -82.00
N LEU GB 327 -53.13 113.97 -80.97
CA LEU GB 327 -52.63 113.60 -79.63
C LEU GB 327 -53.48 112.51 -78.98
N THR GB 328 -54.82 112.61 -79.03
CA THR GB 328 -55.68 111.64 -78.34
C THR GB 328 -55.85 110.35 -79.14
N LYS GB 329 -56.06 110.41 -80.45
CA LYS GB 329 -56.24 109.19 -81.27
C LYS GB 329 -54.92 108.53 -81.67
N GLY GB 330 -53.89 109.31 -81.99
CA GLY GB 330 -52.69 108.84 -82.72
C GLY GB 330 -51.40 108.77 -81.92
N ALA GB 331 -51.38 109.17 -80.64
CA ALA GB 331 -50.18 109.06 -79.83
C ALA GB 331 -49.75 107.60 -79.58
N GLY GB 332 -48.44 107.36 -79.53
CA GLY GB 332 -47.85 106.02 -79.39
C GLY GB 332 -47.32 105.73 -77.98
N ASN GB 333 -47.46 104.51 -77.48
CA ASN GB 333 -46.86 104.18 -76.19
C ASN GB 333 -45.38 103.84 -76.41
N PRO GB 334 -44.44 104.38 -75.60
CA PRO GB 334 -43.00 104.24 -75.87
C PRO GB 334 -42.51 102.79 -75.77
N PHE GB 335 -43.26 101.95 -75.06
CA PHE GB 335 -42.99 100.53 -74.86
C PHE GB 335 -43.65 99.61 -75.91
N HIS GB 336 -44.26 100.15 -76.96
CA HIS GB 336 -44.71 99.33 -78.09
C HIS GB 336 -43.51 98.64 -78.76
N ALA GB 337 -43.71 97.49 -79.39
CA ALA GB 337 -42.64 96.61 -79.89
C ALA GB 337 -41.65 97.26 -80.87
N GLU GB 338 -42.04 98.33 -81.57
CA GLU GB 338 -41.10 99.09 -82.42
C GLU GB 338 -40.46 100.28 -81.69
N TRP GB 339 -41.15 100.96 -80.77
CA TRP GB 339 -40.58 102.10 -80.04
C TRP GB 339 -39.68 101.67 -78.86
N ILE GB 340 -39.94 100.51 -78.24
CA ILE GB 340 -39.20 99.99 -77.08
C ILE GB 340 -37.69 99.86 -77.33
N THR GB 341 -37.30 99.43 -78.52
CA THR GB 341 -35.90 99.32 -78.99
C THR GB 341 -35.61 100.26 -80.17
N ALA GB 342 -36.50 101.22 -80.45
CA ALA GB 342 -36.42 102.15 -81.58
C ALA GB 342 -36.12 101.47 -82.92
N GLN GB 343 -36.82 100.37 -83.22
CA GLN GB 343 -36.75 99.69 -84.53
C GLN GB 343 -37.06 100.70 -85.65
N ASN GB 344 -38.08 101.53 -85.44
CA ASN GB 344 -38.31 102.77 -86.17
C ASN GB 344 -37.85 103.93 -85.26
N PRO GB 345 -37.16 104.97 -85.79
CA PRO GB 345 -36.50 105.97 -84.97
C PRO GB 345 -37.41 106.64 -83.91
N VAL GB 346 -36.81 106.91 -82.76
CA VAL GB 346 -37.43 107.58 -81.61
C VAL GB 346 -36.56 108.76 -81.20
N ILE GB 347 -37.18 109.91 -80.97
CA ILE GB 347 -36.53 111.19 -80.79
C ILE GB 347 -36.79 111.69 -79.36
N HIS GB 348 -35.73 112.02 -78.63
CA HIS GB 348 -35.77 112.57 -77.27
C HIS GB 348 -35.51 114.07 -77.32
N THR GB 349 -36.29 114.89 -76.62
CA THR GB 349 -36.17 116.36 -76.67
C THR GB 349 -36.65 117.03 -75.38
N ALA GB 350 -36.15 118.23 -75.09
CA ALA GB 350 -36.74 119.11 -74.07
C ALA GB 350 -38.05 119.76 -74.53
N ASN GB 351 -38.33 119.80 -75.83
CA ASN GB 351 -39.49 120.54 -76.34
C ASN GB 351 -40.81 119.81 -76.04
N SER GB 352 -41.59 120.38 -75.13
CA SER GB 352 -42.87 119.79 -74.71
C SER GB 352 -43.87 119.75 -75.87
N PRO GB 353 -44.70 118.68 -75.96
CA PRO GB 353 -45.78 118.62 -76.94
C PRO GB 353 -46.68 119.84 -76.90
N THR GB 354 -46.88 120.50 -75.75
CA THR GB 354 -47.70 121.71 -75.65
C THR GB 354 -47.06 122.92 -76.35
N GLN GB 355 -45.73 123.01 -76.43
CA GLN GB 355 -45.12 124.00 -77.31
C GLN GB 355 -45.39 123.66 -78.79
N ILE GB 356 -45.34 122.38 -79.16
CA ILE GB 356 -45.77 121.93 -80.49
C ILE GB 356 -47.26 122.19 -80.72
N GLU GB 357 -48.13 122.02 -79.71
CA GLU GB 357 -49.56 122.39 -79.78
C GLU GB 357 -49.69 123.87 -80.09
N GLN GB 358 -48.97 124.75 -79.40
CA GLN GB 358 -48.98 126.18 -79.67
C GLN GB 358 -48.55 126.47 -81.11
N ILE GB 359 -47.51 125.81 -81.64
CA ILE GB 359 -47.10 126.00 -83.04
C ILE GB 359 -48.17 125.52 -84.02
N TYR GB 360 -48.77 124.33 -83.82
CA TYR GB 360 -49.87 123.85 -84.66
C TYR GB 360 -51.10 124.75 -84.58
N THR GB 361 -51.60 125.00 -83.37
CA THR GB 361 -52.86 125.72 -83.14
C THR GB 361 -52.74 127.19 -83.56
N ALA GB 362 -51.57 127.82 -83.36
CA ALA GB 362 -51.35 129.18 -83.85
C ALA GB 362 -51.51 129.26 -85.38
N SER GB 363 -50.96 128.31 -86.13
CA SER GB 363 -51.32 128.11 -87.55
C SER GB 363 -50.98 126.70 -88.06
N THR GB 364 -52.02 125.96 -88.47
CA THR GB 364 -51.91 124.61 -89.05
C THR GB 364 -51.17 124.61 -90.39
N THR GB 365 -51.28 125.70 -91.15
CA THR GB 365 -50.55 125.89 -92.42
C THR GB 365 -49.04 126.03 -92.20
N THR GB 366 -48.60 126.65 -91.10
CA THR GB 366 -47.15 126.73 -90.77
C THR GB 366 -46.63 125.48 -90.05
N PHE GB 367 -47.50 124.58 -89.57
CA PHE GB 367 -47.09 123.26 -89.08
C PHE GB 367 -46.49 122.39 -90.21
N GLN GB 368 -46.98 122.55 -91.44
CA GLN GB 368 -46.37 121.98 -92.65
C GLN GB 368 -44.97 122.54 -92.89
N ASN GB 369 -44.79 123.85 -92.72
CA ASN GB 369 -43.53 124.54 -93.00
C ASN GB 369 -42.46 124.27 -91.92
N LYS GB 370 -42.84 124.28 -90.63
CA LYS GB 370 -41.90 124.16 -89.51
C LYS GB 370 -41.25 122.76 -89.47
N LYS GB 371 -39.94 122.75 -89.24
CA LYS GB 371 -39.11 121.56 -89.01
C LYS GB 371 -38.56 121.56 -87.59
N LEU GB 372 -37.75 120.58 -87.23
CA LEU GB 372 -37.06 120.49 -85.94
C LEU GB 372 -36.01 121.58 -85.73
N THR GB 373 -35.53 122.23 -86.80
CA THR GB 373 -34.81 123.51 -86.73
C THR GB 373 -35.70 124.63 -86.18
N ASP GB 374 -35.12 125.59 -85.47
CA ASP GB 374 -35.77 126.81 -84.97
C ASP GB 374 -37.03 126.55 -84.11
N LEU GB 375 -37.13 125.38 -83.47
CA LEU GB 375 -38.16 125.09 -82.47
C LEU GB 375 -37.76 125.59 -81.08
N PRO GB 376 -38.72 125.82 -80.17
CA PRO GB 376 -38.41 126.12 -78.78
C PRO GB 376 -37.72 124.94 -78.10
N THR GB 377 -36.74 125.22 -77.23
CA THR GB 377 -35.92 124.22 -76.50
C THR GB 377 -35.63 122.96 -77.34
N PRO GB 378 -34.97 123.06 -78.52
CA PRO GB 378 -34.83 121.90 -79.40
C PRO GB 378 -33.66 120.96 -79.16
N GLY GB 379 -33.74 120.14 -78.11
CA GLY GB 379 -32.69 119.14 -77.82
C GLY GB 379 -33.04 117.84 -78.52
N TYR GB 380 -33.45 117.91 -79.79
CA TYR GB 380 -33.85 116.71 -80.56
C TYR GB 380 -32.64 115.79 -80.76
N ILE GB 381 -32.67 114.57 -80.21
CA ILE GB 381 -31.55 113.59 -80.29
C ILE GB 381 -32.15 112.25 -80.73
N PHE GB 382 -31.35 111.21 -80.99
CA PHE GB 382 -31.88 109.85 -81.29
C PHE GB 382 -31.56 108.95 -80.10
N ILE GB 383 -32.55 108.62 -79.26
CA ILE GB 383 -32.33 107.84 -78.03
C ILE GB 383 -33.22 106.59 -78.04
N THR GB 384 -32.69 105.45 -77.57
CA THR GB 384 -33.44 104.18 -77.50
C THR GB 384 -33.91 103.93 -76.05
N PRO GB 385 -35.21 103.68 -75.80
CA PRO GB 385 -35.70 103.41 -74.44
C PRO GB 385 -35.05 102.17 -73.80
N THR GB 386 -34.71 101.17 -74.61
CA THR GB 386 -34.01 99.94 -74.19
C THR GB 386 -32.55 99.95 -74.61
N VAL GB 387 -31.68 99.42 -73.76
CA VAL GB 387 -30.34 98.95 -74.11
C VAL GB 387 -30.19 97.48 -73.73
N SER GB 388 -29.39 96.72 -74.50
CA SER GB 388 -29.03 95.33 -74.18
C SER GB 388 -27.62 95.27 -73.60
N LEU GB 389 -27.49 94.70 -72.41
CA LEU GB 389 -26.22 94.44 -71.75
C LEU GB 389 -25.80 92.97 -71.94
N ARG GB 390 -24.51 92.68 -71.86
CA ARG GB 390 -23.98 91.31 -71.73
C ARG GB 390 -23.46 91.09 -70.32
N TYR GB 391 -23.89 90.01 -69.69
CA TYR GB 391 -23.45 89.58 -68.37
C TYR GB 391 -22.72 88.25 -68.48
N ASN GB 392 -21.58 88.13 -67.82
CA ASN GB 392 -20.83 86.89 -67.72
C ASN GB 392 -20.68 86.52 -66.24
N PRO GB 393 -21.20 85.36 -65.79
CA PRO GB 393 -21.18 85.01 -64.38
C PRO GB 393 -19.76 84.76 -63.84
N TYR GB 394 -18.85 84.32 -64.72
CA TYR GB 394 -17.45 84.00 -64.31
C TYR GB 394 -16.65 85.29 -64.18
N LYS GB 395 -17.14 86.38 -64.76
CA LYS GB 395 -16.46 87.71 -64.70
C LYS GB 395 -17.04 88.53 -63.54
N ASP GB 396 -17.95 87.94 -62.75
CA ASP GB 396 -18.65 88.67 -61.66
C ASP GB 396 -17.92 88.46 -60.31
N LEU GB 397 -17.51 89.55 -59.64
CA LEU GB 397 -16.74 89.46 -58.40
C LEU GB 397 -17.55 89.93 -57.17
N ALA GB 398 -18.80 90.36 -57.36
CA ALA GB 398 -19.69 90.71 -56.27
C ALA GB 398 -19.18 91.80 -55.30
N GLU GB 399 -18.32 92.72 -55.72
CA GLU GB 399 -17.73 93.72 -54.81
C GLU GB 399 -18.68 94.90 -54.54
N ARG GB 400 -19.54 95.24 -55.51
CA ARG GB 400 -20.50 96.36 -55.41
C ARG GB 400 -21.88 96.00 -55.98
N ASN GB 401 -22.20 94.71 -55.99
CA ASN GB 401 -23.50 94.20 -56.38
C ASN GB 401 -24.58 94.56 -55.36
N LYS GB 402 -25.80 94.84 -55.83
CA LYS GB 402 -26.90 95.33 -55.00
C LYS GB 402 -28.24 95.07 -55.68
N CYS GB 403 -29.34 94.97 -54.93
CA CYS GB 403 -30.65 94.61 -55.47
C CYS GB 403 -31.77 95.07 -54.54
N TYR GB 404 -32.83 95.68 -55.08
CA TYR GB 404 -33.98 96.17 -54.30
C TYR GB 404 -35.21 96.46 -55.18
N PHE GB 405 -36.38 96.62 -54.56
CA PHE GB 405 -37.62 96.99 -55.23
C PHE GB 405 -37.97 98.47 -55.00
N VAL GB 406 -38.40 99.16 -56.04
CA VAL GB 406 -38.92 100.54 -56.00
C VAL GB 406 -40.38 100.55 -56.46
N ARG GB 407 -41.15 101.54 -56.02
CA ARG GB 407 -42.58 101.67 -56.35
C ARG GB 407 -42.76 102.12 -57.79
N SER GB 408 -43.47 101.37 -58.62
CA SER GB 408 -43.66 101.70 -60.05
C SER GB 408 -44.77 102.74 -60.26
N LYS GB 409 -45.98 102.51 -59.74
CA LYS GB 409 -47.07 103.50 -59.76
C LYS GB 409 -46.99 104.50 -58.60
N ILE GB 410 -45.98 105.37 -58.61
CA ILE GB 410 -45.95 106.59 -57.79
C ILE GB 410 -45.30 107.74 -58.54
N ASN GB 411 -45.62 108.97 -58.13
CA ASN GB 411 -45.07 110.19 -58.70
C ASN GB 411 -43.73 110.56 -58.02
N ALA GB 412 -42.72 109.70 -58.14
CA ALA GB 412 -41.38 109.93 -57.58
C ALA GB 412 -40.28 109.69 -58.61
N HIS GB 413 -39.32 110.62 -58.67
CA HIS GB 413 -38.22 110.60 -59.63
C HIS GB 413 -37.10 109.66 -59.19
N GLY GB 414 -36.37 109.12 -60.17
CA GLY GB 414 -35.10 108.44 -59.94
C GLY GB 414 -35.23 107.01 -59.41
N TRP GB 415 -34.08 106.35 -59.31
CA TRP GB 415 -33.95 104.90 -59.09
C TRP GB 415 -33.23 104.54 -57.79
N ASP GB 416 -32.89 105.52 -56.96
CA ASP GB 416 -32.10 105.26 -55.72
C ASP GB 416 -32.82 104.22 -54.84
N PRO GB 417 -32.11 103.42 -54.02
CA PRO GB 417 -32.77 102.50 -53.10
C PRO GB 417 -33.66 103.33 -52.21
N GLU GB 418 -34.94 102.93 -52.08
CA GLU GB 418 -35.93 103.73 -51.31
C GLU GB 418 -36.79 102.80 -50.45
N GLN GB 419 -37.67 103.37 -49.62
CA GLN GB 419 -38.58 102.58 -48.75
C GLN GB 419 -37.72 101.69 -47.82
N HIS GB 420 -37.89 100.36 -47.84
CA HIS GB 420 -37.17 99.45 -46.91
C HIS GB 420 -35.68 99.40 -47.26
N GLN GB 421 -34.83 99.89 -46.36
CA GLN GB 421 -33.35 99.83 -46.55
C GLN GB 421 -32.84 98.53 -45.95
N GLU GB 422 -33.64 97.87 -45.10
CA GLU GB 422 -33.28 96.55 -44.57
C GLU GB 422 -33.54 95.41 -45.59
N LEU GB 423 -34.38 95.66 -46.60
CA LEU GB 423 -34.66 94.70 -47.67
C LEU GB 423 -33.65 94.75 -48.82
N ILE GB 424 -32.75 95.75 -48.85
CA ILE GB 424 -31.67 95.79 -49.85
C ILE GB 424 -30.79 94.55 -49.68
N ASN GB 425 -30.53 93.84 -50.79
CA ASN GB 425 -29.68 92.62 -50.83
C ASN GB 425 -28.36 92.98 -51.54
N SER GB 426 -27.21 92.76 -50.94
CA SER GB 426 -25.91 93.25 -51.42
C SER GB 426 -24.81 92.19 -51.38
N ASP GB 427 -23.76 92.41 -52.16
CA ASP GB 427 -22.46 91.71 -52.05
C ASP GB 427 -22.48 90.19 -52.28
N LEU GB 428 -23.31 89.72 -53.22
CA LEU GB 428 -23.26 88.36 -53.76
C LEU GB 428 -23.28 88.44 -55.29
N PRO GB 429 -22.75 87.45 -56.02
CA PRO GB 429 -22.81 87.49 -57.49
C PRO GB 429 -24.26 87.46 -57.95
N GLN GB 430 -24.63 88.20 -59.01
CA GLN GB 430 -26.04 88.41 -59.46
C GLN GB 430 -26.89 87.13 -59.59
N TRP GB 431 -26.31 86.00 -59.99
CA TRP GB 431 -27.03 84.72 -60.06
C TRP GB 431 -27.37 84.16 -58.68
N LEU GB 432 -26.60 84.48 -57.63
CA LEU GB 432 -26.92 84.15 -56.25
C LEU GB 432 -27.76 85.26 -55.59
N LEU GB 433 -27.47 86.52 -55.88
CA LEU GB 433 -28.15 87.66 -55.29
C LEU GB 433 -29.65 87.71 -55.66
N LEU GB 434 -30.00 87.38 -56.91
CA LEU GB 434 -31.38 87.41 -57.37
C LEU GB 434 -32.17 86.15 -56.99
N PHE GB 435 -31.52 85.02 -56.71
CA PHE GB 435 -32.21 83.74 -56.54
C PHE GB 435 -33.16 83.76 -55.35
N GLY GB 436 -34.46 83.59 -55.58
CA GLY GB 436 -35.47 83.61 -54.53
C GLY GB 436 -35.70 84.97 -53.85
N TYR GB 437 -35.00 86.04 -54.24
CA TYR GB 437 -35.14 87.34 -53.61
C TYR GB 437 -36.55 87.95 -53.79
N PRO GB 438 -37.18 87.93 -54.98
CA PRO GB 438 -38.57 88.35 -55.13
C PRO GB 438 -39.55 87.58 -54.24
N ASP GB 439 -39.36 86.27 -54.07
CA ASP GB 439 -40.23 85.48 -53.20
C ASP GB 439 -40.00 85.77 -51.71
N TYR GB 440 -38.78 86.01 -51.28
CA TYR GB 440 -38.53 86.51 -49.93
C TYR GB 440 -39.27 87.82 -49.69
N ILE GB 441 -39.24 88.74 -50.65
CA ILE GB 441 -39.93 90.02 -50.56
C ILE GB 441 -41.45 89.84 -50.52
N LYS GB 442 -42.02 89.02 -51.40
CA LYS GB 442 -43.45 88.69 -51.36
C LYS GB 442 -43.87 88.06 -50.03
N ARG GB 443 -43.13 87.08 -49.53
CA ARG GB 443 -43.46 86.39 -48.25
C ARG GB 443 -43.29 87.36 -47.07
N THR GB 444 -42.36 88.31 -47.17
CA THR GB 444 -42.17 89.35 -46.14
C THR GB 444 -43.37 90.30 -46.04
N GLN GB 445 -44.10 90.53 -47.15
CA GLN GB 445 -45.38 91.32 -47.15
C GLN GB 445 -45.17 92.78 -46.71
N ASN GB 446 -43.94 93.30 -46.74
CA ASN GB 446 -43.66 94.72 -46.44
C ASN GB 446 -43.95 95.67 -47.61
N PHE GB 447 -44.35 95.14 -48.76
CA PHE GB 447 -44.77 95.91 -49.94
C PHE GB 447 -46.19 95.53 -50.38
N ALA GB 448 -46.89 96.45 -51.05
CA ALA GB 448 -48.18 96.15 -51.66
C ALA GB 448 -48.01 95.03 -52.71
N LEU GB 449 -48.81 93.97 -52.57
CA LEU GB 449 -48.42 92.64 -53.05
C LEU GB 449 -48.31 92.50 -54.57
N VAL GB 450 -49.01 93.36 -55.33
CA VAL GB 450 -49.21 93.13 -56.76
C VAL GB 450 -47.97 93.45 -57.61
N ASP GB 451 -47.61 92.56 -58.54
CA ASP GB 451 -46.39 92.71 -59.38
C ASP GB 451 -46.39 94.02 -60.18
N THR GB 452 -47.58 94.55 -60.48
CA THR GB 452 -47.69 95.77 -61.31
C THR GB 452 -47.27 97.04 -60.59
N ASN GB 453 -47.14 97.02 -59.27
CA ASN GB 453 -46.95 98.24 -58.46
C ASN GB 453 -45.50 98.45 -58.02
N TYR GB 454 -44.58 97.54 -58.38
CA TYR GB 454 -43.16 97.63 -58.07
C TYR GB 454 -42.30 97.28 -59.28
N ILE GB 455 -41.05 97.74 -59.26
CA ILE GB 455 -39.98 97.37 -60.19
C ILE GB 455 -38.81 96.85 -59.36
N LEU GB 456 -38.15 95.83 -59.84
CA LEU GB 456 -36.86 95.36 -59.37
C LEU GB 456 -35.73 96.11 -60.09
N VAL GB 457 -34.79 96.61 -59.29
CA VAL GB 457 -33.64 97.43 -59.70
C VAL GB 457 -32.38 96.80 -59.12
N ASP GB 458 -31.31 96.67 -59.90
CA ASP GB 458 -30.06 96.09 -59.39
C ASP GB 458 -28.81 96.82 -59.94
N HIS GB 459 -27.77 96.87 -59.13
CA HIS GB 459 -26.46 97.41 -59.51
C HIS GB 459 -25.47 96.27 -59.72
N CYS GB 460 -24.71 96.31 -60.80
CA CYS GB 460 -23.69 95.31 -61.11
C CYS GB 460 -22.58 95.96 -61.96
N PRO GB 461 -21.37 96.15 -61.42
CA PRO GB 461 -20.21 96.65 -62.17
C PRO GB 461 -19.79 95.80 -63.37
N TYR GB 462 -20.22 94.54 -63.44
CA TYR GB 462 -19.56 93.48 -64.21
C TYR GB 462 -20.18 93.17 -65.57
N THR GB 463 -21.25 93.85 -65.98
CA THR GB 463 -21.66 93.83 -67.39
C THR GB 463 -20.63 94.58 -68.24
N ASN GB 464 -20.44 94.17 -69.50
CA ASN GB 464 -19.40 94.76 -70.35
C ASN GB 464 -19.72 96.20 -70.78
N PRO GB 465 -20.89 96.48 -71.38
CA PRO GB 465 -21.52 97.81 -71.27
C PRO GB 465 -22.11 97.97 -69.88
N GLU GB 466 -22.46 99.19 -69.47
CA GLU GB 466 -23.04 99.45 -68.15
C GLU GB 466 -24.18 100.46 -68.21
N LYS GB 467 -25.04 100.40 -67.18
CA LYS GB 467 -25.98 101.44 -66.76
C LYS GB 467 -25.95 101.47 -65.23
N THR GB 468 -26.09 102.65 -64.61
CA THR GB 468 -25.79 102.81 -63.18
C THR GB 468 -26.63 101.86 -62.32
N PRO GB 469 -27.98 101.93 -62.30
CA PRO GB 469 -28.81 100.76 -62.05
C PRO GB 469 -29.19 100.07 -63.38
N PHE GB 470 -29.69 98.84 -63.21
CA PHE GB 470 -30.28 98.09 -64.34
C PHE GB 470 -31.76 97.95 -64.03
N ILE GB 471 -32.63 98.00 -65.03
CA ILE GB 471 -34.09 97.73 -64.81
C ILE GB 471 -34.38 96.52 -65.69
N PRO GB 472 -33.98 95.27 -65.32
CA PRO GB 472 -34.12 94.15 -66.24
C PRO GB 472 -35.52 94.07 -66.83
N LEU GB 473 -35.65 93.74 -68.11
CA LEU GB 473 -36.93 93.51 -68.79
C LEU GB 473 -36.88 92.20 -69.57
N SER GB 474 -37.97 91.43 -69.51
CA SER GB 474 -38.02 90.15 -70.21
C SER GB 474 -38.14 90.34 -71.72
N THR GB 475 -37.59 89.40 -72.48
CA THR GB 475 -37.69 89.38 -73.95
C THR GB 475 -39.15 89.47 -74.42
N SER GB 476 -40.10 88.92 -73.67
CA SER GB 476 -41.54 89.06 -73.96
C SER GB 476 -42.02 90.52 -73.95
N PHE GB 477 -41.62 91.33 -72.97
CA PHE GB 477 -41.97 92.76 -72.92
C PHE GB 477 -41.22 93.59 -73.98
N ILE GB 478 -39.96 93.23 -74.25
CA ILE GB 478 -39.15 93.80 -75.33
C ILE GB 478 -39.67 93.42 -76.72
N GLU GB 479 -40.49 92.38 -76.83
CA GLU GB 479 -41.13 91.90 -78.06
C GLU GB 479 -42.66 92.12 -78.09
N GLY GB 480 -43.23 92.84 -77.13
CA GLY GB 480 -44.67 93.13 -77.16
C GLY GB 480 -45.57 91.91 -76.95
N ARG GB 481 -45.35 91.17 -75.86
CA ARG GB 481 -46.11 89.91 -75.59
C ARG GB 481 -46.30 89.73 -74.08
N SER GB 482 -47.34 88.98 -73.68
CA SER GB 482 -47.65 88.75 -72.26
C SER GB 482 -46.54 87.98 -71.51
N PRO GB 483 -46.38 88.16 -70.18
CA PRO GB 483 -45.22 87.70 -69.41
C PRO GB 483 -44.76 86.26 -69.64
N TYR GB 484 -45.70 85.32 -69.82
CA TYR GB 484 -45.42 83.89 -70.11
C TYR GB 484 -46.24 83.40 -71.32
N SER GB 485 -46.32 84.19 -72.39
CA SER GB 485 -47.06 83.85 -73.61
C SER GB 485 -46.13 83.37 -74.73
N PRO GB 486 -46.50 82.33 -75.52
CA PRO GB 486 -45.64 81.76 -76.54
C PRO GB 486 -45.31 82.75 -77.66
N SER GB 487 -44.08 82.65 -78.17
CA SER GB 487 -43.48 83.60 -79.13
C SER GB 487 -44.23 83.75 -80.45
N ASP GB 488 -45.15 82.84 -80.80
CA ASP GB 488 -45.99 82.98 -82.03
C ASP GB 488 -46.90 84.20 -81.89
N THR GB 489 -47.19 84.62 -80.66
CA THR GB 489 -48.02 85.78 -80.35
C THR GB 489 -47.23 87.09 -80.54
N HIS GB 490 -47.88 88.14 -81.07
CA HIS GB 490 -47.22 89.46 -81.33
C HIS GB 490 -48.05 90.60 -80.70
N GLU GB 491 -48.86 90.33 -79.67
CA GLU GB 491 -49.63 91.30 -78.91
C GLU GB 491 -49.82 90.81 -77.47
N PRO GB 492 -49.91 91.69 -76.46
CA PRO GB 492 -50.41 91.30 -75.16
C PRO GB 492 -51.87 90.79 -75.22
N ASP GB 493 -52.25 89.92 -74.29
CA ASP GB 493 -53.66 89.61 -73.99
C ASP GB 493 -54.34 90.81 -73.30
N GLU GB 494 -55.67 90.96 -73.37
CA GLU GB 494 -56.37 92.20 -73.02
C GLU GB 494 -55.98 92.82 -71.65
N GLU GB 495 -55.81 91.99 -70.62
CA GLU GB 495 -55.40 92.46 -69.29
C GLU GB 495 -53.94 92.95 -69.24
N ASP GB 496 -53.07 92.45 -70.12
CA ASP GB 496 -51.72 92.98 -70.36
C ASP GB 496 -51.68 94.04 -71.47
N GLN GB 497 -52.72 94.20 -72.30
CA GLN GB 497 -52.85 95.37 -73.18
C GLN GB 497 -53.10 96.62 -72.34
N ASN GB 498 -53.90 96.49 -71.29
CA ASN GB 498 -53.90 97.40 -70.15
C ASN GB 498 -52.62 97.20 -69.30
N ARG GB 499 -52.28 98.27 -68.56
CA ARG GB 499 -51.11 98.27 -67.66
C ARG GB 499 -49.84 97.89 -68.42
N TRP GB 500 -49.69 98.29 -69.69
CA TRP GB 500 -48.50 97.96 -70.53
C TRP GB 500 -47.35 98.92 -70.21
N TYR GB 501 -46.76 98.80 -69.02
CA TYR GB 501 -45.67 99.66 -68.57
C TYR GB 501 -44.68 98.88 -67.68
N PRO GB 502 -43.43 99.35 -67.51
CA PRO GB 502 -42.44 98.68 -66.68
C PRO GB 502 -42.92 98.35 -65.25
N CYS GB 503 -42.92 97.06 -64.92
CA CYS GB 503 -43.20 96.55 -63.58
C CYS GB 503 -42.68 95.12 -63.45
N TYR GB 504 -42.56 94.62 -62.21
CA TYR GB 504 -41.97 93.33 -61.89
C TYR GB 504 -42.59 92.16 -62.66
N GLN GB 505 -43.87 92.23 -63.01
CA GLN GB 505 -44.54 91.15 -63.79
C GLN GB 505 -43.85 90.94 -65.15
N TYR GB 506 -43.33 91.99 -65.77
CA TYR GB 506 -42.59 91.89 -67.03
C TYR GB 506 -41.10 91.62 -66.84
N GLN GB 507 -40.55 91.71 -65.63
CA GLN GB 507 -39.14 91.46 -65.33
C GLN GB 507 -38.83 89.99 -65.03
N GLN GB 508 -39.82 89.18 -64.68
CA GLN GB 508 -39.64 87.85 -64.09
C GLN GB 508 -38.74 86.92 -64.92
N GLU GB 509 -38.96 86.80 -66.22
CA GLU GB 509 -38.17 85.90 -67.06
C GLU GB 509 -36.71 86.38 -67.18
N SER GB 510 -36.45 87.68 -67.16
CA SER GB 510 -35.07 88.20 -67.21
C SER GB 510 -34.27 87.84 -65.96
N ILE GB 511 -34.82 87.99 -64.75
CA ILE GB 511 -34.10 87.62 -63.55
C ILE GB 511 -34.00 86.10 -63.37
N ASN GB 512 -34.97 85.33 -63.87
CA ASN GB 512 -34.81 83.89 -63.95
C ASN GB 512 -33.66 83.54 -64.88
N SER GB 513 -33.54 84.21 -66.03
CA SER GB 513 -32.44 83.99 -66.97
C SER GB 513 -31.06 84.32 -66.39
N ILE GB 514 -30.96 85.38 -65.58
CA ILE GB 514 -29.74 85.67 -64.81
C ILE GB 514 -29.45 84.57 -63.78
N CYS GB 515 -30.45 84.07 -63.04
CA CYS GB 515 -30.25 82.95 -62.12
C CYS GB 515 -29.82 81.66 -62.83
N LEU GB 516 -30.38 81.36 -64.01
CA LEU GB 516 -29.99 80.25 -64.86
C LEU GB 516 -28.54 80.35 -65.35
N SER GB 517 -27.93 81.54 -65.37
CA SER GB 517 -26.50 81.65 -65.64
C SER GB 517 -25.63 81.07 -64.50
N GLY GB 518 -26.17 80.95 -63.29
CA GLY GB 518 -25.46 80.40 -62.15
C GLY GB 518 -25.33 78.87 -62.17
N PRO GB 519 -24.35 78.31 -61.45
CA PRO GB 519 -24.08 76.88 -61.43
C PRO GB 519 -25.18 76.06 -60.75
N GLY GB 520 -25.25 74.78 -61.10
CA GLY GB 520 -26.18 73.78 -60.59
C GLY GB 520 -27.61 73.86 -61.14
N THR GB 521 -27.97 74.94 -61.83
CA THR GB 521 -29.32 75.13 -62.37
C THR GB 521 -29.63 74.14 -63.49
N PRO GB 522 -30.75 73.41 -63.44
CA PRO GB 522 -31.02 72.30 -64.36
C PRO GB 522 -31.38 72.73 -65.79
N LYS GB 523 -31.20 71.80 -66.73
CA LYS GB 523 -31.68 71.90 -68.12
C LYS GB 523 -32.99 71.11 -68.26
N ILE GB 524 -34.10 71.78 -68.58
CA ILE GB 524 -35.40 71.13 -68.75
C ILE GB 524 -35.91 71.47 -70.17
N PRO GB 525 -36.16 70.49 -71.04
CA PRO GB 525 -36.69 70.76 -72.37
C PRO GB 525 -38.02 71.53 -72.33
N LYS GB 526 -38.24 72.45 -73.27
CA LYS GB 526 -39.49 73.22 -73.35
C LYS GB 526 -40.68 72.29 -73.54
N GLY GB 527 -41.75 72.53 -72.78
CA GLY GB 527 -42.94 71.69 -72.73
C GLY GB 527 -42.87 70.50 -71.77
N ILE GB 528 -41.74 70.26 -71.10
CA ILE GB 528 -41.62 69.26 -70.04
C ILE GB 528 -41.65 69.95 -68.67
N THR GB 529 -42.43 69.38 -67.74
CA THR GB 529 -42.43 69.80 -66.33
C THR GB 529 -41.73 68.75 -65.51
N ALA GB 530 -40.67 69.13 -64.81
CA ALA GB 530 -40.01 68.28 -63.85
C ALA GB 530 -40.73 68.34 -62.51
N GLU GB 531 -40.74 67.26 -61.75
CA GLU GB 531 -41.50 67.12 -60.51
C GLU GB 531 -40.68 66.35 -59.49
N ALA GB 532 -40.92 66.57 -58.20
CA ALA GB 532 -40.37 65.73 -57.14
C ALA GB 532 -41.42 65.51 -56.05
N LYS GB 533 -41.37 64.36 -55.40
CA LYS GB 533 -42.30 64.00 -54.32
C LYS GB 533 -41.60 63.29 -53.17
N VAL GB 534 -42.15 63.44 -51.98
CA VAL GB 534 -41.81 62.68 -50.78
C VAL GB 534 -43.05 61.93 -50.31
N LYS GB 535 -42.88 60.73 -49.78
CA LYS GB 535 -43.92 60.06 -48.99
C LYS GB 535 -43.61 60.25 -47.52
N TYR GB 536 -44.57 60.75 -46.76
CA TYR GB 536 -44.42 61.01 -45.33
C TYR GB 536 -45.25 60.05 -44.50
N SER GB 537 -44.82 59.84 -43.27
CA SER GB 537 -45.58 59.16 -42.23
C SER GB 537 -45.31 59.84 -40.90
N PHE GB 538 -46.24 60.68 -40.44
CA PHE GB 538 -46.17 61.31 -39.12
C PHE GB 538 -46.78 60.40 -38.07
N ASN GB 539 -46.09 60.17 -36.96
CA ASN GB 539 -46.52 59.26 -35.92
C ASN GB 539 -47.14 60.05 -34.75
N PHE GB 540 -48.40 59.76 -34.46
CA PHE GB 540 -49.15 60.35 -33.37
C PHE GB 540 -49.77 59.27 -32.51
N LYS GB 541 -50.12 59.62 -31.28
CA LYS GB 541 -51.11 58.90 -30.49
C LYS GB 541 -52.22 59.86 -30.14
N TRP GB 542 -53.45 59.37 -30.08
CA TRP GB 542 -54.61 60.11 -29.60
C TRP GB 542 -55.01 59.59 -28.24
N GLY GB 543 -55.31 60.48 -27.30
CA GLY GB 543 -55.59 60.11 -25.91
C GLY GB 543 -56.92 60.66 -25.43
N GLY GB 544 -57.61 59.92 -24.57
CA GLY GB 544 -58.86 60.38 -23.98
C GLY GB 544 -59.50 59.36 -23.05
N ASP GB 545 -60.61 59.76 -22.45
CA ASP GB 545 -61.57 58.84 -21.86
C ASP GB 545 -62.32 58.05 -22.94
N LEU GB 546 -62.86 56.89 -22.59
CA LEU GB 546 -63.48 55.97 -23.56
C LEU GB 546 -64.67 56.64 -24.29
N PRO GB 547 -64.72 56.57 -25.63
CA PRO GB 547 -65.79 57.19 -26.42
C PRO GB 547 -67.06 56.30 -26.51
N PRO GB 548 -68.19 56.87 -26.94
CA PRO GB 548 -69.41 56.13 -27.28
C PRO GB 548 -69.31 55.42 -28.66
N MET GB 549 -70.26 54.53 -28.97
CA MET GB 549 -70.30 53.72 -30.20
C MET GB 549 -71.75 53.32 -30.58
N SER GB 550 -72.00 52.92 -31.83
CA SER GB 550 -73.34 52.49 -32.31
C SER GB 550 -73.29 51.24 -33.20
N THR GB 551 -74.45 50.60 -33.42
CA THR GB 551 -74.57 49.26 -34.02
C THR GB 551 -75.68 49.18 -35.08
N ILE GB 552 -75.63 48.13 -35.90
CA ILE GB 552 -76.49 47.92 -37.08
C ILE GB 552 -77.35 46.66 -36.89
N THR GB 553 -78.59 46.65 -37.40
CA THR GB 553 -79.48 45.47 -37.31
C THR GB 553 -78.85 44.25 -37.97
N ASN GB 554 -79.02 43.06 -37.42
CA ASN GB 554 -78.55 41.83 -38.06
C ASN GB 554 -79.30 41.45 -39.35
N PRO GB 555 -80.65 41.51 -39.43
CA PRO GB 555 -81.37 41.06 -40.61
C PRO GB 555 -81.06 41.89 -41.85
N THR GB 556 -81.02 43.22 -41.73
CA THR GB 556 -80.66 44.11 -42.86
C THR GB 556 -79.18 44.40 -42.79
N ASP GB 557 -78.33 43.46 -43.22
CA ASP GB 557 -76.86 43.61 -43.12
C ASP GB 557 -76.22 42.92 -44.33
N GLN GB 558 -74.89 42.99 -44.47
CA GLN GB 558 -74.17 42.36 -45.61
C GLN GB 558 -74.77 40.96 -45.84
N PRO GB 559 -75.45 40.69 -46.97
CA PRO GB 559 -76.09 39.40 -47.18
C PRO GB 559 -75.14 38.36 -47.73
N THR GB 560 -75.28 37.10 -47.28
CA THR GB 560 -74.44 36.02 -47.81
C THR GB 560 -74.74 35.79 -49.30
N TYR GB 561 -73.78 35.29 -50.08
CA TYR GB 561 -73.95 35.05 -51.52
C TYR GB 561 -75.20 34.19 -51.84
N VAL GB 562 -75.57 33.28 -50.91
CA VAL GB 562 -76.77 32.44 -51.00
C VAL GB 562 -78.04 33.30 -51.10
N LYS HB 48 -55.33 31.00 -38.61
CA LYS HB 48 -55.33 30.69 -40.07
C LYS HB 48 -56.51 29.81 -40.46
N ARG HB 49 -56.54 28.54 -40.04
CA ARG HB 49 -57.68 27.62 -40.23
C ARG HB 49 -57.94 26.80 -38.97
N LEU HB 50 -59.20 26.53 -38.68
CA LEU HB 50 -59.64 25.83 -37.47
C LEU HB 50 -60.45 24.59 -37.83
N ASN HB 51 -60.37 23.56 -36.99
CA ASN HB 51 -61.30 22.44 -37.05
C ASN HB 51 -62.73 22.91 -36.73
N ILE HB 52 -63.71 22.46 -37.49
CA ILE HB 52 -65.12 22.61 -37.13
C ILE HB 52 -65.43 21.66 -35.97
N VAL HB 53 -66.11 22.17 -34.95
CA VAL HB 53 -66.43 21.46 -33.71
C VAL HB 53 -67.92 21.53 -33.47
N GLU HB 54 -68.50 20.46 -32.94
CA GLU HB 54 -69.90 20.38 -32.54
C GLU HB 54 -70.01 20.08 -31.04
N TRP HB 55 -71.03 20.61 -30.38
CA TRP HB 55 -71.28 20.31 -28.97
C TRP HB 55 -72.26 19.15 -28.86
N GLN HB 56 -71.81 18.12 -28.16
CA GLN HB 56 -72.58 16.84 -28.05
C GLN HB 56 -73.91 17.08 -27.34
N PRO HB 57 -74.99 16.42 -27.78
CA PRO HB 57 -76.32 16.59 -27.19
C PRO HB 57 -76.42 15.99 -25.80
N LYS HB 58 -77.42 16.44 -25.03
CA LYS HB 58 -77.53 16.19 -23.58
C LYS HB 58 -77.67 14.70 -23.23
N SER HB 59 -78.44 13.94 -24.00
CA SER HB 59 -78.56 12.49 -23.86
C SER HB 59 -78.39 11.77 -25.19
N ILE HB 60 -77.69 10.65 -25.18
CA ILE HB 60 -77.31 9.87 -26.37
C ILE HB 60 -77.61 8.40 -26.13
N ARG HB 61 -78.17 7.71 -27.15
CA ARG HB 61 -78.51 6.26 -27.06
C ARG HB 61 -78.14 5.48 -28.33
N LYS HB 62 -77.10 4.63 -28.29
CA LYS HB 62 -76.68 3.79 -29.42
C LYS HB 62 -77.81 2.84 -29.83
N CYS HB 63 -78.04 2.67 -31.13
CA CYS HB 63 -79.00 1.74 -31.68
C CYS HB 63 -78.44 1.05 -32.92
N ARG HB 64 -78.37 -0.29 -32.87
CA ARG HB 64 -77.97 -1.11 -34.06
C ARG HB 64 -79.23 -1.68 -34.72
N ILE HB 65 -79.63 -1.13 -35.87
CA ILE HB 65 -80.77 -1.66 -36.62
C ILE HB 65 -80.31 -2.94 -37.31
N LYS HB 66 -80.69 -4.10 -36.76
CA LYS HB 66 -80.22 -5.44 -37.18
C LYS HB 66 -81.32 -6.17 -37.91
N GLY HB 67 -81.03 -6.82 -39.03
CA GLY HB 67 -82.02 -7.57 -39.78
C GLY HB 67 -81.46 -8.35 -40.95
N MET HB 68 -82.36 -8.92 -41.74
CA MET HB 68 -82.04 -9.79 -42.87
C MET HB 68 -82.65 -9.22 -44.15
N LEU HB 69 -81.89 -9.14 -45.24
CA LEU HB 69 -82.33 -8.61 -46.54
C LEU HB 69 -82.19 -9.67 -47.63
N CYS HB 70 -83.25 -9.93 -48.38
CA CYS HB 70 -83.19 -10.78 -49.56
C CYS HB 70 -82.53 -10.05 -50.73
N LEU HB 71 -81.44 -10.60 -51.28
CA LEU HB 71 -80.71 -9.98 -52.39
C LEU HB 71 -81.36 -10.31 -53.74
N PHE HB 72 -81.76 -11.55 -53.94
CA PHE HB 72 -82.60 -11.97 -55.06
C PHE HB 72 -83.32 -13.25 -54.67
N GLN HB 73 -84.40 -13.56 -55.36
CA GLN HB 73 -84.95 -14.91 -55.42
C GLN HB 73 -85.43 -15.17 -56.84
N THR HB 74 -84.89 -16.19 -57.48
CA THR HB 74 -84.93 -16.34 -58.95
C THR HB 74 -85.19 -17.77 -59.37
N THR HB 75 -85.92 -17.92 -60.46
CA THR HB 75 -85.92 -19.12 -61.32
C THR HB 75 -85.05 -18.85 -62.55
N GLU HB 76 -84.80 -19.86 -63.39
CA GLU HB 76 -84.00 -19.71 -64.61
C GLU HB 76 -84.61 -18.72 -65.62
N ASP HB 77 -85.93 -18.70 -65.74
CA ASP HB 77 -86.69 -17.85 -66.66
C ASP HB 77 -86.82 -16.38 -66.20
N ARG HB 78 -86.24 -16.04 -65.04
CA ARG HB 78 -86.19 -14.68 -64.51
C ARG HB 78 -84.78 -14.16 -64.23
N LEU HB 79 -83.73 -14.88 -64.63
CA LEU HB 79 -82.36 -14.51 -64.31
C LEU HB 79 -81.92 -13.14 -64.83
N SER HB 80 -82.38 -12.73 -66.01
CA SER HB 80 -82.00 -11.45 -66.62
C SER HB 80 -82.80 -10.24 -66.13
N TYR HB 81 -83.69 -10.40 -65.14
CA TYR HB 81 -84.57 -9.35 -64.64
C TYR HB 81 -84.23 -8.93 -63.20
N ASN HB 82 -84.52 -7.67 -62.87
CA ASN HB 82 -84.32 -7.10 -61.56
C ASN HB 82 -85.36 -7.62 -60.55
N PHE HB 83 -84.91 -8.18 -59.43
CA PHE HB 83 -85.75 -8.57 -58.31
C PHE HB 83 -86.16 -7.37 -57.46
N ASP HB 84 -87.45 -7.06 -57.45
CA ASP HB 84 -88.08 -6.23 -56.44
C ASP HB 84 -88.94 -7.11 -55.54
N MET HB 85 -88.75 -7.00 -54.22
CA MET HB 85 -89.52 -7.78 -53.24
C MET HB 85 -90.95 -7.24 -53.10
N TYR HB 86 -91.14 -5.95 -53.37
CA TYR HB 86 -92.44 -5.28 -53.37
C TYR HB 86 -92.80 -4.95 -54.83
N GLU HB 87 -93.79 -5.67 -55.33
CA GLU HB 87 -93.94 -6.01 -56.74
C GLU HB 87 -94.77 -5.06 -57.61
N GLU HB 88 -94.57 -5.14 -58.93
CA GLU HB 88 -95.63 -4.82 -59.89
C GLU HB 88 -96.60 -6.02 -59.84
N SER HB 89 -97.84 -5.82 -59.40
CA SER HB 89 -98.73 -6.85 -58.82
C SER HB 89 -98.97 -8.12 -59.65
N ILE HB 90 -98.71 -8.08 -60.96
CA ILE HB 90 -98.76 -9.25 -61.85
C ILE HB 90 -97.54 -10.17 -61.71
N ILE HB 91 -96.34 -9.64 -61.41
CA ILE HB 91 -95.10 -10.42 -61.41
C ILE HB 91 -95.16 -11.64 -60.48
N PRO HB 92 -95.56 -11.57 -59.20
CA PRO HB 92 -95.58 -12.76 -58.35
C PRO HB 92 -96.73 -13.72 -58.67
N GLU HB 93 -97.70 -13.37 -59.51
CA GLU HB 93 -98.76 -14.30 -59.90
C GLU HB 93 -98.19 -15.42 -60.76
N LYS HB 94 -98.11 -16.62 -60.19
CA LYS HB 94 -97.52 -17.83 -60.80
C LYS HB 94 -96.03 -17.70 -61.17
N LEU HB 95 -95.27 -16.82 -60.48
CA LEU HB 95 -93.80 -16.88 -60.45
C LEU HB 95 -93.28 -16.95 -59.00
N PRO HB 96 -92.51 -17.98 -58.62
CA PRO HB 96 -91.98 -18.11 -57.27
C PRO HB 96 -90.74 -17.23 -57.00
N GLY HB 97 -90.07 -16.73 -58.05
CA GLY HB 97 -88.97 -15.76 -57.92
C GLY HB 97 -88.97 -14.76 -59.07
N GLY HB 98 -88.84 -13.47 -58.76
CA GLY HB 98 -89.08 -12.39 -59.71
C GLY HB 98 -87.87 -11.92 -60.51
N GLY HB 99 -86.64 -12.22 -60.09
CA GLY HB 99 -85.46 -11.69 -60.76
C GLY HB 99 -84.14 -12.23 -60.22
N GLY HB 100 -83.13 -12.32 -61.07
CA GLY HB 100 -81.81 -12.89 -60.74
C GLY HB 100 -80.73 -11.89 -60.41
N PHE HB 101 -81.03 -10.60 -60.45
CA PHE HB 101 -80.15 -9.55 -59.95
C PHE HB 101 -80.98 -8.52 -59.22
N SER HB 102 -80.40 -7.72 -58.34
CA SER HB 102 -81.08 -6.54 -57.80
C SER HB 102 -80.14 -5.38 -57.60
N ILE HB 103 -80.71 -4.18 -57.60
CA ILE HB 103 -80.09 -3.00 -57.01
C ILE HB 103 -80.96 -2.58 -55.83
N LYS HB 104 -80.39 -2.58 -54.63
CA LYS HB 104 -81.03 -2.16 -53.37
C LYS HB 104 -80.47 -0.81 -52.97
N ASN HB 105 -81.31 0.16 -52.65
CA ASN HB 105 -80.93 1.37 -51.92
C ASN HB 105 -81.49 1.27 -50.50
N ILE HB 106 -80.65 1.48 -49.49
CA ILE HB 106 -81.05 1.46 -48.08
C ILE HB 106 -81.01 2.86 -47.52
N SER HB 107 -82.09 3.28 -46.87
CA SER HB 107 -82.22 4.54 -46.14
C SER HB 107 -82.87 4.26 -44.80
N LEU HB 108 -82.72 5.17 -43.84
CA LEU HB 108 -83.34 5.04 -42.52
C LEU HB 108 -84.88 4.90 -42.60
N TYR HB 109 -85.52 5.52 -43.57
CA TYR HB 109 -86.94 5.29 -43.82
C TYR HB 109 -87.24 3.90 -44.38
N ALA HB 110 -86.41 3.39 -45.30
CA ALA HB 110 -86.54 2.01 -45.75
C ALA HB 110 -86.29 0.99 -44.62
N LEU HB 111 -85.36 1.27 -43.70
CA LEU HB 111 -85.17 0.47 -42.49
C LEU HB 111 -86.39 0.50 -41.57
N TYR HB 112 -87.04 1.64 -41.40
CA TYR HB 112 -88.32 1.73 -40.70
C TYR HB 112 -89.42 0.95 -41.42
N GLN HB 113 -89.52 1.00 -42.75
CA GLN HB 113 -90.49 0.19 -43.50
C GLN HB 113 -90.23 -1.31 -43.34
N GLU HB 114 -88.98 -1.76 -43.33
CA GLU HB 114 -88.64 -3.15 -43.03
C GLU HB 114 -89.01 -3.54 -41.59
N HIS HB 115 -89.06 -2.59 -40.65
CA HIS HB 115 -89.51 -2.85 -39.26
C HIS HB 115 -91.03 -3.08 -39.23
N ILE HB 116 -91.77 -2.42 -40.13
CA ILE HB 116 -93.23 -2.66 -40.25
C ILE HB 116 -93.53 -4.05 -40.82
N HIS HB 117 -92.65 -4.58 -41.68
CA HIS HB 117 -92.70 -5.98 -42.12
C HIS HB 117 -92.12 -6.98 -41.12
N ALA HB 118 -91.68 -6.52 -39.95
CA ALA HB 118 -90.98 -7.31 -38.93
C ALA HB 118 -89.68 -7.96 -39.42
N HIS HB 119 -89.04 -7.40 -40.44
CA HIS HB 119 -87.79 -7.94 -41.00
C HIS HB 119 -86.54 -7.50 -40.23
N ASN HB 120 -86.64 -6.53 -39.33
CA ASN HB 120 -85.54 -6.08 -38.49
C ASN HB 120 -85.98 -5.72 -37.07
N ILE HB 121 -85.00 -5.58 -36.19
CA ILE HB 121 -85.14 -5.02 -34.85
C ILE HB 121 -84.38 -3.69 -34.77
N PHE HB 122 -84.87 -2.75 -33.99
CA PHE HB 122 -84.11 -1.59 -33.54
C PHE HB 122 -83.67 -1.87 -32.10
N THR HB 123 -82.36 -1.89 -31.84
CA THR HB 123 -81.82 -2.20 -30.51
C THR HB 123 -82.22 -1.17 -29.44
N HIS HB 124 -82.53 0.04 -29.88
CA HIS HB 124 -83.07 1.10 -28.99
C HIS HB 124 -84.09 1.89 -29.80
N THR HB 125 -85.23 2.24 -29.22
CA THR HB 125 -86.21 3.12 -29.87
C THR HB 125 -85.68 4.54 -30.03
N ASN HB 126 -86.30 5.27 -30.94
CA ASN HB 126 -85.95 6.65 -31.31
C ASN HB 126 -87.08 7.65 -31.01
N THR HB 127 -88.10 7.29 -30.22
CA THR HB 127 -89.37 8.02 -30.17
C THR HB 127 -89.25 9.45 -29.67
N ASP HB 128 -88.34 9.71 -28.73
CA ASP HB 128 -88.21 11.01 -28.05
C ASP HB 128 -86.81 11.61 -28.15
N ARG HB 129 -86.00 11.11 -29.10
CA ARG HB 129 -84.64 11.66 -29.39
C ARG HB 129 -84.66 11.95 -30.89
N PRO HB 130 -84.82 13.22 -31.36
CA PRO HB 130 -85.04 13.53 -32.76
C PRO HB 130 -83.75 13.62 -33.61
N LEU HB 131 -82.58 13.73 -32.99
CA LEU HB 131 -81.30 13.75 -33.69
C LEU HB 131 -80.82 12.32 -33.98
N ALA HB 132 -80.07 12.17 -35.06
CA ALA HB 132 -79.41 10.94 -35.44
C ALA HB 132 -77.95 11.18 -35.84
N ARG HB 133 -77.08 10.20 -35.53
CA ARG HB 133 -75.64 10.25 -35.90
C ARG HB 133 -75.26 8.87 -36.48
N TYR HB 134 -75.37 8.70 -37.79
CA TYR HB 134 -75.04 7.45 -38.49
C TYR HB 134 -73.54 7.20 -38.52
N THR HB 135 -73.11 5.99 -38.15
CA THR HB 135 -71.68 5.66 -37.97
C THR HB 135 -71.17 4.64 -38.99
N GLY HB 136 -72.04 4.04 -39.79
CA GLY HB 136 -71.69 3.02 -40.78
C GLY HB 136 -72.47 1.73 -40.62
N CYS HB 137 -72.13 0.75 -41.44
CA CYS HB 137 -72.86 -0.50 -41.54
C CYS HB 137 -71.92 -1.71 -41.46
N SER HB 138 -72.37 -2.82 -40.91
CA SER HB 138 -71.78 -4.14 -41.09
C SER HB 138 -72.71 -5.01 -41.92
N LEU HB 139 -72.18 -5.67 -42.95
CA LEU HB 139 -72.91 -6.67 -43.72
C LEU HB 139 -72.27 -8.04 -43.52
N LYS HB 140 -73.07 -9.09 -43.34
CA LYS HB 140 -72.67 -10.50 -43.45
C LYS HB 140 -73.41 -11.13 -44.62
N PHE HB 141 -72.68 -11.49 -45.67
CA PHE HB 141 -73.23 -12.13 -46.85
C PHE HB 141 -73.12 -13.63 -46.68
N TYR HB 142 -74.22 -14.37 -46.75
CA TYR HB 142 -74.23 -15.81 -46.54
C TYR HB 142 -74.06 -16.58 -47.84
N GLN HB 143 -73.29 -17.67 -47.80
CA GLN HB 143 -73.30 -18.65 -48.88
C GLN HB 143 -74.70 -19.23 -49.03
N SER HB 144 -75.27 -19.15 -50.23
CA SER HB 144 -76.47 -19.92 -50.54
C SER HB 144 -76.14 -21.40 -50.68
N LYS HB 145 -77.14 -22.26 -50.57
CA LYS HB 145 -76.96 -23.70 -50.77
C LYS HB 145 -76.59 -24.03 -52.22
N ASP HB 146 -77.37 -23.54 -53.17
CA ASP HB 146 -77.36 -24.01 -54.57
C ASP HB 146 -76.76 -23.02 -55.59
N ILE HB 147 -76.63 -21.74 -55.25
CA ILE HB 147 -76.22 -20.71 -56.26
C ILE HB 147 -75.10 -19.81 -55.74
N ASP HB 148 -74.16 -19.44 -56.61
CA ASP HB 148 -73.07 -18.50 -56.25
C ASP HB 148 -73.63 -17.11 -56.52
N TYR HB 149 -72.93 -16.04 -56.14
CA TYR HB 149 -73.43 -14.68 -56.50
C TYR HB 149 -72.37 -13.62 -56.27
N VAL HB 150 -72.32 -12.63 -57.15
CA VAL HB 150 -71.40 -11.49 -57.05
C VAL HB 150 -72.15 -10.35 -56.39
N VAL HB 151 -71.51 -9.66 -55.44
CA VAL HB 151 -71.99 -8.41 -54.87
C VAL HB 151 -71.00 -7.30 -55.18
N THR HB 152 -71.49 -6.10 -55.43
CA THR HB 152 -70.70 -4.89 -55.24
C THR HB 152 -71.58 -3.80 -54.65
N TYR HB 153 -71.02 -2.89 -53.87
CA TYR HB 153 -71.78 -1.88 -53.16
C TYR HB 153 -71.13 -0.52 -53.34
N SER HB 154 -71.91 0.53 -53.15
CA SER HB 154 -71.45 1.91 -53.27
C SER HB 154 -72.07 2.77 -52.18
N THR HB 155 -71.45 3.91 -51.86
CA THR HB 155 -72.02 4.87 -50.88
C THR HB 155 -71.86 6.30 -51.41
N SER HB 156 -71.69 6.48 -52.72
CA SER HB 156 -71.69 7.84 -53.28
C SER HB 156 -73.07 8.45 -52.99
N LEU HB 157 -73.16 9.44 -52.09
CA LEU HB 157 -74.47 9.98 -51.67
C LEU HB 157 -75.34 10.24 -52.91
N PRO HB 158 -74.83 10.85 -54.01
CA PRO HB 158 -75.64 11.01 -55.21
C PRO HB 158 -76.13 9.65 -55.68
N LEU HB 159 -77.45 9.44 -55.70
CA LEU HB 159 -78.05 8.15 -56.11
C LEU HB 159 -78.71 8.31 -57.49
N ARG HB 160 -78.35 7.46 -58.45
CA ARG HB 160 -78.94 7.50 -59.81
C ARG HB 160 -78.76 6.14 -60.50
N SER HB 161 -79.55 5.86 -61.54
CA SER HB 161 -79.44 4.60 -62.31
C SER HB 161 -78.85 4.92 -63.70
N SER HB 162 -78.20 3.94 -64.34
CA SER HB 162 -77.59 4.15 -65.67
C SER HB 162 -77.76 2.90 -66.54
N MET HB 163 -77.78 3.06 -67.86
CA MET HB 163 -77.88 1.95 -68.80
C MET HB 163 -76.64 1.02 -68.71
N GLY HB 164 -75.45 1.61 -68.55
CA GLY HB 164 -74.21 0.88 -68.32
C GLY HB 164 -74.18 0.13 -66.99
N MET HB 165 -74.77 0.68 -65.92
CA MET HB 165 -74.96 -0.05 -64.66
C MET HB 165 -75.79 -1.31 -64.88
N TYR HB 166 -76.96 -1.21 -65.50
CA TYR HB 166 -77.84 -2.37 -65.70
C TYR HB 166 -77.23 -3.43 -66.61
N ASN HB 167 -76.52 -3.05 -67.69
CA ASN HB 167 -75.78 -4.02 -68.48
C ASN HB 167 -74.64 -4.65 -67.68
N SER HB 168 -73.90 -3.86 -66.89
CA SER HB 168 -72.80 -4.39 -66.08
C SER HB 168 -73.25 -5.33 -64.96
N MET HB 169 -74.55 -5.43 -64.66
CA MET HB 169 -75.09 -6.47 -63.80
C MET HB 169 -75.00 -7.88 -64.39
N GLN HB 170 -74.72 -8.03 -65.70
CA GLN HB 170 -74.56 -9.33 -66.33
C GLN HB 170 -73.48 -10.11 -65.57
N PRO HB 171 -73.70 -11.38 -65.20
CA PRO HB 171 -72.84 -12.06 -64.22
C PRO HB 171 -71.36 -12.09 -64.56
N SER HB 172 -71.00 -12.30 -65.83
CA SER HB 172 -69.61 -12.29 -66.28
C SER HB 172 -68.99 -10.89 -66.18
N ILE HB 173 -69.74 -9.85 -66.54
CA ILE HB 173 -69.26 -8.47 -66.48
C ILE HB 173 -69.13 -8.00 -65.04
N HIS HB 174 -70.11 -8.27 -64.19
CA HIS HB 174 -70.05 -7.95 -62.77
C HIS HB 174 -68.89 -8.69 -62.10
N LEU HB 175 -68.69 -9.96 -62.40
CA LEU HB 175 -67.54 -10.72 -61.90
C LEU HB 175 -66.18 -10.16 -62.35
N MET HB 176 -66.08 -9.42 -63.45
CA MET HB 176 -64.83 -8.75 -63.83
C MET HB 176 -64.57 -7.44 -63.09
N GLN HB 177 -65.57 -6.79 -62.51
CA GLN HB 177 -65.42 -5.46 -61.91
C GLN HB 177 -64.49 -5.46 -60.69
N GLN HB 178 -63.85 -4.32 -60.43
CA GLN HB 178 -63.05 -4.11 -59.23
C GLN HB 178 -63.95 -3.91 -58.00
N ASN HB 179 -63.45 -4.28 -56.82
CA ASN HB 179 -64.18 -4.23 -55.55
C ASN HB 179 -65.51 -5.00 -55.59
N LYS HB 180 -65.56 -6.06 -56.39
CA LYS HB 180 -66.55 -7.14 -56.27
C LYS HB 180 -66.31 -7.95 -55.00
N LEU HB 181 -67.34 -8.65 -54.56
CA LEU HB 181 -67.28 -9.74 -53.62
C LEU HB 181 -67.95 -10.94 -54.27
N ILE HB 182 -67.26 -12.07 -54.39
CA ILE HB 182 -67.84 -13.33 -54.88
C ILE HB 182 -68.18 -14.17 -53.67
N VAL HB 183 -69.42 -14.66 -53.62
CA VAL HB 183 -69.86 -15.61 -52.60
C VAL HB 183 -70.15 -16.94 -53.27
N PRO HB 184 -69.24 -17.93 -53.18
CA PRO HB 184 -69.50 -19.27 -53.68
C PRO HB 184 -70.64 -19.90 -52.89
N SER HB 185 -71.44 -20.74 -53.52
CA SER HB 185 -72.38 -21.59 -52.82
C SER HB 185 -71.68 -22.57 -51.89
N LYS HB 186 -72.39 -23.14 -50.93
CA LYS HB 186 -71.86 -24.21 -50.06
C LYS HB 186 -71.44 -25.44 -50.85
N GLN HB 187 -72.08 -25.69 -51.99
CA GLN HB 187 -71.70 -26.73 -52.94
C GLN HB 187 -70.37 -26.44 -53.65
N THR HB 188 -70.14 -25.22 -54.15
CA THR HB 188 -68.89 -24.91 -54.87
C THR HB 188 -67.70 -24.69 -53.95
N GLN HB 189 -67.89 -24.24 -52.71
CA GLN HB 189 -66.81 -24.16 -51.72
C GLN HB 189 -67.31 -24.28 -50.29
N LYS HB 190 -66.89 -25.31 -49.56
CA LYS HB 190 -67.02 -25.38 -48.09
C LYS HB 190 -66.00 -24.46 -47.43
N ARG HB 191 -66.43 -23.68 -46.44
CA ARG HB 191 -65.62 -22.63 -45.79
C ARG HB 191 -65.64 -22.79 -44.27
N ARG HB 192 -64.63 -22.25 -43.57
CA ARG HB 192 -64.59 -22.18 -42.11
C ARG HB 192 -65.76 -21.36 -41.56
N LYS HB 193 -65.90 -20.12 -42.05
CA LYS HB 193 -67.05 -19.26 -41.74
C LYS HB 193 -68.05 -19.33 -42.91
N PRO HB 194 -69.34 -19.56 -42.67
CA PRO HB 194 -70.33 -19.74 -43.73
C PRO HB 194 -70.80 -18.42 -44.37
N TYR HB 195 -70.12 -17.31 -44.09
CA TYR HB 195 -70.46 -15.96 -44.52
C TYR HB 195 -69.19 -15.16 -44.79
N ILE HB 196 -69.32 -14.08 -45.56
CA ILE HB 196 -68.27 -13.07 -45.72
C ILE HB 196 -68.75 -11.76 -45.09
N LYS HB 197 -67.96 -11.20 -44.19
CA LYS HB 197 -68.30 -10.02 -43.37
C LYS HB 197 -67.46 -8.83 -43.80
N LYS HB 198 -68.10 -7.68 -44.03
CA LYS HB 198 -67.35 -6.42 -44.20
C LYS HB 198 -68.11 -5.18 -43.72
N HIS HB 199 -67.32 -4.21 -43.28
CA HIS HB 199 -67.78 -2.95 -42.72
C HIS HB 199 -67.76 -1.87 -43.80
N ILE HB 200 -68.82 -1.09 -43.87
CA ILE HB 200 -69.03 -0.05 -44.88
C ILE HB 200 -69.19 1.29 -44.18
N SER HB 201 -68.37 2.26 -44.55
CA SER HB 201 -68.36 3.60 -43.97
C SER HB 201 -69.56 4.44 -44.47
N PRO HB 202 -70.02 5.49 -43.78
CA PRO HB 202 -71.06 6.36 -44.31
C PRO HB 202 -70.73 6.97 -45.67
N PRO HB 203 -71.73 7.41 -46.44
CA PRO HB 203 -71.51 8.26 -47.61
C PRO HB 203 -70.59 9.43 -47.28
N THR HB 204 -69.72 9.85 -48.20
CA THR HB 204 -68.79 10.96 -47.93
C THR HB 204 -69.51 12.27 -47.61
N GLN HB 205 -70.75 12.42 -48.10
CA GLN HB 205 -71.61 13.61 -47.83
C GLN HB 205 -72.25 13.54 -46.45
N MET HB 206 -72.41 12.34 -45.88
CA MET HB 206 -72.86 12.17 -44.49
C MET HB 206 -71.66 12.31 -43.56
N LYS HB 207 -71.48 13.48 -42.96
CA LYS HB 207 -70.37 13.75 -42.04
C LYS HB 207 -70.68 13.16 -40.65
N SER HB 208 -69.71 13.14 -39.75
CA SER HB 208 -69.91 12.58 -38.40
C SER HB 208 -70.84 13.40 -37.51
N GLN HB 209 -71.26 14.59 -37.94
CA GLN HB 209 -72.17 15.47 -37.20
C GLN HB 209 -73.54 14.82 -36.91
N TRP HB 210 -74.27 15.38 -35.95
CA TRP HB 210 -75.68 15.08 -35.74
C TRP HB 210 -76.56 15.68 -36.83
N TYR HB 211 -77.63 15.00 -37.20
CA TYR HB 211 -78.63 15.44 -38.16
C TYR HB 211 -80.03 15.16 -37.61
N PHE HB 212 -81.01 16.02 -37.82
CA PHE HB 212 -82.39 15.66 -37.55
C PHE HB 212 -82.80 14.42 -38.35
N GLN HB 213 -83.47 13.46 -37.70
CA GLN HB 213 -83.91 12.21 -38.36
C GLN HB 213 -84.87 12.51 -39.52
N HIS HB 214 -85.63 13.62 -39.47
CA HIS HB 214 -86.55 14.04 -40.56
C HIS HB 214 -85.75 14.39 -41.82
N ASN HB 215 -84.56 14.98 -41.66
CA ASN HB 215 -83.74 15.39 -42.79
C ASN HB 215 -83.06 14.19 -43.47
N ILE HB 216 -82.44 13.31 -42.68
CA ILE HB 216 -81.71 12.15 -43.20
C ILE HB 216 -82.58 10.94 -43.53
N ALA HB 217 -83.86 10.92 -43.16
CA ALA HB 217 -84.74 9.77 -43.33
C ALA HB 217 -84.67 9.13 -44.71
N ASN HB 218 -84.74 9.95 -45.78
CA ASN HB 218 -84.79 9.47 -47.16
C ASN HB 218 -83.45 9.46 -47.90
N ILE HB 219 -82.36 9.95 -47.29
CA ILE HB 219 -81.02 9.94 -47.89
C ILE HB 219 -80.54 8.49 -48.02
N PRO HB 220 -80.21 7.99 -49.23
CA PRO HB 220 -79.78 6.60 -49.40
C PRO HB 220 -78.35 6.43 -48.90
N LEU HB 221 -78.17 5.69 -47.79
CA LEU HB 221 -76.84 5.56 -47.12
C LEU HB 221 -76.04 4.35 -47.62
N LEU HB 222 -76.64 3.48 -48.41
CA LEU HB 222 -75.97 2.33 -49.01
C LEU HB 222 -76.69 1.91 -50.29
N MET HB 223 -75.94 1.59 -51.35
CA MET HB 223 -76.43 0.80 -52.48
C MET HB 223 -75.77 -0.57 -52.52
N ILE HB 224 -76.54 -1.65 -52.62
CA ILE HB 224 -76.03 -3.01 -52.85
C ILE HB 224 -76.49 -3.46 -54.23
N ARG HB 225 -75.55 -3.92 -55.06
CA ARG HB 225 -75.80 -4.53 -56.37
C ARG HB 225 -75.45 -6.00 -56.29
N THR HB 226 -76.37 -6.90 -56.64
CA THR HB 226 -76.13 -8.35 -56.58
C THR HB 226 -76.59 -9.03 -57.85
N THR HB 227 -75.85 -10.01 -58.36
CA THR HB 227 -76.25 -10.84 -59.51
C THR HB 227 -75.98 -12.30 -59.22
N ALA HB 228 -76.90 -13.18 -59.63
CA ALA HB 228 -76.78 -14.63 -59.53
C ALA HB 228 -75.84 -15.20 -60.60
N LEU HB 229 -75.07 -16.21 -60.24
CA LEU HB 229 -73.86 -16.63 -60.95
C LEU HB 229 -73.71 -18.16 -60.90
N THR HB 230 -72.99 -18.75 -61.84
CA THR HB 230 -72.32 -20.03 -61.57
C THR HB 230 -70.87 -19.99 -61.97
N LEU HB 231 -69.99 -20.43 -61.08
CA LEU HB 231 -68.55 -20.55 -61.32
C LEU HB 231 -68.19 -21.87 -62.04
N ASP HB 232 -68.82 -22.99 -61.67
CA ASP HB 232 -68.55 -24.31 -62.23
C ASP HB 232 -69.20 -24.60 -63.59
N ASN HB 233 -70.23 -23.83 -63.97
CA ASN HB 233 -70.94 -23.95 -65.24
C ASN HB 233 -70.84 -22.65 -66.03
N TYR HB 234 -69.76 -21.89 -65.85
CA TYR HB 234 -69.61 -20.53 -66.36
C TYR HB 234 -69.87 -20.40 -67.87
N TYR HB 235 -69.35 -21.30 -68.69
CA TYR HB 235 -69.53 -21.26 -70.15
C TYR HB 235 -70.77 -22.00 -70.61
N ILE HB 236 -70.97 -23.25 -70.17
CA ILE HB 236 -72.10 -24.08 -70.59
C ILE HB 236 -73.42 -23.52 -70.07
N GLY HB 237 -73.45 -23.04 -68.83
CA GLY HB 237 -74.63 -22.48 -68.18
C GLY HB 237 -75.75 -23.50 -68.13
N SER HB 238 -76.85 -23.22 -68.82
CA SER HB 238 -77.98 -24.15 -69.01
C SER HB 238 -78.18 -24.58 -70.47
N ARG HB 239 -77.16 -24.46 -71.31
CA ARG HB 239 -77.16 -24.94 -72.71
C ARG HB 239 -77.59 -26.40 -72.80
N GLN HB 240 -78.40 -26.72 -73.80
CA GLN HB 240 -78.81 -28.07 -74.17
C GLN HB 240 -78.50 -28.29 -75.66
N LEU HB 241 -78.00 -29.46 -76.05
CA LEU HB 241 -77.60 -29.78 -77.42
C LEU HB 241 -76.60 -28.74 -77.99
N SER HB 242 -76.90 -28.11 -79.12
CA SER HB 242 -76.03 -27.15 -79.80
C SER HB 242 -75.75 -25.89 -78.97
N THR HB 243 -74.65 -25.20 -79.26
CA THR HB 243 -74.37 -23.86 -78.71
C THR HB 243 -75.37 -22.80 -79.22
N ASN HB 244 -75.93 -23.00 -80.42
CA ASN HB 244 -76.93 -22.11 -81.01
C ASN HB 244 -78.24 -22.14 -80.22
N VAL HB 245 -78.81 -20.97 -79.96
CA VAL HB 245 -80.17 -20.79 -79.43
C VAL HB 245 -81.10 -20.36 -80.57
N THR HB 246 -82.33 -20.84 -80.58
CA THR HB 246 -83.34 -20.46 -81.57
C THR HB 246 -84.19 -19.31 -81.06
N ILE HB 247 -84.27 -18.23 -81.82
CA ILE HB 247 -85.11 -17.06 -81.54
C ILE HB 247 -86.28 -17.07 -82.51
N HIS HB 248 -87.50 -16.89 -82.03
CA HIS HB 248 -88.67 -16.71 -82.93
C HIS HB 248 -88.80 -15.20 -83.14
N THR HB 249 -89.25 -14.74 -84.31
CA THR HB 249 -89.50 -13.31 -84.57
C THR HB 249 -90.68 -13.09 -85.50
N LEU HB 250 -91.26 -11.88 -85.47
CA LEU HB 250 -92.30 -11.51 -86.44
C LEU HB 250 -91.60 -11.18 -87.76
N ASN HB 251 -91.98 -11.83 -88.87
CA ASN HB 251 -91.40 -11.46 -90.19
C ASN HB 251 -91.47 -9.93 -90.29
N THR HB 252 -90.35 -9.25 -90.49
CA THR HB 252 -90.30 -7.77 -90.57
C THR HB 252 -90.72 -7.36 -91.96
N THR HB 253 -90.47 -8.18 -92.98
CA THR HB 253 -90.72 -7.86 -94.39
C THR HB 253 -92.20 -7.91 -94.79
N TYR HB 254 -93.10 -8.29 -93.87
CA TYR HB 254 -94.54 -8.38 -94.13
C TYR HB 254 -95.41 -7.84 -92.99
N ILE HB 255 -95.04 -8.08 -91.73
CA ILE HB 255 -95.78 -7.62 -90.55
C ILE HB 255 -95.18 -6.27 -90.08
N GLN HB 256 -95.76 -5.13 -90.44
CA GLN HB 256 -95.12 -3.84 -90.05
C GLN HB 256 -96.13 -2.79 -89.59
N ASN HB 257 -97.42 -2.99 -89.80
CA ASN HB 257 -98.36 -1.91 -89.54
C ASN HB 257 -98.58 -1.55 -88.07
N ARG HB 258 -98.30 -2.48 -87.14
CA ARG HB 258 -98.40 -2.24 -85.67
C ARG HB 258 -99.79 -1.69 -85.26
N ASP HB 259 -100.85 -2.03 -85.99
CA ASP HB 259 -102.21 -1.59 -85.66
C ASP HB 259 -102.96 -2.63 -84.80
N TRP HB 260 -102.41 -2.98 -83.65
CA TRP HB 260 -102.85 -4.14 -82.87
C TRP HB 260 -103.88 -3.86 -81.77
N GLY HB 261 -104.63 -4.91 -81.40
CA GLY HB 261 -105.43 -4.93 -80.17
C GLY HB 261 -106.80 -4.26 -80.26
N ASP HB 262 -107.44 -4.29 -81.43
CA ASP HB 262 -108.86 -3.90 -81.61
C ASP HB 262 -109.65 -5.00 -82.35
N ARG HB 263 -110.92 -5.22 -81.94
CA ARG HB 263 -111.84 -6.10 -82.73
C ARG HB 263 -112.66 -5.14 -83.62
N ASN HB 264 -112.41 -3.82 -83.51
CA ASN HB 264 -113.11 -2.77 -84.25
C ASN HB 264 -112.42 -2.35 -85.56
N LYS HB 265 -111.41 -3.12 -86.01
CA LYS HB 265 -110.53 -2.78 -87.15
C LYS HB 265 -110.15 -4.05 -87.93
N THR HB 266 -110.41 -4.09 -89.22
CA THR HB 266 -109.89 -5.17 -90.09
C THR HB 266 -108.37 -5.04 -90.21
N TYR HB 267 -107.62 -6.09 -89.84
CA TYR HB 267 -106.16 -6.00 -89.82
C TYR HB 267 -105.55 -6.13 -91.21
N TYR HB 268 -104.54 -5.30 -91.46
CA TYR HB 268 -103.74 -5.29 -92.68
C TYR HB 268 -102.27 -5.26 -92.25
N CYS HB 269 -101.41 -6.07 -92.86
CA CYS HB 269 -100.08 -6.35 -92.32
C CYS HB 269 -99.02 -5.32 -92.72
N GLN HB 270 -99.10 -4.79 -93.94
CA GLN HB 270 -98.20 -3.73 -94.42
C GLN HB 270 -98.89 -2.77 -95.39
N THR HB 271 -98.33 -1.57 -95.52
CA THR HB 271 -98.61 -0.63 -96.61
C THR HB 271 -97.36 -0.50 -97.49
N LEU HB 272 -97.53 -0.50 -98.82
CA LEU HB 272 -96.48 -0.15 -99.77
C LEU HB 272 -97.05 0.83 -100.80
N GLY HB 273 -96.35 1.94 -101.06
CA GLY HB 273 -96.92 3.04 -101.84
C GLY HB 273 -98.24 3.54 -101.22
N THR HB 274 -99.34 3.45 -101.98
CA THR HB 274 -100.71 3.70 -101.49
C THR HB 274 -101.45 2.43 -101.02
N GLN HB 275 -100.94 1.24 -101.31
CA GLN HB 275 -101.64 -0.02 -101.09
C GLN HB 275 -101.71 -0.42 -99.62
N ARG HB 276 -102.63 -1.34 -99.30
CA ARG HB 276 -102.68 -2.13 -98.07
C ARG HB 276 -102.62 -3.62 -98.45
N TYR HB 277 -101.96 -4.42 -97.62
CA TYR HB 277 -101.81 -5.86 -97.82
C TYR HB 277 -102.44 -6.63 -96.67
N PHE HB 278 -103.01 -7.78 -96.99
CA PHE HB 278 -103.93 -8.53 -96.14
C PHE HB 278 -103.55 -10.01 -96.13
N LEU HB 279 -103.88 -10.67 -95.03
CA LEU HB 279 -103.57 -12.07 -94.77
C LEU HB 279 -104.87 -12.88 -94.70
N TYR HB 280 -104.85 -14.10 -95.19
CA TYR HB 280 -105.97 -15.04 -95.12
C TYR HB 280 -105.49 -16.43 -94.73
N GLY HB 281 -106.18 -17.10 -93.81
CA GLY HB 281 -105.90 -18.50 -93.47
C GLY HB 281 -106.71 -19.45 -94.35
N THR HB 282 -106.25 -20.67 -94.56
CA THR HB 282 -107.08 -21.72 -95.16
C THR HB 282 -106.74 -23.09 -94.60
N HIS HB 283 -107.72 -23.99 -94.58
CA HIS HB 283 -107.48 -25.42 -94.20
C HIS HB 283 -107.39 -26.22 -95.50
N SER HB 284 -107.45 -25.55 -96.66
CA SER HB 284 -107.43 -26.23 -97.96
C SER HB 284 -106.17 -27.08 -98.16
N THR HB 285 -106.36 -28.26 -98.74
CA THR HB 285 -105.28 -29.16 -99.20
C THR HB 285 -104.77 -28.79 -100.60
N ALA HB 286 -105.31 -27.75 -101.24
CA ALA HB 286 -104.91 -27.32 -102.57
C ALA HB 286 -103.41 -26.98 -102.64
N GLN HB 287 -102.72 -27.56 -103.62
CA GLN HB 287 -101.27 -27.38 -103.78
C GLN HB 287 -100.91 -26.07 -104.49
N ASN HB 288 -101.81 -25.54 -105.34
CA ASN HB 288 -101.55 -24.39 -106.19
C ASN HB 288 -102.29 -23.14 -105.67
N ILE HB 289 -101.54 -22.07 -105.39
CA ILE HB 289 -102.06 -20.80 -104.89
C ILE HB 289 -103.09 -20.15 -105.84
N ASN HB 290 -103.03 -20.46 -107.13
CA ASN HB 290 -103.96 -19.90 -108.11
C ASN HB 290 -105.39 -20.47 -107.99
N ASP HB 291 -105.54 -21.77 -107.74
CA ASP HB 291 -106.89 -22.47 -107.81
C ASP HB 291 -107.69 -22.48 -106.52
N ILE HB 292 -107.13 -22.04 -105.39
CA ILE HB 292 -107.90 -21.91 -104.14
C ILE HB 292 -109.14 -21.01 -104.41
N LYS HB 293 -110.28 -21.36 -103.83
CA LYS HB 293 -111.55 -20.61 -104.02
C LYS HB 293 -111.49 -19.25 -103.31
N LEU HB 294 -112.53 -18.42 -103.51
CA LEU HB 294 -112.66 -17.18 -102.72
C LEU HB 294 -113.26 -17.59 -101.37
N GLN HB 295 -113.91 -18.77 -101.31
CA GLN HB 295 -114.54 -19.29 -100.08
C GLN HB 295 -113.51 -19.86 -99.10
N GLU HB 296 -112.51 -20.61 -99.59
CA GLU HB 296 -111.54 -21.29 -98.71
C GLU HB 296 -110.90 -20.30 -97.73
N LEU HB 297 -110.58 -19.09 -98.18
CA LEU HB 297 -109.86 -18.10 -97.34
C LEU HB 297 -110.64 -17.75 -96.08
N ILE HB 298 -109.97 -17.67 -94.93
CA ILE HB 298 -110.59 -17.25 -93.63
C ILE HB 298 -109.99 -15.86 -93.34
N PRO HB 299 -110.67 -14.76 -93.68
CA PRO HB 299 -110.10 -13.42 -93.61
C PRO HB 299 -109.89 -13.04 -92.16
N LEU HB 300 -108.90 -12.19 -91.88
CA LEU HB 300 -108.58 -11.79 -90.48
C LEU HB 300 -109.10 -10.37 -90.23
N THR HB 301 -110.14 -10.22 -89.39
CA THR HB 301 -110.77 -8.92 -89.08
C THR HB 301 -110.52 -8.58 -87.62
N ASN HB 302 -109.78 -9.44 -86.89
CA ASN HB 302 -109.44 -9.18 -85.49
C ASN HB 302 -107.95 -9.51 -85.29
N THR HB 303 -107.23 -8.71 -84.49
CA THR HB 303 -105.95 -9.17 -83.90
C THR HB 303 -105.99 -9.37 -82.39
N GLN HB 304 -106.97 -8.73 -81.72
CA GLN HB 304 -107.07 -8.69 -80.23
C GLN HB 304 -107.43 -10.03 -79.57
N ASP HB 305 -107.86 -11.06 -80.30
CA ASP HB 305 -108.28 -12.32 -79.65
C ASP HB 305 -107.44 -13.53 -80.02
N TYR HB 306 -107.50 -14.59 -79.21
CA TYR HB 306 -106.85 -15.86 -79.51
C TYR HB 306 -107.60 -16.68 -80.58
N VAL HB 307 -108.78 -16.25 -80.99
CA VAL HB 307 -109.71 -17.05 -81.83
C VAL HB 307 -109.08 -17.45 -83.18
N GLN HB 308 -109.27 -18.70 -83.57
CA GLN HB 308 -108.78 -19.27 -84.84
C GLN HB 308 -109.61 -18.82 -86.05
N GLY HB 309 -110.88 -18.49 -85.82
CA GLY HB 309 -111.88 -18.38 -86.88
C GLY HB 309 -112.35 -19.76 -87.33
N PHE HB 310 -113.09 -19.82 -88.43
CA PHE HB 310 -113.53 -21.06 -89.06
C PHE HB 310 -113.81 -20.84 -90.56
N ASP HB 311 -113.87 -21.93 -91.30
CA ASP HB 311 -114.10 -21.95 -92.75
C ASP HB 311 -115.58 -21.72 -93.12
N TRP HB 312 -115.83 -21.22 -94.33
CA TRP HB 312 -117.19 -20.99 -94.88
C TRP HB 312 -118.02 -22.27 -94.95
N THR HB 313 -117.38 -23.45 -94.99
CA THR HB 313 -118.08 -24.75 -94.89
C THR HB 313 -118.83 -24.92 -93.56
N GLU HB 314 -118.53 -24.12 -92.53
CA GLU HB 314 -119.26 -24.11 -91.25
C GLU HB 314 -120.34 -23.01 -91.17
N LYS HB 315 -120.70 -22.39 -92.31
CA LYS HB 315 -121.81 -21.42 -92.42
C LYS HB 315 -123.07 -21.87 -91.66
N ASP HB 316 -123.48 -23.11 -91.86
CA ASP HB 316 -124.68 -23.69 -91.24
C ASP HB 316 -124.51 -24.03 -89.74
N LYS HB 317 -123.28 -24.09 -89.20
CA LYS HB 317 -123.04 -24.32 -87.76
C LYS HB 317 -123.20 -23.04 -86.94
N HIS HB 318 -122.98 -21.88 -87.57
CA HIS HB 318 -123.08 -20.53 -86.90
C HIS HB 318 -124.20 -19.71 -87.55
N ASN HB 319 -125.19 -20.35 -88.17
CA ASN HB 319 -126.37 -19.70 -88.75
C ASN HB 319 -126.03 -18.47 -89.62
N ILE HB 320 -124.89 -18.52 -90.31
CA ILE HB 320 -124.38 -17.42 -91.14
C ILE HB 320 -125.24 -17.25 -92.38
N THR HB 321 -125.67 -16.03 -92.66
CA THR HB 321 -126.48 -15.70 -93.84
C THR HB 321 -125.68 -15.01 -94.94
N THR HB 322 -124.57 -14.34 -94.61
CA THR HB 322 -123.78 -13.53 -95.56
C THR HB 322 -122.29 -13.59 -95.24
N TYR HB 323 -121.45 -13.21 -96.21
CA TYR HB 323 -120.02 -13.04 -95.97
C TYR HB 323 -119.74 -11.99 -94.89
N LYS HB 324 -120.61 -10.99 -94.69
CA LYS HB 324 -120.54 -10.05 -93.56
C LYS HB 324 -120.61 -10.77 -92.20
N GLU HB 325 -121.52 -11.74 -92.04
CA GLU HB 325 -121.57 -12.58 -90.84
C GLU HB 325 -120.43 -13.61 -90.78
N PHE HB 326 -119.91 -14.07 -91.91
CA PHE HB 326 -118.70 -14.89 -91.94
C PHE HB 326 -117.47 -14.10 -91.45
N LEU HB 327 -117.30 -12.84 -91.88
CA LEU HB 327 -116.27 -11.90 -91.41
C LEU HB 327 -116.35 -11.68 -89.89
N THR HB 328 -117.56 -11.48 -89.33
CA THR HB 328 -117.68 -11.16 -87.90
C THR HB 328 -117.60 -12.41 -87.03
N LYS HB 329 -118.26 -13.51 -87.40
CA LYS HB 329 -118.23 -14.74 -86.59
C LYS HB 329 -116.97 -15.59 -86.82
N GLY HB 330 -116.50 -15.70 -88.06
CA GLY HB 330 -115.55 -16.73 -88.51
C GLY HB 330 -114.14 -16.25 -88.84
N ALA HB 331 -113.84 -14.96 -88.77
CA ALA HB 331 -112.48 -14.48 -89.00
C ALA HB 331 -111.47 -14.97 -87.95
N GLY HB 332 -110.24 -15.22 -88.38
CA GLY HB 332 -109.17 -15.78 -87.55
C GLY HB 332 -108.13 -14.75 -87.13
N ASN HB 333 -107.60 -14.83 -85.91
CA ASN HB 333 -106.51 -13.93 -85.52
C ASN HB 333 -105.18 -14.49 -86.05
N PRO HB 334 -104.31 -13.70 -86.69
CA PRO HB 334 -103.12 -14.21 -87.38
C PRO HB 334 -102.11 -14.85 -86.42
N PHE HB 335 -102.18 -14.49 -85.13
CA PHE HB 335 -101.33 -14.97 -84.07
C PHE HB 335 -101.90 -16.19 -83.33
N HIS HB 336 -103.00 -16.80 -83.79
CA HIS HB 336 -103.45 -18.09 -83.27
C HIS HB 336 -102.39 -19.16 -83.52
N ALA HB 337 -102.33 -20.21 -82.69
CA ALA HB 337 -101.25 -21.19 -82.66
C ALA HB 337 -100.99 -21.93 -83.99
N GLU HB 338 -101.97 -22.01 -84.89
CA GLU HB 338 -101.76 -22.57 -86.24
C GLU HB 338 -101.42 -21.51 -87.30
N TRP HB 339 -101.96 -20.29 -87.21
CA TRP HB 339 -101.66 -19.22 -88.16
C TRP HB 339 -100.32 -18.52 -87.89
N ILE HB 340 -99.87 -18.44 -86.63
CA ILE HB 340 -98.63 -17.75 -86.20
C ILE HB 340 -97.39 -18.26 -86.91
N THR HB 341 -97.30 -19.57 -87.14
CA THR HB 341 -96.23 -20.26 -87.89
C THR HB 341 -96.74 -20.92 -89.17
N ALA HB 342 -97.97 -20.60 -89.59
CA ALA HB 342 -98.63 -21.20 -90.76
C ALA HB 342 -98.58 -22.73 -90.78
N GLN HB 343 -98.86 -23.39 -89.64
CA GLN HB 343 -98.99 -24.84 -89.55
C GLN HB 343 -100.03 -25.34 -90.56
N ASN HB 344 -101.15 -24.63 -90.66
CA ASN HB 344 -102.07 -24.69 -91.79
C ASN HB 344 -101.81 -23.45 -92.66
N PRO HB 345 -101.81 -23.56 -94.01
CA PRO HB 345 -101.35 -22.49 -94.89
C PRO HB 345 -102.02 -21.13 -94.64
N VAL HB 346 -101.22 -20.07 -94.79
CA VAL HB 346 -101.61 -18.66 -94.66
C VAL HB 346 -101.18 -17.93 -95.92
N ILE HB 347 -102.09 -17.12 -96.46
CA ILE HB 347 -101.96 -16.48 -97.76
C ILE HB 347 -101.88 -14.97 -97.59
N HIS HB 348 -100.85 -14.33 -98.15
CA HIS HB 348 -100.63 -12.88 -98.14
C HIS HB 348 -101.00 -12.30 -99.49
N THR HB 349 -101.75 -11.20 -99.56
CA THR HB 349 -102.22 -10.61 -100.80
C THR HB 349 -102.46 -9.10 -100.70
N ALA HB 350 -102.40 -8.39 -101.83
CA ALA HB 350 -102.88 -7.01 -101.92
C ALA HB 350 -104.41 -6.92 -101.95
N ASN HB 351 -105.12 -8.01 -102.27
CA ASN HB 351 -106.57 -7.97 -102.45
C ASN HB 351 -107.31 -7.82 -101.11
N SER HB 352 -107.90 -6.63 -100.89
CA SER HB 352 -108.61 -6.32 -99.66
C SER HB 352 -109.85 -7.21 -99.50
N PRO HB 353 -110.19 -7.64 -98.26
CA PRO HB 353 -111.42 -8.36 -97.98
C PRO HB 353 -112.66 -7.65 -98.52
N THR HB 354 -112.68 -6.32 -98.58
CA THR HB 354 -113.81 -5.56 -99.14
C THR HB 354 -113.98 -5.74 -100.64
N GLN HB 355 -112.90 -5.99 -101.40
CA GLN HB 355 -113.06 -6.41 -102.79
C GLN HB 355 -113.67 -7.82 -102.85
N ILE HB 356 -113.25 -8.73 -101.95
CA ILE HB 356 -113.91 -10.04 -101.81
C ILE HB 356 -115.38 -9.90 -101.36
N GLU HB 357 -115.70 -8.93 -100.47
CA GLU HB 357 -117.08 -8.62 -100.08
C GLU HB 357 -117.88 -8.23 -101.32
N GLN HB 358 -117.36 -7.33 -102.16
CA GLN HB 358 -118.02 -6.93 -103.40
C GLN HB 358 -118.26 -8.14 -104.30
N ILE HB 359 -117.30 -9.07 -104.45
CA ILE HB 359 -117.50 -10.27 -105.26
C ILE HB 359 -118.57 -11.20 -104.65
N TYR HB 360 -118.54 -11.45 -103.34
CA TYR HB 360 -119.59 -12.23 -102.66
C TYR HB 360 -120.97 -11.58 -102.76
N THR HB 361 -121.08 -10.31 -102.34
CA THR HB 361 -122.35 -9.60 -102.23
C THR HB 361 -122.96 -9.33 -103.60
N ALA HB 362 -122.14 -9.07 -104.63
CA ALA HB 362 -122.64 -8.93 -106.00
C ALA HB 362 -123.33 -10.22 -106.48
N SER HB 363 -122.75 -11.40 -106.21
CA SER HB 363 -123.48 -12.67 -106.32
C SER HB 363 -122.81 -13.81 -105.51
N THR HB 364 -123.55 -14.34 -104.53
CA THR HB 364 -123.15 -15.46 -103.68
C THR HB 364 -122.96 -16.76 -104.48
N THR HB 365 -123.74 -16.93 -105.55
CA THR HB 365 -123.63 -18.07 -106.45
C THR HB 365 -122.32 -18.06 -107.25
N THR HB 366 -121.79 -16.88 -107.62
CA THR HB 366 -120.47 -16.79 -108.28
C THR HB 366 -119.31 -16.78 -107.30
N PHE HB 367 -119.53 -16.61 -105.99
CA PHE HB 367 -118.50 -16.84 -104.97
C PHE HB 367 -118.05 -18.31 -104.92
N GLN HB 368 -118.95 -19.25 -105.20
CA GLN HB 368 -118.62 -20.67 -105.42
C GLN HB 368 -117.71 -20.85 -106.65
N ASN HB 369 -118.01 -20.14 -107.74
CA ASN HB 369 -117.30 -20.29 -109.01
C ASN HB 369 -115.91 -19.61 -108.98
N LYS HB 370 -115.80 -18.41 -108.40
CA LYS HB 370 -114.56 -17.62 -108.39
C LYS HB 370 -113.45 -18.29 -107.57
N LYS HB 371 -112.25 -18.30 -108.14
CA LYS HB 371 -111.00 -18.76 -107.51
C LYS HB 371 -110.03 -17.58 -107.32
N LEU HB 372 -108.83 -17.83 -106.81
CA LEU HB 372 -107.77 -16.83 -106.66
C LEU HB 372 -107.22 -16.33 -108.01
N THR HB 373 -107.42 -17.06 -109.11
CA THR HB 373 -107.28 -16.53 -110.48
C THR HB 373 -108.30 -15.43 -110.78
N ASP HB 374 -107.91 -14.47 -111.61
CA ASP HB 374 -108.78 -13.38 -112.11
C ASP HB 374 -109.46 -12.54 -111.01
N LEU HB 375 -108.86 -12.48 -109.81
CA LEU HB 375 -109.29 -11.57 -108.75
C LEU HB 375 -108.66 -10.18 -108.91
N PRO HB 376 -109.27 -9.12 -108.33
CA PRO HB 376 -108.64 -7.81 -108.27
C PRO HB 376 -107.35 -7.84 -107.44
N THR HB 377 -106.33 -7.10 -107.87
CA THR HB 377 -104.99 -7.03 -107.24
C THR HB 377 -104.55 -8.37 -106.63
N PRO HB 378 -104.42 -9.47 -107.42
CA PRO HB 378 -104.17 -10.78 -106.83
C PRO HB 378 -102.72 -11.16 -106.57
N GLY HB 379 -102.10 -10.59 -105.52
CA GLY HB 379 -100.72 -10.93 -105.14
C GLY HB 379 -100.75 -12.08 -104.14
N TYR HB 380 -101.57 -13.11 -104.40
CA TYR HB 380 -101.71 -14.26 -103.47
C TYR HB 380 -100.40 -15.03 -103.39
N ILE HB 381 -99.76 -15.08 -102.21
CA ILE HB 381 -98.44 -15.76 -102.00
C ILE HB 381 -98.59 -16.65 -100.76
N PHE HB 382 -97.60 -17.46 -100.40
CA PHE HB 382 -97.63 -18.24 -99.12
C PHE HB 382 -96.59 -17.64 -98.18
N ILE HB 383 -97.03 -16.89 -97.16
CA ILE HB 383 -96.11 -16.18 -96.24
C ILE HB 383 -96.40 -16.60 -94.80
N THR HB 384 -95.35 -16.78 -93.98
CA THR HB 384 -95.48 -17.16 -92.56
C THR HB 384 -95.29 -15.92 -91.67
N PRO HB 385 -96.21 -15.61 -90.74
CA PRO HB 385 -96.05 -14.45 -89.85
C PRO HB 385 -94.80 -14.54 -88.96
N THR HB 386 -94.40 -15.75 -88.58
CA THR HB 386 -93.19 -16.02 -87.80
C THR HB 386 -92.08 -16.63 -88.66
N VAL HB 387 -90.85 -16.24 -88.38
CA VAL HB 387 -89.63 -16.96 -88.78
C VAL HB 387 -88.81 -17.31 -87.54
N SER HB 388 -88.09 -18.44 -87.56
CA SER HB 388 -87.15 -18.83 -86.52
C SER HB 388 -85.72 -18.57 -86.98
N LEU HB 389 -84.97 -17.79 -86.20
CA LEU HB 389 -83.54 -17.51 -86.41
C LEU HB 389 -82.70 -18.39 -85.49
N ARG HB 390 -81.45 -18.65 -85.87
CA ARG HB 390 -80.42 -19.23 -84.98
C ARG HB 390 -79.41 -18.16 -84.61
N TYR HB 391 -79.15 -18.01 -83.31
CA TYR HB 391 -78.15 -17.11 -82.75
C TYR HB 391 -77.04 -17.91 -82.08
N ASN HB 392 -75.80 -17.55 -82.34
CA ASN HB 392 -74.64 -18.13 -81.67
C ASN HB 392 -73.87 -17.01 -80.96
N PRO HB 393 -73.71 -17.04 -79.62
CA PRO HB 393 -73.06 -15.96 -78.90
C PRO HB 393 -71.58 -15.81 -79.24
N TYR HB 394 -70.92 -16.93 -79.62
CA TYR HB 394 -69.46 -16.91 -79.90
C TYR HB 394 -69.23 -16.36 -81.31
N LYS HB 395 -70.28 -16.31 -82.14
CA LYS HB 395 -70.19 -15.78 -83.52
C LYS HB 395 -70.60 -14.30 -83.53
N ASP HB 396 -70.88 -13.72 -82.36
CA ASP HB 396 -71.38 -12.32 -82.25
C ASP HB 396 -70.21 -11.34 -82.02
N LEU HB 397 -70.05 -10.33 -82.88
CA LEU HB 397 -68.93 -9.39 -82.80
C LEU HB 397 -69.38 -7.98 -82.38
N ALA HB 398 -70.68 -7.75 -82.17
CA ALA HB 398 -71.21 -6.49 -81.66
C ALA HB 398 -70.86 -5.24 -82.49
N GLU HB 399 -70.62 -5.33 -83.80
CA GLU HB 399 -70.19 -4.18 -84.61
C GLU HB 399 -71.37 -3.28 -85.00
N ARG HB 400 -72.56 -3.85 -85.16
CA ARG HB 400 -73.79 -3.11 -85.56
C ARG HB 400 -75.02 -3.56 -84.78
N ASN HB 401 -74.79 -4.09 -83.57
CA ASN HB 401 -75.86 -4.47 -82.64
C ASN HB 401 -76.57 -3.24 -82.08
N LYS HB 402 -77.87 -3.34 -81.86
CA LYS HB 402 -78.73 -2.21 -81.44
C LYS HB 402 -80.01 -2.73 -80.79
N CYS HB 403 -80.65 -1.94 -79.94
CA CYS HB 403 -81.82 -2.38 -79.16
C CYS HB 403 -82.64 -1.17 -78.68
N TYR HB 404 -83.98 -1.21 -78.83
CA TYR HB 404 -84.88 -0.13 -78.40
C TYR HB 404 -86.34 -0.59 -78.32
N PHE HB 405 -87.19 0.21 -77.66
CA PHE HB 405 -88.63 -0.03 -77.58
C PHE HB 405 -89.42 0.89 -78.51
N VAL HB 406 -90.41 0.33 -79.20
CA VAL HB 406 -91.37 1.07 -80.06
C VAL HB 406 -92.79 0.89 -79.50
N ARG HB 407 -93.69 1.84 -79.76
CA ARG HB 407 -95.07 1.83 -79.27
C ARG HB 407 -95.89 0.78 -80.01
N SER HB 408 -96.50 -0.18 -79.32
CA SER HB 408 -97.27 -1.27 -79.94
C SER HB 408 -98.69 -0.83 -80.31
N LYS HB 409 -99.46 -0.27 -79.36
CA LYS HB 409 -100.80 0.32 -79.63
C LYS HB 409 -100.70 1.77 -80.11
N ILE HB 410 -100.17 2.00 -81.31
CA ILE HB 410 -100.35 3.25 -82.06
C ILE HB 410 -100.49 3.00 -83.55
N ASN HB 411 -101.10 3.95 -84.24
CA ASN HB 411 -101.30 3.92 -85.69
C ASN HB 411 -100.06 4.45 -86.44
N ALA HB 412 -98.89 3.81 -86.27
CA ALA HB 412 -97.66 4.21 -86.94
C ALA HB 412 -96.96 3.02 -87.62
N HIS HB 413 -96.53 3.22 -88.87
CA HIS HB 413 -95.91 2.20 -89.70
C HIS HB 413 -94.43 2.00 -89.34
N GLY HB 414 -93.93 0.79 -89.59
CA GLY HB 414 -92.50 0.49 -89.58
C GLY HB 414 -91.88 0.35 -88.20
N TRP HB 415 -90.62 -0.03 -88.20
CA TRP HB 415 -89.87 -0.50 -87.02
C TRP HB 415 -88.66 0.37 -86.66
N ASP HB 416 -88.46 1.49 -87.36
CA ASP HB 416 -87.26 2.34 -87.13
C ASP HB 416 -87.17 2.78 -85.67
N PRO HB 417 -85.96 3.04 -85.10
CA PRO HB 417 -85.86 3.54 -83.74
C PRO HB 417 -86.66 4.83 -83.69
N GLU HB 418 -87.54 4.98 -82.71
CA GLU HB 418 -88.44 6.16 -82.61
C GLU HB 418 -88.52 6.64 -81.16
N GLN HB 419 -89.22 7.76 -80.93
CA GLN HB 419 -89.38 8.31 -79.56
C GLN HB 419 -87.99 8.62 -78.97
N HIS HB 420 -87.63 8.04 -77.81
CA HIS HB 420 -86.34 8.34 -77.13
C HIS HB 420 -85.16 7.78 -77.93
N GLN HB 421 -84.30 8.66 -78.46
CA GLN HB 421 -83.10 8.23 -79.21
C GLN HB 421 -81.94 8.12 -78.21
N GLU HB 422 -82.09 8.69 -77.01
CA GLU HB 422 -81.08 8.51 -75.95
C GLU HB 422 -81.21 7.16 -75.23
N LEU HB 423 -82.37 6.51 -75.35
CA LEU HB 423 -82.62 5.18 -74.77
C LEU HB 423 -82.16 4.03 -75.68
N ILE HB 424 -81.79 4.30 -76.93
CA ILE HB 424 -81.22 3.28 -77.82
C ILE HB 424 -79.93 2.75 -77.20
N ASN HB 425 -79.83 1.40 -77.10
CA ASN HB 425 -78.63 0.69 -76.54
C ASN HB 425 -77.89 0.03 -77.71
N SER HB 426 -76.60 0.29 -77.92
CA SER HB 426 -75.85 -0.13 -79.11
C SER HB 426 -74.48 -0.73 -78.78
N ASP HB 427 -73.94 -1.49 -79.72
CA ASP HB 427 -72.52 -1.90 -79.76
C ASP HB 427 -72.03 -2.78 -78.59
N LEU HB 428 -72.87 -3.69 -78.10
CA LEU HB 428 -72.50 -4.78 -77.20
C LEU HB 428 -73.06 -6.09 -77.75
N PRO HB 429 -72.49 -7.26 -77.45
CA PRO HB 429 -73.05 -8.52 -77.90
C PRO HB 429 -74.45 -8.72 -77.31
N GLN HB 430 -75.41 -9.27 -78.08
CA GLN HB 430 -76.85 -9.36 -77.69
C GLN HB 430 -77.13 -9.91 -76.27
N TRP HB 431 -76.34 -10.84 -75.78
CA TRP HB 431 -76.48 -11.36 -74.42
C TRP HB 431 -76.09 -10.34 -73.34
N LEU HB 432 -75.20 -9.40 -73.65
CA LEU HB 432 -74.86 -8.27 -72.79
C LEU HB 432 -75.77 -7.07 -73.06
N LEU HB 433 -76.12 -6.80 -74.31
CA LEU HB 433 -76.94 -5.67 -74.71
C LEU HB 433 -78.37 -5.75 -74.13
N LEU HB 434 -78.96 -6.94 -74.09
CA LEU HB 434 -80.33 -7.13 -73.58
C LEU HB 434 -80.38 -7.23 -72.05
N PHE HB 435 -79.29 -7.58 -71.37
CA PHE HB 435 -79.33 -7.89 -69.94
C PHE HB 435 -79.74 -6.68 -69.11
N GLY HB 436 -80.87 -6.77 -68.41
CA GLY HB 436 -81.39 -5.67 -67.58
C GLY HB 436 -81.86 -4.43 -68.34
N TYR HB 437 -81.82 -4.40 -69.68
CA TYR HB 437 -82.23 -3.25 -70.46
C TYR HB 437 -83.73 -2.93 -70.32
N PRO HB 438 -84.67 -3.89 -70.38
CA PRO HB 438 -86.06 -3.62 -70.08
C PRO HB 438 -86.31 -3.03 -68.70
N ASP HB 439 -85.59 -3.47 -67.68
CA ASP HB 439 -85.72 -2.92 -66.33
C ASP HB 439 -85.13 -1.52 -66.20
N TYR HB 440 -84.02 -1.22 -66.86
CA TYR HB 440 -83.54 0.15 -66.95
C TYR HB 440 -84.60 1.07 -67.58
N ILE HB 441 -85.26 0.61 -68.63
CA ILE HB 441 -86.31 1.38 -69.31
C ILE HB 441 -87.53 1.56 -68.39
N LYS HB 442 -88.00 0.51 -67.73
CA LYS HB 442 -89.09 0.61 -66.75
C LYS HB 442 -88.75 1.58 -65.61
N ARG HB 443 -87.55 1.47 -65.02
CA ARG HB 443 -87.14 2.34 -63.88
C ARG HB 443 -86.96 3.80 -64.38
N THR HB 444 -86.56 3.98 -65.64
CA THR HB 444 -86.45 5.32 -66.24
C THR HB 444 -87.81 6.01 -66.38
N GLN HB 445 -88.90 5.25 -66.56
CA GLN HB 445 -90.30 5.80 -66.58
C GLN HB 445 -90.53 6.80 -67.72
N ASN HB 446 -89.70 6.81 -68.77
CA ASN HB 446 -89.90 7.67 -69.95
C ASN HB 446 -90.91 7.09 -70.95
N PHE HB 447 -91.47 5.91 -70.69
CA PHE HB 447 -92.51 5.26 -71.49
C PHE HB 447 -93.73 4.92 -70.63
N ALA HB 448 -94.91 4.85 -71.24
CA ALA HB 448 -96.11 4.39 -70.55
C ALA HB 448 -95.90 2.95 -70.06
N LEU HB 449 -96.13 2.71 -68.77
CA LEU HB 449 -95.45 1.65 -68.03
C LEU HB 449 -95.83 0.22 -68.46
N VAL HB 450 -97.01 0.04 -69.04
CA VAL HB 450 -97.58 -1.30 -69.22
C VAL HB 450 -96.94 -2.09 -70.37
N ASP HB 451 -96.60 -3.36 -70.12
CA ASP HB 451 -95.90 -4.23 -71.12
C ASP HB 451 -96.69 -4.36 -72.42
N THR HB 452 -98.02 -4.21 -72.38
CA THR HB 452 -98.85 -4.38 -73.56
C THR HB 452 -98.75 -3.25 -74.58
N ASN HB 453 -98.18 -2.10 -74.20
CA ASN HB 453 -98.21 -0.89 -75.02
C ASN HB 453 -96.89 -0.64 -75.76
N TYR HB 454 -95.88 -1.49 -75.60
CA TYR HB 454 -94.59 -1.39 -76.27
C TYR HB 454 -94.13 -2.76 -76.80
N ILE HB 455 -93.24 -2.72 -77.78
CA ILE HB 455 -92.50 -3.88 -78.30
C ILE HB 455 -91.01 -3.55 -78.20
N LEU HB 456 -90.21 -4.53 -77.85
CA LEU HB 456 -88.76 -4.52 -77.95
C LEU HB 456 -88.33 -5.00 -79.35
N VAL HB 457 -87.45 -4.23 -79.96
CA VAL HB 457 -86.92 -4.40 -81.32
C VAL HB 457 -85.40 -4.36 -81.25
N ASP HB 458 -84.71 -5.28 -81.92
CA ASP HB 458 -83.24 -5.27 -81.91
C ASP HB 458 -82.64 -5.63 -83.28
N HIS HB 459 -81.48 -5.05 -83.59
CA HIS HB 459 -80.71 -5.35 -84.79
C HIS HB 459 -79.50 -6.19 -84.42
N CYS HB 460 -79.22 -7.25 -85.18
CA CYS HB 460 -78.07 -8.12 -84.96
C CYS HB 460 -77.66 -8.75 -86.31
N PRO HB 461 -76.52 -8.37 -86.88
CA PRO HB 461 -75.97 -9.01 -88.10
C PRO HB 461 -75.70 -10.50 -88.00
N TYR HB 462 -75.60 -11.06 -86.78
CA TYR HB 462 -74.90 -12.30 -86.51
C TYR HB 462 -75.77 -13.54 -86.37
N THR HB 463 -77.10 -13.44 -86.54
CA THR HB 463 -77.91 -14.63 -86.77
C THR HB 463 -77.62 -15.21 -88.16
N ASN HB 464 -77.72 -16.53 -88.32
CA ASN HB 464 -77.36 -17.20 -89.58
C ASN HB 464 -78.34 -16.88 -90.72
N PRO HB 465 -79.66 -17.11 -90.57
CA PRO HB 465 -80.67 -16.33 -91.30
C PRO HB 465 -80.76 -14.93 -90.69
N GLU HB 466 -81.39 -13.98 -91.37
CA GLU HB 466 -81.53 -12.60 -90.88
C GLU HB 466 -82.93 -12.03 -91.15
N LYS HB 467 -83.28 -11.02 -90.36
CA LYS HB 467 -84.34 -10.05 -90.60
C LYS HB 467 -83.80 -8.68 -90.15
N THR HB 468 -84.16 -7.60 -90.84
CA THR HB 468 -83.48 -6.29 -90.66
C THR HB 468 -83.54 -5.83 -89.19
N PRO HB 469 -84.71 -5.57 -88.58
CA PRO HB 469 -84.88 -5.75 -87.15
C PRO HB 469 -85.40 -7.16 -86.82
N PHE HB 470 -85.29 -7.49 -85.53
CA PHE HB 470 -85.90 -8.73 -84.99
C PHE HB 470 -87.01 -8.29 -84.06
N ILE HB 471 -88.12 -9.01 -83.98
CA ILE HB 471 -89.18 -8.71 -82.97
C ILE HB 471 -89.26 -9.98 -82.12
N PRO HB 472 -88.32 -10.26 -81.20
CA PRO HB 472 -88.32 -11.56 -80.52
C PRO HB 472 -89.69 -11.90 -79.94
N LEU HB 473 -90.10 -13.15 -80.03
CA LEU HB 473 -91.35 -13.65 -79.43
C LEU HB 473 -91.07 -14.92 -78.65
N SER HB 474 -91.68 -15.05 -77.47
CA SER HB 474 -91.47 -16.23 -76.63
C SER HB 474 -92.17 -17.45 -77.20
N THR HB 475 -91.60 -18.63 -76.96
CA THR HB 475 -92.18 -19.92 -77.35
C THR HB 475 -93.62 -20.06 -76.87
N SER HB 476 -93.98 -19.51 -75.71
CA SER HB 476 -95.36 -19.48 -75.21
C SER HB 476 -96.32 -18.74 -76.14
N PHE HB 477 -95.96 -17.58 -76.69
CA PHE HB 477 -96.80 -16.85 -77.66
C PHE HB 477 -96.83 -17.53 -79.03
N ILE HB 478 -95.71 -18.13 -79.44
CA ILE HB 478 -95.61 -18.95 -80.66
C ILE HB 478 -96.38 -20.28 -80.53
N GLU HB 479 -96.72 -20.70 -79.31
CA GLU HB 479 -97.50 -21.91 -79.01
C GLU HB 479 -98.90 -21.60 -78.45
N GLY HB 480 -99.35 -20.35 -78.43
CA GLY HB 480 -100.71 -20.01 -77.98
C GLY HB 480 -100.94 -20.24 -76.48
N ARG HB 481 -100.08 -19.64 -75.64
CA ARG HB 481 -100.16 -19.83 -74.16
C ARG HB 481 -99.73 -18.56 -73.43
N SER HB 482 -100.19 -18.37 -72.19
CA SER HB 482 -99.88 -17.16 -71.40
C SER HB 482 -98.37 -17.02 -71.09
N PRO HB 483 -97.85 -15.79 -70.89
CA PRO HB 483 -96.42 -15.49 -70.84
C PRO HB 483 -95.55 -16.40 -69.97
N TYR HB 484 -96.04 -16.84 -68.80
CA TYR HB 484 -95.37 -17.76 -67.88
C TYR HB 484 -96.29 -18.92 -67.46
N SER HB 485 -97.03 -19.50 -68.41
CA SER HB 485 -97.95 -20.62 -68.16
C SER HB 485 -97.34 -21.96 -68.59
N PRO HB 486 -97.54 -23.06 -67.82
CA PRO HB 486 -96.93 -24.35 -68.10
C PRO HB 486 -97.41 -24.96 -69.42
N SER HB 487 -96.50 -25.64 -70.11
CA SER HB 487 -96.68 -26.16 -71.48
C SER HB 487 -97.84 -27.14 -71.66
N ASP HB 488 -98.39 -27.71 -70.57
CA ASP HB 488 -99.59 -28.61 -70.66
C ASP HB 488 -100.79 -27.80 -71.15
N THR HB 489 -100.78 -26.48 -70.96
CA THR HB 489 -101.83 -25.56 -71.39
C THR HB 489 -101.73 -25.28 -72.89
N HIS HB 490 -102.87 -25.18 -73.61
CA HIS HB 490 -102.91 -24.92 -75.08
C HIS HB 490 -103.84 -23.74 -75.39
N GLU HB 491 -104.07 -22.82 -74.45
CA GLU HB 491 -104.85 -21.60 -74.61
C GLU HB 491 -104.32 -20.52 -73.66
N PRO HB 492 -104.39 -19.22 -74.00
CA PRO HB 492 -104.22 -18.16 -73.02
C PRO HB 492 -105.30 -18.22 -71.92
N ASP HB 493 -104.97 -17.73 -70.72
CA ASP HB 493 -105.95 -17.37 -69.68
C ASP HB 493 -106.76 -16.14 -70.10
N GLU HB 494 -107.98 -15.93 -69.59
CA GLU HB 494 -108.95 -14.96 -70.13
C GLU HB 494 -108.37 -13.54 -70.38
N GLU HB 495 -107.55 -13.02 -69.47
CA GLU HB 495 -106.93 -11.70 -69.63
C GLU HB 495 -105.85 -11.66 -70.73
N ASP HB 496 -105.22 -12.80 -71.04
CA ASP HB 496 -104.35 -12.98 -72.21
C ASP HB 496 -105.10 -13.49 -73.45
N GLN HB 497 -106.34 -14.01 -73.32
CA GLN HB 497 -107.21 -14.25 -74.48
C GLN HB 497 -107.61 -12.92 -75.11
N ASN HB 498 -107.89 -11.91 -74.27
CA ASN HB 498 -107.85 -10.50 -74.64
C ASN HB 498 -106.38 -10.04 -74.85
N ARG HB 499 -106.25 -8.97 -75.64
CA ARG HB 499 -104.93 -8.35 -75.92
C ARG HB 499 -103.96 -9.39 -76.49
N TRP HB 500 -104.44 -10.36 -77.29
CA TRP HB 500 -103.57 -11.43 -77.87
C TRP HB 500 -102.86 -10.90 -79.13
N TYR HB 501 -101.89 -10.00 -78.95
CA TYR HB 501 -101.13 -9.38 -80.02
C TYR HB 501 -99.67 -9.10 -79.60
N PRO HB 502 -98.73 -8.93 -80.54
CA PRO HB 502 -97.33 -8.64 -80.22
C PRO HB 502 -97.14 -7.46 -79.26
N CYS HB 503 -96.52 -7.74 -78.12
CA CYS HB 503 -96.10 -6.73 -77.14
C CYS HB 503 -95.06 -7.33 -76.19
N TYR HB 504 -94.34 -6.48 -75.46
CA TYR HB 504 -93.22 -6.86 -74.60
C TYR HB 504 -93.56 -7.96 -73.59
N GLN HB 505 -94.81 -8.04 -73.12
CA GLN HB 505 -95.25 -9.10 -72.16
C GLN HB 505 -95.03 -10.50 -72.78
N TYR HB 506 -95.21 -10.67 -74.08
CA TYR HB 506 -94.96 -11.94 -74.76
C TYR HB 506 -93.51 -12.12 -75.23
N GLN HB 507 -92.67 -11.09 -75.18
CA GLN HB 507 -91.26 -11.17 -75.58
C GLN HB 507 -90.32 -11.60 -74.44
N GLN HB 508 -90.75 -11.50 -73.19
CA GLN HB 508 -89.88 -11.59 -72.01
C GLN HB 508 -89.02 -12.87 -71.97
N GLU HB 509 -89.61 -14.04 -72.18
CA GLU HB 509 -88.88 -15.29 -72.11
C GLU HB 509 -87.85 -15.43 -73.25
N SER HB 510 -88.13 -14.87 -74.43
CA SER HB 510 -87.17 -14.90 -75.54
C SER HB 510 -85.91 -14.07 -75.25
N ILE HB 511 -86.03 -12.86 -74.70
CA ILE HB 511 -84.84 -12.06 -74.38
C ILE HB 511 -84.12 -12.60 -73.15
N ASN HB 512 -84.83 -13.22 -72.21
CA ASN HB 512 -84.16 -13.97 -71.15
C ASN HB 512 -83.35 -15.13 -71.72
N SER HB 513 -83.90 -15.86 -72.68
CA SER HB 513 -83.20 -16.97 -73.36
C SER HB 513 -81.95 -16.51 -74.12
N ILE HB 514 -81.99 -15.33 -74.76
CA ILE HB 514 -80.80 -14.71 -75.36
C ILE HB 514 -79.77 -14.34 -74.28
N CYS HB 515 -80.18 -13.76 -73.15
CA CYS HB 515 -79.27 -13.48 -72.05
C CYS HB 515 -78.65 -14.74 -71.43
N LEU HB 516 -79.41 -15.81 -71.30
CA LEU HB 516 -78.93 -17.13 -70.87
C LEU HB 516 -77.90 -17.74 -71.82
N SER HB 517 -77.85 -17.32 -73.09
CA SER HB 517 -76.76 -17.73 -73.97
C SER HB 517 -75.41 -17.12 -73.57
N GLY HB 518 -75.39 -16.02 -72.81
CA GLY HB 518 -74.19 -15.37 -72.35
C GLY HB 518 -73.49 -16.08 -71.20
N PRO HB 519 -72.19 -15.84 -70.99
CA PRO HB 519 -71.40 -16.50 -69.96
C PRO HB 519 -71.80 -16.10 -68.53
N GLY HB 520 -71.48 -16.97 -67.58
CA GLY HB 520 -71.71 -16.81 -66.15
C GLY HB 520 -73.16 -17.03 -65.68
N THR HB 521 -74.12 -17.12 -66.59
CA THR HB 521 -75.53 -17.29 -66.25
C THR HB 521 -75.80 -18.68 -65.66
N PRO HB 522 -76.45 -18.78 -64.49
CA PRO HB 522 -76.58 -20.05 -63.77
C PRO HB 522 -77.54 -21.06 -64.39
N LYS HB 523 -77.36 -22.33 -64.04
CA LYS HB 523 -78.28 -23.45 -64.31
C LYS HB 523 -79.14 -23.70 -63.07
N ILE HB 524 -80.46 -23.52 -63.18
CA ILE HB 524 -81.39 -23.77 -62.07
C ILE HB 524 -82.43 -24.78 -62.53
N PRO HB 525 -82.57 -25.96 -61.89
CA PRO HB 525 -83.60 -26.93 -62.28
C PRO HB 525 -85.01 -26.34 -62.24
N LYS HB 526 -85.88 -26.73 -63.18
CA LYS HB 526 -87.27 -26.27 -63.20
C LYS HB 526 -88.01 -26.66 -61.92
N GLY HB 527 -88.75 -25.71 -61.35
CA GLY HB 527 -89.43 -25.86 -60.07
C GLY HB 527 -88.58 -25.55 -58.82
N ILE HB 528 -87.29 -25.24 -58.98
CA ILE HB 528 -86.43 -24.77 -57.88
C ILE HB 528 -86.26 -23.25 -57.99
N THR HB 529 -86.37 -22.55 -56.87
CA THR HB 529 -86.07 -21.13 -56.75
C THR HB 529 -84.77 -20.97 -55.98
N ALA HB 530 -83.77 -20.35 -56.59
CA ALA HB 530 -82.54 -19.98 -55.92
C ALA HB 530 -82.73 -18.65 -55.18
N GLU HB 531 -82.06 -18.47 -54.06
CA GLU HB 531 -82.23 -17.31 -53.17
C GLU HB 531 -80.87 -16.88 -52.64
N ALA HB 532 -80.73 -15.61 -52.27
CA ALA HB 532 -79.57 -15.12 -51.53
C ALA HB 532 -80.01 -14.11 -50.49
N LYS HB 533 -79.29 -14.04 -49.37
CA LYS HB 533 -79.57 -13.10 -48.29
C LYS HB 533 -78.31 -12.51 -47.69
N VAL HB 534 -78.45 -11.31 -47.15
CA VAL HB 534 -77.44 -10.64 -46.32
C VAL HB 534 -78.04 -10.36 -44.96
N LYS HB 535 -77.26 -10.45 -43.90
CA LYS HB 535 -77.61 -9.89 -42.59
C LYS HB 535 -76.92 -8.55 -42.42
N TYR HB 536 -77.67 -7.51 -42.12
CA TYR HB 536 -77.15 -6.17 -41.96
C TYR HB 536 -77.20 -5.73 -40.50
N SER HB 537 -76.33 -4.80 -40.15
CA SER HB 537 -76.37 -4.07 -38.88
C SER HB 537 -75.95 -2.62 -39.14
N PHE HB 538 -76.90 -1.71 -39.22
CA PHE HB 538 -76.63 -0.27 -39.34
C PHE HB 538 -76.45 0.35 -37.97
N ASN HB 539 -75.39 1.12 -37.78
CA ASN HB 539 -75.06 1.70 -36.49
C ASN HB 539 -75.48 3.17 -36.45
N PHE HB 540 -76.34 3.51 -35.50
CA PHE HB 540 -76.84 4.85 -35.26
C PHE HB 540 -76.66 5.22 -33.80
N LYS HB 541 -76.68 6.51 -33.51
CA LYS HB 541 -76.96 7.05 -32.20
C LYS HB 541 -78.17 7.96 -32.31
N TRP HB 542 -79.02 7.99 -31.30
CA TRP HB 542 -80.14 8.91 -31.18
C TRP HB 542 -79.80 9.95 -30.12
N GLY HB 543 -80.08 11.22 -30.37
CA GLY HB 543 -79.70 12.33 -29.51
C GLY HB 543 -80.89 13.20 -29.14
N GLY HB 544 -80.90 13.74 -27.93
CA GLY HB 544 -81.94 14.66 -27.50
C GLY HB 544 -81.78 15.12 -26.06
N ASP HB 545 -82.68 16.01 -25.64
CA ASP HB 545 -82.94 16.26 -24.23
C ASP HB 545 -83.65 15.07 -23.57
N LEU HB 546 -83.54 14.95 -22.25
CA LEU HB 546 -84.06 13.79 -21.51
C LEU HB 546 -85.58 13.62 -21.70
N PRO HB 547 -86.06 12.42 -22.05
CA PRO HB 547 -87.48 12.16 -22.27
C PRO HB 547 -88.25 11.87 -20.97
N PRO HB 548 -89.60 11.94 -21.00
CA PRO HB 548 -90.46 11.48 -19.91
C PRO HB 548 -90.58 9.94 -19.82
N MET HB 549 -91.16 9.43 -18.73
CA MET HB 549 -91.30 7.99 -18.46
C MET HB 549 -92.51 7.70 -17.54
N SER HB 550 -93.01 6.45 -17.48
CA SER HB 550 -94.15 6.04 -16.63
C SER HB 550 -93.93 4.69 -15.93
N THR HB 551 -94.75 4.40 -14.91
CA THR HB 551 -94.55 3.30 -13.95
C THR HB 551 -95.82 2.50 -13.68
N ILE HB 552 -95.67 1.31 -13.12
CA ILE HB 552 -96.73 0.29 -12.91
C ILE HB 552 -96.91 0.04 -11.41
N THR HB 553 -98.14 -0.22 -10.94
CA THR HB 553 -98.41 -0.54 -9.52
C THR HB 553 -97.63 -1.75 -9.06
N ASN HB 554 -97.14 -1.77 -7.83
CA ASN HB 554 -96.47 -2.95 -7.27
C ASN HB 554 -97.41 -4.14 -7.00
N PRO HB 555 -98.62 -3.98 -6.41
CA PRO HB 555 -99.46 -5.11 -6.07
C PRO HB 555 -99.95 -5.88 -7.28
N THR HB 556 -100.38 -5.19 -8.35
CA THR HB 556 -100.81 -5.85 -9.61
C THR HB 556 -99.63 -5.89 -10.55
N ASP HB 557 -98.69 -6.81 -10.34
CA ASP HB 557 -97.45 -6.90 -11.16
C ASP HB 557 -97.05 -8.37 -11.31
N GLN HB 558 -95.99 -8.66 -12.07
CA GLN HB 558 -95.52 -10.06 -12.27
C GLN HB 558 -95.57 -10.79 -10.92
N PRO HB 559 -96.44 -11.80 -10.72
CA PRO HB 559 -96.57 -12.45 -9.43
C PRO HB 559 -95.54 -13.55 -9.23
N THR HB 560 -95.01 -13.69 -8.00
CA THR HB 560 -94.06 -14.77 -7.70
C THR HB 560 -94.75 -16.14 -7.85
N TYR HB 561 -93.99 -17.19 -8.17
CA TYR HB 561 -94.54 -18.55 -8.35
C TYR HB 561 -95.38 -19.01 -7.14
N VAL HB 562 -95.04 -18.55 -5.93
CA VAL HB 562 -95.77 -18.80 -4.69
C VAL HB 562 -97.22 -18.33 -4.79
#